data_9LGJ
#
_entry.id   9LGJ
#
_cell.length_a   1.00
_cell.length_b   1.00
_cell.length_c   1.00
_cell.angle_alpha   90.00
_cell.angle_beta   90.00
_cell.angle_gamma   90.00
#
_symmetry.space_group_name_H-M   'P 1'
#
_entity_poly.entity_id   1
_entity_poly.type   'polypeptide(L)'
_entity_poly.pdbx_seq_one_letter_code
;MAADGYLPDWLEDTLSEGIRQWWKLKPGPPPPKPAERHKDDSRGLVLPGYKYLGPFNGLDKGEPVNEADAAALEHDKAYD
RQLDSGDNPYLKYNHADAEFQERLKEDTSFGGNLGRAVFQAKKRVLEPLGLVEEPVKTAPGKKRPVEHSPVEPDSSSGTG
KAGQQPARKRLNFGQTGDADSVPDPQPLGQPPAAPSGLGTNTMATGSGAPMADNNEGADGVGNSSGNWHCDSTWMGDRVT
TTSTRTWALPTYNNHLYKQISSQSGASNDNHYFGYSTPWGYFDFNRFHCHFSPRDWQRLINNNWGFRPKRLNFKLFNIQV
KEVTQNDGTTTIANNLTSTVQVFTDSEYQLPYVLGSAHQGCLPPFPADVFMVPQYGYLTLNNGSQAVGRSSFYCLEYFPS
QMLRTGNNFTFSYTFEDVPFHSSYAHSQSLDRLMNPLIDQYLYYLSRTNTPSGTTTQSRLQFSQAGASDIRDQSRNWLPG
PCYRQQRVSKTSADNNNSEYSWTGATKYHLNGRDSLVNPGPAMASHKDDEEKFFPQSGVLIFGKQGSEKTNVDIEKVMIT
DEEEIRTTNPVATEQYGSVSTNLQRGNIADSSRTSRQAATADVNTQGVLPGMVWQDRDVYLQGPIWAKIPHTDGHFHPSP
LMGGFGLKHPPPQILIKNTPVPANPSTTFSAAKFASFITQYSTGQVSVEIEWELQKENSKRWNPEIQYTSNYNKSINVDF
TVDTNGVYSEPRPIGTRYLTRNL
;
_entity_poly.pdbx_strand_id   A,B,C,D,E,F,G,H,I,J,K,L,M,N,O,P,Q,R,S,T,V,W,X,Y,Z,AA,BA,CA,DA,EA,FA,GA,HA,IA,JA,KA,LA,MA,NA,OA,PA,QA,RA,SA,TA,UA,VA,WA,XA,YA,ZA,AB,BB,CB,DB,EB,FB,GB,HB,IB
#
# COMPACT_ATOMS: atom_id res chain seq x y z
N ALA A 218 47.76 64.72 32.80
CA ALA A 218 47.93 63.69 31.75
C ALA A 218 49.27 62.98 31.97
N ASP A 219 50.30 63.73 32.31
CA ASP A 219 51.67 63.15 32.42
C ASP A 219 52.27 63.56 33.76
N GLY A 220 51.45 64.11 34.65
CA GLY A 220 51.96 64.43 36.00
C GLY A 220 53.34 65.05 35.96
N VAL A 221 54.22 64.67 36.90
CA VAL A 221 55.56 65.32 36.98
C VAL A 221 56.56 64.23 36.58
N GLY A 222 57.28 64.46 35.51
CA GLY A 222 58.31 63.56 35.04
C GLY A 222 57.99 62.81 33.77
N ASN A 223 56.80 62.98 33.22
CA ASN A 223 56.41 62.37 31.96
C ASN A 223 56.21 63.46 30.92
N SER A 224 56.91 63.34 29.79
CA SER A 224 56.82 64.34 28.74
C SER A 224 55.46 64.25 28.06
N SER A 225 54.87 65.42 27.77
CA SER A 225 53.57 65.51 27.13
C SER A 225 53.67 65.83 25.64
N GLY A 226 54.86 65.80 25.07
CA GLY A 226 55.02 66.06 23.65
C GLY A 226 56.44 65.85 23.22
N ASN A 227 56.65 65.92 21.92
CA ASN A 227 57.95 65.73 21.30
C ASN A 227 58.28 66.91 20.40
N TRP A 228 59.55 67.03 20.04
CA TRP A 228 60.01 68.10 19.18
C TRP A 228 59.82 67.69 17.72
N HIS A 229 58.93 68.38 17.03
CA HIS A 229 58.64 68.11 15.61
C HIS A 229 58.91 69.38 14.81
N CYS A 230 60.11 69.51 14.25
CA CYS A 230 60.44 70.67 13.41
C CYS A 230 60.98 70.11 12.09
N ASP A 231 60.20 70.20 11.01
CA ASP A 231 60.62 69.59 9.73
C ASP A 231 59.64 69.94 8.61
N SER A 232 59.94 69.55 7.36
CA SER A 232 58.95 69.76 6.31
C SER A 232 58.94 68.55 5.39
N THR A 233 57.75 68.20 4.92
CA THR A 233 57.56 67.06 4.02
C THR A 233 56.92 67.56 2.74
N TRP A 234 57.55 67.27 1.61
CA TRP A 234 57.03 67.63 0.30
C TRP A 234 56.45 66.37 -0.34
N MET A 235 55.15 66.40 -0.62
CA MET A 235 54.46 65.22 -1.22
C MET A 235 53.59 65.71 -2.38
N GLY A 236 54.11 65.68 -3.60
CA GLY A 236 53.34 66.08 -4.76
C GLY A 236 52.99 67.55 -4.71
N ASP A 237 51.68 67.84 -4.73
CA ASP A 237 51.18 69.20 -4.70
C ASP A 237 50.94 69.72 -3.29
N ARG A 238 51.62 69.15 -2.29
CA ARG A 238 51.48 69.60 -0.91
C ARG A 238 52.86 69.70 -0.27
N VAL A 239 52.99 70.65 0.64
CA VAL A 239 54.15 70.73 1.54
C VAL A 239 53.63 71.00 2.94
N THR A 240 54.02 70.16 3.89
CA THR A 240 53.62 70.31 5.28
C THR A 240 54.83 70.76 6.08
N THR A 241 54.76 71.96 6.64
CA THR A 241 55.84 72.52 7.44
C THR A 241 55.44 72.46 8.91
N THR A 242 56.33 71.92 9.75
CA THR A 242 56.13 71.84 11.18
C THR A 242 57.27 72.55 11.89
N SER A 243 56.92 73.31 12.93
CA SER A 243 57.91 74.09 13.68
C SER A 243 57.67 73.93 15.16
N THR A 244 58.75 73.82 15.93
CA THR A 244 58.67 73.79 17.38
C THR A 244 59.61 74.85 17.96
N ARG A 245 59.12 75.56 18.96
CA ARG A 245 59.90 76.61 19.62
C ARG A 245 59.72 76.51 21.12
N THR A 246 60.65 77.09 21.85
CA THR A 246 60.57 77.20 23.30
C THR A 246 60.16 78.61 23.66
N TRP A 247 59.09 78.75 24.42
CA TRP A 247 58.54 80.06 24.78
C TRP A 247 58.65 80.30 26.27
N ALA A 248 58.67 81.58 26.63
CA ALA A 248 58.65 82.02 28.01
C ALA A 248 57.52 83.02 28.19
N LEU A 249 56.67 82.79 29.17
CA LEU A 249 55.50 83.63 29.43
C LEU A 249 55.59 84.23 30.82
N PRO A 250 55.82 85.53 30.96
CA PRO A 250 55.86 86.15 32.28
C PRO A 250 54.45 86.47 32.76
N THR A 251 54.38 87.10 33.92
CA THR A 251 53.13 87.64 34.43
C THR A 251 52.98 89.08 33.95
N TYR A 252 51.87 89.36 33.25
CA TYR A 252 51.66 90.66 32.64
C TYR A 252 50.69 91.50 33.46
N ASN A 253 51.05 92.76 33.66
CA ASN A 253 50.23 93.74 34.37
C ASN A 253 49.96 93.35 35.82
N ASN A 254 50.75 92.42 36.36
CA ASN A 254 50.54 91.88 37.70
C ASN A 254 49.10 91.36 37.86
N HIS A 255 48.69 90.54 36.88
CA HIS A 255 47.38 89.88 36.86
C HIS A 255 46.22 90.86 36.78
N LEU A 256 46.42 92.03 36.20
CA LEU A 256 45.40 93.08 36.19
C LEU A 256 45.04 93.49 34.77
N TYR A 257 43.84 94.04 34.63
CA TYR A 257 43.44 94.66 33.36
C TYR A 257 43.56 96.16 33.62
N LYS A 258 44.26 96.89 32.78
CA LYS A 258 44.52 98.31 32.94
C LYS A 258 44.01 99.06 31.73
N GLN A 259 43.20 100.08 31.96
CA GLN A 259 42.78 100.97 30.89
C GLN A 259 43.96 101.80 30.40
N ILE A 260 44.17 101.81 29.10
CA ILE A 260 45.26 102.55 28.49
C ILE A 260 44.70 103.55 27.49
N SER A 261 45.43 104.64 27.28
CA SER A 261 45.01 105.66 26.34
C SER A 261 46.24 106.46 25.92
N SER A 262 46.06 107.25 24.86
CA SER A 262 47.14 108.10 24.38
C SER A 262 47.52 109.14 25.43
N GLN A 263 48.79 109.52 25.39
CA GLN A 263 49.28 110.50 26.39
C GLN A 263 48.65 111.85 26.11
N SER A 264 48.45 112.62 27.18
CA SER A 264 47.96 114.01 26.97
C SER A 264 49.02 114.78 26.21
N GLY A 265 48.60 115.66 25.31
CA GLY A 265 49.47 116.43 24.45
C GLY A 265 49.80 115.78 23.13
N ALA A 266 49.37 114.54 22.91
CA ALA A 266 49.57 113.88 21.63
C ALA A 266 48.72 114.54 20.54
N SER A 267 49.14 114.38 19.29
CA SER A 267 48.37 114.90 18.19
C SER A 267 47.06 114.11 18.04
N ASN A 268 46.11 114.70 17.31
CA ASN A 268 44.83 114.05 17.12
C ASN A 268 44.98 112.74 16.35
N ASP A 269 45.92 112.68 15.42
CA ASP A 269 46.13 111.46 14.64
C ASP A 269 46.65 110.33 15.52
N ASN A 270 47.32 110.64 16.62
CA ASN A 270 47.92 109.64 17.49
C ASN A 270 47.07 109.32 18.71
N HIS A 271 45.87 109.90 18.81
CA HIS A 271 45.00 109.63 19.96
C HIS A 271 44.41 108.23 19.86
N TYR A 272 44.32 107.55 21.01
CA TYR A 272 43.74 106.22 21.04
C TYR A 272 43.24 105.93 22.45
N PHE A 273 42.38 104.91 22.55
CA PHE A 273 41.87 104.42 23.81
C PHE A 273 41.73 102.90 23.70
N GLY A 274 42.06 102.20 24.77
CA GLY A 274 41.99 100.75 24.74
C GLY A 274 42.24 100.17 26.11
N TYR A 275 42.47 98.86 26.13
CA TYR A 275 42.70 98.15 27.37
C TYR A 275 43.89 97.21 27.21
N SER A 276 44.67 97.07 28.28
CA SER A 276 45.78 96.14 28.35
C SER A 276 45.38 94.96 29.22
N THR A 277 45.56 93.75 28.70
CA THR A 277 45.16 92.55 29.41
C THR A 277 46.36 91.82 29.99
N PRO A 278 46.17 91.05 31.06
CA PRO A 278 47.27 90.24 31.60
C PRO A 278 47.59 89.00 30.79
N TRP A 279 46.93 88.80 29.67
CA TRP A 279 47.13 87.61 28.85
C TRP A 279 48.21 87.86 27.80
N GLY A 280 48.80 86.76 27.32
CA GLY A 280 49.65 86.77 26.16
C GLY A 280 49.00 86.02 25.02
N TYR A 281 49.63 86.09 23.85
CA TYR A 281 49.10 85.41 22.68
C TYR A 281 50.25 84.84 21.86
N PHE A 282 49.97 83.73 21.19
CA PHE A 282 50.94 83.05 20.35
C PHE A 282 50.75 83.50 18.90
N ASP A 283 51.79 84.09 18.32
CA ASP A 283 51.75 84.63 16.96
C ASP A 283 52.70 83.82 16.09
N PHE A 284 52.18 83.28 14.99
CA PHE A 284 53.01 82.65 13.96
C PHE A 284 52.59 83.14 12.58
N ASN A 285 52.20 84.40 12.48
CA ASN A 285 51.75 84.99 11.22
C ASN A 285 52.90 85.60 10.43
N ARG A 286 53.96 84.82 10.24
CA ARG A 286 55.09 85.20 9.41
C ARG A 286 55.63 83.94 8.76
N PHE A 287 56.06 84.03 7.51
CA PHE A 287 56.46 82.81 6.76
C PHE A 287 57.72 82.17 7.36
N HIS A 288 58.61 82.96 7.93
CA HIS A 288 59.88 82.45 8.51
C HIS A 288 59.59 81.53 9.71
N CYS A 289 58.40 81.60 10.28
CA CYS A 289 58.00 80.77 11.44
C CYS A 289 57.75 79.34 11.01
N HIS A 290 57.58 79.10 9.71
CA HIS A 290 57.28 77.77 9.20
C HIS A 290 58.23 77.30 8.11
N PHE A 291 58.77 78.20 7.30
CA PHE A 291 59.64 77.85 6.19
C PHE A 291 61.08 78.21 6.52
N SER A 292 61.98 77.24 6.35
CA SER A 292 63.40 77.53 6.37
C SER A 292 63.77 78.23 5.05
N PRO A 293 64.91 78.93 5.02
CA PRO A 293 65.33 79.56 3.76
C PRO A 293 65.47 78.57 2.61
N ARG A 294 65.97 77.36 2.87
CA ARG A 294 66.01 76.34 1.83
C ARG A 294 64.59 75.94 1.42
N ASP A 295 63.68 75.83 2.38
CA ASP A 295 62.28 75.55 2.06
C ASP A 295 61.67 76.65 1.21
N TRP A 296 61.97 77.91 1.54
CA TRP A 296 61.48 79.02 0.75
C TRP A 296 62.03 78.98 -0.67
N GLN A 297 63.33 78.68 -0.82
CA GLN A 297 63.92 78.59 -2.14
C GLN A 297 63.30 77.45 -2.95
N ARG A 298 63.05 76.31 -2.29
CA ARG A 298 62.36 75.21 -2.96
C ARG A 298 60.95 75.58 -3.36
N LEU A 299 60.26 76.39 -2.55
CA LEU A 299 58.90 76.79 -2.88
C LEU A 299 58.86 77.76 -4.04
N ILE A 300 59.71 78.79 -4.01
CA ILE A 300 59.56 79.89 -4.96
C ILE A 300 60.21 79.61 -6.31
N ASN A 301 61.15 78.66 -6.38
CA ASN A 301 61.82 78.36 -7.63
C ASN A 301 61.10 77.32 -8.47
N ASN A 302 60.04 76.71 -7.95
CA ASN A 302 59.41 75.59 -8.61
C ASN A 302 57.89 75.67 -8.71
N ASN A 303 57.25 76.61 -8.03
CA ASN A 303 55.81 76.67 -7.96
C ASN A 303 55.30 78.00 -8.47
N TRP A 304 54.17 77.96 -9.18
CA TRP A 304 53.49 79.16 -9.64
C TRP A 304 52.51 79.72 -8.62
N GLY A 305 52.29 79.02 -7.52
CA GLY A 305 51.39 79.51 -6.50
C GLY A 305 51.35 78.59 -5.30
N PHE A 306 50.83 79.10 -4.19
CA PHE A 306 50.66 78.32 -2.99
C PHE A 306 49.61 78.98 -2.11
N ARG A 307 49.02 78.19 -1.21
CA ARG A 307 48.02 78.69 -0.28
C ARG A 307 47.95 77.74 0.90
N PRO A 308 47.64 78.23 2.10
CA PRO A 308 47.48 77.34 3.25
C PRO A 308 46.17 76.57 3.19
N LYS A 309 46.21 75.36 3.75
CA LYS A 309 45.07 74.45 3.73
C LYS A 309 44.54 74.15 5.12
N ARG A 310 45.39 73.74 6.05
CA ARG A 310 44.98 73.44 7.41
C ARG A 310 46.20 73.58 8.32
N LEU A 311 45.93 73.76 9.61
CA LEU A 311 47.01 73.87 10.58
C LEU A 311 46.68 73.06 11.84
N ASN A 312 47.74 72.68 12.55
CA ASN A 312 47.61 71.96 13.85
C ASN A 312 48.51 72.70 14.84
N PHE A 313 48.03 72.92 16.06
CA PHE A 313 48.74 73.69 17.09
C PHE A 313 48.82 72.86 18.35
N LYS A 314 49.97 72.95 19.01
CA LYS A 314 50.14 72.20 20.27
C LYS A 314 51.00 72.93 21.30
N LEU A 315 50.57 72.94 22.56
CA LEU A 315 51.36 73.41 23.68
C LEU A 315 51.63 72.23 24.61
N PHE A 316 52.87 72.06 25.02
CA PHE A 316 53.24 70.87 25.79
C PHE A 316 54.49 71.18 26.59
N ASN A 317 54.84 70.24 27.48
CA ASN A 317 56.00 70.34 28.36
C ASN A 317 55.97 71.66 29.13
N ILE A 318 54.82 71.96 29.72
CA ILE A 318 54.61 73.23 30.39
C ILE A 318 55.20 73.17 31.79
N GLN A 319 56.07 74.12 32.11
CA GLN A 319 56.71 74.22 33.40
C GLN A 319 56.40 75.59 33.99
N VAL A 320 55.89 75.62 35.22
CA VAL A 320 55.64 76.86 35.93
C VAL A 320 56.75 77.03 36.96
N LYS A 321 57.47 78.14 36.87
CA LYS A 321 58.59 78.43 37.75
C LYS A 321 58.22 79.57 38.69
N GLU A 322 58.45 79.36 39.98
CA GLU A 322 58.23 80.38 40.99
C GLU A 322 59.53 81.12 41.26
N VAL A 323 59.48 82.45 41.20
CA VAL A 323 60.65 83.31 41.40
C VAL A 323 60.51 84.02 42.72
N THR A 324 61.55 83.95 43.55
CA THR A 324 61.60 84.65 44.82
C THR A 324 62.89 85.46 44.89
N GLN A 325 62.85 86.55 45.66
CA GLN A 325 63.98 87.44 45.80
C GLN A 325 64.13 87.80 47.27
N ASN A 326 65.15 87.25 47.92
CA ASN A 326 65.39 87.46 49.35
C ASN A 326 66.81 87.96 49.54
N ASP A 327 66.94 89.16 50.13
CA ASP A 327 68.24 89.77 50.41
C ASP A 327 69.11 89.89 49.15
N GLY A 328 68.47 90.26 48.03
CA GLY A 328 69.20 90.48 46.80
C GLY A 328 69.54 89.24 46.01
N THR A 329 68.99 88.08 46.38
CA THR A 329 69.26 86.82 45.70
C THR A 329 68.02 86.36 44.96
N THR A 330 68.19 86.04 43.67
CA THR A 330 67.10 85.55 42.84
C THR A 330 67.14 84.02 42.82
N THR A 331 66.10 83.39 43.37
CA THR A 331 66.00 81.94 43.44
C THR A 331 64.80 81.49 42.64
N ILE A 332 64.99 80.52 41.75
CA ILE A 332 63.95 80.00 40.89
C ILE A 332 63.74 78.53 41.23
N ALA A 333 62.50 78.15 41.51
CA ALA A 333 62.15 76.79 41.86
C ALA A 333 60.89 76.39 41.10
N ASN A 334 60.72 75.08 40.93
CA ASN A 334 59.56 74.56 40.23
C ASN A 334 58.29 74.74 41.06
N ASN A 335 57.19 74.94 40.37
CA ASN A 335 55.85 74.97 40.97
C ASN A 335 55.01 73.94 40.22
N LEU A 336 54.94 72.73 40.76
CA LEU A 336 54.29 71.63 40.05
C LEU A 336 52.77 71.68 40.14
N THR A 337 52.20 72.53 40.98
CA THR A 337 50.76 72.60 41.14
C THR A 337 50.13 73.82 40.48
N SER A 338 50.93 74.74 39.95
CA SER A 338 50.38 75.91 39.27
C SER A 338 49.93 75.54 37.85
N THR A 339 49.01 76.33 37.32
CA THR A 339 48.43 76.10 36.01
C THR A 339 48.68 77.30 35.10
N VAL A 340 48.45 77.06 33.81
CA VAL A 340 48.38 78.12 32.81
C VAL A 340 47.06 77.97 32.06
N GLN A 341 46.38 79.08 31.83
CA GLN A 341 45.10 79.09 31.15
C GLN A 341 45.30 79.36 29.66
N VAL A 342 44.77 78.46 28.83
CA VAL A 342 44.91 78.56 27.38
C VAL A 342 43.52 78.42 26.76
N PHE A 343 43.17 79.32 25.85
CA PHE A 343 41.96 79.16 25.06
C PHE A 343 42.16 79.82 23.70
N THR A 344 41.43 79.31 22.72
CA THR A 344 41.45 79.84 21.36
C THR A 344 40.15 80.60 21.11
N ASP A 345 40.28 81.79 20.53
CA ASP A 345 39.11 82.62 20.22
C ASP A 345 38.53 82.17 18.88
N SER A 346 37.92 80.99 18.86
CA SER A 346 37.42 80.39 17.60
C SER A 346 36.12 81.05 17.14
N GLU A 347 35.44 81.78 18.01
CA GLU A 347 34.25 82.50 17.60
C GLU A 347 34.54 83.95 17.23
N TYR A 348 35.80 84.38 17.31
CA TYR A 348 36.22 85.72 16.93
C TYR A 348 35.43 86.79 17.66
N GLN A 349 35.26 86.60 18.97
CA GLN A 349 34.57 87.56 19.82
C GLN A 349 35.51 88.60 20.42
N LEU A 350 36.81 88.45 20.24
CA LEU A 350 37.80 89.39 20.75
C LEU A 350 38.39 90.19 19.59
N PRO A 351 38.88 91.41 19.87
CA PRO A 351 39.54 92.18 18.81
C PRO A 351 40.75 91.44 18.26
N TYR A 352 40.78 91.28 16.94
CA TYR A 352 41.81 90.51 16.27
C TYR A 352 43.04 91.39 16.07
N VAL A 353 44.05 91.19 16.91
CA VAL A 353 45.27 91.98 16.84
C VAL A 353 46.35 91.30 16.00
N LEU A 354 46.17 90.05 15.62
CA LEU A 354 47.04 89.44 14.64
C LEU A 354 46.81 90.07 13.27
N GLY A 355 47.84 90.05 12.44
CA GLY A 355 47.76 90.68 11.14
C GLY A 355 48.06 92.15 11.12
N SER A 356 48.58 92.71 12.20
CA SER A 356 49.03 94.10 12.25
C SER A 356 50.55 94.22 12.20
N ALA A 357 51.24 93.16 11.79
CA ALA A 357 52.70 93.15 11.65
C ALA A 357 53.38 93.47 12.98
N HIS A 358 52.97 92.78 14.04
CA HIS A 358 53.50 93.00 15.37
C HIS A 358 54.64 92.04 15.67
N GLN A 359 55.57 92.50 16.50
CA GLN A 359 56.67 91.68 16.97
C GLN A 359 56.18 90.65 17.98
N GLY A 360 57.01 89.65 18.24
CA GLY A 360 56.66 88.60 19.17
C GLY A 360 56.29 87.28 18.54
N CYS A 361 56.57 87.08 17.25
CA CYS A 361 56.24 85.85 16.57
C CYS A 361 57.20 84.74 16.98
N LEU A 362 56.98 83.56 16.41
CA LEU A 362 57.93 82.46 16.57
C LEU A 362 59.22 82.83 15.84
N PRO A 363 60.38 82.74 16.50
CA PRO A 363 61.62 83.18 15.85
C PRO A 363 61.92 82.33 14.64
N PRO A 364 62.53 82.92 13.60
CA PRO A 364 62.84 82.13 12.39
C PRO A 364 63.78 80.97 12.64
N PHE A 365 64.73 81.13 13.56
CA PHE A 365 65.67 80.05 13.86
C PHE A 365 65.07 79.13 14.93
N PRO A 366 64.98 77.82 14.66
CA PRO A 366 64.33 76.92 15.61
C PRO A 366 64.99 76.85 16.98
N ALA A 367 66.25 77.26 17.10
CA ALA A 367 66.96 77.17 18.36
C ALA A 367 66.76 78.38 19.26
N ASP A 368 66.07 79.41 18.80
CA ASP A 368 65.86 80.63 19.58
C ASP A 368 64.66 80.49 20.51
N VAL A 369 64.80 81.06 21.71
CA VAL A 369 63.73 81.09 22.70
C VAL A 369 63.13 82.49 22.70
N PHE A 370 61.80 82.56 22.69
CA PHE A 370 61.10 83.82 22.53
C PHE A 370 60.12 84.05 23.67
N MET A 371 59.89 85.32 23.98
CA MET A 371 58.90 85.74 24.96
C MET A 371 57.54 85.88 24.30
N VAL A 372 56.49 85.48 25.02
CA VAL A 372 55.13 85.56 24.52
C VAL A 372 54.66 87.01 24.62
N PRO A 373 54.23 87.63 23.53
CA PRO A 373 53.83 89.04 23.58
C PRO A 373 52.55 89.24 24.37
N GLN A 374 52.44 90.41 24.99
CA GLN A 374 51.26 90.75 25.78
C GLN A 374 50.10 91.15 24.87
N TYR A 375 48.92 90.63 25.20
CA TYR A 375 47.73 90.92 24.40
C TYR A 375 47.10 92.24 24.85
N GLY A 376 46.70 93.04 23.87
CA GLY A 376 46.02 94.30 24.14
C GLY A 376 45.26 94.73 22.92
N TYR A 377 44.20 95.50 23.14
CA TYR A 377 43.33 95.92 22.06
C TYR A 377 42.94 97.37 22.24
N LEU A 378 42.52 97.99 21.14
CA LEU A 378 42.02 99.35 21.13
C LEU A 378 40.54 99.36 20.78
N THR A 379 39.82 100.32 21.34
CA THR A 379 38.40 100.49 21.05
C THR A 379 38.16 101.93 20.62
N LEU A 380 36.90 102.31 20.49
CA LEU A 380 36.54 103.67 20.03
C LEU A 380 37.05 104.71 21.01
N ASN A 381 37.54 105.84 20.49
CA ASN A 381 38.03 106.93 21.36
C ASN A 381 37.62 108.29 20.81
N ASN A 382 37.25 109.22 21.67
CA ASN A 382 37.02 110.61 21.24
C ASN A 382 38.20 111.36 21.85
N GLY A 383 39.35 111.37 21.15
CA GLY A 383 40.56 111.94 21.77
C GLY A 383 41.19 110.90 22.66
N SER A 384 41.67 111.28 23.84
CA SER A 384 42.19 110.32 24.79
C SER A 384 41.11 109.64 25.61
N GLN A 385 39.86 110.11 25.51
CA GLN A 385 38.75 109.55 26.26
C GLN A 385 38.03 108.48 25.44
N ALA A 386 37.05 107.86 26.08
CA ALA A 386 36.22 106.83 25.46
C ALA A 386 34.81 107.37 25.20
N VAL A 387 34.05 106.61 24.42
CA VAL A 387 32.66 106.92 24.14
C VAL A 387 31.80 105.77 24.66
N GLY A 388 30.48 105.97 24.60
CA GLY A 388 29.57 104.97 25.10
C GLY A 388 29.60 103.68 24.29
N ARG A 389 30.02 103.76 23.04
CA ARG A 389 30.10 102.59 22.16
C ARG A 389 31.38 101.79 22.36
N SER A 390 32.33 102.30 23.14
CA SER A 390 33.57 101.57 23.39
C SER A 390 33.28 100.27 24.13
N SER A 391 33.97 99.20 23.72
CA SER A 391 33.74 97.87 24.26
C SER A 391 34.89 97.46 25.15
N PHE A 392 34.55 96.80 26.27
CA PHE A 392 35.51 96.23 27.18
C PHE A 392 35.36 94.72 27.17
N TYR A 393 36.49 94.01 27.13
CA TYR A 393 36.49 92.56 27.07
C TYR A 393 37.32 91.99 28.21
N CYS A 394 36.71 91.11 28.99
CA CYS A 394 37.42 90.34 30.01
C CYS A 394 37.67 88.95 29.45
N LEU A 395 38.94 88.58 29.33
CA LEU A 395 39.32 87.30 28.75
C LEU A 395 39.09 86.13 29.70
N GLU A 396 38.87 86.39 30.99
CA GLU A 396 38.48 85.34 31.92
C GLU A 396 37.00 85.00 31.81
N TYR A 397 36.25 85.73 30.97
CA TYR A 397 34.80 85.47 30.74
C TYR A 397 34.66 84.44 29.62
N PHE A 398 35.77 83.94 29.10
CA PHE A 398 35.83 82.87 28.12
C PHE A 398 36.18 81.56 28.79
N PRO A 399 35.64 80.43 28.31
CA PRO A 399 36.07 79.13 28.81
C PRO A 399 37.50 78.83 28.37
N SER A 400 38.36 78.55 29.33
CA SER A 400 39.77 78.28 29.06
C SER A 400 40.17 76.96 29.69
N GLN A 401 41.21 76.34 29.13
CA GLN A 401 41.71 75.07 29.61
C GLN A 401 42.90 75.31 30.53
N MET A 402 42.84 74.71 31.72
CA MET A 402 43.88 74.89 32.73
C MET A 402 44.87 73.73 32.62
N LEU A 403 46.16 74.06 32.53
CA LEU A 403 47.20 73.06 32.26
C LEU A 403 48.24 73.12 33.37
N ARG A 404 48.40 72.01 34.09
CA ARG A 404 49.51 71.85 35.01
C ARG A 404 50.72 71.30 34.27
N THR A 405 51.81 71.05 35.00
CA THR A 405 52.97 70.37 34.37
C THR A 405 52.54 68.94 34.09
N GLY A 406 52.56 68.53 32.84
CA GLY A 406 52.07 67.24 32.42
C GLY A 406 50.82 67.28 31.57
N ASN A 407 50.15 68.43 31.48
CA ASN A 407 49.01 68.61 30.60
C ASN A 407 49.45 69.29 29.31
N ASN A 408 48.74 69.00 28.23
CA ASN A 408 49.03 69.59 26.94
C ASN A 408 47.74 70.15 26.34
N PHE A 409 47.92 71.08 25.41
CA PHE A 409 46.82 71.72 24.70
C PHE A 409 47.00 71.50 23.21
N THR A 410 45.90 71.31 22.50
CA THR A 410 45.96 71.14 21.06
C THR A 410 44.65 71.59 20.42
N PHE A 411 44.74 72.01 19.17
CA PHE A 411 43.54 72.30 18.38
C PHE A 411 43.93 72.31 16.91
N SER A 412 42.93 72.02 16.07
CA SER A 412 43.12 71.96 14.62
C SER A 412 42.23 72.99 13.95
N TYR A 413 42.73 73.58 12.87
CA TYR A 413 42.03 74.61 12.14
C TYR A 413 42.14 74.33 10.65
N THR A 414 41.07 74.61 9.91
CA THR A 414 41.06 74.45 8.47
C THR A 414 40.91 75.83 7.83
N PHE A 415 41.84 76.16 6.94
CA PHE A 415 41.75 77.42 6.21
C PHE A 415 40.58 77.38 5.23
N GLU A 416 39.92 78.52 5.06
CA GLU A 416 38.92 78.65 4.03
C GLU A 416 39.57 78.68 2.65
N ASP A 417 38.76 78.48 1.61
CA ASP A 417 39.28 78.51 0.25
C ASP A 417 39.73 79.93 -0.10
N VAL A 418 40.99 80.05 -0.51
CA VAL A 418 41.57 81.34 -0.86
C VAL A 418 42.32 81.18 -2.17
N PRO A 419 42.47 82.26 -2.94
CA PRO A 419 43.25 82.17 -4.18
C PRO A 419 44.71 81.85 -3.91
N PHE A 420 45.32 81.12 -4.84
CA PHE A 420 46.76 80.89 -4.78
C PHE A 420 47.50 82.21 -4.88
N HIS A 421 48.54 82.38 -4.06
CA HIS A 421 49.40 83.54 -4.20
C HIS A 421 50.13 83.48 -5.53
N SER A 422 50.16 84.63 -6.21
CA SER A 422 50.84 84.73 -7.53
C SER A 422 52.36 84.75 -7.35
N SER A 423 52.96 83.57 -7.15
CA SER A 423 54.42 83.49 -7.00
C SER A 423 55.11 83.42 -8.34
N TYR A 424 54.79 84.38 -9.20
CA TYR A 424 55.38 84.47 -10.53
C TYR A 424 55.41 85.93 -10.96
N ALA A 425 56.26 86.22 -11.93
CA ALA A 425 56.31 87.52 -12.58
C ALA A 425 55.88 87.36 -14.03
N HIS A 426 55.04 88.28 -14.50
CA HIS A 426 54.57 88.20 -15.88
C HIS A 426 55.72 88.49 -16.84
N SER A 427 55.85 87.64 -17.85
CA SER A 427 56.84 87.83 -18.91
C SER A 427 56.31 88.68 -20.05
N GLN A 428 55.07 89.15 -19.95
CA GLN A 428 54.50 90.08 -20.91
C GLN A 428 54.00 91.32 -20.18
N SER A 429 54.04 92.45 -20.87
CA SER A 429 53.48 93.68 -20.35
C SER A 429 52.06 93.86 -20.87
N LEU A 430 51.23 94.54 -20.07
CA LEU A 430 49.83 94.73 -20.43
C LEU A 430 49.67 95.57 -21.69
N ASP A 431 50.68 96.39 -22.02
CA ASP A 431 50.59 97.28 -23.22
C ASP A 431 51.32 96.65 -24.41
N ARG A 432 51.79 95.41 -24.26
CA ARG A 432 52.53 94.71 -25.31
C ARG A 432 51.96 93.30 -25.50
N LEU A 433 50.63 93.19 -25.57
CA LEU A 433 49.96 91.90 -25.70
C LEU A 433 49.57 91.58 -27.14
N MET A 434 49.99 92.38 -28.10
CA MET A 434 49.54 92.24 -29.47
C MET A 434 50.54 91.43 -30.30
N ASN A 435 50.19 91.20 -31.56
CA ASN A 435 51.08 90.58 -32.52
C ASN A 435 51.81 91.69 -33.27
N PRO A 436 53.14 91.83 -33.11
CA PRO A 436 53.84 92.96 -33.74
C PRO A 436 53.94 92.86 -35.25
N LEU A 437 53.60 91.71 -35.84
CA LEU A 437 53.74 91.52 -37.28
C LEU A 437 52.50 91.94 -38.07
N ILE A 438 51.33 91.96 -37.44
CA ILE A 438 50.07 92.19 -38.13
C ILE A 438 49.49 93.51 -37.65
N ASP A 439 49.04 94.33 -38.59
CA ASP A 439 48.36 95.57 -38.24
C ASP A 439 46.96 95.28 -37.71
N GLN A 440 46.43 96.23 -36.95
CA GLN A 440 45.05 96.16 -36.50
C GLN A 440 44.11 96.64 -37.60
N TYR A 441 42.91 96.08 -37.61
CA TYR A 441 41.88 96.56 -38.53
C TYR A 441 41.16 97.79 -38.00
N LEU A 442 41.32 98.12 -36.72
CA LEU A 442 40.71 99.31 -36.15
C LEU A 442 41.54 100.55 -36.45
N TYR A 443 40.88 101.69 -36.54
CA TYR A 443 41.52 102.96 -36.84
C TYR A 443 41.54 103.84 -35.59
N TYR A 444 42.55 104.70 -35.52
CA TYR A 444 42.65 105.69 -34.46
C TYR A 444 42.97 107.04 -35.09
N LEU A 445 42.53 108.10 -34.42
CA LEU A 445 42.81 109.46 -34.88
C LEU A 445 44.31 109.72 -34.75
N SER A 446 45.00 109.79 -35.89
CA SER A 446 46.45 109.97 -35.90
C SER A 446 46.87 111.40 -36.17
N ARG A 447 46.08 112.12 -36.95
CA ARG A 447 46.41 113.54 -37.22
C ARG A 447 45.18 114.41 -37.02
N THR A 448 45.40 115.65 -36.62
CA THR A 448 44.32 116.60 -36.42
C THR A 448 44.39 117.81 -37.34
N ASN A 449 45.44 117.95 -38.14
CA ASN A 449 45.54 119.04 -39.10
C ASN A 449 46.45 118.62 -40.24
N THR A 450 46.41 119.39 -41.32
CA THR A 450 47.26 119.16 -42.48
C THR A 450 47.84 120.48 -42.96
N PRO A 451 49.03 120.48 -43.61
CA PRO A 451 49.56 121.72 -44.16
C PRO A 451 48.58 122.30 -45.18
N SER A 452 48.17 123.55 -44.99
CA SER A 452 47.29 124.22 -45.97
C SER A 452 47.93 125.55 -46.37
N GLY A 453 48.24 125.73 -47.65
CA GLY A 453 48.96 126.95 -48.07
C GLY A 453 50.29 127.06 -47.34
N THR A 454 50.53 128.20 -46.68
CA THR A 454 51.76 128.37 -45.87
C THR A 454 51.37 128.34 -44.39
N THR A 455 50.10 128.09 -44.10
CA THR A 455 49.63 127.96 -42.70
C THR A 455 49.20 126.52 -42.43
N THR A 456 48.29 126.30 -41.49
CA THR A 456 47.76 124.94 -41.24
C THR A 456 46.23 124.96 -41.31
N GLN A 457 45.62 123.83 -41.62
CA GLN A 457 44.17 123.74 -41.67
C GLN A 457 43.72 122.49 -40.91
N SER A 458 42.63 122.63 -40.16
CA SER A 458 42.12 121.51 -39.36
C SER A 458 41.60 120.41 -40.28
N ARG A 459 42.05 119.18 -40.04
CA ARG A 459 41.65 118.04 -40.86
C ARG A 459 41.93 116.76 -40.09
N LEU A 460 40.89 115.98 -39.85
CA LEU A 460 41.03 114.73 -39.11
C LEU A 460 41.47 113.61 -40.04
N GLN A 461 42.46 112.84 -39.60
CA GLN A 461 42.93 111.66 -40.32
C GLN A 461 43.07 110.49 -39.37
N PHE A 462 42.94 109.29 -39.91
CA PHE A 462 42.94 108.07 -39.12
C PHE A 462 43.89 107.05 -39.73
N SER A 463 44.52 106.26 -38.86
CA SER A 463 45.49 105.26 -39.27
C SER A 463 45.21 103.96 -38.54
N GLN A 464 45.68 102.87 -39.14
CA GLN A 464 45.65 101.56 -38.49
C GLN A 464 46.97 101.36 -37.75
N ALA A 465 46.88 100.93 -36.50
CA ALA A 465 48.06 100.83 -35.65
C ALA A 465 48.80 99.53 -35.91
N GLY A 466 50.12 99.61 -35.98
CA GLY A 466 51.00 98.46 -36.14
C GLY A 466 52.12 98.52 -35.11
N ALA A 467 53.30 98.05 -35.54
CA ALA A 467 54.44 98.02 -34.64
C ALA A 467 55.10 99.39 -34.48
N SER A 468 55.12 100.20 -35.55
CA SER A 468 55.80 101.49 -35.50
C SER A 468 55.08 102.47 -34.60
N ASP A 469 53.76 102.41 -34.54
CA ASP A 469 52.96 103.26 -33.66
C ASP A 469 52.24 102.39 -32.64
N ILE A 470 52.99 101.46 -32.05
CA ILE A 470 52.44 100.45 -31.14
C ILE A 470 51.74 101.06 -29.94
N ARG A 471 52.07 102.30 -29.58
CA ARG A 471 51.43 102.93 -28.43
C ARG A 471 49.98 103.31 -28.68
N ASP A 472 49.56 103.38 -29.94
CA ASP A 472 48.21 103.81 -30.30
C ASP A 472 47.27 102.63 -30.55
N GLN A 473 47.72 101.40 -30.32
CA GLN A 473 46.89 100.24 -30.61
C GLN A 473 45.69 100.17 -29.66
N SER A 474 44.55 99.76 -30.22
CA SER A 474 43.36 99.55 -29.41
C SER A 474 43.56 98.34 -28.51
N ARG A 475 43.16 98.48 -27.24
CA ARG A 475 43.42 97.47 -26.24
C ARG A 475 42.14 97.17 -25.46
N ASN A 476 42.13 96.00 -24.83
CA ASN A 476 40.94 95.53 -24.12
C ASN A 476 41.02 95.73 -22.61
N TRP A 477 42.19 96.06 -22.06
CA TRP A 477 42.40 96.08 -20.63
C TRP A 477 43.14 97.34 -20.22
N LEU A 478 43.12 97.61 -18.92
CA LEU A 478 43.73 98.79 -18.32
C LEU A 478 44.59 98.38 -17.12
N PRO A 479 45.61 99.17 -16.81
CA PRO A 479 46.40 98.89 -15.60
C PRO A 479 45.60 99.12 -14.33
N GLY A 480 46.00 98.43 -13.27
CA GLY A 480 45.29 98.46 -12.02
C GLY A 480 45.22 99.82 -11.36
N PRO A 481 44.50 99.90 -10.24
CA PRO A 481 44.29 101.20 -9.59
C PRO A 481 45.56 101.74 -8.95
N CYS A 482 45.52 103.05 -8.74
CA CYS A 482 46.71 103.78 -8.27
C CYS A 482 46.38 104.73 -7.12
N TYR A 483 47.33 104.95 -6.21
CA TYR A 483 47.20 105.96 -5.16
C TYR A 483 48.60 106.52 -4.95
N ARG A 484 48.90 107.64 -5.63
CA ARG A 484 50.27 108.05 -5.86
C ARG A 484 51.04 108.26 -4.56
N GLN A 485 52.30 107.81 -4.57
CA GLN A 485 53.23 107.96 -3.46
C GLN A 485 54.35 108.90 -3.86
N GLN A 486 54.93 109.57 -2.86
CA GLN A 486 56.11 110.39 -3.11
C GLN A 486 57.33 109.51 -3.37
N ARG A 487 58.20 109.97 -4.26
CA ARG A 487 59.39 109.23 -4.63
C ARG A 487 60.58 109.68 -3.80
N VAL A 488 61.24 108.68 -3.20
CA VAL A 488 62.45 108.93 -2.39
C VAL A 488 63.57 108.08 -3.01
N SER A 489 64.82 108.50 -2.87
CA SER A 489 65.97 107.81 -3.44
C SER A 489 66.84 107.22 -2.33
N LYS A 490 67.40 106.04 -2.61
CA LYS A 490 68.30 105.37 -1.63
C LYS A 490 69.61 106.19 -1.55
N THR A 491 69.97 106.89 -2.62
CA THR A 491 71.14 107.82 -2.57
C THR A 491 70.67 109.07 -1.83
N SER A 492 71.22 109.34 -0.65
CA SER A 492 70.72 110.46 0.20
C SER A 492 70.78 111.82 -0.50
N ALA A 493 71.90 112.15 -1.15
CA ALA A 493 72.05 113.47 -1.75
C ALA A 493 70.94 113.77 -2.75
N ASP A 494 70.33 112.75 -3.34
CA ASP A 494 69.30 112.94 -4.35
C ASP A 494 67.98 113.43 -3.76
N ASN A 495 67.81 113.37 -2.44
CA ASN A 495 66.55 113.73 -1.80
C ASN A 495 66.54 115.21 -1.44
N ASN A 496 65.34 115.75 -1.30
CA ASN A 496 65.18 117.16 -0.91
C ASN A 496 65.66 117.36 0.52
N ASN A 497 66.34 118.48 0.75
CA ASN A 497 66.88 118.80 2.07
C ASN A 497 65.80 119.48 2.92
N SER A 498 64.83 118.66 3.34
CA SER A 498 63.73 119.13 4.17
C SER A 498 63.11 117.93 4.87
N GLU A 499 62.24 118.24 5.84
CA GLU A 499 61.51 117.18 6.57
C GLU A 499 60.15 117.01 5.88
N TYR A 500 60.01 115.96 5.09
CA TYR A 500 58.79 115.72 4.33
C TYR A 500 58.24 114.32 4.56
N SER A 501 58.58 113.68 5.68
CA SER A 501 58.08 112.34 5.94
C SER A 501 56.59 112.32 6.23
N TRP A 502 56.00 113.47 6.57
CA TRP A 502 54.56 113.57 6.81
C TRP A 502 53.87 114.57 5.90
N THR A 503 54.51 115.72 5.62
CA THR A 503 53.89 116.69 4.72
C THR A 503 53.72 116.14 3.32
N GLY A 504 54.74 115.44 2.82
CA GLY A 504 54.68 114.80 1.53
C GLY A 504 54.18 113.38 1.55
N ALA A 505 53.71 112.90 2.70
CA ALA A 505 53.26 111.52 2.83
C ALA A 505 51.88 111.33 2.21
N THR A 506 51.61 110.10 1.80
CA THR A 506 50.31 109.72 1.28
C THR A 506 49.43 109.24 2.43
N LYS A 507 48.27 109.88 2.59
CA LYS A 507 47.44 109.69 3.77
C LYS A 507 45.99 109.45 3.37
N TYR A 508 45.25 108.81 4.28
CA TYR A 508 43.81 108.72 4.19
C TYR A 508 43.19 109.35 5.43
N HIS A 509 42.06 110.01 5.25
CA HIS A 509 41.41 110.77 6.29
C HIS A 509 40.21 109.98 6.80
N LEU A 510 40.15 109.74 8.11
CA LEU A 510 39.09 108.95 8.72
C LEU A 510 38.74 109.55 10.07
N ASN A 511 37.51 110.05 10.20
CA ASN A 511 36.99 110.62 11.44
C ASN A 511 37.88 111.75 11.95
N GLY A 512 38.37 112.59 11.03
CA GLY A 512 39.18 113.72 11.39
C GLY A 512 40.63 113.42 11.70
N ARG A 513 41.04 112.16 11.56
CA ARG A 513 42.47 111.83 11.80
C ARG A 513 43.14 111.30 10.53
N ASP A 514 44.34 111.77 10.24
CA ASP A 514 45.14 111.32 9.11
C ASP A 514 45.96 110.10 9.50
N SER A 515 45.85 109.04 8.72
CA SER A 515 46.65 107.84 8.90
C SER A 515 47.55 107.65 7.69
N LEU A 516 48.78 107.22 7.94
CA LEU A 516 49.71 106.96 6.84
C LEU A 516 49.22 105.78 6.01
N VAL A 517 49.29 105.93 4.68
CA VAL A 517 48.97 104.85 3.77
C VAL A 517 50.27 104.05 3.58
N ASN A 518 50.33 102.89 4.22
CA ASN A 518 51.56 102.10 4.26
C ASN A 518 51.21 100.62 4.38
N PRO A 519 51.52 99.80 3.37
CA PRO A 519 52.14 100.15 2.09
C PRO A 519 51.13 100.58 1.04
N GLY A 520 49.83 100.46 1.32
CA GLY A 520 48.81 100.89 0.41
C GLY A 520 48.55 99.92 -0.72
N PRO A 521 47.86 100.38 -1.77
CA PRO A 521 47.57 99.52 -2.91
C PRO A 521 48.84 99.03 -3.59
N ALA A 522 48.78 97.81 -4.11
CA ALA A 522 49.95 97.19 -4.73
C ALA A 522 50.32 97.94 -6.00
N MET A 523 51.51 98.53 -6.01
CA MET A 523 52.01 99.28 -7.14
C MET A 523 53.50 99.01 -7.32
N ALA A 524 53.98 99.18 -8.54
CA ALA A 524 55.39 98.96 -8.82
C ALA A 524 56.25 100.00 -8.10
N SER A 525 57.36 99.53 -7.52
CA SER A 525 58.24 100.43 -6.80
C SER A 525 58.89 101.46 -7.72
N HIS A 526 59.26 101.03 -8.92
CA HIS A 526 59.96 101.91 -9.85
C HIS A 526 59.82 101.36 -11.26
N LYS A 527 60.13 102.22 -12.23
CA LYS A 527 60.11 101.83 -13.64
C LYS A 527 61.48 101.27 -14.03
N ASP A 528 61.69 101.08 -15.33
CA ASP A 528 62.95 100.51 -15.81
C ASP A 528 64.13 101.40 -15.43
N ASP A 529 65.21 100.77 -14.98
CA ASP A 529 66.48 101.43 -14.71
C ASP A 529 66.34 102.55 -13.68
N GLU A 530 65.50 102.34 -12.68
CA GLU A 530 65.34 103.29 -11.59
C GLU A 530 65.26 102.57 -10.26
N GLU A 531 66.11 101.56 -10.07
CA GLU A 531 66.06 100.72 -8.89
C GLU A 531 66.40 101.49 -7.61
N LYS A 532 67.03 102.65 -7.71
CA LYS A 532 67.35 103.44 -6.53
C LYS A 532 66.14 104.16 -5.96
N PHE A 533 65.04 104.23 -6.70
CA PHE A 533 63.84 104.95 -6.28
C PHE A 533 62.82 103.98 -5.71
N PHE A 534 62.21 104.35 -4.59
CA PHE A 534 61.15 103.58 -3.98
C PHE A 534 60.09 104.53 -3.45
N PRO A 535 58.84 104.10 -3.37
CA PRO A 535 57.80 104.95 -2.79
C PRO A 535 58.05 105.22 -1.32
N GLN A 536 57.63 106.40 -0.87
CA GLN A 536 57.95 106.85 0.48
C GLN A 536 57.35 105.92 1.53
N SER A 537 56.11 105.48 1.34
CA SER A 537 55.47 104.53 2.23
C SER A 537 54.72 103.47 1.44
N GLY A 538 55.28 103.07 0.29
CA GLY A 538 54.63 102.12 -0.58
C GLY A 538 55.25 100.74 -0.64
N VAL A 539 56.28 100.46 0.16
CA VAL A 539 56.92 99.15 0.18
C VAL A 539 57.12 98.73 1.63
N LEU A 540 57.19 97.42 1.83
CA LEU A 540 57.54 96.88 3.14
C LEU A 540 59.02 97.11 3.40
N ILE A 541 59.35 97.52 4.62
CA ILE A 541 60.73 97.76 5.02
C ILE A 541 61.00 96.88 6.23
N PHE A 542 61.92 95.93 6.07
CA PHE A 542 62.30 95.02 7.14
C PHE A 542 63.61 95.48 7.75
N GLY A 543 63.74 95.27 9.06
CA GLY A 543 64.95 95.63 9.77
C GLY A 543 65.98 94.52 9.71
N LYS A 544 67.24 94.90 9.55
CA LYS A 544 68.34 93.95 9.65
C LYS A 544 68.51 93.52 11.10
N GLN A 545 69.30 92.48 11.30
CA GLN A 545 69.55 91.98 12.65
C GLN A 545 70.24 93.04 13.49
N GLY A 546 69.73 93.25 14.71
CA GLY A 546 70.29 94.23 15.61
C GLY A 546 69.83 95.66 15.38
N SER A 547 68.87 95.86 14.48
CA SER A 547 68.42 97.23 14.14
C SER A 547 67.58 97.80 15.28
N GLU A 548 67.76 99.08 15.60
CA GLU A 548 67.03 99.74 16.67
C GLU A 548 65.60 100.03 16.23
N LYS A 549 64.89 100.81 17.04
CA LYS A 549 63.48 101.08 16.78
C LYS A 549 63.27 102.44 16.12
N THR A 550 64.01 103.46 16.53
CA THR A 550 63.73 104.83 16.11
C THR A 550 64.89 105.39 15.28
N ASN A 551 64.55 105.89 14.09
CA ASN A 551 65.47 106.68 13.26
C ASN A 551 66.76 105.93 12.94
N VAL A 552 66.62 104.70 12.48
CA VAL A 552 67.77 103.95 11.99
C VAL A 552 68.09 104.38 10.57
N ASP A 553 69.36 104.23 10.18
CA ASP A 553 69.79 104.65 8.87
C ASP A 553 69.27 103.69 7.80
N ILE A 554 69.44 104.09 6.54
CA ILE A 554 68.96 103.26 5.44
C ILE A 554 69.77 101.97 5.34
N GLU A 555 71.05 102.00 5.71
CA GLU A 555 71.86 100.79 5.68
C GLU A 555 71.47 99.80 6.76
N LYS A 556 70.65 100.20 7.73
CA LYS A 556 70.17 99.32 8.78
C LYS A 556 68.89 98.60 8.40
N VAL A 557 68.27 98.95 7.28
CA VAL A 557 67.00 98.37 6.87
C VAL A 557 67.13 97.81 5.47
N MET A 558 66.24 96.86 5.14
CA MET A 558 66.18 96.24 3.82
C MET A 558 64.84 96.59 3.19
N ILE A 559 64.89 97.35 2.11
CA ILE A 559 63.69 97.83 1.44
C ILE A 559 63.31 96.87 0.34
N THR A 560 62.06 96.41 0.35
CA THR A 560 61.59 95.45 -0.63
C THR A 560 61.32 96.13 -1.98
N ASP A 561 61.24 95.29 -3.01
CA ASP A 561 60.99 95.83 -4.37
C ASP A 561 59.81 95.09 -4.98
N GLU A 562 58.88 95.83 -5.56
CA GLU A 562 57.69 95.30 -6.23
C GLU A 562 57.75 95.58 -7.72
N GLU A 563 58.93 95.39 -8.32
CA GLU A 563 59.11 95.66 -9.74
C GLU A 563 58.54 94.57 -10.64
N GLU A 564 58.30 93.37 -10.10
CA GLU A 564 57.78 92.28 -10.92
C GLU A 564 56.35 92.52 -11.38
N ILE A 565 55.64 93.47 -10.76
CA ILE A 565 54.24 93.71 -11.08
C ILE A 565 54.08 94.97 -11.92
N ARG A 566 55.17 95.57 -12.41
CA ARG A 566 55.06 96.75 -13.26
C ARG A 566 54.51 96.41 -14.64
N THR A 567 54.37 95.13 -14.97
CA THR A 567 53.75 94.75 -16.24
C THR A 567 52.28 95.10 -16.27
N THR A 568 51.59 95.00 -15.13
CA THR A 568 50.15 95.30 -15.06
C THR A 568 49.80 96.41 -14.08
N ASN A 569 50.68 96.77 -13.17
CA ASN A 569 50.37 97.76 -12.15
C ASN A 569 51.14 99.05 -12.40
N PRO A 570 50.51 100.20 -12.20
CA PRO A 570 51.20 101.47 -12.40
C PRO A 570 52.31 101.66 -11.39
N VAL A 571 53.33 102.42 -11.81
CA VAL A 571 54.41 102.77 -10.90
C VAL A 571 53.87 103.65 -9.77
N ALA A 572 54.31 103.36 -8.55
CA ALA A 572 53.73 103.99 -7.37
C ALA A 572 53.94 105.50 -7.37
N THR A 573 55.09 105.95 -7.84
CA THR A 573 55.48 107.35 -7.75
C THR A 573 55.06 108.17 -8.96
N GLU A 574 54.37 107.57 -9.93
CA GLU A 574 53.98 108.26 -11.14
C GLU A 574 52.46 108.27 -11.25
N GLN A 575 51.96 109.09 -12.17
CA GLN A 575 50.53 109.19 -12.39
C GLN A 575 50.01 107.94 -13.09
N TYR A 576 48.72 107.67 -12.89
CA TYR A 576 48.08 106.59 -13.62
C TYR A 576 48.02 106.89 -15.12
N GLY A 577 47.72 108.12 -15.48
CA GLY A 577 47.58 108.50 -16.88
C GLY A 577 47.12 109.92 -17.01
N SER A 578 46.47 110.21 -18.14
CA SER A 578 45.96 111.54 -18.43
C SER A 578 44.53 111.45 -18.94
N VAL A 579 43.73 112.45 -18.57
CA VAL A 579 42.36 112.57 -19.04
C VAL A 579 42.15 113.99 -19.57
N SER A 580 41.15 114.13 -20.43
CA SER A 580 40.78 115.44 -20.93
C SER A 580 40.04 116.24 -19.86
N THR A 581 40.26 117.56 -19.88
CA THR A 581 39.64 118.43 -18.90
C THR A 581 38.76 119.52 -19.51
N ASN A 582 38.72 119.65 -20.84
CA ASN A 582 37.92 120.68 -21.48
C ASN A 582 37.41 120.12 -22.80
N LEU A 583 36.83 121.01 -23.62
CA LEU A 583 36.33 120.67 -24.95
C LEU A 583 37.03 121.55 -25.97
N GLN A 584 37.91 120.94 -26.76
CA GLN A 584 38.60 121.67 -27.81
C GLN A 584 37.61 122.11 -28.89
N ARG A 585 37.91 123.29 -29.46
CA ARG A 585 37.00 123.88 -30.46
C ARG A 585 37.80 124.87 -31.31
N GLY A 586 37.51 124.93 -32.60
CA GLY A 586 38.11 125.91 -33.48
C GLY A 586 37.32 127.20 -33.55
N ASN A 587 37.79 128.10 -34.41
CA ASN A 587 37.17 129.45 -34.51
C ASN A 587 35.85 129.36 -35.29
N THR A 594 35.95 131.87 -29.42
CA THR A 594 37.38 131.83 -29.84
C THR A 594 37.82 130.36 -29.90
N SER A 595 39.08 130.08 -30.25
CA SER A 595 39.46 128.68 -30.22
C SER A 595 39.96 128.28 -28.84
N ARG A 596 39.76 127.00 -28.51
CA ARG A 596 40.24 126.43 -27.25
C ARG A 596 41.01 125.17 -27.57
N GLN A 597 42.26 125.10 -27.11
CA GLN A 597 43.10 123.93 -27.34
C GLN A 597 42.82 122.85 -26.30
N ALA A 598 42.98 121.60 -26.73
CA ALA A 598 42.73 120.47 -25.84
C ALA A 598 43.68 120.47 -24.66
N ALA A 599 43.14 120.22 -23.47
CA ALA A 599 43.91 120.22 -22.23
C ALA A 599 43.77 118.88 -21.55
N THR A 600 44.84 118.48 -20.85
CA THR A 600 44.88 117.21 -20.14
C THR A 600 45.40 117.44 -18.73
N ALA A 601 45.05 116.51 -17.83
CA ALA A 601 45.50 116.55 -16.46
C ALA A 601 46.00 115.18 -16.04
N ASP A 602 46.96 115.18 -15.13
CA ASP A 602 47.46 113.92 -14.57
C ASP A 602 46.43 113.32 -13.62
N VAL A 603 46.34 112.00 -13.62
CA VAL A 603 45.43 111.27 -12.73
C VAL A 603 46.31 110.67 -11.64
N ASN A 604 46.45 111.40 -10.54
CA ASN A 604 47.29 110.93 -9.43
C ASN A 604 46.59 109.88 -8.58
N THR A 605 45.26 109.80 -8.64
CA THR A 605 44.51 108.76 -7.95
C THR A 605 43.47 108.20 -8.90
N GLN A 606 43.44 106.88 -9.04
CA GLN A 606 42.52 106.22 -9.96
C GLN A 606 41.83 105.08 -9.24
N GLY A 607 40.50 105.12 -9.19
CA GLY A 607 39.73 104.02 -8.67
C GLY A 607 39.62 102.90 -9.67
N VAL A 608 38.96 101.82 -9.24
CA VAL A 608 38.82 100.64 -10.08
C VAL A 608 37.83 100.93 -11.21
N LEU A 609 38.24 100.63 -12.43
CA LEU A 609 37.44 100.76 -13.63
C LEU A 609 37.12 99.38 -14.20
N PRO A 610 36.02 99.23 -14.93
CA PRO A 610 35.77 97.96 -15.62
C PRO A 610 36.86 97.67 -16.63
N GLY A 611 37.27 96.41 -16.71
CA GLY A 611 38.36 96.00 -17.55
C GLY A 611 39.74 96.16 -16.94
N MET A 612 39.83 96.53 -15.67
CA MET A 612 41.14 96.74 -15.01
C MET A 612 41.69 95.42 -14.48
N VAL A 613 42.99 95.17 -14.67
CA VAL A 613 43.70 93.98 -14.21
C VAL A 613 44.92 94.43 -13.41
N TRP A 614 45.23 93.69 -12.36
CA TRP A 614 46.34 94.07 -11.47
C TRP A 614 46.85 92.82 -10.77
N GLN A 615 48.02 92.96 -10.17
CA GLN A 615 48.64 91.93 -9.34
C GLN A 615 48.69 92.41 -7.90
N ASP A 616 48.52 91.48 -6.96
CA ASP A 616 48.58 91.83 -5.56
C ASP A 616 50.02 91.99 -5.10
N ARG A 617 50.18 92.47 -3.88
CA ARG A 617 51.52 92.65 -3.32
C ARG A 617 52.16 91.29 -3.05
N ASP A 618 53.48 91.23 -3.27
CA ASP A 618 54.22 90.00 -3.05
C ASP A 618 54.32 89.67 -1.57
N VAL A 619 54.47 88.39 -1.26
CA VAL A 619 54.72 87.94 0.09
C VAL A 619 56.21 87.62 0.22
N TYR A 620 56.72 87.71 1.44
CA TYR A 620 58.15 87.56 1.70
C TYR A 620 58.34 86.55 2.83
N LEU A 621 59.56 86.04 2.94
CA LEU A 621 59.87 85.08 3.99
C LEU A 621 59.68 85.72 5.37
N GLN A 622 60.08 86.97 5.52
CA GLN A 622 59.88 87.71 6.75
C GLN A 622 58.51 88.37 6.82
N GLY A 623 57.71 88.28 5.77
CA GLY A 623 56.45 88.97 5.71
C GLY A 623 55.30 88.22 6.36
N PRO A 624 54.17 88.90 6.52
CA PRO A 624 53.00 88.23 7.10
C PRO A 624 52.36 87.25 6.13
N ILE A 625 51.63 86.30 6.70
CA ILE A 625 50.97 85.26 5.92
C ILE A 625 49.52 85.61 5.63
N TRP A 626 48.78 86.05 6.64
CA TRP A 626 47.34 86.26 6.49
C TRP A 626 46.93 87.51 7.26
N ALA A 627 45.65 87.86 7.11
CA ALA A 627 45.02 88.91 7.90
C ALA A 627 43.53 88.64 7.93
N LYS A 628 42.87 89.16 8.95
CA LYS A 628 41.42 89.00 9.07
C LYS A 628 40.71 90.08 8.27
N ILE A 629 39.83 89.66 7.38
CA ILE A 629 39.02 90.62 6.63
C ILE A 629 38.03 91.28 7.59
N PRO A 630 37.97 92.61 7.67
CA PRO A 630 37.07 93.26 8.62
C PRO A 630 35.62 92.89 8.33
N HIS A 631 34.84 92.74 9.40
CA HIS A 631 33.43 92.39 9.29
C HIS A 631 32.66 93.64 8.89
N THR A 632 32.52 93.85 7.58
CA THR A 632 31.88 95.02 7.04
C THR A 632 30.87 94.60 5.98
N ASP A 633 29.96 95.51 5.66
CA ASP A 633 28.90 95.19 4.66
C ASP A 633 29.54 95.00 3.28
N GLY A 634 30.52 95.82 2.95
CA GLY A 634 31.15 95.74 1.65
C GLY A 634 32.66 95.84 1.74
N HIS A 635 33.31 95.18 0.80
CA HIS A 635 34.75 95.25 0.62
C HIS A 635 35.07 94.80 -0.79
N PHE A 636 36.13 95.38 -1.37
CA PHE A 636 36.53 95.05 -2.72
C PHE A 636 37.92 94.42 -2.68
N HIS A 637 38.05 93.22 -3.26
CA HIS A 637 39.30 92.48 -3.34
C HIS A 637 39.98 92.44 -1.98
N PRO A 638 39.47 91.65 -1.03
CA PRO A 638 39.98 91.67 0.35
C PRO A 638 41.32 90.92 0.53
N SER A 639 42.27 91.21 -0.34
CA SER A 639 43.65 90.81 -0.13
C SER A 639 44.33 91.83 0.76
N PRO A 640 45.01 91.40 1.83
CA PRO A 640 45.66 92.37 2.73
C PRO A 640 46.66 93.22 1.97
N LEU A 641 46.70 94.52 2.30
CA LEU A 641 47.58 95.43 1.59
C LEU A 641 49.03 95.20 1.95
N MET A 642 49.31 94.70 3.16
CA MET A 642 50.66 94.36 3.56
C MET A 642 51.16 93.07 2.90
N GLY A 643 50.29 92.33 2.24
CA GLY A 643 50.65 91.09 1.58
C GLY A 643 50.14 89.88 2.33
N GLY A 644 49.66 88.89 1.57
CA GLY A 644 49.19 87.67 2.16
C GLY A 644 47.80 87.24 1.73
N PHE A 645 47.14 86.43 2.55
CA PHE A 645 45.84 85.86 2.24
C PHE A 645 44.77 86.49 3.13
N GLY A 646 43.73 87.04 2.50
CA GLY A 646 42.61 87.57 3.25
C GLY A 646 41.66 86.48 3.68
N LEU A 647 41.40 86.38 4.99
CA LEU A 647 40.59 85.31 5.55
C LEU A 647 39.44 85.91 6.33
N LYS A 648 38.21 85.51 5.99
CA LYS A 648 37.06 85.92 6.79
C LYS A 648 37.09 85.27 8.17
N HIS A 649 37.58 84.04 8.24
CA HIS A 649 37.78 83.32 9.50
C HIS A 649 39.23 82.89 9.56
N PRO A 650 40.13 83.78 9.98
CA PRO A 650 41.55 83.44 10.02
C PRO A 650 41.85 82.50 11.17
N PRO A 651 43.08 81.99 11.27
CA PRO A 651 43.45 81.18 12.43
C PRO A 651 43.17 81.92 13.72
N PRO A 652 42.46 81.30 14.66
CA PRO A 652 42.03 82.02 15.85
C PRO A 652 43.20 82.42 16.74
N GLN A 653 43.00 83.52 17.46
CA GLN A 653 43.98 83.94 18.45
C GLN A 653 44.06 82.93 19.59
N ILE A 654 45.29 82.59 19.98
CA ILE A 654 45.53 81.65 21.07
C ILE A 654 46.04 82.45 22.25
N LEU A 655 45.23 82.54 23.30
CA LEU A 655 45.55 83.35 24.47
C LEU A 655 46.02 82.45 25.60
N ILE A 656 47.13 82.85 26.23
CA ILE A 656 47.74 82.08 27.32
C ILE A 656 48.14 83.04 28.42
N LYS A 657 47.91 82.63 29.67
CA LYS A 657 48.35 83.43 30.81
C LYS A 657 48.58 82.50 31.99
N ASN A 658 49.38 82.98 32.94
CA ASN A 658 49.63 82.24 34.17
C ASN A 658 48.51 82.49 35.16
N THR A 659 48.02 81.43 35.77
CA THR A 659 46.98 81.58 36.78
C THR A 659 47.56 82.26 38.01
N PRO A 660 46.96 83.34 38.48
CA PRO A 660 47.49 84.03 39.67
C PRO A 660 47.42 83.15 40.90
N VAL A 661 48.54 83.05 41.61
CA VAL A 661 48.63 82.28 42.84
C VAL A 661 48.76 83.28 43.99
N PRO A 662 47.74 83.45 44.83
CA PRO A 662 47.83 84.43 45.92
C PRO A 662 48.94 84.09 46.90
N ALA A 663 49.57 85.13 47.44
CA ALA A 663 50.58 84.98 48.47
C ALA A 663 49.88 84.73 49.81
N ASN A 664 50.63 84.83 50.90
CA ASN A 664 50.10 84.53 52.21
C ASN A 664 48.97 85.48 52.58
N PRO A 665 47.75 84.98 52.82
CA PRO A 665 46.65 85.88 53.20
C PRO A 665 46.66 86.20 54.68
N SER A 666 45.87 87.21 55.01
CA SER A 666 45.71 87.62 56.43
C SER A 666 44.78 86.64 57.13
N THR A 667 45.04 86.35 58.39
CA THR A 667 44.19 85.47 59.17
C THR A 667 42.83 86.07 59.46
N THR A 668 42.68 87.38 59.28
CA THR A 668 41.39 88.05 59.43
C THR A 668 40.81 88.33 58.05
N PHE A 669 39.51 88.15 57.91
CA PHE A 669 38.88 88.32 56.60
C PHE A 669 38.95 89.77 56.16
N SER A 670 39.28 89.96 54.88
CA SER A 670 39.30 91.28 54.25
C SER A 670 38.58 91.19 52.92
N ALA A 671 37.62 92.11 52.71
CA ALA A 671 36.86 92.13 51.47
C ALA A 671 37.64 92.75 50.31
N ALA A 672 38.78 93.37 50.57
CA ALA A 672 39.59 93.92 49.50
C ALA A 672 40.13 92.80 48.61
N LYS A 673 40.14 93.04 47.31
CA LYS A 673 40.65 92.05 46.38
C LYS A 673 42.15 91.84 46.61
N PHE A 674 42.60 90.63 46.29
CA PHE A 674 44.02 90.26 46.54
C PHE A 674 44.95 91.11 45.67
N ALA A 675 45.98 91.67 46.30
CA ALA A 675 46.98 92.44 45.60
C ALA A 675 48.39 91.87 45.72
N SER A 676 48.59 90.85 46.54
CA SER A 676 49.88 90.21 46.72
C SER A 676 49.82 88.80 46.12
N PHE A 677 50.77 88.49 45.26
CA PHE A 677 50.80 87.20 44.57
C PHE A 677 52.23 86.67 44.57
N ILE A 678 52.34 85.37 44.38
CA ILE A 678 53.65 84.73 44.24
C ILE A 678 54.16 85.02 42.83
N THR A 679 55.36 85.58 42.74
CA THR A 679 55.95 85.88 41.45
C THR A 679 56.27 84.59 40.71
N GLN A 680 55.81 84.48 39.46
CA GLN A 680 56.04 83.25 38.72
C GLN A 680 55.90 83.52 37.23
N TYR A 681 56.54 82.64 36.45
CA TYR A 681 56.45 82.65 35.01
C TYR A 681 56.32 81.21 34.55
N SER A 682 56.13 81.03 33.24
CA SER A 682 56.00 79.70 32.68
C SER A 682 56.87 79.58 31.44
N THR A 683 57.30 78.35 31.15
CA THR A 683 58.06 78.05 29.95
C THR A 683 57.54 76.73 29.39
N GLY A 684 57.73 76.54 28.09
CA GLY A 684 57.24 75.33 27.45
C GLY A 684 57.60 75.32 25.99
N GLN A 685 56.99 74.38 25.27
CA GLN A 685 57.21 74.21 23.86
C GLN A 685 55.91 74.42 23.10
N VAL A 686 56.02 74.98 21.91
CA VAL A 686 54.89 75.25 21.04
C VAL A 686 55.18 74.65 19.67
N SER A 687 54.19 73.98 19.09
CA SER A 687 54.31 73.34 17.79
C SER A 687 53.23 73.88 16.85
N VAL A 688 53.64 74.27 15.65
CA VAL A 688 52.73 74.72 14.60
C VAL A 688 53.02 73.91 13.35
N GLU A 689 52.01 73.23 12.84
CA GLU A 689 52.12 72.45 11.61
C GLU A 689 51.09 72.93 10.62
N ILE A 690 51.54 73.39 9.46
CA ILE A 690 50.67 73.93 8.43
C ILE A 690 50.85 73.11 7.16
N GLU A 691 49.75 72.69 6.56
CA GLU A 691 49.75 72.05 5.25
C GLU A 691 49.47 73.10 4.18
N TRP A 692 50.33 73.16 3.18
CA TRP A 692 50.20 74.11 2.08
C TRP A 692 49.95 73.36 0.78
N GLU A 693 49.09 73.93 -0.06
CA GLU A 693 48.83 73.38 -1.38
C GLU A 693 49.65 74.14 -2.41
N LEU A 694 50.23 73.40 -3.35
CA LEU A 694 51.13 73.97 -4.35
C LEU A 694 50.46 73.97 -5.72
N GLN A 695 50.73 75.01 -6.49
CA GLN A 695 50.30 75.13 -7.88
C GLN A 695 51.54 74.94 -8.74
N LYS A 696 51.69 73.74 -9.30
CA LYS A 696 52.92 73.40 -10.02
C LYS A 696 53.06 74.22 -11.29
N GLU A 697 54.29 74.66 -11.56
CA GLU A 697 54.58 75.41 -12.77
C GLU A 697 54.45 74.51 -13.99
N ASN A 698 53.81 75.04 -15.04
CA ASN A 698 53.56 74.32 -16.28
C ASN A 698 53.96 75.19 -17.47
N SER A 699 55.15 75.77 -17.38
CA SER A 699 55.59 76.71 -18.40
C SER A 699 56.12 75.97 -19.64
N LYS A 700 56.10 76.65 -20.79
CA LYS A 700 56.63 76.06 -22.05
C LYS A 700 57.69 77.01 -22.64
N ARG A 701 58.26 77.90 -21.81
CA ARG A 701 59.33 78.75 -22.31
C ARG A 701 60.59 77.92 -22.58
N TRP A 702 61.40 78.40 -23.52
CA TRP A 702 62.57 77.66 -23.97
C TRP A 702 63.81 77.98 -23.16
N ASN A 703 64.12 79.27 -23.02
CA ASN A 703 65.32 79.68 -22.33
C ASN A 703 65.14 79.58 -20.81
N PRO A 704 66.24 79.44 -20.04
CA PRO A 704 66.12 79.28 -18.59
C PRO A 704 65.44 80.46 -17.88
N GLU A 705 64.94 80.27 -16.66
CA GLU A 705 64.20 81.31 -15.92
C GLU A 705 65.07 81.95 -14.84
N ILE A 706 64.60 83.05 -14.23
CA ILE A 706 65.35 83.57 -13.05
C ILE A 706 65.03 82.71 -11.83
N GLN A 707 66.04 82.27 -11.09
CA GLN A 707 65.81 81.52 -9.87
C GLN A 707 66.58 82.18 -8.73
N TYR A 708 66.02 82.09 -7.52
CA TYR A 708 66.76 82.54 -6.35
C TYR A 708 67.91 81.57 -6.07
N THR A 709 69.07 82.12 -5.75
CA THR A 709 70.26 81.31 -5.54
C THR A 709 71.16 81.98 -4.52
N SER A 710 72.01 81.16 -3.91
CA SER A 710 73.02 81.72 -2.99
C SER A 710 74.19 82.20 -3.83
N ASN A 711 75.03 83.08 -3.31
CA ASN A 711 76.14 83.57 -4.16
C ASN A 711 77.34 82.67 -3.91
N TYR A 712 77.99 82.20 -4.97
CA TYR A 712 79.09 81.22 -4.83
C TYR A 712 80.34 81.87 -4.23
N ASN A 713 80.56 83.15 -4.46
CA ASN A 713 81.81 83.73 -3.99
C ASN A 713 81.97 83.58 -2.47
N LYS A 714 83.24 83.50 -2.07
CA LYS A 714 83.56 83.32 -0.63
C LYS A 714 83.10 84.52 0.17
N SER A 715 82.80 84.27 1.43
CA SER A 715 82.38 85.34 2.33
C SER A 715 82.76 84.96 3.75
N ILE A 716 82.79 85.98 4.62
CA ILE A 716 83.10 85.73 6.03
C ILE A 716 82.01 84.90 6.67
N ASN A 717 80.75 85.21 6.36
CA ASN A 717 79.60 84.52 6.92
C ASN A 717 78.74 83.94 5.79
N VAL A 718 78.13 82.79 6.07
CA VAL A 718 77.17 82.21 5.14
C VAL A 718 75.81 82.86 5.37
N ASP A 719 75.07 83.08 4.29
CA ASP A 719 73.76 83.71 4.40
C ASP A 719 72.77 82.80 5.11
N PHE A 720 71.90 83.41 5.92
CA PHE A 720 70.85 82.70 6.66
C PHE A 720 71.43 81.64 7.58
N THR A 721 72.54 81.97 8.23
CA THR A 721 73.15 81.13 9.25
C THR A 721 73.45 81.98 10.48
N VAL A 722 74.15 81.40 11.42
CA VAL A 722 74.56 82.11 12.63
C VAL A 722 76.00 82.59 12.45
N ASP A 723 76.35 83.65 13.15
CA ASP A 723 77.70 84.18 13.11
C ASP A 723 78.51 83.58 14.26
N THR A 724 79.70 84.15 14.51
CA THR A 724 80.56 83.62 15.59
C THR A 724 79.91 83.86 16.95
N ASN A 725 78.89 84.73 17.01
CA ASN A 725 78.14 84.96 18.26
C ASN A 725 76.91 84.04 18.30
N GLY A 726 76.73 83.22 17.26
CA GLY A 726 75.55 82.33 17.18
C GLY A 726 74.28 83.12 16.95
N VAL A 727 74.40 84.35 16.43
CA VAL A 727 73.21 85.22 16.19
C VAL A 727 72.68 84.94 14.79
N TYR A 728 71.43 84.48 14.68
CA TYR A 728 70.84 84.21 13.38
C TYR A 728 70.40 85.51 12.73
N SER A 729 70.70 85.66 11.44
CA SER A 729 70.32 86.84 10.70
C SER A 729 69.75 86.45 9.35
N GLU A 730 68.88 87.30 8.81
CA GLU A 730 68.33 87.14 7.48
C GLU A 730 68.86 88.26 6.60
N PRO A 731 69.85 88.00 5.74
CA PRO A 731 70.56 89.09 5.06
C PRO A 731 69.68 89.94 4.15
N ARG A 732 68.69 89.37 3.50
CA ARG A 732 67.88 90.13 2.55
C ARG A 732 66.47 89.57 2.55
N PRO A 733 65.48 90.37 2.14
CA PRO A 733 64.13 89.83 1.93
C PRO A 733 64.08 89.00 0.65
N ILE A 734 63.40 87.87 0.72
CA ILE A 734 63.20 87.01 -0.43
C ILE A 734 61.71 86.99 -0.74
N GLY A 735 61.36 87.39 -1.96
CA GLY A 735 60.00 87.31 -2.43
C GLY A 735 59.69 85.93 -2.95
N THR A 736 58.65 85.84 -3.79
CA THR A 736 58.26 84.58 -4.40
C THR A 736 58.20 84.61 -5.91
N ARG A 737 58.38 85.78 -6.53
CA ARG A 737 58.09 85.94 -7.95
C ARG A 737 59.38 85.83 -8.76
N TYR A 738 59.75 84.58 -9.06
CA TYR A 738 60.92 84.27 -9.87
C TYR A 738 60.58 83.55 -11.16
N LEU A 739 59.67 82.59 -11.12
CA LEU A 739 59.18 81.98 -12.35
C LEU A 739 58.32 82.97 -13.11
N THR A 740 58.11 82.68 -14.39
CA THR A 740 57.36 83.57 -15.26
C THR A 740 56.18 82.84 -15.89
N ARG A 741 55.11 83.62 -16.12
CA ARG A 741 53.92 83.08 -16.81
C ARG A 741 53.44 84.17 -17.78
N ASN A 742 52.85 83.81 -18.92
CA ASN A 742 52.31 84.78 -19.86
C ASN A 742 51.04 85.42 -19.28
N LEU A 743 50.77 86.64 -19.73
CA LEU A 743 49.56 87.35 -19.32
C LEU A 743 48.31 86.66 -19.86
N ALA B 218 -36.62 37.70 69.16
CA ALA B 218 -35.61 38.09 68.15
C ALA B 218 -34.38 38.63 68.85
N ASP B 219 -34.59 39.44 69.90
CA ASP B 219 -33.46 40.12 70.57
C ASP B 219 -33.56 39.87 72.08
N GLY B 220 -34.46 38.97 72.48
CA GLY B 220 -34.52 38.62 73.92
C GLY B 220 -34.45 39.86 74.80
N VAL B 221 -33.73 39.77 75.93
CA VAL B 221 -33.70 40.89 76.89
C VAL B 221 -32.28 41.44 76.85
N GLY B 222 -32.13 42.68 76.44
CA GLY B 222 -30.85 43.36 76.40
C GLY B 222 -30.31 43.63 75.01
N ASN B 223 -31.00 43.18 73.97
CA ASN B 223 -30.60 43.45 72.59
C ASN B 223 -31.65 44.34 71.95
N SER B 224 -31.21 45.47 71.40
CA SER B 224 -32.12 46.41 70.78
C SER B 224 -32.65 45.84 69.46
N SER B 225 -33.94 46.03 69.21
CA SER B 225 -34.60 45.53 68.02
C SER B 225 -34.82 46.62 66.97
N GLY B 226 -34.25 47.80 67.16
CA GLY B 226 -34.39 48.86 66.19
C GLY B 226 -33.53 50.05 66.57
N ASN B 227 -33.48 51.01 65.67
CA ASN B 227 -32.72 52.24 65.84
C ASN B 227 -33.61 53.44 65.61
N TRP B 228 -33.13 54.60 66.05
CA TRP B 228 -33.86 55.85 65.89
C TRP B 228 -33.56 56.44 64.52
N HIS B 229 -34.57 56.48 63.68
CA HIS B 229 -34.42 57.05 62.31
C HIS B 229 -35.42 58.19 62.16
N CYS B 230 -34.98 59.42 62.41
CA CYS B 230 -35.86 60.60 62.21
C CYS B 230 -35.09 61.56 61.31
N ASP B 231 -35.51 61.70 60.05
CA ASP B 231 -34.75 62.54 59.09
C ASP B 231 -35.49 62.66 57.76
N SER B 232 -34.98 63.48 56.84
CA SER B 232 -35.59 63.50 55.52
C SER B 232 -34.51 63.61 54.45
N THR B 233 -34.72 62.92 53.33
CA THR B 233 -33.78 62.91 52.22
C THR B 233 -34.49 63.42 50.98
N TRP B 234 -33.93 64.45 50.36
CA TRP B 234 -34.46 65.00 49.12
C TRP B 234 -33.59 64.52 47.97
N MET B 235 -34.21 63.78 47.04
CA MET B 235 -33.46 63.23 45.88
C MET B 235 -34.27 63.49 44.61
N GLY B 236 -33.98 64.59 43.92
CA GLY B 236 -34.67 64.90 42.67
C GLY B 236 -36.14 65.16 42.91
N ASP B 237 -36.98 64.36 42.26
CA ASP B 237 -38.43 64.49 42.36
C ASP B 237 -39.02 63.66 43.50
N ARG B 238 -38.23 63.32 44.51
CA ARG B 238 -38.71 62.56 45.65
C ARG B 238 -38.19 63.17 46.94
N VAL B 239 -39.00 63.07 47.99
CA VAL B 239 -38.55 63.38 49.34
C VAL B 239 -39.06 62.27 50.26
N THR B 240 -38.15 61.64 51.00
CA THR B 240 -38.49 60.57 51.92
C THR B 240 -38.35 61.11 53.34
N THR B 241 -39.47 61.17 54.06
CA THR B 241 -39.48 61.65 55.44
C THR B 241 -39.64 60.46 56.38
N THR B 242 -38.78 60.38 57.38
CA THR B 242 -38.82 59.33 58.39
C THR B 242 -38.95 59.97 59.77
N SER B 243 -39.80 59.38 60.61
CA SER B 243 -40.05 59.91 61.93
C SER B 243 -40.05 58.78 62.94
N THR B 244 -39.48 59.04 64.12
CA THR B 244 -39.50 58.09 65.22
C THR B 244 -40.04 58.79 66.46
N ARG B 245 -40.91 58.11 67.20
CA ARG B 245 -41.50 58.65 68.41
C ARG B 245 -41.53 57.57 69.48
N THR B 246 -41.63 58.00 70.73
CA THR B 246 -41.79 57.10 71.87
C THR B 246 -43.25 57.13 72.30
N TRP B 247 -43.87 55.96 72.35
CA TRP B 247 -45.28 55.84 72.67
C TRP B 247 -45.48 55.09 73.99
N ALA B 248 -46.62 55.37 74.62
CA ALA B 248 -47.04 54.68 75.83
C ALA B 248 -48.45 54.14 75.61
N LEU B 249 -48.64 52.86 75.87
CA LEU B 249 -49.91 52.20 75.66
C LEU B 249 -50.44 51.64 76.98
N PRO B 250 -51.50 52.20 77.55
CA PRO B 250 -52.06 51.66 78.79
C PRO B 250 -52.98 50.48 78.47
N THR B 251 -53.61 49.98 79.52
CA THR B 251 -54.66 48.97 79.39
C THR B 251 -56.00 49.70 79.30
N TYR B 252 -56.74 49.44 78.23
CA TYR B 252 -57.98 50.15 77.94
C TYR B 252 -59.18 49.28 78.30
N ASN B 253 -60.15 49.87 78.98
CA ASN B 253 -61.41 49.23 79.36
C ASN B 253 -61.20 48.02 80.26
N ASN B 254 -60.02 47.90 80.87
CA ASN B 254 -59.67 46.74 81.68
C ASN B 254 -59.85 45.45 80.89
N HIS B 255 -59.30 45.43 79.68
CA HIS B 255 -59.30 44.29 78.77
C HIS B 255 -60.70 43.88 78.32
N LEU B 256 -61.64 44.81 78.27
CA LEU B 256 -63.03 44.48 77.99
C LEU B 256 -63.54 45.24 76.78
N TYR B 257 -64.58 44.67 76.15
CA TYR B 257 -65.29 45.41 75.08
C TYR B 257 -66.57 45.88 75.75
N LYS B 258 -66.90 47.15 75.66
CA LYS B 258 -68.04 47.77 76.30
C LYS B 258 -68.93 48.41 75.24
N GLN B 259 -70.21 48.08 75.27
CA GLN B 259 -71.16 48.76 74.41
C GLN B 259 -71.36 50.19 74.89
N ILE B 260 -71.27 51.14 73.97
CA ILE B 260 -71.42 52.55 74.28
C ILE B 260 -72.53 53.12 73.43
N SER B 261 -73.17 54.17 73.94
CA SER B 261 -74.27 54.83 73.24
C SER B 261 -74.41 56.24 73.79
N SER B 262 -75.18 57.04 73.07
CA SER B 262 -75.43 58.41 73.49
C SER B 262 -76.22 58.42 74.80
N GLN B 263 -75.98 59.48 75.57
CA GLN B 263 -76.64 59.59 76.88
C GLN B 263 -78.13 59.81 76.67
N SER B 264 -78.92 59.32 77.62
CA SER B 264 -80.37 59.60 77.54
C SER B 264 -80.57 61.10 77.71
N GLY B 265 -81.53 61.68 77.00
CA GLY B 265 -81.80 63.09 77.01
C GLY B 265 -81.06 63.88 75.96
N ALA B 266 -80.15 63.25 75.22
CA ALA B 266 -79.45 63.94 74.15
C ALA B 266 -80.39 64.23 72.99
N SER B 267 -80.04 65.22 72.18
CA SER B 267 -80.84 65.54 71.01
C SER B 267 -80.72 64.42 69.98
N ASN B 268 -81.67 64.41 69.04
CA ASN B 268 -81.66 63.37 68.01
C ASN B 268 -80.42 63.46 67.14
N ASP B 269 -79.91 64.68 66.89
CA ASP B 269 -78.72 64.84 66.07
C ASP B 269 -77.49 64.26 66.75
N ASN B 270 -77.49 64.18 68.08
CA ASN B 270 -76.34 63.71 68.84
C ASN B 270 -76.47 62.25 69.27
N HIS B 271 -77.51 61.55 68.84
CA HIS B 271 -77.68 60.15 69.20
C HIS B 271 -76.71 59.27 68.43
N TYR B 272 -76.17 58.26 69.12
CA TYR B 272 -75.24 57.34 68.49
C TYR B 272 -75.22 56.03 69.26
N PHE B 273 -74.71 55.00 68.60
CA PHE B 273 -74.53 53.68 69.19
C PHE B 273 -73.24 53.09 68.63
N GLY B 274 -72.48 52.42 69.48
CA GLY B 274 -71.23 51.85 69.04
C GLY B 274 -70.61 50.98 70.11
N TYR B 275 -69.35 50.65 69.91
CA TYR B 275 -68.62 49.80 70.84
C TYR B 275 -67.25 50.38 71.10
N SER B 276 -66.79 50.23 72.35
CA SER B 276 -65.46 50.63 72.77
C SER B 276 -64.60 49.39 72.93
N THR B 277 -63.43 49.38 72.31
CA THR B 277 -62.57 48.22 72.32
C THR B 277 -61.38 48.44 73.26
N PRO B 278 -60.79 47.38 73.80
CA PRO B 278 -59.59 47.53 74.63
C PRO B 278 -58.32 47.78 73.84
N TRP B 279 -58.41 47.92 72.51
CA TRP B 279 -57.25 48.13 71.67
C TRP B 279 -56.96 49.61 71.50
N GLY B 280 -55.72 49.90 71.14
CA GLY B 280 -55.31 51.22 70.69
C GLY B 280 -54.92 51.17 69.23
N TYR B 281 -54.68 52.35 68.66
CA TYR B 281 -54.30 52.44 67.26
C TYR B 281 -53.25 53.53 67.08
N PHE B 282 -52.37 53.32 66.11
CA PHE B 282 -51.32 54.27 65.79
C PHE B 282 -51.78 55.17 64.64
N ASP B 283 -51.82 56.48 64.91
CA ASP B 283 -52.30 57.47 63.95
C ASP B 283 -51.13 58.38 63.56
N PHE B 284 -50.87 58.48 62.26
CA PHE B 284 -49.92 59.45 61.73
C PHE B 284 -50.51 60.17 60.54
N ASN B 285 -51.81 60.43 60.57
CA ASN B 285 -52.53 61.09 59.48
C ASN B 285 -52.53 62.60 59.63
N ARG B 286 -51.36 63.17 59.86
CA ARG B 286 -51.17 64.61 59.92
C ARG B 286 -49.79 64.92 59.36
N PHE B 287 -49.65 66.02 58.63
CA PHE B 287 -48.36 66.30 57.93
C PHE B 287 -47.23 66.59 58.92
N HIS B 288 -47.55 67.16 60.09
CA HIS B 288 -46.52 67.52 61.10
C HIS B 288 -45.86 66.25 61.66
N CYS B 289 -46.48 65.09 61.48
CA CYS B 289 -45.94 63.80 61.97
C CYS B 289 -44.76 63.36 61.10
N HIS B 290 -44.61 63.93 59.91
CA HIS B 290 -43.55 63.54 58.99
C HIS B 290 -42.68 64.69 58.52
N PHE B 291 -43.23 65.90 58.42
CA PHE B 291 -42.49 67.06 57.92
C PHE B 291 -42.17 68.00 59.07
N SER B 292 -40.90 68.38 59.16
CA SER B 292 -40.52 69.48 60.02
C SER B 292 -40.95 70.79 59.37
N PRO B 293 -41.05 71.88 60.16
CA PRO B 293 -41.40 73.17 59.53
C PRO B 293 -40.44 73.60 58.44
N ARG B 294 -39.14 73.35 58.60
CA ARG B 294 -38.19 73.62 57.53
C ARG B 294 -38.46 72.72 56.32
N ASP B 295 -38.80 71.46 56.57
CA ASP B 295 -39.18 70.56 55.47
C ASP B 295 -40.42 71.06 54.76
N TRP B 296 -41.42 71.53 55.51
CA TRP B 296 -42.62 72.08 54.89
C TRP B 296 -42.30 73.32 54.06
N GLN B 297 -41.44 74.20 54.58
CA GLN B 297 -41.08 75.39 53.82
C GLN B 297 -40.33 75.03 52.54
N ARG B 298 -39.43 74.03 52.62
CA ARG B 298 -38.74 73.54 51.43
C ARG B 298 -39.71 72.92 50.44
N LEU B 299 -40.76 72.25 50.91
CA LEU B 299 -41.73 71.63 50.02
C LEU B 299 -42.60 72.66 49.33
N ILE B 300 -43.13 73.63 50.09
CA ILE B 300 -44.16 74.50 49.55
C ILE B 300 -43.59 75.68 48.75
N ASN B 301 -42.33 76.03 48.95
CA ASN B 301 -41.73 77.15 48.24
C ASN B 301 -41.11 76.77 46.91
N ASN B 302 -41.05 75.48 46.58
CA ASN B 302 -40.33 75.03 45.42
C ASN B 302 -41.09 74.04 44.54
N ASN B 303 -42.23 73.53 44.97
CA ASN B 303 -42.93 72.48 44.26
C ASN B 303 -44.35 72.93 43.93
N TRP B 304 -44.81 72.56 42.73
CA TRP B 304 -46.18 72.80 42.30
C TRP B 304 -47.13 71.70 42.73
N GLY B 305 -46.64 70.61 43.31
CA GLY B 305 -47.50 69.54 43.75
C GLY B 305 -46.70 68.44 44.44
N PHE B 306 -47.42 67.60 45.17
CA PHE B 306 -46.82 66.46 45.83
C PHE B 306 -47.91 65.43 46.13
N ARG B 307 -47.49 64.19 46.32
CA ARG B 307 -48.39 63.09 46.64
C ARG B 307 -47.60 61.98 47.29
N PRO B 308 -48.20 61.22 48.20
CA PRO B 308 -47.50 60.08 48.80
C PRO B 308 -47.40 58.90 47.84
N LYS B 309 -46.32 58.15 47.98
CA LYS B 309 -46.02 57.02 47.11
C LYS B 309 -46.02 55.69 47.84
N ARG B 310 -45.28 55.58 48.94
CA ARG B 310 -45.23 54.37 49.73
C ARG B 310 -44.81 54.71 51.14
N LEU B 311 -45.11 53.81 52.08
CA LEU B 311 -44.74 54.03 53.47
C LEU B 311 -44.20 52.73 54.07
N ASN B 312 -43.38 52.90 55.12
CA ASN B 312 -42.83 51.76 55.88
C ASN B 312 -43.10 52.07 57.36
N PHE B 313 -43.53 51.08 58.15
CA PHE B 313 -43.91 51.24 59.53
C PHE B 313 -43.15 50.21 60.37
N LYS B 314 -42.73 50.66 61.55
CA LYS B 314 -42.00 49.74 62.46
C LYS B 314 -42.28 49.99 63.93
N LEU B 315 -42.51 48.93 64.70
CA LEU B 315 -42.59 48.98 66.15
C LEU B 315 -41.44 48.18 66.72
N PHE B 316 -40.72 48.74 67.68
CA PHE B 316 -39.52 48.10 68.19
C PHE B 316 -39.23 48.60 69.59
N ASN B 317 -38.25 47.96 70.23
CA ASN B 317 -37.84 48.28 71.59
C ASN B 317 -39.03 48.29 72.54
N ILE B 318 -39.84 47.23 72.46
CA ILE B 318 -41.08 47.14 73.21
C ILE B 318 -40.77 46.69 74.63
N GLN B 319 -41.23 47.47 75.61
CA GLN B 319 -41.06 47.17 77.02
C GLN B 319 -42.43 47.09 77.67
N VAL B 320 -42.70 46.00 78.37
CA VAL B 320 -43.94 45.86 79.13
C VAL B 320 -43.60 46.08 80.60
N LYS B 321 -44.27 47.04 81.22
CA LYS B 321 -44.04 47.42 82.60
C LYS B 321 -45.23 47.00 83.45
N GLU B 322 -44.97 46.31 84.55
CA GLU B 322 -46.00 45.92 85.50
C GLU B 322 -46.07 46.94 86.62
N VAL B 323 -47.27 47.43 86.89
CA VAL B 323 -47.51 48.45 87.90
C VAL B 323 -48.23 47.81 89.08
N THR B 324 -47.71 48.03 90.28
CA THR B 324 -48.33 47.55 91.50
C THR B 324 -48.48 48.73 92.47
N GLN B 325 -49.48 48.61 93.35
CA GLN B 325 -49.76 49.67 94.32
C GLN B 325 -50.05 49.02 95.67
N ASN B 326 -49.09 49.14 96.59
CA ASN B 326 -49.20 48.52 97.91
C ASN B 326 -49.01 49.60 98.97
N ASP B 327 -50.03 49.77 99.82
CA ASP B 327 -49.99 50.74 100.92
C ASP B 327 -49.68 52.15 100.41
N GLY B 328 -50.28 52.52 99.29
CA GLY B 328 -50.13 53.85 98.75
C GLY B 328 -48.86 54.11 97.98
N THR B 329 -48.07 53.08 97.67
CA THR B 329 -46.82 53.22 96.96
C THR B 329 -46.95 52.63 95.56
N THR B 330 -46.58 53.39 94.55
CA THR B 330 -46.62 52.95 93.16
C THR B 330 -45.24 52.43 92.77
N THR B 331 -45.15 51.14 92.47
CA THR B 331 -43.90 50.48 92.10
C THR B 331 -44.04 49.95 90.69
N ILE B 332 -43.07 50.28 89.83
CA ILE B 332 -43.06 49.86 88.44
C ILE B 332 -41.85 48.97 88.21
N ALA B 333 -42.08 47.79 87.66
CA ALA B 333 -41.03 46.82 87.38
C ALA B 333 -41.22 46.25 85.98
N ASN B 334 -40.13 45.75 85.42
CA ASN B 334 -40.19 45.16 84.09
C ASN B 334 -40.94 43.83 84.11
N ASN B 335 -41.61 43.55 83.00
CA ASN B 335 -42.25 42.26 82.76
C ASN B 335 -41.70 41.73 81.43
N LEU B 336 -40.65 40.91 81.51
CA LEU B 336 -39.96 40.47 80.30
C LEU B 336 -40.68 39.37 79.55
N THR B 337 -41.72 38.78 80.13
CA THR B 337 -42.44 37.68 79.49
C THR B 337 -43.79 38.10 78.93
N SER B 338 -44.26 39.32 79.20
CA SER B 338 -45.53 39.77 78.66
C SER B 338 -45.38 40.19 77.20
N THR B 339 -46.49 40.15 76.48
CA THR B 339 -46.53 40.44 75.06
C THR B 339 -47.47 41.61 74.78
N VAL B 340 -47.35 42.15 73.56
CA VAL B 340 -48.30 43.10 73.01
C VAL B 340 -48.75 42.57 71.66
N GLN B 341 -50.04 42.64 71.39
CA GLN B 341 -50.62 42.15 70.15
C GLN B 341 -50.74 43.28 69.15
N VAL B 342 -50.16 43.10 67.97
CA VAL B 342 -50.17 44.09 66.91
C VAL B 342 -50.65 43.44 65.62
N PHE B 343 -51.60 44.09 64.95
CA PHE B 343 -52.00 43.65 63.62
C PHE B 343 -52.47 44.85 62.82
N THR B 344 -52.33 44.76 61.50
CA THR B 344 -52.78 45.79 60.57
C THR B 344 -54.03 45.31 59.85
N ASP B 345 -55.03 46.18 59.78
CA ASP B 345 -56.29 45.86 59.11
C ASP B 345 -56.12 46.09 57.60
N SER B 346 -55.35 45.22 56.95
CA SER B 346 -55.02 45.42 55.52
C SER B 346 -56.19 45.03 54.61
N GLU B 347 -57.16 44.28 55.13
CA GLU B 347 -58.34 43.97 54.33
C GLU B 347 -59.49 44.93 54.58
N TYR B 348 -59.30 45.93 55.45
CA TYR B 348 -60.31 46.96 55.72
C TYR B 348 -61.64 46.35 56.16
N GLN B 349 -61.56 45.37 57.06
CA GLN B 349 -62.74 44.73 57.60
C GLN B 349 -63.25 45.40 58.88
N LEU B 350 -62.53 46.37 59.40
CA LEU B 350 -62.93 47.11 60.59
C LEU B 350 -63.35 48.53 60.21
N PRO B 351 -64.22 49.15 61.00
CA PRO B 351 -64.59 50.54 60.73
C PRO B 351 -63.38 51.45 60.76
N TYR B 352 -63.20 52.22 59.69
CA TYR B 352 -62.03 53.06 59.51
C TYR B 352 -62.25 54.37 60.26
N VAL B 353 -61.63 54.50 61.43
CA VAL B 353 -61.78 55.71 62.25
C VAL B 353 -60.68 56.72 61.99
N LEU B 354 -59.63 56.36 61.25
CA LEU B 354 -58.67 57.35 60.79
C LEU B 354 -59.32 58.25 59.74
N GLY B 355 -58.82 59.46 59.64
CA GLY B 355 -59.39 60.43 58.72
C GLY B 355 -60.58 61.20 59.26
N SER B 356 -60.85 61.12 60.56
CA SER B 356 -61.89 61.92 61.20
C SER B 356 -61.32 63.06 62.02
N ALA B 357 -60.05 63.40 61.79
CA ALA B 357 -59.37 64.51 62.48
C ALA B 357 -59.37 64.31 63.99
N HIS B 358 -58.96 63.12 64.43
CA HIS B 358 -58.94 62.77 65.84
C HIS B 358 -57.57 63.03 66.45
N GLN B 359 -57.58 63.35 67.74
CA GLN B 359 -56.35 63.55 68.49
C GLN B 359 -55.68 62.21 68.77
N GLY B 360 -54.42 62.26 69.16
CA GLY B 360 -53.65 61.07 69.43
C GLY B 360 -52.63 60.70 68.39
N CYS B 361 -52.30 61.60 67.46
CA CYS B 361 -51.34 61.32 66.42
C CYS B 361 -49.93 61.35 66.97
N LEU B 362 -48.96 61.10 66.10
CA LEU B 362 -47.56 61.28 66.45
C LEU B 362 -47.29 62.75 66.67
N PRO B 363 -46.69 63.14 67.80
CA PRO B 363 -46.52 64.56 68.08
C PRO B 363 -45.60 65.20 67.06
N PRO B 364 -45.84 66.47 66.72
CA PRO B 364 -44.97 67.12 65.72
C PRO B 364 -43.52 67.21 66.14
N PHE B 365 -43.24 67.39 67.41
CA PHE B 365 -41.86 67.46 67.90
C PHE B 365 -41.33 66.06 68.17
N PRO B 366 -40.20 65.68 67.58
CA PRO B 366 -39.72 64.30 67.73
C PRO B 366 -39.37 63.92 69.15
N ALA B 367 -39.16 64.88 70.05
CA ALA B 367 -38.78 64.59 71.43
C ALA B 367 -39.97 64.35 72.34
N ASP B 368 -41.19 64.52 71.87
CA ASP B 368 -42.38 64.35 72.69
C ASP B 368 -42.82 62.89 72.75
N VAL B 369 -43.29 62.48 73.91
CA VAL B 369 -43.82 61.13 74.14
C VAL B 369 -45.33 61.22 74.18
N PHE B 370 -46.00 60.32 73.45
CA PHE B 370 -47.44 60.39 73.28
C PHE B 370 -48.11 59.09 73.71
N MET B 371 -49.35 59.22 74.16
CA MET B 371 -50.19 58.08 74.52
C MET B 371 -50.92 57.57 73.28
N VAL B 372 -51.04 56.26 73.17
CA VAL B 372 -51.74 55.62 72.06
C VAL B 372 -53.24 55.77 72.26
N PRO B 373 -53.97 56.36 71.31
CA PRO B 373 -55.40 56.56 71.51
C PRO B 373 -56.18 55.26 71.49
N GLN B 374 -57.28 55.24 72.23
CA GLN B 374 -58.13 54.06 72.31
C GLN B 374 -58.99 53.93 71.05
N TYR B 375 -59.08 52.72 70.53
CA TYR B 375 -59.86 52.46 69.33
C TYR B 375 -61.32 52.24 69.68
N GLY B 376 -62.21 52.84 68.90
CA GLY B 376 -63.63 52.66 69.07
C GLY B 376 -64.34 53.03 67.79
N TYR B 377 -65.52 52.44 67.60
CA TYR B 377 -66.26 52.64 66.36
C TYR B 377 -67.74 52.79 66.67
N LEU B 378 -68.46 53.39 65.73
CA LEU B 378 -69.90 53.54 65.81
C LEU B 378 -70.57 52.72 64.72
N THR B 379 -71.76 52.22 65.04
CA THR B 379 -72.55 51.46 64.07
C THR B 379 -73.94 52.08 63.98
N LEU B 380 -74.85 51.41 63.27
CA LEU B 380 -76.22 51.94 63.06
C LEU B 380 -76.93 52.10 64.41
N ASN B 381 -77.70 53.16 64.55
CA ASN B 381 -78.46 53.39 65.80
C ASN B 381 -79.85 53.94 65.49
N ASN B 382 -80.86 53.50 66.23
CA ASN B 382 -82.20 54.12 66.13
C ASN B 382 -82.34 54.86 67.45
N GLY B 383 -81.82 56.08 67.52
CA GLY B 383 -81.79 56.78 68.81
C GLY B 383 -80.59 56.29 69.60
N SER B 384 -80.74 56.06 70.90
CA SER B 384 -79.66 55.50 71.69
C SER B 384 -79.57 53.98 71.58
N GLN B 385 -80.53 53.34 70.94
CA GLN B 385 -80.56 51.90 70.77
C GLN B 385 -79.92 51.48 69.46
N ALA B 386 -79.81 50.18 69.26
CA ALA B 386 -79.27 49.60 68.05
C ALA B 386 -80.38 48.97 67.22
N VAL B 387 -80.04 48.62 65.98
CA VAL B 387 -80.94 47.92 65.08
C VAL B 387 -80.32 46.57 64.72
N GLY B 388 -81.09 45.76 64.01
CA GLY B 388 -80.60 44.44 63.63
C GLY B 388 -79.44 44.47 62.67
N ARG B 389 -79.30 45.56 61.92
CA ARG B 389 -78.20 45.71 60.97
C ARG B 389 -76.91 46.18 61.62
N SER B 390 -76.95 46.58 62.90
CA SER B 390 -75.74 47.04 63.57
C SER B 390 -74.73 45.90 63.65
N SER B 391 -73.46 46.24 63.43
CA SER B 391 -72.39 45.27 63.38
C SER B 391 -71.51 45.37 64.62
N PHE B 392 -71.10 44.22 65.14
CA PHE B 392 -70.16 44.14 66.25
C PHE B 392 -68.89 43.47 65.77
N TYR B 393 -67.74 44.03 66.16
CA TYR B 393 -66.45 43.53 65.72
C TYR B 393 -65.59 43.22 66.94
N CYS B 394 -65.09 41.99 67.00
CA CYS B 394 -64.10 41.58 67.99
C CYS B 394 -62.74 41.59 67.32
N LEU B 395 -61.83 42.43 67.83
CA LEU B 395 -60.51 42.56 67.24
C LEU B 395 -59.59 41.40 67.57
N GLU B 396 -59.94 40.56 68.53
CA GLU B 396 -59.20 39.33 68.78
C GLU B 396 -59.57 38.22 67.80
N TYR B 397 -60.54 38.48 66.91
CA TYR B 397 -60.95 37.50 65.87
C TYR B 397 -60.09 37.70 64.64
N PHE B 398 -59.13 38.61 64.70
CA PHE B 398 -58.13 38.85 63.67
C PHE B 398 -56.80 38.20 64.05
N PRO B 399 -56.05 37.70 63.08
CA PRO B 399 -54.70 37.21 63.38
C PRO B 399 -53.79 38.39 63.72
N SER B 400 -53.16 38.30 64.89
CA SER B 400 -52.28 39.36 65.36
C SER B 400 -50.92 38.77 65.73
N GLN B 401 -49.90 39.61 65.70
CA GLN B 401 -48.54 39.21 66.02
C GLN B 401 -48.24 39.58 67.47
N MET B 402 -47.74 38.60 68.23
CA MET B 402 -47.45 38.78 69.64
C MET B 402 -45.97 39.11 69.80
N LEU B 403 -45.67 40.20 70.50
CA LEU B 403 -44.32 40.72 70.61
C LEU B 403 -43.91 40.81 72.07
N ARG B 404 -42.86 40.08 72.44
CA ARG B 404 -42.23 40.24 73.74
C ARG B 404 -41.18 41.34 73.66
N THR B 405 -40.48 41.58 74.77
CA THR B 405 -39.34 42.52 74.73
C THR B 405 -38.25 41.85 73.89
N GLY B 406 -37.86 42.47 72.80
CA GLY B 406 -36.91 41.91 71.86
C GLY B 406 -37.51 41.56 70.52
N ASN B 407 -38.83 41.57 70.39
CA ASN B 407 -39.49 41.36 69.11
C ASN B 407 -39.87 42.71 68.50
N ASN B 408 -39.91 42.75 67.17
CA ASN B 408 -40.30 43.95 66.46
C ASN B 408 -41.36 43.62 65.43
N PHE B 409 -42.11 44.64 65.02
CA PHE B 409 -43.15 44.54 64.03
C PHE B 409 -42.85 45.49 62.88
N THR B 410 -43.18 45.08 61.67
CA THR B 410 -42.97 45.94 60.51
C THR B 410 -43.95 45.55 59.41
N PHE B 411 -44.27 46.53 58.57
CA PHE B 411 -45.05 46.27 57.37
C PHE B 411 -44.86 47.44 56.41
N SER B 412 -45.03 47.15 55.12
CA SER B 412 -44.87 48.12 54.05
C SER B 412 -46.18 48.28 53.31
N TYR B 413 -46.46 49.51 52.87
CA TYR B 413 -47.69 49.84 52.18
C TYR B 413 -47.36 50.72 50.99
N THR B 414 -48.07 50.52 49.89
CA THR B 414 -47.92 51.34 48.69
C THR B 414 -49.20 52.12 48.45
N PHE B 415 -49.07 53.43 48.34
CA PHE B 415 -50.22 54.28 48.04
C PHE B 415 -50.70 54.03 46.62
N GLU B 416 -52.01 54.10 46.42
CA GLU B 416 -52.56 54.06 45.08
C GLU B 416 -52.26 55.37 44.36
N ASP B 417 -52.44 55.35 43.03
CA ASP B 417 -52.21 56.54 42.24
C ASP B 417 -53.25 57.60 42.58
N VAL B 418 -52.79 58.78 42.98
CA VAL B 418 -53.68 59.89 43.35
C VAL B 418 -53.16 61.15 42.68
N PRO B 419 -54.04 62.12 42.44
CA PRO B 419 -53.59 63.38 41.85
C PRO B 419 -52.64 64.12 42.78
N PHE B 420 -51.71 64.86 42.18
CA PHE B 420 -50.86 65.74 42.95
C PHE B 420 -51.70 66.82 43.62
N HIS B 421 -51.38 67.11 44.88
CA HIS B 421 -52.02 68.24 45.55
C HIS B 421 -51.62 69.53 44.87
N SER B 422 -52.62 70.40 44.64
CA SER B 422 -52.37 71.70 43.99
C SER B 422 -51.71 72.67 44.98
N SER B 423 -50.39 72.55 45.15
CA SER B 423 -49.66 73.44 46.06
C SER B 423 -49.26 74.73 45.33
N TYR B 424 -50.26 75.38 44.74
CA TYR B 424 -50.04 76.63 44.02
C TYR B 424 -51.32 77.44 44.08
N ALA B 425 -51.17 78.75 43.85
CA ALA B 425 -52.31 79.65 43.71
C ALA B 425 -52.33 80.17 42.27
N HIS B 426 -53.52 80.20 41.68
CA HIS B 426 -53.64 80.68 40.31
C HIS B 426 -53.35 82.17 40.24
N SER B 427 -52.52 82.57 39.28
CA SER B 427 -52.23 83.97 39.04
C SER B 427 -53.21 84.61 38.07
N GLN B 428 -54.19 83.85 37.58
CA GLN B 428 -55.26 84.37 36.75
C GLN B 428 -56.60 84.04 37.39
N SER B 429 -57.58 84.90 37.15
CA SER B 429 -58.94 84.65 37.59
C SER B 429 -59.74 84.03 36.45
N LEU B 430 -60.72 83.21 36.81
CA LEU B 430 -61.52 82.51 35.81
C LEU B 430 -62.33 83.47 34.94
N ASP B 431 -62.60 84.68 35.44
CA ASP B 431 -63.41 85.67 34.68
C ASP B 431 -62.49 86.67 33.96
N ARG B 432 -61.17 86.46 34.01
CA ARG B 432 -60.20 87.36 33.39
C ARG B 432 -59.20 86.55 32.56
N LEU B 433 -59.69 85.62 31.75
CA LEU B 433 -58.86 84.75 30.94
C LEU B 433 -58.72 85.21 29.50
N MET B 434 -59.23 86.39 29.17
CA MET B 434 -59.29 86.86 27.79
C MET B 434 -58.10 87.76 27.47
N ASN B 435 -58.03 88.20 26.22
CA ASN B 435 -57.06 89.19 25.78
C ASN B 435 -57.70 90.55 25.88
N PRO B 436 -57.22 91.45 26.76
CA PRO B 436 -57.90 92.74 26.94
C PRO B 436 -57.75 93.68 25.77
N LEU B 437 -56.86 93.38 24.81
CA LEU B 437 -56.60 94.27 23.70
C LEU B 437 -57.52 94.04 22.50
N ILE B 438 -58.08 92.84 22.36
CA ILE B 438 -58.85 92.46 21.18
C ILE B 438 -60.30 92.25 21.60
N ASP B 439 -61.22 92.80 20.82
CA ASP B 439 -62.64 92.57 21.05
C ASP B 439 -63.02 91.15 20.63
N GLN B 440 -64.12 90.67 21.20
CA GLN B 440 -64.69 89.40 20.78
C GLN B 440 -65.53 89.58 19.52
N TYR B 441 -65.57 88.53 18.71
CA TYR B 441 -66.45 88.54 17.55
C TYR B 441 -67.89 88.17 17.89
N LEU B 442 -68.12 87.63 19.09
CA LEU B 442 -69.48 87.29 19.51
C LEU B 442 -70.19 88.52 20.06
N TYR B 443 -71.51 88.53 19.92
CA TYR B 443 -72.34 89.62 20.37
C TYR B 443 -73.14 89.21 21.60
N TYR B 444 -73.45 90.19 22.44
CA TYR B 444 -74.30 90.00 23.60
C TYR B 444 -75.36 91.10 23.62
N LEU B 445 -76.51 90.78 24.19
CA LEU B 445 -77.58 91.76 24.33
C LEU B 445 -77.15 92.83 25.32
N SER B 446 -76.87 94.03 24.81
CA SER B 446 -76.37 95.12 25.64
C SER B 446 -77.45 96.12 26.03
N ARG B 447 -78.44 96.30 25.17
CA ARG B 447 -79.56 97.22 25.50
C ARG B 447 -80.90 96.55 25.22
N THR B 448 -81.90 96.93 25.98
CA THR B 448 -83.25 96.40 25.81
C THR B 448 -84.27 97.45 25.44
N ASN B 449 -83.90 98.72 25.41
CA ASN B 449 -84.82 99.78 24.99
C ASN B 449 -84.01 100.95 24.47
N THR B 450 -84.70 101.87 23.78
CA THR B 450 -84.09 103.08 23.26
C THR B 450 -85.00 104.26 23.55
N PRO B 451 -84.45 105.50 23.67
CA PRO B 451 -85.30 106.67 23.86
C PRO B 451 -86.25 106.82 22.66
N SER B 452 -87.55 106.87 22.92
CA SER B 452 -88.53 107.09 21.83
C SER B 452 -89.41 108.28 22.22
N GLY B 453 -89.41 109.33 21.41
CA GLY B 453 -90.16 110.55 21.78
C GLY B 453 -89.68 111.08 23.12
N THR B 454 -90.59 111.26 24.08
CA THR B 454 -90.20 111.72 25.44
C THR B 454 -90.38 110.54 26.39
N THR B 455 -90.74 109.36 25.86
CA THR B 455 -90.86 108.14 26.69
C THR B 455 -89.77 107.15 26.28
N THR B 456 -90.00 105.85 26.48
CA THR B 456 -89.02 104.82 26.04
C THR B 456 -89.75 103.79 25.16
N GLN B 457 -89.01 103.13 24.28
CA GLN B 457 -89.58 102.10 23.42
C GLN B 457 -88.69 100.87 23.45
N SER B 458 -89.31 99.70 23.50
CA SER B 458 -88.56 98.45 23.56
C SER B 458 -87.80 98.22 22.25
N ARG B 459 -86.51 97.95 22.36
CA ARG B 459 -85.66 97.74 21.19
C ARG B 459 -84.42 96.99 21.62
N LEU B 460 -84.18 95.82 21.03
CA LEU B 460 -83.02 95.02 21.38
C LEU B 460 -81.80 95.47 20.59
N GLN B 461 -80.67 95.62 21.28
CA GLN B 461 -79.40 95.96 20.64
C GLN B 461 -78.32 95.04 21.18
N PHE B 462 -77.29 94.83 20.36
CA PHE B 462 -76.22 93.90 20.67
C PHE B 462 -74.87 94.57 20.45
N SER B 463 -73.89 94.19 21.27
CA SER B 463 -72.56 94.75 21.20
C SER B 463 -71.53 93.64 21.29
N GLN B 464 -70.34 93.92 20.78
CA GLN B 464 -69.20 93.03 20.95
C GLN B 464 -68.44 93.44 22.20
N ALA B 465 -68.12 92.45 23.04
CA ALA B 465 -67.51 92.73 24.33
C ALA B 465 -66.01 92.92 24.19
N GLY B 466 -65.48 93.93 24.88
CA GLY B 466 -64.06 94.22 24.93
C GLY B 466 -63.61 94.41 26.37
N ALA B 467 -62.66 95.33 26.55
CA ALA B 467 -62.13 95.58 27.89
C ALA B 467 -63.06 96.46 28.72
N SER B 468 -63.74 97.42 28.10
CA SER B 468 -64.58 98.33 28.85
C SER B 468 -65.81 97.65 29.43
N ASP B 469 -66.35 96.65 28.74
CA ASP B 469 -67.48 95.88 29.21
C ASP B 469 -67.05 94.44 29.41
N ILE B 470 -65.89 94.26 30.06
CA ILE B 470 -65.26 92.95 30.20
C ILE B 470 -66.14 91.95 30.94
N ARG B 471 -67.10 92.43 31.73
CA ARG B 471 -67.98 91.52 32.47
C ARG B 471 -68.96 90.78 31.57
N ASP B 472 -69.20 91.27 30.35
CA ASP B 472 -70.18 90.70 29.44
C ASP B 472 -69.56 89.75 28.42
N GLN B 473 -68.27 89.47 28.53
CA GLN B 473 -67.60 88.63 27.55
C GLN B 473 -68.09 87.19 27.62
N SER B 474 -68.24 86.58 26.45
CA SER B 474 -68.60 85.17 26.39
C SER B 474 -67.44 84.31 26.90
N ARG B 475 -67.78 83.33 27.73
CA ARG B 475 -66.77 82.52 28.41
C ARG B 475 -67.10 81.04 28.25
N ASN B 476 -66.08 80.21 28.43
CA ASN B 476 -66.20 78.77 28.23
C ASN B 476 -66.38 77.99 29.51
N TRP B 477 -66.14 78.61 30.67
CA TRP B 477 -66.09 77.88 31.94
C TRP B 477 -66.89 78.62 33.00
N LEU B 478 -67.16 77.92 34.10
CA LEU B 478 -67.94 78.43 35.21
C LEU B 478 -67.22 78.16 36.53
N PRO B 479 -67.46 78.98 37.54
CA PRO B 479 -66.87 78.70 38.86
C PRO B 479 -67.46 77.46 39.50
N GLY B 480 -66.68 76.84 40.38
CA GLY B 480 -67.05 75.58 40.99
C GLY B 480 -68.30 75.64 41.84
N PRO B 481 -68.73 74.49 42.35
CA PRO B 481 -69.99 74.43 43.09
C PRO B 481 -69.90 75.13 44.43
N CYS B 482 -71.10 75.47 44.94
CA CYS B 482 -71.21 76.28 46.16
C CYS B 482 -72.24 75.71 47.13
N TYR B 483 -72.02 75.91 48.42
CA TYR B 483 -72.99 75.56 49.46
C TYR B 483 -72.86 76.63 50.54
N ARG B 484 -73.71 77.65 50.46
CA ARG B 484 -73.45 78.92 51.13
C ARG B 484 -73.31 78.76 52.64
N GLN B 485 -72.34 79.47 53.20
CA GLN B 485 -72.08 79.51 54.63
C GLN B 485 -72.40 80.90 55.18
N GLN B 486 -72.74 80.94 56.46
CA GLN B 486 -72.94 82.23 57.11
C GLN B 486 -71.60 82.91 57.34
N ARG B 487 -71.60 84.24 57.24
CA ARG B 487 -70.39 85.03 57.39
C ARG B 487 -70.28 85.53 58.83
N VAL B 488 -69.10 85.27 59.40
CA VAL B 488 -68.77 85.72 60.77
C VAL B 488 -67.51 86.57 60.66
N SER B 489 -67.31 87.52 61.58
CA SER B 489 -66.17 88.42 61.57
C SER B 489 -65.27 88.14 62.76
N LYS B 490 -63.95 88.28 62.55
CA LYS B 490 -62.98 88.08 63.64
C LYS B 490 -63.12 89.23 64.63
N THR B 491 -63.56 90.41 64.18
CA THR B 491 -63.85 91.54 65.09
C THR B 491 -65.19 91.23 65.75
N SER B 492 -65.21 91.00 67.06
CA SER B 492 -66.44 90.55 67.75
C SER B 492 -67.61 91.52 67.58
N ALA B 493 -67.39 92.83 67.76
CA ALA B 493 -68.50 93.78 67.72
C ALA B 493 -69.25 93.71 66.39
N ASP B 494 -68.59 93.26 65.32
CA ASP B 494 -69.22 93.21 64.01
C ASP B 494 -70.26 92.11 63.88
N ASN B 495 -70.31 91.18 64.82
CA ASN B 495 -71.21 90.04 64.73
C ASN B 495 -72.55 90.35 65.41
N ASN B 496 -73.57 89.62 65.01
CA ASN B 496 -74.90 89.79 65.60
C ASN B 496 -74.90 89.34 67.06
N ASN B 497 -75.59 90.09 67.90
CA ASN B 497 -75.66 89.79 69.34
C ASN B 497 -76.77 88.76 69.59
N SER B 498 -76.48 87.53 69.19
CA SER B 498 -77.41 86.42 69.36
C SER B 498 -76.64 85.12 69.27
N GLU B 499 -77.31 84.04 69.65
CA GLU B 499 -76.71 82.68 69.55
C GLU B 499 -77.17 82.08 68.23
N TYR B 500 -76.28 82.08 67.24
CA TYR B 500 -76.61 81.59 65.89
C TYR B 500 -75.61 80.53 65.40
N SER B 501 -74.90 79.87 66.32
CA SER B 501 -73.95 78.85 65.91
C SER B 501 -74.62 77.63 65.31
N TRP B 502 -75.90 77.43 65.57
CA TRP B 502 -76.64 76.31 64.99
C TRP B 502 -77.84 76.74 64.16
N THR B 503 -78.56 77.78 64.58
CA THR B 503 -79.70 78.25 63.79
C THR B 503 -79.26 78.78 62.44
N GLY B 504 -78.17 79.54 62.41
CA GLY B 504 -77.59 80.05 61.19
C GLY B 504 -76.55 79.15 60.55
N ALA B 505 -76.37 77.95 61.09
CA ALA B 505 -75.34 77.04 60.58
C ALA B 505 -75.78 76.37 59.29
N THR B 506 -74.80 75.99 58.49
CA THR B 506 -75.04 75.23 57.26
C THR B 506 -75.04 73.75 57.57
N LYS B 507 -76.12 73.06 57.24
CA LYS B 507 -76.36 71.69 57.68
C LYS B 507 -76.80 70.83 56.50
N TYR B 508 -76.57 69.52 56.65
CA TYR B 508 -77.16 68.54 55.76
C TYR B 508 -78.01 67.57 56.59
N HIS B 509 -79.11 67.13 56.00
CA HIS B 509 -80.11 66.31 56.67
C HIS B 509 -79.95 64.87 56.21
N LEU B 510 -79.78 63.96 57.16
CA LEU B 510 -79.57 62.54 56.85
C LEU B 510 -80.29 61.70 57.89
N ASN B 511 -81.29 60.94 57.45
CA ASN B 511 -82.06 60.03 58.31
C ASN B 511 -82.68 60.77 59.50
N GLY B 512 -83.17 61.98 59.24
CA GLY B 512 -83.83 62.75 60.27
C GLY B 512 -82.91 63.47 61.23
N ARG B 513 -81.59 63.38 61.02
CA ARG B 513 -80.65 64.12 61.90
C ARG B 513 -79.85 65.16 61.11
N ASP B 514 -79.73 66.36 61.66
CA ASP B 514 -78.95 67.44 61.08
C ASP B 514 -77.50 67.33 61.53
N SER B 515 -76.58 67.34 60.56
CA SER B 515 -75.16 67.34 60.83
C SER B 515 -74.57 68.65 60.31
N LEU B 516 -73.62 69.20 61.07
CA LEU B 516 -72.96 70.43 60.64
C LEU B 516 -72.11 70.16 59.40
N VAL B 517 -72.19 71.05 58.43
CA VAL B 517 -71.35 70.99 57.24
C VAL B 517 -70.05 71.72 57.58
N ASN B 518 -69.00 70.94 57.84
CA ASN B 518 -67.74 71.50 58.32
C ASN B 518 -66.58 70.63 57.84
N PRO B 519 -65.69 71.15 56.99
CA PRO B 519 -65.69 72.50 56.40
C PRO B 519 -66.52 72.58 55.12
N GLY B 520 -67.01 71.46 54.61
CA GLY B 520 -67.84 71.45 53.44
C GLY B 520 -67.07 71.58 52.14
N PRO B 521 -67.78 71.90 51.06
CA PRO B 521 -67.12 72.07 49.76
C PRO B 521 -66.11 73.20 49.79
N ALA B 522 -65.03 73.02 49.02
CA ALA B 522 -63.94 73.99 49.00
C ALA B 522 -64.41 75.31 48.39
N MET B 523 -64.39 76.36 49.19
CA MET B 523 -64.83 77.68 48.76
C MET B 523 -63.91 78.73 49.37
N ALA B 524 -63.82 79.88 48.70
CA ALA B 524 -62.98 80.96 49.18
C ALA B 524 -63.53 81.51 50.50
N SER B 525 -62.62 81.77 51.44
CA SER B 525 -63.03 82.28 52.74
C SER B 525 -63.64 83.67 52.63
N HIS B 526 -63.07 84.52 51.76
CA HIS B 526 -63.53 85.90 51.64
C HIS B 526 -63.08 86.44 50.29
N LYS B 527 -63.68 87.57 49.91
CA LYS B 527 -63.32 88.26 48.68
C LYS B 527 -62.20 89.25 48.97
N ASP B 528 -61.91 90.13 48.00
CA ASP B 528 -60.83 91.09 48.16
C ASP B 528 -61.09 92.02 49.34
N ASP B 529 -60.04 92.27 50.13
CA ASP B 529 -60.06 93.25 51.21
C ASP B 529 -61.14 92.95 52.24
N GLU B 530 -61.34 91.68 52.53
CA GLU B 530 -62.29 91.24 53.55
C GLU B 530 -61.70 90.11 54.37
N GLU B 531 -60.42 90.23 54.73
CA GLU B 531 -59.72 89.16 55.43
C GLU B 531 -60.27 88.91 56.82
N LYS B 532 -61.01 89.86 57.40
CA LYS B 532 -61.60 89.65 58.71
C LYS B 532 -62.80 88.72 58.70
N PHE B 533 -63.35 88.42 57.52
CA PHE B 533 -64.54 87.58 57.39
C PHE B 533 -64.14 86.16 57.03
N PHE B 534 -64.77 85.20 57.70
CA PHE B 534 -64.58 83.79 57.40
C PHE B 534 -65.92 83.08 57.49
N PRO B 535 -66.10 81.99 56.75
CA PRO B 535 -67.33 81.21 56.87
C PRO B 535 -67.48 80.60 58.24
N GLN B 536 -68.74 80.47 58.68
CA GLN B 536 -69.02 80.03 60.05
C GLN B 536 -68.46 78.64 60.31
N SER B 537 -68.64 77.72 59.37
CA SER B 537 -68.09 76.37 59.48
C SER B 537 -67.48 75.94 58.16
N GLY B 538 -66.85 76.87 57.46
CA GLY B 538 -66.27 76.60 56.16
C GLY B 538 -64.77 76.56 56.09
N VAL B 539 -64.07 76.70 57.21
CA VAL B 539 -62.61 76.65 57.23
C VAL B 539 -62.17 75.76 58.37
N LEU B 540 -60.97 75.20 58.23
CA LEU B 540 -60.36 74.46 59.33
C LEU B 540 -59.89 75.43 60.40
N ILE B 541 -60.14 75.08 61.67
CA ILE B 541 -59.73 75.89 62.80
C ILE B 541 -58.84 75.02 63.68
N PHE B 542 -57.58 75.42 63.80
CA PHE B 542 -56.61 74.71 64.62
C PHE B 542 -56.44 75.42 65.96
N GLY B 543 -56.22 74.64 67.01
CA GLY B 543 -56.00 75.20 68.33
C GLY B 543 -54.53 75.55 68.55
N LYS B 544 -54.31 76.68 69.22
CA LYS B 544 -52.98 77.03 69.64
C LYS B 544 -52.54 76.13 70.78
N GLN B 545 -51.24 76.18 71.10
CA GLN B 545 -50.71 75.34 72.17
C GLN B 545 -51.35 75.71 73.50
N GLY B 546 -51.80 74.70 74.24
CA GLY B 546 -52.44 74.91 75.52
C GLY B 546 -53.91 75.26 75.47
N SER B 547 -54.51 75.20 74.27
CA SER B 547 -55.94 75.59 74.11
C SER B 547 -56.84 74.51 74.72
N GLU B 548 -57.91 74.93 75.40
CA GLU B 548 -58.84 74.00 76.02
C GLU B 548 -59.75 73.38 74.97
N LYS B 549 -60.77 72.67 75.43
CA LYS B 549 -61.65 71.94 74.53
C LYS B 549 -62.94 72.68 74.24
N THR B 550 -63.53 73.34 75.24
CA THR B 550 -64.87 73.91 75.12
C THR B 550 -64.82 75.42 75.23
N ASN B 551 -65.40 76.09 74.23
CA ASN B 551 -65.68 77.53 74.28
C ASN B 551 -64.43 78.37 74.55
N VAL B 552 -63.39 78.10 73.77
CA VAL B 552 -62.18 78.91 73.82
C VAL B 552 -62.40 80.16 72.97
N ASP B 553 -61.68 81.23 73.32
CA ASP B 553 -61.85 82.49 72.61
C ASP B 553 -61.20 82.42 71.24
N ILE B 554 -61.46 83.45 70.42
CA ILE B 554 -60.91 83.48 69.08
C ILE B 554 -59.39 83.62 69.11
N GLU B 555 -58.84 84.32 70.10
CA GLU B 555 -57.40 84.45 70.21
C GLU B 555 -56.71 83.15 70.59
N LYS B 556 -57.47 82.15 71.02
CA LYS B 556 -56.90 80.84 71.35
C LYS B 556 -56.84 79.89 70.16
N VAL B 557 -57.42 80.28 69.03
CA VAL B 557 -57.47 79.41 67.85
C VAL B 557 -56.87 80.15 66.66
N MET B 558 -56.43 79.37 65.68
CA MET B 558 -55.88 79.89 64.43
C MET B 558 -56.80 79.46 63.29
N ILE B 559 -57.43 80.43 62.64
CA ILE B 559 -58.40 80.17 61.58
C ILE B 559 -57.68 80.21 60.25
N THR B 560 -57.85 79.16 59.46
CA THR B 560 -57.18 79.07 58.17
C THR B 560 -57.89 79.94 57.13
N ASP B 561 -57.17 80.20 56.04
CA ASP B 561 -57.73 81.05 54.97
C ASP B 561 -57.60 80.32 53.64
N GLU B 562 -58.66 80.28 52.86
CA GLU B 562 -58.72 79.66 51.55
C GLU B 562 -58.92 80.72 50.46
N GLU B 563 -58.20 81.83 50.58
CA GLU B 563 -58.34 82.92 49.62
C GLU B 563 -57.61 82.65 48.31
N GLU B 564 -56.66 81.71 48.29
CA GLU B 564 -55.91 81.46 47.07
C GLU B 564 -56.76 80.80 45.98
N ILE B 565 -57.93 80.27 46.34
CA ILE B 565 -58.79 79.58 45.39
C ILE B 565 -59.98 80.44 44.95
N ARG B 566 -60.00 81.72 45.32
CA ARG B 566 -61.08 82.59 44.90
C ARG B 566 -61.00 82.93 43.42
N THR B 567 -59.92 82.54 42.74
CA THR B 567 -59.84 82.73 41.30
C THR B 567 -60.82 81.84 40.56
N THR B 568 -61.07 80.64 41.05
CA THR B 568 -61.98 79.69 40.41
C THR B 568 -63.15 79.27 41.27
N ASN B 569 -63.08 79.47 42.58
CA ASN B 569 -64.13 78.99 43.47
C ASN B 569 -64.92 80.16 44.03
N PRO B 570 -66.24 80.02 44.16
CA PRO B 570 -67.06 81.10 44.71
C PRO B 570 -66.73 81.35 46.17
N VAL B 571 -66.94 82.59 46.59
CA VAL B 571 -66.79 82.94 48.00
C VAL B 571 -67.83 82.19 48.82
N ALA B 572 -67.40 81.65 49.96
CA ALA B 572 -68.25 80.76 50.74
C ALA B 572 -69.48 81.46 51.26
N THR B 573 -69.36 82.74 51.63
CA THR B 573 -70.44 83.46 52.29
C THR B 573 -71.34 84.21 51.31
N GLU B 574 -71.09 84.09 50.01
CA GLU B 574 -71.87 84.80 49.00
C GLU B 574 -72.57 83.80 48.09
N GLN B 575 -73.50 84.31 47.31
CA GLN B 575 -74.24 83.48 46.37
C GLN B 575 -73.35 83.08 45.20
N TYR B 576 -73.70 81.94 44.59
CA TYR B 576 -73.01 81.53 43.36
C TYR B 576 -73.27 82.52 42.23
N GLY B 577 -74.51 82.98 42.11
CA GLY B 577 -74.88 83.87 41.01
C GLY B 577 -76.36 84.15 41.02
N SER B 578 -76.89 84.48 39.85
CA SER B 578 -78.29 84.79 39.69
C SER B 578 -78.85 84.05 38.48
N VAL B 579 -80.12 83.64 38.60
CA VAL B 579 -80.84 82.99 37.51
C VAL B 579 -82.19 83.69 37.35
N SER B 580 -82.75 83.56 36.15
CA SER B 580 -84.08 84.10 35.89
C SER B 580 -85.15 83.22 36.55
N THR B 581 -86.22 83.86 37.00
CA THR B 581 -87.30 83.16 37.67
C THR B 581 -88.66 83.31 36.98
N ASN B 582 -88.76 84.13 35.95
CA ASN B 582 -90.03 84.34 35.27
C ASN B 582 -89.75 84.58 33.78
N LEU B 583 -90.79 84.99 33.06
CA LEU B 583 -90.68 85.32 31.64
C LEU B 583 -91.13 86.76 31.44
N GLN B 584 -90.18 87.63 31.13
CA GLN B 584 -90.50 89.03 30.86
C GLN B 584 -91.32 89.14 29.59
N ARG B 585 -92.22 90.14 29.60
CA ARG B 585 -93.15 90.32 28.47
C ARG B 585 -93.66 91.76 28.48
N GLY B 586 -93.82 92.37 27.31
CA GLY B 586 -94.41 93.68 27.20
C GLY B 586 -95.92 93.63 27.04
N ASN B 587 -96.49 94.83 26.86
CA ASN B 587 -97.97 94.94 26.78
C ASN B 587 -98.47 94.46 25.43
N THR B 594 -100.76 91.91 30.81
CA THR B 594 -100.07 93.15 31.24
C THR B 594 -98.56 92.95 31.06
N SER B 595 -97.74 93.96 31.39
CA SER B 595 -96.31 93.68 31.25
C SER B 595 -95.75 93.05 32.52
N ARG B 596 -94.72 92.23 32.33
CA ARG B 596 -94.00 91.60 33.44
C ARG B 596 -92.52 91.88 33.28
N GLN B 597 -91.91 92.44 34.32
CA GLN B 597 -90.49 92.74 34.28
C GLN B 597 -89.67 91.52 34.67
N ALA B 598 -88.47 91.44 34.10
CA ALA B 598 -87.60 90.29 34.36
C ALA B 598 -87.19 90.25 35.83
N ALA B 599 -87.23 89.06 36.41
CA ALA B 599 -86.91 88.86 37.81
C ALA B 599 -85.78 87.84 37.94
N THR B 600 -84.95 88.03 38.97
CA THR B 600 -83.81 87.15 39.22
C THR B 600 -83.81 86.75 40.69
N ALA B 601 -83.16 85.62 40.97
CA ALA B 601 -83.01 85.11 42.32
C ALA B 601 -81.57 84.70 42.56
N ASP B 602 -81.14 84.83 43.82
CA ASP B 602 -79.81 84.38 44.20
C ASP B 602 -79.76 82.86 44.24
N VAL B 603 -78.62 82.30 43.85
CA VAL B 603 -78.40 80.87 43.86
C VAL B 603 -77.48 80.59 45.04
N ASN B 604 -78.09 80.30 46.20
CA ASN B 604 -77.31 80.04 47.41
C ASN B 604 -76.70 78.64 47.43
N THR B 605 -77.23 77.72 46.64
CA THR B 605 -76.66 76.39 46.51
C THR B 605 -76.62 76.02 45.03
N GLN B 606 -75.45 75.60 44.56
CA GLN B 606 -75.25 75.27 43.15
C GLN B 606 -74.57 73.91 43.05
N GLY B 607 -75.22 72.97 42.37
CA GLY B 607 -74.60 71.70 42.08
C GLY B 607 -73.62 71.81 40.93
N VAL B 608 -72.96 70.69 40.63
CA VAL B 608 -71.96 70.66 39.57
C VAL B 608 -72.65 70.76 38.22
N LEU B 609 -72.17 71.67 37.38
CA LEU B 609 -72.63 71.88 36.03
C LEU B 609 -71.53 71.51 35.04
N PRO B 610 -71.88 71.10 33.82
CA PRO B 610 -70.86 70.88 32.80
C PRO B 610 -70.09 72.16 32.51
N GLY B 611 -68.78 72.02 32.34
CA GLY B 611 -67.90 73.16 32.16
C GLY B 611 -67.42 73.82 33.44
N MET B 612 -67.75 73.24 34.60
CA MET B 612 -67.36 73.84 35.90
C MET B 612 -65.93 73.42 36.27
N VAL B 613 -65.12 74.36 36.76
CA VAL B 613 -63.75 74.14 37.21
C VAL B 613 -63.61 74.69 38.63
N TRP B 614 -62.83 74.00 39.45
CA TRP B 614 -62.68 74.37 40.85
C TRP B 614 -61.34 73.85 41.37
N GLN B 615 -60.94 74.37 42.52
CA GLN B 615 -59.77 73.91 43.24
C GLN B 615 -60.19 73.27 44.54
N ASP B 616 -59.46 72.23 44.94
CA ASP B 616 -59.76 71.54 46.19
C ASP B 616 -59.26 72.34 47.39
N ARG B 617 -59.64 71.90 48.58
CA ARG B 617 -59.20 72.57 49.80
C ARG B 617 -57.70 72.37 50.00
N ASP B 618 -57.05 73.39 50.54
CA ASP B 618 -55.62 73.32 50.78
C ASP B 618 -55.32 72.37 51.94
N VAL B 619 -54.11 71.82 51.92
CA VAL B 619 -53.60 71.01 53.02
C VAL B 619 -52.65 71.87 53.85
N TYR B 620 -52.53 71.52 55.13
CA TYR B 620 -51.75 72.30 56.07
C TYR B 620 -50.79 71.39 56.81
N LEU B 621 -49.78 71.99 57.42
CA LEU B 621 -48.81 71.22 58.19
C LEU B 621 -49.47 70.49 59.35
N GLN B 622 -50.41 71.15 60.02
CA GLN B 622 -51.19 70.53 61.08
C GLN B 622 -52.40 69.76 60.55
N GLY B 623 -52.66 69.81 59.26
CA GLY B 623 -53.85 69.21 58.70
C GLY B 623 -53.71 67.73 58.41
N PRO B 624 -54.82 67.09 58.08
CA PRO B 624 -54.78 65.66 57.73
C PRO B 624 -54.17 65.44 56.35
N ILE B 625 -53.66 64.23 56.17
CA ILE B 625 -53.02 63.85 54.91
C ILE B 625 -53.99 63.14 53.98
N TRP B 626 -54.73 62.16 54.49
CA TRP B 626 -55.56 61.32 53.65
C TRP B 626 -56.88 61.02 54.36
N ALA B 627 -57.77 60.34 53.63
CA ALA B 627 -59.00 59.81 54.19
C ALA B 627 -59.44 58.64 53.32
N LYS B 628 -60.22 57.75 53.92
CA LYS B 628 -60.73 56.60 53.18
C LYS B 628 -62.01 56.97 52.44
N ILE B 629 -62.01 56.75 51.13
CA ILE B 629 -63.23 56.97 50.35
C ILE B 629 -64.28 55.94 50.76
N PRO B 630 -65.49 56.36 51.13
CA PRO B 630 -66.50 55.38 51.55
C PRO B 630 -66.82 54.39 50.43
N HIS B 631 -67.05 53.14 50.82
CA HIS B 631 -67.38 52.08 49.87
C HIS B 631 -68.84 52.25 49.47
N THR B 632 -69.06 53.01 48.40
CA THR B 632 -70.40 53.33 47.92
C THR B 632 -70.45 53.10 46.43
N ASP B 633 -71.67 52.99 45.90
CA ASP B 633 -71.85 52.73 44.46
C ASP B 633 -71.37 53.94 43.66
N GLY B 634 -71.65 55.14 44.15
CA GLY B 634 -71.27 56.34 43.43
C GLY B 634 -70.68 57.39 44.35
N HIS B 635 -69.78 58.17 43.78
CA HIS B 635 -69.19 59.32 44.45
C HIS B 635 -68.61 60.24 43.38
N PHE B 636 -68.63 61.54 43.65
CA PHE B 636 -68.13 62.53 42.70
C PHE B 636 -66.95 63.25 43.33
N HIS B 637 -65.81 63.24 42.63
CA HIS B 637 -64.59 63.91 43.06
C HIS B 637 -64.26 63.55 44.51
N PRO B 638 -63.80 62.32 44.78
CA PRO B 638 -63.61 61.85 46.15
C PRO B 638 -62.35 62.41 46.83
N SER B 639 -62.16 63.71 46.73
CA SER B 639 -61.18 64.40 47.55
C SER B 639 -61.80 64.72 48.90
N PRO B 640 -61.13 64.39 50.01
CA PRO B 640 -61.71 64.67 51.32
C PRO B 640 -62.00 66.15 51.51
N LEU B 641 -63.15 66.45 52.12
CA LEU B 641 -63.55 67.84 52.28
C LEU B 641 -62.69 68.57 53.30
N MET B 642 -62.14 67.84 54.28
CA MET B 642 -61.23 68.43 55.24
C MET B 642 -59.85 68.70 54.66
N GLY B 643 -59.57 68.20 53.47
CA GLY B 643 -58.29 68.41 52.81
C GLY B 643 -57.45 67.15 52.81
N GLY B 644 -56.78 66.90 51.68
CA GLY B 644 -55.91 65.75 51.57
C GLY B 644 -56.15 64.89 50.35
N PHE B 645 -55.74 63.62 50.44
CA PHE B 645 -55.82 62.68 49.33
C PHE B 645 -56.87 61.63 49.62
N GLY B 646 -57.82 61.47 48.70
CA GLY B 646 -58.82 60.44 48.81
C GLY B 646 -58.29 59.09 48.35
N LEU B 647 -58.34 58.08 49.23
CA LEU B 647 -57.76 56.78 48.95
C LEU B 647 -58.83 55.71 49.11
N LYS B 648 -59.03 54.90 48.06
CA LYS B 648 -59.92 53.77 48.17
C LYS B 648 -59.36 52.71 49.11
N HIS B 649 -58.04 52.55 49.12
CA HIS B 649 -57.33 51.67 50.04
C HIS B 649 -56.29 52.50 50.77
N PRO B 650 -56.69 53.21 51.83
CA PRO B 650 -55.74 54.06 52.55
C PRO B 650 -54.78 53.23 53.37
N PRO B 651 -53.78 53.84 54.00
CA PRO B 651 -52.90 53.10 54.91
C PRO B 651 -53.71 52.39 55.97
N PRO B 652 -53.50 51.10 56.17
CA PRO B 652 -54.35 50.34 57.07
C PRO B 652 -54.20 50.78 58.52
N GLN B 653 -55.28 50.60 59.28
CA GLN B 653 -55.23 50.85 60.71
C GLN B 653 -54.31 49.85 61.39
N ILE B 654 -53.46 50.34 62.29
CA ILE B 654 -52.54 49.51 63.04
C ILE B 654 -53.03 49.45 64.47
N LEU B 655 -53.50 48.27 64.88
CA LEU B 655 -54.09 48.08 66.20
C LEU B 655 -53.10 47.40 67.13
N ILE B 656 -52.97 47.94 68.34
CA ILE B 656 -52.02 47.44 69.32
C ILE B 656 -52.71 47.41 70.68
N LYS B 657 -52.48 46.34 71.44
CA LYS B 657 -53.00 46.25 72.79
C LYS B 657 -52.10 45.35 73.62
N ASN B 658 -52.17 45.52 74.93
CA ASN B 658 -51.43 44.68 75.85
C ASN B 658 -52.18 43.39 76.09
N THR B 659 -51.46 42.27 76.04
CA THR B 659 -52.07 40.99 76.31
C THR B 659 -52.45 40.90 77.79
N PRO B 660 -53.69 40.59 78.12
CA PRO B 660 -54.08 40.50 79.53
C PRO B 660 -53.36 39.38 80.24
N VAL B 661 -52.77 39.70 81.38
CA VAL B 661 -52.06 38.73 82.22
C VAL B 661 -52.92 38.50 83.47
N PRO B 662 -53.54 37.33 83.62
CA PRO B 662 -54.39 37.10 84.79
C PRO B 662 -53.60 37.17 86.09
N ALA B 663 -54.26 37.66 87.14
CA ALA B 663 -53.68 37.69 88.47
C ALA B 663 -53.79 36.31 89.09
N ASN B 664 -53.58 36.21 90.39
CA ASN B 664 -53.56 34.92 91.07
C ASN B 664 -54.93 34.26 91.00
N PRO B 665 -55.04 33.07 90.39
CA PRO B 665 -56.34 32.40 90.32
C PRO B 665 -56.65 31.61 91.59
N SER B 666 -57.92 31.24 91.70
CA SER B 666 -58.38 30.42 92.83
C SER B 666 -57.94 28.97 92.63
N THR B 667 -57.59 28.29 93.70
CA THR B 667 -57.20 26.89 93.61
C THR B 667 -58.36 25.97 93.27
N THR B 668 -59.59 26.46 93.38
CA THR B 668 -60.78 25.72 92.97
C THR B 668 -61.25 26.25 91.63
N PHE B 669 -61.68 25.35 90.76
CA PHE B 669 -62.11 25.76 89.42
C PHE B 669 -63.35 26.63 89.49
N SER B 670 -63.36 27.69 88.70
CA SER B 670 -64.50 28.58 88.56
C SER B 670 -64.74 28.84 87.09
N ALA B 671 -65.98 28.64 86.64
CA ALA B 671 -66.32 28.86 85.24
C ALA B 671 -66.50 30.32 84.90
N ALA B 672 -66.53 31.21 85.89
CA ALA B 672 -66.65 32.64 85.62
C ALA B 672 -65.39 33.14 84.93
N LYS B 673 -65.58 34.03 83.96
CA LYS B 673 -64.45 34.59 83.24
C LYS B 673 -63.59 35.42 84.19
N PHE B 674 -62.29 35.48 83.86
CA PHE B 674 -61.34 36.19 84.73
C PHE B 674 -61.64 37.69 84.78
N ALA B 675 -61.69 38.24 85.99
CA ALA B 675 -61.92 39.66 86.18
C ALA B 675 -60.77 40.37 86.89
N SER B 676 -59.79 39.63 87.39
CA SER B 676 -58.63 40.20 88.06
C SER B 676 -57.40 40.00 87.20
N PHE B 677 -56.67 41.08 86.93
CA PHE B 677 -55.50 41.04 86.08
C PHE B 677 -54.38 41.85 86.71
N ILE B 678 -53.16 41.56 86.29
CA ILE B 678 -52.00 42.33 86.71
C ILE B 678 -51.99 43.65 85.95
N THR B 679 -51.96 44.76 86.69
CA THR B 679 -51.93 46.07 86.05
C THR B 679 -50.62 46.26 85.31
N GLN B 680 -50.71 46.65 84.04
CA GLN B 680 -49.50 46.80 83.25
C GLN B 680 -49.78 47.71 82.06
N TYR B 681 -48.69 48.32 81.56
CA TYR B 681 -48.72 49.13 80.36
C TYR B 681 -47.49 48.78 79.54
N SER B 682 -47.38 49.36 78.36
CA SER B 682 -46.24 49.13 77.49
C SER B 682 -45.73 50.45 76.94
N THR B 683 -44.43 50.47 76.63
CA THR B 683 -43.80 51.62 76.00
C THR B 683 -42.85 51.11 74.94
N GLY B 684 -42.57 51.96 73.96
CA GLY B 684 -41.71 51.56 72.87
C GLY B 684 -41.50 52.68 71.89
N GLN B 685 -40.93 52.34 70.74
CA GLN B 685 -40.66 53.30 69.69
C GLN B 685 -41.42 52.92 68.43
N VAL B 686 -41.85 53.93 67.69
CA VAL B 686 -42.59 53.76 66.45
C VAL B 686 -41.90 54.57 65.36
N SER B 687 -41.73 53.96 64.19
CA SER B 687 -41.09 54.60 63.05
C SER B 687 -42.04 54.61 61.86
N VAL B 688 -42.18 55.77 61.23
CA VAL B 688 -42.99 55.93 60.02
C VAL B 688 -42.11 56.60 58.96
N GLU B 689 -41.94 55.94 57.82
CA GLU B 689 -41.18 56.48 56.70
C GLU B 689 -42.07 56.53 55.48
N ILE B 690 -42.25 57.73 54.93
CA ILE B 690 -43.10 57.93 53.76
C ILE B 690 -42.27 58.53 52.64
N GLU B 691 -42.39 57.96 51.45
CA GLU B 691 -41.78 58.51 50.24
C GLU B 691 -42.83 59.34 49.52
N TRP B 692 -42.48 60.59 49.20
CA TRP B 692 -43.37 61.50 48.51
C TRP B 692 -42.80 61.84 47.15
N GLU B 693 -43.68 61.95 46.15
CA GLU B 693 -43.28 62.37 44.81
C GLU B 693 -43.57 63.85 44.65
N LEU B 694 -42.63 64.56 44.02
CA LEU B 694 -42.71 66.00 43.86
C LEU B 694 -42.99 66.36 42.41
N GLN B 695 -43.78 67.41 42.22
CA GLN B 695 -44.05 67.99 40.91
C GLN B 695 -43.31 69.31 40.85
N LYS B 696 -42.17 69.33 40.17
CA LYS B 696 -41.30 70.49 40.18
C LYS B 696 -41.94 71.67 39.46
N GLU B 697 -41.77 72.85 40.03
CA GLU B 697 -42.29 74.07 39.43
C GLU B 697 -41.53 74.39 38.15
N ASN B 698 -42.27 74.76 37.11
CA ASN B 698 -41.72 75.07 35.79
C ASN B 698 -42.28 76.40 35.29
N SER B 699 -42.28 77.40 36.17
CA SER B 699 -42.89 78.68 35.84
C SER B 699 -41.97 79.52 34.96
N LYS B 700 -42.56 80.45 34.20
CA LYS B 700 -41.78 81.38 33.34
C LYS B 700 -42.14 82.83 33.70
N ARG B 701 -42.69 83.07 34.90
CA ARG B 701 -42.95 84.43 35.32
C ARG B 701 -41.64 85.18 35.56
N TRP B 702 -41.68 86.49 35.38
CA TRP B 702 -40.47 87.31 35.46
C TRP B 702 -40.23 87.82 36.88
N ASN B 703 -41.23 88.43 37.49
CA ASN B 703 -41.07 89.00 38.81
C ASN B 703 -41.09 87.94 39.89
N PRO B 704 -40.48 88.18 41.08
CA PRO B 704 -40.41 87.16 42.13
C PRO B 704 -41.78 86.69 42.63
N GLU B 705 -41.86 85.53 43.27
CA GLU B 705 -43.14 84.93 43.72
C GLU B 705 -43.33 85.14 45.22
N ILE B 706 -44.53 84.85 45.75
CA ILE B 706 -44.68 84.86 47.23
C ILE B 706 -44.08 83.56 47.80
N GLN B 707 -43.23 83.67 48.83
CA GLN B 707 -42.70 82.48 49.47
C GLN B 707 -42.95 82.58 50.97
N TYR B 708 -43.14 81.42 51.60
CA TYR B 708 -43.23 81.41 53.06
C TYR B 708 -41.86 81.68 53.65
N THR B 709 -41.82 82.51 54.70
CA THR B 709 -40.57 82.93 55.29
C THR B 709 -40.78 83.19 56.78
N SER B 710 -39.67 83.11 57.51
CA SER B 710 -39.72 83.47 58.94
C SER B 710 -39.60 84.98 59.04
N ASN B 711 -40.03 85.59 60.14
CA ASN B 711 -39.95 87.07 60.20
C ASN B 711 -38.60 87.43 60.81
N TYR B 712 -37.87 88.36 60.21
CA TYR B 712 -36.50 88.68 60.66
C TYR B 712 -36.53 89.43 62.00
N ASN B 713 -37.57 90.21 62.26
CA ASN B 713 -37.54 91.02 63.47
C ASN B 713 -37.34 90.16 64.72
N LYS B 714 -36.70 90.78 65.72
CA LYS B 714 -36.42 90.06 66.99
C LYS B 714 -37.71 89.69 67.70
N SER B 715 -37.64 88.63 68.47
CA SER B 715 -38.81 88.18 69.23
C SER B 715 -38.33 87.45 70.47
N ILE B 716 -39.22 87.33 71.44
CA ILE B 716 -38.90 86.60 72.67
C ILE B 716 -38.66 85.13 72.36
N ASN B 717 -39.51 84.54 71.52
CA ASN B 717 -39.41 83.14 71.15
C ASN B 717 -39.27 83.00 69.63
N VAL B 718 -38.52 81.99 69.21
CA VAL B 718 -38.42 81.65 67.80
C VAL B 718 -39.62 80.80 67.41
N ASP B 719 -40.13 81.01 66.21
CA ASP B 719 -41.29 80.26 65.73
C ASP B 719 -40.94 78.79 65.53
N PHE B 720 -41.90 77.91 65.85
CA PHE B 720 -41.75 76.47 65.68
C PHE B 720 -40.55 75.92 66.45
N THR B 721 -40.36 76.43 67.66
CA THR B 721 -39.35 75.93 68.59
C THR B 721 -40.00 75.72 69.94
N VAL B 722 -39.18 75.41 70.94
CA VAL B 722 -39.65 75.25 72.31
C VAL B 722 -39.42 76.54 73.07
N ASP B 723 -40.22 76.76 74.11
CA ASP B 723 -40.08 77.93 74.96
C ASP B 723 -39.19 77.59 76.15
N THR B 724 -39.17 78.47 77.14
CA THR B 724 -38.33 78.24 78.34
C THR B 724 -38.86 77.04 79.12
N ASN B 725 -40.10 76.60 78.84
CA ASN B 725 -40.66 75.40 79.49
C ASN B 725 -40.42 74.17 78.61
N GLY B 726 -39.74 74.38 77.47
CA GLY B 726 -39.48 73.26 76.53
C GLY B 726 -40.75 72.80 75.86
N VAL B 727 -41.78 73.65 75.84
CA VAL B 727 -43.08 73.28 75.22
C VAL B 727 -43.06 73.66 73.74
N TYR B 728 -43.21 72.67 72.85
CA TYR B 728 -43.22 72.94 71.42
C TYR B 728 -44.57 73.51 71.01
N SER B 729 -44.54 74.54 70.18
CA SER B 729 -45.75 75.17 69.70
C SER B 729 -45.64 75.44 68.21
N GLU B 730 -46.79 75.47 67.53
CA GLU B 730 -46.87 75.83 66.12
C GLU B 730 -47.60 77.15 66.01
N PRO B 731 -46.91 78.27 65.79
CA PRO B 731 -47.56 79.58 65.93
C PRO B 731 -48.69 79.84 64.95
N ARG B 732 -48.62 79.32 63.73
CA ARG B 732 -49.65 79.60 62.73
C ARG B 732 -49.79 78.41 61.82
N PRO B 733 -50.95 78.25 61.16
CA PRO B 733 -51.06 77.22 60.12
C PRO B 733 -50.33 77.66 58.86
N ILE B 734 -49.63 76.71 58.25
CA ILE B 734 -48.93 76.95 56.99
C ILE B 734 -49.60 76.09 55.93
N GLY B 735 -50.08 76.72 54.87
CA GLY B 735 -50.63 76.02 53.73
C GLY B 735 -49.51 75.61 52.79
N THR B 736 -49.90 75.36 51.54
CA THR B 736 -48.94 74.98 50.51
C THR B 736 -48.97 75.87 49.27
N ARG B 737 -49.91 76.81 49.18
CA ARG B 737 -50.17 77.53 47.94
C ARG B 737 -49.46 78.87 47.97
N TYR B 738 -48.18 78.85 47.62
CA TYR B 738 -47.36 80.06 47.53
C TYR B 738 -46.85 80.33 46.12
N LEU B 739 -46.42 79.31 45.40
CA LEU B 739 -46.06 79.48 44.00
C LEU B 739 -47.33 79.71 43.18
N THR B 740 -47.15 80.23 41.97
CA THR B 740 -48.26 80.55 41.10
C THR B 740 -48.13 79.84 39.77
N ARG B 741 -49.30 79.52 39.21
CA ARG B 741 -49.35 78.89 37.86
C ARG B 741 -50.53 79.54 37.13
N ASN B 742 -50.44 79.69 35.80
CA ASN B 742 -51.55 80.23 35.00
C ASN B 742 -52.70 79.23 34.94
N LEU B 743 -53.90 79.75 34.76
CA LEU B 743 -55.08 78.91 34.60
C LEU B 743 -55.03 78.10 33.31
N ALA C 218 -51.39 -53.75 44.89
CA ALA C 218 -51.26 -52.29 44.74
C ALA C 218 -51.20 -51.65 46.12
N ASP C 219 -52.02 -52.13 47.04
CA ASP C 219 -52.13 -51.49 48.37
C ASP C 219 -51.99 -52.57 49.45
N GLY C 220 -51.59 -53.77 49.05
CA GLY C 220 -51.34 -54.82 50.06
C GLY C 220 -52.42 -54.85 51.13
N VAL C 221 -52.04 -55.06 52.40
CA VAL C 221 -53.04 -55.20 53.47
C VAL C 221 -52.89 -53.97 54.36
N GLY C 222 -53.92 -53.16 54.45
CA GLY C 222 -53.94 -51.98 55.28
C GLY C 222 -53.91 -50.67 54.55
N ASN C 223 -53.81 -50.68 53.23
CA ASN C 223 -53.84 -49.46 52.43
C ASN C 223 -55.10 -49.48 51.56
N SER C 224 -55.90 -48.43 51.67
CA SER C 224 -57.14 -48.35 50.91
C SER C 224 -56.84 -48.13 49.43
N SER C 225 -57.60 -48.83 48.58
CA SER C 225 -57.43 -48.74 47.14
C SER C 225 -58.48 -47.87 46.47
N GLY C 226 -59.27 -47.13 47.25
CA GLY C 226 -60.26 -46.25 46.67
C GLY C 226 -60.95 -45.45 47.76
N ASN C 227 -61.77 -44.51 47.32
CA ASN C 227 -62.51 -43.62 48.20
C ASN C 227 -64.00 -43.67 47.84
N TRP C 228 -64.82 -43.17 48.76
CA TRP C 228 -66.26 -43.13 48.56
C TRP C 228 -66.62 -41.86 47.79
N HIS C 229 -67.11 -42.05 46.57
CA HIS C 229 -67.52 -40.90 45.71
C HIS C 229 -68.98 -41.10 45.34
N CYS C 230 -69.89 -40.48 46.11
CA CYS C 230 -71.33 -40.55 45.79
C CYS C 230 -71.83 -39.10 45.74
N ASP C 231 -72.11 -38.58 44.54
CA ASP C 231 -72.51 -37.16 44.42
C ASP C 231 -72.92 -36.83 42.99
N SER C 232 -73.41 -35.60 42.75
CA SER C 232 -73.69 -35.23 41.36
C SER C 232 -73.27 -33.79 41.14
N THR C 233 -72.74 -33.52 39.95
CA THR C 233 -72.28 -32.18 39.58
C THR C 233 -73.04 -31.74 38.34
N TRP C 234 -73.69 -30.59 38.42
CA TRP C 234 -74.40 -30.00 37.29
C TRP C 234 -73.56 -28.87 36.72
N MET C 235 -73.15 -29.02 35.45
CA MET C 235 -72.31 -27.99 34.80
C MET C 235 -72.89 -27.70 33.41
N GLY C 236 -73.72 -26.67 33.30
CA GLY C 236 -74.28 -26.29 32.02
C GLY C 236 -75.19 -27.37 31.47
N ASP C 237 -74.85 -27.87 30.29
CA ASP C 237 -75.62 -28.89 29.61
C ASP C 237 -75.17 -30.31 29.97
N ARG C 238 -74.53 -30.49 31.12
CA ARG C 238 -74.09 -31.80 31.56
C ARG C 238 -74.42 -31.98 33.03
N VAL C 239 -74.71 -33.22 33.41
CA VAL C 239 -74.80 -33.63 34.80
C VAL C 239 -74.06 -34.94 34.96
N THR C 240 -73.11 -34.98 35.89
CA THR C 240 -72.33 -36.18 36.16
C THR C 240 -72.76 -36.74 37.50
N THR C 241 -73.34 -37.94 37.48
CA THR C 241 -73.79 -38.62 38.69
C THR C 241 -72.82 -39.73 39.05
N THR C 242 -72.38 -39.75 40.29
CA THR C 242 -71.47 -40.78 40.80
C THR C 242 -72.12 -41.48 41.98
N SER C 243 -72.00 -42.79 42.03
CA SER C 243 -72.61 -43.59 43.09
C SER C 243 -71.61 -44.61 43.60
N THR C 244 -71.60 -44.83 44.91
CA THR C 244 -70.79 -45.86 45.54
C THR C 244 -71.68 -46.73 46.41
N ARG C 245 -71.48 -48.05 46.34
CA ARG C 245 -72.25 -49.00 47.12
C ARG C 245 -71.32 -50.06 47.68
N THR C 246 -71.78 -50.73 48.73
CA THR C 246 -71.06 -51.86 49.31
C THR C 246 -71.75 -53.14 48.87
N TRP C 247 -70.99 -54.05 48.26
CA TRP C 247 -71.53 -55.28 47.71
C TRP C 247 -70.98 -56.49 48.46
N ALA C 248 -71.76 -57.58 48.41
CA ALA C 248 -71.35 -58.86 48.96
C ALA C 248 -71.52 -59.91 47.88
N LEU C 249 -70.45 -60.68 47.65
CA LEU C 249 -70.44 -61.70 46.60
C LEU C 249 -70.21 -63.08 47.22
N PRO C 250 -71.19 -63.95 47.24
CA PRO C 250 -70.99 -65.30 47.77
C PRO C 250 -70.34 -66.20 46.72
N THR C 251 -70.20 -67.47 47.08
CA THR C 251 -69.78 -68.49 46.12
C THR C 251 -71.03 -69.12 45.51
N TYR C 252 -71.12 -69.08 44.19
CA TYR C 252 -72.30 -69.53 43.48
C TYR C 252 -72.07 -70.91 42.87
N ASN C 253 -73.07 -71.78 43.04
CA ASN C 253 -73.07 -73.14 42.49
C ASN C 253 -71.92 -73.99 43.00
N ASN C 254 -71.27 -73.57 44.09
CA ASN C 254 -70.09 -74.25 44.63
C ASN C 254 -69.01 -74.37 43.56
N HIS C 255 -68.73 -73.25 42.90
CA HIS C 255 -67.69 -73.12 41.87
C HIS C 255 -67.95 -73.99 40.65
N LEU C 256 -69.21 -74.28 40.34
CA LEU C 256 -69.54 -75.21 39.26
C LEU C 256 -70.42 -74.55 38.21
N TYR C 257 -70.37 -75.11 37.01
CA TYR C 257 -71.33 -74.69 35.96
C TYR C 257 -72.35 -75.83 35.92
N LYS C 258 -73.63 -75.53 36.01
CA LYS C 258 -74.71 -76.50 36.04
C LYS C 258 -75.67 -76.25 34.90
N GLN C 259 -75.95 -77.29 34.12
CA GLN C 259 -76.98 -77.19 33.09
C GLN C 259 -78.35 -77.08 33.75
N ILE C 260 -79.13 -76.11 33.31
CA ILE C 260 -80.47 -75.88 33.85
C ILE C 260 -81.47 -75.95 32.71
N SER C 261 -82.70 -76.31 33.05
CA SER C 261 -83.76 -76.43 32.07
C SER C 261 -85.10 -76.33 32.79
N SER C 262 -86.16 -76.14 32.01
CA SER C 262 -87.49 -76.07 32.57
C SER C 262 -87.88 -77.40 33.19
N GLN C 263 -88.73 -77.32 34.20
CA GLN C 263 -89.15 -78.54 34.91
C GLN C 263 -90.02 -79.38 33.99
N SER C 264 -89.96 -80.70 34.17
CA SER C 264 -90.87 -81.57 33.40
C SER C 264 -92.30 -81.25 33.82
N GLY C 265 -93.22 -81.28 32.88
CA GLY C 265 -94.61 -80.96 33.10
C GLY C 265 -94.97 -79.50 32.88
N ALA C 266 -93.98 -78.65 32.63
CA ALA C 266 -94.25 -77.25 32.34
C ALA C 266 -94.91 -77.11 30.97
N SER C 267 -95.63 -76.01 30.79
CA SER C 267 -96.26 -75.74 29.51
C SER C 267 -95.18 -75.44 28.46
N ASN C 268 -95.59 -75.55 27.18
CA ASN C 268 -94.64 -75.30 26.11
C ASN C 268 -94.16 -73.86 26.11
N ASP C 269 -95.01 -72.91 26.51
CA ASP C 269 -94.59 -71.51 26.56
C ASP C 269 -93.52 -71.28 27.61
N ASN C 270 -93.48 -72.11 28.65
CA ASN C 270 -92.55 -71.93 29.76
C ASN C 270 -91.31 -72.82 29.64
N HIS C 271 -91.16 -73.56 28.55
CA HIS C 271 -90.00 -74.41 28.38
C HIS C 271 -88.76 -73.59 28.07
N TYR C 272 -87.62 -74.00 28.65
CA TYR C 272 -86.37 -73.30 28.41
C TYR C 272 -85.20 -74.25 28.68
N PHE C 273 -84.04 -73.87 28.17
CA PHE C 273 -82.80 -74.58 28.40
C PHE C 273 -81.68 -73.55 28.50
N GLY C 274 -80.75 -73.77 29.41
CA GLY C 274 -79.67 -72.83 29.60
C GLY C 274 -78.64 -73.37 30.55
N TYR C 275 -77.76 -72.48 31.00
CA TYR C 275 -76.68 -72.84 31.92
C TYR C 275 -76.59 -71.83 33.03
N SER C 276 -76.27 -72.32 34.23
CA SER C 276 -76.03 -71.47 35.39
C SER C 276 -74.53 -71.43 35.67
N THR C 277 -73.99 -70.23 35.81
CA THR C 277 -72.56 -70.07 36.00
C THR C 277 -72.24 -69.72 37.45
N PRO C 278 -71.04 -70.02 37.91
CA PRO C 278 -70.64 -69.62 39.27
C PRO C 278 -70.28 -68.15 39.41
N TRP C 279 -70.43 -67.36 38.34
CA TRP C 279 -70.07 -65.96 38.34
C TRP C 279 -71.26 -65.09 38.76
N GLY C 280 -70.95 -63.90 39.23
CA GLY C 280 -71.93 -62.86 39.44
C GLY C 280 -71.68 -61.71 38.48
N TYR C 281 -72.62 -60.76 38.47
CA TYR C 281 -72.50 -59.61 37.59
C TYR C 281 -72.99 -58.37 38.30
N PHE C 282 -72.39 -57.23 37.95
CA PHE C 282 -72.76 -55.94 38.53
C PHE C 282 -73.76 -55.24 37.60
N ASP C 283 -74.94 -54.95 38.13
CA ASP C 283 -76.02 -54.33 37.37
C ASP C 283 -76.29 -52.95 37.93
N PHE C 284 -76.23 -51.93 37.07
CA PHE C 284 -76.66 -50.59 37.42
C PHE C 284 -77.56 -50.01 36.34
N ASN C 285 -78.37 -50.86 35.72
CA ASN C 285 -79.26 -50.46 34.63
C ASN C 285 -80.63 -50.00 35.15
N ARG C 286 -80.60 -49.09 36.13
CA ARG C 286 -81.81 -48.45 36.65
C ARG C 286 -81.43 -47.04 37.04
N PHE C 287 -82.35 -46.09 36.82
CA PHE C 287 -82.00 -44.66 37.05
C PHE C 287 -81.76 -44.36 38.53
N HIS C 288 -82.44 -45.07 39.43
CA HIS C 288 -82.31 -44.83 40.89
C HIS C 288 -80.90 -45.17 41.37
N CYS C 289 -80.13 -45.92 40.58
CA CYS C 289 -78.74 -46.31 40.93
C CYS C 289 -77.80 -45.12 40.77
N HIS C 290 -78.22 -44.08 40.05
CA HIS C 290 -77.38 -42.92 39.79
C HIS C 290 -78.01 -41.60 40.20
N PHE C 291 -79.33 -41.48 40.14
CA PHE C 291 -80.02 -40.24 40.44
C PHE C 291 -80.73 -40.35 41.78
N SER C 292 -80.49 -39.37 42.65
CA SER C 292 -81.32 -39.21 43.83
C SER C 292 -82.68 -38.65 43.42
N PRO C 293 -83.69 -38.79 44.26
CA PRO C 293 -85.00 -38.19 43.93
C PRO C 293 -84.93 -36.68 43.69
N ARG C 294 -84.12 -35.96 44.47
CA ARG C 294 -83.91 -34.54 44.20
C ARG C 294 -83.22 -34.33 42.86
N ASP C 295 -82.25 -35.18 42.53
CA ASP C 295 -81.60 -35.12 41.22
C ASP C 295 -82.58 -35.38 40.10
N TRP C 296 -83.48 -36.36 40.28
CA TRP C 296 -84.50 -36.63 39.28
C TRP C 296 -85.45 -35.45 39.12
N GLN C 297 -85.85 -34.82 40.23
CA GLN C 297 -86.73 -33.67 40.13
C GLN C 297 -86.04 -32.50 39.44
N ARG C 298 -84.76 -32.30 39.72
CA ARG C 298 -83.99 -31.27 39.02
C ARG C 298 -83.86 -31.57 37.54
N LEU C 299 -83.74 -32.85 37.18
CA LEU C 299 -83.61 -33.22 35.78
C LEU C 299 -84.91 -33.03 35.02
N ILE C 300 -86.03 -33.50 35.58
CA ILE C 300 -87.27 -33.58 34.82
C ILE C 300 -88.03 -32.27 34.80
N ASN C 301 -87.79 -31.37 35.75
CA ASN C 301 -88.51 -30.11 35.80
C ASN C 301 -87.86 -29.00 34.98
N ASN C 302 -86.68 -29.24 34.41
CA ASN C 302 -85.93 -28.19 33.76
C ASN C 302 -85.37 -28.56 32.40
N ASN C 303 -85.44 -29.81 31.99
CA ASN C 303 -84.82 -30.26 30.75
C ASN C 303 -85.86 -30.89 29.83
N TRP C 304 -85.71 -30.64 28.53
CA TRP C 304 -86.53 -31.25 27.51
C TRP C 304 -86.00 -32.59 27.03
N GLY C 305 -84.81 -32.99 27.48
CA GLY C 305 -84.25 -34.26 27.09
C GLY C 305 -82.93 -34.52 27.77
N PHE C 306 -82.52 -35.78 27.75
CA PHE C 306 -81.24 -36.19 28.30
C PHE C 306 -80.82 -37.51 27.68
N ARG C 307 -79.52 -37.79 27.73
CA ARG C 307 -78.96 -39.02 27.21
C ARG C 307 -77.62 -39.27 27.87
N PRO C 308 -77.23 -40.53 28.05
CA PRO C 308 -75.91 -40.82 28.62
C PRO C 308 -74.80 -40.61 27.60
N LYS C 309 -73.64 -40.20 28.10
CA LYS C 309 -72.48 -39.88 27.29
C LYS C 309 -71.31 -40.81 27.52
N ARG C 310 -70.90 -41.00 28.76
CA ARG C 310 -69.80 -41.90 29.10
C ARG C 310 -69.95 -42.33 30.55
N LEU C 311 -69.30 -43.43 30.89
CA LEU C 311 -69.34 -43.94 32.25
C LEU C 311 -67.96 -44.39 32.69
N ASN C 312 -67.76 -44.40 34.02
CA ASN C 312 -66.50 -44.90 34.63
C ASN C 312 -66.92 -45.86 35.74
N PHE C 313 -66.25 -47.01 35.86
CA PHE C 313 -66.58 -48.06 36.80
C PHE C 313 -65.34 -48.41 37.61
N LYS C 314 -65.57 -48.66 38.90
CA LYS C 314 -64.44 -49.03 39.77
C LYS C 314 -64.81 -50.03 40.86
N LEU C 315 -63.98 -51.05 41.07
CA LEU C 315 -64.09 -51.97 42.19
C LEU C 315 -62.86 -51.79 43.07
N PHE C 316 -63.05 -51.67 44.38
CA PHE C 316 -61.95 -51.37 45.26
C PHE C 316 -62.29 -51.82 46.66
N ASN C 317 -61.28 -51.77 47.55
CA ASN C 317 -61.41 -52.18 48.94
C ASN C 317 -61.97 -53.59 49.04
N ILE C 318 -61.39 -54.49 48.26
CA ILE C 318 -61.89 -55.86 48.15
C ILE C 318 -61.37 -56.67 49.33
N GLN C 319 -62.29 -57.31 50.06
CA GLN C 319 -61.97 -58.15 51.20
C GLN C 319 -62.54 -59.53 50.95
N VAL C 320 -61.70 -60.55 51.07
CA VAL C 320 -62.14 -61.93 50.96
C VAL C 320 -62.21 -62.51 52.38
N LYS C 321 -63.38 -62.99 52.75
CA LYS C 321 -63.63 -63.53 54.08
C LYS C 321 -63.82 -65.03 53.99
N GLU C 322 -63.10 -65.78 54.83
CA GLU C 322 -63.23 -67.22 54.92
C GLU C 322 -64.20 -67.57 56.04
N VAL C 323 -65.19 -68.40 55.73
CA VAL C 323 -66.23 -68.81 56.67
C VAL C 323 -66.01 -70.26 57.05
N THR C 324 -65.98 -70.54 58.34
CA THR C 324 -65.86 -71.89 58.85
C THR C 324 -66.98 -72.16 59.85
N GLN C 325 -67.35 -73.43 59.97
CA GLN C 325 -68.44 -73.83 60.86
C GLN C 325 -68.00 -75.08 61.61
N ASN C 326 -67.70 -74.94 62.90
CA ASN C 326 -67.23 -76.04 63.72
C ASN C 326 -68.11 -76.14 64.95
N ASP C 327 -68.74 -77.31 65.12
CA ASP C 327 -69.61 -77.59 66.27
C ASP C 327 -70.72 -76.55 66.41
N GLY C 328 -71.30 -76.15 65.28
CA GLY C 328 -72.41 -75.22 65.29
C GLY C 328 -72.05 -73.76 65.44
N THR C 329 -70.77 -73.41 65.36
CA THR C 329 -70.32 -72.04 65.51
C THR C 329 -69.82 -71.51 64.16
N THR C 330 -70.33 -70.35 63.77
CA THR C 330 -69.92 -69.69 62.53
C THR C 330 -68.83 -68.68 62.84
N THR C 331 -67.62 -68.92 62.30
CA THR C 331 -66.48 -68.06 62.52
C THR C 331 -66.03 -67.50 61.18
N ILE C 332 -65.87 -66.17 61.11
CA ILE C 332 -65.47 -65.48 59.90
C ILE C 332 -64.12 -64.81 60.15
N ALA C 333 -63.17 -65.08 59.27
CA ALA C 333 -61.83 -64.53 59.37
C ALA C 333 -61.38 -64.02 58.01
N ASN C 334 -60.44 -63.09 58.02
CA ASN C 334 -59.91 -62.55 56.77
C ASN C 334 -59.07 -63.58 56.03
N ASN C 335 -59.09 -63.50 54.71
CA ASN C 335 -58.23 -64.27 53.84
C ASN C 335 -57.50 -63.27 52.94
N LEU C 336 -56.29 -62.89 53.35
CA LEU C 336 -55.56 -61.83 52.65
C LEU C 336 -54.89 -62.30 51.37
N THR C 337 -54.85 -63.61 51.12
CA THR C 337 -54.19 -64.13 49.93
C THR C 337 -55.16 -64.59 48.85
N SER C 338 -56.46 -64.61 49.13
CA SER C 338 -57.43 -65.02 48.13
C SER C 338 -57.71 -63.87 47.16
N THR C 339 -58.16 -64.24 45.97
CA THR C 339 -58.42 -63.29 44.89
C THR C 339 -59.89 -63.35 44.46
N VAL C 340 -60.28 -62.33 43.71
CA VAL C 340 -61.55 -62.32 43.00
C VAL C 340 -61.26 -62.01 41.53
N GLN C 341 -61.90 -62.74 40.63
CA GLN C 341 -61.70 -62.58 39.20
C GLN C 341 -62.76 -61.63 38.63
N VAL C 342 -62.31 -60.58 37.96
CA VAL C 342 -63.19 -59.57 37.37
C VAL C 342 -62.79 -59.37 35.91
N PHE C 343 -63.79 -59.40 35.03
CA PHE C 343 -63.56 -59.03 33.64
C PHE C 343 -64.83 -58.44 33.07
N THR C 344 -64.65 -57.57 32.06
CA THR C 344 -65.76 -56.94 31.36
C THR C 344 -65.88 -57.57 29.98
N ASP C 345 -67.12 -57.92 29.60
CA ASP C 345 -67.39 -58.51 28.29
C ASP C 345 -67.50 -57.40 27.25
N SER C 346 -66.36 -56.79 26.92
CA SER C 346 -66.36 -55.61 26.01
C SER C 346 -66.53 -56.02 24.55
N GLU C 347 -66.31 -57.30 24.24
CA GLU C 347 -66.55 -57.77 22.88
C GLU C 347 -67.94 -58.36 22.70
N TYR C 348 -68.76 -58.39 23.76
CA TYR C 348 -70.13 -58.88 23.69
C TYR C 348 -70.19 -60.31 23.16
N GLN C 349 -69.30 -61.16 23.65
CA GLN C 349 -69.27 -62.56 23.28
C GLN C 349 -70.13 -63.44 24.19
N LEU C 350 -70.68 -62.90 25.25
CA LEU C 350 -71.54 -63.62 26.18
C LEU C 350 -72.99 -63.16 26.01
N PRO C 351 -73.95 -64.03 26.33
CA PRO C 351 -75.36 -63.61 26.28
C PRO C 351 -75.61 -62.43 27.20
N TYR C 352 -76.19 -61.38 26.64
CA TYR C 352 -76.42 -60.13 27.37
C TYR C 352 -77.70 -60.25 28.18
N VAL C 353 -77.56 -60.49 29.49
CA VAL C 353 -78.71 -60.64 30.37
C VAL C 353 -79.11 -59.33 31.03
N LEU C 354 -78.30 -58.29 30.92
CA LEU C 354 -78.74 -56.96 31.33
C LEU C 354 -79.82 -56.46 30.39
N GLY C 355 -80.68 -55.59 30.89
CA GLY C 355 -81.78 -55.08 30.10
C GLY C 355 -83.01 -55.95 30.08
N SER C 356 -83.08 -56.97 30.95
CA SER C 356 -84.28 -57.79 31.10
C SER C 356 -85.04 -57.46 32.38
N ALA C 357 -84.78 -56.30 32.97
CA ALA C 357 -85.46 -55.83 34.18
C ALA C 357 -85.32 -56.82 35.33
N HIS C 358 -84.08 -57.24 35.58
CA HIS C 358 -83.78 -58.21 36.63
C HIS C 358 -83.40 -57.51 37.93
N GLN C 359 -83.72 -58.18 39.03
CA GLN C 359 -83.35 -57.69 40.36
C GLN C 359 -81.85 -57.89 40.60
N GLY C 360 -81.34 -57.21 41.61
CA GLY C 360 -79.93 -57.28 41.93
C GLY C 360 -79.12 -56.06 41.56
N CYS C 361 -79.77 -54.95 41.23
CA CYS C 361 -79.07 -53.73 40.86
C CYS C 361 -78.46 -53.06 42.09
N LEU C 362 -77.78 -51.95 41.84
CA LEU C 362 -77.31 -51.11 42.94
C LEU C 362 -78.51 -50.50 43.65
N PRO C 363 -78.60 -50.63 44.98
CA PRO C 363 -79.79 -50.14 45.67
C PRO C 363 -79.92 -48.64 45.53
N PRO C 364 -81.17 -48.13 45.46
CA PRO C 364 -81.34 -46.68 45.31
C PRO C 364 -80.77 -45.87 46.45
N PHE C 365 -80.82 -46.38 47.67
CA PHE C 365 -80.27 -45.68 48.82
C PHE C 365 -78.79 -45.99 48.97
N PRO C 366 -77.92 -44.97 49.00
CA PRO C 366 -76.48 -45.24 49.04
C PRO C 366 -76.00 -45.99 50.26
N ALA C 367 -76.78 -46.04 51.34
CA ALA C 367 -76.37 -46.71 52.56
C ALA C 367 -76.71 -48.19 52.58
N ASP C 368 -77.41 -48.70 51.58
CA ASP C 368 -77.81 -50.10 51.55
C ASP C 368 -76.72 -50.98 50.97
N VAL C 369 -76.58 -52.18 51.54
CA VAL C 369 -75.62 -53.18 51.07
C VAL C 369 -76.39 -54.24 50.29
N PHE C 370 -75.88 -54.60 49.12
CA PHE C 370 -76.58 -55.49 48.20
C PHE C 370 -75.74 -56.70 47.84
N MET C 371 -76.42 -57.80 47.56
CA MET C 371 -75.78 -59.02 47.08
C MET C 371 -75.64 -58.98 45.56
N VAL C 372 -74.52 -59.49 45.07
CA VAL C 372 -74.26 -59.53 43.64
C VAL C 372 -75.07 -60.67 43.01
N PRO C 373 -75.91 -60.38 42.02
CA PRO C 373 -76.75 -61.44 41.44
C PRO C 373 -75.93 -62.46 40.67
N GLN C 374 -76.43 -63.69 40.65
CA GLN C 374 -75.76 -64.77 39.94
C GLN C 374 -76.01 -64.67 38.43
N TYR C 375 -74.96 -64.86 37.65
CA TYR C 375 -75.07 -64.78 36.20
C TYR C 375 -75.54 -66.11 35.63
N GLY C 376 -76.46 -66.03 34.67
CA GLY C 376 -76.96 -67.21 33.99
C GLY C 376 -77.58 -66.79 32.68
N TYR C 377 -77.58 -67.72 31.73
CA TYR C 377 -78.08 -67.43 30.39
C TYR C 377 -78.88 -68.61 29.86
N LEU C 378 -79.73 -68.32 28.88
CA LEU C 378 -80.52 -69.32 28.19
C LEU C 378 -80.07 -69.44 26.74
N THR C 379 -80.17 -70.66 26.22
CA THR C 379 -79.83 -70.90 24.82
C THR C 379 -81.01 -71.60 24.15
N LEU C 380 -80.81 -72.05 22.92
CA LEU C 380 -81.91 -72.70 22.14
C LEU C 380 -82.39 -73.95 22.87
N ASN C 381 -83.70 -74.19 22.83
CA ASN C 381 -84.26 -75.40 23.48
C ASN C 381 -85.37 -75.99 22.61
N ASN C 382 -85.45 -77.31 22.53
CA ASN C 382 -86.60 -77.97 21.88
C ASN C 382 -87.36 -78.59 23.05
N GLY C 383 -88.21 -77.81 23.72
CA GLY C 383 -88.84 -78.32 24.94
C GLY C 383 -87.88 -78.13 26.10
N SER C 384 -87.76 -79.12 26.99
CA SER C 384 -86.78 -79.04 28.06
C SER C 384 -85.39 -79.46 27.62
N GLN C 385 -85.24 -79.99 26.41
CA GLN C 385 -83.96 -80.45 25.89
C GLN C 385 -83.29 -79.35 25.08
N ALA C 386 -82.07 -79.64 24.65
CA ALA C 386 -81.28 -78.74 23.83
C ALA C 386 -81.21 -79.25 22.39
N VAL C 387 -80.72 -78.39 21.51
CA VAL C 387 -80.49 -78.74 20.12
C VAL C 387 -79.00 -78.58 19.81
N GLY C 388 -78.62 -78.99 18.61
CA GLY C 388 -77.22 -78.92 18.22
C GLY C 388 -76.70 -77.49 18.12
N ARG C 389 -77.59 -76.54 17.88
CA ARG C 389 -77.21 -75.14 17.75
C ARG C 389 -77.06 -74.45 19.11
N SER C 390 -77.46 -75.09 20.20
CA SER C 390 -77.32 -74.49 21.52
C SER C 390 -75.86 -74.24 21.85
N SER C 391 -75.58 -73.09 22.45
CA SER C 391 -74.22 -72.66 22.74
C SER C 391 -73.95 -72.75 24.23
N PHE C 392 -72.74 -73.21 24.57
CA PHE C 392 -72.26 -73.25 25.94
C PHE C 392 -71.08 -72.30 26.07
N TYR C 393 -71.06 -71.53 27.16
CA TYR C 393 -70.03 -70.54 27.40
C TYR C 393 -69.38 -70.78 28.75
N CYS C 394 -68.07 -70.93 28.75
CA CYS C 394 -67.28 -70.97 29.97
C CYS C 394 -66.64 -69.61 30.18
N LEU C 395 -66.99 -68.97 31.30
CA LEU C 395 -66.50 -67.63 31.58
C LEU C 395 -65.06 -67.60 32.04
N GLU C 396 -64.48 -68.75 32.41
CA GLU C 396 -63.05 -68.83 32.68
C GLU C 396 -62.23 -68.91 31.42
N TYR C 397 -62.87 -68.96 30.24
CA TYR C 397 -62.17 -68.99 28.93
C TYR C 397 -61.94 -67.55 28.47
N PHE C 398 -62.30 -66.57 29.28
CA PHE C 398 -62.05 -65.16 29.07
C PHE C 398 -60.88 -64.71 29.92
N PRO C 399 -60.07 -63.77 29.43
CA PRO C 399 -59.04 -63.17 30.29
C PRO C 399 -59.67 -62.31 31.37
N SER C 400 -59.34 -62.59 32.62
CA SER C 400 -59.89 -61.86 33.76
C SER C 400 -58.75 -61.36 34.63
N GLN C 401 -59.04 -60.31 35.38
CA GLN C 401 -58.08 -59.69 36.28
C GLN C 401 -58.29 -60.23 37.69
N MET C 402 -57.21 -60.70 38.31
CA MET C 402 -57.26 -61.28 39.64
C MET C 402 -56.88 -60.20 40.66
N LEU C 403 -57.74 -60.03 41.67
CA LEU C 403 -57.58 -58.94 42.63
C LEU C 403 -57.51 -59.50 44.04
N ARG C 404 -56.39 -59.27 44.71
CA ARG C 404 -56.27 -59.55 46.13
C ARG C 404 -56.77 -58.35 46.94
N THR C 405 -56.69 -58.44 48.26
CA THR C 405 -57.01 -57.26 49.11
C THR C 405 -55.90 -56.24 48.86
N GLY C 406 -56.26 -55.07 48.36
CA GLY C 406 -55.31 -54.04 47.99
C GLY C 406 -55.24 -53.78 46.50
N ASN C 407 -55.85 -54.62 45.67
CA ASN C 407 -55.95 -54.39 44.25
C ASN C 407 -57.31 -53.80 43.91
N ASN C 408 -57.35 -53.00 42.84
CA ASN C 408 -58.58 -52.39 42.38
C ASN C 408 -58.75 -52.65 40.88
N PHE C 409 -59.99 -52.54 40.43
CA PHE C 409 -60.35 -52.73 39.04
C PHE C 409 -61.05 -51.46 38.54
N THR C 410 -60.80 -51.11 37.29
CA THR C 410 -61.45 -49.95 36.71
C THR C 410 -61.53 -50.11 35.19
N PHE C 411 -62.54 -49.47 34.61
CA PHE C 411 -62.64 -49.39 33.15
C PHE C 411 -63.58 -48.23 32.80
N SER C 412 -63.37 -47.69 31.60
CA SER C 412 -64.15 -46.57 31.10
C SER C 412 -64.88 -46.98 29.83
N TYR C 413 -66.09 -46.46 29.66
CA TYR C 413 -66.93 -46.78 28.52
C TYR C 413 -67.54 -45.50 27.98
N THR C 414 -67.67 -45.41 26.65
CA THR C 414 -68.31 -44.28 26.01
C THR C 414 -69.58 -44.75 25.32
N PHE C 415 -70.69 -44.10 25.66
CA PHE C 415 -71.95 -44.41 25.01
C PHE C 415 -71.92 -43.98 23.55
N GLU C 416 -72.58 -44.77 22.70
CA GLU C 416 -72.77 -44.35 21.32
C GLU C 416 -73.79 -43.22 21.25
N ASP C 417 -73.83 -42.56 20.10
CA ASP C 417 -74.78 -41.47 19.90
C ASP C 417 -76.19 -42.02 19.88
N VAL C 418 -77.04 -41.49 20.76
CA VAL C 418 -78.43 -41.93 20.86
C VAL C 418 -79.33 -40.70 20.94
N PRO C 419 -80.58 -40.82 20.52
CA PRO C 419 -81.49 -39.68 20.63
C PRO C 419 -81.74 -39.29 22.08
N PHE C 420 -81.96 -38.00 22.30
CA PHE C 420 -82.38 -37.54 23.61
C PHE C 420 -83.73 -38.14 23.98
N HIS C 421 -83.87 -38.58 25.23
CA HIS C 421 -85.17 -39.02 25.70
C HIS C 421 -86.13 -37.84 25.72
N SER C 422 -87.35 -38.10 25.23
CA SER C 422 -88.40 -37.04 25.18
C SER C 422 -88.97 -36.82 26.57
N SER C 423 -88.27 -36.04 27.41
CA SER C 423 -88.75 -35.74 28.75
C SER C 423 -89.70 -34.54 28.75
N TYR C 424 -90.72 -34.64 27.90
CA TYR C 424 -91.73 -33.60 27.76
C TYR C 424 -93.03 -34.23 27.33
N ALA C 425 -94.13 -33.51 27.56
CA ALA C 425 -95.44 -33.88 27.07
C ALA C 425 -95.90 -32.84 26.05
N HIS C 426 -96.45 -33.31 24.94
CA HIS C 426 -96.91 -32.39 23.91
C HIS C 426 -98.11 -31.59 24.40
N SER C 427 -98.06 -30.28 24.21
CA SER C 427 -99.18 -29.40 24.54
C SER C 427 -100.17 -29.27 23.39
N GLN C 428 -99.94 -29.95 22.27
CA GLN C 428 -100.87 -30.00 21.16
C GLN C 428 -101.19 -31.46 20.85
N SER C 429 -102.39 -31.69 20.35
CA SER C 429 -102.79 -33.00 19.89
C SER C 429 -102.58 -33.11 18.38
N LEU C 430 -102.31 -34.32 17.92
CA LEU C 430 -102.03 -34.53 16.50
C LEU C 430 -103.23 -34.23 15.63
N ASP C 431 -104.45 -34.26 16.19
CA ASP C 431 -105.69 -34.01 15.40
C ASP C 431 -106.15 -32.55 15.59
N ARG C 432 -105.36 -31.74 16.30
CA ARG C 432 -105.70 -30.35 16.57
C ARG C 432 -104.53 -29.44 16.25
N LEU C 433 -103.91 -29.65 15.09
CA LEU C 433 -102.74 -28.89 14.68
C LEU C 433 -103.07 -27.74 13.73
N MET C 434 -104.34 -27.46 13.49
CA MET C 434 -104.76 -26.50 12.50
C MET C 434 -105.02 -25.13 13.12
N ASN C 435 -105.35 -24.16 12.28
CA ASN C 435 -105.79 -22.85 12.72
C ASN C 435 -107.30 -22.86 12.81
N PRO C 436 -107.89 -22.72 14.00
CA PRO C 436 -109.36 -22.83 14.11
C PRO C 436 -110.10 -21.66 13.51
N LEU C 437 -109.43 -20.58 13.15
CA LEU C 437 -110.08 -19.38 12.64
C LEU C 437 -110.27 -19.40 11.13
N ILE C 438 -109.45 -20.14 10.40
CA ILE C 438 -109.43 -20.12 8.95
C ILE C 438 -109.91 -21.47 8.42
N ASP C 439 -110.81 -21.44 7.45
CA ASP C 439 -111.24 -22.66 6.80
C ASP C 439 -110.15 -23.20 5.88
N GLN C 440 -110.23 -24.50 5.60
CA GLN C 440 -109.35 -25.12 4.63
C GLN C 440 -109.87 -24.87 3.22
N TYR C 441 -108.94 -24.81 2.27
CA TYR C 441 -109.32 -24.72 0.87
C TYR C 441 -109.65 -26.08 0.26
N LEU C 442 -109.31 -27.16 0.94
CA LEU C 442 -109.62 -28.50 0.45
C LEU C 442 -111.04 -28.87 0.81
N TYR C 443 -111.64 -29.72 -0.01
CA TYR C 443 -113.01 -30.18 0.18
C TYR C 443 -113.02 -31.64 0.62
N TYR C 444 -114.05 -32.00 1.37
CA TYR C 444 -114.29 -33.37 1.77
C TYR C 444 -115.74 -33.72 1.51
N LEU C 445 -115.99 -35.00 1.24
CA LEU C 445 -117.35 -35.48 1.03
C LEU C 445 -118.13 -35.38 2.33
N SER C 446 -119.06 -34.44 2.40
CA SER C 446 -119.82 -34.18 3.61
C SER C 446 -121.21 -34.81 3.60
N ARG C 447 -121.80 -34.92 2.41
CA ARG C 447 -123.13 -35.56 2.31
C ARG C 447 -123.14 -36.57 1.18
N THR C 448 -123.94 -37.62 1.34
CA THR C 448 -124.07 -38.65 0.33
C THR C 448 -125.48 -38.77 -0.26
N ASN C 449 -126.44 -38.02 0.26
CA ASN C 449 -127.79 -38.01 -0.30
C ASN C 449 -128.46 -36.69 0.03
N THR C 450 -129.56 -36.43 -0.65
CA THR C 450 -130.37 -35.24 -0.42
C THR C 450 -131.84 -35.61 -0.37
N PRO C 451 -132.70 -34.84 0.35
CA PRO C 451 -134.13 -35.12 0.35
C PRO C 451 -134.66 -35.01 -1.09
N SER C 452 -135.31 -36.07 -1.58
CA SER C 452 -135.93 -36.01 -2.92
C SER C 452 -137.40 -36.43 -2.80
N GLY C 453 -138.33 -35.55 -3.15
CA GLY C 453 -139.75 -35.86 -2.95
C GLY C 453 -140.03 -36.13 -1.48
N THR C 454 -140.63 -37.29 -1.17
CA THR C 454 -140.87 -37.67 0.24
C THR C 454 -139.91 -38.81 0.60
N THR C 455 -139.02 -39.17 -0.32
CA THR C 455 -138.00 -40.22 -0.05
C THR C 455 -136.62 -39.56 -0.04
N THR C 456 -135.57 -40.33 -0.35
CA THR C 456 -134.20 -39.76 -0.45
C THR C 456 -133.60 -40.10 -1.80
N GLN C 457 -132.66 -39.29 -2.27
CA GLN C 457 -131.99 -39.56 -3.54
C GLN C 457 -130.49 -39.41 -3.35
N SER C 458 -129.72 -40.31 -3.96
CA SER C 458 -128.27 -40.27 -3.84
C SER C 458 -127.70 -39.03 -4.52
N ARG C 459 -126.87 -38.29 -3.80
CA ARG C 459 -126.28 -37.06 -4.32
C ARG C 459 -125.07 -36.72 -3.49
N LEU C 460 -123.91 -36.62 -4.14
CA LEU C 460 -122.66 -36.32 -3.44
C LEU C 460 -122.51 -34.81 -3.28
N GLN C 461 -122.14 -34.37 -2.08
CA GLN C 461 -121.85 -32.98 -1.79
C GLN C 461 -120.55 -32.87 -1.01
N PHE C 462 -119.89 -31.73 -1.16
CA PHE C 462 -118.58 -31.51 -0.58
C PHE C 462 -118.55 -30.18 0.16
N SER C 463 -117.79 -30.13 1.24
CA SER C 463 -117.68 -28.94 2.06
C SER C 463 -116.23 -28.68 2.41
N GLN C 464 -115.93 -27.43 2.73
CA GLN C 464 -114.63 -27.05 3.24
C GLN C 464 -114.66 -27.13 4.77
N ALA C 465 -113.66 -27.77 5.36
CA ALA C 465 -113.65 -28.02 6.78
C ALA C 465 -113.14 -26.80 7.54
N GLY C 466 -113.82 -26.48 8.64
CA GLY C 466 -113.43 -25.41 9.54
C GLY C 466 -113.43 -25.89 10.98
N ALA C 467 -113.81 -24.99 11.88
CA ALA C 467 -113.82 -25.33 13.30
C ALA C 467 -115.03 -26.17 13.69
N SER C 468 -116.19 -25.92 13.06
CA SER C 468 -117.40 -26.62 13.45
C SER C 468 -117.35 -28.09 13.07
N ASP C 469 -116.70 -28.42 11.95
CA ASP C 469 -116.53 -29.80 11.51
C ASP C 469 -115.05 -30.15 11.52
N ILE C 470 -114.38 -29.79 12.62
CA ILE C 470 -112.93 -29.91 12.75
C ILE C 470 -112.46 -31.36 12.58
N ARG C 471 -113.33 -32.34 12.81
CA ARG C 471 -112.92 -33.73 12.68
C ARG C 471 -112.70 -34.16 11.24
N ASP C 472 -113.22 -33.40 10.27
CA ASP C 472 -113.14 -33.76 8.86
C ASP C 472 -111.99 -33.05 8.14
N GLN C 473 -111.16 -32.31 8.86
CA GLN C 473 -110.10 -31.54 8.22
C GLN C 473 -109.04 -32.47 7.63
N SER C 474 -108.53 -32.10 6.46
CA SER C 474 -107.44 -32.84 5.84
C SER C 474 -106.17 -32.65 6.66
N ARG C 475 -105.45 -33.75 6.88
CA ARG C 475 -104.28 -33.75 7.75
C ARG C 475 -103.12 -34.42 7.06
N ASN C 476 -101.91 -34.12 7.55
CA ASN C 476 -100.69 -34.61 6.94
C ASN C 476 -100.09 -35.82 7.67
N TRP C 477 -100.55 -36.12 8.88
CA TRP C 477 -99.91 -37.12 9.72
C TRP C 477 -100.95 -38.06 10.32
N LEU C 478 -100.47 -39.17 10.87
CA LEU C 478 -101.29 -40.21 11.45
C LEU C 478 -100.74 -40.59 12.82
N PRO C 479 -101.60 -41.08 13.71
CA PRO C 479 -101.11 -41.56 15.02
C PRO C 479 -100.28 -42.82 14.87
N GLY C 480 -99.39 -43.04 15.84
CA GLY C 480 -98.45 -44.13 15.79
C GLY C 480 -99.08 -45.50 15.79
N PRO C 481 -98.26 -46.54 15.67
CA PRO C 481 -98.79 -47.90 15.55
C PRO C 481 -99.40 -48.39 16.86
N CYS C 482 -100.24 -49.41 16.69
CA CYS C 482 -101.05 -49.92 17.81
C CYS C 482 -101.01 -51.45 17.88
N TYR C 483 -101.11 -52.01 19.08
CA TYR C 483 -101.26 -53.46 19.28
C TYR C 483 -102.18 -53.62 20.49
N ARG C 484 -103.47 -53.80 20.23
CA ARG C 484 -104.49 -53.55 21.23
C ARG C 484 -104.31 -54.42 22.47
N GLN C 485 -104.52 -53.82 23.63
CA GLN C 485 -104.46 -54.48 24.92
C GLN C 485 -105.84 -54.53 25.55
N GLN C 486 -106.07 -55.53 26.39
CA GLN C 486 -107.32 -55.59 27.14
C GLN C 486 -107.33 -54.54 28.24
N ARG C 487 -108.50 -53.98 28.50
CA ARG C 487 -108.67 -52.93 29.49
C ARG C 487 -109.09 -53.52 30.82
N VAL C 488 -108.33 -53.14 31.85
CA VAL C 488 -108.61 -53.58 33.25
C VAL C 488 -108.79 -52.31 34.08
N SER C 489 -109.57 -52.37 35.15
CA SER C 489 -109.85 -51.23 36.01
C SER C 489 -109.21 -51.42 37.37
N LYS C 490 -108.74 -50.31 37.96
CA LYS C 490 -108.12 -50.36 39.31
C LYS C 490 -109.24 -50.62 40.33
N THR C 491 -110.48 -50.23 40.03
CA THR C 491 -111.64 -50.58 40.89
C THR C 491 -111.97 -52.04 40.60
N SER C 492 -111.80 -52.93 41.58
CA SER C 492 -111.97 -54.38 41.33
C SER C 492 -113.37 -54.75 40.82
N ALA C 493 -114.43 -54.21 41.42
CA ALA C 493 -115.78 -54.61 41.03
C ALA C 493 -116.03 -54.37 39.55
N ASP C 494 -115.32 -53.42 38.94
CA ASP C 494 -115.54 -53.08 37.54
C ASP C 494 -115.03 -54.15 36.58
N ASN C 495 -114.23 -55.10 37.06
CA ASN C 495 -113.63 -56.10 36.21
C ASN C 495 -114.52 -57.33 36.10
N ASN C 496 -114.33 -58.09 35.02
CA ASN C 496 -115.09 -59.31 34.81
C ASN C 496 -114.71 -60.36 35.85
N ASN C 497 -115.71 -61.09 36.33
CA ASN C 497 -115.50 -62.11 37.36
C ASN C 497 -115.09 -63.42 36.69
N SER C 498 -113.85 -63.44 36.20
CA SER C 498 -113.30 -64.60 35.54
C SER C 498 -111.78 -64.48 35.55
N GLU C 499 -111.12 -65.60 35.20
CA GLU C 499 -109.64 -65.61 35.09
C GLU C 499 -109.29 -65.35 33.63
N TYR C 500 -108.86 -64.13 33.32
CA TYR C 500 -108.56 -63.73 31.96
C TYR C 500 -107.15 -63.12 31.84
N SER C 501 -106.26 -63.42 32.78
CA SER C 501 -104.91 -62.87 32.71
C SER C 501 -104.11 -63.44 31.54
N TRP C 502 -104.52 -64.58 30.99
CA TRP C 502 -103.86 -65.17 29.84
C TRP C 502 -104.77 -65.33 28.63
N THR C 503 -106.03 -65.72 28.85
CA THR C 503 -106.95 -65.87 27.72
C THR C 503 -107.20 -64.55 27.03
N GLY C 504 -107.38 -63.48 27.80
CA GLY C 504 -107.56 -62.14 27.27
C GLY C 504 -106.27 -61.35 27.10
N ALA C 505 -105.12 -61.99 27.31
CA ALA C 505 -103.84 -61.30 27.23
C ALA C 505 -103.42 -61.08 25.78
N THR C 506 -102.62 -60.04 25.58
CA THR C 506 -102.04 -59.74 24.28
C THR C 506 -100.72 -60.48 24.14
N LYS C 507 -100.59 -61.29 23.09
CA LYS C 507 -99.48 -62.23 22.96
C LYS C 507 -98.89 -62.15 21.56
N TYR C 508 -97.63 -62.57 21.46
CA TYR C 508 -96.99 -62.80 20.17
C TYR C 508 -96.54 -64.26 20.11
N HIS C 509 -96.63 -64.84 18.93
CA HIS C 509 -96.37 -66.25 18.70
C HIS C 509 -95.00 -66.40 18.04
N LEU C 510 -94.13 -67.20 18.65
CA LEU C 510 -92.77 -67.38 18.16
C LEU C 510 -92.36 -68.83 18.36
N ASN C 511 -92.13 -69.55 17.26
CA ASN C 511 -91.68 -70.94 17.29
C ASN C 511 -92.63 -71.83 18.09
N GLY C 512 -93.94 -71.59 17.94
CA GLY C 512 -94.94 -72.38 18.61
C GLY C 512 -95.18 -72.04 20.06
N ARG C 513 -94.50 -71.02 20.57
CA ARG C 513 -94.75 -70.62 21.98
C ARG C 513 -95.30 -69.19 22.07
N ASP C 514 -96.32 -68.99 22.90
CA ASP C 514 -96.93 -67.69 23.14
C ASP C 514 -96.17 -66.98 24.25
N SER C 515 -95.75 -65.75 23.99
CA SER C 515 -95.11 -64.91 24.99
C SER C 515 -96.00 -63.69 25.24
N LEU C 516 -96.08 -63.28 26.49
CA LEU C 516 -96.86 -62.10 26.84
C LEU C 516 -96.21 -60.86 26.25
N VAL C 517 -97.04 -59.99 25.67
CA VAL C 517 -96.58 -58.70 25.17
C VAL C 517 -96.64 -57.72 26.33
N ASN C 518 -95.49 -57.42 26.91
CA ASN C 518 -95.41 -56.63 28.12
C ASN C 518 -94.11 -55.84 28.16
N PRO C 519 -94.16 -54.51 28.10
CA PRO C 519 -95.35 -53.65 27.98
C PRO C 519 -95.78 -53.43 26.54
N GLY C 520 -94.98 -53.87 25.57
CA GLY C 520 -95.33 -53.75 24.18
C GLY C 520 -95.09 -52.37 23.61
N PRO C 521 -95.68 -52.10 22.44
CA PRO C 521 -95.50 -50.79 21.81
C PRO C 521 -96.05 -49.67 22.68
N ALA C 522 -95.39 -48.53 22.62
CA ALA C 522 -95.76 -47.38 23.45
C ALA C 522 -97.13 -46.85 23.05
N MET C 523 -98.09 -46.94 23.97
CA MET C 523 -99.44 -46.49 23.73
C MET C 523 -99.98 -45.83 24.99
N ALA C 524 -100.94 -44.94 24.82
CA ALA C 524 -101.54 -44.24 25.95
C ALA C 524 -102.30 -45.22 26.83
N SER C 525 -102.13 -45.05 28.15
CA SER C 525 -102.81 -45.94 29.09
C SER C 525 -104.32 -45.78 29.03
N HIS C 526 -104.80 -44.55 28.87
CA HIS C 526 -106.22 -44.29 28.89
C HIS C 526 -106.50 -42.95 28.21
N LYS C 527 -107.75 -42.73 27.88
CA LYS C 527 -108.19 -41.48 27.27
C LYS C 527 -108.57 -40.49 28.37
N ASP C 528 -109.20 -39.37 27.99
CA ASP C 528 -109.58 -38.36 28.97
C ASP C 528 -110.54 -38.92 30.00
N ASP C 529 -110.31 -38.55 31.26
CA ASP C 529 -111.22 -38.86 32.37
C ASP C 529 -111.45 -40.36 32.52
N GLU C 530 -110.40 -41.15 32.31
CA GLU C 530 -110.47 -42.60 32.49
C GLU C 530 -109.20 -43.09 33.17
N GLU C 531 -108.74 -42.37 34.19
CA GLU C 531 -107.48 -42.69 34.85
C GLU C 531 -107.53 -44.02 35.58
N LYS C 532 -108.72 -44.54 35.88
CA LYS C 532 -108.82 -45.82 36.56
C LYS C 532 -108.54 -47.00 35.65
N PHE C 533 -108.50 -46.78 34.33
CA PHE C 533 -108.28 -47.85 33.37
C PHE C 533 -106.84 -47.89 32.92
N PHE C 534 -106.27 -49.09 32.85
CA PHE C 534 -104.93 -49.29 32.34
C PHE C 534 -104.90 -50.56 31.51
N PRO C 535 -103.99 -50.63 30.53
CA PRO C 535 -103.87 -51.87 29.75
C PRO C 535 -103.42 -53.04 30.60
N GLN C 536 -103.88 -54.23 30.23
CA GLN C 536 -103.63 -55.41 31.05
C GLN C 536 -102.15 -55.71 31.19
N SER C 537 -101.39 -55.59 30.10
CA SER C 537 -99.94 -55.77 30.14
C SER C 537 -99.25 -54.70 29.32
N GLY C 538 -99.80 -53.49 29.34
CA GLY C 538 -99.26 -52.39 28.54
C GLY C 538 -98.55 -51.30 29.31
N VAL C 539 -98.37 -51.44 30.61
CA VAL C 539 -97.67 -50.45 31.42
C VAL C 539 -96.68 -51.15 32.34
N LEU C 540 -95.64 -50.43 32.73
CA LEU C 540 -94.73 -50.94 33.74
C LEU C 540 -95.40 -50.90 35.11
N ILE C 541 -95.23 -51.97 35.88
CA ILE C 541 -95.78 -52.08 37.22
C ILE C 541 -94.62 -52.29 38.18
N PHE C 542 -94.40 -51.34 39.06
CA PHE C 542 -93.35 -51.41 40.07
C PHE C 542 -93.94 -51.84 41.40
N GLY C 543 -93.16 -52.60 42.16
CA GLY C 543 -93.58 -53.04 43.47
C GLY C 543 -93.23 -52.02 44.54
N LYS C 544 -94.15 -51.85 45.49
CA LYS C 544 -93.86 -51.03 46.65
C LYS C 544 -92.87 -51.75 47.56
N GLN C 545 -92.34 -51.01 48.53
CA GLN C 545 -91.37 -51.60 49.45
C GLN C 545 -92.02 -52.71 50.26
N GLY C 546 -91.33 -53.84 50.34
CA GLY C 546 -91.83 -54.99 51.06
C GLY C 546 -92.80 -55.87 50.30
N SER C 547 -93.00 -55.60 49.01
CA SER C 547 -93.99 -56.36 48.22
C SER C 547 -93.46 -57.76 47.92
N GLU C 548 -94.32 -58.78 47.99
CA GLU C 548 -93.92 -60.15 47.74
C GLU C 548 -93.76 -60.39 46.24
N LYS C 549 -93.60 -61.65 45.86
CA LYS C 549 -93.33 -61.99 44.47
C LYS C 549 -94.57 -62.45 43.72
N THR C 550 -95.45 -63.22 44.37
CA THR C 550 -96.56 -63.89 43.69
C THR C 550 -97.89 -63.36 44.21
N ASN C 551 -98.74 -62.91 43.27
CA ASN C 551 -100.14 -62.61 43.53
C ASN C 551 -100.32 -61.57 44.64
N VAL C 552 -99.59 -60.47 44.53
CA VAL C 552 -99.78 -59.35 45.44
C VAL C 552 -100.97 -58.53 44.98
N ASP C 553 -101.62 -57.85 45.92
CA ASP C 553 -102.79 -57.07 45.60
C ASP C 553 -102.41 -55.80 44.84
N ILE C 554 -103.43 -55.11 44.33
CA ILE C 554 -103.18 -53.90 43.55
C ILE C 554 -102.63 -52.79 44.44
N GLU C 555 -103.02 -52.75 45.72
CA GLU C 555 -102.49 -51.75 46.63
C GLU C 555 -101.03 -51.97 46.98
N LYS C 556 -100.47 -53.14 46.64
CA LYS C 556 -99.07 -53.43 46.87
C LYS C 556 -98.18 -53.02 45.70
N VAL C 557 -98.75 -52.59 44.59
CA VAL C 557 -97.99 -52.24 43.40
C VAL C 557 -98.36 -50.83 42.97
N MET C 558 -97.45 -50.21 42.22
CA MET C 558 -97.64 -48.87 41.67
C MET C 558 -97.64 -48.98 40.15
N ILE C 559 -98.79 -48.67 39.54
CA ILE C 559 -98.98 -48.82 38.11
C ILE C 559 -98.67 -47.49 37.44
N THR C 560 -97.78 -47.51 36.44
CA THR C 560 -97.38 -46.29 35.76
C THR C 560 -98.47 -45.84 34.78
N ASP C 561 -98.36 -44.58 34.37
CA ASP C 561 -99.34 -44.01 33.43
C ASP C 561 -98.60 -43.39 32.26
N GLU C 562 -99.04 -43.68 31.05
CA GLU C 562 -98.49 -43.15 29.82
C GLU C 562 -99.49 -42.24 29.12
N GLU C 563 -100.17 -41.39 29.89
CA GLU C 563 -101.19 -40.51 29.33
C GLU C 563 -100.60 -39.30 28.62
N GLU C 564 -99.34 -38.96 28.88
CA GLU C 564 -98.74 -37.80 28.25
C GLU C 564 -98.53 -37.99 26.76
N ILE C 565 -98.60 -39.22 26.26
CA ILE C 565 -98.35 -39.50 24.85
C ILE C 565 -99.64 -39.75 24.08
N ARG C 566 -100.80 -39.52 24.70
CA ARG C 566 -102.05 -39.69 24.00
C ARG C 566 -102.29 -38.62 22.94
N THR C 567 -101.46 -37.59 22.90
CA THR C 567 -101.56 -36.58 21.85
C THR C 567 -101.21 -37.16 20.48
N THR C 568 -100.24 -38.09 20.43
CA THR C 568 -99.81 -38.69 19.17
C THR C 568 -99.97 -40.20 19.12
N ASN C 569 -100.13 -40.87 20.24
CA ASN C 569 -100.21 -42.33 20.27
C ASN C 569 -101.62 -42.78 20.57
N PRO C 570 -102.09 -43.84 19.91
CA PRO C 570 -103.43 -44.34 20.19
C PRO C 570 -103.53 -44.92 21.59
N VAL C 571 -104.75 -44.87 22.14
CA VAL C 571 -105.00 -45.47 23.44
C VAL C 571 -104.83 -46.98 23.33
N ALA C 572 -104.17 -47.56 24.33
CA ALA C 572 -103.77 -48.96 24.25
C ALA C 572 -104.98 -49.89 24.17
N THR C 573 -106.05 -49.56 24.87
CA THR C 573 -107.20 -50.45 24.99
C THR C 573 -108.26 -50.21 23.92
N GLU C 574 -108.02 -49.29 22.99
CA GLU C 574 -108.99 -48.97 21.95
C GLU C 574 -108.39 -49.28 20.58
N GLN C 575 -109.26 -49.29 19.58
CA GLN C 575 -108.83 -49.55 18.21
C GLN C 575 -108.05 -48.36 17.66
N TYR C 576 -107.19 -48.64 16.69
CA TYR C 576 -106.49 -47.56 15.98
C TYR C 576 -107.47 -46.71 15.20
N GLY C 577 -108.44 -47.33 14.54
CA GLY C 577 -109.37 -46.60 13.71
C GLY C 577 -110.29 -47.56 12.98
N SER C 578 -110.82 -47.09 11.85
CA SER C 578 -111.72 -47.87 11.03
C SER C 578 -111.30 -47.80 9.57
N VAL C 579 -111.51 -48.91 8.86
CA VAL C 579 -111.24 -49.00 7.44
C VAL C 579 -112.46 -49.59 6.76
N SER C 580 -112.58 -49.31 5.46
CA SER C 580 -113.66 -49.89 4.67
C SER C 580 -113.38 -51.37 4.38
N THR C 581 -114.44 -52.16 4.31
CA THR C 581 -114.31 -53.58 4.07
C THR C 581 -115.05 -54.07 2.84
N ASN C 582 -115.82 -53.21 2.16
CA ASN C 582 -116.55 -53.62 0.98
C ASN C 582 -116.63 -52.44 0.01
N LEU C 583 -117.45 -52.57 -1.02
CA LEU C 583 -117.67 -51.52 -2.00
C LEU C 583 -119.15 -51.18 -2.03
N GLN C 584 -119.49 -49.99 -1.53
CA GLN C 584 -120.87 -49.54 -1.55
C GLN C 584 -121.33 -49.31 -2.99
N ARG C 585 -122.62 -49.59 -3.20
CA ARG C 585 -123.19 -49.48 -4.57
C ARG C 585 -124.70 -49.33 -4.45
N GLY C 586 -125.29 -48.50 -5.32
CA GLY C 586 -126.73 -48.37 -5.38
C GLY C 586 -127.37 -49.35 -6.34
N ASN C 587 -128.69 -49.20 -6.49
CA ASN C 587 -129.46 -50.15 -7.32
C ASN C 587 -129.24 -49.87 -8.81
N THR C 594 -128.09 -55.69 -6.45
CA THR C 594 -128.89 -55.00 -5.40
C THR C 594 -128.04 -53.90 -4.77
N SER C 595 -128.56 -53.14 -3.79
CA SER C 595 -127.66 -52.16 -3.21
C SER C 595 -126.87 -52.77 -2.06
N ARG C 596 -125.67 -52.23 -1.84
CA ARG C 596 -124.80 -52.63 -0.75
C ARG C 596 -124.37 -51.39 0.02
N GLN C 597 -124.61 -51.37 1.32
CA GLN C 597 -124.24 -50.24 2.15
C GLN C 597 -122.79 -50.35 2.59
N ALA C 598 -122.16 -49.19 2.77
CA ALA C 598 -120.76 -49.15 3.15
C ALA C 598 -120.56 -49.77 4.53
N ALA C 599 -119.51 -50.59 4.66
CA ALA C 599 -119.21 -51.29 5.89
C ALA C 599 -117.80 -50.94 6.34
N THR C 600 -117.61 -50.92 7.66
CA THR C 600 -116.32 -50.60 8.26
C THR C 600 -115.99 -51.62 9.33
N ALA C 601 -114.69 -51.76 9.61
CA ALA C 601 -114.19 -52.66 10.63
C ALA C 601 -113.18 -51.94 11.50
N ASP C 602 -113.12 -52.35 12.76
CA ASP C 602 -112.12 -51.81 13.68
C ASP C 602 -110.74 -52.37 13.34
N VAL C 603 -109.73 -51.53 13.50
CA VAL C 603 -108.34 -51.91 13.26
C VAL C 603 -107.71 -52.08 14.63
N ASN C 604 -107.73 -53.32 15.14
CA ASN C 604 -107.18 -53.61 16.46
C ASN C 604 -105.66 -53.70 16.45
N THR C 605 -105.05 -53.93 15.28
CA THR C 605 -103.61 -53.94 15.14
C THR C 605 -103.24 -53.16 13.90
N GLN C 606 -102.33 -52.21 14.04
CA GLN C 606 -101.92 -51.34 12.94
C GLN C 606 -100.40 -51.30 12.89
N GLY C 607 -99.84 -51.69 11.74
CA GLY C 607 -98.42 -51.54 11.52
C GLY C 607 -98.06 -50.12 11.16
N VAL C 608 -96.76 -49.89 10.99
CA VAL C 608 -96.27 -48.55 10.69
C VAL C 608 -96.64 -48.18 9.26
N LEU C 609 -97.22 -47.00 9.10
CA LEU C 609 -97.59 -46.43 7.82
C LEU C 609 -96.75 -45.19 7.54
N PRO C 610 -96.52 -44.85 6.27
CA PRO C 610 -95.84 -43.59 5.96
C PRO C 610 -96.62 -42.40 6.49
N GLY C 611 -95.90 -41.43 7.03
CA GLY C 611 -96.52 -40.28 7.66
C GLY C 611 -96.91 -40.48 9.11
N MET C 612 -96.56 -41.62 9.71
CA MET C 612 -96.94 -41.90 11.12
C MET C 612 -95.93 -41.28 12.08
N VAL C 613 -96.40 -40.66 13.16
CA VAL C 613 -95.61 -40.04 14.21
C VAL C 613 -96.05 -40.60 15.55
N TRP C 614 -95.09 -40.80 16.46
CA TRP C 614 -95.38 -41.41 17.75
C TRP C 614 -94.32 -40.97 18.75
N GLN C 615 -94.63 -41.21 20.03
CA GLN C 615 -93.71 -40.98 21.12
C GLN C 615 -93.33 -42.31 21.76
N ASP C 616 -92.09 -42.41 22.20
CA ASP C 616 -91.63 -43.64 22.85
C ASP C 616 -92.14 -43.71 24.28
N ARG C 617 -91.94 -44.86 24.91
CA ARG C 617 -92.36 -45.05 26.29
C ARG C 617 -91.50 -44.19 27.22
N ASP C 618 -92.12 -43.67 28.27
CA ASP C 618 -91.42 -42.84 29.23
C ASP C 618 -90.46 -43.68 30.07
N VAL C 619 -89.42 -43.02 30.57
CA VAL C 619 -88.49 -43.64 31.52
C VAL C 619 -88.83 -43.15 32.91
N TYR C 620 -88.49 -43.96 33.91
CA TYR C 620 -88.85 -43.70 35.29
C TYR C 620 -87.61 -43.81 36.16
N LEU C 621 -87.71 -43.24 37.36
CA LEU C 621 -86.59 -43.30 38.30
C LEU C 621 -86.27 -44.75 38.66
N GLN C 622 -87.29 -45.57 38.86
CA GLN C 622 -87.11 -46.99 39.11
C GLN C 622 -86.96 -47.81 37.84
N GLY C 623 -87.09 -47.19 36.67
CA GLY C 623 -87.09 -47.92 35.42
C GLY C 623 -85.71 -48.18 34.88
N PRO C 624 -85.63 -49.02 33.84
CA PRO C 624 -84.34 -49.29 33.21
C PRO C 624 -83.84 -48.11 32.39
N ILE C 625 -82.52 -48.08 32.20
CA ILE C 625 -81.87 -47.02 31.46
C ILE C 625 -81.67 -47.40 30.00
N TRP C 626 -81.14 -48.59 29.74
CA TRP C 626 -80.76 -48.98 28.39
C TRP C 626 -81.09 -50.45 28.16
N ALA C 627 -80.88 -50.88 26.92
CA ALA C 627 -80.97 -52.28 26.56
C ALA C 627 -80.12 -52.50 25.32
N LYS C 628 -79.68 -53.74 25.13
CA LYS C 628 -78.87 -54.08 23.96
C LYS C 628 -79.77 -54.39 22.77
N ILE C 629 -79.55 -53.69 21.68
CA ILE C 629 -80.29 -53.98 20.45
C ILE C 629 -79.85 -55.35 19.92
N PRO C 630 -80.77 -56.28 19.67
CA PRO C 630 -80.36 -57.61 19.19
C PRO C 630 -79.61 -57.52 17.88
N HIS C 631 -78.61 -58.38 17.73
CA HIS C 631 -77.80 -58.43 16.51
C HIS C 631 -78.60 -59.15 15.44
N THR C 632 -79.37 -58.38 14.67
CA THR C 632 -80.24 -58.91 13.64
C THR C 632 -80.04 -58.13 12.36
N ASP C 633 -80.48 -58.71 11.25
CA ASP C 633 -80.31 -58.05 9.93
C ASP C 633 -81.16 -56.79 9.88
N GLY C 634 -82.36 -56.83 10.43
CA GLY C 634 -83.25 -55.70 10.38
C GLY C 634 -83.93 -55.45 11.72
N HIS C 635 -84.21 -54.18 11.96
CA HIS C 635 -84.99 -53.74 13.11
C HIS C 635 -85.52 -52.35 12.81
N PHE C 636 -86.69 -52.05 13.36
CA PHE C 636 -87.33 -50.76 13.15
C PHE C 636 -87.45 -50.04 14.48
N HIS C 637 -86.92 -48.82 14.53
CA HIS C 637 -86.96 -47.97 15.72
C HIS C 637 -86.52 -48.75 16.95
N PRO C 638 -85.23 -49.05 17.10
CA PRO C 638 -84.74 -49.91 18.18
C PRO C 638 -84.67 -49.23 19.55
N SER C 639 -85.74 -48.55 19.91
CA SER C 639 -85.93 -48.10 21.29
C SER C 639 -86.52 -49.24 22.11
N PRO C 640 -85.95 -49.56 23.26
CA PRO C 640 -86.48 -50.67 24.07
C PRO C 640 -87.94 -50.43 24.44
N LEU C 641 -88.73 -51.49 24.37
CA LEU C 641 -90.15 -51.37 24.66
C LEU C 641 -90.43 -51.11 26.12
N MET C 642 -89.55 -51.59 27.01
CA MET C 642 -89.68 -51.30 28.44
C MET C 642 -89.28 -49.88 28.79
N GLY C 643 -88.70 -49.14 27.87
CA GLY C 643 -88.29 -47.77 28.10
C GLY C 643 -86.78 -47.64 28.22
N GLY C 644 -86.25 -46.58 27.63
CA GLY C 644 -84.82 -46.33 27.71
C GLY C 644 -84.14 -46.08 26.39
N PHE C 645 -82.83 -46.32 26.35
CA PHE C 645 -82.01 -46.04 25.18
C PHE C 645 -81.55 -47.35 24.56
N GLY C 646 -81.82 -47.51 23.26
CA GLY C 646 -81.35 -48.67 22.54
C GLY C 646 -79.91 -48.52 22.12
N LEU C 647 -79.04 -49.45 22.52
CA LEU C 647 -77.61 -49.36 22.27
C LEU C 647 -77.15 -50.60 21.52
N LYS C 648 -76.50 -50.40 20.38
CA LYS C 648 -75.90 -51.52 19.68
C LYS C 648 -74.72 -52.09 20.46
N HIS C 649 -73.98 -51.22 21.14
CA HIS C 649 -72.88 -51.60 22.03
C HIS C 649 -73.17 -51.00 23.40
N PRO C 650 -73.99 -51.66 24.21
CA PRO C 650 -74.34 -51.12 25.52
C PRO C 650 -73.17 -51.25 26.49
N PRO C 651 -73.28 -50.69 27.69
CA PRO C 651 -72.24 -50.90 28.69
C PRO C 651 -72.00 -52.38 28.91
N PRO C 652 -70.74 -52.82 28.85
CA PRO C 652 -70.46 -54.26 28.91
C PRO C 652 -70.81 -54.87 30.25
N GLN C 653 -71.16 -56.15 30.22
CA GLN C 653 -71.38 -56.89 31.45
C GLN C 653 -70.09 -57.02 32.23
N ILE C 654 -70.16 -56.79 33.54
CA ILE C 654 -69.00 -56.89 34.43
C ILE C 654 -69.21 -58.14 35.27
N LEU C 655 -68.38 -59.15 35.05
CA LEU C 655 -68.51 -60.44 35.71
C LEU C 655 -67.47 -60.55 36.82
N ILE C 656 -67.91 -60.98 37.99
CA ILE C 656 -67.04 -61.10 39.16
C ILE C 656 -67.35 -62.43 39.85
N LYS C 657 -66.31 -63.12 40.31
CA LYS C 657 -66.48 -64.34 41.07
C LYS C 657 -65.29 -64.54 41.99
N ASN C 658 -65.50 -65.33 43.04
CA ASN C 658 -64.43 -65.66 43.96
C ASN C 658 -63.61 -66.81 43.40
N THR C 659 -62.29 -66.69 43.46
CA THR C 659 -61.43 -67.76 43.00
C THR C 659 -61.55 -68.95 43.95
N PRO C 660 -61.84 -70.15 43.44
CA PRO C 660 -61.97 -71.30 44.34
C PRO C 660 -60.64 -71.64 45.00
N VAL C 661 -60.69 -71.80 46.32
CA VAL C 661 -59.52 -72.17 47.11
C VAL C 661 -59.72 -73.61 47.58
N PRO C 662 -58.97 -74.57 47.06
CA PRO C 662 -59.17 -75.97 47.46
C PRO C 662 -58.89 -76.17 48.94
N ALA C 663 -59.64 -77.08 49.54
CA ALA C 663 -59.44 -77.47 50.93
C ALA C 663 -58.26 -78.45 51.00
N ASN C 664 -58.09 -79.11 52.13
CA ASN C 664 -56.95 -79.98 52.34
C ASN C 664 -56.98 -81.15 51.35
N PRO C 665 -55.97 -81.31 50.50
CA PRO C 665 -55.96 -82.43 49.56
C PRO C 665 -55.42 -83.70 50.20
N SER C 666 -55.66 -84.80 49.49
CA SER C 666 -55.16 -86.12 49.92
C SER C 666 -53.67 -86.21 49.63
N THR C 667 -52.91 -86.87 50.49
CA THR C 667 -51.49 -87.06 50.27
C THR C 667 -51.20 -88.01 49.12
N THR C 668 -52.18 -88.77 48.66
CA THR C 668 -52.06 -89.63 47.50
C THR C 668 -52.73 -88.95 46.31
N PHE C 669 -52.09 -89.07 45.14
CA PHE C 669 -52.63 -88.41 43.96
C PHE C 669 -53.97 -89.00 43.56
N SER C 670 -54.91 -88.13 43.21
CA SER C 670 -56.21 -88.53 42.70
C SER C 670 -56.53 -87.70 41.46
N ALA C 671 -56.90 -88.38 40.39
CA ALA C 671 -57.23 -87.69 39.14
C ALA C 671 -58.62 -87.07 39.15
N ALA C 672 -59.43 -87.37 40.15
CA ALA C 672 -60.75 -86.76 40.26
C ALA C 672 -60.62 -85.26 40.52
N LYS C 673 -61.48 -84.49 39.88
CA LYS C 673 -61.45 -83.04 40.08
C LYS C 673 -61.82 -82.70 41.52
N PHE C 674 -61.28 -81.57 41.98
CA PHE C 674 -61.50 -81.15 43.39
C PHE C 674 -62.97 -80.85 43.64
N ALA C 675 -63.51 -81.41 44.73
CA ALA C 675 -64.89 -81.17 45.12
C ALA C 675 -65.00 -80.53 46.50
N SER C 676 -63.90 -80.40 47.25
CA SER C 676 -63.90 -79.79 48.56
C SER C 676 -63.15 -78.48 48.49
N PHE C 677 -63.78 -77.40 48.96
CA PHE C 677 -63.20 -76.07 48.91
C PHE C 677 -63.42 -75.37 50.25
N ILE C 678 -62.61 -74.35 50.50
CA ILE C 678 -62.78 -73.51 51.67
C ILE C 678 -63.94 -72.56 51.40
N THR C 679 -64.92 -72.56 52.30
CA THR C 679 -66.07 -71.68 52.15
C THR C 679 -65.63 -70.24 52.33
N GLN C 680 -66.00 -69.38 51.38
CA GLN C 680 -65.58 -68.00 51.45
C GLN C 680 -66.49 -67.13 50.59
N TYR C 681 -66.52 -65.85 50.94
CA TYR C 681 -67.24 -64.84 50.19
C TYR C 681 -66.36 -63.60 50.12
N SER C 682 -66.82 -62.60 49.38
CA SER C 682 -66.07 -61.36 49.26
C SER C 682 -67.01 -60.17 49.45
N THR C 683 -66.44 -59.06 49.91
CA THR C 683 -67.16 -57.82 50.06
C THR C 683 -66.26 -56.69 49.60
N GLY C 684 -66.87 -55.58 49.19
CA GLY C 684 -66.10 -54.47 48.70
C GLY C 684 -67.00 -53.31 48.33
N GLN C 685 -66.41 -52.34 47.63
CA GLN C 685 -67.12 -51.15 47.20
C GLN C 685 -67.11 -51.07 45.68
N VAL C 686 -68.19 -50.55 45.12
CA VAL C 686 -68.35 -50.39 43.69
C VAL C 686 -68.74 -48.94 43.41
N SER C 687 -68.11 -48.34 42.41
CA SER C 687 -68.37 -46.96 42.02
C SER C 687 -68.79 -46.90 40.55
N VAL C 688 -69.88 -46.19 40.28
CA VAL C 688 -70.36 -45.96 38.93
C VAL C 688 -70.53 -44.47 38.74
N GLU C 689 -69.86 -43.90 37.75
CA GLU C 689 -69.97 -42.49 37.42
C GLU C 689 -70.40 -42.34 35.97
N ILE C 690 -71.54 -41.69 35.74
CA ILE C 690 -72.08 -41.53 34.40
C ILE C 690 -72.23 -40.04 34.12
N GLU C 691 -71.74 -39.60 32.97
CA GLU C 691 -71.95 -38.25 32.48
C GLU C 691 -73.15 -38.24 31.55
N TRP C 692 -74.09 -37.33 31.81
CA TRP C 692 -75.31 -37.21 31.02
C TRP C 692 -75.31 -35.85 30.33
N GLU C 693 -75.79 -35.82 29.10
CA GLU C 693 -75.97 -34.58 28.35
C GLU C 693 -77.42 -34.13 28.45
N LEU C 694 -77.62 -32.83 28.65
CA LEU C 694 -78.93 -32.26 28.86
C LEU C 694 -79.36 -31.44 27.64
N GLN C 695 -80.64 -31.50 27.34
CA GLN C 695 -81.26 -30.69 26.30
C GLN C 695 -82.11 -29.64 27.01
N LYS C 696 -81.58 -28.42 27.09
CA LYS C 696 -82.23 -27.38 27.88
C LYS C 696 -83.56 -26.96 27.27
N GLU C 697 -84.55 -26.76 28.12
CA GLU C 697 -85.86 -26.30 27.69
C GLU C 697 -85.78 -24.87 27.17
N ASN C 698 -86.43 -24.62 26.03
CA ASN C 698 -86.43 -23.32 25.36
C ASN C 698 -87.86 -22.93 25.00
N SER C 699 -88.77 -23.08 25.97
CA SER C 699 -90.18 -22.84 25.71
C SER C 699 -90.50 -21.35 25.72
N LYS C 700 -91.58 -20.96 25.05
CA LYS C 700 -92.04 -19.55 25.03
C LYS C 700 -93.50 -19.49 25.51
N ARG C 701 -93.98 -20.51 26.22
CA ARG C 701 -95.33 -20.43 26.77
C ARG C 701 -95.39 -19.39 27.87
N TRP C 702 -96.59 -18.82 28.05
CA TRP C 702 -96.77 -17.73 28.99
C TRP C 702 -97.14 -18.21 30.38
N ASN C 703 -98.14 -19.07 30.48
CA ASN C 703 -98.61 -19.53 31.77
C ASN C 703 -97.68 -20.60 32.34
N PRO C 704 -97.64 -20.81 33.68
CA PRO C 704 -96.72 -21.76 34.29
C PRO C 704 -96.94 -23.21 33.81
N GLU C 705 -95.95 -24.08 33.98
CA GLU C 705 -96.01 -25.48 33.48
C GLU C 705 -96.30 -26.46 34.62
N ILE C 706 -96.60 -27.72 34.30
CA ILE C 706 -96.68 -28.71 35.41
C ILE C 706 -95.28 -29.12 35.85
N GLN C 707 -95.00 -29.11 37.15
CA GLN C 707 -93.71 -29.56 37.65
C GLN C 707 -93.94 -30.61 38.73
N TYR C 708 -93.01 -31.56 38.83
CA TYR C 708 -93.06 -32.50 39.93
C TYR C 708 -92.70 -31.80 41.23
N THR C 709 -93.44 -32.10 42.29
CA THR C 709 -93.25 -31.42 43.56
C THR C 709 -93.60 -32.37 44.70
N SER C 710 -93.04 -32.06 45.86
CA SER C 710 -93.41 -32.83 47.07
C SER C 710 -94.71 -32.25 47.61
N ASN C 711 -95.46 -32.99 48.41
CA ASN C 711 -96.75 -32.43 48.89
C ASN C 711 -96.46 -31.71 50.20
N TYR C 712 -96.95 -30.49 50.36
CA TYR C 712 -96.63 -29.68 51.56
C TYR C 712 -97.33 -30.23 52.80
N ASN C 713 -98.50 -30.84 52.65
CA ASN C 713 -99.22 -31.24 53.85
C ASN C 713 -98.40 -32.18 54.72
N LYS C 714 -98.67 -32.11 56.03
CA LYS C 714 -97.93 -32.94 57.00
C LYS C 714 -98.20 -34.42 56.77
N SER C 715 -97.23 -35.24 57.14
CA SER C 715 -97.37 -36.67 56.99
C SER C 715 -96.53 -37.35 58.04
N ILE C 716 -96.85 -38.63 58.30
CA ILE C 716 -96.06 -39.40 59.26
C ILE C 716 -94.64 -39.60 58.76
N ASN C 717 -94.48 -39.89 57.47
CA ASN C 717 -93.18 -40.12 56.86
C ASN C 717 -92.97 -39.16 55.70
N VAL C 718 -91.73 -38.76 55.50
CA VAL C 718 -91.35 -37.96 54.35
C VAL C 718 -91.13 -38.88 53.15
N ASP C 719 -91.53 -38.43 51.97
CA ASP C 719 -91.38 -39.24 50.78
C ASP C 719 -89.90 -39.41 50.42
N PHE C 720 -89.56 -40.60 49.93
CA PHE C 720 -88.20 -40.94 49.49
C PHE C 720 -87.19 -40.77 50.61
N THR C 721 -87.58 -41.17 51.82
CA THR C 721 -86.69 -41.20 52.97
C THR C 721 -86.82 -42.55 53.65
N VAL C 722 -86.19 -42.69 54.80
CA VAL C 722 -86.27 -43.92 55.59
C VAL C 722 -87.34 -43.73 56.66
N ASP C 723 -87.92 -44.85 57.09
CA ASP C 723 -88.92 -44.82 58.16
C ASP C 723 -88.22 -45.06 59.51
N THR C 724 -89.01 -45.32 60.53
CA THR C 724 -88.45 -45.53 61.89
C THR C 724 -87.63 -46.83 61.90
N ASN C 725 -87.81 -47.68 60.90
CA ASN C 725 -87.00 -48.93 60.79
C ASN C 725 -85.78 -48.66 59.90
N GLY C 726 -85.63 -47.42 59.41
CA GLY C 726 -84.51 -47.09 58.52
C GLY C 726 -84.66 -47.75 57.16
N VAL C 727 -85.88 -48.14 56.81
CA VAL C 727 -86.13 -48.83 55.51
C VAL C 727 -86.43 -47.77 54.44
N TYR C 728 -85.60 -47.71 53.40
CA TYR C 728 -85.83 -46.75 52.33
C TYR C 728 -86.94 -47.24 51.41
N SER C 729 -87.83 -46.34 51.03
CA SER C 729 -88.93 -46.67 50.15
C SER C 729 -89.09 -45.57 49.10
N GLU C 730 -89.63 -45.97 47.95
CA GLU C 730 -89.96 -45.04 46.87
C GLU C 730 -91.48 -45.00 46.73
N PRO C 731 -92.15 -43.97 47.23
CA PRO C 731 -93.62 -44.03 47.33
C PRO C 731 -94.33 -44.13 46.00
N ARG C 732 -93.83 -43.54 44.93
CA ARG C 732 -94.53 -43.56 43.65
C ARG C 732 -93.51 -43.54 42.53
N PRO C 733 -93.88 -44.01 41.33
CA PRO C 733 -93.00 -43.85 40.18
C PRO C 733 -93.04 -42.41 39.68
N ILE C 734 -91.86 -41.89 39.34
CA ILE C 734 -91.74 -40.56 38.77
C ILE C 734 -91.25 -40.69 37.34
N GLY C 735 -92.03 -40.16 36.40
CA GLY C 735 -91.63 -40.10 35.02
C GLY C 735 -90.73 -38.91 34.76
N THR C 736 -90.66 -38.52 33.49
CA THR C 736 -89.88 -37.35 33.10
C THR C 736 -90.66 -36.31 32.34
N ARG C 737 -91.92 -36.56 32.00
CA ARG C 737 -92.65 -35.73 31.05
C ARG C 737 -93.54 -34.75 31.81
N TYR C 738 -92.93 -33.64 32.22
CA TYR C 738 -93.63 -32.57 32.92
C TYR C 738 -93.62 -31.25 32.16
N LEU C 739 -92.50 -30.89 31.55
CA LEU C 739 -92.47 -29.72 30.68
C LEU C 739 -93.23 -30.03 29.39
N THR C 740 -93.59 -28.99 28.67
CA THR C 740 -94.38 -29.12 27.45
C THR C 740 -93.65 -28.49 26.27
N ARG C 741 -93.88 -29.09 25.10
CA ARG C 741 -93.33 -28.54 23.84
C ARG C 741 -94.43 -28.68 22.79
N ASN C 742 -94.50 -27.77 21.81
CA ASN C 742 -95.46 -27.86 20.72
C ASN C 742 -95.09 -29.00 19.78
N LEU C 743 -96.10 -29.54 19.12
CA LEU C 743 -95.89 -30.59 18.12
C LEU C 743 -95.12 -30.07 16.91
N ALA D 218 23.87 -83.27 -6.46
CA ALA D 218 22.63 -82.54 -6.12
C ALA D 218 22.06 -83.10 -4.82
N ASP D 219 22.10 -84.42 -4.67
CA ASP D 219 21.46 -85.06 -3.50
C ASP D 219 22.47 -86.02 -2.85
N GLY D 220 23.73 -85.93 -3.26
CA GLY D 220 24.76 -86.76 -2.58
C GLY D 220 24.27 -88.18 -2.34
N VAL D 221 24.61 -88.75 -1.18
CA VAL D 221 24.26 -90.17 -0.91
C VAL D 221 23.22 -90.14 0.20
N GLY D 222 22.03 -90.62 -0.08
CA GLY D 222 20.96 -90.71 0.88
C GLY D 222 19.82 -89.75 0.66
N ASN D 223 19.90 -88.89 -0.34
CA ASN D 223 18.81 -87.97 -0.68
C ASN D 223 18.27 -88.35 -2.05
N SER D 224 16.96 -88.58 -2.13
CA SER D 224 16.35 -88.97 -3.38
C SER D 224 16.31 -87.78 -4.35
N SER D 225 16.61 -88.06 -5.62
CA SER D 225 16.64 -87.04 -6.65
C SER D 225 15.39 -87.05 -7.53
N GLY D 226 14.36 -87.81 -7.15
CA GLY D 226 13.14 -87.83 -7.92
C GLY D 226 12.09 -88.68 -7.22
N ASN D 227 10.89 -88.64 -7.78
CA ASN D 227 9.75 -89.37 -7.24
C ASN D 227 9.12 -90.21 -8.35
N TRP D 228 8.29 -91.16 -7.94
CA TRP D 228 7.60 -92.05 -8.87
C TRP D 228 6.33 -91.36 -9.35
N HIS D 229 6.29 -91.04 -10.64
CA HIS D 229 5.10 -90.38 -11.24
C HIS D 229 4.61 -91.27 -12.38
N CYS D 230 3.65 -92.13 -12.11
CA CYS D 230 3.06 -92.99 -13.18
C CYS D 230 1.55 -92.77 -13.11
N ASP D 231 0.97 -92.05 -14.08
CA ASP D 231 -0.48 -91.73 -14.02
C ASP D 231 -0.94 -91.04 -15.29
N SER D 232 -2.24 -90.78 -15.44
CA SER D 232 -2.68 -90.00 -16.58
C SER D 232 -3.77 -89.04 -16.15
N THR D 233 -3.75 -87.84 -16.73
CA THR D 233 -4.73 -86.81 -16.43
C THR D 233 -5.45 -86.42 -17.72
N TRP D 234 -6.76 -86.50 -17.71
CA TRP D 234 -7.59 -86.10 -18.85
C TRP D 234 -8.20 -84.74 -18.54
N MET D 235 -7.87 -83.75 -19.37
CA MET D 235 -8.38 -82.37 -19.16
C MET D 235 -8.89 -81.83 -20.50
N GLY D 236 -10.18 -81.97 -20.77
CA GLY D 236 -10.76 -81.45 -22.00
C GLY D 236 -10.19 -82.16 -23.22
N ASP D 237 -9.57 -81.38 -24.10
CA ASP D 237 -9.00 -81.90 -25.34
C ASP D 237 -7.55 -82.32 -25.17
N ARG D 238 -7.11 -82.64 -23.96
CA ARG D 238 -5.75 -83.07 -23.70
C ARG D 238 -5.76 -84.26 -22.76
N VAL D 239 -4.78 -85.15 -22.94
CA VAL D 239 -4.50 -86.22 -21.99
C VAL D 239 -2.99 -86.28 -21.80
N THR D 240 -2.55 -86.18 -20.57
CA THR D 240 -1.13 -86.23 -20.23
C THR D 240 -0.84 -87.57 -19.55
N THR D 241 -0.03 -88.40 -20.18
CA THR D 241 0.34 -89.70 -19.66
C THR D 241 1.77 -89.64 -19.14
N THR D 242 1.97 -90.09 -17.91
CA THR D 242 3.28 -90.15 -17.28
C THR D 242 3.58 -91.58 -16.88
N SER D 243 4.82 -92.01 -17.12
CA SER D 243 5.23 -93.38 -16.81
C SER D 243 6.59 -93.36 -16.13
N THR D 244 6.76 -94.24 -15.14
CA THR D 244 8.04 -94.42 -14.48
C THR D 244 8.40 -95.90 -14.49
N ARG D 245 9.66 -96.20 -14.79
CA ARG D 245 10.15 -97.56 -14.84
C ARG D 245 11.50 -97.63 -14.16
N THR D 246 11.88 -98.84 -13.74
CA THR D 246 13.21 -99.11 -13.19
C THR D 246 14.04 -99.80 -14.26
N TRP D 247 15.20 -99.23 -14.57
CA TRP D 247 16.07 -99.74 -15.62
C TRP D 247 17.37 -100.25 -15.04
N ALA D 248 17.99 -101.17 -15.78
CA ALA D 248 19.31 -101.69 -15.47
C ALA D 248 20.21 -101.53 -16.68
N LEU D 249 21.37 -100.94 -16.49
CA LEU D 249 22.30 -100.67 -17.59
C LEU D 249 23.62 -101.38 -17.33
N PRO D 250 23.96 -102.41 -18.07
CA PRO D 250 25.24 -103.09 -17.90
C PRO D 250 26.35 -102.34 -18.63
N THR D 251 27.55 -102.92 -18.59
CA THR D 251 28.67 -102.43 -19.39
C THR D 251 28.67 -103.16 -20.71
N TYR D 252 28.61 -102.41 -21.80
CA TYR D 252 28.49 -102.99 -23.14
C TYR D 252 29.83 -102.97 -23.85
N ASN D 253 30.16 -104.09 -24.50
CA ASN D 253 31.38 -104.26 -25.29
C ASN D 253 32.65 -104.07 -24.48
N ASN D 254 32.55 -104.12 -23.14
CA ASN D 254 33.67 -103.87 -22.26
C ASN D 254 34.29 -102.50 -22.54
N HIS D 255 33.43 -101.49 -22.62
CA HIS D 255 33.81 -100.09 -22.84
C HIS D 255 34.48 -99.85 -24.18
N LEU D 256 34.18 -100.66 -25.19
CA LEU D 256 34.88 -100.59 -26.47
C LEU D 256 33.91 -100.32 -27.61
N TYR D 257 34.45 -99.77 -28.70
CA TYR D 257 33.66 -99.65 -29.94
C TYR D 257 34.21 -100.77 -30.83
N LYS D 258 33.36 -101.61 -31.39
CA LYS D 258 33.75 -102.75 -32.19
C LYS D 258 33.10 -102.63 -33.56
N GLN D 259 33.91 -102.76 -34.61
CA GLN D 259 33.38 -102.82 -35.96
C GLN D 259 32.65 -104.14 -36.16
N ILE D 260 31.43 -104.07 -36.68
CA ILE D 260 30.62 -105.25 -36.92
C ILE D 260 30.25 -105.29 -38.40
N SER D 261 30.01 -106.51 -38.90
CA SER D 261 29.65 -106.69 -40.29
C SER D 261 28.94 -108.03 -40.41
N SER D 262 28.31 -108.23 -41.56
CA SER D 262 27.63 -109.49 -41.83
C SER D 262 28.63 -110.63 -41.90
N GLN D 263 28.14 -111.81 -41.54
CA GLN D 263 29.05 -113.00 -41.52
C GLN D 263 29.41 -113.36 -42.94
N SER D 264 30.61 -113.91 -43.11
CA SER D 264 30.99 -114.41 -44.45
C SER D 264 30.05 -115.56 -44.82
N GLY D 265 29.68 -115.65 -46.08
CA GLY D 265 28.75 -116.65 -46.57
C GLY D 265 27.30 -116.22 -46.55
N ALA D 266 26.98 -115.06 -46.00
CA ALA D 266 25.63 -114.56 -46.02
C ALA D 266 25.22 -114.14 -47.42
N SER D 267 23.92 -114.13 -47.67
CA SER D 267 23.43 -113.69 -48.96
C SER D 267 23.66 -112.20 -49.14
N ASN D 268 23.59 -111.75 -50.40
CA ASN D 268 23.81 -110.33 -50.68
C ASN D 268 22.75 -109.46 -50.02
N ASP D 269 21.52 -109.95 -49.93
CA ASP D 269 20.46 -109.17 -49.29
C ASP D 269 20.71 -108.96 -47.81
N ASN D 270 21.45 -109.87 -47.18
CA ASN D 270 21.70 -109.82 -45.74
C ASN D 270 23.05 -109.21 -45.40
N HIS D 271 23.80 -108.71 -46.38
CA HIS D 271 25.09 -108.11 -46.10
C HIS D 271 24.92 -106.74 -45.45
N TYR D 272 25.79 -106.44 -44.47
CA TYR D 272 25.74 -105.16 -43.80
C TYR D 272 27.11 -104.86 -43.19
N PHE D 273 27.30 -103.58 -42.87
CA PHE D 273 28.49 -103.11 -42.19
C PHE D 273 28.09 -102.00 -41.23
N GLY D 274 28.69 -101.98 -40.05
CA GLY D 274 28.34 -100.98 -39.07
C GLY D 274 29.27 -101.04 -37.88
N TYR D 275 28.86 -100.35 -36.82
CA TYR D 275 29.66 -100.29 -35.61
C TYR D 275 28.77 -100.52 -34.39
N SER D 276 29.33 -101.20 -33.40
CA SER D 276 28.68 -101.44 -32.12
C SER D 276 29.31 -100.53 -31.07
N THR D 277 28.48 -99.78 -30.35
CA THR D 277 28.98 -98.83 -29.38
C THR D 277 28.79 -99.35 -27.95
N PRO D 278 29.60 -98.90 -27.00
CA PRO D 278 29.39 -99.29 -25.60
C PRO D 278 28.24 -98.58 -24.92
N TRP D 279 27.50 -97.74 -25.63
CA TRP D 279 26.40 -96.98 -25.06
C TRP D 279 25.09 -97.75 -25.17
N GLY D 280 24.15 -97.38 -24.30
CA GLY D 280 22.78 -97.80 -24.39
C GLY D 280 21.88 -96.63 -24.73
N TYR D 281 20.62 -96.92 -24.99
CA TYR D 281 19.65 -95.88 -25.32
C TYR D 281 18.31 -96.20 -24.70
N PHE D 282 17.58 -95.15 -24.36
CA PHE D 282 16.26 -95.27 -23.77
C PHE D 282 15.19 -95.16 -24.86
N ASP D 283 14.39 -96.21 -25.01
CA ASP D 283 13.37 -96.28 -26.04
C ASP D 283 12.00 -96.30 -25.38
N PHE D 284 11.14 -95.37 -25.77
CA PHE D 284 9.74 -95.39 -25.37
C PHE D 284 8.84 -95.14 -26.57
N ASN D 285 9.23 -95.66 -27.73
CA ASN D 285 8.49 -95.47 -28.98
C ASN D 285 7.45 -96.58 -29.19
N ARG D 286 6.64 -96.83 -28.16
CA ARG D 286 5.52 -97.75 -28.24
C ARG D 286 4.41 -97.21 -27.36
N PHE D 287 3.16 -97.36 -27.78
CA PHE D 287 2.04 -96.72 -27.03
C PHE D 287 1.85 -97.34 -25.65
N HIS D 288 2.16 -98.63 -25.49
CA HIS D 288 1.97 -99.34 -24.19
C HIS D 288 2.92 -98.74 -23.12
N CYS D 289 3.95 -98.01 -23.54
CA CYS D 289 4.93 -97.39 -22.60
C CYS D 289 4.29 -96.19 -21.90
N HIS D 290 3.19 -95.67 -22.43
CA HIS D 290 2.54 -94.49 -21.87
C HIS D 290 1.07 -94.69 -21.54
N PHE D 291 0.36 -95.53 -22.28
CA PHE D 291 -1.07 -95.75 -22.10
C PHE D 291 -1.32 -97.10 -21.44
N SER D 292 -2.09 -97.10 -20.37
CA SER D 292 -2.62 -98.34 -19.84
C SER D 292 -3.74 -98.84 -20.75
N PRO D 293 -4.09 -100.12 -20.68
CA PRO D 293 -5.21 -100.62 -21.50
C PRO D 293 -6.51 -99.87 -21.27
N ARG D 294 -6.80 -99.49 -20.01
CA ARG D 294 -7.97 -98.67 -19.74
C ARG D 294 -7.82 -97.28 -20.37
N ASP D 295 -6.61 -96.72 -20.32
CA ASP D 295 -6.35 -95.45 -20.99
C ASP D 295 -6.55 -95.56 -22.49
N TRP D 296 -6.09 -96.66 -23.09
CA TRP D 296 -6.29 -96.88 -24.51
C TRP D 296 -7.77 -97.00 -24.86
N GLN D 297 -8.53 -97.73 -24.03
CA GLN D 297 -9.96 -97.87 -24.28
C GLN D 297 -10.67 -96.53 -24.15
N ARG D 298 -10.29 -95.72 -23.17
CA ARG D 298 -10.84 -94.38 -23.03
C ARG D 298 -10.48 -93.50 -24.22
N LEU D 299 -9.28 -93.66 -24.78
CA LEU D 299 -8.86 -92.86 -25.92
C LEU D 299 -9.62 -93.24 -27.19
N ILE D 300 -9.70 -94.55 -27.47
CA ILE D 300 -10.18 -94.99 -28.78
C ILE D 300 -11.71 -95.04 -28.87
N ASN D 301 -12.41 -95.10 -27.74
CA ASN D 301 -13.86 -95.18 -27.76
C ASN D 301 -14.54 -93.82 -27.77
N ASN D 302 -13.78 -92.73 -27.64
CA ASN D 302 -14.37 -91.41 -27.47
C ASN D 302 -13.77 -90.34 -28.36
N ASN D 303 -12.67 -90.59 -29.05
CA ASN D 303 -11.96 -89.58 -29.81
C ASN D 303 -11.85 -89.98 -31.27
N TRP D 304 -12.00 -88.99 -32.15
CA TRP D 304 -11.81 -89.18 -33.58
C TRP D 304 -10.36 -89.01 -34.01
N GLY D 305 -9.48 -88.59 -33.11
CA GLY D 305 -8.08 -88.44 -33.46
C GLY D 305 -7.27 -88.02 -32.26
N PHE D 306 -5.95 -88.18 -32.39
CA PHE D 306 -5.02 -87.76 -31.35
C PHE D 306 -3.64 -87.58 -31.96
N ARG D 307 -2.81 -86.79 -31.28
CA ARG D 307 -1.44 -86.54 -31.72
C ARG D 307 -0.63 -86.08 -30.53
N PRO D 308 0.67 -86.39 -30.49
CA PRO D 308 1.52 -85.91 -29.41
C PRO D 308 1.85 -84.44 -29.56
N LYS D 309 2.00 -83.77 -28.40
CA LYS D 309 2.25 -82.33 -28.35
C LYS D 309 3.61 -82.00 -27.77
N ARG D 310 3.95 -82.54 -26.59
CA ARG D 310 5.24 -82.29 -25.97
C ARG D 310 5.53 -83.43 -25.01
N LEU D 311 6.80 -83.59 -24.67
CA LEU D 311 7.21 -84.64 -23.74
C LEU D 311 8.24 -84.10 -22.75
N ASN D 312 8.31 -84.76 -21.60
CA ASN D 312 9.31 -84.43 -20.55
C ASN D 312 9.97 -85.75 -20.15
N PHE D 313 11.28 -85.77 -19.99
CA PHE D 313 12.06 -86.97 -19.70
C PHE D 313 12.91 -86.72 -18.47
N LYS D 314 13.01 -87.75 -17.63
CA LYS D 314 13.85 -87.62 -16.42
C LYS D 314 14.54 -88.92 -16.02
N LEU D 315 15.82 -88.83 -15.67
CA LEU D 315 16.58 -89.93 -15.07
C LEU D 315 16.97 -89.52 -13.66
N PHE D 316 16.73 -90.40 -12.69
CA PHE D 316 16.96 -90.05 -11.30
C PHE D 316 17.19 -91.32 -10.49
N ASN D 317 17.57 -91.12 -9.23
CA ASN D 317 17.86 -92.20 -8.29
C ASN D 317 18.86 -93.18 -8.89
N ILE D 318 19.94 -92.63 -9.44
CA ILE D 318 20.94 -93.42 -10.14
C ILE D 318 21.87 -94.08 -9.14
N GLN D 319 22.00 -95.40 -9.23
CA GLN D 319 22.89 -96.17 -8.37
C GLN D 319 23.87 -96.94 -9.24
N VAL D 320 25.16 -96.79 -8.95
CA VAL D 320 26.20 -97.55 -9.64
C VAL D 320 26.65 -98.67 -8.71
N LYS D 321 26.54 -99.91 -9.18
CA LYS D 321 26.88 -101.08 -8.39
C LYS D 321 28.14 -101.71 -8.97
N GLU D 322 29.11 -101.98 -8.10
CA GLU D 322 30.34 -102.67 -8.48
C GLU D 322 30.19 -104.16 -8.21
N VAL D 323 30.49 -104.97 -9.22
CA VAL D 323 30.37 -106.43 -9.14
C VAL D 323 31.76 -107.03 -9.10
N THR D 324 32.00 -107.90 -8.12
CA THR D 324 33.25 -108.63 -8.01
C THR D 324 32.96 -110.12 -7.91
N GLN D 325 33.92 -110.93 -8.34
CA GLN D 325 33.77 -112.38 -8.33
C GLN D 325 35.08 -112.99 -7.82
N ASN D 326 35.05 -113.49 -6.59
CA ASN D 326 36.24 -114.07 -5.97
C ASN D 326 35.91 -115.49 -5.50
N ASP D 327 36.66 -116.46 -6.02
CA ASP D 327 36.50 -117.87 -5.65
C ASP D 327 35.07 -118.35 -5.88
N GLY D 328 34.47 -117.93 -6.98
CA GLY D 328 33.14 -118.38 -7.34
C GLY D 328 32.00 -117.68 -6.64
N THR D 329 32.27 -116.59 -5.92
CA THR D 329 31.25 -115.85 -5.19
C THR D 329 31.02 -114.50 -5.86
N THR D 330 29.76 -114.18 -6.13
CA THR D 330 29.39 -112.90 -6.72
C THR D 330 28.98 -111.94 -5.62
N THR D 331 29.74 -110.87 -5.45
CA THR D 331 29.50 -109.86 -4.43
C THR D 331 29.21 -108.53 -5.10
N ILE D 332 28.10 -107.89 -4.71
CA ILE D 332 27.68 -106.62 -5.28
C ILE D 332 27.70 -105.57 -4.17
N ALA D 333 28.39 -104.46 -4.43
CA ALA D 333 28.50 -103.38 -3.46
C ALA D 333 28.28 -102.06 -4.17
N ASN D 334 27.88 -101.06 -3.40
CA ASN D 334 27.65 -99.73 -3.96
C ASN D 334 28.96 -99.06 -4.36
N ASN D 335 28.90 -98.25 -5.40
CA ASN D 335 30.00 -97.40 -5.84
C ASN D 335 29.45 -95.97 -5.89
N LEU D 336 29.65 -95.23 -4.80
CA LEU D 336 29.05 -93.90 -4.67
C LEU D 336 29.79 -92.83 -5.45
N THR D 337 30.98 -93.12 -5.97
CA THR D 337 31.77 -92.13 -6.70
C THR D 337 31.76 -92.33 -8.20
N SER D 338 31.19 -93.43 -8.70
CA SER D 338 31.12 -93.65 -10.13
C SER D 338 30.00 -92.83 -10.75
N THR D 339 30.13 -92.57 -12.05
CA THR D 339 29.19 -91.75 -12.79
C THR D 339 28.59 -92.55 -13.95
N VAL D 340 27.52 -91.99 -14.51
CA VAL D 340 26.94 -92.45 -15.76
C VAL D 340 26.82 -91.24 -16.68
N GLN D 341 27.19 -91.42 -17.94
CA GLN D 341 27.16 -90.35 -18.93
C GLN D 341 25.85 -90.40 -19.71
N VAL D 342 25.13 -89.28 -19.73
CA VAL D 342 23.85 -89.18 -20.40
C VAL D 342 23.87 -87.95 -21.29
N PHE D 343 23.46 -88.12 -22.55
CA PHE D 343 23.26 -86.98 -23.44
C PHE D 343 22.17 -87.30 -24.44
N THR D 344 21.49 -86.26 -24.91
CA THR D 344 20.44 -86.38 -25.91
C THR D 344 20.97 -85.86 -27.24
N ASP D 345 20.72 -86.63 -28.30
CA ASP D 345 21.15 -86.25 -29.65
C ASP D 345 20.13 -85.28 -30.25
N SER D 346 20.09 -84.06 -29.73
CA SER D 346 19.07 -83.07 -30.13
C SER D 346 19.39 -82.46 -31.50
N GLU D 347 20.62 -82.58 -31.96
CA GLU D 347 20.96 -82.11 -33.30
C GLU D 347 20.88 -83.20 -34.36
N TYR D 348 20.50 -84.42 -33.97
CA TYR D 348 20.32 -85.53 -34.90
C TYR D 348 21.57 -85.78 -35.74
N GLN D 349 22.73 -85.77 -35.07
CA GLN D 349 24.00 -86.04 -35.73
C GLN D 349 24.37 -87.52 -35.71
N LEU D 350 23.63 -88.35 -35.01
CA LEU D 350 23.86 -89.78 -34.94
C LEU D 350 22.81 -90.53 -35.75
N PRO D 351 23.13 -91.72 -36.24
CA PRO D 351 22.13 -92.52 -36.94
C PRO D 351 20.94 -92.83 -36.04
N TYR D 352 19.74 -92.52 -36.52
CA TYR D 352 18.52 -92.65 -35.74
C TYR D 352 18.04 -94.09 -35.82
N VAL D 353 18.29 -94.87 -34.77
CA VAL D 353 17.89 -96.27 -34.74
C VAL D 353 16.53 -96.47 -34.08
N LEU D 354 15.96 -95.46 -33.45
CA LEU D 354 14.58 -95.52 -33.02
C LEU D 354 13.66 -95.51 -34.23
N GLY D 355 12.48 -96.11 -34.07
CA GLY D 355 11.55 -96.22 -35.16
C GLY D 355 11.77 -97.40 -36.08
N SER D 356 12.63 -98.34 -35.71
CA SER D 356 12.82 -99.59 -36.45
C SER D 356 12.14 -100.77 -35.77
N ALA D 357 11.22 -100.52 -34.84
CA ALA D 357 10.48 -101.56 -34.13
C ALA D 357 11.41 -102.52 -33.40
N HIS D 358 12.33 -101.95 -32.63
CA HIS D 358 13.31 -102.73 -31.89
C HIS D 358 12.84 -103.00 -30.47
N GLN D 359 13.28 -104.14 -29.94
CA GLN D 359 12.99 -104.50 -28.56
C GLN D 359 13.84 -103.66 -27.60
N GLY D 360 13.45 -103.66 -26.33
CA GLY D 360 14.14 -102.89 -25.33
C GLY D 360 13.43 -101.64 -24.86
N CYS D 361 12.14 -101.50 -25.18
CA CYS D 361 11.39 -100.33 -24.78
C CYS D 361 11.04 -100.39 -23.29
N LEU D 362 10.36 -99.35 -22.82
CA LEU D 362 9.82 -99.37 -21.47
C LEU D 362 8.71 -100.43 -21.40
N PRO D 363 8.76 -101.35 -20.43
CA PRO D 363 7.78 -102.43 -20.41
C PRO D 363 6.38 -101.88 -20.20
N PRO D 364 5.37 -102.51 -20.79
CA PRO D 364 4.00 -102.01 -20.63
C PRO D 364 3.52 -102.00 -19.19
N PHE D 365 3.93 -102.97 -18.38
CA PHE D 365 3.53 -103.02 -16.99
C PHE D 365 4.47 -102.18 -16.14
N PRO D 366 3.95 -101.21 -15.37
CA PRO D 366 4.85 -100.31 -14.62
C PRO D 366 5.72 -101.00 -13.59
N ALA D 367 5.38 -102.22 -13.17
CA ALA D 367 6.14 -102.92 -12.15
C ALA D 367 7.31 -103.72 -12.71
N ASP D 368 7.48 -103.78 -14.03
CA ASP D 368 8.54 -104.57 -14.64
C ASP D 368 9.83 -103.77 -14.72
N VAL D 369 10.95 -104.46 -14.52
CA VAL D 369 12.28 -103.87 -14.63
C VAL D 369 12.89 -104.33 -15.94
N PHE D 370 13.46 -103.40 -16.69
CA PHE D 370 13.95 -103.67 -18.04
C PHE D 370 15.42 -103.30 -18.18
N MET D 371 16.10 -104.02 -19.07
CA MET D 371 17.49 -103.73 -19.42
C MET D 371 17.53 -102.70 -20.53
N VAL D 372 18.50 -101.80 -20.46
CA VAL D 372 18.69 -100.76 -21.46
C VAL D 372 19.34 -101.37 -22.69
N PRO D 373 18.73 -101.27 -23.87
CA PRO D 373 19.30 -101.89 -25.06
C PRO D 373 20.59 -101.22 -25.50
N GLN D 374 21.47 -102.01 -26.12
CA GLN D 374 22.75 -101.52 -26.60
C GLN D 374 22.56 -100.75 -27.90
N TYR D 375 23.23 -99.59 -28.00
CA TYR D 375 23.12 -98.77 -29.19
C TYR D 375 24.10 -99.24 -30.25
N GLY D 376 23.64 -99.29 -31.49
CA GLY D 376 24.47 -99.65 -32.63
C GLY D 376 23.85 -99.14 -33.90
N TYR D 377 24.69 -98.92 -34.90
CA TYR D 377 24.23 -98.34 -36.15
C TYR D 377 24.92 -99.03 -37.32
N LEU D 378 24.30 -98.92 -38.48
CA LEU D 378 24.85 -99.43 -39.72
C LEU D 378 25.18 -98.29 -40.66
N THR D 379 26.22 -98.48 -41.46
CA THR D 379 26.62 -97.49 -42.46
C THR D 379 26.72 -98.18 -43.82
N LEU D 380 27.24 -97.46 -44.80
CA LEU D 380 27.32 -98.00 -46.18
C LEU D 380 28.22 -99.24 -46.21
N ASN D 381 27.84 -100.23 -47.00
CA ASN D 381 28.65 -101.46 -47.12
C ASN D 381 28.69 -101.94 -48.57
N ASN D 382 29.83 -102.44 -49.02
CA ASN D 382 29.90 -103.09 -50.35
C ASN D 382 30.10 -104.56 -49.99
N GLY D 383 29.01 -105.29 -49.72
CA GLY D 383 29.16 -106.66 -49.22
C GLY D 383 29.41 -106.61 -47.73
N SER D 384 30.32 -107.43 -47.22
CA SER D 384 30.68 -107.36 -45.80
C SER D 384 31.70 -106.27 -45.50
N GLN D 385 32.24 -105.63 -46.53
CA GLN D 385 33.25 -104.58 -46.36
C GLN D 385 32.58 -103.21 -46.34
N ALA D 386 33.41 -102.19 -46.11
CA ALA D 386 32.97 -100.81 -46.09
C ALA D 386 33.48 -100.08 -47.32
N VAL D 387 32.94 -98.88 -47.54
CA VAL D 387 33.39 -98.01 -48.61
C VAL D 387 33.92 -96.72 -48.00
N GLY D 388 34.49 -95.87 -48.85
CA GLY D 388 35.06 -94.62 -48.38
C GLY D 388 34.04 -93.67 -47.80
N ARG D 389 32.78 -93.79 -48.23
CA ARG D 389 31.72 -92.94 -47.75
C ARG D 389 31.12 -93.39 -46.42
N SER D 390 31.51 -94.57 -45.93
CA SER D 390 31.01 -95.05 -44.65
C SER D 390 31.46 -94.12 -43.52
N SER D 391 30.54 -93.88 -42.59
CA SER D 391 30.77 -92.93 -41.50
C SER D 391 30.94 -93.67 -40.19
N PHE D 392 31.90 -93.20 -39.38
CA PHE D 392 32.12 -93.70 -38.05
C PHE D 392 31.81 -92.60 -37.05
N TYR D 393 31.12 -92.97 -35.98
CA TYR D 393 30.70 -92.01 -34.95
C TYR D 393 31.19 -92.47 -33.59
N CYS D 394 31.91 -91.59 -32.90
CA CYS D 394 32.30 -91.80 -31.52
C CYS D 394 31.35 -90.97 -30.65
N LEU D 395 30.61 -91.65 -29.78
CA LEU D 395 29.62 -90.99 -28.93
C LEU D 395 30.25 -90.24 -27.77
N GLU D 396 31.53 -90.48 -27.47
CA GLU D 396 32.24 -89.67 -26.50
C GLU D 396 32.71 -88.34 -27.07
N TYR D 397 32.48 -88.12 -28.36
CA TYR D 397 32.85 -86.83 -29.03
C TYR D 397 31.68 -85.86 -28.89
N PHE D 398 30.62 -86.25 -28.20
CA PHE D 398 29.48 -85.42 -27.86
C PHE D 398 29.59 -84.94 -26.42
N PRO D 399 29.13 -83.73 -26.12
CA PRO D 399 29.06 -83.29 -24.71
C PRO D 399 27.98 -84.08 -23.98
N SER D 400 28.36 -84.70 -22.88
CA SER D 400 27.45 -85.51 -22.08
C SER D 400 27.50 -85.05 -20.63
N GLN D 401 26.41 -85.33 -19.92
CA GLN D 401 26.29 -84.96 -18.51
C GLN D 401 26.64 -86.16 -17.65
N MET D 402 27.55 -85.96 -16.69
CA MET D 402 28.01 -87.01 -15.81
C MET D 402 27.20 -86.96 -14.51
N LEU D 403 26.65 -88.11 -14.12
CA LEU D 403 25.72 -88.19 -12.99
C LEU D 403 26.25 -89.20 -11.98
N ARG D 404 26.52 -88.73 -10.77
CA ARG D 404 26.81 -89.60 -9.64
C ARG D 404 25.49 -89.99 -8.97
N THR D 405 25.59 -90.78 -7.89
CA THR D 405 24.38 -91.08 -7.09
C THR D 405 23.97 -89.77 -6.41
N GLY D 406 22.78 -89.29 -6.70
CA GLY D 406 22.30 -88.02 -6.22
C GLY D 406 22.12 -86.97 -7.28
N ASN D 407 22.61 -87.22 -8.50
CA ASN D 407 22.39 -86.33 -9.63
C ASN D 407 21.25 -86.86 -10.49
N ASN D 408 20.55 -85.95 -11.15
CA ASN D 408 19.45 -86.31 -12.03
C ASN D 408 19.63 -85.62 -13.37
N PHE D 409 18.98 -86.18 -14.39
CA PHE D 409 18.99 -85.66 -15.74
C PHE D 409 17.57 -85.38 -16.17
N THR D 410 17.38 -84.32 -16.95
CA THR D 410 16.07 -84.00 -17.47
C THR D 410 16.20 -83.20 -18.76
N PHE D 411 15.17 -83.31 -19.60
CA PHE D 411 15.08 -82.48 -20.79
C PHE D 411 13.63 -82.49 -21.28
N SER D 412 13.27 -81.42 -21.98
CA SER D 412 11.92 -81.26 -22.51
C SER D 412 11.98 -81.15 -24.03
N TYR D 413 10.98 -81.71 -24.68
CA TYR D 413 10.90 -81.73 -26.14
C TYR D 413 9.49 -81.36 -26.57
N THR D 414 9.38 -80.62 -27.66
CA THR D 414 8.10 -80.24 -28.23
C THR D 414 7.94 -80.90 -29.59
N PHE D 415 6.86 -81.65 -29.77
CA PHE D 415 6.58 -82.27 -31.06
C PHE D 415 6.23 -81.21 -32.09
N GLU D 416 6.65 -81.43 -33.33
CA GLU D 416 6.22 -80.58 -34.42
C GLU D 416 4.74 -80.84 -34.74
N ASP D 417 4.16 -79.93 -35.50
CA ASP D 417 2.75 -80.06 -35.89
C ASP D 417 2.60 -81.26 -36.83
N VAL D 418 1.75 -82.20 -36.45
CA VAL D 418 1.50 -83.40 -37.25
C VAL D 418 0.00 -83.61 -37.35
N PRO D 419 -0.46 -84.30 -38.40
CA PRO D 419 -1.89 -84.58 -38.51
C PRO D 419 -2.36 -85.49 -37.39
N PHE D 420 -3.62 -85.31 -37.00
CA PHE D 420 -4.25 -86.22 -36.06
C PHE D 420 -4.33 -87.61 -36.67
N HIS D 421 -4.02 -88.63 -35.86
CA HIS D 421 -4.23 -90.00 -36.31
C HIS D 421 -5.72 -90.26 -36.51
N SER D 422 -6.03 -90.91 -37.64
CA SER D 422 -7.44 -91.23 -37.97
C SER D 422 -7.93 -92.40 -37.12
N SER D 423 -8.32 -92.12 -35.87
CA SER D 423 -8.84 -93.16 -34.98
C SER D 423 -10.32 -93.39 -35.20
N TYR D 424 -10.68 -93.63 -36.45
CA TYR D 424 -12.07 -93.86 -36.83
C TYR D 424 -12.09 -94.76 -38.05
N ALA D 425 -13.22 -95.40 -38.27
CA ALA D 425 -13.49 -96.17 -39.48
C ALA D 425 -14.60 -95.49 -40.27
N HIS D 426 -14.41 -95.38 -41.58
CA HIS D 426 -15.43 -94.74 -42.41
C HIS D 426 -16.69 -95.59 -42.46
N SER D 427 -17.83 -94.95 -42.25
CA SER D 427 -19.12 -95.61 -42.37
C SER D 427 -19.68 -95.57 -43.78
N GLN D 428 -18.94 -94.98 -44.73
CA GLN D 428 -19.30 -94.98 -46.13
C GLN D 428 -18.14 -95.55 -46.94
N SER D 429 -18.47 -96.19 -48.05
CA SER D 429 -17.47 -96.69 -48.99
C SER D 429 -17.26 -95.65 -50.09
N LEU D 430 -16.04 -95.63 -50.64
CA LEU D 430 -15.70 -94.65 -51.66
C LEU D 430 -16.51 -94.85 -52.94
N ASP D 431 -17.04 -96.07 -53.16
CA ASP D 431 -17.81 -96.37 -54.40
C ASP D 431 -19.31 -96.28 -54.12
N ARG D 432 -19.70 -95.84 -52.91
CA ARG D 432 -21.10 -95.73 -52.52
C ARG D 432 -21.37 -94.37 -51.90
N LEU D 433 -20.89 -93.30 -52.54
CA LEU D 433 -21.03 -91.96 -52.02
C LEU D 433 -22.18 -91.19 -52.66
N MET D 434 -23.00 -91.85 -53.46
CA MET D 434 -24.03 -91.18 -54.24
C MET D 434 -25.38 -91.24 -53.51
N ASN D 435 -26.38 -90.60 -54.13
CA ASN D 435 -27.76 -90.68 -53.67
C ASN D 435 -28.44 -91.80 -54.42
N PRO D 436 -28.84 -92.90 -53.76
CA PRO D 436 -29.41 -94.04 -54.50
C PRO D 436 -30.79 -93.76 -55.08
N LEU D 437 -31.43 -92.67 -54.71
CA LEU D 437 -32.79 -92.39 -55.16
C LEU D 437 -32.83 -91.60 -56.47
N ILE D 438 -31.78 -90.86 -56.80
CA ILE D 438 -31.78 -89.96 -57.94
C ILE D 438 -30.78 -90.48 -58.96
N ASP D 439 -31.20 -90.51 -60.23
CA ASP D 439 -30.29 -90.88 -61.31
C ASP D 439 -29.29 -89.75 -61.58
N GLN D 440 -28.18 -90.11 -62.18
CA GLN D 440 -27.21 -89.14 -62.65
C GLN D 440 -27.63 -88.56 -63.98
N TYR D 441 -27.25 -87.30 -64.21
CA TYR D 441 -27.49 -86.69 -65.51
C TYR D 441 -26.42 -87.06 -66.53
N LEU D 442 -25.30 -87.62 -66.09
CA LEU D 442 -24.25 -88.04 -67.00
C LEU D 442 -24.56 -89.42 -67.58
N TYR D 443 -24.06 -89.64 -68.80
CA TYR D 443 -24.28 -90.89 -69.51
C TYR D 443 -22.99 -91.70 -69.55
N TYR D 444 -23.15 -93.02 -69.61
CA TYR D 444 -22.03 -93.94 -69.77
C TYR D 444 -22.38 -94.93 -70.87
N LEU D 445 -21.34 -95.42 -71.56
CA LEU D 445 -21.53 -96.43 -72.59
C LEU D 445 -22.00 -97.72 -71.95
N SER D 446 -23.27 -98.07 -72.16
CA SER D 446 -23.85 -99.25 -71.55
C SER D 446 -23.92 -100.45 -72.49
N ARG D 447 -24.07 -100.19 -73.77
CA ARG D 447 -24.10 -101.31 -74.75
C ARG D 447 -23.18 -101.00 -75.92
N THR D 448 -22.62 -102.05 -76.51
CA THR D 448 -21.74 -101.91 -77.65
C THR D 448 -22.25 -102.58 -78.92
N ASN D 449 -23.38 -103.29 -78.84
CA ASN D 449 -23.98 -103.91 -80.02
C ASN D 449 -25.47 -104.10 -79.77
N THR D 450 -26.20 -104.36 -80.85
CA THR D 450 -27.62 -104.63 -80.79
C THR D 450 -27.96 -105.83 -81.65
N PRO D 451 -29.04 -106.59 -81.35
CA PRO D 451 -29.44 -107.70 -82.21
C PRO D 451 -29.75 -107.16 -83.60
N SER D 452 -29.10 -107.72 -84.63
CA SER D 452 -29.40 -107.32 -86.03
C SER D 452 -29.69 -108.58 -86.83
N GLY D 453 -30.90 -108.69 -87.39
CA GLY D 453 -31.27 -109.94 -88.09
C GLY D 453 -31.18 -111.12 -87.15
N THR D 454 -30.42 -112.15 -87.53
CA THR D 454 -30.22 -113.33 -86.64
C THR D 454 -28.78 -113.30 -86.13
N THR D 455 -28.04 -112.24 -86.47
CA THR D 455 -26.64 -112.07 -85.98
C THR D 455 -26.60 -110.86 -85.04
N THR D 456 -25.44 -110.22 -84.91
CA THR D 456 -25.34 -108.98 -84.09
C THR D 456 -24.71 -107.87 -84.93
N GLN D 457 -25.01 -106.62 -84.58
CA GLN D 457 -24.44 -105.48 -85.29
C GLN D 457 -23.90 -104.48 -84.29
N SER D 458 -22.74 -103.91 -84.59
CA SER D 458 -22.13 -102.94 -83.68
C SER D 458 -22.96 -101.67 -83.60
N ARG D 459 -23.26 -101.24 -82.37
CA ARG D 459 -24.08 -100.07 -82.15
C ARG D 459 -23.84 -99.57 -80.73
N LEU D 460 -23.39 -98.34 -80.58
CA LEU D 460 -23.12 -97.77 -79.27
C LEU D 460 -24.39 -97.20 -78.66
N GLN D 461 -24.63 -97.50 -77.39
CA GLN D 461 -25.75 -96.96 -76.65
C GLN D 461 -25.28 -96.47 -75.29
N PHE D 462 -25.99 -95.50 -74.74
CA PHE D 462 -25.60 -94.85 -73.50
C PHE D 462 -26.79 -94.79 -72.55
N SER D 463 -26.50 -94.88 -71.26
CA SER D 463 -27.54 -94.87 -70.24
C SER D 463 -27.11 -93.95 -69.10
N GLN D 464 -28.09 -93.48 -68.35
CA GLN D 464 -27.85 -92.73 -67.13
C GLN D 464 -27.82 -93.71 -65.96
N ALA D 465 -26.82 -93.59 -65.11
CA ALA D 465 -26.60 -94.55 -64.03
C ALA D 465 -27.48 -94.20 -62.83
N GLY D 466 -28.09 -95.22 -62.25
CA GLY D 466 -28.89 -95.09 -61.04
C GLY D 466 -28.47 -96.14 -60.03
N ALA D 467 -29.46 -96.63 -59.28
CA ALA D 467 -29.19 -97.61 -58.24
C ALA D 467 -29.00 -99.02 -58.81
N SER D 468 -29.74 -99.36 -59.87
CA SER D 468 -29.66 -100.71 -60.42
C SER D 468 -28.32 -100.98 -61.08
N ASP D 469 -27.72 -99.98 -61.71
CA ASP D 469 -26.40 -100.09 -62.32
C ASP D 469 -25.43 -99.19 -61.59
N ILE D 470 -25.46 -99.25 -60.26
CA ILE D 470 -24.69 -98.35 -59.40
C ILE D 470 -23.19 -98.45 -59.64
N ARG D 471 -22.71 -99.56 -60.20
CA ARG D 471 -21.28 -99.72 -60.44
C ARG D 471 -20.79 -98.83 -61.58
N ASP D 472 -21.68 -98.34 -62.44
CA ASP D 472 -21.30 -97.56 -63.60
C ASP D 472 -21.40 -96.05 -63.37
N GLN D 473 -21.69 -95.64 -62.15
CA GLN D 473 -21.88 -94.22 -61.88
C GLN D 473 -20.57 -93.45 -62.01
N SER D 474 -20.65 -92.24 -62.57
CA SER D 474 -19.48 -91.38 -62.65
C SER D 474 -19.09 -90.91 -61.26
N ARG D 475 -17.79 -90.94 -60.98
CA ARG D 475 -17.28 -90.65 -59.65
C ARG D 475 -16.12 -89.65 -59.74
N ASN D 476 -15.86 -88.99 -58.62
CA ASN D 476 -14.86 -87.94 -58.56
C ASN D 476 -13.53 -88.41 -57.97
N TRP D 477 -13.48 -89.57 -57.34
CA TRP D 477 -12.32 -90.01 -56.58
C TRP D 477 -11.98 -91.45 -56.92
N LEU D 478 -10.77 -91.85 -56.51
CA LEU D 478 -10.22 -93.17 -56.76
C LEU D 478 -9.66 -93.75 -55.48
N PRO D 479 -9.62 -95.08 -55.36
CA PRO D 479 -9.00 -95.70 -54.19
C PRO D 479 -7.50 -95.49 -54.18
N GLY D 480 -6.92 -95.53 -52.98
CA GLY D 480 -5.51 -95.24 -52.78
C GLY D 480 -4.58 -96.20 -53.49
N PRO D 481 -3.28 -95.93 -53.41
CA PRO D 481 -2.30 -96.73 -54.15
C PRO D 481 -2.17 -98.13 -53.58
N CYS D 482 -1.63 -99.00 -54.43
CA CYS D 482 -1.57 -100.44 -54.12
C CYS D 482 -0.19 -101.02 -54.45
N TYR D 483 0.25 -102.03 -53.69
CA TYR D 483 1.46 -102.78 -54.00
C TYR D 483 1.17 -104.22 -53.58
N ARG D 484 0.75 -105.04 -54.54
CA ARG D 484 0.05 -106.28 -54.23
C ARG D 484 0.90 -107.23 -53.38
N GLN D 485 0.23 -107.85 -52.41
CA GLN D 485 0.83 -108.84 -51.52
C GLN D 485 0.24 -110.21 -51.79
N GLN D 486 1.01 -111.25 -51.51
CA GLN D 486 0.49 -112.61 -51.61
C GLN D 486 -0.48 -112.89 -50.46
N ARG D 487 -1.51 -113.67 -50.75
CA ARG D 487 -2.54 -114.00 -49.78
C ARG D 487 -2.22 -115.32 -49.10
N VAL D 488 -2.23 -115.26 -47.77
CA VAL D 488 -2.00 -116.47 -46.93
C VAL D 488 -3.22 -116.62 -46.04
N SER D 489 -3.54 -117.85 -45.62
CA SER D 489 -4.69 -118.14 -44.79
C SER D 489 -4.27 -118.59 -43.40
N LYS D 490 -5.04 -118.20 -42.40
CA LYS D 490 -4.75 -118.61 -41.00
C LYS D 490 -5.03 -120.12 -40.87
N THR D 491 -5.94 -120.66 -41.69
CA THR D 491 -6.17 -122.13 -41.72
C THR D 491 -5.02 -122.72 -42.51
N SER D 492 -4.16 -123.53 -41.87
CA SER D 492 -2.94 -124.03 -42.55
C SER D 492 -3.24 -124.84 -43.82
N ALA D 493 -4.21 -125.76 -43.78
CA ALA D 493 -4.46 -126.62 -44.92
C ALA D 493 -4.76 -125.82 -46.18
N ASP D 494 -5.27 -124.59 -46.03
CA ASP D 494 -5.65 -123.77 -47.18
C ASP D 494 -4.45 -123.22 -47.93
N ASN D 495 -3.25 -123.30 -47.37
CA ASN D 495 -2.07 -122.73 -47.99
C ASN D 495 -1.37 -123.75 -48.88
N ASN D 496 -0.59 -123.24 -49.83
CA ASN D 496 0.15 -124.10 -50.73
C ASN D 496 1.24 -124.85 -49.98
N ASN D 497 1.43 -126.12 -50.32
CA ASN D 497 2.42 -126.98 -49.66
C ASN D 497 3.78 -126.77 -50.31
N SER D 498 4.36 -125.60 -50.02
CA SER D 498 5.67 -125.23 -50.55
C SER D 498 6.26 -124.14 -49.69
N GLU D 499 7.55 -123.87 -49.91
CA GLU D 499 8.23 -122.76 -49.18
C GLU D 499 8.19 -121.54 -50.08
N TYR D 500 7.29 -120.60 -49.78
CA TYR D 500 7.09 -119.40 -50.59
C TYR D 500 7.19 -118.12 -49.76
N SER D 501 7.86 -118.17 -48.60
CA SER D 501 7.97 -116.97 -47.78
C SER D 501 8.86 -115.91 -48.42
N TRP D 502 9.70 -116.29 -49.37
CA TRP D 502 10.55 -115.33 -50.08
C TRP D 502 10.30 -115.31 -51.58
N THR D 503 10.07 -116.47 -52.20
CA THR D 503 9.81 -116.50 -53.64
C THR D 503 8.52 -115.75 -53.98
N GLY D 504 7.47 -115.96 -53.19
CA GLY D 504 6.21 -115.27 -53.35
C GLY D 504 6.10 -113.97 -52.59
N ALA D 505 7.19 -113.52 -51.95
CA ALA D 505 7.15 -112.32 -51.14
C ALA D 505 7.17 -111.07 -52.00
N THR D 506 6.61 -109.99 -51.45
CA THR D 506 6.63 -108.69 -52.09
C THR D 506 7.89 -107.94 -51.66
N LYS D 507 8.69 -107.52 -52.65
CA LYS D 507 10.02 -107.01 -52.40
C LYS D 507 10.25 -105.71 -53.17
N TYR D 508 11.19 -104.91 -52.67
CA TYR D 508 11.72 -103.78 -53.40
C TYR D 508 13.21 -103.96 -53.59
N HIS D 509 13.71 -103.52 -54.73
CA HIS D 509 15.10 -103.72 -55.14
C HIS D 509 15.85 -102.41 -54.95
N LEU D 510 16.95 -102.46 -54.20
CA LEU D 510 17.75 -101.27 -53.90
C LEU D 510 19.21 -101.65 -53.89
N ASN D 511 19.99 -101.08 -54.83
CA ASN D 511 21.43 -101.30 -54.92
C ASN D 511 21.77 -102.79 -55.05
N GLY D 512 20.96 -103.51 -55.81
CA GLY D 512 21.21 -104.92 -56.04
C GLY D 512 20.77 -105.85 -54.92
N ARG D 513 20.16 -105.31 -53.88
CA ARG D 513 19.67 -106.19 -52.79
C ARG D 513 18.14 -106.10 -52.65
N ASP D 514 17.49 -107.24 -52.50
CA ASP D 514 16.06 -107.34 -52.29
C ASP D 514 15.74 -107.22 -50.81
N SER D 515 14.84 -106.30 -50.47
CA SER D 515 14.36 -106.15 -49.10
C SER D 515 12.88 -106.47 -49.07
N LEU D 516 12.44 -107.14 -48.00
CA LEU D 516 11.04 -107.47 -47.84
C LEU D 516 10.23 -106.19 -47.63
N VAL D 517 9.09 -106.09 -48.32
CA VAL D 517 8.15 -104.99 -48.13
C VAL D 517 7.24 -105.39 -46.98
N ASN D 518 7.47 -104.81 -45.81
CA ASN D 518 6.79 -105.20 -44.59
C ASN D 518 6.68 -104.01 -43.65
N PRO D 519 5.46 -103.52 -43.37
CA PRO D 519 4.17 -103.97 -43.90
C PRO D 519 3.79 -103.31 -45.22
N GLY D 520 4.57 -102.33 -45.67
CA GLY D 520 4.33 -101.69 -46.94
C GLY D 520 3.22 -100.66 -46.90
N PRO D 521 2.74 -100.26 -48.07
CA PRO D 521 1.65 -99.27 -48.14
C PRO D 521 0.40 -99.78 -47.44
N ALA D 522 -0.34 -98.85 -46.85
CA ALA D 522 -1.53 -99.19 -46.08
C ALA D 522 -2.61 -99.72 -47.01
N MET D 523 -2.98 -100.98 -46.82
CA MET D 523 -4.00 -101.63 -47.64
C MET D 523 -4.85 -102.53 -46.74
N ALA D 524 -6.08 -102.76 -47.19
CA ALA D 524 -6.99 -103.61 -46.43
C ALA D 524 -6.48 -105.04 -46.39
N SER D 525 -6.57 -105.67 -45.21
CA SER D 525 -6.11 -107.04 -45.06
C SER D 525 -6.93 -108.00 -45.89
N HIS D 526 -8.25 -107.80 -45.96
CA HIS D 526 -9.13 -108.72 -46.65
C HIS D 526 -10.42 -107.99 -47.00
N LYS D 527 -11.20 -108.60 -47.89
CA LYS D 527 -12.49 -108.08 -48.28
C LYS D 527 -13.56 -108.66 -47.36
N ASP D 528 -14.83 -108.46 -47.71
CA ASP D 528 -15.93 -108.93 -46.88
C ASP D 528 -15.89 -110.45 -46.72
N ASP D 529 -16.12 -110.91 -45.50
CA ASP D 529 -16.28 -112.34 -45.20
C ASP D 529 -15.05 -113.14 -45.59
N GLU D 530 -13.87 -112.56 -45.40
CA GLU D 530 -12.62 -113.26 -45.67
C GLU D 530 -11.61 -112.97 -44.57
N GLU D 531 -12.07 -112.99 -43.31
CA GLU D 531 -11.21 -112.62 -42.19
C GLU D 531 -10.07 -113.59 -41.97
N LYS D 532 -10.16 -114.81 -42.52
CA LYS D 532 -9.06 -115.76 -42.38
C LYS D 532 -7.87 -115.44 -43.26
N PHE D 533 -8.02 -114.54 -44.22
CA PHE D 533 -6.96 -114.20 -45.16
C PHE D 533 -6.26 -112.91 -44.73
N PHE D 534 -4.94 -112.92 -44.79
CA PHE D 534 -4.14 -111.74 -44.51
C PHE D 534 -2.98 -111.68 -45.50
N PRO D 535 -2.48 -110.48 -45.79
CA PRO D 535 -1.32 -110.37 -46.68
C PRO D 535 -0.09 -111.00 -46.05
N GLN D 536 0.78 -111.54 -46.91
CA GLN D 536 1.93 -112.30 -46.45
C GLN D 536 2.86 -111.45 -45.59
N SER D 537 3.13 -110.23 -46.02
CA SER D 537 3.95 -109.29 -45.24
C SER D 537 3.31 -107.91 -45.24
N GLY D 538 1.98 -107.86 -45.20
CA GLY D 538 1.27 -106.60 -45.26
C GLY D 538 0.61 -106.15 -43.98
N VAL D 539 0.78 -106.87 -42.87
CA VAL D 539 0.20 -106.50 -41.59
C VAL D 539 1.26 -106.62 -40.50
N LEU D 540 1.08 -105.86 -39.44
CA LEU D 540 1.92 -106.02 -38.26
C LEU D 540 1.57 -107.31 -37.53
N ILE D 541 2.58 -108.04 -37.11
CA ILE D 541 2.41 -109.28 -36.37
C ILE D 541 3.11 -109.12 -35.03
N PHE D 542 2.34 -109.16 -33.95
CA PHE D 542 2.87 -109.05 -32.60
C PHE D 542 2.96 -110.43 -31.97
N GLY D 543 3.98 -110.61 -31.14
CA GLY D 543 4.16 -111.87 -30.44
C GLY D 543 3.39 -111.90 -29.13
N LYS D 544 2.79 -113.06 -28.84
CA LYS D 544 2.18 -113.26 -27.55
C LYS D 544 3.25 -113.37 -26.47
N GLN D 545 2.82 -113.32 -25.21
CA GLN D 545 3.76 -113.41 -24.10
C GLN D 545 4.45 -114.77 -24.11
N GLY D 546 5.78 -114.74 -23.97
CA GLY D 546 6.56 -115.96 -23.96
C GLY D 546 6.92 -116.51 -25.32
N SER D 547 6.61 -115.76 -26.39
CA SER D 547 6.85 -116.26 -27.76
C SER D 547 8.34 -116.22 -28.08
N GLU D 548 8.86 -117.25 -28.75
CA GLU D 548 10.26 -117.32 -29.11
C GLU D 548 10.56 -116.39 -30.27
N LYS D 549 11.78 -116.51 -30.82
CA LYS D 549 12.23 -115.61 -31.87
C LYS D 549 12.09 -116.20 -33.26
N THR D 550 12.37 -117.50 -33.42
CA THR D 550 12.47 -118.11 -34.73
C THR D 550 11.40 -119.17 -34.92
N ASN D 551 10.63 -119.03 -36.00
CA ASN D 551 9.71 -120.07 -36.49
C ASN D 551 8.69 -120.48 -35.42
N VAL D 552 8.04 -119.50 -34.84
CA VAL D 552 6.94 -119.76 -33.92
C VAL D 552 5.67 -120.03 -34.72
N ASP D 553 4.76 -120.80 -34.15
CA ASP D 553 3.53 -121.15 -34.84
C ASP D 553 2.59 -119.95 -34.91
N ILE D 554 1.53 -120.10 -35.69
CA ILE D 554 0.57 -119.01 -35.85
C ILE D 554 -0.19 -118.74 -34.55
N GLU D 555 -0.42 -119.78 -33.74
CA GLU D 555 -1.09 -119.59 -32.46
C GLU D 555 -0.23 -118.85 -31.45
N LYS D 556 1.06 -118.69 -31.72
CA LYS D 556 1.96 -117.95 -30.84
C LYS D 556 2.02 -116.46 -31.18
N VAL D 557 1.39 -116.03 -32.26
CA VAL D 557 1.44 -114.63 -32.70
C VAL D 557 0.02 -114.12 -32.87
N MET D 558 -0.10 -112.80 -32.80
CA MET D 558 -1.37 -112.10 -33.00
C MET D 558 -1.25 -111.23 -34.24
N ILE D 559 -2.02 -111.55 -35.27
CA ILE D 559 -1.96 -110.86 -36.55
C ILE D 559 -3.00 -109.75 -36.56
N THR D 560 -2.56 -108.54 -36.89
CA THR D 560 -3.45 -107.39 -36.89
C THR D 560 -4.32 -107.39 -38.14
N ASP D 561 -5.39 -106.60 -38.07
CA ASP D 561 -6.33 -106.51 -39.21
C ASP D 561 -6.54 -105.05 -39.58
N GLU D 562 -6.46 -104.74 -40.85
CA GLU D 562 -6.65 -103.41 -41.39
C GLU D 562 -7.90 -103.36 -42.26
N GLU D 563 -8.98 -103.99 -41.80
CA GLU D 563 -10.21 -104.04 -42.57
C GLU D 563 -11.02 -102.75 -42.49
N GLU D 564 -10.75 -101.89 -41.51
CA GLU D 564 -11.51 -100.65 -41.38
C GLU D 564 -11.22 -99.67 -42.50
N ILE D 565 -10.15 -99.87 -43.25
CA ILE D 565 -9.75 -98.95 -44.31
C ILE D 565 -10.10 -99.48 -45.69
N ARG D 566 -10.85 -100.59 -45.78
CA ARG D 566 -11.25 -101.12 -47.07
C ARG D 566 -12.29 -100.25 -47.76
N THR D 567 -12.84 -99.26 -47.06
CA THR D 567 -13.76 -98.32 -47.69
C THR D 567 -13.06 -97.46 -48.73
N THR D 568 -11.80 -97.09 -48.50
CA THR D 568 -11.05 -96.23 -49.41
C THR D 568 -9.77 -96.88 -49.95
N ASN D 569 -9.26 -97.92 -49.32
CA ASN D 569 -8.00 -98.52 -49.72
C ASN D 569 -8.23 -99.88 -50.37
N PRO D 570 -7.49 -100.20 -51.42
CA PRO D 570 -7.66 -101.50 -52.07
C PRO D 570 -7.22 -102.63 -51.16
N VAL D 571 -7.82 -103.80 -51.37
CA VAL D 571 -7.42 -104.99 -50.64
C VAL D 571 -6.00 -105.35 -51.02
N ALA D 572 -5.19 -105.72 -50.02
CA ALA D 572 -3.76 -105.92 -50.23
C ALA D 572 -3.48 -107.05 -51.19
N THR D 573 -4.27 -108.11 -51.15
CA THR D 573 -4.01 -109.32 -51.90
C THR D 573 -4.67 -109.32 -53.28
N GLU D 574 -5.37 -108.25 -53.65
CA GLU D 574 -6.07 -108.19 -54.91
C GLU D 574 -5.51 -107.06 -55.77
N GLN D 575 -5.89 -107.06 -57.04
CA GLN D 575 -5.43 -106.03 -57.95
C GLN D 575 -6.13 -104.70 -57.65
N TYR D 576 -5.47 -103.61 -58.04
CA TYR D 576 -6.10 -102.30 -57.93
C TYR D 576 -7.30 -102.20 -58.86
N GLY D 577 -7.16 -102.70 -60.08
CA GLY D 577 -8.23 -102.60 -61.06
C GLY D 577 -7.78 -103.15 -62.40
N SER D 578 -8.42 -102.66 -63.45
CA SER D 578 -8.11 -103.09 -64.80
C SER D 578 -7.95 -101.89 -65.72
N VAL D 579 -7.05 -102.02 -66.69
CA VAL D 579 -6.82 -101.00 -67.70
C VAL D 579 -6.83 -101.66 -69.07
N SER D 580 -7.12 -100.86 -70.09
CA SER D 580 -7.07 -101.35 -71.45
C SER D 580 -5.63 -101.52 -71.92
N THR D 581 -5.40 -102.53 -72.76
CA THR D 581 -4.07 -102.82 -73.26
C THR D 581 -3.95 -102.77 -74.77
N ASN D 582 -5.05 -102.59 -75.51
CA ASN D 582 -5.00 -102.55 -76.96
C ASN D 582 -6.07 -101.57 -77.44
N LEU D 583 -6.31 -101.57 -78.75
CA LEU D 583 -7.32 -100.74 -79.38
C LEU D 583 -8.30 -101.64 -80.12
N GLN D 584 -9.51 -101.75 -79.60
CA GLN D 584 -10.54 -102.54 -80.26
C GLN D 584 -10.93 -101.91 -81.59
N ARG D 585 -11.27 -102.79 -82.53
CA ARG D 585 -11.59 -102.32 -83.90
C ARG D 585 -12.43 -103.40 -84.60
N GLY D 586 -13.41 -102.99 -85.39
CA GLY D 586 -14.19 -103.91 -86.19
C GLY D 586 -13.59 -104.15 -87.56
N ASN D 587 -14.31 -104.94 -88.36
CA ASN D 587 -13.79 -105.32 -89.70
C ASN D 587 -13.92 -104.16 -90.68
N THR D 594 -8.26 -106.93 -89.70
CA THR D 594 -9.26 -107.87 -89.12
C THR D 594 -9.85 -107.24 -87.87
N SER D 595 -10.77 -107.93 -87.18
CA SER D 595 -11.27 -107.29 -85.97
C SER D 595 -10.38 -107.65 -84.78
N ARG D 596 -10.32 -106.74 -83.81
CA ARG D 596 -9.58 -106.94 -82.57
C ARG D 596 -10.52 -106.64 -81.40
N GLN D 597 -10.66 -107.60 -80.49
CA GLN D 597 -11.52 -107.42 -79.33
C GLN D 597 -10.77 -106.69 -78.22
N ALA D 598 -11.51 -105.93 -77.43
CA ALA D 598 -10.93 -105.16 -76.34
C ALA D 598 -10.31 -106.09 -75.30
N ALA D 599 -9.11 -105.74 -74.85
CA ALA D 599 -8.37 -106.52 -73.89
C ALA D 599 -8.04 -105.68 -72.66
N THR D 600 -8.00 -106.33 -71.50
CA THR D 600 -7.72 -105.67 -70.24
C THR D 600 -6.66 -106.45 -69.47
N ALA D 601 -5.97 -105.75 -68.58
CA ALA D 601 -4.96 -106.37 -67.73
C ALA D 601 -5.15 -105.91 -66.30
N ASP D 602 -4.78 -106.79 -65.36
CA ASP D 602 -4.82 -106.45 -63.95
C ASP D 602 -3.70 -105.46 -63.61
N VAL D 603 -4.00 -104.54 -62.71
CA VAL D 603 -3.02 -103.56 -62.25
C VAL D 603 -2.60 -104.01 -60.85
N ASN D 604 -1.53 -104.79 -60.79
CA ASN D 604 -1.04 -105.30 -59.51
C ASN D 604 -0.26 -104.26 -58.72
N THR D 605 0.24 -103.21 -59.38
CA THR D 605 0.90 -102.11 -58.70
C THR D 605 0.39 -100.80 -59.29
N GLN D 606 -0.04 -99.90 -58.41
CA GLN D 606 -0.61 -98.62 -58.84
C GLN D 606 0.03 -97.51 -58.05
N GLY D 607 0.66 -96.57 -58.74
CA GLY D 607 1.18 -95.38 -58.11
C GLY D 607 0.07 -94.38 -57.82
N VAL D 608 0.47 -93.28 -57.19
CA VAL D 608 -0.50 -92.25 -56.82
C VAL D 608 -0.98 -91.51 -58.05
N LEU D 609 -2.29 -91.38 -58.19
CA LEU D 609 -2.94 -90.66 -59.26
C LEU D 609 -3.66 -89.43 -58.70
N PRO D 610 -3.83 -88.39 -59.50
CA PRO D 610 -4.65 -87.25 -59.03
C PRO D 610 -6.07 -87.69 -58.73
N GLY D 611 -6.62 -87.14 -57.65
CA GLY D 611 -7.93 -87.54 -57.19
C GLY D 611 -7.96 -88.76 -56.30
N MET D 612 -6.80 -89.30 -55.94
CA MET D 612 -6.73 -90.53 -55.10
C MET D 612 -6.86 -90.17 -53.62
N VAL D 613 -7.64 -90.93 -52.85
CA VAL D 613 -7.84 -90.77 -51.43
C VAL D 613 -7.57 -92.10 -50.74
N TRP D 614 -6.97 -92.05 -49.56
CA TRP D 614 -6.59 -93.26 -48.84
C TRP D 614 -6.51 -92.96 -47.36
N GLN D 615 -6.46 -94.03 -46.57
CA GLN D 615 -6.26 -93.97 -45.13
C GLN D 615 -4.93 -94.58 -44.77
N ASP D 616 -4.27 -94.02 -43.76
CA ASP D 616 -2.99 -94.54 -43.32
C ASP D 616 -3.18 -95.79 -42.48
N ARG D 617 -2.07 -96.45 -42.17
CA ARG D 617 -2.12 -97.65 -41.35
C ARG D 617 -2.50 -97.30 -39.92
N ASP D 618 -3.28 -98.18 -39.28
CA ASP D 618 -3.71 -97.96 -37.91
C ASP D 618 -2.55 -98.10 -36.94
N VAL D 619 -2.66 -97.43 -35.81
CA VAL D 619 -1.72 -97.56 -34.71
C VAL D 619 -2.33 -98.48 -33.67
N TYR D 620 -1.47 -99.14 -32.90
CA TYR D 620 -1.89 -100.14 -31.92
C TYR D 620 -1.25 -99.83 -30.58
N LEU D 621 -1.82 -100.42 -29.53
CA LEU D 621 -1.27 -100.21 -28.19
C LEU D 621 0.16 -100.74 -28.11
N GLN D 622 0.43 -101.88 -28.72
CA GLN D 622 1.77 -102.44 -28.79
C GLN D 622 2.59 -101.87 -29.94
N GLY D 623 2.00 -101.02 -30.78
CA GLY D 623 2.66 -100.53 -31.96
C GLY D 623 3.53 -99.33 -31.71
N PRO D 624 4.33 -98.95 -32.70
CA PRO D 624 5.18 -97.76 -32.57
C PRO D 624 4.36 -96.48 -32.65
N ILE D 625 4.93 -95.43 -32.07
CA ILE D 625 4.30 -94.11 -32.02
C ILE D 625 4.75 -93.22 -33.17
N TRP D 626 6.06 -93.14 -33.41
CA TRP D 626 6.61 -92.21 -34.37
C TRP D 626 7.76 -92.84 -35.12
N ALA D 627 8.26 -92.10 -36.11
CA ALA D 627 9.48 -92.46 -36.82
C ALA D 627 10.08 -91.20 -37.39
N LYS D 628 11.39 -91.23 -37.63
CA LYS D 628 12.07 -90.08 -38.20
C LYS D 628 11.97 -90.11 -39.72
N ILE D 629 11.46 -89.03 -40.29
CA ILE D 629 11.42 -88.91 -41.76
C ILE D 629 12.84 -88.79 -42.28
N PRO D 630 13.25 -89.62 -43.23
CA PRO D 630 14.62 -89.55 -43.73
C PRO D 630 14.91 -88.18 -44.35
N HIS D 631 16.14 -87.71 -44.15
CA HIS D 631 16.57 -86.42 -44.68
C HIS D 631 16.87 -86.61 -46.16
N THR D 632 15.85 -86.39 -46.99
CA THR D 632 15.94 -86.58 -48.43
C THR D 632 15.35 -85.37 -49.12
N ASP D 633 15.69 -85.22 -50.40
CA ASP D 633 15.21 -84.06 -51.20
C ASP D 633 13.70 -84.17 -51.36
N GLY D 634 13.19 -85.37 -51.60
CA GLY D 634 11.77 -85.53 -51.82
C GLY D 634 11.22 -86.73 -51.07
N HIS D 635 9.95 -86.61 -50.70
CA HIS D 635 9.20 -87.69 -50.09
C HIS D 635 7.72 -87.37 -50.24
N PHE D 636 6.91 -88.42 -50.38
CA PHE D 636 5.47 -88.26 -50.56
C PHE D 636 4.75 -88.88 -49.38
N HIS D 637 3.90 -88.09 -48.72
CA HIS D 637 3.11 -88.53 -47.58
C HIS D 637 3.99 -89.25 -46.56
N PRO D 638 4.83 -88.53 -45.82
CA PRO D 638 5.80 -89.16 -44.92
C PRO D 638 5.21 -89.70 -43.60
N SER D 639 4.10 -90.43 -43.73
CA SER D 639 3.59 -91.22 -42.62
C SER D 639 4.32 -92.56 -42.59
N PRO D 640 4.85 -92.97 -41.43
CA PRO D 640 5.59 -94.24 -41.38
C PRO D 640 4.71 -95.40 -41.82
N LEU D 641 5.30 -96.32 -42.58
CA LEU D 641 4.53 -97.44 -43.10
C LEU D 641 4.16 -98.44 -42.01
N MET D 642 4.96 -98.53 -40.96
CA MET D 642 4.63 -99.38 -39.83
C MET D 642 3.53 -98.79 -38.95
N GLY D 643 3.15 -97.54 -39.17
CA GLY D 643 2.12 -96.88 -38.40
C GLY D 643 2.69 -95.86 -37.45
N GLY D 644 1.99 -94.72 -37.35
CA GLY D 644 2.41 -93.68 -36.44
C GLY D 644 2.51 -92.31 -37.04
N PHE D 645 3.33 -91.44 -36.43
CA PHE D 645 3.47 -90.06 -36.84
C PHE D 645 4.86 -89.83 -37.43
N GLY D 646 4.90 -89.31 -38.64
CA GLY D 646 6.16 -88.96 -39.27
C GLY D 646 6.68 -87.63 -38.78
N LEU D 647 7.90 -87.62 -38.23
CA LEU D 647 8.47 -86.43 -37.62
C LEU D 647 9.80 -86.11 -38.29
N LYS D 648 9.93 -84.88 -38.79
CA LYS D 648 11.22 -84.44 -39.31
C LYS D 648 12.24 -84.29 -38.20
N HIS D 649 11.79 -83.87 -37.02
CA HIS D 649 12.62 -83.77 -35.82
C HIS D 649 11.93 -84.58 -34.72
N PRO D 650 12.12 -85.90 -34.71
CA PRO D 650 11.47 -86.74 -33.71
C PRO D 650 12.09 -86.54 -32.34
N PRO D 651 11.53 -87.14 -31.29
CA PRO D 651 12.17 -87.10 -29.98
C PRO D 651 13.60 -87.60 -30.06
N PRO D 652 14.56 -86.85 -29.54
CA PRO D 652 15.96 -87.22 -29.73
C PRO D 652 16.32 -88.50 -29.00
N GLN D 653 17.31 -89.20 -29.54
CA GLN D 653 17.85 -90.38 -28.89
C GLN D 653 18.53 -89.99 -27.60
N ILE D 654 18.27 -90.74 -26.53
CA ILE D 654 18.87 -90.51 -25.23
C ILE D 654 19.87 -91.62 -24.99
N LEU D 655 21.16 -91.27 -24.98
CA LEU D 655 22.24 -92.24 -24.86
C LEU D 655 22.79 -92.22 -23.44
N ILE D 656 22.96 -93.40 -22.85
CA ILE D 656 23.44 -93.54 -21.49
C ILE D 656 24.47 -94.67 -21.46
N LYS D 657 25.54 -94.47 -20.70
CA LYS D 657 26.54 -95.51 -20.52
C LYS D 657 27.25 -95.29 -19.19
N ASN D 658 27.83 -96.37 -18.67
CA ASN D 658 28.59 -96.29 -17.44
C ASN D 658 30.01 -95.81 -17.74
N THR D 659 30.49 -94.87 -16.95
CA THR D 659 31.84 -94.38 -17.11
C THR D 659 32.83 -95.48 -16.75
N PRO D 660 33.78 -95.82 -17.61
CA PRO D 660 34.73 -96.88 -17.28
C PRO D 660 35.62 -96.47 -16.11
N VAL D 661 35.73 -97.36 -15.13
CA VAL D 661 36.57 -97.16 -13.96
C VAL D 661 37.75 -98.11 -14.07
N PRO D 662 38.96 -97.62 -14.33
CA PRO D 662 40.11 -98.52 -14.48
C PRO D 662 40.39 -99.30 -13.20
N ALA D 663 40.85 -100.53 -13.38
CA ALA D 663 41.27 -101.37 -12.27
C ALA D 663 42.67 -100.94 -11.83
N ASN D 664 43.32 -101.76 -11.00
CA ASN D 664 44.60 -101.40 -10.45
C ASN D 664 45.66 -101.26 -11.55
N PRO D 665 46.26 -100.09 -11.72
CA PRO D 665 47.28 -99.92 -12.75
C PRO D 665 48.65 -100.39 -12.28
N SER D 666 49.53 -100.54 -13.28
CA SER D 666 50.93 -100.95 -12.99
C SER D 666 51.70 -99.75 -12.45
N THR D 667 52.61 -99.98 -11.52
CA THR D 667 53.43 -98.92 -10.95
C THR D 667 54.42 -98.36 -11.97
N THR D 668 54.66 -99.06 -13.07
CA THR D 668 55.51 -98.59 -14.15
C THR D 668 54.63 -98.09 -15.28
N PHE D 669 55.02 -96.97 -15.90
CA PHE D 669 54.22 -96.39 -16.96
C PHE D 669 54.15 -97.32 -18.16
N SER D 670 52.96 -97.44 -18.73
CA SER D 670 52.72 -98.20 -19.94
C SER D 670 51.87 -97.37 -20.88
N ALA D 671 52.31 -97.23 -22.13
CA ALA D 671 51.58 -96.45 -23.11
C ALA D 671 50.39 -97.20 -23.69
N ALA D 672 50.28 -98.50 -23.42
CA ALA D 672 49.14 -99.26 -23.91
C ALA D 672 47.86 -98.78 -23.24
N LYS D 673 46.78 -98.70 -24.00
CA LYS D 673 45.50 -98.27 -23.46
C LYS D 673 45.01 -99.28 -22.43
N PHE D 674 44.24 -98.76 -21.47
CA PHE D 674 43.74 -99.62 -20.36
C PHE D 674 42.80 -100.70 -20.88
N ALA D 675 43.04 -101.94 -20.46
CA ALA D 675 42.20 -103.05 -20.83
C ALA D 675 41.54 -103.73 -19.63
N SER D 676 41.92 -103.37 -18.41
CA SER D 676 41.35 -103.94 -17.20
C SER D 676 40.52 -102.87 -16.50
N PHE D 677 39.28 -103.20 -16.18
CA PHE D 677 38.35 -102.28 -15.56
C PHE D 677 37.60 -102.98 -14.44
N ILE D 678 37.06 -102.19 -13.52
CA ILE D 678 36.21 -102.71 -12.47
C ILE D 678 34.84 -103.02 -13.05
N THR D 679 34.38 -104.26 -12.89
CA THR D 679 33.08 -104.65 -13.40
C THR D 679 31.99 -103.91 -12.65
N GLN D 680 31.08 -103.28 -13.37
CA GLN D 680 30.03 -102.50 -12.73
C GLN D 680 28.86 -102.31 -13.68
N TYR D 681 27.69 -102.07 -13.08
CA TYR D 681 26.48 -101.75 -13.81
C TYR D 681 25.77 -100.63 -13.05
N SER D 682 24.69 -100.14 -13.63
CA SER D 682 23.92 -99.07 -12.99
C SER D 682 22.44 -99.41 -13.04
N THR D 683 21.70 -98.88 -12.07
CA THR D 683 20.26 -99.02 -12.02
C THR D 683 19.67 -97.69 -11.60
N GLY D 684 18.42 -97.47 -11.96
CA GLY D 684 17.78 -96.21 -11.65
C GLY D 684 16.35 -96.19 -12.13
N GLN D 685 15.76 -95.00 -12.11
CA GLN D 685 14.39 -94.80 -12.54
C GLN D 685 14.35 -93.83 -13.71
N VAL D 686 13.40 -94.07 -14.61
CA VAL D 686 13.21 -93.25 -15.79
C VAL D 686 11.75 -92.82 -15.84
N SER D 687 11.51 -91.55 -16.14
CA SER D 687 10.17 -90.98 -16.23
C SER D 687 9.95 -90.37 -17.61
N VAL D 688 8.83 -90.71 -18.24
CA VAL D 688 8.44 -90.15 -19.52
C VAL D 688 7.02 -89.60 -19.37
N GLU D 689 6.85 -88.32 -19.64
CA GLU D 689 5.54 -87.67 -19.59
C GLU D 689 5.24 -87.05 -20.94
N ILE D 690 4.15 -87.47 -21.58
CA ILE D 690 3.77 -86.98 -22.90
C ILE D 690 2.39 -86.36 -22.80
N GLU D 691 2.24 -85.16 -23.35
CA GLU D 691 0.96 -84.51 -23.49
C GLU D 691 0.41 -84.78 -24.89
N TRP D 692 -0.82 -85.27 -24.96
CA TRP D 692 -1.47 -85.61 -26.21
C TRP D 692 -2.68 -84.70 -26.41
N GLU D 693 -2.89 -84.27 -27.65
CA GLU D 693 -4.06 -83.48 -28.01
C GLU D 693 -5.12 -84.40 -28.61
N LEU D 694 -6.37 -84.18 -28.21
CA LEU D 694 -7.49 -85.02 -28.62
C LEU D 694 -8.39 -84.28 -29.61
N GLN D 695 -8.91 -85.02 -30.57
CA GLN D 695 -9.90 -84.53 -31.52
C GLN D 695 -11.23 -85.17 -31.14
N LYS D 696 -12.09 -84.40 -30.47
CA LYS D 696 -13.31 -84.95 -29.92
C LYS D 696 -14.27 -85.36 -31.03
N GLU D 697 -14.93 -86.50 -30.83
CA GLU D 697 -15.92 -86.98 -31.78
C GLU D 697 -17.15 -86.09 -31.77
N ASN D 698 -17.65 -85.77 -32.96
CA ASN D 698 -18.79 -84.89 -33.15
C ASN D 698 -19.79 -85.53 -34.12
N SER D 699 -20.07 -86.81 -33.89
CA SER D 699 -20.92 -87.55 -34.80
C SER D 699 -22.40 -87.24 -34.57
N LYS D 700 -23.22 -87.45 -35.60
CA LYS D 700 -24.68 -87.24 -35.50
C LYS D 700 -25.41 -88.53 -35.90
N ARG D 701 -24.73 -89.68 -35.86
CA ARG D 701 -25.41 -90.93 -36.14
C ARG D 701 -26.39 -91.26 -35.03
N TRP D 702 -27.44 -92.00 -35.38
CA TRP D 702 -28.52 -92.29 -34.46
C TRP D 702 -28.27 -93.58 -33.67
N ASN D 703 -27.97 -94.67 -34.37
CA ASN D 703 -27.79 -95.95 -33.72
C ASN D 703 -26.43 -96.02 -33.03
N PRO D 704 -26.25 -96.89 -32.00
CA PRO D 704 -24.98 -96.96 -31.27
C PRO D 704 -23.78 -97.36 -32.15
N GLU D 705 -22.56 -97.08 -31.69
CA GLU D 705 -21.34 -97.34 -32.49
C GLU D 705 -20.62 -98.60 -32.00
N ILE D 706 -19.63 -99.08 -32.75
CA ILE D 706 -18.80 -100.19 -32.17
C ILE D 706 -17.80 -99.61 -31.17
N GLN D 707 -17.71 -100.20 -29.98
CA GLN D 707 -16.74 -99.77 -29.00
C GLN D 707 -15.93 -100.96 -28.54
N TYR D 708 -14.66 -100.71 -28.20
CA TYR D 708 -13.86 -101.77 -27.59
C TYR D 708 -14.35 -102.04 -26.18
N THR D 709 -14.43 -103.32 -25.81
CA THR D 709 -14.97 -103.70 -24.53
C THR D 709 -14.31 -104.98 -24.07
N SER D 710 -14.35 -105.19 -22.75
CA SER D 710 -13.85 -106.47 -22.20
C SER D 710 -14.97 -107.49 -22.32
N ASN D 711 -14.65 -108.78 -22.29
CA ASN D 711 -15.75 -109.76 -22.46
C ASN D 711 -16.28 -110.10 -21.07
N TYR D 712 -17.60 -110.09 -20.90
CA TYR D 712 -18.20 -110.28 -19.55
C TYR D 712 -18.04 -111.73 -19.09
N ASN D 713 -18.03 -112.70 -20.01
CA ASN D 713 -18.01 -114.08 -19.56
C ASN D 713 -16.82 -114.36 -18.66
N LYS D 714 -17.02 -115.33 -17.75
CA LYS D 714 -15.96 -115.71 -16.79
C LYS D 714 -14.77 -116.30 -17.51
N SER D 715 -13.61 -116.14 -16.91
CA SER D 715 -12.38 -116.69 -17.48
C SER D 715 -11.41 -116.98 -16.35
N ILE D 716 -10.43 -117.83 -16.65
CA ILE D 716 -9.40 -118.15 -15.67
C ILE D 716 -8.57 -116.91 -15.34
N ASN D 717 -8.21 -116.14 -16.36
CA ASN D 717 -7.41 -114.93 -16.20
C ASN D 717 -8.15 -113.72 -16.74
N VAL D 718 -7.94 -112.58 -16.12
CA VAL D 718 -8.47 -111.32 -16.62
C VAL D 718 -7.53 -110.78 -17.69
N ASP D 719 -8.09 -110.18 -18.73
CA ASP D 719 -7.27 -109.64 -19.81
C ASP D 719 -6.45 -108.46 -19.33
N PHE D 720 -5.22 -108.36 -19.86
CA PHE D 720 -4.31 -107.26 -19.55
C PHE D 720 -4.02 -107.16 -18.05
N THR D 721 -3.86 -108.31 -17.41
CA THR D 721 -3.44 -108.39 -16.02
C THR D 721 -2.30 -109.40 -15.91
N VAL D 722 -1.92 -109.71 -14.69
CA VAL D 722 -0.89 -110.69 -14.42
C VAL D 722 -1.54 -112.03 -14.11
N ASP D 723 -0.82 -113.12 -14.37
CA ASP D 723 -1.31 -114.45 -14.06
C ASP D 723 -0.81 -114.86 -12.67
N THR D 724 -0.95 -116.14 -12.36
CA THR D 724 -0.53 -116.64 -11.02
C THR D 724 0.99 -116.55 -10.91
N ASN D 725 1.70 -116.38 -12.02
CA ASN D 725 3.16 -116.21 -12.00
C ASN D 725 3.50 -114.71 -11.97
N GLY D 726 2.48 -113.86 -11.95
CA GLY D 726 2.69 -112.40 -11.95
C GLY D 726 3.24 -111.93 -13.29
N VAL D 727 3.04 -112.72 -14.35
CA VAL D 727 3.57 -112.36 -15.69
C VAL D 727 2.50 -111.54 -16.43
N TYR D 728 2.85 -110.30 -16.80
CA TYR D 728 1.91 -109.46 -17.51
C TYR D 728 1.86 -109.85 -18.98
N SER D 729 0.65 -109.93 -19.54
CA SER D 729 0.46 -110.30 -20.92
C SER D 729 -0.56 -109.37 -21.56
N GLU D 730 -0.43 -109.19 -22.87
CA GLU D 730 -1.40 -108.43 -23.66
C GLU D 730 -2.11 -109.40 -24.60
N PRO D 731 -3.35 -109.79 -24.29
CA PRO D 731 -3.97 -110.91 -25.04
C PRO D 731 -4.17 -110.65 -26.52
N ARG D 732 -4.45 -109.42 -26.93
CA ARG D 732 -4.73 -109.15 -28.33
C ARG D 732 -4.26 -107.74 -28.67
N PRO D 733 -3.99 -107.46 -29.94
CA PRO D 733 -3.72 -106.07 -30.35
C PRO D 733 -5.01 -105.26 -30.37
N ILE D 734 -4.93 -104.03 -29.88
CA ILE D 734 -6.06 -103.11 -29.90
C ILE D 734 -5.70 -101.95 -30.81
N GLY D 735 -6.50 -101.73 -31.84
CA GLY D 735 -6.34 -100.59 -32.71
C GLY D 735 -7.00 -99.37 -32.12
N THR D 736 -7.30 -98.41 -32.98
CA THR D 736 -7.97 -97.18 -32.55
C THR D 736 -9.25 -96.89 -33.32
N ARG D 737 -9.58 -97.66 -34.35
CA ARG D 737 -10.65 -97.30 -35.29
C ARG D 737 -11.93 -98.03 -34.90
N TYR D 738 -12.66 -97.43 -33.96
CA TYR D 738 -13.94 -97.95 -33.50
C TYR D 738 -15.09 -97.00 -33.76
N LEU D 739 -14.90 -95.70 -33.53
CA LEU D 739 -15.91 -94.72 -33.92
C LEU D 739 -15.95 -94.60 -35.43
N THR D 740 -17.04 -94.02 -35.93
CA THR D 740 -17.25 -93.89 -37.36
C THR D 740 -17.47 -92.43 -37.73
N ARG D 741 -17.02 -92.10 -38.95
CA ARG D 741 -17.24 -90.74 -39.50
C ARG D 741 -17.59 -90.94 -40.98
N ASN D 742 -18.42 -90.06 -41.56
CA ASN D 742 -18.74 -90.11 -42.97
C ASN D 742 -17.55 -89.70 -43.82
N LEU D 743 -17.51 -90.21 -45.05
CA LEU D 743 -16.45 -89.84 -45.98
C LEU D 743 -16.56 -88.38 -46.40
N ALA E 218 85.14 -10.05 -13.93
CA ALA E 218 83.93 -10.86 -14.14
C ALA E 218 84.14 -12.26 -13.57
N ASP E 219 85.34 -12.81 -13.76
CA ASP E 219 85.60 -14.21 -13.36
C ASP E 219 86.89 -14.24 -12.54
N GLY E 220 87.41 -13.07 -12.15
CA GLY E 220 88.59 -13.07 -11.28
C GLY E 220 89.64 -14.08 -11.72
N VAL E 221 90.28 -14.74 -10.76
CA VAL E 221 91.38 -15.69 -11.10
C VAL E 221 90.86 -17.08 -10.78
N GLY E 222 90.76 -17.93 -11.78
CA GLY E 222 90.34 -19.30 -11.63
C GLY E 222 88.97 -19.62 -12.18
N ASN E 223 88.25 -18.63 -12.71
CA ASN E 223 86.95 -18.85 -13.33
C ASN E 223 87.06 -18.54 -14.81
N SER E 224 86.68 -19.50 -15.65
CA SER E 224 86.77 -19.32 -17.08
C SER E 224 85.72 -18.32 -17.56
N SER E 225 86.11 -17.45 -18.48
CA SER E 225 85.24 -16.43 -19.02
C SER E 225 84.69 -16.78 -20.40
N GLY E 226 84.90 -18.01 -20.86
CA GLY E 226 84.38 -18.41 -22.14
C GLY E 226 84.64 -19.89 -22.38
N ASN E 227 84.07 -20.39 -23.47
CA ASN E 227 84.20 -21.78 -23.87
C ASN E 227 84.68 -21.86 -25.30
N TRP E 228 85.15 -23.05 -25.69
CA TRP E 228 85.64 -23.30 -27.03
C TRP E 228 84.48 -23.66 -27.94
N HIS E 229 84.17 -22.78 -28.89
CA HIS E 229 83.07 -23.01 -29.85
C HIS E 229 83.65 -22.98 -31.26
N CYS E 230 83.99 -24.16 -31.80
CA CYS E 230 84.50 -24.25 -33.19
C CYS E 230 83.62 -25.27 -33.90
N ASP E 231 82.73 -24.82 -34.80
CA ASP E 231 81.79 -25.76 -35.46
C ASP E 231 80.99 -25.05 -36.55
N SER E 232 80.16 -25.79 -37.30
CA SER E 232 79.30 -25.11 -38.25
C SER E 232 77.94 -25.78 -38.25
N THR E 233 76.89 -24.98 -38.39
CA THR E 233 75.51 -25.46 -38.41
C THR E 233 74.87 -25.04 -39.73
N TRP E 234 74.34 -26.02 -40.46
CA TRP E 234 73.63 -25.76 -41.71
C TRP E 234 72.14 -25.88 -41.45
N MET E 235 71.42 -24.78 -41.67
CA MET E 235 69.96 -24.76 -41.42
C MET E 235 69.27 -24.10 -42.61
N GLY E 236 68.81 -24.90 -43.57
CA GLY E 236 68.11 -24.37 -44.73
C GLY E 236 69.02 -23.49 -45.58
N ASP E 237 68.63 -22.23 -45.75
CA ASP E 237 69.36 -21.26 -46.54
C ASP E 237 70.40 -20.49 -45.72
N ARG E 238 70.86 -21.05 -44.60
CA ARG E 238 71.85 -20.40 -43.77
C ARG E 238 72.91 -21.42 -43.35
N VAL E 239 74.14 -20.96 -43.19
CA VAL E 239 75.19 -21.72 -42.56
C VAL E 239 75.92 -20.79 -41.60
N THR E 240 76.02 -21.19 -40.34
CA THR E 240 76.70 -20.43 -39.32
C THR E 240 78.02 -21.12 -38.97
N THR E 241 79.13 -20.47 -39.25
CA THR E 241 80.45 -21.01 -38.97
C THR E 241 81.03 -20.30 -37.75
N THR E 242 81.51 -21.08 -36.78
CA THR E 242 82.14 -20.54 -35.58
C THR E 242 83.56 -21.10 -35.47
N SER E 243 84.50 -20.25 -35.11
CA SER E 243 85.90 -20.64 -35.00
C SER E 243 86.48 -20.10 -33.70
N THR E 244 87.33 -20.90 -33.06
CA THR E 244 88.05 -20.47 -31.87
C THR E 244 89.54 -20.76 -32.08
N ARG E 245 90.37 -19.80 -31.70
CA ARG E 245 91.82 -19.93 -31.83
C ARG E 245 92.49 -19.41 -30.57
N THR E 246 93.73 -19.84 -30.35
CA THR E 246 94.55 -19.35 -29.26
C THR E 246 95.57 -18.37 -29.84
N TRP E 247 95.59 -17.16 -29.30
CA TRP E 247 96.45 -16.09 -29.79
C TRP E 247 97.49 -15.71 -28.75
N ALA E 248 98.60 -15.16 -29.24
CA ALA E 248 99.66 -14.62 -28.41
C ALA E 248 99.95 -13.19 -28.85
N LEU E 249 99.93 -12.27 -27.91
CA LEU E 249 100.14 -10.85 -28.19
C LEU E 249 101.36 -10.34 -27.45
N PRO E 250 102.46 -10.03 -28.14
CA PRO E 250 103.64 -9.48 -27.47
C PRO E 250 103.48 -7.98 -27.25
N THR E 251 104.53 -7.37 -26.72
CA THR E 251 104.62 -5.93 -26.61
C THR E 251 105.30 -5.39 -27.86
N TYR E 252 104.63 -4.49 -28.57
CA TYR E 252 105.10 -3.98 -29.84
C TYR E 252 105.71 -2.59 -29.68
N ASN E 253 106.87 -2.39 -30.30
CA ASN E 253 107.58 -1.11 -30.30
C ASN E 253 107.97 -0.64 -28.91
N ASN E 254 107.96 -1.54 -27.93
CA ASN E 254 108.22 -1.19 -26.53
C ASN E 254 107.28 -0.08 -26.07
N HIS E 255 105.99 -0.26 -26.34
CA HIS E 255 104.92 0.65 -25.94
C HIS E 255 105.04 2.03 -26.58
N LEU E 256 105.64 2.13 -27.75
CA LEU E 256 105.91 3.42 -28.38
C LEU E 256 105.26 3.53 -29.74
N TYR E 257 105.03 4.77 -30.17
CA TYR E 257 104.59 5.02 -31.56
C TYR E 257 105.85 5.53 -32.25
N LYS E 258 106.23 4.95 -33.37
CA LYS E 258 107.43 5.29 -34.11
C LYS E 258 107.06 5.72 -35.52
N GLN E 259 107.55 6.87 -35.94
CA GLN E 259 107.39 7.29 -37.32
C GLN E 259 108.24 6.41 -38.23
N ILE E 260 107.63 5.90 -39.29
CA ILE E 260 108.32 5.03 -40.23
C ILE E 260 108.22 5.64 -41.63
N SER E 261 109.20 5.33 -42.47
CA SER E 261 109.23 5.85 -43.82
C SER E 261 110.11 4.93 -44.66
N SER E 262 110.02 5.11 -45.98
CA SER E 262 110.83 4.33 -46.89
C SER E 262 112.31 4.66 -46.70
N GLN E 263 113.14 3.66 -46.98
CA GLN E 263 114.59 3.83 -46.78
C GLN E 263 115.11 4.83 -47.81
N SER E 264 116.15 5.57 -47.44
CA SER E 264 116.78 6.47 -48.42
C SER E 264 117.39 5.61 -49.53
N GLY E 265 117.32 6.06 -50.76
CA GLY E 265 117.80 5.35 -51.93
C GLY E 265 116.77 4.47 -52.59
N ALA E 266 115.58 4.35 -52.01
CA ALA E 266 114.51 3.59 -52.64
C ALA E 266 113.99 4.31 -53.87
N SER E 267 113.39 3.54 -54.78
CA SER E 267 112.80 4.13 -55.96
C SER E 267 111.58 4.96 -55.58
N ASN E 268 111.16 5.84 -56.50
CA ASN E 268 110.01 6.69 -56.23
C ASN E 268 108.74 5.87 -56.06
N ASP E 269 108.62 4.76 -56.79
CA ASP E 269 107.42 3.92 -56.66
C ASP E 269 107.34 3.27 -55.29
N ASN E 270 108.47 3.08 -54.61
CA ASN E 270 108.51 2.40 -53.32
C ASN E 270 108.57 3.37 -52.14
N HIS E 271 108.49 4.67 -52.39
CA HIS E 271 108.53 5.64 -51.31
C HIS E 271 107.22 5.63 -50.52
N TYR E 272 107.33 5.76 -49.20
CA TYR E 272 106.15 5.79 -48.35
C TYR E 272 106.49 6.49 -47.04
N PHE E 273 105.44 6.91 -46.34
CA PHE E 273 105.54 7.52 -45.03
C PHE E 273 104.35 7.06 -44.20
N GLY E 274 104.60 6.78 -42.92
CA GLY E 274 103.53 6.30 -42.07
C GLY E 274 103.97 6.22 -40.63
N TYR E 275 103.17 5.54 -39.82
CA TYR E 275 103.45 5.39 -38.40
C TYR E 275 103.23 3.94 -37.98
N SER E 276 104.07 3.49 -37.06
CA SER E 276 103.96 2.16 -36.48
C SER E 276 103.42 2.31 -35.05
N THR E 277 102.37 1.56 -34.74
CA THR E 277 101.73 1.68 -33.44
C THR E 277 102.08 0.48 -32.56
N PRO E 278 102.03 0.65 -31.23
CA PRO E 278 102.26 -0.49 -30.33
C PRO E 278 101.09 -1.45 -30.23
N TRP E 279 100.03 -1.23 -30.99
CA TRP E 279 98.84 -2.07 -30.94
C TRP E 279 98.93 -3.21 -31.93
N GLY E 280 98.16 -4.26 -31.65
CA GLY E 280 97.93 -5.34 -32.60
C GLY E 280 96.47 -5.32 -33.04
N TYR E 281 96.17 -6.17 -34.03
CA TYR E 281 94.81 -6.25 -34.54
C TYR E 281 94.48 -7.70 -34.86
N PHE E 282 93.20 -8.03 -34.72
CA PHE E 282 92.70 -9.38 -35.01
C PHE E 282 92.15 -9.41 -36.42
N ASP E 283 92.71 -10.28 -37.26
CA ASP E 283 92.32 -10.39 -38.65
C ASP E 283 91.72 -11.77 -38.88
N PHE E 284 90.49 -11.79 -39.42
CA PHE E 284 89.87 -13.03 -39.87
C PHE E 284 89.26 -12.85 -41.26
N ASN E 285 89.93 -12.06 -42.10
CA ASN E 285 89.45 -11.76 -43.45
C ASN E 285 89.98 -12.77 -44.46
N ARG E 286 89.80 -14.06 -44.15
CA ARG E 286 90.11 -15.14 -45.07
C ARG E 286 89.11 -16.25 -44.84
N PHE E 287 88.70 -16.94 -45.89
CA PHE E 287 87.61 -17.94 -45.75
C PHE E 287 88.05 -19.15 -44.91
N HIS E 288 89.33 -19.50 -44.95
CA HIS E 288 89.87 -20.67 -44.21
C HIS E 288 89.74 -20.44 -42.68
N CYS E 289 89.56 -19.19 -42.26
CA CYS E 289 89.43 -18.84 -40.82
C CYS E 289 88.07 -19.27 -40.30
N HIS E 290 87.11 -19.53 -41.18
CA HIS E 290 85.76 -19.90 -40.78
C HIS E 290 85.26 -21.20 -41.37
N PHE E 291 85.71 -21.57 -42.56
CA PHE E 291 85.25 -22.76 -43.26
C PHE E 291 86.33 -23.83 -43.24
N SER E 292 85.96 -25.03 -42.80
CA SER E 292 86.81 -26.19 -43.00
C SER E 292 86.77 -26.60 -44.46
N PRO E 293 87.76 -27.36 -44.93
CA PRO E 293 87.70 -27.84 -46.32
C PRO E 293 86.44 -28.63 -46.65
N ARG E 294 85.96 -29.45 -45.72
CA ARG E 294 84.68 -30.13 -45.92
C ARG E 294 83.53 -29.13 -45.98
N ASP E 295 83.57 -28.10 -45.13
CA ASP E 295 82.57 -27.04 -45.19
C ASP E 295 82.60 -26.33 -46.52
N TRP E 296 83.80 -26.03 -47.03
CA TRP E 296 83.93 -25.39 -48.33
C TRP E 296 83.38 -26.28 -49.45
N GLN E 297 83.67 -27.58 -49.40
CA GLN E 297 83.15 -28.48 -50.41
C GLN E 297 81.63 -28.56 -50.35
N ARG E 298 81.07 -28.59 -49.14
CA ARG E 298 79.61 -28.57 -48.99
C ARG E 298 79.02 -27.27 -49.50
N LEU E 299 79.72 -26.15 -49.34
CA LEU E 299 79.21 -24.87 -49.81
C LEU E 299 79.24 -24.78 -51.33
N ILE E 300 80.36 -25.14 -51.95
CA ILE E 300 80.55 -24.86 -53.36
C ILE E 300 79.92 -25.89 -54.27
N ASN E 301 79.64 -27.10 -53.78
CA ASN E 301 79.04 -28.13 -54.61
C ASN E 301 77.53 -28.10 -54.63
N ASN E 302 76.90 -27.25 -53.83
CA ASN E 302 75.45 -27.27 -53.67
C ASN E 302 74.78 -25.91 -53.76
N ASN E 303 75.52 -24.82 -53.78
CA ASN E 303 74.95 -23.49 -53.73
C ASN E 303 75.38 -22.68 -54.95
N TRP E 304 74.46 -21.88 -55.46
CA TRP E 304 74.73 -20.95 -56.54
C TRP E 304 75.25 -19.60 -56.05
N GLY E 305 75.25 -19.36 -54.75
CA GLY E 305 75.75 -18.11 -54.22
C GLY E 305 75.72 -18.12 -52.71
N PHE E 306 76.46 -17.17 -52.13
CA PHE E 306 76.49 -16.98 -50.69
C PHE E 306 76.97 -15.58 -50.37
N ARG E 307 76.63 -15.11 -49.17
CA ARG E 307 77.04 -13.79 -48.71
C ARG E 307 76.98 -13.77 -47.20
N PRO E 308 77.84 -12.99 -46.55
CA PRO E 308 77.77 -12.88 -45.08
C PRO E 308 76.61 -12.01 -44.64
N LYS E 309 76.07 -12.34 -43.46
CA LYS E 309 74.90 -11.68 -42.90
C LYS E 309 75.21 -10.95 -41.61
N ARG E 310 75.82 -11.62 -40.64
CA ARG E 310 76.18 -11.01 -39.37
C ARG E 310 77.31 -11.80 -38.75
N LEU E 311 78.03 -11.17 -37.82
CA LEU E 311 79.12 -11.83 -37.14
C LEU E 311 79.09 -11.50 -35.64
N ASN E 312 79.69 -12.40 -34.86
CA ASN E 312 79.82 -12.20 -33.40
C ASN E 312 81.30 -12.47 -33.07
N PHE E 313 81.91 -11.66 -32.22
CA PHE E 313 83.32 -11.72 -31.88
C PHE E 313 83.47 -11.77 -30.37
N LYS E 314 84.42 -12.59 -29.93
CA LYS E 314 84.66 -12.69 -28.47
C LYS E 314 86.12 -12.91 -28.11
N LEU E 315 86.62 -12.20 -27.11
CA LEU E 315 87.93 -12.44 -26.51
C LEU E 315 87.72 -12.87 -25.06
N PHE E 316 88.39 -13.94 -24.66
CA PHE E 316 88.14 -14.50 -23.33
C PHE E 316 89.36 -15.29 -22.90
N ASN E 317 89.34 -15.70 -21.62
CA ASN E 317 90.42 -16.47 -21.01
C ASN E 317 91.76 -15.77 -21.20
N ILE E 318 91.77 -14.47 -20.90
CA ILE E 318 92.93 -13.64 -21.12
C ILE E 318 93.92 -13.82 -19.98
N GLN E 319 95.16 -14.16 -20.33
CA GLN E 319 96.23 -14.36 -19.36
C GLN E 319 97.38 -13.42 -19.72
N VAL E 320 97.83 -12.64 -18.75
CA VAL E 320 98.98 -11.77 -18.94
C VAL E 320 100.17 -12.42 -18.23
N LYS E 321 101.23 -12.67 -18.99
CA LYS E 321 102.42 -13.34 -18.49
C LYS E 321 103.56 -12.34 -18.42
N GLU E 322 104.23 -12.29 -17.27
CA GLU E 322 105.40 -11.44 -17.09
C GLU E 322 106.66 -12.26 -17.34
N VAL E 323 107.54 -11.74 -18.19
CA VAL E 323 108.78 -12.42 -18.58
C VAL E 323 109.95 -11.67 -17.95
N THR E 324 110.82 -12.42 -17.27
CA THR E 324 112.03 -11.87 -16.68
C THR E 324 113.22 -12.70 -17.15
N GLN E 325 114.39 -12.06 -17.18
CA GLN E 325 115.61 -12.70 -17.64
C GLN E 325 116.74 -12.32 -16.68
N ASN E 326 117.16 -13.27 -15.85
CA ASN E 326 118.19 -13.02 -14.85
C ASN E 326 119.30 -14.05 -15.03
N ASP E 327 120.52 -13.57 -15.29
CA ASP E 327 121.70 -14.43 -15.45
C ASP E 327 121.48 -15.49 -16.54
N GLY E 328 120.85 -15.08 -17.64
CA GLY E 328 120.66 -15.96 -18.77
C GLY E 328 119.50 -16.93 -18.65
N THR E 329 118.64 -16.77 -17.65
CA THR E 329 117.51 -17.67 -17.43
C THR E 329 116.22 -16.92 -17.73
N THR E 330 115.36 -17.52 -18.55
CA THR E 330 114.07 -16.96 -18.89
C THR E 330 113.00 -17.57 -17.99
N THR E 331 112.39 -16.73 -17.15
CA THR E 331 111.36 -17.15 -16.21
C THR E 331 110.06 -16.45 -16.56
N ILE E 332 108.99 -17.22 -16.68
CA ILE E 332 107.67 -16.70 -17.03
C ILE E 332 106.72 -16.98 -15.86
N ALA E 333 106.05 -15.93 -15.39
CA ALA E 333 105.12 -16.04 -14.28
C ALA E 333 103.85 -15.28 -14.62
N ASN E 334 102.76 -15.65 -13.97
CA ASN E 334 101.49 -14.98 -14.19
C ASN E 334 101.49 -13.57 -13.61
N ASN E 335 100.76 -12.69 -14.27
CA ASN E 335 100.50 -11.33 -13.78
C ASN E 335 98.99 -11.16 -13.75
N LEU E 336 98.39 -11.40 -12.58
CA LEU E 336 96.94 -11.42 -12.46
C LEU E 336 96.33 -10.03 -12.40
N THR E 337 97.13 -8.98 -12.23
CA THR E 337 96.62 -7.62 -12.13
C THR E 337 96.83 -6.78 -13.38
N SER E 338 97.55 -7.29 -14.38
CA SER E 338 97.74 -6.55 -15.61
C SER E 338 96.52 -6.67 -16.51
N THR E 339 96.37 -5.68 -17.39
CA THR E 339 95.23 -5.60 -18.28
C THR E 339 95.68 -5.62 -19.74
N VAL E 340 94.71 -5.83 -20.62
CA VAL E 340 94.87 -5.64 -22.06
C VAL E 340 93.76 -4.73 -22.54
N GLN E 341 94.12 -3.76 -23.38
CA GLN E 341 93.16 -2.79 -23.90
C GLN E 341 92.63 -3.26 -25.25
N VAL E 342 91.31 -3.36 -25.37
CA VAL E 342 90.65 -3.81 -26.59
C VAL E 342 89.58 -2.79 -26.96
N PHE E 343 89.56 -2.39 -28.22
CA PHE E 343 88.47 -1.57 -28.73
C PHE E 343 88.29 -1.86 -30.22
N THR E 344 87.05 -1.66 -30.68
CA THR E 344 86.70 -1.83 -32.09
C THR E 344 86.50 -0.47 -32.72
N ASP E 345 87.09 -0.28 -33.90
CA ASP E 345 86.97 0.98 -34.64
C ASP E 345 85.66 0.98 -35.42
N SER E 346 84.54 1.09 -34.71
CA SER E 346 83.20 0.98 -35.33
C SER E 346 82.82 2.26 -36.09
N GLU E 347 83.51 3.37 -35.81
CA GLU E 347 83.25 4.59 -36.57
C GLU E 347 84.20 4.77 -37.74
N TYR E 348 85.12 3.82 -37.95
CA TYR E 348 86.05 3.84 -39.08
C TYR E 348 86.85 5.14 -39.13
N GLN E 349 87.35 5.56 -37.97
CA GLN E 349 88.18 6.75 -37.86
C GLN E 349 89.67 6.45 -38.03
N LEU E 350 90.06 5.20 -38.10
CA LEU E 350 91.44 4.80 -38.29
C LEU E 350 91.64 4.25 -39.71
N PRO E 351 92.86 4.34 -40.24
CA PRO E 351 93.14 3.76 -41.56
C PRO E 351 92.86 2.26 -41.56
N TYR E 352 92.05 1.84 -42.52
CA TYR E 352 91.59 0.45 -42.60
C TYR E 352 92.66 -0.37 -43.31
N VAL E 353 93.44 -1.12 -42.53
CA VAL E 353 94.52 -1.94 -43.09
C VAL E 353 94.07 -3.37 -43.38
N LEU E 354 92.89 -3.77 -42.92
CA LEU E 354 92.32 -5.04 -43.34
C LEU E 354 91.91 -4.95 -44.81
N GLY E 355 91.91 -6.09 -45.48
CA GLY E 355 91.60 -6.13 -46.89
C GLY E 355 92.78 -5.86 -47.81
N SER E 356 94.00 -5.83 -47.28
CA SER E 356 95.20 -5.71 -48.10
C SER E 356 95.94 -7.03 -48.24
N ALA E 357 95.28 -8.14 -47.93
CA ALA E 357 95.86 -9.48 -48.06
C ALA E 357 97.13 -9.63 -47.21
N HIS E 358 97.03 -9.23 -45.95
CA HIS E 358 98.16 -9.28 -45.03
C HIS E 358 98.16 -10.57 -44.22
N GLN E 359 99.36 -11.01 -43.86
CA GLN E 359 99.52 -12.18 -43.01
C GLN E 359 99.14 -11.85 -41.57
N GLY E 360 98.95 -12.89 -40.77
CA GLY E 360 98.56 -12.74 -39.39
C GLY E 360 97.11 -13.06 -39.09
N CYS E 361 96.41 -13.71 -40.00
CA CYS E 361 95.01 -14.05 -39.79
C CYS E 361 94.89 -15.22 -38.81
N LEU E 362 93.65 -15.60 -38.54
CA LEU E 362 93.39 -16.81 -37.77
C LEU E 362 93.84 -18.02 -38.59
N PRO E 363 94.66 -18.92 -38.03
CA PRO E 363 95.17 -20.02 -38.84
C PRO E 363 94.05 -20.93 -39.28
N PRO E 364 94.17 -21.52 -40.49
CA PRO E 364 93.10 -22.40 -40.97
C PRO E 364 92.85 -23.60 -40.09
N PHE E 365 93.88 -24.16 -39.47
CA PHE E 365 93.72 -25.31 -38.59
C PHE E 365 93.38 -24.84 -37.19
N PRO E 366 92.28 -25.32 -36.60
CA PRO E 366 91.85 -24.81 -35.28
C PRO E 366 92.85 -25.07 -34.16
N ALA E 367 93.78 -26.01 -34.33
CA ALA E 367 94.73 -26.35 -33.29
C ALA E 367 95.98 -25.49 -33.30
N ASP E 368 96.14 -24.61 -34.28
CA ASP E 368 97.33 -23.77 -34.39
C ASP E 368 97.21 -22.52 -33.55
N VAL E 369 98.32 -22.11 -32.95
CA VAL E 369 98.40 -20.89 -32.16
C VAL E 369 99.11 -19.83 -32.99
N PHE E 370 98.55 -18.62 -33.02
CA PHE E 370 99.04 -17.57 -33.91
C PHE E 370 99.37 -16.31 -33.12
N MET E 371 100.35 -15.56 -33.64
CA MET E 371 100.72 -14.27 -33.09
C MET E 371 99.84 -13.17 -33.68
N VAL E 372 99.48 -12.21 -32.84
CA VAL E 372 98.65 -11.08 -33.27
C VAL E 372 99.51 -10.10 -34.06
N PRO E 373 99.16 -9.78 -35.31
CA PRO E 373 100.00 -8.89 -36.10
C PRO E 373 99.99 -7.46 -35.57
N GLN E 374 101.11 -6.77 -35.79
CA GLN E 374 101.25 -5.39 -35.35
C GLN E 374 100.51 -4.45 -36.28
N TYR E 375 99.78 -3.49 -35.70
CA TYR E 375 99.01 -2.54 -36.48
C TYR E 375 99.90 -1.38 -36.91
N GLY E 376 99.76 -0.97 -38.17
CA GLY E 376 100.48 0.16 -38.71
C GLY E 376 99.76 0.68 -39.93
N TYR E 377 99.96 1.97 -40.20
CA TYR E 377 99.26 2.62 -41.31
C TYR E 377 100.21 3.55 -42.03
N LEU E 378 99.85 3.87 -43.28
CA LEU E 378 100.58 4.81 -44.10
C LEU E 378 99.71 6.04 -44.36
N THR E 379 100.38 7.19 -44.48
CA THR E 379 99.70 8.43 -44.78
C THR E 379 100.37 9.08 -46.00
N LEU E 380 99.98 10.30 -46.31
CA LEU E 380 100.52 11.01 -47.50
C LEU E 380 102.04 11.18 -47.36
N ASN E 381 102.76 11.04 -48.46
CA ASN E 381 104.23 11.22 -48.43
C ASN E 381 104.70 11.94 -49.69
N ASN E 382 105.67 12.85 -49.56
CA ASN E 382 106.31 13.46 -50.74
C ASN E 382 107.70 12.83 -50.74
N GLY E 383 107.85 11.64 -51.30
CA GLY E 383 109.13 10.93 -51.19
C GLY E 383 109.17 10.21 -49.85
N SER E 384 110.30 10.25 -49.15
CA SER E 384 110.38 9.67 -47.83
C SER E 384 109.87 10.61 -46.75
N GLN E 385 109.56 11.85 -47.09
CA GLN E 385 109.08 12.85 -46.14
C GLN E 385 107.56 12.88 -46.12
N ALA E 386 107.02 13.68 -45.21
CA ALA E 386 105.59 13.88 -45.08
C ALA E 386 105.19 15.27 -45.59
N VAL E 387 103.88 15.46 -45.74
CA VAL E 387 103.31 16.75 -46.12
C VAL E 387 102.40 17.22 -45.01
N GLY E 388 101.91 18.45 -45.15
CA GLY E 388 101.06 19.02 -44.13
C GLY E 388 99.73 18.31 -43.99
N ARG E 389 99.28 17.63 -45.05
CA ARG E 389 98.03 16.91 -45.02
C ARG E 389 98.15 15.53 -44.40
N SER E 390 99.36 15.07 -44.12
CA SER E 390 99.55 13.76 -43.49
C SER E 390 98.91 13.73 -42.11
N SER E 391 98.25 12.61 -41.80
CA SER E 391 97.49 12.46 -40.58
C SER E 391 98.21 11.53 -39.62
N PHE E 392 98.20 11.88 -38.34
CA PHE E 392 98.74 11.04 -37.28
C PHE E 392 97.59 10.62 -36.37
N TYR E 393 97.58 9.35 -35.98
CA TYR E 393 96.52 8.78 -35.16
C TYR E 393 97.12 8.14 -33.92
N CYS E 394 96.66 8.56 -32.75
CA CYS E 394 96.99 7.91 -31.50
C CYS E 394 95.82 7.02 -31.10
N LEU E 395 96.07 5.72 -30.99
CA LEU E 395 95.03 4.76 -30.69
C LEU E 395 94.62 4.78 -29.22
N GLU E 396 95.41 5.41 -28.35
CA GLU E 396 95.00 5.62 -26.97
C GLU E 396 94.02 6.78 -26.82
N TYR E 397 93.75 7.49 -27.92
CA TYR E 397 92.78 8.63 -27.91
C TYR E 397 91.37 8.08 -28.19
N PHE E 398 91.24 6.78 -28.31
CA PHE E 398 89.98 6.07 -28.44
C PHE E 398 89.57 5.45 -27.11
N PRO E 399 88.28 5.39 -26.82
CA PRO E 399 87.83 4.66 -25.63
C PRO E 399 88.03 3.16 -25.83
N SER E 400 88.74 2.53 -24.91
CA SER E 400 89.03 1.11 -24.98
C SER E 400 88.62 0.43 -23.69
N GLN E 401 88.37 -0.87 -23.78
CA GLN E 401 87.96 -1.68 -22.64
C GLN E 401 89.17 -2.39 -22.07
N MET E 402 89.38 -2.26 -20.76
CA MET E 402 90.52 -2.86 -20.08
C MET E 402 90.09 -4.18 -19.48
N LEU E 403 90.85 -5.25 -19.78
CA LEU E 403 90.49 -6.60 -19.40
C LEU E 403 91.60 -7.22 -18.57
N ARG E 404 91.29 -7.58 -17.34
CA ARG E 404 92.18 -8.39 -16.52
C ARG E 404 91.92 -9.88 -16.80
N THR E 405 92.65 -10.74 -16.10
CA THR E 405 92.35 -12.19 -16.20
C THR E 405 90.99 -12.41 -15.53
N GLY E 406 90.03 -12.90 -16.29
CA GLY E 406 88.66 -13.06 -15.84
C GLY E 406 87.68 -12.15 -16.51
N ASN E 407 88.13 -11.16 -17.26
CA ASN E 407 87.26 -10.30 -18.06
C ASN E 407 87.23 -10.79 -19.50
N ASN E 408 86.11 -10.55 -20.18
CA ASN E 408 85.95 -10.92 -21.57
C ASN E 408 85.44 -9.72 -22.36
N PHE E 409 85.66 -9.77 -23.67
CA PHE E 409 85.23 -8.74 -24.60
C PHE E 409 84.35 -9.39 -25.65
N THR E 410 83.32 -8.65 -26.10
CA THR E 410 82.45 -9.15 -27.13
C THR E 410 81.82 -7.98 -27.88
N PHE E 411 81.47 -8.23 -29.15
CA PHE E 411 80.71 -7.27 -29.93
C PHE E 411 80.08 -8.00 -31.10
N SER E 412 78.97 -7.44 -31.59
CA SER E 412 78.22 -8.00 -32.69
C SER E 412 78.18 -7.00 -33.84
N TYR E 413 78.23 -7.52 -35.06
CA TYR E 413 78.24 -6.69 -36.26
C TYR E 413 77.28 -7.30 -37.28
N THR E 414 76.58 -6.43 -38.02
CA THR E 414 75.68 -6.86 -39.07
C THR E 414 76.23 -6.38 -40.41
N PHE E 415 76.40 -7.31 -41.34
CA PHE E 415 76.85 -6.96 -42.68
C PHE E 415 75.75 -6.18 -43.41
N GLU E 416 76.17 -5.23 -44.23
CA GLU E 416 75.24 -4.56 -45.11
C GLU E 416 74.81 -5.50 -46.24
N ASP E 417 73.74 -5.11 -46.93
CA ASP E 417 73.24 -5.91 -48.03
C ASP E 417 74.26 -5.89 -49.17
N VAL E 418 74.69 -7.08 -49.59
CA VAL E 418 75.67 -7.21 -50.68
C VAL E 418 75.18 -8.29 -51.63
N PRO E 419 75.59 -8.22 -52.89
CA PRO E 419 75.21 -9.27 -53.84
C PRO E 419 75.78 -10.63 -53.45
N PHE E 420 75.04 -11.68 -53.78
CA PHE E 420 75.56 -13.03 -53.61
C PHE E 420 76.77 -13.22 -54.50
N HIS E 421 77.80 -13.88 -53.97
CA HIS E 421 78.94 -14.25 -54.79
C HIS E 421 78.50 -15.27 -55.83
N SER E 422 78.95 -15.06 -57.07
CA SER E 422 78.61 -15.97 -58.19
C SER E 422 79.41 -17.26 -58.07
N SER E 423 78.96 -18.19 -57.23
CA SER E 423 79.65 -19.47 -57.07
C SER E 423 79.18 -20.48 -58.12
N TYR E 424 79.25 -20.06 -59.38
CA TYR E 424 78.85 -20.90 -60.50
C TYR E 424 79.65 -20.49 -61.72
N ALA E 425 79.72 -21.41 -62.69
CA ALA E 425 80.30 -21.14 -63.99
C ALA E 425 79.20 -21.20 -65.04
N HIS E 426 79.21 -20.23 -65.95
CA HIS E 426 78.19 -20.20 -67.00
C HIS E 426 78.38 -21.37 -67.96
N SER E 427 77.29 -22.08 -68.25
CA SER E 427 77.29 -23.16 -69.22
C SER E 427 77.03 -22.67 -70.63
N GLN E 428 76.86 -21.37 -70.83
CA GLN E 428 76.73 -20.77 -72.15
C GLN E 428 77.77 -19.67 -72.30
N SER E 429 78.21 -19.47 -73.53
CA SER E 429 79.12 -18.38 -73.86
C SER E 429 78.31 -17.18 -74.35
N LEU E 430 78.86 -15.98 -74.12
CA LEU E 430 78.15 -14.76 -74.50
C LEU E 430 77.99 -14.62 -76.00
N ASP E 431 78.83 -15.32 -76.78
CA ASP E 431 78.77 -15.22 -78.27
C ASP E 431 78.01 -16.42 -78.84
N ARG E 432 77.43 -17.26 -77.98
CA ARG E 432 76.69 -18.45 -78.41
C ARG E 432 75.34 -18.52 -77.69
N LEU E 433 74.62 -17.39 -77.66
CA LEU E 433 73.34 -17.30 -76.97
C LEU E 433 72.15 -17.44 -77.91
N MET E 434 72.38 -17.77 -79.17
CA MET E 434 71.33 -17.79 -80.18
C MET E 434 70.75 -19.19 -80.36
N ASN E 435 69.75 -19.30 -81.21
CA ASN E 435 69.19 -20.57 -81.62
C ASN E 435 69.89 -21.01 -82.90
N PRO E 436 70.67 -22.09 -82.88
CA PRO E 436 71.44 -22.48 -84.07
C PRO E 436 70.59 -22.99 -85.22
N LEU E 437 69.31 -23.27 -84.99
CA LEU E 437 68.45 -23.84 -86.01
C LEU E 437 67.76 -22.79 -86.87
N ILE E 438 67.58 -21.58 -86.37
CA ILE E 438 66.79 -20.54 -87.04
C ILE E 438 67.73 -19.42 -87.44
N ASP E 439 67.59 -18.95 -88.68
CA ASP E 439 68.34 -17.80 -89.15
C ASP E 439 67.79 -16.52 -88.52
N GLN E 440 68.64 -15.50 -88.49
CA GLN E 440 68.22 -14.18 -88.06
C GLN E 440 67.52 -13.46 -89.20
N TYR E 441 66.58 -12.58 -88.85
CA TYR E 441 65.96 -11.73 -89.86
C TYR E 441 66.79 -10.49 -90.18
N LEU E 442 67.79 -10.18 -89.36
CA LEU E 442 68.65 -9.04 -89.62
C LEU E 442 69.75 -9.42 -90.62
N TYR E 443 70.20 -8.43 -91.37
CA TYR E 443 71.22 -8.60 -92.38
C TYR E 443 72.53 -7.97 -91.92
N TYR E 444 73.63 -8.53 -92.40
CA TYR E 444 74.96 -7.99 -92.17
C TYR E 444 75.70 -7.93 -93.49
N LEU E 445 76.62 -6.97 -93.60
CA LEU E 445 77.45 -6.85 -94.79
C LEU E 445 78.39 -8.04 -94.87
N SER E 446 78.12 -8.93 -95.82
CA SER E 446 78.90 -10.16 -95.97
C SER E 446 79.96 -10.08 -97.06
N ARG E 447 79.68 -9.31 -98.10
CA ARG E 447 80.68 -9.16 -99.18
C ARG E 447 80.85 -7.68 -99.54
N THR E 448 82.05 -7.32 -99.97
CA THR E 448 82.34 -5.95 -100.36
C THR E 448 82.71 -5.81 -101.83
N ASN E 449 82.85 -6.90 -102.57
CA ASN E 449 83.15 -6.84 -103.99
C ASN E 449 82.64 -8.10 -104.66
N THR E 450 82.56 -8.06 -105.99
CA THR E 450 82.15 -9.21 -106.79
C THR E 450 83.09 -9.36 -107.97
N PRO E 451 83.27 -10.60 -108.52
CA PRO E 451 84.09 -10.76 -109.71
C PRO E 451 83.50 -9.94 -110.86
N SER E 452 84.30 -9.06 -111.46
CA SER E 452 83.82 -8.28 -112.63
C SER E 452 84.84 -8.47 -113.76
N GLY E 453 84.40 -9.02 -114.90
CA GLY E 453 85.36 -9.32 -115.98
C GLY E 453 86.43 -10.26 -115.49
N THR E 454 87.71 -9.88 -115.66
CA THR E 454 88.84 -10.70 -115.15
C THR E 454 89.45 -9.98 -113.94
N THR E 455 88.85 -8.87 -113.53
CA THR E 455 89.32 -8.13 -112.33
C THR E 455 88.24 -8.22 -111.25
N THR E 456 88.19 -7.24 -110.34
CA THR E 456 87.12 -7.20 -109.30
C THR E 456 86.43 -5.84 -109.34
N GLN E 457 85.17 -5.80 -108.89
CA GLN E 457 84.42 -4.55 -108.86
C GLN E 457 83.76 -4.41 -107.50
N SER E 458 83.77 -3.20 -106.95
CA SER E 458 83.19 -2.95 -105.64
C SER E 458 81.68 -3.12 -105.69
N ARG E 459 81.14 -3.91 -104.77
CA ARG E 459 79.71 -4.20 -104.73
C ARG E 459 79.36 -4.71 -103.34
N LEU E 460 78.45 -4.02 -102.66
CA LEU E 460 78.05 -4.41 -101.32
C LEU E 460 76.95 -5.46 -101.38
N GLN E 461 77.10 -6.52 -100.57
CA GLN E 461 76.08 -7.56 -100.45
C GLN E 461 75.85 -7.87 -98.99
N PHE E 462 74.65 -8.33 -98.69
CA PHE E 462 74.22 -8.58 -97.32
C PHE E 462 73.61 -9.97 -97.20
N SER E 463 73.80 -10.58 -96.04
CA SER E 463 73.31 -11.93 -95.78
C SER E 463 72.67 -11.98 -94.41
N GLN E 464 71.78 -12.95 -94.23
CA GLN E 464 71.21 -13.24 -92.92
C GLN E 464 72.06 -14.29 -92.24
N ALA E 465 72.40 -14.05 -90.98
CA ALA E 465 73.34 -14.91 -90.26
C ALA E 465 72.60 -16.12 -89.69
N GLY E 466 73.23 -17.29 -89.82
CA GLY E 466 72.73 -18.53 -89.27
C GLY E 466 73.83 -19.24 -88.50
N ALA E 467 73.81 -20.57 -88.58
CA ALA E 467 74.80 -21.38 -87.87
C ALA E 467 76.15 -21.41 -88.58
N SER E 468 76.14 -21.41 -89.92
CA SER E 468 77.38 -21.53 -90.67
C SER E 468 78.24 -20.28 -90.54
N ASP E 469 77.63 -19.11 -90.44
CA ASP E 469 78.34 -17.86 -90.24
C ASP E 469 77.97 -17.28 -88.89
N ILE E 470 77.98 -18.13 -87.86
CA ILE E 470 77.51 -17.78 -86.53
C ILE E 470 78.28 -16.60 -85.92
N ARG E 471 79.50 -16.34 -86.39
CA ARG E 471 80.29 -15.25 -85.85
C ARG E 471 79.75 -13.88 -86.25
N ASP E 472 78.92 -13.81 -87.29
CA ASP E 472 78.42 -12.54 -87.81
C ASP E 472 77.04 -12.20 -87.28
N GLN E 473 76.49 -12.99 -86.36
CA GLN E 473 75.14 -12.77 -85.87
C GLN E 473 75.06 -11.47 -85.06
N SER E 474 73.96 -10.75 -85.23
CA SER E 474 73.72 -9.56 -84.44
C SER E 474 73.44 -9.95 -82.99
N ARG E 475 74.06 -9.22 -82.07
CA ARG E 475 74.01 -9.55 -80.66
C ARG E 475 73.64 -8.32 -79.84
N ASN E 476 73.15 -8.57 -78.63
CA ASN E 476 72.68 -7.51 -77.75
C ASN E 476 73.68 -7.10 -76.69
N TRP E 477 74.73 -7.88 -76.47
CA TRP E 477 75.62 -7.68 -75.34
C TRP E 477 77.08 -7.77 -75.79
N LEU E 478 77.97 -7.31 -74.92
CA LEU E 478 79.41 -7.25 -75.16
C LEU E 478 80.16 -7.86 -73.98
N PRO E 479 81.35 -8.40 -74.23
CA PRO E 479 82.17 -8.90 -73.12
C PRO E 479 82.66 -7.76 -72.23
N GLY E 480 82.94 -8.09 -70.97
CA GLY E 480 83.32 -7.12 -69.97
C GLY E 480 84.61 -6.39 -70.28
N PRO E 481 84.95 -5.42 -69.43
CA PRO E 481 86.12 -4.58 -69.70
C PRO E 481 87.42 -5.35 -69.53
N CYS E 482 88.45 -4.77 -70.15
CA CYS E 482 89.76 -5.44 -70.24
C CYS E 482 90.91 -4.50 -69.91
N TYR E 483 91.99 -5.01 -69.33
CA TYR E 483 93.21 -4.26 -69.11
C TYR E 483 94.35 -5.25 -69.30
N ARG E 484 94.91 -5.27 -70.52
CA ARG E 484 95.70 -6.41 -70.98
C ARG E 484 96.91 -6.67 -70.08
N GLN E 485 97.15 -7.96 -69.84
CA GLN E 485 98.28 -8.44 -69.07
C GLN E 485 99.24 -9.20 -69.97
N GLN E 486 100.51 -9.22 -69.59
CA GLN E 486 101.49 -10.02 -70.31
C GLN E 486 101.28 -11.50 -70.00
N ARG E 487 101.52 -12.34 -71.00
CA ARG E 487 101.33 -13.77 -70.87
C ARG E 487 102.64 -14.45 -70.50
N VAL E 488 102.56 -15.25 -69.44
CA VAL E 488 103.73 -16.03 -68.95
C VAL E 488 103.29 -17.50 -68.95
N SER E 489 104.23 -18.43 -69.12
CA SER E 489 103.95 -19.85 -69.17
C SER E 489 104.53 -20.55 -67.95
N LYS E 490 103.81 -21.57 -67.47
CA LYS E 490 104.29 -22.36 -66.31
C LYS E 490 105.49 -23.20 -66.75
N THR E 491 105.58 -23.54 -68.04
CA THR E 491 106.78 -24.23 -68.58
C THR E 491 107.86 -23.16 -68.73
N SER E 492 108.95 -23.24 -67.97
CA SER E 492 109.96 -22.15 -67.97
C SER E 492 110.57 -21.89 -69.35
N ALA E 493 110.94 -22.94 -70.09
CA ALA E 493 111.62 -22.73 -71.37
C ALA E 493 110.79 -21.89 -72.33
N ASP E 494 109.47 -21.89 -72.16
CA ASP E 494 108.58 -21.16 -73.06
C ASP E 494 108.65 -19.65 -72.87
N ASN E 495 109.26 -19.17 -71.78
CA ASN E 495 109.29 -17.76 -71.47
C ASN E 495 110.53 -17.10 -72.07
N ASN E 496 110.44 -15.79 -72.27
CA ASN E 496 111.57 -15.04 -72.81
C ASN E 496 112.71 -15.01 -71.81
N ASN E 497 113.94 -15.14 -72.32
CA ASN E 497 115.14 -15.16 -71.47
C ASN E 497 115.58 -13.72 -71.18
N SER E 498 114.80 -13.05 -70.34
CA SER E 498 115.07 -11.67 -69.95
C SER E 498 114.34 -11.38 -68.65
N GLU E 499 114.68 -10.24 -68.05
CA GLU E 499 114.00 -9.79 -66.81
C GLU E 499 112.91 -8.83 -67.23
N TYR E 500 111.66 -9.30 -67.23
CA TYR E 500 110.52 -8.50 -67.67
C TYR E 500 109.41 -8.46 -66.62
N SER E 501 109.73 -8.71 -65.35
CA SER E 501 108.70 -8.68 -64.32
C SER E 501 108.17 -7.28 -64.05
N TRP E 502 108.90 -6.25 -64.47
CA TRP E 502 108.45 -4.87 -64.32
C TRP E 502 108.35 -4.13 -65.63
N THR E 503 109.29 -4.34 -66.56
CA THR E 503 109.21 -3.66 -67.85
C THR E 503 107.98 -4.08 -68.63
N GLY E 504 107.67 -5.38 -68.63
CA GLY E 504 106.48 -5.91 -69.27
C GLY E 504 105.27 -5.98 -68.38
N ALA E 505 105.34 -5.43 -67.17
CA ALA E 505 104.25 -5.51 -66.21
C ALA E 505 103.15 -4.51 -66.57
N THR E 506 101.93 -4.84 -66.15
CA THR E 506 100.79 -3.95 -66.30
C THR E 506 100.69 -3.04 -65.09
N LYS E 507 100.69 -1.73 -65.32
CA LYS E 507 100.83 -0.75 -64.26
C LYS E 507 99.79 0.35 -64.41
N TYR E 508 99.50 1.00 -63.28
CA TYR E 508 98.74 2.24 -63.29
C TYR E 508 99.58 3.34 -62.66
N HIS E 509 99.42 4.55 -63.18
CA HIS E 509 100.24 5.70 -62.81
C HIS E 509 99.42 6.60 -61.90
N LEU E 510 99.95 6.90 -60.71
CA LEU E 510 99.24 7.72 -59.73
C LEU E 510 100.24 8.60 -59.02
N ASN E 511 100.10 9.92 -59.20
CA ASN E 511 100.95 10.91 -58.54
C ASN E 511 102.43 10.69 -58.84
N GLY E 512 102.73 10.31 -60.09
CA GLY E 512 104.10 10.10 -60.49
C GLY E 512 104.70 8.78 -60.09
N ARG E 513 103.93 7.92 -59.45
CA ARG E 513 104.47 6.58 -59.09
C ARG E 513 103.71 5.45 -59.78
N ASP E 514 104.42 4.47 -60.32
CA ASP E 514 103.85 3.30 -60.97
C ASP E 514 103.58 2.22 -59.92
N SER E 515 102.35 1.72 -59.90
CA SER E 515 101.97 0.62 -59.04
C SER E 515 101.58 -0.57 -59.91
N LEU E 516 101.97 -1.77 -59.48
CA LEU E 516 101.62 -2.97 -60.20
C LEU E 516 100.11 -3.19 -60.14
N VAL E 517 99.52 -3.55 -61.29
CA VAL E 517 98.11 -3.91 -61.36
C VAL E 517 98.03 -5.40 -61.05
N ASN E 518 97.60 -5.72 -59.84
CA ASN E 518 97.61 -7.10 -59.35
C ASN E 518 96.49 -7.30 -58.35
N PRO E 519 95.50 -8.14 -58.66
CA PRO E 519 95.32 -8.91 -59.90
C PRO E 519 94.59 -8.12 -60.98
N GLY E 520 94.08 -6.94 -60.66
CA GLY E 520 93.42 -6.10 -61.64
C GLY E 520 91.99 -6.53 -61.93
N PRO E 521 91.44 -6.01 -63.03
CA PRO E 521 90.07 -6.37 -63.42
C PRO E 521 89.95 -7.86 -63.68
N ALA E 522 88.76 -8.40 -63.36
CA ALA E 522 88.51 -9.83 -63.49
C ALA E 522 88.52 -10.23 -64.97
N MET E 523 89.47 -11.07 -65.35
CA MET E 523 89.60 -11.53 -66.72
C MET E 523 90.00 -13.00 -66.71
N ALA E 524 89.66 -13.69 -67.80
CA ALA E 524 90.00 -15.10 -67.92
C ALA E 524 91.50 -15.30 -67.98
N SER E 525 91.99 -16.30 -67.26
CA SER E 525 93.43 -16.57 -67.24
C SER E 525 93.93 -17.01 -68.61
N HIS E 526 93.15 -17.82 -69.33
CA HIS E 526 93.59 -18.36 -70.60
C HIS E 526 92.36 -18.79 -71.39
N LYS E 527 92.57 -19.02 -72.68
CA LYS E 527 91.53 -19.51 -73.57
C LYS E 527 91.53 -21.04 -73.57
N ASP E 528 90.78 -21.65 -74.49
CA ASP E 528 90.70 -23.09 -74.55
C ASP E 528 92.06 -23.72 -74.81
N ASP E 529 92.35 -24.80 -74.07
CA ASP E 529 93.54 -25.62 -74.29
C ASP E 529 94.83 -24.82 -74.15
N GLU E 530 94.84 -23.89 -73.20
CA GLU E 530 96.03 -23.09 -72.92
C GLU E 530 96.21 -22.95 -71.41
N GLU E 531 96.00 -24.03 -70.67
CA GLU E 531 96.03 -23.98 -69.22
C GLU E 531 97.42 -23.66 -68.68
N LYS E 532 98.47 -23.83 -69.47
CA LYS E 532 99.82 -23.51 -69.01
C LYS E 532 100.09 -22.01 -68.98
N PHE E 533 99.23 -21.20 -69.58
CA PHE E 533 99.42 -19.76 -69.66
C PHE E 533 98.59 -19.06 -68.61
N PHE E 534 99.19 -18.08 -67.93
CA PHE E 534 98.50 -17.26 -66.96
C PHE E 534 98.99 -15.83 -67.10
N PRO E 535 98.16 -14.85 -66.75
CA PRO E 535 98.60 -13.45 -66.79
C PRO E 535 99.70 -13.19 -65.78
N GLN E 536 100.59 -12.26 -66.14
CA GLN E 536 101.79 -12.03 -65.34
C GLN E 536 101.43 -11.57 -63.93
N SER E 537 100.46 -10.66 -63.80
CA SER E 537 99.99 -10.23 -62.49
C SER E 537 98.47 -10.15 -62.47
N GLY E 538 97.82 -11.10 -63.15
CA GLY E 538 96.38 -11.10 -63.26
C GLY E 538 95.65 -12.18 -62.48
N VAL E 539 96.36 -12.99 -61.69
CA VAL E 539 95.74 -14.03 -60.90
C VAL E 539 96.31 -14.00 -59.49
N LEU E 540 95.53 -14.49 -58.53
CA LEU E 540 96.04 -14.65 -57.18
C LEU E 540 97.01 -15.83 -57.13
N ILE E 541 98.11 -15.64 -56.43
CA ILE E 541 99.13 -16.68 -56.27
C ILE E 541 99.29 -16.93 -54.77
N PHE E 542 98.95 -18.14 -54.34
CA PHE E 542 99.06 -18.54 -52.95
C PHE E 542 100.32 -19.38 -52.76
N GLY E 543 100.94 -19.23 -51.60
CA GLY E 543 102.13 -19.98 -51.27
C GLY E 543 101.78 -21.32 -50.67
N LYS E 544 102.54 -22.35 -51.05
CA LYS E 544 102.42 -23.65 -50.41
C LYS E 544 102.99 -23.59 -49.00
N GLN E 545 102.72 -24.63 -48.22
CA GLN E 545 103.21 -24.68 -46.85
C GLN E 545 104.73 -24.69 -46.83
N GLY E 546 105.32 -23.83 -45.99
CA GLY E 546 106.75 -23.73 -45.88
C GLY E 546 107.43 -22.86 -46.90
N SER E 547 106.64 -22.16 -47.73
CA SER E 547 107.21 -21.34 -48.83
C SER E 547 107.86 -20.08 -48.25
N GLU E 548 109.03 -19.68 -48.78
CA GLU E 548 109.74 -18.52 -48.31
C GLU E 548 109.06 -17.25 -48.82
N LYS E 549 109.72 -16.11 -48.63
CA LYS E 549 109.14 -14.82 -48.98
C LYS E 549 109.63 -14.29 -50.32
N THR E 550 110.91 -14.47 -50.63
CA THR E 550 111.53 -13.83 -51.78
C THR E 550 111.99 -14.88 -52.79
N ASN E 551 111.54 -14.71 -54.04
CA ASN E 551 112.06 -15.45 -55.19
C ASN E 551 111.95 -16.95 -55.02
N VAL E 552 110.76 -17.41 -54.64
CA VAL E 552 110.49 -18.84 -54.59
C VAL E 552 110.16 -19.34 -55.98
N ASP E 553 110.42 -20.62 -56.23
CA ASP E 553 110.19 -21.20 -57.54
C ASP E 553 108.70 -21.37 -57.80
N ILE E 554 108.37 -21.70 -59.04
CA ILE E 554 106.96 -21.88 -59.41
C ILE E 554 106.36 -23.10 -58.72
N GLU E 555 107.17 -24.13 -58.47
CA GLU E 555 106.67 -25.31 -57.77
C GLU E 555 106.38 -25.05 -56.30
N LYS E 556 106.83 -23.91 -55.77
CA LYS E 556 106.55 -23.54 -54.38
C LYS E 556 105.27 -22.75 -54.23
N VAL E 557 104.61 -22.36 -55.33
CA VAL E 557 103.40 -21.56 -55.27
C VAL E 557 102.30 -22.26 -56.05
N MET E 558 101.06 -21.90 -55.73
CA MET E 558 99.87 -22.42 -56.38
C MET E 558 99.18 -21.26 -57.08
N ILE E 559 99.12 -21.30 -58.41
CA ILE E 559 98.57 -20.22 -59.22
C ILE E 559 97.10 -20.53 -59.50
N THR E 560 96.23 -19.58 -59.19
CA THR E 560 94.80 -19.79 -59.38
C THR E 560 94.42 -19.64 -60.86
N ASP E 561 93.23 -20.14 -61.18
CA ASP E 561 92.76 -20.08 -62.57
C ASP E 561 91.37 -19.47 -62.59
N GLU E 562 91.15 -18.52 -63.48
CA GLU E 562 89.88 -17.84 -63.68
C GLU E 562 89.28 -18.18 -65.03
N GLU E 563 89.35 -19.45 -65.42
CA GLU E 563 88.85 -19.87 -66.72
C GLU E 563 87.33 -20.01 -66.76
N GLU E 564 86.67 -20.10 -65.60
CA GLU E 564 85.22 -20.26 -65.59
C GLU E 564 84.49 -19.01 -66.06
N ILE E 565 85.17 -17.86 -66.13
CA ILE E 565 84.54 -16.61 -66.52
C ILE E 565 84.90 -16.22 -67.95
N ARG E 566 85.54 -17.10 -68.71
CA ARG E 566 85.85 -16.80 -70.10
C ARG E 566 84.62 -16.79 -70.98
N THR E 567 83.47 -17.22 -70.46
CA THR E 567 82.24 -17.14 -71.23
C THR E 567 81.80 -15.70 -71.45
N THR E 568 82.03 -14.82 -70.48
CA THR E 568 81.64 -13.43 -70.57
C THR E 568 82.79 -12.44 -70.46
N ASN E 569 83.94 -12.86 -69.96
CA ASN E 569 85.05 -11.94 -69.76
C ASN E 569 86.18 -12.21 -70.75
N PRO E 570 86.81 -11.17 -71.27
CA PRO E 570 87.91 -11.38 -72.21
C PRO E 570 89.09 -12.04 -71.54
N VAL E 571 89.87 -12.77 -72.35
CA VAL E 571 91.10 -13.37 -71.86
C VAL E 571 92.08 -12.26 -71.48
N ALA E 572 92.75 -12.44 -70.34
CA ALA E 572 93.57 -11.38 -69.78
C ALA E 572 94.73 -11.01 -70.70
N THR E 573 95.32 -12.00 -71.36
CA THR E 573 96.53 -11.79 -72.15
C THR E 573 96.26 -11.44 -73.60
N GLU E 574 95.00 -11.31 -73.99
CA GLU E 574 94.64 -11.01 -75.37
C GLU E 574 93.89 -9.69 -75.44
N GLN E 575 93.75 -9.18 -76.65
CA GLN E 575 93.05 -7.92 -76.87
C GLN E 575 91.55 -8.11 -76.66
N TYR E 576 90.88 -7.00 -76.32
CA TYR E 576 89.43 -7.03 -76.24
C TYR E 576 88.80 -7.27 -77.60
N GLY E 577 89.35 -6.63 -78.63
CA GLY E 577 88.78 -6.74 -79.97
C GLY E 577 89.50 -5.82 -80.93
N SER E 578 88.79 -5.44 -81.99
CA SER E 578 89.34 -4.57 -83.02
C SER E 578 88.35 -3.46 -83.34
N VAL E 579 88.90 -2.28 -83.65
CA VAL E 579 88.11 -1.14 -84.06
C VAL E 579 88.72 -0.56 -85.33
N SER E 580 87.89 0.16 -86.09
CA SER E 580 88.37 0.83 -87.28
C SER E 580 89.18 2.07 -86.91
N THR E 581 90.20 2.37 -87.71
CA THR E 581 91.08 3.50 -87.46
C THR E 581 91.10 4.53 -88.58
N ASN E 582 90.46 4.26 -89.71
CA ASN E 582 90.46 5.19 -90.84
C ASN E 582 89.12 5.08 -91.55
N LEU E 583 89.05 5.71 -92.73
CA LEU E 583 87.85 5.69 -93.55
C LEU E 583 88.23 5.11 -94.92
N GLN E 584 87.76 3.90 -95.20
CA GLN E 584 88.02 3.28 -96.49
C GLN E 584 87.30 4.05 -97.60
N ARG E 585 87.94 4.05 -98.76
CA ARG E 585 87.41 4.83 -99.90
C ARG E 585 88.01 4.27 -101.19
N GLY E 586 87.20 4.21 -102.26
CA GLY E 586 87.69 3.79 -103.56
C GLY E 586 88.19 4.96 -104.38
N ASN E 587 88.58 4.65 -105.62
CA ASN E 587 89.18 5.68 -106.50
C ASN E 587 88.10 6.61 -107.05
N THR E 594 93.13 8.99 -103.90
CA THR E 594 93.50 7.58 -104.24
C THR E 594 92.66 6.64 -103.39
N SER E 595 92.83 5.32 -103.53
CA SER E 595 92.03 4.47 -102.67
C SER E 595 92.72 4.24 -101.34
N ARG E 596 91.92 4.04 -100.29
CA ARG E 596 92.40 3.73 -98.95
C ARG E 596 91.70 2.48 -98.46
N GLN E 597 92.47 1.47 -98.06
CA GLN E 597 91.90 0.23 -97.56
C GLN E 597 91.58 0.35 -96.08
N ALA E 598 90.54 -0.38 -95.66
CA ALA E 598 90.11 -0.32 -94.26
C ALA E 598 91.20 -0.87 -93.34
N ALA E 599 91.42 -0.16 -92.24
CA ALA E 599 92.44 -0.52 -91.27
C ALA E 599 91.81 -0.72 -89.90
N THR E 600 92.39 -1.64 -89.13
CA THR E 600 91.91 -1.96 -87.79
C THR E 600 93.07 -1.97 -86.81
N ALA E 601 92.75 -1.75 -85.54
CA ALA E 601 93.74 -1.78 -84.48
C ALA E 601 93.22 -2.63 -83.32
N ASP E 602 94.16 -3.25 -82.61
CA ASP E 602 93.80 -4.00 -81.42
C ASP E 602 93.44 -3.06 -80.28
N VAL E 603 92.46 -3.47 -79.47
CA VAL E 603 92.02 -2.70 -78.32
C VAL E 603 92.58 -3.42 -77.09
N ASN E 604 93.77 -2.99 -76.66
CA ASN E 604 94.42 -3.61 -75.52
C ASN E 604 93.83 -3.16 -74.18
N THR E 605 93.14 -2.03 -74.16
CA THR E 605 92.44 -1.56 -72.98
C THR E 605 91.07 -1.08 -73.37
N GLN E 606 90.04 -1.58 -72.69
CA GLN E 606 88.66 -1.25 -72.99
C GLN E 606 87.94 -0.87 -71.72
N GLY E 607 87.40 0.35 -71.69
CA GLY E 607 86.55 0.77 -70.59
C GLY E 607 85.16 0.19 -70.70
N VAL E 608 84.34 0.49 -69.70
CA VAL E 608 82.98 -0.04 -69.65
C VAL E 608 82.13 0.65 -70.71
N LEU E 609 81.43 -0.14 -71.50
CA LEU E 609 80.50 0.31 -72.52
C LEU E 609 79.08 -0.08 -72.14
N PRO E 610 78.08 0.66 -72.60
CA PRO E 610 76.69 0.24 -72.37
C PRO E 610 76.42 -1.12 -73.03
N GLY E 611 75.68 -1.96 -72.32
CA GLY E 611 75.43 -3.31 -72.77
C GLY E 611 76.49 -4.32 -72.40
N MET E 612 77.49 -3.92 -71.62
CA MET E 612 78.60 -4.84 -71.24
C MET E 612 78.20 -5.69 -70.04
N VAL E 613 78.51 -6.98 -70.05
CA VAL E 613 78.24 -7.93 -68.99
C VAL E 613 79.54 -8.65 -68.64
N TRP E 614 79.75 -8.92 -67.36
CA TRP E 614 80.99 -9.53 -66.91
C TRP E 614 80.74 -10.27 -65.60
N GLN E 615 81.70 -11.11 -65.23
CA GLN E 615 81.70 -11.82 -63.96
C GLN E 615 82.85 -11.32 -63.10
N ASP E 616 82.63 -11.26 -61.80
CA ASP E 616 83.66 -10.81 -60.88
C ASP E 616 84.68 -11.93 -60.64
N ARG E 617 85.77 -11.57 -59.97
CA ARG E 617 86.79 -12.55 -59.65
C ARG E 617 86.28 -13.55 -58.64
N ASP E 618 86.71 -14.80 -58.78
CA ASP E 618 86.30 -15.86 -57.88
C ASP E 618 86.93 -15.68 -56.49
N VAL E 619 86.25 -16.20 -55.49
CA VAL E 619 86.79 -16.25 -54.13
C VAL E 619 87.31 -17.65 -53.87
N TYR E 620 88.28 -17.75 -52.96
CA TYR E 620 88.95 -19.01 -52.69
C TYR E 620 88.95 -19.25 -51.18
N LEU E 621 89.19 -20.51 -50.81
CA LEU E 621 89.24 -20.86 -49.39
C LEU E 621 90.35 -20.10 -48.68
N GLN E 622 91.50 -19.97 -49.33
CA GLN E 622 92.61 -19.18 -48.79
C GLN E 622 92.49 -17.70 -49.11
N GLY E 623 91.49 -17.30 -49.88
CA GLY E 623 91.37 -15.93 -50.33
C GLY E 623 90.68 -15.02 -49.33
N PRO E 624 90.73 -13.71 -49.59
CA PRO E 624 90.05 -12.76 -48.72
C PRO E 624 88.54 -12.82 -48.88
N ILE E 625 87.84 -12.37 -47.84
CA ILE E 625 86.39 -12.37 -47.81
C ILE E 625 85.83 -11.03 -48.23
N TRP E 626 86.35 -9.93 -47.68
CA TRP E 626 85.78 -8.61 -47.91
C TRP E 626 86.88 -7.58 -48.04
N ALA E 627 86.47 -6.35 -48.35
CA ALA E 627 87.35 -5.20 -48.35
C ALA E 627 86.50 -3.95 -48.14
N LYS E 628 87.13 -2.91 -47.63
CA LYS E 628 86.43 -1.66 -47.41
C LYS E 628 86.42 -0.82 -48.69
N ILE E 629 85.24 -0.43 -49.12
CA ILE E 629 85.15 0.46 -50.28
C ILE E 629 85.69 1.84 -49.90
N PRO E 630 86.64 2.39 -50.65
CA PRO E 630 87.20 3.69 -50.28
C PRO E 630 86.12 4.78 -50.25
N HIS E 631 86.25 5.69 -49.30
CA HIS E 631 85.30 6.79 -49.15
C HIS E 631 85.63 7.84 -50.21
N THR E 632 85.00 7.69 -51.37
CA THR E 632 85.23 8.56 -52.50
C THR E 632 83.91 9.01 -53.08
N ASP E 633 83.95 10.09 -53.86
CA ASP E 633 82.71 10.66 -54.44
C ASP E 633 82.11 9.65 -55.43
N GLY E 634 82.95 8.99 -56.22
CA GLY E 634 82.47 8.06 -57.22
C GLY E 634 83.27 6.78 -57.22
N HIS E 635 82.58 5.71 -57.60
CA HIS E 635 83.19 4.40 -57.81
C HIS E 635 82.25 3.58 -58.66
N PHE E 636 82.80 2.70 -59.48
CA PHE E 636 82.02 1.86 -60.36
C PHE E 636 82.23 0.40 -59.98
N HIS E 637 81.13 -0.30 -59.71
CA HIS E 637 81.14 -1.71 -59.36
C HIS E 637 82.16 -1.99 -58.26
N PRO E 638 81.89 -1.58 -57.02
CA PRO E 638 82.88 -1.67 -55.94
C PRO E 638 83.06 -3.07 -55.37
N SER E 639 83.22 -4.04 -56.24
CA SER E 639 83.68 -5.38 -55.86
C SER E 639 85.19 -5.37 -55.78
N PRO E 640 85.78 -5.85 -54.68
CA PRO E 640 87.25 -5.83 -54.57
C PRO E 640 87.90 -6.62 -55.71
N LEU E 641 89.00 -6.07 -56.23
CA LEU E 641 89.66 -6.72 -57.35
C LEU E 641 90.35 -8.01 -56.95
N MET E 642 90.78 -8.12 -55.70
CA MET E 642 91.37 -9.35 -55.20
C MET E 642 90.33 -10.44 -54.95
N GLY E 643 89.05 -10.11 -55.01
CA GLY E 643 87.98 -11.06 -54.79
C GLY E 643 87.30 -10.87 -53.45
N GLY E 644 85.98 -10.99 -53.46
CA GLY E 644 85.22 -10.87 -52.23
C GLY E 644 84.06 -9.91 -52.29
N PHE E 645 83.64 -9.39 -51.13
CA PHE E 645 82.48 -8.54 -51.02
C PHE E 645 82.92 -7.12 -50.67
N GLY E 646 82.49 -6.16 -51.48
CA GLY E 646 82.77 -4.76 -51.20
C GLY E 646 81.81 -4.20 -50.17
N LEU E 647 82.34 -3.67 -49.07
CA LEU E 647 81.52 -3.19 -47.96
C LEU E 647 81.85 -1.73 -47.68
N LYS E 648 80.83 -0.88 -47.68
CA LYS E 648 81.03 0.51 -47.28
C LYS E 648 81.34 0.61 -45.80
N HIS E 649 80.74 -0.27 -45.00
CA HIS E 649 81.01 -0.38 -43.57
C HIS E 649 81.39 -1.83 -43.28
N PRO E 650 82.66 -2.18 -43.50
CA PRO E 650 83.09 -3.56 -43.29
C PRO E 650 83.18 -3.88 -41.81
N PRO E 651 83.44 -5.13 -41.45
CA PRO E 651 83.67 -5.46 -40.04
C PRO E 651 84.77 -4.60 -39.46
N PRO E 652 84.51 -3.96 -38.32
CA PRO E 652 85.49 -2.99 -37.79
C PRO E 652 86.78 -3.65 -37.36
N GLN E 653 87.86 -2.88 -37.44
CA GLN E 653 89.15 -3.34 -36.93
C GLN E 653 89.09 -3.48 -35.42
N ILE E 654 89.62 -4.59 -34.91
CA ILE E 654 89.66 -4.88 -33.49
C ILE E 654 91.10 -4.73 -33.04
N LEU E 655 91.37 -3.70 -32.24
CA LEU E 655 92.72 -3.37 -31.81
C LEU E 655 92.92 -3.84 -30.38
N ILE E 656 94.06 -4.50 -30.13
CA ILE E 656 94.38 -5.05 -28.82
C ILE E 656 95.84 -4.77 -28.52
N LYS E 657 96.12 -4.39 -27.27
CA LYS E 657 97.51 -4.18 -26.86
C LYS E 657 97.62 -4.41 -25.36
N ASN E 658 98.83 -4.71 -24.91
CA ASN E 658 99.08 -4.89 -23.49
C ASN E 658 99.29 -3.53 -22.84
N THR E 659 98.67 -3.33 -21.69
CA THR E 659 98.85 -2.08 -20.96
C THR E 659 100.27 -2.02 -20.41
N PRO E 660 101.01 -0.95 -20.67
CA PRO E 660 102.39 -0.88 -20.17
C PRO E 660 102.40 -0.80 -18.65
N VAL E 661 103.22 -1.65 -18.04
CA VAL E 661 103.41 -1.69 -16.60
C VAL E 661 104.80 -1.15 -16.29
N PRO E 662 104.91 0.04 -15.70
CA PRO E 662 106.23 0.61 -15.43
C PRO E 662 107.03 -0.25 -14.46
N ALA E 663 108.34 -0.27 -14.68
CA ALA E 663 109.26 -0.96 -13.79
C ALA E 663 109.51 -0.09 -12.56
N ASN E 664 110.52 -0.43 -11.77
CA ASN E 664 110.77 0.27 -10.52
C ASN E 664 111.13 1.74 -10.78
N PRO E 665 110.37 2.69 -10.28
CA PRO E 665 110.70 4.11 -10.50
C PRO E 665 111.73 4.61 -9.51
N SER E 666 112.29 5.77 -9.85
CA SER E 666 113.27 6.43 -8.98
C SER E 666 112.54 7.09 -7.80
N THR E 667 113.15 7.08 -6.62
CA THR E 667 112.55 7.72 -5.46
C THR E 667 112.53 9.23 -5.57
N THR E 668 113.28 9.81 -6.50
CA THR E 668 113.26 11.23 -6.78
C THR E 668 112.43 11.48 -8.03
N PHE E 669 111.64 12.55 -8.01
CA PHE E 669 110.77 12.84 -9.13
C PHE E 669 111.58 13.18 -10.38
N SER E 670 111.15 12.64 -11.51
CA SER E 670 111.76 12.94 -12.81
C SER E 670 110.64 13.20 -13.80
N ALA E 671 110.73 14.33 -14.51
CA ALA E 671 109.73 14.70 -15.49
C ALA E 671 109.88 13.93 -16.80
N ALA E 672 110.98 13.20 -16.99
CA ALA E 672 111.14 12.41 -18.19
C ALA E 672 110.12 11.28 -18.23
N LYS E 673 109.58 11.02 -19.42
CA LYS E 673 108.61 9.95 -19.56
C LYS E 673 109.27 8.60 -19.28
N PHE E 674 108.44 7.67 -18.80
CA PHE E 674 108.95 6.33 -18.41
C PHE E 674 109.50 5.58 -19.62
N ALA E 675 110.71 5.04 -19.48
CA ALA E 675 111.33 4.25 -20.53
C ALA E 675 111.62 2.82 -20.12
N SER E 676 111.44 2.48 -18.85
CA SER E 676 111.68 1.13 -18.34
C SER E 676 110.34 0.51 -17.95
N PHE E 677 110.06 -0.68 -18.47
CA PHE E 677 108.80 -1.36 -18.24
C PHE E 677 109.08 -2.83 -17.94
N ILE E 678 108.10 -3.47 -17.30
CA ILE E 678 108.17 -4.91 -17.06
C ILE E 678 107.83 -5.62 -18.35
N THR E 679 108.72 -6.51 -18.79
CA THR E 679 108.49 -7.26 -20.02
C THR E 679 107.32 -8.21 -19.82
N GLN E 680 106.36 -8.18 -20.73
CA GLN E 680 105.19 -9.02 -20.59
C GLN E 680 104.50 -9.20 -21.93
N TYR E 681 103.76 -10.29 -22.04
CA TYR E 681 102.93 -10.60 -23.19
C TYR E 681 101.60 -11.13 -22.68
N SER E 682 100.68 -11.36 -23.60
CA SER E 682 99.37 -11.90 -23.25
C SER E 682 99.00 -13.03 -24.18
N THR E 683 98.17 -13.95 -23.67
CA THR E 683 97.65 -15.05 -24.45
C THR E 683 96.18 -15.23 -24.09
N GLY E 684 95.42 -15.81 -25.01
CA GLY E 684 94.00 -15.98 -24.77
C GLY E 684 93.36 -16.69 -25.93
N GLN E 685 92.03 -16.67 -25.93
CA GLN E 685 91.24 -17.32 -26.96
C GLN E 685 90.37 -16.27 -27.66
N VAL E 686 90.18 -16.48 -28.97
CA VAL E 686 89.37 -15.60 -29.80
C VAL E 686 88.33 -16.43 -30.52
N SER E 687 87.10 -15.95 -30.55
CA SER E 687 85.99 -16.64 -31.21
C SER E 687 85.37 -15.72 -32.26
N VAL E 688 85.18 -16.26 -33.46
CA VAL E 688 84.51 -15.56 -34.55
C VAL E 688 83.39 -16.45 -35.06
N GLU E 689 82.16 -15.92 -35.04
CA GLU E 689 81.00 -16.64 -35.54
C GLU E 689 80.32 -15.80 -36.61
N ILE E 690 80.22 -16.34 -37.82
CA ILE E 690 79.64 -15.62 -38.96
C ILE E 690 78.45 -16.43 -39.48
N GLU E 691 77.33 -15.75 -39.67
CA GLU E 691 76.16 -16.34 -40.32
C GLU E 691 76.20 -15.98 -41.80
N TRP E 692 76.08 -16.98 -42.66
CA TRP E 692 76.09 -16.80 -44.10
C TRP E 692 74.74 -17.19 -44.67
N GLU E 693 74.28 -16.44 -45.67
CA GLU E 693 73.06 -16.76 -46.39
C GLU E 693 73.40 -17.48 -47.68
N LEU E 694 72.64 -18.51 -48.00
CA LEU E 694 72.89 -19.37 -49.15
C LEU E 694 71.85 -19.13 -50.22
N GLN E 695 72.28 -19.19 -51.47
CA GLN E 695 71.41 -19.13 -52.64
C GLN E 695 71.37 -20.54 -53.23
N LYS E 696 70.29 -21.25 -52.96
CA LYS E 696 70.21 -22.66 -53.34
C LYS E 696 70.16 -22.82 -54.86
N GLU E 697 70.88 -23.82 -55.35
CA GLU E 697 70.87 -24.12 -56.78
C GLU E 697 69.52 -24.66 -57.21
N ASN E 698 69.03 -24.17 -58.35
CA ASN E 698 67.73 -24.54 -58.89
C ASN E 698 67.87 -24.89 -60.37
N SER E 699 68.88 -25.70 -60.68
CA SER E 699 69.17 -26.02 -62.07
C SER E 699 68.22 -27.09 -62.61
N LYS E 700 68.05 -27.12 -63.93
CA LYS E 700 67.20 -28.15 -64.59
C LYS E 700 68.02 -28.89 -65.65
N ARG E 701 69.35 -28.86 -65.55
CA ARG E 701 70.17 -29.63 -66.47
C ARG E 701 70.00 -31.12 -66.21
N TRP E 702 70.19 -31.91 -67.26
CA TRP E 702 69.95 -33.34 -67.18
C TRP E 702 71.20 -34.12 -66.76
N ASN E 703 72.30 -33.89 -67.43
CA ASN E 703 73.53 -34.63 -67.16
C ASN E 703 74.21 -34.10 -65.89
N PRO E 704 75.03 -34.93 -65.20
CA PRO E 704 75.65 -34.51 -63.94
C PRO E 704 76.56 -33.28 -64.09
N GLU E 705 76.87 -32.59 -62.99
CA GLU E 705 77.67 -31.34 -63.03
C GLU E 705 79.10 -31.60 -62.57
N ILE E 706 80.00 -30.62 -62.75
CA ILE E 706 81.35 -30.79 -62.13
C ILE E 706 81.26 -30.49 -60.64
N GLN E 707 81.82 -31.37 -59.79
CA GLN E 707 81.85 -31.11 -58.36
C GLN E 707 83.28 -31.25 -57.87
N TYR E 708 83.63 -30.48 -56.84
CA TYR E 708 84.92 -30.67 -56.19
C TYR E 708 84.91 -31.97 -55.41
N THR E 709 86.01 -32.73 -55.50
CA THR E 709 86.08 -34.03 -54.88
C THR E 709 87.52 -34.32 -54.48
N SER E 710 87.66 -35.22 -53.52
CA SER E 710 89.01 -35.67 -53.13
C SER E 710 89.42 -36.76 -54.11
N ASN E 711 90.71 -37.04 -54.25
CA ASN E 711 91.10 -38.06 -55.25
C ASN E 711 91.13 -39.40 -54.52
N TYR E 712 90.53 -40.44 -55.10
CA TYR E 712 90.40 -41.75 -54.40
C TYR E 712 91.75 -42.45 -54.33
N ASN E 713 92.64 -42.24 -55.31
CA ASN E 713 93.87 -43.02 -55.31
C ASN E 713 94.65 -42.82 -54.01
N LYS E 714 95.40 -43.87 -53.65
CA LYS E 714 96.20 -43.85 -52.40
C LYS E 714 97.28 -42.79 -52.49
N SER E 715 97.66 -42.28 -51.33
CA SER E 715 98.71 -41.28 -51.26
C SER E 715 99.38 -41.38 -49.90
N ILE E 716 100.60 -40.81 -49.83
CA ILE E 716 101.33 -40.81 -48.57
C ILE E 716 100.60 -39.97 -47.53
N ASN E 717 100.08 -38.81 -47.94
CA ASN E 717 99.37 -37.89 -47.06
C ASN E 717 97.97 -37.64 -47.59
N VAL E 718 97.03 -37.46 -46.67
CA VAL E 718 95.68 -37.05 -47.03
C VAL E 718 95.65 -35.54 -47.23
N ASP E 719 94.87 -35.08 -48.20
CA ASP E 719 94.79 -33.65 -48.48
C ASP E 719 94.09 -32.92 -47.34
N PHE E 720 94.57 -31.71 -47.06
CA PHE E 720 93.99 -30.84 -46.03
C PHE E 720 94.02 -31.50 -44.65
N THR E 721 95.10 -32.21 -44.35
CA THR E 721 95.34 -32.79 -43.05
C THR E 721 96.75 -32.42 -42.59
N VAL E 722 97.18 -33.01 -41.49
CA VAL E 722 98.52 -32.80 -40.97
C VAL E 722 99.41 -33.95 -41.43
N ASP E 723 100.70 -33.69 -41.53
CA ASP E 723 101.67 -34.71 -41.91
C ASP E 723 102.24 -35.35 -40.64
N THR E 724 103.31 -36.13 -40.79
CA THR E 724 103.93 -36.82 -39.63
C THR E 724 104.54 -35.78 -38.69
N ASN E 725 104.71 -34.54 -39.15
CA ASN E 725 105.22 -33.45 -38.28
C ASN E 725 104.04 -32.69 -37.68
N GLY E 726 102.81 -33.10 -38.00
CA GLY E 726 101.61 -32.41 -37.50
C GLY E 726 101.47 -31.04 -38.15
N VAL E 727 102.11 -30.83 -39.30
CA VAL E 727 102.05 -29.52 -40.00
C VAL E 727 100.83 -29.52 -40.93
N TYR E 728 99.89 -28.60 -40.73
CA TYR E 728 98.73 -28.52 -41.59
C TYR E 728 99.09 -27.81 -42.88
N SER E 729 98.61 -28.35 -44.00
CA SER E 729 98.89 -27.78 -45.30
C SER E 729 97.60 -27.77 -46.13
N GLU E 730 97.53 -26.82 -47.06
CA GLU E 730 96.43 -26.74 -48.01
C GLU E 730 96.98 -27.03 -49.39
N PRO E 731 96.77 -28.23 -49.94
CA PRO E 731 97.49 -28.63 -51.15
C PRO E 731 97.20 -27.78 -52.37
N ARG E 732 95.98 -27.26 -52.55
CA ARG E 732 95.63 -26.52 -53.74
C ARG E 732 94.60 -25.47 -53.38
N PRO E 733 94.49 -24.40 -54.17
CA PRO E 733 93.39 -23.45 -53.98
C PRO E 733 92.09 -24.04 -54.50
N ILE E 734 91.02 -23.83 -53.74
CA ILE E 734 89.69 -24.28 -54.14
C ILE E 734 88.84 -23.04 -54.34
N GLY E 735 88.29 -22.90 -55.55
CA GLY E 735 87.36 -21.84 -55.86
C GLY E 735 85.96 -22.21 -55.42
N THR E 736 84.98 -21.54 -56.02
CA THR E 736 83.59 -21.82 -55.73
C THR E 736 82.75 -22.15 -56.96
N ARG E 737 83.31 -22.05 -58.16
CA ARG E 737 82.52 -22.09 -59.39
C ARG E 737 82.58 -23.50 -59.99
N TYR E 738 81.70 -24.37 -59.47
CA TYR E 738 81.58 -25.73 -59.95
C TYR E 738 80.21 -26.04 -60.53
N LEU E 739 79.14 -25.57 -59.90
CA LEU E 739 77.82 -25.68 -60.49
C LEU E 739 77.70 -24.75 -61.69
N THR E 740 76.72 -25.01 -62.54
CA THR E 740 76.52 -24.24 -63.75
C THR E 740 75.13 -23.62 -63.79
N ARG E 741 75.06 -22.45 -64.42
CA ARG E 741 73.77 -21.76 -64.63
C ARG E 741 73.80 -21.19 -66.05
N ASN E 742 72.65 -21.09 -66.73
CA ASN E 742 72.57 -20.49 -68.06
C ASN E 742 72.76 -18.98 -67.96
N LEU E 743 73.26 -18.40 -69.05
CA LEU E 743 73.43 -16.96 -69.13
C LEU E 743 72.09 -16.24 -69.12
N ALA F 218 17.00 -85.16 2.24
CA ALA F 218 16.73 -84.10 3.23
C ALA F 218 17.80 -84.15 4.32
N ASP F 219 18.17 -85.34 4.74
CA ASP F 219 19.12 -85.49 5.88
C ASP F 219 20.24 -86.44 5.47
N GLY F 220 20.32 -86.76 4.18
CA GLY F 220 21.45 -87.60 3.72
C GLY F 220 21.74 -88.74 4.67
N VAL F 221 23.02 -89.05 4.89
CA VAL F 221 23.38 -90.23 5.73
C VAL F 221 24.00 -89.66 7.00
N GLY F 222 23.38 -89.91 8.13
CA GLY F 222 23.87 -89.49 9.43
C GLY F 222 23.08 -88.40 10.10
N ASN F 223 22.05 -87.87 9.44
CA ASN F 223 21.18 -86.86 10.02
C ASN F 223 19.79 -87.44 10.20
N SER F 224 19.28 -87.39 11.43
CA SER F 224 17.97 -87.94 11.72
C SER F 224 16.88 -87.08 11.08
N SER F 225 15.88 -87.74 10.51
CA SER F 225 14.77 -87.07 9.85
C SER F 225 13.50 -87.03 10.71
N GLY F 226 13.60 -87.40 11.97
CA GLY F 226 12.44 -87.35 12.85
C GLY F 226 12.83 -87.71 14.26
N ASN F 227 11.88 -87.54 15.16
CA ASN F 227 12.05 -87.82 16.58
C ASN F 227 10.96 -88.77 17.06
N TRP F 228 11.18 -89.35 18.23
CA TRP F 228 10.22 -90.27 18.83
C TRP F 228 9.20 -89.47 19.62
N HIS F 229 7.95 -89.50 19.15
CA HIS F 229 6.85 -88.78 19.83
C HIS F 229 5.77 -89.79 20.18
N CYS F 230 5.80 -90.31 21.41
CA CYS F 230 4.76 -91.25 21.87
C CYS F 230 4.23 -90.69 23.19
N ASP F 231 3.01 -90.15 23.18
CA ASP F 231 2.47 -89.50 24.41
C ASP F 231 1.01 -89.08 24.21
N SER F 232 0.35 -88.58 25.26
CA SER F 232 -0.99 -88.05 25.05
C SER F 232 -1.16 -86.78 25.87
N THR F 233 -1.89 -85.83 25.31
CA THR F 233 -2.15 -84.54 25.96
C THR F 233 -3.66 -84.36 26.08
N TRP F 234 -4.13 -84.13 27.30
CA TRP F 234 -5.54 -83.88 27.56
C TRP F 234 -5.72 -82.38 27.79
N MET F 235 -6.52 -81.75 26.93
CA MET F 235 -6.75 -80.29 27.03
C MET F 235 -8.25 -80.02 26.91
N GLY F 236 -8.95 -79.93 28.03
CA GLY F 236 -10.37 -79.64 28.01
C GLY F 236 -11.16 -80.76 27.34
N ASP F 237 -11.87 -80.41 26.27
CA ASP F 237 -12.69 -81.35 25.53
C ASP F 237 -11.92 -82.03 24.40
N ARG F 238 -10.60 -82.10 24.49
CA ARG F 238 -9.79 -82.76 23.47
C ARG F 238 -8.74 -83.63 24.14
N VAL F 239 -8.40 -84.72 23.49
CA VAL F 239 -7.24 -85.54 23.85
C VAL F 239 -6.50 -85.88 22.57
N THR F 240 -5.21 -85.56 22.52
CA THR F 240 -4.37 -85.85 21.37
C THR F 240 -3.42 -86.98 21.73
N THR F 241 -3.56 -88.12 21.07
CA THR F 241 -2.72 -89.28 21.30
C THR F 241 -1.72 -89.41 20.15
N THR F 242 -0.45 -89.56 20.49
CA THR F 242 0.62 -89.75 19.52
C THR F 242 1.35 -91.05 19.82
N SER F 243 1.66 -91.80 18.76
CA SER F 243 2.32 -93.09 18.91
C SER F 243 3.44 -93.20 17.90
N THR F 244 4.56 -93.80 18.32
CA THR F 244 5.67 -94.09 17.43
C THR F 244 6.04 -95.56 17.56
N ARG F 245 6.29 -96.20 16.43
CA ARG F 245 6.66 -97.61 16.40
C ARG F 245 7.79 -97.81 15.41
N THR F 246 8.51 -98.92 15.56
CA THR F 246 9.55 -99.33 14.64
C THR F 246 9.01 -100.44 13.76
N TRP F 247 9.07 -100.26 12.46
CA TRP F 247 8.51 -101.22 11.50
C TRP F 247 9.61 -101.84 10.66
N ALA F 248 9.32 -103.04 10.15
CA ALA F 248 10.18 -103.75 9.23
C ALA F 248 9.38 -104.13 8.01
N LEU F 249 9.88 -103.79 6.83
CA LEU F 249 9.19 -104.04 5.57
C LEU F 249 10.03 -104.94 4.69
N PRO F 250 9.65 -106.19 4.47
CA PRO F 250 10.41 -107.07 3.58
C PRO F 250 10.03 -106.82 2.13
N THR F 251 10.60 -107.62 1.24
CA THR F 251 10.22 -107.63 -0.16
C THR F 251 9.12 -108.68 -0.34
N TYR F 252 7.98 -108.25 -0.87
CA TYR F 252 6.81 -109.11 -1.00
C TYR F 252 6.65 -109.59 -2.43
N ASN F 253 6.39 -110.89 -2.58
CA ASN F 253 6.14 -111.53 -3.87
C ASN F 253 7.33 -111.43 -4.82
N ASN F 254 8.51 -111.11 -4.30
CA ASN F 254 9.70 -110.89 -5.11
C ASN F 254 9.44 -109.83 -6.19
N HIS F 255 8.87 -108.71 -5.74
CA HIS F 255 8.58 -107.54 -6.58
C HIS F 255 7.56 -107.83 -7.68
N LEU F 256 6.67 -108.78 -7.47
CA LEU F 256 5.75 -109.22 -8.52
C LEU F 256 4.30 -109.06 -8.08
N TYR F 257 3.42 -108.95 -9.06
CA TYR F 257 1.97 -108.99 -8.79
C TYR F 257 1.56 -110.40 -9.21
N LYS F 258 0.87 -111.14 -8.36
CA LYS F 258 0.46 -112.51 -8.60
C LYS F 258 -1.04 -112.62 -8.48
N GLN F 259 -1.67 -113.19 -9.49
CA GLN F 259 -3.10 -113.49 -9.42
C GLN F 259 -3.33 -114.62 -8.42
N ILE F 260 -4.27 -114.41 -7.51
CA ILE F 260 -4.60 -115.39 -6.48
C ILE F 260 -6.07 -115.74 -6.59
N SER F 261 -6.41 -116.94 -6.16
CA SER F 261 -7.79 -117.41 -6.20
C SER F 261 -7.94 -118.55 -5.19
N SER F 262 -9.19 -118.89 -4.92
CA SER F 262 -9.48 -119.98 -4.00
C SER F 262 -8.98 -121.31 -4.57
N GLN F 263 -8.62 -122.20 -3.66
CA GLN F 263 -8.07 -123.51 -4.10
C GLN F 263 -9.18 -124.31 -4.75
N SER F 264 -8.79 -125.14 -5.72
CA SER F 264 -9.79 -126.06 -6.32
C SER F 264 -10.27 -127.01 -5.24
N GLY F 265 -11.55 -127.35 -5.26
CA GLY F 265 -12.18 -128.19 -4.28
C GLY F 265 -12.78 -127.47 -3.10
N ALA F 266 -12.57 -126.16 -3.00
CA ALA F 266 -13.18 -125.37 -1.94
C ALA F 266 -14.70 -125.28 -2.14
N SER F 267 -15.41 -125.03 -1.05
CA SER F 267 -16.84 -124.85 -1.13
C SER F 267 -17.17 -123.54 -1.86
N ASN F 268 -18.42 -123.44 -2.33
CA ASN F 268 -18.83 -122.25 -3.06
C ASN F 268 -18.78 -121.01 -2.17
N ASP F 269 -19.06 -121.16 -0.87
CA ASP F 269 -19.01 -120.02 0.03
C ASP F 269 -17.59 -119.49 0.20
N ASN F 270 -16.59 -120.34 0.01
CA ASN F 270 -15.19 -119.97 0.22
C ASN F 270 -14.47 -119.61 -1.08
N HIS F 271 -15.18 -119.59 -2.20
CA HIS F 271 -14.55 -119.24 -3.48
C HIS F 271 -14.24 -117.75 -3.54
N TYR F 272 -13.09 -117.41 -4.11
CA TYR F 272 -12.71 -116.02 -4.25
C TYR F 272 -11.70 -115.88 -5.38
N PHE F 273 -11.54 -114.65 -5.86
CA PHE F 273 -10.55 -114.30 -6.87
C PHE F 273 -10.02 -112.92 -6.55
N GLY F 274 -8.72 -112.72 -6.73
CA GLY F 274 -8.12 -111.44 -6.41
C GLY F 274 -6.68 -111.39 -6.87
N TYR F 275 -5.97 -110.38 -6.39
CA TYR F 275 -4.58 -110.18 -6.74
C TYR F 275 -3.77 -109.87 -5.50
N SER F 276 -2.53 -110.36 -5.48
CA SER F 276 -1.57 -110.09 -4.43
C SER F 276 -0.53 -109.11 -4.95
N THR F 277 -0.31 -108.03 -4.21
CA THR F 277 0.61 -106.99 -4.65
C THR F 277 1.92 -107.06 -3.87
N PRO F 278 3.02 -106.57 -4.45
CA PRO F 278 4.29 -106.51 -3.71
C PRO F 278 4.36 -105.39 -2.68
N TRP F 279 3.29 -104.65 -2.50
CA TRP F 279 3.27 -103.52 -1.57
C TRP F 279 2.82 -103.96 -0.19
N GLY F 280 3.20 -103.17 0.82
CA GLY F 280 2.67 -103.28 2.15
C GLY F 280 1.83 -102.07 2.48
N TYR F 281 1.17 -102.12 3.63
CA TYR F 281 0.34 -101.02 4.07
C TYR F 281 0.46 -100.84 5.58
N PHE F 282 0.32 -99.59 6.02
CA PHE F 282 0.39 -99.25 7.44
C PHE F 282 -1.02 -99.19 8.01
N ASP F 283 -1.28 -100.03 9.01
CA ASP F 283 -2.59 -100.14 9.63
C ASP F 283 -2.49 -99.67 11.07
N PHE F 284 -3.33 -98.69 11.44
CA PHE F 284 -3.48 -98.28 12.83
C PHE F 284 -4.96 -98.17 13.20
N ASN F 285 -5.78 -99.05 12.64
CA ASN F 285 -7.22 -99.04 12.87
C ASN F 285 -7.61 -99.89 14.07
N ARG F 286 -6.94 -99.66 15.20
CA ARG F 286 -7.27 -100.30 16.46
C ARG F 286 -6.96 -99.29 17.57
N PHE F 287 -7.79 -99.27 18.61
CA PHE F 287 -7.64 -98.21 19.65
C PHE F 287 -6.34 -98.38 20.44
N HIS F 288 -5.86 -99.61 20.61
CA HIS F 288 -4.63 -99.89 21.38
C HIS F 288 -3.41 -99.27 20.69
N CYS F 289 -3.51 -98.92 19.41
CA CYS F 289 -2.41 -98.32 18.64
C CYS F 289 -2.21 -96.87 19.05
N HIS F 290 -3.18 -96.26 19.72
CA HIS F 290 -3.11 -94.87 20.11
C HIS F 290 -3.33 -94.62 21.60
N PHE F 291 -4.13 -95.45 22.27
CA PHE F 291 -4.45 -95.27 23.67
C PHE F 291 -3.72 -96.31 24.50
N SER F 292 -3.03 -95.85 25.54
CA SER F 292 -2.53 -96.74 26.57
C SER F 292 -3.70 -97.19 27.45
N PRO F 293 -3.55 -98.30 28.18
CA PRO F 293 -4.63 -98.72 29.08
C PRO F 293 -5.02 -97.65 30.10
N ARG F 294 -4.05 -96.90 30.63
CA ARG F 294 -4.38 -95.79 31.51
C ARG F 294 -5.13 -94.70 30.76
N ASP F 295 -4.73 -94.44 29.51
CA ASP F 295 -5.46 -93.48 28.68
C ASP F 295 -6.89 -93.94 28.43
N TRP F 296 -7.07 -95.23 28.16
CA TRP F 296 -8.41 -95.77 27.97
C TRP F 296 -9.25 -95.63 29.23
N GLN F 297 -8.66 -95.92 30.40
CA GLN F 297 -9.40 -95.80 31.65
C GLN F 297 -9.78 -94.35 31.91
N ARG F 298 -8.86 -93.41 31.61
CA ARG F 298 -9.18 -92.00 31.74
C ARG F 298 -10.27 -91.57 30.78
N LEU F 299 -10.31 -92.14 29.58
CA LEU F 299 -11.33 -91.80 28.60
C LEU F 299 -12.70 -92.33 29.01
N ILE F 300 -12.78 -93.60 29.41
CA ILE F 300 -14.07 -94.24 29.57
C ILE F 300 -14.71 -93.96 30.92
N ASN F 301 -13.93 -93.57 31.93
CA ASN F 301 -14.48 -93.31 33.25
C ASN F 301 -14.97 -91.88 33.43
N ASN F 302 -14.75 -91.01 32.45
CA ASN F 302 -15.03 -89.59 32.62
C ASN F 302 -15.81 -88.95 31.48
N ASN F 303 -15.98 -89.64 30.36
CA ASN F 303 -16.59 -89.05 29.18
C ASN F 303 -17.81 -89.84 28.76
N TRP F 304 -18.83 -89.12 28.30
CA TRP F 304 -20.04 -89.73 27.75
C TRP F 304 -19.92 -90.01 26.26
N GLY F 305 -18.85 -89.58 25.61
CA GLY F 305 -18.66 -89.84 24.20
C GLY F 305 -17.33 -89.32 23.71
N PHE F 306 -16.93 -89.80 22.54
CA PHE F 306 -15.72 -89.34 21.89
C PHE F 306 -15.80 -89.66 20.41
N ARG F 307 -14.99 -88.94 19.62
CA ARG F 307 -14.94 -89.13 18.19
C ARG F 307 -13.61 -88.57 17.68
N PRO F 308 -13.04 -89.15 16.62
CA PRO F 308 -11.81 -88.60 16.04
C PRO F 308 -12.08 -87.33 15.25
N LYS F 309 -11.09 -86.45 15.26
CA LYS F 309 -11.17 -85.15 14.61
C LYS F 309 -10.20 -84.98 13.46
N ARG F 310 -8.92 -85.25 13.69
CA ARG F 310 -7.90 -85.15 12.65
C ARG F 310 -6.73 -86.04 13.04
N LEU F 311 -5.92 -86.39 12.04
CA LEU F 311 -4.74 -87.21 12.29
C LEU F 311 -3.55 -86.68 11.50
N ASN F 312 -2.35 -87.01 12.01
CA ASN F 312 -1.08 -86.65 11.32
C ASN F 312 -0.26 -87.93 11.27
N PHE F 313 0.38 -88.22 10.14
CA PHE F 313 1.15 -89.43 9.90
C PHE F 313 2.54 -89.06 9.44
N LYS F 314 3.52 -89.83 9.93
CA LYS F 314 4.91 -89.57 9.51
C LYS F 314 5.75 -90.84 9.40
N LEU F 315 6.54 -90.96 8.34
CA LEU F 315 7.54 -92.00 8.19
C LEU F 315 8.92 -91.33 8.15
N PHE F 316 9.86 -91.86 8.92
CA PHE F 316 11.15 -91.20 9.05
C PHE F 316 12.18 -92.22 9.48
N ASN F 317 13.45 -91.79 9.46
CA ASN F 317 14.59 -92.62 9.84
C ASN F 317 14.59 -93.93 9.05
N ILE F 318 14.40 -93.81 7.74
CA ILE F 318 14.26 -94.96 6.87
C ILE F 318 15.63 -95.53 6.53
N GLN F 319 15.83 -96.81 6.79
CA GLN F 319 17.07 -97.51 6.52
C GLN F 319 16.77 -98.68 5.60
N VAL F 320 17.48 -98.78 4.48
CA VAL F 320 17.36 -99.90 3.57
C VAL F 320 18.57 -100.80 3.80
N LYS F 321 18.31 -102.06 4.13
CA LYS F 321 19.36 -103.03 4.42
C LYS F 321 19.41 -104.07 3.31
N GLU F 322 20.60 -104.31 2.79
CA GLU F 322 20.83 -105.33 1.79
C GLU F 322 21.27 -106.62 2.46
N VAL F 323 20.60 -107.73 2.13
CA VAL F 323 20.88 -109.04 2.71
C VAL F 323 21.52 -109.92 1.66
N THR F 324 22.65 -110.52 2.01
CA THR F 324 23.35 -111.46 1.14
C THR F 324 23.59 -112.76 1.90
N GLN F 325 23.68 -113.86 1.16
CA GLN F 325 23.88 -115.17 1.74
C GLN F 325 24.93 -115.91 0.91
N ASN F 326 26.12 -116.05 1.46
CA ASN F 326 27.24 -116.69 0.77
C ASN F 326 27.78 -117.82 1.64
N ASP F 327 27.75 -119.05 1.11
CA ASP F 327 28.27 -120.23 1.81
C ASP F 327 27.61 -120.41 3.18
N GLY F 328 26.30 -120.17 3.24
CA GLY F 328 25.55 -120.38 4.47
C GLY F 328 25.65 -119.27 5.49
N THR F 329 26.23 -118.13 5.14
CA THR F 329 26.39 -117.01 6.05
C THR F 329 25.48 -115.87 5.63
N THR F 330 24.70 -115.36 6.58
CA THR F 330 23.80 -114.23 6.34
C THR F 330 24.49 -112.94 6.76
N THR F 331 24.75 -112.07 5.78
CA THR F 331 25.42 -110.80 6.02
C THR F 331 24.48 -109.67 5.66
N ILE F 332 24.31 -108.71 6.57
CA ILE F 332 23.43 -107.57 6.38
C ILE F 332 24.26 -106.30 6.38
N ALA F 333 24.11 -105.49 5.35
CA ALA F 333 24.85 -104.24 5.21
C ALA F 333 23.89 -103.14 4.78
N ASN F 334 24.28 -101.90 5.06
CA ASN F 334 23.46 -100.76 4.69
C ASN F 334 23.47 -100.54 3.18
N ASN F 335 22.36 -100.05 2.67
CA ASN F 335 22.23 -99.62 1.28
C ASN F 335 21.75 -98.17 1.31
N LEU F 336 22.69 -97.23 1.24
CA LEU F 336 22.35 -95.82 1.42
C LEU F 336 21.74 -95.19 0.18
N THR F 337 21.75 -95.87 -0.96
CA THR F 337 21.21 -95.32 -2.20
C THR F 337 19.87 -95.91 -2.60
N SER F 338 19.40 -96.94 -1.90
CA SER F 338 18.10 -97.52 -2.22
C SER F 338 16.97 -96.66 -1.65
N THR F 339 15.79 -96.78 -2.26
CA THR F 339 14.62 -96.00 -1.89
C THR F 339 13.49 -96.92 -1.46
N VAL F 340 12.49 -96.29 -0.84
CA VAL F 340 11.20 -96.92 -0.57
C VAL F 340 10.11 -96.01 -1.12
N GLN F 341 9.13 -96.60 -1.79
CA GLN F 341 8.04 -95.86 -2.40
C GLN F 341 6.85 -95.81 -1.45
N VAL F 342 6.38 -94.60 -1.15
CA VAL F 342 5.26 -94.39 -0.23
C VAL F 342 4.24 -93.49 -0.92
N PHE F 343 2.98 -93.88 -0.88
CA PHE F 343 1.91 -93.00 -1.33
C PHE F 343 0.64 -93.33 -0.55
N THR F 344 -0.21 -92.32 -0.41
CA THR F 344 -1.50 -92.45 0.26
C THR F 344 -2.61 -92.45 -0.79
N ASP F 345 -3.55 -93.39 -0.66
CA ASP F 345 -4.67 -93.49 -1.58
C ASP F 345 -5.76 -92.51 -1.15
N SER F 346 -5.51 -91.22 -1.33
CA SER F 346 -6.43 -90.17 -0.84
C SER F 346 -7.66 -90.04 -1.74
N GLU F 347 -7.61 -90.56 -2.96
CA GLU F 347 -8.77 -90.54 -3.82
C GLU F 347 -9.59 -91.82 -3.73
N TYR F 348 -9.17 -92.78 -2.91
CA TYR F 348 -9.90 -94.03 -2.68
C TYR F 348 -10.15 -94.77 -3.99
N GLN F 349 -9.12 -94.85 -4.83
CA GLN F 349 -9.20 -95.57 -6.09
C GLN F 349 -8.80 -97.03 -5.97
N LEU F 350 -8.30 -97.45 -4.82
CA LEU F 350 -7.90 -98.83 -4.57
C LEU F 350 -8.90 -99.50 -3.64
N PRO F 351 -9.03 -100.83 -3.72
CA PRO F 351 -9.91 -101.53 -2.78
C PRO F 351 -9.48 -101.31 -1.34
N TYR F 352 -10.42 -100.86 -0.51
CA TYR F 352 -10.13 -100.50 0.87
C TYR F 352 -10.15 -101.77 1.72
N VAL F 353 -8.96 -102.26 2.06
CA VAL F 353 -8.85 -103.48 2.87
C VAL F 353 -8.72 -103.18 4.36
N LEU F 354 -8.53 -101.93 4.75
CA LEU F 354 -8.64 -101.56 6.14
C LEU F 354 -10.08 -101.66 6.60
N GLY F 355 -10.28 -101.91 7.89
CA GLY F 355 -11.61 -102.09 8.42
C GLY F 355 -12.16 -103.49 8.31
N SER F 356 -11.34 -104.47 7.94
CA SER F 356 -11.74 -105.87 7.93
C SER F 356 -11.17 -106.65 9.10
N ALA F 357 -10.70 -105.95 10.14
CA ALA F 357 -10.17 -106.57 11.36
C ALA F 357 -8.99 -107.48 11.04
N HIS F 358 -8.03 -106.96 10.27
CA HIS F 358 -6.87 -107.72 9.86
C HIS F 358 -5.70 -107.49 10.81
N GLN F 359 -4.86 -108.51 10.94
CA GLN F 359 -3.64 -108.41 11.73
C GLN F 359 -2.60 -107.56 11.00
N GLY F 360 -1.59 -107.15 11.75
CA GLY F 360 -0.54 -106.31 11.20
C GLY F 360 -0.59 -104.85 11.60
N CYS F 361 -1.38 -104.50 12.60
CA CYS F 361 -1.49 -103.13 13.05
C CYS F 361 -0.25 -102.71 13.84
N LEU F 362 -0.26 -101.47 14.28
CA LEU F 362 0.78 -100.99 15.20
C LEU F 362 0.61 -101.71 16.53
N PRO F 363 1.67 -102.32 17.08
CA PRO F 363 1.50 -103.10 18.30
C PRO F 363 1.08 -102.21 19.45
N PRO F 364 0.27 -102.74 20.37
CA PRO F 364 -0.17 -101.90 21.51
C PRO F 364 0.95 -101.40 22.38
N PHE F 365 2.01 -102.19 22.56
CA PHE F 365 3.14 -101.77 23.37
C PHE F 365 4.13 -100.97 22.52
N PRO F 366 4.47 -99.75 22.92
CA PRO F 366 5.34 -98.91 22.08
C PRO F 366 6.72 -99.48 21.82
N ALA F 367 7.18 -100.43 22.63
CA ALA F 367 8.51 -100.99 22.47
C ALA F 367 8.58 -102.16 21.49
N ASP F 368 7.44 -102.61 20.98
CA ASP F 368 7.41 -103.75 20.07
C ASP F 368 7.68 -103.32 18.63
N VAL F 369 8.41 -104.16 17.90
CA VAL F 369 8.70 -103.95 16.49
C VAL F 369 7.80 -104.88 15.68
N PHE F 370 7.18 -104.33 14.63
CA PHE F 370 6.17 -105.06 13.87
C PHE F 370 6.53 -105.09 12.39
N MET F 371 6.09 -106.15 11.72
CA MET F 371 6.24 -106.30 10.29
C MET F 371 5.07 -105.64 9.57
N VAL F 372 5.35 -105.00 8.44
CA VAL F 372 4.33 -104.33 7.65
C VAL F 372 3.54 -105.38 6.87
N PRO F 373 2.23 -105.45 7.02
CA PRO F 373 1.46 -106.49 6.34
C PRO F 373 1.42 -106.27 4.83
N GLN F 374 1.32 -107.38 4.10
CA GLN F 374 1.27 -107.33 2.64
C GLN F 374 -0.12 -106.92 2.17
N TYR F 375 -0.15 -106.02 1.19
CA TYR F 375 -1.42 -105.55 0.65
C TYR F 375 -1.94 -106.49 -0.42
N GLY F 376 -3.24 -106.76 -0.36
CA GLY F 376 -3.90 -107.59 -1.35
C GLY F 376 -5.38 -107.31 -1.34
N TYR F 377 -6.02 -107.56 -2.48
CA TYR F 377 -7.43 -107.25 -2.63
C TYR F 377 -8.12 -108.36 -3.40
N LEU F 378 -9.44 -108.43 -3.24
CA LEU F 378 -10.27 -109.37 -3.96
C LEU F 378 -11.20 -108.62 -4.90
N THR F 379 -11.51 -109.26 -6.03
CA THR F 379 -12.44 -108.69 -7.00
C THR F 379 -13.53 -109.71 -7.30
N LEU F 380 -14.35 -109.42 -8.29
CA LEU F 380 -15.49 -110.31 -8.64
C LEU F 380 -14.97 -111.68 -9.06
N ASN F 381 -15.67 -112.74 -8.66
CA ASN F 381 -15.27 -114.11 -9.04
C ASN F 381 -16.50 -114.95 -9.38
N ASN F 382 -16.41 -115.80 -10.39
CA ASN F 382 -17.48 -116.78 -10.67
C ASN F 382 -16.83 -118.11 -10.28
N GLY F 383 -16.87 -118.46 -8.99
CA GLY F 383 -16.12 -119.65 -8.54
C GLY F 383 -14.68 -119.26 -8.32
N SER F 384 -13.73 -120.10 -8.73
CA SER F 384 -12.33 -119.75 -8.63
C SER F 384 -11.85 -118.87 -9.78
N GLN F 385 -12.69 -118.68 -10.81
CA GLN F 385 -12.34 -117.89 -11.97
C GLN F 385 -12.80 -116.44 -11.80
N ALA F 386 -12.45 -115.62 -12.78
CA ALA F 386 -12.83 -114.21 -12.81
C ALA F 386 -13.90 -113.97 -13.88
N VAL F 387 -14.49 -112.79 -13.84
CA VAL F 387 -15.46 -112.35 -14.83
C VAL F 387 -14.90 -111.11 -15.52
N GLY F 388 -15.62 -110.66 -16.55
CA GLY F 388 -15.18 -109.51 -17.31
C GLY F 388 -15.21 -108.23 -16.50
N ARG F 389 -16.04 -108.18 -15.46
CA ARG F 389 -16.15 -106.99 -14.62
C ARG F 389 -15.07 -106.94 -13.54
N SER F 390 -14.28 -108.00 -13.38
CA SER F 390 -13.21 -107.99 -12.37
C SER F 390 -12.18 -106.93 -12.71
N SER F 391 -11.71 -106.23 -11.68
CA SER F 391 -10.79 -105.11 -11.84
C SER F 391 -9.40 -105.50 -11.36
N PHE F 392 -8.39 -105.06 -12.11
CA PHE F 392 -7.00 -105.23 -11.75
C PHE F 392 -6.39 -103.86 -11.50
N TYR F 393 -5.60 -103.75 -10.42
CA TYR F 393 -5.00 -102.50 -10.03
C TYR F 393 -3.49 -102.67 -9.90
N CYS F 394 -2.75 -101.83 -10.61
CA CYS F 394 -1.30 -101.74 -10.47
C CYS F 394 -0.99 -100.52 -9.60
N LEU F 395 -0.36 -100.75 -8.46
CA LEU F 395 -0.07 -99.69 -7.51
C LEU F 395 1.10 -98.81 -7.95
N GLU F 396 1.89 -99.26 -8.94
CA GLU F 396 2.91 -98.41 -9.53
C GLU F 396 2.34 -97.42 -10.52
N TYR F 397 1.03 -97.49 -10.80
CA TYR F 397 0.34 -96.56 -11.73
C TYR F 397 -0.14 -95.34 -10.93
N PHE F 398 0.18 -95.28 -9.65
CA PHE F 398 -0.08 -94.15 -8.78
C PHE F 398 1.19 -93.35 -8.57
N PRO F 399 1.09 -92.03 -8.44
CA PRO F 399 2.27 -91.23 -8.07
C PRO F 399 2.67 -91.51 -6.63
N SER F 400 3.93 -91.90 -6.45
CA SER F 400 4.45 -92.23 -5.13
C SER F 400 5.72 -91.44 -4.86
N GLN F 401 6.02 -91.24 -3.58
CA GLN F 401 7.19 -90.50 -3.15
C GLN F 401 8.31 -91.47 -2.83
N MET F 402 9.48 -91.23 -3.41
CA MET F 402 10.64 -92.10 -3.23
C MET F 402 11.52 -91.52 -2.11
N LEU F 403 11.86 -92.37 -1.14
CA LEU F 403 12.55 -91.92 0.06
C LEU F 403 13.84 -92.71 0.22
N ARG F 404 14.97 -92.01 0.20
CA ARG F 404 16.25 -92.61 0.57
C ARG F 404 16.45 -92.50 2.07
N THR F 405 17.60 -92.96 2.56
CA THR F 405 17.93 -92.75 3.99
C THR F 405 18.17 -91.25 4.17
N GLY F 406 17.40 -90.61 5.00
CA GLY F 406 17.44 -89.18 5.19
C GLY F 406 16.22 -88.44 4.70
N ASN F 407 15.34 -89.09 3.95
CA ASN F 407 14.07 -88.52 3.53
C ASN F 407 12.96 -88.98 4.45
N ASN F 408 11.94 -88.15 4.60
CA ASN F 408 10.78 -88.47 5.43
C ASN F 408 9.51 -88.22 4.63
N PHE F 409 8.44 -88.87 5.08
CA PHE F 409 7.12 -88.74 4.48
C PHE F 409 6.14 -88.27 5.54
N THR F 410 5.19 -87.44 5.14
CA THR F 410 4.17 -86.97 6.07
C THR F 410 2.91 -86.60 5.31
N PHE F 411 1.77 -86.69 6.00
CA PHE F 411 0.51 -86.21 5.46
C PHE F 411 -0.47 -86.02 6.61
N SER F 412 -1.42 -85.12 6.39
CA SER F 412 -2.44 -84.80 7.39
C SER F 412 -3.82 -85.11 6.83
N TYR F 413 -4.70 -85.58 7.70
CA TYR F 413 -6.05 -85.97 7.33
C TYR F 413 -7.02 -85.41 8.35
N THR F 414 -8.19 -84.99 7.88
CA THR F 414 -9.25 -84.49 8.75
C THR F 414 -10.43 -85.43 8.67
N PHE F 415 -10.87 -85.94 9.82
CA PHE F 415 -12.05 -86.80 9.86
C PHE F 415 -13.30 -85.99 9.52
N GLU F 416 -14.24 -86.63 8.84
CA GLU F 416 -15.54 -86.03 8.62
C GLU F 416 -16.34 -86.02 9.92
N ASP F 417 -17.41 -85.22 9.94
CA ASP F 417 -18.26 -85.15 11.12
C ASP F 417 -18.97 -86.48 11.33
N VAL F 418 -18.79 -87.06 12.52
CA VAL F 418 -19.40 -88.33 12.86
C VAL F 418 -20.02 -88.22 14.24
N PRO F 419 -21.04 -89.03 14.54
CA PRO F 419 -21.62 -88.99 15.88
C PRO F 419 -20.63 -89.45 16.94
N PHE F 420 -20.76 -88.88 18.13
CA PHE F 420 -19.98 -89.35 19.27
C PHE F 420 -20.33 -90.79 19.58
N HIS F 421 -19.32 -91.60 19.87
CA HIS F 421 -19.57 -92.95 20.34
C HIS F 421 -20.26 -92.91 21.69
N SER F 422 -21.30 -93.74 21.83
CA SER F 422 -22.08 -93.81 23.10
C SER F 422 -21.28 -94.56 24.17
N SER F 423 -20.33 -93.87 24.81
CA SER F 423 -19.53 -94.50 25.87
C SER F 423 -20.25 -94.42 27.21
N TYR F 424 -21.49 -94.90 27.22
CA TYR F 424 -22.31 -94.90 28.42
C TYR F 424 -23.29 -96.07 28.33
N ALA F 425 -23.80 -96.47 29.49
CA ALA F 425 -24.87 -97.44 29.59
C ALA F 425 -26.12 -96.76 30.13
N HIS F 426 -27.26 -97.05 29.53
CA HIS F 426 -28.51 -96.43 29.98
C HIS F 426 -28.89 -96.96 31.36
N SER F 427 -29.23 -96.04 32.26
CA SER F 427 -29.70 -96.39 33.59
C SER F 427 -31.21 -96.60 33.63
N GLN F 428 -31.89 -96.47 32.50
CA GLN F 428 -33.30 -96.77 32.38
C GLN F 428 -33.51 -97.79 31.27
N SER F 429 -34.54 -98.60 31.42
CA SER F 429 -34.94 -99.54 30.38
C SER F 429 -36.05 -98.92 29.54
N LEU F 430 -36.10 -99.32 28.26
CA LEU F 430 -37.07 -98.76 27.34
C LEU F 430 -38.50 -99.10 27.73
N ASP F 431 -38.69 -100.17 28.51
CA ASP F 431 -40.06 -100.60 28.91
C ASP F 431 -40.38 -100.10 30.32
N ARG F 432 -39.50 -99.29 30.91
CA ARG F 432 -39.68 -98.77 32.26
C ARG F 432 -39.43 -97.25 32.28
N LEU F 433 -40.02 -96.54 31.31
CA LEU F 433 -39.83 -95.10 31.18
C LEU F 433 -40.97 -94.29 31.79
N MET F 434 -41.90 -94.94 32.48
CA MET F 434 -43.10 -94.28 32.96
C MET F 434 -42.93 -93.83 34.41
N ASN F 435 -43.97 -93.16 34.93
CA ASN F 435 -44.05 -92.80 36.33
C ASN F 435 -44.81 -93.90 37.06
N PRO F 436 -44.17 -94.66 37.96
CA PRO F 436 -44.86 -95.79 38.60
C PRO F 436 -45.95 -95.38 39.57
N LEU F 437 -46.04 -94.10 39.93
CA LEU F 437 -47.01 -93.64 40.92
C LEU F 437 -48.35 -93.25 40.31
N ILE F 438 -48.38 -92.88 39.04
CA ILE F 438 -49.57 -92.34 38.40
C ILE F 438 -50.05 -93.33 37.35
N ASP F 439 -51.35 -93.60 37.35
CA ASP F 439 -51.94 -94.44 36.31
C ASP F 439 -52.01 -93.69 34.98
N GLN F 440 -52.08 -94.45 33.90
CA GLN F 440 -52.30 -93.87 32.58
C GLN F 440 -53.78 -93.59 32.37
N TYR F 441 -54.06 -92.56 31.58
CA TYR F 441 -55.44 -92.28 31.19
C TYR F 441 -55.90 -93.15 30.01
N LEU F 442 -54.98 -93.81 29.33
CA LEU F 442 -55.35 -94.69 28.23
C LEU F 442 -55.78 -96.06 28.75
N TYR F 443 -56.66 -96.71 28.01
CA TYR F 443 -57.18 -98.02 28.36
C TYR F 443 -56.60 -99.08 27.44
N TYR F 444 -56.50 -100.30 27.97
CA TYR F 444 -56.08 -101.45 27.20
C TYR F 444 -57.04 -102.60 27.48
N LEU F 445 -57.19 -103.47 26.49
CA LEU F 445 -58.05 -104.65 26.64
C LEU F 445 -57.41 -105.59 27.66
N SER F 446 -58.02 -105.68 28.85
CA SER F 446 -57.48 -106.48 29.93
C SER F 446 -58.16 -107.84 30.07
N ARG F 447 -59.43 -107.91 29.72
CA ARG F 447 -60.14 -109.21 29.80
C ARG F 447 -60.92 -109.44 28.51
N THR F 448 -61.08 -110.70 28.14
CA THR F 448 -61.83 -111.08 26.95
C THR F 448 -63.05 -111.92 27.24
N ASN F 449 -63.28 -112.32 28.49
CA ASN F 449 -64.47 -113.07 28.85
C ASN F 449 -64.77 -112.83 30.33
N THR F 450 -65.98 -113.21 30.73
CA THR F 450 -66.41 -113.12 32.12
C THR F 450 -67.12 -114.39 32.52
N PRO F 451 -67.11 -114.77 33.83
CA PRO F 451 -67.87 -115.95 34.26
C PRO F 451 -69.35 -115.75 33.94
N SER F 452 -69.95 -116.69 33.21
CA SER F 452 -71.41 -116.61 32.92
C SER F 452 -72.04 -117.95 33.33
N GLY F 453 -72.97 -117.93 34.27
CA GLY F 453 -73.54 -119.19 34.77
C GLY F 453 -72.44 -120.07 35.35
N THR F 454 -72.34 -121.31 34.88
CA THR F 454 -71.26 -122.22 35.33
C THR F 454 -70.26 -122.39 34.18
N THR F 455 -70.47 -121.66 33.08
CA THR F 455 -69.53 -121.68 31.93
C THR F 455 -68.87 -120.31 31.81
N THR F 456 -68.43 -119.95 30.60
CA THR F 456 -67.84 -118.60 30.38
C THR F 456 -68.57 -117.91 29.22
N GLN F 457 -68.57 -116.59 29.20
CA GLN F 457 -69.20 -115.84 28.12
C GLN F 457 -68.24 -114.75 27.64
N SER F 458 -68.19 -114.56 26.33
CA SER F 458 -67.29 -113.57 25.75
C SER F 458 -67.74 -112.16 26.14
N ARG F 459 -66.80 -111.37 26.66
CA ARG F 459 -67.09 -110.01 27.10
C ARG F 459 -65.79 -109.23 27.18
N LEU F 460 -65.70 -108.14 26.43
CA LEU F 460 -64.50 -107.33 26.41
C LEU F 460 -64.52 -106.33 27.56
N GLN F 461 -63.40 -106.23 28.28
CA GLN F 461 -63.22 -105.26 29.35
C GLN F 461 -61.89 -104.55 29.19
N PHE F 462 -61.82 -103.33 29.70
CA PHE F 462 -60.65 -102.48 29.53
C PHE F 462 -60.25 -101.89 30.88
N SER F 463 -58.94 -101.71 31.06
CA SER F 463 -58.39 -101.19 32.29
C SER F 463 -57.35 -100.13 31.98
N GLN F 464 -57.12 -99.26 32.95
CA GLN F 464 -56.03 -98.29 32.88
C GLN F 464 -54.79 -98.90 33.52
N ALA F 465 -53.66 -98.79 32.83
CA ALA F 465 -52.44 -99.45 33.28
C ALA F 465 -51.73 -98.60 34.32
N GLY F 466 -51.24 -99.26 35.37
CA GLY F 466 -50.46 -98.64 36.43
C GLY F 466 -49.20 -99.44 36.69
N ALA F 467 -48.81 -99.47 37.97
CA ALA F 467 -47.60 -100.18 38.35
C ALA F 467 -47.81 -101.69 38.43
N SER F 468 -49.00 -102.13 38.87
CA SER F 468 -49.24 -103.55 39.05
C SER F 468 -49.30 -104.30 37.72
N ASP F 469 -49.81 -103.66 36.68
CA ASP F 469 -49.86 -104.24 35.34
C ASP F 469 -48.98 -103.41 34.40
N ILE F 470 -47.77 -103.11 34.87
CA ILE F 470 -46.85 -102.21 34.17
C ILE F 470 -46.50 -102.71 32.78
N ARG F 471 -46.64 -104.01 32.52
CA ARG F 471 -46.31 -104.55 31.20
C ARG F 471 -47.31 -104.15 30.13
N ASP F 472 -48.51 -103.71 30.52
CA ASP F 472 -49.57 -103.38 29.57
C ASP F 472 -49.64 -101.88 29.26
N GLN F 473 -48.70 -101.09 29.79
CA GLN F 473 -48.77 -99.65 29.59
C GLN F 473 -48.53 -99.28 28.14
N SER F 474 -49.27 -98.27 27.67
CA SER F 474 -49.06 -97.75 26.33
C SER F 474 -47.73 -97.03 26.25
N ARG F 475 -46.98 -97.28 25.18
CA ARG F 475 -45.63 -96.77 25.05
C ARG F 475 -45.45 -96.13 23.67
N ASN F 476 -44.43 -95.28 23.58
CA ASN F 476 -44.18 -94.51 22.37
C ASN F 476 -43.07 -95.09 21.50
N TRP F 477 -42.28 -96.03 22.02
CA TRP F 477 -41.08 -96.50 21.34
C TRP F 477 -41.02 -98.01 21.37
N LEU F 478 -40.13 -98.55 20.53
CA LEU F 478 -39.93 -99.99 20.37
C LEU F 478 -38.45 -100.32 20.44
N PRO F 479 -38.12 -101.54 20.86
CA PRO F 479 -36.70 -101.95 20.85
C PRO F 479 -36.17 -102.10 19.43
N GLY F 480 -34.86 -101.95 19.30
CA GLY F 480 -34.20 -101.95 18.01
C GLY F 480 -34.34 -103.25 17.24
N PRO F 481 -33.82 -103.27 16.02
CA PRO F 481 -34.00 -104.45 15.16
C PRO F 481 -33.19 -105.64 15.65
N CYS F 482 -33.64 -106.80 15.17
CA CYS F 482 -33.08 -108.08 15.64
C CYS F 482 -32.77 -109.02 14.49
N TYR F 483 -31.75 -109.86 14.64
CA TYR F 483 -31.44 -110.94 13.69
C TYR F 483 -30.93 -112.10 14.53
N ARG F 484 -31.83 -113.02 14.86
CA ARG F 484 -31.60 -113.95 15.97
C ARG F 484 -30.35 -114.79 15.77
N GLN F 485 -29.60 -114.97 16.85
CA GLN F 485 -28.40 -115.80 16.89
C GLN F 485 -28.64 -117.01 17.77
N GLN F 486 -27.92 -118.09 17.48
CA GLN F 486 -27.97 -119.27 18.33
C GLN F 486 -27.24 -119.00 19.65
N ARG F 487 -27.76 -119.58 20.73
CA ARG F 487 -27.20 -119.39 22.05
C ARG F 487 -26.24 -120.52 22.38
N VAL F 488 -25.03 -120.11 22.79
CA VAL F 488 -23.98 -121.07 23.21
C VAL F 488 -23.59 -120.70 24.64
N SER F 489 -23.12 -121.65 25.43
CA SER F 489 -22.75 -121.45 26.82
C SER F 489 -21.24 -121.60 27.00
N LYS F 490 -20.68 -120.78 27.89
CA LYS F 490 -19.23 -120.86 28.19
C LYS F 490 -18.96 -122.17 28.95
N THR F 491 -19.95 -122.68 29.68
CA THR F 491 -19.82 -124.01 30.34
C THR F 491 -20.02 -125.05 29.23
N SER F 492 -18.98 -125.83 28.90
CA SER F 492 -19.06 -126.76 27.76
C SER F 492 -20.19 -127.79 27.88
N ALA F 493 -20.36 -128.41 29.04
CA ALA F 493 -21.35 -129.47 29.18
C ALA F 493 -22.75 -128.98 28.82
N ASP F 494 -23.01 -127.68 28.95
CA ASP F 494 -24.33 -127.13 28.68
C ASP F 494 -24.67 -127.09 27.19
N ASN F 495 -23.69 -127.29 26.31
CA ASN F 495 -23.91 -127.19 24.88
C ASN F 495 -24.31 -128.54 24.30
N ASN F 496 -24.96 -128.49 23.14
CA ASN F 496 -25.37 -129.72 22.46
C ASN F 496 -24.14 -130.47 21.94
N ASN F 497 -24.17 -131.79 22.06
CA ASN F 497 -23.05 -132.64 21.64
C ASN F 497 -23.17 -132.93 20.14
N SER F 498 -22.90 -131.89 19.35
CA SER F 498 -22.95 -132.00 17.90
C SER F 498 -22.13 -130.87 17.31
N GLU F 499 -21.90 -130.98 15.99
CA GLU F 499 -21.17 -129.91 15.26
C GLU F 499 -22.22 -128.99 14.64
N TYR F 500 -22.42 -127.82 15.25
CA TYR F 500 -23.44 -126.87 14.81
C TYR F 500 -22.86 -125.48 14.58
N SER F 501 -21.55 -125.37 14.36
CA SER F 501 -20.96 -124.05 14.15
C SER F 501 -21.38 -123.43 12.82
N TRP F 502 -21.89 -124.23 11.88
CA TRP F 502 -22.38 -123.73 10.61
C TRP F 502 -23.84 -124.05 10.35
N THR F 503 -24.30 -125.25 10.73
CA THR F 503 -25.71 -125.59 10.53
C THR F 503 -26.62 -124.70 11.34
N GLY F 504 -26.25 -124.43 12.60
CA GLY F 504 -26.99 -123.54 13.46
C GLY F 504 -26.55 -122.09 13.40
N ALA F 505 -25.65 -121.76 12.50
CA ALA F 505 -25.11 -120.41 12.40
C ALA F 505 -26.10 -119.46 11.74
N THR F 506 -25.99 -118.19 12.07
CA THR F 506 -26.79 -117.14 11.45
C THR F 506 -26.06 -116.62 10.22
N LYS F 507 -26.73 -116.67 9.07
CA LYS F 507 -26.09 -116.43 7.78
C LYS F 507 -26.92 -115.47 6.95
N TYR F 508 -26.25 -114.81 6.00
CA TYR F 508 -26.91 -114.06 4.96
C TYR F 508 -26.50 -114.62 3.60
N HIS F 509 -27.43 -114.63 2.66
CA HIS F 509 -27.25 -115.24 1.37
C HIS F 509 -27.02 -114.15 0.33
N LEU F 510 -25.92 -114.23 -0.41
CA LEU F 510 -25.55 -113.23 -1.40
C LEU F 510 -24.93 -113.91 -2.60
N ASN F 511 -25.59 -113.81 -3.75
CA ASN F 511 -25.11 -114.37 -5.01
C ASN F 511 -24.84 -115.87 -4.90
N GLY F 512 -25.72 -116.58 -4.19
CA GLY F 512 -25.60 -118.01 -4.04
C GLY F 512 -24.59 -118.48 -3.02
N ARG F 513 -23.95 -117.55 -2.31
CA ARG F 513 -22.99 -117.98 -1.26
C ARG F 513 -23.44 -117.51 0.13
N ASP F 514 -23.36 -118.39 1.12
CA ASP F 514 -23.68 -118.09 2.51
C ASP F 514 -22.47 -117.51 3.21
N SER F 515 -22.65 -116.37 3.84
CA SER F 515 -21.61 -115.74 4.65
C SER F 515 -22.07 -115.69 6.09
N LEU F 516 -21.15 -115.94 7.01
CA LEU F 516 -21.47 -115.87 8.44
C LEU F 516 -21.80 -114.43 8.83
N VAL F 517 -22.87 -114.27 9.61
CA VAL F 517 -23.23 -112.98 10.16
C VAL F 517 -22.45 -112.83 11.47
N ASN F 518 -21.40 -112.02 11.43
CA ASN F 518 -20.47 -111.91 12.56
C ASN F 518 -19.86 -110.52 12.58
N PRO F 519 -20.13 -109.71 13.61
CA PRO F 519 -21.02 -109.97 14.75
C PRO F 519 -22.47 -109.63 14.47
N GLY F 520 -22.76 -109.00 13.33
CA GLY F 520 -24.12 -108.69 12.95
C GLY F 520 -24.67 -107.46 13.65
N PRO F 521 -25.99 -107.28 13.60
CA PRO F 521 -26.62 -106.13 14.25
C PRO F 521 -26.37 -106.13 15.75
N ALA F 522 -26.24 -104.93 16.30
CA ALA F 522 -25.93 -104.77 17.72
C ALA F 522 -27.10 -105.27 18.57
N MET F 523 -26.85 -106.31 19.35
CA MET F 523 -27.86 -106.91 20.21
C MET F 523 -27.22 -107.31 21.53
N ALA F 524 -28.03 -107.37 22.58
CA ALA F 524 -27.54 -107.75 23.89
C ALA F 524 -27.08 -109.20 23.89
N SER F 525 -25.93 -109.45 24.53
CA SER F 525 -25.39 -110.80 24.57
C SER F 525 -26.29 -111.74 25.36
N HIS F 526 -26.87 -111.25 26.45
CA HIS F 526 -27.69 -112.10 27.31
C HIS F 526 -28.60 -111.22 28.15
N LYS F 527 -29.60 -111.85 28.75
CA LYS F 527 -30.53 -111.17 29.64
C LYS F 527 -29.98 -111.21 31.07
N ASP F 528 -30.81 -110.83 32.04
CA ASP F 528 -30.38 -110.80 33.43
C ASP F 528 -29.98 -112.18 33.91
N ASP F 529 -28.87 -112.24 34.64
CA ASP F 529 -28.40 -113.45 35.32
C ASP F 529 -28.17 -114.60 34.34
N GLU F 530 -27.66 -114.28 33.16
CA GLU F 530 -27.32 -115.29 32.16
C GLU F 530 -25.99 -114.96 31.51
N GLU F 531 -25.01 -114.53 32.31
CA GLU F 531 -23.74 -114.08 31.79
C GLU F 531 -22.94 -115.20 31.12
N LYS F 532 -23.27 -116.46 31.39
CA LYS F 532 -22.57 -117.57 30.76
C LYS F 532 -22.98 -117.78 29.31
N PHE F 533 -24.07 -117.16 28.87
CA PHE F 533 -24.59 -117.33 27.52
C PHE F 533 -24.16 -116.18 26.63
N PHE F 534 -23.72 -116.50 25.42
CA PHE F 534 -23.36 -115.51 24.43
C PHE F 534 -23.84 -115.98 23.06
N PRO F 535 -24.13 -115.05 22.15
CA PRO F 535 -24.52 -115.45 20.80
C PRO F 535 -23.39 -116.16 20.07
N GLN F 536 -23.76 -117.09 19.19
CA GLN F 536 -22.78 -117.95 18.55
C GLN F 536 -21.79 -117.14 17.71
N SER F 537 -22.29 -116.16 16.96
CA SER F 537 -21.44 -115.27 16.18
C SER F 537 -21.90 -113.83 16.31
N GLY F 538 -22.37 -113.46 17.51
CA GLY F 538 -22.90 -112.13 17.75
C GLY F 538 -22.05 -111.22 18.61
N VAL F 539 -20.86 -111.64 19.01
CA VAL F 539 -19.97 -110.82 19.81
C VAL F 539 -18.56 -110.90 19.24
N LEU F 540 -17.78 -109.85 19.49
CA LEU F 540 -16.37 -109.87 19.14
C LEU F 540 -15.62 -110.81 20.08
N ILE F 541 -14.72 -111.61 19.53
CA ILE F 541 -13.91 -112.54 20.31
C ILE F 541 -12.46 -112.20 20.04
N PHE F 542 -11.75 -111.76 21.07
CA PHE F 542 -10.34 -111.42 20.98
C PHE F 542 -9.49 -112.56 21.53
N GLY F 543 -8.33 -112.76 20.92
CA GLY F 543 -7.41 -113.79 21.36
C GLY F 543 -6.50 -113.29 22.47
N LYS F 544 -6.26 -114.16 23.45
CA LYS F 544 -5.27 -113.86 24.48
C LYS F 544 -3.87 -113.93 23.87
N GLN F 545 -2.89 -113.43 24.63
CA GLN F 545 -1.51 -113.45 24.16
C GLN F 545 -1.04 -114.88 23.96
N GLY F 546 -0.41 -115.13 22.80
CA GLY F 546 0.09 -116.44 22.47
C GLY F 546 -0.93 -117.40 21.90
N SER F 547 -2.14 -116.92 21.62
CA SER F 547 -3.23 -117.81 21.13
C SER F 547 -2.97 -118.19 19.68
N GLU F 548 -3.22 -119.46 19.32
CA GLU F 548 -3.00 -119.95 17.97
C GLU F 548 -4.11 -119.44 17.05
N LYS F 549 -4.14 -119.98 15.83
CA LYS F 549 -5.08 -119.51 14.82
C LYS F 549 -6.30 -120.42 14.70
N THR F 550 -6.12 -121.73 14.79
CA THR F 550 -7.19 -122.68 14.49
C THR F 550 -7.58 -123.47 15.73
N ASN F 551 -8.87 -123.46 16.03
CA ASN F 551 -9.48 -124.34 17.03
C ASN F 551 -8.83 -124.21 18.40
N VAL F 552 -8.69 -122.99 18.87
CA VAL F 552 -8.23 -122.75 20.22
C VAL F 552 -9.38 -122.91 21.19
N ASP F 553 -9.07 -123.26 22.44
CA ASP F 553 -10.09 -123.49 23.43
C ASP F 553 -10.71 -122.17 23.88
N ILE F 554 -11.80 -122.28 24.65
CA ILE F 554 -12.49 -121.08 25.12
C ILE F 554 -11.62 -120.32 26.12
N GLU F 555 -10.80 -121.01 26.90
CA GLU F 555 -9.91 -120.34 27.84
C GLU F 555 -8.79 -119.58 27.15
N LYS F 556 -8.58 -119.79 25.85
CA LYS F 556 -7.58 -119.07 25.09
C LYS F 556 -8.10 -117.79 24.48
N VAL F 557 -9.40 -117.53 24.57
CA VAL F 557 -10.01 -116.35 23.96
C VAL F 557 -10.79 -115.59 25.02
N MET F 558 -11.01 -114.31 24.75
CA MET F 558 -11.77 -113.41 25.62
C MET F 558 -13.01 -112.95 24.85
N ILE F 559 -14.17 -113.35 25.33
CA ILE F 559 -15.44 -113.06 24.67
C ILE F 559 -16.02 -111.79 25.25
N THR F 560 -16.35 -110.84 24.38
CA THR F 560 -16.88 -109.56 24.82
C THR F 560 -18.35 -109.69 25.22
N ASP F 561 -18.81 -108.68 25.96
CA ASP F 561 -20.22 -108.69 26.43
C ASP F 561 -20.87 -107.38 26.05
N GLU F 562 -22.06 -107.45 25.47
CA GLU F 562 -22.86 -106.30 25.07
C GLU F 562 -24.12 -106.19 25.92
N GLU F 563 -23.99 -106.41 27.23
CA GLU F 563 -25.14 -106.38 28.12
C GLU F 563 -25.59 -104.97 28.47
N GLU F 564 -24.74 -103.97 28.26
CA GLU F 564 -25.10 -102.60 28.61
C GLU F 564 -26.20 -102.04 27.70
N ILE F 565 -26.45 -102.68 26.55
CA ILE F 565 -27.43 -102.18 25.59
C ILE F 565 -28.72 -102.98 25.64
N ARG F 566 -28.88 -103.86 26.63
CA ARG F 566 -30.13 -104.62 26.75
C ARG F 566 -31.29 -103.74 27.21
N THR F 567 -31.03 -102.50 27.60
CA THR F 567 -32.11 -101.58 27.95
C THR F 567 -32.94 -101.20 26.73
N THR F 568 -32.31 -101.09 25.56
CA THR F 568 -33.02 -100.71 24.34
C THR F 568 -32.92 -101.74 23.22
N ASN F 569 -31.99 -102.67 23.28
CA ASN F 569 -31.78 -103.63 22.21
C ASN F 569 -32.22 -105.02 22.63
N PRO F 570 -32.86 -105.77 21.74
CA PRO F 570 -33.30 -107.12 22.09
C PRO F 570 -32.11 -108.03 22.32
N VAL F 571 -32.33 -109.05 23.17
CA VAL F 571 -31.31 -110.06 23.40
C VAL F 571 -31.07 -110.84 22.11
N ALA F 572 -29.80 -111.09 21.81
CA ALA F 572 -29.42 -111.67 20.52
C ALA F 572 -30.01 -113.05 20.32
N THR F 573 -30.08 -113.84 21.38
CA THR F 573 -30.48 -115.24 21.28
C THR F 573 -31.97 -115.46 21.45
N GLU F 574 -32.75 -114.39 21.63
CA GLU F 574 -34.17 -114.51 21.84
C GLU F 574 -34.93 -113.80 20.74
N GLN F 575 -36.23 -114.06 20.68
CA GLN F 575 -37.07 -113.44 19.67
C GLN F 575 -37.28 -111.96 19.98
N TYR F 576 -37.57 -111.19 18.93
CA TYR F 576 -37.92 -109.78 19.12
C TYR F 576 -39.25 -109.66 19.88
N GLY F 577 -40.22 -110.50 19.54
CA GLY F 577 -41.53 -110.41 20.15
C GLY F 577 -42.49 -111.39 19.52
N SER F 578 -43.78 -111.06 19.60
CA SER F 578 -44.83 -111.90 19.05
C SER F 578 -45.80 -111.05 18.25
N VAL F 579 -46.33 -111.63 17.17
CA VAL F 579 -47.34 -111.00 16.34
C VAL F 579 -48.48 -111.99 16.13
N SER F 580 -49.66 -111.44 15.82
CA SER F 580 -50.80 -112.28 15.51
C SER F 580 -50.66 -112.89 14.12
N THR F 581 -51.17 -114.11 13.97
CA THR F 581 -51.08 -114.82 12.71
C THR F 581 -52.42 -115.21 12.12
N ASN F 582 -53.53 -114.97 12.82
CA ASN F 582 -54.85 -115.34 12.32
C ASN F 582 -55.85 -114.30 12.82
N LEU F 583 -57.14 -114.60 12.63
CA LEU F 583 -58.23 -113.76 13.10
C LEU F 583 -59.12 -114.58 14.02
N GLN F 584 -59.08 -114.26 15.31
CA GLN F 584 -59.92 -114.94 16.27
C GLN F 584 -61.39 -114.61 16.02
N ARG F 585 -62.23 -115.61 16.30
CA ARG F 585 -63.68 -115.46 16.03
C ARG F 585 -64.44 -116.46 16.89
N GLY F 586 -65.60 -116.07 17.41
CA GLY F 586 -66.47 -116.96 18.14
C GLY F 586 -67.45 -117.69 17.25
N ASN F 587 -68.32 -118.47 17.89
CA ASN F 587 -69.29 -119.32 17.13
C ASN F 587 -70.43 -118.45 16.58
N THR F 594 -66.95 -122.08 12.65
CA THR F 594 -66.64 -122.60 14.01
C THR F 594 -65.82 -121.52 14.75
N SER F 595 -65.42 -121.77 16.00
CA SER F 595 -64.60 -120.75 16.62
C SER F 595 -63.13 -120.97 16.31
N ARG F 596 -62.37 -119.86 16.28
CA ARG F 596 -60.93 -119.90 16.06
C ARG F 596 -60.27 -119.09 17.16
N GLN F 597 -59.33 -119.71 17.87
CA GLN F 597 -58.62 -119.03 18.94
C GLN F 597 -57.44 -118.23 18.39
N ALA F 598 -57.13 -117.13 19.07
CA ALA F 598 -56.05 -116.27 18.64
C ALA F 598 -54.71 -116.99 18.69
N ALA F 599 -53.92 -116.82 17.64
CA ALA F 599 -52.62 -117.48 17.52
C ALA F 599 -51.53 -116.43 17.35
N THR F 600 -50.35 -116.74 17.87
CA THR F 600 -49.20 -115.85 17.81
C THR F 600 -47.98 -116.62 17.33
N ALA F 601 -47.02 -115.89 16.77
CA ALA F 601 -45.77 -116.47 16.31
C ALA F 601 -44.61 -115.62 16.79
N ASP F 602 -43.47 -116.28 17.02
CA ASP F 602 -42.26 -115.56 17.39
C ASP F 602 -41.69 -114.82 16.19
N VAL F 603 -41.13 -113.64 16.44
CA VAL F 603 -40.51 -112.82 15.39
C VAL F 603 -39.00 -112.97 15.59
N ASN F 604 -38.42 -113.94 14.89
CA ASN F 604 -36.98 -114.18 15.01
C ASN F 604 -36.15 -113.18 14.23
N THR F 605 -36.74 -112.49 13.26
CA THR F 605 -36.05 -111.42 12.52
C THR F 605 -37.00 -110.24 12.41
N GLN F 606 -36.52 -109.06 12.78
CA GLN F 606 -37.34 -107.86 12.77
C GLN F 606 -36.56 -106.74 12.09
N GLY F 607 -37.12 -106.19 11.02
CA GLY F 607 -36.56 -105.02 10.38
C GLY F 607 -36.87 -103.76 11.15
N VAL F 608 -36.33 -102.65 10.66
CA VAL F 608 -36.52 -101.38 11.33
C VAL F 608 -37.95 -100.90 11.14
N LEU F 609 -38.59 -100.52 12.24
CA LEU F 609 -39.93 -99.97 12.28
C LEU F 609 -39.89 -98.51 12.72
N PRO F 610 -40.86 -97.70 12.30
CA PRO F 610 -40.94 -96.33 12.82
C PRO F 610 -41.12 -96.33 14.33
N GLY F 611 -40.42 -95.41 15.00
CA GLY F 611 -40.42 -95.35 16.44
C GLY F 611 -39.41 -96.26 17.12
N MET F 612 -38.56 -96.93 16.36
CA MET F 612 -37.56 -97.87 16.94
C MET F 612 -36.32 -97.12 17.39
N VAL F 613 -35.78 -97.44 18.57
CA VAL F 613 -34.58 -96.86 19.15
C VAL F 613 -33.63 -97.99 19.52
N TRP F 614 -32.33 -97.76 19.34
CA TRP F 614 -31.34 -98.80 19.59
C TRP F 614 -30.00 -98.14 19.88
N GLN F 615 -29.09 -98.94 20.41
CA GLN F 615 -27.71 -98.54 20.67
C GLN F 615 -26.78 -99.32 19.76
N ASP F 616 -25.71 -98.69 19.31
CA ASP F 616 -24.74 -99.35 18.45
C ASP F 616 -23.83 -100.25 19.27
N ARG F 617 -23.03 -101.04 18.57
CA ARG F 617 -22.10 -101.93 19.24
C ARG F 617 -20.99 -101.13 19.92
N ASP F 618 -20.56 -101.62 21.08
CA ASP F 618 -19.50 -100.95 21.83
C ASP F 618 -18.16 -101.08 21.13
N VAL F 619 -17.28 -100.13 21.38
CA VAL F 619 -15.91 -100.19 20.91
C VAL F 619 -15.02 -100.62 22.07
N TYR F 620 -13.89 -101.23 21.74
CA TYR F 620 -12.99 -101.81 22.73
C TYR F 620 -11.57 -101.31 22.47
N LEU F 621 -10.73 -101.44 23.49
CA LEU F 621 -9.34 -101.03 23.35
C LEU F 621 -8.64 -101.82 22.25
N GLN F 622 -8.91 -103.12 22.17
CA GLN F 622 -8.38 -103.97 21.11
C GLN F 622 -9.22 -103.93 19.85
N GLY F 623 -10.35 -103.22 19.85
CA GLY F 623 -11.26 -103.24 18.74
C GLY F 623 -10.91 -102.23 17.66
N PRO F 624 -11.59 -102.33 16.52
CA PRO F 624 -11.35 -101.38 15.43
C PRO F 624 -11.94 -100.01 15.75
N ILE F 625 -11.38 -99.01 15.08
CA ILE F 625 -11.80 -97.62 15.27
C ILE F 625 -12.82 -97.19 14.23
N TRP F 626 -12.56 -97.48 12.96
CA TRP F 626 -13.39 -96.98 11.87
C TRP F 626 -13.54 -98.05 10.80
N ALA F 627 -14.38 -97.73 9.81
CA ALA F 627 -14.52 -98.54 8.61
C ALA F 627 -15.02 -97.64 7.50
N LYS F 628 -14.75 -98.04 6.26
CA LYS F 628 -15.22 -97.27 5.11
C LYS F 628 -16.64 -97.67 4.75
N ILE F 629 -17.53 -96.70 4.69
CA ILE F 629 -18.90 -96.97 4.25
C ILE F 629 -18.88 -97.32 2.77
N PRO F 630 -19.45 -98.46 2.35
CA PRO F 630 -19.40 -98.83 0.94
C PRO F 630 -20.09 -97.79 0.07
N HIS F 631 -19.53 -97.57 -1.12
CA HIS F 631 -20.07 -96.60 -2.06
C HIS F 631 -21.29 -97.23 -2.73
N THR F 632 -22.45 -97.02 -2.14
CA THR F 632 -23.69 -97.61 -2.61
C THR F 632 -24.77 -96.53 -2.68
N ASP F 633 -25.82 -96.81 -3.42
CA ASP F 633 -26.92 -95.82 -3.59
C ASP F 633 -27.62 -95.60 -2.25
N GLY F 634 -27.83 -96.68 -1.49
CA GLY F 634 -28.52 -96.57 -0.23
C GLY F 634 -27.84 -97.36 0.87
N HIS F 635 -27.99 -96.86 2.08
CA HIS F 635 -27.53 -97.53 3.29
C HIS F 635 -28.29 -96.94 4.46
N PHE F 636 -28.53 -97.77 5.48
CA PHE F 636 -29.26 -97.34 6.66
C PHE F 636 -28.34 -97.45 7.86
N HIS F 637 -28.18 -96.33 8.60
CA HIS F 637 -27.37 -96.25 9.79
C HIS F 637 -26.00 -96.86 9.55
N PRO F 638 -25.12 -96.19 8.80
CA PRO F 638 -23.83 -96.76 8.39
C PRO F 638 -22.77 -96.78 9.50
N SER F 639 -23.17 -97.24 10.68
CA SER F 639 -22.21 -97.57 11.73
C SER F 639 -21.69 -98.98 11.49
N PRO F 640 -20.37 -99.18 11.50
CA PRO F 640 -19.83 -100.52 11.25
C PRO F 640 -20.36 -101.52 12.26
N LEU F 641 -20.68 -102.73 11.77
CA LEU F 641 -21.26 -103.74 12.65
C LEU F 641 -20.24 -104.29 13.63
N MET F 642 -18.95 -104.27 13.27
CA MET F 642 -17.90 -104.69 14.18
C MET F 642 -17.60 -103.66 15.25
N GLY F 643 -18.17 -102.46 15.14
CA GLY F 643 -17.96 -101.41 16.11
C GLY F 643 -17.05 -100.31 15.58
N GLY F 644 -17.41 -99.07 15.89
CA GLY F 644 -16.59 -97.96 15.47
C GLY F 644 -17.34 -96.85 14.75
N PHE F 645 -16.63 -96.06 13.96
CA PHE F 645 -17.18 -94.91 13.26
C PHE F 645 -17.24 -95.18 11.77
N GLY F 646 -18.42 -95.01 11.19
CA GLY F 646 -18.58 -95.15 9.76
C GLY F 646 -18.16 -93.90 9.03
N LEU F 647 -17.21 -94.01 8.10
CA LEU F 647 -16.64 -92.87 7.41
C LEU F 647 -16.81 -93.05 5.91
N LYS F 648 -17.43 -92.07 5.25
CA LYS F 648 -17.50 -92.09 3.80
C LYS F 648 -16.12 -91.89 3.18
N HIS F 649 -15.29 -91.07 3.82
CA HIS F 649 -13.90 -90.86 3.42
C HIS F 649 -13.03 -91.16 4.62
N PRO F 650 -12.71 -92.43 4.86
CA PRO F 650 -11.90 -92.80 6.02
C PRO F 650 -10.46 -92.41 5.82
N PRO F 651 -9.61 -92.56 6.84
CA PRO F 651 -8.18 -92.31 6.66
C PRO F 651 -7.63 -93.14 5.51
N PRO F 652 -6.93 -92.51 4.57
CA PRO F 652 -6.52 -93.22 3.36
C PRO F 652 -5.51 -94.32 3.66
N GLN F 653 -5.53 -95.35 2.82
CA GLN F 653 -4.52 -96.39 2.90
C GLN F 653 -3.14 -95.84 2.55
N ILE F 654 -2.15 -96.21 3.36
CA ILE F 654 -0.77 -95.78 3.15
C ILE F 654 0.01 -96.98 2.67
N LEU F 655 0.43 -96.96 1.41
CA LEU F 655 1.11 -98.08 0.77
C LEU F 655 2.60 -97.80 0.71
N ILE F 656 3.40 -98.79 1.10
CA ILE F 656 4.85 -98.68 1.14
C ILE F 656 5.46 -99.95 0.58
N LYS F 657 6.51 -99.81 -0.22
CA LYS F 657 7.23 -100.97 -0.74
C LYS F 657 8.66 -100.57 -1.02
N ASN F 658 9.54 -101.57 -1.06
CA ASN F 658 10.93 -101.35 -1.40
C ASN F 658 11.10 -101.30 -2.91
N THR F 659 11.85 -100.32 -3.38
CA THR F 659 12.11 -100.21 -4.81
C THR F 659 13.00 -101.37 -5.24
N PRO F 660 12.62 -102.14 -6.25
CA PRO F 660 13.46 -103.27 -6.69
C PRO F 660 14.79 -102.78 -7.25
N VAL F 661 15.87 -103.37 -6.76
CA VAL F 661 17.22 -103.06 -7.22
C VAL F 661 17.71 -104.26 -8.02
N PRO F 662 17.85 -104.15 -9.34
CA PRO F 662 18.29 -105.30 -10.15
C PRO F 662 19.69 -105.74 -9.77
N ALA F 663 19.91 -107.05 -9.85
CA ALA F 663 21.22 -107.63 -9.62
C ALA F 663 22.07 -107.44 -10.88
N ASN F 664 23.20 -108.13 -10.95
CA ASN F 664 24.13 -107.94 -12.05
C ASN F 664 23.49 -108.35 -13.38
N PRO F 665 23.37 -107.43 -14.34
CA PRO F 665 22.78 -107.79 -15.64
C PRO F 665 23.79 -108.43 -16.57
N SER F 666 23.24 -109.02 -17.63
CA SER F 666 24.08 -109.65 -18.66
C SER F 666 24.67 -108.56 -19.56
N THR F 667 25.89 -108.74 -20.01
CA THR F 667 26.53 -107.78 -20.91
C THR F 667 25.89 -107.76 -22.29
N THR F 668 25.09 -108.77 -22.62
CA THR F 668 24.34 -108.80 -23.86
C THR F 668 22.88 -108.43 -23.59
N PHE F 669 22.29 -107.65 -24.47
CA PHE F 669 20.92 -107.19 -24.25
C PHE F 669 19.95 -108.36 -24.29
N SER F 670 19.01 -108.36 -23.34
CA SER F 670 17.94 -109.34 -23.28
C SER F 670 16.63 -108.62 -23.05
N ALA F 671 15.63 -108.92 -23.90
CA ALA F 671 14.32 -108.29 -23.77
C ALA F 671 13.48 -108.88 -22.65
N ALA F 672 13.90 -109.98 -22.07
CA ALA F 672 13.17 -110.57 -20.95
C ALA F 672 13.23 -109.64 -19.75
N LYS F 673 12.11 -109.53 -19.04
CA LYS F 673 12.06 -108.69 -17.86
C LYS F 673 12.99 -109.24 -16.78
N PHE F 674 13.49 -108.33 -15.95
CA PHE F 674 14.46 -108.72 -14.90
C PHE F 674 13.81 -109.65 -13.88
N ALA F 675 14.50 -110.76 -13.58
CA ALA F 675 14.04 -111.70 -12.58
C ALA F 675 15.00 -111.88 -11.42
N SER F 676 16.19 -111.29 -11.49
CA SER F 676 17.19 -111.38 -10.43
C SER F 676 17.33 -110.00 -9.79
N PHE F 677 17.22 -109.95 -8.47
CA PHE F 677 17.28 -108.69 -7.74
C PHE F 677 18.15 -108.88 -6.50
N ILE F 678 18.64 -107.77 -5.98
CA ILE F 678 19.38 -107.78 -4.72
C ILE F 678 18.39 -107.91 -3.58
N THR F 679 18.58 -108.92 -2.74
CA THR F 679 17.70 -109.13 -1.60
C THR F 679 17.85 -107.98 -0.61
N GLN F 680 16.73 -107.38 -0.21
CA GLN F 680 16.81 -106.24 0.70
C GLN F 680 15.47 -106.05 1.39
N TYR F 681 15.54 -105.39 2.55
CA TYR F 681 14.38 -105.01 3.32
C TYR F 681 14.61 -103.60 3.83
N SER F 682 13.60 -103.03 4.48
CA SER F 682 13.71 -101.70 5.04
C SER F 682 13.18 -101.69 6.47
N THR F 683 13.70 -100.76 7.27
CA THR F 683 13.23 -100.55 8.63
C THR F 683 13.17 -99.05 8.87
N GLY F 684 12.34 -98.65 9.82
CA GLY F 684 12.17 -97.24 10.10
C GLY F 684 11.20 -97.02 11.23
N GLN F 685 10.80 -95.77 11.40
CA GLN F 685 9.87 -95.38 12.44
C GLN F 685 8.62 -94.78 11.81
N VAL F 686 7.49 -95.03 12.45
CA VAL F 686 6.19 -94.53 12.02
C VAL F 686 5.53 -93.81 13.18
N SER F 687 4.95 -92.64 12.91
CA SER F 687 4.28 -91.83 13.91
C SER F 687 2.84 -91.57 13.49
N VAL F 688 1.90 -91.80 14.40
CA VAL F 688 0.49 -91.52 14.20
C VAL F 688 0.01 -90.65 15.35
N GLU F 689 -0.51 -89.47 15.02
CA GLU F 689 -1.07 -88.56 16.01
C GLU F 689 -2.51 -88.27 15.66
N ILE F 690 -3.42 -88.58 16.58
CA ILE F 690 -4.85 -88.39 16.36
C ILE F 690 -5.39 -87.46 17.44
N GLU F 691 -6.14 -86.45 17.04
CA GLU F 691 -6.87 -85.58 17.96
C GLU F 691 -8.30 -86.09 18.09
N TRP F 692 -8.73 -86.29 19.33
CA TRP F 692 -10.07 -86.78 19.63
C TRP F 692 -10.85 -85.70 20.37
N GLU F 693 -12.13 -85.58 20.05
CA GLU F 693 -13.03 -84.68 20.75
C GLU F 693 -13.82 -85.45 21.80
N LEU F 694 -13.96 -84.86 22.98
CA LEU F 694 -14.60 -85.50 24.11
C LEU F 694 -15.95 -84.86 24.39
N GLN F 695 -16.90 -85.68 24.79
CA GLN F 695 -18.23 -85.25 25.23
C GLN F 695 -18.27 -85.44 26.74
N LYS F 696 -18.10 -84.34 27.48
CA LYS F 696 -17.97 -84.44 28.93
C LYS F 696 -19.26 -84.90 29.57
N GLU F 697 -19.13 -85.75 30.57
CA GLU F 697 -20.29 -86.23 31.33
C GLU F 697 -20.89 -85.10 32.15
N ASN F 698 -22.22 -85.01 32.13
CA ASN F 698 -22.97 -83.98 32.83
C ASN F 698 -24.11 -84.60 33.62
N SER F 699 -23.79 -85.67 34.35
CA SER F 699 -24.81 -86.43 35.06
C SER F 699 -25.21 -85.73 36.36
N LYS F 700 -26.42 -86.02 36.84
CA LYS F 700 -26.90 -85.45 38.13
C LYS F 700 -27.32 -86.60 39.07
N ARG F 701 -26.84 -87.82 38.81
CA ARG F 701 -27.15 -88.91 39.73
C ARG F 701 -26.43 -88.70 41.06
N TRP F 702 -27.02 -89.25 42.12
CA TRP F 702 -26.53 -89.03 43.47
C TRP F 702 -25.50 -90.07 43.88
N ASN F 703 -25.84 -91.35 43.73
CA ASN F 703 -24.97 -92.42 44.17
C ASN F 703 -23.82 -92.63 43.17
N PRO F 704 -22.68 -93.19 43.61
CA PRO F 704 -21.53 -93.35 42.71
C PRO F 704 -21.81 -94.23 41.49
N GLU F 705 -20.99 -94.14 40.44
CA GLU F 705 -21.21 -94.88 39.18
C GLU F 705 -20.29 -96.08 39.07
N ILE F 706 -20.52 -96.96 38.09
CA ILE F 706 -19.51 -98.04 37.86
C ILE F 706 -18.31 -97.45 37.10
N GLN F 707 -17.09 -97.72 37.58
CA GLN F 707 -15.91 -97.27 36.87
C GLN F 707 -14.98 -98.46 36.65
N TYR F 708 -14.24 -98.42 35.54
CA TYR F 708 -13.22 -99.44 35.32
C TYR F 708 -12.06 -99.20 36.29
N THR F 709 -11.55 -100.27 36.87
CA THR F 709 -10.50 -100.17 37.88
C THR F 709 -9.62 -101.40 37.82
N SER F 710 -8.40 -101.24 38.33
CA SER F 710 -7.49 -102.39 38.44
C SER F 710 -7.85 -103.14 39.72
N ASN F 711 -7.49 -104.40 39.85
CA ASN F 711 -7.89 -105.12 41.08
C ASN F 711 -6.76 -104.94 42.10
N TYR F 712 -7.09 -104.58 43.33
CA TYR F 712 -6.05 -104.27 44.34
C TYR F 712 -5.33 -105.54 44.81
N ASN F 713 -6.00 -106.69 44.80
CA ASN F 713 -5.35 -107.86 45.35
C ASN F 713 -4.04 -108.18 44.64
N LYS F 714 -3.13 -108.78 45.41
CA LYS F 714 -1.79 -109.12 44.87
C LYS F 714 -1.91 -110.14 43.75
N SER F 715 -0.95 -110.10 42.85
CA SER F 715 -0.92 -111.05 41.74
C SER F 715 0.52 -111.24 41.31
N ILE F 716 0.75 -112.34 40.58
CA ILE F 716 2.09 -112.62 40.07
C ILE F 716 2.49 -111.56 39.05
N ASN F 717 1.56 -111.19 38.17
CA ASN F 717 1.81 -110.21 37.13
C ASN F 717 0.82 -109.05 37.25
N VAL F 718 1.28 -107.86 36.90
CA VAL F 718 0.41 -106.69 36.83
C VAL F 718 -0.30 -106.69 35.49
N ASP F 719 -1.56 -106.27 35.48
CA ASP F 719 -2.34 -106.25 34.25
C ASP F 719 -1.80 -105.20 33.28
N PHE F 720 -1.83 -105.52 31.99
CA PHE F 720 -1.39 -104.62 30.92
C PHE F 720 0.06 -104.20 31.10
N THR F 721 0.90 -105.14 31.51
CA THR F 721 2.34 -104.95 31.60
C THR F 721 3.03 -106.12 30.91
N VAL F 722 4.35 -106.17 31.04
CA VAL F 722 5.13 -107.27 30.49
C VAL F 722 5.41 -108.28 31.60
N ASP F 723 5.62 -109.52 31.20
CA ASP F 723 5.94 -110.58 32.15
C ASP F 723 7.46 -110.72 32.26
N THR F 724 7.92 -111.80 32.89
CA THR F 724 9.37 -112.01 33.07
C THR F 724 10.03 -112.25 31.71
N ASN F 725 9.24 -112.54 30.67
CA ASN F 725 9.79 -112.70 29.30
C ASN F 725 9.69 -111.37 28.55
N GLY F 726 9.17 -110.33 29.22
CA GLY F 726 9.01 -109.02 28.57
C GLY F 726 7.91 -109.05 27.52
N VAL F 727 7.01 -110.04 27.61
CA VAL F 727 5.91 -110.19 26.61
C VAL F 727 4.71 -109.36 27.09
N TYR F 728 4.28 -108.38 26.28
CA TYR F 728 3.14 -107.56 26.65
C TYR F 728 1.86 -108.32 26.36
N SER F 729 0.92 -108.26 27.30
CA SER F 729 -0.36 -108.93 27.15
C SER F 729 -1.48 -107.99 27.59
N GLU F 730 -2.66 -108.20 27.02
CA GLU F 730 -3.87 -107.48 27.40
C GLU F 730 -4.83 -108.47 28.04
N PRO F 731 -4.95 -108.48 29.38
CA PRO F 731 -5.66 -109.57 30.05
C PRO F 731 -7.14 -109.68 29.69
N ARG F 732 -7.82 -108.58 29.43
CA ARG F 732 -9.25 -108.63 29.17
C ARG F 732 -9.62 -107.51 28.21
N PRO F 733 -10.73 -107.65 27.49
CA PRO F 733 -11.23 -106.52 26.70
C PRO F 733 -11.87 -105.48 27.59
N ILE F 734 -11.60 -104.21 27.30
CA ILE F 734 -12.19 -103.10 28.02
C ILE F 734 -13.08 -102.34 27.06
N GLY F 735 -14.36 -102.22 27.39
CA GLY F 735 -15.28 -101.42 26.62
C GLY F 735 -15.20 -99.97 27.03
N THR F 736 -16.26 -99.22 26.72
CA THR F 736 -16.33 -97.81 27.08
C THR F 736 -17.55 -97.44 27.90
N ARG F 737 -18.49 -98.37 28.13
CA ARG F 737 -19.79 -98.03 28.68
C ARG F 737 -19.80 -98.32 30.17
N TYR F 738 -19.31 -97.35 30.94
CA TYR F 738 -19.28 -97.41 32.40
C TYR F 738 -20.11 -96.33 33.06
N LEU F 739 -20.04 -95.10 32.55
CA LEU F 739 -20.93 -94.05 33.04
C LEU F 739 -22.35 -94.32 32.57
N THR F 740 -23.31 -93.67 33.22
CA THR F 740 -24.71 -93.88 32.92
C THR F 740 -25.38 -92.56 32.55
N ARG F 741 -26.38 -92.68 31.67
CA ARG F 741 -27.19 -91.52 31.27
C ARG F 741 -28.65 -92.00 31.20
N ASN F 742 -29.63 -91.14 31.48
CA ASN F 742 -31.04 -91.49 31.37
C ASN F 742 -31.43 -91.61 29.90
N LEU F 743 -32.45 -92.42 29.64
CA LEU F 743 -32.98 -92.57 28.29
C LEU F 743 -33.63 -91.29 27.80
N ALA G 218 20.67 -32.67 -77.79
CA ALA G 218 20.15 -33.21 -76.51
C ALA G 218 20.99 -34.41 -76.10
N ASP G 219 21.35 -35.26 -77.06
CA ASP G 219 22.05 -36.52 -76.74
C ASP G 219 23.29 -36.63 -77.63
N GLY G 220 23.62 -35.55 -78.34
CA GLY G 220 24.88 -35.58 -79.14
C GLY G 220 25.03 -36.88 -79.90
N VAL G 221 26.26 -37.41 -79.97
CA VAL G 221 26.51 -38.63 -80.78
C VAL G 221 26.85 -39.73 -79.78
N GLY G 222 26.04 -40.76 -79.74
CA GLY G 222 26.26 -41.91 -78.88
C GLY G 222 25.29 -42.05 -77.73
N ASN G 223 24.38 -41.09 -77.54
CA ASN G 223 23.36 -41.17 -76.51
C ASN G 223 22.00 -41.30 -77.16
N SER G 224 21.26 -42.33 -76.78
CA SER G 224 19.95 -42.57 -77.36
C SER G 224 18.96 -41.51 -76.87
N SER G 225 18.11 -41.04 -77.78
CA SER G 225 17.12 -40.02 -77.48
C SER G 225 15.72 -40.59 -77.31
N GLY G 226 15.58 -41.91 -77.26
CA GLY G 226 14.28 -42.52 -77.06
C GLY G 226 14.41 -44.01 -76.91
N ASN G 227 13.30 -44.64 -76.59
CA ASN G 227 13.21 -46.08 -76.39
C ASN G 227 12.10 -46.66 -77.25
N TRP G 228 12.13 -47.97 -77.42
CA TRP G 228 11.12 -48.67 -78.20
C TRP G 228 9.91 -48.98 -77.32
N HIS G 229 8.79 -48.35 -77.62
CA HIS G 229 7.54 -48.57 -76.85
C HIS G 229 6.47 -49.05 -77.82
N CYS G 230 6.30 -50.37 -77.93
CA CYS G 230 5.23 -50.94 -78.79
C CYS G 230 4.43 -51.88 -77.90
N ASP G 231 3.20 -51.50 -77.53
CA ASP G 231 2.41 -52.34 -76.59
C ASP G 231 1.00 -51.78 -76.42
N SER G 232 0.13 -52.48 -75.69
CA SER G 232 -1.17 -51.90 -75.41
C SER G 232 -1.58 -52.22 -73.98
N THR G 233 -2.22 -51.26 -73.33
CA THR G 233 -2.68 -51.41 -71.95
C THR G 233 -4.18 -51.22 -71.91
N TRP G 234 -4.89 -52.21 -71.36
CA TRP G 234 -6.33 -52.13 -71.19
C TRP G 234 -6.63 -51.83 -69.73
N MET G 235 -7.28 -50.68 -69.49
CA MET G 235 -7.61 -50.27 -68.10
C MET G 235 -9.07 -49.81 -68.06
N GLY G 236 -9.97 -50.72 -67.70
CA GLY G 236 -11.38 -50.36 -67.59
C GLY G 236 -11.96 -49.98 -68.94
N ASP G 237 -12.48 -48.76 -69.02
CA ASP G 237 -13.08 -48.23 -70.23
C ASP G 237 -12.08 -47.53 -71.15
N ARG G 238 -10.80 -47.85 -71.04
CA ARG G 238 -9.78 -47.26 -71.88
C ARG G 238 -8.83 -48.34 -72.38
N VAL G 239 -8.31 -48.14 -73.59
CA VAL G 239 -7.21 -48.93 -74.10
C VAL G 239 -6.21 -47.98 -74.75
N THR G 240 -4.96 -48.04 -74.32
CA THR G 240 -3.90 -47.21 -74.86
C THR G 240 -2.99 -48.06 -75.71
N THR G 241 -2.94 -47.79 -77.01
CA THR G 241 -2.09 -48.53 -77.93
C THR G 241 -0.89 -47.67 -78.31
N THR G 242 0.30 -48.24 -78.20
CA THR G 242 1.54 -47.57 -78.56
C THR G 242 2.27 -48.39 -79.61
N SER G 243 2.81 -47.71 -80.62
CA SER G 243 3.49 -48.37 -81.71
C SER G 243 4.79 -47.64 -82.01
N THR G 244 5.84 -48.42 -82.33
CA THR G 244 7.11 -47.87 -82.74
C THR G 244 7.53 -48.53 -84.05
N ARG G 245 8.03 -47.73 -84.99
CA ARG G 245 8.47 -48.22 -86.28
C ARG G 245 9.78 -47.55 -86.66
N THR G 246 10.51 -48.18 -87.57
CA THR G 246 11.73 -47.62 -88.12
C THR G 246 11.42 -47.08 -89.52
N TRP G 247 11.72 -45.81 -89.75
CA TRP G 247 11.40 -45.15 -91.00
C TRP G 247 12.68 -44.75 -91.73
N ALA G 248 12.55 -44.62 -93.06
CA ALA G 248 13.61 -44.14 -93.91
C ALA G 248 13.07 -42.98 -94.75
N LEU G 249 13.77 -41.86 -94.73
CA LEU G 249 13.35 -40.66 -95.44
C LEU G 249 14.40 -40.27 -96.47
N PRO G 250 14.13 -40.41 -97.77
CA PRO G 250 15.09 -39.99 -98.79
C PRO G 250 14.98 -38.49 -99.03
N THR G 251 15.75 -38.03 -100.01
CA THR G 251 15.65 -36.66 -100.50
C THR G 251 14.66 -36.65 -101.67
N TYR G 252 13.62 -35.84 -101.56
CA TYR G 252 12.54 -35.81 -102.53
C TYR G 252 12.69 -34.61 -103.46
N ASN G 253 12.52 -34.84 -104.75
CA ASN G 253 12.56 -33.82 -105.79
C ASN G 253 13.90 -33.09 -105.86
N ASN G 254 14.94 -33.67 -105.26
CA ASN G 254 16.25 -33.04 -105.18
C ASN G 254 16.14 -31.65 -104.55
N HIS G 255 15.45 -31.59 -103.40
CA HIS G 255 15.26 -30.39 -102.59
C HIS G 255 14.49 -29.29 -103.32
N LEU G 256 13.62 -29.66 -104.25
CA LEU G 256 12.95 -28.67 -105.10
C LEU G 256 11.43 -28.79 -104.97
N TYR G 257 10.74 -27.68 -105.27
CA TYR G 257 9.27 -27.73 -105.39
C TYR G 257 9.02 -27.72 -106.89
N LYS G 258 8.23 -28.64 -107.40
CA LYS G 258 7.95 -28.80 -108.81
C LYS G 258 6.45 -28.70 -109.05
N GLN G 259 6.06 -27.83 -109.98
CA GLN G 259 4.67 -27.78 -110.39
C GLN G 259 4.31 -29.03 -111.17
N ILE G 260 3.20 -29.65 -110.79
CA ILE G 260 2.74 -30.87 -111.44
C ILE G 260 1.33 -30.65 -111.95
N SER G 261 0.98 -31.39 -113.00
CA SER G 261 -0.34 -31.28 -113.62
C SER G 261 -0.63 -32.56 -114.38
N SER G 262 -1.89 -32.72 -114.76
CA SER G 262 -2.28 -33.89 -115.54
C SER G 262 -1.62 -33.86 -116.91
N GLN G 263 -1.40 -35.07 -117.43
CA GLN G 263 -0.71 -35.18 -118.73
C GLN G 263 -1.62 -34.64 -119.82
N SER G 264 -1.01 -34.08 -120.86
CA SER G 264 -1.83 -33.66 -122.03
C SER G 264 -2.47 -34.90 -122.64
N GLY G 265 -3.70 -34.78 -123.11
CA GLY G 265 -4.46 -35.88 -123.67
C GLY G 265 -5.30 -36.63 -122.68
N ALA G 266 -5.19 -36.32 -121.40
CA ALA G 266 -6.03 -36.96 -120.40
C ALA G 266 -7.47 -36.50 -120.53
N SER G 267 -8.40 -37.31 -120.03
CA SER G 267 -9.81 -36.93 -120.05
C SER G 267 -10.04 -35.77 -119.09
N ASN G 268 -11.18 -35.11 -119.27
CA ASN G 268 -11.51 -33.97 -118.42
C ASN G 268 -11.69 -34.40 -116.97
N ASP G 269 -12.21 -35.61 -116.74
CA ASP G 269 -12.40 -36.08 -115.38
C ASP G 269 -11.07 -36.31 -114.66
N ASN G 270 -10.01 -36.57 -115.41
CA ASN G 270 -8.70 -36.87 -114.85
C ASN G 270 -7.76 -35.67 -114.84
N HIS G 271 -8.23 -34.49 -115.23
CA HIS G 271 -7.39 -33.31 -115.23
C HIS G 271 -7.16 -32.81 -113.81
N TYR G 272 -5.93 -32.35 -113.55
CA TYR G 272 -5.61 -31.83 -112.23
C TYR G 272 -4.41 -30.90 -112.34
N PHE G 273 -4.22 -30.08 -111.31
CA PHE G 273 -3.09 -29.19 -111.18
C PHE G 273 -2.69 -29.12 -109.71
N GLY G 274 -1.40 -29.10 -109.45
CA GLY G 274 -0.94 -29.08 -108.09
C GLY G 274 0.56 -28.88 -108.01
N TYR G 275 1.11 -29.11 -106.83
CA TYR G 275 2.53 -28.94 -106.59
C TYR G 275 3.07 -30.13 -105.82
N SER G 276 4.31 -30.51 -106.15
CA SER G 276 5.03 -31.56 -105.46
C SER G 276 6.10 -30.93 -104.58
N THR G 277 6.13 -31.30 -103.31
CA THR G 277 7.04 -30.70 -102.37
C THR G 277 8.19 -31.66 -102.04
N PRO G 278 9.35 -31.15 -101.64
CA PRO G 278 10.45 -32.02 -101.22
C PRO G 278 10.27 -32.62 -99.83
N TRP G 279 9.14 -32.37 -99.17
CA TRP G 279 8.89 -32.87 -97.83
C TRP G 279 8.21 -34.23 -97.88
N GLY G 280 8.35 -34.95 -96.77
CA GLY G 280 7.58 -36.15 -96.51
C GLY G 280 6.63 -35.93 -95.35
N TYR G 281 5.76 -36.91 -95.13
CA TYR G 281 4.80 -36.82 -94.04
C TYR G 281 4.63 -38.18 -93.39
N PHE G 282 4.35 -38.17 -92.09
CA PHE G 282 4.13 -39.38 -91.32
C PHE G 282 2.63 -39.66 -91.24
N ASP G 283 2.23 -40.82 -91.74
CA ASP G 283 0.82 -41.22 -91.80
C ASP G 283 0.62 -42.44 -90.89
N PHE G 284 -0.32 -42.32 -89.95
CA PHE G 284 -0.76 -43.46 -89.15
C PHE G 284 -2.27 -43.52 -89.10
N ASN G 285 -2.93 -43.15 -90.19
CA ASN G 285 -4.39 -43.12 -90.27
C ASN G 285 -4.96 -44.45 -90.74
N ARG G 286 -4.53 -45.53 -90.10
CA ARG G 286 -5.05 -46.87 -90.34
C ARG G 286 -5.03 -47.62 -89.02
N PHE G 287 -6.03 -48.45 -88.75
CA PHE G 287 -6.14 -49.10 -87.42
C PHE G 287 -5.01 -50.11 -87.19
N HIS G 288 -4.50 -50.74 -88.25
CA HIS G 288 -3.43 -51.76 -88.12
C HIS G 288 -2.13 -51.11 -87.62
N CYS G 289 -2.01 -49.79 -87.71
CA CYS G 289 -0.81 -49.05 -87.26
C CYS G 289 -0.77 -48.99 -85.73
N HIS G 290 -1.89 -49.25 -85.06
CA HIS G 290 -1.96 -49.17 -83.61
C HIS G 290 -2.47 -50.44 -82.95
N PHE G 291 -3.33 -51.20 -83.62
CA PHE G 291 -3.94 -52.40 -83.04
C PHE G 291 -3.32 -53.64 -83.68
N SER G 292 -2.87 -54.57 -82.84
CA SER G 292 -2.53 -55.90 -83.31
C SER G 292 -3.82 -56.67 -83.59
N PRO G 293 -3.75 -57.74 -84.39
CA PRO G 293 -4.97 -58.53 -84.63
C PRO G 293 -5.59 -59.07 -83.35
N ARG G 294 -4.79 -59.48 -82.37
CA ARG G 294 -5.33 -59.88 -81.08
C ARG G 294 -5.98 -58.70 -80.36
N ASP G 295 -5.37 -57.52 -80.47
CA ASP G 295 -5.98 -56.31 -79.90
C ASP G 295 -7.30 -56.00 -80.56
N TRP G 296 -7.36 -56.14 -81.90
CA TRP G 296 -8.62 -55.91 -82.62
C TRP G 296 -9.68 -56.91 -82.19
N GLN G 297 -9.31 -58.18 -82.03
CA GLN G 297 -10.28 -59.18 -81.60
C GLN G 297 -10.78 -58.90 -80.19
N ARG G 298 -9.87 -58.47 -79.30
CA ARG G 298 -10.28 -58.08 -77.95
C ARG G 298 -11.20 -56.86 -77.98
N LEU G 299 -10.97 -55.93 -78.90
CA LEU G 299 -11.80 -54.73 -78.98
C LEU G 299 -13.20 -55.05 -79.52
N ILE G 300 -13.28 -55.83 -80.61
CA ILE G 300 -14.54 -55.98 -81.30
C ILE G 300 -15.44 -57.05 -80.69
N ASN G 301 -14.90 -57.97 -79.91
CA ASN G 301 -15.69 -59.03 -79.31
C ASN G 301 -16.28 -58.66 -77.96
N ASN G 302 -15.93 -57.50 -77.42
CA ASN G 302 -16.31 -57.15 -76.07
C ASN G 302 -16.88 -55.75 -75.90
N ASN G 303 -16.81 -54.90 -76.91
CA ASN G 303 -17.20 -53.51 -76.79
C ASN G 303 -18.28 -53.17 -77.81
N TRP G 304 -19.24 -52.35 -77.38
CA TRP G 304 -20.28 -51.82 -78.26
C TRP G 304 -19.87 -50.56 -78.98
N GLY G 305 -18.70 -49.99 -78.66
CA GLY G 305 -18.25 -48.79 -79.33
C GLY G 305 -16.88 -48.38 -78.84
N PHE G 306 -16.24 -47.51 -79.62
CA PHE G 306 -14.94 -46.97 -79.25
C PHE G 306 -14.72 -45.67 -80.02
N ARG G 307 -13.82 -44.84 -79.49
CA ARG G 307 -13.48 -43.57 -80.11
C ARG G 307 -12.12 -43.13 -79.60
N PRO G 308 -11.33 -42.44 -80.41
CA PRO G 308 -10.04 -41.92 -79.93
C PRO G 308 -10.21 -40.72 -79.01
N LYS G 309 -9.29 -40.60 -78.07
CA LYS G 309 -9.32 -39.56 -77.05
C LYS G 309 -8.15 -38.60 -77.15
N ARG G 310 -6.93 -39.11 -77.18
CA ARG G 310 -5.74 -38.27 -77.30
C ARG G 310 -4.61 -39.12 -77.89
N LEU G 311 -3.61 -38.44 -78.44
CA LEU G 311 -2.47 -39.13 -79.01
C LEU G 311 -1.18 -38.41 -78.62
N ASN G 312 -0.08 -39.19 -78.64
CA ASN G 312 1.28 -38.65 -78.38
C ASN G 312 2.17 -39.15 -79.51
N PHE G 313 3.03 -38.31 -80.05
CA PHE G 313 3.88 -38.60 -81.19
C PHE G 313 5.32 -38.28 -80.84
N LYS G 314 6.22 -39.14 -81.30
CA LYS G 314 7.66 -38.90 -81.04
C LYS G 314 8.57 -39.36 -82.17
N LEU G 315 9.54 -38.53 -82.53
CA LEU G 315 10.62 -38.90 -83.45
C LEU G 315 11.93 -38.86 -82.68
N PHE G 316 12.73 -39.91 -82.82
CA PHE G 316 13.94 -40.03 -82.03
C PHE G 316 14.94 -40.93 -82.74
N ASN G 317 16.15 -40.98 -82.19
CA ASN G 317 17.24 -41.78 -82.74
C ASN G 317 17.45 -41.48 -84.22
N ILE G 318 17.51 -40.19 -84.53
CA ILE G 318 17.60 -39.74 -85.91
C ILE G 318 19.04 -39.84 -86.39
N GLN G 319 19.25 -40.53 -87.50
CA GLN G 319 20.55 -40.70 -88.11
C GLN G 319 20.50 -40.17 -89.54
N VAL G 320 21.41 -39.28 -89.88
CA VAL G 320 21.54 -38.78 -91.26
C VAL G 320 22.72 -39.49 -91.90
N LYS G 321 22.47 -40.16 -93.01
CA LYS G 321 23.48 -40.93 -93.72
C LYS G 321 23.80 -40.24 -95.04
N GLU G 322 25.09 -40.04 -95.30
CA GLU G 322 25.55 -39.47 -96.56
C GLU G 322 25.93 -40.59 -97.51
N VAL G 323 25.39 -40.53 -98.72
CA VAL G 323 25.61 -41.55 -99.75
C VAL G 323 26.50 -40.95 -100.84
N THR G 324 27.57 -41.68 -101.17
CA THR G 324 28.46 -41.29 -102.25
C THR G 324 28.62 -42.45 -103.21
N GLN G 325 28.92 -42.12 -104.48
CA GLN G 325 29.07 -43.14 -105.52
C GLN G 325 30.28 -42.78 -106.35
N ASN G 326 31.36 -43.54 -106.18
CA ASN G 326 32.62 -43.29 -106.87
C ASN G 326 33.04 -44.55 -107.60
N ASP G 327 33.18 -44.45 -108.94
CA ASP G 327 33.61 -45.57 -109.78
C ASP G 327 32.72 -46.80 -109.60
N GLY G 328 31.41 -46.56 -109.49
CA GLY G 328 30.45 -47.64 -109.39
C GLY G 328 30.30 -48.25 -108.02
N THR G 329 30.87 -47.65 -106.98
CA THR G 329 30.80 -48.16 -105.63
C THR G 329 29.92 -47.25 -104.78
N THR G 330 28.95 -47.83 -104.09
CA THR G 330 28.06 -47.10 -103.21
C THR G 330 28.59 -47.18 -101.78
N THR G 331 28.98 -46.04 -101.23
CA THR G 331 29.53 -45.95 -99.88
C THR G 331 28.62 -45.08 -99.03
N ILE G 332 28.22 -45.60 -97.87
CA ILE G 332 27.33 -44.90 -96.95
C ILE G 332 28.09 -44.62 -95.65
N ALA G 333 28.10 -43.37 -95.22
CA ALA G 333 28.78 -42.96 -94.01
C ALA G 333 27.87 -42.04 -93.21
N ASN G 334 28.13 -41.97 -91.91
CA ASN G 334 27.34 -41.11 -91.04
C ASN G 334 27.63 -39.64 -91.31
N ASN G 335 26.61 -38.81 -91.12
CA ASN G 335 26.72 -37.36 -91.15
C ASN G 335 26.17 -36.83 -89.84
N LEU G 336 27.06 -36.62 -88.86
CA LEU G 336 26.62 -36.26 -87.52
C LEU G 336 26.23 -34.81 -87.38
N THR G 337 26.49 -33.97 -88.38
CA THR G 337 26.17 -32.55 -88.30
C THR G 337 24.96 -32.15 -89.12
N SER G 338 24.41 -33.05 -89.94
CA SER G 338 23.24 -32.74 -90.72
C SER G 338 21.97 -32.80 -89.86
N THR G 339 20.95 -32.09 -90.30
CA THR G 339 19.70 -31.98 -89.58
C THR G 339 18.53 -32.48 -90.43
N VAL G 340 17.40 -32.70 -89.77
CA VAL G 340 16.13 -32.94 -90.41
C VAL G 340 15.12 -31.96 -89.85
N GLN G 341 14.31 -31.36 -90.72
CA GLN G 341 13.32 -30.38 -90.33
C GLN G 341 11.98 -31.05 -90.12
N VAL G 342 11.39 -30.87 -88.94
CA VAL G 342 10.11 -31.46 -88.58
C VAL G 342 9.20 -30.36 -88.05
N PHE G 343 7.97 -30.32 -88.55
CA PHE G 343 6.96 -29.44 -87.98
C PHE G 343 5.58 -30.06 -88.18
N THR G 344 4.67 -29.72 -87.28
CA THR G 344 3.28 -30.17 -87.35
C THR G 344 2.40 -29.02 -87.79
N ASP G 345 1.51 -29.29 -88.74
CA ASP G 345 0.58 -28.28 -89.25
C ASP G 345 -0.62 -28.19 -88.30
N SER G 346 -0.40 -27.63 -87.11
CA SER G 346 -1.45 -27.60 -86.08
C SER G 346 -2.49 -26.51 -86.36
N GLU G 347 -2.18 -25.56 -87.24
CA GLU G 347 -3.17 -24.56 -87.62
C GLU G 347 -3.91 -24.92 -88.89
N TYR G 348 -3.61 -26.08 -89.48
CA TYR G 348 -4.30 -26.57 -90.68
C TYR G 348 -4.26 -25.55 -91.81
N GLN G 349 -3.09 -24.97 -92.04
CA GLN G 349 -2.89 -24.01 -93.11
C GLN G 349 -2.43 -24.67 -94.41
N LEU G 350 -2.15 -25.96 -94.40
CA LEU G 350 -1.74 -26.71 -95.57
C LEU G 350 -2.85 -27.64 -96.03
N PRO G 351 -2.90 -27.97 -97.32
CA PRO G 351 -3.90 -28.93 -97.79
C PRO G 351 -3.76 -30.26 -97.09
N TYR G 352 -4.87 -30.74 -96.51
CA TYR G 352 -4.87 -31.95 -95.71
C TYR G 352 -4.99 -33.16 -96.64
N VAL G 353 -3.86 -33.83 -96.86
CA VAL G 353 -3.83 -34.99 -97.75
C VAL G 353 -4.02 -36.31 -96.99
N LEU G 354 -3.97 -36.29 -95.66
CA LEU G 354 -4.36 -37.46 -94.89
C LEU G 354 -5.87 -37.68 -95.01
N GLY G 355 -6.28 -38.92 -94.86
CA GLY G 355 -7.68 -39.26 -95.02
C GLY G 355 -8.13 -39.52 -96.43
N SER G 356 -7.20 -39.64 -97.38
CA SER G 356 -7.52 -40.02 -98.75
C SER G 356 -7.14 -41.46 -99.06
N ALA G 357 -6.92 -42.27 -98.03
CA ALA G 357 -6.60 -43.69 -98.17
C ALA G 357 -5.33 -43.89 -99.00
N HIS G 358 -4.28 -43.16 -98.64
CA HIS G 358 -3.01 -43.22 -99.36
C HIS G 358 -2.06 -44.22 -98.71
N GLN G 359 -1.20 -44.80 -99.54
CA GLN G 359 -0.18 -45.71 -99.06
C GLN G 359 0.95 -44.93 -98.38
N GLY G 360 1.77 -45.65 -97.64
CA GLY G 360 2.86 -45.05 -96.91
C GLY G 360 2.66 -44.93 -95.42
N CYS G 361 1.68 -45.63 -94.85
CA CYS G 361 1.41 -45.57 -93.43
C CYS G 361 2.45 -46.37 -92.66
N LEU G 362 2.30 -46.38 -91.35
CA LEU G 362 3.10 -47.25 -90.50
C LEU G 362 2.73 -48.69 -90.78
N PRO G 363 3.69 -49.57 -91.06
CA PRO G 363 3.34 -50.93 -91.44
C PRO G 363 2.66 -51.66 -90.29
N PRO G 364 1.71 -52.54 -90.59
CA PRO G 364 1.02 -53.26 -89.50
C PRO G 364 1.94 -54.09 -88.63
N PHE G 365 2.97 -54.68 -89.20
CA PHE G 365 3.91 -55.49 -88.43
C PHE G 365 4.99 -54.59 -87.83
N PRO G 366 5.20 -54.64 -86.51
CA PRO G 366 6.16 -53.71 -85.89
C PRO G 366 7.59 -53.89 -86.35
N ALA G 367 7.94 -55.03 -86.95
CA ALA G 367 9.30 -55.29 -87.37
C ALA G 367 9.61 -54.77 -88.77
N ASP G 368 8.62 -54.24 -89.49
CA ASP G 368 8.82 -53.77 -90.85
C ASP G 368 9.34 -52.33 -90.86
N VAL G 369 10.22 -52.05 -91.81
CA VAL G 369 10.78 -50.71 -92.01
C VAL G 369 10.11 -50.11 -93.24
N PHE G 370 9.66 -48.85 -93.11
CA PHE G 370 8.87 -48.22 -94.15
C PHE G 370 9.50 -46.90 -94.60
N MET G 371 9.25 -46.57 -95.86
CA MET G 371 9.68 -45.30 -96.43
C MET G 371 8.63 -44.22 -96.16
N VAL G 372 9.09 -43.02 -95.88
CA VAL G 372 8.21 -41.88 -95.61
C VAL G 372 7.64 -41.38 -96.93
N PRO G 373 6.32 -41.32 -97.09
CA PRO G 373 5.76 -40.89 -98.37
C PRO G 373 5.99 -39.42 -98.64
N GLN G 374 6.09 -39.09 -99.92
CA GLN G 374 6.32 -37.70 -100.34
C GLN G 374 5.03 -36.90 -100.25
N TYR G 375 5.13 -35.69 -99.72
CA TYR G 375 3.97 -34.83 -99.56
C TYR G 375 3.71 -34.06 -100.85
N GLY G 376 2.44 -33.98 -101.23
CA GLY G 376 2.04 -33.22 -102.40
C GLY G 376 0.56 -32.90 -102.30
N TYR G 377 0.17 -31.82 -102.96
CA TYR G 377 -1.20 -31.35 -102.86
C TYR G 377 -1.68 -30.88 -104.23
N LEU G 378 -3.00 -30.83 -104.39
CA LEU G 378 -3.63 -30.33 -105.59
C LEU G 378 -4.39 -29.05 -105.28
N THR G 379 -4.45 -28.17 -106.27
CA THR G 379 -5.20 -26.92 -106.13
C THR G 379 -6.16 -26.80 -107.31
N LEU G 380 -6.80 -25.64 -107.44
CA LEU G 380 -7.80 -25.43 -108.52
C LEU G 380 -7.14 -25.57 -109.89
N ASN G 381 -7.85 -26.17 -110.83
CA ASN G 381 -7.32 -26.33 -112.21
C ASN G 381 -8.41 -26.09 -113.24
N ASN G 382 -8.07 -25.43 -114.34
CA ASN G 382 -9.02 -25.32 -115.48
C ASN G 382 -8.39 -26.23 -116.54
N GLY G 383 -8.66 -27.53 -116.47
CA GLY G 383 -7.96 -28.46 -117.37
C GLY G 383 -6.60 -28.78 -116.77
N SER G 384 -5.55 -28.83 -117.59
CA SER G 384 -4.21 -29.03 -117.07
C SER G 384 -3.57 -27.74 -116.56
N GLN G 385 -4.21 -26.60 -116.79
CA GLN G 385 -3.68 -25.31 -116.36
C GLN G 385 -4.24 -24.93 -114.99
N ALA G 386 -3.75 -23.81 -114.47
CA ALA G 386 -4.19 -23.26 -113.21
C ALA G 386 -5.04 -22.01 -113.44
N VAL G 387 -5.70 -21.56 -112.36
CA VAL G 387 -6.47 -20.34 -112.37
C VAL G 387 -5.87 -19.37 -111.35
N GLY G 388 -6.39 -18.16 -111.34
CA GLY G 388 -5.87 -17.15 -110.42
C GLY G 388 -6.12 -17.47 -108.97
N ARG G 389 -7.14 -18.28 -108.69
CA ARG G 389 -7.46 -18.67 -107.33
C ARG G 389 -6.62 -19.82 -106.81
N SER G 390 -5.82 -20.46 -107.68
CA SER G 390 -4.97 -21.56 -107.24
C SER G 390 -3.95 -21.07 -106.22
N SER G 391 -3.73 -21.88 -105.20
CA SER G 391 -2.85 -21.52 -104.09
C SER G 391 -1.56 -22.31 -104.15
N PHE G 392 -0.45 -21.64 -103.86
CA PHE G 392 0.86 -22.26 -103.75
C PHE G 392 1.34 -22.15 -102.31
N TYR G 393 1.89 -23.25 -101.79
CA TYR G 393 2.35 -23.30 -100.42
C TYR G 393 3.81 -23.73 -100.37
N CYS G 394 4.63 -22.91 -99.71
CA CYS G 394 6.01 -23.26 -99.42
C CYS G 394 6.09 -23.71 -97.97
N LEU G 395 6.50 -24.96 -97.76
CA LEU G 395 6.55 -25.54 -96.43
C LEU G 395 7.74 -25.04 -95.62
N GLU G 396 8.72 -24.40 -96.25
CA GLU G 396 9.79 -23.74 -95.52
C GLU G 396 9.37 -22.38 -94.97
N TYR G 397 8.13 -21.94 -95.26
CA TYR G 397 7.59 -20.66 -94.74
C TYR G 397 6.92 -20.92 -93.40
N PHE G 398 6.97 -22.15 -92.91
CA PHE G 398 6.50 -22.56 -91.60
C PHE G 398 7.66 -22.69 -90.64
N PRO G 399 7.47 -22.37 -89.36
CA PRO G 399 8.51 -22.64 -88.37
C PRO G 399 8.65 -24.14 -88.14
N SER G 400 9.87 -24.64 -88.31
CA SER G 400 10.13 -26.06 -88.15
C SER G 400 11.29 -26.26 -87.17
N GLN G 401 11.32 -27.44 -86.57
CA GLN G 401 12.35 -27.80 -85.60
C GLN G 401 13.44 -28.60 -86.30
N MET G 402 14.68 -28.17 -86.12
CA MET G 402 15.83 -28.81 -86.74
C MET G 402 16.46 -29.80 -85.77
N LEU G 403 16.64 -31.04 -86.21
CA LEU G 403 17.08 -32.12 -85.35
C LEU G 403 18.35 -32.75 -85.90
N ARG G 404 19.42 -32.69 -85.13
CA ARG G 404 20.64 -33.42 -85.43
C ARG G 404 20.53 -34.82 -84.83
N THR G 405 21.60 -35.62 -84.99
CA THR G 405 21.64 -36.93 -84.31
C THR G 405 21.76 -36.65 -82.81
N GLY G 406 20.80 -37.09 -82.03
CA GLY G 406 20.74 -36.80 -80.61
C GLY G 406 19.60 -35.91 -80.22
N ASN G 407 18.92 -35.28 -81.17
CA ASN G 407 17.73 -34.49 -80.89
C ASN G 407 16.48 -35.32 -81.16
N ASN G 408 15.40 -35.02 -80.43
CA ASN G 408 14.14 -35.70 -80.61
C ASN G 408 13.02 -34.68 -80.76
N PHE G 409 11.92 -35.12 -81.35
CA PHE G 409 10.74 -34.31 -81.57
C PHE G 409 9.55 -34.98 -80.90
N THR G 410 8.64 -34.18 -80.34
CA THR G 410 7.44 -34.73 -79.73
C THR G 410 6.34 -33.68 -79.76
N PHE G 411 5.10 -34.17 -79.76
CA PHE G 411 3.95 -33.30 -79.60
C PHE G 411 2.75 -34.15 -79.18
N SER G 412 1.81 -33.51 -78.51
CA SER G 412 0.61 -34.15 -78.00
C SER G 412 -0.62 -33.51 -78.63
N TYR G 413 -1.63 -34.34 -78.89
CA TYR G 413 -2.86 -33.89 -79.52
C TYR G 413 -4.04 -34.50 -78.79
N THR G 414 -5.12 -33.73 -78.67
CA THR G 414 -6.35 -34.21 -78.05
C THR G 414 -7.45 -34.24 -79.10
N PHE G 415 -8.07 -35.40 -79.26
CA PHE G 415 -9.19 -35.53 -80.18
C PHE G 415 -10.39 -34.75 -79.67
N GLU G 416 -11.15 -34.17 -80.59
CA GLU G 416 -12.41 -33.56 -80.23
C GLU G 416 -13.44 -34.63 -79.90
N ASP G 417 -14.53 -34.21 -79.27
CA ASP G 417 -15.59 -35.14 -78.92
C ASP G 417 -16.26 -35.66 -80.19
N VAL G 418 -16.28 -36.98 -80.35
CA VAL G 418 -16.89 -37.62 -81.52
C VAL G 418 -17.76 -38.77 -81.04
N PRO G 419 -18.76 -39.15 -81.82
CA PRO G 419 -19.60 -40.28 -81.45
C PRO G 419 -18.80 -41.58 -81.43
N PHE G 420 -19.19 -42.48 -80.54
CA PHE G 420 -18.62 -43.82 -80.54
C PHE G 420 -18.95 -44.52 -81.84
N HIS G 421 -17.96 -45.23 -82.40
CA HIS G 421 -18.24 -46.06 -83.56
C HIS G 421 -19.18 -47.19 -83.17
N SER G 422 -20.18 -47.42 -84.03
CA SER G 422 -21.17 -48.49 -83.79
C SER G 422 -20.56 -49.87 -84.08
N SER G 423 -19.79 -50.40 -83.12
CA SER G 423 -19.17 -51.72 -83.30
C SER G 423 -20.14 -52.82 -82.89
N TYR G 424 -21.34 -52.79 -83.47
CA TYR G 424 -22.37 -53.78 -83.19
C TYR G 424 -23.25 -53.91 -84.42
N ALA G 425 -23.95 -55.04 -84.49
CA ALA G 425 -24.97 -55.27 -85.52
C ALA G 425 -26.33 -55.35 -84.83
N HIS G 426 -27.33 -54.69 -85.42
CA HIS G 426 -28.65 -54.71 -84.84
C HIS G 426 -29.26 -56.10 -84.94
N SER G 427 -29.82 -56.58 -83.83
CA SER G 427 -30.52 -57.86 -83.81
C SER G 427 -31.99 -57.72 -84.17
N GLN G 428 -32.46 -56.51 -84.46
CA GLN G 428 -33.81 -56.26 -84.94
C GLN G 428 -33.74 -55.53 -86.27
N SER G 429 -34.74 -55.76 -87.10
CA SER G 429 -34.89 -55.04 -88.35
C SER G 429 -35.84 -53.86 -88.16
N LEU G 430 -35.62 -52.80 -88.93
CA LEU G 430 -36.43 -51.60 -88.80
C LEU G 430 -37.89 -51.84 -89.16
N ASP G 431 -38.17 -52.88 -89.95
CA ASP G 431 -39.56 -53.18 -90.39
C ASP G 431 -40.17 -54.27 -89.50
N ARG G 432 -39.46 -54.70 -88.45
CA ARG G 432 -39.92 -55.76 -87.56
C ARG G 432 -39.77 -55.32 -86.11
N LEU G 433 -40.19 -54.10 -85.80
CA LEU G 433 -40.06 -53.54 -84.46
C LEU G 433 -41.33 -53.64 -83.63
N MET G 434 -42.35 -54.34 -84.13
CA MET G 434 -43.65 -54.38 -83.49
C MET G 434 -43.79 -55.61 -82.60
N ASN G 435 -44.93 -55.71 -81.93
CA ASN G 435 -45.30 -56.89 -81.16
C ASN G 435 -46.12 -57.79 -82.05
N PRO G 436 -45.63 -58.99 -82.41
CA PRO G 436 -46.37 -59.83 -83.36
C PRO G 436 -47.65 -60.42 -82.79
N LEU G 437 -47.87 -60.33 -81.48
CA LEU G 437 -49.03 -60.94 -80.85
C LEU G 437 -50.25 -60.03 -80.81
N ILE G 438 -50.06 -58.72 -80.87
CA ILE G 438 -51.14 -57.75 -80.69
C ILE G 438 -51.35 -57.01 -82.00
N ASP G 439 -52.60 -56.88 -82.40
CA ASP G 439 -52.94 -56.10 -83.58
C ASP G 439 -52.80 -54.61 -83.29
N GLN G 440 -52.61 -53.84 -84.36
CA GLN G 440 -52.61 -52.38 -84.24
C GLN G 440 -54.04 -51.85 -84.21
N TYR G 441 -54.21 -50.73 -83.52
CA TYR G 441 -55.50 -50.05 -83.53
C TYR G 441 -55.69 -49.17 -84.75
N LEU G 442 -54.63 -48.90 -85.50
CA LEU G 442 -54.73 -48.09 -86.71
C LEU G 442 -55.17 -48.96 -87.88
N TYR G 443 -55.86 -48.33 -88.83
CA TYR G 443 -56.37 -49.00 -90.01
C TYR G 443 -55.57 -48.59 -91.24
N TYR G 444 -55.50 -49.50 -92.21
CA TYR G 444 -54.89 -49.23 -93.49
C TYR G 444 -55.83 -49.70 -94.60
N LEU G 445 -55.75 -49.04 -95.75
CA LEU G 445 -56.54 -49.43 -96.91
C LEU G 445 -56.07 -50.79 -97.40
N SER G 446 -56.89 -51.82 -97.19
CA SER G 446 -56.53 -53.18 -97.54
C SER G 446 -57.15 -53.65 -98.86
N ARG G 447 -58.33 -53.14 -99.17
CA ARG G 447 -58.97 -53.50 -100.45
C ARG G 447 -59.48 -52.25 -101.17
N THR G 448 -59.49 -52.31 -102.49
CA THR G 448 -59.98 -51.20 -103.30
C THR G 448 -61.19 -51.55 -104.14
N ASN G 449 -61.63 -52.80 -104.14
CA ASN G 449 -62.83 -53.18 -104.88
C ASN G 449 -63.42 -54.43 -104.23
N THR G 450 -64.66 -54.73 -104.59
CA THR G 450 -65.35 -55.92 -104.11
C THR G 450 -66.06 -56.59 -105.28
N PRO G 451 -66.28 -57.93 -105.23
CA PRO G 451 -67.04 -58.59 -106.29
C PRO G 451 -68.45 -58.00 -106.36
N SER G 452 -68.84 -57.52 -107.54
CA SER G 452 -70.22 -56.99 -107.72
C SER G 452 -70.84 -57.70 -108.92
N GLY G 453 -71.95 -58.41 -108.71
CA GLY G 453 -72.54 -59.20 -109.81
C GLY G 453 -71.53 -60.20 -110.34
N THR G 454 -71.26 -60.19 -111.65
CA THR G 454 -70.24 -61.08 -112.25
C THR G 454 -69.05 -60.23 -112.65
N THR G 455 -69.08 -58.93 -112.33
CA THR G 455 -67.93 -58.03 -112.60
C THR G 455 -67.32 -57.57 -111.28
N THR G 456 -66.68 -56.40 -111.26
CA THR G 456 -66.14 -55.85 -109.99
C THR G 456 -66.66 -54.43 -109.79
N GLN G 457 -66.73 -53.98 -108.54
CA GLN G 457 -67.18 -52.63 -108.24
C GLN G 457 -66.21 -51.98 -107.26
N SER G 458 -65.91 -50.71 -107.48
CA SER G 458 -64.97 -50.00 -106.62
C SER G 458 -65.56 -49.83 -105.22
N ARG G 459 -64.78 -50.20 -104.21
CA ARG G 459 -65.23 -50.12 -102.82
C ARG G 459 -64.01 -50.15 -101.92
N LEU G 460 -63.84 -49.11 -101.11
CA LEU G 460 -62.69 -49.03 -100.21
C LEU G 460 -62.98 -49.78 -98.92
N GLN G 461 -62.02 -50.59 -98.47
CA GLN G 461 -62.11 -51.30 -97.21
C GLN G 461 -60.81 -51.14 -96.45
N PHE G 462 -60.90 -51.22 -95.13
CA PHE G 462 -59.77 -50.99 -94.25
C PHE G 462 -59.66 -52.12 -93.23
N SER G 463 -58.42 -52.43 -92.85
CA SER G 463 -58.14 -53.51 -91.92
C SER G 463 -57.12 -53.04 -90.89
N GLN G 464 -57.12 -53.69 -89.74
CA GLN G 464 -56.09 -53.49 -88.74
C GLN G 464 -54.97 -54.49 -88.97
N ALA G 465 -53.74 -54.00 -88.96
CA ALA G 465 -52.60 -54.83 -89.31
C ALA G 465 -52.13 -55.64 -88.11
N GLY G 466 -51.83 -56.91 -88.34
CA GLY G 466 -51.30 -57.82 -87.34
C GLY G 466 -50.07 -58.54 -87.87
N ALA G 467 -49.92 -59.80 -87.46
CA ALA G 467 -48.77 -60.59 -87.89
C ALA G 467 -48.92 -61.11 -89.31
N SER G 468 -50.14 -61.48 -89.71
CA SER G 468 -50.34 -62.08 -91.03
C SER G 468 -50.11 -61.07 -92.15
N ASP G 469 -50.44 -59.80 -91.92
CA ASP G 469 -50.21 -58.74 -92.89
C ASP G 469 -49.21 -57.75 -92.32
N ILE G 470 -48.13 -58.27 -91.75
CA ILE G 470 -47.15 -57.48 -91.02
C ILE G 470 -46.51 -56.40 -91.88
N ARG G 471 -46.53 -56.57 -93.21
CA ARG G 471 -45.92 -55.57 -94.09
C ARG G 471 -46.72 -54.28 -94.16
N ASP G 472 -47.99 -54.29 -93.76
CA ASP G 472 -48.86 -53.13 -93.85
C ASP G 472 -48.95 -52.35 -92.54
N GLN G 473 -48.18 -52.72 -91.53
CA GLN G 473 -48.27 -52.07 -90.24
C GLN G 473 -47.78 -50.63 -90.31
N SER G 474 -48.47 -49.74 -89.60
CA SER G 474 -48.04 -48.36 -89.49
C SER G 474 -46.75 -48.27 -88.69
N ARG G 475 -45.80 -47.48 -89.18
CA ARG G 475 -44.48 -47.41 -88.58
C ARG G 475 -44.07 -45.96 -88.39
N ASN G 476 -43.11 -45.75 -87.50
CA ASN G 476 -42.67 -44.42 -87.13
C ASN G 476 -41.39 -43.98 -87.82
N TRP G 477 -40.66 -44.90 -88.46
CA TRP G 477 -39.32 -44.62 -88.97
C TRP G 477 -39.19 -45.14 -90.39
N LEU G 478 -38.13 -44.70 -91.07
CA LEU G 478 -37.84 -45.04 -92.45
C LEU G 478 -36.38 -45.47 -92.58
N PRO G 479 -36.07 -46.31 -93.55
CA PRO G 479 -34.66 -46.66 -93.80
C PRO G 479 -33.86 -45.48 -94.32
N GLY G 480 -32.56 -45.53 -94.07
CA GLY G 480 -31.67 -44.43 -94.40
C GLY G 480 -31.58 -44.12 -95.88
N PRO G 481 -30.85 -43.06 -96.22
CA PRO G 481 -30.79 -42.62 -97.62
C PRO G 481 -30.03 -43.60 -98.50
N CYS G 482 -30.31 -43.46 -99.81
CA CYS G 482 -29.79 -44.41 -100.80
C CYS G 482 -29.22 -43.69 -102.02
N TYR G 483 -28.21 -44.28 -102.65
CA TYR G 483 -27.67 -43.79 -103.92
C TYR G 483 -27.26 -45.04 -104.70
N ARG G 484 -28.16 -45.50 -105.57
CA ARG G 484 -28.10 -46.87 -106.07
C ARG G 484 -26.79 -47.17 -106.80
N GLN G 485 -26.25 -48.35 -106.55
CA GLN G 485 -25.04 -48.86 -107.17
C GLN G 485 -25.38 -50.03 -108.08
N GLN G 486 -24.56 -50.24 -109.11
CA GLN G 486 -24.72 -51.40 -109.95
C GLN G 486 -24.27 -52.66 -109.21
N ARG G 487 -24.96 -53.77 -109.48
CA ARG G 487 -24.66 -55.04 -108.82
C ARG G 487 -23.73 -55.87 -109.69
N VAL G 488 -22.65 -56.32 -109.04
CA VAL G 488 -21.64 -57.19 -109.69
C VAL G 488 -21.56 -58.47 -108.85
N SER G 489 -21.20 -59.59 -109.47
CA SER G 489 -21.11 -60.88 -108.79
C SER G 489 -19.67 -61.34 -108.72
N LYS G 490 -19.33 -62.00 -107.61
CA LYS G 490 -17.95 -62.54 -107.43
C LYS G 490 -17.77 -63.71 -108.39
N THR G 491 -18.85 -64.41 -108.76
CA THR G 491 -18.78 -65.46 -109.79
C THR G 491 -18.71 -64.75 -111.14
N SER G 492 -17.59 -64.87 -111.86
CA SER G 492 -17.39 -64.09 -113.11
C SER G 492 -18.48 -64.35 -114.15
N ALA G 493 -18.83 -65.62 -114.41
CA ALA G 493 -19.78 -65.92 -115.48
C ALA G 493 -21.10 -65.19 -115.28
N ASP G 494 -21.45 -64.84 -114.04
CA ASP G 494 -22.72 -64.20 -113.75
C ASP G 494 -22.77 -62.75 -114.22
N ASN G 495 -21.64 -62.16 -114.57
CA ASN G 495 -21.59 -60.75 -114.94
C ASN G 495 -21.78 -60.58 -116.45
N ASN G 496 -22.21 -59.39 -116.84
CA ASN G 496 -22.41 -59.08 -118.25
C ASN G 496 -21.07 -59.05 -118.98
N ASN G 497 -21.06 -59.59 -120.19
CA ASN G 497 -19.84 -59.66 -121.00
C ASN G 497 -19.66 -58.33 -121.76
N SER G 498 -19.29 -57.31 -121.00
CA SER G 498 -19.05 -55.98 -121.55
C SER G 498 -18.20 -55.20 -120.58
N GLU G 499 -17.71 -54.05 -121.06
CA GLU G 499 -16.91 -53.13 -120.20
C GLU G 499 -17.87 -52.09 -119.64
N TYR G 500 -18.25 -52.24 -118.38
CA TYR G 500 -19.21 -51.35 -117.73
C TYR G 500 -18.68 -50.78 -116.42
N SER G 501 -17.35 -50.75 -116.24
CA SER G 501 -16.80 -50.21 -115.00
C SER G 501 -17.00 -48.71 -114.88
N TRP G 502 -17.27 -48.03 -115.98
CA TRP G 502 -17.53 -46.59 -115.94
C TRP G 502 -18.90 -46.22 -116.50
N THR G 503 -19.36 -46.88 -117.56
CA THR G 503 -20.68 -46.58 -118.10
C THR G 503 -21.78 -46.90 -117.10
N GLY G 504 -21.67 -48.04 -116.43
CA GLY G 504 -22.60 -48.43 -115.40
C GLY G 504 -22.23 -47.98 -114.00
N ALA G 505 -21.19 -47.16 -113.87
CA ALA G 505 -20.72 -46.72 -112.57
C ALA G 505 -21.61 -45.64 -111.99
N THR G 506 -21.63 -45.56 -110.66
CA THR G 506 -22.35 -44.50 -109.96
C THR G 506 -21.44 -43.30 -109.77
N LYS G 507 -21.87 -42.14 -110.26
CA LYS G 507 -21.00 -40.97 -110.35
C LYS G 507 -21.71 -39.74 -109.81
N TYR G 508 -20.91 -38.76 -109.39
CA TYR G 508 -21.41 -37.43 -109.09
C TYR G 508 -20.70 -36.42 -109.99
N HIS G 509 -21.44 -35.39 -110.40
CA HIS G 509 -20.98 -34.41 -111.36
C HIS G 509 -20.61 -33.13 -110.62
N LEU G 510 -19.39 -32.66 -110.82
CA LEU G 510 -18.89 -31.47 -110.12
C LEU G 510 -18.02 -30.68 -111.08
N ASN G 511 -18.46 -29.46 -111.42
CA ASN G 511 -17.71 -28.55 -112.29
C ASN G 511 -17.39 -29.19 -113.64
N GLY G 512 -18.35 -29.94 -114.17
CA GLY G 512 -18.19 -30.55 -115.47
C GLY G 512 -17.37 -31.83 -115.49
N ARG G 513 -16.92 -32.29 -114.32
CA ARG G 513 -16.16 -33.56 -114.28
C ARG G 513 -16.90 -34.63 -113.46
N ASP G 514 -16.95 -35.85 -113.97
CA ASP G 514 -17.56 -36.99 -113.30
C ASP G 514 -16.52 -37.65 -112.40
N SER G 515 -16.88 -37.84 -111.13
CA SER G 515 -16.05 -38.56 -110.18
C SER G 515 -16.79 -39.82 -109.74
N LEU G 516 -16.04 -40.90 -109.58
CA LEU G 516 -16.64 -42.14 -109.12
C LEU G 516 -17.11 -42.00 -107.68
N VAL G 517 -18.30 -42.49 -107.39
CA VAL G 517 -18.84 -42.52 -106.04
C VAL G 517 -18.34 -43.82 -105.40
N ASN G 518 -17.33 -43.70 -104.54
CA ASN G 518 -16.65 -44.86 -103.98
C ASN G 518 -16.12 -44.53 -102.59
N PRO G 519 -16.63 -45.17 -101.53
CA PRO G 519 -17.70 -46.18 -101.52
C PRO G 519 -19.09 -45.57 -101.44
N GLY G 520 -19.20 -44.26 -101.26
CA GLY G 520 -20.47 -43.58 -101.21
C GLY G 520 -21.20 -43.73 -99.90
N PRO G 521 -22.50 -43.42 -99.90
CA PRO G 521 -23.29 -43.54 -98.68
C PRO G 521 -23.34 -44.97 -98.19
N ALA G 522 -23.38 -45.12 -96.85
CA ALA G 522 -23.37 -46.43 -96.24
C ALA G 522 -24.64 -47.20 -96.57
N MET G 523 -24.49 -48.31 -97.28
CA MET G 523 -25.61 -49.14 -97.70
C MET G 523 -25.21 -50.60 -97.59
N ALA G 524 -26.22 -51.46 -97.41
CA ALA G 524 -25.97 -52.89 -97.31
C ALA G 524 -25.43 -53.44 -98.63
N SER G 525 -24.42 -54.30 -98.53
CA SER G 525 -23.82 -54.87 -99.73
C SER G 525 -24.80 -55.76 -100.48
N HIS G 526 -25.61 -56.53 -99.75
CA HIS G 526 -26.53 -57.48 -100.37
C HIS G 526 -27.63 -57.81 -99.37
N LYS G 527 -28.70 -58.42 -99.89
CA LYS G 527 -29.81 -58.87 -99.07
C LYS G 527 -29.55 -60.30 -98.61
N ASP G 528 -30.57 -60.95 -98.04
CA ASP G 528 -30.41 -62.30 -97.53
C ASP G 528 -30.03 -63.26 -98.64
N ASP G 529 -29.08 -64.15 -98.35
CA ASP G 529 -28.69 -65.25 -99.22
C ASP G 529 -28.22 -64.75 -100.59
N GLU G 530 -27.51 -63.63 -100.60
CA GLU G 530 -26.93 -63.09 -101.83
C GLU G 530 -25.52 -62.59 -101.56
N GLU G 531 -24.74 -63.36 -100.81
CA GLU G 531 -23.40 -62.93 -100.40
C GLU G 531 -22.45 -62.81 -101.58
N LYS G 532 -22.76 -63.43 -102.72
CA LYS G 532 -21.89 -63.30 -103.89
C LYS G 532 -22.01 -61.96 -104.58
N PHE G 533 -23.03 -61.16 -104.25
CA PHE G 533 -23.26 -59.88 -104.90
C PHE G 533 -22.73 -58.75 -104.03
N PHE G 534 -22.05 -57.80 -104.67
CA PHE G 534 -21.56 -56.60 -104.00
C PHE G 534 -21.75 -55.41 -104.92
N PRO G 535 -21.91 -54.22 -104.37
CA PRO G 535 -22.01 -53.02 -105.20
C PRO G 535 -20.72 -52.77 -105.97
N GLN G 536 -20.88 -52.19 -107.16
CA GLN G 536 -19.73 -52.03 -108.07
C GLN G 536 -18.66 -51.15 -107.45
N SER G 537 -19.05 -50.05 -106.82
CA SER G 537 -18.11 -49.17 -106.12
C SER G 537 -18.68 -48.75 -104.78
N GLY G 538 -19.37 -49.66 -104.11
CA GLY G 538 -20.01 -49.37 -102.85
C GLY G 538 -19.39 -50.01 -101.62
N VAL G 539 -18.27 -50.71 -101.76
CA VAL G 539 -17.60 -51.34 -100.62
C VAL G 539 -16.11 -51.06 -100.72
N LEU G 540 -15.44 -51.09 -99.57
CA LEU G 540 -13.98 -51.00 -99.56
C LEU G 540 -13.39 -52.31 -100.05
N ILE G 541 -12.36 -52.20 -100.89
CA ILE G 541 -11.66 -53.36 -101.43
C ILE G 541 -10.21 -53.23 -101.03
N PHE G 542 -9.73 -54.18 -100.22
CA PHE G 542 -8.35 -54.21 -99.77
C PHE G 542 -7.56 -55.23 -100.59
N GLY G 543 -6.29 -54.92 -100.83
CA GLY G 543 -5.44 -55.81 -101.57
C GLY G 543 -4.77 -56.84 -100.64
N LYS G 544 -4.67 -58.07 -101.13
CA LYS G 544 -3.92 -59.09 -100.43
C LYS G 544 -2.43 -58.77 -100.52
N GLN G 545 -1.64 -59.48 -99.71
CA GLN G 545 -0.20 -59.28 -99.71
C GLN G 545 0.39 -59.63 -101.07
N GLY G 546 1.22 -58.74 -101.60
CA GLY G 546 1.85 -58.94 -102.89
C GLY G 546 1.01 -58.56 -104.09
N SER G 547 -0.15 -57.95 -103.85
CA SER G 547 -1.08 -57.59 -104.96
C SER G 547 -0.52 -56.42 -105.75
N GLU G 548 -0.64 -56.46 -107.08
CA GLU G 548 -0.14 -55.39 -107.94
C GLU G 548 -1.08 -54.18 -107.88
N LYS G 549 -0.84 -53.23 -108.77
CA LYS G 549 -1.59 -51.98 -108.75
C LYS G 549 -2.72 -51.96 -109.77
N THR G 550 -2.50 -52.50 -110.97
CA THR G 550 -3.43 -52.35 -112.08
C THR G 550 -4.01 -53.70 -112.47
N ASN G 551 -5.35 -53.77 -112.51
CA ASN G 551 -6.09 -54.89 -113.11
C ASN G 551 -5.71 -56.23 -112.49
N VAL G 552 -5.74 -56.29 -111.16
CA VAL G 552 -5.54 -57.54 -110.46
C VAL G 552 -6.86 -58.31 -110.44
N ASP G 553 -6.76 -59.63 -110.35
CA ASP G 553 -7.95 -60.47 -110.38
C ASP G 553 -8.71 -60.36 -109.06
N ILE G 554 -9.92 -60.92 -109.04
CA ILE G 554 -10.74 -60.87 -107.84
C ILE G 554 -10.12 -61.69 -106.71
N GLU G 555 -9.43 -62.77 -107.03
CA GLU G 555 -8.77 -63.57 -106.01
C GLU G 555 -7.58 -62.86 -105.37
N LYS G 556 -7.13 -61.77 -105.97
CA LYS G 556 -6.03 -60.98 -105.40
C LYS G 556 -6.49 -59.90 -104.44
N VAL G 557 -7.80 -59.69 -104.32
CA VAL G 557 -8.35 -58.64 -103.46
C VAL G 557 -9.35 -59.25 -102.49
N MET G 558 -9.57 -58.54 -101.39
CA MET G 558 -10.53 -58.93 -100.36
C MET G 558 -11.63 -57.87 -100.31
N ILE G 559 -12.84 -58.26 -100.67
CA ILE G 559 -13.97 -57.34 -100.74
C ILE G 559 -14.71 -57.37 -99.42
N THR G 560 -14.92 -56.19 -98.83
CA THR G 560 -15.59 -56.10 -97.54
C THR G 560 -17.10 -56.28 -97.70
N ASP G 561 -17.75 -56.56 -96.58
CA ASP G 561 -19.22 -56.76 -96.60
C ASP G 561 -19.86 -55.86 -95.54
N GLU G 562 -20.91 -55.17 -95.92
CA GLU G 562 -21.67 -54.29 -95.05
C GLU G 562 -23.09 -54.84 -94.83
N GLU G 563 -23.19 -56.14 -94.61
CA GLU G 563 -24.49 -56.78 -94.43
C GLU G 563 -25.07 -56.56 -93.04
N GLU G 564 -24.25 -56.19 -92.06
CA GLU G 564 -24.75 -56.00 -90.71
C GLU G 564 -25.66 -54.78 -90.58
N ILE G 565 -25.66 -53.89 -91.57
CA ILE G 565 -26.45 -52.68 -91.51
C ILE G 565 -27.71 -52.77 -92.39
N ARG G 566 -28.01 -53.94 -92.93
CA ARG G 566 -29.21 -54.10 -93.75
C ARG G 566 -30.48 -54.06 -92.91
N THR G 567 -30.36 -54.05 -91.59
CA THR G 567 -31.52 -53.90 -90.73
C THR G 567 -32.13 -52.51 -90.84
N THR G 568 -31.30 -51.48 -91.03
CA THR G 568 -31.78 -50.11 -91.14
C THR G 568 -31.42 -49.42 -92.44
N ASN G 569 -30.46 -49.95 -93.19
CA ASN G 569 -30.00 -49.28 -94.42
C ASN G 569 -30.45 -50.06 -95.64
N PRO G 570 -30.87 -49.37 -96.69
CA PRO G 570 -31.29 -50.06 -97.91
C PRO G 570 -30.12 -50.78 -98.57
N VAL G 571 -30.45 -51.86 -99.29
CA VAL G 571 -29.44 -52.57 -100.06
C VAL G 571 -28.92 -51.66 -101.16
N ALA G 572 -27.60 -51.67 -101.36
CA ALA G 572 -26.96 -50.72 -102.25
C ALA G 572 -27.42 -50.89 -103.69
N THR G 573 -27.65 -52.13 -104.12
CA THR G 573 -27.94 -52.42 -105.51
C THR G 573 -29.43 -52.41 -105.83
N GLU G 574 -30.28 -52.10 -104.86
CA GLU G 574 -31.73 -52.11 -105.05
C GLU G 574 -32.28 -50.71 -104.82
N GLN G 575 -33.53 -50.53 -105.22
CA GLN G 575 -34.20 -49.25 -105.05
C GLN G 575 -34.55 -49.03 -103.58
N TYR G 576 -34.66 -47.75 -103.21
CA TYR G 576 -35.13 -47.41 -101.87
C TYR G 576 -36.56 -47.86 -101.66
N GLY G 577 -37.41 -47.66 -102.66
CA GLY G 577 -38.82 -47.99 -102.53
C GLY G 577 -39.59 -47.56 -103.76
N SER G 578 -40.88 -47.31 -103.57
CA SER G 578 -41.76 -46.90 -104.65
C SER G 578 -42.61 -45.72 -104.20
N VAL G 579 -42.88 -44.82 -105.15
CA VAL G 579 -43.75 -43.67 -104.93
C VAL G 579 -44.78 -43.62 -106.04
N SER G 580 -45.90 -42.96 -105.76
CA SER G 580 -46.92 -42.75 -106.77
C SER G 580 -46.49 -41.68 -107.77
N THR G 581 -46.89 -41.86 -109.01
CA THR G 581 -46.53 -40.93 -110.08
C THR G 581 -47.72 -40.28 -110.77
N ASN G 582 -48.94 -40.68 -110.45
CA ASN G 582 -50.12 -40.11 -111.10
C ASN G 582 -51.26 -40.08 -110.07
N LEU G 583 -52.46 -39.79 -110.56
CA LEU G 583 -53.66 -39.76 -109.74
C LEU G 583 -54.67 -40.74 -110.33
N GLN G 584 -54.89 -41.85 -109.62
CA GLN G 584 -55.87 -42.83 -110.06
C GLN G 584 -57.27 -42.25 -109.98
N ARG G 585 -58.11 -42.70 -110.93
CA ARG G 585 -59.48 -42.15 -111.05
C ARG G 585 -60.34 -43.16 -111.80
N GLY G 586 -61.59 -43.31 -111.39
CA GLY G 586 -62.53 -44.16 -112.11
C GLY G 586 -63.29 -43.39 -113.18
N ASN G 587 -64.23 -44.11 -113.82
CA ASN G 587 -64.98 -43.52 -114.95
C ASN G 587 -66.04 -42.54 -114.43
N THR G 594 -61.70 -40.64 -118.70
CA THR G 594 -61.63 -42.12 -118.72
C THR G 594 -61.02 -42.59 -117.40
N SER G 595 -60.86 -43.91 -117.20
CA SER G 595 -60.22 -44.28 -115.94
C SER G 595 -58.71 -44.30 -116.08
N ARG G 596 -58.02 -44.03 -114.97
CA ARG G 596 -56.56 -44.08 -114.90
C ARG G 596 -56.16 -44.96 -113.73
N GLN G 597 -55.35 -45.97 -114.00
CA GLN G 597 -54.89 -46.86 -112.94
C GLN G 597 -53.68 -46.29 -112.23
N ALA G 598 -53.55 -46.61 -110.94
CA ALA G 598 -52.46 -46.10 -110.14
C ALA G 598 -51.12 -46.61 -110.66
N ALA G 599 -50.15 -45.71 -110.74
CA ALA G 599 -48.82 -46.02 -111.25
C ALA G 599 -47.77 -45.69 -110.19
N THR G 600 -46.70 -46.48 -110.19
CA THR G 600 -45.61 -46.31 -109.25
C THR G 600 -44.28 -46.33 -109.99
N ALA G 601 -43.27 -45.73 -109.37
CA ALA G 601 -41.92 -45.69 -109.92
C ALA G 601 -40.92 -46.05 -108.83
N ASP G 602 -39.81 -46.66 -109.26
CA ASP G 602 -38.73 -46.97 -108.34
C ASP G 602 -37.99 -45.70 -107.95
N VAL G 603 -37.55 -45.64 -106.70
CA VAL G 603 -36.79 -44.51 -106.18
C VAL G 603 -35.34 -44.98 -106.08
N ASN G 604 -34.58 -44.75 -107.15
CA ASN G 604 -33.18 -45.17 -107.19
C ASN G 604 -32.27 -44.26 -106.38
N THR G 605 -32.69 -43.03 -106.11
CA THR G 605 -31.94 -42.12 -105.27
C THR G 605 -32.90 -41.45 -104.29
N GLN G 606 -32.57 -41.51 -103.00
CA GLN G 606 -33.43 -40.97 -101.95
C GLN G 606 -32.59 -40.10 -101.03
N GLY G 607 -32.97 -38.82 -100.91
CA GLY G 607 -32.36 -37.95 -99.94
C GLY G 607 -32.88 -38.20 -98.54
N VAL G 608 -32.31 -37.47 -97.59
CA VAL G 608 -32.69 -37.64 -96.19
C VAL G 608 -34.08 -37.08 -95.97
N LEU G 609 -34.94 -37.87 -95.33
CA LEU G 609 -36.29 -37.51 -94.96
C LEU G 609 -36.40 -37.44 -93.43
N PRO G 610 -37.32 -36.64 -92.90
CA PRO G 610 -37.57 -36.66 -91.46
C PRO G 610 -38.03 -38.04 -91.01
N GLY G 611 -37.53 -38.47 -89.86
CA GLY G 611 -37.80 -39.80 -89.35
C GLY G 611 -36.90 -40.88 -89.89
N MET G 612 -35.88 -40.54 -90.66
CA MET G 612 -34.97 -41.55 -91.26
C MET G 612 -33.87 -41.94 -90.27
N VAL G 613 -33.56 -43.22 -90.15
CA VAL G 613 -32.51 -43.76 -89.29
C VAL G 613 -31.60 -44.64 -90.13
N TRP G 614 -30.31 -44.60 -89.84
CA TRP G 614 -29.32 -45.34 -90.62
C TRP G 614 -28.10 -45.62 -89.76
N GLN G 615 -27.26 -46.53 -90.25
CA GLN G 615 -25.98 -46.85 -89.64
C GLN G 615 -24.86 -46.42 -90.56
N ASP G 616 -23.76 -45.96 -89.97
CA ASP G 616 -22.61 -45.54 -90.76
C ASP G 616 -21.83 -46.75 -91.26
N ARG G 617 -20.87 -46.49 -92.14
CA ARG G 617 -20.04 -47.56 -92.67
C ARG G 617 -19.13 -48.11 -91.57
N ASP G 618 -18.89 -49.43 -91.62
CA ASP G 618 -18.04 -50.07 -90.64
C ASP G 618 -16.58 -49.68 -90.84
N VAL G 619 -15.82 -49.75 -89.76
CA VAL G 619 -14.38 -49.56 -89.80
C VAL G 619 -13.71 -50.93 -89.76
N TYR G 620 -12.51 -51.00 -90.31
CA TYR G 620 -11.78 -52.25 -90.44
C TYR G 620 -10.38 -52.08 -89.90
N LEU G 621 -9.74 -53.21 -89.62
CA LEU G 621 -8.36 -53.17 -89.12
C LEU G 621 -7.43 -52.54 -90.13
N GLN G 622 -7.61 -52.84 -91.41
CA GLN G 622 -6.84 -52.21 -92.48
C GLN G 622 -7.43 -50.88 -92.93
N GLY G 623 -8.58 -50.48 -92.39
CA GLY G 623 -9.25 -49.29 -92.84
C GLY G 623 -8.75 -48.02 -92.20
N PRO G 624 -9.20 -46.88 -92.72
CA PRO G 624 -8.81 -45.60 -92.13
C PRO G 624 -9.51 -45.34 -90.81
N ILE G 625 -8.89 -44.50 -90.01
CA ILE G 625 -9.41 -44.15 -88.69
C ILE G 625 -10.23 -42.87 -88.72
N TRP G 626 -9.71 -41.82 -89.36
CA TRP G 626 -10.36 -40.51 -89.33
C TRP G 626 -10.24 -39.84 -90.68
N ALA G 627 -10.89 -38.67 -90.78
CA ALA G 627 -10.75 -37.80 -91.93
C ALA G 627 -11.09 -36.39 -91.48
N LYS G 628 -10.56 -35.41 -92.21
CA LYS G 628 -10.83 -34.02 -91.90
C LYS G 628 -12.14 -33.58 -92.54
N ILE G 629 -13.05 -33.06 -91.75
CA ILE G 629 -14.30 -32.51 -92.29
C ILE G 629 -13.97 -31.25 -93.08
N PRO G 630 -14.40 -31.15 -94.35
CA PRO G 630 -14.07 -29.96 -95.13
C PRO G 630 -14.63 -28.69 -94.49
N HIS G 631 -13.86 -27.60 -94.60
CA HIS G 631 -14.26 -26.31 -94.04
C HIS G 631 -15.28 -25.70 -94.98
N THR G 632 -16.55 -26.00 -94.72
CA THR G 632 -17.66 -25.54 -95.56
C THR G 632 -18.74 -24.95 -94.68
N ASP G 633 -19.62 -24.18 -95.29
CA ASP G 633 -20.72 -23.52 -94.53
C ASP G 633 -21.67 -24.58 -94.00
N GLY G 634 -21.96 -25.60 -94.79
CA GLY G 634 -22.89 -26.62 -94.37
C GLY G 634 -22.39 -28.02 -94.71
N HIS G 635 -22.80 -28.96 -93.87
CA HIS G 635 -22.54 -30.37 -94.08
C HIS G 635 -23.54 -31.16 -93.24
N PHE G 636 -23.93 -32.33 -93.73
CA PHE G 636 -24.89 -33.17 -93.03
C PHE G 636 -24.22 -34.48 -92.66
N HIS G 637 -24.26 -34.81 -91.36
CA HIS G 637 -23.70 -36.05 -90.83
C HIS G 637 -22.27 -36.24 -91.32
N PRO G 638 -21.30 -35.46 -90.82
CA PRO G 638 -19.93 -35.49 -91.35
C PRO G 638 -19.11 -36.69 -90.90
N SER G 639 -19.69 -37.88 -91.02
CA SER G 639 -18.94 -39.12 -90.89
C SER G 639 -18.31 -39.44 -92.24
N PRO G 640 -17.01 -39.73 -92.28
CA PRO G 640 -16.36 -40.03 -93.56
C PRO G 640 -17.02 -41.21 -94.26
N LEU G 641 -17.18 -41.10 -95.58
CA LEU G 641 -17.86 -42.15 -96.33
C LEU G 641 -17.02 -43.41 -96.43
N MET G 642 -15.69 -43.28 -96.39
CA MET G 642 -14.81 -44.44 -96.38
C MET G 642 -14.78 -45.15 -95.03
N GLY G 643 -15.36 -44.55 -94.01
CA GLY G 643 -15.41 -45.15 -92.68
C GLY G 643 -14.47 -44.45 -91.71
N GLY G 644 -14.95 -44.27 -90.49
CA GLY G 644 -14.13 -43.65 -89.46
C GLY G 644 -14.79 -42.50 -88.73
N PHE G 645 -13.97 -41.62 -88.16
CA PHE G 645 -14.44 -40.51 -87.34
C PHE G 645 -14.20 -39.21 -88.07
N GLY G 646 -15.25 -38.41 -88.24
CA GLY G 646 -15.13 -37.10 -88.82
C GLY G 646 -14.65 -36.07 -87.81
N LEU G 647 -13.53 -35.40 -88.12
CA LEU G 647 -12.90 -34.48 -87.18
C LEU G 647 -12.77 -33.12 -87.84
N LYS G 648 -13.30 -32.08 -87.19
CA LYS G 648 -13.09 -30.72 -87.68
C LYS G 648 -11.64 -30.31 -87.52
N HIS G 649 -10.98 -30.77 -86.47
CA HIS G 649 -9.55 -30.56 -86.23
C HIS G 649 -8.91 -31.92 -86.05
N PRO G 650 -8.58 -32.61 -87.14
CA PRO G 650 -7.99 -33.95 -87.03
C PRO G 650 -6.56 -33.86 -86.56
N PRO G 651 -5.91 -35.01 -86.30
CA PRO G 651 -4.49 -34.99 -85.96
C PRO G 651 -3.69 -34.28 -87.03
N PRO G 652 -2.86 -33.31 -86.66
CA PRO G 652 -2.18 -32.50 -87.66
C PRO G 652 -1.19 -33.30 -88.49
N GLN G 653 -0.99 -32.84 -89.73
CA GLN G 653 0.02 -33.43 -90.58
C GLN G 653 1.41 -33.15 -90.01
N ILE G 654 2.26 -34.18 -89.99
CA ILE G 654 3.62 -34.07 -89.50
C ILE G 654 4.54 -34.15 -90.70
N LEU G 655 5.19 -33.03 -91.02
CA LEU G 655 6.04 -32.92 -92.20
C LEU G 655 7.50 -33.02 -91.79
N ILE G 656 8.26 -33.83 -92.53
CA ILE G 656 9.67 -34.07 -92.24
C ILE G 656 10.44 -34.07 -93.55
N LYS G 657 11.61 -33.45 -93.55
CA LYS G 657 12.47 -33.46 -94.72
C LYS G 657 13.91 -33.30 -94.28
N ASN G 658 14.83 -33.73 -95.14
CA ASN G 658 16.26 -33.58 -94.88
C ASN G 658 16.70 -32.19 -95.29
N THR G 659 17.48 -31.54 -94.43
CA THR G 659 18.00 -30.23 -94.75
C THR G 659 19.02 -30.36 -95.87
N PRO G 660 18.88 -29.60 -96.95
CA PRO G 660 19.84 -29.70 -98.05
C PRO G 660 21.22 -29.23 -97.62
N VAL G 661 22.22 -30.06 -97.91
CA VAL G 661 23.62 -29.76 -97.61
C VAL G 661 24.32 -29.48 -98.94
N PRO G 662 24.70 -28.23 -99.23
CA PRO G 662 25.34 -27.93 -100.51
C PRO G 662 26.67 -28.67 -100.66
N ALA G 663 26.97 -29.04 -101.90
CA ALA G 663 28.24 -29.67 -102.23
C ALA G 663 29.31 -28.58 -102.35
N ASN G 664 30.46 -28.91 -102.90
CA ASN G 664 31.57 -27.98 -102.96
C ASN G 664 31.21 -26.78 -103.82
N PRO G 665 31.23 -25.56 -103.27
CA PRO G 665 30.92 -24.37 -104.08
C PRO G 665 32.13 -23.87 -104.86
N SER G 666 31.82 -23.01 -105.81
CA SER G 666 32.88 -22.37 -106.64
C SER G 666 33.56 -21.28 -105.81
N THR G 667 34.86 -21.12 -106.00
CA THR G 667 35.60 -20.08 -105.30
C THR G 667 35.24 -18.68 -105.78
N THR G 668 34.57 -18.57 -106.92
CA THR G 668 34.07 -17.29 -107.43
C THR G 668 32.58 -17.20 -107.14
N PHE G 669 32.12 -16.02 -106.75
CA PHE G 669 30.72 -15.85 -106.41
C PHE G 669 29.83 -16.05 -107.64
N SER G 670 28.73 -16.77 -107.44
CA SER G 670 27.72 -16.97 -108.46
C SER G 670 26.35 -16.72 -107.86
N ALA G 671 25.55 -15.89 -108.51
CA ALA G 671 24.22 -15.57 -108.01
C ALA G 671 23.21 -16.66 -108.32
N ALA G 672 23.57 -17.65 -109.14
CA ALA G 672 22.67 -18.75 -109.43
C ALA G 672 22.44 -19.58 -108.17
N LYS G 673 21.20 -20.02 -107.97
CA LYS G 673 20.88 -20.84 -106.81
C LYS G 673 21.62 -22.18 -106.89
N PHE G 674 21.90 -22.73 -105.71
CA PHE G 674 22.67 -24.00 -105.65
C PHE G 674 21.90 -25.15 -106.28
N ALA G 675 22.57 -25.89 -107.16
CA ALA G 675 21.97 -27.06 -107.80
C ALA G 675 22.70 -28.35 -107.48
N SER G 676 23.86 -28.29 -106.83
CA SER G 676 24.63 -29.47 -106.46
C SER G 676 24.59 -29.64 -104.95
N PHE G 677 24.21 -30.82 -104.49
CA PHE G 677 24.07 -31.12 -103.08
C PHE G 677 24.68 -32.48 -102.78
N ILE G 678 25.02 -32.68 -101.51
CA ILE G 678 25.51 -33.97 -101.05
C ILE G 678 24.32 -34.91 -100.92
N THR G 679 24.40 -36.06 -101.60
CA THR G 679 23.32 -37.04 -101.53
C THR G 679 23.23 -37.61 -100.12
N GLN G 680 22.03 -37.60 -99.55
CA GLN G 680 21.88 -38.09 -98.20
C GLN G 680 20.42 -38.45 -97.94
N TYR G 681 20.23 -39.34 -96.96
CA TYR G 681 18.92 -39.72 -96.48
C TYR G 681 18.98 -39.79 -94.97
N SER G 682 17.84 -40.04 -94.34
CA SER G 682 17.76 -40.15 -92.89
C SER G 682 16.96 -41.38 -92.50
N THR G 683 17.28 -41.90 -91.32
CA THR G 683 16.55 -43.02 -90.75
C THR G 683 16.37 -42.75 -89.26
N GLY G 684 15.35 -43.37 -88.69
CA GLY G 684 15.05 -43.13 -87.29
C GLY G 684 13.87 -43.96 -86.84
N GLN G 685 13.39 -43.65 -85.65
CA GLN G 685 12.25 -44.33 -85.06
C GLN G 685 11.11 -43.35 -84.82
N VAL G 686 9.90 -43.84 -84.98
CA VAL G 686 8.69 -43.06 -84.79
C VAL G 686 7.78 -43.80 -83.82
N SER G 687 7.21 -43.06 -82.87
CA SER G 687 6.31 -43.62 -81.86
C SER G 687 4.97 -42.91 -81.91
N VAL G 688 3.89 -43.69 -81.94
CA VAL G 688 2.53 -43.17 -81.90
C VAL G 688 1.79 -43.87 -80.77
N GLU G 689 1.28 -43.10 -79.82
CA GLU G 689 0.50 -43.64 -78.71
C GLU G 689 -0.87 -42.98 -78.71
N ILE G 690 -1.92 -43.79 -78.83
CA ILE G 690 -3.29 -43.29 -78.86
C ILE G 690 -4.07 -43.91 -77.72
N GLU G 691 -4.79 -43.07 -76.97
CA GLU G 691 -5.71 -43.52 -75.95
C GLU G 691 -7.12 -43.58 -76.54
N TRP G 692 -7.77 -44.73 -76.39
CA TRP G 692 -9.11 -44.94 -76.90
C TRP G 692 -10.07 -45.16 -75.75
N GLU G 693 -11.28 -44.61 -75.88
CA GLU G 693 -12.33 -44.82 -74.90
C GLU G 693 -13.26 -45.92 -75.39
N LEU G 694 -13.66 -46.80 -74.47
CA LEU G 694 -14.48 -47.95 -74.79
C LEU G 694 -15.89 -47.78 -74.26
N GLN G 695 -16.85 -48.27 -75.02
CA GLN G 695 -18.26 -48.33 -74.62
C GLN G 695 -18.57 -49.79 -74.34
N LYS G 696 -18.61 -50.14 -73.06
CA LYS G 696 -18.75 -51.54 -72.67
C LYS G 696 -20.13 -52.08 -73.04
N GLU G 697 -20.14 -53.31 -73.53
CA GLU G 697 -21.39 -53.98 -73.89
C GLU G 697 -22.20 -54.28 -72.63
N ASN G 698 -23.50 -54.01 -72.69
CA ASN G 698 -24.42 -54.20 -71.58
C ASN G 698 -25.66 -54.96 -72.05
N SER G 699 -25.44 -56.04 -72.80
CA SER G 699 -26.53 -56.78 -73.40
C SER G 699 -27.20 -57.70 -72.38
N LYS G 700 -28.47 -58.04 -72.63
CA LYS G 700 -29.22 -58.98 -71.75
C LYS G 700 -29.75 -60.15 -72.59
N ARG G 701 -29.16 -60.40 -73.77
CA ARG G 701 -29.58 -61.55 -74.55
C ARG G 701 -29.15 -62.84 -73.86
N TRP G 702 -29.90 -63.90 -74.11
CA TRP G 702 -29.68 -65.17 -73.42
C TRP G 702 -28.71 -66.06 -74.17
N ASN G 703 -28.94 -66.29 -75.46
CA ASN G 703 -28.11 -67.19 -76.24
C ASN G 703 -26.79 -66.50 -76.61
N PRO G 704 -25.71 -67.28 -76.89
CA PRO G 704 -24.41 -66.70 -77.19
C PRO G 704 -24.41 -65.81 -78.44
N GLU G 705 -23.41 -64.93 -78.58
CA GLU G 705 -23.35 -63.95 -79.70
C GLU G 705 -22.36 -64.41 -80.77
N ILE G 706 -22.35 -63.74 -81.93
CA ILE G 706 -21.26 -64.04 -82.90
C ILE G 706 -19.97 -63.35 -82.46
N GLN G 707 -18.85 -64.07 -82.41
CA GLN G 707 -17.57 -63.46 -82.08
C GLN G 707 -16.57 -63.79 -83.17
N TYR G 708 -15.64 -62.87 -83.40
CA TYR G 708 -14.53 -63.18 -84.31
C TYR G 708 -13.60 -64.18 -83.66
N THR G 709 -13.14 -65.16 -84.44
CA THR G 709 -12.33 -66.24 -83.91
C THR G 709 -11.38 -66.73 -85.00
N SER G 710 -10.29 -67.34 -84.55
CA SER G 710 -9.36 -67.98 -85.50
C SER G 710 -9.93 -69.35 -85.83
N ASN G 711 -9.53 -69.95 -86.95
CA ASN G 711 -10.12 -71.27 -87.29
C ASN G 711 -9.22 -72.33 -86.68
N TYR G 712 -9.79 -73.31 -86.00
CA TYR G 712 -8.99 -74.32 -85.27
C TYR G 712 -8.31 -75.28 -86.24
N ASN G 713 -8.90 -75.55 -87.41
CA ASN G 713 -8.31 -76.55 -88.28
C ASN G 713 -6.87 -76.21 -88.64
N LYS G 714 -6.10 -77.27 -88.87
CA LYS G 714 -4.66 -77.10 -89.22
C LYS G 714 -4.51 -76.38 -90.54
N SER G 715 -3.39 -75.68 -90.68
CA SER G 715 -3.11 -74.95 -91.91
C SER G 715 -1.61 -74.85 -92.07
N ILE G 716 -1.18 -74.58 -93.30
CA ILE G 716 0.24 -74.40 -93.59
C ILE G 716 0.78 -73.17 -92.86
N ASN G 717 0.01 -72.08 -92.88
CA ASN G 717 0.41 -70.83 -92.25
C ASN G 717 -0.65 -70.41 -91.23
N VAL G 718 -0.19 -69.77 -90.16
CA VAL G 718 -1.09 -69.18 -89.18
C VAL G 718 -1.53 -67.81 -89.68
N ASP G 719 -2.79 -67.47 -89.42
CA ASP G 719 -3.32 -66.18 -89.87
C ASP G 719 -2.66 -65.03 -89.12
N PHE G 720 -2.42 -63.93 -89.84
CA PHE G 720 -1.84 -62.71 -89.26
C PHE G 720 -0.47 -62.98 -88.65
N THR G 721 0.32 -63.80 -89.32
CA THR G 721 1.72 -64.06 -88.95
C THR G 721 2.58 -63.91 -90.19
N VAL G 722 3.84 -64.26 -90.05
CA VAL G 722 4.78 -64.25 -91.17
C VAL G 722 4.89 -65.65 -91.75
N ASP G 723 5.24 -65.72 -93.03
CA ASP G 723 5.43 -67.00 -93.70
C ASP G 723 6.90 -67.40 -93.62
N THR G 724 7.29 -68.41 -94.39
CA THR G 724 8.69 -68.89 -94.38
C THR G 724 9.61 -67.80 -94.95
N ASN G 725 9.05 -66.80 -95.64
CA ASN G 725 9.85 -65.68 -96.16
C ASN G 725 9.82 -64.52 -95.16
N GLY G 726 9.15 -64.72 -94.02
CA GLY G 726 9.03 -63.66 -93.00
C GLY G 726 8.17 -62.52 -93.49
N VAL G 727 7.32 -62.78 -94.48
CA VAL G 727 6.44 -61.72 -95.05
C VAL G 727 5.12 -61.69 -94.26
N TYR G 728 4.82 -60.55 -93.62
CA TYR G 728 3.58 -60.43 -92.87
C TYR G 728 2.41 -60.21 -93.82
N SER G 729 1.31 -60.90 -93.57
CA SER G 729 0.12 -60.78 -94.39
C SER G 729 -1.11 -60.69 -93.50
N GLU G 730 -2.15 -60.03 -94.01
CA GLU G 730 -3.44 -59.95 -93.34
C GLU G 730 -4.45 -60.73 -94.17
N PRO G 731 -4.82 -61.94 -93.78
CA PRO G 731 -5.60 -62.81 -94.69
C PRO G 731 -6.97 -62.27 -95.06
N ARG G 732 -7.65 -61.56 -94.17
CA ARG G 732 -9.00 -61.09 -94.46
C ARG G 732 -9.23 -59.78 -93.75
N PRO G 733 -10.17 -58.97 -94.23
CA PRO G 733 -10.57 -57.78 -93.46
C PRO G 733 -11.43 -58.17 -92.28
N ILE G 734 -11.17 -57.52 -91.14
CA ILE G 734 -11.95 -57.74 -89.93
C ILE G 734 -12.67 -56.43 -89.62
N GLY G 735 -13.99 -56.51 -89.54
CA GLY G 735 -14.80 -55.38 -89.13
C GLY G 735 -14.86 -55.30 -87.62
N THR G 736 -15.88 -54.60 -87.13
CA THR G 736 -16.09 -54.46 -85.70
C THR G 736 -17.47 -54.91 -85.22
N ARG G 737 -18.38 -55.26 -86.13
CA ARG G 737 -19.78 -55.44 -85.79
C ARG G 737 -20.06 -56.93 -85.58
N TYR G 738 -19.77 -57.41 -84.38
CA TYR G 738 -20.03 -58.79 -83.99
C TYR G 738 -21.02 -58.91 -82.84
N LEU G 739 -20.92 -58.06 -81.84
CA LEU G 739 -21.94 -58.02 -80.79
C LEU G 739 -23.23 -57.44 -81.36
N THR G 740 -24.33 -57.67 -80.65
CA THR G 740 -25.64 -57.23 -81.08
C THR G 740 -26.29 -56.35 -80.03
N ARG G 741 -27.09 -55.41 -80.54
CA ARG G 741 -27.87 -54.52 -79.64
C ARG G 741 -29.26 -54.37 -80.28
N ASN G 742 -30.32 -54.21 -79.49
CA ASN G 742 -31.66 -53.97 -80.02
C ASN G 742 -31.77 -52.58 -80.63
N LEU G 743 -32.66 -52.44 -81.60
CA LEU G 743 -32.92 -51.14 -82.22
C LEU G 743 -33.54 -50.16 -81.22
N ALA H 218 36.83 58.35 -52.77
CA ALA H 218 36.10 57.07 -52.93
C ALA H 218 36.91 56.16 -53.85
N ASP H 219 37.49 56.71 -54.90
CA ASP H 219 38.18 55.89 -55.92
C ASP H 219 39.57 56.49 -56.17
N GLY H 220 39.99 57.43 -55.33
CA GLY H 220 41.35 57.97 -55.46
C GLY H 220 41.72 58.22 -56.91
N VAL H 221 42.97 57.93 -57.30
CA VAL H 221 43.43 58.23 -58.68
C VAL H 221 43.63 56.88 -59.37
N GLY H 222 42.88 56.64 -60.42
CA GLY H 222 42.99 55.44 -61.21
C GLY H 222 41.84 54.48 -61.08
N ASN H 223 40.86 54.77 -60.24
CA ASN H 223 39.67 53.95 -60.09
C ASN H 223 38.46 54.73 -60.57
N SER H 224 37.71 54.16 -61.51
CA SER H 224 36.54 54.84 -62.05
C SER H 224 35.43 54.89 -61.02
N SER H 225 34.75 56.04 -60.95
CA SER H 225 33.67 56.25 -60.00
C SER H 225 32.29 56.13 -60.64
N GLY H 226 32.22 55.68 -61.88
CA GLY H 226 30.94 55.51 -62.54
C GLY H 226 31.12 54.86 -63.90
N ASN H 227 29.99 54.54 -64.51
CA ASN H 227 29.95 53.90 -65.81
C ASN H 227 29.05 54.69 -66.75
N TRP H 228 29.17 54.42 -68.04
CA TRP H 228 28.37 55.08 -69.06
C TRP H 228 27.05 54.35 -69.21
N HIS H 229 25.97 55.03 -68.83
CA HIS H 229 24.61 54.44 -68.93
C HIS H 229 23.76 55.37 -69.81
N CYS H 230 23.68 55.06 -71.11
CA CYS H 230 22.84 55.86 -72.02
C CYS H 230 21.93 54.85 -72.74
N ASP H 231 20.63 54.82 -72.39
CA ASP H 231 19.72 53.81 -72.98
C ASP H 231 18.28 54.07 -72.55
N SER H 232 17.32 53.30 -73.09
CA SER H 232 15.96 53.45 -72.60
C SER H 232 15.32 52.08 -72.49
N THR H 233 14.50 51.89 -71.46
CA THR H 233 13.80 50.63 -71.22
C THR H 233 12.31 50.90 -71.19
N TRP H 234 11.57 50.19 -72.03
CA TRP H 234 10.11 50.29 -72.08
C TRP H 234 9.52 49.08 -71.37
N MET H 235 8.78 49.34 -70.28
CA MET H 235 8.18 48.23 -69.49
C MET H 235 6.71 48.58 -69.21
N GLY H 236 5.80 48.10 -70.05
CA GLY H 236 4.38 48.35 -69.84
C GLY H 236 4.05 49.82 -69.96
N ASP H 237 3.50 50.38 -68.89
CA ASP H 237 3.11 51.78 -68.84
C ASP H 237 4.22 52.70 -68.35
N ARG H 238 5.48 52.28 -68.48
CA ARG H 238 6.61 53.09 -68.07
C ARG H 238 7.69 53.04 -69.14
N VAL H 239 8.42 54.14 -69.28
CA VAL H 239 9.65 54.19 -70.06
C VAL H 239 10.69 54.94 -69.25
N THR H 240 11.84 54.32 -69.04
CA THR H 240 12.94 54.92 -68.30
C THR H 240 14.05 55.27 -69.28
N THR H 241 14.33 56.56 -69.41
CA THR H 241 15.37 57.06 -70.30
C THR H 241 16.57 57.48 -69.46
N THR H 242 17.75 56.99 -69.85
CA THR H 242 19.00 57.34 -69.19
C THR H 242 19.95 57.94 -70.21
N SER H 243 20.64 59.00 -69.82
CA SER H 243 21.56 59.71 -70.71
C SER H 243 22.85 60.00 -69.98
N THR H 244 23.98 59.86 -70.68
CA THR H 244 25.28 60.23 -70.16
C THR H 244 25.97 61.15 -71.15
N ARG H 245 26.60 62.21 -70.63
CA ARG H 245 27.30 63.19 -71.44
C ARG H 245 28.62 63.54 -70.78
N THR H 246 29.54 64.06 -71.58
CA THR H 246 30.82 64.56 -71.08
C THR H 246 30.75 66.08 -71.05
N TRP H 247 31.03 66.66 -69.89
CA TRP H 247 30.92 68.10 -69.68
C TRP H 247 32.29 68.70 -69.39
N ALA H 248 32.40 70.00 -69.70
CA ALA H 248 33.59 70.78 -69.39
C ALA H 248 33.17 72.02 -68.63
N LEU H 249 33.79 72.25 -67.48
CA LEU H 249 33.45 73.38 -66.62
C LEU H 249 34.65 74.30 -66.46
N PRO H 250 34.63 75.49 -67.02
CA PRO H 250 35.75 76.42 -66.84
C PRO H 250 35.61 77.16 -65.51
N THR H 251 36.54 78.09 -65.29
CA THR H 251 36.44 79.02 -64.16
C THR H 251 35.71 80.27 -64.62
N TYR H 252 34.62 80.60 -63.94
CA TYR H 252 33.76 81.69 -64.34
C TYR H 252 34.00 82.92 -63.46
N ASN H 253 34.10 84.08 -64.12
CA ASN H 253 34.28 85.38 -63.46
C ASN H 253 35.58 85.46 -62.67
N ASN H 254 36.52 84.55 -62.91
CA ASN H 254 37.75 84.45 -62.13
C ASN H 254 37.45 84.33 -60.63
N HIS H 255 36.55 83.40 -60.31
CA HIS H 255 36.15 83.08 -58.94
C HIS H 255 35.47 84.24 -58.22
N LEU H 256 34.82 85.14 -58.95
CA LEU H 256 34.25 86.34 -58.36
C LEU H 256 32.76 86.43 -58.59
N TYR H 257 32.10 87.19 -57.72
CA TYR H 257 30.67 87.52 -57.96
C TYR H 257 30.72 88.97 -58.45
N LYS H 258 30.09 89.27 -59.57
CA LYS H 258 30.08 90.59 -60.19
C LYS H 258 28.66 91.07 -60.33
N GLN H 259 28.41 92.29 -59.85
CA GLN H 259 27.12 92.92 -60.07
C GLN H 259 26.98 93.30 -61.55
N ILE H 260 25.86 92.92 -62.13
CA ILE H 260 25.58 93.20 -63.54
C ILE H 260 24.29 93.99 -63.64
N SER H 261 24.19 94.78 -64.71
CA SER H 261 23.01 95.60 -64.93
C SER H 261 22.94 95.94 -66.42
N SER H 262 21.79 96.45 -66.84
CA SER H 262 21.61 96.86 -68.21
C SER H 262 22.53 98.03 -68.55
N GLN H 263 22.90 98.09 -69.82
CA GLN H 263 23.83 99.15 -70.26
C GLN H 263 23.12 100.49 -70.19
N SER H 264 23.88 101.55 -69.93
CA SER H 264 23.28 102.90 -69.97
C SER H 264 22.84 103.17 -71.41
N GLY H 265 21.72 103.85 -71.58
CA GLY H 265 21.13 104.15 -72.86
C GLY H 265 20.15 103.11 -73.36
N ALA H 266 20.01 101.99 -72.66
CA ALA H 266 19.01 100.99 -73.05
C ALA H 266 17.60 101.51 -72.80
N SER H 267 16.65 100.93 -73.52
CA SER H 267 15.25 101.31 -73.33
C SER H 267 14.77 100.82 -71.96
N ASN H 268 13.66 101.40 -71.51
CA ASN H 268 13.12 101.03 -70.22
C ASN H 268 12.68 99.57 -70.19
N ASP H 269 12.19 99.05 -71.31
CA ASP H 269 11.77 97.65 -71.36
C ASP H 269 12.95 96.70 -71.20
N ASN H 270 14.16 97.14 -71.57
CA ASN H 270 15.34 96.29 -71.53
C ASN H 270 16.19 96.52 -70.29
N HIS H 271 15.75 97.36 -69.35
CA HIS H 271 16.52 97.61 -68.14
C HIS H 271 16.43 96.41 -67.20
N TYR H 272 17.57 96.11 -66.55
CA TYR H 272 17.61 95.00 -65.61
C TYR H 272 18.76 95.21 -64.63
N PHE H 273 18.70 94.49 -63.52
CA PHE H 273 19.74 94.48 -62.51
C PHE H 273 19.84 93.07 -61.95
N GLY H 274 21.06 92.61 -61.71
CA GLY H 274 21.25 91.26 -61.20
C GLY H 274 22.69 91.03 -60.83
N TYR H 275 23.01 89.76 -60.62
CA TYR H 275 24.36 89.35 -60.23
C TYR H 275 24.80 88.17 -61.05
N SER H 276 26.10 88.15 -61.38
CA SER H 276 26.74 87.04 -62.07
C SER H 276 27.58 86.25 -61.08
N THR H 277 27.38 84.94 -61.03
CA THR H 277 28.07 84.11 -60.07
C THR H 277 29.17 83.30 -60.75
N PRO H 278 30.21 82.90 -60.01
CA PRO H 278 31.25 82.04 -60.59
C PRO H 278 30.84 80.59 -60.74
N TRP H 279 29.60 80.25 -60.43
CA TRP H 279 29.12 78.88 -60.50
C TRP H 279 28.53 78.59 -61.87
N GLY H 280 28.49 77.30 -62.20
CA GLY H 280 27.76 76.80 -63.34
C GLY H 280 26.59 75.94 -62.87
N TYR H 281 25.75 75.55 -63.83
CA TYR H 281 24.60 74.73 -63.51
C TYR H 281 24.37 73.71 -64.60
N PHE H 282 23.84 72.55 -64.22
CA PHE H 282 23.54 71.47 -65.16
C PHE H 282 22.08 71.55 -65.56
N ASP H 283 21.84 71.71 -66.86
CA ASP H 283 20.49 71.86 -67.41
C ASP H 283 20.19 70.66 -68.29
N PHE H 284 19.08 69.97 -67.99
CA PHE H 284 18.56 68.92 -68.86
C PHE H 284 17.06 69.10 -69.07
N ASN H 285 16.61 70.35 -69.13
CA ASN H 285 15.19 70.68 -69.30
C ASN H 285 14.79 70.77 -70.77
N ARG H 286 15.15 69.74 -71.53
CA ARG H 286 14.75 69.62 -72.93
C ARG H 286 14.57 68.14 -73.22
N PHE H 287 13.57 67.79 -74.03
CA PHE H 287 13.25 66.35 -74.24
C PHE H 287 14.37 65.63 -74.99
N HIS H 288 15.10 66.32 -75.86
CA HIS H 288 16.17 65.70 -76.67
C HIS H 288 17.32 65.23 -75.76
N CYS H 289 17.38 65.73 -74.52
CA CYS H 289 18.43 65.34 -73.55
C CYS H 289 18.18 63.93 -73.02
N HIS H 290 16.97 63.42 -73.19
CA HIS H 290 16.61 62.10 -72.67
C HIS H 290 16.05 61.15 -73.71
N PHE H 291 15.38 61.66 -74.74
CA PHE H 291 14.74 60.83 -75.75
C PHE H 291 15.53 60.92 -77.06
N SER H 292 15.86 59.76 -77.62
CA SER H 292 16.35 59.72 -78.98
C SER H 292 15.18 59.95 -79.94
N PRO H 293 15.46 60.32 -81.18
CA PRO H 293 14.35 60.48 -82.15
C PRO H 293 13.52 59.22 -82.33
N ARG H 294 14.15 58.04 -82.33
CA ARG H 294 13.39 56.80 -82.36
C ARG H 294 12.55 56.63 -81.08
N ASP H 295 13.11 57.00 -79.94
CA ASP H 295 12.35 56.97 -78.69
C ASP H 295 11.16 57.92 -78.74
N TRP H 296 11.35 59.12 -79.30
CA TRP H 296 10.26 60.06 -79.45
C TRP H 296 9.18 59.52 -80.38
N GLN H 297 9.58 58.89 -81.49
CA GLN H 297 8.60 58.33 -82.41
C GLN H 297 7.83 57.18 -81.75
N ARG H 298 8.52 56.36 -80.97
CA ARG H 298 7.85 55.30 -80.22
C ARG H 298 6.89 55.86 -79.19
N LEU H 299 7.24 56.99 -78.57
CA LEU H 299 6.38 57.59 -77.56
C LEU H 299 5.13 58.21 -78.18
N ILE H 300 5.30 58.98 -79.26
CA ILE H 300 4.20 59.80 -79.76
C ILE H 300 3.25 59.02 -80.67
N ASN H 301 3.69 57.91 -81.25
CA ASN H 301 2.84 57.14 -82.15
C ASN H 301 1.99 56.10 -81.44
N ASN H 302 2.17 55.91 -80.14
CA ASN H 302 1.52 54.83 -79.43
C ASN H 302 0.86 55.23 -78.12
N ASN H 303 1.08 56.43 -77.63
CA ASN H 303 0.60 56.84 -76.32
C ASN H 303 -0.28 58.08 -76.44
N TRP H 304 -1.35 58.11 -75.63
CA TRP H 304 -2.22 59.25 -75.53
C TRP H 304 -1.75 60.28 -74.51
N GLY H 305 -0.70 59.97 -73.75
CA GLY H 305 -0.19 60.91 -72.78
C GLY H 305 1.03 60.37 -72.08
N PHE H 306 1.77 61.27 -71.44
CA PHE H 306 2.94 60.89 -70.66
C PHE H 306 3.24 61.99 -69.65
N ARG H 307 3.98 61.63 -68.61
CA ARG H 307 4.37 62.56 -67.57
C ARG H 307 5.58 62.00 -66.84
N PRO H 308 6.47 62.86 -66.34
CA PRO H 308 7.62 62.37 -65.56
C PRO H 308 7.21 61.94 -64.17
N LYS H 309 7.93 60.94 -63.67
CA LYS H 309 7.65 60.34 -62.36
C LYS H 309 8.77 60.55 -61.36
N ARG H 310 10.00 60.22 -61.71
CA ARG H 310 11.14 60.41 -60.84
C ARG H 310 12.40 60.49 -61.68
N LEU H 311 13.45 61.05 -61.11
CA LEU H 311 14.73 61.18 -61.80
C LEU H 311 15.87 60.83 -60.87
N ASN H 312 16.99 60.42 -61.48
CA ASN H 312 18.25 60.12 -60.74
C ASN H 312 19.36 60.87 -61.47
N PHE H 313 20.27 61.52 -60.74
CA PHE H 313 21.33 62.35 -61.28
C PHE H 313 22.66 61.88 -60.70
N LYS H 314 23.67 61.88 -61.57
CA LYS H 314 25.01 61.47 -61.10
C LYS H 314 26.15 62.23 -61.78
N LEU H 315 27.13 62.68 -61.00
CA LEU H 315 28.38 63.24 -61.52
C LEU H 315 29.52 62.31 -61.11
N PHE H 316 30.39 61.97 -62.05
CA PHE H 316 31.42 61.00 -61.78
C PHE H 316 32.58 61.20 -62.75
N ASN H 317 33.67 60.48 -62.48
CA ASN H 317 34.89 60.55 -63.29
C ASN H 317 35.36 61.99 -63.45
N ILE H 318 35.41 62.69 -62.32
CA ILE H 318 35.74 64.11 -62.30
C ILE H 318 37.25 64.28 -62.38
N GLN H 319 37.70 65.07 -63.37
CA GLN H 319 39.10 65.36 -63.57
C GLN H 319 39.29 66.87 -63.53
N VAL H 320 40.21 67.33 -62.70
CA VAL H 320 40.56 68.74 -62.64
C VAL H 320 41.89 68.93 -63.37
N LYS H 321 41.89 69.77 -64.39
CA LYS H 321 43.06 70.02 -65.21
C LYS H 321 43.59 71.42 -64.94
N GLU H 322 44.89 71.52 -64.68
CA GLU H 322 45.56 72.80 -64.48
C GLU H 322 46.16 73.26 -65.80
N VAL H 323 45.87 74.50 -66.18
CA VAL H 323 46.33 75.09 -67.43
C VAL H 323 47.38 76.14 -67.12
N THR H 324 48.52 76.06 -67.78
CA THR H 324 49.59 77.03 -67.65
C THR H 324 49.99 77.52 -69.04
N GLN H 325 50.50 78.74 -69.09
CA GLN H 325 50.90 79.37 -70.35
C GLN H 325 52.24 80.06 -70.13
N ASN H 326 53.31 79.48 -70.68
CA ASN H 326 54.65 80.01 -70.52
C ASN H 326 55.27 80.20 -71.90
N ASP H 327 55.66 81.44 -72.20
CA ASP H 327 56.30 81.79 -73.47
C ASP H 327 55.45 81.37 -74.67
N GLY H 328 54.14 81.56 -74.56
CA GLY H 328 53.24 81.27 -75.66
C GLY H 328 52.85 79.82 -75.83
N THR H 329 53.19 78.96 -74.87
CA THR H 329 52.88 77.55 -74.94
C THR H 329 51.81 77.20 -73.91
N THR H 330 50.75 76.53 -74.36
CA THR H 330 49.68 76.08 -73.48
C THR H 330 49.93 74.64 -73.06
N THR H 331 50.15 74.43 -71.76
CA THR H 331 50.43 73.13 -71.20
C THR H 331 49.32 72.77 -70.22
N ILE H 332 48.74 71.57 -70.38
CA ILE H 332 47.66 71.10 -69.53
C ILE H 332 48.14 69.86 -68.80
N ALA H 333 48.00 69.87 -67.47
CA ALA H 333 48.41 68.76 -66.64
C ALA H 333 47.32 68.46 -65.62
N ASN H 334 47.32 67.23 -65.12
CA ASN H 334 46.33 66.84 -64.12
C ASN H 334 46.59 67.52 -62.78
N ASN H 335 45.51 67.78 -62.06
CA ASN H 335 45.56 68.27 -60.69
C ASN H 335 44.73 67.30 -59.85
N LEU H 336 45.41 66.32 -59.24
CA LEU H 336 44.70 65.26 -58.53
C LEU H 336 44.21 65.67 -57.15
N THR H 337 44.63 66.83 -56.65
CA THR H 337 44.22 67.27 -55.32
C THR H 337 43.17 68.37 -55.34
N SER H 338 42.83 68.92 -56.50
CA SER H 338 41.82 69.95 -56.57
C SER H 338 40.42 69.33 -56.51
N THR H 339 39.46 70.14 -56.08
CA THR H 339 38.08 69.71 -55.90
C THR H 339 37.14 70.53 -56.77
N VAL H 340 35.92 70.02 -56.89
CA VAL H 340 34.80 70.76 -57.47
C VAL H 340 33.65 70.72 -56.47
N GLN H 341 33.00 71.85 -56.27
CA GLN H 341 31.91 71.98 -55.32
C GLN H 341 30.57 71.78 -56.05
N VAL H 342 29.77 70.85 -55.56
CA VAL H 342 28.47 70.53 -56.15
C VAL H 342 27.42 70.54 -55.06
N PHE H 343 26.31 71.22 -55.31
CA PHE H 343 25.17 71.15 -54.41
C PHE H 343 23.89 71.35 -55.21
N THR H 344 22.81 70.78 -54.71
CA THR H 344 21.48 70.91 -55.31
C THR H 344 20.64 71.85 -54.45
N ASP H 345 19.96 72.80 -55.11
CA ASP H 345 19.10 73.75 -54.42
C ASP H 345 17.74 73.11 -54.17
N SER H 346 17.70 72.14 -53.25
CA SER H 346 16.46 71.36 -53.01
C SER H 346 15.44 72.14 -52.19
N GLU H 347 15.87 73.22 -51.53
CA GLU H 347 14.92 74.06 -50.81
C GLU H 347 14.45 75.25 -51.64
N TYR H 348 14.92 75.38 -52.88
CA TYR H 348 14.50 76.44 -53.79
C TYR H 348 14.70 77.82 -53.18
N GLN H 349 15.86 78.03 -52.57
CA GLN H 349 16.22 79.31 -51.98
C GLN H 349 16.94 80.23 -52.95
N LEU H 350 17.29 79.74 -54.13
CA LEU H 350 17.96 80.53 -55.16
C LEU H 350 16.99 80.84 -56.31
N PRO H 351 17.22 81.93 -57.02
CA PRO H 351 16.37 82.23 -58.19
C PRO H 351 16.45 81.11 -59.22
N TYR H 352 15.28 80.60 -59.60
CA TYR H 352 15.18 79.46 -60.50
C TYR H 352 15.31 79.95 -61.93
N VAL H 353 16.49 79.76 -62.53
CA VAL H 353 16.74 80.19 -63.90
C VAL H 353 16.48 79.10 -64.92
N LEU H 354 16.29 77.86 -64.49
CA LEU H 354 15.81 76.82 -65.38
C LEU H 354 14.37 77.11 -65.80
N GLY H 355 14.00 76.63 -66.97
CA GLY H 355 12.68 76.89 -67.50
C GLY H 355 12.52 78.20 -68.22
N SER H 356 13.62 78.89 -68.53
CA SER H 356 13.58 80.10 -69.35
C SER H 356 14.09 79.85 -70.76
N ALA H 357 14.15 78.58 -71.18
CA ALA H 357 14.58 78.20 -72.54
C ALA H 357 15.98 78.70 -72.85
N HIS H 358 16.90 78.44 -71.92
CA HIS H 358 18.29 78.88 -72.06
C HIS H 358 19.15 77.79 -72.70
N GLN H 359 20.17 78.23 -73.41
CA GLN H 359 21.14 77.32 -74.01
C GLN H 359 22.07 76.76 -72.94
N GLY H 360 22.78 75.69 -73.30
CA GLY H 360 23.67 75.03 -72.37
C GLY H 360 23.18 73.71 -71.83
N CYS H 361 22.14 73.13 -72.41
CA CYS H 361 21.61 71.86 -71.95
C CYS H 361 22.52 70.71 -72.35
N LEU H 362 22.12 69.51 -71.96
CA LEU H 362 22.80 68.31 -72.43
C LEU H 362 22.56 68.16 -73.92
N PRO H 363 23.60 67.99 -74.74
CA PRO H 363 23.40 67.94 -76.18
C PRO H 363 22.55 66.75 -76.57
N PRO H 364 21.72 66.89 -77.62
CA PRO H 364 20.88 65.76 -78.02
C PRO H 364 21.64 64.53 -78.44
N PHE H 365 22.80 64.69 -79.06
CA PHE H 365 23.62 63.55 -79.47
C PHE H 365 24.52 63.11 -78.33
N PRO H 366 24.47 61.85 -77.93
CA PRO H 366 25.24 61.41 -76.76
C PRO H 366 26.74 61.54 -76.91
N ALA H 367 27.26 61.67 -78.13
CA ALA H 367 28.69 61.75 -78.36
C ALA H 367 29.23 63.17 -78.27
N ASP H 368 28.38 64.17 -78.11
CA ASP H 368 28.81 65.56 -78.06
C ASP H 368 29.24 65.96 -76.66
N VAL H 369 30.28 66.79 -76.57
CA VAL H 369 30.79 67.33 -75.32
C VAL H 369 30.33 68.77 -75.21
N PHE H 370 29.81 69.14 -74.04
CA PHE H 370 29.19 70.45 -73.84
C PHE H 370 29.82 71.19 -72.68
N MET H 371 29.81 72.51 -72.78
CA MET H 371 30.28 73.38 -71.71
C MET H 371 29.13 73.66 -70.73
N VAL H 372 29.47 73.71 -69.44
CA VAL H 372 28.49 73.98 -68.40
C VAL H 372 28.17 75.47 -68.39
N PRO H 373 26.90 75.84 -68.54
CA PRO H 373 26.56 77.28 -68.60
C PRO H 373 26.78 77.97 -67.26
N GLN H 374 27.10 79.26 -67.33
CA GLN H 374 27.33 80.05 -66.14
C GLN H 374 26.01 80.45 -65.49
N TYR H 375 25.95 80.33 -64.17
CA TYR H 375 24.73 80.66 -63.43
C TYR H 375 24.69 82.16 -63.14
N GLY H 376 23.51 82.74 -63.32
CA GLY H 376 23.29 84.14 -63.02
C GLY H 376 21.82 84.39 -62.85
N TYR H 377 21.50 85.42 -62.07
CA TYR H 377 20.10 85.72 -61.75
C TYR H 377 19.88 87.22 -61.79
N LEU H 378 18.62 87.60 -61.94
CA LEU H 378 18.19 88.99 -61.91
C LEU H 378 17.32 89.24 -60.69
N THR H 379 17.42 90.46 -60.17
CA THR H 379 16.59 90.86 -59.04
C THR H 379 15.87 92.16 -59.39
N LEU H 380 15.20 92.76 -58.42
CA LEU H 380 14.41 93.99 -58.66
C LEU H 380 15.34 95.11 -59.15
N ASN H 381 14.85 95.92 -60.08
CA ASN H 381 15.65 97.05 -60.60
C ASN H 381 14.76 98.27 -60.82
N ASN H 382 15.26 99.46 -60.50
CA ASN H 382 14.55 100.71 -60.86
C ASN H 382 15.42 101.29 -61.97
N GLY H 383 15.21 100.85 -63.21
CA GLY H 383 16.12 101.27 -64.29
C GLY H 383 17.35 100.39 -64.26
N SER H 384 18.54 100.97 -64.44
CA SER H 384 19.76 100.18 -64.32
C SER H 384 20.22 100.03 -62.88
N GLN H 385 19.58 100.71 -61.93
CA GLN H 385 19.95 100.65 -60.53
C GLN H 385 19.11 99.60 -59.80
N ALA H 386 19.44 99.40 -58.53
CA ALA H 386 18.74 98.48 -57.67
C ALA H 386 17.88 99.23 -56.65
N VAL H 387 17.02 98.49 -55.97
CA VAL H 387 16.20 99.03 -54.90
C VAL H 387 16.54 98.29 -53.61
N GLY H 388 15.95 98.76 -52.51
CA GLY H 388 16.24 98.16 -51.21
C GLY H 388 15.73 96.73 -51.10
N ARG H 389 14.73 96.38 -51.89
CA ARG H 389 14.16 95.04 -51.87
C ARG H 389 14.96 94.04 -52.71
N SER H 390 15.93 94.50 -53.49
CA SER H 390 16.75 93.60 -54.30
C SER H 390 17.53 92.65 -53.41
N SER H 391 17.59 91.39 -53.82
CA SER H 391 18.22 90.33 -53.04
C SER H 391 19.54 89.92 -53.67
N PHE H 392 20.54 89.68 -52.82
CA PHE H 392 21.82 89.16 -53.23
C PHE H 392 22.01 87.78 -52.62
N TYR H 393 22.52 86.85 -53.43
CA TYR H 393 22.71 85.47 -53.00
C TYR H 393 24.15 85.06 -53.22
N CYS H 394 24.79 84.59 -52.17
CA CYS H 394 26.11 83.97 -52.25
C CYS H 394 25.93 82.46 -52.21
N LEU H 395 26.36 81.79 -53.29
CA LEU H 395 26.18 80.35 -53.40
C LEU H 395 27.16 79.56 -52.55
N GLU H 396 28.21 80.20 -52.03
CA GLU H 396 29.09 79.56 -51.06
C GLU H 396 28.49 79.55 -49.67
N TYR H 397 27.33 80.18 -49.47
CA TYR H 397 26.63 80.21 -48.16
C TYR H 397 25.72 78.98 -48.07
N PHE H 398 25.75 78.11 -49.07
CA PHE H 398 25.06 76.84 -49.10
C PHE H 398 26.02 75.71 -48.79
N PRO H 399 25.56 74.66 -48.10
CA PRO H 399 26.41 73.47 -47.94
C PRO H 399 26.58 72.75 -49.27
N SER H 400 27.83 72.53 -49.67
CA SER H 400 28.14 71.88 -50.93
C SER H 400 29.09 70.72 -50.68
N GLN H 401 29.07 69.76 -51.60
CA GLN H 401 29.91 68.58 -51.52
C GLN H 401 31.15 68.79 -52.37
N MET H 402 32.32 68.55 -51.77
CA MET H 402 33.60 68.74 -52.45
C MET H 402 34.07 67.41 -53.00
N LEU H 403 34.40 67.39 -54.30
CA LEU H 403 34.72 66.15 -55.00
C LEU H 403 36.10 66.26 -55.62
N ARG H 404 37.01 65.37 -55.20
CA ARG H 404 38.29 65.22 -55.86
C ARG H 404 38.16 64.22 -57.01
N THR H 405 39.26 63.94 -57.69
CA THR H 405 39.24 62.87 -58.72
C THR H 405 39.07 61.55 -57.97
N GLY H 406 38.01 60.84 -58.25
CA GLY H 406 37.65 59.62 -57.54
C GLY H 406 36.41 59.72 -56.69
N ASN H 407 35.89 60.92 -56.49
CA ASN H 407 34.63 61.12 -55.78
C ASN H 407 33.50 61.32 -56.79
N ASN H 408 32.29 60.91 -56.39
CA ASN H 408 31.12 61.07 -57.23
C ASN H 408 30.00 61.72 -56.44
N PHE H 409 29.06 62.30 -57.16
CA PHE H 409 27.91 62.97 -56.59
C PHE H 409 26.64 62.32 -57.16
N THR H 410 25.61 62.21 -56.32
CA THR H 410 24.34 61.65 -56.77
C THR H 410 23.21 62.20 -55.93
N PHE H 411 22.03 62.25 -56.53
CA PHE H 411 20.81 62.59 -55.78
C PHE H 411 19.60 62.10 -56.58
N SER H 412 18.52 61.84 -55.87
CA SER H 412 17.29 61.36 -56.46
C SER H 412 16.16 62.35 -56.19
N TYR H 413 15.27 62.49 -57.16
CA TYR H 413 14.16 63.43 -57.07
C TYR H 413 12.89 62.74 -57.55
N THR H 414 11.77 63.06 -56.91
CA THR H 414 10.48 62.52 -57.29
C THR H 414 9.60 63.67 -57.77
N PHE H 415 9.08 63.54 -58.99
CA PHE H 415 8.17 64.54 -59.52
C PHE H 415 6.85 64.52 -58.75
N GLU H 416 6.26 65.70 -58.58
CA GLU H 416 4.92 65.76 -58.03
C GLU H 416 3.90 65.27 -59.06
N ASP H 417 2.69 65.01 -58.59
CA ASP H 417 1.62 64.55 -59.48
C ASP H 417 1.24 65.67 -60.43
N VAL H 418 1.32 65.40 -61.72
CA VAL H 418 0.99 66.38 -62.75
C VAL H 418 0.10 65.70 -63.80
N PRO H 419 -0.71 66.47 -64.51
CA PRO H 419 -1.55 65.88 -65.55
C PRO H 419 -0.70 65.31 -66.69
N PHE H 420 -1.21 64.25 -67.30
CA PHE H 420 -0.59 63.73 -68.50
C PHE H 420 -0.61 64.76 -69.61
N HIS H 421 0.49 64.89 -70.34
CA HIS H 421 0.49 65.75 -71.52
C HIS H 421 -0.45 65.16 -72.57
N SER H 422 -1.25 66.06 -73.16
CA SER H 422 -2.22 65.64 -74.21
C SER H 422 -1.49 65.36 -75.52
N SER H 423 -0.88 64.18 -75.65
CA SER H 423 -0.19 63.81 -76.87
C SER H 423 -1.15 63.21 -77.90
N TYR H 424 -2.21 63.97 -78.18
CA TYR H 424 -3.23 63.56 -79.13
C TYR H 424 -3.84 64.81 -79.75
N ALA H 425 -4.47 64.63 -80.91
CA ALA H 425 -5.26 65.65 -81.56
C ALA H 425 -6.72 65.22 -81.57
N HIS H 426 -7.61 66.15 -81.24
CA HIS H 426 -9.03 65.82 -81.23
C HIS H 426 -9.54 65.57 -82.64
N SER H 427 -10.26 64.46 -82.82
CA SER H 427 -10.89 64.14 -84.09
C SER H 427 -12.27 64.75 -84.23
N GLN H 428 -12.73 65.51 -83.23
CA GLN H 428 -13.98 66.25 -83.30
C GLN H 428 -13.70 67.72 -83.01
N SER H 429 -14.51 68.59 -83.60
CA SER H 429 -14.44 70.00 -83.33
C SER H 429 -15.48 70.36 -82.26
N LEU H 430 -15.16 71.41 -81.48
CA LEU H 430 -16.06 71.80 -80.39
C LEU H 430 -17.40 72.30 -80.89
N ASP H 431 -17.47 72.74 -82.15
CA ASP H 431 -18.74 73.28 -82.72
C ASP H 431 -19.45 72.20 -83.54
N ARG H 432 -18.93 70.97 -83.54
CA ARG H 432 -19.50 69.86 -84.31
C ARG H 432 -19.65 68.62 -83.44
N LEU H 433 -20.18 68.81 -82.23
CA LEU H 433 -20.34 67.72 -81.27
C LEU H 433 -21.74 67.12 -81.25
N MET H 434 -22.60 67.53 -82.17
CA MET H 434 -23.99 67.13 -82.16
C MET H 434 -24.24 65.92 -83.06
N ASN H 435 -25.48 65.45 -83.07
CA ASN H 435 -25.93 64.42 -83.98
C ASN H 435 -26.52 65.09 -85.21
N PRO H 436 -25.91 64.95 -86.39
CA PRO H 436 -26.41 65.67 -87.57
C PRO H 436 -27.73 65.16 -88.09
N LEU H 437 -28.21 64.01 -87.61
CA LEU H 437 -29.43 63.42 -88.12
C LEU H 437 -30.68 63.88 -87.39
N ILE H 438 -30.56 64.32 -86.15
CA ILE H 438 -31.69 64.65 -85.30
C ILE H 438 -31.69 66.15 -85.03
N ASP H 439 -32.85 66.77 -85.18
CA ASP H 439 -33.00 68.18 -84.84
C ASP H 439 -32.99 68.37 -83.33
N GLN H 440 -32.65 69.59 -82.91
CA GLN H 440 -32.74 69.96 -81.51
C GLN H 440 -34.17 70.33 -81.15
N TYR H 441 -34.53 70.09 -79.89
CA TYR H 441 -35.83 70.53 -79.41
C TYR H 441 -35.83 71.99 -78.97
N LEU H 442 -34.66 72.59 -78.83
CA LEU H 442 -34.57 74.00 -78.46
C LEU H 442 -34.74 74.88 -79.70
N TYR H 443 -35.26 76.08 -79.47
CA TYR H 443 -35.51 77.04 -80.52
C TYR H 443 -34.51 78.20 -80.44
N TYR H 444 -34.21 78.78 -81.59
CA TYR H 444 -33.38 79.97 -81.67
C TYR H 444 -34.06 81.00 -82.55
N LEU H 445 -33.79 82.27 -82.28
CA LEU H 445 -34.33 83.35 -83.09
C LEU H 445 -33.70 83.30 -84.49
N SER H 446 -34.49 82.89 -85.48
CA SER H 446 -34.00 82.72 -86.83
C SER H 446 -34.32 83.90 -87.74
N ARG H 447 -35.45 84.54 -87.49
CA ARG H 447 -35.82 85.72 -88.32
C ARG H 447 -36.25 86.88 -87.42
N THR H 448 -36.00 88.09 -87.88
CA THR H 448 -36.37 89.29 -87.13
C THR H 448 -37.39 90.17 -87.86
N ASN H 449 -37.75 89.83 -89.09
CA ASN H 449 -38.78 90.58 -89.81
C ASN H 449 -39.41 89.67 -90.85
N THR H 450 -40.54 90.11 -91.38
CA THR H 450 -41.25 89.39 -92.44
C THR H 450 -41.69 90.37 -93.52
N PRO H 451 -41.85 89.93 -94.79
CA PRO H 451 -42.35 90.82 -95.83
C PRO H 451 -43.75 91.31 -95.44
N SER H 452 -43.93 92.63 -95.40
CA SER H 452 -45.28 93.19 -95.12
C SER H 452 -45.63 94.19 -96.23
N GLY H 453 -46.71 93.94 -96.96
CA GLY H 453 -47.03 94.81 -98.12
C GLY H 453 -45.89 94.80 -99.11
N THR H 454 -45.38 95.99 -99.47
CA THR H 454 -44.22 96.08 -100.39
C THR H 454 -43.01 96.54 -99.57
N THR H 455 -43.17 96.67 -98.25
CA THR H 455 -42.04 97.03 -97.36
C THR H 455 -41.73 95.84 -96.45
N THR H 456 -41.16 96.10 -95.27
CA THR H 456 -40.90 95.02 -94.29
C THR H 456 -41.53 95.37 -92.95
N GLN H 457 -41.85 94.36 -92.15
CA GLN H 457 -42.42 94.60 -90.83
C GLN H 457 -41.69 93.74 -89.81
N SER H 458 -41.42 94.32 -88.63
CA SER H 458 -40.71 93.60 -87.59
C SER H 458 -41.55 92.45 -87.05
N ARG H 459 -40.97 91.26 -87.01
CA ARG H 459 -41.67 90.06 -86.55
C ARG H 459 -40.65 89.02 -86.17
N LEU H 460 -40.69 88.57 -84.92
CA LEU H 460 -39.75 87.57 -84.43
C LEU H 460 -40.24 86.17 -84.77
N GLN H 461 -39.34 85.34 -85.29
CA GLN H 461 -39.63 83.94 -85.57
C GLN H 461 -38.50 83.07 -85.04
N PHE H 462 -38.85 81.82 -84.71
CA PHE H 462 -37.92 80.90 -84.09
C PHE H 462 -37.94 79.56 -84.83
N SER H 463 -36.79 78.91 -84.87
CA SER H 463 -36.64 77.64 -85.57
C SER H 463 -35.86 76.68 -84.70
N GLN H 464 -36.04 75.40 -84.95
CA GLN H 464 -35.24 74.35 -84.34
C GLN H 464 -34.04 74.05 -85.22
N ALA H 465 -32.86 74.01 -84.62
CA ALA H 465 -31.63 73.87 -85.38
C ALA H 465 -31.37 72.40 -85.74
N GLY H 466 -30.95 72.17 -86.97
CA GLY H 466 -30.57 70.85 -87.45
C GLY H 466 -29.24 70.91 -88.16
N ALA H 467 -29.11 70.09 -89.21
CA ALA H 467 -27.86 70.04 -89.96
C ALA H 467 -27.70 71.21 -90.91
N SER H 468 -28.81 71.68 -91.52
CA SER H 468 -28.72 72.74 -92.51
C SER H 468 -28.33 74.07 -91.89
N ASP H 469 -28.76 74.33 -90.65
CA ASP H 469 -28.41 75.54 -89.93
C ASP H 469 -27.60 75.16 -88.70
N ILE H 470 -26.61 74.28 -88.90
CA ILE H 470 -25.82 73.70 -87.82
C ILE H 470 -25.09 74.76 -87.00
N ARG H 471 -24.85 75.95 -87.57
CA ARG H 471 -24.13 76.98 -86.84
C ARG H 471 -24.97 77.60 -85.72
N ASP H 472 -26.29 77.43 -85.76
CA ASP H 472 -27.19 78.04 -84.79
C ASP H 472 -27.57 77.10 -83.65
N GLN H 473 -26.98 75.90 -83.60
CA GLN H 473 -27.36 74.92 -82.59
C GLN H 473 -26.94 75.38 -81.21
N SER H 474 -27.80 75.12 -80.22
CA SER H 474 -27.46 75.41 -78.83
C SER H 474 -26.36 74.47 -78.36
N ARG H 475 -25.37 75.03 -77.66
CA ARG H 475 -24.19 74.29 -77.26
C ARG H 475 -23.92 74.51 -75.79
N ASN H 476 -23.14 73.59 -75.21
CA ASN H 476 -22.86 73.60 -73.78
C ASN H 476 -21.49 74.18 -73.45
N TRP H 477 -20.61 74.35 -74.43
CA TRP H 477 -19.23 74.72 -74.18
C TRP H 477 -18.78 75.84 -75.10
N LEU H 478 -17.65 76.45 -74.77
CA LEU H 478 -17.07 77.57 -75.49
C LEU H 478 -15.60 77.30 -75.77
N PRO H 479 -15.06 77.89 -76.83
CA PRO H 479 -13.62 77.77 -77.09
C PRO H 479 -12.80 78.50 -76.05
N GLY H 480 -11.56 78.05 -75.87
CA GLY H 480 -10.69 78.57 -74.84
C GLY H 480 -10.34 80.03 -75.00
N PRO H 481 -9.61 80.58 -74.04
CA PRO H 481 -9.31 82.02 -74.04
C PRO H 481 -8.34 82.39 -75.16
N CYS H 482 -8.38 83.69 -75.46
CA CYS H 482 -7.63 84.22 -76.61
C CYS H 482 -6.87 85.49 -76.25
N TYR H 483 -5.72 85.73 -76.88
CA TYR H 483 -4.98 86.99 -76.76
C TYR H 483 -4.37 87.24 -78.13
N ARG H 484 -5.05 88.04 -78.94
CA ARG H 484 -4.83 88.05 -80.38
C ARG H 484 -3.39 88.41 -80.74
N GLN H 485 -2.85 87.70 -81.73
CA GLN H 485 -1.52 87.93 -82.27
C GLN H 485 -1.62 88.44 -83.70
N GLN H 486 -0.61 89.20 -84.11
CA GLN H 486 -0.54 89.64 -85.50
C GLN H 486 -0.18 88.45 -86.41
N ARG H 487 -0.74 88.45 -87.60
CA ARG H 487 -0.52 87.38 -88.56
C ARG H 487 0.61 87.75 -89.52
N VAL H 488 1.57 86.83 -89.62
CA VAL H 488 2.73 86.99 -90.54
C VAL H 488 2.72 85.79 -91.46
N SER H 489 3.24 85.92 -92.68
CA SER H 489 3.27 84.86 -93.67
C SER H 489 4.69 84.40 -93.92
N LYS H 490 4.85 83.10 -94.16
CA LYS H 490 6.19 82.53 -94.46
C LYS H 490 6.61 83.01 -95.86
N THR H 491 5.66 83.31 -96.74
CA THR H 491 5.99 83.92 -98.05
C THR H 491 6.28 85.39 -97.80
N SER H 492 7.51 85.84 -98.01
CA SER H 492 7.90 87.22 -97.64
C SER H 492 7.06 88.29 -98.33
N ALA H 493 6.82 88.17 -99.64
CA ALA H 493 6.11 89.21 -100.37
C ALA H 493 4.74 89.49 -99.76
N ASP H 494 4.15 88.50 -99.09
CA ASP H 494 2.81 88.66 -98.53
C ASP H 494 2.77 89.58 -97.32
N ASN H 495 3.92 89.91 -96.74
CA ASN H 495 3.98 90.71 -95.53
C ASN H 495 4.06 92.20 -95.86
N ASN H 496 3.65 93.02 -94.90
CA ASN H 496 3.71 94.46 -95.07
C ASN H 496 5.16 94.93 -95.12
N ASN H 497 5.43 95.89 -96.00
CA ASN H 497 6.79 96.42 -96.18
C ASN H 497 7.04 97.53 -95.15
N SER H 498 7.20 97.09 -93.90
CA SER H 498 7.46 98.00 -92.80
C SER H 498 8.08 97.21 -91.66
N GLU H 499 8.59 97.95 -90.67
CA GLU H 499 9.16 97.32 -89.46
C GLU H 499 8.07 97.30 -88.40
N TYR H 500 7.45 96.13 -88.19
CA TYR H 500 6.35 95.98 -87.26
C TYR H 500 6.59 94.86 -86.24
N SER H 501 7.85 94.48 -86.02
CA SER H 501 8.13 93.41 -85.07
C SER H 501 7.84 93.83 -83.63
N TRP H 502 7.74 95.12 -83.35
CA TRP H 502 7.41 95.60 -82.02
C TRP H 502 6.15 96.46 -81.99
N THR H 503 5.94 97.31 -83.00
CA THR H 503 4.73 98.13 -83.03
C THR H 503 3.48 97.28 -83.14
N GLY H 504 3.51 96.25 -84.00
CA GLY H 504 2.42 95.32 -84.15
C GLY H 504 2.49 94.11 -83.25
N ALA H 505 3.44 94.08 -82.32
CA ALA H 505 3.63 92.93 -81.45
C ALA H 505 2.59 92.90 -80.34
N THR H 506 2.31 91.69 -79.85
CA THR H 506 1.42 91.49 -78.72
C THR H 506 2.22 91.57 -77.43
N LYS H 507 1.83 92.46 -76.53
CA LYS H 507 2.63 92.79 -75.36
C LYS H 507 1.77 92.80 -74.11
N TYR H 508 2.43 92.60 -72.97
CA TYR H 508 1.82 92.84 -71.67
C TYR H 508 2.62 93.90 -70.92
N HIS H 509 1.93 94.72 -70.16
CA HIS H 509 2.51 95.87 -69.48
C HIS H 509 2.66 95.54 -68.00
N LEU H 510 3.87 95.68 -67.48
CA LEU H 510 4.17 95.34 -66.09
C LEU H 510 5.17 96.35 -65.54
N ASN H 511 4.74 97.13 -64.55
CA ASN H 511 5.59 98.11 -63.87
C ASN H 511 6.19 99.10 -64.86
N GLY H 512 5.39 99.53 -65.84
CA GLY H 512 5.83 100.50 -66.81
C GLY H 512 6.70 99.96 -67.93
N ARG H 513 6.94 98.66 -67.94
CA ARG H 513 7.75 98.08 -69.06
C ARG H 513 6.93 97.09 -69.89
N ASP H 514 7.03 97.17 -71.21
CA ASP H 514 6.37 96.27 -72.14
C ASP H 514 7.24 95.05 -72.37
N SER H 515 6.66 93.87 -72.19
CA SER H 515 7.33 92.61 -72.48
C SER H 515 6.59 91.91 -73.61
N LEU H 516 7.35 91.28 -74.51
CA LEU H 516 6.74 90.54 -75.60
C LEU H 516 5.99 89.33 -75.06
N VAL H 517 4.79 89.10 -75.58
CA VAL H 517 4.02 87.91 -75.25
C VAL H 517 4.45 86.82 -76.21
N ASN H 518 5.27 85.90 -75.72
CA ASN H 518 5.89 84.88 -76.56
C ASN H 518 6.13 83.61 -75.76
N PRO H 519 5.45 82.50 -76.10
CA PRO H 519 4.45 82.34 -77.17
C PRO H 519 3.04 82.69 -76.71
N GLY H 520 2.84 82.95 -75.42
CA GLY H 520 1.55 83.35 -74.92
C GLY H 520 0.59 82.19 -74.73
N PRO H 521 -0.70 82.52 -74.58
CA PRO H 521 -1.71 81.47 -74.40
C PRO H 521 -1.77 80.54 -75.61
N ALA H 522 -2.06 79.27 -75.34
CA ALA H 522 -2.09 78.26 -76.39
C ALA H 522 -3.23 78.52 -77.35
N MET H 523 -2.90 78.81 -78.61
CA MET H 523 -3.88 79.10 -79.63
C MET H 523 -3.43 78.47 -80.94
N ALA H 524 -4.40 78.18 -81.80
CA ALA H 524 -4.09 77.58 -83.10
C ALA H 524 -3.30 78.54 -83.97
N SER H 525 -2.28 78.00 -84.64
CA SER H 525 -1.43 78.83 -85.49
C SER H 525 -2.21 79.40 -86.67
N HIS H 526 -3.10 78.59 -87.25
CA HIS H 526 -3.83 79.02 -88.43
C HIS H 526 -5.08 78.17 -88.58
N LYS H 527 -5.99 78.63 -89.42
CA LYS H 527 -7.22 77.90 -89.71
C LYS H 527 -6.98 76.96 -90.89
N ASP H 528 -8.05 76.39 -91.43
CA ASP H 528 -7.92 75.44 -92.54
C ASP H 528 -7.29 76.10 -93.75
N ASP H 529 -6.37 75.37 -94.39
CA ASP H 529 -5.77 75.78 -95.67
C ASP H 529 -5.07 77.13 -95.56
N GLU H 530 -4.42 77.39 -94.43
CA GLU H 530 -3.65 78.61 -94.23
C GLU H 530 -2.34 78.29 -93.52
N GLU H 531 -1.69 77.22 -93.93
CA GLU H 531 -0.47 76.75 -93.25
C GLU H 531 0.68 77.74 -93.39
N LYS H 532 0.63 78.65 -94.36
CA LYS H 532 1.70 79.63 -94.52
C LYS H 532 1.64 80.73 -93.48
N PHE H 533 0.53 80.86 -92.75
CA PHE H 533 0.37 81.91 -91.76
C PHE H 533 0.66 81.39 -90.36
N PHE H 534 1.40 82.18 -89.58
CA PHE H 534 1.69 81.87 -88.20
C PHE H 534 1.62 83.15 -87.38
N PRO H 535 1.30 83.04 -86.10
CA PRO H 535 1.29 84.24 -85.25
C PRO H 535 2.69 84.83 -85.10
N GLN H 536 2.73 86.15 -84.94
CA GLN H 536 4.02 86.84 -84.94
C GLN H 536 4.91 86.39 -83.80
N SER H 537 4.34 86.22 -82.61
CA SER H 537 5.09 85.71 -81.46
C SER H 537 4.27 84.68 -80.71
N GLY H 538 3.49 83.88 -81.44
CA GLY H 538 2.61 82.89 -80.83
C GLY H 538 3.02 81.46 -80.99
N VAL H 539 4.18 81.16 -81.57
CA VAL H 539 4.65 79.80 -81.74
C VAL H 539 6.12 79.73 -81.33
N LEU H 540 6.56 78.55 -80.93
CA LEU H 540 7.97 78.32 -80.69
C LEU H 540 8.72 78.25 -82.01
N ILE H 541 9.88 78.90 -82.06
CA ILE H 541 10.73 78.92 -83.24
C ILE H 541 12.08 78.34 -82.84
N PHE H 542 12.43 77.20 -83.41
CA PHE H 542 13.70 76.55 -83.16
C PHE H 542 14.68 76.84 -84.29
N GLY H 543 15.96 76.96 -83.92
CA GLY H 543 16.99 77.21 -84.90
C GLY H 543 17.51 75.91 -85.51
N LYS H 544 17.77 75.95 -86.81
CA LYS H 544 18.42 74.83 -87.47
C LYS H 544 19.89 74.78 -87.05
N GLN H 545 20.54 73.67 -87.38
CA GLN H 545 21.94 73.51 -87.01
C GLN H 545 22.80 74.56 -87.71
N GLY H 546 23.67 75.20 -86.94
CA GLY H 546 24.54 76.23 -87.47
C GLY H 546 23.93 77.61 -87.57
N SER H 547 22.71 77.78 -87.04
CA SER H 547 22.00 79.08 -87.17
C SER H 547 22.64 80.11 -86.24
N GLU H 548 22.78 81.36 -86.70
CA GLU H 548 23.38 82.41 -85.91
C GLU H 548 22.39 82.91 -84.85
N LYS H 549 22.73 84.01 -84.20
CA LYS H 549 21.92 84.52 -83.10
C LYS H 549 21.01 85.66 -83.52
N THR H 550 21.48 86.56 -84.38
CA THR H 550 20.78 87.79 -84.69
C THR H 550 20.36 87.82 -86.15
N ASN H 551 19.06 88.06 -86.38
CA ASN H 551 18.51 88.37 -87.70
C ASN H 551 18.82 87.29 -88.73
N VAL H 552 18.55 86.04 -88.37
CA VAL H 552 18.67 84.94 -89.32
C VAL H 552 17.42 84.89 -90.18
N ASP H 553 17.56 84.37 -91.40
CA ASP H 553 16.45 84.32 -92.32
C ASP H 553 15.44 83.24 -91.89
N ILE H 554 14.29 83.24 -92.55
CA ILE H 554 13.25 82.28 -92.21
C ILE H 554 13.68 80.86 -92.57
N GLU H 555 14.49 80.69 -93.62
CA GLU H 555 14.97 79.37 -93.99
C GLU H 555 15.98 78.81 -93.00
N LYS H 556 16.48 79.64 -92.08
CA LYS H 556 17.41 79.20 -91.05
C LYS H 556 16.70 78.73 -89.78
N VAL H 557 15.39 78.89 -89.69
CA VAL H 557 14.65 78.54 -88.49
C VAL H 557 13.51 77.60 -88.88
N MET H 558 13.04 76.84 -87.89
CA MET H 558 11.92 75.92 -88.04
C MET H 558 10.79 76.39 -87.14
N ILE H 559 9.68 76.79 -87.75
CA ILE H 559 8.55 77.35 -87.03
C ILE H 559 7.56 76.24 -86.73
N THR H 560 7.18 76.10 -85.46
CA THR H 560 6.28 75.05 -85.05
C THR H 560 4.84 75.39 -85.44
N ASP H 561 4.00 74.36 -85.42
CA ASP H 561 2.58 74.55 -85.79
C ASP H 561 1.70 73.97 -84.68
N GLU H 562 0.70 74.71 -84.26
CA GLU H 562 -0.26 74.31 -83.24
C GLU H 562 -1.64 74.16 -83.84
N GLU H 563 -1.73 73.55 -85.02
CA GLU H 563 -3.00 73.39 -85.70
C GLU H 563 -3.84 72.26 -85.13
N GLU H 564 -3.24 71.34 -84.38
CA GLU H 564 -4.01 70.21 -83.85
C GLU H 564 -4.99 70.65 -82.76
N ILE H 565 -4.85 71.86 -82.23
CA ILE H 565 -5.71 72.33 -81.15
C ILE H 565 -6.76 73.33 -81.64
N ARG H 566 -6.88 73.50 -82.96
CA ARG H 566 -7.90 74.40 -83.48
C ARG H 566 -9.30 73.84 -83.33
N THR H 567 -9.44 72.59 -82.90
CA THR H 567 -10.76 72.03 -82.62
C THR H 567 -11.41 72.70 -81.41
N THR H 568 -10.61 73.07 -80.40
CA THR H 568 -11.12 73.70 -79.19
C THR H 568 -10.56 75.08 -78.92
N ASN H 569 -9.45 75.45 -79.53
CA ASN H 569 -8.80 76.72 -79.24
C ASN H 569 -8.97 77.68 -80.40
N PRO H 570 -9.21 78.96 -80.13
CA PRO H 570 -9.35 79.94 -81.21
C PRO H 570 -8.05 80.13 -81.96
N VAL H 571 -8.17 80.50 -83.24
CA VAL H 571 -7.00 80.81 -84.03
C VAL H 571 -6.33 82.06 -83.47
N ALA H 572 -4.99 82.01 -83.39
CA ALA H 572 -4.25 83.05 -82.70
C ALA H 572 -4.41 84.42 -83.36
N THR H 573 -4.49 84.44 -84.68
CA THR H 573 -4.50 85.70 -85.43
C THR H 573 -5.90 86.24 -85.68
N GLU H 574 -6.93 85.57 -85.18
CA GLU H 574 -8.30 85.99 -85.41
C GLU H 574 -8.97 86.32 -84.08
N GLN H 575 -10.13 86.95 -84.18
CA GLN H 575 -10.88 87.33 -82.98
C GLN H 575 -11.51 86.08 -82.35
N TYR H 576 -11.77 86.18 -81.04
CA TYR H 576 -12.49 85.11 -80.36
C TYR H 576 -13.92 85.02 -80.88
N GLY H 577 -14.57 86.15 -81.09
CA GLY H 577 -15.96 86.15 -81.52
C GLY H 577 -16.49 87.57 -81.58
N SER H 578 -17.81 87.68 -81.44
CA SER H 578 -18.49 88.96 -81.48
C SER H 578 -19.47 89.08 -80.32
N VAL H 579 -19.61 90.29 -79.80
CA VAL H 579 -20.56 90.60 -78.74
C VAL H 579 -21.35 91.82 -79.16
N SER H 580 -22.54 91.95 -78.57
CA SER H 580 -23.36 93.13 -78.80
C SER H 580 -22.80 94.34 -78.05
N THR H 581 -22.95 95.52 -78.65
CA THR H 581 -22.43 96.74 -78.07
C THR H 581 -23.50 97.79 -77.80
N ASN H 582 -24.74 97.57 -78.21
CA ASN H 582 -25.80 98.55 -78.01
C ASN H 582 -27.11 97.80 -77.78
N LEU H 583 -28.22 98.54 -77.79
CA LEU H 583 -29.56 97.98 -77.65
C LEU H 583 -30.38 98.37 -78.87
N GLN H 584 -30.68 97.39 -79.71
CA GLN H 584 -31.50 97.63 -80.89
C GLN H 584 -32.92 98.00 -80.47
N ARG H 585 -33.52 98.86 -81.28
CA ARG H 585 -34.88 99.37 -80.96
C ARG H 585 -35.53 99.89 -82.23
N GLY H 586 -36.83 99.66 -82.40
CA GLY H 586 -37.56 100.20 -83.52
C GLY H 586 -38.14 101.58 -83.21
N ASN H 587 -38.90 102.09 -84.19
CA ASN H 587 -39.46 103.47 -84.07
C ASN H 587 -40.65 103.48 -83.11
N THR H 594 -35.67 107.37 -82.16
CA THR H 594 -35.52 106.88 -83.56
C THR H 594 -35.15 105.40 -83.53
N SER H 595 -34.97 104.75 -84.68
CA SER H 595 -34.56 103.36 -84.57
C SER H 595 -33.05 103.23 -84.47
N ARG H 596 -32.60 102.18 -83.79
CA ARG H 596 -31.19 101.86 -83.65
C ARG H 596 -30.97 100.41 -84.07
N GLN H 597 -30.06 100.19 -85.02
CA GLN H 597 -29.78 98.84 -85.48
C GLN H 597 -28.76 98.17 -84.58
N ALA H 598 -28.86 96.85 -84.48
CA ALA H 598 -27.97 96.09 -83.62
C ALA H 598 -26.53 96.19 -84.11
N ALA H 599 -25.61 96.39 -83.18
CA ALA H 599 -24.20 96.55 -83.48
C ALA H 599 -23.39 95.50 -82.73
N THR H 600 -22.29 95.07 -83.36
CA THR H 600 -21.41 94.06 -82.78
C THR H 600 -19.97 94.53 -82.89
N ALA H 601 -19.13 93.99 -82.01
CA ALA H 601 -17.71 94.29 -81.99
C ALA H 601 -16.91 93.00 -81.88
N ASP H 602 -15.72 93.01 -82.47
CA ASP H 602 -14.82 91.87 -82.36
C ASP H 602 -14.23 91.80 -80.95
N VAL H 603 -14.04 90.59 -80.47
CA VAL H 603 -13.44 90.34 -79.16
C VAL H 603 -12.03 89.87 -79.41
N ASN H 604 -11.08 90.81 -79.43
CA ASN H 604 -9.69 90.49 -79.69
C ASN H 604 -8.99 89.89 -78.48
N THR H 605 -9.53 90.09 -77.27
CA THR H 605 -9.00 89.48 -76.07
C THR H 605 -10.16 88.95 -75.25
N GLN H 606 -10.08 87.68 -74.86
CA GLN H 606 -11.15 87.02 -74.11
C GLN H 606 -10.55 86.30 -72.92
N GLY H 607 -11.01 86.67 -71.72
CA GLY H 607 -10.64 85.95 -70.52
C GLY H 607 -11.40 84.66 -70.38
N VAL H 608 -11.07 83.92 -69.33
CA VAL H 608 -11.70 82.62 -69.10
C VAL H 608 -13.14 82.82 -68.66
N LEU H 609 -14.05 82.11 -69.30
CA LEU H 609 -15.47 82.11 -68.99
C LEU H 609 -15.88 80.73 -68.48
N PRO H 610 -16.92 80.65 -67.65
CA PRO H 610 -17.44 79.33 -67.25
C PRO H 610 -17.91 78.54 -68.46
N GLY H 611 -17.61 77.25 -68.45
CA GLY H 611 -17.90 76.39 -69.58
C GLY H 611 -16.86 76.38 -70.67
N MET H 612 -15.73 77.05 -70.47
CA MET H 612 -14.67 77.13 -71.51
C MET H 612 -13.77 75.90 -71.43
N VAL H 613 -13.41 75.32 -72.58
CA VAL H 613 -12.53 74.17 -72.72
C VAL H 613 -11.43 74.52 -73.70
N TRP H 614 -10.22 74.04 -73.43
CA TRP H 614 -9.06 74.37 -74.26
C TRP H 614 -8.02 73.27 -74.13
N GLN H 615 -7.05 73.29 -75.04
CA GLN H 615 -5.90 72.40 -75.01
C GLN H 615 -4.64 73.23 -74.77
N ASP H 616 -3.71 72.64 -74.04
CA ASP H 616 -2.45 73.33 -73.75
C ASP H 616 -1.53 73.27 -74.96
N ARG H 617 -0.42 74.01 -74.89
CA ARG H 617 0.54 74.02 -75.97
C ARG H 617 1.26 72.67 -76.05
N ASP H 618 1.56 72.25 -77.27
CA ASP H 618 2.24 70.98 -77.48
C ASP H 618 3.69 71.06 -77.01
N VAL H 619 4.23 69.91 -76.66
CA VAL H 619 5.66 69.78 -76.33
C VAL H 619 6.37 69.18 -77.52
N TYR H 620 7.66 69.47 -77.64
CA TYR H 620 8.46 69.07 -78.78
C TYR H 620 9.73 68.39 -78.30
N LEU H 621 10.35 67.65 -79.22
CA LEU H 621 11.60 66.96 -78.87
C LEU H 621 12.68 67.97 -78.48
N GLN H 622 12.76 69.09 -79.18
CA GLN H 622 13.68 70.16 -78.84
C GLN H 622 13.13 71.11 -77.79
N GLY H 623 11.89 70.93 -77.37
CA GLY H 623 11.24 71.85 -76.46
C GLY H 623 11.54 71.59 -75.00
N PRO H 624 11.15 72.52 -74.14
CA PRO H 624 11.35 72.33 -72.70
C PRO H 624 10.39 71.29 -72.13
N ILE H 625 10.81 70.72 -71.00
CA ILE H 625 10.03 69.68 -70.32
C ILE H 625 9.16 70.28 -69.23
N TRP H 626 9.73 71.12 -68.38
CA TRP H 626 9.02 71.62 -67.20
C TRP H 626 9.36 73.08 -66.97
N ALA H 627 8.69 73.66 -65.98
CA ALA H 627 9.00 74.99 -65.49
C ALA H 627 8.51 75.10 -64.06
N LYS H 628 9.12 76.01 -63.30
CA LYS H 628 8.72 76.22 -61.92
C LYS H 628 7.53 77.19 -61.85
N ILE H 629 6.46 76.75 -61.22
CA ILE H 629 5.32 77.64 -61.01
C ILE H 629 5.73 78.74 -60.02
N PRO H 630 5.55 80.01 -60.37
CA PRO H 630 5.95 81.09 -59.45
C PRO H 630 5.22 80.99 -58.13
N HIS H 631 5.93 81.31 -57.05
CA HIS H 631 5.36 81.29 -55.70
C HIS H 631 4.51 82.53 -55.52
N THR H 632 3.23 82.41 -55.87
CA THR H 632 2.29 83.51 -55.82
C THR H 632 1.02 83.06 -55.11
N ASP H 633 0.24 84.03 -54.66
CA ASP H 633 -1.02 83.72 -53.93
C ASP H 633 -2.00 83.03 -54.87
N GLY H 634 -2.08 83.48 -56.11
CA GLY H 634 -3.01 82.91 -57.05
C GLY H 634 -2.39 82.69 -58.41
N HIS H 635 -2.90 81.67 -59.09
CA HIS H 635 -2.54 81.36 -60.47
C HIS H 635 -3.64 80.49 -61.05
N PHE H 636 -3.86 80.62 -62.35
CA PHE H 636 -4.89 79.86 -63.04
C PHE H 636 -4.23 78.97 -64.08
N HIS H 637 -4.51 77.67 -64.00
CA HIS H 637 -3.99 76.67 -64.93
C HIS H 637 -2.48 76.84 -65.11
N PRO H 638 -1.68 76.47 -64.11
CA PRO H 638 -0.23 76.73 -64.15
C PRO H 638 0.55 75.78 -65.06
N SER H 639 0.06 75.59 -66.27
CA SER H 639 0.84 74.95 -67.32
C SER H 639 1.74 75.99 -67.98
N PRO H 640 3.03 75.73 -68.13
CA PRO H 640 3.93 76.72 -68.73
C PRO H 640 3.48 77.08 -70.14
N LEU H 641 3.56 78.37 -70.46
CA LEU H 641 3.10 78.84 -71.76
C LEU H 641 4.00 78.38 -72.88
N MET H 642 5.30 78.18 -72.60
CA MET H 642 6.22 77.65 -73.59
C MET H 642 6.02 76.16 -73.84
N GLY H 643 5.22 75.48 -73.03
CA GLY H 643 4.96 74.07 -73.18
C GLY H 643 5.66 73.24 -72.11
N GLY H 644 4.94 72.24 -71.62
CA GLY H 644 5.52 71.35 -70.62
C GLY H 644 4.68 71.15 -69.38
N PHE H 645 5.32 70.78 -68.29
CA PHE H 645 4.65 70.45 -67.03
C PHE H 645 4.96 71.52 -66.00
N GLY H 646 3.91 72.10 -65.43
CA GLY H 646 4.08 73.05 -64.35
C GLY H 646 4.31 72.38 -63.02
N LEU H 647 5.42 72.69 -62.36
CA LEU H 647 5.81 72.02 -61.12
C LEU H 647 6.00 73.06 -60.03
N LYS H 648 5.30 72.87 -58.90
CA LYS H 648 5.52 73.73 -57.75
C LYS H 648 6.90 73.49 -57.15
N HIS H 649 7.37 72.24 -57.18
CA HIS H 649 8.71 71.86 -56.75
C HIS H 649 9.37 71.14 -57.92
N PRO H 650 9.94 71.88 -58.86
CA PRO H 650 10.56 71.25 -60.03
C PRO H 650 11.88 70.59 -59.65
N PRO H 651 12.52 69.87 -60.57
CA PRO H 651 13.85 69.33 -60.29
C PRO H 651 14.79 70.44 -59.86
N PRO H 652 15.50 70.26 -58.74
CA PRO H 652 16.31 71.36 -58.21
C PRO H 652 17.47 71.70 -59.11
N GLN H 653 17.89 72.96 -59.05
CA GLN H 653 19.08 73.39 -59.75
C GLN H 653 20.32 72.73 -59.16
N ILE H 654 21.19 72.24 -60.03
CA ILE H 654 22.43 71.60 -59.62
C ILE H 654 23.56 72.54 -59.97
N LEU H 655 24.21 73.09 -58.94
CA LEU H 655 25.25 74.09 -59.11
C LEU H 655 26.62 73.44 -58.92
N ILE H 656 27.54 73.72 -59.83
CA ILE H 656 28.87 73.16 -59.81
C ILE H 656 29.88 74.26 -60.13
N LYS H 657 31.00 74.26 -59.41
CA LYS H 657 32.08 75.20 -59.69
C LYS H 657 33.39 74.60 -59.25
N ASN H 658 34.48 75.11 -59.83
CA ASN H 658 35.81 74.69 -59.44
C ASN H 658 36.25 75.44 -58.20
N THR H 659 36.82 74.73 -57.24
CA THR H 659 37.32 75.37 -56.04
C THR H 659 38.55 76.21 -56.39
N PRO H 660 38.57 77.49 -56.03
CA PRO H 660 39.73 78.33 -56.37
C PRO H 660 40.99 77.85 -55.64
N VAL H 661 42.06 77.68 -56.39
CA VAL H 661 43.35 77.27 -55.86
C VAL H 661 44.28 78.48 -55.93
N PRO H 662 44.64 79.09 -54.81
CA PRO H 662 45.50 80.28 -54.85
C PRO H 662 46.87 79.96 -55.45
N ALA H 663 47.42 80.94 -56.16
CA ALA H 663 48.76 80.84 -56.70
C ALA H 663 49.77 81.13 -55.59
N ASN H 664 51.03 81.34 -55.96
CA ASN H 664 52.08 81.52 -54.97
C ASN H 664 51.83 82.77 -54.14
N PRO H 665 51.68 82.66 -52.82
CA PRO H 665 51.46 83.85 -51.99
C PRO H 665 52.77 84.54 -51.63
N SER H 666 52.61 85.76 -51.14
CA SER H 666 53.77 86.56 -50.68
C SER H 666 54.23 86.04 -49.32
N THR H 667 55.53 86.05 -49.08
CA THR H 667 56.06 85.61 -47.79
C THR H 667 55.72 86.58 -46.66
N THR H 668 55.28 87.78 -46.98
CA THR H 668 54.83 88.75 -46.00
C THR H 668 53.30 88.77 -46.00
N PHE H 669 52.72 88.87 -44.80
CA PHE H 669 51.27 88.83 -44.69
C PHE H 669 50.64 90.05 -45.35
N SER H 670 49.57 89.82 -46.09
CA SER H 670 48.79 90.87 -46.72
C SER H 670 47.31 90.61 -46.45
N ALA H 671 46.61 91.62 -45.94
CA ALA H 671 45.20 91.49 -45.65
C ALA H 671 44.32 91.58 -46.88
N ALA H 672 44.87 91.96 -48.03
CA ALA H 672 44.11 92.01 -49.27
C ALA H 672 43.69 90.61 -49.68
N LYS H 673 42.46 90.49 -50.17
CA LYS H 673 41.98 89.19 -50.62
C LYS H 673 42.77 88.71 -51.83
N PHE H 674 42.86 87.39 -51.94
CA PHE H 674 43.67 86.78 -53.03
C PHE H 674 43.09 87.13 -54.40
N ALA H 675 43.95 87.59 -55.31
CA ALA H 675 43.55 87.90 -56.67
C ALA H 675 44.27 87.07 -57.71
N SER H 676 45.28 86.28 -57.33
CA SER H 676 46.03 85.44 -58.24
C SER H 676 45.70 83.98 -57.93
N PHE H 677 45.31 83.24 -58.96
CA PHE H 677 44.91 81.84 -58.80
C PHE H 677 45.54 81.01 -59.92
N ILE H 678 45.62 79.71 -59.68
CA ILE H 678 46.08 78.78 -60.70
C ILE H 678 44.94 78.56 -61.69
N THR H 679 45.21 78.79 -62.97
CA THR H 679 44.19 78.59 -63.99
C THR H 679 43.87 77.10 -64.10
N GLN H 680 42.58 76.78 -64.05
CA GLN H 680 42.19 75.38 -64.10
C GLN H 680 40.73 75.26 -64.53
N TYR H 681 40.41 74.10 -65.07
CA TYR H 681 39.05 73.73 -65.44
C TYR H 681 38.82 72.29 -65.02
N SER H 682 37.59 71.82 -65.19
CA SER H 682 37.26 70.45 -64.85
C SER H 682 36.47 69.81 -65.98
N THR H 683 36.57 68.49 -66.07
CA THR H 683 35.80 67.70 -67.03
C THR H 683 35.32 66.45 -66.33
N GLY H 684 34.24 65.88 -66.85
CA GLY H 684 33.69 64.70 -66.23
C GLY H 684 32.49 64.21 -67.00
N GLN H 685 31.76 63.27 -66.38
CA GLN H 685 30.58 62.68 -66.97
C GLN H 685 29.36 62.98 -66.11
N VAL H 686 28.22 63.17 -66.75
CA VAL H 686 26.96 63.45 -66.08
C VAL H 686 25.92 62.45 -66.57
N SER H 687 25.14 61.90 -65.65
CA SER H 687 24.10 60.93 -65.97
C SER H 687 22.75 61.42 -65.46
N VAL H 688 21.74 61.38 -66.32
CA VAL H 688 20.38 61.73 -65.97
C VAL H 688 19.48 60.58 -66.36
N GLU H 689 18.75 60.03 -65.40
CA GLU H 689 17.80 58.95 -65.64
C GLU H 689 16.43 59.37 -65.17
N ILE H 690 15.45 59.39 -66.08
CA ILE H 690 14.10 59.82 -65.77
C ILE H 690 13.14 58.68 -66.09
N GLU H 691 12.26 58.37 -65.15
CA GLU H 691 11.18 57.42 -65.35
C GLU H 691 9.93 58.19 -65.75
N TRP H 692 9.31 57.78 -66.86
CA TRP H 692 8.10 58.41 -67.38
C TRP H 692 6.96 57.42 -67.32
N GLU H 693 5.77 57.92 -66.98
CA GLU H 693 4.56 57.12 -66.99
C GLU H 693 3.79 57.37 -68.28
N LEU H 694 3.28 56.30 -68.87
CA LEU H 694 2.60 56.35 -70.15
C LEU H 694 1.10 56.14 -69.98
N GLN H 695 0.33 56.85 -70.78
CA GLN H 695 -1.12 56.69 -70.87
C GLN H 695 -1.41 55.99 -72.20
N LYS H 696 -1.67 54.69 -72.13
CA LYS H 696 -1.81 53.90 -73.35
C LYS H 696 -3.05 54.29 -74.13
N GLU H 697 -2.91 54.36 -75.45
CA GLU H 697 -4.04 54.67 -76.33
C GLU H 697 -5.06 53.53 -76.31
N ASN H 698 -6.33 53.89 -76.22
CA ASN H 698 -7.44 52.94 -76.15
C ASN H 698 -8.51 53.34 -77.15
N SER H 699 -8.10 53.65 -78.37
CA SER H 699 -9.03 54.15 -79.38
C SER H 699 -9.83 53.01 -80.00
N LYS H 700 -11.00 53.34 -80.55
CA LYS H 700 -11.86 52.34 -81.25
C LYS H 700 -12.15 52.83 -82.67
N ARG H 701 -11.35 53.74 -83.20
CA ARG H 701 -11.54 54.16 -84.58
C ARG H 701 -11.18 53.03 -85.53
N TRP H 702 -11.82 53.03 -86.70
CA TRP H 702 -11.67 51.95 -87.66
C TRP H 702 -10.53 52.19 -88.63
N ASN H 703 -10.50 53.35 -89.26
CA ASN H 703 -9.49 53.65 -90.27
C ASN H 703 -8.15 54.01 -89.60
N PRO H 704 -7.01 53.83 -90.30
CA PRO H 704 -5.70 54.08 -89.69
C PRO H 704 -5.51 55.54 -89.24
N GLU H 705 -4.55 55.80 -88.35
CA GLU H 705 -4.33 57.15 -87.77
C GLU H 705 -3.13 57.83 -88.41
N ILE H 706 -2.93 59.13 -88.15
CA ILE H 706 -1.66 59.74 -88.62
C ILE H 706 -0.52 59.35 -87.68
N GLN H 707 0.61 58.90 -88.22
CA GLN H 707 1.76 58.58 -87.40
C GLN H 707 2.97 59.32 -87.94
N TYR H 708 3.89 59.68 -87.05
CA TYR H 708 5.15 60.24 -87.49
C TYR H 708 6.00 59.16 -88.14
N THR H 709 6.64 59.49 -89.25
CA THR H 709 7.40 58.51 -90.01
C THR H 709 8.56 59.20 -90.71
N SER H 710 9.57 58.40 -91.02
CA SER H 710 10.70 58.93 -91.82
C SER H 710 10.28 58.89 -93.29
N ASN H 711 10.92 59.67 -94.16
CA ASN H 711 10.47 59.65 -95.57
C ASN H 711 11.29 58.59 -96.29
N TYR H 712 10.65 57.72 -97.06
CA TYR H 712 11.35 56.59 -97.70
C TYR H 712 12.26 57.07 -98.83
N ASN H 713 11.91 58.17 -99.50
CA ASN H 713 12.71 58.54 -100.66
C ASN H 713 14.17 58.76 -100.29
N LYS H 714 15.04 58.50 -101.27
CA LYS H 714 16.49 58.64 -101.06
C LYS H 714 16.86 60.08 -100.78
N SER H 715 17.94 60.26 -100.04
CA SER H 715 18.42 61.59 -99.71
C SER H 715 19.91 61.53 -99.49
N ILE H 716 20.56 62.71 -99.58
CA ILE H 716 22.00 62.79 -99.34
C ILE H 716 22.31 62.42 -97.88
N ASN H 717 21.52 62.92 -96.95
CA ASN H 717 21.71 62.68 -95.53
C ASN H 717 20.46 62.04 -94.93
N VAL H 718 20.67 61.19 -93.95
CA VAL H 718 19.57 60.61 -93.18
C VAL H 718 19.16 61.59 -92.09
N ASP H 719 17.86 61.67 -91.83
CA ASP H 719 17.37 62.60 -90.82
C ASP H 719 17.82 62.16 -89.43
N PHE H 720 18.12 63.15 -88.58
CA PHE H 720 18.52 62.93 -87.18
C PHE H 720 19.76 62.05 -87.09
N THR H 721 20.71 62.27 -88.00
CA THR H 721 22.01 61.61 -87.97
C THR H 721 23.09 62.67 -88.13
N VAL H 722 24.33 62.21 -88.28
CA VAL H 722 25.46 63.11 -88.49
C VAL H 722 25.74 63.17 -89.99
N ASP H 723 26.33 64.29 -90.42
CA ASP H 723 26.71 64.45 -91.82
C ASP H 723 28.17 64.01 -92.00
N THR H 724 28.74 64.34 -93.14
CA THR H 724 30.14 63.93 -93.45
C THR H 724 31.09 64.67 -92.49
N ASN H 725 30.62 65.73 -91.84
CA ASN H 725 31.45 66.46 -90.84
C ASN H 725 31.17 65.90 -89.45
N GLY H 726 30.29 64.88 -89.35
CA GLY H 726 29.94 64.31 -88.04
C GLY H 726 29.12 65.27 -87.20
N VAL H 727 28.49 66.25 -87.86
CA VAL H 727 27.69 67.28 -87.13
C VAL H 727 26.25 66.76 -87.00
N TYR H 728 25.77 66.60 -85.77
CA TYR H 728 24.40 66.13 -85.56
C TYR H 728 23.43 67.28 -85.77
N SER H 729 22.33 67.00 -86.47
CA SER H 729 21.32 68.01 -86.74
C SER H 729 19.94 67.40 -86.52
N GLU H 730 18.99 68.26 -86.18
CA GLU H 730 17.59 67.88 -86.04
C GLU H 730 16.80 68.57 -87.14
N PRO H 731 16.42 67.87 -88.21
CA PRO H 731 15.88 68.56 -89.39
C PRO H 731 14.59 69.31 -89.15
N ARG H 732 13.70 68.82 -88.28
CA ARG H 732 12.41 69.47 -88.08
C ARG H 732 11.98 69.27 -86.64
N PRO H 733 11.10 70.13 -86.12
CA PRO H 733 10.51 69.88 -84.81
C PRO H 733 9.46 68.79 -84.90
N ILE H 734 9.47 67.89 -83.91
CA ILE H 734 8.48 66.83 -83.82
C ILE H 734 7.64 67.08 -82.58
N GLY H 735 6.33 67.20 -82.77
CA GLY H 735 5.40 67.31 -81.67
C GLY H 735 5.05 65.95 -81.11
N THR H 736 3.92 65.89 -80.42
CA THR H 736 3.43 64.64 -79.87
C THR H 736 2.03 64.28 -80.30
N ARG H 737 1.32 65.15 -81.01
CA ARG H 737 -0.11 65.00 -81.24
C ARG H 737 -0.35 64.38 -82.61
N TYR H 738 -0.27 63.05 -82.65
CA TYR H 738 -0.52 62.28 -83.86
C TYR H 738 -1.70 61.33 -83.73
N LEU H 739 -1.85 60.66 -82.59
CA LEU H 739 -3.04 59.87 -82.35
C LEU H 739 -4.23 60.79 -82.12
N THR H 740 -5.43 60.24 -82.24
CA THR H 740 -6.66 61.01 -82.11
C THR H 740 -7.54 60.42 -81.02
N ARG H 741 -8.28 61.33 -80.37
CA ARG H 741 -9.27 60.92 -79.34
C ARG H 741 -10.50 61.79 -79.56
N ASN H 742 -11.71 61.28 -79.27
CA ASN H 742 -12.93 62.07 -79.36
C ASN H 742 -12.98 63.11 -78.25
N LEU H 743 -13.70 64.19 -78.52
CA LEU H 743 -13.90 65.24 -77.52
C LEU H 743 -14.74 64.74 -76.35
N ALA I 218 43.15 62.12 42.72
CA ALA I 218 42.54 61.98 41.38
C ALA I 218 43.55 62.39 40.32
N ASP I 219 44.29 63.46 40.59
CA ASP I 219 45.21 64.03 39.57
C ASP I 219 46.59 64.22 40.21
N GLY I 220 46.78 63.68 41.41
CA GLY I 220 48.13 63.76 42.02
C GLY I 220 48.75 65.14 41.85
N VAL I 221 50.06 65.18 41.58
CA VAL I 221 50.76 66.49 41.49
C VAL I 221 51.15 66.67 40.04
N GLY I 222 50.63 67.69 39.39
CA GLY I 222 50.96 68.02 38.03
C GLY I 222 49.85 67.77 37.03
N ASN I 223 48.71 67.24 37.46
CA ASN I 223 47.56 67.03 36.59
C ASN I 223 46.43 67.93 37.06
N SER I 224 45.90 68.74 36.14
CA SER I 224 44.84 69.66 36.49
C SER I 224 43.54 68.90 36.73
N SER I 225 42.80 69.31 37.76
CA SER I 225 41.55 68.67 38.13
C SER I 225 40.33 69.47 37.67
N GLY I 226 40.52 70.49 36.84
CA GLY I 226 39.39 71.25 36.34
C GLY I 226 39.87 72.28 35.33
N ASN I 227 38.89 72.93 34.70
CA ASN I 227 39.14 73.94 33.69
C ASN I 227 38.39 75.21 34.05
N TRP I 228 38.78 76.31 33.41
CA TRP I 228 38.15 77.61 33.62
C TRP I 228 36.91 77.72 32.75
N HIS I 229 35.75 77.77 33.38
CA HIS I 229 34.46 77.89 32.65
C HIS I 229 33.76 79.16 33.15
N CYS I 230 33.95 80.27 32.45
CA CYS I 230 33.25 81.53 32.81
C CYS I 230 32.54 82.01 31.54
N ASP I 231 31.21 81.89 31.49
CA ASP I 231 30.48 82.26 30.25
C ASP I 231 28.97 82.19 30.46
N SER I 232 28.18 82.59 29.47
CA SER I 232 26.75 82.40 29.60
C SER I 232 26.16 81.97 28.27
N THR I 233 25.18 81.07 28.32
CA THR I 233 24.51 80.56 27.14
C THR I 233 23.02 80.87 27.23
N TRP I 234 22.50 81.53 26.22
CA TRP I 234 21.07 81.85 26.14
C TRP I 234 20.42 80.88 25.15
N MET I 235 19.48 80.08 25.65
CA MET I 235 18.79 79.09 24.78
C MET I 235 17.28 79.18 25.04
N GLY I 236 16.57 79.96 24.23
CA GLY I 236 15.13 80.07 24.37
C GLY I 236 14.75 80.72 25.68
N ASP I 237 13.98 79.99 26.49
CA ASP I 237 13.51 80.47 27.78
C ASP I 237 14.47 80.14 28.92
N ARG I 238 15.74 79.92 28.62
CA ARG I 238 16.73 79.60 29.64
C ARG I 238 17.99 80.40 29.38
N VAL I 239 18.68 80.78 30.47
CA VAL I 239 20.03 81.32 30.39
C VAL I 239 20.86 80.64 31.47
N THR I 240 21.98 80.05 31.08
CA THR I 240 22.88 79.37 32.00
C THR I 240 24.13 80.22 32.15
N THR I 241 24.37 80.72 33.35
CA THR I 241 25.53 81.53 33.66
C THR I 241 26.53 80.70 34.45
N THR I 242 27.79 80.70 34.01
CA THR I 242 28.87 80.00 34.68
C THR I 242 29.97 80.99 35.03
N SER I 243 30.52 80.86 36.24
CA SER I 243 31.55 81.77 36.71
C SER I 243 32.66 80.98 37.37
N THR I 244 33.90 81.40 37.14
CA THR I 244 35.06 80.82 37.80
C THR I 244 35.87 81.92 38.44
N ARG I 245 36.34 81.68 39.68
CA ARG I 245 37.12 82.64 40.42
C ARG I 245 38.29 81.92 41.09
N THR I 246 39.31 82.69 41.44
CA THR I 246 40.44 82.18 42.22
C THR I 246 40.29 82.66 43.65
N TRP I 247 40.30 81.72 44.59
CA TRP I 247 40.09 82.01 46.00
C TRP I 247 41.34 81.72 46.81
N ALA I 248 41.45 82.41 47.94
CA ALA I 248 42.50 82.18 48.91
C ALA I 248 41.88 81.94 50.28
N LEU I 249 42.26 80.86 50.92
CA LEU I 249 41.70 80.48 52.22
C LEU I 249 42.81 80.42 53.26
N PRO I 250 42.84 81.33 54.21
CA PRO I 250 43.84 81.29 55.28
C PRO I 250 43.41 80.32 56.38
N THR I 251 44.23 80.26 57.42
CA THR I 251 43.88 79.53 58.64
C THR I 251 43.18 80.49 59.59
N TYR I 252 41.97 80.14 59.99
CA TYR I 252 41.14 81.02 60.81
C TYR I 252 41.16 80.57 62.26
N ASN I 253 41.31 81.53 63.17
CA ASN I 253 41.30 81.32 64.62
C ASN I 253 42.41 80.39 65.08
N ASN I 254 43.42 80.15 64.25
CA ASN I 254 44.48 79.20 64.54
C ASN I 254 43.91 77.82 64.86
N HIS I 255 43.02 77.37 63.98
CA HIS I 255 42.38 76.04 64.06
C HIS I 255 41.52 75.86 65.30
N LEU I 256 40.97 76.94 65.86
CA LEU I 256 40.24 76.88 67.12
C LEU I 256 38.82 77.37 66.96
N TYR I 257 37.96 76.92 67.87
CA TYR I 257 36.60 77.48 67.95
C TYR I 257 36.65 78.40 69.17
N LYS I 258 36.23 79.64 69.04
CA LYS I 258 36.29 80.65 70.08
C LYS I 258 34.89 81.18 70.34
N GLN I 259 34.48 81.17 71.61
CA GLN I 259 33.23 81.80 72.00
C GLN I 259 33.36 83.31 71.88
N ILE I 260 32.38 83.93 71.21
CA ILE I 260 32.38 85.36 71.01
C ILE I 260 31.09 85.94 71.59
N SER I 261 31.16 87.20 71.99
CA SER I 261 30.00 87.88 72.55
C SER I 261 30.20 89.37 72.41
N SER I 262 29.12 90.12 72.63
CA SER I 262 29.19 91.56 72.57
C SER I 262 30.08 92.10 73.67
N GLN I 263 30.70 93.24 73.38
CA GLN I 263 31.63 93.84 74.35
C GLN I 263 30.85 94.35 75.54
N SER I 264 31.49 94.31 76.71
CA SER I 264 30.84 94.89 77.91
C SER I 264 30.67 96.40 77.67
N GLY I 265 29.56 96.95 78.13
CA GLY I 265 29.23 98.35 77.94
C GLY I 265 28.42 98.64 76.70
N ALA I 266 28.18 97.64 75.85
CA ALA I 266 27.36 97.84 74.68
C ALA I 266 25.90 98.01 75.08
N SER I 267 25.13 98.65 74.21
CA SER I 267 23.71 98.82 74.47
C SER I 267 23.00 97.47 74.38
N ASN I 268 21.79 97.43 74.95
CA ASN I 268 21.03 96.18 74.94
C ASN I 268 20.67 95.75 73.52
N ASP I 269 20.43 96.71 72.62
CA ASP I 269 20.10 96.36 71.24
C ASP I 269 21.28 95.71 70.52
N ASN I 270 22.50 96.00 70.96
CA ASN I 270 23.70 95.49 70.31
C ASN I 270 24.29 94.27 71.01
N HIS I 271 23.63 93.75 72.04
CA HIS I 271 24.13 92.58 72.73
C HIS I 271 23.94 91.32 71.89
N TYR I 272 24.94 90.43 71.93
CA TYR I 272 24.87 89.19 71.18
C TYR I 272 25.79 88.16 71.82
N PHE I 273 25.55 86.90 71.47
CA PHE I 273 26.39 85.79 71.88
C PHE I 273 26.46 84.79 70.74
N GLY I 274 27.63 84.21 70.52
CA GLY I 274 27.78 83.27 69.43
C GLY I 274 29.14 82.61 69.48
N TYR I 275 29.48 81.94 68.38
CA TYR I 275 30.74 81.23 68.29
C TYR I 275 31.41 81.53 66.95
N SER I 276 32.72 81.62 66.97
CA SER I 276 33.54 81.80 65.78
C SER I 276 34.22 80.48 65.44
N THR I 277 34.08 80.04 64.20
CA THR I 277 34.62 78.76 63.79
C THR I 277 35.88 78.95 62.94
N PRO I 278 36.77 77.96 62.91
CA PRO I 278 37.95 78.04 62.03
C PRO I 278 37.64 77.78 60.56
N TRP I 279 36.39 77.58 60.20
CA TRP I 279 36.01 77.29 58.83
C TRP I 279 35.70 78.56 58.06
N GLY I 280 35.80 78.46 56.73
CA GLY I 280 35.32 79.47 55.83
C GLY I 280 34.13 78.95 55.04
N TYR I 281 33.51 79.84 54.28
CA TYR I 281 32.36 79.47 53.47
C TYR I 281 32.40 80.20 52.14
N PHE I 282 31.87 79.54 51.12
CA PHE I 282 31.81 80.10 49.78
C PHE I 282 30.46 80.75 49.56
N ASP I 283 30.46 82.05 49.27
CA ASP I 283 29.24 82.83 49.10
C ASP I 283 29.17 83.31 47.65
N PHE I 284 28.07 82.99 46.98
CA PHE I 284 27.77 83.55 45.66
C PHE I 284 26.33 84.04 45.60
N ASN I 285 25.84 84.59 46.71
CA ASN I 285 24.46 85.08 46.81
C ASN I 285 24.35 86.54 46.40
N ARG I 286 24.90 86.87 45.23
CA ARG I 286 24.77 88.19 44.63
C ARG I 286 24.73 88.01 43.12
N PHE I 287 23.93 88.82 42.43
CA PHE I 287 23.73 88.59 40.97
C PHE I 287 25.00 88.87 40.17
N HIS I 288 25.85 89.79 40.65
CA HIS I 288 27.09 90.17 39.92
C HIS I 288 28.07 88.96 39.89
N CYS I 289 27.86 87.97 40.75
CA CYS I 289 28.73 86.76 40.82
C CYS I 289 28.46 85.85 39.62
N HIS I 290 27.32 86.04 38.94
CA HIS I 290 26.95 85.19 37.82
C HIS I 290 26.65 85.94 36.54
N PHE I 291 26.15 87.17 36.62
CA PHE I 291 25.76 87.95 35.46
C PHE I 291 26.77 89.06 35.23
N SER I 292 27.28 89.15 33.99
CA SER I 292 28.01 90.32 33.58
C SER I 292 27.05 91.48 33.36
N PRO I 293 27.53 92.73 33.37
CA PRO I 293 26.63 93.86 33.09
C PRO I 293 25.91 93.75 31.75
N ARG I 294 26.58 93.25 30.71
CA ARG I 294 25.91 93.01 29.44
C ARG I 294 24.85 91.91 29.59
N ASP I 295 25.17 90.87 30.37
CA ASP I 295 24.18 89.82 30.63
C ASP I 295 22.98 90.37 31.38
N TRP I 296 23.22 91.25 32.36
CA TRP I 296 22.12 91.88 33.08
C TRP I 296 21.26 92.74 32.16
N GLN I 297 21.90 93.50 31.27
CA GLN I 297 21.15 94.34 30.33
C GLN I 297 20.33 93.48 29.38
N ARG I 298 20.90 92.37 28.92
CA ARG I 298 20.16 91.44 28.07
C ARG I 298 18.99 90.81 28.82
N LEU I 299 19.15 90.56 30.12
CA LEU I 299 18.08 89.95 30.91
C LEU I 299 16.95 90.94 31.16
N ILE I 300 17.28 92.16 31.57
CA ILE I 300 16.25 93.07 32.06
C ILE I 300 15.54 93.83 30.94
N ASN I 301 16.13 93.92 29.76
CA ASN I 301 15.52 94.65 28.66
C ASN I 301 14.60 93.80 27.81
N ASN I 302 14.54 92.49 28.05
CA ASN I 302 13.82 91.58 27.17
C ASN I 302 12.90 90.61 27.89
N ASN I 303 12.97 90.51 29.21
CA ASN I 303 12.22 89.50 29.95
C ASN I 303 11.31 90.16 30.98
N TRP I 304 10.12 89.58 31.13
CA TRP I 304 9.18 90.01 32.16
C TRP I 304 9.39 89.32 33.49
N GLY I 305 10.29 88.34 33.55
CA GLY I 305 10.57 87.65 34.80
C GLY I 305 11.66 86.63 34.63
N PHE I 306 12.21 86.21 35.77
CA PHE I 306 13.22 85.17 35.79
C PHE I 306 13.27 84.54 37.17
N ARG I 307 13.81 83.32 37.23
CA ARG I 307 13.95 82.60 38.49
C ARG I 307 15.03 81.54 38.32
N PRO I 308 15.76 81.21 39.38
CA PRO I 308 16.75 80.15 39.29
C PRO I 308 16.11 78.77 39.28
N LYS I 309 16.78 77.85 38.57
CA LYS I 309 16.27 76.49 38.38
C LYS I 309 17.17 75.44 39.01
N ARG I 310 18.48 75.46 38.72
CA ARG I 310 19.41 74.51 39.30
C ARG I 310 20.80 75.13 39.25
N LEU I 311 21.70 74.60 40.09
CA LEU I 311 23.06 75.08 40.12
C LEU I 311 24.03 73.91 40.21
N ASN I 312 25.27 74.17 39.76
CA ASN I 312 26.36 73.17 39.86
C ASN I 312 27.56 73.91 40.45
N PHE I 313 28.28 73.29 41.39
CA PHE I 313 29.38 73.89 42.12
C PHE I 313 30.60 72.99 42.01
N LYS I 314 31.75 73.63 41.85
CA LYS I 314 33.00 72.83 41.76
C LYS I 314 34.21 73.54 42.39
N LEU I 315 35.00 72.79 43.17
CA LEU I 315 36.29 73.25 43.67
C LEU I 315 37.37 72.37 43.06
N PHE I 316 38.43 73.00 42.54
CA PHE I 316 39.44 72.25 41.80
C PHE I 316 40.75 73.04 41.83
N ASN I 317 41.80 72.38 41.35
CA ASN I 317 43.15 72.95 41.30
C ASN I 317 43.56 73.48 42.67
N ILE I 318 43.36 72.65 43.69
CA ILE I 318 43.61 73.05 45.06
C ILE I 318 45.09 72.94 45.37
N GLN I 319 45.68 74.04 45.85
CA GLN I 319 47.08 74.09 46.23
C GLN I 319 47.18 74.51 47.69
N VAL I 320 47.90 73.73 48.48
CA VAL I 320 48.16 74.08 49.87
C VAL I 320 49.59 74.60 49.96
N LYS I 321 49.73 75.83 50.45
CA LYS I 321 51.03 76.49 50.55
C LYS I 321 51.42 76.60 52.01
N GLU I 322 52.64 76.18 52.33
CA GLU I 322 53.19 76.31 53.67
C GLU I 322 54.02 77.59 53.77
N VAL I 323 53.73 78.39 54.79
CA VAL I 323 54.40 79.68 55.00
C VAL I 323 55.31 79.55 56.21
N THR I 324 56.56 79.95 56.04
CA THR I 324 57.53 79.98 57.13
C THR I 324 58.16 81.36 57.21
N GLN I 325 58.61 81.72 58.41
CA GLN I 325 59.21 83.04 58.64
C GLN I 325 60.45 82.84 59.51
N ASN I 326 61.63 82.99 58.90
CA ASN I 326 62.89 82.79 59.59
C ASN I 326 63.75 84.03 59.42
N ASP I 327 64.12 84.65 60.54
CA ASP I 327 64.97 85.84 60.55
C ASP I 327 64.39 86.96 59.69
N GLY I 328 63.08 87.15 59.76
CA GLY I 328 62.42 88.22 59.05
C GLY I 328 62.15 87.96 57.58
N THR I 329 62.34 86.73 57.11
CA THR I 329 62.12 86.39 55.71
C THR I 329 60.89 85.49 55.59
N THR I 330 59.99 85.85 54.69
CA THR I 330 58.78 85.07 54.43
C THR I 330 59.03 84.17 53.23
N THR I 331 59.01 82.86 53.46
CA THR I 331 59.23 81.86 52.44
C THR I 331 57.98 81.01 52.27
N ILE I 332 57.51 80.87 51.04
CA ILE I 332 56.31 80.11 50.73
C ILE I 332 56.70 78.93 49.84
N ALA I 333 56.30 77.73 50.25
CA ALA I 333 56.62 76.52 49.51
C ALA I 333 55.36 75.66 49.43
N ASN I 334 55.34 74.79 48.43
CA ASN I 334 54.20 73.90 48.25
C ASN I 334 54.16 72.83 49.33
N ASN I 335 52.95 72.42 49.69
CA ASN I 335 52.71 71.29 50.59
C ASN I 335 51.79 70.33 49.84
N LEU I 336 52.39 69.34 49.18
CA LEU I 336 51.61 68.45 48.32
C LEU I 336 50.84 67.38 49.08
N THR I 337 51.09 67.22 50.37
CA THR I 337 50.42 66.19 51.17
C THR I 337 49.35 66.74 52.08
N SER I 338 49.20 68.05 52.20
CA SER I 338 48.17 68.63 53.03
C SER I 338 46.82 68.59 52.31
N THR I 339 45.75 68.62 53.10
CA THR I 339 44.39 68.53 52.60
C THR I 339 43.59 69.77 53.01
N VAL I 340 42.44 69.92 52.36
CA VAL I 340 41.42 70.88 52.75
C VAL I 340 40.10 70.12 52.89
N GLN I 341 39.37 70.42 53.95
CA GLN I 341 38.10 69.76 54.24
C GLN I 341 36.95 70.58 53.68
N VAL I 342 36.12 69.95 52.86
CA VAL I 342 34.98 70.62 52.24
C VAL I 342 33.74 69.77 52.47
N PHE I 343 32.66 70.41 52.92
CA PHE I 343 31.37 69.74 52.99
C PHE I 343 30.26 70.76 52.80
N THR I 344 29.12 70.28 52.29
CA THR I 344 27.95 71.11 52.09
C THR I 344 26.90 70.75 53.14
N ASP I 345 26.32 71.78 53.75
CA ASP I 345 25.29 71.59 54.78
C ASP I 345 23.94 71.38 54.09
N SER I 346 23.77 70.22 53.46
CA SER I 346 22.56 69.93 52.66
C SER I 346 21.36 69.60 53.55
N GLU I 347 21.60 69.26 54.81
CA GLU I 347 20.48 69.02 55.72
C GLU I 347 20.12 70.26 56.54
N TYR I 348 20.82 71.38 56.33
CA TYR I 348 20.51 72.65 57.00
C TYR I 348 20.53 72.49 58.52
N GLN I 349 21.54 71.80 59.03
CA GLN I 349 21.71 71.62 60.46
C GLN I 349 22.56 72.70 61.10
N LEU I 350 23.15 73.59 60.32
CA LEU I 350 23.96 74.69 60.82
C LEU I 350 23.22 76.01 60.65
N PRO I 351 23.51 77.00 61.48
CA PRO I 351 22.89 78.32 61.29
C PRO I 351 23.22 78.89 59.93
N TYR I 352 22.17 79.29 59.20
CA TYR I 352 22.32 79.76 57.84
C TYR I 352 22.69 81.24 57.86
N VAL I 353 23.97 81.53 57.63
CA VAL I 353 24.45 82.91 57.65
C VAL I 353 24.46 83.54 56.26
N LEU I 354 24.24 82.76 55.20
CA LEU I 354 24.00 83.35 53.90
C LEU I 354 22.65 84.05 53.88
N GLY I 355 22.54 85.06 53.02
CA GLY I 355 21.33 85.84 52.95
C GLY I 355 21.25 86.98 53.95
N SER I 356 22.34 87.31 54.63
CA SER I 356 22.41 88.47 55.51
C SER I 356 23.19 89.62 54.89
N ALA I 357 23.39 89.59 53.57
CA ALA I 357 24.08 90.65 52.83
C ALA I 357 25.49 90.88 53.37
N HIS I 358 26.24 89.78 53.50
CA HIS I 358 27.59 89.82 54.02
C HIS I 358 28.61 89.92 52.91
N GLN I 359 29.74 90.56 53.21
CA GLN I 359 30.84 90.66 52.27
C GLN I 359 31.58 89.32 52.18
N GLY I 360 32.40 89.19 51.14
CA GLY I 360 33.13 87.97 50.90
C GLY I 360 32.62 87.12 49.78
N CYS I 361 31.74 87.65 48.92
CA CYS I 361 31.19 86.89 47.81
C CYS I 361 32.23 86.73 46.70
N LEU I 362 31.82 86.03 45.64
CA LEU I 362 32.64 85.98 44.45
C LEU I 362 32.69 87.36 43.81
N PRO I 363 33.89 87.89 43.50
CA PRO I 363 33.97 89.25 43.00
C PRO I 363 33.27 89.36 41.65
N PRO I 364 32.65 90.51 41.36
CA PRO I 364 31.95 90.66 40.08
C PRO I 364 32.86 90.52 38.87
N PHE I 365 34.11 90.96 38.96
CA PHE I 365 35.03 90.85 37.85
C PHE I 365 35.73 89.49 37.89
N PRO I 366 35.67 88.71 36.81
CA PRO I 366 36.22 87.34 36.84
C PRO I 366 37.72 87.29 37.09
N ALA I 367 38.45 88.38 36.89
CA ALA I 367 39.89 88.39 37.06
C ALA I 367 40.33 88.68 38.49
N ASP I 368 39.41 88.99 39.40
CA ASP I 368 39.75 89.34 40.77
C ASP I 368 39.88 88.08 41.62
N VAL I 369 40.85 88.11 42.55
CA VAL I 369 41.08 87.03 43.50
C VAL I 369 40.53 87.47 44.85
N PHE I 370 39.77 86.60 45.50
CA PHE I 370 39.07 86.94 46.73
C PHE I 370 39.43 85.99 47.86
N MET I 371 39.36 86.52 49.07
CA MET I 371 39.56 85.73 50.29
C MET I 371 38.25 85.10 50.72
N VAL I 372 38.34 83.86 51.21
CA VAL I 372 37.16 83.13 51.68
C VAL I 372 36.76 83.67 53.05
N PRO I 373 35.53 84.14 53.23
CA PRO I 373 35.14 84.71 54.51
C PRO I 373 35.05 83.66 55.61
N GLN I 374 35.31 84.09 56.84
CA GLN I 374 35.27 83.20 57.99
C GLN I 374 33.83 82.95 58.41
N TYR I 375 33.52 81.70 58.71
CA TYR I 375 32.18 81.31 59.11
C TYR I 375 32.00 81.54 60.61
N GLY I 376 30.85 82.10 60.98
CA GLY I 376 30.50 82.30 62.37
C GLY I 376 29.00 82.46 62.50
N TYR I 377 28.49 82.13 63.68
CA TYR I 377 27.06 82.16 63.90
C TYR I 377 26.76 82.72 65.28
N LEU I 378 25.54 83.19 65.45
CA LEU I 378 25.05 83.69 66.72
C LEU I 378 23.94 82.78 67.24
N THR I 379 23.86 82.68 68.56
CA THR I 379 22.83 81.89 69.21
C THR I 379 22.11 82.77 70.24
N LEU I 380 21.25 82.16 71.04
CA LEU I 380 20.47 82.92 72.04
C LEU I 380 21.39 83.58 73.05
N ASN I 381 21.06 84.79 73.46
CA ASN I 381 21.87 85.51 74.46
C ASN I 381 20.99 86.26 75.45
N ASN I 382 21.35 86.28 76.72
CA ASN I 382 20.66 87.14 77.70
C ASN I 382 21.68 88.22 78.01
N GLY I 383 21.75 89.27 77.19
CA GLY I 383 22.82 90.25 77.35
C GLY I 383 24.07 89.73 76.66
N SER I 384 25.24 89.89 77.28
CA SER I 384 26.46 89.33 76.72
C SER I 384 26.64 87.86 77.07
N GLN I 385 25.80 87.31 77.93
CA GLN I 385 25.89 85.92 78.35
C GLN I 385 24.99 85.04 77.50
N ALA I 386 25.08 83.73 77.75
CA ALA I 386 24.27 82.75 77.06
C ALA I 386 23.20 82.19 77.99
N VAL I 387 22.26 81.46 77.41
CA VAL I 387 21.22 80.77 78.16
C VAL I 387 21.35 79.27 77.90
N GLY I 388 20.55 78.50 78.62
CA GLY I 388 20.61 77.05 78.49
C GLY I 388 20.17 76.56 77.13
N ARG I 389 19.34 77.35 76.43
CA ARG I 389 18.86 76.97 75.11
C ARG I 389 19.85 77.30 74.00
N SER I 390 20.93 78.02 74.30
CA SER I 390 21.92 78.35 73.29
C SER I 390 22.58 77.08 72.75
N SER I 391 22.78 77.05 71.44
CA SER I 391 23.30 75.86 70.76
C SER I 391 24.73 76.10 70.32
N PHE I 392 25.56 75.07 70.47
CA PHE I 392 26.94 75.06 70.00
C PHE I 392 27.07 74.02 68.90
N TYR I 393 27.76 74.38 67.83
CA TYR I 393 27.95 73.52 66.68
C TYR I 393 29.43 73.34 66.38
N CYS I 394 29.88 72.09 66.33
CA CYS I 394 31.21 71.75 65.88
C CYS I 394 31.11 71.26 64.43
N LEU I 395 31.77 71.97 63.52
CA LEU I 395 31.70 71.64 62.11
C LEU I 395 32.53 70.43 61.74
N GLU I 396 33.42 69.98 62.62
CA GLU I 396 34.13 68.73 62.41
C GLU I 396 33.29 67.51 62.78
N TYR I 397 32.08 67.74 63.29
CA TYR I 397 31.14 66.63 63.65
C TYR I 397 30.29 66.30 62.42
N PHE I 398 30.55 66.94 61.30
CA PHE I 398 29.94 66.67 60.01
C PHE I 398 30.89 65.85 59.14
N PRO I 399 30.37 64.96 58.31
CA PRO I 399 31.23 64.27 57.33
C PRO I 399 31.68 65.25 56.26
N SER I 400 32.99 65.34 56.08
CA SER I 400 33.58 66.25 55.10
C SER I 400 34.52 65.48 54.19
N GLN I 401 34.73 66.03 52.99
CA GLN I 401 35.60 65.44 52.00
C GLN I 401 36.97 66.09 52.06
N MET I 402 38.02 65.27 52.16
CA MET I 402 39.38 65.74 52.27
C MET I 402 40.03 65.75 50.88
N LEU I 403 40.59 66.89 50.50
CA LEU I 403 41.11 67.10 49.15
C LEU I 403 42.58 67.47 49.22
N ARG I 404 43.43 66.65 48.61
CA ARG I 404 44.82 67.00 48.40
C ARG I 404 44.95 67.76 47.08
N THR I 405 46.19 68.13 46.73
CA THR I 405 46.43 68.73 45.40
C THR I 405 46.18 67.64 44.37
N GLY I 406 45.22 67.83 43.49
CA GLY I 406 44.80 66.84 42.52
C GLY I 406 43.42 66.29 42.75
N ASN I 407 42.81 66.57 43.89
CA ASN I 407 41.43 66.19 44.15
C ASN I 407 40.50 67.38 43.90
N ASN I 408 39.27 67.08 43.50
CA ASN I 408 38.27 68.09 43.25
C ASN I 408 36.99 67.75 44.00
N PHE I 409 36.18 68.78 44.22
CA PHE I 409 34.89 68.66 44.89
C PHE I 409 33.80 69.17 43.97
N THR I 410 32.63 68.53 44.02
CA THR I 410 31.51 68.98 43.21
C THR I 410 30.21 68.55 43.86
N PHE I 411 29.15 69.32 43.58
CA PHE I 411 27.82 68.94 44.00
C PHE I 411 26.81 69.73 43.16
N SER I 412 25.62 69.15 43.02
CA SER I 412 24.55 69.75 42.24
C SER I 412 23.34 70.00 43.14
N TYR I 413 22.65 71.09 42.88
CA TYR I 413 21.49 71.50 43.66
C TYR I 413 20.37 71.93 42.73
N THR I 414 19.14 71.61 43.09
CA THR I 414 17.97 72.02 42.33
C THR I 414 17.14 72.99 43.16
N PHE I 415 16.87 74.16 42.61
CA PHE I 415 16.03 75.13 43.29
C PHE I 415 14.59 74.62 43.35
N GLU I 416 13.91 74.95 44.46
CA GLU I 416 12.49 74.68 44.55
C GLU I 416 11.72 75.64 43.64
N ASP I 417 10.45 75.32 43.41
CA ASP I 417 9.61 76.17 42.59
C ASP I 417 9.35 77.49 43.30
N VAL I 418 9.70 78.59 42.64
CA VAL I 418 9.51 79.92 43.21
C VAL I 418 8.88 80.81 42.15
N PRO I 419 8.17 81.86 42.57
CA PRO I 419 7.59 82.79 41.59
C PRO I 419 8.67 83.51 40.80
N PHE I 420 8.33 83.82 39.55
CA PHE I 420 9.21 84.66 38.74
C PHE I 420 9.34 86.03 39.38
N HIS I 421 10.55 86.57 39.39
CA HIS I 421 10.74 87.95 39.83
C HIS I 421 10.05 88.89 38.86
N SER I 422 9.32 89.87 39.42
CA SER I 422 8.60 90.87 38.60
C SER I 422 9.58 91.87 38.00
N SER I 423 10.25 91.51 36.92
CA SER I 423 11.19 92.42 36.25
C SER I 423 10.47 93.34 35.28
N TYR I 424 9.45 94.02 35.79
CA TYR I 424 8.66 94.94 34.98
C TYR I 424 8.11 96.02 35.90
N ALA I 425 7.73 97.14 35.30
CA ALA I 425 7.03 98.21 35.98
C ALA I 425 5.62 98.32 35.41
N HIS I 426 4.63 98.47 36.29
CA HIS I 426 3.26 98.58 35.82
C HIS I 426 3.05 99.89 35.08
N SER I 427 2.42 99.81 33.92
CA SER I 427 2.07 101.00 33.14
C SER I 427 0.71 101.56 33.52
N GLN I 428 0.03 100.95 34.49
CA GLN I 428 -1.21 101.46 35.03
C GLN I 428 -1.08 101.62 36.54
N SER I 429 -1.80 102.59 37.08
CA SER I 429 -1.87 102.79 38.53
C SER I 429 -3.10 102.08 39.07
N LEU I 430 -3.00 101.65 40.33
CA LEU I 430 -4.10 100.90 40.95
C LEU I 430 -5.35 101.75 41.11
N ASP I 431 -5.20 103.08 41.13
CA ASP I 431 -6.36 103.99 41.32
C ASP I 431 -6.84 104.53 39.97
N ARG I 432 -6.27 104.04 38.86
CA ARG I 432 -6.63 104.48 37.52
C ARG I 432 -6.88 103.29 36.61
N LEU I 433 -7.64 102.31 37.09
CA LEU I 433 -7.92 101.09 36.35
C LEU I 433 -9.27 101.11 35.64
N MET I 434 -9.95 102.24 35.63
CA MET I 434 -11.30 102.34 35.11
C MET I 434 -11.30 102.81 33.66
N ASN I 435 -12.50 102.87 33.08
CA ASN I 435 -12.71 103.45 31.77
C ASN I 435 -13.09 104.91 31.95
N PRO I 436 -12.25 105.86 31.53
CA PRO I 436 -12.56 107.29 31.79
C PRO I 436 -13.74 107.82 30.99
N LEU I 437 -14.23 107.08 30.00
CA LEU I 437 -15.30 107.56 29.14
C LEU I 437 -16.69 107.23 29.67
N ILE I 438 -16.83 106.20 30.50
CA ILE I 438 -18.12 105.71 30.94
C ILE I 438 -18.24 105.95 32.44
N ASP I 439 -19.40 106.48 32.86
CA ASP I 439 -19.68 106.65 34.28
C ASP I 439 -19.96 105.29 34.92
N GLN I 440 -19.78 105.25 36.24
CA GLN I 440 -20.15 104.09 37.02
C GLN I 440 -21.64 104.10 37.32
N TYR I 441 -22.22 102.91 37.44
CA TYR I 441 -23.62 102.81 37.87
C TYR I 441 -23.77 102.89 39.38
N LEU I 442 -22.68 102.77 40.13
CA LEU I 442 -22.74 102.87 41.58
C LEU I 442 -22.71 104.33 42.00
N TYR I 443 -23.33 104.60 43.16
CA TYR I 443 -23.42 105.94 43.71
C TYR I 443 -22.52 106.06 44.92
N TYR I 444 -22.04 107.28 45.16
CA TYR I 444 -21.26 107.60 46.35
C TYR I 444 -21.81 108.87 46.96
N LEU I 445 -21.67 108.99 48.28
CA LEU I 445 -22.10 110.19 48.99
C LEU I 445 -21.22 111.36 48.56
N SER I 446 -21.78 112.29 47.79
CA SER I 446 -21.03 113.41 47.27
C SER I 446 -21.24 114.70 48.06
N ARG I 447 -22.42 114.86 48.61
CA ARG I 447 -22.69 116.07 49.44
C ARG I 447 -23.33 115.68 50.75
N THR I 448 -23.08 116.47 51.79
CA THR I 448 -23.64 116.23 53.10
C THR I 448 -24.54 117.35 53.60
N ASN I 449 -24.65 118.45 52.86
CA ASN I 449 -25.55 119.54 53.22
C ASN I 449 -25.92 120.32 51.96
N THR I 450 -26.96 121.14 52.09
CA THR I 450 -27.41 122.00 51.01
C THR I 450 -27.69 123.39 51.55
N PRO I 451 -27.58 124.46 50.72
CA PRO I 451 -27.92 125.80 51.18
C PRO I 451 -29.38 125.83 51.61
N SER I 452 -29.64 126.26 52.84
CA SER I 452 -31.04 126.39 53.33
C SER I 452 -31.22 127.80 53.87
N GLY I 453 -32.14 128.58 53.29
CA GLY I 453 -32.27 130.00 53.71
C GLY I 453 -30.96 130.73 53.53
N THR I 454 -30.46 131.37 54.59
CA THR I 454 -29.15 132.08 54.52
C THR I 454 -28.14 131.26 55.34
N THR I 455 -28.56 130.10 55.85
CA THR I 455 -27.65 129.20 56.60
C THR I 455 -27.45 127.92 55.80
N THR I 456 -27.14 126.81 56.47
CA THR I 456 -27.01 125.50 55.77
C THR I 456 -27.90 124.47 56.47
N GLN I 457 -28.31 123.45 55.73
CA GLN I 457 -29.14 122.39 56.30
C GLN I 457 -28.57 121.04 55.89
N SER I 458 -28.56 120.09 56.82
CA SER I 458 -28.03 118.77 56.55
C SER I 458 -28.89 118.04 55.54
N ARG I 459 -28.26 117.50 54.50
CA ARG I 459 -28.99 116.81 53.43
C ARG I 459 -28.01 115.93 52.67
N LEU I 460 -28.26 114.64 52.64
CA LEU I 460 -27.38 113.70 51.95
C LEU I 460 -27.71 113.64 50.47
N GLN I 461 -26.70 113.70 49.63
CA GLN I 461 -26.85 113.56 48.19
C GLN I 461 -25.80 112.59 47.65
N PHE I 462 -26.14 111.94 46.54
CA PHE I 462 -25.30 110.91 45.96
C PHE I 462 -25.11 111.16 44.47
N SER I 463 -23.94 110.80 43.97
CA SER I 463 -23.60 111.01 42.56
C SER I 463 -22.94 109.75 42.02
N GLN I 464 -23.01 109.60 40.70
CA GLN I 464 -22.29 108.56 40.01
C GLN I 464 -20.92 109.09 39.58
N ALA I 465 -19.87 108.33 39.85
CA ALA I 465 -18.52 108.79 39.62
C ALA I 465 -18.12 108.59 38.16
N GLY I 466 -17.46 109.59 37.60
CA GLY I 466 -16.94 109.55 36.24
C GLY I 466 -15.50 110.01 36.24
N ALA I 467 -15.12 110.70 35.15
CA ALA I 467 -13.75 111.17 35.01
C ALA I 467 -13.48 112.42 35.83
N SER I 468 -14.47 113.31 35.96
CA SER I 468 -14.25 114.57 36.66
C SER I 468 -14.05 114.36 38.15
N ASP I 469 -14.73 113.37 38.74
CA ASP I 469 -14.58 113.03 40.14
C ASP I 469 -14.00 111.63 40.26
N ILE I 470 -12.95 111.37 39.47
CA ILE I 470 -12.36 110.04 39.36
C ILE I 470 -11.85 109.50 40.69
N ARG I 471 -11.56 110.38 41.66
CA ARG I 471 -11.06 109.93 42.94
C ARG I 471 -12.13 109.22 43.77
N ASP I 472 -13.41 109.41 43.45
CA ASP I 472 -14.50 108.86 44.24
C ASP I 472 -15.04 107.55 43.66
N GLN I 473 -14.41 107.03 42.61
CA GLN I 473 -14.92 105.83 41.96
C GLN I 473 -14.81 104.61 42.88
N SER I 474 -15.83 103.75 42.84
CA SER I 474 -15.77 102.51 43.58
C SER I 474 -14.73 101.58 42.96
N ARG I 475 -13.93 100.95 43.82
CA ARG I 475 -12.81 100.14 43.37
C ARG I 475 -12.83 98.79 44.08
N ASN I 476 -12.14 97.83 43.47
CA ASN I 476 -12.13 96.46 43.96
C ASN I 476 -10.88 96.11 44.77
N TRP I 477 -9.84 96.93 44.72
CA TRP I 477 -8.54 96.59 45.28
C TRP I 477 -8.00 97.75 46.11
N LEU I 478 -6.98 97.45 46.91
CA LEU I 478 -6.34 98.39 47.80
C LEU I 478 -4.83 98.33 47.64
N PRO I 479 -4.12 99.42 47.92
CA PRO I 479 -2.66 99.38 47.88
C PRO I 479 -2.10 98.51 48.99
N GLY I 480 -0.89 98.00 48.75
CA GLY I 480 -0.25 97.06 49.67
C GLY I 480 0.04 97.63 51.04
N PRO I 481 0.55 96.79 51.93
CA PRO I 481 0.76 97.22 53.32
C PRO I 481 1.91 98.21 53.43
N CYS I 482 1.87 98.93 54.56
CA CYS I 482 2.79 100.06 54.79
C CYS I 482 3.39 100.01 56.19
N TYR I 483 4.63 100.49 56.34
CA TYR I 483 5.27 100.66 57.64
C TYR I 483 6.12 101.92 57.52
N ARG I 484 5.56 103.05 57.95
CA ARG I 484 6.05 104.36 57.53
C ARG I 484 7.52 104.58 57.92
N GLN I 485 8.26 105.17 57.00
CA GLN I 485 9.66 105.53 57.19
C GLN I 485 9.81 107.04 57.23
N GLN I 486 10.84 107.51 57.92
CA GLN I 486 11.16 108.94 57.90
C GLN I 486 11.75 109.33 56.56
N ARG I 487 11.42 110.54 56.12
CA ARG I 487 11.88 111.04 54.84
C ARG I 487 13.15 111.87 55.02
N VAL I 488 14.15 111.50 54.21
CA VAL I 488 15.46 112.23 54.21
C VAL I 488 15.69 112.69 52.78
N SER I 489 16.43 113.78 52.59
CA SER I 489 16.70 114.36 51.29
C SER I 489 18.17 114.21 50.92
N LYS I 490 18.43 113.98 49.64
CA LYS I 490 19.83 113.85 49.16
C LYS I 490 20.49 115.24 49.23
N THR I 491 19.70 116.31 49.13
CA THR I 491 20.24 117.69 49.33
C THR I 491 20.41 117.87 50.84
N SER I 492 21.64 118.02 51.33
CA SER I 492 21.87 118.06 52.80
C SER I 492 21.12 119.20 53.49
N ALA I 493 21.15 120.41 52.94
CA ALA I 493 20.54 121.55 53.63
C ALA I 493 19.07 121.30 53.92
N ASP I 494 18.41 120.45 53.13
CA ASP I 494 16.97 120.20 53.31
C ASP I 494 16.67 119.37 54.54
N ASN I 495 17.66 118.76 55.16
CA ASN I 495 17.44 117.88 56.30
C ASN I 495 17.51 118.66 57.61
N ASN I 496 16.88 118.10 58.64
CA ASN I 496 16.90 118.72 59.95
C ASN I 496 18.30 118.68 60.55
N ASN I 497 18.69 119.78 61.21
CA ASN I 497 20.02 119.89 61.80
C ASN I 497 20.02 119.25 63.18
N SER I 498 19.96 117.92 63.18
CA SER I 498 19.96 117.15 64.42
C SER I 498 20.39 115.73 64.10
N GLU I 499 20.66 114.97 65.17
CA GLU I 499 21.02 113.53 65.01
C GLU I 499 19.74 112.72 65.20
N TYR I 500 19.17 112.25 64.09
CA TYR I 500 17.91 111.51 64.12
C TYR I 500 18.01 110.17 63.40
N SER I 501 19.23 109.62 63.26
CA SER I 501 19.37 108.34 62.57
C SER I 501 18.78 107.19 63.37
N TRP I 502 18.57 107.36 64.67
CA TRP I 502 17.96 106.34 65.51
C TRP I 502 16.68 106.80 66.18
N THR I 503 16.62 108.05 66.65
CA THR I 503 15.41 108.54 67.28
C THR I 503 14.24 108.57 66.29
N GLY I 504 14.49 109.03 65.07
CA GLY I 504 13.51 109.04 64.02
C GLY I 504 13.46 107.80 63.17
N ALA I 505 14.22 106.77 63.54
CA ALA I 505 14.30 105.55 62.74
C ALA I 505 13.07 104.68 62.95
N THR I 506 12.76 103.88 61.93
CA THR I 506 11.68 102.91 62.00
C THR I 506 12.23 101.60 62.55
N LYS I 507 11.61 101.12 63.64
CA LYS I 507 12.16 100.01 64.40
C LYS I 507 11.07 98.99 64.70
N TYR I 508 11.52 97.75 64.95
CA TYR I 508 10.66 96.72 65.50
C TYR I 508 11.25 96.24 66.82
N HIS I 509 10.37 95.92 67.77
CA HIS I 509 10.75 95.56 69.13
C HIS I 509 10.64 94.05 69.29
N LEU I 510 11.73 93.41 69.71
CA LEU I 510 11.76 91.96 69.86
C LEU I 510 12.58 91.60 71.09
N ASN I 511 11.93 91.01 72.09
CA ASN I 511 12.59 90.57 73.32
C ASN I 511 13.31 91.71 74.03
N GLY I 512 12.70 92.89 74.02
CA GLY I 512 13.26 94.04 74.70
C GLY I 512 14.36 94.76 73.93
N ARG I 513 14.67 94.31 72.72
CA ARG I 513 15.69 95.03 71.92
C ARG I 513 15.10 95.61 70.63
N ASP I 514 15.46 96.85 70.32
CA ASP I 514 15.03 97.53 69.11
C ASP I 514 15.99 97.21 67.97
N SER I 515 15.45 96.74 66.85
CA SER I 515 16.22 96.50 65.65
C SER I 515 15.75 97.44 64.55
N LEU I 516 16.69 97.94 63.77
CA LEU I 516 16.35 98.81 62.66
C LEU I 516 15.58 98.04 61.60
N VAL I 517 14.51 98.64 61.08
CA VAL I 517 13.74 98.08 59.98
C VAL I 517 14.42 98.55 58.70
N ASN I 518 15.17 97.66 58.06
CA ASN I 518 15.99 98.01 56.92
C ASN I 518 16.14 96.80 56.00
N PRO I 519 15.61 96.87 54.77
CA PRO I 519 14.83 97.97 54.18
C PRO I 519 13.34 97.90 54.49
N GLY I 520 12.89 96.82 55.11
CA GLY I 520 11.50 96.69 55.51
C GLY I 520 10.59 96.30 54.37
N PRO I 521 9.28 96.46 54.58
CA PRO I 521 8.31 96.13 53.53
C PRO I 521 8.53 96.96 52.28
N ALA I 522 8.25 96.35 51.13
CA ALA I 522 8.48 96.99 49.84
C ALA I 522 7.53 98.17 49.67
N MET I 523 8.09 99.37 49.58
CA MET I 523 7.31 100.58 49.43
C MET I 523 8.03 101.52 48.47
N ALA I 524 7.26 102.39 47.83
CA ALA I 524 7.84 103.35 46.89
C ALA I 524 8.73 104.33 47.61
N SER I 525 9.90 104.62 47.01
CA SER I 525 10.84 105.54 47.62
C SER I 525 10.27 106.96 47.70
N HIS I 526 9.55 107.39 46.66
CA HIS I 526 9.04 108.75 46.61
C HIS I 526 7.88 108.80 45.63
N LYS I 527 7.12 109.88 45.70
CA LYS I 527 6.02 110.13 44.78
C LYS I 527 6.53 110.88 43.55
N ASP I 528 5.61 111.37 42.73
CA ASP I 528 6.00 112.06 41.50
C ASP I 528 6.82 113.31 41.82
N ASP I 529 7.88 113.51 41.05
CA ASP I 529 8.70 114.73 41.09
C ASP I 529 9.29 114.96 42.47
N GLU I 530 9.69 113.88 43.14
CA GLU I 530 10.34 113.98 44.44
C GLU I 530 11.51 113.00 44.51
N GLU I 531 12.29 112.92 43.43
CA GLU I 531 13.37 111.94 43.35
C GLU I 531 14.48 112.20 44.36
N LYS I 532 14.57 113.41 44.91
CA LYS I 532 15.59 113.70 45.91
C LYS I 532 15.27 113.10 47.27
N PHE I 533 14.05 112.63 47.50
CA PHE I 533 13.64 112.09 48.77
C PHE I 533 13.69 110.57 48.75
N PHE I 534 14.22 109.99 49.82
CA PHE I 534 14.25 108.55 49.99
C PHE I 534 13.97 108.22 51.44
N PRO I 535 13.41 107.04 51.71
CA PRO I 535 13.18 106.63 53.10
C PRO I 535 14.49 106.46 53.85
N GLN I 536 14.44 106.74 55.15
CA GLN I 536 15.65 106.76 55.96
C GLN I 536 16.34 105.39 55.98
N SER I 537 15.57 104.33 56.13
CA SER I 537 16.11 102.97 56.09
C SER I 537 15.20 102.07 55.26
N GLY I 538 14.63 102.62 54.18
CA GLY I 538 13.70 101.87 53.35
C GLY I 538 14.21 101.47 51.99
N VAL I 539 15.47 101.74 51.67
CA VAL I 539 16.04 101.38 50.38
C VAL I 539 17.40 100.73 50.60
N LEU I 540 17.81 99.90 49.66
CA LEU I 540 19.16 99.36 49.67
C LEU I 540 20.16 100.45 49.29
N ILE I 541 21.26 100.51 50.01
CA ILE I 541 22.32 101.48 49.75
C ILE I 541 23.60 100.69 49.48
N PHE I 542 24.12 100.81 48.27
CA PHE I 542 25.35 100.14 47.87
C PHE I 542 26.50 101.13 47.91
N GLY I 543 27.68 100.63 48.27
CA GLY I 543 28.87 101.46 48.32
C GLY I 543 29.56 101.50 46.96
N LYS I 544 30.06 102.69 46.62
CA LYS I 544 30.89 102.82 45.44
C LYS I 544 32.24 102.17 45.67
N GLN I 545 33.01 102.01 44.60
CA GLN I 545 34.32 101.39 44.70
C GLN I 545 35.24 102.24 45.58
N GLY I 546 35.92 101.59 46.53
CA GLY I 546 36.81 102.27 47.43
C GLY I 546 36.15 102.92 48.63
N SER I 547 34.85 102.68 48.82
CA SER I 547 34.12 103.33 49.93
C SER I 547 34.50 102.70 51.26
N GLU I 548 34.67 103.51 52.30
CA GLU I 548 35.04 103.03 53.62
C GLU I 548 33.85 102.37 54.31
N LYS I 549 34.00 102.06 55.59
CA LYS I 549 32.98 101.34 56.33
C LYS I 549 32.10 102.26 57.17
N THR I 550 32.69 103.28 57.80
CA THR I 550 31.99 104.08 58.79
C THR I 550 31.86 105.52 58.32
N ASN I 551 30.61 106.02 58.32
CA ASN I 551 30.31 107.44 58.15
C ASN I 551 30.88 107.99 56.84
N VAL I 552 30.60 107.30 55.74
CA VAL I 552 30.96 107.80 54.43
C VAL I 552 29.90 108.80 53.97
N ASP I 553 30.29 109.73 53.11
CA ASP I 553 29.39 110.76 52.64
C ASP I 553 28.37 110.17 51.66
N ILE I 554 27.37 110.98 51.33
CA ILE I 554 26.33 110.52 50.41
C ILE I 554 26.90 110.31 49.00
N GLU I 555 27.89 111.11 48.61
CA GLU I 555 28.51 110.94 47.30
C GLU I 555 29.33 109.67 47.20
N LYS I 556 29.62 109.00 48.32
CA LYS I 556 30.35 107.75 48.32
C LYS I 556 29.44 106.53 48.20
N VAL I 557 28.13 106.71 48.24
CA VAL I 557 27.18 105.60 48.19
C VAL I 557 26.20 105.84 47.06
N MET I 558 25.59 104.75 46.60
CA MET I 558 24.57 104.78 45.55
C MET I 558 23.26 104.28 46.16
N ILE I 559 22.28 105.17 46.23
CA ILE I 559 20.99 104.86 46.85
C ILE I 559 20.03 104.37 45.78
N THR I 560 19.42 103.21 46.01
CA THR I 560 18.51 102.64 45.04
C THR I 560 17.15 103.34 45.08
N ASP I 561 16.39 103.13 44.02
CA ASP I 561 15.04 103.76 43.92
C ASP I 561 14.01 102.69 43.62
N GLU I 562 12.91 102.71 44.35
CA GLU I 562 11.80 101.78 44.18
C GLU I 562 10.56 102.52 43.70
N GLU I 563 10.74 103.44 42.75
CA GLU I 563 9.62 104.22 42.25
C GLU I 563 8.75 103.47 41.26
N GLU I 564 9.24 102.37 40.69
CA GLU I 564 8.44 101.62 39.72
C GLU I 564 7.26 100.92 40.35
N ILE I 565 7.23 100.79 41.68
CA ILE I 565 6.16 100.08 42.36
C ILE I 565 5.18 101.03 43.03
N ARG I 566 5.29 102.34 42.77
CA ARG I 566 4.35 103.29 43.33
C ARG I 566 2.97 103.19 42.71
N THR I 567 2.82 102.42 41.64
CA THR I 567 1.50 102.19 41.06
C THR I 567 0.60 101.39 41.99
N THR I 568 1.17 100.44 42.75
CA THR I 568 0.40 99.59 43.65
C THR I 568 0.83 99.69 45.11
N ASN I 569 2.02 100.21 45.40
CA ASN I 569 2.53 100.25 46.76
C ASN I 569 2.54 101.67 47.29
N PRO I 570 2.19 101.87 48.55
CA PRO I 570 2.20 103.22 49.12
C PRO I 570 3.62 103.77 49.21
N VAL I 571 3.72 105.09 49.15
CA VAL I 571 5.00 105.75 49.33
C VAL I 571 5.49 105.51 50.75
N ALA I 572 6.78 105.22 50.88
CA ALA I 572 7.34 104.79 52.16
C ALA I 572 7.22 105.87 53.22
N THR I 573 7.39 107.13 52.84
CA THR I 573 7.47 108.23 53.77
C THR I 573 6.11 108.88 54.06
N GLU I 574 5.04 108.36 53.47
CA GLU I 574 3.72 108.94 53.64
C GLU I 574 2.78 107.92 54.29
N GLN I 575 1.64 108.40 54.73
CA GLN I 575 0.65 107.53 55.36
C GLN I 575 -0.02 106.64 54.33
N TYR I 576 -0.52 105.50 54.79
CA TYR I 576 -1.31 104.64 53.92
C TYR I 576 -2.60 105.32 53.50
N GLY I 577 -3.26 106.00 54.44
CA GLY I 577 -4.54 106.62 54.16
C GLY I 577 -5.13 107.22 55.41
N SER I 578 -6.45 107.35 55.41
CA SER I 578 -7.17 107.91 56.53
C SER I 578 -8.36 107.03 56.90
N VAL I 579 -8.66 106.97 58.19
CA VAL I 579 -9.81 106.25 58.71
C VAL I 579 -10.57 107.16 59.65
N SER I 580 -11.86 106.85 59.82
CA SER I 580 -12.67 107.58 60.77
C SER I 580 -12.33 107.19 62.20
N THR I 581 -12.43 108.15 63.11
CA THR I 581 -12.10 107.93 64.51
C THR I 581 -13.25 108.20 65.46
N ASN I 582 -14.37 108.72 64.99
CA ASN I 582 -15.51 109.02 65.86
C ASN I 582 -16.79 108.79 65.07
N LEU I 583 -17.91 109.21 65.65
CA LEU I 583 -19.22 109.11 65.02
C LEU I 583 -19.82 110.51 64.91
N GLN I 584 -19.89 111.03 63.69
CA GLN I 584 -20.49 112.33 63.47
C GLN I 584 -21.98 112.30 63.78
N ARG I 585 -22.46 113.44 64.28
CA ARG I 585 -23.88 113.52 64.71
C ARG I 585 -24.30 114.99 64.73
N GLY I 586 -25.54 115.28 64.32
CA GLY I 586 -26.07 116.62 64.41
C GLY I 586 -26.76 116.88 65.73
N ASN I 587 -27.35 118.07 65.82
CA ASN I 587 -27.99 118.51 67.09
C ASN I 587 -29.34 117.81 67.28
N THR I 594 -24.84 117.38 71.79
CA THR I 594 -24.41 118.50 70.91
C THR I 594 -23.97 117.92 69.57
N SER I 595 -23.53 118.75 68.62
CA SER I 595 -23.09 118.14 67.38
C SER I 595 -21.62 117.75 67.46
N ARG I 596 -21.25 116.70 66.72
CA ARG I 596 -19.87 116.23 66.62
C ARG I 596 -19.51 116.12 65.16
N GLN I 597 -18.43 116.78 64.76
CA GLN I 597 -17.98 116.72 63.37
C GLN I 597 -17.13 115.50 63.13
N ALA I 598 -17.18 114.98 61.90
CA ALA I 598 -16.43 113.79 61.54
C ALA I 598 -14.93 114.05 61.65
N ALA I 599 -14.21 113.10 62.23
CA ALA I 599 -12.79 113.20 62.44
C ALA I 599 -12.08 112.03 61.78
N THR I 600 -10.86 112.28 61.29
CA THR I 600 -10.06 111.28 60.62
C THR I 600 -8.65 111.28 61.19
N ALA I 601 -7.97 110.15 61.05
CA ALA I 601 -6.58 110.01 61.49
C ALA I 601 -5.77 109.35 60.39
N ASP I 602 -4.47 109.71 60.36
CA ASP I 602 -3.55 109.09 59.42
C ASP I 602 -3.25 107.66 59.85
N VAL I 603 -3.09 106.78 58.87
CA VAL I 603 -2.75 105.38 59.13
C VAL I 603 -1.27 105.22 58.76
N ASN I 604 -0.40 105.40 59.75
CA ASN I 604 1.03 105.30 59.51
C ASN I 604 1.52 103.86 59.40
N THR I 605 0.75 102.90 59.91
CA THR I 605 1.07 101.49 59.77
C THR I 605 -0.21 100.74 59.39
N GLN I 606 -0.13 99.96 58.32
CA GLN I 606 -1.29 99.22 57.82
C GLN I 606 -0.90 97.78 57.58
N GLY I 607 -1.59 96.86 58.24
CA GLY I 607 -1.41 95.45 57.98
C GLY I 607 -2.13 95.02 56.72
N VAL I 608 -1.96 93.75 56.38
CA VAL I 608 -2.55 93.21 55.17
C VAL I 608 -4.06 93.10 55.33
N LEU I 609 -4.80 93.62 54.36
CA LEU I 609 -6.24 93.56 54.29
C LEU I 609 -6.68 92.69 53.11
N PRO I 610 -7.85 92.07 53.18
CA PRO I 610 -8.36 91.35 52.00
C PRO I 610 -8.54 92.30 50.83
N GLY I 611 -8.19 91.82 49.64
CA GLY I 611 -8.22 92.64 48.45
C GLY I 611 -6.99 93.48 48.20
N MET I 612 -5.96 93.33 49.03
CA MET I 612 -4.72 94.15 48.90
C MET I 612 -3.79 93.53 47.86
N VAL I 613 -3.19 94.35 46.99
CA VAL I 613 -2.24 93.95 45.97
C VAL I 613 -0.99 94.81 46.11
N TRP I 614 0.17 94.20 45.88
CA TRP I 614 1.45 94.89 46.06
C TRP I 614 2.49 94.23 45.18
N GLN I 615 3.61 94.93 45.03
CA GLN I 615 4.79 94.43 44.32
C GLN I 615 5.93 94.26 45.32
N ASP I 616 6.74 93.24 45.10
CA ASP I 616 7.88 92.99 45.97
C ASP I 616 9.03 93.95 45.63
N ARG I 617 10.05 93.93 46.49
CA ARG I 617 11.21 94.78 46.26
C ARG I 617 12.00 94.31 45.05
N ASP I 618 12.55 95.25 44.30
CA ASP I 618 13.32 94.93 43.11
C ASP I 618 14.65 94.28 43.49
N VAL I 619 15.17 93.48 42.58
CA VAL I 619 16.50 92.90 42.71
C VAL I 619 17.47 93.70 41.85
N TYR I 620 18.74 93.69 42.24
CA TYR I 620 19.76 94.50 41.59
C TYR I 620 20.94 93.61 41.24
N LEU I 621 21.77 94.12 40.33
CA LEU I 621 22.96 93.36 39.93
C LEU I 621 23.90 93.15 41.11
N GLN I 622 24.05 94.16 41.97
CA GLN I 622 24.84 94.04 43.19
C GLN I 622 24.04 93.46 44.35
N GLY I 623 22.75 93.21 44.17
CA GLY I 623 21.89 92.78 45.25
C GLY I 623 21.92 91.29 45.48
N PRO I 624 21.33 90.85 46.59
CA PRO I 624 21.26 89.41 46.88
C PRO I 624 20.26 88.70 45.97
N ILE I 625 20.49 87.40 45.82
CA ILE I 625 19.65 86.55 44.98
C ILE I 625 18.55 85.87 45.78
N TRP I 626 18.91 85.27 46.91
CA TRP I 626 17.97 84.45 47.67
C TRP I 626 18.18 84.66 49.16
N ALA I 627 17.30 84.04 49.94
CA ALA I 627 17.44 83.97 51.38
C ALA I 627 16.68 82.75 51.87
N LYS I 628 17.08 82.24 53.04
CA LYS I 628 16.42 81.09 53.61
C LYS I 628 15.20 81.54 54.42
N ILE I 629 14.04 80.98 54.10
CA ILE I 629 12.84 81.26 54.87
C ILE I 629 12.99 80.64 56.26
N PRO I 630 12.82 81.41 57.34
CA PRO I 630 12.98 80.83 58.68
C PRO I 630 12.02 79.68 58.92
N HIS I 631 12.49 78.67 59.64
CA HIS I 631 11.68 77.50 59.97
C HIS I 631 10.74 77.89 61.10
N THR I 632 9.56 78.37 60.74
CA THR I 632 8.57 78.85 61.69
C THR I 632 7.22 78.24 61.34
N ASP I 633 6.31 78.28 62.31
CA ASP I 633 4.96 77.69 62.11
C ASP I 633 4.22 78.50 61.05
N GLY I 634 4.35 79.83 61.09
CA GLY I 634 3.63 80.67 60.16
C GLY I 634 4.52 81.76 59.59
N HIS I 635 4.21 82.14 58.36
CA HIS I 635 4.84 83.26 57.67
C HIS I 635 3.93 83.69 56.54
N PHE I 636 3.94 84.99 56.25
CA PHE I 636 3.11 85.56 55.20
C PHE I 636 3.99 86.12 54.11
N HIS I 637 3.78 85.67 52.88
CA HIS I 637 4.52 86.12 51.70
C HIS I 637 6.01 86.09 51.97
N PRO I 638 6.63 84.91 52.02
CA PRO I 638 8.04 84.79 52.41
C PRO I 638 9.04 85.20 51.33
N SER I 639 8.80 86.36 50.70
CA SER I 639 9.80 86.99 49.87
C SER I 639 10.75 87.80 50.74
N PRO I 640 12.06 87.63 50.59
CA PRO I 640 13.00 88.37 51.44
C PRO I 640 12.80 89.88 51.29
N LEU I 641 12.88 90.58 52.42
CA LEU I 641 12.65 92.02 52.40
C LEU I 641 13.79 92.77 51.72
N MET I 642 15.00 92.23 51.76
CA MET I 642 16.12 92.83 51.05
C MET I 642 16.06 92.60 49.55
N GLY I 643 15.15 91.76 49.07
CA GLY I 643 15.00 91.48 47.66
C GLY I 643 15.52 90.11 47.30
N GLY I 644 14.78 89.43 46.42
CA GLY I 644 15.20 88.12 45.97
C GLY I 644 14.15 87.05 46.06
N PHE I 645 14.59 85.79 46.13
CA PHE I 645 13.71 84.63 46.14
C PHE I 645 13.76 83.97 47.50
N GLY I 646 12.59 83.79 48.11
CA GLY I 646 12.50 83.07 49.36
C GLY I 646 12.50 81.57 49.16
N LEU I 647 13.45 80.88 49.79
CA LEU I 647 13.64 79.45 49.58
C LEU I 647 13.56 78.74 50.92
N LYS I 648 12.66 77.75 51.02
CA LYS I 648 12.62 76.91 52.21
C LYS I 648 13.87 76.06 52.33
N HIS I 649 14.40 75.61 51.19
CA HIS I 649 15.65 74.85 51.12
C HIS I 649 16.56 75.59 50.14
N PRO I 650 17.26 76.62 50.61
CA PRO I 650 18.13 77.40 49.72
C PRO I 650 19.38 76.61 49.37
N PRO I 651 20.22 77.12 48.47
CA PRO I 651 21.49 76.48 48.20
C PRO I 651 22.28 76.28 49.47
N PRO I 652 22.76 75.07 49.74
CA PRO I 652 23.40 74.79 51.03
C PRO I 652 24.70 75.56 51.20
N GLN I 653 25.03 75.84 52.45
CA GLN I 653 26.31 76.45 52.78
C GLN I 653 27.44 75.48 52.47
N ILE I 654 28.49 75.98 51.83
CA ILE I 654 29.66 75.19 51.49
C ILE I 654 30.79 75.63 52.40
N LEU I 655 31.20 74.75 53.31
CA LEU I 655 32.20 75.06 54.31
C LEU I 655 33.53 74.44 53.91
N ILE I 656 34.60 75.24 54.00
CA ILE I 656 35.93 74.82 53.62
C ILE I 656 36.92 75.29 54.67
N LYS I 657 37.88 74.45 55.02
CA LYS I 657 38.93 74.84 55.94
C LYS I 657 40.18 74.01 55.67
N ASN I 658 41.32 74.54 56.09
CA ASN I 658 42.59 73.83 55.95
C ASN I 658 42.74 72.85 57.10
N THR I 659 43.15 71.63 56.77
CA THR I 659 43.38 70.64 57.81
C THR I 659 44.61 71.04 58.63
N PRO I 660 44.49 71.12 59.96
CA PRO I 660 45.65 71.51 60.77
C PRO I 660 46.76 70.47 60.68
N VAL I 661 47.97 70.95 60.41
CA VAL I 661 49.16 70.10 60.34
C VAL I 661 50.01 70.42 61.56
N PRO I 662 50.12 69.51 62.53
CA PRO I 662 50.91 69.79 63.73
C PRO I 662 52.38 70.02 63.40
N ALA I 663 53.00 70.91 64.16
CA ALA I 663 54.43 71.17 64.04
C ALA I 663 55.18 70.06 64.77
N ASN I 664 56.48 70.26 65.00
CA ASN I 664 57.32 69.23 65.59
C ASN I 664 56.85 68.91 67.01
N PRO I 665 56.46 67.67 67.29
CA PRO I 665 56.02 67.31 68.64
C PRO I 665 57.20 66.99 69.55
N SER I 666 56.89 66.96 70.85
CA SER I 666 57.89 66.61 71.87
C SER I 666 58.10 65.09 71.86
N THR I 667 59.33 64.65 72.08
CA THR I 667 59.64 63.23 72.14
C THR I 667 59.04 62.55 73.36
N THR I 668 58.60 63.32 74.35
CA THR I 668 57.92 62.79 75.52
C THR I 668 56.43 63.04 75.37
N PHE I 669 55.62 62.06 75.76
CA PHE I 669 54.18 62.18 75.61
C PHE I 669 53.63 63.30 76.48
N SER I 670 52.73 64.09 75.91
CA SER I 670 52.02 65.14 76.62
C SER I 670 50.54 65.05 76.29
N ALA I 671 49.71 65.03 77.33
CA ALA I 671 48.27 64.94 77.14
C ALA I 671 47.64 66.26 76.74
N ALA I 672 48.39 67.36 76.81
CA ALA I 672 47.86 68.65 76.39
C ALA I 672 47.61 68.65 74.88
N LYS I 673 46.51 69.26 74.48
CA LYS I 673 46.18 69.34 73.07
C LYS I 673 47.21 70.17 72.33
N PHE I 674 47.39 69.84 71.05
CA PHE I 674 48.43 70.53 70.23
C PHE I 674 48.10 72.01 70.07
N ALA I 675 49.09 72.85 70.31
CA ALA I 675 48.94 74.29 70.14
C ALA I 675 49.90 74.87 69.11
N SER I 676 50.85 74.09 68.60
CA SER I 676 51.80 74.54 67.60
C SER I 676 51.50 73.83 66.28
N PHE I 677 51.35 74.60 65.21
CA PHE I 677 51.01 74.08 63.90
C PHE I 677 51.87 74.74 62.85
N ILE I 678 51.99 74.08 61.71
CA ILE I 678 52.67 74.66 60.56
C ILE I 678 51.76 75.69 59.91
N THR I 679 52.25 76.92 59.76
CA THR I 679 51.47 77.97 59.14
C THR I 679 51.24 77.64 57.67
N GLN I 680 49.99 77.69 57.24
CA GLN I 680 49.68 77.35 55.86
C GLN I 680 48.34 77.95 55.45
N TYR I 681 48.19 78.12 54.14
CA TYR I 681 46.95 78.57 53.53
C TYR I 681 46.73 77.75 52.28
N SER I 682 45.58 77.96 51.65
CA SER I 682 45.25 77.24 50.42
C SER I 682 44.72 78.22 49.38
N THR I 683 44.91 77.85 48.11
CA THR I 683 44.39 78.62 47.00
C THR I 683 43.85 77.64 45.97
N GLY I 684 42.92 78.11 45.15
CA GLY I 684 42.32 77.23 44.17
C GLY I 684 41.31 77.99 43.33
N GLN I 685 40.54 77.23 42.57
CA GLN I 685 39.51 77.79 41.70
C GLN I 685 38.14 77.26 42.11
N VAL I 686 37.14 78.13 41.96
CA VAL I 686 35.76 77.79 42.29
C VAL I 686 34.90 78.10 41.08
N SER I 687 33.98 77.19 40.76
CA SER I 687 33.07 77.34 39.63
C SER I 687 31.63 77.25 40.11
N VAL I 688 30.80 78.20 39.68
CA VAL I 688 29.38 78.21 39.98
C VAL I 688 28.62 78.35 38.66
N GLU I 689 27.76 77.39 38.37
CA GLU I 689 26.94 77.42 37.16
C GLU I 689 25.47 77.36 37.56
N ILE I 690 24.69 78.36 37.19
CA ILE I 690 23.28 78.44 37.54
C ILE I 690 22.47 78.51 36.25
N GLU I 691 21.44 77.68 36.16
CA GLU I 691 20.47 77.74 35.08
C GLU I 691 19.27 78.57 35.53
N TRP I 692 18.90 79.57 34.75
CA TRP I 692 17.79 80.46 35.05
C TRP I 692 16.70 80.27 34.00
N GLU I 693 15.45 80.30 34.45
CA GLU I 693 14.30 80.25 33.55
C GLU I 693 13.78 81.67 33.30
N LEU I 694 13.45 81.94 32.05
CA LEU I 694 13.03 83.27 31.62
C LEU I 694 11.54 83.29 31.31
N GLN I 695 10.89 84.39 31.64
CA GLN I 695 9.51 84.65 31.31
C GLN I 695 9.50 85.71 30.20
N LYS I 696 9.30 85.27 28.96
CA LYS I 696 9.45 86.16 27.83
C LYS I 696 8.35 87.23 27.83
N GLU I 697 8.74 88.45 27.48
CA GLU I 697 7.78 89.55 27.38
C GLU I 697 6.85 89.34 26.20
N ASN I 698 5.56 89.58 26.42
CA ASN I 698 4.52 89.39 25.43
C ASN I 698 3.62 90.63 25.37
N SER I 699 4.25 91.80 25.34
CA SER I 699 3.51 93.05 25.38
C SER I 699 2.91 93.39 24.03
N LYS I 700 1.84 94.20 24.04
CA LYS I 700 1.19 94.66 22.79
C LYS I 700 1.14 96.19 22.77
N ARG I 701 1.99 96.85 23.56
CA ARG I 701 2.04 98.31 23.50
C ARG I 701 2.63 98.76 22.17
N TRP I 702 2.23 99.96 21.74
CA TRP I 702 2.61 100.47 20.44
C TRP I 702 3.92 101.26 20.49
N ASN I 703 4.00 102.23 21.40
CA ASN I 703 5.16 103.09 21.48
C ASN I 703 6.32 102.38 22.16
N PRO I 704 7.59 102.77 21.90
CA PRO I 704 8.75 102.09 22.48
C PRO I 704 8.77 102.10 24.02
N GLU I 705 9.53 101.19 24.64
CA GLU I 705 9.56 101.06 26.11
C GLU I 705 10.83 101.69 26.70
N ILE I 706 10.90 101.83 28.03
CA ILE I 706 12.21 102.27 28.61
C ILE I 706 13.16 101.07 28.66
N GLN I 707 14.39 101.25 28.18
CA GLN I 707 15.38 100.19 28.26
C GLN I 707 16.65 100.73 28.93
N TYR I 708 17.35 99.87 29.65
CA TYR I 708 18.65 100.25 30.19
C TYR I 708 19.65 100.37 29.05
N THR I 709 20.48 101.41 29.09
CA THR I 709 21.42 101.67 28.01
C THR I 709 22.65 102.36 28.58
N SER I 710 23.74 102.22 27.83
CA SER I 710 24.97 102.96 28.21
C SER I 710 24.85 104.37 27.67
N ASN I 711 25.60 105.33 28.21
CA ASN I 711 25.43 106.71 27.70
C ASN I 711 26.43 106.89 26.56
N TYR I 712 25.98 107.44 25.44
CA TYR I 712 26.86 107.54 24.23
C TYR I 712 27.94 108.61 24.45
N ASN I 713 27.67 109.66 25.23
CA ASN I 713 28.65 110.73 25.32
C ASN I 713 30.00 110.20 25.79
N LYS I 714 31.05 110.90 25.35
CA LYS I 714 32.44 110.51 25.70
C LYS I 714 32.67 110.65 27.20
N SER I 715 33.57 109.84 27.71
CA SER I 715 33.91 109.89 29.12
C SER I 715 35.34 109.43 29.30
N ILE I 716 35.92 109.78 30.45
CA ILE I 716 37.28 109.35 30.76
C ILE I 716 37.34 107.83 30.90
N ASN I 717 36.35 107.26 31.59
CA ASN I 717 36.28 105.82 31.82
C ASN I 717 34.98 105.26 31.26
N VAL I 718 35.04 104.03 30.78
CA VAL I 718 33.85 103.31 30.35
C VAL I 718 33.19 102.68 31.58
N ASP I 719 31.85 102.67 31.59
CA ASP I 719 31.13 102.11 32.72
C ASP I 719 31.33 100.60 32.80
N PHE I 720 31.41 100.09 34.03
CA PHE I 720 31.55 98.66 34.29
C PHE I 720 32.80 98.08 33.63
N THR I 721 33.88 98.83 33.65
CA THR I 721 35.19 98.37 33.19
C THR I 721 36.22 98.69 34.26
N VAL I 722 37.48 98.48 33.93
CA VAL I 722 38.58 98.79 34.82
C VAL I 722 39.15 100.16 34.46
N ASP I 723 39.75 100.83 35.43
CA ASP I 723 40.38 102.12 35.20
C ASP I 723 41.86 101.91 34.88
N THR I 724 42.63 102.99 34.91
CA THR I 724 44.08 102.90 34.58
C THR I 724 44.79 102.11 35.68
N ASN I 725 44.15 101.91 36.83
CA ASN I 725 44.74 101.09 37.92
C ASN I 725 44.23 99.65 37.79
N GLY I 726 43.41 99.38 36.78
CA GLY I 726 42.84 98.03 36.58
C GLY I 726 41.83 97.71 37.67
N VAL I 727 41.28 98.73 38.33
CA VAL I 727 40.30 98.52 39.43
C VAL I 727 38.89 98.47 38.82
N TYR I 728 38.19 97.35 39.00
CA TYR I 728 36.84 97.23 38.48
C TYR I 728 35.86 97.95 39.38
N SER I 729 34.94 98.70 38.78
CA SER I 729 33.94 99.44 39.53
C SER I 729 32.58 99.27 38.88
N GLU I 730 31.54 99.38 39.70
CA GLU I 730 30.16 99.36 39.22
C GLU I 730 29.55 100.74 39.45
N PRO I 731 29.43 101.56 38.40
CA PRO I 731 29.09 102.98 38.63
C PRO I 731 27.73 103.21 39.27
N ARG I 732 26.72 102.39 38.99
CA ARG I 732 25.39 102.63 39.51
C ARG I 732 24.70 101.29 39.72
N PRO I 733 23.70 101.24 40.61
CA PRO I 733 22.88 100.03 40.71
C PRO I 733 21.93 99.92 39.53
N ILE I 734 21.78 98.72 39.00
CA ILE I 734 20.86 98.44 37.91
C ILE I 734 19.79 97.50 38.44
N GLY I 735 18.54 97.93 38.35
CA GLY I 735 17.41 97.10 38.70
C GLY I 735 17.03 96.21 37.55
N THR I 736 15.79 95.73 37.57
CA THR I 736 15.28 94.88 36.51
C THR I 736 13.99 95.39 35.89
N ARG I 737 13.39 96.46 36.41
CA ARG I 737 12.04 96.86 36.04
C ARG I 737 12.10 97.97 34.99
N TYR I 738 12.25 97.56 33.74
CA TYR I 738 12.28 98.47 32.60
C TYR I 738 11.14 98.24 31.63
N LEU I 739 10.82 96.99 31.32
CA LEU I 739 9.65 96.70 30.52
C LEU I 739 8.39 96.98 31.34
N THR I 740 7.26 97.11 30.64
CA THR I 740 6.00 97.44 31.27
C THR I 740 4.96 96.38 30.96
N ARG I 741 4.06 96.19 31.94
CA ARG I 741 2.91 95.26 31.75
C ARG I 741 1.70 95.94 32.38
N ASN I 742 0.49 95.72 31.85
CA ASN I 742 -0.73 96.25 32.44
C ASN I 742 -1.06 95.58 33.76
N LEU I 743 -1.76 96.29 34.62
CA LEU I 743 -2.19 95.73 35.90
C LEU I 743 -3.22 94.62 35.69
N ALA J 218 30.89 -26.57 76.71
CA ALA J 218 30.56 -25.27 76.09
C ALA J 218 31.74 -24.31 76.26
N ASP J 219 32.36 -24.34 77.44
CA ASP J 219 33.43 -23.35 77.76
C ASP J 219 34.63 -24.11 78.29
N GLY J 220 34.63 -25.44 78.18
CA GLY J 220 35.82 -26.20 78.59
C GLY J 220 36.40 -25.69 79.91
N VAL J 221 37.73 -25.65 80.03
CA VAL J 221 38.37 -25.26 81.30
C VAL J 221 39.02 -23.91 81.05
N GLY J 222 38.58 -22.89 81.76
CA GLY J 222 39.14 -21.56 81.68
C GLY J 222 38.26 -20.52 81.01
N ASN J 223 37.09 -20.92 80.52
CA ASN J 223 36.14 -20.00 79.93
C ASN J 223 34.89 -19.95 80.79
N SER J 224 34.51 -18.74 81.22
CA SER J 224 33.35 -18.59 82.07
C SER J 224 32.07 -18.85 81.29
N SER J 225 31.13 -19.55 81.91
CA SER J 225 29.87 -19.90 81.29
C SER J 225 28.72 -19.01 81.76
N GLY J 226 29.00 -17.94 82.49
CA GLY J 226 27.96 -17.04 82.94
C GLY J 226 28.56 -15.84 83.63
N ASN J 227 27.69 -14.89 83.94
CA ASN J 227 28.07 -13.65 84.61
C ASN J 227 27.20 -13.45 85.84
N TRP J 228 27.65 -12.54 86.71
CA TRP J 228 26.93 -12.23 87.94
C TRP J 228 25.88 -11.17 87.64
N HIS J 229 24.62 -11.55 87.75
CA HIS J 229 23.49 -10.62 87.50
C HIS J 229 22.64 -10.56 88.76
N CYS J 230 22.89 -9.57 89.63
CA CYS J 230 22.08 -9.39 90.85
C CYS J 230 21.60 -7.94 90.83
N ASP J 231 20.32 -7.70 90.55
CA ASP J 231 19.82 -6.31 90.44
C ASP J 231 18.30 -6.29 90.27
N SER J 232 17.69 -5.10 90.25
CA SER J 232 16.26 -5.05 89.95
C SER J 232 15.98 -3.86 89.06
N THR J 233 15.04 -4.03 88.13
CA THR J 233 14.64 -2.99 87.19
C THR J 233 13.16 -2.74 87.36
N TRP J 234 12.79 -1.48 87.61
CA TRP J 234 11.40 -1.07 87.72
C TRP J 234 11.00 -0.36 86.43
N MET J 235 10.02 -0.94 85.73
CA MET J 235 9.57 -0.34 84.44
C MET J 235 8.04 -0.30 84.44
N GLY J 236 7.46 0.83 84.84
CA GLY J 236 6.01 0.98 84.83
C GLY J 236 5.36 0.02 85.81
N ASP J 237 4.48 -0.84 85.29
CA ASP J 237 3.74 -1.81 86.09
C ASP J 237 4.48 -3.14 86.24
N ARG J 238 5.80 -3.14 86.08
CA ARG J 238 6.60 -4.36 86.22
C ARG J 238 7.84 -4.06 87.03
N VAL J 239 8.29 -5.06 87.79
CA VAL J 239 9.59 -5.03 88.43
C VAL J 239 10.23 -6.40 88.21
N THR J 240 11.44 -6.41 87.66
CA THR J 240 12.18 -7.63 87.41
C THR J 240 13.34 -7.71 88.40
N THR J 241 13.31 -8.70 89.27
CA THR J 241 14.35 -8.91 90.26
C THR J 241 15.23 -10.08 89.83
N THR J 242 16.54 -9.87 89.84
CA THR J 242 17.51 -10.90 89.49
C THR J 242 18.46 -11.09 90.67
N SER J 243 18.78 -12.34 90.98
CA SER J 243 19.65 -12.66 92.10
C SER J 243 20.65 -13.72 91.68
N THR J 244 21.90 -13.57 92.15
CA THR J 244 22.93 -14.56 91.92
C THR J 244 23.55 -14.93 93.27
N ARG J 245 23.78 -16.23 93.47
CA ARG J 245 24.37 -16.74 94.69
C ARG J 245 25.41 -17.80 94.36
N THR J 246 26.31 -18.05 95.30
CA THR J 246 27.30 -19.10 95.19
C THR J 246 26.84 -20.27 96.07
N TRP J 247 26.72 -21.44 95.48
CA TRP J 247 26.23 -22.62 96.17
C TRP J 247 27.32 -23.68 96.28
N ALA J 248 27.18 -24.54 97.30
CA ALA J 248 28.04 -25.68 97.50
C ALA J 248 27.18 -26.93 97.63
N LEU J 249 27.48 -27.94 96.85
CA LEU J 249 26.71 -29.18 96.83
C LEU J 249 27.59 -30.35 97.22
N PRO J 250 27.39 -30.95 98.40
CA PRO J 250 28.18 -32.12 98.79
C PRO J 250 27.61 -33.39 98.17
N THR J 251 28.20 -34.52 98.54
CA THR J 251 27.67 -35.82 98.19
C THR J 251 26.75 -36.28 99.31
N TYR J 252 25.50 -36.58 98.97
CA TYR J 252 24.48 -36.92 99.95
C TYR J 252 24.25 -38.41 99.99
N ASN J 253 24.18 -38.97 101.20
CA ASN J 253 23.90 -40.38 101.44
C ASN J 253 24.95 -41.31 100.82
N ASN J 254 26.11 -40.77 100.47
CA ASN J 254 27.15 -41.53 99.77
C ASN J 254 26.60 -42.18 98.51
N HIS J 255 25.91 -41.37 97.71
CA HIS J 255 25.33 -41.76 96.42
C HIS J 255 24.27 -42.84 96.54
N LEU J 256 23.57 -42.91 97.66
CA LEU J 256 22.62 -43.98 97.92
C LEU J 256 21.23 -43.45 98.18
N TYR J 257 20.23 -44.30 97.94
CA TYR J 257 18.85 -43.97 98.35
C TYR J 257 18.63 -44.81 99.60
N LYS J 258 18.18 -44.21 100.68
CA LYS J 258 17.98 -44.87 101.97
C LYS J 258 16.53 -44.71 102.39
N GLN J 259 15.89 -45.83 102.73
CA GLN J 259 14.56 -45.78 103.30
C GLN J 259 14.62 -45.19 104.71
N ILE J 260 13.77 -44.22 104.97
CA ILE J 260 13.73 -43.55 106.27
C ILE J 260 12.32 -43.69 106.85
N SER J 261 12.24 -43.66 108.17
CA SER J 261 10.96 -43.78 108.85
C SER J 261 11.11 -43.19 110.25
N SER J 262 9.97 -42.98 110.89
CA SER J 262 9.97 -42.45 112.25
C SER J 262 10.61 -43.45 113.20
N GLN J 263 11.20 -42.90 114.26
CA GLN J 263 11.92 -43.76 115.23
C GLN J 263 10.89 -44.59 115.98
N SER J 264 11.30 -45.79 116.39
CA SER J 264 10.41 -46.61 117.24
C SER J 264 10.20 -45.88 118.56
N GLY J 265 9.00 -45.93 119.11
CA GLY J 265 8.64 -45.25 120.34
C GLY J 265 8.07 -43.87 120.13
N ALA J 266 8.05 -43.36 118.90
CA ALA J 266 7.45 -42.08 118.62
C ALA J 266 5.93 -42.15 118.76
N SER J 267 5.31 -41.00 119.00
CA SER J 267 3.86 -40.95 119.08
C SER J 267 3.25 -41.20 117.71
N ASN J 268 1.96 -41.54 117.71
CA ASN J 268 1.28 -41.81 116.45
C ASN J 268 1.23 -40.58 115.56
N ASP J 269 1.11 -39.39 116.16
CA ASP J 269 1.08 -38.16 115.36
C ASP J 269 2.40 -37.90 114.66
N ASN J 270 3.50 -38.41 115.19
CA ASN J 270 4.83 -38.17 114.65
C ASN J 270 5.33 -39.31 113.77
N HIS J 271 4.51 -40.33 113.53
CA HIS J 271 4.93 -41.45 112.69
C HIS J 271 4.98 -41.04 111.23
N TYR J 272 6.00 -41.52 110.51
CA TYR J 272 6.12 -41.22 109.10
C TYR J 272 6.97 -42.30 108.44
N PHE J 273 6.87 -42.35 107.11
CA PHE J 273 7.66 -43.24 106.28
C PHE J 273 7.99 -42.52 104.98
N GLY J 274 9.22 -42.69 104.50
CA GLY J 274 9.63 -42.02 103.29
C GLY J 274 10.98 -42.50 102.83
N TYR J 275 11.57 -41.75 101.90
CA TYR J 275 12.86 -42.09 101.33
C TYR J 275 13.74 -40.86 101.27
N SER J 276 15.03 -41.08 101.51
CA SER J 276 16.05 -40.03 101.40
C SER J 276 16.85 -40.26 100.12
N THR J 277 16.97 -39.23 99.31
CA THR J 277 17.65 -39.35 98.03
C THR J 277 19.03 -38.70 98.09
N PRO J 278 19.97 -39.15 97.24
CA PRO J 278 21.28 -38.50 97.18
C PRO J 278 21.28 -37.17 96.44
N TRP J 279 20.13 -36.69 96.00
CA TRP J 279 20.03 -35.45 95.25
C TRP J 279 19.82 -34.26 96.18
N GLY J 280 20.17 -33.09 95.67
CA GLY J 280 19.82 -31.83 96.31
C GLY J 280 18.84 -31.07 95.43
N TYR J 281 18.32 -29.97 95.98
CA TYR J 281 17.37 -29.15 95.23
C TYR J 281 17.63 -27.68 95.52
N PHE J 282 17.33 -26.85 94.52
CA PHE J 282 17.50 -25.40 94.64
C PHE J 282 16.18 -24.78 95.03
N ASP J 283 16.16 -24.08 96.16
CA ASP J 283 14.97 -23.47 96.70
C ASP J 283 15.15 -21.96 96.70
N PHE J 284 14.21 -21.25 96.07
CA PHE J 284 14.15 -19.80 96.15
C PHE J 284 12.72 -19.33 96.43
N ASN J 285 11.99 -20.11 97.25
CA ASN J 285 10.60 -19.82 97.58
C ASN J 285 10.50 -18.94 98.83
N ARG J 286 11.25 -17.84 98.83
CA ARG J 286 11.16 -16.82 99.87
C ARG J 286 11.43 -15.48 99.22
N PHE J 287 10.73 -14.43 99.69
CA PHE J 287 10.81 -13.12 99.00
C PHE J 287 12.20 -12.49 99.16
N HIS J 288 12.89 -12.76 100.26
CA HIS J 288 14.24 -12.18 100.53
C HIS J 288 15.26 -12.70 99.50
N CYS J 289 14.95 -13.79 98.81
CA CYS J 289 15.85 -14.39 97.78
C CYS J 289 15.85 -13.53 96.52
N HIS J 290 14.86 -12.65 96.35
CA HIS J 290 14.76 -11.82 95.16
C HIS J 290 14.67 -10.34 95.44
N PHE J 291 14.10 -9.93 96.57
CA PHE J 291 13.90 -8.53 96.91
C PHE J 291 14.88 -8.11 98.00
N SER J 292 15.60 -7.02 97.75
CA SER J 292 16.34 -6.37 98.81
C SER J 292 15.37 -5.64 99.72
N PRO J 293 15.79 -5.31 100.95
CA PRO J 293 14.90 -4.53 101.83
C PRO J 293 14.45 -3.21 101.23
N ARG J 294 15.34 -2.51 100.52
CA ARG J 294 14.93 -1.31 99.82
C ARG J 294 13.93 -1.62 98.71
N ASP J 295 14.14 -2.73 98.00
CA ASP J 295 13.18 -3.17 96.99
C ASP J 295 11.83 -3.47 97.61
N TRP J 296 11.82 -4.15 98.77
CA TRP J 296 10.58 -4.43 99.47
C TRP J 296 9.87 -3.15 99.90
N GLN J 297 10.62 -2.18 100.41
CA GLN J 297 10.02 -0.92 100.82
C GLN J 297 9.44 -0.17 99.63
N ARG J 298 10.15 -0.20 98.50
CA ARG J 298 9.63 0.40 97.28
C ARG J 298 8.38 -0.31 96.79
N LEU J 299 8.30 -1.63 96.96
CA LEU J 299 7.13 -2.38 96.52
C LEU J 299 5.92 -2.10 97.40
N ILE J 300 6.10 -2.14 98.72
CA ILE J 300 4.96 -2.13 99.62
C ILE J 300 4.44 -0.73 99.92
N ASN J 301 5.24 0.31 99.71
CA ASN J 301 4.81 1.67 99.98
C ASN J 301 4.12 2.34 98.80
N ASN J 302 4.08 1.69 97.64
CA ASN J 302 3.58 2.33 96.43
C ASN J 302 2.60 1.49 95.63
N ASN J 303 2.41 0.22 95.94
CA ASN J 303 1.60 -0.67 95.15
C ASN J 303 0.49 -1.26 95.98
N TRP J 304 -0.69 -1.40 95.37
CA TRP J 304 -1.83 -2.06 95.98
C TRP J 304 -1.84 -3.56 95.77
N GLY J 305 -0.92 -4.09 94.97
CA GLY J 305 -0.86 -5.52 94.74
C GLY J 305 0.29 -5.87 93.84
N PHE J 306 0.64 -7.16 93.85
CA PHE J 306 1.69 -7.69 92.99
C PHE J 306 1.51 -9.19 92.83
N ARG J 307 2.08 -9.73 91.76
CA ARG J 307 2.02 -11.15 91.48
C ARG J 307 3.16 -11.53 90.55
N PRO J 308 3.69 -12.73 90.66
CA PRO J 308 4.74 -13.16 89.73
C PRO J 308 4.19 -13.49 88.36
N LYS J 309 5.02 -13.25 87.34
CA LYS J 309 4.64 -13.43 85.94
C LYS J 309 5.45 -14.51 85.25
N ARG J 310 6.77 -14.44 85.33
CA ARG J 310 7.64 -15.45 84.72
C ARG J 310 8.98 -15.44 85.43
N LEU J 311 9.72 -16.53 85.30
CA LEU J 311 11.03 -16.62 85.91
C LEU J 311 12.03 -17.25 84.95
N ASN J 312 13.31 -16.95 85.18
CA ASN J 312 14.42 -17.54 84.39
C ASN J 312 15.43 -18.06 85.41
N PHE J 313 15.99 -19.24 85.19
CA PHE J 313 16.90 -19.91 86.11
C PHE J 313 18.16 -20.31 85.36
N LYS J 314 19.30 -20.14 86.03
CA LYS J 314 20.58 -20.52 85.41
C LYS J 314 21.59 -21.08 86.39
N LEU J 315 22.27 -22.16 86.02
CA LEU J 315 23.41 -22.70 86.75
C LEU J 315 24.64 -22.59 85.85
N PHE J 316 25.73 -22.08 86.40
CA PHE J 316 26.91 -21.81 85.58
C PHE J 316 28.14 -21.79 86.47
N ASN J 317 29.30 -21.74 85.82
CA ASN J 317 30.60 -21.72 86.49
C ASN J 317 30.72 -22.88 87.46
N ILE J 318 30.37 -24.07 86.98
CA ILE J 318 30.33 -25.26 87.82
C ILE J 318 31.73 -25.83 87.97
N GLN J 319 32.16 -26.02 89.21
CA GLN J 319 33.46 -26.57 89.53
C GLN J 319 33.25 -27.81 90.40
N VAL J 320 33.85 -28.92 90.00
CA VAL J 320 33.83 -30.14 90.79
C VAL J 320 35.18 -30.29 91.46
N LYS J 321 35.17 -30.37 92.79
CA LYS J 321 36.38 -30.47 93.59
C LYS J 321 36.48 -31.85 94.19
N GLU J 322 37.64 -32.49 94.03
CA GLU J 322 37.91 -33.79 94.63
C GLU J 322 38.63 -33.60 95.95
N VAL J 323 38.12 -34.23 97.01
CA VAL J 323 38.67 -34.12 98.35
C VAL J 323 39.33 -35.44 98.71
N THR J 324 40.58 -35.36 99.18
CA THR J 324 41.31 -36.52 99.65
C THR J 324 41.85 -36.24 101.05
N GLN J 325 42.04 -37.31 101.82
CA GLN J 325 42.51 -37.20 103.19
C GLN J 325 43.57 -38.27 103.41
N ASN J 326 44.83 -37.86 103.49
CA ASN J 326 45.95 -38.78 103.66
C ASN J 326 46.76 -38.35 104.87
N ASP J 327 46.87 -39.25 105.86
CA ASP J 327 47.65 -39.01 107.07
C ASP J 327 47.18 -37.74 107.80
N GLY J 328 45.87 -37.53 107.84
CA GLY J 328 45.31 -36.42 108.57
C GLY J 328 45.33 -35.09 107.83
N THR J 329 45.67 -35.08 106.55
CA THR J 329 45.75 -33.86 105.76
C THR J 329 44.62 -33.84 104.75
N THR J 330 43.88 -32.73 104.70
CA THR J 330 42.78 -32.55 103.76
C THR J 330 43.30 -31.76 102.56
N THR J 331 43.31 -32.41 101.39
CA THR J 331 43.78 -31.81 100.15
C THR J 331 42.62 -31.73 99.16
N ILE J 332 42.41 -30.55 98.60
CA ILE J 332 41.33 -30.32 97.65
C ILE J 332 41.94 -29.94 96.30
N ALA J 333 41.54 -30.65 95.25
CA ALA J 333 42.05 -30.41 93.91
C ALA J 333 40.88 -30.40 92.93
N ASN J 334 41.09 -29.75 91.80
CA ASN J 334 40.06 -29.69 90.77
C ASN J 334 39.88 -31.04 90.10
N ASN J 335 38.63 -31.31 89.69
CA ASN J 335 38.29 -32.47 88.87
C ASN J 335 37.58 -31.94 87.63
N LEU J 336 38.34 -31.75 86.56
CA LEU J 336 37.80 -31.10 85.36
C LEU J 336 36.95 -32.03 84.51
N THR J 337 36.95 -33.34 84.78
CA THR J 337 36.20 -34.29 83.99
C THR J 337 34.94 -34.80 84.67
N SER J 338 34.72 -34.45 85.94
CA SER J 338 33.50 -34.87 86.62
C SER J 338 32.33 -33.99 86.22
N THR J 339 31.12 -34.55 86.37
CA THR J 339 29.89 -33.89 85.98
C THR J 339 28.96 -33.72 87.18
N VAL J 340 27.95 -32.89 86.99
CA VAL J 340 26.82 -32.76 87.90
C VAL J 340 25.55 -32.93 87.09
N GLN J 341 24.61 -33.71 87.62
CA GLN J 341 23.35 -33.98 86.94
C GLN J 341 22.28 -33.00 87.43
N VAL J 342 21.66 -32.30 86.49
CA VAL J 342 20.63 -31.31 86.78
C VAL J 342 19.41 -31.61 85.92
N PHE J 343 18.24 -31.63 86.55
CA PHE J 343 16.99 -31.71 85.79
C PHE J 343 15.89 -31.02 86.58
N THR J 344 14.89 -30.52 85.85
CA THR J 344 13.74 -29.87 86.43
C THR J 344 12.53 -30.79 86.31
N ASP J 345 11.79 -30.93 87.40
CA ASP J 345 10.59 -31.77 87.42
C ASP J 345 9.41 -30.98 86.86
N SER J 346 9.43 -30.74 85.55
CA SER J 346 8.40 -29.90 84.91
C SER J 346 7.09 -30.63 84.73
N GLU J 347 7.08 -31.96 84.83
CA GLU J 347 5.83 -32.71 84.77
C GLU J 347 5.27 -33.00 86.14
N TYR J 348 5.93 -32.56 87.21
CA TYR J 348 5.44 -32.72 88.58
C TYR J 348 5.17 -34.18 88.91
N GLN J 349 6.09 -35.05 88.53
CA GLN J 349 6.00 -36.47 88.82
C GLN J 349 6.66 -36.85 90.14
N LEU J 350 7.33 -35.94 90.80
CA LEU J 350 7.97 -36.17 92.08
C LEU J 350 7.21 -35.45 93.19
N PRO J 351 7.29 -35.95 94.42
CA PRO J 351 6.65 -35.25 95.54
C PRO J 351 7.20 -33.84 95.70
N TYR J 352 6.30 -32.87 95.73
CA TYR J 352 6.66 -31.46 95.76
C TYR J 352 6.95 -31.07 97.21
N VAL J 353 8.24 -30.97 97.55
CA VAL J 353 8.64 -30.61 98.91
C VAL J 353 8.87 -29.12 99.07
N LEU J 354 8.90 -28.35 97.99
CA LEU J 354 8.89 -26.90 98.10
C LEU J 354 7.53 -26.44 98.61
N GLY J 355 7.53 -25.29 99.28
CA GLY J 355 6.31 -24.77 99.87
C GLY J 355 5.99 -25.31 101.25
N SER J 356 6.92 -26.02 101.89
CA SER J 356 6.75 -26.47 103.26
C SER J 356 7.57 -25.64 104.25
N ALA J 357 8.03 -24.46 103.82
CA ALA J 357 8.79 -23.55 104.68
C ALA J 357 10.06 -24.20 105.21
N HIS J 358 10.82 -24.80 104.30
CA HIS J 358 12.05 -25.50 104.66
C HIS J 358 13.27 -24.60 104.51
N GLN J 359 14.27 -24.85 105.34
CA GLN J 359 15.53 -24.13 105.26
C GLN J 359 16.34 -24.59 104.05
N GLY J 360 17.34 -23.81 103.69
CA GLY J 360 18.18 -24.10 102.55
C GLY J 360 17.93 -23.25 101.33
N CYS J 361 17.21 -22.14 101.47
CA CYS J 361 16.91 -21.27 100.34
C CYS J 361 18.15 -20.46 99.97
N LEU J 362 17.99 -19.63 98.95
CA LEU J 362 19.03 -18.67 98.60
C LEU J 362 19.13 -17.63 99.71
N PRO J 363 20.33 -17.37 100.25
CA PRO J 363 20.43 -16.47 101.38
C PRO J 363 20.00 -15.07 100.99
N PRO J 364 19.39 -14.32 101.93
CA PRO J 364 18.94 -12.96 101.59
C PRO J 364 20.07 -12.03 101.18
N PHE J 365 21.25 -12.18 101.76
CA PHE J 365 22.38 -11.33 101.41
C PHE J 365 23.11 -11.93 100.22
N PRO J 366 23.30 -11.16 99.14
CA PRO J 366 23.92 -11.73 97.92
C PRO J 366 25.34 -12.23 98.11
N ALA J 367 26.04 -11.80 99.16
CA ALA J 367 27.42 -12.20 99.38
C ALA J 367 27.57 -13.50 100.14
N ASP J 368 26.47 -14.09 100.62
CA ASP J 368 26.52 -15.31 101.41
C ASP J 368 26.56 -16.54 100.51
N VAL J 369 27.32 -17.55 100.94
CA VAL J 369 27.43 -18.82 100.24
C VAL J 369 26.60 -19.85 101.01
N PHE J 370 25.79 -20.62 100.30
CA PHE J 370 24.84 -21.53 100.93
C PHE J 370 25.02 -22.95 100.43
N MET J 371 24.71 -23.90 101.30
CA MET J 371 24.71 -25.31 100.96
C MET J 371 23.38 -25.72 100.34
N VAL J 372 23.42 -26.58 99.34
CA VAL J 372 22.22 -27.06 98.67
C VAL J 372 21.54 -28.10 99.55
N PRO J 373 20.27 -27.91 99.92
CA PRO J 373 19.61 -28.86 100.82
C PRO J 373 19.38 -30.21 100.16
N GLN J 374 19.38 -31.25 100.98
CA GLN J 374 19.16 -32.61 100.49
C GLN J 374 17.68 -32.85 100.23
N TYR J 375 17.39 -33.48 99.09
CA TYR J 375 16.02 -33.76 98.72
C TYR J 375 15.54 -35.05 99.38
N GLY J 376 14.31 -35.03 99.89
CA GLY J 376 13.70 -36.20 100.48
C GLY J 376 12.19 -36.02 100.50
N TYR J 377 11.49 -37.14 100.50
CA TYR J 377 10.04 -37.11 100.43
C TYR J 377 9.46 -38.16 101.37
N LEU J 378 8.19 -37.97 101.73
CA LEU J 378 7.44 -38.90 102.54
C LEU J 378 6.31 -39.50 101.72
N THR J 379 5.99 -40.76 102.03
CA THR J 379 4.88 -41.44 101.37
C THR J 379 3.95 -42.00 102.44
N LEU J 380 2.97 -42.80 102.01
CA LEU J 380 1.97 -43.35 102.95
C LEU J 380 2.66 -44.23 104.01
N ASN J 381 2.19 -44.16 105.24
CA ASN J 381 2.76 -44.99 106.32
C ASN J 381 1.66 -45.52 107.24
N ASN J 382 1.78 -46.76 107.69
CA ASN J 382 0.86 -47.28 108.72
C ASN J 382 1.76 -47.38 109.96
N GLY J 383 1.92 -46.28 110.69
CA GLY J 383 2.89 -46.28 111.79
C GLY J 383 4.27 -46.02 111.23
N SER J 384 5.29 -46.73 111.70
CA SER J 384 6.62 -46.59 111.13
C SER J 384 6.81 -47.43 109.88
N GLN J 385 5.85 -48.28 109.53
CA GLN J 385 5.92 -49.14 108.36
C GLN J 385 5.26 -48.48 107.16
N ALA J 386 5.37 -49.15 106.02
CA ALA J 386 4.75 -48.70 104.78
C ALA J 386 3.56 -49.59 104.43
N VAL J 387 2.78 -49.12 103.45
CA VAL J 387 1.66 -49.87 102.92
C VAL J 387 1.92 -50.14 101.45
N GLY J 388 1.02 -50.94 100.84
CA GLY J 388 1.18 -51.29 99.45
C GLY J 388 1.04 -50.11 98.51
N ARG J 389 0.33 -49.07 98.94
CA ARG J 389 0.13 -47.88 98.13
C ARG J 389 1.29 -46.90 98.20
N SER J 390 2.25 -47.13 99.09
CA SER J 390 3.40 -46.25 99.20
C SER J 390 4.22 -46.27 97.90
N SER J 391 4.67 -45.09 97.49
CA SER J 391 5.36 -44.92 96.22
C SER J 391 6.85 -44.68 96.46
N PHE J 392 7.68 -45.29 95.62
CA PHE J 392 9.11 -45.08 95.63
C PHE J 392 9.52 -44.42 94.32
N TYR J 393 10.39 -43.41 94.40
CA TYR J 393 10.83 -42.66 93.24
C TYR J 393 12.34 -42.68 93.15
N CYS J 394 12.85 -43.12 92.00
CA CYS J 394 14.27 -43.02 91.69
C CYS J 394 14.47 -41.83 90.77
N LEU J 395 15.25 -40.86 91.22
CA LEU J 395 15.47 -39.63 90.47
C LEU J 395 16.42 -39.82 89.29
N GLU J 396 17.15 -40.94 89.25
CA GLU J 396 17.95 -41.27 88.08
C GLU J 396 17.12 -41.86 86.96
N TYR J 397 15.82 -42.07 87.20
CA TYR J 397 14.89 -42.60 86.16
C TYR J 397 14.31 -41.44 85.37
N PHE J 398 14.74 -40.23 85.66
CA PHE J 398 14.41 -39.02 84.93
C PHE J 398 15.55 -38.62 83.99
N PRO J 399 15.25 -38.06 82.83
CA PRO J 399 16.31 -37.52 81.97
C PRO J 399 16.91 -36.27 82.61
N SER J 400 18.22 -36.29 82.79
CA SER J 400 18.94 -35.18 83.40
C SER J 400 20.07 -34.73 82.50
N GLN J 401 20.48 -33.48 82.67
CA GLN J 401 21.56 -32.89 81.89
C GLN J 401 22.85 -32.96 82.68
N MET J 402 23.90 -33.49 82.05
CA MET J 402 25.20 -33.66 82.69
C MET J 402 26.08 -32.47 82.33
N LEU J 403 26.66 -31.84 83.36
CA LEU J 403 27.41 -30.61 83.19
C LEU J 403 28.81 -30.78 83.72
N ARG J 404 29.80 -30.63 82.85
CA ARG J 404 31.20 -30.54 83.27
C ARG J 404 31.54 -29.09 83.60
N THR J 405 32.80 -28.85 83.97
CA THR J 405 33.24 -27.44 84.15
C THR J 405 33.26 -26.81 82.76
N GLY J 406 32.48 -25.76 82.58
CA GLY J 406 32.31 -25.12 81.29
C GLY J 406 30.94 -25.28 80.69
N ASN J 407 30.11 -26.15 81.24
CA ASN J 407 28.72 -26.30 80.81
C ASN J 407 27.80 -25.52 81.74
N ASN J 408 26.69 -25.05 81.21
CA ASN J 408 25.70 -24.32 81.98
C ASN J 408 24.33 -24.92 81.74
N PHE J 409 23.42 -24.65 82.69
CA PHE J 409 22.04 -25.11 82.64
C PHE J 409 21.13 -23.90 82.72
N THR J 410 20.00 -23.96 82.00
CA THR J 410 19.05 -22.88 82.05
C THR J 410 17.66 -23.41 81.71
N PHE J 411 16.63 -22.73 82.23
CA PHE J 411 15.26 -23.02 81.85
C PHE J 411 14.40 -21.82 82.22
N SER J 412 13.29 -21.68 81.50
CA SER J 412 12.35 -20.58 81.71
C SER J 412 10.99 -21.14 82.09
N TYR J 413 10.30 -20.42 82.96
CA TYR J 413 9.00 -20.84 83.46
C TYR J 413 8.06 -19.64 83.46
N THR J 414 6.79 -19.88 83.13
CA THR J 414 5.78 -18.85 83.14
C THR J 414 4.76 -19.17 84.23
N PHE J 415 4.53 -18.23 85.13
CA PHE J 415 3.52 -18.40 86.17
C PHE J 415 2.13 -18.39 85.55
N GLU J 416 1.24 -19.20 86.12
CA GLU J 416 -0.16 -19.14 85.74
C GLU J 416 -0.79 -17.86 86.28
N ASP J 417 -1.97 -17.54 85.76
CA ASP J 417 -2.68 -16.35 86.21
C ASP J 417 -3.14 -16.55 87.65
N VAL J 418 -2.74 -15.63 88.52
CA VAL J 418 -3.09 -15.69 89.94
C VAL J 418 -3.56 -14.32 90.38
N PRO J 419 -4.39 -14.25 91.42
CA PRO J 419 -4.82 -12.94 91.92
C PRO J 419 -3.65 -12.14 92.48
N PHE J 420 -3.75 -10.82 92.35
CA PHE J 420 -2.78 -9.94 92.99
C PHE J 420 -2.86 -10.11 94.50
N HIS J 421 -1.70 -10.14 95.14
CA HIS J 421 -1.67 -10.13 96.60
C HIS J 421 -2.21 -8.81 97.10
N SER J 422 -3.07 -8.89 98.13
CA SER J 422 -3.67 -7.68 98.73
C SER J 422 -2.65 -6.96 99.61
N SER J 423 -1.77 -6.17 98.99
CA SER J 423 -0.77 -5.43 99.75
C SER J 423 -1.33 -4.09 100.24
N TYR J 424 -2.47 -4.17 100.93
CA TYR J 424 -3.13 -3.00 101.46
C TYR J 424 -3.92 -3.41 102.70
N ALA J 425 -4.22 -2.43 103.53
CA ALA J 425 -5.11 -2.59 104.67
C ALA J 425 -6.37 -1.79 104.45
N HIS J 426 -7.52 -2.40 104.75
CA HIS J 426 -8.78 -1.70 104.55
C HIS J 426 -8.92 -0.55 105.54
N SER J 427 -9.30 0.62 105.03
CA SER J 427 -9.56 1.78 105.86
C SER J 427 -11.00 1.83 106.36
N GLN J 428 -11.82 0.84 106.02
CA GLN J 428 -13.16 0.71 106.53
C GLN J 428 -13.33 -0.66 107.17
N SER J 429 -14.19 -0.74 108.17
CA SER J 429 -14.54 -2.00 108.80
C SER J 429 -15.82 -2.54 108.17
N LEU J 430 -15.94 -3.87 108.16
CA LEU J 430 -17.10 -4.51 107.53
C LEU J 430 -18.40 -4.17 108.25
N ASP J 431 -18.32 -3.78 109.52
CA ASP J 431 -19.55 -3.47 110.31
C ASP J 431 -19.79 -1.95 110.34
N ARG J 432 -18.99 -1.18 109.60
CA ARG J 432 -19.11 0.27 109.56
C ARG J 432 -19.10 0.77 108.12
N LEU J 433 -19.91 0.13 107.27
CA LEU J 433 -19.97 0.46 105.85
C LEU J 433 -21.15 1.34 105.50
N MET J 434 -21.89 1.84 106.49
CA MET J 434 -23.12 2.57 106.26
C MET J 434 -22.87 4.08 106.26
N ASN J 435 -23.93 4.84 106.00
CA ASN J 435 -23.91 6.28 106.12
C ASN J 435 -24.40 6.66 107.52
N PRO J 436 -23.54 7.22 108.37
CA PRO J 436 -23.97 7.49 109.76
C PRO J 436 -25.00 8.60 109.89
N LEU J 437 -25.26 9.36 108.83
CA LEU J 437 -26.16 10.49 108.89
C LEU J 437 -27.61 10.12 108.60
N ILE J 438 -27.85 9.04 107.86
CA ILE J 438 -29.18 8.68 107.38
C ILE J 438 -29.60 7.38 108.08
N ASP J 439 -30.83 7.35 108.57
CA ASP J 439 -31.39 6.14 109.14
C ASP J 439 -31.71 5.13 108.04
N GLN J 440 -31.78 3.87 108.43
CA GLN J 440 -32.24 2.82 107.53
C GLN J 440 -33.76 2.80 107.47
N TYR J 441 -34.29 2.39 106.32
CA TYR J 441 -35.74 2.19 106.21
C TYR J 441 -36.18 0.83 106.74
N LEU J 442 -35.25 -0.09 106.97
CA LEU J 442 -35.59 -1.39 107.51
C LEU J 442 -35.71 -1.32 109.03
N TYR J 443 -36.55 -2.19 109.57
CA TYR J 443 -36.81 -2.26 111.00
C TYR J 443 -36.17 -3.50 111.59
N TYR J 444 -35.81 -3.40 112.86
CA TYR J 444 -35.30 -4.53 113.63
C TYR J 444 -36.02 -4.59 114.96
N LEU J 445 -36.14 -5.80 115.50
CA LEU J 445 -36.76 -6.00 116.80
C LEU J 445 -35.88 -5.38 117.87
N SER J 446 -36.33 -4.26 118.44
CA SER J 446 -35.55 -3.52 119.43
C SER J 446 -35.96 -3.81 120.86
N ARG J 447 -37.24 -4.08 121.06
CA ARG J 447 -37.72 -4.40 122.43
C ARG J 447 -38.59 -5.65 122.40
N THR J 448 -38.57 -6.40 123.50
CA THR J 448 -39.37 -7.61 123.61
C THR J 448 -40.41 -7.54 124.72
N ASN J 449 -40.43 -6.49 125.52
CA ASN J 449 -41.43 -6.33 126.56
C ASN J 449 -41.60 -4.85 126.86
N THR J 450 -42.68 -4.52 127.57
CA THR J 450 -42.97 -3.16 127.99
C THR J 450 -43.41 -3.16 129.44
N PRO J 451 -43.20 -2.05 130.20
CA PRO J 451 -43.69 -1.99 131.58
C PRO J 451 -45.21 -2.14 131.58
N SER J 452 -45.73 -3.12 132.33
CA SER J 452 -47.20 -3.28 132.45
C SER J 452 -47.55 -3.30 133.93
N GLY J 453 -48.37 -2.36 134.39
CA GLY J 453 -48.66 -2.26 135.84
C GLY J 453 -47.38 -2.06 136.62
N THR J 454 -47.13 -2.93 137.61
CA THR J 454 -45.87 -2.86 138.39
C THR J 454 -44.99 -4.05 138.00
N THR J 455 -45.44 -4.83 137.02
CA THR J 455 -44.64 -5.97 136.51
C THR J 455 -44.22 -5.68 135.06
N THR J 456 -43.99 -6.72 134.26
CA THR J 456 -43.66 -6.52 132.82
C THR J 456 -44.61 -7.36 131.97
N GLN J 457 -44.83 -6.93 130.72
CA GLN J 457 -45.69 -7.67 129.82
C GLN J 457 -44.99 -7.83 128.47
N SER J 458 -45.11 -9.00 127.87
CA SER J 458 -44.46 -9.27 126.60
C SER J 458 -45.08 -8.43 125.49
N ARG J 459 -44.24 -7.73 124.74
CA ARG J 459 -44.71 -6.85 123.67
C ARG J 459 -43.55 -6.59 122.72
N LEU J 460 -43.72 -6.95 121.45
CA LEU J 460 -42.68 -6.75 120.46
C LEU J 460 -42.73 -5.34 119.89
N GLN J 461 -41.56 -4.69 119.81
CA GLN J 461 -41.43 -3.38 119.20
C GLN J 461 -40.26 -3.36 118.25
N PHE J 462 -40.34 -2.49 117.24
CA PHE J 462 -39.35 -2.42 116.18
C PHE J 462 -38.90 -0.99 115.98
N SER J 463 -37.63 -0.83 115.61
CA SER J 463 -37.04 0.48 115.41
C SER J 463 -36.23 0.48 114.13
N GLN J 464 -36.03 1.66 113.57
CA GLN J 464 -35.14 1.86 112.44
C GLN J 464 -33.76 2.20 112.97
N ALA J 465 -32.73 1.53 112.45
CA ALA J 465 -31.39 1.67 112.96
C ALA J 465 -30.71 2.90 112.36
N GLY J 466 -30.01 3.65 113.21
CA GLY J 466 -29.24 4.80 112.80
C GLY J 466 -27.83 4.73 113.39
N ALA J 467 -27.30 5.90 113.75
CA ALA J 467 -25.95 5.96 114.30
C ALA J 467 -25.91 5.56 115.77
N SER J 468 -26.95 5.90 116.54
CA SER J 468 -26.94 5.61 117.97
C SER J 468 -27.01 4.13 118.26
N ASP J 469 -27.74 3.37 117.43
CA ASP J 469 -27.84 1.93 117.56
C ASP J 469 -27.22 1.26 116.35
N ILE J 470 -26.03 1.73 115.96
CA ILE J 470 -25.36 1.31 114.75
C ILE J 470 -25.09 -0.18 114.70
N ARG J 471 -25.04 -0.84 115.86
CA ARG J 471 -24.77 -2.27 115.90
C ARG J 471 -25.94 -3.10 115.37
N ASP J 472 -27.14 -2.53 115.31
CA ASP J 472 -28.33 -3.26 114.91
C ASP J 472 -28.68 -3.06 113.44
N GLN J 473 -27.85 -2.36 112.68
CA GLN J 473 -28.16 -2.06 111.29
C GLN J 473 -28.15 -3.32 110.45
N SER J 474 -29.09 -3.41 109.51
CA SER J 474 -29.12 -4.51 108.57
C SER J 474 -27.93 -4.41 107.61
N ARG J 475 -27.28 -5.55 107.38
CA ARG J 475 -26.05 -5.58 106.60
C ARG J 475 -26.13 -6.67 105.54
N ASN J 476 -25.29 -6.54 104.52
CA ASN J 476 -25.30 -7.45 103.38
C ASN J 476 -24.22 -8.51 103.44
N TRP J 477 -23.23 -8.37 104.32
CA TRP J 477 -22.06 -9.22 104.32
C TRP J 477 -21.74 -9.70 105.73
N LEU J 478 -20.88 -10.70 105.81
CA LEU J 478 -20.47 -11.35 107.05
C LEU J 478 -18.95 -11.46 107.10
N PRO J 479 -18.37 -11.47 108.30
CA PRO J 479 -16.93 -11.69 108.41
C PRO J 479 -16.54 -13.10 108.01
N GLY J 480 -15.29 -13.25 107.57
CA GLY J 480 -14.79 -14.51 107.05
C GLY J 480 -14.79 -15.64 108.04
N PRO J 481 -14.42 -16.84 107.58
CA PRO J 481 -14.51 -18.02 108.44
C PRO J 481 -13.46 -17.99 109.56
N CYS J 482 -13.75 -18.80 110.57
CA CYS J 482 -12.94 -18.80 111.80
C CYS J 482 -12.62 -20.21 112.26
N TYR J 483 -11.46 -20.40 112.89
CA TYR J 483 -11.09 -21.66 113.54
C TYR J 483 -10.31 -21.28 114.79
N ARG J 484 -11.00 -21.22 115.92
CA ARG J 484 -10.49 -20.48 117.08
C ARG J 484 -9.15 -21.02 117.57
N GLN J 485 -8.27 -20.09 117.94
CA GLN J 485 -6.96 -20.38 118.48
C GLN J 485 -6.90 -19.94 119.93
N GLN J 486 -6.04 -20.60 120.71
CA GLN J 486 -5.81 -20.18 122.08
C GLN J 486 -4.99 -18.89 122.10
N ARG J 487 -5.28 -18.03 123.07
CA ARG J 487 -4.61 -16.75 123.20
C ARG J 487 -3.45 -16.86 124.17
N VAL J 488 -2.29 -16.39 123.69
CA VAL J 488 -1.05 -16.37 124.51
C VAL J 488 -0.57 -14.92 124.53
N SER J 489 0.13 -14.51 125.58
CA SER J 489 0.62 -13.15 125.75
C SER J 489 2.13 -13.11 125.66
N LYS J 490 2.65 -12.03 125.07
CA LYS J 490 4.12 -11.85 124.97
C LYS J 490 4.68 -11.57 126.36
N THR J 491 3.88 -11.00 127.26
CA THR J 491 4.29 -10.82 128.68
C THR J 491 4.16 -12.20 129.34
N SER J 492 5.26 -12.80 129.76
CA SER J 492 5.21 -14.20 130.28
C SER J 492 4.28 -14.35 131.49
N ALA J 493 4.35 -13.44 132.47
CA ALA J 493 3.55 -13.61 133.68
C ALA J 493 2.06 -13.73 133.38
N ASP J 494 1.62 -13.17 132.26
CA ASP J 494 0.20 -13.18 131.91
C ASP J 494 -0.30 -14.55 131.49
N ASN J 495 0.59 -15.50 131.21
CA ASN J 495 0.20 -16.80 130.72
C ASN J 495 -0.02 -17.77 131.86
N ASN J 496 -0.81 -18.81 131.59
CA ASN J 496 -1.07 -19.83 132.59
C ASN J 496 0.19 -20.62 132.90
N ASN J 497 0.39 -20.94 134.17
CA ASN J 497 1.58 -21.68 134.62
C ASN J 497 1.34 -23.18 134.45
N SER J 498 1.35 -23.61 133.19
CA SER J 498 1.15 -25.01 132.83
C SER J 498 1.71 -25.24 131.44
N GLU J 499 1.81 -26.53 131.08
CA GLU J 499 2.27 -26.91 129.72
C GLU J 499 1.03 -27.13 128.87
N TYR J 500 0.70 -26.16 128.02
CA TYR J 500 -0.50 -26.22 127.20
C TYR J 500 -0.19 -26.01 125.71
N SER J 501 1.05 -26.26 125.29
CA SER J 501 1.39 -26.06 123.88
C SER J 501 0.73 -27.09 122.98
N TRP J 502 0.25 -28.20 123.53
CA TRP J 502 -0.45 -29.22 122.75
C TRP J 502 -1.85 -29.48 123.25
N THR J 503 -2.07 -29.50 124.58
CA THR J 503 -3.40 -29.73 125.10
C THR J 503 -4.36 -28.61 124.69
N GLY J 504 -3.90 -27.36 124.77
CA GLY J 504 -4.67 -26.22 124.35
C GLY J 504 -4.49 -25.83 122.90
N ALA J 505 -3.77 -26.63 122.13
CA ALA J 505 -3.46 -26.29 120.74
C ALA J 505 -4.67 -26.57 119.85
N THR J 506 -4.73 -25.84 118.74
CA THR J 506 -5.75 -26.03 117.73
C THR J 506 -5.26 -27.08 116.72
N LYS J 507 -6.04 -28.14 116.54
CA LYS J 507 -5.59 -29.30 115.79
C LYS J 507 -6.66 -29.74 114.80
N TYR J 508 -6.21 -30.44 113.76
CA TYR J 508 -7.11 -31.15 112.86
C TYR J 508 -6.75 -32.64 112.88
N HIS J 509 -7.77 -33.48 112.77
CA HIS J 509 -7.65 -34.92 112.91
C HIS J 509 -7.71 -35.54 111.52
N LEU J 510 -6.69 -36.33 111.17
CA LEU J 510 -6.61 -36.95 109.85
C LEU J 510 -6.02 -38.34 109.99
N ASN J 511 -6.82 -39.36 109.67
CA ASN J 511 -6.38 -40.75 109.70
C ASN J 511 -5.87 -41.16 111.08
N GLY J 512 -6.54 -40.67 112.13
CA GLY J 512 -6.16 -41.01 113.48
C GLY J 512 -4.99 -40.25 114.04
N ARG J 513 -4.43 -39.32 113.28
CA ARG J 513 -3.31 -38.50 113.82
C ARG J 513 -3.67 -37.02 113.91
N ASP J 514 -3.33 -36.37 115.01
CA ASP J 514 -3.56 -34.95 115.23
C ASP J 514 -2.37 -34.16 114.68
N SER J 515 -2.67 -33.18 113.84
CA SER J 515 -1.66 -32.27 113.31
C SER J 515 -1.97 -30.87 113.81
N LEU J 516 -0.92 -30.13 114.15
CA LEU J 516 -1.09 -28.75 114.59
C LEU J 516 -1.60 -27.89 113.44
N VAL J 517 -2.59 -27.04 113.73
CA VAL J 517 -3.09 -26.08 112.77
C VAL J 517 -2.21 -24.84 112.89
N ASN J 518 -1.31 -24.67 111.93
CA ASN J 518 -0.31 -23.61 112.00
C ASN J 518 0.08 -23.18 110.60
N PRO J 519 -0.22 -21.92 110.21
CA PRO J 519 -0.91 -20.89 110.98
C PRO J 519 -2.43 -20.96 110.85
N GLY J 520 -2.94 -21.82 109.97
CA GLY J 520 -4.36 -22.00 109.82
C GLY J 520 -5.02 -20.92 108.99
N PRO J 521 -6.35 -20.84 109.07
CA PRO J 521 -7.09 -19.82 108.31
C PRO J 521 -6.67 -18.42 108.74
N ALA J 522 -6.69 -17.50 107.76
CA ALA J 522 -6.26 -16.13 108.00
C ALA J 522 -7.23 -15.43 108.95
N MET J 523 -6.72 -15.04 110.12
CA MET J 523 -7.52 -14.38 111.13
C MET J 523 -6.67 -13.29 111.79
N ALA J 524 -7.35 -12.29 112.33
CA ALA J 524 -6.65 -11.20 113.00
C ALA J 524 -5.96 -11.70 114.26
N SER J 525 -4.73 -11.22 114.47
CA SER J 525 -3.97 -11.66 115.64
C SER J 525 -4.62 -11.18 116.93
N HIS J 526 -5.15 -9.95 116.94
CA HIS J 526 -5.70 -9.38 118.15
C HIS J 526 -6.66 -8.25 117.76
N LYS J 527 -7.47 -7.84 118.73
CA LYS J 527 -8.39 -6.73 118.55
C LYS J 527 -7.69 -5.42 118.92
N ASP J 528 -8.46 -4.33 119.03
CA ASP J 528 -7.88 -3.04 119.36
C ASP J 528 -7.21 -3.06 120.71
N ASP J 529 -6.02 -2.45 120.78
CA ASP J 529 -5.30 -2.23 122.04
C ASP J 529 -5.00 -3.54 122.76
N GLU J 530 -4.67 -4.57 121.99
CA GLU J 530 -4.29 -5.86 122.56
C GLU J 530 -3.11 -6.44 121.78
N GLU J 531 -2.13 -5.59 121.46
CA GLU J 531 -1.01 -6.01 120.63
C GLU J 531 -0.12 -7.04 121.31
N LYS J 532 -0.21 -7.18 122.64
CA LYS J 532 0.59 -8.18 123.33
C LYS J 532 0.05 -9.59 123.16
N PHE J 533 -1.16 -9.75 122.65
CA PHE J 533 -1.78 -11.05 122.49
C PHE J 533 -1.65 -11.53 121.05
N PHE J 534 -1.31 -12.80 120.90
CA PHE J 534 -1.23 -13.44 119.59
C PHE J 534 -1.77 -14.86 119.70
N PRO J 535 -2.31 -15.40 118.61
CA PRO J 535 -2.78 -16.79 118.63
C PRO J 535 -1.63 -17.76 118.85
N GLN J 536 -1.94 -18.87 119.51
CA GLN J 536 -0.90 -19.81 119.92
C GLN J 536 -0.17 -20.39 118.72
N SER J 537 -0.90 -20.76 117.67
CA SER J 537 -0.29 -21.24 116.43
C SER J 537 -0.97 -20.62 115.23
N GLY J 538 -1.36 -19.34 115.34
CA GLY J 538 -2.07 -18.66 114.28
C GLY J 538 -1.29 -17.60 113.53
N VAL J 539 0.00 -17.42 113.83
CA VAL J 539 0.82 -16.44 113.14
C VAL J 539 2.15 -17.08 112.76
N LEU J 540 2.77 -16.53 111.72
CA LEU J 540 4.12 -16.95 111.37
C LEU J 540 5.11 -16.40 112.39
N ILE J 541 6.06 -17.23 112.79
CA ILE J 541 7.09 -16.84 113.74
C ILE J 541 8.44 -17.07 113.06
N PHE J 542 9.17 -15.98 112.84
CA PHE J 542 10.48 -16.03 112.22
C PHE J 542 11.56 -15.93 113.30
N GLY J 543 12.67 -16.63 113.07
CA GLY J 543 13.79 -16.60 113.99
C GLY J 543 14.72 -15.44 113.70
N LYS J 544 15.21 -14.81 114.76
CA LYS J 544 16.24 -13.80 114.61
C LYS J 544 17.56 -14.45 114.22
N GLN J 545 18.52 -13.63 113.82
CA GLN J 545 19.82 -14.15 113.42
C GLN J 545 20.51 -14.84 114.59
N GLY J 546 21.02 -16.04 114.35
CA GLY J 546 21.69 -16.81 115.37
C GLY J 546 20.79 -17.61 116.28
N SER J 547 19.50 -17.65 115.98
CA SER J 547 18.52 -18.34 116.85
C SER J 547 18.68 -19.86 116.71
N GLU J 548 18.60 -20.59 117.83
CA GLU J 548 18.74 -22.03 117.82
C GLU J 548 17.47 -22.68 117.28
N LYS J 549 17.40 -24.01 117.41
CA LYS J 549 16.29 -24.76 116.84
C LYS J 549 15.22 -25.11 117.87
N THR J 550 15.62 -25.46 119.09
CA THR J 550 14.71 -26.01 120.08
C THR J 550 14.59 -25.07 121.28
N ASN J 551 13.35 -24.70 121.61
CA ASN J 551 13.01 -24.02 122.86
C ASN J 551 13.78 -22.73 123.05
N VAL J 552 13.77 -21.89 122.02
CA VAL J 552 14.34 -20.56 122.13
C VAL J 552 13.33 -19.63 122.80
N ASP J 553 13.84 -18.59 123.46
CA ASP J 553 12.98 -17.67 124.18
C ASP J 553 12.20 -16.79 123.22
N ILE J 554 11.25 -16.04 123.76
CA ILE J 554 10.43 -15.17 122.92
C ILE J 554 11.25 -14.02 122.35
N GLU J 555 12.27 -13.56 123.09
CA GLU J 555 13.13 -12.49 122.59
C GLU J 555 14.03 -12.96 121.45
N LYS J 556 14.12 -14.26 121.21
CA LYS J 556 14.91 -14.80 120.10
C LYS J 556 14.11 -14.92 118.82
N VAL J 557 12.80 -14.69 118.85
CA VAL J 557 11.94 -14.84 117.68
C VAL J 557 11.18 -13.55 117.45
N MET J 558 10.72 -13.38 116.21
CA MET J 558 9.92 -12.24 115.80
C MET J 558 8.56 -12.74 115.37
N ILE J 559 7.52 -12.35 116.11
CA ILE J 559 6.16 -12.83 115.88
C ILE J 559 5.45 -11.83 114.98
N THR J 560 4.88 -12.32 113.89
CA THR J 560 4.20 -11.45 112.94
C THR J 560 2.82 -11.05 113.47
N ASP J 561 2.28 -10.00 112.85
CA ASP J 561 0.96 -9.49 113.28
C ASP J 561 0.06 -9.38 112.05
N GLU J 562 -1.16 -9.88 112.17
CA GLU J 562 -2.18 -9.84 111.13
C GLU J 562 -3.33 -8.95 111.54
N GLU J 563 -3.03 -7.79 112.13
CA GLU J 563 -4.07 -6.89 112.59
C GLU J 563 -4.70 -6.07 111.46
N GLU J 564 -4.04 -5.98 110.31
CA GLU J 564 -4.59 -5.18 109.21
C GLU J 564 -5.85 -5.81 108.61
N ILE J 565 -6.12 -7.08 108.90
CA ILE J 565 -7.27 -7.77 108.33
C ILE J 565 -8.40 -7.93 109.33
N ARG J 566 -8.32 -7.27 110.49
CA ARG J 566 -9.39 -7.33 111.46
C ARG J 566 -10.62 -6.56 111.02
N THR J 567 -10.52 -5.80 109.93
CA THR J 567 -11.69 -5.12 109.40
C THR J 567 -12.71 -6.10 108.83
N THR J 568 -12.25 -7.20 108.23
CA THR J 568 -13.13 -8.19 107.63
C THR J 568 -12.99 -9.59 108.23
N ASN J 569 -11.91 -9.88 108.94
CA ASN J 569 -11.67 -11.21 109.46
C ASN J 569 -11.84 -11.24 110.97
N PRO J 570 -12.44 -12.30 111.51
CA PRO J 570 -12.60 -12.39 112.96
C PRO J 570 -11.26 -12.52 113.66
N VAL J 571 -11.22 -12.05 114.90
CA VAL J 571 -10.03 -12.21 115.72
C VAL J 571 -9.81 -13.70 116.00
N ALA J 572 -8.55 -14.13 115.90
CA ALA J 572 -8.23 -15.55 115.95
C ALA J 572 -8.61 -16.17 117.29
N THR J 573 -8.42 -15.42 118.38
CA THR J 573 -8.60 -15.96 119.72
C THR J 573 -10.00 -15.79 120.27
N GLU J 574 -10.92 -15.23 119.49
CA GLU J 574 -12.28 -14.98 119.93
C GLU J 574 -13.25 -15.76 119.07
N GLN J 575 -14.49 -15.83 119.53
CA GLN J 575 -15.54 -16.54 118.81
C GLN J 575 -15.95 -15.75 117.56
N TYR J 576 -16.48 -16.48 116.58
CA TYR J 576 -17.03 -15.82 115.40
C TYR J 576 -18.26 -15.00 115.77
N GLY J 577 -19.11 -15.54 116.63
CA GLY J 577 -20.35 -14.86 116.99
C GLY J 577 -21.19 -15.73 117.88
N SER J 578 -22.50 -15.48 117.85
CA SER J 578 -23.46 -16.23 118.66
C SER J 578 -24.64 -16.65 117.81
N VAL J 579 -25.18 -17.82 118.12
CA VAL J 579 -26.36 -18.36 117.47
C VAL J 579 -27.34 -18.81 118.54
N SER J 580 -28.62 -18.86 118.16
CA SER J 580 -29.64 -19.36 119.06
C SER J 580 -29.55 -20.88 119.17
N THR J 581 -29.88 -21.40 120.35
CA THR J 581 -29.80 -22.83 120.61
C THR J 581 -31.14 -23.45 121.03
N ASN J 582 -32.17 -22.65 121.25
CA ASN J 582 -33.46 -23.18 121.68
C ASN J 582 -34.56 -22.30 121.07
N LEU J 583 -35.79 -22.52 121.54
CA LEU J 583 -36.95 -21.75 121.09
C LEU J 583 -37.58 -21.10 122.32
N GLN J 584 -37.46 -19.78 122.42
CA GLN J 584 -38.07 -19.04 123.52
C GLN J 584 -39.58 -19.11 123.41
N ARG J 585 -40.21 -19.12 124.58
CA ARG J 585 -41.68 -19.26 124.64
C ARG J 585 -42.17 -18.74 125.99
N GLY J 586 -43.32 -18.05 126.00
CA GLY J 586 -43.93 -17.60 127.24
C GLY J 586 -44.87 -18.63 127.81
N ASN J 587 -45.53 -18.24 128.91
CA ASN J 587 -46.42 -19.18 129.64
C ASN J 587 -47.75 -19.36 128.89
N THR J 594 -44.18 -24.44 130.39
CA THR J 594 -43.64 -23.33 131.21
C THR J 594 -42.93 -22.33 130.30
N SER J 595 -42.36 -21.25 130.84
CA SER J 595 -41.65 -20.37 129.92
C SER J 595 -40.21 -20.81 129.75
N ARG J 596 -39.66 -20.53 128.57
CA ARG J 596 -38.27 -20.81 128.25
C ARG J 596 -37.62 -19.54 127.72
N GLN J 597 -36.52 -19.13 128.34
CA GLN J 597 -35.82 -17.93 127.91
C GLN J 597 -34.86 -18.25 126.77
N ALA J 598 -34.66 -17.26 125.89
CA ALA J 598 -33.79 -17.45 124.74
C ALA J 598 -32.35 -17.71 125.18
N ALA J 599 -31.71 -18.68 124.55
CA ALA J 599 -30.35 -19.08 124.86
C ALA J 599 -29.47 -18.96 123.63
N THR J 600 -28.20 -18.62 123.86
CA THR J 600 -27.23 -18.45 122.78
C THR J 600 -25.96 -19.22 123.13
N ALA J 601 -25.21 -19.56 122.09
CA ALA J 601 -23.94 -20.25 122.25
C ALA J 601 -22.88 -19.57 121.38
N ASP J 602 -21.63 -19.64 121.84
CA ASP J 602 -20.52 -19.12 121.06
C ASP J 602 -20.22 -20.05 119.89
N VAL J 603 -19.84 -19.45 118.77
CA VAL J 603 -19.48 -20.20 117.57
C VAL J 603 -17.96 -20.14 117.47
N ASN J 604 -17.30 -21.14 118.04
CA ASN J 604 -15.85 -21.19 118.03
C ASN J 604 -15.27 -21.64 116.69
N THR J 605 -16.07 -22.30 115.86
CA THR J 605 -15.65 -22.68 114.52
C THR J 605 -16.79 -22.36 113.56
N GLN J 606 -16.48 -21.64 112.49
CA GLN J 606 -17.47 -21.22 111.51
C GLN J 606 -16.97 -21.53 110.12
N GLY J 607 -17.73 -22.34 109.38
CA GLY J 607 -17.43 -22.59 107.98
C GLY J 607 -17.87 -21.43 107.11
N VAL J 608 -17.58 -21.57 105.82
CA VAL J 608 -17.90 -20.50 104.87
C VAL J 608 -19.40 -20.45 104.65
N LEU J 609 -19.97 -19.26 104.75
CA LEU J 609 -21.36 -18.97 104.51
C LEU J 609 -21.52 -18.08 103.28
N PRO J 610 -22.65 -18.15 102.59
CA PRO J 610 -22.89 -17.22 101.48
C PRO J 610 -22.90 -15.78 101.99
N GLY J 611 -22.29 -14.89 101.21
CA GLY J 611 -22.14 -13.51 101.60
C GLY J 611 -20.93 -13.21 102.47
N MET J 612 -20.07 -14.20 102.69
CA MET J 612 -18.87 -14.01 103.56
C MET J 612 -17.72 -13.40 102.76
N VAL J 613 -17.02 -12.42 103.33
CA VAL J 613 -15.87 -11.75 102.73
C VAL J 613 -14.71 -11.81 103.72
N TRP J 614 -13.50 -11.99 103.21
CA TRP J 614 -12.33 -12.14 104.06
C TRP J 614 -11.09 -11.71 103.28
N GLN J 615 -10.00 -11.51 104.02
CA GLN J 615 -8.69 -11.22 103.45
C GLN J 615 -7.75 -12.38 103.73
N ASP J 616 -6.86 -12.65 102.79
CA ASP J 616 -5.90 -13.73 102.95
C ASP J 616 -4.76 -13.29 103.88
N ARG J 617 -3.92 -14.26 104.25
CA ARG J 617 -2.78 -13.97 105.11
C ARG J 617 -1.76 -13.12 104.36
N ASP J 618 -1.13 -12.20 105.09
CA ASP J 618 -0.13 -11.34 104.50
C ASP J 618 1.14 -12.12 104.14
N VAL J 619 1.87 -11.61 103.16
CA VAL J 619 3.17 -12.15 102.81
C VAL J 619 4.25 -11.24 103.40
N TYR J 620 5.42 -11.82 103.66
CA TYR J 620 6.49 -11.11 104.33
C TYR J 620 7.78 -11.26 103.52
N LEU J 621 8.74 -10.40 103.79
CA LEU J 621 10.02 -10.46 103.10
C LEU J 621 10.72 -11.80 103.36
N GLN J 622 10.65 -12.27 104.60
CA GLN J 622 11.19 -13.58 104.95
C GLN J 622 10.22 -14.72 104.68
N GLY J 623 9.01 -14.41 104.25
CA GLY J 623 7.99 -15.43 104.08
C GLY J 623 8.05 -16.14 102.75
N PRO J 624 7.27 -17.21 102.62
CA PRO J 624 7.22 -17.94 101.35
C PRO J 624 6.46 -17.17 100.28
N ILE J 625 6.78 -17.49 99.03
CA ILE J 625 6.16 -16.84 97.88
C ILE J 625 4.97 -17.64 97.36
N TRP J 626 5.13 -18.94 97.17
CA TRP J 626 4.11 -19.76 96.53
C TRP J 626 4.02 -21.11 97.23
N ALA J 627 3.04 -21.89 96.78
CA ALA J 627 2.90 -23.28 97.19
C ALA J 627 2.13 -24.01 96.09
N LYS J 628 2.33 -25.33 96.03
CA LYS J 628 1.63 -26.13 95.05
C LYS J 628 0.26 -26.53 95.58
N ILE J 629 -0.79 -26.23 94.83
CA ILE J 629 -2.13 -26.66 95.20
C ILE J 629 -2.22 -28.17 95.07
N PRO J 630 -2.64 -28.90 96.10
CA PRO J 630 -2.69 -30.36 96.00
C PRO J 630 -3.63 -30.81 94.89
N HIS J 631 -3.24 -31.89 94.21
CA HIS J 631 -4.04 -32.44 93.12
C HIS J 631 -5.21 -33.22 93.73
N THR J 632 -6.32 -32.52 93.94
CA THR J 632 -7.49 -33.10 94.57
C THR J 632 -8.72 -32.74 93.76
N ASP J 633 -9.79 -33.48 93.98
CA ASP J 633 -11.04 -33.26 93.22
C ASP J 633 -11.62 -31.89 93.57
N GLY J 634 -11.56 -31.53 94.84
CA GLY J 634 -12.13 -30.26 95.28
C GLY J 634 -11.20 -29.52 96.22
N HIS J 635 -11.31 -28.20 96.16
CA HIS J 635 -10.61 -27.30 97.08
C HIS J 635 -11.31 -25.96 97.04
N PHE J 636 -11.31 -25.26 98.16
CA PHE J 636 -11.96 -23.97 98.27
C PHE J 636 -10.91 -22.91 98.57
N HIS J 637 -10.86 -21.88 97.73
CA HIS J 637 -9.94 -20.76 97.88
C HIS J 637 -8.52 -21.25 98.11
N PRO J 638 -7.86 -21.79 97.08
CA PRO J 638 -6.54 -22.43 97.24
C PRO J 638 -5.38 -21.45 97.40
N SER J 639 -5.56 -20.47 98.26
CA SER J 639 -4.46 -19.63 98.72
C SER J 639 -3.73 -20.34 99.86
N PRO J 640 -2.41 -20.46 99.79
CA PRO J 640 -1.69 -21.17 100.87
C PRO J 640 -1.93 -20.51 102.22
N LEU J 641 -2.10 -21.35 103.24
CA LEU J 641 -2.40 -20.82 104.56
C LEU J 641 -1.20 -20.13 105.19
N MET J 642 0.01 -20.54 104.82
CA MET J 642 1.21 -19.86 105.29
C MET J 642 1.45 -18.53 104.61
N GLY J 643 0.69 -18.22 103.57
CA GLY J 643 0.83 -16.97 102.84
C GLY J 643 1.48 -17.15 101.49
N GLY J 644 0.97 -16.45 100.50
CA GLY J 644 1.53 -16.51 99.17
C GLY J 644 0.54 -16.79 98.06
N PHE J 645 1.02 -17.33 96.94
CA PHE J 645 0.22 -17.56 95.76
C PHE J 645 0.03 -19.06 95.56
N GLY J 646 -1.22 -19.49 95.45
CA GLY J 646 -1.51 -20.88 95.16
C GLY J 646 -1.38 -21.19 93.68
N LEU J 647 -0.54 -22.15 93.33
CA LEU J 647 -0.25 -22.46 91.93
C LEU J 647 -0.55 -23.93 91.67
N LYS J 648 -1.38 -24.19 90.67
CA LYS J 648 -1.61 -25.58 90.25
C LYS J 648 -0.37 -26.16 89.61
N HIS J 649 0.39 -25.34 88.89
CA HIS J 649 1.67 -25.71 88.30
C HIS J 649 2.71 -24.71 88.79
N PRO J 650 3.26 -24.93 89.99
CA PRO J 650 4.23 -24.00 90.54
C PRO J 650 5.57 -24.12 89.82
N PRO J 651 6.54 -23.26 90.13
CA PRO J 651 7.88 -23.43 89.56
C PRO J 651 8.42 -24.81 89.88
N PRO J 652 8.91 -25.52 88.86
CA PRO J 652 9.29 -26.92 89.07
C PRO J 652 10.50 -27.05 89.99
N GLN J 653 10.55 -28.18 90.69
CA GLN J 653 11.72 -28.49 91.50
C GLN J 653 12.93 -28.71 90.62
N ILE J 654 14.06 -28.13 91.01
CA ILE J 654 15.31 -28.25 90.29
C ILE J 654 16.22 -29.14 91.11
N LEU J 655 16.50 -30.34 90.61
CA LEU J 655 17.28 -31.34 91.32
C LEU J 655 18.69 -31.38 90.77
N ILE J 656 19.68 -31.39 91.66
CA ILE J 656 21.08 -31.39 91.29
C ILE J 656 21.82 -32.37 92.18
N LYS J 657 22.74 -33.13 91.59
CA LYS J 657 23.58 -34.03 92.37
C LYS J 657 24.90 -34.25 91.64
N ASN J 658 25.90 -34.66 92.40
CA ASN J 658 27.21 -34.97 91.82
C ASN J 658 27.18 -36.39 91.27
N THR J 659 27.71 -36.56 90.07
CA THR J 659 27.80 -37.89 89.48
C THR J 659 28.82 -38.72 90.25
N PRO J 660 28.45 -39.90 90.73
CA PRO J 660 29.41 -40.72 91.48
C PRO J 660 30.56 -41.16 90.59
N VAL J 661 31.78 -40.95 91.08
CA VAL J 661 33.00 -41.36 90.40
C VAL J 661 33.60 -42.53 91.17
N PRO J 662 33.56 -43.75 90.63
CA PRO J 662 34.09 -44.90 91.36
C PRO J 662 35.58 -44.76 91.63
N ALA J 663 36.00 -45.28 92.77
CA ALA J 663 37.41 -45.32 93.13
C ALA J 663 38.07 -46.49 92.41
N ASN J 664 39.28 -46.85 92.82
CA ASN J 664 40.05 -47.87 92.12
C ASN J 664 39.33 -49.22 92.20
N PRO J 665 38.96 -49.82 91.07
CA PRO J 665 38.29 -51.13 91.11
C PRO J 665 39.29 -52.27 91.22
N SER J 666 38.73 -53.44 91.56
CA SER J 666 39.55 -54.67 91.65
C SER J 666 39.84 -55.18 90.24
N THR J 667 41.03 -55.73 90.04
CA THR J 667 41.38 -56.30 88.74
C THR J 667 40.60 -57.56 88.42
N THR J 668 39.94 -58.16 89.40
CA THR J 668 39.07 -59.31 89.19
C THR J 668 37.62 -58.84 89.22
N PHE J 669 36.81 -59.40 88.33
CA PHE J 669 35.42 -58.97 88.23
C PHE J 669 34.66 -59.33 89.50
N SER J 670 33.84 -58.39 89.96
CA SER J 670 32.96 -58.61 91.11
C SER J 670 31.58 -58.08 90.75
N ALA J 671 30.57 -58.92 90.96
CA ALA J 671 29.19 -58.54 90.65
C ALA J 671 28.59 -57.62 91.71
N ALA J 672 29.25 -57.46 92.85
CA ALA J 672 28.75 -56.56 93.88
C ALA J 672 28.78 -55.11 93.38
N LYS J 673 27.74 -54.36 93.72
CA LYS J 673 27.70 -52.96 93.31
C LYS J 673 28.80 -52.17 93.99
N PHE J 674 29.24 -51.12 93.29
CA PHE J 674 30.38 -50.31 93.80
C PHE J 674 30.01 -49.61 95.10
N ALA J 675 30.89 -49.73 96.09
CA ALA J 675 30.71 -49.07 97.38
C ALA J 675 31.80 -48.09 97.72
N SER J 676 32.87 -48.02 96.93
CA SER J 676 33.97 -47.10 97.14
C SER J 676 33.97 -46.06 96.03
N PHE J 677 33.99 -44.78 96.41
CA PHE J 677 33.93 -43.68 95.46
C PHE J 677 34.95 -42.61 95.86
N ILE J 678 35.31 -41.79 94.89
CA ILE J 678 36.17 -40.65 95.16
C ILE J 678 35.35 -39.56 95.82
N THR J 679 35.79 -39.10 96.98
CA THR J 679 35.09 -38.05 97.70
C THR J 679 35.16 -36.75 96.91
N GLN J 680 34.01 -36.12 96.68
CA GLN J 680 34.00 -34.90 95.90
C GLN J 680 32.73 -34.12 96.19
N TYR J 681 32.83 -32.81 95.93
CA TYR J 681 31.70 -31.89 96.03
C TYR J 681 31.76 -30.96 94.84
N SER J 682 30.75 -30.12 94.71
CA SER J 682 30.70 -29.15 93.62
C SER J 682 30.33 -27.78 94.15
N THR J 683 30.78 -26.75 93.44
CA THR J 683 30.44 -25.37 93.75
C THR J 683 30.16 -24.64 92.45
N GLY J 684 29.37 -23.58 92.53
CA GLY J 684 29.02 -22.85 91.33
C GLY J 684 28.16 -21.66 91.68
N GLN J 685 27.57 -21.07 90.64
CA GLN J 685 26.72 -19.91 90.78
C GLN J 685 25.32 -20.24 90.26
N VAL J 686 24.32 -19.66 90.91
CA VAL J 686 22.92 -19.84 90.55
C VAL J 686 22.28 -18.48 90.36
N SER J 687 21.50 -18.33 89.30
CA SER J 687 20.81 -17.07 89.00
C SER J 687 19.31 -17.31 88.90
N VAL J 688 18.54 -16.47 89.58
CA VAL J 688 17.08 -16.51 89.52
C VAL J 688 16.60 -15.11 89.16
N GLU J 689 15.84 -15.01 88.06
CA GLU J 689 15.28 -13.74 87.63
C GLU J 689 13.76 -13.89 87.52
N ILE J 690 13.03 -13.09 88.28
CA ILE J 690 11.56 -13.16 88.30
C ILE J 690 11.02 -11.81 87.88
N GLU J 691 10.06 -11.83 86.95
CA GLU J 691 9.31 -10.63 86.57
C GLU J 691 8.01 -10.60 87.36
N TRP J 692 7.75 -9.47 88.01
CA TRP J 692 6.55 -9.28 88.81
C TRP J 692 5.70 -8.19 88.19
N GLU J 693 4.38 -8.39 88.23
CA GLU J 693 3.43 -7.38 87.78
C GLU J 693 2.90 -6.60 88.97
N LEU J 694 2.80 -5.29 88.81
CA LEU J 694 2.40 -4.39 89.89
C LEU J 694 1.00 -3.86 89.64
N GLN J 695 0.24 -3.70 90.71
CA GLN J 695 -1.07 -3.07 90.70
C GLN J 695 -0.91 -1.70 91.36
N LYS J 696 -0.85 -0.66 90.53
CA LYS J 696 -0.55 0.67 91.04
C LYS J 696 -1.67 1.20 91.92
N GLU J 697 -1.28 1.86 93.01
CA GLU J 697 -2.25 2.47 93.91
C GLU J 697 -2.94 3.65 93.23
N ASN J 698 -4.26 3.73 93.39
CA ASN J 698 -5.08 4.76 92.78
C ASN J 698 -6.02 5.37 93.83
N SER J 699 -5.45 5.68 95.00
CA SER J 699 -6.25 6.17 96.11
C SER J 699 -6.60 7.64 95.95
N LYS J 700 -7.69 8.07 96.59
CA LYS J 700 -8.12 9.50 96.57
C LYS J 700 -8.24 10.03 97.99
N ARG J 701 -7.59 9.37 98.96
CA ARG J 701 -7.61 9.88 100.32
C ARG J 701 -6.80 11.17 100.41
N TRP J 702 -7.18 12.02 101.36
CA TRP J 702 -6.57 13.34 101.47
C TRP J 702 -5.35 13.34 102.39
N ASN J 703 -5.49 12.81 103.59
CA ASN J 703 -4.41 12.82 104.55
C ASN J 703 -3.36 11.74 104.22
N PRO J 704 -2.10 11.91 104.66
CA PRO J 704 -1.04 10.96 104.31
C PRO J 704 -1.31 9.53 104.81
N GLU J 705 -0.63 8.53 104.25
CA GLU J 705 -0.87 7.11 104.58
C GLU J 705 0.22 6.56 105.49
N ILE J 706 0.03 5.36 106.05
CA ILE J 706 1.18 4.74 106.78
C ILE J 706 2.16 4.16 105.77
N GLN J 707 3.46 4.45 105.93
CA GLN J 707 4.47 3.87 105.07
C GLN J 707 5.54 3.22 105.92
N TYR J 708 6.14 2.16 105.41
CA TYR J 708 7.28 1.57 106.09
C TYR J 708 8.48 2.50 105.94
N THR J 709 9.23 2.67 107.03
CA THR J 709 10.36 3.60 107.05
C THR J 709 11.41 3.09 108.01
N SER J 710 12.63 3.56 107.78
CA SER J 710 13.72 3.25 108.71
C SER J 710 13.63 4.23 109.87
N ASN J 711 14.22 3.93 111.02
CA ASN J 711 14.07 4.87 112.15
C ASN J 711 15.26 5.83 112.09
N TYR J 712 15.02 7.13 112.19
CA TYR J 712 16.10 8.14 112.02
C TYR J 712 17.06 8.11 113.21
N ASN J 713 16.60 7.77 114.41
CA ASN J 713 17.48 7.87 115.56
C ASN J 713 18.75 7.03 115.37
N LYS J 714 19.82 7.50 115.99
CA LYS J 714 21.14 6.82 115.89
C LYS J 714 21.06 5.44 116.52
N SER J 715 21.90 4.56 116.02
CA SER J 715 21.95 3.20 116.54
C SER J 715 23.36 2.64 116.31
N ILE J 716 23.68 1.59 117.07
CA ILE J 716 24.97 0.94 116.91
C ILE J 716 25.08 0.31 115.53
N ASN J 717 24.01 -0.35 115.08
CA ASN J 717 23.97 -1.03 113.80
C ASN J 717 22.83 -0.49 112.95
N VAL J 718 23.05 -0.44 111.65
CA VAL J 718 22.00 -0.09 110.71
C VAL J 718 21.15 -1.32 110.42
N ASP J 719 19.84 -1.12 110.27
CA ASP J 719 18.95 -2.24 110.02
C ASP J 719 19.20 -2.83 108.63
N PHE J 720 19.08 -4.16 108.54
CA PHE J 720 19.23 -4.89 107.29
C PHE J 720 20.61 -4.67 106.67
N THR J 721 21.63 -4.63 107.51
CA THR J 721 23.02 -4.56 107.08
C THR J 721 23.82 -5.63 107.82
N VAL J 722 25.13 -5.59 107.67
CA VAL J 722 26.02 -6.50 108.36
C VAL J 722 26.58 -5.81 109.60
N ASP J 723 26.94 -6.60 110.60
CA ASP J 723 27.54 -6.06 111.81
C ASP J 723 29.07 -6.09 111.68
N THR J 724 29.76 -5.87 112.79
CA THR J 724 31.25 -5.84 112.77
C THR J 724 31.77 -7.23 112.44
N ASN J 725 30.93 -8.26 112.54
CA ASN J 725 31.35 -9.65 112.17
C ASN J 725 30.94 -9.91 110.71
N GLY J 726 30.34 -8.92 110.05
CA GLY J 726 29.90 -9.09 108.65
C GLY J 726 28.71 -10.04 108.57
N VAL J 727 28.00 -10.22 109.69
CA VAL J 727 26.84 -11.15 109.73
C VAL J 727 25.58 -10.38 109.33
N TYR J 728 24.91 -10.79 108.25
CA TYR J 728 23.70 -10.12 107.83
C TYR J 728 22.52 -10.57 108.68
N SER J 729 21.70 -9.62 109.09
CA SER J 729 20.54 -9.91 109.92
C SER J 729 19.34 -9.14 109.40
N GLU J 730 18.15 -9.69 109.65
CA GLU J 730 16.89 -9.02 109.33
C GLU J 730 16.19 -8.69 110.62
N PRO J 731 16.22 -7.43 111.07
CA PRO J 731 15.77 -7.11 112.43
C PRO J 731 14.31 -7.42 112.71
N ARG J 732 13.42 -7.26 111.74
CA ARG J 732 12.00 -7.45 111.97
C ARG J 732 11.35 -7.97 110.70
N PRO J 733 10.20 -8.65 110.81
CA PRO J 733 9.44 -9.00 109.62
C PRO J 733 8.74 -7.78 109.05
N ILE J 734 8.76 -7.66 107.73
CA ILE J 734 8.08 -6.57 107.02
C ILE J 734 6.98 -7.20 106.18
N GLY J 735 5.75 -6.77 106.42
CA GLY J 735 4.62 -7.19 105.63
C GLY J 735 4.52 -6.34 104.37
N THR J 736 3.31 -6.33 103.79
CA THR J 736 3.06 -5.53 102.61
C THR J 736 1.90 -4.56 102.75
N ARG J 737 1.15 -4.60 103.86
CA ARG J 737 -0.13 -3.91 103.96
C ARG J 737 0.07 -2.58 104.70
N TYR J 738 0.48 -1.57 103.94
CA TYR J 738 0.68 -0.22 104.45
C TYR J 738 -0.23 0.80 103.81
N LEU J 739 -0.42 0.72 102.48
CA LEU J 739 -1.41 1.57 101.84
C LEU J 739 -2.81 1.11 102.22
N THR J 740 -3.78 1.99 102.00
CA THR J 740 -5.16 1.72 102.36
C THR J 740 -6.08 1.83 101.15
N ARG J 741 -7.13 1.01 101.18
CA ARG J 741 -8.16 1.05 100.13
C ARG J 741 -9.51 0.90 100.83
N ASN J 742 -10.59 1.51 100.31
CA ASN J 742 -11.93 1.35 100.87
C ASN J 742 -12.46 -0.05 100.59
N LEU J 743 -13.35 -0.51 101.47
CA LEU J 743 -13.99 -1.80 101.29
C LEU J 743 -14.90 -1.81 100.06
N ALA K 218 -43.24 -63.53 -40.47
CA ALA K 218 -42.56 -62.29 -40.88
C ALA K 218 -43.49 -61.48 -41.77
N ASP K 219 -44.20 -62.15 -42.66
CA ASP K 219 -45.04 -61.43 -43.66
C ASP K 219 -46.44 -62.04 -43.65
N GLY K 220 -46.72 -62.89 -42.66
CA GLY K 220 -48.10 -63.43 -42.56
C GLY K 220 -48.66 -63.83 -43.90
N VAL K 221 -49.95 -63.56 -44.14
CA VAL K 221 -50.59 -64.02 -45.40
C VAL K 221 -50.89 -62.76 -46.20
N GLY K 222 -50.30 -62.64 -47.36
CA GLY K 222 -50.52 -61.53 -48.26
C GLY K 222 -49.36 -60.57 -48.40
N ASN K 223 -48.28 -60.77 -47.67
CA ASN K 223 -47.09 -59.95 -47.78
C ASN K 223 -45.95 -60.79 -48.32
N SER K 224 -45.34 -60.34 -49.42
CA SER K 224 -44.26 -61.08 -50.04
C SER K 224 -43.02 -61.02 -49.17
N SER K 225 -42.32 -62.16 -49.06
CA SER K 225 -41.12 -62.27 -48.26
C SER K 225 -39.84 -62.24 -49.09
N GLY K 226 -39.95 -61.92 -50.37
CA GLY K 226 -38.77 -61.84 -51.22
C GLY K 226 -39.13 -61.34 -52.59
N ASN K 227 -38.11 -61.10 -53.38
CA ASN K 227 -38.24 -60.61 -54.74
C ASN K 227 -37.47 -61.50 -55.71
N TRP K 228 -37.77 -61.37 -56.99
CA TRP K 228 -37.12 -62.15 -58.02
C TRP K 228 -35.83 -61.46 -58.43
N HIS K 229 -34.70 -62.09 -58.13
CA HIS K 229 -33.37 -61.54 -58.48
C HIS K 229 -32.65 -62.55 -59.36
N CYS K 230 -32.75 -62.40 -60.68
CA CYS K 230 -32.03 -63.29 -61.61
C CYS K 230 -31.24 -62.38 -62.55
N ASP K 231 -29.91 -62.33 -62.39
CA ASP K 231 -29.09 -61.40 -63.21
C ASP K 231 -27.60 -61.62 -62.96
N SER K 232 -26.73 -60.92 -63.70
CA SER K 232 -25.32 -61.01 -63.38
C SER K 232 -24.68 -59.64 -63.52
N THR K 233 -23.73 -59.36 -62.64
CA THR K 233 -23.02 -58.08 -62.63
C THR K 233 -21.52 -58.36 -62.79
N TRP K 234 -20.91 -57.75 -63.78
CA TRP K 234 -19.48 -57.87 -64.01
C TRP K 234 -18.80 -56.58 -63.53
N MET K 235 -17.92 -56.73 -62.55
CA MET K 235 -17.22 -55.55 -61.96
C MET K 235 -15.73 -55.87 -61.85
N GLY K 236 -14.94 -55.50 -62.86
CA GLY K 236 -13.51 -55.73 -62.82
C GLY K 236 -13.19 -57.21 -62.82
N ASP K 237 -12.49 -57.66 -61.77
CA ASP K 237 -12.08 -59.05 -61.62
C ASP K 237 -13.12 -59.89 -60.89
N ARG K 238 -14.38 -59.48 -60.89
CA ARG K 238 -15.44 -60.23 -60.24
C ARG K 238 -16.65 -60.29 -61.15
N VAL K 239 -17.39 -61.39 -61.07
CA VAL K 239 -18.71 -61.52 -61.66
C VAL K 239 -19.63 -62.17 -60.64
N THR K 240 -20.75 -61.51 -60.34
CA THR K 240 -21.73 -62.02 -59.40
C THR K 240 -22.95 -62.48 -60.17
N THR K 241 -23.24 -63.77 -60.12
CA THR K 241 -24.39 -64.34 -60.80
C THR K 241 -25.46 -64.67 -59.78
N THR K 242 -26.69 -64.22 -60.03
CA THR K 242 -27.84 -64.49 -59.18
C THR K 242 -28.91 -65.19 -60.00
N SER K 243 -29.54 -66.20 -59.39
CA SER K 243 -30.56 -66.98 -60.07
C SER K 243 -31.74 -67.18 -59.14
N THR K 244 -32.95 -67.12 -59.69
CA THR K 244 -34.17 -67.42 -58.96
C THR K 244 -34.98 -68.45 -59.74
N ARG K 245 -35.51 -69.43 -59.02
CA ARG K 245 -36.32 -70.48 -59.62
C ARG K 245 -37.54 -70.74 -58.75
N THR K 246 -38.55 -71.35 -59.35
CA THR K 246 -39.74 -71.79 -58.64
C THR K 246 -39.66 -73.28 -58.45
N TRP K 247 -39.77 -73.73 -57.20
CA TRP K 247 -39.63 -75.13 -56.85
C TRP K 247 -40.94 -75.70 -56.32
N ALA K 248 -41.09 -77.01 -56.45
CA ALA K 248 -42.21 -77.75 -55.90
C ALA K 248 -41.67 -78.90 -55.07
N LEU K 249 -42.13 -79.00 -53.84
CA LEU K 249 -41.67 -80.03 -52.91
C LEU K 249 -42.83 -80.91 -52.48
N PRO K 250 -42.89 -82.16 -52.91
CA PRO K 250 -43.96 -83.06 -52.47
C PRO K 250 -43.64 -83.66 -51.11
N THR K 251 -44.51 -84.54 -50.66
CA THR K 251 -44.27 -85.34 -49.46
C THR K 251 -43.59 -86.64 -49.88
N TYR K 252 -42.41 -86.90 -49.31
CA TYR K 252 -41.60 -88.04 -49.70
C TYR K 252 -41.72 -89.17 -48.68
N ASN K 253 -41.90 -90.39 -49.18
CA ASN K 253 -41.98 -91.60 -48.37
C ASN K 253 -43.15 -91.58 -47.38
N ASN K 254 -44.12 -90.69 -47.60
CA ASN K 254 -45.24 -90.50 -46.68
C ASN K 254 -44.74 -90.22 -45.26
N HIS K 255 -43.81 -89.27 -45.17
CA HIS K 255 -43.23 -88.80 -43.91
C HIS K 255 -42.45 -89.88 -43.16
N LEU K 256 -41.90 -90.85 -43.86
CA LEU K 256 -41.25 -91.99 -43.23
C LEU K 256 -39.80 -92.13 -43.66
N TYR K 257 -39.02 -92.79 -42.81
CA TYR K 257 -37.64 -93.15 -43.19
C TYR K 257 -37.74 -94.64 -43.51
N LYS K 258 -37.26 -95.07 -44.67
CA LYS K 258 -37.33 -96.45 -45.13
C LYS K 258 -35.94 -96.96 -45.41
N GLN K 259 -35.61 -98.11 -44.84
CA GLN K 259 -34.36 -98.78 -45.17
C GLN K 259 -34.42 -99.31 -46.59
N ILE K 260 -33.39 -99.02 -47.37
CA ILE K 260 -33.31 -99.45 -48.76
C ILE K 260 -32.04 -100.26 -48.96
N SER K 261 -32.08 -101.16 -49.92
CA SER K 261 -30.93 -102.01 -50.22
C SER K 261 -31.07 -102.51 -51.66
N SER K 262 -29.97 -103.07 -52.16
CA SER K 262 -29.98 -103.64 -53.50
C SER K 262 -30.93 -104.82 -53.58
N GLN K 263 -31.47 -105.02 -54.77
CA GLN K 263 -32.44 -106.12 -54.95
C GLN K 263 -31.72 -107.45 -54.84
N SER K 264 -32.43 -108.46 -54.35
CA SER K 264 -31.83 -109.82 -54.34
C SER K 264 -31.59 -110.26 -55.78
N GLY K 265 -30.50 -110.95 -56.02
CA GLY K 265 -30.09 -111.39 -57.33
C GLY K 265 -29.20 -110.42 -58.08
N ALA K 266 -28.95 -109.24 -57.53
CA ALA K 266 -28.05 -108.29 -58.15
C ALA K 266 -26.60 -108.79 -58.05
N SER K 267 -25.76 -108.31 -58.96
CA SER K 267 -24.36 -108.66 -58.91
C SER K 267 -23.70 -108.04 -57.69
N ASN K 268 -22.52 -108.57 -57.34
CA ASN K 268 -21.81 -108.06 -56.17
C ASN K 268 -21.39 -106.61 -56.37
N ASP K 269 -21.06 -106.22 -57.60
CA ASP K 269 -20.66 -104.84 -57.86
C ASP K 269 -21.82 -103.87 -57.64
N ASN K 270 -23.05 -104.33 -57.78
CA ASN K 270 -24.23 -103.48 -57.68
C ASN K 270 -24.91 -103.57 -56.31
N HIS K 271 -24.33 -104.30 -55.37
CA HIS K 271 -24.92 -104.40 -54.03
C HIS K 271 -24.73 -103.12 -53.26
N TYR K 272 -25.76 -102.73 -52.51
CA TYR K 272 -25.68 -101.53 -51.69
C TYR K 272 -26.68 -101.62 -50.55
N PHE K 273 -26.48 -100.78 -49.54
CA PHE K 273 -27.38 -100.64 -48.41
C PHE K 273 -27.40 -99.18 -48.00
N GLY K 274 -28.58 -98.70 -47.64
CA GLY K 274 -28.71 -97.30 -47.27
C GLY K 274 -30.09 -97.01 -46.72
N TYR K 275 -30.39 -95.72 -46.61
CA TYR K 275 -31.67 -95.27 -46.09
C TYR K 275 -32.24 -94.17 -46.97
N SER K 276 -33.56 -94.18 -47.12
CA SER K 276 -34.29 -93.16 -47.84
C SER K 276 -35.00 -92.26 -46.83
N THR K 277 -34.80 -90.95 -46.96
CA THR K 277 -35.37 -90.01 -46.01
C THR K 277 -36.56 -89.28 -46.61
N PRO K 278 -37.49 -88.79 -45.79
CA PRO K 278 -38.61 -87.99 -46.31
C PRO K 278 -38.23 -86.57 -46.68
N TRP K 279 -36.97 -86.21 -46.58
CA TRP K 279 -36.51 -84.85 -46.87
C TRP K 279 -36.11 -84.71 -48.33
N GLY K 280 -36.13 -83.47 -48.81
CA GLY K 280 -35.56 -83.11 -50.08
C GLY K 280 -34.35 -82.21 -49.87
N TYR K 281 -33.65 -81.94 -50.96
CA TYR K 281 -32.47 -81.09 -50.90
C TYR K 281 -32.41 -80.20 -52.13
N PHE K 282 -31.84 -79.01 -51.95
CA PHE K 282 -31.68 -78.04 -53.03
C PHE K 282 -30.28 -78.18 -53.62
N ASP K 283 -30.22 -78.48 -54.91
CA ASP K 283 -28.96 -78.71 -55.62
C ASP K 283 -28.79 -77.61 -56.66
N PHE K 284 -27.65 -76.90 -56.60
CA PHE K 284 -27.26 -75.96 -57.64
C PHE K 284 -25.80 -76.17 -58.03
N ASN K 285 -25.36 -77.43 -58.02
CA ASN K 285 -23.98 -77.78 -58.34
C ASN K 285 -23.78 -78.03 -59.83
N ARG K 286 -24.25 -77.10 -60.65
CA ARG K 286 -24.04 -77.13 -62.09
C ARG K 286 -23.90 -75.70 -62.56
N PHE K 287 -23.04 -75.45 -63.54
CA PHE K 287 -22.75 -74.05 -63.95
C PHE K 287 -23.97 -73.40 -64.61
N HIS K 288 -24.80 -74.18 -65.29
CA HIS K 288 -25.99 -73.64 -66.02
C HIS K 288 -27.00 -73.07 -65.01
N CYS K 289 -26.89 -73.41 -63.73
CA CYS K 289 -27.81 -72.93 -62.67
C CYS K 289 -27.50 -71.48 -62.34
N HIS K 290 -26.32 -70.98 -62.72
CA HIS K 290 -25.92 -69.62 -62.41
C HIS K 290 -25.51 -68.79 -63.62
N PHE K 291 -24.96 -69.42 -64.66
CA PHE K 291 -24.48 -68.72 -65.84
C PHE K 291 -25.43 -68.94 -67.01
N SER K 292 -25.86 -67.85 -67.64
CA SER K 292 -26.53 -67.95 -68.92
C SER K 292 -25.50 -68.29 -70.00
N PRO K 293 -25.94 -68.81 -71.15
CA PRO K 293 -24.97 -69.07 -72.23
C PRO K 293 -24.19 -67.84 -72.66
N ARG K 294 -24.81 -66.67 -72.70
CA ARG K 294 -24.07 -65.44 -72.97
C ARG K 294 -23.07 -65.15 -71.86
N ASP K 295 -23.47 -65.38 -70.61
CA ASP K 295 -22.54 -65.22 -69.49
C ASP K 295 -21.36 -66.18 -69.60
N TRP K 296 -21.63 -67.42 -69.99
CA TRP K 296 -20.56 -68.39 -70.18
C TRP K 296 -19.62 -67.96 -71.30
N GLN K 297 -20.17 -67.46 -72.41
CA GLN K 297 -19.33 -67.01 -73.51
C GLN K 297 -18.48 -65.81 -73.10
N ARG K 298 -19.07 -64.89 -72.32
CA ARG K 298 -18.30 -63.75 -71.80
C ARG K 298 -17.22 -64.21 -70.84
N LEU K 299 -17.46 -65.26 -70.06
CA LEU K 299 -16.46 -65.76 -69.12
C LEU K 299 -15.31 -66.45 -69.84
N ILE K 300 -15.62 -67.33 -70.79
CA ILE K 300 -14.59 -68.20 -71.35
C ILE K 300 -13.78 -67.54 -72.46
N ASN K 301 -14.31 -66.49 -73.09
CA ASN K 301 -13.60 -65.84 -74.17
C ASN K 301 -12.67 -64.74 -73.71
N ASN K 302 -12.67 -64.40 -72.42
CA ASN K 302 -11.94 -63.25 -71.93
C ASN K 302 -11.10 -63.51 -70.69
N ASN K 303 -11.24 -64.65 -70.04
CA ASN K 303 -10.58 -64.92 -68.77
C ASN K 303 -9.72 -66.16 -68.87
N TRP K 304 -8.56 -66.11 -68.22
CA TRP K 304 -7.66 -67.25 -68.11
C TRP K 304 -7.98 -68.15 -66.93
N GLY K 305 -8.92 -67.75 -66.07
CA GLY K 305 -9.29 -68.57 -64.94
C GLY K 305 -10.41 -67.94 -64.15
N PHE K 306 -11.05 -68.77 -63.31
CA PHE K 306 -12.09 -68.29 -62.43
C PHE K 306 -12.25 -69.28 -61.28
N ARG K 307 -12.84 -68.79 -60.18
CA ARG K 307 -13.08 -69.61 -59.01
C ARG K 307 -14.19 -68.96 -58.19
N PRO K 308 -14.99 -69.75 -57.49
CA PRO K 308 -16.02 -69.17 -56.62
C PRO K 308 -15.43 -68.58 -55.34
N LYS K 309 -16.08 -67.54 -54.85
CA LYS K 309 -15.64 -66.80 -53.68
C LYS K 309 -16.60 -66.88 -52.52
N ARG K 310 -17.87 -66.59 -52.74
CA ARG K 310 -18.89 -66.66 -51.69
C ARG K 310 -20.25 -66.84 -52.35
N LEU K 311 -21.21 -67.33 -51.57
CA LEU K 311 -22.56 -67.52 -52.08
C LEU K 311 -23.58 -67.06 -51.04
N ASN K 312 -24.77 -66.71 -51.53
CA ASN K 312 -25.91 -66.33 -50.66
C ASN K 312 -27.11 -67.14 -51.15
N PHE K 313 -27.89 -67.69 -50.24
CA PHE K 313 -29.02 -68.57 -50.53
C PHE K 313 -30.26 -68.03 -49.83
N LYS K 314 -31.39 -68.12 -50.55
CA LYS K 314 -32.65 -67.66 -49.94
C LYS K 314 -33.87 -68.47 -50.38
N LEU K 315 -34.73 -68.83 -49.43
CA LEU K 315 -36.03 -69.43 -49.70
C LEU K 315 -37.11 -68.46 -49.24
N PHE K 316 -38.10 -68.22 -50.08
CA PHE K 316 -39.10 -67.20 -49.79
C PHE K 316 -40.37 -67.51 -50.56
N ASN K 317 -41.43 -66.76 -50.24
CA ASN K 317 -42.74 -66.90 -50.86
C ASN K 317 -43.22 -68.34 -50.77
N ILE K 318 -43.11 -68.92 -49.58
CA ILE K 318 -43.42 -70.32 -49.37
C ILE K 318 -44.92 -70.49 -49.23
N GLN K 319 -45.50 -71.38 -50.04
CA GLN K 319 -46.92 -71.68 -50.02
C GLN K 319 -47.09 -73.17 -49.79
N VAL K 320 -47.89 -73.53 -48.79
CA VAL K 320 -48.22 -74.93 -48.54
C VAL K 320 -49.62 -75.18 -49.05
N LYS K 321 -49.76 -76.14 -49.95
CA LYS K 321 -51.03 -76.46 -50.58
C LYS K 321 -51.50 -77.82 -50.08
N GLU K 322 -52.75 -77.88 -49.64
CA GLU K 322 -53.37 -79.12 -49.22
C GLU K 322 -54.15 -79.73 -50.38
N VAL K 323 -53.91 -81.01 -50.66
CA VAL K 323 -54.54 -81.72 -51.77
C VAL K 323 -55.52 -82.72 -51.20
N THR K 324 -56.75 -82.70 -51.70
CA THR K 324 -57.77 -83.65 -51.32
C THR K 324 -58.36 -84.29 -52.57
N GLN K 325 -58.86 -85.51 -52.42
CA GLN K 325 -59.42 -86.26 -53.54
C GLN K 325 -60.71 -86.92 -53.07
N ASN K 326 -61.85 -86.39 -53.52
CA ASN K 326 -63.16 -86.88 -53.13
C ASN K 326 -63.96 -87.22 -54.37
N ASP K 327 -64.37 -88.49 -54.48
CA ASP K 327 -65.18 -88.97 -55.60
C ASP K 327 -64.51 -88.69 -56.95
N GLY K 328 -63.18 -88.88 -57.00
CA GLY K 328 -62.45 -88.73 -58.24
C GLY K 328 -62.10 -87.30 -58.61
N THR K 329 -62.31 -86.34 -57.72
CA THR K 329 -62.02 -84.94 -57.98
C THR K 329 -60.83 -84.49 -57.15
N THR K 330 -59.85 -83.88 -57.82
CA THR K 330 -58.66 -83.35 -57.15
C THR K 330 -58.86 -81.87 -56.86
N THR K 331 -58.91 -81.52 -55.57
CA THR K 331 -59.12 -80.15 -55.13
C THR K 331 -57.89 -79.70 -54.36
N ILE K 332 -57.35 -78.54 -54.73
CA ILE K 332 -56.17 -77.97 -54.10
C ILE K 332 -56.55 -76.66 -53.43
N ALA K 333 -56.22 -76.53 -52.15
CA ALA K 333 -56.54 -75.33 -51.39
C ALA K 333 -55.31 -74.94 -50.57
N ASN K 334 -55.26 -73.66 -50.21
CA ASN K 334 -54.15 -73.16 -49.42
C ASN K 334 -54.21 -73.68 -47.98
N ASN K 335 -53.05 -73.87 -47.39
CA ASN K 335 -52.90 -74.21 -45.98
C ASN K 335 -51.98 -73.15 -45.37
N LEU K 336 -52.57 -72.11 -44.79
CA LEU K 336 -51.79 -70.98 -44.31
C LEU K 336 -51.10 -71.24 -42.97
N THR K 337 -51.43 -72.34 -42.29
CA THR K 337 -50.85 -72.63 -40.99
C THR K 337 -49.80 -73.73 -41.03
N SER K 338 -49.63 -74.41 -42.16
CA SER K 338 -48.62 -75.45 -42.26
C SER K 338 -47.23 -74.84 -42.45
N THR K 339 -46.21 -75.61 -42.07
CA THR K 339 -44.83 -75.17 -42.12
C THR K 339 -44.01 -76.07 -43.02
N VAL K 340 -42.82 -75.60 -43.36
CA VAL K 340 -41.78 -76.40 -44.01
C VAL K 340 -40.51 -76.27 -43.18
N GLN K 341 -39.83 -77.38 -42.95
CA GLN K 341 -38.61 -77.40 -42.15
C GLN K 341 -37.40 -77.30 -43.07
N VAL K 342 -36.54 -76.32 -42.80
CA VAL K 342 -35.33 -76.07 -43.60
C VAL K 342 -34.15 -75.98 -42.66
N PHE K 343 -33.08 -76.69 -42.98
CA PHE K 343 -31.82 -76.52 -42.26
C PHE K 343 -30.66 -76.83 -43.21
N THR K 344 -29.52 -76.22 -42.92
CA THR K 344 -28.30 -76.43 -43.68
C THR K 344 -27.34 -77.27 -42.85
N ASP K 345 -26.74 -78.28 -43.49
CA ASP K 345 -25.79 -79.15 -42.81
C ASP K 345 -24.41 -78.50 -42.84
N SER K 346 -24.25 -77.45 -42.04
CA SER K 346 -23.00 -76.65 -42.06
C SER K 346 -21.87 -77.35 -41.31
N GLU K 347 -22.20 -78.34 -40.48
CA GLU K 347 -21.16 -79.10 -39.81
C GLU K 347 -20.80 -80.38 -40.55
N TYR K 348 -21.43 -80.64 -41.69
CA TYR K 348 -21.13 -81.80 -42.53
C TYR K 348 -21.23 -83.10 -41.75
N GLN K 349 -22.30 -83.23 -40.97
CA GLN K 349 -22.56 -84.44 -40.20
C GLN K 349 -23.41 -85.46 -40.96
N LEU K 350 -23.91 -85.10 -42.12
CA LEU K 350 -24.71 -85.99 -42.96
C LEU K 350 -23.91 -86.43 -44.17
N PRO K 351 -24.22 -87.60 -44.74
CA PRO K 351 -23.53 -88.02 -45.97
C PRO K 351 -23.75 -87.02 -47.09
N TYR K 352 -22.65 -86.57 -47.69
CA TYR K 352 -22.69 -85.54 -48.71
C TYR K 352 -23.01 -86.18 -50.05
N VAL K 353 -24.26 -86.05 -50.50
CA VAL K 353 -24.70 -86.63 -51.76
C VAL K 353 -24.60 -85.65 -52.92
N LEU K 354 -24.34 -84.37 -52.65
CA LEU K 354 -24.01 -83.45 -53.72
C LEU K 354 -22.64 -83.79 -54.29
N GLY K 355 -22.43 -83.45 -55.55
CA GLY K 355 -21.19 -83.78 -56.22
C GLY K 355 -21.12 -85.15 -56.82
N SER K 356 -22.24 -85.87 -56.89
CA SER K 356 -22.32 -87.16 -57.57
C SER K 356 -23.01 -87.07 -58.92
N ALA K 357 -23.14 -85.86 -59.47
CA ALA K 357 -23.74 -85.62 -60.78
C ALA K 357 -25.18 -86.14 -60.84
N HIS K 358 -25.97 -85.77 -59.83
CA HIS K 358 -27.35 -86.21 -59.73
C HIS K 358 -28.30 -85.20 -60.36
N GLN K 359 -29.41 -85.71 -60.88
CA GLN K 359 -30.46 -84.86 -61.44
C GLN K 359 -31.23 -84.17 -60.31
N GLY K 360 -31.99 -83.15 -60.69
CA GLY K 360 -32.76 -82.39 -59.72
C GLY K 360 -32.21 -81.02 -59.40
N CYS K 361 -31.27 -80.51 -60.18
CA CYS K 361 -30.68 -79.20 -59.94
C CYS K 361 -31.65 -78.09 -60.33
N LEU K 362 -31.21 -76.86 -60.14
CA LEU K 362 -31.96 -75.71 -60.64
C LEU K 362 -31.92 -75.74 -62.17
N PRO K 363 -33.07 -75.64 -62.84
CA PRO K 363 -33.06 -75.76 -64.30
C PRO K 363 -32.28 -74.63 -64.93
N PRO K 364 -31.61 -74.89 -66.06
CA PRO K 364 -30.82 -73.81 -66.69
C PRO K 364 -31.66 -72.63 -67.13
N PHE K 365 -32.90 -72.85 -67.57
CA PHE K 365 -33.77 -71.76 -68.00
C PHE K 365 -34.51 -71.19 -66.79
N PRO K 366 -34.41 -69.88 -66.54
CA PRO K 366 -35.02 -69.30 -65.34
C PRO K 366 -36.53 -69.45 -65.27
N ALA K 367 -37.20 -69.71 -66.38
CA ALA K 367 -38.65 -69.82 -66.40
C ALA K 367 -39.17 -71.21 -66.08
N ASP K 368 -38.29 -72.19 -65.93
CA ASP K 368 -38.70 -73.57 -65.66
C ASP K 368 -38.93 -73.80 -64.18
N VAL K 369 -39.95 -74.60 -63.88
CA VAL K 369 -40.28 -74.99 -62.51
C VAL K 369 -39.79 -76.42 -62.30
N PHE K 370 -39.12 -76.67 -61.19
CA PHE K 370 -38.46 -77.94 -60.93
C PHE K 370 -38.93 -78.54 -59.61
N MET K 371 -38.92 -79.88 -59.56
CA MET K 371 -39.22 -80.63 -58.35
C MET K 371 -37.97 -80.79 -57.51
N VAL K 372 -38.12 -80.70 -56.20
CA VAL K 372 -37.01 -80.85 -55.27
C VAL K 372 -36.67 -82.34 -55.15
N PRO K 373 -35.44 -82.75 -55.42
CA PRO K 373 -35.10 -84.17 -55.37
C PRO K 373 -35.12 -84.71 -53.94
N GLN K 374 -35.45 -86.00 -53.83
CA GLN K 374 -35.50 -86.66 -52.53
C GLN K 374 -34.10 -86.99 -52.03
N TYR K 375 -33.86 -86.72 -50.75
CA TYR K 375 -32.55 -86.98 -50.16
C TYR K 375 -32.45 -88.43 -49.70
N GLY K 376 -31.31 -89.04 -49.99
CA GLY K 376 -31.04 -90.40 -49.56
C GLY K 376 -29.55 -90.64 -49.57
N TYR K 377 -29.12 -91.59 -48.73
CA TYR K 377 -27.70 -91.86 -48.57
C TYR K 377 -27.47 -93.36 -48.47
N LEU K 378 -26.24 -93.76 -48.76
CA LEU K 378 -25.81 -95.14 -48.63
C LEU K 378 -24.77 -95.26 -47.53
N THR K 379 -24.78 -96.41 -46.86
CA THR K 379 -23.80 -96.70 -45.82
C THR K 379 -23.13 -98.03 -46.12
N LEU K 380 -22.34 -98.52 -45.19
CA LEU K 380 -21.58 -99.78 -45.40
C LEU K 380 -22.54 -100.94 -45.63
N ASN K 381 -22.19 -101.85 -46.52
CA ASN K 381 -23.04 -103.03 -46.80
C ASN K 381 -22.18 -104.27 -47.00
N ASN K 382 -22.63 -105.42 -46.49
CA ASN K 382 -21.95 -106.70 -46.81
C ASN K 382 -22.95 -107.39 -47.71
N GLY K 383 -22.93 -107.10 -49.01
CA GLY K 383 -23.98 -107.63 -49.90
C GLY K 383 -25.19 -106.73 -49.80
N SER K 384 -26.39 -107.32 -49.75
CA SER K 384 -27.59 -106.52 -49.55
C SER K 384 -27.86 -106.20 -48.09
N GLN K 385 -27.09 -106.79 -47.18
CA GLN K 385 -27.26 -106.56 -45.75
C GLN K 385 -26.35 -105.44 -45.26
N ALA K 386 -26.50 -105.12 -43.99
CA ALA K 386 -25.69 -104.10 -43.33
C ALA K 386 -24.69 -104.74 -42.36
N VAL K 387 -23.75 -103.94 -41.89
CA VAL K 387 -22.78 -104.36 -40.90
C VAL K 387 -22.96 -103.48 -39.66
N GLY K 388 -22.23 -103.83 -38.60
CA GLY K 388 -22.34 -103.08 -37.36
C GLY K 388 -21.83 -101.66 -37.47
N ARG K 389 -20.94 -101.41 -38.43
CA ARG K 389 -20.39 -100.07 -38.63
C ARG K 389 -21.30 -99.17 -39.46
N SER K 390 -22.37 -99.71 -40.04
CA SER K 390 -23.29 -98.90 -40.83
C SER K 390 -23.96 -97.85 -39.95
N SER K 391 -24.08 -96.64 -40.49
CA SER K 391 -24.60 -95.50 -39.76
C SER K 391 -26.00 -95.15 -40.24
N PHE K 392 -26.87 -94.81 -39.29
CA PHE K 392 -28.21 -94.33 -39.56
C PHE K 392 -28.33 -92.89 -39.10
N TYR K 393 -28.95 -92.05 -39.93
CA TYR K 393 -29.08 -90.63 -39.64
C TYR K 393 -30.55 -90.23 -39.70
N CYS K 394 -31.04 -89.64 -38.62
CA CYS K 394 -32.36 -89.02 -38.59
C CYS K 394 -32.19 -87.52 -38.76
N LEU K 395 -32.76 -86.97 -39.82
CA LEU K 395 -32.62 -85.56 -40.13
C LEU K 395 -33.47 -84.67 -39.23
N GLU K 396 -34.44 -85.24 -38.52
CA GLU K 396 -35.19 -84.49 -37.51
C GLU K 396 -34.41 -84.33 -36.21
N TYR K 397 -33.22 -84.94 -36.11
CA TYR K 397 -32.34 -84.83 -34.91
C TYR K 397 -31.44 -83.60 -35.08
N PHE K 398 -31.61 -82.86 -36.16
CA PHE K 398 -30.93 -81.60 -36.42
C PHE K 398 -31.86 -80.43 -36.12
N PRO K 399 -31.33 -79.32 -35.62
CA PRO K 399 -32.15 -78.11 -35.48
C PRO K 399 -32.50 -77.54 -36.84
N SER K 400 -33.79 -77.36 -37.08
CA SER K 400 -34.29 -76.85 -38.35
C SER K 400 -35.20 -75.66 -38.11
N GLN K 401 -35.32 -74.81 -39.12
CA GLN K 401 -36.15 -73.62 -39.05
C GLN K 401 -37.49 -73.91 -39.70
N MET K 402 -38.56 -73.60 -38.99
CA MET K 402 -39.93 -73.86 -39.45
C MET K 402 -40.47 -72.58 -40.09
N LEU K 403 -40.98 -72.70 -41.31
CA LEU K 403 -41.40 -71.56 -42.10
C LEU K 403 -42.86 -71.72 -42.51
N ARG K 404 -43.70 -70.79 -42.07
CA ARG K 404 -45.06 -70.70 -42.56
C ARG K 404 -45.09 -69.82 -43.82
N THR K 405 -46.28 -69.62 -44.37
CA THR K 405 -46.41 -68.67 -45.49
C THR K 405 -46.15 -67.28 -44.94
N GLY K 406 -45.14 -66.60 -45.43
CA GLY K 406 -44.70 -65.32 -44.92
C GLY K 406 -43.35 -65.34 -44.24
N ASN K 407 -42.80 -66.51 -43.97
CA ASN K 407 -41.45 -66.65 -43.43
C ASN K 407 -40.47 -66.95 -44.56
N ASN K 408 -39.23 -66.52 -44.37
CA ASN K 408 -38.18 -66.77 -45.35
C ASN K 408 -36.96 -67.35 -44.64
N PHE K 409 -36.12 -68.02 -45.43
CA PHE K 409 -34.88 -68.61 -44.94
C PHE K 409 -33.72 -68.05 -45.74
N THR K 410 -32.59 -67.85 -45.08
CA THR K 410 -31.41 -67.36 -45.76
C THR K 410 -30.16 -67.82 -45.02
N PHE K 411 -29.06 -67.94 -45.76
CA PHE K 411 -27.76 -68.20 -45.16
C PHE K 411 -26.68 -67.82 -46.17
N SER K 412 -25.51 -67.49 -45.64
CA SER K 412 -24.36 -67.09 -46.45
C SER K 412 -23.21 -68.05 -46.22
N TYR K 413 -22.46 -68.31 -47.28
CA TYR K 413 -21.34 -69.24 -47.24
C TYR K 413 -20.15 -68.61 -47.96
N THR K 414 -18.96 -68.86 -47.44
CA THR K 414 -17.73 -68.39 -48.06
C THR K 414 -16.92 -69.58 -48.53
N PHE K 415 -16.57 -69.60 -49.81
CA PHE K 415 -15.73 -70.66 -50.35
C PHE K 415 -14.32 -70.56 -49.78
N GLU K 416 -13.70 -71.71 -49.55
CA GLU K 416 -12.29 -71.73 -49.19
C GLU K 416 -11.43 -71.37 -50.40
N ASP K 417 -10.17 -71.05 -50.13
CA ASP K 417 -9.24 -70.71 -51.20
C ASP K 417 -8.98 -71.94 -52.07
N VAL K 418 -9.24 -71.80 -53.37
CA VAL K 418 -9.05 -72.89 -54.31
C VAL K 418 -8.31 -72.34 -55.53
N PRO K 419 -7.59 -73.19 -56.25
CA PRO K 419 -6.91 -72.73 -57.47
C PRO K 419 -7.91 -72.29 -58.53
N PHE K 420 -7.50 -71.30 -59.32
CA PHE K 420 -8.30 -70.90 -60.48
C PHE K 420 -8.40 -72.05 -61.46
N HIS K 421 -9.59 -72.25 -62.01
CA HIS K 421 -9.75 -73.23 -63.07
C HIS K 421 -8.97 -72.78 -64.30
N SER K 422 -8.25 -73.74 -64.90
CA SER K 422 -7.44 -73.45 -66.11
C SER K 422 -8.34 -73.31 -67.33
N SER K 423 -8.96 -72.14 -67.50
CA SER K 423 -9.83 -71.90 -68.66
C SER K 423 -9.02 -71.44 -69.87
N TYR K 424 -8.00 -72.23 -70.20
CA TYR K 424 -7.13 -71.93 -71.33
C TYR K 424 -6.59 -73.24 -71.87
N ALA K 425 -6.13 -73.20 -73.12
CA ALA K 425 -5.43 -74.30 -73.75
C ALA K 425 -3.99 -73.88 -74.01
N HIS K 426 -3.05 -74.77 -73.71
CA HIS K 426 -1.65 -74.45 -73.92
C HIS K 426 -1.34 -74.36 -75.42
N SER K 427 -0.65 -73.29 -75.81
CA SER K 427 -0.21 -73.11 -77.18
C SER K 427 1.15 -73.75 -77.44
N GLN K 428 1.74 -74.39 -76.44
CA GLN K 428 2.96 -75.14 -76.59
C GLN K 428 2.75 -76.57 -76.11
N SER K 429 3.47 -77.50 -76.70
CA SER K 429 3.46 -78.89 -76.27
C SER K 429 4.63 -79.13 -75.32
N LEU K 430 4.44 -80.08 -74.39
CA LEU K 430 5.47 -80.36 -73.40
C LEU K 430 6.74 -80.91 -74.02
N ASP K 431 6.64 -81.50 -75.22
CA ASP K 431 7.82 -82.10 -75.89
C ASP K 431 8.41 -81.13 -76.92
N ARG K 432 7.88 -79.90 -76.99
CA ARG K 432 8.33 -78.89 -77.95
C ARG K 432 8.59 -77.56 -77.23
N LEU K 433 9.29 -77.61 -76.11
CA LEU K 433 9.56 -76.43 -75.30
C LEU K 433 10.95 -75.85 -75.54
N MET K 434 11.68 -76.35 -76.52
CA MET K 434 13.06 -75.98 -76.74
C MET K 434 13.16 -74.87 -77.80
N ASN K 435 14.40 -74.42 -78.02
CA ASN K 435 14.71 -73.48 -79.10
C ASN K 435 15.13 -74.29 -80.31
N PRO K 436 14.36 -74.29 -81.41
CA PRO K 436 14.70 -75.15 -82.56
C PRO K 436 15.94 -74.69 -83.31
N LEU K 437 16.46 -73.50 -83.03
CA LEU K 437 17.60 -72.98 -83.77
C LEU K 437 18.95 -73.37 -83.16
N ILE K 438 18.99 -73.67 -81.87
CA ILE K 438 20.24 -73.92 -81.15
C ILE K 438 20.28 -75.38 -80.73
N ASP K 439 21.42 -76.02 -80.96
CA ASP K 439 21.62 -77.38 -80.49
C ASP K 439 21.82 -77.41 -78.98
N GLN K 440 21.55 -78.57 -78.39
CA GLN K 440 21.83 -78.78 -76.98
C GLN K 440 23.30 -79.12 -76.78
N TYR K 441 23.83 -78.74 -75.63
CA TYR K 441 25.19 -79.13 -75.27
C TYR K 441 25.26 -80.53 -74.69
N LEU K 442 24.12 -81.12 -74.31
CA LEU K 442 24.09 -82.47 -73.79
C LEU K 442 24.10 -83.49 -74.92
N TYR K 443 24.65 -84.66 -74.64
CA TYR K 443 24.76 -85.74 -75.61
C TYR K 443 23.80 -86.85 -75.25
N TYR K 444 23.35 -87.58 -76.28
CA TYR K 444 22.52 -88.75 -76.11
C TYR K 444 23.07 -89.88 -76.97
N LEU K 445 22.86 -91.11 -76.53
CA LEU K 445 23.30 -92.28 -77.28
C LEU K 445 22.48 -92.37 -78.57
N SER K 446 23.12 -92.08 -79.70
CA SER K 446 22.45 -92.06 -80.99
C SER K 446 22.66 -93.33 -81.80
N ARG K 447 23.81 -93.95 -81.63
CA ARG K 447 24.07 -95.22 -82.37
C ARG K 447 24.63 -96.27 -81.41
N THR K 448 24.33 -97.53 -81.69
CA THR K 448 24.82 -98.64 -80.88
C THR K 448 25.73 -99.59 -81.64
N ASN K 449 25.92 -99.40 -82.94
CA ASN K 449 26.84 -100.24 -83.71
C ASN K 449 27.32 -99.44 -84.92
N THR K 450 28.37 -99.96 -85.55
CA THR K 450 28.92 -99.37 -86.76
C THR K 450 29.21 -100.46 -87.77
N PRO K 451 29.19 -100.16 -89.10
CA PRO K 451 29.56 -101.16 -90.09
C PRO K 451 30.99 -101.62 -89.84
N SER K 452 31.20 -102.93 -89.68
CA SER K 452 32.57 -103.47 -89.52
C SER K 452 32.77 -104.58 -90.56
N GLY K 453 33.74 -104.43 -91.45
CA GLY K 453 33.91 -105.42 -92.53
C GLY K 453 32.64 -105.51 -93.36
N THR K 454 32.10 -106.72 -93.51
CA THR K 454 30.82 -106.91 -94.25
C THR K 454 29.74 -107.27 -93.23
N THR K 455 30.08 -107.25 -91.94
CA THR K 455 29.09 -107.51 -90.87
C THR K 455 28.89 -106.22 -90.06
N THR K 456 28.50 -106.35 -88.79
CA THR K 456 28.36 -105.14 -87.91
C THR K 456 29.18 -105.36 -86.64
N GLN K 457 29.60 -104.27 -86.00
CA GLN K 457 30.34 -104.38 -84.76
C GLN K 457 29.75 -103.40 -83.75
N SER K 458 29.65 -103.84 -82.49
CA SER K 458 29.08 -103.01 -81.44
C SER K 458 29.98 -101.81 -81.17
N ARG K 459 29.39 -100.62 -81.17
CA ARG K 459 30.14 -99.38 -80.95
C ARG K 459 29.17 -98.29 -80.54
N LEU K 460 29.38 -97.71 -79.36
CA LEU K 460 28.51 -96.66 -78.87
C LEU K 460 28.94 -95.31 -79.43
N GLN K 461 27.97 -94.53 -79.90
CA GLN K 461 28.21 -93.18 -80.38
C GLN K 461 27.16 -92.24 -79.80
N PHE K 462 27.53 -90.98 -79.66
CA PHE K 462 26.69 -89.98 -79.02
C PHE K 462 26.61 -88.73 -79.90
N SER K 463 25.45 -88.08 -79.86
CA SER K 463 25.20 -86.89 -80.66
C SER K 463 24.54 -85.84 -79.80
N GLN K 464 24.68 -84.58 -80.23
CA GLN K 464 23.95 -83.48 -79.62
C GLN K 464 22.64 -83.27 -80.37
N ALA K 465 21.56 -83.15 -79.62
CA ALA K 465 20.23 -83.08 -80.22
C ALA K 465 19.92 -81.67 -80.68
N GLY K 466 19.34 -81.56 -81.87
CA GLY K 466 18.89 -80.30 -82.45
C GLY K 466 17.47 -80.44 -82.95
N ALA K 467 17.19 -79.74 -84.05
CA ALA K 467 15.85 -79.75 -84.62
C ALA K 467 15.57 -81.03 -85.41
N SER K 468 16.59 -81.57 -86.10
CA SER K 468 16.37 -82.72 -86.96
C SER K 468 16.08 -83.98 -86.14
N ASP K 469 16.68 -84.11 -84.96
CA ASP K 469 16.43 -85.23 -84.06
C ASP K 469 15.79 -84.71 -82.78
N ILE K 470 14.78 -83.84 -82.95
CA ILE K 470 14.14 -83.14 -81.84
C ILE K 470 13.54 -84.09 -80.82
N ARG K 471 13.23 -85.33 -81.21
CA ARG K 471 12.64 -86.28 -80.28
C ARG K 471 13.61 -86.78 -79.23
N ASP K 472 14.92 -86.63 -79.46
CA ASP K 472 15.95 -87.13 -78.56
C ASP K 472 16.47 -86.07 -77.60
N GLN K 473 15.89 -84.87 -77.61
CA GLN K 473 16.40 -83.80 -76.77
C GLN K 473 16.17 -84.09 -75.30
N SER K 474 17.15 -83.72 -74.47
CA SER K 474 17.01 -83.86 -73.03
C SER K 474 15.98 -82.87 -72.52
N ARG K 475 15.11 -83.34 -71.63
CA ARG K 475 13.98 -82.55 -71.16
C ARG K 475 13.91 -82.60 -69.63
N ASN K 476 13.22 -81.62 -69.07
CA ASN K 476 13.13 -81.48 -67.62
C ASN K 476 11.82 -82.00 -67.04
N TRP K 477 10.81 -82.28 -67.87
CA TRP K 477 9.48 -82.60 -67.40
C TRP K 477 8.93 -83.81 -68.13
N LEU K 478 7.86 -84.36 -67.57
CA LEU K 478 7.19 -85.56 -68.08
C LEU K 478 5.69 -85.32 -68.18
N PRO K 479 5.02 -86.01 -69.09
CA PRO K 479 3.56 -85.91 -69.16
C PRO K 479 2.89 -86.52 -67.94
N GLY K 480 1.69 -86.04 -67.64
CA GLY K 480 0.96 -86.43 -66.46
C GLY K 480 0.61 -87.91 -66.40
N PRO K 481 0.02 -88.33 -65.29
CA PRO K 481 -0.27 -89.76 -65.10
C PRO K 481 -1.38 -90.25 -66.02
N CYS K 482 -1.36 -91.58 -66.18
CA CYS K 482 -2.27 -92.22 -67.15
C CYS K 482 -2.96 -93.44 -66.55
N TYR K 483 -4.18 -93.73 -67.00
CA TYR K 483 -4.89 -94.96 -66.64
C TYR K 483 -5.68 -95.37 -67.88
N ARG K 484 -5.10 -96.26 -68.68
CA ARG K 484 -5.52 -96.42 -70.07
C ARG K 484 -6.99 -96.81 -70.18
N GLN K 485 -7.66 -96.21 -71.16
CA GLN K 485 -9.06 -96.48 -71.48
C GLN K 485 -9.15 -97.15 -72.84
N GLN K 486 -10.20 -97.94 -73.03
CA GLN K 486 -10.46 -98.53 -74.34
C GLN K 486 -10.95 -97.46 -75.31
N ARG K 487 -10.56 -97.59 -76.57
CA ARG K 487 -10.91 -96.63 -77.61
C ARG K 487 -12.16 -97.10 -78.34
N VAL K 488 -13.13 -96.18 -78.41
CA VAL K 488 -14.40 -96.44 -79.14
C VAL K 488 -14.53 -95.34 -80.20
N SER K 489 -15.21 -95.61 -81.30
CA SER K 489 -15.38 -94.65 -82.40
C SER K 489 -16.83 -94.23 -82.49
N LYS K 490 -17.03 -92.95 -82.85
CA LYS K 490 -18.40 -92.41 -83.03
C LYS K 490 -19.02 -93.04 -84.29
N THR K 491 -18.18 -93.44 -85.25
CA THR K 491 -18.68 -94.18 -86.45
C THR K 491 -18.93 -95.62 -85.98
N SER K 492 -20.17 -96.07 -85.97
CA SER K 492 -20.50 -97.41 -85.40
C SER K 492 -19.75 -98.55 -86.08
N ALA K 493 -19.70 -98.58 -87.42
CA ALA K 493 -19.08 -99.71 -88.12
C ALA K 493 -17.64 -99.92 -87.68
N ASP K 494 -16.97 -98.88 -87.21
CA ASP K 494 -15.57 -98.97 -86.82
C ASP K 494 -15.35 -99.75 -85.53
N ASN K 495 -16.42 -100.01 -84.76
CA ASN K 495 -16.29 -100.67 -83.48
C ASN K 495 -16.41 -102.18 -83.63
N ASN K 496 -15.86 -102.90 -82.64
CA ASN K 496 -15.93 -104.36 -82.65
C ASN K 496 -17.38 -104.82 -82.45
N ASN K 497 -17.76 -105.86 -83.17
CA ASN K 497 -19.12 -106.39 -83.11
C ASN K 497 -19.22 -107.38 -81.94
N SER K 498 -19.22 -106.81 -80.73
CA SER K 498 -19.32 -107.59 -79.51
C SER K 498 -19.78 -106.67 -78.39
N GLU K 499 -20.14 -107.30 -77.26
CA GLU K 499 -20.55 -106.54 -76.06
C GLU K 499 -19.32 -106.40 -75.17
N TYR K 500 -18.70 -105.22 -75.19
CA TYR K 500 -17.47 -104.98 -74.43
C TYR K 500 -17.58 -103.75 -73.53
N SER K 501 -18.81 -103.35 -73.17
CA SER K 501 -18.96 -102.17 -72.32
C SER K 501 -18.47 -102.42 -70.90
N TRP K 502 -18.32 -103.68 -70.49
CA TRP K 502 -17.81 -104.02 -69.17
C TRP K 502 -16.55 -104.87 -69.22
N THR K 503 -16.47 -105.83 -70.15
CA THR K 503 -15.27 -106.66 -70.25
C THR K 503 -14.06 -105.83 -70.62
N GLY K 504 -14.22 -104.91 -71.57
CA GLY K 504 -13.16 -104.01 -71.97
C GLY K 504 -13.12 -102.71 -71.21
N ALA K 505 -13.94 -102.56 -70.18
CA ALA K 505 -14.02 -101.32 -69.42
C ALA K 505 -12.83 -101.18 -68.47
N THR K 506 -12.50 -99.93 -68.16
CA THR K 506 -11.46 -99.62 -67.19
C THR K 506 -12.08 -99.53 -65.80
N LYS K 507 -11.56 -100.33 -64.88
CA LYS K 507 -12.19 -100.53 -63.58
C LYS K 507 -11.17 -100.40 -62.46
N TYR K 508 -11.66 -100.08 -61.27
CA TYR K 508 -10.88 -100.17 -60.05
C TYR K 508 -11.57 -101.13 -59.08
N HIS K 509 -10.77 -101.88 -58.34
CA HIS K 509 -11.24 -102.94 -57.47
C HIS K 509 -11.19 -102.45 -56.03
N LEU K 510 -12.32 -102.51 -55.34
CA LEU K 510 -12.43 -102.03 -53.96
C LEU K 510 -13.34 -102.95 -53.17
N ASN K 511 -12.77 -103.62 -52.17
CA ASN K 511 -13.51 -104.52 -51.28
C ASN K 511 -14.24 -105.61 -52.06
N GLY K 512 -13.58 -106.14 -53.09
CA GLY K 512 -14.14 -107.22 -53.87
C GLY K 512 -15.16 -106.80 -54.91
N ARG K 513 -15.40 -105.50 -55.05
CA ARG K 513 -16.36 -105.05 -56.09
C ARG K 513 -15.67 -104.16 -57.13
N ASP K 514 -15.95 -104.39 -58.41
CA ASP K 514 -15.42 -103.60 -59.51
C ASP K 514 -16.34 -102.40 -59.76
N SER K 515 -15.75 -101.21 -59.79
CA SER K 515 -16.45 -99.99 -60.13
C SER K 515 -15.89 -99.43 -61.41
N LEU K 516 -16.76 -98.90 -62.26
CA LEU K 516 -16.32 -98.28 -63.50
C LEU K 516 -15.51 -97.02 -63.20
N VAL K 517 -14.39 -96.86 -63.91
CA VAL K 517 -13.58 -95.65 -63.82
C VAL K 517 -14.15 -94.66 -64.83
N ASN K 518 -14.90 -93.69 -64.33
CA ASN K 518 -15.64 -92.77 -65.19
C ASN K 518 -15.77 -91.41 -64.51
N PRO K 519 -15.17 -90.35 -65.06
CA PRO K 519 -14.32 -90.32 -66.25
C PRO K 519 -12.86 -90.63 -65.97
N GLY K 520 -12.48 -90.75 -64.70
CA GLY K 520 -11.13 -91.10 -64.34
C GLY K 520 -10.16 -89.95 -64.41
N PRO K 521 -8.86 -90.25 -64.39
CA PRO K 521 -7.85 -89.19 -64.48
C PRO K 521 -7.96 -88.41 -65.78
N ALA K 522 -7.65 -87.12 -65.69
CA ALA K 522 -7.77 -86.23 -66.84
C ALA K 522 -6.76 -86.62 -67.91
N MET K 523 -7.26 -87.03 -69.07
CA MET K 523 -6.43 -87.44 -70.19
C MET K 523 -7.05 -86.95 -71.48
N ALA K 524 -6.22 -86.77 -72.50
CA ALA K 524 -6.70 -86.31 -73.79
C ALA K 524 -7.60 -87.35 -74.43
N SER K 525 -8.71 -86.89 -75.02
CA SER K 525 -9.65 -87.81 -75.64
C SER K 525 -9.04 -88.49 -76.85
N HIS K 526 -8.25 -87.77 -77.63
CA HIS K 526 -7.68 -88.32 -78.85
C HIS K 526 -6.47 -87.50 -79.26
N LYS K 527 -5.67 -88.07 -80.16
CA LYS K 527 -4.50 -87.38 -80.70
C LYS K 527 -4.92 -86.57 -81.93
N ASP K 528 -3.93 -86.07 -82.68
CA ASP K 528 -4.21 -85.25 -83.84
C ASP K 528 -5.00 -86.04 -84.89
N ASP K 529 -6.01 -85.39 -85.46
CA ASP K 529 -6.78 -85.92 -86.59
C ASP K 529 -7.45 -87.25 -86.24
N GLU K 530 -7.93 -87.38 -85.01
CA GLU K 530 -8.65 -88.56 -84.58
C GLU K 530 -9.85 -88.16 -83.74
N GLU K 531 -10.57 -87.13 -84.17
CA GLU K 531 -11.67 -86.59 -83.39
C GLU K 531 -12.84 -87.57 -83.27
N LYS K 532 -12.91 -88.58 -84.12
CA LYS K 532 -13.98 -89.57 -84.02
C LYS K 532 -13.78 -90.55 -82.88
N PHE K 533 -12.59 -90.60 -82.29
CA PHE K 533 -12.27 -91.54 -81.23
C PHE K 533 -12.38 -90.87 -79.87
N PHE K 534 -12.99 -91.56 -78.92
CA PHE K 534 -13.10 -91.10 -77.56
C PHE K 534 -12.91 -92.27 -76.62
N PRO K 535 -12.41 -92.03 -75.41
CA PRO K 535 -12.28 -93.12 -74.43
C PRO K 535 -13.63 -93.68 -74.04
N GLN K 536 -13.65 -94.98 -73.74
CA GLN K 536 -14.92 -95.67 -73.48
C GLN K 536 -15.65 -95.08 -72.28
N SER K 537 -14.93 -94.78 -71.20
CA SER K 537 -15.51 -94.14 -70.03
C SER K 537 -14.59 -93.04 -69.52
N GLY K 538 -13.94 -92.33 -70.43
CA GLY K 538 -12.99 -91.29 -70.06
C GLY K 538 -13.43 -89.87 -70.32
N VAL K 539 -14.66 -89.64 -70.77
CA VAL K 539 -15.17 -88.31 -71.02
C VAL K 539 -16.57 -88.18 -70.43
N LEU K 540 -16.95 -86.95 -70.10
CA LEU K 540 -18.32 -86.69 -69.69
C LEU K 540 -19.25 -86.77 -70.89
N ILE K 541 -20.40 -87.40 -70.71
CA ILE K 541 -21.39 -87.54 -71.76
C ILE K 541 -22.68 -86.92 -71.24
N PHE K 542 -23.12 -85.85 -71.89
CA PHE K 542 -24.35 -85.16 -71.53
C PHE K 542 -25.47 -85.57 -72.48
N GLY K 543 -26.69 -85.64 -71.94
CA GLY K 543 -27.84 -85.98 -72.74
C GLY K 543 -28.45 -84.76 -73.40
N LYS K 544 -28.87 -84.93 -74.65
CA LYS K 544 -29.63 -83.89 -75.33
C LYS K 544 -31.02 -83.78 -74.72
N GLN K 545 -31.71 -82.71 -75.08
CA GLN K 545 -33.06 -82.50 -74.55
C GLN K 545 -33.99 -83.62 -75.00
N GLY K 546 -34.75 -84.17 -74.05
CA GLY K 546 -35.67 -85.24 -74.33
C GLY K 546 -35.07 -86.63 -74.36
N SER K 547 -33.80 -86.75 -74.00
CA SER K 547 -33.09 -88.04 -74.07
C SER K 547 -33.59 -88.97 -72.95
N GLU K 548 -33.78 -90.25 -73.25
CA GLU K 548 -34.26 -91.21 -72.27
C GLU K 548 -33.13 -91.60 -71.31
N LYS K 549 -33.37 -92.62 -70.50
CA LYS K 549 -32.42 -93.01 -69.48
C LYS K 549 -31.57 -94.21 -69.89
N THR K 550 -32.15 -95.19 -70.57
CA THR K 550 -31.48 -96.45 -70.84
C THR K 550 -31.26 -96.65 -72.33
N ASN K 551 -30.01 -96.91 -72.70
CA ASN K 551 -29.64 -97.36 -74.05
C ASN K 551 -30.10 -96.41 -75.14
N VAL K 552 -29.80 -95.13 -74.96
CA VAL K 552 -30.05 -94.14 -76.00
C VAL K 552 -28.93 -94.20 -77.02
N ASP K 553 -29.24 -93.81 -78.26
CA ASP K 553 -28.26 -93.86 -79.33
C ASP K 553 -27.22 -92.76 -79.15
N ILE K 554 -26.16 -92.84 -79.97
CA ILE K 554 -25.09 -91.86 -79.88
C ILE K 554 -25.58 -90.48 -80.33
N GLU K 555 -26.51 -90.42 -81.27
CA GLU K 555 -27.05 -89.15 -81.71
C GLU K 555 -27.92 -88.48 -80.66
N LYS K 556 -28.30 -89.20 -79.59
CA LYS K 556 -29.07 -88.64 -78.50
C LYS K 556 -28.21 -88.04 -77.41
N VAL K 557 -26.90 -88.20 -77.47
CA VAL K 557 -25.99 -87.71 -76.44
C VAL K 557 -24.93 -86.84 -77.07
N MET K 558 -24.33 -85.97 -76.25
CA MET K 558 -23.25 -85.08 -76.66
C MET K 558 -22.00 -85.46 -75.88
N ILE K 559 -20.99 -85.94 -76.58
CA ILE K 559 -19.76 -86.42 -75.97
C ILE K 559 -18.76 -85.29 -75.93
N THR K 560 -18.21 -85.02 -74.74
CA THR K 560 -17.26 -83.93 -74.59
C THR K 560 -15.88 -84.32 -75.11
N ASP K 561 -15.06 -83.30 -75.33
CA ASP K 561 -13.70 -83.54 -75.86
C ASP K 561 -12.69 -82.85 -74.96
N GLU K 562 -11.64 -83.56 -74.60
CA GLU K 562 -10.55 -83.05 -73.77
C GLU K 562 -9.25 -82.98 -74.57
N GLU K 563 -9.34 -82.50 -75.80
CA GLU K 563 -8.18 -82.43 -76.67
C GLU K 563 -7.27 -81.25 -76.36
N GLU K 564 -7.77 -80.24 -75.63
CA GLU K 564 -6.95 -79.07 -75.33
C GLU K 564 -5.82 -79.39 -74.35
N ILE K 565 -5.88 -80.54 -73.66
CA ILE K 565 -4.88 -80.89 -72.67
C ILE K 565 -3.91 -81.94 -73.20
N ARG K 566 -3.96 -82.26 -74.49
CA ARG K 566 -3.01 -83.21 -75.05
C ARG K 566 -1.60 -82.66 -75.14
N THR K 567 -1.41 -81.37 -74.88
CA THR K 567 -0.07 -80.80 -74.85
C THR K 567 0.73 -81.33 -73.67
N THR K 568 0.08 -81.58 -72.53
CA THR K 568 0.77 -82.07 -71.34
C THR K 568 0.25 -83.41 -70.83
N ASN K 569 -0.93 -83.85 -71.25
CA ASN K 569 -1.52 -85.07 -70.73
C ASN K 569 -1.50 -86.16 -71.80
N PRO K 570 -1.22 -87.40 -71.41
CA PRO K 570 -1.22 -88.49 -72.39
C PRO K 570 -2.61 -88.74 -72.93
N VAL K 571 -2.66 -89.25 -74.16
CA VAL K 571 -3.93 -89.65 -74.75
C VAL K 571 -4.51 -90.81 -73.96
N ALA K 572 -5.82 -90.76 -73.72
CA ALA K 572 -6.47 -91.70 -72.81
C ALA K 572 -6.37 -93.14 -73.34
N THR K 573 -6.48 -93.32 -74.65
CA THR K 573 -6.56 -94.63 -75.25
C THR K 573 -5.20 -95.22 -75.63
N GLU K 574 -4.11 -94.51 -75.35
CA GLU K 574 -2.78 -94.96 -75.72
C GLU K 574 -1.94 -95.14 -74.46
N GLN K 575 -0.80 -95.80 -74.64
CA GLN K 575 0.11 -96.03 -73.53
C GLN K 575 0.81 -94.74 -73.14
N TYR K 576 1.24 -94.69 -71.87
CA TYR K 576 2.05 -93.56 -71.42
C TYR K 576 3.40 -93.53 -72.13
N GLY K 577 4.01 -94.68 -72.30
CA GLY K 577 5.33 -94.75 -72.91
C GLY K 577 5.87 -96.16 -72.89
N SER K 578 7.20 -96.27 -72.92
CA SER K 578 7.87 -97.55 -72.91
C SER K 578 9.00 -97.54 -71.89
N VAL K 579 9.21 -98.69 -71.26
CA VAL K 579 10.31 -98.89 -70.32
C VAL K 579 11.04 -100.17 -70.70
N SER K 580 12.29 -100.24 -70.26
CA SER K 580 13.09 -101.44 -70.47
C SER K 580 12.64 -102.55 -69.53
N THR K 581 12.72 -103.78 -70.01
CA THR K 581 12.30 -104.94 -69.22
C THR K 581 13.40 -105.97 -68.99
N ASN K 582 14.58 -105.80 -69.59
CA ASN K 582 15.66 -106.76 -69.43
C ASN K 582 16.98 -105.99 -69.47
N LEU K 583 18.08 -106.74 -69.55
CA LEU K 583 19.42 -106.18 -69.65
C LEU K 583 20.07 -106.71 -70.92
N GLN K 584 20.24 -105.83 -71.90
CA GLN K 584 20.90 -106.21 -73.14
C GLN K 584 22.37 -106.53 -72.89
N ARG K 585 22.87 -107.49 -73.67
CA ARG K 585 24.26 -107.96 -73.48
C ARG K 585 24.72 -108.62 -74.77
N GLY K 586 25.99 -108.43 -75.14
CA GLY K 586 26.58 -109.10 -76.27
C GLY K 586 27.20 -110.43 -75.91
N ASN K 587 27.82 -111.05 -76.91
CA ASN K 587 28.40 -112.41 -76.72
C ASN K 587 29.70 -112.33 -75.93
N THR K 594 24.94 -116.04 -73.89
CA THR K 594 24.59 -115.71 -75.30
C THR K 594 24.22 -114.23 -75.38
N SER K 595 23.87 -113.72 -76.56
CA SER K 595 23.47 -112.32 -76.56
C SER K 595 21.99 -112.18 -76.26
N ARG K 596 21.64 -111.05 -75.65
CA ARG K 596 20.24 -110.71 -75.36
C ARG K 596 19.97 -109.31 -75.90
N GLN K 597 18.94 -109.19 -76.74
CA GLN K 597 18.58 -107.91 -77.30
C GLN K 597 17.68 -107.13 -76.34
N ALA K 598 17.80 -105.80 -76.40
CA ALA K 598 17.02 -104.95 -75.52
C ALA K 598 15.53 -105.08 -75.80
N ALA K 599 14.74 -105.18 -74.73
CA ALA K 599 13.30 -105.36 -74.82
C ALA K 599 12.60 -104.23 -74.09
N THR K 600 11.42 -103.86 -74.60
CA THR K 600 10.62 -102.79 -74.03
C THR K 600 9.18 -103.25 -73.88
N ALA K 601 8.47 -102.61 -72.97
CA ALA K 601 7.06 -102.89 -72.72
C ALA K 601 6.28 -101.60 -72.65
N ASP K 602 5.02 -101.67 -73.06
CA ASP K 602 4.13 -100.51 -72.95
C ASP K 602 3.73 -100.28 -71.50
N VAL K 603 3.61 -99.02 -71.12
CA VAL K 603 3.20 -98.63 -69.77
C VAL K 603 1.75 -98.18 -69.89
N ASN K 604 0.82 -99.12 -69.68
CA ASN K 604 -0.60 -98.80 -69.78
C ASN K 604 -1.12 -98.07 -68.56
N THR K 605 -0.43 -98.15 -67.42
CA THR K 605 -0.80 -97.40 -66.22
C THR K 605 0.47 -96.78 -65.64
N GLN K 606 0.43 -95.48 -65.38
CA GLN K 606 1.58 -94.76 -64.87
C GLN K 606 1.15 -93.91 -63.69
N GLY K 607 1.78 -94.14 -62.53
CA GLY K 607 1.56 -93.30 -61.38
C GLY K 607 2.33 -92.00 -61.49
N VAL K 608 2.14 -91.14 -60.49
CA VAL K 608 2.78 -89.83 -60.50
C VAL K 608 4.27 -89.99 -60.23
N LEU K 609 5.08 -89.38 -61.07
CA LEU K 609 6.53 -89.33 -60.97
C LEU K 609 7.00 -87.91 -60.66
N PRO K 610 8.14 -87.75 -59.99
CA PRO K 610 8.69 -86.41 -59.81
C PRO K 610 8.99 -85.76 -61.16
N GLY K 611 8.68 -84.47 -61.26
CA GLY K 611 8.81 -83.74 -62.50
C GLY K 611 7.64 -83.84 -63.43
N MET K 612 6.55 -84.48 -63.01
CA MET K 612 5.35 -84.66 -63.88
C MET K 612 4.46 -83.43 -63.82
N VAL K 613 3.95 -82.97 -64.96
CA VAL K 613 3.05 -81.83 -65.10
C VAL K 613 1.82 -82.28 -65.88
N TRP K 614 0.66 -81.77 -65.50
CA TRP K 614 -0.59 -82.18 -66.13
C TRP K 614 -1.62 -81.07 -65.97
N GLN K 615 -2.70 -81.19 -66.73
CA GLN K 615 -3.85 -80.29 -66.65
C GLN K 615 -5.05 -81.07 -66.15
N ASP K 616 -5.89 -80.41 -65.37
CA ASP K 616 -7.09 -81.04 -64.84
C ASP K 616 -8.17 -81.10 -65.91
N ARG K 617 -9.24 -81.83 -65.60
CA ARG K 617 -10.35 -81.95 -66.53
C ARG K 617 -11.08 -80.62 -66.66
N ASP K 618 -11.55 -80.34 -67.87
CA ASP K 618 -12.26 -79.09 -68.13
C ASP K 618 -13.63 -79.10 -67.46
N VAL K 619 -14.13 -77.90 -67.17
CA VAL K 619 -15.49 -77.73 -66.66
C VAL K 619 -16.37 -77.26 -67.81
N TYR K 620 -17.66 -77.56 -67.71
CA TYR K 620 -18.61 -77.28 -68.78
C TYR K 620 -19.81 -76.54 -68.20
N LEU K 621 -20.57 -75.90 -69.09
CA LEU K 621 -21.75 -75.18 -68.66
C LEU K 621 -22.76 -76.12 -68.01
N GLN K 622 -22.93 -77.31 -68.57
CA GLN K 622 -23.78 -78.34 -67.99
C GLN K 622 -23.08 -79.16 -66.93
N GLY K 623 -21.79 -78.94 -66.70
CA GLY K 623 -21.03 -79.77 -65.80
C GLY K 623 -21.13 -79.34 -64.36
N PRO K 624 -20.61 -80.18 -63.45
CA PRO K 624 -20.62 -79.82 -62.03
C PRO K 624 -19.60 -78.74 -61.71
N ILE K 625 -19.86 -78.04 -60.61
CA ILE K 625 -19.00 -76.95 -60.16
C ILE K 625 -17.99 -77.42 -59.13
N TRP K 626 -18.43 -78.16 -58.12
CA TRP K 626 -17.57 -78.53 -57.01
C TRP K 626 -17.87 -79.96 -56.58
N ALA K 627 -17.05 -80.43 -55.63
CA ALA K 627 -17.29 -81.70 -54.96
C ALA K 627 -16.61 -81.65 -53.60
N LYS K 628 -17.10 -82.47 -52.68
CA LYS K 628 -16.51 -82.53 -51.35
C LYS K 628 -15.33 -83.48 -51.34
N ILE K 629 -14.18 -82.99 -50.90
CA ILE K 629 -13.01 -83.86 -50.75
C ILE K 629 -13.27 -84.84 -49.61
N PRO K 630 -13.13 -86.15 -49.83
CA PRO K 630 -13.41 -87.11 -48.76
C PRO K 630 -12.49 -86.88 -47.56
N HIS K 631 -13.05 -87.08 -46.37
CA HIS K 631 -12.31 -86.90 -45.13
C HIS K 631 -11.42 -88.12 -44.93
N THR K 632 -10.20 -88.05 -45.45
CA THR K 632 -9.26 -89.14 -45.42
C THR K 632 -7.90 -88.63 -44.94
N ASP K 633 -7.06 -89.56 -44.50
CA ASP K 633 -5.72 -89.16 -43.98
C ASP K 633 -4.88 -88.59 -45.12
N GLY K 634 -4.97 -89.18 -46.30
CA GLY K 634 -4.18 -88.73 -47.42
C GLY K 634 -4.98 -88.65 -48.70
N HIS K 635 -4.58 -87.71 -49.55
CA HIS K 635 -5.13 -87.55 -50.89
C HIS K 635 -4.13 -86.76 -51.70
N PHE K 636 -4.08 -87.04 -53.00
CA PHE K 636 -3.16 -86.37 -53.90
C PHE K 636 -3.96 -85.60 -54.93
N HIS K 637 -3.69 -84.29 -55.04
CA HIS K 637 -4.33 -83.40 -55.99
C HIS K 637 -5.84 -83.57 -55.94
N PRO K 638 -6.51 -83.08 -54.90
CA PRO K 638 -7.95 -83.34 -54.70
C PRO K 638 -8.86 -82.49 -55.60
N SER K 639 -8.54 -82.44 -56.88
CA SER K 639 -9.46 -81.92 -57.88
C SER K 639 -10.42 -83.02 -58.29
N PRO K 640 -11.74 -82.76 -58.29
CA PRO K 640 -12.70 -83.80 -58.65
C PRO K 640 -12.43 -84.33 -60.05
N LEU K 641 -12.56 -85.64 -60.22
CA LEU K 641 -12.27 -86.26 -61.51
C LEU K 641 -13.32 -85.92 -62.54
N MET K 642 -14.56 -85.66 -62.11
CA MET K 642 -15.61 -85.24 -63.02
C MET K 642 -15.47 -83.80 -63.46
N GLY K 643 -14.57 -83.04 -62.84
CA GLY K 643 -14.35 -81.66 -63.18
C GLY K 643 -14.89 -80.71 -62.13
N GLY K 644 -14.13 -79.66 -61.85
CA GLY K 644 -14.57 -78.67 -60.89
C GLY K 644 -13.57 -78.34 -59.80
N PHE K 645 -14.06 -77.84 -58.68
CA PHE K 645 -13.22 -77.39 -57.58
C PHE K 645 -13.38 -78.34 -56.39
N GLY K 646 -12.26 -78.85 -55.90
CA GLY K 646 -12.27 -79.68 -54.72
C GLY K 646 -12.32 -78.86 -53.46
N LEU K 647 -13.33 -79.09 -52.61
CA LEU K 647 -13.55 -78.28 -51.43
C LEU K 647 -13.58 -79.19 -50.20
N LYS K 648 -12.74 -78.89 -49.21
CA LYS K 648 -12.80 -79.61 -47.95
C LYS K 648 -14.08 -79.30 -47.20
N HIS K 649 -14.55 -78.05 -47.31
CA HIS K 649 -15.83 -77.62 -46.74
C HIS K 649 -16.65 -77.03 -47.87
N PRO K 650 -17.34 -77.86 -48.65
CA PRO K 650 -18.12 -77.36 -49.78
C PRO K 650 -19.37 -76.65 -49.29
N PRO K 651 -20.14 -76.03 -50.20
CA PRO K 651 -21.42 -75.45 -49.80
C PRO K 651 -22.29 -76.50 -49.13
N PRO K 652 -22.84 -76.20 -47.95
CA PRO K 652 -23.56 -77.22 -47.19
C PRO K 652 -24.84 -77.65 -47.89
N GLN K 653 -25.22 -78.90 -47.63
CA GLN K 653 -26.49 -79.40 -48.11
C GLN K 653 -27.65 -78.67 -47.43
N ILE K 654 -28.64 -78.27 -48.23
CA ILE K 654 -29.82 -77.57 -47.73
C ILE K 654 -30.98 -78.54 -47.80
N LEU K 655 -31.47 -78.96 -46.65
CA LEU K 655 -32.52 -79.97 -46.55
C LEU K 655 -33.85 -79.29 -46.25
N ILE K 656 -34.89 -79.67 -47.00
CA ILE K 656 -36.22 -79.08 -46.85
C ILE K 656 -37.25 -80.21 -46.90
N LYS K 657 -38.26 -80.12 -46.05
CA LYS K 657 -39.35 -81.09 -46.08
C LYS K 657 -40.60 -80.43 -45.52
N ASN K 658 -41.75 -81.00 -45.89
CA ASN K 658 -43.02 -80.53 -45.37
C ASN K 658 -43.29 -81.13 -44.01
N THR K 659 -43.72 -80.31 -43.07
CA THR K 659 -44.05 -80.81 -41.74
C THR K 659 -45.31 -81.67 -41.84
N PRO K 660 -45.27 -82.91 -41.34
CA PRO K 660 -46.46 -83.77 -41.42
C PRO K 660 -47.61 -83.20 -40.58
N VAL K 661 -48.78 -83.11 -41.20
CA VAL K 661 -49.99 -82.64 -40.54
C VAL K 661 -50.91 -83.84 -40.35
N PRO K 662 -51.11 -84.32 -39.12
CA PRO K 662 -51.95 -85.50 -38.93
C PRO K 662 -53.39 -85.24 -39.35
N ALA K 663 -54.03 -86.28 -39.87
CA ALA K 663 -55.43 -86.24 -40.23
C ALA K 663 -56.27 -86.39 -38.97
N ASN K 664 -57.57 -86.64 -39.13
CA ASN K 664 -58.47 -86.69 -38.00
C ASN K 664 -58.11 -87.85 -37.07
N PRO K 665 -57.78 -87.59 -35.81
CA PRO K 665 -57.44 -88.68 -34.89
C PRO K 665 -58.68 -89.32 -34.28
N SER K 666 -58.44 -90.48 -33.68
CA SER K 666 -59.53 -91.21 -32.99
C SER K 666 -59.80 -90.55 -31.64
N THR K 667 -61.05 -90.51 -31.23
CA THR K 667 -61.41 -89.94 -29.94
C THR K 667 -60.92 -90.77 -28.77
N THR K 668 -60.52 -92.02 -29.01
CA THR K 668 -59.92 -92.87 -28.00
C THR K 668 -58.41 -92.90 -28.20
N PHE K 669 -57.67 -92.87 -27.09
CA PHE K 669 -56.21 -92.83 -27.19
C PHE K 669 -55.68 -94.12 -27.78
N SER K 670 -54.71 -93.97 -28.69
CA SER K 670 -54.01 -95.10 -29.29
C SER K 670 -52.52 -94.82 -29.26
N ALA K 671 -51.75 -95.78 -28.74
CA ALA K 671 -50.30 -95.63 -28.66
C ALA K 671 -49.60 -95.86 -29.99
N ALA K 672 -50.31 -96.36 -30.99
CA ALA K 672 -49.72 -96.55 -32.31
C ALA K 672 -49.37 -95.21 -32.93
N LYS K 673 -48.22 -95.14 -33.60
CA LYS K 673 -47.81 -93.91 -34.25
C LYS K 673 -48.77 -93.56 -35.37
N PHE K 674 -48.88 -92.26 -35.63
CA PHE K 674 -49.84 -91.78 -36.66
C PHE K 674 -49.44 -92.28 -38.05
N ALA K 675 -50.42 -92.83 -38.77
CA ALA K 675 -50.21 -93.28 -40.13
C ALA K 675 -51.07 -92.57 -41.15
N SER K 676 -52.02 -91.74 -40.72
CA SER K 676 -52.89 -90.99 -41.61
C SER K 676 -52.54 -89.51 -41.51
N PHE K 677 -52.30 -88.88 -42.66
CA PHE K 677 -51.90 -87.49 -42.71
C PHE K 677 -52.67 -86.79 -43.82
N ILE K 678 -52.74 -85.47 -43.72
CA ILE K 678 -53.34 -84.65 -44.77
C ILE K 678 -52.35 -84.55 -45.91
N THR K 679 -52.78 -84.92 -47.11
CA THR K 679 -51.92 -84.84 -48.29
C THR K 679 -51.62 -83.38 -48.60
N GLN K 680 -50.34 -83.06 -48.76
CA GLN K 680 -49.97 -81.67 -49.02
C GLN K 680 -48.58 -81.62 -49.65
N TYR K 681 -48.35 -80.52 -50.36
CA TYR K 681 -47.06 -80.21 -50.95
C TYR K 681 -46.79 -78.73 -50.72
N SER K 682 -45.60 -78.29 -51.11
CA SER K 682 -45.22 -76.90 -50.97
C SER K 682 -44.60 -76.39 -52.26
N THR K 683 -44.73 -75.09 -52.49
CA THR K 683 -44.10 -74.42 -53.62
C THR K 683 -43.54 -73.09 -53.14
N GLY K 684 -42.55 -72.59 -53.85
CA GLY K 684 -41.92 -71.35 -53.45
C GLY K 684 -40.84 -70.96 -54.43
N GLN K 685 -40.04 -69.98 -54.02
CA GLN K 685 -38.96 -69.47 -54.83
C GLN K 685 -37.64 -69.67 -54.10
N VAL K 686 -36.59 -69.94 -54.88
CA VAL K 686 -35.25 -70.15 -54.36
C VAL K 686 -34.30 -69.22 -55.10
N SER K 687 -33.40 -68.58 -54.36
CA SER K 687 -32.42 -67.65 -54.93
C SER K 687 -31.01 -68.10 -54.55
N VAL K 688 -30.13 -68.16 -55.54
CA VAL K 688 -28.72 -68.48 -55.34
C VAL K 688 -27.90 -67.38 -55.99
N GLU K 689 -27.05 -66.73 -55.19
CA GLU K 689 -26.15 -65.70 -55.68
C GLU K 689 -24.72 -66.08 -55.36
N ILE K 690 -23.89 -66.21 -56.38
CA ILE K 690 -22.50 -66.61 -56.22
C ILE K 690 -21.60 -65.51 -56.78
N GLU K 691 -20.60 -65.11 -56.01
CA GLU K 691 -19.56 -64.20 -56.47
C GLU K 691 -18.37 -65.01 -56.95
N TRP K 692 -17.92 -64.74 -58.16
CA TRP K 692 -16.79 -65.43 -58.78
C TRP K 692 -15.65 -64.45 -58.98
N GLU K 693 -14.42 -64.91 -58.75
CA GLU K 693 -13.23 -64.13 -59.02
C GLU K 693 -12.65 -64.53 -60.36
N LEU K 694 -12.22 -63.52 -61.13
CA LEU K 694 -11.73 -63.73 -62.49
C LEU K 694 -10.23 -63.51 -62.54
N GLN K 695 -9.57 -64.31 -63.36
CA GLN K 695 -8.14 -64.17 -63.66
C GLN K 695 -8.04 -63.64 -65.07
N LYS K 696 -7.78 -62.33 -65.20
CA LYS K 696 -7.81 -61.68 -66.51
C LYS K 696 -6.69 -62.17 -67.39
N GLU K 697 -7.00 -62.37 -68.67
CA GLU K 697 -6.00 -62.79 -69.65
C GLU K 697 -5.01 -61.66 -69.89
N ASN K 698 -3.73 -62.02 -69.94
CA ASN K 698 -2.63 -61.08 -70.14
C ASN K 698 -1.69 -61.60 -71.22
N SER K 699 -2.27 -62.03 -72.33
CA SER K 699 -1.49 -62.65 -73.39
C SER K 699 -0.79 -61.59 -74.25
N LYS K 700 0.30 -61.99 -74.91
CA LYS K 700 1.05 -61.07 -75.81
C LYS K 700 1.15 -61.72 -77.21
N ARG K 701 0.28 -62.69 -77.52
CA ARG K 701 0.30 -63.26 -78.86
C ARG K 701 -0.20 -62.23 -79.87
N TRP K 702 0.27 -62.37 -81.11
CA TRP K 702 -0.01 -61.39 -82.15
C TRP K 702 -1.29 -61.74 -82.92
N ASN K 703 -1.38 -62.97 -83.41
CA ASN K 703 -2.52 -63.36 -84.23
C ASN K 703 -3.75 -63.63 -83.35
N PRO K 704 -4.98 -63.52 -83.91
CA PRO K 704 -6.19 -63.71 -83.10
C PRO K 704 -6.30 -65.10 -82.46
N GLU K 705 -7.13 -65.25 -81.43
CA GLU K 705 -7.26 -66.52 -80.68
C GLU K 705 -8.54 -67.26 -81.07
N ILE K 706 -8.68 -68.52 -80.65
CA ILE K 706 -10.00 -69.18 -80.86
C ILE K 706 -11.00 -68.67 -79.83
N GLN K 707 -12.20 -68.28 -80.26
CA GLN K 707 -13.23 -67.86 -79.33
C GLN K 707 -14.50 -68.64 -79.62
N TYR K 708 -15.28 -68.89 -78.57
CA TYR K 708 -16.59 -69.50 -78.77
C TYR K 708 -17.53 -68.48 -79.41
N THR K 709 -18.31 -68.93 -80.38
CA THR K 709 -19.18 -68.04 -81.13
C THR K 709 -20.41 -68.79 -81.59
N SER K 710 -21.46 -68.02 -81.86
CA SER K 710 -22.68 -68.63 -82.42
C SER K 710 -22.48 -68.76 -83.92
N ASN K 711 -23.22 -69.62 -84.61
CA ASN K 711 -22.97 -69.76 -86.05
C ASN K 711 -23.89 -68.77 -86.77
N TYR K 712 -23.36 -68.01 -87.71
CA TYR K 712 -24.16 -66.94 -88.37
C TYR K 712 -25.21 -67.54 -89.31
N ASN K 713 -24.95 -68.70 -89.90
CA ASN K 713 -25.89 -69.20 -90.89
C ASN K 713 -27.29 -69.36 -90.30
N LYS K 714 -28.28 -69.22 -91.18
CA LYS K 714 -29.69 -69.32 -90.76
C LYS K 714 -30.00 -70.72 -90.26
N SER K 715 -30.97 -70.80 -89.37
CA SER K 715 -31.39 -72.08 -88.83
C SER K 715 -32.85 -71.99 -88.43
N ILE K 716 -33.48 -73.16 -88.29
CA ILE K 716 -34.88 -73.20 -87.85
C ILE K 716 -34.99 -72.69 -86.42
N ASN K 717 -34.07 -73.08 -85.55
CA ASN K 717 -34.07 -72.69 -84.16
C ASN K 717 -32.76 -71.99 -83.81
N VAL K 718 -32.84 -71.03 -82.90
CA VAL K 718 -31.65 -70.38 -82.37
C VAL K 718 -31.09 -71.24 -81.24
N ASP K 719 -29.77 -71.30 -81.14
CA ASP K 719 -29.13 -72.10 -80.12
C ASP K 719 -29.38 -71.53 -78.73
N PHE K 720 -29.57 -72.41 -77.75
CA PHE K 720 -29.78 -72.03 -76.35
C PHE K 720 -31.00 -71.13 -76.18
N THR K 721 -32.06 -71.44 -76.91
CA THR K 721 -33.35 -70.78 -76.79
C THR K 721 -34.43 -71.85 -76.68
N VAL K 722 -35.67 -71.40 -76.71
CA VAL K 722 -36.82 -72.30 -76.67
C VAL K 722 -37.31 -72.53 -78.09
N ASP K 723 -37.94 -73.67 -78.31
CA ASP K 723 -38.51 -74.00 -79.61
C ASP K 723 -39.97 -73.57 -79.65
N THR K 724 -40.70 -74.02 -80.67
CA THR K 724 -42.13 -73.64 -80.81
C THR K 724 -42.94 -74.26 -79.67
N ASN K 725 -42.37 -75.24 -78.96
CA ASN K 725 -43.05 -75.84 -77.79
C ASN K 725 -42.60 -75.13 -76.51
N GLY K 726 -41.72 -74.13 -76.65
CA GLY K 726 -41.19 -73.40 -75.48
C GLY K 726 -40.26 -74.28 -74.67
N VAL K 727 -39.72 -75.34 -75.28
CA VAL K 727 -38.81 -76.28 -74.56
C VAL K 727 -37.38 -75.76 -74.69
N TYR K 728 -36.72 -75.46 -73.56
CA TYR K 728 -35.35 -74.99 -73.59
C TYR K 728 -34.41 -76.16 -73.80
N SER K 729 -33.42 -75.97 -74.68
CA SER K 729 -32.44 -77.01 -74.96
C SER K 729 -31.05 -76.39 -75.01
N GLU K 730 -30.05 -77.21 -74.70
CA GLU K 730 -28.65 -76.83 -74.80
C GLU K 730 -28.02 -77.65 -75.90
N PRO K 731 -27.79 -77.07 -77.09
CA PRO K 731 -27.42 -77.88 -78.26
C PRO K 731 -26.09 -78.61 -78.11
N ARG K 732 -25.10 -78.04 -77.43
CA ARG K 732 -23.80 -78.67 -77.34
C ARG K 732 -23.17 -78.32 -76.00
N PRO K 733 -22.23 -79.14 -75.52
CA PRO K 733 -21.46 -78.74 -74.34
C PRO K 733 -20.44 -77.66 -74.69
N ILE K 734 -20.32 -76.67 -73.82
CA ILE K 734 -19.34 -75.61 -73.98
C ILE K 734 -18.34 -75.72 -72.84
N GLY K 735 -17.06 -75.88 -73.19
CA GLY K 735 -16.00 -75.88 -72.22
C GLY K 735 -15.58 -74.47 -71.88
N THR K 736 -14.36 -74.33 -71.35
CA THR K 736 -13.82 -73.03 -71.02
C THR K 736 -12.48 -72.73 -71.67
N ARG K 737 -11.87 -73.68 -72.37
CA ARG K 737 -10.48 -73.58 -72.80
C ARG K 737 -10.44 -73.10 -74.26
N TYR K 738 -10.54 -71.80 -74.44
CA TYR K 738 -10.47 -71.16 -75.75
C TYR K 738 -9.28 -70.22 -75.89
N LEU K 739 -8.99 -69.41 -74.87
CA LEU K 739 -7.78 -68.62 -74.88
C LEU K 739 -6.56 -69.52 -74.70
N THR K 740 -5.39 -68.99 -75.05
CA THR K 740 -4.16 -69.75 -75.00
C THR K 740 -3.13 -69.06 -74.11
N ARG K 741 -2.31 -69.89 -73.49
CA ARG K 741 -1.20 -69.38 -72.65
C ARG K 741 0.01 -70.28 -72.93
N ASN K 742 1.24 -69.76 -72.86
CA ASN K 742 2.44 -70.55 -73.04
C ASN K 742 2.66 -71.46 -71.84
N LEU K 743 3.33 -72.58 -72.07
CA LEU K 743 3.67 -73.50 -70.99
C LEU K 743 4.67 -72.88 -70.02
N ALA L 218 -36.44 -56.69 54.81
CA ALA L 218 -36.02 -56.70 53.39
C ALA L 218 -37.16 -57.22 52.53
N ASP L 219 -37.85 -58.26 53.01
CA ASP L 219 -38.90 -58.92 52.20
C ASP L 219 -40.17 -59.03 53.03
N GLY L 220 -40.20 -58.37 54.19
CA GLY L 220 -41.45 -58.36 54.98
C GLY L 220 -42.08 -59.75 55.05
N VAL L 221 -43.42 -59.81 54.97
CA VAL L 221 -44.11 -61.11 55.12
C VAL L 221 -44.70 -61.45 53.76
N GLY L 222 -44.27 -62.53 53.17
CA GLY L 222 -44.77 -63.01 51.90
C GLY L 222 -43.81 -62.89 50.74
N ASN L 223 -42.62 -62.32 50.96
CA ASN L 223 -41.61 -62.22 49.92
C ASN L 223 -40.42 -63.07 50.33
N SER L 224 -40.01 -63.98 49.44
CA SER L 224 -38.91 -64.87 49.74
C SER L 224 -37.59 -64.09 49.72
N SER L 225 -36.71 -64.39 50.67
CA SER L 225 -35.43 -63.73 50.79
C SER L 225 -34.28 -64.57 50.26
N GLY L 226 -34.57 -65.68 49.59
CA GLY L 226 -33.52 -66.51 49.03
C GLY L 226 -34.11 -67.62 48.21
N ASN L 227 -33.24 -68.35 47.53
CA ASN L 227 -33.60 -69.47 46.68
C ASN L 227 -32.80 -70.71 47.06
N TRP L 228 -33.27 -71.86 46.60
CA TRP L 228 -32.61 -73.12 46.88
C TRP L 228 -31.50 -73.35 45.86
N HIS L 229 -30.26 -73.33 46.32
CA HIS L 229 -29.09 -73.55 45.45
C HIS L 229 -28.32 -74.75 45.99
N CYS L 230 -28.59 -75.94 45.45
CA CYS L 230 -27.83 -77.16 45.85
C CYS L 230 -27.31 -77.78 44.56
N ASP L 231 -26.00 -77.68 44.31
CA ASP L 231 -25.44 -78.18 43.02
C ASP L 231 -23.91 -78.10 43.02
N SER L 232 -23.26 -78.61 41.98
CA SER L 232 -21.83 -78.43 41.90
C SER L 232 -21.43 -78.15 40.45
N THR L 233 -20.45 -77.26 40.28
CA THR L 233 -19.96 -76.88 38.96
C THR L 233 -18.47 -77.19 38.89
N TRP L 234 -18.08 -77.97 37.89
CA TRP L 234 -16.68 -78.30 37.66
C TRP L 234 -16.18 -77.45 36.49
N MET L 235 -15.18 -76.61 36.76
CA MET L 235 -14.62 -75.73 35.70
C MET L 235 -13.10 -75.80 35.76
N GLY L 236 -12.51 -76.67 34.94
CA GLY L 236 -11.05 -76.78 34.90
C GLY L 236 -10.49 -77.28 36.21
N ASP L 237 -9.62 -76.48 36.81
CA ASP L 237 -8.97 -76.81 38.08
C ASP L 237 -9.76 -76.34 39.29
N ARG L 238 -11.08 -76.14 39.16
CA ARG L 238 -11.92 -75.72 40.26
C ARG L 238 -13.21 -76.53 40.27
N VAL L 239 -13.72 -76.77 41.46
CA VAL L 239 -15.07 -77.31 41.64
C VAL L 239 -15.75 -76.51 42.74
N THR L 240 -16.92 -75.95 42.44
CA THR L 240 -17.69 -75.18 43.39
C THR L 240 -18.91 -75.98 43.80
N THR L 241 -18.97 -76.36 45.08
CA THR L 241 -20.08 -77.13 45.62
C THR L 241 -20.97 -76.20 46.46
N THR L 242 -22.27 -76.25 46.19
CA THR L 242 -23.25 -75.46 46.92
C THR L 242 -24.29 -76.40 47.52
N SER L 243 -24.66 -76.13 48.76
CA SER L 243 -25.61 -76.97 49.48
C SER L 243 -26.63 -76.10 50.19
N THR L 244 -27.88 -76.54 50.18
CA THR L 244 -28.95 -75.88 50.92
C THR L 244 -29.66 -76.91 51.80
N ARG L 245 -29.96 -76.53 53.04
CA ARG L 245 -30.63 -77.39 53.98
C ARG L 245 -31.69 -76.59 54.74
N THR L 246 -32.65 -77.30 55.30
CA THR L 246 -33.67 -76.71 56.15
C THR L 246 -33.32 -77.02 57.61
N TRP L 247 -33.21 -75.99 58.43
CA TRP L 247 -32.81 -76.13 59.81
C TRP L 247 -33.94 -75.73 60.75
N ALA L 248 -33.88 -76.29 61.96
CA ALA L 248 -34.80 -75.95 63.03
C ALA L 248 -33.99 -75.57 64.26
N LEU L 249 -34.30 -74.41 64.83
CA LEU L 249 -33.57 -73.90 65.98
C LEU L 249 -34.52 -73.72 67.16
N PRO L 250 -34.42 -74.53 68.21
CA PRO L 250 -35.27 -74.35 69.38
C PRO L 250 -34.70 -73.26 70.30
N THR L 251 -35.36 -73.10 71.43
CA THR L 251 -34.86 -72.23 72.50
C THR L 251 -34.03 -73.09 73.45
N TYR L 252 -32.77 -72.71 73.65
CA TYR L 252 -31.82 -73.48 74.43
C TYR L 252 -31.65 -72.89 75.81
N ASN L 253 -31.68 -73.74 76.83
CA ASN L 253 -31.47 -73.37 78.22
C ASN L 253 -32.51 -72.38 78.74
N ASN L 254 -33.63 -72.24 78.03
CA ASN L 254 -34.65 -71.25 78.36
C ASN L 254 -34.05 -69.85 78.44
N HIS L 255 -33.29 -69.49 77.41
CA HIS L 255 -32.65 -68.18 77.24
C HIS L 255 -31.64 -67.87 78.34
N LEU L 256 -31.00 -68.89 78.92
CA LEU L 256 -30.12 -68.68 80.05
C LEU L 256 -28.73 -69.21 79.76
N TYR L 257 -27.75 -68.66 80.49
CA TYR L 257 -26.38 -69.23 80.45
C TYR L 257 -26.27 -70.00 81.76
N LYS L 258 -25.86 -71.26 81.71
CA LYS L 258 -25.76 -72.14 82.85
C LYS L 258 -24.33 -72.65 82.99
N GLN L 259 -23.76 -72.50 84.18
CA GLN L 259 -22.47 -73.08 84.45
C GLN L 259 -22.59 -74.61 84.52
N ILE L 260 -21.72 -75.30 83.80
CA ILE L 260 -21.73 -76.75 83.76
C ILE L 260 -20.37 -77.26 84.20
N SER L 261 -20.36 -78.47 84.75
CA SER L 261 -19.13 -79.10 85.23
C SER L 261 -19.34 -80.60 85.28
N SER L 262 -18.24 -81.32 85.44
CA SER L 262 -18.30 -82.77 85.54
C SER L 262 -19.03 -83.18 86.80
N GLN L 263 -19.67 -84.34 86.73
CA GLN L 263 -20.47 -84.82 87.87
C GLN L 263 -19.52 -85.19 89.01
N SER L 264 -20.00 -85.02 90.23
CA SER L 264 -19.19 -85.48 91.38
C SER L 264 -19.04 -86.99 91.30
N GLY L 265 -17.88 -87.51 91.66
CA GLY L 265 -17.56 -88.92 91.58
C GLY L 265 -16.93 -89.35 90.29
N ALA L 266 -16.82 -88.45 89.31
CA ALA L 266 -16.15 -88.78 88.05
C ALA L 266 -14.66 -88.92 88.28
N SER L 267 -14.00 -89.66 87.38
CA SER L 267 -12.56 -89.81 87.46
C SER L 267 -11.88 -88.48 87.14
N ASN L 268 -10.61 -88.39 87.52
CA ASN L 268 -9.86 -87.16 87.27
C ASN L 268 -9.71 -86.88 85.77
N ASP L 269 -9.59 -87.94 84.96
CA ASP L 269 -9.45 -87.75 83.53
C ASP L 269 -10.72 -87.18 82.91
N ASN L 270 -11.87 -87.40 83.53
CA ASN L 270 -13.15 -86.96 83.01
C ASN L 270 -13.65 -85.67 83.63
N HIS L 271 -12.86 -85.03 84.49
CA HIS L 271 -13.27 -83.79 85.12
C HIS L 271 -13.21 -82.64 84.12
N TYR L 272 -14.20 -81.75 84.20
CA TYR L 272 -14.23 -80.59 83.32
C TYR L 272 -15.07 -79.50 83.95
N PHE L 273 -14.90 -78.28 83.45
CA PHE L 273 -15.67 -77.12 83.85
C PHE L 273 -15.90 -76.25 82.62
N GLY L 274 -17.09 -75.70 82.50
CA GLY L 274 -17.41 -74.89 81.35
C GLY L 274 -18.75 -74.21 81.51
N TYR L 275 -19.24 -73.67 80.40
CA TYR L 275 -20.51 -72.96 80.39
C TYR L 275 -21.34 -73.40 79.20
N SER L 276 -22.66 -73.47 79.41
CA SER L 276 -23.62 -73.78 78.37
C SER L 276 -24.35 -72.49 77.99
N THR L 277 -24.39 -72.21 76.70
CA THR L 277 -24.99 -70.97 76.22
C THR L 277 -26.34 -71.24 75.58
N PRO L 278 -27.24 -70.26 75.56
CA PRO L 278 -28.53 -70.43 74.87
C PRO L 278 -28.43 -70.33 73.35
N TRP L 279 -27.23 -70.18 72.80
CA TRP L 279 -27.05 -70.04 71.36
C TRP L 279 -26.85 -71.39 70.71
N GLY L 280 -27.13 -71.43 69.41
CA GLY L 280 -26.76 -72.54 68.56
C GLY L 280 -25.70 -72.12 67.57
N TYR L 281 -25.18 -73.10 66.84
CA TYR L 281 -24.15 -72.83 65.84
C TYR L 281 -24.36 -73.70 64.61
N PHE L 282 -23.98 -73.17 63.45
CA PHE L 282 -24.11 -73.88 62.19
C PHE L 282 -22.78 -74.55 61.87
N ASP L 283 -22.82 -75.87 61.73
CA ASP L 283 -21.62 -76.68 61.47
C ASP L 283 -21.75 -77.32 60.10
N PHE L 284 -20.75 -77.09 59.25
CA PHE L 284 -20.63 -77.78 57.98
C PHE L 284 -19.22 -78.30 57.77
N ASN L 285 -18.57 -78.72 58.85
CA ASN L 285 -17.19 -79.20 58.82
C ASN L 285 -17.13 -80.70 58.56
N ARG L 286 -17.83 -81.15 57.52
CA ARG L 286 -17.78 -82.53 57.06
C ARG L 286 -17.94 -82.52 55.55
N PHE L 287 -17.23 -83.40 54.85
CA PHE L 287 -17.24 -83.35 53.36
C PHE L 287 -18.60 -83.70 52.78
N HIS L 288 -19.37 -84.56 53.46
CA HIS L 288 -20.70 -84.99 52.96
C HIS L 288 -21.68 -83.80 52.93
N CYS L 289 -21.37 -82.72 53.64
CA CYS L 289 -22.22 -81.51 53.68
C CYS L 289 -22.12 -80.73 52.38
N HIS L 290 -21.10 -81.00 51.57
CA HIS L 290 -20.88 -80.28 50.32
C HIS L 290 -20.75 -81.17 49.10
N PHE L 291 -20.24 -82.39 49.26
CA PHE L 291 -20.01 -83.30 48.15
C PHE L 291 -21.03 -84.42 48.17
N SER L 292 -21.70 -84.64 47.04
CA SER L 292 -22.48 -85.85 46.86
C SER L 292 -21.54 -87.03 46.64
N PRO L 293 -22.02 -88.27 46.85
CA PRO L 293 -21.14 -89.42 46.58
C PRO L 293 -20.61 -89.47 45.15
N ARG L 294 -21.42 -89.08 44.17
CA ARG L 294 -20.94 -88.99 42.80
C ARG L 294 -19.88 -87.88 42.67
N ASP L 295 -20.09 -86.77 43.36
CA ASP L 295 -19.09 -85.70 43.38
C ASP L 295 -17.79 -86.18 44.00
N TRP L 296 -17.88 -86.94 45.11
CA TRP L 296 -16.69 -87.50 45.74
C TRP L 296 -15.97 -88.46 44.81
N GLN L 297 -16.72 -89.31 44.11
CA GLN L 297 -16.09 -90.24 43.18
C GLN L 297 -15.41 -89.51 42.03
N ARG L 298 -16.05 -88.45 41.52
CA ARG L 298 -15.43 -87.62 40.49
C ARG L 298 -14.18 -86.93 40.99
N LEU L 299 -14.16 -86.53 42.27
CA LEU L 299 -13.00 -85.85 42.83
C LEU L 299 -11.84 -86.81 43.04
N ILE L 300 -12.09 -87.98 43.62
CA ILE L 300 -11.01 -88.84 44.06
C ILE L 300 -10.45 -89.72 42.95
N ASN L 301 -11.20 -89.94 41.87
CA ASN L 301 -10.74 -90.79 40.79
C ASN L 301 -9.96 -90.04 39.73
N ASN L 302 -9.87 -88.71 39.82
CA ASN L 302 -9.28 -87.92 38.76
C ASN L 302 -8.29 -86.87 39.23
N ASN L 303 -8.16 -86.62 40.52
CA ASN L 303 -7.33 -85.55 41.03
C ASN L 303 -6.29 -86.09 42.00
N TRP L 304 -5.09 -85.53 41.93
CA TRP L 304 -4.01 -85.84 42.86
C TRP L 304 -4.05 -84.99 44.12
N GLY L 305 -4.94 -84.01 44.19
CA GLY L 305 -5.04 -83.20 45.38
C GLY L 305 -6.16 -82.18 45.26
N PHE L 306 -6.55 -81.63 46.41
CA PHE L 306 -7.57 -80.59 46.45
C PHE L 306 -7.42 -79.81 47.75
N ARG L 307 -7.96 -78.60 47.75
CA ARG L 307 -7.93 -77.73 48.92
C ARG L 307 -9.03 -76.69 48.78
N PRO L 308 -9.61 -76.25 49.89
CA PRO L 308 -10.62 -75.18 49.82
C PRO L 308 -10.00 -73.82 49.56
N LYS L 309 -10.75 -72.98 48.86
CA LYS L 309 -10.30 -71.66 48.45
C LYS L 309 -11.11 -70.54 49.08
N ARG L 310 -12.43 -70.58 48.98
CA ARG L 310 -13.29 -69.57 49.57
C ARG L 310 -14.67 -70.17 49.78
N LEU L 311 -15.45 -69.55 50.67
CA LEU L 311 -16.80 -70.02 50.94
C LEU L 311 -17.75 -68.83 51.04
N ASN L 312 -19.04 -69.13 50.78
CA ASN L 312 -20.11 -68.12 50.91
C ASN L 312 -21.21 -68.78 51.76
N PHE L 313 -21.80 -68.06 52.70
CA PHE L 313 -22.79 -68.56 53.64
C PHE L 313 -24.02 -67.67 53.60
N LYS L 314 -25.19 -68.31 53.66
CA LYS L 314 -26.44 -67.52 53.67
C LYS L 314 -27.54 -68.14 54.53
N LEU L 315 -28.22 -67.31 55.31
CA LEU L 315 -29.43 -67.70 56.04
C LEU L 315 -30.59 -66.89 55.49
N PHE L 316 -31.70 -67.56 55.19
CA PHE L 316 -32.80 -66.89 54.52
C PHE L 316 -34.10 -67.65 54.81
N ASN L 317 -35.21 -67.05 54.41
CA ASN L 317 -36.54 -67.61 54.61
C ASN L 317 -36.77 -67.98 56.07
N ILE L 318 -36.44 -67.06 56.96
CA ILE L 318 -36.49 -67.30 58.39
C ILE L 318 -37.92 -67.14 58.88
N GLN L 319 -38.43 -68.17 59.55
CA GLN L 319 -39.76 -68.17 60.12
C GLN L 319 -39.66 -68.43 61.61
N VAL L 320 -40.27 -67.56 62.41
CA VAL L 320 -40.33 -67.75 63.85
C VAL L 320 -41.73 -68.25 64.19
N LYS L 321 -41.81 -69.41 64.83
CA LYS L 321 -43.06 -70.06 65.18
C LYS L 321 -43.26 -70.00 66.69
N GLU L 322 -44.42 -69.54 67.13
CA GLU L 322 -44.79 -69.51 68.53
C GLU L 322 -45.58 -70.76 68.88
N VAL L 323 -45.15 -71.45 69.93
CA VAL L 323 -45.77 -72.70 70.37
C VAL L 323 -46.51 -72.44 71.67
N THR L 324 -47.78 -72.84 71.73
CA THR L 324 -48.58 -72.74 72.93
C THR L 324 -49.18 -74.10 73.25
N GLN L 325 -49.46 -74.32 74.52
CA GLN L 325 -50.02 -75.60 74.98
C GLN L 325 -51.12 -75.31 75.98
N ASN L 326 -52.37 -75.50 75.57
CA ASN L 326 -53.53 -75.22 76.40
C ASN L 326 -54.40 -76.46 76.48
N ASP L 327 -54.61 -76.96 77.71
CA ASP L 327 -55.44 -78.13 77.97
C ASP L 327 -54.97 -79.35 77.15
N GLY L 328 -53.66 -79.53 77.07
CA GLY L 328 -53.10 -80.68 76.39
C GLY L 328 -53.03 -80.59 74.89
N THR L 329 -53.29 -79.42 74.31
CA THR L 329 -53.28 -79.23 72.87
C THR L 329 -52.08 -78.36 72.48
N THR L 330 -51.30 -78.83 71.51
CA THR L 330 -50.15 -78.10 71.01
C THR L 330 -50.56 -77.33 69.76
N THR L 331 -50.51 -76.00 69.84
CA THR L 331 -50.89 -75.12 68.74
C THR L 331 -49.68 -74.30 68.32
N ILE L 332 -49.38 -74.31 67.03
CA ILE L 332 -48.24 -73.59 66.48
C ILE L 332 -48.77 -72.51 65.53
N ALA L 333 -48.33 -71.28 65.74
CA ALA L 333 -48.73 -70.15 64.92
C ALA L 333 -47.51 -69.31 64.58
N ASN L 334 -47.63 -68.56 63.49
CA ASN L 334 -46.54 -67.70 63.06
C ASN L 334 -46.36 -66.52 64.01
N ASN L 335 -45.12 -66.08 64.14
CA ASN L 335 -44.76 -64.87 64.87
C ASN L 335 -43.96 -63.99 63.90
N LEU L 336 -44.65 -63.08 63.23
CA LEU L 336 -44.01 -62.29 62.17
C LEU L 336 -43.15 -61.16 62.69
N THR L 337 -43.22 -60.85 63.99
CA THR L 337 -42.46 -59.75 64.56
C THR L 337 -41.26 -60.20 65.37
N SER L 338 -41.10 -61.50 65.62
CA SER L 338 -39.95 -61.98 66.36
C SER L 338 -38.71 -62.04 65.47
N THR L 339 -37.55 -61.99 66.11
CA THR L 339 -36.27 -61.96 65.42
C THR L 339 -35.41 -63.15 65.84
N VAL L 340 -34.35 -63.38 65.06
CA VAL L 340 -33.28 -64.30 65.41
C VAL L 340 -31.97 -63.55 65.29
N GLN L 341 -31.09 -63.72 66.27
CA GLN L 341 -29.81 -63.04 66.30
C GLN L 341 -28.74 -63.94 65.70
N VAL L 342 -28.03 -63.42 64.69
CA VAL L 342 -26.98 -64.14 63.99
C VAL L 342 -25.72 -63.29 63.97
N PHE L 343 -24.59 -63.89 64.33
CA PHE L 343 -23.31 -63.22 64.16
C PHE L 343 -22.23 -64.26 63.92
N THR L 344 -21.18 -63.86 63.22
CA THR L 344 -20.03 -64.70 62.95
C THR L 344 -18.86 -64.25 63.80
N ASP L 345 -18.18 -65.20 64.44
CA ASP L 345 -17.02 -64.91 65.28
C ASP L 345 -15.78 -64.78 64.40
N SER L 346 -15.72 -63.69 63.63
CA SER L 346 -14.63 -63.52 62.65
C SER L 346 -13.32 -63.09 63.32
N GLU L 347 -13.38 -62.62 64.56
CA GLU L 347 -12.16 -62.29 65.28
C GLU L 347 -11.67 -63.42 66.17
N TYR L 348 -12.39 -64.56 66.17
CA TYR L 348 -11.98 -65.75 66.93
C TYR L 348 -11.79 -65.43 68.42
N GLN L 349 -12.73 -64.67 68.98
CA GLN L 349 -12.70 -64.33 70.39
C GLN L 349 -13.45 -65.33 71.26
N LEU L 350 -14.13 -66.30 70.67
CA LEU L 350 -14.86 -67.33 71.39
C LEU L 350 -14.14 -68.67 71.27
N PRO L 351 -14.31 -69.56 72.24
CA PRO L 351 -13.71 -70.89 72.12
C PRO L 351 -14.22 -71.62 70.89
N TYR L 352 -13.28 -72.10 70.07
CA TYR L 352 -13.59 -72.72 68.79
C TYR L 352 -13.95 -74.18 69.04
N VAL L 353 -15.25 -74.48 69.01
CA VAL L 353 -15.72 -75.84 69.24
C VAL L 353 -15.91 -76.63 67.95
N LEU L 354 -15.84 -75.97 66.79
CA LEU L 354 -15.78 -76.70 65.54
C LEU L 354 -14.44 -77.42 65.42
N GLY L 355 -14.44 -78.50 64.67
CA GLY L 355 -13.25 -79.31 64.52
C GLY L 355 -13.01 -80.33 65.61
N SER L 356 -14.01 -80.57 66.46
CA SER L 356 -13.95 -81.63 67.48
C SER L 356 -14.79 -82.84 67.10
N ALA L 357 -15.18 -82.94 65.82
CA ALA L 357 -15.95 -84.08 65.31
C ALA L 357 -17.28 -84.22 66.05
N HIS L 358 -18.01 -83.12 66.17
CA HIS L 358 -19.28 -83.10 66.87
C HIS L 358 -20.44 -83.31 65.92
N GLN L 359 -21.51 -83.90 66.44
CA GLN L 359 -22.73 -84.10 65.68
C GLN L 359 -23.48 -82.77 65.55
N GLY L 360 -24.43 -82.75 64.62
CA GLY L 360 -25.21 -81.56 64.35
C GLY L 360 -24.85 -80.83 63.07
N CYS L 361 -24.10 -81.46 62.17
CA CYS L 361 -23.71 -80.83 60.93
C CYS L 361 -24.88 -80.79 59.95
N LEU L 362 -24.64 -80.23 58.78
CA LEU L 362 -25.61 -80.29 57.70
C LEU L 362 -25.74 -81.73 57.24
N PRO L 363 -26.96 -82.28 57.16
CA PRO L 363 -27.09 -83.69 56.82
C PRO L 363 -26.59 -83.96 55.42
N PRO L 364 -26.01 -85.14 55.18
CA PRO L 364 -25.49 -85.44 53.84
C PRO L 364 -26.55 -85.42 52.75
N PHE L 365 -27.77 -85.84 53.07
CA PHE L 365 -28.85 -85.84 52.09
C PHE L 365 -29.53 -84.48 52.07
N PRO L 366 -29.63 -83.83 50.91
CA PRO L 366 -30.18 -82.46 50.86
C PRO L 366 -31.63 -82.36 51.31
N ALA L 367 -32.37 -83.47 51.32
CA ALA L 367 -33.78 -83.44 51.69
C ALA L 367 -34.02 -83.58 53.19
N ASP L 368 -32.98 -83.79 54.00
CA ASP L 368 -33.13 -83.98 55.42
C ASP L 368 -33.16 -82.64 56.15
N VAL L 369 -33.99 -82.56 57.19
CA VAL L 369 -34.09 -81.38 58.04
C VAL L 369 -33.37 -81.67 59.35
N PHE L 370 -32.53 -80.73 59.79
CA PHE L 370 -31.66 -80.95 60.94
C PHE L 370 -31.87 -79.87 61.99
N MET L 371 -31.63 -80.27 63.24
CA MET L 371 -31.67 -79.36 64.37
C MET L 371 -30.32 -78.68 64.56
N VAL L 372 -30.34 -77.40 64.90
CA VAL L 372 -29.12 -76.63 65.13
C VAL L 372 -28.53 -77.02 66.48
N PRO L 373 -27.28 -77.47 66.54
CA PRO L 373 -26.72 -77.90 67.82
C PRO L 373 -26.49 -76.74 68.77
N GLN L 374 -26.58 -77.04 70.06
CA GLN L 374 -26.39 -76.02 71.10
C GLN L 374 -24.90 -75.73 71.29
N TYR L 375 -24.56 -74.46 71.39
CA TYR L 375 -23.18 -74.04 71.57
C TYR L 375 -22.80 -74.10 73.04
N GLY L 376 -21.61 -74.62 73.31
CA GLY L 376 -21.07 -74.68 74.66
C GLY L 376 -19.57 -74.84 74.59
N TYR L 377 -18.90 -74.38 75.64
CA TYR L 377 -17.46 -74.39 75.67
C TYR L 377 -16.97 -74.80 77.06
N LEU L 378 -15.72 -75.26 77.11
CA LEU L 378 -15.06 -75.62 78.35
C LEU L 378 -13.91 -74.66 78.61
N THR L 379 -13.66 -74.42 79.89
CA THR L 379 -12.53 -73.57 80.29
C THR L 379 -11.68 -74.33 81.31
N LEU L 380 -10.72 -73.64 81.91
CA LEU L 380 -9.80 -74.29 82.87
C LEU L 380 -10.58 -74.84 84.07
N ASN L 381 -10.18 -76.00 84.56
CA ASN L 381 -10.85 -76.60 85.73
C ASN L 381 -9.83 -77.24 86.66
N ASN L 382 -10.02 -77.12 87.97
CA ASN L 382 -9.18 -77.86 88.94
C ASN L 382 -10.16 -78.90 89.49
N GLY L 383 -10.32 -80.02 88.81
CA GLY L 383 -11.36 -80.99 89.23
C GLY L 383 -12.69 -80.53 88.66
N SER L 384 -13.76 -80.62 89.45
CA SER L 384 -15.05 -80.11 89.00
C SER L 384 -15.19 -78.61 89.20
N GLN L 385 -14.25 -77.97 89.88
CA GLN L 385 -14.29 -76.55 90.16
C GLN L 385 -13.53 -75.77 89.10
N ALA L 386 -13.59 -74.45 89.21
CA ALA L 386 -12.89 -73.55 88.32
C ALA L 386 -11.70 -72.90 89.02
N VAL L 387 -10.86 -72.24 88.24
CA VAL L 387 -9.73 -71.48 88.76
C VAL L 387 -9.90 -70.02 88.36
N GLY L 388 -9.02 -69.17 88.88
CA GLY L 388 -9.11 -67.76 88.59
C GLY L 388 -8.86 -67.42 87.14
N ARG L 389 -8.13 -68.28 86.42
CA ARG L 389 -7.84 -68.07 85.01
C ARG L 389 -8.97 -68.50 84.09
N SER L 390 -10.00 -69.18 84.62
CA SER L 390 -11.11 -69.61 83.80
C SER L 390 -11.84 -68.40 83.22
N SER L 391 -12.22 -68.51 81.95
CA SER L 391 -12.84 -67.41 81.22
C SER L 391 -14.32 -67.67 81.01
N PHE L 392 -15.12 -66.63 81.16
CA PHE L 392 -16.55 -66.67 80.88
C PHE L 392 -16.85 -65.75 79.70
N TYR L 393 -17.68 -66.23 78.78
CA TYR L 393 -18.01 -65.48 77.58
C TYR L 393 -19.52 -65.34 77.47
N CYS L 394 -19.98 -64.10 77.34
CA CYS L 394 -21.37 -63.79 77.03
C CYS L 394 -21.47 -63.47 75.55
N LEU L 395 -22.24 -64.27 74.82
CA LEU L 395 -22.37 -64.10 73.38
C LEU L 395 -23.26 -62.93 72.99
N GLU L 396 -24.03 -62.38 73.93
CA GLU L 396 -24.77 -61.15 73.68
C GLU L 396 -23.89 -59.91 73.81
N TYR L 397 -22.61 -60.09 74.17
CA TYR L 397 -21.64 -58.96 74.27
C TYR L 397 -20.98 -58.77 72.91
N PHE L 398 -21.39 -59.53 71.91
CA PHE L 398 -20.96 -59.41 70.53
C PHE L 398 -22.03 -58.68 69.71
N PRO L 399 -21.63 -57.88 68.73
CA PRO L 399 -22.62 -57.31 67.81
C PRO L 399 -23.21 -58.39 66.92
N SER L 400 -24.53 -58.49 66.92
CA SER L 400 -25.23 -59.50 66.15
C SER L 400 -26.30 -58.84 65.29
N GLN L 401 -26.67 -59.51 64.21
CA GLN L 401 -27.67 -59.02 63.27
C GLN L 401 -29.01 -59.65 63.60
N MET L 402 -30.04 -58.82 63.74
CA MET L 402 -31.38 -59.27 64.09
C MET L 402 -32.20 -59.42 62.82
N LEU L 403 -32.81 -60.59 62.65
CA LEU L 403 -33.50 -60.94 61.42
C LEU L 403 -34.94 -61.30 61.72
N ARG L 404 -35.87 -60.54 61.14
CA ARG L 404 -37.28 -60.90 61.17
C ARG L 404 -37.58 -61.81 59.98
N THR L 405 -38.86 -62.19 59.83
CA THR L 405 -39.26 -62.94 58.62
C THR L 405 -39.16 -61.97 57.45
N GLY L 406 -38.34 -62.27 56.48
CA GLY L 406 -38.07 -61.39 55.36
C GLY L 406 -36.66 -60.84 55.33
N ASN L 407 -35.90 -60.99 56.41
CA ASN L 407 -34.51 -60.59 56.44
C ASN L 407 -33.62 -61.80 56.18
N ASN L 408 -32.44 -61.56 55.60
CA ASN L 408 -31.49 -62.61 55.33
C ASN L 408 -30.12 -62.20 55.85
N PHE L 409 -29.27 -63.19 56.07
CA PHE L 409 -27.91 -63.01 56.54
C PHE L 409 -26.95 -63.63 55.55
N THR L 410 -25.79 -63.00 55.35
CA THR L 410 -24.79 -63.54 54.45
C THR L 410 -23.41 -63.06 54.88
N PHE L 411 -22.40 -63.86 54.55
CA PHE L 411 -21.02 -63.44 54.73
C PHE L 411 -20.13 -64.33 53.86
N SER L 412 -18.98 -63.79 53.49
CA SER L 412 -18.01 -64.46 52.64
C SER L 412 -16.70 -64.62 53.39
N TYR L 413 -16.03 -65.75 53.15
CA TYR L 413 -14.78 -66.08 53.82
C TYR L 413 -13.81 -66.61 52.79
N THR L 414 -12.53 -66.27 52.95
CA THR L 414 -11.47 -66.76 52.08
C THR L 414 -10.53 -67.64 52.90
N PHE L 415 -10.33 -68.87 52.44
CA PHE L 415 -9.39 -69.77 53.10
C PHE L 415 -7.97 -69.27 52.92
N GLU L 416 -7.14 -69.47 53.94
CA GLU L 416 -5.72 -69.20 53.81
C GLU L 416 -5.07 -70.27 52.93
N ASP L 417 -3.85 -69.98 52.47
CA ASP L 417 -3.12 -70.92 51.65
C ASP L 417 -2.77 -72.16 52.46
N VAL L 418 -3.18 -73.32 51.98
CA VAL L 418 -2.92 -74.59 52.67
C VAL L 418 -2.42 -75.60 51.63
N PRO L 419 -1.66 -76.59 52.06
CA PRO L 419 -1.21 -77.62 51.13
C PRO L 419 -2.38 -78.42 50.57
N PHE L 420 -2.22 -78.87 49.33
CA PHE L 420 -3.19 -79.79 48.75
C PHE L 420 -3.21 -81.09 49.54
N HIS L 421 -4.42 -81.61 49.78
CA HIS L 421 -4.52 -82.93 50.39
C HIS L 421 -3.97 -83.98 49.44
N SER L 422 -3.17 -84.89 50.01
CA SER L 422 -2.56 -85.98 49.21
C SER L 422 -3.60 -87.05 48.87
N SER L 423 -4.41 -86.79 47.85
CA SER L 423 -5.43 -87.76 47.42
C SER L 423 -4.84 -88.79 46.47
N TYR L 424 -3.76 -89.42 46.91
CA TYR L 424 -3.08 -90.43 46.11
C TYR L 424 -2.40 -91.40 47.05
N ALA L 425 -2.10 -92.59 46.53
CA ALA L 425 -1.30 -93.58 47.24
C ALA L 425 0.02 -93.77 46.49
N HIS L 426 1.12 -93.82 47.23
CA HIS L 426 2.41 -93.99 46.60
C HIS L 426 2.53 -95.38 45.99
N SER L 427 3.00 -95.44 44.74
CA SER L 427 3.25 -96.70 44.06
C SER L 427 4.66 -97.22 44.31
N GLN L 428 5.45 -96.52 45.11
CA GLN L 428 6.77 -96.98 45.53
C GLN L 428 6.83 -96.97 47.05
N SER L 429 7.63 -97.88 47.59
CA SER L 429 7.90 -97.92 49.02
C SER L 429 9.19 -97.16 49.32
N LEU L 430 9.27 -96.58 50.52
CA LEU L 430 10.42 -95.80 50.90
C LEU L 430 11.69 -96.63 50.98
N ASP L 431 11.55 -97.94 51.17
CA ASP L 431 12.74 -98.84 51.30
C ASP L 431 13.04 -99.52 49.95
N ARG L 432 12.31 -99.15 48.89
CA ARG L 432 12.49 -99.74 47.57
C ARG L 432 12.60 -98.66 46.51
N LEU L 433 13.41 -97.65 46.77
CA LEU L 433 13.58 -96.52 45.88
C LEU L 433 14.82 -96.62 44.99
N MET L 434 15.51 -97.76 45.02
CA MET L 434 16.78 -97.91 44.33
C MET L 434 16.58 -98.55 42.95
N ASN L 435 17.68 -98.68 42.22
CA ASN L 435 17.72 -99.40 40.96
C ASN L 435 18.13 -100.84 41.26
N PRO L 436 17.25 -101.83 41.05
CA PRO L 436 17.61 -103.21 41.43
C PRO L 436 18.66 -103.84 40.55
N LEU L 437 19.01 -103.22 39.42
CA LEU L 437 19.96 -103.80 38.48
C LEU L 437 21.40 -103.42 38.77
N ILE L 438 21.64 -102.31 39.46
CA ILE L 438 22.98 -101.77 39.66
C ILE L 438 23.31 -101.86 41.14
N ASP L 439 24.51 -102.34 41.46
CA ASP L 439 24.99 -102.36 42.83
C ASP L 439 25.35 -100.95 43.29
N GLN L 440 25.34 -100.76 44.60
CA GLN L 440 25.81 -99.51 45.19
C GLN L 440 27.33 -99.50 45.29
N TYR L 441 27.91 -98.31 45.19
CA TYR L 441 29.35 -98.18 45.40
C TYR L 441 29.71 -98.09 46.88
N LEU L 442 28.73 -97.87 47.76
CA LEU L 442 28.98 -97.81 49.19
C LEU L 442 29.03 -99.22 49.78
N TYR L 443 29.80 -99.37 50.85
CA TYR L 443 29.97 -100.63 51.53
C TYR L 443 29.25 -100.62 52.87
N TYR L 444 28.81 -101.79 53.30
CA TYR L 444 28.21 -101.98 54.61
C TYR L 444 28.86 -103.18 55.28
N LEU L 445 28.89 -103.15 56.61
CA LEU L 445 29.42 -104.27 57.37
C LEU L 445 28.50 -105.47 57.22
N SER L 446 28.96 -106.48 56.48
CA SER L 446 28.15 -107.66 56.18
C SER L 446 28.47 -108.84 57.07
N ARG L 447 29.72 -108.96 57.49
CA ARG L 447 30.11 -110.07 58.39
C ARG L 447 30.93 -109.54 59.56
N THR L 448 30.82 -110.20 60.69
CA THR L 448 31.56 -109.83 61.89
C THR L 448 32.52 -110.90 62.36
N ASN L 449 32.54 -112.07 61.75
CA ASN L 449 33.48 -113.12 62.11
C ASN L 449 33.69 -114.03 60.91
N THR L 450 34.74 -114.85 60.98
CA THR L 450 35.05 -115.82 59.95
C THR L 450 35.40 -117.15 60.60
N PRO L 451 35.19 -118.30 59.91
CA PRO L 451 35.60 -119.59 60.47
C PRO L 451 37.12 -119.58 60.70
N SER L 452 37.54 -119.87 61.92
CA SER L 452 39.00 -119.96 62.22
C SER L 452 39.26 -121.31 62.89
N GLY L 453 40.09 -122.15 62.28
CA GLY L 453 40.30 -123.50 62.83
C GLY L 453 38.98 -124.25 62.91
N THR L 454 38.63 -124.77 64.08
CA THR L 454 37.33 -125.46 64.28
C THR L 454 36.44 -124.56 65.13
N THR L 455 36.92 -123.35 65.46
CA THR L 455 36.10 -122.37 66.22
C THR L 455 35.78 -121.18 65.31
N THR L 456 35.55 -120.00 65.89
CA THR L 456 35.32 -118.77 65.08
C THR L 456 36.30 -117.68 65.53
N GLN L 457 36.60 -116.75 64.63
CA GLN L 457 37.48 -115.64 64.96
C GLN L 457 36.86 -114.34 64.49
N SER L 458 36.97 -113.30 65.31
CA SER L 458 36.39 -112.01 64.96
C SER L 458 37.11 -111.40 63.76
N ARG L 459 36.34 -110.98 62.76
CA ARG L 459 36.90 -110.41 61.54
C ARG L 459 35.82 -109.62 60.84
N LEU L 460 36.05 -108.33 60.62
CA LEU L 460 35.08 -107.48 59.97
C LEU L 460 35.22 -107.58 58.45
N GLN L 461 34.08 -107.73 57.76
CA GLN L 461 34.05 -107.75 56.31
C GLN L 461 32.92 -106.84 55.82
N PHE L 462 33.10 -106.32 54.61
CA PHE L 462 32.18 -105.35 54.04
C PHE L 462 31.80 -105.76 52.63
N SER L 463 30.56 -105.45 52.25
CA SER L 463 30.03 -105.81 50.95
C SER L 463 29.30 -104.61 50.35
N GLN L 464 29.19 -104.61 49.03
CA GLN L 464 28.37 -103.64 48.32
C GLN L 464 26.97 -104.21 48.16
N ALA L 465 25.96 -103.41 48.49
CA ALA L 465 24.59 -103.89 48.49
C ALA L 465 23.99 -103.84 47.09
N GLY L 466 23.28 -104.90 46.73
CA GLY L 466 22.57 -105.01 45.47
C GLY L 466 21.13 -105.45 45.70
N ALA L 467 20.62 -106.25 44.76
CA ALA L 467 19.25 -106.73 44.86
C ALA L 467 19.11 -107.88 45.86
N SER L 468 20.11 -108.76 45.94
CA SER L 468 19.99 -109.92 46.79
C SER L 468 20.01 -109.55 48.27
N ASP L 469 20.74 -108.51 48.64
CA ASP L 469 20.79 -108.02 50.01
C ASP L 469 20.21 -106.61 50.05
N ILE L 470 19.07 -106.42 49.39
CA ILE L 470 18.45 -105.11 49.21
C ILE L 470 18.13 -104.42 50.53
N ARG L 471 17.98 -105.19 51.61
CA ARG L 471 17.66 -104.59 52.91
C ARG L 471 18.82 -103.81 53.50
N ASP L 472 20.05 -104.05 53.04
CA ASP L 472 21.24 -103.41 53.59
C ASP L 472 21.69 -102.19 52.80
N GLN L 473 20.92 -101.78 51.80
CA GLN L 473 21.32 -100.66 50.96
C GLN L 473 21.31 -99.35 51.74
N SER L 474 22.32 -98.51 51.47
CA SER L 474 22.35 -97.19 52.07
C SER L 474 21.23 -96.32 51.50
N ARG L 475 20.56 -95.60 52.39
CA ARG L 475 19.38 -94.83 52.01
C ARG L 475 19.48 -93.42 52.55
N ASN L 476 18.71 -92.52 51.95
CA ASN L 476 18.76 -91.10 52.27
C ASN L 476 17.62 -90.66 53.19
N TRP L 477 16.60 -91.48 53.39
CA TRP L 477 15.38 -91.06 54.08
C TRP L 477 14.97 -92.12 55.10
N LEU L 478 14.06 -91.72 55.99
CA LEU L 478 13.56 -92.56 57.06
C LEU L 478 12.03 -92.50 57.10
N PRO L 479 11.39 -93.55 57.59
CA PRO L 479 9.93 -93.50 57.75
C PRO L 479 9.51 -92.52 58.83
N GLY L 480 8.29 -92.02 58.70
CA GLY L 480 7.78 -90.98 59.58
C GLY L 480 7.67 -91.40 61.03
N PRO L 481 7.29 -90.45 61.89
CA PRO L 481 7.27 -90.73 63.33
C PRO L 481 6.16 -91.70 63.71
N CYS L 482 6.36 -92.29 64.90
CA CYS L 482 5.48 -93.37 65.37
C CYS L 482 5.08 -93.16 66.82
N TYR L 483 3.88 -93.61 67.19
CA TYR L 483 3.42 -93.64 68.58
C TYR L 483 2.57 -94.90 68.72
N ARG L 484 3.19 -95.98 69.19
CA ARG L 484 2.65 -97.32 68.99
C ARG L 484 1.27 -97.48 69.60
N GLN L 485 0.40 -98.17 68.87
CA GLN L 485 -0.95 -98.48 69.29
C GLN L 485 -1.09 -99.98 69.50
N GLN L 486 -2.01 -100.37 70.38
CA GLN L 486 -2.31 -101.78 70.56
C GLN L 486 -3.08 -102.32 69.36
N ARG L 487 -2.81 -103.58 69.02
CA ARG L 487 -3.44 -104.22 67.87
C ARG L 487 -4.66 -105.01 68.32
N VAL L 488 -5.77 -104.73 67.62
CA VAL L 488 -7.05 -105.43 67.87
C VAL L 488 -7.48 -106.06 66.54
N SER L 489 -8.22 -107.15 66.58
CA SER L 489 -8.67 -107.87 65.40
C SER L 489 -10.17 -107.75 65.23
N LYS L 490 -10.62 -107.65 63.98
CA LYS L 490 -12.07 -107.58 63.67
C LYS L 490 -12.70 -108.93 64.00
N THR L 491 -11.93 -110.03 63.91
CA THR L 491 -12.42 -111.36 64.32
C THR L 491 -12.37 -111.37 65.85
N SER L 492 -13.52 -111.46 66.52
CA SER L 492 -13.57 -111.34 68.00
C SER L 492 -12.71 -112.39 68.70
N ALA L 493 -12.80 -113.67 68.30
CA ALA L 493 -12.10 -114.72 69.02
C ALA L 493 -10.59 -114.46 69.08
N ASP L 494 -10.06 -113.70 68.12
CA ASP L 494 -8.63 -113.44 68.07
C ASP L 494 -8.15 -112.49 69.15
N ASN L 495 -9.05 -111.80 69.84
CA ASN L 495 -8.68 -110.80 70.83
C ASN L 495 -8.57 -111.43 72.22
N ASN L 496 -7.82 -110.77 73.08
CA ASN L 496 -7.65 -111.24 74.45
C ASN L 496 -8.95 -111.13 75.21
N ASN L 497 -9.24 -112.13 76.03
CA ASN L 497 -10.48 -112.18 76.82
C ASN L 497 -10.30 -111.38 78.11
N SER L 498 -10.25 -110.06 77.96
CA SER L 498 -10.08 -109.16 79.08
C SER L 498 -10.56 -107.78 78.67
N GLU L 499 -10.69 -106.91 79.67
CA GLU L 499 -11.08 -105.49 79.41
C GLU L 499 -9.80 -104.68 79.33
N TYR L 500 -9.38 -104.34 78.11
CA TYR L 500 -8.13 -103.61 77.89
C TYR L 500 -8.34 -102.35 77.04
N SER L 501 -9.57 -101.82 77.00
CA SER L 501 -9.82 -100.62 76.21
C SER L 501 -9.14 -99.39 76.79
N TRP L 502 -8.75 -99.43 78.06
CA TRP L 502 -8.04 -98.31 78.68
C TRP L 502 -6.67 -98.70 79.23
N THR L 503 -6.54 -99.89 79.82
CA THR L 503 -5.24 -100.33 80.33
C THR L 503 -4.23 -100.48 79.21
N GLY L 504 -4.64 -101.06 78.09
CA GLY L 504 -3.81 -101.20 76.92
C GLY L 504 -3.89 -100.05 75.93
N ALA L 505 -4.60 -98.99 76.29
CA ALA L 505 -4.79 -97.87 75.38
C ALA L 505 -3.55 -96.99 75.31
N THR L 506 -3.39 -96.31 74.19
CA THR L 506 -2.32 -95.34 74.00
C THR L 506 -2.79 -93.97 74.47
N LYS L 507 -2.05 -93.38 75.39
CA LYS L 507 -2.49 -92.19 76.11
C LYS L 507 -1.38 -91.14 76.14
N TYR L 508 -1.80 -89.89 76.31
CA TYR L 508 -0.87 -88.81 76.62
C TYR L 508 -1.28 -88.18 77.95
N HIS L 509 -0.29 -87.76 78.72
CA HIS L 509 -0.49 -87.25 80.07
C HIS L 509 -0.36 -85.74 80.05
N LEU L 510 -1.38 -85.05 80.55
CA LEU L 510 -1.41 -83.59 80.54
C LEU L 510 -2.06 -83.10 81.82
N ASN L 511 -1.28 -82.40 82.65
CA ASN L 511 -1.77 -81.81 83.91
C ASN L 511 -2.38 -82.87 84.83
N GLY L 512 -1.76 -84.05 84.86
CA GLY L 512 -2.22 -85.11 85.73
C GLY L 512 -3.41 -85.90 85.21
N ARG L 513 -3.88 -85.59 84.01
CA ARG L 513 -5.00 -86.38 83.44
C ARG L 513 -4.59 -87.11 82.15
N ASP L 514 -4.96 -88.37 82.03
CA ASP L 514 -4.70 -89.18 80.85
C ASP L 514 -5.82 -88.97 79.84
N SER L 515 -5.43 -88.65 78.61
CA SER L 515 -6.37 -88.53 77.50
C SER L 515 -6.05 -89.60 76.46
N LEU L 516 -7.09 -90.17 75.88
CA LEU L 516 -6.88 -91.17 74.83
C LEU L 516 -6.28 -90.52 73.59
N VAL L 517 -5.28 -91.18 73.02
CA VAL L 517 -4.68 -90.75 71.76
C VAL L 517 -5.51 -91.36 70.64
N ASN L 518 -6.36 -90.52 70.02
CA ASN L 518 -7.32 -91.00 69.04
C ASN L 518 -7.60 -89.90 68.02
N PRO L 519 -7.24 -90.10 66.75
CA PRO L 519 -6.55 -91.27 66.18
C PRO L 519 -5.03 -91.18 66.28
N GLY L 520 -4.50 -90.04 66.71
CA GLY L 520 -3.08 -89.88 66.89
C GLY L 520 -2.33 -89.62 65.61
N PRO L 521 -1.01 -89.78 65.65
CA PRO L 521 -0.19 -89.56 64.45
C PRO L 521 -0.57 -90.53 63.34
N ALA L 522 -0.47 -90.04 62.10
CA ALA L 522 -0.86 -90.82 60.94
C ALA L 522 0.08 -92.02 60.77
N MET L 523 -0.48 -93.22 60.88
CA MET L 523 0.27 -94.46 60.77
C MET L 523 -0.56 -95.48 60.02
N ALA L 524 0.12 -96.43 59.38
CA ALA L 524 -0.56 -97.47 58.64
C ALA L 524 -1.36 -98.37 59.59
N SER L 525 -2.58 -98.71 59.18
CA SER L 525 -3.43 -99.55 60.02
C SER L 525 -2.84 -100.95 60.17
N HIS L 526 -2.27 -101.50 59.10
CA HIS L 526 -1.76 -102.85 59.13
C HIS L 526 -0.75 -103.03 58.01
N LYS L 527 0.02 -104.11 58.10
CA LYS L 527 0.99 -104.46 57.07
C LYS L 527 0.32 -105.33 56.02
N ASP L 528 1.13 -105.93 55.12
CA ASP L 528 0.58 -106.75 54.06
C ASP L 528 -0.18 -107.94 54.62
N ASP L 529 -1.34 -108.22 54.02
CA ASP L 529 -2.13 -109.42 54.31
C ASP L 529 -2.53 -109.49 55.78
N GLU L 530 -2.84 -108.34 56.37
CA GLU L 530 -3.31 -108.29 57.75
C GLU L 530 -4.46 -107.30 57.87
N GLU L 531 -5.38 -107.33 56.91
CA GLU L 531 -6.47 -106.36 56.87
C GLU L 531 -7.43 -106.51 58.04
N LYS L 532 -7.43 -107.65 58.73
CA LYS L 532 -8.31 -107.81 59.88
C LYS L 532 -7.81 -107.07 61.12
N PHE L 533 -6.57 -106.59 61.11
CA PHE L 533 -5.99 -105.91 62.27
C PHE L 533 -6.06 -104.40 62.08
N PHE L 534 -6.45 -103.71 63.14
CA PHE L 534 -6.47 -102.25 63.15
C PHE L 534 -5.99 -101.76 64.51
N PRO L 535 -5.40 -100.56 64.57
CA PRO L 535 -4.99 -100.01 65.85
C PRO L 535 -6.19 -99.75 66.75
N GLN L 536 -5.96 -99.88 68.05
CA GLN L 536 -7.05 -99.80 69.01
C GLN L 536 -7.74 -98.45 68.98
N SER L 537 -6.96 -97.37 68.90
CA SER L 537 -7.51 -96.02 68.79
C SER L 537 -6.74 -95.22 67.75
N GLY L 538 -6.31 -95.88 66.68
CA GLY L 538 -5.51 -95.25 65.66
C GLY L 538 -6.20 -95.01 64.33
N VAL L 539 -7.49 -95.29 64.21
CA VAL L 539 -8.24 -95.06 62.98
C VAL L 539 -9.56 -94.40 63.32
N LEU L 540 -10.10 -93.66 62.35
CA LEU L 540 -11.45 -93.12 62.50
C LEU L 540 -12.47 -94.23 62.36
N ILE L 541 -13.48 -94.21 63.24
CA ILE L 541 -14.55 -95.19 63.23
C ILE L 541 -15.86 -94.43 63.06
N PHE L 542 -16.53 -94.67 61.94
CA PHE L 542 -17.81 -94.05 61.65
C PHE L 542 -18.95 -95.02 61.95
N GLY L 543 -20.06 -94.47 62.41
CA GLY L 543 -21.23 -95.27 62.71
C GLY L 543 -22.10 -95.47 61.47
N LYS L 544 -22.63 -96.68 61.34
CA LYS L 544 -23.61 -96.94 60.30
C LYS L 544 -24.92 -96.25 60.65
N GLN L 545 -25.83 -96.20 59.68
CA GLN L 545 -27.12 -95.57 59.90
C GLN L 545 -27.90 -96.31 60.97
N GLY L 546 -28.45 -95.55 61.92
CA GLY L 546 -29.21 -96.13 63.02
C GLY L 546 -28.39 -96.64 64.17
N SER L 547 -27.08 -96.40 64.16
CA SER L 547 -26.19 -96.93 65.23
C SER L 547 -26.40 -96.15 66.52
N GLU L 548 -26.41 -96.84 67.66
CA GLU L 548 -26.61 -96.21 68.95
C GLU L 548 -25.34 -95.49 69.39
N LYS L 549 -25.32 -95.05 70.64
CA LYS L 549 -24.21 -94.25 71.14
C LYS L 549 -23.22 -95.07 71.95
N THR L 550 -23.70 -96.01 72.77
CA THR L 550 -22.87 -96.71 73.75
C THR L 550 -22.79 -98.19 73.42
N ASN L 551 -21.55 -98.69 73.30
CA ASN L 551 -21.27 -100.13 73.24
C ASN L 551 -22.00 -100.83 72.10
N VAL L 552 -21.88 -100.26 70.90
CA VAL L 552 -22.42 -100.89 69.71
C VAL L 552 -21.42 -101.94 69.23
N ASP L 553 -21.93 -102.96 68.54
CA ASP L 553 -21.07 -104.04 68.07
C ASP L 553 -20.22 -103.58 66.90
N ILE L 554 -19.26 -104.42 66.52
CA ILE L 554 -18.36 -104.07 65.43
C ILE L 554 -19.11 -104.02 64.09
N GLU L 555 -20.15 -104.85 63.93
CA GLU L 555 -20.94 -104.81 62.71
C GLU L 555 -21.78 -103.55 62.58
N LYS L 556 -21.91 -102.78 63.66
CA LYS L 556 -22.64 -101.52 63.61
C LYS L 556 -21.78 -100.32 63.23
N VAL L 557 -20.47 -100.52 63.12
CA VAL L 557 -19.54 -99.43 62.81
C VAL L 557 -18.72 -99.79 61.59
N MET L 558 -18.19 -98.76 60.93
CA MET L 558 -17.32 -98.91 59.77
C MET L 558 -15.94 -98.37 60.13
N ILE L 559 -14.95 -99.24 60.16
CA ILE L 559 -13.60 -98.88 60.56
C ILE L 559 -12.80 -98.53 59.33
N THR L 560 -12.18 -97.35 59.34
CA THR L 560 -11.41 -96.89 58.19
C THR L 560 -10.05 -97.59 58.14
N ASP L 561 -9.42 -97.51 56.96
CA ASP L 561 -8.12 -98.16 56.76
C ASP L 561 -7.14 -97.13 56.20
N GLU L 562 -5.95 -97.08 56.77
CA GLU L 562 -4.88 -96.19 56.35
C GLU L 562 -3.71 -96.99 55.79
N GLU L 563 -4.01 -98.00 54.97
CA GLU L 563 -2.97 -98.85 54.41
C GLU L 563 -2.24 -98.21 53.24
N GLU L 564 -2.82 -97.17 52.62
CA GLU L 564 -2.17 -96.55 51.48
C GLU L 564 -0.91 -95.78 51.86
N ILE L 565 -0.70 -95.51 53.15
CA ILE L 565 0.44 -94.74 53.60
C ILE L 565 1.52 -95.63 54.23
N ARG L 566 1.38 -96.95 54.13
CA ARG L 566 2.40 -97.84 54.67
C ARG L 566 3.68 -97.82 53.85
N THR L 567 3.68 -97.16 52.69
CA THR L 567 4.90 -97.01 51.92
C THR L 567 5.92 -96.11 52.62
N THR L 568 5.44 -95.09 53.34
CA THR L 568 6.31 -94.16 54.03
C THR L 568 6.10 -94.10 55.53
N ASN L 569 4.96 -94.57 56.03
CA ASN L 569 4.65 -94.45 57.45
C ASN L 569 4.72 -95.81 58.12
N PRO L 570 5.24 -95.86 59.35
CA PRO L 570 5.31 -97.14 60.06
C PRO L 570 3.93 -97.67 60.39
N VAL L 571 3.83 -99.00 60.49
CA VAL L 571 2.59 -99.62 60.92
C VAL L 571 2.30 -99.22 62.37
N ALA L 572 1.03 -98.90 62.64
CA ALA L 572 0.66 -98.32 63.93
C ALA L 572 0.92 -99.28 65.07
N THR L 573 0.70 -100.58 64.85
CA THR L 573 0.77 -101.57 65.91
C THR L 573 2.15 -102.19 66.08
N GLU L 574 3.14 -101.75 65.29
CA GLU L 574 4.48 -102.32 65.34
C GLU L 574 5.47 -101.23 65.75
N GLN L 575 6.67 -101.68 66.08
CA GLN L 575 7.73 -100.76 66.47
C GLN L 575 8.25 -100.00 65.26
N TYR L 576 8.80 -98.81 65.52
CA TYR L 576 9.46 -98.05 64.46
C TYR L 576 10.69 -98.78 63.95
N GLY L 577 11.47 -99.36 64.86
CA GLY L 577 12.71 -100.02 64.47
C GLY L 577 13.47 -100.49 65.69
N SER L 578 14.78 -100.62 65.53
CA SER L 578 15.65 -101.06 66.60
C SER L 578 16.87 -100.16 66.69
N VAL L 579 17.34 -99.96 67.92
CA VAL L 579 18.54 -99.18 68.19
C VAL L 579 19.44 -100.00 69.11
N SER L 580 20.73 -99.68 69.07
CA SER L 580 21.68 -100.31 69.98
C SER L 580 21.53 -99.76 71.39
N THR L 581 21.75 -100.62 72.38
CA THR L 581 21.62 -100.23 73.78
C THR L 581 22.90 -100.40 74.59
N ASN L 582 23.94 -100.98 74.02
CA ASN L 582 25.19 -101.20 74.76
C ASN L 582 26.35 -101.05 73.78
N LEU L 583 27.54 -101.43 74.25
CA LEU L 583 28.75 -101.41 73.43
C LEU L 583 29.34 -102.82 73.41
N GLN L 584 29.25 -103.47 72.25
CA GLN L 584 29.82 -104.80 72.09
C GLN L 584 31.34 -104.73 72.19
N ARG L 585 31.90 -105.81 72.74
CA ARG L 585 33.36 -105.86 72.98
C ARG L 585 33.79 -107.32 73.11
N GLY L 586 34.95 -107.66 72.57
CA GLY L 586 35.51 -108.99 72.73
C GLY L 586 36.38 -109.10 73.96
N ASN L 587 36.98 -110.30 74.11
CA ASN L 587 37.79 -110.58 75.32
C ASN L 587 39.14 -109.88 75.24
N THR L 594 35.31 -108.92 80.25
CA THR L 594 34.76 -110.12 79.57
C THR L 594 34.15 -109.69 78.24
N SER L 595 33.59 -110.63 77.46
CA SER L 595 32.97 -110.14 76.23
C SER L 595 31.52 -109.74 76.47
N ARG L 596 31.06 -108.77 75.68
CA ARG L 596 29.67 -108.32 75.71
C ARG L 596 29.11 -108.36 74.30
N GLN L 597 27.99 -109.05 74.13
CA GLN L 597 27.36 -109.15 72.82
C GLN L 597 26.46 -107.95 72.57
N ALA L 598 26.35 -107.57 71.29
CA ALA L 598 25.55 -106.42 70.92
C ALA L 598 24.08 -106.65 71.25
N ALA L 599 23.45 -105.64 71.81
CA ALA L 599 22.05 -105.71 72.23
C ALA L 599 21.25 -104.61 71.54
N THR L 600 19.98 -104.91 71.26
CA THR L 600 19.08 -103.97 70.60
C THR L 600 17.76 -103.91 71.35
N ALA L 601 17.06 -102.80 71.18
CA ALA L 601 15.76 -102.59 71.79
C ALA L 601 14.79 -102.06 70.75
N ASP L 602 13.51 -102.40 70.92
CA ASP L 602 12.47 -101.88 70.06
C ASP L 602 12.21 -100.42 70.38
N VAL L 603 11.91 -99.64 69.34
CA VAL L 603 11.60 -98.23 69.48
C VAL L 603 10.09 -98.10 69.29
N ASN L 604 9.36 -98.16 70.40
CA ASN L 604 7.90 -98.08 70.35
C ASN L 604 7.40 -96.65 70.15
N THR L 605 8.22 -95.65 70.45
CA THR L 605 7.87 -94.26 70.19
C THR L 605 9.08 -93.57 69.57
N GLN L 606 8.85 -92.91 68.44
CA GLN L 606 9.92 -92.24 67.70
C GLN L 606 9.49 -90.82 67.36
N GLY L 607 10.27 -89.84 67.82
CA GLY L 607 10.05 -88.47 67.44
C GLY L 607 10.57 -88.19 66.04
N VAL L 608 10.36 -86.96 65.59
CA VAL L 608 10.77 -86.56 64.25
C VAL L 608 12.28 -86.45 64.20
N LEU L 609 12.89 -87.08 63.20
CA LEU L 609 14.31 -87.04 62.92
C LEU L 609 14.57 -86.30 61.61
N PRO L 610 15.74 -85.69 61.45
CA PRO L 610 16.08 -85.11 60.15
C PRO L 610 16.11 -86.18 59.07
N GLY L 611 15.60 -85.84 57.89
CA GLY L 611 15.46 -86.78 56.80
C GLY L 611 14.22 -87.63 56.83
N MET L 612 13.31 -87.39 57.77
CA MET L 612 12.07 -88.21 57.90
C MET L 612 11.00 -87.71 56.93
N VAL L 613 10.30 -88.60 56.25
CA VAL L 613 9.21 -88.31 55.33
C VAL L 613 8.00 -89.13 55.73
N TRP L 614 6.81 -88.55 55.60
CA TRP L 614 5.58 -89.21 56.02
C TRP L 614 4.41 -88.64 55.23
N GLN L 615 3.28 -89.35 55.30
CA GLN L 615 2.03 -88.92 54.71
C GLN L 615 1.03 -88.63 55.83
N ASP L 616 0.19 -87.63 55.62
CA ASP L 616 -0.82 -87.28 56.60
C ASP L 616 -1.99 -88.26 56.53
N ARG L 617 -2.89 -88.15 57.52
CA ARG L 617 -4.06 -89.01 57.55
C ARG L 617 -5.01 -88.65 56.40
N ASP L 618 -5.66 -89.68 55.85
CA ASP L 618 -6.58 -89.48 54.75
C ASP L 618 -7.85 -88.78 55.23
N VAL L 619 -8.51 -88.08 54.31
CA VAL L 619 -9.80 -87.49 54.56
C VAL L 619 -10.88 -88.38 53.93
N TYR L 620 -12.08 -88.31 54.49
CA TYR L 620 -13.17 -89.17 54.07
C TYR L 620 -14.40 -88.33 53.80
N LEU L 621 -15.34 -88.92 53.07
CA LEU L 621 -16.58 -88.21 52.76
C LEU L 621 -17.35 -87.86 54.03
N GLN L 622 -17.38 -88.77 54.99
CA GLN L 622 -17.99 -88.50 56.29
C GLN L 622 -17.04 -87.81 57.26
N GLY L 623 -15.79 -87.59 56.89
CA GLY L 623 -14.80 -87.05 57.78
C GLY L 623 -14.81 -85.54 57.85
N PRO L 624 -14.07 -84.98 58.81
CA PRO L 624 -13.97 -83.53 58.93
C PRO L 624 -13.12 -82.93 57.82
N ILE L 625 -13.37 -81.65 57.57
CA ILE L 625 -12.67 -80.90 56.53
C ILE L 625 -11.47 -80.15 57.09
N TRP L 626 -11.68 -79.42 58.18
CA TRP L 626 -10.64 -78.53 58.70
C TRP L 626 -10.65 -78.57 60.23
N ALA L 627 -9.67 -77.87 60.81
CA ALA L 627 -9.62 -77.64 62.24
C ALA L 627 -8.81 -76.38 62.48
N LYS L 628 -9.05 -75.75 63.63
CA LYS L 628 -8.33 -74.55 63.98
C LYS L 628 -7.01 -74.91 64.65
N ILE L 629 -5.90 -74.40 64.11
CA ILE L 629 -4.60 -74.60 64.75
C ILE L 629 -4.57 -73.83 66.06
N PRO L 630 -4.24 -74.48 67.18
CA PRO L 630 -4.23 -73.76 68.46
C PRO L 630 -3.25 -72.60 68.45
N HIS L 631 -3.64 -71.51 69.11
CA HIS L 631 -2.79 -70.32 69.19
C HIS L 631 -1.71 -70.58 70.22
N THR L 632 -0.58 -71.11 69.75
CA THR L 632 0.53 -71.48 70.61
C THR L 632 1.82 -70.93 70.01
N ASP L 633 2.85 -70.87 70.85
CA ASP L 633 4.16 -70.32 70.40
C ASP L 633 4.76 -71.25 69.35
N GLY L 634 4.64 -72.56 69.55
CA GLY L 634 5.22 -73.50 68.63
C GLY L 634 4.28 -74.64 68.31
N HIS L 635 4.43 -75.16 67.10
CA HIS L 635 3.72 -76.34 66.64
C HIS L 635 4.47 -76.91 65.45
N PHE L 636 4.42 -78.22 65.30
CA PHE L 636 5.11 -78.90 64.21
C PHE L 636 4.09 -79.59 63.33
N HIS L 637 4.13 -79.27 62.03
CA HIS L 637 3.25 -79.85 61.02
C HIS L 637 1.79 -79.78 61.49
N PRO L 638 1.17 -78.60 61.49
CA PRO L 638 -0.17 -78.42 62.06
C PRO L 638 -1.30 -78.94 61.17
N SER L 639 -1.13 -80.16 60.65
CA SER L 639 -2.23 -80.88 60.04
C SER L 639 -3.05 -81.57 61.12
N PRO L 640 -4.37 -81.41 61.13
CA PRO L 640 -5.18 -82.05 62.17
C PRO L 640 -5.00 -83.56 62.17
N LEU L 641 -4.92 -84.13 63.37
CA LEU L 641 -4.67 -85.57 63.48
C LEU L 641 -5.88 -86.39 63.05
N MET L 642 -7.09 -85.83 63.18
CA MET L 642 -8.29 -86.50 62.71
C MET L 642 -8.44 -86.44 61.19
N GLY L 643 -7.61 -85.66 60.51
CA GLY L 643 -7.65 -85.54 59.08
C GLY L 643 -8.23 -84.22 58.62
N GLY L 644 -7.62 -83.64 57.60
CA GLY L 644 -8.11 -82.39 57.05
C GLY L 644 -7.06 -81.31 56.89
N PHE L 645 -7.50 -80.06 56.87
CA PHE L 645 -6.63 -78.91 56.63
C PHE L 645 -6.50 -78.09 57.91
N GLY L 646 -5.27 -77.87 58.33
CA GLY L 646 -5.00 -77.02 59.47
C GLY L 646 -5.05 -75.55 59.11
N LEU L 647 -5.91 -74.78 59.78
CA LEU L 647 -6.13 -73.38 59.45
C LEU L 647 -5.88 -72.53 60.68
N LYS L 648 -4.99 -71.54 60.55
CA LYS L 648 -4.78 -70.58 61.62
C LYS L 648 -6.01 -69.70 61.81
N HIS L 649 -6.69 -69.37 60.71
CA HIS L 649 -7.95 -68.63 60.72
C HIS L 649 -8.98 -69.46 59.98
N PRO L 650 -9.60 -70.43 60.63
CA PRO L 650 -10.58 -71.29 59.97
C PRO L 650 -11.87 -70.54 59.71
N PRO L 651 -12.81 -71.15 58.99
CA PRO L 651 -14.13 -70.52 58.83
C PRO L 651 -14.74 -70.18 60.17
N PRO L 652 -15.18 -68.95 60.36
CA PRO L 652 -15.65 -68.52 61.68
C PRO L 652 -16.90 -69.25 62.12
N GLN L 653 -17.05 -69.39 63.44
CA GLN L 653 -18.27 -69.95 63.99
C GLN L 653 -19.44 -69.00 63.74
N ILE L 654 -20.57 -69.57 63.31
CA ILE L 654 -21.77 -68.82 63.04
C ILE L 654 -22.77 -69.15 64.14
N LEU L 655 -23.05 -68.16 64.99
CA LEU L 655 -23.91 -68.35 66.15
C LEU L 655 -25.29 -67.78 65.88
N ILE L 656 -26.33 -68.54 66.20
CA ILE L 656 -27.70 -68.16 65.95
C ILE L 656 -28.54 -68.52 67.17
N LYS L 657 -29.45 -67.63 67.56
CA LYS L 657 -30.36 -67.91 68.65
C LYS L 657 -31.63 -67.11 68.46
N ASN L 658 -32.71 -67.57 69.08
CA ASN L 658 -33.98 -66.87 69.05
C ASN L 658 -33.98 -65.77 70.10
N THR L 659 -34.45 -64.59 69.70
CA THR L 659 -34.54 -63.49 70.64
C THR L 659 -35.64 -63.79 71.66
N PRO L 660 -35.35 -63.73 72.96
CA PRO L 660 -36.38 -64.01 73.95
C PRO L 660 -37.49 -62.99 73.91
N VAL L 661 -38.73 -63.48 73.86
CA VAL L 661 -39.93 -62.64 73.85
C VAL L 661 -40.60 -62.80 75.21
N PRO L 662 -40.58 -61.79 76.08
CA PRO L 662 -41.20 -61.94 77.40
C PRO L 662 -42.70 -62.19 77.30
N ALA L 663 -43.21 -62.98 78.23
CA ALA L 663 -44.63 -63.24 78.34
C ALA L 663 -45.29 -62.06 79.03
N ASN L 664 -46.54 -62.22 79.47
CA ASN L 664 -47.29 -61.13 80.05
C ASN L 664 -46.64 -60.65 81.34
N PRO L 665 -46.22 -59.39 81.43
CA PRO L 665 -45.61 -58.89 82.66
C PRO L 665 -46.65 -58.46 83.68
N SER L 666 -46.16 -58.29 84.91
CA SER L 666 -47.03 -57.82 86.01
C SER L 666 -47.25 -56.31 85.85
N THR L 667 -48.44 -55.85 86.21
CA THR L 667 -48.75 -54.42 86.14
C THR L 667 -48.00 -53.61 87.19
N THR L 668 -47.42 -54.27 88.18
CA THR L 668 -46.58 -53.62 89.19
C THR L 668 -45.12 -53.90 88.86
N PHE L 669 -44.28 -52.89 89.03
CA PHE L 669 -42.87 -53.04 88.69
C PHE L 669 -42.20 -54.06 89.60
N SER L 670 -41.38 -54.91 89.00
CA SER L 670 -40.58 -55.89 89.72
C SER L 670 -39.16 -55.83 89.20
N ALA L 671 -38.18 -55.70 90.10
CA ALA L 671 -36.78 -55.65 89.70
C ALA L 671 -36.21 -57.02 89.37
N ALA L 672 -36.93 -58.09 89.66
CA ALA L 672 -36.46 -59.43 89.31
C ALA L 672 -36.41 -59.59 87.81
N LYS L 673 -35.37 -60.26 87.32
CA LYS L 673 -35.24 -60.49 85.89
C LYS L 673 -36.37 -61.39 85.40
N PHE L 674 -36.71 -61.20 84.13
CA PHE L 674 -37.84 -61.97 83.54
C PHE L 674 -37.53 -63.46 83.50
N ALA L 675 -38.47 -64.27 83.98
CA ALA L 675 -38.34 -65.72 83.94
C ALA L 675 -39.42 -66.41 83.11
N SER L 676 -40.44 -65.67 82.67
CA SER L 676 -41.51 -66.22 81.85
C SER L 676 -41.40 -65.66 80.45
N PHE L 677 -41.39 -66.55 79.45
CA PHE L 677 -41.24 -66.18 78.06
C PHE L 677 -42.24 -66.94 77.21
N ILE L 678 -42.51 -66.42 76.03
CA ILE L 678 -43.34 -67.11 75.05
C ILE L 678 -42.51 -68.21 74.40
N THR L 679 -43.01 -69.44 74.46
CA THR L 679 -42.31 -70.56 73.86
C THR L 679 -42.29 -70.40 72.35
N GLN L 680 -41.11 -70.51 71.75
CA GLN L 680 -41.01 -70.32 70.32
C GLN L 680 -39.73 -70.97 69.80
N TYR L 681 -39.75 -71.30 68.51
CA TYR L 681 -38.60 -71.82 67.80
C TYR L 681 -38.55 -71.14 66.44
N SER L 682 -37.51 -71.42 65.68
CA SER L 682 -37.35 -70.86 64.35
C SER L 682 -36.96 -71.94 63.36
N THR L 683 -37.33 -71.72 62.10
CA THR L 683 -36.95 -72.61 61.01
C THR L 683 -36.57 -71.75 59.81
N GLY L 684 -35.76 -72.32 58.94
CA GLY L 684 -35.29 -71.56 57.80
C GLY L 684 -34.41 -72.41 56.91
N GLN L 685 -33.75 -71.75 55.97
CA GLN L 685 -32.85 -72.40 55.03
C GLN L 685 -31.44 -71.85 55.20
N VAL L 686 -30.47 -72.72 55.01
CA VAL L 686 -29.06 -72.38 55.11
C VAL L 686 -28.36 -72.82 53.83
N SER L 687 -27.50 -71.95 53.29
CA SER L 687 -26.75 -72.23 52.07
C SER L 687 -25.26 -72.10 52.34
N VAL L 688 -24.50 -73.10 51.91
CA VAL L 688 -23.04 -73.09 52.01
C VAL L 688 -22.48 -73.38 50.62
N GLU L 689 -21.67 -72.47 50.10
CA GLU L 689 -21.01 -72.64 48.81
C GLU L 689 -19.51 -72.53 49.00
N ILE L 690 -18.79 -73.59 48.64
CA ILE L 690 -17.34 -73.64 48.80
C ILE L 690 -16.71 -73.86 47.43
N GLU L 691 -15.71 -73.05 47.11
CA GLU L 691 -14.89 -73.23 45.91
C GLU L 691 -13.63 -74.02 46.30
N TRP L 692 -13.37 -75.10 45.57
CA TRP L 692 -12.23 -75.95 45.81
C TRP L 692 -11.29 -75.89 44.62
N GLU L 693 -9.98 -75.89 44.89
CA GLU L 693 -8.97 -75.95 43.84
C GLU L 693 -8.49 -77.38 43.68
N LEU L 694 -8.33 -77.80 42.43
CA LEU L 694 -7.96 -79.17 42.11
C LEU L 694 -6.53 -79.23 41.60
N GLN L 695 -5.84 -80.30 41.96
CA GLN L 695 -4.50 -80.61 41.46
C GLN L 695 -4.64 -81.78 40.50
N LYS L 696 -4.61 -81.47 39.21
CA LYS L 696 -4.90 -82.50 38.21
C LYS L 696 -3.81 -83.56 38.16
N GLU L 697 -4.23 -84.81 38.01
CA GLU L 697 -3.29 -85.92 37.90
C GLU L 697 -2.53 -85.84 36.60
N ASN L 698 -1.22 -86.06 36.67
CA ASN L 698 -0.32 -86.00 35.52
C ASN L 698 0.57 -87.24 35.48
N SER L 699 -0.05 -88.41 35.66
CA SER L 699 0.70 -89.65 35.75
C SER L 699 1.11 -90.14 34.36
N LYS L 700 2.18 -90.95 34.32
CA LYS L 700 2.66 -91.55 33.04
C LYS L 700 2.71 -93.08 33.19
N ARG L 701 1.98 -93.65 34.16
CA ARG L 701 1.94 -95.09 34.27
C ARG L 701 1.17 -95.69 33.09
N TRP L 702 1.52 -96.92 32.76
CA TRP L 702 0.97 -97.58 31.57
C TRP L 702 -0.30 -98.35 31.89
N ASN L 703 -0.26 -99.21 32.90
CA ASN L 703 -1.40 -100.05 33.24
C ASN L 703 -2.46 -99.24 33.99
N PRO L 704 -3.74 -99.66 33.95
CA PRO L 704 -4.82 -98.91 34.61
C PRO L 704 -4.63 -98.76 36.12
N GLU L 705 -5.31 -97.78 36.74
CA GLU L 705 -5.13 -97.48 38.19
C GLU L 705 -6.30 -98.03 39.00
N ILE L 706 -6.20 -98.03 40.33
CA ILE L 706 -7.40 -98.38 41.14
C ILE L 706 -8.35 -97.19 41.17
N GLN L 707 -9.64 -97.40 40.89
CA GLN L 707 -10.62 -96.33 40.99
C GLN L 707 -11.76 -96.80 41.88
N TYR L 708 -12.38 -95.85 42.58
CA TYR L 708 -13.58 -96.17 43.33
C TYR L 708 -14.73 -96.39 42.37
N THR L 709 -15.54 -97.42 42.63
CA THR L 709 -16.61 -97.79 41.73
C THR L 709 -17.76 -98.39 42.54
N SER L 710 -18.94 -98.34 41.93
CA SER L 710 -20.10 -99.01 42.56
C SER L 710 -20.04 -100.48 42.16
N ASN L 711 -20.71 -101.37 42.89
CA ASN L 711 -20.60 -102.80 42.53
C ASN L 711 -21.74 -103.10 41.57
N TYR L 712 -21.45 -103.77 40.45
CA TYR L 712 -22.48 -104.01 39.41
C TYR L 712 -23.51 -105.03 39.87
N ASN L 713 -23.13 -105.98 40.73
CA ASN L 713 -24.08 -107.03 41.07
C ASN L 713 -25.36 -106.45 41.67
N LYS L 714 -26.45 -107.18 41.44
CA LYS L 714 -27.79 -106.75 41.94
C LYS L 714 -27.80 -106.73 43.46
N SER L 715 -28.63 -105.86 44.00
CA SER L 715 -28.78 -105.74 45.44
C SER L 715 -30.17 -105.25 45.76
N ILE L 716 -30.59 -105.47 47.00
CA ILE L 716 -31.90 -105.00 47.45
C ILE L 716 -31.95 -103.48 47.43
N ASN L 717 -30.87 -102.83 47.90
CA ASN L 717 -30.80 -101.39 47.96
C ASN L 717 -29.58 -100.90 47.18
N VAL L 718 -29.72 -99.72 46.57
CA VAL L 718 -28.60 -99.07 45.91
C VAL L 718 -27.78 -98.32 46.95
N ASP L 719 -26.47 -98.31 46.79
CA ASP L 719 -25.60 -97.64 47.74
C ASP L 719 -25.78 -96.13 47.67
N PHE L 720 -25.70 -95.48 48.84
CA PHE L 720 -25.81 -94.03 48.96
C PHE L 720 -27.15 -93.51 48.41
N THR L 721 -28.22 -94.25 48.68
CA THR L 721 -29.57 -93.85 48.35
C THR L 721 -30.45 -94.02 49.57
N VAL L 722 -31.74 -93.85 49.39
CA VAL L 722 -32.71 -94.05 50.46
C VAL L 722 -33.31 -95.44 50.33
N ASP L 723 -33.78 -95.99 51.45
CA ASP L 723 -34.42 -97.29 51.44
C ASP L 723 -35.93 -97.11 51.32
N THR L 724 -36.68 -98.18 51.55
CA THR L 724 -38.16 -98.12 51.43
C THR L 724 -38.72 -97.20 52.52
N ASN L 725 -37.93 -96.88 53.55
CA ASN L 725 -38.37 -95.94 54.60
C ASN L 725 -37.89 -94.52 54.25
N GLY L 726 -37.22 -94.38 53.11
CA GLY L 726 -36.69 -93.06 52.70
C GLY L 726 -35.55 -92.63 53.59
N VAL L 727 -34.91 -93.58 54.28
CA VAL L 727 -33.78 -93.26 55.20
C VAL L 727 -32.47 -93.29 54.41
N TYR L 728 -31.76 -92.15 54.36
CA TYR L 728 -30.49 -92.10 53.65
C TYR L 728 -29.40 -92.73 54.49
N SER L 729 -28.57 -93.54 53.85
CA SER L 729 -27.47 -94.20 54.54
C SER L 729 -26.21 -94.11 53.69
N GLU L 730 -25.06 -94.14 54.36
CA GLU L 730 -23.76 -94.18 53.71
C GLU L 730 -23.12 -95.53 53.99
N PRO L 731 -23.13 -96.47 53.05
CA PRO L 731 -22.76 -97.86 53.37
C PRO L 731 -21.32 -98.03 53.84
N ARG L 732 -20.37 -97.25 53.33
CA ARG L 732 -18.97 -97.44 53.70
C ARG L 732 -18.28 -96.09 53.67
N PRO L 733 -17.16 -95.95 54.40
CA PRO L 733 -16.34 -94.74 54.24
C PRO L 733 -15.56 -94.79 52.94
N ILE L 734 -15.51 -93.64 52.27
CA ILE L 734 -14.74 -93.50 51.04
C ILE L 734 -13.62 -92.51 51.31
N GLY L 735 -12.38 -92.96 51.10
CA GLY L 735 -11.22 -92.10 51.20
C GLY L 735 -11.01 -91.34 49.91
N THR L 736 -9.78 -90.87 49.71
CA THR L 736 -9.42 -90.15 48.51
C THR L 736 -8.23 -90.74 47.77
N ARG L 737 -7.56 -91.74 48.33
CA ARG L 737 -6.27 -92.19 47.82
C ARG L 737 -6.46 -93.41 46.92
N TYR L 738 -6.78 -93.14 45.66
CA TYR L 738 -6.96 -94.18 44.65
C TYR L 738 -5.98 -94.06 43.51
N LEU L 739 -5.70 -92.85 43.03
CA LEU L 739 -4.65 -92.66 42.04
C LEU L 739 -3.29 -92.86 42.71
N THR L 740 -2.27 -93.07 41.88
CA THR L 740 -0.93 -93.34 42.36
C THR L 740 0.06 -92.33 41.80
N ARG L 741 1.07 -92.05 42.62
CA ARG L 741 2.17 -91.15 42.18
C ARG L 741 3.47 -91.77 42.70
N ASN L 742 4.59 -91.60 42.00
CA ASN L 742 5.89 -92.09 42.46
C ASN L 742 6.38 -91.27 43.64
N LEU L 743 7.20 -91.89 44.48
CA LEU L 743 7.80 -91.20 45.61
C LEU L 743 8.78 -90.12 45.15
N ALA M 218 -20.34 35.11 76.80
CA ALA M 218 -20.08 33.75 76.29
C ALA M 218 -21.21 32.83 76.73
N ASP M 219 -21.66 32.98 77.97
CA ASP M 219 -22.66 32.05 78.53
C ASP M 219 -23.80 32.87 79.15
N GLY M 220 -23.81 34.18 78.88
CA GLY M 220 -24.95 34.99 79.37
C GLY M 220 -25.34 34.64 80.80
N VAL M 221 -26.64 34.62 81.10
CA VAL M 221 -27.09 34.37 82.48
C VAL M 221 -27.77 33.00 82.48
N GLY M 222 -27.23 32.07 83.23
CA GLY M 222 -27.78 30.75 83.37
C GLY M 222 -27.00 29.65 82.72
N ASN M 223 -25.91 29.97 82.03
CA ASN M 223 -25.04 28.97 81.41
C ASN M 223 -23.68 29.01 82.10
N SER M 224 -23.24 27.86 82.60
CA SER M 224 -21.97 27.79 83.30
C SER M 224 -20.81 27.95 82.32
N SER M 225 -19.80 28.71 82.74
CA SER M 225 -18.63 28.98 81.91
C SER M 225 -17.42 28.14 82.31
N GLY M 226 -17.60 27.16 83.19
CA GLY M 226 -16.50 26.30 83.58
C GLY M 226 -16.99 25.19 84.49
N ASN M 227 -16.08 24.28 84.78
CA ASN M 227 -16.36 23.12 85.62
C ASN M 227 -15.33 23.05 86.75
N TRP M 228 -15.64 22.26 87.76
CA TRP M 228 -14.76 22.07 88.90
C TRP M 228 -13.75 20.97 88.57
N HIS M 229 -12.49 21.36 88.48
CA HIS M 229 -11.40 20.40 88.17
C HIS M 229 -10.38 20.47 89.31
N CYS M 230 -10.51 19.59 90.30
CA CYS M 230 -9.53 19.54 91.41
C CYS M 230 -9.06 18.08 91.50
N ASP M 231 -7.82 17.81 91.07
CA ASP M 231 -7.33 16.41 91.04
C ASP M 231 -5.85 16.36 90.66
N SER M 232 -5.24 15.16 90.70
CA SER M 232 -3.87 15.08 90.22
C SER M 232 -3.69 13.79 89.43
N THR M 233 -2.89 13.86 88.37
CA THR M 233 -2.63 12.72 87.51
C THR M 233 -1.12 12.47 87.49
N TRP M 234 -0.72 11.25 87.83
CA TRP M 234 0.68 10.84 87.80
C TRP M 234 0.90 9.99 86.56
N MET M 235 1.77 10.48 85.66
CA MET M 235 2.06 9.73 84.40
C MET M 235 3.57 9.69 84.19
N GLY M 236 4.21 8.60 84.63
CA GLY M 236 5.64 8.45 84.45
C GLY M 236 6.42 9.50 85.22
N ASP M 237 7.21 10.28 84.49
CA ASP M 237 8.03 11.33 85.07
C ASP M 237 7.31 12.67 85.17
N ARG M 238 5.98 12.67 85.19
CA ARG M 238 5.21 13.90 85.30
C ARG M 238 4.09 13.71 86.30
N VAL M 239 3.74 14.78 87.00
CA VAL M 239 2.53 14.85 87.81
C VAL M 239 1.86 16.18 87.54
N THR M 240 0.59 16.14 87.16
CA THR M 240 -0.18 17.33 86.87
C THR M 240 -1.20 17.52 87.98
N THR M 241 -1.06 18.61 88.74
CA THR M 241 -1.96 18.93 89.84
C THR M 241 -2.89 20.06 89.40
N THR M 242 -4.19 19.86 89.61
CA THR M 242 -5.20 20.85 89.30
C THR M 242 -5.99 21.18 90.56
N SER M 243 -6.27 22.45 90.76
CA SER M 243 -6.98 22.91 91.96
C SER M 243 -8.04 23.91 91.56
N THR M 244 -9.21 23.83 92.20
CA THR M 244 -10.28 24.79 92.02
C THR M 244 -10.71 25.32 93.38
N ARG M 245 -10.92 26.63 93.47
CA ARG M 245 -11.34 27.28 94.70
C ARG M 245 -12.42 28.30 94.39
N THR M 246 -13.18 28.65 95.43
CA THR M 246 -14.19 29.71 95.32
C THR M 246 -13.63 30.95 96.00
N TRP M 247 -13.60 32.07 95.27
CA TRP M 247 -13.03 33.31 95.76
C TRP M 247 -14.10 34.38 95.90
N ALA M 248 -13.82 35.34 96.79
CA ALA M 248 -14.66 36.51 96.98
C ALA M 248 -13.80 37.75 96.85
N LEU M 249 -14.22 38.68 96.01
CA LEU M 249 -13.45 39.90 95.75
C LEU M 249 -14.28 41.12 96.14
N PRO M 250 -13.93 41.83 97.19
CA PRO M 250 -14.67 43.04 97.56
C PRO M 250 -14.20 44.23 96.72
N THR M 251 -14.74 45.40 97.04
CA THR M 251 -14.27 46.65 96.48
C THR M 251 -13.21 47.23 97.41
N TYR M 252 -12.02 47.48 96.87
CA TYR M 252 -10.89 47.91 97.67
C TYR M 252 -10.65 49.41 97.50
N ASN M 253 -10.43 50.09 98.62
CA ASN M 253 -10.13 51.52 98.67
C ASN M 253 -11.25 52.38 98.11
N ASN M 254 -12.45 51.82 97.96
CA ASN M 254 -13.58 52.50 97.34
C ASN M 254 -13.22 53.00 95.95
N HIS M 255 -12.64 52.10 95.15
CA HIS M 255 -12.25 52.35 93.76
C HIS M 255 -11.18 53.42 93.62
N LEU M 256 -10.34 53.61 94.63
CA LEU M 256 -9.38 54.70 94.62
C LEU M 256 -7.95 54.18 94.75
N TYR M 257 -7.00 55.00 94.29
CA TYR M 257 -5.58 54.70 94.53
C TYR M 257 -5.20 55.68 95.64
N LYS M 258 -4.60 55.20 96.72
CA LYS M 258 -4.23 55.99 97.88
C LYS M 258 -2.73 55.87 98.12
N GLN M 259 -2.06 57.01 98.24
CA GLN M 259 -0.66 57.02 98.62
C GLN M 259 -0.53 56.59 100.08
N ILE M 260 0.36 55.64 100.34
CA ILE M 260 0.59 55.12 101.68
C ILE M 260 2.05 55.31 102.04
N SER M 261 2.32 55.43 103.33
CA SER M 261 3.68 55.61 103.83
C SER M 261 3.72 55.18 105.28
N SER M 262 4.94 55.03 105.79
CA SER M 262 5.13 54.66 107.18
C SER M 262 4.61 55.76 108.10
N GLN M 263 4.17 55.34 109.27
CA GLN M 263 3.60 56.30 110.23
C GLN M 263 4.71 57.21 110.74
N SER M 264 4.35 58.45 111.06
CA SER M 264 5.35 59.35 111.70
C SER M 264 5.73 58.76 113.05
N GLY M 265 7.00 58.88 113.41
CA GLY M 265 7.53 58.33 114.64
C GLY M 265 8.09 56.93 114.52
N ALA M 266 7.93 56.29 113.37
CA ALA M 266 8.50 54.96 113.15
C ALA M 266 10.02 55.05 113.06
N SER M 267 10.68 53.93 113.35
CA SER M 267 12.13 53.88 113.24
C SER M 267 12.54 53.97 111.77
N ASN M 268 13.82 54.30 111.56
CA ASN M 268 14.31 54.43 110.19
C ASN M 268 14.26 53.10 109.45
N ASP M 269 14.46 51.98 110.15
CA ASP M 269 14.40 50.68 109.51
C ASP M 269 12.99 50.35 109.01
N ASN M 270 11.97 50.93 109.65
CA ASN M 270 10.58 50.63 109.31
C ASN M 270 9.96 51.68 108.40
N HIS M 271 10.72 52.66 107.92
CA HIS M 271 10.18 53.68 107.04
C HIS M 271 9.95 53.11 105.65
N TYR M 272 8.83 53.52 105.03
CA TYR M 272 8.51 53.07 103.68
C TYR M 272 7.58 54.07 103.02
N PHE M 273 7.50 53.98 101.70
CA PHE M 273 6.59 54.77 100.89
C PHE M 273 6.09 53.91 99.74
N GLY M 274 4.82 54.04 99.42
CA GLY M 274 4.25 53.23 98.37
C GLY M 274 2.84 53.68 98.03
N TYR M 275 2.15 52.83 97.29
CA TYR M 275 0.78 53.12 96.86
C TYR M 275 -0.10 51.90 97.06
N SER M 276 -1.34 52.15 97.45
CA SER M 276 -2.35 51.10 97.59
C SER M 276 -3.33 51.20 96.42
N THR M 277 -3.55 50.08 95.75
CA THR M 277 -4.39 50.06 94.57
C THR M 277 -5.75 49.44 94.89
N PRO M 278 -6.79 49.79 94.13
CA PRO M 278 -8.10 49.15 94.32
C PRO M 278 -8.19 47.75 93.74
N TRP M 279 -7.10 47.22 93.21
CA TRP M 279 -7.10 45.91 92.59
C TRP M 279 -6.75 44.83 93.61
N GLY M 280 -7.17 43.60 93.29
CA GLY M 280 -6.72 42.42 94.00
C GLY M 280 -5.86 41.56 93.09
N TYR M 281 -5.27 40.52 93.68
CA TYR M 281 -4.42 39.62 92.91
C TYR M 281 -4.63 38.20 93.38
N PHE M 282 -4.47 37.26 92.45
CA PHE M 282 -4.61 35.83 92.75
C PHE M 282 -3.24 35.24 93.02
N ASP M 283 -3.07 34.68 94.22
CA ASP M 283 -1.80 34.11 94.66
C ASP M 283 -1.96 32.62 94.84
N PHE M 284 -1.12 31.83 94.17
CA PHE M 284 -1.03 30.40 94.40
C PHE M 284 0.42 29.97 94.54
N ASN M 285 1.24 30.82 95.15
CA ASN M 285 2.67 30.55 95.33
C ASN M 285 2.95 29.81 96.64
N ARG M 286 2.22 28.72 96.86
CA ARG M 286 2.45 27.83 97.99
C ARG M 286 2.12 26.43 97.53
N PHE M 287 2.88 25.44 98.01
CA PHE M 287 2.70 24.05 97.49
C PHE M 287 1.35 23.46 97.90
N HIS M 288 0.82 23.86 99.05
CA HIS M 288 -0.47 23.31 99.56
C HIS M 288 -1.62 23.72 98.64
N CYS M 289 -1.41 24.74 97.78
CA CYS M 289 -2.46 25.21 96.84
C CYS M 289 -2.63 24.22 95.69
N HIS M 290 -1.66 23.32 95.50
CA HIS M 290 -1.71 22.37 94.39
C HIS M 290 -1.57 20.93 94.82
N PHE M 291 -0.85 20.65 95.90
CA PHE M 291 -0.61 19.28 96.36
C PHE M 291 -1.42 19.00 97.60
N SER M 292 -2.16 17.89 97.58
CA SER M 292 -2.75 17.36 98.80
C SER M 292 -1.65 16.73 99.66
N PRO M 293 -1.89 16.55 100.95
CA PRO M 293 -0.88 15.87 101.78
C PRO M 293 -0.52 14.48 101.28
N ARG M 294 -1.49 13.71 100.78
CA ARG M 294 -1.17 12.43 100.16
C ARG M 294 -0.34 12.62 98.90
N ASP M 295 -0.64 13.64 98.10
CA ASP M 295 0.16 13.96 96.93
C ASP M 295 1.60 14.33 97.33
N TRP M 296 1.74 15.12 98.39
CA TRP M 296 3.07 15.47 98.87
C TRP M 296 3.83 14.24 99.35
N GLN M 297 3.17 13.33 100.07
CA GLN M 297 3.84 12.13 100.52
C GLN M 297 4.25 11.24 99.36
N ARG M 298 3.39 11.15 98.33
CA ARG M 298 3.75 10.42 97.12
C ARG M 298 4.92 11.06 96.40
N LEU M 299 5.00 12.39 96.41
CA LEU M 299 6.09 13.07 95.73
C LEU M 299 7.42 12.89 96.47
N ILE M 300 7.42 13.08 97.79
CA ILE M 300 8.68 13.16 98.52
C ILE M 300 9.24 11.79 98.88
N ASN M 301 8.43 10.75 98.91
CA ASN M 301 8.90 9.42 99.27
C ASN M 301 9.43 8.62 98.09
N ASN M 302 9.31 9.14 96.86
CA ASN M 302 9.63 8.36 95.68
C ASN M 302 10.49 9.10 94.66
N ASN M 303 10.71 10.39 94.81
CA ASN M 303 11.41 11.19 93.81
C ASN M 303 12.62 11.86 94.42
N TRP M 304 13.70 11.92 93.64
CA TRP M 304 14.90 12.63 94.01
C TRP M 304 14.88 14.11 93.64
N GLY M 305 13.85 14.55 92.91
CA GLY M 305 13.75 15.94 92.54
C GLY M 305 12.47 16.22 91.77
N PHE M 306 12.13 17.49 91.69
CA PHE M 306 10.96 17.92 90.93
C PHE M 306 11.12 19.40 90.58
N ARG M 307 10.40 19.82 89.55
CA ARG M 307 10.41 21.20 89.11
C ARG M 307 9.15 21.47 88.31
N PRO M 308 8.63 22.70 88.34
CA PRO M 308 7.45 23.03 87.53
C PRO M 308 7.81 23.20 86.06
N LYS M 309 6.86 22.84 85.20
CA LYS M 309 7.03 22.87 83.76
C LYS M 309 6.13 23.88 83.07
N ARG M 310 4.83 23.83 83.33
CA ARG M 310 3.89 24.77 82.74
C ARG M 310 2.65 24.84 83.63
N LEU M 311 1.89 25.92 83.47
CA LEU M 311 0.67 26.10 84.25
C LEU M 311 -0.44 26.62 83.36
N ASN M 312 -1.68 26.36 83.80
CA ASN M 312 -2.89 26.86 83.10
C ASN M 312 -3.77 27.49 84.19
N PHE M 313 -4.36 28.66 83.93
CA PHE M 313 -5.13 29.43 84.88
C PHE M 313 -6.49 29.75 84.27
N LYS M 314 -7.52 29.67 85.11
CA LYS M 314 -8.88 29.98 84.62
C LYS M 314 -9.76 30.65 85.67
N LEU M 315 -10.48 31.70 85.27
CA LEU M 315 -11.52 32.32 86.09
C LEU M 315 -12.85 32.12 85.39
N PHE M 316 -13.87 31.68 86.13
CA PHE M 316 -15.13 31.33 85.52
C PHE M 316 -16.23 31.42 86.56
N ASN M 317 -17.48 31.30 86.09
CA ASN M 317 -18.67 31.37 86.93
C ASN M 317 -18.66 32.64 87.77
N ILE M 318 -18.39 33.75 87.12
CA ILE M 318 -18.24 35.04 87.80
C ILE M 318 -19.62 35.63 88.08
N GLN M 319 -19.87 35.95 89.35
CA GLN M 319 -21.12 36.55 89.78
C GLN M 319 -20.81 37.87 90.47
N VAL M 320 -21.46 38.94 90.03
CA VAL M 320 -21.33 40.24 90.66
C VAL M 320 -22.59 40.48 91.51
N LYS M 321 -22.40 40.70 92.79
CA LYS M 321 -23.48 40.89 93.73
C LYS M 321 -23.51 42.34 94.19
N GLU M 322 -24.69 42.96 94.12
CA GLU M 322 -24.89 44.32 94.60
C GLU M 322 -25.43 44.28 96.02
N VAL M 323 -24.78 45.02 96.92
CA VAL M 323 -25.13 45.07 98.33
C VAL M 323 -25.75 46.42 98.64
N THR M 324 -26.91 46.41 99.28
CA THR M 324 -27.59 47.61 99.71
C THR M 324 -27.93 47.50 101.19
N GLN M 325 -28.02 48.64 101.85
CA GLN M 325 -28.30 48.69 103.28
C GLN M 325 -29.33 49.79 103.53
N ASN M 326 -30.57 49.40 103.82
CA ASN M 326 -31.65 50.34 104.04
C ASN M 326 -32.28 50.05 105.39
N ASP M 327 -32.28 51.06 106.28
CA ASP M 327 -32.88 50.96 107.61
C ASP M 327 -32.31 49.78 108.39
N GLY M 328 -31.00 49.56 108.29
CA GLY M 328 -30.34 48.52 109.04
C GLY M 328 -30.45 47.13 108.47
N THR M 329 -30.96 46.97 107.26
CA THR M 329 -31.13 45.68 106.63
C THR M 329 -30.15 45.53 105.47
N THR M 330 -29.42 44.43 105.46
CA THR M 330 -28.47 44.13 104.39
C THR M 330 -29.13 43.22 103.37
N THR M 331 -29.30 43.73 102.15
CA THR M 331 -29.93 43.00 101.06
C THR M 331 -28.93 42.82 99.94
N ILE M 332 -28.77 41.57 99.48
CA ILE M 332 -27.84 41.23 98.42
C ILE M 332 -28.63 40.71 97.23
N ALA M 333 -28.38 41.29 96.06
CA ALA M 333 -29.05 40.91 94.83
C ALA M 333 -28.04 40.79 93.71
N ASN M 334 -28.39 40.01 92.70
CA ASN M 334 -27.51 39.84 91.55
C ASN M 334 -27.43 41.10 90.72
N ASN M 335 -26.26 41.32 90.11
CA ASN M 335 -26.04 42.37 89.14
C ASN M 335 -25.51 41.71 87.88
N LEU M 336 -26.40 41.40 86.94
CA LEU M 336 -26.02 40.63 85.76
C LEU M 336 -25.31 41.46 84.70
N THR M 337 -25.28 42.78 84.84
CA THR M 337 -24.65 43.64 83.84
C THR M 337 -23.31 44.20 84.28
N SER M 338 -22.91 44.00 85.53
CA SER M 338 -21.63 44.48 86.00
C SER M 338 -20.50 43.55 85.54
N THR M 339 -19.30 44.11 85.46
CA THR M 339 -18.12 43.40 84.98
C THR M 339 -17.04 43.36 86.06
N VAL M 340 -16.06 42.49 85.83
CA VAL M 340 -14.82 42.48 86.58
C VAL M 340 -13.66 42.54 85.59
N GLN M 341 -12.67 43.35 85.89
CA GLN M 341 -11.52 43.55 85.03
C GLN M 341 -10.39 42.62 85.46
N VAL M 342 -9.90 41.82 84.53
CA VAL M 342 -8.82 40.86 84.80
C VAL M 342 -7.73 41.04 83.75
N PHE M 343 -6.49 41.14 84.20
CA PHE M 343 -5.36 41.12 83.28
C PHE M 343 -4.16 40.51 83.98
N THR M 344 -3.27 39.92 83.17
CA THR M 344 -2.03 39.33 83.66
C THR M 344 -0.87 40.23 83.28
N ASP M 345 0.02 40.48 84.24
CA ASP M 345 1.20 41.31 84.01
C ASP M 345 2.30 40.46 83.38
N SER M 346 2.11 40.08 82.12
CA SER M 346 3.04 39.15 81.43
C SER M 346 4.32 39.86 81.00
N GLU M 347 4.32 41.19 80.95
CA GLU M 347 5.54 41.91 80.64
C GLU M 347 6.30 42.35 81.88
N TYR M 348 5.79 42.03 83.07
CA TYR M 348 6.46 42.34 84.33
C TYR M 348 6.76 43.82 84.46
N GLN M 349 5.78 44.65 84.12
CA GLN M 349 5.91 46.10 84.23
C GLN M 349 5.44 46.63 85.58
N LEU M 350 4.86 45.79 86.42
CA LEU M 350 4.40 46.17 87.75
C LEU M 350 5.32 45.58 88.82
N PRO M 351 5.40 46.22 89.98
CA PRO M 351 6.19 45.64 91.07
C PRO M 351 5.68 44.26 91.45
N TYR M 352 6.58 43.29 91.46
CA TYR M 352 6.23 41.90 91.71
C TYR M 352 6.15 41.67 93.21
N VAL M 353 4.93 41.61 93.74
CA VAL M 353 4.72 41.41 95.17
C VAL M 353 4.52 39.95 95.53
N LEU M 354 4.35 39.07 94.55
CA LEU M 354 4.39 37.64 94.82
C LEU M 354 5.80 37.22 95.19
N GLY M 355 5.90 36.15 95.97
CA GLY M 355 7.19 35.70 96.44
C GLY M 355 7.70 36.38 97.69
N SER M 356 6.86 37.16 98.38
CA SER M 356 7.21 37.76 99.66
C SER M 356 6.54 37.06 100.83
N ALA M 357 6.04 35.84 100.61
CA ALA M 357 5.40 35.02 101.65
C ALA M 357 4.21 35.74 102.28
N HIS M 358 3.33 36.26 101.42
CA HIS M 358 2.16 37.00 101.86
C HIS M 358 0.95 36.08 101.97
N GLN M 359 0.06 36.44 102.90
CA GLN M 359 -1.19 35.72 103.08
C GLN M 359 -2.16 36.06 101.95
N GLY M 360 -3.20 35.24 101.82
CA GLY M 360 -4.18 35.42 100.77
C GLY M 360 -4.10 34.43 99.63
N CYS M 361 -3.35 33.35 99.80
CA CYS M 361 -3.22 32.35 98.75
C CYS M 361 -4.48 31.51 98.64
N LEU M 362 -4.46 30.57 97.70
CA LEU M 362 -5.53 29.58 97.61
C LEU M 362 -5.47 28.68 98.83
N PRO M 363 -6.57 28.49 99.54
CA PRO M 363 -6.52 27.71 100.78
C PRO M 363 -6.14 26.28 100.49
N PRO M 364 -5.41 25.64 101.41
CA PRO M 364 -5.00 24.24 101.17
C PRO M 364 -6.15 23.28 101.02
N PHE M 365 -7.24 23.50 101.74
CA PHE M 365 -8.41 22.63 101.63
C PHE M 365 -9.31 23.09 100.50
N PRO M 366 -9.63 22.22 99.54
CA PRO M 366 -10.41 22.65 98.38
C PRO M 366 -11.79 23.18 98.70
N ALA M 367 -12.34 22.88 99.87
CA ALA M 367 -13.68 23.30 100.23
C ALA M 367 -13.73 24.69 100.86
N ASP M 368 -12.59 25.31 101.12
CA ASP M 368 -12.55 26.62 101.76
C ASP M 368 -12.71 27.74 100.75
N VAL M 369 -13.42 28.79 101.16
CA VAL M 369 -13.62 29.99 100.35
C VAL M 369 -12.71 31.08 100.89
N PHE M 370 -12.00 31.76 99.99
CA PHE M 370 -10.99 32.73 100.38
C PHE M 370 -11.25 34.09 99.75
N MET M 371 -10.82 35.13 100.46
CA MET M 371 -10.88 36.50 99.96
C MET M 371 -9.64 36.82 99.14
N VAL M 372 -9.84 37.57 98.06
CA VAL M 372 -8.74 37.97 97.18
C VAL M 372 -7.95 39.09 97.85
N PRO M 373 -6.65 38.92 98.05
CA PRO M 373 -5.88 39.97 98.75
C PRO M 373 -5.74 41.23 97.91
N GLN M 374 -5.64 42.36 98.61
CA GLN M 374 -5.51 43.65 97.95
C GLN M 374 -4.08 43.86 97.45
N TYR M 375 -3.94 44.35 96.23
CA TYR M 375 -2.63 44.59 95.64
C TYR M 375 -2.09 45.94 96.08
N GLY M 376 -0.80 45.95 96.41
CA GLY M 376 -0.12 47.18 96.78
C GLY M 376 1.37 46.99 96.63
N TYR M 377 2.06 48.10 96.41
CA TYR M 377 3.49 48.04 96.15
C TYR M 377 4.19 49.19 96.87
N LEU M 378 5.49 49.03 97.08
CA LEU M 378 6.34 50.04 97.67
C LEU M 378 7.35 50.54 96.64
N THR M 379 7.69 51.82 96.76
CA THR M 379 8.69 52.41 95.88
C THR M 379 9.76 53.08 96.74
N LEU M 380 10.66 53.82 96.11
CA LEU M 380 11.78 54.47 96.83
C LEU M 380 11.23 55.46 97.87
N ASN M 381 11.87 55.53 99.03
CA ASN M 381 11.44 56.47 100.08
C ASN M 381 12.65 57.09 100.77
N ASN M 382 12.59 58.38 101.09
CA ASN M 382 13.63 59.01 101.93
C ASN M 382 12.91 59.24 103.25
N GLY M 383 12.86 58.23 104.12
CA GLY M 383 12.06 58.36 105.34
C GLY M 383 10.61 58.05 105.00
N SER M 384 9.66 58.82 105.53
CA SER M 384 8.26 58.63 105.16
C SER M 384 7.90 59.32 103.86
N GLN M 385 8.80 60.13 103.30
CA GLN M 385 8.55 60.85 102.06
C GLN M 385 9.06 60.06 100.86
N ALA M 386 8.79 60.60 99.68
CA ALA M 386 9.23 60.01 98.43
C ALA M 386 10.36 60.84 97.82
N VAL M 387 11.00 60.27 96.80
CA VAL M 387 12.03 60.95 96.04
C VAL M 387 11.58 61.06 94.58
N GLY M 388 12.37 61.77 93.79
CA GLY M 388 12.01 61.97 92.39
C GLY M 388 12.04 60.69 91.58
N ARG M 389 12.82 59.71 92.03
CA ARG M 389 12.91 58.43 91.33
C ARG M 389 11.77 57.48 91.67
N SER M 390 10.94 57.80 92.66
CA SER M 390 9.82 56.94 93.01
C SER M 390 8.84 56.83 91.85
N SER M 391 8.35 55.62 91.63
CA SER M 391 7.48 55.31 90.49
C SER M 391 6.06 55.11 90.96
N PHE M 392 5.11 55.63 90.19
CA PHE M 392 3.68 55.43 90.41
C PHE M 392 3.12 54.63 89.25
N TYR M 393 2.27 53.65 89.56
CA TYR M 393 1.69 52.78 88.55
C TYR M 393 0.18 52.79 88.67
N CYS M 394 -0.50 53.11 87.58
CA CYS M 394 -1.94 52.99 87.47
C CYS M 394 -2.25 51.71 86.71
N LEU M 395 -2.96 50.79 87.38
CA LEU M 395 -3.27 49.50 86.79
C LEU M 395 -4.37 49.56 85.75
N GLU M 396 -5.12 50.66 85.68
CA GLU M 396 -6.07 50.88 84.60
C GLU M 396 -5.40 51.33 83.32
N TYR M 397 -4.08 51.56 83.35
CA TYR M 397 -3.30 51.97 82.15
C TYR M 397 -2.83 50.72 81.42
N PHE M 398 -3.22 49.55 81.89
CA PHE M 398 -2.98 48.26 81.26
C PHE M 398 -4.23 47.79 80.55
N PRO M 399 -4.08 47.10 79.41
CA PRO M 399 -5.25 46.47 78.78
C PRO M 399 -5.75 45.30 79.63
N SER M 400 -7.03 45.34 79.98
CA SER M 400 -7.64 44.32 80.81
C SER M 400 -8.89 43.78 80.13
N GLN M 401 -9.25 42.56 80.48
CA GLN M 401 -10.42 41.89 79.93
C GLN M 401 -11.59 42.06 80.88
N MET M 402 -12.72 42.53 80.34
CA MET M 402 -13.92 42.78 81.13
C MET M 402 -14.84 41.57 81.03
N LEU M 403 -15.27 41.06 82.18
CA LEU M 403 -16.02 39.81 82.25
C LEU M 403 -17.34 40.05 82.96
N ARG M 404 -18.45 39.81 82.25
CA ARG M 404 -19.77 39.79 82.86
C ARG M 404 -20.05 38.39 83.39
N THR M 405 -21.24 38.19 83.95
CA THR M 405 -21.65 36.82 84.35
C THR M 405 -21.85 36.03 83.06
N GLY M 406 -21.10 34.97 82.88
CA GLY M 406 -21.10 34.19 81.67
C GLY M 406 -19.82 34.27 80.86
N ASN M 407 -18.92 35.19 81.19
CA ASN M 407 -17.62 35.28 80.57
C ASN M 407 -16.57 34.60 81.46
N ASN M 408 -15.54 34.06 80.82
CA ASN M 408 -14.45 33.42 81.53
C ASN M 408 -13.12 33.97 81.05
N PHE M 409 -12.10 33.81 81.88
CA PHE M 409 -10.75 34.25 81.58
C PHE M 409 -9.81 33.05 81.68
N THR M 410 -8.80 33.02 80.81
CA THR M 410 -7.83 31.94 80.84
C THR M 410 -6.51 32.42 80.26
N PHE M 411 -5.43 31.80 80.71
CA PHE M 411 -4.12 32.04 80.12
C PHE M 411 -3.20 30.88 80.49
N SER M 412 -2.20 30.65 79.65
CA SER M 412 -1.24 29.58 79.85
C SER M 412 0.16 30.16 79.97
N TYR M 413 0.97 29.53 80.82
CA TYR M 413 2.32 29.99 81.09
C TYR M 413 3.26 28.79 81.09
N THR M 414 4.47 28.99 80.57
CA THR M 414 5.48 27.96 80.56
C THR M 414 6.64 28.39 81.45
N PHE M 415 6.99 27.55 82.42
CA PHE M 415 8.13 27.83 83.27
C PHE M 415 9.43 27.74 82.48
N GLU M 416 10.38 28.60 82.83
CA GLU M 416 11.71 28.48 82.27
C GLU M 416 12.42 27.27 82.86
N ASP M 417 13.52 26.89 82.22
CA ASP M 417 14.31 25.75 82.70
C ASP M 417 14.95 26.11 84.03
N VAL M 418 14.68 25.29 85.04
CA VAL M 418 15.22 25.51 86.38
C VAL M 418 15.76 24.18 86.92
N PRO M 419 16.72 24.22 87.83
CA PRO M 419 17.23 22.98 88.41
C PRO M 419 16.16 22.25 89.20
N PHE M 420 16.24 20.92 89.21
CA PHE M 420 15.37 20.13 90.06
C PHE M 420 15.65 20.45 91.52
N HIS M 421 14.59 20.57 92.31
CA HIS M 421 14.77 20.73 93.75
C HIS M 421 15.38 19.45 94.33
N SER M 422 16.37 19.65 95.20
CA SER M 422 17.06 18.50 95.84
C SER M 422 16.18 17.90 96.93
N SER M 423 15.22 17.06 96.54
CA SER M 423 14.34 16.40 97.50
C SER M 423 14.97 15.12 98.04
N TYR M 424 16.19 15.27 98.56
CA TYR M 424 16.94 14.16 99.12
C TYR M 424 17.88 14.70 100.19
N ALA M 425 18.31 13.81 101.08
CA ALA M 425 19.33 14.10 102.07
C ALA M 425 20.57 13.27 101.76
N HIS M 426 21.73 13.89 101.82
CA HIS M 426 22.97 13.17 101.54
C HIS M 426 23.24 12.14 102.62
N SER M 427 23.56 10.92 102.20
CA SER M 427 23.94 9.85 103.11
C SER M 427 25.44 9.84 103.41
N GLN M 428 26.19 10.79 102.85
CA GLN M 428 27.59 10.97 103.15
C GLN M 428 27.83 12.40 103.61
N SER M 429 28.83 12.58 104.47
CA SER M 429 29.25 13.89 104.90
C SER M 429 30.42 14.35 104.04
N LEU M 430 30.53 15.68 103.87
CA LEU M 430 31.59 16.22 103.02
C LEU M 430 32.97 15.97 103.59
N ASP M 431 33.08 15.72 104.90
CA ASP M 431 34.40 15.49 105.54
C ASP M 431 34.66 13.99 105.71
N ARG M 432 33.77 13.14 105.17
CA ARG M 432 33.89 11.69 105.28
C ARG M 432 33.70 11.03 103.92
N LEU M 433 34.37 11.57 102.90
CA LEU M 433 34.24 11.08 101.53
C LEU M 433 35.37 10.15 101.12
N MET M 434 36.24 9.78 102.05
CA MET M 434 37.42 9.00 101.74
C MET M 434 37.19 7.51 101.94
N ASN M 435 38.22 6.72 101.62
CA ASN M 435 38.23 5.29 101.91
C ASN M 435 38.90 5.08 103.25
N PRO M 436 38.18 4.61 104.28
CA PRO M 436 38.79 4.49 105.61
C PRO M 436 39.83 3.40 105.72
N LEU M 437 39.95 2.53 104.72
CA LEU M 437 40.87 1.39 104.78
C LEU M 437 42.26 1.72 104.26
N ILE M 438 42.39 2.71 103.39
CA ILE M 438 43.63 3.01 102.70
C ILE M 438 44.13 4.38 103.17
N ASP M 439 45.42 4.44 103.50
CA ASP M 439 46.03 5.71 103.84
C ASP M 439 46.21 6.58 102.60
N GLN M 440 46.32 7.89 102.83
CA GLN M 440 46.64 8.82 101.77
C GLN M 440 48.14 8.83 101.51
N TYR M 441 48.51 9.11 100.26
CA TYR M 441 49.91 9.28 99.93
C TYR M 441 50.42 10.68 100.23
N LEU M 442 49.52 11.63 100.49
CA LEU M 442 49.92 12.99 100.83
C LEU M 442 50.26 13.08 102.31
N TYR M 443 51.15 14.00 102.64
CA TYR M 443 51.61 14.22 103.99
C TYR M 443 51.04 15.53 104.54
N TYR M 444 50.86 15.57 105.85
CA TYR M 444 50.45 16.78 106.54
C TYR M 444 51.35 16.99 107.75
N LEU M 445 51.53 18.25 108.13
CA LEU M 445 52.32 18.58 109.31
C LEU M 445 51.60 18.09 110.55
N SER M 446 52.13 17.04 111.18
CA SER M 446 51.49 16.43 112.33
C SER M 446 52.10 16.86 113.65
N ARG M 447 53.40 17.14 113.64
CA ARG M 447 54.06 17.61 114.89
C ARG M 447 54.90 18.84 114.60
N THR M 448 55.02 19.71 115.60
CA THR M 448 55.82 20.92 115.47
C THR M 448 57.00 20.97 116.44
N ASN M 449 57.13 20.01 117.34
CA ASN M 449 58.28 19.95 118.24
C ASN M 449 58.50 18.51 118.67
N THR M 450 59.66 18.26 119.25
CA THR M 450 60.01 16.95 119.78
C THR M 450 60.65 17.11 121.16
N PRO M 451 60.55 16.10 122.06
CA PRO M 451 61.23 16.18 123.34
C PRO M 451 62.74 16.32 123.12
N SER M 452 63.34 17.36 123.68
CA SER M 452 64.81 17.53 123.59
C SER M 452 65.37 17.71 125.00
N GLY M 453 66.25 16.82 125.44
CA GLY M 453 66.74 16.89 126.83
C GLY M 453 65.58 16.78 127.80
N THR M 454 65.45 17.75 128.72
CA THR M 454 64.31 17.77 129.66
C THR M 454 63.38 18.92 129.26
N THR M 455 63.68 19.59 128.15
CA THR M 455 62.81 20.67 127.63
C THR M 455 62.21 20.22 126.30
N THR M 456 61.85 21.17 125.43
CA THR M 456 61.34 20.82 124.08
C THR M 456 62.15 21.54 123.01
N GLN M 457 62.21 20.98 121.81
CA GLN M 457 62.93 21.62 120.71
C GLN M 457 62.04 21.62 119.47
N SER M 458 62.07 22.74 118.74
CA SER M 458 61.25 22.85 117.53
C SER M 458 61.73 21.89 116.46
N ARG M 459 60.79 21.12 115.91
CA ARG M 459 61.11 20.12 114.89
C ARG M 459 59.85 19.77 114.14
N LEU M 460 59.84 19.98 112.83
CA LEU M 460 58.67 19.69 112.01
C LEU M 460 58.66 18.21 111.62
N GLN M 461 57.50 17.58 111.75
CA GLN M 461 57.30 16.20 111.33
C GLN M 461 56.00 16.10 110.54
N PHE M 462 55.95 15.11 109.64
CA PHE M 462 54.83 14.95 108.74
C PHE M 462 54.37 13.49 108.76
N SER M 463 53.06 13.31 108.59
CA SER M 463 52.46 11.98 108.61
C SER M 463 51.48 11.85 107.46
N GLN M 464 51.21 10.61 107.07
CA GLN M 464 50.18 10.31 106.10
C GLN M 464 48.88 10.03 106.85
N ALA M 465 47.79 10.65 106.40
CA ALA M 465 46.53 10.58 107.10
C ALA M 465 45.79 9.29 106.74
N GLY M 466 45.21 8.65 107.75
CA GLY M 466 44.39 7.47 107.59
C GLY M 466 43.10 7.62 108.35
N ALA M 467 42.62 6.49 108.90
CA ALA M 467 41.36 6.50 109.64
C ALA M 467 41.51 7.07 111.04
N SER M 468 42.65 6.81 111.70
CA SER M 468 42.83 7.24 113.08
C SER M 468 42.94 8.76 113.19
N ASP M 469 43.54 9.41 112.19
CA ASP M 469 43.65 10.86 112.15
C ASP M 469 42.87 11.39 110.96
N ILE M 470 41.64 10.89 110.80
CA ILE M 470 40.79 11.17 109.64
C ILE M 470 40.51 12.66 109.48
N ARG M 471 40.62 13.45 110.56
CA ARG M 471 40.34 14.87 110.46
C ARG M 471 41.42 15.63 109.70
N ASP M 472 42.61 15.05 109.54
CA ASP M 472 43.73 15.72 108.90
C ASP M 472 43.88 15.35 107.42
N GLN M 473 42.95 14.58 106.87
CA GLN M 473 43.08 14.13 105.49
C GLN M 473 42.95 15.29 104.52
N SER M 474 43.74 15.26 103.46
CA SER M 474 43.64 16.26 102.40
C SER M 474 42.34 16.06 101.64
N ARG M 475 41.64 17.17 101.37
CA ARG M 475 40.32 17.12 100.77
C ARG M 475 40.25 18.09 99.60
N ASN M 476 39.28 17.85 98.72
CA ASN M 476 39.13 18.62 97.50
C ASN M 476 38.05 19.69 97.59
N TRP M 477 37.20 19.66 98.60
CA TRP M 477 36.03 20.52 98.67
C TRP M 477 35.90 21.15 100.05
N LEU M 478 35.05 22.17 100.13
CA LEU M 478 34.81 22.94 101.34
C LEU M 478 33.31 23.07 101.58
N PRO M 479 32.91 23.22 102.84
CA PRO M 479 31.48 23.46 103.12
C PRO M 479 31.04 24.82 102.62
N GLY M 480 29.73 24.94 102.35
CA GLY M 480 29.16 26.12 101.76
C GLY M 480 29.29 27.36 102.62
N PRO M 481 28.86 28.50 102.08
CA PRO M 481 29.04 29.77 102.79
C PRO M 481 28.15 29.87 104.03
N CYS M 482 28.58 30.79 104.90
CA CYS M 482 27.95 30.93 106.22
C CYS M 482 27.67 32.39 106.56
N TYR M 483 26.61 32.65 107.33
CA TYR M 483 26.33 33.99 107.87
C TYR M 483 25.72 33.75 109.24
N ARG M 484 26.56 33.81 110.28
CA ARG M 484 26.23 33.21 111.56
C ARG M 484 24.95 33.80 112.17
N GLN M 485 24.14 32.93 112.75
CA GLN M 485 22.91 33.29 113.44
C GLN M 485 23.05 33.01 114.93
N GLN M 486 22.31 33.76 115.73
CA GLN M 486 22.27 33.48 117.16
C GLN M 486 21.47 32.21 117.44
N ARG M 487 21.90 31.47 118.44
CA ARG M 487 21.27 30.21 118.80
C ARG M 487 20.24 30.44 119.90
N VAL M 488 19.04 29.94 119.65
CA VAL M 488 17.92 30.01 120.63
C VAL M 488 17.46 28.58 120.88
N SER M 489 16.91 28.29 122.05
CA SER M 489 16.47 26.96 122.43
C SER M 489 14.95 26.93 122.55
N LYS M 490 14.37 25.79 122.16
CA LYS M 490 12.89 25.61 122.27
C LYS M 490 12.53 25.49 123.76
N THR M 491 13.45 25.02 124.59
CA THR M 491 13.24 25.00 126.07
C THR M 491 13.46 26.44 126.55
N SER M 492 12.41 27.10 127.05
CA SER M 492 12.52 28.54 127.41
C SER M 492 13.61 28.82 128.45
N ALA M 493 13.68 28.03 129.52
CA ALA M 493 14.63 28.32 130.59
C ALA M 493 16.06 28.39 130.08
N ASP M 494 16.35 27.70 128.97
CA ASP M 494 17.71 27.66 128.45
C ASP M 494 18.15 28.97 127.80
N ASN M 495 17.22 29.89 127.55
CA ASN M 495 17.52 31.14 126.86
C ASN M 495 17.89 32.22 127.86
N ASN M 496 18.63 33.22 127.36
CA ASN M 496 19.02 34.34 128.19
C ASN M 496 17.79 35.17 128.58
N ASN M 497 17.78 35.64 129.82
CA ASN M 497 16.65 36.43 130.35
C ASN M 497 16.86 37.89 129.98
N SER M 498 16.67 38.18 128.69
CA SER M 498 16.80 39.53 128.17
C SER M 498 16.06 39.61 126.84
N GLU M 499 15.90 40.85 126.36
CA GLU M 499 15.26 41.09 125.04
C GLU M 499 16.37 41.20 124.02
N TYR M 500 16.59 40.15 123.24
CA TYR M 500 17.66 40.11 122.26
C TYR M 500 17.17 39.74 120.86
N SER M 501 15.87 39.93 120.59
CA SER M 501 15.34 39.59 119.27
C SER M 501 15.87 40.51 118.18
N TRP M 502 16.40 41.68 118.53
CA TRP M 502 16.98 42.59 117.56
C TRP M 502 18.44 42.90 117.83
N THR M 503 18.83 43.06 119.10
CA THR M 503 20.23 43.33 119.41
C THR M 503 21.13 42.18 119.01
N GLY M 504 20.70 40.95 119.28
CA GLY M 504 21.42 39.76 118.89
C GLY M 504 21.04 39.21 117.53
N ALA M 505 20.20 39.92 116.78
CA ALA M 505 19.72 39.44 115.49
C ALA M 505 20.79 39.61 114.41
N THR M 506 20.71 38.75 113.40
CA THR M 506 21.57 38.83 112.24
C THR M 506 20.95 39.75 111.20
N LYS M 507 21.68 40.79 110.80
CA LYS M 507 21.13 41.87 109.99
C LYS M 507 22.05 42.18 108.82
N TYR M 508 21.46 42.76 107.78
CA TYR M 508 22.22 43.37 106.69
C TYR M 508 21.86 44.85 106.60
N HIS M 509 22.84 45.67 106.27
CA HIS M 509 22.72 47.12 106.25
C HIS M 509 22.59 47.58 104.81
N LEU M 510 21.54 48.34 104.51
CA LEU M 510 21.26 48.80 103.16
C LEU M 510 20.69 50.21 103.23
N ASN M 511 21.43 51.18 102.69
CA ASN M 511 21.00 52.57 102.62
C ASN M 511 20.67 53.12 104.01
N GLY M 512 21.48 52.76 105.00
CA GLY M 512 21.29 53.24 106.35
C GLY M 512 20.21 52.55 107.15
N ARG M 513 19.57 51.55 106.57
CA ARG M 513 18.52 50.81 107.34
C ARG M 513 18.91 49.35 107.55
N ASP M 514 18.73 48.83 108.75
CA ASP M 514 18.99 47.44 109.09
C ASP M 514 17.76 46.60 108.80
N SER M 515 17.93 45.53 108.04
CA SER M 515 16.88 44.57 107.76
C SER M 515 17.26 43.23 108.36
N LEU M 516 16.27 42.54 108.92
CA LEU M 516 16.51 41.22 109.49
C LEU M 516 16.87 40.24 108.38
N VAL M 517 17.88 39.42 108.63
CA VAL M 517 18.26 38.35 107.72
C VAL M 517 17.42 37.14 108.09
N ASN M 518 16.39 36.86 107.29
CA ASN M 518 15.42 35.84 107.61
C ASN M 518 14.85 35.24 106.33
N PRO M 519 15.10 33.96 106.05
CA PRO M 519 15.90 33.00 106.83
C PRO M 519 17.38 33.05 106.48
N GLY M 520 17.76 33.80 105.45
CA GLY M 520 19.15 33.96 105.08
C GLY M 520 19.70 32.78 104.30
N PRO M 521 21.03 32.71 104.21
CA PRO M 521 21.66 31.60 103.47
C PRO M 521 21.32 30.25 104.10
N ALA M 522 21.20 29.24 103.24
CA ALA M 522 20.82 27.91 103.69
C ALA M 522 21.91 27.31 104.57
N MET M 523 21.57 27.06 105.83
CA MET M 523 22.52 26.50 106.79
C MET M 523 21.78 25.51 107.68
N ALA M 524 22.53 24.56 108.22
CA ALA M 524 21.94 23.56 109.10
C ALA M 524 21.42 24.20 110.39
N SER M 525 20.23 23.77 110.81
CA SER M 525 19.64 24.32 112.02
C SER M 525 20.46 23.99 113.25
N HIS M 526 20.99 22.77 113.32
CA HIS M 526 21.71 22.33 114.50
C HIS M 526 22.61 21.15 114.12
N LYS M 527 23.55 20.85 115.00
CA LYS M 527 24.45 19.72 114.82
C LYS M 527 23.82 18.47 115.43
N ASP M 528 24.60 17.39 115.55
CA ASP M 528 24.08 16.15 116.09
C ASP M 528 23.60 16.31 117.52
N ASP M 529 22.45 15.72 117.81
CA ASP M 529 21.90 15.65 119.18
C ASP M 529 21.68 17.03 119.78
N GLU M 530 21.25 17.98 118.95
CA GLU M 530 20.94 19.33 119.42
C GLU M 530 19.66 19.82 118.76
N GLU M 531 18.65 18.96 118.66
CA GLU M 531 17.42 19.28 117.95
C GLU M 531 16.64 20.40 118.63
N LYS M 532 16.90 20.67 119.90
CA LYS M 532 16.20 21.75 120.60
C LYS M 532 16.69 23.13 120.19
N PHE M 533 17.82 23.22 119.51
CA PHE M 533 18.41 24.50 119.12
C PHE M 533 18.08 24.82 117.68
N PHE M 534 17.70 26.07 117.42
CA PHE M 534 17.45 26.56 116.08
C PHE M 534 17.98 27.97 115.96
N PRO M 535 18.37 28.38 114.75
CA PRO M 535 18.83 29.77 114.55
C PRO M 535 17.71 30.76 114.82
N GLN M 536 18.10 31.93 115.30
CA GLN M 536 17.13 32.92 115.75
C GLN M 536 16.22 33.38 114.60
N SER M 537 16.80 33.61 113.42
CA SER M 537 16.03 33.97 112.24
C SER M 537 16.53 33.20 111.03
N GLY M 538 16.94 31.96 111.23
CA GLY M 538 17.51 31.15 110.16
C GLY M 538 16.65 30.03 109.66
N VAL M 539 15.42 29.88 110.13
CA VAL M 539 14.51 28.84 109.68
C VAL M 539 13.14 29.44 109.41
N LEU M 540 12.38 28.79 108.54
CA LEU M 540 11.00 29.18 108.33
C LEU M 540 10.16 28.74 109.52
N ILE M 541 9.27 29.63 109.96
CA ILE M 541 8.37 29.36 111.08
C ILE M 541 6.95 29.51 110.57
N PHE M 542 6.21 28.42 110.57
CA PHE M 542 4.82 28.41 110.14
C PHE M 542 3.90 28.43 111.36
N GLY M 543 2.76 29.12 111.20
CA GLY M 543 1.78 29.19 112.27
C GLY M 543 0.82 28.01 112.23
N LYS M 544 0.49 27.51 113.41
CA LYS M 544 -0.54 26.49 113.53
C LYS M 544 -1.91 27.12 113.25
N GLN M 545 -2.91 26.26 113.08
CA GLN M 545 -4.25 26.75 112.79
C GLN M 545 -4.77 27.56 113.97
N GLY M 546 -5.33 28.73 113.67
CA GLY M 546 -5.86 29.61 114.68
C GLY M 546 -4.85 30.50 115.37
N SER M 547 -3.60 30.50 114.89
CA SER M 547 -2.53 31.28 115.54
C SER M 547 -2.72 32.77 115.26
N GLU M 548 -2.49 33.62 116.26
CA GLU M 548 -2.65 35.05 116.11
C GLU M 548 -1.47 35.64 115.34
N LYS M 549 -1.39 36.96 115.31
CA LYS M 549 -0.37 37.64 114.52
C LYS M 549 0.82 38.08 115.34
N THR M 550 0.59 38.57 116.56
CA THR M 550 1.64 39.21 117.36
C THR M 550 1.92 38.42 118.62
N ASN M 551 3.19 38.09 118.82
CA ASN M 551 3.71 37.55 120.08
C ASN M 551 2.97 36.28 120.50
N VAL M 552 2.87 35.33 119.58
CA VAL M 552 2.32 34.02 119.91
C VAL M 552 3.41 33.18 120.54
N ASP M 553 3.01 32.23 121.38
CA ASP M 553 3.97 31.39 122.07
C ASP M 553 4.60 30.38 121.11
N ILE M 554 5.64 29.70 121.59
CA ILE M 554 6.34 28.73 120.76
C ILE M 554 5.45 27.53 120.44
N GLU M 555 4.54 27.16 121.36
CA GLU M 555 3.64 26.06 121.10
C GLU M 555 2.59 26.39 120.04
N LYS M 556 2.45 27.66 119.67
CA LYS M 556 1.52 28.08 118.64
C LYS M 556 2.13 28.06 117.24
N VAL M 557 3.44 27.82 117.13
CA VAL M 557 4.13 27.85 115.85
C VAL M 557 4.87 26.53 115.65
N MET M 558 5.15 26.22 114.39
CA MET M 558 5.89 25.03 114.00
C MET M 558 7.18 25.47 113.33
N ILE M 559 8.31 25.16 113.97
CA ILE M 559 9.61 25.59 113.51
C ILE M 559 10.21 24.50 112.64
N THR M 560 10.63 24.86 111.42
CA THR M 560 11.18 23.89 110.50
C THR M 560 12.61 23.53 110.87
N ASP M 561 13.07 22.42 110.31
CA ASP M 561 14.45 21.95 110.60
C ASP M 561 15.18 21.71 109.29
N GLU M 562 16.40 22.20 109.18
CA GLU M 562 17.26 22.03 108.02
C GLU M 562 18.47 21.19 108.36
N GLU M 563 18.25 20.10 109.11
CA GLU M 563 19.35 19.25 109.53
C GLU M 563 19.83 18.31 108.43
N GLU M 564 19.02 18.09 107.38
CA GLU M 564 19.43 17.18 106.32
C GLU M 564 20.58 17.73 105.49
N ILE M 565 20.88 19.02 105.60
CA ILE M 565 21.93 19.64 104.80
C ILE M 565 23.20 19.89 105.61
N ARG M 566 23.27 19.37 106.85
CA ARG M 566 24.47 19.54 107.64
C ARG M 566 25.63 18.70 107.12
N THR M 567 25.40 17.82 106.15
CA THR M 567 26.49 17.07 105.53
C THR M 567 27.41 17.98 104.73
N THR M 568 26.86 19.02 104.08
CA THR M 568 27.64 19.94 103.27
C THR M 568 27.58 21.38 103.71
N ASN M 569 26.60 21.76 104.53
CA ASN M 569 26.42 23.15 104.92
C ASN M 569 26.79 23.34 106.38
N PRO M 570 27.45 24.45 106.72
CA PRO M 570 27.81 24.69 108.12
C PRO M 570 26.58 24.92 108.97
N VAL M 571 26.71 24.59 110.26
CA VAL M 571 25.65 24.85 111.21
C VAL M 571 25.45 26.35 111.35
N ALA M 572 24.19 26.78 111.37
CA ALA M 572 23.88 28.20 111.31
C ALA M 572 24.42 28.96 112.52
N THR M 573 24.39 28.34 113.68
CA THR M 573 24.74 29.01 114.93
C THR M 573 26.21 28.89 115.29
N GLU M 574 27.01 28.24 114.45
CA GLU M 574 28.42 28.04 114.74
C GLU M 574 29.27 28.72 113.66
N GLN M 575 30.56 28.82 113.95
CA GLN M 575 31.49 29.45 113.01
C GLN M 575 31.73 28.52 111.82
N TYR M 576 32.11 29.13 110.70
CA TYR M 576 32.51 28.34 109.54
C TYR M 576 33.78 27.56 109.83
N GLY M 577 34.74 28.18 110.50
CA GLY M 577 36.01 27.53 110.75
C GLY M 577 36.97 28.50 111.43
N SER M 578 38.27 28.23 111.25
CA SER M 578 39.31 29.05 111.83
C SER M 578 40.37 29.37 110.77
N VAL M 579 40.94 30.57 110.88
CA VAL M 579 42.02 31.02 110.02
C VAL M 579 43.13 31.58 110.88
N SER M 580 44.33 31.58 110.34
CA SER M 580 45.47 32.17 111.03
C SER M 580 45.39 33.70 110.98
N THR M 581 45.87 34.34 112.04
CA THR M 581 45.82 35.78 112.14
C THR M 581 47.18 36.43 112.31
N ASN M 582 48.25 35.66 112.48
CA ASN M 582 49.58 36.21 112.65
C ASN M 582 50.59 35.28 112.01
N LEU M 583 51.87 35.53 112.27
CA LEU M 583 52.97 34.71 111.77
C LEU M 583 53.77 34.19 112.96
N GLN M 584 53.67 32.90 113.22
CA GLN M 584 54.43 32.28 114.30
C GLN M 584 55.92 32.31 113.98
N ARG M 585 56.69 32.46 115.05
CA ARG M 585 58.17 32.58 114.89
C ARG M 585 58.84 32.21 116.21
N GLY M 586 59.98 31.53 116.13
CA GLY M 586 60.75 31.21 117.31
C GLY M 586 61.77 32.30 117.64
N ASN M 587 62.57 32.02 118.67
CA ASN M 587 63.54 33.03 119.17
C ASN M 587 64.75 33.11 118.23
N THR M 594 61.38 38.35 119.63
CA THR M 594 60.97 37.35 120.65
C THR M 594 60.15 36.25 119.95
N SER M 595 59.66 35.24 120.68
CA SER M 595 58.85 34.28 119.96
C SER M 595 57.39 34.71 119.94
N ARG M 596 56.69 34.30 118.89
CA ARG M 596 55.26 34.56 118.73
C ARG M 596 54.55 33.24 118.44
N GLN M 597 53.55 32.91 119.24
CA GLN M 597 52.81 31.67 119.05
C GLN M 597 51.70 31.87 118.03
N ALA M 598 51.39 30.80 117.30
CA ALA M 598 50.37 30.86 116.26
C ALA M 598 49.01 31.18 116.87
N ALA M 599 48.27 32.07 116.21
CA ALA M 599 46.97 32.52 116.67
C ALA M 599 45.94 32.27 115.59
N THR M 600 44.71 31.98 116.02
CA THR M 600 43.60 31.70 115.12
C THR M 600 42.39 32.50 115.55
N ALA M 601 41.49 32.73 114.60
CA ALA M 601 40.25 33.44 114.84
C ALA M 601 39.09 32.69 114.21
N ASP M 602 37.92 32.81 114.82
CA ASP M 602 36.71 32.21 114.27
C ASP M 602 36.25 33.01 113.05
N VAL M 603 35.72 32.30 112.07
CA VAL M 603 35.19 32.90 110.84
C VAL M 603 33.68 32.84 110.97
N ASN M 604 33.09 33.92 111.50
CA ASN M 604 31.65 33.98 111.69
C ASN M 604 30.90 34.28 110.40
N THR M 605 31.57 34.83 109.40
CA THR M 605 30.98 35.07 108.09
C THR M 605 31.97 34.64 107.03
N GLN M 606 31.52 33.81 106.10
CA GLN M 606 32.38 33.27 105.05
C GLN M 606 31.68 33.43 103.71
N GLY M 607 32.33 34.15 102.79
CA GLY M 607 31.85 34.24 101.43
C GLY M 607 32.16 32.99 100.64
N VAL M 608 31.70 32.98 99.40
CA VAL M 608 31.89 31.82 98.53
C VAL M 608 33.35 31.73 98.12
N LEU M 609 33.93 30.55 98.28
CA LEU M 609 35.29 30.24 97.88
C LEU M 609 35.27 29.21 96.74
N PRO M 610 36.31 29.21 95.90
CA PRO M 610 36.40 28.14 94.89
C PRO M 610 36.49 26.77 95.54
N GLY M 611 35.80 25.81 94.95
CA GLY M 611 35.71 24.48 95.51
C GLY M 611 34.63 24.29 96.56
N MET M 612 33.79 25.30 96.79
CA MET M 612 32.73 25.22 97.83
C MET M 612 31.49 24.53 97.26
N VAL M 613 30.87 23.64 98.03
CA VAL M 613 29.66 22.90 97.68
C VAL M 613 28.65 23.09 98.80
N TRP M 614 27.37 23.20 98.44
CA TRP M 614 26.33 23.46 99.42
C TRP M 614 25.00 22.96 98.87
N GLN M 615 24.03 22.86 99.76
CA GLN M 615 22.65 22.51 99.42
C GLN M 615 21.75 23.71 99.69
N ASP M 616 20.74 23.87 98.86
CA ASP M 616 19.80 24.97 99.03
C ASP M 616 18.80 24.66 100.14
N ARG M 617 18.01 25.65 100.51
CA ARG M 617 17.01 25.47 101.55
C ARG M 617 15.90 24.55 101.05
N ASP M 618 15.38 23.73 101.95
CA ASP M 618 14.31 22.80 101.60
C ASP M 618 13.00 23.55 101.34
N VAL M 619 12.14 22.94 100.53
CA VAL M 619 10.79 23.45 100.31
C VAL M 619 9.83 22.62 101.13
N TYR M 620 8.70 23.22 101.48
CA TYR M 620 7.72 22.62 102.36
C TYR M 620 6.34 22.69 101.72
N LEU M 621 5.43 21.86 102.23
CA LEU M 621 4.07 21.86 101.71
C LEU M 621 3.41 23.22 101.91
N GLN M 622 3.64 23.83 103.08
CA GLN M 622 3.14 25.17 103.35
C GLN M 622 4.05 26.26 102.83
N GLY M 623 5.21 25.91 102.26
CA GLY M 623 6.18 26.88 101.85
C GLY M 623 5.93 27.45 100.46
N PRO M 624 6.67 28.49 100.11
CA PRO M 624 6.54 29.08 98.78
C PRO M 624 7.16 28.19 97.71
N ILE M 625 6.68 28.38 96.48
CA ILE M 625 7.13 27.59 95.34
C ILE M 625 8.24 28.32 94.58
N TRP M 626 8.04 29.59 94.28
CA TRP M 626 8.95 30.32 93.41
C TRP M 626 9.14 31.74 93.93
N ALA M 627 10.04 32.47 93.27
CA ALA M 627 10.21 33.89 93.50
C ALA M 627 10.83 34.49 92.24
N LYS M 628 10.61 35.80 92.06
CA LYS M 628 11.17 36.49 90.90
C LYS M 628 12.60 36.93 91.20
N ILE M 629 13.52 36.53 90.35
CA ILE M 629 14.91 36.99 90.49
C ILE M 629 14.96 38.49 90.17
N PRO M 630 15.51 39.32 91.06
CA PRO M 630 15.55 40.76 90.78
C PRO M 630 16.32 41.07 89.52
N HIS M 631 15.84 42.06 88.78
CA HIS M 631 16.47 42.49 87.53
C HIS M 631 17.70 43.33 87.89
N THR M 632 18.84 42.65 88.03
CA THR M 632 20.08 43.28 88.42
C THR M 632 21.19 42.83 87.49
N ASP M 633 22.28 43.59 87.48
CA ASP M 633 23.42 43.27 86.58
C ASP M 633 24.05 41.95 87.01
N GLY M 634 24.17 41.71 88.31
CA GLY M 634 24.79 40.50 88.79
C GLY M 634 24.02 39.89 89.93
N HIS M 635 24.11 38.56 90.00
CA HIS M 635 23.56 37.78 91.11
C HIS M 635 24.27 36.44 91.12
N PHE M 636 24.41 35.86 92.31
CA PHE M 636 25.08 34.58 92.47
C PHE M 636 24.09 33.58 93.02
N HIS M 637 23.94 32.46 92.32
CA HIS M 637 23.05 31.36 92.71
C HIS M 637 21.67 31.90 93.07
N PRO M 638 20.87 32.32 92.09
CA PRO M 638 19.59 32.98 92.36
C PRO M 638 18.47 32.02 92.78
N SER M 639 18.77 31.14 93.72
CA SER M 639 17.74 30.38 94.41
C SER M 639 17.18 31.21 95.55
N PRO M 640 15.86 31.35 95.66
CA PRO M 640 15.28 32.17 96.73
C PRO M 640 15.71 31.66 98.10
N LEU M 641 16.02 32.60 98.99
CA LEU M 641 16.50 32.22 100.32
C LEU M 641 15.40 31.61 101.17
N MET M 642 14.14 31.99 100.93
CA MET M 642 13.02 31.39 101.63
C MET M 642 12.70 29.98 101.13
N GLY M 643 13.31 29.55 100.04
CA GLY M 643 13.09 28.23 99.49
C GLY M 643 12.26 28.28 98.22
N GLY M 644 12.65 27.45 97.26
CA GLY M 644 11.90 27.38 96.01
C GLY M 644 12.73 27.52 94.76
N PHE M 645 12.10 27.93 93.67
CA PHE M 645 12.73 28.03 92.36
C PHE M 645 12.87 29.50 91.98
N GLY M 646 14.10 29.91 91.65
CA GLY M 646 14.33 31.25 91.17
C GLY M 646 14.00 31.39 89.70
N LEU M 647 13.11 32.31 89.35
CA LEU M 647 12.62 32.47 87.99
C LEU M 647 12.88 33.90 87.53
N LYS M 648 13.57 34.05 86.40
CA LYS M 648 13.73 35.37 85.81
C LYS M 648 12.40 35.89 85.28
N HIS M 649 11.56 35.00 84.76
CA HIS M 649 10.21 35.32 84.31
C HIS M 649 9.25 34.39 85.05
N PRO M 650 8.87 34.74 86.28
CA PRO M 650 7.99 33.88 87.07
C PRO M 650 6.56 33.94 86.53
N PRO M 651 5.66 33.12 87.05
CA PRO M 651 4.25 33.24 86.66
C PRO M 651 3.75 34.64 86.88
N PRO M 652 3.13 35.25 85.88
CA PRO M 652 2.75 36.67 85.99
C PRO M 652 1.69 36.90 87.04
N GLN M 653 1.71 38.10 87.61
CA GLN M 653 0.67 38.51 88.53
C GLN M 653 -0.67 38.64 87.80
N ILE M 654 -1.72 38.11 88.41
CA ILE M 654 -3.06 38.17 87.85
C ILE M 654 -3.85 39.15 88.69
N LEU M 655 -4.20 40.29 88.10
CA LEU M 655 -4.88 41.37 88.80
C LEU M 655 -6.36 41.36 88.44
N ILE M 656 -7.22 41.47 89.45
CA ILE M 656 -8.65 41.44 89.28
C ILE M 656 -9.27 42.52 90.16
N LYS M 657 -10.27 43.21 89.62
CA LYS M 657 -11.00 44.21 90.39
C LYS M 657 -12.40 44.35 89.83
N ASN M 658 -13.31 44.85 90.67
CA ASN M 658 -14.68 45.10 90.25
C ASN M 658 -14.75 46.45 89.55
N THR M 659 -15.43 46.49 88.41
CA THR M 659 -15.60 47.74 87.70
C THR M 659 -16.52 48.66 88.50
N PRO M 660 -16.09 49.90 88.79
CA PRO M 660 -16.95 50.79 89.57
C PRO M 660 -18.22 51.15 88.81
N VAL M 661 -19.35 50.99 89.48
CA VAL M 661 -20.66 51.34 88.93
C VAL M 661 -21.15 52.59 89.64
N PRO M 662 -21.20 53.74 88.97
CA PRO M 662 -21.64 54.97 89.64
C PRO M 662 -23.08 54.87 90.12
N ALA M 663 -23.34 55.52 91.25
CA ALA M 663 -24.68 55.61 91.79
C ALA M 663 -25.45 56.70 91.04
N ASN M 664 -26.60 57.10 91.56
CA ASN M 664 -27.45 58.05 90.86
C ASN M 664 -26.74 59.39 90.70
N PRO M 665 -26.53 59.87 89.47
CA PRO M 665 -25.88 61.16 89.28
C PRO M 665 -26.86 62.32 89.40
N SER M 666 -26.27 63.51 89.52
CA SER M 666 -27.07 64.75 89.59
C SER M 666 -27.56 65.10 88.19
N THR M 667 -28.76 65.65 88.08
CA THR M 667 -29.30 66.06 86.80
C THR M 667 -28.58 67.27 86.24
N THR M 668 -27.80 67.98 87.04
CA THR M 668 -26.98 69.09 86.59
C THR M 668 -25.53 68.61 86.47
N PHE M 669 -24.85 69.07 85.42
CA PHE M 669 -23.49 68.63 85.18
C PHE M 669 -22.56 69.11 86.28
N SER M 670 -21.68 68.23 86.74
CA SER M 670 -20.66 68.55 87.72
C SER M 670 -19.32 67.99 87.24
N ALA M 671 -18.30 68.83 87.21
CA ALA M 671 -16.98 68.40 86.77
C ALA M 671 -16.23 67.62 87.82
N ALA M 672 -16.72 67.58 89.06
CA ALA M 672 -16.09 66.79 90.11
C ALA M 672 -16.18 65.31 89.78
N LYS M 673 -15.10 64.59 90.05
CA LYS M 673 -15.09 63.15 89.79
C LYS M 673 -16.10 62.45 90.70
N PHE M 674 -16.61 61.33 90.19
CA PHE M 674 -17.67 60.58 90.93
C PHE M 674 -17.12 60.04 92.25
N ALA M 675 -17.86 60.27 93.33
CA ALA M 675 -17.49 59.76 94.64
C ALA M 675 -18.53 58.82 95.23
N SER M 676 -19.70 58.67 94.60
CA SER M 676 -20.75 57.80 95.07
C SER M 676 -20.89 56.64 94.09
N PHE M 677 -20.84 55.41 94.61
CA PHE M 677 -20.91 54.21 93.79
C PHE M 677 -21.85 53.21 94.44
N ILE M 678 -22.33 52.28 93.63
CA ILE M 678 -23.15 51.18 94.12
C ILE M 678 -22.22 50.17 94.79
N THR M 679 -22.51 49.84 96.04
CA THR M 679 -21.70 48.87 96.77
C THR M 679 -21.88 47.50 96.15
N GLN M 680 -20.76 46.84 95.84
CA GLN M 680 -20.85 45.54 95.20
C GLN M 680 -19.55 44.77 95.40
N TYR M 681 -19.67 43.45 95.30
CA TYR M 681 -18.54 42.54 95.35
C TYR M 681 -18.74 41.48 94.28
N SER M 682 -17.75 40.62 94.11
CA SER M 682 -17.85 39.55 93.14
C SER M 682 -17.40 38.24 93.76
N THR M 683 -17.93 37.14 93.23
CA THR M 683 -17.54 35.80 93.65
C THR M 683 -17.44 34.94 92.41
N GLY M 684 -16.64 33.88 92.50
CA GLY M 684 -16.45 33.02 91.36
C GLY M 684 -15.54 31.87 91.71
N GLN M 685 -15.10 31.16 90.66
CA GLN M 685 -14.22 30.01 90.81
C GLN M 685 -12.91 30.27 90.09
N VAL M 686 -11.83 29.76 90.64
CA VAL M 686 -10.49 29.90 90.08
C VAL M 686 -9.87 28.51 89.97
N SER M 687 -9.24 28.24 88.83
CA SER M 687 -8.59 26.96 88.57
C SER M 687 -7.12 27.17 88.24
N VAL M 688 -6.25 26.41 88.90
CA VAL M 688 -4.82 26.42 88.63
C VAL M 688 -4.38 25.00 88.37
N GLU M 689 -3.79 24.76 87.20
CA GLU M 689 -3.26 23.45 86.83
C GLU M 689 -1.79 23.58 86.51
N ILE M 690 -0.94 22.86 87.24
CA ILE M 690 0.50 22.91 87.05
C ILE M 690 1.01 21.53 86.72
N GLU M 691 1.82 21.43 85.67
CA GLU M 691 2.52 20.21 85.32
C GLU M 691 3.91 20.24 85.92
N TRP M 692 4.27 19.19 86.65
CA TRP M 692 5.57 19.08 87.31
C TRP M 692 6.34 17.92 86.69
N GLU M 693 7.64 18.11 86.53
CA GLU M 693 8.53 17.06 86.06
C GLU M 693 9.22 16.41 87.26
N LEU M 694 9.32 15.09 87.23
CA LEU M 694 9.86 14.31 88.32
C LEU M 694 11.23 13.74 87.95
N GLN M 695 12.12 13.70 88.93
CA GLN M 695 13.42 13.06 88.80
C GLN M 695 13.36 11.77 89.62
N LYS M 696 13.20 10.65 88.93
CA LYS M 696 12.97 9.38 89.62
C LYS M 696 14.21 8.94 90.39
N GLU M 697 13.99 8.42 91.59
CA GLU M 697 15.08 7.90 92.41
C GLU M 697 15.67 6.65 91.78
N ASN M 698 17.00 6.57 91.77
CA ASN M 698 17.74 5.47 91.17
C ASN M 698 18.81 4.99 92.15
N SER M 699 18.41 4.80 93.40
CA SER M 699 19.36 4.43 94.45
C SER M 699 19.70 2.95 94.40
N LYS M 700 20.86 2.59 94.93
CA LYS M 700 21.30 1.16 95.00
C LYS M 700 21.61 0.81 96.46
N ARG M 701 21.11 1.57 97.42
CA ARG M 701 21.31 1.20 98.82
C ARG M 701 20.53 -0.06 99.15
N TRP M 702 21.04 -0.81 100.13
CA TRP M 702 20.47 -2.10 100.48
C TRP M 702 19.38 -1.99 101.54
N ASN M 703 19.68 -1.32 102.64
CA ASN M 703 18.74 -1.22 103.74
C ASN M 703 17.65 -0.19 103.44
N PRO M 704 16.45 -0.29 104.07
CA PRO M 704 15.35 0.62 103.77
C PRO M 704 15.68 2.10 104.06
N GLU M 705 14.93 3.03 103.48
CA GLU M 705 15.20 4.49 103.61
C GLU M 705 14.24 5.13 104.60
N ILE M 706 14.49 6.38 105.00
CA ILE M 706 13.45 7.08 105.80
C ILE M 706 12.33 7.57 104.89
N GLN M 707 11.07 7.30 105.24
CA GLN M 707 9.95 7.79 104.47
C GLN M 707 9.00 8.54 105.39
N TYR M 708 8.33 9.55 104.85
CA TYR M 708 7.28 10.21 105.61
C TYR M 708 6.08 9.28 105.73
N THR M 709 5.49 9.24 106.92
CA THR M 709 4.39 8.33 107.20
C THR M 709 3.46 8.94 108.23
N SER M 710 2.23 8.46 108.22
CA SER M 710 1.27 8.89 109.26
C SER M 710 1.52 8.03 110.50
N ASN M 711 1.11 8.47 111.68
CA ASN M 711 1.40 7.65 112.88
C ASN M 711 0.23 6.71 113.07
N TYR M 712 0.49 5.42 113.30
CA TYR M 712 -0.59 4.41 113.38
C TYR M 712 -1.38 4.58 114.69
N ASN M 713 -0.75 5.05 115.76
CA ASN M 713 -1.49 5.07 117.02
C ASN M 713 -2.76 5.89 116.91
N LYS M 714 -3.74 5.50 117.73
CA LYS M 714 -5.06 6.18 117.73
C LYS M 714 -4.91 7.62 118.19
N SER M 715 -5.82 8.46 117.71
CA SER M 715 -5.81 9.86 118.08
C SER M 715 -7.23 10.39 117.98
N ILE M 716 -7.46 11.53 118.67
CA ILE M 716 -8.77 12.17 118.61
C ILE M 716 -9.06 12.65 117.19
N ASN M 717 -8.08 13.24 116.54
CA ASN M 717 -8.22 13.77 115.19
C ASN M 717 -7.20 13.13 114.26
N VAL M 718 -7.59 12.95 113.01
CA VAL M 718 -6.68 12.48 111.98
C VAL M 718 -5.88 13.67 111.45
N ASP M 719 -4.61 13.44 111.14
CA ASP M 719 -3.77 14.52 110.65
C ASP M 719 -4.21 14.95 109.26
N PHE M 720 -4.11 16.26 109.00
CA PHE M 720 -4.44 16.86 107.70
C PHE M 720 -5.89 16.58 107.31
N THR M 721 -6.79 16.64 108.29
CA THR M 721 -8.22 16.54 108.06
C THR M 721 -8.91 17.68 108.79
N VAL M 722 -10.24 17.63 108.81
CA VAL M 722 -11.03 18.63 109.51
C VAL M 722 -11.41 18.07 110.88
N ASP M 723 -11.64 18.98 111.83
CA ASP M 723 -12.06 18.58 113.17
C ASP M 723 -13.59 18.60 113.24
N THR M 724 -14.12 18.52 114.45
CA THR M 724 -15.60 18.49 114.63
C THR M 724 -16.18 19.85 114.23
N ASN M 725 -15.34 20.88 114.11
CA ASN M 725 -15.81 22.21 113.64
C ASN M 725 -15.61 22.31 112.13
N GLY M 726 -15.10 21.24 111.50
CA GLY M 726 -14.84 21.27 110.05
C GLY M 726 -13.69 22.19 109.70
N VAL M 727 -12.83 22.49 110.68
CA VAL M 727 -11.69 23.41 110.46
C VAL M 727 -10.49 22.59 109.98
N TYR M 728 -9.98 22.87 108.78
CA TYR M 728 -8.82 22.15 108.26
C TYR M 728 -7.55 22.68 108.91
N SER M 729 -6.67 21.78 109.30
CA SER M 729 -5.41 22.15 109.92
C SER M 729 -4.29 21.31 109.33
N GLU M 730 -3.08 21.87 109.36
CA GLU M 730 -1.87 21.17 108.93
C GLU M 730 -0.99 20.97 110.16
N PRO M 731 -0.96 19.77 110.74
CA PRO M 731 -0.33 19.61 112.06
C PRO M 731 1.16 19.92 112.09
N ARG M 732 1.91 19.65 111.03
CA ARG M 732 3.35 19.86 111.05
C ARG M 732 3.81 20.24 109.66
N PRO M 733 4.96 20.90 109.53
CA PRO M 733 5.55 21.12 108.21
C PRO M 733 6.18 19.84 107.69
N ILE M 734 5.96 19.57 106.41
CA ILE M 734 6.56 18.42 105.74
C ILE M 734 7.54 18.94 104.70
N GLY M 735 8.79 18.53 104.81
CA GLY M 735 9.80 18.84 103.81
C GLY M 735 9.74 17.86 102.67
N THR M 736 10.84 17.78 101.93
CA THR M 736 10.94 16.85 100.82
C THR M 736 12.12 15.90 100.91
N ARG M 737 13.01 16.05 101.89
CA ARG M 737 14.29 15.36 101.90
C ARG M 737 14.20 14.13 102.80
N TYR M 738 13.70 13.05 102.22
CA TYR M 738 13.59 11.76 102.90
C TYR M 738 14.41 10.67 102.25
N LEU M 739 14.42 10.60 100.92
CA LEU M 739 15.31 9.67 100.24
C LEU M 739 16.75 10.16 100.37
N THR M 740 17.69 9.26 100.11
CA THR M 740 19.11 9.56 100.26
C THR M 740 19.84 9.31 98.95
N ARG M 741 20.88 10.12 98.74
CA ARG M 741 21.77 9.94 97.57
C ARG M 741 23.21 10.17 98.06
N ASN M 742 24.20 9.50 97.47
CA ASN M 742 25.60 9.70 97.82
C ASN M 742 26.07 11.07 97.32
N LEU M 743 27.07 11.60 98.02
CA LEU M 743 27.68 12.87 97.61
C LEU M 743 28.41 12.74 96.27
N ALA N 218 -17.19 85.01 -4.88
CA ALA N 218 -16.77 84.07 -3.82
C ALA N 218 -17.68 84.24 -2.61
N ASP N 219 -18.01 85.48 -2.29
CA ASP N 219 -18.78 85.76 -1.05
C ASP N 219 -19.96 86.67 -1.41
N GLY N 220 -20.22 86.85 -2.70
CA GLY N 220 -21.41 87.63 -3.09
C GLY N 220 -21.57 88.88 -2.24
N VAL N 221 -22.82 89.22 -1.88
CA VAL N 221 -23.06 90.47 -1.13
C VAL N 221 -23.50 90.07 0.26
N GLY N 222 -22.73 90.44 1.27
CA GLY N 222 -23.04 90.17 2.65
C GLY N 222 -22.16 89.14 3.32
N ASN N 223 -21.23 88.54 2.60
CA ASN N 223 -20.28 87.60 3.17
C ASN N 223 -18.88 88.19 3.09
N SER N 224 -18.20 88.26 4.23
CA SER N 224 -16.86 88.83 4.27
C SER N 224 -15.87 87.91 3.60
N SER N 225 -14.96 88.49 2.82
CA SER N 225 -13.95 87.74 2.09
C SER N 225 -12.58 87.78 2.76
N GLY N 226 -12.50 88.29 3.99
CA GLY N 226 -11.23 88.32 4.69
C GLY N 226 -11.43 88.85 6.11
N ASN N 227 -10.36 88.77 6.87
CA ASN N 227 -10.35 89.21 8.27
C ASN N 227 -9.20 90.19 8.48
N TRP N 228 -9.27 90.91 9.60
CA TRP N 228 -8.24 91.88 9.96
C TRP N 228 -7.11 91.16 10.68
N HIS N 229 -5.95 91.13 10.05
CA HIS N 229 -4.75 90.47 10.65
C HIS N 229 -3.65 91.52 10.74
N CYS N 230 -3.52 92.16 11.89
CA CYS N 230 -2.42 93.15 12.10
C CYS N 230 -1.71 92.73 13.38
N ASP N 231 -0.50 92.18 13.27
CA ASP N 231 0.21 91.66 14.48
C ASP N 231 1.62 91.21 14.13
N SER N 232 2.42 90.83 15.13
CA SER N 232 3.72 90.27 14.80
C SER N 232 4.02 89.10 15.73
N THR N 233 4.67 88.07 15.18
CA THR N 233 5.03 86.88 15.92
C THR N 233 6.54 86.71 15.86
N TRP N 234 7.18 86.60 17.01
CA TRP N 234 8.61 86.36 17.12
C TRP N 234 8.83 84.90 17.48
N MET N 235 9.51 84.17 16.59
CA MET N 235 9.76 82.73 16.82
C MET N 235 11.24 82.44 16.52
N GLY N 236 12.09 82.47 17.54
CA GLY N 236 13.50 82.16 17.35
C GLY N 236 14.17 83.19 16.47
N ASP N 237 14.73 82.72 15.36
CA ASP N 237 15.44 83.57 14.41
C ASP N 237 14.52 84.14 13.33
N ARG N 238 13.22 84.22 13.58
CA ARG N 238 12.27 84.77 12.63
C ARG N 238 11.31 85.71 13.33
N VAL N 239 10.88 86.75 12.61
CA VAL N 239 9.78 87.59 13.04
C VAL N 239 8.86 87.80 11.85
N THR N 240 7.58 87.49 12.00
CA THR N 240 6.60 87.65 10.96
C THR N 240 5.70 88.83 11.32
N THR N 241 5.73 89.88 10.52
CA THR N 241 4.92 91.07 10.72
C THR N 241 3.78 91.08 9.72
N THR N 242 2.56 91.27 10.22
CA THR N 242 1.37 91.36 9.39
C THR N 242 0.68 92.69 9.63
N SER N 243 0.22 93.32 8.56
CA SER N 243 -0.42 94.63 8.65
C SER N 243 -1.68 94.64 7.79
N THR N 244 -2.72 95.28 8.29
CA THR N 244 -3.95 95.48 7.54
C THR N 244 -4.31 96.96 7.56
N ARG N 245 -4.72 97.48 6.40
CA ARG N 245 -5.09 98.87 6.26
C ARG N 245 -6.37 98.97 5.42
N THR N 246 -7.06 100.10 5.57
CA THR N 246 -8.21 100.40 4.74
C THR N 246 -7.81 101.42 3.69
N TRP N 247 -8.04 101.09 2.42
CA TRP N 247 -7.63 101.93 1.30
C TRP N 247 -8.84 102.47 0.56
N ALA N 248 -8.63 103.60 -0.11
CA ALA N 248 -9.62 104.21 -0.98
C ALA N 248 -8.99 104.45 -2.35
N LEU N 249 -9.65 103.98 -3.39
CA LEU N 249 -9.13 104.10 -4.75
C LEU N 249 -10.10 104.90 -5.61
N PRO N 250 -9.76 106.10 -6.01
CA PRO N 250 -10.64 106.89 -6.89
C PRO N 250 -10.45 106.47 -8.34
N THR N 251 -11.16 107.17 -9.22
CA THR N 251 -10.96 107.03 -10.66
C THR N 251 -9.91 108.04 -11.11
N TYR N 252 -8.85 107.55 -11.73
CA TYR N 252 -7.72 108.39 -12.10
C TYR N 252 -7.76 108.70 -13.59
N ASN N 253 -7.52 109.97 -13.92
CA ASN N 253 -7.46 110.47 -15.29
C ASN N 253 -8.76 110.28 -16.06
N ASN N 254 -9.87 110.02 -15.34
CA ASN N 254 -11.15 109.72 -15.96
C ASN N 254 -11.03 108.55 -16.93
N HIS N 255 -10.40 107.47 -16.45
CA HIS N 255 -10.22 106.22 -17.19
C HIS N 255 -9.36 106.38 -18.44
N LEU N 256 -8.45 107.34 -18.47
CA LEU N 256 -7.68 107.65 -19.66
C LEU N 256 -6.19 107.53 -19.41
N TYR N 257 -5.45 107.31 -20.50
CA TYR N 257 -3.98 107.36 -20.42
C TYR N 257 -3.64 108.71 -21.05
N LYS N 258 -2.86 109.54 -20.40
CA LYS N 258 -2.50 110.87 -20.83
C LYS N 258 -0.98 110.98 -20.93
N GLN N 259 -0.50 111.44 -22.08
CA GLN N 259 0.92 111.73 -22.24
C GLN N 259 1.27 112.96 -21.41
N ILE N 260 2.34 112.84 -20.61
CA ILE N 260 2.78 113.93 -19.76
C ILE N 260 4.23 114.25 -20.11
N SER N 261 4.62 115.50 -19.86
CA SER N 261 5.97 115.96 -20.14
C SER N 261 6.25 117.18 -19.30
N SER N 262 7.53 117.55 -19.23
CA SER N 262 7.92 118.73 -18.49
C SER N 262 7.34 119.98 -19.13
N GLN N 263 7.11 120.98 -18.28
CA GLN N 263 6.49 122.23 -18.78
C GLN N 263 7.49 122.95 -19.66
N SER N 264 6.97 123.67 -20.66
CA SER N 264 7.87 124.50 -21.49
C SER N 264 8.49 125.58 -20.59
N GLY N 265 9.76 125.90 -20.83
CA GLY N 265 10.50 126.85 -20.03
C GLY N 265 11.26 126.24 -18.87
N ALA N 266 11.09 124.95 -18.61
CA ALA N 266 11.84 124.29 -17.56
C ALA N 266 13.31 124.16 -17.95
N SER N 267 14.16 124.03 -16.95
CA SER N 267 15.58 123.83 -17.21
C SER N 267 15.81 122.45 -17.82
N ASN N 268 16.98 122.29 -18.44
CA ASN N 268 17.31 121.02 -19.08
C ASN N 268 17.38 119.88 -18.07
N ASP N 269 17.84 120.18 -16.85
CA ASP N 269 17.92 119.14 -15.82
C ASP N 269 16.54 118.64 -15.40
N ASN N 270 15.52 119.48 -15.55
CA ASN N 270 14.17 119.14 -15.12
C ASN N 270 13.28 118.65 -16.25
N HIS N 271 13.82 118.49 -17.46
CA HIS N 271 13.03 118.02 -18.57
C HIS N 271 12.73 116.53 -18.44
N TYR N 272 11.50 116.13 -18.80
CA TYR N 272 11.12 114.74 -18.74
C TYR N 272 9.96 114.49 -19.70
N PHE N 273 9.76 113.21 -20.01
CA PHE N 273 8.65 112.76 -20.83
C PHE N 273 8.17 111.43 -20.28
N GLY N 274 6.86 111.22 -20.26
CA GLY N 274 6.32 109.99 -19.73
C GLY N 274 4.83 109.90 -19.98
N TYR N 275 4.21 108.95 -19.29
CA TYR N 275 2.77 108.72 -19.44
C TYR N 275 2.14 108.56 -18.07
N SER N 276 0.92 109.06 -17.93
CA SER N 276 0.11 108.92 -16.74
C SER N 276 -0.98 107.89 -17.00
N THR N 277 -1.09 106.90 -16.13
CA THR N 277 -2.05 105.83 -16.32
C THR N 277 -3.24 105.99 -15.38
N PRO N 278 -4.41 105.45 -15.74
CA PRO N 278 -5.56 105.48 -14.84
C PRO N 278 -5.48 104.48 -13.69
N TRP N 279 -4.39 103.75 -13.57
CA TRP N 279 -4.24 102.74 -12.53
C TRP N 279 -3.61 103.33 -11.29
N GLY N 280 -3.84 102.66 -10.16
CA GLY N 280 -3.14 102.91 -8.93
C GLY N 280 -2.25 101.73 -8.58
N TYR N 281 -1.44 101.91 -7.55
CA TYR N 281 -0.56 100.85 -7.10
C TYR N 281 -0.46 100.84 -5.58
N PHE N 282 -0.26 99.65 -5.04
CA PHE N 282 -0.13 99.47 -3.60
C PHE N 282 1.35 99.46 -3.22
N ASP N 283 1.74 100.40 -2.36
CA ASP N 283 3.12 100.56 -1.94
C ASP N 283 3.22 100.25 -0.45
N PHE N 284 4.10 99.33 -0.09
CA PHE N 284 4.46 99.08 1.29
C PHE N 284 5.96 98.99 1.46
N ASN N 285 6.70 99.79 0.71
CA ASN N 285 8.16 99.80 0.73
C ASN N 285 8.71 100.78 1.78
N ARG N 286 8.19 100.68 3.00
CA ARG N 286 8.69 101.44 4.14
C ARG N 286 8.55 100.57 5.37
N PHE N 287 9.51 100.66 6.29
CA PHE N 287 9.50 99.72 7.46
C PHE N 287 8.32 99.98 8.39
N HIS N 288 7.86 101.24 8.48
CA HIS N 288 6.74 101.60 9.40
C HIS N 288 5.44 100.91 8.94
N CYS N 289 5.38 100.44 7.70
CA CYS N 289 4.18 99.75 7.16
C CYS N 289 4.05 98.35 7.75
N HIS N 290 5.12 97.83 8.34
CA HIS N 290 5.11 96.48 8.89
C HIS N 290 5.53 96.40 10.35
N PHE N 291 6.40 97.29 10.82
CA PHE N 291 6.92 97.27 12.17
C PHE N 291 6.30 98.39 12.99
N SER N 292 5.76 98.05 14.15
CA SER N 292 5.40 99.06 15.12
C SER N 292 6.67 99.60 15.78
N PRO N 293 6.62 100.78 16.40
CA PRO N 293 7.80 101.29 17.09
C PRO N 293 8.35 100.35 18.16
N ARG N 294 7.46 99.66 18.90
CA ARG N 294 7.91 98.65 19.84
C ARG N 294 8.56 97.48 19.11
N ASP N 295 8.00 97.08 17.97
CA ASP N 295 8.61 96.03 17.16
C ASP N 295 9.99 96.45 16.67
N TRP N 296 10.12 97.71 16.24
CA TRP N 296 11.42 98.21 15.80
C TRP N 296 12.43 98.21 16.95
N GLN N 297 12.00 98.63 18.14
CA GLN N 297 12.90 98.63 19.29
C GLN N 297 13.32 97.22 19.66
N ARG N 298 12.38 96.27 19.60
CA ARG N 298 12.72 94.87 19.84
C ARG N 298 13.68 94.33 18.79
N LEU N 299 13.55 94.78 17.54
CA LEU N 299 14.43 94.30 16.47
C LEU N 299 15.83 94.87 16.63
N ILE N 300 15.95 96.17 16.86
CA ILE N 300 17.26 96.83 16.77
C ILE N 300 18.08 96.70 18.06
N ASN N 301 17.45 96.41 19.19
CA ASN N 301 18.17 96.30 20.45
C ASN N 301 18.69 94.90 20.72
N ASN N 302 18.35 93.92 19.88
CA ASN N 302 18.66 92.53 20.17
C ASN N 302 19.28 91.77 19.01
N ASN N 303 19.29 92.33 17.81
CA ASN N 303 19.74 91.60 16.62
C ASN N 303 20.89 92.33 15.95
N TRP N 304 21.84 91.55 15.45
CA TRP N 304 22.95 92.08 14.67
C TRP N 304 22.63 92.20 13.19
N GLY N 305 21.48 91.71 12.75
CA GLY N 305 21.10 91.82 11.35
C GLY N 305 19.73 91.26 11.11
N PHE N 306 19.17 91.62 9.96
CA PHE N 306 17.88 91.10 9.54
C PHE N 306 17.75 91.25 8.03
N ARG N 307 16.85 90.44 7.45
CA ARG N 307 16.60 90.48 6.02
C ARG N 307 15.22 89.88 5.76
N PRO N 308 14.51 90.34 4.73
CA PRO N 308 13.22 89.74 4.40
C PRO N 308 13.38 88.39 3.71
N LYS N 309 12.40 87.52 3.96
CA LYS N 309 12.42 86.15 3.45
C LYS N 309 11.29 85.88 2.47
N ARG N 310 10.05 86.18 2.85
CA ARG N 310 8.91 85.96 1.97
C ARG N 310 7.79 86.90 2.41
N LEU N 311 6.84 87.14 1.50
CA LEU N 311 5.71 87.99 1.82
C LEU N 311 4.43 87.39 1.26
N ASN N 312 3.31 87.78 1.88
CA ASN N 312 1.96 87.36 1.42
C ASN N 312 1.12 88.63 1.34
N PHE N 313 0.32 88.79 0.29
CA PHE N 313 -0.46 89.98 0.02
C PHE N 313 -1.91 89.58 -0.20
N LYS N 314 -2.81 90.40 0.33
CA LYS N 314 -4.25 90.11 0.14
C LYS N 314 -5.11 91.37 0.01
N LEU N 315 -6.03 91.37 -0.95
CA LEU N 315 -7.06 92.40 -1.07
C LEU N 315 -8.41 91.75 -0.86
N PHE N 316 -9.25 92.36 -0.02
CA PHE N 316 -10.50 91.72 0.35
C PHE N 316 -11.48 92.80 0.81
N ASN N 317 -12.73 92.37 1.01
CA ASN N 317 -13.82 93.25 1.44
C ASN N 317 -13.93 94.46 0.52
N ILE N 318 -13.92 94.20 -0.78
CA ILE N 318 -13.91 95.25 -1.78
C ILE N 318 -15.32 95.78 -1.98
N GLN N 319 -15.48 97.09 -1.84
CA GLN N 319 -16.76 97.76 -2.03
C GLN N 319 -16.59 98.83 -3.11
N VAL N 320 -17.45 98.79 -4.11
CA VAL N 320 -17.48 99.82 -5.15
C VAL N 320 -18.65 100.74 -4.87
N LYS N 321 -18.35 102.02 -4.71
CA LYS N 321 -19.35 103.04 -4.38
C LYS N 321 -19.56 103.94 -5.59
N GLU N 322 -20.82 104.13 -5.96
CA GLU N 322 -21.19 105.05 -7.03
C GLU N 322 -21.55 106.41 -6.45
N VAL N 323 -20.94 107.46 -6.99
CA VAL N 323 -21.14 108.83 -6.53
C VAL N 323 -21.94 109.58 -7.57
N THR N 324 -23.01 110.23 -7.13
CA THR N 324 -23.82 111.08 -7.99
C THR N 324 -23.96 112.45 -7.37
N GLN N 325 -24.17 113.46 -8.21
CA GLN N 325 -24.30 114.84 -7.75
C GLN N 325 -25.45 115.49 -8.51
N ASN N 326 -26.57 115.71 -7.81
CA ASN N 326 -27.77 116.28 -8.42
C ASN N 326 -28.19 117.49 -7.60
N ASP N 327 -28.25 118.65 -8.26
CA ASP N 327 -28.67 119.90 -7.64
C ASP N 327 -27.83 120.23 -6.41
N GLY N 328 -26.53 119.99 -6.49
CA GLY N 328 -25.62 120.33 -5.42
C GLY N 328 -25.57 119.35 -4.27
N THR N 329 -26.18 118.17 -4.42
CA THR N 329 -26.21 117.16 -3.37
C THR N 329 -25.35 115.98 -3.78
N THR N 330 -24.45 115.56 -2.89
CA THR N 330 -23.58 114.41 -3.13
C THR N 330 -24.20 113.18 -2.48
N THR N 331 -24.59 112.21 -3.30
CA THR N 331 -25.20 110.98 -2.84
C THR N 331 -24.31 109.80 -3.20
N ILE N 332 -24.02 108.95 -2.22
CA ILE N 332 -23.16 107.80 -2.41
C ILE N 332 -23.98 106.54 -2.15
N ALA N 333 -23.95 105.62 -3.10
CA ALA N 333 -24.69 104.37 -2.99
C ALA N 333 -23.80 103.22 -3.43
N ASN N 334 -24.13 102.03 -2.95
CA ASN N 334 -23.36 100.84 -3.31
C ASN N 334 -23.58 100.46 -4.77
N ASN N 335 -22.55 99.90 -5.38
CA ASN N 335 -22.60 99.32 -6.72
C ASN N 335 -22.11 97.88 -6.59
N LEU N 336 -23.04 96.94 -6.42
CA LEU N 336 -22.68 95.56 -6.14
C LEU N 336 -22.23 94.79 -7.37
N THR N 337 -22.41 95.34 -8.57
CA THR N 337 -22.04 94.65 -9.80
C THR N 337 -20.77 95.19 -10.45
N SER N 338 -20.21 96.28 -9.94
CA SER N 338 -18.97 96.81 -10.49
C SER N 338 -17.77 96.01 -9.98
N THR N 339 -16.69 96.06 -10.76
CA THR N 339 -15.48 95.31 -10.47
C THR N 339 -14.29 96.26 -10.30
N VAL N 340 -13.21 95.70 -9.77
CA VAL N 340 -11.91 96.36 -9.74
C VAL N 340 -10.90 95.38 -10.33
N GLN N 341 -10.03 95.88 -11.19
CA GLN N 341 -9.02 95.07 -11.85
C GLN N 341 -7.71 95.11 -11.08
N VAL N 342 -7.20 93.94 -10.72
CA VAL N 342 -5.97 93.83 -9.94
C VAL N 342 -5.05 92.84 -10.65
N PHE N 343 -3.79 93.23 -10.83
CA PHE N 343 -2.77 92.30 -11.32
C PHE N 343 -1.42 92.70 -10.77
N THR N 344 -0.54 91.70 -10.64
CA THR N 344 0.82 91.91 -10.17
C THR N 344 1.78 91.77 -11.35
N ASP N 345 2.71 92.71 -11.45
CA ASP N 345 3.70 92.71 -12.53
C ASP N 345 4.85 91.77 -12.13
N SER N 346 4.58 90.47 -12.14
CA SER N 346 5.57 89.47 -11.66
C SER N 346 6.67 89.23 -12.70
N GLU N 347 6.44 89.61 -13.95
CA GLU N 347 7.48 89.49 -14.96
C GLU N 347 8.29 90.77 -15.13
N TYR N 348 7.98 91.82 -14.36
CA TYR N 348 8.73 93.08 -14.38
C TYR N 348 8.79 93.67 -15.78
N GLN N 349 7.65 93.66 -16.48
CA GLN N 349 7.55 94.24 -17.81
C GLN N 349 7.16 95.70 -17.79
N LEU N 350 6.82 96.26 -16.64
CA LEU N 350 6.46 97.66 -16.49
C LEU N 350 7.57 98.42 -15.79
N PRO N 351 7.67 99.73 -16.03
CA PRO N 351 8.67 100.53 -15.31
C PRO N 351 8.43 100.47 -13.81
N TYR N 352 9.47 100.11 -13.07
CA TYR N 352 9.39 99.90 -11.63
C TYR N 352 9.51 101.25 -10.93
N VAL N 353 8.38 101.80 -10.48
CA VAL N 353 8.37 103.09 -9.81
C VAL N 353 8.45 102.96 -8.30
N LEU N 354 8.32 101.76 -7.75
CA LEU N 354 8.63 101.55 -6.35
C LEU N 354 10.12 101.69 -6.11
N GLY N 355 10.48 102.07 -4.89
CA GLY N 355 11.87 102.30 -4.57
C GLY N 355 12.39 103.68 -4.92
N SER N 356 11.53 104.62 -5.27
CA SER N 356 11.91 106.01 -5.50
C SER N 356 11.50 106.92 -4.34
N ALA N 357 11.19 106.34 -3.18
CA ALA N 357 10.81 107.09 -1.98
C ALA N 357 9.59 107.98 -2.23
N HIS N 358 8.55 107.38 -2.80
CA HIS N 358 7.32 108.10 -3.13
C HIS N 358 6.30 107.98 -2.01
N GLN N 359 5.48 109.01 -1.89
CA GLN N 359 4.39 109.01 -0.93
C GLN N 359 3.25 108.10 -1.41
N GLY N 360 2.36 107.77 -0.49
CA GLY N 360 1.25 106.89 -0.79
C GLY N 360 1.37 105.48 -0.25
N CYS N 361 2.30 105.25 0.68
CA CYS N 361 2.48 103.93 1.26
C CYS N 361 1.36 103.61 2.24
N LEU N 362 1.43 102.41 2.82
CA LEU N 362 0.54 102.07 3.91
C LEU N 362 0.88 102.92 5.12
N PRO N 363 -0.10 103.60 5.74
CA PRO N 363 0.22 104.50 6.83
C PRO N 363 0.81 103.74 8.01
N PRO N 364 1.73 104.35 8.75
CA PRO N 364 2.33 103.65 9.89
C PRO N 364 1.34 103.26 10.96
N PHE N 365 0.31 104.07 11.19
CA PHE N 365 -0.70 103.75 12.19
C PHE N 365 -1.79 102.87 11.58
N PRO N 366 -2.06 101.70 12.16
CA PRO N 366 -3.03 100.78 11.53
C PRO N 366 -4.44 101.33 11.41
N ALA N 367 -4.79 102.36 12.16
CA ALA N 367 -6.13 102.92 12.14
C ALA N 367 -6.34 103.97 11.05
N ASP N 368 -5.29 104.35 10.32
CA ASP N 368 -5.39 105.39 9.31
C ASP N 368 -5.85 104.80 7.98
N VAL N 369 -6.67 105.57 7.26
CA VAL N 369 -7.16 105.20 5.93
C VAL N 369 -6.39 106.02 4.91
N PHE N 370 -5.90 105.36 3.87
CA PHE N 370 -5.02 105.99 2.89
C PHE N 370 -5.58 105.86 1.48
N MET N 371 -5.24 106.84 0.65
CA MET N 371 -5.59 106.82 -0.77
C MET N 371 -4.52 106.08 -1.55
N VAL N 372 -4.95 105.33 -2.56
CA VAL N 372 -4.04 104.57 -3.41
C VAL N 372 -3.38 105.52 -4.40
N PRO N 373 -2.05 105.60 -4.43
CA PRO N 373 -1.39 106.54 -5.33
C PRO N 373 -1.56 106.17 -6.80
N GLN N 374 -1.56 107.18 -7.65
CA GLN N 374 -1.71 106.98 -9.08
C GLN N 374 -0.40 106.51 -9.69
N TYR N 375 -0.49 105.51 -10.57
CA TYR N 375 0.69 104.96 -11.21
C TYR N 375 1.05 105.78 -12.44
N GLY N 376 2.34 106.05 -12.59
CA GLY N 376 2.86 106.75 -13.75
C GLY N 376 4.33 106.46 -13.91
N TYR N 377 4.80 106.58 -15.15
CA TYR N 377 6.19 106.25 -15.45
C TYR N 377 6.76 107.26 -16.42
N LEU N 378 8.08 107.33 -16.45
CA LEU N 378 8.81 108.18 -17.38
C LEU N 378 9.60 107.32 -18.35
N THR N 379 9.75 107.83 -19.57
CA THR N 379 10.53 107.15 -20.60
C THR N 379 11.57 108.13 -21.15
N LEU N 380 12.25 107.72 -22.21
CA LEU N 380 13.32 108.57 -22.80
C LEU N 380 12.75 109.89 -23.30
N ASN N 381 13.49 110.97 -23.12
CA ASN N 381 13.03 112.29 -23.59
C ASN N 381 14.19 113.09 -24.18
N ASN N 382 13.95 113.81 -25.26
CA ASN N 382 14.97 114.75 -25.79
C ASN N 382 14.37 116.12 -25.46
N GLY N 383 14.58 116.61 -24.24
CA GLY N 383 13.90 117.84 -23.84
C GLY N 383 12.50 117.50 -23.37
N SER N 384 11.50 118.30 -23.74
CA SER N 384 10.12 117.96 -23.41
C SER N 384 9.50 116.97 -24.40
N GLN N 385 10.19 116.66 -25.49
CA GLN N 385 9.69 115.74 -26.50
C GLN N 385 10.18 114.33 -26.22
N ALA N 386 9.71 113.40 -27.06
CA ALA N 386 10.10 112.00 -26.98
C ALA N 386 11.00 111.64 -28.14
N VAL N 387 11.60 110.46 -28.05
CA VAL N 387 12.43 109.91 -29.13
C VAL N 387 11.80 108.60 -29.59
N GLY N 388 12.37 108.04 -30.65
CA GLY N 388 11.84 106.81 -31.21
C GLY N 388 11.98 105.62 -30.28
N ARG N 389 12.96 105.68 -29.37
CA ARG N 389 13.19 104.60 -28.42
C ARG N 389 12.26 104.67 -27.21
N SER N 390 11.50 105.75 -27.04
CA SER N 390 10.58 105.86 -25.92
C SER N 390 9.51 104.77 -25.99
N SER N 391 9.20 104.20 -24.83
CA SER N 391 8.27 103.07 -24.74
C SER N 391 6.96 103.52 -24.12
N PHE N 392 5.86 103.01 -24.68
CA PHE N 392 4.53 103.23 -24.15
C PHE N 392 3.97 101.90 -23.66
N TYR N 393 3.34 101.92 -22.50
CA TYR N 393 2.80 100.73 -21.88
C TYR N 393 1.32 100.92 -21.57
N CYS N 394 0.49 100.01 -22.07
CA CYS N 394 -0.92 99.95 -21.73
C CYS N 394 -1.09 98.84 -20.70
N LEU N 395 -1.56 99.20 -19.51
CA LEU N 395 -1.72 98.25 -18.42
C LEU N 395 -2.93 97.34 -18.59
N GLU N 396 -3.84 97.67 -19.50
CA GLU N 396 -4.93 96.77 -19.85
C GLU N 396 -4.49 95.67 -20.81
N TYR N 397 -3.24 95.71 -21.26
CA TYR N 397 -2.68 94.67 -22.17
C TYR N 397 -2.09 93.55 -21.31
N PHE N 398 -2.21 93.63 -20.00
CA PHE N 398 -1.84 92.61 -19.05
C PHE N 398 -3.06 91.83 -18.59
N PRO N 399 -2.93 90.54 -18.32
CA PRO N 399 -4.05 89.79 -17.72
C PRO N 399 -4.25 90.24 -16.28
N SER N 400 -5.47 90.65 -15.96
CA SER N 400 -5.81 91.13 -14.63
C SER N 400 -7.02 90.37 -14.11
N GLN N 401 -7.14 90.33 -12.80
CA GLN N 401 -8.23 89.66 -12.11
C GLN N 401 -9.31 90.67 -11.75
N MET N 402 -10.55 90.38 -12.14
CA MET N 402 -11.68 91.26 -11.90
C MET N 402 -12.39 90.81 -10.62
N LEU N 403 -12.60 91.76 -9.71
CA LEU N 403 -13.13 91.47 -8.38
C LEU N 403 -14.39 92.28 -8.14
N ARG N 404 -15.51 91.59 -7.92
CA ARG N 404 -16.73 92.22 -7.45
C ARG N 404 -16.71 92.27 -5.93
N THR N 405 -17.79 92.81 -5.34
CA THR N 405 -17.92 92.76 -3.87
C THR N 405 -18.14 91.29 -3.50
N GLY N 406 -17.24 90.73 -2.71
CA GLY N 406 -17.25 89.34 -2.36
C GLY N 406 -16.10 88.54 -2.93
N ASN N 407 -15.33 89.11 -3.85
CA ASN N 407 -14.13 88.48 -4.38
C ASN N 407 -12.90 89.03 -3.67
N ASN N 408 -11.87 88.21 -3.58
CA ASN N 408 -10.62 88.60 -2.96
C ASN N 408 -9.46 88.26 -3.88
N PHE N 409 -8.34 88.95 -3.67
CA PHE N 409 -7.11 88.75 -4.42
C PHE N 409 -6.00 88.39 -3.45
N THR N 410 -5.10 87.51 -3.89
CA THR N 410 -3.96 87.14 -3.06
C THR N 410 -2.82 86.67 -3.95
N PHE N 411 -1.60 86.84 -3.42
CA PHE N 411 -0.43 86.29 -4.08
C PHE N 411 0.71 86.22 -3.06
N SER N 412 1.63 85.29 -3.30
CA SER N 412 2.77 85.08 -2.43
C SER N 412 4.07 85.32 -3.20
N TYR N 413 5.06 85.87 -2.51
CA TYR N 413 6.34 86.20 -3.11
C TYR N 413 7.45 85.76 -2.18
N THR N 414 8.54 85.27 -2.75
CA THR N 414 9.71 84.87 -1.99
C THR N 414 10.87 85.79 -2.33
N PHE N 415 11.46 86.41 -1.32
CA PHE N 415 12.63 87.26 -1.53
C PHE N 415 13.82 86.41 -1.94
N GLU N 416 14.66 86.97 -2.82
CA GLU N 416 15.92 86.33 -3.14
C GLU N 416 16.88 86.46 -1.96
N ASP N 417 17.95 85.67 -2.01
CA ASP N 417 18.95 85.71 -0.96
C ASP N 417 19.68 87.06 -0.99
N VAL N 418 19.66 87.76 0.14
CA VAL N 418 20.30 89.07 0.25
C VAL N 418 21.10 89.10 1.54
N PRO N 419 22.14 89.93 1.61
CA PRO N 419 22.91 90.04 2.85
C PRO N 419 22.06 90.62 3.98
N PHE N 420 22.37 90.18 5.19
CA PHE N 420 21.74 90.77 6.37
C PHE N 420 22.12 92.24 6.46
N HIS N 421 21.15 93.08 6.81
CA HIS N 421 21.45 94.48 7.08
C HIS N 421 22.32 94.58 8.32
N SER N 422 23.37 95.41 8.23
CA SER N 422 24.31 95.61 9.36
C SER N 422 23.66 96.48 10.43
N SER N 423 22.82 95.89 11.27
CA SER N 423 22.16 96.62 12.36
C SER N 423 23.06 96.69 13.59
N TYR N 424 24.29 97.16 13.38
CA TYR N 424 25.26 97.29 14.45
C TYR N 424 26.20 98.43 14.10
N ALA N 425 26.87 98.95 15.13
CA ALA N 425 27.93 99.92 14.97
C ALA N 425 29.25 99.29 15.41
N HIS N 426 30.30 99.51 14.62
CA HIS N 426 31.60 98.94 14.97
C HIS N 426 32.16 99.61 16.22
N SER N 427 32.62 98.79 17.16
CA SER N 427 33.27 99.29 18.37
C SER N 427 34.77 99.49 18.18
N GLN N 428 35.29 99.22 16.98
CA GLN N 428 36.67 99.51 16.65
C GLN N 428 36.72 100.38 15.41
N SER N 429 37.76 101.21 15.32
CA SER N 429 38.01 102.02 14.14
C SER N 429 38.98 101.30 13.23
N LEU N 430 38.87 101.56 11.92
CA LEU N 430 39.70 100.89 10.94
C LEU N 430 41.18 101.26 11.09
N ASP N 431 41.46 102.41 11.72
CA ASP N 431 42.87 102.88 11.88
C ASP N 431 43.38 102.53 13.28
N ARG N 432 42.59 101.79 14.07
CA ARG N 432 42.96 101.41 15.43
C ARG N 432 42.74 99.92 15.65
N LEU N 433 43.18 99.10 14.70
CA LEU N 433 42.99 97.66 14.76
C LEU N 433 44.20 96.91 15.28
N MET N 434 45.22 97.62 15.76
CA MET N 434 46.48 97.02 16.15
C MET N 434 46.51 96.73 17.65
N ASN N 435 47.62 96.12 18.08
CA ASN N 435 47.89 95.92 19.50
C ASN N 435 48.73 97.08 19.99
N PRO N 436 48.22 97.93 20.88
CA PRO N 436 48.98 99.13 21.29
C PRO N 436 50.20 98.81 22.15
N LEU N 437 50.34 97.58 22.63
CA LEU N 437 51.43 97.23 23.52
C LEU N 437 52.69 96.76 22.78
N ILE N 438 52.55 96.26 21.56
CA ILE N 438 53.65 95.64 20.84
C ILE N 438 53.96 96.51 19.62
N ASP N 439 55.26 96.77 19.41
CA ASP N 439 55.69 97.48 18.21
C ASP N 439 55.58 96.58 16.98
N GLN N 440 55.50 97.21 15.82
CA GLN N 440 55.55 96.50 14.56
C GLN N 440 56.98 96.18 14.18
N TYR N 441 57.15 95.07 13.47
CA TYR N 441 58.48 94.74 12.94
C TYR N 441 58.77 95.46 11.63
N LEU N 442 57.77 96.06 11.00
CA LEU N 442 57.97 96.81 9.77
C LEU N 442 58.45 98.21 10.08
N TYR N 443 59.22 98.78 9.15
CA TYR N 443 59.78 100.11 9.28
C TYR N 443 59.07 101.08 8.34
N TYR N 444 59.02 102.34 8.75
CA TYR N 444 58.49 103.41 7.92
C TYR N 444 59.47 104.57 7.92
N LEU N 445 59.49 105.33 6.83
CA LEU N 445 60.34 106.51 6.74
C LEU N 445 59.85 107.56 7.73
N SER N 446 60.61 107.78 8.81
CA SER N 446 60.22 108.70 9.85
C SER N 446 60.90 110.06 9.74
N ARG N 447 62.11 110.07 9.23
CA ARG N 447 62.82 111.37 9.05
C ARG N 447 63.41 111.45 7.66
N THR N 448 63.51 112.67 7.14
CA THR N 448 64.07 112.91 5.82
C THR N 448 65.32 113.77 5.84
N ASN N 449 65.72 114.29 7.00
CA ASN N 449 66.95 115.08 7.11
C ASN N 449 67.44 115.00 8.55
N THR N 450 68.69 115.41 8.74
CA THR N 450 69.31 115.46 10.05
C THR N 450 70.06 116.78 10.22
N PRO N 451 70.23 117.30 11.45
CA PRO N 451 71.03 118.51 11.65
C PRO N 451 72.45 118.26 11.16
N SER N 452 72.94 119.11 10.25
CA SER N 452 74.34 118.99 9.78
C SER N 452 75.01 120.35 9.94
N GLY N 453 76.07 120.43 10.75
CA GLY N 453 76.69 121.74 11.03
C GLY N 453 75.68 122.69 11.64
N THR N 454 75.50 123.87 11.05
CA THR N 454 74.48 124.84 11.55
C THR N 454 73.34 124.87 10.53
N THR N 455 73.40 124.03 9.50
CA THR N 455 72.31 123.93 8.49
C THR N 455 71.65 122.56 8.62
N THR N 456 71.05 122.07 7.53
CA THR N 456 70.45 120.70 7.54
C THR N 456 71.02 119.90 6.37
N GLN N 457 71.02 118.58 6.51
CA GLN N 457 71.50 117.71 5.44
C GLN N 457 70.50 116.59 5.21
N SER N 458 70.27 116.25 3.95
CA SER N 458 69.31 115.20 3.62
C SER N 458 69.82 113.85 4.10
N ARG N 459 68.96 113.12 4.82
CA ARG N 459 69.33 111.83 5.36
C ARG N 459 68.06 111.06 5.70
N LEU N 460 67.88 109.90 5.10
CA LEU N 460 66.69 109.09 5.34
C LEU N 460 66.86 108.24 6.59
N GLN N 461 65.85 108.22 7.44
CA GLN N 461 65.84 107.38 8.63
C GLN N 461 64.49 106.67 8.73
N PHE N 462 64.50 105.51 9.38
CA PHE N 462 63.33 104.65 9.47
C PHE N 462 63.12 104.23 10.91
N SER N 463 61.85 104.07 11.29
CA SER N 463 61.48 103.69 12.64
C SER N 463 60.41 102.61 12.59
N GLN N 464 60.32 101.85 13.67
CA GLN N 464 59.25 100.89 13.85
C GLN N 464 58.10 101.58 14.59
N ALA N 465 56.88 101.41 14.08
CA ALA N 465 55.73 102.12 14.61
C ALA N 465 55.17 101.40 15.84
N GLY N 466 54.84 102.17 16.86
CA GLY N 466 54.21 101.67 18.08
C GLY N 466 53.00 102.51 18.41
N ALA N 467 52.77 102.69 19.72
CA ALA N 467 51.63 103.45 20.19
C ALA N 467 51.83 104.95 20.07
N SER N 468 53.06 105.42 20.29
CA SER N 468 53.32 106.85 20.28
C SER N 468 53.19 107.45 18.89
N ASP N 469 53.56 106.69 17.85
CA ASP N 469 53.43 107.11 16.47
C ASP N 469 52.44 106.20 15.76
N ILE N 470 51.30 105.96 16.41
CA ILE N 470 50.30 105.00 15.95
C ILE N 470 49.76 105.35 14.56
N ARG N 471 49.85 106.61 14.15
CA ARG N 471 49.33 107.01 12.85
C ARG N 471 50.19 106.47 11.70
N ASP N 472 51.43 106.07 11.96
CA ASP N 472 52.35 105.63 10.92
C ASP N 472 52.39 104.11 10.77
N GLN N 473 51.54 103.39 11.50
CA GLN N 473 51.59 101.94 11.47
C GLN N 473 51.16 101.40 10.11
N SER N 474 51.84 100.35 9.65
CA SER N 474 51.45 99.69 8.42
C SER N 474 50.12 98.97 8.61
N ARG N 475 49.24 99.11 7.63
CA ARG N 475 47.87 98.60 7.74
C ARG N 475 47.52 97.81 6.48
N ASN N 476 46.51 96.96 6.62
CA ASN N 476 46.10 96.06 5.55
C ASN N 476 44.88 96.56 4.78
N TRP N 477 44.16 97.55 5.29
CA TRP N 477 42.87 97.95 4.74
C TRP N 477 42.80 99.46 4.61
N LEU N 478 41.81 99.91 3.85
CA LEU N 478 41.58 101.32 3.55
C LEU N 478 40.12 101.67 3.79
N PRO N 479 39.83 102.93 4.11
CA PRO N 479 38.43 103.35 4.26
C PRO N 479 37.71 103.34 2.92
N GLY N 480 36.39 103.19 2.98
CA GLY N 480 35.57 103.05 1.80
C GLY N 480 35.59 104.26 0.88
N PRO N 481 34.91 104.15 -0.26
CA PRO N 481 34.96 105.22 -1.26
C PRO N 481 34.22 106.46 -0.80
N CYS N 482 34.57 107.56 -1.46
CA CYS N 482 34.08 108.89 -1.05
C CYS N 482 33.61 109.71 -2.26
N TYR N 483 32.61 110.57 -2.06
CA TYR N 483 32.17 111.52 -3.07
C TYR N 483 31.77 112.78 -2.31
N ARG N 484 32.70 113.73 -2.21
CA ARG N 484 32.61 114.77 -1.18
C ARG N 484 31.34 115.61 -1.31
N GLN N 485 30.75 115.90 -0.15
CA GLN N 485 29.56 116.73 -0.04
C GLN N 485 29.90 118.05 0.65
N GLN N 486 29.14 119.08 0.35
CA GLN N 486 29.31 120.35 1.05
C GLN N 486 28.76 120.24 2.48
N ARG N 487 29.42 120.92 3.40
CA ARG N 487 29.05 120.88 4.81
C ARG N 487 28.13 122.06 5.14
N VAL N 488 27.00 121.70 5.75
CA VAL N 488 26.00 122.71 6.21
C VAL N 488 25.82 122.49 7.70
N SER N 489 25.44 123.54 8.44
CA SER N 489 25.27 123.49 9.88
C SER N 489 23.81 123.67 10.25
N LYS N 490 23.38 122.97 11.29
CA LYS N 490 21.97 123.09 11.77
C LYS N 490 21.81 124.47 12.41
N THR N 491 22.89 125.06 12.94
CA THR N 491 22.84 126.46 13.45
C THR N 491 22.87 127.36 12.22
N SER N 492 21.79 128.11 11.96
CA SER N 492 21.71 128.91 10.71
C SER N 492 22.83 129.93 10.57
N ALA N 493 23.15 130.68 11.63
CA ALA N 493 24.15 131.74 11.51
C ALA N 493 25.49 131.20 11.01
N ASP N 494 25.77 129.92 11.25
CA ASP N 494 27.06 129.33 10.86
C ASP N 494 27.18 129.13 9.36
N ASN N 495 26.10 129.24 8.61
CA ASN N 495 26.12 128.98 7.18
C ASN N 495 26.41 130.26 6.40
N ASN N 496 26.91 130.07 5.18
CA ASN N 496 27.20 131.21 4.32
C ASN N 496 25.92 131.91 3.89
N ASN N 497 25.96 133.24 3.86
CA ASN N 497 24.78 134.04 3.50
C ASN N 497 24.70 134.17 1.98
N SER N 498 24.33 133.05 1.35
CA SER N 498 24.18 132.99 -0.09
C SER N 498 23.29 131.81 -0.45
N GLU N 499 22.88 131.77 -1.72
CA GLU N 499 22.06 130.63 -2.22
C GLU N 499 23.02 129.65 -2.87
N TYR N 500 23.32 128.55 -2.17
CA TYR N 500 24.28 127.55 -2.64
C TYR N 500 23.69 126.15 -2.63
N SER N 501 22.35 126.02 -2.66
CA SER N 501 21.75 124.69 -2.65
C SER N 501 22.00 123.93 -3.94
N TRP N 502 22.36 124.62 -5.01
CA TRP N 502 22.68 123.97 -6.28
C TRP N 502 24.09 124.25 -6.77
N THR N 503 24.58 125.48 -6.59
CA THR N 503 25.94 125.79 -7.02
C THR N 503 26.97 124.98 -6.24
N GLY N 504 26.78 124.86 -4.93
CA GLY N 504 27.63 124.06 -4.08
C GLY N 504 27.20 122.63 -3.92
N ALA N 505 26.18 122.19 -4.66
CA ALA N 505 25.65 120.85 -4.52
C ALA N 505 26.55 119.83 -5.21
N THR N 506 26.49 118.59 -4.72
CA THR N 506 27.21 117.48 -5.32
C THR N 506 26.32 116.84 -6.38
N LYS N 507 26.83 116.75 -7.61
CA LYS N 507 26.02 116.37 -8.76
C LYS N 507 26.74 115.33 -9.59
N TYR N 508 25.95 114.57 -10.35
CA TYR N 508 26.47 113.70 -11.39
C TYR N 508 25.87 114.11 -12.73
N HIS N 509 26.67 114.01 -13.78
CA HIS N 509 26.31 114.48 -15.11
C HIS N 509 25.95 113.28 -15.97
N LEU N 510 24.75 113.29 -16.56
CA LEU N 510 24.26 112.18 -17.37
C LEU N 510 23.47 112.73 -18.54
N ASN N 511 23.98 112.50 -19.77
CA ASN N 511 23.31 112.93 -20.99
C ASN N 511 23.06 114.43 -21.02
N GLY N 512 24.02 115.20 -20.51
CA GLY N 512 23.91 116.65 -20.51
C GLY N 512 23.04 117.23 -19.42
N ARG N 513 22.51 116.40 -18.53
CA ARG N 513 21.71 116.94 -17.41
C ARG N 513 22.35 116.62 -16.05
N ASP N 514 22.39 117.62 -15.17
CA ASP N 514 22.91 117.46 -13.82
C ASP N 514 21.80 116.98 -12.89
N SER N 515 22.07 115.90 -12.17
CA SER N 515 21.16 115.38 -11.16
C SER N 515 21.82 115.49 -9.80
N LEU N 516 21.03 115.84 -8.79
CA LEU N 516 21.54 115.92 -7.44
C LEU N 516 21.93 114.54 -6.93
N VAL N 517 23.10 114.45 -6.29
CA VAL N 517 23.54 113.22 -5.64
C VAL N 517 22.95 113.23 -4.24
N ASN N 518 21.90 112.44 -4.03
CA ASN N 518 21.14 112.45 -2.79
C ASN N 518 20.55 111.08 -2.54
N PRO N 519 20.96 110.39 -1.47
CA PRO N 519 22.00 110.77 -0.50
C PRO N 519 23.41 110.38 -0.93
N GLY N 520 23.54 109.63 -2.02
CA GLY N 520 24.84 109.27 -2.54
C GLY N 520 25.48 108.11 -1.80
N PRO N 521 26.78 107.93 -2.01
CA PRO N 521 27.50 106.85 -1.33
C PRO N 521 27.46 107.01 0.18
N ALA N 522 27.43 105.89 0.88
CA ALA N 522 27.32 105.89 2.33
C ALA N 522 28.58 106.47 2.96
N MET N 523 28.43 107.60 3.64
CA MET N 523 29.54 108.27 4.28
C MET N 523 29.08 108.82 5.63
N ALA N 524 30.04 108.99 6.53
CA ALA N 524 29.72 109.52 7.86
C ALA N 524 29.25 110.96 7.75
N SER N 525 28.20 111.29 8.52
CA SER N 525 27.67 112.64 8.48
C SER N 525 28.66 113.65 9.03
N HIS N 526 29.39 113.29 10.09
CA HIS N 526 30.30 114.22 10.73
C HIS N 526 31.33 113.43 11.52
N LYS N 527 32.40 114.11 11.91
CA LYS N 527 33.44 113.53 12.74
C LYS N 527 33.10 113.73 14.21
N ASP N 528 34.06 113.45 15.09
CA ASP N 528 33.82 113.58 16.52
C ASP N 528 33.47 115.02 16.90
N ASP N 529 32.47 115.16 17.76
CA ASP N 529 32.09 116.45 18.36
C ASP N 529 31.72 117.48 17.30
N GLU N 530 31.05 117.03 16.24
CA GLU N 530 30.58 117.93 15.20
C GLU N 530 29.17 117.53 14.76
N GLU N 531 28.32 117.21 15.74
CA GLU N 531 26.98 116.72 15.44
C GLU N 531 26.10 117.76 14.78
N LYS N 532 26.45 119.04 14.87
CA LYS N 532 25.66 120.07 14.21
C LYS N 532 25.88 120.12 12.70
N PHE N 533 26.90 119.44 12.19
CA PHE N 533 27.22 119.47 10.77
C PHE N 533 26.68 118.22 10.09
N PHE N 534 26.08 118.42 8.92
CA PHE N 534 25.60 117.32 8.10
C PHE N 534 25.89 117.63 6.64
N PRO N 535 26.05 116.61 5.81
CA PRO N 535 26.25 116.85 4.37
C PRO N 535 25.02 117.48 3.74
N GLN N 536 25.27 118.31 2.72
CA GLN N 536 24.20 119.09 2.12
C GLN N 536 23.11 118.20 1.52
N SER N 537 23.51 117.15 0.82
CA SER N 537 22.56 116.18 0.27
C SER N 537 23.06 114.77 0.51
N GLY N 538 23.68 114.53 1.66
CA GLY N 538 24.26 113.23 1.96
C GLY N 538 23.54 112.42 3.01
N VAL N 539 22.40 112.90 3.53
CA VAL N 539 21.64 112.18 4.54
C VAL N 539 20.17 112.19 4.15
N LEU N 540 19.44 111.19 4.63
CA LEU N 540 17.99 111.19 4.48
C LEU N 540 17.37 112.23 5.40
N ILE N 541 16.40 112.97 4.89
CA ILE N 541 15.70 113.99 5.66
C ILE N 541 14.22 113.63 5.63
N PHE N 542 13.67 113.32 6.79
CA PHE N 542 12.26 112.98 6.93
C PHE N 542 11.49 114.18 7.46
N GLY N 543 10.25 114.32 7.00
CA GLY N 543 9.39 115.40 7.45
C GLY N 543 8.64 115.03 8.72
N LYS N 544 8.52 116.00 9.62
CA LYS N 544 7.69 115.83 10.79
C LYS N 544 6.22 115.83 10.39
N GLN N 545 5.36 115.44 11.32
CA GLN N 545 3.93 115.41 11.05
C GLN N 545 3.41 116.81 10.75
N GLY N 546 2.64 116.93 9.67
CA GLY N 546 2.09 118.21 9.27
C GLY N 546 3.02 119.09 8.47
N SER N 547 4.19 118.57 8.08
CA SER N 547 5.18 119.39 7.35
C SER N 547 4.72 119.62 5.91
N GLU N 548 4.92 120.83 5.39
CA GLU N 548 4.52 121.16 4.03
C GLU N 548 5.49 120.56 3.03
N LYS N 549 5.35 120.96 1.76
CA LYS N 549 6.15 120.38 0.69
C LYS N 549 7.34 121.25 0.31
N THR N 550 7.17 122.57 0.28
CA THR N 550 8.16 123.47 -0.27
C THR N 550 8.71 124.40 0.80
N ASN N 551 10.05 124.41 0.94
CA ASN N 551 10.78 125.40 1.73
C ASN N 551 10.30 125.42 3.19
N VAL N 552 10.25 124.24 3.80
CA VAL N 552 9.97 124.16 5.22
C VAL N 552 11.25 124.42 6.01
N ASP N 553 11.11 124.92 7.23
CA ASP N 553 12.26 125.25 8.04
C ASP N 553 12.94 123.98 8.55
N ILE N 554 14.12 124.17 9.14
CA ILE N 554 14.88 123.02 9.65
C ILE N 554 14.16 122.37 10.84
N GLU N 555 13.44 123.16 11.64
CA GLU N 555 12.70 122.61 12.76
C GLU N 555 11.51 121.78 12.32
N LYS N 556 11.12 121.85 11.05
CA LYS N 556 10.02 121.06 10.52
C LYS N 556 10.48 119.70 9.98
N VAL N 557 11.77 119.45 9.92
CA VAL N 557 12.31 118.21 9.37
C VAL N 557 13.22 117.56 10.39
N MET N 558 13.40 116.25 10.24
CA MET N 558 14.29 115.46 11.08
C MET N 558 15.41 114.91 10.21
N ILE N 559 16.63 115.36 10.48
CA ILE N 559 17.80 114.98 9.68
C ILE N 559 18.46 113.77 10.32
N THR N 560 18.68 112.73 9.52
CA THR N 560 19.27 111.51 10.03
C THR N 560 20.78 111.67 10.21
N ASP N 561 21.35 110.75 10.98
CA ASP N 561 22.81 110.79 11.25
C ASP N 561 23.42 109.43 10.93
N GLU N 562 24.52 109.44 10.21
CA GLU N 562 25.26 108.24 9.83
C GLU N 562 26.63 108.23 10.49
N GLU N 563 26.67 108.59 11.77
CA GLU N 563 27.94 108.64 12.49
C GLU N 563 28.44 107.28 12.94
N GLU N 564 27.57 106.26 12.96
CA GLU N 564 28.00 104.93 13.40
C GLU N 564 28.95 104.27 12.42
N ILE N 565 29.04 104.78 11.19
CA ILE N 565 29.88 104.18 10.16
C ILE N 565 31.18 104.96 9.94
N ARG N 566 31.47 105.94 10.79
CA ARG N 566 32.70 106.69 10.67
C ARG N 566 33.92 105.87 11.05
N THR N 567 33.73 104.68 11.62
CA THR N 567 34.85 103.80 11.91
C THR N 567 35.51 103.29 10.64
N THR N 568 34.73 103.05 9.58
CA THR N 568 35.26 102.53 8.33
C THR N 568 35.01 103.43 7.12
N ASN N 569 34.08 104.37 7.21
CA ASN N 569 33.73 105.21 6.08
C ASN N 569 34.22 106.63 6.28
N PRO N 570 34.72 107.27 5.23
CA PRO N 570 35.18 108.65 5.37
C PRO N 570 34.03 109.60 5.67
N VAL N 571 34.36 110.70 6.34
CA VAL N 571 33.38 111.73 6.60
C VAL N 571 32.96 112.36 5.28
N ALA N 572 31.65 112.60 5.13
CA ALA N 572 31.10 113.02 3.85
C ALA N 572 31.64 114.37 3.42
N THR N 573 31.85 115.28 4.36
CA THR N 573 32.21 116.65 4.06
C THR N 573 33.72 116.88 4.00
N GLU N 574 34.52 115.83 4.18
CA GLU N 574 35.97 115.96 4.20
C GLU N 574 36.57 115.13 3.07
N GLN N 575 37.85 115.37 2.81
CA GLN N 575 38.55 114.63 1.77
C GLN N 575 38.81 113.19 2.21
N TYR N 576 38.95 112.31 1.22
CA TYR N 576 39.35 110.94 1.51
C TYR N 576 40.75 110.89 2.10
N GLY N 577 41.67 111.68 1.54
CA GLY N 577 43.05 111.65 1.97
C GLY N 577 43.91 112.54 1.11
N SER N 578 45.19 112.22 1.05
CA SER N 578 46.15 112.97 0.27
C SER N 578 47.01 112.04 -0.56
N VAL N 579 47.39 112.50 -1.75
CA VAL N 579 48.28 111.77 -2.64
C VAL N 579 49.37 112.72 -3.11
N SER N 580 50.50 112.13 -3.51
CA SER N 580 51.59 112.92 -4.06
C SER N 580 51.25 113.37 -5.48
N THR N 581 51.73 114.56 -5.84
CA THR N 581 51.46 115.14 -7.15
C THR N 581 52.71 115.44 -7.95
N ASN N 582 53.90 115.28 -7.39
CA ASN N 582 55.14 115.57 -8.11
C ASN N 582 56.21 114.60 -7.63
N LEU N 583 57.45 114.86 -8.02
CA LEU N 583 58.60 114.06 -7.63
C LEU N 583 59.61 114.97 -6.92
N GLN N 584 59.74 114.80 -5.62
CA GLN N 584 60.71 115.58 -4.86
C GLN N 584 62.13 115.21 -5.27
N ARG N 585 62.99 116.23 -5.22
CA ARG N 585 64.39 116.05 -5.67
C ARG N 585 65.26 117.13 -5.04
N GLY N 586 66.48 116.78 -4.64
CA GLY N 586 67.42 117.75 -4.14
C GLY N 586 68.28 118.36 -5.23
N ASN N 587 69.22 119.19 -4.80
CA ASN N 587 70.06 119.94 -5.77
C ASN N 587 71.12 119.02 -6.38
N THR N 594 67.12 122.23 -10.17
CA THR N 594 67.00 122.88 -8.84
C THR N 594 66.29 121.91 -7.90
N SER N 595 66.07 122.30 -6.63
CA SER N 595 65.35 121.35 -5.80
C SER N 595 63.84 121.54 -5.93
N ARG N 596 63.10 120.45 -5.74
CA ARG N 596 61.64 120.46 -5.76
C ARG N 596 61.13 119.80 -4.49
N GLN N 597 60.30 120.50 -3.74
CA GLN N 597 59.75 119.95 -2.51
C GLN N 597 58.52 119.10 -2.80
N ALA N 598 58.31 118.09 -1.97
CA ALA N 598 57.19 117.18 -2.15
C ALA N 598 55.86 117.93 -1.99
N ALA N 599 54.93 117.64 -2.89
CA ALA N 599 53.63 118.28 -2.91
C ALA N 599 52.53 117.24 -2.82
N THR N 600 51.43 117.61 -2.17
CA THR N 600 50.29 116.73 -1.98
C THR N 600 49.01 117.45 -2.37
N ALA N 601 47.99 116.67 -2.72
CA ALA N 601 46.68 117.21 -3.05
C ALA N 601 45.60 116.42 -2.33
N ASP N 602 44.50 117.11 -2.03
CA ASP N 602 43.35 116.46 -1.42
C ASP N 602 42.64 115.58 -2.44
N VAL N 603 42.12 114.45 -1.98
CA VAL N 603 41.37 113.52 -2.84
C VAL N 603 39.91 113.70 -2.45
N ASN N 604 39.22 114.59 -3.17
CA ASN N 604 37.81 114.86 -2.89
C ASN N 604 36.89 113.78 -3.43
N THR N 605 37.35 112.98 -4.39
CA THR N 605 36.57 111.86 -4.90
C THR N 605 37.51 110.65 -5.03
N GLN N 606 37.09 109.53 -4.45
CA GLN N 606 37.91 108.32 -4.45
C GLN N 606 37.06 107.15 -4.88
N GLY N 607 37.47 106.48 -5.95
CA GLY N 607 36.83 105.25 -6.37
C GLY N 607 37.26 104.08 -5.51
N VAL N 608 36.66 102.93 -5.81
CA VAL N 608 36.95 101.72 -5.04
C VAL N 608 38.35 101.23 -5.36
N LEU N 609 39.13 100.96 -4.32
CA LEU N 609 40.47 100.41 -4.41
C LEU N 609 40.51 99.00 -3.82
N PRO N 610 41.41 98.15 -4.27
CA PRO N 610 41.56 96.85 -3.60
C PRO N 610 41.96 97.01 -2.14
N GLY N 611 41.36 96.17 -1.30
CA GLY N 611 41.56 96.28 0.13
C GLY N 611 40.65 97.26 0.84
N MET N 612 39.69 97.85 0.13
CA MET N 612 38.78 98.86 0.73
C MET N 612 37.61 98.16 1.43
N VAL N 613 37.24 98.62 2.63
CA VAL N 613 36.13 98.12 3.43
C VAL N 613 35.24 99.29 3.80
N TRP N 614 33.93 99.06 3.82
CA TRP N 614 32.97 100.12 4.09
C TRP N 614 31.69 99.51 4.64
N GLN N 615 30.85 100.37 5.20
CA GLN N 615 29.53 100.01 5.68
C GLN N 615 28.47 100.70 4.82
N ASP N 616 27.36 100.02 4.60
CA ASP N 616 26.27 100.59 3.81
C ASP N 616 25.48 101.59 4.64
N ARG N 617 24.58 102.30 3.97
CA ARG N 617 23.74 103.27 4.66
C ARG N 617 22.75 102.56 5.57
N ASP N 618 22.46 103.16 6.72
CA ASP N 618 21.53 102.59 7.68
C ASP N 618 20.10 102.66 7.15
N VAL N 619 19.28 101.74 7.63
CA VAL N 619 17.85 101.75 7.35
C VAL N 619 17.13 102.32 8.56
N TYR N 620 15.95 102.91 8.32
CA TYR N 620 15.19 103.59 9.35
C TYR N 620 13.76 103.08 9.35
N LEU N 621 13.07 103.34 10.45
CA LEU N 621 11.67 102.91 10.55
C LEU N 621 10.82 103.59 9.47
N GLN N 622 11.07 104.87 9.22
CA GLN N 622 10.39 105.60 8.15
C GLN N 622 11.05 105.41 6.79
N GLY N 623 12.18 104.70 6.73
CA GLY N 623 12.93 104.58 5.50
C GLY N 623 12.44 103.48 4.60
N PRO N 624 12.95 103.44 3.37
CA PRO N 624 12.58 102.37 2.44
C PRO N 624 13.22 101.04 2.82
N ILE N 625 12.57 99.98 2.36
CA ILE N 625 13.02 98.61 2.64
C ILE N 625 13.90 98.07 1.52
N TRP N 626 13.47 98.22 0.27
CA TRP N 626 14.15 97.60 -0.85
C TRP N 626 14.15 98.54 -2.05
N ALA N 627 14.84 98.11 -3.10
CA ALA N 627 14.81 98.77 -4.39
C ALA N 627 15.17 97.76 -5.45
N LYS N 628 14.72 98.01 -6.68
CA LYS N 628 15.03 97.12 -7.79
C LYS N 628 16.38 97.48 -8.38
N ILE N 629 17.27 96.49 -8.46
CA ILE N 629 18.56 96.71 -9.11
C ILE N 629 18.33 96.89 -10.60
N PRO N 630 18.83 97.97 -11.21
CA PRO N 630 18.60 98.18 -12.64
C PRO N 630 19.16 97.04 -13.47
N HIS N 631 18.45 96.70 -14.54
CA HIS N 631 18.87 95.63 -15.45
C HIS N 631 19.97 96.18 -16.34
N THR N 632 21.21 96.02 -15.89
CA THR N 632 22.38 96.54 -16.59
C THR N 632 23.43 95.45 -16.67
N ASP N 633 24.38 95.64 -17.58
CA ASP N 633 25.45 94.62 -17.80
C ASP N 633 26.32 94.56 -16.55
N GLY N 634 26.62 95.71 -15.95
CA GLY N 634 27.49 95.73 -14.80
C GLY N 634 26.96 96.65 -13.71
N HIS N 635 27.27 96.29 -12.48
CA HIS N 635 26.99 97.09 -11.30
C HIS N 635 27.89 96.62 -10.17
N PHE N 636 28.27 97.56 -9.30
CA PHE N 636 29.15 97.26 -8.19
C PHE N 636 28.41 97.50 -6.89
N HIS N 637 28.36 96.48 -6.04
CA HIS N 637 27.72 96.54 -4.73
C HIS N 637 26.32 97.12 -4.86
N PRO N 638 25.35 96.38 -5.40
CA PRO N 638 24.02 96.91 -5.68
C PRO N 638 23.11 97.06 -4.45
N SER N 639 23.67 97.64 -3.40
CA SER N 639 22.86 98.09 -2.27
C SER N 639 22.30 99.47 -2.58
N PRO N 640 20.99 99.69 -2.42
CA PRO N 640 20.41 100.99 -2.74
C PRO N 640 21.07 102.10 -1.93
N LEU N 641 21.32 103.23 -2.58
CA LEU N 641 21.99 104.33 -1.91
C LEU N 641 21.11 105.00 -0.87
N MET N 642 19.79 104.96 -1.05
CA MET N 642 18.88 105.49 -0.06
C MET N 642 18.73 104.57 1.16
N GLY N 643 19.28 103.37 1.11
CA GLY N 643 19.21 102.43 2.20
C GLY N 643 18.26 101.30 1.92
N GLY N 644 18.66 100.09 2.32
CA GLY N 644 17.81 98.93 2.14
C GLY N 644 18.46 97.75 1.46
N PHE N 645 17.64 96.89 0.85
CA PHE N 645 18.10 95.66 0.23
C PHE N 645 17.96 95.77 -1.28
N GLY N 646 19.05 95.53 -1.99
CA GLY N 646 19.01 95.50 -3.44
C GLY N 646 18.51 94.18 -3.96
N LEU N 647 17.45 94.20 -4.76
CA LEU N 647 16.79 92.99 -5.24
C LEU N 647 16.75 93.01 -6.76
N LYS N 648 17.28 91.95 -7.38
CA LYS N 648 17.15 91.81 -8.83
C LYS N 648 15.71 91.55 -9.22
N HIS N 649 14.97 90.83 -8.39
CA HIS N 649 13.54 90.57 -8.58
C HIS N 649 12.84 91.02 -7.30
N PRO N 650 12.56 92.31 -7.16
CA PRO N 650 11.91 92.81 -5.95
C PRO N 650 10.44 92.40 -5.91
N PRO N 651 9.74 92.67 -4.80
CA PRO N 651 8.31 92.42 -4.76
C PRO N 651 7.60 93.11 -5.91
N PRO N 652 6.78 92.39 -6.67
CA PRO N 652 6.21 92.98 -7.88
C PRO N 652 5.24 94.10 -7.57
N GLN N 653 5.12 95.03 -8.51
CA GLN N 653 4.14 96.10 -8.41
C GLN N 653 2.74 95.52 -8.50
N ILE N 654 1.85 95.97 -7.61
CA ILE N 654 0.47 95.53 -7.58
C ILE N 654 -0.38 96.68 -8.08
N LEU N 655 -0.98 96.52 -9.27
CA LEU N 655 -1.74 97.56 -9.92
C LEU N 655 -3.23 97.30 -9.75
N ILE N 656 -3.97 98.34 -9.36
CA ILE N 656 -5.40 98.24 -9.12
C ILE N 656 -6.09 99.45 -9.74
N LYS N 657 -7.24 99.22 -10.36
CA LYS N 657 -8.03 100.32 -10.90
C LYS N 657 -9.49 99.91 -10.94
N ASN N 658 -10.36 100.90 -10.97
CA ASN N 658 -11.80 100.66 -11.08
C ASN N 658 -12.17 100.44 -12.53
N THR N 659 -12.96 99.42 -12.79
CA THR N 659 -13.42 99.17 -14.14
C THR N 659 -14.37 100.28 -14.58
N PRO N 660 -14.14 100.93 -15.72
CA PRO N 660 -15.04 102.00 -16.15
C PRO N 660 -16.42 101.46 -16.47
N VAL N 661 -17.43 102.11 -15.91
CA VAL N 661 -18.83 101.77 -16.14
C VAL N 661 -19.44 102.87 -17.00
N PRO N 662 -19.75 102.61 -18.26
CA PRO N 662 -20.30 103.66 -19.12
C PRO N 662 -21.64 104.17 -18.60
N ALA N 663 -21.88 105.45 -18.80
CA ALA N 663 -23.16 106.07 -18.46
C ALA N 663 -24.17 105.75 -19.57
N ASN N 664 -25.30 106.44 -19.56
CA ASN N 664 -26.38 106.14 -20.49
C ASN N 664 -25.92 106.39 -21.93
N PRO N 665 -25.92 105.37 -22.79
CA PRO N 665 -25.52 105.57 -24.18
C PRO N 665 -26.65 106.11 -25.04
N SER N 666 -26.25 106.59 -26.22
CA SER N 666 -27.24 107.10 -27.20
C SER N 666 -27.93 105.92 -27.88
N THR N 667 -29.21 106.06 -28.18
CA THR N 667 -29.96 105.01 -28.86
C THR N 667 -29.50 104.83 -30.31
N THR N 668 -28.76 105.79 -30.86
CA THR N 668 -28.19 105.68 -32.19
C THR N 668 -26.72 105.34 -32.07
N PHE N 669 -26.24 104.45 -32.94
CA PHE N 669 -24.85 104.02 -32.87
C PHE N 669 -23.91 105.17 -33.15
N SER N 670 -22.84 105.27 -32.36
CA SER N 670 -21.79 106.24 -32.55
C SER N 670 -20.44 105.53 -32.43
N ALA N 671 -19.57 105.74 -33.42
CA ALA N 671 -18.27 105.11 -33.41
C ALA N 671 -17.28 105.80 -32.49
N ALA N 672 -17.63 106.98 -31.97
CA ALA N 672 -16.75 107.68 -31.05
C ALA N 672 -16.64 106.89 -29.75
N LYS N 673 -15.43 106.85 -29.19
CA LYS N 673 -15.21 106.14 -27.94
C LYS N 673 -15.98 106.82 -26.81
N PHE N 674 -16.36 106.00 -25.83
CA PHE N 674 -17.19 106.52 -24.70
C PHE N 674 -16.41 107.56 -23.89
N ALA N 675 -17.06 108.68 -23.63
CA ALA N 675 -16.47 109.73 -22.82
C ALA N 675 -17.27 110.04 -21.55
N SER N 676 -18.46 109.47 -21.39
CA SER N 676 -19.30 109.67 -20.23
C SER N 676 -19.35 108.37 -19.43
N PHE N 677 -19.05 108.46 -18.14
CA PHE N 677 -19.01 107.30 -17.26
C PHE N 677 -19.69 107.63 -15.95
N ILE N 678 -20.11 106.59 -15.24
CA ILE N 678 -20.67 106.75 -13.91
C ILE N 678 -19.52 106.99 -12.93
N THR N 679 -19.60 108.10 -12.18
CA THR N 679 -18.57 108.42 -11.21
C THR N 679 -18.59 107.39 -10.09
N GLN N 680 -17.43 106.82 -9.79
CA GLN N 680 -17.37 105.79 -8.76
C GLN N 680 -15.94 105.67 -8.23
N TYR N 681 -15.85 105.15 -7.01
CA TYR N 681 -14.59 104.83 -6.37
C TYR N 681 -14.74 103.50 -5.67
N SER N 682 -13.65 103.00 -5.11
CA SER N 682 -13.67 101.73 -4.39
C SER N 682 -12.94 101.88 -3.06
N THR N 683 -13.34 101.05 -2.11
CA THR N 683 -12.70 100.99 -0.81
C THR N 683 -12.59 99.53 -0.41
N GLY N 684 -11.63 99.23 0.45
CA GLY N 684 -11.42 97.85 0.85
C GLY N 684 -10.30 97.76 1.87
N GLN N 685 -9.87 96.53 2.12
CA GLN N 685 -8.80 96.25 3.06
C GLN N 685 -7.65 95.57 2.33
N VAL N 686 -6.44 95.89 2.79
CA VAL N 686 -5.21 95.32 2.23
C VAL N 686 -4.40 94.73 3.37
N SER N 687 -3.85 93.54 3.15
CA SER N 687 -3.04 92.84 4.14
C SER N 687 -1.68 92.53 3.55
N VAL N 688 -0.63 92.84 4.30
CA VAL N 688 0.75 92.54 3.93
C VAL N 688 1.40 91.79 5.09
N GLU N 689 1.88 90.59 4.83
CA GLU N 689 2.57 89.78 5.84
C GLU N 689 3.96 89.44 5.33
N ILE N 690 4.99 89.84 6.07
CA ILE N 690 6.38 89.62 5.68
C ILE N 690 7.05 88.82 6.78
N GLU N 691 7.76 87.76 6.39
CA GLU N 691 8.60 86.99 7.28
C GLU N 691 10.03 87.50 7.17
N TRP N 692 10.63 87.82 8.30
CA TRP N 692 11.99 88.34 8.36
C TRP N 692 12.88 87.35 9.11
N GLU N 693 14.10 87.18 8.62
CA GLU N 693 15.10 86.35 9.29
C GLU N 693 16.02 87.23 10.13
N LEU N 694 16.32 86.76 11.34
CA LEU N 694 17.10 87.52 12.30
C LEU N 694 18.49 86.91 12.46
N GLN N 695 19.48 87.77 12.63
CA GLN N 695 20.85 87.38 12.93
C GLN N 695 21.10 87.73 14.40
N LYS N 696 21.04 86.72 15.26
CA LYS N 696 21.10 86.97 16.70
C LYS N 696 22.47 87.49 17.10
N GLU N 697 22.48 88.46 18.02
CA GLU N 697 23.72 89.01 18.54
C GLU N 697 24.44 87.98 19.40
N ASN N 698 25.75 87.87 19.21
CA ASN N 698 26.59 86.91 19.91
C ASN N 698 27.83 87.62 20.47
N SER N 699 27.61 88.77 21.10
CA SER N 699 28.71 89.58 21.58
C SER N 699 29.28 89.03 22.89
N LYS N 700 30.55 89.36 23.17
CA LYS N 700 31.21 88.94 24.43
C LYS N 700 31.74 90.18 25.16
N ARG N 701 31.23 91.36 24.85
CA ARG N 701 31.64 92.55 25.58
C ARG N 701 31.12 92.49 27.01
N TRP N 702 31.85 93.14 27.92
CA TRP N 702 31.54 93.08 29.33
C TRP N 702 30.57 94.17 29.77
N ASN N 703 30.88 95.42 29.43
CA ASN N 703 30.06 96.54 29.86
C ASN N 703 28.79 96.65 29.02
N PRO N 704 27.70 97.26 29.54
CA PRO N 704 26.44 97.34 28.80
C PRO N 704 26.55 98.08 27.45
N GLU N 705 25.59 97.87 26.55
CA GLU N 705 25.64 98.46 25.19
C GLU N 705 24.70 99.66 25.08
N ILE N 706 24.79 100.42 23.99
CA ILE N 706 23.74 101.47 23.79
C ILE N 706 22.46 100.82 23.26
N GLN N 707 21.32 101.14 23.86
CA GLN N 707 20.05 100.63 23.38
C GLN N 707 19.10 101.78 23.16
N TYR N 708 18.21 101.64 22.17
CA TYR N 708 17.15 102.63 21.99
C TYR N 708 16.15 102.51 23.12
N THR N 709 15.71 103.65 23.64
CA THR N 709 14.82 103.66 24.79
C THR N 709 13.92 104.89 24.72
N SER N 710 12.79 104.78 25.40
CA SER N 710 11.90 105.96 25.51
C SER N 710 12.42 106.83 26.64
N ASN N 711 12.06 108.11 26.68
CA ASN N 711 12.63 108.95 27.76
C ASN N 711 11.65 108.89 28.93
N TYR N 712 12.15 108.67 30.14
CA TYR N 712 11.26 108.47 31.32
C TYR N 712 10.60 109.80 31.72
N ASN N 713 11.25 110.94 31.50
CA ASN N 713 10.68 112.18 32.00
C ASN N 713 9.28 112.40 31.45
N LYS N 714 8.47 113.10 32.26
CA LYS N 714 7.07 113.40 31.87
C LYS N 714 7.02 114.29 30.65
N SER N 715 5.95 114.16 29.89
CA SER N 715 5.77 114.97 28.70
C SER N 715 4.28 115.13 28.45
N ILE N 716 3.94 116.14 27.65
CA ILE N 716 2.55 116.37 27.29
C ILE N 716 2.02 115.21 26.46
N ASN N 717 2.82 114.74 25.50
CA ASN N 717 2.45 113.64 24.62
C ASN N 717 3.44 112.50 24.74
N VAL N 718 2.95 111.28 24.59
CA VAL N 718 3.81 110.11 24.53
C VAL N 718 4.33 109.95 23.11
N ASP N 719 5.59 109.52 22.98
CA ASP N 719 6.18 109.36 21.66
C ASP N 719 5.52 108.22 20.90
N PHE N 720 5.38 108.40 19.59
CA PHE N 720 4.81 107.39 18.70
C PHE N 720 3.39 107.00 19.11
N THR N 721 2.61 107.98 19.53
CA THR N 721 1.19 107.81 19.83
C THR N 721 0.41 108.90 19.12
N VAL N 722 -0.87 108.98 19.42
CA VAL N 722 -1.74 110.01 18.88
C VAL N 722 -1.86 111.14 19.88
N ASP N 723 -2.14 112.35 19.39
CA ASP N 723 -2.33 113.50 20.25
C ASP N 723 -3.83 113.65 20.55
N THR N 724 -4.20 114.80 21.10
CA THR N 724 -5.62 115.04 21.46
C THR N 724 -6.46 115.13 20.19
N ASN N 725 -5.82 115.31 19.03
CA ASN N 725 -6.56 115.33 17.73
C ASN N 725 -6.54 113.92 17.13
N GLY N 726 -5.94 112.96 17.83
CA GLY N 726 -5.85 111.57 17.32
C GLY N 726 -4.91 111.50 16.12
N VAL N 727 -4.01 112.47 15.99
CA VAL N 727 -3.06 112.49 14.84
C VAL N 727 -1.80 111.72 15.23
N TYR N 728 -1.49 110.65 14.49
CA TYR N 728 -0.30 109.87 14.78
C TYR N 728 0.94 110.58 14.24
N SER N 729 2.00 110.62 15.04
CA SER N 729 3.23 111.25 14.65
C SER N 729 4.41 110.37 15.03
N GLU N 730 5.50 110.51 14.28
CA GLU N 730 6.75 109.83 14.57
C GLU N 730 7.79 110.87 14.97
N PRO N 731 8.08 111.02 16.26
CA PRO N 731 8.88 112.18 16.70
C PRO N 731 10.29 112.24 16.14
N ARG N 732 10.95 111.11 15.92
CA ARG N 732 12.32 111.12 15.45
C ARG N 732 12.56 109.90 14.58
N PRO N 733 13.56 109.95 13.70
CA PRO N 733 13.96 108.73 12.98
C PRO N 733 14.73 107.79 13.89
N ILE N 734 14.43 106.51 13.78
CA ILE N 734 15.12 105.47 14.53
C ILE N 734 15.87 104.60 13.54
N GLY N 735 17.18 104.51 13.71
CA GLY N 735 18.01 103.62 12.92
C GLY N 735 17.98 102.23 13.48
N THR N 736 19.00 101.45 13.13
CA THR N 736 19.13 100.08 13.63
C THR N 736 20.45 99.80 14.31
N ARG N 737 21.40 100.73 14.30
CA ARG N 737 22.78 100.45 14.70
C ARG N 737 22.99 100.90 16.15
N TYR N 738 22.60 100.02 17.06
CA TYR N 738 22.78 100.25 18.50
C TYR N 738 23.70 99.23 19.16
N LEU N 739 23.58 97.95 18.81
CA LEU N 739 24.53 96.96 19.27
C LEU N 739 25.87 97.18 18.59
N THR N 740 26.92 96.59 19.17
CA THR N 740 28.27 96.75 18.67
C THR N 740 28.88 95.39 18.36
N ARG N 741 29.75 95.41 17.34
CA ARG N 741 30.52 94.20 16.96
C ARG N 741 31.94 94.66 16.64
N ASN N 742 32.96 93.84 16.89
CA ASN N 742 34.33 94.16 16.53
C ASN N 742 34.53 94.11 15.02
N LEU N 743 35.49 94.88 14.54
CA LEU N 743 35.82 94.88 13.12
C LEU N 743 36.42 93.54 12.69
N ALA O 218 -31.34 24.03 -77.36
CA ALA O 218 -30.66 24.70 -76.24
C ALA O 218 -31.45 25.95 -75.84
N ASP O 219 -31.94 26.68 -76.84
CA ASP O 219 -32.60 27.99 -76.56
C ASP O 219 -33.95 28.00 -77.29
N GLY O 220 -34.38 26.85 -77.82
CA GLY O 220 -35.71 26.81 -78.44
C GLY O 220 -35.99 28.02 -79.31
N VAL O 221 -37.21 28.54 -79.27
CA VAL O 221 -37.59 29.67 -80.17
C VAL O 221 -37.79 30.87 -79.26
N GLY O 222 -37.00 31.90 -79.44
CA GLY O 222 -37.10 33.13 -78.70
C GLY O 222 -35.99 33.39 -77.70
N ASN O 223 -35.05 32.47 -77.55
CA ASN O 223 -33.91 32.63 -76.68
C ASN O 223 -32.64 32.68 -77.52
N SER O 224 -31.86 33.75 -77.36
CA SER O 224 -30.65 33.90 -78.13
C SER O 224 -29.59 32.90 -77.67
N SER O 225 -28.88 32.32 -78.63
CA SER O 225 -27.85 31.34 -78.35
C SER O 225 -26.44 31.92 -78.44
N GLY O 226 -26.30 33.23 -78.55
CA GLY O 226 -25.00 33.84 -78.61
C GLY O 226 -25.12 35.35 -78.61
N ASN O 227 -23.97 36.00 -78.51
CA ASN O 227 -23.87 37.46 -78.49
C ASN O 227 -22.88 37.92 -79.54
N TRP O 228 -22.94 39.22 -79.86
CA TRP O 228 -22.07 39.82 -80.84
C TRP O 228 -20.76 40.21 -80.18
N HIS O 229 -19.68 39.54 -80.56
CA HIS O 229 -18.34 39.83 -79.99
C HIS O 229 -17.41 40.20 -81.14
N CYS O 230 -17.26 41.50 -81.42
CA CYS O 230 -16.33 41.96 -82.47
C CYS O 230 -15.42 42.99 -81.81
N ASP O 231 -14.15 42.64 -81.57
CA ASP O 231 -13.24 43.58 -80.85
C ASP O 231 -11.82 43.02 -80.82
N SER O 232 -10.87 43.80 -80.30
CA SER O 232 -9.53 43.24 -80.13
C SER O 232 -8.94 43.72 -78.81
N THR O 233 -8.20 42.83 -78.16
CA THR O 233 -7.56 43.12 -76.87
C THR O 233 -6.07 42.93 -77.03
N TRP O 234 -5.30 43.96 -76.68
CA TRP O 234 -3.84 43.90 -76.70
C TRP O 234 -3.34 43.76 -75.27
N MET O 235 -2.66 42.64 -75.00
CA MET O 235 -2.15 42.38 -73.63
C MET O 235 -0.70 41.92 -73.73
N GLY O 236 0.25 42.85 -73.61
CA GLY O 236 1.66 42.50 -73.65
C GLY O 236 2.06 41.96 -75.02
N ASP O 237 2.56 40.73 -75.04
CA ASP O 237 3.01 40.07 -76.25
C ASP O 237 1.90 39.29 -76.94
N ARG O 238 0.63 39.63 -76.70
CA ARG O 238 -0.48 38.95 -77.32
C ARG O 238 -1.51 39.98 -77.80
N VAL O 239 -2.18 39.65 -78.89
CA VAL O 239 -3.35 40.39 -79.34
C VAL O 239 -4.41 39.37 -79.73
N THR O 240 -5.60 39.49 -79.15
CA THR O 240 -6.72 38.62 -79.44
C THR O 240 -7.75 39.38 -80.25
N THR O 241 -7.97 38.96 -81.48
CA THR O 241 -8.94 39.59 -82.37
C THR O 241 -10.17 38.71 -82.47
N THR O 242 -11.35 39.31 -82.26
CA THR O 242 -12.62 38.61 -82.37
C THR O 242 -13.48 39.31 -83.42
N SER O 243 -14.15 38.53 -84.25
CA SER O 243 -14.99 39.07 -85.31
C SER O 243 -16.31 38.33 -85.35
N THR O 244 -17.40 39.07 -85.59
CA THR O 244 -18.71 38.48 -85.77
C THR O 244 -19.30 39.01 -87.08
N ARG O 245 -19.92 38.11 -87.84
CA ARG O 245 -20.54 38.45 -89.11
C ARG O 245 -21.89 37.75 -89.23
N THR O 246 -22.74 38.29 -90.09
CA THR O 246 -24.02 37.68 -90.41
C THR O 246 -23.89 36.99 -91.77
N TRP O 247 -24.21 35.70 -91.81
CA TRP O 247 -24.07 34.90 -93.01
C TRP O 247 -25.43 34.43 -93.52
N ALA O 248 -25.47 34.16 -94.82
CA ALA O 248 -26.65 33.59 -95.47
C ALA O 248 -26.22 32.35 -96.24
N LEU O 249 -26.90 31.24 -96.00
CA LEU O 249 -26.57 29.97 -96.63
C LEU O 249 -27.75 29.47 -97.45
N PRO O 250 -27.66 29.46 -98.78
CA PRO O 250 -28.74 28.95 -99.60
C PRO O 250 -28.65 27.43 -99.70
N THR O 251 -29.55 26.86 -100.50
CA THR O 251 -29.50 25.45 -100.85
C THR O 251 -28.69 25.30 -102.13
N TYR O 252 -27.63 24.49 -102.08
CA TYR O 252 -26.70 24.35 -103.18
C TYR O 252 -26.96 23.06 -103.94
N ASN O 253 -26.97 23.16 -105.27
CA ASN O 253 -27.14 22.01 -106.16
C ASN O 253 -28.47 21.30 -105.98
N ASN O 254 -29.43 21.95 -105.31
CA ASN O 254 -30.72 21.33 -104.97
C ASN O 254 -30.51 20.03 -104.20
N HIS O 255 -29.66 20.10 -103.17
CA HIS O 255 -29.35 18.98 -102.28
C HIS O 255 -28.69 17.81 -102.97
N LEU O 256 -27.96 18.05 -104.05
CA LEU O 256 -27.38 16.99 -104.86
C LEU O 256 -25.88 17.10 -104.95
N TYR O 257 -25.23 15.97 -105.22
CA TYR O 257 -23.79 15.98 -105.54
C TYR O 257 -23.75 15.81 -107.05
N LYS O 258 -23.05 16.66 -107.76
CA LYS O 258 -22.95 16.66 -109.22
C LYS O 258 -21.50 16.53 -109.64
N GLN O 259 -21.23 15.56 -110.52
CA GLN O 259 -19.91 15.44 -111.10
C GLN O 259 -19.67 16.61 -112.06
N ILE O 260 -18.52 17.25 -111.90
CA ILE O 260 -18.17 18.40 -112.74
C ILE O 260 -16.84 18.10 -113.43
N SER O 261 -16.63 18.72 -114.58
CA SER O 261 -15.42 18.53 -115.34
C SER O 261 -15.25 19.72 -116.28
N SER O 262 -14.05 19.83 -116.85
CA SER O 262 -13.77 20.89 -117.79
C SER O 262 -14.62 20.73 -119.05
N GLN O 263 -14.92 21.87 -119.67
CA GLN O 263 -15.79 21.84 -120.86
C GLN O 263 -15.03 21.18 -122.00
N SER O 264 -15.76 20.51 -122.89
CA SER O 264 -15.11 19.95 -124.09
C SER O 264 -14.57 21.12 -124.93
N GLY O 265 -13.41 20.94 -125.54
CA GLY O 265 -12.74 21.95 -126.32
C GLY O 265 -11.78 22.81 -125.54
N ALA O 266 -11.71 22.65 -124.23
CA ALA O 266 -10.74 23.38 -123.43
C ALA O 266 -9.33 22.89 -123.71
N SER O 267 -8.35 23.76 -123.44
CA SER O 267 -6.97 23.37 -123.60
C SER O 267 -6.58 22.32 -122.57
N ASN O 268 -5.47 21.63 -122.83
CA ASN O 268 -5.02 20.60 -121.90
C ASN O 268 -4.65 21.18 -120.55
N ASP O 269 -4.11 22.40 -120.53
CA ASP O 269 -3.75 23.02 -119.26
C ASP O 269 -4.97 23.33 -118.40
N ASN O 270 -6.13 23.52 -119.02
CA ASN O 270 -7.35 23.89 -118.32
C ASN O 270 -8.26 22.70 -118.04
N HIS O 271 -7.84 21.49 -118.38
CA HIS O 271 -8.66 20.31 -118.13
C HIS O 271 -8.70 19.98 -116.64
N TYR O 272 -9.87 19.57 -116.16
CA TYR O 272 -10.01 19.19 -114.76
C TYR O 272 -11.22 18.26 -114.61
N PHE O 273 -11.24 17.57 -113.48
CA PHE O 273 -12.35 16.70 -113.10
C PHE O 273 -12.53 16.80 -111.59
N GLY O 274 -13.79 16.82 -111.16
CA GLY O 274 -14.05 16.95 -109.74
C GLY O 274 -15.52 16.76 -109.45
N TYR O 275 -15.91 17.14 -108.23
CA TYR O 275 -17.29 17.00 -107.78
C TYR O 275 -17.73 18.27 -107.08
N SER O 276 -19.00 18.62 -107.28
CA SER O 276 -19.62 19.76 -106.62
C SER O 276 -20.56 19.22 -105.53
N THR O 277 -20.41 19.73 -104.32
CA THR O 277 -21.20 19.25 -103.20
C THR O 277 -22.28 20.26 -102.83
N PRO O 278 -23.39 19.79 -102.22
CA PRO O 278 -24.42 20.72 -101.75
C PRO O 278 -24.05 21.47 -100.48
N TRP O 279 -22.85 21.28 -99.96
CA TRP O 279 -22.41 21.93 -98.73
C TRP O 279 -21.76 23.27 -99.00
N GLY O 280 -21.75 24.11 -97.98
CA GLY O 280 -20.96 25.33 -97.97
C GLY O 280 -19.87 25.23 -96.93
N TYR O 281 -18.98 26.22 -96.94
CA TYR O 281 -17.88 26.24 -95.98
C TYR O 281 -17.63 27.66 -95.52
N PHE O 282 -17.17 27.79 -94.28
CA PHE O 282 -16.85 29.09 -93.69
C PHE O 282 -15.37 29.36 -93.85
N ASP O 283 -15.04 30.46 -94.53
CA ASP O 283 -13.67 30.83 -94.81
C ASP O 283 -13.35 32.13 -94.08
N PHE O 284 -12.29 32.11 -93.27
CA PHE O 284 -11.76 33.33 -92.67
C PHE O 284 -10.24 33.39 -92.82
N ASN O 285 -9.74 32.90 -93.96
CA ASN O 285 -8.30 32.85 -94.23
C ASN O 285 -7.82 34.12 -94.92
N ARG O 286 -8.17 35.27 -94.35
CA ARG O 286 -7.68 36.56 -94.79
C ARG O 286 -7.54 37.45 -93.58
N PHE O 287 -6.52 38.30 -93.55
CA PHE O 287 -6.23 39.10 -92.32
C PHE O 287 -7.33 40.12 -92.05
N HIS O 288 -7.98 40.64 -93.09
CA HIS O 288 -9.03 41.68 -92.95
C HIS O 288 -10.25 41.09 -92.19
N CYS O 289 -10.36 39.77 -92.12
CA CYS O 289 -11.48 39.09 -91.43
C CYS O 289 -11.32 39.21 -89.92
N HIS O 290 -10.12 39.53 -89.44
CA HIS O 290 -9.85 39.62 -88.02
C HIS O 290 -9.27 40.95 -87.57
N PHE O 291 -8.51 41.63 -88.42
CA PHE O 291 -7.84 42.88 -88.08
C PHE O 291 -8.54 44.04 -88.75
N SER O 292 -8.89 45.06 -87.97
CA SER O 292 -9.29 46.33 -88.53
C SER O 292 -8.07 47.05 -89.07
N PRO O 293 -8.25 48.02 -89.97
CA PRO O 293 -7.09 48.79 -90.45
C PRO O 293 -6.29 49.45 -89.34
N ARG O 294 -6.96 49.98 -88.32
CA ARG O 294 -6.25 50.51 -87.16
C ARG O 294 -5.50 49.41 -86.42
N ASP O 295 -6.11 48.23 -86.30
CA ASP O 295 -5.43 47.10 -85.69
C ASP O 295 -4.20 46.70 -86.50
N TRP O 296 -4.32 46.69 -87.83
CA TRP O 296 -3.18 46.38 -88.68
C TRP O 296 -2.07 47.41 -88.52
N GLN O 297 -2.42 48.69 -88.45
CA GLN O 297 -1.41 49.72 -88.27
C GLN O 297 -0.72 49.60 -86.92
N ARG O 298 -1.49 49.27 -85.88
CA ARG O 298 -0.90 49.02 -84.56
C ARG O 298 0.01 47.81 -84.57
N LEU O 299 -0.33 46.78 -85.35
CA LEU O 299 0.49 45.58 -85.41
C LEU O 299 1.80 45.83 -86.16
N ILE O 300 1.72 46.47 -87.32
CA ILE O 300 2.88 46.54 -88.20
C ILE O 300 3.84 47.66 -87.85
N ASN O 301 3.40 48.68 -87.11
CA ASN O 301 4.27 49.78 -86.74
C ASN O 301 5.04 49.56 -85.46
N ASN O 302 4.77 48.47 -84.74
CA ASN O 302 5.34 48.27 -83.42
C ASN O 302 5.94 46.89 -83.18
N ASN O 303 5.73 45.93 -84.08
CA ASN O 303 6.15 44.56 -83.86
C ASN O 303 7.08 44.11 -84.97
N TRP O 304 8.09 43.33 -84.59
CA TRP O 304 9.00 42.71 -85.53
C TRP O 304 8.51 41.37 -86.05
N GLY O 305 7.41 40.85 -85.51
CA GLY O 305 6.87 39.59 -85.98
C GLY O 305 5.59 39.25 -85.26
N PHE O 306 4.85 38.30 -85.84
CA PHE O 306 3.63 37.80 -85.24
C PHE O 306 3.30 36.44 -85.82
N ARG O 307 2.50 35.68 -85.09
CA ARG O 307 2.08 34.35 -85.52
C ARG O 307 0.80 33.98 -84.78
N PRO O 308 -0.08 33.20 -85.39
CA PRO O 308 -1.28 32.75 -84.69
C PRO O 308 -0.98 31.66 -83.68
N LYS O 309 -1.77 31.65 -82.60
CA LYS O 309 -1.59 30.74 -81.49
C LYS O 309 -2.76 29.78 -81.33
N ARG O 310 -3.98 30.29 -81.25
CA ARG O 310 -5.17 29.46 -81.11
C ARG O 310 -6.37 30.23 -81.63
N LEU O 311 -7.43 29.51 -81.96
CA LEU O 311 -8.65 30.14 -82.44
C LEU O 311 -9.87 29.49 -81.80
N ASN O 312 -10.96 30.26 -81.76
CA ASN O 312 -12.27 29.76 -81.25
C ASN O 312 -13.30 30.14 -82.30
N PHE O 313 -14.23 29.24 -82.62
CA PHE O 313 -15.22 29.42 -83.66
C PHE O 313 -16.60 29.14 -83.09
N LYS O 314 -17.57 29.97 -83.52
CA LYS O 314 -18.95 29.76 -83.03
C LYS O 314 -20.00 30.09 -84.07
N LEU O 315 -21.02 29.25 -84.20
CA LEU O 315 -22.21 29.52 -85.00
C LEU O 315 -23.41 29.58 -84.06
N PHE O 316 -24.23 30.61 -84.21
CA PHE O 316 -25.32 30.82 -83.26
C PHE O 316 -26.40 31.66 -83.94
N ASN O 317 -27.54 31.76 -83.24
CA ASN O 317 -28.70 32.51 -83.72
C ASN O 317 -29.10 32.05 -85.11
N ILE O 318 -29.20 30.73 -85.27
CA ILE O 318 -29.47 30.13 -86.56
C ILE O 318 -30.97 30.19 -86.85
N GLN O 319 -31.32 30.75 -87.99
CA GLN O 319 -32.71 30.87 -88.43
C GLN O 319 -32.83 30.19 -89.79
N VAL O 320 -33.79 29.28 -89.91
CA VAL O 320 -34.08 28.63 -91.17
C VAL O 320 -35.36 29.26 -91.72
N LYS O 321 -35.26 29.82 -92.93
CA LYS O 321 -36.37 30.50 -93.58
C LYS O 321 -36.86 29.67 -94.75
N GLU O 322 -38.17 29.45 -94.81
CA GLU O 322 -38.80 28.75 -95.92
C GLU O 322 -39.31 29.76 -96.94
N VAL O 323 -38.94 29.57 -98.20
CA VAL O 323 -39.31 30.47 -99.29
C VAL O 323 -40.33 29.76 -100.17
N THR O 324 -41.44 30.45 -100.44
CA THR O 324 -42.47 29.95 -101.34
C THR O 324 -42.77 31.01 -102.39
N GLN O 325 -43.23 30.55 -103.55
CA GLN O 325 -43.53 31.43 -104.67
C GLN O 325 -44.85 31.00 -105.29
N ASN O 326 -45.90 31.78 -105.06
CA ASN O 326 -47.24 31.46 -105.54
C ASN O 326 -47.77 32.64 -106.34
N ASP O 327 -48.08 32.40 -107.62
CA ASP O 327 -48.63 33.42 -108.51
C ASP O 327 -47.73 34.65 -108.59
N GLY O 328 -46.42 34.42 -108.64
CA GLY O 328 -45.47 35.50 -108.80
C GLY O 328 -45.13 36.25 -107.53
N THR O 329 -45.56 35.77 -106.37
CA THR O 329 -45.29 36.43 -105.10
C THR O 329 -44.30 35.61 -104.29
N THR O 330 -43.26 36.26 -103.79
CA THR O 330 -42.24 35.62 -102.97
C THR O 330 -42.58 35.87 -101.50
N THR O 331 -42.89 34.79 -100.78
CA THR O 331 -43.24 34.85 -99.37
C THR O 331 -42.21 34.08 -98.56
N ILE O 332 -41.67 34.72 -97.53
CA ILE O 332 -40.66 34.12 -96.67
C ILE O 332 -41.23 34.00 -95.25
N ALA O 333 -41.17 32.79 -94.70
CA ALA O 333 -41.68 32.53 -93.37
C ALA O 333 -40.65 31.70 -92.60
N ASN O 334 -40.73 31.77 -91.28
CA ASN O 334 -39.82 31.01 -90.44
C ASN O 334 -40.14 29.51 -90.49
N ASN O 335 -39.09 28.71 -90.36
CA ASN O 335 -39.21 27.26 -90.21
C ASN O 335 -38.47 26.88 -88.93
N LEU O 336 -39.22 26.78 -87.83
CA LEU O 336 -38.59 26.58 -86.52
C LEU O 336 -38.16 25.14 -86.28
N THR O 337 -38.57 24.19 -87.13
CA THR O 337 -38.23 22.80 -86.95
C THR O 337 -37.15 22.29 -87.88
N SER O 338 -36.71 23.10 -88.85
CA SER O 338 -35.65 22.69 -89.75
C SER O 338 -34.29 22.84 -89.08
N THR O 339 -33.33 22.07 -89.58
CA THR O 339 -31.98 22.03 -89.03
C THR O 339 -30.96 22.44 -90.08
N VAL O 340 -29.75 22.71 -89.61
CA VAL O 340 -28.57 22.87 -90.44
C VAL O 340 -27.48 21.95 -89.91
N GLN O 341 -26.81 21.26 -90.83
CA GLN O 341 -25.76 20.31 -90.46
C GLN O 341 -24.40 20.99 -90.51
N VAL O 342 -23.66 20.93 -89.41
CA VAL O 342 -22.35 21.55 -89.30
C VAL O 342 -21.37 20.51 -88.77
N PHE O 343 -20.22 20.41 -89.44
CA PHE O 343 -19.13 19.59 -88.91
C PHE O 343 -17.80 20.17 -89.37
N THR O 344 -16.77 19.92 -88.57
CA THR O 344 -15.42 20.36 -88.87
C THR O 344 -14.59 19.16 -89.29
N ASP O 345 -13.83 19.31 -90.38
CA ASP O 345 -12.98 18.25 -90.90
C ASP O 345 -11.66 18.25 -90.13
N SER O 346 -11.72 17.84 -88.87
CA SER O 346 -10.52 17.90 -87.98
C SER O 346 -9.53 16.79 -88.29
N GLU O 347 -9.95 15.75 -88.99
CA GLU O 347 -9.01 14.70 -89.40
C GLU O 347 -8.46 14.92 -90.79
N TYR O 348 -8.84 16.00 -91.47
CA TYR O 348 -8.33 16.36 -92.79
C TYR O 348 -8.51 15.22 -93.79
N GLN O 349 -9.70 14.62 -93.78
CA GLN O 349 -10.03 13.56 -94.72
C GLN O 349 -10.68 14.07 -96.00
N LEU O 350 -10.97 15.35 -96.09
CA LEU O 350 -11.54 15.97 -97.27
C LEU O 350 -10.49 16.83 -97.98
N PRO O 351 -10.63 17.03 -99.29
CA PRO O 351 -9.70 17.92 -100.00
C PRO O 351 -9.76 19.33 -99.43
N TYR O 352 -8.59 19.85 -99.07
CA TYR O 352 -8.48 21.15 -98.41
C TYR O 352 -8.51 22.23 -99.48
N VAL O 353 -9.66 22.89 -99.62
CA VAL O 353 -9.81 23.96 -100.62
C VAL O 353 -9.54 25.33 -100.04
N LEU O 354 -9.40 25.47 -98.73
CA LEU O 354 -8.92 26.71 -98.15
C LEU O 354 -7.45 26.89 -98.49
N GLY O 355 -7.03 28.15 -98.54
CA GLY O 355 -5.66 28.46 -98.92
C GLY O 355 -5.42 28.56 -100.41
N SER O 356 -6.47 28.58 -101.23
CA SER O 356 -6.34 28.80 -102.66
C SER O 356 -6.76 30.20 -103.07
N ALA O 357 -6.85 31.12 -102.11
CA ALA O 357 -7.20 32.52 -102.37
C ALA O 357 -8.57 32.64 -103.04
N HIS O 358 -9.56 31.96 -102.46
CA HIS O 358 -10.91 31.95 -103.00
C HIS O 358 -11.78 33.02 -102.34
N GLN O 359 -12.74 33.52 -103.11
CA GLN O 359 -13.71 34.48 -102.60
C GLN O 359 -14.71 33.79 -101.68
N GLY O 360 -15.44 34.59 -100.92
CA GLY O 360 -16.41 34.08 -99.98
C GLY O 360 -16.01 34.13 -98.53
N CYS O 361 -14.96 34.88 -98.19
CA CYS O 361 -14.49 34.98 -96.82
C CYS O 361 -15.43 35.86 -96.00
N LEU O 362 -15.10 36.01 -94.73
CA LEU O 362 -15.80 36.98 -93.89
C LEU O 362 -15.47 38.38 -94.38
N PRO O 363 -16.46 39.23 -94.62
CA PRO O 363 -16.18 40.54 -95.19
C PRO O 363 -15.36 41.38 -94.23
N PRO O 364 -14.47 42.23 -94.75
CA PRO O 364 -13.63 43.05 -93.85
C PRO O 364 -14.43 43.99 -92.96
N PHE O 365 -15.54 44.52 -93.44
CA PHE O 365 -16.37 45.41 -92.65
C PHE O 365 -17.35 44.59 -91.82
N PRO O 366 -17.37 44.78 -90.49
CA PRO O 366 -18.24 43.94 -89.64
C PRO O 366 -19.72 44.07 -89.92
N ALA O 367 -20.15 45.14 -90.59
CA ALA O 367 -21.57 45.36 -90.85
C ALA O 367 -22.06 44.70 -92.12
N ASP O 368 -21.18 44.09 -92.91
CA ASP O 368 -21.56 43.47 -94.16
C ASP O 368 -22.06 42.05 -93.95
N VAL O 369 -23.07 41.66 -94.73
CA VAL O 369 -23.63 40.32 -94.71
C VAL O 369 -23.12 39.57 -95.94
N PHE O 370 -22.66 38.34 -95.74
CA PHE O 370 -22.01 37.59 -96.80
C PHE O 370 -22.68 36.24 -97.01
N MET O 371 -22.61 35.76 -98.25
CA MET O 371 -23.10 34.44 -98.61
C MET O 371 -22.02 33.39 -98.37
N VAL O 372 -22.42 32.23 -97.89
CA VAL O 372 -21.50 31.13 -97.62
C VAL O 372 -21.12 30.47 -98.94
N PRO O 373 -19.83 30.39 -99.28
CA PRO O 373 -19.44 29.82 -100.58
C PRO O 373 -19.71 28.32 -100.64
N GLN O 374 -19.98 27.85 -101.85
CA GLN O 374 -20.25 26.44 -102.08
C GLN O 374 -18.96 25.64 -102.08
N TYR O 375 -18.98 24.49 -101.40
CA TYR O 375 -17.79 23.64 -101.32
C TYR O 375 -17.71 22.74 -102.54
N GLY O 376 -16.51 22.60 -103.08
CA GLY O 376 -16.25 21.72 -104.20
C GLY O 376 -14.78 21.39 -104.26
N TYR O 377 -14.47 20.24 -104.84
CA TYR O 377 -13.09 19.77 -104.90
C TYR O 377 -12.81 19.16 -106.25
N LEU O 378 -11.52 19.08 -106.58
CA LEU O 378 -11.05 18.45 -107.80
C LEU O 378 -10.24 17.21 -107.45
N THR O 379 -10.32 16.22 -108.34
CA THR O 379 -9.55 14.99 -108.17
C THR O 379 -8.76 14.73 -109.45
N LEU O 380 -8.13 13.56 -109.53
CA LEU O 380 -7.29 13.22 -110.70
C LEU O 380 -8.13 13.22 -111.98
N ASN O 381 -7.56 13.70 -113.07
CA ASN O 381 -8.28 13.71 -114.36
C ASN O 381 -7.34 13.35 -115.51
N ASN O 382 -7.81 12.58 -116.48
CA ASN O 382 -7.03 12.34 -117.71
C ASN O 382 -7.80 13.13 -118.77
N GLY O 383 -7.54 14.43 -118.88
CA GLY O 383 -8.36 15.26 -119.78
C GLY O 383 -9.63 15.65 -119.04
N SER O 384 -10.78 15.61 -119.70
CA SER O 384 -12.04 15.89 -119.03
C SER O 384 -12.59 14.67 -118.30
N GLN O 385 -11.99 13.50 -118.47
CA GLN O 385 -12.43 12.27 -117.84
C GLN O 385 -11.69 12.03 -116.53
N ALA O 386 -12.10 10.98 -115.84
CA ALA O 386 -11.48 10.57 -114.59
C ALA O 386 -10.67 9.30 -114.79
N VAL O 387 -9.87 8.97 -113.77
CA VAL O 387 -9.09 7.75 -113.75
C VAL O 387 -9.54 6.91 -112.56
N GLY O 388 -9.01 5.69 -112.48
CA GLY O 388 -9.39 4.80 -111.40
C GLY O 388 -8.95 5.28 -110.04
N ARG O 389 -7.91 6.11 -109.99
CA ARG O 389 -7.41 6.64 -108.73
C ARG O 389 -8.18 7.86 -108.24
N SER O 390 -9.09 8.39 -109.06
CA SER O 390 -9.88 9.54 -108.64
C SER O 390 -10.75 9.17 -107.44
N SER O 391 -10.85 10.10 -106.49
CA SER O 391 -11.55 9.87 -105.24
C SER O 391 -12.85 10.65 -105.20
N PHE O 392 -13.90 10.03 -104.69
CA PHE O 392 -15.18 10.67 -104.48
C PHE O 392 -15.47 10.72 -102.99
N TYR O 393 -15.95 11.87 -102.51
CA TYR O 393 -16.21 12.09 -101.10
C TYR O 393 -17.66 12.51 -100.90
N CYS O 394 -18.38 11.78 -100.06
CA CYS O 394 -19.71 12.17 -99.63
C CYS O 394 -19.59 12.79 -98.24
N LEU O 395 -19.98 14.05 -98.12
CA LEU O 395 -19.85 14.77 -96.86
C LEU O 395 -20.91 14.37 -95.84
N GLU O 396 -21.96 13.68 -96.26
CA GLU O 396 -22.92 13.11 -95.32
C GLU O 396 -22.42 11.83 -94.68
N TYR O 397 -21.24 11.35 -95.10
CA TYR O 397 -20.62 10.13 -94.51
C TYR O 397 -19.76 10.52 -93.32
N PHE O 398 -19.76 11.80 -92.97
CA PHE O 398 -19.12 12.34 -91.78
C PHE O 398 -20.14 12.60 -90.68
N PRO O 399 -19.77 12.42 -89.43
CA PRO O 399 -20.67 12.80 -88.33
C PRO O 399 -20.78 14.32 -88.26
N SER O 400 -22.02 14.81 -88.31
CA SER O 400 -22.28 16.24 -88.27
C SER O 400 -23.28 16.55 -87.17
N GLN O 401 -23.24 17.79 -86.70
CA GLN O 401 -24.14 18.26 -85.65
C GLN O 401 -25.31 18.99 -86.28
N MET O 402 -26.52 18.59 -85.88
CA MET O 402 -27.75 19.17 -86.41
C MET O 402 -28.23 20.27 -85.47
N LEU O 403 -28.49 21.45 -86.03
CA LEU O 403 -28.82 22.63 -85.24
C LEU O 403 -30.16 23.19 -85.68
N ARG O 404 -31.11 23.22 -84.76
CA ARG O 404 -32.36 23.94 -84.97
C ARG O 404 -32.19 25.40 -84.55
N THR O 405 -33.27 26.17 -84.65
CA THR O 405 -33.22 27.56 -84.12
C THR O 405 -33.15 27.44 -82.60
N GLY O 406 -32.09 27.96 -82.01
CA GLY O 406 -31.83 27.83 -80.59
C GLY O 406 -30.64 26.98 -80.25
N ASN O 407 -30.09 26.25 -81.21
CA ASN O 407 -28.87 25.48 -81.02
C ASN O 407 -27.67 26.26 -81.55
N ASN O 408 -26.51 26.04 -80.95
CA ASN O 408 -25.28 26.68 -81.37
C ASN O 408 -24.19 25.64 -81.56
N PHE O 409 -23.18 26.01 -82.34
CA PHE O 409 -22.03 25.17 -82.62
C PHE O 409 -20.78 25.91 -82.20
N THR O 410 -19.79 25.16 -81.69
CA THR O 410 -18.54 25.76 -81.30
C THR O 410 -17.44 24.72 -81.38
N PHE O 411 -16.20 25.19 -81.59
CA PHE O 411 -15.03 24.34 -81.51
C PHE O 411 -13.80 25.22 -81.35
N SER O 412 -12.76 24.64 -80.74
CA SER O 412 -11.52 25.34 -80.48
C SER O 412 -10.38 24.62 -81.19
N TYR O 413 -9.42 25.40 -81.68
CA TYR O 413 -8.29 24.88 -82.42
C TYR O 413 -7.02 25.55 -81.93
N THR O 414 -5.94 24.79 -81.87
CA THR O 414 -4.63 25.32 -81.48
C THR O 414 -3.69 25.24 -82.67
N PHE O 415 -3.10 26.37 -83.03
CA PHE O 415 -2.12 26.38 -84.12
C PHE O 415 -0.85 25.65 -83.68
N GLU O 416 -0.22 24.97 -84.63
CA GLU O 416 1.08 24.39 -84.39
C GLU O 416 2.14 25.50 -84.32
N ASP O 417 3.31 25.13 -83.80
CA ASP O 417 4.40 26.09 -83.70
C ASP O 417 4.89 26.46 -85.11
N VAL O 418 4.88 27.75 -85.40
CA VAL O 418 5.31 28.25 -86.71
C VAL O 418 6.22 29.44 -86.50
N PRO O 419 7.12 29.71 -87.44
CA PRO O 419 7.99 30.89 -87.30
C PRO O 419 7.18 32.19 -87.32
N PHE O 420 7.70 33.18 -86.60
CA PHE O 420 7.12 34.51 -86.67
C PHE O 420 7.26 35.07 -88.08
N HIS O 421 6.21 35.71 -88.57
CA HIS O 421 6.30 36.40 -89.84
C HIS O 421 7.28 37.56 -89.71
N SER O 422 8.15 37.70 -90.72
CA SER O 422 9.17 38.78 -90.73
C SER O 422 8.50 40.11 -91.08
N SER O 423 7.87 40.75 -90.11
CA SER O 423 7.23 42.04 -90.33
C SER O 423 8.23 43.19 -90.19
N TYR O 424 9.34 43.08 -90.92
CA TYR O 424 10.38 44.08 -90.90
C TYR O 424 11.09 44.07 -92.24
N ALA O 425 11.77 45.17 -92.54
CA ALA O 425 12.64 45.29 -93.69
C ALA O 425 14.07 45.44 -93.22
N HIS O 426 14.98 44.71 -93.86
CA HIS O 426 16.38 44.78 -93.47
C HIS O 426 16.96 46.15 -93.82
N SER O 427 17.66 46.75 -92.85
CA SER O 427 18.35 48.01 -93.06
C SER O 427 19.76 47.83 -93.59
N GLN O 428 20.19 46.58 -93.82
CA GLN O 428 21.46 46.28 -94.45
C GLN O 428 21.22 45.40 -95.66
N SER O 429 22.10 45.53 -96.65
CA SER O 429 22.08 44.67 -97.82
C SER O 429 23.05 43.52 -97.63
N LEU O 430 22.74 42.38 -98.26
CA LEU O 430 23.57 41.19 -98.10
C LEU O 430 24.96 41.39 -98.68
N ASP O 431 25.13 42.33 -99.61
CA ASP O 431 26.45 42.56 -100.26
C ASP O 431 27.16 43.75 -99.60
N ARG O 432 26.59 44.29 -98.51
CA ARG O 432 27.17 45.43 -97.81
C ARG O 432 27.21 45.17 -96.31
N LEU O 433 27.69 43.98 -95.92
CA LEU O 433 27.74 43.57 -94.53
C LEU O 433 29.11 43.75 -93.90
N MET O 434 30.04 44.39 -94.60
CA MET O 434 31.43 44.49 -94.16
C MET O 434 31.67 45.81 -93.44
N ASN O 435 32.90 45.97 -92.94
CA ASN O 435 33.35 47.22 -92.36
C ASN O 435 34.05 48.02 -93.45
N PRO O 436 33.50 49.16 -93.87
CA PRO O 436 34.10 49.90 -95.00
C PRO O 436 35.43 50.55 -94.67
N LEU O 437 35.84 50.59 -93.41
CA LEU O 437 37.06 51.26 -93.01
C LEU O 437 38.28 50.35 -93.05
N ILE O 438 38.09 49.04 -92.93
CA ILE O 438 39.19 48.09 -92.80
C ILE O 438 39.23 47.22 -94.04
N ASP O 439 40.42 47.02 -94.59
CA ASP O 439 40.61 46.12 -95.71
C ASP O 439 40.51 44.66 -95.23
N GLN O 440 40.19 43.79 -96.17
CA GLN O 440 40.21 42.35 -95.91
C GLN O 440 41.63 41.82 -96.00
N TYR O 441 41.91 40.78 -95.22
CA TYR O 441 43.20 40.10 -95.34
C TYR O 441 43.22 39.08 -96.48
N LEU O 442 42.07 38.73 -97.03
CA LEU O 442 42.01 37.80 -98.15
C LEU O 442 42.28 38.53 -99.47
N TYR O 443 42.83 37.80 -100.41
CA TYR O 443 43.18 38.33 -101.72
C TYR O 443 42.22 37.79 -102.78
N TYR O 444 42.02 38.59 -103.82
CA TYR O 444 41.23 38.19 -104.97
C TYR O 444 42.01 38.52 -106.23
N LEU O 445 41.78 37.74 -107.28
CA LEU O 445 42.40 37.99 -108.58
C LEU O 445 41.86 39.30 -109.15
N SER O 446 42.69 40.33 -109.16
CA SER O 446 42.27 41.65 -109.63
C SER O 446 42.69 41.95 -111.05
N ARG O 447 43.83 41.41 -111.46
CA ARG O 447 44.30 41.63 -112.85
C ARG O 447 44.71 40.31 -113.49
N THR O 448 44.54 40.21 -114.79
CA THR O 448 44.91 39.02 -115.53
C THR O 448 46.00 39.26 -116.56
N ASN O 449 46.43 40.49 -116.78
CA ASN O 449 47.51 40.79 -117.70
C ASN O 449 48.17 42.10 -117.28
N THR O 450 49.35 42.34 -117.84
CA THR O 450 50.10 43.58 -117.60
C THR O 450 50.63 44.11 -118.91
N PRO O 451 50.86 45.45 -119.04
CA PRO O 451 51.45 45.98 -120.26
C PRO O 451 52.84 45.37 -120.46
N SER O 452 53.07 44.76 -121.62
CA SER O 452 54.42 44.20 -121.92
C SER O 452 54.86 44.77 -123.27
N GLY O 453 55.98 45.50 -123.30
CA GLY O 453 56.41 46.16 -124.55
C GLY O 453 55.32 47.10 -125.04
N THR O 454 54.89 46.94 -126.29
CA THR O 454 53.79 47.77 -126.85
C THR O 454 52.55 46.89 -126.98
N THR O 455 52.64 45.63 -126.52
CA THR O 455 51.47 44.71 -126.54
C THR O 455 51.06 44.41 -125.10
N THR O 456 50.43 43.26 -124.86
CA THR O 456 50.07 42.85 -123.47
C THR O 456 50.63 41.46 -123.20
N GLN O 457 50.87 41.15 -121.92
CA GLN O 457 51.37 39.84 -121.54
C GLN O 457 50.55 39.31 -120.37
N SER O 458 50.23 38.02 -120.41
CA SER O 458 49.42 37.41 -119.36
C SER O 458 50.19 37.39 -118.05
N ARG O 459 49.56 37.88 -116.98
CA ARG O 459 50.20 37.95 -115.67
C ARG O 459 49.10 38.09 -114.62
N LEU O 460 49.05 37.15 -113.68
CA LEU O 460 48.05 37.18 -112.63
C LEU O 460 48.50 38.06 -111.48
N GLN O 461 47.60 38.93 -111.00
CA GLN O 461 47.86 39.77 -109.85
C GLN O 461 46.67 39.71 -108.90
N PHE O 462 46.95 39.93 -107.62
CA PHE O 462 45.95 39.81 -106.57
C PHE O 462 45.97 41.04 -105.68
N SER O 463 44.79 41.40 -105.18
CA SER O 463 44.64 42.58 -104.34
C SER O 463 43.76 42.23 -103.14
N GLN O 464 43.92 43.01 -102.08
CA GLN O 464 43.04 42.93 -100.92
C GLN O 464 41.89 43.91 -101.11
N ALA O 465 40.68 43.43 -100.88
CA ALA O 465 39.48 44.23 -101.16
C ALA O 465 39.19 45.17 -99.99
N GLY O 466 38.84 46.41 -100.33
CA GLY O 466 38.45 47.42 -99.37
C GLY O 466 37.15 48.08 -99.81
N ALA O 467 37.06 49.39 -99.53
CA ALA O 467 35.85 50.13 -99.88
C ALA O 467 35.80 50.50 -101.35
N SER O 468 36.95 50.81 -101.96
CA SER O 468 36.97 51.25 -103.34
C SER O 468 36.59 50.13 -104.30
N ASP O 469 36.96 48.89 -103.99
CA ASP O 469 36.61 47.73 -104.79
C ASP O 469 35.71 46.82 -103.98
N ILE O 470 34.70 47.41 -103.33
CA ILE O 470 33.83 46.71 -102.40
C ILE O 470 33.09 45.55 -103.04
N ARG O 471 32.93 45.56 -104.36
CA ARG O 471 32.21 44.49 -105.04
C ARG O 471 33.01 43.18 -105.06
N ASP O 472 34.32 43.24 -104.84
CA ASP O 472 35.18 42.06 -104.93
C ASP O 472 35.46 41.43 -103.57
N GLN O 473 34.83 41.92 -102.51
CA GLN O 473 35.10 41.41 -101.17
C GLN O 473 34.62 39.98 -101.02
N SER O 474 35.40 39.17 -100.31
CA SER O 474 35.00 37.81 -100.01
C SER O 474 33.83 37.83 -99.02
N ARG O 475 32.83 36.99 -99.29
CA ARG O 475 31.60 36.99 -98.53
C ARG O 475 31.24 35.58 -98.12
N ASN O 476 30.40 35.48 -97.08
CA ASN O 476 30.02 34.19 -96.50
C ASN O 476 28.67 33.69 -96.97
N TRP O 477 27.86 34.54 -97.60
CA TRP O 477 26.47 34.21 -97.89
C TRP O 477 26.14 34.59 -99.33
N LEU O 478 25.01 34.07 -99.80
CA LEU O 478 24.52 34.27 -101.15
C LEU O 478 23.05 34.68 -101.13
N PRO O 479 22.60 35.41 -102.14
CA PRO O 479 21.18 35.75 -102.23
C PRO O 479 20.32 34.53 -102.50
N GLY O 480 19.06 34.60 -102.08
CA GLY O 480 18.14 33.48 -102.17
C GLY O 480 17.86 33.02 -103.58
N PRO O 481 17.09 31.94 -103.70
CA PRO O 481 16.86 31.34 -105.02
C PRO O 481 15.96 32.22 -105.89
N CYS O 482 16.07 31.94 -107.19
CA CYS O 482 15.41 32.77 -108.21
C CYS O 482 14.68 31.93 -109.25
N TYR O 483 13.58 32.45 -109.80
CA TYR O 483 12.89 31.83 -110.92
C TYR O 483 12.37 32.98 -111.77
N ARG O 484 13.13 33.34 -112.80
CA ARG O 484 12.99 34.65 -113.44
C ARG O 484 11.59 34.88 -114.01
N GLN O 485 11.09 36.09 -113.82
CA GLN O 485 9.81 36.53 -114.32
C GLN O 485 10.00 37.60 -115.39
N GLN O 486 9.05 37.69 -116.31
CA GLN O 486 9.09 38.75 -117.30
C GLN O 486 8.73 40.08 -116.65
N ARG O 487 9.36 41.15 -117.12
CA ARG O 487 9.16 42.48 -116.58
C ARG O 487 8.10 43.22 -117.38
N VAL O 488 7.12 43.75 -116.65
CA VAL O 488 6.02 44.55 -117.26
C VAL O 488 6.05 45.91 -116.57
N SER O 489 5.60 46.97 -117.23
CA SER O 489 5.59 48.32 -116.70
C SER O 489 4.17 48.80 -116.48
N LYS O 490 3.98 49.58 -115.41
CA LYS O 490 2.64 50.15 -115.12
C LYS O 490 2.31 51.21 -116.16
N THR O 491 3.33 51.84 -116.76
CA THR O 491 3.12 52.79 -117.88
C THR O 491 2.86 51.92 -119.12
N SER O 492 1.66 51.98 -119.69
CA SER O 492 1.30 51.06 -120.80
C SER O 492 2.22 51.20 -122.02
N ALA O 493 2.53 52.43 -122.44
CA ALA O 493 3.33 52.60 -123.66
C ALA O 493 4.67 51.89 -123.57
N ASP O 494 5.17 51.68 -122.36
CA ASP O 494 6.48 51.06 -122.17
C ASP O 494 6.49 49.56 -122.48
N ASN O 495 5.31 48.95 -122.61
CA ASN O 495 5.22 47.52 -122.82
C ASN O 495 5.21 47.18 -124.30
N ASN O 496 5.60 45.94 -124.61
CA ASN O 496 5.60 45.49 -125.99
C ASN O 496 4.18 45.39 -126.53
N ASN O 497 4.00 45.78 -127.78
CA ASN O 497 2.67 45.77 -128.42
C ASN O 497 2.40 44.37 -128.99
N SER O 498 2.15 43.44 -128.08
CA SER O 498 1.85 42.06 -128.45
C SER O 498 1.14 41.39 -127.28
N GLU O 499 0.60 40.20 -127.56
CA GLU O 499 -0.07 39.39 -126.51
C GLU O 499 0.96 38.41 -125.97
N TYR O 500 1.52 38.71 -124.80
CA TYR O 500 2.56 37.89 -124.20
C TYR O 500 2.21 37.47 -122.77
N SER O 501 0.93 37.46 -122.41
CA SER O 501 0.56 37.07 -121.05
C SER O 501 0.77 35.59 -120.79
N TRP O 502 0.91 34.78 -121.84
CA TRP O 502 1.18 33.36 -121.69
C TRP O 502 2.46 32.92 -122.37
N THR O 503 2.76 33.45 -123.56
CA THR O 503 3.99 33.09 -124.24
C THR O 503 5.23 33.50 -123.44
N GLY O 504 5.20 34.71 -122.88
CA GLY O 504 6.26 35.21 -122.04
C GLY O 504 6.09 34.92 -120.57
N ALA O 505 5.09 34.13 -120.20
CA ALA O 505 4.80 33.85 -118.80
C ALA O 505 5.77 32.81 -118.24
N THR O 506 5.97 32.88 -116.93
CA THR O 506 6.79 31.91 -116.21
C THR O 506 5.91 30.74 -115.78
N LYS O 507 6.28 29.53 -116.17
CA LYS O 507 5.43 28.37 -116.03
C LYS O 507 6.21 27.20 -115.45
N TYR O 508 5.48 26.28 -114.83
CA TYR O 508 6.02 24.99 -114.45
C TYR O 508 5.20 23.89 -115.13
N HIS O 509 5.89 22.82 -115.51
CA HIS O 509 5.32 21.73 -116.30
C HIS O 509 5.06 20.55 -115.38
N LEU O 510 3.82 20.06 -115.35
CA LEU O 510 3.43 18.96 -114.47
C LEU O 510 2.44 18.08 -115.20
N ASN O 511 2.85 16.83 -115.46
CA ASN O 511 1.99 15.84 -116.11
C ASN O 511 1.49 16.32 -117.48
N GLY O 512 2.36 16.99 -118.22
CA GLY O 512 2.01 17.47 -119.53
C GLY O 512 1.19 18.73 -119.58
N ARG O 513 0.91 19.33 -118.42
CA ARG O 513 0.16 20.61 -118.42
C ARG O 513 0.98 21.75 -117.84
N ASP O 514 0.96 22.91 -118.48
CA ASP O 514 1.64 24.11 -118.02
C ASP O 514 0.73 24.88 -117.06
N SER O 515 1.26 25.20 -115.89
CA SER O 515 0.56 26.03 -114.92
C SER O 515 1.34 27.32 -114.72
N LEU O 516 0.62 28.43 -114.59
CA LEU O 516 1.26 29.71 -114.34
C LEU O 516 1.92 29.71 -112.97
N VAL O 517 3.15 30.23 -112.91
CA VAL O 517 3.86 30.41 -111.65
C VAL O 517 3.43 31.77 -111.11
N ASN O 518 2.56 31.75 -110.11
CA ASN O 518 1.96 32.97 -109.59
C ASN O 518 1.61 32.80 -108.12
N PRO O 519 2.27 33.55 -107.22
CA PRO O 519 3.32 34.54 -107.47
C PRO O 519 4.72 33.93 -107.51
N GLY O 520 4.85 32.65 -107.19
CA GLY O 520 6.12 31.98 -107.25
C GLY O 520 7.02 32.26 -106.07
N PRO O 521 8.31 31.93 -106.22
CA PRO O 521 9.27 32.19 -105.13
C PRO O 521 9.36 33.67 -104.81
N ALA O 522 9.60 33.96 -103.53
CA ALA O 522 9.65 35.34 -103.06
C ALA O 522 10.86 36.05 -103.65
N MET O 523 10.61 37.08 -104.45
CA MET O 523 11.66 37.84 -105.09
C MET O 523 11.26 39.32 -105.10
N ALA O 524 12.28 40.18 -105.16
CA ALA O 524 12.03 41.61 -105.19
C ALA O 524 11.31 42.02 -106.46
N SER O 525 10.32 42.90 -106.33
CA SER O 525 9.56 43.34 -107.50
C SER O 525 10.43 44.13 -108.46
N HIS O 526 11.32 44.97 -107.93
CA HIS O 526 12.14 45.83 -108.77
C HIS O 526 13.36 46.27 -107.99
N LYS O 527 14.34 46.80 -108.71
CA LYS O 527 15.55 47.34 -108.11
C LYS O 527 15.35 48.81 -107.77
N ASP O 528 16.43 49.51 -107.42
CA ASP O 528 16.33 50.91 -107.05
C ASP O 528 15.80 51.75 -108.19
N ASP O 529 14.88 52.66 -107.87
CA ASP O 529 14.38 53.66 -108.81
C ASP O 529 13.73 53.02 -110.03
N GLU O 530 13.02 51.92 -109.81
CA GLU O 530 12.29 51.24 -110.89
C GLU O 530 10.93 50.79 -110.38
N GLU O 531 10.26 51.64 -109.61
CA GLU O 531 9.00 51.27 -108.98
C GLU O 531 7.89 51.03 -110.00
N LYS O 532 8.04 51.51 -111.24
CA LYS O 532 7.01 51.27 -112.25
C LYS O 532 7.05 49.86 -112.81
N PHE O 533 8.10 49.10 -112.53
CA PHE O 533 8.26 47.75 -113.05
C PHE O 533 7.86 46.72 -112.00
N PHE O 534 7.11 45.72 -112.43
CA PHE O 534 6.73 44.60 -111.58
C PHE O 534 6.79 43.31 -112.38
N PRO O 535 7.03 42.19 -111.72
CA PRO O 535 7.04 40.90 -112.43
C PRO O 535 5.66 40.57 -112.98
N GLN O 536 5.65 39.87 -114.11
CA GLN O 536 4.40 39.62 -114.82
C GLN O 536 3.43 38.81 -113.98
N SER O 537 3.91 37.79 -113.29
CA SER O 537 3.07 37.01 -112.38
C SER O 537 3.82 36.73 -111.08
N GLY O 538 4.60 37.71 -110.62
CA GLY O 538 5.40 37.55 -109.43
C GLY O 538 4.95 38.32 -108.20
N VAL O 539 3.82 39.01 -108.27
CA VAL O 539 3.30 39.77 -107.14
C VAL O 539 1.81 39.49 -106.99
N LEU O 540 1.31 39.66 -105.78
CA LEU O 540 -0.12 39.58 -105.56
C LEU O 540 -0.80 40.83 -106.10
N ILE O 541 -1.93 40.64 -106.77
CA ILE O 541 -2.70 41.74 -107.34
C ILE O 541 -4.10 41.67 -106.73
N PHE O 542 -4.46 42.69 -105.97
CA PHE O 542 -5.77 42.78 -105.35
C PHE O 542 -6.66 43.71 -106.15
N GLY O 543 -7.95 43.39 -106.19
CA GLY O 543 -8.91 44.21 -106.89
C GLY O 543 -9.45 45.32 -106.01
N LYS O 544 -9.62 46.50 -106.61
CA LYS O 544 -10.28 47.59 -105.92
C LYS O 544 -11.76 47.29 -105.78
N GLN O 545 -12.44 48.09 -104.95
CA GLN O 545 -13.87 47.89 -104.74
C GLN O 545 -14.64 48.10 -106.04
N GLY O 546 -15.53 47.16 -106.35
CA GLY O 546 -16.32 47.22 -107.55
C GLY O 546 -15.65 46.70 -108.80
N SER O 547 -14.47 46.11 -108.66
CA SER O 547 -13.70 45.64 -109.83
C SER O 547 -14.36 44.38 -110.41
N GLU O 548 -14.42 44.27 -111.74
CA GLU O 548 -15.02 43.13 -112.40
C GLU O 548 -14.08 41.93 -112.33
N LYS O 549 -14.42 40.87 -113.07
CA LYS O 549 -13.67 39.64 -113.02
C LYS O 549 -12.68 39.49 -114.18
N THR O 550 -13.07 39.89 -115.37
CA THR O 550 -12.31 39.62 -116.58
C THR O 550 -11.79 40.92 -117.20
N ASN O 551 -10.48 40.97 -117.43
CA ASN O 551 -9.83 42.01 -118.25
C ASN O 551 -10.13 43.42 -117.73
N VAL O 552 -9.93 43.61 -116.43
CA VAL O 552 -10.03 44.94 -115.85
C VAL O 552 -8.74 45.70 -116.10
N ASP O 553 -8.82 47.02 -116.15
CA ASP O 553 -7.66 47.84 -116.42
C ASP O 553 -6.72 47.87 -115.22
N ILE O 554 -5.53 48.43 -115.43
CA ILE O 554 -4.55 48.49 -114.35
C ILE O 554 -5.01 49.44 -113.25
N GLU O 555 -5.76 50.49 -113.60
CA GLU O 555 -6.26 51.40 -112.58
C GLU O 555 -7.35 50.78 -111.72
N LYS O 556 -7.88 49.62 -112.11
CA LYS O 556 -8.89 48.92 -111.33
C LYS O 556 -8.28 47.95 -110.32
N VAL O 557 -6.97 47.74 -110.35
CA VAL O 557 -6.31 46.79 -109.46
C VAL O 557 -5.19 47.50 -108.72
N MET O 558 -4.80 46.91 -107.59
CA MET O 558 -3.72 47.40 -106.75
C MET O 558 -2.63 46.35 -106.73
N ILE O 559 -1.47 46.68 -107.28
CA ILE O 559 -0.36 45.74 -107.42
C ILE O 559 0.57 45.91 -106.21
N THR O 560 0.86 44.82 -105.53
CA THR O 560 1.70 44.87 -104.35
C THR O 560 3.18 45.01 -104.73
N ASP O 561 3.97 45.40 -103.75
CA ASP O 561 5.41 45.60 -103.99
C ASP O 561 6.20 44.82 -102.95
N GLU O 562 7.20 44.07 -103.37
CA GLU O 562 8.08 43.29 -102.53
C GLU O 562 9.49 43.85 -102.56
N GLU O 563 9.62 45.17 -102.51
CA GLU O 563 10.93 45.80 -102.58
C GLU O 563 11.69 45.75 -101.27
N GLU O 564 11.01 45.48 -100.15
CA GLU O 564 11.70 45.45 -98.86
C GLU O 564 12.63 44.25 -98.73
N ILE O 565 12.50 43.25 -99.60
CA ILE O 565 13.32 42.04 -99.52
C ILE O 565 14.42 42.02 -100.57
N ARG O 566 14.64 43.13 -101.28
CA ARG O 566 15.72 43.19 -102.24
C ARG O 566 17.09 43.22 -101.60
N THR O 567 17.15 43.37 -100.27
CA THR O 567 18.43 43.30 -99.58
C THR O 567 19.03 41.90 -99.62
N THR O 568 18.19 40.86 -99.57
CA THR O 568 18.65 39.49 -99.59
C THR O 568 18.12 38.66 -100.75
N ASN O 569 17.07 39.11 -101.42
CA ASN O 569 16.45 38.33 -102.49
C ASN O 569 16.73 38.96 -103.84
N PRO O 570 17.00 38.15 -104.86
CA PRO O 570 17.24 38.70 -106.19
C PRO O 570 15.99 39.35 -106.76
N VAL O 571 16.21 40.33 -107.63
CA VAL O 571 15.10 40.97 -108.32
C VAL O 571 14.44 39.95 -109.24
N ALA O 572 13.10 39.95 -109.26
CA ALA O 572 12.35 38.90 -109.94
C ALA O 572 12.61 38.91 -111.45
N THR O 573 12.77 40.09 -112.03
CA THR O 573 12.88 40.22 -113.48
C THR O 573 14.30 40.17 -114.00
N GLU O 574 15.28 39.97 -113.12
CA GLU O 574 16.68 39.94 -113.51
C GLU O 574 17.28 38.58 -113.20
N GLN O 575 18.47 38.34 -113.74
CA GLN O 575 19.16 37.09 -113.53
C GLN O 575 19.70 37.02 -112.09
N TYR O 576 19.88 35.78 -111.62
CA TYR O 576 20.52 35.60 -110.32
C TYR O 576 21.97 36.05 -110.35
N GLY O 577 22.67 35.74 -111.44
CA GLY O 577 24.09 36.07 -111.54
C GLY O 577 24.68 35.49 -112.80
N SER O 578 25.99 35.26 -112.77
CA SER O 578 26.72 34.73 -113.90
C SER O 578 27.63 33.60 -113.45
N VAL O 579 27.79 32.60 -114.33
CA VAL O 579 28.68 31.48 -114.09
C VAL O 579 29.55 31.29 -115.33
N SER O 580 30.70 30.66 -115.13
CA SER O 580 31.58 30.34 -116.23
C SER O 580 31.02 29.17 -117.04
N THR O 581 31.25 29.19 -118.35
CA THR O 581 30.74 28.16 -119.24
C THR O 581 31.83 27.42 -120.01
N ASN O 582 33.09 27.86 -119.91
CA ASN O 582 34.17 27.20 -120.64
C ASN O 582 35.44 27.28 -119.79
N LEU O 583 36.57 26.93 -120.41
CA LEU O 583 37.87 26.98 -119.75
C LEU O 583 38.78 27.89 -120.57
N GLN O 584 39.09 29.06 -120.03
CA GLN O 584 40.00 29.98 -120.70
C GLN O 584 41.40 29.40 -120.76
N ARG O 585 42.08 29.73 -121.85
CA ARG O 585 43.43 29.17 -122.10
C ARG O 585 44.17 30.08 -123.07
N GLY O 586 45.48 30.27 -122.86
CA GLY O 586 46.30 31.03 -123.79
C GLY O 586 46.90 30.15 -124.85
N ASN O 587 47.74 30.78 -125.69
CA ASN O 587 48.34 30.06 -126.84
C ASN O 587 49.47 29.13 -126.37
N THR O 594 44.60 26.80 -129.78
CA THR O 594 44.51 28.27 -129.94
C THR O 594 44.08 28.90 -128.61
N SER O 595 43.94 30.22 -128.53
CA SER O 595 43.48 30.74 -127.26
C SER O 595 41.97 30.76 -127.19
N ARG O 596 41.44 30.61 -125.97
CA ARG O 596 40.00 30.68 -125.71
C ARG O 596 39.76 31.69 -124.60
N GLN O 597 38.91 32.67 -124.86
CA GLN O 597 38.60 33.68 -123.86
C GLN O 597 37.50 33.20 -122.92
N ALA O 598 37.55 33.66 -121.68
CA ALA O 598 36.57 33.24 -120.68
C ALA O 598 35.17 33.71 -121.07
N ALA O 599 34.20 32.81 -120.91
CA ALA O 599 32.82 33.07 -121.26
C ALA O 599 31.93 32.87 -120.05
N THR O 600 30.86 33.66 -119.99
CA THR O 600 29.90 33.61 -118.89
C THR O 600 28.49 33.56 -119.45
N ALA O 601 27.58 33.03 -118.62
CA ALA O 601 26.18 32.94 -118.98
C ALA O 601 25.33 33.43 -117.82
N ASP O 602 24.17 34.00 -118.16
CA ASP O 602 23.22 34.41 -117.13
C ASP O 602 22.54 33.20 -116.51
N VAL O 603 22.28 33.29 -115.21
CA VAL O 603 21.60 32.22 -114.47
C VAL O 603 20.18 32.72 -114.23
N ASN O 604 19.28 32.37 -115.15
CA ASN O 604 17.89 32.80 -115.05
C ASN O 604 17.10 31.98 -114.03
N THR O 605 17.57 30.79 -113.67
CA THR O 605 16.95 29.99 -112.64
C THR O 605 18.04 29.43 -111.74
N GLN O 606 17.89 29.62 -110.43
CA GLN O 606 18.88 29.20 -109.46
C GLN O 606 18.19 28.44 -108.34
N GLY O 607 18.59 27.19 -108.13
CA GLY O 607 18.11 26.42 -107.00
C GLY O 607 18.82 26.83 -105.72
N VAL O 608 18.40 26.20 -104.63
CA VAL O 608 18.96 26.53 -103.32
C VAL O 608 20.38 25.99 -103.22
N LEU O 609 21.30 26.84 -102.80
CA LEU O 609 22.69 26.51 -102.57
C LEU O 609 23.02 26.62 -101.09
N PRO O 610 24.01 25.87 -100.61
CA PRO O 610 24.44 26.04 -99.21
C PRO O 610 24.96 27.46 -98.99
N GLY O 611 24.61 28.02 -97.83
CA GLY O 611 24.94 29.39 -97.52
C GLY O 611 23.97 30.43 -98.04
N MET O 612 22.85 30.00 -98.63
CA MET O 612 21.86 30.95 -99.21
C MET O 612 20.91 31.44 -98.12
N VAL O 613 20.60 32.74 -98.10
CA VAL O 613 19.69 33.38 -97.17
C VAL O 613 18.66 34.17 -97.97
N TRP O 614 17.41 34.17 -97.50
CA TRP O 614 16.33 34.82 -98.22
C TRP O 614 15.24 35.21 -97.24
N GLN O 615 14.33 36.07 -97.70
CA GLN O 615 13.15 36.46 -96.97
C GLN O 615 11.91 35.94 -97.68
N ASP O 616 10.90 35.56 -96.90
CA ASP O 616 9.66 35.06 -97.47
C ASP O 616 8.81 36.22 -97.98
N ARG O 617 7.74 35.87 -98.69
CA ARG O 617 6.83 36.88 -99.21
C ARG O 617 6.08 37.56 -98.07
N ASP O 618 5.83 38.85 -98.23
CA ASP O 618 5.12 39.61 -97.23
C ASP O 618 3.64 39.22 -97.17
N VAL O 619 3.04 39.41 -96.01
CA VAL O 619 1.60 39.22 -95.85
C VAL O 619 0.93 40.59 -95.86
N TYR O 620 -0.34 40.61 -96.25
CA TYR O 620 -1.08 41.85 -96.43
C TYR O 620 -2.40 41.75 -95.67
N LEU O 621 -3.00 42.91 -95.43
CA LEU O 621 -4.29 42.94 -94.74
C LEU O 621 -5.35 42.19 -95.55
N GLN O 622 -5.34 42.36 -96.86
CA GLN O 622 -6.24 41.62 -97.74
C GLN O 622 -5.72 40.25 -98.12
N GLY O 623 -4.51 39.90 -97.69
CA GLY O 623 -3.88 38.66 -98.11
C GLY O 623 -4.28 37.47 -97.27
N PRO O 624 -3.91 36.28 -97.71
CA PRO O 624 -4.20 35.07 -96.94
C PRO O 624 -3.32 34.96 -95.70
N ILE O 625 -3.83 34.21 -94.73
CA ILE O 625 -3.13 34.00 -93.46
C ILE O 625 -2.31 32.72 -93.48
N TRP O 626 -2.89 31.62 -93.91
CA TRP O 626 -2.24 30.32 -93.82
C TRP O 626 -2.54 29.49 -95.07
N ALA O 627 -1.91 28.33 -95.12
CA ALA O 627 -2.19 27.33 -96.14
C ALA O 627 -1.79 25.97 -95.59
N LYS O 628 -2.40 24.92 -96.13
CA LYS O 628 -2.08 23.57 -95.71
C LYS O 628 -0.87 23.06 -96.48
N ILE O 629 0.14 22.62 -95.75
CA ILE O 629 1.31 22.00 -96.40
C ILE O 629 0.89 20.67 -97.00
N PRO O 630 1.14 20.42 -98.28
CA PRO O 630 0.71 19.15 -98.88
C PRO O 630 1.36 17.96 -98.19
N HIS O 631 0.60 16.88 -98.07
CA HIS O 631 1.08 15.66 -97.43
C HIS O 631 1.98 14.93 -98.43
N THR O 632 3.27 15.24 -98.39
CA THR O 632 4.24 14.69 -99.30
C THR O 632 5.45 14.20 -98.53
N ASP O 633 6.25 13.36 -99.17
CA ASP O 633 7.44 12.77 -98.48
C ASP O 633 8.44 13.89 -98.20
N GLY O 634 8.61 14.80 -99.14
CA GLY O 634 9.59 15.86 -98.98
C GLY O 634 9.03 17.21 -99.38
N HIS O 635 9.55 18.23 -98.72
CA HIS O 635 9.26 19.63 -99.05
C HIS O 635 10.35 20.48 -98.45
N PHE O 636 10.66 21.59 -99.11
CA PHE O 636 11.70 22.50 -98.65
C PHE O 636 11.07 23.85 -98.33
N HIS O 637 11.29 24.32 -97.10
CA HIS O 637 10.79 25.61 -96.64
C HIS O 637 9.31 25.76 -96.95
N PRO O 638 8.43 25.05 -96.24
CA PRO O 638 7.00 25.02 -96.57
C PRO O 638 6.24 26.28 -96.15
N SER O 639 6.79 27.43 -96.47
CA SER O 639 6.06 28.69 -96.39
C SER O 639 5.23 28.87 -97.66
N PRO O 640 3.93 29.17 -97.56
CA PRO O 640 3.13 29.32 -98.77
C PRO O 640 3.68 30.42 -99.67
N LEU O 641 3.65 30.15 -100.98
CA LEU O 641 4.22 31.11 -101.92
C LEU O 641 3.36 32.35 -102.05
N MET O 642 2.05 32.24 -101.81
CA MET O 642 1.18 33.40 -101.81
C MET O 642 1.33 34.26 -100.56
N GLY O 643 2.05 33.78 -99.57
CA GLY O 643 2.26 34.51 -98.33
C GLY O 643 1.48 33.94 -97.17
N GLY O 644 2.12 33.88 -96.01
CA GLY O 644 1.45 33.39 -94.83
C GLY O 644 2.20 32.33 -94.07
N PHE O 645 1.49 31.51 -93.30
CA PHE O 645 2.07 30.51 -92.43
C PHE O 645 1.73 29.12 -92.97
N GLY O 646 2.77 28.31 -93.19
CA GLY O 646 2.58 26.94 -93.61
C GLY O 646 2.24 26.04 -92.43
N LEU O 647 1.10 25.35 -92.50
CA LEU O 647 0.61 24.54 -91.40
C LEU O 647 0.40 23.11 -91.88
N LYS O 648 1.02 22.15 -91.19
CA LYS O 648 0.76 20.74 -91.49
C LYS O 648 -0.65 20.36 -91.10
N HIS O 649 -1.17 20.95 -90.02
CA HIS O 649 -2.54 20.77 -89.57
C HIS O 649 -3.16 22.16 -89.44
N PRO O 650 -3.65 22.72 -90.56
CA PRO O 650 -4.22 24.06 -90.53
C PRO O 650 -5.58 24.05 -89.84
N PRO O 651 -6.19 25.21 -89.62
CA PRO O 651 -7.56 25.24 -89.10
C PRO O 651 -8.49 24.42 -89.97
N PRO O 652 -9.26 23.52 -89.38
CA PRO O 652 -10.06 22.59 -90.19
C PRO O 652 -11.16 23.30 -90.95
N GLN O 653 -11.52 22.72 -92.09
CA GLN O 653 -12.65 23.22 -92.86
C GLN O 653 -13.94 23.02 -92.08
N ILE O 654 -14.78 24.04 -92.06
CA ILE O 654 -16.06 24.01 -91.38
C ILE O 654 -17.14 23.95 -92.44
N LEU O 655 -17.82 22.81 -92.54
CA LEU O 655 -18.83 22.58 -93.58
C LEU O 655 -20.21 22.73 -92.99
N ILE O 656 -21.07 23.47 -93.70
CA ILE O 656 -22.43 23.75 -93.25
C ILE O 656 -23.37 23.59 -94.44
N LYS O 657 -24.53 22.99 -94.20
CA LYS O 657 -25.55 22.88 -95.24
C LYS O 657 -26.92 22.78 -94.59
N ASN O 658 -27.94 23.13 -95.36
CA ASN O 658 -29.32 23.02 -94.89
C ASN O 658 -29.80 21.59 -95.08
N THR O 659 -30.45 21.05 -94.05
CA THR O 659 -31.00 19.71 -94.16
C THR O 659 -32.17 19.72 -95.14
N PRO O 660 -32.17 18.84 -96.13
CA PRO O 660 -33.27 18.84 -97.10
C PRO O 660 -34.58 18.42 -96.44
N VAL O 661 -35.62 19.22 -96.67
CA VAL O 661 -36.95 18.96 -96.16
C VAL O 661 -37.83 18.55 -97.34
N PRO O 662 -38.23 17.28 -97.43
CA PRO O 662 -39.04 16.85 -98.57
C PRO O 662 -40.38 17.57 -98.62
N ALA O 663 -40.85 17.81 -99.84
CA ALA O 663 -42.16 18.40 -100.06
C ALA O 663 -43.22 17.31 -99.91
N ASN O 664 -44.44 17.60 -100.34
CA ASN O 664 -45.55 16.67 -100.14
C ASN O 664 -45.31 15.37 -100.90
N PRO O 665 -45.24 14.23 -100.22
CA PRO O 665 -45.02 12.96 -100.92
C PRO O 665 -46.32 12.39 -101.47
N SER O 666 -46.14 11.41 -102.36
CA SER O 666 -47.30 10.70 -102.96
C SER O 666 -47.86 9.72 -101.93
N THR O 667 -49.18 9.55 -101.92
CA THR O 667 -49.80 8.59 -101.01
C THR O 667 -49.49 7.15 -101.38
N THR O 668 -48.99 6.90 -102.58
CA THR O 668 -48.55 5.58 -103.01
C THR O 668 -47.03 5.51 -102.93
N PHE O 669 -46.52 4.37 -102.48
CA PHE O 669 -45.08 4.23 -102.31
C PHE O 669 -44.37 4.29 -103.66
N SER O 670 -43.26 5.01 -103.69
CA SER O 670 -42.40 5.09 -104.87
C SER O 670 -40.96 4.91 -104.42
N ALA O 671 -40.25 3.99 -105.08
CA ALA O 671 -38.86 3.72 -104.75
C ALA O 671 -37.91 4.77 -105.30
N ALA O 672 -38.39 5.66 -106.17
CA ALA O 672 -37.54 6.72 -106.70
C ALA O 672 -37.15 7.69 -105.58
N LYS O 673 -35.90 8.13 -105.60
CA LYS O 673 -35.44 9.07 -104.59
C LYS O 673 -36.18 10.40 -104.73
N PHE O 674 -36.31 11.08 -103.59
CA PHE O 674 -37.07 12.35 -103.55
C PHE O 674 -36.40 13.41 -104.41
N ALA O 675 -37.18 14.06 -105.27
CA ALA O 675 -36.70 15.15 -106.10
C ALA O 675 -37.38 16.47 -105.85
N SER O 676 -38.43 16.50 -105.03
CA SER O 676 -39.16 17.71 -104.70
C SER O 676 -38.92 18.05 -103.23
N PHE O 677 -38.49 19.28 -102.98
CA PHE O 677 -38.16 19.72 -101.63
C PHE O 677 -38.74 21.11 -101.39
N ILE O 678 -38.90 21.45 -100.12
CA ILE O 678 -39.32 22.79 -99.75
C ILE O 678 -38.14 23.73 -99.89
N THR O 679 -38.32 24.80 -100.66
CA THR O 679 -37.25 25.77 -100.86
C THR O 679 -36.98 26.50 -99.55
N GLN O 680 -35.71 26.54 -99.15
CA GLN O 680 -35.36 27.17 -97.89
C GLN O 680 -33.90 27.55 -97.87
N TYR O 681 -33.58 28.53 -97.04
CA TYR O 681 -32.22 28.97 -96.78
C TYR O 681 -32.07 29.20 -95.29
N SER O 682 -30.86 29.50 -94.86
CA SER O 682 -30.59 29.78 -93.46
C SER O 682 -29.75 31.03 -93.31
N THR O 683 -29.91 31.69 -92.17
CA THR O 683 -29.12 32.86 -91.83
C THR O 683 -28.73 32.76 -90.36
N GLY O 684 -27.64 33.42 -90.00
CA GLY O 684 -27.16 33.35 -88.63
C GLY O 684 -25.94 34.20 -88.45
N GLN O 685 -25.30 34.02 -87.31
CA GLN O 685 -24.09 34.76 -86.95
C GLN O 685 -22.93 33.80 -86.77
N VAL O 686 -21.74 34.26 -87.16
CA VAL O 686 -20.51 33.49 -87.04
C VAL O 686 -19.49 34.32 -86.29
N SER O 687 -18.79 33.70 -85.35
CA SER O 687 -17.76 34.37 -84.55
C SER O 687 -16.43 33.64 -84.70
N VAL O 688 -15.38 34.40 -84.97
CA VAL O 688 -14.02 33.87 -85.06
C VAL O 688 -13.14 34.70 -84.12
N GLU O 689 -12.50 34.03 -83.17
CA GLU O 689 -11.58 34.68 -82.24
C GLU O 689 -10.21 34.02 -82.34
N ILE O 690 -9.19 34.80 -82.69
CA ILE O 690 -7.84 34.28 -82.87
C ILE O 690 -6.91 35.02 -81.91
N GLU O 691 -6.10 34.26 -81.18
CA GLU O 691 -5.04 34.82 -80.35
C GLU O 691 -3.74 34.81 -81.14
N TRP O 692 -3.08 35.95 -81.20
CA TRP O 692 -1.82 36.10 -81.92
C TRP O 692 -0.72 36.43 -80.93
N GLU O 693 0.47 35.86 -81.16
CA GLU O 693 1.65 36.17 -80.37
C GLU O 693 2.50 37.21 -81.10
N LEU O 694 3.01 38.18 -80.36
CA LEU O 694 3.76 39.29 -80.91
C LEU O 694 5.23 39.16 -80.56
N GLN O 695 6.08 39.55 -81.49
CA GLN O 695 7.53 39.65 -81.29
C GLN O 695 7.87 41.13 -81.22
N LYS O 696 8.08 41.62 -80.00
CA LYS O 696 8.26 43.05 -79.79
C LYS O 696 9.56 43.53 -80.41
N GLU O 697 9.50 44.71 -81.03
CA GLU O 697 10.69 45.32 -81.62
C GLU O 697 11.66 45.76 -80.52
N ASN O 698 12.94 45.47 -80.73
CA ASN O 698 14.00 45.77 -79.78
C ASN O 698 15.16 46.47 -80.50
N SER O 699 14.83 47.45 -81.34
CA SER O 699 15.83 48.11 -82.15
C SER O 699 16.62 49.14 -81.35
N LYS O 700 17.84 49.44 -81.80
CA LYS O 700 18.69 50.47 -81.14
C LYS O 700 19.10 51.53 -82.16
N ARG O 701 18.36 51.65 -83.27
CA ARG O 701 18.65 52.71 -84.23
C ARG O 701 18.31 54.07 -83.63
N TRP O 702 19.02 55.09 -84.10
CA TRP O 702 18.88 56.42 -83.53
C TRP O 702 17.80 57.25 -84.24
N ASN O 703 17.86 57.32 -85.55
CA ASN O 703 16.92 58.13 -86.31
C ASN O 703 15.57 57.43 -86.43
N PRO O 704 14.46 58.18 -86.64
CA PRO O 704 13.13 57.58 -86.69
C PRO O 704 12.97 56.55 -87.82
N GLU O 705 11.96 55.68 -87.73
CA GLU O 705 11.76 54.58 -88.71
C GLU O 705 10.63 54.92 -89.68
N ILE O 706 10.47 54.13 -90.75
CA ILE O 706 9.25 54.33 -91.59
C ILE O 706 8.05 53.69 -90.90
N GLN O 707 6.93 54.43 -90.79
CA GLN O 707 5.72 53.87 -90.22
C GLN O 707 4.57 54.08 -91.19
N TYR O 708 3.62 53.16 -91.19
CA TYR O 708 2.40 53.36 -91.96
C TYR O 708 1.56 54.44 -91.30
N THR O 709 1.00 55.33 -92.12
CA THR O 709 0.25 56.47 -91.60
C THR O 709 -0.84 56.84 -92.60
N SER O 710 -1.85 57.51 -92.07
CA SER O 710 -2.91 58.04 -92.95
C SER O 710 -2.41 59.37 -93.51
N ASN O 711 -2.97 59.84 -94.63
CA ASN O 711 -2.43 61.11 -95.19
C ASN O 711 -3.25 62.24 -94.58
N TYR O 712 -2.59 63.29 -94.10
CA TYR O 712 -3.30 64.38 -93.37
C TYR O 712 -4.12 65.22 -94.35
N ASN O 713 -3.69 65.36 -95.61
CA ASN O 713 -4.40 66.27 -96.50
C ASN O 713 -5.87 65.89 -96.61
N LYS O 714 -6.69 66.92 -96.86
CA LYS O 714 -8.16 66.73 -96.98
C LYS O 714 -8.48 65.87 -98.18
N SER O 715 -9.60 65.17 -98.09
CA SER O 715 -10.04 64.32 -99.18
C SER O 715 -11.55 64.20 -99.12
N ILE O 716 -12.14 63.80 -100.25
CA ILE O 716 -13.58 63.61 -100.31
C ILE O 716 -14.01 62.47 -99.39
N ASN O 717 -13.24 61.37 -99.39
CA ASN O 717 -13.53 60.20 -98.58
C ASN O 717 -12.35 59.88 -97.67
N VAL O 718 -12.65 59.38 -96.49
CA VAL O 718 -11.62 58.89 -95.58
C VAL O 718 -11.24 57.47 -95.98
N ASP O 719 -9.96 57.14 -95.86
CA ASP O 719 -9.49 55.82 -96.24
C ASP O 719 -10.04 54.76 -95.28
N PHE O 720 -10.35 53.59 -95.83
CA PHE O 720 -10.84 52.45 -95.05
C PHE O 720 -12.12 52.79 -94.30
N THR O 721 -13.00 53.54 -94.93
CA THR O 721 -14.32 53.84 -94.41
C THR O 721 -15.36 53.57 -95.50
N VAL O 722 -16.60 53.95 -95.23
CA VAL O 722 -17.68 53.81 -96.19
C VAL O 722 -17.87 55.14 -96.91
N ASP O 723 -18.39 55.08 -98.13
CA ASP O 723 -18.68 56.28 -98.90
C ASP O 723 -20.14 56.69 -98.67
N THR O 724 -20.63 57.61 -99.48
CA THR O 724 -22.03 58.10 -99.33
C THR O 724 -23.00 56.97 -99.65
N ASN O 725 -22.53 55.90 -100.29
CA ASN O 725 -23.39 54.72 -100.58
C ASN O 725 -23.22 53.69 -99.45
N GLY O 726 -22.39 54.00 -98.45
CA GLY O 726 -22.14 53.06 -97.35
C GLY O 726 -21.33 51.87 -97.82
N VAL O 727 -20.63 52.01 -98.94
CA VAL O 727 -19.83 50.89 -99.51
C VAL O 727 -18.42 50.93 -98.90
N TYR O 728 -18.01 49.87 -98.20
CA TYR O 728 -16.69 49.83 -97.61
C TYR O 728 -15.66 49.49 -98.68
N SER O 729 -14.54 50.21 -98.66
CA SER O 729 -13.47 49.97 -99.62
C SER O 729 -12.13 49.98 -98.90
N GLU O 730 -11.17 49.26 -99.47
CA GLU O 730 -9.80 49.25 -98.98
C GLU O 730 -8.92 49.91 -100.02
N PRO O 731 -8.50 51.17 -99.82
CA PRO O 731 -7.86 51.92 -100.91
C PRO O 731 -6.56 51.33 -101.41
N ARG O 732 -5.75 50.72 -100.56
CA ARG O 732 -4.45 50.21 -100.97
C ARG O 732 -4.11 48.98 -100.16
N PRO O 733 -3.24 48.11 -100.66
CA PRO O 733 -2.73 47.01 -99.84
C PRO O 733 -1.73 47.53 -98.83
N ILE O 734 -1.82 47.02 -97.60
CA ILE O 734 -0.88 47.36 -96.54
C ILE O 734 -0.12 46.09 -96.18
N GLY O 735 1.21 46.16 -96.30
CA GLY O 735 2.08 45.08 -95.88
C GLY O 735 2.33 45.16 -94.39
N THR O 736 3.43 44.52 -93.97
CA THR O 736 3.82 44.53 -92.58
C THR O 736 5.25 45.02 -92.35
N ARG O 737 6.02 45.27 -93.40
CA ARG O 737 7.46 45.47 -93.28
C ARG O 737 7.76 46.97 -93.29
N TYR O 738 7.64 47.58 -92.11
CA TYR O 738 7.93 49.00 -91.91
C TYR O 738 9.06 49.24 -90.94
N LEU O 739 9.11 48.50 -89.83
CA LEU O 739 10.26 48.57 -88.94
C LEU O 739 11.47 47.92 -89.60
N THR O 740 12.65 48.22 -89.08
CA THR O 740 13.89 47.73 -89.64
C THR O 740 14.68 46.96 -88.60
N ARG O 741 15.42 45.96 -89.10
CA ARG O 741 16.33 45.17 -88.23
C ARG O 741 17.60 44.94 -89.04
N ASN O 742 18.78 44.85 -88.39
CA ASN O 742 20.03 44.55 -89.06
C ASN O 742 20.05 43.10 -89.52
N LEU O 743 20.82 42.85 -90.58
CA LEU O 743 20.99 41.50 -91.08
C LEU O 743 21.75 40.62 -90.08
N ALA P 218 -21.52 83.98 5.43
CA ALA P 218 -22.10 82.70 5.89
C ALA P 218 -23.58 82.64 5.48
N ASP P 219 -24.28 83.76 5.62
CA ASP P 219 -25.74 83.77 5.36
C ASP P 219 -26.07 84.93 4.42
N GLY P 220 -25.04 85.54 3.83
CA GLY P 220 -25.31 86.59 2.83
C GLY P 220 -26.42 87.54 3.28
N VAL P 221 -27.29 87.95 2.35
CA VAL P 221 -28.34 88.94 2.69
C VAL P 221 -29.67 88.18 2.61
N GLY P 222 -30.37 88.10 3.72
CA GLY P 222 -31.66 87.48 3.80
C GLY P 222 -31.70 86.15 4.53
N ASN P 223 -30.57 85.65 5.01
CA ASN P 223 -30.51 84.44 5.79
C ASN P 223 -30.05 84.78 7.20
N SER P 224 -30.85 84.38 8.20
CA SER P 224 -30.52 84.68 9.57
C SER P 224 -29.33 83.85 10.03
N SER P 225 -28.42 84.48 10.78
CA SER P 225 -27.22 83.84 11.28
C SER P 225 -27.33 83.44 12.75
N GLY P 226 -28.51 83.53 13.33
CA GLY P 226 -28.69 83.13 14.71
C GLY P 226 -30.14 83.21 15.11
N ASN P 227 -30.42 82.72 16.31
CA ASN P 227 -31.76 82.70 16.87
C ASN P 227 -31.76 83.36 18.24
N TRP P 228 -32.96 83.69 18.72
CA TRP P 228 -33.12 84.32 20.02
C TRP P 228 -33.19 83.24 21.09
N HIS P 229 -32.18 83.21 21.95
CA HIS P 229 -32.12 82.21 23.05
C HIS P 229 -32.03 82.97 24.37
N CYS P 230 -33.17 83.20 25.02
CA CYS P 230 -33.17 83.88 26.34
C CYS P 230 -33.97 82.96 27.27
N ASP P 231 -33.29 82.28 28.20
CA ASP P 231 -33.99 81.30 29.08
C ASP P 231 -33.05 80.76 30.15
N SER P 232 -33.56 79.95 31.08
CA SER P 232 -32.65 79.32 32.02
C SER P 232 -33.10 77.88 32.26
N THR P 233 -32.13 76.99 32.41
CA THR P 233 -32.39 75.57 32.65
C THR P 233 -31.73 75.17 33.97
N TRP P 234 -32.52 74.61 34.88
CA TRP P 234 -32.02 74.12 36.15
C TRP P 234 -31.93 72.60 36.08
N MET P 235 -30.71 72.08 36.23
CA MET P 235 -30.49 70.61 36.15
C MET P 235 -29.60 70.18 37.31
N GLY P 236 -30.21 69.75 38.42
CA GLY P 236 -29.45 69.29 39.57
C GLY P 236 -28.64 70.41 40.18
N ASP P 237 -27.32 70.22 40.23
CA ASP P 237 -26.40 71.19 40.81
C ASP P 237 -25.90 72.20 39.78
N ARG P 238 -26.64 72.42 38.70
CA ARG P 238 -26.25 73.39 37.68
C ARG P 238 -27.46 74.22 37.28
N VAL P 239 -27.22 75.48 36.93
CA VAL P 239 -28.20 76.33 36.28
C VAL P 239 -27.51 77.04 35.14
N THR P 240 -28.07 76.92 33.93
CA THR P 240 -27.53 77.57 32.75
C THR P 240 -28.46 78.70 32.35
N THR P 241 -27.96 79.93 32.42
CA THR P 241 -28.73 81.11 32.06
C THR P 241 -28.25 81.62 30.71
N THR P 242 -29.19 81.85 29.80
CA THR P 242 -28.91 82.39 28.48
C THR P 242 -29.70 83.68 28.28
N SER P 243 -29.04 84.68 27.70
CA SER P 243 -29.66 85.99 27.49
C SER P 243 -29.36 86.47 26.08
N THR P 244 -30.35 87.09 25.45
CA THR P 244 -30.17 87.72 24.15
C THR P 244 -30.67 89.16 24.22
N ARG P 245 -29.90 90.07 23.63
CA ARG P 245 -30.24 91.49 23.61
C ARG P 245 -29.97 92.05 22.23
N THR P 246 -30.60 93.18 21.93
CA THR P 246 -30.37 93.91 20.69
C THR P 246 -29.51 95.12 21.02
N TRP P 247 -28.39 95.24 20.32
CA TRP P 247 -27.42 96.30 20.58
C TRP P 247 -27.32 97.24 19.39
N ALA P 248 -26.90 98.47 19.67
CA ALA P 248 -26.62 99.47 18.66
C ALA P 248 -25.22 100.02 18.88
N LEU P 249 -24.41 100.01 17.84
CA LEU P 249 -23.02 100.45 17.90
C LEU P 249 -22.80 101.62 16.97
N PRO P 250 -22.59 102.83 17.48
CA PRO P 250 -22.31 103.97 16.61
C PRO P 250 -20.84 104.00 16.22
N THR P 251 -20.47 105.06 15.50
CA THR P 251 -19.08 105.33 15.19
C THR P 251 -18.51 106.24 16.27
N TYR P 252 -17.44 105.79 16.93
CA TYR P 252 -16.87 106.50 18.06
C TYR P 252 -15.62 107.26 17.65
N ASN P 253 -15.54 108.51 18.10
CA ASN P 253 -14.39 109.39 17.86
C ASN P 253 -14.14 109.66 16.39
N ASN P 254 -15.14 109.40 15.54
CA ASN P 254 -15.00 109.51 14.09
C ASN P 254 -13.80 108.70 13.58
N HIS P 255 -13.75 107.44 14.02
CA HIS P 255 -12.74 106.46 13.63
C HIS P 255 -11.33 106.85 14.07
N LEU P 256 -11.19 107.61 15.14
CA LEU P 256 -9.90 108.14 15.55
C LEU P 256 -9.54 107.70 16.96
N TYR P 257 -8.24 107.70 17.25
CA TYR P 257 -7.77 107.48 18.63
C TYR P 257 -7.38 108.88 19.10
N LYS P 258 -7.88 109.31 20.25
CA LYS P 258 -7.65 110.64 20.80
C LYS P 258 -7.03 110.52 22.17
N GLN P 259 -5.92 111.22 22.38
CA GLN P 259 -5.32 111.31 23.70
C GLN P 259 -6.21 112.14 24.61
N ILE P 260 -6.51 111.61 25.79
CA ILE P 260 -7.35 112.28 26.76
C ILE P 260 -6.59 112.45 28.06
N SER P 261 -6.94 113.48 28.82
CA SER P 261 -6.29 113.76 30.09
C SER P 261 -7.23 114.60 30.92
N SER P 262 -6.89 114.71 32.22
CA SER P 262 -7.69 115.52 33.13
C SER P 262 -7.62 116.99 32.73
N GLN P 263 -8.70 117.70 33.04
CA GLN P 263 -8.76 119.13 32.66
C GLN P 263 -7.76 119.90 33.49
N SER P 264 -7.23 120.98 32.90
CA SER P 264 -6.34 121.86 33.69
C SER P 264 -7.15 122.48 34.81
N GLY P 265 -6.55 122.64 35.97
CA GLY P 265 -7.20 123.16 37.16
C GLY P 265 -7.82 122.11 38.05
N ALA P 266 -7.83 120.85 37.63
CA ALA P 266 -8.34 119.78 38.46
C ALA P 266 -7.41 119.54 39.64
N SER P 267 -7.96 118.95 40.70
CA SER P 267 -7.16 118.61 41.86
C SER P 267 -6.20 117.48 41.51
N ASN P 268 -5.17 117.31 42.35
CA ASN P 268 -4.19 116.27 42.11
C ASN P 268 -4.81 114.88 42.18
N ASP P 269 -5.80 114.70 43.06
CA ASP P 269 -6.45 113.40 43.18
C ASP P 269 -7.23 113.04 41.92
N ASN P 270 -7.68 114.03 41.16
CA ASN P 270 -8.50 113.81 39.97
C ASN P 270 -7.69 113.85 38.68
N HIS P 271 -6.37 113.99 38.76
CA HIS P 271 -5.54 114.02 37.56
C HIS P 271 -5.44 112.64 36.93
N TYR P 272 -5.48 112.59 35.60
CA TYR P 272 -5.36 111.32 34.90
C TYR P 272 -4.86 111.58 33.48
N PHE P 273 -4.37 110.51 32.85
CA PHE P 273 -3.95 110.53 31.46
C PHE P 273 -4.30 109.20 30.84
N GLY P 274 -4.76 109.22 29.60
CA GLY P 274 -5.16 107.99 28.94
C GLY P 274 -5.47 108.23 27.49
N TYR P 275 -6.10 107.24 26.87
CA TYR P 275 -6.45 107.31 25.47
C TYR P 275 -7.88 106.84 25.26
N SER P 276 -8.57 107.48 24.32
CA SER P 276 -9.91 107.10 23.92
C SER P 276 -9.85 106.41 22.57
N THR P 277 -10.45 105.24 22.47
CA THR P 277 -10.39 104.45 21.25
C THR P 277 -11.71 104.51 20.50
N PRO P 278 -11.70 104.31 19.18
CA PRO P 278 -12.95 104.27 18.42
C PRO P 278 -13.72 102.96 18.57
N TRP P 279 -13.26 102.06 19.41
CA TRP P 279 -13.90 100.76 19.59
C TRP P 279 -14.92 100.82 20.72
N GLY P 280 -15.87 99.89 20.68
CA GLY P 280 -16.77 99.62 21.77
C GLY P 280 -16.48 98.26 22.37
N TYR P 281 -17.15 97.97 23.48
CA TYR P 281 -16.97 96.69 24.15
C TYR P 281 -18.30 96.20 24.69
N PHE P 282 -18.45 94.89 24.74
CA PHE P 282 -19.66 94.25 25.25
C PHE P 282 -19.45 93.87 26.72
N ASP P 283 -20.29 94.43 27.58
CA ASP P 283 -20.19 94.22 29.03
C ASP P 283 -21.42 93.45 29.50
N PHE P 284 -21.19 92.32 30.17
CA PHE P 284 -22.26 91.59 30.85
C PHE P 284 -21.82 91.21 32.25
N ASN P 285 -21.06 92.08 32.90
CA ASN P 285 -20.55 91.83 34.25
C ASN P 285 -21.51 92.33 35.33
N ARG P 286 -22.77 91.94 35.21
CA ARG P 286 -23.78 92.23 36.22
C ARG P 286 -24.74 91.05 36.24
N PHE P 287 -25.23 90.69 37.42
CA PHE P 287 -26.06 89.45 37.54
C PHE P 287 -27.41 89.61 36.82
N HIS P 288 -27.95 90.82 36.76
CA HIS P 288 -29.26 91.08 36.11
C HIS P 288 -29.18 90.80 34.61
N CYS P 289 -27.99 90.74 34.04
CA CYS P 289 -27.79 90.47 32.59
C CYS P 289 -28.05 89.00 32.29
N HIS P 290 -28.06 88.14 33.30
CA HIS P 290 -28.25 86.72 33.10
C HIS P 290 -29.39 86.12 33.91
N PHE P 291 -29.68 86.66 35.10
CA PHE P 291 -30.70 86.13 35.98
C PHE P 291 -31.92 87.04 35.97
N SER P 292 -33.09 86.46 35.75
CA SER P 292 -34.34 87.16 35.99
C SER P 292 -34.57 87.24 37.50
N PRO P 293 -35.42 88.17 37.95
CA PRO P 293 -35.72 88.23 39.39
C PRO P 293 -36.27 86.92 39.95
N ARG P 294 -37.10 86.22 39.20
CA ARG P 294 -37.55 84.90 39.62
C ARG P 294 -36.39 83.91 39.69
N ASP P 295 -35.48 83.99 38.72
CA ASP P 295 -34.28 83.15 38.75
C ASP P 295 -33.42 83.46 39.97
N TRP P 296 -33.27 84.75 40.29
CA TRP P 296 -32.51 85.14 41.47
C TRP P 296 -33.16 84.62 42.74
N GLN P 297 -34.49 84.72 42.83
CA GLN P 297 -35.20 84.21 44.01
C GLN P 297 -35.05 82.70 44.14
N ARG P 298 -35.12 81.99 43.00
CA ARG P 298 -34.88 80.55 43.01
C ARG P 298 -33.46 80.20 43.42
N LEU P 299 -32.49 81.03 43.04
CA LEU P 299 -31.09 80.77 43.38
C LEU P 299 -30.84 81.01 44.87
N ILE P 300 -31.31 82.14 45.40
CA ILE P 300 -30.90 82.56 46.73
C ILE P 300 -31.71 81.90 47.84
N ASN P 301 -32.91 81.39 47.54
CA ASN P 301 -33.74 80.78 48.56
C ASN P 301 -33.47 79.30 48.75
N ASN P 302 -32.62 78.70 47.92
CA ASN P 302 -32.44 77.25 47.92
C ASN P 302 -30.99 76.79 47.92
N ASN P 303 -30.03 77.68 47.71
CA ASN P 303 -28.64 77.30 47.55
C ASN P 303 -27.77 78.00 48.58
N TRP P 304 -26.78 77.26 49.10
CA TRP P 304 -25.79 77.82 50.01
C TRP P 304 -24.61 78.44 49.30
N GLY P 305 -24.53 78.30 47.98
CA GLY P 305 -23.44 78.90 47.23
C GLY P 305 -23.60 78.68 45.75
N PHE P 306 -22.85 79.46 44.97
CA PHE P 306 -22.84 79.33 43.53
C PHE P 306 -21.57 79.95 42.98
N ARG P 307 -21.19 79.53 41.77
CA ARG P 307 -20.01 80.05 41.11
C ARG P 307 -20.16 79.80 39.61
N PRO P 308 -19.60 80.67 38.76
CA PRO P 308 -19.64 80.42 37.32
C PRO P 308 -18.66 79.34 36.90
N LYS P 309 -19.04 78.62 35.85
CA LYS P 309 -18.26 77.49 35.34
C LYS P 309 -17.74 77.73 33.94
N ARG P 310 -18.60 78.10 33.00
CA ARG P 310 -18.20 78.37 31.63
C ARG P 310 -19.22 79.30 30.99
N LEU P 311 -18.81 79.96 29.92
CA LEU P 311 -19.71 80.86 29.21
C LEU P 311 -19.56 80.67 27.70
N ASN P 312 -20.62 81.04 26.98
CA ASN P 312 -20.62 81.01 25.49
C ASN P 312 -21.14 82.37 25.03
N PHE P 313 -20.52 82.98 24.03
CA PHE P 313 -20.86 84.31 23.54
C PHE P 313 -21.10 84.24 22.05
N LYS P 314 -22.10 85.00 21.61
CA LYS P 314 -22.40 85.03 20.16
C LYS P 314 -22.89 86.40 19.67
N LEU P 315 -22.37 86.85 18.53
CA LEU P 315 -22.88 88.02 17.83
C LEU P 315 -23.43 87.57 16.49
N PHE P 316 -24.63 88.02 16.14
CA PHE P 316 -25.29 87.52 14.95
C PHE P 316 -26.31 88.55 14.48
N ASN P 317 -26.86 88.31 13.28
CA ASN P 317 -27.85 89.18 12.65
C ASN P 317 -27.34 90.61 12.60
N ILE P 318 -26.11 90.77 12.13
CA ILE P 318 -25.44 92.06 12.11
C ILE P 318 -25.90 92.86 10.90
N GLN P 319 -26.40 94.07 11.14
CA GLN P 319 -26.86 94.97 10.10
C GLN P 319 -26.08 96.26 10.20
N VAL P 320 -25.49 96.69 9.10
CA VAL P 320 -24.80 97.97 9.03
C VAL P 320 -25.70 98.95 8.30
N LYS P 321 -26.03 100.05 8.95
CA LYS P 321 -26.92 101.07 8.41
C LYS P 321 -26.12 102.33 8.08
N GLU P 322 -26.30 102.83 6.87
CA GLU P 322 -25.68 104.07 6.45
C GLU P 322 -26.65 105.23 6.67
N VAL P 323 -26.18 106.28 7.33
CA VAL P 323 -26.99 107.45 7.66
C VAL P 323 -26.52 108.62 6.81
N THR P 324 -27.46 109.27 6.14
CA THR P 324 -27.17 110.46 5.35
C THR P 324 -28.12 111.59 5.79
N GLN P 325 -27.67 112.82 5.61
CA GLN P 325 -28.44 114.00 6.00
C GLN P 325 -28.34 115.02 4.88
N ASN P 326 -29.43 115.19 4.14
CA ASN P 326 -29.47 116.11 3.00
C ASN P 326 -30.63 117.08 3.19
N ASP P 327 -30.32 118.38 3.25
CA ASP P 327 -31.33 119.43 3.39
C ASP P 327 -32.21 119.22 4.63
N GLY P 328 -31.58 118.79 5.73
CA GLY P 328 -32.30 118.63 6.98
C GLY P 328 -33.08 117.35 7.12
N THR P 329 -32.91 116.39 6.19
CA THR P 329 -33.63 115.12 6.23
C THR P 329 -32.66 114.00 6.57
N THR P 330 -33.03 113.19 7.56
CA THR P 330 -32.23 112.04 7.96
C THR P 330 -32.76 110.80 7.27
N THR P 331 -31.94 110.20 6.41
CA THR P 331 -32.31 109.01 5.66
C THR P 331 -31.38 107.87 6.06
N ILE P 332 -31.95 106.72 6.40
CA ILE P 332 -31.21 105.55 6.82
C ILE P 332 -31.45 104.44 5.82
N ALA P 333 -30.38 103.86 5.30
CA ALA P 333 -30.47 102.78 4.32
C ALA P 333 -29.47 101.69 4.69
N ASN P 334 -29.75 100.48 4.22
CA ASN P 334 -28.87 99.35 4.50
C ASN P 334 -27.55 99.48 3.74
N ASN P 335 -26.50 98.97 4.35
CA ASN P 335 -25.18 98.85 3.73
C ASN P 335 -24.78 97.38 3.83
N LEU P 336 -25.06 96.61 2.79
CA LEU P 336 -24.86 95.17 2.84
C LEU P 336 -23.41 94.76 2.66
N THR P 337 -22.52 95.67 2.27
CA THR P 337 -21.12 95.34 2.05
C THR P 337 -20.20 95.82 3.15
N SER P 338 -20.69 96.60 4.11
CA SER P 338 -19.86 97.06 5.21
C SER P 338 -19.67 95.95 6.25
N THR P 339 -18.59 96.06 7.01
CA THR P 339 -18.23 95.06 8.01
C THR P 339 -18.16 95.70 9.39
N VAL P 340 -18.11 94.84 10.39
CA VAL P 340 -17.79 95.22 11.77
C VAL P 340 -16.66 94.31 12.25
N GLN P 341 -15.68 94.89 12.91
CA GLN P 341 -14.52 94.18 13.40
C GLN P 341 -14.76 93.76 14.86
N VAL P 342 -14.62 92.46 15.13
CA VAL P 342 -14.81 91.91 16.46
C VAL P 342 -13.62 91.05 16.82
N PHE P 343 -13.08 91.26 18.01
CA PHE P 343 -12.05 90.37 18.53
C PHE P 343 -12.14 90.34 20.05
N THR P 344 -11.70 89.22 20.62
CA THR P 344 -11.66 89.03 22.07
C THR P 344 -10.21 89.12 22.54
N ASP P 345 -9.98 89.87 23.61
CA ASP P 345 -8.65 90.03 24.18
C ASP P 345 -8.35 88.84 25.10
N SER P 346 -8.15 87.67 24.51
CA SER P 346 -7.98 86.42 25.30
C SER P 346 -6.58 86.33 25.91
N GLU P 347 -5.63 87.12 25.42
CA GLU P 347 -4.32 87.14 26.02
C GLU P 347 -4.15 88.25 27.05
N TYR P 348 -5.20 89.05 27.28
CA TYR P 348 -5.19 90.11 28.29
C TYR P 348 -4.04 91.08 28.08
N GLN P 349 -3.84 91.48 26.82
CA GLN P 349 -2.81 92.45 26.47
C GLN P 349 -3.31 93.89 26.50
N LEU P 350 -4.60 94.11 26.70
CA LEU P 350 -5.19 95.43 26.78
C LEU P 350 -5.58 95.74 28.22
N PRO P 351 -5.63 97.02 28.59
CA PRO P 351 -6.09 97.37 29.94
C PRO P 351 -7.52 96.89 30.17
N TYR P 352 -7.70 96.15 31.26
CA TYR P 352 -8.99 95.54 31.57
C TYR P 352 -9.87 96.56 32.26
N VAL P 353 -10.82 97.12 31.50
CA VAL P 353 -11.73 98.13 32.05
C VAL P 353 -13.03 97.53 32.56
N LEU P 354 -13.30 96.26 32.29
CA LEU P 354 -14.40 95.57 32.94
C LEU P 354 -14.09 95.38 34.42
N GLY P 355 -15.13 95.30 35.23
CA GLY P 355 -14.96 95.19 36.66
C GLY P 355 -14.77 96.48 37.39
N SER P 356 -15.00 97.62 36.74
CA SER P 356 -14.97 98.93 37.39
C SER P 356 -16.36 99.49 37.62
N ALA P 357 -17.40 98.65 37.53
CA ALA P 357 -18.78 99.04 37.77
C ALA P 357 -19.22 100.15 36.81
N HIS P 358 -18.96 99.95 35.52
CA HIS P 358 -19.28 100.92 34.50
C HIS P 358 -20.64 100.64 33.88
N GLN P 359 -21.30 101.71 33.44
CA GLN P 359 -22.57 101.60 32.74
C GLN P 359 -22.34 101.09 31.32
N GLY P 360 -23.43 100.65 30.69
CA GLY P 360 -23.36 100.10 29.36
C GLY P 360 -23.49 98.59 29.26
N CYS P 361 -23.92 97.93 30.32
CA CYS P 361 -24.07 96.49 30.32
C CYS P 361 -25.30 96.07 29.52
N LEU P 362 -25.52 94.77 29.45
CA LEU P 362 -26.75 94.24 28.87
C LEU P 362 -27.91 94.62 29.79
N PRO P 363 -28.98 95.23 29.27
CA PRO P 363 -30.06 95.68 30.14
C PRO P 363 -30.72 94.51 30.84
N PRO P 364 -31.18 94.70 32.07
CA PRO P 364 -31.82 93.58 32.80
C PRO P 364 -33.07 93.06 32.11
N PHE P 365 -33.85 93.92 31.46
CA PHE P 365 -35.04 93.48 30.75
C PHE P 365 -34.70 93.03 29.35
N PRO P 366 -35.05 91.81 28.96
CA PRO P 366 -34.64 91.30 27.65
C PRO P 366 -35.18 92.08 26.47
N ALA P 367 -36.23 92.88 26.65
CA ALA P 367 -36.82 93.63 25.56
C ALA P 367 -36.17 94.99 25.31
N ASP P 368 -35.22 95.39 26.15
CA ASP P 368 -34.57 96.69 26.02
C ASP P 368 -33.41 96.63 25.04
N VAL P 369 -33.25 97.71 24.26
CA VAL P 369 -32.16 97.86 23.31
C VAL P 369 -31.13 98.82 23.91
N PHE P 370 -29.87 98.44 23.85
CA PHE P 370 -28.81 99.18 24.53
C PHE P 370 -27.71 99.58 23.55
N MET P 371 -27.07 100.70 23.86
CA MET P 371 -25.92 101.18 23.11
C MET P 371 -24.64 100.55 23.64
N VAL P 372 -23.73 100.22 22.73
CA VAL P 372 -22.45 99.62 23.10
C VAL P 372 -21.54 100.71 23.65
N PRO P 373 -21.02 100.57 24.87
CA PRO P 373 -20.19 101.62 25.45
C PRO P 373 -18.85 101.74 24.74
N GLN P 374 -18.32 102.96 24.74
CA GLN P 374 -17.03 103.23 24.11
C GLN P 374 -15.89 102.76 24.99
N TYR P 375 -14.91 102.12 24.37
CA TYR P 375 -13.76 101.60 25.11
C TYR P 375 -12.70 102.68 25.27
N GLY P 376 -12.15 102.77 26.47
CA GLY P 376 -11.08 103.70 26.77
C GLY P 376 -10.33 103.23 27.99
N TYR P 377 -9.07 103.64 28.07
CA TYR P 377 -8.20 103.18 29.14
C TYR P 377 -7.34 104.34 29.64
N LEU P 378 -6.84 104.20 30.86
CA LEU P 378 -5.94 105.16 31.46
C LEU P 378 -4.57 104.52 31.65
N THR P 379 -3.53 105.35 31.55
CA THR P 379 -2.16 104.89 31.77
C THR P 379 -1.50 105.80 32.80
N LEU P 380 -0.20 105.64 32.99
CA LEU P 380 0.53 106.43 34.00
C LEU P 380 0.46 107.92 33.67
N ASN P 381 0.33 108.75 34.69
CA ASN P 381 0.28 110.22 34.48
C ASN P 381 1.06 110.94 35.57
N ASN P 382 1.78 111.99 35.21
CA ASN P 382 2.41 112.87 36.23
C ASN P 382 1.59 114.15 36.14
N GLY P 383 0.45 114.19 36.85
CA GLY P 383 -0.46 115.34 36.68
C GLY P 383 -1.31 115.11 35.46
N SER P 384 -1.53 116.13 34.63
CA SER P 384 -2.26 115.95 33.39
C SER P 384 -1.39 115.44 32.26
N GLN P 385 -0.08 115.36 32.47
CA GLN P 385 0.86 114.90 31.46
C GLN P 385 1.13 113.40 31.61
N ALA P 386 1.90 112.88 30.68
CA ALA P 386 2.30 111.48 30.68
C ALA P 386 3.78 111.34 31.05
N VAL P 387 4.19 110.11 31.31
CA VAL P 387 5.58 109.78 31.59
C VAL P 387 6.06 108.81 30.52
N GLY P 388 7.36 108.52 30.56
CA GLY P 388 7.95 107.63 29.58
C GLY P 388 7.44 106.21 29.68
N ARG P 389 6.96 105.82 30.86
CA ARG P 389 6.44 104.47 31.08
C ARG P 389 5.00 104.32 30.63
N SER P 390 4.32 105.41 30.27
CA SER P 390 2.94 105.32 29.81
C SER P 390 2.85 104.50 28.53
N SER P 391 1.83 103.66 28.44
CA SER P 391 1.66 102.74 27.33
C SER P 391 0.51 103.19 26.44
N PHE P 392 0.72 103.06 25.13
CA PHE P 392 -0.30 103.33 24.14
C PHE P 392 -0.64 102.03 23.42
N TYR P 393 -1.94 101.79 23.22
CA TYR P 393 -2.41 100.57 22.60
C TYR P 393 -3.29 100.91 21.40
N CYS P 394 -2.93 100.35 20.25
CA CYS P 394 -3.76 100.42 19.04
C CYS P 394 -4.49 99.10 18.91
N LEU P 395 -5.82 99.14 18.95
CA LEU P 395 -6.64 97.94 18.89
C LEU P 395 -6.71 97.35 17.49
N GLU P 396 -6.32 98.10 16.45
CA GLU P 396 -6.21 97.55 15.11
C GLU P 396 -4.93 96.74 14.92
N TYR P 397 -4.06 96.70 15.95
CA TYR P 397 -2.79 95.92 15.90
C TYR P 397 -3.09 94.50 16.40
N PHE P 398 -4.34 94.20 16.71
CA PHE P 398 -4.81 92.88 17.08
C PHE P 398 -5.51 92.23 15.90
N PRO P 399 -5.40 90.91 15.75
CA PRO P 399 -6.19 90.21 14.73
C PRO P 399 -7.67 90.21 15.11
N SER P 400 -8.50 90.71 14.20
CA SER P 400 -9.93 90.81 14.42
C SER P 400 -10.68 90.15 13.28
N GLN P 401 -11.91 89.71 13.57
CA GLN P 401 -12.75 89.05 12.60
C GLN P 401 -13.71 90.07 12.00
N MET P 402 -13.76 90.11 10.67
CA MET P 402 -14.60 91.07 9.94
C MET P 402 -15.92 90.39 9.58
N LEU P 403 -17.03 91.02 9.92
CA LEU P 403 -18.35 90.42 9.78
C LEU P 403 -19.22 91.32 8.91
N ARG P 404 -19.67 90.79 7.78
CA ARG P 404 -20.70 91.45 6.98
C ARG P 404 -22.08 91.03 7.48
N THR P 405 -23.12 91.52 6.81
CA THR P 405 -24.49 91.04 7.13
C THR P 405 -24.56 89.59 6.67
N GLY P 406 -24.82 88.68 7.59
CA GLY P 406 -24.81 87.26 7.31
C GLY P 406 -23.68 86.50 7.97
N ASN P 407 -22.70 87.19 8.54
CA ASN P 407 -21.63 86.56 9.30
C ASN P 407 -21.94 86.66 10.78
N ASN P 408 -21.45 85.67 11.54
CA ASN P 408 -21.64 85.65 12.99
C ASN P 408 -20.29 85.42 13.66
N PHE P 409 -20.23 85.80 14.93
CA PHE P 409 -19.05 85.64 15.76
C PHE P 409 -19.42 84.82 16.99
N THR P 410 -18.50 83.98 17.44
CA THR P 410 -18.73 83.18 18.63
C THR P 410 -17.40 82.83 19.28
N PHE P 411 -17.45 82.62 20.60
CA PHE P 411 -16.30 82.11 21.33
C PHE P 411 -16.78 81.54 22.66
N SER P 412 -16.00 80.59 23.18
CA SER P 412 -16.32 79.92 24.44
C SER P 412 -15.20 80.17 25.44
N TYR P 413 -15.58 80.31 26.70
CA TYR P 413 -14.64 80.59 27.77
C TYR P 413 -14.97 79.70 28.96
N THR P 414 -13.93 79.24 29.65
CA THR P 414 -14.09 78.44 30.85
C THR P 414 -13.56 79.21 32.04
N PHE P 415 -14.40 79.37 33.06
CA PHE P 415 -13.96 80.04 34.28
C PHE P 415 -12.95 79.16 35.03
N GLU P 416 -11.98 79.81 35.66
CA GLU P 416 -11.08 79.11 36.54
C GLU P 416 -11.80 78.70 37.82
N ASP P 417 -11.19 77.79 38.57
CA ASP P 417 -11.77 77.34 39.83
C ASP P 417 -11.78 78.49 40.84
N VAL P 418 -12.96 78.81 41.35
CA VAL P 418 -13.12 79.89 42.32
C VAL P 418 -13.99 79.39 43.46
N PRO P 419 -13.85 79.97 44.65
CA PRO P 419 -14.71 79.55 45.77
C PRO P 419 -16.17 79.89 45.50
N PHE P 420 -17.05 79.06 46.03
CA PHE P 420 -18.48 79.35 45.99
C PHE P 420 -18.76 80.63 46.75
N HIS P 421 -19.62 81.48 46.19
CA HIS P 421 -20.08 82.65 46.93
C HIS P 421 -20.89 82.21 48.14
N SER P 422 -20.61 82.85 49.28
CA SER P 422 -21.33 82.53 50.54
C SER P 422 -22.73 83.12 50.51
N SER P 423 -23.67 82.44 49.84
CA SER P 423 -25.05 82.91 49.78
C SER P 423 -25.84 82.44 51.00
N TYR P 424 -25.31 82.74 52.18
CA TYR P 424 -25.94 82.37 53.43
C TYR P 424 -25.53 83.38 54.50
N ALA P 425 -26.32 83.44 55.56
CA ALA P 425 -26.01 84.22 56.74
C ALA P 425 -25.77 83.27 57.91
N HIS P 426 -24.73 83.54 58.68
CA HIS P 426 -24.42 82.68 59.82
C HIS P 426 -25.49 82.83 60.90
N SER P 427 -25.98 81.70 61.40
CA SER P 427 -26.93 81.68 62.50
C SER P 427 -26.25 81.67 63.86
N GLN P 428 -24.93 81.71 63.89
CA GLN P 428 -24.17 81.84 65.12
C GLN P 428 -23.24 83.04 65.02
N SER P 429 -22.96 83.66 66.16
CA SER P 429 -22.00 84.74 66.23
C SER P 429 -20.65 84.19 66.66
N LEU P 430 -19.58 84.85 66.20
CA LEU P 430 -18.23 84.38 66.49
C LEU P 430 -17.91 84.44 67.98
N ASP P 431 -18.62 85.28 68.74
CA ASP P 431 -18.35 85.42 70.20
C ASP P 431 -19.34 84.58 71.01
N ARG P 432 -20.17 83.78 70.34
CA ARG P 432 -21.18 82.95 71.00
C ARG P 432 -21.11 81.52 70.45
N LEU P 433 -19.91 80.97 70.36
CA LEU P 433 -19.70 79.63 69.81
C LEU P 433 -19.54 78.56 70.88
N MET P 434 -19.76 78.92 72.14
CA MET P 434 -19.50 78.01 73.26
C MET P 434 -20.78 77.28 73.68
N ASN P 435 -20.62 76.38 74.65
CA ASN P 435 -21.74 75.70 75.28
C ASN P 435 -22.13 76.50 76.52
N PRO P 436 -23.32 77.12 76.56
CA PRO P 436 -23.68 77.98 77.70
C PRO P 436 -23.92 77.22 78.98
N LEU P 437 -24.02 75.89 78.94
CA LEU P 437 -24.33 75.10 80.13
C LEU P 437 -23.10 74.68 80.92
N ILE P 438 -21.94 74.61 80.27
CA ILE P 438 -20.73 74.07 80.89
C ILE P 438 -19.72 75.20 81.03
N ASP P 439 -19.11 75.29 82.21
CA ASP P 439 -18.04 76.25 82.43
C ASP P 439 -16.77 75.81 81.71
N GLN P 440 -15.90 76.79 81.44
CA GLN P 440 -14.58 76.49 80.90
C GLN P 440 -13.64 76.07 82.01
N TYR P 441 -12.68 75.22 81.65
CA TYR P 441 -11.63 74.85 82.61
C TYR P 441 -10.51 75.89 82.66
N LEU P 442 -10.46 76.81 81.70
CA LEU P 442 -9.45 77.85 81.71
C LEU P 442 -9.86 79.00 82.63
N TYR P 443 -8.87 79.68 83.18
CA TYR P 443 -9.10 80.79 84.09
C TYR P 443 -8.73 82.11 83.41
N TYR P 444 -9.40 83.17 83.83
CA TYR P 444 -9.09 84.52 83.37
C TYR P 444 -9.01 85.44 84.58
N LEU P 445 -8.20 86.48 84.46
CA LEU P 445 -8.06 87.47 85.52
C LEU P 445 -9.38 88.23 85.66
N SER P 446 -10.11 87.98 86.75
CA SER P 446 -11.41 88.58 86.96
C SER P 446 -11.37 89.77 87.90
N ARG P 447 -10.46 89.75 88.86
CA ARG P 447 -10.34 90.89 89.79
C ARG P 447 -8.88 91.30 89.92
N THR P 448 -8.65 92.59 90.17
CA THR P 448 -7.31 93.11 90.35
C THR P 448 -7.06 93.70 91.72
N ASN P 449 -8.09 93.78 92.59
CA ASN P 449 -7.90 94.26 93.95
C ASN P 449 -8.99 93.67 94.83
N THR P 450 -8.79 93.78 96.14
CA THR P 450 -9.76 93.32 97.12
C THR P 450 -9.92 94.37 98.21
N PRO P 451 -11.10 94.45 98.88
CA PRO P 451 -11.25 95.39 99.99
C PRO P 451 -10.23 95.07 101.07
N SER P 452 -9.42 96.06 101.47
CA SER P 452 -8.45 95.86 102.57
C SER P 452 -8.66 96.98 103.59
N GLY P 453 -9.01 96.62 104.83
CA GLY P 453 -9.33 97.66 105.83
C GLY P 453 -10.49 98.52 105.35
N THR P 454 -10.29 99.85 105.32
CA THR P 454 -11.33 100.77 104.80
C THR P 454 -10.85 101.31 103.44
N THR P 455 -9.71 100.82 102.96
CA THR P 455 -9.19 101.23 101.63
C THR P 455 -9.23 100.02 100.69
N THR P 456 -8.36 99.99 99.69
CA THR P 456 -8.28 98.81 98.78
C THR P 456 -6.84 98.31 98.72
N GLN P 457 -6.65 97.04 98.42
CA GLN P 457 -5.32 96.48 98.30
C GLN P 457 -5.22 95.66 97.01
N SER P 458 -4.09 95.78 96.31
CA SER P 458 -3.91 95.06 95.06
C SER P 458 -3.84 93.56 95.30
N ARG P 459 -4.64 92.81 94.56
CA ARG P 459 -4.70 91.35 94.71
C ARG P 459 -5.31 90.76 93.46
N LEU P 460 -4.56 89.89 92.79
CA LEU P 460 -5.03 89.25 91.57
C LEU P 460 -5.89 88.04 91.89
N GLN P 461 -7.04 87.93 91.23
CA GLN P 461 -7.92 86.77 91.35
C GLN P 461 -8.35 86.30 89.97
N PHE P 462 -8.65 85.02 89.88
CA PHE P 462 -8.98 84.39 88.61
C PHE P 462 -10.26 83.57 88.75
N SER P 463 -11.03 83.52 87.66
CA SER P 463 -12.30 82.82 87.64
C SER P 463 -12.40 82.00 86.37
N GLN P 464 -13.23 80.98 86.41
CA GLN P 464 -13.58 80.20 85.23
C GLN P 464 -14.83 80.81 84.59
N ALA P 465 -14.77 81.01 83.28
CA ALA P 465 -15.85 81.70 82.59
C ALA P 465 -16.99 80.75 82.27
N GLY P 466 -18.22 81.21 82.48
CA GLY P 466 -19.43 80.47 82.15
C GLY P 466 -20.38 81.36 81.37
N ALA P 467 -21.68 81.15 81.62
CA ALA P 467 -22.69 81.92 80.91
C ALA P 467 -22.86 83.33 81.47
N SER P 468 -22.70 83.50 82.79
CA SER P 468 -22.93 84.80 83.41
C SER P 468 -21.86 85.80 83.01
N ASP P 469 -20.63 85.35 82.83
CA ASP P 469 -19.53 86.20 82.39
C ASP P 469 -19.04 85.74 81.02
N ILE P 470 -20.00 85.50 80.12
CA ILE P 470 -19.74 84.91 78.81
C ILE P 470 -18.77 85.75 77.97
N ARG P 471 -18.65 87.04 78.27
CA ARG P 471 -17.76 87.90 77.51
C ARG P 471 -16.29 87.62 77.78
N ASP P 472 -15.97 86.96 78.89
CA ASP P 472 -14.59 86.71 79.29
C ASP P 472 -14.10 85.32 78.88
N GLN P 473 -14.91 84.56 78.14
CA GLN P 473 -14.52 83.20 77.78
C GLN P 473 -13.34 83.20 76.82
N SER P 474 -12.44 82.25 77.03
CA SER P 474 -11.31 82.06 76.10
C SER P 474 -11.82 81.56 74.77
N ARG P 475 -11.29 82.14 73.69
CA ARG P 475 -11.78 81.85 72.35
C ARG P 475 -10.60 81.56 71.42
N ASN P 476 -10.91 80.89 70.32
CA ASN P 476 -9.89 80.45 69.37
C ASN P 476 -9.77 81.35 68.15
N TRP P 477 -10.73 82.25 67.92
CA TRP P 477 -10.80 83.01 66.68
C TRP P 477 -11.05 84.48 66.97
N LEU P 478 -10.84 85.31 65.96
CA LEU P 478 -10.99 86.76 66.03
C LEU P 478 -11.83 87.26 64.86
N PRO P 479 -12.51 88.38 65.03
CA PRO P 479 -13.25 88.97 63.91
C PRO P 479 -12.31 89.50 62.84
N GLY P 480 -12.83 89.56 61.62
CA GLY P 480 -12.05 89.93 60.46
C GLY P 480 -11.49 91.34 60.51
N PRO P 481 -10.70 91.70 59.52
CA PRO P 481 -10.02 93.01 59.54
C PRO P 481 -11.00 94.16 59.33
N CYS P 482 -10.52 95.33 59.75
CA CYS P 482 -11.38 96.53 59.77
C CYS P 482 -10.65 97.74 59.19
N TYR P 483 -11.40 98.65 58.57
CA TYR P 483 -10.87 99.94 58.11
C TYR P 483 -12.00 100.94 58.30
N ARG P 484 -11.96 101.64 59.44
CA ARG P 484 -13.16 102.32 59.96
C ARG P 484 -13.70 103.35 58.98
N GLN P 485 -15.03 103.38 58.88
CA GLN P 485 -15.77 104.32 58.05
C GLN P 485 -16.56 105.27 58.93
N GLN P 486 -16.81 106.47 58.42
CA GLN P 486 -17.68 107.41 59.12
C GLN P 486 -19.13 106.95 59.03
N ARG P 487 -19.88 107.19 60.10
CA ARG P 487 -21.27 106.79 60.18
C ARG P 487 -22.18 107.94 59.77
N VAL P 488 -23.07 107.60 58.82
CA VAL P 488 -24.08 108.58 58.32
C VAL P 488 -25.45 107.96 58.56
N SER P 489 -26.48 108.76 58.74
CA SER P 489 -27.83 108.30 59.01
C SER P 489 -28.75 108.61 57.84
N LYS P 490 -29.69 107.69 57.57
CA LYS P 490 -30.67 107.89 56.48
C LYS P 490 -31.63 109.03 56.89
N THR P 491 -31.84 109.23 58.19
CA THR P 491 -32.64 110.38 58.68
C THR P 491 -31.74 111.61 58.57
N SER P 492 -32.06 112.57 57.71
CA SER P 492 -31.16 113.71 57.45
C SER P 492 -30.84 114.53 58.71
N ALA P 493 -31.85 114.85 59.53
CA ALA P 493 -31.61 115.70 60.69
C ALA P 493 -30.55 115.13 61.61
N ASP P 494 -30.36 113.81 61.60
CA ASP P 494 -29.40 113.16 62.49
C ASP P 494 -27.95 113.42 62.10
N ASN P 495 -27.70 113.93 60.89
CA ASN P 495 -26.35 114.14 60.40
C ASN P 495 -25.83 115.51 60.77
N ASN P 496 -24.51 115.65 60.80
CA ASN P 496 -23.88 116.92 61.11
C ASN P 496 -24.15 117.92 59.98
N ASN P 497 -24.41 119.17 60.36
CA ASN P 497 -24.71 120.23 59.40
C ASN P 497 -23.39 120.82 58.88
N SER P 498 -22.72 120.04 58.05
CA SER P 498 -21.46 120.46 57.45
C SER P 498 -21.20 119.60 56.22
N GLU P 499 -20.19 120.04 55.43
CA GLU P 499 -19.79 119.27 54.23
C GLU P 499 -18.62 118.38 54.64
N TYR P 500 -18.89 117.09 54.84
CA TYR P 500 -17.88 116.14 55.30
C TYR P 500 -17.79 114.91 54.39
N SER P 501 -18.23 115.03 53.13
CA SER P 501 -18.16 113.89 52.24
C SER P 501 -16.73 113.53 51.85
N TRP P 502 -15.78 114.44 52.04
CA TRP P 502 -14.38 114.17 51.76
C TRP P 502 -13.48 114.35 52.97
N THR P 503 -13.73 115.36 53.81
CA THR P 503 -12.91 115.55 55.00
C THR P 503 -13.05 114.39 55.96
N GLY P 504 -14.27 113.90 56.16
CA GLY P 504 -14.53 112.75 56.99
C GLY P 504 -14.51 111.43 56.26
N ALA P 505 -14.13 111.42 54.99
CA ALA P 505 -14.14 110.21 54.19
C ALA P 505 -12.95 109.31 54.53
N THR P 506 -13.13 108.02 54.29
CA THR P 506 -12.07 107.05 54.47
C THR P 506 -11.29 106.91 53.16
N LYS P 507 -9.98 107.14 53.22
CA LYS P 507 -9.16 107.27 52.02
C LYS P 507 -7.90 106.42 52.14
N TYR P 508 -7.33 106.08 50.98
CA TYR P 508 -6.01 105.50 50.90
C TYR P 508 -5.12 106.40 50.05
N HIS P 509 -3.86 106.50 50.43
CA HIS P 509 -2.90 107.40 49.80
C HIS P 509 -1.99 106.61 48.90
N LEU P 510 -1.91 107.00 47.62
CA LEU P 510 -1.11 106.30 46.63
C LEU P 510 -0.48 107.31 45.70
N ASN P 511 0.86 107.38 45.72
CA ASN P 511 1.63 108.27 44.85
C ASN P 511 1.20 109.72 45.01
N GLY P 512 0.93 110.13 46.24
CA GLY P 512 0.56 111.50 46.53
C GLY P 512 -0.87 111.86 46.23
N ARG P 513 -1.68 110.89 45.80
CA ARG P 513 -3.11 111.19 45.55
C ARG P 513 -4.02 110.37 46.47
N ASP P 514 -5.03 111.01 47.05
CA ASP P 514 -6.02 110.37 47.91
C ASP P 514 -7.15 109.81 47.05
N SER P 515 -7.46 108.54 47.24
CA SER P 515 -8.58 107.89 46.58
C SER P 515 -9.59 107.47 47.63
N LEU P 516 -10.87 107.62 47.31
CA LEU P 516 -11.92 107.19 48.23
C LEU P 516 -11.91 105.67 48.37
N VAL P 517 -12.03 105.20 49.60
CA VAL P 517 -12.16 103.78 49.88
C VAL P 517 -13.64 103.45 49.79
N ASN P 518 -14.03 102.82 48.68
CA ASN P 518 -15.44 102.58 48.37
C ASN P 518 -15.58 101.32 47.55
N PRO P 519 -16.22 100.26 48.07
CA PRO P 519 -16.80 100.14 49.41
C PRO P 519 -15.80 99.68 50.46
N GLY P 520 -14.59 99.29 50.05
CA GLY P 520 -13.56 98.90 50.97
C GLY P 520 -13.72 97.48 51.49
N PRO P 521 -13.00 97.15 52.56
CA PRO P 521 -13.10 95.81 53.14
C PRO P 521 -14.51 95.50 53.61
N ALA P 522 -14.90 94.24 53.49
CA ALA P 522 -16.24 93.81 53.84
C ALA P 522 -16.46 93.95 55.35
N MET P 523 -17.40 94.81 55.73
CA MET P 523 -17.72 95.06 57.12
C MET P 523 -19.22 95.24 57.27
N ALA P 524 -19.73 94.96 58.46
CA ALA P 524 -21.15 95.10 58.72
C ALA P 524 -21.56 96.56 58.64
N SER P 525 -22.71 96.80 58.01
CA SER P 525 -23.20 98.17 57.87
C SER P 525 -23.55 98.79 59.22
N HIS P 526 -24.14 98.00 60.11
CA HIS P 526 -24.60 98.51 61.39
C HIS P 526 -24.75 97.35 62.36
N LYS P 527 -24.85 97.70 63.65
CA LYS P 527 -25.07 96.72 64.70
C LYS P 527 -26.58 96.51 64.89
N ASP P 528 -26.95 95.82 65.96
CA ASP P 528 -28.35 95.53 66.23
C ASP P 528 -29.15 96.82 66.41
N ASP P 529 -30.33 96.86 65.80
CA ASP P 529 -31.30 97.94 65.98
C ASP P 529 -30.73 99.30 65.59
N GLU P 530 -29.92 99.32 64.54
CA GLU P 530 -29.36 100.56 64.01
C GLU P 530 -29.42 100.56 62.50
N GLU P 531 -30.53 100.10 61.93
CA GLU P 531 -30.65 99.95 60.49
C GLU P 531 -30.62 101.28 59.75
N LYS P 532 -30.85 102.39 60.44
CA LYS P 532 -30.80 103.70 59.80
C LYS P 532 -29.38 104.18 59.54
N PHE P 533 -28.38 103.52 60.13
CA PHE P 533 -26.99 103.93 59.99
C PHE P 533 -26.28 103.07 58.95
N PHE P 534 -25.50 103.72 58.10
CA PHE P 534 -24.70 103.02 57.11
C PHE P 534 -23.35 103.71 57.00
N PRO P 535 -22.30 102.99 56.62
CA PRO P 535 -20.99 103.62 56.43
C PRO P 535 -21.02 104.61 55.28
N GLN P 536 -20.21 105.66 55.40
CA GLN P 536 -20.25 106.76 54.46
C GLN P 536 -19.91 106.30 53.04
N SER P 537 -18.89 105.45 52.91
CA SER P 537 -18.52 104.88 51.62
C SER P 537 -18.22 103.40 51.76
N GLY P 538 -18.97 102.71 52.62
CA GLY P 538 -18.73 101.32 52.89
C GLY P 538 -19.77 100.35 52.35
N VAL P 539 -20.76 100.82 51.60
CA VAL P 539 -21.78 99.97 51.03
C VAL P 539 -21.99 100.36 49.57
N LEU P 540 -22.46 99.39 48.78
CA LEU P 540 -22.85 99.69 47.41
C LEU P 540 -24.16 100.47 47.41
N ILE P 541 -24.23 101.48 46.56
CA ILE P 541 -25.42 102.31 46.43
C ILE P 541 -25.86 102.24 44.98
N PHE P 542 -27.05 101.68 44.74
CA PHE P 542 -27.62 101.56 43.42
C PHE P 542 -28.65 102.65 43.20
N GLY P 543 -28.74 103.13 41.96
CA GLY P 543 -29.70 104.15 41.60
C GLY P 543 -31.03 103.53 41.22
N LYS P 544 -32.11 104.19 41.65
CA LYS P 544 -33.44 103.79 41.20
C LYS P 544 -33.63 104.18 39.74
N GLN P 545 -34.69 103.68 39.14
CA GLN P 545 -34.97 103.97 37.74
C GLN P 545 -35.22 105.45 37.56
N GLY P 546 -34.56 106.04 36.55
CA GLY P 546 -34.70 107.45 36.26
C GLY P 546 -33.83 108.37 37.09
N SER P 547 -32.94 107.80 37.89
CA SER P 547 -32.09 108.63 38.80
C SER P 547 -31.02 109.36 37.99
N GLU P 548 -30.76 110.63 38.33
CA GLU P 548 -29.77 111.43 37.63
C GLU P 548 -28.36 111.00 38.04
N LYS P 549 -27.37 111.79 37.64
CA LYS P 549 -25.98 111.45 37.88
C LYS P 549 -25.40 112.18 39.07
N THR P 550 -25.73 113.45 39.26
CA THR P 550 -25.07 114.30 40.24
C THR P 550 -26.05 114.73 41.33
N ASN P 551 -25.67 114.48 42.58
CA ASN P 551 -26.34 115.04 43.75
C ASN P 551 -27.83 114.70 43.79
N VAL P 552 -28.14 113.42 43.62
CA VAL P 552 -29.50 112.95 43.77
C VAL P 552 -29.78 112.73 45.26
N ASP P 553 -31.05 112.84 45.63
CA ASP P 553 -31.44 112.71 47.03
C ASP P 553 -31.34 111.25 47.47
N ILE P 554 -31.48 111.03 48.78
CA ILE P 554 -31.39 109.68 49.32
C ILE P 554 -32.57 108.84 48.86
N GLU P 555 -33.74 109.45 48.66
CA GLU P 555 -34.90 108.70 48.19
C GLU P 555 -34.76 108.26 46.74
N LYS P 556 -33.77 108.79 46.01
CA LYS P 556 -33.52 108.39 44.64
C LYS P 556 -32.56 107.22 44.52
N VAL P 557 -31.97 106.78 45.62
CA VAL P 557 -30.99 105.70 45.61
C VAL P 557 -31.41 104.62 46.59
N MET P 558 -30.91 103.41 46.37
CA MET P 558 -31.16 102.25 47.22
C MET P 558 -29.83 101.82 47.83
N ILE P 559 -29.72 101.94 49.14
CA ILE P 559 -28.49 101.66 49.86
C ILE P 559 -28.53 100.21 50.34
N THR P 560 -27.49 99.44 50.02
CA THR P 560 -27.45 98.04 50.39
C THR P 560 -27.09 97.88 51.87
N ASP P 561 -27.35 96.69 52.38
CA ASP P 561 -27.06 96.41 53.80
C ASP P 561 -26.24 95.13 53.90
N GLU P 562 -25.17 95.17 54.67
CA GLU P 562 -24.28 94.04 54.92
C GLU P 562 -24.37 93.59 56.37
N GLU P 563 -25.59 93.53 56.91
CA GLU P 563 -25.79 93.15 58.30
C GLU P 563 -25.68 91.64 58.53
N GLU P 564 -25.79 90.83 57.47
CA GLU P 564 -25.73 89.39 57.64
C GLU P 564 -24.33 88.91 58.04
N ILE P 565 -23.31 89.75 57.87
CA ILE P 565 -21.94 89.36 58.16
C ILE P 565 -21.45 89.94 59.48
N ARG P 566 -22.33 90.55 60.27
CA ARG P 566 -21.92 91.09 61.56
C ARG P 566 -21.62 89.99 62.58
N THR P 567 -21.93 88.73 62.25
CA THR P 567 -21.57 87.63 63.14
C THR P 567 -20.07 87.43 63.21
N THR P 568 -19.35 87.67 62.11
CA THR P 568 -17.90 87.48 62.07
C THR P 568 -17.13 88.73 61.70
N ASN P 569 -17.77 89.74 61.13
CA ASN P 569 -17.07 90.93 60.67
C ASN P 569 -17.39 92.12 61.57
N PRO P 570 -16.41 92.96 61.88
CA PRO P 570 -16.68 94.13 62.71
C PRO P 570 -17.59 95.13 62.00
N VAL P 571 -18.34 95.88 62.80
CA VAL P 571 -19.17 96.94 62.25
C VAL P 571 -18.28 98.01 61.63
N ALA P 572 -18.69 98.49 60.46
CA ALA P 572 -17.84 99.38 59.67
C ALA P 572 -17.56 100.69 60.39
N THR P 573 -18.54 101.21 61.11
CA THR P 573 -18.44 102.52 61.71
C THR P 573 -17.88 102.50 63.13
N GLU P 574 -17.51 101.34 63.65
CA GLU P 574 -17.01 101.21 65.00
C GLU P 574 -15.58 100.67 64.97
N GLN P 575 -14.93 100.76 66.13
CA GLN P 575 -13.57 100.28 66.25
C GLN P 575 -13.54 98.76 66.25
N TYR P 576 -12.39 98.21 65.84
CA TYR P 576 -12.19 96.77 65.92
C TYR P 576 -12.17 96.30 67.37
N GLY P 577 -11.52 97.06 68.24
CA GLY P 577 -11.38 96.66 69.63
C GLY P 577 -10.50 97.62 70.38
N SER P 578 -9.89 97.12 71.45
CA SER P 578 -9.01 97.91 72.29
C SER P 578 -7.72 97.14 72.57
N VAL P 579 -6.62 97.88 72.66
CA VAL P 579 -5.32 97.33 73.01
C VAL P 579 -4.72 98.17 74.11
N SER P 580 -3.80 97.56 74.86
CA SER P 580 -3.07 98.28 75.89
C SER P 580 -2.03 99.20 75.27
N THR P 581 -1.81 100.35 75.91
CA THR P 581 -0.86 101.34 75.42
C THR P 581 0.26 101.65 76.38
N ASN P 582 0.24 101.12 77.60
CA ASN P 582 1.27 101.41 78.59
C ASN P 582 1.46 100.18 79.46
N LEU P 583 2.23 100.33 80.54
CA LEU P 583 2.48 99.27 81.49
C LEU P 583 2.01 99.74 82.87
N GLN P 584 0.93 99.15 83.36
CA GLN P 584 0.42 99.48 84.68
C GLN P 584 1.41 99.02 85.75
N ARG P 585 1.45 99.82 86.83
CA ARG P 585 2.42 99.54 87.91
C ARG P 585 1.93 100.22 89.18
N GLY P 586 2.10 99.57 90.33
CA GLY P 586 1.78 100.16 91.62
C GLY P 586 2.94 100.92 92.22
N ASN P 587 2.71 101.43 93.43
CA ASN P 587 3.72 102.28 94.10
C ASN P 587 4.87 101.41 94.64
N THR P 594 6.06 106.26 90.66
CA THR P 594 4.67 106.49 91.13
C THR P 594 3.77 105.41 90.52
N SER P 595 2.47 105.41 90.81
CA SER P 595 1.66 104.39 90.16
C SER P 595 1.18 104.87 88.80
N ARG P 596 0.99 103.91 87.89
CA ARG P 596 0.45 104.18 86.56
C ARG P 596 -0.71 103.24 86.31
N GLN P 597 -1.87 103.81 85.97
CA GLN P 597 -3.05 103.01 85.70
C GLN P 597 -3.05 102.51 84.26
N ALA P 598 -3.65 101.33 84.05
CA ALA P 598 -3.69 100.74 82.73
C ALA P 598 -4.50 101.60 81.77
N ALA P 599 -3.96 101.78 80.56
CA ALA P 599 -4.59 102.61 79.54
C ALA P 599 -4.84 101.78 78.29
N THR P 600 -5.91 102.12 77.58
CA THR P 600 -6.30 101.42 76.37
C THR P 600 -6.60 102.44 75.27
N ALA P 601 -6.49 101.99 74.02
CA ALA P 601 -6.79 102.81 72.87
C ALA P 601 -7.67 102.04 71.90
N ASP P 602 -8.50 102.77 71.17
CA ASP P 602 -9.33 102.16 70.14
C ASP P 602 -8.48 101.78 68.93
N VAL P 603 -8.81 100.66 68.31
CA VAL P 603 -8.12 100.18 67.11
C VAL P 603 -9.05 100.48 65.94
N ASN P 604 -8.86 101.65 65.33
CA ASN P 604 -9.70 102.06 64.20
C ASN P 604 -9.32 101.36 62.91
N THR P 605 -8.10 100.84 62.81
CA THR P 605 -7.66 100.06 61.65
C THR P 605 -6.94 98.83 62.14
N GLN P 606 -7.34 97.66 61.64
CA GLN P 606 -6.77 96.39 62.07
C GLN P 606 -6.42 95.57 60.83
N GLY P 607 -5.15 95.20 60.71
CA GLY P 607 -4.73 94.29 59.67
C GLY P 607 -5.07 92.86 60.01
N VAL P 608 -4.76 91.97 59.07
CA VAL P 608 -5.08 90.57 59.25
C VAL P 608 -4.15 89.96 60.30
N LEU P 609 -4.73 89.26 61.27
CA LEU P 609 -4.04 88.55 62.31
C LEU P 609 -4.23 87.04 62.14
N PRO P 610 -3.29 86.22 62.62
CA PRO P 610 -3.52 84.78 62.61
C PRO P 610 -4.73 84.42 63.46
N GLY P 611 -5.53 83.47 62.96
CA GLY P 611 -6.76 83.09 63.61
C GLY P 611 -7.96 83.95 63.26
N MET P 612 -7.82 84.89 62.32
CA MET P 612 -8.93 85.79 61.94
C MET P 612 -9.83 85.12 60.91
N VAL P 613 -11.15 85.24 61.07
CA VAL P 613 -12.17 84.71 60.17
C VAL P 613 -13.11 85.85 59.77
N TRP P 614 -13.55 85.84 58.52
CA TRP P 614 -14.39 86.91 58.01
C TRP P 614 -15.23 86.39 56.85
N GLN P 615 -16.24 87.16 56.49
CA GLN P 615 -17.09 86.90 55.33
C GLN P 615 -16.86 87.99 54.29
N ASP P 616 -16.92 87.61 53.02
CA ASP P 616 -16.75 88.56 51.95
C ASP P 616 -18.02 89.38 51.74
N ARG P 617 -17.91 90.41 50.91
CA ARG P 617 -19.07 91.24 50.61
C ARG P 617 -20.09 90.46 49.79
N ASP P 618 -21.37 90.72 50.06
CA ASP P 618 -22.45 90.05 49.35
C ASP P 618 -22.52 90.51 47.90
N VAL P 619 -23.05 89.65 47.05
CA VAL P 619 -23.33 89.99 45.66
C VAL P 619 -24.82 90.27 45.53
N TYR P 620 -25.17 91.08 44.54
CA TYR P 620 -26.54 91.54 44.34
C TYR P 620 -26.96 91.30 42.90
N LEU P 621 -28.27 91.32 42.67
CA LEU P 621 -28.78 91.12 41.32
C LEU P 621 -28.28 92.23 40.39
N GLN P 622 -28.26 93.46 40.88
CA GLN P 622 -27.71 94.59 40.13
C GLN P 622 -26.20 94.72 40.26
N GLY P 623 -25.56 93.89 41.08
CA GLY P 623 -24.16 94.03 41.35
C GLY P 623 -23.27 93.35 40.33
N PRO P 624 -21.96 93.61 40.42
CA PRO P 624 -21.02 92.97 39.50
C PRO P 624 -20.82 91.50 39.84
N ILE P 625 -20.39 90.75 38.83
CA ILE P 625 -20.17 89.31 38.97
C ILE P 625 -18.71 89.01 39.28
N TRP P 626 -17.79 89.59 38.53
CA TRP P 626 -16.37 89.25 38.64
C TRP P 626 -15.52 90.49 38.51
N ALA P 627 -14.21 90.31 38.71
CA ALA P 627 -13.22 91.33 38.45
C ALA P 627 -11.90 90.64 38.18
N LYS P 628 -11.02 91.34 37.47
CA LYS P 628 -9.70 90.80 37.17
C LYS P 628 -8.74 91.08 38.31
N ILE P 629 -8.13 90.03 38.83
CA ILE P 629 -7.11 90.21 39.87
C ILE P 629 -5.88 90.89 39.24
N PRO P 630 -5.40 92.00 39.80
CA PRO P 630 -4.26 92.69 39.20
C PRO P 630 -3.03 91.78 39.16
N HIS P 631 -2.26 91.91 38.08
CA HIS P 631 -1.05 91.11 37.90
C HIS P 631 0.04 91.71 38.78
N THR P 632 0.13 91.22 40.01
CA THR P 632 1.08 91.73 40.98
C THR P 632 1.80 90.56 41.64
N ASP P 633 2.93 90.86 42.27
CA ASP P 633 3.74 89.80 42.91
C ASP P 633 2.97 89.20 44.08
N GLY P 634 2.28 90.04 44.84
CA GLY P 634 1.55 89.56 46.00
C GLY P 634 0.17 90.17 46.09
N HIS P 635 -0.74 89.39 46.67
CA HIS P 635 -2.09 89.83 46.97
C HIS P 635 -2.65 88.90 48.03
N PHE P 636 -3.51 89.44 48.90
CA PHE P 636 -4.12 88.67 49.97
C PHE P 636 -5.62 88.62 49.75
N HIS P 637 -6.17 87.40 49.70
CA HIS P 637 -7.60 87.16 49.53
C HIS P 637 -8.14 87.98 48.38
N PRO P 638 -7.84 87.62 47.13
CA PRO P 638 -8.20 88.44 45.97
C PRO P 638 -9.69 88.34 45.57
N SER P 639 -10.56 88.47 46.55
CA SER P 639 -11.98 88.69 46.28
C SER P 639 -12.22 90.17 46.03
N PRO P 640 -12.91 90.53 44.95
CA PRO P 640 -13.13 91.95 44.68
C PRO P 640 -13.87 92.63 45.82
N LEU P 641 -13.45 93.86 46.14
CA LEU P 641 -14.06 94.56 47.27
C LEU P 641 -15.47 95.01 46.96
N MET P 642 -15.79 95.25 45.69
CA MET P 642 -17.15 95.59 45.29
C MET P 642 -18.09 94.39 45.30
N GLY P 643 -17.55 93.18 45.47
CA GLY P 643 -18.35 91.97 45.49
C GLY P 643 -18.19 91.16 44.23
N GLY P 644 -18.12 89.84 44.40
CA GLY P 644 -18.02 88.96 43.26
C GLY P 644 -16.89 87.96 43.33
N PHE P 645 -16.45 87.46 42.17
CA PHE P 645 -15.44 86.43 42.06
C PHE P 645 -14.15 87.02 41.50
N GLY P 646 -13.05 86.84 42.21
CA GLY P 646 -11.76 87.27 41.71
C GLY P 646 -11.17 86.27 40.75
N LEU P 647 -10.86 86.72 39.53
CA LEU P 647 -10.39 85.84 38.46
C LEU P 647 -9.05 86.33 37.96
N LYS P 648 -8.04 85.45 37.97
CA LYS P 648 -6.76 85.79 37.37
C LYS P 648 -6.88 85.91 35.86
N HIS P 649 -7.74 85.09 35.25
CA HIS P 649 -8.05 85.15 33.82
C HIS P 649 -9.55 85.30 33.69
N PRO P 650 -10.09 86.51 33.81
CA PRO P 650 -11.52 86.72 33.74
C PRO P 650 -12.02 86.57 32.31
N PRO P 651 -13.34 86.60 32.09
CA PRO P 651 -13.85 86.59 30.72
C PRO P 651 -13.23 87.71 29.91
N PRO P 652 -12.69 87.41 28.73
CA PRO P 652 -11.95 88.43 27.97
C PRO P 652 -12.85 89.55 27.48
N GLN P 653 -12.26 90.72 27.35
CA GLN P 653 -12.96 91.86 26.76
C GLN P 653 -13.27 91.58 25.29
N ILE P 654 -14.50 91.88 24.88
CA ILE P 654 -14.95 91.69 23.51
C ILE P 654 -15.07 93.07 22.89
N LEU P 655 -14.19 93.38 21.94
CA LEU P 655 -14.12 94.69 21.32
C LEU P 655 -14.78 94.64 19.94
N ILE P 656 -15.63 95.61 19.66
CA ILE P 656 -16.37 95.69 18.40
C ILE P 656 -16.35 97.12 17.91
N LYS P 657 -16.17 97.30 16.60
CA LYS P 657 -16.23 98.63 16.01
C LYS P 657 -16.64 98.50 14.55
N ASN P 658 -17.17 99.59 14.01
CA ASN P 658 -17.54 99.64 12.61
C ASN P 658 -16.32 99.95 11.76
N THR P 659 -16.15 99.21 10.68
CA THR P 659 -15.04 99.46 9.78
C THR P 659 -15.27 100.79 9.06
N PRO P 660 -14.30 101.71 9.10
CA PRO P 660 -14.49 103.00 8.43
C PRO P 660 -14.60 102.83 6.92
N VAL P 661 -15.63 103.43 6.35
CA VAL P 661 -15.86 103.42 4.91
C VAL P 661 -15.57 104.82 4.38
N PRO P 662 -14.49 105.02 3.64
CA PRO P 662 -14.16 106.37 3.14
C PRO P 662 -15.24 106.90 2.22
N ALA P 663 -15.45 108.21 2.28
CA ALA P 663 -16.37 108.89 1.39
C ALA P 663 -15.68 109.10 0.03
N ASN P 664 -16.26 109.94 -0.82
CA ASN P 664 -15.75 110.13 -2.16
C ASN P 664 -14.35 110.72 -2.13
N PRO P 665 -13.34 110.03 -2.67
CA PRO P 665 -11.98 110.59 -2.68
C PRO P 665 -11.76 111.55 -3.84
N SER P 666 -10.66 112.30 -3.71
CA SER P 666 -10.27 113.24 -4.78
C SER P 666 -9.64 112.46 -5.93
N THR P 667 -9.88 112.90 -7.16
CA THR P 667 -9.30 112.26 -8.32
C THR P 667 -7.80 112.46 -8.41
N THR P 668 -7.25 113.40 -7.65
CA THR P 668 -5.81 113.62 -7.57
C THR P 668 -5.29 113.00 -6.27
N PHE P 669 -4.13 112.37 -6.34
CA PHE P 669 -3.58 111.71 -5.17
C PHE P 669 -3.22 112.71 -4.09
N SER P 670 -3.58 112.38 -2.84
CA SER P 670 -3.23 113.17 -1.68
C SER P 670 -2.68 112.24 -0.61
N ALA P 671 -1.51 112.59 -0.07
CA ALA P 671 -0.88 111.78 0.97
C ALA P 671 -1.50 111.99 2.34
N ALA P 672 -2.37 112.99 2.49
CA ALA P 672 -3.04 113.20 3.77
C ALA P 672 -3.98 112.04 4.06
N LYS P 673 -4.03 111.63 5.32
CA LYS P 673 -4.90 110.55 5.72
C LYS P 673 -6.36 110.97 5.54
N PHE P 674 -7.20 109.96 5.29
CA PHE P 674 -8.64 110.23 5.02
C PHE P 674 -9.32 110.82 6.26
N ALA P 675 -10.06 111.91 6.05
CA ALA P 675 -10.81 112.54 7.12
C ALA P 675 -12.31 112.57 6.86
N SER P 676 -12.76 112.19 5.67
CA SER P 676 -14.18 112.16 5.32
C SER P 676 -14.61 110.71 5.17
N PHE P 677 -15.69 110.34 5.88
CA PHE P 677 -16.19 108.98 5.87
C PHE P 677 -17.70 108.99 5.74
N ILE P 678 -18.25 107.87 5.31
CA ILE P 678 -19.70 107.70 5.25
C ILE P 678 -20.20 107.44 6.66
N THR P 679 -21.15 108.25 7.11
CA THR P 679 -21.72 108.08 8.43
C THR P 679 -22.50 106.78 8.50
N GLN P 680 -22.21 105.95 9.51
CA GLN P 680 -22.88 104.66 9.60
C GLN P 680 -22.79 104.14 11.03
N TYR P 681 -23.74 103.27 11.36
CA TYR P 681 -23.77 102.57 12.62
C TYR P 681 -24.15 101.12 12.34
N SER P 682 -24.13 100.30 13.38
CA SER P 682 -24.49 98.90 13.25
C SER P 682 -25.45 98.50 14.36
N THR P 683 -26.27 97.49 14.07
CA THR P 683 -27.19 96.92 15.05
C THR P 683 -27.17 95.41 14.88
N GLY P 684 -27.52 94.71 15.94
CA GLY P 684 -27.49 93.27 15.89
C GLY P 684 -27.95 92.68 17.20
N GLN P 685 -27.73 91.37 17.34
CA GLN P 685 -28.13 90.64 18.53
C GLN P 685 -26.89 90.03 19.19
N VAL P 686 -26.92 89.98 20.51
CA VAL P 686 -25.83 89.43 21.31
C VAL P 686 -26.41 88.38 22.25
N SER P 687 -25.73 87.24 22.36
CA SER P 687 -26.17 86.14 23.22
C SER P 687 -25.06 85.80 24.21
N VAL P 688 -25.41 85.69 25.49
CA VAL P 688 -24.50 85.28 26.54
C VAL P 688 -25.14 84.12 27.29
N GLU P 689 -24.44 82.99 27.33
CA GLU P 689 -24.90 81.81 28.06
C GLU P 689 -23.86 81.41 29.07
N ILE P 690 -24.23 81.40 30.35
CA ILE P 690 -23.32 81.07 31.43
C ILE P 690 -23.86 79.86 32.18
N GLU P 691 -23.01 78.87 32.42
CA GLU P 691 -23.32 77.74 33.26
C GLU P 691 -22.80 78.01 34.67
N TRP P 692 -23.68 77.86 35.66
CA TRP P 692 -23.34 78.10 37.05
C TRP P 692 -23.46 76.79 37.83
N GLU P 693 -22.53 76.58 38.76
CA GLU P 693 -22.57 75.43 39.65
C GLU P 693 -23.18 75.83 40.98
N LEU P 694 -24.05 74.98 41.51
CA LEU P 694 -24.80 75.26 42.73
C LEU P 694 -24.28 74.40 43.87
N GLN P 695 -24.27 74.99 45.06
CA GLN P 695 -23.93 74.29 46.31
C GLN P 695 -25.24 74.14 47.07
N LYS P 696 -25.81 72.94 47.02
CA LYS P 696 -27.13 72.71 47.59
C LYS P 696 -27.11 72.84 49.11
N GLU P 697 -28.15 73.47 49.64
CA GLU P 697 -28.29 73.61 51.10
C GLU P 697 -28.55 72.25 51.74
N ASN P 698 -27.86 72.00 52.84
CA ASN P 698 -27.96 70.74 53.59
C ASN P 698 -28.16 71.02 55.07
N SER P 699 -29.08 71.94 55.37
CA SER P 699 -29.29 72.37 56.74
C SER P 699 -30.13 71.35 57.52
N LYS P 700 -29.98 71.36 58.85
CA LYS P 700 -30.78 70.47 59.73
C LYS P 700 -31.53 71.30 60.78
N ARG P 701 -31.71 72.61 60.52
CA ARG P 701 -32.48 73.42 61.45
C ARG P 701 -33.95 73.01 61.40
N TRP P 702 -34.64 73.22 62.51
CA TRP P 702 -36.02 72.78 62.65
C TRP P 702 -37.02 73.82 62.20
N ASN P 703 -36.89 75.04 62.71
CA ASN P 703 -37.84 76.10 62.39
C ASN P 703 -37.57 76.67 61.00
N PRO P 704 -38.59 77.27 60.34
CA PRO P 704 -38.41 77.78 58.98
C PRO P 704 -37.33 78.87 58.85
N GLU P 705 -36.82 79.12 57.65
CA GLU P 705 -35.72 80.08 57.42
C GLU P 705 -36.25 81.39 56.85
N ILE P 706 -35.40 82.43 56.79
CA ILE P 706 -35.85 83.65 56.06
C ILE P 706 -35.71 83.43 54.55
N GLN P 707 -36.75 83.73 53.78
CA GLN P 707 -36.67 83.61 52.34
C GLN P 707 -37.09 84.93 51.70
N TYR P 708 -36.50 85.24 50.55
CA TYR P 708 -36.95 86.40 49.80
C TYR P 708 -38.32 86.10 49.19
N THR P 709 -39.22 87.08 49.26
CA THR P 709 -40.58 86.90 48.80
C THR P 709 -41.13 88.21 48.29
N SER P 710 -42.14 88.10 47.43
CA SER P 710 -42.84 89.32 46.97
C SER P 710 -43.86 89.70 48.03
N ASN P 711 -44.32 90.93 48.05
CA ASN P 711 -45.28 91.31 49.13
C ASN P 711 -46.68 91.06 48.58
N TYR P 712 -47.54 90.38 49.35
CA TYR P 712 -48.88 89.99 48.86
C TYR P 712 -49.80 91.21 48.73
N ASN P 713 -49.61 92.23 49.56
CA ASN P 713 -50.56 93.34 49.52
C ASN P 713 -50.64 93.97 48.13
N LYS P 714 -51.83 94.50 47.84
CA LYS P 714 -52.07 95.12 46.52
C LYS P 714 -51.19 96.35 46.34
N SER P 715 -50.88 96.63 45.09
CA SER P 715 -50.06 97.80 44.76
C SER P 715 -50.42 98.27 43.37
N ILE P 716 -50.06 99.53 43.09
CA ILE P 716 -50.31 100.09 41.76
C ILE P 716 -49.49 99.35 40.72
N ASN P 717 -48.23 99.06 41.02
CA ASN P 717 -47.32 98.37 40.12
C ASN P 717 -46.80 97.10 40.76
N VAL P 718 -46.57 96.09 39.94
CA VAL P 718 -45.93 94.86 40.39
C VAL P 718 -44.42 95.07 40.39
N ASP P 719 -43.74 94.51 41.37
CA ASP P 719 -42.29 94.66 41.47
C ASP P 719 -41.58 93.92 40.33
N PHE P 720 -40.50 94.52 39.84
CA PHE P 720 -39.68 93.95 38.77
C PHE P 720 -40.49 93.69 37.50
N THR P 721 -41.38 94.62 37.18
CA THR P 721 -42.15 94.61 35.94
C THR P 721 -42.04 95.98 35.29
N VAL P 722 -42.82 96.17 34.23
CA VAL P 722 -42.88 97.46 33.55
C VAL P 722 -44.10 98.22 34.05
N ASP P 723 -44.03 99.54 33.96
CA ASP P 723 -45.14 100.39 34.35
C ASP P 723 -46.00 100.70 33.13
N THR P 724 -46.91 101.66 33.27
CA THR P 724 -47.81 102.02 32.15
C THR P 724 -47.00 102.64 31.01
N ASN P 725 -45.75 103.05 31.28
CA ASN P 725 -44.86 103.60 30.22
C ASN P 725 -44.00 102.46 29.66
N GLY P 726 -44.18 101.23 30.18
CA GLY P 726 -43.36 100.10 29.72
C GLY P 726 -41.93 100.21 30.20
N VAL P 727 -41.69 101.03 31.24
CA VAL P 727 -40.31 101.25 31.76
C VAL P 727 -40.02 100.19 32.82
N TYR P 728 -38.99 99.36 32.60
CA TYR P 728 -38.63 98.34 33.56
C TYR P 728 -37.85 98.96 34.71
N SER P 729 -38.19 98.57 35.93
CA SER P 729 -37.51 99.08 37.11
C SER P 729 -37.22 97.93 38.07
N GLU P 730 -36.17 98.11 38.87
CA GLU P 730 -35.81 97.17 39.92
C GLU P 730 -36.02 97.86 41.26
N PRO P 731 -37.11 97.55 41.98
CA PRO P 731 -37.48 98.36 43.14
C PRO P 731 -36.46 98.35 44.27
N ARG P 732 -35.75 97.26 44.50
CA ARG P 732 -34.83 97.18 45.62
C ARG P 732 -33.68 96.26 45.24
N PRO P 733 -32.52 96.41 45.90
CA PRO P 733 -31.44 95.43 45.72
C PRO P 733 -31.76 94.14 46.44
N ILE P 734 -31.48 93.02 45.78
CA ILE P 734 -31.66 91.71 46.38
C ILE P 734 -30.29 91.07 46.53
N GLY P 735 -29.93 90.71 47.76
CA GLY P 735 -28.71 89.99 48.03
C GLY P 735 -28.91 88.51 47.81
N THR P 736 -28.03 87.71 48.42
CA THR P 736 -28.11 86.26 48.32
C THR P 736 -28.18 85.56 49.67
N ARG P 737 -28.02 86.29 50.78
CA ARG P 737 -27.80 85.66 52.09
C ARG P 737 -29.13 85.61 52.85
N TYR P 738 -29.90 84.56 52.56
CA TYR P 738 -31.18 84.30 53.22
C TYR P 738 -31.20 82.99 53.99
N LEU P 739 -30.63 81.93 53.42
CA LEU P 739 -30.48 80.69 54.18
C LEU P 739 -29.41 80.88 55.25
N THR P 740 -29.41 79.97 56.22
CA THR P 740 -28.49 80.05 57.34
C THR P 740 -27.66 78.78 57.45
N ARG P 741 -26.43 78.96 57.92
CA ARG P 741 -25.53 77.82 58.19
C ARG P 741 -24.81 78.10 59.51
N ASN P 742 -24.46 77.08 60.30
CA ASN P 742 -23.71 77.26 61.53
C ASN P 742 -22.27 77.65 61.22
N LEU P 743 -21.66 78.36 62.16
CA LEU P 743 -20.25 78.74 62.03
C LEU P 743 -19.34 77.52 62.08
N ALA Q 218 52.39 51.65 -46.18
CA ALA Q 218 51.48 51.82 -45.03
C ALA Q 218 50.55 53.00 -45.29
N ASP Q 219 51.09 54.08 -45.85
CA ASP Q 219 50.30 55.32 -46.03
C ASP Q 219 50.45 55.78 -47.47
N GLY Q 220 51.03 54.95 -48.33
CA GLY Q 220 51.10 55.32 -49.76
C GLY Q 220 51.50 56.77 -49.95
N VAL Q 221 50.89 57.46 -50.93
CA VAL Q 221 51.30 58.85 -51.24
C VAL Q 221 50.13 59.73 -50.83
N GLY Q 222 50.35 60.61 -49.88
CA GLY Q 222 49.37 61.57 -49.41
C GLY Q 222 48.83 61.31 -48.03
N ASN Q 223 49.25 60.22 -47.37
CA ASN Q 223 48.84 59.93 -46.00
C ASN Q 223 50.06 60.02 -45.11
N SER Q 224 49.96 60.84 -44.06
CA SER Q 224 51.08 61.03 -43.15
C SER Q 224 51.29 59.77 -42.31
N SER Q 225 52.55 59.40 -42.11
CA SER Q 225 52.91 58.22 -41.34
C SER Q 225 53.38 58.55 -39.93
N GLY Q 226 53.23 59.79 -39.50
CA GLY Q 226 53.62 60.16 -38.15
C GLY Q 226 53.23 61.59 -37.86
N ASN Q 227 53.42 61.98 -36.61
CA ASN Q 227 53.11 63.31 -36.12
C ASN Q 227 54.32 63.92 -35.44
N TRP Q 228 54.27 65.23 -35.24
CA TRP Q 228 55.35 65.94 -34.57
C TRP Q 228 55.14 65.89 -33.07
N HIS Q 229 56.04 65.20 -32.38
CA HIS Q 229 55.97 65.07 -30.90
C HIS Q 229 57.27 65.61 -30.32
N CYS Q 230 57.27 66.88 -29.93
CA CYS Q 230 58.46 67.49 -29.27
C CYS Q 230 57.97 68.10 -27.97
N ASP Q 231 58.30 67.49 -26.83
CA ASP Q 231 57.78 67.98 -25.53
C ASP Q 231 58.40 67.21 -24.36
N SER Q 232 58.11 67.61 -23.13
CA SER Q 232 58.59 66.82 -22.01
C SER Q 232 57.51 66.76 -20.93
N THR Q 233 57.40 65.60 -20.29
CA THR Q 233 56.42 65.37 -19.23
C THR Q 233 57.15 64.99 -17.96
N TRP Q 234 56.91 65.72 -16.88
CA TRP Q 234 57.48 65.42 -15.58
C TRP Q 234 56.40 64.76 -14.72
N MET Q 235 56.67 63.52 -14.31
CA MET Q 235 55.69 62.76 -13.48
C MET Q 235 56.44 62.12 -12.31
N GLY Q 236 56.46 62.80 -11.16
CA GLY Q 236 57.10 62.24 -9.98
C GLY Q 236 58.60 62.10 -10.19
N ASP Q 237 59.08 60.87 -10.05
CA ASP Q 237 60.50 60.55 -10.20
C ASP Q 237 60.89 60.21 -11.64
N ARG Q 238 60.11 60.66 -12.63
CA ARG Q 238 60.41 60.42 -14.02
C ARG Q 238 60.22 61.69 -14.83
N VAL Q 239 61.04 61.84 -15.87
CA VAL Q 239 60.83 62.87 -16.88
C VAL Q 239 61.02 62.22 -18.24
N THR Q 240 60.03 62.36 -19.11
CA THR Q 240 60.08 61.80 -20.45
C THR Q 240 60.23 62.94 -21.44
N THR Q 241 61.37 62.97 -22.14
CA THR Q 241 61.65 64.00 -23.12
C THR Q 241 61.50 63.42 -24.53
N THR Q 242 60.74 64.10 -25.37
CA THR Q 242 60.52 63.70 -26.75
C THR Q 242 60.97 64.82 -27.68
N SER Q 243 61.65 64.46 -28.76
CA SER Q 243 62.17 65.44 -29.71
C SER Q 243 61.89 64.98 -31.12
N THR Q 244 61.53 65.93 -31.99
CA THR Q 244 61.34 65.66 -33.40
C THR Q 244 62.17 66.65 -34.21
N ARG Q 245 62.84 66.15 -35.25
CA ARG Q 245 63.67 66.97 -36.11
C ARG Q 245 63.43 66.57 -37.56
N THR Q 246 63.77 67.48 -38.46
CA THR Q 246 63.72 67.23 -39.89
C THR Q 246 65.15 66.98 -40.39
N TRP Q 247 65.36 65.84 -41.03
CA TRP Q 247 66.68 65.44 -41.48
C TRP Q 247 66.74 65.39 -43.01
N ALA Q 248 67.95 65.54 -43.53
CA ALA Q 248 68.23 65.41 -44.95
C ALA Q 248 69.36 64.40 -45.12
N LEU Q 249 69.15 63.41 -45.97
CA LEU Q 249 70.13 62.36 -46.20
C LEU Q 249 70.55 62.34 -47.66
N PRO Q 250 71.77 62.74 -48.00
CA PRO Q 250 72.24 62.69 -49.38
C PRO Q 250 72.70 61.27 -49.73
N THR Q 251 73.22 61.15 -50.95
CA THR Q 251 73.88 59.93 -51.39
C THR Q 251 75.37 60.05 -51.08
N TYR Q 252 75.89 59.10 -50.32
CA TYR Q 252 77.27 59.14 -49.84
C TYR Q 252 78.15 58.21 -50.66
N ASN Q 253 79.31 58.71 -51.06
CA ASN Q 253 80.32 57.95 -51.79
C ASN Q 253 79.81 57.45 -53.14
N ASN Q 254 78.71 58.01 -53.63
CA ASN Q 254 78.08 57.55 -54.86
C ASN Q 254 77.77 56.05 -54.79
N HIS Q 255 77.14 55.66 -53.68
CA HIS Q 255 76.69 54.29 -53.42
C HIS Q 255 77.84 53.29 -53.34
N LEU Q 256 79.04 53.73 -52.94
CA LEU Q 256 80.21 52.88 -52.96
C LEU Q 256 80.83 52.77 -51.57
N TYR Q 257 81.58 51.67 -51.37
CA TYR Q 257 82.40 51.55 -50.15
C TYR Q 257 83.81 51.84 -50.62
N LYS Q 258 84.52 52.74 -49.97
CA LYS Q 258 85.85 53.18 -50.34
C LYS Q 258 86.81 52.93 -49.18
N GLN Q 259 87.92 52.25 -49.47
CA GLN Q 259 88.96 52.11 -48.47
C GLN Q 259 89.65 53.45 -48.24
N ILE Q 260 89.79 53.82 -46.98
CA ILE Q 260 90.41 55.08 -46.60
C ILE Q 260 91.58 54.79 -45.68
N SER Q 261 92.55 55.69 -45.69
CA SER Q 261 93.75 55.55 -44.87
C SER Q 261 94.38 56.92 -44.68
N SER Q 262 95.31 57.00 -43.74
CA SER Q 262 96.01 58.24 -43.49
C SER Q 262 96.87 58.61 -44.70
N GLN Q 263 97.05 59.92 -44.86
CA GLN Q 263 97.81 60.41 -46.03
C GLN Q 263 99.27 60.02 -45.86
N SER Q 264 99.94 59.80 -46.98
CA SER Q 264 101.40 59.54 -46.91
C SER Q 264 102.08 60.78 -46.37
N GLY Q 265 103.11 60.61 -45.55
CA GLY Q 265 103.82 61.69 -44.91
C GLY Q 265 103.28 62.09 -43.56
N ALA Q 266 102.17 61.52 -43.14
CA ALA Q 266 101.63 61.81 -41.81
C ALA Q 266 102.52 61.20 -40.74
N SER Q 267 102.44 61.75 -39.53
CA SER Q 267 103.20 61.20 -38.42
C SER Q 267 102.65 59.84 -38.03
N ASN Q 268 103.46 59.08 -37.28
CA ASN Q 268 103.03 57.75 -36.86
C ASN Q 268 101.82 57.82 -35.95
N ASP Q 269 101.71 58.87 -35.12
CA ASP Q 269 100.57 59.00 -34.23
C ASP Q 269 99.28 59.23 -34.99
N ASN Q 270 99.36 59.79 -36.19
CA ASN Q 270 98.19 60.13 -36.99
C ASN Q 270 97.87 59.09 -38.06
N HIS Q 271 98.60 57.98 -38.10
CA HIS Q 271 98.35 56.94 -39.10
C HIS Q 271 97.08 56.18 -38.75
N TYR Q 272 96.30 55.84 -39.78
CA TYR Q 272 95.08 55.08 -39.58
C TYR Q 272 94.70 54.37 -40.87
N PHE Q 273 93.83 53.37 -40.74
CA PHE Q 273 93.28 52.63 -41.85
C PHE Q 273 91.83 52.29 -41.53
N GLY Q 274 90.97 52.38 -42.53
CA GLY Q 274 89.58 52.11 -42.30
C GLY Q 274 88.80 52.10 -43.60
N TYR Q 275 87.48 52.13 -43.48
CA TYR Q 275 86.60 52.10 -44.63
C TYR Q 275 85.51 53.15 -44.48
N SER Q 276 85.13 53.75 -45.61
CA SER Q 276 84.05 54.71 -45.68
C SER Q 276 82.85 54.04 -46.33
N THR Q 277 81.70 54.12 -45.69
CA THR Q 277 80.50 53.45 -46.18
C THR Q 277 79.53 54.45 -46.80
N PRO Q 278 78.68 54.02 -47.73
CA PRO Q 278 77.66 54.92 -48.28
C PRO Q 278 76.49 55.16 -47.36
N TRP Q 279 76.51 54.63 -46.14
CA TRP Q 279 75.41 54.78 -45.20
C TRP Q 279 75.61 56.01 -44.33
N GLY Q 280 74.49 56.49 -43.78
CA GLY Q 280 74.49 57.48 -42.74
C GLY Q 280 73.99 56.88 -41.44
N TYR Q 281 74.09 57.66 -40.37
CA TYR Q 281 73.64 57.21 -39.06
C TYR Q 281 73.00 58.35 -38.31
N PHE Q 282 72.02 58.01 -37.47
CA PHE Q 282 71.30 58.98 -36.66
C PHE Q 282 71.93 59.04 -35.27
N ASP Q 283 72.42 60.23 -34.90
CA ASP Q 283 73.10 60.43 -33.63
C ASP Q 283 72.26 61.37 -32.77
N PHE Q 284 71.93 60.93 -31.55
CA PHE Q 284 71.31 61.79 -30.56
C PHE Q 284 72.00 61.64 -29.21
N ASN Q 285 73.32 61.44 -29.23
CA ASN Q 285 74.11 61.24 -28.02
C ASN Q 285 74.62 62.56 -27.45
N ARG Q 286 73.71 63.51 -27.29
CA ARG Q 286 74.00 64.78 -26.64
C ARG Q 286 72.75 65.22 -25.89
N PHE Q 287 72.91 65.83 -24.72
CA PHE Q 287 71.73 66.15 -23.87
C PHE Q 287 70.85 67.21 -24.52
N HIS Q 288 71.42 68.13 -25.29
CA HIS Q 288 70.65 69.22 -25.93
C HIS Q 288 69.66 68.66 -26.97
N CYS Q 289 69.86 67.42 -27.40
CA CYS Q 289 68.98 66.76 -28.40
C CYS Q 289 67.65 66.37 -27.74
N HIS Q 290 67.59 66.33 -26.41
CA HIS Q 290 66.39 65.92 -25.71
C HIS Q 290 65.91 66.92 -24.68
N PHE Q 291 66.80 67.70 -24.07
CA PHE Q 291 66.45 68.65 -23.02
C PHE Q 291 66.53 70.06 -23.56
N SER Q 292 65.46 70.83 -23.36
CA SER Q 292 65.53 72.26 -23.57
C SER Q 292 66.30 72.90 -22.42
N PRO Q 293 66.81 74.13 -22.61
CA PRO Q 293 67.51 74.78 -21.49
C PRO Q 293 66.65 74.94 -20.25
N ARG Q 294 65.36 75.23 -20.39
CA ARG Q 294 64.46 75.25 -19.24
C ARG Q 294 64.32 73.86 -18.63
N ASP Q 295 64.26 72.83 -19.46
CA ASP Q 295 64.24 71.45 -18.95
C ASP Q 295 65.51 71.13 -18.19
N TRP Q 296 66.66 71.55 -18.71
CA TRP Q 296 67.93 71.32 -18.01
C TRP Q 296 67.95 72.06 -16.68
N GLN Q 297 67.47 73.30 -16.65
CA GLN Q 297 67.45 74.04 -15.39
C GLN Q 297 66.51 73.38 -14.38
N ARG Q 298 65.36 72.89 -14.84
CA ARG Q 298 64.45 72.15 -13.96
C ARG Q 298 65.09 70.86 -13.46
N LEU Q 299 65.89 70.20 -14.28
CA LEU Q 299 66.53 68.96 -13.87
C LEU Q 299 67.63 69.20 -12.85
N ILE Q 300 68.51 70.18 -13.11
CA ILE Q 300 69.71 70.32 -12.30
C ILE Q 300 69.49 71.09 -11.01
N ASN Q 301 68.43 71.88 -10.91
CA ASN Q 301 68.17 72.67 -9.72
C ASN Q 301 67.35 71.93 -8.67
N ASN Q 302 66.86 70.73 -8.99
CA ASN Q 302 65.93 70.04 -8.11
C ASN Q 302 66.25 68.58 -7.86
N ASN Q 303 67.20 67.99 -8.58
CA ASN Q 303 67.47 66.57 -8.50
C ASN Q 303 68.92 66.33 -8.11
N TRP Q 304 69.14 65.31 -7.27
CA TRP Q 304 70.47 64.86 -6.90
C TRP Q 304 71.06 63.86 -7.88
N GLY Q 305 70.28 63.39 -8.85
CA GLY Q 305 70.79 62.45 -9.82
C GLY Q 305 69.75 62.11 -10.86
N PHE Q 306 70.21 61.54 -11.96
CA PHE Q 306 69.33 61.10 -13.03
C PHE Q 306 70.05 60.05 -13.86
N ARG Q 307 69.27 59.25 -14.58
CA ARG Q 307 69.79 58.20 -15.45
C ARG Q 307 68.74 57.85 -16.47
N PRO Q 308 69.14 57.46 -17.68
CA PRO Q 308 68.16 57.02 -18.68
C PRO Q 308 67.61 55.64 -18.39
N LYS Q 309 66.36 55.43 -18.77
CA LYS Q 309 65.64 54.19 -18.51
C LYS Q 309 65.28 53.44 -19.77
N ARG Q 310 64.63 54.10 -20.73
CA ARG Q 310 64.26 53.49 -21.99
C ARG Q 310 64.10 54.57 -23.05
N LEU Q 311 64.16 54.18 -24.31
CA LEU Q 311 64.00 55.12 -25.40
C LEU Q 311 63.12 54.52 -26.49
N ASN Q 312 62.50 55.41 -27.27
CA ASN Q 312 61.68 55.01 -28.44
C ASN Q 312 62.15 55.86 -29.61
N PHE Q 313 62.30 55.28 -30.79
CA PHE Q 313 62.82 55.93 -31.97
C PHE Q 313 61.85 55.73 -33.13
N LYS Q 314 61.69 56.79 -33.92
CA LYS Q 314 60.78 56.69 -35.09
C LYS Q 314 61.25 57.50 -36.29
N LEU Q 315 61.19 56.90 -37.48
CA LEU Q 315 61.40 57.61 -38.74
C LEU Q 315 60.10 57.58 -39.52
N PHE Q 316 59.68 58.73 -40.05
CA PHE Q 316 58.39 58.82 -40.69
C PHE Q 316 58.39 59.99 -41.67
N ASN Q 317 57.31 60.07 -42.45
CA ASN Q 317 57.14 61.12 -43.46
C ASN Q 317 58.35 61.17 -44.39
N ILE Q 318 58.76 60.01 -44.88
CA ILE Q 318 59.96 59.89 -45.69
C ILE Q 318 59.65 60.28 -47.12
N GLN Q 319 60.41 61.23 -47.65
CA GLN Q 319 60.27 61.70 -49.02
C GLN Q 319 61.59 61.51 -49.75
N VAL Q 320 61.56 60.84 -50.90
CA VAL Q 320 62.74 60.68 -51.74
C VAL Q 320 62.61 61.66 -52.89
N LYS Q 321 63.61 62.53 -53.04
CA LYS Q 321 63.63 63.57 -54.06
C LYS Q 321 64.68 63.24 -55.10
N GLU Q 322 64.30 63.26 -56.37
CA GLU Q 322 65.23 63.06 -57.47
C GLU Q 322 65.72 64.41 -57.98
N VAL Q 323 67.03 64.55 -58.09
CA VAL Q 323 67.67 65.79 -58.52
C VAL Q 323 68.25 65.58 -59.92
N THR Q 324 67.91 66.49 -60.83
CA THR Q 324 68.45 66.47 -62.18
C THR Q 324 69.05 67.84 -62.49
N GLN Q 325 70.03 67.85 -63.40
CA GLN Q 325 70.71 69.07 -63.78
C GLN Q 325 70.88 69.07 -65.29
N ASN Q 326 70.10 69.91 -65.97
CA ASN Q 326 70.11 69.99 -67.43
C ASN Q 326 70.36 71.43 -67.84
N ASP Q 327 71.45 71.64 -68.60
CA ASP Q 327 71.82 72.97 -69.11
C ASP Q 327 71.95 74.00 -67.98
N GLY Q 328 72.53 73.57 -66.86
CA GLY Q 328 72.77 74.47 -65.75
C GLY Q 328 71.59 74.73 -64.85
N THR Q 329 70.49 73.99 -65.00
CA THR Q 329 69.29 74.17 -64.20
C THR Q 329 69.12 72.99 -63.26
N THR Q 330 68.93 73.27 -61.98
CA THR Q 330 68.71 72.24 -60.97
C THR Q 330 67.20 72.07 -60.76
N THR Q 331 66.69 70.90 -61.10
CA THR Q 331 65.27 70.58 -60.97
C THR Q 331 65.11 69.44 -59.98
N ILE Q 332 64.23 69.62 -59.00
CA ILE Q 332 63.97 68.63 -57.97
C ILE Q 332 62.52 68.18 -58.08
N ALA Q 333 62.31 66.87 -58.17
CA ALA Q 333 60.99 66.28 -58.29
C ALA Q 333 60.87 65.10 -57.35
N ASN Q 334 59.63 64.77 -56.99
CA ASN Q 334 59.39 63.65 -56.11
C ASN Q 334 59.67 62.32 -56.81
N ASN Q 335 60.12 61.35 -56.03
CA ASN Q 335 60.28 59.97 -56.47
C ASN Q 335 59.49 59.10 -55.51
N LEU Q 336 58.25 58.79 -55.87
CA LEU Q 336 57.35 58.08 -54.96
C LEU Q 336 57.63 56.59 -54.87
N THR Q 337 58.46 56.04 -55.76
CA THR Q 337 58.73 54.61 -55.76
C THR Q 337 60.09 54.26 -55.19
N SER Q 338 60.94 55.23 -54.88
CA SER Q 338 62.24 54.95 -54.30
C SER Q 338 62.11 54.65 -52.81
N THR Q 339 63.09 53.92 -52.29
CA THR Q 339 63.10 53.49 -50.90
C THR Q 339 64.34 54.02 -50.19
N VAL Q 340 64.30 53.93 -48.85
CA VAL Q 340 65.45 54.14 -48.00
C VAL Q 340 65.60 52.93 -47.10
N GLN Q 341 66.82 52.45 -46.94
CA GLN Q 341 67.10 51.28 -46.13
C GLN Q 341 67.50 51.70 -44.72
N VAL Q 342 66.79 51.18 -43.72
CA VAL Q 342 67.03 51.50 -42.32
C VAL Q 342 67.18 50.21 -41.53
N PHE Q 343 68.22 50.12 -40.72
CA PHE Q 343 68.35 49.01 -39.79
C PHE Q 343 69.11 49.47 -38.56
N THR Q 344 68.84 48.82 -37.43
CA THR Q 344 69.52 49.09 -36.17
C THR Q 344 70.48 47.96 -35.87
N ASP Q 345 71.71 48.31 -35.48
CA ASP Q 345 72.74 47.33 -35.14
C ASP Q 345 72.53 46.87 -33.69
N SER Q 346 71.46 46.10 -33.47
CA SER Q 346 71.10 45.69 -32.09
C SER Q 346 72.00 44.57 -31.57
N GLU Q 347 72.72 43.89 -32.46
CA GLU Q 347 73.67 42.88 -32.00
C GLU Q 347 75.08 43.41 -31.86
N TYR Q 348 75.30 44.70 -32.14
CA TYR Q 348 76.60 45.36 -31.98
C TYR Q 348 77.69 44.63 -32.76
N GLN Q 349 77.38 44.27 -34.01
CA GLN Q 349 78.33 43.62 -34.88
C GLN Q 349 79.13 44.60 -35.73
N LEU Q 350 78.81 45.88 -35.68
CA LEU Q 350 79.52 46.92 -36.40
C LEU Q 350 80.34 47.77 -35.45
N PRO Q 351 81.43 48.38 -35.92
CA PRO Q 351 82.20 49.27 -35.06
C PRO Q 351 81.35 50.43 -34.56
N TYR Q 352 81.34 50.61 -33.24
CA TYR Q 352 80.49 51.60 -32.60
C TYR Q 352 81.19 52.96 -32.66
N VAL Q 353 80.74 53.81 -33.57
CA VAL Q 353 81.34 55.14 -33.75
C VAL Q 353 80.60 56.21 -32.95
N LEU Q 354 79.44 55.90 -32.38
CA LEU Q 354 78.81 56.81 -31.43
C LEU Q 354 79.63 56.84 -30.15
N GLY Q 355 79.54 57.97 -29.44
CA GLY Q 355 80.31 58.14 -28.23
C GLY Q 355 81.73 58.64 -28.44
N SER Q 356 82.06 59.09 -29.64
CA SER Q 356 83.36 59.72 -29.92
C SER Q 356 83.25 61.23 -30.06
N ALA Q 357 82.13 61.81 -29.60
CA ALA Q 357 81.92 63.26 -29.62
C ALA Q 357 81.97 63.81 -31.05
N HIS Q 358 81.24 63.16 -31.95
CA HIS Q 358 81.23 63.55 -33.35
C HIS Q 358 80.07 64.49 -33.66
N GLN Q 359 80.29 65.35 -34.64
CA GLN Q 359 79.25 66.26 -35.10
C GLN Q 359 78.21 65.51 -35.93
N GLY Q 360 77.07 66.14 -36.13
CA GLY Q 360 75.99 65.53 -36.88
C GLY Q 360 74.82 65.07 -36.04
N CYS Q 361 74.73 65.48 -34.78
CA CYS Q 361 73.65 65.07 -33.91
C CYS Q 361 72.36 65.81 -34.27
N LEU Q 362 71.30 65.50 -33.54
CA LEU Q 362 70.07 66.26 -33.65
C LEU Q 362 70.30 67.68 -33.13
N PRO Q 363 69.96 68.71 -33.89
CA PRO Q 363 70.28 70.06 -33.46
C PRO Q 363 69.53 70.41 -32.18
N PRO Q 364 70.13 71.21 -31.31
CA PRO Q 364 69.44 71.57 -30.06
C PRO Q 364 68.13 72.30 -30.26
N PHE Q 365 68.04 73.13 -31.28
CA PHE Q 365 66.80 73.86 -31.55
C PHE Q 365 65.87 73.01 -32.41
N PRO Q 366 64.63 72.78 -31.97
CA PRO Q 366 63.74 71.87 -32.71
C PRO Q 366 63.41 72.34 -34.11
N ALA Q 367 63.60 73.62 -34.44
CA ALA Q 367 63.26 74.14 -35.74
C ALA Q 367 64.38 74.00 -36.77
N ASP Q 368 65.56 73.52 -36.37
CA ASP Q 368 66.69 73.39 -37.27
C ASP Q 368 66.63 72.07 -38.04
N VAL Q 369 67.04 72.13 -39.30
CA VAL Q 369 67.12 70.95 -40.17
C VAL Q 369 68.59 70.56 -40.29
N PHE Q 370 68.87 69.26 -40.13
CA PHE Q 370 70.24 68.77 -40.06
C PHE Q 370 70.48 67.69 -41.10
N MET Q 371 71.73 67.61 -41.55
CA MET Q 371 72.18 66.57 -42.46
C MET Q 371 72.61 65.33 -41.67
N VAL Q 372 72.29 64.16 -42.21
CA VAL Q 372 72.65 62.90 -41.58
C VAL Q 372 74.13 62.63 -41.81
N PRO Q 373 74.93 62.45 -40.76
CA PRO Q 373 76.36 62.23 -40.96
C PRO Q 373 76.68 60.90 -41.62
N GLN Q 374 77.77 60.88 -42.37
CA GLN Q 374 78.20 59.67 -43.06
C GLN Q 374 78.87 58.70 -42.09
N TYR Q 375 78.52 57.43 -42.21
CA TYR Q 375 79.07 56.41 -41.33
C TYR Q 375 80.41 55.92 -41.87
N GLY Q 376 81.37 55.76 -40.97
CA GLY Q 376 82.68 55.23 -41.32
C GLY Q 376 83.35 54.71 -40.08
N TYR Q 377 84.26 53.75 -40.29
CA TYR Q 377 84.92 53.10 -39.17
C TYR Q 377 86.39 52.89 -39.49
N LEU Q 378 87.18 52.71 -38.45
CA LEU Q 378 88.59 52.41 -38.56
C LEU Q 378 88.88 51.01 -38.05
N THR Q 379 89.87 50.36 -38.65
CA THR Q 379 90.29 49.04 -38.23
C THR Q 379 91.79 49.05 -37.97
N LEU Q 380 92.37 47.88 -37.74
CA LEU Q 380 93.81 47.78 -37.41
C LEU Q 380 94.65 48.31 -38.58
N ASN Q 381 95.73 49.00 -38.28
CA ASN Q 381 96.63 49.53 -39.33
C ASN Q 381 98.08 49.39 -38.91
N ASN Q 382 98.96 49.05 -39.85
CA ASN Q 382 100.41 49.08 -39.59
C ASN Q 382 100.89 50.27 -40.41
N GLY Q 383 100.80 51.47 -39.86
CA GLY Q 383 101.10 52.66 -40.67
C GLY Q 383 99.88 53.02 -41.49
N SER Q 384 100.05 53.38 -42.76
CA SER Q 384 98.92 53.64 -43.62
C SER Q 384 98.34 52.37 -44.23
N GLN Q 385 98.99 51.23 -44.04
CA GLN Q 385 98.54 49.96 -44.58
C GLN Q 385 97.69 49.21 -43.56
N ALA Q 386 97.15 48.08 -44.00
CA ALA Q 386 96.35 47.21 -43.16
C ALA Q 386 97.13 45.94 -42.81
N VAL Q 387 96.59 45.18 -41.85
CA VAL Q 387 97.14 43.90 -41.47
C VAL Q 387 96.09 42.82 -41.73
N GLY Q 388 96.50 41.57 -41.55
CA GLY Q 388 95.59 40.46 -41.80
C GLY Q 388 94.42 40.41 -40.84
N ARG Q 389 94.58 41.00 -39.66
CA ARG Q 389 93.51 41.03 -38.67
C ARG Q 389 92.50 42.15 -38.90
N SER Q 390 92.77 43.06 -39.84
CA SER Q 390 91.83 44.13 -40.13
C SER Q 390 90.51 43.57 -40.65
N SER Q 391 89.41 44.15 -40.19
CA SER Q 391 88.08 43.67 -40.51
C SER Q 391 87.39 44.62 -41.47
N PHE Q 392 86.68 44.05 -42.45
CA PHE Q 392 85.86 44.80 -43.38
C PHE Q 392 84.40 44.43 -43.16
N TYR Q 393 83.53 45.44 -43.15
CA TYR Q 393 82.12 45.26 -42.90
C TYR Q 393 81.31 45.84 -44.04
N CYS Q 394 80.44 45.02 -44.63
CA CYS Q 394 79.46 45.47 -45.60
C CYS Q 394 78.12 45.59 -44.90
N LEU Q 395 77.58 46.81 -44.88
CA LEU Q 395 76.32 47.08 -44.19
C LEU Q 395 75.11 46.56 -44.95
N GLU Q 396 75.25 46.22 -46.23
CA GLU Q 396 74.19 45.56 -46.95
C GLU Q 396 74.10 44.08 -46.64
N TYR Q 397 75.02 43.55 -45.82
CA TYR Q 397 75.00 42.12 -45.40
C TYR Q 397 74.15 41.99 -44.14
N PHE Q 398 73.54 43.07 -43.69
CA PHE Q 398 72.59 43.11 -42.59
C PHE Q 398 71.17 43.17 -43.12
N PRO Q 399 70.21 42.55 -42.44
CA PRO Q 399 68.81 42.73 -42.82
C PRO Q 399 68.35 44.15 -42.50
N SER Q 400 67.83 44.83 -43.51
CA SER Q 400 67.37 46.21 -43.35
C SER Q 400 65.93 46.33 -43.85
N GLN Q 401 65.24 47.34 -43.34
CA GLN Q 401 63.85 47.60 -43.69
C GLN Q 401 63.81 48.67 -44.77
N MET Q 402 63.09 48.38 -45.86
CA MET Q 402 62.99 49.29 -46.99
C MET Q 402 61.71 50.11 -46.86
N LEU Q 403 61.84 51.43 -46.94
CA LEU Q 403 60.74 52.35 -46.68
C LEU Q 403 60.50 53.24 -47.89
N ARG Q 404 59.32 53.15 -48.47
CA ARG Q 404 58.88 54.08 -49.49
C ARG Q 404 58.23 55.29 -48.81
N THR Q 405 57.74 56.24 -49.62
CA THR Q 405 56.96 57.37 -49.05
C THR Q 405 55.65 56.76 -48.53
N GLY Q 406 55.39 56.89 -47.25
CA GLY Q 406 54.24 56.30 -46.61
C GLY Q 406 54.58 55.18 -45.64
N ASN Q 407 55.82 54.70 -45.63
CA ASN Q 407 56.28 53.72 -44.66
C ASN Q 407 57.01 54.42 -43.52
N ASN Q 408 56.95 53.82 -42.34
CA ASN Q 408 57.64 54.35 -41.18
C ASN Q 408 58.46 53.25 -40.52
N PHE Q 409 59.45 53.67 -39.74
CA PHE Q 409 60.32 52.78 -39.01
C PHE Q 409 60.25 53.12 -37.52
N THR Q 410 60.32 52.11 -36.68
CA THR Q 410 60.31 52.33 -35.23
C THR Q 410 61.02 51.19 -34.53
N PHE Q 411 61.57 51.49 -33.36
CA PHE Q 411 62.12 50.48 -32.48
C PHE Q 411 62.23 51.04 -31.08
N SER Q 412 62.20 50.15 -30.10
CA SER Q 412 62.27 50.49 -28.69
C SER Q 412 63.50 49.85 -28.07
N TYR Q 413 64.12 50.57 -27.14
CA TYR Q 413 65.33 50.13 -26.47
C TYR Q 413 65.20 50.40 -24.98
N THR Q 414 65.72 49.49 -24.17
CA THR Q 414 65.74 49.64 -22.72
C THR Q 414 67.18 49.76 -22.25
N PHE Q 415 67.47 50.84 -21.53
CA PHE Q 415 68.80 51.02 -20.96
C PHE Q 415 69.05 49.99 -19.87
N GLU Q 416 70.29 49.54 -19.77
CA GLU Q 416 70.69 48.70 -18.66
C GLU Q 416 70.77 49.54 -17.38
N ASP Q 417 70.82 48.84 -16.24
CA ASP Q 417 70.92 49.52 -14.96
C ASP Q 417 72.28 50.22 -14.85
N VAL Q 418 72.25 51.52 -14.61
CA VAL Q 418 73.48 52.32 -14.49
C VAL Q 418 73.34 53.22 -13.26
N PRO Q 419 74.46 53.62 -12.67
CA PRO Q 419 74.40 54.53 -11.53
C PRO Q 419 73.82 55.88 -11.92
N PHE Q 420 73.12 56.50 -10.97
CA PHE Q 420 72.67 57.86 -11.16
C PHE Q 420 73.86 58.79 -11.32
N HIS Q 421 73.76 59.73 -12.27
CA HIS Q 421 74.78 60.76 -12.38
C HIS Q 421 74.76 61.63 -11.14
N SER Q 422 75.97 61.92 -10.62
CA SER Q 422 76.10 62.77 -9.41
C SER Q 422 75.87 64.24 -9.77
N SER Q 423 74.60 64.65 -9.87
CA SER Q 423 74.27 66.04 -10.19
C SER Q 423 74.26 66.89 -8.92
N TYR Q 424 75.35 66.82 -8.17
CA TYR Q 424 75.49 67.58 -6.93
C TYR Q 424 76.96 67.87 -6.71
N ALA Q 425 77.22 68.88 -5.89
CA ALA Q 425 78.57 69.20 -5.43
C ALA Q 425 78.64 68.94 -3.93
N HIS Q 426 79.73 68.30 -3.49
CA HIS Q 426 79.88 68.02 -2.08
C HIS Q 426 80.08 69.31 -1.29
N SER Q 427 79.34 69.45 -0.19
CA SER Q 427 79.50 70.59 0.71
C SER Q 427 80.55 70.33 1.78
N GLN Q 428 81.19 69.18 1.77
CA GLN Q 428 82.30 68.87 2.66
C GLN Q 428 83.51 68.46 1.83
N SER Q 429 84.69 68.74 2.36
CA SER Q 429 85.93 68.30 1.75
C SER Q 429 86.39 67.00 2.39
N LEU Q 430 87.09 66.17 1.61
CA LEU Q 430 87.53 64.88 2.10
C LEU Q 430 88.53 65.00 3.24
N ASP Q 431 89.21 66.14 3.35
CA ASP Q 431 90.23 66.34 4.42
C ASP Q 431 89.63 67.12 5.59
N ARG Q 432 88.32 67.40 5.56
CA ARG Q 432 87.64 68.16 6.60
C ARG Q 432 86.37 67.43 7.04
N LEU Q 433 86.47 66.13 7.27
CA LEU Q 433 85.33 65.30 7.64
C LEU Q 433 85.24 65.05 9.14
N MET Q 434 86.07 65.70 9.94
CA MET Q 434 86.16 65.42 11.36
C MET Q 434 85.30 66.39 12.17
N ASN Q 435 85.27 66.19 13.48
CA ASN Q 435 84.63 67.11 14.41
C ASN Q 435 85.69 68.07 14.91
N PRO Q 436 85.60 69.37 14.59
CA PRO Q 436 86.67 70.30 14.98
C PRO Q 436 86.73 70.58 16.48
N LEU Q 437 85.72 70.17 17.25
CA LEU Q 437 85.67 70.46 18.67
C LEU Q 437 86.36 69.41 19.53
N ILE Q 438 86.49 68.19 19.05
CA ILE Q 438 86.99 67.07 19.84
C ILE Q 438 88.33 66.62 19.26
N ASP Q 439 89.31 66.42 20.12
CA ASP Q 439 90.60 65.88 19.70
C ASP Q 439 90.47 64.39 19.37
N GLN Q 440 91.40 63.92 18.56
CA GLN Q 440 91.49 62.48 18.28
C GLN Q 440 92.23 61.77 19.40
N TYR Q 441 91.87 60.51 19.62
CA TYR Q 441 92.61 59.70 20.57
C TYR Q 441 93.87 59.09 19.98
N LEU Q 442 94.02 59.13 18.66
CA LEU Q 442 95.22 58.62 18.01
C LEU Q 442 96.33 59.66 18.05
N TYR Q 443 97.57 59.17 18.06
CA TYR Q 443 98.75 60.02 18.11
C TYR Q 443 99.47 60.00 16.77
N TYR Q 444 100.14 61.10 16.47
CA TYR Q 444 100.98 61.21 15.29
C TYR Q 444 102.33 61.78 15.70
N LEU Q 445 103.37 61.41 14.95
CA LEU Q 445 104.70 61.94 15.19
C LEU Q 445 104.72 63.43 14.86
N SER Q 446 104.81 64.27 15.89
CA SER Q 446 104.75 65.71 15.72
C SER Q 446 106.12 66.38 15.75
N ARG Q 447 107.04 65.80 16.51
CA ARG Q 447 108.42 66.36 16.56
C ARG Q 447 109.45 65.24 16.39
N THR Q 448 110.58 65.59 15.80
CA THR Q 448 111.66 64.63 15.60
C THR Q 448 112.94 64.99 16.34
N ASN Q 449 112.99 66.14 16.99
CA ASN Q 449 114.16 66.52 17.77
C ASN Q 449 113.74 67.50 18.85
N THR Q 450 114.62 67.71 19.83
CA THR Q 450 114.40 68.66 20.90
C THR Q 450 115.65 69.48 21.13
N PRO Q 451 115.54 70.73 21.65
CA PRO Q 451 116.74 71.51 21.96
C PRO Q 451 117.58 70.76 23.00
N SER Q 452 118.85 70.52 22.69
CA SER Q 452 119.75 69.86 23.68
C SER Q 452 121.00 70.74 23.82
N GLY Q 453 121.27 71.23 25.03
CA GLY Q 453 122.40 72.17 25.20
C GLY Q 453 122.23 73.38 24.32
N THR Q 454 123.22 73.69 23.49
CA THR Q 454 123.12 74.82 22.52
C THR Q 454 122.99 74.24 21.13
N THR Q 455 122.90 72.92 21.01
CA THR Q 455 122.69 72.25 19.69
C THR Q 455 121.31 71.60 19.68
N THR Q 456 121.13 70.55 18.88
CA THR Q 456 119.84 69.81 18.87
C THR Q 456 120.11 68.32 19.10
N GLN Q 457 119.13 67.60 19.63
CA GLN Q 457 119.27 66.17 19.85
C GLN Q 457 118.04 65.45 19.32
N SER Q 458 118.25 64.31 18.68
CA SER Q 458 117.14 63.55 18.10
C SER Q 458 116.25 63.00 19.21
N ARG Q 459 114.95 63.24 19.09
CA ARG Q 459 113.98 62.79 20.10
C ARG Q 459 112.61 62.78 19.47
N LEU Q 460 111.96 61.62 19.46
CA LEU Q 460 110.64 61.49 18.87
C LEU Q 460 109.57 61.89 19.88
N GLN Q 461 108.60 62.70 19.44
CA GLN Q 461 107.47 63.09 20.26
C GLN Q 461 106.18 62.93 19.44
N PHE Q 462 105.09 62.70 20.15
CA PHE Q 462 103.80 62.43 19.53
C PHE Q 462 102.73 63.31 20.16
N SER Q 463 101.75 63.69 19.33
CA SER Q 463 100.67 64.56 19.76
C SER Q 463 99.34 64.01 19.25
N GLN Q 464 98.27 64.38 19.93
CA GLN Q 464 96.93 64.10 19.46
C GLN Q 464 96.44 65.27 18.61
N ALA Q 465 95.89 64.95 17.44
CA ALA Q 465 95.51 65.98 16.49
C ALA Q 465 94.15 66.56 16.82
N GLY Q 466 94.03 67.88 16.74
CA GLY Q 466 92.79 68.60 16.95
C GLY Q 466 92.55 69.58 15.80
N ALA Q 467 91.96 70.72 16.15
CA ALA Q 467 91.65 71.73 15.14
C ALA Q 467 92.88 72.54 14.73
N SER Q 468 93.78 72.82 15.68
CA SER Q 468 94.93 73.65 15.37
C SER Q 468 95.91 72.97 14.44
N ASP Q 469 96.05 71.65 14.55
CA ASP Q 469 96.91 70.87 13.67
C ASP Q 469 96.05 69.92 12.85
N ILE Q 470 94.95 70.44 12.30
CA ILE Q 470 93.95 69.64 11.61
C ILE Q 470 94.52 68.88 10.42
N ARG Q 471 95.65 69.33 9.87
CA ARG Q 471 96.24 68.65 8.72
C ARG Q 471 96.86 67.31 9.09
N ASP Q 472 97.14 67.06 10.36
CA ASP Q 472 97.80 65.85 10.81
C ASP Q 472 96.83 64.79 11.32
N GLN Q 473 95.53 65.03 11.20
CA GLN Q 473 94.54 64.09 11.73
C GLN Q 473 94.55 62.78 10.95
N SER Q 474 94.40 61.68 11.67
CA SER Q 474 94.28 60.38 11.04
C SER Q 474 92.96 60.28 10.28
N ARG Q 475 93.02 59.75 9.07
CA ARG Q 475 91.86 59.73 8.18
C ARG Q 475 91.69 58.33 7.60
N ASN Q 476 90.48 58.06 7.13
CA ASN Q 476 90.11 56.75 6.62
C ASN Q 476 90.14 56.65 5.11
N TRP Q 477 90.20 57.78 4.40
CA TRP Q 477 90.03 57.79 2.95
C TRP Q 477 91.11 58.64 2.30
N LEU Q 478 91.23 58.49 0.98
CA LEU Q 478 92.22 59.18 0.17
C LEU Q 478 91.56 59.81 -1.05
N PRO Q 479 92.14 60.88 -1.58
CA PRO Q 479 91.60 61.47 -2.82
C PRO Q 479 91.81 60.54 -4.01
N GLY Q 480 90.95 60.70 -5.01
CA GLY Q 480 90.94 59.84 -6.16
C GLY Q 480 92.21 59.88 -6.99
N PRO Q 481 92.29 59.03 -8.02
CA PRO Q 481 93.53 58.92 -8.80
C PRO Q 481 93.77 60.16 -9.64
N CYS Q 482 95.05 60.28 -10.03
CA CYS Q 482 95.52 61.49 -10.73
C CYS Q 482 96.39 61.15 -11.93
N TYR Q 483 96.35 61.98 -12.96
CA TYR Q 483 97.24 61.87 -14.12
C TYR Q 483 97.55 63.30 -14.55
N ARG Q 484 98.67 63.83 -14.07
CA ARG Q 484 98.89 65.27 -14.05
C ARG Q 484 98.84 65.89 -15.44
N GLN Q 485 98.20 67.05 -15.52
CA GLN Q 485 98.08 67.83 -16.74
C GLN Q 485 98.87 69.13 -16.60
N GLN Q 486 99.32 69.66 -17.73
CA GLN Q 486 99.97 70.97 -17.72
C GLN Q 486 98.95 72.07 -17.49
N ARG Q 487 99.37 73.10 -16.77
CA ARG Q 487 98.49 74.22 -16.44
C ARG Q 487 98.66 75.34 -17.46
N VAL Q 488 97.51 75.77 -17.98
CA VAL Q 488 97.46 76.89 -18.96
C VAL Q 488 96.53 77.95 -18.36
N SER Q 489 96.74 79.22 -18.70
CA SER Q 489 95.94 80.32 -18.18
C SER Q 489 95.10 80.94 -19.28
N LYS Q 490 93.89 81.38 -18.92
CA LYS Q 490 93.00 82.04 -19.90
C LYS Q 490 93.58 83.41 -20.23
N THR Q 491 94.34 84.02 -19.32
CA THR Q 491 95.05 85.28 -19.62
C THR Q 491 96.27 84.91 -20.46
N SER Q 492 96.32 85.33 -21.72
CA SER Q 492 97.40 84.88 -22.64
C SER Q 492 98.80 85.23 -22.13
N ALA Q 493 99.03 86.46 -21.66
CA ALA Q 493 100.37 86.86 -21.26
C ALA Q 493 100.95 85.94 -20.20
N ASP Q 494 100.09 85.28 -19.41
CA ASP Q 494 100.56 84.43 -18.33
C ASP Q 494 101.18 83.12 -18.82
N ASN Q 495 101.01 82.78 -20.09
CA ASN Q 495 101.48 81.51 -20.62
C ASN Q 495 102.90 81.66 -21.18
N ASN Q 496 103.61 80.54 -21.25
CA ASN Q 496 104.95 80.53 -21.80
C ASN Q 496 104.93 80.84 -23.30
N ASN Q 497 105.89 81.63 -23.74
CA ASN Q 497 105.98 82.04 -25.15
C ASN Q 497 106.71 80.96 -25.95
N SER Q 498 106.01 79.84 -26.15
CA SER Q 498 106.55 78.71 -26.89
C SER Q 498 105.39 77.85 -27.36
N GLU Q 499 105.71 76.92 -28.26
CA GLU Q 499 104.70 75.95 -28.76
C GLU Q 499 104.83 74.69 -27.91
N TYR Q 500 103.91 74.51 -26.97
CA TYR Q 500 103.95 73.37 -26.04
C TYR Q 500 102.63 72.59 -26.03
N SER Q 501 101.83 72.70 -27.09
CA SER Q 501 100.56 71.98 -27.12
C SER Q 501 100.75 70.48 -27.23
N TRP Q 502 101.92 70.02 -27.65
CA TRP Q 502 102.21 68.59 -27.73
C TRP Q 502 103.41 68.17 -26.89
N THR Q 503 104.46 69.00 -26.83
CA THR Q 503 105.62 68.65 -26.02
C THR Q 503 105.26 68.59 -24.54
N GLY Q 504 104.47 69.55 -24.07
CA GLY Q 504 103.99 69.58 -22.71
C GLY Q 504 102.67 68.88 -22.49
N ALA Q 505 102.16 68.20 -23.50
CA ALA Q 505 100.86 67.55 -23.41
C ALA Q 505 100.95 66.25 -22.62
N THR Q 506 99.84 65.87 -22.01
CA THR Q 506 99.71 64.60 -21.30
C THR Q 506 99.26 63.53 -22.27
N LYS Q 507 100.04 62.46 -22.39
CA LYS Q 507 99.85 61.46 -23.43
C LYS Q 507 99.90 60.06 -22.85
N TYR Q 508 99.27 59.13 -23.57
CA TYR Q 508 99.43 57.71 -23.30
C TYR Q 508 100.00 57.03 -24.54
N HIS Q 509 100.84 56.04 -24.33
CA HIS Q 509 101.57 55.35 -25.38
C HIS Q 509 100.92 54.00 -25.64
N LEU Q 510 100.55 53.75 -26.89
CA LEU Q 510 99.87 52.51 -27.27
C LEU Q 510 100.36 52.07 -28.63
N ASN Q 511 101.03 50.92 -28.69
CA ASN Q 511 101.53 50.33 -29.93
C ASN Q 511 102.45 51.29 -30.68
N GLY Q 512 103.29 52.01 -29.93
CA GLY Q 512 104.24 52.92 -30.54
C GLY Q 512 103.68 54.26 -30.96
N ARG Q 513 102.39 54.50 -30.71
CA ARG Q 513 101.82 55.82 -31.05
C ARG Q 513 101.33 56.57 -29.81
N ASP Q 514 101.64 57.86 -29.72
CA ASP Q 514 101.21 58.72 -28.64
C ASP Q 514 99.84 59.31 -28.97
N SER Q 515 98.91 59.15 -28.03
CA SER Q 515 97.58 59.75 -28.15
C SER Q 515 97.40 60.76 -27.03
N LEU Q 516 96.75 61.88 -27.36
CA LEU Q 516 96.48 62.90 -26.36
C LEU Q 516 95.50 62.37 -25.32
N VAL Q 517 95.78 62.63 -24.05
CA VAL Q 517 94.87 62.28 -22.97
C VAL Q 517 93.91 63.46 -22.82
N ASN Q 518 92.68 63.29 -23.32
CA ASN Q 518 91.72 64.37 -23.38
C ASN Q 518 90.30 63.81 -23.27
N PRO Q 519 89.56 64.12 -22.21
CA PRO Q 519 89.95 64.95 -21.06
C PRO Q 519 90.65 64.16 -19.96
N GLY Q 520 90.71 62.84 -20.08
CA GLY Q 520 91.39 62.01 -19.11
C GLY Q 520 90.60 61.76 -17.85
N PRO Q 521 91.28 61.29 -16.81
CA PRO Q 521 90.60 61.03 -15.53
C PRO Q 521 90.02 62.30 -14.95
N ALA Q 522 88.87 62.14 -14.26
CA ALA Q 522 88.16 63.27 -13.70
C ALA Q 522 88.98 63.92 -12.58
N MET Q 523 89.37 65.17 -12.79
CA MET Q 523 90.17 65.92 -11.83
C MET Q 523 89.69 67.35 -11.80
N ALA Q 524 89.92 68.02 -10.67
CA ALA Q 524 89.51 69.40 -10.51
C ALA Q 524 90.31 70.30 -11.46
N SER Q 525 89.62 71.24 -12.09
CA SER Q 525 90.28 72.14 -13.04
C SER Q 525 91.29 73.04 -12.33
N HIS Q 526 90.96 73.51 -11.13
CA HIS Q 526 91.82 74.44 -10.41
C HIS Q 526 91.46 74.40 -8.93
N LYS Q 527 92.36 74.96 -8.12
CA LYS Q 527 92.14 75.06 -6.68
C LYS Q 527 91.43 76.38 -6.38
N ASP Q 528 91.35 76.74 -5.09
CA ASP Q 528 90.66 77.96 -4.69
C ASP Q 528 91.30 79.19 -5.32
N ASP Q 529 90.46 80.10 -5.80
CA ASP Q 529 90.88 81.42 -6.29
C ASP Q 529 91.89 81.29 -7.44
N GLU Q 530 91.69 80.31 -8.30
CA GLU Q 530 92.53 80.13 -9.48
C GLU Q 530 91.68 79.78 -10.68
N GLU Q 531 90.54 80.46 -10.84
CA GLU Q 531 89.59 80.13 -11.89
C GLU Q 531 90.14 80.40 -13.28
N LYS Q 532 91.20 81.21 -13.40
CA LYS Q 532 91.79 81.47 -14.72
C LYS Q 532 92.63 80.31 -15.23
N PHE Q 533 92.95 79.33 -14.38
CA PHE Q 533 93.79 78.20 -14.76
C PHE Q 533 92.93 76.99 -15.08
N PHE Q 534 93.27 76.31 -16.17
CA PHE Q 534 92.61 75.07 -16.55
C PHE Q 534 93.65 74.10 -17.08
N PRO Q 535 93.41 72.80 -16.95
CA PRO Q 535 94.34 71.82 -17.51
C PRO Q 535 94.40 71.91 -19.03
N GLN Q 536 95.57 71.60 -19.57
CA GLN Q 536 95.81 71.79 -21.01
C GLN Q 536 94.86 70.95 -21.84
N SER Q 537 94.66 69.69 -21.46
CA SER Q 537 93.72 68.82 -22.15
C SER Q 537 92.88 68.04 -21.14
N GLY Q 538 92.53 68.67 -20.03
CA GLY Q 538 91.80 68.03 -18.97
C GLY Q 538 90.35 68.45 -18.79
N VAL Q 539 89.83 69.31 -19.66
CA VAL Q 539 88.44 69.75 -19.58
C VAL Q 539 87.83 69.69 -20.97
N LEU Q 540 86.51 69.56 -21.01
CA LEU Q 540 85.79 69.66 -22.27
C LEU Q 540 85.74 71.11 -22.72
N ILE Q 541 85.97 71.33 -24.02
CA ILE Q 541 85.94 72.66 -24.60
C ILE Q 541 84.89 72.64 -25.70
N PHE Q 542 83.84 73.43 -25.52
CA PHE Q 542 82.77 73.55 -26.50
C PHE Q 542 82.95 74.82 -27.32
N GLY Q 543 82.58 74.74 -28.60
CA GLY Q 543 82.67 75.89 -29.47
C GLY Q 543 81.42 76.75 -29.38
N LYS Q 544 81.62 78.06 -29.42
CA LYS Q 544 80.51 78.99 -29.52
C LYS Q 544 79.89 78.91 -30.91
N GLN Q 545 78.73 79.52 -31.06
CA GLN Q 545 78.04 79.50 -32.35
C GLN Q 545 78.87 80.22 -33.40
N GLY Q 546 79.03 79.59 -34.56
CA GLY Q 546 79.80 80.16 -35.64
C GLY Q 546 81.30 79.95 -35.56
N SER Q 547 81.74 79.15 -34.58
CA SER Q 547 83.20 78.93 -34.38
C SER Q 547 83.76 78.05 -35.48
N GLU Q 548 84.96 78.37 -35.98
CA GLU Q 548 85.59 77.59 -37.04
C GLU Q 548 86.15 76.29 -36.48
N LYS Q 549 86.93 75.60 -37.30
CA LYS Q 549 87.45 74.29 -36.93
C LYS Q 549 88.89 74.35 -36.43
N THR Q 550 89.74 75.17 -37.05
CA THR Q 550 91.17 75.15 -36.79
C THR Q 550 91.62 76.46 -36.17
N ASN Q 551 92.30 76.37 -35.02
CA ASN Q 551 93.03 77.48 -34.41
C ASN Q 551 92.14 78.69 -34.16
N VAL Q 552 91.01 78.44 -33.52
CA VAL Q 552 90.14 79.53 -33.08
C VAL Q 552 90.67 80.09 -31.76
N ASP Q 553 90.37 81.36 -31.51
CA ASP Q 553 90.87 82.01 -30.31
C ASP Q 553 90.13 81.51 -29.08
N ILE Q 554 90.63 81.90 -27.90
CA ILE Q 554 90.01 81.47 -26.66
C ILE Q 554 88.63 82.09 -26.49
N GLU Q 555 88.43 83.30 -27.00
CA GLU Q 555 87.11 83.94 -26.90
C GLU Q 555 86.07 83.27 -27.79
N LYS Q 556 86.50 82.39 -28.71
CA LYS Q 556 85.58 81.65 -29.56
C LYS Q 556 85.12 80.34 -28.97
N VAL Q 557 85.69 79.93 -27.83
CA VAL Q 557 85.36 78.66 -27.20
C VAL Q 557 84.94 78.89 -25.76
N MET Q 558 84.19 77.93 -25.22
CA MET Q 558 83.73 77.95 -23.84
C MET Q 558 84.37 76.77 -23.11
N ILE Q 559 85.23 77.07 -22.15
CA ILE Q 559 85.97 76.04 -21.41
C ILE Q 559 85.20 75.68 -20.15
N THR Q 560 84.94 74.39 -19.98
CA THR Q 560 84.17 73.93 -18.82
C THR Q 560 85.04 73.93 -17.56
N ASP Q 561 84.36 73.86 -16.43
CA ASP Q 561 85.07 73.87 -15.13
C ASP Q 561 84.60 72.69 -14.29
N GLU Q 562 85.53 71.96 -13.71
CA GLU Q 562 85.27 70.81 -12.86
C GLU Q 562 85.71 71.11 -11.42
N GLU Q 563 85.40 72.31 -10.94
CA GLU Q 563 85.81 72.71 -9.60
C GLU Q 563 84.92 72.11 -8.51
N GLU Q 564 83.72 71.65 -8.85
CA GLU Q 564 82.83 71.09 -7.84
C GLU Q 564 83.33 69.78 -7.26
N ILE Q 565 84.30 69.13 -7.92
CA ILE Q 565 84.80 67.84 -7.48
C ILE Q 565 86.16 67.95 -6.79
N ARG Q 566 86.62 69.18 -6.52
CA ARG Q 566 87.89 69.35 -5.82
C ARG Q 566 87.80 68.96 -4.36
N THR Q 567 86.61 68.67 -3.85
CA THR Q 567 86.47 68.18 -2.48
C THR Q 567 87.05 66.77 -2.32
N THR Q 568 86.94 65.94 -3.36
CA THR Q 568 87.43 64.57 -3.31
C THR Q 568 88.48 64.25 -4.36
N ASN Q 569 88.58 65.05 -5.42
CA ASN Q 569 89.50 64.74 -6.52
C ASN Q 569 90.66 65.71 -6.53
N PRO Q 570 91.87 65.22 -6.81
CA PRO Q 570 93.03 66.11 -6.85
C PRO Q 570 92.92 67.10 -7.99
N VAL Q 571 93.56 68.26 -7.80
CA VAL Q 571 93.64 69.25 -8.87
C VAL Q 571 94.45 68.68 -10.02
N ALA Q 572 93.97 68.92 -11.24
CA ALA Q 572 94.54 68.28 -12.42
C ALA Q 572 95.98 68.71 -12.64
N THR Q 573 96.30 69.97 -12.36
CA THR Q 573 97.60 70.52 -12.68
C THR Q 573 98.61 70.39 -11.56
N GLU Q 574 98.24 69.76 -10.45
CA GLU Q 574 99.12 69.62 -9.29
C GLU Q 574 99.38 68.14 -9.02
N GLN Q 575 100.36 67.90 -8.17
CA GLN Q 575 100.71 66.54 -7.80
C GLN Q 575 99.65 65.94 -6.88
N TYR Q 576 99.56 64.61 -6.90
CA TYR Q 576 98.68 63.92 -5.95
C TYR Q 576 99.14 64.12 -4.52
N GLY Q 577 100.45 64.04 -4.30
CA GLY Q 577 100.99 64.14 -2.95
C GLY Q 577 102.48 63.90 -2.95
N SER Q 578 102.99 63.45 -1.81
CA SER Q 578 104.41 63.18 -1.65
C SER Q 578 104.59 61.82 -0.97
N VAL Q 579 105.67 61.14 -1.37
CA VAL Q 579 106.05 59.86 -0.78
C VAL Q 579 107.53 59.93 -0.41
N SER Q 580 107.92 59.08 0.53
CA SER Q 580 109.32 58.97 0.90
C SER Q 580 110.10 58.22 -0.17
N THR Q 581 111.35 58.61 -0.36
CA THR Q 581 112.21 57.99 -1.37
C THR Q 581 113.48 57.36 -0.81
N ASN Q 582 113.75 57.52 0.48
CA ASN Q 582 114.97 56.96 1.07
C ASN Q 582 114.65 56.56 2.51
N LEU Q 583 115.70 56.22 3.25
CA LEU Q 583 115.59 55.86 4.66
C LEU Q 583 116.46 56.80 5.48
N GLN Q 584 115.82 57.68 6.24
CA GLN Q 584 116.55 58.60 7.10
C GLN Q 584 117.26 57.83 8.21
N ARG Q 585 118.43 58.37 8.58
CA ARG Q 585 119.27 57.69 9.60
C ARG Q 585 120.21 58.71 10.22
N GLY Q 586 120.46 58.62 11.52
CA GLY Q 586 121.43 59.46 12.18
C GLY Q 586 122.82 58.86 12.17
N ASN Q 587 123.74 59.57 12.85
CA ASN Q 587 125.16 59.16 12.85
C ASN Q 587 125.37 57.96 13.77
N THR Q 594 127.15 57.65 7.65
CA THR Q 594 126.94 59.09 7.91
C THR Q 594 125.43 59.33 8.11
N SER Q 595 125.01 60.58 8.35
CA SER Q 595 123.56 60.74 8.46
C SER Q 595 122.94 60.99 7.10
N ARG Q 596 121.68 60.57 6.96
CA ARG Q 596 120.89 60.80 5.75
C ARG Q 596 119.57 61.44 6.14
N GLN Q 597 119.27 62.58 5.54
CA GLN Q 597 118.01 63.27 5.84
C GLN Q 597 116.88 62.71 4.99
N ALA Q 598 115.67 62.76 5.55
CA ALA Q 598 114.51 62.22 4.86
C ALA Q 598 114.23 63.00 3.59
N ALA Q 599 113.94 62.29 2.51
CA ALA Q 599 113.68 62.88 1.21
C ALA Q 599 112.30 62.46 0.71
N THR Q 600 111.66 63.36 -0.04
CA THR Q 600 110.34 63.13 -0.57
C THR Q 600 110.32 63.49 -2.05
N ALA Q 601 109.36 62.90 -2.77
CA ALA Q 601 109.18 63.16 -4.19
C ALA Q 601 107.70 63.40 -4.47
N ASP Q 602 107.44 64.23 -5.48
CA ASP Q 602 106.08 64.47 -5.92
C ASP Q 602 105.54 63.26 -6.67
N VAL Q 603 104.26 62.98 -6.49
CA VAL Q 603 103.59 61.87 -7.15
C VAL Q 603 102.72 62.49 -8.25
N ASN Q 604 103.30 62.61 -9.45
CA ASN Q 604 102.59 63.21 -10.57
C ASN Q 604 101.56 62.26 -11.19
N THR Q 605 101.70 60.97 -10.97
CA THR Q 605 100.72 59.99 -11.44
C THR Q 605 100.45 59.01 -10.31
N GLN Q 606 99.17 58.82 -9.99
CA GLN Q 606 98.76 57.95 -8.89
C GLN Q 606 97.67 57.01 -9.39
N GLY Q 607 97.92 55.70 -9.29
CA GLY Q 607 96.90 54.72 -9.57
C GLY Q 607 95.92 54.58 -8.42
N VAL Q 608 94.92 53.74 -8.63
CA VAL Q 608 93.88 53.55 -7.63
C VAL Q 608 94.45 52.77 -6.45
N LEU Q 609 94.22 53.28 -5.25
CA LEU Q 609 94.61 52.66 -4.00
C LEU Q 609 93.37 52.25 -3.21
N PRO Q 610 93.47 51.23 -2.36
CA PRO Q 610 92.35 50.90 -1.48
C PRO Q 610 92.01 52.06 -0.57
N GLY Q 611 90.71 52.29 -0.37
CA GLY Q 611 90.23 53.43 0.39
C GLY Q 611 90.11 54.72 -0.39
N MET Q 612 90.32 54.68 -1.70
CA MET Q 612 90.25 55.91 -2.53
C MET Q 612 88.80 56.21 -2.93
N VAL Q 613 88.38 57.46 -2.86
CA VAL Q 613 87.05 57.94 -3.24
C VAL Q 613 87.21 59.09 -4.21
N TRP Q 614 86.33 59.16 -5.21
CA TRP Q 614 86.42 60.17 -6.25
C TRP Q 614 85.03 60.41 -6.84
N GLN Q 615 84.92 61.52 -7.58
CA GLN Q 615 83.72 61.86 -8.33
C GLN Q 615 84.02 61.80 -9.81
N ASP Q 616 83.03 61.38 -10.59
CA ASP Q 616 83.20 61.29 -12.04
C ASP Q 616 83.08 62.67 -12.67
N ARG Q 617 83.40 62.74 -13.96
CA ARG Q 617 83.30 64.00 -14.68
C ARG Q 617 81.84 64.42 -14.83
N ASP Q 618 81.59 65.72 -14.76
CA ASP Q 618 80.24 66.23 -14.90
C ASP Q 618 79.75 66.09 -16.33
N VAL Q 619 78.43 66.02 -16.48
CA VAL Q 619 77.79 66.04 -17.78
C VAL Q 619 77.23 67.43 -18.03
N TYR Q 620 77.11 67.78 -19.30
CA TYR Q 620 76.70 69.12 -19.70
C TYR Q 620 75.57 69.02 -20.70
N LEU Q 621 74.85 70.13 -20.87
CA LEU Q 621 73.75 70.17 -21.83
C LEU Q 621 74.25 69.90 -23.24
N GLN Q 622 75.40 70.46 -23.60
CA GLN Q 622 76.02 70.19 -24.89
C GLN Q 622 76.87 68.93 -24.89
N GLY Q 623 77.03 68.27 -23.75
CA GLY Q 623 77.91 67.13 -23.64
C GLY Q 623 77.27 65.82 -24.06
N PRO Q 624 78.09 64.79 -24.17
CA PRO Q 624 77.57 63.46 -24.52
C PRO Q 624 76.80 62.83 -23.37
N ILE Q 625 75.92 61.91 -23.73
CA ILE Q 625 75.09 61.21 -22.75
C ILE Q 625 75.69 59.88 -22.34
N TRP Q 626 76.12 59.08 -23.31
CA TRP Q 626 76.58 57.72 -23.04
C TRP Q 626 77.77 57.39 -23.91
N ALA Q 627 78.34 56.21 -23.65
CA ALA Q 627 79.37 55.63 -24.50
C ALA Q 627 79.34 54.12 -24.32
N LYS Q 628 79.84 53.41 -25.33
CA LYS Q 628 79.89 51.96 -25.26
C LYS Q 628 81.15 51.51 -24.54
N ILE Q 629 80.98 50.71 -23.50
CA ILE Q 629 82.13 50.14 -22.80
C ILE Q 629 82.81 49.14 -23.73
N PRO Q 630 84.12 49.27 -23.96
CA PRO Q 630 84.80 48.34 -24.88
C PRO Q 630 84.69 46.90 -24.38
N HIS Q 631 84.54 45.97 -25.34
CA HIS Q 631 84.43 44.55 -25.02
C HIS Q 631 85.83 44.04 -24.71
N THR Q 632 86.19 44.09 -23.43
CA THR Q 632 87.52 43.70 -22.97
C THR Q 632 87.37 42.80 -21.76
N ASP Q 633 88.44 42.06 -21.46
CA ASP Q 633 88.41 41.11 -20.32
C ASP Q 633 88.28 41.89 -19.02
N GLY Q 634 88.97 43.01 -18.90
CA GLY Q 634 88.93 43.79 -17.68
C GLY Q 634 88.79 45.27 -17.95
N HIS Q 635 88.15 45.94 -17.01
CA HIS Q 635 88.02 47.39 -17.01
C HIS Q 635 87.68 47.83 -15.59
N PHE Q 636 88.14 49.01 -15.22
CA PHE Q 636 87.90 49.55 -13.88
C PHE Q 636 87.08 50.81 -14.00
N HIS Q 637 85.94 50.84 -13.30
CA HIS Q 637 85.04 51.99 -13.25
C HIS Q 637 84.74 52.48 -14.67
N PRO Q 638 83.93 51.74 -15.44
CA PRO Q 638 83.71 52.07 -16.86
C PRO Q 638 82.76 53.24 -17.09
N SER Q 639 82.99 54.33 -16.38
CA SER Q 639 82.35 55.60 -16.69
C SER Q 639 83.15 56.30 -17.78
N PRO Q 640 82.51 56.75 -18.85
CA PRO Q 640 83.25 57.41 -19.93
C PRO Q 640 84.02 58.62 -19.42
N LEU Q 641 85.24 58.78 -19.91
CA LEU Q 641 86.09 59.88 -19.44
C LEU Q 641 85.60 61.23 -19.93
N MET Q 642 84.92 61.27 -21.08
CA MET Q 642 84.33 62.50 -21.57
C MET Q 642 83.06 62.89 -20.82
N GLY Q 643 82.55 62.01 -19.98
CA GLY Q 643 81.35 62.28 -19.20
C GLY Q 643 80.15 61.52 -19.72
N GLY Q 644 79.35 61.00 -18.79
CA GLY Q 644 78.15 60.28 -19.17
C GLY Q 644 77.99 58.93 -18.51
N PHE Q 645 77.21 58.06 -19.15
CA PHE Q 645 76.89 56.74 -18.62
C PHE Q 645 77.57 55.67 -19.46
N GLY Q 646 78.34 54.80 -18.80
CA GLY Q 646 78.96 53.68 -19.47
C GLY Q 646 77.98 52.53 -19.65
N LEU Q 647 77.78 52.10 -20.90
CA LEU Q 647 76.79 51.08 -21.22
C LEU Q 647 77.47 49.93 -21.94
N LYS Q 648 77.31 48.71 -21.42
CA LYS Q 648 77.81 47.54 -22.12
C LYS Q 648 77.01 47.29 -23.39
N HIS Q 649 75.71 47.59 -23.37
CA HIS Q 649 74.83 47.52 -24.53
C HIS Q 649 74.18 48.88 -24.70
N PRO Q 650 74.86 49.84 -25.33
CA PRO Q 650 74.32 51.18 -25.48
C PRO Q 650 73.21 51.19 -26.52
N PRO Q 651 72.51 52.31 -26.70
CA PRO Q 651 71.52 52.41 -27.77
C PRO Q 651 72.15 52.06 -29.11
N PRO Q 652 71.54 51.16 -29.87
CA PRO Q 652 72.19 50.68 -31.10
C PRO Q 652 72.29 51.77 -32.15
N GLN Q 653 73.32 51.64 -32.99
CA GLN Q 653 73.47 52.52 -34.12
C GLN Q 653 72.34 52.32 -35.12
N ILE Q 654 71.77 53.41 -35.61
CA ILE Q 654 70.69 53.38 -36.58
C ILE Q 654 71.26 53.84 -37.91
N LEU Q 655 71.35 52.92 -38.86
CA LEU Q 655 71.96 53.19 -40.16
C LEU Q 655 70.88 53.39 -41.21
N ILE Q 656 71.04 54.44 -42.01
CA ILE Q 656 70.06 54.80 -43.03
C ILE Q 656 70.81 55.18 -44.30
N LYS Q 657 70.31 54.73 -45.45
CA LYS Q 657 70.89 55.12 -46.72
C LYS Q 657 69.82 55.06 -47.80
N ASN Q 658 70.05 55.79 -48.88
CA ASN Q 658 69.15 55.78 -50.02
C ASN Q 658 69.46 54.58 -50.90
N THR Q 659 68.42 53.88 -51.32
CA THR Q 659 68.61 52.74 -52.21
C THR Q 659 69.06 53.24 -53.58
N PRO Q 660 70.16 52.74 -54.12
CA PRO Q 660 70.62 53.20 -55.43
C PRO Q 660 69.63 52.84 -56.52
N VAL Q 661 69.27 53.84 -57.33
CA VAL Q 661 68.37 53.66 -58.47
C VAL Q 661 69.20 53.78 -59.74
N PRO Q 662 69.43 52.69 -60.47
CA PRO Q 662 70.25 52.78 -61.68
C PRO Q 662 69.63 53.69 -62.73
N ALA Q 663 70.50 54.37 -63.47
CA ALA Q 663 70.07 55.21 -64.57
C ALA Q 663 69.79 54.33 -65.79
N ASN Q 664 69.66 54.93 -66.96
CA ASN Q 664 69.28 54.19 -68.15
C ASN Q 664 70.35 53.17 -68.51
N PRO Q 665 70.03 51.87 -68.54
CA PRO Q 665 71.04 50.87 -68.91
C PRO Q 665 71.18 50.73 -70.42
N SER Q 666 72.26 50.05 -70.78
CA SER Q 666 72.53 49.77 -72.21
C SER Q 666 71.64 48.62 -72.66
N THR Q 667 71.17 48.67 -73.91
CA THR Q 667 70.34 47.61 -74.46
C THR Q 667 71.12 46.32 -74.68
N THR Q 668 72.44 46.38 -74.65
CA THR Q 668 73.29 45.19 -74.74
C THR Q 668 73.80 44.85 -73.34
N PHE Q 669 73.84 43.56 -73.04
CA PHE Q 669 74.26 43.13 -71.71
C PHE Q 669 75.73 43.48 -71.47
N SER Q 670 76.01 43.98 -70.27
CA SER Q 670 77.36 44.28 -69.82
C SER Q 670 77.55 43.73 -68.43
N ALA Q 671 78.61 42.95 -68.22
CA ALA Q 671 78.89 42.36 -66.92
C ALA Q 671 79.50 43.35 -65.95
N ALA Q 672 79.90 44.53 -66.41
CA ALA Q 672 80.45 45.55 -65.52
C ALA Q 672 79.36 46.04 -64.57
N LYS Q 673 79.75 46.26 -63.31
CA LYS Q 673 78.80 46.75 -62.32
C LYS Q 673 78.34 48.15 -62.69
N PHE Q 674 77.10 48.46 -62.27
CA PHE Q 674 76.50 49.76 -62.63
C PHE Q 674 77.28 50.92 -61.99
N ALA Q 675 77.61 51.92 -62.80
CA ALA Q 675 78.29 53.11 -62.32
C ALA Q 675 77.49 54.39 -62.52
N SER Q 676 76.37 54.33 -63.22
CA SER Q 676 75.52 55.49 -63.45
C SER Q 676 74.22 55.32 -62.69
N PHE Q 677 73.85 56.32 -61.89
CA PHE Q 677 72.67 56.26 -61.06
C PHE Q 677 71.93 57.58 -61.14
N ILE Q 678 70.64 57.54 -60.80
CA ILE Q 678 69.84 58.76 -60.72
C ILE Q 678 70.19 59.47 -59.43
N THR Q 679 70.58 60.75 -59.55
CA THR Q 679 70.92 61.53 -58.38
C THR Q 679 69.68 61.76 -57.52
N GLN Q 680 69.79 61.46 -56.24
CA GLN Q 680 68.63 61.61 -55.37
C GLN Q 680 69.08 61.71 -53.92
N TYR Q 681 68.21 62.32 -53.11
CA TYR Q 681 68.40 62.41 -51.67
C TYR Q 681 67.06 62.15 -51.02
N SER Q 682 67.05 62.10 -49.69
CA SER Q 682 65.83 61.87 -48.94
C SER Q 682 65.72 62.86 -47.80
N THR Q 683 64.48 63.15 -47.41
CA THR Q 683 64.21 64.01 -46.27
C THR Q 683 63.05 63.39 -45.49
N GLY Q 684 62.98 63.72 -44.21
CA GLY Q 684 61.96 63.15 -43.37
C GLY Q 684 62.04 63.70 -41.96
N GLN Q 685 61.29 63.06 -41.07
CA GLN Q 685 61.26 63.44 -39.67
C GLN Q 685 61.75 62.29 -38.80
N VAL Q 686 62.42 62.64 -37.72
CA VAL Q 686 62.96 61.68 -36.76
C VAL Q 686 62.48 62.05 -35.37
N SER Q 687 62.03 61.06 -34.61
CA SER Q 687 61.54 61.26 -33.25
C SER Q 687 62.33 60.40 -32.28
N VAL Q 688 62.79 61.02 -31.19
CA VAL Q 688 63.50 60.32 -30.12
C VAL Q 688 62.80 60.66 -28.81
N GLU Q 689 62.33 59.63 -28.10
CA GLU Q 689 61.69 59.80 -26.80
C GLU Q 689 62.45 58.98 -25.78
N ILE Q 690 62.96 59.65 -24.74
CA ILE Q 690 63.73 59.00 -23.70
C ILE Q 690 63.05 59.23 -22.36
N GLU Q 691 62.88 58.17 -21.59
CA GLU Q 691 62.39 58.25 -20.23
C GLU Q 691 63.59 58.25 -19.27
N TRP Q 692 63.63 59.24 -18.38
CA TRP Q 692 64.70 59.39 -17.42
C TRP Q 692 64.15 59.21 -16.02
N GLU Q 693 64.94 58.55 -15.16
CA GLU Q 693 64.59 58.40 -13.76
C GLU Q 693 65.32 59.45 -12.94
N LEU Q 694 64.61 60.04 -11.98
CA LEU Q 694 65.14 61.12 -11.17
C LEU Q 694 65.40 60.65 -9.74
N GLN Q 695 66.46 61.17 -9.16
CA GLN Q 695 66.81 60.94 -7.76
C GLN Q 695 66.53 62.25 -7.02
N LYS Q 696 65.40 62.30 -6.32
CA LYS Q 696 64.95 63.54 -5.72
C LYS Q 696 65.88 63.97 -4.58
N GLU Q 697 66.14 65.27 -4.51
CA GLU Q 697 66.98 65.82 -3.46
C GLU Q 697 66.26 65.73 -2.12
N ASN Q 698 66.98 65.32 -1.09
CA ASN Q 698 66.45 65.13 0.26
C ASN Q 698 67.37 65.80 1.28
N SER Q 699 67.77 67.03 0.98
CA SER Q 699 68.73 67.74 1.81
C SER Q 699 68.06 68.31 3.06
N LYS Q 700 68.85 68.53 4.12
CA LYS Q 700 68.34 69.14 5.37
C LYS Q 700 69.17 70.39 5.70
N ARG Q 701 69.87 70.97 4.71
CA ARG Q 701 70.59 72.20 4.97
C ARG Q 701 69.61 73.35 5.21
N TRP Q 702 70.06 74.34 5.97
CA TRP Q 702 69.19 75.44 6.38
C TRP Q 702 69.24 76.59 5.40
N ASN Q 703 70.43 77.07 5.07
CA ASN Q 703 70.57 78.22 4.19
C ASN Q 703 70.33 77.83 2.73
N PRO Q 704 69.94 78.79 1.85
CA PRO Q 704 69.63 78.45 0.46
C PRO Q 704 70.82 77.87 -0.31
N GLU Q 705 70.56 77.19 -1.43
CA GLU Q 705 71.63 76.50 -2.21
C GLU Q 705 72.00 77.30 -3.45
N ILE Q 706 73.08 76.93 -4.14
CA ILE Q 706 73.34 77.58 -5.46
C ILE Q 706 72.41 76.97 -6.52
N GLN Q 707 71.73 77.82 -7.30
CA GLN Q 707 70.89 77.32 -8.38
C GLN Q 707 71.29 78.01 -9.67
N TYR Q 708 71.15 77.30 -10.79
CA TYR Q 708 71.35 77.94 -12.08
C TYR Q 708 70.19 78.89 -12.36
N THR Q 709 70.52 80.07 -12.89
CA THR Q 709 69.51 81.10 -13.11
C THR Q 709 69.91 81.94 -14.32
N SER Q 710 68.91 82.58 -14.90
CA SER Q 710 69.19 83.52 -16.00
C SER Q 710 69.57 84.86 -15.36
N ASN Q 711 70.25 85.73 -16.09
CA ASN Q 711 70.67 87.00 -15.44
C ASN Q 711 69.55 88.02 -15.69
N TYR Q 712 69.12 88.73 -14.67
CA TYR Q 712 67.97 89.65 -14.80
C TYR Q 712 68.35 90.88 -15.63
N ASN Q 713 69.60 91.32 -15.58
CA ASN Q 713 69.93 92.56 -16.26
C ASN Q 713 69.57 92.50 -17.75
N LYS Q 714 69.25 93.68 -18.28
CA LYS Q 714 68.86 93.78 -19.72
C LYS Q 714 70.02 93.40 -20.61
N SER Q 715 69.69 92.90 -21.79
CA SER Q 715 70.69 92.52 -22.76
C SER Q 715 70.11 92.65 -24.15
N ILE Q 716 70.99 92.72 -25.14
CA ILE Q 716 70.56 92.80 -26.53
C ILE Q 716 69.83 91.52 -26.94
N ASN Q 717 70.37 90.37 -26.54
CA ASN Q 717 69.80 89.08 -26.86
C ASN Q 717 69.49 88.30 -25.58
N VAL Q 718 68.43 87.50 -25.63
CA VAL Q 718 68.11 86.60 -24.54
C VAL Q 718 68.94 85.33 -24.69
N ASP Q 719 69.38 84.77 -23.57
CA ASP Q 719 70.19 83.56 -23.61
C ASP Q 719 69.38 82.37 -24.09
N PHE Q 720 70.03 81.49 -24.87
CA PHE Q 720 69.41 80.27 -25.37
C PHE Q 720 68.17 80.57 -26.22
N THR Q 721 68.25 81.62 -27.02
CA THR Q 721 67.22 81.96 -27.99
C THR Q 721 67.86 82.22 -29.33
N VAL Q 722 67.08 82.69 -30.27
CA VAL Q 722 67.58 83.05 -31.60
C VAL Q 722 67.84 84.55 -31.65
N ASP Q 723 68.76 84.95 -32.52
CA ASP Q 723 69.07 86.36 -32.71
C ASP Q 723 68.22 86.92 -33.85
N THR Q 724 68.56 88.12 -34.30
CA THR Q 724 67.80 88.76 -35.39
C THR Q 724 67.98 87.96 -36.69
N ASN Q 725 68.98 87.08 -36.75
CA ASN Q 725 69.18 86.22 -37.93
C ASN Q 725 68.48 84.88 -37.71
N GLY Q 726 67.81 84.72 -36.55
CA GLY Q 726 67.13 83.45 -36.23
C GLY Q 726 68.12 82.35 -35.96
N VAL Q 727 69.37 82.70 -35.63
CA VAL Q 727 70.43 81.69 -35.37
C VAL Q 727 70.40 81.32 -33.89
N TYR Q 728 70.16 80.04 -33.58
CA TYR Q 728 70.14 79.59 -32.20
C TYR Q 728 71.55 79.43 -31.68
N SER Q 729 71.79 79.90 -30.47
CA SER Q 729 73.10 79.80 -29.85
C SER Q 729 72.95 79.36 -28.40
N GLU Q 730 73.99 78.70 -27.89
CA GLU Q 730 74.06 78.31 -26.49
C GLU Q 730 75.18 79.10 -25.83
N PRO Q 731 74.86 80.15 -25.06
CA PRO Q 731 75.91 81.08 -24.61
C PRO Q 731 76.98 80.47 -23.72
N ARG Q 732 76.65 79.49 -22.89
CA ARG Q 732 77.62 78.93 -21.97
C ARG Q 732 77.30 77.47 -21.74
N PRO Q 733 78.28 76.67 -21.33
CA PRO Q 733 77.97 75.30 -20.90
C PRO Q 733 77.32 75.29 -19.53
N ILE Q 734 76.30 74.45 -19.38
CA ILE Q 734 75.62 74.28 -18.10
C ILE Q 734 75.87 72.86 -17.63
N GLY Q 735 76.45 72.75 -16.44
CA GLY Q 735 76.65 71.45 -15.81
C GLY Q 735 75.39 71.02 -15.08
N THR Q 736 75.57 70.11 -14.13
CA THR Q 736 74.46 69.63 -13.32
C THR Q 736 74.67 69.77 -11.82
N ARG Q 737 75.85 70.19 -11.38
CA ARG Q 737 76.22 70.12 -9.97
C ARG Q 737 75.99 71.46 -9.31
N TYR Q 738 74.76 71.69 -8.90
CA TYR Q 738 74.35 72.91 -8.19
C TYR Q 738 73.84 72.64 -6.79
N LEU Q 739 73.04 71.60 -6.60
CA LEU Q 739 72.65 71.20 -5.25
C LEU Q 739 73.85 70.59 -4.53
N THR Q 740 73.75 70.52 -3.21
CA THR Q 740 74.83 70.01 -2.38
C THR Q 740 74.37 68.84 -1.53
N ARG Q 741 75.32 67.94 -1.29
CA ARG Q 741 75.05 66.78 -0.40
C ARG Q 741 76.31 66.59 0.46
N ASN Q 742 76.17 66.12 1.70
CA ASN Q 742 77.32 65.83 2.56
C ASN Q 742 78.08 64.61 2.06
N LEU Q 743 79.37 64.57 2.35
CA LEU Q 743 80.20 63.43 2.00
C LEU Q 743 79.78 62.18 2.77
N ALA R 218 34.90 -39.71 -68.92
CA ALA R 218 35.23 -38.54 -68.09
C ALA R 218 35.50 -37.34 -69.00
N ASP R 219 36.19 -37.57 -70.11
CA ASP R 219 36.61 -36.45 -70.98
C ASP R 219 36.22 -36.79 -72.42
N GLY R 220 35.43 -37.84 -72.61
CA GLY R 220 34.93 -38.15 -73.97
C GLY R 220 36.03 -38.02 -75.01
N VAL R 221 35.71 -37.48 -76.19
CA VAL R 221 36.71 -37.40 -77.29
C VAL R 221 37.02 -35.93 -77.48
N GLY R 222 38.26 -35.55 -77.26
CA GLY R 222 38.73 -34.20 -77.45
C GLY R 222 39.07 -33.44 -76.18
N ASN R 223 38.86 -34.05 -75.02
CA ASN R 223 39.21 -33.44 -73.74
C ASN R 223 40.32 -34.26 -73.10
N SER R 224 41.43 -33.60 -72.77
CA SER R 224 42.56 -34.29 -72.16
C SER R 224 42.22 -34.71 -70.74
N SER R 225 42.65 -35.93 -70.38
CA SER R 225 42.39 -36.47 -69.05
C SER R 225 43.61 -36.41 -68.14
N GLY R 226 44.66 -35.69 -68.55
CA GLY R 226 45.83 -35.56 -67.71
C GLY R 226 46.82 -34.61 -68.35
N ASN R 227 47.86 -34.31 -67.58
CA ASN R 227 48.92 -33.40 -68.00
C ASN R 227 50.28 -34.08 -67.84
N TRP R 228 51.29 -33.51 -68.48
CA TRP R 228 52.64 -34.03 -68.40
C TRP R 228 53.33 -33.46 -67.17
N HIS R 229 53.63 -34.34 -66.22
CA HIS R 229 54.30 -33.94 -64.96
C HIS R 229 55.60 -34.74 -64.85
N CYS R 230 56.72 -34.17 -65.31
CA CYS R 230 58.03 -34.83 -65.17
C CYS R 230 58.96 -33.83 -64.50
N ASP R 231 59.29 -34.05 -63.22
CA ASP R 231 60.12 -33.07 -62.48
C ASP R 231 60.49 -33.61 -61.10
N SER R 232 61.33 -32.86 -60.35
CA SER R 232 61.60 -33.30 -58.98
C SER R 232 61.64 -32.07 -58.08
N THR R 233 61.13 -32.23 -56.86
CA THR R 233 61.10 -31.17 -55.87
C THR R 233 61.85 -31.63 -54.63
N TRP R 234 62.85 -30.86 -54.22
CA TRP R 234 63.61 -31.13 -53.01
C TRP R 234 63.14 -30.20 -51.91
N MET R 235 62.61 -30.78 -50.84
CA MET R 235 62.08 -29.98 -49.70
C MET R 235 62.60 -30.57 -48.40
N GLY R 236 63.71 -30.04 -47.88
CA GLY R 236 64.26 -30.50 -46.62
C GLY R 236 64.72 -31.95 -46.73
N ASP R 237 64.15 -32.80 -45.88
CA ASP R 237 64.48 -34.21 -45.83
C ASP R 237 63.64 -35.07 -46.78
N ARG R 238 63.07 -34.47 -47.83
CA ARG R 238 62.26 -35.20 -48.79
C ARG R 238 62.64 -34.77 -50.20
N VAL R 239 62.55 -35.70 -51.13
CA VAL R 239 62.62 -35.41 -52.56
C VAL R 239 61.51 -36.18 -53.25
N THR R 240 60.68 -35.47 -54.00
CA THR R 240 59.58 -36.07 -54.74
C THR R 240 59.92 -36.05 -56.23
N THR R 241 60.06 -37.23 -56.81
CA THR R 241 60.38 -37.36 -58.23
C THR R 241 59.13 -37.81 -58.98
N THR R 242 58.82 -37.10 -60.06
CA THR R 242 57.68 -37.41 -60.91
C THR R 242 58.16 -37.63 -62.33
N SER R 243 57.63 -38.66 -62.98
CA SER R 243 58.04 -39.01 -64.33
C SER R 243 56.81 -39.30 -65.17
N THR R 244 56.84 -38.86 -66.43
CA THR R 244 55.79 -39.16 -67.40
C THR R 244 56.42 -39.74 -68.65
N ARG R 245 55.81 -40.80 -69.19
CA ARG R 245 56.29 -41.46 -70.39
C ARG R 245 55.11 -41.78 -71.29
N THR R 246 55.42 -41.98 -72.57
CA THR R 246 54.42 -42.40 -73.55
C THR R 246 54.63 -43.89 -73.82
N TRP R 247 53.58 -44.68 -73.65
CA TRP R 247 53.64 -46.12 -73.79
C TRP R 247 52.79 -46.59 -74.97
N ALA R 248 53.17 -47.76 -75.50
CA ALA R 248 52.42 -48.43 -76.54
C ALA R 248 52.15 -49.85 -76.10
N LEU R 249 50.88 -50.25 -76.17
CA LEU R 249 50.46 -51.58 -75.74
C LEU R 249 49.84 -52.34 -76.90
N PRO R 250 50.49 -53.37 -77.41
CA PRO R 250 49.91 -54.16 -78.49
C PRO R 250 48.92 -55.19 -77.93
N THR R 251 48.41 -56.02 -78.83
CA THR R 251 47.61 -57.18 -78.44
C THR R 251 48.53 -58.38 -78.30
N TYR R 252 48.52 -58.99 -77.13
CA TYR R 252 49.43 -60.07 -76.81
C TYR R 252 48.72 -61.43 -76.90
N ASN R 253 49.39 -62.38 -77.54
CA ASN R 253 48.91 -63.76 -77.68
C ASN R 253 47.59 -63.84 -78.45
N ASN R 254 47.22 -62.79 -79.16
CA ASN R 254 45.93 -62.71 -79.85
C ASN R 254 44.78 -62.96 -78.87
N HIS R 255 44.81 -62.26 -77.75
CA HIS R 255 43.80 -62.29 -76.70
C HIS R 255 43.66 -63.67 -76.05
N LEU R 256 44.73 -64.47 -76.02
CA LEU R 256 44.65 -65.83 -75.54
C LEU R 256 45.61 -66.07 -74.38
N TYR R 257 45.29 -67.08 -73.57
CA TYR R 257 46.24 -67.54 -72.53
C TYR R 257 46.82 -68.82 -73.12
N LYS R 258 48.14 -68.95 -73.16
CA LYS R 258 48.85 -70.08 -73.73
C LYS R 258 49.74 -70.70 -72.69
N GLN R 259 49.61 -72.02 -72.52
CA GLN R 259 50.52 -72.75 -71.65
C GLN R 259 51.90 -72.80 -72.29
N ILE R 260 52.91 -72.45 -71.51
CA ILE R 260 54.30 -72.44 -71.99
C ILE R 260 55.12 -73.36 -71.10
N SER R 261 56.19 -73.89 -71.68
CA SER R 261 57.09 -74.79 -70.95
C SER R 261 58.43 -74.79 -71.65
N SER R 262 59.43 -75.35 -70.96
CA SER R 262 60.76 -75.46 -71.53
C SER R 262 60.75 -76.39 -72.74
N GLN R 263 61.66 -76.12 -73.65
CA GLN R 263 61.72 -76.92 -74.89
C GLN R 263 62.19 -78.33 -74.55
N SER R 264 61.72 -79.30 -75.32
CA SER R 264 62.24 -80.68 -75.12
C SER R 264 63.72 -80.68 -75.47
N GLY R 265 64.51 -81.44 -74.73
CA GLY R 265 65.94 -81.52 -74.89
C GLY R 265 66.73 -80.54 -74.05
N ALA R 266 66.05 -79.63 -73.34
CA ALA R 266 66.73 -78.71 -72.44
C ALA R 266 67.29 -79.45 -71.23
N SER R 267 68.31 -78.86 -70.61
CA SER R 267 68.87 -79.45 -69.41
C SER R 267 67.87 -79.34 -68.26
N ASN R 268 68.12 -80.16 -67.22
CA ASN R 268 67.21 -80.15 -66.08
C ASN R 268 67.22 -78.81 -65.37
N ASP R 269 68.35 -78.12 -65.34
CA ASP R 269 68.42 -76.81 -64.70
C ASP R 269 67.57 -75.77 -65.42
N ASN R 270 67.35 -75.96 -66.73
CA ASN R 270 66.62 -74.99 -67.54
C ASN R 270 65.16 -75.38 -67.75
N HIS R 271 64.69 -76.45 -67.13
CA HIS R 271 63.31 -76.86 -67.28
C HIS R 271 62.38 -75.93 -66.52
N TYR R 272 61.23 -75.64 -67.13
CA TYR R 272 60.24 -74.77 -66.49
C TYR R 272 58.86 -75.04 -67.07
N PHE R 273 57.84 -74.60 -66.35
CA PHE R 273 56.46 -74.67 -66.78
C PHE R 273 55.74 -73.43 -66.29
N GLY R 274 54.88 -72.88 -67.12
CA GLY R 274 54.17 -71.67 -66.75
C GLY R 274 53.10 -71.33 -67.77
N TYR R 275 52.60 -70.11 -67.67
CA TYR R 275 51.54 -69.63 -68.55
C TYR R 275 51.87 -68.24 -69.05
N SER R 276 51.51 -67.98 -70.31
CA SER R 276 51.66 -66.66 -70.92
C SER R 276 50.28 -66.02 -71.01
N THR R 277 50.16 -64.79 -70.53
CA THR R 277 48.89 -64.10 -70.50
C THR R 277 48.82 -63.03 -71.58
N PRO R 278 47.63 -62.68 -72.05
CA PRO R 278 47.49 -61.58 -73.01
C PRO R 278 47.63 -60.20 -72.40
N TRP R 279 47.94 -60.10 -71.12
CA TRP R 279 48.05 -58.82 -70.43
C TRP R 279 49.49 -58.31 -70.49
N GLY R 280 49.62 -57.00 -70.32
CA GLY R 280 50.89 -56.36 -70.10
C GLY R 280 50.95 -55.79 -68.69
N TYR R 281 52.13 -55.31 -68.32
CA TYR R 281 52.32 -54.74 -67.00
C TYR R 281 53.24 -53.54 -67.08
N PHE R 282 53.01 -52.58 -66.19
CA PHE R 282 53.83 -51.37 -66.12
C PHE R 282 54.90 -51.54 -65.07
N ASP R 283 56.17 -51.44 -65.49
CA ASP R 283 57.32 -51.63 -64.62
C ASP R 283 58.07 -50.32 -64.49
N PHE R 284 58.27 -49.87 -63.25
CA PHE R 284 59.14 -48.73 -62.96
C PHE R 284 60.08 -49.06 -61.81
N ASN R 285 60.52 -50.30 -61.73
CA ASN R 285 61.40 -50.77 -60.66
C ASN R 285 62.88 -50.59 -61.02
N ARG R 286 63.22 -49.37 -61.45
CA ARG R 286 64.61 -49.00 -61.71
C ARG R 286 64.75 -47.53 -61.36
N PHE R 287 65.90 -47.14 -60.79
CA PHE R 287 66.04 -45.75 -60.30
C PHE R 287 66.04 -44.73 -61.44
N HIS R 288 66.52 -45.11 -62.62
CA HIS R 288 66.60 -44.19 -63.78
C HIS R 288 65.20 -43.79 -64.24
N CYS R 289 64.17 -44.53 -63.84
CA CYS R 289 62.76 -44.25 -64.21
C CYS R 289 62.24 -43.03 -63.43
N HIS R 290 62.92 -42.66 -62.35
CA HIS R 290 62.47 -41.55 -61.51
C HIS R 290 63.52 -40.48 -61.30
N PHE R 291 64.80 -40.83 -61.30
CA PHE R 291 65.88 -39.88 -61.04
C PHE R 291 66.63 -39.58 -62.33
N SER R 292 66.79 -38.28 -62.62
CA SER R 292 67.72 -37.87 -63.65
C SER R 292 69.15 -38.03 -63.14
N PRO R 293 70.13 -38.08 -64.03
CA PRO R 293 71.53 -38.17 -63.56
C PRO R 293 71.92 -37.02 -62.65
N ARG R 294 71.46 -35.79 -62.92
CA ARG R 294 71.70 -34.69 -62.00
C ARG R 294 71.00 -34.92 -60.67
N ASP R 295 69.78 -35.46 -60.70
CA ASP R 295 69.08 -35.81 -59.46
C ASP R 295 69.84 -36.87 -58.67
N TRP R 296 70.38 -37.88 -59.37
CA TRP R 296 71.17 -38.90 -58.71
C TRP R 296 72.43 -38.31 -58.08
N GLN R 297 73.11 -37.41 -58.80
CA GLN R 297 74.30 -36.79 -58.25
C GLN R 297 73.97 -35.93 -57.03
N ARG R 298 72.85 -35.21 -57.08
CA ARG R 298 72.39 -34.45 -55.92
C ARG R 298 72.05 -35.35 -54.75
N LEU R 299 71.50 -36.53 -55.03
CA LEU R 299 71.13 -37.45 -53.95
C LEU R 299 72.36 -38.07 -53.30
N ILE R 300 73.31 -38.55 -54.11
CA ILE R 300 74.39 -39.37 -53.58
C ILE R 300 75.54 -38.55 -53.01
N ASN R 301 75.68 -37.29 -53.40
CA ASN R 301 76.76 -36.45 -52.92
C ASN R 301 76.44 -35.72 -51.63
N ASN R 302 75.21 -35.81 -51.15
CA ASN R 302 74.78 -35.00 -50.01
C ASN R 302 74.02 -35.77 -48.94
N ASN R 303 73.65 -37.01 -49.17
CA ASN R 303 72.82 -37.77 -48.24
C ASN R 303 73.52 -39.05 -47.82
N TRP R 304 73.35 -39.40 -46.54
CA TRP R 304 73.86 -40.64 -46.00
C TRP R 304 72.87 -41.80 -46.16
N GLY R 305 71.66 -41.53 -46.65
CA GLY R 305 70.69 -42.59 -46.85
C GLY R 305 69.42 -42.05 -47.46
N PHE R 306 68.62 -42.97 -48.00
CA PHE R 306 67.33 -42.63 -48.57
C PHE R 306 66.46 -43.88 -48.61
N ARG R 307 65.15 -43.66 -48.68
CA ARG R 307 64.18 -44.74 -48.75
C ARG R 307 62.89 -44.21 -49.33
N PRO R 308 62.13 -45.03 -50.06
CA PRO R 308 60.84 -44.58 -50.58
C PRO R 308 59.78 -44.53 -49.49
N LYS R 309 58.86 -43.58 -49.66
CA LYS R 309 57.80 -43.33 -48.68
C LYS R 309 56.41 -43.62 -49.23
N ARG R 310 56.07 -43.05 -50.38
CA ARG R 310 54.77 -43.28 -51.00
C ARG R 310 54.89 -43.00 -52.49
N LEU R 311 53.95 -43.54 -53.26
CA LEU R 311 53.94 -43.33 -54.70
C LEU R 311 52.53 -43.05 -55.18
N ASN R 312 52.44 -42.38 -56.33
CA ASN R 312 51.15 -42.09 -57.00
C ASN R 312 51.33 -42.50 -58.46
N PHE R 313 50.34 -43.17 -59.05
CA PHE R 313 50.39 -43.70 -60.39
C PHE R 313 49.17 -43.21 -61.18
N LYS R 314 49.42 -42.88 -62.44
CA LYS R 314 48.30 -42.42 -63.29
C LYS R 314 48.42 -42.86 -64.75
N LEU R 315 47.33 -43.33 -65.34
CA LEU R 315 47.23 -43.59 -66.77
C LEU R 315 46.19 -42.64 -67.35
N PHE R 316 46.54 -41.99 -68.45
CA PHE R 316 45.66 -40.96 -69.00
C PHE R 316 45.95 -40.80 -70.49
N ASN R 317 45.09 -40.01 -71.15
CA ASN R 317 45.19 -39.74 -72.58
C ASN R 317 45.28 -41.03 -73.38
N ILE R 318 44.38 -41.95 -73.06
CA ILE R 318 44.39 -43.29 -73.65
C ILE R 318 43.74 -43.24 -75.03
N GLN R 319 44.47 -43.72 -76.04
CA GLN R 319 43.99 -43.77 -77.41
C GLN R 319 44.06 -45.21 -77.89
N VAL R 320 42.95 -45.72 -78.40
CA VAL R 320 42.91 -47.05 -78.99
C VAL R 320 42.91 -46.89 -80.51
N LYS R 321 43.89 -47.48 -81.17
CA LYS R 321 44.06 -47.38 -82.60
C LYS R 321 43.75 -48.72 -83.24
N GLU R 322 42.90 -48.71 -84.27
CA GLU R 322 42.57 -49.90 -85.04
C GLU R 322 43.46 -49.97 -86.27
N VAL R 323 44.10 -51.12 -86.46
CA VAL R 323 45.03 -51.35 -87.57
C VAL R 323 44.38 -52.30 -88.56
N THR R 324 44.37 -51.91 -89.83
CA THR R 324 43.86 -52.75 -90.90
C THR R 324 44.92 -52.86 -92.00
N GLN R 325 44.87 -53.96 -92.73
CA GLN R 325 45.84 -54.23 -93.79
C GLN R 325 45.09 -54.77 -95.00
N ASN R 326 44.96 -53.94 -96.04
CA ASN R 326 44.23 -54.30 -97.24
C ASN R 326 45.13 -54.11 -98.44
N ASP R 327 45.36 -55.19 -99.20
CA ASP R 327 46.18 -55.16 -100.41
C ASP R 327 47.58 -54.60 -100.13
N GLY R 328 48.17 -54.98 -99.00
CA GLY R 328 49.50 -54.57 -98.66
C GLY R 328 49.65 -53.19 -98.08
N THR R 329 48.55 -52.53 -97.74
CA THR R 329 48.58 -51.18 -97.19
C THR R 329 48.17 -51.22 -95.73
N THR R 330 48.98 -50.60 -94.88
CA THR R 330 48.70 -50.52 -93.44
C THR R 330 48.03 -49.18 -93.15
N THR R 331 46.77 -49.25 -92.69
CA THR R 331 45.99 -48.07 -92.38
C THR R 331 45.64 -48.08 -90.90
N ILE R 332 45.91 -46.98 -90.21
CA ILE R 332 45.65 -46.85 -88.78
C ILE R 332 44.61 -45.75 -88.58
N ALA R 333 43.55 -46.08 -87.85
CA ALA R 333 42.48 -45.14 -87.58
C ALA R 333 42.11 -45.23 -86.10
N ASN R 334 41.51 -44.15 -85.60
CA ASN R 334 41.09 -44.12 -84.20
C ASN R 334 39.90 -45.04 -83.97
N ASN R 335 39.84 -45.60 -82.77
CA ASN R 335 38.70 -46.37 -82.29
C ASN R 335 38.26 -45.73 -80.97
N LEU R 336 37.28 -44.84 -81.05
CA LEU R 336 36.88 -44.06 -79.88
C LEU R 336 35.99 -44.83 -78.92
N THR R 337 35.50 -46.01 -79.31
CA THR R 337 34.62 -46.78 -78.45
C THR R 337 35.29 -47.98 -77.80
N SER R 338 36.54 -48.29 -78.16
CA SER R 338 37.24 -49.40 -77.55
C SER R 338 37.79 -49.01 -76.18
N THR R 339 38.00 -50.01 -75.35
CA THR R 339 38.46 -49.82 -73.98
C THR R 339 39.79 -50.54 -73.75
N VAL R 340 40.43 -50.18 -72.64
CA VAL R 340 41.57 -50.92 -72.12
C VAL R 340 41.28 -51.25 -70.66
N GLN R 341 41.57 -52.47 -70.26
CA GLN R 341 41.32 -52.95 -68.91
C GLN R 341 42.57 -52.78 -68.05
N VAL R 342 42.42 -52.09 -66.93
CA VAL R 342 43.53 -51.82 -66.02
C VAL R 342 43.11 -52.21 -64.62
N PHE R 343 43.96 -52.96 -63.93
CA PHE R 343 43.75 -53.24 -62.51
C PHE R 343 45.09 -53.43 -61.83
N THR R 344 45.12 -53.13 -60.54
CA THR R 344 46.30 -53.30 -59.70
C THR R 344 46.11 -54.50 -58.80
N ASP R 345 47.13 -55.35 -58.72
CA ASP R 345 47.09 -56.55 -57.88
C ASP R 345 47.46 -56.16 -56.45
N SER R 346 46.57 -55.45 -55.78
CA SER R 346 46.86 -54.90 -54.43
C SER R 346 46.77 -55.98 -53.36
N GLU R 347 46.13 -57.11 -53.66
CA GLU R 347 46.09 -58.21 -52.70
C GLU R 347 47.19 -59.23 -52.94
N TYR R 348 48.04 -59.02 -53.95
CA TYR R 348 49.17 -59.89 -54.24
C TYR R 348 48.73 -61.34 -54.44
N GLN R 349 47.66 -61.52 -55.20
CA GLN R 349 47.15 -62.84 -55.53
C GLN R 349 47.74 -63.42 -56.80
N LEU R 350 48.53 -62.64 -57.53
CA LEU R 350 49.19 -63.08 -58.75
C LEU R 350 50.69 -63.25 -58.52
N PRO R 351 51.33 -64.12 -59.29
CA PRO R 351 52.79 -64.25 -59.16
C PRO R 351 53.50 -62.93 -59.45
N TYR R 352 54.33 -62.52 -58.50
CA TYR R 352 55.00 -61.22 -58.58
C TYR R 352 56.24 -61.35 -59.45
N VAL R 353 56.14 -60.89 -60.70
CA VAL R 353 57.25 -60.97 -61.64
C VAL R 353 58.11 -59.71 -61.64
N LEU R 354 57.67 -58.64 -61.00
CA LEU R 354 58.54 -57.50 -60.77
C LEU R 354 59.64 -57.87 -59.79
N GLY R 355 60.78 -57.20 -59.90
CA GLY R 355 61.91 -57.51 -59.06
C GLY R 355 62.80 -58.63 -59.56
N SER R 356 62.60 -59.08 -60.79
CA SER R 356 63.48 -60.07 -61.41
C SER R 356 64.42 -59.45 -62.44
N ALA R 357 64.58 -58.13 -62.40
CA ALA R 357 65.48 -57.39 -63.30
C ALA R 357 65.13 -57.63 -64.76
N HIS R 358 63.84 -57.45 -65.07
CA HIS R 358 63.34 -57.67 -66.42
C HIS R 358 63.31 -56.36 -67.22
N GLN R 359 63.48 -56.49 -68.52
CA GLN R 359 63.40 -55.36 -69.43
C GLN R 359 61.94 -54.93 -69.61
N GLY R 360 61.76 -53.72 -70.14
CA GLY R 360 60.44 -53.18 -70.33
C GLY R 360 60.04 -52.08 -69.37
N CYS R 361 60.98 -51.53 -68.61
CA CYS R 361 60.68 -50.48 -67.66
C CYS R 361 60.42 -49.16 -68.37
N LEU R 362 60.12 -48.14 -67.58
CA LEU R 362 60.04 -46.78 -68.12
C LEU R 362 61.42 -46.34 -68.56
N PRO R 363 61.58 -45.85 -69.79
CA PRO R 363 62.91 -45.51 -70.27
C PRO R 363 63.51 -44.38 -69.45
N PRO R 364 64.84 -44.39 -69.25
CA PRO R 364 65.46 -43.33 -68.45
C PRO R 364 65.27 -41.94 -69.03
N PHE R 365 65.26 -41.81 -70.35
CA PHE R 365 65.06 -40.51 -70.99
C PHE R 365 63.58 -40.22 -71.14
N PRO R 366 63.09 -39.09 -70.63
CA PRO R 366 61.65 -38.82 -70.65
C PRO R 366 61.05 -38.72 -72.05
N ALA R 367 61.86 -38.51 -73.08
CA ALA R 367 61.36 -38.35 -74.44
C ALA R 367 61.21 -39.67 -75.18
N ASP R 368 61.62 -40.79 -74.59
CA ASP R 368 61.55 -42.08 -75.25
C ASP R 368 60.18 -42.73 -75.07
N VAL R 369 59.71 -43.40 -76.11
CA VAL R 369 58.45 -44.14 -76.09
C VAL R 369 58.77 -45.62 -75.97
N PHE R 370 58.07 -46.30 -75.07
CA PHE R 370 58.38 -47.69 -74.74
C PHE R 370 57.16 -48.58 -74.91
N MET R 371 57.43 -49.84 -75.24
CA MET R 371 56.40 -50.86 -75.35
C MET R 371 56.15 -51.49 -73.97
N VAL R 372 54.89 -51.79 -73.68
CA VAL R 372 54.51 -52.41 -72.42
C VAL R 372 54.85 -53.88 -72.47
N PRO R 373 55.66 -54.39 -71.53
CA PRO R 373 56.06 -55.81 -71.59
C PRO R 373 54.90 -56.74 -71.32
N GLN R 374 54.97 -57.93 -71.92
CA GLN R 374 53.93 -58.93 -71.75
C GLN R 374 54.08 -59.63 -70.40
N TYR R 375 52.96 -59.82 -69.71
CA TYR R 375 52.97 -60.47 -68.41
C TYR R 375 52.93 -61.99 -68.57
N GLY R 376 53.75 -62.66 -67.77
CA GLY R 376 53.78 -64.11 -67.76
C GLY R 376 54.40 -64.59 -66.46
N TYR R 377 54.02 -65.80 -66.06
CA TYR R 377 54.47 -66.34 -64.79
C TYR R 377 54.81 -67.82 -64.94
N LEU R 378 55.62 -68.31 -64.02
CA LEU R 378 55.98 -69.71 -63.95
C LEU R 378 55.40 -70.34 -62.69
N THR R 379 55.06 -71.62 -62.81
CA THR R 379 54.55 -72.37 -61.66
C THR R 379 55.38 -73.64 -61.50
N LEU R 380 54.95 -74.53 -60.61
CA LEU R 380 55.70 -75.77 -60.32
C LEU R 380 55.82 -76.62 -61.59
N ASN R 381 56.97 -77.25 -61.78
CA ASN R 381 57.17 -78.13 -62.96
C ASN R 381 57.96 -79.37 -62.57
N ASN R 382 57.60 -80.53 -63.12
CA ASN R 382 58.42 -81.74 -62.95
C ASN R 382 59.02 -81.95 -64.33
N GLY R 383 60.14 -81.27 -64.63
CA GLY R 383 60.67 -81.32 -65.99
C GLY R 383 59.92 -80.31 -66.84
N SER R 384 59.57 -80.67 -68.08
CA SER R 384 58.76 -79.78 -68.90
C SER R 384 57.27 -79.89 -68.60
N GLN R 385 56.86 -80.85 -67.77
CA GLN R 385 55.47 -81.06 -67.43
C GLN R 385 55.11 -80.31 -66.14
N ALA R 386 53.83 -80.36 -65.79
CA ALA R 386 53.32 -79.75 -64.59
C ALA R 386 52.96 -80.82 -63.55
N VAL R 387 52.71 -80.37 -62.33
CA VAL R 387 52.26 -81.23 -61.25
C VAL R 387 50.88 -80.77 -60.79
N GLY R 388 50.29 -81.55 -59.89
CA GLY R 388 48.97 -81.21 -59.40
C GLY R 388 48.92 -79.93 -58.60
N ARG R 389 50.05 -79.55 -58.02
CA ARG R 389 50.12 -78.33 -57.22
C ARG R 389 50.33 -77.08 -58.07
N SER R 390 50.59 -77.22 -59.37
CA SER R 390 50.76 -76.06 -60.24
C SER R 390 49.48 -75.24 -60.29
N SER R 391 49.64 -73.92 -60.25
CA SER R 391 48.52 -72.99 -60.19
C SER R 391 48.36 -72.28 -61.53
N PHE R 392 47.10 -72.11 -61.94
CA PHE R 392 46.75 -71.35 -63.12
C PHE R 392 45.95 -70.12 -62.70
N TYR R 393 46.27 -68.97 -63.29
CA TYR R 393 45.63 -67.71 -62.95
C TYR R 393 45.06 -67.07 -64.20
N CYS R 394 43.77 -66.76 -64.16
CA CYS R 394 43.11 -65.98 -65.19
C CYS R 394 42.97 -64.56 -64.68
N LEU R 395 43.59 -63.61 -65.40
CA LEU R 395 43.59 -62.22 -64.98
C LEU R 395 42.27 -61.52 -65.25
N GLU R 396 41.39 -62.11 -66.06
CA GLU R 396 40.04 -61.59 -66.22
C GLU R 396 39.13 -61.98 -65.07
N TYR R 397 39.62 -62.78 -64.12
CA TYR R 397 38.85 -63.19 -62.92
C TYR R 397 39.05 -62.15 -61.82
N PHE R 398 39.78 -61.08 -62.12
CA PHE R 398 39.98 -59.94 -61.25
C PHE R 398 39.09 -58.79 -61.68
N PRO R 399 38.60 -57.98 -60.75
CA PRO R 399 37.87 -56.76 -61.13
C PRO R 399 38.85 -55.75 -61.72
N SER R 400 38.54 -55.29 -62.93
CA SER R 400 39.38 -54.34 -63.64
C SER R 400 38.55 -53.14 -64.08
N GLN R 401 39.22 -52.02 -64.27
CA GLN R 401 38.58 -50.78 -64.69
C GLN R 401 38.73 -50.63 -66.20
N MET R 402 37.61 -50.38 -66.88
CA MET R 402 37.58 -50.25 -68.32
C MET R 402 37.65 -48.76 -68.68
N LEU R 403 38.60 -48.42 -69.56
CA LEU R 403 38.89 -47.03 -69.88
C LEU R 403 38.75 -46.81 -71.38
N ARG R 404 37.83 -45.93 -71.76
CA ARG R 404 37.74 -45.46 -73.14
C ARG R 404 38.66 -44.26 -73.33
N THR R 405 38.66 -43.69 -74.52
CA THR R 405 39.42 -42.43 -74.74
C THR R 405 38.68 -41.35 -73.96
N GLY R 406 39.35 -40.73 -73.01
CA GLY R 406 38.76 -39.76 -72.11
C GLY R 406 38.66 -40.22 -70.67
N ASN R 407 38.90 -41.49 -70.40
CA ASN R 407 38.94 -42.01 -69.04
C ASN R 407 40.39 -42.11 -68.57
N ASN R 408 40.59 -41.97 -67.26
CA ASN R 408 41.91 -42.08 -66.68
C ASN R 408 41.86 -43.05 -65.49
N PHE R 409 43.03 -43.57 -65.14
CA PHE R 409 43.20 -44.49 -64.04
C PHE R 409 44.22 -43.91 -63.07
N THR R 410 43.99 -44.13 -61.77
CA THR R 410 44.94 -43.65 -60.78
C THR R 410 44.84 -44.52 -59.53
N PHE R 411 45.94 -44.59 -58.79
CA PHE R 411 45.95 -45.24 -57.49
C PHE R 411 47.17 -44.75 -56.71
N SER R 412 47.05 -44.80 -55.39
CA SER R 412 48.10 -44.37 -54.49
C SER R 412 48.55 -45.53 -53.62
N TYR R 413 49.85 -45.57 -53.33
CA TYR R 413 50.44 -46.64 -52.55
C TYR R 413 51.39 -46.04 -51.52
N THR R 414 51.43 -46.63 -50.33
CA THR R 414 52.34 -46.21 -49.28
C THR R 414 53.33 -47.32 -49.00
N PHE R 415 54.62 -46.99 -49.08
CA PHE R 415 55.65 -47.96 -48.76
C PHE R 415 55.64 -48.28 -47.27
N GLU R 416 55.94 -49.53 -46.95
CA GLU R 416 56.14 -49.90 -45.56
C GLU R 416 57.46 -49.33 -45.05
N ASP R 417 57.62 -49.33 -43.73
CA ASP R 417 58.84 -48.84 -43.12
C ASP R 417 60.00 -49.75 -43.48
N VAL R 418 61.04 -49.18 -44.08
CA VAL R 418 62.22 -49.94 -44.49
C VAL R 418 63.46 -49.19 -44.05
N PRO R 419 64.57 -49.88 -43.85
CA PRO R 419 65.81 -49.18 -43.48
C PRO R 419 66.29 -48.27 -44.60
N PHE R 420 66.93 -47.17 -44.21
CA PHE R 420 67.58 -46.31 -45.18
C PHE R 420 68.69 -47.07 -45.89
N HIS R 421 68.79 -46.89 -47.20
CA HIS R 421 69.91 -47.45 -47.94
C HIS R 421 71.20 -46.78 -47.48
N SER R 422 72.22 -47.61 -47.27
CA SER R 422 73.55 -47.10 -46.82
C SER R 422 74.28 -46.45 -47.99
N SER R 423 73.95 -45.19 -48.29
CA SER R 423 74.60 -44.47 -49.38
C SER R 423 75.88 -43.79 -48.90
N TYR R 424 76.74 -44.60 -48.28
CA TYR R 424 78.01 -44.13 -47.76
C TYR R 424 79.01 -45.27 -47.78
N ALA R 425 80.29 -44.92 -47.73
CA ALA R 425 81.37 -45.88 -47.58
C ALA R 425 82.04 -45.65 -46.24
N HIS R 426 82.32 -46.73 -45.52
CA HIS R 426 82.97 -46.60 -44.22
C HIS R 426 84.41 -46.10 -44.39
N SER R 427 84.76 -45.10 -43.59
CA SER R 427 86.13 -44.59 -43.56
C SER R 427 87.01 -45.33 -42.57
N GLN R 428 86.47 -46.34 -41.89
CA GLN R 428 87.25 -47.21 -41.02
C GLN R 428 87.05 -48.65 -41.45
N SER R 429 88.07 -49.46 -41.22
CA SER R 429 88.00 -50.89 -41.47
C SER R 429 87.63 -51.61 -40.17
N LEU R 430 86.95 -52.74 -40.31
CA LEU R 430 86.50 -53.49 -39.13
C LEU R 430 87.66 -54.04 -38.32
N ASP R 431 88.84 -54.19 -38.94
CA ASP R 431 90.02 -54.75 -38.22
C ASP R 431 90.94 -53.61 -37.75
N ARG R 432 90.52 -52.36 -37.93
CA ARG R 432 91.32 -51.20 -37.54
C ARG R 432 90.47 -50.22 -36.74
N LEU R 433 89.72 -50.74 -35.76
CA LEU R 433 88.83 -49.92 -34.94
C LEU R 433 89.43 -49.53 -33.59
N MET R 434 90.70 -49.83 -33.37
CA MET R 434 91.33 -49.63 -32.08
C MET R 434 92.05 -48.30 -32.01
N ASN R 435 92.62 -48.01 -30.84
CA ASN R 435 93.48 -46.86 -30.64
C ASN R 435 94.92 -47.30 -30.85
N PRO R 436 95.62 -46.83 -31.88
CA PRO R 436 96.98 -47.34 -32.16
C PRO R 436 98.00 -46.90 -31.14
N LEU R 437 97.68 -45.96 -30.26
CA LEU R 437 98.64 -45.42 -29.30
C LEU R 437 98.69 -46.21 -28.00
N ILE R 438 97.62 -46.90 -27.64
CA ILE R 438 97.49 -47.55 -26.35
C ILE R 438 97.46 -49.06 -26.56
N ASP R 439 98.24 -49.78 -25.77
CA ASP R 439 98.21 -51.23 -25.80
C ASP R 439 96.93 -51.76 -25.16
N GLN R 440 96.56 -52.98 -25.53
CA GLN R 440 95.45 -53.66 -24.89
C GLN R 440 95.90 -54.29 -23.58
N TYR R 441 94.97 -54.39 -22.63
CA TYR R 441 95.24 -55.09 -21.39
C TYR R 441 95.06 -56.60 -21.52
N LEU R 442 94.45 -57.06 -22.60
CA LEU R 442 94.27 -58.49 -22.82
C LEU R 442 95.53 -59.09 -23.44
N TYR R 443 95.75 -60.36 -23.16
CA TYR R 443 96.90 -61.09 -23.64
C TYR R 443 96.48 -62.09 -24.72
N TYR R 444 97.40 -62.36 -25.64
CA TYR R 444 97.22 -63.38 -26.65
C TYR R 444 98.45 -64.26 -26.70
N LEU R 445 98.25 -65.52 -27.09
CA LEU R 445 99.36 -66.45 -27.24
C LEU R 445 100.24 -66.01 -28.41
N SER R 446 101.44 -65.50 -28.10
CA SER R 446 102.33 -64.97 -29.10
C SER R 446 103.43 -65.94 -29.51
N ARG R 447 103.86 -66.77 -28.56
CA ARG R 447 104.90 -67.77 -28.89
C ARG R 447 104.49 -69.14 -28.36
N THR R 448 104.92 -70.18 -29.07
CA THR R 448 104.62 -71.55 -28.67
C THR R 448 105.86 -72.37 -28.32
N ASN R 449 107.06 -71.82 -28.50
CA ASN R 449 108.28 -72.52 -28.12
C ASN R 449 109.37 -71.49 -27.85
N THR R 450 110.45 -71.94 -27.23
CA THR R 450 111.60 -71.11 -26.93
C THR R 450 112.88 -71.87 -27.27
N PRO R 451 113.99 -71.18 -27.62
CA PRO R 451 115.25 -71.87 -27.86
C PRO R 451 115.67 -72.62 -26.59
N SER R 452 115.90 -73.93 -26.70
CA SER R 452 116.39 -74.71 -25.55
C SER R 452 117.65 -75.46 -25.98
N GLY R 453 118.79 -75.21 -25.33
CA GLY R 453 120.05 -75.83 -25.78
C GLY R 453 120.35 -75.45 -27.22
N THR R 454 120.56 -76.45 -28.08
CA THR R 454 120.78 -76.18 -29.52
C THR R 454 119.54 -76.65 -30.29
N THR R 455 118.51 -77.09 -29.57
CA THR R 455 117.23 -77.49 -30.22
C THR R 455 116.14 -76.51 -29.80
N THR R 456 114.88 -76.94 -29.80
CA THR R 456 113.77 -76.07 -29.33
C THR R 456 112.97 -76.80 -28.26
N GLN R 457 112.31 -76.05 -27.39
CA GLN R 457 111.48 -76.66 -26.35
C GLN R 457 110.13 -75.96 -26.32
N SER R 458 109.07 -76.74 -26.14
CA SER R 458 107.72 -76.18 -26.11
C SER R 458 107.53 -75.30 -24.88
N ARG R 459 107.04 -74.09 -25.10
CA ARG R 459 106.85 -73.13 -24.01
C ARG R 459 105.87 -72.07 -24.49
N LEU R 460 104.75 -71.92 -23.78
CA LEU R 460 103.74 -70.95 -24.14
C LEU R 460 104.09 -69.58 -23.56
N GLN R 461 103.98 -68.54 -24.39
CA GLN R 461 104.18 -67.16 -23.96
C GLN R 461 103.06 -66.29 -24.49
N PHE R 462 102.78 -65.21 -23.76
CA PHE R 462 101.67 -64.33 -24.07
C PHE R 462 102.14 -62.89 -24.08
N SER R 463 101.52 -62.09 -24.95
CA SER R 463 101.88 -60.69 -25.12
C SER R 463 100.61 -59.85 -25.18
N GLN R 464 100.76 -58.57 -24.85
CA GLN R 464 99.69 -57.60 -25.02
C GLN R 464 99.82 -56.96 -26.39
N ALA R 465 98.72 -56.89 -27.13
CA ALA R 465 98.76 -56.43 -28.50
C ALA R 465 98.73 -54.90 -28.56
N GLY R 466 99.55 -54.34 -29.43
CA GLY R 466 99.62 -52.92 -29.67
C GLY R 466 99.57 -52.64 -31.17
N ALA R 467 100.30 -51.59 -31.58
CA ALA R 467 100.32 -51.21 -32.98
C ALA R 467 101.22 -52.11 -33.82
N SER R 468 102.34 -52.57 -33.25
CA SER R 468 103.29 -53.36 -34.02
C SER R 468 102.74 -54.73 -34.37
N ASP R 469 101.92 -55.32 -33.48
CA ASP R 469 101.29 -56.60 -33.73
C ASP R 469 99.78 -56.40 -33.78
N ILE R 470 99.35 -55.38 -34.52
CA ILE R 470 97.95 -54.96 -34.57
C ILE R 470 97.03 -56.06 -35.06
N ARG R 471 97.56 -57.04 -35.80
CA ARG R 471 96.71 -58.12 -36.31
C ARG R 471 96.25 -59.08 -35.22
N ASP R 472 96.91 -59.07 -34.05
CA ASP R 472 96.60 -60.00 -32.97
C ASP R 472 95.68 -59.40 -31.92
N GLN R 473 95.19 -58.18 -32.13
CA GLN R 473 94.38 -57.51 -31.12
C GLN R 473 93.05 -58.21 -30.95
N SER R 474 92.58 -58.29 -29.70
CA SER R 474 91.26 -58.83 -29.42
C SER R 474 90.19 -57.89 -29.94
N ARG R 475 89.18 -58.46 -30.59
CA ARG R 475 88.15 -57.67 -31.26
C ARG R 475 86.77 -58.18 -30.87
N ASN R 476 85.78 -57.31 -31.06
CA ASN R 476 84.41 -57.61 -30.65
C ASN R 476 83.53 -58.06 -31.81
N TRP R 477 83.96 -57.89 -33.05
CA TRP R 477 83.11 -58.12 -34.21
C TRP R 477 83.84 -58.94 -35.26
N LEU R 478 83.07 -59.45 -36.22
CA LEU R 478 83.55 -60.29 -37.30
C LEU R 478 83.03 -59.78 -38.63
N PRO R 479 83.76 -60.04 -39.72
CA PRO R 479 83.25 -59.67 -41.05
C PRO R 479 82.05 -60.51 -41.44
N GLY R 480 81.22 -59.95 -42.32
CA GLY R 480 79.98 -60.56 -42.71
C GLY R 480 80.13 -61.90 -43.41
N PRO R 481 79.01 -62.54 -43.73
CA PRO R 481 79.06 -63.89 -44.30
C PRO R 481 79.59 -63.88 -45.73
N CYS R 482 80.04 -65.07 -46.13
CA CYS R 482 80.73 -65.23 -47.42
C CYS R 482 80.21 -66.43 -48.19
N TYR R 483 80.22 -66.37 -49.52
CA TYR R 483 79.92 -67.50 -50.38
C TYR R 483 80.83 -67.37 -51.59
N ARG R 484 81.97 -68.06 -51.56
CA ARG R 484 83.10 -67.71 -52.41
C ARG R 484 82.74 -67.79 -53.90
N GLN R 485 83.24 -66.81 -54.65
CA GLN R 485 83.07 -66.74 -56.10
C GLN R 485 84.41 -66.92 -56.79
N GLN R 486 84.37 -67.43 -58.01
CA GLN R 486 85.60 -67.53 -58.80
C GLN R 486 86.04 -66.14 -59.27
N ARG R 487 87.34 -65.95 -59.34
CA ARG R 487 87.92 -64.67 -59.73
C ARG R 487 88.23 -64.67 -61.22
N VAL R 488 87.73 -63.63 -61.88
CA VAL R 488 87.96 -63.43 -63.34
C VAL R 488 88.61 -62.06 -63.49
N SER R 489 89.41 -61.85 -64.52
CA SER R 489 90.11 -60.60 -64.76
C SER R 489 89.56 -59.91 -66.00
N LYS R 490 89.52 -58.58 -65.95
CA LYS R 490 89.04 -57.78 -67.12
C LYS R 490 90.10 -57.88 -68.23
N THR R 491 91.36 -58.09 -67.88
CA THR R 491 92.42 -58.35 -68.90
C THR R 491 92.24 -59.79 -69.37
N SER R 492 91.88 -60.01 -70.62
CA SER R 492 91.55 -61.38 -71.10
C SER R 492 92.70 -62.37 -70.93
N ALA R 493 93.93 -61.99 -71.30
CA ALA R 493 95.04 -62.93 -71.26
C ALA R 493 95.24 -63.51 -69.86
N ASP R 494 94.82 -62.78 -68.82
CA ASP R 494 95.02 -63.23 -67.45
C ASP R 494 94.11 -64.40 -67.06
N ASN R 495 93.09 -64.70 -67.86
CA ASN R 495 92.13 -65.73 -67.54
C ASN R 495 92.57 -67.08 -68.09
N ASN R 496 92.05 -68.15 -67.48
CA ASN R 496 92.36 -69.49 -67.93
C ASN R 496 91.75 -69.74 -69.31
N ASN R 497 92.50 -70.44 -70.17
CA ASN R 497 92.06 -70.74 -71.53
C ASN R 497 91.20 -71.99 -71.51
N SER R 498 89.98 -71.84 -70.99
CA SER R 498 89.03 -72.93 -70.91
C SER R 498 87.63 -72.34 -70.74
N GLU R 499 86.63 -73.21 -70.89
CA GLU R 499 85.22 -72.79 -70.69
C GLU R 499 84.85 -73.15 -69.25
N TYR R 500 84.82 -72.16 -68.37
CA TYR R 500 84.54 -72.37 -66.96
C TYR R 500 83.41 -71.47 -66.44
N SER R 501 82.54 -70.99 -67.34
CA SER R 501 81.44 -70.13 -66.91
C SER R 501 80.41 -70.90 -66.09
N TRP R 502 80.38 -72.22 -66.17
CA TRP R 502 79.48 -73.03 -65.37
C TRP R 502 80.18 -74.03 -64.47
N THR R 503 81.26 -74.65 -64.95
CA THR R 503 81.99 -75.59 -64.10
C THR R 503 82.59 -74.90 -62.89
N GLY R 504 83.17 -73.73 -63.08
CA GLY R 504 83.72 -72.93 -62.00
C GLY R 504 82.75 -71.95 -61.38
N ALA R 505 81.48 -72.01 -61.76
CA ALA R 505 80.48 -71.07 -61.27
C ALA R 505 80.04 -71.43 -59.86
N THR R 506 79.60 -70.41 -59.13
CA THR R 506 79.04 -70.59 -57.80
C THR R 506 77.54 -70.84 -57.91
N LYS R 507 77.08 -71.96 -57.36
CA LYS R 507 75.72 -72.43 -57.59
C LYS R 507 75.07 -72.83 -56.28
N TYR R 508 73.75 -72.81 -56.27
CA TYR R 508 72.96 -73.41 -55.20
C TYR R 508 72.06 -74.49 -55.79
N HIS R 509 71.86 -75.55 -55.03
CA HIS R 509 71.14 -76.74 -55.47
C HIS R 509 69.75 -76.72 -54.85
N LEU R 510 68.72 -76.81 -55.68
CA LEU R 510 67.33 -76.76 -55.22
C LEU R 510 66.50 -77.73 -56.05
N ASN R 511 65.96 -78.76 -55.40
CA ASN R 511 65.09 -79.74 -56.04
C ASN R 511 65.77 -80.40 -57.24
N GLY R 512 67.07 -80.69 -57.09
CA GLY R 512 67.81 -81.36 -58.14
C GLY R 512 68.27 -80.48 -59.28
N ARG R 513 68.00 -79.18 -59.20
CA ARG R 513 68.49 -78.27 -60.27
C ARG R 513 69.47 -77.23 -59.73
N ASP R 514 70.56 -77.01 -60.44
CA ASP R 514 71.57 -76.02 -60.09
C ASP R 514 71.18 -74.67 -60.69
N SER R 515 71.15 -73.65 -59.84
CA SER R 515 70.91 -72.28 -60.26
C SER R 515 72.15 -71.45 -59.99
N LEU R 516 72.47 -70.54 -60.92
CA LEU R 516 73.61 -69.66 -60.73
C LEU R 516 73.35 -68.71 -59.56
N VAL R 517 74.36 -68.53 -58.72
CA VAL R 517 74.30 -67.56 -57.63
C VAL R 517 74.77 -66.23 -58.21
N ASN R 518 73.83 -65.33 -58.47
CA ASN R 518 74.11 -64.10 -59.17
C ASN R 518 73.14 -63.01 -58.72
N PRO R 519 73.61 -61.95 -58.05
CA PRO R 519 75.00 -61.69 -57.64
C PRO R 519 75.35 -62.32 -56.30
N GLY R 520 74.38 -62.88 -55.60
CA GLY R 520 74.63 -63.55 -54.34
C GLY R 520 74.80 -62.60 -53.18
N PRO R 521 75.34 -63.12 -52.07
CA PRO R 521 75.55 -62.28 -50.89
C PRO R 521 76.49 -61.12 -51.18
N ALA R 522 76.24 -59.99 -50.52
CA ALA R 522 77.02 -58.79 -50.75
C ALA R 522 78.45 -58.98 -50.27
N MET R 523 79.40 -58.93 -51.20
CA MET R 523 80.81 -59.11 -50.89
C MET R 523 81.63 -58.14 -51.73
N ALA R 524 82.81 -57.80 -51.23
CA ALA R 524 83.69 -56.89 -51.95
C ALA R 524 84.17 -57.52 -53.25
N SER R 525 84.18 -56.72 -54.32
CA SER R 525 84.60 -57.22 -55.62
C SER R 525 86.07 -57.61 -55.62
N HIS R 526 86.91 -56.82 -54.94
CA HIS R 526 88.34 -57.05 -54.95
C HIS R 526 88.97 -56.37 -53.75
N LYS R 527 90.20 -56.75 -53.46
CA LYS R 527 90.96 -56.14 -52.37
C LYS R 527 91.73 -54.93 -52.91
N ASP R 528 92.66 -54.39 -52.11
CA ASP R 528 93.41 -53.23 -52.52
C ASP R 528 94.24 -53.50 -53.77
N ASP R 529 94.23 -52.54 -54.68
CA ASP R 529 95.09 -52.56 -55.88
C ASP R 529 94.83 -53.81 -56.74
N GLU R 530 93.57 -54.22 -56.83
CA GLU R 530 93.19 -55.34 -57.67
C GLU R 530 91.89 -55.03 -58.40
N GLU R 531 91.77 -53.81 -58.92
CA GLU R 531 90.53 -53.35 -59.54
C GLU R 531 90.21 -54.12 -60.82
N LYS R 532 91.19 -54.79 -61.42
CA LYS R 532 90.94 -55.56 -62.63
C LYS R 532 90.21 -56.87 -62.35
N PHE R 533 90.13 -57.29 -61.10
CA PHE R 533 89.51 -58.55 -60.73
C PHE R 533 88.09 -58.33 -60.23
N PHE R 534 87.17 -59.17 -60.68
CA PHE R 534 85.79 -59.14 -60.23
C PHE R 534 85.29 -60.56 -60.08
N PRO R 535 84.33 -60.79 -59.19
CA PRO R 535 83.76 -62.14 -59.06
C PRO R 535 83.02 -62.54 -60.32
N GLN R 536 83.04 -63.85 -60.58
CA GLN R 536 82.50 -64.37 -61.84
C GLN R 536 81.02 -64.06 -61.99
N SER R 537 80.25 -64.24 -60.91
CA SER R 537 78.82 -63.90 -60.92
C SER R 537 78.45 -63.18 -59.63
N GLY R 538 79.35 -62.35 -59.13
CA GLY R 538 79.14 -61.65 -57.87
C GLY R 538 78.88 -60.16 -57.97
N VAL R 539 78.77 -59.61 -59.17
CA VAL R 539 78.50 -58.19 -59.35
C VAL R 539 77.43 -58.03 -60.41
N LEU R 540 76.70 -56.91 -60.34
CA LEU R 540 75.77 -56.56 -61.38
C LEU R 540 76.52 -56.10 -62.62
N ILE R 541 76.08 -56.56 -63.79
CA ILE R 541 76.68 -56.20 -65.07
C ILE R 541 75.59 -55.56 -65.91
N PHE R 542 75.76 -54.29 -66.23
CA PHE R 542 74.83 -53.54 -67.06
C PHE R 542 75.36 -53.45 -68.48
N GLY R 543 74.43 -53.48 -69.44
CA GLY R 543 74.81 -53.36 -70.84
C GLY R 543 74.89 -51.90 -71.27
N LYS R 544 75.89 -51.61 -72.10
CA LYS R 544 75.98 -50.30 -72.71
C LYS R 544 74.89 -50.15 -73.76
N GLN R 545 74.71 -48.92 -74.23
CA GLN R 545 73.68 -48.65 -75.23
C GLN R 545 74.00 -49.40 -76.52
N GLY R 546 72.99 -50.08 -77.06
CA GLY R 546 73.15 -50.84 -78.28
C GLY R 546 73.72 -52.23 -78.11
N SER R 547 73.89 -52.68 -76.86
CA SER R 547 74.52 -54.00 -76.60
C SER R 547 73.54 -55.12 -76.95
N GLU R 548 74.03 -56.20 -77.56
CA GLU R 548 73.19 -57.31 -77.94
C GLU R 548 72.84 -58.16 -76.72
N LYS R 549 72.25 -59.33 -76.97
CA LYS R 549 71.78 -60.17 -75.88
C LYS R 549 72.74 -61.30 -75.54
N THR R 550 73.37 -61.92 -76.54
CA THR R 550 74.15 -63.13 -76.35
C THR R 550 75.61 -62.89 -76.67
N ASN R 551 76.47 -63.23 -75.71
CA ASN R 551 77.92 -63.31 -75.91
C ASN R 551 78.50 -61.99 -76.42
N VAL R 552 78.17 -60.91 -75.74
CA VAL R 552 78.78 -59.62 -76.03
C VAL R 552 80.13 -59.54 -75.34
N ASP R 553 81.04 -58.74 -75.90
CA ASP R 553 82.38 -58.64 -75.36
C ASP R 553 82.36 -57.83 -74.06
N ILE R 554 83.50 -57.83 -73.37
CA ILE R 554 83.59 -57.11 -72.10
C ILE R 554 83.50 -55.60 -72.32
N GLU R 555 83.98 -55.10 -73.46
CA GLU R 555 83.89 -53.68 -73.74
C GLU R 555 82.47 -53.23 -74.03
N LYS R 556 81.54 -54.17 -74.23
CA LYS R 556 80.14 -53.85 -74.46
C LYS R 556 79.33 -53.77 -73.17
N VAL R 557 79.92 -54.12 -72.03
CA VAL R 557 79.22 -54.15 -70.76
C VAL R 557 79.98 -53.30 -69.74
N MET R 558 79.26 -52.86 -68.72
CA MET R 558 79.82 -52.08 -67.63
C MET R 558 79.67 -52.88 -66.34
N ILE R 559 80.80 -53.28 -65.76
CA ILE R 559 80.81 -54.13 -64.58
C ILE R 559 80.89 -53.25 -63.35
N THR R 560 79.96 -53.45 -62.40
CA THR R 560 79.92 -52.64 -61.20
C THR R 560 81.01 -53.08 -60.22
N ASP R 561 81.28 -52.20 -59.26
CA ASP R 561 82.31 -52.49 -58.25
C ASP R 561 81.72 -52.29 -56.86
N GLU R 562 81.94 -53.24 -55.97
CA GLU R 562 81.49 -53.20 -54.59
C GLU R 562 82.67 -53.11 -53.64
N GLU R 563 83.65 -52.26 -53.97
CA GLU R 563 84.84 -52.13 -53.16
C GLU R 563 84.62 -51.26 -51.91
N GLU R 564 83.55 -50.47 -51.88
CA GLU R 564 83.32 -49.60 -50.73
C GLU R 564 82.93 -50.40 -49.49
N ILE R 565 82.56 -51.67 -49.63
CA ILE R 565 82.12 -52.48 -48.50
C ILE R 565 83.19 -53.46 -48.05
N ARG R 566 84.41 -53.35 -48.58
CA ARG R 566 85.48 -54.23 -48.15
C ARG R 566 85.97 -53.92 -46.75
N THR R 567 85.51 -52.82 -46.15
CA THR R 567 85.84 -52.52 -44.76
C THR R 567 85.21 -53.52 -43.80
N THR R 568 83.99 -54.00 -44.11
CA THR R 568 83.29 -54.94 -43.25
C THR R 568 82.95 -56.26 -43.92
N ASN R 569 82.98 -56.34 -45.24
CA ASN R 569 82.58 -57.54 -45.95
C ASN R 569 83.80 -58.24 -46.55
N PRO R 570 83.84 -59.57 -46.50
CA PRO R 570 84.97 -60.29 -47.09
C PRO R 570 85.00 -60.12 -48.60
N VAL R 571 86.21 -60.21 -49.16
CA VAL R 571 86.36 -60.19 -50.61
C VAL R 571 85.70 -61.43 -51.21
N ALA R 572 84.98 -61.23 -52.30
CA ALA R 572 84.15 -62.29 -52.87
C ALA R 572 84.97 -63.48 -53.33
N THR R 573 86.15 -63.22 -53.87
CA THR R 573 86.96 -64.27 -54.49
C THR R 573 87.94 -64.92 -53.52
N GLU R 574 87.94 -64.52 -52.26
CA GLU R 574 88.87 -65.05 -51.28
C GLU R 574 88.09 -65.76 -50.17
N GLN R 575 88.83 -66.50 -49.35
CA GLN R 575 88.23 -67.23 -48.24
C GLN R 575 87.83 -66.25 -47.13
N TYR R 576 86.84 -66.67 -46.34
CA TYR R 576 86.47 -65.89 -45.16
C TYR R 576 87.61 -65.87 -44.15
N GLY R 577 88.26 -67.00 -43.94
CA GLY R 577 89.31 -67.08 -42.94
C GLY R 577 89.81 -68.51 -42.83
N SER R 578 90.36 -68.83 -41.65
CA SER R 578 90.90 -70.14 -41.38
C SER R 578 90.40 -70.64 -40.02
N VAL R 579 90.19 -71.95 -39.94
CA VAL R 579 89.78 -72.60 -38.71
C VAL R 579 90.69 -73.81 -38.49
N SER R 580 90.79 -74.22 -37.23
CA SER R 580 91.55 -75.41 -36.89
C SER R 580 90.79 -76.66 -37.30
N THR R 581 91.53 -77.69 -37.71
CA THR R 581 90.93 -78.94 -38.16
C THR R 581 91.36 -80.16 -37.35
N ASN R 582 92.31 -80.02 -36.42
CA ASN R 582 92.78 -81.14 -35.64
C ASN R 582 93.15 -80.64 -34.23
N LEU R 583 93.79 -81.50 -33.46
CA LEU R 583 94.25 -81.17 -32.12
C LEU R 583 95.76 -81.38 -32.06
N GLN R 584 96.50 -80.28 -31.97
CA GLN R 584 97.95 -80.37 -31.85
C GLN R 584 98.34 -81.00 -30.52
N ARG R 585 99.45 -81.73 -30.57
CA ARG R 585 99.91 -82.47 -29.37
C ARG R 585 101.39 -82.78 -29.52
N GLY R 586 102.14 -82.69 -28.42
CA GLY R 586 103.54 -83.06 -28.42
C GLY R 586 103.75 -84.53 -28.09
N ASN R 587 105.03 -84.91 -28.00
CA ASN R 587 105.38 -86.33 -27.78
C ASN R 587 105.14 -86.72 -26.32
N THR R 594 102.38 -90.02 -31.02
CA THR R 594 103.44 -89.23 -31.69
C THR R 594 103.04 -87.76 -31.66
N SER R 595 103.86 -86.85 -32.21
CA SER R 595 103.38 -85.48 -32.19
C SER R 595 102.53 -85.17 -33.41
N ARG R 596 101.59 -84.25 -33.25
CA ARG R 596 100.73 -83.79 -34.33
C ARG R 596 100.79 -82.27 -34.39
N GLN R 597 101.13 -81.72 -35.56
CA GLN R 597 101.21 -80.28 -35.71
C GLN R 597 99.84 -79.70 -36.03
N ALA R 598 99.63 -78.46 -35.59
CA ALA R 598 98.36 -77.80 -35.80
C ALA R 598 98.08 -77.60 -37.29
N ALA R 599 96.85 -77.87 -37.69
CA ALA R 599 96.44 -77.78 -39.08
C ALA R 599 95.25 -76.83 -39.20
N THR R 600 95.19 -76.13 -40.33
CA THR R 600 94.13 -75.16 -40.60
C THR R 600 93.57 -75.40 -42.00
N ALA R 601 92.33 -74.96 -42.19
CA ALA R 601 91.66 -75.07 -43.47
C ALA R 601 91.00 -73.75 -43.82
N ASP R 602 90.91 -73.47 -45.12
CA ASP R 602 90.22 -72.27 -45.59
C ASP R 602 88.72 -72.45 -45.44
N VAL R 603 88.05 -71.35 -45.10
CA VAL R 603 86.60 -71.34 -44.96
C VAL R 603 86.05 -70.63 -46.19
N ASN R 604 85.73 -71.42 -47.23
CA ASN R 604 85.22 -70.86 -48.46
C ASN R 604 83.75 -70.46 -48.38
N THR R 605 83.01 -70.99 -47.41
CA THR R 605 81.64 -70.60 -47.17
C THR R 605 81.44 -70.43 -45.67
N GLN R 606 80.89 -69.27 -45.28
CA GLN R 606 80.69 -68.95 -43.87
C GLN R 606 79.27 -68.44 -43.68
N GLY R 607 78.52 -69.13 -42.81
CA GLY R 607 77.21 -68.65 -42.43
C GLY R 607 77.30 -67.54 -41.42
N VAL R 608 76.13 -67.02 -41.05
CA VAL R 608 76.07 -65.89 -40.12
C VAL R 608 76.43 -66.38 -38.72
N LEU R 609 77.34 -65.67 -38.07
CA LEU R 609 77.77 -65.92 -36.71
C LEU R 609 77.35 -64.76 -35.81
N PRO R 610 77.14 -65.01 -34.52
CA PRO R 610 76.88 -63.89 -33.60
C PRO R 610 78.04 -62.92 -33.57
N GLY R 611 77.72 -61.62 -33.54
CA GLY R 611 78.72 -60.59 -33.61
C GLY R 611 79.14 -60.19 -35.00
N MET R 612 78.50 -60.74 -36.04
CA MET R 612 78.88 -60.44 -37.44
C MET R 612 78.21 -59.15 -37.91
N VAL R 613 78.94 -58.28 -38.61
CA VAL R 613 78.48 -57.03 -39.17
C VAL R 613 78.82 -57.00 -40.65
N TRP R 614 77.93 -56.44 -41.46
CA TRP R 614 78.12 -56.42 -42.91
C TRP R 614 77.34 -55.26 -43.50
N GLN R 615 77.66 -54.95 -44.75
CA GLN R 615 76.96 -53.94 -45.53
C GLN R 615 76.23 -54.63 -46.68
N ASP R 616 75.06 -54.10 -47.02
CA ASP R 616 74.29 -54.67 -48.13
C ASP R 616 74.86 -54.21 -49.46
N ARG R 617 74.36 -54.80 -50.54
CA ARG R 617 74.80 -54.45 -51.87
C ARG R 617 74.34 -53.03 -52.22
N ASP R 618 75.19 -52.31 -52.95
CA ASP R 618 74.87 -50.94 -53.35
C ASP R 618 73.76 -50.93 -54.40
N VAL R 619 73.03 -49.82 -54.45
CA VAL R 619 72.04 -49.58 -55.49
C VAL R 619 72.64 -48.65 -56.51
N TYR R 620 72.14 -48.74 -57.75
CA TYR R 620 72.67 -47.99 -58.86
C TYR R 620 71.55 -47.27 -59.58
N LEU R 621 71.91 -46.27 -60.38
CA LEU R 621 70.91 -45.52 -61.14
C LEU R 621 70.18 -46.44 -62.11
N GLN R 622 70.89 -47.35 -62.75
CA GLN R 622 70.28 -48.34 -63.63
C GLN R 622 69.78 -49.57 -62.88
N GLY R 623 70.01 -49.65 -61.57
CA GLY R 623 69.67 -50.82 -60.81
C GLY R 623 68.23 -50.86 -60.34
N PRO R 624 67.80 -51.99 -59.82
CA PRO R 624 66.44 -52.11 -59.29
C PRO R 624 66.28 -51.36 -57.97
N ILE R 625 65.03 -51.01 -57.68
CA ILE R 625 64.70 -50.26 -56.48
C ILE R 625 64.27 -51.19 -55.35
N TRP R 626 63.36 -52.13 -55.64
CA TRP R 626 62.77 -52.96 -54.61
C TRP R 626 62.60 -54.38 -55.12
N ALA R 627 62.15 -55.25 -54.22
CA ALA R 627 61.76 -56.61 -54.56
C ALA R 627 60.78 -57.09 -53.50
N LYS R 628 59.95 -58.06 -53.88
CA LYS R 628 58.99 -58.63 -52.95
C LYS R 628 59.64 -59.73 -52.12
N ILE R 629 59.56 -59.59 -50.81
CA ILE R 629 60.06 -60.65 -49.92
C ILE R 629 59.16 -61.88 -50.07
N PRO R 630 59.71 -63.06 -50.36
CA PRO R 630 58.86 -64.25 -50.52
C PRO R 630 58.07 -64.55 -49.27
N HIS R 631 56.84 -65.00 -49.46
CA HIS R 631 55.96 -65.35 -48.34
C HIS R 631 56.39 -66.71 -47.81
N THR R 632 57.30 -66.68 -46.83
CA THR R 632 57.87 -67.88 -46.25
C THR R 632 57.82 -67.77 -44.73
N ASP R 633 57.96 -68.91 -44.06
CA ASP R 633 57.90 -68.94 -42.58
C ASP R 633 59.10 -68.19 -42.02
N GLY R 634 60.28 -68.36 -42.63
CA GLY R 634 61.47 -67.73 -42.12
C GLY R 634 62.30 -67.13 -43.23
N HIS R 635 63.00 -66.05 -42.87
CA HIS R 635 63.96 -65.40 -43.75
C HIS R 635 64.89 -64.57 -42.88
N PHE R 636 66.13 -64.44 -43.32
CA PHE R 636 67.14 -63.69 -42.58
C PHE R 636 67.59 -62.51 -43.42
N HIS R 637 67.49 -61.30 -42.85
CA HIS R 637 67.90 -60.06 -43.50
C HIS R 637 67.33 -59.99 -44.92
N PRO R 638 66.03 -59.75 -45.07
CA PRO R 638 65.38 -59.80 -46.39
C PRO R 638 65.65 -58.57 -47.27
N SER R 639 66.91 -58.18 -47.36
CA SER R 639 67.34 -57.23 -48.37
C SER R 639 67.61 -57.97 -49.68
N PRO R 640 67.06 -57.50 -50.80
CA PRO R 640 67.27 -58.22 -52.07
C PRO R 640 68.75 -58.31 -52.41
N LEU R 641 69.15 -59.48 -52.91
CA LEU R 641 70.56 -59.70 -53.22
C LEU R 641 71.02 -58.89 -54.41
N MET R 642 70.11 -58.58 -55.34
CA MET R 642 70.44 -57.72 -56.47
C MET R 642 70.55 -56.26 -56.09
N GLY R 643 70.17 -55.89 -54.88
CA GLY R 643 70.23 -54.53 -54.40
C GLY R 643 68.86 -53.88 -54.33
N GLY R 644 68.66 -53.11 -53.26
CA GLY R 644 67.40 -52.40 -53.10
C GLY R 644 66.72 -52.60 -51.76
N PHE R 645 65.41 -52.40 -51.73
CA PHE R 645 64.63 -52.45 -50.51
C PHE R 645 63.73 -53.67 -50.53
N GLY R 646 63.83 -54.50 -49.50
CA GLY R 646 62.94 -55.64 -49.36
C GLY R 646 61.59 -55.25 -48.80
N LEU R 647 60.52 -55.55 -49.52
CA LEU R 647 59.17 -55.13 -49.14
C LEU R 647 58.28 -56.36 -49.04
N LYS R 648 57.64 -56.52 -47.87
CA LYS R 648 56.65 -57.58 -47.73
C LYS R 648 55.42 -57.30 -48.59
N HIS R 649 55.05 -56.02 -48.72
CA HIS R 649 53.97 -55.57 -49.59
C HIS R 649 54.55 -54.53 -50.54
N PRO R 650 55.18 -54.95 -51.62
CA PRO R 650 55.79 -54.01 -52.56
C PRO R 650 54.73 -53.28 -53.37
N PRO R 651 55.11 -52.30 -54.17
CA PRO R 651 54.14 -51.66 -55.07
C PRO R 651 53.46 -52.69 -55.93
N PRO R 652 52.13 -52.69 -55.98
CA PRO R 652 51.41 -53.75 -56.68
C PRO R 652 51.65 -53.74 -58.18
N GLN R 653 51.56 -54.91 -58.78
CA GLN R 653 51.64 -55.02 -60.23
C GLN R 653 50.44 -54.35 -60.87
N ILE R 654 50.68 -53.57 -61.92
CA ILE R 654 49.64 -52.86 -62.65
C ILE R 654 49.50 -53.56 -64.00
N LEU R 655 48.37 -54.23 -64.20
CA LEU R 655 48.13 -55.02 -65.40
C LEU R 655 47.21 -54.25 -66.34
N ILE R 656 47.57 -54.20 -67.62
CA ILE R 656 46.83 -53.48 -68.63
C ILE R 656 46.75 -54.34 -69.88
N LYS R 657 45.58 -54.35 -70.51
CA LYS R 657 45.41 -55.06 -71.78
C LYS R 657 44.30 -54.41 -72.58
N ASN R 658 44.33 -54.64 -73.89
CA ASN R 658 43.29 -54.13 -74.77
C ASN R 658 42.10 -55.08 -74.75
N THR R 659 40.91 -54.52 -74.63
CA THR R 659 39.70 -55.35 -74.66
C THR R 659 39.52 -55.92 -76.06
N PRO R 660 39.36 -57.24 -76.20
CA PRO R 660 39.19 -57.81 -77.54
C PRO R 660 37.89 -57.35 -78.18
N VAL R 661 37.98 -56.87 -79.41
CA VAL R 661 36.83 -56.44 -80.18
C VAL R 661 36.59 -57.47 -81.29
N PRO R 662 35.53 -58.26 -81.22
CA PRO R 662 35.30 -59.28 -82.24
C PRO R 662 35.09 -58.66 -83.62
N ALA R 663 35.56 -59.38 -84.63
CA ALA R 663 35.36 -58.98 -86.02
C ALA R 663 33.94 -59.37 -86.44
N ASN R 664 33.66 -59.33 -87.74
CA ASN R 664 32.32 -59.59 -88.23
C ASN R 664 31.90 -61.02 -87.91
N PRO R 665 30.82 -61.22 -87.15
CA PRO R 665 30.37 -62.58 -86.85
C PRO R 665 29.50 -63.16 -87.96
N SER R 666 29.32 -64.47 -87.87
CA SER R 666 28.46 -65.19 -88.84
C SER R 666 27.00 -64.93 -88.49
N THR R 667 26.15 -64.82 -89.50
CA THR R 667 24.72 -64.62 -89.27
C THR R 667 24.05 -65.85 -88.68
N THR R 668 24.70 -67.00 -88.72
CA THR R 668 24.21 -68.22 -88.09
C THR R 668 24.95 -68.43 -86.78
N PHE R 669 24.23 -68.87 -85.76
CA PHE R 669 24.84 -69.05 -84.45
C PHE R 669 25.88 -70.16 -84.49
N SER R 670 27.02 -69.92 -83.85
CA SER R 670 28.08 -70.90 -83.70
C SER R 670 28.55 -70.90 -82.26
N ALA R 671 28.59 -72.08 -81.64
CA ALA R 671 29.02 -72.20 -80.26
C ALA R 671 30.53 -72.13 -80.09
N ALA R 672 31.28 -72.17 -81.18
CA ALA R 672 32.73 -72.04 -81.10
C ALA R 672 33.11 -70.65 -80.62
N LYS R 673 34.11 -70.59 -79.76
CA LYS R 673 34.57 -69.30 -79.26
C LYS R 673 35.15 -68.46 -80.39
N PHE R 674 35.04 -67.14 -80.22
CA PHE R 674 35.50 -66.21 -81.28
C PHE R 674 37.00 -66.32 -81.49
N ALA R 675 37.42 -66.44 -82.75
CA ALA R 675 38.83 -66.50 -83.10
C ALA R 675 39.26 -65.36 -84.01
N SER R 676 38.33 -64.55 -84.52
CA SER R 676 38.64 -63.43 -85.40
C SER R 676 38.33 -62.14 -84.65
N PHE R 677 39.32 -61.24 -84.61
CA PHE R 677 39.19 -59.99 -83.90
C PHE R 677 39.74 -58.85 -84.76
N ILE R 678 39.32 -57.64 -84.44
CA ILE R 678 39.85 -56.45 -85.09
C ILE R 678 41.23 -56.16 -84.51
N THR R 679 42.23 -56.06 -85.38
CA THR R 679 43.58 -55.78 -84.93
C THR R 679 43.64 -54.36 -84.37
N GLN R 680 44.19 -54.23 -83.16
CA GLN R 680 44.24 -52.92 -82.54
C GLN R 680 45.31 -52.91 -81.46
N TYR R 681 45.78 -51.69 -81.17
CA TYR R 681 46.72 -51.44 -80.09
C TYR R 681 46.29 -50.18 -79.37
N SER R 682 46.98 -49.84 -78.30
CA SER R 682 46.67 -48.64 -77.55
C SER R 682 47.94 -47.88 -77.24
N THR R 683 47.80 -46.56 -77.07
CA THR R 683 48.90 -45.69 -76.68
C THR R 683 48.37 -44.70 -75.67
N GLY R 684 49.27 -44.17 -74.85
CA GLY R 684 48.86 -43.25 -73.82
C GLY R 684 50.05 -42.75 -73.03
N GLN R 685 49.75 -42.09 -71.92
CA GLN R 685 50.76 -41.55 -71.04
C GLN R 685 50.66 -42.18 -69.66
N VAL R 686 51.79 -42.37 -69.02
CA VAL R 686 51.88 -42.96 -67.69
C VAL R 686 52.69 -42.02 -66.80
N SER R 687 52.21 -41.80 -65.59
CA SER R 687 52.87 -40.93 -64.62
C SER R 687 53.16 -41.70 -63.34
N VAL R 688 54.39 -41.59 -62.85
CA VAL R 688 54.81 -42.19 -61.60
C VAL R 688 55.43 -41.10 -60.74
N GLU R 689 54.89 -40.89 -59.56
CA GLU R 689 55.43 -39.91 -58.61
C GLU R 689 55.76 -40.62 -57.31
N ILE R 690 57.03 -40.56 -56.89
CA ILE R 690 57.48 -41.21 -55.68
C ILE R 690 58.08 -40.17 -54.75
N GLU R 691 57.66 -40.20 -53.49
CA GLU R 691 58.25 -39.38 -52.44
C GLU R 691 59.31 -40.20 -51.72
N TRP R 692 60.51 -39.63 -51.60
CA TRP R 692 61.63 -40.29 -50.95
C TRP R 692 62.03 -39.50 -49.70
N GLU R 693 62.38 -40.21 -48.65
CA GLU R 693 62.88 -39.59 -47.43
C GLU R 693 64.41 -39.64 -47.42
N LEU R 694 65.02 -38.54 -47.01
CA LEU R 694 66.47 -38.40 -47.02
C LEU R 694 67.03 -38.44 -45.61
N GLN R 695 68.19 -39.03 -45.47
CA GLN R 695 68.95 -39.06 -44.23
C GLN R 695 70.15 -38.13 -44.44
N LYS R 696 70.05 -36.92 -43.89
CA LYS R 696 71.06 -35.90 -44.16
C LYS R 696 72.40 -36.27 -43.53
N GLU R 697 73.48 -36.01 -44.27
CA GLU R 697 74.82 -36.27 -43.78
C GLU R 697 75.16 -35.32 -42.64
N ASN R 698 75.76 -35.85 -41.58
CA ASN R 698 76.12 -35.09 -40.38
C ASN R 698 77.57 -35.39 -40.01
N SER R 699 78.45 -35.37 -40.99
CA SER R 699 79.84 -35.74 -40.77
C SER R 699 80.62 -34.61 -40.12
N LYS R 700 81.71 -34.96 -39.43
CA LYS R 700 82.60 -33.95 -38.79
C LYS R 700 84.03 -34.15 -39.30
N ARG R 701 84.22 -34.81 -40.44
CA ARG R 701 85.56 -34.92 -41.00
C ARG R 701 86.05 -33.56 -41.49
N TRP R 702 87.37 -33.40 -41.48
CA TRP R 702 87.98 -32.12 -41.81
C TRP R 702 88.28 -31.98 -43.29
N ASN R 703 88.96 -32.96 -43.86
CA ASN R 703 89.37 -32.89 -45.26
C ASN R 703 88.18 -33.20 -46.18
N PRO R 704 88.19 -32.73 -47.45
CA PRO R 704 87.06 -32.94 -48.36
C PRO R 704 86.76 -34.43 -48.63
N GLU R 705 85.56 -34.74 -49.11
CA GLU R 705 85.13 -36.15 -49.33
C GLU R 705 85.18 -36.51 -50.81
N ILE R 706 85.04 -37.79 -51.15
CA ILE R 706 84.89 -38.12 -52.60
C ILE R 706 83.47 -37.80 -53.06
N GLN R 707 83.32 -37.09 -54.17
CA GLN R 707 82.00 -36.81 -54.72
C GLN R 707 81.97 -37.25 -56.18
N TYR R 708 80.79 -37.68 -56.63
CA TYR R 708 80.62 -37.95 -58.05
C TYR R 708 80.62 -36.64 -58.83
N THR R 709 81.31 -36.64 -59.96
CA THR R 709 81.46 -35.42 -60.75
C THR R 709 81.57 -35.78 -62.22
N SER R 710 81.24 -34.80 -63.05
CA SER R 710 81.44 -34.99 -64.51
C SER R 710 82.90 -34.67 -64.82
N ASN R 711 83.44 -35.15 -65.94
CA ASN R 711 84.87 -34.88 -66.20
C ASN R 711 84.94 -33.58 -67.00
N TYR R 712 85.81 -32.66 -66.60
CA TYR R 712 85.86 -31.33 -67.25
C TYR R 712 86.45 -31.42 -68.66
N ASN R 713 87.35 -32.37 -68.91
CA ASN R 713 88.00 -32.37 -70.21
C ASN R 713 86.99 -32.47 -71.35
N LYS R 714 87.37 -31.89 -72.48
CA LYS R 714 86.49 -31.88 -73.67
C LYS R 714 86.25 -33.29 -74.18
N SER R 715 85.11 -33.48 -74.81
CA SER R 715 84.76 -34.77 -75.36
C SER R 715 83.83 -34.57 -76.54
N ILE R 716 83.75 -35.60 -77.39
CA ILE R 716 82.84 -35.54 -78.54
C ILE R 716 81.39 -35.47 -78.07
N ASN R 717 81.04 -36.27 -77.06
CA ASN R 717 79.69 -36.33 -76.52
C ASN R 717 79.71 -36.01 -75.03
N VAL R 718 78.65 -35.37 -74.57
CA VAL R 718 78.46 -35.13 -73.14
C VAL R 718 77.85 -36.38 -72.51
N ASP R 719 78.27 -36.69 -71.29
CA ASP R 719 77.77 -37.87 -70.61
C ASP R 719 76.30 -37.71 -70.26
N PHE R 720 75.55 -38.81 -70.35
CA PHE R 720 74.12 -38.85 -70.00
C PHE R 720 73.31 -37.86 -70.83
N THR R 721 73.65 -37.75 -72.11
CA THR R 721 72.90 -36.95 -73.07
C THR R 721 72.64 -37.79 -74.31
N VAL R 722 72.10 -37.16 -75.34
CA VAL R 722 71.85 -37.82 -76.61
C VAL R 722 73.00 -37.51 -77.55
N ASP R 723 73.23 -38.42 -78.50
CA ASP R 723 74.27 -38.21 -79.51
C ASP R 723 73.65 -37.55 -80.75
N THR R 724 74.39 -37.54 -81.84
CA THR R 724 73.92 -36.90 -83.09
C THR R 724 72.72 -37.70 -83.64
N ASN R 725 72.53 -38.93 -83.17
CA ASN R 725 71.35 -39.74 -83.59
C ASN R 725 70.22 -39.55 -82.58
N GLY R 726 70.44 -38.71 -81.56
CA GLY R 726 69.40 -38.49 -80.53
C GLY R 726 69.23 -39.72 -79.66
N VAL R 727 70.22 -40.60 -79.63
CA VAL R 727 70.13 -41.86 -78.84
C VAL R 727 70.66 -41.58 -77.43
N TYR R 728 69.81 -41.76 -76.41
CA TYR R 728 70.25 -41.54 -75.03
C TYR R 728 71.06 -42.73 -74.54
N SER R 729 72.16 -42.44 -73.86
CA SER R 729 73.02 -43.49 -73.34
C SER R 729 73.44 -43.13 -71.92
N GLU R 730 73.73 -44.17 -71.13
CA GLU R 730 74.25 -44.01 -69.78
C GLU R 730 75.68 -44.54 -69.76
N PRO R 731 76.69 -43.67 -69.77
CA PRO R 731 78.06 -44.14 -70.00
C PRO R 731 78.60 -45.09 -68.94
N ARG R 732 78.21 -44.94 -67.68
CA ARG R 732 78.77 -45.78 -66.62
C ARG R 732 77.71 -45.96 -65.55
N PRO R 733 77.82 -47.03 -64.74
CA PRO R 733 76.95 -47.15 -63.58
C PRO R 733 77.40 -46.22 -62.47
N ILE R 734 76.43 -45.57 -61.83
CA ILE R 734 76.69 -44.70 -60.70
C ILE R 734 76.07 -45.32 -59.46
N GLY R 735 76.90 -45.57 -58.45
CA GLY R 735 76.43 -46.05 -57.17
C GLY R 735 75.94 -44.90 -56.31
N THR R 736 75.90 -45.15 -55.00
CA THR R 736 75.50 -44.12 -54.05
C THR R 736 76.51 -43.87 -52.96
N ARG R 737 77.59 -44.64 -52.88
CA ARG R 737 78.47 -44.64 -51.71
C ARG R 737 79.68 -43.76 -52.00
N TYR R 738 79.51 -42.46 -51.79
CA TYR R 738 80.57 -41.48 -51.96
C TYR R 738 80.92 -40.75 -50.67
N LEU R 739 79.92 -40.37 -49.88
CA LEU R 739 80.21 -39.82 -48.56
C LEU R 739 80.71 -40.92 -47.63
N THR R 740 81.33 -40.51 -46.54
CA THR R 740 81.93 -41.45 -45.59
C THR R 740 81.35 -41.24 -44.21
N ARG R 741 81.27 -42.36 -43.47
CA ARG R 741 80.82 -42.32 -42.06
C ARG R 741 81.73 -43.28 -41.29
N ASN R 742 82.01 -43.01 -40.01
CA ASN R 742 82.79 -43.91 -39.17
C ASN R 742 82.00 -45.17 -38.85
N LEU R 743 82.73 -46.26 -38.61
CA LEU R 743 82.10 -47.52 -38.21
C LEU R 743 81.44 -47.41 -36.84
N ALA S 218 -49.83 -63.86 -31.38
CA ALA S 218 -48.40 -63.50 -31.44
C ALA S 218 -47.93 -63.53 -32.89
N ASP S 219 -48.39 -64.53 -33.64
CA ASP S 219 -47.89 -64.72 -35.02
C ASP S 219 -49.09 -64.88 -35.95
N GLY S 220 -50.29 -64.60 -35.45
CA GLY S 220 -51.47 -64.63 -36.35
C GLY S 220 -51.45 -65.84 -37.27
N VAL S 221 -51.86 -65.66 -38.52
CA VAL S 221 -51.96 -66.80 -39.46
C VAL S 221 -50.87 -66.60 -40.51
N GLY S 222 -49.93 -67.51 -40.59
CA GLY S 222 -48.87 -67.47 -41.56
C GLY S 222 -47.50 -67.16 -41.01
N ASN S 223 -47.39 -66.89 -39.72
CA ASN S 223 -46.09 -66.64 -39.08
C ASN S 223 -45.82 -67.77 -38.10
N SER S 224 -44.67 -68.42 -38.24
CA SER S 224 -44.31 -69.53 -37.37
C SER S 224 -43.98 -69.01 -35.97
N SER S 225 -44.45 -69.74 -34.97
CA SER S 225 -44.24 -69.37 -33.57
C SER S 225 -43.13 -70.20 -32.91
N GLY S 226 -42.38 -70.97 -33.68
CA GLY S 226 -41.29 -71.75 -33.11
C GLY S 226 -40.52 -72.44 -34.21
N ASN S 227 -39.42 -73.06 -33.81
CA ASN S 227 -38.53 -73.78 -34.71
C ASN S 227 -38.31 -75.19 -34.19
N TRP S 228 -37.80 -76.05 -35.06
CA TRP S 228 -37.50 -77.44 -34.71
C TRP S 228 -36.13 -77.51 -34.08
N HIS S 229 -36.09 -77.86 -32.80
CA HIS S 229 -34.81 -77.98 -32.05
C HIS S 229 -34.73 -79.41 -31.51
N CYS S 230 -34.08 -80.30 -32.23
CA CYS S 230 -33.88 -81.69 -31.75
C CYS S 230 -32.37 -81.97 -31.83
N ASP S 231 -31.69 -82.02 -30.69
CA ASP S 231 -30.21 -82.19 -30.71
C ASP S 231 -29.66 -82.37 -29.30
N SER S 232 -28.36 -82.64 -29.16
CA SER S 232 -27.79 -82.68 -27.83
C SER S 232 -26.41 -82.04 -27.84
N THR S 233 -26.09 -81.31 -26.77
CA THR S 233 -24.81 -80.63 -26.62
C THR S 233 -24.12 -81.16 -25.37
N TRP S 234 -22.90 -81.64 -25.53
CA TRP S 234 -22.09 -82.11 -24.41
C TRP S 234 -21.05 -81.05 -24.09
N MET S 235 -21.12 -80.51 -22.87
CA MET S 235 -20.16 -79.44 -22.46
C MET S 235 -19.63 -79.79 -21.06
N GLY S 236 -18.48 -80.45 -21.00
CA GLY S 236 -17.87 -80.78 -19.72
C GLY S 236 -18.73 -81.75 -18.94
N ASP S 237 -19.14 -81.33 -17.74
CA ASP S 237 -19.95 -82.15 -16.85
C ASP S 237 -21.44 -81.95 -17.07
N ARG S 238 -21.85 -81.49 -18.25
CA ARG S 238 -23.26 -81.30 -18.57
C ARG S 238 -23.55 -81.85 -19.95
N VAL S 239 -24.77 -82.35 -20.13
CA VAL S 239 -25.30 -82.69 -21.44
C VAL S 239 -26.73 -82.16 -21.51
N THR S 240 -27.02 -81.36 -22.52
CA THR S 240 -28.34 -80.79 -22.73
C THR S 240 -28.98 -81.47 -23.92
N THR S 241 -30.07 -82.20 -23.69
CA THR S 241 -30.80 -82.90 -24.73
C THR S 241 -32.08 -82.14 -25.04
N THR S 242 -32.31 -81.88 -26.32
CA THR S 242 -33.52 -81.21 -26.79
C THR S 242 -34.24 -82.10 -27.79
N SER S 243 -35.56 -82.17 -27.68
CA SER S 243 -36.36 -83.02 -28.55
C SER S 243 -37.58 -82.25 -29.03
N THR S 244 -37.94 -82.45 -30.29
CA THR S 244 -39.15 -81.88 -30.86
C THR S 244 -39.96 -82.99 -31.51
N ARG S 245 -41.28 -82.97 -31.29
CA ARG S 245 -42.18 -83.96 -31.84
C ARG S 245 -43.42 -83.26 -32.36
N THR S 246 -44.13 -83.94 -33.26
CA THR S 246 -45.42 -83.48 -33.76
C THR S 246 -46.52 -84.28 -33.08
N TRP S 247 -47.45 -83.58 -32.45
CA TRP S 247 -48.52 -84.21 -31.68
C TRP S 247 -49.88 -83.94 -32.32
N ALA S 248 -50.81 -84.84 -32.05
CA ALA S 248 -52.20 -84.70 -32.46
C ALA S 248 -53.10 -84.85 -31.25
N LEU S 249 -53.98 -83.89 -31.04
CA LEU S 249 -54.87 -83.90 -29.87
C LEU S 249 -56.32 -83.93 -30.34
N PRO S 250 -57.03 -85.02 -30.13
CA PRO S 250 -58.45 -85.09 -30.49
C PRO S 250 -59.31 -84.45 -29.40
N THR S 251 -60.62 -84.52 -29.61
CA THR S 251 -61.59 -84.13 -28.59
C THR S 251 -61.94 -85.36 -27.77
N TYR S 252 -61.73 -85.27 -26.46
CA TYR S 252 -61.91 -86.40 -25.57
C TYR S 252 -63.23 -86.30 -24.82
N ASN S 253 -63.96 -87.42 -24.75
CA ASN S 253 -65.22 -87.53 -24.03
C ASN S 253 -66.29 -86.59 -24.56
N ASN S 254 -66.10 -86.04 -25.76
CA ASN S 254 -67.01 -85.06 -26.33
C ASN S 254 -67.18 -83.87 -25.38
N HIS S 255 -66.04 -83.34 -24.91
CA HIS S 255 -65.97 -82.17 -24.03
C HIS S 255 -66.64 -82.39 -22.68
N LEU S 256 -66.70 -83.63 -22.20
CA LEU S 256 -67.44 -83.95 -20.98
C LEU S 256 -66.54 -84.57 -19.94
N TYR S 257 -66.96 -84.46 -18.68
CA TYR S 257 -66.28 -85.19 -17.59
C TYR S 257 -67.23 -86.35 -17.29
N LYS S 258 -66.75 -87.57 -17.27
CA LYS S 258 -67.54 -88.77 -17.06
C LYS S 258 -67.00 -89.52 -15.85
N GLN S 259 -67.90 -89.86 -14.92
CA GLN S 259 -67.53 -90.71 -13.80
C GLN S 259 -67.29 -92.12 -14.31
N ILE S 260 -66.15 -92.70 -13.92
CA ILE S 260 -65.79 -94.05 -14.33
C ILE S 260 -65.57 -94.90 -13.08
N SER S 261 -65.77 -96.19 -13.23
CA SER S 261 -65.61 -97.12 -12.13
C SER S 261 -65.39 -98.51 -12.70
N SER S 262 -64.95 -99.42 -11.84
CA SER S 262 -64.74 -100.80 -12.25
C SER S 262 -66.05 -101.45 -12.64
N GLN S 263 -65.95 -102.41 -13.55
CA GLN S 263 -67.17 -103.08 -14.05
C GLN S 263 -67.75 -103.94 -12.94
N SER S 264 -69.08 -104.08 -12.94
CA SER S 264 -69.70 -104.99 -11.97
C SER S 264 -69.22 -106.41 -12.27
N GLY S 265 -69.00 -107.20 -11.22
CA GLY S 265 -68.49 -108.54 -11.34
C GLY S 265 -66.98 -108.66 -11.27
N ALA S 266 -66.26 -107.54 -11.24
CA ALA S 266 -64.82 -107.57 -11.11
C ALA S 266 -64.43 -108.02 -9.71
N SER S 267 -63.22 -108.55 -9.59
CA SER S 267 -62.71 -108.95 -8.29
C SER S 267 -62.46 -107.73 -7.42
N ASN S 268 -62.36 -107.97 -6.11
CA ASN S 268 -62.14 -106.87 -5.17
C ASN S 268 -60.80 -106.18 -5.43
N ASP S 269 -59.79 -106.93 -5.85
CA ASP S 269 -58.48 -106.34 -6.12
C ASP S 269 -58.53 -105.39 -7.32
N ASN S 270 -59.47 -105.60 -8.23
CA ASN S 270 -59.58 -104.81 -9.45
C ASN S 270 -60.62 -103.71 -9.36
N HIS S 271 -61.25 -103.52 -8.20
CA HIS S 271 -62.25 -102.48 -8.06
C HIS S 271 -61.60 -101.11 -8.00
N TYR S 272 -62.24 -100.12 -8.65
CA TYR S 272 -61.73 -98.77 -8.64
C TYR S 272 -62.86 -97.80 -8.92
N PHE S 273 -62.61 -96.53 -8.59
CA PHE S 273 -63.53 -95.43 -8.87
C PHE S 273 -62.71 -94.20 -9.23
N GLY S 274 -63.17 -93.45 -10.20
CA GLY S 274 -62.44 -92.28 -10.63
C GLY S 274 -63.24 -91.47 -11.63
N TYR S 275 -62.55 -90.54 -12.27
CA TYR S 275 -63.18 -89.66 -13.25
C TYR S 275 -62.32 -89.57 -14.49
N SER S 276 -62.98 -89.48 -15.64
CA SER S 276 -62.33 -89.27 -16.93
C SER S 276 -62.55 -87.84 -17.37
N THR S 277 -61.47 -87.16 -17.72
CA THR S 277 -61.55 -85.76 -18.09
C THR S 277 -61.41 -85.58 -19.61
N PRO S 278 -61.96 -84.50 -20.17
CA PRO S 278 -61.78 -84.23 -21.60
C PRO S 278 -60.40 -83.69 -21.96
N TRP S 279 -59.49 -83.59 -20.99
CA TRP S 279 -58.17 -83.05 -21.23
C TRP S 279 -57.18 -84.15 -21.62
N GLY S 280 -56.11 -83.73 -22.28
CA GLY S 280 -54.96 -84.57 -22.50
C GLY S 280 -53.76 -84.04 -21.73
N TYR S 281 -52.69 -84.82 -21.74
CA TYR S 281 -51.47 -84.43 -21.05
C TYR S 281 -50.25 -84.84 -21.85
N PHE S 282 -49.20 -84.04 -21.73
CA PHE S 282 -47.94 -84.30 -22.41
C PHE S 282 -46.99 -85.06 -21.49
N ASP S 283 -46.59 -86.25 -21.91
CA ASP S 283 -45.73 -87.11 -21.12
C ASP S 283 -44.39 -87.26 -21.83
N PHE S 284 -43.31 -86.95 -21.12
CA PHE S 284 -41.96 -87.24 -21.59
C PHE S 284 -41.13 -87.89 -20.49
N ASN S 285 -41.77 -88.73 -19.68
CA ASN S 285 -41.11 -89.40 -18.56
C ASN S 285 -40.50 -90.74 -18.98
N ARG S 286 -39.73 -90.73 -20.07
CA ARG S 286 -38.98 -91.88 -20.52
C ARG S 286 -37.68 -91.38 -21.14
N PHE S 287 -36.59 -92.10 -20.94
CA PHE S 287 -35.26 -91.59 -21.39
C PHE S 287 -35.17 -91.51 -22.92
N HIS S 288 -35.88 -92.40 -23.63
CA HIS S 288 -35.81 -92.43 -25.12
C HIS S 288 -36.42 -91.14 -25.71
N CYS S 289 -37.20 -90.40 -24.91
CA CYS S 289 -37.84 -89.13 -25.37
C CYS S 289 -36.79 -88.02 -25.47
N HIS S 290 -35.63 -88.20 -24.85
CA HIS S 290 -34.60 -87.17 -24.85
C HIS S 290 -33.24 -87.65 -25.35
N PHE S 291 -32.91 -88.92 -25.16
CA PHE S 291 -31.61 -89.47 -25.53
C PHE S 291 -31.76 -90.36 -26.76
N SER S 292 -30.94 -90.11 -27.78
CA SER S 292 -30.79 -91.05 -28.86
C SER S 292 -29.98 -92.24 -28.39
N PRO S 293 -30.06 -93.38 -29.08
CA PRO S 293 -29.23 -94.53 -28.68
C PRO S 293 -27.73 -94.23 -28.66
N ARG S 294 -27.24 -93.42 -29.60
CA ARG S 294 -25.85 -92.99 -29.55
C ARG S 294 -25.60 -92.10 -28.33
N ASP S 295 -26.55 -91.22 -28.01
CA ASP S 295 -26.44 -90.41 -26.81
C ASP S 295 -26.41 -91.27 -25.55
N TRP S 296 -27.26 -92.30 -25.51
CA TRP S 296 -27.25 -93.21 -24.37
C TRP S 296 -25.92 -93.95 -24.25
N GLN S 297 -25.37 -94.41 -25.38
CA GLN S 297 -24.09 -95.10 -25.34
C GLN S 297 -22.98 -94.17 -24.89
N ARG S 298 -23.01 -92.92 -25.34
CA ARG S 298 -22.04 -91.93 -24.88
C ARG S 298 -22.19 -91.65 -23.39
N LEU S 299 -23.42 -91.66 -22.87
CA LEU S 299 -23.65 -91.39 -21.46
C LEU S 299 -23.16 -92.55 -20.59
N ILE S 300 -23.53 -93.78 -20.96
CA ILE S 300 -23.32 -94.91 -20.06
C ILE S 300 -21.91 -95.49 -20.13
N ASN S 301 -21.18 -95.24 -21.20
CA ASN S 301 -19.83 -95.77 -21.35
C ASN S 301 -18.76 -94.88 -20.75
N ASN S 302 -19.11 -93.68 -20.30
CA ASN S 302 -18.12 -92.70 -19.88
C ASN S 302 -18.41 -92.04 -18.54
N ASN S 303 -19.59 -92.22 -17.96
CA ASN S 303 -19.99 -91.52 -16.76
C ASN S 303 -20.34 -92.50 -15.65
N TRP S 304 -19.96 -92.14 -14.43
CA TRP S 304 -20.32 -92.91 -13.25
C TRP S 304 -21.67 -92.51 -12.67
N GLY S 305 -22.29 -91.45 -13.19
CA GLY S 305 -23.59 -91.04 -12.70
C GLY S 305 -24.12 -89.87 -13.49
N PHE S 306 -25.42 -89.64 -13.34
CA PHE S 306 -26.08 -88.51 -13.98
C PHE S 306 -27.38 -88.21 -13.24
N ARG S 307 -27.85 -86.97 -13.40
CA ARG S 307 -29.09 -86.54 -12.78
C ARG S 307 -29.62 -85.33 -13.55
N PRO S 308 -30.94 -85.16 -13.62
CA PRO S 308 -31.49 -83.98 -14.28
C PRO S 308 -31.33 -82.73 -13.43
N LYS S 309 -31.18 -81.59 -14.12
CA LYS S 309 -30.95 -80.30 -13.48
C LYS S 309 -32.08 -79.32 -13.71
N ARG S 310 -32.47 -79.10 -14.98
CA ARG S 310 -33.55 -78.19 -15.30
C ARG S 310 -34.12 -78.59 -16.65
N LEU S 311 -35.34 -78.15 -16.92
CA LEU S 311 -35.98 -78.44 -18.20
C LEU S 311 -36.70 -77.20 -18.72
N ASN S 312 -36.89 -77.19 -20.05
CA ASN S 312 -37.64 -76.10 -20.73
C ASN S 312 -38.65 -76.79 -21.65
N PHE S 313 -39.88 -76.31 -21.69
CA PHE S 313 -40.98 -76.91 -22.44
C PHE S 313 -41.60 -75.85 -23.34
N LYS S 314 -41.95 -76.27 -24.56
CA LYS S 314 -42.60 -75.32 -25.48
C LYS S 314 -43.64 -75.98 -26.39
N LEU S 315 -44.80 -75.33 -26.55
CA LEU S 315 -45.80 -75.72 -27.53
C LEU S 315 -45.93 -74.60 -28.54
N PHE S 316 -45.92 -74.94 -29.83
CA PHE S 316 -45.88 -73.92 -30.87
C PHE S 316 -46.45 -74.51 -32.16
N ASN S 317 -46.64 -73.64 -33.14
CA ASN S 317 -47.18 -74.00 -34.45
C ASN S 317 -48.50 -74.76 -34.30
N ILE S 318 -49.38 -74.22 -33.47
CA ILE S 318 -50.63 -74.88 -33.14
C ILE S 318 -51.65 -74.65 -34.25
N GLN S 319 -52.20 -75.72 -34.78
CA GLN S 319 -53.21 -75.68 -35.82
C GLN S 319 -54.46 -76.41 -35.33
N VAL S 320 -55.60 -75.74 -35.41
CA VAL S 320 -56.88 -76.35 -35.08
C VAL S 320 -57.59 -76.69 -36.38
N LYS S 321 -57.92 -77.95 -36.56
CA LYS S 321 -58.56 -78.45 -37.77
C LYS S 321 -60.00 -78.83 -37.46
N GLU S 322 -60.93 -78.33 -38.27
CA GLU S 322 -62.33 -78.68 -38.16
C GLU S 322 -62.66 -79.84 -39.11
N VAL S 323 -63.29 -80.88 -38.58
CA VAL S 323 -63.63 -82.08 -39.34
C VAL S 323 -65.13 -82.11 -39.54
N THR S 324 -65.56 -82.29 -40.78
CA THR S 324 -66.96 -82.43 -41.12
C THR S 324 -67.16 -83.70 -41.93
N GLN S 325 -68.36 -84.26 -41.86
CA GLN S 325 -68.69 -85.50 -42.56
C GLN S 325 -70.08 -85.35 -43.18
N ASN S 326 -70.11 -85.19 -44.50
CA ASN S 326 -71.37 -84.99 -45.23
C ASN S 326 -71.47 -86.04 -46.32
N ASP S 327 -72.54 -86.84 -46.26
CA ASP S 327 -72.81 -87.88 -47.26
C ASP S 327 -71.63 -88.85 -47.41
N GLY S 328 -71.02 -89.21 -46.28
CA GLY S 328 -69.94 -90.17 -46.29
C GLY S 328 -68.58 -89.63 -46.67
N THR S 329 -68.43 -88.32 -46.77
CA THR S 329 -67.17 -87.70 -47.15
C THR S 329 -66.57 -86.97 -45.95
N THR S 330 -65.30 -87.24 -45.67
CA THR S 330 -64.59 -86.58 -44.57
C THR S 330 -63.80 -85.41 -45.13
N THR S 331 -64.16 -84.20 -44.72
CA THR S 331 -63.52 -82.98 -45.16
C THR S 331 -62.88 -82.29 -43.97
N ILE S 332 -61.60 -81.93 -44.10
CA ILE S 332 -60.84 -81.28 -43.04
C ILE S 332 -60.43 -79.90 -43.52
N ALA S 333 -60.74 -78.89 -42.73
CA ALA S 333 -60.41 -77.51 -43.05
C ALA S 333 -59.85 -76.82 -41.83
N ASN S 334 -59.07 -75.76 -42.06
CA ASN S 334 -58.49 -75.01 -40.97
C ASN S 334 -59.54 -74.23 -40.21
N ASN S 335 -59.30 -74.07 -38.91
CA ASN S 335 -60.11 -73.22 -38.04
C ASN S 335 -59.14 -72.24 -37.37
N LEU S 336 -58.99 -71.05 -37.97
CA LEU S 336 -57.99 -70.10 -37.50
C LEU S 336 -58.40 -69.34 -36.25
N THR S 337 -59.66 -69.44 -35.83
CA THR S 337 -60.15 -68.71 -34.66
C THR S 337 -60.33 -69.59 -33.44
N SER S 338 -60.19 -70.91 -33.56
CA SER S 338 -60.32 -71.79 -32.41
C SER S 338 -59.04 -71.77 -31.58
N THR S 339 -59.19 -72.11 -30.30
CA THR S 339 -58.10 -72.09 -29.34
C THR S 339 -57.88 -73.49 -28.74
N VAL S 340 -56.74 -73.63 -28.08
CA VAL S 340 -56.45 -74.78 -27.24
C VAL S 340 -56.02 -74.26 -25.88
N GLN S 341 -56.54 -74.88 -24.83
CA GLN S 341 -56.24 -74.47 -23.45
C GLN S 341 -55.09 -75.29 -22.90
N VAL S 342 -54.06 -74.61 -22.42
CA VAL S 342 -52.87 -75.27 -21.88
C VAL S 342 -52.57 -74.66 -20.52
N PHE S 343 -52.33 -75.52 -19.53
CA PHE S 343 -51.85 -75.06 -18.23
C PHE S 343 -51.01 -76.15 -17.60
N THR S 344 -50.07 -75.73 -16.75
CA THR S 344 -49.21 -76.64 -16.01
C THR S 344 -49.64 -76.66 -14.55
N ASP S 345 -49.74 -77.87 -14.00
CA ASP S 345 -50.14 -78.05 -12.60
C ASP S 345 -48.92 -77.87 -11.71
N SER S 346 -48.45 -76.63 -11.59
CA SER S 346 -47.20 -76.34 -10.86
C SER S 346 -47.41 -76.37 -9.34
N GLU S 347 -48.66 -76.29 -8.89
CA GLU S 347 -48.93 -76.41 -7.46
C GLU S 347 -49.29 -77.84 -7.05
N TYR S 348 -49.30 -78.77 -8.00
CA TYR S 348 -49.56 -80.20 -7.71
C TYR S 348 -50.89 -80.39 -7.00
N GLN S 349 -51.93 -79.69 -7.47
CA GLN S 349 -53.27 -79.82 -6.92
C GLN S 349 -54.09 -80.89 -7.60
N LEU S 350 -53.60 -81.50 -8.67
CA LEU S 350 -54.27 -82.57 -9.38
C LEU S 350 -53.59 -83.90 -9.11
N PRO S 351 -54.32 -85.01 -9.21
CA PRO S 351 -53.68 -86.32 -9.06
C PRO S 351 -52.59 -86.53 -10.08
N TYR S 352 -51.41 -86.88 -9.62
CA TYR S 352 -50.23 -87.02 -10.46
C TYR S 352 -50.24 -88.40 -11.11
N VAL S 353 -50.64 -88.46 -12.38
CA VAL S 353 -50.71 -89.73 -13.09
C VAL S 353 -49.44 -90.03 -13.88
N LEU S 354 -48.52 -89.07 -14.00
CA LEU S 354 -47.20 -89.38 -14.52
C LEU S 354 -46.43 -90.23 -13.53
N GLY S 355 -45.50 -91.02 -14.05
CA GLY S 355 -44.75 -91.93 -13.22
C GLY S 355 -45.41 -93.26 -12.95
N SER S 356 -46.49 -93.58 -13.65
CA SER S 356 -47.13 -94.89 -13.57
C SER S 356 -46.82 -95.77 -14.77
N ALA S 357 -45.80 -95.42 -15.54
CA ALA S 357 -45.37 -96.19 -16.72
C ALA S 357 -46.49 -96.33 -17.73
N HIS S 358 -47.12 -95.20 -18.07
CA HIS S 358 -48.23 -95.19 -19.00
C HIS S 358 -47.76 -94.90 -20.42
N GLN S 359 -48.50 -95.44 -21.39
CA GLN S 359 -48.22 -95.18 -22.79
C GLN S 359 -48.68 -93.76 -23.17
N GLY S 360 -48.21 -93.30 -24.32
CA GLY S 360 -48.53 -91.97 -24.78
C GLY S 360 -47.42 -90.95 -24.67
N CYS S 361 -46.18 -91.40 -24.43
CA CYS S 361 -45.05 -90.48 -24.29
C CYS S 361 -44.63 -89.94 -25.65
N LEU S 362 -43.61 -89.10 -25.64
CA LEU S 362 -42.99 -88.66 -26.88
C LEU S 362 -42.29 -89.85 -27.53
N PRO S 363 -42.55 -90.14 -28.81
CA PRO S 363 -41.97 -91.33 -29.42
C PRO S 363 -40.45 -91.23 -29.46
N PRO S 364 -39.75 -92.36 -29.32
CA PRO S 364 -38.28 -92.31 -29.34
C PRO S 364 -37.71 -91.78 -30.64
N PHE S 365 -38.34 -92.07 -31.77
CA PHE S 365 -37.86 -91.58 -33.05
C PHE S 365 -38.42 -90.19 -33.33
N PRO S 366 -37.55 -89.20 -33.59
CA PRO S 366 -38.04 -87.82 -33.75
C PRO S 366 -39.00 -87.62 -34.92
N ALA S 367 -39.04 -88.53 -35.88
CA ALA S 367 -39.90 -88.39 -37.04
C ALA S 367 -41.31 -88.93 -36.83
N ASP S 368 -41.59 -89.55 -35.69
CA ASP S 368 -42.89 -90.14 -35.43
C ASP S 368 -43.86 -89.11 -34.87
N VAL S 369 -45.13 -89.22 -35.29
CA VAL S 369 -46.20 -88.36 -34.80
C VAL S 369 -47.04 -89.16 -33.81
N PHE S 370 -47.34 -88.56 -32.67
CA PHE S 370 -47.99 -89.26 -31.58
C PHE S 370 -49.27 -88.55 -31.15
N MET S 371 -50.22 -89.34 -30.66
CA MET S 371 -51.46 -88.82 -30.11
C MET S 371 -51.27 -88.48 -28.63
N VAL S 372 -51.89 -87.39 -28.20
CA VAL S 372 -51.81 -86.94 -26.82
C VAL S 372 -52.73 -87.82 -25.96
N PRO S 373 -52.21 -88.47 -24.92
CA PRO S 373 -53.05 -89.36 -24.12
C PRO S 373 -54.09 -88.60 -23.31
N GLN S 374 -55.22 -89.26 -23.07
CA GLN S 374 -56.30 -88.67 -22.31
C GLN S 374 -55.99 -88.71 -20.82
N TYR S 375 -56.26 -87.59 -20.13
CA TYR S 375 -55.99 -87.50 -18.71
C TYR S 375 -57.16 -88.08 -17.92
N GLY S 376 -56.84 -88.85 -16.89
CA GLY S 376 -57.83 -89.41 -15.99
C GLY S 376 -57.18 -89.79 -14.68
N TYR S 377 -57.99 -89.80 -13.63
CA TYR S 377 -57.47 -90.05 -12.30
C TYR S 377 -58.44 -90.95 -11.54
N LEU S 378 -57.91 -91.61 -10.51
CA LEU S 378 -58.71 -92.43 -9.62
C LEU S 378 -58.72 -91.82 -8.22
N THR S 379 -59.84 -92.03 -7.53
CA THR S 379 -59.99 -91.54 -6.16
C THR S 379 -60.40 -92.72 -5.27
N LEU S 380 -60.75 -92.42 -4.03
CA LEU S 380 -61.12 -93.48 -3.06
C LEU S 380 -62.36 -94.23 -3.54
N ASN S 381 -62.39 -95.53 -3.34
CA ASN S 381 -63.56 -96.35 -3.74
C ASN S 381 -63.87 -97.41 -2.70
N ASN S 382 -65.14 -97.66 -2.43
CA ASN S 382 -65.53 -98.80 -1.57
C ASN S 382 -66.15 -99.77 -2.56
N GLY S 383 -65.34 -100.59 -3.22
CA GLY S 383 -65.88 -101.44 -4.29
C GLY S 383 -65.97 -100.62 -5.56
N SER S 384 -67.06 -100.76 -6.32
CA SER S 384 -67.25 -99.93 -7.50
C SER S 384 -67.84 -98.56 -7.17
N GLN S 385 -68.23 -98.34 -5.93
CA GLN S 385 -68.83 -97.08 -5.50
C GLN S 385 -67.76 -96.16 -4.93
N ALA S 386 -68.20 -94.94 -4.59
CA ALA S 386 -67.34 -93.94 -3.99
C ALA S 386 -67.68 -93.75 -2.52
N VAL S 387 -66.81 -93.03 -1.81
CA VAL S 387 -67.04 -92.68 -0.42
C VAL S 387 -67.08 -91.16 -0.32
N GLY S 388 -67.40 -90.67 0.88
CA GLY S 388 -67.50 -89.24 1.08
C GLY S 388 -66.19 -88.52 0.95
N ARG S 389 -65.07 -89.23 1.16
CA ARG S 389 -63.75 -88.64 1.06
C ARG S 389 -63.24 -88.58 -0.38
N SER S 390 -63.94 -89.20 -1.33
CA SER S 390 -63.51 -89.16 -2.72
C SER S 390 -63.54 -87.72 -3.25
N SER S 391 -62.52 -87.37 -4.02
CA SER S 391 -62.34 -86.01 -4.51
C SER S 391 -62.64 -85.95 -6.00
N PHE S 392 -63.32 -84.88 -6.41
CA PHE S 392 -63.58 -84.59 -7.80
C PHE S 392 -62.85 -83.32 -8.19
N TYR S 393 -62.22 -83.34 -9.37
CA TYR S 393 -61.43 -82.21 -9.85
C TYR S 393 -61.94 -81.79 -11.22
N CYS S 394 -62.27 -80.51 -11.36
CA CYS S 394 -62.59 -79.91 -12.64
C CYS S 394 -61.36 -79.13 -13.10
N LEU S 395 -60.81 -79.52 -14.24
CA LEU S 395 -59.60 -78.89 -14.76
C LEU S 395 -59.85 -77.52 -15.37
N GLU S 396 -61.11 -77.18 -15.64
CA GLU S 396 -61.45 -75.82 -16.06
C GLU S 396 -61.51 -74.85 -14.90
N TYR S 397 -61.33 -75.34 -13.67
CA TYR S 397 -61.31 -74.47 -12.45
C TYR S 397 -59.88 -73.99 -12.21
N PHE S 398 -58.96 -74.33 -13.09
CA PHE S 398 -57.59 -73.85 -13.10
C PHE S 398 -57.41 -72.75 -14.14
N PRO S 399 -56.56 -71.76 -13.86
CA PRO S 399 -56.24 -70.77 -14.90
C PRO S 399 -55.41 -71.42 -16.00
N SER S 400 -55.89 -71.29 -17.23
CA SER S 400 -55.22 -71.87 -18.39
C SER S 400 -55.00 -70.80 -19.44
N GLN S 401 -54.01 -71.03 -20.30
CA GLN S 401 -53.65 -70.12 -21.37
C GLN S 401 -54.30 -70.59 -22.66
N MET S 402 -55.00 -69.68 -23.34
CA MET S 402 -55.71 -69.99 -24.56
C MET S 402 -54.83 -69.60 -25.75
N LEU S 403 -54.64 -70.54 -26.67
CA LEU S 403 -53.70 -70.37 -27.78
C LEU S 403 -54.44 -70.56 -29.10
N ARG S 404 -54.44 -69.52 -29.93
CA ARG S 404 -54.90 -69.62 -31.30
C ARG S 404 -53.73 -70.04 -32.19
N THR S 405 -53.99 -70.16 -33.49
CA THR S 405 -52.87 -70.41 -34.44
C THR S 405 -52.02 -69.15 -34.46
N GLY S 406 -50.76 -69.27 -34.08
CA GLY S 406 -49.86 -68.16 -33.95
C GLY S 406 -49.44 -67.85 -32.53
N ASN S 407 -50.08 -68.47 -31.54
CA ASN S 407 -49.68 -68.34 -30.15
C ASN S 407 -48.85 -69.55 -29.73
N ASN S 408 -47.94 -69.33 -28.79
CA ASN S 408 -47.10 -70.39 -28.27
C ASN S 408 -47.15 -70.39 -26.75
N PHE S 409 -46.81 -71.54 -26.18
CA PHE S 409 -46.77 -71.73 -24.73
C PHE S 409 -45.37 -72.17 -24.34
N THR S 410 -44.92 -71.73 -23.18
CA THR S 410 -43.61 -72.13 -22.68
C THR S 410 -43.59 -72.03 -21.16
N PHE S 411 -42.73 -72.85 -20.56
CA PHE S 411 -42.47 -72.75 -19.13
C PHE S 411 -41.15 -73.45 -18.82
N SER S 412 -40.52 -73.02 -17.74
CA SER S 412 -39.25 -73.57 -17.30
C SER S 412 -39.39 -74.17 -15.91
N TYR S 413 -38.67 -75.26 -15.68
CA TYR S 413 -38.73 -75.98 -14.42
C TYR S 413 -37.32 -76.33 -13.98
N THR S 414 -37.07 -76.27 -12.69
CA THR S 414 -35.78 -76.64 -12.12
C THR S 414 -35.96 -77.88 -11.24
N PHE S 415 -35.19 -78.92 -11.52
CA PHE S 415 -35.24 -80.12 -10.70
C PHE S 415 -34.65 -79.83 -9.33
N GLU S 416 -35.22 -80.48 -8.31
CA GLU S 416 -34.63 -80.43 -6.98
C GLU S 416 -33.34 -81.26 -6.95
N ASP S 417 -32.56 -81.06 -5.90
CA ASP S 417 -31.32 -81.81 -5.73
C ASP S 417 -31.64 -83.28 -5.48
N VAL S 418 -31.10 -84.15 -6.33
CA VAL S 418 -31.32 -85.59 -6.21
C VAL S 418 -29.98 -86.30 -6.35
N PRO S 419 -29.85 -87.49 -5.78
CA PRO S 419 -28.60 -88.25 -5.94
C PRO S 419 -28.36 -88.62 -7.39
N PHE S 420 -27.08 -88.69 -7.74
CA PHE S 420 -26.71 -89.20 -9.06
C PHE S 420 -27.14 -90.66 -9.18
N HIS S 421 -27.68 -91.02 -10.34
CA HIS S 421 -27.96 -92.42 -10.60
C HIS S 421 -26.65 -93.21 -10.67
N SER S 422 -26.65 -94.37 -10.01
CA SER S 422 -25.46 -95.25 -9.98
C SER S 422 -25.30 -95.96 -11.32
N SER S 423 -24.75 -95.28 -12.32
CA SER S 423 -24.52 -95.88 -13.64
C SER S 423 -23.21 -96.65 -13.67
N TYR S 424 -23.05 -97.55 -12.71
CA TYR S 424 -21.85 -98.37 -12.61
C TYR S 424 -22.22 -99.68 -11.95
N ALA S 425 -21.38 -100.68 -12.15
CA ALA S 425 -21.48 -101.96 -11.47
C ALA S 425 -20.27 -102.13 -10.55
N HIS S 426 -20.52 -102.60 -9.33
CA HIS S 426 -19.43 -102.78 -8.39
C HIS S 426 -18.51 -103.91 -8.84
N SER S 427 -17.21 -103.66 -8.82
CA SER S 427 -16.22 -104.67 -9.14
C SER S 427 -15.80 -105.48 -7.92
N GLN S 428 -16.38 -105.20 -6.75
CA GLN S 428 -16.16 -105.97 -5.55
C GLN S 428 -17.50 -106.45 -5.01
N SER S 429 -17.49 -107.60 -4.35
CA SER S 429 -18.67 -108.13 -3.68
C SER S 429 -18.63 -107.72 -2.21
N LEU S 430 -19.81 -107.57 -1.62
CA LEU S 430 -19.91 -107.14 -0.23
C LEU S 430 -19.31 -108.16 0.74
N ASP S 431 -19.22 -109.42 0.32
CA ASP S 431 -18.70 -110.51 1.20
C ASP S 431 -17.23 -110.78 0.88
N ARG S 432 -16.62 -109.98 -0.02
CA ARG S 432 -15.23 -110.17 -0.43
C ARG S 432 -14.48 -108.84 -0.37
N LEU S 433 -14.65 -108.10 0.73
CA LEU S 433 -14.04 -106.80 0.90
C LEU S 433 -12.76 -106.83 1.73
N MET S 434 -12.27 -108.02 2.07
CA MET S 434 -11.14 -108.17 2.97
C MET S 434 -9.83 -108.30 2.19
N ASN S 435 -8.73 -108.39 2.95
CA ASN S 435 -7.43 -108.69 2.39
C ASN S 435 -7.20 -110.18 2.47
N PRO S 436 -7.12 -110.90 1.36
CA PRO S 436 -7.01 -112.37 1.42
C PRO S 436 -5.67 -112.86 1.95
N LEU S 437 -4.68 -111.99 2.08
CA LEU S 437 -3.35 -112.41 2.49
C LEU S 437 -3.16 -112.39 4.01
N ILE S 438 -3.94 -111.60 4.73
CA ILE S 438 -3.75 -111.38 6.16
C ILE S 438 -4.95 -111.98 6.90
N ASP S 439 -4.67 -112.73 7.97
CA ASP S 439 -5.73 -113.25 8.82
C ASP S 439 -6.32 -112.12 9.66
N GLN S 440 -7.55 -112.35 10.12
CA GLN S 440 -8.18 -111.44 11.06
C GLN S 440 -7.71 -111.73 12.47
N TYR S 441 -7.68 -110.68 13.30
CA TYR S 441 -7.37 -110.87 14.71
C TYR S 441 -8.59 -111.30 15.52
N LEU S 442 -9.78 -111.20 14.96
CA LEU S 442 -10.99 -111.63 15.65
C LEU S 442 -11.18 -113.13 15.50
N TYR S 443 -11.83 -113.74 16.50
CA TYR S 443 -12.08 -115.16 16.52
C TYR S 443 -13.56 -115.44 16.28
N TYR S 444 -13.84 -116.60 15.70
CA TYR S 444 -15.20 -117.08 15.51
C TYR S 444 -15.29 -118.51 15.98
N LEU S 445 -16.47 -118.90 16.44
CA LEU S 445 -16.71 -120.28 16.86
C LEU S 445 -16.63 -121.20 15.65
N SER S 446 -15.56 -121.99 15.57
CA SER S 446 -15.34 -122.86 14.43
C SER S 446 -15.74 -124.31 14.69
N ARG S 447 -15.62 -124.75 15.92
CA ARG S 447 -16.03 -126.13 16.25
C ARG S 447 -16.90 -126.13 17.51
N THR S 448 -17.81 -127.09 17.59
CA THR S 448 -18.70 -127.23 18.73
C THR S 448 -18.53 -128.54 19.48
N ASN S 449 -17.68 -129.45 18.98
CA ASN S 449 -17.42 -130.71 19.68
C ASN S 449 -16.05 -131.22 19.25
N THR S 450 -15.54 -132.18 20.02
CA THR S 450 -14.28 -132.83 19.72
C THR S 450 -14.42 -134.34 19.89
N PRO S 451 -13.62 -135.16 19.17
CA PRO S 451 -13.67 -136.61 19.38
C PRO S 451 -13.32 -136.92 20.84
N SER S 452 -14.19 -137.65 21.53
CA SER S 452 -13.90 -138.07 22.93
C SER S 452 -14.09 -139.58 23.02
N GLY S 453 -13.04 -140.32 23.36
CA GLY S 453 -13.15 -141.80 23.35
C GLY S 453 -13.54 -142.30 21.98
N THR S 454 -14.61 -143.08 21.89
CA THR S 454 -15.11 -143.57 20.58
C THR S 454 -16.42 -142.84 20.27
N THR S 455 -16.81 -141.89 21.12
CA THR S 455 -18.02 -141.07 20.87
C THR S 455 -17.59 -139.62 20.63
N THR S 456 -18.47 -138.66 20.91
CA THR S 456 -18.11 -137.22 20.78
C THR S 456 -18.41 -136.50 22.09
N GLN S 457 -17.70 -135.40 22.34
CA GLN S 457 -17.92 -134.62 23.54
C GLN S 457 -18.03 -133.14 23.18
N SER S 458 -18.96 -132.44 23.81
CA SER S 458 -19.16 -131.03 23.52
C SER S 458 -17.95 -130.21 23.97
N ARG S 459 -17.44 -129.38 23.06
CA ARG S 459 -16.26 -128.56 23.35
C ARG S 459 -16.21 -127.43 22.35
N LEU S 460 -16.23 -126.20 22.84
CA LEU S 460 -16.20 -125.03 21.98
C LEU S 460 -14.76 -124.68 21.60
N GLN S 461 -14.53 -124.41 20.33
CA GLN S 461 -13.24 -123.98 19.83
C GLN S 461 -13.42 -122.79 18.90
N PHE S 462 -12.38 -121.95 18.82
CA PHE S 462 -12.44 -120.71 18.07
C PHE S 462 -11.22 -120.60 17.16
N SER S 463 -11.41 -119.99 16.01
CA SER S 463 -10.34 -119.83 15.02
C SER S 463 -10.36 -118.40 14.49
N GLN S 464 -9.22 -117.98 13.98
CA GLN S 464 -9.11 -116.72 13.27
C GLN S 464 -9.35 -116.96 11.78
N ALA S 465 -10.20 -116.14 11.17
CA ALA S 465 -10.61 -116.36 9.80
C ALA S 465 -9.58 -115.79 8.83
N GLY S 466 -9.28 -116.55 7.79
CA GLY S 466 -8.38 -116.14 6.72
C GLY S 466 -9.03 -116.39 5.37
N ALA S 467 -8.18 -116.76 4.40
CA ALA S 467 -8.67 -116.99 3.05
C ALA S 467 -9.36 -118.36 2.91
N SER S 468 -8.86 -119.37 3.62
CA SER S 468 -9.41 -120.71 3.48
C SER S 468 -10.82 -120.82 4.04
N ASP S 469 -11.11 -120.09 5.10
CA ASP S 469 -12.44 -120.05 5.71
C ASP S 469 -13.01 -118.65 5.57
N ILE S 470 -12.89 -118.08 4.36
CA ILE S 470 -13.25 -116.70 4.10
C ILE S 470 -14.72 -116.41 4.39
N ARG S 471 -15.58 -117.43 4.40
CA ARG S 471 -16.99 -117.22 4.65
C ARG S 471 -17.27 -116.86 6.11
N ASP S 472 -16.34 -117.14 7.02
CA ASP S 472 -16.55 -116.93 8.45
C ASP S 472 -15.95 -115.61 8.94
N GLN S 473 -15.44 -114.79 8.03
CA GLN S 473 -14.78 -113.55 8.45
C GLN S 473 -15.78 -112.56 9.03
N SER S 474 -15.36 -111.86 10.08
CA SER S 474 -16.19 -110.81 10.66
C SER S 474 -16.30 -109.64 9.68
N ARG S 475 -17.51 -109.12 9.53
CA ARG S 475 -17.79 -108.09 8.54
C ARG S 475 -18.57 -106.95 9.18
N ASN S 476 -18.51 -105.79 8.53
CA ASN S 476 -19.11 -104.57 9.05
C ASN S 476 -20.47 -104.26 8.43
N TRP S 477 -20.84 -104.91 7.33
CA TRP S 477 -22.00 -104.53 6.54
C TRP S 477 -22.82 -105.76 6.20
N LEU S 478 -24.06 -105.52 5.76
CA LEU S 478 -25.02 -106.54 5.41
C LEU S 478 -25.63 -106.25 4.05
N PRO S 479 -26.08 -107.27 3.32
CA PRO S 479 -26.77 -107.03 2.05
C PRO S 479 -28.12 -106.37 2.27
N GLY S 480 -28.58 -105.65 1.25
CA GLY S 480 -29.79 -104.87 1.33
C GLY S 480 -31.05 -105.69 1.58
N PRO S 481 -32.18 -105.01 1.74
CA PRO S 481 -33.42 -105.71 2.09
C PRO S 481 -33.95 -106.55 0.94
N CYS S 482 -34.81 -107.49 1.33
CA CYS S 482 -35.31 -108.51 0.39
C CYS S 482 -36.82 -108.70 0.52
N TYR S 483 -37.48 -109.03 -0.57
CA TYR S 483 -38.90 -109.40 -0.57
C TYR S 483 -39.06 -110.48 -1.63
N ARG S 484 -39.00 -111.74 -1.21
CA ARG S 484 -38.71 -112.85 -2.12
C ARG S 484 -39.74 -112.95 -3.24
N GLN S 485 -39.24 -113.22 -4.44
CA GLN S 485 -40.05 -113.42 -5.64
C GLN S 485 -39.96 -114.87 -6.09
N GLN S 486 -40.99 -115.35 -6.76
CA GLN S 486 -40.95 -116.68 -7.36
C GLN S 486 -40.03 -116.68 -8.58
N ARG S 487 -39.33 -117.79 -8.77
CA ARG S 487 -38.39 -117.93 -9.86
C ARG S 487 -39.06 -118.60 -11.05
N VAL S 488 -38.91 -117.94 -12.21
CA VAL S 488 -39.46 -118.46 -13.48
C VAL S 488 -38.27 -118.56 -14.44
N SER S 489 -38.34 -119.47 -15.42
CA SER S 489 -37.27 -119.70 -16.37
C SER S 489 -37.71 -119.29 -17.77
N LYS S 490 -36.77 -118.74 -18.53
CA LYS S 490 -37.06 -118.33 -19.93
C LYS S 490 -37.26 -119.60 -20.77
N THR S 491 -36.64 -120.72 -20.39
CA THR S 491 -36.91 -122.02 -21.06
C THR S 491 -38.26 -122.51 -20.55
N SER S 492 -39.27 -122.60 -21.42
CA SER S 492 -40.64 -122.94 -20.96
C SER S 492 -40.72 -124.29 -20.25
N ALA S 493 -40.09 -125.34 -20.79
CA ALA S 493 -40.23 -126.66 -20.21
C ALA S 493 -39.80 -126.69 -18.75
N ASP S 494 -38.91 -125.77 -18.36
CA ASP S 494 -38.38 -125.76 -16.99
C ASP S 494 -39.40 -125.27 -15.97
N ASN S 495 -40.50 -124.69 -16.40
CA ASN S 495 -41.49 -124.13 -15.49
C ASN S 495 -42.55 -125.17 -15.13
N ASN S 496 -43.20 -124.94 -13.99
CA ASN S 496 -44.25 -125.83 -13.54
C ASN S 496 -45.46 -125.73 -14.47
N ASN S 497 -46.07 -126.88 -14.74
CA ASN S 497 -47.22 -126.95 -15.64
C ASN S 497 -48.50 -126.66 -14.86
N SER S 498 -48.65 -125.38 -14.52
CA SER S 498 -49.81 -124.90 -13.77
C SER S 498 -49.93 -123.40 -13.98
N GLU S 499 -51.08 -122.87 -13.54
CA GLU S 499 -51.32 -121.40 -13.61
C GLU S 499 -50.95 -120.83 -12.24
N TYR S 500 -49.78 -120.20 -12.15
CA TYR S 500 -49.28 -119.66 -10.89
C TYR S 500 -48.89 -118.19 -11.01
N SER S 501 -49.44 -117.48 -11.99
CA SER S 501 -49.09 -116.06 -12.15
C SER S 501 -49.64 -115.21 -11.02
N TRP S 502 -50.63 -115.69 -10.28
CA TRP S 502 -51.19 -114.97 -9.14
C TRP S 502 -51.07 -115.73 -7.83
N THR S 503 -51.28 -117.05 -7.85
CA THR S 503 -51.16 -117.83 -6.62
C THR S 503 -49.73 -117.79 -6.08
N GLY S 504 -48.74 -117.93 -6.96
CA GLY S 504 -47.35 -117.84 -6.59
C GLY S 504 -46.76 -116.45 -6.66
N ALA S 505 -47.59 -115.44 -6.93
CA ALA S 505 -47.10 -114.08 -7.08
C ALA S 505 -46.79 -113.45 -5.74
N THR S 506 -45.87 -112.48 -5.76
CA THR S 506 -45.52 -111.70 -4.58
C THR S 506 -46.44 -110.48 -4.50
N LYS S 507 -47.13 -110.35 -3.37
CA LYS S 507 -48.21 -109.37 -3.25
C LYS S 507 -48.06 -108.59 -1.94
N TYR S 508 -48.65 -107.40 -1.93
CA TYR S 508 -48.85 -106.64 -0.71
C TYR S 508 -50.33 -106.39 -0.51
N HIS S 509 -50.75 -106.41 0.75
CA HIS S 509 -52.16 -106.32 1.13
C HIS S 509 -52.44 -104.92 1.64
N LEU S 510 -53.43 -104.24 1.04
CA LEU S 510 -53.77 -102.87 1.40
C LEU S 510 -55.27 -102.70 1.34
N ASN S 511 -55.89 -102.43 2.49
CA ASN S 511 -57.33 -102.19 2.59
C ASN S 511 -58.15 -103.36 2.04
N GLY S 512 -57.68 -104.58 2.30
CA GLY S 512 -58.38 -105.76 1.86
C GLY S 512 -58.18 -106.14 0.41
N ARG S 513 -57.34 -105.40 -0.31
CA ARG S 513 -57.06 -105.78 -1.72
C ARG S 513 -55.59 -106.14 -1.93
N ASP S 514 -55.33 -107.21 -2.65
CA ASP S 514 -53.99 -107.65 -3.00
C ASP S 514 -53.53 -106.96 -4.27
N SER S 515 -52.36 -106.34 -4.22
CA SER S 515 -51.74 -105.73 -5.38
C SER S 515 -50.45 -106.45 -5.69
N LEU S 516 -50.17 -106.64 -6.97
CA LEU S 516 -48.93 -107.28 -7.38
C LEU S 516 -47.74 -106.40 -7.04
N VAL S 517 -46.69 -107.01 -6.49
CA VAL S 517 -45.44 -106.31 -6.21
C VAL S 517 -44.61 -106.40 -7.48
N ASN S 518 -44.55 -105.29 -8.22
CA ASN S 518 -43.92 -105.27 -9.53
C ASN S 518 -43.36 -103.88 -9.81
N PRO S 519 -42.03 -103.74 -9.93
CA PRO S 519 -41.00 -104.77 -9.78
C PRO S 519 -40.55 -104.97 -8.34
N GLY S 520 -41.00 -104.12 -7.42
CA GLY S 520 -40.67 -104.27 -6.02
C GLY S 520 -39.29 -103.75 -5.67
N PRO S 521 -38.80 -104.13 -4.49
CA PRO S 521 -37.47 -103.70 -4.06
C PRO S 521 -36.39 -104.20 -5.01
N ALA S 522 -35.35 -103.39 -5.16
CA ALA S 522 -34.27 -103.70 -6.09
C ALA S 522 -33.49 -104.91 -5.61
N MET S 523 -33.53 -105.99 -6.41
CA MET S 523 -32.86 -107.23 -6.08
C MET S 523 -32.26 -107.82 -7.35
N ALA S 524 -31.22 -108.62 -7.17
CA ALA S 524 -30.57 -109.25 -8.31
C ALA S 524 -31.51 -110.25 -8.97
N SER S 525 -31.52 -110.24 -10.31
CA SER S 525 -32.39 -111.14 -11.05
C SER S 525 -32.00 -112.60 -10.84
N HIS S 526 -30.69 -112.88 -10.79
CA HIS S 526 -30.22 -114.25 -10.68
C HIS S 526 -28.79 -114.23 -10.15
N LYS S 527 -28.33 -115.40 -9.71
CA LYS S 527 -26.97 -115.57 -9.23
C LYS S 527 -26.06 -115.94 -10.40
N ASP S 528 -24.84 -116.36 -10.10
CA ASP S 528 -23.89 -116.71 -11.15
C ASP S 528 -24.40 -117.88 -11.99
N ASP S 529 -24.23 -117.76 -13.30
CA ASP S 529 -24.52 -118.84 -14.26
C ASP S 529 -25.96 -119.30 -14.18
N GLU S 530 -26.88 -118.35 -13.98
CA GLU S 530 -28.30 -118.64 -13.97
C GLU S 530 -29.07 -117.56 -14.72
N GLU S 531 -28.54 -117.14 -15.86
CA GLU S 531 -29.13 -116.04 -16.62
C GLU S 531 -30.51 -116.37 -17.16
N LYS S 532 -30.86 -117.65 -17.25
CA LYS S 532 -32.19 -118.02 -17.74
C LYS S 532 -33.29 -117.78 -16.71
N PHE S 533 -32.93 -117.54 -15.46
CA PHE S 533 -33.90 -117.36 -14.39
C PHE S 533 -34.11 -115.88 -14.10
N PHE S 534 -35.37 -115.49 -13.94
CA PHE S 534 -35.72 -114.13 -13.57
C PHE S 534 -36.87 -114.17 -12.58
N PRO S 535 -36.98 -113.16 -11.72
CA PRO S 535 -38.12 -113.11 -10.79
C PRO S 535 -39.43 -112.94 -11.54
N GLN S 536 -40.49 -113.51 -10.96
CA GLN S 536 -41.78 -113.55 -11.63
C GLN S 536 -42.32 -112.14 -11.91
N SER S 537 -42.21 -111.25 -10.94
CA SER S 537 -42.61 -109.86 -11.11
C SER S 537 -41.57 -108.93 -10.52
N GLY S 538 -40.29 -109.29 -10.64
CA GLY S 538 -39.22 -108.50 -10.06
C GLY S 538 -38.35 -107.75 -11.03
N VAL S 539 -38.66 -107.77 -12.33
CA VAL S 539 -37.88 -107.04 -13.32
C VAL S 539 -38.83 -106.30 -14.25
N LEU S 540 -38.32 -105.23 -14.85
CA LEU S 540 -39.08 -104.54 -15.88
C LEU S 540 -39.10 -105.37 -17.16
N ILE S 541 -40.25 -105.44 -17.79
CA ILE S 541 -40.42 -106.18 -19.05
C ILE S 541 -40.93 -105.20 -20.08
N PHE S 542 -40.12 -104.97 -21.11
CA PHE S 542 -40.47 -104.07 -22.21
C PHE S 542 -40.95 -104.89 -23.40
N GLY S 543 -41.91 -104.32 -24.13
CA GLY S 543 -42.42 -104.97 -25.32
C GLY S 543 -41.59 -104.63 -26.55
N LYS S 544 -41.39 -105.63 -27.40
CA LYS S 544 -40.76 -105.38 -28.69
C LYS S 544 -41.72 -104.63 -29.59
N GLN S 545 -41.19 -104.14 -30.71
CA GLN S 545 -42.02 -103.39 -31.65
C GLN S 545 -43.11 -104.29 -32.23
N GLY S 546 -44.33 -103.78 -32.22
CA GLY S 546 -45.47 -104.52 -32.74
C GLY S 546 -46.09 -105.50 -31.77
N SER S 547 -45.65 -105.49 -30.51
CA SER S 547 -46.15 -106.46 -29.51
C SER S 547 -47.57 -106.10 -29.09
N GLU S 548 -48.44 -107.09 -28.94
CA GLU S 548 -49.82 -106.87 -28.54
C GLU S 548 -49.90 -106.54 -27.05
N LYS S 549 -51.13 -106.51 -26.53
CA LYS S 549 -51.35 -106.12 -25.15
C LYS S 549 -51.52 -107.30 -24.22
N THR S 550 -52.22 -108.35 -24.66
CA THR S 550 -52.62 -109.44 -23.78
C THR S 550 -51.97 -110.75 -24.21
N ASN S 551 -51.28 -111.39 -23.25
CA ASN S 551 -50.79 -112.77 -23.39
C ASN S 551 -49.88 -112.93 -24.60
N VAL S 552 -48.90 -112.05 -24.71
CA VAL S 552 -47.87 -112.20 -25.74
C VAL S 552 -46.83 -113.20 -25.25
N ASP S 553 -46.16 -113.86 -26.19
CA ASP S 553 -45.17 -114.86 -25.86
C ASP S 553 -43.91 -114.21 -25.31
N ILE S 554 -43.02 -115.05 -24.78
CA ILE S 554 -41.78 -114.54 -24.20
C ILE S 554 -40.87 -113.94 -25.29
N GLU S 555 -40.92 -114.49 -26.50
CA GLU S 555 -40.12 -113.95 -27.60
C GLU S 555 -40.61 -112.60 -28.07
N LYS S 556 -41.80 -112.17 -27.65
CA LYS S 556 -42.33 -110.86 -28.00
C LYS S 556 -41.94 -109.78 -27.00
N VAL S 557 -41.30 -110.13 -25.89
CA VAL S 557 -40.94 -109.17 -24.85
C VAL S 557 -39.45 -109.29 -24.58
N MET S 558 -38.89 -108.21 -24.03
CA MET S 558 -37.49 -108.14 -23.64
C MET S 558 -37.43 -107.96 -22.12
N ILE S 559 -36.89 -108.95 -21.44
CA ILE S 559 -36.83 -108.97 -19.98
C ILE S 559 -35.49 -108.39 -19.54
N THR S 560 -35.55 -107.41 -18.64
CA THR S 560 -34.33 -106.76 -18.18
C THR S 560 -33.62 -107.62 -17.15
N ASP S 561 -32.35 -107.28 -16.93
CA ASP S 561 -31.53 -108.04 -15.96
C ASP S 561 -30.89 -107.08 -14.97
N GLU S 562 -30.98 -107.40 -13.70
CA GLU S 562 -30.41 -106.62 -12.61
C GLU S 562 -29.29 -107.39 -11.93
N GLU S 563 -28.44 -108.04 -12.72
CA GLU S 563 -27.34 -108.83 -12.18
C GLU S 563 -26.17 -108.00 -11.71
N GLU S 564 -26.06 -106.74 -12.14
CA GLU S 564 -24.93 -105.90 -11.75
C GLU S 564 -24.99 -105.53 -10.27
N ILE S 565 -26.13 -105.70 -9.61
CA ILE S 565 -26.28 -105.31 -8.21
C ILE S 565 -26.24 -106.51 -7.28
N ARG S 566 -25.91 -107.70 -7.78
CA ARG S 566 -25.80 -108.87 -6.93
C ARG S 566 -24.60 -108.82 -6.01
N THR S 567 -23.71 -107.85 -6.20
CA THR S 567 -22.59 -107.67 -5.28
C THR S 567 -23.05 -107.21 -3.90
N THR S 568 -24.11 -106.39 -3.83
CA THR S 568 -24.62 -105.89 -2.57
C THR S 568 -26.08 -106.25 -2.29
N ASN S 569 -26.84 -106.66 -3.29
CA ASN S 569 -28.25 -106.94 -3.11
C ASN S 569 -28.52 -108.43 -3.20
N PRO S 570 -29.41 -108.95 -2.36
CA PRO S 570 -29.73 -110.38 -2.41
C PRO S 570 -30.42 -110.74 -3.71
N VAL S 571 -30.26 -111.99 -4.12
CA VAL S 571 -30.95 -112.50 -5.29
C VAL S 571 -32.45 -112.52 -5.00
N ALA S 572 -33.24 -112.09 -5.99
CA ALA S 572 -34.67 -111.88 -5.78
C ALA S 572 -35.38 -113.19 -5.44
N THR S 573 -34.97 -114.29 -6.04
CA THR S 573 -35.67 -115.56 -5.93
C THR S 573 -35.16 -116.42 -4.77
N GLU S 574 -34.20 -115.93 -4.00
CA GLU S 574 -33.61 -116.70 -2.92
C GLU S 574 -33.84 -115.99 -1.59
N GLN S 575 -33.59 -116.71 -0.51
CA GLN S 575 -33.77 -116.14 0.82
C GLN S 575 -32.66 -115.14 1.12
N TYR S 576 -32.96 -114.20 2.02
CA TYR S 576 -31.94 -113.28 2.49
C TYR S 576 -30.85 -114.01 3.26
N GLY S 577 -31.24 -114.96 4.10
CA GLY S 577 -30.29 -115.67 4.93
C GLY S 577 -30.99 -116.61 5.88
N SER S 578 -30.33 -116.91 6.99
CA SER S 578 -30.86 -117.80 8.00
C SER S 578 -30.71 -117.19 9.38
N VAL S 579 -31.68 -117.46 10.25
CA VAL S 579 -31.65 -117.02 11.64
C VAL S 579 -31.96 -118.21 12.52
N SER S 580 -31.52 -118.12 13.78
CA SER S 580 -31.83 -119.15 14.75
C SER S 580 -33.28 -119.04 15.20
N THR S 581 -33.90 -120.19 15.48
CA THR S 581 -35.29 -120.24 15.90
C THR S 581 -35.51 -120.87 17.26
N ASN S 582 -34.48 -121.41 17.89
CA ASN S 582 -34.62 -122.05 19.20
C ASN S 582 -33.35 -121.82 20.00
N LEU S 583 -33.23 -122.51 21.13
CA LEU S 583 -32.06 -122.44 21.98
C LEU S 583 -31.49 -123.85 22.14
N GLN S 584 -30.33 -124.08 21.53
CA GLN S 584 -29.67 -125.37 21.65
C GLN S 584 -29.21 -125.60 23.08
N ARG S 585 -29.26 -126.88 23.47
CA ARG S 585 -28.91 -127.24 24.87
C ARG S 585 -28.53 -128.72 24.91
N GLY S 586 -27.53 -129.07 25.72
CA GLY S 586 -27.17 -130.45 25.92
C GLY S 586 -27.92 -131.10 27.06
N ASN S 587 -27.56 -132.34 27.35
CA ASN S 587 -28.28 -133.13 28.38
C ASN S 587 -27.87 -132.67 29.78
N THR S 594 -34.02 -132.67 28.09
CA THR S 594 -33.33 -133.50 27.05
C THR S 594 -32.46 -132.59 26.20
N SER S 595 -31.76 -133.12 25.19
CA SER S 595 -30.99 -132.19 24.38
C SER S 595 -31.84 -131.64 23.24
N ARG S 596 -31.52 -130.42 22.82
CA ARG S 596 -32.18 -129.76 21.69
C ARG S 596 -31.11 -129.27 20.74
N GLN S 597 -31.21 -129.68 19.47
CA GLN S 597 -30.24 -129.26 18.47
C GLN S 597 -30.62 -127.90 17.89
N ALA S 598 -29.61 -127.14 17.49
CA ALA S 598 -29.83 -125.81 16.95
C ALA S 598 -30.63 -125.89 15.65
N ALA S 599 -31.61 -125.00 15.51
CA ALA S 599 -32.48 -124.96 14.36
C ALA S 599 -32.41 -123.58 13.71
N THR S 600 -32.56 -123.57 12.38
CA THR S 600 -32.51 -122.34 11.60
C THR S 600 -33.70 -122.28 10.65
N ALA S 601 -34.06 -121.07 10.25
CA ALA S 601 -35.14 -120.86 9.30
C ALA S 601 -34.68 -119.86 8.23
N ASP S 602 -35.24 -120.03 7.03
CA ASP S 602 -34.98 -119.09 5.95
C ASP S 602 -35.69 -117.77 6.20
N VAL S 603 -35.04 -116.69 5.82
CA VAL S 603 -35.61 -115.34 5.95
C VAL S 603 -36.03 -114.92 4.55
N ASN S 604 -37.29 -115.20 4.21
CA ASN S 604 -37.81 -114.86 2.89
C ASN S 604 -38.14 -113.38 2.75
N THR S 605 -38.33 -112.67 3.86
CA THR S 605 -38.55 -111.23 3.83
C THR S 605 -37.70 -110.59 4.93
N GLN S 606 -36.92 -109.59 4.54
CA GLN S 606 -36.01 -108.92 5.47
C GLN S 606 -36.19 -107.42 5.35
N GLY S 607 -36.54 -106.77 6.45
CA GLY S 607 -36.59 -105.33 6.50
C GLY S 607 -35.21 -104.73 6.62
N VAL S 608 -35.17 -103.40 6.61
CA VAL S 608 -33.90 -102.69 6.68
C VAL S 608 -33.31 -102.81 8.08
N LEU S 609 -32.05 -103.19 8.16
CA LEU S 609 -31.28 -103.31 9.38
C LEU S 609 -30.17 -102.27 9.41
N PRO S 610 -29.74 -101.84 10.58
CA PRO S 610 -28.56 -100.95 10.64
C PRO S 610 -27.33 -101.62 10.06
N GLY S 611 -26.55 -100.85 9.31
CA GLY S 611 -25.40 -101.37 8.61
C GLY S 611 -25.69 -101.98 7.24
N MET S 612 -26.93 -101.88 6.77
CA MET S 612 -27.32 -102.48 5.47
C MET S 612 -26.97 -101.52 4.32
N VAL S 613 -26.41 -102.04 3.23
CA VAL S 613 -26.05 -101.31 2.03
C VAL S 613 -26.68 -102.00 0.83
N TRP S 614 -27.13 -101.21 -0.14
CA TRP S 614 -27.82 -101.74 -1.30
C TRP S 614 -27.67 -100.77 -2.46
N GLN S 615 -28.00 -101.27 -3.65
CA GLN S 615 -28.03 -100.48 -4.88
C GLN S 615 -29.47 -100.38 -5.36
N ASP S 616 -29.83 -99.24 -5.93
CA ASP S 616 -31.17 -99.05 -6.46
C ASP S 616 -31.32 -99.74 -7.81
N ARG S 617 -32.56 -99.78 -8.29
CA ARG S 617 -32.82 -100.40 -9.59
C ARG S 617 -32.22 -99.57 -10.71
N ASP S 618 -31.74 -100.24 -11.74
CA ASP S 618 -31.14 -99.56 -12.88
C ASP S 618 -32.21 -98.84 -13.70
N VAL S 619 -31.78 -97.80 -14.39
CA VAL S 619 -32.63 -97.09 -15.34
C VAL S 619 -32.26 -97.55 -16.75
N TYR S 620 -33.23 -97.46 -17.66
CA TYR S 620 -33.06 -97.95 -19.02
C TYR S 620 -33.46 -96.87 -20.00
N LEU S 621 -33.02 -97.03 -21.24
CA LEU S 621 -33.36 -96.07 -22.28
C LEU S 621 -34.87 -96.00 -22.49
N GLN S 622 -35.55 -97.14 -22.46
CA GLN S 622 -37.00 -97.20 -22.55
C GLN S 622 -37.68 -97.01 -21.20
N GLY S 623 -36.91 -96.90 -20.11
CA GLY S 623 -37.49 -96.83 -18.79
C GLY S 623 -37.90 -95.44 -18.38
N PRO S 624 -38.62 -95.34 -17.26
CA PRO S 624 -39.01 -94.03 -16.74
C PRO S 624 -37.84 -93.27 -16.15
N ILE S 625 -38.00 -91.95 -16.12
CA ILE S 625 -36.97 -91.05 -15.60
C ILE S 625 -37.21 -90.72 -14.13
N TRP S 626 -38.43 -90.34 -13.78
CA TRP S 626 -38.73 -89.85 -12.44
C TRP S 626 -40.08 -90.35 -11.99
N ALA S 627 -40.40 -90.04 -10.73
CA ALA S 627 -41.72 -90.28 -10.18
C ALA S 627 -41.93 -89.31 -9.03
N LYS S 628 -43.20 -89.03 -8.72
CA LYS S 628 -43.52 -88.13 -7.63
C LYS S 628 -43.55 -88.90 -6.32
N ILE S 629 -42.78 -88.44 -5.34
CA ILE S 629 -42.81 -89.05 -4.02
C ILE S 629 -44.16 -88.74 -3.37
N PRO S 630 -44.90 -89.74 -2.89
CA PRO S 630 -46.21 -89.47 -2.30
C PRO S 630 -46.10 -88.54 -1.10
N HIS S 631 -47.08 -87.66 -0.95
CA HIS S 631 -47.12 -86.71 0.16
C HIS S 631 -47.58 -87.47 1.40
N THR S 632 -46.62 -88.00 2.14
CA THR S 632 -46.89 -88.81 3.33
C THR S 632 -46.00 -88.32 4.46
N ASP S 633 -46.38 -88.69 5.68
CA ASP S 633 -45.62 -88.26 6.88
C ASP S 633 -44.24 -88.90 6.85
N GLY S 634 -44.16 -90.17 6.46
CA GLY S 634 -42.89 -90.87 6.45
C GLY S 634 -42.70 -91.68 5.19
N HIS S 635 -41.44 -91.81 4.81
CA HIS S 635 -41.02 -92.66 3.70
C HIS S 635 -39.54 -92.95 3.88
N PHE S 636 -39.12 -94.13 3.44
CA PHE S 636 -37.73 -94.55 3.55
C PHE S 636 -37.15 -94.74 2.16
N HIS S 637 -36.04 -94.05 1.88
CA HIS S 637 -35.34 -94.13 0.60
C HIS S 637 -36.31 -93.97 -0.56
N PRO S 638 -36.82 -92.76 -0.81
CA PRO S 638 -37.87 -92.54 -1.81
C PRO S 638 -37.37 -92.56 -3.27
N SER S 639 -36.56 -93.56 -3.59
CA SER S 639 -36.25 -93.87 -4.97
C SER S 639 -37.37 -94.71 -5.57
N PRO S 640 -37.91 -94.35 -6.74
CA PRO S 640 -39.01 -95.13 -7.32
C PRO S 640 -38.58 -96.58 -7.55
N LEU S 641 -39.50 -97.50 -7.26
CA LEU S 641 -39.18 -98.91 -7.39
C LEU S 641 -39.06 -99.33 -8.85
N MET S 642 -39.76 -98.66 -9.75
CA MET S 642 -39.62 -98.94 -11.18
C MET S 642 -38.33 -98.39 -11.76
N GLY S 643 -37.58 -97.59 -11.01
CA GLY S 643 -36.33 -97.03 -11.47
C GLY S 643 -36.45 -95.55 -11.78
N GLY S 644 -35.43 -94.80 -11.38
CA GLY S 644 -35.42 -93.38 -11.66
C GLY S 644 -35.12 -92.50 -10.48
N PHE S 645 -35.56 -91.24 -10.54
CA PHE S 645 -35.29 -90.24 -9.53
C PHE S 645 -36.57 -89.89 -8.79
N GLY S 646 -36.54 -90.01 -7.47
CA GLY S 646 -37.67 -89.61 -6.66
C GLY S 646 -37.69 -88.12 -6.42
N LEU S 647 -38.79 -87.47 -6.79
CA LEU S 647 -38.89 -86.01 -6.72
C LEU S 647 -40.10 -85.64 -5.88
N LYS S 648 -39.88 -84.82 -4.85
CA LYS S 648 -41.00 -84.29 -4.08
C LYS S 648 -41.81 -83.31 -4.90
N HIS S 649 -41.16 -82.55 -5.78
CA HIS S 649 -41.81 -81.65 -6.72
C HIS S 649 -41.33 -82.03 -8.12
N PRO S 650 -41.93 -83.03 -8.73
CA PRO S 650 -41.50 -83.48 -10.06
C PRO S 650 -41.92 -82.47 -11.12
N PRO S 651 -41.49 -82.65 -12.37
CA PRO S 651 -41.97 -81.80 -13.45
C PRO S 651 -43.48 -81.79 -13.51
N PRO S 652 -44.11 -80.62 -13.52
CA PRO S 652 -45.57 -80.56 -13.41
C PRO S 652 -46.26 -81.16 -14.62
N GLN S 653 -47.46 -81.67 -14.39
CA GLN S 653 -48.29 -82.16 -15.48
C GLN S 653 -48.71 -81.00 -16.37
N ILE S 654 -48.62 -81.21 -17.69
CA ILE S 654 -49.00 -80.22 -18.67
C ILE S 654 -50.28 -80.70 -19.33
N LEU S 655 -51.38 -79.99 -19.06
CA LEU S 655 -52.70 -80.38 -19.53
C LEU S 655 -53.09 -79.53 -20.72
N ILE S 656 -53.59 -80.17 -21.78
CA ILE S 656 -53.97 -79.50 -23.01
C ILE S 656 -55.30 -80.07 -23.48
N LYS S 657 -56.19 -79.21 -23.96
CA LYS S 657 -57.45 -79.65 -24.53
C LYS S 657 -57.94 -78.63 -25.54
N ASN S 658 -58.79 -79.08 -26.45
CA ASN S 658 -59.38 -78.20 -27.43
C ASN S 658 -60.58 -77.48 -26.83
N THR S 659 -60.67 -76.19 -27.05
CA THR S 659 -61.80 -75.42 -26.55
C THR S 659 -63.06 -75.84 -27.32
N PRO S 660 -64.14 -76.23 -26.63
CA PRO S 660 -65.35 -76.64 -27.34
C PRO S 660 -65.96 -75.46 -28.10
N VAL S 661 -66.26 -75.70 -29.37
CA VAL S 661 -66.90 -74.72 -30.24
C VAL S 661 -68.33 -75.18 -30.49
N PRO S 662 -69.33 -74.50 -29.94
CA PRO S 662 -70.72 -74.94 -30.13
C PRO S 662 -71.12 -74.89 -31.59
N ALA S 663 -71.97 -75.84 -31.97
CA ALA S 663 -72.54 -75.87 -33.31
C ALA S 663 -73.69 -74.86 -33.39
N ASN S 664 -74.50 -74.95 -34.44
CA ASN S 664 -75.56 -73.97 -34.66
C ASN S 664 -76.59 -74.03 -33.53
N PRO S 665 -76.79 -72.95 -32.78
CA PRO S 665 -77.79 -72.97 -31.71
C PRO S 665 -79.20 -72.70 -32.23
N SER S 666 -80.16 -73.01 -31.35
CA SER S 666 -81.58 -72.76 -31.68
C SER S 666 -81.87 -71.27 -31.54
N THR S 667 -82.73 -70.73 -32.38
CA THR S 667 -83.11 -69.33 -32.31
C THR S 667 -83.96 -69.03 -31.08
N THR S 668 -84.50 -70.05 -30.41
CA THR S 668 -85.23 -69.88 -29.17
C THR S 668 -84.34 -70.29 -28.02
N PHE S 669 -84.41 -69.54 -26.92
CA PHE S 669 -83.54 -69.81 -25.79
C PHE S 669 -83.88 -71.16 -25.16
N SER S 670 -82.84 -71.91 -24.82
CA SER S 670 -82.96 -73.18 -24.13
C SER S 670 -81.97 -73.21 -22.98
N ALA S 671 -82.44 -73.53 -21.78
CA ALA S 671 -81.58 -73.59 -20.61
C ALA S 671 -80.76 -74.87 -20.55
N ALA S 672 -81.04 -75.84 -21.41
CA ALA S 672 -80.25 -77.06 -21.44
C ALA S 672 -78.84 -76.76 -21.91
N LYS S 673 -77.86 -77.41 -21.28
CA LYS S 673 -76.47 -77.21 -21.67
C LYS S 673 -76.24 -77.72 -23.08
N PHE S 674 -75.27 -77.09 -23.75
CA PHE S 674 -74.99 -77.43 -25.17
C PHE S 674 -74.49 -78.86 -25.29
N ALA S 675 -75.08 -79.61 -26.22
CA ALA S 675 -74.67 -80.97 -26.49
C ALA S 675 -74.17 -81.18 -27.92
N SER S 676 -74.31 -80.19 -28.80
CA SER S 676 -73.86 -80.27 -30.17
C SER S 676 -72.67 -79.33 -30.36
N PHE S 677 -71.58 -79.86 -30.90
CA PHE S 677 -70.35 -79.10 -31.09
C PHE S 677 -69.78 -79.40 -32.46
N ILE S 678 -68.94 -78.49 -32.94
CA ILE S 678 -68.22 -78.70 -34.18
C ILE S 678 -67.07 -79.67 -33.92
N THR S 679 -67.03 -80.76 -34.69
CA THR S 679 -65.97 -81.74 -34.54
C THR S 679 -64.64 -81.12 -34.94
N GLN S 680 -63.64 -81.24 -34.07
CA GLN S 680 -62.35 -80.64 -34.37
C GLN S 680 -61.26 -81.30 -33.53
N TYR S 681 -60.03 -81.20 -34.05
CA TYR S 681 -58.84 -81.66 -33.36
C TYR S 681 -57.76 -80.62 -33.55
N SER S 682 -56.62 -80.83 -32.91
CA SER S 682 -55.50 -79.91 -33.03
C SER S 682 -54.21 -80.68 -33.27
N THR S 683 -53.27 -80.03 -33.93
CA THR S 683 -51.95 -80.59 -34.17
C THR S 683 -50.93 -79.48 -33.96
N GLY S 684 -49.71 -79.87 -33.64
CA GLY S 684 -48.68 -78.88 -33.37
C GLY S 684 -47.36 -79.56 -33.06
N GLN S 685 -46.42 -78.77 -32.57
CA GLN S 685 -45.10 -79.24 -32.22
C GLN S 685 -44.85 -79.00 -30.73
N VAL S 686 -44.11 -79.93 -30.13
CA VAL S 686 -43.75 -79.87 -28.72
C VAL S 686 -42.25 -80.01 -28.61
N SER S 687 -41.64 -79.18 -27.76
CA SER S 687 -40.20 -79.19 -27.53
C SER S 687 -39.92 -79.40 -26.05
N VAL S 688 -39.02 -80.33 -25.75
CA VAL S 688 -38.57 -80.59 -24.38
C VAL S 688 -37.04 -80.54 -24.38
N GLU S 689 -36.49 -79.66 -23.56
CA GLU S 689 -35.04 -79.53 -23.41
C GLU S 689 -34.67 -79.75 -21.95
N ILE S 690 -33.84 -80.74 -21.68
CA ILE S 690 -33.43 -81.08 -20.32
C ILE S 690 -31.92 -80.97 -20.23
N GLU S 691 -31.43 -80.28 -19.20
CA GLU S 691 -30.02 -80.23 -18.87
C GLU S 691 -29.71 -81.29 -17.82
N TRP S 692 -28.72 -82.12 -18.09
CA TRP S 692 -28.31 -83.19 -17.19
C TRP S 692 -26.90 -82.92 -16.69
N GLU S 693 -26.66 -83.22 -15.42
CA GLU S 693 -25.34 -83.12 -14.83
C GLU S 693 -24.68 -84.50 -14.82
N LEU S 694 -23.40 -84.53 -15.17
CA LEU S 694 -22.65 -85.77 -15.30
C LEU S 694 -21.65 -85.91 -14.16
N GLN S 695 -21.47 -87.14 -13.70
CA GLN S 695 -20.46 -87.50 -12.72
C GLN S 695 -19.37 -88.28 -13.46
N LYS S 696 -18.26 -87.60 -13.76
CA LYS S 696 -17.24 -88.19 -14.61
C LYS S 696 -16.56 -89.36 -13.90
N GLU S 697 -16.29 -90.42 -14.67
CA GLU S 697 -15.59 -91.58 -14.14
C GLU S 697 -14.14 -91.23 -13.83
N ASN S 698 -13.67 -91.69 -12.67
CA ASN S 698 -12.32 -91.42 -12.19
C ASN S 698 -11.66 -92.72 -11.72
N SER S 699 -11.79 -93.76 -12.54
CA SER S 699 -11.31 -95.07 -12.16
C SER S 699 -9.79 -95.18 -12.34
N LYS S 700 -9.17 -96.10 -11.60
CA LYS S 700 -7.71 -96.35 -11.73
C LYS S 700 -7.47 -97.84 -12.02
N ARG S 701 -8.48 -98.54 -12.54
CA ARG S 701 -8.26 -99.92 -12.94
C ARG S 701 -7.35 -99.99 -14.16
N TRP S 702 -6.63 -101.11 -14.27
CA TRP S 702 -5.62 -101.25 -15.32
C TRP S 702 -6.21 -101.86 -16.59
N ASN S 703 -6.91 -102.99 -16.46
CA ASN S 703 -7.44 -103.68 -17.62
C ASN S 703 -8.69 -102.98 -18.14
N PRO S 704 -9.04 -103.15 -19.44
CA PRO S 704 -10.20 -102.45 -20.02
C PRO S 704 -11.54 -102.82 -19.33
N GLU S 705 -12.56 -101.98 -19.50
CA GLU S 705 -13.86 -102.18 -18.82
C GLU S 705 -14.91 -102.75 -19.78
N ILE S 706 -16.06 -103.17 -19.26
CA ILE S 706 -17.15 -103.55 -20.22
C ILE S 706 -17.82 -102.28 -20.75
N GLN S 707 -18.00 -102.19 -22.07
CA GLN S 707 -18.70 -101.05 -22.64
C GLN S 707 -19.81 -101.56 -23.54
N TYR S 708 -20.89 -100.79 -23.62
CA TYR S 708 -21.94 -101.12 -24.58
C TYR S 708 -21.45 -100.83 -25.99
N THR S 709 -21.76 -101.74 -26.92
CA THR S 709 -21.26 -101.63 -28.28
C THR S 709 -22.26 -102.25 -29.23
N SER S 710 -22.18 -101.82 -30.48
CA SER S 710 -23.01 -102.45 -31.53
C SER S 710 -22.30 -103.71 -31.99
N ASN S 711 -23.01 -104.66 -32.61
CA ASN S 711 -22.31 -105.90 -32.99
C ASN S 711 -21.80 -105.69 -34.42
N TYR S 712 -20.53 -106.02 -34.69
CA TYR S 712 -19.92 -105.74 -36.00
C TYR S 712 -20.50 -106.67 -37.07
N ASN S 713 -20.90 -107.90 -36.72
CA ASN S 713 -21.32 -108.81 -37.76
C ASN S 713 -22.46 -108.24 -38.59
N LYS S 714 -22.51 -108.67 -39.85
CA LYS S 714 -23.55 -108.20 -40.79
C LYS S 714 -24.92 -108.64 -40.33
N SER S 715 -25.92 -107.86 -40.69
CA SER S 715 -27.29 -108.17 -40.35
C SER S 715 -28.21 -107.57 -41.39
N ILE S 716 -29.44 -108.10 -41.45
CA ILE S 716 -30.43 -107.57 -42.37
C ILE S 716 -30.78 -106.13 -42.02
N ASN S 717 -30.96 -105.86 -40.73
CA ASN S 717 -31.31 -104.53 -40.24
C ASN S 717 -30.27 -104.03 -39.25
N VAL S 718 -30.05 -102.73 -39.25
CA VAL S 718 -29.19 -102.10 -38.26
C VAL S 718 -30.00 -101.86 -36.99
N ASP S 719 -29.35 -102.02 -35.84
CA ASP S 719 -30.05 -101.83 -34.57
C ASP S 719 -30.40 -100.36 -34.37
N PHE S 720 -31.57 -100.13 -33.75
CA PHE S 720 -32.05 -98.78 -33.43
C PHE S 720 -32.17 -97.92 -34.68
N THR S 721 -32.63 -98.51 -35.77
CA THR S 721 -32.94 -97.79 -37.00
C THR S 721 -34.33 -98.20 -37.47
N VAL S 722 -34.69 -97.76 -38.66
CA VAL S 722 -35.96 -98.11 -39.27
C VAL S 722 -35.75 -99.27 -40.23
N ASP S 723 -36.79 -100.06 -40.45
CA ASP S 723 -36.74 -101.17 -41.38
C ASP S 723 -37.22 -100.70 -42.76
N THR S 724 -37.47 -101.65 -43.66
CA THR S 724 -37.92 -101.30 -45.02
C THR S 724 -39.32 -100.69 -44.95
N ASN S 725 -40.03 -100.84 -43.83
CA ASN S 725 -41.35 -100.21 -43.65
C ASN S 725 -41.19 -98.86 -42.95
N GLY S 726 -39.94 -98.48 -42.65
CA GLY S 726 -39.68 -97.21 -41.95
C GLY S 726 -40.15 -97.27 -40.50
N VAL S 727 -40.31 -98.48 -39.97
CA VAL S 727 -40.80 -98.65 -38.57
C VAL S 727 -39.59 -98.66 -37.63
N TYR S 728 -39.55 -97.70 -36.69
CA TYR S 728 -38.45 -97.65 -35.74
C TYR S 728 -38.65 -98.68 -34.65
N SER S 729 -37.57 -99.38 -34.30
CA SER S 729 -37.64 -100.40 -33.26
C SER S 729 -36.43 -100.27 -32.35
N GLU S 730 -36.60 -100.69 -31.10
CA GLU S 730 -35.51 -100.74 -30.13
C GLU S 730 -35.23 -102.20 -29.81
N PRO S 731 -34.16 -102.79 -30.38
CA PRO S 731 -33.99 -104.25 -30.30
C PRO S 731 -33.85 -104.80 -28.88
N ARG S 732 -33.22 -104.08 -27.97
CA ARG S 732 -32.98 -104.60 -26.63
C ARG S 732 -33.00 -103.45 -25.65
N PRO S 733 -33.28 -103.73 -24.36
CA PRO S 733 -33.11 -102.69 -23.35
C PRO S 733 -31.64 -102.45 -23.04
N ILE S 734 -31.28 -101.18 -22.89
CA ILE S 734 -29.92 -100.80 -22.53
C ILE S 734 -29.96 -100.15 -21.16
N GLY S 735 -29.22 -100.71 -20.22
CA GLY S 735 -29.08 -100.13 -18.90
C GLY S 735 -28.01 -99.05 -18.91
N THR S 736 -27.49 -98.77 -17.72
CA THR S 736 -26.43 -97.78 -17.58
C THR S 736 -25.20 -98.30 -16.87
N ARG S 737 -25.21 -99.53 -16.36
CA ARG S 737 -24.17 -100.01 -15.45
C ARG S 737 -23.16 -100.85 -16.24
N TYR S 738 -22.22 -100.14 -16.85
CA TYR S 738 -21.12 -100.77 -17.60
C TYR S 738 -19.75 -100.48 -17.02
N LEU S 739 -19.50 -99.24 -16.60
CA LEU S 739 -18.26 -98.94 -15.89
C LEU S 739 -18.31 -99.56 -14.50
N THR S 740 -17.14 -99.68 -13.88
CA THR S 740 -17.01 -100.30 -12.58
C THR S 740 -16.37 -99.34 -11.59
N ARG S 741 -16.79 -99.50 -10.32
CA ARG S 741 -16.19 -98.72 -9.22
C ARG S 741 -16.04 -99.68 -8.04
N ASN S 742 -15.03 -99.50 -7.19
CA ASN S 742 -14.85 -100.31 -5.99
C ASN S 742 -15.92 -99.99 -4.95
N LEU S 743 -16.22 -100.97 -4.11
CA LEU S 743 -17.18 -100.76 -3.03
C LEU S 743 -16.64 -99.78 -1.99
N ALA T 218 -84.70 12.59 14.58
CA ALA T 218 -83.83 11.43 14.29
C ALA T 218 -84.43 10.63 13.15
N ASP T 219 -85.76 10.46 13.16
CA ASP T 219 -86.42 9.58 12.17
C ASP T 219 -87.58 10.35 11.54
N GLY T 220 -87.66 11.66 11.79
CA GLY T 220 -88.70 12.45 11.12
C GLY T 220 -90.05 11.76 11.12
N VAL T 221 -90.79 11.86 10.02
CA VAL T 221 -92.16 11.28 9.97
C VAL T 221 -92.09 10.11 8.99
N GLY T 222 -92.35 8.92 9.46
CA GLY T 222 -92.38 7.73 8.65
C GLY T 222 -91.23 6.77 8.87
N ASN T 223 -90.29 7.10 9.74
CA ASN T 223 -89.18 6.21 10.08
C ASN T 223 -89.31 5.80 11.54
N SER T 224 -89.34 4.50 11.79
CA SER T 224 -89.47 4.01 13.14
C SER T 224 -88.20 4.27 13.95
N SER T 225 -88.37 4.68 15.20
CA SER T 225 -87.25 4.99 16.07
C SER T 225 -86.97 3.87 17.08
N GLY T 226 -87.60 2.71 16.93
CA GLY T 226 -87.34 1.61 17.82
C GLY T 226 -88.09 0.37 17.36
N ASN T 227 -87.80 -0.73 18.04
CA ASN T 227 -88.40 -2.03 17.74
C ASN T 227 -89.00 -2.61 19.01
N TRP T 228 -89.85 -3.62 18.82
CA TRP T 228 -90.51 -4.29 19.93
C TRP T 228 -89.60 -5.39 20.47
N HIS T 229 -89.12 -5.21 21.69
CA HIS T 229 -88.23 -6.20 22.34
C HIS T 229 -88.88 -6.65 23.64
N CYS T 230 -89.62 -7.77 23.58
CA CYS T 230 -90.25 -8.32 24.81
C CYS T 230 -89.80 -9.79 24.88
N ASP T 231 -88.90 -10.12 25.81
CA ASP T 231 -88.37 -11.51 25.88
C ASP T 231 -87.47 -11.69 27.10
N SER T 232 -87.00 -12.91 27.34
CA SER T 232 -86.04 -13.08 28.43
C SER T 232 -84.97 -14.07 28.00
N THR T 233 -83.73 -13.82 28.41
CA THR T 233 -82.59 -14.67 28.09
C THR T 233 -81.97 -15.14 29.39
N TRP T 234 -81.84 -16.45 29.54
CA TRP T 234 -81.19 -17.06 30.70
C TRP T 234 -79.79 -17.52 30.29
N MET T 235 -78.78 -16.93 30.94
CA MET T 235 -77.38 -17.28 30.60
C MET T 235 -76.61 -17.52 31.91
N GLY T 236 -76.52 -18.77 32.34
CA GLY T 236 -75.78 -19.11 33.55
C GLY T 236 -76.43 -18.49 34.77
N ASP T 237 -75.66 -17.66 35.48
CA ASP T 237 -76.11 -17.00 36.70
C ASP T 237 -76.78 -15.65 36.43
N ARG T 238 -77.30 -15.44 35.22
CA ARG T 238 -77.96 -14.19 34.88
C ARG T 238 -79.24 -14.49 34.10
N VAL T 239 -80.24 -13.64 34.30
CA VAL T 239 -81.43 -13.64 33.47
C VAL T 239 -81.74 -12.18 33.12
N THR T 240 -81.86 -11.89 31.83
CA THR T 240 -82.18 -10.56 31.34
C THR T 240 -83.61 -10.55 30.82
N THR T 241 -84.47 -9.79 31.47
CA THR T 241 -85.86 -9.67 31.08
C THR T 241 -86.08 -8.34 30.39
N THR T 242 -86.71 -8.37 29.21
CA THR T 242 -87.03 -7.16 28.46
C THR T 242 -88.54 -7.12 28.22
N SER T 243 -89.12 -5.94 28.36
CA SER T 243 -90.56 -5.76 28.21
C SER T 243 -90.82 -4.52 27.37
N THR T 244 -91.83 -4.61 26.50
CA THR T 244 -92.27 -3.46 25.72
C THR T 244 -93.78 -3.32 25.89
N ARG T 245 -94.24 -2.08 26.07
CA ARG T 245 -95.65 -1.78 26.25
C ARG T 245 -96.01 -0.55 25.44
N THR T 246 -97.30 -0.40 25.15
CA THR T 246 -97.83 0.77 24.49
C THR T 246 -98.52 1.64 25.54
N TRP T 247 -98.10 2.90 25.64
CA TRP T 247 -98.61 3.82 26.63
C TRP T 247 -99.39 4.96 25.99
N ALA T 248 -100.29 5.53 26.77
CA ALA T 248 -101.05 6.71 26.38
C ALA T 248 -100.90 7.77 27.46
N LEU T 249 -100.51 8.96 27.06
CA LEU T 249 -100.28 10.07 27.99
C LEU T 249 -101.21 11.22 27.68
N PRO T 250 -102.20 11.51 28.52
CA PRO T 250 -103.08 12.65 28.28
C PRO T 250 -102.42 13.94 28.78
N THR T 251 -103.18 15.03 28.69
CA THR T 251 -102.79 16.30 29.28
C THR T 251 -103.37 16.37 30.68
N TYR T 252 -102.49 16.57 31.67
CA TYR T 252 -102.88 16.54 33.07
C TYR T 252 -103.00 17.96 33.63
N ASN T 253 -104.08 18.20 34.36
CA ASN T 253 -104.33 19.48 35.03
C ASN T 253 -104.44 20.65 34.06
N ASN T 254 -104.64 20.36 32.77
CA ASN T 254 -104.66 21.39 31.72
C ASN T 254 -103.38 22.22 31.76
N HIS T 255 -102.24 21.53 31.81
CA HIS T 255 -100.90 22.12 31.80
C HIS T 255 -100.62 23.00 33.01
N LEU T 256 -101.25 22.72 34.15
CA LEU T 256 -101.14 23.58 35.31
C LEU T 256 -100.62 22.82 36.51
N TYR T 257 -100.03 23.56 37.45
CA TYR T 257 -99.65 22.97 38.75
C TYR T 257 -100.73 23.47 39.71
N LYS T 258 -101.36 22.60 40.45
CA LYS T 258 -102.46 22.91 41.37
C LYS T 258 -102.08 22.48 42.78
N GLN T 259 -102.21 23.39 43.72
CA GLN T 259 -102.04 23.05 45.12
C GLN T 259 -103.20 22.18 45.58
N ILE T 260 -102.88 21.06 46.22
CA ILE T 260 -103.89 20.12 46.70
C ILE T 260 -103.70 19.94 48.20
N SER T 261 -104.80 19.60 48.87
CA SER T 261 -104.77 19.41 50.32
C SER T 261 -105.97 18.54 50.70
N SER T 262 -105.93 18.04 51.93
CA SER T 262 -107.03 17.23 52.44
C SER T 262 -108.30 18.06 52.54
N GLN T 263 -109.42 17.38 52.39
CA GLN T 263 -110.72 18.09 52.42
C GLN T 263 -110.98 18.58 53.83
N SER T 264 -111.69 19.71 53.94
CA SER T 264 -112.08 20.19 55.27
C SER T 264 -113.03 19.16 55.90
N GLY T 265 -112.91 18.93 57.19
CA GLY T 265 -113.69 17.95 57.92
C GLY T 265 -113.05 16.59 58.00
N ALA T 266 -111.92 16.37 57.34
CA ALA T 266 -111.22 15.11 57.44
C ALA T 266 -110.59 14.95 58.83
N SER T 267 -110.35 13.71 59.22
CA SER T 267 -109.70 13.45 60.48
C SER T 267 -108.24 13.92 60.43
N ASN T 268 -107.65 14.07 61.62
CA ASN T 268 -106.27 14.53 61.69
C ASN T 268 -105.32 13.53 61.05
N ASP T 269 -105.62 12.23 61.16
CA ASP T 269 -104.76 11.22 60.55
C ASP T 269 -104.77 11.30 59.03
N ASN T 270 -105.84 11.82 58.44
CA ASN T 270 -105.99 11.88 56.99
C ASN T 270 -105.64 13.24 56.42
N HIS T 271 -105.16 14.18 57.24
CA HIS T 271 -104.80 15.50 56.74
C HIS T 271 -103.51 15.43 55.94
N TYR T 272 -103.45 16.20 54.84
CA TYR T 272 -102.26 16.24 54.02
C TYR T 272 -102.25 17.54 53.22
N PHE T 273 -101.07 17.87 52.71
CA PHE T 273 -100.86 19.02 51.85
C PHE T 273 -99.81 18.66 50.81
N GLY T 274 -100.03 19.10 49.58
CA GLY T 274 -99.10 18.76 48.52
C GLY T 274 -99.43 19.51 47.25
N TYR T 275 -98.82 19.07 46.15
CA TYR T 275 -99.02 19.70 44.86
C TYR T 275 -99.24 18.64 43.79
N SER T 276 -100.11 18.97 42.84
CA SER T 276 -100.38 18.12 41.68
C SER T 276 -99.71 18.73 40.46
N THR T 277 -98.93 17.93 39.75
CA THR T 277 -98.18 18.43 38.61
C THR T 277 -98.82 17.96 37.31
N PRO T 278 -98.62 18.71 36.21
CA PRO T 278 -99.13 18.27 34.90
C PRO T 278 -98.32 17.15 34.27
N TRP T 279 -97.31 16.64 34.95
CA TRP T 279 -96.45 15.60 34.41
C TRP T 279 -96.99 14.21 34.76
N GLY T 280 -96.57 13.23 33.96
CA GLY T 280 -96.77 11.82 34.27
C GLY T 280 -95.44 11.16 34.55
N TYR T 281 -95.51 9.91 34.99
CA TYR T 281 -94.29 9.16 35.29
C TYR T 281 -94.47 7.71 34.87
N PHE T 282 -93.36 7.09 34.47
CA PHE T 282 -93.35 5.70 34.05
C PHE T 282 -92.96 4.83 35.24
N ASP T 283 -93.84 3.90 35.61
CA ASP T 283 -93.63 3.02 36.76
C ASP T 283 -93.52 1.59 36.26
N PHE T 284 -92.41 0.93 36.63
CA PHE T 284 -92.26 -0.51 36.39
C PHE T 284 -91.74 -1.20 37.64
N ASN T 285 -92.19 -0.73 38.81
CA ASN T 285 -91.75 -1.27 40.10
C ASN T 285 -92.65 -2.41 40.56
N ARG T 286 -92.88 -3.38 39.67
CA ARG T 286 -93.60 -4.60 40.00
C ARG T 286 -93.00 -5.72 39.17
N PHE T 287 -92.91 -6.92 39.75
CA PHE T 287 -92.19 -8.03 39.07
C PHE T 287 -92.93 -8.48 37.81
N HIS T 288 -94.26 -8.38 37.78
CA HIS T 288 -95.07 -8.83 36.62
C HIS T 288 -94.75 -7.96 35.38
N CYS T 289 -94.15 -6.79 35.58
CA CYS T 289 -93.79 -5.87 34.47
C CYS T 289 -92.60 -6.41 33.69
N HIS T 290 -91.85 -7.36 34.27
CA HIS T 290 -90.66 -7.90 33.63
C HIS T 290 -90.66 -9.41 33.50
N PHE T 291 -91.30 -10.13 34.41
CA PHE T 291 -91.31 -11.59 34.43
C PHE T 291 -92.67 -12.10 33.99
N SER T 292 -92.67 -13.00 33.02
CA SER T 292 -93.86 -13.78 32.72
C SER T 292 -94.07 -14.82 33.81
N PRO T 293 -95.29 -15.35 33.95
CA PRO T 293 -95.51 -16.41 34.94
C PRO T 293 -94.60 -17.62 34.76
N ARG T 294 -94.33 -18.01 33.51
CA ARG T 294 -93.37 -19.08 33.27
C ARG T 294 -91.96 -18.66 33.69
N ASP T 295 -91.60 -17.40 33.43
CA ASP T 295 -90.32 -16.87 33.89
C ASP T 295 -90.23 -16.90 35.41
N TRP T 296 -91.31 -16.51 36.09
CA TRP T 296 -91.33 -16.55 37.55
C TRP T 296 -91.19 -17.98 38.06
N GLN T 297 -91.87 -18.93 37.44
CA GLN T 297 -91.76 -20.32 37.86
C GLN T 297 -90.35 -20.85 37.65
N ARG T 298 -89.73 -20.48 36.52
CA ARG T 298 -88.34 -20.86 36.28
C ARG T 298 -87.40 -20.23 37.29
N LEU T 299 -87.69 -19.00 37.73
CA LEU T 299 -86.83 -18.34 38.70
C LEU T 299 -86.95 -18.95 40.09
N ILE T 300 -88.18 -19.19 40.55
CA ILE T 300 -88.39 -19.55 41.94
C ILE T 300 -88.20 -21.04 42.21
N ASN T 301 -88.28 -21.89 41.18
CA ASN T 301 -88.12 -23.32 41.38
C ASN T 301 -86.68 -23.79 41.29
N ASN T 302 -85.75 -22.91 40.93
CA ASN T 302 -84.38 -23.33 40.65
C ASN T 302 -83.31 -22.47 41.32
N ASN T 303 -83.66 -21.33 41.91
CA ASN T 303 -82.69 -20.41 42.45
C ASN T 303 -82.94 -20.17 43.92
N TRP T 304 -81.85 -20.05 44.68
CA TRP T 304 -81.90 -19.70 46.09
C TRP T 304 -81.92 -18.20 46.33
N GLY T 305 -81.74 -17.39 45.30
CA GLY T 305 -81.77 -15.95 45.45
C GLY T 305 -81.61 -15.25 44.13
N PHE T 306 -81.96 -13.97 44.12
CA PHE T 306 -81.80 -13.13 42.95
C PHE T 306 -81.78 -11.67 43.36
N ARG T 307 -81.21 -10.84 42.50
CA ARG T 307 -81.13 -9.40 42.75
C ARG T 307 -80.94 -8.69 41.42
N PRO T 308 -81.45 -7.47 41.28
CA PRO T 308 -81.23 -6.71 40.05
C PRO T 308 -79.81 -6.16 39.96
N LYS T 309 -79.32 -6.06 38.73
CA LYS T 309 -77.96 -5.62 38.45
C LYS T 309 -77.91 -4.31 37.69
N ARG T 310 -78.61 -4.22 36.56
CA ARG T 310 -78.65 -3.01 35.76
C ARG T 310 -79.92 -3.00 34.94
N LEU T 311 -80.32 -1.82 34.48
CA LEU T 311 -81.51 -1.69 33.66
C LEU T 311 -81.25 -0.73 32.50
N ASN T 312 -82.04 -0.91 31.44
CA ASN T 312 -81.99 -0.02 30.25
C ASN T 312 -83.43 0.39 29.96
N PHE T 313 -83.68 1.65 29.65
CA PHE T 313 -85.00 2.21 29.44
C PHE T 313 -85.03 2.93 28.10
N LYS T 314 -86.16 2.77 27.39
CA LYS T 314 -86.29 3.45 26.09
C LYS T 314 -87.71 3.90 25.79
N LEU T 315 -87.87 5.12 25.29
CA LEU T 315 -89.13 5.62 24.76
C LEU T 315 -88.95 5.88 23.27
N PHE T 316 -89.90 5.40 22.46
CA PHE T 316 -89.73 5.49 21.01
C PHE T 316 -91.11 5.43 20.36
N ASN T 317 -91.11 5.68 19.05
CA ASN T 317 -92.32 5.68 18.24
C ASN T 317 -93.37 6.60 18.84
N ILE T 318 -92.94 7.81 19.18
CA ILE T 318 -93.79 8.77 19.87
C ILE T 318 -94.70 9.47 18.86
N GLN T 319 -96.00 9.43 19.11
CA GLN T 319 -96.99 10.07 18.26
C GLN T 319 -97.80 11.03 19.11
N VAL T 320 -97.89 12.29 18.66
CA VAL T 320 -98.72 13.28 19.32
C VAL T 320 -99.98 13.45 18.50
N LYS T 321 -101.13 13.23 19.13
CA LYS T 321 -102.43 13.30 18.48
C LYS T 321 -103.18 14.52 18.98
N GLU T 322 -103.69 15.32 18.05
CA GLU T 322 -104.51 16.48 18.39
C GLU T 322 -105.98 16.09 18.33
N VAL T 323 -106.72 16.41 19.39
CA VAL T 323 -108.13 16.06 19.51
C VAL T 323 -108.95 17.34 19.41
N THR T 324 -109.95 17.34 18.53
CA THR T 324 -110.87 18.44 18.37
C THR T 324 -112.30 17.93 18.49
N GLN T 325 -113.20 18.82 18.92
CA GLN T 325 -114.60 18.47 19.12
C GLN T 325 -115.46 19.59 18.55
N ASN T 326 -116.09 19.35 17.42
CA ASN T 326 -116.90 20.34 16.73
C ASN T 326 -118.29 19.76 16.50
N ASP T 327 -119.31 20.43 17.05
CA ASP T 327 -120.71 20.02 16.89
C ASP T 327 -120.93 18.58 17.33
N GLY T 328 -120.30 18.20 18.45
CA GLY T 328 -120.50 16.88 19.00
C GLY T 328 -119.71 15.76 18.35
N THR T 329 -118.77 16.09 17.47
CA THR T 329 -117.97 15.09 16.77
C THR T 329 -116.53 15.15 17.26
N THR T 330 -115.99 13.99 17.64
CA THR T 330 -114.61 13.88 18.10
C THR T 330 -113.73 13.46 16.93
N THR T 331 -112.81 14.34 16.54
CA THR T 331 -111.90 14.11 15.43
C THR T 331 -110.47 14.10 15.95
N ILE T 332 -109.72 13.06 15.61
CA ILE T 332 -108.34 12.91 16.04
C ILE T 332 -107.44 12.92 14.82
N ALA T 333 -106.43 13.79 14.84
CA ALA T 333 -105.50 13.92 13.74
C ALA T 333 -104.08 13.99 14.29
N ASN T 334 -103.12 13.63 13.45
CA ASN T 334 -101.72 13.66 13.85
C ASN T 334 -101.22 15.10 14.00
N ASN T 335 -100.30 15.28 14.94
CA ASN T 335 -99.58 16.54 15.12
C ASN T 335 -98.09 16.21 15.05
N LEU T 336 -97.52 16.37 13.85
CA LEU T 336 -96.14 15.94 13.63
C LEU T 336 -95.11 16.92 14.17
N THR T 337 -95.52 18.12 14.59
CA THR T 337 -94.59 19.13 15.09
C THR T 337 -94.62 19.29 16.59
N SER T 338 -95.56 18.64 17.29
CA SER T 338 -95.60 18.73 18.74
C SER T 338 -94.55 17.82 19.37
N THR T 339 -94.17 18.17 20.60
CA THR T 339 -93.14 17.45 21.33
C THR T 339 -93.69 16.90 22.64
N VAL T 340 -92.92 16.00 23.24
CA VAL T 340 -93.13 15.53 24.60
C VAL T 340 -91.82 15.70 25.36
N GLN T 341 -91.92 16.21 26.58
CA GLN T 341 -90.75 16.46 27.42
C GLN T 341 -90.51 15.27 28.34
N VAL T 342 -89.30 14.73 28.29
CA VAL T 342 -88.92 13.56 29.09
C VAL T 342 -87.62 13.88 29.81
N PHE T 343 -87.58 13.61 31.11
CA PHE T 343 -86.33 13.69 31.85
C PHE T 343 -86.37 12.70 33.01
N THR T 344 -85.18 12.25 33.41
CA THR T 344 -85.03 11.34 34.53
C THR T 344 -84.45 12.10 35.71
N ASP T 345 -85.04 11.89 36.89
CA ASP T 345 -84.58 12.54 38.11
C ASP T 345 -83.41 11.75 38.70
N SER T 346 -82.27 11.83 38.02
CA SER T 346 -81.09 11.01 38.42
C SER T 346 -80.39 11.58 39.64
N GLU T 347 -80.65 12.84 39.98
CA GLU T 347 -80.08 13.41 41.20
C GLU T 347 -81.02 13.32 42.38
N TYR T 348 -82.19 12.73 42.21
CA TYR T 348 -83.17 12.52 43.29
C TYR T 348 -83.51 13.82 44.00
N GLN T 349 -83.75 14.87 43.23
CA GLN T 349 -84.13 16.16 43.76
C GLN T 349 -85.65 16.32 43.88
N LEU T 350 -86.43 15.38 43.40
CA LEU T 350 -87.87 15.40 43.49
C LEU T 350 -88.36 14.36 44.49
N PRO T 351 -89.53 14.58 45.10
CA PRO T 351 -90.08 13.57 46.02
C PRO T 351 -90.30 12.25 45.30
N TYR T 352 -89.75 11.18 45.87
CA TYR T 352 -89.77 9.86 45.25
C TYR T 352 -91.11 9.20 45.58
N VAL T 353 -92.02 9.20 44.61
CA VAL T 353 -93.34 8.60 44.81
C VAL T 353 -93.40 7.15 44.35
N LEU T 354 -92.38 6.65 43.66
CA LEU T 354 -92.28 5.23 43.39
C LEU T 354 -91.99 4.49 44.69
N GLY T 355 -92.42 3.23 44.74
CA GLY T 355 -92.25 2.44 45.94
C GLY T 355 -93.35 2.61 46.97
N SER T 356 -94.45 3.27 46.63
CA SER T 356 -95.61 3.38 47.50
C SER T 356 -96.75 2.46 47.07
N ALA T 357 -96.45 1.48 46.21
CA ALA T 357 -97.44 0.51 45.75
C ALA T 357 -98.62 1.19 45.04
N HIS T 358 -98.29 2.07 44.11
CA HIS T 358 -99.30 2.83 43.37
C HIS T 358 -99.65 2.15 42.06
N GLN T 359 -100.89 2.34 41.62
CA GLN T 359 -101.35 1.83 40.35
C GLN T 359 -100.77 2.65 39.20
N GLY T 360 -100.85 2.10 38.00
CA GLY T 360 -100.32 2.76 36.83
C GLY T 360 -99.03 2.17 36.29
N CYS T 361 -98.65 0.98 36.72
CA CYS T 361 -97.42 0.34 36.26
C CYS T 361 -97.61 -0.19 34.85
N LEU T 362 -96.54 -0.78 34.33
CA LEU T 362 -96.63 -1.50 33.06
C LEU T 362 -97.50 -2.73 33.25
N PRO T 363 -98.51 -2.95 32.42
CA PRO T 363 -99.42 -4.06 32.65
C PRO T 363 -98.69 -5.38 32.52
N PRO T 364 -99.09 -6.39 33.30
CA PRO T 364 -98.41 -7.69 33.24
C PRO T 364 -98.49 -8.34 31.87
N PHE T 365 -99.58 -8.19 31.16
CA PHE T 365 -99.73 -8.77 29.83
C PHE T 365 -99.15 -7.83 28.79
N PRO T 366 -98.21 -8.31 27.96
CA PRO T 366 -97.55 -7.40 27.00
C PRO T 366 -98.47 -6.78 25.97
N ALA T 367 -99.66 -7.33 25.76
CA ALA T 367 -100.59 -6.81 24.76
C ALA T 367 -101.48 -5.71 25.27
N ASP T 368 -101.44 -5.39 26.57
CA ASP T 368 -102.29 -4.37 27.16
C ASP T 368 -101.71 -2.99 26.99
N VAL T 369 -102.57 -2.01 26.74
CA VAL T 369 -102.20 -0.61 26.63
C VAL T 369 -102.59 0.10 27.92
N PHE T 370 -101.68 0.90 28.47
CA PHE T 370 -101.88 1.51 29.78
C PHE T 370 -101.72 3.02 29.71
N MET T 371 -102.43 3.70 30.60
CA MET T 371 -102.33 5.14 30.75
C MET T 371 -101.20 5.49 31.70
N VAL T 372 -100.47 6.56 31.39
CA VAL T 372 -99.37 7.01 32.23
C VAL T 372 -99.93 7.73 33.45
N PRO T 373 -99.59 7.30 34.67
CA PRO T 373 -100.17 7.93 35.86
C PRO T 373 -99.66 9.35 36.06
N GLN T 374 -100.50 10.17 36.67
CA GLN T 374 -100.16 11.56 36.93
C GLN T 374 -99.23 11.66 38.14
N TYR T 375 -98.20 12.49 38.01
CA TYR T 375 -97.23 12.66 39.09
C TYR T 375 -97.73 13.70 40.08
N GLY T 376 -97.56 13.40 41.36
CA GLY T 376 -97.92 14.31 42.43
C GLY T 376 -97.18 13.94 43.69
N TYR T 377 -96.97 14.93 44.55
CA TYR T 377 -96.20 14.72 45.76
C TYR T 377 -96.86 15.45 46.92
N LEU T 378 -96.52 15.01 48.13
CA LEU T 378 -96.97 15.64 49.35
C LEU T 378 -95.78 16.25 50.09
N THR T 379 -96.05 17.35 50.78
CA THR T 379 -95.03 18.01 51.59
C THR T 379 -95.56 18.19 53.00
N LEU T 380 -94.82 18.93 53.83
CA LEU T 380 -95.21 19.12 55.25
C LEU T 380 -96.57 19.82 55.33
N ASN T 381 -97.39 19.42 56.29
CA ASN T 381 -98.71 20.05 56.47
C ASN T 381 -99.02 20.22 57.96
N ASN T 382 -99.64 21.33 58.35
CA ASN T 382 -100.14 21.48 59.72
C ASN T 382 -101.65 21.42 59.54
N GLY T 383 -102.23 20.21 59.49
CA GLY T 383 -103.65 20.10 59.16
C GLY T 383 -103.81 20.16 57.66
N SER T 384 -104.81 20.87 57.16
CA SER T 384 -104.96 21.03 55.72
C SER T 384 -104.09 22.15 55.17
N GLN T 385 -103.42 22.93 56.03
CA GLN T 385 -102.57 24.02 55.62
C GLN T 385 -101.13 23.57 55.49
N ALA T 386 -100.29 24.48 55.03
CA ALA T 386 -98.86 24.25 54.89
C ALA T 386 -98.08 25.02 55.95
N VAL T 387 -96.80 24.69 56.06
CA VAL T 387 -95.88 25.39 56.96
C VAL T 387 -94.78 26.01 56.12
N GLY T 388 -93.93 26.80 56.79
CA GLY T 388 -92.85 27.47 56.09
C GLY T 388 -91.82 26.52 55.52
N ARG T 389 -91.70 25.33 56.10
CA ARG T 389 -90.75 24.33 55.63
C ARG T 389 -91.26 23.53 54.44
N SER T 390 -92.52 23.67 54.07
CA SER T 390 -93.07 22.95 52.94
C SER T 390 -92.35 23.36 51.65
N SER T 391 -92.07 22.38 50.80
CA SER T 391 -91.30 22.59 49.59
C SER T 391 -92.20 22.50 48.37
N PHE T 392 -91.98 23.39 47.40
CA PHE T 392 -92.67 23.36 46.13
C PHE T 392 -91.65 23.08 45.03
N TYR T 393 -92.02 22.21 44.10
CA TYR T 393 -91.13 21.79 43.02
C TYR T 393 -91.80 22.03 41.68
N CYS T 394 -91.13 22.77 40.81
CA CYS T 394 -91.55 22.94 39.43
C CYS T 394 -90.70 22.02 38.56
N LEU T 395 -91.34 21.08 37.88
CA LEU T 395 -90.64 20.10 37.07
C LEU T 395 -90.13 20.67 35.76
N GLU T 396 -90.60 21.85 35.36
CA GLU T 396 -90.03 22.54 34.21
C GLU T 396 -88.73 23.25 34.54
N TYR T 397 -88.32 23.23 35.81
CA TYR T 397 -87.04 23.86 36.27
C TYR T 397 -85.92 22.83 36.14
N PHE T 398 -86.22 21.65 35.62
CA PHE T 398 -85.27 20.60 35.30
C PHE T 398 -84.98 20.59 33.81
N PRO T 399 -83.76 20.25 33.41
CA PRO T 399 -83.47 20.07 31.98
C PRO T 399 -84.15 18.80 31.48
N SER T 400 -84.95 18.95 30.43
CA SER T 400 -85.69 17.83 29.85
C SER T 400 -85.42 17.75 28.36
N GLN T 401 -85.59 16.56 27.82
CA GLN T 401 -85.38 16.30 26.40
C GLN T 401 -86.71 16.37 25.67
N MET T 402 -86.75 17.15 24.59
CA MET T 402 -87.96 17.35 23.80
C MET T 402 -87.94 16.40 22.62
N LEU T 403 -89.02 15.64 22.45
CA LEU T 403 -89.08 14.58 21.45
C LEU T 403 -90.27 14.82 20.52
N ARG T 404 -89.98 14.99 19.25
CA ARG T 404 -91.01 15.00 18.22
C ARG T 404 -91.27 13.57 17.75
N THR T 405 -92.18 13.41 16.78
CA THR T 405 -92.37 12.08 16.17
C THR T 405 -91.10 11.78 15.37
N GLY T 406 -90.42 10.70 15.73
CA GLY T 406 -89.14 10.35 15.14
C GLY T 406 -87.97 10.47 16.07
N ASN T 407 -88.15 11.07 17.24
CA ASN T 407 -87.12 11.12 18.27
C ASN T 407 -87.36 10.04 19.31
N ASN T 408 -86.29 9.57 19.92
CA ASN T 408 -86.37 8.55 20.96
C ASN T 408 -85.57 9.00 22.17
N PHE T 409 -85.90 8.42 23.32
CA PHE T 409 -85.24 8.69 24.58
C PHE T 409 -84.70 7.38 25.14
N THR T 410 -83.53 7.45 25.79
CA THR T 410 -82.96 6.27 26.39
C THR T 410 -82.06 6.68 27.55
N PHE T 411 -81.90 5.77 28.52
CA PHE T 411 -80.94 5.95 29.59
C PHE T 411 -80.68 4.61 30.23
N SER T 412 -79.49 4.48 30.83
CA SER T 412 -79.06 3.25 31.47
C SER T 412 -78.79 3.52 32.95
N TYR T 413 -79.11 2.54 33.78
CA TYR T 413 -78.95 2.66 35.22
C TYR T 413 -78.32 1.38 35.75
N THR T 414 -77.46 1.52 36.75
CA THR T 414 -76.83 0.39 37.40
C THR T 414 -77.30 0.33 38.85
N PHE T 415 -77.84 -0.82 39.25
CA PHE T 415 -78.25 -1.02 40.62
C PHE T 415 -77.03 -1.07 41.54
N GLU T 416 -77.19 -0.54 42.75
CA GLU T 416 -76.17 -0.69 43.76
C GLU T 416 -76.15 -2.14 44.26
N ASP T 417 -75.08 -2.49 44.97
CA ASP T 417 -74.96 -3.82 45.53
C ASP T 417 -76.01 -4.02 46.63
N VAL T 418 -76.83 -5.05 46.48
CA VAL T 418 -77.88 -5.34 47.45
C VAL T 418 -77.85 -6.84 47.74
N PRO T 419 -78.32 -7.24 48.91
CA PRO T 419 -78.37 -8.68 49.23
C PRO T 419 -79.32 -9.42 48.29
N PHE T 420 -78.99 -10.68 48.03
CA PHE T 420 -79.90 -11.54 47.29
C PHE T 420 -81.18 -11.73 48.09
N HIS T 421 -82.31 -11.69 47.39
CA HIS T 421 -83.58 -12.02 48.03
C HIS T 421 -83.57 -13.48 48.43
N SER T 422 -84.04 -13.75 49.66
CA SER T 422 -84.09 -15.13 50.19
C SER T 422 -85.26 -15.88 49.55
N SER T 423 -85.07 -16.39 48.33
CA SER T 423 -86.11 -17.15 47.65
C SER T 423 -86.08 -18.62 48.07
N TYR T 424 -86.12 -18.85 49.38
CA TYR T 424 -86.10 -20.19 49.93
C TYR T 424 -86.82 -20.17 51.26
N ALA T 425 -87.26 -21.35 51.69
CA ALA T 425 -87.83 -21.56 53.01
C ALA T 425 -86.91 -22.45 53.82
N HIS T 426 -86.68 -22.08 55.07
CA HIS T 426 -85.79 -22.87 55.92
C HIS T 426 -86.43 -24.22 56.23
N SER T 427 -85.64 -25.29 56.07
CA SER T 427 -86.08 -26.64 56.41
C SER T 427 -85.79 -26.98 57.87
N GLN T 428 -85.22 -26.06 58.64
CA GLN T 428 -85.02 -26.22 60.06
C GLN T 428 -85.66 -25.05 60.80
N SER T 429 -86.11 -25.33 62.02
CA SER T 429 -86.64 -24.30 62.89
C SER T 429 -85.54 -23.80 63.82
N LEU T 430 -85.65 -22.53 64.22
CA LEU T 430 -84.62 -21.92 65.06
C LEU T 430 -84.56 -22.57 66.44
N ASP T 431 -85.63 -23.22 66.87
CA ASP T 431 -85.67 -23.87 68.22
C ASP T 431 -85.38 -25.37 68.10
N ARG T 432 -85.03 -25.84 66.89
CA ARG T 432 -84.75 -27.26 66.66
C ARG T 432 -83.45 -27.42 65.88
N LEU T 433 -82.40 -26.71 66.32
CA LEU T 433 -81.11 -26.73 65.65
C LEU T 433 -80.11 -27.66 66.31
N MET T 434 -80.53 -28.45 67.28
CA MET T 434 -79.63 -29.27 68.06
C MET T 434 -79.57 -30.70 67.52
N ASN T 435 -78.71 -31.51 68.15
CA ASN T 435 -78.63 -32.93 67.86
C ASN T 435 -79.54 -33.67 68.84
N PRO T 436 -80.62 -34.29 68.38
CA PRO T 436 -81.57 -34.92 69.31
C PRO T 436 -81.03 -36.16 70.01
N LEU T 437 -79.88 -36.69 69.57
CA LEU T 437 -79.35 -37.91 70.13
C LEU T 437 -78.43 -37.68 71.33
N ILE T 438 -77.83 -36.50 71.43
CA ILE T 438 -76.81 -36.22 72.43
C ILE T 438 -77.36 -35.17 73.40
N ASP T 439 -77.19 -35.42 74.70
CA ASP T 439 -77.56 -34.45 75.71
C ASP T 439 -76.58 -33.28 75.72
N GLN T 440 -77.05 -32.15 76.23
CA GLN T 440 -76.19 -31.00 76.44
C GLN T 440 -75.39 -31.16 77.73
N TYR T 441 -74.20 -30.59 77.75
CA TYR T 441 -73.42 -30.56 78.99
C TYR T 441 -73.83 -29.42 79.92
N LEU T 442 -74.61 -28.46 79.43
CA LEU T 442 -75.08 -27.37 80.26
C LEU T 442 -76.31 -27.79 81.04
N TYR T 443 -76.48 -27.18 82.21
CA TYR T 443 -77.59 -27.47 83.11
C TYR T 443 -78.58 -26.32 83.11
N TYR T 444 -79.83 -26.64 83.36
CA TYR T 444 -80.90 -25.67 83.51
C TYR T 444 -81.69 -26.00 84.76
N LEU T 445 -82.26 -24.96 85.38
CA LEU T 445 -83.10 -25.14 86.56
C LEU T 445 -84.37 -25.87 86.15
N SER T 446 -84.49 -27.14 86.55
CA SER T 446 -85.63 -27.97 86.17
C SER T 446 -86.69 -28.07 87.25
N ARG T 447 -86.27 -28.01 88.50
CA ARG T 447 -87.25 -28.08 89.61
C ARG T 447 -86.96 -26.97 90.62
N THR T 448 -88.01 -26.49 91.27
CA THR T 448 -87.88 -25.46 92.29
C THR T 448 -88.31 -25.90 93.68
N ASN T 449 -88.85 -27.11 93.83
CA ASN T 449 -89.23 -27.63 95.13
C ASN T 449 -89.20 -29.15 95.07
N THR T 450 -89.24 -29.76 96.26
CA THR T 450 -89.29 -31.21 96.40
C THR T 450 -90.31 -31.59 97.44
N PRO T 451 -90.93 -32.80 97.36
CA PRO T 451 -91.86 -33.23 98.40
C PRO T 451 -91.13 -33.29 99.75
N SER T 452 -91.65 -32.58 100.75
CA SER T 452 -91.04 -32.64 102.11
C SER T 452 -92.15 -33.00 103.10
N GLY T 453 -92.02 -34.12 103.80
CA GLY T 453 -93.10 -34.58 104.69
C GLY T 453 -94.39 -34.78 103.91
N THR T 454 -95.47 -34.13 104.34
CA THR T 454 -96.76 -34.20 103.59
C THR T 454 -97.01 -32.85 102.93
N THR T 455 -96.05 -31.93 103.04
CA THR T 455 -96.15 -30.61 102.37
C THR T 455 -95.07 -30.51 101.29
N THR T 456 -94.64 -29.31 100.94
CA THR T 456 -93.53 -29.14 99.96
C THR T 456 -92.44 -28.26 100.57
N GLN T 457 -91.21 -28.42 100.09
CA GLN T 457 -90.10 -27.62 100.59
C GLN T 457 -89.31 -27.08 99.40
N SER T 458 -88.89 -25.82 99.49
CA SER T 458 -88.15 -25.19 98.41
C SER T 458 -86.79 -25.84 98.25
N ARG T 459 -86.46 -26.23 97.02
CA ARG T 459 -85.19 -26.91 96.73
C ARG T 459 -84.92 -26.79 95.24
N LEU T 460 -83.78 -26.19 94.89
CA LEU T 460 -83.42 -26.02 93.49
C LEU T 460 -82.73 -27.26 92.96
N GLN T 461 -83.14 -27.71 91.77
CA GLN T 461 -82.51 -28.83 91.09
C GLN T 461 -82.27 -28.48 89.64
N PHE T 462 -81.25 -29.11 89.06
CA PHE T 462 -80.82 -28.80 87.71
C PHE T 462 -80.68 -30.09 86.90
N SER T 463 -80.96 -29.99 85.61
CA SER T 463 -80.91 -31.13 84.71
C SER T 463 -80.21 -30.73 83.43
N GLN T 464 -79.66 -31.73 82.74
CA GLN T 464 -79.11 -31.54 81.41
C GLN T 464 -80.20 -31.82 80.38
N ALA T 465 -80.34 -30.91 79.42
CA ALA T 465 -81.43 -30.99 78.46
C ALA T 465 -81.09 -31.95 77.32
N GLY T 466 -82.07 -32.77 76.95
CA GLY T 466 -81.94 -33.69 75.84
C GLY T 466 -83.15 -33.57 74.92
N ALA T 467 -83.57 -34.70 74.36
CA ALA T 467 -84.70 -34.72 73.44
C ALA T 467 -86.04 -34.65 74.17
N SER T 468 -86.14 -35.28 75.35
CA SER T 468 -87.41 -35.33 76.05
C SER T 468 -87.81 -33.96 76.59
N ASP T 469 -86.85 -33.15 77.00
CA ASP T 469 -87.10 -31.80 77.47
C ASP T 469 -86.45 -30.80 76.53
N ILE T 470 -86.65 -31.02 75.22
CA ILE T 470 -85.98 -30.25 74.17
C ILE T 470 -86.28 -28.76 74.26
N ARG T 471 -87.39 -28.37 74.90
CA ARG T 471 -87.74 -26.96 75.00
C ARG T 471 -86.82 -26.20 75.95
N ASP T 472 -86.10 -26.90 76.83
CA ASP T 472 -85.26 -26.26 77.83
C ASP T 472 -83.80 -26.18 77.42
N GLN T 473 -83.47 -26.57 76.19
CA GLN T 473 -82.09 -26.59 75.75
C GLN T 473 -81.53 -25.17 75.64
N SER T 474 -80.27 -25.01 76.04
CA SER T 474 -79.59 -23.74 75.88
C SER T 474 -79.34 -23.46 74.40
N ARG T 475 -79.61 -22.23 73.98
CA ARG T 475 -79.55 -21.86 72.58
C ARG T 475 -78.74 -20.58 72.40
N ASN T 476 -78.27 -20.38 71.18
CA ASN T 476 -77.40 -19.24 70.87
C ASN T 476 -78.12 -18.09 70.20
N TRP T 477 -79.35 -18.29 69.73
CA TRP T 477 -80.03 -17.31 68.91
C TRP T 477 -81.47 -17.12 69.39
N LEU T 478 -82.09 -16.05 68.91
CA LEU T 478 -83.45 -15.66 69.27
C LEU T 478 -84.25 -15.36 68.01
N PRO T 479 -85.57 -15.54 68.06
CA PRO T 479 -86.41 -15.16 66.92
C PRO T 479 -86.44 -13.66 66.72
N GLY T 480 -86.70 -13.25 65.48
CA GLY T 480 -86.66 -11.86 65.09
C GLY T 480 -87.67 -10.98 65.80
N PRO T 481 -87.61 -9.68 65.54
CA PRO T 481 -88.47 -8.74 66.27
C PRO T 481 -89.93 -8.87 65.87
N CYS T 482 -90.77 -8.36 66.78
CA CYS T 482 -92.23 -8.53 66.64
C CYS T 482 -92.98 -7.23 66.89
N TYR T 483 -94.11 -7.03 66.23
CA TYR T 483 -95.01 -5.92 66.49
C TYR T 483 -96.42 -6.46 66.29
N ARG T 484 -97.05 -6.86 67.40
CA ARG T 484 -98.20 -7.76 67.34
C ARG T 484 -99.35 -7.17 66.52
N GLN T 485 -99.98 -8.04 65.73
CA GLN T 485 -101.13 -7.70 64.92
C GLN T 485 -102.36 -8.44 65.43
N GLN T 486 -103.53 -7.87 65.20
CA GLN T 486 -104.77 -8.56 65.53
C GLN T 486 -105.02 -9.70 64.55
N ARG T 487 -105.60 -10.78 65.05
CA ARG T 487 -105.87 -11.96 64.26
C ARG T 487 -107.29 -11.92 63.72
N VAL T 488 -107.39 -12.11 62.40
CA VAL T 488 -108.70 -12.15 61.70
C VAL T 488 -108.77 -13.49 60.98
N SER T 489 -109.96 -14.03 60.77
CA SER T 489 -110.17 -15.32 60.12
C SER T 489 -110.83 -15.14 58.77
N LYS T 490 -110.44 -15.98 57.81
CA LYS T 490 -111.04 -15.93 56.46
C LYS T 490 -112.49 -16.44 56.56
N THR T 491 -112.79 -17.30 57.53
CA THR T 491 -114.18 -17.74 57.78
C THR T 491 -114.87 -16.58 58.52
N SER T 492 -115.86 -15.94 57.90
CA SER T 492 -116.47 -14.72 58.49
C SER T 492 -117.07 -14.96 59.88
N ALA T 493 -117.82 -16.04 60.07
CA ALA T 493 -118.50 -16.26 61.34
C ALA T 493 -117.52 -16.28 62.51
N ASP T 494 -116.26 -16.62 62.25
CA ASP T 494 -115.27 -16.73 63.32
C ASP T 494 -114.83 -15.37 63.86
N ASN T 495 -115.16 -14.28 63.18
CA ASN T 495 -114.71 -12.96 63.57
C ASN T 495 -115.72 -12.30 64.51
N ASN T 496 -115.23 -11.34 65.30
CA ASN T 496 -116.10 -10.62 66.21
C ASN T 496 -117.08 -9.75 65.43
N ASN T 497 -118.32 -9.70 65.93
CA ASN T 497 -119.39 -8.94 65.27
C ASN T 497 -119.32 -7.48 65.73
N SER T 498 -118.30 -6.79 65.24
CA SER T 498 -118.09 -5.38 65.56
C SER T 498 -117.19 -4.77 64.49
N GLU T 499 -117.10 -3.43 64.53
CA GLU T 499 -116.21 -2.70 63.60
C GLU T 499 -114.90 -2.46 64.33
N TYR T 500 -113.87 -3.24 64.00
CA TYR T 500 -112.58 -3.17 64.67
C TYR T 500 -111.43 -3.00 63.67
N SER T 501 -111.71 -2.50 62.46
CA SER T 501 -110.64 -2.33 61.49
C SER T 501 -109.67 -1.22 61.87
N TRP T 502 -110.06 -0.33 62.77
CA TRP T 502 -109.18 0.73 63.25
C TRP T 502 -108.95 0.69 64.75
N THR T 503 -109.98 0.38 65.54
CA THR T 503 -109.81 0.31 66.99
C THR T 503 -108.84 -0.80 67.38
N GLY T 504 -108.97 -1.97 66.74
CA GLY T 504 -108.08 -3.08 66.95
C GLY T 504 -106.87 -3.11 66.04
N ALA T 505 -106.67 -2.07 65.24
CA ALA T 505 -105.58 -2.04 64.27
C ALA T 505 -104.25 -1.74 64.96
N THR T 506 -103.17 -2.20 64.33
CA THR T 506 -101.82 -1.91 64.80
C THR T 506 -101.34 -0.63 64.15
N LYS T 507 -100.93 0.34 64.96
CA LYS T 507 -100.67 1.69 64.50
C LYS T 507 -99.35 2.19 65.06
N TYR T 508 -98.77 3.16 64.36
CA TYR T 508 -97.65 3.93 64.87
C TYR T 508 -98.04 5.41 64.91
N HIS T 509 -97.55 6.11 65.92
CA HIS T 509 -97.91 7.49 66.20
C HIS T 509 -96.78 8.40 65.76
N LEU T 510 -97.08 9.37 64.90
CA LEU T 510 -96.06 10.27 64.36
C LEU T 510 -96.67 11.65 64.22
N ASN T 511 -96.12 12.61 65.00
CA ASN T 511 -96.55 14.01 64.95
C ASN T 511 -98.04 14.16 65.22
N GLY T 512 -98.55 13.36 66.17
CA GLY T 512 -99.94 13.44 66.55
C GLY T 512 -100.91 12.73 65.63
N ARG T 513 -100.40 12.07 64.58
CA ARG T 513 -101.31 11.31 63.69
C ARG T 513 -101.01 9.82 63.71
N ASP T 514 -102.04 9.00 63.79
CA ASP T 514 -101.93 7.54 63.76
C ASP T 514 -101.94 7.06 62.31
N SER T 515 -100.94 6.26 61.96
CA SER T 515 -100.87 5.63 60.65
C SER T 515 -100.95 4.12 60.82
N LEU T 516 -101.67 3.46 59.91
CA LEU T 516 -101.78 2.02 59.95
C LEU T 516 -100.43 1.38 59.67
N VAL T 517 -100.08 0.36 60.47
CA VAL T 517 -98.88 -0.42 60.24
C VAL T 517 -99.25 -1.53 59.26
N ASN T 518 -98.85 -1.36 58.01
CA ASN T 518 -99.26 -2.26 56.94
C ASN T 518 -98.19 -2.32 55.87
N PRO T 519 -97.55 -3.48 55.67
CA PRO T 519 -97.73 -4.75 56.39
C PRO T 519 -96.88 -4.84 57.65
N GLY T 520 -95.99 -3.89 57.88
CA GLY T 520 -95.18 -3.87 59.07
C GLY T 520 -93.99 -4.81 59.02
N PRO T 521 -93.40 -5.08 60.18
CA PRO T 521 -92.25 -6.00 60.23
C PRO T 521 -92.64 -7.39 59.76
N ALA T 522 -91.67 -8.06 59.13
CA ALA T 522 -91.90 -9.38 58.55
C ALA T 522 -92.15 -10.39 59.66
N MET T 523 -93.36 -10.96 59.68
CA MET T 523 -93.74 -11.94 60.68
C MET T 523 -94.59 -13.02 60.02
N ALA T 524 -94.58 -14.21 60.63
CA ALA T 524 -95.36 -15.31 60.09
C ALA T 524 -96.85 -15.02 60.18
N SER T 525 -97.58 -15.35 59.12
CA SER T 525 -99.02 -15.10 59.09
C SER T 525 -99.75 -15.94 60.13
N HIS T 526 -99.33 -17.20 60.32
CA HIS T 526 -100.02 -18.09 61.23
C HIS T 526 -99.07 -19.22 61.61
N LYS T 527 -99.45 -19.95 62.66
CA LYS T 527 -98.69 -21.10 63.13
C LYS T 527 -99.18 -22.36 62.40
N ASP T 528 -98.75 -23.53 62.87
CA ASP T 528 -99.14 -24.77 62.23
C ASP T 528 -100.65 -24.97 62.29
N ASP T 529 -101.21 -25.42 61.16
CA ASP T 529 -102.62 -25.82 61.07
C ASP T 529 -103.56 -24.67 61.42
N GLU T 530 -103.20 -23.46 61.03
CA GLU T 530 -104.04 -22.29 61.25
C GLU T 530 -104.04 -21.41 60.00
N GLU T 531 -104.12 -22.02 58.83
CA GLU T 531 -104.02 -21.29 57.57
C GLU T 531 -105.18 -20.33 57.35
N LYS T 532 -106.29 -20.50 58.07
CA LYS T 532 -107.42 -19.58 57.92
C LYS T 532 -107.19 -18.25 58.63
N PHE T 533 -106.17 -18.15 59.47
CA PHE T 533 -105.90 -16.93 60.22
C PHE T 533 -104.80 -16.13 59.56
N PHE T 534 -105.00 -14.82 59.47
CA PHE T 534 -104.00 -13.90 58.95
C PHE T 534 -104.01 -12.63 59.78
N PRO T 535 -102.88 -11.94 59.86
CA PRO T 535 -102.85 -10.66 60.59
C PRO T 535 -103.73 -9.62 59.92
N GLN T 536 -104.29 -8.74 60.74
CA GLN T 536 -105.28 -7.79 60.24
C GLN T 536 -104.69 -6.86 59.19
N SER T 537 -103.47 -6.37 59.42
CA SER T 537 -102.77 -5.55 58.44
C SER T 537 -101.31 -5.96 58.33
N GLY T 538 -101.06 -7.27 58.42
CA GLY T 538 -99.71 -7.78 58.40
C GLY T 538 -99.31 -8.54 57.15
N VAL T 539 -100.16 -8.61 56.14
CA VAL T 539 -99.86 -9.30 54.90
C VAL T 539 -100.27 -8.42 53.72
N LEU T 540 -99.62 -8.63 52.59
CA LEU T 540 -100.03 -7.97 51.37
C LEU T 540 -101.31 -8.60 50.84
N ILE T 541 -102.25 -7.76 50.41
CA ILE T 541 -103.52 -8.22 49.86
C ILE T 541 -103.63 -7.67 48.45
N PHE T 542 -103.66 -8.57 47.47
CA PHE T 542 -103.79 -8.21 46.07
C PHE T 542 -105.22 -8.41 45.62
N GLY T 543 -105.66 -7.53 44.72
CA GLY T 543 -107.00 -7.63 44.17
C GLY T 543 -107.06 -8.55 42.97
N LYS T 544 -108.13 -9.34 42.90
CA LYS T 544 -108.38 -10.15 41.72
C LYS T 544 -108.78 -9.24 40.56
N GLN T 545 -108.80 -9.83 39.36
CA GLN T 545 -109.17 -9.06 38.17
C GLN T 545 -110.60 -8.57 38.28
N GLY T 546 -110.81 -7.29 37.99
CA GLY T 546 -112.12 -6.69 38.06
C GLY T 546 -112.55 -6.24 39.43
N SER T 547 -111.67 -6.31 40.41
CA SER T 547 -112.03 -5.95 41.81
C SER T 547 -112.19 -4.44 41.94
N GLU T 548 -113.21 -3.99 42.69
CA GLU T 548 -113.46 -2.57 42.89
C GLU T 548 -112.45 -1.99 43.87
N LYS T 549 -112.70 -0.75 44.29
CA LYS T 549 -111.77 -0.05 45.15
C LYS T 549 -112.17 -0.08 46.62
N THR T 550 -113.46 0.04 46.92
CA THR T 550 -113.94 0.22 48.28
C THR T 550 -114.79 -0.97 48.72
N ASN T 551 -114.41 -1.56 49.86
CA ASN T 551 -115.23 -2.54 50.57
C ASN T 551 -115.60 -3.73 49.70
N VAL T 552 -114.60 -4.32 49.06
CA VAL T 552 -114.79 -5.55 48.32
C VAL T 552 -114.76 -6.72 49.28
N ASP T 553 -115.43 -7.81 48.92
CA ASP T 553 -115.51 -8.97 49.78
C ASP T 553 -114.18 -9.71 49.80
N ILE T 554 -114.08 -10.68 50.72
CA ILE T 554 -112.84 -11.44 50.84
C ILE T 554 -112.61 -12.32 49.61
N GLU T 555 -113.69 -12.79 48.97
CA GLU T 555 -113.54 -13.60 47.77
C GLU T 555 -113.06 -12.78 46.57
N LYS T 556 -113.07 -11.45 46.67
CA LYS T 556 -112.57 -10.58 45.61
C LYS T 556 -111.09 -10.28 45.73
N VAL T 557 -110.44 -10.69 46.83
CA VAL T 557 -109.04 -10.39 47.06
C VAL T 557 -108.29 -11.69 47.32
N MET T 558 -106.97 -11.63 47.10
CA MET T 558 -106.08 -12.75 47.34
C MET T 558 -105.11 -12.35 48.44
N ILE T 559 -105.18 -13.03 49.58
CA ILE T 559 -104.38 -12.69 50.75
C ILE T 559 -103.11 -13.55 50.73
N THR T 560 -101.96 -12.90 50.83
CA THR T 560 -100.70 -13.62 50.79
C THR T 560 -100.41 -14.31 52.13
N ASP T 561 -99.48 -15.26 52.07
CA ASP T 561 -99.13 -16.02 53.29
C ASP T 561 -97.62 -15.97 53.47
N GLU T 562 -97.18 -15.68 54.69
CA GLU T 562 -95.77 -15.61 55.07
C GLU T 562 -95.44 -16.72 56.06
N GLU T 563 -95.94 -17.92 55.80
CA GLU T 563 -95.72 -19.04 56.71
C GLU T 563 -94.34 -19.66 56.55
N GLU T 564 -93.64 -19.41 55.44
CA GLU T 564 -92.33 -20.00 55.23
C GLU T 564 -91.28 -19.43 56.18
N ILE T 565 -91.56 -18.30 56.83
CA ILE T 565 -90.59 -17.66 57.71
C ILE T 565 -90.92 -17.89 59.18
N ARG T 566 -91.88 -18.76 59.49
CA ARG T 566 -92.18 -19.06 60.88
C ARG T 566 -91.09 -19.87 61.56
N THR T 567 -90.10 -20.35 60.80
CA THR T 567 -88.98 -21.04 61.41
C THR T 567 -88.11 -20.10 62.24
N THR T 568 -87.97 -18.84 61.82
CA THR T 568 -87.16 -17.87 62.52
C THR T 568 -87.92 -16.64 62.99
N ASN T 569 -89.10 -16.37 62.45
CA ASN T 569 -89.84 -15.17 62.78
C ASN T 569 -91.06 -15.49 63.62
N PRO T 570 -91.37 -14.68 64.62
CA PRO T 570 -92.55 -14.93 65.45
C PRO T 570 -93.83 -14.79 64.65
N VAL T 571 -94.86 -15.51 65.08
CA VAL T 571 -96.17 -15.37 64.46
C VAL T 571 -96.71 -13.98 64.73
N ALA T 572 -97.31 -13.37 63.70
CA ALA T 572 -97.69 -11.97 63.77
C ALA T 572 -98.75 -11.73 64.85
N THR T 573 -99.67 -12.67 65.02
CA THR T 573 -100.81 -12.47 65.90
C THR T 573 -100.56 -12.95 67.33
N GLU T 574 -99.37 -13.43 67.63
CA GLU T 574 -99.04 -13.95 68.95
C GLU T 574 -97.92 -13.12 69.57
N GLN T 575 -97.72 -13.33 70.86
CA GLN T 575 -96.68 -12.62 71.58
C GLN T 575 -95.30 -13.16 71.19
N TYR T 576 -94.29 -12.30 71.35
CA TYR T 576 -92.92 -12.75 71.15
C TYR T 576 -92.52 -13.78 72.19
N GLY T 577 -92.91 -13.57 73.44
CA GLY T 577 -92.52 -14.47 74.52
C GLY T 577 -92.99 -13.94 75.84
N SER T 578 -92.28 -14.34 76.90
CA SER T 578 -92.60 -13.94 78.26
C SER T 578 -91.34 -13.49 78.98
N VAL T 579 -91.50 -12.50 79.85
CA VAL T 579 -90.42 -11.99 80.69
C VAL T 579 -90.92 -11.93 82.12
N SER T 580 -89.97 -11.96 83.05
CA SER T 580 -90.31 -11.80 84.46
C SER T 580 -90.65 -10.35 84.77
N THR T 581 -91.57 -10.16 85.71
CA THR T 581 -92.02 -8.82 86.09
C THR T 581 -91.81 -8.49 87.56
N ASN T 582 -91.38 -9.45 88.38
CA ASN T 582 -91.18 -9.21 89.80
C ASN T 582 -90.00 -10.07 90.27
N LEU T 583 -89.82 -10.12 91.58
CA LEU T 583 -88.77 -10.92 92.21
C LEU T 583 -89.43 -11.91 93.17
N GLN T 584 -89.40 -13.18 92.81
CA GLN T 584 -89.95 -14.22 93.68
C GLN T 584 -89.11 -14.34 94.95
N ARG T 585 -89.81 -14.67 96.03
CA ARG T 585 -89.16 -14.74 97.35
C ARG T 585 -90.00 -15.61 98.27
N GLY T 586 -89.36 -16.42 99.11
CA GLY T 586 -90.06 -17.22 100.11
C GLY T 586 -90.23 -16.47 101.41
N ASN T 587 -90.80 -17.19 102.39
CA ASN T 587 -91.11 -16.56 103.70
C ASN T 587 -89.84 -16.39 104.53
N THR T 594 -93.55 -11.36 103.29
CA THR T 594 -94.38 -12.54 102.96
C THR T 594 -93.82 -13.20 101.71
N SER T 595 -94.42 -14.29 101.22
CA SER T 595 -93.86 -14.84 100.00
C SER T 595 -94.48 -14.19 98.78
N ARG T 596 -93.70 -14.12 97.70
CA ARG T 596 -94.15 -13.60 96.41
C ARG T 596 -93.85 -14.62 95.34
N GLN T 597 -94.86 -15.01 94.58
CA GLN T 597 -94.68 -15.98 93.51
C GLN T 597 -94.21 -15.29 92.23
N ALA T 598 -93.44 -16.03 91.44
CA ALA T 598 -92.90 -15.47 90.20
C ALA T 598 -94.02 -15.13 89.23
N ALA T 599 -93.92 -13.97 88.60
CA ALA T 599 -94.91 -13.48 87.67
C ALA T 599 -94.27 -13.20 86.32
N THR T 600 -95.05 -13.41 85.26
CA THR T 600 -94.58 -13.20 83.89
C THR T 600 -95.60 -12.37 83.12
N ALA T 601 -95.13 -11.71 82.08
CA ALA T 601 -95.97 -10.91 81.21
C ALA T 601 -95.67 -11.24 79.76
N ASP T 602 -96.69 -11.11 78.91
CA ASP T 602 -96.50 -11.29 77.48
C ASP T 602 -95.76 -10.09 76.88
N VAL T 603 -94.91 -10.37 75.91
CA VAL T 603 -94.15 -9.33 75.22
C VAL T 603 -94.80 -9.17 73.85
N ASN T 604 -95.75 -8.24 73.77
CA ASN T 604 -96.47 -8.00 72.53
C ASN T 604 -95.66 -7.19 71.52
N THR T 605 -94.64 -6.47 71.98
CA THR T 605 -93.74 -5.75 71.09
C THR T 605 -92.31 -5.99 71.55
N GLN T 606 -91.45 -6.41 70.63
CA GLN T 606 -90.07 -6.73 70.94
C GLN T 606 -89.16 -6.05 69.94
N GLY T 607 -88.25 -5.20 70.44
CA GLY T 607 -87.23 -4.61 69.60
C GLY T 607 -86.11 -5.59 69.31
N VAL T 608 -85.16 -5.13 68.50
CA VAL T 608 -84.05 -5.99 68.10
C VAL T 608 -83.11 -6.19 69.28
N LEU T 609 -82.76 -7.44 69.55
CA LEU T 609 -81.83 -7.85 70.58
C LEU T 609 -80.58 -8.44 69.95
N PRO T 610 -79.43 -8.37 70.61
CA PRO T 610 -78.24 -9.06 70.11
C PRO T 610 -78.48 -10.56 70.03
N GLY T 611 -78.00 -11.17 68.94
CA GLY T 611 -78.23 -12.58 68.69
C GLY T 611 -79.53 -12.89 67.98
N MET T 612 -80.28 -11.87 67.56
CA MET T 612 -81.59 -12.10 66.89
C MET T 612 -81.38 -12.36 65.40
N VAL T 613 -82.09 -13.33 64.83
CA VAL T 613 -82.06 -13.70 63.42
C VAL T 613 -83.49 -13.71 62.90
N TRP T 614 -83.67 -13.26 61.65
CA TRP T 614 -85.00 -13.15 61.07
C TRP T 614 -84.89 -13.23 59.56
N GLN T 615 -86.03 -13.44 58.91
CA GLN T 615 -86.15 -13.42 57.46
C GLN T 615 -87.01 -12.24 57.04
N ASP T 616 -86.67 -11.65 55.90
CA ASP T 616 -87.43 -10.52 55.40
C ASP T 616 -88.73 -10.99 54.75
N ARG T 617 -89.59 -10.04 54.41
CA ARG T 617 -90.85 -10.36 53.76
C ARG T 617 -90.59 -10.89 52.35
N ASP T 618 -91.41 -11.84 51.93
CA ASP T 618 -91.28 -12.42 50.60
C ASP T 618 -91.71 -11.42 49.53
N VAL T 619 -91.16 -11.60 48.34
CA VAL T 619 -91.57 -10.83 47.17
C VAL T 619 -92.49 -11.69 46.32
N TYR T 620 -93.36 -11.04 45.56
CA TYR T 620 -94.38 -11.73 44.78
C TYR T 620 -94.33 -11.22 43.34
N LEU T 621 -94.93 -12.00 42.45
CA LEU T 621 -94.97 -11.61 41.04
C LEU T 621 -95.72 -10.29 40.86
N GLN T 622 -96.81 -10.12 41.59
CA GLN T 622 -97.56 -8.87 41.58
C GLN T 622 -97.00 -7.83 42.55
N GLY T 623 -95.98 -8.19 43.32
CA GLY T 623 -95.47 -7.31 44.35
C GLY T 623 -94.45 -6.31 43.85
N PRO T 624 -94.09 -5.34 44.69
CA PRO T 624 -93.07 -4.37 44.31
C PRO T 624 -91.68 -4.98 44.30
N ILE T 625 -90.80 -4.35 43.53
CA ILE T 625 -89.42 -4.80 43.39
C ILE T 625 -88.49 -4.07 44.35
N TRP T 626 -88.58 -2.75 44.42
CA TRP T 626 -87.63 -1.95 45.18
C TRP T 626 -88.36 -0.81 45.88
N ALA T 627 -87.60 -0.08 46.69
CA ALA T 627 -88.07 1.15 47.31
C ALA T 627 -86.84 2.00 47.64
N LYS T 628 -87.06 3.31 47.72
CA LYS T 628 -85.98 4.21 48.07
C LYS T 628 -85.81 4.30 49.58
N ILE T 629 -84.60 4.04 50.05
CA ILE T 629 -84.32 4.20 51.48
C ILE T 629 -84.36 5.68 51.83
N PRO T 630 -85.14 6.09 52.83
CA PRO T 630 -85.22 7.52 53.16
C PRO T 630 -83.86 8.07 53.56
N HIS T 631 -83.60 9.32 53.16
CA HIS T 631 -82.35 9.99 53.46
C HIS T 631 -82.40 10.45 54.92
N THR T 632 -81.95 9.59 55.82
CA THR T 632 -81.99 9.85 57.24
C THR T 632 -80.63 9.52 57.85
N ASP T 633 -80.39 10.05 59.04
CA ASP T 633 -79.08 9.85 59.72
C ASP T 633 -78.93 8.37 60.07
N GLY T 634 -80.00 7.73 60.52
CA GLY T 634 -79.93 6.34 60.92
C GLY T 634 -81.10 5.54 60.39
N HIS T 635 -80.82 4.26 60.16
CA HIS T 635 -81.84 3.28 59.78
C HIS T 635 -81.28 1.90 60.07
N PHE T 636 -82.16 0.98 60.43
CA PHE T 636 -81.77 -0.39 60.74
C PHE T 636 -82.40 -1.34 59.74
N HIS T 637 -81.56 -2.14 59.08
CA HIS T 637 -82.00 -3.14 58.11
C HIS T 637 -82.96 -2.52 57.10
N PRO T 638 -82.46 -1.68 56.18
CA PRO T 638 -83.34 -0.93 55.27
C PRO T 638 -83.92 -1.76 54.12
N SER T 639 -84.45 -2.92 54.45
CA SER T 639 -85.28 -3.68 53.53
C SER T 639 -86.71 -3.16 53.58
N PRO T 640 -87.33 -2.85 52.44
CA PRO T 640 -88.69 -2.32 52.48
C PRO T 640 -89.65 -3.29 53.16
N LEU T 641 -90.55 -2.73 53.96
CA LEU T 641 -91.47 -3.57 54.71
C LEU T 641 -92.51 -4.22 53.81
N MET T 642 -92.85 -3.59 52.69
CA MET T 642 -93.76 -4.18 51.72
C MET T 642 -93.11 -5.28 50.91
N GLY T 643 -91.80 -5.46 51.01
CA GLY T 643 -91.08 -6.49 50.28
C GLY T 643 -90.26 -5.91 49.14
N GLY T 644 -89.06 -6.44 48.97
CA GLY T 644 -88.21 -6.01 47.89
C GLY T 644 -86.80 -5.63 48.30
N PHE T 645 -86.15 -4.79 47.49
CA PHE T 645 -84.77 -4.41 47.69
C PHE T 645 -84.70 -2.94 48.08
N GLY T 646 -84.05 -2.66 49.22
CA GLY T 646 -83.83 -1.29 49.64
C GLY T 646 -82.66 -0.65 48.92
N LEU T 647 -82.90 0.46 48.25
CA LEU T 647 -81.89 1.11 47.42
C LEU T 647 -81.71 2.55 47.89
N LYS T 648 -80.47 2.92 48.21
CA LYS T 648 -80.18 4.32 48.52
C LYS T 648 -80.31 5.19 47.29
N HIS T 649 -79.96 4.66 46.11
CA HIS T 649 -80.13 5.32 44.83
C HIS T 649 -80.94 4.39 43.94
N PRO T 650 -82.27 4.40 44.07
CA PRO T 650 -83.10 3.50 43.27
C PRO T 650 -83.16 3.96 41.83
N PRO T 651 -83.78 3.18 40.95
CA PRO T 651 -83.98 3.65 39.56
C PRO T 651 -84.70 4.98 39.55
N PRO T 652 -84.16 5.98 38.83
CA PRO T 652 -84.72 7.32 38.91
C PRO T 652 -86.12 7.39 38.32
N GLN T 653 -86.90 8.34 38.84
CA GLN T 653 -88.22 8.61 38.29
C GLN T 653 -88.08 9.19 36.89
N ILE T 654 -88.90 8.68 35.96
CA ILE T 654 -88.90 9.13 34.58
C ILE T 654 -90.18 9.92 34.38
N LEU T 655 -90.04 11.24 34.18
CA LEU T 655 -91.18 12.14 34.06
C LEU T 655 -91.40 12.50 32.60
N ILE T 656 -92.66 12.42 32.17
CA ILE T 656 -93.03 12.69 30.78
C ILE T 656 -94.29 13.54 30.78
N LYS T 657 -94.34 14.52 29.88
CA LYS T 657 -95.54 15.33 29.73
C LYS T 657 -95.59 15.88 28.31
N ASN T 658 -96.79 16.24 27.88
CA ASN T 658 -96.98 16.84 26.56
C ASN T 658 -96.68 18.33 26.65
N THR T 659 -95.93 18.83 25.68
CA THR T 659 -95.64 20.26 25.63
C THR T 659 -96.92 21.02 25.29
N PRO T 660 -97.29 22.01 26.09
CA PRO T 660 -98.53 22.76 25.79
C PRO T 660 -98.39 23.54 24.49
N VAL T 661 -99.39 23.38 23.63
CA VAL T 661 -99.46 24.09 22.36
C VAL T 661 -100.57 25.13 22.46
N PRO T 662 -100.24 26.42 22.51
CA PRO T 662 -101.28 27.44 22.65
C PRO T 662 -102.23 27.44 21.46
N ALA T 663 -103.49 27.74 21.74
CA ALA T 663 -104.50 27.89 20.70
C ALA T 663 -104.36 29.26 20.06
N ASN T 664 -105.35 29.68 19.28
CA ASN T 664 -105.27 30.92 18.54
C ASN T 664 -105.16 32.11 19.49
N PRO T 665 -104.09 32.89 19.43
CA PRO T 665 -103.96 34.06 20.32
C PRO T 665 -104.70 35.27 19.76
N SER T 666 -104.86 36.25 20.66
CA SER T 666 -105.51 37.53 20.27
C SER T 666 -104.52 38.37 19.49
N THR T 667 -105.00 39.11 18.50
CA THR T 667 -104.14 39.99 17.73
C THR T 667 -103.63 41.17 18.53
N THR T 668 -104.24 41.46 19.68
CA THR T 668 -103.78 42.49 20.59
C THR T 668 -103.02 41.84 21.75
N PHE T 669 -101.93 42.48 22.16
CA PHE T 669 -101.11 41.90 23.21
C PHE T 669 -101.87 41.86 24.54
N SER T 670 -101.74 40.75 25.24
CA SER T 670 -102.32 40.58 26.57
C SER T 670 -101.26 39.98 27.47
N ALA T 671 -101.04 40.60 28.64
CA ALA T 671 -100.06 40.12 29.59
C ALA T 671 -100.55 38.92 30.39
N ALA T 672 -101.84 38.59 30.31
CA ALA T 672 -102.36 37.43 31.00
C ALA T 672 -101.75 36.15 30.43
N LYS T 673 -101.43 35.21 31.31
CA LYS T 673 -100.87 33.95 30.85
C LYS T 673 -101.90 33.18 30.03
N PHE T 674 -101.37 32.37 29.09
CA PHE T 674 -102.26 31.62 28.17
C PHE T 674 -103.11 30.62 28.93
N ALA T 675 -104.41 30.62 28.66
CA ALA T 675 -105.34 29.68 29.25
C ALA T 675 -106.04 28.79 28.25
N SER T 676 -105.87 29.05 26.95
CA SER T 676 -106.49 28.25 25.90
C SER T 676 -105.39 27.50 25.15
N PHE T 677 -105.56 26.19 25.03
CA PHE T 677 -104.58 25.32 24.40
C PHE T 677 -105.28 24.35 23.47
N ILE T 678 -104.51 23.80 22.53
CA ILE T 678 -105.02 22.76 21.65
C ILE T 678 -105.04 21.45 22.42
N THR T 679 -106.20 20.81 22.47
CA THR T 679 -106.33 19.54 23.17
C THR T 679 -105.52 18.47 22.45
N GLN T 680 -104.67 17.76 23.20
CA GLN T 680 -103.83 16.76 22.58
C GLN T 680 -103.34 15.77 23.62
N TYR T 681 -103.00 14.57 23.13
CA TYR T 681 -102.41 13.53 23.94
C TYR T 681 -101.29 12.89 23.13
N SER T 682 -100.57 11.97 23.76
CA SER T 682 -99.48 11.27 23.08
C SER T 682 -99.57 9.79 23.34
N THR T 683 -99.05 9.00 22.40
CA THR T 683 -98.97 7.56 22.53
C THR T 683 -97.61 7.11 22.00
N GLY T 684 -97.16 5.97 22.48
CA GLY T 684 -95.86 5.48 22.07
C GLY T 684 -95.57 4.14 22.71
N GLN T 685 -94.32 3.73 22.60
CA GLN T 685 -93.85 2.46 23.15
C GLN T 685 -92.77 2.71 24.17
N VAL T 686 -92.76 1.87 25.21
CA VAL T 686 -91.78 1.95 26.29
C VAL T 686 -91.13 0.58 26.44
N SER T 687 -89.81 0.57 26.60
CA SER T 687 -89.04 -0.66 26.77
C SER T 687 -88.25 -0.60 28.06
N VAL T 688 -88.34 -1.67 28.85
CA VAL T 688 -87.58 -1.81 30.09
C VAL T 688 -86.84 -3.14 30.02
N GLU T 689 -85.52 -3.09 30.14
CA GLU T 689 -84.69 -4.29 30.16
C GLU T 689 -83.87 -4.32 31.44
N ILE T 690 -84.05 -5.36 32.24
CA ILE T 690 -83.37 -5.50 33.53
C ILE T 690 -82.56 -6.79 33.50
N GLU T 691 -81.29 -6.68 33.90
CA GLU T 691 -80.43 -7.85 34.10
C GLU T 691 -80.46 -8.23 35.57
N TRP T 692 -80.75 -9.50 35.85
CA TRP T 692 -80.83 -10.02 37.20
C TRP T 692 -79.73 -11.05 37.41
N GLU T 693 -79.13 -11.04 38.60
CA GLU T 693 -78.14 -12.03 38.99
C GLU T 693 -78.80 -13.12 39.81
N LEU T 694 -78.45 -14.36 39.54
CA LEU T 694 -79.05 -15.53 40.18
C LEU T 694 -78.08 -16.17 41.14
N GLN T 695 -78.61 -16.67 42.25
CA GLN T 695 -77.87 -17.45 43.24
C GLN T 695 -78.33 -18.89 43.10
N LYS T 696 -77.52 -19.70 42.43
CA LYS T 696 -77.92 -21.07 42.10
C LYS T 696 -78.06 -21.92 43.36
N GLU T 697 -79.10 -22.75 43.38
CA GLU T 697 -79.32 -23.66 44.49
C GLU T 697 -78.24 -24.75 44.50
N ASN T 698 -77.71 -25.03 45.69
CA ASN T 698 -76.65 -26.00 45.89
C ASN T 698 -77.01 -26.95 47.04
N SER T 699 -78.25 -27.44 47.02
CA SER T 699 -78.75 -28.26 48.11
C SER T 699 -78.24 -29.68 48.00
N LYS T 700 -78.20 -30.39 49.14
CA LYS T 700 -77.78 -31.82 49.17
C LYS T 700 -78.88 -32.65 49.82
N ARG T 701 -80.12 -32.16 49.85
CA ARG T 701 -81.21 -32.96 50.38
C ARG T 701 -81.52 -34.12 49.43
N TRP T 702 -82.04 -35.20 50.00
CA TRP T 702 -82.26 -36.42 49.24
C TRP T 702 -83.65 -36.47 48.61
N ASN T 703 -84.68 -36.24 49.40
CA ASN T 703 -86.04 -36.32 48.91
C ASN T 703 -86.42 -35.07 48.10
N PRO T 704 -87.40 -35.17 47.18
CA PRO T 704 -87.74 -34.03 46.32
C PRO T 704 -88.22 -32.80 47.10
N GLU T 705 -88.20 -31.62 46.48
CA GLU T 705 -88.56 -30.35 47.16
C GLU T 705 -89.95 -29.88 46.76
N ILE T 706 -90.50 -28.87 47.45
CA ILE T 706 -91.78 -28.29 46.94
C ILE T 706 -91.47 -27.37 45.76
N GLN T 707 -92.21 -27.52 44.65
CA GLN T 707 -92.04 -26.63 43.51
C GLN T 707 -93.39 -26.05 43.13
N TYR T 708 -93.39 -24.83 42.62
CA TYR T 708 -94.61 -24.26 42.07
C TYR T 708 -94.96 -24.97 40.77
N THR T 709 -96.24 -25.27 40.59
CA THR T 709 -96.68 -26.03 39.43
C THR T 709 -98.10 -25.62 39.07
N SER T 710 -98.44 -25.86 37.81
CA SER T 710 -99.82 -25.62 37.37
C SER T 710 -100.64 -26.84 37.76
N ASN T 711 -101.96 -26.73 37.85
CA ASN T 711 -102.74 -27.91 38.29
C ASN T 711 -103.14 -28.66 37.01
N TYR T 712 -102.95 -29.98 36.98
CA TYR T 712 -103.19 -30.77 35.76
C TYR T 712 -104.69 -30.88 35.47
N ASN T 713 -105.55 -30.88 36.51
CA ASN T 713 -106.95 -31.12 36.24
C ASN T 713 -107.52 -30.10 35.26
N LYS T 714 -108.53 -30.56 34.51
CA LYS T 714 -109.18 -29.70 33.49
C LYS T 714 -109.86 -28.52 34.15
N SER T 715 -109.96 -27.43 33.40
CA SER T 715 -110.62 -26.24 33.90
C SER T 715 -111.18 -25.47 32.72
N ILE T 716 -112.13 -24.58 33.01
CA ILE T 716 -112.72 -23.74 31.98
C ILE T 716 -111.67 -22.80 31.39
N ASN T 717 -110.85 -22.21 32.25
CA ASN T 717 -109.81 -21.28 31.85
C ASN T 717 -108.45 -21.76 32.32
N VAL T 718 -107.43 -21.48 31.52
CA VAL T 718 -106.06 -21.76 31.91
C VAL T 718 -105.55 -20.61 32.78
N ASP T 719 -104.76 -20.94 33.80
CA ASP T 719 -104.24 -19.92 34.70
C ASP T 719 -103.26 -19.01 33.98
N PHE T 720 -103.29 -17.72 34.34
CA PHE T 720 -102.38 -16.72 33.80
C PHE T 720 -102.51 -16.61 32.28
N THR T 721 -103.73 -16.71 31.78
CA THR T 721 -104.03 -16.49 30.37
C THR T 721 -105.21 -15.52 30.27
N VAL T 722 -105.71 -15.35 29.06
CA VAL T 722 -106.87 -14.51 28.81
C VAL T 722 -108.12 -15.38 28.75
N ASP T 723 -109.26 -14.79 29.07
CA ASP T 723 -110.52 -15.50 28.99
C ASP T 723 -111.17 -15.25 27.62
N THR T 724 -112.44 -15.62 27.49
CA THR T 724 -113.15 -15.44 26.19
C THR T 724 -113.31 -13.96 25.90
N ASN T 725 -113.12 -13.09 26.90
CA ASN T 725 -113.19 -11.62 26.69
C ASN T 725 -111.77 -11.09 26.42
N GLY T 726 -110.77 -11.98 26.41
CA GLY T 726 -109.37 -11.56 26.19
C GLY T 726 -108.84 -10.79 27.38
N VAL T 727 -109.48 -10.95 28.55
CA VAL T 727 -109.06 -10.21 29.78
C VAL T 727 -107.99 -11.04 30.51
N TYR T 728 -106.79 -10.49 30.68
CA TYR T 728 -105.74 -11.19 31.38
C TYR T 728 -105.96 -11.11 32.88
N SER T 729 -105.78 -12.22 33.56
CA SER T 729 -105.96 -12.28 35.00
C SER T 729 -104.82 -13.07 35.62
N GLU T 730 -104.51 -12.76 36.88
CA GLU T 730 -103.53 -13.49 37.67
C GLU T 730 -104.25 -14.20 38.79
N PRO T 731 -104.48 -15.51 38.69
CA PRO T 731 -105.40 -16.18 39.63
C PRO T 731 -104.95 -16.14 41.08
N ARG T 732 -103.65 -16.19 41.36
CA ARG T 732 -103.18 -16.25 42.74
C ARG T 732 -101.84 -15.55 42.83
N PRO T 733 -101.46 -15.07 44.02
CA PRO T 733 -100.10 -14.56 44.21
C PRO T 733 -99.11 -15.71 44.28
N ILE T 734 -97.96 -15.52 43.62
CA ILE T 734 -96.88 -16.50 43.64
C ILE T 734 -95.70 -15.85 44.34
N GLY T 735 -95.24 -16.48 45.42
CA GLY T 735 -94.04 -16.06 46.12
C GLY T 735 -92.81 -16.60 45.44
N THR T 736 -91.72 -16.65 46.20
CA THR T 736 -90.47 -17.19 45.70
C THR T 736 -89.89 -18.31 46.55
N ARG T 737 -90.48 -18.61 47.71
CA ARG T 737 -89.85 -19.47 48.70
C ARG T 737 -90.40 -20.89 48.56
N TYR T 738 -89.82 -21.65 47.63
CA TYR T 738 -90.18 -23.03 47.41
C TYR T 738 -89.04 -24.00 47.66
N LEU T 739 -87.82 -23.66 47.24
CA LEU T 739 -86.66 -24.46 47.60
C LEU T 739 -86.35 -24.29 49.09
N THR T 740 -85.57 -25.21 49.63
CA THR T 740 -85.25 -25.21 51.04
C THR T 740 -83.74 -25.17 51.24
N ARG T 741 -83.35 -24.52 52.34
CA ARG T 741 -81.92 -24.47 52.75
C ARG T 741 -81.89 -24.65 54.26
N ASN T 742 -80.83 -25.27 54.81
CA ASN T 742 -80.67 -25.41 56.24
C ASN T 742 -80.36 -24.07 56.89
N LEU T 743 -80.74 -23.94 58.16
CA LEU T 743 -80.44 -22.74 58.92
C LEU T 743 -78.93 -22.58 59.14
N ALA U 218 -36.57 27.49 73.84
CA ALA U 218 -36.69 27.82 72.40
C ALA U 218 -36.59 29.33 72.22
N ASP U 219 -37.22 30.08 73.12
CA ASP U 219 -37.28 31.56 72.96
C ASP U 219 -36.85 32.21 74.27
N GLY U 220 -36.30 31.42 75.19
CA GLY U 220 -35.78 32.03 76.43
C GLY U 220 -36.70 33.08 76.99
N VAL U 221 -36.15 34.18 77.51
CA VAL U 221 -37.00 35.21 78.18
C VAL U 221 -36.95 36.44 77.27
N GLY U 222 -38.09 36.84 76.74
CA GLY U 222 -38.21 38.01 75.91
C GLY U 222 -38.48 37.75 74.45
N ASN U 223 -38.52 36.49 74.03
CA ASN U 223 -38.84 36.12 72.66
C ASN U 223 -40.17 35.38 72.65
N SER U 224 -41.11 35.86 71.85
CA SER U 224 -42.43 35.24 71.78
C SER U 224 -42.33 33.90 71.06
N SER U 225 -43.05 32.91 71.59
CA SER U 225 -43.07 31.57 71.03
C SER U 225 -44.32 31.28 70.21
N GLY U 226 -45.12 32.29 69.92
CA GLY U 226 -46.31 32.09 69.11
C GLY U 226 -46.98 33.40 68.83
N ASN U 227 -47.99 33.34 67.97
CA ASN U 227 -48.77 34.49 67.56
C ASN U 227 -50.25 34.23 67.77
N TRP U 228 -51.04 35.30 67.75
CA TRP U 228 -52.48 35.20 67.93
C TRP U 228 -53.13 34.91 66.59
N HIS U 229 -53.71 33.72 66.46
CA HIS U 229 -54.40 33.30 65.22
C HIS U 229 -55.84 32.97 65.56
N CYS U 230 -56.74 33.93 65.40
CA CYS U 230 -58.18 33.68 65.64
C CYS U 230 -58.91 34.14 64.37
N ASP U 231 -59.41 33.20 63.57
CA ASP U 231 -60.05 33.57 62.28
C ASP U 231 -60.67 32.34 61.61
N SER U 232 -61.37 32.53 60.49
CA SER U 232 -61.86 31.37 59.76
C SER U 232 -61.70 31.61 58.27
N THR U 233 -61.36 30.56 57.54
CA THR U 233 -61.17 30.61 56.09
C THR U 233 -62.13 29.62 55.45
N TRP U 234 -62.95 30.10 54.52
CA TRP U 234 -63.87 29.27 53.76
C TRP U 234 -63.28 29.05 52.36
N MET U 235 -63.02 27.79 52.03
CA MET U 235 -62.42 27.46 50.71
C MET U 235 -63.19 26.28 50.11
N GLY U 236 -64.19 26.56 49.28
CA GLY U 236 -64.95 25.51 48.64
C GLY U 236 -65.72 24.68 49.65
N ASP U 237 -65.44 23.38 49.68
CA ASP U 237 -66.10 22.44 50.57
C ASP U 237 -65.38 22.30 51.91
N ARG U 238 -64.60 23.30 52.31
CA ARG U 238 -63.90 23.26 53.59
C ARG U 238 -64.04 24.61 54.28
N VAL U 239 -64.07 24.57 55.61
CA VAL U 239 -63.94 25.76 56.44
C VAL U 239 -62.98 25.44 57.57
N THR U 240 -61.93 26.26 57.71
CA THR U 240 -60.94 26.08 58.76
C THR U 240 -61.13 27.18 59.79
N THR U 241 -61.49 26.81 61.00
CA THR U 241 -61.70 27.75 62.09
C THR U 241 -60.52 27.66 63.06
N THR U 242 -59.94 28.81 63.38
CA THR U 242 -58.84 28.91 64.33
C THR U 242 -59.23 29.84 65.47
N SER U 243 -58.89 29.44 66.69
CA SER U 243 -59.24 30.21 67.88
C SER U 243 -58.04 30.31 68.80
N THR U 244 -57.85 31.47 69.40
CA THR U 244 -56.82 31.68 70.41
C THR U 244 -57.45 32.28 71.66
N ARG U 245 -57.04 31.76 72.81
CA ARG U 245 -57.55 32.24 74.10
C ARG U 245 -56.40 32.37 75.08
N THR U 246 -56.62 33.15 76.12
CA THR U 246 -55.68 33.30 77.21
C THR U 246 -56.18 32.50 78.40
N TRP U 247 -55.36 31.60 78.91
CA TRP U 247 -55.75 30.71 79.99
C TRP U 247 -54.93 30.98 81.24
N ALA U 248 -55.51 30.62 82.38
CA ALA U 248 -54.85 30.70 83.67
C ALA U 248 -54.95 29.35 84.35
N LEU U 249 -53.82 28.82 84.79
CA LEU U 249 -53.75 27.50 85.41
C LEU U 249 -53.22 27.62 86.83
N PRO U 250 -54.04 27.41 87.85
CA PRO U 250 -53.56 27.46 89.23
C PRO U 250 -52.91 26.14 89.62
N THR U 251 -52.51 26.06 90.88
CA THR U 251 -52.04 24.81 91.46
C THR U 251 -53.23 24.09 92.09
N TYR U 252 -53.47 22.85 91.66
CA TYR U 252 -54.64 22.10 92.08
C TYR U 252 -54.26 21.06 93.13
N ASN U 253 -55.06 20.99 94.19
CA ASN U 253 -54.89 20.02 95.28
C ASN U 253 -53.57 20.17 96.01
N ASN U 254 -52.90 21.31 95.84
CA ASN U 254 -51.57 21.54 96.40
C ASN U 254 -50.60 20.42 95.99
N HIS U 255 -50.59 20.15 94.67
CA HIS U 255 -49.70 19.18 94.04
C HIS U 255 -49.95 17.75 94.52
N LEU U 256 -51.16 17.42 94.93
CA LEU U 256 -51.46 16.13 95.53
C LEU U 256 -52.55 15.40 94.76
N TYR U 257 -52.55 14.07 94.89
CA TYR U 257 -53.66 13.27 94.36
C TYR U 257 -54.48 12.91 95.60
N LYS U 258 -55.78 13.16 95.59
CA LYS U 258 -56.67 12.93 96.71
C LYS U 258 -57.78 11.98 96.31
N GLN U 259 -57.97 10.93 97.08
CA GLN U 259 -59.11 10.04 96.87
C GLN U 259 -60.40 10.76 97.24
N ILE U 260 -61.37 10.71 96.34
CA ILE U 260 -62.66 11.36 96.55
C ILE U 260 -63.76 10.32 96.46
N SER U 261 -64.87 10.58 97.14
CA SER U 261 -66.00 9.67 97.13
C SER U 261 -67.25 10.46 97.53
N SER U 262 -68.40 9.83 97.30
CA SER U 262 -69.66 10.45 97.67
C SER U 262 -69.76 10.62 99.19
N GLN U 263 -70.49 11.66 99.58
CA GLN U 263 -70.62 11.95 101.02
C GLN U 263 -71.43 10.85 101.68
N SER U 264 -71.13 10.59 102.95
CA SER U 264 -71.97 9.62 103.70
C SER U 264 -73.38 10.20 103.81
N GLY U 265 -74.38 9.35 103.72
CA GLY U 265 -75.78 9.73 103.76
C GLY U 265 -76.38 10.02 102.40
N ALA U 266 -75.59 10.01 101.34
CA ALA U 266 -76.11 10.21 99.99
C ALA U 266 -76.95 9.00 99.57
N SER U 267 -77.84 9.22 98.62
CA SER U 267 -78.64 8.13 98.09
C SER U 267 -77.76 7.18 97.28
N ASN U 268 -78.28 5.97 97.06
CA ASN U 268 -77.51 4.98 96.31
C ASN U 268 -77.27 5.43 94.88
N ASP U 269 -78.21 6.16 94.28
CA ASP U 269 -78.03 6.63 92.91
C ASP U 269 -76.90 7.65 92.82
N ASN U 270 -76.60 8.36 93.90
CA ASN U 270 -75.60 9.42 93.91
C ASN U 270 -74.26 8.95 94.46
N HIS U 271 -74.11 7.67 94.79
CA HIS U 271 -72.85 7.17 95.31
C HIS U 271 -71.80 7.09 94.21
N TYR U 272 -70.56 7.44 94.55
CA TYR U 272 -69.48 7.37 93.59
C TYR U 272 -68.15 7.26 94.33
N PHE U 273 -67.12 6.84 93.59
CA PHE U 273 -65.76 6.77 94.09
C PHE U 273 -64.82 7.13 92.95
N GLY U 274 -63.78 7.87 93.26
CA GLY U 274 -62.85 8.30 92.24
C GLY U 274 -61.64 8.98 92.84
N TYR U 275 -60.88 9.64 91.99
CA TYR U 275 -59.67 10.32 92.41
C TYR U 275 -59.62 11.71 91.78
N SER U 276 -59.09 12.67 92.55
CA SER U 276 -58.86 14.02 92.09
C SER U 276 -57.37 14.22 91.85
N THR U 277 -57.03 14.71 90.67
CA THR U 277 -55.63 14.88 90.30
C THR U 277 -55.21 16.34 90.36
N PRO U 278 -53.92 16.62 90.56
CA PRO U 278 -53.45 18.02 90.53
C PRO U 278 -53.33 18.60 89.13
N TRP U 279 -53.72 17.86 88.11
CA TRP U 279 -53.60 18.31 86.73
C TRP U 279 -54.86 19.03 86.28
N GLY U 280 -54.70 19.87 85.25
CA GLY U 280 -55.81 20.44 84.54
C GLY U 280 -55.87 19.89 83.13
N TYR U 281 -56.93 20.24 82.42
CA TYR U 281 -57.10 19.79 81.05
C TYR U 281 -57.71 20.90 80.21
N PHE U 282 -57.36 20.90 78.93
CA PHE U 282 -57.86 21.89 77.97
C PHE U 282 -59.05 21.29 77.23
N ASP U 283 -60.20 21.95 77.35
CA ASP U 283 -61.45 21.48 76.75
C ASP U 283 -61.88 22.48 75.68
N PHE U 284 -62.09 22.00 74.46
CA PHE U 284 -62.69 22.80 73.39
C PHE U 284 -63.79 22.00 72.69
N ASN U 285 -64.51 21.19 73.44
CA ASN U 285 -65.57 20.34 72.90
C ASN U 285 -66.92 21.05 72.89
N ARG U 286 -66.94 22.26 72.35
CA ARG U 286 -68.16 23.02 72.16
C ARG U 286 -68.00 23.83 70.88
N PHE U 287 -69.07 23.99 70.11
CA PHE U 287 -68.94 24.65 68.78
C PHE U 287 -68.59 26.13 68.91
N HIS U 288 -69.04 26.78 69.98
CA HIS U 288 -68.79 28.23 70.20
C HIS U 288 -67.29 28.50 70.39
N CYS U 289 -66.50 27.47 70.69
CA CYS U 289 -65.04 27.60 70.91
C CYS U 289 -64.33 27.79 69.57
N HIS U 290 -64.99 27.47 68.45
CA HIS U 290 -64.38 27.57 67.14
C HIS U 290 -65.17 28.42 66.15
N PHE U 291 -66.50 28.46 66.27
CA PHE U 291 -67.35 29.19 65.34
C PHE U 291 -67.87 30.45 66.00
N SER U 292 -67.71 31.58 65.32
CA SER U 292 -68.41 32.79 65.70
C SER U 292 -69.88 32.66 65.29
N PRO U 293 -70.77 33.46 65.89
CA PRO U 293 -72.17 33.41 65.47
C PRO U 293 -72.38 33.68 63.99
N ARG U 294 -71.62 34.60 63.39
CA ARG U 294 -71.68 34.80 61.96
C ARG U 294 -71.18 33.57 61.21
N ASP U 295 -70.12 32.94 61.71
CA ASP U 295 -69.65 31.68 61.12
C ASP U 295 -70.70 30.59 61.20
N TRP U 296 -71.39 30.49 62.34
CA TRP U 296 -72.46 29.51 62.48
C TRP U 296 -73.59 29.79 61.51
N GLN U 297 -73.98 31.06 61.35
CA GLN U 297 -75.04 31.40 60.42
C GLN U 297 -74.63 31.08 58.98
N ARG U 298 -73.37 31.36 58.63
CA ARG U 298 -72.87 30.99 57.32
C ARG U 298 -72.85 29.49 57.11
N LEU U 299 -72.57 28.72 58.16
CA LEU U 299 -72.53 27.26 58.05
C LEU U 299 -73.93 26.68 57.88
N ILE U 300 -74.88 27.12 58.71
CA ILE U 300 -76.16 26.44 58.77
C ILE U 300 -77.14 26.89 57.69
N ASN U 301 -76.93 28.07 57.11
CA ASN U 301 -77.84 28.57 56.09
C ASN U 301 -77.48 28.12 54.68
N ASN U 302 -76.34 27.44 54.50
CA ASN U 302 -75.85 27.13 53.18
C ASN U 302 -75.40 25.69 52.98
N ASN U 303 -75.31 24.90 54.04
CA ASN U 303 -74.76 23.56 53.96
C ASN U 303 -75.78 22.54 54.45
N TRP U 304 -75.81 21.39 53.78
CA TRP U 304 -76.64 20.26 54.19
C TRP U 304 -75.94 19.35 55.19
N GLY U 305 -74.67 19.58 55.47
CA GLY U 305 -73.96 18.77 56.43
C GLY U 305 -72.54 19.26 56.64
N PHE U 306 -71.93 18.80 57.72
CA PHE U 306 -70.55 19.12 58.02
C PHE U 306 -69.99 18.08 58.98
N ARG U 307 -68.66 17.97 59.01
CA ARG U 307 -67.98 17.04 59.89
C ARG U 307 -66.55 17.52 60.07
N PRO U 308 -65.93 17.27 61.22
CA PRO U 308 -64.53 17.63 61.42
C PRO U 308 -63.59 16.68 60.68
N LYS U 309 -62.47 17.23 60.25
CA LYS U 309 -61.47 16.50 59.47
C LYS U 309 -60.15 16.36 60.19
N ARG U 310 -59.57 17.45 60.68
CA ARG U 310 -58.31 17.42 61.40
C ARG U 310 -58.23 18.65 62.28
N LEU U 311 -57.37 18.58 63.30
CA LEU U 311 -57.18 19.70 64.20
C LEU U 311 -55.70 19.90 64.50
N ASN U 312 -55.36 21.14 64.87
CA ASN U 312 -53.97 21.49 65.29
C ASN U 312 -54.11 22.24 66.61
N PHE U 313 -53.25 21.94 67.58
CA PHE U 313 -53.29 22.51 68.92
C PHE U 313 -51.93 23.09 69.26
N LYS U 314 -51.97 24.24 69.94
CA LYS U 314 -50.70 24.88 70.34
C LYS U 314 -50.79 25.61 71.68
N LEU U 315 -49.78 25.42 72.54
CA LEU U 315 -49.61 26.20 73.76
C LEU U 315 -48.33 27.01 73.64
N PHE U 316 -48.40 28.29 73.97
CA PHE U 316 -47.27 29.17 73.74
C PHE U 316 -47.38 30.36 74.68
N ASN U 317 -46.30 31.16 74.71
CA ASN U 317 -46.20 32.35 75.55
C ASN U 317 -46.51 32.01 77.00
N ILE U 318 -45.88 30.95 77.49
CA ILE U 318 -46.15 30.43 78.82
C ILE U 318 -45.39 31.25 79.85
N GLN U 319 -46.10 31.78 80.84
CA GLN U 319 -45.52 32.57 81.91
C GLN U 319 -45.88 31.91 83.23
N VAL U 320 -44.88 31.65 84.06
CA VAL U 320 -45.09 31.12 85.40
C VAL U 320 -44.91 32.26 86.39
N LYS U 321 -45.94 32.52 87.18
CA LYS U 321 -45.94 33.61 88.14
C LYS U 321 -45.90 33.04 89.56
N GLU U 322 -44.97 33.56 90.35
CA GLU U 322 -44.86 33.18 91.75
C GLU U 322 -45.63 34.17 92.61
N VAL U 323 -46.50 33.66 93.49
CA VAL U 323 -47.34 34.47 94.36
C VAL U 323 -46.84 34.33 95.78
N THR U 324 -46.62 35.46 96.44
CA THR U 324 -46.22 35.50 97.84
C THR U 324 -47.17 36.41 98.61
N GLN U 325 -47.32 36.13 99.90
CA GLN U 325 -48.21 36.90 100.76
C GLN U 325 -47.50 37.17 102.08
N ASN U 326 -47.08 38.41 102.28
CA ASN U 326 -46.34 38.82 103.47
C ASN U 326 -47.06 39.99 104.13
N ASP U 327 -47.47 39.80 105.39
CA ASP U 327 -48.14 40.84 106.17
C ASP U 327 -49.39 41.37 105.45
N GLY U 328 -50.15 40.46 104.83
CA GLY U 328 -51.39 40.83 104.19
C GLY U 328 -51.26 41.43 102.82
N THR U 329 -50.07 41.40 102.21
CA THR U 329 -49.83 41.96 100.89
C THR U 329 -49.59 40.84 99.90
N THR U 330 -50.32 40.88 98.78
CA THR U 330 -50.16 39.90 97.71
C THR U 330 -49.22 40.46 96.65
N THR U 331 -48.06 39.82 96.48
CA THR U 331 -47.05 40.24 95.52
C THR U 331 -46.87 39.14 94.49
N ILE U 332 -46.92 39.50 93.22
CA ILE U 332 -46.79 38.57 92.11
C ILE U 332 -45.55 38.94 91.32
N ALA U 333 -44.66 37.97 91.11
CA ALA U 333 -43.43 38.19 90.37
C ALA U 333 -43.23 37.03 89.40
N ASN U 334 -42.44 37.30 88.36
CA ASN U 334 -42.16 36.28 87.36
C ASN U 334 -41.24 35.20 87.92
N ASN U 335 -41.43 33.98 87.44
CA ASN U 335 -40.55 32.85 87.72
C ASN U 335 -40.09 32.30 86.38
N LEU U 336 -38.93 32.75 85.91
CA LEU U 336 -38.47 32.41 84.57
C LEU U 336 -37.88 31.01 84.48
N THR U 337 -37.65 30.33 85.60
CA THR U 337 -37.05 29.00 85.59
C THR U 337 -38.04 27.89 85.88
N SER U 338 -39.28 28.21 86.24
CA SER U 338 -40.28 27.19 86.49
C SER U 338 -40.85 26.65 85.17
N THR U 339 -41.37 25.43 85.23
CA THR U 339 -41.90 24.74 84.06
C THR U 339 -43.37 24.40 84.27
N VAL U 340 -44.00 24.04 83.16
CA VAL U 340 -45.33 23.43 83.16
C VAL U 340 -45.26 22.14 82.36
N GLN U 341 -45.87 21.09 82.88
CA GLN U 341 -45.86 19.78 82.25
C GLN U 341 -47.11 19.61 81.40
N VAL U 342 -46.91 19.29 80.12
CA VAL U 342 -48.01 19.11 79.16
C VAL U 342 -47.82 17.78 78.46
N PHE U 343 -48.89 16.99 78.39
CA PHE U 343 -48.87 15.78 77.57
C PHE U 343 -50.29 15.50 77.08
N THR U 344 -50.36 14.83 75.94
CA THR U 344 -51.63 14.43 75.34
C THR U 344 -51.80 12.92 75.52
N ASP U 345 -53.00 12.52 75.95
CA ASP U 345 -53.31 11.11 76.16
C ASP U 345 -53.71 10.49 74.82
N SER U 346 -52.75 10.33 73.92
CA SER U 346 -53.04 9.85 72.54
C SER U 346 -53.30 8.34 72.51
N GLU U 347 -52.91 7.62 73.56
CA GLU U 347 -53.21 6.20 73.62
C GLU U 347 -54.49 5.90 74.39
N TYR U 348 -55.17 6.93 74.89
CA TYR U 348 -56.45 6.79 75.59
C TYR U 348 -56.33 5.82 76.76
N GLN U 349 -55.26 5.96 77.55
CA GLN U 349 -55.05 5.15 78.73
C GLN U 349 -55.65 5.76 79.99
N LEU U 350 -56.15 6.98 79.92
CA LEU U 350 -56.77 7.65 81.05
C LEU U 350 -58.28 7.72 80.85
N PRO U 351 -59.05 7.80 81.94
CA PRO U 351 -60.51 7.95 81.80
C PRO U 351 -60.85 9.22 81.04
N TYR U 352 -61.66 9.07 79.99
CA TYR U 352 -62.00 10.17 79.10
C TYR U 352 -63.14 10.96 79.72
N VAL U 353 -62.82 12.11 80.31
CA VAL U 353 -63.83 12.96 80.95
C VAL U 353 -64.36 14.04 80.01
N LEU U 354 -63.75 14.24 78.85
CA LEU U 354 -64.35 15.08 77.83
C LEU U 354 -65.59 14.40 77.27
N GLY U 355 -66.53 15.21 76.78
CA GLY U 355 -67.78 14.69 76.28
C GLY U 355 -68.85 14.45 77.31
N SER U 356 -68.65 14.93 78.54
CA SER U 356 -69.67 14.87 79.59
C SER U 356 -70.34 16.22 79.82
N ALA U 357 -70.19 17.16 78.88
CA ALA U 357 -70.82 18.48 78.95
C ALA U 357 -70.37 19.24 80.20
N HIS U 358 -69.07 19.27 80.43
CA HIS U 358 -68.50 19.92 81.60
C HIS U 358 -68.11 21.36 81.29
N GLN U 359 -68.18 22.20 82.31
CA GLN U 359 -67.75 23.59 82.21
C GLN U 359 -66.22 23.66 82.17
N GLY U 360 -65.72 24.82 81.76
CA GLY U 360 -64.29 25.03 81.65
C GLY U 360 -63.74 25.03 80.25
N CYS U 361 -64.59 25.13 79.23
CA CYS U 361 -64.15 25.13 77.85
C CYS U 361 -63.52 26.48 77.49
N LEU U 362 -63.07 26.58 76.25
CA LEU U 362 -62.62 27.86 75.72
C LEU U 362 -63.82 28.79 75.61
N PRO U 363 -63.75 30.01 76.16
CA PRO U 363 -64.92 30.88 76.15
C PRO U 363 -65.31 31.24 74.73
N PRO U 364 -66.61 31.41 74.48
CA PRO U 364 -67.04 31.75 73.10
C PRO U 364 -66.49 33.07 72.60
N PHE U 365 -66.31 34.06 73.47
CA PHE U 365 -65.77 35.34 73.07
C PHE U 365 -64.24 35.30 73.12
N PRO U 366 -63.56 35.62 72.01
CA PRO U 366 -62.10 35.50 71.99
C PRO U 366 -61.37 36.38 73.00
N ALA U 367 -62.01 37.41 73.52
CA ALA U 367 -61.36 38.33 74.45
C ALA U 367 -61.44 37.88 75.90
N ASP U 368 -62.16 36.81 76.19
CA ASP U 368 -62.33 36.34 77.56
C ASP U 368 -61.17 35.44 77.99
N VAL U 369 -60.77 35.58 79.26
CA VAL U 369 -59.72 34.77 79.86
C VAL U 369 -60.40 33.73 80.75
N PHE U 370 -59.96 32.48 80.63
CA PHE U 370 -60.61 31.36 81.29
C PHE U 370 -59.62 30.58 82.15
N MET U 371 -60.14 29.99 83.22
CA MET U 371 -59.38 29.11 84.09
C MET U 371 -59.40 27.69 83.55
N VAL U 372 -58.28 26.99 83.66
CA VAL U 372 -58.17 25.62 83.20
C VAL U 372 -58.85 24.70 84.21
N PRO U 373 -59.83 23.90 83.81
CA PRO U 373 -60.55 23.05 84.77
C PRO U 373 -59.66 21.94 85.32
N GLN U 374 -59.95 21.55 86.55
CA GLN U 374 -59.20 20.48 87.20
C GLN U 374 -59.63 19.12 86.69
N TYR U 375 -58.65 18.26 86.42
CA TYR U 375 -58.94 16.92 85.91
C TYR U 375 -59.23 15.97 87.06
N GLY U 376 -60.26 15.15 86.87
CA GLY U 376 -60.63 14.14 87.85
C GLY U 376 -61.45 13.07 87.18
N TYR U 377 -61.40 11.87 87.75
CA TYR U 377 -62.08 10.73 87.15
C TYR U 377 -62.74 9.90 88.24
N LEU U 378 -63.72 9.11 87.83
CA LEU U 378 -64.41 8.17 88.70
C LEU U 378 -64.11 6.74 88.27
N THR U 379 -64.07 5.85 89.25
CA THR U 379 -63.86 4.43 88.99
C THR U 379 -64.97 3.63 89.65
N LEU U 380 -64.84 2.32 89.65
CA LEU U 380 -65.89 1.43 90.23
C LEU U 380 -66.08 1.73 91.70
N ASN U 381 -67.32 1.69 92.17
CA ASN U 381 -67.61 1.93 93.61
C ASN U 381 -68.69 0.97 94.10
N ASN U 382 -68.57 0.47 95.31
CA ASN U 382 -69.66 -0.30 95.94
C ASN U 382 -70.16 0.64 97.03
N GLY U 383 -71.06 1.57 96.68
CA GLY U 383 -71.45 2.60 97.66
C GLY U 383 -70.42 3.70 97.65
N SER U 384 -70.04 4.21 98.82
CA SER U 384 -68.98 5.20 98.90
C SER U 384 -67.59 4.58 98.88
N GLN U 385 -67.49 3.25 98.98
CA GLN U 385 -66.22 2.55 99.00
C GLN U 385 -65.82 2.11 97.59
N ALA U 386 -64.63 1.53 97.50
CA ALA U 386 -64.10 1.01 96.25
C ALA U 386 -64.10 -0.52 96.26
N VAL U 387 -63.87 -1.10 95.09
CA VAL U 387 -63.74 -2.53 94.93
C VAL U 387 -62.34 -2.84 94.41
N GLY U 388 -62.02 -4.13 94.34
CA GLY U 388 -60.71 -4.54 93.90
C GLY U 388 -60.45 -4.21 92.44
N ARG U 389 -61.51 -4.07 91.64
CA ARG U 389 -61.38 -3.75 90.23
C ARG U 389 -61.20 -2.26 89.97
N SER U 390 -61.35 -1.42 91.00
CA SER U 390 -61.18 0.02 90.82
C SER U 390 -59.74 0.33 90.41
N SER U 391 -59.60 1.26 89.47
CA SER U 391 -58.30 1.61 88.91
C SER U 391 -57.85 2.97 89.40
N PHE U 392 -56.55 3.07 89.70
CA PHE U 392 -55.93 4.32 90.08
C PHE U 392 -54.91 4.70 89.01
N TYR U 393 -54.90 5.98 88.63
CA TYR U 393 -54.03 6.47 87.58
C TYR U 393 -53.20 7.64 88.10
N CYS U 394 -51.88 7.52 87.98
CA CYS U 394 -50.96 8.62 88.26
C CYS U 394 -50.55 9.23 86.93
N LEU U 395 -50.86 10.51 86.75
CA LEU U 395 -50.58 11.20 85.50
C LEU U 395 -49.11 11.56 85.34
N GLU U 396 -48.32 11.50 86.42
CA GLU U 396 -46.88 11.66 86.31
C GLU U 396 -46.19 10.39 85.82
N TYR U 397 -46.95 9.30 85.63
CA TYR U 397 -46.40 8.01 85.11
C TYR U 397 -46.46 8.04 83.58
N PHE U 398 -46.89 9.15 83.00
CA PHE U 398 -46.90 9.39 81.57
C PHE U 398 -45.74 10.29 81.19
N PRO U 399 -45.15 10.09 80.00
CA PRO U 399 -44.14 11.04 79.52
C PRO U 399 -44.78 12.37 79.17
N SER U 400 -44.27 13.44 79.76
CA SER U 400 -44.80 14.78 79.55
C SER U 400 -43.68 15.71 79.14
N GLN U 401 -44.04 16.78 78.44
CA GLN U 401 -43.10 17.78 77.97
C GLN U 401 -43.07 18.94 78.94
N MET U 402 -41.86 19.31 79.36
CA MET U 402 -41.67 20.39 80.33
C MET U 402 -41.37 21.69 79.57
N LEU U 403 -42.11 22.74 79.89
CA LEU U 403 -42.04 23.99 79.14
C LEU U 403 -41.72 25.13 80.09
N ARG U 404 -40.58 25.79 79.87
CA ARG U 404 -40.27 27.03 80.55
C ARG U 404 -40.86 28.21 79.78
N THR U 405 -40.62 29.42 80.26
CA THR U 405 -41.03 30.61 79.49
C THR U 405 -40.15 30.66 78.25
N GLY U 406 -40.74 30.60 77.08
CA GLY U 406 -40.03 30.52 75.83
C GLY U 406 -40.17 29.20 75.10
N ASN U 407 -40.71 28.18 75.74
CA ASN U 407 -41.01 26.91 75.11
C ASN U 407 -42.47 26.86 74.71
N ASN U 408 -42.76 26.11 73.65
CA ASN U 408 -44.12 25.94 73.17
C ASN U 408 -44.40 24.45 72.97
N PHE U 409 -45.70 24.13 72.97
CA PHE U 409 -46.17 22.76 72.77
C PHE U 409 -47.11 22.75 71.57
N THR U 410 -47.07 21.67 70.80
CA THR U 410 -47.96 21.53 69.67
C THR U 410 -48.19 20.06 69.37
N PHE U 411 -49.34 19.76 68.77
CA PHE U 411 -49.62 18.43 68.26
C PHE U 411 -50.76 18.52 67.26
N SER U 412 -50.78 17.55 66.34
CA SER U 412 -51.79 17.49 65.29
C SER U 412 -52.57 16.19 65.42
N TYR U 413 -53.86 16.26 65.11
CA TYR U 413 -54.76 15.13 65.22
C TYR U 413 -55.63 15.07 63.97
N THR U 414 -55.91 13.85 63.51
CA THR U 414 -56.79 13.64 62.37
C THR U 414 -58.04 12.92 62.84
N PHE U 415 -59.20 13.50 62.55
CA PHE U 415 -60.46 12.85 62.89
C PHE U 415 -60.67 11.61 62.02
N GLU U 416 -61.27 10.58 62.61
CA GLU U 416 -61.68 9.43 61.84
C GLU U 416 -62.87 9.78 60.95
N ASP U 417 -63.15 8.92 59.98
CA ASP U 417 -64.28 9.14 59.09
C ASP U 417 -65.59 9.01 59.87
N VAL U 418 -66.41 10.06 59.82
CA VAL U 418 -67.68 10.08 60.52
C VAL U 418 -68.74 10.60 59.56
N PRO U 419 -70.00 10.23 59.78
CA PRO U 419 -71.07 10.75 58.93
C PRO U 419 -71.22 12.26 59.08
N PHE U 420 -71.62 12.90 57.99
CA PHE U 420 -71.96 14.32 58.05
C PHE U 420 -73.14 14.53 58.98
N HIS U 421 -73.08 15.58 59.80
CA HIS U 421 -74.22 15.95 60.60
C HIS U 421 -75.36 16.40 59.70
N SER U 422 -76.57 15.92 60.01
CA SER U 422 -77.77 16.27 59.22
C SER U 422 -78.22 17.69 59.55
N SER U 423 -77.56 18.69 58.95
CA SER U 423 -77.94 20.09 59.18
C SER U 423 -79.06 20.52 58.25
N TYR U 424 -80.14 19.74 58.27
CA TYR U 424 -81.31 20.01 57.45
C TYR U 424 -82.54 19.46 58.16
N ALA U 425 -83.70 19.97 57.77
CA ALA U 425 -84.99 19.46 58.21
C ALA U 425 -85.71 18.86 57.01
N HIS U 426 -86.30 17.69 57.21
CA HIS U 426 -87.01 17.03 56.11
C HIS U 426 -88.28 17.82 55.76
N SER U 427 -88.47 18.06 54.47
CA SER U 427 -89.67 18.71 53.97
C SER U 427 -90.78 17.73 53.67
N GLN U 428 -90.57 16.45 53.92
CA GLN U 428 -91.59 15.43 53.80
C GLN U 428 -91.71 14.67 55.12
N SER U 429 -92.90 14.19 55.41
CA SER U 429 -93.13 13.35 56.57
C SER U 429 -93.07 11.88 56.15
N LEU U 430 -92.66 11.02 57.09
CA LEU U 430 -92.51 9.61 56.78
C LEU U 430 -93.83 8.94 56.45
N ASP U 431 -94.95 9.53 56.90
CA ASP U 431 -96.29 8.93 56.65
C ASP U 431 -96.97 9.61 55.45
N ARG U 432 -96.25 10.50 54.76
CA ARG U 432 -96.79 11.23 53.62
C ARG U 432 -95.81 11.16 52.44
N LEU U 433 -95.30 9.97 52.15
CA LEU U 433 -94.32 9.77 51.09
C LEU U 433 -94.95 9.26 49.79
N MET U 434 -96.26 9.20 49.71
CA MET U 434 -96.94 8.59 48.58
C MET U 434 -97.35 9.65 47.56
N ASN U 435 -97.93 9.18 46.45
CA ASN U 435 -98.52 10.04 45.44
C ASN U 435 -100.00 10.20 45.76
N PRO U 436 -100.47 11.40 46.14
CA PRO U 436 -101.87 11.56 46.55
C PRO U 436 -102.86 11.40 45.42
N LEU U 437 -102.41 11.39 44.16
CA LEU U 437 -103.31 11.33 43.02
C LEU U 437 -103.66 9.90 42.60
N ILE U 438 -102.82 8.93 42.91
CA ILE U 438 -102.97 7.56 42.43
C ILE U 438 -103.27 6.66 43.61
N ASP U 439 -104.27 5.80 43.45
CA ASP U 439 -104.56 4.80 44.47
C ASP U 439 -103.50 3.70 44.48
N GLN U 440 -103.40 3.02 45.62
CA GLN U 440 -102.54 1.85 45.73
C GLN U 440 -103.24 0.63 45.16
N TYR U 441 -102.45 -0.29 44.62
CA TYR U 441 -103.00 -1.56 44.17
C TYR U 441 -103.15 -2.56 45.31
N LEU U 442 -102.56 -2.30 46.47
CA LEU U 442 -102.71 -3.17 47.62
C LEU U 442 -104.01 -2.88 48.36
N TYR U 443 -104.55 -3.91 49.00
CA TYR U 443 -105.79 -3.80 49.75
C TYR U 443 -105.52 -3.87 51.24
N TYR U 444 -106.39 -3.22 52.01
CA TYR U 444 -106.34 -3.28 53.46
C TYR U 444 -107.74 -3.57 53.98
N LEU U 445 -107.80 -4.22 55.14
CA LEU U 445 -109.08 -4.51 55.78
C LEU U 445 -109.72 -3.20 56.24
N SER U 446 -110.78 -2.78 55.55
CA SER U 446 -111.44 -1.52 55.84
C SER U 446 -112.69 -1.67 56.69
N ARG U 447 -113.38 -2.79 56.54
CA ARG U 447 -114.59 -3.01 57.36
C ARG U 447 -114.56 -4.42 57.95
N THR U 448 -115.15 -4.57 59.12
CA THR U 448 -115.23 -5.86 59.79
C THR U 448 -116.65 -6.37 59.98
N ASN U 449 -117.66 -5.59 59.63
CA ASN U 449 -119.05 -6.05 59.71
C ASN U 449 -119.89 -5.27 58.72
N THR U 450 -121.09 -5.77 58.47
CA THR U 450 -122.05 -5.11 57.59
C THR U 450 -123.42 -5.12 58.23
N PRO U 451 -124.31 -4.13 57.90
CA PRO U 451 -125.66 -4.17 58.43
C PRO U 451 -126.36 -5.45 57.99
N SER U 452 -126.88 -6.23 58.93
CA SER U 452 -127.65 -7.45 58.59
C SER U 452 -129.00 -7.38 59.30
N GLY U 453 -130.09 -7.38 58.55
CA GLY U 453 -131.42 -7.22 59.18
C GLY U 453 -131.48 -5.90 59.93
N THR U 454 -131.85 -5.96 61.22
CA THR U 454 -131.87 -4.74 62.06
C THR U 454 -130.71 -4.82 63.05
N THR U 455 -129.87 -5.86 62.93
CA THR U 455 -128.67 -6.00 63.79
C THR U 455 -127.42 -5.85 62.92
N THR U 456 -126.30 -6.45 63.34
CA THR U 456 -125.07 -6.42 62.51
C THR U 456 -124.56 -7.85 62.30
N GLN U 457 -123.83 -8.08 61.22
CA GLN U 457 -123.27 -9.38 60.95
C GLN U 457 -121.80 -9.24 60.58
N SER U 458 -120.97 -10.16 61.08
CA SER U 458 -119.54 -10.10 60.81
C SER U 458 -119.27 -10.37 59.33
N ARG U 459 -118.49 -9.48 58.71
CA ARG U 459 -118.17 -9.60 57.29
C ARG U 459 -116.93 -8.77 56.99
N LEU U 460 -115.89 -9.42 56.49
CA LEU U 460 -114.65 -8.73 56.18
C LEU U 460 -114.72 -8.10 54.80
N GLN U 461 -114.30 -6.83 54.70
CA GLN U 461 -114.22 -6.12 53.43
C GLN U 461 -112.87 -5.42 53.32
N PHE U 462 -112.43 -5.23 52.09
CA PHE U 462 -111.11 -4.67 51.82
C PHE U 462 -111.23 -3.54 50.79
N SER U 463 -110.37 -2.54 50.94
CA SER U 463 -110.37 -1.37 50.08
C SER U 463 -108.95 -1.05 49.66
N GLN U 464 -108.83 -0.35 48.54
CA GLN U 464 -107.55 0.20 48.11
C GLN U 464 -107.41 1.61 48.65
N ALA U 465 -106.25 1.90 49.23
CA ALA U 465 -106.04 3.17 49.92
C ALA U 465 -105.66 4.25 48.93
N GLY U 466 -106.25 5.43 49.09
CA GLY U 466 -105.96 6.61 48.29
C GLY U 466 -105.70 7.80 49.20
N ALA U 467 -106.13 8.98 48.72
CA ALA U 467 -105.93 10.20 49.47
C ALA U 467 -106.94 10.36 50.61
N SER U 468 -108.18 9.91 50.40
CA SER U 468 -109.22 10.10 51.41
C SER U 468 -108.97 9.26 52.65
N ASP U 469 -108.40 8.07 52.49
CA ASP U 469 -108.05 7.20 53.60
C ASP U 469 -106.54 7.02 53.64
N ILE U 470 -105.83 8.14 53.52
CA ILE U 470 -104.37 8.14 53.40
C ILE U 470 -103.68 7.49 54.59
N ARG U 471 -104.35 7.43 55.75
CA ARG U 471 -103.74 6.83 56.93
C ARG U 471 -103.61 5.32 56.83
N ASP U 472 -104.36 4.68 55.93
CA ASP U 472 -104.37 3.23 55.80
C ASP U 472 -103.44 2.72 54.70
N GLN U 473 -102.67 3.60 54.08
CA GLN U 473 -101.83 3.18 52.97
C GLN U 473 -100.70 2.28 53.44
N SER U 474 -100.39 1.27 52.63
CA SER U 474 -99.27 0.39 52.92
C SER U 474 -97.96 1.15 52.75
N ARG U 475 -97.05 0.96 53.71
CA ARG U 475 -95.82 1.72 53.75
C ARG U 475 -94.63 0.78 53.95
N ASN U 476 -93.45 1.28 53.59
CA ASN U 476 -92.24 0.48 53.63
C ASN U 476 -91.37 0.75 54.86
N TRP U 477 -91.64 1.82 55.61
CA TRP U 477 -90.76 2.26 56.68
C TRP U 477 -91.56 2.57 57.93
N LEU U 478 -90.84 2.69 59.04
CA LEU U 478 -91.41 2.95 60.36
C LEU U 478 -90.66 4.09 61.03
N PRO U 479 -91.32 4.82 61.92
CA PRO U 479 -90.62 5.86 62.69
C PRO U 479 -89.61 5.26 63.66
N GLY U 480 -88.60 6.06 63.99
CA GLY U 480 -87.50 5.62 64.81
C GLY U 480 -87.90 5.21 66.22
N PRO U 481 -86.93 4.71 66.98
CA PRO U 481 -87.24 4.18 68.32
C PRO U 481 -87.61 5.29 69.30
N CYS U 482 -88.29 4.83 70.35
CA CYS U 482 -88.87 5.77 71.34
C CYS U 482 -88.58 5.33 72.76
N TYR U 483 -88.46 6.29 73.68
CA TYR U 483 -88.34 6.01 75.12
C TYR U 483 -89.08 7.15 75.82
N ARG U 484 -90.35 6.91 76.14
CA ARG U 484 -91.28 8.00 76.43
C ARG U 484 -90.82 8.86 77.59
N GLN U 485 -90.99 10.17 77.43
CA GLN U 485 -90.68 11.17 78.44
C GLN U 485 -91.96 11.82 78.94
N GLN U 486 -91.93 12.30 80.18
CA GLN U 486 -93.05 13.05 80.71
C GLN U 486 -93.11 14.43 80.07
N ARG U 487 -94.33 14.92 79.86
CA ARG U 487 -94.55 16.20 79.22
C ARG U 487 -94.72 17.29 80.27
N VAL U 488 -93.92 18.35 80.09
CA VAL U 488 -93.97 19.53 80.99
C VAL U 488 -94.27 20.75 80.10
N SER U 489 -94.89 21.78 80.64
CA SER U 489 -95.27 22.98 79.89
C SER U 489 -94.46 24.16 80.38
N LYS U 490 -94.11 25.05 79.43
CA LYS U 490 -93.36 26.28 79.78
C LYS U 490 -94.30 27.22 80.57
N THR U 491 -95.60 27.12 80.33
CA THR U 491 -96.59 27.89 81.15
C THR U 491 -96.71 27.16 82.49
N SER U 492 -96.28 27.78 83.58
CA SER U 492 -96.24 27.08 84.89
C SER U 492 -97.61 26.55 85.34
N ALA U 493 -98.67 27.35 85.23
CA ALA U 493 -99.97 26.92 85.74
C ALA U 493 -100.43 25.62 85.10
N ASP U 494 -99.95 25.31 83.90
CA ASP U 494 -100.37 24.11 83.18
C ASP U 494 -99.80 22.83 83.78
N ASN U 495 -98.81 22.93 84.66
CA ASN U 495 -98.14 21.76 85.22
C ASN U 495 -98.84 21.30 86.49
N ASN U 496 -98.64 20.03 86.82
CA ASN U 496 -99.22 19.47 88.05
C ASN U 496 -98.55 20.10 89.27
N ASN U 497 -99.36 20.37 90.29
CA ASN U 497 -98.87 21.00 91.52
C ASN U 497 -98.33 19.91 92.46
N SER U 498 -97.17 19.38 92.08
CA SER U 498 -96.50 18.35 92.86
C SER U 498 -95.03 18.32 92.46
N GLU U 499 -94.25 17.58 93.26
CA GLU U 499 -92.81 17.40 92.96
C GLU U 499 -92.66 16.10 92.19
N TYR U 500 -92.48 16.18 90.88
CA TYR U 500 -92.40 15.00 90.03
C TYR U 500 -91.14 15.02 89.15
N SER U 501 -90.10 15.76 89.56
CA SER U 501 -88.89 15.80 88.76
C SER U 501 -88.13 14.48 88.77
N TRP U 502 -88.41 13.60 89.74
CA TRP U 502 -87.79 12.29 89.80
C TRP U 502 -88.79 11.15 89.76
N THR U 503 -89.94 11.28 90.42
CA THR U 503 -90.94 10.22 90.39
C THR U 503 -91.48 10.01 88.98
N GLY U 504 -91.75 11.10 88.27
CA GLY U 504 -92.19 11.04 86.89
C GLY U 504 -91.08 11.07 85.86
N ALA U 505 -89.84 11.01 86.30
CA ALA U 505 -88.70 11.09 85.39
C ALA U 505 -88.48 9.78 84.65
N THR U 506 -87.89 9.88 83.47
CA THR U 506 -87.52 8.72 82.68
C THR U 506 -86.11 8.28 83.07
N LYS U 507 -85.97 7.02 83.48
CA LYS U 507 -84.75 6.53 84.09
C LYS U 507 -84.33 5.20 83.47
N TYR U 508 -83.04 4.90 83.58
CA TYR U 508 -82.51 3.59 83.28
C TYR U 508 -81.84 3.02 84.53
N HIS U 509 -81.97 1.72 84.72
CA HIS U 509 -81.51 1.04 85.91
C HIS U 509 -80.22 0.30 85.58
N LEU U 510 -79.15 0.56 86.35
CA LEU U 510 -77.85 -0.04 86.11
C LEU U 510 -77.18 -0.33 87.44
N ASN U 511 -76.96 -1.61 87.72
CA ASN U 511 -76.29 -2.07 88.94
C ASN U 511 -77.00 -1.55 90.20
N GLY U 512 -78.33 -1.55 90.17
CA GLY U 512 -79.11 -1.13 91.31
C GLY U 512 -79.24 0.36 91.50
N ARG U 513 -78.69 1.15 90.58
CA ARG U 513 -78.84 2.62 90.70
C ARG U 513 -79.61 3.20 89.51
N ASP U 514 -80.55 4.10 89.77
CA ASP U 514 -81.33 4.78 88.74
C ASP U 514 -80.58 6.03 88.29
N SER U 515 -80.40 6.16 86.98
CA SER U 515 -79.81 7.34 86.38
C SER U 515 -80.84 8.02 85.50
N LEU U 516 -80.85 9.35 85.52
CA LEU U 516 -81.77 10.10 84.68
C LEU U 516 -81.40 9.91 83.21
N VAL U 517 -82.42 9.69 82.38
CA VAL U 517 -82.24 9.61 80.94
C VAL U 517 -82.34 11.03 80.41
N ASN U 518 -81.18 11.61 80.08
CA ASN U 518 -81.10 13.02 79.71
C ASN U 518 -79.95 13.24 78.73
N PRO U 519 -80.23 13.63 77.48
CA PRO U 519 -81.54 13.85 76.88
C PRO U 519 -82.17 12.59 76.31
N GLY U 520 -81.42 11.48 76.27
CA GLY U 520 -81.93 10.23 75.79
C GLY U 520 -81.99 10.12 74.28
N PRO U 521 -82.73 9.14 73.77
CA PRO U 521 -82.85 8.97 72.32
C PRO U 521 -83.47 10.19 71.66
N ALA U 522 -83.02 10.47 70.44
CA ALA U 522 -83.47 11.64 69.72
C ALA U 522 -84.95 11.50 69.36
N MET U 523 -85.77 12.40 69.91
CA MET U 523 -87.21 12.40 69.68
C MET U 523 -87.70 13.83 69.55
N ALA U 524 -88.81 14.00 68.85
CA ALA U 524 -89.38 15.32 68.67
C ALA U 524 -89.88 15.89 70.00
N SER U 525 -89.59 17.17 70.22
CA SER U 525 -90.00 17.80 71.47
C SER U 525 -91.52 17.88 71.60
N HIS U 526 -92.20 18.16 70.49
CA HIS U 526 -93.64 18.33 70.52
C HIS U 526 -94.20 18.14 69.12
N LYS U 527 -95.52 17.96 69.05
CA LYS U 527 -96.21 17.83 67.78
C LYS U 527 -96.63 19.21 67.28
N ASP U 528 -97.47 19.25 66.25
CA ASP U 528 -97.89 20.51 65.66
C ASP U 528 -98.64 21.36 66.69
N ASP U 529 -98.33 22.65 66.71
CA ASP U 529 -99.03 23.65 67.51
C ASP U 529 -99.00 23.31 69.00
N GLU U 530 -97.87 22.80 69.47
CA GLU U 530 -97.68 22.50 70.88
C GLU U 530 -96.29 22.92 71.32
N GLU U 531 -95.84 24.09 70.87
CA GLU U 531 -94.48 24.54 71.13
C GLU U 531 -94.23 24.81 72.61
N LYS U 532 -95.27 24.98 73.41
CA LYS U 532 -95.09 25.21 74.84
C LYS U 532 -94.71 23.94 75.59
N PHE U 533 -94.86 22.77 74.98
CA PHE U 533 -94.59 21.50 75.63
C PHE U 533 -93.20 20.99 75.25
N PHE U 534 -92.46 20.50 76.23
CA PHE U 534 -91.17 19.90 76.01
C PHE U 534 -91.02 18.69 76.92
N PRO U 535 -90.23 17.70 76.52
CA PRO U 535 -90.00 16.54 77.39
C PRO U 535 -89.26 16.94 78.66
N GLN U 536 -89.56 16.22 79.75
CA GLN U 536 -89.05 16.60 81.05
C GLN U 536 -87.52 16.57 81.09
N SER U 537 -86.92 15.53 80.50
CA SER U 537 -85.47 15.44 80.41
C SER U 537 -85.05 14.97 79.02
N GLY U 538 -85.78 15.42 78.00
CA GLY U 538 -85.53 14.99 76.64
C GLY U 538 -84.92 16.03 75.72
N VAL U 539 -84.58 17.22 76.21
CA VAL U 539 -83.97 18.26 75.41
C VAL U 539 -82.79 18.85 76.17
N LEU U 540 -81.85 19.40 75.42
CA LEU U 540 -80.75 20.14 76.03
C LEU U 540 -81.26 21.48 76.55
N ILE U 541 -80.82 21.85 77.75
CA ILE U 541 -81.21 23.11 78.37
C ILE U 541 -79.93 23.88 78.65
N PHE U 542 -79.77 25.02 78.00
CA PHE U 542 -78.61 25.88 78.18
C PHE U 542 -78.97 27.04 79.10
N GLY U 543 -77.99 27.47 79.90
CA GLY U 543 -78.19 28.58 80.80
C GLY U 543 -77.90 29.90 80.12
N LYS U 544 -78.73 30.90 80.42
CA LYS U 544 -78.45 32.26 79.96
C LYS U 544 -77.26 32.82 80.73
N GLN U 545 -76.75 33.95 80.24
CA GLN U 545 -75.61 34.59 80.89
C GLN U 545 -75.97 35.01 82.30
N GLY U 546 -75.10 34.67 83.26
CA GLY U 546 -75.32 35.01 84.65
C GLY U 546 -76.21 34.06 85.42
N SER U 547 -76.59 32.95 84.80
CA SER U 547 -77.53 31.99 85.45
C SER U 547 -76.81 31.23 86.55
N GLU U 548 -77.48 31.01 87.68
CA GLU U 548 -76.90 30.30 88.81
C GLU U 548 -76.86 28.80 88.52
N LYS U 549 -76.54 28.02 89.55
CA LYS U 549 -76.37 26.59 89.38
C LYS U 549 -77.60 25.80 89.83
N THR U 550 -78.25 26.20 90.91
CA THR U 550 -79.31 25.40 91.52
C THR U 550 -80.65 26.13 91.45
N ASN U 551 -81.65 25.44 90.91
CA ASN U 551 -83.05 25.86 90.98
C ASN U 551 -83.27 27.25 90.39
N VAL U 552 -82.75 27.47 89.19
CA VAL U 552 -83.02 28.71 88.47
C VAL U 552 -84.37 28.60 87.79
N ASP U 553 -85.01 29.74 87.56
CA ASP U 553 -86.33 29.76 86.96
C ASP U 553 -86.25 29.43 85.48
N ILE U 554 -87.42 29.23 84.87
CA ILE U 554 -87.46 28.87 83.46
C ILE U 554 -87.00 30.05 82.59
N GLU U 555 -87.25 31.28 83.03
CA GLU U 555 -86.80 32.44 82.28
C GLU U 555 -85.29 32.62 82.31
N LYS U 556 -84.59 31.89 83.19
CA LYS U 556 -83.14 31.94 83.27
C LYS U 556 -82.45 30.93 82.36
N VAL U 557 -83.21 30.05 81.71
CA VAL U 557 -82.66 29.01 80.86
C VAL U 557 -83.30 29.08 79.49
N MET U 558 -82.59 28.52 78.50
CA MET U 558 -83.06 28.45 77.12
C MET U 558 -83.22 26.98 76.76
N ILE U 559 -84.45 26.57 76.50
CA ILE U 559 -84.77 25.18 76.22
C ILE U 559 -84.76 24.97 74.72
N THR U 560 -84.00 23.97 74.26
CA THR U 560 -83.88 23.70 72.84
C THR U 560 -85.13 22.98 72.32
N ASP U 561 -85.27 23.00 70.99
CA ASP U 561 -86.44 22.35 70.36
C ASP U 561 -85.95 21.41 69.27
N GLU U 562 -86.46 20.20 69.26
CA GLU U 562 -86.15 19.17 68.27
C GLU U 562 -87.36 18.86 67.41
N GLU U 563 -88.08 19.90 66.99
CA GLU U 563 -89.28 19.73 66.18
C GLU U 563 -88.98 19.42 64.72
N GLU U 564 -87.77 19.70 64.25
CA GLU U 564 -87.44 19.46 62.85
C GLU U 564 -87.37 17.98 62.51
N ILE U 565 -87.29 17.10 63.53
CA ILE U 565 -87.15 15.67 63.29
C ILE U 565 -88.46 14.94 63.54
N ARG U 566 -89.57 15.66 63.74
CA ARG U 566 -90.86 15.00 63.93
C ARG U 566 -91.38 14.36 62.65
N THR U 567 -90.73 14.62 61.51
CA THR U 567 -91.12 13.96 60.27
C THR U 567 -90.82 12.47 60.31
N THR U 568 -89.74 12.06 60.97
CA THR U 568 -89.35 10.66 61.05
C THR U 568 -89.26 10.12 62.47
N ASN U 569 -89.20 10.97 63.48
CA ASN U 569 -89.02 10.52 64.86
C ASN U 569 -90.30 10.73 65.66
N PRO U 570 -90.66 9.79 66.52
CA PRO U 570 -91.86 9.96 67.33
C PRO U 570 -91.71 11.10 68.33
N VAL U 571 -92.85 11.70 68.67
CA VAL U 571 -92.85 12.74 69.69
C VAL U 571 -92.45 12.13 71.04
N ALA U 572 -91.60 12.85 71.76
CA ALA U 572 -90.99 12.31 72.98
C ALA U 572 -92.03 11.99 74.04
N THR U 573 -93.06 12.81 74.15
CA THR U 573 -94.03 12.70 75.22
C THR U 573 -95.22 11.81 74.88
N GLU U 574 -95.23 11.22 73.69
CA GLU U 574 -96.35 10.40 73.26
C GLU U 574 -95.87 8.98 72.99
N GLN U 575 -96.83 8.07 72.85
CA GLN U 575 -96.52 6.68 72.59
C GLN U 575 -96.01 6.51 71.16
N TYR U 576 -95.22 5.45 70.96
CA TYR U 576 -94.79 5.10 69.62
C TYR U 576 -95.99 4.69 68.74
N GLY U 577 -96.90 3.92 69.31
CA GLY U 577 -98.03 3.41 68.55
C GLY U 577 -98.86 2.46 69.38
N SER U 578 -99.57 1.57 68.69
CA SER U 578 -100.42 0.59 69.34
C SER U 578 -100.18 -0.79 68.75
N VAL U 579 -100.28 -1.81 69.60
CA VAL U 579 -100.16 -3.20 69.18
C VAL U 579 -101.34 -3.97 69.77
N SER U 580 -101.65 -5.09 69.12
CA SER U 580 -102.69 -5.97 69.62
C SER U 580 -102.21 -6.74 70.85
N THR U 581 -103.13 -7.00 71.77
CA THR U 581 -102.80 -7.70 72.99
C THR U 581 -103.58 -8.99 73.20
N ASN U 582 -104.55 -9.31 72.34
CA ASN U 582 -105.34 -10.52 72.49
C ASN U 582 -105.70 -11.03 71.11
N LEU U 583 -106.60 -12.02 71.07
CA LEU U 583 -107.10 -12.59 69.82
C LEU U 583 -108.61 -12.43 69.78
N GLN U 584 -109.08 -11.55 68.90
CA GLN U 584 -110.51 -11.36 68.74
C GLN U 584 -111.16 -12.61 68.16
N ARG U 585 -112.40 -12.84 68.60
CA ARG U 585 -113.13 -14.06 68.18
C ARG U 585 -114.62 -13.82 68.36
N GLY U 586 -115.43 -14.33 67.44
CA GLY U 586 -116.87 -14.28 67.56
C GLY U 586 -117.45 -15.47 68.30
N ASN U 587 -118.78 -15.49 68.37
CA ASN U 587 -119.48 -16.55 69.15
C ASN U 587 -119.46 -17.87 68.37
N THR U 594 -117.12 -17.60 74.30
CA THR U 594 -117.90 -16.34 74.15
C THR U 594 -117.17 -15.43 73.15
N SER U 595 -117.70 -14.25 72.86
CA SER U 595 -116.92 -13.41 71.96
C SER U 595 -115.92 -12.57 72.73
N ARG U 596 -114.81 -12.26 72.06
CA ARG U 596 -113.76 -11.39 72.62
C ARG U 596 -113.47 -10.29 71.61
N GLN U 597 -113.57 -9.04 72.05
CA GLN U 597 -113.29 -7.91 71.18
C GLN U 597 -111.79 -7.61 71.14
N ALA U 598 -111.35 -7.10 69.99
CA ALA U 598 -109.94 -6.79 69.82
C ALA U 598 -109.49 -5.70 70.78
N ALA U 599 -108.32 -5.91 71.38
CA ALA U 599 -107.77 -4.98 72.37
C ALA U 599 -106.40 -4.52 71.91
N THR U 600 -106.07 -3.27 72.26
CA THR U 600 -104.79 -2.67 71.90
C THR U 600 -104.17 -2.02 73.13
N ALA U 601 -102.85 -1.86 73.09
CA ALA U 601 -102.11 -1.22 74.15
C ALA U 601 -101.13 -0.21 73.57
N ASP U 602 -100.87 0.84 74.33
CA ASP U 602 -99.88 1.83 73.92
C ASP U 602 -98.47 1.26 74.06
N VAL U 603 -97.59 1.63 73.14
CA VAL U 603 -96.20 1.20 73.16
C VAL U 603 -95.39 2.41 73.63
N ASN U 604 -95.17 2.49 74.94
CA ASN U 604 -94.43 3.61 75.51
C ASN U 604 -92.93 3.49 75.30
N THR U 605 -92.43 2.28 75.04
CA THR U 605 -91.01 2.07 74.73
C THR U 605 -90.92 1.13 73.54
N GLN U 606 -90.17 1.53 72.52
CA GLN U 606 -90.03 0.76 71.30
C GLN U 606 -88.56 0.64 70.95
N GLY U 607 -88.07 -0.60 70.85
CA GLY U 607 -86.73 -0.83 70.37
C GLY U 607 -86.65 -0.72 68.87
N VAL U 608 -85.43 -0.88 68.35
CA VAL U 608 -85.20 -0.75 66.92
C VAL U 608 -85.78 -1.96 66.20
N LEU U 609 -86.57 -1.70 65.17
CA LEU U 609 -87.17 -2.69 64.30
C LEU U 609 -86.57 -2.61 62.90
N PRO U 610 -86.55 -3.71 62.15
CA PRO U 610 -86.12 -3.62 60.75
C PRO U 610 -87.03 -2.69 59.96
N GLY U 611 -86.42 -1.89 59.08
CA GLY U 611 -87.14 -0.89 58.33
C GLY U 611 -87.33 0.43 59.04
N MET U 612 -86.74 0.61 60.21
CA MET U 612 -86.91 1.86 61.00
C MET U 612 -85.92 2.92 60.52
N VAL U 613 -86.36 4.16 60.37
CA VAL U 613 -85.55 5.31 59.97
C VAL U 613 -85.75 6.42 60.99
N TRP U 614 -84.68 7.15 61.28
CA TRP U 614 -84.73 8.19 62.30
C TRP U 614 -83.64 9.22 62.01
N GLN U 615 -83.76 10.36 62.68
CA GLN U 615 -82.77 11.44 62.63
C GLN U 615 -82.12 11.58 63.99
N ASP U 616 -80.83 11.90 64.01
CA ASP U 616 -80.12 12.08 65.25
C ASP U 616 -80.44 13.44 65.86
N ARG U 617 -79.98 13.64 67.09
CA ARG U 617 -80.21 14.91 67.77
C ARG U 617 -79.41 16.02 67.10
N ASP U 618 -80.00 17.21 67.07
CA ASP U 618 -79.33 18.36 66.46
C ASP U 618 -78.16 18.83 67.31
N VAL U 619 -77.20 19.46 66.66
CA VAL U 619 -76.08 20.09 67.35
C VAL U 619 -76.34 21.59 67.40
N TYR U 620 -75.76 22.25 68.39
CA TYR U 620 -76.01 23.66 68.65
C TYR U 620 -74.68 24.39 68.78
N LEU U 621 -74.73 25.71 68.65
CA LEU U 621 -73.52 26.51 68.78
C LEU U 621 -72.92 26.36 70.18
N GLN U 622 -73.76 26.34 71.20
CA GLN U 622 -73.33 26.10 72.57
C GLN U 622 -73.19 24.63 72.90
N GLY U 623 -73.55 23.73 71.99
CA GLY U 623 -73.57 22.32 72.28
C GLY U 623 -72.23 21.65 72.09
N PRO U 624 -72.13 20.39 72.53
CA PRO U 624 -70.89 19.64 72.34
C PRO U 624 -70.69 19.22 70.90
N ILE U 625 -69.43 18.98 70.56
CA ILE U 625 -69.04 18.59 69.21
C ILE U 625 -68.93 17.08 69.06
N TRP U 626 -68.25 16.43 70.00
CA TRP U 626 -67.96 15.01 69.87
C TRP U 626 -68.08 14.33 71.23
N ALA U 627 -67.93 13.00 71.20
CA ALA U 627 -67.84 12.20 72.41
C ALA U 627 -67.10 10.93 72.07
N LYS U 628 -66.49 10.32 73.08
CA LYS U 628 -65.78 9.06 72.88
C LYS U 628 -66.73 7.89 72.96
N ILE U 629 -66.75 7.07 71.93
CA ILE U 629 -67.57 5.85 71.96
C ILE U 629 -66.97 4.89 72.98
N PRO U 630 -67.75 4.39 73.95
CA PRO U 630 -67.19 3.49 74.96
C PRO U 630 -66.61 2.24 74.33
N HIS U 631 -65.50 1.76 74.89
CA HIS U 631 -64.83 0.56 74.40
C HIS U 631 -65.62 -0.65 74.89
N THR U 632 -66.58 -1.08 74.08
CA THR U 632 -67.47 -2.17 74.42
C THR U 632 -67.54 -3.15 73.26
N ASP U 633 -68.00 -4.36 73.54
CA ASP U 633 -68.09 -5.40 72.49
C ASP U 633 -69.13 -4.99 71.44
N GLY U 634 -70.24 -4.43 71.89
CA GLY U 634 -71.30 -4.05 70.99
C GLY U 634 -71.86 -2.68 71.30
N HIS U 635 -72.32 -2.02 70.25
CA HIS U 635 -73.02 -0.74 70.35
C HIS U 635 -73.80 -0.55 69.06
N PHE U 636 -74.95 0.13 69.18
CA PHE U 636 -75.81 0.37 68.03
C PHE U 636 -75.89 1.87 67.80
N HIS U 637 -75.57 2.31 66.58
CA HIS U 637 -75.61 3.70 66.17
C HIS U 637 -74.92 4.58 67.19
N PRO U 638 -73.58 4.56 67.26
CA PRO U 638 -72.85 5.27 68.32
C PRO U 638 -72.74 6.78 68.09
N SER U 639 -73.87 7.41 67.79
CA SER U 639 -73.97 8.86 67.83
C SER U 639 -74.28 9.29 69.25
N PRO U 640 -73.53 10.25 69.80
CA PRO U 640 -73.78 10.68 71.18
C PRO U 640 -75.20 11.18 71.36
N LEU U 641 -75.81 10.81 72.49
CA LEU U 641 -77.21 11.19 72.72
C LEU U 641 -77.35 12.67 72.99
N MET U 642 -76.31 13.31 73.55
CA MET U 642 -76.34 14.75 73.75
C MET U 642 -76.13 15.54 72.46
N GLY U 643 -75.79 14.87 71.37
CA GLY U 643 -75.58 15.52 70.09
C GLY U 643 -74.11 15.59 69.72
N GLY U 644 -73.82 15.36 68.44
CA GLY U 644 -72.47 15.45 67.97
C GLY U 644 -71.98 14.24 67.19
N PHE U 645 -70.67 14.06 67.14
CA PHE U 645 -70.03 13.00 66.37
C PHE U 645 -69.44 11.95 67.31
N GLY U 646 -69.82 10.70 67.11
CA GLY U 646 -69.25 9.62 67.87
C GLY U 646 -67.91 9.19 67.32
N LEU U 647 -66.86 9.22 68.15
CA LEU U 647 -65.50 8.94 67.72
C LEU U 647 -64.93 7.81 68.55
N LYS U 648 -64.45 6.76 67.89
CA LYS U 648 -63.75 5.70 68.59
C LYS U 648 -62.42 6.19 69.14
N HIS U 649 -61.76 7.08 68.40
CA HIS U 649 -60.52 7.74 68.83
C HIS U 649 -60.75 9.23 68.75
N PRO U 650 -61.36 9.83 69.77
CA PRO U 650 -61.64 11.26 69.74
C PRO U 650 -60.37 12.07 69.94
N PRO U 651 -60.44 13.40 69.82
CA PRO U 651 -59.27 14.22 70.13
C PRO U 651 -58.76 13.93 71.53
N PRO U 652 -57.47 13.66 71.68
CA PRO U 652 -56.95 13.23 72.98
C PRO U 652 -57.05 14.33 74.03
N GLN U 653 -57.18 13.89 75.28
CA GLN U 653 -57.14 14.82 76.39
C GLN U 653 -55.76 15.45 76.52
N ILE U 654 -55.73 16.77 76.71
CA ILE U 654 -54.48 17.51 76.87
C ILE U 654 -54.38 17.91 78.33
N LEU U 655 -53.43 17.32 79.04
CA LEU U 655 -53.26 17.53 80.47
C LEU U 655 -52.10 18.49 80.72
N ILE U 656 -52.33 19.48 81.58
CA ILE U 656 -51.34 20.50 81.90
C ILE U 656 -51.34 20.74 83.39
N LYS U 657 -50.16 20.89 83.98
CA LYS U 657 -50.05 21.22 85.39
C LYS U 657 -48.75 21.96 85.63
N ASN U 658 -48.70 22.70 86.73
CA ASN U 658 -47.49 23.40 87.13
C ASN U 658 -46.56 22.46 87.87
N THR U 659 -45.30 22.48 87.52
CA THR U 659 -44.33 21.65 88.21
C THR U 659 -44.14 22.18 89.63
N PRO U 660 -44.28 21.32 90.64
CA PRO U 660 -44.12 21.79 92.03
C PRO U 660 -42.69 22.24 92.29
N VAL U 661 -42.56 23.44 92.86
CA VAL U 661 -41.27 24.00 93.23
C VAL U 661 -41.18 23.98 94.75
N PRO U 662 -40.34 23.14 95.34
CA PRO U 662 -40.26 23.07 96.81
C PRO U 662 -39.79 24.39 97.40
N ALA U 663 -40.31 24.70 98.58
CA ALA U 663 -39.89 25.87 99.33
C ALA U 663 -38.57 25.55 100.04
N ASN U 664 -38.17 26.40 100.98
CA ASN U 664 -36.89 26.24 101.64
C ASN U 664 -36.83 24.94 102.43
N PRO U 665 -35.91 24.03 102.11
CA PRO U 665 -35.81 22.77 102.86
C PRO U 665 -35.02 22.93 104.14
N SER U 666 -35.15 21.91 104.98
CA SER U 666 -34.39 21.88 106.25
C SER U 666 -32.95 21.48 105.96
N THR U 667 -32.01 22.05 106.70
CA THR U 667 -30.60 21.70 106.54
C THR U 667 -30.28 20.29 107.00
N THR U 668 -31.18 19.67 107.76
CA THR U 668 -31.04 18.28 108.17
C THR U 668 -31.94 17.41 107.31
N PHE U 669 -31.44 16.24 106.92
CA PHE U 669 -32.20 15.37 106.03
C PHE U 669 -33.45 14.86 106.72
N SER U 670 -34.56 14.87 105.98
CA SER U 670 -35.83 14.32 106.45
C SER U 670 -36.41 13.45 105.35
N ALA U 671 -36.79 12.22 105.71
CA ALA U 671 -37.36 11.29 104.75
C ALA U 671 -38.82 11.58 104.44
N ALA U 672 -39.46 12.47 105.20
CA ALA U 672 -40.84 12.84 104.91
C ALA U 672 -40.93 13.56 103.57
N LYS U 673 -41.97 13.26 102.81
CA LYS U 673 -42.15 13.91 101.52
C LYS U 673 -42.41 15.40 101.73
N PHE U 674 -42.02 16.18 100.72
CA PHE U 674 -42.15 17.65 100.81
C PHE U 674 -43.62 18.07 100.89
N ALA U 675 -43.93 18.93 101.85
CA ALA U 675 -45.27 19.47 102.00
C ALA U 675 -45.34 20.97 101.86
N SER U 676 -44.20 21.66 101.77
CA SER U 676 -44.16 23.11 101.61
C SER U 676 -43.64 23.43 100.21
N PHE U 677 -44.38 24.26 99.49
CA PHE U 677 -44.03 24.62 98.12
C PHE U 677 -44.22 26.11 97.92
N ILE U 678 -43.56 26.64 96.90
CA ILE U 678 -43.74 28.03 96.52
C ILE U 678 -45.06 28.15 95.78
N THR U 679 -45.93 29.05 96.24
CA THR U 679 -47.21 29.26 95.60
C THR U 679 -47.00 29.87 94.22
N GLN U 680 -47.61 29.27 93.20
CA GLN U 680 -47.41 29.77 91.85
C GLN U 680 -48.55 29.29 90.95
N TYR U 681 -48.75 30.04 89.87
CA TYR U 681 -49.70 29.70 88.84
C TYR U 681 -49.05 29.99 87.50
N SER U 682 -49.74 29.65 86.42
CA SER U 682 -49.24 29.89 85.08
C SER U 682 -50.32 30.51 84.22
N THR U 683 -49.89 31.28 83.22
CA THR U 683 -50.79 31.87 82.24
C THR U 683 -50.14 31.75 80.87
N GLY U 684 -50.97 31.77 79.84
CA GLY U 684 -50.45 31.61 78.49
C GLY U 684 -51.57 31.69 77.48
N GLN U 685 -51.23 31.32 76.24
CA GLN U 685 -52.16 31.34 75.15
C GLN U 685 -52.33 29.93 74.59
N VAL U 686 -53.54 29.63 74.14
CA VAL U 686 -53.88 28.34 73.57
C VAL U 686 -54.53 28.57 72.22
N SER U 687 -54.13 27.78 71.22
CA SER U 687 -54.65 27.89 69.86
C SER U 687 -55.23 26.54 69.43
N VAL U 688 -56.44 26.57 68.89
CA VAL U 688 -57.11 25.39 68.35
C VAL U 688 -57.55 25.72 66.93
N GLU U 689 -57.08 24.93 65.97
CA GLU U 689 -57.46 25.09 64.57
C GLU U 689 -58.06 23.79 64.07
N ILE U 690 -59.31 23.84 63.62
CA ILE U 690 -60.02 22.67 63.14
C ILE U 690 -60.43 22.89 61.69
N GLU U 691 -60.16 21.92 60.84
CA GLU U 691 -60.65 21.91 59.46
C GLU U 691 -61.93 21.10 59.39
N TRP U 692 -62.97 21.69 58.82
CA TRP U 692 -64.27 21.05 58.68
C TRP U 692 -64.57 20.85 57.21
N GLU U 693 -65.19 19.71 56.89
CA GLU U 693 -65.64 19.42 55.54
C GLU U 693 -67.13 19.73 55.43
N LEU U 694 -67.51 20.36 54.32
CA LEU U 694 -68.88 20.81 54.10
C LEU U 694 -69.55 19.96 53.05
N GLN U 695 -70.84 19.71 53.25
CA GLN U 695 -71.70 19.03 52.28
C GLN U 695 -72.62 20.08 51.69
N LYS U 696 -72.29 20.54 50.48
CA LYS U 696 -73.02 21.66 49.88
C LYS U 696 -74.45 21.28 49.56
N GLU U 697 -75.36 22.21 49.82
CA GLU U 697 -76.77 22.01 49.51
C GLU U 697 -76.98 21.98 48.00
N ASN U 698 -77.79 21.03 47.54
CA ASN U 698 -78.08 20.82 46.13
C ASN U 698 -79.58 20.68 45.92
N SER U 699 -80.34 21.59 46.53
CA SER U 699 -81.79 21.50 46.51
C SER U 699 -82.35 22.02 45.18
N LYS U 700 -83.55 21.56 44.82
CA LYS U 700 -84.23 22.03 43.58
C LYS U 700 -85.62 22.58 43.95
N ARG U 701 -85.84 22.94 45.22
CA ARG U 701 -87.12 23.54 45.58
C ARG U 701 -87.23 24.94 44.96
N TRP U 702 -88.47 25.35 44.72
CA TRP U 702 -88.74 26.61 44.03
C TRP U 702 -88.85 27.78 44.98
N ASN U 703 -89.69 27.65 46.00
CA ASN U 703 -89.93 28.74 46.93
C ASN U 703 -88.77 28.88 47.92
N PRO U 704 -88.56 30.07 48.51
CA PRO U 704 -87.43 30.28 49.42
C PRO U 704 -87.45 29.37 50.66
N GLU U 705 -86.32 29.19 51.34
CA GLU U 705 -86.20 28.28 52.49
C GLU U 705 -86.20 29.05 53.81
N ILE U 706 -86.33 28.35 54.94
CA ILE U 706 -86.13 29.07 56.23
C ILE U 706 -84.63 29.28 56.48
N GLN U 707 -84.22 30.50 56.82
CA GLN U 707 -82.83 30.76 57.15
C GLN U 707 -82.76 31.44 58.51
N TYR U 708 -81.68 31.18 59.24
CA TYR U 708 -81.45 31.91 60.48
C TYR U 708 -81.07 33.35 60.15
N THR U 709 -81.62 34.29 60.90
CA THR U 709 -81.41 35.71 60.64
C THR U 709 -81.48 36.48 61.93
N SER U 710 -80.86 37.66 61.91
CA SER U 710 -80.96 38.56 63.07
C SER U 710 -82.26 39.33 62.95
N ASN U 711 -82.78 39.88 64.03
CA ASN U 711 -84.08 40.59 63.90
C ASN U 711 -83.78 42.05 63.59
N TYR U 712 -84.44 42.62 62.59
CA TYR U 712 -84.12 44.00 62.15
C TYR U 712 -84.59 45.03 63.18
N ASN U 713 -85.65 44.75 63.93
CA ASN U 713 -86.15 45.79 64.82
C ASN U 713 -85.09 46.26 65.81
N LYS U 714 -85.23 47.52 66.20
CA LYS U 714 -84.26 48.13 67.14
C LYS U 714 -84.31 47.44 68.49
N SER U 715 -83.19 47.47 69.18
CA SER U 715 -83.11 46.88 70.50
C SER U 715 -82.04 47.61 71.30
N ILE U 716 -82.12 47.44 72.63
CA ILE U 716 -81.12 48.06 73.50
C ILE U 716 -79.75 47.44 73.25
N ASN U 717 -79.69 46.13 73.09
CA ASN U 717 -78.45 45.41 72.87
C ASN U 717 -78.53 44.62 71.57
N VAL U 718 -77.39 44.50 70.90
CA VAL U 718 -77.29 43.65 69.72
C VAL U 718 -77.05 42.22 70.16
N ASP U 719 -77.64 41.27 69.46
CA ASP U 719 -77.50 39.86 69.81
C ASP U 719 -76.06 39.39 69.58
N PHE U 720 -75.58 38.52 70.46
CA PHE U 720 -74.25 37.93 70.37
C PHE U 720 -73.16 39.00 70.37
N THR U 721 -73.34 40.02 71.20
CA THR U 721 -72.34 41.05 71.42
C THR U 721 -72.17 41.25 72.92
N VAL U 722 -71.40 42.26 73.28
CA VAL U 722 -71.20 42.61 74.68
C VAL U 722 -72.15 43.74 75.05
N ASP U 723 -72.49 43.82 76.33
CA ASP U 723 -73.34 44.88 76.83
C ASP U 723 -72.49 46.03 77.34
N THR U 724 -73.11 46.97 78.05
CA THR U 724 -72.36 48.15 78.56
C THR U 724 -71.35 47.70 79.62
N ASN U 725 -71.49 46.47 80.13
CA ASN U 725 -70.50 45.92 81.10
C ASN U 725 -69.45 45.11 80.34
N GLY U 726 -69.56 45.04 79.01
CA GLY U 726 -68.61 44.26 78.20
C GLY U 726 -68.80 42.77 78.42
N VAL U 727 -69.98 42.36 78.92
CA VAL U 727 -70.26 40.93 79.20
C VAL U 727 -70.84 40.28 77.94
N TYR U 728 -70.16 39.27 77.40
CA TYR U 728 -70.65 38.59 76.21
C TYR U 728 -71.75 37.62 76.60
N SER U 729 -72.83 37.61 75.81
CA SER U 729 -73.95 36.72 76.05
C SER U 729 -74.40 36.10 74.74
N GLU U 730 -74.99 34.91 74.85
CA GLU U 730 -75.59 34.22 73.71
C GLU U 730 -77.09 34.17 73.93
N PRO U 731 -77.87 35.01 73.25
CA PRO U 731 -79.29 35.17 73.61
C PRO U 731 -80.12 33.91 73.44
N ARG U 732 -79.84 33.06 72.46
CA ARG U 732 -80.66 31.90 72.20
C ARG U 732 -79.79 30.79 71.65
N PRO U 733 -80.21 29.53 71.79
CA PRO U 733 -79.51 28.44 71.10
C PRO U 733 -79.83 28.45 69.61
N ILE U 734 -78.81 28.22 68.80
CA ILE U 734 -78.97 28.13 67.36
C ILE U 734 -78.62 26.71 66.94
N GLY U 735 -79.57 26.04 66.31
CA GLY U 735 -79.34 24.72 65.75
C GLY U 735 -78.70 24.83 64.39
N THR U 736 -78.83 23.75 63.61
CA THR U 736 -78.28 23.72 62.26
C THR U 736 -79.31 23.39 61.19
N ARG U 737 -80.55 23.04 61.57
CA ARG U 737 -81.51 22.45 60.63
C ARG U 737 -82.45 23.54 60.14
N TYR U 738 -82.00 24.26 59.11
CA TYR U 738 -82.78 25.31 58.46
C TYR U 738 -83.08 25.02 57.00
N LEU U 739 -82.09 24.51 56.26
CA LEU U 739 -82.36 24.06 54.90
C LEU U 739 -83.19 22.78 54.93
N THR U 740 -83.80 22.46 53.79
CA THR U 740 -84.68 21.31 53.70
C THR U 740 -84.21 20.36 52.60
N ARG U 741 -84.46 19.08 52.84
CA ARG U 741 -84.15 18.04 51.83
C ARG U 741 -85.32 17.05 51.83
N ASN U 742 -85.65 16.42 50.70
CA ASN U 742 -86.69 15.42 50.63
C ASN U 742 -86.25 14.14 51.33
N LEU U 743 -87.23 13.39 51.82
CA LEU U 743 -86.95 12.10 52.46
C LEU U 743 -86.42 11.09 51.44
N ALA V 218 36.36 -34.51 70.94
CA ALA V 218 35.06 -33.90 70.60
C ALA V 218 34.73 -32.83 71.63
N ASP V 219 35.00 -33.11 72.91
CA ASP V 219 34.61 -32.19 74.00
C ASP V 219 35.83 -31.93 74.89
N GLY V 220 37.00 -32.37 74.44
CA GLY V 220 38.23 -32.05 75.23
C GLY V 220 38.01 -32.26 76.72
N VAL V 221 38.57 -31.37 77.55
CA VAL V 221 38.49 -31.55 79.02
C VAL V 221 37.58 -30.44 79.53
N GLY V 222 36.47 -30.80 80.12
CA GLY V 222 35.54 -29.86 80.71
C GLY V 222 34.23 -29.71 79.97
N ASN V 223 34.05 -30.38 78.83
CA ASN V 223 32.80 -30.34 78.09
C ASN V 223 32.19 -31.73 78.11
N SER V 224 30.93 -31.81 78.55
CA SER V 224 30.25 -33.08 78.65
C SER V 224 29.92 -33.61 77.25
N SER V 225 30.11 -34.91 77.05
CA SER V 225 29.86 -35.56 75.78
C SER V 225 28.54 -36.32 75.75
N GLY V 226 27.70 -36.16 76.77
CA GLY V 226 26.42 -36.83 76.79
C GLY V 226 25.61 -36.39 77.98
N ASN V 227 24.37 -36.84 78.01
CA ASN V 227 23.42 -36.52 79.07
C ASN V 227 22.83 -37.80 79.63
N TRP V 228 22.21 -37.68 80.80
CA TRP V 228 21.58 -38.81 81.46
C TRP V 228 20.16 -38.98 80.93
N HIS V 229 19.93 -40.08 80.23
CA HIS V 229 18.59 -40.38 79.66
C HIS V 229 18.14 -41.72 80.22
N CYS V 230 17.36 -41.69 81.30
CA CYS V 230 16.80 -42.94 81.86
C CYS V 230 15.29 -42.73 81.98
N ASP V 231 14.50 -43.39 81.12
CA ASP V 231 13.04 -43.15 81.11
C ASP V 231 12.33 -44.11 80.15
N SER V 232 11.00 -44.08 80.12
CA SER V 232 10.32 -44.89 79.13
C SER V 232 9.13 -44.12 78.57
N THR V 233 8.89 -44.27 77.27
CA THR V 233 7.79 -43.60 76.58
C THR V 233 6.89 -44.65 75.96
N TRP V 234 5.60 -44.61 76.30
CA TRP V 234 4.61 -45.50 75.73
C TRP V 234 3.82 -44.73 74.68
N MET V 235 3.89 -45.21 73.43
CA MET V 235 3.18 -44.54 72.31
C MET V 235 2.45 -45.60 71.49
N GLY V 236 1.17 -45.83 71.79
CA GLY V 236 0.39 -46.79 71.03
C GLY V 236 0.92 -48.20 71.20
N ASP V 237 1.30 -48.82 70.08
CA ASP V 237 1.82 -50.18 70.06
C ASP V 237 3.34 -50.24 70.23
N ARG V 238 3.95 -49.21 70.82
CA ARG V 238 5.38 -49.19 71.05
C ARG V 238 5.67 -48.69 72.46
N VAL V 239 6.75 -49.21 73.04
CA VAL V 239 7.30 -48.67 74.27
C VAL V 239 8.82 -48.59 74.09
N THR V 240 9.37 -47.40 74.30
CA THR V 240 10.81 -47.19 74.19
C THR V 240 11.38 -46.98 75.58
N THR V 241 12.24 -47.91 76.00
CA THR V 241 12.88 -47.85 77.31
C THR V 241 14.33 -47.41 77.15
N THR V 242 14.74 -46.42 77.92
CA THR V 242 16.10 -45.91 77.91
C THR V 242 16.68 -46.01 79.31
N SER V 243 17.94 -46.44 79.40
CA SER V 243 18.59 -46.62 80.68
C SER V 243 19.99 -46.05 80.62
N THR V 244 20.42 -45.41 81.71
CA THR V 244 21.78 -44.91 81.84
C THR V 244 22.37 -45.42 83.15
N ARG V 245 23.63 -45.86 83.10
CA ARG V 245 24.32 -46.38 84.26
C ARG V 245 25.74 -45.84 84.28
N THR V 246 26.35 -45.86 85.45
CA THR V 246 27.74 -45.49 85.63
C THR V 246 28.57 -46.77 85.78
N TRP V 247 29.58 -46.93 84.93
CA TRP V 247 30.39 -48.13 84.91
C TRP V 247 31.83 -47.82 85.31
N ALA V 248 32.50 -48.86 85.82
CA ALA V 248 33.91 -48.79 86.15
C ALA V 248 34.62 -49.95 85.45
N LEU V 249 35.69 -49.62 84.74
CA LEU V 249 36.44 -50.62 83.97
C LEU V 249 37.88 -50.67 84.46
N PRO V 250 38.30 -51.74 85.13
CA PRO V 250 39.69 -51.85 85.57
C PRO V 250 40.57 -52.35 84.42
N THR V 251 41.83 -52.58 84.74
CA THR V 251 42.77 -53.22 83.83
C THR V 251 42.74 -54.72 84.11
N TYR V 252 42.45 -55.50 83.08
CA TYR V 252 42.26 -56.94 83.21
C TYR V 252 43.50 -57.68 82.72
N ASN V 253 43.94 -58.66 83.50
CA ASN V 253 45.06 -59.53 83.17
C ASN V 253 46.37 -58.77 83.01
N ASN V 254 46.43 -57.53 83.50
CA ASN V 254 47.59 -56.66 83.32
C ASN V 254 47.95 -56.52 81.84
N HIS V 255 46.93 -56.22 81.03
CA HIS V 255 47.03 -55.98 79.60
C HIS V 255 47.51 -57.21 78.82
N LEU V 256 47.23 -58.42 79.32
CA LEU V 256 47.77 -59.63 78.72
C LEU V 256 46.65 -60.57 78.31
N TYR V 257 46.96 -61.45 77.35
CA TYR V 257 46.03 -62.55 77.01
C TYR V 257 46.66 -63.77 77.66
N LYS V 258 45.91 -64.53 78.43
CA LYS V 258 46.37 -65.68 79.17
C LYS V 258 45.57 -66.91 78.76
N GLN V 259 46.27 -67.97 78.39
CA GLN V 259 45.61 -69.24 78.13
C GLN V 259 45.10 -69.83 79.44
N ILE V 260 43.84 -70.23 79.44
CA ILE V 260 43.21 -70.80 80.62
C ILE V 260 42.68 -72.18 80.27
N SER V 261 42.59 -73.03 81.29
CA SER V 261 42.10 -74.40 81.11
C SER V 261 41.62 -74.92 82.45
N SER V 262 40.91 -76.04 82.40
CA SER V 262 40.42 -76.66 83.62
C SER V 262 41.59 -77.16 84.46
N GLN V 263 41.35 -77.17 85.77
CA GLN V 263 42.41 -77.58 86.70
C GLN V 263 42.68 -79.07 86.53
N SER V 264 43.92 -79.46 86.76
CA SER V 264 44.24 -80.91 86.73
C SER V 264 43.46 -81.58 87.87
N GLY V 265 42.97 -82.79 87.64
CA GLY V 265 42.16 -83.53 88.58
C GLY V 265 40.68 -83.30 88.47
N ALA V 266 40.25 -82.38 87.62
CA ALA V 266 38.83 -82.16 87.41
C ALA V 266 38.21 -83.33 86.67
N SER V 267 36.90 -83.50 86.82
CA SER V 267 36.20 -84.55 86.10
C SER V 267 36.17 -84.24 84.61
N ASN V 268 35.88 -85.27 83.82
CA ASN V 268 35.84 -85.09 82.37
C ASN V 268 34.74 -84.13 81.96
N ASP V 269 33.61 -84.13 82.69
CA ASP V 269 32.52 -83.23 82.36
C ASP V 269 32.89 -81.77 82.59
N ASN V 270 33.83 -81.51 83.48
CA ASN V 270 34.23 -80.15 83.84
C ASN V 270 35.50 -79.69 83.12
N HIS V 271 36.04 -80.49 82.20
CA HIS V 271 37.23 -80.10 81.48
C HIS V 271 36.92 -79.03 80.44
N TYR V 272 37.83 -78.07 80.31
CA TYR V 272 37.64 -77.01 79.33
C TYR V 272 38.99 -76.40 78.98
N PHE V 273 39.02 -75.69 77.86
CA PHE V 273 40.18 -74.96 77.39
C PHE V 273 39.71 -73.67 76.74
N GLY V 274 40.43 -72.59 76.98
CA GLY V 274 40.03 -71.32 76.42
C GLY V 274 41.08 -70.26 76.67
N TYR V 275 40.69 -69.01 76.44
CA TYR V 275 41.59 -67.88 76.60
C TYR V 275 40.90 -66.77 77.36
N SER V 276 41.67 -66.07 78.20
CA SER V 276 41.21 -64.91 78.94
C SER V 276 41.79 -63.66 78.31
N THR V 277 40.94 -62.70 78.00
CA THR V 277 41.37 -61.49 77.31
C THR V 277 41.43 -60.31 78.28
N PRO V 278 42.26 -59.31 78.00
CA PRO V 278 42.28 -58.10 78.84
C PRO V 278 41.11 -57.16 78.60
N TRP V 279 40.16 -57.53 77.74
CA TRP V 279 39.02 -56.68 77.42
C TRP V 279 37.86 -56.96 78.36
N GLY V 280 36.98 -55.97 78.46
CA GLY V 280 35.68 -56.13 79.09
C GLY V 280 34.58 -56.02 78.06
N TYR V 281 33.36 -56.30 78.50
CA TYR V 281 32.21 -56.23 77.61
C TYR V 281 31.01 -55.68 78.36
N PHE V 282 30.15 -54.97 77.62
CA PHE V 282 28.94 -54.38 78.18
C PHE V 282 27.77 -55.32 77.93
N ASP V 283 27.14 -55.76 79.01
CA ASP V 283 26.03 -56.71 78.95
C ASP V 283 24.76 -56.01 79.45
N PHE V 284 23.71 -56.04 78.62
CA PHE V 284 22.39 -55.59 79.03
C PHE V 284 21.33 -56.60 78.60
N ASN V 285 21.67 -57.88 78.64
CA ASN V 285 20.78 -58.96 78.23
C ASN V 285 19.93 -59.46 79.38
N ARG V 286 19.28 -58.53 80.09
CA ARG V 286 18.33 -58.85 81.14
C ARG V 286 17.25 -57.78 81.12
N PHE V 287 16.00 -58.16 81.38
CA PHE V 287 14.88 -57.19 81.23
C PHE V 287 14.95 -56.08 82.27
N HIS V 288 15.49 -56.36 83.46
CA HIS V 288 15.57 -55.36 84.55
C HIS V 288 16.51 -54.21 84.16
N CYS V 289 17.36 -54.41 83.15
CA CYS V 289 18.31 -53.38 82.68
C CYS V 289 17.57 -52.30 81.90
N HIS V 290 16.34 -52.56 81.46
CA HIS V 290 15.58 -51.62 80.66
C HIS V 290 14.20 -51.30 81.22
N PHE V 291 13.58 -52.24 81.92
CA PHE V 291 12.22 -52.06 82.45
C PHE V 291 12.28 -51.87 83.96
N SER V 292 11.64 -50.81 84.44
CA SER V 292 11.38 -50.69 85.86
C SER V 292 10.26 -51.66 86.25
N PRO V 293 10.14 -51.99 87.55
CA PRO V 293 9.03 -52.87 87.95
C PRO V 293 7.66 -52.33 87.59
N ARG V 294 7.44 -51.01 87.69
CA ARG V 294 6.20 -50.42 87.22
C ARG V 294 6.05 -50.57 85.70
N ASP V 295 7.15 -50.41 84.97
CA ASP V 295 7.11 -50.64 83.52
C ASP V 295 6.76 -52.08 83.20
N TRP V 296 7.34 -53.03 83.95
CA TRP V 296 7.02 -54.44 83.74
C TRP V 296 5.56 -54.72 84.04
N GLN V 297 5.03 -54.14 85.12
CA GLN V 297 3.62 -54.35 85.44
C GLN V 297 2.71 -53.76 84.37
N ARG V 298 3.07 -52.58 83.85
CA ARG V 298 2.32 -51.98 82.75
C ARG V 298 2.39 -52.85 81.49
N LEU V 299 3.53 -53.49 81.24
CA LEU V 299 3.68 -54.32 80.06
C LEU V 299 2.88 -55.61 80.17
N ILE V 300 2.97 -56.30 81.32
CA ILE V 300 2.43 -57.64 81.41
C ILE V 300 0.93 -57.66 81.72
N ASN V 301 0.38 -56.58 82.26
CA ASN V 301 -1.04 -56.55 82.60
C ASN V 301 -1.92 -56.08 81.46
N ASN V 302 -1.34 -55.64 80.35
CA ASN V 302 -2.11 -55.02 79.29
C ASN V 302 -1.80 -55.54 77.89
N ASN V 303 -0.76 -56.33 77.70
CA ASN V 303 -0.32 -56.75 76.39
C ASN V 303 -0.31 -58.27 76.29
N TRP V 304 -0.71 -58.78 75.12
CA TRP V 304 -0.65 -60.20 74.81
C TRP V 304 0.69 -60.62 74.25
N GLY V 305 1.59 -59.68 73.97
CA GLY V 305 2.90 -60.03 73.45
C GLY V 305 3.76 -58.80 73.27
N PHE V 306 5.06 -59.04 73.13
CA PHE V 306 6.01 -57.98 72.89
C PHE V 306 7.27 -58.57 72.26
N ARG V 307 8.03 -57.72 71.59
CA ARG V 307 9.28 -58.12 70.95
C ARG V 307 10.13 -56.88 70.74
N PRO V 308 11.46 -57.02 70.80
CA PRO V 308 12.33 -55.87 70.52
C PRO V 308 12.40 -55.55 69.04
N LYS V 309 12.57 -54.27 68.75
CA LYS V 309 12.59 -53.75 67.39
C LYS V 309 13.93 -53.16 66.99
N ARG V 310 14.47 -52.25 67.79
CA ARG V 310 15.76 -51.64 67.52
C ARG V 310 16.35 -51.13 68.82
N LEU V 311 17.66 -50.92 68.83
CA LEU V 311 18.33 -50.41 70.02
C LEU V 311 19.36 -49.36 69.62
N ASN V 312 19.67 -48.48 70.59
CA ASN V 312 20.70 -47.44 70.41
C ASN V 312 21.61 -47.53 71.64
N PHE V 313 22.92 -47.45 71.47
CA PHE V 313 23.91 -47.61 72.52
C PHE V 313 24.85 -46.41 72.51
N LYS V 314 25.20 -45.97 73.71
CA LYS V 314 26.14 -44.81 73.80
C LYS V 314 27.08 -44.90 75.00
N LEU V 315 28.36 -44.61 74.78
CA LEU V 315 29.34 -44.44 75.85
C LEU V 315 29.81 -43.00 75.84
N PHE V 316 29.84 -42.36 77.01
CA PHE V 316 30.15 -40.95 77.07
C PHE V 316 30.68 -40.60 78.45
N ASN V 317 31.16 -39.37 78.58
CA ASN V 317 31.73 -38.85 79.82
C ASN V 317 32.80 -39.79 80.36
N ILE V 318 33.71 -40.18 79.48
CA ILE V 318 34.74 -41.16 79.81
C ILE V 318 35.87 -40.47 80.55
N GLN V 319 36.21 -40.99 81.72
CA GLN V 319 37.29 -40.48 82.54
C GLN V 319 38.29 -41.60 82.79
N VAL V 320 39.56 -41.35 82.50
CA VAL V 320 40.63 -42.31 82.80
C VAL V 320 41.35 -41.81 84.04
N LYS V 321 41.40 -42.65 85.06
CA LYS V 321 42.01 -42.32 86.34
C LYS V 321 43.29 -43.13 86.51
N GLU V 322 44.38 -42.45 86.85
CA GLU V 322 45.65 -43.10 87.14
C GLU V 322 45.79 -43.32 88.63
N VAL V 323 46.10 -44.55 89.02
CA VAL V 323 46.22 -44.94 90.42
C VAL V 323 47.70 -45.19 90.73
N THR V 324 48.18 -44.55 91.80
CA THR V 324 49.54 -44.75 92.27
C THR V 324 49.51 -45.12 93.75
N GLN V 325 50.54 -45.85 94.19
CA GLN V 325 50.63 -46.30 95.56
C GLN V 325 52.06 -46.10 96.04
N ASN V 326 52.26 -45.10 96.90
CA ASN V 326 53.58 -44.75 97.40
C ASN V 326 53.55 -44.76 98.92
N ASP V 327 54.39 -45.60 99.53
CA ASP V 327 54.51 -45.71 100.98
C ASP V 327 53.15 -46.00 101.64
N GLY V 328 52.37 -46.88 101.01
CA GLY V 328 51.10 -47.30 101.57
C GLY V 328 49.95 -46.35 101.35
N THR V 329 50.11 -45.32 100.51
CA THR V 329 49.08 -44.34 100.25
C THR V 329 48.56 -44.51 98.83
N THR V 330 47.24 -44.61 98.69
CA THR V 330 46.60 -44.74 97.38
C THR V 330 46.16 -43.35 96.91
N THR V 331 46.75 -42.89 95.83
CA THR V 331 46.45 -41.57 95.25
C THR V 331 45.88 -41.76 93.86
N ILE V 332 44.74 -41.14 93.59
CA ILE V 332 44.05 -41.23 92.31
C ILE V 332 44.02 -39.85 91.67
N ALA V 333 44.49 -39.75 90.44
CA ALA V 333 44.52 -38.50 89.70
C ALA V 333 44.01 -38.73 88.29
N ASN V 334 43.54 -37.65 87.68
CA ASN V 334 43.04 -37.73 86.31
C ASN V 334 44.17 -37.96 85.32
N ASN V 335 43.85 -38.67 84.25
CA ASN V 335 44.74 -38.86 83.11
C ASN V 335 43.98 -38.41 81.87
N LEU V 336 44.17 -37.15 81.48
CA LEU V 336 43.38 -36.57 80.40
C LEU V 336 43.84 -36.99 79.02
N THR V 337 44.99 -37.64 78.89
CA THR V 337 45.52 -38.04 77.60
C THR V 337 45.37 -39.53 77.32
N SER V 338 44.95 -40.33 78.29
CA SER V 338 44.76 -41.75 78.07
C SER V 338 43.45 -42.02 77.33
N THR V 339 43.40 -43.16 76.66
CA THR V 339 42.26 -43.54 75.84
C THR V 339 41.67 -44.87 76.34
N VAL V 340 40.47 -45.16 75.85
CA VAL V 340 39.84 -46.45 75.99
C VAL V 340 39.42 -46.93 74.61
N GLN V 341 39.68 -48.19 74.31
CA GLN V 341 39.36 -48.77 73.02
C GLN V 341 38.00 -49.45 73.07
N VAL V 342 37.11 -49.06 72.17
CA VAL V 342 35.76 -49.60 72.10
C VAL V 342 35.48 -50.06 70.67
N PHE V 343 34.96 -51.27 70.52
CA PHE V 343 34.49 -51.72 69.22
C PHE V 343 33.35 -52.71 69.42
N THR V 344 32.47 -52.78 68.43
CA THR V 344 31.35 -53.71 68.43
C THR V 344 31.63 -54.83 67.44
N ASP V 345 31.40 -56.07 67.86
CA ASP V 345 31.61 -57.24 67.01
C ASP V 345 30.38 -57.43 66.12
N SER V 346 30.21 -56.54 65.14
CA SER V 346 28.99 -56.55 64.30
C SER V 346 29.05 -57.65 63.24
N GLU V 347 30.24 -58.20 62.98
CA GLU V 347 30.34 -59.33 62.05
C GLU V 347 30.31 -60.67 62.75
N TYR V 348 30.19 -60.68 64.08
CA TYR V 348 30.10 -61.92 64.86
C TYR V 348 31.27 -62.86 64.59
N GLN V 349 32.48 -62.29 64.57
CA GLN V 349 33.69 -63.06 64.37
C GLN V 349 34.31 -63.54 65.68
N LEU V 350 33.78 -63.12 66.82
CA LEU V 350 34.26 -63.53 68.12
C LEU V 350 33.26 -64.47 68.78
N PRO V 351 33.72 -65.35 69.67
CA PRO V 351 32.78 -66.22 70.39
C PRO V 351 31.78 -65.41 71.19
N TYR V 352 30.50 -65.70 70.97
CA TYR V 352 29.41 -64.94 71.57
C TYR V 352 29.17 -65.47 72.98
N VAL V 353 29.65 -64.73 73.98
CA VAL V 353 29.49 -65.14 75.38
C VAL V 353 28.26 -64.52 76.03
N LEU V 354 27.61 -63.56 75.38
CA LEU V 354 26.31 -63.10 75.84
C LEU V 354 25.27 -64.20 75.64
N GLY V 355 24.24 -64.18 76.46
CA GLY V 355 23.22 -65.20 76.41
C GLY V 355 23.52 -66.46 77.18
N SER V 356 24.56 -66.45 78.01
CA SER V 356 24.86 -67.57 78.90
C SER V 356 24.49 -67.29 80.35
N ALA V 357 23.65 -66.27 80.57
CA ALA V 357 23.16 -65.92 81.90
C ALA V 357 24.31 -65.58 82.85
N HIS V 358 25.21 -64.72 82.39
CA HIS V 358 26.38 -64.33 83.16
C HIS V 358 26.12 -63.05 83.94
N GLN V 359 26.79 -62.93 85.08
CA GLN V 359 26.72 -61.74 85.90
C GLN V 359 27.53 -60.61 85.26
N GLY V 360 27.28 -59.39 85.72
CA GLY V 360 27.95 -58.22 85.19
C GLY V 360 27.10 -57.34 84.31
N CYS V 361 25.78 -57.52 84.31
CA CYS V 361 24.89 -56.72 83.49
C CYS V 361 24.73 -55.33 84.08
N LEU V 362 23.94 -54.51 83.40
CA LEU V 362 23.55 -53.22 83.94
C LEU V 362 22.66 -53.43 85.15
N PRO V 363 22.96 -52.82 86.30
CA PRO V 363 22.18 -53.10 87.49
C PRO V 363 20.74 -52.66 87.32
N PRO V 364 19.79 -53.37 87.92
CA PRO V 364 18.38 -52.98 87.77
C PRO V 364 18.07 -51.59 88.30
N PHE V 365 18.72 -51.17 89.37
CA PHE V 365 18.49 -49.84 89.93
C PHE V 365 19.38 -48.82 89.23
N PRO V 366 18.80 -47.75 88.67
CA PRO V 366 19.60 -46.80 87.89
C PRO V 366 20.68 -46.10 88.69
N ALA V 367 20.60 -46.08 90.02
CA ALA V 367 21.57 -45.38 90.84
C ALA V 367 22.79 -46.23 91.19
N ASP V 368 22.81 -47.51 90.82
CA ASP V 368 23.91 -48.40 91.14
C ASP V 368 25.04 -48.28 90.13
N VAL V 369 26.27 -48.37 90.62
CA VAL V 369 27.47 -48.35 89.78
C VAL V 369 28.00 -49.77 89.69
N PHE V 370 28.33 -50.21 88.47
CA PHE V 370 28.70 -51.59 88.22
C PHE V 370 30.06 -51.68 87.55
N MET V 371 30.75 -52.79 87.81
CA MET V 371 32.02 -53.10 87.18
C MET V 371 31.78 -53.82 85.85
N VAL V 372 32.59 -53.50 84.86
CA VAL V 372 32.49 -54.11 83.53
C VAL V 372 33.09 -55.51 83.60
N PRO V 373 32.34 -56.56 83.24
CA PRO V 373 32.87 -57.92 83.35
C PRO V 373 33.97 -58.19 82.34
N GLN V 374 34.89 -59.07 82.73
CA GLN V 374 36.01 -59.43 81.87
C GLN V 374 35.56 -60.40 80.78
N TYR V 375 36.01 -60.16 79.56
CA TYR V 375 35.64 -60.99 78.43
C TYR V 375 36.56 -62.21 78.35
N GLY V 376 35.98 -63.37 78.10
CA GLY V 376 36.74 -64.60 77.92
C GLY V 376 35.89 -65.60 77.18
N TYR V 377 36.58 -66.52 76.49
CA TYR V 377 35.89 -67.48 75.66
C TYR V 377 36.54 -68.85 75.80
N LEU V 378 35.79 -69.88 75.45
CA LEU V 378 36.28 -71.24 75.44
C LEU V 378 36.31 -71.77 74.02
N THR V 379 37.28 -72.64 73.75
CA THR V 379 37.40 -73.28 72.44
C THR V 379 37.45 -74.79 72.64
N LEU V 380 37.74 -75.52 71.56
CA LEU V 380 37.76 -76.99 71.62
C LEU V 380 38.83 -77.48 72.60
N ASN V 381 38.54 -78.53 73.34
CA ASN V 381 39.52 -79.09 74.30
C ASN V 381 39.47 -80.61 74.28
N ASN V 382 40.63 -81.26 74.38
CA ASN V 382 40.66 -82.73 74.58
C ASN V 382 41.13 -82.88 76.01
N GLY V 383 40.21 -82.81 76.97
CA GLY V 383 40.63 -82.79 78.38
C GLY V 383 41.03 -81.38 78.75
N SER V 384 42.12 -81.21 79.50
CA SER V 384 42.61 -79.87 79.81
C SER V 384 43.47 -79.29 78.69
N GLN V 385 43.80 -80.08 77.67
CA GLN V 385 44.62 -79.62 76.57
C GLN V 385 43.75 -79.12 75.42
N ALA V 386 44.41 -78.61 74.39
CA ALA V 386 43.76 -78.12 73.19
C ALA V 386 44.01 -79.08 72.03
N VAL V 387 43.26 -78.86 70.94
CA VAL V 387 43.43 -79.61 69.71
C VAL V 387 43.82 -78.64 68.60
N GLY V 388 44.13 -79.19 67.43
CA GLY V 388 44.54 -78.36 66.32
C GLY V 388 43.44 -77.46 65.79
N ARG V 389 42.19 -77.85 66.03
CA ARG V 389 41.05 -77.05 65.58
C ARG V 389 40.70 -75.91 66.53
N SER V 390 41.33 -75.86 67.71
CA SER V 390 41.05 -74.78 68.65
C SER V 390 41.46 -73.44 68.05
N SER V 391 40.63 -72.43 68.28
CA SER V 391 40.81 -71.11 67.70
C SER V 391 41.26 -70.12 68.76
N PHE V 392 42.20 -69.26 68.39
CA PHE V 392 42.66 -68.16 69.24
C PHE V 392 42.28 -66.84 68.59
N TYR V 393 41.78 -65.91 69.39
CA TYR V 393 41.32 -64.63 68.90
C TYR V 393 42.02 -63.51 69.66
N CYS V 394 42.66 -62.61 68.91
CA CYS V 394 43.23 -61.39 69.45
C CYS V 394 42.27 -60.25 69.15
N LEU V 395 41.74 -59.62 70.20
CA LEU V 395 40.77 -58.55 70.03
C LEU V 395 41.39 -57.24 69.57
N GLU V 396 42.72 -57.10 69.65
CA GLU V 396 43.40 -55.95 69.06
C GLU V 396 43.57 -56.09 67.55
N TYR V 397 43.16 -57.23 66.97
CA TYR V 397 43.23 -57.45 65.51
C TYR V 397 41.94 -56.94 64.87
N PHE V 398 41.05 -56.36 65.65
CA PHE V 398 39.84 -55.71 65.21
C PHE V 398 40.02 -54.19 65.19
N PRO V 399 39.41 -53.50 64.24
CA PRO V 399 39.42 -52.03 64.29
C PRO V 399 38.57 -51.53 65.45
N SER V 400 39.18 -50.72 66.30
CA SER V 400 38.49 -50.18 67.47
C SER V 400 38.63 -48.66 67.50
N GLN V 401 37.69 -48.03 68.18
CA GLN V 401 37.66 -46.57 68.29
C GLN V 401 38.30 -46.17 69.62
N MET V 402 39.26 -45.24 69.55
CA MET V 402 39.99 -44.78 70.72
C MET V 402 39.34 -43.50 71.24
N LEU V 403 39.02 -43.48 72.53
CA LEU V 403 38.26 -42.39 73.12
C LEU V 403 39.04 -41.79 74.28
N ARG V 404 39.37 -40.51 74.17
CA ARG V 404 39.92 -39.75 75.28
C ARG V 404 38.77 -39.17 76.11
N THR V 405 39.12 -38.41 77.15
CA THR V 405 38.07 -37.69 77.91
C THR V 405 37.52 -36.61 76.98
N GLY V 406 36.25 -36.65 76.68
CA GLY V 406 35.62 -35.76 75.74
C GLY V 406 35.15 -36.43 74.47
N ASN V 407 35.55 -37.67 74.22
CA ASN V 407 35.06 -38.43 73.08
C ASN V 407 33.93 -39.35 73.53
N ASN V 408 33.01 -39.64 72.60
CA ASN V 408 31.91 -40.54 72.88
C ASN V 408 31.81 -41.59 71.79
N PHE V 409 31.16 -42.70 72.11
CA PHE V 409 30.94 -43.80 71.21
C PHE V 409 29.45 -44.06 71.08
N THR V 410 29.00 -44.43 69.88
CA THR V 410 27.59 -44.74 69.67
C THR V 410 27.46 -45.71 68.51
N PHE V 411 26.38 -46.49 68.54
CA PHE V 411 26.02 -47.33 67.41
C PHE V 411 24.56 -47.73 67.55
N SER V 412 23.93 -48.01 66.42
CA SER V 412 22.54 -48.39 66.34
C SER V 412 22.41 -49.79 65.76
N TYR V 413 21.44 -50.54 66.27
CA TYR V 413 21.21 -51.91 65.85
C TYR V 413 19.72 -52.12 65.65
N THR V 414 19.36 -52.91 64.64
CA THR V 414 17.97 -53.26 64.36
C THR V 414 17.79 -54.75 64.57
N PHE V 415 16.83 -55.11 65.42
CA PHE V 415 16.51 -56.51 65.65
C PHE V 415 15.89 -57.12 64.40
N GLU V 416 16.19 -58.38 64.15
CA GLU V 416 15.51 -59.12 63.10
C GLU V 416 14.07 -59.42 63.53
N ASP V 417 13.26 -59.81 62.55
CA ASP V 417 11.88 -60.15 62.83
C ASP V 417 11.82 -61.42 63.68
N VAL V 418 11.17 -61.33 64.83
CA VAL V 418 11.04 -62.46 65.75
C VAL V 418 9.59 -62.54 66.20
N PRO V 419 9.13 -63.73 66.60
CA PRO V 419 7.77 -63.86 67.10
C PRO V 419 7.58 -63.08 68.39
N PHE V 420 6.36 -62.58 68.58
CA PHE V 420 6.00 -61.96 69.85
C PHE V 420 6.08 -62.98 70.97
N HIS V 421 6.64 -62.57 72.11
CA HIS V 421 6.60 -63.43 73.28
C HIS V 421 5.17 -63.63 73.74
N SER V 422 4.84 -64.89 74.05
CA SER V 422 3.48 -65.23 74.52
C SER V 422 3.28 -64.78 75.97
N SER V 423 2.99 -63.49 76.17
CA SER V 423 2.77 -62.96 77.52
C SER V 423 1.31 -63.17 77.94
N TYR V 424 0.86 -64.42 77.84
CA TYR V 424 -0.50 -64.77 78.21
C TYR V 424 -0.51 -66.22 78.67
N ALA V 425 -1.55 -66.58 79.42
CA ALA V 425 -1.80 -67.96 79.81
C ALA V 425 -3.10 -68.42 79.14
N HIS V 426 -3.08 -69.63 78.59
CA HIS V 426 -4.26 -70.14 77.93
C HIS V 426 -5.37 -70.41 78.95
N SER V 427 -6.58 -69.95 78.63
CA SER V 427 -7.74 -70.21 79.46
C SER V 427 -8.44 -71.51 79.08
N GLN V 428 -7.93 -72.23 78.10
CA GLN V 428 -8.43 -73.55 77.74
C GLN V 428 -7.29 -74.55 77.80
N SER V 429 -7.64 -75.80 78.10
CA SER V 429 -6.68 -76.89 78.08
C SER V 429 -6.77 -77.61 76.74
N LEU V 430 -5.64 -78.18 76.31
CA LEU V 430 -5.58 -78.84 75.02
C LEU V 430 -6.48 -80.07 74.96
N ASP V 431 -6.81 -80.65 76.12
CA ASP V 431 -7.66 -81.87 76.17
C ASP V 431 -9.12 -81.50 76.45
N ARG V 432 -9.44 -80.20 76.50
CA ARG V 432 -10.78 -79.72 76.80
C ARG V 432 -11.20 -78.67 75.77
N LEU V 433 -10.98 -78.95 74.50
CA LEU V 433 -11.28 -78.02 73.42
C LEU V 433 -12.60 -78.31 72.72
N MET V 434 -13.39 -79.25 73.24
CA MET V 434 -14.60 -79.70 72.57
C MET V 434 -15.83 -78.97 73.11
N ASN V 435 -16.98 -79.28 72.52
CA ASN V 435 -18.27 -78.80 73.01
C ASN V 435 -18.83 -79.85 73.94
N PRO V 436 -18.98 -79.56 75.25
CA PRO V 436 -19.42 -80.61 76.18
C PRO V 436 -20.88 -81.00 76.01
N LEU V 437 -21.66 -80.25 75.23
CA LEU V 437 -23.08 -80.52 75.08
C LEU V 437 -23.41 -81.49 73.96
N ILE V 438 -22.53 -81.62 72.97
CA ILE V 438 -22.80 -82.39 71.77
C ILE V 438 -21.86 -83.59 71.74
N ASP V 439 -22.39 -84.76 71.46
CA ASP V 439 -21.57 -85.96 71.29
C ASP V 439 -20.81 -85.90 69.97
N GLN V 440 -19.71 -86.64 69.90
CA GLN V 440 -18.97 -86.81 68.66
C GLN V 440 -19.63 -87.86 67.78
N TYR V 441 -19.50 -87.68 66.48
CA TYR V 441 -19.97 -88.70 65.55
C TYR V 441 -18.97 -89.84 65.37
N LEU V 442 -17.73 -89.66 65.82
CA LEU V 442 -16.73 -90.71 65.72
C LEU V 442 -16.88 -91.69 66.87
N TYR V 443 -16.49 -92.94 66.62
CA TYR V 443 -16.57 -94.01 67.59
C TYR V 443 -15.18 -94.38 68.10
N TYR V 444 -15.13 -94.85 69.33
CA TYR V 444 -13.91 -95.37 69.92
C TYR V 444 -14.20 -96.72 70.57
N LEU V 445 -13.18 -97.57 70.61
CA LEU V 445 -13.31 -98.87 71.27
C LEU V 445 -13.49 -98.66 72.76
N SER V 446 -14.70 -98.92 73.26
CA SER V 446 -15.02 -98.69 74.66
C SER V 446 -14.99 -99.95 75.51
N ARG V 447 -15.32 -101.08 74.89
CA ARG V 447 -15.27 -102.37 75.62
C ARG V 447 -14.55 -103.42 74.80
N THR V 448 -13.90 -104.34 75.49
CA THR V 448 -13.18 -105.43 74.83
C THR V 448 -13.72 -106.81 75.17
N ASN V 449 -14.69 -106.91 76.07
CA ASN V 449 -15.31 -108.19 76.39
C ASN V 449 -16.71 -107.94 76.92
N THR V 450 -17.50 -109.01 76.98
CA THR V 450 -18.85 -108.97 77.52
C THR V 450 -19.07 -110.16 78.43
N PRO V 451 -19.98 -110.06 79.44
CA PRO V 451 -20.28 -111.22 80.28
C PRO V 451 -20.84 -112.35 79.41
N SER V 452 -20.21 -113.52 79.47
CA SER V 452 -20.74 -114.70 78.72
C SER V 452 -20.90 -115.85 79.71
N GLY V 453 -22.12 -116.36 79.86
CA GLY V 453 -22.37 -117.40 80.88
C GLY V 453 -21.97 -116.90 82.26
N THR V 454 -21.11 -117.64 82.96
CA THR V 454 -20.61 -117.20 84.29
C THR V 454 -19.15 -116.78 84.14
N THR V 455 -18.64 -116.80 82.91
CA THR V 455 -17.25 -116.34 82.64
C THR V 455 -17.30 -115.06 81.79
N THR V 456 -16.25 -114.80 81.01
CA THR V 456 -16.26 -113.62 80.10
C THR V 456 -15.93 -114.09 78.68
N GLN V 457 -16.38 -113.33 77.68
CA GLN V 457 -16.09 -113.65 76.29
C GLN V 457 -15.62 -112.41 75.57
N SER V 458 -14.61 -112.57 74.72
CA SER V 458 -14.05 -111.43 73.99
C SER V 458 -15.08 -110.89 72.99
N ARG V 459 -15.30 -109.58 73.04
CA ARG V 459 -16.28 -108.93 72.17
C ARG V 459 -15.97 -107.46 72.11
N LEU V 460 -15.71 -106.93 70.91
CA LEU V 460 -15.39 -105.53 70.74
C LEU V 460 -16.67 -104.70 70.64
N GLN V 461 -16.71 -103.58 71.37
CA GLN V 461 -17.82 -102.65 71.31
C GLN V 461 -17.27 -101.23 71.19
N PHE V 462 -18.07 -100.36 70.58
CA PHE V 462 -17.67 -99.00 70.29
C PHE V 462 -18.74 -98.03 70.76
N SER V 463 -18.30 -96.85 71.20
CA SER V 463 -19.19 -95.83 71.70
C SER V 463 -18.81 -94.48 71.12
N GLN V 464 -19.77 -93.57 71.09
CA GLN V 464 -19.51 -92.18 70.74
C GLN V 464 -19.20 -91.40 72.01
N ALA V 465 -18.13 -90.61 71.96
CA ALA V 465 -17.66 -89.92 73.15
C ALA V 465 -18.42 -88.63 73.37
N GLY V 466 -18.79 -88.37 74.62
CA GLY V 466 -19.47 -87.15 75.03
C GLY V 466 -18.78 -86.55 76.24
N ALA V 467 -19.59 -85.95 77.12
CA ALA V 467 -19.04 -85.32 78.31
C ALA V 467 -18.68 -86.33 79.40
N SER V 468 -19.47 -87.40 79.53
CA SER V 468 -19.23 -88.35 80.60
C SER V 468 -17.95 -89.14 80.39
N ASP V 469 -17.59 -89.43 79.14
CA ASP V 469 -16.36 -90.12 78.82
C ASP V 469 -15.46 -89.18 78.01
N ILE V 470 -15.34 -87.94 78.49
CA ILE V 470 -14.64 -86.89 77.77
C ILE V 470 -13.18 -87.22 77.49
N ARG V 471 -12.59 -88.13 78.27
CA ARG V 471 -11.19 -88.49 78.07
C ARG V 471 -10.97 -89.31 76.80
N ASP V 472 -12.02 -89.91 76.24
CA ASP V 472 -11.91 -90.77 75.08
C ASP V 472 -12.22 -90.05 73.77
N GLN V 473 -12.45 -88.75 73.81
CA GLN V 473 -12.83 -88.02 72.61
C GLN V 473 -11.68 -87.96 71.61
N SER V 474 -12.03 -88.10 70.33
CA SER V 474 -11.04 -87.95 69.28
C SER V 474 -10.57 -86.50 69.19
N ARG V 475 -9.27 -86.32 69.06
CA ARG V 475 -8.67 -84.99 69.10
C ARG V 475 -7.71 -84.82 67.94
N ASN V 476 -7.43 -83.56 67.61
CA ASN V 476 -6.61 -83.21 66.47
C ASN V 476 -5.17 -82.86 66.83
N TRP V 477 -4.87 -82.66 68.10
CA TRP V 477 -3.57 -82.13 68.52
C TRP V 477 -3.03 -82.95 69.68
N LEU V 478 -1.74 -82.76 69.96
CA LEU V 478 -1.01 -83.46 71.00
C LEU V 478 -0.22 -82.46 71.84
N PRO V 479 0.03 -82.79 73.10
CA PRO V 479 0.89 -81.91 73.93
C PRO V 479 2.33 -81.92 73.45
N GLY V 480 3.03 -80.83 73.75
CA GLY V 480 4.38 -80.62 73.27
C GLY V 480 5.38 -81.65 73.77
N PRO V 481 6.61 -81.55 73.28
CA PRO V 481 7.62 -82.57 73.62
C PRO V 481 8.05 -82.49 75.08
N CYS V 482 8.62 -83.62 75.52
CA CYS V 482 8.97 -83.79 76.94
C CYS V 482 10.37 -84.36 77.12
N TYR V 483 11.04 -84.00 78.20
CA TYR V 483 12.32 -84.59 78.58
C TYR V 483 12.32 -84.65 80.11
N ARG V 484 11.93 -85.80 80.65
CA ARG V 484 11.49 -85.88 82.04
C ARG V 484 12.56 -85.43 83.02
N GLN V 485 12.13 -84.68 84.03
CA GLN V 485 12.98 -84.20 85.11
C GLN V 485 12.58 -84.87 86.42
N GLN V 486 13.55 -84.98 87.32
CA GLN V 486 13.24 -85.49 88.66
C GLN V 486 12.47 -84.45 89.45
N ARG V 487 11.56 -84.93 90.29
CA ARG V 487 10.71 -84.06 91.10
C ARG V 487 11.32 -83.87 92.48
N VAL V 488 11.44 -82.60 92.85
CA VAL V 488 11.96 -82.20 94.18
C VAL V 488 10.88 -81.35 94.85
N SER V 489 10.83 -81.34 96.17
CA SER V 489 9.83 -80.60 96.93
C SER V 489 10.48 -79.46 97.69
N LYS V 490 9.77 -78.34 97.80
CA LYS V 490 10.28 -77.18 98.56
C LYS V 490 10.26 -77.52 100.04
N THR V 491 9.36 -78.42 100.48
CA THR V 491 9.37 -78.92 101.87
C THR V 491 10.51 -79.93 101.96
N SER V 492 11.56 -79.63 102.74
CA SER V 492 12.77 -80.49 102.77
C SER V 492 12.46 -81.93 103.18
N ALA V 493 11.67 -82.15 104.24
CA ALA V 493 11.44 -83.50 104.73
C ALA V 493 10.87 -84.41 103.64
N ASP V 494 10.18 -83.84 102.65
CA ASP V 494 9.55 -84.63 101.60
C ASP V 494 10.55 -85.24 100.62
N ASN V 495 11.80 -84.79 100.64
CA ASN V 495 12.80 -85.25 99.69
C ASN V 495 13.56 -86.46 100.23
N ASN V 496 14.13 -87.23 99.31
CA ASN V 496 14.90 -88.40 99.69
C ASN V 496 16.18 -87.99 100.42
N ASN V 497 16.53 -88.74 101.46
CA ASN V 497 17.71 -88.44 102.27
C ASN V 497 18.95 -89.06 101.61
N SER V 498 19.36 -88.44 100.50
CA SER V 498 20.52 -88.89 99.75
C SER V 498 21.01 -87.74 98.88
N GLU V 499 22.20 -87.92 98.32
CA GLU V 499 22.77 -86.92 97.38
C GLU V 499 22.43 -87.37 95.97
N TYR V 500 21.43 -86.73 95.37
CA TYR V 500 20.95 -87.10 94.04
C TYR V 500 20.93 -85.90 93.08
N SER V 501 21.72 -84.86 93.36
CA SER V 501 21.72 -83.70 92.48
C SER V 501 22.35 -84.00 91.13
N TRP V 502 23.12 -85.07 91.02
CA TRP V 502 23.72 -85.46 89.74
C TRP V 502 23.32 -86.86 89.30
N THR V 503 23.21 -87.81 90.23
CA THR V 503 22.80 -89.16 89.86
C THR V 503 21.37 -89.18 89.32
N GLY V 504 20.47 -88.44 89.95
CA GLY V 504 19.11 -88.31 89.50
C GLY V 504 18.87 -87.15 88.55
N ALA V 505 19.92 -86.47 88.13
CA ALA V 505 19.78 -85.30 87.26
C ALA V 505 19.50 -85.70 85.83
N THR V 506 18.84 -84.81 85.10
CA THR V 506 18.57 -84.99 83.68
C THR V 506 19.73 -84.42 82.88
N LYS V 507 20.34 -85.24 82.04
CA LYS V 507 21.59 -84.91 81.38
C LYS V 507 21.52 -85.22 79.89
N TYR V 508 22.36 -84.53 79.12
CA TYR V 508 22.60 -84.89 77.73
C TYR V 508 24.09 -85.20 77.55
N HIS V 509 24.37 -86.16 76.70
CA HIS V 509 25.72 -86.68 76.49
C HIS V 509 26.27 -86.12 75.19
N LEU V 510 27.43 -85.48 75.26
CA LEU V 510 28.04 -84.85 74.09
C LEU V 510 29.55 -85.04 74.16
N ASN V 511 30.10 -85.78 73.20
CA ASN V 511 31.55 -86.02 73.09
C ASN V 511 32.11 -86.64 74.37
N GLY V 512 31.35 -87.56 74.97
CA GLY V 512 31.80 -88.24 76.16
C GLY V 512 31.65 -87.47 77.45
N ARG V 513 31.08 -86.27 77.39
CA ARG V 513 30.86 -85.50 78.64
C ARG V 513 29.37 -85.26 78.90
N ASP V 514 28.93 -85.46 80.14
CA ASP V 514 27.56 -85.22 80.56
C ASP V 514 27.40 -83.77 80.98
N SER V 515 26.40 -83.11 80.40
CA SER V 515 26.06 -81.74 80.77
C SER V 515 24.66 -81.74 81.37
N LEU V 516 24.47 -80.92 82.41
CA LEU V 516 23.16 -80.81 83.03
C LEU V 516 22.18 -80.16 82.06
N VAL V 517 20.98 -80.71 81.97
CA VAL V 517 19.90 -80.13 81.18
C VAL V 517 19.19 -79.12 82.08
N ASN V 518 19.47 -77.84 81.86
CA ASN V 518 18.98 -76.78 82.74
C ASN V 518 18.78 -75.49 81.94
N PRO V 519 17.54 -75.01 81.81
CA PRO V 519 16.29 -75.58 82.31
C PRO V 519 15.67 -76.60 81.36
N GLY V 520 16.22 -76.75 80.16
CA GLY V 520 15.73 -77.72 79.21
C GLY V 520 14.49 -77.29 78.47
N PRO V 521 13.81 -78.24 77.83
CA PRO V 521 12.59 -77.92 77.10
C PRO V 521 11.51 -77.37 78.03
N ALA V 522 10.71 -76.45 77.48
CA ALA V 522 9.68 -75.78 78.27
C ALA V 522 8.60 -76.79 78.68
N MET V 523 8.46 -76.99 79.99
CA MET V 523 7.49 -77.93 80.54
C MET V 523 6.90 -77.33 81.80
N ALA V 524 5.68 -77.77 82.13
CA ALA V 524 5.01 -77.28 83.32
C ALA V 524 5.76 -77.74 84.58
N SER V 525 5.89 -76.83 85.54
CA SER V 525 6.60 -77.15 86.77
C SER V 525 5.86 -78.21 87.58
N HIS V 526 4.53 -78.14 87.61
CA HIS V 526 3.73 -79.05 88.42
C HIS V 526 2.31 -79.07 87.88
N LYS V 527 1.55 -80.08 88.32
CA LYS V 527 0.15 -80.21 87.96
C LYS V 527 -0.70 -79.46 88.99
N ASP V 528 -2.02 -79.67 88.94
CA ASP V 528 -2.92 -78.98 89.85
C ASP V 528 -2.62 -79.33 91.30
N ASP V 529 -2.63 -78.31 92.16
CA ASP V 529 -2.52 -78.47 93.60
C ASP V 529 -1.23 -79.18 94.00
N GLU V 530 -0.15 -78.88 93.30
CA GLU V 530 1.17 -79.42 93.62
C GLU V 530 2.23 -78.34 93.49
N GLU V 531 1.93 -77.14 93.99
CA GLU V 531 2.82 -76.00 93.84
C GLU V 531 4.12 -76.17 94.59
N LYS V 532 4.18 -77.08 95.57
CA LYS V 532 5.43 -77.31 96.29
C LYS V 532 6.45 -78.11 95.49
N PHE V 533 6.05 -78.72 94.38
CA PHE V 533 6.93 -79.54 93.56
C PHE V 533 7.45 -78.75 92.37
N PHE V 534 8.74 -78.88 92.11
CA PHE V 534 9.36 -78.27 90.94
C PHE V 534 10.38 -79.24 90.36
N PRO V 535 10.63 -79.17 89.06
CA PRO V 535 11.66 -80.02 88.46
C PRO V 535 13.03 -79.70 89.00
N GLN V 536 13.87 -80.73 89.07
CA GLN V 536 15.19 -80.60 89.71
C GLN V 536 16.05 -79.56 89.01
N SER V 537 16.06 -79.58 87.68
CA SER V 537 16.79 -78.58 86.89
C SER V 537 15.95 -78.09 85.73
N GLY V 538 14.64 -77.97 85.94
CA GLY V 538 13.73 -77.58 84.90
C GLY V 538 13.14 -76.19 85.00
N VAL V 539 13.56 -75.39 85.98
CA VAL V 539 13.07 -74.03 86.14
C VAL V 539 14.25 -73.10 86.39
N LEU V 540 14.06 -71.83 86.06
CA LEU V 540 15.06 -70.82 86.40
C LEU V 540 14.99 -70.53 87.89
N ILE V 541 16.16 -70.42 88.52
CA ILE V 541 16.27 -70.12 89.94
C ILE V 541 17.08 -68.84 90.08
N PHE V 542 16.45 -67.79 90.59
CA PHE V 542 17.10 -66.52 90.81
C PHE V 542 17.49 -66.37 92.27
N GLY V 543 18.62 -65.71 92.51
CA GLY V 543 19.07 -65.46 93.86
C GLY V 543 18.46 -64.20 94.44
N LYS V 544 18.11 -64.27 95.73
CA LYS V 544 17.68 -63.08 96.43
C LYS V 544 18.87 -62.16 96.67
N GLN V 545 18.57 -60.94 97.09
CA GLN V 545 19.63 -59.96 97.34
C GLN V 545 20.54 -60.44 98.47
N GLY V 546 21.85 -60.38 98.24
CA GLY V 546 22.82 -60.81 99.23
C GLY V 546 23.10 -62.29 99.25
N SER V 547 22.55 -63.04 98.29
CA SER V 547 22.72 -64.52 98.27
C SER V 547 24.15 -64.87 97.85
N GLU V 548 24.74 -65.88 98.50
CA GLU V 548 26.09 -66.31 98.19
C GLU V 548 26.12 -67.11 96.89
N LYS V 549 27.25 -67.73 96.61
CA LYS V 549 27.43 -68.45 95.36
C LYS V 549 27.24 -69.95 95.50
N THR V 550 27.72 -70.54 96.60
CA THR V 550 27.77 -71.99 96.75
C THR V 550 26.86 -72.45 97.88
N ASN V 551 25.97 -73.39 97.56
CA ASN V 551 25.19 -74.14 98.55
C ASN V 551 24.38 -73.23 99.46
N VAL V 552 23.63 -72.31 98.85
CA VAL V 552 22.71 -71.47 99.60
C VAL V 552 21.42 -72.25 99.83
N ASP V 553 20.71 -71.90 100.90
CA ASP V 553 19.49 -72.61 101.24
C ASP V 553 18.37 -72.24 100.29
N ILE V 554 17.26 -72.97 100.39
CA ILE V 554 16.12 -72.71 99.51
C ILE V 554 15.49 -71.36 99.82
N GLU V 555 15.52 -70.92 101.07
CA GLU V 555 14.97 -69.62 101.43
C GLU V 555 15.80 -68.46 100.88
N LYS V 556 17.01 -68.74 100.40
CA LYS V 556 17.86 -67.71 99.81
C LYS V 556 17.65 -67.54 98.31
N VAL V 557 16.84 -68.40 97.69
CA VAL V 557 16.61 -68.36 96.25
C VAL V 557 15.11 -68.28 95.98
N MET V 558 14.78 -67.78 94.80
CA MET V 558 13.40 -67.66 94.33
C MET V 558 13.24 -68.57 93.11
N ILE V 559 12.42 -69.60 93.24
CA ILE V 559 12.22 -70.59 92.19
C ILE V 559 11.03 -70.19 91.35
N THR V 560 11.23 -70.10 90.04
CA THR V 560 10.16 -69.68 89.13
C THR V 560 9.17 -70.82 88.91
N ASP V 561 8.00 -70.46 88.40
CA ASP V 561 6.94 -71.45 88.15
C ASP V 561 6.45 -71.31 86.71
N GLU V 562 6.34 -72.42 86.01
CA GLU V 562 5.87 -72.48 84.63
C GLU V 562 4.53 -73.22 84.56
N GLU V 563 3.64 -72.93 85.50
CA GLU V 563 2.35 -73.60 85.54
C GLU V 563 1.36 -73.07 84.52
N GLU V 564 1.59 -71.87 83.97
CA GLU V 564 0.65 -71.31 83.01
C GLU V 564 0.65 -72.06 81.68
N ILE V 565 1.66 -72.90 81.43
CA ILE V 565 1.77 -73.61 80.17
C ILE V 565 1.37 -75.08 80.30
N ARG V 566 0.81 -75.48 81.45
CA ARG V 566 0.37 -76.85 81.62
C ARG V 566 -0.88 -77.16 80.80
N THR V 567 -1.49 -76.15 80.19
CA THR V 567 -2.62 -76.40 79.30
C THR V 567 -2.20 -77.13 78.03
N THR V 568 -0.99 -76.85 77.53
CA THR V 568 -0.50 -77.47 76.31
C THR V 568 0.79 -78.26 76.49
N ASN V 569 1.53 -78.03 77.57
CA ASN V 569 2.83 -78.67 77.76
C ASN V 569 2.74 -79.71 78.86
N PRO V 570 3.41 -80.85 78.69
CA PRO V 570 3.39 -81.88 79.73
C PRO V 570 4.10 -81.40 80.98
N VAL V 571 3.68 -81.96 82.12
CA VAL V 571 4.36 -81.68 83.38
C VAL V 571 5.77 -82.24 83.32
N ALA V 572 6.73 -81.45 83.82
CA ALA V 572 8.13 -81.79 83.66
C ALA V 572 8.49 -83.08 84.37
N THR V 573 7.89 -83.34 85.53
CA THR V 573 8.26 -84.46 86.36
C THR V 573 7.46 -85.73 86.07
N GLU V 574 6.57 -85.69 85.09
CA GLU V 574 5.72 -86.83 84.77
C GLU V 574 6.00 -87.29 83.34
N GLN V 575 5.49 -88.47 83.02
CA GLN V 575 5.66 -89.02 81.69
C GLN V 575 4.78 -88.28 80.68
N TYR V 576 5.22 -88.31 79.42
CA TYR V 576 4.40 -87.75 78.35
C TYR V 576 3.10 -88.53 78.19
N GLY V 577 3.19 -89.86 78.27
CA GLY V 577 2.01 -90.69 78.06
C GLY V 577 2.39 -92.16 78.08
N SER V 578 1.57 -92.96 77.41
CA SER V 578 1.79 -94.40 77.33
C SER V 578 1.65 -94.87 75.89
N VAL V 579 2.45 -95.88 75.54
CA VAL V 579 2.40 -96.51 74.23
C VAL V 579 2.33 -98.02 74.43
N SER V 580 1.81 -98.71 73.42
CA SER V 580 1.79 -100.16 73.44
C SER V 580 3.18 -100.73 73.18
N THR V 581 3.47 -101.86 73.81
CA THR V 581 4.77 -102.50 73.67
C THR V 581 4.71 -103.92 73.13
N ASN V 582 3.53 -104.48 72.94
CA ASN V 582 3.40 -105.85 72.45
C ASN V 582 2.14 -105.93 71.59
N LEU V 583 1.77 -107.15 71.23
CA LEU V 583 0.56 -107.42 70.45
C LEU V 583 -0.32 -108.37 71.25
N GLN V 584 -1.44 -107.85 71.74
CA GLN V 584 -2.39 -108.68 72.47
C GLN V 584 -3.03 -109.70 71.55
N ARG V 585 -3.32 -110.87 72.13
CA ARG V 585 -3.86 -111.99 71.34
C ARG V 585 -4.58 -112.95 72.27
N GLY V 586 -5.70 -113.51 71.84
CA GLY V 586 -6.40 -114.53 72.60
C GLY V 586 -5.92 -115.93 72.27
N ASN V 587 -6.59 -116.91 72.90
CA ASN V 587 -6.17 -118.32 72.74
C ASN V 587 -6.59 -118.86 71.38
N THR V 594 -0.48 -119.14 73.18
CA THR V 594 -1.23 -118.85 74.43
C THR V 594 -1.79 -117.43 74.35
N SER V 595 -2.51 -116.96 75.38
CA SER V 595 -2.95 -115.57 75.26
C SER V 595 -1.90 -114.62 75.79
N ARG V 596 -1.88 -113.40 75.22
CA ARG V 596 -0.99 -112.33 75.67
C ARG V 596 -1.82 -111.09 75.93
N GLN V 597 -1.70 -110.54 77.13
CA GLN V 597 -2.44 -109.34 77.48
C GLN V 597 -1.71 -108.09 77.02
N ALA V 598 -2.48 -107.06 76.70
CA ALA V 598 -1.90 -105.82 76.20
C ALA V 598 -1.03 -105.16 77.27
N ALA V 599 0.14 -104.69 76.86
CA ALA V 599 1.10 -104.07 77.75
C ALA V 599 1.42 -102.66 77.28
N THR V 600 1.69 -101.78 78.24
CA THR V 600 2.00 -100.39 77.96
C THR V 600 3.24 -99.98 78.73
N ALA V 601 3.91 -98.94 78.23
CA ALA V 601 5.10 -98.39 78.86
C ALA V 601 4.99 -96.88 78.92
N ASP V 602 5.60 -96.30 79.96
CA ASP V 602 5.66 -94.86 80.09
C ASP V 602 6.64 -94.28 79.08
N VAL V 603 6.31 -93.11 78.54
CA VAL V 603 7.15 -92.40 77.59
C VAL V 603 7.79 -91.25 78.36
N ASN V 604 8.97 -91.50 78.91
CA ASN V 604 9.67 -90.49 79.69
C ASN V 604 10.35 -89.44 78.81
N THR V 605 10.60 -89.74 77.55
CA THR V 605 11.15 -88.78 76.61
C THR V 605 10.37 -88.88 75.30
N GLN V 606 9.89 -87.74 74.81
CA GLN V 606 9.07 -87.69 73.60
C GLN V 606 9.61 -86.61 72.68
N GLY V 607 10.00 -87.00 71.47
CA GLY V 607 10.37 -86.05 70.46
C GLY V 607 9.16 -85.39 69.83
N VAL V 608 9.43 -84.45 68.93
CA VAL V 608 8.36 -83.71 68.27
C VAL V 608 7.64 -84.61 67.29
N LEU V 609 6.31 -84.63 67.39
CA LEU V 609 5.43 -85.37 66.50
C LEU V 609 4.59 -84.40 65.67
N PRO V 610 4.16 -84.81 64.48
CA PRO V 610 3.23 -83.96 63.72
C PRO V 610 1.94 -83.75 64.49
N GLY V 611 1.42 -82.52 64.43
CA GLY V 611 0.26 -82.13 65.20
C GLY V 611 0.53 -81.70 66.62
N MET V 612 1.80 -81.59 67.01
CA MET V 612 2.16 -81.21 68.40
C MET V 612 2.14 -79.68 68.55
N VAL V 613 1.58 -79.17 69.64
CA VAL V 613 1.52 -77.75 69.97
C VAL V 613 2.07 -77.56 71.38
N TRP V 614 2.79 -76.46 71.59
CA TRP V 614 3.44 -76.20 72.87
C TRP V 614 3.63 -74.70 73.03
N GLN V 615 3.94 -74.31 74.27
CA GLN V 615 4.28 -72.94 74.61
C GLN V 615 5.74 -72.87 75.04
N ASP V 616 6.40 -71.77 74.70
CA ASP V 616 7.79 -71.59 75.08
C ASP V 616 7.91 -71.19 76.55
N ARG V 617 9.14 -71.18 77.05
CA ARG V 617 9.37 -70.79 78.43
C ARG V 617 9.09 -69.31 78.62
N ASP V 618 8.56 -68.96 79.79
CA ASP V 618 8.24 -67.57 80.08
C ASP V 618 9.52 -66.76 80.29
N VAL V 619 9.42 -65.46 80.05
CA VAL V 619 10.48 -64.53 80.34
C VAL V 619 10.15 -63.80 81.64
N TYR V 620 11.19 -63.34 82.32
CA TYR V 620 11.05 -62.72 83.63
C TYR V 620 11.78 -61.39 83.64
N LEU V 621 11.43 -60.55 84.62
CA LEU V 621 12.09 -59.26 84.75
C LEU V 621 13.58 -59.42 84.99
N GLN V 622 13.96 -60.39 85.82
CA GLN V 622 15.36 -60.71 86.05
C GLN V 622 15.94 -61.65 85.00
N GLY V 623 15.13 -62.14 84.07
CA GLY V 623 15.57 -63.12 83.12
C GLY V 623 16.26 -62.53 81.91
N PRO V 624 16.86 -63.39 81.10
CA PRO V 624 17.51 -62.93 79.86
C PRO V 624 16.50 -62.53 78.80
N ILE V 625 16.95 -61.68 77.90
CA ILE V 625 16.11 -61.17 76.82
C ILE V 625 16.29 -61.99 75.54
N TRP V 626 17.53 -62.24 75.15
CA TRP V 626 17.81 -62.89 73.87
C TRP V 626 18.96 -63.86 74.01
N ALA V 627 19.22 -64.57 72.91
CA ALA V 627 20.40 -65.42 72.79
C ALA V 627 20.71 -65.58 71.31
N LYS V 628 21.97 -65.89 71.03
CA LYS V 628 22.39 -66.09 69.65
C LYS V 628 22.12 -67.52 69.22
N ILE V 629 21.39 -67.69 68.13
CA ILE V 629 21.16 -69.03 67.58
C ILE V 629 22.47 -69.56 67.03
N PRO V 630 22.91 -70.75 67.44
CA PRO V 630 24.18 -71.27 66.94
C PRO V 630 24.18 -71.42 65.42
N HIS V 631 25.33 -71.13 64.81
CA HIS V 631 25.48 -71.25 63.36
C HIS V 631 25.64 -72.72 63.02
N THR V 632 24.51 -73.37 62.76
CA THR V 632 24.47 -74.79 62.47
C THR V 632 23.63 -75.04 61.23
N ASP V 633 23.79 -76.21 60.64
CA ASP V 633 23.04 -76.54 59.40
C ASP V 633 21.56 -76.66 59.73
N GLY V 634 21.23 -77.25 60.87
CA GLY V 634 19.84 -77.44 61.23
C GLY V 634 19.57 -77.09 62.68
N HIS V 635 18.36 -76.64 62.93
CA HIS V 635 17.86 -76.37 64.27
C HIS V 635 16.34 -76.35 64.21
N PHE V 636 15.71 -76.77 65.29
CA PHE V 636 14.25 -76.81 65.36
C PHE V 636 13.78 -75.87 66.45
N HIS V 637 12.90 -74.93 66.08
CA HIS V 637 12.31 -73.96 66.99
C HIS V 637 13.40 -73.28 67.82
N PRO V 638 14.19 -72.39 67.22
CA PRO V 638 15.35 -71.80 67.90
C PRO V 638 14.99 -70.71 68.92
N SER V 639 14.03 -71.00 69.77
CA SER V 639 13.77 -70.19 70.95
C SER V 639 14.72 -70.63 72.06
N PRO V 640 15.43 -69.71 72.71
CA PRO V 640 16.36 -70.11 73.77
C PRO V 640 15.65 -70.85 74.89
N LEU V 641 16.30 -71.90 75.39
CA LEU V 641 15.67 -72.73 76.41
C LEU V 641 15.58 -72.01 77.75
N MET V 642 16.51 -71.08 78.01
CA MET V 642 16.44 -70.26 79.22
C MET V 642 15.37 -69.19 79.15
N GLY V 643 14.77 -68.97 77.99
CA GLY V 643 13.73 -67.98 77.82
C GLY V 643 14.21 -66.77 77.05
N GLY V 644 13.36 -66.27 76.16
CA GLY V 644 13.70 -65.09 75.39
C GLY V 644 13.51 -65.23 73.90
N PHE V 645 14.23 -64.40 73.14
CA PHE V 645 14.10 -64.34 71.69
C PHE V 645 15.36 -64.90 71.05
N GLY V 646 15.18 -65.88 70.16
CA GLY V 646 16.28 -66.42 69.40
C GLY V 646 16.64 -65.55 68.21
N LEU V 647 17.89 -65.10 68.14
CA LEU V 647 18.32 -64.16 67.11
C LEU V 647 19.50 -64.75 66.36
N LYS V 648 19.38 -64.84 65.03
CA LYS V 648 20.51 -65.26 64.22
C LYS V 648 21.60 -64.21 64.23
N HIS V 649 21.23 -62.93 64.28
CA HIS V 649 22.15 -61.81 64.41
C HIS V 649 21.73 -61.01 65.63
N PRO V 650 22.14 -61.42 66.83
CA PRO V 650 21.74 -60.72 68.05
C PRO V 650 22.48 -59.41 68.18
N PRO V 651 22.14 -58.59 69.17
CA PRO V 651 22.90 -57.36 69.41
C PRO V 651 24.37 -57.68 69.59
N PRO V 652 25.25 -56.99 68.86
CA PRO V 652 26.66 -57.35 68.88
C PRO V 652 27.31 -57.11 70.23
N GLN V 653 28.33 -57.91 70.53
CA GLN V 653 29.13 -57.70 71.72
C GLN V 653 29.88 -56.39 71.63
N ILE V 654 29.87 -55.61 72.71
CA ILE V 654 30.56 -54.34 72.79
C ILE V 654 31.75 -54.53 73.71
N LEU V 655 32.95 -54.48 73.13
CA LEU V 655 34.19 -54.73 73.87
C LEU V 655 34.88 -53.41 74.19
N ILE V 656 35.30 -53.26 75.43
CA ILE V 656 35.95 -52.04 75.90
C ILE V 656 37.14 -52.42 76.77
N LYS V 657 38.25 -51.70 76.61
CA LYS V 657 39.42 -51.92 77.44
C LYS V 657 40.22 -50.63 77.52
N ASN V 658 41.03 -50.52 78.57
CA ASN V 658 41.91 -49.38 78.74
C ASN V 658 43.17 -49.58 77.93
N THR V 659 43.59 -48.54 77.21
CA THR V 659 44.81 -48.62 76.44
C THR V 659 46.00 -48.68 77.39
N PRO V 660 46.89 -49.66 77.26
CA PRO V 660 48.04 -49.74 78.16
C PRO V 660 48.97 -48.55 77.98
N VAL V 661 49.32 -47.92 79.09
CA VAL V 661 50.25 -46.79 79.11
C VAL V 661 51.55 -47.27 79.73
N PRO V 662 52.63 -47.42 78.96
CA PRO V 662 53.89 -47.92 79.53
C PRO V 662 54.43 -46.98 80.60
N ALA V 663 55.07 -47.57 81.61
CA ALA V 663 55.73 -46.81 82.65
C ALA V 663 57.08 -46.33 82.13
N ASN V 664 57.95 -45.86 83.01
CA ASN V 664 59.21 -45.28 82.61
C ASN V 664 60.09 -46.33 81.93
N PRO V 665 60.48 -46.13 80.67
CA PRO V 665 61.34 -47.11 80.00
C PRO V 665 62.82 -46.90 80.33
N SER V 666 63.58 -47.92 79.99
CA SER V 666 65.05 -47.86 80.19
C SER V 666 65.66 -46.99 79.09
N THR V 667 66.71 -46.24 79.43
CA THR V 667 67.39 -45.41 78.45
C THR V 667 68.17 -46.23 77.43
N THR V 668 68.39 -47.51 77.70
CA THR V 668 69.02 -48.43 76.75
C THR V 668 67.95 -49.28 76.10
N PHE V 669 68.09 -49.52 74.80
CA PHE V 669 67.08 -50.29 74.08
C PHE V 669 67.04 -51.73 74.58
N SER V 670 65.82 -52.24 74.75
CA SER V 670 65.59 -53.62 75.12
C SER V 670 64.51 -54.20 74.22
N ALA V 671 64.79 -55.34 73.61
CA ALA V 671 63.83 -55.98 72.72
C ALA V 671 62.73 -56.72 73.47
N ALA V 672 62.86 -56.88 74.78
CA ALA V 672 61.81 -57.52 75.56
C ALA V 672 60.55 -56.66 75.57
N LYS V 673 59.40 -57.31 75.46
CA LYS V 673 58.14 -56.59 75.47
C LYS V 673 57.93 -55.92 76.83
N PHE V 674 57.20 -54.80 76.79
CA PHE V 674 56.98 -54.01 78.02
C PHE V 674 56.17 -54.80 79.05
N ALA V 675 56.66 -54.83 80.29
CA ALA V 675 55.97 -55.49 81.38
C ALA V 675 55.57 -54.55 82.51
N SER V 676 56.02 -53.30 82.47
CA SER V 676 55.69 -52.31 83.49
C SER V 676 54.78 -51.26 82.88
N PHE V 677 53.64 -51.00 83.53
CA PHE V 677 52.66 -50.07 83.03
C PHE V 677 52.16 -49.19 84.18
N ILE V 678 51.61 -48.05 83.82
CA ILE V 678 50.97 -47.17 84.80
C ILE V 678 49.61 -47.76 85.16
N THR V 679 49.39 -47.98 86.46
CA THR V 679 48.12 -48.52 86.92
C THR V 679 47.01 -47.51 86.68
N GLN V 680 45.94 -47.95 86.02
CA GLN V 680 44.86 -47.03 85.72
C GLN V 680 43.57 -47.81 85.46
N TYR V 681 42.45 -47.11 85.65
CA TYR V 681 41.13 -47.62 85.35
C TYR V 681 40.35 -46.51 84.68
N SER V 682 39.14 -46.83 84.25
CA SER V 682 38.27 -45.85 83.60
C SER V 682 36.87 -45.93 84.18
N THR V 683 36.17 -44.80 84.13
CA THR V 683 34.78 -44.73 84.56
C THR V 683 34.03 -43.85 83.55
N GLY V 684 32.73 -44.07 83.48
CA GLY V 684 31.93 -43.33 82.53
C GLY V 684 30.47 -43.70 82.63
N GLN V 685 29.70 -43.26 81.65
CA GLN V 685 28.28 -43.53 81.59
C GLN V 685 27.95 -44.32 80.33
N VAL V 686 26.97 -45.19 80.45
CA VAL V 686 26.50 -46.03 79.36
C VAL V 686 25.00 -45.87 79.22
N SER V 687 24.53 -45.72 77.98
CA SER V 687 23.11 -45.55 77.69
C SER V 687 22.65 -46.64 76.73
N VAL V 688 21.53 -47.28 77.07
CA VAL V 688 20.91 -48.29 76.22
C VAL V 688 19.44 -47.90 76.02
N GLU V 689 19.03 -47.72 74.78
CA GLU V 689 17.65 -47.40 74.45
C GLU V 689 17.12 -48.46 73.50
N ILE V 690 16.04 -49.14 73.91
CA ILE V 690 15.44 -50.20 73.12
C ILE V 690 14.00 -49.84 72.83
N GLU V 691 13.60 -49.96 71.57
CA GLU V 691 12.20 -49.80 71.16
C GLU V 691 11.57 -51.19 71.09
N TRP V 692 10.43 -51.35 71.76
CA TRP V 692 9.71 -52.61 71.80
C TRP V 692 8.36 -52.44 71.13
N GLU V 693 7.94 -53.46 70.38
CA GLU V 693 6.62 -53.48 69.76
C GLU V 693 5.67 -54.29 70.64
N LEU V 694 4.45 -53.78 70.79
CA LEU V 694 3.45 -54.38 71.66
C LEU V 694 2.34 -55.01 70.84
N GLN V 695 1.84 -56.14 71.33
CA GLN V 695 0.68 -56.82 70.76
C GLN V 695 -0.47 -56.61 71.72
N LYS V 696 -1.36 -55.68 71.39
CA LYS V 696 -2.42 -55.28 72.30
C LYS V 696 -3.42 -56.41 72.52
N GLU V 697 -3.85 -56.56 73.77
CA GLU V 697 -4.84 -57.56 74.12
C GLU V 697 -6.19 -57.20 73.52
N ASN V 698 -6.86 -58.19 72.94
CA ASN V 698 -8.15 -58.02 72.28
C ASN V 698 -9.13 -59.09 72.77
N SER V 699 -9.18 -59.28 74.08
CA SER V 699 -9.99 -60.34 74.66
C SER V 699 -11.46 -59.94 74.72
N LYS V 700 -12.35 -60.94 74.75
CA LYS V 700 -13.81 -60.70 74.87
C LYS V 700 -14.35 -61.46 76.09
N ARG V 701 -13.49 -61.84 77.04
CA ARG V 701 -13.99 -62.48 78.24
C ARG V 701 -14.77 -61.48 79.09
N TRP V 702 -15.71 -62.00 79.86
CA TRP V 702 -16.63 -61.16 80.64
C TRP V 702 -16.08 -60.86 82.02
N ASN V 703 -15.68 -61.88 82.77
CA ASN V 703 -15.21 -61.70 84.12
C ASN V 703 -13.80 -61.15 84.15
N PRO V 704 -13.37 -60.47 85.25
CA PRO V 704 -12.04 -59.87 85.29
C PRO V 704 -10.90 -60.88 85.17
N GLU V 705 -9.69 -60.43 84.81
CA GLU V 705 -8.53 -61.34 84.57
C GLU V 705 -7.58 -61.32 85.76
N ILE V 706 -6.60 -62.23 85.79
CA ILE V 706 -5.54 -62.10 86.84
C ILE V 706 -4.55 -61.01 86.42
N GLN V 707 -4.24 -60.08 87.33
CA GLN V 707 -3.24 -59.06 87.03
C GLN V 707 -2.20 -59.07 88.14
N TYR V 708 -0.96 -58.73 87.77
CA TYR V 708 0.07 -58.54 88.79
C TYR V 708 -0.21 -57.27 89.57
N THR V 709 -0.04 -57.34 90.89
CA THR V 709 -0.37 -56.22 91.76
C THR V 709 0.55 -56.24 92.98
N SER V 710 0.69 -55.07 93.58
CA SER V 710 1.45 -54.98 94.84
C SER V 710 0.51 -55.37 95.96
N ASN V 711 1.03 -55.78 97.12
CA ASN V 711 0.10 -56.21 98.19
C ASN V 711 -0.22 -54.98 99.04
N TYR V 712 -1.48 -54.74 99.34
CA TYR V 712 -1.89 -53.51 100.04
C TYR V 712 -1.46 -53.55 101.51
N ASN V 713 -1.39 -54.74 102.12
CA ASN V 713 -1.09 -54.77 103.54
C ASN V 713 0.23 -54.07 103.87
N LYS V 714 0.28 -53.52 105.08
CA LYS V 714 1.49 -52.78 105.53
C LYS V 714 2.68 -53.73 105.62
N SER V 715 3.86 -53.17 105.45
CA SER V 715 5.08 -53.94 105.54
C SER V 715 6.21 -53.03 105.98
N ILE V 716 7.28 -53.64 106.48
CA ILE V 716 8.45 -52.87 106.90
C ILE V 716 9.09 -52.20 105.69
N ASN V 717 9.21 -52.93 104.58
CA ASN V 717 9.81 -52.42 103.36
C ASN V 717 8.82 -52.51 102.20
N VAL V 718 8.91 -51.54 101.29
CA VAL V 718 8.13 -51.58 100.07
C VAL V 718 8.85 -52.47 99.05
N ASP V 719 8.09 -53.22 98.28
CA ASP V 719 8.68 -54.11 97.28
C ASP V 719 9.34 -53.32 96.17
N PHE V 720 10.48 -53.85 95.68
CA PHE V 720 11.22 -53.24 94.57
C PHE V 720 11.65 -51.81 94.89
N THR V 721 12.07 -51.59 96.13
CA THR V 721 12.65 -50.33 96.57
C THR V 721 13.94 -50.60 97.32
N VAL V 722 14.50 -49.58 97.91
CA VAL V 722 15.71 -49.71 98.72
C VAL V 722 15.32 -49.80 100.18
N ASP V 723 16.18 -50.44 100.98
CA ASP V 723 15.95 -50.56 102.41
C ASP V 723 16.66 -49.41 103.13
N THR V 724 16.76 -49.52 104.45
CA THR V 724 17.41 -48.46 105.25
C THR V 724 18.90 -48.39 104.91
N ASN V 725 19.44 -49.43 104.26
CA ASN V 725 20.85 -49.42 103.83
C ASN V 725 20.95 -48.92 102.38
N GLY V 726 19.79 -48.58 101.79
CA GLY V 726 19.77 -48.12 100.38
C GLY V 726 20.08 -49.25 99.43
N VAL V 727 19.91 -50.49 99.88
CA VAL V 727 20.20 -51.68 99.03
C VAL V 727 18.95 -52.05 98.23
N TYR V 728 19.04 -52.00 96.90
CA TYR V 728 17.90 -52.36 96.07
C TYR V 728 17.75 -53.87 96.00
N SER V 729 16.52 -54.35 96.12
CA SER V 729 16.24 -55.77 96.07
C SER V 729 15.02 -56.02 95.20
N GLU V 730 14.96 -57.21 94.60
CA GLU V 730 13.81 -57.66 93.83
C GLU V 730 13.16 -58.81 94.57
N PRO V 731 12.05 -58.60 95.27
CA PRO V 731 11.54 -59.63 96.20
C PRO V 731 11.14 -60.93 95.53
N ARG V 732 10.61 -60.90 94.32
CA ARG V 732 10.14 -62.12 93.68
C ARG V 732 10.34 -62.00 92.18
N PRO V 733 10.41 -63.13 91.47
CA PRO V 733 10.40 -63.07 90.00
C PRO V 733 9.00 -62.77 89.49
N ILE V 734 8.94 -61.90 88.48
CA ILE V 734 7.67 -61.57 87.83
C ILE V 734 7.75 -62.06 86.40
N GLY V 735 6.80 -62.92 86.03
CA GLY V 735 6.68 -63.38 84.66
C GLY V 735 5.89 -62.38 83.84
N THR V 736 5.35 -62.87 82.73
CA THR V 736 4.54 -62.04 81.85
C THR V 736 3.14 -62.60 81.58
N ARG V 737 2.83 -63.80 82.04
CA ARG V 737 1.63 -64.51 81.62
C ARG V 737 0.53 -64.32 82.65
N TYR V 738 -0.17 -63.20 82.54
CA TYR V 738 -1.30 -62.87 83.41
C TYR V 738 -2.61 -62.74 82.66
N LEU V 739 -2.61 -62.11 81.49
CA LEU V 739 -3.80 -62.10 80.65
C LEU V 739 -4.03 -63.49 80.07
N THR V 740 -5.25 -63.72 79.60
CA THR V 740 -5.63 -65.01 79.05
C THR V 740 -6.13 -64.88 77.62
N ARG V 741 -5.87 -65.94 76.86
CA ARG V 741 -6.37 -66.01 75.46
C ARG V 741 -6.86 -67.45 75.24
N ASN V 742 -7.88 -67.66 74.41
CA ASN V 742 -8.35 -69.00 74.08
C ASN V 742 -7.34 -69.73 73.21
N LEU V 743 -7.34 -71.05 73.30
CA LEU V 743 -6.48 -71.88 72.46
C LEU V 743 -6.86 -71.78 70.98
N ALA W 218 83.57 -20.85 -11.25
CA ALA W 218 82.48 -21.26 -10.34
C ALA W 218 82.99 -21.19 -8.90
N ASP W 219 84.22 -21.61 -8.67
CA ASP W 219 84.76 -21.70 -7.30
C ASP W 219 86.12 -21.01 -7.25
N GLY W 220 86.47 -20.30 -8.32
CA GLY W 220 87.73 -19.52 -8.29
C GLY W 220 88.87 -20.32 -7.68
N VAL W 221 89.73 -19.67 -6.88
CA VAL W 221 90.92 -20.36 -6.32
C VAL W 221 90.67 -20.48 -4.82
N GLY W 222 90.60 -21.69 -4.32
CA GLY W 222 90.42 -21.97 -2.92
C GLY W 222 89.08 -22.53 -2.52
N ASN W 223 88.16 -22.67 -3.47
CA ASN W 223 86.85 -23.26 -3.21
C ASN W 223 86.74 -24.57 -3.99
N SER W 224 86.44 -25.65 -3.28
CA SER W 224 86.33 -26.95 -3.92
C SER W 224 85.08 -27.01 -4.79
N SER W 225 85.23 -27.62 -5.97
CA SER W 225 84.13 -27.75 -6.92
C SER W 225 83.51 -29.14 -6.92
N GLY W 226 83.86 -29.98 -5.96
CA GLY W 226 83.28 -31.30 -5.88
C GLY W 226 83.75 -32.02 -4.63
N ASN W 227 83.16 -33.18 -4.40
CA ASN W 227 83.46 -34.01 -3.25
C ASN W 227 83.80 -35.43 -3.71
N TRP W 228 84.40 -36.20 -2.82
CA TRP W 228 84.77 -37.57 -3.10
C TRP W 228 83.59 -38.48 -2.82
N HIS W 229 83.05 -39.08 -3.88
CA HIS W 229 81.89 -40.00 -3.75
C HIS W 229 82.31 -41.36 -4.33
N CYS W 230 82.77 -42.27 -3.47
CA CYS W 230 83.12 -43.63 -3.91
C CYS W 230 82.36 -44.60 -3.02
N ASP W 231 81.31 -45.25 -3.54
CA ASP W 231 80.47 -46.14 -2.70
C ASP W 231 79.45 -46.88 -3.55
N SER W 232 78.68 -47.79 -2.93
CA SER W 232 77.61 -48.42 -3.69
C SER W 232 76.39 -48.57 -2.81
N THR W 233 75.21 -48.39 -3.40
CA THR W 233 73.94 -48.49 -2.69
C THR W 233 73.10 -49.56 -3.37
N TRP W 234 72.66 -50.55 -2.59
CA TRP W 234 71.79 -51.61 -3.08
C TRP W 234 70.37 -51.32 -2.61
N MET W 235 69.45 -51.12 -3.56
CA MET W 235 68.05 -50.82 -3.22
C MET W 235 67.14 -51.69 -4.08
N GLY W 236 66.71 -52.83 -3.55
CA GLY W 236 65.81 -53.71 -4.27
C GLY W 236 66.46 -54.27 -5.52
N ASP W 237 65.85 -54.00 -6.67
CA ASP W 237 66.32 -54.47 -7.95
C ASP W 237 67.30 -53.51 -8.62
N ARG W 238 67.97 -52.65 -7.84
CA ARG W 238 68.93 -51.71 -8.38
C ARG W 238 70.17 -51.70 -7.49
N VAL W 239 71.32 -51.47 -8.11
CA VAL W 239 72.56 -51.16 -7.41
C VAL W 239 73.23 -50.00 -8.11
N THR W 240 73.53 -48.95 -7.36
CA THR W 240 74.19 -47.77 -7.89
C THR W 240 75.62 -47.73 -7.37
N THR W 241 76.57 -47.84 -8.29
CA THR W 241 77.99 -47.82 -7.96
C THR W 241 78.58 -46.47 -8.35
N THR W 242 79.28 -45.84 -7.42
CA THR W 242 79.94 -44.57 -7.65
C THR W 242 81.43 -44.72 -7.37
N SER W 243 82.25 -44.14 -8.23
CA SER W 243 83.70 -44.24 -8.09
C SER W 243 84.33 -42.88 -8.32
N THR W 244 85.36 -42.56 -7.53
CA THR W 244 86.14 -41.35 -7.70
C THR W 244 87.61 -41.71 -7.78
N ARG W 245 88.33 -41.08 -8.71
CA ARG W 245 89.75 -41.33 -8.91
C ARG W 245 90.45 -40.00 -9.13
N THR W 246 91.77 -40.01 -8.90
CA THR W 246 92.61 -38.85 -9.17
C THR W 246 93.38 -39.13 -10.46
N TRP W 247 93.27 -38.23 -11.43
CA TRP W 247 93.88 -38.39 -12.73
C TRP W 247 94.95 -37.33 -12.97
N ALA W 248 95.90 -37.68 -13.85
CA ALA W 248 96.93 -36.77 -14.29
C ALA W 248 96.94 -36.74 -15.80
N LEU W 249 96.88 -35.54 -16.37
CA LEU W 249 96.81 -35.37 -17.82
C LEU W 249 98.02 -34.57 -18.30
N PRO W 250 98.95 -35.17 -19.01
CA PRO W 250 100.09 -34.41 -19.54
C PRO W 250 99.72 -33.70 -20.83
N THR W 251 100.72 -33.06 -21.43
CA THR W 251 100.57 -32.50 -22.77
C THR W 251 101.01 -33.54 -23.79
N TYR W 252 100.13 -33.87 -24.71
CA TYR W 252 100.37 -34.93 -25.67
C TYR W 252 100.74 -34.35 -27.03
N ASN W 253 101.78 -34.94 -27.64
CA ASN W 253 102.27 -34.56 -28.97
C ASN W 253 102.74 -33.12 -29.04
N ASN W 254 102.97 -32.48 -27.90
CA ASN W 254 103.33 -31.06 -27.84
C ASN W 254 102.29 -30.21 -28.56
N HIS W 255 101.02 -30.45 -28.22
CA HIS W 255 99.87 -29.73 -28.74
C HIS W 255 99.68 -29.88 -30.24
N LEU W 256 100.12 -31.00 -30.82
CA LEU W 256 100.11 -31.17 -32.26
C LEU W 256 99.30 -32.40 -32.67
N TYR W 257 98.82 -32.38 -33.91
CA TYR W 257 98.20 -33.59 -34.48
C TYR W 257 99.27 -34.14 -35.42
N LYS W 258 99.61 -35.41 -35.31
CA LYS W 258 100.65 -36.05 -36.08
C LYS W 258 100.06 -37.23 -36.83
N GLN W 259 100.31 -37.27 -38.15
CA GLN W 259 99.93 -38.43 -38.94
C GLN W 259 100.81 -39.62 -38.56
N ILE W 260 100.18 -40.75 -38.30
CA ILE W 260 100.89 -41.97 -37.92
C ILE W 260 100.53 -43.07 -38.90
N SER W 261 101.45 -44.02 -39.06
CA SER W 261 101.25 -45.14 -39.97
C SER W 261 102.17 -46.27 -39.54
N SER W 262 101.91 -47.45 -40.10
CA SER W 262 102.73 -48.61 -39.81
C SER W 262 104.15 -48.40 -40.34
N GLN W 263 105.09 -49.03 -39.66
CA GLN W 263 106.50 -48.87 -40.04
C GLN W 263 106.74 -49.54 -41.39
N SER W 264 107.68 -48.99 -42.15
CA SER W 264 108.05 -49.67 -43.42
C SER W 264 108.66 -51.02 -43.07
N GLY W 265 108.38 -52.04 -43.88
CA GLY W 265 108.83 -53.38 -43.67
C GLY W 265 107.89 -54.25 -42.86
N ALA W 266 106.81 -53.69 -42.33
CA ALA W 266 105.82 -54.47 -41.61
C ALA W 266 105.05 -55.37 -42.57
N SER W 267 104.49 -56.44 -42.03
CA SER W 267 103.68 -57.34 -42.84
C SER W 267 102.39 -56.64 -43.25
N ASN W 268 101.74 -57.20 -44.28
CA ASN W 268 100.50 -56.61 -44.76
C ASN W 268 99.41 -56.66 -43.71
N ASP W 269 99.39 -57.69 -42.87
CA ASP W 269 98.37 -57.79 -41.82
C ASP W 269 98.54 -56.69 -40.77
N ASN W 270 99.77 -56.19 -40.60
CA ASN W 270 100.06 -55.19 -39.58
C ASN W 270 100.09 -53.77 -40.12
N HIS W 271 99.77 -53.56 -41.39
CA HIS W 271 99.77 -52.23 -41.96
C HIS W 271 98.57 -51.43 -41.47
N TYR W 272 98.81 -50.14 -41.20
CA TYR W 272 97.74 -49.26 -40.73
C TYR W 272 98.10 -47.81 -41.05
N PHE W 273 97.08 -46.96 -41.02
CA PHE W 273 97.23 -45.53 -41.19
C PHE W 273 96.23 -44.83 -40.28
N GLY W 274 96.65 -43.75 -39.67
CA GLY W 274 95.77 -43.04 -38.75
C GLY W 274 96.39 -41.73 -38.32
N TYR W 275 95.80 -41.15 -37.28
CA TYR W 275 96.25 -39.87 -36.74
C TYR W 275 96.33 -39.93 -35.23
N SER W 276 97.34 -39.26 -34.68
CA SER W 276 97.50 -39.13 -33.24
C SER W 276 97.11 -37.71 -32.83
N THR W 277 96.24 -37.60 -31.84
CA THR W 277 95.74 -36.31 -31.42
C THR W 277 96.37 -35.88 -30.09
N PRO W 278 96.44 -34.58 -29.83
CA PRO W 278 96.96 -34.11 -28.54
C PRO W 278 95.97 -34.27 -27.39
N TRP W 279 94.81 -34.86 -27.62
CA TRP W 279 93.79 -35.02 -26.60
C TRP W 279 93.96 -36.34 -25.86
N GLY W 280 93.40 -36.37 -24.66
CA GLY W 280 93.25 -37.60 -23.91
C GLY W 280 91.77 -37.94 -23.78
N TYR W 281 91.50 -39.13 -23.24
CA TYR W 281 90.13 -39.58 -23.06
C TYR W 281 90.00 -40.33 -21.75
N PHE W 282 88.82 -40.24 -21.15
CA PHE W 282 88.53 -40.93 -19.89
C PHE W 282 87.83 -42.23 -20.19
N ASP W 283 88.43 -43.34 -19.75
CA ASP W 283 87.92 -44.68 -20.00
C ASP W 283 87.53 -45.31 -18.68
N PHE W 284 86.27 -45.76 -18.59
CA PHE W 284 85.81 -46.56 -17.46
C PHE W 284 85.04 -47.78 -17.95
N ASN W 285 85.46 -48.35 -19.08
CA ASN W 285 84.80 -49.50 -19.68
C ASN W 285 85.36 -50.82 -19.15
N ARG W 286 85.43 -50.93 -17.83
CA ARG W 286 85.83 -52.17 -17.16
C ARG W 286 85.05 -52.25 -15.87
N PHE W 287 84.64 -53.46 -15.48
CA PHE W 287 83.75 -53.59 -14.29
C PHE W 287 84.48 -53.21 -12.99
N HIS W 288 85.79 -53.43 -12.92
CA HIS W 288 86.57 -53.14 -11.70
C HIS W 288 86.59 -51.64 -11.42
N CYS W 289 86.26 -50.81 -12.41
CA CYS W 289 86.23 -49.33 -12.26
C CYS W 289 85.01 -48.90 -11.44
N HIS W 290 84.03 -49.78 -11.29
CA HIS W 290 82.80 -49.45 -10.57
C HIS W 290 82.47 -50.41 -9.45
N PHE W 291 82.84 -51.68 -9.57
CA PHE W 291 82.51 -52.69 -8.58
C PHE W 291 83.75 -53.07 -7.78
N SER W 292 83.63 -53.04 -6.45
CA SER W 292 84.63 -53.64 -5.60
C SER W 292 84.49 -55.16 -5.67
N PRO W 293 85.53 -55.90 -5.29
CA PRO W 293 85.40 -57.37 -5.28
C PRO W 293 84.26 -57.87 -4.40
N ARG W 294 84.02 -57.23 -3.24
CA ARG W 294 82.86 -57.58 -2.43
C ARG W 294 81.56 -57.25 -3.16
N ASP W 295 81.53 -56.12 -3.86
CA ASP W 295 80.36 -55.78 -4.67
C ASP W 295 80.13 -56.81 -5.78
N TRP W 296 81.20 -57.25 -6.43
CA TRP W 296 81.08 -58.27 -7.46
C TRP W 296 80.56 -59.59 -6.87
N GLN W 297 81.07 -59.98 -5.70
CA GLN W 297 80.59 -61.20 -5.08
C GLN W 297 79.13 -61.10 -4.69
N ARG W 298 78.72 -59.93 -4.18
CA ARG W 298 77.30 -59.70 -3.88
C ARG W 298 76.45 -59.74 -5.13
N LEU W 299 76.97 -59.25 -6.26
CA LEU W 299 76.20 -59.24 -7.49
C LEU W 299 76.05 -60.65 -8.07
N ILE W 300 77.15 -61.42 -8.12
CA ILE W 300 77.13 -62.67 -8.87
C ILE W 300 76.57 -63.83 -8.07
N ASN W 301 76.55 -63.75 -6.75
CA ASN W 301 76.04 -64.84 -5.93
C ASN W 301 74.55 -64.76 -5.67
N ASN W 302 73.88 -63.70 -6.10
CA ASN W 302 72.50 -63.48 -5.75
C ASN W 302 71.60 -63.09 -6.91
N ASN W 303 72.14 -62.79 -8.08
CA ASN W 303 71.36 -62.28 -9.19
C ASN W 303 71.52 -63.18 -10.41
N TRP W 304 70.42 -63.36 -11.14
CA TRP W 304 70.42 -64.09 -12.39
C TRP W 304 70.76 -63.22 -13.59
N GLY W 305 70.88 -61.91 -13.40
CA GLY W 305 71.22 -61.03 -14.50
C GLY W 305 71.35 -59.59 -14.02
N PHE W 306 72.00 -58.78 -14.87
CA PHE W 306 72.15 -57.36 -14.59
C PHE W 306 72.42 -56.63 -15.90
N ARG W 307 72.15 -55.33 -15.89
CA ARG W 307 72.37 -54.49 -17.05
C ARG W 307 72.49 -53.04 -16.59
N PRO W 308 73.27 -52.22 -17.28
CA PRO W 308 73.35 -50.80 -16.92
C PRO W 308 72.12 -50.04 -17.36
N LYS W 309 71.78 -49.01 -16.58
CA LYS W 309 70.59 -48.20 -16.80
C LYS W 309 70.91 -46.76 -17.14
N ARG W 310 71.72 -46.09 -16.33
CA ARG W 310 72.11 -44.72 -16.58
C ARG W 310 73.42 -44.44 -15.86
N LEU W 311 74.12 -43.39 -16.29
CA LEU W 311 75.38 -43.02 -15.68
C LEU W 311 75.46 -41.52 -15.51
N ASN W 312 76.28 -41.09 -14.55
CA ASN W 312 76.56 -39.65 -14.30
C ASN W 312 78.07 -39.51 -14.22
N PHE W 313 78.64 -38.48 -14.84
CA PHE W 313 80.06 -38.25 -14.94
C PHE W 313 80.38 -36.84 -14.45
N LYS W 314 81.50 -36.74 -13.73
CA LYS W 314 81.91 -35.42 -13.23
C LYS W 314 83.42 -35.22 -13.19
N LEU W 315 83.90 -34.07 -13.64
CA LEU W 315 85.29 -33.65 -13.48
C LEU W 315 85.31 -32.42 -12.59
N PHE W 316 86.19 -32.41 -11.59
CA PHE W 316 86.19 -31.34 -10.61
C PHE W 316 87.56 -31.25 -9.98
N ASN W 317 87.75 -30.19 -9.18
CA ASN W 317 89.01 -29.92 -8.49
C ASN W 317 90.19 -29.93 -9.46
N ILE W 318 90.01 -29.22 -10.57
CA ILE W 318 90.99 -29.22 -11.65
C ILE W 318 92.12 -28.25 -11.30
N GLN W 319 93.35 -28.76 -11.33
CA GLN W 319 94.54 -27.97 -11.06
C GLN W 319 95.47 -28.06 -12.26
N VAL W 320 95.88 -26.92 -12.78
CA VAL W 320 96.85 -26.86 -13.86
C VAL W 320 98.21 -26.48 -13.26
N LYS W 321 99.20 -27.33 -13.46
CA LYS W 321 100.53 -27.13 -12.92
C LYS W 321 101.50 -26.81 -14.04
N GLU W 322 102.27 -25.73 -13.87
CA GLU W 322 103.30 -25.34 -14.82
C GLU W 322 104.64 -25.91 -14.37
N VAL W 323 105.32 -26.59 -15.29
CA VAL W 323 106.60 -27.24 -15.02
C VAL W 323 107.70 -26.47 -15.73
N THR W 324 108.74 -26.12 -14.99
CA THR W 324 109.91 -25.45 -15.55
C THR W 324 111.17 -26.21 -15.16
N GLN W 325 112.19 -26.10 -15.99
CA GLN W 325 113.45 -26.81 -15.77
C GLN W 325 114.59 -25.84 -16.04
N ASN W 326 115.26 -25.38 -14.98
CA ASN W 326 116.35 -24.42 -15.10
C ASN W 326 117.57 -24.98 -14.40
N ASP W 327 118.67 -25.13 -15.16
CA ASP W 327 119.94 -25.62 -14.64
C ASP W 327 119.78 -26.98 -13.96
N GLY W 328 118.98 -27.86 -14.56
CA GLY W 328 118.80 -29.20 -14.05
C GLY W 328 117.84 -29.35 -12.89
N THR W 329 117.09 -28.31 -12.55
CA THR W 329 116.16 -28.33 -11.44
C THR W 329 114.72 -28.30 -11.98
N THR W 330 113.91 -29.23 -11.51
CA THR W 330 112.50 -29.30 -11.90
C THR W 330 111.66 -28.59 -10.85
N THR W 331 111.00 -27.49 -11.25
CA THR W 331 110.18 -26.70 -10.36
C THR W 331 108.75 -26.72 -10.88
N ILE W 332 107.80 -27.04 -9.99
CA ILE W 332 106.39 -27.13 -10.33
C ILE W 332 105.64 -26.07 -9.53
N ALA W 333 104.86 -25.25 -10.23
CA ALA W 333 104.09 -24.19 -9.61
C ALA W 333 102.68 -24.19 -10.18
N ASN W 334 101.74 -23.64 -9.42
CA ASN W 334 100.36 -23.56 -9.87
C ASN W 334 100.20 -22.56 -11.00
N ASN W 335 99.26 -22.85 -11.90
CA ASN W 335 98.85 -21.94 -12.95
C ASN W 335 97.34 -21.77 -12.81
N LEU W 336 96.92 -20.71 -12.11
CA LEU W 336 95.51 -20.54 -11.79
C LEU W 336 94.69 -19.98 -12.94
N THR W 337 95.33 -19.53 -14.02
CA THR W 337 94.62 -18.96 -15.15
C THR W 337 94.54 -19.88 -16.36
N SER W 338 95.22 -21.02 -16.33
CA SER W 338 95.16 -21.95 -17.44
C SER W 338 93.87 -22.78 -17.38
N THR W 339 93.47 -23.28 -18.54
CA THR W 339 92.23 -24.04 -18.68
C THR W 339 92.52 -25.44 -19.21
N VAL W 340 91.51 -26.30 -19.09
CA VAL W 340 91.49 -27.60 -19.75
C VAL W 340 90.19 -27.70 -20.54
N GLN W 341 90.28 -28.19 -21.77
CA GLN W 341 89.14 -28.32 -22.65
C GLN W 341 88.54 -29.71 -22.52
N VAL W 342 87.25 -29.78 -22.23
CA VAL W 342 86.53 -31.05 -22.06
C VAL W 342 85.27 -31.01 -22.92
N PHE W 343 85.05 -32.08 -23.69
CA PHE W 343 83.79 -32.24 -24.40
C PHE W 343 83.49 -33.72 -24.55
N THR W 344 82.21 -34.03 -24.64
CA THR W 344 81.73 -35.39 -24.86
C THR W 344 81.24 -35.53 -26.29
N ASP W 345 81.66 -36.62 -26.95
CA ASP W 345 81.25 -36.90 -28.32
C ASP W 345 79.88 -37.57 -28.32
N SER W 346 78.85 -36.80 -27.99
CA SER W 346 77.48 -37.36 -27.82
C SER W 346 76.82 -37.63 -29.17
N GLU W 347 77.34 -37.04 -30.25
CA GLU W 347 76.80 -37.34 -31.57
C GLU W 347 77.57 -38.45 -32.28
N TYR W 348 78.60 -39.00 -31.64
CA TYR W 348 79.38 -40.11 -32.19
C TYR W 348 79.95 -39.77 -33.56
N GLN W 349 80.50 -38.57 -33.69
CA GLN W 349 81.13 -38.12 -34.92
C GLN W 349 82.61 -38.45 -34.99
N LEU W 350 83.19 -38.95 -33.92
CA LEU W 350 84.60 -39.33 -33.86
C LEU W 350 84.73 -40.86 -33.84
N PRO W 351 85.85 -41.38 -34.32
CA PRO W 351 86.06 -42.83 -34.25
C PRO W 351 86.05 -43.32 -32.80
N TYR W 352 85.21 -44.31 -32.54
CA TYR W 352 84.99 -44.82 -31.19
C TYR W 352 86.08 -45.81 -30.85
N VAL W 353 87.07 -45.37 -30.06
CA VAL W 353 88.18 -46.23 -29.68
C VAL W 353 87.95 -46.93 -28.35
N LEU W 354 86.91 -46.56 -27.61
CA LEU W 354 86.51 -47.36 -26.46
C LEU W 354 85.95 -48.69 -26.91
N GLY W 355 86.05 -49.69 -26.05
CA GLY W 355 85.60 -51.02 -26.41
C GLY W 355 86.59 -51.86 -27.17
N SER W 356 87.86 -51.42 -27.26
CA SER W 356 88.92 -52.22 -27.86
C SER W 356 89.86 -52.81 -26.82
N ALA W 357 89.42 -52.86 -25.56
CA ALA W 357 90.20 -53.43 -24.45
C ALA W 357 91.55 -52.76 -24.30
N HIS W 358 91.53 -51.42 -24.26
CA HIS W 358 92.75 -50.63 -24.15
C HIS W 358 93.04 -50.29 -22.69
N GLN W 359 94.34 -50.16 -22.40
CA GLN W 359 94.79 -49.75 -21.08
C GLN W 359 94.53 -48.26 -20.86
N GLY W 360 94.59 -47.84 -19.60
CA GLY W 360 94.33 -46.46 -19.25
C GLY W 360 93.01 -46.20 -18.58
N CYS W 361 92.31 -47.24 -18.12
CA CYS W 361 91.03 -47.08 -17.46
C CYS W 361 91.21 -46.53 -16.06
N LEU W 362 90.09 -46.34 -15.38
CA LEU W 362 90.12 -46.00 -13.96
C LEU W 362 90.66 -47.19 -13.18
N PRO W 363 91.68 -47.00 -12.33
CA PRO W 363 92.27 -48.14 -11.65
C PRO W 363 91.27 -48.80 -10.73
N PRO W 364 91.35 -50.14 -10.57
CA PRO W 364 90.39 -50.82 -9.70
C PRO W 364 90.44 -50.37 -8.26
N PHE W 365 91.61 -50.03 -7.75
CA PHE W 365 91.74 -49.56 -6.37
C PHE W 365 91.49 -48.06 -6.30
N PRO W 366 90.56 -47.61 -5.47
CA PRO W 366 90.21 -46.18 -5.46
C PRO W 366 91.34 -45.26 -5.05
N ALA W 367 92.39 -45.78 -4.40
CA ALA W 367 93.49 -44.95 -3.94
C ALA W 367 94.58 -44.75 -4.99
N ASP W 368 94.48 -45.39 -6.15
CA ASP W 368 95.49 -45.29 -7.18
C ASP W 368 95.26 -44.07 -8.07
N VAL W 369 96.35 -43.43 -8.48
CA VAL W 369 96.32 -42.29 -9.38
C VAL W 369 96.75 -42.77 -10.76
N PHE W 370 96.00 -42.38 -11.79
CA PHE W 370 96.21 -42.89 -13.14
C PHE W 370 96.42 -41.76 -14.13
N MET W 371 97.18 -42.05 -15.17
CA MET W 371 97.41 -41.13 -16.27
C MET W 371 96.29 -41.28 -17.31
N VAL W 372 95.87 -40.16 -17.88
CA VAL W 372 94.83 -40.16 -18.90
C VAL W 372 95.43 -40.62 -20.23
N PRO W 373 94.88 -41.67 -20.84
CA PRO W 373 95.48 -42.18 -22.09
C PRO W 373 95.30 -41.22 -23.24
N GLN W 374 96.25 -41.25 -24.17
CA GLN W 374 96.21 -40.39 -25.34
C GLN W 374 95.22 -40.92 -26.38
N TYR W 375 94.43 -40.03 -26.93
CA TYR W 375 93.43 -40.41 -27.93
C TYR W 375 94.06 -40.48 -29.31
N GLY W 376 93.70 -41.53 -30.05
CA GLY W 376 94.17 -41.70 -31.41
C GLY W 376 93.25 -42.65 -32.14
N TYR W 377 93.20 -42.50 -33.46
CA TYR W 377 92.28 -43.29 -34.27
C TYR W 377 92.98 -43.73 -35.55
N LEU W 378 92.44 -44.78 -36.16
CA LEU W 378 92.91 -45.28 -37.44
C LEU W 378 91.83 -45.08 -38.50
N THR W 379 92.29 -44.85 -39.73
CA THR W 379 91.37 -44.70 -40.85
C THR W 379 91.80 -45.66 -41.96
N LEU W 380 91.18 -45.55 -43.12
CA LEU W 380 91.46 -46.46 -44.25
C LEU W 380 92.93 -46.35 -44.66
N ASN W 381 93.55 -47.48 -45.01
CA ASN W 381 94.96 -47.47 -45.45
C ASN W 381 95.16 -48.44 -46.61
N ASN W 382 95.97 -48.07 -47.59
CA ASN W 382 96.37 -49.02 -48.65
C ASN W 382 97.84 -49.29 -48.33
N GLY W 383 98.11 -50.23 -47.42
CA GLY W 383 99.50 -50.43 -46.97
C GLY W 383 99.81 -49.40 -45.90
N SER W 384 101.00 -48.79 -45.93
CA SER W 384 101.31 -47.72 -44.99
C SER W 384 100.77 -46.37 -45.43
N GLN W 385 100.23 -46.27 -46.64
CA GLN W 385 99.70 -45.03 -47.17
C GLN W 385 98.20 -44.92 -46.91
N ALA W 386 97.64 -43.78 -47.27
CA ALA W 386 96.22 -43.51 -47.14
C ALA W 386 95.55 -43.52 -48.51
N VAL W 387 94.22 -43.53 -48.49
CA VAL W 387 93.42 -43.44 -49.70
C VAL W 387 92.56 -42.17 -49.62
N GLY W 388 91.86 -41.89 -50.72
CA GLY W 388 91.04 -40.70 -50.77
C GLY W 388 89.87 -40.73 -49.80
N ARG W 389 89.43 -41.92 -49.43
CA ARG W 389 88.32 -42.07 -48.50
C ARG W 389 88.74 -41.94 -47.04
N SER W 390 90.03 -41.89 -46.75
CA SER W 390 90.50 -41.74 -45.38
C SER W 390 90.02 -40.41 -44.80
N SER W 391 89.59 -40.45 -43.54
CA SER W 391 89.01 -39.29 -42.87
C SER W 391 89.98 -38.75 -41.83
N PHE W 392 90.06 -37.41 -41.76
CA PHE W 392 90.83 -36.72 -40.76
C PHE W 392 89.88 -35.94 -39.86
N TYR W 393 90.13 -35.99 -38.55
CA TYR W 393 89.27 -35.34 -37.57
C TYR W 393 90.10 -34.42 -36.70
N CYS W 394 89.72 -33.15 -36.64
CA CYS W 394 90.28 -32.19 -35.70
C CYS W 394 89.32 -32.04 -34.54
N LEU W 395 89.80 -32.38 -33.33
CA LEU W 395 88.96 -32.35 -32.15
C LEU W 395 88.72 -30.94 -31.63
N GLU W 396 89.48 -29.95 -32.10
CA GLU W 396 89.20 -28.56 -31.78
C GLU W 396 88.08 -28.00 -32.63
N TYR W 397 87.56 -28.78 -33.59
CA TYR W 397 86.43 -28.36 -34.46
C TYR W 397 85.11 -28.72 -33.77
N PHE W 398 85.19 -29.25 -32.55
CA PHE W 398 84.05 -29.55 -31.70
C PHE W 398 83.90 -28.47 -30.64
N PRO W 399 82.67 -28.14 -30.25
CA PRO W 399 82.49 -27.24 -29.09
C PRO W 399 82.91 -27.93 -27.81
N SER W 400 83.81 -27.30 -27.07
CA SER W 400 84.32 -27.86 -25.83
C SER W 400 84.17 -26.83 -24.71
N GLN W 401 84.12 -27.32 -23.48
CA GLN W 401 83.98 -26.49 -22.30
C GLN W 401 85.35 -26.25 -21.69
N MET W 402 85.68 -24.98 -21.45
CA MET W 402 86.97 -24.60 -20.90
C MET W 402 86.84 -24.44 -19.38
N LEU W 403 87.72 -25.11 -18.65
CA LEU W 403 87.62 -25.17 -17.19
C LEU W 403 88.91 -24.66 -16.57
N ARG W 404 88.80 -23.59 -15.78
CA ARG W 404 89.90 -23.13 -14.95
C ARG W 404 89.87 -23.86 -13.61
N THR W 405 90.79 -23.52 -12.72
CA THR W 405 90.73 -24.07 -11.34
C THR W 405 89.51 -23.45 -10.68
N GLY W 406 88.57 -24.27 -10.27
CA GLY W 406 87.30 -23.82 -9.72
C GLY W 406 86.10 -24.11 -10.59
N ASN W 407 86.31 -24.53 -11.83
CA ASN W 407 85.22 -24.95 -12.71
C ASN W 407 85.11 -26.47 -12.70
N ASN W 408 83.90 -26.96 -12.92
CA ASN W 408 83.65 -28.39 -12.98
C ASN W 408 82.87 -28.73 -14.24
N PHE W 409 82.95 -29.99 -14.64
CA PHE W 409 82.26 -30.50 -15.81
C PHE W 409 81.37 -31.67 -15.37
N THR W 410 80.20 -31.78 -16.00
CA THR W 410 79.30 -32.89 -15.69
C THR W 410 78.42 -33.18 -16.89
N PHE W 411 77.98 -34.43 -16.98
CA PHE W 411 76.99 -34.81 -17.98
C PHE W 411 76.35 -36.13 -17.55
N SER W 412 75.12 -36.34 -18.00
CA SER W 412 74.36 -37.54 -17.69
C SER W 412 74.02 -38.29 -18.96
N TYR W 413 74.03 -39.61 -18.87
CA TYR W 413 73.77 -40.48 -20.01
C TYR W 413 72.81 -41.58 -19.58
N THR W 414 71.92 -41.97 -20.49
CA THR W 414 70.98 -43.05 -20.24
C THR W 414 71.28 -44.18 -21.21
N PHE W 415 71.51 -45.38 -20.66
CA PHE W 415 71.74 -46.55 -21.49
C PHE W 415 70.46 -46.93 -22.23
N GLU W 416 70.63 -47.42 -23.46
CA GLU W 416 69.50 -47.98 -24.18
C GLU W 416 69.11 -49.32 -23.57
N ASP W 417 67.92 -49.79 -23.95
CA ASP W 417 67.44 -51.08 -23.46
C ASP W 417 68.30 -52.20 -24.01
N VAL W 418 68.87 -53.00 -23.13
CA VAL W 418 69.73 -54.11 -23.53
C VAL W 418 69.34 -55.35 -22.73
N PRO W 419 69.59 -56.54 -23.26
CA PRO W 419 69.27 -57.75 -22.51
C PRO W 419 70.11 -57.86 -21.24
N PHE W 420 69.51 -58.47 -20.21
CA PHE W 420 70.26 -58.77 -19.01
C PHE W 420 71.39 -59.75 -19.33
N HIS W 421 72.56 -59.51 -18.75
CA HIS W 421 73.65 -60.47 -18.88
C HIS W 421 73.27 -61.76 -18.17
N SER W 422 73.54 -62.88 -18.85
CA SER W 422 73.22 -64.22 -18.28
C SER W 422 74.24 -64.58 -17.20
N SER W 423 74.05 -64.06 -15.98
CA SER W 423 74.95 -64.36 -14.87
C SER W 423 74.53 -65.66 -14.17
N TYR W 424 74.39 -66.71 -14.96
CA TYR W 424 74.01 -68.02 -14.46
C TYR W 424 74.61 -69.09 -15.36
N ALA W 425 74.70 -70.30 -14.84
CA ALA W 425 75.09 -71.47 -15.60
C ALA W 425 73.90 -72.43 -15.67
N HIS W 426 73.65 -72.97 -16.85
CA HIS W 426 72.54 -73.90 -17.00
C HIS W 426 72.80 -75.19 -16.25
N SER W 427 71.82 -75.64 -15.48
CA SER W 427 71.90 -76.91 -14.77
C SER W 427 71.40 -78.07 -15.62
N GLN W 428 71.00 -77.82 -16.86
CA GLN W 428 70.62 -78.85 -17.80
C GLN W 428 71.45 -78.70 -19.07
N SER W 429 71.70 -79.83 -19.73
CA SER W 429 72.38 -79.83 -21.01
C SER W 429 71.34 -79.86 -22.13
N LEU W 430 71.70 -79.27 -23.27
CA LEU W 430 70.77 -79.19 -24.39
C LEU W 430 70.43 -80.56 -24.96
N ASP W 431 71.28 -81.57 -24.72
CA ASP W 431 71.04 -82.94 -25.26
C ASP W 431 70.42 -83.83 -24.18
N ARG W 432 70.09 -83.26 -23.02
CA ARG W 432 69.51 -84.01 -21.91
C ARG W 432 68.28 -83.30 -21.36
N LEU W 433 67.40 -82.86 -22.26
CA LEU W 433 66.20 -82.11 -21.89
C LEU W 433 64.95 -82.98 -21.81
N MET W 434 65.09 -84.29 -21.94
CA MET W 434 63.95 -85.19 -22.03
C MET W 434 63.60 -85.78 -20.68
N ASN W 435 62.54 -86.58 -20.66
CA ASN W 435 62.15 -87.36 -19.49
C ASN W 435 62.78 -88.73 -19.62
N PRO W 436 63.72 -89.11 -18.75
CA PRO W 436 64.41 -90.41 -18.91
C PRO W 436 63.53 -91.60 -18.63
N LEU W 437 62.34 -91.41 -18.06
CA LEU W 437 61.48 -92.52 -17.68
C LEU W 437 60.54 -92.96 -18.79
N ILE W 438 60.21 -92.08 -19.72
CA ILE W 438 59.21 -92.33 -20.74
C ILE W 438 59.89 -92.39 -22.10
N ASP W 439 59.53 -93.41 -22.89
CA ASP W 439 60.04 -93.50 -24.25
C ASP W 439 59.36 -92.47 -25.14
N GLN W 440 60.03 -92.15 -26.25
CA GLN W 440 59.44 -91.29 -27.26
C GLN W 440 58.51 -92.10 -28.16
N TYR W 441 57.49 -91.44 -28.69
CA TYR W 441 56.63 -92.07 -29.67
C TYR W 441 57.20 -92.01 -31.08
N LEU W 442 58.22 -91.20 -31.30
CA LEU W 442 58.85 -91.11 -32.61
C LEU W 442 59.87 -92.23 -32.78
N TYR W 443 60.07 -92.64 -34.02
CA TYR W 443 60.98 -93.70 -34.38
C TYR W 443 62.22 -93.14 -35.07
N TYR W 444 63.34 -93.83 -34.90
CA TYR W 444 64.57 -93.50 -35.59
C TYR W 444 65.15 -94.77 -36.20
N LEU W 445 65.88 -94.60 -37.30
CA LEU W 445 66.54 -95.72 -37.95
C LEU W 445 67.65 -96.25 -37.04
N SER W 446 67.43 -97.43 -36.46
CA SER W 446 68.37 -97.99 -35.51
C SER W 446 69.28 -99.05 -36.12
N ARG W 447 68.76 -99.78 -37.11
CA ARG W 447 69.59 -100.80 -37.79
C ARG W 447 69.47 -100.66 -39.30
N THR W 448 70.54 -101.01 -40.00
CA THR W 448 70.56 -100.95 -41.45
C THR W 448 70.75 -102.31 -42.12
N ASN W 449 70.98 -103.36 -41.35
CA ASN W 449 71.10 -104.71 -41.91
C ASN W 449 70.73 -105.72 -40.84
N THR W 450 70.51 -106.95 -41.28
CA THR W 450 70.21 -108.06 -40.39
C THR W 450 71.02 -109.29 -40.79
N PRO W 451 71.34 -110.21 -39.85
CA PRO W 451 72.04 -111.43 -40.22
C PRO W 451 71.19 -112.22 -41.23
N SER W 452 71.76 -112.54 -42.39
CA SER W 452 71.05 -113.37 -43.38
C SER W 452 71.94 -114.55 -43.76
N GLY W 453 71.48 -115.78 -43.52
CA GLY W 453 72.35 -116.95 -43.76
C GLY W 453 73.61 -116.85 -42.93
N THR W 454 74.78 -116.94 -43.58
CA THR W 454 76.07 -116.79 -42.87
C THR W 454 76.69 -115.45 -43.28
N THR W 455 75.96 -114.66 -44.08
CA THR W 455 76.44 -113.31 -44.48
C THR W 455 75.51 -112.26 -43.86
N THR W 456 75.41 -111.09 -44.48
CA THR W 456 74.47 -110.05 -43.99
C THR W 456 73.56 -109.60 -45.12
N GLN W 457 72.37 -109.11 -44.78
CA GLN W 457 71.44 -108.62 -45.80
C GLN W 457 70.92 -107.25 -45.37
N SER W 458 70.80 -106.34 -46.34
CA SER W 458 70.32 -104.99 -46.05
C SER W 458 68.86 -105.02 -45.61
N ARG W 459 68.57 -104.38 -44.49
CA ARG W 459 67.22 -104.36 -43.94
C ARG W 459 67.11 -103.21 -42.97
N LEU W 460 66.18 -102.29 -43.22
CA LEU W 460 66.01 -101.13 -42.36
C LEU W 460 65.09 -101.48 -41.19
N GLN W 461 65.50 -101.07 -39.98
CA GLN W 461 64.69 -101.24 -38.78
C GLN W 461 64.68 -99.94 -38.00
N PHE W 462 63.60 -99.75 -37.24
CA PHE W 462 63.37 -98.51 -36.50
C PHE W 462 63.02 -98.83 -35.06
N SER W 463 63.44 -97.94 -34.16
CA SER W 463 63.20 -98.11 -32.74
C SER W 463 62.74 -96.80 -32.14
N GLN W 464 62.05 -96.89 -31.01
CA GLN W 464 61.67 -95.73 -30.23
C GLN W 464 62.77 -95.47 -29.19
N ALA W 465 63.20 -94.22 -29.09
CA ALA W 465 64.33 -93.87 -28.25
C ALA W 465 63.88 -93.69 -26.80
N GLY W 466 64.67 -94.22 -25.88
CA GLY W 466 64.45 -94.09 -24.45
C GLY W 466 65.73 -93.66 -23.76
N ALA W 467 65.91 -94.16 -22.54
CA ALA W 467 67.09 -93.80 -21.76
C ALA W 467 68.34 -94.56 -22.21
N SER W 468 68.18 -95.82 -22.62
CA SER W 468 69.34 -96.63 -22.98
C SER W 468 70.00 -96.15 -24.26
N ASP W 469 69.21 -95.63 -25.21
CA ASP W 469 69.72 -95.07 -26.45
C ASP W 469 69.41 -93.59 -26.50
N ILE W 470 69.67 -92.90 -25.39
CA ILE W 470 69.31 -91.50 -25.21
C ILE W 470 69.94 -90.59 -26.26
N ARG W 471 71.04 -91.01 -26.89
CA ARG W 471 71.69 -90.18 -27.89
C ARG W 471 70.90 -90.09 -29.18
N ASP W 472 69.96 -91.00 -29.42
CA ASP W 472 69.20 -91.05 -30.66
C ASP W 472 67.84 -90.37 -30.55
N GLN W 473 67.54 -89.73 -29.42
CA GLN W 473 66.23 -89.13 -29.22
C GLN W 473 66.04 -87.94 -30.15
N SER W 474 64.82 -87.80 -30.67
CA SER W 474 64.47 -86.65 -31.49
C SER W 474 64.43 -85.40 -30.63
N ARG W 475 65.01 -84.32 -31.14
CA ARG W 475 65.17 -83.09 -30.37
C ARG W 475 64.71 -81.90 -31.19
N ASN W 476 64.40 -80.81 -30.49
CA ASN W 476 63.85 -79.62 -31.11
C ASN W 476 64.89 -78.53 -31.35
N TRP W 477 66.07 -78.63 -30.75
CA TRP W 477 67.04 -77.55 -30.76
C TRP W 477 68.43 -78.07 -31.10
N LEU W 478 69.33 -77.15 -31.43
CA LEU W 478 70.69 -77.44 -31.83
C LEU W 478 71.66 -76.56 -31.04
N PRO W 479 72.89 -77.03 -30.85
CA PRO W 479 73.90 -76.18 -30.19
C PRO W 479 74.29 -75.01 -31.07
N GLY W 480 74.76 -73.94 -30.41
CA GLY W 480 75.08 -72.70 -31.08
C GLY W 480 76.19 -72.81 -32.11
N PRO W 481 76.46 -71.72 -32.81
CA PRO W 481 77.44 -71.76 -33.90
C PRO W 481 78.87 -71.92 -33.38
N CYS W 482 79.71 -72.37 -34.30
CA CYS W 482 81.09 -72.74 -33.96
C CYS W 482 82.10 -72.17 -34.95
N TYR W 483 83.31 -71.85 -34.50
CA TYR W 483 84.41 -71.46 -35.38
C TYR W 483 85.67 -72.03 -34.74
N ARG W 484 86.09 -73.21 -35.20
CA ARG W 484 86.99 -74.06 -34.43
C ARG W 484 88.32 -73.37 -34.13
N GLN W 485 88.80 -73.57 -32.91
CA GLN W 485 90.07 -73.05 -32.44
C GLN W 485 91.04 -74.20 -32.18
N GLN W 486 92.33 -73.91 -32.31
CA GLN W 486 93.33 -74.91 -31.96
C GLN W 486 93.41 -75.09 -30.46
N ARG W 487 93.66 -76.32 -30.03
CA ARG W 487 93.72 -76.66 -28.61
C ARG W 487 95.16 -76.60 -28.12
N VAL W 488 95.34 -75.85 -27.03
CA VAL W 488 96.67 -75.71 -26.37
C VAL W 488 96.49 -76.17 -24.93
N SER W 489 97.54 -76.67 -24.29
CA SER W 489 97.50 -77.17 -22.93
C SER W 489 98.31 -76.28 -22.01
N LYS W 490 97.82 -76.12 -20.78
CA LYS W 490 98.54 -75.30 -19.77
C LYS W 490 99.82 -76.06 -19.36
N THR W 491 99.81 -77.39 -19.45
CA THR W 491 101.05 -78.19 -19.21
C THR W 491 101.90 -78.04 -20.47
N SER W 492 103.07 -77.41 -20.36
CA SER W 492 103.89 -77.10 -21.56
C SER W 492 104.29 -78.35 -22.35
N ALA W 493 104.75 -79.41 -21.68
CA ALA W 493 105.24 -80.58 -22.39
C ALA W 493 104.17 -81.16 -23.32
N ASP W 494 102.89 -80.95 -23.01
CA ASP W 494 101.81 -81.51 -23.80
C ASP W 494 101.65 -80.84 -25.17
N ASN W 495 102.29 -79.69 -25.39
CA ASN W 495 102.12 -78.94 -26.61
C ASN W 495 103.16 -79.36 -27.64
N ASN W 496 102.85 -79.11 -28.92
CA ASN W 496 103.76 -79.43 -30.00
C ASN W 496 104.98 -78.53 -29.93
N ASN W 497 106.15 -79.11 -30.21
CA ASN W 497 107.43 -78.39 -30.16
C ASN W 497 107.65 -77.68 -31.48
N SER W 498 106.87 -76.62 -31.70
CA SER W 498 106.96 -75.82 -32.90
C SER W 498 106.34 -74.46 -32.63
N GLU W 499 106.56 -73.53 -33.58
CA GLU W 499 105.96 -72.18 -33.48
C GLU W 499 104.67 -72.21 -34.30
N TYR W 500 103.53 -72.29 -33.63
CA TYR W 500 102.23 -72.39 -34.29
C TYR W 500 101.24 -71.34 -33.79
N SER W 501 101.75 -70.23 -33.22
CA SER W 501 100.85 -69.19 -32.72
C SER W 501 100.13 -68.46 -33.85
N TRP W 502 100.63 -68.55 -35.08
CA TRP W 502 99.98 -67.94 -36.22
C TRP W 502 99.60 -68.93 -37.31
N THR W 503 100.46 -69.92 -37.58
CA THR W 503 100.13 -70.92 -38.59
C THR W 503 98.91 -71.73 -38.21
N GLY W 504 98.82 -72.13 -36.94
CA GLY W 504 97.68 -72.85 -36.42
C GLY W 504 96.59 -71.97 -35.84
N ALA W 505 96.71 -70.65 -35.99
CA ALA W 505 95.75 -69.72 -35.42
C ALA W 505 94.47 -69.66 -36.25
N THR W 506 93.37 -69.32 -35.57
CA THR W 506 92.09 -69.11 -36.23
C THR W 506 91.98 -67.67 -36.68
N LYS W 507 91.74 -67.46 -37.97
CA LYS W 507 91.84 -66.14 -38.58
C LYS W 507 90.63 -65.87 -39.45
N TYR W 508 90.35 -64.58 -39.66
CA TYR W 508 89.40 -64.14 -40.66
C TYR W 508 90.11 -63.23 -41.66
N HIS W 509 89.71 -63.32 -42.91
CA HIS W 509 90.36 -62.63 -44.02
C HIS W 509 89.51 -61.44 -44.42
N LEU W 510 90.10 -60.25 -44.43
CA LEU W 510 89.38 -59.02 -44.74
C LEU W 510 90.30 -58.10 -45.55
N ASN W 511 89.93 -57.84 -46.81
CA ASN W 511 90.66 -56.94 -47.69
C ASN W 511 92.12 -57.38 -47.84
N GLY W 512 92.34 -58.69 -47.95
CA GLY W 512 93.67 -59.22 -48.14
C GLY W 512 94.53 -59.30 -46.89
N ARG W 513 93.98 -58.93 -45.75
CA ARG W 513 94.77 -59.06 -44.49
C ARG W 513 94.13 -60.04 -43.51
N ASP W 514 94.94 -60.90 -42.91
CA ASP W 514 94.49 -61.86 -41.91
C ASP W 514 94.52 -61.22 -40.53
N SER W 515 93.40 -61.30 -39.82
CA SER W 515 93.30 -60.83 -38.45
C SER W 515 93.03 -62.02 -37.54
N LEU W 516 93.65 -62.01 -36.36
CA LEU W 516 93.42 -63.08 -35.40
C LEU W 516 91.98 -63.02 -34.89
N VAL W 517 91.34 -64.17 -34.80
CA VAL W 517 90.02 -64.29 -34.22
C VAL W 517 90.21 -64.48 -32.72
N ASN W 518 89.97 -63.42 -31.96
CA ASN W 518 90.27 -63.41 -30.54
C ASN W 518 89.31 -62.47 -29.81
N PRO W 519 88.44 -62.99 -28.94
CA PRO W 519 88.26 -64.40 -28.57
C PRO W 519 87.29 -65.13 -29.50
N GLY W 520 86.63 -64.41 -30.40
CA GLY W 520 85.74 -65.02 -31.36
C GLY W 520 84.38 -65.37 -30.79
N PRO W 521 83.63 -66.22 -31.51
CA PRO W 521 82.30 -66.62 -31.03
C PRO W 521 82.39 -67.35 -29.70
N ALA W 522 81.37 -67.15 -28.88
CA ALA W 522 81.35 -67.74 -27.54
C ALA W 522 81.24 -69.26 -27.62
N MET W 523 82.28 -69.94 -27.14
CA MET W 523 82.33 -71.40 -27.17
C MET W 523 82.96 -71.89 -25.88
N ALA W 524 82.62 -73.12 -25.51
CA ALA W 524 83.17 -73.71 -24.29
C ALA W 524 84.67 -73.92 -24.42
N SER W 525 85.40 -73.59 -23.34
CA SER W 525 86.85 -73.74 -23.37
C SER W 525 87.27 -75.20 -23.48
N HIS W 526 86.55 -76.09 -22.80
CA HIS W 526 86.91 -77.49 -22.78
C HIS W 526 85.71 -78.32 -22.39
N LYS W 527 85.81 -79.62 -22.62
CA LYS W 527 84.76 -80.56 -22.25
C LYS W 527 85.02 -81.05 -20.82
N ASP W 528 84.28 -82.09 -20.40
CA ASP W 528 84.44 -82.61 -19.05
C ASP W 528 85.85 -83.13 -18.82
N ASP W 529 86.38 -82.82 -17.63
CA ASP W 529 87.66 -83.36 -17.16
C ASP W 529 88.81 -83.02 -18.12
N GLU W 530 88.78 -81.82 -18.69
CA GLU W 530 89.85 -81.35 -19.57
C GLU W 530 90.16 -79.89 -19.27
N GLU W 531 90.21 -79.54 -17.99
CA GLU W 531 90.40 -78.15 -17.58
C GLU W 531 91.77 -77.60 -17.98
N LYS W 532 92.73 -78.47 -18.27
CA LYS W 532 94.05 -78.00 -18.69
C LYS W 532 94.08 -77.49 -20.11
N PHE W 533 93.04 -77.76 -20.90
CA PHE W 533 92.98 -77.37 -22.30
C PHE W 533 92.17 -76.10 -22.47
N PHE W 534 92.67 -75.18 -23.28
CA PHE W 534 91.96 -73.96 -23.62
C PHE W 534 92.19 -73.64 -25.09
N PRO W 535 91.25 -72.96 -25.72
CA PRO W 535 91.46 -72.56 -27.12
C PRO W 535 92.61 -71.59 -27.25
N GLN W 536 93.28 -71.66 -28.41
CA GLN W 536 94.50 -70.89 -28.61
C GLN W 536 94.25 -69.39 -28.53
N SER W 537 93.15 -68.93 -29.13
CA SER W 537 92.76 -67.52 -29.05
C SER W 537 91.27 -67.40 -28.82
N GLY W 538 90.71 -68.31 -28.03
CA GLY W 538 89.28 -68.34 -27.78
C GLY W 538 88.84 -67.92 -26.40
N VAL W 539 89.74 -67.48 -25.54
CA VAL W 539 89.40 -67.04 -24.20
C VAL W 539 90.11 -65.72 -23.91
N LEU W 540 89.53 -64.94 -23.00
CA LEU W 540 90.20 -63.75 -22.52
C LEU W 540 91.35 -64.14 -21.59
N ILE W 541 92.49 -63.47 -21.76
CA ILE W 541 93.67 -63.71 -20.95
C ILE W 541 94.03 -62.39 -20.27
N PHE W 542 93.94 -62.36 -18.95
CA PHE W 542 94.28 -61.19 -18.16
C PHE W 542 95.67 -61.35 -17.57
N GLY W 543 96.38 -60.22 -17.47
CA GLY W 543 97.71 -60.22 -16.89
C GLY W 543 97.66 -60.07 -15.37
N LYS W 544 98.53 -60.81 -14.69
CA LYS W 544 98.69 -60.63 -13.26
C LYS W 544 99.39 -59.30 -12.99
N GLN W 545 99.39 -58.90 -11.72
CA GLN W 545 100.03 -57.64 -11.35
C GLN W 545 101.52 -57.71 -11.62
N GLY W 546 102.04 -56.67 -12.27
CA GLY W 546 103.45 -56.60 -12.60
C GLY W 546 103.85 -57.32 -13.86
N SER W 547 102.88 -57.83 -14.62
CA SER W 547 103.19 -58.62 -15.83
C SER W 547 103.68 -57.70 -16.95
N GLU W 548 104.70 -58.14 -17.70
CA GLU W 548 105.25 -57.34 -18.78
C GLU W 548 104.33 -57.38 -20.00
N LYS W 549 104.81 -56.86 -21.12
CA LYS W 549 103.98 -56.74 -22.31
C LYS W 549 104.23 -57.86 -23.31
N THR W 550 105.48 -58.27 -23.49
CA THR W 550 105.86 -59.20 -24.57
C THR W 550 106.36 -60.51 -24.00
N ASN W 551 105.76 -61.60 -24.46
CA ASN W 551 106.26 -62.97 -24.23
C ASN W 551 106.42 -63.28 -22.75
N VAL W 552 105.36 -63.02 -21.98
CA VAL W 552 105.34 -63.42 -20.58
C VAL W 552 104.95 -64.88 -20.49
N ASP W 553 105.39 -65.55 -19.42
CA ASP W 553 105.11 -66.96 -19.25
C ASP W 553 103.65 -67.18 -18.88
N ILE W 554 103.23 -68.45 -18.89
CA ILE W 554 101.85 -68.77 -18.58
C ILE W 554 101.54 -68.49 -17.11
N GLU W 555 102.53 -68.63 -16.22
CA GLU W 555 102.31 -68.34 -14.82
C GLU W 555 102.15 -66.85 -14.54
N LYS W 556 102.45 -65.99 -15.52
CA LYS W 556 102.28 -64.56 -15.39
C LYS W 556 100.90 -64.08 -15.83
N VAL W 557 100.08 -64.96 -16.40
CA VAL W 557 98.78 -64.59 -16.91
C VAL W 557 97.72 -65.49 -16.29
N MET W 558 96.48 -65.00 -16.29
CA MET W 558 95.33 -65.73 -15.79
C MET W 558 94.37 -65.97 -16.95
N ILE W 559 94.19 -67.24 -17.31
CA ILE W 559 93.38 -67.62 -18.45
C ILE W 559 91.96 -67.91 -17.97
N THR W 560 90.97 -67.26 -18.60
CA THR W 560 89.59 -67.43 -18.19
C THR W 560 89.04 -68.75 -18.71
N ASP W 561 87.92 -69.16 -18.12
CA ASP W 561 87.28 -70.44 -18.52
C ASP W 561 85.82 -70.18 -18.84
N GLU W 562 85.35 -70.70 -19.96
CA GLU W 562 83.97 -70.60 -20.40
C GLU W 562 83.29 -71.96 -20.40
N GLU W 563 83.52 -72.74 -19.34
CA GLU W 563 82.96 -74.08 -19.26
C GLU W 563 81.49 -74.08 -18.86
N GLU W 564 80.99 -72.98 -18.29
CA GLU W 564 79.59 -72.95 -17.85
C GLU W 564 78.63 -72.95 -19.03
N ILE W 565 79.10 -72.68 -20.24
CA ILE W 565 78.23 -72.60 -21.41
C ILE W 565 78.34 -73.84 -22.30
N ARG W 566 79.05 -74.88 -21.83
CA ARG W 566 79.14 -76.10 -22.60
C ARG W 566 77.84 -76.88 -22.64
N THR W 567 76.84 -76.48 -21.86
CA THR W 567 75.53 -77.10 -21.94
C THR W 567 74.83 -76.82 -23.26
N THR W 568 75.03 -75.62 -23.83
CA THR W 568 74.41 -75.24 -25.09
C THR W 568 75.39 -74.88 -26.18
N ASN W 569 76.64 -74.59 -25.86
CA ASN W 569 77.61 -74.15 -26.86
C ASN W 569 78.63 -75.24 -27.13
N PRO W 570 79.03 -75.42 -28.39
CA PRO W 570 80.03 -76.44 -28.70
C PRO W 570 81.38 -76.09 -28.11
N VAL W 571 82.17 -77.13 -27.82
CA VAL W 571 83.52 -76.93 -27.35
C VAL W 571 84.35 -76.26 -28.44
N ALA W 572 85.16 -75.28 -28.05
CA ALA W 572 85.85 -74.44 -29.02
C ALA W 572 86.83 -75.25 -29.87
N THR W 573 87.49 -76.23 -29.27
CA THR W 573 88.56 -76.96 -29.93
C THR W 573 88.07 -78.20 -30.67
N GLU W 574 86.77 -78.47 -30.67
CA GLU W 574 86.22 -79.65 -31.30
C GLU W 574 85.27 -79.24 -32.42
N GLN W 575 84.91 -80.22 -33.24
CA GLN W 575 83.99 -79.97 -34.35
C GLN W 575 82.57 -79.76 -33.82
N TYR W 576 81.77 -79.04 -34.62
CA TYR W 576 80.36 -78.90 -34.29
C TYR W 576 79.64 -80.23 -34.38
N GLY W 577 79.95 -81.02 -35.39
CA GLY W 577 79.26 -82.29 -35.60
C GLY W 577 79.72 -82.93 -36.89
N SER W 578 78.85 -83.78 -37.44
CA SER W 578 79.12 -84.49 -38.67
C SER W 578 77.93 -84.38 -39.62
N VAL W 579 78.24 -84.32 -40.91
CA VAL W 579 77.23 -84.29 -41.96
C VAL W 579 77.60 -85.33 -43.00
N SER W 580 76.59 -85.77 -43.75
CA SER W 580 76.82 -86.70 -44.84
C SER W 580 77.45 -85.99 -46.03
N THR W 581 78.31 -86.71 -46.75
CA THR W 581 79.01 -86.14 -47.89
C THR W 581 78.75 -86.87 -49.20
N ASN W 582 78.03 -87.99 -49.19
CA ASN W 582 77.76 -88.74 -50.40
C ASN W 582 76.38 -89.39 -50.28
N LEU W 583 76.07 -90.28 -51.21
CA LEU W 583 74.81 -91.02 -51.22
C LEU W 583 75.12 -92.51 -51.18
N GLN W 584 74.83 -93.14 -50.05
CA GLN W 584 75.04 -94.57 -49.92
C GLN W 584 74.09 -95.33 -50.84
N ARG W 585 74.60 -96.46 -51.34
CA ARG W 585 73.82 -97.27 -52.31
C ARG W 585 74.35 -98.69 -52.30
N GLY W 586 73.45 -99.67 -52.42
CA GLY W 586 73.86 -101.06 -52.54
C GLY W 586 74.07 -101.48 -53.98
N ASN W 587 74.36 -102.77 -54.15
CA ASN W 587 74.69 -103.30 -55.49
C ASN W 587 73.42 -103.46 -56.33
N THR W 594 78.29 -99.98 -58.51
CA THR W 594 78.87 -100.76 -57.39
C THR W 594 78.27 -100.24 -56.08
N SER W 595 78.65 -100.82 -54.93
CA SER W 595 78.09 -100.22 -53.73
C SER W 595 78.96 -99.08 -53.23
N ARG W 596 78.32 -98.12 -52.56
CA ARG W 596 79.00 -96.98 -51.95
C ARG W 596 78.57 -96.88 -50.49
N GLN W 597 79.54 -96.88 -49.58
CA GLN W 597 79.23 -96.78 -48.16
C GLN W 597 79.07 -95.33 -47.75
N ALA W 598 78.22 -95.11 -46.75
CA ALA W 598 77.94 -93.76 -46.27
C ALA W 598 79.19 -93.13 -45.69
N ALA W 599 79.41 -91.86 -46.04
CA ALA W 599 80.58 -91.12 -45.61
C ALA W 599 80.15 -89.86 -44.88
N THR W 600 80.96 -89.46 -43.89
CA THR W 600 80.68 -88.28 -43.08
C THR W 600 81.94 -87.42 -42.99
N ALA W 601 81.73 -86.13 -42.73
CA ALA W 601 82.82 -85.18 -42.56
C ALA W 601 82.58 -84.34 -41.32
N ASP W 602 83.67 -83.92 -40.70
CA ASP W 602 83.58 -83.02 -39.55
C ASP W 602 83.19 -81.62 -40.01
N VAL W 603 82.40 -80.95 -39.19
CA VAL W 603 81.97 -79.58 -39.45
C VAL W 603 82.77 -78.70 -38.52
N ASN W 604 83.91 -78.20 -39.01
CA ASN W 604 84.78 -77.36 -38.21
C ASN W 604 84.28 -75.93 -38.10
N THR W 605 83.41 -75.50 -39.01
CA THR W 605 82.79 -74.19 -38.94
C THR W 605 81.31 -74.34 -39.25
N GLN W 606 80.46 -73.80 -38.38
CA GLN W 606 79.01 -73.92 -38.51
C GLN W 606 78.39 -72.54 -38.33
N GLY W 607 77.66 -72.09 -39.36
CA GLY W 607 76.89 -70.87 -39.24
C GLY W 607 75.61 -71.10 -38.47
N VAL W 608 74.87 -70.01 -38.28
CA VAL W 608 73.63 -70.07 -37.51
C VAL W 608 72.57 -70.80 -38.32
N LEU W 609 71.92 -71.77 -37.69
CA LEU W 609 70.83 -72.53 -38.26
C LEU W 609 69.54 -72.22 -37.51
N PRO W 610 68.38 -72.36 -38.15
CA PRO W 610 67.11 -72.23 -37.41
C PRO W 610 67.00 -73.27 -36.31
N GLY W 611 66.49 -72.84 -35.16
CA GLY W 611 66.41 -73.69 -34.00
C GLY W 611 67.66 -73.72 -33.15
N MET W 612 68.67 -72.91 -33.46
CA MET W 612 69.94 -72.91 -32.70
C MET W 612 69.82 -72.02 -31.46
N VAL W 613 70.33 -72.48 -30.32
CA VAL W 613 70.36 -71.77 -29.05
C VAL W 613 71.78 -71.75 -28.53
N TRP W 614 72.17 -70.64 -27.91
CA TRP W 614 73.54 -70.47 -27.44
C TRP W 614 73.56 -69.47 -26.30
N GLN W 615 74.68 -69.44 -25.58
CA GLN W 615 74.94 -68.48 -24.54
C GLN W 615 76.08 -67.55 -24.95
N ASP W 616 75.99 -66.30 -24.55
CA ASP W 616 77.04 -65.34 -24.89
C ASP W 616 78.24 -65.53 -23.97
N ARG W 617 79.33 -64.83 -24.29
CA ARG W 617 80.53 -64.91 -23.49
C ARG W 617 80.30 -64.25 -22.13
N ASP W 618 80.91 -64.82 -21.10
CA ASP W 618 80.77 -64.28 -19.75
C ASP W 618 81.52 -62.96 -19.61
N VAL W 619 81.06 -62.14 -18.68
CA VAL W 619 81.75 -60.91 -18.32
C VAL W 619 82.51 -61.15 -17.03
N TYR W 620 83.58 -60.37 -16.83
CA TYR W 620 84.47 -60.55 -15.71
C TYR W 620 84.68 -59.22 -15.01
N LEU W 621 85.17 -59.28 -13.77
CA LEU W 621 85.42 -58.07 -13.01
C LEU W 621 86.48 -57.21 -13.71
N GLN W 622 87.51 -57.83 -14.26
CA GLN W 622 88.52 -57.13 -15.04
C GLN W 622 88.13 -56.94 -16.49
N GLY W 623 86.98 -57.48 -16.92
CA GLY W 623 86.60 -57.45 -18.30
C GLY W 623 85.89 -56.17 -18.71
N PRO W 624 85.69 -56.00 -20.02
CA PRO W 624 84.97 -54.83 -20.50
C PRO W 624 83.47 -54.92 -20.21
N ILE W 625 82.84 -53.75 -20.17
CA ILE W 625 81.42 -53.65 -19.88
C ILE W 625 80.59 -53.59 -21.16
N TRP W 626 80.98 -52.74 -22.11
CA TRP W 626 80.18 -52.49 -23.29
C TRP W 626 81.08 -52.33 -24.52
N ALA W 627 80.45 -52.21 -25.67
CA ALA W 627 81.12 -51.87 -26.91
C ALA W 627 80.10 -51.23 -27.84
N LYS W 628 80.60 -50.43 -28.78
CA LYS W 628 79.74 -49.78 -29.74
C LYS W 628 79.45 -50.71 -30.92
N ILE W 629 78.18 -50.94 -31.19
CA ILE W 629 77.81 -51.74 -32.36
C ILE W 629 78.16 -50.95 -33.62
N PRO W 630 78.92 -51.53 -34.55
CA PRO W 630 79.29 -50.78 -35.77
C PRO W 630 78.07 -50.35 -36.55
N HIS W 631 78.15 -49.16 -37.13
CA HIS W 631 77.06 -48.61 -37.93
C HIS W 631 77.08 -49.28 -39.30
N THR W 632 76.36 -50.39 -39.40
CA THR W 632 76.32 -51.20 -40.61
C THR W 632 74.88 -51.51 -40.96
N ASP W 633 74.66 -51.91 -42.21
CA ASP W 633 73.28 -52.22 -42.68
C ASP W 633 72.76 -53.44 -41.95
N GLY W 634 73.60 -54.44 -41.73
CA GLY W 634 73.17 -55.66 -41.09
C GLY W 634 74.17 -56.13 -40.05
N HIS W 635 73.63 -56.79 -39.03
CA HIS W 635 74.42 -57.45 -38.00
C HIS W 635 73.53 -58.48 -37.32
N PHE W 636 74.14 -59.56 -36.86
CA PHE W 636 73.41 -60.64 -36.20
C PHE W 636 73.90 -60.76 -34.77
N HIS W 637 72.96 -60.68 -33.83
CA HIS W 637 73.24 -60.80 -32.39
C HIS W 637 74.41 -59.91 -32.00
N PRO W 638 74.22 -58.59 -31.94
CA PRO W 638 75.32 -57.65 -31.71
C PRO W 638 75.79 -57.58 -30.25
N SER W 639 76.00 -58.74 -29.65
CA SER W 639 76.72 -58.82 -28.39
C SER W 639 78.21 -58.83 -28.65
N PRO W 640 78.99 -57.99 -27.98
CA PRO W 640 80.44 -57.95 -28.24
C PRO W 640 81.07 -59.31 -27.98
N LEU W 641 82.00 -59.68 -28.86
CA LEU W 641 82.63 -60.99 -28.75
C LEU W 641 83.57 -61.07 -27.55
N MET W 642 84.15 -59.94 -27.14
CA MET W 642 84.98 -59.90 -25.94
C MET W 642 84.17 -59.96 -24.66
N GLY W 643 82.85 -59.85 -24.74
CA GLY W 643 81.99 -59.90 -23.58
C GLY W 643 81.43 -58.53 -23.22
N GLY W 644 80.16 -58.52 -22.85
CA GLY W 644 79.53 -57.28 -22.44
C GLY W 644 78.22 -56.96 -23.13
N PHE W 645 77.87 -55.68 -23.17
CA PHE W 645 76.59 -55.23 -23.71
C PHE W 645 76.84 -54.47 -25.00
N GLY W 646 76.16 -54.89 -26.07
CA GLY W 646 76.24 -54.18 -27.33
C GLY W 646 75.32 -52.98 -27.35
N LEU W 647 75.87 -51.80 -27.60
CA LEU W 647 75.12 -50.54 -27.55
C LEU W 647 75.24 -49.83 -28.88
N LYS W 648 74.09 -49.50 -29.48
CA LYS W 648 74.10 -48.68 -30.68
C LYS W 648 74.56 -47.26 -30.37
N HIS W 649 74.20 -46.75 -29.19
CA HIS W 649 74.63 -45.45 -28.69
C HIS W 649 75.29 -45.68 -27.33
N PRO W 650 76.56 -46.07 -27.31
CA PRO W 650 77.24 -46.35 -26.04
C PRO W 650 77.54 -45.05 -25.30
N PRO W 651 78.04 -45.13 -24.07
CA PRO W 651 78.47 -43.92 -23.38
C PRO W 651 79.47 -43.15 -24.20
N PRO W 652 79.24 -41.86 -24.41
CA PRO W 652 80.10 -41.09 -25.32
C PRO W 652 81.52 -40.97 -24.82
N GLN W 653 82.45 -40.84 -25.77
CA GLN W 653 83.83 -40.58 -25.43
C GLN W 653 83.97 -39.19 -24.81
N ILE W 654 84.73 -39.11 -23.72
CA ILE W 654 84.97 -37.86 -23.02
C ILE W 654 86.41 -37.47 -23.30
N LEU W 655 86.60 -36.39 -24.06
CA LEU W 655 87.91 -35.95 -24.49
C LEU W 655 88.35 -34.76 -23.64
N ILE W 656 89.59 -34.79 -23.16
CA ILE W 656 90.14 -33.76 -22.31
C ILE W 656 91.56 -33.46 -22.77
N LYS W 657 91.92 -32.18 -22.79
CA LYS W 657 93.29 -31.78 -23.11
C LYS W 657 93.59 -30.46 -22.45
N ASN W 658 94.89 -30.19 -22.26
CA ASN W 658 95.33 -28.92 -21.70
C ASN W 658 95.38 -27.87 -22.80
N THR W 659 94.85 -26.69 -22.52
CA THR W 659 94.90 -25.60 -23.48
C THR W 659 96.35 -25.14 -23.64
N PRO W 660 96.88 -25.08 -24.86
CA PRO W 660 98.26 -24.65 -25.03
C PRO W 660 98.45 -23.19 -24.63
N VAL W 661 99.45 -22.94 -23.81
CA VAL W 661 99.79 -21.60 -23.36
C VAL W 661 101.10 -21.20 -24.04
N PRO W 662 101.08 -20.26 -24.98
CA PRO W 662 102.32 -19.89 -25.68
C PRO W 662 103.35 -19.30 -24.73
N ALA W 663 104.61 -19.58 -25.02
CA ALA W 663 105.72 -19.01 -24.28
C ALA W 663 105.96 -17.58 -24.76
N ASN W 664 107.09 -16.99 -24.38
CA ASN W 664 107.36 -15.60 -24.70
C ASN W 664 107.45 -15.40 -26.21
N PRO W 665 106.59 -14.57 -26.81
CA PRO W 665 106.67 -14.33 -28.25
C PRO W 665 107.71 -13.28 -28.61
N SER W 666 108.02 -13.26 -29.90
CA SER W 666 108.97 -12.26 -30.44
C SER W 666 108.28 -10.91 -30.54
N THR W 667 109.01 -9.84 -30.28
CA THR W 667 108.45 -8.49 -30.39
C THR W 667 108.16 -8.10 -31.84
N THR W 668 108.70 -8.83 -32.80
CA THR W 668 108.42 -8.62 -34.21
C THR W 668 107.43 -9.68 -34.68
N PHE W 669 106.48 -9.27 -35.51
CA PHE W 669 105.45 -10.20 -35.97
C PHE W 669 106.05 -11.30 -36.83
N SER W 670 105.61 -12.52 -36.60
CA SER W 670 106.00 -13.68 -37.38
C SER W 670 104.75 -14.48 -37.74
N ALA W 671 104.58 -14.78 -39.02
CA ALA W 671 103.43 -15.54 -39.47
C ALA W 671 103.54 -17.03 -39.20
N ALA W 672 104.72 -17.50 -38.79
CA ALA W 672 104.89 -18.91 -38.45
C ALA W 672 104.07 -19.26 -37.22
N LYS W 673 103.45 -20.43 -37.25
CA LYS W 673 102.66 -20.87 -36.11
C LYS W 673 103.55 -21.07 -34.89
N PHE W 674 102.95 -20.88 -33.72
CA PHE W 674 103.72 -20.98 -32.45
C PHE W 674 104.24 -22.39 -32.24
N ALA W 675 105.53 -22.50 -31.92
CA ALA W 675 106.15 -23.79 -31.63
C ALA W 675 106.72 -23.87 -30.22
N SER W 676 106.74 -22.77 -29.46
CA SER W 676 107.25 -22.75 -28.10
C SER W 676 106.08 -22.51 -27.16
N PHE W 677 105.95 -23.39 -26.15
CA PHE W 677 104.85 -23.32 -25.21
C PHE W 677 105.39 -23.53 -23.80
N ILE W 678 104.61 -23.09 -22.82
CA ILE W 678 104.94 -23.33 -21.42
C ILE W 678 104.59 -24.77 -21.09
N THR W 679 105.56 -25.52 -20.57
CA THR W 679 105.31 -26.91 -20.21
C THR W 679 104.35 -26.97 -19.04
N GLN W 680 103.30 -27.77 -19.17
CA GLN W 680 102.31 -27.85 -18.11
C GLN W 680 101.51 -29.14 -18.24
N TYR W 681 100.95 -29.56 -17.11
CA TYR W 681 100.06 -30.70 -17.03
C TYR W 681 98.90 -30.33 -16.13
N SER W 682 97.93 -31.22 -16.01
CA SER W 682 96.78 -30.99 -15.16
C SER W 682 96.50 -32.22 -14.31
N THR W 683 95.90 -32.00 -13.15
CA THR W 683 95.48 -33.07 -12.27
C THR W 683 94.11 -32.71 -11.72
N GLY W 684 93.36 -33.73 -11.32
CA GLY W 684 92.03 -33.49 -10.81
C GLY W 684 91.37 -34.78 -10.38
N GLN W 685 90.07 -34.70 -10.14
CA GLN W 685 89.28 -35.84 -9.71
C GLN W 685 88.19 -36.13 -10.74
N VAL W 686 87.89 -37.40 -10.91
CA VAL W 686 86.86 -37.86 -11.84
C VAL W 686 85.90 -38.77 -11.09
N SER W 687 84.61 -38.57 -11.32
CA SER W 687 83.56 -39.36 -10.67
C SER W 687 82.68 -40.02 -11.72
N VAL W 688 82.44 -41.32 -11.56
CA VAL W 688 81.56 -42.09 -12.43
C VAL W 688 80.55 -42.79 -11.56
N GLU W 689 79.27 -42.54 -11.79
CA GLU W 689 78.19 -43.19 -11.07
C GLU W 689 77.27 -43.89 -12.05
N ILE W 690 77.12 -45.21 -11.91
CA ILE W 690 76.31 -46.01 -12.81
C ILE W 690 75.23 -46.70 -12.00
N GLU W 691 73.99 -46.61 -12.47
CA GLU W 691 72.87 -47.35 -11.91
C GLU W 691 72.68 -48.63 -12.71
N TRP W 692 72.63 -49.76 -12.01
CA TRP W 692 72.46 -51.07 -12.64
C TRP W 692 71.13 -51.66 -12.19
N GLU W 693 70.45 -52.33 -13.11
CA GLU W 693 69.22 -53.05 -12.81
C GLU W 693 69.53 -54.53 -12.61
N LEU W 694 68.92 -55.13 -11.59
CA LEU W 694 69.18 -56.49 -11.21
C LEU W 694 68.00 -57.39 -11.57
N GLN W 695 68.29 -58.60 -11.97
CA GLN W 695 67.31 -59.64 -12.24
C GLN W 695 67.43 -60.66 -11.10
N LYS W 696 66.51 -60.58 -10.14
CA LYS W 696 66.63 -61.39 -8.93
C LYS W 696 66.44 -62.87 -9.25
N GLU W 697 67.25 -63.71 -8.60
CA GLU W 697 67.15 -65.15 -8.77
C GLU W 697 65.85 -65.66 -8.15
N ASN W 698 65.17 -66.55 -8.87
CA ASN W 698 63.88 -67.11 -8.44
C ASN W 698 63.92 -68.63 -8.59
N SER W 699 65.00 -69.24 -8.13
CA SER W 699 65.20 -70.68 -8.32
C SER W 699 64.38 -71.48 -7.32
N LYS W 700 64.08 -72.73 -7.67
CA LYS W 700 63.33 -73.65 -6.76
C LYS W 700 64.15 -74.93 -6.55
N ARG W 701 65.46 -74.89 -6.81
CA ARG W 701 66.28 -76.06 -6.53
C ARG W 701 66.39 -76.29 -5.02
N TRP W 702 66.59 -77.55 -4.65
CA TRP W 702 66.60 -77.93 -3.26
C TRP W 702 67.98 -77.86 -2.64
N ASN W 703 68.96 -78.47 -3.28
CA ASN W 703 70.32 -78.52 -2.73
C ASN W 703 71.03 -77.18 -2.95
N PRO W 704 72.06 -76.84 -2.13
CA PRO W 704 72.73 -75.55 -2.25
C PRO W 704 73.42 -75.34 -3.62
N GLU W 705 73.72 -74.09 -3.97
CA GLU W 705 74.30 -73.75 -5.30
C GLU W 705 75.79 -73.48 -5.20
N ILE W 706 76.49 -73.38 -6.33
CA ILE W 706 77.91 -72.92 -6.23
C ILE W 706 77.95 -71.41 -6.03
N GLN W 707 78.72 -70.92 -5.06
CA GLN W 707 78.87 -69.50 -4.86
C GLN W 707 80.35 -69.15 -4.84
N TYR W 708 80.68 -67.95 -5.31
CA TYR W 708 82.04 -67.47 -5.18
C TYR W 708 82.35 -67.15 -3.72
N THR W 709 83.52 -67.54 -3.27
CA THR W 709 83.89 -67.38 -1.87
C THR W 709 85.39 -67.17 -1.75
N SER W 710 85.78 -66.56 -0.64
CA SER W 710 87.22 -66.42 -0.35
C SER W 710 87.70 -67.72 0.28
N ASN W 711 88.99 -68.02 0.25
CA ASN W 711 89.43 -69.31 0.82
C ASN W 711 89.76 -69.06 2.28
N TYR W 712 89.27 -69.91 3.19
CA TYR W 712 89.44 -69.67 4.64
C TYR W 712 90.90 -69.91 5.06
N ASN W 713 91.61 -70.81 4.38
CA ASN W 713 92.95 -71.12 4.88
C ASN W 713 93.83 -69.88 4.95
N LYS W 714 94.77 -69.92 5.90
CA LYS W 714 95.69 -68.78 6.11
C LYS W 714 96.57 -68.57 4.89
N SER W 715 96.98 -67.33 4.71
CA SER W 715 97.85 -66.98 3.60
C SER W 715 98.68 -65.77 3.98
N ILE W 716 99.79 -65.59 3.25
CA ILE W 716 100.64 -64.43 3.50
C ILE W 716 99.90 -63.14 3.17
N ASN W 717 99.16 -63.13 2.07
CA ASN W 717 98.41 -61.96 1.63
C ASN W 717 96.94 -62.30 1.50
N VAL W 718 96.08 -61.33 1.79
CA VAL W 718 94.65 -61.46 1.56
C VAL W 718 94.35 -61.15 0.09
N ASP W 719 93.41 -61.88 -0.49
CA ASP W 719 93.06 -61.67 -1.88
C ASP W 719 92.39 -60.32 -2.07
N PHE W 720 92.69 -59.68 -3.21
CA PHE W 720 92.10 -58.39 -3.59
C PHE W 720 92.38 -57.32 -2.55
N THR W 721 93.59 -57.32 -2.01
CA THR W 721 94.07 -56.29 -1.10
C THR W 721 95.44 -55.82 -1.57
N VAL W 722 96.07 -54.99 -0.76
CA VAL W 722 97.41 -54.50 -1.06
C VAL W 722 98.42 -55.36 -0.29
N ASP W 723 99.64 -55.44 -0.82
CA ASP W 723 100.71 -56.17 -0.16
C ASP W 723 101.52 -55.21 0.72
N THR W 724 102.67 -55.67 1.17
CA THR W 724 103.52 -54.83 2.07
C THR W 724 104.05 -53.63 1.28
N ASN W 725 103.97 -53.68 -0.05
CA ASN W 725 104.39 -52.52 -0.89
C ASN W 725 103.18 -51.65 -1.19
N GLY W 726 102.00 -52.03 -0.67
CA GLY W 726 100.77 -51.26 -0.94
C GLY W 726 100.32 -51.41 -2.38
N VAL W 727 100.79 -52.47 -3.05
CA VAL W 727 100.44 -52.69 -4.48
C VAL W 727 99.16 -53.51 -4.55
N TYR W 728 98.10 -52.96 -5.16
CA TYR W 728 96.84 -53.69 -5.28
C TYR W 728 96.94 -54.71 -6.41
N SER W 729 96.44 -55.91 -6.16
CA SER W 729 96.47 -56.97 -7.15
C SER W 729 95.12 -57.68 -7.17
N GLU W 730 94.79 -58.24 -8.33
CA GLU W 730 93.59 -59.06 -8.49
C GLU W 730 94.03 -60.49 -8.76
N PRO W 731 93.95 -61.38 -7.77
CA PRO W 731 94.59 -62.70 -7.91
C PRO W 731 94.03 -63.56 -9.03
N ARG W 732 92.74 -63.48 -9.32
CA ARG W 732 92.14 -64.35 -10.33
C ARG W 732 91.00 -63.61 -11.00
N PRO W 733 90.62 -64.01 -12.22
CA PRO W 733 89.41 -63.46 -12.82
C PRO W 733 88.17 -64.07 -12.20
N ILE W 734 87.18 -63.23 -11.94
CA ILE W 734 85.90 -63.68 -11.40
C ILE W 734 84.84 -63.44 -12.46
N GLY W 735 84.15 -64.50 -12.85
CA GLY W 735 83.03 -64.40 -13.76
C GLY W 735 81.76 -64.03 -13.02
N THR W 736 80.63 -64.33 -13.64
CA THR W 736 79.33 -64.07 -13.02
C THR W 736 78.44 -65.29 -12.93
N ARG W 737 78.83 -66.43 -13.51
CA ARG W 737 77.93 -67.56 -13.70
C ARG W 737 78.15 -68.57 -12.59
N TYR W 738 77.50 -68.33 -11.46
CA TYR W 738 77.55 -69.22 -10.30
C TYR W 738 76.19 -69.80 -9.94
N LEU W 739 75.13 -69.00 -9.98
CA LEU W 739 73.79 -69.53 -9.80
C LEU W 739 73.39 -70.35 -11.02
N THR W 740 72.37 -71.17 -10.86
CA THR W 740 71.92 -72.07 -11.92
C THR W 740 70.46 -71.82 -12.23
N ARG W 741 70.13 -72.03 -13.51
CA ARG W 741 68.71 -71.94 -13.97
C ARG W 741 68.50 -73.09 -14.95
N ASN W 742 67.28 -73.65 -15.03
CA ASN W 742 66.96 -74.69 -15.99
C ASN W 742 66.91 -74.12 -17.40
N LEU W 743 67.18 -74.99 -18.37
CA LEU W 743 67.10 -74.60 -19.78
C LEU W 743 65.66 -74.28 -20.19
N ALA X 218 39.82 49.60 -59.15
CA ALA X 218 40.05 48.27 -58.56
C ALA X 218 41.49 48.16 -58.09
N ASP X 219 42.42 48.69 -58.88
CA ASP X 219 43.86 48.52 -58.57
C ASP X 219 44.54 49.90 -58.64
N GLY X 220 43.74 50.96 -58.72
CA GLY X 220 44.34 52.31 -58.69
C GLY X 220 45.59 52.40 -59.55
N VAL X 221 46.61 53.12 -59.08
CA VAL X 221 47.84 53.33 -59.90
C VAL X 221 48.94 52.56 -59.22
N GLY X 222 49.51 51.57 -59.89
CA GLY X 222 50.61 50.79 -59.40
C GLY X 222 50.27 49.36 -59.03
N ASN X 223 49.01 48.96 -59.14
CA ASN X 223 48.60 47.59 -58.88
C ASN X 223 48.11 46.97 -60.19
N SER X 224 48.68 45.84 -60.56
CA SER X 224 48.31 45.17 -61.80
C SER X 224 46.91 44.57 -61.67
N SER X 225 46.12 44.71 -62.74
CA SER X 225 44.76 44.20 -62.76
C SER X 225 44.63 42.90 -63.55
N GLY X 226 45.75 42.28 -63.93
CA GLY X 226 45.69 41.02 -64.64
C GLY X 226 47.09 40.47 -64.84
N ASN X 227 47.14 39.26 -65.36
CA ASN X 227 48.38 38.55 -65.63
C ASN X 227 48.40 38.07 -67.07
N TRP X 228 49.59 37.71 -67.54
CA TRP X 228 49.77 37.21 -68.90
C TRP X 228 49.48 35.71 -68.92
N HIS X 229 48.42 35.34 -69.62
CA HIS X 229 48.02 33.91 -69.74
C HIS X 229 48.00 33.56 -71.23
N CYS X 230 49.09 33.02 -71.75
CA CYS X 230 49.14 32.58 -73.17
C CYS X 230 49.60 31.12 -73.15
N ASP X 231 48.69 30.18 -73.42
CA ASP X 231 49.06 28.74 -73.33
C ASP X 231 47.93 27.85 -73.82
N SER X 232 48.15 26.54 -73.90
CA SER X 232 47.04 25.66 -74.24
C SER X 232 47.12 24.40 -73.40
N THR X 233 45.96 23.90 -72.99
CA THR X 233 45.86 22.69 -72.18
C THR X 233 45.01 21.67 -72.92
N TRP X 234 45.55 20.49 -73.12
CA TRP X 234 44.83 19.38 -73.76
C TRP X 234 44.40 18.41 -72.68
N MET X 235 43.08 18.23 -72.54
CA MET X 235 42.54 17.31 -71.50
C MET X 235 41.47 16.42 -72.15
N GLY X 236 41.86 15.23 -72.60
CA GLY X 236 40.90 14.31 -73.19
C GLY X 236 40.32 14.85 -74.48
N ASP X 237 39.00 15.00 -74.50
CA ASP X 237 38.28 15.49 -75.67
C ASP X 237 38.13 17.01 -75.66
N ARG X 238 38.99 17.73 -74.96
CA ARG X 238 38.94 19.18 -74.91
C ARG X 238 40.33 19.75 -75.07
N VAL X 239 40.42 20.92 -75.69
CA VAL X 239 41.64 21.72 -75.72
C VAL X 239 41.24 23.16 -75.43
N THR X 240 41.86 23.77 -74.43
CA THR X 240 41.60 25.14 -74.05
C THR X 240 42.80 25.99 -74.46
N THR X 241 42.60 26.91 -75.38
CA THR X 241 43.65 27.80 -75.86
C THR X 241 43.43 29.19 -75.27
N THR X 242 44.48 29.75 -74.68
CA THR X 242 44.46 31.09 -74.12
C THR X 242 45.54 31.94 -74.78
N SER X 243 45.19 33.18 -75.10
CA SER X 243 46.11 34.08 -75.77
C SER X 243 46.07 35.45 -75.11
N THR X 244 47.23 36.08 -74.99
CA THR X 244 47.33 37.44 -74.49
C THR X 244 48.12 38.28 -75.47
N ARG X 245 47.65 39.50 -75.74
CA ARG X 245 48.30 40.40 -76.65
C ARG X 245 48.31 41.81 -76.05
N THR X 246 49.22 42.63 -76.55
CA THR X 246 49.27 44.04 -76.18
C THR X 246 48.68 44.86 -77.31
N TRP X 247 47.69 45.68 -77.00
CA TRP X 247 46.98 46.47 -77.99
C TRP X 247 47.21 47.96 -77.78
N ALA X 248 47.07 48.71 -78.86
CA ALA X 248 47.12 50.16 -78.84
C ALA X 248 45.87 50.72 -79.49
N LEU X 249 45.19 51.61 -78.81
CA LEU X 249 43.94 52.19 -79.29
C LEU X 249 44.09 53.70 -79.43
N PRO X 250 44.11 54.24 -80.64
CA PRO X 250 44.18 55.68 -80.83
C PRO X 250 42.80 56.31 -80.69
N THR X 251 42.75 57.63 -80.91
CA THR X 251 41.49 58.34 -81.01
C THR X 251 41.06 58.37 -82.47
N TYR X 252 39.86 57.86 -82.74
CA TYR X 252 39.37 57.71 -84.10
C TYR X 252 38.38 58.81 -84.44
N ASN X 253 38.53 59.39 -85.63
CA ASN X 253 37.65 60.43 -86.16
C ASN X 253 37.63 61.68 -85.30
N ASN X 254 38.59 61.84 -84.40
CA ASN X 254 38.62 62.95 -83.45
C ASN X 254 37.32 63.00 -82.64
N HIS X 255 36.94 61.83 -82.09
CA HIS X 255 35.77 61.67 -81.24
C HIS X 255 34.46 61.97 -81.96
N LEU X 256 34.39 61.79 -83.27
CA LEU X 256 33.23 62.18 -84.05
C LEU X 256 32.65 60.99 -84.80
N TYR X 257 31.36 61.11 -85.13
CA TYR X 257 30.73 60.12 -86.03
C TYR X 257 30.64 60.86 -87.36
N LYS X 258 31.11 60.27 -88.44
CA LYS X 258 31.15 60.87 -89.76
C LYS X 258 30.38 59.99 -90.74
N GLN X 259 29.45 60.59 -91.47
CA GLN X 259 28.77 59.89 -92.55
C GLN X 259 29.74 59.64 -93.68
N ILE X 260 29.80 58.39 -94.16
CA ILE X 260 30.69 58.01 -95.24
C ILE X 260 29.85 57.42 -96.37
N SER X 261 30.38 57.53 -97.59
CA SER X 261 29.69 57.02 -98.75
C SER X 261 30.71 56.81 -99.86
N SER X 262 30.29 56.09 -100.89
CA SER X 262 31.17 55.85 -102.03
C SER X 262 31.47 57.16 -102.75
N GLN X 263 32.65 57.18 -103.37
CA GLN X 263 33.08 58.42 -104.06
C GLN X 263 32.22 58.63 -105.28
N SER X 264 32.01 59.90 -105.63
CA SER X 264 31.28 60.18 -106.89
C SER X 264 32.11 59.65 -108.06
N GLY X 265 31.45 59.11 -109.07
CA GLY X 265 32.09 58.52 -110.22
C GLY X 265 32.37 57.03 -110.09
N ALA X 266 32.12 56.44 -108.93
CA ALA X 266 32.30 55.01 -108.75
C ALA X 266 31.22 54.25 -109.53
N SER X 267 31.53 53.00 -109.85
CA SER X 267 30.55 52.16 -110.53
C SER X 267 29.40 51.82 -109.60
N ASN X 268 28.29 51.39 -110.20
CA ASN X 268 27.11 51.05 -109.40
C ASN X 268 27.39 49.89 -108.45
N ASP X 269 28.23 48.94 -108.87
CA ASP X 269 28.54 47.80 -108.01
C ASP X 269 29.33 48.23 -106.77
N ASN X 270 30.06 49.34 -106.86
CA ASN X 270 30.90 49.81 -105.77
C ASN X 270 30.26 50.90 -104.94
N HIS X 271 29.00 51.25 -105.21
CA HIS X 271 28.33 52.28 -104.44
C HIS X 271 27.96 51.77 -103.05
N TYR X 272 28.11 52.63 -102.04
CA TYR X 272 27.77 52.27 -100.68
C TYR X 272 27.48 53.53 -99.87
N PHE X 273 26.82 53.32 -98.74
CA PHE X 273 26.54 54.38 -97.78
C PHE X 273 26.63 53.79 -96.38
N GLY X 274 27.20 54.55 -95.46
CA GLY X 274 27.36 54.05 -94.11
C GLY X 274 27.86 55.15 -93.19
N TYR X 275 28.29 54.72 -92.01
CA TYR X 275 28.78 55.66 -91.00
C TYR X 275 30.07 55.14 -90.40
N SER X 276 30.97 56.05 -90.09
CA SER X 276 32.23 55.76 -89.42
C SER X 276 32.13 56.21 -87.97
N THR X 277 32.44 55.32 -87.04
CA THR X 277 32.32 55.62 -85.63
C THR X 277 33.68 55.88 -85.00
N PRO X 278 33.75 56.64 -83.90
CA PRO X 278 35.02 56.83 -83.20
C PRO X 278 35.45 55.64 -82.36
N TRP X 279 34.71 54.54 -82.38
CA TRP X 279 35.01 53.37 -81.59
C TRP X 279 35.91 52.41 -82.35
N GLY X 280 36.62 51.57 -81.58
CA GLY X 280 37.32 50.44 -82.11
C GLY X 280 36.68 49.15 -81.65
N TYR X 281 37.15 48.04 -82.20
CA TYR X 281 36.63 46.74 -81.83
C TYR X 281 37.75 45.71 -81.77
N PHE X 282 37.57 44.74 -80.88
CA PHE X 282 38.54 43.66 -80.71
C PHE X 282 38.13 42.45 -81.54
N ASP X 283 38.98 42.04 -82.47
CA ASP X 283 38.70 40.95 -83.37
C ASP X 283 39.67 39.81 -83.08
N PHE X 284 39.13 38.62 -82.82
CA PHE X 284 39.94 37.41 -82.72
C PHE X 284 39.29 36.28 -83.52
N ASN X 285 38.69 36.62 -84.65
CA ASN X 285 38.00 35.65 -85.51
C ASN X 285 38.95 35.04 -86.55
N ARG X 286 40.10 34.56 -86.08
CA ARG X 286 41.05 33.83 -86.91
C ARG X 286 41.71 32.77 -86.04
N PHE X 287 41.98 31.60 -86.60
CA PHE X 287 42.50 30.48 -85.76
C PHE X 287 43.90 30.76 -85.22
N HIS X 288 44.71 31.53 -85.96
CA HIS X 288 46.11 31.83 -85.55
C HIS X 288 46.11 32.68 -84.26
N CYS X 289 44.98 33.31 -83.92
CA CYS X 289 44.85 34.16 -82.71
C CYS X 289 44.80 33.28 -81.46
N HIS X 290 44.52 31.99 -81.61
CA HIS X 290 44.40 31.09 -80.48
C HIS X 290 45.28 29.85 -80.56
N PHE X 291 45.58 29.36 -81.75
CA PHE X 291 46.36 28.15 -81.94
C PHE X 291 47.75 28.51 -82.44
N SER X 292 48.78 27.99 -81.77
CA SER X 292 50.12 28.01 -82.31
C SER X 292 50.23 27.00 -83.44
N PRO X 293 51.22 27.13 -84.32
CA PRO X 293 51.39 26.13 -85.38
C PRO X 293 51.57 24.70 -84.85
N ARG X 294 52.28 24.53 -83.73
CA ARG X 294 52.36 23.21 -83.11
C ARG X 294 51.00 22.77 -82.59
N ASP X 295 50.24 23.70 -82.02
CA ASP X 295 48.87 23.38 -81.58
C ASP X 295 48.00 22.96 -82.76
N TRP X 296 48.12 23.67 -83.89
CA TRP X 296 47.37 23.30 -85.08
C TRP X 296 47.76 21.92 -85.59
N GLN X 297 49.06 21.62 -85.59
CA GLN X 297 49.51 20.30 -86.04
C GLN X 297 49.01 19.21 -85.11
N ARG X 298 49.02 19.47 -83.80
CA ARG X 298 48.46 18.52 -82.85
C ARG X 298 46.96 18.33 -83.05
N LEU X 299 46.25 19.39 -83.41
CA LEU X 299 44.81 19.30 -83.62
C LEU X 299 44.48 18.52 -84.88
N ILE X 300 45.14 18.83 -86.00
CA ILE X 300 44.71 18.31 -87.29
C ILE X 300 45.25 16.90 -87.58
N ASN X 301 46.31 16.48 -86.90
CA ASN X 301 46.88 15.16 -87.14
C ASN X 301 46.26 14.07 -86.29
N ASN X 302 45.37 14.41 -85.36
CA ASN X 302 44.87 13.45 -84.40
C ASN X 302 43.36 13.47 -84.22
N ASN X 303 42.65 14.46 -84.75
CA ASN X 303 41.23 14.62 -84.51
C ASN X 303 40.45 14.60 -85.82
N TRP X 304 39.28 13.97 -85.79
CA TRP X 304 38.37 13.96 -86.91
C TRP X 304 37.43 15.15 -86.93
N GLY X 305 37.45 15.98 -85.89
CA GLY X 305 36.60 17.16 -85.86
C GLY X 305 36.85 17.97 -84.62
N PHE X 306 36.37 19.22 -84.66
CA PHE X 306 36.47 20.11 -83.52
C PHE X 306 35.43 21.21 -83.67
N ARG X 307 35.08 21.83 -82.53
CA ARG X 307 34.12 22.92 -82.52
C ARG X 307 34.34 23.74 -81.24
N PRO X 308 34.08 25.04 -81.28
CA PRO X 308 34.20 25.85 -80.06
C PRO X 308 33.03 25.62 -79.11
N LYS X 309 33.34 25.73 -77.81
CA LYS X 309 32.36 25.48 -76.75
C LYS X 309 32.05 26.73 -75.94
N ARG X 310 33.07 27.42 -75.43
CA ARG X 310 32.85 28.63 -74.66
C ARG X 310 34.12 29.46 -74.73
N LEU X 311 33.98 30.76 -74.44
CA LEU X 311 35.13 31.65 -74.45
C LEU X 311 35.07 32.59 -73.25
N ASN X 312 36.25 33.09 -72.87
CA ASN X 312 36.38 34.09 -71.78
C ASN X 312 37.25 35.22 -72.32
N PHE X 313 36.89 36.47 -72.06
CA PHE X 313 37.56 37.65 -72.59
C PHE X 313 37.92 38.57 -71.44
N LYS X 314 39.12 39.16 -71.53
CA LYS X 314 39.54 40.10 -70.47
C LYS X 314 40.38 41.26 -71.00
N LEU X 315 40.09 42.48 -70.53
CA LEU X 315 40.92 43.65 -70.78
C LEU X 315 41.47 44.12 -69.45
N PHE X 316 42.77 44.39 -69.39
CA PHE X 316 43.41 44.71 -68.12
C PHE X 316 44.68 45.50 -68.38
N ASN X 317 45.26 46.02 -67.31
CA ASN X 317 46.48 46.82 -67.35
C ASN X 317 46.33 47.98 -68.33
N ILE X 318 45.21 48.69 -68.21
CA ILE X 318 44.87 49.75 -69.14
C ILE X 318 45.62 51.02 -68.76
N GLN X 319 46.35 51.58 -69.71
CA GLN X 319 47.10 52.81 -69.54
C GLN X 319 46.64 53.83 -70.57
N VAL X 320 46.26 55.01 -70.10
CA VAL X 320 45.90 56.11 -70.99
C VAL X 320 47.07 57.08 -71.04
N LYS X 321 47.59 57.32 -72.25
CA LYS X 321 48.74 58.19 -72.46
C LYS X 321 48.29 59.46 -73.15
N GLU X 322 48.69 60.60 -72.59
CA GLU X 322 48.42 61.90 -73.19
C GLU X 322 49.61 62.33 -74.05
N VAL X 323 49.33 62.71 -75.29
CA VAL X 323 50.35 63.11 -76.25
C VAL X 323 50.25 64.61 -76.47
N THR X 324 51.38 65.30 -76.34
CA THR X 324 51.46 66.73 -76.62
C THR X 324 52.58 66.99 -77.60
N GLN X 325 52.44 68.08 -78.36
CA GLN X 325 53.44 68.45 -79.37
C GLN X 325 53.68 69.95 -79.27
N ASN X 326 54.85 70.32 -78.74
CA ASN X 326 55.21 71.73 -78.55
C ASN X 326 56.54 71.99 -79.23
N ASP X 327 56.53 72.93 -80.18
CA ASP X 327 57.74 73.33 -80.91
C ASP X 327 58.42 72.14 -81.58
N GLY X 328 57.62 71.24 -82.15
CA GLY X 328 58.15 70.11 -82.88
C GLY X 328 58.59 68.94 -82.02
N THR X 329 58.30 68.95 -80.73
CA THR X 329 58.70 67.88 -79.83
C THR X 329 57.47 67.08 -79.40
N THR X 330 57.55 65.76 -79.52
CA THR X 330 56.47 64.87 -79.11
C THR X 330 56.76 64.35 -77.71
N THR X 331 55.91 64.72 -76.76
CA THR X 331 56.05 64.32 -75.37
C THR X 331 54.85 63.48 -74.96
N ILE X 332 55.11 62.31 -74.38
CA ILE X 332 54.08 61.39 -73.96
C ILE X 332 54.15 61.24 -72.44
N ALA X 333 53.03 61.44 -71.77
CA ALA X 333 52.95 61.34 -70.32
C ALA X 333 51.70 60.56 -69.95
N ASN X 334 51.74 59.98 -68.75
CA ASN X 334 50.59 59.21 -68.27
C ASN X 334 49.42 60.12 -67.93
N ASN X 335 48.22 59.59 -68.12
CA ASN X 335 46.97 60.24 -67.71
C ASN X 335 46.24 59.24 -66.82
N LEU X 336 46.43 59.35 -65.51
CA LEU X 336 45.89 58.36 -64.59
C LEU X 336 44.40 58.53 -64.30
N THR X 337 43.80 59.64 -64.73
CA THR X 337 42.39 59.89 -64.47
C THR X 337 41.51 59.69 -65.69
N SER X 338 42.07 59.46 -66.87
CA SER X 338 41.27 59.22 -68.06
C SER X 338 40.74 57.79 -68.07
N THR X 339 39.64 57.59 -68.80
CA THR X 339 38.97 56.31 -68.88
C THR X 339 38.91 55.82 -70.33
N VAL X 340 38.57 54.55 -70.47
CA VAL X 340 38.23 53.95 -71.76
C VAL X 340 36.89 53.26 -71.59
N GLN X 341 36.01 53.44 -72.57
CA GLN X 341 34.67 52.87 -72.53
C GLN X 341 34.65 51.54 -73.29
N VAL X 342 34.20 50.50 -72.61
CA VAL X 342 34.14 49.16 -73.19
C VAL X 342 32.75 48.59 -72.97
N PHE X 343 32.16 48.05 -74.04
CA PHE X 343 30.91 47.31 -73.91
C PHE X 343 30.84 46.24 -74.98
N THR X 344 30.10 45.17 -74.67
CA THR X 344 29.89 44.07 -75.60
C THR X 344 28.46 44.14 -76.13
N ASP X 345 28.33 43.99 -77.45
CA ASP X 345 27.01 44.02 -78.09
C ASP X 345 26.37 42.63 -77.98
N SER X 346 25.95 42.27 -76.77
CA SER X 346 25.43 40.91 -76.50
C SER X 346 23.99 40.75 -77.02
N GLU X 347 23.30 41.85 -77.28
CA GLU X 347 21.97 41.76 -77.87
C GLU X 347 21.98 41.87 -79.38
N TYR X 348 23.16 42.02 -79.99
CA TYR X 348 23.30 42.07 -81.45
C TYR X 348 22.43 43.16 -82.06
N GLN X 349 22.45 44.34 -81.44
CA GLN X 349 21.71 45.49 -81.94
C GLN X 349 22.53 46.35 -82.90
N LEU X 350 23.80 46.07 -83.07
CA LEU X 350 24.68 46.79 -83.98
C LEU X 350 24.99 45.94 -85.20
N PRO X 351 25.30 46.56 -86.33
CA PRO X 351 25.71 45.79 -87.50
C PRO X 351 26.95 44.97 -87.22
N TYR X 352 26.86 43.67 -87.49
CA TYR X 352 27.93 42.72 -87.17
C TYR X 352 28.97 42.76 -88.29
N VAL X 353 30.09 43.44 -88.04
CA VAL X 353 31.15 43.57 -89.03
C VAL X 353 32.22 42.50 -88.87
N LEU X 354 32.21 41.74 -87.79
CA LEU X 354 33.05 40.56 -87.69
C LEU X 354 32.56 39.49 -88.66
N GLY X 355 33.49 38.64 -89.10
CA GLY X 355 33.16 37.63 -90.07
C GLY X 355 33.21 38.08 -91.51
N SER X 356 33.74 39.26 -91.79
CA SER X 356 33.96 39.73 -93.16
C SER X 356 35.43 39.64 -93.57
N ALA X 357 36.23 38.87 -92.84
CA ALA X 357 37.65 38.67 -93.15
C ALA X 357 38.42 39.99 -93.17
N HIS X 358 38.24 40.78 -92.12
CA HIS X 358 38.87 42.09 -92.01
C HIS X 358 40.18 42.00 -91.24
N GLN X 359 41.11 42.89 -91.59
CA GLN X 359 42.37 42.98 -90.89
C GLN X 359 42.17 43.65 -89.52
N GLY X 360 43.18 43.52 -88.67
CA GLY X 360 43.12 44.07 -87.33
C GLY X 360 42.90 43.06 -86.22
N CYS X 361 43.07 41.77 -86.51
CA CYS X 361 42.87 40.74 -85.51
C CYS X 361 44.04 40.71 -84.53
N LEU X 362 43.95 39.80 -83.56
CA LEU X 362 45.08 39.55 -82.68
C LEU X 362 46.21 38.91 -83.49
N PRO X 363 47.43 39.44 -83.42
CA PRO X 363 48.50 38.91 -84.27
C PRO X 363 48.80 37.47 -83.92
N PRO X 364 49.18 36.65 -84.90
CA PRO X 364 49.47 35.24 -84.60
C PRO X 364 50.62 35.05 -83.62
N PHE X 365 51.63 35.91 -83.67
CA PHE X 365 52.76 35.80 -82.75
C PHE X 365 52.45 36.54 -81.45
N PRO X 366 52.55 35.86 -80.30
CA PRO X 366 52.15 36.50 -79.04
C PRO X 366 52.97 37.73 -78.67
N ALA X 367 54.14 37.91 -79.25
CA ALA X 367 55.01 39.04 -78.92
C ALA X 367 54.70 40.29 -79.72
N ASP X 368 53.79 40.23 -80.69
CA ASP X 368 53.49 41.37 -81.54
C ASP X 368 52.45 42.27 -80.89
N VAL X 369 52.61 43.58 -81.09
CA VAL X 369 51.67 44.58 -80.60
C VAL X 369 50.85 45.07 -81.78
N PHE X 370 49.54 45.15 -81.60
CA PHE X 370 48.62 45.45 -82.69
C PHE X 370 47.74 46.65 -82.36
N MET X 371 47.35 47.37 -83.40
CA MET X 371 46.42 48.49 -83.29
C MET X 371 44.99 47.97 -83.37
N VAL X 372 44.12 48.58 -82.57
CA VAL X 372 42.70 48.21 -82.55
C VAL X 372 42.02 48.80 -83.78
N PRO X 373 41.38 47.99 -84.62
CA PRO X 373 40.76 48.52 -85.83
C PRO X 373 39.55 49.40 -85.53
N GLN X 374 39.32 50.37 -86.40
CA GLN X 374 38.20 51.29 -86.25
C GLN X 374 36.90 50.63 -86.68
N TYR X 375 35.86 50.83 -85.87
CA TYR X 375 34.56 50.24 -86.16
C TYR X 375 33.78 51.12 -87.13
N GLY X 376 33.15 50.48 -88.10
CA GLY X 376 32.30 51.17 -89.06
C GLY X 376 31.34 50.20 -89.69
N TYR X 377 30.21 50.72 -90.15
CA TYR X 377 29.16 49.87 -90.70
C TYR X 377 28.56 50.54 -91.92
N LEU X 378 27.93 49.72 -92.76
CA LEU X 378 27.21 50.19 -93.93
C LEU X 378 25.72 49.93 -93.77
N THR X 379 24.93 50.82 -94.35
CA THR X 379 23.48 50.68 -94.32
C THR X 379 22.95 50.75 -95.76
N LEU X 380 21.63 50.81 -95.90
CA LEU X 380 21.01 50.84 -97.25
C LEU X 380 21.45 52.08 -98.02
N ASN X 381 21.68 51.93 -99.31
CA ASN X 381 22.09 53.08 -100.15
C ASN X 381 21.40 53.03 -101.51
N ASN X 382 20.99 54.17 -102.04
CA ASN X 382 20.48 54.23 -103.43
C ASN X 382 21.59 54.98 -104.16
N GLY X 383 22.63 54.28 -104.60
CA GLY X 383 23.78 54.98 -105.17
C GLY X 383 24.68 55.45 -104.04
N SER X 384 25.21 56.67 -104.13
CA SER X 384 25.99 57.22 -103.03
C SER X 384 25.12 57.84 -101.94
N GLN X 385 23.83 57.94 -102.16
CA GLN X 385 22.90 58.53 -101.20
C GLN X 385 22.29 57.45 -100.32
N ALA X 386 21.49 57.91 -99.35
CA ALA X 386 20.78 57.02 -98.44
C ALA X 386 19.30 57.02 -98.76
N VAL X 387 18.59 56.08 -98.15
CA VAL X 387 17.13 55.99 -98.26
C VAL X 387 16.53 56.15 -96.86
N GLY X 388 15.21 56.22 -96.81
CA GLY X 388 14.53 56.41 -95.55
C GLY X 388 14.68 55.24 -94.61
N ARG X 389 14.94 54.04 -95.15
CA ARG X 389 15.11 52.84 -94.35
C ARG X 389 16.52 52.71 -93.78
N SER X 390 17.46 53.55 -94.20
CA SER X 390 18.82 53.48 -93.68
C SER X 390 18.83 53.78 -92.18
N SER X 391 19.64 53.01 -91.45
CA SER X 391 19.69 53.08 -90.00
C SER X 391 20.98 53.74 -89.55
N PHE X 392 20.88 54.59 -88.53
CA PHE X 392 22.02 55.21 -87.90
C PHE X 392 22.11 54.72 -86.46
N TYR X 393 23.33 54.40 -86.03
CA TYR X 393 23.57 53.87 -84.70
C TYR X 393 24.60 54.71 -83.98
N CYS X 394 24.24 55.19 -82.80
CA CYS X 394 25.17 55.87 -81.90
C CYS X 394 25.59 54.87 -80.82
N LEU X 395 26.88 54.57 -80.76
CA LEU X 395 27.39 53.59 -79.83
C LEU X 395 27.47 54.11 -78.40
N GLU X 396 27.35 55.42 -78.20
CA GLU X 396 27.24 55.98 -76.86
C GLU X 396 25.83 55.85 -76.29
N TYR X 397 24.89 55.33 -77.09
CA TYR X 397 23.49 55.10 -76.63
C TYR X 397 23.39 53.71 -76.01
N PHE X 398 24.50 53.00 -75.91
CA PHE X 398 24.63 51.73 -75.23
C PHE X 398 25.25 51.91 -73.86
N PRO X 399 24.86 51.12 -72.87
CA PRO X 399 25.56 51.16 -71.57
C PRO X 399 26.95 50.56 -71.72
N SER X 400 27.95 51.33 -71.32
CA SER X 400 29.35 50.91 -71.42
C SER X 400 30.02 51.05 -70.06
N GLN X 401 31.08 50.27 -69.86
CA GLN X 401 31.84 50.27 -68.63
C GLN X 401 33.06 51.17 -68.80
N MET X 402 33.25 52.10 -67.87
CA MET X 402 34.35 53.05 -67.91
C MET X 402 35.49 52.52 -67.04
N LEU X 403 36.69 52.47 -67.62
CA LEU X 403 37.85 51.85 -66.99
C LEU X 403 38.98 52.86 -66.89
N ARG X 404 39.40 53.17 -65.67
CA ARG X 404 40.61 53.93 -65.44
C ARG X 404 41.80 52.97 -65.39
N THR X 405 43.00 53.53 -65.15
CA THR X 405 44.18 52.65 -64.92
C THR X 405 43.96 51.95 -63.59
N GLY X 406 43.89 50.64 -63.61
CA GLY X 406 43.59 49.84 -62.45
C GLY X 406 42.27 49.12 -62.51
N ASN X 407 41.42 49.44 -63.48
CA ASN X 407 40.17 48.73 -63.71
C ASN X 407 40.35 47.71 -64.83
N ASN X 408 39.59 46.63 -64.75
CA ASN X 408 39.62 45.59 -65.76
C ASN X 408 38.20 45.27 -66.22
N PHE X 409 38.12 44.69 -67.41
CA PHE X 409 36.85 44.29 -68.01
C PHE X 409 36.91 42.80 -68.31
N THR X 410 35.77 42.13 -68.15
CA THR X 410 35.70 40.71 -68.46
C THR X 410 34.27 40.33 -68.81
N PHE X 411 34.15 39.27 -69.62
CA PHE X 411 32.85 38.69 -69.90
C PHE X 411 33.05 37.27 -70.43
N SER X 412 32.04 36.44 -70.24
CA SER X 412 32.07 35.06 -70.67
C SER X 412 30.95 34.80 -71.67
N TYR X 413 31.23 33.94 -72.65
CA TYR X 413 30.29 33.63 -73.71
C TYR X 413 30.28 32.13 -73.93
N THR X 414 29.11 31.58 -74.21
CA THR X 414 28.96 30.16 -74.52
C THR X 414 28.52 30.01 -75.96
N PHE X 415 29.27 29.23 -76.74
CA PHE X 415 28.89 28.96 -78.11
C PHE X 415 27.65 28.09 -78.16
N GLU X 416 26.80 28.33 -79.15
CA GLU X 416 25.67 27.45 -79.40
C GLU X 416 26.17 26.12 -79.98
N ASP X 417 25.29 25.13 -79.97
CA ASP X 417 25.63 23.83 -80.51
C ASP X 417 25.81 23.93 -82.02
N VAL X 418 26.98 23.53 -82.51
CA VAL X 418 27.29 23.58 -83.93
C VAL X 418 27.92 22.25 -84.33
N PRO X 419 27.81 21.87 -85.61
CA PRO X 419 28.45 20.63 -86.06
C PRO X 419 29.95 20.71 -85.94
N PHE X 420 30.56 19.55 -85.69
CA PHE X 420 32.02 19.46 -85.72
C PHE X 420 32.52 19.77 -87.13
N HIS X 421 33.60 20.53 -87.22
CA HIS X 421 34.24 20.74 -88.50
C HIS X 421 34.82 19.43 -89.01
N SER X 422 34.59 19.15 -90.30
CA SER X 422 35.09 17.91 -90.93
C SER X 422 36.59 18.01 -91.19
N SER X 423 37.40 17.78 -90.15
CA SER X 423 38.85 17.82 -90.29
C SER X 423 39.40 16.49 -90.79
N TYR X 424 38.83 16.01 -91.89
CA TYR X 424 39.24 14.75 -92.49
C TYR X 424 38.99 14.83 -93.99
N ALA X 425 39.67 13.97 -94.72
CA ALA X 425 39.43 13.77 -96.14
C ALA X 425 38.88 12.37 -96.37
N HIS X 426 37.85 12.28 -97.21
CA HIS X 426 37.26 10.97 -97.48
C HIS X 426 38.23 10.09 -98.26
N SER X 427 38.38 8.86 -97.81
CA SER X 427 39.20 7.88 -98.51
C SER X 427 38.42 7.10 -99.56
N GLN X 428 37.13 7.40 -99.73
CA GLN X 428 36.32 6.83 -100.78
C GLN X 428 35.70 7.95 -101.61
N SER X 429 35.48 7.67 -102.89
CA SER X 429 34.79 8.60 -103.77
C SER X 429 33.31 8.24 -103.82
N LEU X 430 32.48 9.25 -104.05
CA LEU X 430 31.03 9.05 -104.07
C LEU X 430 30.59 8.15 -105.22
N ASP X 431 31.41 8.04 -106.27
CA ASP X 431 31.05 7.22 -107.45
C ASP X 431 31.73 5.85 -107.38
N ARG X 432 32.41 5.56 -106.26
CA ARG X 432 33.13 4.29 -106.08
C ARG X 432 32.79 3.68 -104.72
N LEU X 433 31.50 3.65 -104.38
CA LEU X 433 31.04 3.15 -103.11
C LEU X 433 30.54 1.71 -103.16
N MET X 434 30.72 1.04 -104.30
CA MET X 434 30.16 -0.29 -104.52
C MET X 434 31.18 -1.37 -104.20
N ASN X 435 30.73 -2.63 -104.32
CA ASN X 435 31.59 -3.78 -104.22
C ASN X 435 32.05 -4.16 -105.61
N PRO X 436 33.33 -4.04 -105.95
CA PRO X 436 33.78 -4.30 -107.33
C PRO X 436 33.71 -5.77 -107.72
N LEU X 437 33.50 -6.67 -106.78
CA LEU X 437 33.52 -8.10 -107.07
C LEU X 437 32.15 -8.64 -107.47
N ILE X 438 31.07 -7.99 -107.06
CA ILE X 438 29.72 -8.50 -107.25
C ILE X 438 28.99 -7.58 -108.23
N ASP X 439 28.30 -8.18 -109.21
CA ASP X 439 27.47 -7.41 -110.12
C ASP X 439 26.21 -6.93 -109.41
N GLN X 440 25.61 -5.88 -109.96
CA GLN X 440 24.33 -5.40 -109.49
C GLN X 440 23.20 -6.23 -110.10
N TYR X 441 22.11 -6.36 -109.35
CA TYR X 441 20.92 -7.02 -109.89
C TYR X 441 20.07 -6.08 -110.74
N LEU X 442 20.32 -4.78 -110.67
CA LEU X 442 19.58 -3.82 -111.49
C LEU X 442 20.18 -3.75 -112.88
N TYR X 443 19.32 -3.42 -113.85
CA TYR X 443 19.70 -3.32 -115.25
C TYR X 443 19.72 -1.86 -115.68
N TYR X 444 20.58 -1.56 -116.65
CA TYR X 444 20.65 -0.24 -117.27
C TYR X 444 20.65 -0.41 -118.78
N LEU X 445 20.12 0.59 -119.48
CA LEU X 445 20.13 0.58 -120.94
C LEU X 445 21.57 0.71 -121.43
N SER X 446 22.11 -0.38 -121.98
CA SER X 446 23.49 -0.40 -122.42
C SER X 446 23.64 -0.21 -123.93
N ARG X 447 22.67 -0.67 -124.68
CA ARG X 447 22.73 -0.48 -126.15
C ARG X 447 21.40 0.05 -126.66
N THR X 448 21.45 0.82 -127.74
CA THR X 448 20.27 1.39 -128.35
C THR X 448 20.03 0.92 -129.78
N ASN X 449 20.94 0.14 -130.36
CA ASN X 449 20.76 -0.41 -131.69
C ASN X 449 21.60 -1.67 -131.83
N THR X 450 21.31 -2.44 -132.87
CA THR X 450 22.04 -3.65 -133.18
C THR X 450 22.35 -3.70 -134.67
N PRO X 451 23.44 -4.38 -135.10
CA PRO X 451 23.70 -4.52 -136.54
C PRO X 451 22.53 -5.24 -137.20
N SER X 452 21.95 -4.63 -138.23
CA SER X 452 20.86 -5.29 -138.99
C SER X 452 21.23 -5.27 -140.47
N GLY X 453 21.36 -6.44 -141.10
CA GLY X 453 21.83 -6.48 -142.50
C GLY X 453 23.18 -5.81 -142.63
N THR X 454 23.30 -4.83 -143.52
CA THR X 454 24.57 -4.08 -143.68
C THR X 454 24.36 -2.67 -143.12
N THR X 455 23.19 -2.41 -142.54
CA THR X 455 22.90 -1.10 -141.90
C THR X 455 22.75 -1.32 -140.39
N THR X 456 22.00 -0.45 -139.72
CA THR X 456 21.73 -0.63 -138.26
C THR X 456 20.22 -0.59 -138.02
N GLN X 457 19.78 -1.23 -136.94
CA GLN X 457 18.37 -1.23 -136.59
C GLN X 457 18.20 -0.90 -135.12
N SER X 458 17.21 -0.08 -134.80
CA SER X 458 16.98 0.32 -133.42
C SER X 458 16.54 -0.88 -132.58
N ARG X 459 17.21 -1.08 -131.45
CA ARG X 459 16.91 -2.20 -130.58
C ARG X 459 17.47 -1.90 -129.19
N LEU X 460 16.62 -1.89 -128.18
CA LEU X 460 17.04 -1.60 -126.82
C LEU X 460 17.57 -2.86 -126.15
N GLN X 461 18.70 -2.75 -125.48
CA GLN X 461 19.28 -3.84 -124.71
C GLN X 461 19.72 -3.32 -123.35
N PHE X 462 19.73 -4.22 -122.37
CA PHE X 462 20.01 -3.88 -120.99
C PHE X 462 21.05 -4.82 -120.41
N SER X 463 21.88 -4.30 -119.52
CA SER X 463 22.96 -5.08 -118.91
C SER X 463 22.98 -4.79 -117.41
N GLN X 464 23.54 -5.73 -116.67
CA GLN X 464 23.81 -5.55 -115.26
C GLN X 464 25.22 -4.98 -115.09
N ALA X 465 25.34 -3.93 -114.28
CA ALA X 465 26.60 -3.23 -114.14
C ALA X 465 27.52 -3.94 -113.15
N GLY X 466 28.79 -4.05 -113.51
CA GLY X 466 29.82 -4.62 -112.66
C GLY X 466 31.02 -3.69 -112.61
N ALA X 467 32.21 -4.30 -112.53
CA ALA X 467 33.43 -3.53 -112.44
C ALA X 467 33.87 -2.96 -113.79
N SER X 468 33.64 -3.71 -114.87
CA SER X 468 34.10 -3.28 -116.19
C SER X 468 33.33 -2.06 -116.68
N ASP X 469 32.05 -1.96 -116.36
CA ASP X 469 31.22 -0.82 -116.72
C ASP X 469 30.78 -0.11 -115.46
N ILE X 470 31.74 0.12 -114.55
CA ILE X 470 31.45 0.67 -113.23
C ILE X 470 30.80 2.05 -113.29
N ARG X 471 30.96 2.77 -114.39
CA ARG X 471 30.37 4.10 -114.50
C ARG X 471 28.85 4.05 -114.64
N ASP X 472 28.28 2.91 -115.02
CA ASP X 472 26.86 2.78 -115.28
C ASP X 472 26.09 2.22 -114.08
N GLN X 473 26.76 2.01 -112.95
CA GLN X 473 26.11 1.39 -111.81
C GLN X 473 25.05 2.32 -111.21
N SER X 474 23.93 1.73 -110.79
CA SER X 474 22.90 2.49 -110.11
C SER X 474 23.40 2.94 -108.74
N ARG X 475 23.12 4.19 -108.41
CA ARG X 475 23.65 4.80 -107.20
C ARG X 475 22.53 5.50 -106.44
N ASN X 476 22.78 5.72 -105.15
CA ASN X 476 21.78 6.29 -104.25
C ASN X 476 21.98 7.78 -104.00
N TRP X 477 23.13 8.34 -104.35
CA TRP X 477 23.50 9.69 -103.96
C TRP X 477 24.06 10.45 -105.15
N LEU X 478 24.14 11.77 -104.99
CA LEU X 478 24.61 12.69 -106.02
C LEU X 478 25.64 13.63 -105.44
N PRO X 479 26.56 14.14 -106.26
CA PRO X 479 27.52 15.14 -105.78
C PRO X 479 26.83 16.45 -105.45
N GLY X 480 27.46 17.21 -104.55
CA GLY X 480 26.89 18.44 -104.04
C GLY X 480 26.67 19.51 -105.09
N PRO X 481 26.08 20.63 -104.69
CA PRO X 481 25.73 21.68 -105.66
C PRO X 481 26.96 22.38 -106.19
N CYS X 482 26.74 23.03 -107.34
CA CYS X 482 27.84 23.64 -108.11
C CYS X 482 27.47 25.05 -108.57
N TYR X 483 28.47 25.94 -108.67
CA TYR X 483 28.30 27.26 -109.26
C TYR X 483 29.60 27.57 -109.99
N ARG X 484 29.63 27.29 -111.29
CA ARG X 484 30.89 27.13 -112.02
C ARG X 484 31.76 28.38 -111.95
N GLN X 485 33.05 28.16 -111.77
CA GLN X 485 34.07 29.21 -111.74
C GLN X 485 34.97 29.09 -112.96
N GLN X 486 35.54 30.21 -113.38
CA GLN X 486 36.53 30.18 -114.45
C GLN X 486 37.84 29.59 -113.94
N ARG X 487 38.52 28.86 -114.82
CA ARG X 487 39.76 28.19 -114.47
C ARG X 487 40.95 29.07 -114.86
N VAL X 488 41.83 29.27 -113.87
CA VAL X 488 43.07 30.05 -114.07
C VAL X 488 44.23 29.13 -113.69
N SER X 489 45.41 29.34 -114.27
CA SER X 489 46.58 28.52 -114.03
C SER X 489 47.65 29.32 -113.30
N LYS X 490 48.37 28.65 -112.40
CA LYS X 490 49.47 29.31 -111.65
C LYS X 490 50.62 29.59 -112.63
N THR X 491 50.74 28.79 -113.70
CA THR X 491 51.74 29.08 -114.76
C THR X 491 51.16 30.21 -115.60
N SER X 492 51.79 31.39 -115.60
CA SER X 492 51.20 32.57 -116.28
C SER X 492 50.97 32.34 -117.78
N ALA X 493 51.94 31.78 -118.50
CA ALA X 493 51.80 31.64 -119.94
C ALA X 493 50.55 30.86 -120.32
N ASP X 494 50.06 30.00 -119.43
CA ASP X 494 48.90 29.16 -119.73
C ASP X 494 47.59 29.95 -119.74
N ASN X 495 47.58 31.17 -119.25
CA ASN X 495 46.36 31.96 -119.15
C ASN X 495 46.15 32.79 -120.42
N ASN X 496 44.90 33.17 -120.64
CA ASN X 496 44.56 33.99 -121.79
C ASN X 496 45.15 35.39 -121.64
N ASN X 497 45.65 35.94 -122.73
CA ASN X 497 46.28 37.26 -122.73
C ASN X 497 45.20 38.33 -122.89
N SER X 498 44.44 38.51 -121.81
CA SER X 498 43.37 39.50 -121.78
C SER X 498 43.05 39.81 -120.33
N GLU X 499 42.25 40.87 -120.15
CA GLU X 499 41.78 41.25 -118.78
C GLU X 499 40.40 40.63 -118.59
N TYR X 500 40.35 39.53 -117.83
CA TYR X 500 39.11 38.79 -117.61
C TYR X 500 38.82 38.59 -116.12
N SER X 501 39.39 39.43 -115.25
CA SER X 501 39.14 39.26 -113.82
C SER X 501 37.71 39.60 -113.44
N TRP X 502 36.99 40.33 -114.28
CA TRP X 502 35.59 40.66 -114.02
C TRP X 502 34.65 40.16 -115.11
N THR X 503 35.05 40.24 -116.38
CA THR X 503 34.19 39.76 -117.45
C THR X 503 33.96 38.25 -117.34
N GLY X 504 35.02 37.50 -117.04
CA GLY X 504 34.93 36.07 -116.83
C GLY X 504 34.66 35.65 -115.41
N ALA X 505 34.41 36.61 -114.52
CA ALA X 505 34.21 36.30 -113.11
C ALA X 505 32.82 35.74 -112.86
N THR X 506 32.72 34.95 -111.79
CA THR X 506 31.44 34.40 -111.35
C THR X 506 30.79 35.38 -110.38
N LYS X 507 29.56 35.80 -110.70
CA LYS X 507 28.91 36.90 -110.00
C LYS X 507 27.48 36.52 -109.62
N TYR X 508 26.97 37.20 -108.60
CA TYR X 508 25.56 37.16 -108.28
C TYR X 508 24.99 38.57 -108.35
N HIS X 509 23.75 38.68 -108.81
CA HIS X 509 23.09 39.95 -109.07
C HIS X 509 22.11 40.23 -107.95
N LEU X 510 22.24 41.39 -107.30
CA LEU X 510 21.40 41.76 -106.18
C LEU X 510 21.10 43.25 -106.25
N ASN X 511 19.83 43.60 -106.43
CA ASN X 511 19.37 44.99 -106.48
C ASN X 511 20.10 45.79 -107.55
N GLY X 512 20.34 45.17 -108.70
CA GLY X 512 20.99 45.84 -109.79
C GLY X 512 22.50 45.95 -109.70
N ARG X 513 23.09 45.39 -108.65
CA ARG X 513 24.57 45.43 -108.55
C ARG X 513 25.17 44.02 -108.57
N ASP X 514 26.25 43.84 -109.32
CA ASP X 514 26.97 42.59 -109.41
C ASP X 514 28.02 42.52 -108.32
N SER X 515 28.00 41.43 -107.54
CA SER X 515 29.00 41.17 -106.53
C SER X 515 29.78 39.93 -106.90
N LEU X 516 31.08 39.95 -106.66
CA LEU X 516 31.92 38.80 -106.94
C LEU X 516 31.54 37.65 -106.00
N VAL X 517 31.44 36.44 -106.56
CA VAL X 517 31.21 35.23 -105.79
C VAL X 517 32.57 34.73 -105.35
N ASN X 518 32.91 34.95 -104.08
CA ASN X 518 34.24 34.67 -103.57
C ASN X 518 34.16 34.32 -102.09
N PRO X 519 34.49 33.09 -101.70
CA PRO X 519 34.90 31.95 -102.54
C PRO X 519 33.72 31.15 -103.08
N GLY X 520 32.50 31.44 -102.63
CA GLY X 520 31.32 30.78 -103.12
C GLY X 520 31.10 29.41 -102.51
N PRO X 521 30.23 28.61 -103.13
CA PRO X 521 29.96 27.27 -102.63
C PRO X 521 31.21 26.41 -102.64
N ALA X 522 31.30 25.51 -101.66
CA ALA X 522 32.48 24.66 -101.49
C ALA X 522 32.59 23.69 -102.66
N MET X 523 33.66 23.81 -103.43
CA MET X 523 33.89 22.97 -104.59
C MET X 523 35.38 22.64 -104.67
N ALA X 524 35.68 21.52 -105.30
CA ALA X 524 37.07 21.10 -105.45
C ALA X 524 37.82 22.07 -106.35
N SER X 525 39.05 22.41 -105.95
CA SER X 525 39.85 23.34 -106.74
C SER X 525 40.20 22.77 -108.09
N HIS X 526 40.51 21.47 -108.16
CA HIS X 526 40.95 20.85 -109.40
C HIS X 526 40.73 19.35 -109.30
N LYS X 527 40.80 18.69 -110.45
CA LYS X 527 40.69 17.24 -110.53
C LYS X 527 42.08 16.62 -110.39
N ASP X 528 42.17 15.32 -110.66
CA ASP X 528 43.44 14.62 -110.52
C ASP X 528 44.50 15.21 -111.46
N ASP X 529 45.71 15.37 -110.93
CA ASP X 529 46.88 15.77 -111.71
C ASP X 529 46.68 17.11 -112.41
N GLU X 530 46.00 18.04 -111.73
CA GLU X 530 45.80 19.38 -112.25
C GLU X 530 45.99 20.40 -111.14
N GLU X 531 47.02 20.21 -110.31
CA GLU X 531 47.24 21.06 -109.15
C GLU X 531 47.57 22.49 -109.53
N LYS X 532 48.00 22.74 -110.77
CA LYS X 532 48.31 24.10 -111.19
C LYS X 532 47.06 24.94 -111.46
N PHE X 533 45.89 24.32 -111.54
CA PHE X 533 44.65 25.01 -111.85
C PHE X 533 43.87 25.28 -110.57
N PHE X 534 43.35 26.50 -110.46
CA PHE X 534 42.49 26.88 -109.35
C PHE X 534 41.36 27.74 -109.87
N PRO X 535 40.21 27.74 -109.19
CA PRO X 535 39.11 28.62 -109.61
C PRO X 535 39.48 30.08 -109.45
N GLN X 536 38.92 30.91 -110.33
CA GLN X 536 39.30 32.31 -110.38
C GLN X 536 39.00 33.04 -109.07
N SER X 537 37.83 32.78 -108.50
CA SER X 537 37.46 33.35 -107.20
C SER X 537 36.81 32.29 -106.33
N GLY X 538 37.30 31.05 -106.42
CA GLY X 538 36.72 29.94 -105.67
C GLY X 538 37.54 29.41 -104.53
N VAL X 539 38.69 30.02 -104.22
CA VAL X 539 39.54 29.58 -103.12
C VAL X 539 39.96 30.79 -102.30
N LEU X 540 40.26 30.55 -101.04
CA LEU X 540 40.85 31.59 -100.21
C LEU X 540 42.29 31.84 -100.62
N ILE X 541 42.67 33.10 -100.69
CA ILE X 541 44.03 33.50 -101.05
C ILE X 541 44.58 34.33 -99.89
N PHE X 542 45.61 33.82 -99.25
CA PHE X 542 46.26 34.51 -98.13
C PHE X 542 47.53 35.18 -98.63
N GLY X 543 47.84 36.34 -98.04
CA GLY X 543 49.05 37.06 -98.39
C GLY X 543 50.24 36.59 -97.57
N LYS X 544 51.39 36.50 -98.23
CA LYS X 544 52.63 36.23 -97.52
C LYS X 544 53.03 37.44 -96.69
N GLN X 545 54.00 37.25 -95.81
CA GLN X 545 54.47 38.35 -94.97
C GLN X 545 55.07 39.46 -95.83
N GLY X 546 54.66 40.69 -95.55
CA GLY X 546 55.15 41.84 -96.29
C GLY X 546 54.45 42.11 -97.60
N SER X 547 53.37 41.38 -97.88
CA SER X 547 52.66 41.53 -99.18
C SER X 547 51.87 42.84 -99.20
N GLU X 548 51.88 43.54 -100.32
CA GLU X 548 51.17 44.80 -100.46
C GLU X 548 49.67 44.55 -100.61
N LYS X 549 48.94 45.61 -100.94
CA LYS X 549 47.48 45.53 -101.01
C LYS X 549 46.97 45.36 -102.43
N THR X 550 47.58 46.04 -103.40
CA THR X 550 47.05 46.11 -104.75
C THR X 550 47.99 45.46 -105.74
N ASN X 551 47.45 44.50 -106.51
CA ASN X 551 48.12 43.93 -107.69
C ASN X 551 49.48 43.33 -107.33
N VAL X 552 49.49 42.49 -106.32
CA VAL X 552 50.69 41.73 -105.98
C VAL X 552 50.78 40.51 -106.88
N ASP X 553 51.99 40.03 -107.12
CA ASP X 553 52.21 38.90 -108.00
C ASP X 553 51.74 37.61 -107.34
N ILE X 554 51.70 36.54 -108.13
CA ILE X 554 51.25 35.25 -107.61
C ILE X 554 52.24 34.70 -106.58
N GLU X 555 53.53 34.99 -106.75
CA GLU X 555 54.53 34.53 -105.79
C GLU X 555 54.42 35.24 -104.45
N LYS X 556 53.66 36.33 -104.37
CA LYS X 556 53.45 37.05 -103.13
C LYS X 556 52.26 36.54 -102.34
N VAL X 557 51.48 35.62 -102.89
CA VAL X 557 50.28 35.11 -102.23
C VAL X 557 50.35 33.59 -102.17
N MET X 558 49.61 33.03 -101.23
CA MET X 558 49.50 31.59 -101.04
C MET X 558 48.05 31.18 -101.31
N ILE X 559 47.85 30.40 -102.36
CA ILE X 559 46.52 29.99 -102.80
C ILE X 559 46.19 28.65 -102.16
N THR X 560 45.03 28.58 -101.50
CA THR X 560 44.64 27.36 -100.82
C THR X 560 44.11 26.33 -101.82
N ASP X 561 44.04 25.09 -101.35
CA ASP X 561 43.56 23.98 -102.22
C ASP X 561 42.46 23.23 -101.50
N GLU X 562 41.37 22.97 -102.19
CA GLU X 562 40.22 22.23 -101.68
C GLU X 562 40.07 20.91 -102.42
N GLU X 563 41.18 20.22 -102.65
CA GLU X 563 41.14 18.96 -103.38
C GLU X 563 40.68 17.79 -102.54
N GLU X 564 40.69 17.91 -101.21
CA GLU X 564 40.27 16.80 -100.35
C GLU X 564 38.78 16.53 -100.44
N ILE X 565 38.00 17.46 -100.99
CA ILE X 565 36.55 17.32 -101.06
C ILE X 565 36.08 16.94 -102.46
N ARG X 566 37.01 16.62 -103.37
CA ARG X 566 36.62 16.20 -104.70
C ARG X 566 35.98 14.82 -104.73
N THR X 567 36.02 14.10 -103.61
CA THR X 567 35.34 12.81 -103.53
C THR X 567 33.83 12.97 -103.59
N THR X 568 33.29 14.05 -103.01
CA THR X 568 31.85 14.28 -102.98
C THR X 568 31.42 15.59 -103.66
N ASN X 569 32.33 16.53 -103.87
CA ASN X 569 31.97 17.83 -104.42
C ASN X 569 32.48 17.97 -105.84
N PRO X 570 31.70 18.57 -106.72
CA PRO X 570 32.15 18.75 -108.11
C PRO X 570 33.33 19.71 -108.18
N VAL X 571 34.15 19.52 -109.21
CA VAL X 571 35.25 20.43 -109.46
C VAL X 571 34.70 21.80 -109.81
N ALA X 572 35.31 22.85 -109.25
CA ALA X 572 34.77 24.20 -109.37
C ALA X 572 34.73 24.68 -110.80
N THR X 573 35.73 24.32 -111.59
CA THR X 573 35.89 24.85 -112.94
C THR X 573 35.21 23.99 -114.00
N GLU X 574 34.53 22.92 -113.61
CA GLU X 574 33.90 22.02 -114.56
C GLU X 574 32.39 22.00 -114.32
N GLN X 575 31.68 21.42 -115.27
CA GLN X 575 30.23 21.33 -115.16
C GLN X 575 29.84 20.28 -114.12
N TYR X 576 28.64 20.45 -113.55
CA TYR X 576 28.12 19.43 -112.65
C TYR X 576 27.86 18.13 -113.39
N GLY X 577 27.31 18.21 -114.59
CA GLY X 577 26.96 17.02 -115.35
C GLY X 577 26.25 17.38 -116.63
N SER X 578 25.45 16.44 -117.12
CA SER X 578 24.70 16.63 -118.35
C SER X 578 23.26 16.20 -118.15
N VAL X 579 22.34 16.90 -118.83
CA VAL X 579 20.93 16.59 -118.82
C VAL X 579 20.43 16.56 -120.25
N SER X 580 19.33 15.84 -120.46
CA SER X 580 18.71 15.80 -121.77
C SER X 580 17.97 17.11 -122.04
N THR X 581 17.96 17.52 -123.31
CA THR X 581 17.31 18.76 -123.71
C THR X 581 16.21 18.58 -124.74
N ASN X 582 16.01 17.38 -125.26
CA ASN X 582 14.98 17.15 -126.27
C ASN X 582 14.42 15.75 -126.08
N LEU X 583 13.62 15.30 -127.04
CA LEU X 583 13.03 13.96 -127.04
C LEU X 583 13.47 13.24 -128.31
N GLN X 584 14.34 12.25 -128.16
CA GLN X 584 14.78 11.46 -129.30
C GLN X 584 13.62 10.65 -129.86
N ARG X 585 13.67 10.48 -131.18
CA ARG X 585 12.55 9.77 -131.87
C ARG X 585 13.07 9.25 -133.22
N GLY X 586 12.64 8.06 -133.62
CA GLY X 586 12.98 7.53 -134.92
C GLY X 586 11.98 7.91 -135.99
N ASN X 587 12.20 7.38 -137.19
CA ASN X 587 11.35 7.75 -138.35
C ASN X 587 9.99 7.06 -138.26
N THR X 594 10.33 13.41 -138.79
CA THR X 594 11.69 12.92 -139.15
C THR X 594 12.36 12.38 -137.89
N SER X 595 13.60 11.88 -137.98
CA SER X 595 14.20 11.42 -136.74
C SER X 595 14.91 12.57 -136.03
N ARG X 596 14.96 12.48 -134.70
CA ARG X 596 15.66 13.45 -133.86
C ARG X 596 16.60 12.70 -132.93
N GLN X 597 17.88 13.06 -132.97
CA GLN X 597 18.86 12.41 -132.12
C GLN X 597 18.88 13.04 -130.73
N ALA X 598 19.21 12.24 -129.73
CA ALA X 598 19.23 12.71 -128.35
C ALA X 598 20.31 13.78 -128.18
N ALA X 599 19.95 14.84 -127.46
CA ALA X 599 20.83 15.97 -127.23
C ALA X 599 21.00 16.19 -125.74
N THR X 600 22.19 16.66 -125.35
CA THR X 600 22.52 16.91 -123.96
C THR X 600 23.14 18.30 -123.82
N ALA X 601 23.04 18.86 -122.62
CA ALA X 601 23.64 20.15 -122.32
C ALA X 601 24.39 20.07 -121.00
N ASP X 602 25.45 20.88 -120.90
CA ASP X 602 26.20 20.97 -119.65
C ASP X 602 25.39 21.72 -118.60
N VAL X 603 25.53 21.29 -117.35
CA VAL X 603 24.85 21.94 -116.23
C VAL X 603 25.93 22.73 -115.49
N ASN X 604 26.08 24.00 -115.86
CA ASN X 604 27.09 24.85 -115.24
C ASN X 604 26.67 25.35 -113.86
N THR X 605 25.38 25.33 -113.55
CA THR X 605 24.89 25.69 -112.22
C THR X 605 23.85 24.66 -111.80
N GLN X 606 24.03 24.10 -110.61
CA GLN X 606 23.13 23.06 -110.10
C GLN X 606 22.72 23.41 -108.69
N GLY X 607 21.42 23.53 -108.46
CA GLY X 607 20.90 23.71 -107.13
C GLY X 607 20.86 22.40 -106.36
N VAL X 608 20.45 22.50 -105.11
CA VAL X 608 20.41 21.32 -104.25
C VAL X 608 19.28 20.41 -104.68
N LEU X 609 19.58 19.13 -104.85
CA LEU X 609 18.64 18.08 -105.19
C LEU X 609 18.49 17.10 -104.03
N PRO X 610 17.36 16.44 -103.90
CA PRO X 610 17.25 15.38 -102.89
C PRO X 610 18.25 14.26 -103.14
N GLY X 611 18.84 13.77 -102.06
CA GLY X 611 19.90 12.78 -102.17
C GLY X 611 21.29 13.33 -102.37
N MET X 612 21.45 14.65 -102.35
CA MET X 612 22.77 15.28 -102.60
C MET X 612 23.59 15.31 -101.30
N VAL X 613 24.89 14.98 -101.37
CA VAL X 613 25.82 14.99 -100.27
C VAL X 613 27.04 15.83 -100.67
N TRP X 614 27.58 16.57 -99.72
CA TRP X 614 28.70 17.46 -99.99
C TRP X 614 29.48 17.70 -98.71
N GLN X 615 30.68 18.25 -98.88
CA GLN X 615 31.55 18.66 -97.78
C GLN X 615 31.68 20.18 -97.79
N ASP X 616 31.77 20.77 -96.61
CA ASP X 616 31.92 22.21 -96.49
C ASP X 616 33.37 22.61 -96.77
N ARG X 617 33.58 23.92 -96.88
CA ARG X 617 34.92 24.43 -97.12
C ARG X 617 35.81 24.21 -95.91
N ASP X 618 37.08 23.91 -96.15
CA ASP X 618 38.03 23.68 -95.08
C ASP X 618 38.35 24.97 -94.34
N VAL X 619 38.73 24.83 -93.09
CA VAL X 619 39.21 25.95 -92.28
C VAL X 619 40.74 25.88 -92.23
N TYR X 620 41.36 27.05 -92.04
CA TYR X 620 42.81 27.17 -92.08
C TYR X 620 43.28 27.89 -90.84
N LEU X 621 44.58 27.75 -90.56
CA LEU X 621 45.15 28.43 -89.40
C LEU X 621 45.02 29.94 -89.52
N GLN X 622 45.23 30.48 -90.72
CA GLN X 622 45.04 31.90 -90.99
C GLN X 622 43.60 32.25 -91.32
N GLY X 623 42.71 31.25 -91.41
CA GLY X 623 41.35 31.50 -91.83
C GLY X 623 40.43 31.93 -90.72
N PRO X 624 39.22 32.36 -91.07
CA PRO X 624 38.24 32.75 -90.05
C PRO X 624 37.68 31.54 -89.32
N ILE X 625 37.19 31.81 -88.11
CA ILE X 625 36.62 30.78 -87.25
C ILE X 625 35.11 30.68 -87.40
N TRP X 626 34.42 31.82 -87.35
CA TRP X 626 32.97 31.83 -87.33
C TRP X 626 32.44 32.98 -88.17
N ALA X 627 31.11 33.01 -88.30
CA ALA X 627 30.41 34.13 -88.91
C ALA X 627 29.00 34.15 -88.37
N LYS X 628 28.37 35.33 -88.41
CA LYS X 628 27.00 35.46 -87.94
C LYS X 628 26.03 35.10 -89.06
N ILE X 629 25.14 34.16 -88.78
CA ILE X 629 24.10 33.82 -89.75
C ILE X 629 23.13 34.99 -89.87
N PRO X 630 22.87 35.49 -91.07
CA PRO X 630 21.97 36.64 -91.22
C PRO X 630 20.58 36.33 -90.68
N HIS X 631 19.96 37.33 -90.06
CA HIS X 631 18.62 37.19 -89.50
C HIS X 631 17.63 37.26 -90.65
N THR X 632 17.31 36.10 -91.21
CA THR X 632 16.42 36.00 -92.36
C THR X 632 15.39 34.92 -92.09
N ASP X 633 14.31 34.95 -92.86
CA ASP X 633 13.21 33.97 -92.68
C ASP X 633 13.73 32.58 -93.06
N GLY X 634 14.51 32.48 -94.11
CA GLY X 634 14.99 31.19 -94.56
C GLY X 634 16.47 31.23 -94.91
N HIS X 635 17.11 30.10 -94.72
CA HIS X 635 18.49 29.87 -95.12
C HIS X 635 18.72 28.37 -95.19
N PHE X 636 19.60 27.96 -96.11
CA PHE X 636 19.91 26.55 -96.31
C PHE X 636 21.36 26.32 -95.98
N HIS X 637 21.63 25.39 -95.06
CA HIS X 637 22.97 25.00 -94.65
C HIS X 637 23.80 26.23 -94.31
N PRO X 638 23.53 26.90 -93.18
CA PRO X 638 24.18 28.17 -92.86
C PRO X 638 25.62 28.04 -92.37
N SER X 639 26.41 27.25 -93.08
CA SER X 639 27.86 27.25 -92.91
C SER X 639 28.47 28.39 -93.72
N PRO X 640 29.31 29.23 -93.12
CA PRO X 640 29.88 30.35 -93.86
C PRO X 640 30.65 29.86 -95.09
N LEU X 641 30.50 30.59 -96.19
CA LEU X 641 31.15 30.18 -97.43
C LEU X 641 32.66 30.37 -97.39
N MET X 642 33.13 31.33 -96.59
CA MET X 642 34.57 31.51 -96.41
C MET X 642 35.19 30.46 -95.51
N GLY X 643 34.38 29.64 -94.85
CA GLY X 643 34.87 28.59 -93.98
C GLY X 643 34.65 28.93 -92.52
N GLY X 644 34.25 27.91 -91.75
CA GLY X 644 34.05 28.10 -90.33
C GLY X 644 32.73 27.62 -89.81
N PHE X 645 32.29 28.18 -88.68
CA PHE X 645 31.08 27.76 -87.99
C PHE X 645 30.03 28.86 -88.09
N GLY X 646 28.86 28.50 -88.59
CA GLY X 646 27.75 29.43 -88.64
C GLY X 646 27.04 29.54 -87.31
N LEU X 647 26.95 30.75 -86.77
CA LEU X 647 26.39 30.97 -85.44
C LEU X 647 25.25 31.97 -85.53
N LYS X 648 24.08 31.58 -85.03
CA LYS X 648 22.97 32.53 -84.94
C LYS X 648 23.26 33.61 -83.92
N HIS X 649 23.96 33.26 -82.85
CA HIS X 649 24.40 34.21 -81.82
C HIS X 649 25.91 34.04 -81.68
N PRO X 650 26.69 34.67 -82.55
CA PRO X 650 28.14 34.54 -82.50
C PRO X 650 28.71 35.30 -81.31
N PRO X 651 30.01 35.16 -81.05
CA PRO X 651 30.64 35.97 -80.00
C PRO X 651 30.38 37.45 -80.23
N PRO X 652 29.89 38.16 -79.23
CA PRO X 652 29.48 39.55 -79.45
C PRO X 652 30.66 40.45 -79.77
N GLN X 653 30.37 41.51 -80.52
CA GLN X 653 31.38 42.53 -80.80
C GLN X 653 31.74 43.26 -79.52
N ILE X 654 33.04 43.47 -79.31
CA ILE X 654 33.56 44.17 -78.15
C ILE X 654 34.06 45.52 -78.62
N LEU X 655 33.37 46.59 -78.22
CA LEU X 655 33.67 47.94 -78.67
C LEU X 655 34.41 48.69 -77.58
N ILE X 656 35.50 49.36 -77.96
CA ILE X 656 36.34 50.09 -77.02
C ILE X 656 36.70 51.43 -77.65
N LYS X 657 36.68 52.48 -76.84
CA LYS X 657 37.10 53.80 -77.30
C LYS X 657 37.61 54.61 -76.12
N ASN X 658 38.43 55.61 -76.42
CA ASN X 658 38.94 56.51 -75.40
C ASN X 658 37.90 57.59 -75.11
N THR X 659 37.67 57.84 -73.83
CA THR X 659 36.74 58.90 -73.46
C THR X 659 37.33 60.25 -73.83
N PRO X 660 36.60 61.09 -74.57
CA PRO X 660 37.15 62.40 -74.95
C PRO X 660 37.36 63.28 -73.72
N VAL X 661 38.55 63.86 -73.62
CA VAL X 661 38.90 64.77 -72.55
C VAL X 661 38.99 66.17 -73.15
N PRO X 662 38.06 67.07 -72.84
CA PRO X 662 38.11 68.41 -73.43
C PRO X 662 39.36 69.16 -73.02
N ALA X 663 39.86 69.98 -73.94
CA ALA X 663 40.99 70.85 -73.67
C ALA X 663 40.51 72.08 -72.89
N ASN X 664 41.35 73.10 -72.79
CA ASN X 664 41.02 74.27 -71.99
C ASN X 664 39.79 74.99 -72.55
N PRO X 665 38.71 75.11 -71.79
CA PRO X 665 37.53 75.81 -72.29
C PRO X 665 37.64 77.32 -72.12
N SER X 666 36.74 78.01 -72.83
CA SER X 666 36.67 79.48 -72.73
C SER X 666 35.99 79.87 -71.42
N THR X 667 36.44 80.96 -70.81
CA THR X 667 35.84 81.45 -69.57
C THR X 667 34.43 81.99 -69.79
N THR X 668 34.04 82.25 -71.04
CA THR X 668 32.70 82.68 -71.38
C THR X 668 31.94 81.50 -71.95
N PHE X 669 30.67 81.37 -71.57
CA PHE X 669 29.87 80.24 -72.02
C PHE X 669 29.67 80.28 -73.53
N SER X 670 29.81 79.12 -74.17
CA SER X 670 29.55 78.96 -75.58
C SER X 670 28.70 77.71 -75.78
N ALA X 671 27.60 77.86 -76.53
CA ALA X 671 26.71 76.74 -76.78
C ALA X 671 27.23 75.80 -77.85
N ALA X 672 28.29 76.19 -78.57
CA ALA X 672 28.86 75.32 -79.58
C ALA X 672 29.49 74.10 -78.92
N LYS X 673 29.31 72.94 -79.55
CA LYS X 673 29.88 71.71 -79.02
C LYS X 673 31.40 71.78 -79.04
N PHE X 674 32.00 71.06 -78.09
CA PHE X 674 33.48 71.10 -77.95
C PHE X 674 34.17 70.51 -79.18
N ALA X 675 35.15 71.24 -79.70
CA ALA X 675 35.92 70.77 -80.83
C ALA X 675 37.41 70.62 -80.53
N SER X 676 37.87 71.06 -79.36
CA SER X 676 39.26 70.95 -78.96
C SER X 676 39.36 69.94 -77.82
N PHE X 677 40.25 68.96 -77.98
CA PHE X 677 40.42 67.89 -77.01
C PHE X 677 41.90 67.65 -76.78
N ILE X 678 42.21 67.04 -75.65
CA ILE X 678 43.58 66.62 -75.35
C ILE X 678 43.88 65.36 -76.15
N THR X 679 44.95 65.39 -76.95
CA THR X 679 45.34 64.24 -77.73
C THR X 679 45.77 63.11 -76.82
N GLN X 680 45.21 61.93 -77.02
CA GLN X 680 45.55 60.81 -76.15
C GLN X 680 45.21 59.50 -76.84
N TYR X 681 45.90 58.44 -76.39
CA TYR X 681 45.64 57.08 -76.82
C TYR X 681 45.70 56.18 -75.61
N SER X 682 45.40 54.91 -75.80
CA SER X 682 45.43 53.94 -74.71
C SER X 682 46.16 52.68 -75.16
N THR X 683 46.75 51.99 -74.19
CA THR X 683 47.41 50.72 -74.43
C THR X 683 47.07 49.80 -73.27
N GLY X 684 47.14 48.50 -73.53
CA GLY X 684 46.78 47.54 -72.51
C GLY X 684 46.97 46.13 -73.02
N GLN X 685 46.45 45.17 -72.26
CA GLN X 685 46.54 43.77 -72.59
C GLN X 685 45.14 43.19 -72.76
N VAL X 686 45.03 42.24 -73.69
CA VAL X 686 43.78 41.56 -73.99
C VAL X 686 44.02 40.07 -73.90
N SER X 687 43.08 39.36 -73.27
CA SER X 687 43.16 37.91 -73.11
C SER X 687 41.92 37.26 -73.70
N VAL X 688 42.12 36.23 -74.51
CA VAL X 688 41.04 35.44 -75.09
C VAL X 688 41.31 33.97 -74.78
N GLU X 689 40.38 33.32 -74.11
CA GLU X 689 40.49 31.90 -73.78
C GLU X 689 39.28 31.17 -74.36
N ILE X 690 39.52 30.20 -75.23
CA ILE X 690 38.45 29.45 -75.88
C ILE X 690 38.64 27.98 -75.55
N GLU X 691 37.56 27.33 -75.13
CA GLU X 691 37.52 25.89 -74.94
C GLU X 691 36.95 25.23 -76.19
N TRP X 692 37.67 24.26 -76.73
CA TRP X 692 37.27 23.55 -77.94
C TRP X 692 37.00 22.09 -77.60
N GLU X 693 35.96 21.53 -78.21
CA GLU X 693 35.65 20.11 -78.07
C GLU X 693 36.22 19.34 -79.26
N LEU X 694 36.81 18.19 -78.97
CA LEU X 694 37.49 17.38 -79.98
C LEU X 694 36.68 16.12 -80.28
N GLN X 695 36.69 15.72 -81.54
CA GLN X 695 36.10 14.48 -82.00
C GLN X 695 37.25 13.54 -82.33
N LYS X 696 37.53 12.60 -81.43
CA LYS X 696 38.70 11.76 -81.56
C LYS X 696 38.57 10.82 -82.75
N GLU X 697 39.67 10.64 -83.48
CA GLU X 697 39.70 9.72 -84.61
C GLU X 697 39.59 8.28 -84.13
N ASN X 698 38.76 7.50 -84.82
CA ASN X 698 38.50 6.11 -84.49
C ASN X 698 38.62 5.24 -85.74
N SER X 699 39.69 5.47 -86.50
CA SER X 699 39.86 4.78 -87.76
C SER X 699 40.36 3.36 -87.56
N LYS X 700 40.10 2.48 -88.54
CA LYS X 700 40.58 1.08 -88.50
C LYS X 700 41.39 0.78 -89.77
N ARG X 701 41.90 1.81 -90.45
CA ARG X 701 42.76 1.56 -91.59
C ARG X 701 44.09 0.97 -91.15
N TRP X 702 44.70 0.19 -92.04
CA TRP X 702 45.92 -0.54 -91.70
C TRP X 702 47.17 0.28 -92.00
N ASN X 703 47.28 0.82 -93.21
CA ASN X 703 48.47 1.54 -93.62
C ASN X 703 48.48 2.94 -93.01
N PRO X 704 49.67 3.58 -92.85
CA PRO X 704 49.74 4.90 -92.22
C PRO X 704 48.95 5.99 -92.98
N GLU X 705 48.64 7.10 -92.32
CA GLU X 705 47.81 8.18 -92.92
C GLU X 705 48.68 9.36 -93.35
N ILE X 706 48.11 10.31 -94.09
CA ILE X 706 48.90 11.56 -94.35
C ILE X 706 48.84 12.45 -93.11
N GLN X 707 50.00 12.95 -92.66
CA GLN X 707 50.02 13.87 -91.54
C GLN X 707 50.80 15.12 -91.94
N TYR X 708 50.40 16.27 -91.37
CA TYR X 708 51.19 17.48 -91.57
C TYR X 708 52.50 17.37 -90.80
N THR X 709 53.59 17.80 -91.44
CA THR X 709 54.91 17.65 -90.84
C THR X 709 55.79 18.79 -91.32
N SER X 710 56.82 19.06 -90.53
CA SER X 710 57.83 20.06 -90.96
C SER X 710 58.81 19.36 -91.89
N ASN X 711 59.55 20.10 -92.71
CA ASN X 711 60.45 19.40 -93.65
C ASN X 711 61.80 19.27 -92.95
N TYR X 712 62.40 18.09 -92.98
CA TYR X 712 63.65 17.84 -92.22
C TYR X 712 64.83 18.56 -92.88
N ASN X 713 64.82 18.75 -94.20
CA ASN X 713 65.99 19.32 -94.83
C ASN X 713 66.35 20.68 -94.23
N LYS X 714 67.65 20.98 -94.28
CA LYS X 714 68.15 22.26 -93.73
C LYS X 714 67.60 23.44 -94.50
N SER X 715 67.48 24.56 -93.83
CA SER X 715 66.99 25.77 -94.46
C SER X 715 67.58 26.97 -93.74
N ILE X 716 67.56 28.11 -94.42
CA ILE X 716 68.04 29.35 -93.82
C ILE X 716 67.18 29.74 -92.62
N ASN X 717 65.86 29.63 -92.78
CA ASN X 717 64.91 29.97 -91.73
C ASN X 717 64.04 28.78 -91.38
N VAL X 718 63.66 28.69 -90.12
CA VAL X 718 62.71 27.67 -89.67
C VAL X 718 61.30 28.17 -89.95
N ASP X 719 60.42 27.26 -90.34
CA ASP X 719 59.04 27.64 -90.65
C ASP X 719 58.31 28.07 -89.39
N PHE X 720 57.44 29.08 -89.55
CA PHE X 720 56.61 29.59 -88.46
C PHE X 720 57.45 30.09 -87.29
N THR X 721 58.56 30.74 -87.60
CA THR X 721 59.41 31.41 -86.61
C THR X 721 59.70 32.82 -87.09
N VAL X 722 60.58 33.50 -86.39
CA VAL X 722 61.01 34.84 -86.75
C VAL X 722 62.31 34.76 -87.53
N ASP X 723 62.56 35.75 -88.37
CA ASP X 723 63.80 35.81 -89.13
C ASP X 723 64.82 36.66 -88.37
N THR X 724 65.90 37.03 -89.04
CA THR X 724 66.97 37.82 -88.39
C THR X 724 66.43 39.22 -88.06
N ASN X 725 65.30 39.61 -88.65
CA ASN X 725 64.67 40.92 -88.33
C ASN X 725 63.61 40.71 -87.24
N GLY X 726 63.46 39.47 -86.76
CA GLY X 726 62.45 39.16 -85.73
C GLY X 726 61.04 39.27 -86.29
N VAL X 727 60.90 39.18 -87.62
CA VAL X 727 59.57 39.30 -88.27
C VAL X 727 58.94 37.90 -88.35
N TYR X 728 57.77 37.72 -87.72
CA TYR X 728 57.10 36.44 -87.77
C TYR X 728 56.38 36.27 -89.09
N SER X 729 56.50 35.08 -89.67
CA SER X 729 55.86 34.80 -90.95
C SER X 729 55.22 33.42 -90.89
N GLU X 730 54.17 33.24 -91.69
CA GLU X 730 53.50 31.95 -91.84
C GLU X 730 53.74 31.46 -93.27
N PRO X 731 54.66 30.51 -93.47
CA PRO X 731 55.10 30.19 -94.84
C PRO X 731 53.99 29.66 -95.75
N ARG X 732 53.04 28.90 -95.24
CA ARG X 732 52.02 28.30 -96.08
C ARG X 732 50.73 28.19 -95.29
N PRO X 733 49.58 28.11 -95.98
CA PRO X 733 48.33 27.81 -95.28
C PRO X 733 48.27 26.34 -94.89
N ILE X 734 47.79 26.07 -93.68
CA ILE X 734 47.61 24.71 -93.20
C ILE X 734 46.12 24.49 -93.00
N GLY X 735 45.58 23.49 -93.68
CA GLY X 735 44.20 23.09 -93.50
C GLY X 735 44.06 22.16 -92.31
N THR X 736 42.98 21.40 -92.30
CA THR X 736 42.74 20.43 -91.23
C THR X 736 42.50 19.02 -91.73
N ARG X 737 42.42 18.80 -93.04
CA ARG X 737 41.95 17.52 -93.59
C ARG X 737 43.14 16.66 -93.97
N TYR X 738 43.67 15.96 -92.97
CA TYR X 738 44.79 15.03 -93.16
C TYR X 738 44.43 13.59 -92.83
N LEU X 739 43.68 13.36 -91.75
CA LEU X 739 43.18 12.03 -91.46
C LEU X 739 42.08 11.68 -92.47
N THR X 740 41.78 10.39 -92.56
CA THR X 740 40.81 9.89 -93.52
C THR X 740 39.71 9.13 -92.80
N ARG X 741 38.51 9.21 -93.39
CA ARG X 741 37.35 8.44 -92.87
C ARG X 741 36.60 7.92 -94.10
N ASN X 742 35.96 6.75 -94.01
CA ASN X 742 35.15 6.22 -95.10
C ASN X 742 33.87 7.02 -95.28
N LEU X 743 33.35 7.02 -96.50
CA LEU X 743 32.09 7.70 -96.79
C LEU X 743 30.92 7.03 -96.08
N ALA Y 218 -34.43 79.47 -6.56
CA ALA Y 218 -33.61 78.60 -7.42
C ALA Y 218 -32.41 79.38 -7.95
N ASP Y 219 -32.63 80.64 -8.32
CA ASP Y 219 -31.56 81.44 -8.97
C ASP Y 219 -31.46 82.78 -8.25
N GLY Y 220 -32.14 82.92 -7.11
CA GLY Y 220 -31.98 84.16 -6.34
C GLY Y 220 -32.02 85.40 -7.22
N VAL Y 221 -31.19 86.39 -6.92
CA VAL Y 221 -31.22 87.67 -7.68
C VAL Y 221 -29.93 87.73 -8.47
N GLY Y 222 -30.03 87.75 -9.78
CA GLY Y 222 -28.90 87.86 -10.67
C GLY Y 222 -28.56 86.61 -11.45
N ASN Y 223 -29.28 85.52 -11.23
CA ASN Y 223 -29.09 84.28 -11.99
C ASN Y 223 -30.33 84.02 -12.82
N SER Y 224 -30.14 83.86 -14.12
CA SER Y 224 -31.26 83.61 -15.01
C SER Y 224 -31.84 82.21 -14.79
N SER Y 225 -33.16 82.11 -14.80
CA SER Y 225 -33.85 80.86 -14.58
C SER Y 225 -34.36 80.23 -15.88
N GLY Y 226 -33.97 80.77 -17.03
CA GLY Y 226 -34.40 80.20 -18.29
C GLY Y 226 -33.71 80.91 -19.44
N ASN Y 227 -33.92 80.36 -20.63
CA ASN Y 227 -33.35 80.89 -21.86
C ASN Y 227 -34.45 81.11 -22.89
N TRP Y 228 -34.11 81.88 -23.92
CA TRP Y 228 -35.06 82.19 -24.99
C TRP Y 228 -35.01 81.07 -26.03
N HIS Y 229 -36.11 80.33 -26.14
CA HIS Y 229 -36.20 79.22 -27.12
C HIS Y 229 -37.39 79.49 -28.03
N CYS Y 230 -37.12 80.11 -29.19
CA CYS Y 230 -38.20 80.37 -30.18
C CYS Y 230 -37.71 79.78 -31.50
N ASP Y 231 -38.28 78.66 -31.94
CA ASP Y 231 -37.78 78.00 -33.18
C ASP Y 231 -38.68 76.82 -33.56
N SER Y 232 -38.41 76.18 -34.70
CA SER Y 232 -39.17 74.97 -35.02
C SER Y 232 -38.24 73.96 -35.64
N THR Y 233 -38.46 72.69 -35.32
CA THR Y 233 -37.66 71.58 -35.84
C THR Y 233 -38.57 70.62 -36.56
N TRP Y 234 -38.26 70.33 -37.83
CA TRP Y 234 -39.01 69.37 -38.63
C TRP Y 234 -38.20 68.07 -38.70
N MET Y 235 -38.79 67.00 -38.18
CA MET Y 235 -38.09 65.69 -38.17
C MET Y 235 -39.07 64.61 -38.65
N GLY Y 236 -39.04 64.30 -39.95
CA GLY Y 236 -39.90 63.26 -40.49
C GLY Y 236 -41.36 63.65 -40.38
N ASP Y 237 -42.14 62.82 -39.67
CA ASP Y 237 -43.56 63.03 -39.48
C ASP Y 237 -43.89 63.86 -38.25
N ARG Y 238 -42.94 64.67 -37.78
CA ARG Y 238 -43.16 65.52 -36.62
C ARG Y 238 -42.60 66.90 -36.88
N VAL Y 239 -43.26 67.91 -36.31
CA VAL Y 239 -42.73 69.26 -36.26
C VAL Y 239 -42.94 69.78 -34.84
N THR Y 240 -41.87 70.23 -34.21
CA THR Y 240 -41.91 70.79 -32.86
C THR Y 240 -41.72 72.29 -32.94
N THR Y 241 -42.73 73.04 -32.56
CA THR Y 241 -42.69 74.49 -32.56
C THR Y 241 -42.53 75.00 -31.14
N THR Y 242 -41.55 75.88 -30.92
CA THR Y 242 -41.31 76.49 -29.62
C THR Y 242 -41.41 78.01 -29.76
N SER Y 243 -42.04 78.65 -28.80
CA SER Y 243 -42.24 80.09 -28.82
C SER Y 243 -41.93 80.67 -27.45
N THR Y 244 -41.29 81.84 -27.44
CA THR Y 244 -41.03 82.57 -26.21
C THR Y 244 -41.53 84.00 -26.38
N ARG Y 245 -42.19 84.51 -25.34
CA ARG Y 245 -42.73 85.86 -25.35
C ARG Y 245 -42.46 86.53 -24.00
N THR Y 246 -42.49 87.85 -24.00
CA THR Y 246 -42.37 88.64 -22.79
C THR Y 246 -43.76 89.13 -22.39
N TRP Y 247 -44.17 88.83 -21.17
CA TRP Y 247 -45.50 89.17 -20.69
C TRP Y 247 -45.42 90.18 -19.55
N ALA Y 248 -46.52 90.92 -19.39
CA ALA Y 248 -46.68 91.86 -18.29
C ALA Y 248 -48.00 91.56 -17.59
N LEU Y 249 -47.94 91.39 -16.29
CA LEU Y 249 -49.12 91.04 -15.49
C LEU Y 249 -49.38 92.13 -14.46
N PRO Y 250 -50.46 92.91 -14.59
CA PRO Y 250 -50.78 93.92 -13.60
C PRO Y 250 -51.53 93.30 -12.43
N THR Y 251 -51.95 94.15 -11.50
CA THR Y 251 -52.83 93.76 -10.42
C THR Y 251 -54.26 93.98 -10.86
N TYR Y 252 -55.07 92.91 -10.81
CA TYR Y 252 -56.43 92.95 -11.32
C TYR Y 252 -57.43 93.06 -10.17
N ASN Y 253 -58.40 93.96 -10.33
CA ASN Y 253 -59.48 94.16 -9.37
C ASN Y 253 -58.98 94.61 -8.00
N ASN Y 254 -57.74 95.08 -7.92
CA ASN Y 254 -57.11 95.45 -6.65
C ASN Y 254 -57.16 94.29 -5.67
N HIS Y 255 -56.76 93.11 -6.15
CA HIS Y 255 -56.67 91.88 -5.36
C HIS Y 255 -58.02 91.40 -4.85
N LEU Y 256 -59.11 91.71 -5.55
CA LEU Y 256 -60.44 91.40 -5.07
C LEU Y 256 -61.20 90.53 -6.05
N TYR Y 257 -62.19 89.81 -5.53
CA TYR Y 257 -63.13 89.07 -6.40
C TYR Y 257 -64.39 89.93 -6.39
N LYS Y 258 -64.92 90.28 -7.54
CA LYS Y 258 -66.08 91.14 -7.70
C LYS Y 258 -67.17 90.40 -8.45
N GLN Y 259 -68.37 90.38 -7.90
CA GLN Y 259 -69.52 89.85 -8.61
C GLN Y 259 -69.89 90.77 -9.76
N ILE Y 260 -70.05 90.21 -10.94
CA ILE Y 260 -70.39 90.97 -12.13
C ILE Y 260 -71.68 90.42 -12.71
N SER Y 261 -72.41 91.28 -13.41
CA SER Y 261 -73.68 90.88 -14.02
C SER Y 261 -73.99 91.87 -15.15
N SER Y 262 -74.96 91.49 -15.98
CA SER Y 262 -75.38 92.35 -17.07
C SER Y 262 -76.01 93.63 -16.52
N GLN Y 263 -75.86 94.68 -17.31
CA GLN Y 263 -76.38 96.00 -16.87
C GLN Y 263 -77.90 95.95 -16.86
N SER Y 264 -78.50 96.72 -15.95
CA SER Y 264 -79.97 96.82 -15.96
C SER Y 264 -80.40 97.48 -17.27
N GLY Y 265 -81.50 97.04 -17.85
CA GLY Y 265 -82.01 97.52 -19.12
C GLY Y 265 -81.52 96.76 -20.31
N ALA Y 266 -80.61 95.81 -20.13
CA ALA Y 266 -80.16 94.98 -21.23
C ALA Y 266 -81.26 94.04 -21.68
N SER Y 267 -81.17 93.58 -22.93
CA SER Y 267 -82.13 92.62 -23.44
C SER Y 267 -81.95 91.28 -22.74
N ASN Y 268 -82.98 90.43 -22.84
CA ASN Y 268 -82.91 89.12 -22.21
C ASN Y 268 -81.81 88.26 -22.80
N ASP Y 269 -81.54 88.40 -24.10
CA ASP Y 269 -80.48 87.62 -24.73
C ASP Y 269 -79.11 88.00 -24.21
N ASN Y 270 -78.95 89.23 -23.73
CA ASN Y 270 -77.66 89.73 -23.27
C ASN Y 270 -77.49 89.66 -21.75
N HIS Y 271 -78.46 89.09 -21.04
CA HIS Y 271 -78.36 88.99 -19.59
C HIS Y 271 -77.34 87.93 -19.20
N TYR Y 272 -76.56 88.21 -18.15
CA TYR Y 272 -75.58 87.27 -17.67
C TYR Y 272 -75.26 87.57 -16.20
N PHE Y 273 -74.66 86.58 -15.55
CA PHE Y 273 -74.20 86.70 -14.18
C PHE Y 273 -72.91 85.90 -14.04
N GLY Y 274 -71.95 86.46 -13.30
CA GLY Y 274 -70.68 85.78 -13.15
C GLY Y 274 -69.82 86.48 -12.12
N TYR Y 275 -68.54 86.11 -12.11
CA TYR Y 275 -67.58 86.68 -11.17
C TYR Y 275 -66.30 87.04 -11.89
N SER Y 276 -65.70 88.14 -11.45
CA SER Y 276 -64.40 88.60 -11.95
C SER Y 276 -63.34 88.31 -10.90
N THR Y 277 -62.27 87.65 -11.32
CA THR Y 277 -61.23 87.25 -10.39
C THR Y 277 -60.00 88.14 -10.55
N PRO Y 278 -59.18 88.28 -9.49
CA PRO Y 278 -57.94 89.05 -9.61
C PRO Y 278 -56.83 88.32 -10.34
N TRP Y 279 -57.09 87.12 -10.85
CA TRP Y 279 -56.07 86.32 -11.54
C TRP Y 279 -56.06 86.63 -13.03
N GLY Y 280 -54.92 86.33 -13.65
CA GLY Y 280 -54.79 86.31 -15.09
C GLY Y 280 -54.57 84.89 -15.57
N TYR Y 281 -54.58 84.74 -16.90
CA TYR Y 281 -54.37 83.42 -17.49
C TYR Y 281 -53.55 83.55 -18.75
N PHE Y 282 -52.76 82.51 -19.03
CA PHE Y 282 -51.92 82.47 -20.23
C PHE Y 282 -52.66 81.72 -21.33
N ASP Y 283 -52.87 82.39 -22.45
CA ASP Y 283 -53.61 81.83 -23.58
C ASP Y 283 -52.66 81.71 -24.77
N PHE Y 284 -52.56 80.49 -25.31
CA PHE Y 284 -51.85 80.27 -26.57
C PHE Y 284 -52.68 79.40 -27.50
N ASN Y 285 -54.00 79.59 -27.48
CA ASN Y 285 -54.93 78.80 -28.29
C ASN Y 285 -55.17 79.46 -29.65
N ARG Y 286 -54.07 79.80 -30.34
CA ARG Y 286 -54.12 80.29 -31.71
C ARG Y 286 -52.88 79.80 -32.42
N PHE Y 287 -53.01 79.47 -33.70
CA PHE Y 287 -51.87 78.83 -34.42
C PHE Y 287 -50.70 79.80 -34.60
N HIS Y 288 -50.97 81.11 -34.71
CA HIS Y 288 -49.92 82.13 -34.93
C HIS Y 288 -49.00 82.20 -33.70
N CYS Y 289 -49.43 81.68 -32.56
CA CYS Y 289 -48.63 81.70 -31.30
C CYS Y 289 -47.51 80.68 -31.39
N HIS Y 290 -47.59 79.73 -32.32
CA HIS Y 290 -46.57 78.68 -32.45
C HIS Y 290 -45.97 78.57 -33.83
N PHE Y 291 -46.71 78.90 -34.88
CA PHE Y 291 -46.25 78.76 -36.26
C PHE Y 291 -45.94 80.13 -36.84
N SER Y 292 -44.75 80.28 -37.40
CA SER Y 292 -44.47 81.43 -38.24
C SER Y 292 -45.18 81.27 -39.57
N PRO Y 293 -45.37 82.37 -40.32
CA PRO Y 293 -45.99 82.23 -41.65
C PRO Y 293 -45.25 81.28 -42.58
N ARG Y 294 -43.91 81.29 -42.54
CA ARG Y 294 -43.16 80.31 -43.31
C ARG Y 294 -43.40 78.90 -42.80
N ASP Y 295 -43.50 78.73 -41.48
CA ASP Y 295 -43.84 77.43 -40.91
C ASP Y 295 -45.21 76.97 -41.37
N TRP Y 296 -46.19 77.89 -41.38
CA TRP Y 296 -47.52 77.56 -41.85
C TRP Y 296 -47.51 77.16 -43.32
N GLN Y 297 -46.76 77.88 -44.15
CA GLN Y 297 -46.68 77.53 -45.56
C GLN Y 297 -46.03 76.17 -45.76
N ARG Y 298 -44.98 75.88 -44.98
CA ARG Y 298 -44.35 74.56 -45.03
C ARG Y 298 -45.31 73.47 -44.58
N LEU Y 299 -46.17 73.76 -43.61
CA LEU Y 299 -47.11 72.76 -43.12
C LEU Y 299 -48.22 72.49 -44.14
N ILE Y 300 -48.81 73.54 -44.69
CA ILE Y 300 -50.02 73.37 -45.48
C ILE Y 300 -49.75 72.98 -46.92
N ASN Y 301 -48.55 73.22 -47.44
CA ASN Y 301 -48.23 72.88 -48.82
C ASN Y 301 -47.71 71.47 -48.99
N ASN Y 302 -47.48 70.75 -47.90
CA ASN Y 302 -46.82 69.44 -47.98
C ASN Y 302 -47.50 68.34 -47.20
N ASN Y 303 -48.48 68.64 -46.36
CA ASN Y 303 -49.08 67.66 -45.48
C ASN Y 303 -50.57 67.57 -45.73
N TRP Y 304 -51.10 66.35 -45.67
CA TRP Y 304 -52.52 66.09 -45.76
C TRP Y 304 -53.24 66.19 -44.42
N GLY Y 305 -52.51 66.35 -43.32
CA GLY Y 305 -53.13 66.47 -42.02
C GLY Y 305 -52.10 66.70 -40.95
N PHE Y 306 -52.58 67.16 -39.80
CA PHE Y 306 -51.73 67.38 -38.63
C PHE Y 306 -52.59 67.39 -37.38
N ARG Y 307 -51.95 67.14 -36.24
CA ARG Y 307 -52.62 67.13 -34.96
C ARG Y 307 -51.59 67.34 -33.86
N PRO Y 308 -51.96 67.98 -32.76
CA PRO Y 308 -51.02 68.13 -31.65
C PRO Y 308 -50.84 66.84 -30.87
N LYS Y 309 -49.63 66.67 -30.33
CA LYS Y 309 -49.25 65.46 -29.61
C LYS Y 309 -48.95 65.73 -28.15
N ARG Y 310 -48.09 66.69 -27.85
CA ARG Y 310 -47.75 67.03 -26.47
C ARG Y 310 -47.25 68.46 -26.43
N LEU Y 311 -47.28 69.07 -25.25
CA LEU Y 311 -46.80 70.43 -25.09
C LEU Y 311 -45.98 70.55 -23.80
N ASN Y 312 -45.11 71.55 -23.79
CA ASN Y 312 -44.29 71.87 -22.59
C ASN Y 312 -44.44 73.37 -22.36
N PHE Y 313 -44.61 73.81 -21.12
CA PHE Y 313 -44.85 75.20 -20.75
C PHE Y 313 -43.86 75.61 -19.69
N LYS Y 314 -43.37 76.86 -19.82
CA LYS Y 314 -42.42 77.36 -18.82
C LYS Y 314 -42.57 78.85 -18.54
N LEU Y 315 -42.53 79.24 -17.28
CA LEU Y 315 -42.46 80.64 -16.85
C LEU Y 315 -41.13 80.85 -16.14
N PHE Y 316 -40.42 81.91 -16.51
CA PHE Y 316 -39.07 82.11 -15.98
C PHE Y 316 -38.72 83.59 -16.07
N ASN Y 317 -37.59 83.93 -15.45
CA ASN Y 317 -37.09 85.30 -15.41
C ASN Y 317 -38.15 86.25 -14.89
N ILE Y 318 -38.78 85.87 -13.79
CA ILE Y 318 -39.89 86.63 -13.23
C ILE Y 318 -39.37 87.80 -12.42
N GLN Y 319 -39.84 89.00 -12.75
CA GLN Y 319 -39.45 90.22 -12.07
C GLN Y 319 -40.72 90.88 -11.54
N VAL Y 320 -40.73 91.20 -10.26
CA VAL Y 320 -41.83 91.94 -9.64
C VAL Y 320 -41.37 93.37 -9.45
N LYS Y 321 -42.12 94.31 -10.04
CA LYS Y 321 -41.80 95.73 -10.00
C LYS Y 321 -42.80 96.44 -9.12
N GLU Y 322 -42.30 97.24 -8.18
CA GLU Y 322 -43.16 98.06 -7.32
C GLU Y 322 -43.27 99.46 -7.91
N VAL Y 323 -44.50 99.95 -8.06
CA VAL Y 323 -44.78 101.25 -8.65
C VAL Y 323 -45.26 102.18 -7.55
N THR Y 324 -44.65 103.36 -7.47
CA THR Y 324 -45.04 104.40 -6.53
C THR Y 324 -45.27 105.70 -7.29
N GLN Y 325 -46.14 106.54 -6.73
CA GLN Y 325 -46.49 107.81 -7.35
C GLN Y 325 -46.50 108.89 -6.27
N ASN Y 326 -45.49 109.75 -6.28
CA ASN Y 326 -45.35 110.80 -5.27
C ASN Y 326 -45.22 112.14 -5.97
N ASP Y 327 -46.15 113.05 -5.68
CA ASP Y 327 -46.15 114.40 -6.25
C ASP Y 327 -46.14 114.38 -7.78
N GLY Y 328 -46.91 113.46 -8.36
CA GLY Y 328 -47.04 113.39 -9.79
C GLY Y 328 -45.91 112.68 -10.52
N THR Y 329 -45.01 112.02 -9.80
CA THR Y 329 -43.89 111.31 -10.40
C THR Y 329 -44.07 109.81 -10.25
N THR Y 330 -43.94 109.09 -11.36
CA THR Y 330 -44.06 107.63 -11.37
C THR Y 330 -42.66 107.03 -11.27
N THR Y 331 -42.41 106.32 -10.17
CA THR Y 331 -41.12 105.68 -9.91
C THR Y 331 -41.32 104.18 -9.84
N ILE Y 332 -40.52 103.44 -10.59
CA ILE Y 332 -40.59 101.98 -10.63
C ILE Y 332 -39.28 101.41 -10.11
N ALA Y 333 -39.39 100.51 -9.13
CA ALA Y 333 -38.22 99.89 -8.53
C ALA Y 333 -38.47 98.39 -8.40
N ASN Y 334 -37.38 97.64 -8.32
CA ASN Y 334 -37.49 96.19 -8.17
C ASN Y 334 -38.00 95.81 -6.78
N ASN Y 335 -38.74 94.71 -6.73
CA ASN Y 335 -39.18 94.09 -5.48
C ASN Y 335 -38.70 92.65 -5.52
N LEU Y 336 -37.54 92.39 -4.93
CA LEU Y 336 -36.91 91.07 -5.03
C LEU Y 336 -37.53 90.05 -4.10
N THR Y 337 -38.38 90.45 -3.16
CA THR Y 337 -38.98 89.53 -2.22
C THR Y 337 -40.44 89.21 -2.50
N SER Y 338 -41.06 89.89 -3.48
CA SER Y 338 -42.44 89.59 -3.82
C SER Y 338 -42.52 88.34 -4.69
N THR Y 339 -43.69 87.70 -4.66
CA THR Y 339 -43.93 86.46 -5.38
C THR Y 339 -45.07 86.63 -6.38
N VAL Y 340 -45.18 85.65 -7.27
CA VAL Y 340 -46.33 85.48 -8.15
C VAL Y 340 -46.83 84.05 -7.99
N GLN Y 341 -48.14 83.90 -7.89
CA GLN Y 341 -48.76 82.59 -7.71
C GLN Y 341 -49.18 82.03 -9.06
N VAL Y 342 -48.71 80.82 -9.36
CA VAL Y 342 -49.00 80.15 -10.62
C VAL Y 342 -49.51 78.74 -10.32
N PHE Y 343 -50.62 78.37 -10.95
CA PHE Y 343 -51.08 76.99 -10.88
C PHE Y 343 -51.84 76.65 -12.16
N THR Y 344 -51.82 75.37 -12.50
CA THR Y 344 -52.53 74.86 -13.67
C THR Y 344 -53.76 74.09 -13.21
N ASP Y 345 -54.90 74.35 -13.85
CA ASP Y 345 -56.15 73.68 -13.52
C ASP Y 345 -56.20 72.33 -14.23
N SER Y 346 -55.37 71.40 -13.78
CA SER Y 346 -55.24 70.08 -14.47
C SER Y 346 -56.42 69.17 -14.17
N GLU Y 347 -57.20 69.46 -13.13
CA GLU Y 347 -58.38 68.67 -12.85
C GLU Y 347 -59.64 69.28 -13.45
N TYR Y 348 -59.52 70.40 -14.15
CA TYR Y 348 -60.65 71.06 -14.83
C TYR Y 348 -61.80 71.34 -13.87
N GLN Y 349 -61.47 71.86 -12.69
CA GLN Y 349 -62.45 72.23 -11.70
C GLN Y 349 -62.93 73.68 -11.83
N LEU Y 350 -62.33 74.45 -12.71
CA LEU Y 350 -62.70 75.83 -12.95
C LEU Y 350 -63.39 75.96 -14.31
N PRO Y 351 -64.26 76.96 -14.48
CA PRO Y 351 -64.89 77.18 -15.79
C PRO Y 351 -63.83 77.43 -16.86
N TYR Y 352 -63.91 76.67 -17.94
CA TYR Y 352 -62.91 76.71 -19.01
C TYR Y 352 -63.27 77.86 -19.95
N VAL Y 353 -62.55 78.97 -19.82
CA VAL Y 353 -62.80 80.14 -20.65
C VAL Y 353 -61.92 80.18 -21.90
N LEU Y 354 -60.92 79.31 -21.99
CA LEU Y 354 -60.19 79.14 -23.24
C LEU Y 354 -61.09 78.48 -24.27
N GLY Y 355 -60.81 78.75 -25.54
CA GLY Y 355 -61.64 78.23 -26.61
C GLY Y 355 -62.86 79.06 -26.93
N SER Y 356 -62.98 80.27 -26.39
CA SER Y 356 -64.05 81.19 -26.74
C SER Y 356 -63.58 82.30 -27.67
N ALA Y 357 -62.41 82.13 -28.29
CA ALA Y 357 -61.86 83.11 -29.24
C ALA Y 357 -61.67 84.48 -28.58
N HIS Y 358 -61.02 84.47 -27.42
CA HIS Y 358 -60.79 85.69 -26.66
C HIS Y 358 -59.42 86.28 -26.97
N GLN Y 359 -59.33 87.60 -26.87
CA GLN Y 359 -58.08 88.31 -27.05
C GLN Y 359 -57.17 88.10 -25.84
N GLY Y 360 -55.90 88.42 -26.02
CA GLY Y 360 -54.91 88.25 -24.97
C GLY Y 360 -53.97 87.08 -25.15
N CYS Y 361 -53.91 86.50 -26.34
CA CYS Y 361 -53.04 85.36 -26.59
C CYS Y 361 -51.59 85.83 -26.71
N LEU Y 362 -50.71 84.87 -26.93
CA LEU Y 362 -49.31 85.19 -27.25
C LEU Y 362 -49.27 85.87 -28.61
N PRO Y 363 -48.62 87.03 -28.73
CA PRO Y 363 -48.66 87.74 -30.00
C PRO Y 363 -47.97 86.94 -31.09
N PRO Y 364 -48.45 87.05 -32.34
CA PRO Y 364 -47.82 86.27 -33.42
C PRO Y 364 -46.37 86.62 -33.65
N PHE Y 365 -45.97 87.88 -33.47
CA PHE Y 365 -44.59 88.28 -33.66
C PHE Y 365 -43.81 88.05 -32.37
N PRO Y 366 -42.70 87.30 -32.41
CA PRO Y 366 -41.98 86.98 -31.17
C PRO Y 366 -41.42 88.18 -30.44
N ALA Y 367 -41.28 89.33 -31.09
CA ALA Y 367 -40.70 90.51 -30.46
C ALA Y 367 -41.72 91.36 -29.73
N ASP Y 368 -43.01 91.03 -29.80
CA ASP Y 368 -44.05 91.81 -29.16
C ASP Y 368 -44.23 91.42 -27.71
N VAL Y 369 -44.50 92.41 -26.86
CA VAL Y 369 -44.77 92.21 -25.45
C VAL Y 369 -46.27 92.34 -25.22
N PHE Y 370 -46.85 91.41 -24.48
CA PHE Y 370 -48.30 91.34 -24.33
C PHE Y 370 -48.70 91.35 -22.86
N MET Y 371 -49.88 91.89 -22.60
CA MET Y 371 -50.47 91.89 -21.27
C MET Y 371 -51.24 90.60 -21.03
N VAL Y 372 -51.15 90.08 -19.82
CA VAL Y 372 -51.86 88.85 -19.45
C VAL Y 372 -53.33 89.17 -19.23
N PRO Y 373 -54.25 88.51 -19.94
CA PRO Y 373 -55.67 88.83 -19.79
C PRO Y 373 -56.21 88.43 -18.43
N GLN Y 374 -57.21 89.18 -17.98
CA GLN Y 374 -57.84 88.91 -16.69
C GLN Y 374 -58.80 87.74 -16.79
N TYR Y 375 -58.75 86.84 -15.81
CA TYR Y 375 -59.60 85.67 -15.80
C TYR Y 375 -60.96 86.01 -15.20
N GLY Y 376 -62.02 85.51 -15.83
CA GLY Y 376 -63.37 85.69 -15.35
C GLY Y 376 -64.26 84.63 -15.96
N TYR Y 377 -65.34 84.32 -15.23
CA TYR Y 377 -66.24 83.26 -15.66
C TYR Y 377 -67.68 83.68 -15.42
N LEU Y 378 -68.59 83.02 -16.13
CA LEU Y 378 -70.01 83.22 -15.98
C LEU Y 378 -70.65 81.95 -15.43
N THR Y 379 -71.70 82.16 -14.63
CA THR Y 379 -72.46 81.04 -14.08
C THR Y 379 -73.93 81.23 -14.41
N LEU Y 380 -74.79 80.38 -13.84
CA LEU Y 380 -76.24 80.43 -14.14
C LEU Y 380 -76.82 81.79 -13.74
N ASN Y 381 -77.74 82.32 -14.53
CA ASN Y 381 -78.38 83.60 -14.21
C ASN Y 381 -79.87 83.57 -14.56
N ASN Y 382 -80.71 84.17 -13.72
CA ASN Y 382 -82.13 84.34 -14.06
C ASN Y 382 -82.24 85.84 -14.32
N GLY Y 383 -81.92 86.29 -15.54
CA GLY Y 383 -81.86 87.73 -15.79
C GLY Y 383 -80.52 88.26 -15.32
N SER Y 384 -80.49 89.41 -14.66
CA SER Y 384 -79.25 89.92 -14.11
C SER Y 384 -78.93 89.31 -12.75
N GLN Y 385 -79.83 88.54 -12.17
CA GLN Y 385 -79.65 87.92 -10.87
C GLN Y 385 -79.09 86.51 -11.02
N ALA Y 386 -78.79 85.90 -9.88
CA ALA Y 386 -78.30 84.53 -9.82
C ALA Y 386 -79.38 83.60 -9.28
N VAL Y 387 -79.12 82.30 -9.41
CA VAL Y 387 -79.99 81.26 -8.86
C VAL Y 387 -79.20 80.47 -7.85
N GLY Y 388 -79.91 79.56 -7.16
CA GLY Y 388 -79.26 78.75 -6.14
C GLY Y 388 -78.22 77.80 -6.70
N ARG Y 389 -78.34 77.44 -7.97
CA ARG Y 389 -77.40 76.53 -8.61
C ARG Y 389 -76.15 77.23 -9.10
N SER Y 390 -76.11 78.56 -9.07
CA SER Y 390 -74.93 79.29 -9.50
C SER Y 390 -73.73 78.94 -8.62
N SER Y 391 -72.57 78.79 -9.24
CA SER Y 391 -71.36 78.36 -8.56
C SER Y 391 -70.38 79.51 -8.44
N PHE Y 392 -69.73 79.61 -7.28
CA PHE Y 392 -68.69 80.58 -7.04
C PHE Y 392 -67.38 79.84 -6.82
N TYR Y 393 -66.30 80.33 -7.42
CA TYR Y 393 -65.00 79.70 -7.36
C TYR Y 393 -63.97 80.69 -6.84
N CYS Y 394 -63.27 80.33 -5.77
CA CYS Y 394 -62.13 81.08 -5.28
C CYS Y 394 -60.86 80.38 -5.75
N LEU Y 395 -60.06 81.08 -6.54
CA LEU Y 395 -58.85 80.50 -7.11
C LEU Y 395 -57.72 80.38 -6.10
N GLU Y 396 -57.83 81.04 -4.95
CA GLU Y 396 -56.87 80.83 -3.87
C GLU Y 396 -57.15 79.57 -3.08
N TYR Y 397 -58.24 78.86 -3.41
CA TYR Y 397 -58.61 77.58 -2.73
C TYR Y 397 -57.93 76.43 -3.48
N PHE Y 398 -57.13 76.74 -4.49
CA PHE Y 398 -56.30 75.79 -5.22
C PHE Y 398 -54.86 75.87 -4.75
N PRO Y 399 -54.14 74.75 -4.74
CA PRO Y 399 -52.70 74.80 -4.44
C PRO Y 399 -51.96 75.46 -5.60
N SER Y 400 -51.20 76.50 -5.29
CA SER Y 400 -50.45 77.25 -6.29
C SER Y 400 -48.99 77.33 -5.88
N GLN Y 401 -48.14 77.53 -6.87
CA GLN Y 401 -46.69 77.63 -6.66
C GLN Y 401 -46.31 79.10 -6.61
N MET Y 402 -45.58 79.48 -5.56
CA MET Y 402 -45.15 80.85 -5.34
C MET Y 402 -43.75 81.03 -5.88
N LEU Y 403 -43.55 82.04 -6.73
CA LEU Y 403 -42.30 82.24 -7.44
C LEU Y 403 -41.76 83.63 -7.14
N ARG Y 404 -40.57 83.68 -6.55
CA ARG Y 404 -39.83 84.93 -6.42
C ARG Y 404 -38.98 85.15 -7.67
N THR Y 405 -38.22 86.24 -7.68
CA THR Y 405 -37.26 86.45 -8.79
C THR Y 405 -36.17 85.39 -8.63
N GLY Y 406 -36.02 84.54 -9.63
CA GLY Y 406 -35.10 83.42 -9.58
C GLY Y 406 -35.77 82.07 -9.54
N ASN Y 407 -37.08 82.02 -9.35
CA ASN Y 407 -37.84 80.78 -9.43
C ASN Y 407 -38.51 80.67 -10.80
N ASN Y 408 -38.70 79.43 -11.25
CA ASN Y 408 -39.35 79.16 -12.52
C ASN Y 408 -40.45 78.14 -12.32
N PHE Y 409 -41.40 78.13 -13.26
CA PHE Y 409 -42.52 77.21 -13.27
C PHE Y 409 -42.50 76.43 -14.57
N THR Y 410 -42.89 75.15 -14.51
CA THR Y 410 -42.95 74.34 -15.70
C THR Y 410 -43.97 73.23 -15.50
N PHE Y 411 -44.54 72.76 -16.62
CA PHE Y 411 -45.40 71.59 -16.60
C PHE Y 411 -45.51 71.05 -18.01
N SER Y 412 -45.78 69.75 -18.11
CA SER Y 412 -45.89 69.06 -19.38
C SER Y 412 -47.29 68.47 -19.52
N TYR Y 413 -47.81 68.48 -20.74
CA TYR Y 413 -49.15 67.99 -21.02
C TYR Y 413 -49.10 67.13 -22.28
N THR Y 414 -49.89 66.07 -22.30
CA THR Y 414 -50.00 65.20 -23.45
C THR Y 414 -51.42 65.30 -24.01
N PHE Y 415 -51.52 65.61 -25.30
CA PHE Y 415 -52.81 65.67 -25.96
C PHE Y 415 -53.40 64.27 -26.08
N GLU Y 416 -54.72 64.17 -25.96
CA GLU Y 416 -55.40 62.93 -26.23
C GLU Y 416 -55.39 62.65 -27.74
N ASP Y 417 -55.72 61.41 -28.10
CA ASP Y 417 -55.78 61.03 -29.50
C ASP Y 417 -56.94 61.76 -30.18
N VAL Y 418 -56.63 62.49 -31.24
CA VAL Y 418 -57.64 63.25 -31.99
C VAL Y 418 -57.42 63.01 -33.47
N PRO Y 419 -58.47 63.14 -34.27
CA PRO Y 419 -58.30 62.97 -35.72
C PRO Y 419 -57.39 64.04 -36.31
N PHE Y 420 -56.67 63.66 -37.36
CA PHE Y 420 -55.88 64.64 -38.10
C PHE Y 420 -56.81 65.67 -38.73
N HIS Y 421 -56.41 66.93 -38.67
CA HIS Y 421 -57.15 67.97 -39.38
C HIS Y 421 -57.04 67.73 -40.88
N SER Y 422 -58.19 67.85 -41.57
CA SER Y 422 -58.24 67.65 -43.03
C SER Y 422 -57.63 68.86 -43.75
N SER Y 423 -56.31 68.92 -43.83
CA SER Y 423 -55.63 70.02 -44.52
C SER Y 423 -55.53 69.75 -46.03
N TYR Y 424 -56.68 69.44 -46.63
CA TYR Y 424 -56.75 69.16 -48.05
C TYR Y 424 -58.14 69.55 -48.55
N ALA Y 425 -58.23 69.75 -49.86
CA ALA Y 425 -59.50 69.96 -50.53
C ALA Y 425 -59.77 68.79 -51.46
N HIS Y 426 -61.01 68.30 -51.44
CA HIS Y 426 -61.36 67.17 -52.29
C HIS Y 426 -61.33 67.58 -53.76
N SER Y 427 -60.68 66.76 -54.59
CA SER Y 427 -60.65 66.97 -56.02
C SER Y 427 -61.82 66.31 -56.73
N GLN Y 428 -62.72 65.66 -55.99
CA GLN Y 428 -63.94 65.10 -56.53
C GLN Y 428 -65.13 65.66 -55.76
N SER Y 429 -66.26 65.77 -56.45
CA SER Y 429 -67.51 66.17 -55.82
C SER Y 429 -68.31 64.93 -55.44
N LEU Y 430 -69.11 65.06 -54.38
CA LEU Y 430 -69.89 63.92 -53.89
C LEU Y 430 -70.93 63.46 -54.89
N ASP Y 431 -71.33 64.34 -55.83
CA ASP Y 431 -72.38 63.98 -56.83
C ASP Y 431 -71.72 63.59 -58.16
N ARG Y 432 -70.39 63.50 -58.20
CA ARG Y 432 -69.65 63.15 -59.41
C ARG Y 432 -68.62 62.07 -59.11
N LEU Y 433 -69.06 61.02 -58.40
CA LEU Y 433 -68.17 59.93 -58.00
C LEU Y 433 -68.28 58.72 -58.91
N MET Y 434 -69.01 58.81 -60.01
CA MET Y 434 -69.29 57.68 -60.87
C MET Y 434 -68.31 57.61 -62.03
N ASN Y 435 -68.45 56.55 -62.84
CA ASN Y 435 -67.71 56.40 -64.08
C ASN Y 435 -68.56 56.98 -65.21
N PRO Y 436 -68.14 58.08 -65.84
CA PRO Y 436 -68.99 58.71 -66.87
C PRO Y 436 -69.12 57.90 -68.14
N LEU Y 437 -68.32 56.85 -68.32
CA LEU Y 437 -68.33 56.08 -69.55
C LEU Y 437 -69.33 54.93 -69.53
N ILE Y 438 -69.69 54.43 -68.35
CA ILE Y 438 -70.51 53.24 -68.21
C ILE Y 438 -71.85 53.63 -67.62
N ASP Y 439 -72.94 53.13 -68.20
CA ASP Y 439 -74.26 53.33 -67.64
C ASP Y 439 -74.45 52.51 -66.37
N GLN Y 440 -75.38 52.94 -65.55
CA GLN Y 440 -75.79 52.17 -64.38
C GLN Y 440 -76.76 51.07 -64.78
N TYR Y 441 -76.73 49.96 -64.05
CA TYR Y 441 -77.73 48.92 -64.25
C TYR Y 441 -79.04 49.20 -63.52
N LEU Y 442 -79.05 50.16 -62.61
CA LEU Y 442 -80.27 50.52 -61.90
C LEU Y 442 -81.11 51.48 -62.74
N TYR Y 443 -82.41 51.42 -62.53
CA TYR Y 443 -83.37 52.24 -63.25
C TYR Y 443 -83.94 53.31 -62.34
N TYR Y 444 -84.31 54.43 -62.93
CA TYR Y 444 -84.99 55.51 -62.23
C TYR Y 444 -86.20 55.94 -63.04
N LEU Y 445 -87.22 56.45 -62.35
CA LEU Y 445 -88.41 56.95 -63.01
C LEU Y 445 -88.06 58.21 -63.78
N SER Y 446 -88.03 58.11 -65.10
CA SER Y 446 -87.64 59.22 -65.96
C SER Y 446 -88.82 59.98 -66.55
N ARG Y 447 -89.91 59.27 -66.80
CA ARG Y 447 -91.11 59.95 -67.35
C ARG Y 447 -92.35 59.53 -66.56
N THR Y 448 -93.32 60.43 -66.48
CA THR Y 448 -94.56 60.16 -65.78
C THR Y 448 -95.78 60.19 -66.68
N ASN Y 449 -95.64 60.57 -67.95
CA ASN Y 449 -96.75 60.56 -68.88
C ASN Y 449 -96.21 60.41 -70.29
N THR Y 450 -97.11 60.10 -71.22
CA THR Y 450 -96.77 59.97 -72.64
C THR Y 450 -97.82 60.68 -73.47
N PRO Y 451 -97.48 61.17 -74.69
CA PRO Y 451 -98.48 61.78 -75.56
C PRO Y 451 -99.56 60.75 -75.88
N SER Y 452 -100.83 61.07 -75.61
CA SER Y 452 -101.94 60.16 -75.96
C SER Y 452 -102.96 60.95 -76.78
N GLY Y 453 -103.21 60.55 -78.02
CA GLY Y 453 -104.11 61.34 -78.89
C GLY Y 453 -103.58 62.75 -79.05
N THR Y 454 -104.40 63.75 -78.76
CA THR Y 454 -103.94 65.16 -78.82
C THR Y 454 -103.82 65.70 -77.39
N THR Y 455 -104.03 64.83 -76.40
CA THR Y 455 -103.86 65.22 -74.98
C THR Y 455 -102.67 64.45 -74.40
N THR Y 456 -102.66 64.23 -73.08
CA THR Y 456 -101.59 63.41 -72.44
C THR Y 456 -102.22 62.30 -71.62
N GLN Y 457 -101.48 61.20 -71.42
CA GLN Y 457 -101.98 60.09 -70.63
C GLN Y 457 -100.90 59.67 -69.64
N SER Y 458 -101.31 59.36 -68.41
CA SER Y 458 -100.36 58.97 -67.38
C SER Y 458 -99.73 57.63 -67.71
N ARG Y 459 -98.40 57.57 -67.67
CA ARG Y 459 -97.66 56.35 -68.00
C ARG Y 459 -96.27 56.46 -67.41
N LEU Y 460 -95.92 55.50 -66.55
CA LEU Y 460 -94.61 55.51 -65.92
C LEU Y 460 -93.58 54.84 -66.82
N GLN Y 461 -92.41 55.49 -66.96
CA GLN Y 461 -91.29 54.94 -67.71
C GLN Y 461 -90.02 55.09 -66.91
N PHE Y 462 -89.07 54.19 -67.16
CA PHE Y 462 -87.83 54.12 -66.40
C PHE Y 462 -86.64 54.06 -67.35
N SER Y 463 -85.54 54.66 -66.92
CA SER Y 463 -84.33 54.71 -67.72
C SER Y 463 -83.13 54.38 -66.86
N GLN Y 464 -82.06 53.93 -67.50
CA GLN Y 464 -80.78 53.73 -66.85
C GLN Y 464 -79.96 55.01 -66.98
N ALA Y 465 -79.39 55.46 -65.87
CA ALA Y 465 -78.70 56.74 -65.84
C ALA Y 465 -77.26 56.59 -66.35
N GLY Y 466 -76.85 57.55 -67.18
CA GLY Y 466 -75.50 57.61 -67.70
C GLY Y 466 -74.93 59.01 -67.51
N ALA Y 467 -74.13 59.43 -68.48
CA ALA Y 467 -73.49 60.75 -68.41
C ALA Y 467 -74.46 61.87 -68.78
N SER Y 468 -75.36 61.63 -69.74
CA SER Y 468 -76.25 62.68 -70.21
C SER Y 468 -77.27 63.08 -69.14
N ASP Y 469 -77.73 62.12 -68.34
CA ASP Y 469 -78.65 62.38 -67.25
C ASP Y 469 -77.97 62.07 -65.93
N ILE Y 470 -76.73 62.56 -65.78
CA ILE Y 470 -75.87 62.24 -64.64
C ILE Y 470 -76.50 62.65 -63.31
N ARG Y 471 -77.44 63.60 -63.32
CA ARG Y 471 -78.06 64.05 -62.08
C ARG Y 471 -79.00 63.01 -61.49
N ASP Y 472 -79.45 62.04 -62.28
CA ASP Y 472 -80.41 61.04 -61.84
C ASP Y 472 -79.77 59.74 -61.40
N GLN Y 473 -78.44 59.68 -61.35
CA GLN Y 473 -77.75 58.44 -61.01
C GLN Y 473 -78.00 58.07 -59.55
N SER Y 474 -78.17 56.77 -59.30
CA SER Y 474 -78.30 56.28 -57.95
C SER Y 474 -76.97 56.42 -57.21
N ARG Y 475 -77.04 56.90 -55.97
CA ARG Y 475 -75.85 57.21 -55.20
C ARG Y 475 -75.94 56.60 -53.81
N ASN Y 476 -74.78 56.45 -53.18
CA ASN Y 476 -74.69 55.80 -51.88
C ASN Y 476 -74.59 56.77 -50.71
N TRP Y 477 -74.33 58.05 -50.97
CA TRP Y 477 -74.03 59.01 -49.92
C TRP Y 477 -74.82 60.29 -50.13
N LEU Y 478 -74.85 61.11 -49.08
CA LEU Y 478 -75.58 62.37 -49.04
C LEU Y 478 -74.67 63.48 -48.52
N PRO Y 479 -74.92 64.72 -48.93
CA PRO Y 479 -74.16 65.84 -48.38
C PRO Y 479 -74.47 66.07 -46.91
N GLY Y 480 -73.51 66.66 -46.20
CA GLY Y 480 -73.59 66.85 -44.77
C GLY Y 480 -74.73 67.73 -44.32
N PRO Y 481 -74.90 67.86 -43.01
CA PRO Y 481 -76.05 68.60 -42.49
C PRO Y 481 -75.93 70.10 -42.74
N CYS Y 482 -77.10 70.74 -42.66
CA CYS Y 482 -77.21 72.16 -43.02
C CYS Y 482 -78.01 72.95 -41.99
N TYR Y 483 -77.69 74.23 -41.81
CA TYR Y 483 -78.47 75.14 -40.98
C TYR Y 483 -78.39 76.49 -41.67
N ARG Y 484 -79.42 76.80 -42.48
CA ARG Y 484 -79.29 77.83 -43.50
C ARG Y 484 -78.96 79.20 -42.90
N GLN Y 485 -78.07 79.91 -43.58
CA GLN Y 485 -77.65 81.26 -43.23
C GLN Y 485 -78.13 82.25 -44.27
N GLN Y 486 -78.34 83.49 -43.86
CA GLN Y 486 -78.67 84.54 -44.81
C GLN Y 486 -77.45 84.91 -45.64
N ARG Y 487 -77.67 85.24 -46.90
CA ARG Y 487 -76.61 85.59 -47.82
C ARG Y 487 -76.41 87.09 -47.86
N VAL Y 488 -75.15 87.49 -47.67
CA VAL Y 488 -74.75 88.92 -47.72
C VAL Y 488 -73.66 89.03 -48.78
N SER Y 489 -73.52 90.18 -49.43
CA SER Y 489 -72.55 90.41 -50.48
C SER Y 489 -71.49 91.40 -50.02
N LYS Y 490 -70.25 91.17 -50.47
CA LYS Y 490 -69.13 92.09 -50.13
C LYS Y 490 -69.35 93.41 -50.87
N THR Y 491 -70.03 93.38 -52.02
CA THR Y 491 -70.40 94.63 -52.73
C THR Y 491 -71.59 95.23 -51.97
N SER Y 492 -71.42 96.39 -51.36
CA SER Y 492 -72.49 96.95 -50.48
C SER Y 492 -73.81 97.17 -51.22
N ALA Y 493 -73.78 97.75 -52.42
CA ALA Y 493 -75.03 98.07 -53.11
C ALA Y 493 -75.91 96.85 -53.31
N ASP Y 494 -75.31 95.66 -53.35
CA ASP Y 494 -76.06 94.43 -53.59
C ASP Y 494 -76.91 94.02 -52.42
N ASN Y 495 -76.71 94.60 -51.23
CA ASN Y 495 -77.41 94.19 -50.04
C ASN Y 495 -78.69 95.00 -49.86
N ASN Y 496 -79.63 94.43 -49.11
CA ASN Y 496 -80.88 95.12 -48.84
C ASN Y 496 -80.64 96.34 -47.96
N ASN Y 497 -81.36 97.42 -48.26
CA ASN Y 497 -81.22 98.69 -47.53
C ASN Y 497 -82.11 98.65 -46.28
N SER Y 498 -81.67 97.85 -45.31
CA SER Y 498 -82.38 97.70 -44.04
C SER Y 498 -81.41 97.15 -43.01
N GLU Y 499 -81.86 97.18 -41.75
CA GLU Y 499 -81.06 96.61 -40.64
C GLU Y 499 -81.55 95.19 -40.40
N TYR Y 500 -80.80 94.21 -40.87
CA TYR Y 500 -81.18 92.81 -40.78
C TYR Y 500 -80.09 91.95 -40.14
N SER Y 501 -79.19 92.56 -39.37
CA SER Y 501 -78.12 91.78 -38.74
C SER Y 501 -78.64 90.86 -37.64
N TRP Y 502 -79.85 91.10 -37.15
CA TRP Y 502 -80.46 90.24 -36.14
C TRP Y 502 -81.78 89.65 -36.58
N THR Y 503 -82.62 90.43 -37.27
CA THR Y 503 -83.90 89.90 -37.74
C THR Y 503 -83.70 88.76 -38.74
N GLY Y 504 -82.76 88.93 -39.66
CA GLY Y 504 -82.42 87.91 -40.63
C GLY Y 504 -81.33 86.97 -40.19
N ALA Y 505 -80.89 87.06 -38.94
CA ALA Y 505 -79.79 86.25 -38.44
C ALA Y 505 -80.26 84.83 -38.14
N THR Y 506 -79.32 83.90 -38.22
CA THR Y 506 -79.56 82.51 -37.85
C THR Y 506 -79.28 82.32 -36.37
N LYS Y 507 -80.27 81.82 -35.63
CA LYS Y 507 -80.22 81.80 -34.18
C LYS Y 507 -80.64 80.44 -33.65
N TYR Y 508 -80.19 80.15 -32.44
CA TYR Y 508 -80.70 79.01 -31.68
C TYR Y 508 -81.29 79.52 -30.37
N HIS Y 509 -82.35 78.88 -29.92
CA HIS Y 509 -83.13 79.29 -28.76
C HIS Y 509 -82.79 78.39 -27.60
N LEU Y 510 -82.37 78.98 -26.48
CA LEU Y 510 -81.96 78.21 -25.30
C LEU Y 510 -82.41 78.96 -24.06
N ASN Y 511 -83.33 78.34 -23.30
CA ASN Y 511 -83.82 78.90 -22.03
C ASN Y 511 -84.42 80.29 -22.23
N GLY Y 512 -85.14 80.47 -23.34
CA GLY Y 512 -85.79 81.73 -23.61
C GLY Y 512 -84.90 82.82 -24.16
N ARG Y 513 -83.62 82.52 -24.39
CA ARG Y 513 -82.73 83.54 -25.00
C ARG Y 513 -82.21 83.11 -26.36
N ASP Y 514 -82.21 84.01 -27.33
CA ASP Y 514 -81.69 83.77 -28.67
C ASP Y 514 -80.20 84.08 -28.70
N SER Y 515 -79.41 83.12 -29.18
CA SER Y 515 -77.98 83.31 -29.37
C SER Y 515 -77.67 83.20 -30.86
N LEU Y 516 -76.76 84.05 -31.33
CA LEU Y 516 -76.35 84.01 -32.72
C LEU Y 516 -75.62 82.71 -33.01
N VAL Y 517 -75.95 82.09 -34.15
CA VAL Y 517 -75.25 80.90 -34.62
C VAL Y 517 -74.06 81.39 -35.43
N ASN Y 518 -72.88 81.33 -34.84
CA ASN Y 518 -71.68 81.90 -35.44
C ASN Y 518 -70.45 81.12 -35.00
N PRO Y 519 -69.76 80.43 -35.93
CA PRO Y 519 -70.05 80.31 -37.36
C PRO Y 519 -71.02 79.17 -37.68
N GLY Y 520 -71.36 78.35 -36.70
CA GLY Y 520 -72.31 77.28 -36.89
C GLY Y 520 -71.72 76.06 -37.57
N PRO Y 521 -72.59 75.18 -38.07
CA PRO Y 521 -72.11 73.98 -38.76
C PRO Y 521 -71.30 74.33 -39.99
N ALA Y 522 -70.30 73.48 -40.27
CA ALA Y 522 -69.39 73.72 -41.38
C ALA Y 522 -70.13 73.60 -42.71
N MET Y 523 -70.21 74.70 -43.45
CA MET Y 523 -70.90 74.74 -44.73
C MET Y 523 -70.10 75.61 -45.69
N ALA Y 524 -70.27 75.35 -46.98
CA ALA Y 524 -69.57 76.12 -48.00
C ALA Y 524 -70.05 77.57 -48.00
N SER Y 525 -69.10 78.49 -48.12
CA SER Y 525 -69.45 79.91 -48.11
C SER Y 525 -70.28 80.29 -49.33
N HIS Y 526 -69.97 79.72 -50.50
CA HIS Y 526 -70.65 80.08 -51.73
C HIS Y 526 -70.45 78.97 -52.74
N LYS Y 527 -71.26 79.00 -53.80
CA LYS Y 527 -71.17 78.05 -54.89
C LYS Y 527 -70.19 78.58 -55.94
N ASP Y 528 -70.16 77.94 -57.11
CA ASP Y 528 -69.25 78.36 -58.16
C ASP Y 528 -69.52 79.78 -58.61
N ASP Y 529 -68.45 80.55 -58.80
CA ASP Y 529 -68.51 81.89 -59.38
C ASP Y 529 -69.41 82.83 -58.57
N GLU Y 530 -69.35 82.69 -57.25
CA GLU Y 530 -70.11 83.56 -56.35
C GLU Y 530 -69.24 83.94 -55.15
N GLU Y 531 -67.97 84.25 -55.40
CA GLU Y 531 -67.03 84.53 -54.32
C GLU Y 531 -67.37 85.78 -53.54
N LYS Y 532 -68.20 86.67 -54.11
CA LYS Y 532 -68.59 87.88 -53.39
C LYS Y 532 -69.62 87.62 -52.31
N PHE Y 533 -70.23 86.44 -52.28
CA PHE Y 533 -71.27 86.12 -51.32
C PHE Y 533 -70.69 85.28 -50.18
N PHE Y 534 -71.08 85.62 -48.95
CA PHE Y 534 -70.70 84.88 -47.77
C PHE Y 534 -71.88 84.81 -46.83
N PRO Y 535 -71.96 83.76 -46.01
CA PRO Y 535 -73.04 83.68 -45.02
C PRO Y 535 -72.93 84.79 -43.99
N GLN Y 536 -74.09 85.22 -43.49
CA GLN Y 536 -74.13 86.39 -42.61
C GLN Y 536 -73.34 86.16 -41.33
N SER Y 537 -73.47 84.97 -40.73
CA SER Y 537 -72.69 84.61 -39.55
C SER Y 537 -72.17 83.19 -39.67
N GLY Y 538 -71.79 82.80 -40.89
CA GLY Y 538 -71.32 81.45 -41.14
C GLY Y 538 -69.84 81.29 -41.42
N VAL Y 539 -69.06 82.35 -41.33
CA VAL Y 539 -67.62 82.29 -41.56
C VAL Y 539 -66.90 83.06 -40.45
N LEU Y 540 -65.65 82.68 -40.21
CA LEU Y 540 -64.82 83.44 -39.30
C LEU Y 540 -64.39 84.75 -39.96
N ILE Y 541 -64.44 85.83 -39.19
CA ILE Y 541 -64.04 87.15 -39.67
C ILE Y 541 -62.94 87.65 -38.75
N PHE Y 542 -61.75 87.83 -39.32
CA PHE Y 542 -60.60 88.33 -38.59
C PHE Y 542 -60.40 89.80 -38.88
N GLY Y 543 -59.93 90.53 -37.87
CA GLY Y 543 -59.67 91.94 -38.02
C GLY Y 543 -58.27 92.20 -38.55
N LYS Y 544 -58.16 93.18 -39.45
CA LYS Y 544 -56.86 93.63 -39.89
C LYS Y 544 -56.15 94.38 -38.78
N GLN Y 545 -54.86 94.63 -38.97
CA GLN Y 545 -54.08 95.34 -37.96
C GLN Y 545 -54.63 96.75 -37.77
N GLY Y 546 -54.82 97.14 -36.51
CA GLY Y 546 -55.34 98.45 -36.19
C GLY Y 546 -56.83 98.58 -36.24
N SER Y 547 -57.55 97.48 -36.44
CA SER Y 547 -59.02 97.53 -36.59
C SER Y 547 -59.67 97.79 -35.23
N GLU Y 548 -60.71 98.64 -35.19
CA GLU Y 548 -61.40 98.97 -33.97
C GLU Y 548 -62.30 97.81 -33.54
N LYS Y 549 -63.14 98.07 -32.53
CA LYS Y 549 -63.98 97.03 -31.97
C LYS Y 549 -65.41 97.06 -32.50
N THR Y 550 -65.98 98.24 -32.69
CA THR Y 550 -67.39 98.39 -33.00
C THR Y 550 -67.58 99.00 -34.39
N ASN Y 551 -68.37 98.30 -35.22
CA ASN Y 551 -68.87 98.83 -36.48
C ASN Y 551 -67.76 99.28 -37.41
N VAL Y 552 -66.77 98.41 -37.60
CA VAL Y 552 -65.73 98.67 -38.58
C VAL Y 552 -66.23 98.28 -39.96
N ASP Y 553 -65.67 98.92 -40.99
CA ASP Y 553 -66.11 98.68 -42.35
C ASP Y 553 -65.62 97.31 -42.83
N ILE Y 554 -66.14 96.91 -43.99
CA ILE Y 554 -65.75 95.61 -44.54
C ILE Y 554 -64.29 95.59 -44.97
N GLU Y 555 -63.76 96.74 -45.41
CA GLU Y 555 -62.35 96.81 -45.78
C GLU Y 555 -61.42 96.72 -44.58
N LYS Y 556 -61.95 96.83 -43.36
CA LYS Y 556 -61.15 96.69 -42.15
C LYS Y 556 -61.07 95.26 -41.66
N VAL Y 557 -61.82 94.33 -42.25
CA VAL Y 557 -61.85 92.95 -41.80
C VAL Y 557 -61.52 92.04 -42.98
N MET Y 558 -61.07 90.82 -42.64
CA MET Y 558 -60.75 89.79 -43.62
C MET Y 558 -61.71 88.63 -43.40
N ILE Y 559 -62.55 88.37 -44.38
CA ILE Y 559 -63.58 87.33 -44.28
C ILE Y 559 -63.04 86.05 -44.87
N THR Y 560 -63.11 84.96 -44.10
CA THR Y 560 -62.58 83.69 -44.56
C THR Y 560 -63.54 83.02 -45.55
N ASP Y 561 -63.00 82.04 -46.27
CA ASP Y 561 -63.81 81.34 -47.29
C ASP Y 561 -63.69 79.84 -47.04
N GLU Y 562 -64.82 79.15 -47.05
CA GLU Y 562 -64.92 77.71 -46.87
C GLU Y 562 -65.40 77.04 -48.15
N GLU Y 563 -64.88 77.47 -49.30
CA GLU Y 563 -65.31 76.92 -50.57
C GLU Y 563 -64.68 75.57 -50.88
N GLU Y 564 -63.60 75.20 -50.19
CA GLU Y 564 -62.96 73.92 -50.48
C GLU Y 564 -63.81 72.73 -50.04
N ILE Y 565 -64.83 72.95 -49.21
CA ILE Y 565 -65.66 71.87 -48.71
C ILE Y 565 -67.01 71.80 -49.41
N ARG Y 566 -67.20 72.57 -50.48
CA ARG Y 566 -68.45 72.50 -51.23
C ARG Y 566 -68.60 71.21 -52.01
N THR Y 567 -67.55 70.39 -52.07
CA THR Y 567 -67.66 69.09 -52.71
C THR Y 567 -68.57 68.15 -51.93
N THR Y 568 -68.56 68.23 -50.60
CA THR Y 568 -69.36 67.37 -49.75
C THR Y 568 -70.34 68.11 -48.86
N ASN Y 569 -70.16 69.41 -48.65
CA ASN Y 569 -71.01 70.16 -47.73
C ASN Y 569 -71.92 71.10 -48.49
N PRO Y 570 -73.18 71.24 -48.07
CA PRO Y 570 -74.09 72.15 -48.75
C PRO Y 570 -73.65 73.59 -48.59
N VAL Y 571 -74.02 74.41 -49.57
CA VAL Y 571 -73.75 75.84 -49.49
C VAL Y 571 -74.57 76.43 -48.33
N ALA Y 572 -73.93 77.32 -47.56
CA ALA Y 572 -74.53 77.80 -46.33
C ALA Y 572 -75.81 78.59 -46.59
N THR Y 573 -75.85 79.35 -47.68
CA THR Y 573 -76.96 80.25 -47.95
C THR Y 573 -78.07 79.62 -48.77
N GLU Y 574 -77.95 78.35 -49.12
CA GLU Y 574 -78.94 77.67 -49.93
C GLU Y 574 -79.56 76.52 -49.16
N GLN Y 575 -80.65 75.99 -49.70
CA GLN Y 575 -81.34 74.88 -49.07
C GLN Y 575 -80.53 73.59 -49.23
N TYR Y 576 -80.75 72.65 -48.30
CA TYR Y 576 -80.14 71.34 -48.44
C TYR Y 576 -80.69 70.60 -49.65
N GLY Y 577 -81.99 70.70 -49.88
CA GLY Y 577 -82.62 69.98 -50.98
C GLY Y 577 -84.11 70.16 -50.95
N SER Y 578 -84.82 69.18 -51.52
CA SER Y 578 -86.27 69.21 -51.59
C SER Y 578 -86.83 67.86 -51.18
N VAL Y 579 -87.99 67.89 -50.52
CA VAL Y 579 -88.71 66.70 -50.11
C VAL Y 579 -90.16 66.84 -50.56
N SER Y 580 -90.82 65.70 -50.70
CA SER Y 580 -92.24 65.69 -51.03
C SER Y 580 -93.07 66.08 -49.81
N THR Y 581 -94.18 66.77 -50.06
CA THR Y 581 -95.05 67.24 -48.99
C THR Y 581 -96.48 66.72 -49.08
N ASN Y 582 -96.84 66.01 -50.15
CA ASN Y 582 -98.19 65.49 -50.31
C ASN Y 582 -98.11 64.16 -51.06
N LEU Y 583 -99.28 63.66 -51.47
CA LEU Y 583 -99.39 62.42 -52.22
C LEU Y 583 -100.08 62.73 -53.55
N GLN Y 584 -99.34 62.67 -54.64
CA GLN Y 584 -99.91 62.89 -55.96
C GLN Y 584 -100.88 61.77 -56.31
N ARG Y 585 -101.91 62.15 -57.05
CA ARG Y 585 -102.98 61.19 -57.40
C ARG Y 585 -103.71 61.70 -58.63
N GLY Y 586 -104.10 60.80 -59.53
CA GLY Y 586 -104.90 61.16 -60.69
C GLY Y 586 -106.38 61.08 -60.40
N ASN Y 587 -107.17 61.32 -61.46
CA ASN Y 587 -108.65 61.37 -61.31
C ASN Y 587 -109.22 59.96 -61.18
N THR Y 594 -110.45 64.32 -56.70
CA THR Y 594 -109.92 65.09 -57.86
C THR Y 594 -108.43 64.78 -58.01
N SER Y 595 -107.75 65.38 -58.99
CA SER Y 595 -106.33 65.08 -59.06
C SER Y 595 -105.53 66.04 -58.19
N ARG Y 596 -104.41 65.55 -57.68
CA ARG Y 596 -103.48 66.35 -56.88
C ARG Y 596 -102.09 66.22 -57.47
N GLN Y 597 -101.47 67.34 -57.79
CA GLN Y 597 -100.12 67.34 -58.36
C GLN Y 597 -99.07 67.25 -57.26
N ALA Y 598 -97.95 66.63 -57.58
CA ALA Y 598 -96.88 66.46 -56.60
C ALA Y 598 -96.31 67.81 -56.19
N ALA Y 599 -96.09 67.97 -54.89
CA ALA Y 599 -95.58 69.20 -54.32
C ALA Y 599 -94.30 68.94 -53.55
N THR Y 600 -93.40 69.92 -53.57
CA THR Y 600 -92.11 69.83 -52.89
C THR Y 600 -91.88 71.08 -52.06
N ALA Y 601 -91.03 70.94 -51.04
CA ALA Y 601 -90.65 72.04 -50.18
C ALA Y 601 -89.15 72.06 -50.00
N ASP Y 602 -88.60 73.26 -49.80
CA ASP Y 602 -87.19 73.41 -49.52
C ASP Y 602 -86.88 72.95 -48.10
N VAL Y 603 -85.72 72.34 -47.93
CA VAL Y 603 -85.27 71.87 -46.62
C VAL Y 603 -84.18 72.85 -46.17
N ASN Y 604 -84.60 73.87 -45.43
CA ASN Y 604 -83.68 74.89 -44.96
C ASN Y 604 -82.84 74.42 -43.77
N THR Y 605 -83.29 73.40 -43.06
CA THR Y 605 -82.53 72.82 -41.97
C THR Y 605 -82.59 71.30 -42.09
N GLN Y 606 -81.44 70.65 -42.07
CA GLN Y 606 -81.34 69.21 -42.23
C GLN Y 606 -80.46 68.64 -41.15
N GLY Y 607 -81.01 67.72 -40.35
CA GLY Y 607 -80.22 67.00 -39.37
C GLY Y 607 -79.42 65.89 -40.03
N VAL Y 608 -78.63 65.21 -39.20
CA VAL Y 608 -77.76 64.15 -39.70
C VAL Y 608 -78.60 62.94 -40.08
N LEU Y 609 -78.37 62.43 -41.28
CA LEU Y 609 -79.00 61.24 -41.81
C LEU Y 609 -77.97 60.13 -41.98
N PRO Y 610 -78.38 58.86 -41.91
CA PRO Y 610 -77.46 57.77 -42.21
C PRO Y 610 -76.94 57.88 -43.65
N GLY Y 611 -75.65 57.61 -43.82
CA GLY Y 611 -75.00 57.76 -45.10
C GLY Y 611 -74.50 59.16 -45.40
N MET Y 612 -74.60 60.08 -44.45
CA MET Y 612 -74.16 61.49 -44.68
C MET Y 612 -72.66 61.63 -44.45
N VAL Y 613 -71.96 62.35 -45.32
CA VAL Y 613 -70.53 62.63 -45.24
C VAL Y 613 -70.33 64.13 -45.34
N TRP Y 614 -69.36 64.65 -44.58
CA TRP Y 614 -69.12 66.08 -44.53
C TRP Y 614 -67.67 66.33 -44.14
N GLN Y 615 -67.23 67.57 -44.33
CA GLN Y 615 -65.92 68.04 -43.91
C GLN Y 615 -66.09 69.09 -42.82
N ASP Y 616 -65.16 69.09 -41.87
CA ASP Y 616 -65.21 70.05 -40.78
C ASP Y 616 -64.71 71.42 -41.26
N ARG Y 617 -64.88 72.42 -40.40
CA ARG Y 617 -64.43 73.76 -40.72
C ARG Y 617 -62.90 73.82 -40.75
N ASP Y 618 -62.37 74.61 -41.67
CA ASP Y 618 -60.92 74.75 -41.80
C ASP Y 618 -60.34 75.52 -40.61
N VAL Y 619 -59.08 75.26 -40.34
CA VAL Y 619 -58.33 76.01 -39.34
C VAL Y 619 -57.45 77.02 -40.06
N TYR Y 620 -57.12 78.11 -39.36
CA TYR Y 620 -56.39 79.22 -39.95
C TYR Y 620 -55.21 79.56 -39.04
N LEU Y 621 -54.25 80.28 -39.61
CA LEU Y 621 -53.08 80.70 -38.84
C LEU Y 621 -53.49 81.59 -37.67
N GLN Y 622 -54.44 82.49 -37.91
CA GLN Y 622 -54.99 83.33 -36.84
C GLN Y 622 -56.11 82.65 -36.06
N GLY Y 623 -56.51 81.45 -36.46
CA GLY Y 623 -57.64 80.79 -35.84
C GLY Y 623 -57.30 80.02 -34.59
N PRO Y 624 -58.31 79.57 -33.87
CA PRO Y 624 -58.08 78.77 -32.67
C PRO Y 624 -57.60 77.36 -33.01
N ILE Y 625 -56.92 76.77 -32.04
CA ILE Y 625 -56.36 75.42 -32.19
C ILE Y 625 -57.30 74.36 -31.64
N TRP Y 626 -57.81 74.56 -30.43
CA TRP Y 626 -58.59 73.54 -29.74
C TRP Y 626 -59.75 74.18 -28.99
N ALA Y 627 -60.59 73.32 -28.43
CA ALA Y 627 -61.65 73.74 -27.52
C ALA Y 627 -61.99 72.56 -26.61
N LYS Y 628 -62.54 72.87 -25.45
CA LYS Y 628 -62.93 71.83 -24.52
C LYS Y 628 -64.32 71.31 -24.86
N ILE Y 629 -64.43 70.01 -25.04
CA ILE Y 629 -65.75 69.41 -25.27
C ILE Y 629 -66.56 69.50 -23.97
N PRO Y 630 -67.78 70.05 -24.02
CA PRO Y 630 -68.56 70.18 -22.78
C PRO Y 630 -68.84 68.82 -22.15
N HIS Y 631 -68.82 68.80 -20.82
CA HIS Y 631 -69.07 67.58 -20.07
C HIS Y 631 -70.58 67.32 -20.07
N THR Y 632 -71.04 66.58 -21.07
CA THR Y 632 -72.44 66.30 -21.25
C THR Y 632 -72.63 64.81 -21.51
N ASP Y 633 -73.86 64.34 -21.32
CA ASP Y 633 -74.16 62.90 -21.50
C ASP Y 633 -73.97 62.52 -22.97
N GLY Y 634 -74.39 63.39 -23.88
CA GLY Y 634 -74.30 63.09 -25.30
C GLY Y 634 -73.78 64.27 -26.09
N HIS Y 635 -73.10 63.93 -27.18
CA HIS Y 635 -72.63 64.91 -28.16
C HIS Y 635 -72.34 64.17 -29.45
N PHE Y 636 -72.54 64.85 -30.57
CA PHE Y 636 -72.32 64.26 -31.88
C PHE Y 636 -71.21 65.02 -32.58
N HIS Y 637 -70.17 64.30 -33.01
CA HIS Y 637 -69.04 64.86 -33.73
C HIS Y 637 -68.50 66.09 -33.01
N PRO Y 638 -67.82 65.92 -31.88
CA PRO Y 638 -67.39 67.05 -31.04
C PRO Y 638 -66.18 67.81 -31.58
N SER Y 639 -66.21 68.13 -32.86
CA SER Y 639 -65.27 69.08 -33.45
C SER Y 639 -65.77 70.50 -33.20
N PRO Y 640 -64.94 71.40 -32.68
CA PRO Y 640 -65.43 72.76 -32.42
C PRO Y 640 -65.93 73.43 -33.69
N LEU Y 641 -67.04 74.16 -33.55
CA LEU Y 641 -67.63 74.79 -34.72
C LEU Y 641 -66.80 75.95 -35.24
N MET Y 642 -66.04 76.60 -34.37
CA MET Y 642 -65.13 77.65 -34.79
C MET Y 642 -63.89 77.12 -35.49
N GLY Y 643 -63.67 75.82 -35.45
CA GLY Y 643 -62.52 75.20 -36.09
C GLY Y 643 -61.48 74.74 -35.08
N GLY Y 644 -60.92 73.57 -35.32
CA GLY Y 644 -59.89 73.05 -34.46
C GLY Y 644 -60.11 71.63 -33.99
N PHE Y 645 -59.50 71.27 -32.85
CA PHE Y 645 -59.54 69.92 -32.32
C PHE Y 645 -60.37 69.91 -31.04
N GLY Y 646 -61.37 69.03 -31.01
CA GLY Y 646 -62.17 68.85 -29.81
C GLY Y 646 -61.48 67.96 -28.80
N LEU Y 647 -61.26 68.46 -27.59
CA LEU Y 647 -60.51 67.74 -26.57
C LEU Y 647 -61.38 67.59 -25.32
N LYS Y 648 -61.54 66.35 -24.86
CA LYS Y 648 -62.23 66.13 -23.59
C LYS Y 648 -61.40 66.64 -22.42
N HIS Y 649 -60.08 66.54 -22.53
CA HIS Y 649 -59.13 67.07 -21.55
C HIS Y 649 -58.17 67.98 -22.30
N PRO Y 650 -58.56 69.23 -22.55
CA PRO Y 650 -57.70 70.14 -23.30
C PRO Y 650 -56.52 70.59 -22.45
N PRO Y 651 -55.57 71.33 -23.02
CA PRO Y 651 -54.49 71.90 -22.21
C PRO Y 651 -55.05 72.73 -21.07
N PRO Y 652 -54.59 72.47 -19.85
CA PRO Y 652 -55.22 73.12 -18.69
C PRO Y 652 -54.97 74.62 -18.68
N GLN Y 653 -55.92 75.34 -18.07
CA GLN Y 653 -55.76 76.77 -17.87
C GLN Y 653 -54.62 77.03 -16.89
N ILE Y 654 -53.77 78.00 -17.24
CA ILE Y 654 -52.64 78.38 -16.42
C ILE Y 654 -52.96 79.74 -15.82
N LEU Y 655 -53.17 79.78 -14.51
CA LEU Y 655 -53.58 80.99 -13.80
C LEU Y 655 -52.39 81.59 -13.08
N ILE Y 656 -52.22 82.90 -13.22
CA ILE Y 656 -51.10 83.62 -12.63
C ILE Y 656 -51.62 84.92 -12.04
N LYS Y 657 -51.12 85.27 -10.85
CA LYS Y 657 -51.48 86.55 -10.25
C LYS Y 657 -50.36 87.00 -9.32
N ASN Y 658 -50.32 88.29 -9.06
CA ASN Y 658 -49.33 88.85 -8.14
C ASN Y 658 -49.83 88.68 -6.71
N THR Y 659 -48.95 88.24 -5.83
CA THR Y 659 -49.32 88.11 -4.43
C THR Y 659 -49.50 89.49 -3.82
N PRO Y 660 -50.64 89.76 -3.18
CA PRO Y 660 -50.85 91.09 -2.60
C PRO Y 660 -49.88 91.35 -1.46
N VAL Y 661 -49.22 92.51 -1.52
CA VAL Y 661 -48.29 92.95 -0.49
C VAL Y 661 -48.94 94.09 0.27
N PRO Y 662 -49.34 93.89 1.53
CA PRO Y 662 -50.01 94.96 2.27
C PRO Y 662 -49.10 96.17 2.46
N ALA Y 663 -49.71 97.35 2.46
CA ALA Y 663 -49.00 98.58 2.73
C ALA Y 663 -48.82 98.73 4.24
N ASN Y 664 -48.44 99.92 4.69
CA ASN Y 664 -48.14 100.13 6.10
C ASN Y 664 -49.38 99.91 6.96
N PRO Y 665 -49.37 98.97 7.89
CA PRO Y 665 -50.54 98.74 8.74
C PRO Y 665 -50.57 99.70 9.93
N SER Y 666 -51.74 99.75 10.55
CA SER Y 666 -51.93 100.58 11.75
C SER Y 666 -51.28 99.89 12.95
N THR Y 667 -50.70 100.66 13.86
CA THR Y 667 -50.10 100.10 15.06
C THR Y 667 -51.13 99.53 16.02
N THR Y 668 -52.41 99.87 15.84
CA THR Y 668 -53.49 99.30 16.63
C THR Y 668 -54.20 98.23 15.80
N PHE Y 669 -54.57 97.14 16.46
CA PHE Y 669 -55.19 96.04 15.75
C PHE Y 669 -56.56 96.45 15.19
N SER Y 670 -56.82 96.05 13.96
CA SER Y 670 -58.11 96.27 13.31
C SER Y 670 -58.54 94.97 12.65
N ALA Y 671 -59.77 94.55 12.94
CA ALA Y 671 -60.30 93.31 12.37
C ALA Y 671 -60.75 93.48 10.92
N ALA Y 672 -60.82 94.71 10.42
CA ALA Y 672 -61.19 94.94 9.03
C ALA Y 672 -60.13 94.37 8.10
N LYS Y 673 -60.57 93.75 7.01
CA LYS Y 673 -59.62 93.20 6.05
C LYS Y 673 -58.82 94.32 5.40
N PHE Y 674 -57.59 93.96 5.00
CA PHE Y 674 -56.67 94.97 4.42
C PHE Y 674 -57.21 95.52 3.11
N ALA Y 675 -57.22 96.84 2.98
CA ALA Y 675 -57.65 97.50 1.76
C ALA Y 675 -56.58 98.34 1.11
N SER Y 676 -55.43 98.51 1.75
CA SER Y 676 -54.32 99.28 1.21
C SER Y 676 -53.16 98.33 0.90
N PHE Y 677 -52.66 98.40 -0.32
CA PHE Y 677 -51.60 97.52 -0.78
C PHE Y 677 -50.57 98.33 -1.55
N ILE Y 678 -49.36 97.76 -1.65
CA ILE Y 678 -48.31 98.36 -2.46
C ILE Y 678 -48.61 98.07 -3.92
N THR Y 679 -48.67 99.12 -4.74
CA THR Y 679 -48.94 98.95 -6.16
C THR Y 679 -47.76 98.24 -6.82
N GLN Y 680 -48.05 97.18 -7.56
CA GLN Y 680 -46.99 96.42 -8.18
C GLN Y 680 -47.53 95.60 -9.34
N TYR Y 681 -46.62 95.27 -10.26
CA TYR Y 681 -46.91 94.41 -11.39
C TYR Y 681 -45.74 93.46 -11.56
N SER Y 682 -45.87 92.53 -12.49
CA SER Y 682 -44.81 91.58 -12.77
C SER Y 682 -44.58 91.46 -14.26
N THR Y 683 -43.35 91.10 -14.63
CA THR Y 683 -42.99 90.86 -16.01
C THR Y 683 -42.09 89.63 -16.05
N GLY Y 684 -42.06 88.97 -17.20
CA GLY Y 684 -41.27 87.76 -17.32
C GLY Y 684 -41.36 87.21 -18.71
N GLN Y 685 -40.88 85.99 -18.86
CA GLN Y 685 -40.88 85.29 -20.14
C GLN Y 685 -41.70 84.01 -20.02
N VAL Y 686 -42.38 83.67 -21.12
CA VAL Y 686 -43.21 82.47 -21.21
C VAL Y 686 -42.78 81.67 -22.42
N SER Y 687 -42.66 80.36 -22.26
CA SER Y 687 -42.26 79.46 -23.34
C SER Y 687 -43.32 78.39 -23.54
N VAL Y 688 -43.72 78.19 -24.79
CA VAL Y 688 -44.66 77.14 -25.16
C VAL Y 688 -44.03 76.32 -26.27
N GLU Y 689 -43.89 75.02 -26.04
CA GLU Y 689 -43.34 74.10 -27.04
C GLU Y 689 -44.36 73.00 -27.31
N ILE Y 690 -44.80 72.88 -28.55
CA ILE Y 690 -45.81 71.89 -28.94
C ILE Y 690 -45.21 70.99 -30.01
N GLU Y 691 -45.36 69.68 -29.82
CA GLU Y 691 -44.99 68.69 -30.83
C GLU Y 691 -46.24 68.33 -31.63
N TRP Y 692 -46.14 68.42 -32.95
CA TRP Y 692 -47.23 68.12 -33.86
C TRP Y 692 -46.88 66.91 -34.70
N GLU Y 693 -47.86 66.05 -34.94
CA GLU Y 693 -47.70 64.90 -35.83
C GLU Y 693 -48.24 65.24 -37.21
N LEU Y 694 -47.51 64.84 -38.23
CA LEU Y 694 -47.84 65.16 -39.62
C LEU Y 694 -48.34 63.93 -40.35
N GLN Y 695 -49.31 64.12 -41.23
CA GLN Y 695 -49.82 63.09 -42.13
C GLN Y 695 -49.31 63.44 -43.52
N LYS Y 696 -48.27 62.74 -43.95
CA LYS Y 696 -47.60 63.08 -45.21
C LYS Y 696 -48.51 62.82 -46.40
N GLU Y 697 -48.47 63.74 -47.36
CA GLU Y 697 -49.24 63.60 -48.59
C GLU Y 697 -48.69 62.45 -49.43
N ASN Y 698 -49.59 61.62 -49.96
CA ASN Y 698 -49.25 60.46 -50.76
C ASN Y 698 -50.08 60.44 -52.05
N SER Y 699 -50.15 61.60 -52.70
CA SER Y 699 -50.99 61.74 -53.88
C SER Y 699 -50.32 61.14 -55.11
N LYS Y 700 -51.14 60.75 -56.10
CA LYS Y 700 -50.62 60.20 -57.39
C LYS Y 700 -51.16 61.03 -58.55
N ARG Y 701 -51.61 62.27 -58.30
CA ARG Y 701 -52.05 63.12 -59.39
C ARG Y 701 -50.86 63.53 -60.25
N TRP Y 702 -51.14 63.79 -61.52
CA TRP Y 702 -50.08 64.07 -62.49
C TRP Y 702 -49.76 65.57 -62.57
N ASN Y 703 -50.77 66.39 -62.76
CA ASN Y 703 -50.56 67.82 -62.92
C ASN Y 703 -50.29 68.49 -61.57
N PRO Y 704 -49.60 69.65 -61.55
CA PRO Y 704 -49.24 70.30 -60.29
C PRO Y 704 -50.47 70.70 -59.44
N GLU Y 705 -50.27 70.94 -58.14
CA GLU Y 705 -51.38 71.24 -57.20
C GLU Y 705 -51.44 72.73 -56.88
N ILE Y 706 -52.51 73.19 -56.22
CA ILE Y 706 -52.49 74.60 -55.74
C ILE Y 706 -51.64 74.68 -54.47
N GLN Y 707 -50.71 75.64 -54.41
CA GLN Y 707 -49.91 75.84 -53.21
C GLN Y 707 -50.02 77.29 -52.78
N TYR Y 708 -49.94 77.53 -51.48
CA TYR Y 708 -49.86 78.89 -50.99
C TYR Y 708 -48.50 79.47 -51.33
N THR Y 709 -48.48 80.73 -51.78
CA THR Y 709 -47.25 81.36 -52.22
C THR Y 709 -47.33 82.86 -51.96
N SER Y 710 -46.16 83.47 -51.88
CA SER Y 710 -46.11 84.93 -51.75
C SER Y 710 -46.23 85.51 -53.15
N ASN Y 711 -46.62 86.78 -53.29
CA ASN Y 711 -46.79 87.31 -54.66
C ASN Y 711 -45.46 87.93 -55.06
N TYR Y 712 -44.96 87.63 -56.26
CA TYR Y 712 -43.61 88.09 -56.68
C TYR Y 712 -43.62 89.59 -56.96
N ASN Y 713 -44.74 90.17 -57.40
CA ASN Y 713 -44.69 91.57 -57.78
C ASN Y 713 -44.24 92.45 -56.63
N LYS Y 714 -43.60 93.56 -57.00
CA LYS Y 714 -43.06 94.52 -56.00
C LYS Y 714 -44.19 95.13 -55.20
N SER Y 715 -43.87 95.51 -53.97
CA SER Y 715 -44.85 96.14 -53.11
C SER Y 715 -44.11 97.05 -52.12
N ILE Y 716 -44.87 97.97 -51.54
CA ILE Y 716 -44.29 98.87 -50.55
C ILE Y 716 -43.85 98.09 -49.32
N ASN Y 717 -44.67 97.14 -48.87
CA ASN Y 717 -44.40 96.33 -47.70
C ASN Y 717 -44.40 94.85 -48.07
N VAL Y 718 -43.55 94.09 -47.40
CA VAL Y 718 -43.56 92.64 -47.54
C VAL Y 718 -44.63 92.05 -46.64
N ASP Y 719 -45.31 91.01 -47.12
CA ASP Y 719 -46.36 90.38 -46.33
C ASP Y 719 -45.80 89.70 -45.10
N PHE Y 720 -46.56 89.77 -44.00
CA PHE Y 720 -46.20 89.12 -42.75
C PHE Y 720 -44.86 89.61 -42.22
N THR Y 721 -44.61 90.91 -42.36
CA THR Y 721 -43.43 91.56 -41.79
C THR Y 721 -43.89 92.81 -41.05
N VAL Y 722 -42.93 93.61 -40.62
CA VAL Y 722 -43.20 94.87 -39.95
C VAL Y 722 -43.11 96.00 -40.96
N ASP Y 723 -43.82 97.08 -40.69
CA ASP Y 723 -43.78 98.26 -41.54
C ASP Y 723 -42.72 99.23 -41.01
N THR Y 724 -42.73 100.46 -41.53
CA THR Y 724 -41.73 101.47 -41.10
C THR Y 724 -41.98 101.84 -39.64
N ASN Y 725 -43.14 101.50 -39.09
CA ASN Y 725 -43.43 101.76 -37.66
C ASN Y 725 -43.08 100.50 -36.84
N GLY Y 726 -42.59 99.45 -37.51
CA GLY Y 726 -42.24 98.20 -36.82
C GLY Y 726 -43.48 97.47 -36.35
N VAL Y 727 -44.64 97.79 -36.95
CA VAL Y 727 -45.93 97.16 -36.55
C VAL Y 727 -46.12 95.87 -37.37
N TYR Y 728 -46.22 94.72 -36.70
CA TYR Y 728 -46.42 93.47 -37.40
C TYR Y 728 -47.89 93.33 -37.79
N SER Y 729 -48.12 92.89 -39.01
CA SER Y 729 -49.47 92.70 -39.52
C SER Y 729 -49.56 91.38 -40.26
N GLU Y 730 -50.77 90.81 -40.28
CA GLU Y 730 -51.06 89.60 -41.04
C GLU Y 730 -52.01 89.96 -42.16
N PRO Y 731 -51.54 90.08 -43.40
CA PRO Y 731 -52.37 90.68 -44.46
C PRO Y 731 -53.64 89.89 -44.77
N ARG Y 732 -53.62 88.57 -44.69
CA ARG Y 732 -54.78 87.77 -45.07
C ARG Y 732 -54.83 86.52 -44.21
N PRO Y 733 -56.01 85.91 -44.05
CA PRO Y 733 -56.07 84.61 -43.40
C PRO Y 733 -55.57 83.52 -44.34
N ILE Y 734 -54.80 82.59 -43.78
CA ILE Y 734 -54.28 81.45 -44.53
C ILE Y 734 -54.90 80.20 -43.93
N GLY Y 735 -55.60 79.44 -44.76
CA GLY Y 735 -56.15 78.16 -44.36
C GLY Y 735 -55.10 77.07 -44.47
N THR Y 736 -55.58 75.83 -44.56
CA THR Y 736 -54.68 74.69 -44.71
C THR Y 736 -54.99 73.82 -45.91
N ARG Y 737 -56.08 74.09 -46.64
CA ARG Y 737 -56.59 73.16 -47.64
C ARG Y 737 -56.13 73.59 -49.03
N TYR Y 738 -54.91 73.18 -49.37
CA TYR Y 738 -54.31 73.45 -50.66
C TYR Y 738 -54.00 72.19 -51.46
N LEU Y 739 -53.48 71.15 -50.81
CA LEU Y 739 -53.33 69.87 -51.48
C LEU Y 739 -54.69 69.23 -51.70
N THR Y 740 -54.73 68.26 -52.60
CA THR Y 740 -55.97 67.60 -52.96
C THR Y 740 -55.88 66.09 -52.73
N ARG Y 741 -57.03 65.52 -52.38
CA ARG Y 741 -57.14 64.05 -52.21
C ARG Y 741 -58.47 63.63 -52.82
N ASN Y 742 -58.57 62.42 -53.39
CA ASN Y 742 -59.81 61.90 -53.92
C ASN Y 742 -60.78 61.57 -52.80
N LEU Y 743 -62.08 61.64 -53.11
CA LEU Y 743 -63.11 61.28 -52.15
C LEU Y 743 -63.07 59.80 -51.82
N ALA Z 218 49.45 45.46 -55.08
CA ALA Z 218 49.55 45.02 -53.67
C ALA Z 218 49.92 46.22 -52.80
N ASP Z 219 50.83 47.05 -53.28
CA ASP Z 219 51.35 48.17 -52.45
C ASP Z 219 51.26 49.46 -53.27
N GLY Z 220 50.56 49.42 -54.40
CA GLY Z 220 50.37 50.67 -55.17
C GLY Z 220 51.63 51.50 -55.24
N VAL Z 221 51.51 52.82 -55.14
CA VAL Z 221 52.69 53.71 -55.31
C VAL Z 221 52.96 54.31 -53.93
N GLY Z 222 54.12 54.03 -53.38
CA GLY Z 222 54.55 54.57 -52.11
C GLY Z 222 54.59 53.57 -50.97
N ASN Z 223 54.19 52.33 -51.19
CA ASN Z 223 54.26 51.29 -50.19
C ASN Z 223 55.27 50.24 -50.63
N SER Z 224 56.26 49.96 -49.78
CA SER Z 224 57.29 48.99 -50.11
C SER Z 224 56.71 47.59 -50.11
N SER Z 225 57.11 46.78 -51.09
CA SER Z 225 56.65 45.41 -51.24
C SER Z 225 57.67 44.39 -50.75
N GLY Z 226 58.72 44.83 -50.09
CA GLY Z 226 59.72 43.90 -49.57
C GLY Z 226 60.75 44.63 -48.76
N ASN Z 227 61.61 43.85 -48.12
CA ASN Z 227 62.68 44.36 -47.28
C ASN Z 227 64.02 43.77 -47.72
N TRP Z 228 65.10 44.38 -47.26
CA TRP Z 228 66.44 43.92 -47.58
C TRP Z 228 66.85 42.84 -46.59
N HIS Z 229 67.01 41.62 -47.10
CA HIS Z 229 67.41 40.47 -46.25
C HIS Z 229 68.70 39.89 -46.82
N CYS Z 230 69.85 40.32 -46.30
CA CYS Z 230 71.14 39.77 -46.75
C CYS Z 230 71.87 39.31 -45.48
N ASP Z 231 71.97 38.00 -45.26
CA ASP Z 231 72.59 37.50 -44.01
C ASP Z 231 72.73 35.97 -44.04
N SER Z 232 73.36 35.38 -43.02
CA SER Z 232 73.37 33.93 -42.96
C SER Z 232 73.19 33.47 -41.53
N THR Z 233 72.47 32.37 -41.36
CA THR Z 233 72.19 31.80 -40.04
C THR Z 233 72.71 30.37 -40.01
N TRP Z 234 73.56 30.08 -39.04
CA TRP Z 234 74.10 28.74 -38.85
C TRP Z 234 73.37 28.09 -37.67
N MET Z 235 72.68 26.99 -37.95
CA MET Z 235 71.91 26.29 -36.90
C MET Z 235 72.20 24.79 -36.98
N GLY Z 236 73.16 24.31 -36.20
CA GLY Z 236 73.49 22.89 -36.19
C GLY Z 236 74.03 22.44 -37.53
N ASP Z 237 73.35 21.47 -38.14
CA ASP Z 237 73.75 20.90 -39.42
C ASP Z 237 73.13 21.65 -40.61
N ARG Z 238 72.75 22.91 -40.43
CA ARG Z 238 72.18 23.71 -41.51
C ARG Z 238 72.81 25.09 -41.50
N VAL Z 239 72.93 25.68 -42.68
CA VAL Z 239 73.26 27.09 -42.85
C VAL Z 239 72.35 27.66 -43.91
N THR Z 240 71.64 28.73 -43.57
CA THR Z 240 70.73 29.40 -44.49
C THR Z 240 71.35 30.73 -44.90
N THR Z 241 71.67 30.87 -46.17
CA THR Z 241 72.26 32.09 -46.70
C THR Z 241 71.20 32.84 -47.49
N THR Z 242 71.05 34.14 -47.20
CA THR Z 242 70.12 35.01 -47.89
C THR Z 242 70.88 36.18 -48.49
N SER Z 243 70.53 36.54 -49.72
CA SER Z 243 71.21 37.62 -50.43
C SER Z 243 70.18 38.52 -51.09
N THR Z 244 70.43 39.82 -51.07
CA THR Z 244 69.60 40.79 -51.77
C THR Z 244 70.49 41.67 -52.64
N ARG Z 245 70.04 41.92 -53.87
CA ARG Z 245 70.78 42.74 -54.82
C ARG Z 245 69.82 43.68 -55.52
N THR Z 246 70.37 44.74 -56.09
CA THR Z 246 69.62 45.68 -56.90
C THR Z 246 69.93 45.42 -58.36
N TRP Z 247 68.91 45.17 -59.16
CA TRP Z 247 69.08 44.83 -60.57
C TRP Z 247 68.50 45.90 -61.47
N ALA Z 248 69.02 45.96 -62.69
CA ALA Z 248 68.53 46.84 -63.73
C ALA Z 248 68.24 46.01 -64.97
N LEU Z 249 67.05 46.14 -65.51
CA LEU Z 249 66.61 45.38 -66.67
C LEU Z 249 66.27 46.31 -67.82
N PRO Z 250 67.06 46.35 -68.88
CA PRO Z 250 66.73 47.19 -70.03
C PRO Z 250 65.73 46.49 -70.94
N THR Z 251 65.43 47.15 -72.06
CA THR Z 251 64.63 46.54 -73.11
C THR Z 251 65.58 45.86 -74.10
N TYR Z 252 65.37 44.56 -74.32
CA TYR Z 252 66.26 43.77 -75.14
C TYR Z 252 65.65 43.53 -76.52
N ASN Z 253 66.48 43.71 -77.55
CA ASN Z 253 66.10 43.48 -78.95
C ASN Z 253 64.96 44.37 -79.41
N ASN Z 254 64.67 45.44 -78.67
CA ASN Z 254 63.54 46.32 -78.95
C ASN Z 254 62.23 45.52 -79.03
N HIS Z 255 62.03 44.69 -78.00
CA HIS Z 255 60.83 43.87 -77.83
C HIS Z 255 60.64 42.84 -78.94
N LEU Z 256 61.72 42.38 -79.56
CA LEU Z 256 61.63 41.50 -80.72
C LEU Z 256 62.35 40.18 -80.47
N TYR Z 257 61.94 39.16 -81.20
CA TYR Z 257 62.69 37.88 -81.21
C TYR Z 257 63.45 37.91 -82.53
N LYS Z 258 64.75 37.69 -82.51
CA LYS Z 258 65.61 37.74 -83.68
C LYS Z 258 66.32 36.42 -83.86
N GLN Z 259 66.23 35.85 -85.05
CA GLN Z 259 67.00 34.66 -85.38
C GLN Z 259 68.48 35.00 -85.47
N ILE Z 260 69.30 34.23 -84.79
CA ILE Z 260 70.74 34.45 -84.77
C ILE Z 260 71.44 33.19 -85.27
N SER Z 261 72.62 33.37 -85.83
CA SER Z 261 73.40 32.26 -86.35
C SER Z 261 74.86 32.69 -86.43
N SER Z 262 75.73 31.70 -86.62
CA SER Z 262 77.15 31.97 -86.76
C SER Z 262 77.42 32.79 -88.02
N GLN Z 263 78.48 33.59 -87.94
CA GLN Z 263 78.81 34.47 -89.09
C GLN Z 263 79.28 33.61 -90.24
N SER Z 264 79.01 34.09 -91.46
CA SER Z 264 79.56 33.37 -92.64
C SER Z 264 81.08 33.45 -92.59
N GLY Z 265 81.75 32.39 -92.99
CA GLY Z 265 83.19 32.27 -92.94
C GLY Z 265 83.74 31.68 -91.68
N ALA Z 266 82.90 31.42 -90.68
CA ALA Z 266 83.34 30.79 -89.45
C ALA Z 266 83.71 29.32 -89.72
N SER Z 267 84.55 28.77 -88.85
CA SER Z 267 84.90 27.38 -88.96
C SER Z 267 83.70 26.50 -88.62
N ASN Z 268 83.78 25.23 -89.04
CA ASN Z 268 82.68 24.31 -88.78
C ASN Z 268 82.47 24.09 -87.29
N ASP Z 269 83.54 24.11 -86.50
CA ASP Z 269 83.42 23.91 -85.06
C ASP Z 269 82.67 25.07 -84.40
N ASN Z 270 82.71 26.25 -85.00
CA ASN Z 270 82.11 27.45 -84.43
C ASN Z 270 80.73 27.76 -85.02
N HIS Z 271 80.21 26.90 -85.89
CA HIS Z 271 78.90 27.14 -86.49
C HIS Z 271 77.80 26.90 -85.47
N TYR Z 272 76.77 27.74 -85.50
CA TYR Z 272 75.64 27.59 -84.59
C TYR Z 272 74.42 28.27 -85.19
N PHE Z 273 73.25 27.91 -84.66
CA PHE Z 273 71.99 28.52 -85.01
C PHE Z 273 71.12 28.59 -83.77
N GLY Z 274 70.40 29.68 -83.61
CA GLY Z 274 69.58 29.85 -82.43
C GLY Z 274 68.71 31.08 -82.54
N TYR Z 275 68.13 31.47 -81.42
CA TYR Z 275 67.25 32.62 -81.36
C TYR Z 275 67.59 33.48 -80.16
N SER Z 276 67.46 34.80 -80.34
CA SER Z 276 67.65 35.77 -79.28
C SER Z 276 66.29 36.30 -78.86
N THR Z 277 66.02 36.26 -77.56
CA THR Z 277 64.73 36.67 -77.04
C THR Z 277 64.81 38.04 -76.37
N PRO Z 278 63.70 38.78 -76.31
CA PRO Z 278 63.70 40.06 -75.59
C PRO Z 278 63.66 39.92 -74.08
N TRP Z 279 63.70 38.71 -73.56
CA TRP Z 279 63.61 38.48 -72.13
C TRP Z 279 65.00 38.46 -71.50
N GLY Z 280 65.04 38.71 -70.19
CA GLY Z 280 66.21 38.50 -69.38
C GLY Z 280 65.97 37.36 -68.40
N TYR Z 281 67.02 36.98 -67.70
CA TYR Z 281 66.93 35.91 -66.73
C TYR Z 281 67.79 36.23 -65.52
N PHE Z 282 67.35 35.74 -64.35
CA PHE Z 282 68.06 35.95 -63.10
C PHE Z 282 68.94 34.72 -62.82
N ASP Z 283 70.24 34.95 -62.72
CA ASP Z 283 71.22 33.89 -62.51
C ASP Z 283 71.86 34.07 -61.14
N PHE Z 284 71.80 33.03 -60.31
CA PHE Z 284 72.53 32.99 -59.05
C PHE Z 284 73.25 31.65 -58.89
N ASN Z 285 73.74 31.11 -60.00
CA ASN Z 285 74.42 29.82 -60.00
C ASN Z 285 75.92 29.96 -59.77
N ARG Z 286 76.29 30.70 -58.73
CA ARG Z 286 77.67 30.84 -58.30
C ARG Z 286 77.67 30.96 -56.79
N PHE Z 287 78.66 30.39 -56.13
CA PHE Z 287 78.64 30.34 -54.63
C PHE Z 287 78.80 31.74 -54.03
N HIS Z 288 79.52 32.63 -54.70
CA HIS Z 288 79.77 34.01 -54.19
C HIS Z 288 78.45 34.80 -54.11
N CYS Z 289 77.41 34.35 -54.79
CA CYS Z 289 76.09 35.02 -54.80
C CYS Z 289 75.37 34.78 -53.48
N HIS Z 290 75.80 33.78 -52.70
CA HIS Z 290 75.15 33.45 -51.45
C HIS Z 290 76.08 33.42 -50.25
N PHE Z 291 77.36 33.09 -50.44
CA PHE Z 291 78.31 32.98 -49.35
C PHE Z 291 79.28 34.16 -49.38
N SER Z 292 79.43 34.82 -48.24
CA SER Z 292 80.51 35.77 -48.07
C SER Z 292 81.82 35.00 -47.89
N PRO Z 293 82.96 35.65 -48.11
CA PRO Z 293 84.24 34.96 -47.89
C PRO Z 293 84.40 34.42 -46.47
N ARG Z 294 83.92 35.15 -45.46
CA ARG Z 294 83.93 34.62 -44.10
C ARG Z 294 83.00 33.41 -43.98
N ASP Z 295 81.85 33.47 -44.64
CA ASP Z 295 80.94 32.32 -44.67
C ASP Z 295 81.59 31.12 -45.33
N TRP Z 296 82.30 31.35 -46.44
CA TRP Z 296 83.01 30.27 -47.11
C TRP Z 296 84.08 29.67 -46.22
N GLN Z 297 84.84 30.52 -45.51
CA GLN Z 297 85.88 30.02 -44.62
C GLN Z 297 85.27 29.21 -43.48
N ARG Z 298 84.14 29.68 -42.94
CA ARG Z 298 83.44 28.92 -41.91
C ARG Z 298 82.92 27.60 -42.43
N LEU Z 299 82.49 27.55 -43.69
CA LEU Z 299 81.99 26.31 -44.26
C LEU Z 299 83.10 25.31 -44.51
N ILE Z 300 84.21 25.75 -45.12
CA ILE Z 300 85.21 24.80 -45.60
C ILE Z 300 86.18 24.36 -44.52
N ASN Z 301 86.32 25.12 -43.43
CA ASN Z 301 87.25 24.76 -42.37
C ASN Z 301 86.65 23.85 -41.32
N ASN Z 302 85.35 23.57 -41.39
CA ASN Z 302 84.66 22.85 -40.32
C ASN Z 302 83.77 21.72 -40.79
N ASN Z 303 83.51 21.59 -42.09
CA ASN Z 303 82.56 20.63 -42.60
C ASN Z 303 83.23 19.70 -43.60
N TRP Z 304 82.84 18.42 -43.54
CA TRP Z 304 83.29 17.43 -44.51
C TRP Z 304 82.42 17.36 -45.75
N GLY Z 305 81.31 18.09 -45.78
CA GLY Z 305 80.46 18.10 -46.95
C GLY Z 305 79.30 19.06 -46.78
N PHE Z 306 78.67 19.39 -47.90
CA PHE Z 306 77.49 20.23 -47.89
C PHE Z 306 76.71 20.01 -49.18
N ARG Z 307 75.43 20.36 -49.15
CA ARG Z 307 74.56 20.23 -50.30
C ARG Z 307 73.37 21.16 -50.12
N PRO Z 308 72.81 21.70 -51.20
CA PRO Z 308 71.61 22.54 -51.08
C PRO Z 308 70.37 21.71 -50.81
N LYS Z 309 69.45 22.33 -50.08
CA LYS Z 309 68.21 21.68 -49.65
C LYS Z 309 66.97 22.32 -50.24
N ARG Z 310 66.82 23.64 -50.11
CA ARG Z 310 65.68 24.36 -50.65
C ARG Z 310 66.08 25.81 -50.85
N LEU Z 311 65.32 26.50 -51.71
CA LEU Z 311 65.58 27.91 -51.96
C LEU Z 311 64.27 28.69 -52.00
N ASN Z 312 64.38 29.99 -51.73
CA ASN Z 312 63.22 30.92 -51.81
C ASN Z 312 63.69 32.12 -52.64
N PHE Z 313 62.87 32.61 -53.56
CA PHE Z 313 63.21 33.68 -54.47
C PHE Z 313 62.14 34.76 -54.39
N LYS Z 314 62.61 36.01 -54.45
CA LYS Z 314 61.65 37.13 -54.40
C LYS Z 314 62.07 38.33 -55.24
N LEU Z 315 61.13 38.90 -56.00
CA LEU Z 315 61.32 40.17 -56.70
C LEU Z 315 60.37 41.19 -56.10
N PHE Z 316 60.87 42.38 -55.80
CA PHE Z 316 60.07 43.36 -55.09
C PHE Z 316 60.63 44.75 -55.36
N ASN Z 317 59.88 45.76 -54.93
CA ASN Z 317 60.24 47.17 -55.10
C ASN Z 317 60.53 47.47 -56.56
N ILE Z 318 59.64 47.03 -57.44
CA ILE Z 318 59.84 47.14 -58.87
C ILE Z 318 59.47 48.54 -59.33
N GLN Z 319 60.39 49.21 -60.01
CA GLN Z 319 60.18 50.54 -60.53
C GLN Z 319 60.42 50.51 -62.04
N VAL Z 320 59.46 51.01 -62.81
CA VAL Z 320 59.61 51.13 -64.25
C VAL Z 320 59.88 52.59 -64.57
N LYS Z 321 61.00 52.84 -65.22
CA LYS Z 321 61.44 54.19 -65.56
C LYS Z 321 61.33 54.40 -67.07
N GLU Z 322 60.69 55.49 -67.45
CA GLU Z 322 60.57 55.87 -68.85
C GLU Z 322 61.69 56.85 -69.21
N VAL Z 323 62.41 56.56 -70.29
CA VAL Z 323 63.54 57.36 -70.74
C VAL Z 323 63.15 58.08 -72.02
N THR Z 324 63.35 59.39 -72.05
CA THR Z 324 63.10 60.20 -73.23
C THR Z 324 64.36 61.00 -73.56
N GLN Z 325 64.52 61.33 -74.84
CA GLN Z 325 65.68 62.08 -75.30
C GLN Z 325 65.20 63.15 -76.28
N ASN Z 326 65.23 64.40 -75.84
CA ASN Z 326 64.75 65.53 -76.63
C ASN Z 326 65.86 66.57 -76.72
N ASP Z 327 66.29 66.87 -77.96
CA ASP Z 327 67.32 67.88 -78.21
C ASP Z 327 68.62 67.58 -77.44
N GLY Z 328 68.98 66.29 -77.38
CA GLY Z 328 70.23 65.90 -76.75
C GLY Z 328 70.18 65.79 -75.23
N THR Z 329 69.00 65.86 -74.63
CA THR Z 329 68.84 65.78 -73.19
C THR Z 329 68.17 64.48 -72.81
N THR Z 330 68.78 63.75 -71.88
CA THR Z 330 68.23 62.49 -71.37
C THR Z 330 67.43 62.76 -70.10
N THR Z 331 66.12 62.52 -70.17
CA THR Z 331 65.23 62.75 -69.04
C THR Z 331 64.61 61.42 -68.63
N ILE Z 332 64.68 61.10 -67.35
CA ILE Z 332 64.15 59.86 -66.80
C ILE Z 332 63.04 60.19 -65.83
N ALA Z 333 61.87 59.58 -66.02
CA ALA Z 333 60.72 59.81 -65.17
C ALA Z 333 60.07 58.47 -64.84
N ASN Z 334 59.34 58.45 -63.73
CA ASN Z 334 58.66 57.24 -63.31
C ASN Z 334 57.49 56.91 -64.24
N ASN Z 335 57.24 55.62 -64.39
CA ASN Z 335 56.07 55.11 -65.10
C ASN Z 335 55.35 54.17 -64.14
N LEU Z 336 54.36 54.69 -63.42
CA LEU Z 336 53.70 53.93 -62.37
C LEU Z 336 52.69 52.93 -62.90
N THR Z 337 52.34 52.97 -64.19
CA THR Z 337 51.35 52.06 -64.74
C THR Z 337 51.95 50.96 -65.60
N SER Z 338 53.26 51.00 -65.87
CA SER Z 338 53.89 49.95 -66.65
C SER Z 338 54.14 48.71 -65.79
N THR Z 339 54.25 47.56 -66.46
CA THR Z 339 54.43 46.28 -65.80
C THR Z 339 55.72 45.63 -66.26
N VAL Z 340 56.11 44.60 -65.51
CA VAL Z 340 57.17 43.68 -65.90
C VAL Z 340 56.62 42.26 -65.80
N GLN Z 341 56.90 41.44 -66.80
CA GLN Z 341 56.42 40.08 -66.86
C GLN Z 341 57.48 39.14 -66.29
N VAL Z 342 57.08 38.33 -65.30
CA VAL Z 342 57.98 37.39 -64.63
C VAL Z 342 57.32 36.02 -64.62
N PHE Z 343 58.06 35.00 -65.02
CA PHE Z 343 57.59 33.63 -64.86
C PHE Z 343 58.79 32.71 -64.68
N THR Z 344 58.56 31.60 -64.00
CA THR Z 344 59.57 30.58 -63.77
C THR Z 344 59.27 29.37 -64.65
N ASP Z 345 60.30 28.85 -65.31
CA ASP Z 345 60.16 27.69 -66.18
C ASP Z 345 60.23 26.42 -65.33
N SER Z 346 59.19 26.18 -64.53
CA SER Z 346 59.20 25.05 -63.57
C SER Z 346 58.95 23.71 -64.27
N GLU Z 347 58.44 23.73 -65.49
CA GLU Z 347 58.28 22.49 -66.24
C GLU Z 347 59.45 22.20 -67.16
N TYR Z 348 60.46 23.06 -67.18
CA TYR Z 348 61.68 22.86 -67.97
C TYR Z 348 61.36 22.65 -69.44
N GLN Z 349 60.46 23.48 -69.97
CA GLN Z 349 60.09 23.43 -71.38
C GLN Z 349 60.96 24.33 -72.25
N LEU Z 350 61.82 25.14 -71.66
CA LEU Z 350 62.72 26.03 -72.39
C LEU Z 350 64.15 25.50 -72.30
N PRO Z 351 64.99 25.83 -73.29
CA PRO Z 351 66.40 25.42 -73.21
C PRO Z 351 67.07 26.00 -71.98
N TYR Z 352 67.69 25.13 -71.20
CA TYR Z 352 68.29 25.51 -69.93
C TYR Z 352 69.68 26.08 -70.19
N VAL Z 353 69.80 27.40 -70.14
CA VAL Z 353 71.06 28.07 -70.39
C VAL Z 353 71.84 28.35 -69.11
N LEU Z 354 71.24 28.17 -67.95
CA LEU Z 354 71.99 28.19 -66.71
C LEU Z 354 72.89 26.97 -66.63
N GLY Z 355 73.99 27.10 -65.90
CA GLY Z 355 74.96 26.04 -65.81
C GLY Z 355 75.97 25.99 -66.92
N SER Z 356 76.05 27.02 -67.76
CA SER Z 356 77.08 27.13 -68.78
C SER Z 356 78.17 28.13 -68.41
N ALA Z 357 78.25 28.51 -67.13
CA ALA Z 357 79.27 29.43 -66.63
C ALA Z 357 79.20 30.79 -67.34
N HIS Z 358 78.00 31.34 -67.41
CA HIS Z 358 77.77 32.60 -68.09
C HIS Z 358 77.84 33.77 -67.11
N GLN Z 359 78.26 34.92 -67.62
CA GLN Z 359 78.29 36.15 -66.84
C GLN Z 359 76.88 36.68 -66.65
N GLY Z 360 76.74 37.61 -65.71
CA GLY Z 360 75.45 38.19 -65.40
C GLY Z 360 74.81 37.71 -64.11
N CYS Z 361 75.56 37.04 -63.25
CA CYS Z 361 75.03 36.54 -61.99
C CYS Z 361 74.84 37.68 -61.00
N LEU Z 362 74.35 37.32 -59.82
CA LEU Z 362 74.29 38.28 -58.71
C LEU Z 362 75.71 38.60 -58.28
N PRO Z 363 76.08 39.89 -58.18
CA PRO Z 363 77.47 40.22 -57.87
C PRO Z 363 77.83 39.73 -56.48
N PRO Z 364 79.10 39.33 -56.28
CA PRO Z 364 79.49 38.82 -54.95
C PRO Z 364 79.35 39.85 -53.85
N PHE Z 365 79.58 41.13 -54.14
CA PHE Z 365 79.45 42.17 -53.13
C PHE Z 365 78.00 42.65 -53.07
N PRO Z 366 77.37 42.62 -51.90
CA PRO Z 366 75.94 42.97 -51.81
C PRO Z 366 75.63 44.40 -52.22
N ALA Z 367 76.60 45.30 -52.25
CA ALA Z 367 76.37 46.69 -52.58
C ALA Z 367 76.42 46.98 -54.07
N ASP Z 368 76.77 46.00 -54.89
CA ASP Z 368 76.90 46.20 -56.34
C ASP Z 368 75.55 46.04 -57.04
N VAL Z 369 75.32 46.88 -58.05
CA VAL Z 369 74.12 46.83 -58.87
C VAL Z 369 74.50 46.17 -60.20
N PHE Z 370 73.67 45.23 -60.65
CA PHE Z 370 73.99 44.42 -61.81
C PHE Z 370 72.87 44.49 -62.85
N MET Z 371 73.26 44.34 -64.11
CA MET Z 371 72.32 44.26 -65.22
C MET Z 371 71.85 42.84 -65.41
N VAL Z 372 70.57 42.68 -65.74
CA VAL Z 372 69.99 41.36 -65.97
C VAL Z 372 70.42 40.86 -67.35
N PRO Z 373 71.05 39.70 -67.45
CA PRO Z 373 71.53 39.23 -68.75
C PRO Z 373 70.39 38.85 -69.68
N GLN Z 374 70.63 39.02 -70.98
CA GLN Z 374 69.64 38.69 -71.99
C GLN Z 374 69.57 37.19 -72.21
N TYR Z 375 68.34 36.67 -72.30
CA TYR Z 375 68.14 35.24 -72.51
C TYR Z 375 68.21 34.89 -73.98
N GLY Z 376 68.90 33.80 -74.28
CA GLY Z 376 69.00 33.31 -75.65
C GLY Z 376 69.38 31.85 -75.62
N TYR Z 377 68.99 31.15 -76.68
CA TYR Z 377 69.21 29.71 -76.75
C TYR Z 377 69.66 29.32 -78.15
N LEU Z 378 70.30 28.16 -78.24
CA LEU Z 378 70.72 27.59 -79.50
C LEU Z 378 69.94 26.30 -79.77
N THR Z 379 69.70 26.04 -81.05
CA THR Z 379 69.02 24.82 -81.47
C THR Z 379 69.87 24.11 -82.51
N LEU Z 380 69.32 23.08 -83.12
CA LEU Z 380 70.07 22.28 -84.13
C LEU Z 380 70.46 23.15 -85.31
N ASN Z 381 71.66 22.94 -85.84
CA ASN Z 381 72.13 23.72 -87.01
C ASN Z 381 72.89 22.81 -87.98
N ASN Z 382 72.71 23.01 -89.27
CA ASN Z 382 73.54 22.32 -90.28
C ASN Z 382 74.41 23.44 -90.84
N GLY Z 383 75.53 23.75 -90.17
CA GLY Z 383 76.31 24.93 -90.58
C GLY Z 383 75.69 26.16 -89.97
N SER Z 384 75.59 27.26 -90.73
CA SER Z 384 74.91 28.45 -90.24
C SER Z 384 73.40 28.38 -90.41
N GLN Z 385 72.89 27.36 -91.11
CA GLN Z 385 71.47 27.20 -91.35
C GLN Z 385 70.84 26.30 -90.28
N ALA Z 386 69.52 26.17 -90.37
CA ALA Z 386 68.75 25.33 -89.47
C ALA Z 386 68.26 24.08 -90.20
N VAL Z 387 67.75 23.13 -89.42
CA VAL Z 387 67.16 21.91 -89.95
C VAL Z 387 65.70 21.87 -89.52
N GLY Z 388 64.98 20.87 -90.04
CA GLY Z 388 63.57 20.75 -89.73
C GLY Z 388 63.31 20.42 -88.27
N ARG Z 389 64.28 19.83 -87.60
CA ARG Z 389 64.15 19.46 -86.19
C ARG Z 389 64.44 20.63 -85.25
N SER Z 390 64.94 21.75 -85.77
CA SER Z 390 65.22 22.91 -84.92
C SER Z 390 63.93 23.44 -84.30
N SER Z 391 64.02 23.81 -83.02
CA SER Z 391 62.86 24.24 -82.26
C SER Z 391 62.92 25.74 -82.02
N PHE Z 392 61.75 26.39 -82.12
CA PHE Z 392 61.59 27.79 -81.82
C PHE Z 392 60.67 27.93 -80.62
N TYR Z 393 61.04 28.81 -79.68
CA TYR Z 393 60.28 29.00 -78.46
C TYR Z 393 59.92 30.47 -78.30
N CYS Z 394 58.64 30.74 -78.14
CA CYS Z 394 58.14 32.07 -77.80
C CYS Z 394 57.84 32.08 -76.31
N LEU Z 395 58.53 32.95 -75.57
CA LEU Z 395 58.38 33.02 -74.13
C LEU Z 395 57.10 33.71 -73.70
N GLU Z 396 56.42 34.42 -74.61
CA GLU Z 396 55.10 34.97 -74.32
C GLU Z 396 54.01 33.92 -74.42
N TYR Z 397 54.35 32.69 -74.83
CA TYR Z 397 53.38 31.56 -74.93
C TYR Z 397 53.32 30.85 -73.58
N PHE Z 398 54.04 31.35 -72.59
CA PHE Z 398 54.01 30.87 -71.21
C PHE Z 398 53.17 31.81 -70.36
N PRO Z 399 52.45 31.28 -69.36
CA PRO Z 399 51.76 32.15 -68.41
C PRO Z 399 52.77 32.88 -67.53
N SER Z 400 52.68 34.20 -67.51
CA SER Z 400 53.59 35.04 -66.74
C SER Z 400 52.79 35.97 -65.84
N GLN Z 401 53.43 36.41 -64.76
CA GLN Z 401 52.82 37.31 -63.80
C GLN Z 401 53.24 38.73 -64.10
N MET Z 402 52.26 39.63 -64.21
CA MET Z 402 52.50 41.03 -64.54
C MET Z 402 52.57 41.84 -63.24
N LEU Z 403 53.65 42.61 -63.09
CA LEU Z 403 53.92 43.31 -61.83
C LEU Z 403 54.06 44.80 -62.11
N ARG Z 404 53.18 45.60 -61.51
CA ARG Z 404 53.34 47.05 -61.50
C ARG Z 404 54.21 47.46 -60.32
N THR Z 405 54.41 48.77 -60.16
CA THR Z 405 55.12 49.25 -58.95
C THR Z 405 54.21 48.99 -57.76
N GLY Z 406 54.65 48.20 -56.82
CA GLY Z 406 53.85 47.78 -55.69
C GLY Z 406 53.49 46.31 -55.68
N ASN Z 407 53.73 45.59 -56.77
CA ASN Z 407 53.54 44.15 -56.83
C ASN Z 407 54.88 43.46 -56.62
N ASN Z 408 54.82 42.25 -56.07
CA ASN Z 408 56.01 41.44 -55.84
C ASN Z 408 55.78 40.04 -56.39
N PHE Z 409 56.90 39.36 -56.64
CA PHE Z 409 56.89 37.99 -57.15
C PHE Z 409 57.67 37.11 -56.18
N THR Z 410 57.23 35.88 -56.01
CA THR Z 410 57.93 34.94 -55.14
C THR Z 410 57.64 33.52 -55.59
N PHE Z 411 58.59 32.63 -55.30
CA PHE Z 411 58.38 31.20 -55.50
C PHE Z 411 59.40 30.44 -54.67
N SER Z 412 59.03 29.21 -54.32
CA SER Z 412 59.88 28.33 -53.51
C SER Z 412 60.21 27.07 -54.29
N TYR Z 413 61.42 26.58 -54.10
CA TYR Z 413 61.91 25.40 -54.79
C TYR Z 413 62.61 24.49 -53.80
N THR Z 414 62.45 23.18 -53.99
CA THR Z 414 63.11 22.19 -53.15
C THR Z 414 64.09 21.41 -54.00
N PHE Z 415 65.36 21.38 -53.58
CA PHE Z 415 66.36 20.60 -54.29
C PHE Z 415 66.09 19.11 -54.12
N GLU Z 416 66.37 18.34 -55.17
CA GLU Z 416 66.33 16.90 -55.07
C GLU Z 416 67.49 16.40 -54.22
N ASP Z 417 67.39 15.14 -53.79
CA ASP Z 417 68.46 14.54 -53.00
C ASP Z 417 69.71 14.38 -53.85
N VAL Z 418 70.82 14.95 -53.38
CA VAL Z 418 72.08 14.89 -54.10
C VAL Z 418 73.18 14.53 -53.11
N PRO Z 419 74.27 13.92 -53.58
CA PRO Z 419 75.37 13.61 -52.66
C PRO Z 419 76.01 14.87 -52.10
N PHE Z 420 76.51 14.76 -50.88
CA PHE Z 420 77.28 15.85 -50.29
C PHE Z 420 78.54 16.07 -51.11
N HIS Z 421 78.89 17.34 -51.33
CA HIS Z 421 80.15 17.66 -51.96
C HIS Z 421 81.30 17.24 -51.05
N SER Z 422 82.31 16.60 -51.65
CA SER Z 422 83.49 16.13 -50.89
C SER Z 422 84.40 17.31 -50.55
N SER Z 423 84.05 18.06 -49.50
CA SER Z 423 84.87 19.20 -49.07
C SER Z 423 85.99 18.76 -48.15
N TYR Z 424 86.76 17.78 -48.62
CA TYR Z 424 87.88 17.24 -47.87
C TYR Z 424 88.93 16.72 -48.86
N ALA Z 425 90.15 16.59 -48.36
CA ALA Z 425 91.24 15.96 -49.10
C ALA Z 425 91.62 14.67 -48.39
N HIS Z 426 91.82 13.61 -49.16
CA HIS Z 426 92.20 12.33 -48.56
C HIS Z 426 93.61 12.40 -47.99
N SER Z 427 93.76 11.93 -46.75
CA SER Z 427 95.06 11.85 -46.10
C SER Z 427 95.77 10.55 -46.40
N GLN Z 428 95.18 9.67 -47.20
CA GLN Z 428 95.81 8.45 -47.66
C GLN Z 428 95.78 8.41 -49.18
N SER Z 429 96.77 7.77 -49.76
CA SER Z 429 96.82 7.54 -51.20
C SER Z 429 96.25 6.16 -51.51
N LEU Z 430 95.67 6.03 -52.70
CA LEU Z 430 95.04 4.77 -53.09
C LEU Z 430 96.05 3.64 -53.22
N ASP Z 431 97.34 3.97 -53.43
CA ASP Z 431 98.39 2.93 -53.60
C ASP Z 431 99.14 2.71 -52.29
N ARG Z 432 98.69 3.35 -51.20
CA ARG Z 432 99.35 3.24 -49.89
C ARG Z 432 98.30 2.95 -48.81
N LEU Z 433 97.42 2.00 -49.08
CA LEU Z 433 96.33 1.65 -48.16
C LEU Z 433 96.65 0.42 -47.30
N MET Z 434 97.88 -0.09 -47.37
CA MET Z 434 98.22 -1.34 -46.72
C MET Z 434 98.86 -1.08 -45.35
N ASN Z 435 99.17 -2.17 -44.65
CA ASN Z 435 99.91 -2.12 -43.40
C ASN Z 435 101.39 -2.32 -43.74
N PRO Z 436 102.25 -1.30 -43.54
CA PRO Z 436 103.66 -1.44 -43.95
C PRO Z 436 104.46 -2.41 -43.10
N LEU Z 437 103.91 -2.87 -41.97
CA LEU Z 437 104.65 -3.75 -41.07
C LEU Z 437 104.49 -5.23 -41.39
N ILE Z 438 103.40 -5.61 -42.05
CA ILE Z 438 103.06 -7.01 -42.28
C ILE Z 438 103.15 -7.29 -43.77
N ASP Z 439 103.81 -8.40 -44.12
CA ASP Z 439 103.85 -8.83 -45.51
C ASP Z 439 102.50 -9.39 -45.95
N GLN Z 440 102.28 -9.38 -47.26
CA GLN Z 440 101.10 -10.02 -47.83
C GLN Z 440 101.32 -11.52 -47.96
N TYR Z 441 100.24 -12.27 -47.85
CA TYR Z 441 100.31 -13.71 -48.10
C TYR Z 441 100.24 -14.05 -49.58
N LEU Z 442 99.85 -13.09 -50.43
CA LEU Z 442 99.80 -13.32 -51.86
C LEU Z 442 101.18 -13.16 -52.49
N TYR Z 443 101.41 -13.87 -53.57
CA TYR Z 443 102.68 -13.84 -54.28
C TYR Z 443 102.52 -13.10 -55.61
N TYR Z 444 103.61 -12.49 -56.05
CA TYR Z 444 103.67 -11.84 -57.35
C TYR Z 444 104.94 -12.28 -58.06
N LEU Z 445 104.89 -12.30 -59.38
CA LEU Z 445 106.05 -12.65 -60.19
C LEU Z 445 107.11 -11.56 -60.03
N SER Z 446 108.20 -11.88 -59.32
CA SER Z 446 109.24 -10.91 -59.04
C SER Z 446 110.44 -11.05 -59.96
N ARG Z 447 110.73 -12.26 -60.41
CA ARG Z 447 111.87 -12.45 -61.34
C ARG Z 447 111.43 -13.32 -62.51
N THR Z 448 112.04 -13.09 -63.66
CA THR Z 448 111.75 -13.86 -64.86
C THR Z 448 112.94 -14.65 -65.38
N ASN Z 449 114.12 -14.49 -64.79
CA ASN Z 449 115.28 -15.28 -65.20
C ASN Z 449 116.24 -15.37 -64.02
N THR Z 450 117.20 -16.28 -64.14
CA THR Z 450 118.24 -16.47 -63.13
C THR Z 450 119.59 -16.61 -63.81
N PRO Z 451 120.71 -16.24 -63.14
CA PRO Z 451 122.02 -16.45 -63.74
C PRO Z 451 122.23 -17.94 -64.00
N SER Z 452 122.56 -18.31 -65.25
CA SER Z 452 122.85 -19.72 -65.57
C SER Z 452 124.21 -19.77 -66.28
N GLY Z 453 125.18 -20.47 -65.71
CA GLY Z 453 126.53 -20.47 -66.29
C GLY Z 453 127.08 -19.05 -66.35
N THR Z 454 127.50 -18.61 -67.53
CA THR Z 454 127.99 -17.22 -67.71
C THR Z 454 126.94 -16.45 -68.53
N THR Z 455 125.82 -17.09 -68.83
CA THR Z 455 124.71 -16.42 -69.56
C THR Z 455 123.50 -16.30 -68.62
N THR Z 456 122.30 -16.24 -69.17
CA THR Z 456 121.07 -16.21 -68.33
C THR Z 456 120.12 -17.32 -68.77
N GLN Z 457 119.27 -17.78 -67.87
CA GLN Z 457 118.30 -18.80 -68.20
C GLN Z 457 116.92 -18.38 -67.68
N SER Z 458 115.89 -18.64 -68.48
CA SER Z 458 114.53 -18.25 -68.10
C SER Z 458 114.07 -19.08 -66.90
N ARG Z 459 113.57 -18.39 -65.88
CA ARG Z 459 113.11 -19.06 -64.66
C ARG Z 459 112.19 -18.11 -63.91
N LEU Z 460 110.95 -18.54 -63.67
CA LEU Z 460 109.98 -17.72 -62.98
C LEU Z 460 110.14 -17.87 -61.48
N GLN Z 461 110.14 -16.75 -60.76
CA GLN Z 461 110.18 -16.73 -59.31
C GLN Z 461 109.13 -15.77 -58.77
N PHE Z 462 108.68 -16.04 -57.56
CA PHE Z 462 107.59 -15.29 -56.95
C PHE Z 462 107.98 -14.88 -55.53
N SER Z 463 107.50 -13.71 -55.12
CA SER Z 463 107.81 -13.16 -53.81
C SER Z 463 106.54 -12.62 -53.18
N GLN Z 464 106.56 -12.54 -51.86
CA GLN Z 464 105.49 -11.88 -51.11
C GLN Z 464 105.85 -10.41 -50.91
N ALA Z 465 104.91 -9.54 -51.20
CA ALA Z 465 105.17 -8.10 -51.18
C ALA Z 465 105.08 -7.55 -49.77
N GLY Z 466 106.03 -6.69 -49.42
CA GLY Z 466 106.06 -6.00 -48.14
C GLY Z 466 106.28 -4.52 -48.35
N ALA Z 467 107.03 -3.92 -47.41
CA ALA Z 467 107.28 -2.49 -47.49
C ALA Z 467 108.38 -2.15 -48.50
N SER Z 468 109.40 -3.02 -48.63
CA SER Z 468 110.52 -2.72 -49.50
C SER Z 468 110.11 -2.75 -50.98
N ASP Z 469 109.19 -3.62 -51.34
CA ASP Z 469 108.67 -3.71 -52.70
C ASP Z 469 107.19 -3.35 -52.70
N ILE Z 470 106.86 -2.26 -52.01
CA ILE Z 470 105.48 -1.84 -51.78
C ILE Z 470 104.72 -1.59 -53.08
N ARG Z 471 105.43 -1.32 -54.18
CA ARG Z 471 104.76 -1.06 -55.45
C ARG Z 471 104.14 -2.31 -56.06
N ASP Z 472 104.56 -3.50 -55.63
CA ASP Z 472 104.10 -4.76 -56.20
C ASP Z 472 102.97 -5.39 -55.39
N GLN Z 473 102.48 -4.71 -54.36
CA GLN Z 473 101.45 -5.30 -53.51
C GLN Z 473 100.13 -5.46 -54.27
N SER Z 474 99.46 -6.58 -53.99
CA SER Z 474 98.14 -6.80 -54.57
C SER Z 474 97.14 -5.83 -53.96
N ARG Z 475 96.29 -5.25 -54.81
CA ARG Z 475 95.38 -4.21 -54.39
C ARG Z 475 93.97 -4.51 -54.90
N ASN Z 476 93.00 -3.88 -54.26
CA ASN Z 476 91.59 -4.13 -54.56
C ASN Z 476 90.96 -3.06 -55.45
N TRP Z 477 91.62 -1.91 -55.63
CA TRP Z 477 91.02 -0.77 -56.29
C TRP Z 477 91.98 -0.18 -57.31
N LEU Z 478 91.43 0.67 -58.18
CA LEU Z 478 92.16 1.32 -59.26
C LEU Z 478 91.88 2.82 -59.26
N PRO Z 479 92.81 3.62 -59.75
CA PRO Z 479 92.54 5.06 -59.88
C PRO Z 479 91.48 5.35 -60.93
N GLY Z 480 90.82 6.48 -60.76
CA GLY Z 480 89.70 6.86 -61.60
C GLY Z 480 90.06 7.05 -63.06
N PRO Z 481 89.05 7.31 -63.89
CA PRO Z 481 89.29 7.41 -65.34
C PRO Z 481 90.07 8.65 -65.71
N CYS Z 482 90.65 8.55 -66.91
CA CYS Z 482 91.58 9.60 -67.38
C CYS Z 482 91.28 10.00 -68.82
N TYR Z 483 91.55 11.26 -69.16
CA TYR Z 483 91.47 11.74 -70.55
C TYR Z 483 92.58 12.77 -70.70
N ARG Z 484 93.74 12.32 -71.20
CA ARG Z 484 94.99 13.04 -71.02
C ARG Z 484 94.92 14.45 -71.60
N GLN Z 485 95.50 15.40 -70.86
CA GLN Z 485 95.61 16.80 -71.25
C GLN Z 485 97.07 17.15 -71.49
N GLN Z 486 97.30 18.14 -72.36
CA GLN Z 486 98.64 18.64 -72.56
C GLN Z 486 99.09 19.46 -71.35
N ARG Z 487 100.38 19.37 -71.04
CA ARG Z 487 100.95 20.05 -69.90
C ARG Z 487 101.54 21.39 -70.33
N VAL Z 488 101.11 22.43 -69.60
CA VAL Z 488 101.62 23.81 -69.84
C VAL Z 488 102.21 24.29 -68.52
N SER Z 489 103.18 25.19 -68.56
CA SER Z 489 103.86 25.71 -67.37
C SER Z 489 103.52 27.18 -67.18
N LYS Z 490 103.39 27.57 -65.90
CA LYS Z 490 103.11 28.99 -65.57
C LYS Z 490 104.36 29.83 -65.90
N THR Z 491 105.54 29.22 -65.84
CA THR Z 491 106.79 29.92 -66.28
C THR Z 491 106.78 29.91 -67.81
N SER Z 492 106.68 31.06 -68.45
CA SER Z 492 106.51 31.12 -69.93
C SER Z 492 107.66 30.45 -70.68
N ALA Z 493 108.91 30.72 -70.30
CA ALA Z 493 110.05 30.18 -71.05
C ALA Z 493 110.01 28.66 -71.14
N ASP Z 494 109.36 28.00 -70.19
CA ASP Z 494 109.31 26.54 -70.16
C ASP Z 494 108.41 25.95 -71.24
N ASN Z 495 107.58 26.77 -71.88
CA ASN Z 495 106.62 26.28 -72.86
C ASN Z 495 107.23 26.28 -74.26
N ASN Z 496 106.66 25.45 -75.13
CA ASN Z 496 107.13 25.38 -76.51
C ASN Z 496 106.80 26.68 -77.24
N ASN Z 497 107.74 27.13 -78.08
CA ASN Z 497 107.58 28.38 -78.82
C ASN Z 497 106.80 28.09 -80.11
N SER Z 498 105.50 27.85 -79.93
CA SER Z 498 104.61 27.59 -81.05
C SER Z 498 103.18 27.85 -80.59
N GLU Z 499 102.27 27.86 -81.58
CA GLU Z 499 100.82 28.04 -81.28
C GLU Z 499 100.21 26.65 -81.21
N TYR Z 500 99.95 26.17 -79.99
CA TYR Z 500 99.42 24.82 -79.77
C TYR Z 500 98.17 24.83 -78.90
N SER Z 501 97.47 25.96 -78.83
CA SER Z 501 96.26 26.01 -78.00
C SER Z 501 95.13 25.18 -78.57
N TRP Z 502 95.19 24.81 -79.86
CA TRP Z 502 94.18 23.97 -80.47
C TRP Z 502 94.76 22.69 -81.06
N THR Z 503 95.94 22.74 -81.67
CA THR Z 503 96.54 21.53 -82.22
C THR Z 503 96.86 20.52 -81.13
N GLY Z 504 97.41 21.00 -80.01
CA GLY Z 504 97.70 20.16 -78.87
C GLY Z 504 96.57 20.06 -77.86
N ALA Z 505 95.41 20.61 -78.17
CA ALA Z 505 94.29 20.62 -77.24
C ALA Z 505 93.61 19.26 -77.18
N THR Z 506 92.98 18.99 -76.05
CA THR Z 506 92.19 17.78 -75.86
C THR Z 506 90.75 18.05 -76.30
N LYS Z 507 90.26 17.25 -77.24
CA LYS Z 507 88.99 17.53 -77.90
C LYS Z 507 88.12 16.28 -77.94
N TYR Z 508 86.82 16.50 -78.08
CA TYR Z 508 85.87 15.45 -78.39
C TYR Z 508 85.16 15.78 -79.69
N HIS Z 509 84.88 14.76 -80.49
CA HIS Z 509 84.32 14.91 -81.81
C HIS Z 509 82.84 14.56 -81.76
N LEU Z 510 81.98 15.48 -82.22
CA LEU Z 510 80.54 15.29 -82.19
C LEU Z 510 79.93 15.89 -83.44
N ASN Z 511 79.33 15.04 -84.27
CA ASN Z 511 78.65 15.45 -85.50
C ASN Z 511 79.59 16.24 -86.42
N GLY Z 512 80.84 15.80 -86.51
CA GLY Z 512 81.81 16.43 -87.38
C GLY Z 512 82.43 17.70 -86.85
N ARG Z 513 82.08 18.09 -85.63
CA ARG Z 513 82.71 19.31 -85.06
C ARG Z 513 83.52 18.98 -83.80
N ASP Z 514 84.72 19.54 -83.69
CA ASP Z 514 85.59 19.37 -82.53
C ASP Z 514 85.25 20.43 -81.48
N SER Z 515 85.01 19.98 -80.26
CA SER Z 515 84.78 20.86 -79.13
C SER Z 515 85.90 20.68 -78.12
N LEU Z 516 86.34 21.77 -77.52
CA LEU Z 516 87.38 21.70 -76.50
C LEU Z 516 86.85 20.98 -75.27
N VAL Z 517 87.67 20.08 -74.72
CA VAL Z 517 87.35 19.39 -73.48
C VAL Z 517 87.86 20.28 -72.35
N ASN Z 518 86.93 20.98 -71.69
CA ASN Z 518 87.28 21.99 -70.70
C ASN Z 518 86.19 22.08 -69.65
N PRO Z 519 86.47 21.73 -68.39
CA PRO Z 519 87.73 21.20 -67.87
C PRO Z 519 87.86 19.70 -68.01
N GLY Z 520 86.80 19.01 -68.42
CA GLY Z 520 86.84 17.59 -68.64
C GLY Z 520 86.73 16.78 -67.36
N PRO Z 521 87.08 15.49 -67.44
CA PRO Z 521 87.01 14.63 -66.25
C PRO Z 521 87.94 15.13 -65.15
N ALA Z 522 87.50 14.93 -63.91
CA ALA Z 522 88.26 15.41 -62.75
C ALA Z 522 89.57 14.65 -62.63
N MET Z 523 90.67 15.38 -62.76
CA MET Z 523 92.01 14.81 -62.68
C MET Z 523 92.92 15.77 -61.94
N ALA Z 524 93.97 15.23 -61.33
CA ALA Z 524 94.92 16.05 -60.60
C ALA Z 524 95.66 16.97 -61.54
N SER Z 525 95.84 18.23 -61.12
CA SER Z 525 96.53 19.20 -61.96
C SER Z 525 97.99 18.84 -62.16
N HIS Z 526 98.63 18.33 -61.11
CA HIS Z 526 100.06 18.02 -61.17
C HIS Z 526 100.40 17.03 -60.08
N LYS Z 527 101.58 16.42 -60.21
CA LYS Z 527 102.09 15.49 -59.21
C LYS Z 527 102.89 16.26 -58.15
N ASP Z 528 103.60 15.54 -57.30
CA ASP Z 528 104.37 16.17 -56.23
C ASP Z 528 105.43 17.11 -56.80
N ASP Z 529 105.55 18.28 -56.18
CA ASP Z 529 106.60 19.25 -56.48
C ASP Z 529 106.59 19.68 -57.94
N GLU Z 530 105.40 19.84 -58.50
CA GLU Z 530 105.24 20.32 -59.87
C GLU Z 530 104.10 21.32 -59.95
N GLU Z 531 104.01 22.21 -58.96
CA GLU Z 531 102.89 23.14 -58.87
C GLU Z 531 102.86 24.14 -60.02
N LYS Z 532 103.97 24.32 -60.73
CA LYS Z 532 103.99 25.24 -61.87
C LYS Z 532 103.29 24.67 -63.09
N PHE Z 533 103.00 23.37 -63.11
CA PHE Z 533 102.39 22.72 -64.26
C PHE Z 533 100.89 22.56 -64.05
N PHE Z 534 100.11 22.86 -65.08
CA PHE Z 534 98.68 22.68 -65.06
C PHE Z 534 98.23 22.15 -66.41
N PRO Z 535 97.12 21.41 -66.47
CA PRO Z 535 96.61 20.94 -67.75
C PRO Z 535 96.15 22.10 -68.62
N GLN Z 536 96.29 21.92 -69.94
CA GLN Z 536 96.04 23.01 -70.86
C GLN Z 536 94.59 23.49 -70.79
N SER Z 537 93.64 22.56 -70.71
CA SER Z 537 92.23 22.90 -70.55
C SER Z 537 91.58 22.00 -69.52
N GLY Z 538 92.32 21.66 -68.46
CA GLY Z 538 91.84 20.75 -67.44
C GLY Z 538 91.52 21.37 -66.10
N VAL Z 539 91.62 22.69 -65.95
CA VAL Z 539 91.32 23.36 -64.71
C VAL Z 539 90.46 24.58 -65.00
N LEU Z 540 89.68 24.99 -64.01
CA LEU Z 540 88.93 26.24 -64.10
C LEU Z 540 89.89 27.42 -63.98
N ILE Z 541 89.69 28.42 -64.82
CA ILE Z 541 90.51 29.63 -64.81
C ILE Z 541 89.58 30.80 -64.59
N PHE Z 542 89.74 31.49 -63.47
CA PHE Z 542 88.94 32.65 -63.12
C PHE Z 542 89.73 33.92 -63.42
N GLY Z 543 89.01 34.96 -63.84
CA GLY Z 543 89.63 36.24 -64.13
C GLY Z 543 89.72 37.10 -62.89
N LYS Z 544 90.85 37.80 -62.76
CA LYS Z 544 90.99 38.79 -61.69
C LYS Z 544 90.11 40.00 -62.00
N GLN Z 545 89.95 40.86 -61.01
CA GLN Z 545 89.14 42.05 -61.18
C GLN Z 545 89.73 42.95 -62.26
N GLY Z 546 88.87 43.40 -63.18
CA GLY Z 546 89.30 44.26 -64.26
C GLY Z 546 89.90 43.55 -65.46
N SER Z 547 89.85 42.22 -65.47
CA SER Z 547 90.48 41.44 -66.56
C SER Z 547 89.65 41.55 -67.83
N GLU Z 548 90.31 41.69 -68.99
CA GLU Z 548 89.62 41.83 -70.26
C GLU Z 548 89.08 40.47 -70.71
N LYS Z 549 88.62 40.41 -71.95
CA LYS Z 549 87.98 39.21 -72.46
C LYS Z 549 88.93 38.37 -73.32
N THR Z 550 89.76 39.00 -74.14
CA THR Z 550 90.55 38.29 -75.14
C THR Z 550 92.04 38.42 -74.85
N ASN Z 551 92.71 37.28 -74.78
CA ASN Z 551 94.18 37.20 -74.75
C ASN Z 551 94.78 38.01 -73.61
N VAL Z 552 94.27 37.79 -72.41
CA VAL Z 552 94.86 38.39 -71.22
C VAL Z 552 96.04 37.54 -70.78
N ASP Z 553 96.99 38.17 -70.10
CA ASP Z 553 98.20 37.48 -69.67
C ASP Z 553 97.89 36.54 -68.51
N ILE Z 554 98.88 35.71 -68.17
CA ILE Z 554 98.69 34.74 -67.10
C ILE Z 554 98.56 35.46 -65.75
N GLU Z 555 99.22 36.59 -65.57
CA GLU Z 555 99.11 37.34 -64.33
C GLU Z 555 97.75 37.99 -64.16
N LYS Z 556 96.92 38.03 -65.21
CA LYS Z 556 95.58 38.57 -65.13
C LYS Z 556 94.54 37.53 -64.74
N VAL Z 557 94.91 36.26 -64.66
CA VAL Z 557 93.98 35.18 -64.36
C VAL Z 557 94.49 34.39 -63.17
N MET Z 558 93.58 33.70 -62.51
CA MET Z 558 93.88 32.84 -61.36
C MET Z 558 93.52 31.41 -61.74
N ILE Z 559 94.53 30.56 -61.81
CA ILE Z 559 94.37 29.18 -62.24
C ILE Z 559 94.16 28.30 -61.02
N THR Z 560 93.09 27.51 -61.03
CA THR Z 560 92.77 26.66 -59.89
C THR Z 560 93.67 25.42 -59.87
N ASP Z 561 93.70 24.77 -58.71
CA ASP Z 561 94.54 23.57 -58.55
C ASP Z 561 93.68 22.44 -58.00
N GLU Z 562 93.78 21.27 -58.60
CA GLU Z 562 93.07 20.07 -58.18
C GLU Z 562 94.04 19.02 -57.67
N GLU Z 563 95.02 19.45 -56.86
CA GLU Z 563 96.03 18.54 -56.35
C GLU Z 563 95.53 17.69 -55.17
N GLU Z 564 94.44 18.10 -54.53
CA GLU Z 564 93.93 17.35 -53.38
C GLU Z 564 93.37 15.99 -53.78
N ILE Z 565 93.09 15.77 -55.07
CA ILE Z 565 92.48 14.53 -55.53
C ILE Z 565 93.50 13.62 -56.20
N ARG Z 566 94.79 13.95 -56.12
CA ARG Z 566 95.82 13.08 -56.71
C ARG Z 566 96.00 11.79 -55.92
N THR Z 567 95.37 11.67 -54.75
CA THR Z 567 95.42 10.43 -54.00
C THR Z 567 94.67 9.32 -54.71
N THR Z 568 93.57 9.64 -55.39
CA THR Z 568 92.76 8.65 -56.09
C THR Z 568 92.62 8.90 -57.58
N ASN Z 569 92.92 10.09 -58.07
CA ASN Z 569 92.72 10.42 -59.47
C ASN Z 569 94.05 10.56 -60.18
N PRO Z 570 94.16 10.07 -61.41
CA PRO Z 570 95.42 10.21 -62.15
C PRO Z 570 95.72 11.66 -62.46
N VAL Z 571 97.02 11.95 -62.59
CA VAL Z 571 97.44 13.28 -63.00
C VAL Z 571 96.98 13.55 -64.43
N ALA Z 572 96.47 14.75 -64.66
CA ALA Z 572 95.82 15.07 -65.93
C ALA Z 572 96.78 14.97 -67.10
N THR Z 573 98.03 15.37 -66.90
CA THR Z 573 99.00 15.46 -67.98
C THR Z 573 99.81 14.19 -68.19
N GLU Z 574 99.53 13.14 -67.42
CA GLU Z 574 100.29 11.90 -67.52
C GLU Z 574 99.35 10.76 -67.92
N GLN Z 575 99.96 9.64 -68.29
CA GLN Z 575 99.19 8.48 -68.69
C GLN Z 575 98.54 7.83 -67.47
N TYR Z 576 97.44 7.12 -67.73
CA TYR Z 576 96.81 6.34 -66.67
C TYR Z 576 97.72 5.21 -66.20
N GLY Z 577 98.40 4.54 -67.14
CA GLY Z 577 99.23 3.41 -66.80
C GLY Z 577 99.78 2.75 -68.04
N SER Z 578 100.11 1.46 -67.91
CA SER Z 578 100.65 0.69 -69.01
C SER Z 578 99.93 -0.65 -69.11
N VAL Z 579 99.76 -1.12 -70.35
CA VAL Z 579 99.17 -2.42 -70.63
C VAL Z 579 100.09 -3.16 -71.59
N SER Z 580 99.96 -4.48 -71.58
CA SER Z 580 100.70 -5.31 -72.52
C SER Z 580 100.10 -5.21 -73.92
N THR Z 581 100.96 -5.29 -74.92
CA THR Z 581 100.52 -5.19 -76.31
C THR Z 581 100.86 -6.40 -77.16
N ASN Z 582 101.60 -7.38 -76.63
CA ASN Z 582 101.97 -8.55 -77.40
C ASN Z 582 102.03 -9.74 -76.45
N LEU Z 583 102.56 -10.86 -76.95
CA LEU Z 583 102.74 -12.08 -76.16
C LEU Z 583 104.22 -12.45 -76.18
N GLN Z 584 104.87 -12.29 -75.03
CA GLN Z 584 106.27 -12.66 -74.92
C GLN Z 584 106.43 -14.18 -75.05
N ARG Z 585 107.57 -14.56 -75.64
CA ARG Z 585 107.82 -15.99 -75.91
C ARG Z 585 109.32 -16.19 -76.07
N GLY Z 586 109.85 -17.31 -75.57
CA GLY Z 586 111.23 -17.67 -75.77
C GLY Z 586 111.46 -18.48 -77.03
N ASN Z 587 112.71 -18.90 -77.21
CA ASN Z 587 113.09 -19.63 -78.45
C ASN Z 587 112.59 -21.08 -78.39
N THR Z 594 110.96 -17.32 -83.28
CA THR Z 594 112.09 -16.61 -82.62
C THR Z 594 111.61 -16.09 -81.26
N SER Z 595 112.46 -15.42 -80.49
CA SER Z 595 111.93 -14.91 -79.24
C SER Z 595 111.31 -13.53 -79.44
N ARG Z 596 110.31 -13.23 -78.61
CA ARG Z 596 109.65 -11.92 -78.61
C ARG Z 596 109.64 -11.40 -77.19
N GLN Z 597 110.17 -10.19 -77.00
CA GLN Z 597 110.21 -9.58 -75.68
C GLN Z 597 108.89 -8.87 -75.37
N ALA Z 598 108.53 -8.84 -74.09
CA ALA Z 598 107.29 -8.22 -73.68
C ALA Z 598 107.29 -6.73 -73.97
N ALA Z 599 106.18 -6.24 -74.51
CA ALA Z 599 106.04 -4.84 -74.89
C ALA Z 599 104.86 -4.23 -74.16
N THR Z 600 104.97 -2.93 -73.86
CA THR Z 600 103.94 -2.20 -73.15
C THR Z 600 103.66 -0.89 -73.87
N ALA Z 601 102.46 -0.35 -73.66
CA ALA Z 601 102.05 0.91 -74.23
C ALA Z 601 101.41 1.78 -73.16
N ASP Z 602 101.56 3.09 -73.32
CA ASP Z 602 100.91 4.03 -72.41
C ASP Z 602 99.41 4.08 -72.69
N VAL Z 603 98.63 4.23 -71.63
CA VAL Z 603 97.17 4.34 -71.73
C VAL Z 603 96.85 5.82 -71.51
N ASN Z 604 96.77 6.56 -72.61
CA ASN Z 604 96.47 7.99 -72.52
C ASN Z 604 95.00 8.28 -72.28
N THR Z 605 94.12 7.32 -72.57
CA THR Z 605 92.69 7.46 -72.28
C THR Z 605 92.21 6.16 -71.66
N GLN Z 606 91.54 6.26 -70.52
CA GLN Z 606 91.06 5.09 -69.80
C GLN Z 606 89.60 5.30 -69.42
N GLY Z 607 88.74 4.39 -69.87
CA GLY Z 607 87.36 4.40 -69.45
C GLY Z 607 87.19 3.82 -68.07
N VAL Z 608 85.95 3.84 -67.59
CA VAL Z 608 85.66 3.35 -66.26
C VAL Z 608 85.76 1.83 -66.23
N LEU Z 609 86.50 1.30 -65.27
CA LEU Z 609 86.67 -0.11 -65.02
C LEU Z 609 86.01 -0.50 -63.70
N PRO Z 610 85.58 -1.76 -63.55
CA PRO Z 610 85.09 -2.20 -62.25
C PRO Z 610 86.18 -2.10 -61.19
N GLY Z 611 85.79 -1.66 -59.99
CA GLY Z 611 86.73 -1.42 -58.92
C GLY Z 611 87.39 -0.06 -58.95
N MET Z 612 86.99 0.83 -59.84
CA MET Z 612 87.62 2.17 -59.96
C MET Z 612 86.98 3.14 -58.97
N VAL Z 613 87.79 3.95 -58.28
CA VAL Z 613 87.37 4.96 -57.32
C VAL Z 613 87.99 6.29 -57.72
N TRP Z 614 87.24 7.37 -57.54
CA TRP Z 614 87.71 8.69 -57.96
C TRP Z 614 86.99 9.75 -57.13
N GLN Z 615 87.52 10.96 -57.19
CA GLN Z 615 86.93 12.14 -56.56
C GLN Z 615 86.48 13.11 -57.64
N ASP Z 616 85.37 13.80 -57.40
CA ASP Z 616 84.85 14.76 -58.35
C ASP Z 616 85.65 16.06 -58.28
N ARG Z 617 85.38 16.95 -59.22
CA ARG Z 617 86.06 18.23 -59.25
C ARG Z 617 85.60 19.09 -58.07
N ASP Z 618 86.54 19.87 -57.53
CA ASP Z 618 86.23 20.74 -56.41
C ASP Z 618 85.34 21.90 -56.84
N VAL Z 619 84.59 22.43 -55.89
CA VAL Z 619 83.79 23.63 -56.10
C VAL Z 619 84.53 24.80 -55.47
N TYR Z 620 84.28 26.00 -55.98
CA TYR Z 620 84.99 27.20 -55.57
C TYR Z 620 83.97 28.29 -55.24
N LEU Z 621 84.43 29.29 -54.50
CA LEU Z 621 83.56 30.40 -54.15
C LEU Z 621 83.06 31.13 -55.40
N GLN Z 622 83.94 31.32 -56.37
CA GLN Z 622 83.56 31.90 -57.65
C GLN Z 622 83.00 30.89 -58.63
N GLY Z 623 82.96 29.61 -58.27
CA GLY Z 623 82.55 28.58 -59.19
C GLY Z 623 81.06 28.37 -59.23
N PRO Z 624 80.60 27.57 -60.19
CA PRO Z 624 79.17 27.27 -60.28
C PRO Z 624 78.72 26.31 -59.19
N ILE Z 625 77.43 26.36 -58.90
CA ILE Z 625 76.83 25.53 -57.86
C ILE Z 625 76.22 24.25 -58.43
N TRP Z 626 75.45 24.37 -59.50
CA TRP Z 626 74.71 23.24 -60.03
C TRP Z 626 74.72 23.28 -61.55
N ALA Z 627 74.15 22.22 -62.14
CA ALA Z 627 73.90 22.16 -63.58
C ALA Z 627 72.76 21.19 -63.81
N LYS Z 628 72.08 21.36 -64.94
CA LYS Z 628 70.98 20.46 -65.29
C LYS Z 628 71.52 19.22 -65.99
N ILE Z 629 71.18 18.06 -65.47
CA ILE Z 629 71.57 16.81 -66.13
C ILE Z 629 70.78 16.69 -67.44
N PRO Z 630 71.43 16.48 -68.58
CA PRO Z 630 70.70 16.40 -69.85
C PRO Z 630 69.70 15.25 -69.83
N HIS Z 631 68.54 15.48 -70.46
CA HIS Z 631 67.49 14.48 -70.53
C HIS Z 631 67.88 13.46 -71.59
N THR Z 632 68.58 12.42 -71.16
CA THR Z 632 69.09 11.40 -72.05
C THR Z 632 68.76 10.02 -71.49
N ASP Z 633 68.82 9.02 -72.34
CA ASP Z 633 68.48 7.63 -71.91
C ASP Z 633 69.51 7.15 -70.89
N GLY Z 634 70.78 7.46 -71.12
CA GLY Z 634 71.82 7.01 -70.23
C GLY Z 634 72.82 8.10 -69.90
N HIS Z 635 73.38 8.01 -68.71
CA HIS Z 635 74.46 8.88 -68.26
C HIS Z 635 75.15 8.18 -67.10
N PHE Z 636 76.46 8.43 -66.98
CA PHE Z 636 77.25 7.82 -65.93
C PHE Z 636 77.80 8.91 -65.03
N HIS Z 637 77.53 8.80 -63.72
CA HIS Z 637 77.98 9.74 -62.71
C HIS Z 637 77.70 11.17 -63.14
N PRO Z 638 76.44 11.61 -63.11
CA PRO Z 638 76.06 12.93 -63.64
C PRO Z 638 76.43 14.10 -62.72
N SER Z 639 77.66 14.11 -62.25
CA SER Z 639 78.23 15.29 -61.62
C SER Z 639 78.78 16.22 -62.69
N PRO Z 640 78.43 17.51 -62.66
CA PRO Z 640 78.91 18.42 -63.70
C PRO Z 640 80.43 18.46 -63.74
N LEU Z 641 80.99 18.49 -64.95
CA LEU Z 641 82.44 18.46 -65.09
C LEU Z 641 83.07 19.76 -64.65
N MET Z 642 82.34 20.88 -64.75
CA MET Z 642 82.83 22.16 -64.26
C MET Z 642 82.80 22.26 -62.74
N GLY Z 643 82.17 21.31 -62.06
CA GLY Z 643 82.07 21.31 -60.62
C GLY Z 643 80.68 21.67 -60.13
N GLY Z 644 80.24 20.97 -59.10
CA GLY Z 644 78.94 21.26 -58.53
C GLY Z 644 78.03 20.06 -58.37
N PHE Z 645 76.73 20.31 -58.31
CA PHE Z 645 75.72 19.28 -58.07
C PHE Z 645 74.91 19.05 -59.34
N GLY Z 646 74.85 17.80 -59.78
CA GLY Z 646 74.02 17.46 -60.91
C GLY Z 646 72.58 17.27 -60.51
N LEU Z 647 71.67 18.03 -61.15
CA LEU Z 647 70.26 18.03 -60.78
C LEU Z 647 69.42 17.68 -62.00
N LYS Z 648 68.58 16.65 -61.87
CA LYS Z 648 67.64 16.33 -62.93
C LYS Z 648 66.58 17.43 -63.06
N HIS Z 649 66.19 18.02 -61.94
CA HIS Z 649 65.27 19.16 -61.91
C HIS Z 649 65.96 20.28 -61.16
N PRO Z 650 66.81 21.06 -61.82
CA PRO Z 650 67.53 22.13 -61.15
C PRO Z 650 66.61 23.29 -60.85
N PRO Z 651 67.09 24.31 -60.12
CA PRO Z 651 66.28 25.51 -59.91
C PRO Z 651 65.83 26.09 -61.24
N PRO Z 652 64.53 26.36 -61.39
CA PRO Z 652 64.02 26.77 -62.69
C PRO Z 652 64.54 28.14 -63.11
N GLN Z 653 64.63 28.32 -64.42
CA GLN Z 653 64.98 29.62 -64.96
C GLN Z 653 63.89 30.64 -64.66
N ILE Z 654 64.30 31.83 -64.22
CA ILE Z 654 63.38 32.91 -63.90
C ILE Z 654 63.53 33.96 -64.99
N LEU Z 655 62.51 34.11 -65.81
CA LEU Z 655 62.53 35.01 -66.96
C LEU Z 655 61.77 36.29 -66.63
N ILE Z 656 62.38 37.43 -66.94
CA ILE Z 656 61.79 38.74 -66.66
C ILE Z 656 62.00 39.64 -67.87
N LYS Z 657 60.98 40.42 -68.21
CA LYS Z 657 61.10 41.38 -69.29
C LYS Z 657 60.12 42.52 -69.05
N ASN Z 658 60.41 43.66 -69.66
CA ASN Z 658 59.53 44.82 -69.58
C ASN Z 658 58.41 44.69 -70.60
N THR Z 659 57.19 44.95 -70.18
CA THR Z 659 56.06 44.90 -71.08
C THR Z 659 56.18 46.06 -72.08
N PRO Z 660 56.12 45.79 -73.38
CA PRO Z 660 56.23 46.87 -74.37
C PRO Z 660 55.06 47.83 -74.28
N VAL Z 661 55.36 49.12 -74.20
CA VAL Z 661 54.36 50.17 -74.15
C VAL Z 661 54.40 50.90 -75.49
N PRO Z 662 53.38 50.75 -76.34
CA PRO Z 662 53.40 51.41 -77.65
C PRO Z 662 53.43 52.92 -77.52
N ALA Z 663 54.12 53.56 -78.45
CA ALA Z 663 54.16 55.01 -78.54
C ALA Z 663 52.87 55.50 -79.20
N ASN Z 664 52.85 56.77 -79.59
CA ASN Z 664 51.64 57.36 -80.13
C ASN Z 664 51.23 56.68 -81.44
N PRO Z 665 50.04 56.08 -81.50
CA PRO Z 665 49.61 55.43 -82.75
C PRO Z 665 49.02 56.42 -83.73
N SER Z 666 48.88 55.93 -84.96
CA SER Z 666 48.27 56.74 -86.03
C SER Z 666 46.75 56.74 -85.85
N THR Z 667 46.11 57.86 -86.15
CA THR Z 667 44.66 57.95 -86.05
C THR Z 667 43.94 57.11 -87.10
N THR Z 668 44.65 56.66 -88.13
CA THR Z 668 44.11 55.76 -89.13
C THR Z 668 44.60 54.34 -88.85
N PHE Z 669 43.72 53.37 -89.02
CA PHE Z 669 44.08 51.99 -88.71
C PHE Z 669 45.16 51.49 -89.66
N SER Z 670 46.15 50.79 -89.10
CA SER Z 670 47.21 50.15 -89.87
C SER Z 670 47.38 48.73 -89.36
N ALA Z 671 47.37 47.77 -90.29
CA ALA Z 671 47.54 46.37 -89.92
C ALA Z 671 48.98 45.99 -89.64
N ALA Z 672 49.92 46.87 -89.93
CA ALA Z 672 51.33 46.60 -89.62
C ALA Z 672 51.53 46.54 -88.12
N LYS Z 673 52.35 45.60 -87.67
CA LYS Z 673 52.63 45.47 -86.25
C LYS Z 673 53.37 46.71 -85.75
N PHE Z 674 53.17 47.00 -84.47
CA PHE Z 674 53.77 48.22 -83.87
C PHE Z 674 55.30 48.13 -83.86
N ALA Z 675 55.95 49.19 -84.34
CA ALA Z 675 57.40 49.27 -84.33
C ALA Z 675 57.94 50.42 -83.50
N SER Z 676 57.08 51.31 -83.01
CA SER Z 676 57.49 52.44 -82.18
C SER Z 676 56.98 52.21 -80.76
N PHE Z 677 57.89 52.32 -79.80
CA PHE Z 677 57.57 52.08 -78.40
C PHE Z 677 58.21 53.16 -77.54
N ILE Z 678 57.67 53.32 -76.34
CA ILE Z 678 58.26 54.24 -75.36
C ILE Z 678 59.48 53.56 -74.76
N THR Z 679 60.62 54.24 -74.83
CA THR Z 679 61.85 53.70 -74.27
C THR Z 679 61.74 53.62 -72.75
N GLN Z 680 62.03 52.45 -72.19
CA GLN Z 680 61.89 52.29 -70.74
C GLN Z 680 62.73 51.11 -70.28
N TYR Z 681 63.08 51.16 -68.99
CA TYR Z 681 63.78 50.09 -68.32
C TYR Z 681 63.15 49.91 -66.95
N SER Z 682 63.60 48.90 -66.22
CA SER Z 682 63.09 48.64 -64.88
C SER Z 682 64.24 48.40 -63.93
N THR Z 683 64.00 48.70 -62.65
CA THR Z 683 64.96 48.43 -61.59
C THR Z 683 64.19 47.90 -60.39
N GLY Z 684 64.89 47.16 -59.54
CA GLY Z 684 64.25 46.57 -58.38
C GLY Z 684 65.24 45.80 -57.54
N GLN Z 685 64.70 45.03 -56.61
CA GLN Z 685 65.49 44.23 -55.71
C GLN Z 685 65.15 42.76 -55.90
N VAL Z 686 66.16 41.91 -55.75
CA VAL Z 686 66.02 40.47 -55.87
C VAL Z 686 66.59 39.82 -54.63
N SER Z 687 65.88 38.83 -54.09
CA SER Z 687 66.30 38.11 -52.89
C SER Z 687 66.37 36.62 -53.19
N VAL Z 688 67.48 36.00 -52.80
CA VAL Z 688 67.69 34.56 -52.93
C VAL Z 688 68.09 34.02 -51.57
N GLU Z 689 67.31 33.07 -51.05
CA GLU Z 689 67.61 32.42 -49.78
C GLU Z 689 67.72 30.93 -50.00
N ILE Z 690 68.87 30.36 -49.68
CA ILE Z 690 69.13 28.94 -49.87
C ILE Z 690 69.47 28.31 -48.53
N GLU Z 691 68.83 27.20 -48.21
CA GLU Z 691 69.16 26.40 -47.05
C GLU Z 691 70.11 25.28 -47.47
N TRP Z 692 71.23 25.16 -46.77
CA TRP Z 692 72.25 24.16 -47.06
C TRP Z 692 72.35 23.20 -45.88
N GLU Z 693 72.53 21.91 -46.18
CA GLU Z 693 72.76 20.90 -45.17
C GLU Z 693 74.25 20.63 -45.05
N LEU Z 694 74.72 20.50 -43.82
CA LEU Z 694 76.14 20.33 -43.52
C LEU Z 694 76.41 18.91 -43.05
N GLN Z 695 77.56 18.40 -43.45
CA GLN Z 695 78.07 17.10 -42.99
C GLN Z 695 79.23 17.40 -42.06
N LYS Z 696 78.97 17.31 -40.75
CA LYS Z 696 79.96 17.71 -39.76
C LYS Z 696 81.17 16.79 -39.78
N GLU Z 697 82.35 17.39 -39.63
CA GLU Z 697 83.59 16.62 -39.57
C GLU Z 697 83.65 15.82 -38.28
N ASN Z 698 84.07 14.56 -38.39
CA ASN Z 698 84.16 13.64 -37.27
C ASN Z 698 85.51 12.94 -37.27
N SER Z 699 86.57 13.73 -37.45
CA SER Z 699 87.91 13.18 -37.59
C SER Z 699 88.49 12.81 -36.22
N LYS Z 700 89.45 11.87 -36.22
CA LYS Z 700 90.14 11.46 -34.97
C LYS Z 700 91.66 11.64 -35.15
N ARG Z 701 92.09 12.46 -36.11
CA ARG Z 701 93.52 12.71 -36.25
C ARG Z 701 94.02 13.53 -35.07
N TRP Z 702 95.30 13.37 -34.76
CA TRP Z 702 95.90 13.99 -33.59
C TRP Z 702 96.46 15.37 -33.89
N ASN Z 703 97.29 15.46 -34.91
CA ASN Z 703 97.95 16.72 -35.24
C ASN Z 703 96.98 17.67 -35.95
N PRO Z 704 97.22 19.00 -35.89
CA PRO Z 704 96.29 19.96 -36.50
C PRO Z 704 96.12 19.78 -38.02
N GLU Z 705 95.05 20.32 -38.61
CA GLU Z 705 94.75 20.14 -40.04
C GLU Z 705 95.10 21.40 -40.84
N ILE Z 706 95.08 21.31 -42.17
CA ILE Z 706 95.24 22.58 -42.95
C ILE Z 706 93.92 23.34 -42.94
N GLN Z 707 93.95 24.64 -42.64
CA GLN Z 707 92.75 25.45 -42.70
C GLN Z 707 93.02 26.68 -43.56
N TYR Z 708 91.97 27.15 -44.23
CA TYR Z 708 92.09 28.40 -44.97
C TYR Z 708 92.17 29.56 -43.97
N THR Z 709 93.06 30.51 -44.24
CA THR Z 709 93.29 31.61 -43.32
C THR Z 709 93.71 32.84 -44.11
N SER Z 710 93.50 34.00 -43.48
CA SER Z 710 93.97 35.25 -44.08
C SER Z 710 95.45 35.40 -43.73
N ASN Z 711 96.21 36.20 -44.46
CA ASN Z 711 97.65 36.30 -44.13
C ASN Z 711 97.81 37.45 -43.14
N TYR Z 712 98.53 37.24 -42.05
CA TYR Z 712 98.64 38.27 -40.99
C TYR Z 712 99.49 39.46 -41.45
N ASN Z 713 100.47 39.24 -42.33
CA ASN Z 713 101.35 40.34 -42.67
C ASN Z 713 100.58 41.53 -43.23
N LYS Z 714 101.16 42.71 -42.99
CA LYS Z 714 100.51 43.97 -43.45
C LYS Z 714 100.45 44.01 -44.97
N SER Z 715 99.46 44.73 -45.47
CA SER Z 715 99.30 44.88 -46.91
C SER Z 715 98.60 46.20 -47.18
N ILE Z 716 98.72 46.66 -48.43
CA ILE Z 716 98.05 47.90 -48.82
C ILE Z 716 96.54 47.72 -48.78
N ASN Z 717 96.05 46.58 -49.25
CA ASN Z 717 94.63 46.28 -49.29
C ASN Z 717 94.34 45.00 -48.52
N VAL Z 718 93.17 44.95 -47.89
CA VAL Z 718 92.71 43.73 -47.24
C VAL Z 718 92.06 42.84 -48.29
N ASP Z 719 92.25 41.54 -48.15
CA ASP Z 719 91.69 40.60 -49.12
C ASP Z 719 90.17 40.55 -49.01
N PHE Z 720 89.51 40.41 -50.16
CA PHE Z 720 88.05 40.31 -50.25
C PHE Z 720 87.37 41.54 -49.66
N THR Z 721 87.93 42.71 -49.92
CA THR Z 721 87.34 43.98 -49.55
C THR Z 721 87.36 44.90 -50.77
N VAL Z 722 87.01 46.15 -50.54
CA VAL Z 722 87.04 47.16 -51.59
C VAL Z 722 88.33 47.96 -51.47
N ASP Z 723 88.78 48.51 -52.59
CA ASP Z 723 89.97 49.35 -52.60
C ASP Z 723 89.57 50.81 -52.43
N THR Z 724 90.52 51.72 -52.67
CA THR Z 724 90.24 53.16 -52.51
C THR Z 724 89.23 53.61 -53.57
N ASN Z 725 89.00 52.80 -54.61
CA ASN Z 725 87.98 53.11 -55.63
C ASN Z 725 86.66 52.44 -55.26
N GLY Z 726 86.64 51.72 -54.13
CA GLY Z 726 85.42 51.00 -53.70
C GLY Z 726 85.14 49.81 -54.61
N VAL Z 727 86.16 49.34 -55.34
CA VAL Z 727 85.98 48.20 -56.28
C VAL Z 727 86.22 46.89 -55.52
N TYR Z 728 85.21 46.02 -55.47
CA TYR Z 728 85.36 44.75 -54.78
C TYR Z 728 86.12 43.77 -55.67
N SER Z 729 87.06 43.05 -55.07
CA SER Z 729 87.85 42.08 -55.79
C SER Z 729 87.97 40.80 -54.97
N GLU Z 730 88.15 39.69 -55.66
CA GLU Z 730 88.40 38.39 -55.04
C GLU Z 730 89.82 37.97 -55.38
N PRO Z 731 90.77 38.09 -54.45
CA PRO Z 731 92.19 37.94 -54.81
C PRO Z 731 92.56 36.55 -55.32
N ARG Z 732 91.93 35.48 -54.83
CA ARG Z 732 92.31 34.14 -55.22
C ARG Z 732 91.09 33.25 -55.18
N PRO Z 733 91.10 32.14 -55.93
CA PRO Z 733 90.03 31.15 -55.77
C PRO Z 733 90.20 30.36 -54.49
N ILE Z 734 89.10 30.12 -53.79
CA ILE Z 734 89.10 29.32 -52.58
C ILE Z 734 88.29 28.07 -52.86
N GLY Z 735 88.91 26.91 -52.69
CA GLY Z 735 88.22 25.64 -52.80
C GLY Z 735 87.54 25.29 -51.50
N THR Z 736 87.25 24.00 -51.33
CA THR Z 736 86.63 23.51 -50.11
C THR Z 736 87.39 22.42 -49.41
N ARG Z 737 88.48 21.91 -50.01
CA ARG Z 737 89.12 20.68 -49.54
C ARG Z 737 90.32 21.04 -48.67
N TYR Z 738 90.04 21.29 -47.39
CA TYR Z 738 91.06 21.60 -46.40
C TYR Z 738 91.12 20.58 -45.27
N LEU Z 739 89.98 20.13 -44.78
CA LEU Z 739 89.96 19.04 -43.82
C LEU Z 739 90.34 17.73 -44.51
N THR Z 740 90.72 16.74 -43.71
CA THR Z 740 91.17 15.46 -44.24
C THR Z 740 90.33 14.33 -43.68
N ARG Z 741 90.17 13.30 -44.51
CA ARG Z 741 89.46 12.07 -44.09
C ARG Z 741 90.25 10.88 -44.65
N ASN Z 742 90.26 9.73 -43.97
CA ASN Z 742 90.92 8.54 -44.47
C ASN Z 742 90.15 7.95 -45.65
N LEU Z 743 90.87 7.25 -46.52
CA LEU Z 743 90.24 6.57 -47.65
C LEU Z 743 89.34 5.44 -47.19
N ALA AA 218 -39.53 16.55 -75.56
CA ALA AA 218 -38.13 16.48 -75.08
C ALA AA 218 -37.40 17.74 -75.51
N ASP AA 219 -37.64 18.19 -76.74
CA ASP AA 219 -36.88 19.34 -77.30
C ASP AA 219 -37.87 20.36 -77.86
N GLY AA 220 -39.16 20.17 -77.58
CA GLY AA 220 -40.14 21.19 -78.02
C GLY AA 220 -39.89 21.64 -79.45
N VAL AA 221 -40.05 22.95 -79.71
CA VAL AA 221 -39.91 23.45 -81.09
C VAL AA 221 -38.66 24.33 -81.10
N GLY AA 222 -37.68 23.94 -81.88
CA GLY AA 222 -36.45 24.69 -82.04
C GLY AA 222 -35.22 24.05 -81.42
N ASN AA 223 -35.37 22.92 -80.75
CA ASN AA 223 -34.24 22.19 -80.18
C ASN AA 223 -34.11 20.86 -80.90
N SER AA 224 -32.91 20.60 -81.43
CA SER AA 224 -32.67 19.37 -82.17
C SER AA 224 -32.65 18.18 -81.22
N SER AA 225 -33.25 17.08 -81.64
CA SER AA 225 -33.32 15.87 -80.83
C SER AA 225 -32.33 14.80 -81.28
N GLY AA 226 -31.41 15.14 -82.17
CA GLY AA 226 -30.42 14.19 -82.61
C GLY AA 226 -29.41 14.85 -83.52
N ASN AA 227 -28.38 14.10 -83.86
CA ASN AA 227 -27.30 14.55 -84.72
C ASN AA 227 -27.09 13.57 -85.86
N TRP AA 228 -26.39 14.02 -86.88
CA TRP AA 228 -26.10 13.19 -88.05
C TRP AA 228 -24.86 12.35 -87.78
N HIS AA 229 -25.05 11.04 -87.69
CA HIS AA 229 -23.93 10.10 -87.45
C HIS AA 229 -23.89 9.11 -88.60
N CYS AA 230 -23.06 9.39 -89.60
CA CYS AA 230 -22.88 8.44 -90.74
C CYS AA 230 -21.39 8.19 -90.86
N ASP AA 231 -20.92 6.99 -90.48
CA ASP AA 231 -19.46 6.72 -90.48
C ASP AA 231 -19.19 5.25 -90.14
N SER AA 232 -17.93 4.83 -90.22
CA SER AA 232 -17.62 3.48 -89.78
C SER AA 232 -16.30 3.47 -89.02
N THR AA 233 -16.23 2.65 -87.97
CA THR AA 233 -15.04 2.53 -87.14
C THR AA 233 -14.58 1.08 -87.16
N TRP AA 234 -13.32 0.87 -87.54
CA TRP AA 234 -12.72 -0.46 -87.55
C TRP AA 234 -11.81 -0.57 -86.33
N MET AA 235 -12.14 -1.53 -85.45
CA MET AA 235 -11.34 -1.73 -84.21
C MET AA 235 -11.06 -3.21 -84.04
N GLY AA 236 -9.91 -3.68 -84.52
CA GLY AA 236 -9.54 -5.08 -84.37
C GLY AA 236 -10.49 -5.99 -85.13
N ASP AA 237 -11.13 -6.90 -84.41
CA ASP AA 237 -12.06 -7.85 -84.99
C ASP AA 237 -13.49 -7.34 -85.04
N ARG AA 238 -13.69 -6.02 -85.03
CA ARG AA 238 -15.02 -5.44 -85.10
C ARG AA 238 -15.02 -4.27 -86.08
N VAL AA 239 -16.14 -4.08 -86.74
CA VAL AA 239 -16.40 -2.88 -87.52
C VAL AA 239 -17.82 -2.41 -87.21
N THR AA 240 -17.95 -1.15 -86.79
CA THR AA 240 -19.24 -0.57 -86.47
C THR AA 240 -19.60 0.43 -87.55
N THR AA 241 -20.67 0.14 -88.29
CA THR AA 241 -21.14 1.01 -89.36
C THR AA 241 -22.39 1.76 -88.89
N THR AA 242 -22.39 3.07 -89.06
CA THR AA 242 -23.51 3.92 -88.70
C THR AA 242 -23.97 4.69 -89.94
N SER AA 243 -25.29 4.78 -90.11
CA SER AA 243 -25.86 5.44 -91.27
C SER AA 243 -27.01 6.33 -90.83
N THR AA 244 -27.10 7.51 -91.45
CA THR AA 244 -28.21 8.42 -91.22
C THR AA 244 -28.83 8.80 -92.57
N ARG AA 245 -30.16 8.82 -92.62
CA ARG AA 245 -30.89 9.16 -93.83
C ARG AA 245 -32.05 10.07 -93.48
N THR AA 246 -32.54 10.80 -94.47
CA THR AA 246 -33.72 11.64 -94.33
C THR AA 246 -34.89 10.91 -95.00
N TRP AA 247 -35.97 10.71 -94.24
CA TRP AA 247 -37.12 9.98 -94.72
C TRP AA 247 -38.34 10.88 -94.81
N ALA AA 248 -39.27 10.48 -95.69
CA ALA AA 248 -40.55 11.14 -95.84
C ALA AA 248 -41.65 10.10 -95.70
N LEU AA 249 -42.61 10.37 -94.83
CA LEU AA 249 -43.70 9.43 -94.56
C LEU AA 249 -45.04 10.08 -94.90
N PRO AA 250 -45.72 9.66 -95.95
CA PRO AA 250 -47.04 10.21 -96.28
C PRO AA 250 -48.12 9.55 -95.43
N THR AA 251 -49.36 9.92 -95.71
CA THR AA 251 -50.53 9.27 -95.13
C THR AA 251 -50.96 8.15 -96.08
N TYR AA 252 -51.02 6.93 -95.57
CA TYR AA 252 -51.30 5.75 -96.37
C TYR AA 252 -52.74 5.31 -96.19
N ASN AA 253 -53.40 5.01 -97.29
CA ASN AA 253 -54.77 4.50 -97.32
C ASN AA 253 -55.78 5.48 -96.71
N ASN AA 254 -55.39 6.74 -96.56
CA ASN AA 254 -56.22 7.74 -95.90
C ASN AA 254 -56.63 7.29 -94.50
N HIS AA 255 -55.64 6.82 -93.73
CA HIS AA 255 -55.79 6.38 -92.35
C HIS AA 255 -56.70 5.16 -92.21
N LEU AA 256 -56.78 4.31 -93.23
CA LEU AA 256 -57.72 3.20 -93.23
C LEU AA 256 -57.00 1.88 -93.41
N TYR AA 257 -57.66 0.82 -92.94
CA TYR AA 257 -57.17 -0.55 -93.23
C TYR AA 257 -58.10 -1.05 -94.33
N LYS AA 258 -57.57 -1.56 -95.43
CA LYS AA 258 -58.32 -2.01 -96.58
C LYS AA 258 -57.99 -3.47 -96.86
N GLN AA 259 -59.03 -4.30 -96.97
CA GLN AA 259 -58.83 -5.67 -97.40
C GLN AA 259 -58.43 -5.71 -98.86
N ILE AA 260 -57.37 -6.45 -99.16
CA ILE AA 260 -56.86 -6.56 -100.52
C ILE AA 260 -56.83 -8.03 -100.90
N SER AA 261 -56.94 -8.29 -102.20
CA SER AA 261 -56.94 -9.65 -102.72
C SER AA 261 -56.54 -9.60 -104.19
N SER AA 262 -56.23 -10.78 -104.72
CA SER AA 262 -55.87 -10.88 -106.13
C SER AA 262 -57.05 -10.52 -107.01
N GLN AA 263 -56.73 -9.99 -108.19
CA GLN AA 263 -57.79 -9.54 -109.11
C GLN AA 263 -58.53 -10.76 -109.62
N SER AA 264 -59.82 -10.58 -109.91
CA SER AA 264 -60.57 -11.69 -110.55
C SER AA 264 -59.97 -11.96 -111.92
N GLY AA 265 -59.91 -13.21 -112.32
CA GLY AA 265 -59.31 -13.64 -113.57
C GLY AA 265 -57.85 -13.98 -113.49
N ALA AA 266 -57.21 -13.76 -112.34
CA ALA AA 266 -55.81 -14.13 -112.17
C ALA AA 266 -55.68 -15.65 -112.12
N SER AA 267 -54.48 -16.13 -112.44
CA SER AA 267 -54.21 -17.56 -112.36
C SER AA 267 -54.21 -18.01 -110.91
N ASN AA 268 -54.34 -19.32 -110.72
CA ASN AA 268 -54.36 -19.87 -109.36
C ASN AA 268 -53.04 -19.63 -108.64
N ASP AA 269 -51.92 -19.64 -109.37
CA ASP AA 269 -50.63 -19.41 -108.75
C ASP AA 269 -50.49 -17.99 -108.24
N ASN AA 270 -51.22 -17.05 -108.82
CA ASN AA 270 -51.13 -15.64 -108.47
C ASN AA 270 -52.24 -15.18 -107.52
N HIS AA 271 -53.08 -16.10 -107.04
CA HIS AA 271 -54.14 -15.73 -106.13
C HIS AA 271 -53.58 -15.44 -104.75
N TYR AA 272 -54.15 -14.42 -104.09
CA TYR AA 272 -53.71 -14.07 -102.75
C TYR AA 272 -54.82 -13.30 -102.04
N PHE AA 273 -54.71 -13.23 -100.72
CA PHE AA 273 -55.61 -12.47 -99.88
C PHE AA 273 -54.80 -11.87 -98.73
N GLY AA 274 -55.11 -10.64 -98.38
CA GLY AA 274 -54.37 -9.97 -97.32
C GLY AA 274 -55.01 -8.65 -96.96
N TYR AA 275 -54.25 -7.86 -96.21
CA TYR AA 275 -54.73 -6.56 -95.75
C TYR AA 275 -53.65 -5.52 -95.95
N SER AA 276 -54.08 -4.30 -96.30
CA SER AA 276 -53.22 -3.15 -96.44
C SER AA 276 -53.42 -2.23 -95.25
N THR AA 277 -52.33 -1.86 -94.60
CA THR AA 277 -52.41 -1.04 -93.39
C THR AA 277 -52.00 0.40 -93.68
N PRO AA 278 -52.48 1.36 -92.91
CA PRO AA 278 -52.04 2.75 -93.08
C PRO AA 278 -50.65 3.03 -92.52
N TRP AA 279 -49.96 2.03 -92.02
CA TRP AA 279 -48.63 2.21 -91.43
C TRP AA 279 -47.55 2.05 -92.48
N GLY AA 280 -46.39 2.62 -92.18
CA GLY AA 280 -45.17 2.37 -92.92
C GLY AA 280 -44.18 1.62 -92.05
N TYR AA 281 -43.08 1.20 -92.67
CA TYR AA 281 -42.04 0.48 -91.95
C TYR AA 281 -40.67 0.89 -92.44
N PHE AA 282 -39.70 0.87 -91.54
CA PHE AA 282 -38.32 1.22 -91.85
C PHE AA 282 -37.54 -0.05 -92.17
N ASP AA 283 -36.99 -0.11 -93.38
CA ASP AA 283 -36.25 -1.28 -93.86
C ASP AA 283 -34.80 -0.88 -94.08
N PHE AA 284 -33.89 -1.63 -93.44
CA PHE AA 284 -32.46 -1.49 -93.71
C PHE AA 284 -31.83 -2.86 -93.89
N ASN AA 285 -32.56 -3.79 -94.50
CA ASN AA 285 -32.09 -5.16 -94.72
C ASN AA 285 -31.35 -5.30 -96.04
N ARG AA 286 -30.39 -4.42 -96.27
CA ARG AA 286 -29.51 -4.49 -97.43
C ARG AA 286 -28.15 -3.97 -97.00
N PHE AA 287 -27.07 -4.56 -97.51
CA PHE AA 287 -25.71 -4.19 -97.01
C PHE AA 287 -25.33 -2.77 -97.40
N HIS AA 288 -25.84 -2.27 -98.54
CA HIS AA 288 -25.50 -0.91 -99.02
C HIS AA 288 -26.05 0.16 -98.06
N CYS AA 289 -27.00 -0.21 -97.20
CA CYS AA 289 -27.61 0.72 -96.22
C CYS AA 289 -26.62 1.01 -95.09
N HIS AA 290 -25.59 0.19 -94.92
CA HIS AA 290 -24.62 0.35 -93.84
C HIS AA 290 -23.19 0.44 -94.30
N PHE AA 291 -22.83 -0.21 -95.41
CA PHE AA 291 -21.46 -0.25 -95.90
C PHE AA 291 -21.33 0.63 -97.14
N SER AA 292 -20.34 1.52 -97.12
CA SER AA 292 -19.93 2.20 -98.33
C SER AA 292 -19.16 1.23 -99.22
N PRO AA 293 -19.04 1.52 -100.52
CA PRO AA 293 -18.25 0.64 -101.38
C PRO AA 293 -16.80 0.47 -100.92
N ARG AA 294 -16.18 1.52 -100.41
CA ARG AA 294 -14.85 1.39 -99.83
C ARG AA 294 -14.88 0.51 -98.58
N ASP AA 295 -15.93 0.65 -97.77
CA ASP AA 295 -16.09 -0.22 -96.60
C ASP AA 295 -16.26 -1.67 -97.03
N TRP AA 296 -17.04 -1.92 -98.08
CA TRP AA 296 -17.21 -3.28 -98.58
C TRP AA 296 -15.89 -3.84 -99.10
N GLN AA 297 -15.12 -3.03 -99.82
CA GLN AA 297 -13.83 -3.50 -100.32
C GLN AA 297 -12.87 -3.81 -99.17
N ARG AA 298 -12.87 -2.97 -98.13
CA ARG AA 298 -12.06 -3.23 -96.95
C ARG AA 298 -12.51 -4.50 -96.23
N LEU AA 299 -13.81 -4.79 -96.23
CA LEU AA 299 -14.32 -5.98 -95.57
C LEU AA 299 -13.97 -7.25 -96.33
N ILE AA 300 -14.18 -7.25 -97.65
CA ILE AA 300 -14.09 -8.48 -98.41
C ILE AA 300 -12.66 -8.84 -98.82
N ASN AA 301 -11.75 -7.87 -98.83
CA ASN AA 301 -10.38 -8.14 -99.24
C ASN AA 301 -9.48 -8.57 -98.09
N ASN AA 302 -9.98 -8.55 -96.85
CA ASN AA 302 -9.15 -8.79 -95.69
C ASN AA 302 -9.72 -9.76 -94.68
N ASN AA 303 -10.97 -10.17 -94.81
CA ASN AA 303 -11.63 -10.99 -93.81
C ASN AA 303 -12.14 -12.28 -94.43
N TRP AA 304 -12.02 -13.38 -93.68
CA TRP AA 304 -12.56 -14.67 -94.06
C TRP AA 304 -14.00 -14.85 -93.66
N GLY AA 305 -14.57 -13.92 -92.89
CA GLY AA 305 -15.96 -14.03 -92.49
C GLY AA 305 -16.40 -12.82 -91.69
N PHE AA 306 -17.71 -12.67 -91.57
CA PHE AA 306 -18.29 -11.60 -90.78
C PHE AA 306 -19.72 -11.98 -90.40
N ARG AA 307 -20.22 -11.34 -89.35
CA ARG AA 307 -21.58 -11.57 -88.87
C ARG AA 307 -22.00 -10.38 -88.04
N PRO AA 308 -23.29 -10.04 -88.04
CA PRO AA 308 -23.77 -8.95 -87.19
C PRO AA 308 -23.85 -9.35 -85.73
N LYS AA 309 -23.62 -8.38 -84.86
CA LYS AA 309 -23.59 -8.59 -83.42
C LYS AA 309 -24.70 -7.86 -82.68
N ARG AA 310 -24.85 -6.56 -82.91
CA ARG AA 310 -25.90 -5.77 -82.28
C ARG AA 310 -26.17 -4.55 -83.14
N LEU AA 311 -27.35 -3.95 -82.94
CA LEU AA 311 -27.71 -2.76 -83.69
C LEU AA 311 -28.38 -1.75 -82.76
N ASN AA 312 -28.31 -0.47 -83.18
CA ASN AA 312 -28.97 0.63 -82.45
C ASN AA 312 -29.75 1.42 -83.50
N PHE AA 313 -30.97 1.84 -83.20
CA PHE AA 313 -31.87 2.51 -84.12
C PHE AA 313 -32.37 3.80 -83.47
N LYS AA 314 -32.46 4.85 -84.28
CA LYS AA 314 -32.97 6.13 -83.75
C LYS AA 314 -33.78 6.92 -84.77
N LEU AA 315 -34.92 7.47 -84.33
CA LEU AA 315 -35.69 8.43 -85.11
C LEU AA 315 -35.68 9.76 -84.39
N PHE AA 316 -35.40 10.84 -85.11
CA PHE AA 316 -35.23 12.13 -84.47
C PHE AA 316 -35.51 13.24 -85.48
N ASN AA 317 -35.56 14.47 -84.98
CA ASN AA 317 -35.82 15.65 -85.79
C ASN AA 317 -37.09 15.48 -86.61
N ILE AA 318 -38.15 15.04 -85.95
CA ILE AA 318 -39.40 14.72 -86.61
C ILE AA 318 -40.19 15.99 -86.84
N GLN AA 319 -40.58 16.23 -88.09
CA GLN AA 319 -41.37 17.38 -88.48
C GLN AA 319 -42.65 16.90 -89.15
N VAL AA 320 -43.79 17.37 -88.67
CA VAL AA 320 -45.07 17.06 -89.28
C VAL AA 320 -45.50 18.29 -90.09
N LYS AA 321 -45.74 18.10 -91.38
CA LYS AA 321 -46.10 19.16 -92.29
C LYS AA 321 -47.55 18.99 -92.72
N GLU AA 322 -48.33 20.06 -92.61
CA GLU AA 322 -49.72 20.07 -93.06
C GLU AA 322 -49.79 20.63 -94.47
N VAL AA 323 -50.45 19.90 -95.35
CA VAL AA 323 -50.57 20.27 -96.76
C VAL AA 323 -52.01 20.70 -97.02
N THR AA 324 -52.18 21.87 -97.63
CA THR AA 324 -53.49 22.37 -98.02
C THR AA 324 -53.46 22.74 -99.49
N GLN AA 325 -54.62 22.68 -100.14
CA GLN AA 325 -54.74 22.99 -101.56
C GLN AA 325 -55.98 23.83 -101.76
N ASN AA 326 -55.78 25.12 -102.03
CA ASN AA 326 -56.88 26.07 -102.20
C ASN AA 326 -56.73 26.77 -103.54
N ASP AA 327 -57.74 26.63 -104.41
CA ASP AA 327 -57.76 27.26 -105.73
C ASP AA 327 -56.52 26.89 -106.55
N GLY AA 328 -56.12 25.63 -106.48
CA GLY AA 328 -55.02 25.13 -107.27
C GLY AA 328 -53.64 25.44 -106.73
N THR AA 329 -53.53 25.94 -105.50
CA THR AA 329 -52.26 26.30 -104.89
C THR AA 329 -51.94 25.32 -103.76
N THR AA 330 -50.74 24.75 -103.79
CA THR AA 330 -50.29 23.83 -102.76
C THR AA 330 -49.47 24.60 -101.74
N THR AA 331 -49.96 24.67 -100.51
CA THR AA 331 -49.31 25.38 -99.41
C THR AA 331 -48.94 24.39 -98.32
N ILE AA 332 -47.69 24.41 -97.89
CA ILE AA 332 -47.18 23.51 -96.87
C ILE AA 332 -46.76 24.35 -95.66
N ALA AA 333 -47.27 24.00 -94.49
CA ALA AA 333 -46.96 24.69 -93.25
C ALA AA 333 -46.67 23.68 -92.16
N ASN AA 334 -45.93 24.13 -91.15
CA ASN AA 334 -45.59 23.26 -90.03
C ASN AA 334 -46.82 22.97 -89.17
N ASN AA 335 -46.84 21.78 -88.59
CA ASN AA 335 -47.83 21.37 -87.60
C ASN AA 335 -47.06 20.92 -86.36
N LEU AA 336 -46.87 21.84 -85.42
CA LEU AA 336 -46.02 21.54 -84.26
C LEU AA 336 -46.71 20.70 -83.20
N THR AA 337 -48.02 20.49 -83.30
CA THR AA 337 -48.75 19.71 -82.31
C THR AA 337 -49.12 18.32 -82.78
N SER AA 338 -48.89 17.97 -84.04
CA SER AA 338 -49.19 16.64 -84.53
C SER AA 338 -48.10 15.65 -84.11
N THR AA 339 -48.48 14.38 -84.05
CA THR AA 339 -47.60 13.32 -83.62
C THR AA 339 -47.43 12.27 -84.72
N VAL AA 340 -46.42 11.43 -84.52
CA VAL AA 340 -46.23 10.21 -85.31
C VAL AA 340 -46.11 9.04 -84.35
N GLN AA 341 -46.78 7.94 -84.66
CA GLN AA 341 -46.77 6.76 -83.82
C GLN AA 341 -45.71 5.79 -84.30
N VAL AA 342 -44.81 5.40 -83.40
CA VAL AA 342 -43.72 4.49 -83.70
C VAL AA 342 -43.72 3.35 -82.68
N PHE AA 343 -43.64 2.12 -83.16
CA PHE AA 343 -43.44 0.99 -82.27
C PHE AA 343 -42.67 -0.10 -83.00
N THR AA 344 -41.94 -0.91 -82.24
CA THR AA 344 -41.19 -2.03 -82.76
C THR AA 344 -41.89 -3.33 -82.39
N ASP AA 345 -42.04 -4.23 -83.37
CA ASP AA 345 -42.68 -5.52 -83.15
C ASP AA 345 -41.66 -6.49 -82.55
N SER AA 346 -41.29 -6.26 -81.29
CA SER AA 346 -40.22 -7.06 -80.66
C SER AA 346 -40.72 -8.45 -80.24
N GLU AA 347 -42.03 -8.64 -80.17
CA GLU AA 347 -42.55 -9.97 -79.87
C GLU AA 347 -42.91 -10.75 -81.12
N TYR AA 348 -42.70 -10.18 -82.30
CA TYR AA 348 -42.93 -10.85 -83.57
C TYR AA 348 -44.37 -11.38 -83.68
N GLN AA 349 -45.32 -10.54 -83.29
CA GLN AA 349 -46.73 -10.87 -83.38
C GLN AA 349 -47.36 -10.45 -84.71
N LEU AA 350 -46.64 -9.74 -85.55
CA LEU AA 350 -47.11 -9.31 -86.86
C LEU AA 350 -46.42 -10.10 -87.96
N PRO AA 351 -47.06 -10.26 -89.11
CA PRO AA 351 -46.40 -10.94 -90.23
C PRO AA 351 -45.13 -10.22 -90.64
N TYR AA 352 -44.03 -10.98 -90.69
CA TYR AA 352 -42.71 -10.42 -90.95
C TYR AA 352 -42.53 -10.27 -92.46
N VAL AA 353 -42.67 -9.04 -92.95
CA VAL AA 353 -42.52 -8.77 -94.38
C VAL AA 353 -41.12 -8.36 -94.77
N LEU AA 354 -40.25 -8.08 -93.80
CA LEU AA 354 -38.84 -7.90 -94.10
C LEU AA 354 -38.23 -9.23 -94.52
N GLY AA 355 -37.18 -9.16 -95.32
CA GLY AA 355 -36.55 -10.36 -95.84
C GLY AA 355 -37.18 -10.94 -97.08
N SER AA 356 -38.09 -10.21 -97.73
CA SER AA 356 -38.67 -10.61 -99.01
C SER AA 356 -38.09 -9.83 -100.18
N ALA AA 357 -36.96 -9.15 -99.97
CA ALA AA 357 -36.27 -8.39 -101.01
C ALA AA 357 -37.17 -7.30 -101.59
N HIS AA 358 -37.78 -6.52 -100.70
CA HIS AA 358 -38.69 -5.46 -101.10
C HIS AA 358 -37.98 -4.12 -101.21
N GLN AA 359 -38.48 -3.28 -102.11
CA GLN AA 359 -37.95 -1.94 -102.27
C GLN AA 359 -38.41 -1.05 -101.11
N GLY AA 360 -37.75 0.09 -100.97
CA GLY AA 360 -38.04 1.02 -99.90
C GLY AA 360 -37.02 1.05 -98.78
N CYS AA 361 -35.84 0.49 -98.98
CA CYS AA 361 -34.82 0.47 -97.96
C CYS AA 361 -34.16 1.84 -97.83
N LEU AA 362 -33.21 1.94 -96.91
CA LEU AA 362 -32.39 3.14 -96.82
C LEU AA 362 -31.52 3.24 -98.06
N PRO AA 363 -31.50 4.38 -98.75
CA PRO AA 363 -30.76 4.45 -100.00
C PRO AA 363 -29.28 4.29 -99.76
N PRO AA 364 -28.56 3.67 -100.70
CA PRO AA 364 -27.12 3.47 -100.50
C PRO AA 364 -26.33 4.76 -100.34
N PHE AA 365 -26.73 5.81 -101.03
CA PHE AA 365 -26.04 7.09 -100.92
C PHE AA 365 -26.60 7.89 -99.75
N PRO AA 366 -25.75 8.32 -98.81
CA PRO AA 366 -26.27 8.99 -97.61
C PRO AA 366 -27.00 10.30 -97.90
N ALA AA 367 -26.80 10.91 -99.06
CA ALA AA 367 -27.44 12.18 -99.38
C ALA AA 367 -28.82 12.04 -99.98
N ASP AA 368 -29.29 10.81 -100.25
CA ASP AA 368 -30.58 10.59 -100.87
C ASP AA 368 -31.69 10.57 -99.83
N VAL AA 369 -32.84 11.13 -100.19
CA VAL AA 369 -34.04 11.14 -99.35
C VAL AA 369 -35.00 10.10 -99.89
N PHE AA 370 -35.55 9.27 -99.00
CA PHE AA 370 -36.37 8.14 -99.39
C PHE AA 370 -37.74 8.19 -98.73
N MET AA 371 -38.72 7.62 -99.43
CA MET AA 371 -40.07 7.47 -98.91
C MET AA 371 -40.18 6.18 -98.10
N VAL AA 372 -40.92 6.24 -97.01
CA VAL AA 372 -41.14 5.08 -96.14
C VAL AA 372 -42.15 4.15 -96.81
N PRO AA 373 -41.81 2.89 -97.05
CA PRO AA 373 -42.74 1.99 -97.73
C PRO AA 373 -43.95 1.65 -96.88
N GLN AA 374 -45.07 1.40 -97.56
CA GLN AA 374 -46.31 1.06 -96.87
C GLN AA 374 -46.29 -0.39 -96.41
N TYR AA 375 -46.73 -0.62 -95.18
CA TYR AA 375 -46.75 -1.96 -94.61
C TYR AA 375 -48.02 -2.69 -95.04
N GLY AA 376 -47.86 -3.96 -95.41
CA GLY AA 376 -48.98 -4.81 -95.77
C GLY AA 376 -48.57 -6.25 -95.65
N TYR AA 377 -49.56 -7.11 -95.42
CA TYR AA 377 -49.29 -8.51 -95.20
C TYR AA 377 -50.34 -9.36 -95.91
N LEU AA 378 -50.00 -10.62 -96.15
CA LEU AA 378 -50.89 -11.58 -96.74
C LEU AA 378 -51.22 -12.68 -95.73
N THR AA 379 -52.43 -13.20 -95.83
CA THR AA 379 -52.85 -14.30 -94.96
C THR AA 379 -53.37 -15.44 -95.84
N LEU AA 380 -53.97 -16.45 -95.21
CA LEU AA 380 -54.46 -17.63 -95.95
C LEU AA 380 -55.54 -17.22 -96.95
N ASN AA 381 -55.54 -17.84 -98.12
CA ASN AA 381 -56.57 -17.53 -99.14
C ASN AA 381 -57.01 -18.81 -99.85
N ASN AA 382 -58.30 -18.92 -100.15
CA ASN AA 382 -58.78 -20.03 -101.00
C ASN AA 382 -59.16 -19.33 -102.29
N GLY AA 383 -58.20 -19.11 -103.18
CA GLY AA 383 -58.47 -18.31 -104.38
C GLY AA 383 -58.37 -16.84 -104.01
N SER AA 384 -59.27 -16.00 -104.50
CA SER AA 384 -59.28 -14.60 -104.10
C SER AA 384 -60.00 -14.36 -102.78
N GLN AA 385 -60.64 -15.38 -102.22
CA GLN AA 385 -61.36 -15.27 -100.96
C GLN AA 385 -60.48 -15.67 -99.79
N ALA AA 386 -61.02 -15.52 -98.59
CA ALA AA 386 -60.35 -15.89 -97.36
C ALA AA 386 -60.98 -17.15 -96.77
N VAL AA 387 -60.30 -17.71 -95.77
CA VAL AA 387 -60.80 -18.85 -95.03
C VAL AA 387 -60.94 -18.45 -93.56
N GLY AA 388 -61.52 -19.35 -92.77
CA GLY AA 388 -61.73 -19.06 -91.37
C GLY AA 388 -60.45 -18.92 -90.58
N ARG AA 389 -59.36 -19.53 -91.06
CA ARG AA 389 -58.07 -19.45 -90.39
C ARG AA 389 -57.30 -18.18 -90.73
N SER AA 390 -57.78 -17.38 -91.69
CA SER AA 390 -57.10 -16.14 -92.03
C SER AA 390 -57.10 -15.19 -90.84
N SER AA 391 -55.97 -14.52 -90.64
CA SER AA 391 -55.77 -13.64 -89.50
C SER AA 391 -55.78 -12.19 -89.93
N PHE AA 392 -56.42 -11.35 -89.12
CA PHE AA 392 -56.43 -9.91 -89.31
C PHE AA 392 -55.71 -9.24 -88.15
N TYR AA 393 -54.86 -8.27 -88.47
CA TYR AA 393 -54.06 -7.59 -87.47
C TYR AA 393 -54.30 -6.08 -87.56
N CYS AA 394 -54.68 -5.49 -86.42
CA CYS AA 394 -54.77 -4.04 -86.29
C CYS AA 394 -53.53 -3.56 -85.55
N LEU AA 395 -52.75 -2.72 -86.22
CA LEU AA 395 -51.49 -2.23 -85.66
C LEU AA 395 -51.69 -1.17 -84.59
N GLU AA 396 -52.89 -0.60 -84.48
CA GLU AA 396 -53.21 0.29 -83.37
C GLU AA 396 -53.55 -0.47 -82.09
N TYR AA 397 -53.58 -1.81 -82.15
CA TYR AA 397 -53.84 -2.66 -80.96
C TYR AA 397 -52.51 -2.95 -80.27
N PHE AA 398 -51.42 -2.39 -80.76
CA PHE AA 398 -50.10 -2.45 -80.17
C PHE AA 398 -49.79 -1.16 -79.42
N PRO AA 399 -49.06 -1.23 -78.31
CA PRO AA 399 -48.60 0.00 -77.67
C PRO AA 399 -47.54 0.69 -78.53
N SER AA 400 -47.78 1.95 -78.84
CA SER AA 400 -46.88 2.72 -79.68
C SER AA 400 -46.50 4.02 -78.98
N GLN AA 401 -45.36 4.57 -79.35
CA GLN AA 401 -44.85 5.81 -78.78
C GLN AA 401 -45.22 6.97 -79.70
N MET AA 402 -45.83 8.01 -79.13
CA MET AA 402 -46.27 9.17 -79.88
C MET AA 402 -45.21 10.26 -79.79
N LEU AA 403 -44.79 10.77 -80.94
CA LEU AA 403 -43.67 11.71 -81.02
C LEU AA 403 -44.12 12.99 -81.69
N ARG AA 404 -44.02 14.10 -80.96
CA ARG AA 404 -44.21 15.42 -81.53
C ARG AA 404 -42.87 15.92 -82.09
N THR AA 405 -42.87 17.14 -82.62
CA THR AA 405 -41.59 17.76 -83.04
C THR AA 405 -40.80 18.03 -81.76
N GLY AA 406 -39.64 17.44 -81.62
CA GLY AA 406 -38.84 17.54 -80.42
C GLY AA 406 -38.71 16.24 -79.65
N ASN AA 407 -39.51 15.23 -79.98
CA ASN AA 407 -39.38 13.91 -79.39
C ASN AA 407 -38.57 13.00 -80.30
N ASN AA 408 -37.88 12.03 -79.70
CA ASN AA 408 -37.11 11.07 -80.46
C ASN AA 408 -37.45 9.66 -80.00
N PHE AA 409 -37.16 8.70 -80.85
CA PHE AA 409 -37.38 7.29 -80.59
C PHE AA 409 -36.07 6.54 -80.73
N THR AA 410 -35.87 5.54 -79.89
CA THR AA 410 -34.66 4.73 -79.96
C THR AA 410 -34.94 3.34 -79.40
N PHE AA 411 -34.17 2.36 -79.89
CA PHE AA 411 -34.19 1.03 -79.32
C PHE AA 411 -32.92 0.30 -79.75
N SER AA 412 -32.53 -0.67 -78.94
CA SER AA 412 -31.33 -1.46 -79.17
C SER AA 412 -31.71 -2.93 -79.32
N TYR AA 413 -30.99 -3.63 -80.20
CA TYR AA 413 -31.25 -5.02 -80.49
C TYR AA 413 -29.93 -5.77 -80.53
N THR AA 414 -29.94 -7.00 -80.04
CA THR AA 414 -28.76 -7.87 -80.08
C THR AA 414 -29.05 -9.06 -80.98
N PHE AA 415 -28.19 -9.26 -81.97
CA PHE AA 415 -28.32 -10.41 -82.86
C PHE AA 415 -28.03 -11.69 -82.10
N GLU AA 416 -28.74 -12.76 -82.45
CA GLU AA 416 -28.43 -14.07 -81.92
C GLU AA 416 -27.14 -14.58 -82.55
N ASP AA 417 -26.57 -15.63 -81.94
CA ASP AA 417 -25.35 -16.22 -82.47
C ASP AA 417 -25.64 -16.88 -83.81
N VAL AA 418 -24.90 -16.48 -84.83
CA VAL AA 418 -25.07 -17.02 -86.19
C VAL AA 418 -23.68 -17.34 -86.75
N PRO AA 419 -23.60 -18.28 -87.69
CA PRO AA 419 -22.32 -18.59 -88.30
C PRO AA 419 -21.78 -17.40 -89.09
N PHE AA 420 -20.45 -17.29 -89.12
CA PHE AA 420 -19.81 -16.31 -89.97
C PHE AA 420 -20.12 -16.60 -91.43
N HIS AA 421 -20.42 -15.54 -92.19
CA HIS AA 421 -20.57 -15.71 -93.63
C HIS AA 421 -19.24 -16.12 -94.25
N SER AA 422 -19.31 -17.11 -95.14
CA SER AA 422 -18.09 -17.62 -95.82
C SER AA 422 -17.65 -16.63 -96.91
N SER AA 423 -16.94 -15.57 -96.50
CA SER AA 423 -16.44 -14.58 -97.45
C SER AA 423 -15.11 -15.02 -98.04
N TYR AA 424 -15.09 -16.22 -98.58
CA TYR AA 424 -13.89 -16.79 -99.19
C TYR AA 424 -14.31 -17.77 -100.27
N ALA AA 425 -13.38 -18.05 -101.18
CA ALA AA 425 -13.56 -19.09 -102.19
C ALA AA 425 -12.54 -20.19 -101.92
N HIS AA 426 -12.99 -21.44 -102.01
CA HIS AA 426 -12.09 -22.55 -101.77
C HIS AA 426 -11.05 -22.65 -102.88
N SER AA 427 -9.79 -22.81 -102.48
CA SER AA 427 -8.70 -23.01 -103.43
C SER AA 427 -8.48 -24.48 -103.76
N GLN AA 428 -9.29 -25.37 -103.20
CA GLN AA 428 -9.27 -26.78 -103.54
C GLN AA 428 -10.66 -27.21 -103.97
N SER AA 429 -10.71 -28.21 -104.85
CA SER AA 429 -11.97 -28.81 -105.26
C SER AA 429 -12.23 -30.05 -104.42
N LEU AA 430 -13.51 -30.36 -104.22
CA LEU AA 430 -13.89 -31.49 -103.40
C LEU AA 430 -13.45 -32.82 -103.99
N ASP AA 431 -13.22 -32.86 -105.31
CA ASP AA 431 -12.81 -34.12 -105.99
C ASP AA 431 -11.28 -34.15 -106.19
N ARG AA 432 -10.57 -33.16 -105.65
CA ARG AA 432 -9.11 -33.06 -105.80
C ARG AA 432 -8.47 -32.81 -104.44
N LEU AA 433 -8.88 -33.57 -103.43
CA LEU AA 433 -8.38 -33.41 -102.07
C LEU AA 433 -7.29 -34.39 -101.71
N MET AA 434 -6.80 -35.18 -102.66
CA MET AA 434 -5.86 -36.25 -102.39
C MET AA 434 -4.42 -35.79 -102.62
N ASN AA 435 -3.49 -36.69 -102.35
CA ASN AA 435 -2.07 -36.48 -102.65
C ASN AA 435 -1.80 -37.09 -104.02
N PRO AA 436 -1.47 -36.29 -105.04
CA PRO AA 436 -1.29 -36.86 -106.38
C PRO AA 436 -0.07 -37.72 -106.54
N LEU AA 437 0.85 -37.73 -105.57
CA LEU AA 437 2.09 -38.47 -105.68
C LEU AA 437 1.99 -39.90 -105.18
N ILE AA 438 1.04 -40.20 -104.29
CA ILE AA 438 0.94 -41.48 -103.62
C ILE AA 438 -0.34 -42.17 -104.08
N ASP AA 439 -0.23 -43.45 -104.43
CA ASP AA 439 -1.41 -44.24 -104.77
C ASP AA 439 -2.21 -44.57 -103.52
N GLN AA 440 -3.49 -44.85 -103.73
CA GLN AA 440 -4.34 -45.34 -102.64
C GLN AA 440 -4.13 -46.82 -102.42
N TYR AA 441 -4.31 -47.25 -101.17
CA TYR AA 441 -4.28 -48.67 -100.88
C TYR AA 441 -5.59 -49.37 -101.16
N LEU AA 442 -6.67 -48.62 -101.38
CA LEU AA 442 -7.96 -49.20 -101.70
C LEU AA 442 -8.04 -49.52 -103.19
N TYR AA 443 -8.83 -50.54 -103.52
CA TYR AA 443 -9.01 -50.99 -104.88
C TYR AA 443 -10.39 -50.62 -105.38
N TYR AA 444 -10.50 -50.41 -106.69
CA TYR AA 444 -11.77 -50.16 -107.35
C TYR AA 444 -11.88 -51.06 -108.57
N LEU AA 445 -13.10 -51.41 -108.92
CA LEU AA 445 -13.34 -52.22 -110.11
C LEU AA 445 -12.99 -51.41 -111.35
N SER AA 446 -11.89 -51.77 -112.01
CA SER AA 446 -11.40 -51.02 -113.16
C SER AA 446 -11.76 -51.66 -114.49
N ARG AA 447 -11.86 -52.98 -114.51
CA ARG AA 447 -12.26 -53.67 -115.75
C ARG AA 447 -13.35 -54.70 -115.46
N THR AA 448 -14.20 -54.93 -116.45
CA THR AA 448 -15.29 -55.89 -116.32
C THR AA 448 -15.19 -57.05 -117.30
N ASN AA 449 -14.23 -57.03 -118.22
CA ASN AA 449 -14.04 -58.13 -119.16
C ASN AA 449 -12.59 -58.13 -119.63
N THR AA 450 -12.18 -59.23 -120.25
CA THR AA 450 -10.85 -59.38 -120.81
C THR AA 450 -10.95 -60.00 -122.19
N PRO AA 451 -9.98 -59.74 -123.10
CA PRO AA 451 -10.00 -60.39 -124.41
C PRO AA 451 -9.91 -61.91 -124.22
N SER AA 452 -10.87 -62.65 -124.78
CA SER AA 452 -10.82 -64.13 -124.71
C SER AA 452 -10.95 -64.67 -126.14
N GLY AA 453 -9.95 -65.41 -126.61
CA GLY AA 453 -9.98 -65.87 -128.00
C GLY AA 453 -10.07 -64.69 -128.95
N THR AA 454 -11.06 -64.68 -129.84
CA THR AA 454 -11.27 -63.54 -130.77
C THR AA 454 -12.53 -62.80 -130.32
N THR AA 455 -13.13 -63.23 -129.20
CA THR AA 455 -14.31 -62.53 -128.63
C THR AA 455 -13.93 -61.89 -127.30
N THR AA 456 -14.90 -61.70 -126.40
CA THR AA 456 -14.58 -61.16 -125.05
C THR AA 456 -15.16 -62.10 -123.99
N GLN AA 457 -14.58 -62.10 -122.80
CA GLN AA 457 -15.06 -62.92 -121.70
C GLN AA 457 -15.17 -62.08 -120.44
N SER AA 458 -16.25 -62.29 -119.69
CA SER AA 458 -16.46 -61.51 -118.47
C SER AA 458 -15.41 -61.86 -117.42
N ARG AA 459 -14.77 -60.84 -116.86
CA ARG AA 459 -13.71 -61.03 -115.87
C ARG AA 459 -13.54 -59.74 -115.10
N LEU AA 460 -13.71 -59.79 -113.78
CA LEU AA 460 -13.58 -58.61 -112.95
C LEU AA 460 -12.11 -58.39 -112.58
N GLN AA 461 -11.65 -57.14 -112.70
CA GLN AA 461 -10.31 -56.76 -112.30
C GLN AA 461 -10.38 -55.47 -111.49
N PHE AA 462 -9.40 -55.30 -110.61
CA PHE AA 462 -9.37 -54.18 -109.69
C PHE AA 462 -8.00 -53.51 -109.73
N SER AA 463 -8.00 -52.19 -109.52
CA SER AA 463 -6.78 -51.40 -109.56
C SER AA 463 -6.76 -50.44 -108.39
N GLN AA 464 -5.57 -50.01 -108.01
CA GLN AA 464 -5.40 -48.95 -107.04
C GLN AA 464 -5.33 -47.62 -107.75
N ALA AA 465 -6.09 -46.65 -107.26
CA ALA AA 465 -6.22 -45.37 -107.94
C ALA AA 465 -5.06 -44.45 -107.59
N GLY AA 466 -4.52 -43.77 -108.60
CA GLY AA 466 -3.46 -42.80 -108.44
C GLY AA 466 -3.82 -41.51 -109.17
N ALA AA 467 -2.79 -40.87 -109.73
CA ALA AA 467 -3.00 -39.61 -110.44
C ALA AA 467 -3.58 -39.82 -111.84
N SER AA 468 -3.17 -40.89 -112.52
CA SER AA 468 -3.60 -41.10 -113.89
C SER AA 468 -5.09 -41.43 -113.97
N ASP AA 469 -5.62 -42.13 -112.97
CA ASP AA 469 -7.04 -42.46 -112.91
C ASP AA 469 -7.65 -41.78 -111.69
N ILE AA 470 -7.33 -40.50 -111.51
CA ILE AA 470 -7.70 -39.73 -110.33
C ILE AA 470 -9.21 -39.67 -110.12
N ARG AA 471 -9.99 -39.87 -111.19
CA ARG AA 471 -11.45 -39.80 -111.05
C ARG AA 471 -12.02 -41.00 -110.31
N ASP AA 472 -11.27 -42.10 -110.19
CA ASP AA 472 -11.75 -43.32 -109.56
C ASP AA 472 -11.33 -43.44 -108.10
N GLN AA 473 -10.70 -42.42 -107.54
CA GLN AA 473 -10.20 -42.50 -106.18
C GLN AA 473 -11.35 -42.56 -105.17
N SER AA 474 -11.16 -43.37 -104.14
CA SER AA 474 -12.14 -43.43 -103.06
C SER AA 474 -12.13 -42.13 -102.27
N ARG AA 475 -13.31 -41.62 -101.96
CA ARG AA 475 -13.44 -40.32 -101.32
C ARG AA 475 -14.39 -40.42 -100.14
N ASN AA 476 -14.27 -39.44 -99.24
CA ASN AA 476 -15.02 -39.42 -98.00
C ASN AA 476 -16.24 -38.51 -98.04
N TRP AA 477 -16.36 -37.65 -99.04
CA TRP AA 477 -17.38 -36.61 -99.05
C TRP AA 477 -18.05 -36.55 -100.42
N LEU AA 478 -19.19 -35.85 -100.46
CA LEU AA 478 -20.01 -35.70 -101.65
C LEU AA 478 -20.37 -34.24 -101.85
N PRO AA 479 -20.61 -33.83 -103.09
CA PRO AA 479 -21.07 -32.45 -103.34
C PRO AA 479 -22.47 -32.22 -102.80
N GLY AA 480 -22.75 -30.96 -102.50
CA GLY AA 480 -24.00 -30.58 -101.86
C GLY AA 480 -25.23 -30.87 -102.70
N PRO AA 481 -26.41 -30.62 -102.13
CA PRO AA 481 -27.66 -30.97 -102.81
C PRO AA 481 -27.92 -30.08 -104.02
N CYS AA 482 -28.78 -30.62 -104.90
CA CYS AA 482 -29.05 -29.99 -106.20
C CYS AA 482 -30.53 -29.93 -106.50
N TYR AA 483 -30.96 -28.90 -107.23
CA TYR AA 483 -32.33 -28.80 -107.74
C TYR AA 483 -32.22 -28.13 -109.11
N ARG AA 484 -32.18 -28.95 -110.16
CA ARG AA 484 -31.67 -28.51 -111.45
C ARG AA 484 -32.46 -27.33 -112.02
N GLN AA 485 -31.73 -26.38 -112.59
CA GLN AA 485 -32.28 -25.21 -113.24
C GLN AA 485 -32.02 -25.27 -114.74
N GLN AA 486 -32.89 -24.63 -115.51
CA GLN AA 486 -32.66 -24.52 -116.94
C GLN AA 486 -31.52 -23.54 -117.23
N ARG AA 487 -30.75 -23.84 -118.26
CA ARG AA 487 -29.60 -23.01 -118.63
C ARG AA 487 -30.00 -22.02 -119.71
N VAL AA 488 -29.68 -20.75 -119.43
CA VAL AA 488 -29.94 -19.64 -120.37
C VAL AA 488 -28.59 -18.97 -120.64
N SER AA 489 -28.41 -18.36 -121.81
CA SER AA 489 -27.18 -17.71 -122.21
C SER AA 489 -27.36 -16.21 -122.30
N LYS AA 490 -26.32 -15.47 -121.92
CA LYS AA 490 -26.35 -13.99 -121.99
C LYS AA 490 -26.34 -13.59 -123.47
N THR AA 491 -25.74 -14.41 -124.35
CA THR AA 491 -25.80 -14.16 -125.80
C THR AA 491 -27.19 -14.58 -126.27
N SER AA 492 -28.01 -13.64 -126.73
CA SER AA 492 -29.43 -13.94 -127.06
C SER AA 492 -29.57 -15.04 -128.11
N ALA AA 493 -28.80 -14.98 -129.21
CA ALA AA 493 -28.99 -15.93 -130.30
C ALA AA 493 -28.83 -17.37 -129.82
N ASP AA 494 -28.08 -17.59 -128.73
CA ASP AA 494 -27.83 -18.93 -128.23
C ASP AA 494 -29.05 -19.57 -127.57
N ASN AA 495 -30.08 -18.79 -127.28
CA ASN AA 495 -31.25 -19.29 -126.57
C ASN AA 495 -32.31 -19.79 -127.55
N ASN AA 496 -33.17 -20.67 -127.06
CA ASN AA 496 -34.25 -21.21 -127.88
C ASN AA 496 -35.25 -20.12 -128.21
N ASN AA 497 -35.74 -20.13 -129.45
CA ASN AA 497 -36.70 -19.13 -129.93
C ASN AA 497 -38.12 -19.55 -129.53
N SER AA 498 -38.39 -19.43 -128.24
CA SER AA 498 -39.69 -19.77 -127.69
C SER AA 498 -39.86 -19.08 -126.35
N GLU AA 499 -41.09 -19.11 -125.84
CA GLU AA 499 -41.38 -18.54 -124.50
C GLU AA 499 -41.32 -19.68 -123.50
N TYR AA 500 -40.22 -19.76 -122.75
CA TYR AA 500 -40.00 -20.84 -121.79
C TYR AA 500 -39.67 -20.31 -120.40
N SER AA 501 -40.05 -19.07 -120.08
CA SER AA 501 -39.76 -18.52 -118.76
C SER AA 501 -40.56 -19.20 -117.67
N TRP AA 502 -41.64 -19.89 -118.01
CA TRP AA 502 -42.44 -20.62 -117.02
C TRP AA 502 -42.54 -22.10 -117.33
N THR AA 503 -42.67 -22.49 -118.60
CA THR AA 503 -42.75 -23.90 -118.94
C THR AA 503 -41.46 -24.63 -118.58
N GLY AA 504 -40.32 -24.02 -118.87
CA GLY AA 504 -39.03 -24.55 -118.52
C GLY AA 504 -38.50 -24.13 -117.16
N ALA AA 505 -39.32 -23.43 -116.39
CA ALA AA 505 -38.88 -22.92 -115.09
C ALA AA 505 -38.86 -24.01 -114.04
N THR AA 506 -38.01 -23.82 -113.04
CA THR AA 506 -37.93 -24.72 -111.89
C THR AA 506 -38.90 -24.26 -110.83
N LYS AA 507 -39.81 -25.14 -110.42
CA LYS AA 507 -40.94 -24.77 -109.58
C LYS AA 507 -41.09 -25.75 -108.42
N TYR AA 508 -41.74 -25.27 -107.36
CA TYR AA 508 -42.19 -26.14 -106.28
C TYR AA 508 -43.71 -26.00 -106.15
N HIS AA 509 -44.36 -27.10 -105.82
CA HIS AA 509 -45.81 -27.19 -105.77
C HIS AA 509 -46.26 -27.16 -104.32
N LEU AA 510 -47.15 -26.23 -103.99
CA LEU AA 510 -47.61 -26.06 -102.61
C LEU AA 510 -49.09 -25.70 -102.64
N ASN AA 511 -49.93 -26.58 -102.10
CA ASN AA 511 -51.38 -26.36 -101.99
C ASN AA 511 -52.01 -26.09 -103.36
N GLY AA 512 -51.53 -26.81 -104.38
CA GLY AA 512 -52.08 -26.68 -105.71
C GLY AA 512 -51.58 -25.48 -106.50
N ARG AA 513 -50.66 -24.70 -105.93
CA ARG AA 513 -50.10 -23.56 -106.69
C ARG AA 513 -48.60 -23.72 -106.93
N ASP AA 514 -48.15 -23.44 -108.14
CA ASP AA 514 -46.74 -23.49 -108.52
C ASP AA 514 -46.09 -22.14 -108.22
N SER AA 515 -44.98 -22.18 -107.48
CA SER AA 515 -44.19 -21.00 -107.19
C SER AA 515 -42.82 -21.17 -107.84
N LEU AA 516 -42.30 -20.08 -108.38
CA LEU AA 516 -40.97 -20.12 -108.98
C LEU AA 516 -39.91 -20.34 -107.90
N VAL AA 517 -38.96 -21.23 -108.19
CA VAL AA 517 -37.83 -21.47 -107.31
C VAL AA 517 -36.76 -20.45 -107.69
N ASN AA 518 -36.62 -19.41 -106.87
CA ASN AA 518 -35.75 -18.28 -107.19
C ASN AA 518 -35.22 -17.66 -105.90
N PRO AA 519 -33.91 -17.73 -105.65
CA PRO AA 519 -32.86 -18.36 -106.47
C PRO AA 519 -32.69 -19.84 -106.16
N GLY AA 520 -33.35 -20.36 -105.13
CA GLY AA 520 -33.29 -21.75 -104.79
C GLY AA 520 -32.03 -22.15 -104.04
N PRO AA 521 -31.76 -23.45 -103.98
CA PRO AA 521 -30.56 -23.92 -103.29
C PRO AA 521 -29.29 -23.37 -103.94
N ALA AA 522 -28.28 -23.14 -103.09
CA ALA AA 522 -27.03 -22.55 -103.55
C ALA AA 522 -26.30 -23.52 -104.48
N MET AA 523 -26.13 -23.13 -105.74
CA MET AA 523 -25.47 -23.95 -106.74
C MET AA 523 -24.62 -23.06 -107.62
N ALA AA 524 -23.58 -23.66 -108.21
CA ALA AA 524 -22.69 -22.92 -109.09
C ALA AA 524 -23.44 -22.46 -110.34
N SER AA 525 -23.19 -21.22 -110.75
CA SER AA 525 -23.86 -20.68 -111.93
C SER AA 525 -23.44 -21.41 -113.20
N HIS AA 526 -22.15 -21.76 -113.30
CA HIS AA 526 -21.63 -22.39 -114.50
C HIS AA 526 -20.34 -23.12 -114.16
N LYS AA 527 -19.91 -23.98 -115.08
CA LYS AA 527 -18.66 -24.71 -114.94
C LYS AA 527 -17.54 -23.89 -115.56
N ASP AA 528 -16.36 -24.51 -115.72
CA ASP AA 528 -15.21 -23.80 -116.27
C ASP AA 528 -15.49 -23.32 -117.69
N ASP AA 529 -15.08 -22.08 -117.97
CA ASP AA 529 -15.12 -21.50 -119.31
C ASP AA 529 -16.54 -21.48 -119.88
N GLU AA 530 -17.52 -21.21 -119.03
CA GLU AA 530 -18.90 -21.08 -119.46
C GLU AA 530 -19.56 -19.91 -118.76
N GLU AA 531 -18.85 -18.79 -118.66
CA GLU AA 531 -19.34 -17.63 -117.92
C GLU AA 531 -20.56 -17.00 -118.55
N LYS AA 532 -20.83 -17.28 -119.83
CA LYS AA 532 -22.02 -16.72 -120.47
C LYS AA 532 -23.31 -17.43 -120.06
N PHE AA 533 -23.21 -18.58 -119.40
CA PHE AA 533 -24.38 -19.36 -119.00
C PHE AA 533 -24.71 -19.10 -117.54
N PHE AA 534 -26.00 -18.91 -117.26
CA PHE AA 534 -26.49 -18.76 -115.90
C PHE AA 534 -27.80 -19.50 -115.75
N PRO AA 535 -28.12 -19.97 -114.55
CA PRO AA 535 -29.42 -20.62 -114.34
C PRO AA 535 -30.57 -19.66 -114.55
N GLN AA 536 -31.69 -20.21 -115.03
CA GLN AA 536 -32.81 -19.38 -115.42
C GLN AA 536 -33.36 -18.58 -114.24
N SER AA 537 -33.49 -19.21 -113.08
CA SER AA 537 -33.93 -18.52 -111.86
C SER AA 537 -33.07 -18.94 -110.68
N GLY AA 538 -31.78 -19.16 -110.92
CA GLY AA 538 -30.88 -19.62 -109.89
C GLY AA 538 -29.87 -18.61 -109.38
N VAL AA 539 -29.93 -17.36 -109.83
CA VAL AA 539 -29.01 -16.32 -109.38
C VAL AA 539 -29.81 -15.07 -109.07
N LEU AA 540 -29.25 -14.24 -108.19
CA LEU AA 540 -29.83 -12.92 -107.94
C LEU AA 540 -29.56 -12.01 -109.12
N ILE AA 541 -30.57 -11.24 -109.52
CA ILE AA 541 -30.46 -10.30 -110.62
C ILE AA 541 -30.80 -8.92 -110.07
N PHE AA 542 -29.83 -8.02 -110.09
CA PHE AA 542 -30.01 -6.65 -109.62
C PHE AA 542 -30.21 -5.73 -110.81
N GLY AA 543 -31.03 -4.71 -110.62
CA GLY AA 543 -31.28 -3.73 -111.65
C GLY AA 543 -30.25 -2.61 -111.62
N LYS AA 544 -29.84 -2.18 -112.81
CA LYS AA 544 -28.99 -1.01 -112.92
C LYS AA 544 -29.80 0.24 -112.58
N GLN AA 545 -29.09 1.36 -112.41
CA GLN AA 545 -29.75 2.61 -112.09
C GLN AA 545 -30.67 3.03 -113.23
N GLY AA 546 -31.90 3.40 -112.89
CA GLY AA 546 -32.87 3.82 -113.88
C GLY AA 546 -33.62 2.70 -114.58
N SER AA 547 -33.42 1.46 -114.12
CA SER AA 547 -34.06 0.29 -114.78
C SER AA 547 -35.54 0.26 -114.47
N GLU AA 548 -36.38 -0.07 -115.46
CA GLU AA 548 -37.82 -0.14 -115.27
C GLU AA 548 -38.20 -1.40 -114.51
N LYS AA 549 -39.50 -1.67 -114.46
CA LYS AA 549 -40.00 -2.79 -113.68
C LYS AA 549 -40.29 -4.02 -114.53
N THR AA 550 -40.83 -3.85 -115.72
CA THR AA 550 -41.35 -4.95 -116.53
C THR AA 550 -40.54 -5.09 -117.81
N ASN AA 551 -40.03 -6.30 -118.05
CA ASN AA 551 -39.45 -6.70 -119.34
C ASN AA 551 -38.32 -5.78 -119.78
N VAL AA 552 -37.38 -5.55 -118.88
CA VAL AA 552 -36.17 -4.81 -119.21
C VAL AA 552 -35.19 -5.76 -119.89
N ASP AA 553 -34.32 -5.20 -120.73
CA ASP AA 553 -33.36 -6.01 -121.46
C ASP AA 553 -32.26 -6.51 -120.54
N ILE AA 554 -31.44 -7.43 -121.06
CA ILE AA 554 -30.36 -7.99 -120.27
C ILE AA 554 -29.31 -6.94 -119.95
N GLU AA 555 -29.09 -5.99 -120.85
CA GLU AA 555 -28.12 -4.92 -120.58
C GLU AA 555 -28.58 -3.96 -119.50
N LYS AA 556 -29.85 -4.02 -119.11
CA LYS AA 556 -30.37 -3.18 -118.04
C LYS AA 556 -30.23 -3.81 -116.66
N VAL AA 557 -29.80 -5.07 -116.59
CA VAL AA 557 -29.69 -5.78 -115.32
C VAL AA 557 -28.28 -6.32 -115.16
N MET AA 558 -27.90 -6.57 -113.91
CA MET AA 558 -26.61 -7.14 -113.57
C MET AA 558 -26.84 -8.51 -112.93
N ILE AA 559 -26.38 -9.56 -113.60
CA ILE AA 559 -26.61 -10.93 -113.15
C ILE AA 559 -25.42 -11.37 -112.32
N THR AA 560 -25.69 -11.86 -111.12
CA THR AA 560 -24.63 -12.28 -110.21
C THR AA 560 -24.07 -13.64 -110.63
N ASP AA 561 -22.89 -13.95 -110.10
CA ASP AA 561 -22.24 -15.23 -110.44
C ASP AA 561 -21.85 -15.94 -109.14
N GLU AA 562 -22.16 -17.23 -109.06
CA GLU AA 562 -21.85 -18.08 -107.92
C GLU AA 562 -20.83 -19.14 -108.31
N GLU AA 563 -19.82 -18.76 -109.07
CA GLU AA 563 -18.81 -19.70 -109.54
C GLU AA 563 -17.80 -20.06 -108.47
N GLU AA 564 -17.68 -19.26 -107.41
CA GLU AA 564 -16.69 -19.55 -106.38
C GLU AA 564 -17.04 -20.79 -105.56
N ILE AA 565 -18.28 -21.27 -105.65
CA ILE AA 565 -18.72 -22.41 -104.86
C ILE AA 565 -18.79 -23.68 -105.70
N ARG AA 566 -18.30 -23.66 -106.94
CA ARG AA 566 -18.31 -24.85 -107.77
C ARG AA 566 -17.30 -25.89 -107.30
N THR AA 567 -16.45 -25.54 -106.34
CA THR AA 567 -15.54 -26.53 -105.76
C THR AA 567 -16.28 -27.59 -104.96
N THR AA 568 -17.37 -27.21 -104.29
CA THR AA 568 -18.14 -28.13 -103.47
C THR AA 568 -19.58 -28.27 -103.88
N ASN AA 569 -20.12 -27.35 -104.67
CA ASN AA 569 -21.53 -27.37 -105.02
C ASN AA 569 -21.70 -27.73 -106.49
N PRO AA 570 -22.71 -28.54 -106.82
CA PRO AA 570 -22.94 -28.90 -108.22
C PRO AA 570 -23.35 -27.69 -109.04
N VAL AA 571 -23.03 -27.75 -110.33
CA VAL AA 571 -23.47 -26.72 -111.25
C VAL AA 571 -25.00 -26.75 -111.35
N ALA AA 572 -25.61 -25.56 -111.34
CA ALA AA 572 -27.06 -25.46 -111.24
C ALA AA 572 -27.75 -26.07 -112.44
N THR AA 573 -27.17 -25.93 -113.63
CA THR AA 573 -27.82 -26.35 -114.86
C THR AA 573 -27.49 -27.78 -115.26
N GLU AA 574 -26.72 -28.50 -114.46
CA GLU AA 574 -26.31 -29.87 -114.78
C GLU AA 574 -26.84 -30.82 -113.71
N GLN AA 575 -26.76 -32.10 -114.03
CA GLN AA 575 -27.21 -33.13 -113.10
C GLN AA 575 -26.23 -33.27 -111.94
N TYR AA 576 -26.76 -33.75 -110.81
CA TYR AA 576 -25.89 -34.05 -109.67
C TYR AA 576 -24.93 -35.19 -110.00
N GLY AA 577 -25.43 -36.22 -110.69
CA GLY AA 577 -24.61 -37.38 -110.99
C GLY AA 577 -25.43 -38.46 -111.67
N SER AA 578 -24.98 -39.69 -111.52
CA SER AA 578 -25.65 -40.84 -112.11
C SER AA 578 -25.79 -41.95 -111.08
N VAL AA 579 -26.90 -42.68 -111.18
CA VAL AA 579 -27.16 -43.84 -110.32
C VAL AA 579 -27.57 -45.01 -111.21
N SER AA 580 -27.38 -46.21 -110.69
CA SER AA 580 -27.83 -47.41 -111.39
C SER AA 580 -29.34 -47.55 -111.31
N THR AA 581 -29.93 -48.08 -112.37
CA THR AA 581 -31.37 -48.26 -112.44
C THR AA 581 -31.82 -49.69 -112.63
N ASN AA 582 -30.90 -50.63 -112.83
CA ASN AA 582 -31.26 -52.03 -113.05
C ASN AA 582 -30.17 -52.91 -112.43
N LEU AA 583 -30.24 -54.20 -112.72
CA LEU AA 583 -29.25 -55.18 -112.26
C LEU AA 583 -28.66 -55.87 -113.48
N GLN AA 584 -27.39 -55.57 -113.77
CA GLN AA 584 -26.70 -56.21 -114.88
C GLN AA 584 -26.51 -57.69 -114.59
N ARG AA 585 -26.56 -58.47 -115.67
CA ARG AA 585 -26.48 -59.94 -115.55
C ARG AA 585 -26.03 -60.53 -116.89
N GLY AA 586 -25.19 -61.55 -116.85
CA GLY AA 586 -24.80 -62.25 -118.06
C GLY AA 586 -25.73 -63.40 -118.39
N ASN AA 587 -25.36 -64.13 -119.45
CA ASN AA 587 -26.22 -65.24 -119.94
C ASN AA 587 -26.11 -66.45 -119.03
N THR AA 594 -31.81 -63.87 -120.24
CA THR AA 594 -30.91 -63.29 -121.27
C THR AA 594 -29.93 -62.34 -120.57
N SER AA 595 -29.02 -61.69 -121.32
CA SER AA 595 -28.17 -60.75 -120.60
C SER AA 595 -28.81 -59.37 -120.53
N ARG AA 596 -28.48 -58.64 -119.47
CA ARG AA 596 -28.94 -57.27 -119.28
C ARG AA 596 -27.73 -56.39 -119.00
N GLN AA 597 -27.57 -55.34 -119.78
CA GLN AA 597 -26.45 -54.42 -119.59
C GLN AA 597 -26.79 -53.38 -118.54
N ALA AA 598 -25.76 -52.93 -117.83
CA ALA AA 598 -25.94 -51.95 -116.77
C ALA AA 598 -26.46 -50.64 -117.33
N ALA AA 599 -27.44 -50.06 -116.65
CA ALA AA 599 -28.08 -48.82 -117.07
C ALA AA 599 -27.96 -47.78 -115.96
N THR AA 600 -27.86 -46.52 -116.38
CA THR AA 600 -27.72 -45.40 -115.45
C THR AA 600 -28.70 -44.30 -115.83
N ALA AA 601 -29.04 -43.47 -114.85
CA ALA AA 601 -29.93 -42.34 -115.05
C ALA AA 601 -29.34 -41.11 -114.41
N ASP AA 602 -29.65 -39.95 -115.00
CA ASP AA 602 -29.23 -38.68 -114.43
C ASP AA 602 -30.04 -38.36 -113.19
N VAL AA 603 -29.40 -37.76 -112.20
CA VAL AA 603 -30.04 -37.35 -110.96
C VAL AA 603 -30.21 -35.84 -111.04
N ASN AA 604 -31.37 -35.41 -111.55
CA ASN AA 604 -31.64 -33.98 -111.70
C ASN AA 604 -32.01 -33.31 -110.38
N THR AA 605 -32.45 -34.08 -109.38
CA THR AA 605 -32.74 -33.55 -108.06
C THR AA 605 -32.14 -34.50 -107.03
N GLN AA 606 -31.36 -33.94 -106.11
CA GLN AA 606 -30.67 -34.73 -105.09
C GLN AA 606 -30.91 -34.10 -103.72
N GLY AA 607 -31.50 -34.87 -102.81
CA GLY AA 607 -31.63 -34.43 -101.44
C GLY AA 607 -30.33 -34.57 -100.68
N VAL AA 608 -30.35 -34.14 -99.42
CA VAL AA 608 -29.16 -34.18 -98.59
C VAL AA 608 -28.85 -35.61 -98.21
N LEU AA 609 -27.60 -36.02 -98.40
CA LEU AA 609 -27.07 -37.32 -98.05
C LEU AA 609 -26.05 -37.18 -96.93
N PRO AA 610 -25.87 -38.21 -96.11
CA PRO AA 610 -24.78 -38.17 -95.13
C PRO AA 610 -23.43 -38.05 -95.81
N GLY AA 611 -22.55 -37.23 -95.23
CA GLY AA 611 -21.27 -36.93 -95.82
C GLY AA 611 -21.27 -35.82 -96.83
N MET AA 612 -22.40 -35.14 -97.03
CA MET AA 612 -22.49 -34.06 -98.04
C MET AA 612 -21.98 -32.74 -97.47
N VAL AA 613 -21.20 -31.99 -98.23
CA VAL AA 613 -20.65 -30.68 -97.86
C VAL AA 613 -21.00 -29.69 -98.95
N TRP AA 614 -21.30 -28.45 -98.57
CA TRP AA 614 -21.73 -27.43 -99.52
C TRP AA 614 -21.42 -26.05 -98.94
N GLN AA 615 -21.48 -25.05 -99.82
CA GLN AA 615 -21.32 -23.66 -99.45
C GLN AA 615 -22.64 -22.94 -99.68
N ASP AA 616 -22.94 -21.98 -98.81
CA ASP AA 616 -24.16 -21.20 -98.94
C ASP AA 616 -24.02 -20.15 -100.03
N ARG AA 617 -25.14 -19.51 -100.37
CA ARG AA 617 -25.12 -18.47 -101.38
C ARG AA 617 -24.37 -17.24 -100.87
N ASP AA 618 -23.65 -16.58 -101.78
CA ASP AA 618 -22.89 -15.41 -101.42
C ASP AA 618 -23.81 -14.23 -101.12
N VAL AA 619 -23.31 -13.30 -100.30
CA VAL AA 619 -24.00 -12.06 -100.03
C VAL AA 619 -23.34 -10.95 -100.86
N TYR AA 620 -24.12 -9.92 -101.16
CA TYR AA 620 -23.67 -8.85 -102.03
C TYR AA 620 -23.93 -7.52 -101.36
N LEU AA 621 -23.26 -6.48 -101.86
CA LEU AA 621 -23.45 -5.14 -101.31
C LEU AA 621 -24.89 -4.68 -101.48
N GLN AA 622 -25.49 -4.97 -102.62
CA GLN AA 622 -26.90 -4.67 -102.86
C GLN AA 622 -27.83 -5.75 -102.33
N GLY AA 623 -27.30 -6.84 -101.81
CA GLY AA 623 -28.11 -7.96 -101.40
C GLY AA 623 -28.67 -7.83 -100.00
N PRO AA 624 -29.59 -8.72 -99.63
CA PRO AA 624 -30.15 -8.71 -98.29
C PRO AA 624 -29.16 -9.20 -97.25
N ILE AA 625 -29.38 -8.78 -96.02
CA ILE AA 625 -28.52 -9.13 -94.90
C ILE AA 625 -29.05 -10.35 -94.14
N TRP AA 626 -30.34 -10.35 -93.81
CA TRP AA 626 -30.91 -11.39 -92.96
C TRP AA 626 -32.30 -11.75 -93.45
N ALA AA 627 -32.87 -12.76 -92.79
CA ALA AA 627 -34.26 -13.14 -93.00
C ALA AA 627 -34.73 -13.87 -91.74
N LYS AA 628 -36.04 -13.85 -91.53
CA LYS AA 628 -36.62 -14.52 -90.38
C LYS AA 628 -36.86 -15.99 -90.70
N ILE AA 629 -36.30 -16.88 -89.87
CA ILE AA 629 -36.57 -18.31 -90.04
C ILE AA 629 -38.02 -18.58 -89.70
N PRO AA 630 -38.79 -19.23 -90.58
CA PRO AA 630 -40.21 -19.48 -90.28
C PRO AA 630 -40.37 -20.32 -89.01
N HIS AA 631 -41.41 -20.00 -88.25
CA HIS AA 631 -41.71 -20.72 -87.01
C HIS AA 631 -42.36 -22.04 -87.38
N THR AA 632 -41.53 -23.07 -87.56
CA THR AA 632 -41.97 -24.38 -87.97
C THR AA 632 -41.35 -25.44 -87.06
N ASP AA 633 -41.94 -26.63 -87.08
CA ASP AA 633 -41.44 -27.72 -86.22
C ASP AA 633 -40.05 -28.14 -86.68
N GLY AA 634 -39.83 -28.20 -87.99
CA GLY AA 634 -38.55 -28.63 -88.51
C GLY AA 634 -38.07 -27.75 -89.64
N HIS AA 635 -36.76 -27.65 -89.75
CA HIS AA 635 -36.09 -26.96 -90.84
C HIS AA 635 -34.66 -27.46 -90.90
N PHE AA 636 -34.11 -27.50 -92.10
CA PHE AA 636 -32.74 -27.97 -92.31
C PHE AA 636 -31.91 -26.84 -92.86
N HIS AA 637 -30.80 -26.53 -92.17
CA HIS AA 637 -29.86 -25.49 -92.57
C HIS AA 637 -30.59 -24.19 -92.89
N PRO AA 638 -31.11 -23.48 -91.87
CA PRO AA 638 -31.96 -22.31 -92.10
C PRO AA 638 -31.18 -21.05 -92.52
N SER AA 639 -30.29 -21.20 -93.48
CA SER AA 639 -29.70 -20.06 -94.16
C SER AA 639 -30.64 -19.60 -95.27
N PRO AA 640 -30.96 -18.31 -95.34
CA PRO AA 640 -31.88 -17.84 -96.38
C PRO AA 640 -31.36 -18.16 -97.78
N LEU AA 641 -32.26 -18.58 -98.66
CA LEU AA 641 -31.85 -18.98 -100.00
C LEU AA 641 -31.42 -17.79 -100.84
N MET AA 642 -31.98 -16.60 -100.56
CA MET AA 642 -31.55 -15.39 -101.25
C MET AA 642 -30.20 -14.88 -100.77
N GLY AA 643 -29.66 -15.44 -99.71
CA GLY AA 643 -28.38 -15.04 -99.17
C GLY AA 643 -28.51 -14.24 -97.89
N GLY AA 644 -27.62 -14.53 -96.94
CA GLY AA 644 -27.62 -13.80 -95.68
C GLY AA 644 -27.61 -14.68 -94.45
N PHE AA 645 -28.09 -14.13 -93.33
CA PHE AA 645 -28.06 -14.80 -92.04
C PHE AA 645 -29.48 -15.16 -91.63
N GLY AA 646 -29.71 -16.43 -91.33
CA GLY AA 646 -30.98 -16.88 -90.83
C GLY AA 646 -31.14 -16.61 -89.34
N LEU AA 647 -32.18 -15.86 -88.96
CA LEU AA 647 -32.37 -15.44 -87.58
C LEU AA 647 -33.73 -15.90 -87.10
N LYS AA 648 -33.75 -16.63 -85.98
CA LYS AA 648 -35.01 -17.00 -85.36
C LYS AA 648 -35.72 -15.77 -84.79
N HIS AA 649 -34.95 -14.82 -84.28
CA HIS AA 649 -35.45 -13.53 -83.79
C HIS AA 649 -34.69 -12.44 -84.52
N PRO AA 650 -35.11 -12.09 -85.73
CA PRO AA 650 -34.41 -11.07 -86.51
C PRO AA 650 -34.67 -9.69 -85.95
N PRO AA 651 -34.00 -8.66 -86.46
CA PRO AA 651 -34.31 -7.29 -86.04
C PRO AA 651 -35.79 -6.99 -86.22
N PRO AA 652 -36.45 -6.48 -85.19
CA PRO AA 652 -37.90 -6.32 -85.25
C PRO AA 652 -38.32 -5.28 -86.28
N GLN AA 653 -39.52 -5.48 -86.82
CA GLN AA 653 -40.09 -4.49 -87.72
C GLN AA 653 -40.40 -3.20 -86.95
N ILE AA 654 -40.05 -2.07 -87.54
CA ILE AA 654 -40.28 -0.76 -86.95
C ILE AA 654 -41.39 -0.10 -87.75
N LEU AA 655 -42.55 0.07 -87.12
CA LEU AA 655 -43.74 0.60 -87.79
C LEU AA 655 -43.94 2.05 -87.39
N ILE AA 656 -44.20 2.90 -88.38
CA ILE AA 656 -44.37 4.33 -88.17
C ILE AA 656 -45.55 4.80 -89.02
N LYS AA 657 -46.37 5.67 -88.45
CA LYS AA 657 -47.47 6.26 -89.18
C LYS AA 657 -47.81 7.61 -88.58
N ASN AA 658 -48.45 8.46 -89.38
CA ASN AA 658 -48.90 9.76 -88.92
C ASN AA 658 -50.22 9.62 -88.20
N THR AA 659 -50.34 10.27 -87.04
CA THR AA 659 -51.58 10.24 -86.31
C THR AA 659 -52.65 11.02 -87.07
N PRO AA 660 -53.81 10.44 -87.34
CA PRO AA 660 -54.84 11.17 -88.08
C PRO AA 660 -55.36 12.35 -87.28
N VAL AA 661 -55.39 13.51 -87.94
CA VAL AA 661 -55.90 14.75 -87.34
C VAL AA 661 -57.24 15.06 -88.01
N PRO AA 662 -58.36 14.92 -87.32
CA PRO AA 662 -59.66 15.19 -87.95
C PRO AA 662 -59.78 16.64 -88.41
N ALA AA 663 -60.49 16.83 -89.51
CA ALA AA 663 -60.79 18.15 -90.02
C ALA AA 663 -61.95 18.74 -89.22
N ASN AA 664 -62.54 19.82 -89.71
CA ASN AA 664 -63.58 20.51 -88.98
C ASN AA 664 -64.80 19.61 -88.80
N PRO AA 665 -65.21 19.31 -87.57
CA PRO AA 665 -66.39 18.47 -87.36
C PRO AA 665 -67.69 19.27 -87.43
N SER AA 666 -68.77 18.52 -87.55
CA SER AA 666 -70.12 19.13 -87.57
C SER AA 666 -70.51 19.53 -86.15
N THR AA 667 -71.22 20.64 -86.01
CA THR AA 667 -71.68 21.09 -84.71
C THR AA 667 -72.77 20.18 -84.12
N THR AA 668 -73.36 19.33 -84.94
CA THR AA 668 -74.33 18.34 -84.48
C THR AA 668 -73.65 16.98 -84.41
N PHE AA 669 -73.97 16.22 -83.37
CA PHE AA 669 -73.32 14.93 -83.17
C PHE AA 669 -73.70 13.96 -84.29
N SER AA 670 -72.71 13.23 -84.78
CA SER AA 670 -72.90 12.19 -85.78
C SER AA 670 -72.15 10.95 -85.34
N ALA AA 671 -72.82 9.81 -85.32
CA ALA AA 671 -72.20 8.56 -84.91
C ALA AA 671 -71.34 7.95 -86.01
N ALA AA 672 -71.40 8.47 -87.23
CA ALA AA 672 -70.55 7.97 -88.30
C ALA AA 672 -69.09 8.28 -88.01
N LYS AA 673 -68.22 7.33 -88.32
CA LYS AA 673 -66.79 7.52 -88.09
C LYS AA 673 -66.28 8.64 -88.98
N PHE AA 674 -65.23 9.30 -88.49
CA PHE AA 674 -64.66 10.46 -89.23
C PHE AA 674 -64.07 10.03 -90.56
N ALA AA 675 -64.44 10.75 -91.62
CA ALA AA 675 -63.91 10.49 -92.95
C ALA AA 675 -63.14 11.67 -93.54
N SER AA 676 -63.17 12.82 -92.88
CA SER AA 676 -62.45 14.01 -93.34
C SER AA 676 -61.30 14.30 -92.39
N PHE AA 677 -60.10 14.44 -92.92
CA PHE AA 677 -58.90 14.67 -92.14
C PHE AA 677 -58.06 15.76 -92.78
N ILE AA 678 -57.20 16.36 -91.97
CA ILE AA 678 -56.24 17.33 -92.48
C ILE AA 678 -55.12 16.58 -93.18
N THR AA 679 -54.86 16.93 -94.44
CA THR AA 679 -53.81 16.29 -95.20
C THR AA 679 -52.46 16.66 -94.60
N GLN AA 680 -51.64 15.65 -94.33
CA GLN AA 680 -50.35 15.91 -93.72
C GLN AA 680 -49.41 14.74 -93.96
N TYR AA 681 -48.11 15.05 -93.90
CA TYR AA 681 -47.06 14.06 -93.98
C TYR AA 681 -46.01 14.40 -92.94
N SER AA 682 -45.01 13.55 -92.80
CA SER AA 682 -43.93 13.77 -91.85
C SER AA 682 -42.59 13.53 -92.52
N THR AA 683 -41.57 14.21 -92.00
CA THR AA 683 -40.20 14.02 -92.45
C THR AA 683 -39.29 14.03 -91.22
N GLY AA 684 -38.14 13.40 -91.37
CA GLY AA 684 -37.23 13.30 -90.25
C GLY AA 684 -35.96 12.58 -90.63
N GLN AA 685 -35.18 12.23 -89.62
CA GLN AA 685 -33.92 11.52 -89.81
C GLN AA 685 -33.97 10.18 -89.11
N VAL AA 686 -33.32 9.20 -89.71
CA VAL AA 686 -33.24 7.85 -89.18
C VAL AA 686 -31.78 7.45 -89.10
N SER AA 687 -31.39 6.83 -87.98
CA SER AA 687 -30.02 6.37 -87.76
C SER AA 687 -30.01 4.88 -87.47
N VAL AA 688 -29.14 4.15 -88.16
CA VAL AA 688 -28.95 2.72 -87.94
C VAL AA 688 -27.46 2.48 -87.70
N GLU AA 689 -27.11 1.91 -86.56
CA GLU AA 689 -25.74 1.58 -86.23
C GLU AA 689 -25.64 0.09 -85.93
N ILE AA 690 -24.82 -0.62 -86.71
CA ILE AA 690 -24.67 -2.06 -86.55
C ILE AA 690 -23.20 -2.36 -86.25
N GLU AA 691 -22.97 -3.18 -85.24
CA GLU AA 691 -21.64 -3.70 -84.92
C GLU AA 691 -21.50 -5.08 -85.56
N TRP AA 692 -20.42 -5.26 -86.32
CA TRP AA 692 -20.14 -6.50 -87.00
C TRP AA 692 -18.87 -7.11 -86.44
N GLU AA 693 -18.85 -8.44 -86.30
CA GLU AA 693 -17.67 -9.17 -85.87
C GLU AA 693 -16.96 -9.73 -87.10
N LEU AA 694 -15.63 -9.63 -87.10
CA LEU AA 694 -14.82 -10.04 -88.23
C LEU AA 694 -14.04 -11.30 -87.89
N GLN AA 695 -13.89 -12.16 -88.89
CA GLN AA 695 -13.06 -13.36 -88.81
C GLN AA 695 -11.83 -13.10 -89.66
N LYS AA 696 -10.72 -12.79 -88.99
CA LYS AA 696 -9.52 -12.37 -89.70
C LYS AA 696 -8.92 -13.51 -90.50
N GLU AA 697 -8.46 -13.19 -91.70
CA GLU AA 697 -7.81 -14.17 -92.56
C GLU AA 697 -6.48 -14.59 -91.98
N ASN AA 698 -6.21 -15.89 -91.99
CA ASN AA 698 -4.99 -16.48 -91.44
C ASN AA 698 -4.37 -17.44 -92.45
N SER AA 699 -4.28 -17.00 -93.70
CA SER AA 699 -3.81 -17.86 -94.77
C SER AA 699 -2.29 -17.98 -94.76
N LYS AA 700 -1.77 -19.07 -95.33
CA LYS AA 700 -0.30 -19.27 -95.44
C LYS AA 700 0.07 -19.52 -96.91
N ARG AA 701 -0.79 -19.10 -97.85
CA ARG AA 701 -0.44 -19.22 -99.26
C ARG AA 701 0.70 -18.26 -99.60
N TRP AA 702 1.48 -18.63 -100.60
CA TRP AA 702 2.68 -17.87 -100.96
C TRP AA 702 2.38 -16.79 -101.99
N ASN AA 703 1.74 -17.16 -103.09
CA ASN AA 703 1.47 -16.22 -104.17
C ASN AA 703 0.31 -15.30 -103.81
N PRO AA 704 0.22 -14.09 -104.41
CA PRO AA 704 -0.85 -13.15 -104.07
C PRO AA 704 -2.26 -13.68 -104.34
N GLU AA 705 -3.28 -13.08 -103.72
CA GLU AA 705 -4.68 -13.57 -103.83
C GLU AA 705 -5.48 -12.69 -104.79
N ILE AA 706 -6.70 -13.11 -105.16
CA ILE AA 706 -7.57 -12.17 -105.93
C ILE AA 706 -8.18 -11.15 -104.97
N GLN AA 707 -8.11 -9.86 -105.31
CA GLN AA 707 -8.74 -8.84 -104.49
C GLN AA 707 -9.64 -7.99 -105.38
N TYR AA 708 -10.72 -7.48 -104.80
CA TYR AA 708 -11.55 -6.52 -105.52
C TYR AA 708 -10.81 -5.20 -105.64
N THR AA 709 -10.89 -4.58 -106.81
CA THR AA 709 -10.15 -3.37 -107.08
C THR AA 709 -10.92 -2.51 -108.08
N SER AA 710 -10.61 -1.22 -108.05
CA SER AA 710 -11.21 -0.31 -109.05
C SER AA 710 -10.35 -0.42 -110.31
N ASN AA 711 -10.87 -0.03 -111.47
CA ASN AA 711 -10.05 -0.19 -112.70
C ASN AA 711 -9.29 1.12 -112.88
N TYR AA 712 -7.99 1.05 -113.14
CA TYR AA 712 -7.15 2.26 -113.22
C TYR AA 712 -7.46 3.05 -114.50
N ASN AA 713 -7.85 2.39 -115.58
CA ASN AA 713 -8.02 3.12 -116.82
C ASN AA 713 -9.02 4.27 -116.67
N LYS AA 714 -8.78 5.31 -117.48
CA LYS AA 714 -9.65 6.52 -117.43
C LYS AA 714 -11.07 6.17 -117.86
N SER AA 715 -12.01 6.93 -117.34
CA SER AA 715 -13.42 6.73 -117.68
C SER AA 715 -14.15 8.05 -117.55
N ILE AA 716 -15.31 8.12 -118.19
CA ILE AA 716 -16.14 9.33 -118.09
C ILE AA 716 -16.63 9.52 -116.66
N ASN AA 717 -17.06 8.44 -116.02
CA ASN AA 717 -17.57 8.48 -114.66
C ASN AA 717 -16.75 7.54 -113.77
N VAL AA 718 -16.60 7.94 -112.50
CA VAL AA 718 -15.98 7.08 -111.51
C VAL AA 718 -17.03 6.11 -110.97
N ASP AA 719 -16.62 4.88 -110.71
CA ASP AA 719 -17.54 3.87 -110.20
C ASP AA 719 -18.00 4.21 -108.80
N PHE AA 720 -19.28 3.91 -108.51
CA PHE AA 720 -19.88 4.13 -107.20
C PHE AA 720 -19.80 5.60 -106.77
N THR AA 721 -20.03 6.51 -107.73
CA THR AA 721 -20.13 7.92 -107.48
C THR AA 721 -21.38 8.47 -108.15
N VAL AA 722 -21.52 9.77 -108.14
CA VAL AA 722 -22.64 10.43 -108.82
C VAL AA 722 -22.18 10.91 -110.18
N ASP AA 723 -23.13 11.03 -111.11
CA ASP AA 723 -22.84 11.53 -112.44
C ASP AA 723 -23.08 13.04 -112.48
N THR AA 724 -23.10 13.61 -113.68
CA THR AA 724 -23.30 15.07 -113.83
C THR AA 724 -24.71 15.44 -113.38
N ASN AA 725 -25.61 14.45 -113.26
CA ASN AA 725 -26.98 14.71 -112.76
C ASN AA 725 -27.02 14.47 -111.23
N GLY AA 726 -25.87 14.11 -110.65
CA GLY AA 726 -25.82 13.82 -109.20
C GLY AA 726 -26.55 12.55 -108.87
N VAL AA 727 -26.75 11.68 -109.86
CA VAL AA 727 -27.49 10.40 -109.64
C VAL AA 727 -26.49 9.32 -109.22
N TYR AA 728 -26.67 8.76 -108.02
CA TYR AA 728 -25.78 7.70 -107.55
C TYR AA 728 -26.13 6.39 -108.21
N SER AA 729 -25.11 5.66 -108.64
CA SER AA 729 -25.31 4.37 -109.28
C SER AA 729 -24.31 3.36 -108.74
N GLU AA 730 -24.69 2.10 -108.77
CA GLU AA 730 -23.81 0.99 -108.40
C GLU AA 730 -23.51 0.18 -109.65
N PRO AA 731 -22.33 0.32 -110.26
CA PRO AA 731 -22.11 -0.25 -111.59
C PRO AA 731 -22.20 -1.77 -111.66
N ARG AA 732 -21.80 -2.49 -110.62
CA ARG AA 732 -21.80 -3.94 -110.66
C ARG AA 732 -22.07 -4.48 -109.28
N PRO AA 733 -22.56 -5.72 -109.17
CA PRO AA 733 -22.65 -6.36 -107.85
C PRO AA 733 -21.28 -6.80 -107.38
N ILE AA 734 -21.02 -6.58 -106.09
CA ILE AA 734 -19.77 -7.02 -105.47
C ILE AA 734 -20.12 -8.07 -104.43
N GLY AA 735 -19.53 -9.25 -104.59
CA GLY AA 735 -19.68 -10.32 -103.61
C GLY AA 735 -18.69 -10.13 -102.49
N THR AA 736 -18.41 -11.23 -101.78
CA THR AA 736 -17.47 -11.22 -100.69
C THR AA 736 -16.35 -12.25 -100.82
N ARG AA 737 -16.41 -13.13 -101.82
CA ARG AA 737 -15.54 -14.29 -101.88
C ARG AA 737 -14.35 -14.00 -102.79
N TYR AA 738 -13.34 -13.36 -102.23
CA TYR AA 738 -12.10 -13.04 -102.93
C TYR AA 738 -10.88 -13.71 -102.32
N LEU AA 739 -10.78 -13.74 -101.00
CA LEU AA 739 -9.72 -14.51 -100.35
C LEU AA 739 -10.00 -16.00 -100.51
N THR AA 740 -8.96 -16.80 -100.30
CA THR AA 740 -9.06 -18.24 -100.46
C THR AA 740 -8.66 -18.96 -99.18
N ARG AA 741 -9.31 -20.11 -98.99
CA ARG AA 741 -8.98 -20.98 -97.83
C ARG AA 741 -9.00 -22.43 -98.35
N ASN AA 742 -8.18 -23.32 -97.81
CA ASN AA 742 -8.19 -24.73 -98.18
C ASN AA 742 -9.45 -25.41 -97.67
N LEU AA 743 -9.87 -26.46 -98.37
CA LEU AA 743 -11.02 -27.25 -97.95
C LEU AA 743 -10.74 -27.99 -96.64
N ALA BA 218 -86.46 4.45 7.03
CA ALA BA 218 -85.50 4.19 5.95
C ALA BA 218 -85.83 5.09 4.76
N ASP BA 219 -87.11 5.24 4.47
CA ASP BA 219 -87.53 5.99 3.26
C ASP BA 219 -88.59 7.01 3.65
N GLY BA 220 -88.78 7.22 4.95
CA GLY BA 220 -89.72 8.27 5.40
C GLY BA 220 -91.00 8.27 4.58
N VAL BA 221 -91.53 9.45 4.24
CA VAL BA 221 -92.82 9.53 3.54
C VAL BA 221 -92.51 10.05 2.14
N GLY BA 222 -92.79 9.26 1.13
CA GLY BA 222 -92.60 9.64 -0.25
C GLY BA 222 -91.48 8.93 -0.97
N ASN BA 223 -90.73 8.08 -0.28
CA ASN BA 223 -89.67 7.29 -0.89
C ASN BA 223 -90.05 5.82 -0.83
N SER BA 224 -90.05 5.16 -1.99
CA SER BA 224 -90.42 3.76 -2.04
C SER BA 224 -89.34 2.90 -1.41
N SER BA 225 -89.77 1.89 -0.65
CA SER BA 225 -88.86 0.98 0.04
C SER BA 225 -88.71 -0.36 -0.66
N GLY BA 226 -89.24 -0.49 -1.88
CA GLY BA 226 -89.11 -1.73 -2.61
C GLY BA 226 -89.68 -1.58 -4.01
N ASN BA 227 -89.47 -2.62 -4.80
CA ASN BA 227 -89.93 -2.66 -6.18
C ASN BA 227 -90.74 -3.94 -6.41
N TRP BA 228 -91.49 -3.96 -7.51
CA TRP BA 228 -92.30 -5.10 -7.87
C TRP BA 228 -91.45 -6.10 -8.64
N HIS BA 229 -91.23 -7.26 -8.04
CA HIS BA 229 -90.42 -8.33 -8.67
C HIS BA 229 -91.30 -9.58 -8.77
N CYS BA 230 -91.95 -9.78 -9.91
CA CYS BA 230 -92.76 -11.00 -10.13
C CYS BA 230 -92.28 -11.62 -11.44
N ASP BA 231 -91.55 -12.74 -11.37
CA ASP BA 231 -90.97 -13.33 -12.59
C ASP BA 231 -90.31 -14.68 -12.28
N SER BA 232 -89.83 -15.39 -13.32
CA SER BA 232 -89.09 -16.61 -13.03
C SER BA 232 -87.90 -16.71 -13.99
N THR BA 233 -86.78 -17.21 -13.47
CA THR BA 233 -85.57 -17.38 -14.24
C THR BA 233 -85.17 -18.85 -14.22
N TRP BA 234 -85.01 -19.43 -15.40
CA TRP BA 234 -84.57 -20.81 -15.54
C TRP BA 234 -83.10 -20.81 -15.94
N MET BA 235 -82.25 -21.39 -15.08
CA MET BA 235 -80.79 -21.43 -15.35
C MET BA 235 -80.28 -22.85 -15.08
N GLY BA 236 -80.21 -23.67 -16.13
CA GLY BA 236 -79.70 -25.03 -15.99
C GLY BA 236 -80.60 -25.86 -15.09
N ASP BA 237 -80.03 -26.38 -14.01
CA ASP BA 237 -80.73 -27.21 -13.05
C ASP BA 237 -81.41 -26.41 -11.94
N ARG BA 238 -81.69 -25.13 -12.17
CA ARG BA 238 -82.35 -24.30 -11.17
C ARG BA 238 -83.44 -23.47 -11.84
N VAL BA 239 -84.50 -23.21 -11.09
CA VAL BA 239 -85.51 -22.23 -11.47
C VAL BA 239 -85.82 -21.39 -10.24
N THR BA 240 -85.71 -20.07 -10.39
CA THR BA 240 -85.99 -19.14 -9.31
C THR BA 240 -87.28 -18.41 -9.63
N THR BA 241 -88.30 -18.62 -8.80
CA THR BA 241 -89.60 -17.99 -8.98
C THR BA 241 -89.75 -16.88 -7.94
N THR BA 242 -90.14 -15.69 -8.41
CA THR BA 242 -90.37 -14.54 -7.55
C THR BA 242 -91.80 -14.05 -7.74
N SER BA 243 -92.46 -13.71 -6.65
CA SER BA 243 -93.85 -13.27 -6.70
C SER BA 243 -94.02 -12.04 -5.80
N THR BA 244 -94.82 -11.09 -6.27
CA THR BA 244 -95.19 -9.92 -5.48
C THR BA 244 -96.70 -9.78 -5.46
N ARG BA 245 -97.25 -9.48 -4.29
CA ARG BA 245 -98.68 -9.31 -4.11
C ARG BA 245 -98.94 -8.10 -3.24
N THR BA 246 -100.16 -7.57 -3.34
CA THR BA 246 -100.61 -6.48 -2.48
C THR BA 246 -101.53 -7.06 -1.42
N TRP BA 247 -101.21 -6.80 -0.15
CA TRP BA 247 -101.95 -7.36 0.97
C TRP BA 247 -102.64 -6.26 1.76
N ALA BA 248 -103.72 -6.65 2.45
CA ALA BA 248 -104.44 -5.77 3.35
C ALA BA 248 -104.56 -6.45 4.70
N LEU BA 249 -104.16 -5.76 5.75
CA LEU BA 249 -104.16 -6.31 7.11
C LEU BA 249 -105.08 -5.49 8.00
N PRO BA 250 -106.22 -6.01 8.42
CA PRO BA 250 -107.10 -5.28 9.33
C PRO BA 250 -106.62 -5.42 10.77
N THR BA 251 -107.40 -4.86 11.69
CA THR BA 251 -107.19 -5.06 13.11
C THR BA 251 -108.03 -6.25 13.55
N TYR BA 252 -107.38 -7.24 14.14
CA TYR BA 252 -108.03 -8.49 14.51
C TYR BA 252 -108.31 -8.53 16.01
N ASN BA 253 -109.53 -8.95 16.35
CA ASN BA 253 -109.98 -9.12 17.73
C ASN BA 253 -109.96 -7.82 18.52
N ASN BA 254 -109.88 -6.68 17.83
CA ASN BA 254 -109.76 -5.37 18.47
C ASN BA 254 -108.56 -5.33 19.42
N HIS BA 255 -107.42 -5.79 18.90
CA HIS BA 255 -106.13 -5.81 19.61
C HIS BA 255 -106.13 -6.70 20.84
N LEU BA 256 -106.96 -7.74 20.86
CA LEU BA 256 -107.12 -8.57 22.04
C LEU BA 256 -106.79 -10.03 21.76
N TYR BA 257 -106.43 -10.75 22.82
CA TYR BA 257 -106.28 -12.22 22.71
C TYR BA 257 -107.55 -12.76 23.36
N LYS BA 258 -108.27 -13.64 22.70
CA LYS BA 258 -109.52 -14.20 23.16
C LYS BA 258 -109.41 -15.71 23.22
N GLN BA 259 -109.76 -16.28 24.37
CA GLN BA 259 -109.83 -17.73 24.50
C GLN BA 259 -111.01 -18.25 23.69
N ILE BA 260 -110.77 -19.26 22.87
CA ILE BA 260 -111.80 -19.85 22.02
C ILE BA 260 -111.90 -21.33 22.34
N SER BA 261 -113.08 -21.89 22.11
CA SER BA 261 -113.32 -23.30 22.37
C SER BA 261 -114.52 -23.74 21.54
N SER BA 262 -114.70 -25.05 21.45
CA SER BA 262 -115.83 -25.61 20.73
C SER BA 262 -117.14 -25.23 21.41
N GLN BA 263 -118.18 -25.13 20.59
CA GLN BA 263 -119.49 -24.71 21.12
C GLN BA 263 -120.03 -25.82 22.00
N SER BA 264 -120.80 -25.44 23.02
CA SER BA 264 -121.48 -26.46 23.85
C SER BA 264 -122.46 -27.22 22.95
N GLY BA 265 -122.59 -28.52 23.17
CA GLY BA 265 -123.43 -29.38 22.38
C GLY BA 265 -122.76 -30.02 21.19
N ALA BA 266 -121.52 -29.66 20.90
CA ALA BA 266 -120.77 -30.27 19.82
C ALA BA 266 -120.42 -31.72 20.18
N SER BA 267 -120.19 -32.53 19.15
CA SER BA 267 -119.79 -33.90 19.37
C SER BA 267 -118.37 -33.94 19.96
N ASN BA 268 -118.03 -35.09 20.54
CA ASN BA 268 -116.71 -35.23 21.15
C ASN BA 268 -115.60 -35.12 20.11
N ASP BA 269 -115.85 -35.60 18.88
CA ASP BA 269 -114.84 -35.50 17.83
C ASP BA 269 -114.55 -34.06 17.43
N ASN BA 270 -115.53 -33.17 17.62
CA ASN BA 270 -115.40 -31.78 17.21
C ASN BA 270 -115.02 -30.85 18.36
N HIS BA 271 -114.75 -31.38 19.55
CA HIS BA 271 -114.37 -30.55 20.68
C HIS BA 271 -112.95 -30.03 20.52
N TYR BA 272 -112.74 -28.78 20.91
CA TYR BA 272 -111.41 -28.18 20.82
C TYR BA 272 -111.30 -27.03 21.81
N PHE BA 273 -110.07 -26.64 22.09
CA PHE BA 273 -109.76 -25.50 22.93
C PHE BA 273 -108.52 -24.82 22.37
N GLY BA 274 -108.52 -23.50 22.38
CA GLY BA 274 -107.39 -22.77 21.83
C GLY BA 274 -107.51 -21.28 22.11
N TYR BA 275 -106.68 -20.52 21.42
CA TYR BA 275 -106.65 -19.07 21.59
C TYR BA 275 -106.62 -18.38 20.24
N SER BA 276 -107.31 -17.25 20.14
CA SER BA 276 -107.30 -16.41 18.96
C SER BA 276 -106.44 -15.18 19.23
N THR BA 277 -105.51 -14.91 18.34
CA THR BA 277 -104.57 -13.81 18.53
C THR BA 277 -104.93 -12.63 17.62
N PRO BA 278 -104.55 -11.42 18.00
CA PRO BA 278 -104.78 -10.26 17.12
C PRO BA 278 -103.82 -10.16 15.96
N TRP BA 279 -102.93 -11.13 15.79
CA TRP BA 279 -101.93 -11.11 14.74
C TRP BA 279 -102.45 -11.80 13.48
N GLY BA 280 -101.84 -11.44 12.36
CA GLY BA 280 -102.03 -12.15 11.11
C GLY BA 280 -100.73 -12.85 10.72
N TYR BA 281 -100.82 -13.66 9.66
CA TYR BA 281 -99.66 -14.38 9.18
C TYR BA 281 -99.67 -14.43 7.67
N PHE BA 282 -98.47 -14.45 7.08
CA PHE BA 282 -98.31 -14.52 5.63
C PHE BA 282 -98.10 -15.96 5.22
N ASP BA 283 -98.99 -16.48 4.37
CA ASP BA 283 -98.96 -17.85 3.92
C ASP BA 283 -98.68 -17.89 2.43
N PHE BA 284 -97.63 -18.62 2.03
CA PHE BA 284 -97.36 -18.89 0.63
C PHE BA 284 -97.07 -20.37 0.43
N ASN BA 285 -97.74 -21.23 1.19
CA ASN BA 285 -97.53 -22.67 1.12
C ASN BA 285 -98.44 -23.34 0.08
N ARG BA 286 -98.44 -22.78 -1.13
CA ARG BA 286 -99.16 -23.36 -2.26
C ARG BA 286 -98.34 -23.07 -3.50
N PHE BA 287 -98.31 -24.01 -4.45
CA PHE BA 287 -97.42 -23.85 -5.63
C PHE BA 287 -97.87 -22.70 -6.53
N HIS BA 288 -99.17 -22.42 -6.59
CA HIS BA 288 -99.72 -21.36 -7.46
C HIS BA 288 -99.23 -19.97 -6.99
N CYS BA 289 -98.72 -19.88 -5.77
CA CYS BA 289 -98.22 -18.60 -5.20
C CYS BA 289 -96.87 -18.25 -5.83
N HIS BA 290 -96.20 -19.22 -6.45
CA HIS BA 290 -94.88 -19.00 -7.03
C HIS BA 290 -94.78 -19.38 -8.50
N PHE BA 291 -95.55 -20.36 -8.96
CA PHE BA 291 -95.48 -20.84 -10.33
C PHE BA 291 -96.71 -20.38 -11.11
N SER BA 292 -96.47 -19.77 -12.26
CA SER BA 292 -97.54 -19.54 -13.22
C SER BA 292 -97.90 -20.86 -13.89
N PRO BA 293 -99.09 -20.96 -14.48
CA PRO BA 293 -99.44 -22.21 -15.19
C PRO BA 293 -98.45 -22.57 -16.29
N ARG BA 294 -97.93 -21.58 -17.03
CA ARG BA 294 -96.88 -21.86 -18.00
C ARG BA 294 -95.61 -22.35 -17.31
N ASP BA 295 -95.27 -21.76 -16.16
CA ASP BA 295 -94.13 -22.23 -15.38
C ASP BA 295 -94.33 -23.66 -14.91
N TRP BA 296 -95.54 -23.99 -14.46
CA TRP BA 296 -95.84 -25.36 -14.05
C TRP BA 296 -95.72 -26.32 -15.22
N GLN BA 297 -96.23 -25.94 -16.40
CA GLN BA 297 -96.12 -26.81 -17.56
C GLN BA 297 -94.67 -27.01 -17.97
N ARG BA 298 -93.87 -25.95 -17.90
CA ARG BA 298 -92.44 -26.07 -18.17
C ARG BA 298 -91.74 -26.97 -17.16
N LEU BA 299 -92.17 -26.92 -15.91
CA LEU BA 299 -91.55 -27.74 -14.88
C LEU BA 299 -91.91 -29.22 -15.04
N ILE BA 300 -93.19 -29.52 -15.26
CA ILE BA 300 -93.64 -30.91 -15.19
C ILE BA 300 -93.42 -31.67 -16.49
N ASN BA 301 -93.27 -30.98 -17.61
CA ASN BA 301 -93.07 -31.66 -18.89
C ASN BA 301 -91.62 -31.96 -19.20
N ASN BA 302 -90.68 -31.50 -18.38
CA ASN BA 302 -89.27 -31.60 -18.71
C ASN BA 302 -88.39 -32.11 -17.57
N ASN BA 303 -88.91 -32.24 -16.36
CA ASN BA 303 -88.10 -32.60 -15.20
C ASN BA 303 -88.65 -33.85 -14.54
N TRP BA 304 -87.73 -34.70 -14.07
CA TRP BA 304 -88.06 -35.88 -13.32
C TRP BA 304 -88.20 -35.63 -11.82
N GLY BA 305 -87.88 -34.42 -11.37
CA GLY BA 305 -88.00 -34.10 -9.96
C GLY BA 305 -87.63 -32.65 -9.70
N PHE BA 306 -88.05 -32.18 -8.52
CA PHE BA 306 -87.71 -30.83 -8.09
C PHE BA 306 -87.84 -30.76 -6.57
N ARG BA 307 -87.17 -29.77 -5.99
CA ARG BA 307 -87.20 -29.54 -4.56
C ARG BA 307 -86.80 -28.10 -4.28
N PRO BA 308 -87.34 -27.49 -3.22
CA PRO BA 308 -86.92 -26.13 -2.86
C PRO BA 308 -85.56 -26.11 -2.22
N LYS BA 309 -84.83 -25.01 -2.45
CA LYS BA 309 -83.48 -24.83 -1.98
C LYS BA 309 -83.34 -23.70 -0.98
N ARG BA 310 -83.82 -22.51 -1.31
CA ARG BA 310 -83.77 -21.37 -0.41
C ARG BA 310 -84.86 -20.38 -0.81
N LEU BA 311 -85.22 -19.50 0.12
CA LEU BA 311 -86.24 -18.50 -0.14
C LEU BA 311 -85.81 -17.16 0.42
N ASN BA 312 -86.38 -16.09 -0.16
CA ASN BA 312 -86.15 -14.70 0.32
C ASN BA 312 -87.53 -14.06 0.45
N PHE BA 313 -87.78 -13.32 1.52
CA PHE BA 313 -89.06 -12.73 1.83
C PHE BA 313 -88.87 -11.23 2.09
N LYS BA 314 -89.83 -10.45 1.60
CA LYS BA 314 -89.74 -9.00 1.81
C LYS BA 314 -91.11 -8.33 1.99
N LEU BA 315 -91.22 -7.44 2.97
CA LEU BA 315 -92.39 -6.58 3.14
C LEU BA 315 -91.94 -5.14 2.93
N PHE BA 316 -92.69 -4.38 2.13
CA PHE BA 316 -92.26 -3.04 1.77
C PHE BA 316 -93.47 -2.22 1.37
N ASN BA 317 -93.24 -0.92 1.19
CA ASN BA 317 -94.28 0.04 0.80
C ASN BA 317 -95.47 -0.05 1.75
N ILE BA 318 -95.17 -0.05 3.04
CA ILE BA 318 -96.19 -0.24 4.07
C ILE BA 318 -96.91 1.08 4.32
N GLN BA 319 -98.24 1.05 4.20
CA GLN BA 319 -99.09 2.21 4.44
C GLN BA 319 -100.09 1.88 5.53
N VAL BA 320 -100.16 2.71 6.55
CA VAL BA 320 -101.14 2.55 7.61
C VAL BA 320 -102.25 3.59 7.37
N LYS BA 321 -103.47 3.11 7.24
CA LYS BA 321 -104.62 3.95 6.96
C LYS BA 321 -105.52 4.01 8.18
N GLU BA 322 -105.89 5.23 8.59
CA GLU BA 322 -106.82 5.43 9.70
C GLU BA 322 -108.22 5.60 9.15
N VAL BA 323 -109.16 4.83 9.69
CA VAL BA 323 -110.56 4.83 9.26
C VAL BA 323 -111.40 5.49 10.34
N THR BA 324 -112.21 6.46 9.94
CA THR BA 324 -113.14 7.12 10.84
C THR BA 324 -114.54 7.08 10.24
N GLN BA 325 -115.54 7.12 11.11
CA GLN BA 325 -116.94 7.04 10.68
C GLN BA 325 -117.73 8.08 11.48
N ASN BA 326 -118.12 9.17 10.82
CA ASN BA 326 -118.85 10.25 11.46
C ASN BA 326 -120.13 10.51 10.68
N ASP BA 327 -121.27 10.39 11.37
CA ASP BA 327 -122.59 10.63 10.79
C ASP BA 327 -122.82 9.78 9.54
N GLY BA 328 -122.39 8.52 9.58
CA GLY BA 328 -122.61 7.60 8.49
C GLY BA 328 -121.66 7.72 7.33
N THR BA 329 -120.59 8.50 7.46
CA THR BA 329 -119.62 8.68 6.39
C THR BA 329 -118.30 8.00 6.76
N THR BA 330 -117.79 7.19 5.85
CA THR BA 330 -116.52 6.50 6.04
C THR BA 330 -115.41 7.30 5.37
N THR BA 331 -114.48 7.81 6.19
CA THR BA 331 -113.37 8.61 5.71
C THR BA 331 -112.07 7.89 6.04
N ILE BA 332 -111.21 7.74 5.03
CA ILE BA 332 -109.93 7.06 5.17
C ILE BA 332 -108.82 8.06 4.90
N ALA BA 333 -107.88 8.16 5.83
CA ALA BA 333 -106.75 9.07 5.72
C ALA BA 333 -105.48 8.35 6.11
N ASN BA 334 -104.35 8.87 5.62
CA ASN BA 334 -103.06 8.27 5.94
C ASN BA 334 -102.68 8.51 7.39
N ASN BA 335 -101.96 7.55 7.96
CA ASN BA 335 -101.36 7.67 9.28
C ASN BA 335 -99.87 7.40 9.11
N LEU BA 336 -99.09 8.46 8.95
CA LEU BA 336 -97.67 8.30 8.64
C LEU BA 336 -96.82 7.95 9.85
N THR BA 337 -97.37 8.02 11.06
CA THR BA 337 -96.60 7.73 12.26
C THR BA 337 -96.92 6.38 12.88
N SER BA 338 -97.93 5.67 12.38
CA SER BA 338 -98.26 4.37 12.92
C SER BA 338 -97.31 3.30 12.37
N THR BA 339 -97.19 2.22 13.12
CA THR BA 339 -96.28 1.13 12.79
C THR BA 339 -97.04 -0.18 12.62
N VAL BA 340 -96.35 -1.16 12.03
CA VAL BA 340 -96.80 -2.53 12.00
C VAL BA 340 -95.67 -3.41 12.54
N GLN BA 341 -96.02 -4.36 13.39
CA GLN BA 341 -95.06 -5.25 14.02
C GLN BA 341 -94.93 -6.53 13.21
N VAL BA 342 -93.71 -6.86 12.81
CA VAL BA 342 -93.43 -8.06 12.01
C VAL BA 342 -92.30 -8.83 12.67
N PHE BA 343 -92.50 -10.14 12.83
CA PHE BA 343 -91.42 -11.01 13.27
C PHE BA 343 -91.63 -12.39 12.69
N THR BA 344 -90.52 -13.11 12.53
CA THR BA 344 -90.53 -14.48 12.03
C THR BA 344 -90.23 -15.43 13.18
N ASP BA 345 -91.03 -16.50 13.29
CA ASP BA 345 -90.85 -17.50 14.33
C ASP BA 345 -89.77 -18.49 13.90
N SER BA 346 -88.52 -18.02 13.88
CA SER BA 346 -87.40 -18.85 13.37
C SER BA 346 -86.97 -19.92 14.37
N GLU BA 347 -87.36 -19.78 15.64
CA GLU BA 347 -87.06 -20.82 16.61
C GLU BA 347 -88.20 -21.80 16.79
N TYR BA 348 -89.31 -21.64 16.05
CA TYR BA 348 -90.44 -22.56 16.08
C TYR BA 348 -90.98 -22.74 17.49
N GLN BA 349 -91.12 -21.63 18.21
CA GLN BA 349 -91.68 -21.64 19.55
C GLN BA 349 -93.19 -21.46 19.58
N LEU BA 350 -93.80 -21.19 18.45
CA LEU BA 350 -95.25 -21.02 18.34
C LEU BA 350 -95.86 -22.22 17.62
N PRO BA 351 -97.13 -22.52 17.89
CA PRO BA 351 -97.80 -23.61 17.16
C PRO BA 351 -97.80 -23.34 15.66
N TYR BA 352 -97.31 -24.31 14.90
CA TYR BA 352 -97.16 -24.16 13.45
C TYR BA 352 -98.49 -24.47 12.79
N VAL BA 353 -99.21 -23.42 12.37
CA VAL BA 353 -100.50 -23.58 11.73
C VAL BA 353 -100.40 -23.62 10.21
N LEU BA 354 -99.24 -23.30 9.64
CA LEU BA 354 -99.02 -23.54 8.23
C LEU BA 354 -98.95 -25.03 7.95
N GLY BA 355 -99.30 -25.42 6.74
CA GLY BA 355 -99.33 -26.82 6.39
C GLY BA 355 -100.61 -27.55 6.75
N SER BA 356 -101.66 -26.82 7.14
CA SER BA 356 -102.98 -27.42 7.38
C SER BA 356 -103.96 -27.12 6.26
N ALA BA 357 -103.46 -26.70 5.10
CA ALA BA 357 -104.29 -26.41 3.92
C ALA BA 357 -105.34 -25.35 4.21
N HIS BA 358 -104.88 -24.24 4.80
CA HIS BA 358 -105.77 -23.14 5.18
C HIS BA 358 -105.82 -22.09 4.08
N GLN BA 359 -106.97 -21.42 3.99
CA GLN BA 359 -107.15 -20.32 3.06
C GLN BA 359 -106.41 -19.08 3.55
N GLY BA 360 -106.23 -18.13 2.64
CA GLY BA 360 -105.51 -16.91 2.96
C GLY BA 360 -104.12 -16.81 2.37
N CYS BA 361 -103.77 -17.67 1.43
CA CYS BA 361 -102.45 -17.64 0.82
C CYS BA 361 -102.33 -16.47 -0.15
N LEU BA 362 -101.15 -16.36 -0.75
CA LEU BA 362 -100.96 -15.40 -1.83
C LEU BA 362 -101.78 -15.84 -3.03
N PRO BA 363 -102.60 -14.96 -3.60
CA PRO BA 363 -103.48 -15.39 -4.69
C PRO BA 363 -102.67 -15.83 -5.89
N PRO BA 364 -103.17 -16.81 -6.64
CA PRO BA 364 -102.41 -17.29 -7.81
C PRO BA 364 -102.19 -16.23 -8.87
N PHE BA 365 -103.15 -15.33 -9.06
CA PHE BA 365 -103.00 -14.25 -10.04
C PHE BA 365 -102.28 -13.07 -9.42
N PRO BA 366 -101.17 -12.61 -10.01
CA PRO BA 366 -100.39 -11.54 -9.39
C PRO BA 366 -101.13 -10.22 -9.22
N ALA BA 367 -102.23 -10.01 -9.94
CA ALA BA 367 -102.97 -8.76 -9.87
C ALA BA 367 -104.01 -8.73 -8.76
N ASP BA 368 -104.22 -9.83 -8.06
CA ASP BA 368 -105.24 -9.91 -7.01
C ASP BA 368 -104.70 -9.41 -5.68
N VAL BA 369 -105.56 -8.71 -4.94
CA VAL BA 369 -105.23 -8.21 -3.60
C VAL BA 369 -105.91 -9.11 -2.58
N PHE BA 370 -105.16 -9.52 -1.56
CA PHE BA 370 -105.63 -10.50 -0.59
C PHE BA 370 -105.54 -9.97 0.83
N MET BA 371 -106.45 -10.45 1.67
CA MET BA 371 -106.44 -10.14 3.09
C MET BA 371 -105.54 -11.11 3.84
N VAL BA 372 -104.83 -10.59 4.83
CA VAL BA 372 -103.93 -11.40 5.65
C VAL BA 372 -104.74 -12.21 6.63
N PRO BA 373 -104.62 -13.53 6.64
CA PRO BA 373 -105.45 -14.35 7.55
C PRO BA 373 -105.06 -14.16 9.01
N GLN BA 374 -106.05 -14.31 9.88
CA GLN BA 374 -105.84 -14.16 11.31
C GLN BA 374 -105.16 -15.40 11.89
N TYR BA 375 -104.17 -15.19 12.73
CA TYR BA 375 -103.43 -16.29 13.35
C TYR BA 375 -104.16 -16.79 14.58
N GLY BA 376 -104.23 -18.12 14.71
CA GLY BA 376 -104.83 -18.75 15.87
C GLY BA 376 -104.33 -20.16 15.98
N TYR BA 377 -104.35 -20.68 17.21
CA TYR BA 377 -103.81 -22.00 17.47
C TYR BA 377 -104.71 -22.74 18.46
N LEU BA 378 -104.59 -24.05 18.46
CA LEU BA 378 -105.29 -24.91 19.39
C LEU BA 378 -104.30 -25.60 20.32
N THR BA 379 -104.76 -25.84 21.55
CA THR BA 379 -103.94 -26.54 22.53
C THR BA 379 -104.74 -27.71 23.09
N LEU BA 380 -104.22 -28.36 24.12
CA LEU BA 380 -104.88 -29.55 24.71
C LEU BA 380 -106.26 -29.18 25.23
N ASN BA 381 -107.23 -30.07 25.06
CA ASN BA 381 -108.59 -29.82 25.58
C ASN BA 381 -109.19 -31.10 26.15
N ASN BA 382 -109.92 -30.99 27.26
CA ASN BA 382 -110.70 -32.14 27.78
C ASN BA 382 -112.14 -31.74 27.49
N GLY BA 383 -112.62 -32.00 26.27
CA GLY BA 383 -113.95 -31.50 25.91
C GLY BA 383 -113.82 -30.05 25.47
N SER BA 384 -114.76 -29.19 25.88
CA SER BA 384 -114.63 -27.77 25.58
C SER BA 384 -113.72 -27.03 26.55
N GLN BA 385 -113.28 -27.70 27.62
CA GLN BA 385 -112.42 -27.09 28.63
C GLN BA 385 -110.96 -27.36 28.32
N ALA BA 386 -110.09 -26.77 29.13
CA ALA BA 386 -108.66 -26.94 29.02
C ALA BA 386 -108.13 -27.81 30.16
N VAL BA 387 -106.89 -28.24 30.03
CA VAL BA 387 -106.19 -28.98 31.07
C VAL BA 387 -104.98 -28.19 31.53
N GLY BA 388 -104.32 -28.69 32.57
CA GLY BA 388 -103.16 -27.99 33.11
C GLY BA 388 -101.99 -27.95 32.14
N ARG BA 389 -101.93 -28.89 31.22
CA ARG BA 389 -100.85 -28.94 30.24
C ARG BA 389 -101.08 -28.02 29.05
N SER BA 390 -102.26 -27.42 28.93
CA SER BA 390 -102.54 -26.50 27.83
C SER BA 390 -101.62 -25.29 27.90
N SER BA 391 -101.12 -24.87 26.75
CA SER BA 391 -100.14 -23.79 26.64
C SER BA 391 -100.80 -22.54 26.07
N PHE BA 392 -100.44 -21.39 26.64
CA PHE BA 392 -100.86 -20.09 26.15
C PHE BA 392 -99.64 -19.34 25.65
N TYR BA 393 -99.78 -18.69 24.49
CA TYR BA 393 -98.68 -17.97 23.87
C TYR BA 393 -99.10 -16.54 23.59
N CYS BA 394 -98.32 -15.59 24.10
CA CYS BA 394 -98.46 -14.18 23.78
C CYS BA 394 -97.41 -13.82 22.74
N LEU BA 395 -97.88 -13.38 21.57
CA LEU BA 395 -96.97 -13.07 20.47
C LEU BA 395 -96.25 -11.75 20.65
N GLU BA 396 -96.69 -10.91 21.59
CA GLU BA 396 -95.95 -9.70 21.94
C GLU BA 396 -94.79 -10.00 22.86
N TYR BA 397 -94.62 -11.26 23.29
CA TYR BA 397 -93.49 -11.68 24.16
C TYR BA 397 -92.31 -12.08 23.28
N PHE BA 398 -92.44 -11.93 21.97
CA PHE BA 398 -91.40 -12.14 20.99
C PHE BA 398 -90.83 -10.80 20.54
N PRO BA 399 -89.53 -10.74 20.24
CA PRO BA 399 -88.98 -9.52 19.65
C PRO BA 399 -89.48 -9.34 18.22
N SER BA 400 -90.08 -8.19 17.94
CA SER BA 400 -90.63 -7.90 16.63
C SER BA 400 -90.07 -6.58 16.12
N GLN BA 401 -90.08 -6.43 14.80
CA GLN BA 401 -89.58 -5.23 14.15
C GLN BA 401 -90.75 -4.32 13.83
N MET BA 402 -90.63 -3.05 14.24
CA MET BA 402 -91.67 -2.06 14.04
C MET BA 402 -91.37 -1.26 12.77
N LEU BA 403 -92.36 -1.17 11.89
CA LEU BA 403 -92.17 -0.59 10.57
C LEU BA 403 -93.17 0.54 10.36
N ARG BA 404 -92.65 1.76 10.16
CA ARG BA 404 -93.47 2.88 9.74
C ARG BA 404 -93.56 2.89 8.22
N THR BA 405 -94.25 3.89 7.67
CA THR BA 405 -94.26 4.06 6.20
C THR BA 405 -92.85 4.49 5.80
N GLY BA 406 -92.19 3.70 4.99
CA GLY BA 406 -90.81 3.92 4.60
C GLY BA 406 -89.84 2.89 5.13
N ASN BA 407 -90.27 2.03 6.05
CA ASN BA 407 -89.46 0.93 6.53
C ASN BA 407 -89.85 -0.36 5.80
N ASN BA 408 -88.88 -1.26 5.66
CA ASN BA 408 -89.12 -2.54 5.03
C ASN BA 408 -88.58 -3.66 5.91
N PHE BA 409 -89.09 -4.86 5.68
CA PHE BA 409 -88.71 -6.05 6.41
C PHE BA 409 -88.21 -7.08 5.41
N THR BA 410 -87.19 -7.85 5.81
CA THR BA 410 -86.69 -8.90 4.94
C THR BA 410 -86.04 -9.99 5.79
N PHE BA 411 -86.04 -11.20 5.25
CA PHE BA 411 -85.30 -12.31 5.87
C PHE BA 411 -85.10 -13.39 4.81
N SER BA 412 -84.04 -14.18 5.01
CA SER BA 412 -83.68 -15.26 4.11
C SER BA 412 -83.71 -16.58 4.85
N TYR BA 413 -84.13 -17.63 4.15
CA TYR BA 413 -84.26 -18.96 4.73
C TYR BA 413 -83.68 -19.97 3.75
N THR BA 414 -83.02 -21.00 4.30
CA THR BA 414 -82.48 -22.08 3.49
C THR BA 414 -83.21 -23.37 3.84
N PHE BA 415 -83.76 -24.02 2.81
CA PHE BA 415 -84.41 -25.30 3.02
C PHE BA 415 -83.39 -26.37 3.38
N GLU BA 416 -83.81 -27.29 4.25
CA GLU BA 416 -82.98 -28.45 4.53
C GLU BA 416 -83.00 -29.40 3.33
N ASP BA 417 -82.06 -30.34 3.34
CA ASP BA 417 -81.98 -31.33 2.26
C ASP BA 417 -83.20 -32.23 2.31
N VAL BA 418 -83.92 -32.29 1.19
CA VAL BA 418 -85.12 -33.12 1.10
C VAL BA 418 -85.08 -33.89 -0.21
N PRO BA 419 -85.75 -35.03 -0.29
CA PRO BA 419 -85.78 -35.79 -1.54
C PRO BA 419 -86.49 -35.01 -2.64
N PHE BA 420 -86.05 -35.22 -3.88
CA PHE BA 420 -86.75 -34.67 -5.02
C PHE BA 420 -88.16 -35.26 -5.10
N HIS BA 421 -89.13 -34.41 -5.40
CA HIS BA 421 -90.48 -34.92 -5.65
C HIS BA 421 -90.48 -35.76 -6.91
N SER BA 422 -91.15 -36.92 -6.82
CA SER BA 422 -91.23 -37.85 -7.97
C SER BA 422 -92.22 -37.32 -9.01
N SER BA 423 -91.77 -36.37 -9.84
CA SER BA 423 -92.62 -35.82 -10.89
C SER BA 423 -92.59 -36.68 -12.15
N TYR BA 424 -92.87 -37.97 -11.96
CA TYR BA 424 -92.88 -38.94 -13.05
C TYR BA 424 -93.85 -40.05 -12.70
N ALA BA 425 -94.30 -40.75 -13.72
CA ALA BA 425 -95.10 -41.96 -13.57
C ALA BA 425 -94.30 -43.16 -14.06
N HIS BA 426 -94.33 -44.24 -13.29
CA HIS BA 426 -93.59 -45.44 -13.68
C HIS BA 426 -94.20 -46.06 -14.92
N SER BA 427 -93.35 -46.39 -15.90
CA SER BA 427 -93.78 -47.07 -17.11
C SER BA 427 -93.75 -48.59 -16.95
N GLN BA 428 -93.39 -49.09 -15.78
CA GLN BA 428 -93.45 -50.50 -15.46
C GLN BA 428 -94.29 -50.71 -14.21
N SER BA 429 -94.94 -51.86 -14.13
CA SER BA 429 -95.68 -52.24 -12.95
C SER BA 429 -94.81 -53.13 -12.06
N LEU BA 430 -95.06 -53.06 -10.76
CA LEU BA 430 -94.24 -53.83 -9.81
C LEU BA 430 -94.41 -55.32 -9.99
N ASP BA 431 -95.52 -55.77 -10.59
CA ASP BA 431 -95.77 -57.23 -10.78
C ASP BA 431 -95.38 -57.65 -12.20
N ARG BA 432 -94.79 -56.75 -12.98
CA ARG BA 432 -94.39 -57.03 -14.36
C ARG BA 432 -92.96 -56.58 -14.61
N LEU BA 433 -92.06 -56.92 -13.69
CA LEU BA 433 -90.66 -56.52 -13.77
C LEU BA 433 -89.76 -57.60 -14.34
N MET BA 434 -90.32 -58.70 -14.83
CA MET BA 434 -89.55 -59.84 -15.26
C MET BA 434 -89.29 -59.81 -16.76
N ASN BA 435 -88.54 -60.80 -17.24
CA ASN BA 435 -88.34 -61.02 -18.66
C ASN BA 435 -89.37 -62.01 -19.15
N PRO BA 436 -90.32 -61.61 -20.01
CA PRO BA 436 -91.39 -62.53 -20.41
C PRO BA 436 -90.93 -63.66 -21.30
N LEU BA 437 -89.71 -63.62 -21.81
CA LEU BA 437 -89.21 -64.63 -22.74
C LEU BA 437 -88.55 -65.82 -22.04
N ILE BA 438 -88.04 -65.63 -20.83
CA ILE BA 438 -87.26 -66.64 -20.14
C ILE BA 438 -88.03 -67.11 -18.91
N ASP BA 439 -88.10 -68.42 -18.73
CA ASP BA 439 -88.71 -68.98 -17.54
C ASP BA 439 -87.81 -68.77 -16.32
N GLN BA 440 -88.43 -68.81 -15.14
CA GLN BA 440 -87.68 -68.77 -13.90
C GLN BA 440 -87.14 -70.15 -13.56
N TYR BA 441 -86.01 -70.19 -12.87
CA TYR BA 441 -85.48 -71.44 -12.38
C TYR BA 441 -86.11 -71.87 -11.06
N LEU BA 442 -86.83 -70.97 -10.40
CA LEU BA 442 -87.51 -71.32 -9.16
C LEU BA 442 -88.84 -71.99 -9.45
N TYR BA 443 -89.27 -72.84 -8.53
CA TYR BA 443 -90.51 -73.59 -8.65
C TYR BA 443 -91.54 -73.05 -7.67
N TYR BA 444 -92.81 -73.18 -8.05
CA TYR BA 444 -93.92 -72.83 -7.18
C TYR BA 444 -94.93 -73.98 -7.19
N LEU BA 445 -95.65 -74.13 -6.09
CA LEU BA 445 -96.69 -75.14 -5.99
C LEU BA 445 -97.82 -74.79 -6.94
N SER BA 446 -97.96 -75.55 -8.02
CA SER BA 446 -98.95 -75.28 -9.05
C SER BA 446 -100.19 -76.14 -8.93
N ARG BA 447 -100.02 -77.37 -8.44
CA ARG BA 447 -101.19 -78.26 -8.26
C ARG BA 447 -101.16 -78.89 -6.87
N THR BA 448 -102.34 -79.16 -6.33
CA THR BA 448 -102.45 -79.79 -5.02
C THR BA 448 -103.12 -81.16 -5.07
N ASN BA 449 -103.61 -81.59 -6.22
CA ASN BA 449 -104.21 -82.92 -6.34
C ASN BA 449 -104.10 -83.38 -7.78
N THR BA 450 -104.32 -84.66 -7.99
CA THR BA 450 -104.32 -85.26 -9.32
C THR BA 450 -105.51 -86.19 -9.48
N PRO BA 451 -106.03 -86.41 -10.71
CA PRO BA 451 -107.12 -87.36 -10.90
C PRO BA 451 -106.65 -88.75 -10.45
N SER BA 452 -107.39 -89.37 -9.53
CA SER BA 452 -107.07 -90.76 -9.11
C SER BA 452 -108.32 -91.62 -9.25
N GLY BA 453 -108.26 -92.66 -10.08
CA GLY BA 453 -109.47 -93.46 -10.34
C GLY BA 453 -110.57 -92.58 -10.92
N THR BA 454 -111.75 -92.59 -10.30
CA THR BA 454 -112.86 -91.71 -10.75
C THR BA 454 -113.04 -90.60 -9.70
N THR BA 455 -112.18 -90.57 -8.69
CA THR BA 455 -112.23 -89.49 -7.67
C THR BA 455 -110.96 -88.63 -7.80
N THR BA 456 -110.54 -87.99 -6.71
CA THR BA 456 -109.27 -87.20 -6.73
C THR BA 456 -108.36 -87.67 -5.60
N GLN BA 457 -107.06 -87.48 -5.77
CA GLN BA 457 -106.10 -87.85 -4.72
C GLN BA 457 -105.14 -86.70 -4.50
N SER BA 458 -104.81 -86.44 -3.23
CA SER BA 458 -103.90 -85.35 -2.90
C SER BA 458 -102.50 -85.64 -3.42
N ARG BA 459 -101.93 -84.68 -4.13
CA ARG BA 459 -100.60 -84.83 -4.72
C ARG BA 459 -100.05 -83.46 -5.04
N LEU BA 460 -98.90 -83.13 -4.46
CA LEU BA 460 -98.29 -81.82 -4.68
C LEU BA 460 -97.44 -81.85 -5.96
N GLN BA 461 -97.59 -80.83 -6.79
CA GLN BA 461 -96.79 -80.66 -7.99
C GLN BA 461 -96.29 -79.23 -8.08
N PHE BA 462 -95.16 -79.06 -8.75
CA PHE BA 462 -94.49 -77.77 -8.82
C PHE BA 462 -94.13 -77.48 -10.28
N SER BA 463 -94.16 -76.19 -10.61
CA SER BA 463 -93.87 -75.73 -11.97
C SER BA 463 -92.97 -74.52 -11.92
N GLN BA 464 -92.25 -74.29 -13.02
CA GLN BA 464 -91.46 -73.09 -13.19
C GLN BA 464 -92.32 -72.04 -13.88
N ALA BA 465 -92.32 -70.82 -13.35
CA ALA BA 465 -93.20 -69.78 -13.83
C ALA BA 465 -92.60 -69.10 -15.06
N GLY BA 466 -93.44 -68.85 -16.06
CA GLY BA 466 -93.07 -68.13 -17.26
C GLY BA 466 -94.08 -67.05 -17.56
N ALA BA 467 -94.32 -66.83 -18.86
CA ALA BA 467 -95.26 -65.80 -19.28
C ALA BA 467 -96.71 -66.23 -19.14
N SER BA 468 -97.00 -67.50 -19.38
CA SER BA 468 -98.38 -67.97 -19.35
C SER BA 468 -98.95 -67.96 -17.94
N ASP BA 469 -98.12 -68.23 -16.93
CA ASP BA 469 -98.53 -68.19 -15.54
C ASP BA 469 -97.76 -67.10 -14.82
N ILE BA 470 -97.70 -65.92 -15.45
CA ILE BA 470 -96.89 -64.80 -14.98
C ILE BA 470 -97.28 -64.35 -13.59
N ARG BA 471 -98.51 -64.63 -13.14
CA ARG BA 471 -98.93 -64.21 -11.81
C ARG BA 471 -98.26 -64.99 -10.70
N ASP BA 472 -97.69 -66.15 -11.00
CA ASP BA 472 -97.09 -67.02 -9.99
C ASP BA 472 -95.58 -66.85 -9.88
N GLN BA 473 -95.00 -65.88 -10.60
CA GLN BA 473 -93.56 -65.72 -10.60
C GLN BA 473 -93.06 -65.25 -9.24
N SER BA 474 -91.91 -65.76 -8.82
CA SER BA 474 -91.28 -65.31 -7.59
C SER BA 474 -90.77 -63.89 -7.76
N ARG BA 475 -91.01 -63.05 -6.76
CA ARG BA 475 -90.71 -61.63 -6.84
C ARG BA 475 -89.95 -61.19 -5.60
N ASN BA 476 -89.26 -60.06 -5.73
CA ASN BA 476 -88.41 -59.55 -4.68
C ASN BA 476 -89.06 -58.43 -3.87
N TRP BA 477 -90.15 -57.85 -4.34
CA TRP BA 477 -90.72 -56.65 -3.74
C TRP BA 477 -92.23 -56.80 -3.58
N LEU BA 478 -92.81 -55.91 -2.79
CA LEU BA 478 -94.22 -55.89 -2.46
C LEU BA 478 -94.78 -54.49 -2.66
N PRO BA 479 -96.08 -54.39 -2.95
CA PRO BA 479 -96.70 -53.06 -3.04
C PRO BA 479 -96.77 -52.37 -1.69
N GLY BA 480 -96.82 -51.04 -1.73
CA GLY BA 480 -96.77 -50.24 -0.53
C GLY BA 480 -97.94 -50.45 0.41
N PRO BA 481 -97.90 -49.79 1.57
CA PRO BA 481 -98.93 -50.02 2.58
C PRO BA 481 -100.28 -49.45 2.17
N CYS BA 482 -101.30 -49.98 2.84
CA CYS BA 482 -102.70 -49.68 2.48
C CYS BA 482 -103.54 -49.36 3.70
N TYR BA 483 -104.54 -48.49 3.55
CA TYR BA 483 -105.53 -48.22 4.59
C TYR BA 483 -106.85 -47.99 3.87
N ARG BA 484 -107.66 -49.04 3.76
CA ARG BA 484 -108.72 -49.09 2.76
C ARG BA 484 -109.72 -47.95 2.93
N GLN BA 485 -110.14 -47.39 1.80
CA GLN BA 485 -111.14 -46.34 1.74
C GLN BA 485 -112.40 -46.85 1.06
N GLN BA 486 -113.53 -46.26 1.39
CA GLN BA 486 -114.77 -46.59 0.72
C GLN BA 486 -114.77 -46.00 -0.69
N ARG BA 487 -115.38 -46.74 -1.62
CA ARG BA 487 -115.43 -46.34 -3.02
C ARG BA 487 -116.72 -45.59 -3.30
N VAL BA 488 -116.56 -44.40 -3.89
CA VAL BA 488 -117.71 -43.56 -4.30
C VAL BA 488 -117.56 -43.32 -5.80
N SER BA 489 -118.67 -43.09 -6.50
CA SER BA 489 -118.68 -42.88 -7.94
C SER BA 489 -119.08 -41.45 -8.26
N LYS BA 490 -118.47 -40.90 -9.31
CA LYS BA 490 -118.81 -39.52 -9.76
C LYS BA 490 -120.22 -39.55 -10.37
N THR BA 491 -120.65 -40.68 -10.91
CA THR BA 491 -122.05 -40.84 -11.39
C THR BA 491 -122.91 -41.02 -10.15
N SER BA 492 -123.80 -40.07 -9.85
CA SER BA 492 -124.58 -40.13 -8.58
C SER BA 492 -125.42 -41.40 -8.45
N ALA BA 493 -126.14 -41.80 -9.49
CA ALA BA 493 -127.03 -42.95 -9.37
C ALA BA 493 -126.29 -44.20 -8.92
N ASP BA 494 -124.99 -44.29 -9.19
CA ASP BA 494 -124.22 -45.47 -8.85
C ASP BA 494 -123.97 -45.61 -7.35
N ASN BA 495 -124.21 -44.56 -6.57
CA ASN BA 495 -123.92 -44.57 -5.15
C ASN BA 495 -125.12 -45.07 -4.35
N ASN BA 496 -124.85 -45.56 -3.15
CA ASN BA 496 -125.89 -46.03 -2.27
C ASN BA 496 -126.77 -44.87 -1.81
N ASN BA 497 -128.07 -45.11 -1.73
CA ASN BA 497 -129.04 -44.08 -1.34
C ASN BA 497 -129.13 -44.04 0.18
N SER BA 498 -128.07 -43.52 0.81
CA SER BA 498 -128.00 -43.40 2.25
C SER BA 498 -126.95 -42.35 2.59
N GLU BA 499 -126.94 -41.96 3.88
CA GLU BA 499 -125.93 -41.00 4.37
C GLU BA 499 -124.79 -41.82 4.98
N TYR BA 500 -123.68 -41.94 4.25
CA TYR BA 500 -122.55 -42.74 4.68
C TYR BA 500 -121.23 -41.95 4.65
N SER BA 501 -121.31 -40.62 4.71
CA SER BA 501 -120.09 -39.83 4.68
C SER BA 501 -119.27 -39.99 5.96
N TRP BA 502 -119.86 -40.47 7.04
CA TRP BA 502 -119.15 -40.72 8.28
C TRP BA 502 -119.21 -42.16 8.74
N THR BA 503 -120.36 -42.83 8.58
CA THR BA 503 -120.45 -44.23 8.98
C THR BA 503 -119.53 -45.11 8.16
N GLY BA 504 -119.46 -44.87 6.85
CA GLY BA 504 -118.57 -45.59 5.97
C GLY BA 504 -117.22 -44.94 5.78
N ALA BA 505 -116.92 -43.89 6.54
CA ALA BA 505 -115.67 -43.16 6.39
C ALA BA 505 -114.51 -43.92 7.04
N THR BA 506 -113.31 -43.67 6.52
CA THR BA 506 -112.09 -44.22 7.08
C THR BA 506 -111.56 -43.28 8.15
N LYS BA 507 -111.37 -43.79 9.36
CA LYS BA 507 -111.09 -42.96 10.53
C LYS BA 507 -109.93 -43.54 11.32
N TYR BA 508 -109.27 -42.66 12.07
CA TYR BA 508 -108.31 -43.07 13.09
C TYR BA 508 -108.78 -42.56 14.45
N HIS BA 509 -108.54 -43.35 15.48
CA HIS BA 509 -109.02 -43.09 16.83
C HIS BA 509 -107.86 -42.58 17.67
N LEU BA 510 -108.04 -41.42 18.28
CA LEU BA 510 -106.99 -40.78 19.08
C LEU BA 510 -107.63 -40.11 20.29
N ASN BA 511 -107.30 -40.60 21.49
CA ASN BA 511 -107.78 -40.04 22.75
C ASN BA 511 -109.30 -40.00 22.80
N GLY BA 512 -109.94 -41.06 22.30
CA GLY BA 512 -111.38 -41.16 22.33
C GLY BA 512 -112.12 -40.37 21.26
N ARG BA 513 -111.38 -39.70 20.38
CA ARG BA 513 -112.06 -38.95 19.29
C ARG BA 513 -111.70 -39.51 17.91
N ASP BA 514 -112.68 -39.68 17.04
CA ASP BA 514 -112.49 -40.15 15.68
C ASP BA 514 -112.20 -38.96 14.77
N SER BA 515 -111.11 -39.06 14.02
CA SER BA 515 -110.75 -38.06 13.02
C SER BA 515 -110.80 -38.70 11.64
N LEU BA 516 -111.28 -37.94 10.66
CA LEU BA 516 -111.33 -38.44 9.29
C LEU BA 516 -109.92 -38.62 8.76
N VAL BA 517 -109.68 -39.73 8.08
CA VAL BA 517 -108.41 -39.98 7.41
C VAL BA 517 -108.53 -39.37 6.01
N ASN BA 518 -107.91 -38.22 5.82
CA ASN BA 518 -108.07 -37.44 4.60
C ASN BA 518 -106.80 -36.64 4.32
N PRO BA 519 -106.07 -36.94 3.23
CA PRO BA 519 -106.33 -37.99 2.24
C PRO BA 519 -105.72 -39.33 2.64
N GLY BA 520 -104.94 -39.38 3.71
CA GLY BA 520 -104.38 -40.62 4.20
C GLY BA 520 -103.16 -41.07 3.41
N PRO BA 521 -102.79 -42.35 3.59
CA PRO BA 521 -101.63 -42.88 2.87
C PRO BA 521 -101.83 -42.83 1.36
N ALA BA 522 -100.73 -42.61 0.64
CA ALA BA 522 -100.80 -42.48 -0.80
C ALA BA 522 -101.19 -43.79 -1.45
N MET BA 523 -102.35 -43.80 -2.11
CA MET BA 523 -102.87 -45.00 -2.76
C MET BA 523 -103.52 -44.59 -4.08
N ALA BA 524 -103.57 -45.54 -5.01
CA ALA BA 524 -104.16 -45.28 -6.31
C ALA BA 524 -105.66 -45.03 -6.17
N SER BA 525 -106.15 -44.02 -6.90
CA SER BA 525 -107.57 -43.68 -6.83
C SER BA 525 -108.44 -44.80 -7.37
N HIS BA 526 -107.99 -45.46 -8.45
CA HIS BA 526 -108.80 -46.48 -9.09
C HIS BA 526 -107.89 -47.37 -9.93
N LYS BA 527 -108.41 -48.51 -10.33
CA LYS BA 527 -107.70 -49.44 -11.19
C LYS BA 527 -107.98 -49.10 -12.65
N ASP BA 528 -107.59 -49.99 -13.57
CA ASP BA 528 -107.79 -49.74 -14.99
C ASP BA 528 -109.26 -49.60 -15.33
N ASP BA 529 -109.57 -48.62 -16.17
CA ASP BA 529 -110.92 -48.43 -16.72
C ASP BA 529 -111.97 -48.23 -15.63
N GLU BA 530 -111.60 -47.52 -14.57
CA GLU BA 530 -112.53 -47.20 -13.50
C GLU BA 530 -112.33 -45.76 -13.05
N GLU BA 531 -112.16 -44.85 -14.00
CA GLU BA 531 -111.86 -43.46 -13.69
C GLU BA 531 -113.00 -42.76 -12.97
N LYS BA 532 -114.22 -43.29 -13.04
CA LYS BA 532 -115.34 -42.67 -12.35
C LYS BA 532 -115.32 -42.93 -10.85
N PHE BA 533 -114.49 -43.85 -10.37
CA PHE BA 533 -114.43 -44.20 -8.96
C PHE BA 533 -113.27 -43.50 -8.29
N PHE BA 534 -113.52 -42.95 -7.10
CA PHE BA 534 -112.49 -42.34 -6.29
C PHE BA 534 -112.72 -42.69 -4.83
N PRO BA 535 -111.66 -42.73 -4.03
CA PRO BA 535 -111.85 -42.99 -2.60
C PRO BA 535 -112.63 -41.89 -1.93
N GLN BA 536 -113.39 -42.27 -0.90
CA GLN BA 536 -114.30 -41.33 -0.25
C GLN BA 536 -113.57 -40.15 0.36
N SER BA 537 -112.44 -40.40 1.02
CA SER BA 537 -111.62 -39.33 1.58
C SER BA 537 -110.15 -39.60 1.30
N GLY BA 538 -109.85 -40.16 0.14
CA GLY BA 538 -108.49 -40.53 -0.21
C GLY BA 538 -107.82 -39.68 -1.27
N VAL BA 539 -108.46 -38.62 -1.75
CA VAL BA 539 -107.89 -37.74 -2.75
C VAL BA 539 -108.11 -36.29 -2.33
N LEU BA 540 -107.24 -35.41 -2.81
CA LEU BA 540 -107.45 -33.99 -2.62
C LEU BA 540 -108.58 -33.51 -3.51
N ILE BA 541 -109.45 -32.67 -2.96
CA ILE BA 541 -110.58 -32.10 -3.69
C ILE BA 541 -110.44 -30.59 -3.64
N PHE BA 542 -110.23 -29.97 -4.79
CA PHE BA 542 -110.11 -28.53 -4.90
C PHE BA 542 -111.42 -27.93 -5.39
N GLY BA 543 -111.73 -26.73 -4.89
CA GLY BA 543 -112.93 -26.04 -5.30
C GLY BA 543 -112.71 -25.22 -6.56
N LYS BA 544 -113.70 -25.23 -7.43
CA LYS BA 544 -113.68 -24.36 -8.60
C LYS BA 544 -113.90 -22.91 -8.15
N GLN BA 545 -113.66 -21.98 -9.08
CA GLN BA 545 -113.83 -20.57 -8.76
C GLN BA 545 -115.28 -20.27 -8.42
N GLY BA 546 -115.49 -19.55 -7.33
CA GLY BA 546 -116.82 -19.20 -6.89
C GLY BA 546 -117.54 -20.25 -6.09
N SER BA 547 -116.85 -21.35 -5.74
CA SER BA 547 -117.49 -22.47 -5.01
C SER BA 547 -117.76 -22.07 -3.57
N GLU BA 548 -118.91 -22.45 -3.03
CA GLU BA 548 -119.27 -22.13 -1.65
C GLU BA 548 -118.51 -23.02 -0.68
N LYS BA 549 -118.90 -22.97 0.59
CA LYS BA 549 -118.18 -23.69 1.63
C LYS BA 549 -118.85 -25.00 2.00
N THR BA 550 -120.18 -25.03 2.07
CA THR BA 550 -120.92 -26.17 2.61
C THR BA 550 -121.77 -26.82 1.54
N ASN BA 551 -121.59 -28.13 1.38
CA ASN BA 551 -122.48 -28.99 0.59
C ASN BA 551 -122.61 -28.50 -0.85
N VAL BA 552 -121.47 -28.26 -1.49
CA VAL BA 552 -121.46 -27.94 -2.91
C VAL BA 552 -121.55 -29.23 -3.71
N ASP BA 553 -122.10 -29.14 -4.92
CA ASP BA 553 -122.27 -30.30 -5.76
C ASP BA 553 -120.93 -30.79 -6.31
N ILE BA 554 -120.95 -31.97 -6.93
CA ILE BA 554 -119.72 -32.53 -7.47
C ILE BA 554 -119.22 -31.71 -8.65
N GLU BA 555 -120.13 -31.09 -9.42
CA GLU BA 555 -119.71 -30.26 -10.54
C GLU BA 555 -119.06 -28.96 -10.09
N LYS BA 556 -119.15 -28.62 -8.81
CA LYS BA 556 -118.51 -27.43 -8.26
C LYS BA 556 -117.09 -27.68 -7.77
N VAL BA 557 -116.65 -28.94 -7.75
CA VAL BA 557 -115.34 -29.29 -7.24
C VAL BA 557 -114.58 -30.09 -8.29
N MET BA 558 -113.26 -30.08 -8.16
CA MET BA 558 -112.36 -30.82 -9.04
C MET BA 558 -111.63 -31.86 -8.21
N ILE BA 559 -111.90 -33.14 -8.50
CA ILE BA 559 -111.35 -34.25 -7.74
C ILE BA 559 -110.07 -34.72 -8.42
N THR BA 560 -108.98 -34.79 -7.65
CA THR BA 560 -107.70 -35.19 -8.19
C THR BA 560 -107.65 -36.70 -8.41
N ASP BA 561 -106.67 -37.11 -9.21
CA ASP BA 561 -106.52 -38.56 -9.51
C ASP BA 561 -105.08 -38.97 -9.23
N GLU BA 562 -104.90 -40.07 -8.53
CA GLU BA 562 -103.60 -40.64 -8.20
C GLU BA 562 -103.40 -41.97 -8.90
N GLU BA 563 -103.78 -42.05 -10.18
CA GLU BA 563 -103.67 -43.29 -10.92
C GLU BA 563 -102.25 -43.57 -11.40
N GLU BA 564 -101.38 -42.57 -11.43
CA GLU BA 564 -100.02 -42.79 -11.91
C GLU BA 564 -99.20 -43.65 -10.96
N ILE BA 565 -99.66 -43.84 -9.72
CA ILE BA 565 -98.91 -44.61 -8.73
C ILE BA 565 -99.49 -46.00 -8.52
N ARG BA 566 -100.45 -46.42 -9.36
CA ARG BA 566 -101.00 -47.75 -9.24
C ARG BA 566 -100.02 -48.83 -9.68
N THR BA 567 -98.88 -48.45 -10.26
CA THR BA 567 -97.85 -49.43 -10.60
C THR BA 567 -97.22 -50.04 -9.36
N THR BA 568 -97.07 -49.25 -8.28
CA THR BA 568 -96.46 -49.72 -7.05
C THR BA 568 -97.36 -49.63 -5.83
N ASN BA 569 -98.42 -48.84 -5.88
CA ASN BA 569 -99.28 -48.64 -4.72
C ASN BA 569 -100.61 -49.33 -4.90
N PRO BA 570 -101.15 -49.94 -3.85
CA PRO BA 570 -102.45 -50.60 -3.97
C PRO BA 570 -103.56 -49.60 -4.21
N VAL BA 571 -104.62 -50.07 -4.89
CA VAL BA 571 -105.79 -49.24 -5.10
C VAL BA 571 -106.45 -48.95 -3.75
N ALA BA 572 -106.86 -47.69 -3.57
CA ALA BA 572 -107.32 -47.24 -2.27
C ALA BA 572 -108.58 -47.98 -1.82
N THR BA 573 -109.46 -48.30 -2.75
CA THR BA 573 -110.76 -48.86 -2.42
C THR BA 573 -110.76 -50.39 -2.40
N GLU BA 574 -109.62 -51.02 -2.63
CA GLU BA 574 -109.53 -52.47 -2.67
C GLU BA 574 -108.60 -52.96 -1.57
N GLN BA 575 -108.64 -54.27 -1.34
CA GLN BA 575 -107.79 -54.88 -0.33
C GLN BA 575 -106.34 -54.92 -0.81
N TYR BA 576 -105.42 -54.95 0.16
CA TYR BA 576 -104.01 -55.14 -0.18
C TYR BA 576 -103.77 -56.50 -0.78
N GLY BA 577 -104.40 -57.53 -0.24
CA GLY BA 577 -104.17 -58.89 -0.71
C GLY BA 577 -104.92 -59.88 0.16
N SER BA 578 -104.41 -61.12 0.17
CA SER BA 578 -105.01 -62.19 0.96
C SER BA 578 -103.93 -62.92 1.74
N VAL BA 579 -104.30 -63.38 2.93
CA VAL BA 579 -103.43 -64.18 3.78
C VAL BA 579 -104.20 -65.40 4.24
N SER BA 580 -103.45 -66.44 4.61
CA SER BA 580 -104.06 -67.64 5.15
C SER BA 580 -104.52 -67.41 6.58
N THR BA 581 -105.61 -68.06 6.96
CA THR BA 581 -106.19 -67.91 8.28
C THR BA 581 -106.29 -69.20 9.07
N ASN BA 582 -105.97 -70.35 8.47
CA ASN BA 582 -106.05 -71.62 9.16
C ASN BA 582 -104.95 -72.53 8.64
N LEU BA 583 -105.02 -73.81 9.01
CA LEU BA 583 -104.08 -74.83 8.57
C LEU BA 583 -104.85 -75.93 7.87
N GLN BA 584 -104.68 -76.02 6.55
CA GLN BA 584 -105.33 -77.07 5.78
C GLN BA 584 -104.75 -78.43 6.16
N ARG BA 585 -105.63 -79.43 6.11
CA ARG BA 585 -105.23 -80.80 6.52
C ARG BA 585 -106.20 -81.80 5.89
N GLY BA 586 -105.68 -82.95 5.46
CA GLY BA 586 -106.51 -84.01 4.94
C GLY BA 586 -106.97 -84.97 6.04
N ASN BA 587 -107.68 -86.02 5.60
CA ASN BA 587 -108.27 -86.98 6.57
C ASN BA 587 -107.19 -87.91 7.12
N THR BA 594 -110.85 -84.50 11.08
CA THR BA 594 -111.55 -84.44 9.77
C THR BA 594 -110.71 -83.58 8.81
N SER BA 595 -111.15 -83.38 7.56
CA SER BA 595 -110.33 -82.52 6.73
C SER BA 595 -110.75 -81.07 6.90
N ARG BA 596 -109.78 -80.17 6.71
CA ARG BA 596 -110.01 -78.73 6.76
C ARG BA 596 -109.45 -78.10 5.49
N GLN BA 597 -110.28 -77.36 4.77
CA GLN BA 597 -109.85 -76.72 3.55
C GLN BA 597 -109.19 -75.38 3.85
N ALA BA 598 -108.24 -75.01 3.00
CA ALA BA 598 -107.50 -73.76 3.19
C ALA BA 598 -108.42 -72.56 3.08
N ALA BA 599 -108.26 -71.61 4.00
CA ALA BA 599 -109.09 -70.43 4.07
C ALA BA 599 -108.21 -69.19 3.98
N THR BA 600 -108.77 -68.14 3.37
CA THR BA 600 -108.06 -66.87 3.18
C THR BA 600 -108.95 -65.73 3.61
N ALA BA 601 -108.33 -64.61 3.97
CA ALA BA 601 -109.03 -63.40 4.36
C ALA BA 601 -108.43 -62.20 3.64
N ASP BA 602 -109.28 -61.21 3.38
CA ASP BA 602 -108.81 -59.96 2.78
C ASP BA 602 -108.03 -59.15 3.81
N VAL BA 603 -107.00 -58.47 3.34
CA VAL BA 603 -106.17 -57.61 4.18
C VAL BA 603 -106.57 -56.18 3.84
N ASN BA 604 -107.53 -55.64 4.59
CA ASN BA 604 -108.01 -54.29 4.35
C ASN BA 604 -107.06 -53.22 4.88
N THR BA 605 -106.18 -53.57 5.82
CA THR BA 605 -105.17 -52.67 6.32
C THR BA 605 -103.85 -53.41 6.40
N GLN BA 606 -102.80 -52.83 5.81
CA GLN BA 606 -101.49 -53.45 5.76
C GLN BA 606 -100.44 -52.44 6.19
N GLY BA 607 -99.69 -52.78 7.24
CA GLY BA 607 -98.56 -51.97 7.65
C GLY BA 607 -97.37 -52.21 6.77
N VAL BA 608 -96.30 -51.46 7.05
CA VAL BA 608 -95.09 -51.55 6.24
C VAL BA 608 -94.39 -52.87 6.52
N LEU BA 609 -94.04 -53.58 5.46
CA LEU BA 609 -93.30 -54.82 5.51
C LEU BA 609 -91.92 -54.63 4.88
N PRO BA 610 -90.93 -55.43 5.29
CA PRO BA 610 -89.63 -55.37 4.60
C PRO BA 610 -89.77 -55.75 3.14
N GLY BA 611 -89.04 -55.03 2.28
CA GLY BA 611 -89.15 -55.21 0.85
C GLY BA 611 -90.27 -54.43 0.19
N MET BA 612 -90.99 -53.58 0.94
CA MET BA 612 -92.13 -52.82 0.37
C MET BA 612 -91.63 -51.55 -0.31
N VAL BA 613 -92.17 -51.22 -1.48
CA VAL BA 613 -91.85 -50.03 -2.27
C VAL BA 613 -93.15 -49.32 -2.60
N TRP BA 614 -93.11 -47.99 -2.59
CA TRP BA 614 -94.30 -47.18 -2.81
C TRP BA 614 -93.90 -45.82 -3.35
N GLN BA 615 -94.89 -45.10 -3.87
CA GLN BA 615 -94.73 -43.72 -4.33
C GLN BA 615 -95.55 -42.80 -3.43
N ASP BA 616 -95.03 -41.62 -3.20
CA ASP BA 616 -95.74 -40.65 -2.37
C ASP BA 616 -96.85 -39.98 -3.17
N ARG BA 617 -97.68 -39.21 -2.46
CA ARG BA 617 -98.78 -38.51 -3.11
C ARG BA 617 -98.24 -37.40 -4.01
N ASP BA 618 -98.91 -37.20 -5.13
CA ASP BA 618 -98.50 -36.17 -6.08
C ASP BA 618 -98.76 -34.78 -5.52
N VAL BA 619 -97.99 -33.81 -5.99
CA VAL BA 619 -98.21 -32.40 -5.68
C VAL BA 619 -98.90 -31.75 -6.86
N TYR BA 620 -99.64 -30.68 -6.58
CA TYR BA 620 -100.45 -30.01 -7.58
C TYR BA 620 -100.16 -28.52 -7.55
N LEU BA 621 -100.54 -27.84 -8.63
CA LEU BA 621 -100.33 -26.40 -8.71
C LEU BA 621 -101.09 -25.68 -7.60
N GLN BA 622 -102.32 -26.12 -7.32
CA GLN BA 622 -103.11 -25.58 -6.23
C GLN BA 622 -102.80 -26.23 -4.89
N GLY BA 623 -101.93 -27.24 -4.86
CA GLY BA 623 -101.67 -27.99 -3.67
C GLY BA 623 -100.64 -27.36 -2.77
N PRO BA 624 -100.49 -27.89 -1.56
CA PRO BA 624 -99.47 -27.39 -0.64
C PRO BA 624 -98.07 -27.81 -1.06
N ILE BA 625 -97.09 -27.03 -0.61
CA ILE BA 625 -95.70 -27.27 -0.92
C ILE BA 625 -95.01 -28.09 0.16
N TRP BA 626 -95.18 -27.70 1.42
CA TRP BA 626 -94.44 -28.30 2.52
C TRP BA 626 -95.33 -28.47 3.73
N ALA BA 627 -94.79 -29.11 4.76
CA ALA BA 627 -95.42 -29.20 6.06
C ALA BA 627 -94.34 -29.44 7.10
N LYS BA 628 -94.62 -29.05 8.33
CA LYS BA 628 -93.67 -29.25 9.43
C LYS BA 628 -93.81 -30.66 9.99
N ILE BA 629 -92.71 -31.39 10.02
CA ILE BA 629 -92.71 -32.71 10.65
C ILE BA 629 -92.89 -32.54 12.15
N PRO BA 630 -93.87 -33.21 12.76
CA PRO BA 630 -94.08 -33.04 14.21
C PRO BA 630 -92.86 -33.45 15.00
N HIS BA 631 -92.59 -32.71 16.08
CA HIS BA 631 -91.45 -32.98 16.95
C HIS BA 631 -91.81 -34.17 17.84
N THR BA 632 -91.49 -35.37 17.35
CA THR BA 632 -91.81 -36.61 18.03
C THR BA 632 -90.58 -37.50 18.07
N ASP BA 633 -90.61 -38.48 18.96
CA ASP BA 633 -89.45 -39.39 19.12
C ASP BA 633 -89.29 -40.23 17.86
N GLY BA 634 -90.38 -40.67 17.27
CA GLY BA 634 -90.32 -41.51 16.09
C GLY BA 634 -91.33 -41.09 15.05
N HIS BA 635 -90.94 -41.33 13.80
CA HIS BA 635 -91.82 -41.14 12.64
C HIS BA 635 -91.25 -41.95 11.50
N PHE BA 636 -92.14 -42.43 10.63
CA PHE BA 636 -91.74 -43.25 9.49
C PHE BA 636 -92.12 -42.52 8.22
N HIS BA 637 -91.13 -42.31 7.34
CA HIS BA 637 -91.32 -41.65 6.04
C HIS BA 637 -92.10 -40.35 6.22
N PRO BA 638 -91.49 -39.30 6.77
CA PRO BA 638 -92.21 -38.07 7.10
C PRO BA 638 -92.51 -37.18 5.89
N SER BA 639 -93.03 -37.78 4.83
CA SER BA 639 -93.63 -37.03 3.74
C SER BA 639 -95.07 -36.67 4.09
N PRO BA 640 -95.47 -35.41 3.97
CA PRO BA 640 -96.85 -35.04 4.33
C PRO BA 640 -97.86 -35.83 3.51
N LEU BA 641 -98.93 -36.25 4.19
CA LEU BA 641 -99.94 -37.07 3.53
C LEU BA 641 -100.74 -36.27 2.52
N MET BA 642 -100.90 -34.97 2.73
CA MET BA 642 -101.57 -34.11 1.77
C MET BA 642 -100.72 -33.82 0.55
N GLY BA 643 -99.45 -34.19 0.56
CA GLY BA 643 -98.55 -33.96 -0.55
C GLY BA 643 -97.56 -32.85 -0.28
N GLY BA 644 -96.32 -33.07 -0.71
CA GLY BA 644 -95.30 -32.06 -0.53
C GLY BA 644 -94.02 -32.55 0.11
N PHE BA 645 -93.27 -31.63 0.71
CA PHE BA 645 -91.97 -31.91 1.30
C PHE BA 645 -92.06 -31.82 2.82
N GLY BA 646 -91.65 -32.88 3.50
CA GLY BA 646 -91.60 -32.86 4.94
C GLY BA 646 -90.35 -32.18 5.46
N LEU BA 647 -90.50 -31.15 6.27
CA LEU BA 647 -89.39 -30.33 6.75
C LEU BA 647 -89.37 -30.33 8.27
N LYS BA 648 -88.24 -30.71 8.85
CA LYS BA 648 -88.09 -30.60 10.30
C LYS BA 648 -88.04 -29.13 10.73
N HIS BA 649 -87.44 -28.28 9.90
CA HIS BA 649 -87.39 -26.84 10.11
C HIS BA 649 -87.97 -26.18 8.85
N PRO BA 650 -89.29 -26.08 8.76
CA PRO BA 650 -89.91 -25.49 7.57
C PRO BA 650 -89.72 -23.99 7.55
N PRO BA 651 -90.12 -23.32 6.47
CA PRO BA 651 -90.08 -21.85 6.46
C PRO BA 651 -90.84 -21.28 7.63
N PRO BA 652 -90.23 -20.39 8.40
CA PRO BA 652 -90.86 -19.91 9.63
C PRO BA 652 -92.12 -19.12 9.37
N GLN BA 653 -93.04 -19.17 10.34
CA GLN BA 653 -94.23 -18.34 10.28
C GLN BA 653 -93.86 -16.87 10.39
N ILE BA 654 -94.46 -16.05 9.54
CA ILE BA 654 -94.23 -14.61 9.53
C ILE BA 654 -95.49 -13.95 10.08
N LEU BA 655 -95.38 -13.37 11.26
CA LEU BA 655 -96.51 -12.78 11.96
C LEU BA 655 -96.47 -11.26 11.81
N ILE BA 656 -97.61 -10.67 11.47
CA ILE BA 656 -97.72 -9.24 11.25
C ILE BA 656 -99.01 -8.75 11.91
N LYS BA 657 -98.94 -7.59 12.56
CA LYS BA 657 -100.12 -6.98 13.14
C LYS BA 657 -99.93 -5.48 13.21
N ASN BA 658 -101.05 -4.75 13.28
CA ASN BA 658 -101.01 -3.31 13.42
C ASN BA 658 -100.81 -2.94 14.88
N THR BA 659 -99.92 -2.01 15.14
CA THR BA 659 -99.69 -1.55 16.50
C THR BA 659 -100.92 -0.77 16.97
N PRO BA 660 -101.50 -1.13 18.12
CA PRO BA 660 -102.68 -0.41 18.59
C PRO BA 660 -102.35 1.04 18.94
N VAL BA 661 -103.15 1.96 18.41
CA VAL BA 661 -103.01 3.38 18.67
C VAL BA 661 -104.17 3.81 19.56
N PRO BA 662 -103.93 4.13 20.83
CA PRO BA 662 -105.04 4.50 21.72
C PRO BA 662 -105.74 5.77 21.25
N ALA BA 663 -107.04 5.81 21.48
CA ALA BA 663 -107.85 6.98 21.19
C ALA BA 663 -107.65 8.01 22.29
N ASN BA 664 -108.49 9.03 22.34
CA ASN BA 664 -108.33 10.12 23.29
C ASN BA 664 -108.47 9.60 24.72
N PRO BA 665 -107.45 9.73 25.57
CA PRO BA 665 -107.56 9.28 26.95
C PRO BA 665 -108.24 10.30 27.84
N SER BA 666 -108.63 9.82 29.02
CA SER BA 666 -109.25 10.69 30.04
C SER BA 666 -108.17 11.54 30.70
N THR BA 667 -108.48 12.77 31.04
CA THR BA 667 -107.54 13.65 31.72
C THR BA 667 -107.27 13.20 33.15
N THR BA 668 -108.08 12.32 33.70
CA THR BA 668 -107.87 11.75 35.02
C THR BA 668 -107.31 10.33 34.85
N PHE BA 669 -106.35 9.97 35.69
CA PHE BA 669 -105.72 8.67 35.58
C PHE BA 669 -106.71 7.55 35.86
N SER BA 670 -106.66 6.51 35.04
CA SER BA 670 -107.48 5.32 35.23
C SER BA 670 -106.58 4.09 35.07
N ALA BA 671 -106.63 3.19 36.04
CA ALA BA 671 -105.82 1.98 35.98
C ALA BA 671 -106.39 0.92 35.06
N ALA BA 672 -107.61 1.10 34.58
CA ALA BA 672 -108.20 0.16 33.63
C ALA BA 672 -107.44 0.18 32.32
N LYS BA 673 -107.23 -0.99 31.74
CA LYS BA 673 -106.54 -1.07 30.47
C LYS BA 673 -107.34 -0.39 29.37
N PHE BA 674 -106.61 0.13 28.38
CA PHE BA 674 -107.26 0.89 27.28
C PHE BA 674 -108.19 -0.01 26.48
N ALA BA 675 -109.42 0.47 26.25
CA ALA BA 675 -110.39 -0.25 25.45
C ALA BA 675 -110.84 0.52 24.22
N SER BA 676 -110.44 1.79 24.07
CA SER BA 676 -110.79 2.60 22.92
C SER BA 676 -109.55 2.87 22.11
N PHE BA 677 -109.62 2.57 20.80
CA PHE BA 677 -108.49 2.72 19.91
C PHE BA 677 -108.95 3.39 18.62
N ILE BA 678 -107.99 3.96 17.90
CA ILE BA 678 -108.26 4.52 16.59
C ILE BA 678 -108.35 3.37 15.59
N THR BA 679 -109.47 3.31 14.87
CA THR BA 679 -109.66 2.26 13.88
C THR BA 679 -108.68 2.45 12.73
N GLN BA 680 -107.95 1.39 12.39
CA GLN BA 680 -106.96 1.50 11.34
C GLN BA 680 -106.63 0.12 10.78
N TYR BA 681 -106.14 0.13 9.54
CA TYR BA 681 -105.66 -1.06 8.87
C TYR BA 681 -104.37 -0.70 8.15
N SER BA 682 -103.74 -1.70 7.55
CA SER BA 682 -102.51 -1.47 6.81
C SER BA 682 -102.58 -2.18 5.47
N THR BA 683 -101.83 -1.65 4.50
CA THR BA 683 -101.70 -2.25 3.18
C THR BA 683 -100.26 -2.14 2.76
N GLY BA 684 -99.84 -3.03 1.87
CA GLY BA 684 -98.47 -3.02 1.42
C GLY BA 684 -98.23 -4.09 0.38
N GLN BA 685 -96.95 -4.33 0.10
CA GLN BA 685 -96.54 -5.33 -0.87
C GLN BA 685 -95.69 -6.39 -0.20
N VAL BA 686 -95.83 -7.62 -0.66
CA VAL BA 686 -95.09 -8.76 -0.15
C VAL BA 686 -94.41 -9.46 -1.31
N SER BA 687 -93.15 -9.83 -1.13
CA SER BA 687 -92.36 -10.51 -2.15
C SER BA 687 -91.83 -11.83 -1.61
N VAL BA 688 -92.01 -12.90 -2.38
CA VAL BA 688 -91.50 -14.22 -2.05
C VAL BA 688 -90.70 -14.72 -3.23
N GLU BA 689 -89.42 -15.03 -3.02
CA GLU BA 689 -88.55 -15.57 -4.05
C GLU BA 689 -88.00 -16.90 -3.58
N ILE BA 690 -88.27 -17.97 -4.34
CA ILE BA 690 -87.83 -19.31 -3.99
C ILE BA 690 -86.97 -19.85 -5.11
N GLU BA 691 -85.81 -20.39 -4.76
CA GLU BA 691 -84.95 -21.10 -5.69
C GLU BA 691 -85.24 -22.59 -5.60
N TRP BA 692 -85.50 -23.21 -6.75
CA TRP BA 692 -85.81 -24.63 -6.84
C TRP BA 692 -84.72 -25.34 -7.61
N GLU BA 693 -84.37 -26.54 -7.17
CA GLU BA 693 -83.42 -27.39 -7.87
C GLU BA 693 -84.18 -28.40 -8.72
N LEU BA 694 -83.70 -28.62 -9.95
CA LEU BA 694 -84.35 -29.48 -10.90
C LEU BA 694 -83.55 -30.77 -11.10
N GLN BA 695 -84.26 -31.86 -11.29
CA GLN BA 695 -83.68 -33.15 -11.63
C GLN BA 695 -84.03 -33.42 -13.09
N LYS BA 696 -83.06 -33.20 -13.97
CA LYS BA 696 -83.33 -33.27 -15.41
C LYS BA 696 -83.65 -34.69 -15.84
N GLU BA 697 -84.63 -34.82 -16.73
CA GLU BA 697 -85.02 -36.12 -17.27
C GLU BA 697 -83.91 -36.66 -18.17
N ASN BA 698 -83.60 -37.95 -18.01
CA ASN BA 698 -82.54 -38.62 -18.75
C ASN BA 698 -83.08 -39.94 -19.31
N SER BA 699 -84.26 -39.87 -19.93
CA SER BA 699 -84.92 -41.08 -20.42
C SER BA 699 -84.32 -41.53 -21.74
N LYS BA 700 -84.47 -42.82 -22.05
CA LYS BA 700 -83.98 -43.39 -23.34
C LYS BA 700 -85.15 -44.08 -24.05
N ARG BA 701 -86.39 -43.75 -23.70
CA ARG BA 701 -87.52 -44.32 -24.43
C ARG BA 701 -87.58 -43.77 -25.84
N TRP BA 702 -88.14 -44.57 -26.75
CA TRP BA 702 -88.15 -44.22 -28.16
C TRP BA 702 -89.39 -43.42 -28.55
N ASN BA 703 -90.56 -43.92 -28.19
CA ASN BA 703 -91.80 -43.26 -28.58
C ASN BA 703 -92.07 -42.04 -27.71
N PRO BA 704 -92.86 -41.04 -28.18
CA PRO BA 704 -93.09 -39.81 -27.42
C PRO BA 704 -93.78 -40.06 -26.06
N GLU BA 705 -93.69 -39.11 -25.14
CA GLU BA 705 -94.23 -39.26 -23.77
C GLU BA 705 -95.55 -38.52 -23.60
N ILE BA 706 -96.27 -38.73 -22.50
CA ILE BA 706 -97.45 -37.86 -22.26
C ILE BA 706 -96.99 -36.51 -21.72
N GLN BA 707 -97.48 -35.41 -22.28
CA GLN BA 707 -97.15 -34.09 -21.78
C GLN BA 707 -98.43 -33.32 -21.51
N TYR BA 708 -98.39 -32.44 -20.50
CA TYR BA 708 -99.52 -31.55 -20.28
C TYR BA 708 -99.57 -30.51 -21.39
N THR BA 709 -100.78 -30.24 -21.88
CA THR BA 709 -100.95 -29.33 -23.00
C THR BA 709 -102.29 -28.62 -22.89
N SER BA 710 -102.37 -27.47 -23.54
CA SER BA 710 -103.66 -26.76 -23.61
C SER BA 710 -104.48 -27.38 -24.73
N ASN BA 711 -105.79 -27.22 -24.74
CA ASN BA 711 -106.58 -27.88 -25.81
C ASN BA 711 -106.68 -26.88 -26.95
N TYR BA 712 -106.42 -27.31 -28.19
CA TYR BA 712 -106.39 -26.38 -29.34
C TYR BA 712 -107.80 -25.91 -29.70
N ASN BA 713 -108.83 -26.74 -29.47
CA ASN BA 713 -110.14 -26.33 -29.94
C ASN BA 713 -110.56 -25.00 -29.35
N LYS BA 714 -111.39 -24.28 -30.12
CA LYS BA 714 -111.87 -22.95 -29.70
C LYS BA 714 -112.73 -23.06 -28.46
N SER BA 715 -112.75 -21.99 -27.68
CA SER BA 715 -113.54 -21.95 -26.47
C SER BA 715 -113.91 -20.51 -26.17
N ILE BA 716 -114.95 -20.35 -25.35
CA ILE BA 716 -115.37 -19.00 -24.94
C ILE BA 716 -114.28 -18.33 -24.12
N ASN BA 717 -113.67 -19.07 -23.21
CA ASN BA 717 -112.62 -18.56 -22.34
C ASN BA 717 -111.35 -19.38 -22.50
N VAL BA 718 -110.21 -18.71 -22.36
CA VAL BA 718 -108.92 -19.40 -22.35
C VAL BA 718 -108.66 -19.92 -20.94
N ASP BA 719 -108.05 -21.10 -20.85
CA ASP BA 719 -107.77 -21.69 -19.55
C ASP BA 719 -106.72 -20.88 -18.81
N PHE BA 720 -106.89 -20.80 -17.49
CA PHE BA 720 -105.95 -20.10 -16.59
C PHE BA 720 -105.78 -18.64 -16.98
N THR BA 721 -106.89 -18.00 -17.36
CA THR BA 721 -106.92 -16.57 -17.63
C THR BA 721 -108.10 -15.97 -16.89
N VAL BA 722 -108.37 -14.70 -17.16
CA VAL BA 722 -109.50 -14.00 -16.56
C VAL BA 722 -110.66 -14.03 -17.55
N ASP BA 723 -111.88 -13.95 -17.02
CA ASP BA 723 -113.08 -13.90 -17.85
C ASP BA 723 -113.46 -12.44 -18.11
N THR BA 724 -114.65 -12.23 -18.63
CA THR BA 724 -115.10 -10.85 -18.96
C THR BA 724 -115.29 -10.06 -17.66
N ASN BA 725 -115.34 -10.74 -16.52
CA ASN BA 725 -115.43 -10.05 -15.20
C ASN BA 725 -114.03 -9.87 -14.63
N GLY BA 726 -113.00 -10.31 -15.36
CA GLY BA 726 -111.61 -10.20 -14.87
C GLY BA 726 -111.36 -11.14 -13.70
N VAL BA 727 -112.20 -12.18 -13.57
CA VAL BA 727 -112.06 -13.14 -12.45
C VAL BA 727 -111.12 -14.27 -12.88
N TYR BA 728 -110.00 -14.44 -12.18
CA TYR BA 728 -109.05 -15.50 -12.51
C TYR BA 728 -109.57 -16.83 -11.99
N SER BA 729 -109.46 -17.87 -12.82
CA SER BA 729 -109.91 -19.20 -12.43
C SER BA 729 -108.86 -20.22 -12.86
N GLU BA 730 -108.83 -21.34 -12.14
CA GLU BA 730 -107.97 -22.47 -12.47
C GLU BA 730 -108.86 -23.63 -12.87
N PRO BA 731 -109.01 -23.92 -14.17
CA PRO BA 731 -110.05 -24.86 -14.61
C PRO BA 731 -109.88 -26.28 -14.07
N ARG BA 732 -108.66 -26.77 -13.89
CA ARG BA 732 -108.46 -28.15 -13.45
C ARG BA 732 -107.20 -28.22 -12.62
N PRO BA 733 -107.08 -29.24 -11.76
CA PRO BA 733 -105.81 -29.46 -11.07
C PRO BA 733 -104.79 -30.07 -12.01
N ILE BA 734 -103.56 -29.58 -11.93
CA ILE BA 734 -102.45 -30.11 -12.71
C ILE BA 734 -101.46 -30.75 -11.76
N GLY BA 735 -101.18 -32.02 -11.97
CA GLY BA 735 -100.16 -32.72 -11.22
C GLY BA 735 -98.79 -32.48 -11.81
N THR BA 736 -97.87 -33.38 -11.49
CA THR BA 736 -96.51 -33.30 -12.02
C THR BA 736 -96.06 -34.55 -12.74
N ARG BA 737 -96.84 -35.63 -12.74
CA ARG BA 737 -96.37 -36.94 -13.17
C ARG BA 737 -96.81 -37.18 -14.61
N TYR BA 738 -96.03 -36.66 -15.54
CA TYR BA 738 -96.26 -36.84 -16.97
C TYR BA 738 -95.14 -37.58 -17.68
N LEU BA 739 -93.88 -37.28 -17.35
CA LEU BA 739 -92.78 -38.06 -17.87
C LEU BA 739 -92.77 -39.44 -17.21
N THR BA 740 -92.06 -40.37 -17.82
CA THR BA 740 -92.00 -41.75 -17.35
C THR BA 740 -90.57 -42.16 -17.08
N ARG BA 741 -90.43 -43.04 -16.08
CA ARG BA 741 -89.11 -43.63 -15.75
C ARG BA 741 -89.36 -45.11 -15.45
N ASN BA 742 -88.40 -45.99 -15.74
CA ASN BA 742 -88.50 -47.41 -15.41
C ASN BA 742 -88.39 -47.62 -13.90
N LEU BA 743 -89.01 -48.70 -13.44
CA LEU BA 743 -88.92 -49.06 -12.02
C LEU BA 743 -87.50 -49.46 -11.63
N ALA CA 218 -26.50 25.89 78.57
CA ALA CA 218 -27.10 25.14 77.44
C ALA CA 218 -28.45 25.74 77.09
N ASP CA 219 -29.22 26.10 78.11
CA ASP CA 219 -30.61 26.57 77.88
C ASP CA 219 -30.81 27.89 78.64
N GLY CA 220 -29.72 28.47 79.15
CA GLY CA 220 -29.86 29.79 79.80
C GLY CA 220 -31.08 29.86 80.71
N VAL CA 221 -31.77 31.00 80.71
CA VAL CA 221 -32.92 31.18 81.63
C VAL CA 221 -34.16 31.22 80.76
N GLY CA 222 -35.06 30.28 80.94
CA GLY CA 222 -36.31 30.22 80.23
C GLY CA 222 -36.42 29.11 79.21
N ASN CA 223 -35.37 28.32 79.02
CA ASN CA 223 -35.41 27.18 78.12
C ASN CA 223 -35.25 25.91 78.93
N SER CA 224 -36.19 24.98 78.77
CA SER CA 224 -36.15 23.73 79.52
C SER CA 224 -35.02 22.85 79.01
N SER CA 225 -34.31 22.21 79.95
CA SER CA 225 -33.19 21.34 79.62
C SER CA 225 -33.56 19.86 79.69
N GLY CA 226 -34.84 19.54 79.82
CA GLY CA 226 -35.25 18.15 79.86
C GLY CA 226 -36.77 18.05 79.90
N ASN CA 227 -37.24 16.82 79.78
CA ASN CA 227 -38.67 16.51 79.79
C ASN CA 227 -38.96 15.45 80.84
N TRP CA 228 -40.23 15.31 81.17
CA TRP CA 228 -40.68 14.32 82.15
C TRP CA 228 -40.89 12.99 81.45
N HIS CA 229 -40.06 12.01 81.80
CA HIS CA 229 -40.16 10.65 81.21
C HIS CA 229 -40.37 9.66 82.35
N CYS CA 230 -41.62 9.33 82.64
CA CYS CA 230 -41.92 8.31 83.68
C CYS CA 230 -42.83 7.27 83.03
N ASP CA 231 -42.30 6.08 82.75
CA ASP CA 231 -43.10 5.05 82.02
C ASP CA 231 -42.36 3.73 81.94
N SER CA 232 -42.99 2.68 81.42
CA SER CA 232 -42.25 1.45 81.21
C SER CA 232 -42.66 0.82 79.88
N THR CA 233 -41.70 0.23 79.19
CA THR CA 233 -41.93 -0.41 77.91
C THR CA 233 -41.51 -1.87 78.01
N TRP CA 234 -42.42 -2.77 77.68
CA TRP CA 234 -42.15 -4.21 77.66
C TRP CA 234 -41.97 -4.64 76.22
N MET CA 235 -40.77 -5.15 75.91
CA MET CA 235 -40.48 -5.59 74.52
C MET CA 235 -39.80 -6.97 74.57
N GLY CA 236 -40.59 -8.04 74.45
CA GLY CA 236 -40.03 -9.38 74.45
C GLY CA 236 -39.42 -9.72 75.80
N ASP CA 237 -38.12 -10.04 75.77
CA ASP CA 237 -37.38 -10.41 76.97
C ASP CA 237 -36.75 -9.20 77.67
N ARG CA 238 -37.27 -8.01 77.45
CA ARG CA 238 -36.75 -6.81 78.09
C ARG CA 238 -37.90 -5.96 78.61
N VAL CA 239 -37.66 -5.27 79.73
CA VAL CA 239 -38.55 -4.23 80.21
C VAL CA 239 -37.69 -3.04 80.61
N THR CA 240 -37.99 -1.87 80.06
CA THR CA 240 -37.27 -0.65 80.36
C THR CA 240 -38.17 0.25 81.21
N THR CA 241 -37.76 0.51 82.43
CA THR CA 241 -38.50 1.35 83.36
C THR CA 241 -37.81 2.70 83.47
N THR CA 242 -38.57 3.78 83.30
CA THR CA 242 -38.07 5.13 83.43
C THR CA 242 -38.87 5.87 84.50
N SER CA 243 -38.17 6.63 85.34
CA SER CA 243 -38.80 7.35 86.43
C SER CA 243 -38.27 8.77 86.48
N THR CA 244 -39.14 9.72 86.77
CA THR CA 244 -38.76 11.11 86.97
C THR CA 244 -39.32 11.59 88.29
N ARG CA 245 -38.50 12.32 89.05
CA ARG CA 245 -38.91 12.85 90.35
C ARG CA 245 -38.41 14.29 90.47
N THR CA 246 -39.04 15.03 91.37
CA THR CA 246 -38.61 16.38 91.72
C THR CA 246 -37.89 16.33 93.05
N TRP CA 247 -36.66 16.83 93.08
CA TRP CA 247 -35.81 16.78 94.26
C TRP CA 247 -35.54 18.18 94.79
N ALA CA 248 -35.25 18.25 96.08
CA ALA CA 248 -34.84 19.47 96.75
C ALA CA 248 -33.53 19.22 97.48
N LEU CA 249 -32.54 20.06 97.23
CA LEU CA 249 -31.22 19.90 97.83
C LEU CA 249 -30.88 21.12 98.68
N PRO CA 250 -30.83 21.01 99.99
CA PRO CA 250 -30.45 22.14 100.84
C PRO CA 250 -28.93 22.27 100.90
N THR CA 251 -28.49 23.23 101.71
CA THR CA 251 -27.07 23.37 102.03
C THR CA 251 -26.78 22.57 103.28
N TYR CA 252 -25.83 21.64 103.18
CA TYR CA 252 -25.53 20.72 104.27
C TYR CA 252 -24.27 21.15 105.00
N ASN CA 253 -24.33 21.12 106.33
CA ASN CA 253 -23.21 21.44 107.22
C ASN CA 253 -22.71 22.86 107.04
N ASN CA 254 -23.49 23.73 106.40
CA ASN CA 254 -23.09 25.09 106.09
C ASN CA 254 -21.78 25.10 105.29
N HIS CA 255 -21.75 24.27 104.24
CA HIS CA 255 -20.63 24.16 103.31
C HIS CA 255 -19.35 23.65 103.97
N LEU CA 256 -19.46 22.87 105.04
CA LEU CA 256 -18.30 22.44 105.81
C LEU CA 256 -18.19 20.93 105.87
N TYR CA 257 -16.97 20.46 106.11
CA TYR CA 257 -16.77 19.02 106.38
C TYR CA 257 -16.55 18.98 107.89
N LYS CA 258 -17.27 18.14 108.60
CA LYS CA 258 -17.23 18.02 110.05
C LYS CA 258 -16.87 16.59 110.43
N GLN CA 259 -15.86 16.45 111.29
CA GLN CA 259 -15.53 15.15 111.84
C GLN CA 259 -16.62 14.72 112.81
N ILE CA 260 -17.11 13.49 112.65
CA ILE CA 260 -18.16 12.96 113.49
C ILE CA 260 -17.66 11.67 114.14
N SER CA 261 -18.21 11.35 115.31
CA SER CA 261 -17.83 10.17 116.03
C SER CA 261 -18.96 9.81 116.99
N SER CA 262 -18.88 8.60 117.53
CA SER CA 262 -19.87 8.15 118.49
C SER CA 262 -19.80 8.98 119.76
N GLN CA 263 -20.96 9.09 120.41
CA GLN CA 263 -21.02 9.93 121.63
C GLN CA 263 -20.24 9.25 122.74
N SER CA 264 -19.66 10.06 123.62
CA SER CA 264 -18.99 9.47 124.80
C SER CA 264 -20.04 8.76 125.65
N GLY CA 265 -19.67 7.62 126.23
CA GLY CA 265 -20.56 6.80 127.01
C GLY CA 265 -21.29 5.73 126.23
N ALA CA 266 -21.15 5.71 124.90
CA ALA CA 266 -21.76 4.67 124.11
C ALA CA 266 -21.06 3.34 124.34
N SER CA 267 -21.78 2.25 124.06
CA SER CA 267 -21.18 0.93 124.19
C SER CA 267 -20.13 0.73 123.12
N ASN CA 268 -19.27 -0.28 123.34
CA ASN CA 268 -18.20 -0.54 122.38
C ASN CA 268 -18.76 -0.98 121.03
N ASP CA 269 -19.89 -1.69 121.03
CA ASP CA 269 -20.48 -2.12 119.76
C ASP CA 269 -20.99 -0.94 118.94
N ASN CA 270 -21.33 0.17 119.60
CA ASN CA 270 -21.88 1.34 118.92
C ASN CA 270 -20.85 2.42 118.65
N HIS CA 271 -19.57 2.17 118.95
CA HIS CA 271 -18.55 3.17 118.70
C HIS CA 271 -18.25 3.28 117.20
N TYR CA 272 -18.03 4.51 116.74
CA TYR CA 272 -17.71 4.74 115.34
C TYR CA 272 -16.97 6.06 115.20
N PHE CA 273 -16.31 6.21 114.05
CA PHE CA 273 -15.63 7.44 113.68
C PHE CA 273 -15.79 7.65 112.18
N GLY CA 274 -16.01 8.89 111.77
CA GLY CA 274 -16.21 9.16 110.36
C GLY CA 274 -16.25 10.65 110.11
N TYR CA 275 -16.69 10.99 108.91
CA TYR CA 275 -16.77 12.39 108.50
C TYR CA 275 -18.11 12.66 107.83
N SER CA 276 -18.64 13.85 108.07
CA SER CA 276 -19.86 14.33 107.44
C SER CA 276 -19.50 15.35 106.37
N THR CA 277 -20.01 15.15 105.16
CA THR CA 277 -19.68 16.02 104.05
C THR CA 277 -20.83 16.96 103.73
N PRO CA 278 -20.56 18.13 103.13
CA PRO CA 278 -21.63 19.02 102.70
C PRO CA 278 -22.35 18.58 101.44
N TRP CA 279 -22.01 17.42 100.89
CA TRP CA 279 -22.61 16.93 99.66
C TRP CA 279 -23.83 16.07 99.96
N GLY CA 280 -24.70 15.96 98.94
CA GLY CA 280 -25.78 15.01 98.95
C GLY CA 280 -25.54 13.96 97.87
N TYR CA 281 -26.39 12.94 97.88
CA TYR CA 281 -26.28 11.88 96.90
C TYR CA 281 -27.67 11.42 96.46
N PHE CA 282 -27.74 10.98 95.21
CA PHE CA 282 -28.99 10.49 94.64
C PHE CA 282 -29.05 8.98 94.77
N ASP CA 283 -30.07 8.47 95.46
CA ASP CA 283 -30.23 7.05 95.72
C ASP CA 283 -31.49 6.57 95.01
N PHE CA 284 -31.34 5.54 94.18
CA PHE CA 284 -32.48 4.85 93.59
C PHE CA 284 -32.30 3.34 93.71
N ASN CA 285 -31.72 2.89 94.81
CA ASN CA 285 -31.45 1.47 95.06
C ASN CA 285 -32.62 0.79 95.76
N ARG CA 286 -33.83 0.98 95.22
CA ARG CA 286 -35.03 0.29 95.69
C ARG CA 286 -35.92 0.06 94.48
N PHE CA 287 -36.60 -1.09 94.44
CA PHE CA 287 -37.38 -1.46 93.23
C PHE CA 287 -38.56 -0.52 93.00
N HIS CA 288 -39.14 0.03 94.08
CA HIS CA 288 -40.33 0.92 93.97
C HIS CA 288 -39.95 2.22 93.23
N CYS CA 289 -38.66 2.53 93.14
CA CYS CA 289 -38.17 3.76 92.46
C CYS CA 289 -38.30 3.61 90.94
N HIS CA 290 -38.45 2.38 90.45
CA HIS CA 290 -38.52 2.13 89.02
C HIS CA 290 -39.77 1.37 88.59
N PHE CA 291 -40.31 0.50 89.43
CA PHE CA 291 -41.46 -0.34 89.10
C PHE CA 291 -42.70 0.17 89.81
N SER CA 292 -43.77 0.39 89.06
CA SER CA 292 -45.07 0.59 89.66
C SER CA 292 -45.60 -0.74 90.19
N PRO CA 293 -46.56 -0.73 91.11
CA PRO CA 293 -47.14 -1.99 91.58
C PRO CA 293 -47.71 -2.86 90.46
N ARG CA 294 -48.35 -2.25 89.46
CA ARG CA 294 -48.80 -3.02 88.30
C ARG CA 294 -47.62 -3.58 87.52
N ASP CA 295 -46.53 -2.79 87.39
CA ASP CA 295 -45.33 -3.29 86.75
C ASP CA 295 -44.73 -4.46 87.52
N TRP CA 296 -44.72 -4.37 88.85
CA TRP CA 296 -44.22 -5.47 89.67
C TRP CA 296 -45.08 -6.72 89.50
N GLN CA 297 -46.40 -6.55 89.47
CA GLN CA 297 -47.29 -7.70 89.28
C GLN CA 297 -47.09 -8.33 87.91
N ARG CA 298 -46.91 -7.50 86.88
CA ARG CA 298 -46.61 -8.01 85.55
C ARG CA 298 -45.27 -8.74 85.51
N LEU CA 299 -44.29 -8.28 86.27
CA LEU CA 299 -42.97 -8.91 86.29
C LEU CA 299 -43.02 -10.25 87.02
N ILE CA 300 -43.64 -10.30 88.19
CA ILE CA 300 -43.51 -11.47 89.05
C ILE CA 300 -44.49 -12.59 88.69
N ASN CA 301 -45.57 -12.28 87.98
CA ASN CA 301 -46.55 -13.29 87.62
C ASN CA 301 -46.24 -14.00 86.31
N ASN CA 302 -45.22 -13.56 85.58
CA ASN CA 302 -44.98 -14.06 84.24
C ASN CA 302 -43.53 -14.45 83.97
N ASN CA 303 -42.59 -14.11 84.84
CA ASN CA 303 -41.18 -14.33 84.59
C ASN CA 303 -40.57 -15.21 85.67
N TRP CA 304 -39.66 -16.09 85.24
CA TRP CA 304 -38.89 -16.92 86.15
C TRP CA 304 -37.62 -16.24 86.65
N GLY CA 305 -37.29 -15.07 86.13
CA GLY CA 305 -36.10 -14.35 86.58
C GLY CA 305 -35.97 -13.03 85.89
N PHE CA 306 -35.13 -12.17 86.47
CA PHE CA 306 -34.84 -10.87 85.89
C PHE CA 306 -33.52 -10.37 86.46
N ARG CA 307 -32.90 -9.44 85.72
CA ARG CA 307 -31.63 -8.84 86.14
C ARG CA 307 -31.47 -7.51 85.42
N PRO CA 308 -30.82 -6.54 86.03
CA PRO CA 308 -30.57 -5.26 85.36
C PRO CA 308 -29.46 -5.38 84.32
N LYS CA 309 -29.61 -4.58 83.26
CA LYS CA 309 -28.68 -4.61 82.12
C LYS CA 309 -27.91 -3.30 81.97
N ARG CA 310 -28.61 -2.16 81.93
CA ARG CA 310 -27.95 -0.87 81.80
C ARG CA 310 -28.89 0.19 82.36
N LEU CA 311 -28.32 1.35 82.70
CA LEU CA 311 -29.11 2.45 83.22
C LEU CA 311 -28.66 3.76 82.60
N ASN CA 312 -29.58 4.73 82.60
CA ASN CA 312 -29.29 6.10 82.12
C ASN CA 312 -29.79 7.05 83.19
N PHE CA 313 -29.03 8.09 83.52
CA PHE CA 313 -29.32 9.03 84.59
C PHE CA 313 -29.28 10.44 84.04
N LYS CA 314 -30.21 11.26 84.50
CA LYS CA 314 -30.23 12.67 84.04
C LYS CA 314 -30.69 13.65 85.12
N LEU CA 315 -29.98 14.78 85.26
CA LEU CA 315 -30.41 15.90 86.09
C LEU CA 315 -30.67 17.09 85.19
N PHE CA 316 -31.81 17.76 85.37
CA PHE CA 316 -32.19 18.81 84.46
C PHE CA 316 -33.17 19.75 85.16
N ASN CA 317 -33.46 20.87 84.51
CA ASN CA 317 -34.36 21.90 85.02
C ASN CA 317 -33.92 22.34 86.42
N ILE CA 318 -32.63 22.62 86.55
CA ILE CA 318 -32.04 22.95 87.84
C ILE CA 318 -32.31 24.42 88.16
N GLN CA 319 -32.90 24.66 89.32
CA GLN CA 319 -33.20 26.00 89.80
C GLN CA 319 -32.51 26.21 91.15
N VAL CA 320 -31.74 27.28 91.27
CA VAL CA 320 -31.12 27.65 92.53
C VAL CA 320 -31.92 28.80 93.13
N LYS CA 321 -32.42 28.60 94.33
CA LYS CA 321 -33.25 29.58 95.03
C LYS CA 321 -32.47 30.16 96.19
N GLU CA 322 -32.44 31.49 96.28
CA GLU CA 322 -31.82 32.19 97.39
C GLU CA 322 -32.87 32.53 98.44
N VAL CA 323 -32.59 32.16 99.69
CA VAL CA 323 -33.50 32.37 100.81
C VAL CA 323 -32.94 33.47 101.69
N THR CA 324 -33.77 34.46 102.00
CA THR CA 324 -33.41 35.53 102.92
C THR CA 324 -34.47 35.65 104.00
N GLN CA 325 -34.05 36.15 105.16
CA GLN CA 325 -34.96 36.30 106.30
C GLN CA 325 -34.70 37.66 106.94
N ASN CA 326 -35.63 38.59 106.75
CA ASN CA 326 -35.50 39.95 107.26
C ASN CA 326 -36.73 40.27 108.10
N ASP CA 327 -36.50 40.60 109.38
CA ASP CA 327 -37.57 40.98 110.30
C ASP CA 327 -38.65 39.90 110.39
N GLY CA 328 -38.23 38.64 110.41
CA GLY CA 328 -39.16 37.54 110.56
C GLY CA 328 -39.89 37.12 109.31
N THR CA 329 -39.49 37.63 108.14
CA THR CA 329 -40.14 37.31 106.88
C THR CA 329 -39.20 36.46 106.02
N THR CA 330 -39.71 35.34 105.52
CA THR CA 330 -38.94 34.45 104.65
C THR CA 330 -39.27 34.78 103.20
N THR CA 331 -38.27 35.25 102.47
CA THR CA 331 -38.41 35.62 101.07
C THR CA 331 -37.53 34.73 100.22
N ILE CA 332 -38.10 34.13 99.18
CA ILE CA 332 -37.38 33.24 98.28
C ILE CA 332 -37.38 33.84 96.89
N ALA CA 333 -36.19 33.96 96.31
CA ALA CA 333 -36.03 34.53 94.98
C ALA CA 333 -35.08 33.67 94.18
N ASN CA 334 -35.19 33.76 92.85
CA ASN CA 334 -34.33 32.99 91.98
C ASN CA 334 -32.90 33.51 92.01
N ASN CA 335 -31.95 32.61 91.83
CA ASN CA 335 -30.53 32.93 91.67
C ASN CA 335 -30.09 32.29 90.36
N LEU CA 336 -30.13 33.06 89.27
CA LEU CA 336 -29.86 32.50 87.95
C LEU CA 336 -28.38 32.29 87.66
N THR CA 337 -27.49 32.81 88.51
CA THR CA 337 -26.05 32.69 88.28
C THR CA 337 -25.39 31.67 89.19
N SER CA 338 -26.09 31.10 90.16
CA SER CA 338 -25.50 30.10 91.02
C SER CA 338 -25.47 28.74 90.32
N THR CA 339 -24.56 27.89 90.78
CA THR CA 339 -24.34 26.57 90.19
C THR CA 339 -24.57 25.48 91.24
N VAL CA 340 -24.67 24.25 90.73
CA VAL CA 340 -24.65 23.05 91.56
C VAL CA 340 -23.59 22.12 90.97
N GLN CA 341 -22.78 21.53 91.85
CA GLN CA 341 -21.69 20.65 91.44
C GLN CA 341 -22.17 19.20 91.48
N VAL CA 342 -22.02 18.51 90.36
CA VAL CA 342 -22.46 17.12 90.23
C VAL CA 342 -21.30 16.31 89.66
N PHE CA 343 -21.01 15.17 90.29
CA PHE CA 343 -20.05 14.22 89.73
C PHE CA 343 -20.42 12.82 90.16
N THR CA 344 -20.04 11.84 89.33
CA THR CA 344 -20.27 10.44 89.62
C THR CA 344 -18.95 9.78 89.99
N ASP CA 345 -18.97 9.00 91.06
CA ASP CA 345 -17.78 8.30 91.54
C ASP CA 345 -17.61 7.01 90.74
N SER CA 346 -17.23 7.14 89.47
CA SER CA 346 -17.15 5.98 88.56
C SER CA 346 -15.89 5.15 88.82
N GLU CA 347 -14.91 5.71 89.51
CA GLU CA 347 -13.73 4.93 89.86
C GLU CA 347 -13.83 4.31 91.26
N TYR CA 348 -14.94 4.53 91.96
CA TYR CA 348 -15.19 3.93 93.28
C TYR CA 348 -14.07 4.26 94.26
N GLN CA 349 -13.65 5.53 94.27
CA GLN CA 349 -12.63 6.00 95.19
C GLN CA 349 -13.19 6.52 96.49
N LEU CA 350 -14.50 6.62 96.62
CA LEU CA 350 -15.17 7.07 97.83
C LEU CA 350 -15.85 5.90 98.53
N PRO CA 351 -16.03 5.98 99.84
CA PRO CA 351 -16.75 4.92 100.55
C PRO CA 351 -18.17 4.78 100.01
N TYR CA 352 -18.53 3.56 99.64
CA TYR CA 352 -19.81 3.27 99.00
C TYR CA 352 -20.87 3.12 100.08
N VAL CA 353 -21.69 4.15 100.28
CA VAL CA 353 -22.73 4.13 101.30
C VAL CA 353 -24.07 3.67 100.74
N LEU CA 354 -24.21 3.55 99.42
CA LEU CA 354 -25.38 2.89 98.87
C LEU CA 354 -25.34 1.41 99.18
N GLY CA 355 -26.53 0.80 99.24
CA GLY CA 355 -26.62 -0.59 99.59
C GLY CA 355 -26.65 -0.89 101.08
N SER CA 356 -26.79 0.13 101.92
CA SER CA 356 -26.96 -0.06 103.36
C SER CA 356 -28.41 0.15 103.80
N ALA CA 357 -29.35 0.12 102.87
CA ALA CA 357 -30.79 0.26 103.16
C ALA CA 357 -31.08 1.58 103.86
N HIS CA 358 -30.57 2.67 103.29
CA HIS CA 358 -30.74 4.00 103.86
C HIS CA 358 -31.94 4.70 103.25
N GLN CA 359 -32.56 5.57 104.05
CA GLN CA 359 -33.66 6.39 103.58
C GLN CA 359 -33.15 7.52 102.68
N GLY CA 360 -34.07 8.13 101.95
CA GLY CA 360 -33.72 9.18 101.03
C GLY CA 360 -33.74 8.81 99.56
N CYS CA 361 -34.34 7.66 99.22
CA CYS CA 361 -34.41 7.22 97.84
C CYS CA 361 -35.44 8.04 97.06
N LEU CA 362 -35.57 7.72 95.78
CA LEU CA 362 -36.64 8.28 94.98
C LEU CA 362 -37.98 7.74 95.49
N PRO CA 363 -38.96 8.60 95.78
CA PRO CA 363 -40.20 8.11 96.37
C PRO CA 363 -40.92 7.19 95.40
N PRO CA 364 -41.62 6.18 95.91
CA PRO CA 364 -42.33 5.25 95.01
C PRO CA 364 -43.39 5.92 94.16
N PHE CA 365 -44.07 6.93 94.69
CA PHE CA 365 -45.09 7.63 93.92
C PHE CA 365 -44.46 8.75 93.10
N PRO CA 366 -44.67 8.77 91.78
CA PRO CA 366 -43.98 9.76 90.93
C PRO CA 366 -44.33 11.20 91.26
N ALA CA 367 -45.43 11.46 91.94
CA ALA CA 367 -45.86 12.82 92.25
C ALA CA 367 -45.24 13.38 93.52
N ASP CA 368 -44.48 12.58 94.27
CA ASP CA 368 -43.89 13.02 95.53
C ASP CA 368 -42.56 13.73 95.29
N VAL CA 369 -42.31 14.77 96.09
CA VAL CA 369 -41.07 15.52 96.05
C VAL CA 369 -40.23 15.11 97.25
N PHE CA 370 -38.96 14.82 97.03
CA PHE CA 370 -38.08 14.27 98.05
C PHE CA 370 -36.84 15.13 98.25
N MET CA 371 -36.33 15.11 99.47
CA MET CA 371 -35.08 15.78 99.82
C MET CA 371 -33.90 14.86 99.53
N VAL CA 372 -32.82 15.45 99.04
CA VAL CA 372 -31.60 14.70 98.73
C VAL CA 372 -30.86 14.39 100.03
N PRO CA 373 -30.59 13.13 100.33
CA PRO CA 373 -29.94 12.80 101.60
C PRO CA 373 -28.49 13.28 101.65
N GLN CA 374 -28.03 13.59 102.85
CA GLN CA 374 -26.67 14.06 103.06
C GLN CA 374 -25.69 12.89 103.01
N TYR CA 375 -24.58 13.10 102.32
CA TYR CA 375 -23.57 12.06 102.18
C TYR CA 375 -22.63 12.08 103.38
N GLY CA 376 -22.32 10.90 103.89
CA GLY CA 376 -21.37 10.75 104.99
C GLY CA 376 -20.84 9.34 105.00
N TYR CA 377 -19.64 9.19 105.56
CA TYR CA 377 -18.97 7.90 105.55
C TYR CA 377 -18.29 7.68 106.89
N LEU CA 378 -18.03 6.41 107.19
CA LEU CA 378 -17.30 6.02 108.38
C LEU CA 378 -15.96 5.40 108.00
N THR CA 379 -14.97 5.60 108.86
CA THR CA 379 -13.65 5.03 108.65
C THR CA 379 -13.25 4.25 109.90
N LEU CA 380 -12.00 3.81 109.95
CA LEU CA 380 -11.51 3.00 111.10
C LEU CA 380 -11.59 3.80 112.39
N ASN CA 381 -11.96 3.15 113.48
CA ASN CA 381 -12.04 3.83 114.79
C ASN CA 381 -11.53 2.93 115.90
N ASN CA 382 -10.81 3.49 116.87
CA ASN CA 382 -10.43 2.72 118.07
C ASN CA 382 -11.29 3.35 119.16
N GLY CA 383 -12.54 2.91 119.30
CA GLY CA 383 -13.45 3.58 120.23
C GLY CA 383 -14.05 4.79 119.53
N SER CA 384 -14.16 5.92 120.23
CA SER CA 384 -14.64 7.14 119.58
C SER CA 384 -13.53 7.88 118.84
N GLN CA 385 -12.28 7.45 118.98
CA GLN CA 385 -11.15 8.08 118.33
C GLN CA 385 -10.84 7.41 117.00
N ALA CA 386 -9.86 7.98 116.30
CA ALA CA 386 -9.40 7.45 115.02
C ALA CA 386 -8.03 6.83 115.18
N VAL CA 387 -7.61 6.11 114.13
CA VAL CA 387 -6.28 5.52 114.08
C VAL CA 387 -5.55 6.11 112.88
N GLY CA 388 -4.27 5.77 112.76
CA GLY CA 388 -3.46 6.29 111.67
C GLY CA 388 -3.91 5.82 110.31
N ARG CA 389 -4.58 4.67 110.25
CA ARG CA 389 -5.06 4.12 109.00
C ARG CA 389 -6.39 4.72 108.55
N SER CA 390 -7.04 5.52 109.39
CA SER CA 390 -8.30 6.14 109.01
C SER CA 390 -8.09 7.09 107.83
N SER CA 391 -9.04 7.06 106.90
CA SER CA 391 -8.94 7.82 105.66
C SER CA 391 -9.92 8.98 105.68
N PHE CA 392 -9.46 10.13 105.18
CA PHE CA 392 -10.28 11.31 105.00
C PHE CA 392 -10.41 11.61 103.52
N TYR CA 393 -11.62 11.93 103.09
CA TYR CA 393 -11.91 12.20 101.69
C TYR CA 393 -12.56 13.56 101.54
N CYS CA 394 -11.96 14.40 100.69
CA CYS CA 394 -12.54 15.67 100.30
C CYS CA 394 -13.17 15.49 98.92
N LEU CA 395 -14.48 15.69 98.83
CA LEU CA 395 -15.21 15.49 97.59
C LEU CA 395 -14.99 16.61 96.59
N GLU CA 396 -14.44 17.74 97.02
CA GLU CA 396 -14.05 18.79 96.09
C GLU CA 396 -12.71 18.50 95.41
N TYR CA 397 -12.06 17.39 95.79
CA TYR CA 397 -10.77 16.97 95.16
C TYR CA 397 -11.08 16.09 93.96
N PHE CA 398 -12.34 15.90 93.63
CA PHE CA 398 -12.82 15.21 92.45
C PHE CA 398 -13.23 16.21 91.38
N PRO CA 399 -13.03 15.90 90.11
CA PRO CA 399 -13.58 16.76 89.04
C PRO CA 399 -15.10 16.65 89.00
N SER CA 400 -15.76 17.79 89.09
CA SER CA 400 -17.22 17.85 89.10
C SER CA 400 -17.69 18.81 88.03
N GLN CA 401 -18.92 18.61 87.58
CA GLN CA 401 -19.54 19.43 86.55
C GLN CA 401 -20.42 20.49 87.23
N MET CA 402 -20.21 21.75 86.85
CA MET CA 402 -20.95 22.86 87.43
C MET CA 402 -22.13 23.21 86.52
N LEU CA 403 -23.32 23.27 87.10
CA LEU CA 403 -24.56 23.43 86.35
C LEU CA 403 -25.29 24.67 86.83
N ARG CA 404 -25.50 25.63 85.94
CA ARG CA 404 -26.38 26.76 86.19
C ARG CA 404 -27.80 26.38 85.79
N THR CA 405 -28.73 27.33 85.94
CA THR CA 405 -30.11 27.10 85.43
C THR CA 405 -30.01 27.07 83.92
N GLY CA 406 -30.38 25.96 83.31
CA GLY CA 406 -30.25 25.75 81.89
C GLY CA 406 -29.24 24.71 81.49
N ASN CA 407 -28.42 24.24 82.43
CA ASN CA 407 -27.49 23.15 82.19
C ASN CA 407 -28.08 21.84 82.71
N ASN CA 408 -27.69 20.74 82.08
CA ASN CA 408 -28.15 19.42 82.48
C ASN CA 408 -26.95 18.49 82.62
N PHE CA 409 -27.15 17.43 83.39
CA PHE CA 409 -26.14 16.42 83.62
C PHE CA 409 -26.70 15.07 83.19
N THR CA 410 -25.83 14.22 82.64
CA THR CA 410 -26.25 12.89 82.24
C THR CA 410 -25.05 11.95 82.25
N PHE CA 411 -25.34 10.66 82.46
CA PHE CA 411 -24.32 9.63 82.33
C PHE CA 411 -25.02 8.28 82.15
N SER CA 412 -24.31 7.36 81.51
CA SER CA 412 -24.82 6.03 81.24
C SER CA 412 -23.93 4.99 81.91
N TYR CA 413 -24.55 3.93 82.39
CA TYR CA 413 -23.85 2.86 83.09
C TYR CA 413 -24.34 1.52 82.58
N THR CA 414 -23.44 0.56 82.47
CA THR CA 414 -23.78 -0.80 82.07
C THR CA 414 -23.53 -1.75 83.23
N PHE CA 415 -24.55 -2.50 83.61
CA PHE CA 415 -24.40 -3.49 84.66
C PHE CA 415 -23.50 -4.63 84.19
N GLU CA 416 -22.71 -5.17 85.11
CA GLU CA 416 -21.96 -6.37 84.82
C GLU CA 416 -22.90 -7.58 84.75
N ASP CA 417 -22.38 -8.67 84.20
CA ASP CA 417 -23.17 -9.89 84.09
C ASP CA 417 -23.43 -10.46 85.49
N VAL CA 418 -24.71 -10.64 85.82
CA VAL CA 418 -25.10 -11.17 87.12
C VAL CA 418 -26.15 -12.24 86.90
N PRO CA 419 -26.27 -13.19 87.84
CA PRO CA 419 -27.31 -14.22 87.71
C PRO CA 419 -28.71 -13.61 87.78
N PHE CA 420 -29.63 -14.25 87.05
CA PHE CA 420 -31.03 -13.87 87.16
C PHE CA 420 -31.52 -14.12 88.58
N HIS CA 421 -32.30 -13.18 89.11
CA HIS CA 421 -32.95 -13.41 90.39
C HIS CA 421 -33.96 -14.54 90.26
N SER CA 422 -33.93 -15.45 91.25
CA SER CA 422 -34.86 -16.61 91.27
C SER CA 422 -36.26 -16.16 91.66
N SER CA 423 -37.01 -15.60 90.71
CA SER CA 423 -38.39 -15.17 90.98
C SER CA 423 -39.37 -16.32 90.83
N TYR CA 424 -39.08 -17.41 91.54
CA TYR CA 424 -39.92 -18.59 91.50
C TYR CA 424 -39.78 -19.32 92.83
N ALA CA 425 -40.76 -20.15 93.13
CA ALA CA 425 -40.72 -21.05 94.27
C ALA CA 425 -40.66 -22.49 93.77
N HIS CA 426 -39.80 -23.29 94.38
CA HIS CA 426 -39.67 -24.68 93.96
C HIS CA 426 -40.94 -25.46 94.31
N SER CA 427 -41.44 -26.21 93.35
CA SER CA 427 -42.59 -27.08 93.57
C SER CA 427 -42.19 -28.47 94.06
N GLN CA 428 -40.89 -28.71 94.25
CA GLN CA 428 -40.39 -29.94 94.84
C GLN CA 428 -39.52 -29.60 96.04
N SER CA 429 -39.51 -30.51 97.02
CA SER CA 429 -38.63 -30.38 98.17
C SER CA 429 -37.36 -31.17 97.93
N LEU CA 430 -36.27 -30.71 98.53
CA LEU CA 430 -34.97 -31.35 98.33
C LEU CA 430 -34.94 -32.78 98.88
N ASP CA 431 -35.83 -33.09 99.83
CA ASP CA 431 -35.85 -34.44 100.45
C ASP CA 431 -36.93 -35.31 99.80
N ARG CA 432 -37.57 -34.81 98.74
CA ARG CA 432 -38.64 -35.53 98.04
C ARG CA 432 -38.40 -35.50 96.54
N LEU CA 433 -37.17 -35.79 96.12
CA LEU CA 433 -36.79 -35.76 94.71
C LEU CA 433 -36.79 -37.13 94.06
N MET CA 434 -37.27 -38.15 94.75
CA MET CA 434 -37.18 -39.52 94.27
C MET CA 434 -38.47 -39.94 93.57
N ASN CA 435 -38.45 -41.18 93.06
CA ASN CA 435 -39.64 -41.80 92.50
C ASN CA 435 -40.30 -42.62 93.58
N PRO CA 436 -41.50 -42.25 94.04
CA PRO CA 436 -42.12 -42.98 95.17
C PRO CA 436 -42.56 -44.39 94.82
N LEU CA 437 -42.58 -44.76 93.55
CA LEU CA 437 -43.08 -46.07 93.14
C LEU CA 437 -41.99 -47.15 93.12
N ILE CA 438 -40.73 -46.77 92.99
CA ILE CA 438 -39.63 -47.71 92.80
C ILE CA 438 -38.73 -47.64 94.03
N ASP CA 439 -38.36 -48.81 94.55
CA ASP CA 439 -37.40 -48.88 95.64
C ASP CA 439 -35.99 -48.56 95.14
N GLN CA 440 -35.14 -48.14 96.07
CA GLN CA 440 -33.74 -47.94 95.77
C GLN CA 440 -33.00 -49.27 95.82
N TYR CA 441 -31.94 -49.37 95.01
CA TYR CA 441 -31.08 -50.55 95.09
C TYR CA 441 -30.05 -50.45 96.20
N LEU CA 442 -29.86 -49.27 96.78
CA LEU CA 442 -28.92 -49.10 97.88
C LEU CA 442 -29.57 -49.50 99.19
N TYR CA 443 -28.74 -49.97 100.13
CA TYR CA 443 -29.18 -50.41 101.43
C TYR CA 443 -28.77 -49.41 102.50
N TYR CA 444 -29.56 -49.34 103.56
CA TYR CA 444 -29.25 -48.52 104.73
C TYR CA 444 -29.44 -49.37 105.98
N LEU CA 445 -28.67 -49.05 107.02
CA LEU CA 445 -28.80 -49.73 108.30
C LEU CA 445 -30.16 -49.40 108.91
N SER CA 446 -31.07 -50.37 108.93
CA SER CA 446 -32.41 -50.16 109.42
C SER CA 446 -32.62 -50.66 110.85
N ARG CA 447 -31.91 -51.70 111.21
CA ARG CA 447 -32.02 -52.22 112.60
C ARG CA 447 -30.64 -52.44 113.19
N THR CA 448 -30.54 -52.30 114.50
CA THR CA 448 -29.29 -52.50 115.21
C THR CA 448 -29.33 -53.63 116.23
N ASN CA 449 -30.49 -54.25 116.44
CA ASN CA 449 -30.61 -55.38 117.35
C ASN CA 449 -31.82 -56.22 116.94
N THR CA 450 -31.88 -57.43 117.47
CA THR CA 450 -32.98 -58.34 117.24
C THR CA 450 -33.41 -58.98 118.55
N PRO CA 451 -34.69 -59.39 118.71
CA PRO CA 451 -35.11 -60.09 119.92
C PRO CA 451 -34.29 -61.37 120.07
N SER CA 452 -33.63 -61.54 121.22
CA SER CA 452 -32.87 -62.79 121.48
C SER CA 452 -33.33 -63.35 122.82
N GLY CA 453 -33.89 -64.57 122.84
CA GLY CA 453 -34.46 -65.10 124.09
C GLY CA 453 -35.53 -64.18 124.63
N THR CA 454 -35.40 -63.75 125.89
CA THR CA 454 -36.38 -62.80 126.48
C THR CA 454 -35.68 -61.44 126.63
N THR CA 455 -34.44 -61.34 126.14
CA THR CA 455 -33.69 -60.05 126.17
C THR CA 455 -33.50 -59.57 124.74
N THR CA 456 -32.45 -58.78 124.49
CA THR CA 456 -32.14 -58.33 123.10
C THR CA 456 -30.68 -58.68 122.78
N GLN CA 457 -30.38 -58.84 121.50
CA GLN CA 457 -29.02 -59.13 121.07
C GLN CA 457 -28.63 -58.22 119.92
N SER CA 458 -27.40 -57.72 119.94
CA SER CA 458 -26.95 -56.81 118.89
C SER CA 458 -26.85 -57.55 117.56
N ARG CA 459 -27.45 -56.97 116.52
CA ARG CA 459 -27.46 -57.58 115.20
C ARG CA 459 -27.78 -56.50 114.17
N LEU CA 460 -26.88 -56.29 113.22
CA LEU CA 460 -27.08 -55.28 112.20
C LEU CA 460 -27.92 -55.83 111.05
N GLN CA 461 -28.91 -55.06 110.62
CA GLN CA 461 -29.73 -55.41 109.48
C GLN CA 461 -29.87 -54.21 108.55
N PHE CA 462 -30.09 -54.49 107.27
CA PHE CA 462 -30.13 -53.46 106.24
C PHE CA 462 -31.37 -53.64 105.38
N SER CA 463 -31.91 -52.52 104.91
CA SER CA 463 -33.11 -52.53 104.10
C SER CA 463 -32.93 -51.59 102.91
N GLN CA 464 -33.70 -51.83 101.87
CA GLN CA 464 -33.77 -50.93 100.73
C GLN CA 464 -34.90 -49.93 100.96
N ALA CA 465 -34.62 -48.65 100.75
CA ALA CA 465 -35.57 -47.60 101.07
C ALA CA 465 -36.58 -47.42 99.94
N GLY CA 466 -37.84 -47.27 100.31
CA GLY CA 466 -38.93 -47.01 99.38
C GLY CA 466 -39.76 -45.84 99.87
N ALA CA 467 -41.07 -45.92 99.61
CA ALA CA 467 -41.97 -44.85 100.00
C ALA CA 467 -42.31 -44.88 101.49
N SER CA 468 -42.43 -46.08 102.07
CA SER CA 468 -42.83 -46.19 103.46
C SER CA 468 -41.76 -45.67 104.41
N ASP CA 469 -40.48 -45.85 104.07
CA ASP CA 469 -39.37 -45.34 104.85
C ASP CA 469 -38.61 -44.31 104.04
N ILE CA 470 -39.37 -43.39 103.43
CA ILE CA 470 -38.82 -42.41 102.50
C ILE CA 470 -37.76 -41.51 103.14
N ARG CA 471 -37.77 -41.38 104.47
CA ARG CA 471 -36.80 -40.53 105.13
C ARG CA 471 -35.39 -41.13 105.11
N ASP CA 472 -35.26 -42.43 104.86
CA ASP CA 472 -33.97 -43.11 104.91
C ASP CA 472 -33.33 -43.25 103.53
N GLN CA 473 -33.94 -42.68 102.50
CA GLN CA 473 -33.43 -42.86 101.14
C GLN CA 473 -32.09 -42.16 100.96
N SER CA 474 -31.18 -42.81 100.23
CA SER CA 474 -29.91 -42.20 99.90
C SER CA 474 -30.12 -41.03 98.95
N ARG CA 475 -29.43 -39.93 99.22
CA ARG CA 475 -29.63 -38.69 98.48
C ARG CA 475 -28.29 -38.11 98.05
N ASN CA 476 -28.34 -37.26 97.04
CA ASN CA 476 -27.14 -36.69 96.44
C ASN CA 476 -26.83 -35.28 96.93
N TRP CA 477 -27.77 -34.61 97.59
CA TRP CA 477 -27.64 -33.20 97.92
C TRP CA 477 -28.03 -32.95 99.37
N LEU CA 478 -27.67 -31.76 99.85
CA LEU CA 478 -27.90 -31.34 101.22
C LEU CA 478 -28.53 -29.96 101.24
N PRO CA 479 -29.29 -29.63 102.28
CA PRO CA 479 -29.84 -28.28 102.40
C PRO CA 479 -28.74 -27.26 102.67
N GLY CA 480 -29.01 -26.01 102.29
CA GLY CA 480 -28.04 -24.94 102.37
C GLY CA 480 -27.58 -24.63 103.78
N PRO CA 481 -26.62 -23.71 103.90
CA PRO CA 481 -26.04 -23.42 105.21
C PRO CA 481 -27.02 -22.69 106.12
N CYS CA 482 -26.69 -22.77 107.41
CA CYS CA 482 -27.59 -22.26 108.46
C CYS CA 482 -26.84 -21.44 109.50
N TYR CA 483 -27.50 -20.44 110.09
CA TYR CA 483 -26.96 -19.68 111.21
C TYR CA 483 -28.15 -19.36 112.10
N ARG CA 484 -28.38 -20.19 113.12
CA ARG CA 484 -29.68 -20.25 113.78
C ARG CA 484 -30.08 -18.91 114.39
N GLN CA 485 -31.37 -18.59 114.24
CA GLN CA 485 -31.98 -17.39 114.78
C GLN CA 485 -32.97 -17.77 115.87
N GLN CA 486 -33.19 -16.86 116.81
CA GLN CA 486 -34.22 -17.07 117.82
C GLN CA 486 -35.60 -16.89 117.21
N ARG CA 487 -36.55 -17.69 117.69
CA ARG CA 487 -37.90 -17.67 117.17
C ARG CA 487 -38.78 -16.75 118.03
N VAL CA 488 -39.45 -15.85 117.33
CA VAL CA 488 -40.40 -14.89 117.97
C VAL CA 488 -41.75 -15.09 117.30
N SER CA 489 -42.85 -14.82 118.01
CA SER CA 489 -44.19 -15.00 117.51
C SER CA 489 -44.89 -13.66 117.33
N LYS CA 490 -45.71 -13.56 116.28
CA LYS CA 490 -46.47 -12.31 116.02
C LYS CA 490 -47.55 -12.17 117.11
N THR CA 491 -48.01 -13.29 117.69
CA THR CA 491 -48.94 -13.23 118.84
C THR CA 491 -48.10 -12.88 120.06
N SER CA 492 -48.32 -11.70 120.66
CA SER CA 492 -47.44 -11.24 121.77
C SER CA 492 -47.41 -12.20 122.96
N ALA CA 493 -48.57 -12.69 123.41
CA ALA CA 493 -48.60 -13.52 124.59
C ALA CA 493 -47.70 -14.75 124.47
N ASP CA 494 -47.45 -15.20 123.24
CA ASP CA 494 -46.65 -16.41 123.01
C ASP CA 494 -45.17 -16.18 123.28
N ASN CA 495 -44.72 -14.95 123.43
CA ASN CA 495 -43.31 -14.64 123.61
C ASN CA 495 -42.95 -14.62 125.09
N ASN CA 496 -41.66 -14.82 125.36
CA ASN CA 496 -41.17 -14.79 126.73
C ASN CA 496 -41.26 -13.38 127.30
N ASN CA 497 -41.65 -13.28 128.56
CA ASN CA 497 -41.82 -11.99 129.24
C ASN CA 497 -40.48 -11.53 129.78
N SER CA 498 -39.61 -11.12 128.86
CA SER CA 498 -38.27 -10.63 129.20
C SER CA 498 -37.74 -9.80 128.05
N GLU CA 499 -36.63 -9.10 128.31
CA GLU CA 499 -35.97 -8.30 127.26
C GLU CA 499 -34.85 -9.16 126.68
N TYR CA 500 -35.09 -9.73 125.50
CA TYR CA 500 -34.14 -10.63 124.85
C TYR CA 500 -33.81 -10.20 123.43
N SER CA 501 -34.00 -8.92 123.10
CA SER CA 501 -33.70 -8.46 121.74
C SER CA 501 -32.21 -8.46 121.45
N TRP CA 502 -31.37 -8.49 122.47
CA TRP CA 502 -29.92 -8.55 122.28
C TRP CA 502 -29.28 -9.77 122.93
N THR CA 503 -29.75 -10.17 124.11
CA THR CA 503 -29.18 -11.35 124.76
C THR CA 503 -29.44 -12.61 123.93
N GLY CA 504 -30.65 -12.75 123.41
CA GLY CA 504 -31.01 -13.85 122.55
C GLY CA 504 -30.78 -13.62 121.08
N ALA CA 505 -30.15 -12.49 120.72
CA ALA CA 505 -29.95 -12.15 119.32
C ALA CA 505 -28.80 -12.94 118.72
N THR CA 506 -28.86 -13.12 117.40
CA THR CA 506 -27.80 -13.78 116.65
C THR CA 506 -26.79 -12.72 116.20
N LYS CA 507 -25.53 -12.93 116.58
CA LYS CA 507 -24.50 -11.90 116.42
C LYS CA 507 -23.25 -12.50 115.81
N TYR CA 508 -22.46 -11.62 115.18
CA TYR CA 508 -21.11 -11.96 114.76
C TYR CA 508 -20.13 -11.02 115.44
N HIS CA 509 -18.96 -11.55 115.79
CA HIS CA 509 -17.95 -10.83 116.56
C HIS CA 509 -16.84 -10.39 115.61
N LEU CA 510 -16.54 -9.09 115.61
CA LEU CA 510 -15.53 -8.52 114.72
C LEU CA 510 -14.78 -7.43 115.45
N ASN CA 511 -13.48 -7.64 115.68
CA ASN CA 511 -12.61 -6.67 116.33
C ASN CA 511 -13.13 -6.27 117.72
N GLY CA 512 -13.65 -7.25 118.45
CA GLY CA 512 -14.14 -7.00 119.78
C GLY CA 512 -15.52 -6.37 119.88
N ARG CA 513 -16.17 -6.16 118.74
CA ARG CA 513 -17.54 -5.60 118.79
C ARG CA 513 -18.57 -6.58 118.20
N ASP CA 514 -19.70 -6.73 118.87
CA ASP CA 514 -20.80 -7.57 118.42
C ASP CA 514 -21.71 -6.78 117.51
N SER CA 515 -21.98 -7.31 116.32
CA SER CA 515 -22.92 -6.73 115.39
C SER CA 515 -24.09 -7.68 115.20
N LEU CA 516 -25.29 -7.13 115.10
CA LEU CA 516 -26.47 -7.94 114.87
C LEU CA 516 -26.41 -8.57 113.48
N VAL CA 517 -26.74 -9.86 113.40
CA VAL CA 517 -26.86 -10.56 112.13
C VAL CA 517 -28.28 -10.33 111.62
N ASN CA 518 -28.41 -9.45 110.64
CA ASN CA 518 -29.72 -9.01 110.17
C ASN CA 518 -29.63 -8.63 108.70
N PRO CA 519 -30.30 -9.35 107.80
CA PRO CA 519 -31.12 -10.55 108.05
C PRO CA 519 -30.31 -11.85 108.05
N GLY CA 520 -29.04 -11.78 107.68
CA GLY CA 520 -28.18 -12.94 107.71
C GLY CA 520 -28.36 -13.85 106.51
N PRO CA 521 -27.85 -15.08 106.62
CA PRO CA 521 -27.98 -16.04 105.52
C PRO CA 521 -29.44 -16.34 105.22
N ALA CA 522 -29.73 -16.60 103.95
CA ALA CA 522 -31.10 -16.84 103.51
C ALA CA 522 -31.60 -18.15 104.07
N MET CA 523 -32.64 -18.06 104.90
CA MET CA 523 -33.23 -19.23 105.55
C MET CA 523 -34.74 -19.05 105.59
N ALA CA 524 -35.44 -20.18 105.64
CA ALA CA 524 -36.90 -20.15 105.70
C ALA CA 524 -37.37 -19.53 107.01
N SER CA 525 -38.39 -18.67 106.91
CA SER CA 525 -38.91 -18.00 108.10
C SER CA 525 -39.54 -19.01 109.06
N HIS CA 526 -40.25 -19.99 108.54
CA HIS CA 526 -40.97 -20.95 109.37
C HIS CA 526 -41.24 -22.21 108.56
N LYS CA 527 -41.61 -23.27 109.27
CA LYS CA 527 -41.97 -24.54 108.65
C LYS CA 527 -43.47 -24.54 108.36
N ASP CA 528 -44.00 -25.71 107.99
CA ASP CA 528 -45.42 -25.81 107.65
C ASP CA 528 -46.30 -25.42 108.83
N ASP CA 529 -47.35 -24.65 108.55
CA ASP CA 529 -48.39 -24.31 109.52
C ASP CA 529 -47.82 -23.60 110.74
N GLU CA 530 -46.83 -22.73 110.52
CA GLU CA 530 -46.25 -21.94 111.59
C GLU CA 530 -46.00 -20.52 111.11
N GLU CA 531 -46.97 -19.96 110.38
CA GLU CA 531 -46.80 -18.64 109.78
C GLU CA 531 -46.70 -17.53 110.81
N LYS CA 532 -47.13 -17.77 112.05
CA LYS CA 532 -47.01 -16.75 113.08
C LYS CA 532 -45.59 -16.59 113.60
N PHE CA 533 -44.70 -17.52 113.29
CA PHE CA 533 -43.33 -17.49 113.78
C PHE CA 533 -42.40 -16.92 112.72
N PHE CA 534 -41.50 -16.03 113.15
CA PHE CA 534 -40.48 -15.48 112.28
C PHE CA 534 -39.17 -15.37 113.05
N PRO CA 535 -38.04 -15.43 112.36
CA PRO CA 535 -36.75 -15.25 113.05
C PRO CA 535 -36.62 -13.85 113.62
N GLN CA 536 -35.90 -13.77 114.74
CA GLN CA 536 -35.81 -12.51 115.48
C GLN CA 536 -35.18 -11.40 114.64
N SER CA 537 -34.11 -11.72 113.92
CA SER CA 537 -33.47 -10.76 113.01
C SER CA 537 -33.14 -11.44 111.69
N GLY CA 538 -34.00 -12.34 111.23
CA GLY CA 538 -33.74 -13.09 110.01
C GLY CA 538 -34.60 -12.73 108.83
N VAL CA 539 -35.45 -11.71 108.92
CA VAL CA 539 -36.30 -11.29 107.82
C VAL CA 539 -36.25 -9.77 107.71
N LEU CA 540 -36.51 -9.27 106.51
CA LEU CA 540 -36.66 -7.84 106.31
C LEU CA 540 -37.97 -7.36 106.91
N ILE CA 541 -37.93 -6.24 107.60
CA ILE CA 541 -39.11 -5.64 108.21
C ILE CA 541 -39.27 -4.24 107.63
N PHE CA 542 -40.35 -4.02 106.91
CA PHE CA 542 -40.65 -2.72 106.31
C PHE CA 542 -41.68 -2.00 107.16
N GLY CA 543 -41.55 -0.67 107.22
CA GLY CA 543 -42.49 0.15 107.97
C GLY CA 543 -43.69 0.53 107.12
N LYS CA 544 -44.85 0.52 107.74
CA LYS CA 544 -46.04 1.02 107.09
C LYS CA 544 -45.98 2.54 106.98
N GLN CA 545 -46.88 3.11 106.19
CA GLN CA 545 -46.90 4.55 106.00
C GLN CA 545 -47.18 5.26 107.33
N GLY CA 546 -46.38 6.27 107.63
CA GLY CA 546 -46.53 7.02 108.86
C GLY CA 546 -45.89 6.41 110.08
N SER CA 547 -45.13 5.32 109.89
CA SER CA 547 -44.52 4.62 111.04
C SER CA 547 -43.36 5.43 111.61
N GLU CA 548 -43.23 5.49 112.93
CA GLU CA 548 -42.16 6.23 113.58
C GLU CA 548 -40.85 5.47 113.47
N LYS CA 549 -39.84 5.96 114.20
CA LYS CA 549 -38.50 5.39 114.10
C LYS CA 549 -38.19 4.42 115.23
N THR CA 550 -38.63 4.71 116.45
CA THR CA 550 -38.21 3.97 117.63
C THR CA 550 -39.40 3.27 118.27
N ASN CA 551 -39.26 1.95 118.47
CA ASN CA 551 -40.17 1.14 119.28
C ASN CA 551 -41.61 1.25 118.80
N VAL CA 552 -41.81 1.04 117.51
CA VAL CA 552 -43.15 0.96 116.96
C VAL CA 552 -43.71 -0.44 117.19
N ASP CA 553 -45.03 -0.55 117.27
CA ASP CA 553 -45.66 -1.83 117.54
C ASP CA 553 -45.58 -2.73 116.31
N ILE CA 554 -45.96 -3.99 116.50
CA ILE CA 554 -45.90 -4.95 115.40
C ILE CA 554 -46.93 -4.61 114.32
N GLU CA 555 -48.07 -4.04 114.71
CA GLU CA 555 -49.08 -3.64 113.73
C GLU CA 555 -48.64 -2.46 112.88
N LYS CA 556 -47.56 -1.77 113.26
CA LYS CA 556 -47.03 -0.66 112.49
C LYS CA 556 -46.00 -1.10 111.45
N VAL CA 557 -45.61 -2.36 111.44
CA VAL CA 557 -44.59 -2.86 110.53
C VAL CA 557 -45.14 -4.06 109.77
N MET CA 558 -44.54 -4.32 108.61
CA MET CA 558 -44.89 -5.45 107.76
C MET CA 558 -43.68 -6.38 107.69
N ILE CA 559 -43.83 -7.58 108.23
CA ILE CA 559 -42.74 -8.55 108.31
C ILE CA 559 -42.80 -9.46 107.09
N THR CA 560 -41.68 -9.58 106.39
CA THR CA 560 -41.64 -10.39 105.19
C THR CA 560 -41.56 -11.88 105.54
N ASP CA 561 -41.86 -12.70 104.54
CA ASP CA 561 -41.83 -14.17 104.74
C ASP CA 561 -40.97 -14.81 103.66
N GLU CA 562 -40.09 -15.70 104.06
CA GLU CA 562 -39.20 -16.43 103.17
C GLU CA 562 -39.54 -17.92 103.19
N GLU CA 563 -40.83 -18.24 103.16
CA GLU CA 563 -41.26 -19.63 103.21
C GLU CA 563 -41.13 -20.35 101.88
N GLU CA 564 -40.99 -19.61 100.77
CA GLU CA 564 -40.88 -20.26 99.46
C GLU CA 564 -39.57 -21.00 99.29
N ILE CA 565 -38.58 -20.75 100.15
CA ILE CA 565 -37.27 -21.36 100.02
C ILE CA 565 -37.06 -22.48 101.03
N ARG CA 566 -38.11 -22.88 101.76
CA ARG CA 566 -37.99 -23.97 102.71
C ARG CA 566 -37.84 -25.32 102.03
N THR CA 567 -38.01 -25.38 100.71
CA THR CA 567 -37.77 -26.62 99.98
C THR CA 567 -36.30 -27.00 99.98
N THR CA 568 -35.40 -26.02 99.94
CA THR CA 568 -33.97 -26.28 99.90
C THR CA 568 -33.20 -25.65 101.07
N ASN CA 569 -33.77 -24.69 101.77
CA ASN CA 569 -33.06 -23.99 102.83
C ASN CA 569 -33.61 -24.38 104.19
N PRO CA 570 -32.75 -24.55 105.19
CA PRO CA 570 -33.23 -24.90 106.53
C PRO CA 570 -34.04 -23.77 107.13
N VAL CA 571 -34.96 -24.15 108.02
CA VAL CA 571 -35.73 -23.16 108.76
C VAL CA 571 -34.80 -22.38 109.67
N ALA CA 572 -35.00 -21.05 109.72
CA ALA CA 572 -34.06 -20.17 110.40
C ALA CA 572 -33.99 -20.46 111.89
N THR CA 573 -35.11 -20.81 112.50
CA THR CA 573 -35.21 -20.95 113.94
C THR CA 573 -34.92 -22.37 114.42
N GLU CA 574 -34.60 -23.29 113.52
CA GLU CA 574 -34.37 -24.68 113.88
C GLU CA 574 -32.93 -25.07 113.53
N GLN CA 575 -32.52 -26.22 114.04
CA GLN CA 575 -31.18 -26.71 113.77
C GLN CA 575 -31.06 -27.21 112.33
N TYR CA 576 -29.83 -27.19 111.82
CA TYR CA 576 -29.58 -27.78 110.51
C TYR CA 576 -29.83 -29.28 110.52
N GLY CA 577 -29.38 -29.95 111.57
CA GLY CA 577 -29.50 -31.39 111.65
C GLY CA 577 -28.82 -31.93 112.89
N SER CA 578 -28.41 -33.19 112.82
CA SER CA 578 -27.74 -33.85 113.92
C SER CA 578 -26.50 -34.57 113.43
N VAL CA 579 -25.47 -34.60 114.28
CA VAL CA 579 -24.24 -35.32 114.00
C VAL CA 579 -23.89 -36.17 115.21
N SER CA 580 -23.10 -37.22 114.97
CA SER CA 580 -22.63 -38.06 116.05
C SER CA 580 -21.54 -37.35 116.84
N THR CA 581 -21.50 -37.61 118.15
CA THR CA 581 -20.53 -36.98 119.03
C THR CA 581 -19.63 -37.96 119.76
N ASN CA 582 -19.86 -39.27 119.64
CA ASN CA 582 -19.05 -40.26 120.33
C ASN CA 582 -18.96 -41.50 119.45
N LEU CA 583 -18.43 -42.58 120.02
CA LEU CA 583 -18.31 -43.86 119.35
C LEU CA 583 -19.06 -44.92 120.16
N GLN CA 584 -20.18 -45.38 119.64
CA GLN CA 584 -20.94 -46.42 120.31
C GLN CA 584 -20.16 -47.73 120.32
N ARG CA 585 -20.37 -48.47 121.40
CA ARG CA 585 -19.61 -49.73 121.60
C ARG CA 585 -20.37 -50.63 122.58
N GLY CA 586 -20.38 -51.93 122.33
CA GLY CA 586 -20.98 -52.87 123.26
C GLY CA 586 -20.00 -53.37 124.30
N ASN CA 587 -20.48 -54.31 125.11
CA ASN CA 587 -19.66 -54.82 126.24
C ASN CA 587 -18.59 -55.79 125.73
N THR CA 594 -16.91 -50.70 129.20
CA THR CA 594 -18.38 -50.84 129.40
C THR CA 594 -19.08 -50.47 128.09
N SER CA 595 -20.42 -50.53 128.04
CA SER CA 595 -21.03 -50.13 126.79
C SER CA 595 -21.27 -48.62 126.76
N ARG CA 596 -21.24 -48.05 125.55
CA ARG CA 596 -21.51 -46.64 125.33
C ARG CA 596 -22.57 -46.52 124.24
N GLN CA 597 -23.66 -45.83 124.54
CA GLN CA 597 -24.73 -45.65 123.57
C GLN CA 597 -24.43 -44.47 122.65
N ALA CA 598 -24.91 -44.56 121.42
CA ALA CA 598 -24.67 -43.52 120.43
C ALA CA 598 -25.32 -42.21 120.87
N ALA CA 599 -24.58 -41.12 120.71
CA ALA CA 599 -25.03 -39.80 121.10
C ALA CA 599 -25.00 -38.86 119.91
N THR CA 600 -25.94 -37.91 119.89
CA THR CA 600 -26.05 -36.94 118.81
C THR CA 600 -26.18 -35.54 119.39
N ALA CA 601 -25.81 -34.55 118.59
CA ALA CA 601 -25.94 -33.15 118.98
C ALA CA 601 -26.56 -32.36 117.84
N ASP CA 602 -27.29 -31.30 118.22
CA ASP CA 602 -27.86 -30.40 117.23
C ASP CA 602 -26.78 -29.55 116.59
N VAL CA 603 -26.94 -29.28 115.30
CA VAL CA 603 -26.00 -28.43 114.56
C VAL CA 603 -26.70 -27.09 114.36
N ASN CA 604 -26.46 -26.16 115.30
CA ASN CA 604 -27.09 -24.85 115.24
C ASN CA 604 -26.43 -23.94 114.22
N THR CA 605 -25.18 -24.22 113.83
CA THR CA 605 -24.50 -23.46 112.80
C THR CA 605 -23.81 -24.45 111.86
N GLN CA 606 -24.06 -24.29 110.56
CA GLN CA 606 -23.51 -25.20 109.55
C GLN CA 606 -22.89 -24.38 108.44
N GLY CA 607 -21.61 -24.59 108.19
CA GLY CA 607 -20.95 -23.98 107.06
C GLY CA 607 -21.27 -24.71 105.77
N VAL CA 608 -20.75 -24.18 104.68
CA VAL CA 608 -21.01 -24.76 103.37
C VAL CA 608 -20.28 -26.08 103.22
N LEU CA 609 -20.99 -27.11 102.80
CA LEU CA 609 -20.47 -28.43 102.53
C LEU CA 609 -20.55 -28.75 101.04
N PRO CA 610 -19.68 -29.59 100.52
CA PRO CA 610 -19.83 -30.02 99.12
C PRO CA 610 -21.16 -30.74 98.91
N GLY CA 611 -21.79 -30.45 97.77
CA GLY CA 611 -23.11 -30.98 97.49
C GLY CA 611 -24.26 -30.17 98.05
N MET CA 612 -23.99 -29.02 98.65
CA MET CA 612 -25.05 -28.19 99.28
C MET CA 612 -25.71 -27.30 98.22
N VAL CA 613 -27.04 -27.18 98.24
CA VAL CA 613 -27.83 -26.36 97.35
C VAL CA 613 -28.74 -25.47 98.19
N TRP CA 614 -28.93 -24.23 97.74
CA TRP CA 614 -29.72 -23.26 98.50
C TRP CA 614 -30.29 -22.22 97.55
N GLN CA 615 -31.25 -21.46 98.06
CA GLN CA 615 -31.83 -20.33 97.35
C GLN CA 615 -31.48 -19.05 98.08
N ASP CA 616 -31.27 -17.98 97.32
CA ASP CA 616 -30.95 -16.69 97.91
C ASP CA 616 -32.20 -16.03 98.47
N ARG CA 617 -32.00 -14.93 99.19
CA ARG CA 617 -33.11 -14.20 99.76
C ARG CA 617 -33.92 -13.52 98.66
N ASP CA 618 -35.24 -13.47 98.84
CA ASP CA 618 -36.12 -12.85 97.86
C ASP CA 618 -35.94 -11.34 97.85
N VAL CA 619 -36.25 -10.74 96.71
CA VAL CA 619 -36.28 -9.30 96.56
C VAL CA 619 -37.73 -8.83 96.62
N TYR CA 620 -37.92 -7.59 97.05
CA TYR CA 620 -39.26 -7.04 97.26
C TYR CA 620 -39.37 -5.71 96.54
N LEU CA 621 -40.61 -5.28 96.34
CA LEU CA 621 -40.84 -3.99 95.68
C LEU CA 621 -40.23 -2.85 96.49
N GLN CA 622 -40.36 -2.91 97.81
CA GLN CA 622 -39.75 -1.92 98.70
C GLN CA 622 -38.30 -2.25 99.03
N GLY CA 623 -37.79 -3.40 98.57
CA GLY CA 623 -36.47 -3.83 98.95
C GLY CA 623 -35.37 -3.25 98.09
N PRO CA 624 -34.12 -3.45 98.50
CA PRO CA 624 -32.99 -2.97 97.71
C PRO CA 624 -32.78 -3.80 96.45
N ILE CA 625 -32.14 -3.17 95.48
CA ILE CA 625 -31.86 -3.80 94.19
C ILE CA 625 -30.48 -4.43 94.16
N TRP CA 626 -29.45 -3.70 94.59
CA TRP CA 626 -28.08 -4.15 94.45
C TRP CA 626 -27.28 -3.77 95.68
N ALA CA 627 -26.03 -4.22 95.71
CA ALA CA 627 -25.06 -3.81 96.70
C ALA CA 627 -23.68 -4.00 96.12
N LYS CA 628 -22.71 -3.25 96.65
CA LYS CA 628 -21.34 -3.36 96.19
C LYS CA 628 -20.63 -4.49 96.93
N ILE CA 629 -20.07 -5.43 96.17
CA ILE CA 629 -19.27 -6.50 96.78
C ILE CA 629 -18.00 -5.89 97.35
N PRO CA 630 -17.69 -6.13 98.62
CA PRO CA 630 -16.49 -5.54 99.21
C PRO CA 630 -15.23 -5.99 98.48
N HIS CA 631 -14.27 -5.08 98.35
CA HIS CA 631 -13.01 -5.36 97.68
C HIS CA 631 -12.14 -6.16 98.65
N THR CA 632 -12.26 -7.48 98.57
CA THR CA 632 -11.55 -8.39 99.46
C THR CA 632 -10.91 -9.49 98.63
N ASP CA 633 -9.94 -10.17 99.24
CA ASP CA 633 -9.20 -11.25 98.52
C ASP CA 633 -10.16 -12.40 98.24
N GLY CA 634 -11.02 -12.72 99.19
CA GLY CA 634 -11.93 -13.84 99.02
C GLY CA 634 -13.34 -13.50 99.48
N HIS CA 635 -14.29 -14.13 98.82
CA HIS CA 635 -15.70 -14.06 99.19
C HIS CA 635 -16.41 -15.26 98.57
N PHE CA 636 -17.44 -15.74 99.25
CA PHE CA 636 -18.20 -16.89 98.79
C PHE CA 636 -19.63 -16.46 98.51
N HIS CA 637 -20.10 -16.72 97.29
CA HIS CA 637 -21.45 -16.41 96.86
C HIS CA 637 -21.80 -14.97 97.21
N PRO CA 638 -21.25 -13.98 96.51
CA PRO CA 638 -21.43 -12.57 96.87
C PRO CA 638 -22.80 -11.98 96.50
N SER CA 639 -23.84 -12.72 96.82
CA SER CA 639 -25.20 -12.17 96.79
C SER CA 639 -25.47 -11.42 98.08
N PRO CA 640 -25.95 -10.17 98.02
CA PRO CA 640 -26.19 -9.41 99.25
C PRO CA 640 -27.17 -10.14 100.16
N LEU CA 641 -26.88 -10.11 101.46
CA LEU CA 641 -27.73 -10.82 102.41
C LEU CA 641 -29.09 -10.15 102.58
N MET CA 642 -29.16 -8.84 102.37
CA MET CA 642 -30.44 -8.15 102.43
C MET CA 642 -31.29 -8.39 101.18
N GLY CA 643 -30.75 -9.02 100.16
CA GLY CA 643 -31.47 -9.31 98.94
C GLY CA 643 -31.03 -8.42 97.80
N GLY CA 644 -30.92 -9.03 96.61
CA GLY CA 644 -30.55 -8.27 95.43
C GLY CA 644 -29.41 -8.85 94.63
N PHE CA 645 -28.73 -8.00 93.87
CA PHE CA 645 -27.67 -8.40 92.97
C PHE CA 645 -26.33 -7.89 93.48
N GLY CA 646 -25.38 -8.80 93.66
CA GLY CA 646 -24.04 -8.41 94.05
C GLY CA 646 -23.23 -7.93 92.87
N LEU CA 647 -22.71 -6.70 92.96
CA LEU CA 647 -22.01 -6.08 91.85
C LEU CA 647 -20.61 -5.66 92.30
N LYS CA 648 -19.59 -6.13 91.58
CA LYS CA 648 -18.23 -5.67 91.85
C LYS CA 648 -18.07 -4.21 91.48
N HIS CA 649 -18.75 -3.76 90.42
CA HIS CA 649 -18.78 -2.36 90.01
C HIS CA 649 -20.25 -1.95 89.94
N PRO CA 650 -20.85 -1.58 91.07
CA PRO CA 650 -22.26 -1.20 91.08
C PRO CA 650 -22.46 0.16 90.43
N PRO CA 651 -23.70 0.60 90.24
CA PRO CA 651 -23.95 1.95 89.76
C PRO CA 651 -23.25 2.97 90.63
N PRO CA 652 -22.48 3.88 90.04
CA PRO CA 652 -21.66 4.78 90.85
C PRO CA 652 -22.51 5.75 91.65
N GLN CA 653 -21.96 6.18 92.78
CA GLN CA 653 -22.59 7.21 93.59
C GLN CA 653 -22.60 8.53 92.83
N ILE CA 654 -23.75 9.21 92.86
CA ILE CA 654 -23.91 10.50 92.21
C ILE CA 654 -23.99 11.55 93.30
N LEU CA 655 -22.96 12.39 93.39
CA LEU CA 655 -22.85 13.39 94.44
C LEU CA 655 -23.22 14.76 93.89
N ILE CA 656 -24.06 15.48 94.63
CA ILE CA 656 -24.53 16.79 94.22
C ILE CA 656 -24.49 17.72 95.43
N LYS CA 657 -24.08 18.96 95.21
CA LYS CA 657 -24.09 19.96 96.27
C LYS CA 657 -24.20 21.34 95.65
N ASN CA 658 -24.68 22.29 96.46
CA ASN CA 658 -24.79 23.68 96.02
C ASN CA 658 -23.44 24.36 96.18
N THR CA 659 -23.03 25.09 95.17
CA THR CA 659 -21.79 25.84 95.25
C THR CA 659 -21.93 26.97 96.26
N PRO CA 660 -21.05 27.08 97.25
CA PRO CA 660 -21.17 28.16 98.24
C PRO CA 660 -20.98 29.52 97.59
N VAL CA 661 -21.91 30.42 97.87
CA VAL CA 661 -21.86 31.80 97.38
C VAL CA 661 -21.55 32.69 98.57
N PRO CA 662 -20.36 33.28 98.65
CA PRO CA 662 -20.02 34.12 99.80
C PRO CA 662 -20.93 35.33 99.89
N ALA CA 663 -21.20 35.74 101.13
CA ALA CA 663 -21.97 36.94 101.40
C ALA CA 663 -21.05 38.16 101.25
N ASN CA 664 -21.51 39.32 101.70
CA ASN CA 664 -20.76 40.55 101.52
C ASN CA 664 -19.41 40.49 102.24
N PRO CA 665 -18.30 40.59 101.55
CA PRO CA 665 -16.99 40.56 102.22
C PRO CA 665 -16.60 41.91 102.78
N SER CA 666 -15.58 41.87 103.65
CA SER CA 666 -15.04 43.09 104.26
C SER CA 666 -14.17 43.81 103.23
N THR CA 667 -14.19 45.14 103.24
CA THR CA 667 -13.37 45.92 102.33
C THR CA 667 -11.88 45.82 102.66
N THR CA 668 -11.53 45.33 103.85
CA THR CA 668 -10.15 45.09 104.23
C THR CA 668 -9.87 43.60 104.12
N PHE CA 669 -8.68 43.26 103.62
CA PHE CA 669 -8.33 41.86 103.42
C PHE CA 669 -8.25 41.13 104.75
N SER CA 670 -8.80 39.92 104.78
CA SER CA 670 -8.73 39.04 105.93
C SER CA 670 -8.35 37.65 105.45
N ALA CA 671 -7.32 37.06 106.07
CA ALA CA 671 -6.87 35.74 105.70
C ALA CA 671 -7.75 34.63 106.25
N ALA CA 672 -8.68 34.95 107.15
CA ALA CA 672 -9.58 33.95 107.68
C ALA CA 672 -10.51 33.45 106.57
N LYS CA 673 -10.77 32.15 106.57
CA LYS CA 673 -11.65 31.57 105.58
C LYS CA 673 -13.07 32.11 105.75
N PHE CA 674 -13.79 32.15 104.63
CA PHE CA 674 -15.16 32.73 104.65
C PHE CA 674 -16.10 31.88 105.51
N ALA CA 675 -16.83 32.55 106.39
CA ALA CA 675 -17.81 31.89 107.23
C ALA CA 675 -19.23 32.39 107.02
N SER CA 676 -19.43 33.44 106.23
CA SER CA 676 -20.74 33.99 105.94
C SER CA 676 -21.07 33.72 104.48
N PHE CA 677 -22.23 33.13 104.23
CA PHE CA 677 -22.66 32.76 102.89
C PHE CA 677 -24.11 33.14 102.70
N ILE CA 678 -24.51 33.27 101.44
CA ILE CA 678 -25.91 33.50 101.10
C ILE CA 678 -26.67 32.19 101.24
N THR CA 679 -27.72 32.19 102.03
CA THR CA 679 -28.53 30.99 102.23
C THR CA 679 -29.23 30.64 100.93
N GLN CA 680 -29.10 29.39 100.50
CA GLN CA 680 -29.70 28.98 99.24
C GLN CA 680 -29.86 27.47 99.20
N TYR CA 681 -30.81 27.04 98.37
CA TYR CA 681 -31.05 25.63 98.10
C TYR CA 681 -31.29 25.48 96.61
N SER CA 682 -31.43 24.25 96.16
CA SER CA 682 -31.69 23.97 94.75
C SER CA 682 -32.82 22.96 94.62
N THR CA 683 -33.51 23.04 93.48
CA THR CA 683 -34.56 22.10 93.15
C THR CA 683 -34.44 21.76 91.68
N GLY CA 684 -34.95 20.60 91.30
CA GLY CA 684 -34.83 20.17 89.92
C GLY CA 684 -35.51 18.83 89.73
N GLN CA 685 -35.26 18.23 88.57
CA GLN CA 685 -35.82 16.95 88.20
C GLN CA 685 -34.71 15.94 87.97
N VAL CA 686 -34.99 14.70 88.33
CA VAL CA 686 -34.05 13.60 88.17
C VAL CA 686 -34.74 12.48 87.42
N SER CA 687 -34.04 11.89 86.45
CA SER CA 687 -34.57 10.80 85.64
C SER CA 687 -33.65 9.59 85.74
N VAL CA 688 -34.24 8.43 85.99
CA VAL CA 688 -33.52 7.16 86.05
C VAL CA 688 -34.23 6.18 85.11
N GLU CA 689 -33.50 5.67 84.13
CA GLU CA 689 -34.03 4.68 83.19
C GLU CA 689 -33.18 3.43 83.25
N ILE CA 690 -33.79 2.29 83.59
CA ILE CA 690 -33.08 1.03 83.72
C ILE CA 690 -33.70 0.03 82.76
N GLU CA 691 -32.85 -0.65 81.99
CA GLU CA 691 -33.26 -1.76 81.15
C GLU CA 691 -33.04 -3.07 81.89
N TRP CA 692 -34.07 -3.89 81.97
CA TRP CA 692 -34.02 -5.17 82.66
C TRP CA 692 -34.21 -6.30 81.66
N GLU CA 693 -33.47 -7.38 81.85
CA GLU CA 693 -33.62 -8.58 81.04
C GLU CA 693 -34.50 -9.59 81.77
N LEU CA 694 -35.40 -10.21 81.02
CA LEU CA 694 -36.38 -11.13 81.58
C LEU CA 694 -36.05 -12.57 81.19
N GLN CA 695 -36.30 -13.49 82.12
CA GLN CA 695 -36.17 -14.92 81.89
C GLN CA 695 -37.59 -15.47 81.83
N LYS CA 696 -38.08 -15.73 80.62
CA LYS CA 696 -39.47 -16.11 80.44
C LYS CA 696 -39.75 -17.48 81.04
N GLU CA 697 -40.90 -17.61 81.68
CA GLU CA 697 -41.32 -18.89 82.25
C GLU CA 697 -41.64 -19.89 81.15
N ASN CA 698 -41.16 -21.12 81.32
CA ASN CA 698 -41.33 -22.19 80.35
C ASN CA 698 -41.83 -23.46 81.06
N SER CA 699 -42.83 -23.28 81.92
CA SER CA 699 -43.32 -24.39 82.72
C SER CA 699 -44.23 -25.30 81.92
N LYS CA 700 -44.35 -26.56 82.35
CA LYS CA 700 -45.25 -27.54 81.70
C LYS CA 700 -46.22 -28.12 82.74
N ARG CA 701 -46.42 -27.43 83.86
CA ARG CA 701 -47.40 -27.89 84.82
C ARG CA 701 -48.81 -27.74 84.26
N TRP CA 702 -49.71 -28.60 84.74
CA TRP CA 702 -51.06 -28.66 84.20
C TRP CA 702 -52.02 -27.72 84.94
N ASN CA 703 -52.04 -27.81 86.27
CA ASN CA 703 -52.97 -27.03 87.06
C ASN CA 703 -52.47 -25.59 87.19
N PRO CA 704 -53.37 -24.60 87.44
CA PRO CA 704 -52.97 -23.19 87.52
C PRO CA 704 -51.94 -22.91 88.63
N GLU CA 705 -51.23 -21.79 88.54
CA GLU CA 705 -50.16 -21.45 89.51
C GLU CA 705 -50.63 -20.40 90.51
N ILE CA 706 -49.84 -20.15 91.56
CA ILE CA 706 -50.21 -18.99 92.44
C ILE CA 706 -49.77 -17.69 91.76
N GLN CA 707 -50.66 -16.70 91.70
CA GLN CA 707 -50.29 -15.40 91.15
C GLN CA 707 -50.65 -14.31 92.14
N TYR CA 708 -49.87 -13.23 92.15
CA TYR CA 708 -50.23 -12.08 92.96
C TYR CA 708 -51.45 -11.39 92.35
N THR CA 709 -52.39 -10.98 93.19
CA THR CA 709 -53.62 -10.40 92.71
C THR CA 709 -54.14 -9.40 93.75
N SER CA 710 -54.96 -8.48 93.25
CA SER CA 710 -55.62 -7.53 94.18
C SER CA 710 -56.85 -8.23 94.75
N ASN CA 711 -57.36 -7.77 95.89
CA ASN CA 711 -58.52 -8.50 96.45
C ASN CA 711 -59.78 -7.84 95.89
N TYR CA 712 -60.73 -8.63 95.41
CA TYR CA 712 -61.93 -8.08 94.73
C TYR CA 712 -62.86 -7.41 95.75
N ASN CA 713 -62.90 -7.88 96.99
CA ASN CA 713 -63.88 -7.33 97.91
C ASN CA 713 -63.73 -5.82 98.06
N LYS CA 714 -64.86 -5.17 98.34
CA LYS CA 714 -64.88 -3.70 98.50
C LYS CA 714 -64.04 -3.27 99.69
N SER CA 715 -63.51 -2.07 99.61
CA SER CA 715 -62.71 -1.53 100.69
C SER CA 715 -62.83 -0.01 100.67
N ILE CA 716 -62.49 0.60 101.81
CA ILE CA 716 -62.50 2.06 101.89
C ILE CA 716 -61.46 2.66 100.96
N ASN CA 717 -60.27 2.07 100.93
CA ASN CA 717 -59.17 2.54 100.09
C ASN CA 717 -58.71 1.44 99.15
N VAL CA 718 -58.28 1.84 97.97
CA VAL CA 718 -57.67 0.91 97.02
C VAL CA 718 -56.20 0.73 97.38
N ASP CA 719 -55.70 -0.49 97.22
CA ASP CA 719 -54.30 -0.76 97.56
C ASP CA 719 -53.36 -0.05 96.60
N PHE CA 720 -52.23 0.42 97.13
CA PHE CA 720 -51.20 1.09 96.35
C PHE CA 720 -51.73 2.32 95.62
N THR CA 721 -52.60 3.07 96.30
CA THR CA 721 -53.10 4.35 95.81
C THR CA 721 -52.96 5.38 96.92
N VAL CA 722 -53.51 6.55 96.69
CA VAL CA 722 -53.52 7.62 97.67
C VAL CA 722 -54.84 7.61 98.42
N ASP CA 723 -54.83 8.11 99.65
CA ASP CA 723 -56.03 8.20 100.45
C ASP CA 723 -56.66 9.59 100.26
N THR CA 724 -57.62 9.92 101.12
CA THR CA 724 -58.31 11.23 101.00
C THR CA 724 -57.33 12.35 101.32
N ASN CA 725 -56.19 12.04 101.93
CA ASN CA 725 -55.15 13.06 102.21
C ASN CA 725 -54.13 13.06 101.07
N GLY CA 726 -54.34 12.21 100.05
CA GLY CA 726 -53.40 12.12 98.92
C GLY CA 726 -52.08 11.49 99.35
N VAL CA 727 -52.09 10.75 100.46
CA VAL CA 727 -50.85 10.11 100.98
C VAL CA 727 -50.71 8.72 100.34
N TYR CA 728 -49.62 8.50 99.61
CA TYR CA 728 -49.40 7.21 98.99
C TYR CA 728 -48.88 6.21 100.02
N SER CA 729 -49.42 4.99 99.99
CA SER CA 729 -49.02 3.96 100.92
C SER CA 729 -48.85 2.65 100.17
N GLU CA 730 -47.98 1.79 100.69
CA GLU CA 730 -47.78 0.45 100.17
C GLU CA 730 -48.28 -0.55 101.22
N PRO CA 731 -49.47 -1.13 101.03
CA PRO CA 731 -50.10 -1.90 102.12
C PRO CA 731 -49.31 -3.12 102.58
N ARG CA 732 -48.61 -3.81 101.69
CA ARG CA 732 -47.91 -5.02 102.07
C ARG CA 732 -46.67 -5.16 101.21
N PRO CA 733 -45.66 -5.91 101.69
CA PRO CA 733 -44.52 -6.24 100.82
C PRO CA 733 -44.90 -7.29 99.79
N ILE CA 734 -44.44 -7.09 98.56
CA ILE CA 734 -44.66 -8.04 97.49
C ILE CA 734 -43.31 -8.61 97.08
N GLY CA 735 -43.19 -9.93 97.17
CA GLY CA 735 -42.00 -10.62 96.71
C GLY CA 735 -42.07 -10.86 95.21
N THR CA 736 -41.29 -11.83 94.76
CA THR CA 736 -41.29 -12.21 93.35
C THR CA 736 -41.56 -13.68 93.11
N ARG CA 737 -41.66 -14.50 94.15
CA ARG CA 737 -41.67 -15.96 93.99
C ARG CA 737 -43.11 -16.47 94.02
N TYR CA 738 -43.75 -16.40 92.86
CA TYR CA 738 -45.12 -16.90 92.68
C TYR CA 738 -45.21 -18.04 91.69
N LEU CA 739 -44.50 -17.96 90.56
CA LEU CA 739 -44.43 -19.08 89.65
C LEU CA 739 -43.59 -20.20 90.28
N THR CA 740 -43.73 -21.40 89.73
CA THR CA 740 -43.05 -22.57 90.26
C THR CA 740 -42.19 -23.22 89.17
N ARG CA 741 -41.08 -23.80 89.63
CA ARG CA 741 -40.20 -24.58 88.73
C ARG CA 741 -39.76 -25.83 89.50
N ASN CA 742 -39.52 -26.95 88.82
CA ASN CA 742 -39.02 -28.16 89.46
C ASN CA 742 -37.57 -27.99 89.89
N LEU CA 743 -37.18 -28.73 90.92
CA LEU CA 743 -35.80 -28.71 91.39
C LEU CA 743 -34.85 -29.31 90.35
N ALA DA 218 57.49 51.24 40.17
CA ALA DA 218 56.37 50.37 40.59
C ALA DA 218 55.44 51.16 41.52
N ASP DA 219 56.03 51.94 42.42
CA ASP DA 219 55.22 52.65 43.45
C ASP DA 219 55.62 54.12 43.46
N GLY DA 220 56.39 54.55 42.46
CA GLY DA 220 56.71 55.98 42.37
C GLY DA 220 57.07 56.58 43.73
N VAL DA 221 56.63 57.80 44.01
CA VAL DA 221 57.01 58.49 45.26
C VAL DA 221 55.74 58.58 46.10
N GLY DA 222 55.73 57.95 47.25
CA GLY DA 222 54.63 57.99 48.18
C GLY DA 222 53.85 56.70 48.31
N ASN DA 223 54.19 55.67 47.55
CA ASN DA 223 53.55 54.37 47.64
C ASN DA 223 54.57 53.36 48.14
N SER DA 224 54.23 52.68 49.24
CA SER DA 224 55.14 51.70 49.81
C SER DA 224 55.25 50.47 48.91
N SER DA 225 56.46 49.95 48.76
CA SER DA 225 56.73 48.80 47.92
C SER DA 225 56.90 47.52 48.73
N GLY DA 226 56.61 47.54 50.03
CA GLY DA 226 56.72 46.35 50.83
C GLY DA 226 56.21 46.61 52.23
N ASN DA 227 56.13 45.54 53.01
CA ASN DA 227 55.66 45.58 54.39
C ASN DA 227 56.68 44.92 55.30
N TRP DA 228 56.54 45.18 56.60
CA TRP DA 228 57.43 44.63 57.60
C TRP DA 228 56.95 43.24 58.00
N HIS DA 229 57.73 42.23 57.66
CA HIS DA 229 57.38 40.82 57.99
C HIS DA 229 58.51 40.24 58.82
N CYS DA 230 58.38 40.29 60.15
CA CYS DA 230 59.39 39.69 61.05
C CYS DA 230 58.62 38.75 61.98
N ASP DA 231 58.76 37.43 61.79
CA ASP DA 231 57.98 36.47 62.61
C ASP DA 231 58.41 35.03 62.32
N SER DA 232 57.86 34.06 63.05
CA SER DA 232 58.16 32.67 62.70
C SER DA 232 56.91 31.84 62.85
N THR DA 233 56.73 30.87 61.96
CA THR DA 233 55.57 29.98 61.96
C THR DA 233 56.08 28.55 62.07
N TRP DA 234 55.58 27.83 63.07
CA TRP DA 234 55.91 26.42 63.26
C TRP DA 234 54.73 25.58 62.79
N MET DA 235 54.98 24.75 61.77
CA MET DA 235 53.90 23.90 61.21
C MET DA 235 54.43 22.47 61.05
N GLY DA 236 54.20 21.62 62.04
CA GLY DA 236 54.63 20.23 61.96
C GLY DA 236 56.15 20.13 61.93
N ASP DA 237 56.67 19.53 60.85
CA ASP DA 237 58.10 19.34 60.67
C ASP DA 237 58.77 20.49 59.94
N ARG DA 238 58.18 21.69 59.99
CA ARG DA 238 58.75 22.86 59.35
C ARG DA 238 58.66 24.05 60.28
N VAL DA 239 59.64 24.94 60.19
CA VAL DA 239 59.58 26.24 60.82
C VAL DA 239 60.07 27.27 59.80
N THR DA 240 59.25 28.28 59.54
CA THR DA 240 59.58 29.35 58.62
C THR DA 240 59.87 30.62 59.40
N THR DA 241 61.11 31.09 59.34
CA THR DA 241 61.53 32.29 60.03
C THR DA 241 61.66 33.43 59.02
N THR DA 242 61.04 34.57 59.33
CA THR DA 242 61.12 35.76 58.49
C THR DA 242 61.68 36.91 59.31
N SER DA 243 62.57 37.68 58.71
CA SER DA 243 63.22 38.80 59.39
C SER DA 243 63.22 40.02 58.48
N THR DA 244 63.00 41.19 59.08
CA THR DA 244 63.09 42.45 58.36
C THR DA 244 64.01 43.39 59.14
N ARG DA 245 64.88 44.08 58.41
CA ARG DA 245 65.83 45.02 59.00
C ARG DA 245 65.89 46.28 58.16
N THR DA 246 66.35 47.36 58.77
CA THR DA 246 66.59 48.62 58.08
C THR DA 246 68.09 48.76 57.85
N TRP DA 247 68.48 48.95 56.60
CA TRP DA 247 69.88 49.03 56.22
C TRP DA 247 70.23 50.42 55.71
N ALA DA 248 71.51 50.75 55.82
CA ALA DA 248 72.07 51.99 55.28
C ALA DA 248 73.26 51.64 54.42
N LEU DA 249 73.27 52.13 53.19
CA LEU DA 249 74.33 51.85 52.23
C LEU DA 249 75.01 53.13 51.81
N PRO DA 250 76.27 53.37 52.21
CA PRO DA 250 76.98 54.56 51.78
C PRO DA 250 77.58 54.36 50.40
N THR DA 251 78.33 55.36 49.95
CA THR DA 251 79.12 55.26 48.74
C THR DA 251 80.51 54.78 49.11
N TYR DA 252 80.93 53.66 48.51
CA TYR DA 252 82.18 53.02 48.85
C TYR DA 252 83.25 53.32 47.82
N ASN DA 253 84.45 53.67 48.30
CA ASN DA 253 85.61 53.94 47.46
C ASN DA 253 85.40 55.12 46.51
N ASN DA 254 84.39 55.94 46.76
CA ASN DA 254 84.02 57.04 45.87
C ASN DA 254 83.77 56.53 44.45
N HIS DA 255 82.97 55.47 44.36
CA HIS DA 255 82.56 54.85 43.09
C HIS DA 255 83.72 54.26 42.31
N LEU DA 256 84.79 53.84 42.97
CA LEU DA 256 85.99 53.38 42.30
C LEU DA 256 86.34 51.96 42.69
N TYR DA 257 87.09 51.29 41.81
CA TYR DA 257 87.67 49.98 42.16
C TYR DA 257 89.13 50.29 42.45
N LYS DA 258 89.65 49.86 43.58
CA LYS DA 258 91.01 50.12 44.02
C LYS DA 258 91.73 48.81 44.26
N GLN DA 259 92.90 48.67 43.65
CA GLN DA 259 93.76 47.53 43.93
C GLN DA 259 94.31 47.63 45.35
N ILE DA 260 94.18 46.56 46.11
CA ILE DA 260 94.65 46.52 47.49
C ILE DA 260 95.65 45.37 47.64
N SER DA 261 96.56 45.52 48.59
CA SER DA 261 97.57 44.50 48.83
C SER DA 261 98.08 44.68 50.26
N SER DA 262 98.81 43.67 50.73
CA SER DA 262 99.39 43.73 52.06
C SER DA 262 100.44 44.84 52.13
N GLN DA 263 100.58 45.38 53.33
CA GLN DA 263 101.52 46.51 53.52
C GLN DA 263 102.94 45.98 53.36
N SER DA 264 103.83 46.84 52.87
CA SER DA 264 105.25 46.45 52.81
C SER DA 264 105.76 46.25 54.23
N GLY DA 265 106.61 45.26 54.44
CA GLY DA 265 107.14 44.89 55.74
C GLY DA 265 106.33 43.86 56.48
N ALA DA 266 105.18 43.46 55.95
CA ALA DA 266 104.40 42.41 56.56
C ALA DA 266 105.10 41.06 56.42
N SER DA 267 104.76 40.13 57.32
CA SER DA 267 105.32 38.80 57.23
C SER DA 267 104.77 38.08 56.01
N ASN DA 268 105.46 37.00 55.61
CA ASN DA 268 105.03 36.25 54.45
C ASN DA 268 103.66 35.61 54.66
N ASP DA 269 103.35 35.21 55.89
CA ASP DA 269 102.05 34.61 56.16
C ASP DA 269 100.92 35.61 56.00
N ASN DA 270 101.20 36.90 56.16
CA ASN DA 270 100.18 37.94 56.10
C ASN DA 270 100.13 38.64 54.75
N HIS DA 271 100.92 38.20 53.78
CA HIS DA 271 100.91 38.83 52.46
C HIS DA 271 99.64 38.47 51.70
N TYR DA 272 99.09 39.44 50.98
CA TYR DA 272 97.89 39.21 50.19
C TYR DA 272 97.81 40.24 49.07
N PHE DA 273 96.99 39.93 48.08
CA PHE DA 273 96.70 40.82 46.97
C PHE DA 273 95.24 40.64 46.58
N GLY DA 274 94.57 41.75 46.27
CA GLY DA 274 93.17 41.68 45.92
C GLY DA 274 92.67 43.01 45.42
N TYR DA 275 91.34 43.13 45.35
CA TYR DA 275 90.70 44.34 44.86
C TYR DA 275 89.55 44.72 45.78
N SER DA 276 89.37 46.02 45.95
CA SER DA 276 88.26 46.58 46.72
C SER DA 276 87.25 47.17 45.75
N THR DA 277 85.99 46.78 45.89
CA THR DA 277 84.95 47.22 44.97
C THR DA 277 84.07 48.27 45.63
N PRO DA 278 83.43 49.15 44.83
CA PRO DA 278 82.49 50.12 45.40
C PRO DA 278 81.15 49.54 45.79
N TRP DA 279 80.97 48.23 45.66
CA TRP DA 279 79.71 47.57 45.98
C TRP DA 279 79.66 47.14 47.43
N GLY DA 280 78.44 46.96 47.92
CA GLY DA 280 78.20 46.31 49.19
C GLY DA 280 77.48 44.99 48.98
N TYR DA 281 77.34 44.24 50.06
CA TYR DA 281 76.67 42.94 49.98
C TYR DA 281 75.83 42.73 51.23
N PHE DA 282 74.74 41.99 51.06
CA PHE DA 282 73.83 41.67 52.16
C PHE DA 282 74.19 40.30 52.71
N ASP DA 283 74.52 40.26 54.00
CA ASP DA 283 74.93 39.03 54.66
C ASP DA 283 73.91 38.67 55.72
N PHE DA 284 73.37 37.45 55.64
CA PHE DA 284 72.52 36.91 56.70
C PHE DA 284 72.95 35.49 57.05
N ASN DA 285 74.26 35.23 57.01
CA ASN DA 285 74.82 33.90 57.27
C ASN DA 285 75.14 33.73 58.76
N ARG DA 286 74.16 34.04 59.61
CA ARG DA 286 74.25 33.79 61.04
C ARG DA 286 72.87 33.45 61.55
N PHE DA 287 72.77 32.53 62.51
CA PHE DA 287 71.44 32.04 62.93
C PHE DA 287 70.63 33.13 63.64
N HIS DA 288 71.30 34.06 64.33
CA HIS DA 288 70.61 35.14 65.09
C HIS DA 288 69.87 36.08 64.11
N CYS DA 289 70.21 36.04 62.83
CA CYS DA 289 69.56 36.90 61.80
C CYS DA 289 68.16 36.38 61.49
N HIS DA 290 67.85 35.14 61.86
CA HIS DA 290 66.56 34.54 61.57
C HIS DA 290 65.83 34.00 62.78
N PHE DA 291 66.55 33.54 63.80
CA PHE DA 291 65.96 32.93 64.98
C PHE DA 291 66.07 33.87 66.16
N SER DA 292 64.94 34.12 66.82
CA SER DA 292 64.97 34.77 68.12
C SER DA 292 65.48 33.78 69.16
N PRO DA 293 65.96 34.27 70.31
CA PRO DA 293 66.39 33.34 71.37
C PRO DA 293 65.30 32.36 71.80
N ARG DA 294 64.05 32.81 71.88
CA ARG DA 294 62.95 31.90 72.16
C ARG DA 294 62.77 30.89 71.03
N ASP DA 295 62.92 31.34 69.79
CA ASP DA 295 62.87 30.43 68.65
C ASP DA 295 63.98 29.40 68.72
N TRP DA 296 65.20 29.83 69.08
CA TRP DA 296 66.31 28.90 69.23
C TRP DA 296 66.05 27.89 70.34
N GLN DA 297 65.50 28.34 71.47
CA GLN DA 297 65.20 27.42 72.55
C GLN DA 297 64.13 26.42 72.14
N ARG DA 298 63.11 26.88 71.41
CA ARG DA 298 62.09 25.97 70.89
C ARG DA 298 62.68 24.97 69.90
N LEU DA 299 63.67 25.39 69.10
CA LEU DA 299 64.28 24.50 68.13
C LEU DA 299 65.15 23.44 68.80
N ILE DA 300 66.00 23.85 69.74
CA ILE DA 300 67.02 22.96 70.25
C ILE DA 300 66.52 22.05 71.36
N ASN DA 301 65.42 22.39 72.03
CA ASN DA 301 64.90 21.57 73.11
C ASN DA 301 63.93 20.50 72.64
N ASN DA 302 63.57 20.48 71.36
CA ASN DA 302 62.53 19.59 70.88
C ASN DA 302 62.88 18.82 69.61
N ASN DA 303 63.97 19.15 68.93
CA ASN DA 303 64.30 18.56 67.66
C ASN DA 303 65.66 17.89 67.71
N TRP DA 304 65.76 16.74 67.03
CA TRP DA 304 67.01 16.03 66.88
C TRP DA 304 67.83 16.51 65.69
N GLY DA 305 67.28 17.39 64.86
CA GLY DA 305 68.02 17.90 63.72
C GLY DA 305 67.21 18.93 62.97
N PHE DA 306 67.90 19.69 62.13
CA PHE DA 306 67.27 20.69 61.28
C PHE DA 306 68.19 21.01 60.11
N ARG DA 307 67.59 21.53 59.05
CA ARG DA 307 68.34 21.92 57.86
C ARG DA 307 67.52 22.93 57.08
N PRO DA 308 68.17 23.86 56.38
CA PRO DA 308 67.42 24.81 55.55
C PRO DA 308 66.90 24.17 54.28
N LYS DA 309 65.75 24.67 53.82
CA LYS DA 309 65.06 24.14 52.65
C LYS DA 309 64.98 25.14 51.52
N ARG DA 310 64.51 26.35 51.77
CA ARG DA 310 64.41 27.38 50.75
C ARG DA 310 64.40 28.74 51.43
N LEU DA 311 64.72 29.78 50.67
CA LEU DA 311 64.72 31.13 51.20
C LEU DA 311 64.09 32.10 50.20
N ASN DA 312 63.59 33.21 50.73
CA ASN DA 312 63.02 34.30 49.89
C ASN DA 312 63.67 35.59 50.39
N PHE DA 313 64.07 36.47 49.48
CA PHE DA 313 64.78 37.72 49.79
C PHE DA 313 64.06 38.87 49.13
N LYS DA 314 64.00 39.99 49.87
CA LYS DA 314 63.34 41.18 49.30
C LYS DA 314 63.98 42.49 49.74
N LEU DA 315 64.18 43.41 48.82
CA LEU DA 315 64.59 44.78 49.11
C LEU DA 315 63.46 45.72 48.69
N PHE DA 316 63.10 46.65 49.57
CA PHE DA 316 61.94 47.49 49.31
C PHE DA 316 62.08 48.78 50.11
N ASN DA 317 61.18 49.72 49.82
CA ASN DA 317 61.14 51.03 50.47
C ASN DA 317 62.49 51.71 50.37
N ILE DA 318 63.05 51.71 49.17
CA ILE DA 318 64.39 52.24 48.94
C ILE DA 318 64.34 53.75 48.82
N GLN DA 319 65.14 54.43 49.64
CA GLN DA 319 65.23 55.88 49.64
C GLN DA 319 66.68 56.26 49.38
N VAL DA 320 66.90 57.13 48.39
CA VAL DA 320 68.23 57.67 48.12
C VAL DA 320 68.27 59.08 48.66
N LYS DA 321 69.23 59.33 49.55
CA LYS DA 321 69.39 60.63 50.20
C LYS DA 321 70.64 61.30 49.69
N GLU DA 322 70.50 62.56 49.27
CA GLU DA 322 71.64 63.37 48.84
C GLU DA 322 72.15 64.20 50.00
N VAL DA 323 73.45 64.14 50.26
CA VAL DA 323 74.09 64.84 51.36
C VAL DA 323 74.93 65.97 50.79
N THR DA 324 74.74 67.18 51.33
CA THR DA 324 75.52 68.34 50.95
C THR DA 324 76.10 68.98 52.21
N GLN DA 325 77.23 69.66 52.04
CA GLN DA 325 77.91 70.30 53.15
C GLN DA 325 78.36 71.69 52.70
N ASN DA 326 77.68 72.72 53.20
CA ASN DA 326 77.97 74.10 52.82
C ASN DA 326 78.22 74.92 54.08
N ASP DA 327 79.42 75.51 54.17
CA ASP DA 327 79.81 76.35 55.30
C ASP DA 327 79.66 75.62 56.63
N GLY DA 328 80.04 74.34 56.65
CA GLY DA 328 80.03 73.57 57.87
C GLY DA 328 78.68 73.00 58.27
N THR DA 329 77.68 73.09 57.40
CA THR DA 329 76.34 72.59 57.69
C THR DA 329 76.05 71.36 56.84
N THR DA 330 75.59 70.29 57.48
CA THR DA 330 75.24 69.05 56.80
C THR DA 330 73.73 69.05 56.55
N THR DA 331 73.35 69.07 55.28
CA THR DA 331 71.96 69.07 54.85
C THR DA 331 71.67 67.81 54.07
N ILE DA 332 70.61 67.10 54.45
CA ILE DA 332 70.21 65.86 53.80
C ILE DA 332 68.84 66.06 53.17
N ALA DA 333 68.72 65.75 51.89
CA ALA DA 333 67.48 65.89 51.16
C ALA DA 333 67.24 64.64 50.32
N ASN DA 334 65.98 64.40 49.99
CA ASN DA 334 65.63 63.25 49.18
C ASN DA 334 66.10 63.42 47.73
N ASN DA 335 66.45 62.31 47.11
CA ASN DA 335 66.76 62.24 45.68
C ASN DA 335 65.85 61.19 45.08
N LEU DA 336 64.71 61.63 44.54
CA LEU DA 336 63.69 60.70 44.06
C LEU DA 336 64.02 60.09 42.71
N THR DA 337 65.03 60.59 42.00
CA THR DA 337 65.38 60.08 40.69
C THR DA 337 66.63 59.22 40.67
N SER DA 338 67.35 59.12 41.79
CA SER DA 338 68.53 58.27 41.84
C SER DA 338 68.13 56.80 42.02
N THR DA 339 69.03 55.92 41.59
CA THR DA 339 68.80 54.48 41.62
C THR DA 339 69.85 53.78 42.48
N VAL DA 340 69.56 52.53 42.80
CA VAL DA 340 70.52 51.61 43.40
C VAL DA 340 70.54 50.34 42.55
N GLN DA 341 71.74 49.84 42.29
CA GLN DA 341 71.92 48.65 41.46
C GLN DA 341 72.02 47.42 42.35
N VAL DA 342 71.16 46.44 42.09
CA VAL DA 342 71.12 45.20 42.86
C VAL DA 342 71.17 44.02 41.89
N PHE DA 343 72.05 43.06 42.17
CA PHE DA 343 72.04 41.81 41.43
C PHE DA 343 72.54 40.69 42.34
N THR DA 344 72.09 39.48 42.04
CA THR DA 344 72.50 38.29 42.76
C THR DA 344 73.44 37.47 41.90
N ASP DA 345 74.55 37.02 42.49
CA ASP DA 345 75.54 36.22 41.78
C ASP DA 345 75.10 34.76 41.77
N SER DA 346 74.05 34.47 41.01
CA SER DA 346 73.45 33.11 41.01
C SER DA 346 74.29 32.12 40.22
N GLU DA 347 75.19 32.60 39.37
CA GLU DA 347 76.10 31.70 38.66
C GLU DA 347 77.42 31.51 39.37
N TYR DA 348 77.62 32.15 40.52
CA TYR DA 348 78.83 32.01 41.33
C TYR DA 348 80.09 32.32 40.52
N GLN DA 349 80.04 33.40 39.76
CA GLN DA 349 81.17 33.85 38.98
C GLN DA 349 82.07 34.83 39.74
N LEU DA 350 81.68 35.25 40.92
CA LEU DA 350 82.46 36.15 41.75
C LEU DA 350 83.04 35.39 42.95
N PRO DA 351 84.16 35.86 43.49
CA PRO DA 351 84.72 35.22 44.70
C PRO DA 351 83.72 35.27 45.85
N TYR DA 352 83.45 34.11 46.43
CA TYR DA 352 82.44 33.97 47.47
C TYR DA 352 83.07 34.35 48.80
N VAL DA 353 82.76 35.57 49.27
CA VAL DA 353 83.30 36.05 50.54
C VAL DA 353 82.38 35.79 51.72
N LEU DA 354 81.15 35.35 51.47
CA LEU DA 354 80.31 34.86 52.55
C LEU DA 354 80.86 33.54 53.07
N GLY DA 355 80.58 33.26 54.34
CA GLY DA 355 81.10 32.07 54.97
C GLY DA 355 82.50 32.20 55.54
N SER DA 356 83.03 33.41 55.63
CA SER DA 356 84.32 33.66 56.28
C SER DA 356 84.15 34.30 57.65
N ALA DA 357 82.95 34.24 58.22
CA ALA DA 357 82.66 34.77 59.55
C ALA DA 357 82.97 36.27 59.63
N HIS DA 358 82.46 37.02 58.66
CA HIS DA 358 82.69 38.45 58.59
C HIS DA 358 81.57 39.23 59.25
N GLN DA 359 81.92 40.39 59.79
CA GLN DA 359 80.94 41.29 60.38
C GLN DA 359 80.12 41.98 59.29
N GLY DA 360 79.01 42.57 59.70
CA GLY DA 360 78.11 43.24 58.79
C GLY DA 360 76.84 42.50 58.47
N CYS DA 361 76.49 41.48 59.25
CA CYS DA 361 75.28 40.71 59.01
C CYS DA 361 74.05 41.50 59.45
N LEU DA 362 72.90 40.89 59.27
CA LEU DA 362 71.66 41.45 59.81
C LEU DA 362 71.72 41.39 61.34
N PRO DA 363 71.48 42.49 62.04
CA PRO DA 363 71.63 42.47 63.49
C PRO DA 363 70.64 41.53 64.13
N PRO DA 364 71.02 40.87 65.24
CA PRO DA 364 70.09 39.93 65.88
C PRO DA 364 68.81 40.58 66.37
N PHE DA 365 68.86 41.82 66.82
CA PHE DA 365 67.66 42.51 67.29
C PHE DA 365 66.97 43.18 66.11
N PRO DA 366 65.67 42.90 65.90
CA PRO DA 366 64.99 43.45 64.71
C PRO DA 366 64.91 44.96 64.67
N ALA DA 367 65.09 45.64 65.80
CA ALA DA 367 64.98 47.09 65.85
C ALA DA 367 66.27 47.81 65.52
N ASP DA 368 67.38 47.09 65.32
CA ASP DA 368 68.67 47.70 65.04
C ASP DA 368 68.83 48.00 63.56
N VAL DA 369 69.48 49.12 63.26
CA VAL DA 369 69.78 49.54 61.90
C VAL DA 369 71.26 49.27 61.64
N PHE DA 370 71.57 48.66 60.50
CA PHE DA 370 72.93 48.21 60.21
C PHE DA 370 73.42 48.78 58.89
N MET DA 371 74.73 48.96 58.82
CA MET DA 371 75.40 49.40 57.60
C MET DA 371 75.73 48.20 56.73
N VAL DA 372 75.58 48.37 55.42
CA VAL DA 372 75.88 47.30 54.46
C VAL DA 372 77.39 47.19 54.29
N PRO DA 373 77.99 46.02 54.54
CA PRO DA 373 79.44 45.91 54.44
C PRO DA 373 79.94 46.04 53.01
N GLN DA 374 81.16 46.55 52.88
CA GLN DA 374 81.77 46.72 51.57
C GLN DA 374 82.29 45.40 51.03
N TYR DA 375 82.03 45.15 49.75
CA TYR DA 375 82.47 43.91 49.12
C TYR DA 375 83.91 44.03 48.65
N GLY DA 376 84.69 42.98 48.88
CA GLY DA 376 86.06 42.92 48.42
C GLY DA 376 86.52 41.48 48.38
N TYR DA 377 87.49 41.22 47.52
CA TYR DA 377 87.97 39.85 47.32
C TYR DA 377 89.48 39.85 47.19
N LEU DA 378 90.06 38.68 47.43
CA LEU DA 378 91.48 38.46 47.27
C LEU DA 378 91.73 37.47 46.14
N THR DA 379 92.86 37.67 45.45
CA THR DA 379 93.25 36.77 44.37
C THR DA 379 94.68 36.29 44.64
N LEU DA 380 95.25 35.59 43.67
CA LEU DA 380 96.61 35.02 43.83
C LEU DA 380 97.63 36.14 44.07
N ASN DA 381 98.60 35.91 44.94
CA ASN DA 381 99.64 36.91 45.20
C ASN DA 381 101.01 36.24 45.36
N ASN DA 382 102.06 36.86 44.84
CA ASN DA 382 103.43 36.38 45.11
C ASN DA 382 104.00 37.46 46.03
N GLY DA 383 103.74 37.36 47.34
CA GLY DA 383 104.14 38.45 48.24
C GLY DA 383 103.07 39.53 48.18
N SER DA 384 103.47 40.80 48.15
CA SER DA 384 102.50 41.88 48.00
C SER DA 384 102.12 42.12 46.55
N GLN DA 385 102.78 41.46 45.59
CA GLN DA 385 102.51 41.62 44.18
C GLN DA 385 101.52 40.57 43.70
N ALA DA 386 101.13 40.70 42.44
CA ALA DA 386 100.23 39.76 41.78
C ALA DA 386 101.00 38.90 40.78
N VAL DA 387 100.32 37.85 40.30
CA VAL DA 387 100.85 36.98 39.28
C VAL DA 387 99.94 37.05 38.07
N GLY DA 388 100.37 36.40 36.98
CA GLY DA 388 99.58 36.42 35.76
C GLY DA 388 98.25 35.71 35.89
N ARG DA 389 98.14 34.77 36.83
CA ARG DA 389 96.91 34.04 37.04
C ARG DA 389 95.91 34.79 37.90
N SER DA 390 96.31 35.90 38.50
CA SER DA 390 95.39 36.68 39.32
C SER DA 390 94.22 37.20 38.48
N SER DA 391 93.02 37.15 39.06
CA SER DA 391 91.80 37.50 38.36
C SER DA 391 91.26 38.83 38.87
N PHE DA 392 90.78 39.66 37.95
CA PHE DA 392 90.12 40.91 38.28
C PHE DA 392 88.67 40.82 37.85
N TYR DA 393 87.76 41.29 38.70
CA TYR DA 393 86.33 41.22 38.45
C TYR DA 393 85.72 42.61 38.55
N CYS DA 394 85.04 43.03 37.50
CA CYS DA 394 84.24 44.25 37.51
C CYS DA 394 82.79 43.86 37.70
N LEU DA 395 82.18 44.32 38.79
CA LEU DA 395 80.82 43.97 39.12
C LEU DA 395 79.79 44.70 38.27
N GLU DA 396 80.20 45.76 37.56
CA GLU DA 396 79.32 46.40 36.59
C GLU DA 396 79.25 45.64 35.28
N TYR DA 397 80.03 44.55 35.14
CA TYR DA 397 80.01 43.70 33.92
C TYR DA 397 78.93 42.62 34.09
N PHE DA 398 78.20 42.65 35.19
CA PHE DA 398 77.05 41.80 35.46
C PHE DA 398 75.75 42.55 35.20
N PRO DA 399 74.72 41.87 34.73
CA PRO DA 399 73.40 42.51 34.61
C PRO DA 399 72.82 42.74 36.00
N SER DA 400 72.46 43.99 36.28
CA SER DA 400 71.91 44.38 37.57
C SER DA 400 70.60 45.11 37.37
N GLN DA 401 69.77 45.08 38.40
CA GLN DA 401 68.46 45.73 38.39
C GLN DA 401 68.57 47.09 39.06
N MET DA 402 68.09 48.12 38.37
CA MET DA 402 68.15 49.49 38.86
C MET DA 402 66.84 49.84 39.53
N LEU DA 403 66.91 50.33 40.78
CA LEU DA 403 65.74 50.57 41.60
C LEU DA 403 65.69 52.03 42.03
N ARG DA 404 64.64 52.72 41.63
CA ARG DA 404 64.35 54.05 42.16
C ARG DA 404 63.52 53.92 43.44
N THR DA 405 63.16 55.06 44.02
CA THR DA 405 62.22 55.02 45.17
C THR DA 405 60.87 54.58 44.62
N GLY DA 406 60.37 53.46 45.11
CA GLY DA 406 59.15 52.85 44.62
C GLY DA 406 59.35 51.54 43.91
N ASN DA 407 60.58 51.17 43.60
CA ASN DA 407 60.90 49.87 43.03
C ASN DA 407 61.37 48.92 44.12
N ASN DA 408 61.12 47.63 43.93
CA ASN DA 408 61.54 46.60 44.86
C ASN DA 408 62.28 45.50 44.12
N PHE DA 409 63.08 44.75 44.86
CA PHE DA 409 63.84 43.63 44.34
C PHE DA 409 63.46 42.38 45.13
N THR DA 410 63.43 41.24 44.44
CA THR DA 410 63.12 39.99 45.10
C THR DA 410 63.75 38.84 44.32
N PHE DA 411 64.04 37.75 45.04
CA PHE DA 411 64.48 36.51 44.40
C PHE DA 411 64.29 35.37 45.38
N SER DA 412 64.12 34.17 44.84
CA SER DA 412 63.89 32.97 45.62
C SER DA 412 65.02 31.98 45.35
N TYR DA 413 65.40 31.24 46.39
CA TYR DA 413 66.49 30.28 46.30
C TYR DA 413 66.06 29.00 47.00
N THR DA 414 66.47 27.86 46.45
CA THR DA 414 66.20 26.56 47.05
C THR DA 414 67.51 25.93 47.47
N PHE DA 415 67.60 25.55 48.75
CA PHE DA 415 68.79 24.87 49.25
C PHE DA 415 68.88 23.47 48.64
N GLU DA 416 70.11 23.03 48.38
CA GLU DA 416 70.33 21.66 47.99
C GLU DA 416 70.12 20.72 49.18
N ASP DA 417 69.99 19.43 48.88
CA ASP DA 417 69.80 18.45 49.94
C ASP DA 417 71.08 18.35 50.78
N VAL DA 418 70.93 18.56 52.08
CA VAL DA 418 72.06 18.51 53.01
C VAL DA 418 71.66 17.68 54.22
N PRO DA 419 72.62 17.07 54.90
CA PRO DA 419 72.29 16.31 56.11
C PRO DA 419 71.72 17.22 57.20
N PHE DA 420 70.84 16.64 58.01
CA PHE DA 420 70.35 17.35 59.19
C PHE DA 420 71.51 17.60 60.14
N HIS DA 421 71.54 18.80 60.72
CA HIS DA 421 72.51 19.08 61.77
C HIS DA 421 72.21 18.21 62.98
N SER DA 422 73.27 17.63 63.55
CA SER DA 422 73.13 16.76 64.74
C SER DA 422 72.89 17.61 65.98
N SER DA 423 71.65 18.05 66.20
CA SER DA 423 71.31 18.84 67.37
C SER DA 423 71.01 17.95 68.58
N TYR DA 424 71.94 17.05 68.87
CA TYR DA 424 71.80 16.12 69.99
C TYR DA 424 73.19 15.76 70.49
N ALA DA 425 73.24 15.29 71.72
CA ALA DA 425 74.45 14.73 72.31
C ALA DA 425 74.25 13.25 72.56
N HIS DA 426 75.26 12.46 72.21
CA HIS DA 426 75.15 11.02 72.40
C HIS DA 426 75.14 10.68 73.88
N SER DA 427 74.19 9.82 74.28
CA SER DA 427 74.11 9.33 75.65
C SER DA 427 74.95 8.08 75.86
N GLN DA 428 75.65 7.60 74.83
CA GLN DA 428 76.58 6.50 74.95
C GLN DA 428 77.94 6.93 74.43
N SER DA 429 78.99 6.34 74.99
CA SER DA 429 80.35 6.56 74.53
C SER DA 429 80.73 5.46 73.55
N LEU DA 430 81.62 5.81 72.61
CA LEU DA 430 82.03 4.85 71.58
C LEU DA 430 82.78 3.67 72.16
N ASP DA 431 83.36 3.82 73.36
CA ASP DA 431 84.15 2.73 73.98
C ASP DA 431 83.29 1.99 75.03
N ARG DA 432 82.00 2.33 75.13
CA ARG DA 432 81.10 1.71 76.09
C ARG DA 432 79.80 1.28 75.40
N LEU DA 433 79.93 0.62 74.25
CA LEU DA 433 78.78 0.19 73.46
C LEU DA 433 78.42 -1.27 73.68
N MET DA 434 79.04 -1.94 74.64
CA MET DA 434 78.88 -3.36 74.84
C MET DA 434 77.83 -3.65 75.91
N ASN DA 435 77.56 -4.94 76.11
CA ASN DA 435 76.71 -5.41 77.19
C ASN DA 435 77.60 -5.74 78.39
N PRO DA 436 77.51 -4.99 79.49
CA PRO DA 436 78.43 -5.23 80.62
C PRO DA 436 78.18 -6.54 81.35
N LEU DA 437 77.08 -7.23 81.09
CA LEU DA 437 76.74 -8.44 81.80
C LEU DA 437 77.31 -9.70 81.16
N ILE DA 438 77.59 -9.67 79.86
CA ILE DA 438 78.00 -10.85 79.12
C ILE DA 438 79.43 -10.67 78.66
N ASP DA 439 80.24 -11.71 78.85
CA ASP DA 439 81.60 -11.71 78.35
C ASP DA 439 81.62 -11.86 76.83
N GLN DA 440 82.71 -11.41 76.22
CA GLN DA 440 82.94 -11.63 74.80
C GLN DA 440 83.47 -13.04 74.56
N TYR DA 441 83.15 -13.59 73.40
CA TYR DA 441 83.74 -14.87 73.01
C TYR DA 441 85.13 -14.72 72.39
N LEU DA 442 85.52 -13.50 72.04
CA LEU DA 442 86.84 -13.27 71.48
C LEU DA 442 87.88 -13.14 72.60
N TYR DA 443 89.10 -13.52 72.28
CA TYR DA 443 90.21 -13.48 73.22
C TYR DA 443 91.17 -12.36 72.87
N TYR DA 444 91.84 -11.83 73.88
CA TYR DA 444 92.87 -10.83 73.72
C TYR DA 444 94.09 -11.25 74.54
N LEU DA 445 95.27 -10.83 74.08
CA LEU DA 445 96.50 -11.11 74.80
C LEU DA 445 96.51 -10.33 76.09
N SER DA 446 96.34 -11.02 77.21
CA SER DA 446 96.26 -10.38 78.52
C SER DA 446 97.56 -10.42 79.30
N ARG DA 447 98.35 -11.46 79.10
CA ARG DA 447 99.65 -11.55 79.80
C ARG DA 447 100.75 -11.93 78.81
N THR DA 448 101.96 -11.46 79.07
CA THR DA 448 103.10 -11.76 78.23
C THR DA 448 104.20 -12.54 78.93
N ASN DA 449 104.08 -12.78 80.24
CA ASN DA 449 105.05 -13.58 80.97
C ASN DA 449 104.37 -14.19 82.18
N THR DA 450 105.04 -15.17 82.78
CA THR DA 450 104.56 -15.83 83.99
C THR DA 450 105.71 -15.98 84.97
N PRO DA 451 105.44 -16.04 86.30
CA PRO DA 451 106.51 -16.26 87.26
C PRO DA 451 107.17 -17.61 86.98
N SER DA 452 108.49 -17.62 86.78
CA SER DA 452 109.22 -18.90 86.57
C SER DA 452 110.37 -18.95 87.58
N GLY DA 453 110.38 -19.95 88.45
CA GLY DA 453 111.41 -20.00 89.52
C GLY DA 453 111.34 -18.74 90.37
N THR DA 454 112.47 -18.04 90.51
CA THR DA 454 112.48 -16.76 91.27
C THR DA 454 112.66 -15.62 90.27
N THR DA 455 112.65 -15.93 88.98
CA THR DA 455 112.74 -14.89 87.92
C THR DA 455 111.42 -14.87 87.15
N THR DA 456 111.45 -14.43 85.88
CA THR DA 456 110.23 -14.46 85.03
C THR DA 456 110.53 -15.19 83.73
N GLN DA 457 109.50 -15.76 83.10
CA GLN DA 457 109.67 -16.46 81.85
C GLN DA 457 108.61 -16.00 80.87
N SER DA 458 108.99 -15.81 79.61
CA SER DA 458 108.06 -15.34 78.60
C SER DA 458 107.00 -16.40 78.31
N ARG DA 459 105.74 -16.00 78.36
CA ARG DA 459 104.63 -16.93 78.15
C ARG DA 459 103.39 -16.11 77.79
N LEU DA 460 102.82 -16.38 76.61
CA LEU DA 460 101.64 -15.66 76.17
C LEU DA 460 100.38 -16.30 76.73
N GLN DA 461 99.48 -15.45 77.26
CA GLN DA 461 98.18 -15.90 77.75
C GLN DA 461 97.09 -14.99 77.22
N PHE DA 462 95.90 -15.55 77.10
CA PHE DA 462 94.76 -14.85 76.50
C PHE DA 462 93.54 -14.96 77.41
N SER DA 463 92.73 -13.91 77.40
CA SER DA 463 91.54 -13.85 78.23
C SER DA 463 90.37 -13.33 77.41
N GLN DA 464 89.17 -13.66 77.86
CA GLN DA 464 87.95 -13.10 77.30
C GLN DA 464 87.58 -11.86 78.08
N ALA DA 465 87.28 -10.78 77.36
CA ALA DA 465 87.04 -9.49 77.99
C ALA DA 465 85.59 -9.39 78.49
N GLY DA 466 85.44 -8.86 79.70
CA GLY DA 466 84.14 -8.62 80.29
C GLY DA 466 84.07 -7.19 80.84
N ALA DA 467 83.37 -7.04 81.96
CA ALA DA 467 83.21 -5.73 82.57
C ALA DA 467 84.44 -5.28 83.34
N SER DA 468 85.14 -6.22 83.99
CA SER DA 468 86.28 -5.86 84.82
C SER DA 468 87.45 -5.36 83.99
N ASP DA 469 87.64 -5.93 82.79
CA ASP DA 469 88.68 -5.50 81.88
C ASP DA 469 88.06 -4.91 80.63
N ILE DA 470 87.06 -4.04 80.83
CA ILE DA 470 86.25 -3.50 79.75
C ILE DA 470 87.07 -2.74 78.72
N ARG DA 471 88.26 -2.26 79.09
CA ARG DA 471 89.09 -1.51 78.17
C ARG DA 471 89.70 -2.39 77.08
N ASP DA 472 89.74 -3.71 77.28
CA ASP DA 472 90.37 -4.63 76.35
C ASP DA 472 89.37 -5.29 75.40
N GLN DA 473 88.11 -4.88 75.44
CA GLN DA 473 87.09 -5.52 74.62
C GLN DA 473 87.32 -5.22 73.15
N SER DA 474 87.08 -6.23 72.30
CA SER DA 474 87.16 -6.04 70.87
C SER DA 474 86.01 -5.15 70.39
N ARG DA 475 86.34 -4.20 69.52
CA ARG DA 475 85.39 -3.20 69.09
C ARG DA 475 85.38 -3.08 67.58
N ASN DA 476 84.30 -2.53 67.05
CA ASN DA 476 84.11 -2.43 65.60
C ASN DA 476 84.43 -1.06 65.04
N TRP DA 477 84.57 -0.04 65.89
CA TRP DA 477 84.68 1.34 65.44
C TRP DA 477 85.82 2.04 66.16
N LEU DA 478 86.19 3.20 65.62
CA LEU DA 478 87.29 4.02 66.11
C LEU DA 478 86.84 5.46 66.25
N PRO DA 479 87.45 6.21 67.17
CA PRO DA 479 87.13 7.64 67.28
C PRO DA 479 87.61 8.42 66.06
N GLY DA 480 86.95 9.54 65.80
CA GLY DA 480 87.21 10.34 64.62
C GLY DA 480 88.61 10.91 64.55
N PRO DA 481 88.92 11.58 63.44
CA PRO DA 481 90.28 12.07 63.23
C PRO DA 481 90.63 13.22 64.16
N CYS DA 482 91.95 13.40 64.30
CA CYS DA 482 92.49 14.37 65.28
C CYS DA 482 93.57 15.24 64.67
N TYR DA 483 93.69 16.48 65.13
CA TYR DA 483 94.79 17.37 64.77
C TYR DA 483 95.10 18.19 66.01
N ARG DA 484 96.09 17.73 66.79
CA ARG DA 484 96.23 18.15 68.18
C ARG DA 484 96.41 19.66 68.32
N GLN DA 485 95.74 20.21 69.33
CA GLN DA 485 95.80 21.62 69.68
C GLN DA 485 96.49 21.79 71.02
N GLN DA 486 97.12 22.93 71.23
CA GLN DA 486 97.69 23.24 72.53
C GLN DA 486 96.59 23.56 73.53
N ARG DA 487 96.80 23.17 74.78
CA ARG DA 487 95.83 23.36 75.84
C ARG DA 487 96.12 24.64 76.60
N VAL DA 488 95.08 25.47 76.71
CA VAL DA 488 95.16 26.75 77.46
C VAL DA 488 94.08 26.69 78.54
N SER DA 489 94.27 27.38 79.66
CA SER DA 489 93.33 27.39 80.77
C SER DA 489 92.69 28.75 80.92
N LYS DA 490 91.41 28.75 81.31
CA LYS DA 490 90.69 30.03 81.54
C LYS DA 490 91.25 30.70 82.79
N THR DA 491 91.79 29.92 83.73
CA THR DA 491 92.48 30.49 84.91
C THR DA 491 93.85 30.96 84.42
N SER DA 492 94.12 32.26 84.44
CA SER DA 492 95.38 32.79 83.85
C SER DA 492 96.64 32.20 84.49
N ALA DA 493 96.70 32.12 85.82
CA ALA DA 493 97.92 31.66 86.47
C ALA DA 493 98.34 30.27 86.00
N ASP DA 494 97.39 29.47 85.53
CA ASP DA 494 97.68 28.11 85.11
C ASP DA 494 98.45 28.05 83.80
N ASN DA 495 98.54 29.14 83.05
CA ASN DA 495 99.17 29.15 81.75
C ASN DA 495 100.66 29.48 81.87
N ASN DA 496 101.42 29.06 80.87
CA ASN DA 496 102.85 29.35 80.85
C ASN DA 496 103.09 30.84 80.67
N ASN DA 497 104.09 31.36 81.38
CA ASN DA 497 104.42 32.79 81.34
C ASN DA 497 105.34 33.06 80.15
N SER DA 498 104.76 33.00 78.96
CA SER DA 498 105.48 33.24 77.72
C SER DA 498 104.48 33.58 76.63
N GLU DA 499 105.02 34.06 75.50
CA GLU DA 499 104.17 34.37 74.32
C GLU DA 499 104.20 33.15 73.41
N TYR DA 500 103.14 32.36 73.42
CA TYR DA 500 103.05 31.13 72.66
C TYR DA 500 101.79 31.08 71.78
N SER DA 501 101.21 32.23 71.46
CA SER DA 501 100.00 32.23 70.63
C SER DA 501 100.29 31.81 69.19
N TRP DA 502 101.54 31.86 68.76
CA TRP DA 502 101.92 31.42 67.43
C TRP DA 502 102.95 30.31 67.43
N THR DA 503 103.94 30.35 68.33
CA THR DA 503 104.93 29.29 68.39
C THR DA 503 104.30 27.95 68.75
N GLY DA 504 103.39 27.96 69.72
CA GLY DA 504 102.66 26.78 70.12
C GLY DA 504 101.36 26.56 69.38
N ALA DA 505 101.08 27.36 68.37
CA ALA DA 505 99.81 27.28 67.64
C ALA DA 505 99.83 26.10 66.66
N THR DA 506 98.64 25.60 66.38
CA THR DA 506 98.45 24.55 65.38
C THR DA 506 98.25 25.18 64.01
N LYS DA 507 99.08 24.79 63.05
CA LYS DA 507 99.15 25.48 61.77
C LYS DA 507 99.16 24.47 60.63
N TYR DA 508 98.74 24.94 59.46
CA TYR DA 508 98.91 24.20 58.22
C TYR DA 508 99.74 25.05 57.26
N HIS DA 509 100.57 24.38 56.48
CA HIS DA 509 101.54 25.01 55.59
C HIS DA 509 101.02 24.93 54.17
N LEU DA 510 100.91 26.07 53.49
CA LEU DA 510 100.37 26.13 52.13
C LEU DA 510 101.14 27.18 51.35
N ASN DA 511 101.86 26.73 50.32
CA ASN DA 511 102.62 27.62 49.42
C ASN DA 511 103.62 28.48 50.20
N GLY DA 512 104.26 27.88 51.20
CA GLY DA 512 105.26 28.59 51.98
C GLY DA 512 104.72 29.51 53.04
N ARG DA 513 103.41 29.56 53.21
CA ARG DA 513 102.84 30.41 54.30
C ARG DA 513 102.09 29.58 55.33
N ASP DA 514 102.30 29.86 56.61
CA ASP DA 514 101.63 29.21 57.72
C ASP DA 514 100.31 29.93 58.02
N SER DA 515 99.22 29.17 58.05
CA SER DA 515 97.92 29.69 58.43
C SER DA 515 97.47 29.01 59.71
N LEU DA 516 96.85 29.78 60.60
CA LEU DA 516 96.33 29.23 61.84
C LEU DA 516 95.20 28.26 61.55
N VAL DA 517 95.22 27.10 62.23
CA VAL DA 517 94.13 26.13 62.14
C VAL DA 517 93.10 26.54 63.19
N ASN DA 518 92.02 27.14 62.73
CA ASN DA 518 91.02 27.71 63.63
C ASN DA 518 89.65 27.67 62.98
N PRO DA 519 88.70 26.89 63.53
CA PRO DA 519 88.82 26.03 64.71
C PRO DA 519 89.34 24.63 64.38
N GLY DA 520 89.48 24.31 63.10
CA GLY DA 520 90.01 23.03 62.69
C GLY DA 520 89.00 21.90 62.77
N PRO DA 521 89.50 20.66 62.72
CA PRO DA 521 88.61 19.50 62.80
C PRO DA 521 87.85 19.47 64.11
N ALA DA 522 86.62 18.97 64.05
CA ALA DA 522 85.74 18.94 65.21
C ALA DA 522 86.30 17.97 66.26
N MET DA 523 86.65 18.51 67.42
CA MET DA 523 87.21 17.73 68.50
C MET DA 523 86.66 18.25 69.83
N ALA DA 524 86.63 17.37 70.83
CA ALA DA 524 86.14 17.75 72.14
C ALA DA 524 87.05 18.79 72.78
N SER DA 525 86.45 19.80 73.39
CA SER DA 525 87.23 20.86 74.03
C SER DA 525 88.04 20.33 75.21
N HIS DA 526 87.46 19.41 75.99
CA HIS DA 526 88.12 18.92 77.18
C HIS DA 526 87.49 17.59 77.57
N LYS DA 527 88.18 16.86 78.45
CA LYS DA 527 87.69 15.60 78.98
C LYS DA 527 86.85 15.85 80.23
N ASP DA 528 86.52 14.79 80.96
CA ASP DA 528 85.71 14.93 82.15
C ASP DA 528 86.39 15.80 83.19
N ASP DA 529 85.60 16.69 83.80
CA ASP DA 529 86.05 17.51 84.94
C ASP DA 529 87.26 18.37 84.59
N GLU DA 530 87.28 18.89 83.37
CA GLU DA 530 88.34 19.79 82.93
C GLU DA 530 87.75 20.94 82.12
N GLU DA 531 86.63 21.49 82.59
CA GLU DA 531 85.92 22.52 81.85
C GLU DA 531 86.72 23.81 81.73
N LYS DA 532 87.73 24.01 82.57
CA LYS DA 532 88.54 25.22 82.47
C LYS DA 532 89.52 25.18 81.31
N PHE DA 533 89.72 24.03 80.69
CA PHE DA 533 90.68 23.88 79.60
C PHE DA 533 89.96 23.91 78.26
N PHE DA 534 90.53 24.64 77.32
CA PHE DA 534 90.03 24.70 75.95
C PHE DA 534 91.21 24.71 74.99
N PRO DA 535 91.01 24.21 73.77
CA PRO DA 535 92.08 24.25 72.77
C PRO DA 535 92.42 25.68 72.40
N GLN DA 536 93.69 25.90 72.07
CA GLN DA 536 94.18 27.25 71.84
C GLN DA 536 93.47 27.92 70.67
N SER DA 537 93.26 27.18 69.57
CA SER DA 537 92.51 27.69 68.43
C SER DA 537 91.54 26.63 67.92
N GLY DA 538 90.96 25.86 68.83
CA GLY DA 538 90.07 24.79 68.46
C GLY DA 538 88.60 25.00 68.75
N VAL DA 539 88.21 26.17 69.24
CA VAL DA 539 86.81 26.48 69.53
C VAL DA 539 86.47 27.85 68.98
N LEU DA 540 85.19 28.06 68.69
CA LEU DA 540 84.73 29.38 68.31
C LEU DA 540 84.70 30.29 69.53
N ILE DA 541 85.15 31.52 69.37
CA ILE DA 541 85.16 32.51 70.44
C ILE DA 541 84.35 33.70 69.96
N PHE DA 542 83.24 33.97 70.64
CA PHE DA 542 82.37 35.09 70.33
C PHE DA 542 82.64 36.23 71.29
N GLY DA 543 82.52 37.45 70.78
CA GLY DA 543 82.71 38.63 71.59
C GLY DA 543 81.43 39.04 72.30
N LYS DA 544 81.57 39.46 73.55
CA LYS DA 544 80.44 40.04 74.27
C LYS DA 544 80.11 41.41 73.70
N GLN DA 545 78.96 41.94 74.09
CA GLN DA 545 78.54 43.25 73.60
C GLN DA 545 79.52 44.33 74.05
N GLY DA 546 79.93 45.18 73.11
CA GLY DA 546 80.87 46.24 73.39
C GLY DA 546 82.32 45.84 73.38
N SER DA 547 82.62 44.61 72.98
CA SER DA 547 84.01 44.10 73.01
C SER DA 547 84.83 44.75 71.88
N GLU DA 548 86.08 45.13 72.16
CA GLU DA 548 86.94 45.75 71.18
C GLU DA 548 87.45 44.71 70.19
N LYS DA 549 88.41 45.13 69.36
CA LYS DA 549 88.91 44.27 68.30
C LYS DA 549 90.23 43.58 68.67
N THR DA 550 91.13 44.28 69.34
CA THR DA 550 92.48 43.81 69.57
C THR DA 550 92.74 43.59 71.06
N ASN DA 551 93.19 42.38 71.39
CA ASN DA 551 93.73 42.06 72.72
C ASN DA 551 92.75 42.35 73.83
N VAL DA 552 91.52 41.86 73.68
CA VAL DA 552 90.54 41.95 74.74
C VAL DA 552 90.78 40.83 75.74
N ASP DA 553 90.37 41.05 76.98
CA ASP DA 553 90.59 40.07 78.03
C ASP DA 553 89.65 38.88 77.86
N ILE DA 554 89.91 37.83 78.64
CA ILE DA 554 89.09 36.63 78.55
C ILE DA 554 87.67 36.89 79.04
N GLU DA 555 87.50 37.80 80.01
CA GLU DA 555 86.17 38.14 80.49
C GLU DA 555 85.35 38.92 79.46
N LYS DA 556 85.99 39.42 78.40
CA LYS DA 556 85.29 40.13 77.34
C LYS DA 556 84.79 39.21 76.24
N VAL DA 557 85.15 37.92 76.26
CA VAL DA 557 84.77 36.98 75.22
C VAL DA 557 84.08 35.79 75.85
N MET DA 558 83.30 35.09 75.03
CA MET DA 558 82.57 33.89 75.43
C MET DA 558 83.12 32.73 74.61
N ILE DA 559 83.75 31.78 75.28
CA ILE DA 559 84.40 30.64 74.62
C ILE DA 559 83.42 29.48 74.58
N THR DA 560 83.20 28.93 73.40
CA THR DA 560 82.26 27.84 73.24
C THR DA 560 82.87 26.52 73.72
N ASP DA 561 81.98 25.55 73.94
CA ASP DA 561 82.43 24.23 74.44
C ASP DA 561 81.87 23.15 73.53
N GLU DA 562 82.71 22.21 73.12
CA GLU DA 562 82.36 21.08 72.28
C GLU DA 562 82.49 19.78 73.05
N GLU DA 563 82.04 19.77 74.30
CA GLU DA 563 82.16 18.58 75.13
C GLU DA 563 81.11 17.52 74.82
N GLU DA 564 80.03 17.88 74.13
CA GLU DA 564 78.99 16.91 73.83
C GLU DA 564 79.44 15.86 72.82
N ILE DA 565 80.54 16.10 72.11
CA ILE DA 565 81.02 15.18 71.09
C ILE DA 565 82.22 14.36 71.57
N ARG DA 566 82.56 14.43 72.86
CA ARG DA 566 83.65 13.62 73.38
C ARG DA 566 83.31 12.15 73.44
N THR DA 567 82.05 11.78 73.20
CA THR DA 567 81.68 10.37 73.15
C THR DA 567 82.30 9.67 71.94
N THR DA 568 82.43 10.37 70.81
CA THR DA 568 82.98 9.80 69.60
C THR DA 568 84.21 10.51 69.08
N ASN DA 569 84.48 11.74 69.51
CA ASN DA 569 85.60 12.51 68.99
C ASN DA 569 86.70 12.63 70.04
N PRO DA 570 87.96 12.54 69.62
CA PRO DA 570 89.06 12.68 70.57
C PRO DA 570 89.12 14.08 71.13
N VAL DA 571 89.65 14.18 72.35
CA VAL DA 571 89.87 15.48 72.96
C VAL DA 571 90.92 16.24 72.16
N ALA DA 572 90.67 17.54 71.95
CA ALA DA 572 91.49 18.33 71.05
C ALA DA 572 92.93 18.44 71.54
N THR DA 573 93.12 18.54 72.85
CA THR DA 573 94.44 18.80 73.42
C THR DA 573 95.21 17.54 73.76
N GLU DA 574 94.67 16.37 73.48
CA GLU DA 574 95.31 15.10 73.79
C GLU DA 574 95.59 14.32 72.52
N GLN DA 575 96.40 13.29 72.66
CA GLN DA 575 96.75 12.45 71.53
C GLN DA 575 95.55 11.57 71.13
N TYR DA 576 95.55 11.16 69.86
CA TYR DA 576 94.53 10.21 69.41
C TYR DA 576 94.71 8.86 70.09
N GLY DA 577 95.95 8.42 70.23
CA GLY DA 577 96.22 7.10 70.81
C GLY DA 577 97.69 6.79 70.74
N SER DA 578 97.99 5.49 70.73
CA SER DA 578 99.37 5.01 70.68
C SER DA 578 99.49 3.91 69.64
N VAL DA 579 100.66 3.87 68.98
CA VAL DA 579 100.99 2.85 68.00
C VAL DA 579 102.36 2.29 68.34
N SER DA 580 102.60 1.07 67.87
CA SER DA 580 103.91 0.46 68.05
C SER DA 580 104.92 1.09 67.09
N THR DA 581 106.17 1.18 67.53
CA THR DA 581 107.23 1.78 66.74
C THR DA 581 108.40 0.85 66.46
N ASN DA 582 108.43 -0.35 67.04
CA ASN DA 582 109.52 -1.28 66.82
C ASN DA 582 108.96 -2.70 66.86
N LEU DA 583 109.87 -3.68 66.90
CA LEU DA 583 109.50 -5.09 66.97
C LEU DA 583 110.15 -5.68 68.22
N GLN DA 584 109.34 -6.00 69.21
CA GLN DA 584 109.84 -6.62 70.43
C GLN DA 584 110.36 -8.02 70.13
N ARG DA 585 111.40 -8.39 70.88
CA ARG DA 585 112.07 -9.68 70.65
C ARG DA 585 112.83 -10.08 71.91
N GLY DA 586 112.83 -11.37 72.25
CA GLY DA 586 113.60 -11.87 73.37
C GLY DA 586 114.99 -12.28 72.95
N ASN DA 587 115.73 -12.83 73.94
CA ASN DA 587 117.15 -13.19 73.70
C ASN DA 587 117.24 -14.48 72.88
N THR DA 594 120.18 -9.18 70.88
CA THR DA 594 119.83 -8.92 72.29
C THR DA 594 118.32 -8.77 72.42
N SER DA 595 117.78 -8.52 73.62
CA SER DA 595 116.34 -8.34 73.65
C SER DA 595 115.97 -6.89 73.40
N ARG DA 596 114.79 -6.69 72.81
CA ARG DA 596 114.24 -5.35 72.56
C ARG DA 596 112.84 -5.29 73.14
N GLN DA 597 112.59 -4.32 74.00
CA GLN DA 597 111.27 -4.16 74.60
C GLN DA 597 110.35 -3.37 73.69
N ALA DA 598 109.05 -3.68 73.77
CA ALA DA 598 108.07 -3.01 72.92
C ALA DA 598 108.01 -1.52 73.24
N ALA DA 599 107.96 -0.71 72.18
CA ALA DA 599 107.92 0.73 72.30
C ALA DA 599 106.69 1.29 71.61
N THR DA 600 106.16 2.38 72.16
CA THR DA 600 104.97 3.03 71.63
C THR DA 600 105.21 4.53 71.50
N ALA DA 601 104.45 5.15 70.61
CA ALA DA 601 104.53 6.59 70.40
C ALA DA 601 103.13 7.18 70.38
N ASP DA 602 103.02 8.43 70.81
CA ASP DA 602 101.75 9.14 70.75
C ASP DA 602 101.44 9.53 69.31
N VAL DA 603 100.16 9.48 68.97
CA VAL DA 603 99.68 9.85 67.64
C VAL DA 603 99.02 11.22 67.79
N ASN DA 604 99.80 12.27 67.59
CA ASN DA 604 99.29 13.62 67.73
C ASN DA 604 98.45 14.07 66.53
N THR DA 605 98.61 13.42 65.38
CA THR DA 605 97.79 13.69 64.22
C THR DA 605 97.36 12.36 63.61
N GLN DA 606 96.06 12.21 63.38
CA GLN DA 606 95.49 10.98 62.86
C GLN DA 606 94.56 11.31 61.70
N GLY DA 607 94.86 10.75 60.53
CA GLY DA 607 93.96 10.86 59.40
C GLY DA 607 92.79 9.91 59.52
N VAL DA 608 91.90 9.99 58.54
CA VAL DA 608 90.69 9.16 58.56
C VAL DA 608 91.06 7.72 58.25
N LEU DA 609 90.59 6.81 59.08
CA LEU DA 609 90.76 5.38 58.94
C LEU DA 609 89.41 4.71 58.65
N PRO DA 610 89.41 3.57 57.97
CA PRO DA 610 88.15 2.83 57.80
C PRO DA 610 87.58 2.41 59.15
N GLY DA 611 86.26 2.53 59.28
CA GLY DA 611 85.59 2.26 60.54
C GLY DA 611 85.54 3.43 61.50
N MET DA 612 86.01 4.60 61.08
CA MET DA 612 86.03 5.79 61.98
C MET DA 612 84.68 6.50 61.97
N VAL DA 613 84.18 6.91 63.13
CA VAL DA 613 82.93 7.63 63.31
C VAL DA 613 83.21 8.90 64.12
N TRP DA 614 82.53 9.99 63.77
CA TRP DA 614 82.77 11.26 64.42
C TRP DA 614 81.51 12.12 64.31
N GLN DA 615 81.48 13.19 65.10
CA GLN DA 615 80.44 14.19 65.06
C GLN DA 615 81.02 15.51 64.57
N ASP DA 616 80.22 16.26 63.82
CA ASP DA 616 80.67 17.54 63.31
C ASP DA 616 80.60 18.61 64.40
N ARG DA 617 81.15 19.78 64.11
CA ARG DA 617 81.12 20.88 65.06
C ARG DA 617 79.70 21.40 65.24
N ASP DA 618 79.38 21.79 66.47
CA ASP DA 618 78.06 22.31 66.76
C ASP DA 618 77.85 23.69 66.12
N VAL DA 619 76.59 24.01 65.87
CA VAL DA 619 76.21 25.34 65.40
C VAL DA 619 75.64 26.12 66.58
N TYR DA 620 75.75 27.44 66.50
CA TYR DA 620 75.36 28.31 67.60
C TYR DA 620 74.44 29.40 67.06
N LEU DA 621 73.71 30.03 67.98
CA LEU DA 621 72.81 31.11 67.60
C LEU DA 621 73.58 32.26 66.95
N GLN DA 622 74.75 32.59 67.50
CA GLN DA 622 75.62 33.60 66.91
C GLN DA 622 76.52 33.05 65.82
N GLY DA 623 76.49 31.75 65.56
CA GLY DA 623 77.39 31.13 64.63
C GLY DA 623 76.92 31.19 63.19
N PRO DA 624 77.79 30.83 62.26
CA PRO DA 624 77.42 30.81 60.85
C PRO DA 624 76.48 29.65 60.53
N ILE DA 625 75.73 29.83 59.46
CA ILE DA 625 74.76 28.83 59.00
C ILE DA 625 75.35 27.92 57.94
N TRP DA 626 76.00 28.48 56.93
CA TRP DA 626 76.46 27.71 55.79
C TRP DA 626 77.83 28.22 55.33
N ALA DA 627 78.38 27.51 54.35
CA ALA DA 627 79.59 27.93 53.67
C ALA DA 627 79.60 27.28 52.29
N LYS DA 628 80.32 27.90 51.37
CA LYS DA 628 80.43 27.36 50.02
C LYS DA 628 81.55 26.33 49.97
N ILE DA 629 81.22 25.13 49.51
CA ILE DA 629 82.25 24.11 49.31
C ILE DA 629 83.16 24.53 48.16
N PRO DA 630 84.47 24.57 48.35
CA PRO DA 630 85.36 25.01 47.27
C PRO DA 630 85.23 24.10 46.05
N HIS DA 631 85.32 24.71 44.87
CA HIS DA 631 85.22 23.97 43.61
C HIS DA 631 86.56 23.28 43.37
N THR DA 632 86.67 22.05 43.87
CA THR DA 632 87.89 21.28 43.78
C THR DA 632 87.57 19.88 43.29
N ASP DA 633 88.59 19.19 42.81
CA ASP DA 633 88.40 17.82 42.27
C ASP DA 633 87.98 16.88 43.39
N GLY DA 634 88.58 17.03 44.56
CA GLY DA 634 88.28 16.15 45.68
C GLY DA 634 88.11 16.92 46.97
N HIS DA 635 87.26 16.35 47.82
CA HIS DA 635 87.06 16.84 49.19
C HIS DA 635 86.44 15.73 49.99
N PHE DA 636 86.75 15.69 51.28
CA PHE DA 636 86.24 14.67 52.18
C PHE DA 636 85.39 15.32 53.25
N HIS DA 637 84.14 14.86 53.36
CA HIS DA 637 83.19 15.35 54.36
C HIS DA 637 83.13 16.87 54.34
N PRO DA 638 82.53 17.48 53.32
CA PRO DA 638 82.57 18.94 53.16
C PRO DA 638 81.62 19.70 54.08
N SER DA 639 81.65 19.35 55.36
CA SER DA 639 81.02 20.16 56.40
C SER DA 639 81.97 21.28 56.80
N PRO DA 640 81.52 22.54 56.84
CA PRO DA 640 82.43 23.62 57.20
C PRO DA 640 83.02 23.41 58.59
N LEU DA 641 84.31 23.73 58.72
CA LEU DA 641 84.98 23.50 59.99
C LEU DA 641 84.52 24.48 61.06
N MET DA 642 84.08 25.68 60.67
CA MET DA 642 83.53 26.63 61.61
C MET DA 642 82.13 26.27 62.08
N GLY DA 643 81.51 25.28 61.45
CA GLY DA 643 80.17 24.85 61.82
C GLY DA 643 79.13 25.27 60.80
N GLY DA 644 78.20 24.38 60.51
CA GLY DA 644 77.13 24.69 59.59
C GLY DA 644 76.92 23.67 58.49
N PHE DA 645 76.33 24.10 57.38
CA PHE DA 645 75.98 23.23 56.28
C PHE DA 645 76.86 23.55 55.08
N GLY DA 646 77.52 22.52 54.55
CA GLY DA 646 78.32 22.68 53.35
C GLY DA 646 77.46 22.64 52.10
N LEU DA 647 77.52 23.68 51.29
CA LEU DA 647 76.67 23.81 50.11
C LEU DA 647 77.54 24.00 48.87
N LYS DA 648 77.33 23.14 47.87
CA LYS DA 648 78.02 23.34 46.59
C LYS DA 648 77.49 24.57 45.88
N HIS DA 649 76.21 24.86 46.03
CA HIS DA 649 75.57 26.06 45.50
C HIS DA 649 74.88 26.76 46.66
N PRO DA 650 75.63 27.55 47.44
CA PRO DA 650 75.05 28.23 48.59
C PRO DA 650 74.16 29.38 48.16
N PRO DA 651 73.45 30.02 49.08
CA PRO DA 651 72.69 31.22 48.74
C PRO DA 651 73.58 32.25 48.07
N PRO DA 652 73.16 32.77 46.91
CA PRO DA 652 74.06 33.64 46.14
C PRO DA 652 74.31 34.96 46.86
N GLN DA 653 75.49 35.53 46.58
CA GLN DA 653 75.81 36.85 47.09
C GLN DA 653 74.89 37.89 46.46
N ILE DA 654 74.37 38.80 47.27
CA ILE DA 654 73.50 39.86 46.83
C ILE DA 654 74.29 41.16 46.91
N LEU DA 655 74.62 41.73 45.75
CA LEU DA 655 75.45 42.93 45.67
C LEU DA 655 74.58 44.14 45.41
N ILE DA 656 74.83 45.21 46.17
CA ILE DA 656 74.05 46.44 46.07
C ILE DA 656 75.01 47.62 46.12
N LYS DA 657 74.75 48.63 45.29
CA LYS DA 657 75.55 49.85 45.33
C LYS DA 657 74.71 51.01 44.81
N ASN DA 658 75.11 52.21 45.19
CA ASN DA 658 74.43 53.42 44.72
C ASN DA 658 74.97 53.79 43.35
N THR DA 659 74.07 54.12 42.44
CA THR DA 659 74.49 54.55 41.11
C THR DA 659 75.16 55.92 41.21
N PRO DA 660 76.37 56.07 40.68
CA PRO DA 660 77.05 57.37 40.78
C PRO DA 660 76.30 58.43 39.98
N VAL DA 661 76.05 59.57 40.62
CA VAL DA 661 75.40 60.71 40.00
C VAL DA 661 76.45 61.80 39.82
N PRO DA 662 76.87 62.09 38.59
CA PRO DA 662 77.90 63.11 38.38
C PRO DA 662 77.44 64.48 38.85
N ALA DA 663 78.40 65.25 39.36
CA ALA DA 663 78.16 66.62 39.76
C ALA DA 663 78.16 67.51 38.51
N ASN DA 664 78.22 68.82 38.71
CA ASN DA 664 78.11 69.76 37.59
C ASN DA 664 79.29 69.58 36.63
N PRO DA 665 79.05 69.24 35.37
CA PRO DA 665 80.15 69.08 34.42
C PRO DA 665 80.59 70.42 33.82
N SER DA 666 81.76 70.37 33.20
CA SER DA 666 82.32 71.56 32.51
C SER DA 666 81.57 71.76 31.19
N THR DA 667 81.35 73.01 30.80
CA THR DA 667 80.70 73.30 29.53
C THR DA 667 81.57 72.95 28.34
N THR DA 668 82.86 72.73 28.54
CA THR DA 668 83.77 72.29 27.50
C THR DA 668 84.02 70.79 27.66
N PHE DA 669 84.08 70.08 26.54
CA PHE DA 669 84.25 68.64 26.60
C PHE DA 669 85.62 68.28 27.17
N SER DA 670 85.64 67.29 28.04
CA SER DA 670 86.87 66.75 28.61
C SER DA 670 86.81 65.24 28.55
N ALA DA 671 87.86 64.63 28.00
CA ALA DA 671 87.91 63.17 27.88
C ALA DA 671 88.27 62.49 29.19
N ALA DA 672 88.70 63.24 30.20
CA ALA DA 672 89.00 62.66 31.49
C ALA DA 672 87.73 62.10 32.14
N LYS DA 673 87.86 60.94 32.77
CA LYS DA 673 86.71 60.34 33.43
C LYS DA 673 86.26 61.21 34.60
N PHE DA 674 84.96 61.13 34.88
CA PHE DA 674 84.36 61.98 35.94
C PHE DA 674 84.94 61.64 37.31
N ALA DA 675 85.37 62.66 38.04
CA ALA DA 675 85.88 62.50 39.39
C ALA DA 675 85.08 63.23 40.44
N SER DA 676 84.11 64.04 40.05
CA SER DA 676 83.27 64.78 40.98
C SER DA 676 81.85 64.22 40.90
N PHE DA 677 81.29 63.87 42.05
CA PHE DA 677 79.97 63.27 42.13
C PHE DA 677 79.19 63.91 43.27
N ILE DA 678 77.87 63.78 43.19
CA ILE DA 678 77.00 64.23 44.27
C ILE DA 678 77.06 63.21 45.40
N THR DA 679 77.40 63.67 46.60
CA THR DA 679 77.47 62.78 47.75
C THR DA 679 76.09 62.27 48.09
N GLN DA 680 75.95 60.95 48.22
CA GLN DA 680 74.65 60.37 48.50
C GLN DA 680 74.80 58.99 49.10
N TYR DA 681 73.78 58.57 49.83
CA TYR DA 681 73.67 57.25 50.39
C TYR DA 681 72.24 56.76 50.20
N SER DA 682 72.00 55.52 50.56
CA SER DA 682 70.66 54.94 50.45
C SER DA 682 70.29 54.22 51.72
N THR DA 683 68.98 54.15 51.98
CA THR DA 683 68.44 53.42 53.11
C THR DA 683 67.20 52.68 52.65
N GLY DA 684 66.87 51.61 53.35
CA GLY DA 684 65.72 50.81 52.96
C GLY DA 684 65.52 49.67 53.91
N GLN DA 685 64.65 48.75 53.51
CA GLN DA 685 64.32 47.58 54.31
C GLN DA 685 64.70 46.32 53.54
N VAL DA 686 65.14 45.30 54.29
CA VAL DA 686 65.53 44.02 53.73
C VAL DA 686 64.77 42.93 54.46
N SER DA 687 64.24 41.96 53.72
CA SER DA 687 63.49 40.84 54.28
C SER DA 687 64.13 39.53 53.86
N VAL DA 688 64.34 38.64 54.83
CA VAL DA 688 64.86 37.31 54.58
C VAL DA 688 63.90 36.31 55.24
N GLU DA 689 63.37 35.40 54.43
CA GLU DA 689 62.48 34.35 54.92
C GLU DA 689 63.07 32.99 54.55
N ILE DA 690 63.33 32.17 55.57
CA ILE DA 690 63.94 30.85 55.36
C ILE DA 690 62.99 29.80 55.93
N GLU DA 691 62.73 28.76 55.13
CA GLU DA 691 61.98 27.59 55.59
C GLU DA 691 62.98 26.52 56.03
N TRP DA 692 62.80 26.01 57.24
CA TRP DA 692 63.66 24.98 57.80
C TRP DA 692 62.86 23.71 58.00
N GLU DA 693 63.50 22.56 57.73
CA GLU DA 693 62.90 21.26 57.99
C GLU DA 693 63.41 20.72 59.31
N LEU DA 694 62.51 20.14 60.09
CA LEU DA 694 62.80 19.65 61.42
C LEU DA 694 62.82 18.14 61.45
N GLN DA 695 63.72 17.57 62.24
CA GLN DA 695 63.80 16.14 62.51
C GLN DA 695 63.31 15.93 63.93
N LYS DA 696 62.07 15.49 64.07
CA LYS DA 696 61.45 15.39 65.39
C LYS DA 696 62.12 14.33 66.24
N GLU DA 697 62.30 14.65 67.52
CA GLU DA 697 62.88 13.71 68.47
C GLU DA 697 61.92 12.55 68.72
N ASN DA 698 62.47 11.33 68.72
CA ASN DA 698 61.70 10.11 68.90
C ASN DA 698 62.37 9.23 69.96
N SER DA 699 62.75 9.85 71.08
CA SER DA 699 63.49 9.14 72.11
C SER DA 699 62.57 8.28 72.97
N LYS DA 700 63.13 7.24 73.58
CA LYS DA 700 62.36 6.35 74.50
C LYS DA 700 63.04 6.31 75.87
N ARG DA 701 63.88 7.31 76.19
CA ARG DA 701 64.48 7.35 77.51
C ARG DA 701 63.42 7.67 78.56
N TRP DA 702 63.66 7.20 79.78
CA TRP DA 702 62.68 7.32 80.84
C TRP DA 702 62.85 8.61 81.65
N ASN DA 703 64.05 8.87 82.11
CA ASN DA 703 64.30 10.04 82.94
C ASN DA 703 64.37 11.32 82.09
N PRO DA 704 64.10 12.50 82.68
CA PRO DA 704 64.07 13.74 81.90
C PRO DA 704 65.42 14.07 81.24
N GLU DA 705 65.42 14.94 80.22
CA GLU DA 705 66.65 15.27 79.45
C GLU DA 705 67.21 16.63 79.86
N ILE DA 706 68.42 16.97 79.41
CA ILE DA 706 68.89 18.37 79.64
C ILE DA 706 68.22 19.30 78.64
N GLN DA 707 67.66 20.42 79.11
CA GLN DA 707 67.07 21.40 78.21
C GLN DA 707 67.67 22.76 78.51
N TYR DA 708 67.78 23.59 77.48
CA TYR DA 708 68.18 24.97 77.70
C TYR DA 708 67.06 25.73 78.38
N THR DA 709 67.41 26.55 79.37
CA THR DA 709 66.42 27.26 80.16
C THR DA 709 67.00 28.59 80.62
N SER DA 710 66.09 29.51 80.93
CA SER DA 710 66.53 30.79 81.51
C SER DA 710 66.71 30.57 83.00
N ASN DA 711 67.47 31.42 83.69
CA ASN DA 711 67.70 31.16 85.12
C ASN DA 711 66.60 31.91 85.88
N TYR DA 712 65.94 31.26 86.83
CA TYR DA 712 64.78 31.87 87.53
C TYR DA 712 65.24 32.98 88.48
N ASN DA 713 66.45 32.89 89.05
CA ASN DA 713 66.84 33.87 90.04
C ASN DA 713 66.78 35.29 89.47
N LYS DA 714 66.50 36.23 90.38
CA LYS DA 714 66.38 37.66 89.99
C LYS DA 714 67.71 38.18 89.48
N SER DA 715 67.63 39.17 88.61
CA SER DA 715 68.83 39.78 88.06
C SER DA 715 68.51 41.22 87.68
N ILE DA 716 69.57 42.02 87.54
CA ILE DA 716 69.40 43.41 87.14
C ILE DA 716 68.83 43.48 85.72
N ASN DA 717 69.34 42.64 84.82
CA ASN DA 717 68.91 42.61 83.43
C ASN DA 717 68.41 41.22 83.06
N VAL DA 718 67.42 41.18 82.19
CA VAL DA 718 66.95 39.92 81.63
C VAL DA 718 67.86 39.51 80.48
N ASP DA 719 68.11 38.22 80.35
CA ASP DA 719 68.98 37.73 79.29
C ASP DA 719 68.32 37.92 77.92
N PHE DA 720 69.15 38.25 76.93
CA PHE DA 720 68.71 38.42 75.54
C PHE DA 720 67.64 39.51 75.42
N THR DA 721 67.81 40.59 76.18
CA THR DA 721 66.97 41.76 76.09
C THR DA 721 67.85 43.00 75.98
N VAL DA 722 67.24 44.17 76.05
CA VAL DA 722 67.96 45.43 76.02
C VAL DA 722 68.14 45.92 77.45
N ASP DA 723 69.19 46.71 77.66
CA ASP DA 723 69.46 47.29 78.97
C ASP DA 723 68.82 48.68 79.05
N THR DA 724 69.18 49.44 80.07
CA THR DA 724 68.60 50.80 80.26
C THR DA 724 69.07 51.70 79.13
N ASN DA 725 70.10 51.30 78.39
CA ASN DA 725 70.58 52.10 77.22
C ASN DA 725 69.91 51.56 75.95
N GLY DA 726 69.04 50.54 76.08
CA GLY DA 726 68.38 49.95 74.91
C GLY DA 726 69.37 49.16 74.07
N VAL DA 727 70.50 48.77 74.65
CA VAL DA 727 71.55 48.03 73.89
C VAL DA 727 71.25 46.53 73.99
N TYR DA 728 71.02 45.86 72.85
CA TYR DA 728 70.76 44.44 72.86
C TYR DA 728 72.06 43.67 73.02
N SER DA 729 72.03 42.66 73.87
CA SER DA 729 73.21 41.83 74.12
C SER DA 729 72.81 40.37 74.14
N GLU DA 730 73.76 39.50 73.79
CA GLU DA 730 73.58 38.06 73.87
C GLU DA 730 74.51 37.52 74.94
N PRO DA 731 73.99 37.19 76.13
CA PRO DA 731 74.89 36.92 77.27
C PRO DA 731 75.80 35.72 77.08
N ARG DA 732 75.38 34.67 76.38
CA ARG DA 732 76.18 33.47 76.25
C ARG DA 732 75.89 32.83 74.90
N PRO DA 733 76.82 32.02 74.38
CA PRO DA 733 76.51 31.23 73.19
C PRO DA 733 75.61 30.06 73.54
N ILE DA 734 74.63 29.81 72.68
CA ILE DA 734 73.72 28.68 72.85
C ILE DA 734 73.95 27.73 71.68
N GLY DA 735 74.30 26.49 72.00
CA GLY DA 735 74.43 25.45 71.01
C GLY DA 735 73.08 24.84 70.68
N THR DA 736 73.12 23.63 70.13
CA THR DA 736 71.90 22.91 69.81
C THR DA 736 71.82 21.52 70.44
N ARG DA 737 72.87 21.05 71.11
CA ARG DA 737 72.97 19.66 71.51
C ARG DA 737 72.55 19.51 72.97
N TYR DA 738 71.23 19.41 73.17
CA TYR DA 738 70.65 19.21 74.50
C TYR DA 738 69.90 17.91 74.63
N LEU DA 739 69.13 17.52 73.61
CA LEU DA 739 68.51 16.20 73.61
C LEU DA 739 69.58 15.14 73.39
N THR DA 740 69.23 13.89 73.72
CA THR DA 740 70.16 12.79 73.62
C THR DA 740 69.60 11.69 72.73
N ARG DA 741 70.53 11.01 72.06
CA ARG DA 741 70.17 9.84 71.21
C ARG DA 741 71.25 8.79 71.45
N ASN DA 742 70.91 7.50 71.37
CA ASN DA 742 71.88 6.41 71.49
C ASN DA 742 72.77 6.36 70.27
N LEU DA 743 73.99 5.85 70.47
CA LEU DA 743 74.93 5.68 69.37
C LEU DA 743 74.43 4.62 68.38
N ALA EA 218 28.96 -25.09 -77.96
CA ALA EA 218 27.64 -24.96 -77.30
C ALA EA 218 26.86 -26.26 -77.49
N ASP EA 219 26.95 -26.84 -78.68
CA ASP EA 219 26.12 -28.04 -78.99
C ASP EA 219 27.04 -29.12 -79.58
N GLY EA 220 28.35 -28.91 -79.49
CA GLY EA 220 29.27 -29.97 -79.95
C GLY EA 220 28.83 -30.59 -81.27
N VAL EA 221 28.97 -31.91 -81.41
CA VAL EA 221 28.65 -32.57 -82.70
C VAL EA 221 27.41 -33.43 -82.43
N GLY EA 222 26.32 -33.12 -83.11
CA GLY EA 222 25.10 -33.87 -83.02
C GLY EA 222 23.95 -33.16 -82.31
N ASN EA 223 24.18 -31.96 -81.79
CA ASN EA 223 23.15 -31.17 -81.16
C ASN EA 223 22.89 -29.93 -81.99
N SER EA 224 21.64 -29.72 -82.38
CA SER EA 224 21.29 -28.57 -83.21
C SER EA 224 21.38 -27.29 -82.40
N SER EA 225 21.93 -26.24 -83.02
CA SER EA 225 22.10 -24.95 -82.38
C SER EA 225 21.04 -23.93 -82.80
N GLY EA 226 20.02 -24.37 -83.51
CA GLY EA 226 18.95 -23.46 -83.91
C GLY EA 226 17.85 -24.21 -84.59
N ASN EA 227 16.77 -23.49 -84.86
CA ASN EA 227 15.58 -24.02 -85.51
C ASN EA 227 15.22 -23.17 -86.73
N TRP EA 228 14.38 -23.73 -87.58
CA TRP EA 228 13.93 -23.04 -88.78
C TRP EA 228 12.74 -22.16 -88.44
N HIS EA 229 12.93 -20.85 -88.53
CA HIS EA 229 11.85 -19.88 -88.24
C HIS EA 229 11.64 -19.02 -89.47
N CYS EA 230 10.68 -19.39 -90.32
CA CYS EA 230 10.35 -18.59 -91.51
C CYS EA 230 8.84 -18.34 -91.46
N ASP EA 231 8.43 -17.11 -91.16
CA ASP EA 231 6.98 -16.82 -90.99
C ASP EA 231 6.74 -15.32 -90.79
N SER EA 232 5.47 -14.89 -90.73
CA SER EA 232 5.23 -13.50 -90.40
C SER EA 232 4.02 -13.41 -89.47
N THR EA 233 4.09 -12.48 -88.53
CA THR EA 233 3.02 -12.26 -87.57
C THR EA 233 2.55 -10.81 -87.68
N TRP EA 234 1.25 -10.63 -87.90
CA TRP EA 234 0.64 -9.32 -87.97
C TRP EA 234 -0.09 -9.05 -86.66
N MET EA 235 0.34 -8.01 -85.95
CA MET EA 235 -0.27 -7.67 -84.64
C MET EA 235 -0.55 -6.17 -84.59
N GLY EA 236 -1.75 -5.75 -84.96
CA GLY EA 236 -2.11 -4.35 -84.92
C GLY EA 236 -1.28 -3.54 -85.90
N ASP EA 237 -0.55 -2.55 -85.38
CA ASP EA 237 0.28 -1.68 -86.18
C ASP EA 237 1.70 -2.20 -86.37
N ARG EA 238 1.90 -3.51 -86.23
CA ARG EA 238 3.22 -4.11 -86.43
C ARG EA 238 3.09 -5.37 -87.26
N VAL EA 239 4.12 -5.64 -88.05
CA VAL EA 239 4.28 -6.94 -88.72
C VAL EA 239 5.72 -7.37 -88.54
N THR EA 240 5.92 -8.58 -88.02
CA THR EA 240 7.24 -9.14 -87.81
C THR EA 240 7.46 -10.25 -88.82
N THR EA 241 8.42 -10.06 -89.72
CA THR EA 241 8.75 -11.04 -90.75
C THR EA 241 10.06 -11.73 -90.36
N THR EA 242 10.04 -13.07 -90.38
CA THR EA 242 11.21 -13.88 -90.10
C THR EA 242 11.50 -14.78 -91.29
N SER EA 243 12.78 -14.89 -91.63
CA SER EA 243 13.20 -15.69 -92.78
C SER EA 243 14.39 -16.54 -92.41
N THR EA 244 14.42 -17.78 -92.90
CA THR EA 244 15.56 -18.66 -92.73
C THR EA 244 15.99 -19.20 -94.09
N ARG EA 245 17.30 -19.22 -94.32
CA ARG EA 245 17.86 -19.71 -95.57
C ARG EA 245 19.06 -20.58 -95.28
N THR EA 246 19.42 -21.41 -96.25
CA THR EA 246 20.61 -22.24 -96.19
C THR EA 246 21.68 -21.61 -97.08
N TRP EA 247 22.84 -21.33 -96.50
CA TRP EA 247 23.92 -20.66 -97.22
C TRP EA 247 25.12 -21.58 -97.37
N ALA EA 248 25.92 -21.29 -98.39
CA ALA EA 248 27.17 -21.97 -98.65
C ALA EA 248 28.27 -20.93 -98.79
N LEU EA 249 29.34 -21.09 -98.03
CA LEU EA 249 30.46 -20.15 -98.01
C LEU EA 249 31.73 -20.84 -98.46
N PRO EA 250 32.26 -20.54 -99.63
CA PRO EA 250 33.52 -21.14 -100.07
C PRO EA 250 34.71 -20.39 -99.47
N THR EA 251 35.90 -20.81 -99.87
CA THR EA 251 37.12 -20.10 -99.53
C THR EA 251 37.42 -19.10 -100.65
N TYR EA 252 37.54 -17.82 -100.28
CA TYR EA 252 37.70 -16.76 -101.24
C TYR EA 252 39.15 -16.30 -101.30
N ASN EA 253 39.65 -16.13 -102.53
CA ASN EA 253 41.01 -15.64 -102.79
C ASN EA 253 42.09 -16.55 -102.22
N ASN EA 254 41.74 -17.79 -101.88
CA ASN EA 254 42.65 -18.72 -101.23
C ASN EA 254 43.26 -18.11 -99.96
N HIS EA 255 42.37 -17.56 -99.12
CA HIS EA 255 42.70 -16.97 -97.83
C HIS EA 255 43.61 -15.75 -97.95
N LEU EA 256 43.55 -15.02 -99.05
CA LEU EA 256 44.48 -13.92 -99.31
C LEU EA 256 43.73 -12.62 -99.53
N TYR EA 257 44.43 -11.51 -99.28
CA TYR EA 257 43.90 -10.19 -99.64
C TYR EA 257 44.67 -9.82 -100.91
N LYS EA 258 43.98 -9.43 -101.97
CA LYS EA 258 44.57 -9.11 -103.26
C LYS EA 258 44.20 -7.70 -103.65
N GLN EA 259 45.19 -6.90 -103.99
CA GLN EA 259 44.94 -5.57 -104.54
C GLN EA 259 44.33 -5.69 -105.93
N ILE EA 260 43.24 -4.99 -106.16
CA ILE EA 260 42.54 -5.01 -107.44
C ILE EA 260 42.46 -3.60 -107.98
N SER EA 261 42.39 -3.49 -109.30
CA SER EA 261 42.31 -2.19 -109.96
C SER EA 261 41.70 -2.40 -111.35
N SER EA 262 41.32 -1.28 -111.96
CA SER EA 262 40.76 -1.33 -113.30
C SER EA 262 41.82 -1.81 -114.30
N GLN EA 263 41.34 -2.46 -115.35
CA GLN EA 263 42.28 -3.00 -116.36
C GLN EA 263 42.92 -1.86 -117.10
N SER EA 264 44.16 -2.08 -117.54
CA SER EA 264 44.82 -1.05 -118.39
C SER EA 264 44.04 -0.94 -119.69
N GLY EA 265 43.91 0.27 -120.21
CA GLY EA 265 43.15 0.56 -121.41
C GLY EA 265 41.70 0.92 -121.16
N ALA EA 266 41.23 0.82 -119.93
CA ALA EA 266 39.87 1.23 -119.60
C ALA EA 266 39.72 2.75 -119.71
N SER EA 267 38.50 3.20 -119.91
CA SER EA 267 38.23 4.62 -119.95
C SER EA 267 38.42 5.23 -118.57
N ASN EA 268 38.56 6.56 -118.54
CA ASN EA 268 38.77 7.25 -117.28
C ASN EA 268 37.55 7.10 -116.36
N ASP EA 269 36.35 7.05 -116.93
CA ASP EA 269 35.15 6.90 -116.12
C ASP EA 269 35.11 5.54 -115.44
N ASN EA 270 35.76 4.53 -116.00
CA ASN EA 270 35.72 3.17 -115.49
C ASN EA 270 36.95 2.82 -114.65
N HIS EA 271 37.84 3.77 -114.41
CA HIS EA 271 39.03 3.50 -113.61
C HIS EA 271 38.67 3.37 -112.14
N TYR EA 272 39.31 2.42 -111.46
CA TYR EA 272 39.07 2.22 -110.04
C TYR EA 272 40.27 1.54 -109.41
N PHE EA 273 40.34 1.61 -108.08
CA PHE EA 273 41.35 0.94 -107.29
C PHE EA 273 40.72 0.47 -106.00
N GLY EA 274 41.08 -0.71 -105.54
CA GLY EA 274 40.50 -1.24 -104.34
C GLY EA 274 41.19 -2.52 -103.92
N TYR EA 275 40.55 -3.23 -102.98
CA TYR EA 275 41.09 -4.46 -102.46
C TYR EA 275 40.00 -5.52 -102.39
N SER EA 276 40.39 -6.77 -102.66
CA SER EA 276 39.52 -7.92 -102.55
C SER EA 276 39.90 -8.71 -101.30
N THR EA 277 38.91 -9.00 -100.47
CA THR EA 277 39.15 -9.68 -99.21
C THR EA 277 38.72 -11.13 -99.28
N PRO EA 278 39.31 -12.01 -98.47
CA PRO EA 278 38.86 -13.41 -98.43
C PRO EA 278 37.57 -13.62 -97.66
N TRP EA 279 36.94 -12.56 -97.19
CA TRP EA 279 35.71 -12.66 -96.40
C TRP EA 279 34.49 -12.60 -97.31
N GLY EA 280 33.38 -13.14 -96.79
CA GLY EA 280 32.08 -12.96 -97.37
C GLY EA 280 31.20 -12.11 -96.47
N TYR EA 281 30.03 -11.76 -96.97
CA TYR EA 281 29.10 -10.95 -96.20
C TYR EA 281 27.67 -11.42 -96.46
N PHE EA 282 26.83 -11.27 -95.44
CA PHE EA 282 25.42 -11.65 -95.52
C PHE EA 282 24.59 -10.42 -95.87
N ASP EA 283 23.89 -10.49 -97.00
CA ASP EA 283 23.09 -9.38 -97.50
C ASP EA 283 21.62 -9.78 -97.46
N PHE EA 284 20.80 -8.97 -96.80
CA PHE EA 284 19.35 -9.12 -96.84
C PHE EA 284 18.68 -7.76 -97.10
N ASN EA 285 19.32 -6.93 -97.89
CA ASN EA 285 18.82 -5.59 -98.19
C ASN EA 285 17.90 -5.58 -99.41
N ARG EA 286 16.92 -6.48 -99.41
CA ARG EA 286 15.89 -6.53 -100.44
C ARG EA 286 14.60 -6.99 -99.77
N PHE EA 287 13.47 -6.45 -100.19
CA PHE EA 287 12.19 -6.74 -99.48
C PHE EA 287 11.78 -8.20 -99.65
N HIS EA 288 12.12 -8.82 -100.78
CA HIS EA 288 11.74 -10.23 -101.07
C HIS EA 288 12.42 -11.18 -100.07
N CYS EA 289 13.47 -10.73 -99.40
CA CYS EA 289 14.21 -11.56 -98.41
C CYS EA 289 13.40 -11.71 -97.13
N HIS EA 290 12.38 -10.88 -96.92
CA HIS EA 290 11.58 -10.91 -95.71
C HIS EA 290 10.09 -11.03 -95.96
N PHE EA 291 9.58 -10.50 -97.06
CA PHE EA 291 8.16 -10.51 -97.36
C PHE EA 291 7.87 -11.52 -98.46
N SER EA 292 6.89 -12.39 -98.22
CA SER EA 292 6.34 -13.20 -99.28
C SER EA 292 5.44 -12.33 -100.16
N PRO EA 293 5.15 -12.76 -101.39
CA PRO EA 293 4.24 -11.97 -102.23
C PRO EA 293 2.87 -11.75 -101.59
N ARG EA 294 2.33 -12.73 -100.89
CA ARG EA 294 1.09 -12.52 -100.15
C ARG EA 294 1.28 -11.51 -99.03
N ASP EA 295 2.43 -11.57 -98.35
CA ASP EA 295 2.75 -10.57 -97.32
C ASP EA 295 2.84 -9.18 -97.92
N TRP EA 296 3.47 -9.06 -99.09
CA TRP EA 296 3.56 -7.77 -99.76
C TRP EA 296 2.19 -7.25 -100.15
N GLN EA 297 1.32 -8.13 -100.67
CA GLN EA 297 -0.03 -7.71 -101.03
C GLN EA 297 -0.83 -7.27 -99.81
N ARG EA 298 -0.67 -7.99 -98.69
CA ARG EA 298 -1.31 -7.58 -97.45
C ARG EA 298 -0.78 -6.25 -96.94
N LEU EA 299 0.51 -5.98 -97.15
CA LEU EA 299 1.10 -4.72 -96.69
C LEU EA 299 0.62 -3.55 -97.54
N ILE EA 300 0.66 -3.70 -98.87
CA ILE EA 300 0.46 -2.55 -99.75
C ILE EA 300 -1.02 -2.23 -99.98
N ASN EA 301 -1.91 -3.19 -99.78
CA ASN EA 301 -3.33 -2.95 -100.01
C ASN EA 301 -4.06 -2.39 -98.80
N ASN EA 302 -3.40 -2.28 -97.66
CA ASN EA 302 -4.07 -1.91 -96.42
C ASN EA 302 -3.38 -0.83 -95.61
N ASN EA 303 -2.15 -0.45 -95.95
CA ASN EA 303 -1.37 0.47 -95.15
C ASN EA 303 -0.97 1.68 -95.98
N TRP EA 304 -0.99 2.85 -95.33
CA TRP EA 304 -0.51 4.08 -95.94
C TRP EA 304 0.98 4.31 -95.75
N GLY EA 305 1.65 3.47 -94.97
CA GLY EA 305 3.07 3.60 -94.78
C GLY EA 305 3.62 2.49 -93.92
N PHE EA 306 4.94 2.34 -93.96
CA PHE EA 306 5.63 1.37 -93.14
C PHE EA 306 7.09 1.77 -93.01
N ARG EA 307 7.74 1.25 -91.97
CA ARG EA 307 9.15 1.52 -91.72
C ARG EA 307 9.70 0.42 -90.82
N PRO EA 308 10.98 0.07 -90.96
CA PRO EA 308 11.58 -0.92 -90.06
C PRO EA 308 11.85 -0.35 -88.68
N LYS EA 309 11.75 -1.23 -87.69
CA LYS EA 309 11.91 -0.86 -86.29
C LYS EA 309 13.11 -1.51 -85.64
N ARG EA 310 13.25 -2.83 -85.74
CA ARG EA 310 14.38 -3.55 -85.17
C ARG EA 310 14.54 -4.87 -85.93
N LEU EA 311 15.74 -5.44 -85.82
CA LEU EA 311 16.01 -6.71 -86.48
C LEU EA 311 16.80 -7.63 -85.54
N ASN EA 312 16.68 -8.93 -85.80
CA ASN EA 312 17.44 -9.96 -85.05
C ASN EA 312 18.07 -10.87 -86.11
N PHE EA 313 19.34 -11.24 -85.93
CA PHE EA 313 20.10 -12.03 -86.88
C PHE EA 313 20.70 -13.23 -86.16
N LYS EA 314 20.68 -14.37 -86.87
CA LYS EA 314 21.26 -15.59 -86.27
C LYS EA 314 21.94 -16.49 -87.29
N LEU EA 315 23.12 -17.01 -86.96
CA LEU EA 315 23.80 -18.04 -87.73
C LEU EA 315 23.89 -19.30 -86.86
N PHE EA 316 23.54 -20.44 -87.42
CA PHE EA 316 23.45 -21.66 -86.62
C PHE EA 316 23.60 -22.86 -87.54
N ASN EA 317 23.73 -24.04 -86.92
CA ASN EA 317 23.88 -25.31 -87.62
C ASN EA 317 25.03 -25.24 -88.62
N ILE EA 318 26.17 -24.73 -88.15
CA ILE EA 318 27.32 -24.49 -89.01
C ILE EA 318 28.08 -25.79 -89.21
N GLN EA 319 28.30 -26.17 -90.47
CA GLN EA 319 29.03 -27.36 -90.84
C GLN EA 319 30.20 -26.96 -91.72
N VAL EA 320 31.40 -27.40 -91.36
CA VAL EA 320 32.59 -27.16 -92.17
C VAL EA 320 32.91 -28.47 -92.88
N LYS EA 321 32.96 -28.43 -94.20
CA LYS EA 321 33.22 -29.60 -95.04
C LYS EA 321 34.59 -29.48 -95.67
N GLU EA 322 35.38 -30.53 -95.54
CA GLU EA 322 36.69 -30.60 -96.17
C GLU EA 322 36.58 -31.31 -97.52
N VAL EA 323 37.11 -30.69 -98.57
CA VAL EA 323 37.05 -31.23 -99.92
C VAL EA 323 38.44 -31.68 -100.33
N THR EA 324 38.53 -32.91 -100.82
CA THR EA 324 39.78 -33.46 -101.33
C THR EA 324 39.55 -34.00 -102.74
N GLN EA 325 40.61 -34.02 -103.53
CA GLN EA 325 40.54 -34.48 -104.91
C GLN EA 325 41.75 -35.35 -105.18
N ASN EA 326 41.52 -36.66 -105.28
CA ASN EA 326 42.59 -37.63 -105.49
C ASN EA 326 42.26 -38.47 -106.72
N ASP EA 327 43.15 -38.44 -107.73
CA ASP EA 327 42.99 -39.21 -108.96
C ASP EA 327 41.65 -38.92 -109.64
N GLY EA 328 41.25 -37.65 -109.65
CA GLY EA 328 40.04 -37.25 -110.34
C GLY EA 328 38.75 -37.49 -109.58
N THR EA 329 38.82 -37.85 -108.30
CA THR EA 329 37.64 -38.11 -107.49
C THR EA 329 37.48 -37.02 -106.44
N THR EA 330 36.28 -36.45 -106.37
CA THR EA 330 35.96 -35.42 -105.40
C THR EA 330 35.29 -36.06 -104.19
N THR EA 331 35.96 -36.00 -103.04
CA THR EA 331 35.46 -36.58 -101.80
C THR EA 331 35.24 -35.47 -100.79
N ILE EA 332 34.06 -35.44 -100.18
CA ILE EA 332 33.68 -34.43 -99.20
C ILE EA 332 33.44 -35.12 -97.87
N ALA EA 333 34.10 -34.65 -96.82
CA ALA EA 333 33.97 -35.21 -95.49
C ALA EA 333 33.82 -34.07 -94.49
N ASN EA 334 33.24 -34.40 -93.34
CA ASN EA 334 33.04 -33.40 -92.29
C ASN EA 334 34.38 -33.03 -91.64
N ASN EA 335 34.47 -31.79 -91.21
CA ASN EA 335 35.58 -31.29 -90.41
C ASN EA 335 34.99 -30.69 -89.14
N LEU EA 336 34.93 -31.49 -88.08
CA LEU EA 336 34.25 -31.08 -86.86
C LEU EA 336 35.07 -30.12 -86.00
N THR EA 337 36.35 -29.92 -86.31
CA THR EA 337 37.21 -29.05 -85.52
C THR EA 337 37.50 -27.72 -86.17
N SER EA 338 37.09 -27.52 -87.42
CA SER EA 338 37.31 -26.25 -88.09
C SER EA 338 36.29 -25.21 -87.64
N THR EA 339 36.66 -23.94 -87.78
CA THR EA 339 35.83 -22.83 -87.34
C THR EA 339 35.50 -21.92 -88.52
N VAL EA 340 34.53 -21.05 -88.29
CA VAL EA 340 34.23 -19.93 -89.18
C VAL EA 340 34.22 -18.66 -88.33
N GLN EA 341 34.83 -17.60 -88.85
CA GLN EA 341 34.94 -16.33 -88.16
C GLN EA 341 33.81 -15.41 -88.59
N VAL EA 342 33.05 -14.91 -87.62
CA VAL EA 342 31.91 -14.04 -87.88
C VAL EA 342 32.04 -12.80 -87.00
N PHE EA 343 31.89 -11.63 -87.59
CA PHE EA 343 31.80 -10.40 -86.81
C PHE EA 343 30.93 -9.39 -87.55
N THR EA 344 30.31 -8.51 -86.79
CA THR EA 344 29.48 -7.44 -87.32
C THR EA 344 30.23 -6.11 -87.20
N ASP EA 345 30.22 -5.33 -88.27
CA ASP EA 345 30.89 -4.03 -88.29
C ASP EA 345 29.95 -2.99 -87.68
N SER EA 346 29.75 -3.07 -86.37
CA SER EA 346 28.77 -2.19 -85.68
C SER EA 346 29.31 -0.78 -85.49
N GLU EA 347 30.62 -0.59 -85.61
CA GLU EA 347 31.18 0.75 -85.54
C GLU EA 347 31.35 1.40 -86.90
N TYR EA 348 30.98 0.70 -87.98
CA TYR EA 348 31.04 1.23 -89.34
C TYR EA 348 32.43 1.72 -89.69
N GLN EA 349 33.45 0.92 -89.35
CA GLN EA 349 34.83 1.23 -89.67
C GLN EA 349 35.27 0.67 -91.02
N LEU EA 350 34.44 -0.12 -91.67
CA LEU EA 350 34.74 -0.70 -92.97
C LEU EA 350 33.89 -0.02 -94.04
N PRO EA 351 34.37 -0.01 -95.29
CA PRO EA 351 33.56 0.55 -96.38
C PRO EA 351 32.24 -0.20 -96.52
N TYR EA 352 31.15 0.56 -96.50
CA TYR EA 352 29.81 -0.02 -96.52
C TYR EA 352 29.43 -0.32 -97.96
N VAL EA 353 29.51 -1.60 -98.33
CA VAL EA 353 29.18 -2.02 -99.69
C VAL EA 353 27.73 -2.48 -99.83
N LEU EA 354 27.01 -2.64 -98.74
CA LEU EA 354 25.57 -2.84 -98.82
C LEU EA 354 24.90 -1.56 -99.29
N GLY EA 355 23.75 -1.71 -99.93
CA GLY EA 355 23.05 -0.57 -100.48
C GLY EA 355 23.49 -0.14 -101.85
N SER EA 356 24.31 -0.94 -102.53
CA SER EA 356 24.70 -0.68 -103.91
C SER EA 356 23.98 -1.59 -104.90
N ALA EA 357 22.89 -2.23 -104.47
CA ALA EA 357 22.07 -3.09 -105.32
C ALA EA 357 22.90 -4.25 -105.89
N HIS EA 358 23.63 -4.93 -105.01
CA HIS EA 358 24.49 -6.03 -105.41
C HIS EA 358 23.77 -7.36 -105.28
N GLN EA 359 24.15 -8.31 -106.14
CA GLN EA 359 23.63 -9.67 -106.08
C GLN EA 359 24.24 -10.41 -104.89
N GLY EA 360 23.60 -11.53 -104.55
CA GLY EA 360 24.05 -12.33 -103.42
C GLY EA 360 23.20 -12.24 -102.18
N CYS EA 361 22.00 -11.69 -102.28
CA CYS EA 361 21.12 -11.55 -101.14
C CYS EA 361 20.50 -12.90 -100.77
N LEU EA 362 19.68 -12.89 -99.73
CA LEU EA 362 18.89 -14.06 -99.38
C LEU EA 362 17.85 -14.29 -100.48
N PRO EA 363 17.76 -15.50 -101.04
CA PRO EA 363 16.85 -15.71 -102.16
C PRO EA 363 15.41 -15.49 -101.73
N PRO EA 364 14.57 -14.99 -102.63
CA PRO EA 364 13.16 -14.75 -102.26
C PRO EA 364 12.42 -16.00 -101.85
N PHE EA 365 12.72 -17.14 -102.47
CA PHE EA 365 12.06 -18.39 -102.13
C PHE EA 365 12.78 -19.06 -100.96
N PRO EA 366 12.09 -19.38 -99.87
CA PRO EA 366 12.76 -19.92 -98.69
C PRO EA 366 13.45 -21.26 -98.92
N ALA EA 367 13.11 -21.98 -99.97
CA ALA EA 367 13.70 -23.29 -100.23
C ALA EA 367 15.00 -23.23 -101.03
N ASP EA 368 15.40 -22.05 -101.49
CA ASP EA 368 16.60 -21.91 -102.30
C ASP EA 368 17.85 -21.77 -101.43
N VAL EA 369 18.94 -22.38 -101.89
CA VAL EA 369 20.24 -22.30 -101.23
C VAL EA 369 21.11 -21.33 -102.01
N PHE EA 370 21.77 -20.43 -101.29
CA PHE EA 370 22.51 -19.34 -101.92
C PHE EA 370 23.96 -19.33 -101.45
N MET EA 371 24.83 -18.85 -102.32
CA MET EA 371 26.24 -18.65 -102.01
C MET EA 371 26.45 -17.29 -101.38
N VAL EA 372 27.35 -17.23 -100.40
CA VAL EA 372 27.66 -15.99 -99.70
C VAL EA 372 28.56 -15.14 -100.60
N PRO EA 373 28.19 -13.91 -100.93
CA PRO EA 373 29.00 -13.10 -101.83
C PRO EA 373 30.32 -12.68 -101.19
N GLN EA 374 31.33 -12.52 -102.03
CA GLN EA 374 32.65 -12.11 -101.56
C GLN EA 374 32.68 -10.62 -101.27
N TYR EA 375 33.30 -10.26 -100.15
CA TYR EA 375 33.38 -8.86 -99.75
C TYR EA 375 34.57 -8.19 -100.41
N GLY EA 376 34.35 -6.97 -100.90
CA GLY EA 376 35.40 -6.18 -101.49
C GLY EA 376 35.01 -4.73 -101.48
N TYR EA 377 36.01 -3.86 -101.48
CA TYR EA 377 35.77 -2.43 -101.38
C TYR EA 377 36.71 -1.68 -102.32
N LEU EA 378 36.32 -0.46 -102.66
CA LEU EA 378 37.12 0.44 -103.46
C LEU EA 378 37.56 1.63 -102.63
N THR EA 379 38.75 2.14 -102.95
CA THR EA 379 39.28 3.32 -102.28
C THR EA 379 39.67 4.35 -103.34
N LEU EA 380 40.33 5.42 -102.92
CA LEU EA 380 40.72 6.51 -103.84
C LEU EA 380 41.66 5.98 -104.93
N ASN EA 381 41.49 6.46 -106.15
CA ASN EA 381 42.37 6.04 -107.26
C ASN EA 381 42.71 7.22 -108.16
N ASN EA 382 43.94 7.30 -108.64
CA ASN EA 382 44.30 8.31 -109.66
C ASN EA 382 44.50 7.46 -110.92
N GLY EA 383 43.41 7.16 -111.64
CA GLY EA 383 43.54 6.21 -112.76
C GLY EA 383 43.49 4.80 -112.23
N SER EA 384 44.33 3.91 -112.73
CA SER EA 384 44.40 2.56 -112.19
C SER EA 384 45.28 2.46 -110.95
N GLN EA 385 46.00 3.54 -110.61
CA GLN EA 385 46.88 3.56 -109.46
C GLN EA 385 46.16 4.10 -108.23
N ALA EA 386 46.87 4.07 -107.11
CA ALA EA 386 46.37 4.58 -105.84
C ALA EA 386 47.07 5.89 -105.47
N VAL EA 387 46.53 6.57 -104.47
CA VAL EA 387 47.11 7.78 -103.93
C VAL EA 387 47.46 7.53 -102.47
N GLY EA 388 48.12 8.52 -101.86
CA GLY EA 388 48.54 8.38 -100.48
C GLY EA 388 47.36 8.34 -99.52
N ARG EA 389 46.22 8.90 -99.92
CA ARG EA 389 45.04 8.91 -99.07
C ARG EA 389 44.24 7.61 -99.15
N SER EA 390 44.59 6.71 -100.07
CA SER EA 390 43.87 5.44 -100.18
C SER EA 390 44.04 4.62 -98.90
N SER EA 391 42.95 3.99 -98.47
CA SER EA 391 42.92 3.24 -97.22
C SER EA 391 42.88 1.75 -97.50
N PHE EA 392 43.64 1.00 -96.69
CA PHE EA 392 43.64 -0.45 -96.72
C PHE EA 392 43.08 -0.97 -95.41
N TYR EA 393 42.21 -1.98 -95.49
CA TYR EA 393 41.55 -2.54 -94.33
C TYR EA 393 41.79 -4.04 -94.28
N CYS EA 394 42.32 -4.51 -93.15
CA CYS EA 394 42.45 -5.93 -92.87
C CYS EA 394 41.31 -6.32 -91.93
N LEU EA 395 40.46 -7.22 -92.38
CA LEU EA 395 39.29 -7.64 -91.60
C LEU EA 395 39.65 -8.57 -90.46
N GLU EA 396 40.86 -9.14 -90.45
CA GLU EA 396 41.33 -9.91 -89.31
C GLU EA 396 41.82 -9.02 -88.18
N TYR EA 397 41.84 -7.69 -88.39
CA TYR EA 397 42.26 -6.71 -87.35
C TYR EA 397 41.03 -6.33 -86.51
N PHE EA 398 39.89 -6.94 -86.79
CA PHE EA 398 38.67 -6.79 -86.03
C PHE EA 398 38.47 -8.00 -85.12
N PRO EA 399 37.90 -7.80 -83.93
CA PRO EA 399 37.53 -8.95 -83.09
C PRO EA 399 36.37 -9.72 -83.71
N SER EA 400 36.57 -11.01 -83.92
CA SER EA 400 35.57 -11.87 -84.54
C SER EA 400 35.32 -13.08 -83.66
N GLN EA 401 34.13 -13.66 -83.80
CA GLN EA 401 33.72 -14.82 -83.04
C GLN EA 401 33.96 -16.07 -83.86
N MET EA 402 34.66 -17.04 -83.27
CA MET EA 402 35.00 -18.29 -83.94
C MET EA 402 33.96 -19.35 -83.59
N LEU EA 403 33.40 -19.99 -84.61
CA LEU EA 403 32.29 -20.91 -84.43
C LEU EA 403 32.65 -22.27 -85.01
N ARG EA 404 32.67 -23.29 -84.15
CA ARG EA 404 32.77 -24.67 -84.60
C ARG EA 404 31.38 -25.22 -84.91
N THR EA 405 31.31 -26.49 -85.30
CA THR EA 405 29.99 -27.13 -85.46
C THR EA 405 29.39 -27.27 -84.07
N GLY EA 406 28.25 -26.66 -83.84
CA GLY EA 406 27.62 -26.61 -82.54
C GLY EA 406 27.59 -25.24 -81.90
N ASN EA 407 28.32 -24.27 -82.45
CA ASN EA 407 28.28 -22.89 -81.99
C ASN EA 407 27.35 -22.08 -82.89
N ASN EA 408 26.74 -21.05 -82.31
CA ASN EA 408 25.85 -20.17 -83.05
C ASN EA 408 26.25 -18.73 -82.80
N PHE EA 409 25.83 -17.86 -83.72
CA PHE EA 409 26.09 -16.43 -83.64
C PHE EA 409 24.75 -15.69 -83.67
N THR EA 410 24.66 -14.60 -82.93
CA THR EA 410 23.45 -13.80 -82.93
C THR EA 410 23.78 -12.36 -82.57
N PHE EA 411 22.95 -11.44 -83.05
CA PHE EA 411 23.05 -10.04 -82.65
C PHE EA 411 21.73 -9.36 -82.97
N SER EA 412 21.44 -8.29 -82.22
CA SER EA 412 20.21 -7.52 -82.38
C SER EA 412 20.56 -6.09 -82.74
N TYR EA 413 19.72 -5.49 -83.58
CA TYR EA 413 19.93 -4.14 -84.06
C TYR EA 413 18.61 -3.39 -84.00
N THR EA 414 18.68 -2.10 -83.66
CA THR EA 414 17.50 -1.25 -83.62
C THR EA 414 17.65 -0.17 -84.69
N PHE EA 415 16.66 -0.07 -85.57
CA PHE EA 415 16.66 0.97 -86.59
C PHE EA 415 16.46 2.34 -85.94
N GLU EA 416 17.12 3.35 -86.49
CA GLU EA 416 16.86 4.72 -86.08
C GLU EA 416 15.50 5.17 -86.58
N ASP EA 417 15.01 6.27 -86.02
CA ASP EA 417 13.72 6.82 -86.44
C ASP EA 417 13.82 7.33 -87.88
N VAL EA 418 12.95 6.81 -88.74
CA VAL EA 418 12.93 7.20 -90.14
C VAL EA 418 11.49 7.47 -90.55
N PRO EA 419 11.28 8.31 -91.57
CA PRO EA 419 9.91 8.55 -92.03
C PRO EA 419 9.27 7.29 -92.60
N PHE EA 420 7.96 7.19 -92.44
CA PHE EA 420 7.21 6.11 -93.08
C PHE EA 420 7.33 6.24 -94.59
N HIS EA 421 7.52 5.11 -95.27
CA HIS EA 421 7.48 5.12 -96.72
C HIS EA 421 6.07 5.46 -97.19
N SER EA 422 6.01 6.35 -98.19
CA SER EA 422 4.70 6.79 -98.75
C SER EA 422 4.12 5.69 -99.64
N SER EA 423 3.49 4.68 -99.03
CA SER EA 423 2.87 3.60 -99.79
C SER EA 423 1.47 3.97 -100.24
N TYR EA 424 1.36 5.12 -100.90
CA TYR EA 424 0.09 5.62 -101.39
C TYR EA 424 0.35 6.48 -102.63
N ALA EA 425 -0.69 6.66 -103.43
CA ALA EA 425 -0.68 7.57 -104.55
C ALA EA 425 -1.65 8.71 -104.27
N HIS EA 426 -1.22 9.94 -104.56
CA HIS EA 426 -2.09 11.08 -104.32
C HIS EA 426 -3.27 11.07 -105.29
N SER EA 427 -4.47 11.27 -104.75
CA SER EA 427 -5.68 11.37 -105.55
C SER EA 427 -5.95 12.80 -106.01
N GLN EA 428 -5.08 13.74 -105.67
CA GLN EA 428 -5.16 15.10 -106.15
C GLN EA 428 -3.84 15.48 -106.81
N SER EA 429 -3.91 16.36 -107.80
CA SER EA 429 -2.73 16.91 -108.44
C SER EA 429 -2.37 18.24 -107.78
N LEU EA 430 -1.07 18.56 -107.80
CA LEU EA 430 -0.60 19.77 -107.16
C LEU EA 430 -1.13 21.03 -107.83
N ASP EA 431 -1.54 20.92 -109.11
CA ASP EA 431 -2.05 22.11 -109.86
C ASP EA 431 -3.58 22.12 -109.85
N ARG EA 432 -4.21 21.21 -109.11
CA ARG EA 432 -5.67 21.10 -109.05
C ARG EA 432 -6.12 21.01 -107.59
N LEU EA 433 -5.58 21.88 -106.74
CA LEU EA 433 -5.89 21.85 -105.31
C LEU EA 433 -6.94 22.89 -104.92
N MET EA 434 -7.55 23.56 -105.89
CA MET EA 434 -8.45 24.67 -105.60
C MET EA 434 -9.91 24.20 -105.59
N ASN EA 435 -10.80 25.13 -105.28
CA ASN EA 435 -12.23 24.91 -105.37
C ASN EA 435 -12.70 25.36 -106.74
N PRO EA 436 -13.16 24.46 -107.62
CA PRO EA 436 -13.52 24.86 -108.98
C PRO EA 436 -14.77 25.72 -109.06
N LEU EA 437 -15.54 25.84 -107.98
CA LEU EA 437 -16.79 26.58 -108.00
C LEU EA 437 -16.63 28.06 -107.68
N ILE EA 438 -15.57 28.43 -106.97
CA ILE EA 438 -15.39 29.79 -106.46
C ILE EA 438 -14.20 30.41 -107.16
N ASP EA 439 -14.37 31.64 -107.64
CA ASP EA 439 -13.25 32.38 -108.21
C ASP EA 439 -12.28 32.84 -107.13
N GLN EA 440 -11.04 33.09 -107.54
CA GLN EA 440 -10.06 33.68 -106.65
C GLN EA 440 -10.25 35.18 -106.57
N TYR EA 441 -9.91 35.75 -105.41
CA TYR EA 441 -9.92 37.20 -105.26
C TYR EA 441 -8.64 37.85 -105.81
N LEU EA 442 -7.61 37.06 -106.08
CA LEU EA 442 -6.38 37.60 -106.64
C LEU EA 442 -6.50 37.76 -108.15
N TYR EA 443 -5.78 38.72 -108.69
CA TYR EA 443 -5.79 39.02 -110.11
C TYR EA 443 -4.47 38.58 -110.75
N TYR EA 444 -4.55 38.23 -112.03
CA TYR EA 444 -3.38 37.90 -112.82
C TYR EA 444 -3.45 38.66 -114.14
N LEU EA 445 -2.29 38.96 -114.70
CA LEU EA 445 -2.21 39.63 -115.99
C LEU EA 445 -2.73 38.68 -117.07
N SER EA 446 -3.91 38.98 -117.61
CA SER EA 446 -4.55 38.12 -118.60
C SER EA 446 -4.37 38.61 -120.02
N ARG EA 447 -4.28 39.92 -120.20
CA ARG EA 447 -4.07 40.46 -121.56
C ARG EA 447 -2.96 41.50 -121.53
N THR EA 448 -2.24 41.62 -122.63
CA THR EA 448 -1.16 42.60 -122.77
C THR EA 448 -1.40 43.63 -123.86
N ASN EA 449 -2.48 43.51 -124.63
CA ASN EA 449 -2.81 44.50 -125.64
C ASN EA 449 -4.30 44.46 -125.91
N THR EA 450 -4.79 45.49 -126.58
CA THR EA 450 -6.19 45.58 -126.97
C THR EA 450 -6.29 46.05 -128.41
N PRO EA 451 -7.38 45.69 -129.15
CA PRO EA 451 -7.54 46.21 -130.51
C PRO EA 451 -7.61 47.73 -130.47
N SER EA 452 -6.75 48.40 -131.24
CA SER EA 452 -6.80 49.88 -131.33
C SER EA 452 -6.87 50.26 -132.81
N GLY EA 453 -7.93 50.94 -133.22
CA GLY EA 453 -8.09 51.24 -134.66
C GLY EA 453 -8.13 49.96 -135.47
N THR EA 454 -7.26 49.86 -136.49
CA THR EA 454 -7.16 48.62 -137.30
C THR EA 454 -5.86 47.92 -136.94
N THR EA 455 -5.12 48.46 -135.96
CA THR EA 455 -3.86 47.82 -135.50
C THR EA 455 -4.06 47.34 -134.06
N THR EA 456 -2.97 47.24 -133.28
CA THR EA 456 -3.09 46.86 -131.85
C THR EA 456 -2.39 47.91 -130.99
N GLN EA 457 -2.80 48.04 -129.73
CA GLN EA 457 -2.17 48.98 -128.82
C GLN EA 457 -1.89 48.28 -127.50
N SER EA 458 -0.73 48.56 -126.92
CA SER EA 458 -0.33 47.93 -125.66
C SER EA 458 -1.24 48.40 -124.53
N ARG EA 459 -1.79 47.44 -123.78
CA ARG EA 459 -2.70 47.75 -122.68
C ARG EA 459 -2.76 46.55 -121.76
N LEU EA 460 -2.40 46.75 -120.50
CA LEU EA 460 -2.42 45.67 -119.52
C LEU EA 460 -3.81 45.50 -118.93
N GLN EA 461 -4.28 44.26 -118.86
CA GLN EA 461 -5.55 43.92 -118.23
C GLN EA 461 -5.37 42.74 -117.29
N PHE EA 462 -6.22 42.67 -116.28
CA PHE EA 462 -6.11 41.66 -115.24
C PHE EA 462 -7.47 41.00 -115.01
N SER EA 463 -7.43 39.71 -114.68
CA SER EA 463 -8.63 38.93 -114.46
C SER EA 463 -8.48 38.11 -113.20
N GLN EA 464 -9.61 37.73 -112.63
CA GLN EA 464 -9.64 36.79 -111.51
C GLN EA 464 -9.80 35.38 -112.06
N ALA EA 465 -8.97 34.46 -111.58
CA ALA EA 465 -8.93 33.11 -112.12
C ALA EA 465 -10.02 32.26 -111.51
N GLY EA 466 -10.68 31.47 -112.36
CA GLY EA 466 -11.71 30.52 -111.96
C GLY EA 466 -11.43 29.17 -112.58
N ALA EA 467 -12.53 28.47 -112.92
CA ALA EA 467 -12.41 27.15 -113.50
C ALA EA 467 -12.03 27.19 -114.98
N SER EA 468 -12.53 28.19 -115.72
CA SER EA 468 -12.29 28.24 -117.16
C SER EA 468 -10.84 28.55 -117.47
N ASP EA 469 -10.18 29.35 -116.64
CA ASP EA 469 -8.77 29.67 -116.80
C ASP EA 469 -7.99 29.13 -115.61
N ILE EA 470 -8.28 27.87 -115.26
CA ILE EA 470 -7.74 27.24 -114.05
C ILE EA 470 -6.22 27.19 -114.05
N ARG EA 471 -5.59 27.26 -115.23
CA ARG EA 471 -4.13 27.21 -115.29
C ARG EA 471 -3.46 28.47 -114.76
N ASP EA 472 -4.20 29.58 -114.67
CA ASP EA 472 -3.65 30.86 -114.25
C ASP EA 472 -3.86 31.15 -112.76
N GLN EA 473 -4.42 30.19 -112.02
CA GLN EA 473 -4.72 30.44 -110.61
C GLN EA 473 -3.45 30.59 -109.79
N SER EA 474 -3.49 31.51 -108.83
CA SER EA 474 -2.38 31.69 -107.91
C SER EA 474 -2.28 30.49 -106.99
N ARG EA 475 -1.05 30.00 -106.78
CA ARG EA 475 -0.83 28.78 -106.04
C ARG EA 475 0.27 29.00 -105.00
N ASN EA 476 0.28 28.12 -104.00
CA ASN EA 476 1.20 28.24 -102.88
C ASN EA 476 2.42 27.32 -102.98
N TRP EA 477 2.40 26.35 -103.89
CA TRP EA 477 3.42 25.31 -103.93
C TRP EA 477 3.90 25.10 -105.36
N LEU EA 478 5.03 24.39 -105.48
CA LEU EA 478 5.68 24.10 -106.74
C LEU EA 478 6.01 22.62 -106.83
N PRO EA 479 6.08 22.08 -108.04
CA PRO EA 479 6.51 20.68 -108.19
C PRO EA 479 7.98 20.50 -107.82
N GLY EA 480 8.31 19.28 -107.43
CA GLY EA 480 9.63 18.95 -106.94
C GLY EA 480 10.74 19.14 -107.96
N PRO EA 481 11.98 18.94 -107.53
CA PRO EA 481 13.12 19.21 -108.42
C PRO EA 481 13.22 18.19 -109.55
N CYS EA 482 13.95 18.63 -110.57
CA CYS EA 482 14.04 17.86 -111.82
C CYS EA 482 15.47 17.74 -112.32
N TYR EA 483 15.81 16.64 -112.99
CA TYR EA 483 17.10 16.47 -113.66
C TYR EA 483 16.80 15.66 -114.92
N ARG EA 484 16.61 16.36 -116.04
CA ARG EA 484 15.94 15.78 -117.19
C ARG EA 484 16.65 14.55 -117.72
N GLN EA 485 15.86 13.54 -118.09
CA GLN EA 485 16.32 12.29 -118.67
C GLN EA 485 15.86 12.20 -120.12
N GLN EA 486 16.62 11.47 -120.93
CA GLN EA 486 16.20 11.20 -122.29
C GLN EA 486 15.04 10.20 -122.31
N ARG EA 487 14.13 10.39 -123.25
CA ARG EA 487 12.96 9.55 -123.37
C ARG EA 487 13.21 8.43 -124.37
N VAL EA 488 12.94 7.21 -123.91
CA VAL EA 488 13.07 6.00 -124.76
C VAL EA 488 11.70 5.31 -124.77
N SER EA 489 11.38 4.58 -125.82
CA SER EA 489 10.10 3.90 -125.98
C SER EA 489 10.29 2.39 -125.92
N LYS EA 490 9.31 1.71 -125.31
CA LYS EA 490 9.34 0.23 -125.24
C LYS EA 490 9.12 -0.34 -126.65
N THR EA 491 8.42 0.39 -127.52
CA THR EA 491 8.26 -0.02 -128.93
C THR EA 491 9.59 0.34 -129.62
N SER EA 492 10.35 -0.66 -130.09
CA SER EA 492 11.70 -0.40 -130.63
C SER EA 492 11.69 0.57 -131.82
N ALA EA 493 10.78 0.39 -132.78
CA ALA EA 493 10.80 1.22 -133.98
C ALA EA 493 10.70 2.70 -133.65
N ASP EA 494 10.10 3.05 -132.51
CA ASP EA 494 9.91 4.44 -132.13
C ASP EA 494 11.21 5.13 -131.71
N ASN EA 495 12.28 4.38 -131.48
CA ASN EA 495 13.54 4.94 -131.00
C ASN EA 495 14.43 5.34 -132.16
N ASN EA 496 15.35 6.26 -131.90
CA ASN EA 496 16.30 6.70 -132.91
C ASN EA 496 17.26 5.56 -133.26
N ASN EA 497 17.57 5.43 -134.54
CA ASN EA 497 18.46 4.38 -135.03
C ASN EA 497 19.92 4.83 -134.88
N SER EA 498 20.37 4.85 -133.63
CA SER EA 498 21.74 5.24 -133.31
C SER EA 498 22.08 4.70 -131.93
N GLU EA 499 23.38 4.79 -131.61
CA GLU EA 499 23.86 4.36 -130.27
C GLU EA 499 23.92 5.61 -129.39
N TYR EA 500 22.94 5.77 -128.51
CA TYR EA 500 22.84 6.95 -127.66
C TYR EA 500 22.70 6.58 -126.18
N SER EA 501 23.14 5.38 -125.79
CA SER EA 501 23.02 4.99 -124.40
C SER EA 501 23.96 5.77 -123.49
N TRP EA 502 24.99 6.42 -124.05
CA TRP EA 502 25.90 7.24 -123.28
C TRP EA 502 25.96 8.68 -123.75
N THR EA 503 25.91 8.92 -125.07
CA THR EA 503 25.92 10.30 -125.56
C THR EA 503 24.69 11.07 -125.12
N GLY EA 504 23.52 10.43 -125.18
CA GLY EA 504 22.29 11.02 -124.71
C GLY EA 504 21.96 10.75 -123.26
N ALA EA 505 22.87 10.13 -122.53
CA ALA EA 505 22.63 9.76 -121.14
C ALA EA 505 22.74 10.97 -120.22
N THR EA 506 22.04 10.90 -119.10
CA THR EA 506 22.11 11.92 -118.07
C THR EA 506 23.22 11.57 -117.09
N LYS EA 507 24.18 12.49 -116.91
CA LYS EA 507 25.41 12.20 -116.20
C LYS EA 507 25.70 13.30 -115.19
N TYR EA 508 26.50 12.94 -114.18
CA TYR EA 508 27.09 13.91 -113.28
C TYR EA 508 28.60 13.78 -113.33
N HIS EA 509 29.29 14.91 -113.22
CA HIS EA 509 30.73 14.99 -113.39
C HIS EA 509 31.37 15.12 -112.01
N LEU EA 510 32.31 14.22 -111.70
CA LEU EA 510 32.96 14.20 -110.39
C LEU EA 510 34.42 13.82 -110.58
N ASN EA 511 35.32 14.76 -110.26
CA ASN EA 511 36.76 14.54 -110.33
C ASN EA 511 37.20 14.11 -111.73
N GLY EA 512 36.60 14.72 -112.75
CA GLY EA 512 36.95 14.44 -114.12
C GLY EA 512 36.36 13.17 -114.70
N ARG EA 513 35.53 12.47 -113.92
CA ARG EA 513 34.89 11.25 -114.48
C ARG EA 513 33.37 11.39 -114.52
N ASP EA 514 32.75 10.99 -115.63
CA ASP EA 514 31.31 11.00 -115.81
C ASP EA 514 30.71 9.70 -115.27
N SER EA 515 29.72 9.83 -114.40
CA SER EA 515 28.97 8.70 -113.88
C SER EA 515 27.53 8.80 -114.34
N LEU EA 516 26.95 7.66 -114.69
CA LEU EA 516 25.54 7.64 -115.09
C LEU EA 516 24.65 8.00 -113.91
N VAL EA 517 23.66 8.85 -114.17
CA VAL EA 517 22.66 9.19 -113.17
C VAL EA 517 21.55 8.14 -113.29
N ASN EA 518 21.54 7.21 -112.35
CA ASN EA 518 20.64 6.05 -112.42
C ASN EA 518 20.30 5.59 -111.02
N PRO EA 519 19.02 5.68 -110.60
CA PRO EA 519 17.89 6.24 -111.33
C PRO EA 519 17.74 7.74 -111.17
N GLY EA 520 18.53 8.36 -110.29
CA GLY EA 520 18.51 9.79 -110.11
C GLY EA 520 17.36 10.27 -109.25
N PRO EA 521 17.08 11.58 -109.29
CA PRO EA 521 15.98 12.13 -108.50
C PRO EA 521 14.64 11.53 -108.90
N ALA EA 522 13.77 11.39 -107.91
CA ALA EA 522 12.47 10.76 -108.13
C ALA EA 522 11.61 11.64 -109.04
N MET EA 523 11.28 11.11 -110.21
CA MET EA 523 10.47 11.82 -111.19
C MET EA 523 9.51 10.85 -111.85
N ALA EA 524 8.40 11.37 -112.36
CA ALA EA 524 7.41 10.54 -113.02
C ALA EA 524 7.97 9.96 -114.31
N SER EA 525 7.69 8.68 -114.53
CA SER EA 525 8.20 8.01 -115.73
C SER EA 525 7.60 8.60 -117.00
N HIS EA 526 6.31 8.94 -116.96
CA HIS EA 526 5.62 9.44 -118.14
C HIS EA 526 4.38 10.20 -117.71
N LYS EA 527 3.84 10.97 -118.66
CA LYS EA 527 2.60 11.72 -118.43
C LYS EA 527 1.40 10.84 -118.80
N ASP EA 528 0.23 11.44 -118.86
CA ASP EA 528 -0.99 10.69 -119.17
C ASP EA 528 -0.90 10.05 -120.55
N ASP EA 529 -1.34 8.80 -120.63
CA ASP EA 529 -1.48 8.07 -121.89
C ASP EA 529 -0.15 7.98 -122.65
N GLU EA 530 0.94 7.79 -121.91
CA GLU EA 530 2.26 7.61 -122.51
C GLU EA 530 3.02 6.52 -121.79
N GLU EA 531 2.33 5.42 -121.46
CA GLU EA 531 2.92 4.36 -120.67
C GLU EA 531 4.05 3.64 -121.39
N LYS EA 532 4.15 3.78 -122.72
CA LYS EA 532 5.24 3.15 -123.45
C LYS EA 532 6.56 3.88 -123.30
N PHE EA 533 6.55 5.09 -122.76
CA PHE EA 533 7.75 5.90 -122.61
C PHE EA 533 8.29 5.81 -121.19
N PHE EA 534 9.60 5.65 -121.07
CA PHE EA 534 10.27 5.63 -119.78
C PHE EA 534 11.58 6.38 -119.90
N PRO EA 535 12.07 6.97 -118.81
CA PRO EA 535 13.37 7.64 -118.85
C PRO EA 535 14.50 6.65 -119.11
N GLN EA 536 15.54 7.13 -119.79
CA GLN EA 536 16.60 6.26 -120.25
C GLN EA 536 17.31 5.59 -119.08
N SER EA 537 17.59 6.35 -118.01
CA SER EA 537 18.19 5.79 -116.81
C SER EA 537 17.51 6.35 -115.57
N GLY EA 538 16.19 6.54 -115.65
CA GLY EA 538 15.43 7.13 -114.56
C GLY EA 538 14.51 6.19 -113.81
N VAL EA 539 14.51 4.89 -114.13
CA VAL EA 539 13.68 3.92 -113.44
C VAL EA 539 14.52 2.69 -113.11
N LEU EA 540 14.10 1.98 -112.08
CA LEU EA 540 14.72 0.70 -111.77
C LEU EA 540 14.29 -0.35 -112.79
N ILE EA 541 15.24 -1.15 -113.23
CA ILE EA 541 14.99 -2.21 -114.20
C ILE EA 541 15.42 -3.52 -113.56
N PHE EA 542 14.46 -4.41 -113.33
CA PHE EA 542 14.71 -5.72 -112.75
C PHE EA 542 14.75 -6.77 -113.85
N GLY EA 543 15.60 -7.77 -113.65
CA GLY EA 543 15.71 -8.87 -114.60
C GLY EA 543 14.71 -9.96 -114.30
N LYS EA 544 14.14 -10.51 -115.37
CA LYS EA 544 13.28 -11.69 -115.22
C LYS EA 544 14.14 -12.91 -114.88
N GLN EA 545 13.48 -13.98 -114.48
CA GLN EA 545 14.19 -15.20 -114.13
C GLN EA 545 14.94 -15.75 -115.33
N GLY EA 546 16.21 -16.10 -115.12
CA GLY EA 546 17.04 -16.62 -116.18
C GLY EA 546 17.68 -15.59 -117.08
N SER EA 547 17.54 -14.31 -116.75
CA SER EA 547 18.07 -13.23 -117.62
C SER EA 547 19.59 -13.17 -117.51
N GLU EA 548 20.28 -12.96 -118.64
CA GLU EA 548 21.73 -12.89 -118.66
C GLU EA 548 22.20 -11.55 -118.11
N LYS EA 549 23.49 -11.28 -118.25
CA LYS EA 549 24.09 -10.08 -117.68
C LYS EA 549 24.25 -8.96 -118.69
N THR EA 550 24.62 -9.28 -119.93
CA THR EA 550 25.00 -8.26 -120.91
C THR EA 550 24.03 -8.26 -122.08
N ASN EA 551 23.49 -7.09 -122.38
CA ASN EA 551 22.74 -6.83 -123.61
C ASN EA 551 21.56 -7.78 -123.79
N VAL EA 552 20.75 -7.90 -122.74
CA VAL EA 552 19.51 -8.66 -122.83
C VAL EA 552 18.44 -7.79 -123.46
N ASP EA 553 17.47 -8.43 -124.11
CA ASP EA 553 16.42 -7.70 -124.80
C ASP EA 553 15.45 -7.09 -123.78
N ILE EA 554 14.55 -6.23 -124.29
CA ILE EA 554 13.60 -5.56 -123.42
C ILE EA 554 12.60 -6.57 -122.85
N GLU EA 555 12.26 -7.62 -123.60
CA GLU EA 555 11.35 -8.64 -123.09
C GLU EA 555 11.96 -9.48 -121.99
N LYS EA 556 13.28 -9.39 -121.77
CA LYS EA 556 13.95 -10.11 -120.70
C LYS EA 556 13.99 -9.33 -119.40
N VAL EA 557 13.57 -8.07 -119.40
CA VAL EA 557 13.62 -7.22 -118.22
C VAL EA 557 12.24 -6.65 -117.93
N MET EA 558 12.04 -6.26 -116.68
CA MET EA 558 10.79 -5.64 -116.22
C MET EA 558 11.10 -4.22 -115.78
N ILE EA 559 10.55 -3.25 -116.49
CA ILE EA 559 10.82 -1.84 -116.23
C ILE EA 559 9.76 -1.30 -115.30
N THR EA 560 10.19 -0.68 -114.20
CA THR EA 560 9.26 -0.15 -113.22
C THR EA 560 8.63 1.16 -113.70
N ASP EA 561 7.54 1.52 -113.06
CA ASP EA 561 6.83 2.77 -113.44
C ASP EA 561 6.62 3.62 -112.19
N GLU EA 562 6.94 4.90 -112.29
CA GLU EA 562 6.77 5.88 -111.22
C GLU EA 562 5.71 6.90 -111.58
N GLU EA 563 4.60 6.44 -112.16
CA GLU EA 563 3.53 7.34 -112.58
C GLU EA 563 2.66 7.82 -111.43
N GLU EA 564 2.70 7.14 -110.28
CA GLU EA 564 1.86 7.54 -109.15
C GLU EA 564 2.31 8.87 -108.55
N ILE EA 565 3.52 9.33 -108.85
CA ILE EA 565 4.05 10.55 -108.26
C ILE EA 565 4.00 11.71 -109.24
N ARG EA 566 3.35 11.55 -110.39
CA ARG EA 566 3.23 12.65 -111.34
C ARG EA 566 2.29 13.75 -110.85
N THR EA 567 1.58 13.52 -109.75
CA THR EA 567 0.74 14.56 -109.17
C THR EA 567 1.58 15.69 -108.59
N THR EA 568 2.76 15.39 -108.04
CA THR EA 568 3.62 16.40 -107.44
C THR EA 568 5.01 16.47 -108.06
N ASN EA 569 5.44 15.47 -108.80
CA ASN EA 569 6.78 15.43 -109.35
C ASN EA 569 6.75 15.63 -110.86
N PRO EA 570 7.69 16.39 -111.41
CA PRO EA 570 7.72 16.60 -112.86
C PRO EA 570 8.04 15.30 -113.59
N VAL EA 571 7.54 15.22 -114.83
CA VAL EA 571 7.87 14.08 -115.68
C VAL EA 571 9.36 14.09 -115.99
N ALA EA 572 9.97 12.91 -115.93
CA ALA EA 572 11.42 12.80 -116.02
C ALA EA 572 11.94 13.28 -117.37
N THR EA 573 11.21 13.02 -118.44
CA THR EA 573 11.67 13.29 -119.78
C THR EA 573 11.28 14.68 -120.29
N GLU EA 574 10.63 15.48 -119.48
CA GLU EA 574 10.17 16.80 -119.88
C GLU EA 574 10.82 17.86 -119.01
N GLN EA 575 10.70 19.11 -119.45
CA GLN EA 575 11.26 20.22 -118.72
C GLN EA 575 10.45 20.49 -117.45
N TYR EA 576 11.12 21.09 -116.46
CA TYR EA 576 10.42 21.53 -115.27
C TYR EA 576 9.41 22.64 -115.59
N GLY EA 577 9.80 23.57 -116.44
CA GLY EA 577 8.94 24.70 -116.75
C GLY EA 577 9.66 25.69 -117.64
N SER EA 578 9.22 26.94 -117.58
CA SER EA 578 9.79 28.01 -118.38
C SER EA 578 10.06 29.23 -117.51
N VAL EA 579 11.15 29.94 -117.83
CA VAL EA 579 11.51 31.18 -117.16
C VAL EA 579 11.79 32.24 -118.21
N SER EA 580 11.66 33.49 -117.80
CA SER EA 580 12.00 34.60 -118.69
C SER EA 580 13.51 34.73 -118.83
N THR EA 581 13.94 35.15 -120.02
CA THR EA 581 15.36 35.30 -120.31
C THR EA 581 15.76 36.70 -120.72
N ASN EA 582 14.81 37.63 -120.89
CA ASN EA 582 15.13 38.99 -121.30
C ASN EA 582 14.13 39.93 -120.64
N LEU EA 583 14.15 41.19 -121.08
CA LEU EA 583 13.23 42.21 -120.60
C LEU EA 583 12.47 42.77 -121.80
N GLN EA 584 11.18 42.45 -121.87
CA GLN EA 584 10.34 42.97 -122.94
C GLN EA 584 10.17 44.48 -122.80
N ARG EA 585 10.08 45.13 -123.96
CA ARG EA 585 9.99 46.61 -123.98
C ARG EA 585 9.36 47.04 -125.30
N GLY EA 586 8.53 48.07 -125.28
CA GLY EA 586 7.97 48.64 -126.49
C GLY EA 586 8.83 49.74 -127.07
N ASN EA 587 8.32 50.35 -128.14
CA ASN EA 587 9.10 51.38 -128.87
C ASN EA 587 9.10 52.70 -128.08
N THR EA 594 14.61 49.95 -129.77
CA THR EA 594 13.58 49.27 -130.59
C THR EA 594 12.71 48.41 -129.67
N SER EA 595 11.71 47.69 -130.20
CA SER EA 595 10.97 46.84 -129.28
C SER EA 595 11.63 45.48 -129.15
N ARG EA 596 11.45 44.86 -127.98
CA ARG EA 596 11.95 43.52 -127.70
C ARG EA 596 10.79 42.70 -127.16
N GLN EA 597 10.53 41.55 -127.80
CA GLN EA 597 9.46 40.68 -127.36
C GLN EA 597 9.94 39.75 -126.24
N ALA EA 598 9.02 39.39 -125.36
CA ALA EA 598 9.36 38.53 -124.24
C ALA EA 598 9.81 37.16 -124.71
N ALA EA 599 10.88 36.66 -124.11
CA ALA EA 599 11.46 35.37 -124.47
C ALA EA 599 11.50 34.46 -123.26
N THR EA 600 11.35 33.16 -123.51
CA THR EA 600 11.35 32.16 -122.46
C THR EA 600 12.28 31.01 -122.84
N ALA EA 601 12.76 30.29 -121.83
CA ALA EA 601 13.61 29.15 -122.03
C ALA EA 601 13.13 27.99 -121.18
N ASP EA 602 13.36 26.77 -121.67
CA ASP EA 602 13.03 25.58 -120.91
C ASP EA 602 14.01 25.39 -119.76
N VAL EA 603 13.51 24.91 -118.63
CA VAL EA 603 14.33 24.64 -117.45
C VAL EA 603 14.49 23.12 -117.40
N ASN EA 604 15.58 22.63 -118.00
CA ASN EA 604 15.84 21.19 -118.04
C ASN EA 604 16.39 20.67 -116.72
N THR EA 605 16.95 21.54 -115.88
CA THR EA 605 17.42 21.16 -114.55
C THR EA 605 16.95 22.21 -113.56
N GLN EA 606 16.32 21.77 -112.48
CA GLN EA 606 15.78 22.68 -111.48
C GLN EA 606 16.20 22.20 -110.10
N GLY EA 607 16.89 23.06 -109.35
CA GLY EA 607 17.22 22.77 -107.98
C GLY EA 607 16.03 23.01 -107.07
N VAL EA 608 16.24 22.71 -105.79
CA VAL EA 608 15.17 22.85 -104.82
C VAL EA 608 14.90 24.33 -104.55
N LEU EA 609 13.64 24.72 -104.63
CA LEU EA 609 13.15 26.05 -104.35
C LEU EA 609 12.28 26.05 -103.09
N PRO EA 610 12.21 27.17 -102.37
CA PRO EA 610 11.27 27.24 -101.25
C PRO EA 610 9.84 27.05 -101.72
N GLY EA 611 9.06 26.31 -100.94
CA GLY EA 611 7.71 25.96 -101.30
C GLY EA 611 7.58 24.74 -102.19
N MET EA 612 8.67 24.03 -102.46
CA MET EA 612 8.63 22.84 -103.34
C MET EA 612 8.22 21.60 -102.56
N VAL EA 613 7.34 20.77 -103.12
CA VAL EA 613 6.86 19.52 -102.55
C VAL EA 613 7.07 18.41 -103.56
N TRP EA 614 7.42 17.23 -103.08
CA TRP EA 614 7.72 16.10 -103.96
C TRP EA 614 7.50 14.80 -103.20
N GLN EA 615 7.45 13.72 -103.96
CA GLN EA 615 7.36 12.36 -103.43
C GLN EA 615 8.64 11.61 -103.75
N ASP EA 616 9.07 10.74 -102.83
CA ASP EA 616 10.27 9.96 -103.04
C ASP EA 616 9.98 8.79 -103.98
N ARG EA 617 11.05 8.11 -104.40
CA ARG EA 617 10.90 6.96 -105.27
C ARG EA 617 10.23 5.81 -104.53
N ASP EA 618 9.40 5.07 -105.26
CA ASP EA 618 8.71 3.93 -104.68
C ASP EA 618 9.67 2.79 -104.37
N VAL EA 619 9.30 1.97 -103.40
CA VAL EA 619 10.03 0.75 -103.08
C VAL EA 619 9.27 -0.43 -103.69
N TYR EA 620 10.00 -1.50 -103.97
CA TYR EA 620 9.45 -2.66 -104.66
C TYR EA 620 9.81 -3.92 -103.88
N LEU EA 621 9.08 -4.99 -104.17
CA LEU EA 621 9.35 -6.26 -103.50
C LEU EA 621 10.77 -6.75 -103.81
N GLN EA 622 11.20 -6.59 -105.05
CA GLN EA 622 12.56 -6.92 -105.45
C GLN EA 622 13.55 -5.80 -105.18
N GLY EA 623 13.09 -4.65 -104.70
CA GLY EA 623 13.94 -3.50 -104.54
C GLY EA 623 14.69 -3.48 -103.22
N PRO EA 624 15.64 -2.56 -103.09
CA PRO EA 624 16.38 -2.44 -101.84
C PRO EA 624 15.53 -1.82 -100.74
N ILE EA 625 15.93 -2.10 -99.50
CA ILE EA 625 15.22 -1.61 -98.32
C ILE EA 625 15.85 -0.33 -97.79
N TRP EA 626 17.16 -0.31 -97.63
CA TRP EA 626 17.84 0.81 -96.99
C TRP EA 626 19.15 1.11 -97.70
N ALA EA 627 19.79 2.19 -97.25
CA ALA EA 627 21.14 2.53 -97.68
C ALA EA 627 21.77 3.38 -96.59
N LYS EA 628 23.10 3.38 -96.56
CA LYS EA 628 23.82 4.18 -95.57
C LYS EA 628 24.00 5.60 -96.08
N ILE EA 629 23.56 6.56 -95.29
CA ILE EA 629 23.79 7.97 -95.65
C ILE EA 629 25.28 8.27 -95.54
N PRO EA 630 25.92 8.81 -96.58
CA PRO EA 630 27.35 9.08 -96.51
C PRO EA 630 27.68 10.05 -95.39
N HIS EA 631 28.82 9.82 -94.74
CA HIS EA 631 29.27 10.66 -93.64
C HIS EA 631 29.86 11.94 -94.24
N THR EA 632 29.00 12.94 -94.41
CA THR EA 632 29.38 14.19 -95.03
C THR EA 632 28.88 15.35 -94.17
N ASP EA 633 29.45 16.52 -94.39
CA ASP EA 633 29.07 17.71 -93.60
C ASP EA 633 27.62 18.09 -93.91
N GLY EA 634 27.23 18.00 -95.17
CA GLY EA 634 25.89 18.38 -95.55
C GLY EA 634 25.26 17.38 -96.51
N HIS EA 635 23.95 17.28 -96.42
CA HIS EA 635 23.14 16.49 -97.34
C HIS EA 635 21.71 16.99 -97.25
N PHE EA 636 21.00 16.90 -98.37
CA PHE EA 636 19.62 17.36 -98.43
C PHE EA 636 18.72 16.17 -98.74
N HIS EA 637 17.72 15.95 -97.88
CA HIS EA 637 16.75 14.88 -98.02
C HIS EA 637 17.44 13.55 -98.29
N PRO EA 638 18.09 12.95 -97.29
CA PRO EA 638 18.91 11.75 -97.50
C PRO EA 638 18.10 10.46 -97.66
N SER EA 639 17.08 10.51 -98.51
CA SER EA 639 16.41 9.30 -98.97
C SER EA 639 17.19 8.72 -100.14
N PRO EA 640 17.51 7.42 -100.11
CA PRO EA 640 18.28 6.84 -101.21
C PRO EA 640 17.57 7.01 -102.54
N LEU EA 641 18.35 7.32 -103.58
CA LEU EA 641 17.75 7.57 -104.89
C LEU EA 641 17.23 6.30 -105.52
N MET EA 642 17.82 5.15 -105.19
CA MET EA 642 17.32 3.87 -105.69
C MET EA 642 16.04 3.42 -104.97
N GLY EA 643 15.65 4.11 -103.90
CA GLY EA 643 14.46 3.77 -103.16
C GLY EA 643 14.77 3.13 -101.83
N GLY EA 644 14.01 3.52 -100.81
CA GLY EA 644 14.19 2.94 -99.50
C GLY EA 644 14.35 3.94 -98.37
N PHE EA 645 14.97 3.52 -97.29
CA PHE EA 645 15.13 4.32 -96.08
C PHE EA 645 16.59 4.72 -95.90
N GLY EA 646 16.84 6.02 -95.78
CA GLY EA 646 18.16 6.50 -95.51
C GLY EA 646 18.52 6.40 -94.04
N LEU EA 647 19.61 5.69 -93.72
CA LEU EA 647 19.99 5.42 -92.34
C LEU EA 647 21.40 5.92 -92.10
N LYS EA 648 21.57 6.78 -91.09
CA LYS EA 648 22.90 7.19 -90.69
C LYS EA 648 23.69 6.03 -90.09
N HIS EA 649 22.99 5.15 -89.37
CA HIS EA 649 23.57 3.92 -88.82
C HIS EA 649 22.73 2.76 -89.32
N PRO EA 650 22.98 2.28 -90.53
CA PRO EA 650 22.20 1.19 -91.09
C PRO EA 650 22.54 -0.13 -90.41
N PRO EA 651 21.81 -1.21 -90.72
CA PRO EA 651 22.18 -2.52 -90.19
C PRO EA 651 23.63 -2.85 -90.54
N PRO EA 652 24.43 -3.24 -89.55
CA PRO EA 652 25.87 -3.42 -89.80
C PRO EA 652 26.14 -4.57 -90.75
N GLN EA 653 27.25 -4.45 -91.47
CA GLN EA 653 27.71 -5.54 -92.31
C GLN EA 653 28.13 -6.73 -91.46
N ILE EA 654 27.70 -7.92 -91.88
CA ILE EA 654 28.02 -9.16 -91.18
C ILE EA 654 29.02 -9.91 -92.05
N LEU EA 655 30.26 -10.01 -91.58
CA LEU EA 655 31.35 -10.63 -92.33
C LEU EA 655 31.61 -12.02 -91.80
N ILE EA 656 31.73 -12.98 -92.72
CA ILE EA 656 31.95 -14.38 -92.39
C ILE EA 656 33.00 -14.95 -93.32
N LYS EA 657 33.90 -15.76 -92.77
CA LYS EA 657 34.90 -16.44 -93.59
C LYS EA 657 35.32 -17.72 -92.89
N ASN EA 658 35.85 -18.65 -93.68
CA ASN EA 658 36.37 -19.89 -93.14
C ASN EA 658 37.78 -19.69 -92.62
N THR EA 659 38.06 -20.20 -91.43
CA THR EA 659 39.39 -20.10 -90.88
C THR EA 659 40.34 -20.97 -91.68
N PRO EA 660 41.45 -20.43 -92.17
CA PRO EA 660 42.39 -21.24 -92.96
C PRO EA 660 43.01 -22.34 -92.12
N VAL EA 661 42.97 -23.56 -92.64
CA VAL EA 661 43.56 -24.73 -91.99
C VAL EA 661 44.79 -25.12 -92.80
N PRO EA 662 46.00 -24.93 -92.28
CA PRO EA 662 47.21 -25.27 -93.05
C PRO EA 662 47.28 -26.75 -93.35
N ALA EA 663 47.82 -27.07 -94.52
CA ALA EA 663 48.06 -28.45 -94.91
C ALA EA 663 49.33 -28.94 -94.22
N ASN EA 664 49.85 -30.08 -94.66
CA ASN EA 664 51.00 -30.69 -94.01
C ASN EA 664 52.22 -29.80 -94.10
N PRO EA 665 52.79 -29.36 -92.98
CA PRO EA 665 53.98 -28.51 -93.03
C PRO EA 665 55.25 -29.32 -93.19
N SER EA 666 56.32 -28.59 -93.54
CA SER EA 666 57.65 -29.22 -93.67
C SER EA 666 58.24 -29.46 -92.28
N THR EA 667 58.96 -30.55 -92.12
CA THR EA 667 59.60 -30.86 -90.85
C THR EA 667 60.74 -29.91 -90.52
N THR EA 668 61.22 -29.15 -91.51
CA THR EA 668 62.23 -28.13 -91.30
C THR EA 668 61.57 -26.76 -91.28
N PHE EA 669 62.01 -25.89 -90.38
CA PHE EA 669 61.39 -24.58 -90.25
C PHE EA 669 61.61 -23.74 -91.49
N SER EA 670 60.55 -23.07 -91.93
CA SER EA 670 60.60 -22.14 -93.05
C SER EA 670 59.89 -20.86 -92.65
N ALA EA 671 60.57 -19.72 -92.86
CA ALA EA 671 59.99 -18.43 -92.51
C ALA EA 671 58.97 -17.95 -93.54
N ALA EA 672 58.88 -18.60 -94.69
CA ALA EA 672 57.89 -18.22 -95.68
C ALA EA 672 56.49 -18.47 -95.16
N LYS EA 673 55.58 -17.56 -95.45
CA LYS EA 673 54.20 -17.71 -95.00
C LYS EA 673 53.57 -18.92 -95.70
N PHE EA 674 52.60 -19.52 -94.99
CA PHE EA 674 51.95 -20.74 -95.51
C PHE EA 674 51.18 -20.46 -96.80
N ALA EA 675 51.40 -21.29 -97.81
CA ALA EA 675 50.69 -21.18 -99.07
C ALA EA 675 49.87 -22.41 -99.41
N SER EA 676 49.98 -23.49 -98.64
CA SER EA 676 49.22 -24.71 -98.87
C SER EA 676 48.22 -24.88 -97.74
N PHE EA 677 46.95 -25.07 -98.10
CA PHE EA 677 45.88 -25.20 -97.12
C PHE EA 677 44.97 -26.35 -97.52
N ILE EA 678 44.22 -26.85 -96.55
CA ILE EA 678 43.22 -27.87 -96.80
C ILE EA 678 42.01 -27.19 -97.43
N THR EA 679 41.59 -27.68 -98.59
CA THR EA 679 40.43 -27.12 -99.27
C THR EA 679 39.17 -27.40 -98.46
N GLN EA 680 38.39 -26.36 -98.19
CA GLN EA 680 37.19 -26.54 -97.38
C GLN EA 680 36.22 -25.40 -97.62
N TYR EA 681 34.96 -25.69 -97.35
CA TYR EA 681 33.89 -24.71 -97.39
C TYR EA 681 33.00 -24.93 -96.18
N SER EA 682 32.01 -24.05 -96.01
CA SER EA 682 31.08 -24.16 -94.90
C SER EA 682 29.66 -23.99 -95.40
N THR EA 683 28.72 -24.60 -94.67
CA THR EA 683 27.30 -24.46 -94.95
C THR EA 683 26.58 -24.32 -93.62
N GLY EA 684 25.41 -23.70 -93.67
CA GLY EA 684 24.66 -23.47 -92.46
C GLY EA 684 23.35 -22.79 -92.75
N GLN EA 685 22.70 -22.32 -91.68
CA GLN EA 685 21.43 -21.64 -91.77
C GLN EA 685 21.56 -20.22 -91.23
N VAL EA 686 20.83 -19.31 -91.85
CA VAL EA 686 20.81 -17.91 -91.46
C VAL EA 686 19.37 -17.48 -91.23
N SER EA 687 19.13 -16.74 -90.15
CA SER EA 687 17.80 -16.26 -89.80
C SER EA 687 17.82 -14.74 -89.67
N VAL EA 688 16.87 -14.08 -90.31
CA VAL EA 688 16.68 -12.64 -90.22
C VAL EA 688 15.24 -12.37 -89.82
N GLU EA 689 15.06 -11.67 -88.71
CA GLU EA 689 13.73 -11.29 -88.23
C GLU EA 689 13.67 -9.78 -88.09
N ILE EA 690 12.75 -9.15 -88.81
CA ILE EA 690 12.60 -7.70 -88.80
C ILE EA 690 11.19 -7.35 -88.33
N GLU EA 691 11.09 -6.44 -87.39
CA GLU EA 691 9.81 -5.87 -86.97
C GLU EA 691 9.57 -4.57 -87.72
N TRP EA 692 8.40 -4.47 -88.34
CA TRP EA 692 8.01 -3.30 -89.12
C TRP EA 692 6.83 -2.62 -88.46
N GLU EA 693 6.83 -1.29 -88.47
CA GLU EA 693 5.71 -0.51 -87.97
C GLU EA 693 4.84 -0.08 -89.13
N LEU EA 694 3.53 -0.17 -88.94
CA LEU EA 694 2.55 0.12 -89.99
C LEU EA 694 1.82 1.42 -89.69
N GLN EA 695 1.53 2.16 -90.75
CA GLN EA 695 0.72 3.38 -90.69
C GLN EA 695 -0.62 3.03 -91.32
N LYS EA 696 -1.63 2.79 -90.47
CA LYS EA 696 -2.92 2.31 -90.97
C LYS EA 696 -3.62 3.36 -91.81
N GLU EA 697 -4.23 2.91 -92.89
CA GLU EA 697 -5.01 3.80 -93.75
C GLU EA 697 -6.26 4.29 -93.03
N ASN EA 698 -6.54 5.58 -93.16
CA ASN EA 698 -7.67 6.24 -92.52
C ASN EA 698 -8.42 7.09 -93.54
N SER EA 699 -8.68 6.51 -94.70
CA SER EA 699 -9.30 7.25 -95.79
C SER EA 699 -10.81 7.38 -95.58
N LYS EA 700 -11.40 8.41 -96.19
CA LYS EA 700 -12.87 8.62 -96.13
C LYS EA 700 -13.45 8.69 -97.55
N ARG EA 701 -12.72 8.16 -98.54
CA ARG EA 701 -13.28 8.14 -99.89
C ARG EA 701 -14.43 7.15 -99.97
N TRP EA 702 -15.35 7.41 -100.89
CA TRP EA 702 -16.57 6.63 -101.00
C TRP EA 702 -16.41 5.43 -101.93
N ASN EA 703 -15.93 5.68 -103.14
CA ASN EA 703 -15.81 4.63 -104.13
C ASN EA 703 -14.59 3.74 -103.85
N PRO EA 704 -14.58 2.48 -104.31
CA PRO EA 704 -13.47 1.56 -104.01
C PRO EA 704 -12.11 2.05 -104.53
N GLU EA 705 -11.01 1.52 -103.99
CA GLU EA 705 -9.65 1.97 -104.35
C GLU EA 705 -8.97 0.99 -105.30
N ILE EA 706 -7.83 1.36 -105.88
CA ILE EA 706 -7.06 0.34 -106.65
C ILE EA 706 -6.30 -0.58 -105.69
N GLN EA 707 -6.42 -1.89 -105.87
CA GLN EA 707 -5.68 -2.82 -105.04
C GLN EA 707 -4.90 -3.78 -105.94
N TYR EA 708 -3.74 -4.22 -105.46
CA TYR EA 708 -3.01 -5.26 -106.17
C TYR EA 708 -3.75 -6.58 -106.04
N THR EA 709 -3.84 -7.32 -107.14
CA THR EA 709 -4.59 -8.57 -107.17
C THR EA 709 -3.97 -9.52 -108.16
N SER EA 710 -4.25 -10.80 -107.95
CA SER EA 710 -3.79 -11.82 -108.93
C SER EA 710 -4.81 -11.85 -110.06
N ASN EA 711 -4.45 -12.36 -111.22
CA ASN EA 711 -5.43 -12.34 -112.34
C ASN EA 711 -6.20 -13.65 -112.28
N TYR EA 712 -7.53 -13.60 -112.35
CA TYR EA 712 -8.36 -14.81 -112.18
C TYR EA 712 -8.23 -15.74 -113.40
N ASN EA 713 -7.98 -15.20 -114.59
CA ASN EA 713 -7.98 -16.08 -115.76
C ASN EA 713 -6.96 -17.21 -115.61
N LYS EA 714 -7.29 -18.32 -116.26
CA LYS EA 714 -6.42 -19.52 -116.20
C LYS EA 714 -5.08 -19.23 -116.85
N SER EA 715 -4.07 -19.94 -116.39
CA SER EA 715 -2.73 -19.79 -116.94
C SER EA 715 -1.98 -21.09 -116.76
N ILE EA 716 -0.90 -21.25 -117.54
CA ILE EA 716 -0.07 -22.44 -117.42
C ILE EA 716 0.61 -22.48 -116.07
N ASN EA 717 1.11 -21.33 -115.61
CA ASN EA 717 1.81 -21.23 -114.34
C ASN EA 717 1.12 -20.19 -113.45
N VAL EA 718 1.15 -20.44 -112.15
CA VAL EA 718 0.66 -19.47 -111.18
C VAL EA 718 1.76 -18.46 -110.90
N ASP EA 719 1.39 -17.20 -110.72
CA ASP EA 719 2.36 -16.15 -110.46
C ASP EA 719 3.02 -16.34 -109.09
N PHE EA 720 4.31 -16.03 -109.02
CA PHE EA 720 5.09 -16.11 -107.79
C PHE EA 720 5.09 -17.51 -107.20
N THR EA 721 5.18 -18.51 -108.07
CA THR EA 721 5.32 -19.91 -107.68
C THR EA 721 6.47 -20.51 -108.46
N VAL EA 722 6.63 -21.83 -108.32
CA VAL EA 722 7.65 -22.56 -109.06
C VAL EA 722 7.01 -23.19 -110.30
N ASP EA 723 7.82 -23.41 -111.32
CA ASP EA 723 7.36 -24.05 -112.53
C ASP EA 723 7.60 -25.56 -112.44
N THR EA 724 7.46 -26.26 -113.57
CA THR EA 724 7.65 -27.72 -113.58
C THR EA 724 9.11 -28.06 -113.29
N ASN EA 725 10.01 -27.07 -113.39
CA ASN EA 725 11.45 -27.28 -113.05
C ASN EA 725 11.68 -26.88 -111.60
N GLY EA 726 10.63 -26.44 -110.90
CA GLY EA 726 10.77 -26.00 -109.50
C GLY EA 726 11.54 -24.69 -109.42
N VAL EA 727 11.59 -23.94 -110.51
CA VAL EA 727 12.34 -22.65 -110.54
C VAL EA 727 11.40 -21.53 -110.10
N TYR EA 728 11.73 -20.83 -109.01
CA TYR EA 728 10.90 -19.74 -108.54
C TYR EA 728 11.16 -18.50 -109.38
N SER EA 729 10.08 -17.81 -109.76
CA SER EA 729 10.18 -16.61 -110.56
C SER EA 729 9.25 -15.54 -109.99
N GLU EA 730 9.62 -14.28 -110.22
CA GLU EA 730 8.79 -13.14 -109.85
C GLU EA 730 8.32 -12.46 -111.13
N PRO EA 731 7.07 -12.67 -111.55
CA PRO EA 731 6.66 -12.25 -112.90
C PRO EA 731 6.73 -10.75 -113.14
N ARG EA 732 6.48 -9.92 -112.15
CA ARG EA 732 6.45 -8.48 -112.35
C ARG EA 732 6.90 -7.79 -111.08
N PRO EA 733 7.40 -6.55 -111.18
CA PRO EA 733 7.66 -5.76 -109.97
C PRO EA 733 6.37 -5.26 -109.36
N ILE EA 734 6.28 -5.34 -108.04
CA ILE EA 734 5.13 -4.83 -107.30
C ILE EA 734 5.60 -3.67 -106.45
N GLY EA 735 5.00 -2.51 -106.65
CA GLY EA 735 5.27 -1.35 -105.83
C GLY EA 735 4.44 -1.39 -104.56
N THR EA 736 4.26 -0.22 -103.95
CA THR EA 736 3.47 -0.11 -102.74
C THR EA 736 2.34 0.91 -102.83
N ARG EA 737 2.25 1.67 -103.93
CA ARG EA 737 1.37 2.83 -103.99
C ARG EA 737 0.08 2.45 -104.71
N TYR EA 738 -0.85 1.88 -103.93
CA TYR EA 738 -2.17 1.50 -104.42
C TYR EA 738 -3.30 2.24 -103.73
N LEU EA 739 -3.22 2.41 -102.41
CA LEU EA 739 -4.19 3.25 -101.72
C LEU EA 739 -3.95 4.72 -102.07
N THR EA 740 -4.95 5.55 -101.81
CA THR EA 740 -4.88 6.96 -102.15
C THR EA 740 -5.10 7.82 -100.92
N ARG EA 741 -4.44 8.98 -100.94
CA ARG EA 741 -4.62 9.97 -99.86
C ARG EA 741 -4.68 11.35 -100.53
N ASN EA 742 -5.42 12.31 -99.97
CA ASN EA 742 -5.48 13.66 -100.50
C ASN EA 742 -4.16 14.39 -100.25
N LEU EA 743 -3.86 15.36 -101.11
CA LEU EA 743 -2.66 16.18 -100.94
C LEU EA 743 -2.77 17.05 -99.70
N ALA FA 218 86.65 -4.30 -4.39
CA ALA FA 218 85.54 -4.16 -5.36
C ALA FA 218 85.71 -5.19 -6.47
N ASP FA 219 86.95 -5.38 -6.93
CA ASP FA 219 87.21 -6.26 -8.09
C ASP FA 219 88.31 -7.24 -7.72
N GLY FA 220 88.68 -7.30 -6.44
CA GLY FA 220 89.68 -8.30 -6.02
C GLY FA 220 90.84 -8.40 -7.00
N VAL FA 221 91.32 -9.62 -7.27
CA VAL FA 221 92.51 -9.79 -8.14
C VAL FA 221 92.01 -10.46 -9.41
N GLY FA 222 92.14 -9.79 -10.53
CA GLY FA 222 91.78 -10.30 -11.83
C GLY FA 222 90.56 -9.67 -12.46
N ASN FA 223 89.90 -8.75 -11.77
CA ASN FA 223 88.76 -8.02 -12.32
C ASN FA 223 89.14 -6.56 -12.47
N SER FA 224 88.97 -6.03 -13.68
CA SER FA 224 89.32 -4.65 -13.95
C SER FA 224 88.33 -3.71 -13.27
N SER FA 225 88.85 -2.63 -12.69
CA SER FA 225 88.04 -1.65 -11.99
C SER FA 225 87.79 -0.39 -12.81
N GLY FA 226 88.15 -0.40 -14.09
CA GLY FA 226 87.90 0.75 -14.93
C GLY FA 226 88.28 0.45 -16.36
N ASN FA 227 87.96 1.39 -17.23
CA ASN FA 227 88.23 1.29 -18.66
C ASN FA 227 88.99 2.51 -19.14
N TRP FA 228 89.57 2.40 -20.32
CA TRP FA 228 90.32 3.50 -20.92
C TRP FA 228 89.37 4.42 -21.67
N HIS FA 229 89.22 5.63 -21.17
CA HIS FA 229 88.33 6.64 -21.81
C HIS FA 229 89.17 7.85 -22.16
N CYS FA 230 89.66 7.92 -23.39
CA CYS FA 230 90.43 9.11 -23.86
C CYS FA 230 89.76 9.58 -25.14
N ASP FA 231 89.04 10.71 -25.10
CA ASP FA 231 88.29 11.17 -26.29
C ASP FA 231 87.67 12.55 -26.06
N SER FA 232 87.05 13.14 -27.07
CA SER FA 232 86.35 14.39 -26.82
C SER FA 232 85.04 14.40 -27.62
N THR FA 233 84.00 14.96 -27.01
CA THR FA 233 82.68 15.05 -27.63
C THR FA 233 82.28 16.51 -27.71
N TRP FA 234 81.96 16.96 -28.92
CA TRP FA 234 81.49 18.33 -29.14
C TRP FA 234 79.98 18.29 -29.34
N MET FA 235 79.26 18.97 -28.44
CA MET FA 235 77.78 18.99 -28.51
C MET FA 235 77.30 20.43 -28.34
N GLY FA 236 77.08 21.13 -29.45
CA GLY FA 236 76.58 22.50 -29.38
C GLY FA 236 77.59 23.42 -28.72
N ASP FA 237 77.16 24.06 -27.63
CA ASP FA 237 77.99 24.98 -26.88
C ASP FA 237 78.82 24.31 -25.79
N ARG FA 238 79.07 23.01 -25.90
CA ARG FA 238 79.86 22.29 -24.93
C ARG FA 238 80.86 21.38 -25.64
N VAL FA 239 82.01 21.20 -25.01
CA VAL FA 239 82.97 20.18 -25.42
C VAL FA 239 83.46 19.47 -24.17
N THR FA 240 83.32 18.14 -24.15
CA THR FA 240 83.77 17.34 -23.02
C THR FA 240 85.01 16.57 -23.43
N THR FA 241 86.13 16.87 -22.78
CA THR FA 241 87.40 16.20 -23.06
C THR FA 241 87.71 15.21 -21.94
N THR FA 242 88.03 13.98 -22.31
CA THR FA 242 88.39 12.93 -21.37
C THR FA 242 89.78 12.41 -21.71
N SER FA 243 90.59 12.19 -20.68
CA SER FA 243 91.95 11.74 -20.87
C SER FA 243 92.26 10.62 -19.88
N THR FA 244 93.00 9.61 -20.34
CA THR FA 244 93.46 8.54 -19.49
C THR FA 244 94.97 8.39 -19.66
N ARG FA 245 95.68 8.21 -18.55
CA ARG FA 245 97.12 8.05 -18.55
C ARG FA 245 97.51 6.94 -17.59
N THR FA 246 98.70 6.39 -17.79
CA THR FA 246 99.28 5.40 -16.90
C THR FA 246 100.33 6.09 -16.03
N TRP FA 247 100.19 5.98 -14.72
CA TRP FA 247 101.07 6.65 -13.78
C TRP FA 247 101.88 5.63 -12.98
N ALA FA 248 103.03 6.09 -12.49
CA ALA FA 248 103.88 5.31 -11.61
C ALA FA 248 104.17 6.15 -10.37
N LEU FA 249 103.93 5.57 -9.20
CA LEU FA 249 104.11 6.26 -7.93
C LEU FA 249 105.14 5.54 -7.08
N PRO FA 250 106.33 6.10 -6.88
CA PRO FA 250 107.33 5.47 -6.02
C PRO FA 250 107.05 5.77 -4.55
N THR FA 251 107.95 5.31 -3.70
CA THR FA 251 107.94 5.65 -2.29
C THR FA 251 108.82 6.89 -2.10
N TYR FA 252 108.25 7.94 -1.54
CA TYR FA 252 108.93 9.22 -1.41
C TYR FA 252 109.42 9.42 0.02
N ASN FA 253 110.66 9.87 0.15
CA ASN FA 253 111.29 10.18 1.43
C ASN FA 253 111.39 8.98 2.35
N ASN FA 254 111.24 7.77 1.81
CA ASN FA 254 111.21 6.55 2.60
C ASN FA 254 110.15 6.63 3.69
N HIS FA 255 108.94 7.03 3.30
CA HIS FA 255 107.77 7.13 4.16
C HIS FA 255 107.93 8.15 5.28
N LEU FA 256 108.74 9.19 5.07
CA LEU FA 256 109.05 10.14 6.13
C LEU FA 256 108.68 11.55 5.73
N TYR FA 257 108.46 12.39 6.75
CA TYR FA 257 108.29 13.84 6.49
C TYR FA 257 109.63 14.44 6.90
N LYS FA 258 110.25 15.24 6.05
CA LYS FA 258 111.55 15.85 6.27
C LYS FA 258 111.43 17.36 6.19
N GLN FA 259 111.93 18.04 7.21
CA GLN FA 259 112.02 19.49 7.15
C GLN FA 259 113.07 19.91 6.14
N ILE FA 260 112.71 20.83 5.26
CA ILE FA 260 113.61 21.31 4.22
C ILE FA 260 113.73 22.82 4.35
N SER FA 261 114.87 23.34 3.91
CA SER FA 261 115.14 24.77 3.97
C SER FA 261 116.21 25.11 2.94
N SER FA 262 116.36 26.40 2.69
CA SER FA 262 117.38 26.86 1.76
C SER FA 262 118.77 26.55 2.30
N GLN FA 263 119.69 26.35 1.36
CA GLN FA 263 121.06 25.99 1.75
C GLN FA 263 121.72 27.19 2.42
N SER FA 264 122.62 26.90 3.35
CA SER FA 264 123.40 28.01 3.96
C SER FA 264 124.24 28.66 2.87
N GLY FA 265 124.39 29.97 2.91
CA GLY FA 265 125.11 30.74 1.92
C GLY FA 265 124.27 31.24 0.78
N ALA FA 266 123.00 30.86 0.71
CA ALA FA 266 122.12 31.36 -0.33
C ALA FA 266 121.81 32.83 -0.09
N SER FA 267 121.43 33.53 -1.16
CA SER FA 267 121.04 34.93 -1.03
C SER FA 267 119.73 35.03 -0.26
N ASN FA 268 119.46 36.24 0.23
CA ASN FA 268 118.23 36.46 0.99
C ASN FA 268 116.99 36.25 0.12
N ASP FA 269 117.07 36.57 -1.16
CA ASP FA 269 115.93 36.38 -2.04
C ASP FA 269 115.61 34.91 -2.24
N ASN FA 270 116.59 34.04 -2.09
CA ASN FA 270 116.43 32.61 -2.32
C ASN FA 270 116.22 31.81 -1.04
N HIS FA 271 116.10 32.48 0.11
CA HIS FA 271 115.89 31.77 1.36
C HIS FA 271 114.46 31.26 1.45
N TYR FA 272 114.30 30.06 2.00
CA TYR FA 272 112.99 29.47 2.17
C TYR FA 272 113.03 28.42 3.27
N PHE FA 273 111.85 28.09 3.77
CA PHE FA 273 111.67 27.04 4.76
C PHE FA 273 110.36 26.31 4.46
N GLY FA 274 110.37 25.00 4.61
CA GLY FA 274 109.19 24.22 4.32
C GLY FA 274 109.36 22.78 4.73
N TYR FA 275 108.45 21.94 4.25
CA TYR FA 275 108.46 20.53 4.58
C TYR FA 275 108.24 19.70 3.33
N SER FA 276 108.91 18.55 3.27
CA SER FA 276 108.76 17.59 2.20
C SER FA 276 107.96 16.41 2.72
N THR FA 277 106.91 16.04 2.00
CA THR FA 277 106.02 14.98 2.44
C THR FA 277 106.25 13.70 1.63
N PRO FA 278 105.95 12.53 2.18
CA PRO FA 278 106.07 11.29 1.42
C PRO FA 278 104.94 11.07 0.41
N TRP FA 279 104.03 12.03 0.27
CA TRP FA 279 102.90 11.89 -0.64
C TRP FA 279 103.25 12.44 -2.01
N GLY FA 280 102.49 11.97 -3.00
CA GLY FA 280 102.49 12.53 -4.33
C GLY FA 280 101.15 13.18 -4.62
N TYR FA 281 101.09 13.87 -5.76
CA TYR FA 281 99.86 14.55 -6.15
C TYR FA 281 99.67 14.43 -7.65
N PHE FA 282 98.41 14.39 -8.07
CA PHE FA 282 98.04 14.30 -9.48
C PHE FA 282 97.76 15.70 -10.01
N ASP FA 283 98.53 16.10 -11.02
CA ASP FA 283 98.42 17.43 -11.62
C ASP FA 283 97.94 17.29 -13.06
N PHE FA 284 96.85 17.99 -13.39
CA PHE FA 284 96.39 18.11 -14.76
C PHE FA 284 96.06 19.55 -15.09
N ASN FA 285 96.82 20.49 -14.53
CA ASN FA 285 96.60 21.92 -14.73
C ASN FA 285 97.35 22.45 -15.93
N ARG FA 286 97.19 21.77 -17.07
CA ARG FA 286 97.74 22.22 -18.34
C ARG FA 286 96.77 21.80 -19.43
N PHE FA 287 96.60 22.63 -20.46
CA PHE FA 287 95.55 22.34 -21.48
C PHE FA 287 95.89 21.10 -22.31
N HIS FA 288 97.18 20.81 -22.50
CA HIS FA 288 97.60 19.64 -23.32
C HIS FA 288 97.19 18.33 -22.64
N CYS FA 289 96.87 18.37 -21.35
CA CYS FA 289 96.45 17.16 -20.59
C CYS FA 289 95.03 16.76 -20.98
N HIS FA 290 94.27 17.66 -21.61
CA HIS FA 290 92.88 17.39 -21.98
C HIS FA 290 92.58 17.60 -23.45
N PHE FA 291 93.27 18.52 -24.11
CA PHE FA 291 93.01 18.85 -25.50
C PHE FA 291 94.13 18.29 -26.38
N SER FA 292 93.74 17.56 -27.43
CA SER FA 292 94.68 17.22 -28.48
C SER FA 292 94.93 18.46 -29.34
N PRO FA 293 96.03 18.48 -30.10
CA PRO FA 293 96.26 19.64 -30.98
C PRO FA 293 95.13 19.89 -31.98
N ARG FA 294 94.52 18.83 -32.52
CA ARG FA 294 93.35 19.01 -33.36
C ARG FA 294 92.18 19.58 -32.57
N ASP FA 295 92.01 19.12 -31.32
CA ASP FA 295 90.97 19.68 -30.45
C ASP FA 295 91.22 21.15 -30.19
N TRP FA 296 92.49 21.52 -29.93
CA TRP FA 296 92.83 22.93 -29.72
C TRP FA 296 92.55 23.76 -30.96
N GLN FA 297 92.89 23.24 -32.14
CA GLN FA 297 92.62 23.98 -33.38
C GLN FA 297 91.12 24.14 -33.60
N ARG FA 298 90.34 23.10 -33.31
CA ARG FA 298 88.89 23.20 -33.40
C ARG FA 298 88.34 24.21 -32.40
N LEU FA 299 88.93 24.31 -31.22
CA LEU FA 299 88.45 25.24 -30.21
C LEU FA 299 88.77 26.69 -30.59
N ILE FA 300 90.01 26.95 -31.01
CA ILE FA 300 90.46 28.32 -31.15
C ILE FA 300 90.06 28.95 -32.49
N ASN FA 301 89.74 28.14 -33.50
CA ASN FA 301 89.38 28.67 -34.81
C ASN FA 301 87.89 28.95 -34.95
N ASN FA 302 87.09 28.58 -33.96
CA ASN FA 302 85.64 28.66 -34.09
C ASN FA 302 84.92 29.30 -32.92
N ASN FA 303 85.59 29.56 -31.81
CA ASN FA 303 84.95 30.04 -30.60
C ASN FA 303 85.57 31.36 -30.16
N TRP FA 304 84.72 32.27 -29.67
CA TRP FA 304 85.15 33.53 -29.10
C TRP FA 304 85.49 33.43 -27.62
N GLY FA 305 85.23 32.28 -26.99
CA GLY FA 305 85.55 32.12 -25.60
C GLY FA 305 85.24 30.72 -25.11
N PHE FA 306 85.81 30.37 -23.97
CA PHE FA 306 85.55 29.08 -23.35
C PHE FA 306 85.88 29.17 -21.86
N ARG FA 307 85.31 28.26 -21.09
CA ARG FA 307 85.54 28.19 -19.65
C ARG FA 307 85.19 26.80 -19.17
N PRO FA 308 85.87 26.30 -18.14
CA PRO FA 308 85.52 24.99 -17.58
C PRO FA 308 84.25 25.05 -16.75
N LYS FA 309 83.52 23.94 -16.76
CA LYS FA 309 82.23 23.83 -16.09
C LYS FA 309 82.24 22.81 -14.96
N ARG FA 310 82.69 21.59 -15.22
CA ARG FA 310 82.76 20.55 -14.20
C ARG FA 310 83.80 19.52 -14.64
N LEU FA 311 84.29 18.75 -13.67
CA LEU FA 311 85.27 17.72 -13.97
C LEU FA 311 84.93 16.45 -13.19
N ASN FA 312 85.42 15.32 -13.73
CA ASN FA 312 85.26 14.00 -13.07
C ASN FA 312 86.66 13.36 -13.06
N PHE FA 313 87.06 12.74 -11.96
CA PHE FA 313 88.38 12.17 -11.76
C PHE FA 313 88.24 10.72 -11.32
N LYS FA 314 89.12 9.89 -11.85
CA LYS FA 314 89.08 8.45 -11.46
C LYS FA 314 90.46 7.80 -11.40
N LEU FA 315 90.71 7.03 -10.36
CA LEU FA 315 91.90 6.18 -10.26
C LEU FA 315 91.44 4.73 -10.23
N PHE FA 316 92.08 3.89 -11.04
CA PHE FA 316 91.61 2.52 -11.18
C PHE FA 316 92.76 1.64 -11.66
N ASN FA 317 92.52 0.33 -11.66
CA ASN FA 317 93.50 -0.67 -12.08
C ASN FA 317 94.81 -0.48 -11.32
N ILE FA 318 94.70 -0.34 -10.00
CA ILE FA 318 95.84 -0.05 -9.16
C ILE FA 318 96.60 -1.34 -8.87
N GLN FA 319 97.90 -1.32 -9.16
CA GLN FA 319 98.78 -2.46 -8.92
C GLN FA 319 99.92 -2.01 -8.02
N VAL FA 320 100.13 -2.73 -6.93
CA VAL FA 320 101.26 -2.47 -6.03
C VAL FA 320 102.31 -3.53 -6.31
N LYS FA 321 103.52 -3.08 -6.66
CA LYS FA 321 104.62 -3.95 -7.00
C LYS FA 321 105.68 -3.89 -5.91
N GLU FA 322 106.11 -5.04 -5.42
CA GLU FA 322 107.18 -5.14 -4.45
C GLU FA 322 108.50 -5.38 -5.15
N VAL FA 323 109.50 -4.56 -4.83
CA VAL FA 323 110.82 -4.62 -5.45
C VAL FA 323 111.81 -5.15 -4.42
N THR FA 324 112.57 -6.18 -4.83
CA THR FA 324 113.61 -6.74 -3.99
C THR FA 324 114.92 -6.77 -4.78
N GLN FA 325 116.04 -6.73 -4.06
CA GLN FA 325 117.36 -6.72 -4.67
C GLN FA 325 118.25 -7.65 -3.89
N ASN FA 326 118.56 -8.81 -4.47
CA ASN FA 326 119.37 -9.84 -3.82
C ASN FA 326 120.54 -10.19 -4.72
N ASP FA 327 121.76 -9.99 -4.22
CA ASP FA 327 122.99 -10.31 -4.95
C ASP FA 327 123.04 -9.60 -6.31
N GLY FA 328 122.61 -8.35 -6.33
CA GLY FA 328 122.68 -7.55 -7.54
C GLY FA 328 121.58 -7.79 -8.54
N THR FA 329 120.53 -8.53 -8.18
CA THR FA 329 119.43 -8.84 -9.08
C THR FA 329 118.18 -8.11 -8.62
N THR FA 330 117.54 -7.40 -9.53
CA THR FA 330 116.30 -6.67 -9.25
C THR FA 330 115.12 -7.54 -9.66
N THR FA 331 114.32 -7.95 -8.68
CA THR FA 331 113.15 -8.79 -8.90
C THR FA 331 111.90 -8.03 -8.49
N ILE FA 332 110.91 -7.98 -9.38
CA ILE FA 332 109.66 -7.28 -9.14
C ILE FA 332 108.52 -8.29 -9.14
N ALA FA 333 107.72 -8.29 -8.09
CA ALA FA 333 106.60 -9.19 -7.94
C ALA FA 333 105.38 -8.42 -7.46
N ASN FA 334 104.21 -8.98 -7.74
CA ASN FA 334 102.97 -8.35 -7.32
C ASN FA 334 102.80 -8.42 -5.80
N ASN FA 335 102.15 -7.40 -5.25
CA ASN FA 335 101.73 -7.37 -3.85
C ASN FA 335 100.23 -7.10 -3.84
N LEU FA 336 99.44 -8.17 -3.78
CA LEU FA 336 98.00 -8.04 -3.91
C LEU FA 336 97.31 -7.54 -2.65
N THR FA 337 98.01 -7.49 -1.52
CA THR FA 337 97.42 -7.07 -0.26
C THR FA 337 97.82 -5.66 0.15
N SER FA 338 98.75 -5.02 -0.55
CA SER FA 338 99.14 -3.66 -0.21
C SER FA 338 98.11 -2.66 -0.74
N THR FA 339 98.08 -1.49 -0.11
CA THR FA 339 97.13 -0.45 -0.43
C THR FA 339 97.85 0.83 -0.85
N VAL FA 340 97.08 1.75 -1.43
CA VAL FA 340 97.51 3.11 -1.69
C VAL FA 340 96.46 4.04 -1.09
N GLN FA 341 96.92 5.08 -0.41
CA GLN FA 341 96.03 6.05 0.24
C GLN FA 341 95.80 7.23 -0.68
N VAL FA 342 94.52 7.52 -0.95
CA VAL FA 342 94.13 8.62 -1.82
C VAL FA 342 93.10 9.48 -1.10
N PHE FA 343 93.31 10.79 -1.12
CA PHE FA 343 92.30 11.71 -0.63
C PHE FA 343 92.40 13.03 -1.38
N THR FA 344 91.28 13.73 -1.48
CA THR FA 344 91.21 15.04 -2.12
C THR FA 344 91.07 16.11 -1.05
N ASP FA 345 91.86 17.17 -1.17
CA ASP FA 345 91.82 18.29 -0.23
C ASP FA 345 90.68 19.23 -0.62
N SER FA 346 89.45 18.78 -0.42
CA SER FA 346 88.26 19.55 -0.86
C SER FA 346 87.97 20.72 0.07
N GLU FA 347 88.53 20.72 1.28
CA GLU FA 347 88.36 21.86 2.17
C GLU FA 347 89.51 22.86 2.07
N TYR FA 348 90.49 22.60 1.22
CA TYR FA 348 91.62 23.51 0.99
C TYR FA 348 92.34 23.84 2.29
N GLN FA 349 92.59 22.82 3.10
CA GLN FA 349 93.32 22.98 4.34
C GLN FA 349 94.82 22.78 4.18
N LEU FA 350 95.29 22.38 3.02
CA LEU FA 350 96.69 22.20 2.73
C LEU FA 350 97.20 23.30 1.80
N PRO FA 351 98.49 23.62 1.86
CA PRO FA 351 99.03 24.62 0.93
C PRO FA 351 98.85 24.18 -0.51
N TYR FA 352 98.25 25.07 -1.31
CA TYR FA 352 97.90 24.76 -2.69
C TYR FA 352 99.13 24.98 -3.57
N VAL FA 353 99.78 23.89 -3.95
CA VAL FA 353 100.98 23.96 -4.79
C VAL FA 353 100.67 23.83 -6.27
N LEU FA 354 99.45 23.46 -6.64
CA LEU FA 354 99.03 23.55 -8.03
C LEU FA 354 98.92 25.00 -8.45
N GLY FA 355 99.10 25.25 -9.73
CA GLY FA 355 99.07 26.61 -10.24
C GLY FA 355 100.38 27.36 -10.14
N SER FA 356 101.48 26.68 -9.82
CA SER FA 356 102.80 27.28 -9.83
C SER FA 356 103.64 26.86 -11.03
N ALA FA 357 102.98 26.32 -12.06
CA ALA FA 357 103.64 25.90 -13.30
C ALA FA 357 104.73 24.86 -13.03
N HIS FA 358 104.37 23.82 -12.28
CA HIS FA 358 105.30 22.77 -11.91
C HIS FA 358 105.22 21.60 -12.88
N GLN FA 359 106.34 20.92 -13.04
CA GLN FA 359 106.40 19.73 -13.87
C GLN FA 359 105.75 18.55 -13.15
N GLY FA 360 105.45 17.50 -13.91
CA GLY FA 360 104.80 16.33 -13.37
C GLY FA 360 103.35 16.18 -13.73
N CYS FA 361 102.85 16.93 -14.72
CA CYS FA 361 101.46 16.85 -15.13
C CYS FA 361 101.22 15.58 -15.93
N LEU FA 362 99.97 15.40 -16.36
CA LEU FA 362 99.64 14.34 -17.29
C LEU FA 362 100.29 14.63 -18.63
N PRO FA 363 101.03 13.69 -19.21
CA PRO FA 363 101.75 13.99 -20.44
C PRO FA 363 100.79 14.30 -21.57
N PRO FA 364 101.16 15.20 -22.48
CA PRO FA 364 100.25 15.54 -23.58
C PRO FA 364 99.90 14.36 -24.47
N PHE FA 365 100.82 13.45 -24.69
CA PHE FA 365 100.56 12.27 -25.52
C PHE FA 365 99.93 11.17 -24.67
N PRO FA 366 98.77 10.65 -25.07
CA PRO FA 366 98.07 9.66 -24.22
C PRO FA 366 98.85 8.37 -24.02
N ALA FA 367 99.84 8.07 -24.85
CA ALA FA 367 100.58 6.83 -24.74
C ALA FA 367 101.77 6.92 -23.79
N ASP FA 368 102.07 8.10 -23.25
CA ASP FA 368 103.22 8.28 -22.37
C ASP FA 368 102.86 7.92 -20.93
N VAL FA 369 103.82 7.32 -20.23
CA VAL FA 369 103.69 6.96 -18.82
C VAL FA 369 104.49 7.96 -18.01
N PHE FA 370 103.88 8.48 -16.94
CA PHE FA 370 104.47 9.56 -16.17
C PHE FA 370 104.59 9.19 -14.69
N MET FA 371 105.60 9.76 -14.05
CA MET FA 371 105.80 9.61 -12.61
C MET FA 371 104.99 10.66 -11.85
N VAL FA 372 104.42 10.26 -10.73
CA VAL FA 372 103.63 11.16 -9.89
C VAL FA 372 104.58 12.07 -9.12
N PRO FA 373 104.45 13.39 -9.24
CA PRO FA 373 105.38 14.28 -8.55
C PRO FA 373 105.20 14.26 -7.04
N GLN FA 374 106.30 14.51 -6.34
CA GLN FA 374 106.28 14.52 -4.88
C GLN FA 374 105.68 15.83 -4.36
N TYR FA 375 104.82 15.71 -3.36
CA TYR FA 375 104.16 16.87 -2.79
C TYR FA 375 105.05 17.51 -1.73
N GLY FA 376 105.12 18.84 -1.75
CA GLY FA 376 105.88 19.59 -0.76
C GLY FA 376 105.38 21.01 -0.74
N TYR FA 377 105.56 21.66 0.41
CA TYR FA 377 105.05 23.00 0.60
C TYR FA 377 106.07 23.84 1.36
N LEU FA 378 105.94 25.15 1.23
CA LEU FA 378 106.76 26.10 1.95
C LEU FA 378 105.91 26.89 2.94
N THR FA 379 106.52 27.26 4.05
CA THR FA 379 105.84 28.07 5.06
C THR FA 379 106.70 29.30 5.36
N LEU FA 380 106.32 30.06 6.38
CA LEU FA 380 107.04 31.31 6.73
C LEU FA 380 108.49 30.98 7.11
N ASN FA 381 109.41 31.83 6.71
CA ASN FA 381 110.84 31.64 7.06
C ASN FA 381 111.50 32.97 7.40
N ASN FA 382 112.38 32.97 8.40
CA ASN FA 382 113.21 34.17 8.67
C ASN FA 382 114.60 33.73 8.24
N GLY FA 383 114.91 33.85 6.96
CA GLY FA 383 116.18 33.30 6.47
C GLY FA 383 116.00 31.82 6.21
N SER FA 384 116.98 30.99 6.58
CA SER FA 384 116.83 29.55 6.46
C SER FA 384 116.07 28.94 7.63
N GLN FA 385 115.78 29.72 8.67
CA GLN FA 385 115.08 29.23 9.84
C GLN FA 385 113.58 29.47 9.70
N ALA FA 386 112.83 28.98 10.69
CA ALA FA 386 111.39 29.16 10.76
C ALA FA 386 111.03 30.15 11.86
N VAL FA 387 109.76 30.57 11.85
CA VAL FA 387 109.22 31.43 12.88
C VAL FA 387 108.09 30.70 13.59
N GLY FA 388 107.57 31.32 14.64
CA GLY FA 388 106.50 30.69 15.40
C GLY FA 388 105.21 30.55 14.63
N ARG FA 389 105.02 31.39 13.62
CA ARG FA 389 103.82 31.33 12.80
C ARG FA 389 103.88 30.28 11.69
N SER FA 390 105.05 29.66 11.49
CA SER FA 390 105.17 28.63 10.46
C SER FA 390 104.27 27.45 10.80
N SER FA 391 103.63 26.90 9.77
CA SER FA 391 102.66 25.83 9.93
C SER FA 391 103.23 24.52 9.42
N PHE FA 392 102.97 23.45 10.15
CA PHE FA 392 103.33 22.09 9.75
C PHE FA 392 102.06 21.29 9.51
N TYR FA 393 102.04 20.52 8.42
CA TYR FA 393 100.88 19.75 8.04
C TYR FA 393 101.27 18.29 7.87
N CYS FA 394 100.56 17.41 8.58
CA CYS FA 394 100.68 15.97 8.40
C CYS FA 394 99.50 15.51 7.56
N LEU FA 395 99.80 14.95 6.40
CA LEU FA 395 98.76 14.51 5.46
C LEU FA 395 98.08 13.22 5.89
N GLU FA 396 98.65 12.49 6.84
CA GLU FA 396 97.97 11.34 7.42
C GLU FA 396 96.95 11.74 8.46
N TYR FA 397 96.83 13.05 8.77
CA TYR FA 397 95.82 13.57 9.73
C TYR FA 397 94.53 13.87 8.97
N PHE FA 398 94.49 13.58 7.68
CA PHE FA 398 93.32 13.68 6.83
C PHE FA 398 92.70 12.32 6.62
N PRO FA 399 91.38 12.23 6.52
CA PRO FA 399 90.75 10.95 6.14
C PRO FA 399 91.06 10.62 4.68
N SER FA 400 91.62 9.44 4.47
CA SER FA 400 91.98 9.01 3.13
C SER FA 400 91.38 7.65 2.84
N GLN FA 401 91.21 7.34 1.56
CA GLN FA 401 90.63 6.09 1.11
C GLN FA 401 91.75 5.12 0.75
N MET FA 402 91.70 3.92 1.30
CA MET FA 402 92.71 2.90 1.08
C MET FA 402 92.25 1.97 -0.04
N LEU FA 403 93.10 1.78 -1.04
CA LEU FA 403 92.75 1.05 -2.25
C LEU FA 403 93.71 -0.11 -2.46
N ARG FA 404 93.19 -1.33 -2.45
CA ARG FA 404 93.95 -2.50 -2.85
C ARG FA 404 93.83 -2.68 -4.37
N THR FA 405 94.45 -3.74 -4.89
CA THR FA 405 94.25 -4.07 -6.32
C THR FA 405 92.80 -4.52 -6.47
N GLY FA 406 92.03 -3.83 -7.28
CA GLY FA 406 90.62 -4.08 -7.44
C GLY FA 406 89.73 -2.99 -6.90
N ASN FA 407 90.27 -2.04 -6.14
CA ASN FA 407 89.52 -0.89 -5.68
C ASN FA 407 89.79 0.31 -6.59
N ASN FA 408 88.81 1.20 -6.70
CA ASN FA 408 88.94 2.40 -7.50
C ASN FA 408 88.53 3.61 -6.68
N PHE FA 409 89.00 4.78 -7.11
CA PHE FA 409 88.70 6.04 -6.47
C PHE FA 409 88.07 6.97 -7.50
N THR FA 410 87.11 7.78 -7.06
CA THR FA 410 86.48 8.74 -7.96
C THR FA 410 85.95 9.92 -7.15
N PHE FA 411 85.86 11.07 -7.81
CA PHE FA 411 85.21 12.23 -7.24
C PHE FA 411 84.85 13.20 -8.36
N SER FA 412 83.83 14.00 -8.11
CA SER FA 412 83.34 14.98 -9.07
C SER FA 412 83.46 16.38 -8.48
N TYR FA 413 83.77 17.34 -9.35
CA TYR FA 413 83.97 18.72 -8.95
C TYR FA 413 83.25 19.62 -9.93
N THR FA 414 82.67 20.72 -9.43
CA THR FA 414 82.01 21.71 -10.26
C THR FA 414 82.77 23.02 -10.17
N PHE FA 415 83.17 23.54 -11.31
CA PHE FA 415 83.85 24.84 -11.35
C PHE FA 415 82.88 25.95 -10.97
N GLU FA 416 83.39 26.96 -10.27
CA GLU FA 416 82.61 28.15 -10.01
C GLU FA 416 82.45 28.96 -11.30
N ASP FA 417 81.51 29.90 -11.27
CA ASP FA 417 81.28 30.75 -12.42
C ASP FA 417 82.49 31.66 -12.65
N VAL FA 418 83.06 31.59 -13.86
CA VAL FA 418 84.23 32.40 -14.20
C VAL FA 418 83.99 33.01 -15.57
N PRO FA 419 84.63 34.14 -15.87
CA PRO FA 419 84.49 34.74 -17.18
C PRO FA 419 85.05 33.84 -18.27
N PHE FA 420 84.44 33.92 -19.45
CA PHE FA 420 84.99 33.24 -20.62
C PHE FA 420 86.36 33.81 -20.95
N HIS FA 421 87.30 32.92 -21.28
CA HIS FA 421 88.59 33.39 -21.78
C HIS FA 421 88.41 34.10 -23.11
N SER FA 422 89.08 35.25 -23.24
CA SER FA 422 89.00 36.04 -24.48
C SER FA 422 89.84 35.39 -25.59
N SER FA 423 89.29 34.37 -26.25
CA SER FA 423 89.99 33.70 -27.33
C SER FA 423 89.78 34.42 -28.65
N TYR FA 424 90.07 35.72 -28.64
CA TYR FA 424 89.93 36.55 -29.83
C TYR FA 424 90.94 37.68 -29.74
N ALA FA 425 91.23 38.27 -30.90
CA ALA FA 425 92.04 39.48 -30.99
C ALA FA 425 91.17 40.62 -31.49
N HIS FA 426 91.30 41.79 -30.86
CA HIS FA 426 90.50 42.93 -31.27
C HIS FA 426 90.93 43.41 -32.65
N SER FA 427 89.95 43.64 -33.52
CA SER FA 427 90.20 44.18 -34.85
C SER FA 427 90.19 45.71 -34.85
N GLN FA 428 89.98 46.34 -33.71
CA GLN FA 428 90.08 47.78 -33.56
C GLN FA 428 91.07 48.11 -32.47
N SER FA 429 91.73 49.26 -32.61
CA SER FA 429 92.62 49.77 -31.58
C SER FA 429 91.87 50.75 -30.69
N LEU FA 430 92.28 50.82 -29.43
CA LEU FA 430 91.61 51.69 -28.47
C LEU FA 430 91.73 53.17 -28.83
N ASP FA 431 92.74 53.53 -29.62
CA ASP FA 431 92.97 54.95 -30.01
C ASP FA 431 92.38 55.22 -31.41
N ARG FA 432 91.69 54.25 -31.99
CA ARG FA 432 91.12 54.37 -33.33
C ARG FA 432 89.66 53.91 -33.32
N LEU FA 433 88.89 54.36 -32.34
CA LEU FA 433 87.50 53.97 -32.18
C LEU FA 433 86.52 54.98 -32.73
N MET FA 434 87.00 56.02 -33.41
CA MET FA 434 86.16 57.12 -33.85
C MET FA 434 85.71 56.92 -35.30
N ASN FA 435 84.89 57.85 -35.78
CA ASN FA 435 84.49 57.91 -37.18
C ASN FA 435 85.45 58.83 -37.91
N PRO FA 436 86.27 58.33 -38.84
CA PRO FA 436 87.27 59.19 -39.47
C PRO FA 436 86.68 60.23 -40.41
N LEU FA 437 85.39 60.14 -40.75
CA LEU FA 437 84.78 61.04 -41.70
C LEU FA 437 84.20 62.30 -41.06
N ILE FA 438 83.87 62.26 -39.78
CA ILE FA 438 83.18 63.35 -39.10
C ILE FA 438 84.11 63.94 -38.06
N ASP FA 439 84.19 65.26 -38.02
CA ASP FA 439 84.96 65.95 -36.99
C ASP FA 439 84.23 65.88 -35.65
N GLN FA 440 85.01 66.04 -34.59
CA GLN FA 440 84.43 66.15 -33.24
C GLN FA 440 83.94 67.56 -33.00
N TYR FA 441 82.90 67.67 -32.17
CA TYR FA 441 82.44 68.98 -31.75
C TYR FA 441 83.24 69.55 -30.59
N LEU FA 442 84.06 68.73 -29.93
CA LEU FA 442 84.90 69.20 -28.84
C LEU FA 442 86.17 69.82 -29.39
N TYR FA 443 86.71 70.78 -28.63
CA TYR FA 443 87.92 71.49 -29.00
C TYR FA 443 89.08 71.06 -28.11
N TYR FA 444 90.28 71.14 -28.67
CA TYR FA 444 91.51 70.88 -27.94
C TYR FA 444 92.49 72.01 -28.21
N LEU FA 445 93.36 72.27 -27.24
CA LEU FA 445 94.40 73.28 -27.39
C LEU FA 445 95.39 72.82 -28.46
N SER FA 446 95.36 73.46 -29.62
CA SER FA 446 96.21 73.06 -30.74
C SER FA 446 97.45 73.93 -30.89
N ARG FA 447 97.34 75.19 -30.52
CA ARG FA 447 98.52 76.10 -30.60
C ARG FA 447 98.67 76.88 -29.29
N THR FA 448 99.90 77.20 -28.96
CA THR FA 448 100.20 77.97 -27.75
C THR FA 448 100.85 79.31 -28.03
N ASN FA 449 101.17 79.62 -29.28
CA ASN FA 449 101.73 80.92 -29.63
C ASN FA 449 101.42 81.21 -31.09
N THR FA 450 101.61 82.47 -31.48
CA THR FA 450 101.41 82.91 -32.85
C THR FA 450 102.57 83.81 -33.26
N PRO FA 451 102.91 83.88 -34.57
CA PRO FA 451 103.96 84.81 -35.00
C PRO FA 451 103.55 86.25 -34.66
N SER FA 452 104.41 86.95 -33.93
CA SER FA 452 104.13 88.38 -33.61
C SER FA 452 105.35 89.20 -34.02
N GLY FA 453 105.16 90.15 -34.94
CA GLY FA 453 106.32 90.91 -35.46
C GLY FA 453 107.33 89.97 -36.07
N THR FA 454 108.59 90.03 -35.63
CA THR FA 454 109.64 89.10 -36.12
C THR FA 454 109.97 88.12 -35.00
N THR FA 455 109.25 88.20 -33.88
CA THR FA 455 109.43 87.24 -32.76
C THR FA 455 108.18 86.38 -32.62
N THR FA 456 107.91 85.87 -31.42
CA THR FA 456 106.67 85.10 -31.18
C THR FA 456 105.92 85.69 -30.00
N GLN FA 457 104.60 85.49 -29.95
CA GLN FA 457 103.79 85.99 -28.84
C GLN FA 457 102.87 84.87 -28.36
N SER FA 458 102.73 84.76 -27.05
CA SER FA 458 101.89 83.71 -26.47
C SER FA 458 100.42 83.96 -26.82
N ARG FA 459 99.76 82.93 -27.34
CA ARG FA 459 98.36 83.03 -27.75
C ARG FA 459 97.78 81.63 -27.84
N LEU FA 460 96.73 81.37 -27.07
CA LEU FA 460 96.10 80.06 -27.07
C LEU FA 460 95.09 79.95 -28.21
N GLN FA 461 95.14 78.84 -28.94
CA GLN FA 461 94.18 78.55 -29.99
C GLN FA 461 93.68 77.12 -29.85
N PHE FA 462 92.46 76.89 -30.33
CA PHE FA 462 91.79 75.61 -30.19
C PHE FA 462 91.25 75.15 -31.52
N SER FA 463 91.25 73.83 -31.72
CA SER FA 463 90.79 73.23 -32.97
C SER FA 463 89.89 72.04 -32.66
N GLN FA 464 89.04 71.70 -33.61
CA GLN FA 464 88.25 70.49 -33.55
C GLN FA 464 89.01 69.36 -34.23
N ALA FA 465 89.09 68.22 -33.56
CA ALA FA 465 89.91 67.12 -34.06
C ALA FA 465 89.15 66.30 -35.10
N GLY FA 466 89.85 65.95 -36.17
CA GLY FA 466 89.32 65.11 -37.23
C GLY FA 466 90.29 63.98 -37.55
N ALA FA 467 90.35 63.62 -38.83
CA ALA FA 467 91.23 62.53 -39.25
C ALA FA 467 92.69 62.97 -39.36
N SER FA 468 92.93 64.21 -39.78
CA SER FA 468 94.31 64.66 -39.99
C SER FA 468 95.05 64.81 -38.67
N ASP FA 469 94.37 65.19 -37.60
CA ASP FA 469 94.97 65.31 -36.28
C ASP FA 469 94.31 64.30 -35.35
N ILE FA 470 94.17 63.06 -35.83
CA ILE FA 470 93.44 62.02 -35.14
C ILE FA 470 94.01 61.71 -33.76
N ARG FA 471 95.29 62.03 -33.53
CA ARG FA 471 95.90 61.76 -32.23
C ARG FA 471 95.38 62.67 -31.13
N ASP FA 472 94.77 63.80 -31.47
CA ASP FA 472 94.30 64.77 -30.50
C ASP FA 472 92.82 64.62 -30.16
N GLN FA 473 92.16 63.59 -30.68
CA GLN FA 473 90.73 63.43 -30.46
C GLN FA 473 90.43 63.11 -29.00
N SER FA 474 89.35 63.69 -28.50
CA SER FA 474 88.89 63.38 -27.16
C SER FA 474 88.37 61.94 -27.10
N ARG FA 475 88.76 61.23 -26.05
CA ARG FA 475 88.45 59.81 -25.94
C ARG FA 475 87.88 59.51 -24.56
N ASN FA 476 87.18 58.39 -24.47
CA ASN FA 476 86.48 58.00 -23.25
C ASN FA 476 87.24 56.97 -22.42
N TRP FA 477 88.28 56.33 -22.98
CA TRP FA 477 88.93 55.20 -22.33
C TRP FA 477 90.44 55.36 -22.40
N LEU FA 478 91.13 54.54 -21.59
CA LEU FA 478 92.57 54.56 -21.46
C LEU FA 478 93.12 53.14 -21.58
N PRO FA 479 94.36 53.00 -22.03
CA PRO FA 479 94.98 51.66 -22.06
C PRO FA 479 95.24 51.13 -20.67
N GLY FA 480 95.28 49.81 -20.56
CA GLY FA 480 95.41 49.13 -19.29
C GLY FA 480 96.69 49.44 -18.54
N PRO FA 481 96.81 48.91 -17.32
CA PRO FA 481 97.98 49.24 -16.50
C PRO FA 481 99.26 48.62 -17.02
N CYS FA 482 100.36 49.22 -16.56
CA CYS FA 482 101.69 48.86 -17.07
C CYS FA 482 102.70 48.68 -15.94
N TYR FA 483 103.67 47.79 -16.13
CA TYR FA 483 104.80 47.63 -15.21
C TYR FA 483 106.01 47.31 -16.09
N ARG FA 484 106.78 48.34 -16.42
CA ARG FA 484 107.70 48.26 -17.55
C ARG FA 484 108.73 47.15 -17.40
N GLN FA 485 108.99 46.46 -18.50
CA GLN FA 485 109.97 45.39 -18.58
C GLN FA 485 111.13 45.83 -19.48
N GLN FA 486 112.30 45.27 -19.23
CA GLN FA 486 113.44 45.51 -20.12
C GLN FA 486 113.25 44.78 -21.44
N ARG FA 487 113.72 45.40 -22.51
CA ARG FA 487 113.58 44.84 -23.85
C ARG FA 487 114.84 44.06 -24.22
N VAL FA 488 114.60 42.82 -24.66
CA VAL FA 488 115.68 41.92 -25.12
C VAL FA 488 115.34 41.52 -26.55
N SER FA 489 116.34 41.21 -27.37
CA SER FA 489 116.16 40.84 -28.76
C SER FA 489 116.52 39.38 -28.98
N LYS FA 490 115.78 38.73 -29.87
CA LYS FA 490 116.06 37.31 -30.20
C LYS FA 490 117.37 37.24 -30.99
N THR FA 491 117.72 38.31 -31.71
CA THR FA 491 119.04 38.39 -32.39
C THR FA 491 120.07 38.72 -31.31
N SER FA 492 120.99 37.80 -31.03
CA SER FA 492 121.93 37.98 -29.89
C SER FA 492 122.77 39.26 -30.01
N ALA FA 493 123.34 39.54 -31.19
CA ALA FA 493 124.24 40.68 -31.32
C ALA FA 493 123.56 41.99 -30.91
N ASP FA 494 122.23 42.05 -31.01
CA ASP FA 494 121.50 43.27 -30.70
C ASP FA 494 121.45 43.58 -29.20
N ASN FA 495 121.81 42.62 -28.35
CA ASN FA 495 121.71 42.80 -26.91
C ASN FA 495 123.01 43.36 -26.34
N ASN FA 496 122.89 43.99 -25.17
CA ASN FA 496 124.05 44.55 -24.51
C ASN FA 496 124.99 43.44 -24.04
N ASN FA 497 126.29 43.66 -24.18
CA ASN FA 497 127.31 42.67 -23.81
C ASN FA 497 127.61 42.81 -22.31
N SER FA 498 126.65 42.37 -21.50
CA SER FA 498 126.77 42.41 -20.05
C SER FA 498 125.79 41.41 -19.46
N GLU FA 499 125.96 41.17 -18.16
CA GLU FA 499 125.03 40.28 -17.41
C GLU FA 499 123.98 41.17 -16.76
N TYR FA 500 122.79 41.21 -17.34
CA TYR FA 500 121.71 42.07 -16.85
C TYR FA 500 120.42 41.30 -16.61
N SER FA 501 120.51 39.97 -16.41
CA SER FA 501 119.30 39.19 -16.18
C SER FA 501 118.65 39.50 -14.84
N TRP FA 502 119.39 40.09 -13.91
CA TRP FA 502 118.84 40.47 -12.61
C TRP FA 502 118.96 41.96 -12.34
N THR FA 503 120.07 42.60 -12.72
CA THR FA 503 120.21 44.03 -12.49
C THR FA 503 119.17 44.83 -13.27
N GLY FA 504 118.94 44.45 -14.52
CA GLY FA 504 117.93 45.06 -15.35
C GLY FA 504 116.56 44.42 -15.27
N ALA FA 505 116.38 43.45 -14.38
CA ALA FA 505 115.12 42.73 -14.27
C ALA FA 505 114.06 43.55 -13.56
N THR FA 506 112.81 43.26 -13.88
CA THR FA 506 111.67 43.88 -13.21
C THR FA 506 111.29 43.07 -11.99
N LYS FA 507 111.28 43.71 -10.82
CA LYS FA 507 111.16 43.01 -9.55
C LYS FA 507 110.10 43.68 -8.68
N TYR FA 508 109.57 42.90 -7.74
CA TYR FA 508 108.76 43.43 -6.66
C TYR FA 508 109.41 43.07 -5.33
N HIS FA 509 109.30 43.97 -4.36
CA HIS FA 509 109.96 43.86 -3.08
C HIS FA 509 108.94 43.45 -2.03
N LEU FA 510 109.21 42.36 -1.32
CA LEU FA 510 108.28 41.83 -0.33
C LEU FA 510 109.08 41.29 0.85
N ASN FA 511 108.92 41.91 2.01
CA ASN FA 511 109.56 41.49 3.26
C ASN FA 511 111.08 41.45 3.10
N GLY FA 512 111.64 42.43 2.40
CA GLY FA 512 113.07 42.53 2.23
C GLY FA 512 113.66 41.61 1.17
N ARG FA 513 112.82 40.85 0.47
CA ARG FA 513 113.35 39.99 -0.62
C ARG FA 513 112.79 40.40 -1.99
N ASP FA 514 113.65 40.47 -2.99
CA ASP FA 514 113.27 40.78 -4.36
C ASP FA 514 112.87 39.50 -5.09
N SER FA 515 111.68 39.52 -5.69
CA SER FA 515 111.20 38.42 -6.51
C SER FA 515 111.06 38.91 -7.94
N LEU FA 516 111.41 38.04 -8.89
CA LEU FA 516 111.26 38.38 -10.29
C LEU FA 516 109.79 38.51 -10.66
N VAL FA 517 109.45 39.55 -11.41
CA VAL FA 517 108.10 39.73 -11.93
C VAL FA 517 108.04 38.97 -13.25
N ASN FA 518 107.40 37.80 -13.22
CA ASN FA 518 107.40 36.90 -14.37
C ASN FA 518 106.10 36.08 -14.38
N PRO FA 519 105.24 36.26 -15.37
CA PRO FA 519 105.34 37.19 -16.50
C PRO FA 519 104.79 38.58 -16.18
N GLY FA 520 104.17 38.76 -15.02
CA GLY FA 520 103.66 40.04 -14.61
C GLY FA 520 102.35 40.42 -15.26
N PRO FA 521 101.99 41.70 -15.18
CA PRO FA 521 100.74 42.16 -15.79
C PRO FA 521 100.74 41.95 -17.29
N ALA FA 522 99.55 41.66 -17.83
CA ALA FA 522 99.41 41.36 -19.24
C ALA FA 522 99.71 42.61 -20.08
N MET FA 523 100.76 42.52 -20.89
CA MET FA 523 101.19 43.63 -21.74
C MET FA 523 101.64 43.08 -23.07
N ALA FA 524 101.56 43.92 -24.11
CA ALA FA 524 101.97 43.52 -25.43
C ALA FA 524 103.48 43.26 -25.47
N SER FA 525 103.87 42.18 -26.15
CA SER FA 525 105.29 41.84 -26.23
C SER FA 525 106.08 42.89 -27.01
N HIS FA 526 105.49 43.41 -28.09
CA HIS FA 526 106.18 44.36 -28.95
C HIS FA 526 105.15 45.16 -29.74
N LYS FA 527 105.62 46.25 -30.34
CA LYS FA 527 104.78 47.09 -31.18
C LYS FA 527 104.87 46.59 -32.62
N ASP FA 528 104.35 47.37 -33.57
CA ASP FA 528 104.35 46.97 -34.97
C ASP FA 528 105.77 46.77 -35.48
N ASP FA 529 105.97 45.70 -36.24
CA ASP FA 529 107.22 45.43 -36.96
C ASP FA 529 108.41 45.35 -36.01
N GLU FA 530 108.20 44.77 -34.83
CA GLU FA 530 109.27 44.57 -33.86
C GLU FA 530 109.15 43.19 -33.23
N GLU FA 531 108.86 42.18 -34.05
CA GLU FA 531 108.61 40.83 -33.55
C GLU FA 531 109.85 40.20 -32.93
N LYS FA 532 111.04 40.72 -33.22
CA LYS FA 532 112.25 40.18 -32.62
C LYS FA 532 112.44 40.59 -31.17
N PHE FA 533 111.67 41.57 -30.69
CA PHE FA 533 111.80 42.07 -29.32
C PHE FA 533 110.74 41.45 -28.43
N PHE FA 534 111.16 41.04 -27.24
CA PHE FA 534 110.25 40.52 -26.23
C PHE FA 534 110.68 41.04 -24.86
N PRO FA 535 109.74 41.18 -23.93
CA PRO FA 535 110.11 41.59 -22.58
C PRO FA 535 110.99 40.56 -21.90
N GLN FA 536 111.88 41.05 -21.03
CA GLN FA 536 112.89 40.18 -20.43
C GLN FA 536 112.24 39.07 -19.59
N SER FA 537 111.23 39.41 -18.81
CA SER FA 537 110.48 38.42 -18.03
C SER FA 537 108.99 38.68 -18.13
N GLY FA 538 108.53 39.10 -19.30
CA GLY FA 538 107.14 39.44 -19.50
C GLY FA 538 106.33 38.48 -20.36
N VAL FA 539 106.92 37.37 -20.79
CA VAL FA 539 106.21 36.38 -21.61
C VAL FA 539 106.50 35.00 -21.06
N LEU FA 540 105.58 34.07 -21.32
CA LEU FA 540 105.83 32.67 -21.00
C LEU FA 540 106.83 32.09 -21.98
N ILE FA 541 107.77 31.30 -21.46
CA ILE FA 541 108.79 30.65 -22.28
C ILE FA 541 108.67 29.17 -22.04
N PHE FA 542 108.32 28.42 -23.08
CA PHE FA 542 108.19 26.98 -23.02
C PHE FA 542 109.43 26.32 -23.60
N GLY FA 543 109.81 25.18 -23.03
CA GLY FA 543 110.95 24.44 -23.51
C GLY FA 543 110.56 23.49 -24.64
N LYS FA 544 111.43 23.38 -25.64
CA LYS FA 544 111.26 22.39 -26.68
C LYS FA 544 111.54 21.00 -26.11
N GLN FA 545 111.19 19.98 -26.89
CA GLN FA 545 111.40 18.61 -26.44
C GLN FA 545 112.89 18.34 -26.28
N GLY FA 546 113.26 17.74 -25.14
CA GLY FA 546 114.64 17.43 -24.86
C GLY FA 546 115.46 18.56 -24.28
N SER FA 547 114.81 19.69 -23.97
CA SER FA 547 115.53 20.88 -23.46
C SER FA 547 116.00 20.65 -22.03
N GLU FA 548 117.21 21.08 -21.69
CA GLU FA 548 117.76 20.91 -20.36
C GLU FA 548 117.13 21.91 -19.39
N LYS FA 549 117.68 21.99 -18.20
CA LYS FA 549 117.11 22.83 -17.15
C LYS FA 549 117.82 24.18 -17.02
N THR FA 550 119.15 24.19 -17.14
CA THR FA 550 119.95 25.38 -16.83
C THR FA 550 120.63 25.90 -18.07
N ASN FA 551 120.43 27.19 -18.36
CA ASN FA 551 121.19 27.94 -19.35
C ASN FA 551 121.14 27.30 -20.73
N VAL FA 552 119.92 27.01 -21.18
CA VAL FA 552 119.71 26.52 -22.54
C VAL FA 552 119.68 27.72 -23.48
N ASP FA 553 120.05 27.48 -24.74
CA ASP FA 553 120.11 28.56 -25.72
C ASP FA 553 118.71 28.98 -26.13
N ILE FA 554 118.63 30.09 -26.87
CA ILE FA 554 117.34 30.59 -27.30
C ILE FA 554 116.69 29.66 -28.30
N GLU FA 555 117.47 28.95 -29.12
CA GLU FA 555 116.91 28.00 -30.06
C GLU FA 555 116.33 26.76 -29.38
N LYS FA 556 116.62 26.57 -28.10
CA LYS FA 556 116.06 25.45 -27.35
C LYS FA 556 114.73 25.76 -26.69
N VAL FA 557 114.28 27.02 -26.75
CA VAL FA 557 113.04 27.44 -26.11
C VAL FA 557 112.14 28.11 -27.13
N MET FA 558 110.85 28.13 -26.82
CA MET FA 558 109.84 28.77 -27.65
C MET FA 558 109.22 29.92 -26.85
N ILE FA 559 109.44 31.14 -27.31
CA ILE FA 559 108.98 32.34 -26.61
C ILE FA 559 107.62 32.73 -27.16
N THR FA 560 106.66 32.90 -26.26
CA THR FA 560 105.30 33.25 -26.66
C THR FA 560 105.21 34.73 -27.03
N ASP FA 561 104.13 35.06 -27.73
CA ASP FA 561 103.93 36.46 -28.16
C ASP FA 561 102.53 36.91 -27.74
N GLU FA 562 102.44 38.09 -27.15
CA GLU FA 562 101.20 38.69 -26.70
C GLU FA 562 100.89 39.95 -27.52
N GLU FA 563 101.09 39.88 -28.83
CA GLU FA 563 100.87 41.03 -29.70
C GLU FA 563 99.40 41.27 -30.00
N GLU FA 564 98.53 40.27 -29.80
CA GLU FA 564 97.13 40.45 -30.11
C GLU FA 564 96.43 41.42 -29.15
N ILE FA 565 97.06 41.74 -28.02
CA ILE FA 565 96.45 42.61 -27.03
C ILE FA 565 97.04 44.02 -27.06
N ARG FA 566 97.87 44.33 -28.06
CA ARG FA 566 98.43 45.67 -28.16
C ARG FA 566 97.39 46.70 -28.59
N THR FA 567 96.19 46.27 -28.95
CA THR FA 567 95.12 47.21 -29.25
C THR FA 567 94.64 47.96 -28.01
N THR FA 568 94.66 47.29 -26.85
CA THR FA 568 94.21 47.91 -25.60
C THR FA 568 95.27 47.95 -24.52
N ASN FA 569 96.32 47.15 -24.63
CA ASN FA 569 97.33 47.06 -23.57
C ASN FA 569 98.62 47.72 -24.02
N PRO FA 570 99.29 48.44 -23.12
CA PRO FA 570 100.56 49.07 -23.49
C PRO FA 570 101.63 48.04 -23.78
N VAL FA 571 102.58 48.42 -24.63
CA VAL FA 571 103.73 47.57 -24.90
C VAL FA 571 104.56 47.42 -23.63
N ALA FA 572 105.00 46.19 -23.37
CA ALA FA 572 105.65 45.88 -22.10
C ALA FA 572 106.94 46.65 -21.92
N THR FA 573 107.69 46.86 -22.99
CA THR FA 573 109.01 47.45 -22.91
C THR FA 573 109.01 48.97 -23.05
N GLU FA 574 107.84 49.59 -23.19
CA GLU FA 574 107.74 51.02 -23.38
C GLU FA 574 106.96 51.64 -22.23
N GLN FA 575 107.02 52.96 -22.15
CA GLN FA 575 106.31 53.69 -21.11
C GLN FA 575 104.81 53.69 -21.39
N TYR FA 576 104.04 53.83 -20.31
CA TYR FA 576 102.59 53.99 -20.46
C TYR FA 576 102.26 55.28 -21.18
N GLY FA 577 102.95 56.36 -20.84
CA GLY FA 577 102.65 57.66 -21.43
C GLY FA 577 103.50 58.74 -20.79
N SER FA 578 102.99 59.97 -20.83
CA SER FA 578 103.67 61.11 -20.27
C SER FA 578 102.71 61.94 -19.43
N VAL FA 579 103.25 62.52 -18.36
CA VAL FA 579 102.49 63.41 -17.48
C VAL FA 579 103.30 64.68 -17.28
N SER FA 580 102.60 65.76 -16.93
CA SER FA 580 103.27 67.01 -16.60
C SER FA 580 103.93 66.93 -15.23
N THR FA 581 105.06 67.61 -15.09
CA THR FA 581 105.81 67.60 -13.84
C THR FA 581 106.00 68.98 -13.23
N ASN FA 582 105.59 70.04 -13.90
CA ASN FA 582 105.77 71.39 -13.38
C ASN FA 582 104.59 72.25 -13.84
N LEU FA 583 104.70 73.55 -13.62
CA LEU FA 583 103.69 74.52 -14.04
C LEU FA 583 104.36 75.54 -14.96
N GLN FA 584 104.02 75.48 -16.24
CA GLN FA 584 104.55 76.44 -17.20
C GLN FA 584 104.01 77.83 -16.91
N ARG FA 585 104.87 78.82 -17.19
CA ARG FA 585 104.52 80.22 -16.87
C ARG FA 585 105.38 81.14 -17.74
N GLY FA 586 104.81 82.24 -18.22
CA GLY FA 586 105.55 83.24 -18.95
C GLY FA 586 106.14 84.30 -18.04
N ASN FA 587 106.78 85.29 -18.69
CA ASN FA 587 107.48 86.35 -17.93
C ASN FA 587 106.48 87.34 -17.33
N THR FA 594 110.67 84.36 -13.56
CA THR FA 594 111.19 84.15 -14.94
C THR FA 594 110.23 83.20 -15.67
N SER FA 595 110.51 82.87 -16.94
CA SER FA 595 109.59 81.91 -17.56
C SER FA 595 110.03 80.49 -17.28
N ARG FA 596 109.05 79.58 -17.24
CA ARG FA 596 109.30 78.15 -17.07
C ARG FA 596 108.57 77.40 -18.17
N GLN FA 597 109.31 76.58 -18.90
CA GLN FA 597 108.72 75.80 -19.98
C GLN FA 597 108.11 74.51 -19.45
N ALA FA 598 107.05 74.05 -20.11
CA ALA FA 598 106.36 72.85 -19.68
C ALA FA 598 107.27 71.64 -19.79
N ALA FA 599 107.24 70.80 -18.76
CA ALA FA 599 108.09 69.61 -18.68
C ALA FA 599 107.21 68.37 -18.50
N THR FA 600 107.69 67.26 -19.07
CA THR FA 600 106.97 66.00 -19.00
C THR FA 600 107.93 64.89 -18.58
N ALA FA 601 107.36 63.82 -18.03
CA ALA FA 601 108.12 62.66 -17.60
C ALA FA 601 107.44 61.40 -18.10
N ASP FA 602 108.25 60.37 -18.36
CA ASP FA 602 107.71 59.08 -18.74
C ASP FA 602 107.09 58.38 -17.54
N VAL FA 603 106.01 57.66 -17.79
CA VAL FA 603 105.31 56.91 -16.75
C VAL FA 603 105.66 55.44 -16.98
N ASN FA 604 106.72 54.99 -16.31
CA ASN FA 604 107.18 53.61 -16.47
C ASN FA 604 106.31 52.62 -15.69
N THR FA 605 105.58 53.08 -14.69
CA THR FA 605 104.65 52.24 -13.95
C THR FA 605 103.34 53.00 -13.78
N GLN FA 606 102.23 52.36 -14.15
CA GLN FA 606 100.92 52.98 -14.10
C GLN FA 606 99.95 52.03 -13.41
N GLY FA 607 99.35 52.50 -12.31
CA GLY FA 607 98.29 51.75 -11.66
C GLY FA 607 96.98 51.89 -12.40
N VAL FA 608 95.96 51.19 -11.90
CA VAL FA 608 94.66 51.19 -12.53
C VAL FA 608 93.99 52.54 -12.31
N LEU FA 609 93.49 53.15 -13.38
CA LEU FA 609 92.76 54.38 -13.37
C LEU FA 609 91.31 54.14 -13.79
N PRO FA 610 90.37 54.97 -13.33
CA PRO FA 610 88.99 54.86 -13.82
C PRO FA 610 88.93 55.07 -15.33
N GLY FA 611 88.10 54.27 -15.99
CA GLY FA 611 88.02 54.28 -17.44
C GLY FA 611 89.05 53.43 -18.15
N MET FA 612 89.85 52.67 -17.42
CA MET FA 612 90.91 51.84 -18.05
C MET FA 612 90.34 50.50 -18.52
N VAL FA 613 90.71 50.05 -19.71
CA VAL FA 613 90.30 48.78 -20.31
C VAL FA 613 91.54 48.02 -20.72
N TRP FA 614 91.52 46.70 -20.56
CA TRP FA 614 92.68 45.87 -20.86
C TRP FA 614 92.20 44.45 -21.18
N GLN FA 615 93.13 43.68 -21.75
CA GLN FA 615 92.92 42.26 -22.02
C GLN FA 615 93.86 41.44 -21.16
N ASP FA 616 93.38 40.28 -20.71
CA ASP FA 616 94.21 39.40 -19.89
C ASP FA 616 95.21 38.65 -20.75
N ARG FA 617 96.14 37.96 -20.09
CA ARG FA 617 97.14 37.18 -20.80
C ARG FA 617 96.48 35.98 -21.49
N ASP FA 618 97.00 35.64 -22.67
CA ASP FA 618 96.47 34.53 -23.43
C ASP FA 618 96.82 33.20 -22.76
N VAL FA 619 95.99 32.20 -23.01
CA VAL FA 619 96.26 30.84 -22.58
C VAL FA 619 96.80 30.04 -23.77
N TYR FA 620 97.57 29.01 -23.47
CA TYR FA 620 98.24 28.22 -24.50
C TYR FA 620 97.97 26.76 -24.26
N LEU FA 621 98.20 25.96 -25.30
CA LEU FA 621 98.00 24.52 -25.18
C LEU FA 621 98.92 23.92 -24.13
N GLN FA 622 100.16 24.37 -24.07
CA GLN FA 622 101.10 23.95 -23.04
C GLN FA 622 100.96 24.75 -21.75
N GLY FA 623 100.11 25.77 -21.72
CA GLY FA 623 100.01 26.65 -20.58
C GLY FA 623 99.10 26.13 -19.49
N PRO FA 624 99.12 26.79 -18.33
CA PRO FA 624 98.24 26.40 -17.24
C PRO FA 624 96.79 26.78 -17.51
N ILE FA 625 95.90 26.06 -16.84
CA ILE FA 625 94.47 26.28 -16.99
C ILE FA 625 93.92 27.21 -15.91
N TRP FA 626 94.27 26.96 -14.66
CA TRP FA 626 93.69 27.70 -13.54
C TRP FA 626 94.74 27.98 -12.49
N ALA FA 627 94.32 28.74 -11.47
CA ALA FA 627 95.14 28.96 -10.29
C ALA FA 627 94.19 29.32 -9.14
N LYS FA 628 94.66 29.08 -7.92
CA LYS FA 628 93.86 29.40 -6.75
C LYS FA 628 94.06 30.86 -6.36
N ILE FA 629 92.97 31.60 -6.26
CA ILE FA 629 93.05 32.98 -5.79
C ILE FA 629 93.43 32.98 -4.32
N PRO FA 630 94.48 33.71 -3.92
CA PRO FA 630 94.89 33.69 -2.51
C PRO FA 630 93.77 34.20 -1.60
N HIS FA 631 93.67 33.59 -0.42
CA HIS FA 631 92.66 33.96 0.56
C HIS FA 631 93.13 35.24 1.24
N THR FA 632 92.73 36.37 0.68
CA THR FA 632 93.14 37.68 1.17
C THR FA 632 91.91 38.57 1.28
N ASP FA 633 92.06 39.65 2.05
CA ASP FA 633 90.92 40.58 2.25
C ASP FA 633 90.58 41.27 0.94
N GLY FA 634 91.59 41.65 0.17
CA GLY FA 634 91.35 42.35 -1.07
C GLY FA 634 92.21 41.81 -2.20
N HIS FA 635 91.66 41.92 -3.40
CA HIS FA 635 92.36 41.58 -4.63
C HIS FA 635 91.64 42.27 -5.78
N PHE FA 636 92.40 42.65 -6.80
CA PHE FA 636 91.84 43.33 -7.96
C PHE FA 636 92.05 42.47 -9.19
N HIS FA 637 90.95 42.16 -9.89
CA HIS FA 637 90.97 41.37 -11.12
C HIS FA 637 91.78 40.10 -10.92
N PRO FA 638 91.25 39.11 -10.17
CA PRO FA 638 92.02 37.92 -9.81
C PRO FA 638 92.16 36.90 -10.95
N SER FA 639 92.53 37.37 -12.12
CA SER FA 639 92.97 36.50 -13.20
C SER FA 639 94.45 36.18 -13.00
N PRO FA 640 94.84 34.91 -13.04
CA PRO FA 640 96.25 34.57 -12.84
C PRO FA 640 97.15 35.26 -13.86
N LEU FA 641 98.30 35.74 -13.39
CA LEU FA 641 99.20 36.48 -14.27
C LEU FA 641 99.86 35.57 -15.29
N MET FA 642 100.06 34.29 -14.95
CA MET FA 642 100.60 33.33 -15.90
C MET FA 642 99.59 32.91 -16.96
N GLY FA 643 98.34 33.28 -16.81
CA GLY FA 643 97.29 32.94 -17.76
C GLY FA 643 96.35 31.88 -17.23
N GLY FA 644 95.06 32.05 -17.49
CA GLY FA 644 94.08 31.08 -17.07
C GLY FA 644 92.90 31.64 -16.33
N PHE FA 645 92.25 30.80 -15.53
CA PHE FA 645 91.04 31.16 -14.81
C PHE FA 645 91.34 31.23 -13.32
N GLY FA 646 91.02 32.37 -12.70
CA GLY FA 646 91.16 32.52 -11.27
C GLY FA 646 89.99 31.90 -10.52
N LEU FA 647 90.28 30.96 -9.62
CA LEU FA 647 89.24 30.22 -8.92
C LEU FA 647 89.44 30.37 -7.42
N LYS FA 648 88.39 30.83 -6.72
CA LYS FA 648 88.44 30.88 -5.27
C LYS FA 648 88.45 29.48 -4.68
N HIS FA 649 87.75 28.54 -5.32
CA HIS FA 649 87.75 27.12 -4.95
C HIS FA 649 88.15 26.33 -6.18
N PRO FA 650 89.45 26.21 -6.45
CA PRO FA 650 89.91 25.50 -7.64
C PRO FA 650 89.73 24.00 -7.47
N PRO FA 651 89.98 23.20 -8.51
CA PRO FA 651 89.95 21.75 -8.36
C PRO FA 651 90.87 21.31 -7.24
N PRO FA 652 90.38 20.50 -6.30
CA PRO FA 652 91.17 20.17 -5.12
C PRO FA 652 92.39 19.34 -5.47
N GLN FA 653 93.43 19.48 -4.64
CA GLN FA 653 94.61 18.65 -4.78
C GLN FA 653 94.27 17.20 -4.45
N ILE FA 654 94.76 16.28 -5.28
CA ILE FA 654 94.53 14.86 -5.10
C ILE FA 654 95.86 14.25 -4.66
N LEU FA 655 95.91 13.81 -3.41
CA LEU FA 655 97.14 13.28 -2.81
C LEU FA 655 97.09 11.76 -2.78
N ILE FA 656 98.17 11.14 -3.21
CA ILE FA 656 98.27 9.68 -3.28
C ILE FA 656 99.64 9.26 -2.76
N LYS FA 657 99.67 8.18 -1.99
CA LYS FA 657 100.92 7.63 -1.51
C LYS FA 657 100.75 6.14 -1.25
N ASN FA 658 101.87 5.42 -1.25
CA ASN FA 658 101.87 4.00 -0.94
C ASN FA 658 101.88 3.80 0.56
N THR FA 659 101.03 2.91 1.03
CA THR FA 659 101.01 2.60 2.45
C THR FA 659 102.29 1.88 2.84
N PRO FA 660 103.02 2.35 3.85
CA PRO FA 660 104.25 1.67 4.24
C PRO FA 660 103.98 0.28 4.78
N VAL FA 661 104.72 -0.70 4.25
CA VAL FA 661 104.62 -2.09 4.69
C VAL FA 661 105.89 -2.42 5.46
N PRO FA 662 105.83 -2.59 6.78
CA PRO FA 662 107.05 -2.87 7.54
C PRO FA 662 107.69 -4.19 7.11
N ALA FA 663 109.02 -4.22 7.18
CA ALA FA 663 109.78 -5.42 6.90
C ALA FA 663 109.74 -6.32 8.13
N ASN FA 664 110.60 -7.33 8.18
CA ASN FA 664 110.57 -8.30 9.25
C ASN FA 664 110.90 -7.64 10.58
N PRO FA 665 110.00 -7.67 11.57
CA PRO FA 665 110.30 -7.06 12.87
C PRO FA 665 111.10 -7.99 13.77
N SER FA 666 111.64 -7.38 14.82
CA SER FA 666 112.41 -8.14 15.83
C SER FA 666 111.43 -8.89 16.73
N THR FA 667 111.81 -10.09 17.16
CA THR FA 667 110.97 -10.88 18.05
C THR FA 667 110.88 -10.28 19.45
N THR FA 668 111.77 -9.35 19.78
CA THR FA 668 111.73 -8.62 21.05
C THR FA 668 111.14 -7.24 20.80
N PHE FA 669 110.30 -6.78 21.72
CA PHE FA 669 109.65 -5.49 21.54
C PHE FA 669 110.67 -4.36 21.57
N SER FA 670 110.50 -3.41 20.65
CA SER FA 670 111.32 -2.21 20.59
C SER FA 670 110.40 -1.01 20.42
N ALA FA 671 110.57 0.00 21.27
CA ALA FA 671 109.75 1.20 21.20
C ALA FA 671 110.19 2.14 20.09
N ALA FA 672 111.34 1.90 19.46
CA ALA FA 672 111.78 2.74 18.35
C ALA FA 672 110.84 2.57 17.17
N LYS FA 673 110.55 3.68 16.49
CA LYS FA 673 109.68 3.63 15.32
C LYS FA 673 110.34 2.82 14.22
N PHE FA 674 109.48 2.20 13.40
CA PHE FA 674 110.00 1.32 12.31
C PHE FA 674 110.80 2.11 11.29
N ALA FA 675 111.98 1.60 10.96
CA ALA FA 675 112.83 2.22 9.95
C ALA FA 675 113.11 1.32 8.76
N SER FA 676 112.71 0.05 8.82
CA SER FA 676 112.91 -0.90 7.73
C SER FA 676 111.56 -1.24 7.12
N PHE FA 677 111.44 -1.10 5.80
CA PHE FA 677 110.21 -1.33 5.09
C PHE FA 677 110.49 -2.13 3.82
N ILE FA 678 109.45 -2.78 3.32
CA ILE FA 678 109.54 -3.48 2.04
C ILE FA 678 109.49 -2.45 0.92
N THR FA 679 110.51 -2.48 0.05
CA THR FA 679 110.55 -1.55 -1.07
C THR FA 679 109.41 -1.86 -2.03
N GLN FA 680 108.64 -0.83 -2.39
CA GLN FA 680 107.52 -1.05 -3.28
C GLN FA 680 107.11 0.25 -3.93
N TYR FA 681 106.45 0.11 -5.09
CA TYR FA 681 105.87 1.23 -5.81
C TYR FA 681 104.51 0.80 -6.31
N SER FA 682 103.78 1.72 -6.92
CA SER FA 682 102.46 1.44 -7.46
C SER FA 682 102.34 2.00 -8.87
N THR FA 683 101.48 1.36 -9.66
CA THR FA 683 101.17 1.82 -11.00
C THR FA 683 99.67 1.66 -11.22
N GLY FA 684 99.14 2.45 -12.13
CA GLY FA 684 97.72 2.42 -12.38
C GLY FA 684 97.33 3.37 -13.48
N GLN FA 685 96.03 3.58 -13.62
CA GLN FA 685 95.48 4.47 -14.62
C GLN FA 685 94.72 5.61 -13.96
N VAL FA 686 94.78 6.77 -14.58
CA VAL FA 686 94.11 7.97 -14.10
C VAL FA 686 93.27 8.54 -15.23
N SER FA 687 92.04 8.93 -14.92
CA SER FA 687 91.11 9.50 -15.89
C SER FA 687 90.66 10.88 -15.43
N VAL FA 688 90.73 11.85 -16.33
CA VAL FA 688 90.25 13.21 -16.08
C VAL FA 688 89.29 13.59 -17.20
N GLU FA 689 88.05 13.92 -16.84
CA GLU FA 689 87.05 14.36 -17.80
C GLU FA 689 86.55 15.74 -17.41
N ILE FA 690 86.72 16.70 -18.31
CA ILE FA 690 86.32 18.08 -18.06
C ILE FA 690 85.30 18.50 -19.11
N GLU FA 691 84.20 19.09 -18.66
CA GLU FA 691 83.21 19.69 -19.54
C GLU FA 691 83.50 21.19 -19.65
N TRP FA 692 83.61 21.68 -20.89
CA TRP FA 692 83.89 23.07 -21.16
C TRP FA 692 82.70 23.70 -21.86
N GLU FA 693 82.39 24.95 -21.51
CA GLU FA 693 81.35 25.71 -22.17
C GLU FA 693 81.98 26.63 -23.22
N LEU FA 694 81.34 26.70 -24.38
CA LEU FA 694 81.84 27.46 -25.51
C LEU FA 694 81.02 28.71 -25.74
N GLN FA 695 81.69 29.78 -26.14
CA GLN FA 695 81.05 31.03 -26.54
C GLN FA 695 81.20 31.13 -28.05
N LYS FA 696 80.13 30.82 -28.77
CA LYS FA 696 80.20 30.73 -30.22
C LYS FA 696 80.44 32.10 -30.85
N GLU FA 697 81.29 32.12 -31.87
CA GLU FA 697 81.59 33.34 -32.59
C GLU FA 697 80.35 33.79 -33.39
N ASN FA 698 80.07 35.09 -33.33
CA ASN FA 698 78.92 35.69 -33.99
C ASN FA 698 79.35 36.92 -34.78
N SER FA 699 80.44 36.79 -35.53
CA SER FA 699 81.02 37.93 -36.23
C SER FA 699 80.24 38.23 -37.51
N LYS FA 700 80.33 39.49 -37.96
CA LYS FA 700 79.68 39.91 -39.23
C LYS FA 700 80.73 40.51 -40.17
N ARG FA 701 82.02 40.21 -39.96
CA ARG FA 701 83.02 40.69 -40.89
C ARG FA 701 82.89 39.98 -42.24
N TRP FA 702 83.31 40.67 -43.29
CA TRP FA 702 83.14 40.17 -44.65
C TRP FA 702 84.32 39.32 -45.10
N ASN FA 703 85.53 39.84 -44.97
CA ASN FA 703 86.71 39.14 -45.45
C ASN FA 703 87.10 38.02 -44.49
N PRO FA 704 87.82 36.97 -44.95
CA PRO FA 704 88.17 35.84 -44.10
C PRO FA 704 89.03 36.22 -42.89
N GLU FA 705 89.08 35.38 -41.85
CA GLU FA 705 89.81 35.69 -40.60
C GLU FA 705 91.14 34.95 -40.55
N ILE FA 706 92.00 35.28 -39.58
CA ILE FA 706 93.22 34.43 -39.40
C ILE FA 706 92.84 33.14 -38.65
N GLN FA 707 93.25 31.98 -39.16
CA GLN FA 707 93.00 30.73 -38.47
C GLN FA 707 94.32 29.99 -38.30
N TYR FA 708 94.42 29.23 -37.20
CA TYR FA 708 95.58 28.36 -37.04
C TYR FA 708 95.48 27.20 -38.02
N THR FA 709 96.62 26.87 -38.64
CA THR FA 709 96.64 25.84 -39.67
C THR FA 709 97.99 25.14 -39.66
N SER FA 710 97.99 23.92 -40.19
CA SER FA 710 99.26 23.20 -40.34
C SER FA 710 99.90 23.69 -41.64
N ASN FA 711 101.21 23.52 -41.80
CA ASN FA 711 101.84 24.04 -43.04
C ASN FA 711 101.80 22.92 -44.08
N TYR FA 712 101.37 23.22 -45.29
CA TYR FA 712 101.18 22.17 -46.32
C TYR FA 712 102.53 21.66 -46.83
N ASN FA 713 103.58 22.49 -46.83
CA ASN FA 713 104.82 22.03 -47.42
C ASN FA 713 105.33 20.75 -46.75
N LYS FA 714 106.05 19.97 -47.55
CA LYS FA 714 106.60 18.68 -47.05
C LYS FA 714 107.62 18.92 -45.96
N SER FA 715 107.74 17.94 -45.07
CA SER FA 715 108.70 18.03 -43.98
C SER FA 715 109.12 16.63 -43.58
N ILE FA 716 110.25 16.55 -42.89
CA ILE FA 716 110.74 15.26 -42.41
C ILE FA 716 109.77 14.68 -41.38
N ASN FA 717 109.29 15.53 -40.47
CA ASN FA 717 108.38 15.12 -39.42
C ASN FA 717 107.08 15.93 -39.49
N VAL FA 718 105.98 15.29 -39.13
CA VAL FA 718 104.70 15.98 -39.02
C VAL FA 718 104.63 16.65 -37.66
N ASP FA 719 104.04 17.84 -37.61
CA ASP FA 719 103.92 18.58 -36.36
C ASP FA 719 102.99 17.87 -35.39
N PHE FA 720 103.34 17.93 -34.10
CA PHE FA 720 102.53 17.34 -33.03
C PHE FA 720 102.32 15.84 -33.23
N THR FA 721 103.37 15.16 -33.67
CA THR FA 721 103.39 13.71 -33.79
C THR FA 721 104.66 13.19 -33.15
N VAL FA 722 104.89 11.90 -33.31
CA VAL FA 722 106.11 11.26 -32.81
C VAL FA 722 107.12 11.16 -33.94
N ASP FA 723 108.40 11.13 -33.57
CA ASP FA 723 109.47 10.98 -34.55
C ASP FA 723 109.82 9.50 -34.70
N THR FA 724 110.94 9.22 -35.36
CA THR FA 724 111.36 7.82 -35.58
C THR FA 724 111.72 7.17 -34.24
N ASN FA 725 111.92 7.98 -33.19
CA ASN FA 725 112.20 7.43 -31.84
C ASN FA 725 110.89 7.33 -31.06
N GLY FA 726 109.77 7.69 -31.69
CA GLY FA 726 108.46 7.65 -31.01
C GLY FA 726 108.37 8.72 -29.94
N VAL FA 727 109.20 9.75 -30.03
CA VAL FA 727 109.21 10.84 -29.01
C VAL FA 727 108.21 11.92 -29.43
N TYR FA 728 107.19 12.17 -28.60
CA TYR FA 728 106.21 13.20 -28.92
C TYR FA 728 106.78 14.57 -28.62
N SER FA 729 106.55 15.51 -29.53
CA SER FA 729 107.03 16.87 -29.37
C SER FA 729 105.94 17.85 -29.76
N GLU FA 730 105.99 19.04 -29.16
CA GLU FA 730 105.09 20.13 -29.50
C GLU FA 730 105.91 21.23 -30.15
N PRO FA 731 105.87 21.38 -31.47
CA PRO FA 731 106.83 22.27 -32.15
C PRO FA 731 106.73 23.73 -31.76
N ARG FA 732 105.54 24.25 -31.47
CA ARG FA 732 105.39 25.66 -31.17
C ARG FA 732 104.26 25.84 -30.18
N PRO FA 733 104.25 26.95 -29.43
CA PRO FA 733 103.07 27.25 -28.60
C PRO FA 733 101.93 27.76 -29.47
N ILE FA 734 100.73 27.30 -29.15
CA ILE FA 734 99.52 27.74 -29.84
C ILE FA 734 98.66 28.49 -28.82
N GLY FA 735 98.36 29.73 -29.14
CA GLY FA 735 97.44 30.52 -28.33
C GLY FA 735 96.01 30.22 -28.70
N THR FA 736 95.13 31.16 -28.36
CA THR FA 736 93.72 31.03 -28.69
C THR FA 736 93.15 32.21 -29.48
N ARG FA 737 93.92 33.27 -29.69
CA ARG FA 737 93.39 34.52 -30.21
C ARG FA 737 93.62 34.60 -31.71
N TYR FA 738 92.73 33.99 -32.46
CA TYR FA 738 92.76 34.01 -33.93
C TYR FA 738 91.54 34.67 -34.54
N LEU FA 739 90.35 34.42 -34.02
CA LEU FA 739 89.17 35.15 -34.46
C LEU FA 739 89.25 36.59 -33.96
N THR FA 740 88.45 37.46 -34.58
CA THR FA 740 88.45 38.87 -34.25
C THR FA 740 87.06 39.33 -33.83
N ARG FA 741 87.06 40.32 -32.93
CA ARG FA 741 85.79 40.94 -32.49
C ARG FA 741 86.06 42.45 -32.39
N ASN FA 742 85.06 43.30 -32.65
CA ASN FA 742 85.21 44.74 -32.49
C ASN FA 742 85.30 45.12 -31.02
N LEU FA 743 85.97 46.23 -30.75
CA LEU FA 743 86.07 46.76 -29.39
C LEU FA 743 84.72 47.21 -28.87
N ALA GA 218 37.18 -17.26 76.58
CA ALA GA 218 37.60 -16.64 75.31
C ALA GA 218 38.91 -17.29 74.86
N ASP GA 219 39.81 -17.54 75.78
CA ASP GA 219 41.16 -18.04 75.42
C ASP GA 219 41.47 -19.26 76.29
N GLY GA 220 40.48 -19.77 77.01
CA GLY GA 220 40.70 -21.01 77.77
C GLY GA 220 42.03 -20.99 78.50
N VAL GA 221 42.74 -22.13 78.54
CA VAL GA 221 44.00 -22.22 79.31
C VAL GA 221 45.11 -22.37 78.28
N GLY GA 222 46.02 -21.42 78.24
CA GLY GA 222 47.15 -21.45 77.36
C GLY GA 222 47.13 -20.46 76.22
N ASN GA 223 46.05 -19.69 76.09
CA ASN GA 223 45.95 -18.65 75.06
C ASN GA 223 45.89 -17.29 75.75
N SER GA 224 46.80 -16.40 75.37
CA SER GA 224 46.85 -15.08 75.97
C SER GA 224 45.65 -14.25 75.53
N SER GA 225 45.08 -13.50 76.47
CA SER GA 225 43.92 -12.66 76.21
C SER GA 225 44.27 -11.19 76.06
N GLY GA 226 45.56 -10.86 75.98
CA GLY GA 226 45.96 -9.48 75.81
C GLY GA 226 47.47 -9.39 75.63
N ASN GA 227 47.91 -8.18 75.32
CA ASN GA 227 49.32 -7.89 75.09
C ASN GA 227 49.75 -6.71 75.97
N TRP GA 228 51.06 -6.55 76.11
CA TRP GA 228 51.62 -5.47 76.90
C TRP GA 228 51.74 -4.22 76.04
N HIS GA 229 50.95 -3.21 76.38
CA HIS GA 229 50.96 -1.92 75.64
C HIS GA 229 51.31 -0.81 76.62
N CYS GA 230 52.59 -0.45 76.71
CA CYS GA 230 53.01 0.67 77.57
C CYS GA 230 53.82 1.62 76.69
N ASP GA 231 53.25 2.78 76.35
CA ASP GA 231 53.94 3.71 75.42
C ASP GA 231 53.17 5.03 75.30
N SER GA 232 53.73 6.00 74.57
CA SER GA 232 52.95 7.22 74.34
C SER GA 232 53.17 7.68 72.91
N THR GA 233 52.12 8.21 72.29
CA THR GA 233 52.16 8.70 70.92
C THR GA 233 51.75 10.16 70.92
N TRP GA 234 52.61 11.01 70.37
CA TRP GA 234 52.33 12.44 70.24
C TRP GA 234 51.95 12.72 68.79
N MET GA 235 50.72 13.20 68.58
CA MET GA 235 50.23 13.49 67.22
C MET GA 235 49.56 14.86 67.22
N GLY GA 236 50.31 15.90 66.86
CA GLY GA 236 49.75 17.24 66.80
C GLY GA 236 49.32 17.73 68.16
N ASP GA 237 48.04 18.05 68.28
CA ASP GA 237 47.46 18.56 69.51
C ASP GA 237 46.94 17.46 70.43
N ARG GA 238 47.44 16.23 70.28
CA ARG GA 238 47.02 15.12 71.11
C ARG GA 238 48.24 14.33 71.56
N VAL GA 239 48.15 13.76 72.76
CA VAL GA 239 49.10 12.77 73.23
C VAL GA 239 48.32 11.64 73.88
N THR GA 240 48.56 10.42 73.42
CA THR GA 240 47.90 9.24 73.95
C THR GA 240 48.91 8.43 74.75
N THR GA 241 48.67 8.33 76.05
CA THR GA 241 49.54 7.58 76.95
C THR GA 241 48.87 6.25 77.31
N THR GA 242 49.62 5.16 77.16
CA THR GA 242 49.15 3.83 77.50
C THR GA 242 50.08 3.21 78.53
N SER GA 243 49.51 2.55 79.52
CA SER GA 243 50.30 1.95 80.59
C SER GA 243 49.77 0.55 80.88
N THR GA 244 50.70 -0.38 81.14
CA THR GA 244 50.35 -1.73 81.55
C THR GA 244 51.10 -2.07 82.83
N ARG GA 245 50.40 -2.70 83.77
CA ARG GA 245 50.98 -3.09 85.05
C ARG GA 245 50.51 -4.49 85.40
N THR GA 246 51.27 -5.13 86.29
CA THR GA 246 50.90 -6.44 86.82
C THR GA 246 50.37 -6.24 88.23
N TRP GA 247 49.15 -6.73 88.48
CA TRP GA 247 48.48 -6.54 89.76
C TRP GA 247 48.29 -7.87 90.47
N ALA GA 248 48.17 -7.78 91.80
CA ALA GA 248 47.87 -8.93 92.63
C ALA GA 248 46.68 -8.58 93.51
N LEU GA 249 45.67 -9.44 93.50
CA LEU GA 249 44.43 -9.21 94.24
C LEU GA 249 44.22 -10.32 95.26
N PRO GA 250 44.35 -10.06 96.55
CA PRO GA 250 44.10 -11.09 97.55
C PRO GA 250 42.61 -11.21 97.84
N THR GA 251 42.29 -12.07 98.80
CA THR GA 251 40.93 -12.16 99.32
C THR GA 251 40.80 -11.22 100.52
N TYR GA 252 39.84 -10.31 100.44
CA TYR GA 252 39.69 -9.27 101.45
C TYR GA 252 38.53 -9.60 102.39
N ASN GA 253 38.78 -9.43 103.69
CA ASN GA 253 37.79 -9.64 104.74
C ASN GA 253 37.28 -11.07 104.80
N ASN GA 254 37.98 -12.00 104.17
CA ASN GA 254 37.54 -13.40 104.06
C ASN GA 254 36.14 -13.48 103.45
N HIS GA 255 35.97 -12.77 102.34
CA HIS GA 255 34.73 -12.75 101.56
C HIS GA 255 33.54 -12.16 102.32
N LEU GA 256 33.80 -11.27 103.28
CA LEU GA 256 32.75 -10.75 104.14
C LEU GA 256 32.64 -9.24 104.05
N TYR GA 257 31.45 -8.74 104.39
CA TYR GA 257 31.28 -7.27 104.54
C TYR GA 257 31.27 -7.06 106.05
N LYS GA 258 32.08 -6.16 106.56
CA LYS GA 258 32.23 -5.88 107.98
C LYS GA 258 31.92 -4.42 108.24
N GLN GA 259 31.03 -4.18 109.21
CA GLN GA 259 30.77 -2.81 109.65
C GLN GA 259 31.99 -2.29 110.41
N ILE GA 260 32.43 -1.10 110.05
CA ILE GA 260 33.59 -0.47 110.68
C ILE GA 260 33.17 0.87 111.24
N SER GA 261 33.88 1.31 112.28
CA SER GA 261 33.59 2.58 112.92
C SER GA 261 34.84 3.03 113.67
N SER GA 262 34.82 4.30 114.08
CA SER GA 262 35.93 4.85 114.84
C SER GA 262 36.04 4.15 116.19
N GLN GA 263 37.27 4.10 116.68
CA GLN GA 263 37.52 3.42 117.96
C GLN GA 263 36.88 4.21 119.08
N SER GA 264 36.44 3.52 120.13
CA SER GA 264 35.92 4.24 121.32
C SER GA 264 37.08 5.03 121.92
N GLY GA 265 36.79 6.22 122.43
CA GLY GA 265 37.77 7.12 122.98
C GLY GA 265 38.37 8.09 121.99
N ALA GA 266 38.06 7.97 120.71
CA ALA GA 266 38.54 8.91 119.71
C ALA GA 266 37.86 10.26 119.90
N SER GA 267 38.53 11.31 119.41
CA SER GA 267 37.95 12.64 119.47
C SER GA 267 36.75 12.73 118.53
N ASN GA 268 35.92 13.76 118.76
CA ASN GA 268 34.74 13.93 117.94
C ASN GA 268 35.10 14.20 116.48
N ASP GA 269 36.21 14.90 116.24
CA ASP GA 269 36.63 15.18 114.86
C ASP GA 269 37.02 13.91 114.12
N ASN GA 270 37.46 12.88 114.85
CA ASN GA 270 37.93 11.64 114.23
C ASN GA 270 36.88 10.54 114.23
N HIS GA 271 35.66 10.82 114.67
CA HIS GA 271 34.60 9.82 114.68
C HIS GA 271 34.11 9.55 113.25
N TYR GA 272 33.83 8.27 112.97
CA TYR GA 272 33.33 7.90 111.65
C TYR GA 272 32.58 6.57 111.76
N PHE GA 273 31.78 6.29 110.74
CA PHE GA 273 31.06 5.04 110.60
C PHE GA 273 31.01 4.68 109.13
N GLY GA 274 31.18 3.40 108.83
CA GLY GA 274 31.19 2.97 107.45
C GLY GA 274 31.21 1.46 107.35
N TYR GA 275 31.49 0.98 106.15
CA TYR GA 275 31.53 -0.45 105.88
C TYR GA 275 32.76 -0.80 105.08
N SER GA 276 33.33 -1.97 105.37
CA SER GA 276 34.46 -2.52 104.63
C SER GA 276 33.96 -3.66 103.74
N THR GA 277 34.31 -3.60 102.47
CA THR GA 277 33.83 -4.58 101.51
C THR GA 277 34.94 -5.56 101.14
N PRO GA 278 34.58 -6.77 100.72
CA PRO GA 278 35.61 -7.72 100.25
C PRO GA 278 36.13 -7.42 98.86
N TRP GA 279 35.72 -6.33 98.24
CA TRP GA 279 36.13 -5.98 96.89
C TRP GA 279 37.38 -5.11 96.93
N GLY GA 280 38.09 -5.12 95.80
CA GLY GA 280 39.16 -4.18 95.55
C GLY GA 280 38.77 -3.26 94.41
N TYR GA 281 39.62 -2.25 94.18
CA TYR GA 281 39.36 -1.29 93.12
C TYR GA 281 40.66 -0.91 92.45
N PHE GA 282 40.57 -0.60 91.15
CA PHE GA 282 41.73 -0.18 90.37
C PHE GA 282 41.79 1.34 90.32
N ASP GA 283 42.89 1.90 90.81
CA ASP GA 283 43.08 3.34 90.88
C ASP GA 283 44.22 3.73 89.97
N PHE GA 284 43.95 4.67 89.05
CA PHE GA 284 44.99 5.28 88.23
C PHE GA 284 44.82 6.79 88.21
N ASN GA 285 44.39 7.37 89.33
CA ASN GA 285 44.15 8.80 89.45
C ASN GA 285 45.41 9.55 89.90
N ARG GA 286 46.52 9.29 89.22
CA ARG GA 286 47.77 10.02 89.45
C ARG GA 286 48.48 10.11 88.11
N PHE GA 287 49.15 11.24 87.86
CA PHE GA 287 49.74 11.46 86.51
C PHE GA 287 50.90 10.49 86.24
N HIS GA 288 51.62 10.07 87.27
CA HIS GA 288 52.78 9.16 87.10
C HIS GA 288 52.32 7.79 86.58
N CYS GA 289 51.04 7.48 86.69
CA CYS GA 289 50.47 6.19 86.23
C CYS GA 289 50.38 6.17 84.70
N HIS GA 290 50.47 7.34 84.06
CA HIS GA 290 50.34 7.43 82.60
C HIS GA 290 51.50 8.13 81.93
N PHE GA 291 52.15 9.08 82.60
CA PHE GA 291 53.23 9.86 82.01
C PHE GA 291 54.56 9.43 82.61
N SER GA 292 55.53 9.12 81.74
CA SER GA 292 56.90 8.98 82.18
C SER GA 292 57.48 10.36 82.47
N PRO GA 293 58.56 10.43 83.25
CA PRO GA 293 59.18 11.74 83.50
C PRO GA 293 59.59 12.47 82.23
N ARG GA 294 60.10 11.75 81.22
CA ARG GA 294 60.38 12.38 79.93
C ARG GA 294 59.09 12.86 79.26
N ASP GA 295 58.02 12.08 79.37
CA ASP GA 295 56.73 12.52 78.85
C ASP GA 295 56.23 13.76 79.55
N TRP GA 296 56.39 13.82 80.88
CA TRP GA 296 56.01 15.01 81.63
C TRP GA 296 56.83 16.23 81.21
N GLN GA 297 58.14 16.04 81.02
CA GLN GA 297 58.97 17.16 80.59
C GLN GA 297 58.59 17.63 79.19
N ARG GA 298 58.27 16.70 78.30
CA ARG GA 298 57.78 17.06 76.97
C ARG GA 298 56.46 17.79 77.04
N LEU GA 299 55.59 17.41 77.98
CA LEU GA 299 54.29 18.07 78.10
C LEU GA 299 54.41 19.48 78.66
N ILE GA 300 55.20 19.65 79.73
CA ILE GA 300 55.18 20.91 80.46
C ILE GA 300 56.08 21.97 79.84
N ASN GA 301 57.06 21.58 79.04
CA ASN GA 301 57.98 22.54 78.44
C ASN GA 301 57.49 23.09 77.11
N ASN GA 302 56.38 22.59 76.58
CA ASN GA 302 55.95 22.95 75.24
C ASN GA 302 54.48 23.30 75.12
N ASN GA 303 53.67 23.08 76.15
CA ASN GA 303 52.23 23.27 76.07
C ASN GA 303 51.77 24.27 77.12
N TRP GA 304 50.80 25.10 76.73
CA TRP GA 304 50.16 26.03 77.63
C TRP GA 304 48.97 25.43 78.38
N GLY GA 305 48.58 24.21 78.04
CA GLY GA 305 47.48 23.57 78.72
C GLY GA 305 47.26 22.17 78.20
N PHE GA 306 46.52 21.38 78.99
CA PHE GA 306 46.15 20.03 78.60
C PHE GA 306 44.92 19.60 79.39
N ARG GA 307 44.22 18.60 78.86
CA ARG GA 307 43.03 18.06 79.49
C ARG GA 307 42.79 16.66 78.96
N PRO GA 308 42.22 15.77 79.77
CA PRO GA 308 41.89 14.43 79.27
C PRO GA 308 40.66 14.44 78.39
N LYS GA 309 40.66 13.53 77.41
CA LYS GA 309 39.59 13.43 76.42
C LYS GA 309 38.82 12.13 76.51
N ARG GA 310 39.50 10.99 76.51
CA ARG GA 310 38.86 9.69 76.62
C ARG GA 310 39.87 8.69 77.15
N LEU GA 311 39.36 7.59 77.69
CA LEU GA 311 40.22 6.54 78.22
C LEU GA 311 39.70 5.17 77.81
N ASN GA 312 40.62 4.20 77.80
CA ASN GA 312 40.28 2.78 77.51
C ASN GA 312 40.93 1.96 78.61
N PHE GA 313 40.23 0.96 79.16
CA PHE GA 313 40.67 0.15 80.27
C PHE GA 313 40.55 -1.32 79.89
N LYS GA 314 41.55 -2.09 80.31
CA LYS GA 314 41.52 -3.54 80.01
C LYS GA 314 42.12 -4.40 81.11
N LEU GA 315 41.46 -5.49 81.47
CA LEU GA 315 42.00 -6.52 82.36
C LEU GA 315 42.15 -7.80 81.55
N PHE GA 316 43.30 -8.45 81.66
CA PHE GA 316 43.58 -9.61 80.82
C PHE GA 316 44.63 -10.47 81.50
N ASN GA 317 44.84 -11.66 80.93
CA ASN GA 317 45.81 -12.63 81.43
C ASN GA 317 45.58 -12.92 82.91
N ILE GA 318 44.32 -13.17 83.24
CA ILE GA 318 43.91 -13.35 84.64
C ILE GA 318 44.23 -14.78 85.07
N GLN GA 319 44.98 -14.90 86.16
CA GLN GA 319 45.34 -16.18 86.75
C GLN GA 319 44.86 -16.22 88.19
N VAL GA 320 44.12 -17.27 88.53
CA VAL GA 320 43.68 -17.49 89.89
C VAL GA 320 44.56 -18.58 90.51
N LYS GA 321 45.22 -18.25 91.60
CA LYS GA 321 46.14 -19.15 92.27
C LYS GA 321 45.54 -19.60 93.60
N GLU GA 322 45.52 -20.91 93.83
CA GLU GA 322 45.06 -21.48 95.09
C GLU GA 322 46.25 -21.70 96.01
N VAL GA 323 46.14 -21.21 97.24
CA VAL GA 323 47.20 -21.29 98.24
C VAL GA 323 46.78 -22.28 99.31
N THR GA 324 47.64 -23.24 99.62
CA THR GA 324 47.42 -24.20 100.67
C THR GA 324 48.62 -24.21 101.61
N GLN GA 325 48.37 -24.57 102.86
CA GLN GA 325 49.42 -24.59 103.89
C GLN GA 325 49.26 -25.87 104.70
N ASN GA 326 50.17 -26.83 104.49
CA ASN GA 326 50.11 -28.11 105.16
C ASN GA 326 51.45 -28.36 105.85
N ASP GA 327 51.40 -28.55 107.18
CA ASP GA 327 52.59 -28.83 107.99
C ASP GA 327 53.66 -27.75 107.80
N GLY GA 328 53.25 -26.49 107.74
CA GLY GA 328 54.17 -25.39 107.63
C GLY GA 328 54.72 -25.11 106.25
N THR GA 329 54.18 -25.76 105.22
CA THR GA 329 54.64 -25.57 103.86
C THR GA 329 53.59 -24.82 103.04
N THR GA 330 54.02 -23.76 102.37
CA THR GA 330 53.13 -22.97 101.51
C THR GA 330 53.26 -23.45 100.08
N THR GA 331 52.17 -24.00 99.53
CA THR GA 331 52.13 -24.53 98.18
C THR GA 331 51.12 -23.73 97.38
N ILE GA 332 51.54 -23.24 96.20
CA ILE GA 332 50.70 -22.45 95.32
C ILE GA 332 50.52 -23.21 94.02
N ALA GA 333 49.26 -23.39 93.62
CA ALA GA 333 48.93 -24.10 92.40
C ALA GA 333 47.87 -23.32 91.64
N ASN GA 334 47.80 -23.56 90.33
CA ASN GA 334 46.81 -22.89 89.50
C ASN GA 334 45.41 -23.39 89.79
N ASN GA 335 44.43 -22.50 89.64
CA ASN GA 335 43.02 -22.84 89.71
C ASN GA 335 42.40 -22.33 88.41
N LEU GA 336 42.28 -23.22 87.42
CA LEU GA 336 41.83 -22.81 86.10
C LEU GA 336 40.33 -22.63 86.00
N THR GA 337 39.57 -23.04 87.01
CA THR GA 337 38.11 -22.93 86.97
C THR GA 337 37.56 -21.81 87.83
N SER GA 338 38.39 -21.14 88.63
CA SER GA 338 37.93 -20.05 89.45
C SER GA 338 37.79 -18.77 88.62
N THR GA 339 36.94 -17.88 89.10
CA THR GA 339 36.63 -16.63 88.40
C THR GA 339 36.99 -15.43 89.28
N VAL GA 340 37.02 -14.27 88.63
CA VAL GA 340 37.09 -12.98 89.31
C VAL GA 340 35.95 -12.11 88.79
N GLN GA 341 35.27 -11.43 89.69
CA GLN GA 341 34.14 -10.58 89.35
C GLN GA 341 34.60 -9.14 89.15
N VAL GA 342 34.30 -8.57 88.00
CA VAL GA 342 34.69 -7.21 87.65
C VAL GA 342 33.46 -6.46 87.16
N PHE GA 343 33.25 -5.26 87.70
CA PHE GA 343 32.23 -4.38 87.17
C PHE GA 343 32.64 -2.94 87.39
N THR GA 344 32.15 -2.06 86.52
CA THR GA 344 32.39 -0.63 86.60
C THR GA 344 31.13 0.07 87.09
N ASP GA 345 31.30 0.97 88.06
CA ASP GA 345 30.18 1.73 88.61
C ASP GA 345 29.89 2.93 87.70
N SER GA 346 29.35 2.65 86.51
CA SER GA 346 29.13 3.71 85.50
C SER GA 346 27.91 4.57 85.83
N GLU GA 347 27.04 4.10 86.72
CA GLU GA 347 25.91 4.93 87.14
C GLU GA 347 26.19 5.70 88.42
N TYR GA 348 27.40 5.55 88.99
CA TYR GA 348 27.81 6.28 90.19
C TYR GA 348 26.84 6.07 91.34
N GLN GA 349 26.44 4.82 91.54
CA GLN GA 349 25.55 4.45 92.64
C GLN GA 349 26.29 4.08 93.91
N LEU GA 350 27.61 3.99 93.86
CA LEU GA 350 28.44 3.66 95.02
C LEU GA 350 29.20 4.90 95.48
N PRO GA 351 29.56 4.96 96.77
CA PRO GA 351 30.36 6.09 97.24
C PRO GA 351 31.70 6.16 96.50
N TYR GA 352 31.98 7.33 95.95
CA TYR GA 352 33.17 7.53 95.12
C TYR GA 352 34.36 7.80 96.03
N VAL GA 353 35.21 6.79 96.22
CA VAL GA 353 36.38 6.92 97.07
C VAL GA 353 37.63 7.30 96.30
N LEU GA 354 37.58 7.27 94.97
CA LEU GA 354 38.66 7.85 94.18
C LEU GA 354 38.67 9.36 94.33
N GLY GA 355 39.83 9.96 94.16
CA GLY GA 355 39.96 11.39 94.34
C GLY GA 355 40.19 11.85 95.76
N SER GA 356 40.47 10.92 96.69
CA SER GA 356 40.83 11.27 98.06
C SER GA 356 42.31 11.10 98.33
N ALA GA 357 43.12 11.03 97.27
CA ALA GA 357 44.58 10.90 97.38
C ALA GA 357 44.99 9.67 98.18
N HIS GA 358 44.40 8.52 97.81
CA HIS GA 358 44.66 7.27 98.49
C HIS GA 358 45.77 6.48 97.80
N GLN GA 359 46.50 5.71 98.60
CA GLN GA 359 47.54 4.83 98.08
C GLN GA 359 46.92 3.62 97.39
N GLY GA 360 47.74 2.92 96.61
CA GLY GA 360 47.27 1.77 95.86
C GLY GA 360 47.10 1.99 94.38
N CYS GA 361 47.62 3.08 93.84
CA CYS GA 361 47.50 3.36 92.41
C CYS GA 361 48.42 2.47 91.60
N LEU GA 362 48.37 2.64 90.29
CA LEU GA 362 49.34 1.99 89.41
C LEU GA 362 50.72 2.57 89.67
N PRO GA 363 51.73 1.74 89.92
CA PRO GA 363 53.04 2.28 90.27
C PRO GA 363 53.62 3.08 89.12
N PRO GA 364 54.38 4.14 89.42
CA PRO GA 364 54.95 4.95 88.34
C PRO GA 364 55.89 4.19 87.43
N PHE GA 365 56.64 3.24 87.96
CA PHE GA 365 57.55 2.44 87.15
C PHE GA 365 56.82 1.26 86.54
N PRO GA 366 56.85 1.09 85.23
CA PRO GA 366 56.07 0.02 84.59
C PRO GA 366 56.46 -1.38 85.01
N ALA GA 367 57.65 -1.57 85.58
CA ALA GA 367 58.12 -2.90 85.97
C ALA GA 367 57.68 -3.31 87.37
N ASP GA 368 57.04 -2.42 88.12
CA ASP GA 368 56.63 -2.72 89.49
C ASP GA 368 55.28 -3.44 89.52
N VAL GA 369 55.15 -4.38 90.44
CA VAL GA 369 53.92 -5.12 90.67
C VAL GA 369 53.25 -4.57 91.92
N PHE GA 370 51.95 -4.31 91.84
CA PHE GA 370 51.22 -3.64 92.90
C PHE GA 370 50.03 -4.46 93.36
N MET GA 371 49.69 -4.30 94.64
CA MET GA 371 48.51 -4.92 95.22
C MET GA 371 47.29 -4.03 95.00
N VAL GA 372 46.15 -4.66 94.72
CA VAL GA 372 44.90 -3.94 94.51
C VAL GA 372 44.34 -3.49 95.85
N PRO GA 373 44.11 -2.19 96.04
CA PRO GA 373 43.63 -1.72 97.35
C PRO GA 373 42.21 -2.18 97.64
N GLN GA 374 41.92 -2.36 98.93
CA GLN GA 374 40.61 -2.79 99.36
C GLN GA 374 39.61 -1.63 99.33
N TYR GA 375 38.43 -1.90 98.81
CA TYR GA 375 37.39 -0.87 98.71
C TYR GA 375 36.63 -0.76 100.01
N GLY GA 376 36.37 0.48 100.42
CA GLY GA 376 35.59 0.75 101.62
C GLY GA 376 35.06 2.16 101.56
N TYR GA 377 33.94 2.38 102.24
CA TYR GA 377 33.27 3.67 102.20
C TYR GA 377 32.77 4.04 103.59
N LEU GA 378 32.54 5.33 103.78
CA LEU GA 378 31.98 5.87 105.01
C LEU GA 378 30.60 6.45 104.74
N THR GA 379 29.73 6.34 105.75
CA THR GA 379 28.39 6.90 105.65
C THR GA 379 28.16 7.81 106.86
N LEU GA 380 26.93 8.28 107.02
CA LEU GA 380 26.59 9.21 108.13
C LEU GA 380 26.87 8.55 109.47
N ASN GA 381 27.37 9.32 110.43
CA ASN GA 381 27.64 8.78 111.78
C ASN GA 381 27.27 9.81 112.84
N ASN GA 382 26.69 9.36 113.96
CA ASN GA 382 26.48 10.25 115.12
C ASN GA 382 27.49 9.74 116.14
N GLY GA 383 28.74 10.20 116.05
CA GLY GA 383 29.78 9.63 116.92
C GLY GA 383 30.28 8.34 116.28
N SER GA 384 30.50 7.29 117.08
CA SER GA 384 30.88 6.01 116.51
C SER GA 384 29.69 5.20 116.02
N GLN GA 385 28.47 5.66 116.28
CA GLN GA 385 27.27 4.96 115.87
C GLN GA 385 26.77 5.48 114.52
N ALA GA 386 25.72 4.85 114.02
CA ALA GA 386 25.08 5.23 112.77
C ALA GA 386 23.73 5.88 113.05
N VAL GA 387 23.17 6.47 112.00
CA VAL GA 387 21.84 7.06 112.06
C VAL GA 387 20.95 6.35 111.04
N GLY GA 388 19.67 6.70 111.06
CA GLY GA 388 18.72 6.06 110.16
C GLY GA 388 18.98 6.38 108.70
N ARG GA 389 19.62 7.51 108.43
CA ARG GA 389 19.92 7.92 107.07
C ARG GA 389 21.18 7.25 106.51
N SER GA 390 21.95 6.55 107.34
CA SER GA 390 23.15 5.87 106.86
C SER GA 390 22.79 4.81 105.83
N SER GA 391 23.60 4.73 104.78
CA SER GA 391 23.35 3.83 103.66
C SER GA 391 24.32 2.67 103.68
N PHE GA 392 23.81 1.48 103.37
CA PHE GA 392 24.61 0.29 103.22
C PHE GA 392 24.54 -0.18 101.77
N TYR GA 393 25.69 -0.56 101.22
CA TYR GA 393 25.78 -0.97 99.82
C TYR GA 393 26.41 -2.35 99.74
N CYS GA 394 25.71 -3.28 99.09
CA CYS GA 394 26.25 -4.58 98.75
C CYS GA 394 26.67 -4.56 97.29
N LEU GA 395 27.96 -4.78 97.05
CA LEU GA 395 28.50 -4.72 95.70
C LEU GA 395 28.16 -5.94 94.87
N GLU GA 396 27.69 -7.03 95.49
CA GLU GA 396 27.18 -8.17 94.75
C GLU GA 396 25.77 -7.93 94.23
N TYR GA 397 25.16 -6.79 94.57
CA TYR GA 397 23.79 -6.43 94.10
C TYR GA 397 23.92 -5.69 92.76
N PHE GA 398 25.14 -5.56 92.25
CA PHE GA 398 25.44 -5.01 90.94
C PHE GA 398 25.71 -6.12 89.95
N PRO GA 399 25.33 -5.95 88.68
CA PRO GA 399 25.73 -6.92 87.66
C PRO GA 399 27.23 -6.83 87.40
N SER GA 400 27.92 -7.96 87.52
CA SER GA 400 29.36 -8.02 87.33
C SER GA 400 29.69 -9.11 86.32
N GLN GA 401 30.85 -8.96 85.69
CA GLN GA 401 31.33 -9.90 84.69
C GLN GA 401 32.29 -10.88 85.35
N MET GA 402 32.05 -12.17 85.14
CA MET GA 402 32.87 -13.22 85.73
C MET GA 402 33.91 -13.67 84.71
N LEU GA 403 35.18 -13.68 85.14
CA LEU GA 403 36.29 -13.94 84.24
C LEU GA 403 37.11 -15.11 84.75
N ARG GA 404 37.19 -16.17 83.94
CA ARG GA 404 38.10 -17.26 84.21
C ARG GA 404 39.46 -16.95 83.58
N THR GA 405 40.40 -17.88 83.70
CA THR GA 405 41.70 -17.72 82.99
C THR GA 405 41.40 -17.86 81.50
N GLY GA 406 41.67 -16.83 80.73
CA GLY GA 406 41.35 -16.78 79.32
C GLY GA 406 40.28 -15.78 78.96
N ASN GA 407 39.59 -15.21 79.95
CA ASN GA 407 38.63 -14.14 79.72
C ASN GA 407 39.28 -12.79 80.00
N ASN GA 408 38.80 -11.76 79.30
CA ASN GA 408 39.29 -10.41 79.51
C ASN GA 408 38.12 -9.46 79.70
N PHE GA 409 38.41 -8.31 80.31
CA PHE GA 409 37.44 -7.28 80.57
C PHE GA 409 37.92 -5.98 79.92
N THR GA 410 36.97 -5.20 79.40
CA THR GA 410 37.33 -3.92 78.79
C THR GA 410 36.14 -2.98 78.87
N PHE GA 411 36.44 -1.68 78.90
CA PHE GA 411 35.41 -0.66 78.79
C PHE GA 411 36.06 0.66 78.37
N SER GA 412 35.27 1.50 77.73
CA SER GA 412 35.72 2.79 77.25
C SER GA 412 34.93 3.91 77.91
N TYR GA 413 35.60 5.02 78.19
CA TYR GA 413 35.00 6.15 78.86
C TYR GA 413 35.41 7.43 78.14
N THR GA 414 34.49 8.39 78.06
CA THR GA 414 34.77 9.69 77.46
C THR GA 414 34.66 10.76 78.53
N PHE GA 415 35.73 11.54 78.68
CA PHE GA 415 35.71 12.64 79.63
C PHE GA 415 34.75 13.73 79.16
N GLU GA 416 34.09 14.37 80.12
CA GLU GA 416 33.29 15.54 79.79
C GLU GA 416 34.20 16.72 79.47
N ASP GA 417 33.61 17.75 78.88
CA ASP GA 417 34.36 18.95 78.53
C ASP GA 417 34.80 19.66 79.80
N VAL GA 418 36.11 19.87 79.93
CA VAL GA 418 36.68 20.53 81.10
C VAL GA 418 37.68 21.57 80.64
N PRO GA 419 37.92 22.61 81.43
CA PRO GA 419 38.92 23.61 81.04
C PRO GA 419 40.32 23.01 80.98
N PHE GA 420 41.13 23.55 80.08
CA PHE GA 420 42.54 23.19 80.04
C PHE GA 420 43.22 23.58 81.34
N HIS GA 421 44.07 22.70 81.86
CA HIS GA 421 44.88 23.07 83.01
C HIS GA 421 45.85 24.17 82.62
N SER GA 422 45.95 25.17 83.50
CA SER GA 422 46.86 26.32 83.25
C SER GA 422 48.31 25.91 83.50
N SER GA 423 48.93 25.24 82.53
CA SER GA 423 50.33 24.83 82.65
C SER GA 423 51.28 25.95 82.24
N TYR GA 424 51.08 27.11 82.85
CA TYR GA 424 51.90 28.29 82.57
C TYR GA 424 51.94 29.15 83.83
N ALA GA 425 52.94 30.02 83.90
CA ALA GA 425 53.05 31.03 84.93
C ALA GA 425 52.91 32.41 84.28
N HIS GA 426 52.13 33.27 84.90
CA HIS GA 426 51.94 34.61 84.35
C HIS GA 426 53.23 35.42 84.45
N SER GA 427 53.61 36.06 83.34
CA SER GA 427 54.76 36.94 83.30
C SER GA 427 54.42 38.37 83.69
N GLN GA 428 53.16 38.64 84.04
CA GLN GA 428 52.74 39.93 84.55
C GLN GA 428 52.04 39.73 85.89
N SER GA 429 52.14 40.74 86.74
CA SER GA 429 51.45 40.74 88.01
C SER GA 429 50.14 41.52 87.86
N LEU GA 430 49.15 41.13 88.66
CA LEU GA 430 47.83 41.77 88.56
C LEU GA 430 47.86 43.23 88.96
N ASP GA 431 48.87 43.65 89.73
CA ASP GA 431 48.96 45.06 90.19
C ASP GA 431 49.94 45.84 89.31
N ARG GA 432 50.44 45.22 88.23
CA ARG GA 432 51.39 45.86 87.32
C ARG GA 432 50.96 45.66 85.88
N LEU GA 433 49.67 45.91 85.60
CA LEU GA 433 49.11 45.72 84.27
C LEU GA 433 49.01 47.02 83.47
N MET GA 434 49.56 48.11 83.97
CA MET GA 434 49.40 49.41 83.37
C MET GA 434 50.57 49.75 82.46
N ASN GA 435 50.48 50.91 81.81
CA ASN GA 435 51.58 51.46 81.03
C ASN GA 435 52.38 52.39 81.92
N PRO GA 436 53.64 52.08 82.24
CA PRO GA 436 54.39 52.91 83.19
C PRO GA 436 54.78 54.27 82.64
N LEU GA 437 54.61 54.50 81.34
CA LEU GA 437 55.04 55.75 80.71
C LEU GA 437 53.96 56.83 80.74
N ILE GA 438 52.69 56.45 80.81
CA ILE GA 438 51.58 57.37 80.68
C ILE GA 438 50.84 57.45 82.01
N ASP GA 439 50.54 58.67 82.44
CA ASP GA 439 49.74 58.85 83.64
C ASP GA 439 48.29 58.50 83.39
N GLN GA 440 47.57 58.19 84.46
CA GLN GA 440 46.14 57.97 84.38
C GLN GA 440 45.40 59.30 84.39
N TYR GA 441 44.24 59.33 83.73
CA TYR GA 441 43.39 60.51 83.78
C TYR GA 441 42.52 60.54 85.03
N LEU GA 442 42.43 59.44 85.75
CA LEU GA 442 41.64 59.39 86.98
C LEU GA 442 42.46 59.94 88.14
N TYR GA 443 41.77 60.50 89.12
CA TYR GA 443 42.38 61.08 90.30
C TYR GA 443 42.12 60.21 91.52
N TYR GA 444 43.05 60.25 92.46
CA TYR GA 444 42.91 59.58 93.74
C TYR GA 444 43.26 60.55 94.86
N LEU GA 445 42.65 60.35 96.02
CA LEU GA 445 42.94 61.17 97.19
C LEU GA 445 44.37 60.90 97.65
N SER GA 446 45.25 61.85 97.43
CA SER GA 446 46.66 61.69 97.75
C SER GA 446 47.06 62.34 99.07
N ARG GA 447 46.40 63.43 99.42
CA ARG GA 447 46.70 64.10 100.71
C ARG GA 447 45.41 64.40 101.46
N THR GA 448 45.49 64.38 102.78
CA THR GA 448 44.34 64.69 103.62
C THR GA 448 44.52 65.93 104.49
N ASN GA 449 45.70 66.54 104.48
CA ASN GA 449 45.92 67.78 105.23
C ASN GA 449 47.05 68.55 104.57
N THR GA 450 47.17 69.81 104.95
CA THR GA 450 48.24 70.68 104.47
C THR GA 450 48.84 71.46 105.63
N PRO GA 451 50.12 71.88 105.57
CA PRO GA 451 50.69 72.70 106.63
C PRO GA 451 49.90 74.01 106.74
N SER GA 452 49.39 74.30 107.94
CA SER GA 452 48.68 75.58 108.17
C SER GA 452 49.31 76.28 109.37
N GLY GA 453 49.86 77.48 109.17
CA GLY GA 453 50.58 78.15 110.28
C GLY GA 453 51.73 77.29 110.75
N THR GA 454 51.78 77.00 112.06
CA THR GA 454 52.83 76.11 112.61
C THR GA 454 52.16 74.78 113.00
N THR GA 455 50.87 74.64 112.71
CA THR GA 455 50.16 73.36 112.98
C THR GA 455 49.76 72.73 111.64
N THR GA 456 48.70 71.92 111.63
CA THR GA 456 48.20 71.33 110.36
C THR GA 456 46.72 71.65 110.20
N GLN GA 457 46.24 71.67 108.96
CA GLN GA 457 44.82 71.93 108.70
C GLN GA 457 44.31 70.89 107.71
N SER GA 458 43.09 70.40 107.96
CA SER GA 458 42.50 69.40 107.09
C SER GA 458 42.21 69.97 105.71
N ARG GA 459 42.67 69.28 104.67
CA ARG GA 459 42.50 69.73 103.30
C ARG GA 459 42.69 68.56 102.37
N LEU GA 460 41.67 68.25 101.57
CA LEU GA 460 41.73 67.13 100.65
C LEU GA 460 42.40 67.55 99.35
N GLN GA 461 43.33 66.73 98.87
CA GLN GA 461 43.99 66.94 97.59
C GLN GA 461 44.00 65.64 96.80
N PHE GA 462 44.03 65.78 95.47
CA PHE GA 462 43.94 64.64 94.58
C PHE GA 462 45.05 64.71 93.53
N SER GA 463 45.53 63.55 93.12
CA SER GA 463 46.62 63.45 92.15
C SER GA 463 46.28 62.39 91.13
N GLN GA 464 46.91 62.51 89.95
CA GLN GA 464 46.82 61.49 88.93
C GLN GA 464 47.98 60.51 89.11
N ALA GA 465 47.68 59.22 89.09
CA ALA GA 465 48.67 58.21 89.39
C ALA GA 465 49.53 57.90 88.16
N GLY GA 466 50.83 57.77 88.37
CA GLY GA 466 51.77 57.40 87.33
C GLY GA 466 52.68 56.29 87.83
N ALA GA 467 53.94 56.34 87.38
CA ALA GA 467 54.89 55.31 87.76
C ALA GA 467 55.43 55.50 89.17
N SER GA 468 55.62 56.76 89.61
CA SER GA 468 56.21 57.01 90.91
C SER GA 468 55.28 56.61 92.04
N ASP GA 469 53.96 56.75 91.85
CA ASP GA 469 52.97 56.35 92.83
C ASP GA 469 52.12 55.24 92.25
N ILE GA 470 52.79 54.25 91.65
CA ILE GA 470 52.14 53.17 90.91
C ILE GA 470 51.19 52.37 91.79
N ARG GA 471 51.37 52.38 93.12
CA ARG GA 471 50.50 51.62 94.00
C ARG GA 471 49.10 52.21 94.11
N ASP GA 472 48.92 53.48 93.74
CA ASP GA 472 47.65 54.17 93.88
C ASP GA 472 46.83 54.18 92.59
N GLN GA 473 47.29 53.48 91.55
CA GLN GA 473 46.60 53.52 90.27
C GLN GA 473 45.25 52.82 90.36
N SER GA 474 44.25 53.38 89.68
CA SER GA 474 42.94 52.75 89.60
C SER GA 474 43.03 51.48 88.77
N ARG GA 475 42.40 50.42 89.25
CA ARG GA 475 42.51 49.11 88.63
C ARG GA 475 41.13 48.51 88.45
N ASN GA 476 41.04 47.53 87.54
CA ASN GA 476 39.78 46.91 87.18
C ASN GA 476 39.55 45.56 87.86
N TRP GA 477 40.58 44.97 88.45
CA TRP GA 477 40.50 43.61 88.95
C TRP GA 477 41.08 43.51 90.36
N LEU GA 478 40.81 42.39 91.02
CA LEU GA 478 41.22 42.12 92.38
C LEU GA 478 41.85 40.74 92.46
N PRO GA 479 42.76 40.53 93.42
CA PRO GA 479 43.32 39.19 93.61
C PRO GA 479 42.28 38.21 94.14
N GLY GA 480 42.51 36.93 93.87
CA GLY GA 480 41.57 35.89 94.19
C GLY GA 480 41.31 35.73 95.68
N PRO GA 481 40.38 34.84 96.02
CA PRO GA 481 39.98 34.70 97.43
C PRO GA 481 41.08 34.07 98.28
N CYS GA 482 40.93 34.29 99.58
CA CYS GA 482 41.98 33.90 100.55
C CYS GA 482 41.38 33.20 101.76
N TYR GA 483 42.12 32.27 102.36
CA TYR GA 483 41.75 31.64 103.62
C TYR GA 483 43.05 31.41 104.38
N ARG GA 484 43.41 32.34 105.26
CA ARG GA 484 44.78 32.47 105.72
C ARG GA 484 45.28 31.20 106.41
N GLN GA 485 46.53 30.86 106.12
CA GLN GA 485 47.22 29.72 106.72
C GLN GA 485 48.36 30.21 107.60
N GLN GA 486 48.69 29.41 108.61
CA GLN GA 486 49.86 29.72 109.43
C GLN GA 486 51.14 29.48 108.65
N ARG GA 487 52.14 30.30 108.91
CA ARG GA 487 53.42 30.22 108.22
C ARG GA 487 54.40 29.40 109.04
N VAL GA 488 54.99 28.41 108.37
CA VAL GA 488 56.02 27.53 108.98
C VAL GA 488 57.27 27.65 108.11
N SER GA 489 58.45 27.45 108.69
CA SER GA 489 59.71 27.56 107.99
C SER GA 489 60.37 26.20 107.87
N LYS GA 490 61.05 25.98 106.73
CA LYS GA 490 61.78 24.70 106.51
C LYS GA 490 63.00 24.68 107.45
N THR GA 491 63.53 25.84 107.83
CA THR GA 491 64.61 25.90 108.84
C THR GA 491 63.95 25.70 110.20
N SER GA 492 64.25 24.60 110.89
CA SER GA 492 63.54 24.26 112.15
C SER GA 492 63.66 25.35 113.22
N ALA GA 493 64.87 25.89 113.45
CA ALA GA 493 65.06 26.84 114.53
C ALA GA 493 64.14 28.05 114.38
N ASP GA 494 63.72 28.36 113.16
CA ASP GA 494 62.89 29.54 112.91
C ASP GA 494 61.45 29.37 113.41
N ASN GA 495 61.04 28.15 113.75
CA ASN GA 495 59.67 27.88 114.16
C ASN GA 495 59.52 28.02 115.66
N ASN GA 496 58.28 28.26 116.09
CA ASN GA 496 57.98 28.38 117.50
C ASN GA 496 58.16 27.04 118.20
N ASN GA 497 58.71 27.08 119.41
CA ASN GA 497 58.98 25.87 120.19
C ASN GA 497 57.73 25.49 120.96
N SER GA 498 56.74 24.98 120.22
CA SER GA 498 55.48 24.55 120.79
C SER GA 498 54.80 23.60 119.82
N GLU GA 499 53.75 22.94 120.31
CA GLU GA 499 52.95 22.03 119.45
C GLU GA 499 51.76 22.84 118.93
N TYR GA 500 51.82 23.27 117.68
CA TYR GA 500 50.79 24.10 117.08
C TYR GA 500 50.27 23.51 115.76
N SER GA 501 50.43 22.21 115.55
CA SER GA 501 49.95 21.60 114.31
C SER GA 501 48.43 21.58 114.23
N TRP GA 502 47.74 21.73 115.34
CA TRP GA 502 46.28 21.78 115.36
C TRP GA 502 45.72 23.07 115.94
N THR GA 503 46.34 23.59 117.00
CA THR GA 503 45.86 24.85 117.58
C THR GA 503 45.99 26.00 116.60
N GLY GA 504 47.12 26.07 115.90
CA GLY GA 504 47.34 27.08 114.89
C GLY GA 504 46.92 26.67 113.49
N ALA GA 505 46.26 25.53 113.34
CA ALA GA 505 45.87 25.02 112.04
C ALA GA 505 44.64 25.76 111.51
N THR GA 506 44.53 25.80 110.19
CA THR GA 506 43.37 26.36 109.52
C THR GA 506 42.31 25.29 109.34
N LYS GA 507 41.11 25.53 109.85
CA LYS GA 507 40.08 24.51 109.95
C LYS GA 507 38.75 25.04 109.45
N TYR GA 508 37.89 24.11 109.04
CA TYR GA 508 36.49 24.41 108.77
C TYR GA 508 35.62 23.55 109.68
N HIS GA 509 34.51 24.12 110.12
CA HIS GA 509 33.62 23.51 111.10
C HIS GA 509 32.39 22.97 110.38
N LEU GA 510 32.11 21.69 110.55
CA LEU GA 510 30.99 21.03 109.87
C LEU GA 510 30.35 20.03 110.83
N ASN GA 511 29.09 20.28 111.20
CA ASN GA 511 28.32 19.39 112.06
C ASN GA 511 29.03 19.14 113.39
N GLY GA 512 29.64 20.19 113.95
CA GLY GA 512 30.32 20.09 115.22
C GLY GA 512 31.69 19.47 115.19
N ARG GA 513 32.18 19.12 114.00
CA ARG GA 513 33.55 18.55 113.92
C ARG GA 513 34.48 19.45 113.09
N ASP GA 514 35.69 19.67 113.58
CA ASP GA 514 36.71 20.46 112.90
C ASP GA 514 37.50 19.55 111.96
N SER GA 515 37.60 19.95 110.70
CA SER GA 515 38.41 19.26 109.71
C SER GA 515 39.54 20.18 109.26
N LEU GA 516 40.72 19.60 109.07
CA LEU GA 516 41.85 20.39 108.59
C LEU GA 516 41.60 20.86 107.16
N VAL GA 517 41.91 22.12 106.90
CA VAL GA 517 41.84 22.68 105.56
C VAL GA 517 43.17 22.38 104.88
N ASN GA 518 43.18 21.39 104.00
CA ASN GA 518 44.41 20.90 103.41
C ASN GA 518 44.13 20.36 102.01
N PRO GA 519 44.67 20.98 100.95
CA PRO GA 519 45.51 22.19 100.95
C PRO GA 519 44.69 23.47 100.91
N GLY GA 520 43.38 23.38 100.74
CA GLY GA 520 42.52 24.55 100.76
C GLY GA 520 42.54 25.32 99.45
N PRO GA 521 42.03 26.56 99.50
CA PRO GA 521 42.00 27.39 98.29
C PRO GA 521 43.41 27.65 97.76
N ALA GA 522 43.52 27.74 96.44
CA ALA GA 522 44.81 27.93 95.80
C ALA GA 522 45.39 29.29 96.14
N MET GA 523 46.52 29.30 96.83
CA MET GA 523 47.18 30.52 97.24
C MET GA 523 48.69 30.35 97.11
N ALA GA 524 49.38 31.46 96.93
CA ALA GA 524 50.83 31.42 96.79
C ALA GA 524 51.48 30.95 98.09
N SER GA 525 52.49 30.08 97.95
CA SER GA 525 53.17 29.55 99.12
C SER GA 525 53.92 30.64 99.87
N HIS GA 526 54.54 31.56 99.14
CA HIS GA 526 55.35 32.59 99.76
C HIS GA 526 55.51 33.76 98.80
N LYS GA 527 55.96 34.88 99.33
CA LYS GA 527 56.22 36.07 98.53
C LYS GA 527 57.66 36.03 98.02
N ASP GA 528 58.15 37.14 97.46
CA ASP GA 528 59.50 37.19 96.93
C ASP GA 528 60.53 36.94 98.00
N ASP GA 529 61.54 36.14 97.66
CA ASP GA 529 62.71 35.90 98.53
C ASP GA 529 62.31 35.32 99.88
N GLU GA 530 61.31 34.45 99.89
CA GLU GA 530 60.89 33.78 101.11
C GLU GA 530 60.59 32.32 100.83
N GLU GA 531 61.45 31.67 100.04
CA GLU GA 531 61.21 30.30 99.61
C GLU GA 531 61.26 29.31 100.77
N LYS GA 532 61.85 29.68 101.90
CA LYS GA 532 61.88 28.78 103.05
C LYS GA 532 60.56 28.69 103.78
N PHE GA 533 59.61 29.59 103.49
CA PHE GA 533 58.33 29.62 104.16
C PHE GA 533 57.26 28.94 103.32
N PHE GA 534 56.43 28.12 103.95
CA PHE GA 534 55.31 27.48 103.30
C PHE GA 534 54.12 27.47 104.25
N PRO GA 535 52.91 27.46 103.72
CA PRO GA 535 51.73 27.37 104.59
C PRO GA 535 51.69 26.05 105.32
N GLN GA 536 51.12 26.09 106.53
CA GLN GA 536 51.15 24.92 107.41
C GLN GA 536 50.42 23.73 106.80
N SER GA 537 49.26 23.98 106.19
CA SER GA 537 48.51 22.93 105.49
C SER GA 537 47.99 23.45 104.16
N GLY GA 538 48.77 24.30 103.50
CA GLY GA 538 48.35 24.90 102.25
C GLY GA 538 49.05 24.41 101.00
N VAL GA 539 49.91 23.41 101.09
CA VAL GA 539 50.60 22.86 99.95
C VAL GA 539 50.54 21.33 100.00
N LEU GA 540 50.64 20.70 98.84
CA LEU GA 540 50.77 19.26 98.79
C LEU GA 540 52.16 18.84 99.24
N ILE GA 541 52.23 17.80 100.06
CA ILE GA 541 53.48 17.27 100.56
C ILE GA 541 53.57 15.81 100.13
N PHE GA 542 54.54 15.50 99.29
CA PHE GA 542 54.77 14.15 98.81
C PHE GA 542 55.91 13.51 99.58
N GLY GA 543 55.79 12.20 99.80
CA GLY GA 543 56.82 11.47 100.50
C GLY GA 543 57.91 10.98 99.54
N LYS GA 544 59.15 11.05 100.00
CA LYS GA 544 60.25 10.47 99.25
C LYS GA 544 60.17 8.95 99.32
N GLN GA 545 60.97 8.29 98.48
CA GLN GA 545 60.96 6.83 98.46
C GLN GA 545 61.43 6.28 99.79
N GLY GA 546 60.69 5.31 100.31
CA GLY GA 546 61.02 4.70 101.58
C GLY GA 546 60.54 5.45 102.81
N SER GA 547 59.75 6.51 102.61
CA SER GA 547 59.31 7.34 103.75
C SER GA 547 58.24 6.60 104.55
N GLU GA 548 58.29 6.70 105.88
CA GLU GA 548 57.33 6.03 106.74
C GLU GA 548 56.00 6.78 106.74
N LYS GA 549 55.11 6.39 107.64
CA LYS GA 549 53.76 6.96 107.66
C LYS GA 549 53.60 8.05 108.71
N THR GA 550 54.20 7.89 109.89
CA THR GA 550 53.95 8.76 111.02
C THR GA 550 55.20 9.52 111.41
N ASN GA 551 55.08 10.86 111.48
CA ASN GA 551 56.09 11.73 112.07
C ASN GA 551 57.45 11.58 111.41
N VAL GA 552 57.47 11.63 110.08
CA VAL GA 552 58.73 11.64 109.35
C VAL GA 552 59.29 13.05 109.35
N ASP GA 553 60.61 13.16 109.24
CA ASP GA 553 61.26 14.45 109.27
C ASP GA 553 61.02 15.22 107.97
N ILE GA 554 61.40 16.49 107.97
CA ILE GA 554 61.19 17.32 106.79
C ILE GA 554 62.07 16.86 105.63
N GLU GA 555 63.26 16.32 105.92
CA GLU GA 555 64.12 15.81 104.86
C GLU GA 555 63.58 14.54 104.21
N LYS GA 556 62.57 13.91 104.81
CA LYS GA 556 61.94 12.73 104.25
C LYS GA 556 60.78 13.06 103.31
N VAL GA 557 60.38 14.32 103.22
CA VAL GA 557 59.25 14.72 102.40
C VAL GA 557 59.68 15.82 101.44
N MET GA 558 58.91 15.96 100.37
CA MET GA 558 59.13 16.99 99.36
C MET GA 558 57.92 17.91 99.34
N ILE GA 559 58.14 19.16 99.72
CA ILE GA 559 57.07 20.14 99.85
C ILE GA 559 56.95 20.91 98.54
N THR GA 560 55.74 20.96 97.98
CA THR GA 560 55.53 21.63 96.71
C THR GA 560 55.49 23.15 96.91
N ASP GA 561 55.64 23.86 95.80
CA ASP GA 561 55.63 25.34 95.84
C ASP GA 561 54.63 25.86 94.83
N GLU GA 562 53.79 26.79 95.24
CA GLU GA 562 52.80 27.44 94.40
C GLU GA 562 53.12 28.91 94.20
N GLU GA 563 54.40 29.21 93.96
CA GLU GA 563 54.82 30.59 93.81
C GLU GA 563 54.49 31.16 92.43
N GLU GA 564 54.22 30.31 91.44
CA GLU GA 564 53.94 30.81 90.10
C GLU GA 564 52.60 31.54 90.03
N ILE GA 565 51.74 31.39 91.03
CA ILE GA 565 50.42 32.00 91.02
C ILE GA 565 50.34 33.23 91.92
N ARG GA 566 51.48 33.69 92.45
CA ARG GA 566 51.47 34.88 93.28
C ARG GA 566 51.23 36.15 92.48
N THR GA 567 51.21 36.06 91.15
CA THR GA 567 50.87 37.22 90.32
C THR GA 567 49.41 37.61 90.48
N THR GA 568 48.51 36.63 90.67
CA THR GA 568 47.09 36.90 90.82
C THR GA 568 46.50 36.41 92.13
N ASN GA 569 47.16 35.52 92.84
CA ASN GA 569 46.61 34.95 94.07
C ASN GA 569 47.34 35.49 95.29
N PRO GA 570 46.62 35.77 96.37
CA PRO GA 570 47.28 36.27 97.58
C PRO GA 570 48.17 35.21 98.20
N VAL GA 571 49.20 35.67 98.91
CA VAL GA 571 50.07 34.76 99.63
C VAL GA 571 49.28 34.09 100.75
N ALA GA 572 49.49 32.78 100.90
CA ALA GA 572 48.66 31.99 101.80
C ALA GA 572 48.80 32.44 103.25
N THR GA 573 49.99 32.84 103.65
CA THR GA 573 50.27 33.14 105.05
C THR GA 573 50.05 34.61 105.40
N GLU GA 574 49.61 35.43 104.46
CA GLU GA 574 49.41 36.85 104.69
C GLU GA 574 47.94 37.20 104.49
N GLN GA 575 47.59 38.41 104.93
CA GLN GA 575 46.21 38.88 104.80
C GLN GA 575 45.91 39.22 103.34
N TYR GA 576 44.62 39.15 103.00
CA TYR GA 576 44.19 39.59 101.68
C TYR GA 576 44.41 41.08 101.50
N GLY GA 577 44.12 41.87 102.52
CA GLY GA 577 44.23 43.31 102.41
C GLY GA 577 43.72 43.98 103.68
N SER GA 578 43.30 45.24 103.52
CA SER GA 578 42.78 46.02 104.63
C SER GA 578 41.48 46.69 104.22
N VAL GA 579 40.57 46.82 105.20
CA VAL GA 579 39.31 47.51 105.02
C VAL GA 579 39.13 48.50 106.16
N SER GA 580 38.31 49.51 105.91
CA SER GA 580 37.98 50.47 106.96
C SER GA 580 37.01 49.86 107.96
N THR GA 581 37.14 50.27 109.22
CA THR GA 581 36.30 49.75 110.28
C THR GA 581 35.51 50.81 111.02
N ASN GA 582 35.72 52.09 110.73
CA ASN GA 582 35.00 53.15 111.41
C ASN GA 582 34.78 54.31 110.42
N LEU GA 583 34.32 55.44 110.94
CA LEU GA 583 34.10 56.64 110.15
C LEU GA 583 34.95 57.77 110.73
N GLN GA 584 35.98 58.17 110.01
CA GLN GA 584 36.83 59.27 110.45
C GLN GA 584 36.03 60.58 110.43
N ARG GA 585 36.39 61.43 111.38
CA ARG GA 585 35.66 62.72 111.54
C ARG GA 585 36.54 63.70 112.30
N GLY GA 586 36.50 64.97 111.91
CA GLY GA 586 37.21 66.00 112.63
C GLY GA 586 36.37 66.62 113.74
N ASN GA 587 36.96 67.64 114.38
CA ASN GA 587 36.29 68.28 115.55
C ASN GA 587 35.16 69.19 115.08
N THR GA 594 34.01 64.53 119.29
CA THR GA 594 35.49 64.67 119.27
C THR GA 594 36.02 64.17 117.92
N SER GA 595 37.34 64.21 117.69
CA SER GA 595 37.76 63.66 116.40
C SER GA 595 38.01 62.16 116.51
N ARG GA 596 37.82 61.47 115.39
CA ARG GA 596 38.07 60.04 115.29
C ARG GA 596 38.97 59.79 114.09
N GLN GA 597 40.10 59.12 114.31
CA GLN GA 597 41.02 58.83 113.23
C GLN GA 597 40.62 57.56 112.50
N ALA GA 598 40.92 57.51 111.21
CA ALA GA 598 40.56 56.37 110.39
C ALA GA 598 41.27 55.11 110.86
N ALA GA 599 40.52 54.01 110.93
CA ALA GA 599 41.03 52.74 111.41
C ALA GA 599 40.84 51.68 110.34
N THR GA 600 41.77 50.73 110.30
CA THR GA 600 41.75 49.64 109.32
C THR GA 600 41.98 48.32 110.04
N ALA GA 601 41.51 47.24 109.41
CA ALA GA 601 41.68 45.89 109.92
C ALA GA 601 42.16 44.98 108.81
N ASP GA 602 42.93 43.97 109.19
CA ASP GA 602 43.38 42.96 108.24
C ASP GA 602 42.22 42.05 107.86
N VAL GA 603 42.20 41.63 106.60
CA VAL GA 603 41.19 40.71 106.09
C VAL GA 603 41.86 39.36 105.95
N ASN GA 604 41.75 38.55 107.00
CA ASN GA 604 42.38 37.23 107.00
C ASN GA 604 41.59 36.20 106.20
N THR GA 605 40.31 36.45 105.95
CA THR GA 605 39.50 35.60 105.11
C THR GA 605 38.68 36.47 104.17
N GLN GA 606 38.74 36.18 102.88
CA GLN GA 606 38.06 36.97 101.86
C GLN GA 606 37.31 36.03 100.93
N GLY GA 607 35.99 36.22 100.84
CA GLY GA 607 35.18 35.50 99.88
C GLY GA 607 35.33 36.09 98.49
N VAL GA 608 34.66 35.44 97.55
CA VAL GA 608 34.74 35.87 96.15
C VAL GA 608 33.98 37.17 95.97
N LEU GA 609 34.63 38.14 95.34
CA LEU GA 609 34.06 39.43 95.00
C LEU GA 609 33.95 39.58 93.49
N PRO GA 610 33.00 40.37 93.00
CA PRO GA 610 32.96 40.65 91.56
C PRO GA 610 34.23 41.31 91.09
N GLY GA 611 34.72 40.90 89.92
CA GLY GA 611 35.97 41.38 89.39
C GLY GA 611 37.19 40.63 89.88
N MET GA 612 37.01 39.56 90.64
CA MET GA 612 38.16 38.79 91.19
C MET GA 612 38.67 37.78 90.16
N VAL GA 613 39.99 37.66 90.02
CA VAL GA 613 40.66 36.74 89.12
C VAL GA 613 41.68 35.94 89.92
N TRP GA 614 41.83 34.66 89.59
CA TRP GA 614 42.71 33.78 90.34
C TRP GA 614 43.16 32.63 89.44
N GLN GA 615 44.19 31.92 89.90
CA GLN GA 615 44.68 30.73 89.24
C GLN GA 615 44.43 29.52 90.15
N ASP GA 616 44.14 28.39 89.55
CA ASP GA 616 43.90 27.17 90.32
C ASP GA 616 45.22 26.56 90.77
N ARG GA 617 45.13 25.56 91.63
CA ARG GA 617 46.32 24.88 92.12
C ARG GA 617 46.97 24.08 90.99
N ASP GA 618 48.30 24.04 91.01
CA ASP GA 618 49.04 23.31 89.99
C ASP GA 618 48.88 21.81 90.16
N VAL GA 619 49.03 21.09 89.07
CA VAL GA 619 49.05 19.63 89.09
C VAL GA 619 50.49 19.17 88.99
N TYR GA 620 50.76 17.98 89.52
CA TYR GA 620 52.11 17.45 89.61
C TYR GA 620 52.14 16.04 89.03
N LEU GA 621 53.34 15.58 88.72
CA LEU GA 621 53.49 14.23 88.17
C LEU GA 621 53.02 13.19 89.19
N GLN GA 622 53.32 13.39 90.46
CA GLN GA 622 52.84 12.52 91.52
C GLN GA 622 51.45 12.89 92.01
N GLY GA 623 50.87 13.97 91.50
CA GLY GA 623 49.61 14.46 92.00
C GLY GA 623 48.41 13.80 91.37
N PRO GA 624 47.23 14.05 91.93
CA PRO GA 624 46.00 13.49 91.36
C PRO GA 624 45.62 14.18 90.06
N ILE GA 625 44.85 13.46 89.25
CA ILE GA 625 44.40 13.94 87.96
C ILE GA 625 43.02 14.58 88.05
N TRP GA 626 42.07 13.90 88.69
CA TRP GA 626 40.69 14.34 88.69
C TRP GA 626 40.06 14.10 90.05
N ALA GA 627 38.82 14.57 90.20
CA ALA GA 627 38.00 14.28 91.36
C ALA GA 627 36.55 14.42 90.95
N LYS GA 628 35.68 13.74 91.68
CA LYS GA 628 34.24 13.81 91.41
C LYS GA 628 33.64 15.02 92.11
N ILE GA 629 32.97 15.86 91.33
CA ILE GA 629 32.26 17.00 91.92
C ILE GA 629 31.08 16.48 92.73
N PRO GA 630 30.95 16.85 94.00
CA PRO GA 630 29.83 16.34 94.81
C PRO GA 630 28.49 16.72 94.21
N HIS GA 631 27.53 15.81 94.31
CA HIS GA 631 26.18 16.03 93.79
C HIS GA 631 25.44 16.93 94.77
N THR GA 632 25.54 18.24 94.54
CA THR GA 632 24.95 19.24 95.41
C THR GA 632 24.19 20.25 94.57
N ASP GA 633 23.31 20.99 95.21
CA ASP GA 633 22.48 21.99 94.49
C ASP GA 633 23.38 23.10 93.96
N GLY GA 634 24.37 23.52 94.74
CA GLY GA 634 25.24 24.60 94.32
C GLY GA 634 26.68 24.30 94.62
N HIS GA 635 27.54 24.86 93.77
CA HIS GA 635 28.99 24.82 93.95
C HIS GA 635 29.59 25.93 93.12
N PHE GA 636 30.71 26.47 93.59
CA PHE GA 636 31.39 27.56 92.90
C PHE GA 636 32.77 27.09 92.48
N HIS GA 637 33.06 27.22 91.19
CA HIS GA 637 34.35 26.85 90.61
C HIS GA 637 34.76 25.45 91.07
N PRO GA 638 34.12 24.40 90.56
CA PRO GA 638 34.36 23.03 91.05
C PRO GA 638 35.67 22.41 90.56
N SER GA 639 36.75 23.15 90.66
CA SER GA 639 38.08 22.59 90.50
C SER GA 639 38.53 21.98 91.82
N PRO GA 640 39.01 20.75 91.83
CA PRO GA 640 39.43 20.12 93.09
C PRO GA 640 40.52 20.93 93.77
N LEU GA 641 40.41 21.05 95.09
CA LEU GA 641 41.37 21.85 95.84
C LEU GA 641 42.74 21.21 95.89
N MET GA 642 42.80 19.88 95.83
CA MET GA 642 44.08 19.17 95.77
C MET GA 642 44.75 19.28 94.41
N GLY GA 643 44.06 19.79 93.41
CA GLY GA 643 44.61 19.95 92.08
C GLY GA 643 44.03 18.94 91.10
N GLY GA 644 43.76 19.41 89.89
CA GLY GA 644 43.23 18.53 88.86
C GLY GA 644 41.98 19.03 88.17
N PHE GA 645 41.22 18.10 87.60
CA PHE GA 645 40.04 18.42 86.81
C PHE GA 645 38.79 17.97 87.57
N GLY GA 646 37.86 18.90 87.77
CA GLY GA 646 36.60 18.57 88.38
C GLY GA 646 35.63 17.96 87.38
N LEU GA 647 35.14 16.76 87.66
CA LEU GA 647 34.29 16.02 86.74
C LEU GA 647 32.98 15.67 87.43
N LYS GA 648 31.86 16.06 86.81
CA LYS GA 648 30.56 15.65 87.31
C LYS GA 648 30.36 14.15 87.14
N HIS GA 649 30.89 13.59 86.05
CA HIS GA 649 30.87 12.15 85.79
C HIS GA 649 32.32 11.72 85.56
N PRO GA 650 33.07 11.47 86.63
CA PRO GA 650 34.48 11.09 86.49
C PRO GA 650 34.60 9.66 85.98
N PRO GA 651 35.81 9.20 85.67
CA PRO GA 651 35.99 7.80 85.30
C PRO GA 651 35.43 6.89 86.37
N PRO GA 652 34.59 5.93 86.00
CA PRO GA 652 33.91 5.11 87.00
C PRO GA 652 34.86 4.24 87.79
N GLN GA 653 34.47 3.95 89.03
CA GLN GA 653 35.22 3.01 89.84
C GLN GA 653 35.14 1.61 89.25
N ILE GA 654 36.27 0.93 89.19
CA ILE GA 654 36.36 -0.43 88.66
C ILE GA 654 36.59 -1.35 89.85
N LEU GA 655 35.59 -2.17 90.17
CA LEU GA 655 35.63 -3.04 91.33
C LEU GA 655 35.94 -4.47 90.89
N ILE GA 656 36.87 -5.11 91.59
CA ILE GA 656 37.31 -6.46 91.26
C ILE GA 656 37.44 -7.25 92.56
N LYS GA 657 37.00 -8.51 92.53
CA LYS GA 657 37.17 -9.39 93.69
C LYS GA 657 37.21 -10.82 93.22
N ASN GA 658 37.80 -11.69 94.05
CA ASN GA 658 37.85 -13.11 93.76
C ASN GA 658 36.54 -13.76 94.18
N THR GA 659 36.00 -14.60 93.32
CA THR GA 659 34.78 -15.32 93.65
C THR GA 659 35.08 -16.34 94.74
N PRO GA 660 34.33 -16.32 95.85
CA PRO GA 660 34.60 -17.29 96.92
C PRO GA 660 34.34 -18.72 96.47
N VAL GA 661 35.30 -19.59 96.71
CA VAL GA 661 35.19 -21.00 96.39
C VAL GA 661 35.05 -21.77 97.70
N PRO GA 662 33.89 -22.33 98.01
CA PRO GA 662 33.72 -23.04 99.28
C PRO GA 662 34.64 -24.24 99.39
N ALA GA 663 35.09 -24.51 100.60
CA ALA GA 663 35.89 -25.68 100.90
C ALA GA 663 34.98 -26.90 101.01
N ASN GA 664 35.49 -28.00 101.53
CA ASN GA 664 34.73 -29.24 101.58
C ASN GA 664 33.51 -29.08 102.47
N PRO GA 665 32.29 -29.27 101.95
CA PRO GA 665 31.10 -29.14 102.79
C PRO GA 665 30.80 -30.43 103.55
N SER GA 666 29.92 -30.27 104.53
CA SER GA 666 29.46 -31.43 105.34
C SER GA 666 28.47 -32.25 104.52
N THR GA 667 28.49 -33.56 104.68
CA THR GA 667 27.56 -34.43 103.98
C THR GA 667 26.13 -34.28 104.50
N THR GA 668 25.95 -33.67 105.65
CA THR GA 668 24.64 -33.37 106.20
C THR GA 668 24.32 -31.90 105.96
N PHE GA 669 23.07 -31.62 105.61
CA PHE GA 669 22.69 -30.24 105.30
C PHE GA 669 22.78 -29.36 106.53
N SER GA 670 23.33 -28.17 106.35
CA SER GA 670 23.41 -27.16 107.40
C SER GA 670 22.95 -25.82 106.83
N ALA GA 671 22.02 -25.18 107.52
CA ALA GA 671 21.51 -23.89 107.06
C ALA GA 671 22.44 -22.73 107.37
N ALA GA 672 23.49 -22.96 108.16
CA ALA GA 672 24.47 -21.92 108.44
C ALA GA 672 25.22 -21.55 107.17
N LYS GA 673 25.46 -20.26 107.00
CA LYS GA 673 26.20 -19.80 105.83
C LYS GA 673 27.63 -20.33 105.87
N PHE GA 674 28.19 -20.51 104.67
CA PHE GA 674 29.56 -21.08 104.56
C PHE GA 674 30.59 -20.16 105.19
N ALA GA 675 31.45 -20.73 106.03
CA ALA GA 675 32.53 -19.98 106.66
C ALA GA 675 33.91 -20.51 106.31
N SER GA 676 34.01 -21.65 105.62
CA SER GA 676 35.27 -22.23 105.21
C SER GA 676 35.40 -22.14 103.70
N PHE GA 677 36.52 -21.57 103.23
CA PHE GA 677 36.74 -21.36 101.82
C PHE GA 677 38.17 -21.78 101.47
N ILE GA 678 38.39 -22.04 100.19
CA ILE GA 678 39.73 -22.33 99.69
C ILE GA 678 40.49 -21.01 99.58
N THR GA 679 41.65 -20.94 100.22
CA THR GA 679 42.45 -19.73 100.16
C THR GA 679 42.97 -19.53 98.75
N GLN GA 680 42.77 -18.33 98.20
CA GLN GA 680 43.20 -18.07 96.84
C GLN GA 680 43.34 -16.57 96.61
N TYR GA 681 44.16 -16.24 95.62
CA TYR GA 681 44.35 -14.88 95.16
C TYR GA 681 44.38 -14.89 93.64
N SER GA 682 44.45 -13.71 93.05
CA SER GA 682 44.51 -13.60 91.60
C SER GA 682 45.60 -12.62 91.20
N THR GA 683 46.14 -12.83 90.00
CA THR GA 683 47.13 -11.93 89.42
C THR GA 683 46.79 -11.76 87.95
N GLY GA 684 47.24 -10.64 87.39
CA GLY GA 684 46.94 -10.37 86.00
C GLY GA 684 47.58 -9.07 85.56
N GLN GA 685 47.16 -8.61 84.38
CA GLN GA 685 47.66 -7.38 83.80
C GLN GA 685 46.52 -6.39 83.63
N VAL GA 686 46.83 -5.11 83.80
CA VAL GA 686 45.87 -4.03 83.66
C VAL GA 686 46.44 -3.00 82.69
N SER GA 687 45.62 -2.52 81.77
CA SER GA 687 46.02 -1.53 80.78
C SER GA 687 45.12 -0.31 80.87
N VAL GA 688 45.73 0.87 80.91
CA VAL GA 688 45.02 2.14 80.92
C VAL GA 688 45.57 2.99 79.79
N GLU GA 689 44.72 3.41 78.87
CA GLU GA 689 45.11 4.28 77.76
C GLU GA 689 44.26 5.54 77.80
N ILE GA 690 44.90 6.70 77.93
CA ILE GA 690 44.21 7.97 78.01
C ILE GA 690 44.68 8.86 76.88
N GLU GA 691 43.73 9.46 76.16
CA GLU GA 691 44.01 10.46 75.15
C GLU GA 691 43.88 11.84 75.78
N TRP GA 692 44.92 12.67 75.61
CA TRP GA 692 44.96 14.02 76.16
C TRP GA 692 44.99 15.02 75.02
N GLU GA 693 44.28 16.12 75.19
CA GLU GA 693 44.30 17.22 74.24
C GLU GA 693 45.27 18.30 74.72
N LEU GA 694 46.06 18.84 73.81
CA LEU GA 694 47.09 19.80 74.12
C LEU GA 694 46.70 21.19 73.62
N GLN GA 695 47.06 22.19 74.40
CA GLN GA 695 46.90 23.60 74.03
C GLN GA 695 48.30 24.13 73.72
N LYS GA 696 48.61 24.25 72.43
CA LYS GA 696 49.97 24.60 72.02
C LYS GA 696 50.31 26.03 72.42
N GLU GA 697 51.55 26.21 72.88
CA GLU GA 697 52.02 27.54 73.25
C GLU GA 697 52.17 28.41 72.00
N ASN GA 698 51.72 29.66 72.11
CA ASN GA 698 51.74 30.62 71.00
C ASN GA 698 52.33 31.94 71.50
N SER GA 699 53.44 31.86 72.22
CA SER GA 699 54.03 33.05 72.83
C SER GA 699 54.81 33.86 71.81
N LYS GA 700 54.98 35.16 72.08
CA LYS GA 700 55.77 36.06 71.20
C LYS GA 700 56.87 36.73 72.03
N ARG GA 701 57.22 36.17 73.19
CA ARG GA 701 58.33 36.73 73.95
C ARG GA 701 59.65 36.51 73.23
N TRP GA 702 60.60 37.41 73.47
CA TRP GA 702 61.86 37.39 72.76
C TRP GA 702 62.92 36.54 73.46
N ASN GA 703 63.12 36.79 74.74
CA ASN GA 703 64.16 36.08 75.49
C ASN GA 703 63.70 34.66 75.85
N PRO GA 704 64.63 33.70 76.08
CA PRO GA 704 64.24 32.32 76.36
C PRO GA 704 63.38 32.16 77.63
N GLU GA 705 62.67 31.05 77.77
CA GLU GA 705 61.74 30.83 78.91
C GLU GA 705 62.35 29.89 79.94
N ILE GA 706 61.73 29.76 81.11
CA ILE GA 706 62.22 28.70 82.04
C ILE GA 706 61.70 27.34 81.59
N GLN GA 707 62.57 26.33 81.51
CA GLN GA 707 62.15 24.99 81.16
C GLN GA 707 62.65 24.02 82.22
N TYR GA 708 61.89 22.96 82.44
CA TYR GA 708 62.37 21.89 83.31
C TYR GA 708 63.49 21.13 82.62
N THR GA 709 64.53 20.82 83.37
CA THR GA 709 65.71 20.17 82.81
C THR GA 709 66.36 19.28 83.85
N SER GA 710 67.11 18.31 83.36
CA SER GA 710 67.90 17.46 84.28
C SER GA 710 69.19 18.21 84.61
N ASN GA 711 69.86 17.88 85.70
CA ASN GA 711 71.09 18.65 86.03
C ASN GA 711 72.26 17.93 85.38
N TYR GA 712 73.13 18.66 84.68
CA TYR GA 712 74.22 18.02 83.91
C TYR GA 712 75.30 17.47 84.86
N ASN GA 713 75.49 18.07 86.03
CA ASN GA 713 76.60 17.61 86.86
C ASN GA 713 76.48 16.13 87.19
N LYS GA 714 77.64 15.51 87.38
CA LYS GA 714 77.69 14.07 87.70
C LYS GA 714 77.03 13.78 89.03
N SER GA 715 76.51 12.57 89.16
CA SER GA 715 75.87 12.16 90.39
C SER GA 715 75.98 10.66 90.52
N ILE GA 716 75.81 10.17 91.76
CA ILE GA 716 75.85 8.73 92.01
C ILE GA 716 74.68 8.04 91.29
N ASN GA 717 73.50 8.63 91.35
CA ASN GA 717 72.31 8.08 90.73
C ASN GA 717 71.71 9.08 89.75
N VAL GA 718 71.12 8.55 88.69
CA VAL GA 718 70.38 9.38 87.74
C VAL GA 718 68.97 9.61 88.28
N ASP GA 719 68.44 10.80 88.05
CA ASP GA 719 67.11 11.12 88.55
C ASP GA 719 66.05 10.32 87.80
N PHE GA 720 65.01 9.91 88.53
CA PHE GA 720 63.87 9.17 87.98
C PHE GA 720 64.32 7.86 87.33
N THR GA 721 65.27 7.19 87.96
CA THR GA 721 65.72 5.86 87.55
C THR GA 721 65.74 4.96 88.77
N VAL GA 722 66.27 3.76 88.60
CA VAL GA 722 66.40 2.80 89.69
C VAL GA 722 67.82 2.89 90.24
N ASP GA 723 67.98 2.54 91.51
CA ASP GA 723 69.29 2.52 92.14
C ASP GA 723 69.89 1.12 92.03
N THR GA 724 70.96 0.87 92.77
CA THR GA 724 71.64 -0.45 92.70
C THR GA 724 70.72 -1.52 93.28
N ASN GA 725 69.67 -1.12 94.00
CA ASN GA 725 68.68 -2.10 94.53
C ASN GA 725 67.52 -2.22 93.55
N GLY GA 726 67.58 -1.49 92.42
CA GLY GA 726 66.49 -1.53 91.43
C GLY GA 726 65.24 -0.83 91.96
N VAL GA 727 65.40 0.02 92.97
CA VAL GA 727 64.24 0.72 93.59
C VAL GA 727 64.00 2.03 92.83
N TYR GA 728 62.82 2.18 92.22
CA TYR GA 728 62.50 3.40 91.50
C TYR GA 728 62.13 4.51 92.48
N SER GA 729 62.65 5.70 92.23
CA SER GA 729 62.37 6.84 93.09
C SER GA 729 62.09 8.07 92.23
N GLU GA 730 61.30 8.98 92.78
CA GLU GA 730 61.02 10.27 92.14
C GLU GA 730 61.65 11.36 92.99
N PRO GA 731 62.80 11.92 92.58
CA PRO GA 731 63.56 12.78 93.48
C PRO GA 731 62.84 14.05 93.90
N ARG GA 732 62.01 14.65 93.05
CA ARG GA 732 61.36 15.91 93.38
C ARG GA 732 60.01 15.96 92.70
N PRO GA 733 59.07 16.77 93.21
CA PRO GA 733 57.83 16.99 92.49
C PRO GA 733 58.05 17.93 91.31
N ILE GA 734 57.43 17.59 90.18
CA ILE GA 734 57.49 18.42 88.99
C ILE GA 734 56.10 18.96 88.71
N GLY GA 735 55.98 20.28 88.67
CA GLY GA 735 54.74 20.92 88.29
C GLY GA 735 54.60 21.00 86.78
N THR GA 736 53.75 21.92 86.34
CA THR GA 736 53.55 22.14 84.91
C THR GA 736 53.77 23.56 84.47
N ARG GA 737 54.02 24.50 85.39
CA ARG GA 737 53.99 25.93 85.07
C ARG GA 737 55.41 26.42 84.85
N TYR GA 738 55.89 26.23 83.63
CA TYR GA 738 57.22 26.69 83.22
C TYR GA 738 57.17 27.71 82.09
N LEU GA 739 56.31 27.51 81.10
CA LEU GA 739 56.11 28.53 80.08
C LEU GA 739 55.35 29.72 80.68
N THR GA 740 55.41 30.85 80.00
CA THR GA 740 54.79 32.08 80.48
C THR GA 740 53.80 32.61 79.46
N ARG GA 741 52.76 33.25 80.00
CA ARG GA 741 51.75 33.92 79.14
C ARG GA 741 51.41 35.25 79.83
N ASN GA 742 51.07 36.29 79.06
CA ASN GA 742 50.66 37.57 79.62
C ASN GA 742 49.28 37.45 80.27
N LEU GA 743 49.03 38.31 81.25
CA LEU GA 743 47.73 38.36 81.91
C LEU GA 743 46.65 38.85 80.95
N ALA HA 218 -51.08 -46.05 53.07
CA ALA HA 218 -49.91 -45.16 53.22
C ALA HA 218 -48.87 -45.84 54.10
N ASP HA 219 -49.32 -46.51 55.15
CA ASP HA 219 -48.37 -47.10 56.13
C ASP HA 219 -48.76 -48.57 56.36
N GLY HA 220 -49.65 -49.09 55.52
CA GLY HA 220 -49.97 -50.53 55.64
C GLY HA 220 -50.14 -50.96 57.10
N VAL HA 221 -49.65 -52.16 57.43
CA VAL HA 221 -49.85 -52.69 58.80
C VAL HA 221 -48.49 -52.70 59.46
N GLY HA 222 -48.32 -51.95 60.53
CA GLY HA 222 -47.10 -51.90 61.30
C GLY HA 222 -46.32 -50.61 61.17
N ASN HA 223 -46.77 -49.67 60.35
CA ASN HA 223 -46.13 -48.37 60.23
C ASN HA 223 -47.08 -47.30 60.75
N SER HA 224 -46.60 -46.49 61.69
CA SER HA 224 -47.43 -45.46 62.28
C SER HA 224 -47.66 -44.33 61.27
N SER HA 225 -48.90 -43.83 61.23
CA SER HA 225 -49.28 -42.78 60.32
C SER HA 225 -49.36 -41.41 61.00
N GLY HA 226 -48.88 -41.30 62.23
CA GLY HA 226 -48.90 -40.01 62.91
C GLY HA 226 -48.20 -40.13 64.26
N ASN HA 227 -48.03 -38.98 64.88
CA ASN HA 227 -47.36 -38.87 66.18
C ASN HA 227 -48.26 -38.11 67.15
N TRP HA 228 -47.94 -38.23 68.43
CA TRP HA 228 -48.69 -37.55 69.49
C TRP HA 228 -48.16 -36.13 69.64
N HIS HA 229 -49.00 -35.16 69.31
CA HIS HA 229 -48.62 -33.72 69.42
C HIS HA 229 -49.63 -33.05 70.35
N CYS HA 230 -49.31 -32.95 71.63
CA CYS HA 230 -50.19 -32.25 72.60
C CYS HA 230 -49.32 -31.21 73.30
N ASP HA 231 -49.49 -29.93 72.99
CA ASP HA 231 -48.61 -28.89 73.58
C ASP HA 231 -49.08 -27.49 73.20
N SER HA 232 -48.45 -26.44 73.74
CA SER HA 232 -48.80 -25.11 73.28
C SER HA 232 -47.54 -24.27 73.17
N THR HA 233 -47.50 -23.41 72.14
CA THR HA 233 -46.37 -22.53 71.90
C THR HA 233 -46.85 -21.09 71.92
N TRP HA 234 -46.24 -20.27 72.75
CA TRP HA 234 -46.54 -18.84 72.83
C TRP HA 234 -45.45 -18.08 72.11
N MET HA 235 -45.84 -17.36 71.05
CA MET HA 235 -44.86 -16.58 70.25
C MET HA 235 -45.42 -15.17 70.01
N GLY HA 236 -45.06 -14.22 70.87
CA GLY HA 236 -45.51 -12.85 70.69
C GLY HA 236 -47.02 -12.74 70.85
N ASP HA 237 -47.68 -12.26 69.80
CA ASP HA 237 -49.12 -12.07 69.80
C ASP HA 237 -49.87 -13.30 69.31
N ARG HA 238 -49.27 -14.48 69.39
CA ARG HA 238 -49.92 -15.72 68.97
C ARG HA 238 -49.69 -16.80 70.00
N VAL HA 239 -50.68 -17.69 70.15
CA VAL HA 239 -50.52 -18.92 70.91
C VAL HA 239 -51.13 -20.04 70.09
N THR HA 240 -50.35 -21.09 69.83
CA THR HA 240 -50.80 -22.24 69.08
C THR HA 240 -50.97 -23.41 70.04
N THR HA 241 -52.19 -23.88 70.19
CA THR HA 241 -52.51 -25.00 71.07
C THR HA 241 -52.77 -26.24 70.22
N THR HA 242 -52.11 -27.34 70.55
CA THR HA 242 -52.29 -28.61 69.88
C THR HA 242 -52.72 -29.67 70.89
N SER HA 243 -53.68 -30.50 70.50
CA SER HA 243 -54.21 -31.52 71.39
C SER HA 243 -54.34 -32.84 70.64
N THR HA 244 -54.02 -33.94 71.31
CA THR HA 244 -54.21 -35.27 70.76
C THR HA 244 -55.00 -36.11 71.75
N ARG HA 245 -55.97 -36.87 71.23
CA ARG HA 245 -56.81 -37.72 72.05
C ARG HA 245 -56.97 -39.07 71.36
N THR HA 246 -57.34 -40.07 72.15
CA THR HA 246 -57.67 -41.40 71.64
C THR HA 246 -59.18 -41.55 71.64
N TRP HA 247 -59.74 -41.88 70.48
CA TRP HA 247 -61.18 -41.99 70.31
C TRP HA 247 -61.58 -43.42 70.00
N ALA HA 248 -62.83 -43.74 70.33
CA ALA HA 248 -63.45 -45.01 70.01
C ALA HA 248 -64.75 -44.76 69.28
N LEU HA 249 -64.92 -45.39 68.12
CA LEU HA 249 -66.11 -45.20 67.30
C LEU HA 249 -66.84 -46.52 67.12
N PRO HA 250 -68.01 -46.69 67.71
CA PRO HA 250 -68.78 -47.92 67.52
C PRO HA 250 -69.56 -47.87 66.21
N THR HA 251 -70.35 -48.92 65.99
CA THR HA 251 -71.30 -48.94 64.88
C THR HA 251 -72.63 -48.40 65.39
N TYR HA 252 -73.13 -47.36 64.73
CA TYR HA 252 -74.34 -46.68 65.18
C TYR HA 252 -75.53 -47.09 64.33
N ASN HA 253 -76.65 -47.36 65.00
CA ASN HA 253 -77.93 -47.72 64.37
C ASN HA 253 -77.84 -48.99 63.54
N ASN HA 254 -76.78 -49.79 63.73
CA ASN HA 254 -76.54 -50.98 62.94
C ASN HA 254 -76.49 -50.64 61.45
N HIS HA 255 -75.71 -49.60 61.12
CA HIS HA 255 -75.48 -49.13 59.75
C HIS HA 255 -76.75 -48.62 59.08
N LEU HA 256 -77.72 -48.12 59.83
CA LEU HA 256 -79.01 -47.73 59.28
C LEU HA 256 -79.31 -46.27 59.55
N TYR HA 257 -80.18 -45.70 58.72
CA TYR HA 257 -80.70 -44.35 58.99
C TYR HA 257 -82.11 -44.61 59.51
N LYS HA 258 -82.48 -44.05 60.65
CA LYS HA 258 -83.76 -44.27 61.30
C LYS HA 258 -84.45 -42.92 61.48
N GLN HA 259 -85.71 -42.84 61.04
CA GLN HA 259 -86.52 -41.67 61.30
C GLN HA 259 -86.86 -41.62 62.78
N ILE HA 260 -86.65 -40.45 63.40
CA ILE HA 260 -86.92 -40.26 64.81
C ILE HA 260 -87.90 -39.10 64.96
N SER HA 261 -88.67 -39.14 66.05
CA SER HA 261 -89.65 -38.10 66.31
C SER HA 261 -89.95 -38.11 67.81
N SER HA 262 -90.62 -37.05 68.26
CA SER HA 262 -91.01 -36.96 69.65
C SER HA 262 -92.03 -38.04 69.99
N GLN HA 263 -92.01 -38.45 71.25
CA GLN HA 263 -92.92 -39.54 71.68
C GLN HA 263 -94.34 -39.02 71.67
N SER HA 264 -95.28 -39.93 71.40
CA SER HA 264 -96.70 -39.53 71.49
C SER HA 264 -97.01 -39.16 72.95
N GLY HA 265 -97.84 -38.16 73.15
CA GLY HA 265 -98.18 -37.66 74.46
C GLY HA 265 -97.29 -36.54 74.97
N ALA HA 266 -96.22 -36.21 74.24
CA ALA HA 266 -95.37 -35.11 74.63
C ALA HA 266 -96.09 -33.78 74.43
N SER HA 267 -95.65 -32.77 75.16
CA SER HA 267 -96.22 -31.44 75.01
C SER HA 267 -95.84 -30.87 73.65
N ASN HA 268 -96.59 -29.83 73.24
CA ASN HA 268 -96.33 -29.21 71.94
C ASN HA 268 -94.95 -28.57 71.90
N ASP HA 269 -94.48 -28.03 73.03
CA ASP HA 269 -93.15 -27.41 73.05
C ASP HA 269 -92.05 -28.44 72.84
N ASN HA 270 -92.30 -29.70 73.19
CA ASN HA 270 -91.29 -30.75 73.10
C ASN HA 270 -91.43 -31.60 71.84
N HIS HA 271 -92.34 -31.26 70.94
CA HIS HA 271 -92.50 -32.03 69.72
C HIS HA 271 -91.35 -31.76 68.75
N TYR HA 272 -90.90 -32.82 68.07
CA TYR HA 272 -89.82 -32.69 67.11
C TYR HA 272 -89.89 -33.83 66.11
N PHE HA 273 -89.21 -33.63 64.99
CA PHE HA 273 -89.07 -34.65 63.95
C PHE HA 273 -87.67 -34.53 63.36
N GLY HA 274 -87.05 -35.66 63.08
CA GLY HA 274 -85.70 -35.64 62.54
C GLY HA 274 -85.27 -37.03 62.13
N TYR HA 275 -83.97 -37.15 61.88
CA TYR HA 275 -83.39 -38.41 61.45
C TYR HA 275 -82.13 -38.71 62.24
N SER HA 276 -81.91 -39.98 62.53
CA SER HA 276 -80.71 -40.46 63.19
C SER HA 276 -79.83 -41.16 62.16
N THR HA 277 -78.56 -40.77 62.09
CA THR HA 277 -77.66 -41.31 61.10
C THR HA 277 -76.69 -42.31 61.73
N PRO HA 278 -76.16 -43.26 60.96
CA PRO HA 278 -75.14 -44.17 61.49
C PRO HA 278 -73.75 -43.55 61.63
N TRP HA 279 -73.61 -42.27 61.34
CA TRP HA 279 -72.32 -41.60 61.40
C TRP HA 279 -72.09 -41.00 62.78
N GLY HA 280 -70.80 -40.78 63.09
CA GLY HA 280 -70.39 -40.00 64.22
C GLY HA 280 -69.73 -38.72 63.77
N TYR HA 281 -69.44 -37.85 64.73
CA TYR HA 281 -68.80 -36.57 64.42
C TYR HA 281 -67.80 -36.23 65.51
N PHE HA 282 -66.74 -35.53 65.10
CA PHE HA 282 -65.70 -35.09 66.02
C PHE HA 282 -65.98 -33.66 66.47
N ASP HA 283 -66.14 -33.48 67.78
CA ASP HA 283 -66.47 -32.18 68.35
C ASP HA 283 -65.30 -31.72 69.22
N PHE HA 284 -64.80 -30.52 68.94
CA PHE HA 284 -63.82 -29.87 69.80
C PHE HA 284 -64.21 -28.42 70.04
N ASN HA 285 -65.51 -28.15 70.15
CA ASN HA 285 -66.04 -26.80 70.35
C ASN HA 285 -66.15 -26.45 71.83
N ARG HA 286 -65.07 -26.68 72.58
CA ARG HA 286 -64.97 -26.28 73.97
C ARG HA 286 -63.52 -25.89 74.24
N PHE HA 287 -63.30 -24.87 75.06
CA PHE HA 287 -61.92 -24.35 75.25
C PHE HA 287 -61.02 -25.36 75.96
N HIS HA 288 -61.59 -26.20 76.83
CA HIS HA 288 -60.79 -27.20 77.60
C HIS HA 288 -60.18 -28.24 76.65
N CYS HA 289 -60.69 -28.35 75.42
CA CYS HA 289 -60.19 -29.32 74.41
C CYS HA 289 -58.84 -28.85 73.86
N HIS HA 290 -58.50 -27.57 74.05
CA HIS HA 290 -57.27 -27.03 73.51
C HIS HA 290 -56.38 -26.35 74.55
N PHE HA 291 -56.95 -25.77 75.60
CA PHE HA 291 -56.21 -25.05 76.62
C PHE HA 291 -56.16 -25.86 77.89
N SER HA 292 -54.95 -26.04 78.43
CA SER HA 292 -54.79 -26.54 79.78
C SER HA 292 -55.16 -25.44 80.77
N PRO HA 293 -55.48 -25.79 82.02
CA PRO HA 293 -55.77 -24.75 83.01
C PRO HA 293 -54.64 -23.73 83.18
N ARG HA 294 -53.38 -24.18 83.14
CA ARG HA 294 -52.26 -23.25 83.16
C ARG HA 294 -52.25 -22.37 81.91
N ASP HA 295 -52.57 -22.96 80.76
CA ASP HA 295 -52.67 -22.18 79.53
C ASP HA 295 -53.78 -21.14 79.63
N TRP HA 296 -54.92 -21.53 80.21
CA TRP HA 296 -56.01 -20.58 80.40
C TRP HA 296 -55.61 -19.44 81.34
N GLN HA 297 -54.91 -19.77 82.43
CA GLN HA 297 -54.46 -18.74 83.36
C GLN HA 297 -53.47 -17.80 82.70
N ARG HA 298 -52.56 -18.34 81.89
CA ARG HA 298 -51.63 -17.52 81.14
C ARG HA 298 -52.35 -16.63 80.13
N LEU HA 299 -53.43 -17.12 79.53
CA LEU HA 299 -54.18 -16.34 78.55
C LEU HA 299 -54.96 -15.21 79.22
N ILE HA 300 -55.67 -15.51 80.30
CA ILE HA 300 -56.63 -14.55 80.85
C ILE HA 300 -55.98 -13.52 81.77
N ASN HA 301 -54.80 -13.80 82.31
CA ASN HA 301 -54.14 -12.87 83.22
C ASN HA 301 -53.26 -11.86 82.51
N ASN HA 302 -53.07 -11.99 81.19
CA ASN HA 302 -52.11 -11.17 80.48
C ASN HA 302 -52.63 -10.55 79.20
N ASN HA 303 -53.80 -10.93 78.72
CA ASN HA 303 -54.31 -10.49 77.43
C ASN HA 303 -55.66 -9.80 77.60
N TRP HA 304 -55.86 -8.74 76.82
CA TRP HA 304 -57.13 -8.04 76.76
C TRP HA 304 -58.09 -8.63 75.75
N GLY HA 305 -57.65 -9.61 74.96
CA GLY HA 305 -58.53 -10.24 73.99
C GLY HA 305 -57.83 -11.35 73.26
N PHE HA 306 -58.63 -12.19 72.62
CA PHE HA 306 -58.11 -13.28 71.81
C PHE HA 306 -59.18 -13.72 70.82
N ARG HA 307 -58.73 -14.37 69.74
CA ARG HA 307 -59.63 -14.88 68.71
C ARG HA 307 -58.91 -15.97 67.95
N PRO HA 308 -59.64 -16.97 67.45
CA PRO HA 308 -59.01 -18.02 66.64
C PRO HA 308 -58.68 -17.53 65.24
N LYS HA 309 -57.59 -18.08 64.69
CA LYS HA 309 -57.08 -17.68 63.38
C LYS HA 309 -57.15 -18.80 62.36
N ARG HA 310 -56.63 -19.99 62.69
CA ARG HA 310 -56.67 -21.12 61.78
C ARG HA 310 -56.55 -22.39 62.60
N LEU HA 311 -56.97 -23.51 62.00
CA LEU HA 311 -56.88 -24.79 62.68
C LEU HA 311 -56.40 -25.86 61.71
N ASN HA 312 -55.81 -26.92 62.29
CA ASN HA 312 -55.36 -28.10 61.51
C ASN HA 312 -55.91 -29.33 62.23
N PHE HA 313 -56.44 -30.30 61.49
CA PHE HA 313 -57.09 -31.49 62.02
C PHE HA 313 -56.45 -32.72 61.41
N LYS HA 314 -56.28 -33.74 62.25
CA LYS HA 314 -55.69 -35.00 61.73
C LYS HA 314 -56.26 -36.25 62.41
N LEU HA 315 -56.58 -37.28 61.61
CA LEU HA 315 -56.94 -38.60 62.11
C LEU HA 315 -55.88 -39.58 61.65
N PHE HA 316 -55.38 -40.40 62.57
CA PHE HA 316 -54.26 -41.28 62.25
C PHE HA 316 -54.28 -42.47 63.19
N ASN HA 317 -53.41 -43.44 62.90
CA ASN HA 317 -53.29 -44.67 63.67
C ASN HA 317 -54.64 -45.36 63.84
N ILE HA 318 -55.35 -45.49 62.73
CA ILE HA 318 -56.70 -46.02 62.74
C ILE HA 318 -56.66 -47.54 62.79
N GLN HA 319 -57.33 -48.11 63.77
CA GLN HA 319 -57.43 -49.55 63.95
C GLN HA 319 -58.89 -49.96 63.94
N VAL HA 320 -59.23 -50.92 63.09
CA VAL HA 320 -60.58 -51.48 63.05
C VAL HA 320 -60.55 -52.83 63.75
N LYS HA 321 -61.36 -52.97 64.78
CA LYS HA 321 -61.42 -54.19 65.60
C LYS HA 321 -62.73 -54.90 65.33
N GLU HA 322 -62.64 -56.20 65.05
CA GLU HA 322 -63.81 -57.04 64.87
C GLU HA 322 -64.15 -57.74 66.18
N VAL HA 323 -65.41 -57.63 66.59
CA VAL HA 323 -65.90 -58.21 67.84
C VAL HA 323 -66.79 -59.39 67.52
N THR HA 324 -66.51 -60.52 68.16
CA THR HA 324 -67.34 -61.72 68.02
C THR HA 324 -67.73 -62.21 69.40
N GLN HA 325 -68.87 -62.90 69.47
CA GLN HA 325 -69.39 -63.41 70.74
C GLN HA 325 -69.89 -64.84 70.50
N ASN HA 326 -69.14 -65.81 71.01
CA ASN HA 326 -69.47 -67.21 70.83
C ASN HA 326 -69.54 -67.89 72.20
N ASP HA 327 -70.70 -68.46 72.51
CA ASP HA 327 -70.92 -69.17 73.77
C ASP HA 327 -70.61 -68.29 74.98
N GLY HA 328 -70.99 -67.02 74.92
CA GLY HA 328 -70.81 -66.11 76.03
C GLY HA 328 -69.43 -65.53 76.17
N THR HA 329 -68.55 -65.71 75.18
CA THR HA 329 -67.19 -65.20 75.23
C THR HA 329 -67.03 -64.07 74.23
N THR HA 330 -66.50 -62.94 74.68
CA THR HA 330 -66.25 -61.79 73.82
C THR HA 330 -64.79 -61.82 73.36
N THR HA 331 -64.59 -61.98 72.06
CA THR HA 331 -63.27 -62.05 71.46
C THR HA 331 -63.09 -60.88 70.50
N ILE HA 332 -62.00 -60.14 70.65
CA ILE HA 332 -61.70 -58.97 69.83
C ILE HA 332 -60.42 -59.26 69.05
N ALA HA 333 -60.50 -59.09 67.73
CA ALA HA 333 -59.35 -59.32 66.86
C ALA HA 333 -59.25 -58.18 65.87
N ASN HA 334 -58.04 -57.99 65.34
CA ASN HA 334 -57.82 -56.93 64.36
C ASN HA 334 -58.47 -57.26 63.03
N ASN HA 335 -58.91 -56.22 62.33
CA ASN HA 335 -59.43 -56.31 60.97
C ASN HA 335 -58.61 -55.34 60.13
N LEU HA 336 -57.56 -55.84 59.49
CA LEU HA 336 -56.62 -54.98 58.78
C LEU HA 336 -57.13 -54.51 57.42
N THR HA 337 -58.23 -55.09 56.93
CA THR HA 337 -58.76 -54.73 55.62
C THR HA 337 -60.01 -53.85 55.68
N SER HA 338 -60.56 -53.62 56.87
CA SER HA 338 -61.73 -52.77 56.99
C SER HA 338 -61.32 -51.30 56.94
N THR HA 339 -62.27 -50.45 56.55
CA THR HA 339 -62.05 -49.02 56.39
C THR HA 339 -62.98 -48.24 57.31
N VAL HA 340 -62.66 -46.95 57.44
CA VAL HA 340 -63.54 -45.97 58.06
C VAL HA 340 -63.68 -44.80 57.09
N GLN HA 341 -64.91 -44.32 56.93
CA GLN HA 341 -65.21 -43.23 56.01
C GLN HA 341 -65.20 -41.90 56.76
N VAL HA 342 -64.40 -40.96 56.27
CA VAL HA 342 -64.26 -39.65 56.89
C VAL HA 342 -64.45 -38.59 55.83
N PHE HA 343 -65.29 -37.59 56.11
CA PHE HA 343 -65.40 -36.43 55.24
C PHE HA 343 -65.77 -35.21 56.08
N THR HA 344 -65.37 -34.04 55.59
CA THR HA 344 -65.69 -32.78 56.23
C THR HA 344 -66.75 -32.05 55.41
N ASP HA 345 -67.76 -31.54 56.10
CA ASP HA 345 -68.86 -30.81 55.45
C ASP HA 345 -68.42 -29.36 55.22
N SER HA 346 -67.50 -29.16 54.29
CA SER HA 346 -66.90 -27.82 54.06
C SER HA 346 -67.86 -26.91 53.28
N GLU HA 347 -68.86 -27.48 52.63
CA GLU HA 347 -69.85 -26.65 51.95
C GLU HA 347 -71.08 -26.38 52.81
N TYR HA 348 -71.11 -26.89 54.05
CA TYR HA 348 -72.20 -26.64 54.99
C TYR HA 348 -73.55 -27.03 54.41
N GLN HA 349 -73.60 -28.20 53.77
CA GLN HA 349 -74.83 -28.73 53.20
C GLN HA 349 -75.61 -29.60 54.17
N LEU HA 350 -75.06 -29.90 55.34
CA LEU HA 350 -75.71 -30.69 56.37
C LEU HA 350 -76.13 -29.81 57.53
N PRO HA 351 -77.16 -30.20 58.27
CA PRO HA 351 -77.55 -29.43 59.46
C PRO HA 351 -76.41 -29.36 60.46
N TYR HA 352 -76.07 -28.14 60.87
CA TYR HA 352 -74.93 -27.90 61.74
C TYR HA 352 -75.36 -28.12 63.19
N VAL HA 353 -74.99 -29.28 63.74
CA VAL HA 353 -75.35 -29.62 65.12
C VAL HA 353 -74.27 -29.23 66.12
N LEU HA 354 -73.08 -28.84 65.66
CA LEU HA 354 -72.12 -28.23 66.55
C LEU HA 354 -72.60 -26.86 67.00
N GLY HA 355 -72.15 -26.44 68.18
CA GLY HA 355 -72.58 -25.19 68.74
C GLY HA 355 -73.89 -25.24 69.50
N SER HA 356 -74.41 -26.43 69.79
CA SER HA 356 -75.59 -26.59 70.64
C SER HA 356 -75.23 -27.08 72.04
N ALA HA 357 -73.96 -26.96 72.43
CA ALA HA 357 -73.49 -27.36 73.76
C ALA HA 357 -73.77 -28.83 74.05
N HIS HA 358 -73.39 -29.69 73.10
CA HIS HA 358 -73.62 -31.11 73.21
C HIS HA 358 -72.42 -31.82 73.80
N GLN HA 359 -72.68 -32.92 74.51
CA GLN HA 359 -71.63 -33.75 75.06
C GLN HA 359 -70.96 -34.57 73.95
N GLY HA 360 -69.79 -35.12 74.27
CA GLY HA 360 -69.03 -35.89 73.31
C GLY HA 360 -67.81 -35.20 72.74
N CYS HA 361 -67.37 -34.10 73.36
CA CYS HA 361 -66.21 -33.37 72.88
C CYS HA 361 -64.92 -34.12 73.23
N LEU HA 362 -63.80 -33.54 72.82
CA LEU HA 362 -62.51 -34.05 73.25
C LEU HA 362 -62.36 -33.81 74.75
N PRO HA 363 -62.01 -34.84 75.54
CA PRO HA 363 -61.97 -34.66 76.98
C PRO HA 363 -60.90 -33.65 77.37
N PRO HA 364 -61.13 -32.88 78.43
CA PRO HA 364 -60.13 -31.88 78.83
C PRO HA 364 -58.79 -32.47 79.20
N PHE HA 365 -58.77 -33.66 79.81
CA PHE HA 365 -57.52 -34.30 80.18
C PHE HA 365 -56.98 -35.11 79.00
N PRO HA 366 -55.73 -34.85 78.58
CA PRO HA 366 -55.21 -35.54 77.38
C PRO HA 366 -55.13 -37.05 77.50
N ALA HA 367 -55.15 -37.60 78.71
CA ALA HA 367 -55.02 -39.03 78.91
C ALA HA 367 -56.35 -39.78 78.83
N ASP HA 368 -57.47 -39.07 78.70
CA ASP HA 368 -58.78 -39.71 78.69
C ASP HA 368 -59.14 -40.16 77.27
N VAL HA 369 -59.81 -41.31 77.19
CA VAL HA 369 -60.30 -41.86 75.93
C VAL HA 369 -61.80 -41.62 75.85
N PHE HA 370 -62.27 -41.13 74.72
CA PHE HA 370 -63.65 -40.71 74.56
C PHE HA 370 -64.32 -41.42 73.39
N MET HA 371 -65.63 -41.60 73.52
CA MET HA 371 -66.45 -42.17 72.45
C MET HA 371 -66.91 -41.06 71.51
N VAL HA 372 -66.94 -41.37 70.23
CA VAL HA 372 -67.38 -40.42 69.20
C VAL HA 372 -68.90 -40.32 69.23
N PRO HA 373 -69.46 -39.13 69.42
CA PRO HA 373 -70.91 -39.01 69.51
C PRO HA 373 -71.60 -39.29 68.18
N GLN HA 374 -72.83 -39.80 68.27
CA GLN HA 374 -73.61 -40.12 67.10
C GLN HA 374 -74.21 -38.86 66.49
N TYR HA 375 -74.13 -38.75 65.17
CA TYR HA 375 -74.65 -37.59 64.47
C TYR HA 375 -76.14 -37.75 64.21
N GLY HA 376 -76.89 -36.68 64.44
CA GLY HA 376 -78.32 -36.65 64.16
C GLY HA 376 -78.78 -35.22 64.02
N TYR HA 377 -79.87 -35.05 63.28
CA TYR HA 377 -80.37 -33.72 62.99
C TYR HA 377 -81.89 -33.71 63.07
N LEU HA 378 -82.44 -32.52 63.27
CA LEU HA 378 -83.88 -32.31 63.27
C LEU HA 378 -84.28 -31.45 62.09
N THR HA 379 -85.49 -31.71 61.58
CA THR HA 379 -86.04 -30.94 60.48
C THR HA 379 -87.41 -30.41 60.88
N LEU HA 380 -88.13 -29.83 59.93
CA LEU HA 380 -89.46 -29.23 60.22
C LEU HA 380 -90.42 -30.32 60.70
N ASN HA 381 -91.26 -29.98 61.67
CA ASN HA 381 -92.26 -30.94 62.18
C ASN HA 381 -93.59 -30.25 62.45
N ASN HA 382 -94.70 -30.91 62.15
CA ASN HA 382 -96.03 -30.39 62.55
C ASN HA 382 -96.45 -31.35 63.65
N GLY HA 383 -96.02 -31.12 64.89
CA GLY HA 383 -96.28 -32.10 65.95
C GLY HA 383 -95.22 -33.19 65.87
N SER HA 384 -95.62 -34.45 66.04
CA SER HA 384 -94.67 -35.55 65.87
C SER HA 384 -94.48 -35.95 64.42
N GLN HA 385 -95.28 -35.40 63.50
CA GLN HA 385 -95.19 -35.72 62.09
C GLN HA 385 -94.30 -34.73 61.36
N ALA HA 386 -94.08 -34.99 60.08
CA ALA HA 386 -93.29 -34.14 59.21
C ALA HA 386 -94.18 -33.39 58.24
N VAL HA 387 -93.59 -32.41 57.57
CA VAL HA 387 -94.27 -31.65 56.52
C VAL HA 387 -93.52 -31.86 55.21
N GLY HA 388 -94.10 -31.33 54.13
CA GLY HA 388 -93.49 -31.50 52.83
C GLY HA 388 -92.16 -30.79 52.69
N ARG HA 389 -91.94 -29.75 53.49
CA ARG HA 389 -90.69 -29.00 53.45
C ARG HA 389 -89.57 -29.66 54.26
N SER HA 390 -89.87 -30.70 55.02
CA SER HA 390 -88.84 -31.39 55.80
C SER HA 390 -87.80 -32.01 54.86
N SER HA 391 -86.54 -31.90 55.26
CA SER HA 391 -85.42 -32.34 54.43
C SER HA 391 -84.80 -33.60 55.03
N PHE HA 392 -84.45 -34.53 54.14
CA PHE HA 392 -83.73 -35.75 54.51
C PHE HA 392 -82.35 -35.71 53.87
N TYR HA 393 -81.34 -36.09 54.64
CA TYR HA 393 -79.96 -36.07 54.20
C TYR HA 393 -79.33 -37.44 54.37
N CYS HA 394 -78.79 -37.98 53.29
CA CYS HA 394 -78.00 -39.20 53.32
C CYS HA 394 -76.53 -38.79 53.26
N LEU HA 395 -75.78 -39.14 54.31
CA LEU HA 395 -74.38 -38.77 54.41
C LEU HA 395 -73.47 -39.60 53.51
N GLU HA 396 -73.96 -40.71 52.98
CA GLU HA 396 -73.22 -41.47 51.98
C GLU HA 396 -73.34 -40.86 50.59
N TYR HA 397 -74.13 -39.79 50.45
CA TYR HA 397 -74.28 -39.07 49.15
C TYR HA 397 -73.21 -37.99 49.05
N PHE HA 398 -72.33 -37.92 50.03
CA PHE HA 398 -71.17 -37.04 50.05
C PHE HA 398 -69.92 -37.82 49.70
N PRO HA 399 -68.96 -37.20 49.01
CA PRO HA 399 -67.66 -37.87 48.80
C PRO HA 399 -66.90 -37.95 50.11
N SER HA 400 -66.50 -39.16 50.47
CA SER HA 400 -65.77 -39.41 51.71
C SER HA 400 -64.49 -40.17 51.41
N GLN HA 401 -63.52 -40.03 52.31
CA GLN HA 401 -62.23 -40.68 52.19
C GLN HA 401 -62.24 -41.97 53.02
N MET HA 402 -61.86 -43.08 52.39
CA MET HA 402 -61.84 -44.38 53.03
C MET HA 402 -60.43 -44.65 53.56
N LEU HA 403 -60.33 -45.01 54.83
CA LEU HA 403 -59.05 -45.16 55.52
C LEU HA 403 -58.94 -46.56 56.09
N ARG HA 404 -57.94 -47.31 55.64
CA ARG HA 404 -57.58 -48.58 56.26
C ARG HA 404 -56.59 -48.31 57.39
N THR HA 405 -56.13 -49.38 58.04
CA THR HA 405 -55.05 -49.22 59.04
C THR HA 405 -53.79 -48.84 58.28
N GLY HA 406 -53.23 -47.69 58.56
CA GLY HA 406 -52.10 -47.15 57.84
C GLY HA 406 -52.40 -45.92 57.02
N ASN HA 407 -53.68 -45.58 56.85
CA ASN HA 407 -54.07 -44.35 56.19
C ASN HA 407 -54.40 -43.28 57.22
N ASN HA 408 -54.19 -42.02 56.85
CA ASN HA 408 -54.48 -40.90 57.72
C ASN HA 408 -55.32 -39.87 56.96
N PHE HA 409 -56.02 -39.04 57.72
CA PHE HA 409 -56.85 -37.98 57.19
C PHE HA 409 -56.38 -36.66 57.77
N THR HA 410 -56.45 -35.60 56.97
CA THR HA 410 -56.08 -34.28 57.44
C THR HA 410 -56.80 -33.22 56.62
N PHE HA 411 -57.00 -32.06 57.26
CA PHE HA 411 -57.53 -30.90 56.55
C PHE HA 411 -57.21 -29.65 57.36
N SER HA 412 -57.13 -28.52 56.67
CA SER HA 412 -56.82 -27.25 57.28
C SER HA 412 -57.97 -26.27 57.06
N TYR HA 413 -58.22 -25.44 58.05
CA TYR HA 413 -59.31 -24.47 58.01
C TYR HA 413 -58.81 -23.12 58.50
N THR HA 414 -59.28 -22.06 57.89
CA THR HA 414 -58.95 -20.70 58.29
C THR HA 414 -60.19 -20.01 58.82
N PHE HA 415 -60.12 -19.50 60.05
CA PHE HA 415 -61.23 -18.76 60.62
C PHE HA 415 -61.41 -17.44 59.88
N GLU HA 416 -62.66 -17.01 59.75
CA GLU HA 416 -62.95 -15.69 59.23
C GLU HA 416 -62.58 -14.63 60.28
N ASP HA 417 -62.51 -13.39 59.83
CA ASP HA 417 -62.19 -12.28 60.73
C ASP HA 417 -63.33 -12.09 61.72
N VAL HA 418 -63.02 -12.16 63.01
CA VAL HA 418 -64.01 -11.99 64.07
C VAL HA 418 -63.44 -11.04 65.11
N PRO HA 419 -64.32 -10.35 65.86
CA PRO HA 419 -63.83 -9.46 66.91
C PRO HA 419 -63.11 -10.25 68.01
N PHE HA 420 -62.12 -9.60 68.61
CA PHE HA 420 -61.47 -10.17 69.79
C PHE HA 420 -62.48 -10.30 70.92
N HIS HA 421 -62.43 -11.43 71.62
CA HIS HA 421 -63.25 -11.59 72.82
C HIS HA 421 -62.79 -10.60 73.88
N SER HA 422 -63.77 -9.94 74.51
CA SER HA 422 -63.48 -8.95 75.57
C SER HA 422 -63.06 -9.65 76.86
N SER HA 423 -61.80 -10.08 76.95
CA SER HA 423 -61.30 -10.74 78.15
C SER HA 423 -60.84 -9.72 79.19
N TYR HA 424 -61.73 -8.79 79.51
CA TYR HA 424 -61.45 -7.75 80.48
C TYR HA 424 -62.75 -7.33 81.13
N ALA HA 425 -62.64 -6.72 82.30
CA ALA HA 425 -63.76 -6.10 82.99
C ALA HA 425 -63.54 -4.59 83.03
N HIS HA 426 -64.60 -3.84 82.74
CA HIS HA 426 -64.48 -2.38 82.76
C HIS HA 426 -64.26 -1.88 84.18
N SER HA 427 -63.28 -1.00 84.34
CA SER HA 427 -63.02 -0.36 85.62
C SER HA 427 -63.83 0.92 85.81
N GLN HA 428 -64.66 1.28 84.84
CA GLN HA 428 -65.58 2.40 84.95
C GLN HA 428 -66.99 1.92 84.68
N SER HA 429 -67.96 2.58 85.32
CA SER HA 429 -69.37 2.32 85.07
C SER HA 429 -69.89 3.30 84.03
N LEU HA 430 -70.90 2.87 83.27
CA LEU HA 430 -71.44 3.70 82.21
C LEU HA 430 -72.12 4.96 82.75
N ASP HA 431 -72.53 4.93 84.02
CA ASP HA 431 -73.23 6.10 84.63
C ASP HA 431 -72.26 6.94 85.45
N ARG HA 432 -70.96 6.61 85.41
CA ARG HA 432 -69.93 7.32 86.17
C ARG HA 432 -68.75 7.67 85.26
N LEU HA 433 -69.03 8.19 84.08
CA LEU HA 433 -68.02 8.52 83.10
C LEU HA 433 -67.63 9.99 83.10
N MET HA 434 -68.12 10.77 84.06
CA MET HA 434 -67.94 12.21 84.06
C MET HA 434 -66.75 12.60 84.95
N ASN HA 435 -66.47 13.91 84.98
CA ASN HA 435 -65.49 14.48 85.87
C ASN HA 435 -66.20 14.94 87.13
N PRO HA 436 -65.96 14.34 88.29
CA PRO HA 436 -66.73 14.69 89.50
C PRO HA 436 -66.39 16.08 90.04
N LEU HA 437 -65.34 16.72 89.55
CA LEU HA 437 -64.91 18.01 90.08
C LEU HA 437 -65.57 19.19 89.38
N ILE HA 438 -66.03 19.03 88.15
CA ILE HA 438 -66.53 20.12 87.33
C ILE HA 438 -68.03 19.90 87.11
N ASP HA 439 -68.81 20.96 87.29
CA ASP HA 439 -70.23 20.91 86.98
C ASP HA 439 -70.46 20.89 85.47
N GLN HA 440 -71.61 20.39 85.07
CA GLN HA 440 -72.03 20.46 83.69
C GLN HA 440 -72.61 21.83 83.37
N TYR HA 441 -72.45 22.25 82.11
CA TYR HA 441 -73.09 23.48 81.66
C TYR HA 441 -74.55 23.27 81.26
N LEU HA 442 -74.99 22.03 81.11
CA LEU HA 442 -76.37 21.74 80.77
C LEU HA 442 -77.23 21.75 82.02
N TYR HA 443 -78.51 22.10 81.83
CA TYR HA 443 -79.47 22.18 82.92
C TYR HA 443 -80.46 21.02 82.82
N TYR HA 444 -80.97 20.62 83.98
CA TYR HA 444 -82.02 19.61 84.06
C TYR HA 444 -83.11 20.12 84.98
N LEU HA 445 -84.34 19.68 84.73
CA LEU HA 445 -85.47 20.04 85.58
C LEU HA 445 -85.28 19.40 86.96
N SER HA 446 -84.98 20.22 87.96
CA SER HA 446 -84.71 19.72 89.30
C SER HA 446 -85.90 19.86 90.24
N ARG HA 447 -86.70 20.88 90.03
CA ARG HA 447 -87.91 21.05 90.88
C ARG HA 447 -89.13 21.32 90.02
N THR HA 448 -90.29 20.90 90.50
CA THR HA 448 -91.54 21.10 89.79
C THR HA 448 -92.54 21.96 90.55
N ASN HA 449 -92.23 22.36 91.79
CA ASN HA 449 -93.11 23.24 92.56
C ASN HA 449 -92.27 23.97 93.60
N THR HA 450 -92.85 25.02 94.16
CA THR HA 450 -92.23 25.80 95.21
C THR HA 450 -93.23 26.07 96.32
N PRO HA 451 -92.79 26.27 97.58
CA PRO HA 451 -93.72 26.61 98.66
C PRO HA 451 -94.42 27.93 98.31
N SER HA 452 -95.75 27.92 98.31
CA SER HA 452 -96.52 29.17 98.05
C SER HA 452 -97.52 29.35 99.19
N GLY HA 453 -97.41 30.44 99.95
CA GLY HA 453 -98.29 30.61 101.13
C GLY HA 453 -98.10 29.46 102.10
N THR HA 454 -99.18 28.78 102.47
CA THR HA 454 -99.09 27.60 103.36
C THR HA 454 -99.38 26.35 102.53
N THR HA 455 -99.56 26.52 101.22
CA THR HA 455 -99.79 25.37 100.30
C THR HA 455 -98.58 25.25 99.36
N THR HA 456 -98.78 24.68 98.18
CA THR HA 456 -97.69 24.60 97.17
C THR HA 456 -98.18 25.19 95.85
N GLN HA 457 -97.24 25.67 95.03
CA GLN HA 457 -97.59 26.23 93.73
C GLN HA 457 -96.66 25.66 92.67
N SER HA 458 -97.22 25.33 91.50
CA SER HA 458 -96.42 24.75 90.43
C SER HA 458 -95.43 25.76 89.90
N ARG HA 459 -94.16 25.36 89.81
CA ARG HA 459 -93.10 26.25 89.35
C ARG HA 459 -91.92 25.40 88.92
N LEU HA 460 -91.52 25.52 87.66
CA LEU HA 460 -90.40 24.75 87.13
C LEU HA 460 -89.08 25.43 87.46
N GLN HA 461 -88.11 24.65 87.93
CA GLN HA 461 -86.77 25.13 88.20
C GLN HA 461 -85.75 24.16 87.62
N PHE HA 462 -84.58 24.69 87.28
CA PHE HA 462 -83.54 23.92 86.61
C PHE HA 462 -82.21 24.12 87.32
N SER HA 463 -81.39 23.08 87.33
CA SER HA 463 -80.10 23.11 87.99
C SER HA 463 -79.05 22.49 87.07
N GLN HA 464 -77.80 22.86 87.32
CA GLN HA 464 -76.67 22.23 86.66
C GLN HA 464 -76.18 21.07 87.51
N ALA HA 465 -75.97 19.92 86.88
CA ALA HA 465 -75.64 18.70 87.61
C ALA HA 465 -74.15 18.65 87.92
N GLY HA 466 -73.82 18.26 89.14
CA GLY HA 466 -72.45 18.07 89.60
C GLY HA 466 -72.31 16.72 90.27
N ALA HA 467 -71.45 16.68 91.30
CA ALA HA 467 -71.19 15.45 92.01
C ALA HA 467 -72.31 15.10 92.99
N SER HA 468 -72.91 16.11 93.62
CA SER HA 468 -73.93 15.85 94.64
C SER HA 468 -75.20 15.28 94.03
N ASP HA 469 -75.56 15.70 92.82
CA ASP HA 469 -76.71 15.18 92.11
C ASP HA 469 -76.25 14.46 90.85
N ILE HA 470 -75.24 13.61 91.01
CA ILE HA 470 -74.57 12.94 89.90
C ILE HA 470 -75.53 12.07 89.09
N ARG HA 471 -76.65 11.65 89.67
CA ARG HA 471 -77.59 10.80 88.95
C ARG HA 471 -78.34 11.57 87.87
N ASP HA 472 -78.37 12.90 87.93
CA ASP HA 472 -79.13 13.71 86.99
C ASP HA 472 -78.28 14.26 85.85
N GLN HA 473 -77.02 13.85 85.76
CA GLN HA 473 -76.13 14.38 84.74
C GLN HA 473 -76.56 13.94 83.35
N SER HA 474 -76.44 14.85 82.38
CA SER HA 474 -76.71 14.49 81.00
C SER HA 474 -75.64 13.55 80.48
N ARG HA 475 -76.06 12.51 79.77
CA ARG HA 475 -75.16 11.46 79.33
C ARG HA 475 -75.38 11.17 77.84
N ASN HA 476 -74.37 10.57 77.23
CA ASN HA 476 -74.37 10.31 75.80
C ASN HA 476 -74.76 8.87 75.44
N TRP HA 477 -74.78 7.96 76.41
CA TRP HA 477 -74.94 6.54 76.13
C TRP HA 477 -75.96 5.93 77.07
N LEU HA 478 -76.40 4.72 76.72
CA LEU HA 478 -77.41 3.97 77.45
C LEU HA 478 -76.93 2.55 77.69
N PRO HA 479 -77.41 1.90 78.75
CA PRO HA 479 -77.06 0.50 78.97
C PRO HA 479 -77.70 -0.40 77.92
N GLY HA 480 -77.07 -1.55 77.71
CA GLY HA 480 -77.49 -2.48 76.67
C GLY HA 480 -78.88 -3.04 76.85
N PRO HA 481 -79.33 -3.83 75.87
CA PRO HA 481 -80.71 -4.33 75.91
C PRO HA 481 -80.91 -5.36 77.00
N CYS HA 482 -82.20 -5.53 77.33
CA CYS HA 482 -82.59 -6.37 78.49
C CYS HA 482 -83.75 -7.29 78.13
N TYR HA 483 -83.79 -8.48 78.74
CA TYR HA 483 -84.93 -9.39 78.62
C TYR HA 483 -85.06 -10.06 79.99
N ARG HA 484 -85.94 -9.52 80.83
CA ARG HA 484 -85.87 -9.77 82.27
C ARG HA 484 -86.02 -11.26 82.60
N GLN HA 485 -85.21 -11.70 83.56
CA GLN HA 485 -85.22 -13.07 84.07
C GLN HA 485 -85.72 -13.08 85.51
N GLN HA 486 -86.30 -14.19 85.92
CA GLN HA 486 -86.69 -14.35 87.31
C GLN HA 486 -85.45 -14.57 88.18
N ARG HA 487 -85.50 -14.03 89.40
CA ARG HA 487 -84.39 -14.11 90.32
C ARG HA 487 -84.58 -15.30 91.26
N VAL HA 488 -83.51 -16.11 91.32
CA VAL HA 488 -83.48 -17.30 92.21
C VAL HA 488 -82.26 -17.13 93.11
N SER HA 489 -82.29 -17.71 94.32
CA SER HA 489 -81.22 -17.59 95.28
C SER HA 489 -80.55 -18.94 95.50
N LYS HA 490 -79.23 -18.91 95.70
CA LYS HA 490 -78.47 -20.15 95.96
C LYS HA 490 -78.86 -20.67 97.35
N THR HA 491 -79.27 -19.79 98.27
CA THR HA 491 -79.79 -20.22 99.59
C THR HA 491 -81.21 -20.73 99.34
N SER HA 492 -81.47 -22.02 99.54
CA SER HA 492 -82.79 -22.60 99.19
C SER HA 492 -83.95 -21.94 99.93
N ALA HA 493 -83.84 -21.72 101.24
CA ALA HA 493 -84.96 -21.18 102.01
C ALA HA 493 -85.44 -19.85 101.44
N ASP HA 494 -84.57 -19.11 100.76
CA ASP HA 494 -84.93 -17.79 100.23
C ASP HA 494 -85.87 -17.87 99.04
N ASN HA 495 -86.05 -19.04 98.45
CA ASN HA 495 -86.86 -19.18 97.25
C ASN HA 495 -88.31 -19.49 97.61
N ASN HA 496 -89.20 -19.19 96.67
CA ASN HA 496 -90.61 -19.46 96.87
C ASN HA 496 -90.88 -20.96 96.90
N ASN HA 497 -91.76 -21.39 97.79
CA ASN HA 497 -92.08 -22.81 97.96
C ASN HA 497 -93.16 -23.20 96.95
N SER HA 498 -92.74 -23.27 95.68
CA SER HA 498 -93.62 -23.64 94.59
C SER HA 498 -92.79 -24.12 93.42
N GLU HA 499 -93.46 -24.71 92.43
CA GLU HA 499 -92.78 -25.16 91.19
C GLU HA 499 -92.95 -24.05 90.16
N TYR HA 500 -91.89 -23.27 89.94
CA TYR HA 500 -91.92 -22.13 89.03
C TYR HA 500 -90.80 -22.18 88.00
N SER HA 501 -90.25 -23.37 87.73
CA SER HA 501 -89.17 -23.47 86.75
C SER HA 501 -89.66 -23.21 85.33
N TRP HA 502 -90.96 -23.30 85.08
CA TRP HA 502 -91.52 -23.01 83.77
C TRP HA 502 -92.55 -21.89 83.78
N THR HA 503 -93.39 -21.83 84.82
CA THR HA 503 -94.38 -20.76 84.89
C THR HA 503 -93.71 -19.39 85.01
N GLY HA 504 -92.68 -19.30 85.85
CA GLY HA 504 -91.91 -18.09 86.00
C GLY HA 504 -90.73 -17.96 85.08
N ALA HA 505 -90.58 -18.88 84.13
CA ALA HA 505 -89.44 -18.88 83.23
C ALA HA 505 -89.59 -17.82 82.15
N THR HA 506 -88.45 -17.36 81.64
CA THR HA 506 -88.41 -16.42 80.53
C THR HA 506 -88.39 -17.21 79.21
N LYS HA 507 -89.36 -16.93 78.34
CA LYS HA 507 -89.59 -17.75 77.17
C LYS HA 507 -89.76 -16.87 75.94
N TYR HA 508 -89.50 -17.47 74.77
CA TYR HA 508 -89.85 -16.87 73.50
C TYR HA 508 -90.79 -17.81 72.75
N HIS HA 509 -91.73 -17.22 72.03
CA HIS HA 509 -92.80 -17.95 71.36
C HIS HA 509 -92.48 -18.02 69.87
N LEU HA 510 -92.45 -19.24 69.32
CA LEU HA 510 -92.11 -19.45 67.92
C LEU HA 510 -92.97 -20.57 67.36
N ASN HA 511 -93.84 -20.24 66.39
CA ASN HA 511 -94.69 -21.22 65.73
C ASN HA 511 -95.58 -21.98 66.72
N GLY HA 512 -96.08 -21.27 67.73
CA GLY HA 512 -96.95 -21.86 68.70
C GLY HA 512 -96.27 -22.67 69.79
N ARG HA 513 -94.94 -22.72 69.78
CA ARG HA 513 -94.23 -23.44 70.86
C ARG HA 513 -93.35 -22.51 71.69
N ASP HA 514 -93.38 -22.65 73.00
CA ASP HA 514 -92.57 -21.89 73.92
C ASP HA 514 -91.23 -22.57 74.12
N SER HA 515 -90.15 -21.82 73.92
CA SER HA 515 -88.80 -22.30 74.17
C SER HA 515 -88.19 -21.50 75.30
N LEU HA 516 -87.44 -22.17 76.17
CA LEU HA 516 -86.76 -21.49 77.26
C LEU HA 516 -85.68 -20.56 76.71
N VAL HA 517 -85.62 -19.34 77.25
CA VAL HA 517 -84.57 -18.39 76.92
C VAL HA 517 -83.41 -18.69 77.85
N ASN HA 518 -82.37 -19.34 77.33
CA ASN HA 518 -81.26 -19.83 78.13
C ASN HA 518 -79.99 -19.86 77.29
N PRO HA 519 -78.99 -19.04 77.62
CA PRO HA 519 -78.95 -18.05 78.71
C PRO HA 519 -79.52 -16.70 78.30
N GLY HA 520 -79.83 -16.51 77.02
CA GLY HA 520 -80.43 -15.28 76.56
C GLY HA 520 -79.43 -14.16 76.37
N PRO HA 521 -79.94 -12.93 76.24
CA PRO HA 521 -79.05 -11.78 76.08
C PRO HA 521 -78.11 -11.61 77.26
N ALA HA 522 -76.91 -11.12 76.98
CA ALA HA 522 -75.89 -10.97 78.01
C ALA HA 522 -76.30 -9.89 79.01
N MET HA 523 -76.49 -10.30 80.26
CA MET HA 523 -76.90 -9.38 81.31
C MET HA 523 -76.17 -9.77 82.59
N ALA HA 524 -76.02 -8.79 83.47
CA ALA HA 524 -75.34 -9.02 84.75
C ALA HA 524 -76.16 -9.97 85.61
N SER HA 525 -75.46 -10.92 86.25
CA SER HA 525 -76.15 -11.88 87.09
C SER HA 525 -76.78 -11.22 88.30
N HIS HA 526 -76.11 -10.24 88.90
CA HIS HA 526 -76.60 -9.60 90.11
C HIS HA 526 -75.94 -8.24 90.25
N LYS HA 527 -76.51 -7.42 91.13
CA LYS HA 527 -75.96 -6.11 91.45
C LYS HA 527 -74.97 -6.24 92.60
N ASP HA 528 -74.54 -5.10 93.15
CA ASP HA 528 -73.56 -5.11 94.23
C ASP HA 528 -74.10 -5.87 95.45
N ASP HA 529 -73.24 -6.68 96.04
CA ASP HA 529 -73.51 -7.37 97.31
C ASP HA 529 -74.74 -8.25 97.22
N GLU HA 530 -74.93 -8.91 96.07
CA GLU HA 530 -76.04 -9.84 95.89
C GLU HA 530 -75.56 -11.07 95.14
N GLU HA 531 -74.37 -11.57 95.51
CA GLU HA 531 -73.76 -12.69 94.80
C GLU HA 531 -74.56 -13.98 94.93
N LYS HA 532 -75.45 -14.08 95.92
CA LYS HA 532 -76.26 -15.28 96.07
C LYS HA 532 -77.39 -15.37 95.05
N PHE HA 533 -77.69 -14.28 94.34
CA PHE HA 533 -78.77 -14.24 93.39
C PHE HA 533 -78.25 -14.43 91.97
N PHE HA 534 -78.94 -15.26 91.20
CA PHE HA 534 -78.63 -15.47 89.80
C PHE HA 534 -79.92 -15.58 89.01
N PRO HA 535 -79.89 -15.22 87.72
CA PRO HA 535 -81.09 -15.37 86.90
C PRO HA 535 -81.47 -16.83 86.73
N GLN HA 536 -82.77 -17.07 86.61
CA GLN HA 536 -83.29 -18.43 86.59
C GLN HA 536 -82.73 -19.24 85.41
N SER HA 537 -82.68 -18.63 84.24
CA SER HA 537 -82.09 -19.27 83.06
C SER HA 537 -81.21 -18.28 82.31
N GLY HA 538 -80.50 -17.42 83.04
CA GLY HA 538 -79.67 -16.39 82.44
C GLY HA 538 -78.19 -16.59 82.54
N VAL HA 539 -77.72 -17.70 83.10
CA VAL HA 539 -76.30 -17.98 83.23
C VAL HA 539 -76.03 -19.41 82.79
N LEU HA 540 -74.80 -19.65 82.35
CA LEU HA 540 -74.37 -21.01 82.07
C LEU HA 540 -74.17 -21.78 83.37
N ILE HA 541 -74.64 -23.01 83.40
CA ILE HA 541 -74.50 -23.88 84.56
C ILE HA 541 -73.75 -25.13 84.11
N PHE HA 542 -72.56 -25.32 84.66
CA PHE HA 542 -71.73 -26.48 84.36
C PHE HA 542 -71.86 -27.51 85.47
N GLY HA 543 -71.79 -28.78 85.09
CA GLY HA 543 -71.87 -29.86 86.05
C GLY HA 543 -70.49 -30.20 86.61
N LYS HA 544 -70.45 -30.48 87.90
CA LYS HA 544 -69.25 -30.98 88.52
C LYS HA 544 -68.98 -32.41 88.07
N GLN HA 545 -67.78 -32.91 88.36
CA GLN HA 545 -67.42 -34.26 87.96
C GLN HA 545 -68.33 -35.27 88.66
N GLY HA 546 -68.85 -36.22 87.87
CA GLY HA 546 -69.73 -37.24 88.41
C GLY HA 546 -71.18 -36.83 88.55
N SER HA 547 -71.54 -35.64 88.05
CA SER HA 547 -72.92 -35.14 88.22
C SER HA 547 -73.87 -35.89 87.29
N GLU HA 548 -75.07 -36.23 87.78
CA GLU HA 548 -76.05 -36.95 87.00
C GLU HA 548 -76.71 -36.03 85.98
N LYS HA 549 -77.77 -36.52 85.34
CA LYS HA 549 -78.42 -35.77 84.27
C LYS HA 549 -79.67 -35.04 84.74
N THR HA 550 -80.47 -35.67 85.61
CA THR HA 550 -81.78 -35.15 85.96
C THR HA 550 -81.84 -34.77 87.43
N ASN HA 551 -82.25 -33.52 87.69
CA ASN HA 551 -82.61 -33.05 89.03
C ASN HA 551 -81.46 -33.24 90.03
N VAL HA 552 -80.29 -32.77 89.65
CA VAL HA 552 -79.16 -32.75 90.57
C VAL HA 552 -79.27 -31.52 91.47
N ASP HA 553 -78.71 -31.60 92.67
CA ASP HA 553 -78.79 -30.51 93.61
C ASP HA 553 -77.89 -29.36 93.19
N ILE HA 554 -78.04 -28.23 93.88
CA ILE HA 554 -77.25 -27.05 93.54
C ILE HA 554 -75.77 -27.28 93.86
N GLU HA 555 -75.46 -28.07 94.89
CA GLU HA 555 -74.07 -28.36 95.21
C GLU HA 555 -73.41 -29.25 94.18
N LYS HA 556 -74.17 -29.86 93.28
CA LYS HA 556 -73.62 -30.69 92.22
C LYS HA 556 -73.29 -29.90 90.96
N VAL HA 557 -73.65 -28.63 90.89
CA VAL HA 557 -73.43 -27.80 89.71
C VAL HA 557 -72.66 -26.56 90.11
N MET HA 558 -72.00 -25.97 89.11
CA MET HA 558 -71.25 -24.73 89.28
C MET HA 558 -71.90 -23.66 88.41
N ILE HA 559 -72.45 -22.64 89.05
CA ILE HA 559 -73.18 -21.58 88.37
C ILE HA 559 -72.22 -20.43 88.07
N THR HA 560 -72.19 -20.01 86.81
CA THR HA 560 -71.28 -18.95 86.41
C THR HA 560 -71.82 -17.59 86.83
N ASP HA 561 -70.92 -16.61 86.81
CA ASP HA 561 -71.31 -15.23 87.21
C ASP HA 561 -70.88 -14.26 86.12
N GLU HA 562 -71.79 -13.37 85.73
CA GLU HA 562 -71.55 -12.35 84.73
C GLU HA 562 -71.59 -10.96 85.36
N GLU HA 563 -70.98 -10.82 86.53
CA GLU HA 563 -70.99 -9.54 87.23
C GLU HA 563 -70.00 -8.53 86.67
N GLU HA 564 -69.02 -8.98 85.88
CA GLU HA 564 -68.03 -8.04 85.33
C GLU HA 564 -68.63 -7.12 84.29
N ILE HA 565 -69.82 -7.42 83.78
CA ILE HA 565 -70.44 -6.62 82.73
C ILE HA 565 -71.56 -5.75 83.26
N ARG HA 566 -71.72 -5.66 84.59
CA ARG HA 566 -72.74 -4.80 85.16
C ARG HA 566 -72.41 -3.33 85.02
N THR HA 567 -71.20 -3.00 84.58
CA THR HA 567 -70.85 -1.61 84.32
C THR HA 567 -71.62 -1.04 83.14
N THR HA 568 -71.90 -1.86 82.12
CA THR HA 568 -72.61 -1.42 80.93
C THR HA 568 -73.91 -2.18 80.67
N ASN HA 569 -74.11 -3.35 81.26
CA ASN HA 569 -75.28 -4.16 80.99
C ASN HA 569 -76.23 -4.16 82.17
N PRO HA 570 -77.53 -4.11 81.93
CA PRO HA 570 -78.49 -4.13 83.03
C PRO HA 570 -78.46 -5.46 83.76
N VAL HA 571 -78.83 -5.42 85.04
CA VAL HA 571 -78.95 -6.64 85.82
C VAL HA 571 -80.09 -7.48 85.26
N ALA HA 572 -79.86 -8.79 85.15
CA ALA HA 572 -80.79 -9.68 84.47
C ALA HA 572 -82.14 -9.72 85.15
N THR HA 573 -82.16 -9.67 86.48
CA THR HA 573 -83.37 -9.86 87.25
C THR HA 573 -84.11 -8.56 87.54
N GLU HA 574 -83.62 -7.43 87.06
CA GLU HA 574 -84.22 -6.14 87.33
C GLU HA 574 -84.68 -5.49 86.03
N GLN HA 575 -85.48 -4.44 86.16
CA GLN HA 575 -85.97 -3.73 84.99
C GLN HA 575 -84.86 -2.92 84.35
N TYR HA 576 -85.02 -2.66 83.05
CA TYR HA 576 -84.09 -1.77 82.37
C TYR HA 576 -84.18 -0.35 82.92
N GLY HA 577 -85.39 0.12 83.16
CA GLY HA 577 -85.59 1.48 83.63
C GLY HA 577 -87.06 1.81 83.73
N SER HA 578 -87.37 3.10 83.62
CA SER HA 578 -88.74 3.58 83.70
C SER HA 578 -89.02 4.55 82.57
N VAL HA 579 -90.26 4.53 82.08
CA VAL HA 579 -90.73 5.44 81.06
C VAL HA 579 -92.05 6.04 81.51
N SER HA 580 -92.37 7.21 80.95
CA SER HA 580 -93.64 7.84 81.23
C SER HA 580 -94.77 7.13 80.49
N THR HA 581 -95.94 7.09 81.12
CA THR HA 581 -97.10 6.41 80.54
C THR HA 581 -98.30 7.32 80.33
N ASN HA 582 -98.26 8.57 80.76
CA ASN HA 582 -99.38 9.48 80.60
C ASN HA 582 -98.83 10.89 80.41
N LEU HA 583 -99.72 11.88 80.45
CA LEU HA 583 -99.37 13.28 80.32
C LEU HA 583 -99.84 14.02 81.58
N GLN HA 584 -98.90 14.43 82.41
CA GLN HA 584 -99.24 15.19 83.60
C GLN HA 584 -99.81 16.55 83.23
N ARG HA 585 -100.73 17.00 84.06
CA ARG HA 585 -101.44 18.28 83.78
C ARG HA 585 -102.02 18.82 85.09
N GLY HA 586 -101.98 20.14 85.28
CA GLY HA 586 -102.61 20.76 86.42
C GLY HA 586 -104.05 21.14 86.17
N ASN HA 587 -104.64 21.80 87.17
CA ASN HA 587 -106.08 22.14 87.09
C ASN HA 587 -106.30 23.33 86.15
N THR HA 594 -109.43 17.87 85.17
CA THR HA 594 -108.90 17.76 86.55
C THR HA 594 -107.38 17.61 86.48
N SER HA 595 -106.69 17.50 87.62
CA SER HA 595 -105.25 17.31 87.47
C SER HA 595 -104.91 15.83 87.33
N ARG HA 596 -103.81 15.56 86.63
CA ARG HA 596 -103.29 14.20 86.44
C ARG HA 596 -101.83 14.20 86.83
N GLN HA 597 -101.46 13.31 87.75
CA GLN HA 597 -100.07 13.22 88.18
C GLN HA 597 -99.28 12.33 87.24
N ALA HA 598 -97.99 12.62 87.10
CA ALA HA 598 -97.12 11.87 86.21
C ALA HA 598 -97.00 10.42 86.68
N ALA HA 599 -97.09 9.50 85.73
CA ALA HA 599 -97.03 8.08 86.00
C ALA HA 599 -95.90 7.44 85.21
N THR HA 600 -95.29 6.41 85.80
CA THR HA 600 -94.18 5.70 85.19
C THR HA 600 -94.43 4.20 85.25
N ALA HA 601 -93.79 3.47 84.35
CA ALA HA 601 -93.88 2.02 84.32
C ALA HA 601 -92.49 1.43 84.15
N ASP HA 602 -92.32 0.22 84.72
CA ASP HA 602 -91.07 -0.50 84.56
C ASP HA 602 -90.94 -1.04 83.14
N VAL HA 603 -89.72 -1.04 82.63
CA VAL HA 603 -89.43 -1.56 81.29
C VAL HA 603 -88.74 -2.90 81.50
N ASN HA 604 -89.54 -3.97 81.52
CA ASN HA 604 -89.00 -5.31 81.74
C ASN HA 604 -88.34 -5.89 80.50
N THR HA 605 -88.65 -5.36 79.31
CA THR HA 605 -88.00 -5.77 78.08
C THR HA 605 -87.66 -4.52 77.28
N GLN HA 606 -86.40 -4.42 76.86
CA GLN HA 606 -85.93 -3.24 76.13
C GLN HA 606 -85.16 -3.70 74.90
N GLY HA 607 -85.61 -3.28 73.73
CA GLY HA 607 -84.89 -3.52 72.51
C GLY HA 607 -83.71 -2.57 72.36
N VAL HA 608 -82.96 -2.77 71.29
CA VAL HA 608 -81.78 -1.95 71.04
C VAL HA 608 -82.19 -0.55 70.64
N LEU HA 609 -81.61 0.45 71.29
CA LEU HA 609 -81.81 1.85 71.01
C LEU HA 609 -80.53 2.48 70.47
N PRO HA 610 -80.63 3.53 69.67
CA PRO HA 610 -79.40 4.24 69.26
C PRO HA 610 -78.66 4.79 70.46
N GLY HA 611 -77.34 4.69 70.42
CA GLY HA 611 -76.51 5.09 71.54
C GLY HA 611 -76.32 4.04 72.60
N MET HA 612 -76.82 2.83 72.39
CA MET HA 612 -76.72 1.74 73.41
C MET HA 612 -75.37 1.03 73.29
N VAL HA 613 -74.72 0.74 74.41
CA VAL HA 613 -73.45 0.04 74.50
C VAL HA 613 -73.61 -1.13 75.47
N TRP HA 614 -72.97 -2.25 75.15
CA TRP HA 614 -73.10 -3.45 75.96
C TRP HA 614 -71.88 -4.32 75.78
N GLN HA 615 -71.74 -5.30 76.67
CA GLN HA 615 -70.68 -6.32 76.60
C GLN HA 615 -71.32 -7.67 76.34
N ASP HA 616 -70.63 -8.50 75.58
CA ASP HA 616 -71.13 -9.84 75.28
C ASP HA 616 -70.90 -10.77 76.47
N ARG HA 617 -71.48 -11.96 76.38
CA ARG HA 617 -71.32 -12.94 77.43
C ARG HA 617 -69.89 -13.46 77.47
N ASP HA 618 -69.40 -13.72 78.67
CA ASP HA 618 -68.03 -14.21 78.85
C ASP HA 618 -67.91 -15.65 78.35
N VAL HA 619 -66.70 -16.01 77.95
CA VAL HA 619 -66.37 -17.38 77.59
C VAL HA 619 -65.65 -18.02 78.76
N TYR HA 620 -65.75 -19.35 78.85
CA TYR HA 620 -65.20 -20.10 79.97
C TYR HA 620 -64.35 -21.25 79.44
N LEU HA 621 -63.51 -21.78 80.32
CA LEU HA 621 -62.66 -22.90 79.92
C LEU HA 621 -63.50 -24.11 79.53
N GLN HA 622 -64.58 -24.37 80.25
CA GLN HA 622 -65.52 -25.44 79.91
C GLN HA 622 -66.56 -25.00 78.89
N GLY HA 623 -66.57 -23.73 78.50
CA GLY HA 623 -67.60 -23.21 77.63
C GLY HA 623 -67.33 -23.44 76.16
N PRO HA 624 -68.33 -23.17 75.32
CA PRO HA 624 -68.14 -23.32 73.88
C PRO HA 624 -67.27 -22.20 73.31
N ILE HA 625 -66.67 -22.51 72.17
CA ILE HA 625 -65.78 -21.58 71.48
C ILE HA 625 -66.52 -20.77 70.41
N TRP HA 626 -67.29 -21.45 69.57
CA TRP HA 626 -67.92 -20.80 68.42
C TRP HA 626 -69.32 -21.34 68.22
N ALA HA 627 -70.01 -20.74 67.26
CA ALA HA 627 -71.30 -21.23 66.79
C ALA HA 627 -71.51 -20.73 65.37
N LYS HA 628 -72.34 -21.45 64.62
CA LYS HA 628 -72.63 -21.06 63.25
C LYS HA 628 -73.76 -20.04 63.23
N ILE HA 629 -73.51 -18.89 62.61
CA ILE HA 629 -74.56 -17.89 62.45
C ILE HA 629 -75.61 -18.43 61.48
N PRO HA 630 -76.89 -18.45 61.85
CA PRO HA 630 -77.92 -18.99 60.95
C PRO HA 630 -77.96 -18.22 59.63
N HIS HA 631 -78.20 -18.95 58.55
CA HIS HA 631 -78.29 -18.36 57.22
C HIS HA 631 -79.65 -17.69 57.09
N THR HA 632 -79.70 -16.41 57.46
CA THR HA 632 -80.93 -15.64 57.46
C THR HA 632 -80.68 -14.31 56.77
N ASP HA 633 -81.77 -13.66 56.36
CA ASP HA 633 -81.67 -12.36 55.64
C ASP HA 633 -81.10 -11.32 56.59
N GLY HA 634 -81.53 -11.33 57.85
CA GLY HA 634 -81.09 -10.33 58.80
C GLY HA 634 -80.74 -10.95 60.14
N HIS HA 635 -79.79 -10.32 60.81
CA HIS HA 635 -79.40 -10.65 62.17
C HIS HA 635 -78.67 -9.45 62.76
N PHE HA 636 -78.82 -9.27 64.07
CA PHE HA 636 -78.20 -8.16 64.77
C PHE HA 636 -77.20 -8.70 65.77
N HIS HA 637 -75.95 -8.23 65.67
CA HIS HA 637 -74.87 -8.62 66.57
C HIS HA 637 -74.81 -10.14 66.71
N PRO HA 638 -74.34 -10.86 65.69
CA PRO HA 638 -74.39 -12.33 65.70
C PRO HA 638 -73.32 -12.99 66.56
N SER HA 639 -73.16 -12.49 67.79
CA SER HA 639 -72.40 -13.19 68.81
C SER HA 639 -73.28 -14.25 69.46
N PRO HA 640 -72.82 -15.50 69.58
CA PRO HA 640 -73.66 -16.54 70.17
C PRO HA 640 -74.06 -16.17 71.60
N LEU HA 641 -75.31 -16.45 71.94
CA LEU HA 641 -75.81 -16.09 73.26
C LEU HA 641 -75.20 -16.95 74.36
N MET HA 642 -74.81 -18.18 74.04
CA MET HA 642 -74.13 -19.03 75.01
C MET HA 642 -72.68 -18.63 75.22
N GLY HA 643 -72.15 -17.72 74.42
CA GLY HA 643 -70.78 -17.26 74.55
C GLY HA 643 -69.90 -17.80 73.45
N GLY HA 644 -69.01 -16.94 72.95
CA GLY HA 644 -68.09 -17.36 71.92
C GLY HA 644 -68.03 -16.47 70.70
N PHE HA 645 -67.60 -17.04 69.57
CA PHE HA 645 -67.40 -16.30 68.34
C PHE HA 645 -68.44 -16.74 67.31
N GLY HA 646 -69.18 -15.78 66.78
CA GLY HA 646 -70.12 -16.06 65.72
C GLY HA 646 -69.45 -16.16 64.37
N LEU HA 647 -69.61 -17.29 63.69
CA LEU HA 647 -68.93 -17.55 62.44
C LEU HA 647 -69.95 -17.87 61.35
N LYS HA 648 -69.89 -17.12 60.25
CA LYS HA 648 -70.74 -17.46 59.10
C LYS HA 648 -70.31 -18.76 58.46
N HIS HA 649 -69.01 -19.04 58.47
CA HIS HA 649 -68.45 -20.31 57.99
C HIS HA 649 -67.61 -20.88 59.12
N PRO HA 650 -68.23 -21.56 60.08
CA PRO HA 650 -67.50 -22.12 61.21
C PRO HA 650 -66.66 -23.32 60.78
N PRO HA 651 -65.83 -23.86 61.67
CA PRO HA 651 -65.11 -25.09 61.35
C PRO HA 651 -66.08 -26.18 60.92
N PRO HA 652 -65.83 -26.83 59.79
CA PRO HA 652 -66.81 -27.77 59.25
C PRO HA 652 -66.95 -29.00 60.14
N GLN HA 653 -68.14 -29.60 60.09
CA GLN HA 653 -68.38 -30.85 60.78
C GLN HA 653 -67.56 -31.95 60.15
N ILE HA 654 -66.92 -32.77 60.98
CA ILE HA 654 -66.12 -33.89 60.54
C ILE HA 654 -66.87 -35.16 60.87
N LEU HA 655 -67.35 -35.86 59.84
CA LEU HA 655 -68.18 -37.05 60.00
C LEU HA 655 -67.34 -38.29 59.76
N ILE HA 656 -67.47 -39.27 60.66
CA ILE HA 656 -66.71 -40.50 60.59
C ILE HA 656 -67.65 -41.67 60.90
N LYS HA 657 -67.50 -42.76 60.17
CA LYS HA 657 -68.27 -43.96 60.44
C LYS HA 657 -67.50 -45.17 59.95
N ASN HA 658 -67.83 -46.33 60.51
CA ASN HA 658 -67.22 -47.59 60.09
C ASN HA 658 -67.94 -48.11 58.86
N THR HA 659 -67.17 -48.53 57.87
CA THR HA 659 -67.76 -49.11 56.68
C THR HA 659 -68.40 -50.44 57.02
N PRO HA 660 -69.67 -50.66 56.68
CA PRO HA 660 -70.32 -51.93 57.00
C PRO HA 660 -69.68 -53.08 56.24
N VAL HA 661 -69.34 -54.14 56.96
CA VAL HA 661 -68.77 -55.35 56.39
C VAL HA 661 -69.83 -56.44 56.47
N PRO HA 662 -70.40 -56.87 55.35
CA PRO HA 662 -71.45 -57.89 55.39
C PRO HA 662 -70.92 -59.20 55.95
N ALA HA 663 -71.79 -59.90 56.66
CA ALA HA 663 -71.49 -61.23 57.18
C ALA HA 663 -71.65 -62.24 56.05
N ASN HA 664 -71.67 -63.53 56.39
CA ASN HA 664 -71.72 -64.58 55.38
C ASN HA 664 -73.01 -64.50 54.57
N PRO HA 665 -72.95 -64.31 53.27
CA PRO HA 665 -74.17 -64.25 52.46
C PRO HA 665 -74.67 -65.63 52.08
N SER HA 666 -75.92 -65.64 51.62
CA SER HA 666 -76.55 -66.90 51.16
C SER HA 666 -76.01 -67.24 49.77
N THR HA 667 -75.83 -68.53 49.50
CA THR HA 667 -75.36 -68.98 48.19
C THR HA 667 -76.38 -68.75 47.10
N THR HA 668 -77.64 -68.50 47.45
CA THR HA 668 -78.68 -68.17 46.50
C THR HA 668 -78.92 -66.67 46.53
N PHE HA 669 -79.13 -66.08 45.35
CA PHE HA 669 -79.31 -64.64 45.27
C PHE HA 669 -80.59 -64.22 45.98
N SER HA 670 -80.50 -63.13 46.74
CA SER HA 670 -81.64 -62.52 47.40
C SER HA 670 -81.60 -61.02 47.16
N ALA HA 671 -82.72 -60.46 46.70
CA ALA HA 671 -82.80 -59.04 46.43
C ALA HA 671 -82.98 -58.21 47.69
N ALA HA 672 -83.25 -58.84 48.83
CA ALA HA 672 -83.39 -58.11 50.08
C ALA HA 672 -82.06 -57.50 50.48
N LYS HA 673 -82.09 -56.28 50.99
CA LYS HA 673 -80.88 -55.61 51.42
C LYS HA 673 -80.26 -56.36 52.60
N PHE HA 674 -78.94 -56.25 52.69
CA PHE HA 674 -78.20 -56.99 53.75
C PHE HA 674 -78.59 -56.49 55.14
N ALA HA 675 -78.89 -57.43 56.03
CA ALA HA 675 -79.23 -57.11 57.40
C ALA HA 675 -78.27 -57.72 58.42
N SER HA 676 -77.36 -58.59 57.99
CA SER HA 676 -76.39 -59.23 58.86
C SER HA 676 -75.01 -58.69 58.54
N PHE HA 677 -74.30 -58.21 59.55
CA PHE HA 677 -72.98 -57.62 59.39
C PHE HA 677 -72.05 -58.13 60.47
N ILE HA 678 -70.76 -58.03 60.20
CA ILE HA 678 -69.75 -58.36 61.19
C ILE HA 678 -69.66 -57.22 62.20
N THR HA 679 -69.82 -57.54 63.48
CA THR HA 679 -69.76 -56.53 64.52
C THR HA 679 -68.33 -55.99 64.61
N GLN HA 680 -68.20 -54.68 64.58
CA GLN HA 680 -66.87 -54.08 64.61
C GLN HA 680 -66.95 -52.63 65.07
N TYR HA 681 -65.83 -52.15 65.60
CA TYR HA 681 -65.66 -50.76 65.99
C TYR HA 681 -64.28 -50.33 65.55
N SER HA 682 -63.99 -49.04 65.74
CA SER HA 682 -62.69 -48.50 65.38
C SER HA 682 -62.15 -47.64 66.52
N THR HA 683 -60.82 -47.56 66.58
CA THR HA 683 -60.14 -46.71 67.54
C THR HA 683 -58.98 -46.04 66.83
N GLY HA 684 -58.56 -44.90 67.35
CA GLY HA 684 -57.49 -44.16 66.72
C GLY HA 684 -57.16 -42.91 67.51
N GLN HA 685 -56.37 -42.05 66.90
CA GLN HA 685 -55.94 -40.80 67.50
C GLN HA 685 -56.43 -39.63 66.66
N VAL HA 686 -56.76 -38.54 67.34
CA VAL HA 686 -57.24 -37.32 66.71
C VAL HA 686 -56.39 -36.16 67.21
N SER HA 687 -55.98 -35.29 66.30
CA SER HA 687 -55.16 -34.12 66.62
C SER HA 687 -55.87 -32.86 66.15
N VAL HA 688 -55.95 -31.86 67.03
CA VAL HA 688 -56.51 -30.56 66.72
C VAL HA 688 -55.48 -29.50 67.11
N GLU HA 689 -55.08 -28.68 66.16
CA GLU HA 689 -54.13 -27.59 66.40
C GLU HA 689 -54.77 -26.28 65.98
N ILE HA 690 -54.91 -25.34 66.90
CA ILE HA 690 -55.54 -24.05 66.64
C ILE HA 690 -54.54 -22.96 66.95
N GLU HA 691 -54.39 -22.02 66.03
CA GLU HA 691 -53.60 -20.82 66.24
C GLU HA 691 -54.53 -19.69 66.68
N TRP HA 692 -54.19 -19.05 67.79
CA TRP HA 692 -54.98 -17.96 68.36
C TRP HA 692 -54.17 -16.67 68.31
N GLU HA 693 -54.85 -15.57 67.99
CA GLU HA 693 -54.23 -14.25 68.02
C GLU HA 693 -54.56 -13.56 69.34
N LEU HA 694 -53.56 -12.91 69.91
CA LEU HA 694 -53.67 -12.27 71.22
C LEU HA 694 -53.69 -10.75 71.07
N GLN HA 695 -54.49 -10.10 71.91
CA GLN HA 695 -54.54 -8.66 72.02
C GLN HA 695 -53.86 -8.29 73.34
N LYS HA 696 -52.61 -7.84 73.26
CA LYS HA 696 -51.82 -7.62 74.46
C LYS HA 696 -52.38 -6.46 75.28
N GLU HA 697 -52.39 -6.63 76.60
CA GLU HA 697 -52.84 -5.58 77.50
C GLU HA 697 -51.86 -4.41 77.49
N ASN HA 698 -52.41 -3.20 77.44
CA ASN HA 698 -51.63 -1.97 77.38
C ASN HA 698 -52.16 -0.97 78.42
N SER HA 699 -52.38 -1.46 79.63
CA SER HA 699 -52.98 -0.64 80.67
C SER HA 699 -51.95 0.31 81.29
N LYS HA 700 -52.44 1.41 81.87
CA LYS HA 700 -51.56 2.39 82.56
C LYS HA 700 -52.05 2.58 84.00
N ARG HA 701 -52.83 1.64 84.53
CA ARG HA 701 -53.23 1.74 85.93
C ARG HA 701 -52.04 1.53 86.85
N TRP HA 702 -52.11 2.13 88.03
CA TRP HA 702 -51.00 2.14 88.96
C TRP HA 702 -51.04 0.94 89.91
N ASN HA 703 -52.18 0.73 90.56
CA ASN HA 703 -52.30 -0.33 91.55
C ASN HA 703 -52.46 -1.68 90.86
N PRO HA 704 -52.11 -2.81 91.53
CA PRO HA 704 -52.19 -4.13 90.90
C PRO HA 704 -53.61 -4.52 90.46
N GLU HA 705 -53.74 -5.49 89.56
CA GLU HA 705 -55.05 -5.89 89.00
C GLU HA 705 -55.55 -7.19 89.64
N ILE HA 706 -56.80 -7.57 89.39
CA ILE HA 706 -57.22 -8.93 89.84
C ILE HA 706 -56.69 -9.98 88.86
N GLN HA 707 -56.06 -11.04 89.37
CA GLN HA 707 -55.60 -12.12 88.52
C GLN HA 707 -56.14 -13.43 89.05
N TYR HA 708 -56.39 -14.37 88.14
CA TYR HA 708 -56.75 -15.72 88.56
C TYR HA 708 -55.53 -16.41 89.17
N THR HA 709 -55.74 -17.12 90.27
CA THR HA 709 -54.64 -17.74 90.99
C THR HA 709 -55.15 -19.00 91.68
N SER HA 710 -54.20 -19.89 91.95
CA SER HA 710 -54.54 -21.10 92.73
C SER HA 710 -54.52 -20.71 94.21
N ASN HA 711 -55.18 -21.48 95.07
CA ASN HA 711 -55.19 -21.06 96.49
C ASN HA 711 -54.00 -21.73 97.17
N TYR HA 712 -53.23 -20.98 97.94
CA TYR HA 712 -51.98 -21.52 98.54
C TYR HA 712 -52.30 -22.52 99.66
N ASN HA 713 -53.42 -22.35 100.37
CA ASN HA 713 -53.65 -23.21 101.50
C ASN HA 713 -53.65 -24.68 101.10
N LYS HA 714 -53.26 -25.52 102.06
CA LYS HA 714 -53.19 -26.98 101.82
C LYS HA 714 -54.57 -27.55 101.56
N SER HA 715 -54.60 -28.63 100.80
CA SER HA 715 -55.86 -29.29 100.48
C SER HA 715 -55.58 -30.76 100.23
N ILE HA 716 -56.64 -31.56 100.33
CA ILE HA 716 -56.52 -32.99 100.05
C ILE HA 716 -56.15 -33.22 98.60
N ASN HA 717 -56.79 -32.49 97.68
CA ASN HA 717 -56.55 -32.61 96.25
C ASN HA 717 -56.11 -31.28 95.67
N VAL HA 718 -55.26 -31.34 94.67
CA VAL HA 718 -54.87 -30.15 93.92
C VAL HA 718 -55.93 -29.87 92.86
N ASP HA 719 -56.21 -28.59 92.62
CA ASP HA 719 -57.21 -28.22 91.64
C ASP HA 719 -56.75 -28.57 90.23
N PHE HA 720 -57.71 -28.99 89.40
CA PHE HA 720 -57.46 -29.33 88.00
C PHE HA 720 -56.40 -30.43 87.85
N THR HA 721 -56.46 -31.41 88.74
CA THR HA 721 -55.63 -32.60 88.66
C THR HA 721 -56.51 -33.83 88.82
N VAL HA 722 -55.89 -34.98 88.93
CA VAL HA 722 -56.59 -36.24 89.14
C VAL HA 722 -56.58 -36.57 90.63
N ASP HA 723 -57.58 -37.32 91.07
CA ASP HA 723 -57.66 -37.75 92.45
C ASP HA 723 -57.01 -39.12 92.60
N THR HA 724 -57.23 -39.77 93.74
CA THR HA 724 -56.61 -41.09 93.99
C THR HA 724 -57.22 -42.12 93.04
N ASN HA 725 -58.35 -41.80 92.41
CA ASN HA 725 -58.97 -42.71 91.41
C ASN HA 725 -58.49 -42.32 90.01
N GLY HA 726 -57.63 -41.31 89.92
CA GLY HA 726 -57.13 -40.84 88.61
C GLY HA 726 -58.23 -40.16 87.82
N VAL HA 727 -59.28 -39.69 88.50
CA VAL HA 727 -60.42 -39.03 87.81
C VAL HA 727 -60.13 -37.53 87.71
N TYR HA 728 -60.06 -37.00 86.48
CA TYR HA 728 -59.81 -35.59 86.30
C TYR HA 728 -61.08 -34.79 86.55
N SER HA 729 -60.94 -33.68 87.27
CA SER HA 729 -62.08 -32.83 87.58
C SER HA 729 -61.69 -31.38 87.39
N GLU HA 730 -62.69 -30.55 87.08
CA GLU HA 730 -62.51 -29.11 86.96
C GLU HA 730 -63.30 -28.45 88.10
N PRO HA 731 -62.62 -28.00 89.16
CA PRO HA 731 -63.36 -27.58 90.37
C PRO HA 731 -64.30 -26.40 90.18
N ARG HA 732 -63.97 -25.45 89.32
CA ARG HA 732 -64.80 -24.27 89.17
C ARG HA 732 -64.70 -23.78 87.73
N PRO HA 733 -65.70 -23.03 87.26
CA PRO HA 733 -65.56 -22.37 85.95
C PRO HA 733 -64.62 -21.18 86.04
N ILE HA 734 -63.77 -21.03 85.03
CA ILE HA 734 -62.86 -19.90 84.95
C ILE HA 734 -63.25 -19.08 83.73
N GLY HA 735 -63.56 -17.81 83.95
CA GLY HA 735 -63.84 -16.89 82.87
C GLY HA 735 -62.56 -16.33 82.30
N THR HA 736 -62.68 -15.18 81.65
CA THR HA 736 -61.52 -14.51 81.07
C THR HA 736 -61.37 -13.07 81.52
N ARG HA 737 -62.32 -12.52 82.28
CA ARG HA 737 -62.37 -11.08 82.54
C ARG HA 737 -61.76 -10.78 83.90
N TYR HA 738 -60.43 -10.66 83.91
CA TYR HA 738 -59.67 -10.33 85.11
C TYR HA 738 -58.92 -9.02 84.99
N LEU HA 739 -58.30 -8.75 83.84
CA LEU HA 739 -57.70 -7.45 83.61
C LEU HA 739 -58.79 -6.41 83.43
N THR HA 740 -58.41 -5.14 83.57
CA THR HA 740 -59.35 -4.04 83.48
C THR HA 740 -58.93 -3.06 82.40
N ARG HA 741 -59.95 -2.44 81.79
CA ARG HA 741 -59.71 -1.39 80.78
C ARG HA 741 -60.75 -0.29 81.03
N ASN HA 742 -60.43 0.97 80.77
CA ASN HA 742 -61.39 2.06 80.90
C ASN HA 742 -62.45 1.99 79.82
N LEU HA 743 -63.63 2.53 80.12
CA LEU HA 743 -64.71 2.59 79.14
C LEU HA 743 -64.36 3.53 77.99
N ALA IA 218 -56.15 -50.89 -42.45
CA ALA IA 218 -56.07 -50.30 -41.10
C ALA IA 218 -56.30 -51.38 -40.06
N ASP IA 219 -57.27 -52.27 -40.32
CA ASP IA 219 -57.66 -53.27 -39.31
C ASP IA 219 -57.67 -54.65 -39.97
N GLY IA 220 -57.14 -54.75 -41.19
CA GLY IA 220 -57.04 -56.07 -41.83
C GLY IA 220 -58.30 -56.89 -41.66
N VAL IA 221 -58.16 -58.20 -41.41
CA VAL IA 221 -59.34 -59.09 -41.32
C VAL IA 221 -59.42 -59.54 -39.86
N GLY IA 222 -60.49 -59.19 -39.19
CA GLY IA 222 -60.73 -59.58 -37.82
C GLY IA 222 -60.63 -58.46 -36.80
N ASN IA 223 -60.28 -57.25 -37.22
CA ASN IA 223 -60.22 -56.10 -36.33
C ASN IA 223 -61.28 -55.10 -36.75
N SER IA 224 -62.15 -54.72 -35.81
CA SER IA 224 -63.21 -53.80 -36.11
C SER IA 224 -62.66 -52.39 -36.34
N SER IA 225 -63.20 -51.70 -37.33
CA SER IA 225 -62.76 -50.37 -37.69
C SER IA 225 -63.71 -49.29 -37.18
N GLY IA 226 -64.68 -49.63 -36.34
CA GLY IA 226 -65.59 -48.65 -35.80
C GLY IA 226 -66.50 -49.29 -34.78
N ASN IA 227 -67.27 -48.43 -34.12
CA ASN IA 227 -68.22 -48.84 -33.09
C ASN IA 227 -69.59 -48.28 -33.40
N TRP IA 228 -70.61 -48.83 -32.74
CA TRP IA 228 -71.98 -48.41 -32.92
C TRP IA 228 -72.26 -47.22 -32.01
N HIS IA 229 -72.49 -46.06 -32.61
CA HIS IA 229 -72.79 -44.82 -31.85
C HIS IA 229 -74.14 -44.30 -32.31
N CYS IA 230 -75.21 -44.66 -31.59
CA CYS IA 230 -76.56 -44.15 -31.92
C CYS IA 230 -77.11 -43.55 -30.62
N ASP IA 231 -77.18 -42.22 -30.53
CA ASP IA 231 -77.63 -41.57 -29.27
C ASP IA 231 -77.78 -40.06 -29.45
N SER IA 232 -78.27 -39.36 -28.43
CA SER IA 232 -78.30 -37.91 -28.53
C SER IA 232 -77.92 -37.30 -27.20
N THR IA 233 -77.19 -36.19 -27.25
CA THR IA 233 -76.74 -35.48 -26.05
C THR IA 233 -77.27 -34.06 -26.11
N TRP IA 234 -77.98 -33.65 -25.06
CA TRP IA 234 -78.49 -32.29 -24.94
C TRP IA 234 -77.61 -31.52 -23.96
N MET IA 235 -76.97 -30.46 -24.46
CA MET IA 235 -76.07 -29.66 -23.59
C MET IA 235 -76.38 -28.18 -23.81
N GLY IA 236 -77.23 -27.60 -22.97
CA GLY IA 236 -77.56 -26.19 -23.06
C GLY IA 236 -78.28 -25.89 -24.36
N ASP IA 237 -77.70 -25.00 -25.16
CA ASP IA 237 -78.27 -24.57 -26.43
C ASP IA 237 -77.83 -25.45 -27.60
N ARG IA 238 -77.42 -26.69 -27.34
CA ARG IA 238 -77.00 -27.59 -28.39
C ARG IA 238 -77.60 -28.97 -28.15
N VAL IA 239 -77.88 -29.68 -29.23
CA VAL IA 239 -78.23 -31.09 -29.18
C VAL IA 239 -77.45 -31.79 -30.30
N THR IA 240 -76.70 -32.82 -29.94
CA THR IA 240 -75.92 -33.59 -30.89
C THR IA 240 -76.58 -34.96 -31.06
N THR IA 241 -77.07 -35.24 -32.26
CA THR IA 241 -77.71 -36.50 -32.57
C THR IA 241 -76.76 -37.35 -33.40
N THR IA 242 -76.58 -38.60 -32.99
CA THR IA 242 -75.73 -39.55 -33.70
C THR IA 242 -76.56 -40.78 -34.07
N SER IA 243 -76.38 -41.28 -35.28
CA SER IA 243 -77.14 -42.42 -35.77
C SER IA 243 -76.21 -43.39 -36.47
N THR IA 244 -76.45 -44.69 -36.26
CA THR IA 244 -75.70 -45.73 -36.95
C THR IA 244 -76.71 -46.69 -37.60
N ARG IA 245 -76.42 -47.08 -38.83
CA ARG IA 245 -77.27 -47.99 -39.58
C ARG IA 245 -76.41 -49.02 -40.31
N THR IA 246 -77.02 -50.14 -40.66
CA THR IA 246 -76.38 -51.17 -41.46
C THR IA 246 -76.91 -51.05 -42.89
N TRP IA 247 -76.00 -50.90 -43.85
CA TRP IA 247 -76.35 -50.71 -45.24
C TRP IA 247 -75.90 -51.89 -46.09
N ALA IA 248 -76.59 -52.08 -47.22
CA ALA IA 248 -76.23 -53.07 -48.21
C ALA IA 248 -76.12 -52.39 -49.56
N LEU IA 249 -75.01 -52.59 -50.24
CA LEU IA 249 -74.75 -51.95 -51.53
C LEU IA 249 -74.55 -53.01 -52.60
N PRO IA 250 -75.48 -53.16 -53.54
CA PRO IA 250 -75.31 -54.13 -54.62
C PRO IA 250 -74.44 -53.55 -55.73
N THR IA 251 -74.29 -54.31 -56.80
CA THR IA 251 -73.65 -53.84 -58.01
C THR IA 251 -74.72 -53.27 -58.93
N TYR IA 252 -74.56 -52.01 -59.32
CA TYR IA 252 -75.56 -51.30 -60.09
C TYR IA 252 -75.16 -51.22 -61.55
N ASN IA 253 -76.11 -51.51 -62.44
CA ASN IA 253 -75.93 -51.43 -63.89
C ASN IA 253 -74.85 -52.38 -64.41
N ASN IA 254 -74.46 -53.36 -63.60
CA ASN IA 254 -73.37 -54.28 -63.94
C ASN IA 254 -72.10 -53.49 -64.27
N HIS IA 255 -71.76 -52.56 -63.38
CA HIS IA 255 -70.55 -51.73 -63.47
C HIS IA 255 -70.52 -50.83 -64.70
N LEU IA 256 -71.68 -50.43 -65.21
CA LEU IA 256 -71.76 -49.68 -66.46
C LEU IA 256 -72.45 -48.35 -66.26
N TYR IA 257 -72.15 -47.41 -67.16
CA TYR IA 257 -72.91 -46.14 -67.20
C TYR IA 257 -73.84 -46.31 -68.40
N LYS IA 258 -75.12 -46.09 -68.23
CA LYS IA 258 -76.14 -46.26 -69.25
C LYS IA 258 -76.87 -44.94 -69.48
N GLN IA 259 -76.95 -44.52 -70.73
CA GLN IA 259 -77.76 -43.37 -71.08
C GLN IA 259 -79.23 -43.71 -70.93
N ILE IA 260 -79.97 -42.85 -70.23
CA ILE IA 260 -81.39 -43.07 -69.99
C ILE IA 260 -82.16 -41.87 -70.52
N SER IA 261 -83.41 -42.10 -70.90
CA SER IA 261 -84.25 -41.04 -71.43
C SER IA 261 -85.71 -41.47 -71.26
N SER IA 262 -86.60 -40.50 -71.45
CA SER IA 262 -88.03 -40.78 -71.35
C SER IA 262 -88.46 -41.72 -72.46
N GLN IA 263 -89.49 -42.50 -72.16
CA GLN IA 263 -89.97 -43.51 -73.13
C GLN IA 263 -90.60 -42.78 -74.30
N SER IA 264 -90.50 -43.38 -75.49
CA SER IA 264 -91.20 -42.80 -76.65
C SER IA 264 -92.71 -42.85 -76.39
N GLY IA 265 -93.43 -41.83 -76.80
CA GLY IA 265 -94.86 -41.71 -76.58
C GLY IA 265 -95.23 -40.98 -75.32
N ALA IA 266 -94.26 -40.62 -74.48
CA ALA IA 266 -94.54 -39.84 -73.29
C ALA IA 266 -94.94 -38.42 -73.65
N SER IA 267 -95.66 -37.77 -72.75
CA SER IA 267 -96.05 -36.39 -72.96
C SER IA 267 -94.82 -35.49 -72.90
N ASN IA 268 -94.96 -34.27 -73.43
CA ASN IA 268 -93.84 -33.34 -73.42
C ASN IA 268 -93.44 -32.96 -72.01
N ASP IA 269 -94.39 -32.88 -71.09
CA ASP IA 269 -94.07 -32.54 -69.71
C ASP IA 269 -93.24 -33.61 -69.03
N ASN IA 270 -93.35 -34.86 -69.49
CA ASN IA 270 -92.65 -35.99 -68.88
C ASN IA 270 -91.37 -36.37 -69.61
N HIS IA 271 -90.98 -35.62 -70.64
CA HIS IA 271 -89.77 -35.93 -71.37
C HIS IA 271 -88.53 -35.58 -70.54
N TYR IA 272 -87.51 -36.43 -70.62
CA TYR IA 272 -86.28 -36.19 -69.90
C TYR IA 272 -85.14 -36.95 -70.58
N PHE IA 273 -83.92 -36.53 -70.25
CA PHE IA 273 -82.71 -37.19 -70.71
C PHE IA 273 -81.67 -37.12 -69.59
N GLY IA 274 -80.93 -38.21 -69.42
CA GLY IA 274 -79.95 -38.25 -68.35
C GLY IA 274 -79.10 -39.48 -68.45
N TYR IA 275 -78.36 -39.75 -67.37
CA TYR IA 275 -77.47 -40.90 -67.31
C TYR IA 275 -77.64 -41.62 -65.98
N SER IA 276 -77.54 -42.94 -66.05
CA SER IA 276 -77.57 -43.80 -64.86
C SER IA 276 -76.15 -44.29 -64.57
N THR IA 277 -75.71 -44.11 -63.33
CA THR IA 277 -74.35 -44.47 -62.96
C THR IA 277 -74.34 -45.75 -62.13
N PRO IA 278 -73.23 -46.50 -62.15
CA PRO IA 278 -73.12 -47.69 -61.30
C PRO IA 278 -72.87 -47.39 -59.83
N TRP IA 279 -72.85 -46.12 -59.45
CA TRP IA 279 -72.58 -45.72 -58.07
C TRP IA 279 -73.86 -45.63 -57.26
N GLY IA 280 -73.71 -45.73 -55.95
CA GLY IA 280 -74.77 -45.43 -55.02
C GLY IA 280 -74.40 -44.19 -54.20
N TYR IA 281 -75.37 -43.72 -53.41
CA TYR IA 281 -75.14 -42.54 -52.58
C TYR IA 281 -75.82 -42.72 -51.24
N PHE IA 282 -75.23 -42.12 -50.22
CA PHE IA 282 -75.77 -42.17 -48.86
C PHE IA 282 -76.60 -40.93 -48.61
N ASP IA 283 -77.88 -41.12 -48.29
CA ASP IA 283 -78.82 -40.04 -48.07
C ASP IA 283 -79.27 -40.07 -46.62
N PHE IA 284 -79.10 -38.94 -45.92
CA PHE IA 284 -79.66 -38.76 -44.59
C PHE IA 284 -80.36 -37.41 -44.47
N ASN IA 285 -81.00 -36.98 -45.56
CA ASN IA 285 -81.68 -35.69 -45.62
C ASN IA 285 -83.14 -35.81 -45.18
N ARG IA 286 -83.35 -36.43 -44.02
CA ARG IA 286 -84.66 -36.49 -43.38
C ARG IA 286 -84.46 -36.45 -41.88
N PHE IA 287 -85.35 -35.80 -41.15
CA PHE IA 287 -85.13 -35.60 -39.70
C PHE IA 287 -85.20 -36.92 -38.93
N HIS IA 288 -85.99 -37.87 -39.39
CA HIS IA 288 -86.17 -39.18 -38.70
C HIS IA 288 -84.84 -39.97 -38.71
N CYS IA 289 -83.91 -39.60 -39.59
CA CYS IA 289 -82.59 -40.28 -39.69
C CYS IA 289 -81.70 -39.90 -38.52
N HIS IA 290 -82.03 -38.82 -37.81
CA HIS IA 290 -81.22 -38.35 -36.69
C HIS IA 290 -81.98 -38.19 -35.40
N PHE IA 291 -83.26 -37.88 -35.44
CA PHE IA 291 -84.07 -37.64 -34.25
C PHE IA 291 -85.02 -38.80 -34.01
N SER IA 292 -85.00 -39.34 -32.80
CA SER IA 292 -86.04 -40.24 -32.37
C SER IA 292 -87.32 -39.46 -32.11
N PRO IA 293 -88.48 -40.13 -32.10
CA PRO IA 293 -89.72 -39.40 -31.78
C PRO IA 293 -89.69 -38.70 -30.43
N ARG IA 294 -89.07 -39.32 -29.41
CA ARG IA 294 -88.90 -38.64 -28.14
C ARG IA 294 -87.97 -37.44 -28.28
N ASP IA 295 -86.91 -37.58 -29.08
CA ASP IA 295 -86.03 -36.45 -29.35
C ASP IA 295 -86.77 -35.32 -30.04
N TRP IA 296 -87.63 -35.66 -31.02
CA TRP IA 296 -88.43 -34.65 -31.70
C TRP IA 296 -89.39 -33.96 -30.74
N GLN IA 297 -90.03 -34.71 -29.85
CA GLN IA 297 -90.93 -34.11 -28.89
C GLN IA 297 -90.18 -33.19 -27.93
N ARG IA 298 -88.99 -33.60 -27.50
CA ARG IA 298 -88.16 -32.75 -26.66
C ARG IA 298 -87.73 -31.48 -27.40
N LEU IA 299 -87.48 -31.58 -28.70
CA LEU IA 299 -87.06 -30.42 -29.47
C LEU IA 299 -88.20 -29.43 -29.68
N ILE IA 300 -89.38 -29.93 -30.07
CA ILE IA 300 -90.44 -29.04 -30.52
C ILE IA 300 -91.27 -28.48 -29.37
N ASN IA 301 -91.25 -29.11 -28.21
CA ASN IA 301 -92.03 -28.62 -27.07
C ASN IA 301 -91.30 -27.61 -26.21
N ASN IA 302 -90.02 -27.35 -26.49
CA ASN IA 302 -89.21 -26.52 -25.61
C ASN IA 302 -88.39 -25.45 -26.32
N ASN IA 303 -88.30 -25.47 -27.65
CA ASN IA 303 -87.44 -24.58 -28.38
C ASN IA 303 -88.24 -23.75 -29.37
N TRP IA 304 -87.87 -22.49 -29.52
CA TRP IA 304 -88.45 -21.60 -30.51
C TRP IA 304 -87.76 -21.69 -31.87
N GLY IA 305 -86.66 -22.42 -31.97
CA GLY IA 305 -85.98 -22.57 -33.24
C GLY IA 305 -84.80 -23.50 -33.12
N PHE IA 306 -84.32 -23.96 -34.27
CA PHE IA 306 -83.15 -24.81 -34.34
C PHE IA 306 -82.56 -24.74 -35.74
N ARG IA 307 -81.28 -25.09 -35.83
CA ARG IA 307 -80.57 -25.10 -37.10
C ARG IA 307 -79.36 -26.01 -36.99
N PRO IA 308 -78.96 -26.66 -38.07
CA PRO IA 308 -77.75 -27.50 -38.02
C PRO IA 308 -76.49 -26.66 -38.02
N LYS IA 309 -75.46 -27.19 -37.35
CA LYS IA 309 -74.18 -26.51 -37.17
C LYS IA 309 -73.03 -27.23 -37.86
N ARG IA 310 -72.86 -28.52 -37.59
CA ARG IA 310 -71.80 -29.30 -38.21
C ARG IA 310 -72.20 -30.77 -38.19
N LEU IA 311 -71.57 -31.56 -39.05
CA LEU IA 311 -71.85 -32.98 -39.11
C LEU IA 311 -70.56 -33.77 -39.25
N ASN IA 312 -70.61 -35.03 -38.82
CA ASN IA 312 -69.46 -35.98 -38.96
C ASN IA 312 -70.04 -37.25 -39.57
N PHE IA 313 -69.34 -37.85 -40.53
CA PHE IA 313 -69.79 -39.01 -41.28
C PHE IA 313 -68.72 -40.08 -41.22
N LYS IA 314 -69.18 -41.33 -41.07
CA LYS IA 314 -68.21 -42.45 -41.04
C LYS IA 314 -68.74 -43.72 -41.68
N LEU IA 315 -67.91 -44.39 -42.48
CA LEU IA 315 -68.19 -45.72 -43.01
C LEU IA 315 -67.15 -46.68 -42.44
N PHE IA 316 -67.60 -47.82 -41.93
CA PHE IA 316 -66.69 -48.73 -41.24
C PHE IA 316 -67.28 -50.13 -41.28
N ASN IA 317 -66.46 -51.09 -40.85
CA ASN IA 317 -66.83 -52.50 -40.81
C ASN IA 317 -67.33 -52.97 -42.17
N ILE IA 318 -66.57 -52.63 -43.21
CA ILE IA 318 -66.96 -52.90 -44.58
C ILE IA 318 -66.64 -54.34 -44.93
N GLN IA 319 -67.64 -55.07 -45.40
CA GLN IA 319 -67.49 -56.47 -45.80
C GLN IA 319 -67.94 -56.59 -47.25
N VAL IA 320 -67.09 -57.18 -48.09
CA VAL IA 320 -67.43 -57.45 -49.47
C VAL IA 320 -67.73 -58.94 -49.58
N LYS IA 321 -68.94 -59.26 -50.05
CA LYS IA 321 -69.41 -60.63 -50.17
C LYS IA 321 -69.50 -61.00 -51.64
N GLU IA 322 -68.90 -62.15 -51.99
CA GLU IA 322 -68.98 -62.68 -53.35
C GLU IA 322 -70.12 -63.68 -53.44
N VAL IA 323 -71.00 -63.50 -54.43
CA VAL IA 323 -72.17 -64.34 -54.63
C VAL IA 323 -71.94 -65.19 -55.86
N THR IA 324 -72.15 -66.50 -55.72
CA THR IA 324 -72.06 -67.44 -56.83
C THR IA 324 -73.34 -68.27 -56.89
N GLN IA 325 -73.66 -68.74 -58.09
CA GLN IA 325 -74.87 -69.52 -58.31
C GLN IA 325 -74.52 -70.70 -59.21
N ASN IA 326 -74.48 -71.89 -58.64
CA ASN IA 326 -74.12 -73.10 -59.36
C ASN IA 326 -75.21 -74.13 -59.18
N ASP IA 327 -75.81 -74.57 -60.30
CA ASP IA 327 -76.86 -75.59 -60.30
C ASP IA 327 -78.03 -75.19 -59.40
N GLY IA 328 -78.40 -73.91 -59.45
CA GLY IA 328 -79.54 -73.44 -58.69
C GLY IA 328 -79.29 -73.16 -57.22
N THR IA 329 -78.04 -73.17 -56.78
CA THR IA 329 -77.69 -72.94 -55.38
C THR IA 329 -76.99 -71.60 -55.25
N THR IA 330 -77.45 -70.78 -54.32
CA THR IA 330 -76.86 -69.47 -54.05
C THR IA 330 -75.90 -69.61 -52.88
N THR IA 331 -74.61 -69.39 -53.14
CA THR IA 331 -73.56 -69.49 -52.14
C THR IA 331 -72.91 -68.13 -51.96
N ILE IA 332 -72.81 -67.67 -50.72
CA ILE IA 332 -72.22 -66.38 -50.40
C ILE IA 332 -70.97 -66.61 -49.55
N ALA IA 333 -69.85 -66.04 -49.97
CA ALA IA 333 -68.59 -66.18 -49.26
C ALA IA 333 -67.92 -64.82 -49.17
N ASN IA 334 -67.04 -64.68 -48.18
CA ASN IA 334 -66.32 -63.43 -48.00
C ASN IA 334 -65.29 -63.21 -49.10
N ASN IA 335 -65.08 -61.95 -49.44
CA ASN IA 335 -64.01 -61.53 -50.35
C ASN IA 335 -63.18 -60.49 -49.60
N LEU IA 336 -62.10 -60.95 -48.98
CA LEU IA 336 -61.31 -60.08 -48.11
C LEU IA 336 -60.39 -59.14 -48.88
N THR IA 337 -60.21 -59.34 -50.18
CA THR IA 337 -59.32 -58.51 -50.98
C THR IA 337 -60.04 -57.50 -51.86
N SER IA 338 -61.37 -57.56 -51.94
CA SER IA 338 -62.10 -56.59 -52.74
C SER IA 338 -62.25 -55.27 -51.99
N THR IA 339 -62.45 -54.21 -52.76
CA THR IA 339 -62.55 -52.86 -52.23
C THR IA 339 -63.90 -52.24 -52.58
N VAL IA 340 -64.20 -51.13 -51.91
CA VAL IA 340 -65.30 -50.25 -52.25
C VAL IA 340 -64.75 -48.84 -52.38
N GLN IA 341 -65.18 -48.14 -53.42
CA GLN IA 341 -64.71 -46.78 -53.69
C GLN IA 341 -65.69 -45.78 -53.09
N VAL IA 342 -65.17 -44.88 -52.25
CA VAL IA 342 -65.98 -43.86 -51.59
C VAL IA 342 -65.32 -42.50 -51.81
N PHE IA 343 -66.13 -41.52 -52.22
CA PHE IA 343 -65.65 -40.15 -52.28
C PHE IA 343 -66.83 -39.21 -52.04
N THR IA 344 -66.51 -38.02 -51.52
CA THR IA 344 -67.48 -36.97 -51.27
C THR IA 344 -67.31 -35.88 -52.30
N ASP IA 345 -68.43 -35.44 -52.88
CA ASP IA 345 -68.41 -34.37 -53.87
C ASP IA 345 -68.38 -33.02 -53.17
N SER IA 346 -67.24 -32.69 -52.55
CA SER IA 346 -67.13 -31.47 -51.74
C SER IA 346 -66.99 -30.21 -52.60
N GLU IA 347 -66.66 -30.37 -53.88
CA GLU IA 347 -66.60 -29.22 -54.77
C GLU IA 347 -67.89 -29.03 -55.55
N TYR IA 348 -68.90 -29.88 -55.33
CA TYR IA 348 -70.20 -29.76 -55.97
C TYR IA 348 -70.09 -29.72 -57.49
N GLN IA 349 -69.27 -30.60 -58.04
CA GLN IA 349 -69.10 -30.71 -59.48
C GLN IA 349 -70.06 -31.71 -60.12
N LEU IA 350 -70.83 -32.43 -59.33
CA LEU IA 350 -71.81 -33.38 -59.82
C LEU IA 350 -73.22 -32.84 -59.60
N PRO IA 351 -74.19 -33.27 -60.42
CA PRO IA 351 -75.58 -32.85 -60.21
C PRO IA 351 -76.07 -33.28 -58.83
N TYR IA 352 -76.59 -32.33 -58.08
CA TYR IA 352 -77.01 -32.56 -56.69
C TYR IA 352 -78.41 -33.14 -56.71
N VAL IA 353 -78.50 -34.46 -56.50
CA VAL IA 353 -79.80 -35.14 -56.49
C VAL IA 353 -80.39 -35.26 -55.10
N LEU IA 354 -79.63 -34.95 -54.05
CA LEU IA 354 -80.20 -34.84 -52.72
C LEU IA 354 -81.10 -33.60 -52.66
N GLY IA 355 -82.09 -33.66 -51.78
CA GLY IA 355 -83.04 -32.57 -51.67
C GLY IA 355 -84.21 -32.64 -52.64
N SER IA 356 -84.38 -33.76 -53.34
CA SER IA 356 -85.55 -33.98 -54.19
C SER IA 356 -86.56 -34.92 -53.57
N ALA IA 357 -86.46 -35.15 -52.25
CA ALA IA 357 -87.40 -36.00 -51.52
C ALA IA 357 -87.42 -37.43 -52.08
N HIS IA 358 -86.24 -38.00 -52.25
CA HIS IA 358 -86.10 -39.34 -52.81
C HIS IA 358 -86.01 -40.39 -51.71
N GLN IA 359 -86.50 -41.58 -52.03
CA GLN IA 359 -86.40 -42.71 -51.12
C GLN IA 359 -84.97 -43.24 -51.06
N GLY IA 360 -84.70 -44.05 -50.05
CA GLY IA 360 -83.37 -44.61 -49.86
C GLY IA 360 -82.58 -43.99 -48.73
N CYS IA 361 -83.21 -43.23 -47.85
CA CYS IA 361 -82.51 -42.59 -46.75
C CYS IA 361 -82.18 -43.61 -45.67
N LEU IA 362 -81.54 -43.14 -44.62
CA LEU IA 362 -81.32 -43.96 -43.44
C LEU IA 362 -82.67 -44.23 -42.77
N PRO IA 363 -83.01 -45.49 -42.48
CA PRO IA 363 -84.33 -45.77 -41.95
C PRO IA 363 -84.51 -45.14 -40.59
N PRO IA 364 -85.74 -44.70 -40.26
CA PRO IA 364 -85.96 -44.05 -38.96
C PRO IA 364 -85.66 -44.96 -37.77
N PHE IA 365 -85.91 -46.25 -37.88
CA PHE IA 365 -85.64 -47.18 -36.80
C PHE IA 365 -84.19 -47.65 -36.89
N PRO IA 366 -83.40 -47.50 -35.81
CA PRO IA 366 -81.98 -47.86 -35.89
C PRO IA 366 -81.70 -49.32 -36.18
N ALA IA 367 -82.67 -50.21 -35.97
CA ALA IA 367 -82.47 -51.64 -36.18
C ALA IA 367 -82.73 -52.09 -37.60
N ASP IA 368 -83.20 -51.20 -38.48
CA ASP IA 368 -83.51 -51.56 -39.86
C ASP IA 368 -82.28 -51.49 -40.74
N VAL IA 369 -82.19 -52.43 -41.69
CA VAL IA 369 -81.11 -52.47 -42.66
C VAL IA 369 -81.66 -51.97 -43.99
N PHE IA 370 -80.91 -51.09 -44.65
CA PHE IA 370 -81.39 -50.41 -45.85
C PHE IA 370 -80.43 -50.60 -47.00
N MET IA 371 -80.99 -50.60 -48.21
CA MET IA 371 -80.21 -50.65 -49.44
C MET IA 371 -79.78 -49.26 -49.86
N VAL IA 372 -78.57 -49.14 -50.37
CA VAL IA 372 -78.03 -47.86 -50.82
C VAL IA 372 -78.64 -47.52 -52.17
N PRO IA 373 -79.30 -46.36 -52.31
CA PRO IA 373 -79.95 -46.03 -53.59
C PRO IA 373 -78.94 -45.78 -54.70
N GLN IA 374 -79.37 -46.08 -55.92
CA GLN IA 374 -78.52 -45.88 -57.09
C GLN IA 374 -78.49 -44.41 -57.49
N TYR IA 375 -77.29 -43.91 -57.80
CA TYR IA 375 -77.13 -42.51 -58.18
C TYR IA 375 -77.41 -42.34 -59.66
N GLY IA 376 -78.14 -41.28 -60.00
CA GLY IA 376 -78.43 -40.94 -61.37
C GLY IA 376 -78.81 -39.48 -61.46
N TYR IA 377 -78.58 -38.90 -62.63
CA TYR IA 377 -78.82 -37.48 -62.83
C TYR IA 377 -79.46 -37.25 -64.19
N LEU IA 378 -80.11 -36.09 -64.32
CA LEU IA 378 -80.70 -35.66 -65.56
C LEU IA 378 -79.97 -34.42 -66.08
N THR IA 379 -79.92 -34.31 -67.40
CA THR IA 379 -79.30 -33.14 -68.03
C THR IA 379 -80.30 -32.54 -69.03
N LEU IA 380 -79.84 -31.58 -69.82
CA LEU IA 380 -80.73 -30.90 -70.79
C LEU IA 380 -81.28 -31.90 -71.81
N ASN IA 381 -82.54 -31.74 -72.18
CA ASN IA 381 -83.15 -32.63 -73.18
C ASN IA 381 -84.05 -31.84 -74.14
N ASN IA 382 -84.04 -32.18 -75.42
CA ASN IA 382 -85.01 -31.60 -76.37
C ASN IA 382 -85.94 -32.77 -76.68
N GLY IA 383 -86.95 -33.00 -75.83
CA GLY IA 383 -87.77 -34.20 -75.99
C GLY IA 383 -87.06 -35.37 -75.35
N SER IA 384 -87.06 -36.54 -75.99
CA SER IA 384 -86.32 -37.67 -75.47
C SER IA 384 -84.84 -37.63 -75.86
N GLN IA 385 -84.44 -36.70 -76.72
CA GLN IA 385 -83.07 -36.57 -77.17
C GLN IA 385 -82.30 -35.58 -76.31
N ALA IA 386 -81.01 -35.47 -76.58
CA ALA IA 386 -80.13 -34.54 -75.90
C ALA IA 386 -79.76 -33.38 -76.82
N VAL IA 387 -79.15 -32.35 -76.23
CA VAL IA 387 -78.64 -31.20 -76.97
C VAL IA 387 -77.14 -31.13 -76.75
N GLY IA 388 -76.51 -30.20 -77.46
CA GLY IA 388 -75.07 -30.05 -77.35
C GLY IA 388 -74.61 -29.57 -75.99
N ARG IA 389 -75.49 -28.89 -75.26
CA ARG IA 389 -75.16 -28.39 -73.94
C ARG IA 389 -75.31 -29.43 -72.85
N SER IA 390 -75.88 -30.59 -73.16
CA SER IA 390 -76.03 -31.65 -72.17
C SER IA 390 -74.66 -32.12 -71.67
N SER IA 391 -74.57 -32.35 -70.37
CA SER IA 391 -73.32 -32.70 -69.72
C SER IA 391 -73.32 -34.16 -69.31
N PHE IA 392 -72.19 -34.82 -69.51
CA PHE IA 392 -71.98 -36.19 -69.06
C PHE IA 392 -70.90 -36.20 -67.99
N TYR IA 393 -71.12 -36.96 -66.93
CA TYR IA 393 -70.21 -37.03 -65.80
C TYR IA 393 -69.82 -38.47 -65.54
N CYS IA 394 -68.52 -38.74 -65.53
CA CYS IA 394 -67.98 -40.02 -65.11
C CYS IA 394 -67.48 -39.88 -63.68
N LEU IA 395 -68.05 -40.65 -62.77
CA LEU IA 395 -67.71 -40.56 -61.36
C LEU IA 395 -66.37 -41.22 -61.04
N GLU IA 396 -65.82 -42.02 -61.95
CA GLU IA 396 -64.47 -42.54 -61.78
C GLU IA 396 -63.41 -41.52 -62.15
N TYR IA 397 -63.82 -40.34 -62.64
CA TYR IA 397 -62.87 -39.24 -62.99
C TYR IA 397 -62.63 -38.38 -61.75
N PHE IA 398 -63.21 -38.76 -60.62
CA PHE IA 398 -63.00 -38.14 -59.33
C PHE IA 398 -62.02 -38.98 -58.50
N PRO IA 399 -61.20 -38.35 -57.67
CA PRO IA 399 -60.37 -39.12 -56.73
C PRO IA 399 -61.24 -39.74 -55.65
N SER IA 400 -61.14 -41.05 -55.49
CA SER IA 400 -61.92 -41.78 -54.51
C SER IA 400 -61.01 -42.62 -53.63
N GLN IA 401 -61.50 -42.93 -52.44
CA GLN IA 401 -60.75 -43.72 -51.47
C GLN IA 401 -61.20 -45.17 -51.56
N MET IA 402 -60.24 -46.08 -51.69
CA MET IA 402 -60.51 -47.51 -51.83
C MET IA 402 -60.39 -48.16 -50.46
N LEU IA 403 -61.43 -48.91 -50.08
CA LEU IA 403 -61.53 -49.47 -48.74
C LEU IA 403 -61.69 -50.98 -48.82
N ARG IA 404 -60.73 -51.71 -48.26
CA ARG IA 404 -60.87 -53.15 -48.07
C ARG IA 404 -61.57 -53.42 -46.74
N THR IA 405 -61.75 -54.70 -46.41
CA THR IA 405 -62.29 -55.04 -45.07
C THR IA 405 -61.20 -54.66 -44.06
N GLY IA 406 -61.53 -53.76 -43.15
CA GLY IA 406 -60.58 -53.22 -42.19
C GLY IA 406 -60.24 -51.77 -42.40
N ASN IA 407 -60.63 -51.18 -43.52
CA ASN IA 407 -60.46 -49.76 -43.76
C ASN IA 407 -61.77 -49.02 -43.45
N ASN IA 408 -61.64 -47.77 -43.04
CA ASN IA 408 -62.79 -46.93 -42.74
C ASN IA 408 -62.66 -45.60 -43.47
N PHE IA 409 -63.79 -44.94 -43.65
CA PHE IA 409 -63.87 -43.64 -44.29
C PHE IA 409 -64.52 -42.66 -43.33
N THR IA 410 -64.06 -41.40 -43.36
CA THR IA 410 -64.65 -40.38 -42.52
C THR IA 410 -64.43 -39.01 -43.15
N PHE IA 411 -65.34 -38.09 -42.83
CA PHE IA 411 -65.17 -36.69 -43.22
C PHE IA 411 -66.07 -35.84 -42.36
N SER IA 412 -65.68 -34.58 -42.19
CA SER IA 412 -66.41 -33.62 -41.37
C SER IA 412 -66.85 -32.45 -42.24
N TYR IA 413 -68.03 -31.93 -41.93
CA TYR IA 413 -68.62 -30.83 -42.69
C TYR IA 413 -69.19 -29.81 -41.71
N THR IA 414 -69.06 -28.53 -42.06
CA THR IA 414 -69.61 -27.45 -41.26
C THR IA 414 -70.71 -26.76 -42.06
N PHE IA 415 -71.89 -26.67 -41.47
CA PHE IA 415 -73.00 -25.96 -42.11
C PHE IA 415 -72.71 -24.47 -42.15
N GLU IA 416 -73.15 -23.82 -43.22
CA GLU IA 416 -73.09 -22.38 -43.29
C GLU IA 416 -74.14 -21.77 -42.35
N ASP IA 417 -73.99 -20.47 -42.09
CA ASP IA 417 -74.94 -19.78 -41.23
C ASP IA 417 -76.30 -19.71 -41.91
N VAL IA 418 -77.32 -20.22 -41.23
CA VAL IA 418 -78.69 -20.23 -41.77
C VAL IA 418 -79.63 -19.75 -40.69
N PRO IA 419 -80.77 -19.19 -41.06
CA PRO IA 419 -81.76 -18.78 -40.05
C PRO IA 419 -82.30 -19.96 -39.27
N PHE IA 420 -82.63 -19.71 -38.01
CA PHE IA 420 -83.31 -20.71 -37.20
C PHE IA 420 -84.66 -21.02 -37.82
N HIS IA 421 -85.02 -22.30 -37.85
CA HIS IA 421 -86.36 -22.68 -38.26
C HIS IA 421 -87.37 -22.15 -37.25
N SER IA 422 -88.46 -21.57 -37.77
CA SER IA 422 -89.53 -21.02 -36.91
C SER IA 422 -90.37 -22.15 -36.33
N SER IA 423 -89.88 -22.78 -35.26
CA SER IA 423 -90.62 -23.86 -34.61
C SER IA 423 -91.62 -23.31 -33.59
N TYR IA 424 -92.46 -22.38 -34.06
CA TYR IA 424 -93.47 -21.76 -33.23
C TYR IA 424 -94.63 -21.33 -34.10
N ALA IA 425 -95.78 -21.15 -33.48
CA ALA IA 425 -96.96 -20.59 -34.12
C ALA IA 425 -97.27 -19.23 -33.51
N HIS IA 426 -97.57 -18.26 -34.36
CA HIS IA 426 -97.87 -16.92 -33.86
C HIS IA 426 -99.18 -16.92 -33.09
N SER IA 427 -99.17 -16.31 -31.91
CA SER IA 427 -100.37 -16.15 -31.09
C SER IA 427 -101.13 -14.88 -31.43
N GLN IA 428 -100.66 -14.10 -32.40
CA GLN IA 428 -101.36 -12.93 -32.91
C GLN IA 428 -101.53 -13.06 -34.42
N SER IA 429 -102.61 -12.48 -34.92
CA SER IA 429 -102.85 -12.41 -36.35
C SER IA 429 -102.34 -11.08 -36.89
N LEU IA 430 -101.93 -11.09 -38.16
CA LEU IA 430 -101.37 -9.88 -38.76
C LEU IA 430 -102.39 -8.76 -38.88
N ASP IA 431 -103.69 -9.11 -38.87
CA ASP IA 431 -104.76 -8.08 -39.01
C ASP IA 431 -105.33 -7.72 -37.63
N ARG IA 432 -104.74 -8.24 -36.55
CA ARG IA 432 -105.20 -7.97 -35.19
C ARG IA 432 -104.03 -7.58 -34.30
N LEU IA 433 -103.19 -6.66 -34.79
CA LEU IA 433 -102.00 -6.23 -34.07
C LEU IA 433 -102.20 -4.92 -33.33
N MET IA 434 -103.42 -4.40 -33.28
CA MET IA 434 -103.69 -3.08 -32.73
C MET IA 434 -104.14 -3.18 -31.27
N ASN IA 435 -104.35 -2.02 -30.65
CA ASN IA 435 -104.92 -1.92 -29.33
C ASN IA 435 -106.43 -1.76 -29.47
N PRO IA 436 -107.24 -2.73 -29.05
CA PRO IA 436 -108.69 -2.64 -29.27
C PRO IA 436 -109.37 -1.57 -28.43
N LEU IA 437 -108.70 -0.99 -27.45
CA LEU IA 437 -109.30 -0.02 -26.56
C LEU IA 437 -109.20 1.41 -27.06
N ILE IA 438 -108.21 1.72 -27.90
CA ILE IA 438 -107.92 3.08 -28.32
C ILE IA 438 -108.22 3.19 -29.82
N ASP IA 439 -108.92 4.26 -30.20
CA ASP IA 439 -109.16 4.55 -31.59
C ASP IA 439 -107.88 5.04 -32.27
N GLN IA 440 -107.84 4.88 -33.59
CA GLN IA 440 -106.76 5.44 -34.39
C GLN IA 440 -107.01 6.93 -34.66
N TYR IA 441 -105.92 7.68 -34.78
CA TYR IA 441 -106.04 9.08 -35.17
C TYR IA 441 -106.17 9.25 -36.69
N LEU IA 442 -105.90 8.21 -37.46
CA LEU IA 442 -106.04 8.28 -38.90
C LEU IA 442 -107.49 8.04 -39.30
N TYR IA 443 -107.88 8.64 -40.42
CA TYR IA 443 -109.23 8.54 -40.95
C TYR IA 443 -109.25 7.66 -42.19
N TYR IA 444 -110.38 7.01 -42.42
CA TYR IA 444 -110.62 6.22 -43.61
C TYR IA 444 -111.98 6.60 -44.18
N LEU IA 445 -112.11 6.47 -45.50
CA LEU IA 445 -113.37 6.73 -46.18
C LEU IA 445 -114.39 5.68 -45.75
N SER IA 446 -115.37 6.08 -44.95
CA SER IA 446 -116.36 5.16 -44.41
C SER IA 446 -117.68 5.19 -45.17
N ARG IA 447 -118.03 6.35 -45.70
CA ARG IA 447 -119.28 6.45 -46.49
C ARG IA 447 -119.03 7.18 -47.80
N THR IA 448 -119.79 6.82 -48.82
CA THR IA 448 -119.66 7.45 -50.13
C THR IA 448 -120.91 8.19 -50.57
N ASN IA 449 -122.01 8.12 -49.81
CA ASN IA 449 -123.22 8.85 -50.13
C ASN IA 449 -124.01 9.09 -48.86
N THR IA 450 -124.98 9.99 -48.94
CA THR IA 450 -125.88 10.29 -47.83
C THR IA 450 -127.30 10.37 -48.33
N PRO IA 451 -128.33 10.09 -47.47
CA PRO IA 451 -129.71 10.23 -47.91
C PRO IA 451 -129.97 11.69 -48.30
N SER IA 452 -130.45 11.91 -49.53
CA SER IA 452 -130.80 13.29 -49.96
C SER IA 452 -132.24 13.27 -50.47
N GLY IA 453 -133.13 14.04 -49.86
CA GLY IA 453 -134.55 13.98 -50.24
C GLY IA 453 -135.09 12.58 -50.07
N THR IA 454 -135.67 12.01 -51.14
CA THR IA 454 -136.16 10.61 -51.09
C THR IA 454 -135.24 9.75 -51.95
N THR IA 455 -134.17 10.34 -52.47
CA THR IA 455 -133.17 9.58 -53.26
C THR IA 455 -131.84 9.56 -52.50
N THR IA 456 -130.72 9.42 -53.19
CA THR IA 456 -129.38 9.48 -52.52
C THR IA 456 -128.51 10.52 -53.22
N GLN IA 457 -127.54 11.07 -52.49
CA GLN IA 457 -126.64 12.06 -53.06
C GLN IA 457 -125.21 11.69 -52.70
N SER IA 458 -124.29 11.83 -53.65
CA SER IA 458 -122.90 11.49 -53.42
C SER IA 458 -122.28 12.44 -52.40
N ARG IA 459 -121.64 11.87 -51.38
CA ARG IA 459 -121.03 12.66 -50.32
C ARG IA 459 -120.00 11.80 -49.60
N LEU IA 460 -118.75 12.24 -49.59
CA LEU IA 460 -117.69 11.49 -48.94
C LEU IA 460 -117.63 11.81 -47.45
N GLN IA 461 -117.53 10.76 -46.63
CA GLN IA 461 -117.38 10.91 -45.19
C GLN IA 461 -116.26 10.01 -44.70
N PHE IA 462 -115.63 10.41 -43.60
CA PHE IA 462 -114.48 9.72 -43.06
C PHE IA 462 -114.67 9.47 -41.57
N SER IA 463 -114.13 8.35 -41.10
CA SER IA 463 -114.25 7.96 -39.71
C SER IA 463 -112.89 7.48 -39.20
N GLN IA 464 -112.72 7.54 -37.89
CA GLN IA 464 -111.57 6.97 -37.22
C GLN IA 464 -111.89 5.54 -36.82
N ALA IA 465 -110.99 4.62 -37.13
CA ALA IA 465 -111.24 3.20 -36.93
C ALA IA 465 -110.95 2.81 -35.48
N GLY IA 466 -111.83 2.00 -34.92
CA GLY IA 466 -111.68 1.46 -33.57
C GLY IA 466 -111.92 -0.04 -33.59
N ALA IA 467 -112.52 -0.53 -32.50
CA ALA IA 467 -112.79 -1.96 -32.38
C ALA IA 467 -114.00 -2.40 -33.18
N SER IA 468 -115.03 -1.55 -33.27
CA SER IA 468 -116.26 -1.93 -33.95
C SER IA 468 -116.06 -2.06 -35.45
N ASP IA 469 -115.20 -1.23 -36.04
CA ASP IA 469 -114.87 -1.31 -37.45
C ASP IA 469 -113.41 -1.68 -37.62
N ILE IA 470 -112.97 -2.69 -36.86
CA ILE IA 470 -111.57 -3.08 -36.79
C ILE IA 470 -110.99 -3.48 -38.13
N ARG IA 471 -111.84 -3.87 -39.09
CA ARG IA 471 -111.35 -4.28 -40.40
C ARG IA 471 -110.83 -3.10 -41.22
N ASP IA 472 -111.20 -1.87 -40.87
CA ASP IA 472 -110.83 -0.69 -41.63
C ASP IA 472 -109.61 0.02 -41.07
N GLN IA 473 -108.97 -0.54 -40.05
CA GLN IA 473 -107.84 0.13 -39.41
C GLN IA 473 -106.65 0.20 -40.36
N SER IA 474 -105.94 1.33 -40.31
CA SER IA 474 -104.72 1.48 -41.07
C SER IA 474 -103.63 0.58 -40.50
N ARG IA 475 -102.92 -0.11 -41.39
CA ARG IA 475 -101.94 -1.11 -40.99
C ARG IA 475 -100.63 -0.88 -41.72
N ASN IA 476 -99.56 -1.42 -41.15
CA ASN IA 476 -98.21 -1.23 -41.67
C ASN IA 476 -97.71 -2.39 -42.51
N TRP IA 477 -98.38 -3.54 -42.47
CA TRP IA 477 -97.86 -4.76 -43.08
C TRP IA 477 -98.94 -5.45 -43.89
N LEU IA 478 -98.52 -6.40 -44.71
CA LEU IA 478 -99.37 -7.16 -45.62
C LEU IA 478 -99.08 -8.65 -45.48
N PRO IA 479 -100.07 -9.50 -45.75
CA PRO IA 479 -99.81 -10.94 -45.75
C PRO IA 479 -98.91 -11.35 -46.90
N GLY IA 480 -98.21 -12.47 -46.70
CA GLY IA 480 -97.21 -12.95 -47.64
C GLY IA 480 -97.77 -13.29 -49.00
N PRO IA 481 -96.88 -13.65 -49.93
CA PRO IA 481 -97.31 -13.89 -51.31
C PRO IA 481 -98.14 -15.17 -51.44
N CYS IA 482 -98.87 -15.20 -52.55
CA CYS IA 482 -99.85 -16.28 -52.77
C CYS IA 482 -99.76 -16.85 -54.19
N TYR IA 483 -100.05 -18.14 -54.36
CA TYR IA 483 -100.16 -18.76 -55.67
C TYR IA 483 -101.28 -19.79 -55.55
N ARG IA 484 -102.49 -19.39 -55.94
CA ARG IA 484 -103.70 -20.09 -55.51
C ARG IA 484 -103.71 -21.56 -55.93
N GLN IA 485 -104.17 -22.40 -55.02
CA GLN IA 485 -104.32 -23.83 -55.23
C GLN IA 485 -105.79 -24.20 -55.24
N GLN IA 486 -106.13 -25.28 -55.94
CA GLN IA 486 -107.49 -25.79 -55.91
C GLN IA 486 -107.76 -26.46 -54.57
N ARG IA 487 -108.99 -26.33 -54.09
CA ARG IA 487 -109.40 -26.89 -52.81
C ARG IA 487 -110.02 -28.26 -53.00
N VAL IA 488 -109.50 -29.22 -52.24
CA VAL IA 488 -110.02 -30.61 -52.25
C VAL IA 488 -110.42 -30.93 -50.82
N SER IA 489 -111.38 -31.83 -50.62
CA SER IA 489 -111.88 -32.21 -49.31
C SER IA 489 -111.51 -33.64 -48.99
N LYS IA 490 -111.21 -33.90 -47.71
CA LYS IA 490 -110.88 -35.28 -47.27
C LYS IA 490 -112.15 -36.13 -47.32
N THR IA 491 -113.33 -35.52 -47.19
CA THR IA 491 -114.61 -36.24 -47.37
C THR IA 491 -114.81 -36.40 -48.87
N SER IA 492 -114.78 -37.63 -49.39
CA SER IA 492 -114.82 -37.84 -50.86
C SER IA 492 -116.07 -37.25 -51.52
N ALA IA 493 -117.26 -37.46 -50.94
CA ALA IA 493 -118.48 -37.00 -51.59
C ALA IA 493 -118.47 -35.50 -51.86
N ASP IA 494 -117.70 -34.75 -51.07
CA ASP IA 494 -117.66 -33.30 -51.22
C ASP IA 494 -116.92 -32.83 -52.46
N ASN IA 495 -116.18 -33.73 -53.13
CA ASN IA 495 -115.37 -33.36 -54.27
C ASN IA 495 -116.16 -33.51 -55.57
N ASN IA 496 -115.73 -32.78 -56.59
CA ASN IA 496 -116.38 -32.87 -57.89
C ASN IA 496 -116.15 -34.23 -58.51
N ASN IA 497 -117.19 -34.76 -59.16
CA ASN IA 497 -117.12 -36.09 -59.78
C ASN IA 497 -116.52 -35.96 -61.19
N SER IA 498 -115.22 -35.71 -61.21
CA SER IA 498 -114.47 -35.57 -62.46
C SER IA 498 -113.00 -35.80 -62.18
N GLU IA 499 -112.23 -35.92 -63.26
CA GLU IA 499 -110.76 -36.08 -63.15
C GLU IA 499 -110.15 -34.70 -63.31
N TYR IA 500 -109.73 -34.08 -62.21
CA TYR IA 500 -109.20 -32.73 -62.22
C TYR IA 500 -107.84 -32.65 -61.53
N SER IA 501 -107.12 -33.77 -61.43
CA SER IA 501 -105.81 -33.74 -60.78
C SER IA 501 -104.77 -32.98 -61.59
N TRP IA 502 -105.02 -32.76 -62.87
CA TRP IA 502 -104.11 -31.99 -63.72
C TRP IA 502 -104.76 -30.78 -64.35
N THR IA 503 -106.02 -30.89 -64.80
CA THR IA 503 -106.70 -29.75 -65.38
C THR IA 503 -106.88 -28.62 -64.38
N GLY IA 504 -107.26 -28.96 -63.15
CA GLY IA 504 -107.40 -28.01 -62.07
C GLY IA 504 -106.15 -27.80 -61.25
N ALA IA 505 -105.03 -28.39 -61.65
CA ALA IA 505 -103.80 -28.31 -60.89
C ALA IA 505 -103.12 -26.96 -61.08
N THR IA 506 -102.35 -26.57 -60.07
CA THR IA 506 -101.54 -25.35 -60.14
C THR IA 506 -100.18 -25.68 -60.73
N LYS IA 507 -99.83 -24.98 -61.81
CA LYS IA 507 -98.66 -25.35 -62.61
C LYS IA 507 -97.82 -24.12 -62.90
N TYR IA 508 -96.54 -24.37 -63.18
CA TYR IA 508 -95.66 -23.36 -63.74
C TYR IA 508 -95.13 -23.85 -65.08
N HIS IA 509 -94.95 -22.91 -66.01
CA HIS IA 509 -94.58 -23.21 -67.39
C HIS IA 509 -93.11 -22.87 -67.57
N LEU IA 510 -92.33 -23.84 -68.04
CA LEU IA 510 -90.89 -23.66 -68.22
C LEU IA 510 -90.46 -24.40 -69.47
N ASN IA 511 -89.98 -23.64 -70.47
CA ASN IA 511 -89.47 -24.21 -71.73
C ASN IA 511 -90.52 -25.08 -72.43
N GLY IA 512 -91.78 -24.64 -72.38
CA GLY IA 512 -92.84 -25.36 -73.04
C GLY IA 512 -93.37 -26.56 -72.30
N ARG IA 513 -92.87 -26.82 -71.10
CA ARG IA 513 -93.41 -27.95 -70.30
C ARG IA 513 -94.04 -27.49 -69.00
N ASP IA 514 -95.20 -28.02 -68.67
CA ASP IA 514 -95.91 -27.72 -67.42
C ASP IA 514 -95.42 -28.66 -66.32
N SER IA 515 -95.02 -28.07 -65.19
CA SER IA 515 -94.63 -28.83 -64.02
C SER IA 515 -95.60 -28.52 -62.89
N LEU IA 516 -95.95 -29.55 -62.12
CA LEU IA 516 -96.84 -29.36 -60.99
C LEU IA 516 -96.15 -28.51 -59.92
N VAL IA 517 -96.90 -27.54 -59.37
CA VAL IA 517 -96.42 -26.73 -58.26
C VAL IA 517 -96.76 -27.49 -56.99
N ASN IA 518 -95.75 -28.11 -56.40
CA ASN IA 518 -95.95 -29.00 -55.26
C ASN IA 518 -94.72 -28.99 -54.37
N PRO IA 519 -94.83 -28.49 -53.13
CA PRO IA 519 -96.02 -27.90 -52.49
C PRO IA 519 -96.17 -26.41 -52.78
N GLY IA 520 -95.19 -25.79 -53.41
CA GLY IA 520 -95.27 -24.40 -53.77
C GLY IA 520 -94.98 -23.46 -52.62
N PRO IA 521 -95.35 -22.18 -52.79
CA PRO IA 521 -95.13 -21.20 -51.73
C PRO IA 521 -95.89 -21.57 -50.47
N ALA IA 522 -95.29 -21.22 -49.32
CA ALA IA 522 -95.87 -21.57 -48.03
C ALA IA 522 -97.17 -20.80 -47.81
N MET IA 523 -98.27 -21.53 -47.71
CA MET IA 523 -99.58 -20.94 -47.51
C MET IA 523 -100.38 -21.81 -46.55
N ALA IA 524 -101.34 -21.19 -45.87
CA ALA IA 524 -102.18 -21.92 -44.93
C ALA IA 524 -103.04 -22.95 -45.65
N SER IA 525 -103.14 -24.14 -45.07
CA SER IA 525 -103.94 -25.20 -45.69
C SER IA 525 -105.41 -24.83 -45.72
N HIS IA 526 -105.92 -24.21 -44.66
CA HIS IA 526 -107.34 -23.91 -44.57
C HIS IA 526 -107.53 -22.79 -43.56
N LYS IA 527 -108.73 -22.20 -43.58
CA LYS IA 527 -109.11 -21.16 -42.64
C LYS IA 527 -109.73 -21.80 -41.40
N ASP IA 528 -110.34 -20.98 -40.54
CA ASP IA 528 -110.95 -21.49 -39.33
C ASP IA 528 -112.06 -22.47 -39.63
N ASP IA 529 -112.08 -23.57 -38.88
CA ASP IA 529 -113.17 -24.56 -38.92
C ASP IA 529 -113.36 -25.15 -40.32
N GLU IA 530 -112.24 -25.38 -41.01
CA GLU IA 530 -112.27 -26.01 -42.32
C GLU IA 530 -111.14 -27.02 -42.44
N GLU IA 531 -110.91 -27.80 -41.39
CA GLU IA 531 -109.79 -28.72 -41.35
C GLU IA 531 -109.91 -29.84 -42.37
N LYS IA 532 -111.11 -30.09 -42.91
CA LYS IA 532 -111.27 -31.13 -43.92
C LYS IA 532 -110.76 -30.70 -45.29
N PHE IA 533 -110.47 -29.42 -45.48
CA PHE IA 533 -110.03 -28.91 -46.77
C PHE IA 533 -108.52 -28.73 -46.78
N PHE IA 534 -107.89 -29.14 -47.88
CA PHE IA 534 -106.46 -28.97 -48.08
C PHE IA 534 -106.21 -28.61 -49.53
N PRO IA 535 -105.13 -27.88 -49.81
CA PRO IA 535 -104.80 -27.56 -51.20
C PRO IA 535 -104.45 -28.81 -51.98
N GLN IA 536 -104.77 -28.78 -53.28
CA GLN IA 536 -104.63 -29.97 -54.12
C GLN IA 536 -103.19 -30.44 -54.18
N SER IA 537 -102.24 -29.52 -54.34
CA SER IA 537 -100.82 -29.85 -54.32
C SER IA 537 -100.04 -28.85 -53.50
N GLY IA 538 -100.64 -28.38 -52.40
CA GLY IA 538 -100.02 -27.37 -51.56
C GLY IA 538 -99.52 -27.84 -50.22
N VAL IA 539 -99.59 -29.14 -49.92
CA VAL IA 539 -99.11 -29.68 -48.65
C VAL IA 539 -98.29 -30.93 -48.92
N LEU IA 540 -97.39 -31.23 -48.00
CA LEU IA 540 -96.66 -32.48 -48.07
C LEU IA 540 -97.57 -33.63 -47.68
N ILE IA 541 -97.49 -34.72 -48.42
CA ILE IA 541 -98.29 -35.92 -48.17
C ILE IA 541 -97.32 -37.08 -47.96
N PHE IA 542 -97.32 -37.63 -46.74
CA PHE IA 542 -96.48 -38.75 -46.39
C PHE IA 542 -97.28 -40.04 -46.43
N GLY IA 543 -96.63 -41.12 -46.83
CA GLY IA 543 -97.27 -42.42 -46.89
C GLY IA 543 -97.19 -43.14 -45.56
N LYS IA 544 -98.28 -43.81 -45.20
CA LYS IA 544 -98.26 -44.67 -44.03
C LYS IA 544 -97.42 -45.91 -44.32
N GLN IA 545 -97.13 -46.67 -43.26
CA GLN IA 545 -96.33 -47.88 -43.42
C GLN IA 545 -97.06 -48.88 -44.29
N GLY IA 546 -96.34 -49.44 -45.27
CA GLY IA 546 -96.91 -50.41 -46.18
C GLY IA 546 -97.66 -49.83 -47.35
N SER IA 547 -97.63 -48.51 -47.51
CA SER IA 547 -98.40 -47.84 -48.59
C SER IA 547 -97.75 -48.11 -49.95
N GLU IA 548 -98.56 -48.38 -50.98
CA GLU IA 548 -98.06 -48.65 -52.31
C GLU IA 548 -97.60 -47.35 -52.97
N LYS IA 549 -97.30 -47.44 -54.27
CA LYS IA 549 -96.75 -46.30 -55.00
C LYS IA 549 -97.81 -45.55 -55.81
N THR IA 550 -98.74 -46.26 -56.43
CA THR IA 550 -99.66 -45.68 -57.39
C THR IA 550 -101.10 -45.76 -56.88
N ASN IA 551 -101.77 -44.61 -56.84
CA ASN IA 551 -103.23 -44.52 -56.63
C ASN IA 551 -103.65 -45.19 -55.33
N VAL IA 552 -102.98 -44.84 -54.24
CA VAL IA 552 -103.40 -45.29 -52.93
C VAL IA 552 -104.52 -44.40 -52.42
N ASP IA 553 -105.36 -44.94 -51.55
CA ASP IA 553 -106.50 -44.20 -51.04
C ASP IA 553 -106.05 -43.13 -50.05
N ILE IA 554 -106.99 -42.27 -49.67
CA ILE IA 554 -106.66 -41.20 -48.74
C ILE IA 554 -106.34 -41.75 -47.35
N GLU IA 555 -106.97 -42.86 -46.97
CA GLU IA 555 -106.68 -43.47 -45.67
C GLU IA 555 -105.30 -44.10 -45.62
N LYS IA 556 -104.63 -44.26 -46.76
CA LYS IA 556 -103.28 -44.80 -46.81
C LYS IA 556 -102.21 -43.74 -46.68
N VAL IA 557 -102.58 -42.45 -46.69
CA VAL IA 557 -101.62 -41.36 -46.64
C VAL IA 557 -101.98 -40.44 -45.48
N MET IA 558 -100.98 -39.69 -45.03
CA MET IA 558 -101.13 -38.71 -43.96
C MET IA 558 -100.84 -37.33 -44.54
N ILE IA 559 -101.86 -36.48 -44.57
CA ILE IA 559 -101.76 -35.15 -45.17
C ILE IA 559 -101.39 -34.15 -44.09
N THR IA 560 -100.34 -33.38 -44.32
CA THR IA 560 -99.88 -32.42 -43.34
C THR IA 560 -100.77 -31.17 -43.35
N ASP IA 561 -100.65 -30.40 -42.27
CA ASP IA 561 -101.47 -29.18 -42.13
C ASP IA 561 -100.55 -28.01 -41.82
N GLU IA 562 -100.74 -26.90 -42.53
CA GLU IA 562 -100.00 -25.66 -42.35
C GLU IA 562 -100.89 -24.56 -41.82
N GLU IA 563 -101.75 -24.89 -40.86
CA GLU IA 563 -102.68 -23.91 -40.32
C GLU IA 563 -102.03 -22.95 -39.32
N GLU IA 564 -100.86 -23.30 -38.79
CA GLU IA 564 -100.21 -22.42 -37.82
C GLU IA 564 -99.71 -21.13 -38.43
N ILE IA 565 -99.61 -21.05 -39.76
CA ILE IA 565 -99.09 -19.87 -40.43
C ILE IA 565 -100.20 -19.04 -41.06
N ARG IA 566 -101.46 -19.34 -40.77
CA ARG IA 566 -102.55 -18.54 -41.30
C ARG IA 566 -102.64 -17.17 -40.64
N THR IA 567 -101.87 -16.93 -39.59
CA THR IA 567 -101.82 -15.61 -38.98
C THR IA 567 -101.18 -14.58 -39.91
N THR IA 568 -100.18 -14.98 -40.70
CA THR IA 568 -99.48 -14.09 -41.60
C THR IA 568 -99.55 -14.50 -43.06
N ASN IA 569 -99.89 -15.74 -43.36
CA ASN IA 569 -99.89 -16.23 -44.73
C ASN IA 569 -101.31 -16.43 -45.24
N PRO IA 570 -101.59 -16.08 -46.49
CA PRO IA 570 -102.93 -16.29 -47.03
C PRO IA 570 -103.27 -17.76 -47.13
N VAL IA 571 -104.56 -18.05 -47.05
CA VAL IA 571 -105.03 -19.42 -47.25
C VAL IA 571 -104.76 -19.84 -48.69
N ALA IA 572 -104.28 -21.08 -48.86
CA ALA IA 572 -103.80 -21.53 -50.16
C ALA IA 572 -104.92 -21.55 -51.19
N THR IA 573 -106.13 -21.92 -50.78
CA THR IA 573 -107.23 -22.13 -51.71
C THR IA 573 -108.07 -20.88 -51.94
N GLU IA 574 -107.71 -19.76 -51.34
CA GLU IA 574 -108.47 -18.52 -51.46
C GLU IA 574 -107.61 -17.44 -52.12
N GLN IA 575 -108.27 -16.37 -52.52
CA GLN IA 575 -107.58 -15.25 -53.14
C GLN IA 575 -106.77 -14.48 -52.10
N TYR IA 576 -105.72 -13.81 -52.59
CA TYR IA 576 -104.96 -12.92 -51.71
C TYR IA 576 -105.81 -11.75 -51.26
N GLY IA 577 -106.61 -11.19 -52.16
CA GLY IA 577 -107.40 -10.01 -51.83
C GLY IA 577 -108.11 -9.49 -53.05
N SER IA 578 -108.42 -8.20 -53.03
CA SER IA 578 -109.12 -7.54 -54.12
C SER IA 578 -108.43 -6.24 -54.47
N VAL IA 579 -108.44 -5.90 -55.76
CA VAL IA 579 -107.90 -4.65 -56.26
C VAL IA 579 -108.95 -4.01 -57.17
N SER IA 580 -108.84 -2.69 -57.32
CA SER IA 580 -109.70 -1.97 -58.23
C SER IA 580 -109.29 -2.22 -59.67
N THR IA 581 -110.28 -2.25 -60.56
CA THR IA 581 -110.04 -2.51 -61.97
C THR IA 581 -110.49 -1.39 -62.90
N ASN IA 582 -111.17 -0.36 -62.39
CA ASN IA 582 -111.65 0.73 -63.22
C ASN IA 582 -111.59 2.02 -62.40
N LEU IA 583 -112.20 3.07 -62.95
CA LEU IA 583 -112.26 4.37 -62.29
C LEU IA 583 -113.74 4.75 -62.14
N GLN IA 584 -114.23 4.73 -60.91
CA GLN IA 584 -115.61 5.12 -60.64
C GLN IA 584 -115.79 6.61 -60.92
N ARG IA 585 -116.99 6.93 -61.38
CA ARG IA 585 -117.30 8.32 -61.78
C ARG IA 585 -118.81 8.52 -61.76
N GLY IA 586 -119.26 9.69 -61.31
CA GLY IA 586 -120.68 10.03 -61.36
C GLY IA 586 -121.06 10.70 -62.65
N ASN IA 587 -122.34 11.11 -62.71
CA ASN IA 587 -122.89 11.70 -63.96
C ASN IA 587 -122.40 13.15 -64.13
N THR IA 594 -121.42 8.85 -68.76
CA THR IA 594 -122.44 8.24 -67.87
C THR IA 594 -121.78 7.87 -66.54
N SER IA 595 -122.51 7.29 -65.59
CA SER IA 595 -121.81 6.92 -64.38
C SER IA 595 -121.22 5.52 -64.50
N ARG IA 596 -120.11 5.30 -63.80
CA ARG IA 596 -119.44 4.01 -63.73
C ARG IA 596 -119.24 3.63 -62.28
N GLN IA 597 -119.73 2.46 -61.89
CA GLN IA 597 -119.58 2.00 -60.51
C GLN IA 597 -118.23 1.32 -60.31
N ALA IA 598 -117.70 1.43 -59.10
CA ALA IA 598 -116.40 0.85 -58.79
C ALA IA 598 -116.44 -0.67 -58.92
N ALA IA 599 -115.41 -1.23 -59.54
CA ALA IA 599 -115.30 -2.65 -59.78
C ALA IA 599 -114.03 -3.19 -59.16
N THR IA 600 -114.09 -4.44 -58.70
CA THR IA 600 -112.96 -5.11 -58.06
C THR IA 600 -112.78 -6.49 -58.67
N ALA IA 601 -111.55 -7.00 -58.56
CA ALA IA 601 -111.23 -8.33 -59.04
C ALA IA 601 -110.44 -9.08 -57.98
N ASP IA 602 -110.59 -10.40 -57.97
CA ASP IA 602 -109.82 -11.23 -57.07
C ASP IA 602 -108.38 -11.33 -57.54
N VAL IA 603 -107.46 -11.37 -56.59
CA VAL IA 603 -106.03 -11.50 -56.88
C VAL IA 603 -105.65 -12.94 -56.54
N ASN IA 604 -105.72 -13.81 -57.54
CA ASN IA 604 -105.42 -15.22 -57.34
C ASN IA 604 -103.91 -15.49 -57.27
N THR IA 605 -103.09 -14.58 -57.78
CA THR IA 605 -101.65 -14.69 -57.67
C THR IA 605 -101.09 -13.33 -57.29
N GLN IA 606 -100.26 -13.31 -56.24
CA GLN IA 606 -99.70 -12.08 -55.72
C GLN IA 606 -98.21 -12.25 -55.52
N GLY IA 607 -97.42 -11.41 -56.19
CA GLY IA 607 -95.99 -11.39 -55.96
C GLY IA 607 -95.64 -10.65 -54.69
N VAL IA 608 -94.34 -10.63 -54.39
CA VAL IA 608 -93.88 -9.99 -53.16
C VAL IA 608 -93.98 -8.48 -53.30
N LEU IA 609 -94.58 -7.84 -52.30
CA LEU IA 609 -94.73 -6.41 -52.19
C LEU IA 609 -93.91 -5.88 -51.03
N PRO IA 610 -93.47 -4.62 -51.08
CA PRO IA 610 -92.80 -4.04 -49.90
C PRO IA 610 -93.74 -4.02 -48.70
N GLY IA 611 -93.19 -4.33 -47.53
CA GLY IA 611 -93.98 -4.44 -46.33
C GLY IA 611 -94.62 -5.79 -46.10
N MET IA 612 -94.34 -6.77 -46.96
CA MET IA 612 -94.97 -8.11 -46.83
C MET IA 612 -94.19 -8.97 -45.83
N VAL IA 613 -94.90 -9.70 -44.96
CA VAL IA 613 -94.34 -10.60 -43.96
C VAL IA 613 -95.00 -11.96 -44.11
N TRP IA 614 -94.22 -13.03 -43.92
CA TRP IA 614 -94.73 -14.37 -44.12
C TRP IA 614 -93.91 -15.34 -43.28
N GLN IA 615 -94.43 -16.55 -43.13
CA GLN IA 615 -93.74 -17.65 -42.48
C GLN IA 615 -93.44 -18.74 -43.49
N ASP IA 616 -92.30 -19.40 -43.32
CA ASP IA 616 -91.91 -20.47 -44.23
C ASP IA 616 -92.68 -21.75 -43.90
N ARG IA 617 -92.55 -22.74 -44.77
CA ARG IA 617 -93.20 -24.01 -44.56
C ARG IA 617 -92.59 -24.74 -43.37
N ASP IA 618 -93.43 -25.44 -42.63
CA ASP IA 618 -92.97 -26.19 -41.47
C ASP IA 618 -92.14 -27.40 -41.89
N VAL IA 619 -91.25 -27.82 -40.99
CA VAL IA 619 -90.49 -29.05 -41.18
C VAL IA 619 -91.12 -30.14 -40.32
N TYR IA 620 -90.93 -31.38 -40.74
CA TYR IA 620 -91.57 -32.52 -40.10
C TYR IA 620 -90.51 -33.58 -39.80
N LEU IA 621 -90.86 -34.49 -38.89
CA LEU IA 621 -89.94 -35.56 -38.54
C LEU IA 621 -89.61 -36.43 -39.75
N GLN IA 622 -90.61 -36.71 -40.58
CA GLN IA 622 -90.41 -37.44 -41.82
C GLN IA 622 -89.98 -36.55 -42.98
N GLY IA 623 -89.92 -35.24 -42.77
CA GLY IA 623 -89.65 -34.31 -43.84
C GLY IA 623 -88.17 -34.12 -44.11
N PRO IA 624 -87.85 -33.44 -45.21
CA PRO IA 624 -86.45 -33.16 -45.53
C PRO IA 624 -85.86 -32.09 -44.61
N ILE IA 625 -84.55 -32.12 -44.49
CA ILE IA 625 -83.81 -31.18 -43.65
C ILE IA 625 -83.31 -29.99 -44.44
N TRP IA 626 -82.68 -30.22 -45.59
CA TRP IA 626 -82.02 -29.16 -46.33
C TRP IA 626 -82.25 -29.37 -47.83
N ALA IA 627 -81.77 -28.39 -48.60
CA ALA IA 627 -81.73 -28.49 -50.05
C ALA IA 627 -80.63 -27.55 -50.55
N LYS IA 628 -80.11 -27.85 -51.73
CA LYS IA 628 -79.07 -27.01 -52.32
C LYS IA 628 -79.72 -25.85 -53.07
N ILE IA 629 -79.33 -24.64 -52.74
CA ILE IA 629 -79.80 -23.47 -53.48
C ILE IA 629 -79.20 -23.50 -54.89
N PRO IA 630 -80.01 -23.41 -55.94
CA PRO IA 630 -79.45 -23.48 -57.29
C PRO IA 630 -78.46 -22.34 -57.54
N HIS IA 631 -77.40 -22.65 -58.29
CA HIS IA 631 -76.37 -21.67 -58.62
C HIS IA 631 -76.92 -20.77 -59.73
N THR IA 632 -77.56 -19.68 -59.32
CA THR IA 632 -78.19 -18.76 -60.24
C THR IA 632 -77.80 -17.34 -59.88
N ASP IA 633 -77.98 -16.43 -60.83
CA ASP IA 633 -77.59 -15.01 -60.60
C ASP IA 633 -78.48 -14.41 -59.51
N GLY IA 634 -79.76 -14.74 -59.52
CA GLY IA 634 -80.69 -14.18 -58.56
C GLY IA 634 -81.61 -15.23 -57.98
N HIS IA 635 -82.01 -14.99 -56.74
CA HIS IA 635 -83.01 -15.79 -56.05
C HIS IA 635 -83.55 -14.98 -54.90
N PHE IA 636 -84.82 -15.19 -54.56
CA PHE IA 636 -85.47 -14.47 -53.49
C PHE IA 636 -85.88 -15.45 -52.41
N HIS IA 637 -85.43 -15.20 -51.18
CA HIS IA 637 -85.75 -16.01 -50.02
C HIS IA 637 -85.51 -17.49 -50.31
N PRO IA 638 -84.25 -17.93 -50.40
CA PRO IA 638 -83.93 -19.30 -50.83
C PRO IA 638 -84.17 -20.37 -49.76
N SER IA 639 -85.32 -20.31 -49.12
CA SER IA 639 -85.80 -21.40 -48.29
C SER IA 639 -86.48 -22.45 -49.17
N PRO IA 640 -86.11 -23.72 -49.04
CA PRO IA 640 -86.73 -24.74 -49.91
C PRO IA 640 -88.24 -24.77 -49.73
N LEU IA 641 -88.95 -24.93 -50.85
CA LEU IA 641 -90.40 -24.91 -50.79
C LEU IA 641 -90.97 -26.16 -50.13
N MET IA 642 -90.26 -27.28 -50.20
CA MET IA 642 -90.67 -28.49 -49.50
C MET IA 642 -90.42 -28.42 -48.00
N GLY IA 643 -89.71 -27.41 -47.53
CA GLY IA 643 -89.42 -27.25 -46.12
C GLY IA 643 -87.97 -27.57 -45.79
N GLY IA 644 -87.39 -26.76 -44.91
CA GLY IA 644 -86.03 -26.99 -44.49
C GLY IA 644 -85.12 -25.80 -44.59
N PHE IA 645 -83.82 -26.04 -44.69
CA PHE IA 645 -82.80 -25.00 -44.69
C PHE IA 645 -82.16 -24.92 -46.07
N GLY IA 646 -82.17 -23.73 -46.67
CA GLY IA 646 -81.51 -23.51 -47.93
C GLY IA 646 -80.02 -23.30 -47.76
N LEU IA 647 -79.21 -24.13 -48.42
CA LEU IA 647 -77.76 -24.10 -48.25
C LEU IA 647 -77.10 -23.89 -49.61
N LYS IA 648 -76.26 -22.86 -49.70
CA LYS IA 648 -75.47 -22.68 -50.92
C LYS IA 648 -74.43 -23.77 -51.07
N HIS IA 649 -73.89 -24.26 -49.96
CA HIS IA 649 -72.97 -25.38 -49.92
C HIS IA 649 -73.53 -26.41 -48.95
N PRO IA 650 -74.47 -27.25 -49.42
CA PRO IA 650 -75.09 -28.24 -48.54
C PRO IA 650 -74.12 -29.37 -48.23
N PRO IA 651 -74.48 -30.28 -47.34
CA PRO IA 651 -73.64 -31.47 -47.11
C PRO IA 651 -73.37 -32.20 -48.41
N PRO IA 652 -72.11 -32.49 -48.71
CA PRO IA 652 -71.77 -33.05 -50.02
C PRO IA 652 -72.34 -34.44 -50.20
N GLN IA 653 -72.61 -34.77 -51.47
CA GLN IA 653 -73.03 -36.13 -51.81
C GLN IA 653 -71.90 -37.11 -51.55
N ILE IA 654 -72.22 -38.24 -50.93
CA ILE IA 654 -71.26 -39.28 -50.63
C ILE IA 654 -71.55 -40.45 -51.55
N LEU IA 655 -70.64 -40.70 -52.49
CA LEU IA 655 -70.83 -41.73 -53.51
C LEU IA 655 -70.01 -42.95 -53.16
N ILE IA 656 -70.65 -44.13 -53.26
CA ILE IA 656 -70.02 -45.40 -52.91
C ILE IA 656 -70.38 -46.42 -53.98
N LYS IA 657 -69.41 -47.23 -54.36
CA LYS IA 657 -69.67 -48.32 -55.30
C LYS IA 657 -68.66 -49.44 -55.08
N ASN IA 658 -69.03 -50.63 -55.51
CA ASN IA 658 -68.13 -51.78 -55.41
C ASN IA 658 -67.17 -51.76 -56.59
N THR IA 659 -65.90 -51.99 -56.31
CA THR IA 659 -64.91 -52.06 -57.37
C THR IA 659 -65.14 -53.31 -58.21
N PRO IA 660 -65.27 -53.18 -59.53
CA PRO IA 660 -65.51 -54.37 -60.36
C PRO IA 660 -64.31 -55.32 -60.32
N VAL IA 661 -64.60 -56.59 -60.06
CA VAL IA 661 -63.59 -57.64 -60.04
C VAL IA 661 -63.81 -58.51 -61.27
N PRO IA 662 -62.91 -58.47 -62.26
CA PRO IA 662 -63.11 -59.26 -63.47
C PRO IA 662 -63.11 -60.76 -63.17
N ALA IA 663 -63.92 -61.49 -63.94
CA ALA IA 663 -63.96 -62.94 -63.85
C ALA IA 663 -62.77 -63.51 -64.62
N ASN IA 664 -62.80 -64.82 -64.87
CA ASN IA 664 -61.66 -65.48 -65.50
C ASN IA 664 -61.45 -64.94 -66.92
N PRO IA 665 -60.28 -64.37 -67.21
CA PRO IA 665 -60.03 -63.85 -68.56
C PRO IA 665 -59.55 -64.95 -69.51
N SER IA 666 -59.60 -64.61 -70.79
CA SER IA 666 -59.12 -65.54 -71.85
C SER IA 666 -57.60 -65.53 -71.86
N THR IA 667 -57.00 -66.67 -72.13
CA THR IA 667 -55.54 -66.76 -72.22
C THR IA 667 -54.98 -66.04 -73.44
N THR IA 668 -55.83 -65.71 -74.41
CA THR IA 668 -55.44 -64.92 -75.57
C THR IA 668 -55.91 -63.49 -75.37
N PHE IA 669 -55.06 -62.54 -75.77
CA PHE IA 669 -55.39 -61.14 -75.58
C PHE IA 669 -56.60 -60.74 -76.42
N SER IA 670 -57.49 -59.97 -75.80
CA SER IA 670 -58.66 -59.42 -76.49
C SER IA 670 -58.77 -57.95 -76.12
N ALA IA 671 -58.90 -57.09 -77.14
CA ALA IA 671 -59.01 -55.66 -76.92
C ALA IA 671 -60.40 -55.25 -76.47
N ALA IA 672 -61.38 -56.15 -76.54
CA ALA IA 672 -62.72 -55.83 -76.08
C ALA IA 672 -62.73 -55.60 -74.57
N LYS IA 673 -63.49 -54.60 -74.13
CA LYS IA 673 -63.57 -54.33 -72.70
C LYS IA 673 -64.23 -55.49 -71.97
N PHE IA 674 -63.85 -55.64 -70.71
CA PHE IA 674 -64.35 -56.79 -69.90
C PHE IA 674 -65.86 -56.68 -69.69
N ALA IA 675 -66.56 -57.78 -69.95
CA ALA IA 675 -67.99 -57.85 -69.74
C ALA IA 675 -68.41 -58.89 -68.73
N SER IA 676 -67.49 -59.72 -68.25
CA SER IA 676 -67.77 -60.76 -67.27
C SER IA 676 -67.08 -60.39 -65.96
N PHE IA 677 -67.84 -60.38 -64.87
CA PHE IA 677 -67.34 -59.98 -63.57
C PHE IA 677 -67.85 -60.96 -62.52
N ILE IA 678 -67.15 -61.00 -61.39
CA ILE IA 678 -67.59 -61.79 -60.25
C ILE IA 678 -68.72 -61.04 -59.56
N THR IA 679 -69.86 -61.71 -59.39
CA THR IA 679 -71.00 -61.10 -58.73
C THR IA 679 -70.68 -60.86 -57.26
N GLN IA 680 -70.90 -59.64 -56.80
CA GLN IA 680 -70.58 -59.32 -55.42
C GLN IA 680 -71.35 -58.09 -54.98
N TYR IA 681 -71.52 -57.99 -53.66
CA TYR IA 681 -72.12 -56.84 -53.02
C TYR IA 681 -71.32 -56.52 -51.77
N SER IA 682 -71.67 -55.43 -51.11
CA SER IA 682 -70.99 -55.03 -49.88
C SER IA 682 -72.00 -54.67 -48.82
N THR IA 683 -71.59 -54.83 -47.56
CA THR IA 683 -72.39 -54.45 -46.42
C THR IA 683 -71.48 -53.80 -45.39
N GLY IA 684 -72.06 -52.96 -44.55
CA GLY IA 684 -71.26 -52.25 -43.56
C GLY IA 684 -72.13 -51.39 -42.69
N GLN IA 685 -71.48 -50.52 -41.93
CA GLN IA 685 -72.16 -49.62 -41.02
C GLN IA 685 -71.85 -48.18 -41.41
N VAL IA 686 -72.84 -47.31 -41.22
CA VAL IA 686 -72.73 -45.89 -41.52
C VAL IA 686 -73.12 -45.10 -40.29
N SER IA 687 -72.35 -44.07 -39.96
CA SER IA 687 -72.61 -43.21 -38.80
C SER IA 687 -72.73 -41.77 -39.25
N VAL IA 688 -73.79 -41.10 -38.79
CA VAL IA 688 -74.01 -39.68 -39.06
C VAL IA 688 -74.23 -39.00 -37.71
N GLU IA 689 -73.40 -37.99 -37.42
CA GLU IA 689 -73.52 -37.22 -36.20
C GLU IA 689 -73.67 -35.75 -36.57
N ILE IA 690 -74.77 -35.13 -36.15
CA ILE IA 690 -75.07 -33.74 -36.47
C ILE IA 690 -75.23 -32.97 -35.16
N GLU IA 691 -74.56 -31.84 -35.06
CA GLU IA 691 -74.74 -30.91 -33.95
C GLU IA 691 -75.74 -29.84 -34.37
N TRP IA 692 -76.76 -29.64 -33.54
CA TRP IA 692 -77.81 -28.66 -33.80
C TRP IA 692 -77.76 -27.58 -32.73
N GLU IA 693 -77.99 -26.33 -33.15
CA GLU IA 693 -78.08 -25.21 -32.23
C GLU IA 693 -79.54 -24.91 -31.93
N LEU IA 694 -79.84 -24.64 -30.67
CA LEU IA 694 -81.21 -24.43 -30.21
C LEU IA 694 -81.43 -22.97 -29.86
N GLN IA 695 -82.63 -22.49 -30.16
CA GLN IA 695 -83.08 -21.15 -29.78
C GLN IA 695 -84.10 -21.34 -28.66
N LYS IA 696 -83.67 -21.10 -27.43
CA LYS IA 696 -84.50 -21.39 -26.27
C LYS IA 696 -85.71 -20.46 -26.22
N GLU IA 697 -86.86 -21.04 -25.86
CA GLU IA 697 -88.08 -20.26 -25.71
C GLU IA 697 -87.98 -19.32 -24.51
N ASN IA 698 -88.41 -18.07 -24.70
CA ASN IA 698 -88.35 -17.04 -23.69
C ASN IA 698 -89.71 -16.33 -23.58
N SER IA 699 -90.77 -17.13 -23.54
CA SER IA 699 -92.12 -16.57 -23.54
C SER IA 699 -92.51 -16.06 -22.17
N LYS IA 700 -93.46 -15.12 -22.13
CA LYS IA 700 -93.99 -14.57 -20.85
C LYS IA 700 -95.50 -14.75 -20.80
N ARG IA 701 -96.06 -15.67 -21.60
CA ARG IA 701 -97.48 -15.93 -21.51
C ARG IA 701 -97.82 -16.61 -20.19
N TRP IA 702 -99.05 -16.39 -19.74
CA TRP IA 702 -99.47 -16.88 -18.43
C TRP IA 702 -100.07 -18.28 -18.49
N ASN IA 703 -101.03 -18.48 -19.37
CA ASN IA 703 -101.71 -19.76 -19.48
C ASN IA 703 -100.85 -20.80 -20.20
N PRO IA 704 -101.06 -22.11 -19.97
CA PRO IA 704 -100.22 -23.14 -20.58
C PRO IA 704 -100.27 -23.13 -22.12
N GLU IA 705 -99.29 -23.74 -22.78
CA GLU IA 705 -99.18 -23.72 -24.26
C GLU IA 705 -99.63 -25.05 -24.86
N ILE IA 706 -99.79 -25.12 -26.18
CA ILE IA 706 -100.04 -26.46 -26.79
C ILE IA 706 -98.72 -27.23 -26.88
N GLN IA 707 -98.70 -28.49 -26.43
CA GLN IA 707 -97.52 -29.31 -26.56
C GLN IA 707 -97.88 -30.61 -27.24
N TYR IA 708 -96.95 -31.17 -27.99
CA TYR IA 708 -97.16 -32.50 -28.55
C TYR IA 708 -97.08 -33.53 -27.44
N THR IA 709 -97.99 -34.50 -27.48
CA THR IA 709 -98.09 -35.49 -26.42
C THR IA 709 -98.60 -36.80 -27.00
N SER IA 710 -98.30 -37.88 -26.28
CA SER IA 710 -98.85 -39.19 -26.68
C SER IA 710 -100.25 -39.29 -26.10
N ASN IA 711 -101.10 -40.16 -26.63
CA ASN IA 711 -102.48 -40.20 -26.11
C ASN IA 711 -102.50 -41.24 -24.99
N TYR IA 712 -103.07 -40.91 -23.83
CA TYR IA 712 -103.02 -41.81 -22.65
C TYR IA 712 -103.91 -43.03 -22.86
N ASN IA 713 -105.01 -42.91 -23.62
CA ASN IA 713 -105.93 -44.03 -23.71
C ASN IA 713 -105.23 -45.29 -24.24
N LYS IA 714 -105.75 -46.43 -23.80
CA LYS IA 714 -105.16 -47.74 -24.19
C LYS IA 714 -105.31 -47.95 -25.68
N SER IA 715 -104.39 -48.72 -26.24
CA SER IA 715 -104.43 -49.03 -27.66
C SER IA 715 -103.76 -50.37 -27.88
N ILE IA 716 -104.05 -50.98 -29.03
CA ILE IA 716 -103.44 -52.25 -29.38
C ILE IA 716 -101.93 -52.08 -29.57
N ASN IA 717 -101.52 -51.00 -30.23
CA ASN IA 717 -100.11 -50.72 -30.49
C ASN IA 717 -99.74 -49.36 -29.92
N VAL IA 718 -98.50 -49.26 -29.46
CA VAL IA 718 -97.96 -47.98 -29.02
C VAL IA 718 -97.47 -47.21 -30.24
N ASP IA 719 -97.65 -45.89 -30.23
CA ASP IA 719 -97.23 -45.07 -31.35
C ASP IA 719 -95.71 -45.04 -31.46
N PHE IA 720 -95.21 -45.03 -32.70
CA PHE IA 720 -93.79 -44.94 -32.99
C PHE IA 720 -93.01 -46.11 -32.38
N THR IA 721 -93.60 -47.29 -32.41
CA THR IA 721 -92.95 -48.52 -32.00
C THR IA 721 -93.13 -49.57 -33.08
N VAL IA 722 -92.74 -50.79 -32.78
CA VAL IA 722 -92.90 -51.91 -33.69
C VAL IA 722 -94.17 -52.68 -33.31
N ASP IA 723 -94.76 -53.35 -34.29
CA ASP IA 723 -95.94 -54.17 -34.05
C ASP IA 723 -95.50 -55.61 -33.78
N THR IA 724 -96.46 -56.53 -33.78
CA THR IA 724 -96.15 -57.96 -33.50
C THR IA 724 -95.30 -58.52 -34.63
N ASN IA 725 -95.22 -57.83 -35.77
CA ASN IA 725 -94.35 -58.26 -36.89
C ASN IA 725 -92.99 -57.56 -36.78
N GLY IA 726 -92.82 -56.72 -35.75
CA GLY IA 726 -91.56 -55.97 -35.57
C GLY IA 726 -91.42 -54.90 -36.63
N VAL IA 727 -92.53 -54.50 -37.26
CA VAL IA 727 -92.50 -53.47 -38.34
C VAL IA 727 -92.64 -52.08 -37.71
N TYR IA 728 -91.63 -51.22 -37.88
CA TYR IA 728 -91.69 -49.88 -37.34
C TYR IA 728 -92.58 -49.00 -38.21
N SER IA 729 -93.43 -48.21 -37.57
CA SER IA 729 -94.33 -47.32 -38.28
C SER IA 729 -94.34 -45.95 -37.60
N GLU IA 730 -94.63 -44.92 -38.38
CA GLU IA 730 -94.79 -43.57 -37.87
C GLU IA 730 -96.24 -43.17 -38.06
N PRO IA 731 -97.06 -43.19 -37.00
CA PRO IA 731 -98.51 -43.05 -37.18
C PRO IA 731 -98.96 -41.74 -37.79
N ARG IA 732 -98.29 -40.63 -37.50
CA ARG IA 732 -98.73 -39.33 -37.99
C ARG IA 732 -97.51 -38.45 -38.21
N PRO IA 733 -97.63 -37.43 -39.07
CA PRO IA 733 -96.56 -36.44 -39.18
C PRO IA 733 -96.57 -35.51 -37.98
N ILE IA 734 -95.38 -35.20 -37.47
CA ILE IA 734 -95.22 -34.27 -36.36
C ILE IA 734 -94.46 -33.06 -36.88
N GLY IA 735 -95.06 -31.89 -36.76
CA GLY IA 735 -94.41 -30.64 -37.10
C GLY IA 735 -93.55 -30.16 -35.95
N THR IA 736 -93.26 -28.86 -35.97
CA THR IA 736 -92.47 -28.25 -34.91
C THR IA 736 -93.15 -27.07 -34.24
N ARG IA 737 -94.31 -26.63 -34.73
CA ARG IA 737 -94.89 -25.35 -34.32
C ARG IA 737 -95.96 -25.59 -33.26
N TYR IA 738 -95.51 -25.71 -32.01
CA TYR IA 738 -96.38 -25.90 -30.85
C TYR IA 738 -96.29 -24.76 -29.86
N LEU IA 739 -95.08 -24.26 -29.57
CA LEU IA 739 -94.96 -23.07 -28.75
C LEU IA 739 -95.44 -21.85 -29.53
N THR IA 740 -95.71 -20.78 -28.80
CA THR IA 740 -96.23 -19.56 -29.40
C THR IA 740 -95.33 -18.38 -29.08
N ARG IA 741 -95.30 -17.44 -30.04
CA ARG IA 741 -94.55 -16.18 -29.86
C ARG IA 741 -95.42 -15.07 -30.43
N ASN IA 742 -95.35 -13.84 -29.89
CA ASN IA 742 -96.08 -12.70 -30.43
C ASN IA 742 -95.47 -12.26 -31.75
N LEU IA 743 -96.32 -11.66 -32.58
CA LEU IA 743 -95.86 -11.12 -33.86
C LEU IA 743 -94.90 -9.94 -33.65
N ALA JA 218 -41.83 -47.86 59.19
CA ALA JA 218 -40.50 -47.88 58.57
C ALA JA 218 -40.19 -49.29 58.06
N ASP JA 219 -40.56 -50.29 58.84
CA ASP JA 219 -40.19 -51.69 58.49
C ASP JA 219 -41.45 -52.56 58.58
N GLY JA 220 -42.61 -51.93 58.70
CA GLY JA 220 -43.85 -52.72 58.68
C GLY JA 220 -43.75 -53.99 59.51
N VAL JA 221 -44.32 -55.09 59.03
CA VAL JA 221 -44.33 -56.34 59.82
C VAL JA 221 -43.42 -57.32 59.10
N GLY JA 222 -42.36 -57.74 59.74
CA GLY JA 222 -41.43 -58.71 59.20
C GLY JA 222 -40.07 -58.16 58.82
N ASN JA 223 -39.86 -56.86 58.95
CA ASN JA 223 -38.57 -56.24 58.68
C ASN JA 223 -38.00 -55.69 59.98
N SER JA 224 -36.78 -56.11 60.32
CA SER JA 224 -36.15 -55.66 61.55
C SER JA 224 -35.76 -54.20 61.44
N SER JA 225 -35.99 -53.45 62.52
CA SER JA 225 -35.68 -52.03 62.58
C SER JA 225 -34.40 -51.73 63.34
N GLY JA 226 -33.62 -52.75 63.67
CA GLY JA 226 -32.36 -52.53 64.37
C GLY JA 226 -31.62 -53.83 64.53
N ASN JA 227 -30.39 -53.71 65.01
CA ASN JA 227 -29.50 -54.83 65.24
C ASN JA 227 -28.98 -54.82 66.67
N TRP JA 228 -28.44 -55.95 67.10
CA TRP JA 228 -27.89 -56.09 68.44
C TRP JA 228 -26.46 -55.59 68.45
N HIS JA 229 -26.22 -54.49 69.15
CA HIS JA 229 -24.87 -53.90 69.27
C HIS JA 229 -24.49 -53.84 70.74
N CYS JA 230 -23.78 -54.86 71.23
CA CYS JA 230 -23.31 -54.86 72.63
C CYS JA 230 -21.80 -55.11 72.57
N ASP JA 231 -20.99 -54.09 72.85
CA ASP JA 231 -19.52 -54.24 72.72
C ASP JA 231 -18.79 -52.99 73.22
N SER JA 232 -17.46 -53.02 73.27
CA SER JA 232 -16.75 -51.80 73.60
C SER JA 232 -15.51 -51.68 72.74
N THR JA 233 -15.19 -50.45 72.35
CA THR JA 233 -14.03 -50.16 71.51
C THR JA 233 -13.13 -49.17 72.25
N TRP JA 234 -11.87 -49.55 72.42
CA TRP JA 234 -10.88 -48.69 73.05
C TRP JA 234 -9.99 -48.09 71.96
N MET JA 235 -10.00 -46.77 71.86
CA MET JA 235 -9.21 -46.07 70.81
C MET JA 235 -8.47 -44.90 71.46
N GLY JA 236 -7.23 -45.11 71.88
CA GLY JA 236 -6.43 -44.06 72.47
C GLY JA 236 -7.03 -43.59 73.78
N ASP JA 237 -7.36 -42.30 73.84
CA ASP JA 237 -7.93 -41.68 75.03
C ASP JA 237 -9.46 -41.75 75.06
N ARG JA 238 -10.05 -42.70 74.35
CA ARG JA 238 -11.50 -42.86 74.34
C ARG JA 238 -11.85 -44.33 74.47
N VAL JA 239 -12.98 -44.59 75.12
CA VAL JA 239 -13.60 -45.91 75.13
C VAL JA 239 -15.09 -45.73 74.89
N THR JA 240 -15.62 -46.41 73.88
CA THR JA 240 -17.03 -46.35 73.54
C THR JA 240 -17.68 -47.66 73.93
N THR JA 241 -18.60 -47.62 74.88
CA THR JA 241 -19.31 -48.80 75.35
C THR JA 241 -20.72 -48.77 74.80
N THR JA 242 -21.15 -49.88 74.19
CA THR JA 242 -22.49 -50.04 73.66
C THR JA 242 -23.15 -51.25 74.31
N SER JA 243 -24.43 -51.09 74.66
CA SER JA 243 -25.17 -52.15 75.33
C SER JA 243 -26.54 -52.29 74.70
N THR JA 244 -27.01 -53.53 74.56
CA THR JA 244 -28.35 -53.81 74.09
C THR JA 244 -29.04 -54.75 75.07
N ARG JA 245 -30.30 -54.46 75.37
CA ARG JA 245 -31.09 -55.27 76.29
C ARG JA 245 -32.48 -55.46 75.72
N THR JA 246 -33.16 -56.49 76.22
CA THR JA 246 -34.55 -56.75 75.88
C THR JA 246 -35.42 -56.31 77.03
N TRP JA 247 -36.38 -55.44 76.76
CA TRP JA 247 -37.24 -54.87 77.78
C TRP JA 247 -38.69 -55.31 77.60
N ALA JA 248 -39.43 -55.30 78.70
CA ALA JA 248 -40.85 -55.57 78.71
C ALA JA 248 -41.56 -54.43 79.40
N LEU JA 249 -42.57 -53.87 78.75
CA LEU JA 249 -43.32 -52.73 79.27
C LEU JA 249 -44.78 -53.09 79.45
N PRO JA 250 -45.28 -53.22 80.67
CA PRO JA 250 -46.70 -53.51 80.87
C PRO JA 250 -47.52 -52.24 80.79
N THR JA 251 -48.81 -52.39 81.04
CA THR JA 251 -49.72 -51.25 81.18
C THR JA 251 -49.76 -50.86 82.66
N TYR JA 252 -49.43 -49.59 82.94
CA TYR JA 252 -49.33 -49.12 84.31
C TYR JA 252 -50.55 -48.30 84.69
N ASN JA 253 -51.07 -48.57 85.89
CA ASN JA 253 -52.22 -47.86 86.46
C ASN JA 253 -53.48 -47.99 85.62
N ASN JA 254 -53.52 -48.96 84.70
CA ASN JA 254 -54.63 -49.13 83.78
C ASN JA 254 -54.89 -47.84 83.00
N HIS JA 255 -53.81 -47.28 82.45
CA HIS JA 255 -53.83 -46.08 81.61
C HIS JA 255 -54.30 -44.84 82.37
N LEU JA 256 -54.11 -44.78 83.67
CA LEU JA 256 -54.64 -43.70 84.49
C LEU JA 256 -53.54 -42.96 85.23
N TYR JA 257 -53.82 -41.72 85.59
CA TYR JA 257 -52.93 -40.97 86.49
C TYR JA 257 -53.64 -41.01 87.84
N LYS JA 258 -52.95 -41.41 88.90
CA LYS JA 258 -53.51 -41.56 90.23
C LYS JA 258 -52.74 -40.70 91.20
N GLN JA 259 -53.45 -39.88 91.97
CA GLN JA 259 -52.83 -39.13 93.05
C GLN JA 259 -52.41 -40.08 94.16
N ILE JA 260 -51.17 -39.96 94.60
CA ILE JA 260 -50.62 -40.80 95.66
C ILE JA 260 -50.13 -39.92 96.79
N SER JA 261 -50.14 -40.47 97.99
CA SER JA 261 -49.70 -39.74 99.17
C SER JA 261 -49.32 -40.75 100.25
N SER JA 262 -48.64 -40.24 101.28
CA SER JA 262 -48.25 -41.09 102.40
C SER JA 262 -49.49 -41.61 103.13
N GLN JA 263 -49.32 -42.79 103.71
CA GLN JA 263 -50.46 -43.41 104.41
C GLN JA 263 -50.77 -42.61 105.67
N SER JA 264 -52.05 -42.60 106.05
CA SER JA 264 -52.41 -41.94 107.33
C SER JA 264 -51.74 -42.71 108.46
N GLY JA 265 -51.27 -42.00 109.48
CA GLY JA 265 -50.56 -42.57 110.60
C GLY JA 265 -49.06 -42.62 110.43
N ALA JA 266 -48.54 -42.28 109.27
CA ALA JA 266 -47.10 -42.22 109.06
C ALA JA 266 -46.48 -41.07 109.85
N SER JA 267 -45.19 -41.19 110.14
CA SER JA 267 -44.49 -40.13 110.82
C SER JA 267 -44.36 -38.91 109.91
N ASN JA 268 -44.07 -37.76 110.52
CA ASN JA 268 -43.93 -36.54 109.75
C ASN JA 268 -42.76 -36.62 108.77
N ASP JA 269 -41.69 -37.31 109.14
CA ASP JA 269 -40.54 -37.45 108.26
C ASP JA 269 -40.88 -38.26 107.01
N ASN JA 270 -41.86 -39.15 107.10
CA ASN JA 270 -42.22 -40.04 106.00
C ASN JA 270 -43.43 -39.54 105.21
N HIS JA 271 -43.94 -38.35 105.52
CA HIS JA 271 -45.09 -37.81 104.79
C HIS JA 271 -44.66 -37.35 103.40
N TYR JA 272 -45.52 -37.61 102.41
CA TYR JA 272 -45.24 -37.18 101.05
C TYR JA 272 -46.54 -37.07 100.27
N PHE JA 273 -46.47 -36.36 99.14
CA PHE JA 273 -47.58 -36.22 98.22
C PHE JA 273 -47.02 -36.20 96.80
N GLY JA 274 -47.71 -36.84 95.89
CA GLY JA 274 -47.22 -36.90 94.52
C GLY JA 274 -48.25 -37.54 93.61
N TYR JA 275 -47.81 -37.88 92.41
CA TYR JA 275 -48.67 -38.48 91.41
C TYR JA 275 -47.97 -39.67 90.76
N SER JA 276 -48.77 -40.70 90.45
CA SER JA 276 -48.31 -41.87 89.75
C SER JA 276 -48.81 -41.81 88.31
N THR JA 277 -47.90 -41.98 87.36
CA THR JA 277 -48.25 -41.87 85.95
C THR JA 277 -48.32 -43.24 85.30
N PRO JA 278 -49.09 -43.39 84.22
CA PRO JA 278 -49.11 -44.67 83.49
C PRO JA 278 -47.89 -44.90 82.61
N TRP JA 279 -46.92 -44.01 82.64
CA TRP JA 279 -45.73 -44.12 81.80
C TRP JA 279 -44.63 -44.89 82.52
N GLY JA 280 -43.71 -45.44 81.72
CA GLY JA 280 -42.48 -45.98 82.22
C GLY JA 280 -41.30 -45.15 81.74
N TYR JA 281 -40.13 -45.47 82.25
CA TYR JA 281 -38.93 -44.74 81.88
C TYR JA 281 -37.75 -45.71 81.77
N PHE JA 282 -36.82 -45.38 80.87
CA PHE JA 282 -35.64 -46.18 80.65
C PHE JA 282 -34.48 -45.60 81.47
N ASP JA 283 -33.93 -46.41 82.36
CA ASP JA 283 -32.86 -45.99 83.26
C ASP JA 283 -31.60 -46.77 82.91
N PHE JA 284 -30.51 -46.06 82.65
CA PHE JA 284 -29.19 -46.67 82.50
C PHE JA 284 -28.15 -45.89 83.29
N ASN JA 285 -28.55 -45.37 84.44
CA ASN JA 285 -27.67 -44.57 85.30
C ASN JA 285 -26.90 -45.43 86.29
N ARG JA 286 -26.27 -46.49 85.79
CA ARG JA 286 -25.39 -47.33 86.58
C ARG JA 286 -24.28 -47.82 85.67
N PHE JA 287 -23.07 -47.93 86.21
CA PHE JA 287 -21.89 -48.25 85.34
C PHE JA 287 -21.99 -49.67 84.77
N HIS JA 288 -22.60 -50.60 85.50
CA HIS JA 288 -22.72 -52.01 85.06
C HIS JA 288 -23.59 -52.11 83.80
N CYS JA 289 -24.37 -51.09 83.49
CA CYS JA 289 -25.26 -51.07 82.30
C CYS JA 289 -24.44 -50.86 81.04
N HIS JA 290 -23.19 -50.39 81.17
CA HIS JA 290 -22.35 -50.11 80.02
C HIS JA 290 -21.00 -50.81 80.05
N PHE JA 291 -20.44 -51.06 81.23
CA PHE JA 291 -19.13 -51.66 81.38
C PHE JA 291 -19.26 -53.10 81.85
N SER JA 292 -18.61 -54.02 81.14
CA SER JA 292 -18.44 -55.36 81.65
C SER JA 292 -17.38 -55.34 82.76
N PRO JA 293 -17.35 -56.36 83.61
CA PRO JA 293 -16.30 -56.40 84.65
C PRO JA 293 -14.89 -56.36 84.08
N ARG JA 294 -14.63 -57.01 82.95
CA ARG JA 294 -13.34 -56.90 82.30
C ARG JA 294 -13.10 -55.47 81.80
N ASP JA 295 -14.14 -54.83 81.26
CA ASP JA 295 -14.04 -53.43 80.86
C ASP JA 295 -13.73 -52.53 82.05
N TRP JA 296 -14.38 -52.78 83.18
CA TRP JA 296 -14.11 -52.01 84.39
C TRP JA 296 -12.67 -52.20 84.85
N GLN JA 297 -12.18 -53.45 84.83
CA GLN JA 297 -10.81 -53.71 85.24
C GLN JA 297 -9.81 -53.03 84.30
N ARG JA 298 -10.10 -53.05 82.99
CA ARG JA 298 -9.27 -52.33 82.04
C ARG JA 298 -9.29 -50.84 82.26
N LEU JA 299 -10.44 -50.29 82.67
CA LEU JA 299 -10.55 -48.86 82.92
C LEU JA 299 -9.80 -48.44 84.17
N ILE JA 300 -9.98 -49.17 85.27
CA ILE JA 300 -9.49 -48.70 86.56
C ILE JA 300 -8.03 -49.02 86.80
N ASN JA 301 -7.47 -50.00 86.09
CA ASN JA 301 -6.08 -50.38 86.29
C ASN JA 301 -5.11 -49.58 85.44
N ASN JA 302 -5.60 -48.74 84.53
CA ASN JA 302 -4.75 -48.08 83.56
C ASN JA 302 -4.99 -46.58 83.42
N ASN JA 303 -6.05 -46.04 84.00
CA ASN JA 303 -6.42 -44.65 83.79
C ASN JA 303 -6.48 -43.91 85.11
N TRP JA 304 -6.04 -42.66 85.10
CA TRP JA 304 -6.13 -41.77 86.24
C TRP JA 304 -7.45 -41.02 86.31
N GLY JA 305 -8.29 -41.14 85.29
CA GLY JA 305 -9.58 -40.47 85.30
C GLY JA 305 -10.38 -40.81 84.06
N PHE JA 306 -11.68 -40.53 84.14
CA PHE JA 306 -12.57 -40.72 83.02
C PHE JA 306 -13.81 -39.86 83.21
N ARG JA 307 -14.51 -39.59 82.11
CA ARG JA 307 -15.72 -38.79 82.13
C ARG JA 307 -16.52 -39.11 80.88
N PRO JA 308 -17.86 -39.04 80.93
CA PRO JA 308 -18.66 -39.25 79.73
C PRO JA 308 -18.62 -38.05 78.81
N LYS JA 309 -18.73 -38.33 77.52
CA LYS JA 309 -18.65 -37.32 76.47
C LYS JA 309 -19.94 -37.17 75.69
N ARG JA 310 -20.50 -38.26 75.18
CA ARG JA 310 -21.74 -38.22 74.42
C ARG JA 310 -22.38 -39.60 74.49
N LEU JA 311 -23.69 -39.64 74.23
CA LEU JA 311 -24.41 -40.91 74.23
C LEU JA 311 -25.37 -40.97 73.05
N ASN JA 312 -25.70 -42.20 72.65
CA ASN JA 312 -26.69 -42.45 71.57
C ASN JA 312 -27.67 -43.49 72.12
N PHE JA 313 -28.97 -43.30 71.89
CA PHE JA 313 -30.02 -44.16 72.43
C PHE JA 313 -30.90 -44.62 71.29
N LYS JA 314 -31.32 -45.89 71.38
CA LYS JA 314 -32.20 -46.43 70.33
C LYS JA 314 -33.22 -47.43 70.85
N LEU JA 315 -34.47 -47.32 70.42
CA LEU JA 315 -35.51 -48.31 70.67
C LEU JA 315 -35.93 -48.90 69.32
N PHE JA 316 -36.01 -50.22 69.25
CA PHE JA 316 -36.25 -50.88 67.97
C PHE JA 316 -36.85 -52.25 68.23
N ASN JA 317 -37.30 -52.89 67.14
CA ASN JA 317 -37.91 -54.21 67.17
C ASN JA 317 -39.06 -54.25 68.18
N ILE JA 318 -39.93 -53.25 68.10
CA ILE JA 318 -41.01 -53.08 69.06
C ILE JA 318 -42.16 -54.00 68.69
N GLN JA 319 -42.59 -54.83 69.64
CA GLN JA 319 -43.69 -55.75 69.46
C GLN JA 319 -44.74 -55.46 70.52
N VAL JA 320 -45.98 -55.26 70.09
CA VAL JA 320 -47.10 -55.07 71.02
C VAL JA 320 -47.88 -56.38 71.06
N LYS JA 321 -48.02 -56.94 72.25
CA LYS JA 321 -48.71 -58.21 72.45
C LYS JA 321 -50.02 -57.97 73.18
N GLU JA 322 -51.09 -58.52 72.64
CA GLU JA 322 -52.40 -58.45 73.27
C GLU JA 322 -52.64 -59.70 74.11
N VAL JA 323 -53.02 -59.52 75.37
CA VAL JA 323 -53.25 -60.61 76.30
C VAL JA 323 -54.74 -60.73 76.56
N THR JA 324 -55.27 -61.94 76.43
CA THR JA 324 -56.66 -62.23 76.72
C THR JA 324 -56.73 -63.41 77.68
N GLN JA 325 -57.81 -63.45 78.47
CA GLN JA 325 -58.00 -64.50 79.46
C GLN JA 325 -59.45 -64.96 79.39
N ASN JA 326 -59.67 -66.16 78.84
CA ASN JA 326 -61.00 -66.71 78.66
C ASN JA 326 -61.06 -68.08 79.32
N ASP JA 327 -61.97 -68.24 80.29
CA ASP JA 327 -62.17 -69.50 81.00
C ASP JA 327 -60.87 -70.02 81.63
N GLY JA 328 -60.09 -69.10 82.20
CA GLY JA 328 -58.87 -69.48 82.89
C GLY JA 328 -57.67 -69.74 82.00
N THR JA 329 -57.74 -69.42 80.72
CA THR JA 329 -56.66 -69.63 79.78
C THR JA 329 -56.07 -68.30 79.36
N THR JA 330 -54.74 -68.18 79.47
CA THR JA 330 -54.02 -66.98 79.06
C THR JA 330 -53.50 -67.15 77.64
N THR JA 331 -54.02 -66.34 76.71
CA THR JA 331 -53.63 -66.41 75.31
C THR JA 331 -52.99 -65.09 74.93
N ILE JA 332 -51.81 -65.16 74.31
CA ILE JA 332 -51.05 -63.99 73.89
C ILE JA 332 -50.94 -64.01 72.38
N ALA JA 333 -51.32 -62.92 71.73
CA ALA JA 333 -51.26 -62.80 70.29
C ALA JA 333 -50.68 -61.43 69.92
N ASN JA 334 -50.13 -61.36 68.71
CA ASN JA 334 -49.55 -60.11 68.24
C ASN JA 334 -50.63 -59.07 67.95
N ASN JA 335 -50.28 -57.82 68.16
CA ASN JA 335 -51.11 -56.67 67.79
C ASN JA 335 -50.25 -55.78 66.90
N LEU JA 336 -50.36 -55.96 65.59
CA LEU JA 336 -49.48 -55.26 64.65
C LEU JA 336 -49.88 -53.81 64.42
N THR JA 337 -51.05 -53.38 64.88
CA THR JA 337 -51.51 -52.02 64.66
C THR JA 337 -51.41 -51.14 65.89
N SER JA 338 -51.07 -51.69 67.05
CA SER JA 338 -50.92 -50.89 68.26
C SER JA 338 -49.58 -50.15 68.26
N THR JA 339 -49.54 -49.05 69.01
CA THR JA 339 -48.36 -48.20 69.08
C THR JA 339 -47.85 -48.11 70.50
N VAL JA 340 -46.64 -47.59 70.63
CA VAL JA 340 -46.07 -47.18 71.91
C VAL JA 340 -45.59 -45.75 71.77
N GLN JA 341 -45.87 -44.93 72.77
CA GLN JA 341 -45.50 -43.52 72.76
C GLN JA 341 -44.17 -43.34 73.49
N VAL JA 342 -43.22 -42.71 72.80
CA VAL JA 342 -41.88 -42.48 73.34
C VAL JA 342 -41.54 -41.00 73.16
N PHE JA 343 -41.06 -40.36 74.22
CA PHE JA 343 -40.52 -39.01 74.10
C PHE JA 343 -39.44 -38.82 75.16
N THR JA 344 -38.51 -37.93 74.85
CA THR JA 344 -37.42 -37.57 75.75
C THR JA 344 -37.69 -36.18 76.32
N ASP JA 345 -37.52 -36.04 77.63
CA ASP JA 345 -37.73 -34.77 78.31
C ASP JA 345 -36.46 -33.92 78.18
N SER JA 346 -36.19 -33.44 76.98
CA SER JA 346 -34.92 -32.71 76.70
C SER JA 346 -34.97 -31.28 77.25
N GLU JA 347 -36.15 -30.76 77.55
CA GLU JA 347 -36.24 -29.45 78.16
C GLU JA 347 -36.31 -29.50 79.68
N TYR JA 348 -36.28 -30.70 80.26
CA TYR JA 348 -36.27 -30.88 81.71
C TYR JA 348 -37.46 -30.19 82.37
N GLN JA 349 -38.63 -30.37 81.78
CA GLN JA 349 -39.87 -29.82 82.32
C GLN JA 349 -40.58 -30.76 83.28
N LEU JA 350 -40.11 -31.99 83.41
CA LEU JA 350 -40.68 -32.98 84.31
C LEU JA 350 -39.76 -33.20 85.50
N PRO JA 351 -40.31 -33.62 86.64
CA PRO JA 351 -39.45 -33.93 87.79
C PRO JA 351 -38.46 -35.03 87.46
N TYR JA 352 -37.18 -34.75 87.70
CA TYR JA 352 -36.11 -35.67 87.34
C TYR JA 352 -35.96 -36.72 88.43
N VAL JA 353 -36.48 -37.92 88.17
CA VAL JA 353 -36.42 -39.01 89.14
C VAL JA 353 -35.21 -39.91 88.93
N LEU JA 354 -34.49 -39.77 87.83
CA LEU JA 354 -33.21 -40.43 87.69
C LEU JA 354 -32.20 -39.82 88.65
N GLY JA 355 -31.21 -40.61 89.05
CA GLY JA 355 -30.23 -40.15 90.00
C GLY JA 355 -30.63 -40.30 91.45
N SER JA 356 -31.71 -41.01 91.75
CA SER JA 356 -32.12 -41.32 93.11
C SER JA 356 -31.81 -42.76 93.49
N ALA JA 357 -30.95 -43.44 92.73
CA ALA JA 357 -30.52 -44.81 93.00
C ALA JA 357 -31.72 -45.76 93.03
N HIS JA 358 -32.56 -45.68 92.00
CA HIS JA 358 -33.75 -46.50 91.91
C HIS JA 358 -33.50 -47.76 91.10
N GLN JA 359 -34.23 -48.82 91.45
CA GLN JA 359 -34.16 -50.07 90.71
C GLN JA 359 -34.87 -49.94 89.37
N GLY JA 360 -34.62 -50.90 88.49
CA GLY JA 360 -35.21 -50.89 87.17
C GLY JA 360 -34.27 -50.50 86.05
N CYS JA 361 -32.97 -50.48 86.29
CA CYS JA 361 -31.99 -50.12 85.27
C CYS JA 361 -31.82 -51.25 84.27
N LEU JA 362 -30.95 -51.02 83.29
CA LEU JA 362 -30.56 -52.08 82.37
C LEU JA 362 -29.75 -53.11 83.15
N PRO JA 363 -30.09 -54.40 83.05
CA PRO JA 363 -29.40 -55.39 83.87
C PRO JA 363 -27.94 -55.47 83.48
N PRO JA 364 -27.05 -55.75 84.44
CA PRO JA 364 -25.61 -55.83 84.10
C PRO JA 364 -25.28 -56.91 83.10
N PHE JA 365 -25.99 -58.04 83.14
CA PHE JA 365 -25.74 -59.12 82.19
C PHE JA 365 -26.54 -58.89 80.91
N PRO JA 366 -25.89 -58.87 79.74
CA PRO JA 366 -26.60 -58.55 78.50
C PRO JA 366 -27.71 -59.53 78.15
N ALA JA 367 -27.70 -60.73 78.70
CA ALA JA 367 -28.70 -61.73 78.37
C ALA JA 367 -29.97 -61.64 79.21
N ASP JA 368 -30.01 -60.76 80.20
CA ASP JA 368 -31.17 -60.63 81.08
C ASP JA 368 -32.23 -59.72 80.48
N VAL JA 369 -33.49 -60.08 80.68
CA VAL JA 369 -34.63 -59.28 80.24
C VAL JA 369 -35.20 -58.57 81.45
N PHE JA 370 -35.48 -57.28 81.31
CA PHE JA 370 -35.88 -56.44 82.42
C PHE JA 370 -37.20 -55.74 82.13
N MET JA 371 -37.95 -55.48 83.21
CA MET JA 371 -39.19 -54.72 83.15
C MET JA 371 -38.90 -53.24 83.24
N VAL JA 372 -39.64 -52.44 82.48
CA VAL JA 372 -39.48 -50.99 82.48
C VAL JA 372 -40.13 -50.42 83.74
N PRO JA 373 -39.41 -49.69 84.57
CA PRO JA 373 -39.99 -49.18 85.82
C PRO JA 373 -41.05 -48.11 85.56
N GLN JA 374 -42.02 -48.05 86.46
CA GLN JA 374 -43.09 -47.06 86.35
C GLN JA 374 -42.62 -45.69 86.79
N TYR JA 375 -42.99 -44.67 86.02
CA TYR JA 375 -42.58 -43.30 86.33
C TYR JA 375 -43.55 -42.68 87.33
N GLY JA 376 -42.98 -41.98 88.30
CA GLY JA 376 -43.78 -41.27 89.29
C GLY JA 376 -42.93 -40.20 89.93
N TYR JA 377 -43.60 -39.16 90.42
CA TYR JA 377 -42.91 -38.01 90.98
C TYR JA 377 -43.63 -37.54 92.24
N LEU JA 378 -42.89 -36.81 93.07
CA LEU JA 378 -43.43 -36.20 94.27
C LEU JA 378 -43.40 -34.68 94.13
N THR JA 379 -44.38 -34.03 94.75
CA THR JA 379 -44.44 -32.58 94.76
C THR JA 379 -44.56 -32.10 96.20
N LEU JA 380 -44.81 -30.81 96.39
CA LEU JA 380 -44.90 -30.22 97.75
C LEU JA 380 -46.04 -30.86 98.52
N ASN JA 381 -45.83 -31.09 99.81
CA ASN JA 381 -46.89 -31.68 100.66
C ASN JA 381 -46.91 -31.02 102.04
N ASN JA 382 -48.08 -30.78 102.60
CA ASN JA 382 -48.19 -30.32 104.00
C ASN JA 382 -48.74 -31.54 104.72
N GLY JA 383 -47.88 -32.48 105.13
CA GLY JA 383 -48.39 -33.74 105.68
C GLY JA 383 -48.75 -34.66 104.54
N SER JA 384 -49.88 -35.37 104.64
CA SER JA 384 -50.33 -36.20 103.53
C SER JA 384 -51.09 -35.42 102.48
N GLN JA 385 -51.39 -34.14 102.73
CA GLN JA 385 -52.13 -33.30 101.81
C GLN JA 385 -51.18 -32.51 100.92
N ALA JA 386 -51.76 -31.78 99.99
CA ALA JA 386 -51.02 -30.93 99.07
C ALA JA 386 -51.23 -29.45 99.42
N VAL JA 387 -50.41 -28.60 98.81
CA VAL JA 387 -50.53 -27.16 98.95
C VAL JA 387 -50.81 -26.57 97.57
N GLY JA 388 -51.08 -25.26 97.56
CA GLY JA 388 -51.39 -24.59 96.30
C GLY JA 388 -50.23 -24.55 95.35
N ARG JA 389 -49.01 -24.65 95.86
CA ARG JA 389 -47.81 -24.62 95.03
C ARG JA 389 -47.48 -25.98 94.43
N SER JA 390 -48.18 -27.04 94.84
CA SER JA 390 -47.92 -28.37 94.28
C SER JA 390 -48.24 -28.39 92.79
N SER JA 391 -47.37 -29.06 92.03
CA SER JA 391 -47.49 -29.10 90.58
C SER JA 391 -47.95 -30.47 90.11
N PHE JA 392 -48.84 -30.46 89.11
CA PHE JA 392 -49.30 -31.67 88.47
C PHE JA 392 -48.84 -31.66 87.02
N TYR JA 393 -48.34 -32.81 86.55
CA TYR JA 393 -47.81 -32.94 85.21
C TYR JA 393 -48.52 -34.07 84.48
N CYS JA 394 -49.08 -33.76 83.32
CA CYS JA 394 -49.63 -34.76 82.40
C CYS JA 394 -48.61 -35.00 81.31
N LEU JA 395 -48.12 -36.23 81.20
CA LEU JA 395 -47.10 -36.58 80.23
C LEU JA 395 -47.64 -36.70 78.82
N GLU JA 396 -48.97 -36.78 78.65
CA GLU JA 396 -49.56 -36.72 77.32
C GLU JA 396 -49.64 -35.30 76.79
N TYR JA 397 -49.25 -34.30 77.59
CA TYR JA 397 -49.25 -32.87 77.17
C TYR JA 397 -47.90 -32.56 76.51
N PHE JA 398 -47.04 -33.56 76.37
CA PHE JA 398 -45.77 -33.48 75.67
C PHE JA 398 -45.90 -34.10 74.29
N PRO JA 399 -45.20 -33.57 73.29
CA PRO JA 399 -45.15 -34.24 71.99
C PRO JA 399 -44.36 -35.53 72.08
N SER JA 400 -44.98 -36.63 71.67
CA SER JA 400 -44.37 -37.95 71.73
C SER JA 400 -44.43 -38.61 70.36
N GLN JA 401 -43.52 -39.54 70.12
CA GLN JA 401 -43.44 -40.27 68.87
C GLN JA 401 -44.14 -41.61 69.03
N MET JA 402 -45.06 -41.90 68.10
CA MET JA 402 -45.84 -43.13 68.14
C MET JA 402 -45.17 -44.17 67.25
N LEU JA 403 -44.93 -45.36 67.79
CA LEU JA 403 -44.16 -46.39 67.12
C LEU JA 403 -44.99 -47.67 67.02
N ARG JA 404 -45.26 -48.10 65.79
CA ARG JA 404 -45.85 -49.41 65.55
C ARG JA 404 -44.73 -50.45 65.44
N THR JA 405 -45.12 -51.70 65.19
CA THR JA 405 -44.09 -52.73 64.92
C THR JA 405 -43.44 -52.39 63.59
N GLY JA 406 -42.16 -52.14 63.57
CA GLY JA 406 -41.43 -51.69 62.39
C GLY JA 406 -40.92 -50.28 62.48
N ASN JA 407 -41.34 -49.50 63.48
CA ASN JA 407 -40.82 -48.17 63.72
C ASN JA 407 -39.75 -48.22 64.81
N ASN JA 408 -38.80 -47.30 64.74
CA ASN JA 408 -37.74 -47.21 65.73
C ASN JA 408 -37.63 -45.77 66.21
N PHE JA 409 -37.03 -45.63 67.39
CA PHE JA 409 -36.80 -44.33 68.01
C PHE JA 409 -35.32 -44.17 68.28
N THR JA 410 -34.81 -42.95 68.13
CA THR JA 410 -33.42 -42.68 68.41
C THR JA 410 -33.24 -41.22 68.79
N PHE JA 411 -32.20 -40.95 69.58
CA PHE JA 411 -31.80 -39.58 69.88
C PHE JA 411 -30.37 -39.60 70.38
N SER JA 412 -29.69 -38.47 70.19
CA SER JA 412 -28.30 -38.30 70.59
C SER JA 412 -28.19 -37.18 71.61
N TYR JA 413 -27.29 -37.35 72.57
CA TYR JA 413 -27.08 -36.40 73.64
C TYR JA 413 -25.59 -36.17 73.83
N THR JA 414 -25.21 -34.94 74.13
CA THR JA 414 -23.82 -34.59 74.41
C THR JA 414 -23.70 -34.16 75.86
N PHE JA 415 -22.81 -34.81 76.60
CA PHE JA 415 -22.56 -34.42 77.98
C PHE JA 415 -21.88 -33.06 78.04
N GLU JA 416 -22.22 -32.28 79.06
CA GLU JA 416 -21.51 -31.04 79.30
C GLU JA 416 -20.12 -31.35 79.85
N ASP JA 417 -19.26 -30.33 79.84
CA ASP JA 417 -17.90 -30.49 80.35
C ASP JA 417 -17.94 -30.72 81.85
N VAL JA 418 -17.36 -31.83 82.31
CA VAL JA 418 -17.34 -32.17 83.72
C VAL JA 418 -15.92 -32.60 84.08
N PRO JA 419 -15.53 -32.46 85.35
CA PRO JA 419 -14.20 -32.91 85.76
C PRO JA 419 -14.06 -34.42 85.61
N PHE JA 420 -12.84 -34.85 85.32
CA PHE JA 420 -12.54 -36.28 85.32
C PHE JA 420 -12.73 -36.85 86.72
N HIS JA 421 -13.32 -38.03 86.80
CA HIS JA 421 -13.41 -38.72 88.08
C HIS JA 421 -12.01 -39.11 88.54
N SER JA 422 -11.75 -38.87 89.83
CA SER JA 422 -10.42 -39.19 90.41
C SER JA 422 -10.30 -40.70 90.64
N SER JA 423 -9.98 -41.44 89.58
CA SER JA 423 -9.80 -42.89 89.69
C SER JA 423 -8.40 -43.25 90.14
N TYR JA 424 -7.98 -42.64 91.25
CA TYR JA 424 -6.66 -42.87 91.81
C TYR JA 424 -6.73 -42.66 93.32
N ALA JA 425 -5.76 -43.22 94.02
CA ALA JA 425 -5.57 -42.99 95.45
C ALA JA 425 -4.27 -42.24 95.65
N HIS JA 426 -4.30 -41.23 96.52
CA HIS JA 426 -3.09 -40.45 96.77
C HIS JA 426 -2.06 -41.30 97.52
N SER JA 427 -0.82 -41.26 97.03
CA SER JA 427 0.28 -41.94 97.69
C SER JA 427 0.96 -41.07 98.74
N GLN JA 428 0.47 -39.86 98.95
CA GLN JA 428 0.94 -38.99 100.00
C GLN JA 428 -0.23 -38.56 100.88
N SER JA 429 0.04 -38.32 102.14
CA SER JA 429 -0.95 -37.80 103.06
C SER JA 429 -0.81 -36.28 103.14
N LEU JA 430 -1.94 -35.61 103.42
CA LEU JA 430 -1.94 -34.15 103.46
C LEU JA 430 -1.09 -33.61 104.60
N ASP JA 431 -0.84 -34.42 105.64
CA ASP JA 431 -0.04 -33.96 106.81
C ASP JA 431 1.40 -34.44 106.69
N ARG JA 432 1.77 -35.05 105.55
CA ARG JA 432 3.11 -35.58 105.33
C ARG JA 432 3.63 -35.12 103.96
N LEU JA 433 3.47 -33.83 103.66
CA LEU JA 433 3.87 -33.27 102.37
C LEU JA 433 5.23 -32.57 102.43
N MET JA 434 5.95 -32.67 103.54
CA MET JA 434 7.17 -31.92 103.74
C MET JA 434 8.39 -32.77 103.38
N ASN JA 435 9.56 -32.14 103.48
CA ASN JA 435 10.83 -32.83 103.33
C ASN JA 435 11.31 -33.25 104.71
N PRO JA 436 11.38 -34.56 105.02
CA PRO JA 436 11.74 -34.98 106.37
C PRO JA 436 13.19 -34.71 106.75
N LEU JA 437 14.04 -34.35 105.79
CA LEU JA 437 15.45 -34.16 106.05
C LEU JA 437 15.80 -32.74 106.48
N ILE JA 438 14.99 -31.75 106.10
CA ILE JA 438 15.30 -30.34 106.32
C ILE JA 438 14.31 -29.78 107.33
N ASP JA 439 14.82 -29.04 108.30
CA ASP JA 439 13.96 -28.35 109.25
C ASP JA 439 13.28 -27.15 108.59
N GLN JA 440 12.17 -26.73 109.18
CA GLN JA 440 11.50 -25.51 108.75
C GLN JA 440 12.17 -24.30 109.36
N TYR JA 441 12.12 -23.18 108.64
CA TYR JA 441 12.61 -21.93 109.19
C TYR JA 441 11.59 -21.24 110.07
N LEU JA 442 10.32 -21.68 110.04
CA LEU JA 442 9.29 -21.10 110.88
C LEU JA 442 9.33 -21.72 112.28
N TYR JA 443 8.91 -20.95 113.26
CA TYR JA 443 8.90 -21.38 114.65
C TYR JA 443 7.47 -21.61 115.12
N TYR JA 444 7.33 -22.52 116.07
CA TYR JA 444 6.04 -22.78 116.71
C TYR JA 444 6.25 -22.81 118.22
N LEU JA 445 5.20 -22.44 118.95
CA LEU JA 445 5.24 -22.47 120.41
C LEU JA 445 5.33 -23.93 120.87
N SER JA 446 6.50 -24.32 121.38
CA SER JA 446 6.74 -25.69 121.79
C SER JA 446 6.61 -25.90 123.29
N ARG JA 447 6.94 -24.87 124.06
CA ARG JA 447 6.80 -25.00 125.54
C ARG JA 447 6.09 -23.77 126.09
N THR JA 448 5.35 -23.96 127.18
CA THR JA 448 4.64 -22.87 127.84
C THR JA 448 5.12 -22.61 129.26
N ASN JA 449 6.02 -23.42 129.79
CA ASN JA 449 6.57 -23.18 131.13
C ASN JA 449 7.95 -23.82 131.21
N THR JA 450 8.69 -23.44 132.24
CA THR JA 450 10.00 -24.01 132.52
C THR JA 450 10.13 -24.33 134.00
N PRO JA 451 10.97 -25.32 134.39
CA PRO JA 451 11.18 -25.58 135.81
C PRO JA 451 11.74 -24.34 136.49
N SER JA 452 11.08 -23.87 137.54
CA SER JA 452 11.59 -22.71 138.32
C SER JA 452 11.66 -23.11 139.79
N GLY JA 453 12.84 -23.09 140.39
CA GLY JA 453 12.98 -23.56 141.78
C GLY JA 453 12.53 -25.01 141.89
N THR JA 454 11.60 -25.29 142.80
CA THR JA 454 11.04 -26.66 142.94
C THR JA 454 9.60 -26.65 142.40
N THR JA 455 9.17 -25.51 141.87
CA THR JA 455 7.81 -25.41 141.26
C THR JA 455 7.96 -25.19 139.75
N THR JA 456 6.98 -24.56 139.12
CA THR JA 456 7.08 -24.24 137.67
C THR JA 456 6.83 -22.75 137.46
N GLN JA 457 7.37 -22.19 136.37
CA GLN JA 457 7.15 -20.78 136.06
C GLN JA 457 6.76 -20.65 134.60
N SER JA 458 5.81 -19.77 134.32
CA SER JA 458 5.34 -19.58 132.95
C SER JA 458 6.44 -18.96 132.11
N ARG JA 459 6.70 -19.57 130.95
CA ARG JA 459 7.76 -19.09 130.05
C ARG JA 459 7.51 -19.66 128.67
N LEU JA 460 7.34 -18.79 127.68
CA LEU JA 460 7.09 -19.23 126.31
C LEU JA 460 8.39 -19.54 125.61
N GLN JA 461 8.44 -20.68 124.92
CA GLN JA 461 9.58 -21.07 124.10
C GLN JA 461 9.11 -21.54 122.74
N PHE JA 462 9.97 -21.40 121.75
CA PHE JA 462 9.63 -21.71 120.37
C PHE JA 462 10.72 -22.58 119.75
N SER JA 463 10.30 -23.47 118.85
CA SER JA 463 11.19 -24.40 118.20
C SER JA 463 10.89 -24.44 116.71
N GLN JA 464 11.89 -24.84 115.93
CA GLN JA 464 11.70 -25.10 114.52
C GLN JA 464 11.35 -26.57 114.33
N ALA JA 465 10.32 -26.83 113.54
CA ALA JA 465 9.79 -28.18 113.39
C ALA JA 465 10.60 -28.95 112.36
N GLY JA 466 10.91 -30.21 112.68
CA GLY JA 466 11.60 -31.13 111.80
C GLY JA 466 10.85 -32.45 111.73
N ALA JA 467 11.64 -33.53 111.62
CA ALA JA 467 11.04 -34.86 111.51
C ALA JA 467 10.59 -35.40 112.87
N SER JA 468 11.32 -35.08 113.93
CA SER JA 468 10.99 -35.63 115.25
C SER JA 468 9.69 -35.06 115.79
N ASP JA 469 9.40 -33.80 115.49
CA ASP JA 469 8.15 -33.16 115.90
C ASP JA 469 7.34 -32.79 114.67
N ILE JA 470 7.25 -33.75 113.74
CA ILE JA 470 6.63 -33.54 112.43
C ILE JA 470 5.18 -33.09 112.54
N ARG JA 471 4.51 -33.37 113.66
CA ARG JA 471 3.11 -32.98 113.81
C ARG JA 471 2.93 -31.49 113.99
N ASP JA 472 3.98 -30.76 114.36
CA ASP JA 472 3.92 -29.33 114.63
C ASP JA 472 4.34 -28.47 113.45
N GLN JA 473 4.61 -29.09 112.30
CA GLN JA 473 5.09 -28.32 111.16
C GLN JA 473 4.00 -27.40 110.61
N SER JA 474 4.43 -26.21 110.20
CA SER JA 474 3.51 -25.27 109.56
C SER JA 474 3.10 -25.79 108.19
N ARG JA 475 1.81 -25.71 107.89
CA ARG JA 475 1.26 -26.30 106.68
C ARG JA 475 0.39 -25.27 105.96
N ASN JA 476 0.18 -25.52 104.67
CA ASN JA 476 -0.56 -24.60 103.82
C ASN JA 476 -2.01 -25.01 103.58
N TRP JA 477 -2.38 -26.25 103.92
CA TRP JA 477 -3.68 -26.80 103.55
C TRP JA 477 -4.32 -27.48 104.74
N LEU JA 478 -5.61 -27.75 104.61
CA LEU JA 478 -6.43 -28.38 105.64
C LEU JA 478 -7.23 -29.53 105.05
N PRO JA 479 -7.57 -30.52 105.87
CA PRO JA 479 -8.44 -31.60 105.38
C PRO JA 479 -9.85 -31.11 105.09
N GLY JA 480 -10.53 -31.82 104.20
CA GLY JA 480 -11.83 -31.44 103.72
C GLY JA 480 -12.90 -31.40 104.81
N PRO JA 481 -14.10 -30.97 104.44
CA PRO JA 481 -15.16 -30.80 105.43
C PRO JA 481 -15.68 -32.13 105.95
N CYS JA 482 -16.31 -32.01 107.13
CA CYS JA 482 -16.75 -33.21 107.87
C CYS JA 482 -18.18 -33.07 108.37
N TYR JA 483 -18.90 -34.19 108.47
CA TYR JA 483 -20.23 -34.23 109.10
C TYR JA 483 -20.33 -35.57 109.79
N ARG JA 484 -20.01 -35.59 111.09
CA ARG JA 484 -19.65 -36.82 111.78
C ARG JA 484 -20.77 -37.86 111.72
N GLN JA 485 -20.37 -39.11 111.51
CA GLN JA 485 -21.26 -40.26 111.48
C GLN JA 485 -20.97 -41.16 112.67
N GLN JA 486 -21.99 -41.90 113.09
CA GLN JA 486 -21.79 -42.90 114.14
C GLN JA 486 -21.02 -44.09 113.59
N ARG JA 487 -20.18 -44.68 114.43
CA ARG JA 487 -19.36 -45.80 114.04
C ARG JA 487 -20.03 -47.11 114.42
N VAL JA 488 -20.13 -47.99 113.42
CA VAL JA 488 -20.72 -49.34 113.61
C VAL JA 488 -19.65 -50.35 113.19
N SER JA 489 -19.67 -51.55 113.74
CA SER JA 489 -18.69 -52.59 113.46
C SER JA 489 -19.34 -53.75 112.71
N LYS JA 490 -18.59 -54.33 111.78
CA LYS JA 490 -19.10 -55.50 111.02
C LYS JA 490 -19.19 -56.71 111.98
N THR JA 491 -18.36 -56.74 113.02
CA THR JA 491 -18.47 -57.79 114.07
C THR JA 491 -19.65 -57.39 114.95
N SER JA 492 -20.72 -58.19 114.95
CA SER JA 492 -21.97 -57.80 115.67
C SER JA 492 -21.75 -57.56 117.17
N ALA JA 493 -21.03 -58.45 117.85
CA ALA JA 493 -20.87 -58.33 119.30
C ALA JA 493 -20.28 -56.98 119.69
N ASP JA 494 -19.51 -56.35 118.80
CA ASP JA 494 -18.85 -55.09 119.10
C ASP JA 494 -19.81 -53.91 119.17
N ASN JA 495 -21.05 -54.08 118.70
CA ASN JA 495 -22.01 -52.98 118.64
C ASN JA 495 -22.82 -52.92 119.93
N ASN JA 496 -23.37 -51.74 120.19
CA ASN JA 496 -24.21 -51.55 121.38
C ASN JA 496 -25.51 -52.34 121.23
N ASN JA 497 -25.96 -52.94 122.33
CA ASN JA 497 -27.17 -53.75 122.33
C ASN JA 497 -28.39 -52.85 122.53
N SER JA 498 -28.70 -52.09 121.48
CA SER JA 498 -29.84 -51.18 121.50
C SER JA 498 -30.22 -50.87 120.06
N GLU JA 499 -31.39 -50.23 119.91
CA GLU JA 499 -31.87 -49.80 118.57
C GLU JA 499 -31.45 -48.34 118.40
N TYR JA 500 -30.41 -48.12 117.62
CA TYR JA 500 -29.86 -46.78 117.41
C TYR JA 500 -29.73 -46.43 115.94
N SER JA 501 -30.49 -47.10 115.06
CA SER JA 501 -30.40 -46.80 113.64
C SER JA 501 -30.96 -45.43 113.29
N TRP JA 502 -31.77 -44.83 114.17
CA TRP JA 502 -32.30 -43.50 113.96
C TRP JA 502 -31.93 -42.52 115.05
N THR JA 503 -31.90 -42.95 116.31
CA THR JA 503 -31.52 -42.05 117.40
C THR JA 503 -30.08 -41.60 117.26
N GLY JA 504 -29.19 -42.53 116.92
CA GLY JA 504 -27.80 -42.22 116.69
C GLY JA 504 -27.45 -41.87 115.26
N ALA JA 505 -28.46 -41.74 114.39
CA ALA JA 505 -28.22 -41.47 112.98
C ALA JA 505 -27.86 -40.01 112.75
N THR JA 506 -27.13 -39.77 111.67
CA THR JA 506 -26.78 -38.42 111.25
C THR JA 506 -27.87 -37.90 110.32
N LYS JA 507 -28.45 -36.75 110.67
CA LYS JA 507 -29.65 -36.26 110.01
C LYS JA 507 -29.49 -34.78 109.66
N TYR JA 508 -30.27 -34.35 108.67
CA TYR JA 508 -30.45 -32.94 108.38
C TYR JA 508 -31.92 -32.59 108.50
N HIS JA 509 -32.19 -31.38 108.98
CA HIS JA 509 -33.54 -30.93 109.29
C HIS JA 509 -33.99 -29.97 108.19
N LEU JA 510 -35.14 -30.26 107.57
CA LEU JA 510 -35.66 -29.46 106.47
C LEU JA 510 -37.17 -29.39 106.58
N ASN JA 511 -37.69 -28.18 106.81
CA ASN JA 511 -39.13 -27.93 106.89
C ASN JA 511 -39.79 -28.80 107.95
N GLY JA 512 -39.11 -28.97 109.09
CA GLY JA 512 -39.65 -29.73 110.19
C GLY JA 512 -39.55 -31.23 110.05
N ARG JA 513 -38.93 -31.71 108.98
CA ARG JA 513 -38.76 -33.18 108.84
C ARG JA 513 -37.28 -33.58 108.82
N ASP JA 514 -36.92 -34.62 109.55
CA ASP JA 514 -35.57 -35.17 109.59
C ASP JA 514 -35.38 -36.17 108.46
N SER JA 515 -34.33 -35.97 107.67
CA SER JA 515 -33.95 -36.90 106.63
C SER JA 515 -32.59 -37.50 106.95
N LEU JA 516 -32.44 -38.79 106.68
CA LEU JA 516 -31.16 -39.45 106.92
C LEU JA 516 -30.10 -38.89 105.97
N VAL JA 517 -28.91 -38.62 106.52
CA VAL JA 517 -27.78 -38.20 105.72
C VAL JA 517 -27.08 -39.47 105.23
N ASN JA 518 -27.29 -39.80 103.97
CA ASN JA 518 -26.82 -41.07 103.41
C ASN JA 518 -26.52 -40.91 101.93
N PRO JA 519 -25.26 -41.04 101.50
CA PRO JA 519 -24.07 -41.30 102.31
C PRO JA 519 -23.44 -40.03 102.86
N GLY JA 520 -23.91 -38.85 102.45
CA GLY JA 520 -23.42 -37.61 102.95
C GLY JA 520 -22.10 -37.17 102.33
N PRO JA 521 -21.43 -36.21 102.96
CA PRO JA 521 -20.15 -35.73 102.43
C PRO JA 521 -19.11 -36.85 102.39
N ALA JA 522 -18.24 -36.78 101.38
CA ALA JA 522 -17.24 -37.82 101.18
C ALA JA 522 -16.23 -37.80 102.31
N MET JA 523 -16.18 -38.89 103.07
CA MET JA 523 -15.28 -39.03 104.20
C MET JA 523 -14.73 -40.44 104.24
N ALA JA 524 -13.56 -40.61 104.84
CA ALA JA 524 -12.95 -41.92 104.95
C ALA JA 524 -13.78 -42.82 105.85
N SER JA 525 -13.94 -44.07 105.43
CA SER JA 525 -14.73 -45.02 106.21
C SER JA 525 -14.07 -45.32 107.55
N HIS JA 526 -12.75 -45.43 107.57
CA HIS JA 526 -12.04 -45.80 108.79
C HIS JA 526 -10.59 -45.37 108.67
N LYS JA 527 -9.90 -45.36 109.80
CA LYS JA 527 -8.48 -45.03 109.86
C LYS JA 527 -7.66 -46.31 109.68
N ASP JA 528 -6.36 -46.23 109.92
CA ASP JA 528 -5.48 -47.38 109.73
C ASP JA 528 -5.88 -48.53 110.66
N ASP JA 529 -5.89 -49.73 110.11
CA ASP JA 529 -6.09 -50.97 110.86
C ASP JA 529 -7.43 -50.97 111.59
N GLU JA 530 -8.46 -50.43 110.95
CA GLU JA 530 -9.81 -50.44 111.50
C GLU JA 530 -10.82 -50.75 110.41
N GLU JA 531 -10.50 -51.72 109.55
CA GLU JA 531 -11.33 -52.03 108.41
C GLU JA 531 -12.69 -52.60 108.80
N LYS JA 532 -12.85 -53.08 110.03
CA LYS JA 532 -14.14 -53.59 110.48
C LYS JA 532 -15.14 -52.49 110.79
N PHE JA 533 -14.69 -51.24 110.89
CA PHE JA 533 -15.56 -50.12 111.24
C PHE JA 533 -15.97 -49.36 109.99
N PHE JA 534 -17.25 -49.01 109.91
CA PHE JA 534 -17.78 -48.21 108.83
C PHE JA 534 -18.79 -47.22 109.40
N PRO JA 535 -18.97 -46.07 108.75
CA PRO JA 535 -19.98 -45.12 109.21
C PRO JA 535 -21.39 -45.70 109.07
N GLN JA 536 -22.27 -45.28 109.98
CA GLN JA 536 -23.59 -45.88 110.06
C GLN JA 536 -24.38 -45.65 108.77
N SER JA 537 -24.31 -44.44 108.22
CA SER JA 537 -24.96 -44.13 106.95
C SER JA 537 -24.03 -43.31 106.06
N GLY JA 538 -22.73 -43.62 106.11
CA GLY JA 538 -21.73 -42.87 105.36
C GLY JA 538 -21.11 -43.59 104.19
N VAL JA 539 -21.55 -44.80 103.86
CA VAL JA 539 -21.03 -45.55 102.74
C VAL JA 539 -22.18 -46.13 101.93
N LEU JA 540 -21.93 -46.37 100.66
CA LEU JA 540 -22.90 -47.08 99.83
C LEU JA 540 -22.92 -48.55 100.21
N ILE JA 541 -24.11 -49.12 100.30
CA ILE JA 541 -24.29 -50.53 100.64
C ILE JA 541 -25.07 -51.16 99.49
N PHE JA 542 -24.43 -52.10 98.80
CA PHE JA 542 -25.04 -52.82 97.70
C PHE JA 542 -25.50 -54.19 98.17
N GLY JA 543 -26.62 -54.65 97.60
CA GLY JA 543 -27.15 -55.96 97.93
C GLY JA 543 -26.53 -57.04 97.08
N LYS JA 544 -26.25 -58.18 97.70
CA LYS JA 544 -25.82 -59.35 96.95
C LYS JA 544 -26.99 -59.92 96.15
N GLN JA 545 -26.68 -60.83 95.24
CA GLN JA 545 -27.71 -61.44 94.42
C GLN JA 545 -28.69 -62.21 95.28
N GLY JA 546 -29.99 -61.99 95.04
CA GLY JA 546 -31.03 -62.65 95.79
C GLY JA 546 -31.38 -62.02 97.12
N SER JA 547 -30.80 -60.86 97.42
CA SER JA 547 -31.02 -60.20 98.73
C SER JA 547 -32.43 -59.61 98.79
N GLU JA 548 -33.10 -59.75 99.93
CA GLU JA 548 -34.45 -59.24 100.11
C GLU JA 548 -34.42 -57.72 100.28
N LYS JA 549 -35.56 -57.15 100.66
CA LYS JA 549 -35.69 -55.71 100.76
C LYS JA 549 -35.57 -55.21 102.19
N THR JA 550 -36.13 -55.93 103.16
CA THR JA 550 -36.24 -55.43 104.53
C THR JA 550 -35.43 -56.29 105.48
N ASN JA 551 -34.56 -55.64 106.25
CA ASN JA 551 -33.86 -56.24 107.39
C ASN JA 551 -33.07 -57.48 107.00
N VAL JA 552 -32.26 -57.36 105.95
CA VAL JA 552 -31.34 -58.42 105.57
C VAL JA 552 -30.11 -58.35 106.45
N ASP JA 553 -29.45 -59.49 106.64
CA ASP JA 553 -28.28 -59.55 107.50
C ASP JA 553 -27.09 -58.88 106.82
N ILE JA 554 -26.01 -58.70 107.59
CA ILE JA 554 -24.82 -58.05 107.06
C ILE JA 554 -24.15 -58.94 106.01
N GLU JA 555 -24.25 -60.25 106.14
CA GLU JA 555 -23.67 -61.15 105.15
C GLU JA 555 -24.42 -61.13 103.83
N LYS JA 556 -25.62 -60.53 103.79
CA LYS JA 556 -26.39 -60.40 102.57
C LYS JA 556 -26.07 -59.14 101.79
N VAL JA 557 -25.27 -58.24 102.34
CA VAL JA 557 -24.95 -56.97 101.71
C VAL JA 557 -23.44 -56.81 101.61
N MET JA 558 -23.01 -55.97 100.67
CA MET JA 558 -21.60 -55.65 100.46
C MET JA 558 -21.40 -54.17 100.76
N ILE JA 559 -20.63 -53.88 101.80
CA ILE JA 559 -20.41 -52.52 102.25
C ILE JA 559 -19.16 -51.97 101.60
N THR JA 560 -19.27 -50.81 100.96
CA THR JA 560 -18.14 -50.22 100.27
C THR JA 560 -17.17 -49.56 101.26
N ASP JA 561 -15.97 -49.31 100.76
CA ASP JA 561 -14.93 -48.69 101.62
C ASP JA 561 -14.36 -47.48 100.91
N GLU JA 562 -14.25 -46.37 101.63
CA GLU JA 562 -13.70 -45.12 101.13
C GLU JA 562 -12.40 -44.78 101.84
N GLU JA 563 -11.54 -45.79 102.03
CA GLU JA 563 -10.28 -45.60 102.74
C GLU JA 563 -9.21 -44.94 101.88
N GLU JA 564 -9.37 -44.95 100.56
CA GLU JA 564 -8.36 -44.36 99.69
C GLU JA 564 -8.29 -42.84 99.80
N ILE JA 565 -9.32 -42.21 100.39
CA ILE JA 565 -9.38 -40.76 100.49
C ILE JA 565 -9.04 -40.28 101.90
N ARG JA 566 -8.57 -41.16 102.78
CA ARG JA 566 -8.18 -40.74 104.11
C ARG JA 566 -6.91 -39.91 104.12
N THR JA 567 -6.22 -39.81 102.99
CA THR JA 567 -5.05 -38.95 102.90
C THR JA 567 -5.43 -37.48 102.99
N THR JA 568 -6.58 -37.10 102.45
CA THR JA 568 -7.03 -35.70 102.47
C THR JA 568 -8.36 -35.49 103.17
N ASN JA 569 -9.15 -36.53 103.39
CA ASN JA 569 -10.48 -36.38 103.97
C ASN JA 569 -10.51 -36.94 105.38
N PRO JA 570 -11.20 -36.26 106.30
CA PRO JA 570 -11.28 -36.76 107.67
C PRO JA 570 -12.06 -38.06 107.73
N VAL JA 571 -11.72 -38.88 108.74
CA VAL JA 571 -12.46 -40.11 108.98
C VAL JA 571 -13.89 -39.77 109.38
N ALA JA 572 -14.84 -40.51 108.83
CA ALA JA 572 -16.25 -40.18 108.97
C ALA JA 572 -16.70 -40.24 110.43
N THR JA 573 -16.18 -41.20 111.19
CA THR JA 573 -16.64 -41.46 112.54
C THR JA 573 -15.87 -40.68 113.60
N GLU JA 574 -14.92 -39.85 113.20
CA GLU JA 574 -14.10 -39.10 114.15
C GLU JA 574 -14.30 -37.61 113.93
N GLN JA 575 -13.82 -36.83 114.90
CA GLN JA 575 -13.94 -35.38 114.82
C GLN JA 575 -12.98 -34.83 113.77
N TYR JA 576 -13.34 -33.66 113.23
CA TYR JA 576 -12.43 -32.96 112.32
C TYR JA 576 -11.16 -32.53 113.04
N GLY JA 577 -11.29 -32.03 114.26
CA GLY JA 577 -10.15 -31.52 115.00
C GLY JA 577 -10.58 -30.90 116.30
N SER JA 578 -9.75 -29.98 116.80
CA SER JA 578 -10.02 -29.29 118.05
C SER JA 578 -9.81 -27.80 117.87
N VAL JA 579 -10.63 -27.02 118.58
CA VAL JA 579 -10.51 -25.56 118.60
C VAL JA 579 -10.53 -25.10 120.05
N SER JA 580 -9.97 -23.91 120.27
CA SER JA 580 -10.01 -23.31 121.59
C SER JA 580 -11.39 -22.78 121.90
N THR JA 581 -11.77 -22.85 123.18
CA THR JA 581 -13.08 -22.41 123.62
C THR JA 581 -13.05 -21.32 124.67
N ASN JA 582 -11.87 -20.94 125.18
CA ASN JA 582 -11.77 -19.91 126.20
C ASN JA 582 -10.47 -19.15 125.99
N LEU JA 583 -10.12 -18.32 126.96
CA LEU JA 583 -8.88 -17.55 126.95
C LEU JA 583 -8.08 -17.89 128.20
N GLN JA 584 -6.97 -18.60 128.00
CA GLN JA 584 -6.10 -18.95 129.12
C GLN JA 584 -5.45 -17.69 129.69
N ARG JA 585 -5.24 -17.73 131.01
CA ARG JA 585 -4.69 -16.56 131.71
C ARG JA 585 -4.07 -17.02 133.02
N GLY JA 586 -2.95 -16.43 133.41
CA GLY JA 586 -2.33 -16.70 134.69
C GLY JA 586 -2.84 -15.79 135.80
N ASN JA 587 -2.25 -15.96 136.98
CA ASN JA 587 -2.71 -15.20 138.17
C ASN JA 587 -2.23 -13.75 138.10
N THR JA 594 -8.45 -15.03 138.75
CA THR JA 594 -7.76 -16.31 139.06
C THR JA 594 -7.15 -16.87 137.78
N SER JA 595 -6.48 -18.02 137.83
CA SER JA 595 -5.98 -18.53 136.56
C SER JA 595 -7.02 -19.38 135.86
N ARG JA 596 -6.95 -19.40 134.53
CA ARG JA 596 -7.83 -20.21 133.69
C ARG JA 596 -6.98 -21.00 132.74
N GLN JA 597 -7.14 -22.33 132.74
CA GLN JA 597 -6.37 -23.19 131.86
C GLN JA 597 -7.04 -23.27 130.48
N ALA JA 598 -6.21 -23.45 129.46
CA ALA JA 598 -6.71 -23.52 128.09
C ALA JA 598 -7.61 -24.73 127.90
N ALA JA 599 -8.74 -24.51 127.23
CA ALA JA 599 -9.73 -25.56 126.99
C ALA JA 599 -9.96 -25.72 125.51
N THR JA 600 -10.25 -26.96 125.09
CA THR JA 600 -10.49 -27.29 123.71
C THR JA 600 -11.77 -28.11 123.59
N ALA JA 601 -12.37 -28.08 122.40
CA ALA JA 601 -13.56 -28.84 122.11
C ALA JA 601 -13.41 -29.55 120.78
N ASP JA 602 -14.05 -30.71 120.66
CA ASP JA 602 -14.06 -31.44 119.40
C ASP JA 602 -14.95 -30.74 118.38
N VAL JA 603 -14.54 -30.77 117.12
CA VAL JA 603 -15.31 -30.17 116.03
C VAL JA 603 -15.95 -31.35 115.28
N ASN JA 604 -17.17 -31.68 115.67
CA ASN JA 604 -17.88 -32.80 115.04
C ASN JA 604 -18.46 -32.43 113.69
N THR JA 605 -18.64 -31.14 113.41
CA THR JA 605 -19.10 -30.68 112.10
C THR JA 605 -18.24 -29.50 111.68
N GLN JA 606 -17.69 -29.56 110.48
CA GLN JA 606 -16.81 -28.52 109.97
C GLN JA 606 -17.25 -28.13 108.57
N GLY JA 607 -17.57 -26.86 108.38
CA GLY JA 607 -17.85 -26.34 107.06
C GLY JA 607 -16.58 -26.10 106.28
N VAL JA 608 -16.76 -25.68 105.03
CA VAL JA 608 -15.62 -25.45 104.14
C VAL JA 608 -14.88 -24.20 104.59
N LEU JA 609 -13.57 -24.32 104.73
CA LEU JA 609 -12.65 -23.25 105.07
C LEU JA 609 -11.74 -22.94 103.89
N PRO JA 610 -11.24 -21.71 103.77
CA PRO JA 610 -10.24 -21.42 102.74
C PRO JA 610 -8.99 -22.26 102.95
N GLY JA 611 -8.43 -22.76 101.85
CA GLY JA 611 -7.30 -23.65 101.90
C GLY JA 611 -7.64 -25.11 102.09
N MET JA 612 -8.92 -25.46 102.08
CA MET JA 612 -9.34 -26.87 102.31
C MET JA 612 -9.29 -27.66 101.00
N VAL JA 613 -8.77 -28.89 101.04
CA VAL JA 613 -8.67 -29.80 99.90
C VAL JA 613 -9.31 -31.12 100.29
N TRP JA 614 -9.99 -31.76 99.34
CA TRP JA 614 -10.71 -33.00 99.62
C TRP JA 614 -10.85 -33.78 98.32
N GLN JA 615 -11.22 -35.05 98.48
CA GLN JA 615 -11.52 -35.94 97.36
C GLN JA 615 -13.00 -36.30 97.40
N ASP JA 616 -13.60 -36.44 96.22
CA ASP JA 616 -15.00 -36.80 96.14
C ASP JA 616 -15.19 -38.29 96.40
N ARG JA 617 -16.45 -38.70 96.52
CA ARG JA 617 -16.75 -40.11 96.75
C ARG JA 617 -16.43 -40.92 95.50
N ASP JA 618 -15.95 -42.15 95.73
CA ASP JA 618 -15.60 -43.03 94.61
C ASP JA 618 -16.85 -43.52 93.89
N VAL JA 619 -16.68 -43.86 92.62
CA VAL JA 619 -17.74 -44.47 91.83
C VAL JA 619 -17.45 -45.97 91.75
N TYR JA 620 -18.51 -46.75 91.57
CA TYR JA 620 -18.43 -48.21 91.58
C TYR JA 620 -19.11 -48.76 90.33
N LEU JA 621 -18.79 -50.01 90.01
CA LEU JA 621 -19.39 -50.66 88.87
C LEU JA 621 -20.91 -50.74 89.02
N GLN JA 622 -21.38 -51.05 90.23
CA GLN JA 622 -22.80 -51.08 90.53
C GLN JA 622 -23.35 -49.72 90.90
N GLY JA 623 -22.51 -48.69 90.99
CA GLY JA 623 -22.93 -47.40 91.45
C GLY JA 623 -23.51 -46.52 90.36
N PRO JA 624 -24.10 -45.40 90.76
CA PRO JA 624 -24.66 -44.47 89.77
C PRO JA 624 -23.57 -43.72 89.03
N ILE JA 625 -23.93 -43.24 87.83
CA ILE JA 625 -23.01 -42.51 86.98
C ILE JA 625 -23.14 -41.01 87.15
N TRP JA 626 -24.36 -40.50 87.14
CA TRP JA 626 -24.59 -39.05 87.15
C TRP JA 626 -25.78 -38.72 88.03
N ALA JA 627 -26.01 -37.42 88.19
CA ALA JA 627 -27.20 -36.90 88.84
C ALA JA 627 -27.44 -35.49 88.33
N LYS JA 628 -28.69 -35.05 88.41
CA LYS JA 628 -29.03 -33.70 87.98
C LYS JA 628 -28.79 -32.71 89.11
N ILE JA 629 -28.00 -31.69 88.83
CA ILE JA 629 -27.79 -30.63 89.82
C ILE JA 629 -29.08 -29.85 90.00
N PRO JA 630 -29.60 -29.68 91.22
CA PRO JA 630 -30.86 -28.97 91.40
C PRO JA 630 -30.76 -27.54 90.89
N HIS JA 631 -31.86 -27.06 90.31
CA HIS JA 631 -31.93 -25.71 89.77
C HIS JA 631 -32.12 -24.75 90.94
N THR JA 632 -31.01 -24.28 91.50
CA THR JA 632 -31.01 -23.42 92.66
C THR JA 632 -30.09 -22.22 92.40
N ASP JA 633 -30.28 -21.18 93.20
CA ASP JA 633 -29.46 -19.95 93.02
C ASP JA 633 -28.00 -20.25 93.35
N GLY JA 634 -27.76 -21.04 94.39
CA GLY JA 634 -26.41 -21.34 94.79
C GLY JA 634 -26.22 -22.81 95.11
N HIS JA 635 -25.00 -23.28 94.88
CA HIS JA 635 -24.58 -24.62 95.25
C HIS JA 635 -23.06 -24.62 95.28
N PHE JA 636 -22.50 -25.45 96.16
CA PHE JA 636 -21.07 -25.55 96.33
C PHE JA 636 -20.63 -26.96 95.96
N HIS JA 637 -19.68 -27.06 95.02
CA HIS JA 637 -19.12 -28.32 94.56
C HIS JA 637 -20.22 -29.31 94.24
N PRO JA 638 -20.94 -29.12 93.12
CA PRO JA 638 -22.12 -29.95 92.82
C PRO JA 638 -21.78 -31.35 92.29
N SER JA 639 -20.88 -32.03 92.96
CA SER JA 639 -20.67 -33.46 92.76
C SER JA 639 -21.69 -34.23 93.58
N PRO JA 640 -22.41 -35.19 92.97
CA PRO JA 640 -23.42 -35.93 93.73
C PRO JA 640 -22.80 -36.64 94.92
N LEU JA 641 -23.51 -36.63 96.05
CA LEU JA 641 -22.98 -37.23 97.26
C LEU JA 641 -22.95 -38.74 97.18
N MET JA 642 -23.85 -39.34 96.39
CA MET JA 642 -23.83 -40.78 96.18
C MET JA 642 -22.72 -41.23 95.25
N GLY JA 643 -22.03 -40.29 94.60
CA GLY JA 643 -20.95 -40.60 93.69
C GLY JA 643 -21.34 -40.40 92.24
N GLY JA 644 -20.42 -39.85 91.46
CA GLY JA 644 -20.67 -39.65 90.06
C GLY JA 644 -20.40 -38.25 89.55
N PHE JA 645 -21.03 -37.89 88.44
CA PHE JA 645 -20.82 -36.61 87.77
C PHE JA 645 -22.06 -35.73 87.93
N GLY JA 646 -21.86 -34.53 88.44
CA GLY JA 646 -22.95 -33.57 88.54
C GLY JA 646 -23.19 -32.86 87.24
N LEU JA 647 -24.41 -32.94 86.71
CA LEU JA 647 -24.75 -32.40 85.40
C LEU JA 647 -25.90 -31.41 85.55
N LYS JA 648 -25.70 -30.18 85.07
CA LYS JA 648 -26.79 -29.23 85.03
C LYS JA 648 -27.85 -29.65 84.02
N HIS JA 649 -27.42 -30.26 82.91
CA HIS JA 649 -28.32 -30.82 81.90
C HIS JA 649 -27.94 -32.28 81.73
N PRO JA 650 -28.44 -33.17 82.59
CA PRO JA 650 -28.09 -34.58 82.49
C PRO JA 650 -28.78 -35.23 81.32
N PRO JA 651 -28.46 -36.50 81.02
CA PRO JA 651 -29.19 -37.21 79.97
C PRO JA 651 -30.69 -37.19 80.24
N PRO JA 652 -31.49 -36.78 79.26
CA PRO JA 652 -32.92 -36.59 79.52
C PRO JA 652 -33.64 -37.89 79.83
N GLN JA 653 -34.70 -37.77 80.61
CA GLN JA 653 -35.56 -38.91 80.88
C GLN JA 653 -36.26 -39.36 79.61
N ILE JA 654 -36.27 -40.67 79.38
CA ILE JA 654 -36.92 -41.26 78.22
C ILE JA 654 -38.18 -41.96 78.71
N LEU JA 655 -39.34 -41.43 78.35
CA LEU JA 655 -40.62 -41.94 78.82
C LEU JA 655 -41.28 -42.76 77.72
N ILE JA 656 -41.77 -43.94 78.09
CA ILE JA 656 -42.40 -44.86 77.14
C ILE JA 656 -43.66 -45.42 77.79
N LYS JA 657 -44.72 -45.55 77.00
CA LYS JA 657 -45.95 -46.17 77.49
C LYS JA 657 -46.70 -46.76 76.31
N ASN JA 658 -47.57 -47.72 76.61
CA ASN JA 658 -48.41 -48.33 75.60
C ASN JA 658 -49.63 -47.46 75.35
N THR JA 659 -49.95 -47.24 74.09
CA THR JA 659 -51.13 -46.46 73.75
C THR JA 659 -52.38 -47.25 74.14
N PRO JA 660 -53.29 -46.68 74.92
CA PRO JA 660 -54.51 -47.42 75.31
C PRO JA 660 -55.38 -47.73 74.10
N VAL JA 661 -55.77 -48.99 73.98
CA VAL JA 661 -56.65 -49.45 72.91
C VAL JA 661 -58.01 -49.76 73.54
N PRO JA 662 -59.04 -48.96 73.28
CA PRO JA 662 -60.35 -49.22 73.89
C PRO JA 662 -60.92 -50.56 73.47
N ALA JA 663 -61.63 -51.19 74.39
CA ALA JA 663 -62.33 -52.43 74.12
C ALA JA 663 -63.64 -52.11 73.38
N ASN JA 664 -64.53 -53.09 73.27
CA ASN JA 664 -65.74 -52.91 72.50
C ASN JA 664 -66.63 -51.83 73.11
N PRO JA 665 -66.93 -50.75 72.37
CA PRO JA 665 -67.78 -49.70 72.92
C PRO JA 665 -69.26 -50.03 72.78
N SER JA 666 -70.05 -49.25 73.51
CA SER JA 666 -71.52 -49.40 73.45
C SER JA 666 -72.04 -48.76 72.17
N THR JA 667 -73.06 -49.35 71.57
CA THR JA 667 -73.66 -48.80 70.36
C THR JA 667 -74.40 -47.50 70.62
N THR JA 668 -74.69 -47.18 71.88
CA THR JA 668 -75.29 -45.92 72.25
C THR JA 668 -74.23 -45.00 72.82
N PHE JA 669 -74.30 -43.72 72.48
CA PHE JA 669 -73.27 -42.78 72.92
C PHE JA 669 -73.32 -42.60 74.43
N SER JA 670 -72.13 -42.59 75.04
CA SER JA 670 -71.97 -42.34 76.47
C SER JA 670 -70.86 -41.33 76.66
N ALA JA 671 -71.15 -40.27 77.42
CA ALA JA 671 -70.16 -39.23 77.68
C ALA JA 671 -69.14 -39.64 78.73
N ALA JA 672 -69.35 -40.74 79.42
CA ALA JA 672 -68.38 -41.22 80.40
C ALA JA 672 -67.09 -41.63 79.70
N LYS JA 673 -65.96 -41.31 80.31
CA LYS JA 673 -64.68 -41.67 79.73
C LYS JA 673 -64.53 -43.19 79.72
N PHE JA 674 -63.75 -43.66 78.75
CA PHE JA 674 -63.57 -45.13 78.57
C PHE JA 674 -62.86 -45.74 79.77
N ALA JA 675 -63.42 -46.83 80.29
CA ALA JA 675 -62.82 -47.56 81.39
C ALA JA 675 -62.47 -49.00 81.05
N SER JA 676 -62.86 -49.49 79.88
CA SER JA 676 -62.55 -50.84 79.44
C SER JA 676 -61.56 -50.77 78.28
N PHE JA 677 -60.47 -51.51 78.40
CA PHE JA 677 -59.41 -51.50 77.40
C PHE JA 677 -58.95 -52.93 77.13
N ILE JA 678 -58.33 -53.12 75.98
CA ILE JA 678 -57.73 -54.40 75.65
C ILE JA 678 -56.43 -54.53 76.41
N THR JA 679 -56.28 -55.61 77.17
CA THR JA 679 -55.07 -55.84 77.94
C THR JA 679 -53.90 -56.09 76.98
N GLN JA 680 -52.81 -55.36 77.18
CA GLN JA 680 -51.67 -55.52 76.27
C GLN JA 680 -50.41 -55.00 76.95
N TYR JA 681 -49.28 -55.52 76.46
CA TYR JA 681 -47.97 -55.08 76.88
C TYR JA 681 -47.09 -54.98 75.63
N SER JA 682 -45.87 -54.50 75.81
CA SER JA 682 -44.94 -54.37 74.71
C SER JA 682 -43.58 -54.92 75.11
N THR JA 683 -42.83 -55.38 74.11
CA THR JA 683 -41.47 -55.85 74.30
C THR JA 683 -40.63 -55.34 73.14
N GLY JA 684 -39.33 -55.23 73.37
CA GLY JA 684 -38.45 -54.71 72.34
C GLY JA 684 -37.02 -54.71 72.81
N GLN JA 685 -36.17 -54.03 72.04
CA GLN JA 685 -34.77 -53.93 72.34
C GLN JA 685 -34.39 -52.47 72.54
N VAL JA 686 -33.45 -52.24 73.45
CA VAL JA 686 -32.95 -50.91 73.76
C VAL JA 686 -31.44 -50.91 73.65
N SER JA 687 -30.88 -49.88 73.02
CA SER JA 687 -29.45 -49.74 72.82
C SER JA 687 -28.97 -48.42 73.43
N VAL JA 688 -27.91 -48.49 74.22
CA VAL JA 688 -27.26 -47.32 74.80
C VAL JA 688 -25.78 -47.37 74.46
N GLU JA 689 -25.29 -46.33 73.78
CA GLU JA 689 -23.88 -46.22 73.44
C GLU JA 689 -23.33 -44.94 74.02
N ILE JA 690 -22.31 -45.05 74.87
CA ILE JA 690 -21.71 -43.91 75.53
C ILE JA 690 -20.23 -43.85 75.17
N GLU JA 691 -19.76 -42.69 74.76
CA GLU JA 691 -18.35 -42.43 74.54
C GLU JA 691 -17.75 -41.80 75.79
N TRP JA 692 -16.67 -42.38 76.29
CA TRP JA 692 -15.99 -41.91 77.49
C TRP JA 692 -14.60 -41.42 77.12
N GLU JA 693 -14.17 -40.33 77.76
CA GLU JA 693 -12.83 -39.82 77.60
C GLU JA 693 -11.96 -40.29 78.75
N LEU JA 694 -10.73 -40.69 78.43
CA LEU JA 694 -9.81 -41.26 79.40
C LEU JA 694 -8.68 -40.29 79.70
N GLN JA 695 -8.26 -40.27 80.95
CA GLN JA 695 -7.09 -39.50 81.40
C GLN JA 695 -5.99 -40.51 81.68
N LYS JA 696 -5.05 -40.63 80.74
CA LYS JA 696 -4.03 -41.68 80.84
C LYS JA 696 -3.10 -41.43 82.01
N GLU JA 697 -2.74 -42.51 82.71
CA GLU JA 697 -1.81 -42.43 83.82
C GLU JA 697 -0.41 -42.09 83.31
N ASN JA 698 0.26 -41.17 84.01
CA ASN JA 698 1.59 -40.70 83.65
C ASN JA 698 2.49 -40.71 84.88
N SER JA 699 2.45 -41.83 85.61
CA SER JA 699 3.18 -41.92 86.87
C SER JA 699 4.66 -42.21 86.63
N LYS JA 700 5.50 -41.84 87.60
CA LYS JA 700 6.97 -42.11 87.51
C LYS JA 700 7.41 -42.90 88.75
N ARG JA 701 6.48 -43.56 89.44
CA ARG JA 701 6.88 -44.40 90.57
C ARG JA 701 7.64 -45.62 90.07
N TRP JA 702 8.52 -46.13 90.93
CA TRP JA 702 9.42 -47.22 90.56
C TRP JA 702 8.80 -48.59 90.84
N ASN JA 703 8.32 -48.79 92.06
CA ASN JA 703 7.78 -50.09 92.44
C ASN JA 703 6.37 -50.29 91.88
N PRO JA 704 5.92 -51.55 91.70
CA PRO JA 704 4.61 -51.80 91.10
C PRO JA 704 3.44 -51.20 91.89
N GLU JA 705 2.27 -51.03 91.26
CA GLU JA 705 1.10 -50.39 91.90
C GLU JA 705 0.07 -51.43 92.33
N ILE JA 706 -0.94 -51.02 93.11
CA ILE JA 706 -2.05 -51.98 93.37
C ILE JA 706 -2.97 -52.04 92.15
N GLN JA 707 -3.31 -53.25 91.69
CA GLN JA 707 -4.24 -53.39 90.59
C GLN JA 707 -5.35 -54.34 90.99
N TYR JA 708 -6.55 -54.11 90.45
CA TYR JA 708 -7.63 -55.06 90.66
C TYR JA 708 -7.35 -56.33 89.86
N THR JA 709 -7.60 -57.48 90.48
CA THR JA 709 -7.29 -58.76 89.86
C THR JA 709 -8.27 -59.81 90.34
N SER JA 710 -8.40 -60.85 89.53
CA SER JA 710 -9.23 -62.00 89.94
C SER JA 710 -8.37 -62.88 90.83
N ASN JA 711 -8.97 -63.73 91.66
CA ASN JA 711 -8.13 -64.55 92.56
C ASN JA 711 -7.82 -65.85 91.83
N TYR JA 712 -6.56 -66.27 91.81
CA TYR JA 712 -6.16 -67.46 91.03
C TYR JA 712 -6.68 -68.75 91.67
N ASN JA 713 -6.84 -68.79 92.99
CA ASN JA 713 -7.21 -70.05 93.60
C ASN JA 713 -8.53 -70.58 93.04
N LYS JA 714 -8.63 -71.91 93.06
CA LYS JA 714 -9.83 -72.59 92.51
C LYS JA 714 -11.06 -72.23 93.33
N SER JA 715 -12.20 -72.26 92.68
CA SER JA 715 -13.46 -71.97 93.34
C SER JA 715 -14.58 -72.71 92.64
N ILE JA 716 -15.70 -72.86 93.34
CA ILE JA 716 -16.86 -73.52 92.75
C ILE JA 716 -17.41 -72.70 91.59
N ASN JA 717 -17.47 -71.38 91.77
CA ASN JA 717 -17.99 -70.48 90.76
C ASN JA 717 -16.93 -69.43 90.40
N VAL JA 718 -16.94 -69.01 89.14
CA VAL JA 718 -16.08 -67.92 88.70
C VAL JA 718 -16.77 -66.60 89.02
N ASP JA 719 -15.99 -65.60 89.41
CA ASP JA 719 -16.56 -64.30 89.76
C ASP JA 719 -17.12 -63.61 88.54
N PHE JA 720 -18.24 -62.90 88.73
CA PHE JA 720 -18.90 -62.14 87.67
C PHE JA 720 -19.30 -63.02 86.49
N THR JA 721 -19.78 -64.22 86.80
CA THR JA 721 -20.33 -65.14 85.81
C THR JA 721 -21.68 -65.63 86.29
N VAL JA 722 -22.23 -66.60 85.59
CA VAL JA 722 -23.49 -67.22 85.98
C VAL JA 722 -23.19 -68.52 86.71
N ASP JA 723 -24.12 -68.92 87.57
CA ASP JA 723 -23.98 -70.17 88.30
C ASP JA 723 -24.69 -71.28 87.54
N THR JA 724 -24.87 -72.44 88.19
CA THR JA 724 -25.53 -73.58 87.52
C THR JA 724 -26.99 -73.25 87.24
N ASN JA 725 -27.53 -72.20 87.87
CA ASN JA 725 -28.91 -71.76 87.59
C ASN JA 725 -28.90 -70.67 86.51
N GLY JA 726 -27.70 -70.32 86.02
CA GLY JA 726 -27.57 -69.25 85.00
C GLY JA 726 -27.87 -67.89 85.60
N VAL JA 727 -27.77 -67.77 86.93
CA VAL JA 727 -28.07 -66.48 87.62
C VAL JA 727 -26.78 -65.65 87.68
N TYR JA 728 -26.78 -64.46 87.07
CA TYR JA 728 -25.61 -63.61 87.11
C TYR JA 728 -25.52 -62.90 88.45
N SER JA 729 -24.32 -62.86 89.01
CA SER JA 729 -24.09 -62.21 90.29
C SER JA 729 -22.82 -61.37 90.22
N GLU JA 730 -22.78 -60.32 91.04
CA GLU JA 730 -21.60 -59.47 91.18
C GLU JA 730 -21.05 -59.67 92.59
N PRO JA 731 -19.97 -60.44 92.75
CA PRO JA 731 -19.56 -60.86 94.10
C PRO JA 731 -19.16 -59.71 95.03
N ARG JA 732 -18.57 -58.64 94.51
CA ARG JA 732 -18.11 -57.56 95.37
C ARG JA 732 -18.20 -56.25 94.61
N PRO JA 733 -18.28 -55.12 95.33
CA PRO JA 733 -18.18 -53.83 94.65
C PRO JA 733 -16.74 -53.54 94.24
N ILE JA 734 -16.58 -53.01 93.04
CA ILE JA 734 -15.27 -52.62 92.53
C ILE JA 734 -15.27 -51.11 92.36
N GLY JA 735 -14.35 -50.44 93.03
CA GLY JA 735 -14.15 -49.02 92.87
C GLY JA 735 -13.28 -48.73 91.67
N THR JA 736 -12.69 -47.53 91.67
CA THR JA 736 -11.79 -47.13 90.60
C THR JA 736 -10.42 -46.70 91.06
N ARG JA 737 -10.18 -46.61 92.36
CA ARG JA 737 -8.98 -45.98 92.90
C ARG JA 737 -7.94 -47.03 93.23
N TYR JA 738 -7.19 -47.44 92.22
CA TYR JA 738 -6.11 -48.41 92.36
C TYR JA 738 -4.75 -47.84 92.01
N LEU JA 739 -4.65 -47.05 90.93
CA LEU JA 739 -3.42 -46.35 90.64
C LEU JA 739 -3.20 -45.23 91.65
N THR JA 740 -1.97 -44.75 91.73
CA THR JA 740 -1.60 -43.73 92.70
C THR JA 740 -1.02 -42.51 92.00
N ARG JA 741 -1.26 -41.35 92.61
CA ARG JA 741 -0.69 -40.09 92.12
C ARG JA 741 -0.25 -39.29 93.35
N ASN JA 742 0.81 -38.47 93.25
CA ASN JA 742 1.25 -37.63 94.34
C ASN JA 742 0.26 -36.48 94.57
N LEU JA 743 0.22 -36.00 95.80
CA LEU JA 743 -0.63 -34.86 96.13
C LEU JA 743 -0.15 -33.59 95.45
N ALA KA 218 -83.48 22.27 9.01
CA ALA KA 218 -82.47 21.58 9.83
C ALA KA 218 -83.05 20.27 10.34
N ASP KA 219 -84.32 20.29 10.76
CA ASP KA 219 -84.94 19.11 11.39
C ASP KA 219 -86.27 18.83 10.70
N GLY KA 220 -86.53 19.50 9.58
CA GLY KA 220 -87.76 19.19 8.82
C GLY KA 220 -88.97 19.02 9.73
N VAL KA 221 -89.83 18.04 9.44
CA VAL KA 221 -91.08 17.89 10.22
C VAL KA 221 -90.93 16.57 10.99
N GLY KA 222 -90.94 16.64 12.30
CA GLY KA 222 -90.86 15.50 13.16
C GLY KA 222 -89.56 15.33 13.91
N ASN KA 223 -88.58 16.20 13.68
CA ASN KA 223 -87.32 16.17 14.41
C ASN KA 223 -87.22 17.43 15.26
N SER KA 224 -86.99 17.24 16.56
CA SER KA 224 -86.91 18.36 17.47
C SER KA 224 -85.61 19.14 17.23
N SER KA 225 -85.71 20.47 17.27
CA SER KA 225 -84.57 21.34 17.05
C SER KA 225 -83.99 21.91 18.34
N GLY KA 226 -84.44 21.42 19.49
CA GLY KA 226 -83.91 21.89 20.75
C GLY KA 226 -84.48 21.09 21.90
N ASN KA 227 -83.95 21.35 23.08
CA ASN KA 227 -84.35 20.69 24.31
C ASN KA 227 -84.70 21.72 25.36
N TRP KA 228 -85.40 21.26 26.41
CA TRP KA 228 -85.80 22.12 27.51
C TRP KA 228 -84.67 22.22 28.52
N HIS KA 229 -84.10 23.41 28.64
CA HIS KA 229 -82.98 23.64 29.60
C HIS KA 229 -83.42 24.76 30.54
N CYS KA 230 -83.96 24.39 31.70
CA CYS KA 230 -84.34 25.39 32.72
C CYS KA 230 -83.67 24.96 34.02
N ASP KA 231 -82.62 25.68 34.46
CA ASP KA 231 -81.86 25.26 35.66
C ASP KA 231 -80.81 26.31 36.04
N SER KA 232 -80.13 26.12 37.16
CA SER KA 232 -79.04 27.03 37.48
C SER KA 232 -77.88 26.25 38.06
N THR KA 233 -76.66 26.67 37.71
CA THR KA 233 -75.44 26.02 38.19
C THR KA 233 -74.60 27.06 38.92
N TRP KA 234 -74.24 26.76 40.17
CA TRP KA 234 -73.38 27.63 40.96
C TRP KA 234 -71.99 27.02 40.99
N MET KA 235 -71.02 27.77 40.46
CA MET KA 235 -69.61 27.27 40.41
C MET KA 235 -68.68 28.39 40.90
N GLY KA 236 -68.35 28.37 42.18
CA GLY KA 236 -67.42 29.37 42.71
C GLY KA 236 -68.03 30.76 42.65
N ASP KA 237 -67.33 31.66 41.95
CA ASP KA 237 -67.76 33.04 41.80
C ASP KA 237 -68.66 33.26 40.59
N ARG KA 238 -69.33 32.22 40.11
CA ARG KA 238 -70.22 32.34 38.98
C ARG KA 238 -71.51 31.58 39.26
N VAL KA 239 -72.61 32.09 38.71
CA VAL KA 239 -73.87 31.37 38.68
C VAL KA 239 -74.46 31.53 37.28
N THR KA 240 -74.76 30.41 36.63
CA THR KA 240 -75.34 30.42 35.29
C THR KA 240 -76.79 29.99 35.40
N THR KA 241 -77.70 30.90 35.06
CA THR KA 241 -79.13 30.63 35.10
C THR KA 241 -79.65 30.44 33.67
N THR KA 242 -80.38 29.36 33.46
CA THR KA 242 -80.98 29.05 32.17
C THR KA 242 -82.49 28.91 32.34
N SER KA 243 -83.24 29.47 31.39
CA SER KA 243 -84.70 29.45 31.46
C SER KA 243 -85.25 29.09 30.09
N THR KA 244 -86.32 28.29 30.09
CA THR KA 244 -87.03 27.95 28.87
C THR KA 244 -88.51 28.23 29.08
N ARG KA 245 -89.15 28.83 28.07
CA ARG KA 245 -90.56 29.16 28.12
C ARG KA 245 -91.20 28.82 26.79
N THR KA 246 -92.52 28.66 26.81
CA THR KA 246 -93.31 28.45 25.61
C THR KA 246 -94.01 29.76 25.26
N TRP KA 247 -93.80 30.24 24.04
CA TRP KA 247 -94.34 31.52 23.60
C TRP KA 247 -95.35 31.31 22.48
N ALA KA 248 -96.26 32.29 22.36
CA ALA KA 248 -97.23 32.34 21.28
C ALA KA 248 -97.14 33.70 20.61
N LEU KA 249 -97.00 33.70 19.30
CA LEU KA 249 -96.84 34.92 18.52
C LEU KA 249 -97.98 35.05 17.52
N PRO KA 250 -98.91 36.00 17.70
CA PRO KA 250 -99.98 36.18 16.73
C PRO KA 250 -99.49 37.04 15.56
N THR KA 251 -100.43 37.35 14.67
CA THR KA 251 -100.19 38.30 13.59
C THR KA 251 -100.61 39.68 14.08
N TYR KA 252 -99.68 40.63 14.03
CA TYR KA 252 -99.89 41.96 14.57
C TYR KA 252 -100.18 42.95 13.44
N ASN KA 253 -101.19 43.78 13.65
CA ASN KA 253 -101.59 44.84 12.73
C ASN KA 253 -101.99 44.31 11.35
N ASN KA 254 -102.28 43.02 11.26
CA ASN KA 254 -102.58 42.37 9.98
C ASN KA 254 -101.46 42.61 8.97
N HIS KA 255 -100.23 42.37 9.40
CA HIS KA 255 -99.01 42.47 8.60
C HIS KA 255 -98.75 43.89 8.11
N LEU KA 256 -99.19 44.91 8.84
CA LEU KA 256 -99.10 46.28 8.38
C LEU KA 256 -98.32 47.14 9.37
N TYR KA 257 -97.77 48.24 8.85
CA TYR KA 257 -97.15 49.26 9.73
C TYR KA 257 -98.19 50.38 9.77
N LYS KA 258 -98.59 50.84 10.94
CA LYS KA 258 -99.60 51.84 11.14
C LYS KA 258 -99.01 53.02 11.91
N GLN KA 259 -99.18 54.22 11.38
CA GLN KA 259 -98.80 55.41 12.11
C GLN KA 259 -99.75 55.62 13.28
N ILE KA 260 -99.18 55.85 14.46
CA ILE KA 260 -99.96 56.05 15.67
C ILE KA 260 -99.58 57.39 16.27
N SER KA 261 -100.52 57.98 17.00
CA SER KA 261 -100.31 59.27 17.64
C SER KA 261 -101.30 59.41 18.79
N SER KA 262 -101.05 60.41 19.63
CA SER KA 262 -101.93 60.68 20.75
C SER KA 262 -103.30 61.12 20.25
N GLN KA 263 -104.31 60.81 21.06
CA GLN KA 263 -105.69 61.13 20.66
C GLN KA 263 -105.86 62.65 20.68
N SER KA 264 -106.74 63.14 19.81
CA SER KA 264 -107.05 64.59 19.85
C SER KA 264 -107.73 64.88 21.19
N GLY KA 265 -107.45 66.03 21.77
CA GLY KA 265 -107.98 66.43 23.06
C GLY KA 265 -107.11 66.04 24.24
N ALA KA 266 -106.04 65.28 24.01
CA ALA KA 266 -105.14 64.92 25.09
C ALA KA 266 -104.34 66.15 25.53
N SER KA 267 -103.85 66.10 26.78
CA SER KA 267 -103.03 67.18 27.29
C SER KA 267 -101.69 67.21 26.56
N ASN KA 268 -101.00 68.35 26.67
CA ASN KA 268 -99.71 68.49 26.00
C ASN KA 268 -98.69 67.51 26.55
N ASP KA 269 -98.76 67.20 27.85
CA ASP KA 269 -97.82 66.26 28.44
C ASP KA 269 -98.01 64.85 27.90
N ASN KA 270 -99.21 64.52 27.43
CA ASN KA 270 -99.53 63.19 26.95
C ASN KA 270 -99.48 63.06 25.43
N HIS KA 271 -99.06 64.11 24.73
CA HIS KA 271 -98.98 64.05 23.28
C HIS KA 271 -97.79 63.21 22.84
N TYR KA 272 -97.99 62.43 21.78
CA TYR KA 272 -96.92 61.60 21.25
C TYR KA 272 -97.20 61.27 19.79
N PHE KA 273 -96.16 60.85 19.09
CA PHE KA 273 -96.24 60.39 17.72
C PHE KA 273 -95.27 59.23 17.54
N GLY KA 274 -95.69 58.23 16.79
CA GLY KA 274 -94.85 57.07 16.59
C GLY KA 274 -95.44 56.13 15.56
N TYR KA 275 -94.89 54.93 15.51
CA TYR KA 275 -95.33 53.92 14.56
C TYR KA 275 -95.49 52.58 15.26
N SER KA 276 -96.50 51.82 14.83
CA SER KA 276 -96.75 50.48 15.30
C SER KA 276 -96.32 49.50 14.22
N THR KA 277 -95.51 48.52 14.60
CA THR KA 277 -94.98 47.57 13.65
C THR KA 277 -95.68 46.21 13.78
N PRO KA 278 -95.73 45.41 12.72
CA PRO KA 278 -96.30 44.06 12.82
C PRO KA 278 -95.39 43.06 13.50
N TRP KA 279 -94.24 43.48 14.00
CA TRP KA 279 -93.29 42.58 14.63
C TRP KA 279 -93.55 42.49 16.14
N GLY KA 280 -93.07 41.40 16.72
CA GLY KA 280 -93.00 41.24 18.16
C GLY KA 280 -91.55 41.21 18.61
N TYR KA 281 -91.37 41.23 19.93
CA TYR KA 281 -90.03 41.20 20.49
C TYR KA 281 -90.01 40.34 21.74
N PHE KA 282 -88.86 39.70 21.98
CA PHE KA 282 -88.66 38.85 23.15
C PHE KA 282 -87.99 39.67 24.25
N ASP KA 283 -88.67 39.77 25.39
CA ASP KA 283 -88.20 40.55 26.53
C ASP KA 283 -87.90 39.61 27.68
N PHE KA 284 -86.68 39.68 28.21
CA PHE KA 284 -86.32 38.98 29.43
C PHE KA 284 -85.57 39.91 30.38
N ASN KA 285 -85.94 41.18 30.39
CA ASN KA 285 -85.28 42.20 31.21
C ASN KA 285 -85.92 42.31 32.59
N ARG KA 286 -86.09 41.17 33.25
CA ARG KA 286 -86.56 41.12 34.63
C ARG KA 286 -85.87 39.95 35.31
N PHE KA 287 -85.53 40.09 36.59
CA PHE KA 287 -84.72 39.04 37.27
C PHE KA 287 -85.50 37.74 37.44
N HIS KA 288 -86.83 37.83 37.58
CA HIS KA 288 -87.68 36.62 37.79
C HIS KA 288 -87.65 35.72 36.54
N CYS KA 289 -87.23 36.26 35.40
CA CYS KA 289 -87.16 35.49 34.13
C CYS KA 289 -85.98 34.52 34.17
N HIS KA 290 -85.03 34.72 35.08
CA HIS KA 290 -83.85 33.88 35.15
C HIS KA 290 -83.61 33.27 36.52
N PHE KA 291 -84.02 33.93 37.60
CA PHE KA 291 -83.78 33.47 38.96
C PHE KA 291 -85.08 32.95 39.56
N SER KA 292 -85.04 31.74 40.10
CA SER KA 292 -86.12 31.27 40.95
C SER KA 292 -86.03 31.97 42.31
N PRO KA 293 -87.12 31.98 43.07
CA PRO KA 293 -87.04 32.60 44.42
C PRO KA 293 -85.98 31.97 45.31
N ARG KA 294 -85.79 30.65 45.24
CA ARG KA 294 -84.70 30.02 45.97
C ARG KA 294 -83.34 30.49 45.43
N ASP KA 295 -83.23 30.64 44.12
CA ASP KA 295 -82.00 31.18 43.53
C ASP KA 295 -81.75 32.60 44.00
N TRP KA 296 -82.79 33.42 44.06
CA TRP KA 296 -82.64 34.79 44.56
C TRP KA 296 -82.21 34.80 46.02
N GLN KA 297 -82.80 33.93 46.84
CA GLN KA 297 -82.41 33.87 48.25
C GLN KA 297 -80.97 33.42 48.41
N ARG KA 298 -80.54 32.44 47.60
CA ARG KA 298 -79.15 32.02 47.60
C ARG KA 298 -78.22 33.14 47.15
N LEU KA 299 -78.65 33.97 46.20
CA LEU KA 299 -77.81 35.05 45.71
C LEU KA 299 -77.68 36.17 46.75
N ILE KA 300 -78.80 36.59 47.35
CA ILE KA 300 -78.79 37.79 48.16
C ILE KA 300 -78.32 37.55 49.59
N ASN KA 301 -78.37 36.31 50.08
CA ASN KA 301 -77.96 36.02 51.44
C ASN KA 301 -76.48 35.70 51.57
N ASN KA 302 -75.75 35.61 50.47
CA ASN KA 302 -74.38 35.14 50.50
C ASN KA 302 -73.40 35.99 49.71
N ASN KA 303 -73.86 36.94 48.91
CA ASN KA 303 -73.00 37.70 48.02
C ASN KA 303 -73.12 39.19 48.31
N TRP KA 304 -71.99 39.88 48.23
CA TRP KA 304 -71.94 41.33 48.35
C TRP KA 304 -72.16 42.05 47.03
N GLY KA 305 -72.25 41.32 45.91
CA GLY KA 305 -72.50 41.95 44.64
C GLY KA 305 -72.60 40.92 43.54
N PHE KA 306 -73.16 41.35 42.41
CA PHE KA 306 -73.27 40.50 41.23
C PHE KA 306 -73.44 41.38 40.00
N ARG KA 307 -73.12 40.80 38.85
CA ARG KA 307 -73.24 41.50 37.57
C ARG KA 307 -73.32 40.46 36.46
N PRO KA 308 -74.03 40.75 35.38
CA PRO KA 308 -74.08 39.83 34.25
C PRO KA 308 -72.80 39.85 33.44
N LYS KA 309 -72.46 38.70 32.87
CA LYS KA 309 -71.23 38.51 32.12
C LYS KA 309 -71.48 38.21 30.65
N ARG KA 310 -72.31 37.22 30.35
CA ARG KA 310 -72.63 36.86 28.97
C ARG KA 310 -73.97 36.15 28.96
N LEU KA 311 -74.61 36.12 27.78
CA LEU KA 311 -75.88 35.46 27.63
C LEU KA 311 -75.91 34.66 26.33
N ASN KA 312 -76.78 33.64 26.32
CA ASN KA 312 -77.00 32.81 25.11
C ASN KA 312 -78.53 32.74 24.92
N PHE KA 313 -79.01 32.87 23.68
CA PHE KA 313 -80.42 32.93 23.35
C PHE KA 313 -80.72 31.89 22.28
N LYS KA 314 -81.87 31.24 22.43
CA LYS KA 314 -82.26 30.23 21.41
C LYS KA 314 -83.76 30.17 21.17
N LEU KA 315 -84.17 30.11 19.90
CA LEU KA 315 -85.55 29.83 19.52
C LEU KA 315 -85.58 28.51 18.78
N PHE KA 316 -86.51 27.64 19.15
CA PHE KA 316 -86.53 26.29 18.59
C PHE KA 316 -87.94 25.72 18.70
N ASN KA 317 -88.13 24.56 18.07
CA ASN KA 317 -89.40 23.86 18.04
C ASN KA 317 -90.52 24.79 17.57
N ILE KA 318 -90.26 25.49 16.47
CA ILE KA 318 -91.18 26.49 15.96
C ILE KA 318 -92.28 25.81 15.16
N GLN KA 319 -93.53 26.10 15.53
CA GLN KA 319 -94.70 25.56 14.86
C GLN KA 319 -95.56 26.72 14.37
N VAL KA 320 -95.90 26.71 13.09
CA VAL KA 320 -96.80 27.71 12.53
C VAL KA 320 -98.16 27.05 12.36
N LYS KA 321 -99.18 27.64 12.97
CA LYS KA 321 -100.54 27.12 12.96
C LYS KA 321 -101.42 28.02 12.12
N GLU KA 322 -102.16 27.44 11.18
CA GLU KA 322 -103.12 28.16 10.37
C GLU KA 322 -104.50 28.06 10.99
N VAL KA 323 -105.15 29.20 11.17
CA VAL KA 323 -106.46 29.29 11.79
C VAL KA 323 -107.49 29.65 10.72
N THR KA 324 -108.56 28.86 10.65
CA THR KA 324 -109.67 29.12 9.75
C THR KA 324 -110.97 29.15 10.53
N GLN KA 325 -111.95 29.89 10.01
CA GLN KA 325 -113.24 30.03 10.67
C GLN KA 325 -114.33 29.92 9.61
N ASN KA 326 -115.03 28.78 9.61
CA ASN KA 326 -116.08 28.51 8.63
C ASN KA 326 -117.36 28.17 9.35
N ASP KA 327 -118.42 28.97 9.10
CA ASP KA 327 -119.74 28.75 9.69
C ASP KA 327 -119.68 28.72 11.22
N GLY KA 328 -118.86 29.60 11.80
CA GLY KA 328 -118.77 29.71 13.24
C GLY KA 328 -117.89 28.69 13.92
N THR KA 329 -117.12 27.91 13.17
CA THR KA 329 -116.25 26.88 13.72
C THR KA 329 -114.79 27.30 13.55
N THR KA 330 -114.04 27.25 14.64
CA THR KA 330 -112.61 27.58 14.62
C THR KA 330 -111.81 26.29 14.48
N THR KA 331 -111.11 26.16 13.36
CA THR KA 331 -110.29 24.98 13.07
C THR KA 331 -108.84 25.40 12.96
N ILE KA 332 -107.96 24.71 13.68
CA ILE KA 332 -106.54 25.00 13.70
C ILE KA 332 -105.79 23.80 13.13
N ALA KA 333 -104.94 24.04 12.14
CA ALA KA 333 -104.16 23.00 11.49
C ALA KA 333 -102.73 23.47 11.33
N ASN KA 334 -101.82 22.50 11.21
CA ASN KA 334 -100.41 22.82 11.04
C ASN KA 334 -100.15 23.41 9.66
N ASN KA 335 -99.17 24.30 9.60
CA ASN KA 335 -98.65 24.85 8.35
C ASN KA 335 -97.14 24.59 8.34
N LEU KA 336 -96.74 23.49 7.72
CA LEU KA 336 -95.34 23.07 7.78
C LEU KA 336 -94.43 23.85 6.84
N THR KA 337 -94.99 24.65 5.93
CA THR KA 337 -94.19 25.40 4.98
C THR KA 337 -94.07 26.87 5.30
N SER KA 338 -94.80 27.38 6.30
CA SER KA 338 -94.71 28.77 6.67
C SER KA 338 -93.46 29.02 7.52
N THR KA 339 -93.00 30.27 7.51
CA THR KA 339 -91.80 30.67 8.20
C THR KA 339 -92.10 31.76 9.23
N VAL KA 340 -91.13 31.99 10.11
CA VAL KA 340 -91.11 33.13 11.00
C VAL KA 340 -89.78 33.84 10.83
N GLN KA 341 -89.82 35.16 10.76
CA GLN KA 341 -88.62 35.97 10.57
C GLN KA 341 -88.09 36.44 11.91
N VAL KA 342 -86.82 36.14 12.18
CA VAL KA 342 -86.17 36.51 13.43
C VAL KA 342 -84.86 37.22 13.11
N PHE KA 343 -84.64 38.36 13.76
CA PHE KA 343 -83.35 39.02 13.67
C PHE KA 343 -83.09 39.79 14.96
N THR KA 344 -81.81 39.96 15.29
CA THR KA 344 -81.38 40.71 16.45
C THR KA 344 -80.81 42.05 16.01
N ASP KA 345 -81.22 43.12 16.68
CA ASP KA 345 -80.75 44.47 16.37
C ASP KA 345 -79.40 44.69 17.06
N SER KA 346 -78.36 44.02 16.56
CA SER KA 346 -77.04 44.07 17.22
C SER KA 346 -76.30 45.38 16.93
N GLU KA 347 -76.73 46.12 15.91
CA GLU KA 347 -76.13 47.42 15.66
C GLU KA 347 -76.90 48.57 16.29
N TYR KA 348 -77.98 48.27 17.01
CA TYR KA 348 -78.78 49.27 17.73
C TYR KA 348 -79.24 50.39 16.80
N GLN KA 349 -79.75 50.00 15.63
CA GLN KA 349 -80.27 50.95 14.67
C GLN KA 349 -81.77 51.20 14.84
N LEU KA 350 -82.43 50.47 15.72
CA LEU KA 350 -83.84 50.64 16.00
C LEU KA 350 -84.04 51.28 17.38
N PRO KA 351 -85.15 51.98 17.58
CA PRO KA 351 -85.42 52.54 18.91
C PRO KA 351 -85.50 51.45 19.96
N TYR KA 352 -84.72 51.61 21.03
CA TYR KA 352 -84.60 50.60 22.07
C TYR KA 352 -85.76 50.76 23.04
N VAL KA 353 -86.76 49.89 22.93
CA VAL KA 353 -87.94 49.95 23.79
C VAL KA 353 -87.81 49.05 25.01
N LEU KA 354 -86.81 48.17 25.06
CA LEU KA 354 -86.50 47.46 26.29
C LEU KA 354 -85.96 48.43 27.33
N GLY KA 355 -86.16 48.09 28.59
CA GLY KA 355 -85.74 48.96 29.67
C GLY KA 355 -86.72 50.04 30.05
N SER KA 356 -87.95 49.98 29.53
CA SER KA 356 -89.01 50.91 29.92
C SER KA 356 -90.03 50.26 30.86
N ALA KA 357 -89.67 49.12 31.46
CA ALA KA 357 -90.53 48.41 32.41
C ALA KA 357 -91.87 48.02 31.77
N HIS KA 358 -91.80 47.41 30.60
CA HIS KA 358 -92.99 47.02 29.86
C HIS KA 358 -93.37 45.57 30.15
N GLN KA 359 -94.66 45.30 30.07
CA GLN KA 359 -95.18 43.95 30.24
C GLN KA 359 -94.87 43.10 29.00
N GLY KA 360 -95.00 41.80 29.15
CA GLY KA 360 -94.71 40.87 28.08
C GLY KA 360 -93.41 40.11 28.21
N CYS KA 361 -92.79 40.11 29.38
CA CYS KA 361 -91.54 39.40 29.59
C CYS KA 361 -91.78 37.90 29.69
N LEU KA 362 -90.70 37.16 29.87
CA LEU KA 362 -90.80 35.74 30.17
C LEU KA 362 -91.43 35.56 31.54
N PRO KA 363 -92.48 34.75 31.67
CA PRO KA 363 -93.17 34.66 32.95
C PRO KA 363 -92.25 34.07 34.01
N PRO KA 364 -92.39 34.50 35.26
CA PRO KA 364 -91.51 33.97 36.32
C PRO KA 364 -91.64 32.47 36.52
N PHE KA 365 -92.82 31.92 36.35
CA PHE KA 365 -93.02 30.48 36.51
C PHE KA 365 -92.71 29.76 35.20
N PRO KA 366 -91.81 28.78 35.21
CA PRO KA 366 -91.41 28.14 33.94
C PRO KA 366 -92.53 27.43 33.22
N ALA KA 367 -93.64 27.10 33.90
CA ALA KA 367 -94.73 26.37 33.28
C ALA KA 367 -95.74 27.27 32.59
N ASP KA 368 -95.60 28.60 32.68
CA ASP KA 368 -96.54 29.52 32.09
C ASP KA 368 -96.21 29.79 30.62
N VAL KA 369 -97.25 29.93 29.81
CA VAL KA 369 -97.12 30.25 28.39
C VAL KA 369 -97.49 31.72 28.21
N PHE KA 370 -96.66 32.45 27.47
CA PHE KA 370 -96.81 33.89 27.34
C PHE KA 370 -96.91 34.31 25.88
N MET KA 371 -97.63 35.41 25.66
CA MET KA 371 -97.75 36.02 24.35
C MET KA 371 -96.58 36.98 24.11
N VAL KA 372 -96.08 37.00 22.88
CA VAL KA 372 -94.98 37.87 22.49
C VAL KA 372 -95.52 39.29 22.33
N PRO KA 373 -94.98 40.28 23.04
CA PRO KA 373 -95.52 41.64 22.93
C PRO KA 373 -95.23 42.27 21.58
N GLN KA 374 -96.12 43.15 21.17
CA GLN KA 374 -95.98 43.84 19.89
C GLN KA 374 -94.95 44.97 19.99
N TYR KA 375 -94.09 45.06 18.99
CA TYR KA 375 -93.06 46.08 18.97
C TYR KA 375 -93.60 47.38 18.42
N GLY KA 376 -93.25 48.49 19.07
CA GLY KA 376 -93.63 49.81 18.61
C GLY KA 376 -92.71 50.83 19.22
N TYR KA 377 -92.57 51.96 18.52
CA TYR KA 377 -91.64 52.99 18.94
C TYR KA 377 -92.27 54.37 18.75
N LEU KA 378 -91.73 55.34 19.46
CA LEU KA 378 -92.14 56.72 19.35
C LEU KA 378 -91.01 57.56 18.78
N THR KA 379 -91.37 58.58 18.03
CA THR KA 379 -90.39 59.51 17.46
C THR KA 379 -90.78 60.94 17.84
N LEU KA 380 -90.09 61.91 17.27
CA LEU KA 380 -90.34 63.34 17.61
C LEU KA 380 -91.78 63.72 17.24
N ASN KA 381 -92.41 64.53 18.07
CA ASN KA 381 -93.79 64.99 17.79
C ASN KA 381 -93.97 66.45 18.16
N ASN KA 382 -94.70 67.21 17.36
CA ASN KA 382 -95.08 68.59 17.75
C ASN KA 382 -96.57 68.47 18.04
N GLY KA 383 -96.93 68.07 19.25
CA GLY KA 383 -98.34 67.79 19.53
C GLY KA 383 -98.67 66.40 19.04
N SER KA 384 -99.83 66.21 18.41
CA SER KA 384 -100.16 64.92 17.83
C SER KA 384 -99.55 64.71 16.45
N GLN KA 385 -98.94 65.75 15.88
CA GLN KA 385 -98.33 65.66 14.57
C GLN KA 385 -96.85 65.32 14.67
N ALA KA 386 -96.22 65.14 13.52
CA ALA KA 386 -94.81 64.86 13.42
C ALA KA 386 -94.05 66.08 12.89
N VAL KA 387 -92.72 66.00 12.98
CA VAL KA 387 -91.85 67.03 12.44
C VAL KA 387 -90.95 66.39 11.38
N GLY KA 388 -90.18 67.22 10.70
CA GLY KA 388 -89.31 66.72 9.64
C GLY KA 388 -88.20 65.83 10.15
N ARG KA 389 -87.83 65.98 11.43
CA ARG KA 389 -86.78 65.16 12.02
C ARG KA 389 -87.28 63.81 12.50
N SER KA 390 -88.60 63.57 12.49
CA SER KA 390 -89.13 62.29 12.92
C SER KA 390 -88.64 61.18 12.00
N SER KA 391 -88.29 60.04 12.59
CA SER KA 391 -87.71 58.92 11.87
C SER KA 391 -88.71 57.79 11.75
N PHE KA 392 -88.75 57.16 10.58
CA PHE KA 392 -89.55 55.98 10.33
C PHE KA 392 -88.64 54.80 10.06
N TYR KA 393 -88.95 53.65 10.65
CA TYR KA 393 -88.13 52.46 10.53
C TYR KA 393 -88.99 51.30 10.03
N CYS KA 394 -88.54 50.69 8.93
CA CYS KA 394 -89.13 49.46 8.42
C CYS KA 394 -88.24 48.30 8.85
N LEU KA 395 -88.80 47.38 9.63
CA LEU KA 395 -88.04 46.26 10.17
C LEU KA 395 -87.78 45.18 9.13
N GLU KA 396 -88.47 45.21 8.00
CA GLU KA 396 -88.15 44.32 6.89
C GLU KA 396 -86.96 44.81 6.07
N TYR KA 397 -86.41 45.99 6.41
CA TYR KA 397 -85.22 46.54 5.73
C TYR KA 397 -83.97 46.02 6.43
N PHE KA 398 -84.13 45.17 7.42
CA PHE KA 398 -83.06 44.47 8.12
C PHE KA 398 -82.93 43.05 7.62
N PRO KA 399 -81.72 42.50 7.55
CA PRO KA 399 -81.57 41.08 7.24
C PRO KA 399 -82.09 40.22 8.38
N SER KA 400 -83.02 39.33 8.07
CA SER KA 400 -83.62 38.46 9.07
C SER KA 400 -83.50 37.01 8.64
N GLN KA 401 -83.54 36.11 9.61
CA GLN KA 401 -83.43 34.68 9.36
C GLN KA 401 -84.84 34.07 9.33
N MET KA 402 -85.12 33.33 8.28
CA MET KA 402 -86.43 32.71 8.08
C MET KA 402 -86.39 31.27 8.59
N LEU KA 403 -87.33 30.92 9.45
CA LEU KA 403 -87.33 29.64 10.13
C LEU KA 403 -88.64 28.90 9.86
N ARG KA 404 -88.52 27.73 9.24
CA ARG KA 404 -89.66 26.82 9.11
C ARG KA 404 -89.72 25.93 10.35
N THR KA 405 -90.69 25.01 10.36
CA THR KA 405 -90.74 24.00 11.44
C THR KA 405 -89.52 23.10 11.25
N GLY KA 406 -88.64 23.04 12.22
CA GLY KA 406 -87.40 22.30 12.12
C GLY KA 406 -86.17 23.17 12.09
N ASN KA 407 -86.31 24.47 11.91
CA ASN KA 407 -85.20 25.40 11.98
C ASN KA 407 -85.14 26.04 13.37
N ASN KA 408 -83.93 26.41 13.80
CA ASN KA 408 -83.75 27.06 15.07
C ASN KA 408 -82.90 28.31 14.89
N PHE KA 409 -83.00 29.23 15.85
CA PHE KA 409 -82.26 30.46 15.86
C PHE KA 409 -81.45 30.54 17.15
N THR KA 410 -80.25 31.11 17.06
CA THR KA 410 -79.41 31.28 18.25
C THR KA 410 -78.47 32.45 18.04
N PHE KA 411 -78.07 33.06 19.16
CA PHE KA 411 -77.03 34.07 19.14
C PHE KA 411 -76.49 34.23 20.55
N SER KA 412 -75.24 34.68 20.62
CA SER KA 412 -74.54 34.87 21.88
C SER KA 412 -74.16 36.34 22.04
N TYR KA 413 -74.21 36.83 23.28
CA TYR KA 413 -73.92 38.21 23.59
C TYR KA 413 -73.04 38.26 24.82
N THR KA 414 -72.10 39.21 24.84
CA THR KA 414 -71.22 39.43 25.99
C THR KA 414 -71.51 40.79 26.57
N PHE KA 415 -71.81 40.82 27.87
CA PHE KA 415 -72.04 42.08 28.56
C PHE KA 415 -70.74 42.86 28.66
N GLU KA 416 -70.84 44.18 28.57
CA GLU KA 416 -69.70 45.03 28.83
C GLU KA 416 -69.39 45.05 30.33
N ASP KA 417 -68.20 45.53 30.67
CA ASP KA 417 -67.80 45.62 32.06
C ASP KA 417 -68.67 46.64 32.79
N VAL KA 418 -69.33 46.21 33.86
CA VAL KA 418 -70.21 47.09 34.64
C VAL KA 418 -69.89 46.87 36.12
N PRO KA 419 -70.17 47.87 36.95
CA PRO KA 419 -69.94 47.70 38.38
C PRO KA 419 -70.85 46.63 38.97
N PHE KA 420 -70.35 45.95 39.99
CA PHE KA 420 -71.18 45.02 40.74
C PHE KA 420 -72.32 45.77 41.42
N HIS KA 421 -73.52 45.19 41.37
CA HIS KA 421 -74.63 45.75 42.12
C HIS KA 421 -74.34 45.65 43.62
N SER KA 422 -74.61 46.76 44.33
CA SER KA 422 -74.38 46.80 45.79
C SER KA 422 -75.47 46.02 46.52
N SER KA 423 -75.33 44.69 46.57
CA SER KA 423 -76.31 43.85 47.27
C SER KA 423 -75.99 43.77 48.76
N TYR KA 424 -75.84 44.93 49.38
CA TYR KA 424 -75.54 45.01 50.81
C TYR KA 424 -76.12 46.31 51.34
N ALA KA 425 -76.30 46.35 52.66
CA ALA KA 425 -76.68 47.56 53.37
C ALA KA 425 -75.53 47.99 54.27
N HIS KA 426 -75.23 49.28 54.28
CA HIS KA 426 -74.15 49.77 55.11
C HIS KA 426 -74.51 49.65 56.58
N SER KA 427 -73.58 49.12 57.37
CA SER KA 427 -73.76 49.03 58.82
C SER KA 427 -73.26 50.27 59.54
N GLN KA 428 -72.76 51.26 58.81
CA GLN KA 428 -72.37 52.55 59.36
C GLN KA 428 -73.12 53.65 58.64
N SER KA 429 -73.38 54.74 59.35
CA SER KA 429 -73.97 55.93 58.77
C SER KA 429 -72.87 56.91 58.38
N LEU KA 430 -73.13 57.70 57.34
CA LEU KA 430 -72.15 58.65 56.85
C LEU KA 430 -71.81 59.73 57.87
N ASP KA 431 -72.72 59.98 58.81
CA ASP KA 431 -72.50 61.04 59.84
C ASP KA 431 -71.97 60.42 61.14
N ARG KA 432 -71.69 59.12 61.15
CA ARG KA 432 -71.21 58.41 62.34
C ARG KA 432 -69.99 57.57 61.99
N LEU KA 433 -69.04 58.15 61.27
CA LEU KA 433 -67.84 57.46 60.83
C LEU KA 433 -66.63 57.72 61.71
N MET KA 434 -66.81 58.41 62.84
CA MET KA 434 -65.71 58.84 63.67
C MET KA 434 -65.46 57.85 64.81
N ASN KA 435 -64.43 58.12 65.60
CA ASN KA 435 -64.14 57.39 66.82
C ASN KA 435 -64.81 58.11 67.98
N PRO KA 436 -65.82 57.53 68.63
CA PRO KA 436 -66.55 58.27 69.68
C PRO KA 436 -65.73 58.49 70.94
N LEU KA 437 -64.58 57.84 71.09
CA LEU KA 437 -63.78 57.94 72.30
C LEU KA 437 -62.78 59.09 72.28
N ILE KA 438 -62.37 59.55 71.09
CA ILE KA 438 -61.32 60.54 70.96
C ILE KA 438 -61.92 61.82 70.40
N ASP KA 439 -61.57 62.95 70.99
CA ASP KA 439 -61.99 64.24 70.47
C ASP KA 439 -61.21 64.58 69.20
N GLN KA 440 -61.80 65.46 68.39
CA GLN KA 440 -61.12 65.99 67.23
C GLN KA 440 -60.17 67.12 67.63
N TYR KA 441 -59.09 67.26 66.87
CA TYR KA 441 -58.20 68.39 67.07
C TYR KA 441 -58.68 69.66 66.39
N LEU KA 442 -59.66 69.55 65.49
CA LEU KA 442 -60.21 70.72 64.82
C LEU KA 442 -61.25 71.39 65.70
N TYR KA 443 -61.39 72.70 65.53
CA TYR KA 443 -62.33 73.50 66.28
C TYR KA 443 -63.49 73.93 65.40
N TYR KA 444 -64.65 74.12 66.03
CA TYR KA 444 -65.83 74.65 65.37
C TYR KA 444 -66.41 75.77 66.21
N LEU KA 445 -67.07 76.71 65.55
CA LEU KA 445 -67.74 77.81 66.25
C LEU KA 445 -68.91 77.25 67.04
N SER KA 446 -68.77 77.22 68.37
CA SER KA 446 -69.79 76.65 69.24
C SER KA 446 -70.69 77.69 69.87
N ARG KA 447 -70.16 78.87 70.13
CA ARG KA 447 -70.98 79.95 70.72
C ARG KA 447 -70.77 81.25 69.95
N THR KA 448 -71.80 82.08 69.90
CA THR KA 448 -71.73 83.37 69.24
C THR KA 448 -71.93 84.55 70.17
N ASN KA 449 -72.24 84.32 71.44
CA ASN KA 449 -72.38 85.40 72.40
C ASN KA 449 -72.12 84.86 73.79
N THR KA 450 -71.92 85.78 74.74
CA THR KA 450 -71.71 85.43 76.14
C THR KA 450 -72.54 86.35 77.01
N PRO KA 451 -72.95 85.91 78.23
CA PRO KA 451 -73.68 86.80 79.13
C PRO KA 451 -72.80 88.02 79.47
N SER KA 452 -73.32 89.22 79.22
CA SER KA 452 -72.57 90.45 79.59
C SER KA 452 -73.49 91.32 80.45
N GLY KA 453 -73.09 91.61 81.68
CA GLY KA 453 -73.98 92.36 82.59
C GLY KA 453 -75.29 91.63 82.77
N THR KA 454 -76.42 92.29 82.51
CA THR KA 454 -77.75 91.63 82.60
C THR KA 454 -78.28 91.46 81.18
N THR KA 455 -77.48 91.82 80.18
CA THR KA 455 -77.87 91.62 78.75
C THR KA 455 -76.96 90.57 78.13
N THR KA 456 -76.77 90.63 76.81
CA THR KA 456 -75.82 89.70 76.13
C THR KA 456 -74.82 90.50 75.30
N GLN KA 457 -73.65 89.94 75.06
CA GLN KA 457 -72.63 90.60 74.25
C GLN KA 457 -72.08 89.62 73.23
N SER KA 458 -71.88 90.09 72.01
CA SER KA 458 -71.37 89.23 70.95
C SER KA 458 -69.94 88.80 71.25
N ARG KA 459 -69.69 87.50 71.17
CA ARG KA 459 -68.37 86.94 71.46
C ARG KA 459 -68.28 85.56 70.84
N LEU KA 460 -67.31 85.37 69.95
CA LEU KA 460 -67.14 84.08 69.28
C LEU KA 460 -66.31 83.14 70.15
N GLN KA 461 -66.77 81.89 70.27
CA GLN KA 461 -66.05 80.86 70.99
C GLN KA 461 -66.03 79.59 70.15
N PHE KA 462 -65.00 78.78 70.36
CA PHE KA 462 -64.77 77.58 69.57
C PHE KA 462 -64.51 76.39 70.49
N SER KA 463 -64.95 75.21 70.05
CA SER KA 463 -64.81 73.99 70.83
C SER KA 463 -64.32 72.87 69.93
N GLN KA 464 -63.71 71.87 70.53
CA GLN KA 464 -63.35 70.65 69.83
C GLN KA 464 -64.48 69.65 69.98
N ALA KA 465 -64.87 69.04 68.86
CA ALA KA 465 -66.04 68.17 68.85
C ALA KA 465 -65.67 66.77 69.32
N GLY KA 466 -66.53 66.20 70.15
CA GLY KA 466 -66.39 64.84 70.65
C GLY KA 466 -67.69 64.08 70.48
N ALA KA 467 -67.97 63.20 71.44
CA ALA KA 467 -69.18 62.39 71.38
C ALA KA 467 -70.43 63.17 71.80
N SER KA 468 -70.29 64.07 72.77
CA SER KA 468 -71.46 64.79 73.27
C SER KA 468 -72.01 65.77 72.25
N ASP KA 469 -71.16 66.36 71.43
CA ASP KA 469 -71.58 67.27 70.38
C ASP KA 469 -71.20 66.66 69.03
N ILE KA 470 -71.51 65.37 68.86
CA ILE KA 470 -71.10 64.61 67.70
C ILE KA 470 -71.62 65.18 66.39
N ARG KA 471 -72.70 65.97 66.45
CA ARG KA 471 -73.26 66.55 65.22
C ARG KA 471 -72.39 67.64 64.64
N ASP KA 472 -71.47 68.21 65.42
CA ASP KA 472 -70.64 69.32 64.98
C ASP KA 472 -69.26 68.88 64.49
N GLN KA 473 -69.02 67.58 64.41
CA GLN KA 473 -67.70 67.09 64.03
C GLN KA 473 -67.40 67.41 62.57
N SER KA 474 -66.15 67.78 62.31
CA SER KA 474 -65.71 68.00 60.94
C SER KA 474 -65.67 66.68 60.17
N ARG KA 475 -66.18 66.71 58.95
CA ARG KA 475 -66.35 65.50 58.15
C ARG KA 475 -65.78 65.72 56.76
N ASN KA 476 -65.48 64.61 56.10
CA ASN KA 476 -64.85 64.64 54.78
C ASN KA 476 -65.82 64.42 53.64
N TRP KA 477 -67.05 63.97 53.91
CA TRP KA 477 -67.97 63.54 52.87
C TRP KA 477 -69.35 64.14 53.12
N LEU KA 478 -70.20 64.06 52.09
CA LEU KA 478 -71.55 64.60 52.11
C LEU KA 478 -72.53 63.55 51.59
N PRO KA 479 -73.79 63.62 52.02
CA PRO KA 479 -74.80 62.71 51.47
C PRO KA 479 -75.09 63.01 50.01
N GLY KA 480 -75.55 61.98 49.30
CA GLY KA 480 -75.78 62.07 47.88
C GLY KA 480 -76.84 63.08 47.48
N PRO KA 481 -77.02 63.26 46.17
CA PRO KA 481 -77.94 64.29 45.68
C PRO KA 481 -79.39 63.95 45.97
N CYS KA 482 -80.21 65.01 45.93
CA CYS KA 482 -81.62 64.91 46.32
C CYS KA 482 -82.54 65.61 45.33
N TYR KA 483 -83.75 65.10 45.17
CA TYR KA 483 -84.79 65.76 44.37
C TYR KA 483 -86.11 65.48 45.08
N ARG KA 484 -86.54 66.41 45.93
CA ARG KA 484 -87.52 66.12 46.97
C ARG KA 484 -88.83 65.61 46.39
N GLN KA 485 -89.39 64.61 47.06
CA GLN KA 485 -90.67 64.01 46.72
C GLN KA 485 -91.69 64.32 47.80
N GLN KA 486 -92.96 64.35 47.42
CA GLN KA 486 -94.03 64.50 48.41
C GLN KA 486 -94.20 63.22 49.20
N ARG KA 487 -94.53 63.37 50.48
CA ARG KA 487 -94.69 62.24 51.38
C ARG KA 487 -96.15 61.83 51.45
N VAL KA 488 -96.36 60.53 51.24
CA VAL KA 488 -97.71 59.92 51.31
C VAL KA 488 -97.64 58.81 52.35
N SER KA 489 -98.75 58.49 53.01
CA SER KA 489 -98.81 57.47 54.04
C SER KA 489 -99.64 56.29 53.58
N LYS KA 490 -99.22 55.10 53.99
CA LYS KA 490 -99.98 53.86 53.64
C LYS KA 490 -101.29 53.87 54.42
N THR KA 491 -101.34 54.52 55.59
CA THR KA 491 -102.61 54.69 56.33
C THR KA 491 -103.38 55.79 55.61
N SER KA 492 -104.53 55.47 55.01
CA SER KA 492 -105.27 56.45 54.18
C SER KA 492 -105.66 57.71 54.95
N ALA KA 493 -106.20 57.58 56.17
CA ALA KA 493 -106.69 58.75 56.89
C ALA KA 493 -105.60 59.80 57.08
N ASP KA 494 -104.33 59.37 57.09
CA ASP KA 494 -103.23 60.29 57.33
C ASP KA 494 -102.96 61.22 56.15
N ASN KA 495 -103.53 60.95 54.99
CA ASN KA 495 -103.26 61.74 53.79
C ASN KA 495 -104.26 62.89 53.66
N ASN KA 496 -103.85 63.92 52.93
CA ASN KA 496 -104.72 65.06 52.69
C ASN KA 496 -105.92 64.67 51.84
N ASN KA 497 -107.08 65.20 52.18
CA ASN KA 497 -108.33 64.89 51.47
C ASN KA 497 -108.45 65.81 50.24
N SER KA 498 -107.61 65.51 49.24
CA SER KA 498 -107.60 66.27 48.00
C SER KA 498 -106.95 65.41 46.93
N GLU KA 499 -107.07 65.87 45.68
CA GLU KA 499 -106.42 65.19 44.54
C GLU KA 499 -105.09 65.89 44.29
N TYR KA 500 -104.00 65.27 44.72
CA TYR KA 500 -102.67 65.86 44.60
C TYR KA 500 -101.67 64.92 43.92
N SER KA 501 -102.17 63.95 43.14
CA SER KA 501 -101.26 63.03 42.47
C SER KA 501 -100.45 63.70 41.38
N TRP KA 502 -100.87 64.86 40.90
CA TRP KA 502 -100.13 65.61 39.89
C TRP KA 502 -99.73 67.00 40.35
N THR KA 503 -100.60 67.70 41.08
CA THR KA 503 -100.26 69.03 41.57
C THR KA 503 -99.09 68.99 42.54
N GLY KA 504 -99.09 68.01 43.44
CA GLY KA 504 -98.01 67.80 44.38
C GLY KA 504 -96.92 66.86 43.89
N ALA KA 505 -96.99 66.44 42.64
CA ALA KA 505 -96.03 65.49 42.10
C ALA KA 505 -94.71 66.16 41.78
N THR KA 506 -93.64 65.36 41.81
CA THR KA 506 -92.31 65.82 41.43
C THR KA 506 -92.12 65.61 39.94
N LYS KA 507 -91.80 66.68 39.21
CA LYS KA 507 -91.81 66.66 37.75
C LYS KA 507 -90.52 67.28 37.21
N TYR KA 508 -90.20 66.91 35.98
CA TYR KA 508 -89.17 67.59 35.21
C TYR KA 508 -89.79 68.13 33.92
N HIS KA 509 -89.32 69.29 33.49
CA HIS KA 509 -89.87 70.01 32.36
C HIS KA 509 -88.95 69.83 31.16
N LEU KA 510 -89.50 69.35 30.05
CA LEU KA 510 -88.72 69.09 28.85
C LEU KA 510 -89.54 69.45 27.63
N ASN KA 511 -89.09 70.45 26.88
CA ASN KA 511 -89.74 70.90 25.64
C ASN KA 511 -91.20 71.28 25.88
N GLY KA 512 -91.46 71.94 27.01
CA GLY KA 512 -92.80 72.40 27.32
C GLY KA 512 -93.73 71.34 27.88
N ARG KA 513 -93.24 70.11 28.07
CA ARG KA 513 -94.10 69.07 28.67
C ARG KA 513 -93.56 68.58 30.01
N ASP KA 514 -94.43 68.44 31.00
CA ASP KA 514 -94.09 67.94 32.32
C ASP KA 514 -94.18 66.41 32.32
N SER KA 515 -93.11 65.76 32.76
CA SER KA 515 -93.07 64.32 32.93
C SER KA 515 -92.89 64.01 34.40
N LEU KA 516 -93.59 62.96 34.86
CA LEU KA 516 -93.46 62.54 36.24
C LEU KA 516 -92.05 62.00 36.50
N VAL KA 517 -91.46 62.39 37.62
CA VAL KA 517 -90.18 61.86 38.05
C VAL KA 517 -90.47 60.60 38.86
N ASN KA 518 -90.24 59.44 38.23
CA ASN KA 518 -90.62 58.16 38.81
C ASN KA 518 -89.67 57.07 38.33
N PRO KA 519 -88.88 56.47 39.22
CA PRO KA 519 -88.77 56.74 40.66
C PRO KA 519 -87.78 57.86 40.98
N GLY KA 520 -87.04 58.35 39.99
CA GLY KA 520 -86.12 59.44 40.19
C GLY KA 520 -84.80 59.02 40.83
N PRO KA 521 -84.04 59.99 41.33
CA PRO KA 521 -82.77 59.68 41.98
C PRO KA 521 -82.97 58.81 43.20
N ALA KA 522 -81.98 57.93 43.44
CA ALA KA 522 -82.06 56.98 44.54
C ALA KA 522 -82.01 57.71 45.88
N MET KA 523 -83.09 57.60 46.64
CA MET KA 523 -83.21 58.25 47.94
C MET KA 523 -83.93 57.31 48.89
N ALA KA 524 -83.66 57.50 50.19
CA ALA KA 524 -84.29 56.68 51.20
C ALA KA 524 -85.80 56.94 51.24
N SER KA 525 -86.57 55.86 51.36
CA SER KA 525 -88.03 55.99 51.39
C SER KA 525 -88.50 56.74 52.63
N HIS KA 526 -87.86 56.48 53.78
CA HIS KA 526 -88.28 57.08 55.03
C HIS KA 526 -87.12 57.03 56.02
N LYS KA 527 -87.25 57.80 57.09
CA LYS KA 527 -86.27 57.83 58.16
C LYS KA 527 -86.64 56.76 59.20
N ASP KA 528 -85.96 56.80 60.35
CA ASP KA 528 -86.22 55.81 61.40
C ASP KA 528 -87.66 55.87 61.88
N ASP KA 529 -88.26 54.69 62.06
CA ASP KA 529 -89.58 54.54 62.66
C ASP KA 529 -90.65 55.30 61.89
N GLU KA 530 -90.54 55.31 60.57
CA GLU KA 530 -91.54 55.94 59.71
C GLU KA 530 -91.81 55.06 58.50
N GLU KA 531 -91.93 53.75 58.72
CA GLU KA 531 -92.09 52.80 57.63
C GLU KA 531 -93.41 52.97 56.89
N LYS KA 532 -94.39 53.64 57.48
CA LYS KA 532 -95.66 53.87 56.80
C LYS KA 532 -95.58 54.95 55.74
N PHE KA 533 -94.50 55.73 55.71
CA PHE KA 533 -94.35 56.83 54.76
C PHE KA 533 -93.48 56.40 53.59
N PHE KA 534 -93.90 56.75 52.39
CA PHE KA 534 -93.13 56.51 51.18
C PHE KA 534 -93.25 57.71 50.26
N PRO KA 535 -92.25 57.95 49.42
CA PRO KA 535 -92.35 59.05 48.46
C PRO KA 535 -93.46 58.80 47.45
N GLN KA 536 -94.06 59.90 46.99
CA GLN KA 536 -95.25 59.79 46.13
C GLN KA 536 -94.93 59.06 44.83
N SER KA 537 -93.80 59.38 44.21
CA SER KA 537 -93.35 58.69 43.00
C SER KA 537 -91.87 58.37 43.09
N GLY KA 538 -91.39 58.03 44.28
CA GLY KA 538 -89.99 57.77 44.49
C GLY KA 538 -89.61 56.32 44.74
N VAL KA 539 -90.55 55.38 44.65
CA VAL KA 539 -90.27 53.96 44.84
C VAL KA 539 -90.94 53.17 43.74
N LEU KA 540 -90.40 52.00 43.46
CA LEU KA 540 -91.05 51.07 42.53
C LEU KA 540 -92.26 50.45 43.21
N ILE KA 541 -93.36 50.36 42.46
CA ILE KA 541 -94.60 49.76 42.96
C ILE KA 541 -94.94 48.62 42.04
N PHE KA 542 -94.94 47.40 42.58
CA PHE KA 542 -95.28 46.20 41.84
C PHE KA 542 -96.71 45.78 42.14
N GLY KA 543 -97.39 45.24 41.14
CA GLY KA 543 -98.74 44.77 41.31
C GLY KA 543 -98.77 43.34 41.82
N LYS KA 544 -99.71 43.06 42.72
CA LYS KA 544 -99.95 41.70 43.15
C LYS KA 544 -100.62 40.91 42.04
N GLN KA 545 -100.67 39.59 42.20
CA GLN KA 545 -101.28 38.75 41.19
C GLN KA 545 -102.76 39.08 41.04
N GLY KA 546 -103.21 39.23 39.80
CA GLY KA 546 -104.59 39.56 39.51
C GLY KA 546 -104.95 41.02 39.61
N SER KA 547 -103.94 41.89 39.80
CA SER KA 547 -104.20 43.34 39.98
C SER KA 547 -104.59 43.97 38.64
N GLU KA 548 -105.58 44.87 38.65
CA GLU KA 548 -106.03 45.53 37.44
C GLU KA 548 -105.04 46.61 37.01
N LYS KA 549 -105.43 47.41 36.04
CA LYS KA 549 -104.54 48.41 35.47
C LYS KA 549 -104.77 49.80 36.04
N THR KA 550 -106.03 50.19 36.27
CA THR KA 550 -106.37 51.57 36.61
C THR KA 550 -106.95 51.64 38.01
N ASN KA 551 -106.36 52.50 38.84
CA ASN KA 551 -106.93 52.90 40.14
C ASN KA 551 -107.19 51.70 41.05
N VAL KA 552 -106.19 50.86 41.20
CA VAL KA 552 -106.26 49.76 42.15
C VAL KA 552 -105.92 50.29 43.54
N ASP KA 553 -106.45 49.62 44.57
CA ASP KA 553 -106.23 50.07 45.93
C ASP KA 553 -104.81 49.78 46.38
N ILE KA 554 -104.44 50.31 47.54
CA ILE KA 554 -103.10 50.11 48.06
C ILE KA 554 -102.87 48.65 48.44
N GLU KA 555 -103.90 47.95 48.89
CA GLU KA 555 -103.76 46.54 49.23
C GLU KA 555 -103.56 45.66 48.01
N LYS KA 556 -103.78 46.19 46.81
CA LYS KA 556 -103.55 45.44 45.58
C LYS KA 556 -102.13 45.58 45.04
N VAL KA 557 -101.32 46.45 45.64
CA VAL KA 557 -99.96 46.70 45.17
C VAL KA 557 -98.98 46.48 46.31
N MET KA 558 -97.73 46.22 45.94
CA MET KA 558 -96.64 46.03 46.89
C MET KA 558 -95.62 47.16 46.67
N ILE KA 559 -95.47 48.02 47.67
CA ILE KA 559 -94.60 49.19 47.58
C ILE KA 559 -93.23 48.81 48.13
N THR KA 560 -92.19 49.06 47.34
CA THR KA 560 -90.84 48.72 47.74
C THR KA 560 -90.30 49.74 48.75
N ASP KA 561 -89.23 49.33 49.44
CA ASP KA 561 -88.63 50.22 50.46
C ASP KA 561 -87.13 50.34 50.18
N GLU KA 562 -86.62 51.55 50.20
CA GLU KA 562 -85.22 51.86 49.99
C GLU KA 562 -84.59 52.42 51.27
N GLU KA 563 -84.92 51.81 52.41
CA GLU KA 563 -84.41 52.28 53.69
C GLU KA 563 -82.97 51.86 53.95
N GLU KA 564 -82.46 50.86 53.23
CA GLU KA 564 -81.09 50.41 53.46
C GLU KA 564 -80.05 51.43 53.03
N ILE KA 565 -80.44 52.42 52.24
CA ILE KA 565 -79.51 53.41 51.72
C ILE KA 565 -79.61 54.75 52.46
N ARG KA 566 -80.38 54.80 53.55
CA ARG KA 566 -80.49 56.03 54.32
C ARG KA 566 -79.21 56.34 55.08
N THR KA 567 -78.24 55.44 55.10
CA THR KA 567 -76.96 55.71 55.72
C THR KA 567 -76.17 56.77 54.94
N THR KA 568 -76.30 56.76 53.61
CA THR KA 568 -75.57 57.71 52.76
C THR KA 568 -76.47 58.59 51.92
N ASN KA 569 -77.73 58.23 51.73
CA ASN KA 569 -78.61 58.97 50.84
C ASN KA 569 -79.67 59.72 51.64
N PRO KA 570 -79.99 60.95 51.25
CA PRO KA 570 -81.01 61.71 51.97
C PRO KA 570 -82.38 61.06 51.83
N VAL KA 571 -83.22 61.28 52.84
CA VAL KA 571 -84.60 60.82 52.77
C VAL KA 571 -85.33 61.56 51.66
N ALA KA 572 -86.12 60.82 50.89
CA ALA KA 572 -86.72 61.37 49.68
C ALA KA 572 -87.68 62.50 49.98
N THR KA 573 -88.41 62.41 51.09
CA THR KA 573 -89.47 63.37 51.40
C THR KA 573 -88.98 64.54 52.24
N GLU KA 574 -87.69 64.61 52.56
CA GLU KA 574 -87.15 65.67 53.39
C GLU KA 574 -86.12 66.47 52.60
N GLN KA 575 -85.75 67.61 53.15
CA GLN KA 575 -84.76 68.47 52.52
C GLN KA 575 -83.36 67.86 52.64
N TYR KA 576 -82.50 68.23 51.70
CA TYR KA 576 -81.09 67.82 51.79
C TYR KA 576 -80.42 68.44 53.00
N GLY KA 577 -80.71 69.71 53.26
CA GLY KA 577 -80.06 70.41 54.36
C GLY KA 577 -80.45 71.87 54.38
N SER KA 578 -79.58 72.69 54.95
CA SER KA 578 -79.81 74.12 55.04
C SER KA 578 -78.57 74.88 54.61
N VAL KA 579 -78.80 76.04 53.99
CA VAL KA 579 -77.72 76.94 53.58
C VAL KA 579 -78.07 78.34 54.06
N SER KA 580 -77.03 79.16 54.20
CA SER KA 580 -77.23 80.56 54.55
C SER KA 580 -77.76 81.35 53.36
N THR KA 581 -78.60 82.33 53.65
CA THR KA 581 -79.20 83.16 52.61
C THR KA 581 -78.89 84.64 52.73
N ASN KA 582 -78.22 85.07 53.79
CA ASN KA 582 -77.91 86.48 53.98
C ASN KA 582 -76.56 86.59 54.68
N LEU KA 583 -76.23 87.80 55.11
CA LEU KA 583 -75.00 88.08 55.85
C LEU KA 583 -75.38 88.70 57.19
N GLN KA 584 -75.19 87.94 58.27
CA GLN KA 584 -75.45 88.45 59.60
C GLN KA 584 -74.48 89.56 59.95
N ARG KA 585 -75.00 90.52 60.73
CA ARG KA 585 -74.19 91.71 61.08
C ARG KA 585 -74.77 92.34 62.35
N GLY KA 586 -73.92 92.82 63.24
CA GLY KA 586 -74.36 93.54 64.41
C GLY KA 586 -74.50 95.04 64.16
N ASN KA 587 -74.83 95.75 65.25
CA ASN KA 587 -75.09 97.21 65.13
C ASN KA 587 -73.78 97.98 64.99
N THR KA 594 -78.38 98.64 60.62
CA THR KA 594 -79.05 97.99 61.78
C THR KA 594 -78.51 96.56 61.90
N SER KA 595 -78.98 95.78 62.88
CA SER KA 595 -78.48 94.41 62.90
C SER KA 595 -79.33 93.51 62.03
N ARG KA 596 -78.69 92.47 61.48
CA ARG KA 596 -79.37 91.45 60.68
C ARG KA 596 -79.02 90.08 61.24
N GLN KA 597 -80.04 89.30 61.56
CA GLN KA 597 -79.82 87.96 62.10
C GLN KA 597 -79.62 86.96 60.97
N ALA KA 598 -78.82 85.93 61.25
CA ALA KA 598 -78.52 84.92 60.25
C ALA KA 598 -79.78 84.16 59.85
N ALA KA 599 -79.95 83.95 58.55
CA ALA KA 599 -81.10 83.28 57.99
C ALA KA 599 -80.67 82.06 57.19
N THR KA 600 -81.52 81.03 57.20
CA THR KA 600 -81.24 79.79 56.49
C THR KA 600 -82.47 79.39 55.69
N ALA KA 601 -82.23 78.59 54.65
CA ALA KA 601 -83.29 78.07 53.80
C ALA KA 601 -83.09 76.59 53.58
N ASP KA 602 -84.20 75.88 53.40
CA ASP KA 602 -84.15 74.46 53.08
C ASP KA 602 -83.69 74.25 51.65
N VAL KA 603 -82.91 73.20 51.43
CA VAL KA 603 -82.42 72.84 50.11
C VAL KA 603 -83.23 71.64 49.66
N ASN KA 604 -84.33 71.92 48.95
CA ASN KA 604 -85.22 70.86 48.46
C ASN KA 604 -84.65 70.13 47.26
N THR KA 605 -83.73 70.74 46.53
CA THR KA 605 -83.06 70.09 45.41
C THR KA 605 -81.57 70.38 45.50
N GLN KA 606 -80.76 69.32 45.44
CA GLN KA 606 -79.31 69.44 45.58
C GLN KA 606 -78.65 68.67 44.45
N GLY KA 607 -77.84 69.37 43.65
CA GLY KA 607 -77.03 68.72 42.64
C GLY KA 607 -75.81 68.07 43.25
N VAL KA 608 -75.04 67.40 42.40
CA VAL KA 608 -73.86 66.69 42.85
C VAL KA 608 -72.78 67.69 43.23
N LEU KA 609 -72.20 67.51 44.41
CA LEU KA 609 -71.11 68.31 44.93
C LEU KA 609 -69.85 67.44 45.05
N PRO KA 610 -68.66 68.04 44.97
CA PRO KA 610 -67.44 67.28 45.23
C PRO KA 610 -67.44 66.72 46.65
N GLY KA 611 -66.98 65.49 46.78
CA GLY KA 611 -67.01 64.79 48.06
C GLY KA 611 -68.30 64.09 48.37
N MET KA 612 -69.25 64.06 47.44
CA MET KA 612 -70.58 63.43 47.69
C MET KA 612 -70.50 61.92 47.42
N VAL KA 613 -71.09 61.11 48.29
CA VAL KA 613 -71.16 59.65 48.18
C VAL KA 613 -72.62 59.23 48.30
N TRP KA 614 -73.00 58.22 47.54
CA TRP KA 614 -74.39 57.77 47.51
C TRP KA 614 -74.43 56.30 47.09
N GLN KA 615 -75.59 55.70 47.30
CA GLN KA 615 -75.88 54.33 46.86
C GLN KA 615 -76.96 54.37 45.80
N ASP KA 616 -76.84 53.46 44.82
CA ASP KA 616 -77.84 53.39 43.76
C ASP KA 616 -79.10 52.69 44.24
N ARG KA 617 -80.13 52.73 43.41
CA ARG KA 617 -81.39 52.08 43.76
C ARG KA 617 -81.21 50.56 43.75
N ASP KA 618 -81.91 49.90 44.66
CA ASP KA 618 -81.83 48.45 44.77
C ASP KA 618 -82.53 47.79 43.59
N VAL KA 619 -82.09 46.58 43.27
CA VAL KA 619 -82.75 45.75 42.28
C VAL KA 619 -83.61 44.71 42.99
N TYR KA 620 -84.65 44.25 42.31
CA TYR KA 620 -85.62 43.34 42.90
C TYR KA 620 -85.81 42.15 41.98
N LEU KA 621 -86.37 41.08 42.54
CA LEU KA 621 -86.64 39.88 41.75
C LEU KA 621 -87.61 40.18 40.61
N GLN KA 622 -88.63 40.98 40.88
CA GLN KA 622 -89.56 41.42 39.85
C GLN KA 622 -89.07 42.64 39.08
N GLY KA 623 -87.94 43.21 39.46
CA GLY KA 623 -87.47 44.44 38.86
C GLY KA 623 -86.68 44.23 37.58
N PRO KA 624 -86.40 45.32 36.88
CA PRO KA 624 -85.60 45.24 35.66
C PRO KA 624 -84.13 44.95 35.95
N ILE KA 625 -83.47 44.39 34.96
CA ILE KA 625 -82.05 44.04 35.06
C ILE KA 625 -81.15 45.13 34.52
N TRP KA 626 -81.46 45.63 33.32
CA TRP KA 626 -80.57 46.57 32.65
C TRP KA 626 -81.40 47.63 31.94
N ALA KA 627 -80.68 48.60 31.36
CA ALA KA 627 -81.27 49.60 30.49
C ALA KA 627 -80.17 50.13 29.57
N LYS KA 628 -80.59 50.65 28.43
CA LYS KA 628 -79.64 51.21 27.48
C LYS KA 628 -79.33 52.66 27.84
N ILE KA 629 -78.04 52.96 28.01
CA ILE KA 629 -77.64 54.35 28.25
C ILE KA 629 -77.89 55.16 26.98
N PRO KA 630 -78.61 56.28 27.06
CA PRO KA 630 -78.88 57.06 25.85
C PRO KA 630 -77.59 57.54 25.20
N HIS KA 631 -77.59 57.56 23.86
CA HIS KA 631 -76.43 58.01 23.09
C HIS KA 631 -76.41 59.52 23.13
N THR KA 632 -75.71 60.07 24.12
CA THR KA 632 -75.64 61.50 24.34
C THR KA 632 -74.19 61.90 24.55
N ASP KA 633 -73.91 63.19 24.40
CA ASP KA 633 -72.53 63.69 24.55
C ASP KA 633 -72.09 63.53 26.01
N GLY KA 634 -72.98 63.80 26.95
CA GLY KA 634 -72.64 63.72 28.35
C GLY KA 634 -73.71 63.02 29.17
N HIS KA 635 -73.26 62.37 30.22
CA HIS KA 635 -74.13 61.75 31.20
C HIS KA 635 -73.33 61.54 32.48
N PHE KA 636 -74.00 61.62 33.61
CA PHE KA 636 -73.35 61.45 34.91
C PHE KA 636 -73.93 60.24 35.60
N HIS KA 637 -73.05 59.30 35.98
CA HIS KA 637 -73.42 58.08 36.69
C HIS KA 637 -74.58 57.38 35.98
N PRO KA 638 -74.34 56.76 34.83
CA PRO KA 638 -75.42 56.19 34.01
C PRO KA 638 -75.97 54.87 34.54
N SER KA 639 -76.27 54.83 35.83
CA SER KA 639 -77.05 53.75 36.41
C SER KA 639 -78.53 54.05 36.20
N PRO KA 640 -79.31 53.11 35.68
CA PRO KA 640 -80.74 53.38 35.45
C PRO KA 640 -81.44 53.76 36.75
N LEU KA 641 -82.33 54.74 36.65
CA LEU KA 641 -83.02 55.23 37.85
C LEU KA 641 -84.03 54.22 38.37
N MET KA 642 -84.59 53.38 37.49
CA MET KA 642 -85.48 52.32 37.93
C MET KA 642 -84.75 51.16 38.58
N GLY KA 643 -83.44 51.13 38.51
CA GLY KA 643 -82.64 50.07 39.10
C GLY KA 643 -82.07 49.14 38.06
N GLY KA 644 -80.81 48.75 38.27
CA GLY KA 644 -80.16 47.83 37.37
C GLY KA 644 -78.80 48.26 36.88
N PHE KA 645 -78.39 47.73 35.72
CA PHE KA 645 -77.07 47.98 35.16
C PHE KA 645 -77.21 48.83 33.90
N GLY KA 646 -76.50 49.95 33.87
CA GLY KA 646 -76.46 50.79 32.69
C GLY KA 646 -75.50 50.26 31.65
N LEU KA 647 -75.99 50.00 30.44
CA LEU KA 647 -75.20 49.38 29.38
C LEU KA 647 -75.21 50.28 28.16
N LYS KA 648 -74.01 50.64 27.67
CA LYS KA 648 -73.92 51.37 26.43
C LYS KA 648 -74.34 50.50 25.25
N HIS KA 649 -74.04 49.21 25.31
CA HIS KA 649 -74.45 48.22 24.33
C HIS KA 649 -75.19 47.12 25.07
N PRO KA 650 -76.48 47.31 25.36
CA PRO KA 650 -77.24 46.31 26.11
C PRO KA 650 -77.53 45.10 25.23
N PRO KA 651 -78.12 44.04 25.80
CA PRO KA 651 -78.54 42.90 24.98
C PRO KA 651 -79.46 43.36 23.87
N PRO KA 652 -79.18 42.98 22.63
CA PRO KA 652 -79.93 43.52 21.49
C PRO KA 652 -81.38 43.06 21.52
N GLN KA 653 -82.24 43.90 20.94
CA GLN KA 653 -83.63 43.53 20.76
C GLN KA 653 -83.76 42.39 19.78
N ILE KA 654 -84.58 41.40 20.11
CA ILE KA 654 -84.82 40.24 19.27
C ILE KA 654 -86.22 40.37 18.71
N LEU KA 655 -86.31 40.61 17.40
CA LEU KA 655 -87.59 40.85 16.73
C LEU KA 655 -88.03 39.60 15.99
N ILE KA 656 -89.30 39.23 16.16
CA ILE KA 656 -89.85 38.03 15.55
C ILE KA 656 -91.24 38.37 15.01
N LYS KA 657 -91.55 37.85 13.82
CA LYS KA 657 -92.87 38.03 13.25
C LYS KA 657 -93.17 36.88 12.31
N ASN KA 658 -94.45 36.64 12.07
CA ASN KA 658 -94.88 35.61 11.13
C ASN KA 658 -94.83 36.16 9.71
N THR KA 659 -94.28 35.37 8.80
CA THR KA 659 -94.23 35.78 7.41
C THR KA 659 -95.65 35.77 6.84
N PRO KA 660 -96.10 36.87 6.24
CA PRO KA 660 -97.45 36.89 5.68
C PRO KA 660 -97.60 35.92 4.53
N VAL KA 661 -98.64 35.10 4.60
CA VAL KA 661 -98.97 34.13 3.55
C VAL KA 661 -100.21 34.63 2.83
N PRO KA 662 -100.10 35.08 1.58
CA PRO KA 662 -101.28 35.60 0.87
C PRO KA 662 -102.34 34.53 0.69
N ALA KA 663 -103.60 34.96 0.73
CA ALA KA 663 -104.72 34.08 0.47
C ALA KA 663 -104.88 33.91 -1.04
N ASN KA 664 -106.00 33.37 -1.48
CA ASN KA 664 -106.20 33.07 -2.89
C ASN KA 664 -106.19 34.35 -3.73
N PRO KA 665 -105.27 34.49 -4.67
CA PRO KA 665 -105.25 35.70 -5.51
C PRO KA 665 -106.23 35.62 -6.67
N SER KA 666 -106.46 36.78 -7.26
CA SER KA 666 -107.34 36.88 -8.44
C SER KA 666 -106.59 36.37 -9.67
N THR KA 667 -107.29 35.70 -10.57
CA THR KA 667 -106.68 35.20 -11.80
C THR KA 667 -106.29 36.32 -12.75
N THR KA 668 -106.80 37.53 -12.53
CA THR KA 668 -106.42 38.71 -13.31
C THR KA 668 -105.44 39.54 -12.49
N PHE KA 669 -104.43 40.08 -13.15
CA PHE KA 669 -103.41 40.85 -12.45
C PHE KA 669 -104.00 42.12 -11.86
N SER KA 670 -103.62 42.42 -10.62
CA SER KA 670 -104.01 43.64 -9.94
C SER KA 670 -102.77 44.25 -9.30
N ALA KA 671 -102.54 45.53 -9.56
CA ALA KA 671 -101.38 46.22 -9.00
C ALA KA 671 -101.58 46.62 -7.55
N ALA KA 672 -102.80 46.50 -7.02
CA ALA KA 672 -103.04 46.81 -5.62
C ALA KA 672 -102.30 45.81 -4.73
N LYS KA 673 -101.73 46.31 -3.63
CA LYS KA 673 -101.02 45.44 -2.70
C LYS KA 673 -102.00 44.47 -2.06
N PHE KA 674 -101.46 43.30 -1.69
CA PHE KA 674 -102.31 42.23 -1.12
C PHE KA 674 -102.90 42.66 0.23
N ALA KA 675 -104.21 42.47 0.37
CA ALA KA 675 -104.89 42.78 1.62
C ALA KA 675 -105.54 41.57 2.27
N SER KA 676 -105.57 40.43 1.59
CA SER KA 676 -106.15 39.20 2.12
C SER KA 676 -105.03 38.20 2.38
N PHE KA 677 -104.99 37.66 3.60
CA PHE KA 677 -103.96 36.73 4.02
C PHE KA 677 -104.59 35.58 4.78
N ILE KA 678 -103.86 34.47 4.83
CA ILE KA 678 -104.27 33.32 5.63
C ILE KA 678 -103.99 33.63 7.10
N THR KA 679 -105.03 33.52 7.93
CA THR KA 679 -104.86 33.78 9.36
C THR KA 679 -103.97 32.71 9.97
N GLN KA 680 -102.94 33.14 10.70
CA GLN KA 680 -102.03 32.18 11.28
C GLN KA 680 -101.27 32.81 12.44
N TYR KA 681 -100.79 31.94 13.34
CA TYR KA 681 -99.95 32.34 14.44
C TYR KA 681 -98.84 31.31 14.57
N SER KA 682 -97.91 31.55 15.48
CA SER KA 682 -96.80 30.64 15.71
C SER KA 682 -96.62 30.40 17.20
N THR KA 683 -96.08 29.23 17.52
CA THR KA 683 -95.75 28.88 18.89
C THR KA 683 -94.42 28.17 18.88
N GLY KA 684 -93.73 28.21 20.02
CA GLY KA 684 -92.42 27.61 20.10
C GLY KA 684 -91.84 27.75 21.49
N GLN KA 685 -90.55 27.45 21.60
CA GLN KA 685 -89.84 27.53 22.85
C GLN KA 685 -88.70 28.53 22.74
N VAL KA 686 -88.43 29.22 23.83
CA VAL KA 686 -87.37 30.22 23.92
C VAL KA 686 -86.49 29.89 25.11
N SER KA 687 -85.17 29.96 24.92
CA SER KA 687 -84.20 29.67 25.96
C SER KA 687 -83.29 30.88 26.17
N VAL KA 688 -83.12 31.28 27.42
CA VAL KA 688 -82.21 32.36 27.80
C VAL KA 688 -81.27 31.83 28.88
N GLU KA 689 -79.97 31.88 28.62
CA GLU KA 689 -78.96 31.47 29.58
C GLU KA 689 -78.03 32.63 29.84
N ILE KA 690 -77.94 33.05 31.11
CA ILE KA 690 -77.10 34.18 31.49
C ILE KA 690 -76.09 33.70 32.53
N GLU KA 691 -74.83 34.04 32.32
CA GLU KA 691 -73.78 33.81 33.29
C GLU KA 691 -73.58 35.08 34.12
N TRP KA 692 -73.62 34.93 35.44
CA TRP KA 692 -73.46 36.04 36.36
C TRP KA 692 -72.19 35.85 37.18
N GLU KA 693 -71.48 36.95 37.42
CA GLU KA 693 -70.30 36.93 38.28
C GLU KA 693 -70.68 37.39 39.68
N LEU KA 694 -70.15 36.70 40.69
CA LEU KA 694 -70.49 36.96 42.07
C LEU KA 694 -69.31 37.62 42.79
N GLN KA 695 -69.64 38.52 43.70
CA GLN KA 695 -68.68 39.16 44.59
C GLN KA 695 -68.90 38.58 45.97
N LYS KA 696 -68.04 37.64 46.37
CA LYS KA 696 -68.26 36.91 47.61
C LYS KA 696 -68.11 37.82 48.83
N GLU KA 697 -68.98 37.63 49.80
CA GLU KA 697 -68.92 38.39 51.05
C GLU KA 697 -67.70 38.00 51.85
N ASN KA 698 -67.00 38.99 52.38
CA ASN KA 698 -65.77 38.81 53.15
C ASN KA 698 -65.85 39.60 54.46
N SER KA 699 -66.99 39.49 55.14
CA SER KA 699 -67.22 40.28 56.34
C SER KA 699 -66.49 39.68 57.54
N LYS KA 700 -66.21 40.53 58.54
CA LYS KA 700 -65.56 40.07 59.80
C LYS KA 700 -66.44 40.46 61.00
N ARG KA 701 -67.74 40.73 60.78
CA ARG KA 701 -68.62 41.01 61.89
C ARG KA 701 -68.82 39.75 62.74
N TRP KA 702 -69.09 39.96 64.02
CA TRP KA 702 -69.20 38.86 64.97
C TRP KA 702 -70.62 38.33 65.07
N ASN KA 703 -71.58 39.20 65.30
CA ASN KA 703 -72.96 38.78 65.48
C ASN KA 703 -73.61 38.44 64.15
N PRO KA 704 -74.67 37.59 64.13
CA PRO KA 704 -75.29 37.17 62.88
C PRO KA 704 -75.88 38.33 62.06
N GLU KA 705 -76.11 38.14 60.76
CA GLU KA 705 -76.59 39.21 59.86
C GLU KA 705 -78.08 39.06 59.58
N ILE KA 706 -78.71 40.06 58.95
CA ILE KA 706 -80.12 39.84 58.50
C ILE KA 706 -80.10 39.01 57.21
N GLN KA 707 -80.91 37.95 57.14
CA GLN KA 707 -81.02 37.16 55.93
C GLN KA 707 -82.49 37.06 55.54
N TYR KA 708 -82.74 36.98 54.23
CA TYR KA 708 -84.10 36.71 53.78
C TYR KA 708 -84.46 35.27 54.09
N THR KA 709 -85.69 35.07 54.56
CA THR KA 709 -86.13 33.75 54.99
C THR KA 709 -87.63 33.61 54.77
N SER KA 710 -88.06 32.36 54.66
CA SER KA 710 -89.51 32.10 54.56
C SER KA 710 -90.06 32.10 55.98
N ASN KA 711 -91.36 32.31 56.16
CA ASN KA 711 -91.89 32.36 57.54
C ASN KA 711 -92.29 30.94 57.92
N TYR KA 712 -91.89 30.47 59.10
CA TYR KA 712 -92.14 29.07 59.50
C TYR KA 712 -93.63 28.85 59.81
N ASN KA 713 -94.34 29.86 60.29
CA ASN KA 713 -95.71 29.61 60.70
C ASN KA 713 -96.55 29.04 59.56
N LYS KA 714 -97.54 28.25 59.94
CA LYS KA 714 -98.43 27.60 58.95
C LYS KA 714 -99.22 28.64 58.18
N SER KA 715 -99.58 28.28 56.96
CA SER KA 715 -100.37 29.18 56.12
C SER KA 715 -101.18 28.35 55.15
N ILE KA 716 -102.22 28.97 54.60
CA ILE KA 716 -103.05 28.29 53.61
C ILE KA 716 -102.24 27.99 52.35
N ASN KA 717 -101.44 28.96 51.91
CA ASN KA 717 -100.62 28.82 50.72
C ASN KA 717 -99.15 29.03 51.06
N VAL KA 718 -98.28 28.32 50.35
CA VAL KA 718 -96.85 28.53 50.46
C VAL KA 718 -96.45 29.70 49.58
N ASP KA 719 -95.51 30.50 50.05
CA ASP KA 719 -95.06 31.67 49.28
C ASP KA 719 -94.32 31.24 48.02
N PHE KA 720 -94.52 32.00 46.94
CA PHE KA 720 -93.87 31.76 45.66
C PHE KA 720 -94.17 30.37 45.11
N THR KA 721 -95.41 29.94 45.27
CA THR KA 721 -95.91 28.69 44.70
C THR KA 721 -97.22 28.97 43.99
N VAL KA 722 -97.88 27.91 43.54
CA VAL KA 722 -99.18 28.01 42.91
C VAL KA 722 -100.26 27.73 43.94
N ASP KA 723 -101.45 28.28 43.71
CA ASP KA 723 -102.59 28.05 44.58
C ASP KA 723 -103.40 26.87 44.05
N THR KA 724 -104.60 26.69 44.59
CA THR KA 724 -105.47 25.57 44.17
C THR KA 724 -105.90 25.78 42.71
N ASN KA 725 -105.75 27.00 42.18
CA ASN KA 725 -106.07 27.28 40.76
C ASN KA 725 -104.81 27.14 39.91
N GLY KA 726 -103.69 26.77 40.55
CA GLY KA 726 -102.41 26.64 39.83
C GLY KA 726 -101.89 27.99 39.38
N VAL KA 727 -102.35 29.07 40.01
CA VAL KA 727 -101.92 30.44 39.63
C VAL KA 727 -100.67 30.81 40.42
N TYR KA 728 -99.56 31.08 39.73
CA TYR KA 728 -98.33 31.46 40.40
C TYR KA 728 -98.40 32.91 40.83
N SER KA 729 -97.96 33.18 42.05
CA SER KA 729 -97.96 34.53 42.59
C SER KA 729 -96.65 34.81 43.30
N GLU KA 730 -96.26 36.08 43.34
CA GLU KA 730 -95.09 36.53 44.07
C GLU KA 730 -95.56 37.40 45.23
N PRO KA 731 -95.58 36.89 46.46
CA PRO KA 731 -96.27 37.61 47.55
C PRO KA 731 -95.67 38.97 47.89
N ARG KA 732 -94.36 39.14 47.77
CA ARG KA 732 -93.73 40.40 48.16
C ARG KA 732 -92.53 40.64 47.28
N PRO KA 733 -92.10 41.90 47.14
CA PRO KA 733 -90.83 42.17 46.45
C PRO KA 733 -89.66 41.81 47.36
N ILE KA 734 -88.64 41.19 46.76
CA ILE KA 734 -87.42 40.84 47.47
C ILE KA 734 -86.29 41.66 46.86
N GLY KA 735 -85.62 42.44 47.69
CA GLY KA 735 -84.44 43.17 47.28
C GLY KA 735 -83.21 42.29 47.35
N THR KA 736 -82.05 42.94 47.42
CA THR KA 736 -80.79 42.23 47.53
C THR KA 736 -79.95 42.64 48.72
N ARG KA 737 -80.34 43.66 49.48
CA ARG KA 737 -79.49 44.28 50.47
C ARG KA 737 -79.80 43.72 51.85
N TYR KA 738 -79.22 42.57 52.15
CA TYR KA 738 -79.36 41.91 53.45
C TYR KA 738 -78.05 41.78 54.20
N LEU KA 739 -76.97 41.43 53.52
CA LEU KA 739 -75.66 41.45 54.16
C LEU KA 739 -75.23 42.89 54.40
N THR KA 740 -74.24 43.06 55.27
CA THR KA 740 -73.76 44.37 55.65
C THR KA 740 -72.27 44.50 55.39
N ARG KA 741 -71.88 45.73 55.06
CA ARG KA 741 -70.44 46.05 54.86
C ARG KA 741 -70.21 47.42 55.50
N ASN KA 742 -69.01 47.68 56.04
CA ASN KA 742 -68.67 48.99 56.60
C ASN KA 742 -68.52 50.02 55.49
N LEU KA 743 -68.76 51.27 55.83
CA LEU KA 743 -68.58 52.37 54.89
C LEU KA 743 -67.11 52.55 54.52
N ALA LA 218 -34.29 33.66 -72.36
CA ALA LA 218 -34.59 33.71 -70.92
C ALA LA 218 -36.07 33.38 -70.72
N ASP LA 219 -36.92 33.91 -71.57
CA ASP LA 219 -38.39 33.75 -71.38
C ASP LA 219 -39.01 33.25 -72.69
N GLY LA 220 -38.17 32.85 -73.64
CA GLY LA 220 -38.71 32.26 -74.88
C GLY LA 220 -39.90 33.04 -75.41
N VAL LA 221 -40.93 32.35 -75.92
CA VAL LA 221 -42.08 33.04 -76.53
C VAL LA 221 -43.27 32.80 -75.61
N GLY LA 222 -43.82 33.85 -75.05
CA GLY LA 222 -44.98 33.78 -74.19
C GLY LA 222 -44.72 34.05 -72.73
N ASN LA 223 -43.48 34.28 -72.34
CA ASN LA 223 -43.13 34.62 -70.97
C ASN LA 223 -42.58 36.04 -70.93
N SER LA 224 -43.19 36.89 -70.10
CA SER LA 224 -42.75 38.27 -70.01
C SER LA 224 -41.40 38.36 -69.32
N SER LA 225 -40.54 39.24 -69.86
CA SER LA 225 -39.19 39.43 -69.33
C SER LA 225 -39.07 40.69 -68.48
N GLY LA 226 -40.19 41.33 -68.15
CA GLY LA 226 -40.14 42.51 -67.31
C GLY LA 226 -41.54 42.99 -66.99
N ASN LA 227 -41.60 43.98 -66.11
CA ASN LA 227 -42.85 44.57 -65.66
C ASN LA 227 -42.80 46.08 -65.84
N TRP LA 228 -43.97 46.70 -65.78
CA TRP LA 228 -44.09 48.14 -65.92
C TRP LA 228 -43.86 48.80 -64.57
N HIS LA 229 -42.77 49.55 -64.47
CA HIS LA 229 -42.43 50.26 -63.20
C HIS LA 229 -42.32 51.75 -63.52
N CYS LA 230 -43.41 52.50 -63.32
CA CYS LA 230 -43.38 53.96 -63.52
C CYS LA 230 -43.90 54.59 -62.24
N ASP LA 231 -43.02 55.20 -61.44
CA ASP LA 231 -43.45 55.75 -60.13
C ASP LA 231 -42.31 56.53 -59.47
N SER LA 232 -42.58 57.17 -58.32
CA SER LA 232 -41.48 57.81 -57.61
C SER LA 232 -41.66 57.60 -56.12
N THR LA 233 -40.54 57.40 -55.42
CA THR LA 233 -40.54 57.17 -53.98
C THR LA 233 -39.68 58.25 -53.33
N TRP LA 234 -40.26 58.96 -52.38
CA TRP LA 234 -39.55 59.98 -51.61
C TRP LA 234 -39.22 59.42 -50.24
N MET LA 235 -37.92 59.32 -49.94
CA MET LA 235 -37.48 58.76 -48.64
C MET LA 235 -36.41 59.68 -48.05
N GLY LA 236 -36.81 60.60 -47.19
CA GLY LA 236 -35.86 61.50 -46.55
C GLY LA 236 -35.18 62.40 -47.56
N ASP LA 237 -33.85 62.32 -47.62
CA ASP LA 237 -33.04 63.12 -48.51
C ASP LA 237 -32.83 62.47 -49.87
N ARG LA 238 -33.72 61.55 -50.28
CA ARG LA 238 -33.61 60.89 -51.56
C ARG LA 238 -34.97 60.84 -52.23
N VAL LA 239 -34.98 60.91 -53.55
CA VAL LA 239 -36.15 60.62 -54.36
C VAL LA 239 -35.72 59.75 -55.52
N THR LA 240 -36.38 58.60 -55.67
CA THR LA 240 -36.09 57.67 -56.74
C THR LA 240 -37.23 57.70 -57.74
N THR LA 241 -36.94 58.15 -58.96
CA THR LA 241 -37.92 58.24 -60.03
C THR LA 241 -37.70 57.10 -61.02
N THR LA 242 -38.76 56.37 -61.34
CA THR LA 242 -38.72 55.28 -62.30
C THR LA 242 -39.71 55.56 -63.41
N SER LA 243 -39.30 55.30 -64.64
CA SER LA 243 -40.15 55.56 -65.81
C SER LA 243 -40.08 54.38 -66.75
N THR LA 244 -41.23 54.03 -67.34
CA THR LA 244 -41.31 53.00 -68.37
C THR LA 244 -42.01 53.56 -69.60
N ARG LA 245 -41.48 53.26 -70.77
CA ARG LA 245 -42.05 53.72 -72.03
C ARG LA 245 -42.03 52.58 -73.03
N THR LA 246 -42.88 52.71 -74.05
CA THR LA 246 -42.90 51.77 -75.16
C THR LA 246 -42.22 52.42 -76.35
N TRP LA 247 -41.20 51.75 -76.90
CA TRP LA 247 -40.41 52.28 -77.99
C TRP LA 247 -40.60 51.46 -79.26
N ALA LA 248 -40.35 52.12 -80.39
CA ALA LA 248 -40.36 51.47 -81.69
C ALA LA 248 -39.06 51.79 -82.40
N LEU LA 249 -38.38 50.74 -82.88
CA LEU LA 249 -37.08 50.89 -83.52
C LEU LA 249 -37.16 50.38 -84.96
N PRO LA 250 -37.09 51.24 -85.96
CA PRO LA 250 -37.10 50.79 -87.35
C PRO LA 250 -35.71 50.34 -87.78
N THR LA 251 -35.60 49.98 -89.05
CA THR LA 251 -34.30 49.71 -89.67
C THR LA 251 -33.78 51.01 -90.29
N TYR LA 252 -32.59 51.41 -89.87
CA TYR LA 252 -32.03 52.69 -90.28
C TYR LA 252 -30.96 52.48 -91.36
N ASN LA 253 -31.04 53.32 -92.40
CA ASN LA 253 -30.09 53.32 -93.51
C ASN LA 253 -30.06 52.01 -94.27
N ASN LA 254 -31.08 51.17 -94.10
CA ASN LA 254 -31.12 49.83 -94.69
C ASN LA 254 -29.87 49.03 -94.31
N HIS LA 255 -29.57 49.03 -93.01
CA HIS LA 255 -28.46 48.28 -92.42
C HIS LA 255 -27.09 48.74 -92.92
N LEU LA 256 -26.96 50.01 -93.31
CA LEU LA 256 -25.73 50.50 -93.92
C LEU LA 256 -25.15 51.66 -93.14
N TYR LA 257 -23.84 51.86 -93.30
CA TYR LA 257 -23.20 53.08 -92.76
C TYR LA 257 -23.00 53.96 -93.99
N LYS LA 258 -23.43 55.20 -93.95
CA LYS LA 258 -23.36 56.15 -95.05
C LYS LA 258 -22.58 57.37 -94.64
N GLN LA 259 -21.58 57.73 -95.44
CA GLN LA 259 -20.86 58.98 -95.21
C GLN LA 259 -21.78 60.16 -95.53
N ILE LA 260 -21.84 61.11 -94.62
CA ILE LA 260 -22.68 62.29 -94.78
C ILE LA 260 -21.80 63.53 -94.68
N SER LA 261 -22.25 64.60 -95.33
CA SER LA 261 -21.51 65.86 -95.32
C SER LA 261 -22.48 66.98 -95.66
N SER LA 262 -22.03 68.21 -95.43
CA SER LA 262 -22.84 69.37 -95.75
C SER LA 262 -23.05 69.48 -97.25
N GLN LA 263 -24.19 70.05 -97.61
CA GLN LA 263 -24.53 70.17 -99.05
C GLN LA 263 -23.58 71.15 -99.71
N SER LA 264 -23.31 70.93 -100.99
CA SER LA 264 -22.49 71.91 -101.74
C SER LA 264 -23.27 73.21 -101.80
N GLY LA 265 -22.57 74.33 -101.71
CA GLY LA 265 -23.16 75.65 -101.70
C GLY LA 265 -23.50 76.18 -100.32
N ALA LA 266 -23.35 75.37 -99.28
CA ALA LA 266 -23.59 75.84 -97.92
C ALA LA 266 -22.50 76.82 -97.50
N SER LA 267 -22.83 77.66 -96.53
CA SER LA 267 -21.86 78.61 -96.01
C SER LA 267 -20.77 77.85 -95.24
N ASN LA 268 -19.64 78.54 -95.03
CA ASN LA 268 -18.53 77.91 -94.32
C ASN LA 268 -18.91 77.57 -92.88
N ASP LA 269 -19.76 78.39 -92.25
CA ASP LA 269 -20.16 78.11 -90.88
C ASP LA 269 -21.01 76.85 -90.79
N ASN LA 270 -21.69 76.47 -91.87
CA ASN LA 270 -22.58 75.32 -91.87
C ASN LA 270 -21.95 74.08 -92.47
N HIS LA 271 -20.66 74.12 -92.82
CA HIS LA 271 -20.00 72.96 -93.39
C HIS LA 271 -19.73 71.91 -92.30
N TYR LA 272 -19.91 70.64 -92.67
CA TYR LA 272 -19.66 69.56 -91.73
C TYR LA 272 -19.38 68.27 -92.51
N PHE LA 273 -18.80 67.31 -91.81
CA PHE LA 273 -18.53 65.98 -92.34
C PHE LA 273 -18.73 64.98 -91.22
N GLY LA 274 -19.32 63.84 -91.54
CA GLY LA 274 -19.58 62.84 -90.52
C GLY LA 274 -20.09 61.56 -91.15
N TYR LA 275 -20.61 60.69 -90.29
CA TYR LA 275 -21.13 59.39 -90.72
C TYR LA 275 -22.47 59.13 -90.08
N SER LA 276 -23.36 58.49 -90.84
CA SER LA 276 -24.66 58.06 -90.36
C SER LA 276 -24.63 56.54 -90.14
N THR LA 277 -25.04 56.10 -88.97
CA THR LA 277 -24.98 54.70 -88.63
C THR LA 277 -26.37 54.07 -88.67
N PRO LA 278 -26.48 52.77 -88.89
CA PRO LA 278 -27.77 52.09 -88.85
C PRO LA 278 -28.30 51.86 -87.44
N TRP LA 279 -27.60 52.33 -86.42
CA TRP LA 279 -27.99 52.11 -85.04
C TRP LA 279 -28.89 53.25 -84.55
N GLY LA 280 -29.65 52.95 -83.50
CA GLY LA 280 -30.38 53.94 -82.75
C GLY LA 280 -29.81 54.04 -81.35
N TYR LA 281 -30.30 55.04 -80.60
CA TYR LA 281 -29.84 55.25 -79.25
C TYR LA 281 -31.00 55.66 -78.37
N PHE LA 282 -30.92 55.28 -77.09
CA PHE LA 282 -31.95 55.63 -76.11
C PHE LA 282 -31.52 56.88 -75.35
N ASP LA 283 -32.34 57.92 -75.43
CA ASP LA 283 -32.05 59.21 -74.80
C ASP LA 283 -33.07 59.46 -73.71
N PHE LA 284 -32.59 59.71 -72.49
CA PHE LA 284 -33.44 60.17 -71.40
C PHE LA 284 -32.80 61.35 -70.69
N ASN LA 285 -32.11 62.21 -71.44
CA ASN LA 285 -31.42 63.37 -70.89
C ASN LA 285 -32.32 64.60 -70.83
N ARG LA 286 -33.51 64.43 -70.26
CA ARG LA 286 -34.44 65.53 -70.02
C ARG LA 286 -35.19 65.21 -68.74
N PHE LA 287 -35.48 66.24 -67.93
CA PHE LA 287 -36.08 65.98 -66.60
C PHE LA 287 -37.50 65.42 -66.71
N HIS LA 288 -38.24 65.79 -67.76
CA HIS LA 288 -39.64 65.34 -67.94
C HIS LA 288 -39.69 63.82 -68.16
N CYS LA 289 -38.56 63.20 -68.52
CA CYS LA 289 -38.48 61.74 -68.76
C CYS LA 289 -38.53 60.98 -67.44
N HIS LA 290 -38.29 61.67 -66.31
CA HIS LA 290 -38.26 61.02 -65.00
C HIS LA 290 -39.19 61.66 -63.99
N PHE LA 291 -39.44 62.96 -64.07
CA PHE LA 291 -40.25 63.68 -63.11
C PHE LA 291 -41.60 64.03 -63.72
N SER LA 292 -42.67 63.68 -63.02
CA SER LA 292 -43.98 64.21 -63.37
C SER LA 292 -44.06 65.67 -62.93
N PRO LA 293 -45.00 66.44 -63.48
CA PRO LA 293 -45.14 67.83 -63.04
C PRO LA 293 -45.40 67.97 -61.54
N ARG LA 294 -46.19 67.07 -60.95
CA ARG LA 294 -46.36 67.07 -59.50
C ARG LA 294 -45.05 66.74 -58.80
N ASP LA 295 -44.28 65.80 -59.34
CA ASP LA 295 -42.96 65.50 -58.78
C ASP LA 295 -42.03 66.70 -58.86
N TRP LA 296 -42.06 67.42 -59.98
CA TRP LA 296 -41.25 68.62 -60.12
C TRP LA 296 -41.67 69.69 -59.11
N GLN LA 297 -42.98 69.87 -58.92
CA GLN LA 297 -43.44 70.86 -57.95
C GLN LA 297 -43.04 70.47 -56.54
N ARG LA 298 -43.12 69.18 -56.22
CA ARG LA 298 -42.65 68.70 -54.91
C ARG LA 298 -41.16 68.91 -54.74
N LEU LA 299 -40.39 68.75 -55.82
CA LEU LA 299 -38.94 68.94 -55.72
C LEU LA 299 -38.56 70.39 -55.54
N ILE LA 300 -39.15 71.29 -56.34
CA ILE LA 300 -38.66 72.66 -56.40
C ILE LA 300 -39.23 73.53 -55.28
N ASN LA 301 -40.35 73.16 -54.68
CA ASN LA 301 -40.95 73.96 -53.62
C ASN LA 301 -40.42 73.63 -52.24
N ASN LA 302 -39.59 72.61 -52.10
CA ASN LA 302 -39.17 72.14 -50.79
C ASN LA 302 -37.68 71.90 -50.64
N ASN LA 303 -36.91 71.94 -51.71
CA ASN LA 303 -35.49 71.60 -51.67
C ASN LA 303 -34.65 72.76 -52.16
N TRP LA 304 -33.50 72.96 -51.51
CA TRP LA 304 -32.51 73.95 -51.93
C TRP LA 304 -31.53 73.41 -52.96
N GLY LA 305 -31.58 72.12 -53.27
CA GLY LA 305 -30.70 71.56 -54.26
C GLY LA 305 -30.98 70.09 -54.48
N PHE LA 306 -30.47 69.58 -55.60
CA PHE LA 306 -30.59 68.16 -55.92
C PHE LA 306 -29.50 67.79 -56.92
N ARG LA 307 -29.21 66.49 -56.98
CA ARG LA 307 -28.20 65.96 -57.89
C ARG LA 307 -28.47 64.48 -58.09
N PRO LA 308 -28.16 63.94 -59.27
CA PRO LA 308 -28.32 62.50 -59.49
C PRO LA 308 -27.23 61.70 -58.80
N LYS LA 309 -27.60 60.49 -58.38
CA LYS LA 309 -26.71 59.60 -57.64
C LYS LA 309 -26.39 58.33 -58.39
N ARG LA 310 -27.40 57.61 -58.87
CA ARG LA 310 -27.20 56.39 -59.62
C ARG LA 310 -28.43 56.13 -60.48
N LEU LA 311 -28.26 55.32 -61.51
CA LEU LA 311 -29.36 54.98 -62.40
C LEU LA 311 -29.35 53.50 -62.73
N ASN LA 312 -30.53 52.98 -63.09
CA ASN LA 312 -30.69 51.57 -63.53
C ASN LA 312 -31.48 51.62 -64.83
N PHE LA 313 -31.09 50.83 -65.84
CA PHE LA 313 -31.68 50.83 -67.17
C PHE LA 313 -32.07 49.40 -67.52
N LYS LA 314 -33.23 49.29 -68.17
CA LYS LA 314 -33.68 47.95 -68.59
C LYS LA 314 -34.44 47.95 -69.92
N LEU LA 315 -34.14 47.00 -70.79
CA LEU LA 315 -34.90 46.75 -72.01
C LEU LA 315 -35.51 45.36 -71.90
N PHE LA 316 -36.81 45.25 -72.20
CA PHE LA 316 -37.51 44.00 -71.99
C PHE LA 316 -38.73 43.94 -72.89
N ASN LA 317 -39.36 42.76 -72.93
CA ASN LA 317 -40.54 42.51 -73.75
C ASN LA 317 -40.29 42.89 -75.20
N ILE LA 318 -39.15 42.44 -75.72
CA ILE LA 318 -38.71 42.81 -77.06
C ILE LA 318 -39.43 41.94 -78.09
N GLN LA 319 -40.08 42.60 -79.05
CA GLN LA 319 -40.80 41.93 -80.12
C GLN LA 319 -40.24 42.42 -81.45
N VAL LA 320 -39.85 41.48 -82.30
CA VAL LA 320 -39.39 41.79 -83.64
C VAL LA 320 -40.52 41.47 -84.62
N LYS LA 321 -40.94 42.46 -85.37
CA LYS LA 321 -42.05 42.33 -86.31
C LYS LA 321 -41.52 42.39 -87.73
N GLU LA 322 -41.91 41.42 -88.56
CA GLU LA 322 -41.55 41.39 -89.96
C GLU LA 322 -42.66 42.02 -90.78
N VAL LA 323 -42.30 42.97 -91.64
CA VAL LA 323 -43.24 43.71 -92.47
C VAL LA 323 -43.08 43.26 -93.92
N THR LA 324 -44.17 42.90 -94.56
CA THR LA 324 -44.18 42.53 -95.96
C THR LA 324 -45.24 43.34 -96.69
N GLN LA 325 -45.02 43.55 -97.98
CA GLN LA 325 -45.93 44.35 -98.80
C GLN LA 325 -46.12 43.63 -100.13
N ASN LA 326 -47.31 43.04 -100.32
CA ASN LA 326 -47.61 42.28 -101.52
C ASN LA 326 -48.89 42.83 -102.13
N ASP LA 327 -48.80 43.28 -103.39
CA ASP LA 327 -49.94 43.81 -104.13
C ASP LA 327 -50.63 44.96 -103.38
N GLY LA 328 -49.83 45.83 -102.76
CA GLY LA 328 -50.36 46.98 -102.08
C GLY LA 328 -50.90 46.74 -100.69
N THR LA 329 -50.69 45.56 -100.12
CA THR LA 329 -51.18 45.22 -98.80
C THR LA 329 -50.01 45.11 -97.82
N THR LA 330 -50.12 45.81 -96.70
CA THR LA 330 -49.11 45.77 -95.65
C THR LA 330 -49.51 44.74 -94.60
N THR LA 331 -48.69 43.69 -94.48
CA THR LA 331 -48.94 42.61 -93.53
C THR LA 331 -47.80 42.56 -92.53
N ILE LA 332 -48.14 42.55 -91.24
CA ILE LA 332 -47.16 42.52 -90.16
C ILE LA 332 -47.34 41.22 -89.39
N ALA LA 333 -46.25 40.48 -89.22
CA ALA LA 333 -46.25 39.22 -88.51
C ALA LA 333 -45.07 39.16 -87.56
N ASN LA 334 -45.19 38.33 -86.53
CA ASN LA 334 -44.11 38.18 -85.57
C ASN LA 334 -42.93 37.44 -86.17
N ASN LA 335 -41.74 37.80 -85.71
CA ASN LA 335 -40.50 37.10 -86.04
C ASN LA 335 -39.85 36.71 -84.72
N LEU LA 336 -40.12 35.47 -84.27
CA LEU LA 336 -39.67 35.05 -82.95
C LEU LA 336 -38.20 34.66 -82.90
N THR LA 337 -37.54 34.55 -84.05
CA THR LA 337 -36.13 34.16 -84.08
C THR LA 337 -35.18 35.31 -84.36
N SER LA 338 -35.68 36.49 -84.68
CA SER LA 338 -34.82 37.63 -84.93
C SER LA 338 -34.35 38.25 -83.61
N THR LA 339 -33.22 38.94 -83.68
CA THR LA 339 -32.59 39.54 -82.51
C THR LA 339 -32.47 41.05 -82.69
N VAL LA 340 -32.17 41.72 -81.58
CA VAL LA 340 -31.78 43.11 -81.57
C VAL LA 340 -30.46 43.21 -80.79
N GLN LA 341 -29.52 43.98 -81.32
CA GLN LA 341 -28.22 44.15 -80.71
C GLN LA 341 -28.21 45.40 -79.83
N VAL LA 342 -27.83 45.23 -78.57
CA VAL LA 342 -27.79 46.31 -77.59
C VAL LA 342 -26.44 46.31 -76.91
N PHE LA 343 -25.81 47.47 -76.84
CA PHE LA 343 -24.60 47.62 -76.05
C PHE LA 343 -24.51 49.04 -75.53
N THR LA 344 -23.83 49.20 -74.39
CA THR LA 344 -23.60 50.50 -73.78
C THR LA 344 -22.14 50.89 -73.98
N ASP LA 345 -21.92 52.14 -74.40
CA ASP LA 345 -20.58 52.66 -74.62
C ASP LA 345 -20.00 53.13 -73.29
N SER LA 346 -19.67 52.17 -72.42
CA SER LA 346 -19.21 52.50 -71.05
C SER LA 346 -17.76 52.97 -71.03
N GLU LA 347 -17.01 52.72 -72.11
CA GLU LA 347 -15.65 53.23 -72.19
C GLU LA 347 -15.56 54.56 -72.93
N TYR LA 348 -16.70 55.09 -73.40
CA TYR LA 348 -16.75 56.39 -74.07
C TYR LA 348 -15.81 56.44 -75.26
N GLN LA 349 -15.81 55.38 -76.06
CA GLN LA 349 -15.01 55.31 -77.27
C GLN LA 349 -15.73 55.83 -78.51
N LEU LA 350 -17.00 56.16 -78.40
CA LEU LA 350 -17.79 56.70 -79.49
C LEU LA 350 -18.07 58.18 -79.27
N PRO LA 351 -18.28 58.94 -80.33
CA PRO LA 351 -18.65 60.36 -80.16
C PRO LA 351 -19.93 60.49 -79.36
N TYR LA 352 -19.88 61.29 -78.30
CA TYR LA 352 -21.00 61.45 -77.38
C TYR LA 352 -21.96 62.48 -77.95
N VAL LA 353 -23.07 62.01 -78.53
CA VAL LA 353 -24.06 62.89 -79.12
C VAL LA 353 -25.18 63.25 -78.15
N LEU LA 354 -25.26 62.59 -77.01
CA LEU LA 354 -26.15 63.04 -75.95
C LEU LA 354 -25.66 64.35 -75.38
N GLY LA 355 -26.58 65.15 -74.85
CA GLY LA 355 -26.23 66.45 -74.32
C GLY LA 355 -26.18 67.56 -75.34
N SER LA 356 -26.66 67.33 -76.57
CA SER LA 356 -26.77 68.37 -77.58
C SER LA 356 -28.21 68.83 -77.78
N ALA LA 357 -29.09 68.53 -76.81
CA ALA LA 357 -30.49 68.96 -76.84
C ALA LA 357 -31.21 68.44 -78.09
N HIS LA 358 -31.05 67.14 -78.35
CA HIS LA 358 -31.65 66.51 -79.52
C HIS LA 358 -33.00 65.90 -79.18
N GLN LA 359 -33.87 65.87 -80.19
CA GLN LA 359 -35.18 65.24 -80.06
C GLN LA 359 -35.04 63.72 -80.07
N GLY LA 360 -36.09 63.04 -79.65
CA GLY LA 360 -36.09 61.60 -79.57
C GLY LA 360 -35.98 61.03 -78.17
N CYS LA 361 -36.17 61.83 -77.14
CA CYS LA 361 -36.08 61.36 -75.77
C CYS LA 361 -37.31 60.54 -75.40
N LEU LA 362 -37.31 60.06 -74.17
CA LEU LA 362 -38.50 59.41 -73.62
C LEU LA 362 -39.60 60.46 -73.46
N PRO LA 363 -40.80 60.22 -73.99
CA PRO LA 363 -41.83 61.24 -73.93
C PRO LA 363 -42.22 61.55 -72.50
N PRO LA 364 -42.56 62.81 -72.20
CA PRO LA 364 -42.93 63.16 -70.82
C PRO LA 364 -44.14 62.40 -70.30
N PHE LA 365 -45.11 62.11 -71.15
CA PHE LA 365 -46.29 61.37 -70.74
C PHE LA 365 -46.03 59.88 -70.82
N PRO LA 366 -46.23 59.13 -69.74
CA PRO LA 366 -45.88 57.70 -69.76
C PRO LA 366 -46.67 56.87 -70.75
N ALA LA 367 -47.81 57.36 -71.23
CA ALA LA 367 -48.64 56.61 -72.16
C ALA LA 367 -48.25 56.78 -73.62
N ASP LA 368 -47.29 57.66 -73.92
CA ASP LA 368 -46.89 57.92 -75.29
C ASP LA 368 -45.85 56.91 -75.77
N VAL LA 369 -45.96 56.53 -77.04
CA VAL LA 369 -45.01 55.62 -77.68
C VAL LA 369 -44.10 56.45 -78.58
N PHE LA 370 -42.79 56.21 -78.49
CA PHE LA 370 -41.80 57.02 -79.17
C PHE LA 370 -40.90 56.18 -80.06
N MET LA 371 -40.42 56.80 -81.13
CA MET LA 371 -39.46 56.18 -82.03
C MET LA 371 -38.04 56.42 -81.52
N VAL LA 372 -37.20 55.41 -81.67
CA VAL LA 372 -35.80 55.49 -81.25
C VAL LA 372 -35.02 56.32 -82.26
N PRO LA 373 -34.37 57.41 -81.84
CA PRO LA 373 -33.65 58.25 -82.81
C PRO LA 373 -32.44 57.55 -83.40
N GLN LA 374 -32.12 57.92 -84.64
CA GLN LA 374 -30.98 57.34 -85.34
C GLN LA 374 -29.67 57.95 -84.84
N TYR LA 375 -28.68 57.11 -84.61
CA TYR LA 375 -27.38 57.58 -84.13
C TYR LA 375 -26.51 58.04 -85.29
N GLY LA 376 -25.84 59.17 -85.09
CA GLY LA 376 -24.93 59.70 -86.08
C GLY LA 376 -23.97 60.66 -85.40
N TYR LA 377 -22.79 60.80 -86.00
CA TYR LA 377 -21.75 61.63 -85.41
C TYR LA 377 -21.04 62.42 -86.50
N LEU LA 378 -20.40 63.50 -86.08
CA LEU LA 378 -19.59 64.33 -86.95
C LEU LA 378 -18.13 64.24 -86.56
N THR LA 379 -17.26 64.34 -87.57
CA THR LA 379 -15.82 64.33 -87.33
C THR LA 379 -15.21 65.57 -87.99
N LEU LA 380 -13.89 65.63 -88.02
CA LEU LA 380 -13.18 66.81 -88.58
C LEU LA 380 -13.54 66.99 -90.05
N ASN LA 381 -13.69 68.23 -90.49
CA ASN LA 381 -14.00 68.51 -91.91
C ASN LA 381 -13.24 69.73 -92.39
N ASN LA 382 -12.74 69.70 -93.63
CA ASN LA 382 -12.16 70.91 -94.24
C ASN LA 382 -13.19 71.30 -95.29
N GLY LA 383 -14.23 72.03 -94.91
CA GLY LA 383 -15.32 72.30 -95.85
C GLY LA 383 -16.26 71.10 -95.85
N SER LA 384 -16.74 70.68 -97.03
CA SER LA 384 -17.56 69.49 -97.10
C SER LA 384 -16.74 68.21 -97.14
N GLN LA 385 -15.42 68.31 -97.25
CA GLN LA 385 -14.54 67.16 -97.32
C GLN LA 385 -14.01 66.80 -95.93
N ALA LA 386 -13.27 65.70 -95.88
CA ALA LA 386 -12.65 65.23 -94.66
C ALA LA 386 -11.14 65.45 -94.70
N VAL LA 387 -10.51 65.29 -93.55
CA VAL LA 387 -9.06 65.37 -93.43
C VAL LA 387 -8.54 64.01 -92.94
N GLY LA 388 -7.21 63.89 -92.91
CA GLY LA 388 -6.60 62.64 -92.49
C GLY LA 388 -6.86 62.30 -91.04
N ARG LA 389 -7.13 63.31 -90.22
CA ARG LA 389 -7.39 63.11 -88.80
C ARG LA 389 -8.84 62.70 -88.52
N SER LA 390 -9.72 62.76 -89.52
CA SER LA 390 -11.11 62.37 -89.32
C SER LA 390 -11.20 60.89 -88.94
N SER LA 391 -12.07 60.59 -87.99
CA SER LA 391 -12.22 59.25 -87.44
C SER LA 391 -13.51 58.62 -87.92
N PHE LA 392 -13.43 57.33 -88.25
CA PHE LA 392 -14.59 56.53 -88.61
C PHE LA 392 -14.78 55.45 -87.56
N TYR LA 393 -16.04 55.24 -87.15
CA TYR LA 393 -16.37 54.28 -86.12
C TYR LA 393 -17.42 53.31 -86.63
N CYS LA 394 -17.11 52.02 -86.56
CA CYS LA 394 -18.06 50.96 -86.82
C CYS LA 394 -18.57 50.42 -85.50
N LEU LA 395 -19.89 50.55 -85.28
CA LEU LA 395 -20.49 50.14 -84.02
C LEU LA 395 -20.63 48.64 -83.89
N GLU LA 396 -20.48 47.88 -84.98
CA GLU LA 396 -20.43 46.43 -84.91
C GLU LA 396 -19.07 45.93 -84.46
N TYR LA 397 -18.09 46.83 -84.28
CA TYR LA 397 -16.73 46.47 -83.80
C TYR LA 397 -16.72 46.49 -82.27
N PHE LA 398 -17.86 46.74 -81.66
CA PHE LA 398 -18.08 46.69 -80.22
C PHE LA 398 -18.78 45.39 -79.85
N PRO LA 399 -18.47 44.82 -78.68
CA PRO LA 399 -19.25 43.67 -78.21
C PRO LA 399 -20.66 44.10 -77.81
N SER LA 400 -21.66 43.45 -78.39
CA SER LA 400 -23.05 43.78 -78.14
C SER LA 400 -23.80 42.52 -77.73
N GLN LA 401 -24.89 42.71 -77.01
CA GLN LA 401 -25.73 41.63 -76.53
C GLN LA 401 -26.90 41.44 -77.48
N MET LA 402 -27.11 40.20 -77.94
CA MET LA 402 -28.16 39.88 -78.88
C MET LA 402 -29.38 39.37 -78.10
N LEU LA 403 -30.54 39.97 -78.38
CA LEU LA 403 -31.75 39.69 -77.61
C LEU LA 403 -32.85 39.23 -78.55
N ARG LA 404 -33.33 38.01 -78.33
CA ARG LA 404 -34.53 37.52 -79.00
C ARG LA 404 -35.76 37.92 -78.19
N THR LA 405 -36.94 37.51 -78.65
CA THR LA 405 -38.17 37.73 -77.84
C THR LA 405 -38.05 36.82 -76.63
N GLY LA 406 -38.04 37.39 -75.44
CA GLY LA 406 -37.84 36.67 -74.21
C GLY LA 406 -36.53 36.99 -73.51
N ASN LA 407 -35.63 37.70 -74.16
CA ASN LA 407 -34.39 38.16 -73.54
C ASN LA 407 -34.54 39.61 -73.10
N ASN LA 408 -33.82 39.98 -72.06
CA ASN LA 408 -33.83 41.34 -71.55
C ASN LA 408 -32.41 41.84 -71.37
N PHE LA 409 -32.26 43.16 -71.35
CA PHE LA 409 -30.99 43.82 -71.17
C PHE LA 409 -31.08 44.74 -69.95
N THR LA 410 -29.99 44.83 -69.21
CA THR LA 410 -29.96 45.72 -68.05
C THR LA 410 -28.52 46.14 -67.77
N PHE LA 411 -28.39 47.32 -67.16
CA PHE LA 411 -27.09 47.78 -66.68
C PHE LA 411 -27.33 48.87 -65.64
N SER LA 412 -26.36 49.02 -64.74
CA SER LA 412 -26.41 50.00 -63.67
C SER LA 412 -25.24 50.97 -63.81
N TYR LA 413 -25.50 52.22 -63.46
CA TYR LA 413 -24.51 53.28 -63.57
C TYR LA 413 -24.55 54.13 -62.31
N THR LA 414 -23.37 54.58 -61.86
CA THR LA 414 -23.27 55.46 -60.71
C THR LA 414 -22.74 56.81 -61.16
N PHE LA 415 -23.48 57.86 -60.84
CA PHE LA 415 -23.03 59.21 -61.15
C PHE LA 415 -21.81 59.57 -60.31
N GLU LA 416 -20.90 60.34 -60.91
CA GLU LA 416 -19.80 60.89 -60.14
C GLU LA 416 -20.31 62.00 -59.22
N ASP LA 417 -19.47 62.38 -58.27
CA ASP LA 417 -19.82 63.45 -57.34
C ASP LA 417 -19.91 64.77 -58.09
N VAL LA 418 -21.06 65.42 -58.00
CA VAL LA 418 -21.28 66.70 -58.68
C VAL LA 418 -21.94 67.67 -57.69
N PRO LA 419 -21.77 68.96 -57.88
CA PRO LA 419 -22.41 69.93 -56.99
C PRO LA 419 -23.93 69.86 -57.10
N PHE LA 420 -24.60 70.14 -55.99
CA PHE LA 420 -26.05 70.27 -56.01
C PHE LA 420 -26.46 71.43 -56.91
N HIS LA 421 -27.50 71.22 -57.70
CA HIS LA 421 -28.05 72.32 -58.48
C HIS LA 421 -28.65 73.36 -57.54
N SER LA 422 -28.35 74.63 -57.83
CA SER LA 422 -28.85 75.75 -57.00
C SER LA 422 -30.33 75.99 -57.30
N SER LA 423 -31.21 75.20 -56.70
CA SER LA 423 -32.65 75.35 -56.89
C SER LA 423 -33.23 76.39 -55.92
N TYR LA 424 -32.61 77.57 -55.93
CA TYR LA 424 -33.02 78.67 -55.08
C TYR LA 424 -32.68 79.98 -55.77
N ALA LA 425 -33.35 81.05 -55.34
CA ALA LA 425 -33.04 82.40 -55.76
C ALA LA 425 -32.52 83.18 -54.56
N HIS LA 426 -31.45 83.94 -54.76
CA HIS LA 426 -30.89 84.72 -53.66
C HIS LA 426 -31.83 85.84 -53.27
N SER LA 427 -32.07 85.97 -51.96
CA SER LA 427 -32.89 87.05 -51.42
C SER LA 427 -32.07 88.30 -51.12
N GLN LA 428 -30.77 88.27 -51.40
CA GLN LA 428 -29.91 89.44 -51.28
C GLN LA 428 -29.21 89.68 -52.61
N SER LA 429 -28.91 90.95 -52.88
CA SER LA 429 -28.15 91.32 -54.05
C SER LA 429 -26.67 91.46 -53.66
N LEU LA 430 -25.79 91.20 -54.63
CA LEU LA 430 -24.36 91.25 -54.35
C LEU LA 430 -23.89 92.66 -54.01
N ASP LA 431 -24.64 93.69 -54.42
CA ASP LA 431 -24.23 95.10 -54.15
C ASP LA 431 -24.97 95.64 -52.92
N ARG LA 432 -25.74 94.79 -52.23
CA ARG LA 432 -26.51 95.18 -51.05
C ARG LA 432 -26.28 94.21 -49.91
N LEU LA 433 -25.01 93.87 -49.66
CA LEU LA 433 -24.64 92.91 -48.63
C LEU LA 433 -24.21 93.57 -47.32
N MET LA 434 -24.33 94.88 -47.20
CA MET LA 434 -23.81 95.62 -46.08
C MET LA 434 -24.88 95.85 -45.01
N ASN LA 435 -24.48 96.47 -43.91
CA ASN LA 435 -25.40 96.91 -42.87
C ASN LA 435 -25.78 98.35 -43.16
N PRO LA 436 -27.04 98.64 -43.48
CA PRO LA 436 -27.41 100.02 -43.86
C PRO LA 436 -27.38 101.00 -42.71
N LEU LA 437 -27.26 100.53 -41.47
CA LEU LA 437 -27.31 101.40 -40.30
C LEU LA 437 -25.94 101.95 -39.90
N ILE LA 438 -24.86 101.26 -40.25
CA ILE LA 438 -23.53 101.60 -39.80
C ILE LA 438 -22.70 102.06 -41.00
N ASP LA 439 -21.99 103.17 -40.83
CA ASP LA 439 -21.08 103.63 -41.86
C ASP LA 439 -19.83 102.74 -41.92
N GLN LA 440 -19.17 102.76 -43.07
CA GLN LA 440 -17.90 102.08 -43.22
C GLN LA 440 -16.77 102.95 -42.67
N TYR LA 441 -15.73 102.29 -42.17
CA TYR LA 441 -14.54 103.01 -41.73
C TYR LA 441 -13.60 103.34 -42.89
N LEU LA 442 -13.81 102.74 -44.05
CA LEU LA 442 -12.98 103.03 -45.21
C LEU LA 442 -13.49 104.28 -45.92
N TYR LA 443 -12.57 104.98 -46.57
CA TYR LA 443 -12.87 106.21 -47.28
C TYR LA 443 -12.80 105.98 -48.79
N TYR LA 444 -13.58 106.76 -49.52
CA TYR LA 444 -13.55 106.76 -50.97
C TYR LA 444 -13.48 108.19 -51.46
N LEU LA 445 -12.87 108.37 -52.63
CA LEU LA 445 -12.79 109.69 -53.25
C LEU LA 445 -14.18 110.14 -53.66
N SER LA 446 -14.74 111.12 -52.95
CA SER LA 446 -16.09 111.58 -53.19
C SER LA 446 -16.15 112.86 -54.02
N ARG LA 447 -15.14 113.71 -53.86
CA ARG LA 447 -15.11 114.96 -54.67
C ARG LA 447 -13.73 115.15 -55.28
N THR LA 448 -13.70 115.79 -56.45
CA THR LA 448 -12.45 116.05 -57.14
C THR LA 448 -12.15 117.54 -57.31
N ASN LA 449 -13.06 118.42 -56.92
CA ASN LA 449 -12.82 119.85 -56.98
C ASN LA 449 -13.69 120.55 -55.94
N THR LA 450 -13.36 121.80 -55.68
CA THR LA 450 -14.13 122.63 -54.76
C THR LA 450 -14.34 124.01 -55.37
N PRO LA 451 -15.43 124.74 -55.00
CA PRO LA 451 -15.62 126.09 -55.50
C PRO LA 451 -14.44 126.97 -55.06
N SER LA 452 -13.76 127.61 -56.02
CA SER LA 452 -12.67 128.54 -55.67
C SER LA 452 -12.94 129.88 -56.35
N GLY LA 453 -13.08 130.95 -55.57
CA GLY LA 453 -13.45 132.25 -56.16
C GLY LA 453 -14.78 132.14 -56.89
N THR LA 454 -14.81 132.53 -58.18
CA THR LA 454 -16.04 132.39 -58.99
C THR LA 454 -15.81 131.27 -60.01
N THR LA 455 -14.66 130.59 -59.93
CA THR LA 455 -14.37 129.44 -60.83
C THR LA 455 -14.31 128.17 -59.98
N THR LA 456 -13.57 127.16 -60.43
CA THR LA 456 -13.39 125.92 -59.64
C THR LA 456 -11.91 125.62 -59.47
N GLN LA 457 -11.55 124.91 -58.41
CA GLN LA 457 -10.15 124.54 -58.18
C GLN LA 457 -10.09 123.06 -57.84
N SER LA 458 -9.07 122.38 -58.39
CA SER LA 458 -8.91 120.96 -58.14
C SER LA 458 -8.57 120.69 -56.68
N ARG LA 459 -9.31 119.78 -56.06
CA ARG LA 459 -9.12 119.46 -54.64
C ARG LA 459 -9.75 118.12 -54.37
N LEU LA 460 -8.94 117.16 -53.90
CA LEU LA 460 -9.44 115.82 -53.60
C LEU LA 460 -10.05 115.78 -52.20
N GLN LA 461 -11.23 115.17 -52.10
CA GLN LA 461 -11.89 114.96 -50.81
C GLN LA 461 -12.39 113.53 -50.73
N PHE LA 462 -12.49 113.03 -49.49
CA PHE LA 462 -12.84 111.64 -49.24
C PHE LA 462 -13.95 111.58 -48.20
N SER LA 463 -14.81 110.58 -48.34
CA SER LA 463 -15.95 110.39 -47.45
C SER LA 463 -16.05 108.93 -47.07
N GLN LA 464 -16.70 108.68 -45.93
CA GLN LA 464 -17.04 107.33 -45.52
C GLN LA 464 -18.43 106.99 -46.04
N ALA LA 465 -18.56 105.82 -46.65
CA ALA LA 465 -19.80 105.44 -47.31
C ALA LA 465 -20.80 104.89 -46.30
N GLY LA 466 -22.05 105.30 -46.43
CA GLY LA 466 -23.15 104.81 -45.62
C GLY LA 466 -24.32 104.42 -46.50
N ALA LA 467 -25.53 104.65 -45.98
CA ALA LA 467 -26.73 104.29 -46.72
C ALA LA 467 -27.06 105.28 -47.83
N SER LA 468 -26.79 106.58 -47.60
CA SER LA 468 -27.16 107.59 -48.58
C SER LA 468 -26.32 107.49 -49.84
N ASP LA 469 -25.05 107.10 -49.71
CA ASP LA 469 -24.17 106.91 -50.85
C ASP LA 469 -23.77 105.45 -50.93
N ILE LA 470 -24.76 104.57 -50.81
CA ILE LA 470 -24.56 103.12 -50.72
C ILE LA 470 -23.84 102.57 -51.95
N ARG LA 471 -23.90 103.26 -53.09
CA ARG LA 471 -23.26 102.77 -54.29
C ARG LA 471 -21.74 102.86 -54.23
N ASP LA 472 -21.19 103.67 -53.33
CA ASP LA 472 -19.76 103.90 -53.23
C ASP LA 472 -19.09 103.03 -52.16
N GLN LA 473 -19.83 102.13 -51.53
CA GLN LA 473 -19.28 101.33 -50.45
C GLN LA 473 -18.22 100.36 -50.97
N SER LA 474 -17.16 100.19 -50.19
CA SER LA 474 -16.13 99.21 -50.52
C SER LA 474 -16.69 97.80 -50.38
N ARG LA 475 -16.39 96.95 -51.35
CA ARG LA 475 -16.97 95.62 -51.42
C ARG LA 475 -15.88 94.59 -51.65
N ASN LA 476 -16.18 93.35 -51.31
CA ASN LA 476 -15.22 92.25 -51.39
C ASN LA 476 -15.39 91.39 -52.64
N TRP LA 477 -16.50 91.51 -53.36
CA TRP LA 477 -16.82 90.60 -54.44
C TRP LA 477 -17.28 91.36 -55.67
N LEU LA 478 -17.33 90.66 -56.80
CA LEU LA 478 -17.70 91.21 -58.09
C LEU LA 478 -18.73 90.31 -58.76
N PRO LA 479 -19.58 90.89 -59.63
CA PRO LA 479 -20.52 90.05 -60.38
C PRO LA 479 -19.81 89.16 -61.38
N GLY LA 480 -20.46 88.05 -61.73
CA GLY LA 480 -19.88 87.05 -62.58
C GLY LA 480 -19.57 87.53 -63.98
N PRO LA 481 -18.95 86.67 -64.78
CA PRO LA 481 -18.50 87.08 -66.12
C PRO LA 481 -19.67 87.31 -67.06
N CYS LA 482 -19.35 88.05 -68.12
CA CYS LA 482 -20.38 88.52 -69.06
C CYS LA 482 -19.94 88.32 -70.51
N TYR LA 483 -20.89 88.07 -71.41
CA TYR LA 483 -20.62 88.03 -72.86
C TYR LA 483 -21.88 88.61 -73.52
N ARG LA 484 -21.84 89.91 -73.82
CA ARG LA 484 -23.05 90.67 -74.06
C ARG LA 484 -23.87 90.11 -75.22
N GLN LA 485 -25.19 90.09 -75.02
CA GLN LA 485 -26.15 89.66 -76.02
C GLN LA 485 -27.00 90.84 -76.47
N GLN LA 486 -27.49 90.76 -77.70
CA GLN LA 486 -28.42 91.78 -78.19
C GLN LA 486 -29.77 91.63 -77.52
N ARG LA 487 -30.42 92.76 -77.26
CA ARG LA 487 -31.72 92.78 -76.60
C ARG LA 487 -32.84 92.80 -77.63
N VAL LA 488 -33.77 91.85 -77.44
CA VAL LA 488 -34.97 91.75 -78.31
C VAL LA 488 -36.18 91.84 -77.39
N SER LA 489 -37.31 92.32 -77.89
CA SER LA 489 -38.53 92.50 -77.12
C SER LA 489 -39.60 91.53 -77.59
N LYS LA 490 -40.41 91.04 -76.64
CA LYS LA 490 -41.52 90.12 -76.98
C LYS LA 490 -42.60 90.93 -77.73
N THR LA 491 -42.69 92.23 -77.47
CA THR LA 491 -43.61 93.12 -78.24
C THR LA 491 -42.95 93.37 -79.59
N SER LA 492 -43.52 92.88 -80.68
CA SER LA 492 -42.85 92.97 -82.00
C SER LA 492 -42.53 94.40 -82.43
N ALA LA 493 -43.48 95.34 -82.28
CA ALA LA 493 -43.26 96.69 -82.76
C ALA LA 493 -42.01 97.33 -82.14
N ASP LA 494 -41.62 96.87 -80.95
CA ASP LA 494 -40.48 97.45 -80.26
C ASP LA 494 -39.14 97.09 -80.90
N ASN LA 495 -39.11 96.11 -81.80
CA ASN LA 495 -37.88 95.64 -82.40
C ASN LA 495 -37.56 96.41 -83.67
N ASN LA 496 -36.28 96.41 -84.03
CA ASN LA 496 -35.84 97.07 -85.24
C ASN LA 496 -36.38 96.37 -86.48
N ASN LA 497 -36.80 97.14 -87.47
CA ASN LA 497 -37.38 96.59 -88.70
C ASN LA 497 -36.24 96.23 -89.67
N SER LA 498 -35.54 95.15 -89.33
CA SER LA 498 -34.45 94.66 -90.14
C SER LA 498 -34.19 93.21 -89.78
N GLU LA 499 -33.37 92.55 -90.61
CA GLU LA 499 -32.97 91.15 -90.35
C GLU LA 499 -31.64 91.18 -89.61
N TYR LA 500 -31.66 90.97 -88.30
CA TYR LA 500 -30.47 91.04 -87.47
C TYR LA 500 -30.27 89.77 -86.64
N SER LA 501 -30.87 88.65 -87.04
CA SER LA 501 -30.72 87.42 -86.27
C SER LA 501 -29.30 86.87 -86.34
N TRP LA 502 -28.49 87.29 -87.31
CA TRP LA 502 -27.11 86.88 -87.41
C TRP LA 502 -26.12 88.03 -87.37
N THR LA 503 -26.44 89.15 -88.01
CA THR LA 503 -25.53 90.30 -87.98
C THR LA 503 -25.38 90.83 -86.56
N GLY LA 504 -26.47 90.93 -85.81
CA GLY LA 504 -26.45 91.35 -84.43
C GLY LA 504 -26.30 90.23 -83.42
N ALA LA 505 -26.05 89.01 -83.89
CA ALA LA 505 -25.95 87.85 -83.01
C ALA LA 505 -24.60 87.82 -82.31
N THR LA 506 -24.59 87.19 -81.13
CA THR LA 506 -23.37 86.97 -80.37
C THR LA 506 -22.73 85.66 -80.81
N LYS LA 507 -21.48 85.72 -81.24
CA LYS LA 507 -20.83 84.59 -81.90
C LYS LA 507 -19.45 84.36 -81.32
N TYR LA 508 -18.96 83.13 -81.47
CA TYR LA 508 -17.57 82.80 -81.21
C TYR LA 508 -16.95 82.24 -82.48
N HIS LA 509 -15.69 82.56 -82.69
CA HIS LA 509 -14.97 82.23 -83.91
C HIS LA 509 -14.04 81.05 -83.63
N LEU LA 510 -14.16 79.99 -84.41
CA LEU LA 510 -13.38 78.77 -84.22
C LEU LA 510 -13.02 78.19 -85.57
N ASN LA 511 -11.72 78.16 -85.89
CA ASN LA 511 -11.21 77.59 -87.13
C ASN LA 511 -11.85 78.23 -88.35
N GLY LA 512 -12.04 79.55 -88.30
CA GLY LA 512 -12.60 80.28 -89.41
C GLY LA 512 -14.11 80.20 -89.56
N ARG LA 513 -14.77 79.51 -88.64
CA ARG LA 513 -16.26 79.45 -88.72
C ARG LA 513 -16.92 80.10 -87.49
N ASP LA 514 -17.95 80.91 -87.72
CA ASP LA 514 -18.71 81.56 -86.67
C ASP LA 514 -19.83 80.63 -86.20
N SER LA 515 -19.90 80.40 -84.89
CA SER LA 515 -20.97 79.62 -84.28
C SER LA 515 -21.77 80.53 -83.36
N LEU LA 516 -23.08 80.35 -83.36
CA LEU LA 516 -23.94 81.13 -82.48
C LEU LA 516 -23.66 80.77 -81.03
N VAL LA 517 -23.58 81.78 -80.18
CA VAL LA 517 -23.44 81.59 -78.74
C VAL LA 517 -24.85 81.46 -78.18
N ASN LA 518 -25.24 80.24 -77.87
CA ASN LA 518 -26.61 79.95 -77.47
C ASN LA 518 -26.64 78.76 -76.52
N PRO LA 519 -27.03 78.95 -75.26
CA PRO LA 519 -27.44 80.21 -74.62
C PRO LA 519 -26.26 80.98 -74.05
N GLY LA 520 -25.06 80.41 -74.05
CA GLY LA 520 -23.88 81.10 -73.59
C GLY LA 520 -23.75 81.13 -72.09
N PRO LA 521 -22.87 82.00 -71.58
CA PRO LA 521 -22.68 82.11 -70.13
C PRO LA 521 -23.97 82.53 -69.43
N ALA LA 522 -24.14 82.03 -68.22
CA ALA LA 522 -25.36 82.29 -67.45
C ALA LA 522 -25.44 83.76 -67.06
N MET LA 523 -26.45 84.46 -67.58
CA MET LA 523 -26.64 85.87 -67.31
C MET LA 523 -28.13 86.14 -67.15
N ALA LA 524 -28.45 87.20 -66.42
CA ALA LA 524 -29.84 87.57 -66.19
C ALA LA 524 -30.50 88.00 -67.50
N SER LA 525 -31.74 87.54 -67.70
CA SER LA 525 -32.45 87.87 -68.93
C SER LA 525 -32.75 89.36 -69.02
N HIS LA 526 -33.10 89.98 -67.88
CA HIS LA 526 -33.48 91.38 -67.88
C HIS LA 526 -33.34 91.93 -66.47
N LYS LA 527 -33.35 93.25 -66.37
CA LYS LA 527 -33.29 93.94 -65.09
C LYS LA 527 -34.70 94.13 -64.55
N ASP LA 528 -34.83 94.94 -63.50
CA ASP LA 528 -36.14 95.16 -62.89
C ASP LA 528 -37.11 95.80 -63.88
N ASP LA 529 -38.35 95.30 -63.86
CA ASP LA 529 -39.45 95.88 -64.64
C ASP LA 529 -39.16 95.92 -66.13
N GLU LA 530 -38.49 94.88 -66.63
CA GLU LA 530 -38.20 94.77 -68.06
C GLU LA 530 -38.42 93.34 -68.53
N GLU LA 531 -39.50 92.72 -68.06
CA GLU LA 531 -39.75 91.31 -68.35
C GLU LA 531 -40.02 91.05 -69.82
N LYS LA 532 -40.36 92.07 -70.59
CA LYS LA 532 -40.59 91.89 -72.02
C LYS LA 532 -39.31 91.73 -72.81
N PHE LA 533 -38.15 92.03 -72.21
CA PHE LA 533 -36.88 91.95 -72.90
C PHE LA 533 -36.16 90.65 -72.56
N PHE LA 534 -35.59 90.02 -73.57
CA PHE LA 534 -34.79 88.82 -73.39
C PHE LA 534 -33.60 88.87 -74.33
N PRO LA 535 -32.49 88.22 -73.97
CA PRO LA 535 -31.34 88.18 -74.88
C PRO LA 535 -31.66 87.42 -76.15
N GLN LA 536 -31.02 87.84 -77.24
CA GLN LA 536 -31.35 87.30 -78.55
C GLN LA 536 -31.09 85.80 -78.63
N SER LA 537 -29.96 85.35 -78.08
CA SER LA 537 -29.66 83.91 -78.02
C SER LA 537 -29.10 83.56 -76.65
N GLY LA 538 -29.63 84.19 -75.60
CA GLY LA 538 -29.14 83.96 -74.25
C GLY LA 538 -30.06 83.20 -73.33
N VAL LA 539 -31.19 82.69 -73.81
CA VAL LA 539 -32.11 81.93 -73.00
C VAL LA 539 -32.54 80.69 -73.77
N LEU LA 540 -32.93 79.65 -73.03
CA LEU LA 540 -33.52 78.48 -73.65
C LEU LA 540 -34.93 78.80 -74.13
N ILE LA 541 -35.26 78.34 -75.34
CA ILE LA 541 -36.58 78.54 -75.93
C ILE LA 541 -37.16 77.17 -76.22
N PHE LA 542 -38.25 76.83 -75.54
CA PHE LA 542 -38.94 75.57 -75.74
C PHE LA 542 -40.15 75.77 -76.63
N GLY LA 543 -40.45 74.76 -77.44
CA GLY LA 543 -41.60 74.81 -78.31
C GLY LA 543 -42.86 74.31 -77.61
N LYS LA 544 -43.97 74.99 -77.88
CA LYS LA 544 -45.26 74.51 -77.40
C LYS LA 544 -45.66 73.27 -78.18
N GLN LA 545 -46.70 72.59 -77.69
CA GLN LA 545 -47.16 71.37 -78.34
C GLN LA 545 -47.67 71.70 -79.74
N GLY LA 546 -47.24 70.91 -80.71
CA GLY LA 546 -47.64 71.10 -82.10
C GLY LA 546 -46.85 72.14 -82.85
N SER LA 547 -45.78 72.67 -82.25
CA SER LA 547 -45.00 73.75 -82.90
C SER LA 547 -44.16 73.17 -84.04
N GLU LA 548 -44.07 73.89 -85.16
CA GLU LA 548 -43.30 73.44 -86.31
C GLU LA 548 -41.81 73.62 -86.07
N LYS LA 549 -41.02 73.44 -87.11
CA LYS LA 549 -39.57 73.48 -86.98
C LYS LA 549 -38.98 74.81 -87.40
N THR LA 550 -39.50 75.43 -88.46
CA THR LA 550 -38.88 76.60 -89.08
C THR LA 550 -39.79 77.81 -88.95
N ASN LA 551 -39.24 78.90 -88.40
CA ASN LA 551 -39.86 80.22 -88.42
C ASN LA 551 -41.26 80.22 -87.80
N VAL LA 552 -41.37 79.65 -86.61
CA VAL LA 552 -42.61 79.72 -85.86
C VAL LA 552 -42.69 81.06 -85.15
N ASP LA 553 -43.91 81.52 -84.89
CA ASP LA 553 -44.10 82.81 -84.26
C ASP LA 553 -43.73 82.75 -82.78
N ILE LA 554 -43.69 83.92 -82.15
CA ILE LA 554 -43.31 83.99 -80.74
C ILE LA 554 -44.38 83.34 -79.86
N GLU LA 555 -45.66 83.42 -80.27
CA GLU LA 555 -46.72 82.78 -79.51
C GLU LA 555 -46.68 81.26 -79.58
N LYS LA 556 -45.87 80.69 -80.48
CA LYS LA 556 -45.71 79.26 -80.59
C LYS LA 556 -44.59 78.72 -79.71
N VAL LA 557 -43.81 79.58 -79.08
CA VAL LA 557 -42.68 79.16 -78.27
C VAL LA 557 -42.81 79.76 -76.87
N MET LA 558 -42.14 79.12 -75.92
CA MET LA 558 -42.10 79.57 -74.53
C MET LA 558 -40.66 79.93 -74.19
N ILE LA 559 -40.43 81.21 -73.91
CA ILE LA 559 -39.09 81.72 -73.65
C ILE LA 559 -38.85 81.71 -72.15
N THR LA 560 -37.74 81.10 -71.74
CA THR LA 560 -37.42 80.99 -70.32
C THR LA 560 -36.88 82.32 -69.79
N ASP LA 561 -36.89 82.43 -68.46
CA ASP LA 561 -36.40 83.66 -67.81
C ASP LA 561 -35.37 83.29 -66.76
N GLU LA 562 -34.24 83.98 -66.75
CA GLU LA 562 -33.17 83.80 -65.79
C GLU LA 562 -33.01 85.02 -64.91
N GLU LA 563 -34.14 85.57 -64.44
CA GLU LA 563 -34.11 86.77 -63.62
C GLU LA 563 -33.73 86.49 -62.18
N GLU LA 564 -33.83 85.24 -61.73
CA GLU LA 564 -33.51 84.93 -60.34
C GLU LA 564 -32.02 85.06 -60.04
N ILE LA 565 -31.18 85.13 -61.07
CA ILE LA 565 -29.73 85.21 -60.87
C ILE LA 565 -29.19 86.61 -61.10
N ARG LA 566 -30.08 87.61 -61.26
CA ARG LA 566 -29.61 88.97 -61.43
C ARG LA 566 -29.05 89.56 -60.15
N THR LA 567 -29.17 88.86 -59.03
CA THR LA 567 -28.54 89.31 -57.78
C THR LA 567 -27.02 89.24 -57.87
N THR LA 568 -26.48 88.24 -58.56
CA THR LA 568 -25.04 88.07 -58.68
C THR LA 568 -24.53 88.09 -60.11
N ASN LA 569 -25.38 87.91 -61.10
CA ASN LA 569 -24.95 87.84 -62.50
C ASN LA 569 -25.36 89.09 -63.25
N PRO LA 570 -24.50 89.59 -64.13
CA PRO LA 570 -24.86 90.78 -64.91
C PRO LA 570 -25.99 90.48 -65.88
N VAL LA 571 -26.76 91.53 -66.19
CA VAL LA 571 -27.81 91.40 -67.18
C VAL LA 571 -27.19 91.12 -68.55
N ALA LA 572 -27.79 90.18 -69.28
CA ALA LA 572 -27.19 89.69 -70.51
C ALA LA 572 -27.05 90.78 -71.56
N THR LA 573 -28.02 91.68 -71.63
CA THR LA 573 -28.07 92.68 -72.69
C THR LA 573 -27.36 93.98 -72.33
N GLU LA 574 -26.76 94.06 -71.16
CA GLU LA 574 -26.10 95.28 -70.71
C GLU LA 574 -24.61 95.00 -70.50
N GLN LA 575 -23.85 96.09 -70.35
CA GLN LA 575 -22.42 95.97 -70.12
C GLN LA 575 -22.14 95.47 -68.71
N TYR LA 576 -20.98 94.84 -68.54
CA TYR LA 576 -20.54 94.44 -67.21
C TYR LA 576 -20.28 95.66 -66.33
N GLY LA 577 -19.67 96.69 -66.89
CA GLY LA 577 -19.32 97.87 -66.11
C GLY LA 577 -18.52 98.84 -66.95
N SER LA 578 -17.73 99.66 -66.26
CA SER LA 578 -16.90 100.66 -66.91
C SER LA 578 -15.48 100.61 -66.35
N VAL LA 579 -14.51 100.88 -67.22
CA VAL LA 579 -13.11 100.95 -66.84
C VAL LA 579 -12.53 102.24 -67.40
N SER LA 580 -11.45 102.70 -66.77
CA SER LA 580 -10.75 103.87 -67.26
C SER LA 580 -9.94 103.53 -68.52
N THR LA 581 -9.84 104.50 -69.42
CA THR LA 581 -9.13 104.30 -70.67
C THR LA 581 -7.97 105.27 -70.88
N ASN LA 582 -7.78 106.25 -70.01
CA ASN LA 582 -6.71 107.21 -70.17
C ASN LA 582 -6.21 107.62 -68.78
N LEU LA 583 -5.37 108.65 -68.74
CA LEU LA 583 -4.84 109.20 -67.50
C LEU LA 583 -5.22 110.67 -67.42
N GLN LA 584 -6.13 110.99 -66.51
CA GLN LA 584 -6.54 112.38 -66.31
C GLN LA 584 -5.38 113.19 -65.74
N ARG LA 585 -5.35 114.45 -66.15
CA ARG LA 585 -4.23 115.34 -65.74
C ARG LA 585 -4.69 116.79 -65.89
N GLY LA 586 -4.28 117.65 -64.95
CA GLY LA 586 -4.55 119.07 -65.05
C GLY LA 586 -3.48 119.82 -65.79
N ASN LA 587 -3.65 121.15 -65.83
CA ASN LA 587 -2.72 122.00 -66.62
C ASN LA 587 -1.39 122.18 -65.87
N THR LA 594 -1.46 119.94 -71.85
CA THR LA 594 -2.81 120.53 -71.64
C THR LA 594 -3.58 119.65 -70.65
N SER LA 595 -4.83 120.00 -70.31
CA SER LA 595 -5.51 119.08 -69.42
C SER LA 595 -6.22 117.98 -70.19
N ARG LA 596 -6.36 116.82 -69.54
CA ARG LA 596 -7.07 115.68 -70.10
C ARG LA 596 -8.10 115.20 -69.09
N GLN LA 597 -9.35 115.12 -69.50
CA GLN LA 597 -10.41 114.67 -68.61
C GLN LA 597 -10.49 113.15 -68.60
N ALA LA 598 -10.90 112.60 -67.46
CA ALA LA 598 -11.00 111.17 -67.30
C ALA LA 598 -12.03 110.58 -68.26
N ALA LA 599 -11.67 109.46 -68.90
CA ALA LA 599 -12.53 108.81 -69.86
C ALA LA 599 -12.77 107.37 -69.44
N THR LA 600 -13.97 106.87 -69.77
CA THR LA 600 -14.37 105.51 -69.43
C THR LA 600 -14.96 104.83 -70.65
N ALA LA 601 -14.91 103.50 -70.64
CA ALA LA 601 -15.46 102.69 -71.71
C ALA LA 601 -16.30 101.56 -71.13
N ASP LA 602 -17.32 101.16 -71.87
CA ASP LA 602 -18.15 100.03 -71.47
C ASP LA 602 -17.38 98.73 -71.66
N VAL LA 603 -17.60 97.79 -70.75
CA VAL LA 603 -16.97 96.48 -70.80
C VAL LA 603 -18.06 95.51 -71.27
N ASN LA 604 -18.14 95.30 -72.58
CA ASN LA 604 -19.15 94.41 -73.15
C ASN LA 604 -18.80 92.94 -72.99
N THR LA 605 -17.53 92.61 -72.76
CA THR LA 605 -17.11 91.25 -72.48
C THR LA 605 -16.14 91.28 -71.32
N GLN LA 606 -16.40 90.45 -70.31
CA GLN LA 606 -15.58 90.40 -69.10
C GLN LA 606 -15.25 88.95 -68.80
N GLY LA 607 -13.95 88.64 -68.74
CA GLY LA 607 -13.51 87.34 -68.29
C GLY LA 607 -13.57 87.22 -66.79
N VAL LA 608 -13.23 86.03 -66.31
CA VAL LA 608 -13.28 85.75 -64.87
C VAL LA 608 -12.16 86.49 -64.17
N LEU LA 609 -12.51 87.20 -63.11
CA LEU LA 609 -11.59 87.92 -62.25
C LEU LA 609 -11.56 87.30 -60.87
N PRO LA 610 -10.45 87.42 -60.14
CA PRO LA 610 -10.44 86.95 -58.74
C PRO LA 610 -11.47 87.70 -57.91
N GLY LA 611 -12.14 86.96 -57.04
CA GLY LA 611 -13.22 87.51 -56.24
C GLY LA 611 -14.58 87.52 -56.92
N MET LA 612 -14.69 86.93 -58.11
CA MET LA 612 -15.97 86.93 -58.87
C MET LA 612 -16.87 85.79 -58.39
N VAL LA 613 -18.16 86.04 -58.21
CA VAL LA 613 -19.17 85.08 -57.79
C VAL LA 613 -20.32 85.12 -58.79
N TRP LA 614 -20.89 83.96 -59.10
CA TRP LA 614 -21.96 83.87 -60.09
C TRP LA 614 -22.82 82.65 -59.80
N GLN LA 615 -23.98 82.61 -60.44
CA GLN LA 615 -24.88 81.48 -60.40
C GLN LA 615 -24.96 80.85 -61.77
N ASP LA 616 -25.09 79.52 -61.79
CA ASP LA 616 -25.20 78.81 -63.07
C ASP LA 616 -26.60 78.94 -63.64
N ARG LA 617 -26.77 78.50 -64.87
CA ARG LA 617 -28.07 78.55 -65.52
C ARG LA 617 -29.04 77.57 -64.85
N ASP LA 618 -30.30 77.97 -64.77
CA ASP LA 618 -31.32 77.13 -64.16
C ASP LA 618 -31.63 75.93 -65.03
N VAL LA 619 -32.10 74.87 -64.39
CA VAL LA 619 -32.59 73.68 -65.09
C VAL LA 619 -34.10 73.72 -65.10
N TYR LA 620 -34.70 73.08 -66.10
CA TYR LA 620 -36.13 73.11 -66.32
C TYR LA 620 -36.65 71.71 -66.48
N LEU LA 621 -37.97 71.56 -66.31
CA LEU LA 621 -38.59 70.24 -66.45
C LEU LA 621 -38.39 69.71 -67.87
N GLN LA 622 -38.51 70.56 -68.87
CA GLN LA 622 -38.25 70.19 -70.25
C GLN LA 622 -36.78 70.28 -70.62
N GLY LA 623 -35.92 70.75 -69.72
CA GLY LA 623 -34.53 70.98 -70.04
C GLY LA 623 -33.67 69.75 -69.89
N PRO LA 624 -32.42 69.84 -70.36
CA PRO LA 624 -31.50 68.72 -70.22
C PRO LA 624 -31.02 68.55 -68.78
N ILE LA 625 -30.59 67.33 -68.48
CA ILE LA 625 -30.12 66.98 -67.15
C ILE LA 625 -28.61 67.10 -67.04
N TRP LA 626 -27.88 66.54 -68.00
CA TRP LA 626 -26.43 66.46 -67.91
C TRP LA 626 -25.80 66.70 -69.28
N ALA LA 627 -24.48 66.75 -69.29
CA ALA LA 627 -23.70 66.79 -70.51
C ALA LA 627 -22.31 66.25 -70.21
N LYS LA 628 -21.65 65.75 -71.25
CA LYS LA 628 -20.31 65.22 -71.09
C LYS LA 628 -19.28 66.35 -71.18
N ILE LA 629 -18.45 66.46 -70.16
CA ILE LA 629 -17.36 67.45 -70.20
C ILE LA 629 -16.35 67.02 -71.26
N PRO LA 630 -16.00 67.88 -72.21
CA PRO LA 630 -15.04 67.48 -73.25
C PRO LA 630 -13.71 67.08 -72.66
N HIS LA 631 -13.09 66.06 -73.25
CA HIS LA 631 -11.79 65.57 -72.81
C HIS LA 631 -10.72 66.53 -73.31
N THR LA 632 -10.41 67.53 -72.48
CA THR LA 632 -9.46 68.57 -72.83
C THR LA 632 -8.49 68.76 -71.68
N ASP LA 633 -7.36 69.40 -71.97
CA ASP LA 633 -6.32 69.62 -70.93
C ASP LA 633 -6.85 70.57 -69.87
N GLY LA 634 -7.59 71.60 -70.28
CA GLY LA 634 -8.09 72.57 -69.35
C GLY LA 634 -9.54 72.93 -69.62
N HIS LA 635 -10.24 73.26 -68.54
CA HIS LA 635 -11.59 73.78 -68.59
C HIS LA 635 -11.87 74.50 -67.29
N PHE LA 636 -12.71 75.52 -67.36
CA PHE LA 636 -13.06 76.32 -66.19
C PHE LA 636 -14.55 76.18 -65.93
N HIS LA 637 -14.89 75.77 -64.70
CA HIS LA 637 -16.28 75.61 -64.26
C HIS LA 637 -17.07 74.80 -65.28
N PRO LA 638 -16.85 73.49 -65.39
CA PRO LA 638 -17.47 72.68 -66.44
C PRO LA 638 -18.95 72.35 -66.19
N SER LA 639 -19.72 73.36 -65.84
CA SER LA 639 -21.17 73.25 -65.85
C SER LA 639 -21.68 73.52 -67.26
N PRO LA 640 -22.53 72.66 -67.81
CA PRO LA 640 -23.02 72.87 -69.18
C PRO LA 640 -23.74 74.21 -69.30
N LEU LA 641 -23.48 74.89 -70.42
CA LEU LA 641 -24.07 76.21 -70.62
C LEU LA 641 -25.56 76.14 -70.86
N MET LA 642 -26.06 75.04 -71.42
CA MET LA 642 -27.48 74.85 -71.60
C MET LA 642 -28.20 74.51 -70.30
N GLY LA 643 -27.47 74.24 -69.23
CA GLY LA 643 -28.05 73.92 -67.94
C GLY LA 643 -27.90 72.44 -67.60
N GLY LA 644 -27.60 72.18 -66.34
CA GLY LA 644 -27.47 70.80 -65.89
C GLY LA 644 -26.19 70.48 -65.15
N PHE LA 645 -25.82 69.21 -65.15
CA PHE LA 645 -24.66 68.72 -64.40
C PHE LA 645 -23.57 68.31 -65.38
N GLY LA 646 -22.37 68.87 -65.19
CA GLY LA 646 -21.24 68.47 -65.99
C GLY LA 646 -20.60 67.19 -65.49
N LEU LA 647 -20.51 66.18 -66.34
CA LEU LA 647 -20.02 64.86 -65.94
C LEU LA 647 -18.84 64.48 -66.82
N LYS LA 648 -17.71 64.15 -66.18
CA LYS LA 648 -16.57 63.63 -66.92
C LYS LA 648 -16.88 62.24 -67.49
N HIS LA 649 -17.65 61.45 -66.76
CA HIS LA 649 -18.12 60.14 -67.20
C HIS LA 649 -19.64 60.14 -67.08
N PRO LA 650 -20.34 60.68 -68.07
CA PRO LA 650 -21.80 60.75 -68.01
C PRO LA 650 -22.42 59.38 -68.22
N PRO LA 651 -23.73 59.24 -68.07
CA PRO LA 651 -24.39 57.98 -68.39
C PRO LA 651 -24.06 57.55 -69.81
N PRO LA 652 -23.61 56.31 -69.99
CA PRO LA 652 -23.14 55.89 -71.31
C PRO LA 652 -24.25 55.85 -72.34
N GLN LA 653 -23.88 56.06 -73.60
CA GLN LA 653 -24.83 55.91 -74.69
C GLN LA 653 -25.24 54.46 -74.83
N ILE LA 654 -26.54 54.23 -75.01
CA ILE LA 654 -27.10 52.90 -75.17
C ILE LA 654 -27.52 52.77 -76.63
N LEU LA 655 -26.81 51.93 -77.37
CA LEU LA 655 -27.03 51.77 -78.80
C LEU LA 655 -27.82 50.48 -79.06
N ILE LA 656 -28.85 50.59 -79.89
CA ILE LA 656 -29.72 49.46 -80.21
C ILE LA 656 -29.99 49.46 -81.71
N LYS LA 657 -29.98 48.28 -82.31
CA LYS LA 657 -30.33 48.15 -83.72
C LYS LA 657 -30.87 46.76 -83.97
N ASN LA 658 -31.63 46.62 -85.06
CA ASN LA 658 -32.16 45.34 -85.47
C ASN LA 658 -31.10 44.57 -86.25
N THR LA 659 -30.93 43.30 -85.94
CA THR LA 659 -29.99 42.47 -86.66
C THR LA 659 -30.51 42.25 -88.08
N PRO LA 660 -29.70 42.54 -89.11
CA PRO LA 660 -30.18 42.34 -90.49
C PRO LA 660 -30.42 40.86 -90.77
N VAL LA 661 -31.60 40.57 -91.32
CA VAL LA 661 -31.98 39.22 -91.71
C VAL LA 661 -31.99 39.16 -93.23
N PRO LA 662 -31.04 38.46 -93.86
CA PRO LA 662 -31.00 38.43 -95.33
C PRO LA 662 -32.25 37.78 -95.90
N ALA LA 663 -32.66 38.28 -97.06
CA ALA LA 663 -33.77 37.71 -97.81
C ALA LA 663 -33.28 36.46 -98.55
N ASN LA 664 -34.09 35.96 -99.48
CA ASN LA 664 -33.76 34.72 -100.18
C ASN LA 664 -32.48 34.88 -100.99
N PRO LA 665 -31.44 34.10 -100.71
CA PRO LA 665 -30.20 34.20 -101.49
C PRO LA 665 -30.27 33.41 -102.78
N SER LA 666 -29.31 33.71 -103.65
CA SER LA 666 -29.19 32.99 -104.94
C SER LA 666 -28.58 31.62 -104.69
N THR LA 667 -29.02 30.62 -105.44
CA THR LA 667 -28.47 29.27 -105.30
C THR LA 667 -27.04 29.18 -105.81
N THR LA 668 -26.57 30.17 -106.56
CA THR LA 668 -25.19 30.25 -107.00
C THR LA 668 -24.44 31.25 -106.13
N PHE LA 669 -23.19 30.91 -105.79
CA PHE LA 669 -22.42 31.77 -104.91
C PHE LA 669 -22.12 33.10 -105.57
N SER LA 670 -22.27 34.18 -104.81
CA SER LA 670 -21.93 35.52 -105.25
C SER LA 670 -21.12 36.21 -104.16
N ALA LA 671 -19.98 36.77 -104.54
CA ALA LA 671 -19.11 37.45 -103.59
C ALA LA 671 -19.60 38.84 -103.22
N ALA LA 672 -20.59 39.36 -103.94
CA ALA LA 672 -21.16 40.67 -103.62
C ALA LA 672 -21.86 40.62 -102.27
N LYS LA 673 -21.68 41.68 -101.49
CA LYS LA 673 -22.33 41.74 -100.19
C LYS LA 673 -23.85 41.79 -100.35
N PHE LA 674 -24.53 41.26 -99.33
CA PHE LA 674 -26.01 41.17 -99.39
C PHE LA 674 -26.64 42.57 -99.43
N ALA LA 675 -27.57 42.76 -100.37
CA ALA LA 675 -28.29 44.02 -100.48
C ALA LA 675 -29.79 43.86 -100.30
N SER LA 676 -30.30 42.64 -100.22
CA SER LA 676 -31.71 42.37 -100.04
C SER LA 676 -31.93 41.79 -98.65
N PHE LA 677 -32.84 42.38 -97.89
CA PHE LA 677 -33.11 41.97 -96.52
C PHE LA 677 -34.61 41.93 -96.29
N ILE LA 678 -35.01 41.17 -95.27
CA ILE LA 678 -36.41 41.14 -94.85
C ILE LA 678 -36.71 42.41 -94.08
N THR LA 679 -37.72 43.15 -94.50
CA THR LA 679 -38.10 44.37 -93.82
C THR LA 679 -38.65 44.04 -92.44
N GLN LA 680 -38.11 44.71 -91.43
CA GLN LA 680 -38.55 44.42 -90.07
C GLN LA 680 -38.22 45.59 -89.15
N TYR LA 681 -38.97 45.66 -88.05
CA TYR LA 681 -38.75 46.64 -87.00
C TYR LA 681 -38.90 45.92 -85.67
N SER LA 682 -38.64 46.63 -84.58
CA SER LA 682 -38.78 46.06 -83.25
C SER LA 682 -39.53 47.03 -82.35
N THR LA 683 -40.20 46.47 -81.35
CA THR LA 683 -40.89 47.25 -80.34
C THR LA 683 -40.65 46.60 -78.99
N GLY LA 684 -40.75 47.40 -77.94
CA GLY LA 684 -40.50 46.88 -76.61
C GLY LA 684 -40.72 47.94 -75.56
N GLN LA 685 -40.27 47.64 -74.35
CA GLN LA 685 -40.40 48.54 -73.22
C GLN LA 685 -39.02 48.91 -72.69
N VAL LA 686 -38.89 50.13 -72.22
CA VAL LA 686 -37.64 50.65 -71.67
C VAL LA 686 -37.93 51.23 -70.29
N SER LA 687 -37.08 50.92 -69.33
CA SER LA 687 -37.22 51.40 -67.96
C SER LA 687 -35.97 52.16 -67.54
N VAL LA 688 -36.16 53.35 -66.97
CA VAL LA 688 -35.08 54.17 -66.44
C VAL LA 688 -35.43 54.52 -65.01
N GLU LA 689 -34.56 54.16 -64.07
CA GLU LA 689 -34.73 54.48 -62.66
C GLU LA 689 -33.53 55.26 -62.17
N ILE LA 690 -33.75 56.48 -61.68
CA ILE LA 690 -32.68 57.34 -61.22
C ILE LA 690 -32.93 57.69 -59.76
N GLU LA 691 -31.91 57.54 -58.93
CA GLU LA 691 -31.94 57.99 -57.55
C GLU LA 691 -31.32 59.37 -57.46
N TRP LA 692 -32.04 60.31 -56.84
CA TRP LA 692 -31.59 61.69 -56.70
C TRP LA 692 -31.40 61.99 -55.22
N GLU LA 693 -30.36 62.75 -54.91
CA GLU LA 693 -30.11 63.22 -53.55
C GLU LA 693 -30.64 64.64 -53.40
N LEU LA 694 -31.28 64.91 -52.27
CA LEU LA 694 -31.92 66.19 -52.01
C LEU LA 694 -31.15 66.96 -50.95
N GLN LA 695 -31.10 68.27 -51.13
CA GLN LA 695 -30.53 69.20 -50.16
C GLN LA 695 -31.70 69.94 -49.52
N LYS LA 696 -32.06 69.53 -48.31
CA LYS LA 696 -33.26 70.06 -47.68
C LYS LA 696 -33.09 71.54 -47.33
N GLU LA 697 -34.15 72.30 -47.55
CA GLU LA 697 -34.16 73.73 -47.21
C GLU LA 697 -34.12 73.91 -45.70
N ASN LA 698 -33.28 74.83 -45.23
CA ASN LA 698 -33.08 75.12 -43.82
C ASN LA 698 -33.17 76.62 -43.58
N SER LA 699 -34.19 77.25 -44.16
CA SER LA 699 -34.30 78.70 -44.10
C SER LA 699 -34.87 79.15 -42.75
N LYS LA 700 -34.59 80.39 -42.37
CA LYS LA 700 -35.12 80.98 -41.10
C LYS LA 700 -35.87 82.27 -41.43
N ARG LA 701 -36.30 82.47 -42.68
CA ARG LA 701 -37.09 83.65 -43.00
C ARG LA 701 -38.46 83.54 -42.35
N TRP LA 702 -39.05 84.71 -42.07
CA TRP LA 702 -40.31 84.76 -41.35
C TRP LA 702 -41.52 84.73 -42.27
N ASN LA 703 -41.53 85.60 -43.27
CA ASN LA 703 -42.66 85.70 -44.17
C ASN LA 703 -42.66 84.56 -45.20
N PRO LA 704 -43.83 84.18 -45.77
CA PRO LA 704 -43.89 83.04 -46.70
C PRO LA 704 -43.02 83.23 -47.96
N GLU LA 705 -42.70 82.15 -48.66
CA GLU LA 705 -41.80 82.20 -49.84
C GLU LA 705 -42.59 82.11 -51.14
N ILE LA 706 -41.95 82.36 -52.28
CA ILE LA 706 -42.67 82.08 -53.56
C ILE LA 706 -42.66 80.58 -53.84
N GLN LA 707 -43.81 79.99 -54.16
CA GLN LA 707 -43.87 78.59 -54.52
C GLN LA 707 -44.57 78.45 -55.86
N TYR LA 708 -44.17 77.43 -56.63
CA TYR LA 708 -44.89 77.12 -57.85
C TYR LA 708 -46.25 76.53 -57.51
N THR LA 709 -47.28 76.96 -58.23
CA THR LA 709 -48.64 76.54 -57.94
C THR LA 709 -49.46 76.51 -59.22
N SER LA 710 -50.52 75.72 -59.18
CA SER LA 710 -51.46 75.71 -60.32
C SER LA 710 -52.41 76.89 -60.15
N ASN LA 711 -53.06 77.35 -61.21
CA ASN LA 711 -53.94 78.53 -61.03
C ASN LA 711 -55.32 78.01 -60.70
N TYR LA 712 -55.97 78.56 -59.68
CA TYR LA 712 -57.27 78.03 -59.21
C TYR LA 712 -58.39 78.36 -60.22
N ASN LA 713 -58.28 79.47 -60.94
CA ASN LA 713 -59.40 79.84 -61.79
C ASN LA 713 -59.74 78.74 -62.79
N LYS LA 714 -61.02 78.69 -63.16
CA LYS LA 714 -61.50 77.67 -64.10
C LYS LA 714 -60.86 77.84 -65.47
N SER LA 715 -60.75 76.74 -66.19
CA SER LA 715 -60.18 76.77 -67.52
C SER LA 715 -60.76 75.64 -68.33
N ILE LA 716 -60.65 75.76 -69.66
CA ILE LA 716 -61.12 74.70 -70.55
C ILE LA 716 -60.32 73.43 -70.34
N ASN LA 717 -59.00 73.56 -70.22
CA ASN LA 717 -58.10 72.43 -70.03
C ASN LA 717 -57.30 72.60 -68.75
N VAL LA 718 -57.00 71.48 -68.11
CA VAL LA 718 -56.12 71.48 -66.94
C VAL LA 718 -54.67 71.46 -67.43
N ASP LA 719 -53.80 72.18 -66.72
CA ASP LA 719 -52.40 72.24 -67.11
C ASP LA 719 -51.73 70.89 -66.92
N PHE LA 720 -50.81 70.56 -67.84
CA PHE LA 720 -50.02 69.32 -67.79
C PHE LA 720 -50.92 68.09 -67.80
N THR LA 721 -51.98 68.14 -68.59
CA THR LA 721 -52.86 67.00 -68.82
C THR LA 721 -53.07 66.83 -70.31
N VAL LA 722 -53.97 65.93 -70.68
CA VAL LA 722 -54.32 65.70 -72.07
C VAL LA 722 -55.58 66.49 -72.39
N ASP LA 723 -55.73 66.84 -73.67
CA ASP LA 723 -56.93 67.55 -74.13
C ASP LA 723 -57.96 66.53 -74.63
N THR LA 724 -58.98 67.02 -75.31
CA THR LA 724 -60.05 66.13 -75.81
C THR LA 724 -59.48 65.21 -76.90
N ASN LA 725 -58.31 65.54 -77.43
CA ASN LA 725 -57.64 64.67 -78.44
C ASN LA 725 -56.67 63.74 -77.73
N GLY LA 726 -56.58 63.83 -76.39
CA GLY LA 726 -55.65 62.99 -75.63
C GLY LA 726 -54.20 63.40 -75.87
N VAL LA 727 -53.99 64.63 -76.34
CA VAL LA 727 -52.62 65.12 -76.65
C VAL LA 727 -52.04 65.77 -75.39
N TYR LA 728 -50.92 65.22 -74.89
CA TYR LA 728 -50.29 65.79 -73.70
C TYR LA 728 -49.50 67.03 -74.08
N SER LA 729 -49.63 68.07 -73.27
CA SER LA 729 -48.93 69.32 -73.51
C SER LA 729 -48.34 69.83 -72.19
N GLU LA 730 -47.26 70.59 -72.32
CA GLU LA 730 -46.63 71.26 -71.17
C GLU LA 730 -46.81 72.76 -71.36
N PRO LA 731 -47.74 73.39 -70.64
CA PRO LA 731 -48.11 74.78 -70.97
C PRO LA 731 -46.98 75.79 -70.80
N ARG LA 732 -46.09 75.61 -69.84
CA ARG LA 732 -45.03 76.59 -69.59
C ARG LA 732 -43.80 75.88 -69.08
N PRO LA 733 -42.62 76.48 -69.23
CA PRO LA 733 -41.43 75.93 -68.59
C PRO LA 733 -41.44 76.22 -67.10
N ILE LA 734 -41.06 75.22 -66.31
CA ILE LA 734 -40.95 75.36 -64.87
C ILE LA 734 -39.48 75.22 -64.49
N GLY LA 735 -38.94 76.25 -63.84
CA GLY LA 735 -37.60 76.20 -63.32
C GLY LA 735 -37.57 75.52 -61.97
N THR LA 736 -36.51 75.79 -61.21
CA THR LA 736 -36.37 75.24 -59.88
C THR LA 736 -36.17 76.28 -58.80
N ARG LA 737 -36.01 77.55 -59.14
CA ARG LA 737 -35.55 78.57 -58.20
C ARG LA 737 -36.75 79.33 -57.65
N TYR LA 738 -37.37 78.76 -56.63
CA TYR LA 738 -38.50 79.37 -55.94
C TYR LA 738 -38.22 79.67 -54.48
N LEU LA 739 -37.56 78.76 -53.77
CA LEU LA 739 -37.12 79.07 -52.42
C LEU LA 739 -35.98 80.07 -52.45
N THR LA 740 -35.73 80.70 -51.32
CA THR LA 740 -34.71 81.74 -51.21
C THR LA 740 -33.69 81.38 -50.15
N ARG LA 741 -32.45 81.82 -50.41
CA ARG LA 741 -31.35 81.65 -49.43
C ARG LA 741 -30.56 82.95 -49.43
N ASN LA 742 -29.96 83.34 -48.30
CA ASN LA 742 -29.11 84.53 -48.22
C ASN LA 742 -27.80 84.29 -48.96
N LEU LA 743 -27.22 85.37 -49.45
CA LEU LA 743 -25.91 85.30 -50.11
C LEU LA 743 -24.81 84.91 -49.13
N ALA MA 218 37.76 -29.44 -72.48
CA ALA MA 218 36.96 -28.26 -72.10
C ALA MA 218 35.83 -28.07 -73.10
N ASP MA 219 36.12 -28.28 -74.38
CA ASP MA 219 35.12 -28.00 -75.44
C ASP MA 219 35.03 -29.22 -76.36
N GLY MA 220 35.64 -30.33 -75.95
CA GLY MA 220 35.49 -31.56 -76.75
C GLY MA 220 35.62 -31.29 -78.25
N VAL MA 221 34.81 -31.95 -79.06
CA VAL MA 221 34.94 -31.82 -80.54
C VAL MA 221 33.70 -31.08 -81.01
N GLY MA 222 33.88 -29.91 -81.58
CA GLY MA 222 32.80 -29.11 -82.13
C GLY MA 222 32.48 -27.86 -81.36
N ASN MA 223 33.13 -27.62 -80.23
CA ASN MA 223 32.94 -26.40 -79.46
C ASN MA 223 34.22 -25.58 -79.49
N SER MA 224 34.10 -24.32 -79.90
CA SER MA 224 35.27 -23.46 -80.00
C SER MA 224 35.77 -23.08 -78.61
N SER MA 225 37.09 -23.09 -78.44
CA SER MA 225 37.72 -22.77 -77.17
C SER MA 225 38.29 -21.35 -77.13
N GLY MA 226 37.98 -20.53 -78.13
CA GLY MA 226 38.45 -19.16 -78.13
C GLY MA 226 37.87 -18.39 -79.30
N ASN MA 227 38.13 -17.10 -79.31
CA ASN MA 227 37.65 -16.19 -80.34
C ASN MA 227 38.82 -15.41 -80.91
N TRP MA 228 38.59 -14.79 -82.06
CA TRP MA 228 39.60 -13.98 -82.74
C TRP MA 228 39.57 -12.57 -82.17
N HIS MA 229 40.64 -12.19 -81.49
CA HIS MA 229 40.75 -10.84 -80.88
C HIS MA 229 42.00 -10.18 -81.47
N CYS MA 230 41.83 -9.40 -82.52
CA CYS MA 230 42.97 -8.65 -83.12
C CYS MA 230 42.54 -7.18 -83.18
N ASP MA 231 43.09 -6.33 -82.31
CA ASP MA 231 42.64 -4.91 -82.27
C ASP MA 231 43.51 -4.09 -81.32
N SER MA 232 43.30 -2.77 -81.25
CA SER MA 232 44.02 -2.00 -80.25
C SER MA 232 43.09 -0.96 -79.66
N THR MA 233 43.24 -0.72 -78.36
CA THR MA 233 42.44 0.25 -77.63
C THR MA 233 43.36 1.29 -77.01
N TRP MA 234 43.11 2.55 -77.30
CA TRP MA 234 43.87 3.66 -76.73
C TRP MA 234 43.02 4.31 -75.65
N MET MA 235 43.53 4.28 -74.41
CA MET MA 235 42.78 4.86 -73.27
C MET MA 235 43.75 5.72 -72.45
N GLY MA 236 43.79 7.02 -72.72
CA GLY MA 236 44.64 7.92 -71.96
C GLY MA 236 46.11 7.61 -72.17
N ASP MA 237 46.80 7.30 -71.08
CA ASP MA 237 48.23 6.99 -71.10
C ASP MA 237 48.50 5.51 -71.31
N ARG MA 238 47.56 4.76 -71.89
CA ARG MA 238 47.74 3.34 -72.16
C ARG MA 238 47.26 3.01 -73.55
N VAL MA 239 47.91 2.04 -74.17
CA VAL MA 239 47.43 1.43 -75.41
C VAL MA 239 47.57 -0.08 -75.26
N THR MA 240 46.49 -0.80 -75.46
CA THR MA 240 46.48 -2.26 -75.38
C THR MA 240 46.34 -2.82 -76.78
N THR MA 241 47.36 -3.53 -77.24
CA THR MA 241 47.37 -4.14 -78.56
C THR MA 241 47.15 -5.65 -78.42
N THR MA 242 46.20 -6.18 -79.17
CA THR MA 242 45.90 -7.61 -79.19
C THR MA 242 46.05 -8.13 -80.61
N SER MA 243 46.66 -9.31 -80.74
CA SER MA 243 46.90 -9.91 -82.05
C SER MA 243 46.54 -11.38 -82.01
N THR MA 244 45.94 -11.87 -83.09
CA THR MA 244 45.64 -13.28 -83.25
C THR MA 244 46.20 -13.77 -84.57
N ARG MA 245 46.83 -14.94 -84.56
CA ARG MA 245 47.41 -15.53 -85.74
C ARG MA 245 47.08 -17.01 -85.79
N THR MA 246 47.16 -17.59 -86.98
CA THR MA 246 47.00 -19.03 -87.18
C THR MA 246 48.38 -19.64 -87.37
N TRP MA 247 48.71 -20.63 -86.56
CA TRP MA 247 50.02 -21.27 -86.57
C TRP MA 247 49.91 -22.72 -87.01
N ALA MA 248 51.01 -23.22 -87.55
CA ALA MA 248 51.16 -24.62 -87.91
C ALA MA 248 52.41 -25.17 -87.26
N LEU MA 249 52.27 -26.29 -86.56
CA LEU MA 249 53.39 -26.90 -85.84
C LEU MA 249 53.63 -28.31 -86.37
N PRO MA 250 54.73 -28.55 -87.06
CA PRO MA 250 55.04 -29.90 -87.53
C PRO MA 250 55.69 -30.72 -86.42
N THR MA 251 56.08 -31.94 -86.78
CA THR MA 251 56.88 -32.78 -85.90
C THR MA 251 58.35 -32.53 -86.20
N TYR MA 252 59.10 -32.14 -85.18
CA TYR MA 252 60.50 -31.75 -85.35
C TYR MA 252 61.42 -32.88 -84.90
N ASN MA 253 62.45 -33.15 -85.71
CA ASN MA 253 63.48 -34.15 -85.43
C ASN MA 253 62.91 -35.55 -85.28
N ASN MA 254 61.69 -35.78 -85.75
CA ASN MA 254 61.00 -37.06 -85.58
C ASN MA 254 60.95 -37.46 -84.10
N HIS MA 255 60.52 -36.51 -83.27
CA HIS MA 255 60.34 -36.69 -81.82
C HIS MA 255 61.64 -36.99 -81.09
N LEU MA 256 62.78 -36.54 -81.60
CA LEU MA 256 64.08 -36.89 -81.04
C LEU MA 256 64.85 -35.66 -80.62
N TYR MA 257 65.78 -35.86 -79.69
CA TYR MA 257 66.73 -34.79 -79.34
C TYR MA 257 68.03 -35.22 -80.04
N LYS MA 258 68.65 -34.34 -80.81
CA LYS MA 258 69.84 -34.63 -81.59
C LYS MA 258 70.94 -33.66 -81.18
N GLN MA 259 72.11 -34.20 -80.85
CA GLN MA 259 73.28 -33.37 -80.60
C GLN MA 259 73.75 -32.74 -81.91
N ILE MA 260 73.96 -31.43 -81.89
CA ILE MA 260 74.40 -30.70 -83.06
C ILE MA 260 75.71 -29.99 -82.73
N SER MA 261 76.52 -29.76 -83.76
CA SER MA 261 77.78 -29.09 -83.60
C SER MA 261 78.20 -28.50 -84.94
N SER MA 262 79.21 -27.63 -84.90
CA SER MA 262 79.72 -27.04 -86.11
C SER MA 262 80.37 -28.09 -87.00
N GLN MA 263 80.31 -27.83 -88.29
CA GLN MA 263 80.85 -28.81 -89.26
C GLN MA 263 82.36 -28.85 -89.13
N SER MA 264 82.94 -30.03 -89.39
CA SER MA 264 84.41 -30.12 -89.40
C SER MA 264 84.94 -29.23 -90.53
N GLY MA 265 86.06 -28.57 -90.31
CA GLY MA 265 86.66 -27.66 -91.26
C GLY MA 265 86.21 -26.22 -91.10
N ALA MA 266 85.26 -25.94 -90.23
CA ALA MA 266 84.84 -24.57 -89.97
C ALA MA 266 85.93 -23.81 -89.24
N SER MA 267 85.90 -22.49 -89.37
CA SER MA 267 86.85 -21.66 -88.66
C SER MA 267 86.57 -21.70 -87.17
N ASN MA 268 87.57 -21.28 -86.38
CA ASN MA 268 87.42 -21.29 -84.93
C ASN MA 268 86.32 -20.35 -84.47
N ASP MA 269 86.14 -19.22 -85.18
CA ASP MA 269 85.09 -18.28 -84.80
C ASP MA 269 83.70 -18.86 -85.00
N ASN MA 270 83.56 -19.81 -85.92
CA ASN MA 270 82.27 -20.40 -86.25
C ASN MA 270 82.02 -21.73 -85.56
N HIS MA 271 82.91 -22.16 -84.68
CA HIS MA 271 82.72 -23.42 -83.98
C HIS MA 271 81.64 -23.29 -82.91
N TYR MA 272 80.81 -24.33 -82.77
CA TYR MA 272 79.76 -24.33 -81.77
C TYR MA 272 79.38 -25.76 -81.43
N PHE MA 273 78.70 -25.90 -80.29
CA PHE MA 273 78.16 -27.17 -79.85
C PHE MA 273 76.83 -26.90 -79.16
N GLY MA 274 75.86 -27.77 -79.39
CA GLY MA 274 74.55 -27.57 -78.81
C GLY MA 274 73.66 -28.77 -79.05
N TYR MA 275 72.37 -28.57 -78.78
CA TYR MA 275 71.39 -29.62 -78.95
C TYR MA 275 70.16 -29.08 -79.67
N SER MA 276 69.57 -29.92 -80.51
CA SER MA 276 68.34 -29.63 -81.21
C SER MA 276 67.20 -30.40 -80.56
N THR MA 277 66.13 -29.70 -80.22
CA THR MA 277 65.02 -30.33 -79.52
C THR MA 277 63.83 -30.53 -80.46
N PRO MA 278 62.96 -31.51 -80.19
CA PRO MA 278 61.75 -31.69 -81.00
C PRO MA 278 60.66 -30.66 -80.72
N TRP MA 279 60.91 -29.70 -79.84
CA TRP MA 279 59.92 -28.70 -79.48
C TRP MA 279 60.00 -27.49 -80.39
N GLY MA 280 58.89 -26.75 -80.45
CA GLY MA 280 58.84 -25.45 -81.05
C GLY MA 280 58.59 -24.39 -80.00
N TYR MA 281 58.68 -23.13 -80.41
CA TYR MA 281 58.46 -22.02 -79.49
C TYR MA 281 57.72 -20.90 -80.20
N PHE MA 282 56.91 -20.18 -79.43
CA PHE MA 282 56.14 -19.06 -79.94
C PHE MA 282 56.90 -17.76 -79.70
N ASP MA 283 57.22 -17.04 -80.77
CA ASP MA 283 58.00 -15.82 -80.71
C ASP MA 283 57.12 -14.66 -81.14
N PHE MA 284 57.00 -13.64 -80.29
CA PHE MA 284 56.36 -12.38 -80.67
C PHE MA 284 57.22 -11.20 -80.23
N ASN MA 285 58.53 -11.35 -80.31
CA ASN MA 285 59.49 -10.32 -79.89
C ASN MA 285 59.83 -9.37 -81.04
N ARG MA 286 58.80 -8.86 -81.71
CA ARG MA 286 58.94 -7.84 -82.75
C ARG MA 286 57.73 -6.93 -82.68
N PHE MA 287 57.92 -5.64 -82.91
CA PHE MA 287 56.80 -4.67 -82.72
C PHE MA 287 55.68 -4.88 -83.74
N HIS MA 288 56.02 -5.35 -84.94
CA HIS MA 288 55.01 -5.55 -86.02
C HIS MA 288 54.02 -6.66 -85.62
N CYS MA 289 54.37 -7.49 -84.64
CA CYS MA 289 53.49 -8.60 -84.17
C CYS MA 289 52.33 -8.04 -83.35
N HIS MA 290 52.44 -6.79 -82.89
CA HIS MA 290 51.41 -6.20 -82.05
C HIS MA 290 50.87 -4.87 -82.58
N PHE MA 291 51.68 -4.09 -83.28
CA PHE MA 291 51.30 -2.77 -83.77
C PHE MA 291 51.09 -2.82 -85.27
N SER MA 292 49.94 -2.33 -85.72
CA SER MA 292 49.75 -2.06 -87.13
C SER MA 292 50.53 -0.81 -87.52
N PRO MA 293 50.82 -0.62 -88.81
CA PRO MA 293 51.51 0.62 -89.21
C PRO MA 293 50.78 1.89 -88.81
N ARG MA 294 49.45 1.90 -88.86
CA ARG MA 294 48.70 3.05 -88.36
C ARG MA 294 48.86 3.19 -86.85
N ASP MA 295 48.88 2.05 -86.13
CA ASP MA 295 49.13 2.09 -84.69
C ASP MA 295 50.51 2.64 -84.39
N TRP MA 296 51.52 2.23 -85.17
CA TRP MA 296 52.87 2.74 -84.99
C TRP MA 296 52.93 4.24 -85.25
N GLN MA 297 52.25 4.71 -86.30
CA GLN MA 297 52.24 6.14 -86.60
C GLN MA 297 51.55 6.92 -85.50
N ARG MA 298 50.45 6.39 -84.96
CA ARG MA 298 49.78 7.02 -83.83
C ARG MA 298 50.66 7.05 -82.59
N LEU MA 299 51.47 6.01 -82.38
CA LEU MA 299 52.35 5.95 -81.22
C LEU MA 299 53.50 6.95 -81.35
N ILE MA 300 54.16 6.97 -82.50
CA ILE MA 300 55.42 7.71 -82.60
C ILE MA 300 55.22 9.20 -82.88
N ASN MA 301 54.06 9.60 -83.39
CA ASN MA 301 53.81 11.00 -83.70
C ASN MA 301 53.24 11.79 -82.53
N ASN MA 302 52.92 11.13 -81.41
CA ASN MA 302 52.21 11.78 -80.32
C ASN MA 302 52.81 11.52 -78.95
N ASN MA 303 53.75 10.60 -78.80
CA ASN MA 303 54.26 10.20 -77.51
C ASN MA 303 55.77 10.41 -77.44
N TRP MA 304 56.23 10.85 -76.27
CA TRP MA 304 57.65 10.99 -76.00
C TRP MA 304 58.28 9.72 -75.47
N GLY MA 305 57.49 8.69 -75.19
CA GLY MA 305 58.04 7.44 -74.71
C GLY MA 305 56.96 6.40 -74.54
N PHE MA 306 57.39 5.15 -74.43
CA PHE MA 306 56.48 4.04 -74.18
C PHE MA 306 57.26 2.87 -73.61
N ARG MA 307 56.54 1.98 -72.93
CA ARG MA 307 57.14 0.79 -72.33
C ARG MA 307 56.05 -0.24 -72.12
N PRO MA 308 56.38 -1.53 -72.20
CA PRO MA 308 55.38 -2.57 -71.93
C PRO MA 308 55.11 -2.71 -70.44
N LYS MA 309 53.86 -3.08 -70.13
CA LYS MA 309 53.39 -3.19 -68.75
C LYS MA 309 53.02 -4.61 -68.38
N ARG MA 310 52.17 -5.26 -69.18
CA ARG MA 310 51.77 -6.64 -68.91
C ARG MA 310 51.31 -7.26 -70.22
N LEU MA 311 51.30 -8.59 -70.26
CA LEU MA 311 50.86 -9.31 -71.45
C LEU MA 311 49.98 -10.49 -71.06
N ASN MA 312 49.14 -10.90 -72.02
CA ASN MA 312 48.27 -12.09 -71.84
C ASN MA 312 48.45 -12.94 -73.10
N PHE MA 313 48.58 -14.26 -72.96
CA PHE MA 313 48.85 -15.19 -74.03
C PHE MA 313 47.80 -16.29 -74.02
N LYS MA 314 47.38 -16.68 -75.21
CA LYS MA 314 46.38 -17.77 -75.31
C LYS MA 314 46.57 -18.66 -76.53
N LEU MA 315 46.48 -19.98 -76.33
CA LEU MA 315 46.43 -20.95 -77.43
C LEU MA 315 45.07 -21.64 -77.39
N PHE MA 316 44.42 -21.72 -78.55
CA PHE MA 316 43.06 -22.24 -78.58
C PHE MA 316 42.76 -22.78 -79.98
N ASN MA 317 41.61 -23.44 -80.09
CA ASN MA 317 41.16 -24.04 -81.35
C ASN MA 317 42.23 -24.96 -81.92
N ILE MA 318 42.77 -25.82 -81.07
CA ILE MA 318 43.87 -26.69 -81.44
C ILE MA 318 43.35 -27.90 -82.19
N GLN MA 319 43.88 -28.13 -83.38
CA GLN MA 319 43.52 -29.26 -84.22
C GLN MA 319 44.77 -30.08 -84.52
N VAL MA 320 44.71 -31.37 -84.25
CA VAL MA 320 45.80 -32.28 -84.59
C VAL MA 320 45.39 -33.05 -85.84
N LYS MA 321 46.21 -32.95 -86.89
CA LYS MA 321 45.93 -33.59 -88.17
C LYS MA 321 46.91 -34.72 -88.38
N GLU MA 322 46.39 -35.89 -88.73
CA GLU MA 322 47.21 -37.05 -89.07
C GLU MA 322 47.41 -37.12 -90.57
N VAL MA 323 48.67 -37.24 -90.99
CA VAL MA 323 49.05 -37.28 -92.40
C VAL MA 323 49.48 -38.69 -92.74
N THR MA 324 48.91 -39.24 -93.81
CA THR MA 324 49.29 -40.55 -94.32
C THR MA 324 49.62 -40.43 -95.80
N GLN MA 325 50.48 -41.33 -96.27
CA GLN MA 325 50.90 -41.33 -97.67
C GLN MA 325 50.90 -42.77 -98.18
N ASN MA 326 49.92 -43.10 -99.02
CA ASN MA 326 49.76 -44.44 -99.55
C ASN MA 326 49.73 -44.38 -101.07
N ASP MA 327 50.67 -45.07 -101.71
CA ASP MA 327 50.75 -45.14 -103.17
C ASP MA 327 50.84 -43.75 -103.80
N GLY MA 328 51.60 -42.86 -103.17
CA GLY MA 328 51.82 -41.53 -103.71
C GLY MA 328 50.72 -40.54 -103.45
N THR MA 329 49.75 -40.87 -102.59
CA THR MA 329 48.63 -39.99 -102.28
C THR MA 329 48.76 -39.48 -100.85
N THR MA 330 48.66 -38.16 -100.68
CA THR MA 330 48.72 -37.54 -99.36
C THR MA 330 47.30 -37.31 -98.85
N THR MA 331 46.95 -37.99 -97.77
CA THR MA 331 45.63 -37.90 -97.16
C THR MA 331 45.76 -37.33 -95.76
N ILE MA 332 44.98 -36.30 -95.45
CA ILE MA 332 45.01 -35.63 -94.16
C ILE MA 332 43.65 -35.82 -93.50
N ALA MA 333 43.66 -36.32 -92.26
CA ALA MA 333 42.44 -36.55 -91.51
C ALA MA 333 42.62 -36.05 -90.10
N ASN MA 334 41.50 -35.75 -89.45
CA ASN MA 334 41.55 -35.27 -88.07
C ASN MA 334 41.95 -36.37 -87.11
N ASN MA 335 42.64 -35.98 -86.04
CA ASN MA 335 42.99 -36.86 -84.93
C ASN MA 335 42.46 -36.18 -83.67
N LEU MA 336 41.25 -36.57 -83.26
CA LEU MA 336 40.59 -35.89 -82.15
C LEU MA 336 41.11 -36.31 -80.78
N THR MA 337 41.91 -37.36 -80.70
CA THR MA 337 42.42 -37.86 -79.42
C THR MA 337 43.88 -37.50 -79.18
N SER MA 338 44.58 -36.94 -80.15
CA SER MA 338 45.97 -36.55 -79.96
C SER MA 338 46.05 -35.23 -79.19
N THR MA 339 47.19 -35.03 -78.54
CA THR MA 339 47.43 -33.86 -77.70
C THR MA 339 48.64 -33.07 -78.21
N VAL MA 340 48.76 -31.85 -77.71
CA VAL MA 340 49.95 -31.04 -77.87
C VAL MA 340 50.38 -30.58 -76.48
N GLN MA 341 51.68 -30.66 -76.21
CA GLN MA 341 52.24 -30.28 -74.91
C GLN MA 341 52.72 -28.84 -74.96
N VAL MA 342 52.23 -28.03 -74.01
CA VAL MA 342 52.56 -26.62 -73.94
C VAL MA 342 53.00 -26.31 -72.51
N PHE MA 343 54.13 -25.62 -72.37
CA PHE MA 343 54.54 -25.11 -71.07
C PHE MA 343 55.35 -23.84 -71.26
N THR MA 344 55.32 -22.97 -70.26
CA THR MA 344 56.07 -21.73 -70.25
C THR MA 344 57.24 -21.87 -69.28
N ASP MA 345 58.42 -21.44 -69.73
CA ASP MA 345 59.63 -21.50 -68.90
C ASP MA 345 59.66 -20.28 -67.99
N SER MA 346 58.78 -20.25 -67.00
CA SER MA 346 58.63 -19.07 -66.12
C SER MA 346 59.76 -18.99 -65.09
N GLU MA 347 60.47 -20.08 -64.86
CA GLU MA 347 61.62 -20.04 -63.96
C GLU MA 347 62.93 -19.81 -64.69
N TYR MA 348 62.90 -19.66 -66.02
CA TYR MA 348 64.09 -19.36 -66.82
C TYR MA 348 65.19 -20.40 -66.60
N GLN MA 349 64.80 -21.67 -66.59
CA GLN MA 349 65.75 -22.77 -66.45
C GLN MA 349 66.28 -23.27 -67.78
N LEU MA 350 65.76 -22.80 -68.89
CA LEU MA 350 66.21 -23.18 -70.22
C LEU MA 350 66.98 -22.04 -70.86
N PRO MA 351 67.89 -22.35 -71.78
CA PRO MA 351 68.60 -21.28 -72.50
C PRO MA 351 67.63 -20.38 -73.25
N TYR MA 352 67.73 -19.08 -73.01
CA TYR MA 352 66.81 -18.10 -73.57
C TYR MA 352 67.26 -17.76 -74.98
N VAL MA 353 66.59 -18.32 -75.98
CA VAL MA 353 66.93 -18.08 -77.38
C VAL MA 353 66.12 -16.94 -77.99
N LEU MA 354 65.10 -16.45 -77.31
CA LEU MA 354 64.45 -15.23 -77.73
C LEU MA 354 65.38 -14.04 -77.51
N GLY MA 355 65.19 -13.00 -78.32
CA GLY MA 355 66.05 -11.85 -78.26
C GLY MA 355 67.33 -11.95 -79.07
N SER MA 356 67.46 -12.96 -79.92
CA SER MA 356 68.59 -13.08 -80.84
C SER MA 356 68.21 -12.71 -82.27
N ALA MA 357 67.08 -12.02 -82.45
CA ALA MA 357 66.62 -11.57 -83.77
C ALA MA 357 66.44 -12.74 -84.73
N HIS MA 358 65.72 -13.77 -84.27
CA HIS MA 358 65.49 -14.96 -85.06
C HIS MA 358 64.18 -14.88 -85.81
N GLN MA 359 64.13 -15.54 -86.97
CA GLN MA 359 62.92 -15.62 -87.76
C GLN MA 359 61.93 -16.60 -87.12
N GLY MA 360 60.68 -16.53 -87.55
CA GLY MA 360 59.64 -17.36 -87.01
C GLY MA 360 58.66 -16.66 -86.09
N CYS MA 361 58.65 -15.34 -86.07
CA CYS MA 361 57.75 -14.59 -85.21
C CYS MA 361 56.32 -14.63 -85.76
N LEU MA 362 55.42 -13.98 -85.04
CA LEU MA 362 54.07 -13.78 -85.55
C LEU MA 362 54.13 -12.83 -86.75
N PRO MA 363 53.53 -13.20 -87.89
CA PRO MA 363 53.67 -12.36 -89.08
C PRO MA 363 53.02 -11.01 -88.85
N PRO MA 364 53.57 -9.95 -89.44
CA PRO MA 364 52.99 -8.62 -89.25
C PRO MA 364 51.56 -8.50 -89.74
N PHE MA 365 51.21 -9.19 -90.82
CA PHE MA 365 49.85 -9.14 -91.35
C PHE MA 365 48.98 -10.18 -90.65
N PRO MA 366 47.86 -9.77 -90.05
CA PRO MA 366 47.05 -10.73 -89.27
C PRO MA 366 46.49 -11.88 -90.09
N ALA MA 367 46.44 -11.78 -91.41
CA ALA MA 367 45.87 -12.82 -92.24
C ALA MA 367 46.88 -13.90 -92.63
N ASP MA 368 48.15 -13.74 -92.28
CA ASP MA 368 49.19 -14.69 -92.67
C ASP MA 368 49.26 -15.84 -91.67
N VAL MA 369 49.52 -17.04 -92.19
CA VAL MA 369 49.69 -18.24 -91.38
C VAL MA 369 51.18 -18.56 -91.33
N PHE MA 370 51.68 -18.84 -90.14
CA PHE MA 370 53.12 -19.02 -89.92
C PHE MA 370 53.42 -20.36 -89.28
N MET MA 371 54.60 -20.87 -89.58
CA MET MA 371 55.11 -22.10 -88.98
C MET MA 371 55.82 -21.78 -87.67
N VAL MA 372 55.65 -22.65 -86.69
CA VAL MA 372 56.28 -22.49 -85.38
C VAL MA 372 57.75 -22.88 -85.49
N PRO MA 373 58.68 -21.99 -85.14
CA PRO MA 373 60.09 -22.31 -85.28
C PRO MA 373 60.54 -23.39 -84.30
N GLN MA 374 61.54 -24.16 -84.72
CA GLN MA 374 62.08 -25.23 -83.90
C GLN MA 374 63.00 -24.67 -82.83
N TYR MA 375 62.85 -25.17 -81.61
CA TYR MA 375 63.66 -24.71 -80.49
C TYR MA 375 64.99 -25.45 -80.46
N GLY MA 376 66.06 -24.70 -80.22
CA GLY MA 376 67.39 -25.27 -80.09
C GLY MA 376 68.28 -24.31 -79.33
N TYR MA 377 69.30 -24.86 -78.69
CA TYR MA 377 70.18 -24.06 -77.86
C TYR MA 377 71.61 -24.51 -78.04
N LEU MA 378 72.54 -23.61 -77.70
CA LEU MA 378 73.96 -23.90 -77.73
C LEU MA 378 74.52 -23.88 -76.31
N THR MA 379 75.53 -24.71 -76.09
CA THR MA 379 76.21 -24.77 -74.80
C THR MA 379 77.71 -24.60 -75.03
N LEU MA 380 78.49 -24.80 -73.98
CA LEU MA 380 79.96 -24.59 -74.06
C LEU MA 380 80.56 -25.57 -75.07
N ASN MA 381 81.54 -25.11 -75.83
CA ASN MA 381 82.22 -25.98 -76.82
C ASN MA 381 83.72 -25.71 -76.84
N ASN MA 382 84.52 -26.75 -76.98
CA ASN MA 382 85.98 -26.57 -77.20
C ASN MA 382 86.16 -26.98 -78.65
N GLY MA 383 85.93 -26.07 -79.60
CA GLY MA 383 85.95 -26.46 -81.01
C GLY MA 383 84.60 -27.05 -81.37
N SER MA 384 84.57 -28.14 -82.13
CA SER MA 384 83.31 -28.82 -82.43
C SER MA 384 82.89 -29.76 -81.31
N GLN MA 385 83.74 -29.99 -80.32
CA GLN MA 385 83.44 -30.90 -79.22
C GLN MA 385 82.84 -30.13 -78.05
N ALA MA 386 82.46 -30.88 -77.02
CA ALA MA 386 81.91 -30.34 -75.79
C ALA MA 386 82.91 -30.46 -74.66
N VAL MA 387 82.62 -29.78 -73.56
CA VAL MA 387 83.41 -29.87 -72.34
C VAL MA 387 82.53 -30.41 -71.22
N GLY MA 388 83.15 -30.66 -70.08
CA GLY MA 388 82.43 -31.21 -68.95
C GLY MA 388 81.38 -30.27 -68.39
N ARG MA 389 81.57 -28.96 -68.60
CA ARG MA 389 80.63 -27.97 -68.10
C ARG MA 389 79.44 -27.77 -69.02
N SER MA 390 79.44 -28.37 -70.21
CA SER MA 390 78.32 -28.24 -71.13
C SER MA 390 77.06 -28.85 -70.52
N SER MA 391 75.94 -28.17 -70.70
CA SER MA 391 74.67 -28.56 -70.10
C SER MA 391 73.73 -29.12 -71.15
N PHE MA 392 73.02 -30.19 -70.79
CA PHE MA 392 71.99 -30.78 -71.61
C PHE MA 392 70.65 -30.62 -70.93
N TYR MA 393 69.64 -30.24 -71.70
CA TYR MA 393 68.31 -29.99 -71.18
C TYR MA 393 67.29 -30.83 -71.92
N CYS MA 394 66.51 -31.61 -71.18
CA CYS MA 394 65.37 -32.34 -71.72
C CYS MA 394 64.11 -31.56 -71.36
N LEU MA 395 63.38 -31.12 -72.38
CA LEU MA 395 62.19 -30.30 -72.17
C LEU MA 395 60.99 -31.12 -71.70
N GLU MA 396 61.05 -32.45 -71.80
CA GLU MA 396 60.03 -33.30 -71.21
C GLU MA 396 60.22 -33.49 -69.71
N TYR MA 397 61.30 -32.93 -69.15
CA TYR MA 397 61.57 -33.00 -67.68
C TYR MA 397 60.89 -31.81 -67.00
N PHE MA 398 60.17 -31.00 -67.75
CA PHE MA 398 59.36 -29.90 -67.26
C PHE MA 398 57.90 -30.31 -67.22
N PRO MA 399 57.13 -29.81 -66.24
CA PRO MA 399 55.68 -30.05 -66.26
C PRO MA 399 55.03 -29.25 -67.40
N SER MA 400 54.30 -29.95 -68.24
CA SER MA 400 53.64 -29.34 -69.39
C SER MA 400 52.17 -29.69 -69.38
N GLN MA 401 51.37 -28.84 -70.03
CA GLN MA 401 49.94 -29.02 -70.12
C GLN MA 401 49.59 -29.69 -71.44
N MET MA 402 48.83 -30.77 -71.38
CA MET MA 402 48.44 -31.54 -72.56
C MET MA 402 47.06 -31.07 -73.03
N LEU MA 403 46.97 -30.73 -74.31
CA LEU MA 403 45.77 -30.12 -74.88
C LEU MA 403 45.26 -30.97 -76.03
N ARG MA 404 44.04 -31.48 -75.90
CA ARG MA 404 43.34 -32.11 -77.01
C ARG MA 404 42.58 -31.04 -77.79
N THR MA 405 41.86 -31.48 -78.83
CA THR MA 405 40.97 -30.53 -79.55
C THR MA 405 39.85 -30.17 -78.59
N GLY MA 406 39.72 -28.91 -78.26
CA GLY MA 406 38.76 -28.44 -77.28
C GLY MA 406 39.37 -27.91 -76.01
N ASN MA 407 40.67 -28.11 -75.80
CA ASN MA 407 41.39 -27.54 -74.67
C ASN MA 407 42.13 -26.28 -75.11
N ASN MA 408 42.30 -25.36 -74.17
CA ASN MA 408 43.01 -24.12 -74.43
C ASN MA 408 44.07 -23.90 -73.36
N PHE MA 409 45.06 -23.09 -73.70
CA PHE MA 409 46.14 -22.72 -72.81
C PHE MA 409 46.17 -21.21 -72.65
N THR MA 410 46.51 -20.74 -71.46
CA THR MA 410 46.61 -19.31 -71.22
C THR MA 410 47.58 -19.06 -70.07
N PHE MA 411 48.19 -17.87 -70.10
CA PHE MA 411 49.00 -17.41 -68.97
C PHE MA 411 49.17 -15.90 -69.09
N SER MA 412 49.40 -15.28 -67.93
CA SER MA 412 49.57 -13.83 -67.84
C SER MA 412 50.95 -13.52 -67.29
N TYR MA 413 51.54 -12.43 -67.78
CA TYR MA 413 52.87 -12.02 -67.39
C TYR MA 413 52.87 -10.52 -67.15
N THR MA 414 53.61 -10.08 -66.15
CA THR MA 414 53.76 -8.67 -65.85
C THR MA 414 55.21 -8.25 -66.09
N PHE MA 415 55.40 -7.23 -66.92
CA PHE MA 415 56.74 -6.71 -67.17
C PHE MA 415 57.27 -6.03 -65.93
N GLU MA 416 58.58 -6.15 -65.71
CA GLU MA 416 59.23 -5.39 -64.65
C GLU MA 416 59.31 -3.91 -65.05
N ASP MA 417 59.60 -3.07 -64.06
CA ASP MA 417 59.73 -1.64 -64.32
C ASP MA 417 60.96 -1.38 -65.19
N VAL MA 418 60.74 -0.73 -66.33
CA VAL MA 418 61.82 -0.42 -67.26
C VAL MA 418 61.68 1.03 -67.68
N PRO MA 419 62.78 1.67 -68.09
CA PRO MA 419 62.69 3.05 -68.57
C PRO MA 419 61.86 3.16 -69.84
N PHE MA 420 61.19 4.29 -69.98
CA PHE MA 420 60.49 4.57 -71.22
C PHE MA 420 61.49 4.67 -72.36
N HIS MA 421 61.13 4.08 -73.51
CA HIS MA 421 61.95 4.26 -74.71
C HIS MA 421 61.92 5.72 -75.13
N SER MA 422 63.12 6.24 -75.46
CA SER MA 422 63.25 7.65 -75.91
C SER MA 422 62.74 7.80 -77.34
N SER MA 423 61.42 7.90 -77.51
CA SER MA 423 60.83 8.08 -78.83
C SER MA 423 60.81 9.55 -79.23
N TYR MA 424 61.98 10.18 -79.15
CA TYR MA 424 62.13 11.59 -79.50
C TYR MA 424 63.54 11.82 -79.98
N ALA MA 425 63.73 12.90 -80.71
CA ALA MA 425 65.04 13.37 -81.11
C ALA MA 425 65.32 14.71 -80.43
N HIS MA 426 66.54 14.85 -79.91
CA HIS MA 426 66.90 16.09 -79.23
C HIS MA 426 66.97 17.25 -80.23
N SER MA 427 66.34 18.36 -79.88
CA SER MA 427 66.41 19.58 -80.68
C SER MA 427 67.60 20.45 -80.32
N GLN MA 428 68.42 20.02 -79.36
CA GLN MA 428 69.65 20.70 -79.02
C GLN MA 428 70.81 19.73 -79.12
N SER MA 429 71.98 20.26 -79.44
CA SER MA 429 73.21 19.47 -79.46
C SER MA 429 73.93 19.63 -78.14
N LEU MA 430 74.67 18.59 -77.75
CA LEU MA 430 75.38 18.61 -76.47
C LEU MA 430 76.46 19.67 -76.42
N ASP MA 431 76.95 20.12 -77.58
CA ASP MA 431 78.04 21.13 -77.63
C ASP MA 431 77.45 22.52 -77.88
N ARG MA 432 76.12 22.65 -77.89
CA ARG MA 432 75.44 23.92 -78.13
C ARG MA 432 74.37 24.16 -77.08
N LEU MA 433 74.71 23.95 -75.81
CA LEU MA 433 73.76 24.09 -74.72
C LEU MA 433 73.88 25.42 -74.00
N MET MA 434 74.67 26.35 -74.51
CA MET MA 434 74.96 27.60 -73.84
C MET MA 434 74.04 28.72 -74.32
N ASN MA 435 74.21 29.89 -73.71
CA ASN MA 435 73.54 31.11 -74.15
C ASN MA 435 74.47 31.84 -75.10
N PRO MA 436 74.13 31.96 -76.39
CA PRO MA 436 75.07 32.58 -77.34
C PRO MA 436 75.24 34.08 -77.14
N LEU MA 437 74.41 34.72 -76.33
CA LEU MA 437 74.47 36.16 -76.15
C LEU MA 437 75.42 36.60 -75.04
N ILE MA 438 75.69 35.73 -74.07
CA ILE MA 438 76.45 36.09 -72.89
C ILE MA 438 77.77 35.33 -72.91
N ASP MA 439 78.87 36.03 -72.63
CA ASP MA 439 80.17 35.38 -72.51
C ASP MA 439 80.25 34.59 -71.20
N GLN MA 440 81.15 33.62 -71.18
CA GLN MA 440 81.44 32.89 -69.97
C GLN MA 440 82.41 33.68 -69.09
N TYR MA 441 82.28 33.49 -67.78
CA TYR MA 441 83.25 34.09 -66.86
C TYR MA 441 84.52 33.26 -66.73
N LEU MA 442 84.52 32.02 -67.20
CA LEU MA 442 85.70 31.18 -67.16
C LEU MA 442 86.63 31.50 -68.33
N TYR MA 443 87.92 31.29 -68.10
CA TYR MA 443 88.95 31.55 -69.10
C TYR MA 443 89.50 30.24 -69.64
N TYR MA 444 89.95 30.28 -70.89
CA TYR MA 444 90.62 29.15 -71.52
C TYR MA 444 91.89 29.66 -72.18
N LEU MA 445 92.89 28.78 -72.27
CA LEU MA 445 94.14 29.11 -72.94
C LEU MA 445 93.87 29.29 -74.43
N SER MA 446 93.93 30.53 -74.91
CA SER MA 446 93.63 30.84 -76.29
C SER MA 446 94.87 31.01 -77.16
N ARG MA 447 95.94 31.49 -76.56
CA ARG MA 447 97.21 31.64 -77.33
C ARG MA 447 98.37 31.07 -76.54
N THR MA 448 99.37 30.57 -77.26
CA THR MA 448 100.56 30.01 -76.65
C THR MA 448 101.84 30.75 -76.99
N ASN MA 449 101.78 31.75 -77.87
CA ASN MA 449 102.95 32.55 -78.21
C ASN MA 449 102.48 33.92 -78.71
N THR MA 450 103.42 34.85 -78.76
CA THR MA 450 103.17 36.19 -79.27
C THR MA 450 104.29 36.61 -80.20
N PRO MA 451 104.04 37.50 -81.18
CA PRO MA 451 105.12 38.00 -82.04
C PRO MA 451 106.17 38.69 -81.18
N SER MA 452 107.43 38.25 -81.29
CA SER MA 452 108.53 38.92 -80.55
C SER MA 452 109.63 39.27 -81.55
N GLY MA 453 109.94 40.56 -81.69
CA GLY MA 453 110.92 40.97 -82.73
C GLY MA 453 110.45 40.54 -84.10
N THR MA 454 111.29 39.80 -84.83
CA THR MA 454 110.89 39.29 -86.17
C THR MA 454 110.70 37.77 -86.04
N THR MA 455 110.81 37.24 -84.82
CA THR MA 455 110.58 35.79 -84.57
C THR MA 455 109.33 35.64 -83.71
N THR MA 456 109.23 34.55 -82.95
CA THR MA 456 108.09 34.36 -82.01
C THR MA 456 108.63 34.07 -80.61
N GLN MA 457 107.84 34.39 -79.59
CA GLN MA 457 108.24 34.13 -78.21
C GLN MA 457 107.10 33.46 -77.48
N SER MA 458 107.42 32.46 -76.65
CA SER MA 458 106.39 31.74 -75.91
C SER MA 458 105.73 32.65 -74.88
N ARG MA 459 104.40 32.68 -74.89
CA ARG MA 459 103.65 33.53 -73.98
C ARG MA 459 102.22 33.01 -73.90
N LEU MA 460 101.78 32.65 -72.70
CA LEU MA 460 100.44 32.13 -72.51
C LEU MA 460 99.43 33.26 -72.36
N GLN MA 461 98.31 33.16 -73.07
CA GLN MA 461 97.22 34.11 -72.96
C GLN MA 461 95.90 33.38 -72.82
N PHE MA 462 94.94 34.02 -72.18
CA PHE MA 462 93.65 33.41 -71.87
C PHE MA 462 92.52 34.35 -72.29
N SER MA 463 91.42 33.74 -72.72
CA SER MA 463 90.27 34.49 -73.18
C SER MA 463 89.00 33.89 -72.58
N GLN MA 464 87.96 34.71 -72.51
CA GLN MA 464 86.64 34.25 -72.13
C GLN MA 464 85.87 33.85 -73.39
N ALA MA 465 85.25 32.68 -73.36
CA ALA MA 465 84.61 32.13 -74.54
C ALA MA 465 83.21 32.71 -74.72
N GLY MA 466 82.88 33.06 -75.95
CA GLY MA 466 81.56 33.56 -76.32
C GLY MA 466 81.05 32.81 -77.53
N ALA MA 467 80.31 33.54 -78.38
CA ALA MA 467 79.74 32.94 -79.57
C ALA MA 467 80.75 32.75 -80.69
N SER MA 468 81.70 33.69 -80.82
CA SER MA 468 82.66 33.62 -81.92
C SER MA 468 83.62 32.46 -81.76
N ASP MA 469 84.00 32.13 -80.52
CA ASP MA 469 84.86 30.99 -80.23
C ASP MA 469 84.09 29.95 -79.43
N ILE MA 470 82.86 29.66 -79.89
CA ILE MA 470 81.94 28.80 -79.17
C ILE MA 470 82.49 27.39 -78.94
N ARG MA 471 83.46 26.96 -79.74
CA ARG MA 471 84.02 25.63 -79.58
C ARG MA 471 84.89 25.51 -78.33
N ASP MA 472 85.34 26.62 -77.76
CA ASP MA 472 86.24 26.61 -76.62
C ASP MA 472 85.52 26.79 -75.29
N GLN MA 473 84.19 26.82 -75.31
CA GLN MA 473 83.45 27.08 -74.08
C GLN MA 473 83.58 25.91 -73.10
N SER MA 474 83.69 26.24 -71.81
CA SER MA 474 83.72 25.22 -70.78
C SER MA 474 82.36 24.54 -70.68
N ARG MA 475 82.37 23.22 -70.58
CA ARG MA 475 81.14 22.43 -70.61
C ARG MA 475 81.14 21.44 -69.46
N ASN MA 476 79.94 20.97 -69.12
CA ASN MA 476 79.74 20.09 -67.98
C ASN MA 476 79.61 18.62 -68.37
N TRP MA 477 79.42 18.31 -69.65
CA TRP MA 477 79.08 16.96 -70.09
C TRP MA 477 79.93 16.58 -71.29
N LEU MA 478 79.93 15.27 -71.58
CA LEU MA 478 80.70 14.68 -72.66
C LEU MA 478 79.81 13.77 -73.49
N PRO MA 479 80.14 13.58 -74.77
CA PRO MA 479 79.38 12.64 -75.60
C PRO MA 479 79.61 11.21 -75.15
N GLY MA 480 78.62 10.36 -75.44
CA GLY MA 480 78.63 8.98 -74.99
C GLY MA 480 79.78 8.15 -75.53
N PRO MA 481 79.88 6.90 -75.08
CA PRO MA 481 81.02 6.06 -75.46
C PRO MA 481 80.97 5.66 -76.93
N CYS MA 482 82.15 5.26 -77.41
CA CYS MA 482 82.34 4.99 -78.84
C CYS MA 482 83.11 3.68 -79.05
N TYR MA 483 82.82 2.98 -80.15
CA TYR MA 483 83.59 1.81 -80.57
C TYR MA 483 83.61 1.85 -82.10
N ARG MA 484 84.68 2.42 -82.66
CA ARG MA 484 84.66 2.90 -84.03
C ARG MA 484 84.34 1.79 -85.03
N GLN MA 485 83.52 2.13 -86.02
CA GLN MA 485 83.13 1.25 -87.11
C GLN MA 485 83.72 1.76 -88.41
N GLN MA 486 83.94 0.84 -89.35
CA GLN MA 486 84.37 1.24 -90.69
C GLN MA 486 83.21 1.88 -91.45
N ARG MA 487 83.53 2.86 -92.27
CA ARG MA 487 82.54 3.59 -93.04
C ARG MA 487 82.40 2.99 -94.43
N VAL MA 488 81.15 2.69 -94.77
CA VAL MA 488 80.80 2.14 -96.11
C VAL MA 488 79.79 3.09 -96.72
N SER MA 489 79.73 3.18 -98.05
CA SER MA 489 78.84 4.07 -98.76
C SER MA 489 77.79 3.28 -99.53
N LYS MA 490 76.57 3.82 -99.58
CA LYS MA 490 75.47 3.16 -100.33
C LYS MA 490 75.78 3.26 -101.83
N THR MA 491 76.53 4.28 -102.25
CA THR MA 491 76.99 4.38 -103.67
C THR MA 491 78.16 3.39 -103.81
N SER MA 492 77.99 2.34 -104.60
CA SER MA 492 79.02 1.27 -104.68
C SER MA 492 80.40 1.79 -105.11
N ALA MA 493 80.47 2.63 -106.15
CA ALA MA 493 81.76 3.07 -106.66
C ALA MA 493 82.60 3.75 -105.58
N ASP MA 494 81.96 4.31 -104.56
CA ASP MA 494 82.68 5.03 -103.51
C ASP MA 494 83.44 4.10 -102.58
N ASN MA 495 83.18 2.81 -102.62
CA ASN MA 495 83.80 1.86 -101.70
C ASN MA 495 85.10 1.31 -102.28
N ASN MA 496 85.96 0.84 -101.39
CA ASN MA 496 87.23 0.25 -101.81
C ASN MA 496 86.99 -1.05 -102.56
N ASN MA 497 87.76 -1.27 -103.63
CA ASN MA 497 87.62 -2.47 -104.46
C ASN MA 497 88.43 -3.61 -103.84
N SER MA 498 87.90 -4.12 -102.73
CA SER MA 498 88.53 -5.23 -102.01
C SER MA 498 87.49 -5.90 -101.14
N GLU MA 499 87.86 -7.06 -100.60
CA GLU MA 499 86.97 -7.80 -99.66
C GLU MA 499 87.40 -7.42 -98.25
N TYR MA 500 86.63 -6.54 -97.61
CA TYR MA 500 86.95 -6.04 -96.27
C TYR MA 500 85.79 -6.21 -95.30
N SER MA 501 84.87 -7.14 -95.58
CA SER MA 501 83.74 -7.33 -94.67
C SER MA 501 84.16 -7.93 -93.34
N TRP MA 502 85.34 -8.55 -93.27
CA TRP MA 502 85.86 -9.10 -92.03
C TRP MA 502 87.18 -8.50 -91.60
N THR MA 503 88.09 -8.24 -92.55
CA THR MA 503 89.37 -7.65 -92.19
C THR MA 503 89.19 -6.25 -91.61
N GLY MA 504 88.31 -5.45 -92.21
CA GLY MA 504 87.99 -4.12 -91.72
C GLY MA 504 86.84 -4.08 -90.75
N ALA MA 505 86.32 -5.23 -90.33
CA ALA MA 505 85.17 -5.28 -89.45
C ALA MA 505 85.56 -4.97 -88.01
N THR MA 506 84.59 -4.46 -87.25
CA THR MA 506 84.77 -4.20 -85.83
C THR MA 506 84.39 -5.45 -85.05
N LYS MA 507 85.32 -5.95 -84.23
CA LYS MA 507 85.18 -7.25 -83.59
C LYS MA 507 85.52 -7.15 -82.11
N TYR MA 508 84.98 -8.10 -81.35
CA TYR MA 508 85.40 -8.33 -79.98
C TYR MA 508 85.93 -9.75 -79.84
N HIS MA 509 86.95 -9.91 -79.01
CA HIS MA 509 87.67 -11.17 -78.84
C HIS MA 509 87.22 -11.82 -77.55
N LEU MA 510 86.75 -13.07 -77.63
CA LEU MA 510 86.25 -13.79 -76.46
C LEU MA 510 86.65 -15.25 -76.58
N ASN MA 511 87.49 -15.71 -75.64
CA ASN MA 511 87.93 -17.10 -75.58
C ASN MA 511 88.60 -17.55 -76.88
N GLY MA 512 89.38 -16.65 -77.48
CA GLY MA 512 90.10 -16.97 -78.70
C GLY MA 512 89.28 -16.91 -79.96
N ARG MA 513 88.02 -16.52 -79.87
CA ARG MA 513 87.20 -16.38 -81.10
C ARG MA 513 86.74 -14.94 -81.31
N ASP MA 514 86.84 -14.45 -82.54
CA ASP MA 514 86.39 -13.13 -82.93
C ASP MA 514 84.92 -13.17 -83.31
N SER MA 515 84.12 -12.30 -82.70
CA SER MA 515 82.72 -12.14 -83.03
C SER MA 515 82.50 -10.75 -83.59
N LEU MA 516 81.65 -10.66 -84.61
CA LEU MA 516 81.32 -9.37 -85.20
C LEU MA 516 80.55 -8.52 -84.19
N VAL MA 517 80.93 -7.24 -84.08
CA VAL MA 517 80.21 -6.28 -83.26
C VAL MA 517 79.09 -5.71 -84.13
N ASN MA 518 77.87 -6.16 -83.88
CA ASN MA 518 76.73 -5.83 -84.73
C ASN MA 518 75.46 -5.84 -83.90
N PRO MA 519 74.80 -4.69 -83.73
CA PRO MA 519 75.17 -3.35 -84.21
C PRO MA 519 76.11 -2.61 -83.27
N GLY MA 520 76.36 -3.16 -82.08
CA GLY MA 520 77.28 -2.55 -81.14
C GLY MA 520 76.68 -1.40 -80.37
N PRO MA 521 77.54 -0.61 -79.73
CA PRO MA 521 77.07 0.55 -78.96
C PRO MA 521 76.34 1.54 -79.85
N ALA MA 522 75.34 2.20 -79.27
CA ALA MA 522 74.50 3.14 -80.02
C ALA MA 522 75.32 4.35 -80.43
N MET MA 523 75.48 4.55 -81.74
CA MET MA 523 76.25 5.66 -82.27
C MET MA 523 75.54 6.18 -83.52
N ALA MA 524 75.78 7.45 -83.82
CA ALA MA 524 75.17 8.07 -84.99
C ALA MA 524 75.71 7.43 -86.26
N SER MA 525 74.80 7.19 -87.21
CA SER MA 525 75.20 6.56 -88.47
C SER MA 525 76.12 7.46 -89.27
N HIS MA 526 75.85 8.77 -89.28
CA HIS MA 526 76.62 9.70 -90.09
C HIS MA 526 76.44 11.10 -89.52
N LYS MA 527 77.31 12.01 -89.96
CA LYS MA 527 77.25 13.40 -89.57
C LYS MA 527 76.37 14.16 -90.56
N ASP MA 528 76.38 15.49 -90.48
CA ASP MA 528 75.54 16.30 -91.35
C ASP MA 528 75.90 16.08 -92.82
N ASP MA 529 74.86 15.97 -93.66
CA ASP MA 529 75.02 15.91 -95.11
C ASP MA 529 75.89 14.74 -95.55
N GLU MA 530 75.76 13.61 -94.86
CA GLU MA 530 76.49 12.40 -95.23
C GLU MA 530 75.57 11.19 -95.11
N GLU MA 531 74.33 11.33 -95.58
CA GLU MA 531 73.34 10.27 -95.42
C GLU MA 531 73.68 9.01 -96.21
N LYS MA 532 74.57 9.11 -97.20
CA LYS MA 532 74.96 7.93 -97.96
C LYS MA 532 75.91 7.02 -97.20
N PHE MA 533 76.48 7.49 -96.09
CA PHE MA 533 77.45 6.72 -95.32
C PHE MA 533 76.77 6.07 -94.12
N PHE MA 534 77.09 4.80 -93.89
CA PHE MA 534 76.61 4.07 -92.73
C PHE MA 534 77.73 3.20 -92.19
N PRO MA 535 77.71 2.90 -90.89
CA PRO MA 535 78.73 2.00 -90.33
C PRO MA 535 78.60 0.60 -90.91
N GLN MA 536 79.75 -0.07 -91.01
CA GLN MA 536 79.79 -1.37 -91.68
C GLN MA 536 78.91 -2.40 -90.97
N SER MA 537 78.96 -2.43 -89.65
CA SER MA 537 78.10 -3.32 -88.86
C SER MA 537 77.53 -2.57 -87.67
N GLY MA 538 77.20 -1.30 -87.85
CA GLY MA 538 76.71 -0.47 -86.77
C GLY MA 538 75.24 -0.10 -86.83
N VAL MA 539 74.49 -0.61 -87.81
CA VAL MA 539 73.07 -0.32 -87.94
C VAL MA 539 72.32 -1.61 -88.19
N LEU MA 540 71.05 -1.62 -87.82
CA LEU MA 540 70.18 -2.74 -88.17
C LEU MA 540 69.85 -2.70 -89.66
N ILE MA 541 69.90 -3.85 -90.30
CA ILE MA 541 69.59 -3.98 -91.72
C ILE MA 541 68.44 -4.96 -91.85
N PHE MA 542 67.30 -4.48 -92.33
CA PHE MA 542 66.11 -5.31 -92.53
C PHE MA 542 66.00 -5.68 -94.00
N GLY MA 543 65.50 -6.89 -94.26
CA GLY MA 543 65.30 -7.34 -95.62
C GLY MA 543 63.94 -6.92 -96.16
N LYS MA 544 63.93 -6.53 -97.43
CA LYS MA 544 62.68 -6.27 -98.10
C LYS MA 544 61.92 -7.57 -98.35
N GLN MA 545 60.66 -7.46 -98.74
CA GLN MA 545 59.85 -8.64 -99.00
C GLN MA 545 60.44 -9.43 -100.15
N GLY MA 546 60.57 -10.75 -99.96
CA GLY MA 546 61.11 -11.62 -100.97
C GLY MA 546 62.62 -11.69 -101.03
N SER MA 547 63.30 -11.06 -100.06
CA SER MA 547 64.78 -11.00 -100.08
C SER MA 547 65.36 -12.37 -99.71
N GLU MA 548 66.42 -12.80 -100.39
CA GLU MA 548 67.05 -14.08 -100.13
C GLU MA 548 67.88 -14.00 -98.85
N LYS MA 549 68.67 -15.05 -98.60
CA LYS MA 549 69.43 -15.15 -97.37
C LYS MA 549 70.89 -14.73 -97.54
N THR MA 550 71.51 -15.09 -98.66
CA THR MA 550 72.94 -14.93 -98.84
C THR MA 550 73.24 -13.95 -99.96
N ASN MA 551 74.05 -12.93 -99.64
CA ASN MA 551 74.66 -12.03 -100.62
C ASN MA 551 73.60 -11.35 -101.49
N VAL MA 552 72.61 -10.76 -100.85
CA VAL MA 552 71.63 -9.95 -101.55
C VAL MA 552 72.20 -8.56 -101.77
N ASP MA 553 71.74 -7.88 -102.82
CA ASP MA 553 72.25 -6.57 -103.15
C ASP MA 553 71.73 -5.53 -102.16
N ILE MA 554 72.30 -4.32 -102.25
CA ILE MA 554 71.90 -3.25 -101.34
C ILE MA 554 70.46 -2.82 -101.59
N GLU MA 555 70.00 -2.89 -102.84
CA GLU MA 555 68.62 -2.53 -103.16
C GLU MA 555 67.62 -3.53 -102.61
N LYS MA 556 68.07 -4.70 -102.16
CA LYS MA 556 67.20 -5.70 -101.58
C LYS MA 556 67.04 -5.54 -100.07
N VAL MA 557 67.78 -4.63 -99.45
CA VAL MA 557 67.74 -4.44 -98.00
C VAL MA 557 67.45 -2.98 -97.70
N MET MA 558 66.93 -2.75 -96.50
CA MET MA 558 66.63 -1.41 -96.00
C MET MA 558 67.52 -1.15 -94.79
N ILE MA 559 68.42 -0.18 -94.92
CA ILE MA 559 69.40 0.13 -93.89
C ILE MA 559 68.84 1.25 -93.00
N THR MA 560 68.83 1.01 -91.70
CA THR MA 560 68.29 1.99 -90.77
C THR MA 560 69.27 3.13 -90.54
N ASP MA 561 68.74 4.23 -89.99
CA ASP MA 561 69.57 5.41 -89.73
C ASP MA 561 69.40 5.84 -88.28
N GLU MA 562 70.49 6.10 -87.61
CA GLU MA 562 70.52 6.54 -86.22
C GLU MA 562 71.06 7.97 -86.13
N GLU MA 563 70.62 8.83 -87.04
CA GLU MA 563 71.11 10.21 -87.06
C GLU MA 563 70.45 11.09 -86.01
N GLU MA 564 69.32 10.67 -85.45
CA GLU MA 564 68.65 11.50 -84.45
C GLU MA 564 69.42 11.58 -83.14
N ILE MA 565 70.40 10.71 -82.93
CA ILE MA 565 71.15 10.67 -81.68
C ILE MA 565 72.54 11.28 -81.84
N ARG MA 566 72.82 11.92 -82.98
CA ARG MA 566 74.11 12.57 -83.16
C ARG MA 566 74.26 13.83 -82.32
N THR MA 567 73.18 14.28 -81.68
CA THR MA 567 73.28 15.41 -80.77
C THR MA 567 74.10 15.08 -79.53
N THR MA 568 74.01 13.83 -79.05
CA THR MA 568 74.73 13.41 -77.85
C THR MA 568 75.69 12.24 -78.08
N ASN MA 569 75.55 11.50 -79.17
CA ASN MA 569 76.37 10.33 -79.40
C ASN MA 569 77.36 10.58 -80.52
N PRO MA 570 78.58 10.09 -80.39
CA PRO MA 570 79.57 10.28 -81.45
C PRO MA 570 79.18 9.53 -82.71
N VAL MA 571 79.64 10.04 -83.85
CA VAL MA 571 79.43 9.37 -85.12
C VAL MA 571 80.19 8.05 -85.11
N ALA MA 572 79.54 7.00 -85.62
CA ALA MA 572 80.08 5.65 -85.50
C ALA MA 572 81.40 5.50 -86.24
N THR MA 573 81.54 6.16 -87.39
CA THR MA 573 82.68 5.97 -88.25
C THR MA 573 83.82 6.94 -87.96
N GLU MA 574 83.68 7.81 -86.96
CA GLU MA 574 84.69 8.79 -86.65
C GLU MA 574 85.22 8.57 -85.23
N GLN MA 575 86.32 9.24 -84.93
CA GLN MA 575 86.92 9.12 -83.61
C GLN MA 575 86.08 9.85 -82.57
N TYR MA 576 86.21 9.41 -81.32
CA TYR MA 576 85.57 10.11 -80.22
C TYR MA 576 86.15 11.50 -80.05
N GLY MA 577 87.47 11.62 -80.15
CA GLY MA 577 88.13 12.89 -79.93
C GLY MA 577 89.63 12.73 -79.98
N SER MA 578 90.33 13.65 -79.32
CA SER MA 578 91.77 13.64 -79.27
C SER MA 578 92.26 13.82 -77.85
N VAL MA 579 93.38 13.17 -77.53
CA VAL MA 579 94.03 13.29 -76.24
C VAL MA 579 95.51 13.57 -76.46
N SER MA 580 96.14 14.17 -75.45
CA SER MA 580 97.57 14.41 -75.51
C SER MA 580 98.34 13.11 -75.29
N THR MA 581 99.48 13.00 -75.95
CA THR MA 581 100.31 11.80 -75.86
C THR MA 581 101.72 12.06 -75.34
N ASN MA 582 102.12 13.31 -75.14
CA ASN MA 582 103.46 13.62 -74.66
C ASN MA 582 103.37 14.86 -73.78
N LEU MA 583 104.54 15.41 -73.44
CA LEU MA 583 104.65 16.62 -72.63
C LEU MA 583 105.43 17.66 -73.43
N GLN MA 584 104.74 18.69 -73.89
CA GLN MA 584 105.40 19.77 -74.61
C GLN MA 584 106.35 20.53 -73.69
N ARG MA 585 107.44 20.99 -74.30
CA ARG MA 585 108.49 21.68 -73.50
C ARG MA 585 109.32 22.55 -74.45
N GLY MA 586 109.72 23.74 -74.00
CA GLY MA 586 110.61 24.59 -74.76
C GLY MA 586 112.07 24.32 -74.48
N ASN MA 587 112.92 25.14 -75.10
CA ASN MA 587 114.39 24.92 -74.99
C ASN MA 587 114.89 25.39 -73.62
N THR MA 594 116.01 19.42 -75.58
CA THR MA 594 115.59 20.16 -76.80
C THR MA 594 114.10 20.49 -76.68
N SER MA 595 113.51 21.15 -77.68
CA SER MA 595 112.08 21.39 -77.52
C SER MA 595 111.27 20.22 -78.06
N ARG MA 596 110.09 20.01 -77.48
CA ARG MA 596 109.16 18.98 -77.91
C ARG MA 596 107.79 19.63 -78.13
N GLN MA 597 107.24 19.45 -79.32
CA GLN MA 597 105.94 20.02 -79.63
C GLN MA 597 104.82 19.10 -79.15
N ALA MA 598 103.69 19.70 -78.79
CA ALA MA 598 102.56 18.94 -78.29
C ALA MA 598 102.02 18.01 -79.37
N ALA MA 599 101.72 16.77 -78.97
CA ALA MA 599 101.24 15.75 -79.87
C ALA MA 599 99.90 15.22 -79.38
N THR MA 600 99.04 14.84 -80.33
CA THR MA 600 97.71 14.33 -80.03
C THR MA 600 97.48 13.04 -80.83
N ALA MA 601 96.56 12.22 -80.31
CA ALA MA 601 96.18 10.99 -80.97
C ALA MA 601 94.66 10.87 -80.99
N ASP MA 602 94.16 10.20 -82.04
CA ASP MA 602 92.73 9.93 -82.13
C ASP MA 602 92.32 8.87 -81.13
N VAL MA 603 91.13 9.02 -80.57
CA VAL MA 603 90.58 8.05 -79.62
C VAL MA 603 89.52 7.27 -80.38
N ASN MA 604 89.92 6.15 -80.96
CA ASN MA 604 89.00 5.31 -81.74
C ASN MA 604 88.09 4.47 -80.86
N THR MA 605 88.46 4.25 -79.60
CA THR MA 605 87.60 3.55 -78.65
C THR MA 605 87.62 4.31 -77.33
N GLN MA 606 86.44 4.61 -76.81
CA GLN MA 606 86.31 5.38 -75.58
C GLN MA 606 85.34 4.67 -74.65
N GLY MA 607 85.80 4.33 -73.46
CA GLY MA 607 84.93 3.79 -72.44
C GLY MA 607 84.12 4.88 -71.77
N VAL MA 608 83.26 4.45 -70.85
CA VAL MA 608 82.39 5.39 -70.16
C VAL MA 608 83.19 6.22 -69.18
N LEU MA 609 83.03 7.53 -69.24
CA LEU MA 609 83.64 8.50 -68.35
C LEU MA 609 82.59 9.17 -67.47
N PRO MA 610 82.95 9.64 -66.28
CA PRO MA 610 81.99 10.41 -65.49
C PRO MA 610 81.57 11.68 -66.22
N GLY MA 611 80.29 11.99 -66.13
CA GLY MA 611 79.72 13.11 -66.86
C GLY MA 611 79.29 12.80 -68.27
N MET MA 612 79.36 11.55 -68.69
CA MET MA 612 79.00 11.16 -70.09
C MET MA 612 77.49 10.96 -70.20
N VAL MA 613 76.87 11.46 -71.27
CA VAL MA 613 75.46 11.32 -71.58
C VAL MA 613 75.31 10.77 -72.99
N TRP MA 614 74.32 9.91 -73.19
CA TRP MA 614 74.13 9.25 -74.47
C TRP MA 614 72.67 8.85 -74.62
N GLN MA 615 72.30 8.51 -75.85
CA GLN MA 615 70.99 7.97 -76.18
C GLN MA 615 71.12 6.54 -76.64
N ASP MA 616 70.14 5.71 -76.30
CA ASP MA 616 70.15 4.32 -76.70
C ASP MA 616 69.74 4.18 -78.16
N ARG MA 617 69.90 2.98 -78.69
CA ARG MA 617 69.51 2.71 -80.07
C ARG MA 617 68.00 2.77 -80.22
N ASP MA 618 67.54 3.27 -81.36
CA ASP MA 618 66.12 3.39 -81.63
C ASP MA 618 65.50 2.01 -81.86
N VAL MA 619 64.21 1.92 -81.58
CA VAL MA 619 63.43 0.73 -81.88
C VAL MA 619 62.63 0.98 -83.15
N TYR MA 620 62.31 -0.10 -83.85
CA TYR MA 620 61.65 -0.02 -85.14
C TYR MA 620 60.44 -0.94 -85.14
N LEU MA 621 59.54 -0.70 -86.10
CA LEU MA 621 58.35 -1.54 -86.21
C LEU MA 621 58.72 -2.99 -86.49
N GLN MA 622 59.72 -3.20 -87.34
CA GLN MA 622 60.23 -4.54 -87.62
C GLN MA 622 61.27 -5.00 -86.61
N GLY MA 623 61.66 -4.13 -85.66
CA GLY MA 623 62.72 -4.45 -84.74
C GLY MA 623 62.27 -5.24 -83.54
N PRO MA 624 63.23 -5.73 -82.76
CA PRO MA 624 62.89 -6.47 -81.54
C PRO MA 624 62.38 -5.54 -80.44
N ILE MA 625 61.61 -6.13 -79.53
CA ILE MA 625 61.02 -5.40 -78.41
C ILE MA 625 61.88 -5.48 -77.16
N TRP MA 626 62.34 -6.68 -76.80
CA TRP MA 626 63.03 -6.88 -75.54
C TRP MA 626 64.16 -7.87 -75.73
N ALA MA 627 64.93 -8.05 -74.66
CA ALA MA 627 65.95 -9.09 -74.58
C ALA MA 627 66.19 -9.41 -73.12
N LYS MA 628 66.68 -10.63 -72.87
CA LYS MA 628 66.97 -11.04 -71.50
C LYS MA 628 68.36 -10.57 -71.10
N ILE MA 629 68.44 -9.84 -70.00
CA ILE MA 629 69.75 -9.43 -69.47
C ILE MA 629 70.48 -10.67 -68.96
N PRO MA 630 71.71 -10.92 -69.40
CA PRO MA 630 72.42 -12.11 -68.95
C PRO MA 630 72.60 -12.11 -67.44
N HIS MA 631 72.51 -13.30 -66.84
CA HIS MA 631 72.67 -13.47 -65.40
C HIS MA 631 74.16 -13.41 -65.09
N THR MA 632 74.65 -12.21 -64.81
CA THR MA 632 76.06 -11.97 -64.56
C THR MA 632 76.20 -11.12 -63.31
N ASP MA 633 77.40 -11.12 -62.74
CA ASP MA 633 77.66 -10.36 -61.48
C ASP MA 633 77.54 -8.86 -61.79
N GLY MA 634 78.05 -8.43 -62.94
CA GLY MA 634 78.03 -7.02 -63.27
C GLY MA 634 77.61 -6.79 -64.70
N HIS MA 635 76.97 -5.64 -64.91
CA HIS MA 635 76.61 -5.16 -66.24
C HIS MA 635 76.36 -3.66 -66.13
N PHE MA 636 76.66 -2.95 -67.21
CA PHE MA 636 76.49 -1.50 -67.25
C PHE MA 636 75.46 -1.16 -68.30
N HIS MA 637 74.42 -0.42 -67.90
CA HIS MA 637 73.35 0.03 -68.78
C HIS MA 637 72.82 -1.13 -69.61
N PRO MA 638 72.07 -2.05 -69.01
CA PRO MA 638 71.63 -3.27 -69.71
C PRO MA 638 70.48 -3.06 -70.70
N SER MA 639 70.61 -2.04 -71.53
CA SER MA 639 69.74 -1.89 -72.69
C SER MA 639 70.29 -2.73 -73.84
N PRO MA 640 69.46 -3.56 -74.48
CA PRO MA 640 69.97 -4.41 -75.56
C PRO MA 640 70.58 -3.56 -76.67
N LEU MA 641 71.70 -4.04 -77.21
CA LEU MA 641 72.39 -3.28 -78.24
C LEU MA 641 71.63 -3.27 -79.57
N MET MA 642 70.85 -4.31 -79.83
CA MET MA 642 70.01 -4.34 -81.01
C MET MA 642 68.79 -3.44 -80.91
N GLY MA 643 68.51 -2.90 -79.72
CA GLY MA 643 67.38 -2.02 -79.51
C GLY MA 643 66.28 -2.70 -78.72
N GLY MA 644 65.68 -1.94 -77.80
CA GLY MA 644 64.58 -2.47 -77.02
C GLY MA 644 64.72 -2.29 -75.53
N PHE MA 645 64.04 -3.15 -74.76
CA PHE MA 645 63.99 -3.05 -73.31
C PHE MA 645 64.74 -4.23 -72.70
N GLY MA 646 65.70 -3.93 -71.84
CA GLY MA 646 66.41 -4.96 -71.12
C GLY MA 646 65.63 -5.46 -69.93
N LEU MA 647 65.37 -6.76 -69.87
CA LEU MA 647 64.53 -7.34 -68.84
C LEU MA 647 65.31 -8.44 -68.12
N LYS MA 648 65.40 -8.33 -66.79
CA LYS MA 648 66.00 -9.41 -66.01
C LYS MA 648 65.12 -10.64 -66.03
N HIS MA 649 63.80 -10.46 -66.06
CA HIS MA 649 62.83 -11.53 -66.17
C HIS MA 649 61.94 -11.21 -67.38
N PRO MA 650 62.39 -11.53 -68.59
CA PRO MA 650 61.61 -11.22 -69.78
C PRO MA 650 60.41 -12.13 -69.89
N PRO MA 651 59.52 -11.90 -70.86
CA PRO MA 651 58.42 -12.83 -71.10
C PRO MA 651 58.94 -14.24 -71.32
N PRO MA 652 58.41 -15.22 -70.60
CA PRO MA 652 58.98 -16.56 -70.65
C PRO MA 652 58.80 -17.20 -72.02
N GLN MA 653 59.72 -18.09 -72.35
CA GLN MA 653 59.61 -18.89 -73.57
C GLN MA 653 58.42 -19.83 -73.46
N ILE MA 654 57.63 -19.90 -74.53
CA ILE MA 654 56.47 -20.77 -74.59
C ILE MA 654 56.80 -21.91 -75.54
N LEU MA 655 56.94 -23.12 -75.00
CA LEU MA 655 57.36 -24.28 -75.77
C LEU MA 655 56.15 -25.15 -76.07
N ILE MA 656 56.03 -25.57 -77.34
CA ILE MA 656 54.91 -26.38 -77.79
C ILE MA 656 55.44 -27.49 -78.69
N LYS MA 657 54.89 -28.69 -78.54
CA LYS MA 657 55.25 -29.79 -79.41
C LYS MA 657 54.10 -30.78 -79.48
N ASN MA 658 54.09 -31.57 -80.55
CA ASN MA 658 53.08 -32.59 -80.71
C ASN MA 658 53.48 -33.84 -79.93
N THR MA 659 52.54 -34.41 -79.20
CA THR MA 659 52.80 -35.63 -78.47
C THR MA 659 53.02 -36.78 -79.44
N PRO MA 660 54.12 -37.52 -79.35
CA PRO MA 660 54.35 -38.62 -80.29
C PRO MA 660 53.30 -39.72 -80.10
N VAL MA 661 52.71 -40.14 -81.21
CA VAL MA 661 51.73 -41.22 -81.22
C VAL MA 661 52.38 -42.42 -81.89
N PRO MA 662 52.70 -43.49 -81.15
CA PRO MA 662 53.36 -44.64 -81.76
C PRO MA 662 52.48 -45.29 -82.82
N ALA MA 663 53.14 -45.81 -83.85
CA ALA MA 663 52.47 -46.57 -84.90
C ALA MA 663 52.20 -47.98 -84.39
N ASN MA 664 51.83 -48.89 -85.30
CA ASN MA 664 51.46 -50.23 -84.91
C ASN MA 664 52.64 -50.97 -84.28
N PRO MA 665 52.53 -51.40 -83.02
CA PRO MA 665 53.64 -52.12 -82.39
C PRO MA 665 53.63 -53.60 -82.74
N SER MA 666 54.78 -54.23 -82.45
CA SER MA 666 54.93 -55.68 -82.68
C SER MA 666 54.19 -56.44 -81.58
N THR MA 667 53.58 -57.57 -81.92
CA THR MA 667 52.88 -58.39 -80.95
C THR MA 667 53.83 -59.06 -79.96
N THR MA 668 55.13 -59.08 -80.26
CA THR MA 668 56.14 -59.60 -79.35
C THR MA 668 56.85 -58.43 -78.70
N PHE MA 669 57.13 -58.56 -77.40
CA PHE MA 669 57.77 -57.46 -76.67
C PHE MA 669 59.17 -57.20 -77.20
N SER MA 670 59.50 -55.92 -77.35
CA SER MA 670 60.82 -55.47 -77.74
C SER MA 670 61.24 -54.34 -76.83
N ALA MA 671 62.44 -54.46 -76.26
CA ALA MA 671 62.95 -53.44 -75.36
C ALA MA 671 63.50 -52.22 -76.09
N ALA MA 672 63.64 -52.30 -77.41
CA ALA MA 672 64.11 -51.16 -78.17
C ALA MA 672 63.07 -50.03 -78.13
N LYS MA 673 63.55 -48.81 -78.02
CA LYS MA 673 62.66 -47.66 -77.98
C LYS MA 673 61.93 -47.53 -79.31
N PHE MA 674 60.72 -46.97 -79.24
CA PHE MA 674 59.88 -46.84 -80.45
C PHE MA 674 60.52 -45.91 -81.48
N ALA MA 675 60.58 -46.36 -82.73
CA ALA MA 675 61.11 -45.56 -83.80
C ALA MA 675 60.10 -45.28 -84.91
N SER MA 676 58.92 -45.90 -84.87
CA SER MA 676 57.88 -45.71 -85.85
C SER MA 676 56.72 -44.97 -85.19
N PHE MA 677 56.28 -43.88 -85.81
CA PHE MA 677 55.22 -43.04 -85.27
C PHE MA 677 54.27 -42.66 -86.39
N ILE MA 678 53.06 -42.28 -86.00
CA ILE MA 678 52.08 -41.76 -86.94
C ILE MA 678 52.45 -40.33 -87.29
N THR MA 679 52.61 -40.04 -88.58
CA THR MA 679 52.95 -38.70 -89.01
C THR MA 679 51.79 -37.76 -88.72
N GLN MA 680 52.08 -36.65 -88.06
CA GLN MA 680 51.02 -35.71 -87.70
C GLN MA 680 51.61 -34.34 -87.44
N TYR MA 681 50.75 -33.33 -87.58
CA TYR MA 681 51.07 -31.95 -87.26
C TYR MA 681 49.87 -31.34 -86.55
N SER MA 682 50.02 -30.12 -86.10
CA SER MA 682 48.94 -29.42 -85.41
C SER MA 682 48.80 -28.01 -85.97
N THR MA 683 47.59 -27.48 -85.88
CA THR MA 683 47.29 -26.11 -86.26
C THR MA 683 46.35 -25.52 -85.23
N GLY MA 684 46.37 -24.19 -85.12
CA GLY MA 684 45.55 -23.55 -84.14
C GLY MA 684 45.70 -22.04 -84.22
N GLN MA 685 45.18 -21.36 -83.20
CA GLN MA 685 45.23 -19.92 -83.11
C GLN MA 685 45.99 -19.51 -81.86
N VAL MA 686 46.72 -18.40 -81.98
CA VAL MA 686 47.50 -17.84 -80.89
C VAL MA 686 47.12 -16.38 -80.72
N SER MA 687 46.94 -15.96 -79.47
CA SER MA 687 46.57 -14.59 -79.14
C SER MA 687 47.60 -13.99 -78.19
N VAL MA 688 48.08 -12.78 -78.52
CA VAL MA 688 49.00 -12.04 -77.67
C VAL MA 688 48.40 -10.66 -77.44
N GLU MA 689 48.20 -10.30 -76.18
CA GLU MA 689 47.68 -8.99 -75.81
C GLU MA 689 48.67 -8.32 -74.87
N ILE MA 690 49.18 -7.15 -75.26
CA ILE MA 690 50.16 -6.42 -74.47
C ILE MA 690 49.60 -5.05 -74.15
N GLU MA 691 49.68 -4.66 -72.88
CA GLU MA 691 49.35 -3.32 -72.44
C GLU MA 691 50.62 -2.48 -72.38
N TRP MA 692 50.60 -1.32 -73.04
CA TRP MA 692 51.74 -0.42 -73.08
C TRP MA 692 51.38 0.88 -72.37
N GLU MA 693 52.35 1.42 -71.63
CA GLU MA 693 52.20 2.72 -70.99
C GLU MA 693 52.84 3.80 -71.85
N LEU MA 694 52.15 4.93 -71.96
CA LEU MA 694 52.57 6.03 -72.82
C LEU MA 694 53.07 7.20 -71.99
N GLN MA 695 54.09 7.87 -72.49
CA GLN MA 695 54.61 9.10 -71.91
C GLN MA 695 54.20 10.24 -72.84
N LYS MA 696 53.17 10.97 -72.46
CA LYS MA 696 52.59 11.97 -73.34
C LYS MA 696 53.56 13.12 -73.56
N GLU MA 697 53.61 13.60 -74.81
CA GLU MA 697 54.45 14.74 -75.14
C GLU MA 697 53.91 16.02 -74.51
N ASN MA 698 54.81 16.81 -73.94
CA ASN MA 698 54.47 18.04 -73.25
C ASN MA 698 55.37 19.18 -73.73
N SER MA 699 55.52 19.28 -75.05
CA SER MA 699 56.44 20.25 -75.62
C SER MA 699 55.83 21.65 -75.64
N LYS MA 700 56.69 22.67 -75.68
CA LYS MA 700 56.23 24.08 -75.76
C LYS MA 700 56.88 24.76 -76.97
N ARG MA 701 57.35 23.98 -77.94
CA ARG MA 701 57.88 24.59 -79.16
C ARG MA 701 56.76 25.23 -79.96
N TRP MA 702 57.12 26.27 -80.73
CA TRP MA 702 56.15 27.05 -81.45
C TRP MA 702 55.88 26.50 -82.85
N ASN MA 703 56.94 26.28 -83.62
CA ASN MA 703 56.80 25.82 -84.99
C ASN MA 703 56.46 24.33 -85.03
N PRO MA 704 55.82 23.83 -86.13
CA PRO MA 704 55.41 22.42 -86.20
C PRO MA 704 56.60 21.44 -86.11
N GLU MA 705 56.33 20.18 -85.79
CA GLU MA 705 57.39 19.16 -85.59
C GLU MA 705 57.49 18.23 -86.80
N ILE MA 706 58.54 17.40 -86.86
CA ILE MA 706 58.53 16.36 -87.93
C ILE MA 706 57.61 15.21 -87.52
N GLN MA 707 56.72 14.78 -88.41
CA GLN MA 707 55.87 13.64 -88.13
C GLN MA 707 55.99 12.63 -89.25
N TYR MA 708 55.85 11.35 -88.91
CA TYR MA 708 55.79 10.33 -89.94
C TYR MA 708 54.48 10.43 -90.70
N THR MA 709 54.54 10.30 -92.02
CA THR MA 709 53.37 10.48 -92.85
C THR MA 709 53.49 9.60 -94.09
N SER MA 710 52.33 9.31 -94.67
CA SER MA 710 52.33 8.57 -95.96
C SER MA 710 52.56 9.58 -97.07
N ASN MA 711 53.01 9.14 -98.24
CA ASN MA 711 53.27 10.15 -99.30
C ASN MA 711 51.99 10.30 -100.11
N TYR MA 712 51.56 11.53 -100.37
CA TYR MA 712 50.26 11.77 -101.05
C TYR MA 712 50.34 11.36 -102.52
N ASN MA 713 51.50 11.48 -103.17
CA ASN MA 713 51.54 11.22 -104.59
C ASN MA 713 51.04 9.83 -104.93
N LYS MA 714 50.47 9.71 -106.13
CA LYS MA 714 49.91 8.42 -106.60
C LYS MA 714 51.01 7.39 -106.74
N SER MA 715 50.63 6.13 -106.58
CA SER MA 715 51.58 5.04 -106.72
C SER MA 715 50.82 3.80 -107.16
N ILE MA 716 51.57 2.84 -107.71
CA ILE MA 716 50.98 1.58 -108.13
C ILE MA 716 50.43 0.82 -106.93
N ASN MA 717 51.20 0.79 -105.83
CA ASN MA 717 50.81 0.10 -104.61
C ASN MA 717 50.78 1.06 -103.44
N VAL MA 718 49.87 0.81 -102.52
CA VAL MA 718 49.82 1.57 -101.27
C VAL MA 718 50.83 0.96 -100.29
N ASP MA 719 51.47 1.82 -99.51
CA ASP MA 719 52.47 1.34 -98.55
C ASP MA 719 51.80 0.54 -97.44
N PHE MA 720 52.50 -0.51 -96.99
CA PHE MA 720 52.04 -1.36 -95.89
C PHE MA 720 50.68 -1.99 -96.19
N THR MA 721 50.49 -2.41 -97.43
CA THR MA 721 49.32 -3.16 -97.85
C THR MA 721 49.77 -4.38 -98.64
N VAL MA 722 48.82 -5.07 -99.23
CA VAL MA 722 49.09 -6.23 -100.06
C VAL MA 722 49.11 -5.80 -101.52
N ASP MA 723 49.84 -6.54 -102.35
CA ASP MA 723 49.90 -6.26 -103.77
C ASP MA 723 48.85 -7.12 -104.49
N THR MA 724 48.94 -7.18 -105.81
CA THR MA 724 47.96 -7.96 -106.60
C THR MA 724 48.12 -9.45 -106.30
N ASN MA 725 49.24 -9.83 -105.69
CA ASN MA 725 49.45 -11.25 -105.29
C ASN MA 725 49.01 -11.44 -103.84
N GLY MA 726 48.51 -10.37 -103.21
CA GLY MA 726 48.08 -10.44 -101.80
C GLY MA 726 49.27 -10.61 -100.87
N VAL MA 727 50.47 -10.24 -101.34
CA VAL MA 727 51.70 -10.38 -100.52
C VAL MA 727 51.90 -9.10 -99.70
N TYR MA 728 51.91 -9.22 -98.37
CA TYR MA 728 52.11 -8.05 -97.52
C TYR MA 728 53.59 -7.70 -97.47
N SER MA 729 53.88 -6.40 -97.58
CA SER MA 729 55.24 -5.93 -97.55
C SER MA 729 55.33 -4.69 -96.67
N GLU MA 730 56.51 -4.48 -96.09
CA GLU MA 730 56.80 -3.29 -95.30
C GLU MA 730 57.84 -2.47 -96.05
N PRO MA 731 57.44 -1.38 -96.72
CA PRO MA 731 58.37 -0.71 -97.65
C PRO MA 731 59.61 -0.14 -97.00
N ARG MA 732 59.54 0.36 -95.77
CA ARG MA 732 60.69 0.99 -95.15
C ARG MA 732 60.63 0.75 -93.65
N PRO MA 733 61.78 0.82 -92.97
CA PRO MA 733 61.76 0.80 -91.50
C PRO MA 733 61.26 2.12 -90.94
N ILE MA 734 60.42 2.05 -89.91
CA ILE MA 734 59.92 3.23 -89.23
C ILE MA 734 60.45 3.21 -87.81
N GLY MA 735 61.17 4.25 -87.44
CA GLY MA 735 61.64 4.42 -86.08
C GLY MA 735 60.57 5.03 -85.22
N THR MA 736 60.99 5.62 -84.10
CA THR MA 736 60.07 6.28 -83.19
C THR MA 736 60.42 7.72 -82.90
N ARG MA 737 61.56 8.22 -83.38
CA ARG MA 737 62.09 9.51 -82.94
C ARG MA 737 61.72 10.59 -83.95
N TYR MA 738 60.51 11.12 -83.79
CA TYR MA 738 60.00 12.20 -84.63
C TYR MA 738 59.70 13.47 -83.85
N LEU MA 739 59.11 13.35 -82.66
CA LEU MA 739 58.94 14.51 -81.80
C LEU MA 739 60.30 14.92 -81.24
N THR MA 740 60.35 16.16 -80.73
CA THR MA 740 61.59 16.72 -80.22
C THR MA 740 61.41 17.15 -78.77
N ARG MA 741 62.52 17.05 -78.03
CA ARG MA 741 62.55 17.52 -76.63
C ARG MA 741 63.91 18.20 -76.44
N ASN MA 742 64.00 19.22 -75.58
CA ASN MA 742 65.26 19.87 -75.26
C ASN MA 742 66.15 18.97 -74.43
N LEU MA 743 67.46 19.18 -74.54
CA LEU MA 743 68.42 18.42 -73.75
C LEU MA 743 68.30 18.76 -72.26
N ALA NA 218 33.09 -79.82 8.83
CA ALA NA 218 33.31 -78.68 7.93
C ALA NA 218 33.27 -79.16 6.48
N ASP NA 219 33.87 -80.32 6.22
CA ASP NA 219 34.01 -80.80 4.82
C ASP NA 219 33.52 -82.25 4.77
N GLY NA 220 32.88 -82.73 5.84
CA GLY NA 220 32.31 -84.08 5.79
C GLY NA 220 33.25 -85.08 5.14
N VAL NA 221 32.71 -85.99 4.33
CA VAL NA 221 33.55 -87.07 3.73
C VAL NA 221 33.60 -86.78 2.24
N GLY NA 222 34.78 -86.51 1.72
CA GLY NA 222 35.00 -86.28 0.32
C GLY NA 222 35.34 -84.85 -0.06
N ASN NA 223 35.37 -83.94 0.91
CA ASN NA 223 35.76 -82.55 0.67
C ASN NA 223 37.04 -82.27 1.42
N SER NA 224 38.06 -81.79 0.70
CA SER NA 224 39.34 -81.51 1.30
C SER NA 224 39.25 -80.29 2.22
N SER NA 225 39.90 -80.36 3.37
CA SER NA 225 39.88 -79.29 4.35
C SER NA 225 41.17 -78.47 4.33
N GLY NA 226 42.04 -78.67 3.35
CA GLY NA 226 43.25 -77.90 3.26
C GLY NA 226 44.00 -78.24 1.98
N ASN NA 227 45.05 -77.47 1.74
CA ASN NA 227 45.90 -77.63 0.56
C ASN NA 227 47.35 -77.76 0.99
N TRP NA 228 48.18 -78.23 0.06
CA TRP NA 228 49.60 -78.41 0.31
C TRP NA 228 50.33 -77.10 0.05
N HIS NA 229 50.87 -76.49 1.10
CA HIS NA 229 51.60 -75.21 0.98
C HIS NA 229 53.01 -75.43 1.52
N CYS NA 230 53.97 -75.74 0.63
CA CYS NA 230 55.38 -75.91 1.04
C CYS NA 230 56.19 -74.98 0.14
N ASP NA 231 56.70 -73.87 0.68
CA ASP NA 231 57.43 -72.89 -0.17
C ASP NA 231 58.05 -71.78 0.69
N SER NA 232 58.82 -70.87 0.08
CA SER NA 232 59.30 -69.74 0.85
C SER NA 232 59.25 -68.49 -0.01
N THR NA 233 58.92 -67.37 0.61
CA THR NA 233 58.82 -66.08 -0.06
C THR NA 233 59.77 -65.10 0.61
N TRP NA 234 60.66 -64.51 -0.18
CA TRP NA 234 61.59 -63.50 0.31
C TRP NA 234 61.09 -62.13 -0.12
N MET NA 235 60.79 -61.28 0.86
CA MET NA 235 60.26 -59.92 0.56
C MET NA 235 61.01 -58.91 1.41
N GLY NA 236 62.07 -58.31 0.87
CA GLY NA 236 62.83 -57.30 1.59
C GLY NA 236 63.50 -57.89 2.81
N ASP NA 237 63.18 -57.35 3.98
CA ASP NA 237 63.74 -57.78 5.25
C ASP NA 237 62.95 -58.90 5.90
N ARG NA 238 62.18 -59.67 5.13
CA ARG NA 238 61.40 -60.77 5.67
C ARG NA 238 61.55 -61.99 4.76
N VAL NA 239 61.50 -63.17 5.36
CA VAL NA 239 61.37 -64.41 4.62
C VAL NA 239 60.33 -65.26 5.34
N THR NA 240 59.31 -65.70 4.61
CA THR NA 240 58.25 -66.53 5.14
C THR NA 240 58.42 -67.95 4.60
N THR NA 241 58.69 -68.90 5.48
CA THR NA 241 58.86 -70.29 5.11
C THR NA 241 57.63 -71.08 5.52
N THR NA 242 57.08 -71.85 4.58
CA THR NA 242 55.92 -72.69 4.84
C THR NA 242 56.29 -74.14 4.51
N SER NA 243 55.86 -75.06 5.36
CA SER NA 243 56.16 -76.47 5.20
C SER NA 243 54.90 -77.30 5.43
N THR NA 244 54.74 -78.34 4.62
CA THR NA 244 53.64 -79.29 4.80
C THR NA 244 54.23 -80.70 4.84
N ARG NA 245 53.73 -81.51 5.77
CA ARG NA 245 54.18 -82.89 5.92
C ARG NA 245 52.98 -83.80 6.15
N THR NA 246 53.17 -85.08 5.88
CA THR NA 246 52.16 -86.10 6.17
C THR NA 246 52.58 -86.84 7.43
N TRP NA 247 51.69 -86.87 8.41
CA TRP NA 247 51.97 -87.48 9.70
C TRP NA 247 51.09 -88.71 9.93
N ALA NA 248 51.59 -89.60 10.78
CA ALA NA 248 50.85 -90.78 11.22
C ALA NA 248 50.86 -90.81 12.74
N LEU NA 249 49.68 -90.94 13.33
CA LEU NA 249 49.52 -90.94 14.78
C LEU NA 249 48.92 -92.25 15.24
N PRO NA 250 49.67 -93.11 15.93
CA PRO NA 250 49.11 -94.36 16.44
C PRO NA 250 48.39 -94.12 17.76
N THR NA 251 47.91 -95.20 18.35
CA THR NA 251 47.36 -95.18 19.69
C THR NA 251 48.47 -95.48 20.68
N TYR NA 252 48.70 -94.57 21.63
CA TYR NA 252 49.80 -94.67 22.56
C TYR NA 252 49.33 -95.17 23.91
N ASN NA 253 50.06 -96.11 24.48
CA ASN NA 253 49.80 -96.68 25.81
C ASN NA 253 48.43 -97.35 25.90
N ASN NA 254 47.82 -97.66 24.77
CA ASN NA 254 46.46 -98.22 24.73
C ASN NA 254 45.48 -97.32 25.48
N HIS NA 255 45.54 -96.03 25.18
CA HIS NA 255 44.66 -95.00 25.74
C HIS NA 255 44.82 -94.83 27.24
N LEU NA 256 46.00 -95.11 27.79
CA LEU NA 256 46.21 -95.10 29.23
C LEU NA 256 47.31 -94.14 29.62
N TYR NA 257 47.25 -93.69 30.88
CA TYR NA 257 48.37 -92.91 31.44
C TYR NA 257 49.09 -93.91 32.34
N LYS NA 258 50.39 -94.06 32.19
CA LYS NA 258 51.21 -95.01 32.93
C LYS NA 258 52.30 -94.26 33.68
N GLN NA 259 52.41 -94.53 34.97
CA GLN NA 259 53.52 -94.01 35.75
C GLN NA 259 54.81 -94.69 35.33
N ILE NA 260 55.84 -93.89 35.06
CA ILE NA 260 57.13 -94.42 34.63
C ILE NA 260 58.20 -93.92 35.61
N SER NA 261 59.27 -94.70 35.72
CA SER NA 261 60.37 -94.35 36.61
C SER NA 261 61.62 -95.08 36.14
N SER NA 262 62.76 -94.66 36.68
CA SER NA 262 64.02 -95.30 36.35
C SER NA 262 64.02 -96.74 36.85
N GLN NA 263 64.78 -97.57 36.14
CA GLN NA 263 64.82 -99.00 36.48
C GLN NA 263 65.55 -99.16 37.80
N SER NA 264 65.17 -100.18 38.57
CA SER NA 264 65.92 -100.47 39.81
C SER NA 264 67.35 -100.88 39.42
N GLY NA 265 68.32 -100.47 40.21
CA GLY NA 265 69.73 -100.71 39.96
C GLY NA 265 70.42 -99.64 39.16
N ALA NA 266 69.69 -98.64 38.67
CA ALA NA 266 70.30 -97.53 37.96
C ALA NA 266 71.11 -96.67 38.92
N SER NA 267 72.08 -95.94 38.36
CA SER NA 267 72.86 -95.03 39.17
C SER NA 267 72.00 -93.85 39.63
N ASN NA 268 72.48 -93.16 40.66
CA ASN NA 268 71.72 -92.03 41.19
C ASN NA 268 71.58 -90.92 40.16
N ASP NA 269 72.58 -90.73 39.30
CA ASP NA 269 72.50 -89.69 38.28
C ASP NA 269 71.43 -90.00 37.25
N ASN NA 270 71.09 -91.27 37.05
CA ASN NA 270 70.12 -91.69 36.05
C ASN NA 270 68.73 -91.94 36.62
N HIS NA 271 68.52 -91.68 37.90
CA HIS NA 271 67.21 -91.88 38.50
C HIS NA 271 66.23 -90.81 38.04
N TYR NA 272 64.98 -91.22 37.79
CA TYR NA 272 63.96 -90.29 37.38
C TYR NA 272 62.58 -90.86 37.71
N PHE NA 273 61.59 -89.98 37.72
CA PHE NA 273 60.20 -90.34 37.92
C PHE NA 273 59.34 -89.43 37.05
N GLY NA 274 58.31 -90.00 36.45
CA GLY NA 274 57.46 -89.22 35.57
C GLY NA 274 56.25 -90.01 35.15
N TYR NA 275 55.56 -89.49 34.13
CA TYR NA 275 54.36 -90.11 33.62
C TYR NA 275 54.39 -90.14 32.10
N SER NA 276 53.86 -91.22 31.54
CA SER NA 276 53.71 -91.38 30.10
C SER NA 276 52.25 -91.20 29.73
N THR NA 277 51.99 -90.33 28.76
CA THR NA 277 50.63 -90.01 28.38
C THR NA 277 50.27 -90.67 27.05
N PRO NA 278 48.98 -90.93 26.80
CA PRO NA 278 48.56 -91.48 25.51
C PRO NA 278 48.55 -90.47 24.38
N TRP NA 279 48.96 -89.23 24.64
CA TRP NA 279 48.95 -88.18 23.64
C TRP NA 279 50.26 -88.14 22.87
N GLY NA 280 50.19 -87.55 21.67
CA GLY NA 280 51.37 -87.20 20.90
C GLY NA 280 51.48 -85.70 20.80
N TYR NA 281 52.61 -85.25 20.25
CA TYR NA 281 52.84 -83.81 20.09
C TYR NA 281 53.54 -83.56 18.77
N PHE NA 282 53.26 -82.39 18.20
CA PHE NA 282 53.87 -81.97 16.94
C PHE NA 282 55.07 -81.09 17.23
N ASP NA 283 56.24 -81.51 16.75
CA ASP NA 283 57.49 -80.82 16.99
C ASP NA 283 58.03 -80.31 15.66
N PHE NA 284 58.29 -79.00 15.59
CA PHE NA 284 58.99 -78.41 14.46
C PHE NA 284 60.09 -77.47 14.93
N ASN NA 285 60.75 -77.83 16.04
CA ASN NA 285 61.80 -77.02 16.63
C ASN NA 285 63.17 -77.38 16.07
N ARG NA 286 63.27 -77.40 14.75
CA ARG NA 286 64.53 -77.59 14.04
C ARG NA 286 64.47 -76.79 12.76
N PHE NA 287 65.59 -76.20 12.35
CA PHE NA 287 65.57 -75.27 11.18
C PHE NA 287 65.27 -76.02 9.89
N HIS NA 288 65.67 -77.28 9.78
CA HIS NA 288 65.48 -78.09 8.54
C HIS NA 288 63.97 -78.31 8.30
N CYS NA 289 63.14 -78.12 9.31
CA CYS NA 289 61.66 -78.31 9.20
C CYS NA 289 61.05 -77.16 8.41
N HIS NA 290 61.76 -76.04 8.27
CA HIS NA 290 61.24 -74.87 7.58
C HIS NA 290 62.11 -74.38 6.44
N PHE NA 291 63.42 -74.56 6.52
CA PHE NA 291 64.36 -74.06 5.53
C PHE NA 291 64.90 -75.21 4.70
N SER NA 292 64.81 -75.07 3.38
CA SER NA 292 65.54 -75.96 2.49
C SER NA 292 67.02 -75.60 2.52
N PRO NA 293 67.90 -76.51 2.11
CA PRO NA 293 69.33 -76.17 2.06
C PRO NA 293 69.63 -74.94 1.21
N ARG NA 294 68.94 -74.78 0.07
CA ARG NA 294 69.10 -73.57 -0.72
C ARG NA 294 68.60 -72.35 0.05
N ASP NA 295 67.49 -72.50 0.77
CA ASP NA 295 67.00 -71.40 1.61
C ASP NA 295 68.01 -71.05 2.69
N TRP NA 296 68.62 -72.06 3.32
CA TRP NA 296 69.64 -71.81 4.33
C TRP NA 296 70.85 -71.10 3.73
N GLN NA 297 71.28 -71.50 2.54
CA GLN NA 297 72.41 -70.85 1.90
C GLN NA 297 72.08 -69.40 1.55
N ARG NA 298 70.86 -69.16 1.08
CA ARG NA 298 70.42 -67.79 0.81
C ARG NA 298 70.36 -66.96 2.08
N LEU NA 299 69.98 -67.57 3.21
CA LEU NA 299 69.90 -66.84 4.46
C LEU NA 299 71.28 -66.49 5.01
N ILE NA 300 72.19 -67.46 5.03
CA ILE NA 300 73.44 -67.28 5.75
C ILE NA 300 74.50 -66.55 4.94
N ASN NA 301 74.38 -66.51 3.61
CA ASN NA 301 75.36 -65.83 2.78
C ASN NA 301 75.07 -64.36 2.56
N ASN NA 302 73.92 -63.87 3.03
CA ASN NA 302 73.50 -62.51 2.72
C ASN NA 302 73.01 -61.71 3.90
N ASN NA 303 72.82 -62.32 5.06
CA ASN NA 303 72.23 -61.65 6.21
C ASN NA 303 73.17 -61.69 7.41
N TRP NA 304 73.21 -60.60 8.15
CA TRP NA 304 73.96 -60.52 9.39
C TRP NA 304 73.17 -61.01 10.60
N GLY NA 305 71.89 -61.30 10.44
CA GLY NA 305 71.09 -61.79 11.55
C GLY NA 305 69.70 -62.13 11.10
N PHE NA 306 69.00 -62.90 11.94
CA PHE NA 306 67.62 -63.25 11.69
C PHE NA 306 66.95 -63.66 13.00
N ARG NA 307 65.63 -63.58 13.03
CA ARG NA 307 64.85 -63.95 14.20
C ARG NA 307 63.43 -64.26 13.77
N PRO NA 308 62.75 -65.17 14.45
CA PRO NA 308 61.35 -65.45 14.12
C PRO NA 308 60.42 -64.35 14.61
N LYS NA 309 59.34 -64.15 13.86
CA LYS NA 309 58.37 -63.09 14.12
C LYS NA 309 57.00 -63.63 14.48
N ARG NA 310 56.45 -64.52 13.67
CA ARG NA 310 55.14 -65.11 13.93
C ARG NA 310 55.05 -66.44 13.20
N LEU NA 311 54.13 -67.29 13.63
CA LEU NA 311 53.93 -68.57 12.99
C LEU NA 311 52.43 -68.87 12.85
N ASN NA 312 52.12 -69.73 11.88
CA ASN NA 312 50.73 -70.19 11.66
C ASN NA 312 50.81 -71.72 11.55
N PHE NA 313 49.88 -72.44 12.17
CA PHE NA 313 49.87 -73.89 12.25
C PHE NA 313 48.52 -74.40 11.78
N LYS NA 314 48.57 -75.50 11.03
CA LYS NA 314 47.30 -76.10 10.54
C LYS NA 314 47.32 -77.61 10.48
N LEU NA 315 46.27 -78.27 10.94
CA LEU NA 315 46.05 -79.70 10.76
C LEU NA 315 44.81 -79.89 9.89
N PHE NA 316 44.92 -80.74 8.88
CA PHE NA 316 43.82 -80.87 7.92
C PHE NA 316 43.93 -82.23 7.24
N ASN NA 317 42.88 -82.56 6.48
CA ASN NA 317 42.78 -83.82 5.75
C ASN NA 317 42.98 -85.00 6.70
N ILE NA 318 42.29 -84.96 7.83
CA ILE NA 318 42.46 -85.95 8.88
C ILE NA 318 41.66 -87.20 8.53
N GLN NA 319 42.33 -88.34 8.52
CA GLN NA 319 41.72 -89.63 8.23
C GLN NA 319 41.98 -90.56 9.41
N VAL NA 320 40.92 -91.15 9.93
CA VAL NA 320 41.03 -92.14 11.00
C VAL NA 320 40.83 -93.52 10.37
N LYS NA 321 41.83 -94.38 10.54
CA LYS NA 321 41.82 -95.72 9.96
C LYS NA 321 41.65 -96.74 11.07
N GLU NA 322 40.70 -97.66 10.89
CA GLU NA 322 40.50 -98.76 11.83
C GLU NA 322 41.24 -99.99 11.35
N VAL NA 323 42.04 -100.59 12.23
CA VAL NA 323 42.86 -101.75 11.91
C VAL NA 323 42.27 -102.96 12.62
N THR NA 324 42.06 -104.04 11.86
CA THR NA 324 41.58 -105.30 12.41
C THR NA 324 42.52 -106.42 11.97
N GLN NA 325 42.57 -107.47 12.78
CA GLN NA 325 43.44 -108.60 12.51
C GLN NA 325 42.66 -109.89 12.77
N ASN NA 326 42.28 -110.58 11.71
CA ASN NA 326 41.49 -111.80 11.81
C ASN NA 326 42.21 -112.92 11.08
N ASP NA 327 42.53 -113.99 11.81
CA ASP NA 327 43.20 -115.17 11.25
C ASP NA 327 44.50 -114.80 10.54
N GLY NA 328 45.26 -113.89 11.14
CA GLY NA 328 46.56 -113.51 10.62
C GLY NA 328 46.53 -112.52 9.48
N THR NA 329 45.38 -111.91 9.18
CA THR NA 329 45.24 -110.96 8.09
C THR NA 329 45.02 -109.57 8.66
N THR NA 330 45.80 -108.60 8.20
CA THR NA 330 45.68 -107.21 8.62
C THR NA 330 44.83 -106.47 7.60
N THR NA 331 43.67 -106.00 8.04
CA THR NA 331 42.72 -105.27 7.20
C THR NA 331 42.56 -103.86 7.74
N ILE NA 332 42.71 -102.87 6.87
CA ILE NA 332 42.59 -101.46 7.23
C ILE NA 332 41.43 -100.85 6.48
N ALA NA 333 40.52 -100.22 7.21
CA ALA NA 333 39.34 -99.59 6.63
C ALA NA 333 39.15 -98.22 7.24
N ASN NA 334 38.45 -97.36 6.51
CA ASN NA 334 38.19 -96.01 6.99
C ASN NA 334 37.19 -96.02 8.15
N ASN NA 335 37.37 -95.07 9.06
CA ASN NA 335 36.43 -94.81 10.15
C ASN NA 335 36.04 -93.34 10.05
N LEU NA 336 34.92 -93.07 9.37
CA LEU NA 336 34.53 -91.69 9.08
C LEU NA 336 33.90 -90.99 10.27
N THR NA 337 33.56 -91.71 11.34
CA THR NA 337 32.92 -91.11 12.50
C THR NA 337 33.85 -90.93 13.69
N SER NA 338 35.08 -91.43 13.63
CA SER NA 338 36.02 -91.25 14.72
C SER NA 338 36.64 -89.86 14.67
N THR NA 339 37.11 -89.41 15.83
CA THR NA 339 37.68 -88.09 15.99
C THR NA 339 39.12 -88.17 16.47
N VAL NA 340 39.81 -87.04 16.37
CA VAL NA 340 41.11 -86.84 17.00
C VAL NA 340 41.04 -85.56 17.82
N GLN NA 341 41.58 -85.61 19.03
CA GLN NA 341 41.56 -84.47 19.94
C GLN NA 341 42.85 -83.67 19.80
N VAL NA 342 42.72 -82.38 19.53
CA VAL NA 342 43.86 -81.49 19.35
C VAL NA 342 43.66 -80.26 20.24
N PHE NA 343 44.70 -79.91 20.99
CA PHE NA 343 44.69 -78.65 21.73
C PHE NA 343 46.12 -78.14 21.86
N THR NA 344 46.24 -76.82 21.98
CA THR NA 344 47.52 -76.15 22.18
C THR NA 344 47.63 -75.68 23.61
N ASP NA 345 48.78 -75.94 24.24
CA ASP NA 345 49.02 -75.53 25.61
C ASP NA 345 49.48 -74.08 25.63
N SER NA 346 48.56 -73.16 25.33
CA SER NA 346 48.91 -71.73 25.20
C SER NA 346 49.12 -71.06 26.56
N GLU NA 347 48.64 -71.68 27.63
CA GLU NA 347 48.89 -71.13 28.96
C GLU NA 347 50.11 -71.75 29.63
N TYR NA 348 50.79 -72.67 28.96
CA TYR NA 348 52.02 -73.30 29.46
C TYR NA 348 51.80 -73.94 30.83
N GLN NA 349 50.69 -74.66 30.97
CA GLN NA 349 50.37 -75.37 32.20
C GLN NA 349 50.91 -76.80 32.21
N LEU NA 350 51.47 -77.28 31.12
CA LEU NA 350 52.05 -78.60 31.03
C LEU NA 350 53.57 -78.51 30.97
N PRO NA 351 54.28 -79.55 31.41
CA PRO NA 351 55.74 -79.55 31.30
C PRO NA 351 56.18 -79.42 29.85
N TYR NA 352 57.04 -78.45 29.59
CA TYR NA 352 57.48 -78.13 28.23
C TYR NA 352 58.62 -79.07 27.85
N VAL NA 353 58.29 -80.08 27.04
CA VAL NA 353 59.29 -81.06 26.61
C VAL NA 353 59.93 -80.69 25.28
N LEU NA 354 59.40 -79.70 24.57
CA LEU NA 354 60.09 -79.17 23.41
C LEU NA 354 61.33 -78.41 23.86
N GLY NA 355 62.32 -78.36 22.97
CA GLY NA 355 63.58 -77.73 23.31
C GLY NA 355 64.58 -78.61 24.03
N SER NA 356 64.32 -79.92 24.10
CA SER NA 356 65.28 -80.87 24.66
C SER NA 356 65.99 -81.68 23.58
N ALA NA 357 65.93 -81.22 22.33
CA ALA NA 357 66.59 -81.88 21.21
C ALA NA 357 66.12 -83.32 21.03
N HIS NA 358 64.80 -83.49 21.01
CA HIS NA 358 64.19 -84.81 20.89
C HIS NA 358 63.86 -85.13 19.44
N GLN NA 359 63.90 -86.42 19.11
CA GLN NA 359 63.53 -86.89 17.79
C GLN NA 359 62.02 -86.84 17.61
N GLY NA 360 61.59 -86.94 16.37
CA GLY NA 360 60.18 -86.88 16.04
C GLY NA 360 59.71 -85.59 15.41
N CYS NA 361 60.63 -84.75 14.94
CA CYS NA 361 60.26 -83.48 14.33
C CYS NA 361 59.71 -83.72 12.92
N LEU NA 362 59.34 -82.63 12.28
CA LEU NA 362 58.97 -82.68 10.86
C LEU NA 362 60.21 -83.02 10.05
N PRO NA 363 60.15 -84.04 9.18
CA PRO NA 363 61.35 -84.44 8.46
C PRO NA 363 61.84 -83.33 7.55
N PRO NA 364 63.17 -83.22 7.37
CA PRO NA 364 63.69 -82.15 6.50
C PRO NA 364 63.21 -82.24 5.06
N PHE NA 365 63.03 -83.43 4.54
CA PHE NA 365 62.56 -83.61 3.17
C PHE NA 365 61.04 -83.57 3.14
N PRO NA 366 60.43 -82.69 2.33
CA PRO NA 366 58.96 -82.55 2.36
C PRO NA 366 58.21 -83.81 1.94
N ALA NA 367 58.86 -84.76 1.27
CA ALA NA 367 58.19 -85.97 0.79
C ALA NA 367 58.17 -87.08 1.82
N ASP NA 368 58.83 -86.92 2.97
CA ASP NA 368 58.90 -87.96 3.97
C ASP NA 368 57.68 -87.92 4.89
N VAL NA 369 57.22 -89.11 5.29
CA VAL NA 369 56.11 -89.25 6.21
C VAL NA 369 56.67 -89.64 7.58
N PHE NA 370 56.20 -88.98 8.63
CA PHE NA 370 56.77 -89.14 9.96
C PHE NA 370 55.70 -89.53 10.97
N MET NA 371 56.13 -90.26 11.99
CA MET NA 371 55.28 -90.64 13.10
C MET NA 371 55.29 -89.54 14.17
N VAL NA 372 54.13 -89.30 14.76
CA VAL NA 372 54.00 -88.29 15.81
C VAL NA 372 54.58 -88.84 17.11
N PRO NA 373 55.56 -88.17 17.72
CA PRO NA 373 56.17 -88.70 18.94
C PRO NA 373 55.22 -88.69 20.12
N GLN NA 374 55.42 -89.65 21.02
CA GLN NA 374 54.59 -89.76 22.21
C GLN NA 374 55.00 -88.73 23.25
N TYR NA 375 54.00 -88.08 23.85
CA TYR NA 375 54.27 -87.05 24.86
C TYR NA 375 54.47 -87.70 26.22
N GLY NA 376 55.46 -87.22 26.95
CA GLY NA 376 55.74 -87.67 28.30
C GLY NA 376 56.56 -86.63 29.02
N TYR NA 377 56.43 -86.64 30.35
CA TYR NA 377 57.09 -85.63 31.17
C TYR NA 377 57.66 -86.29 32.42
N LEU NA 378 58.63 -85.61 33.03
CA LEU NA 378 59.23 -86.02 34.27
C LEU NA 378 58.90 -85.01 35.36
N THR NA 379 58.78 -85.51 36.59
CA THR NA 379 58.52 -84.66 37.74
C THR NA 379 59.57 -84.96 38.81
N LEU NA 380 59.38 -84.39 40.00
CA LEU NA 380 60.36 -84.56 41.10
C LEU NA 380 60.47 -86.04 41.48
N ASN NA 381 61.68 -86.49 41.78
CA ASN NA 381 61.89 -87.89 42.19
C ASN NA 381 62.91 -87.97 43.32
N ASN NA 382 62.68 -88.85 44.29
CA ASN NA 382 63.71 -89.13 45.32
C ASN NA 382 64.18 -90.54 44.96
N GLY NA 383 65.13 -90.65 44.03
CA GLY NA 383 65.51 -91.99 43.55
C GLY NA 383 64.51 -92.42 42.48
N SER NA 384 64.08 -93.68 42.50
CA SER NA 384 63.06 -94.13 41.58
C SER NA 384 61.65 -93.80 42.06
N GLN NA 385 61.50 -93.31 43.28
CA GLN NA 385 60.21 -92.97 43.85
C GLN NA 385 59.88 -91.51 43.63
N ALA NA 386 58.67 -91.12 44.03
CA ALA NA 386 58.19 -89.76 43.93
C ALA NA 386 58.15 -89.12 45.31
N VAL NA 387 57.95 -87.80 45.33
CA VAL NA 387 57.77 -87.04 46.56
C VAL NA 387 56.41 -86.38 46.52
N GLY NA 388 56.04 -85.76 47.65
CA GLY NA 388 54.74 -85.12 47.74
C GLY NA 388 54.58 -83.94 46.81
N ARG NA 389 55.69 -83.32 46.41
CA ARG NA 389 55.65 -82.18 45.50
C ARG NA 389 55.55 -82.58 44.04
N SER NA 390 55.68 -83.87 43.73
CA SER NA 390 55.56 -84.32 42.35
C SER NA 390 54.17 -84.04 41.80
N SER NA 391 54.11 -83.58 40.55
CA SER NA 391 52.88 -83.16 39.92
C SER NA 391 52.44 -84.18 38.88
N PHE NA 392 51.14 -84.45 38.83
CA PHE NA 392 50.54 -85.30 37.82
C PHE NA 392 49.61 -84.45 36.97
N TYR NA 393 49.67 -84.66 35.65
CA TYR NA 393 48.88 -83.89 34.70
C TYR NA 393 48.06 -84.83 33.83
N CYS NA 394 46.75 -84.62 33.80
CA CYS NA 394 45.86 -85.31 32.88
C CYS NA 394 45.55 -84.36 31.74
N LEU NA 395 45.92 -84.75 30.52
CA LEU NA 395 45.75 -83.91 29.35
C LEU NA 395 44.30 -83.86 28.87
N GLU NA 396 43.45 -84.78 29.33
CA GLU NA 396 42.02 -84.69 29.06
C GLU NA 396 41.32 -83.68 29.95
N TYR NA 397 42.05 -83.08 30.90
CA TYR NA 397 41.47 -82.03 31.81
C TYR NA 397 41.63 -80.66 31.14
N PHE NA 398 42.14 -80.63 29.92
CA PHE NA 398 42.24 -79.45 29.08
C PHE NA 398 41.13 -79.43 28.04
N PRO NA 399 40.62 -78.27 27.68
CA PRO NA 399 39.67 -78.19 26.57
C PRO NA 399 40.39 -78.47 25.25
N SER NA 400 39.88 -79.45 24.51
CA SER NA 400 40.46 -79.84 23.24
C SER NA 400 39.41 -79.83 22.15
N GLN NA 401 39.86 -79.68 20.91
CA GLN NA 401 38.98 -79.64 19.75
C GLN NA 401 38.94 -81.02 19.11
N MET NA 402 37.72 -81.52 18.88
CA MET NA 402 37.51 -82.84 18.31
C MET NA 402 37.31 -82.70 16.80
N LEU NA 403 38.08 -83.46 16.03
CA LEU NA 403 38.10 -83.33 14.59
C LEU NA 403 37.75 -84.66 13.94
N ARG NA 404 36.67 -84.69 13.17
CA ARG NA 404 36.35 -85.83 12.33
C ARG NA 404 37.04 -85.66 10.97
N THR NA 405 36.81 -86.61 10.07
CA THR NA 405 37.32 -86.44 8.69
C THR NA 405 36.50 -85.31 8.06
N GLY NA 406 37.18 -84.24 7.66
CA GLY NA 406 36.53 -83.05 7.15
C GLY NA 406 36.67 -81.84 8.04
N ASN NA 407 37.13 -82.01 9.27
CA ASN NA 407 37.41 -80.90 10.16
C ASN NA 407 38.90 -80.56 10.13
N ASN NA 408 39.22 -79.30 10.36
CA ASN NA 408 40.60 -78.84 10.40
C ASN NA 408 40.84 -78.05 11.67
N PHE NA 409 42.11 -77.95 12.05
CA PHE NA 409 42.55 -77.20 13.22
C PHE NA 409 43.56 -76.15 12.78
N THR NA 410 43.52 -74.99 13.43
CA THR NA 410 44.47 -73.94 13.12
C THR NA 410 44.66 -73.05 14.34
N PHE NA 411 45.84 -72.43 14.42
CA PHE NA 411 46.10 -71.41 15.43
C PHE NA 411 47.30 -70.59 14.98
N SER NA 412 47.34 -69.35 15.47
CA SER NA 412 48.40 -68.41 15.13
C SER NA 412 49.12 -68.00 16.41
N TYR NA 413 50.43 -67.80 16.28
CA TYR NA 413 51.28 -67.44 17.41
C TYR NA 413 52.22 -66.32 16.99
N THR NA 414 52.48 -65.39 17.91
CA THR NA 414 53.42 -64.31 17.66
C THR NA 414 54.61 -64.47 18.59
N PHE NA 415 55.81 -64.50 18.02
CA PHE NA 415 57.02 -64.58 18.83
C PHE NA 415 57.22 -63.27 19.59
N GLU NA 416 57.76 -63.38 20.80
CA GLU NA 416 58.17 -62.21 21.54
C GLU NA 416 59.42 -61.61 20.90
N ASP NA 417 59.73 -60.37 21.30
CA ASP NA 417 60.91 -59.70 20.79
C ASP NA 417 62.16 -60.40 21.31
N VAL NA 418 63.02 -60.83 20.39
CA VAL NA 418 64.26 -61.53 20.75
C VAL NA 418 65.40 -60.93 19.94
N PRO NA 419 66.62 -61.02 20.44
CA PRO NA 419 67.76 -60.51 19.67
C PRO NA 419 67.96 -61.30 18.37
N PHE NA 420 68.46 -60.60 17.35
CA PHE NA 420 68.84 -61.27 16.12
C PHE NA 420 69.98 -62.25 16.40
N HIS NA 421 69.89 -63.43 15.80
CA HIS NA 421 71.00 -64.37 15.88
C HIS NA 421 72.21 -63.78 15.15
N SER NA 422 73.38 -63.91 15.79
CA SER NA 422 74.64 -63.39 15.21
C SER NA 422 75.11 -64.31 14.10
N SER NA 423 74.54 -64.17 12.90
CA SER NA 423 74.94 -65.00 11.76
C SER NA 423 76.15 -64.39 11.04
N TYR NA 424 77.20 -64.11 11.82
CA TYR NA 424 78.42 -63.53 11.29
C TYR NA 424 79.58 -63.97 12.17
N ALA NA 425 80.78 -63.89 11.60
CA ALA NA 425 82.01 -64.11 12.34
C ALA NA 425 82.79 -62.81 12.41
N HIS NA 426 83.32 -62.51 13.59
CA HIS NA 426 84.07 -61.27 13.75
C HIS NA 426 85.37 -61.33 12.97
N SER NA 427 85.66 -60.27 12.21
CA SER NA 427 86.91 -60.14 11.48
C SER NA 427 88.01 -59.50 12.30
N GLN NA 428 87.73 -59.16 13.56
CA GLN NA 428 88.73 -58.67 14.49
C GLN NA 428 88.72 -59.53 15.74
N SER NA 429 89.88 -59.63 16.37
CA SER NA 429 90.01 -60.32 17.65
C SER NA 429 89.92 -59.32 18.78
N LEU NA 430 89.42 -59.79 19.93
CA LEU NA 430 89.24 -58.90 21.07
C LEU NA 430 90.55 -58.37 21.62
N ASP NA 431 91.66 -59.06 21.34
CA ASP NA 431 92.99 -58.63 21.86
C ASP NA 431 93.76 -57.87 20.77
N ARG NA 432 93.12 -57.60 19.62
CA ARG NA 432 93.75 -56.89 18.52
C ARG NA 432 92.85 -55.77 18.01
N LEU NA 433 92.31 -54.97 18.94
CA LEU NA 433 91.39 -53.90 18.61
C LEU NA 433 92.06 -52.54 18.56
N MET NA 434 93.38 -52.48 18.66
CA MET NA 434 94.11 -51.22 18.76
C MET NA 434 94.62 -50.76 17.40
N ASN NA 435 95.24 -49.59 17.38
CA ASN NA 435 95.93 -49.07 16.20
C ASN NA 435 97.39 -49.49 16.29
N PRO NA 436 97.88 -50.35 15.39
CA PRO NA 436 99.25 -50.84 15.52
C PRO NA 436 100.31 -49.79 15.22
N LEU NA 437 99.93 -48.63 14.69
CA LEU NA 437 100.89 -47.62 14.31
C LEU NA 437 101.22 -46.64 15.43
N ILE NA 438 100.32 -46.47 16.39
CA ILE NA 438 100.45 -45.45 17.43
C ILE NA 438 100.64 -46.15 18.76
N ASP NA 439 101.61 -45.68 19.55
CA ASP NA 439 101.81 -46.17 20.89
C ASP NA 439 100.71 -45.67 21.82
N GLN NA 440 100.51 -46.40 22.91
CA GLN NA 440 99.61 -45.98 23.96
C GLN NA 440 100.29 -44.96 24.86
N TYR NA 441 99.50 -44.05 25.42
CA TYR NA 441 100.03 -43.12 26.42
C TYR NA 441 100.09 -43.73 27.81
N LEU NA 442 99.43 -44.87 28.03
CA LEU NA 442 99.47 -45.53 29.32
C LEU NA 442 100.73 -46.38 29.44
N TYR NA 443 101.19 -46.54 30.68
CA TYR NA 443 102.39 -47.30 30.99
C TYR NA 443 102.02 -48.61 31.66
N TYR NA 444 102.87 -49.61 31.45
CA TYR NA 444 102.74 -50.90 32.12
C TYR NA 444 104.09 -51.29 32.69
N LEU NA 445 104.06 -52.06 33.77
CA LEU NA 445 105.28 -52.57 34.38
C LEU NA 445 105.94 -53.56 33.44
N SER NA 446 107.05 -53.17 32.84
CA SER NA 446 107.75 -54.00 31.85
C SER NA 446 108.93 -54.74 32.43
N ARG NA 447 109.59 -54.16 33.41
CA ARG NA 447 110.74 -54.85 34.04
C ARG NA 447 110.63 -54.78 35.56
N THR NA 448 111.15 -55.80 36.23
CA THR NA 448 111.12 -55.85 37.68
C THR NA 448 112.51 -55.85 38.31
N ASN NA 449 113.57 -55.91 37.52
CA ASN NA 449 114.93 -55.84 38.05
C ASN NA 449 115.86 -55.31 36.97
N THR NA 450 117.05 -54.92 37.38
CA THR NA 450 118.09 -54.44 36.48
C THR NA 450 119.42 -55.07 36.83
N PRO NA 451 120.36 -55.22 35.87
CA PRO NA 451 121.68 -55.75 36.20
C PRO NA 451 122.36 -54.82 37.21
N SER NA 452 122.78 -55.37 38.35
CA SER NA 452 123.51 -54.55 39.35
C SER NA 452 124.82 -55.27 39.67
N GLY NA 453 125.97 -54.63 39.42
CA GLY NA 453 127.26 -55.32 39.61
C GLY NA 453 127.33 -56.57 38.76
N THR NA 454 127.61 -57.72 39.38
CA THR NA 454 127.63 -59.01 38.63
C THR NA 454 126.41 -59.83 39.07
N THR NA 455 125.54 -59.24 39.90
CA THR NA 455 124.28 -59.91 40.32
C THR NA 455 123.10 -59.14 39.74
N THR NA 456 121.93 -59.22 40.38
CA THR NA 456 120.75 -58.43 39.94
C THR NA 456 120.21 -57.62 41.10
N GLN NA 457 119.53 -56.51 40.80
CA GLN NA 457 118.94 -55.68 41.85
C GLN NA 457 117.50 -55.35 41.47
N SER NA 458 116.61 -55.39 42.45
CA SER NA 458 115.20 -55.11 42.20
C SER NA 458 115.00 -53.66 41.80
N ARG NA 459 114.30 -53.44 40.70
CA ARG NA 459 114.08 -52.09 40.17
C ARG NA 459 112.88 -52.14 39.23
N LEU NA 460 111.85 -51.36 39.53
CA LEU NA 460 110.66 -51.34 38.69
C LEU NA 460 110.83 -50.36 37.54
N GLN NA 461 110.46 -50.80 36.33
CA GLN NA 461 110.48 -49.95 35.15
C GLN NA 461 109.19 -50.11 34.39
N PHE NA 462 108.81 -49.06 33.66
CA PHE NA 462 107.55 -49.00 32.96
C PHE NA 462 107.77 -48.57 31.51
N SER NA 463 106.94 -49.10 30.63
CA SER NA 463 107.03 -48.81 29.20
C SER NA 463 105.65 -48.53 28.64
N GLN NA 464 105.62 -47.81 27.53
CA GLN NA 464 104.40 -47.60 26.77
C GLN NA 464 104.28 -48.69 25.73
N ALA NA 465 103.10 -49.30 25.64
CA ALA NA 465 102.90 -50.45 24.77
C ALA NA 465 102.62 -50.00 23.34
N GLY NA 466 103.24 -50.69 22.39
CA GLY NA 466 103.04 -50.45 20.97
C GLY NA 466 102.78 -51.78 20.26
N ALA NA 467 103.28 -51.86 19.02
CA ALA NA 467 103.08 -53.07 18.23
C ALA NA 467 104.02 -54.19 18.63
N SER NA 468 105.25 -53.86 19.02
CA SER NA 468 106.23 -54.89 19.34
C SER NA 468 105.88 -55.64 20.61
N ASP NA 469 105.28 -54.96 21.59
CA ASP NA 469 104.83 -55.57 22.82
C ASP NA 469 103.32 -55.49 22.92
N ILE NA 470 102.64 -55.83 21.81
CA ILE NA 470 101.21 -55.66 21.67
C ILE NA 470 100.42 -56.43 22.73
N ARG NA 471 101.01 -57.48 23.31
CA ARG NA 471 100.32 -58.27 24.31
C ARG NA 471 100.14 -57.52 25.63
N ASP NA 472 100.91 -56.46 25.87
CA ASP NA 472 100.87 -55.73 27.13
C ASP NA 472 100.00 -54.49 27.06
N GLN NA 473 99.30 -54.26 25.96
CA GLN NA 473 98.50 -53.05 25.80
C GLN NA 473 97.33 -53.05 26.76
N SER NA 474 97.02 -51.87 27.31
CA SER NA 474 95.86 -51.72 28.16
C SER NA 474 94.59 -51.84 27.32
N ARG NA 475 93.62 -52.59 27.84
CA ARG NA 475 92.42 -52.91 27.10
C ARG NA 475 91.18 -52.64 27.95
N ASN NA 476 90.05 -52.48 27.29
CA ASN NA 476 88.80 -52.13 27.95
C ASN NA 476 87.88 -53.32 28.18
N TRP NA 477 88.14 -54.46 27.56
CA TRP NA 477 87.21 -55.58 27.56
C TRP NA 477 87.95 -56.88 27.86
N LEU NA 478 87.17 -57.91 28.18
CA LEU NA 478 87.67 -59.23 28.54
C LEU NA 478 86.91 -60.30 27.75
N PRO NA 479 87.56 -61.44 27.51
CA PRO NA 479 86.85 -62.55 26.86
C PRO NA 479 85.77 -63.13 27.74
N GLY NA 480 84.76 -63.73 27.11
CA GLY NA 480 83.59 -64.25 27.79
C GLY NA 480 83.90 -65.35 28.78
N PRO NA 481 82.86 -65.79 29.50
CA PRO NA 481 83.08 -66.78 30.56
C PRO NA 481 83.43 -68.15 30.01
N CYS NA 482 84.02 -68.94 30.91
CA CYS NA 482 84.59 -70.25 30.52
C CYS NA 482 84.19 -71.34 31.51
N TYR NA 483 84.04 -72.58 31.03
CA TYR NA 483 83.84 -73.74 31.88
C TYR NA 483 84.57 -74.89 31.19
N ARG NA 484 85.81 -75.14 31.63
CA ARG NA 484 86.76 -75.89 30.82
C ARG NA 484 86.26 -77.31 30.50
N GLN NA 485 86.51 -77.72 29.27
CA GLN NA 485 86.17 -79.04 28.77
C GLN NA 485 87.44 -79.82 28.48
N GLN NA 486 87.35 -81.15 28.57
CA GLN NA 486 88.47 -81.99 28.19
C GLN NA 486 88.62 -82.01 26.68
N ARG NA 487 89.86 -82.08 26.22
CA ARG NA 487 90.17 -82.06 24.79
C ARG NA 487 90.31 -83.48 24.27
N VAL NA 488 89.57 -83.74 23.19
CA VAL NA 488 89.61 -85.06 22.51
C VAL NA 488 90.00 -84.77 21.06
N SER NA 489 90.64 -85.73 20.39
CA SER NA 489 91.09 -85.58 19.02
C SER NA 489 90.31 -86.51 18.10
N LYS NA 490 90.05 -86.02 16.87
CA LYS NA 490 89.33 -86.84 15.87
C LYS NA 490 90.25 -87.98 15.41
N THR NA 491 91.57 -87.79 15.48
CA THR NA 491 92.54 -88.88 15.19
C THR NA 491 92.54 -89.78 16.43
N SER NA 492 92.08 -91.02 16.31
CA SER NA 492 91.93 -91.90 17.50
C SER NA 492 93.25 -92.12 18.25
N ALA NA 493 94.34 -92.41 17.54
CA ALA NA 493 95.59 -92.73 18.23
C ALA NA 493 96.04 -91.62 19.17
N ASP NA 494 95.62 -90.38 18.90
CA ASP NA 494 96.03 -89.24 19.70
C ASP NA 494 95.39 -89.21 21.07
N ASN NA 495 94.35 -90.01 21.30
CA ASN NA 495 93.61 -89.99 22.55
C ASN NA 495 94.20 -90.97 23.54
N ASN NA 496 93.94 -90.71 24.83
CA ASN NA 496 94.41 -91.60 25.88
C ASN NA 496 93.71 -92.95 25.81
N ASN NA 497 94.46 -94.02 26.04
CA ASN NA 497 93.93 -95.38 25.97
C ASN NA 497 93.28 -95.74 27.32
N SER NA 498 92.13 -95.13 27.56
CA SER NA 498 91.37 -95.35 28.79
C SER NA 498 89.93 -94.94 28.56
N GLU NA 499 89.07 -95.30 29.52
CA GLU NA 499 87.65 -94.90 29.46
C GLU NA 499 87.50 -93.65 30.31
N TYR NA 500 87.41 -92.49 29.66
CA TYR NA 500 87.33 -91.21 30.35
C TYR NA 500 86.13 -90.39 29.89
N SER NA 501 85.10 -91.03 29.34
CA SER NA 501 83.93 -90.27 28.89
C SER NA 501 83.12 -89.70 30.04
N TRP NA 502 83.31 -90.20 31.25
CA TRP NA 502 82.64 -89.67 32.43
C TRP NA 502 83.60 -89.18 33.50
N THR NA 503 84.70 -89.89 33.73
CA THR NA 503 85.67 -89.43 34.73
C THR NA 503 86.28 -88.10 34.36
N GLY NA 504 86.64 -87.92 33.09
CA GLY NA 504 87.16 -86.67 32.58
C GLY NA 504 86.12 -85.72 32.06
N ALA NA 505 84.84 -86.04 32.23
CA ALA NA 505 83.76 -85.21 31.69
C ALA NA 505 83.55 -83.97 32.55
N THR NA 506 83.03 -82.93 31.91
CA THR NA 506 82.66 -81.70 32.60
C THR NA 506 81.21 -81.81 33.09
N LYS NA 507 81.01 -81.63 34.39
CA LYS NA 507 79.73 -81.93 35.02
C LYS NA 507 79.31 -80.79 35.92
N TYR NA 508 78.00 -80.72 36.16
CA TYR NA 508 77.45 -79.86 37.20
C TYR NA 508 76.67 -80.72 38.19
N HIS NA 509 76.74 -80.33 39.46
CA HIS NA 509 76.18 -81.10 40.57
C HIS NA 509 74.88 -80.44 41.01
N LEU NA 510 73.79 -81.21 41.03
CA LEU NA 510 72.48 -80.68 41.39
C LEU NA 510 71.73 -81.73 42.18
N ASN NA 511 71.44 -81.43 43.45
CA ASN NA 511 70.68 -82.31 44.33
C ASN NA 511 71.33 -83.70 44.46
N GLY NA 512 72.66 -83.72 44.52
CA GLY NA 512 73.38 -84.96 44.67
C GLY NA 512 73.55 -85.77 43.41
N ARG NA 513 73.08 -85.26 42.27
CA ARG NA 513 73.30 -85.99 41.00
C ARG NA 513 74.15 -85.20 40.02
N ASP NA 514 75.11 -85.85 39.37
CA ASP NA 514 75.97 -85.25 38.37
C ASP NA 514 75.30 -85.35 37.00
N SER NA 515 75.20 -84.21 36.32
CA SER NA 515 74.69 -84.16 34.96
C SER NA 515 75.80 -83.69 34.04
N LEU NA 516 75.87 -84.29 32.85
CA LEU NA 516 76.86 -83.88 31.87
C LEU NA 516 76.57 -82.46 31.39
N VAL NA 517 77.63 -81.65 31.29
CA VAL NA 517 77.53 -80.31 30.74
C VAL NA 517 77.71 -80.45 29.23
N ASN NA 518 76.61 -80.36 28.50
CA ASN NA 518 76.61 -80.62 27.07
C ASN NA 518 75.53 -79.79 26.39
N PRO NA 519 75.90 -78.84 25.53
CA PRO NA 519 77.25 -78.44 25.15
C PRO NA 519 77.85 -77.40 26.08
N GLY NA 520 77.07 -76.87 27.01
CA GLY NA 520 77.57 -75.92 27.97
C GLY NA 520 77.70 -74.51 27.43
N PRO NA 521 78.44 -73.66 28.14
CA PRO NA 521 78.64 -72.28 27.69
C PRO NA 521 79.34 -72.24 26.34
N ALA NA 522 78.98 -71.23 25.55
CA ALA NA 522 79.52 -71.09 24.20
C ALA NA 522 81.01 -70.77 24.26
N MET NA 523 81.82 -71.68 23.74
CA MET NA 523 83.27 -71.53 23.72
C MET NA 523 83.82 -72.05 22.41
N ALA NA 524 84.98 -71.53 22.03
CA ALA NA 524 85.61 -71.96 20.79
C ALA NA 524 86.04 -73.42 20.87
N SER NA 525 85.80 -74.15 19.79
CA SER NA 525 86.15 -75.57 19.78
C SER NA 525 87.66 -75.77 19.85
N HIS NA 526 88.43 -74.92 19.17
CA HIS NA 526 89.87 -75.09 19.11
C HIS NA 526 90.50 -73.75 18.73
N LYS NA 527 91.81 -73.66 18.93
CA LYS NA 527 92.58 -72.49 18.56
C LYS NA 527 93.07 -72.63 17.12
N ASP NA 528 93.98 -71.75 16.70
CA ASP NA 528 94.48 -71.80 15.34
C ASP NA 528 95.19 -73.11 15.05
N ASP NA 529 94.92 -73.67 13.87
CA ASP NA 529 95.63 -74.84 13.36
C ASP NA 529 95.50 -76.04 14.29
N GLU NA 530 94.32 -76.20 14.88
CA GLU NA 530 94.04 -77.34 15.75
C GLU NA 530 92.63 -77.86 15.47
N GLU NA 531 92.26 -77.94 14.20
CA GLU NA 531 90.90 -78.32 13.82
C GLU NA 531 90.58 -79.76 14.19
N LYS NA 532 91.58 -80.60 14.44
CA LYS NA 532 91.31 -81.98 14.83
C LYS NA 532 90.85 -82.10 16.28
N PHE NA 533 90.98 -81.05 17.08
CA PHE NA 533 90.62 -81.08 18.49
C PHE NA 533 89.25 -80.46 18.70
N PHE NA 534 88.43 -81.12 19.52
CA PHE NA 534 87.13 -80.61 19.90
C PHE NA 534 86.89 -80.91 21.36
N PRO NA 535 86.08 -80.09 22.04
CA PRO NA 535 85.75 -80.38 23.44
C PRO NA 535 84.96 -81.66 23.57
N GLN NA 536 85.16 -82.34 24.70
CA GLN NA 536 84.58 -83.67 24.88
C GLN NA 536 83.06 -83.62 24.85
N SER NA 537 82.45 -82.64 25.50
CA SER NA 537 81.01 -82.45 25.44
C SER NA 537 80.66 -80.98 25.26
N GLY NA 538 81.47 -80.28 24.46
CA GLY NA 538 81.28 -78.86 24.25
C GLY NA 538 80.76 -78.45 22.88
N VAL NA 539 80.44 -79.39 22.01
CA VAL NA 539 79.92 -79.10 20.68
C VAL NA 539 78.72 -79.99 20.40
N LEU NA 540 77.84 -79.51 19.52
CA LEU NA 540 76.75 -80.34 19.06
C LEU NA 540 77.28 -81.40 18.09
N ILE NA 541 76.79 -82.62 18.25
CA ILE NA 541 77.18 -83.74 17.40
C ILE NA 541 75.91 -84.28 16.74
N PHE NA 542 75.83 -84.17 15.42
CA PHE NA 542 74.70 -84.65 14.66
C PHE NA 542 75.05 -85.99 14.02
N GLY NA 543 74.05 -86.86 13.92
CA GLY NA 543 74.23 -88.16 13.32
C GLY NA 543 74.04 -88.10 11.81
N LYS NA 544 74.88 -88.83 11.09
CA LYS NA 544 74.68 -89.00 9.66
C LYS NA 544 73.47 -89.88 9.40
N GLN NA 545 73.03 -89.91 8.14
CA GLN NA 545 71.87 -90.72 7.78
C GLN NA 545 72.16 -92.20 8.02
N GLY NA 546 71.23 -92.88 8.67
CA GLY NA 546 71.37 -94.28 8.98
C GLY NA 546 72.18 -94.59 10.21
N SER NA 547 72.56 -93.58 10.97
CA SER NA 547 73.42 -93.79 12.16
C SER NA 547 72.60 -94.44 13.29
N GLU NA 548 73.20 -95.39 14.01
CA GLU NA 548 72.52 -96.08 15.09
C GLU NA 548 72.45 -95.18 16.32
N LYS NA 549 72.03 -95.76 17.45
CA LYS NA 549 71.82 -94.99 18.66
C LYS NA 549 72.99 -95.09 19.64
N THR NA 550 73.59 -96.27 19.78
CA THR NA 550 74.57 -96.53 20.82
C THR NA 550 75.94 -96.82 20.21
N ASN NA 551 76.95 -96.07 20.66
CA ASN NA 551 78.36 -96.37 20.39
C ASN NA 551 78.67 -96.45 18.90
N VAL NA 552 78.23 -95.44 18.17
CA VAL NA 552 78.58 -95.33 16.76
C VAL NA 552 79.97 -94.71 16.65
N ASP NA 553 80.67 -95.03 15.56
CA ASP NA 553 82.02 -94.55 15.36
C ASP NA 553 82.01 -93.05 15.02
N ILE NA 554 83.21 -92.47 15.02
CA ILE NA 554 83.32 -91.04 14.73
C ILE NA 554 82.96 -90.74 13.28
N GLU NA 555 83.23 -91.69 12.37
CA GLU NA 555 82.87 -91.48 10.97
C GLU NA 555 81.36 -91.53 10.74
N LYS NA 556 80.59 -91.99 11.73
CA LYS NA 556 79.14 -92.02 11.63
C LYS NA 556 78.48 -90.74 12.10
N VAL NA 557 79.24 -89.80 12.68
CA VAL NA 557 78.69 -88.57 13.23
C VAL NA 557 79.42 -87.39 12.61
N MET NA 558 78.75 -86.23 12.65
CA MET NA 558 79.29 -84.97 12.15
C MET NA 558 79.43 -84.02 13.34
N ILE NA 559 80.66 -83.66 13.67
CA ILE NA 559 80.94 -82.82 14.84
C ILE NA 559 81.01 -81.37 14.38
N THR NA 560 80.24 -80.51 15.04
CA THR NA 560 80.20 -79.11 14.66
C THR NA 560 81.45 -78.37 15.17
N ASP NA 561 81.66 -77.19 14.60
CA ASP NA 561 82.84 -76.39 14.99
C ASP NA 561 82.38 -74.98 15.34
N GLU NA 562 82.85 -74.46 16.46
CA GLU NA 562 82.56 -73.13 16.95
C GLU NA 562 83.81 -72.26 16.92
N GLU NA 563 84.59 -72.35 15.85
CA GLU NA 563 85.83 -71.59 15.76
C GLU NA 563 85.61 -70.13 15.38
N GLU NA 564 84.43 -69.78 14.85
CA GLU NA 564 84.19 -68.40 14.45
C GLU NA 564 84.07 -67.46 15.65
N ILE NA 565 83.90 -68.00 16.86
CA ILE NA 565 83.73 -67.17 18.05
C ILE NA 565 84.99 -67.13 18.90
N ARG NA 566 86.11 -67.65 18.40
CA ARG NA 566 87.36 -67.59 19.15
C ARG NA 566 87.93 -66.19 19.21
N THR NA 567 87.36 -65.25 18.46
CA THR NA 567 87.80 -63.86 18.55
C THR NA 567 87.45 -63.24 19.90
N THR NA 568 86.31 -63.62 20.48
CA THR NA 568 85.86 -63.08 21.75
C THR NA 568 85.67 -64.13 22.84
N ASN NA 569 85.58 -65.40 22.49
CA ASN NA 569 85.31 -66.44 23.48
C ASN NA 569 86.54 -67.31 23.70
N PRO NA 570 86.81 -67.70 24.94
CA PRO NA 570 87.96 -68.55 25.21
C PRO NA 570 87.80 -69.92 24.59
N VAL NA 571 88.93 -70.54 24.27
CA VAL NA 571 88.92 -71.90 23.76
C VAL NA 571 88.41 -72.84 24.85
N ALA NA 572 87.54 -73.77 24.47
CA ALA NA 572 86.84 -74.61 25.44
C ALA NA 572 87.80 -75.47 26.25
N THR NA 573 88.85 -75.97 25.61
CA THR NA 573 89.75 -76.93 26.24
C THR NA 573 90.93 -76.28 26.96
N GLU NA 574 91.00 -74.96 26.98
CA GLU NA 574 92.10 -74.25 27.61
C GLU NA 574 91.59 -73.38 28.75
N GLN NA 575 92.52 -72.91 29.56
CA GLN NA 575 92.17 -72.06 30.69
C GLN NA 575 91.74 -70.67 30.20
N TYR NA 576 90.93 -70.01 31.04
CA TYR NA 576 90.57 -68.63 30.74
C TYR NA 576 91.79 -67.72 30.81
N GLY NA 577 92.65 -67.93 31.81
CA GLY NA 577 93.80 -67.07 32.01
C GLY NA 577 94.53 -67.45 33.27
N SER NA 578 95.25 -66.47 33.82
CA SER NA 578 96.03 -66.67 35.04
C SER NA 578 95.77 -65.53 36.01
N VAL NA 579 95.79 -65.87 37.30
CA VAL NA 579 95.63 -64.90 38.37
C VAL NA 579 96.75 -65.13 39.39
N SER NA 580 97.04 -64.08 40.15
CA SER NA 580 98.03 -64.19 41.21
C SER NA 580 97.44 -64.95 42.40
N THR NA 581 98.29 -65.71 43.09
CA THR NA 581 97.86 -66.51 44.22
C THR NA 581 98.57 -66.16 45.53
N ASN NA 582 99.58 -65.30 45.50
CA ASN NA 582 100.31 -64.94 46.71
C ASN NA 582 100.74 -63.48 46.60
N LEU NA 583 101.61 -63.06 47.52
CA LEU NA 583 102.15 -61.71 47.54
C LEU NA 583 103.67 -61.80 47.47
N GLN NA 584 104.23 -61.40 46.34
CA GLN NA 584 105.68 -61.39 46.17
C GLN NA 584 106.30 -60.36 47.10
N ARG NA 585 107.51 -60.70 47.56
CA ARG NA 585 108.21 -59.83 48.53
C ARG NA 585 109.70 -60.15 48.49
N GLY NA 586 110.54 -59.12 48.60
CA GLY NA 586 111.98 -59.33 48.68
C GLY NA 586 112.45 -59.49 50.11
N ASN NA 587 113.79 -59.60 50.24
CA ASN NA 587 114.38 -59.87 51.57
C ASN NA 587 114.38 -58.61 52.43
N THR NA 594 111.69 -64.00 54.58
CA THR NA 594 112.53 -64.41 53.42
C THR NA 594 111.89 -63.89 52.14
N SER NA 595 112.48 -64.15 50.97
CA SER NA 595 111.80 -63.66 49.78
C SER NA 595 110.78 -64.67 49.29
N ARG NA 596 109.72 -64.17 48.66
CA ARG NA 596 108.68 -64.99 48.05
C ARG NA 596 108.49 -64.56 46.61
N GLN NA 597 108.60 -65.49 45.68
CA GLN NA 597 108.43 -65.18 44.26
C GLN NA 597 106.96 -65.21 43.89
N ALA NA 598 106.60 -64.38 42.91
CA ALA NA 598 105.20 -64.30 42.48
C ALA NA 598 104.75 -65.62 41.87
N ALA NA 599 103.54 -66.04 42.25
CA ALA NA 599 102.96 -67.29 41.80
C ALA NA 599 101.64 -67.03 41.10
N THR NA 600 101.34 -67.86 40.11
CA THR NA 600 100.11 -67.75 39.33
C THR NA 600 99.43 -69.11 39.23
N ALA NA 601 98.13 -69.09 38.99
CA ALA NA 601 97.35 -70.30 38.83
C ALA NA 601 96.45 -70.16 37.60
N ASP NA 602 96.17 -71.30 36.96
CA ASP NA 602 95.25 -71.31 35.84
C ASP NA 602 93.82 -71.15 36.33
N VAL NA 603 93.02 -70.44 35.55
CA VAL NA 603 91.61 -70.22 35.86
C VAL NA 603 90.82 -71.13 34.92
N ASN NA 604 90.52 -72.34 35.39
CA ASN NA 604 89.80 -73.30 34.58
C ASN NA 604 88.30 -73.01 34.51
N THR NA 605 87.77 -72.24 35.46
CA THR NA 605 86.38 -71.81 35.43
C THR NA 605 86.31 -70.33 35.77
N GLN NA 606 85.64 -69.56 34.93
CA GLN NA 606 85.55 -68.12 35.09
C GLN NA 606 84.10 -67.69 34.96
N GLY NA 607 83.57 -67.06 36.01
CA GLY NA 607 82.25 -66.47 35.94
C GLY NA 607 82.26 -65.15 35.19
N VAL NA 608 81.07 -64.58 35.05
CA VAL NA 608 80.94 -63.33 34.30
C VAL NA 608 81.52 -62.18 35.12
N LEU NA 609 82.37 -61.39 34.50
CA LEU NA 609 82.98 -60.21 35.06
C LEU NA 609 82.47 -58.96 34.34
N PRO NA 610 82.46 -57.81 35.02
CA PRO NA 610 82.11 -56.56 34.32
C PRO NA 610 83.10 -56.28 33.19
N GLY NA 611 82.57 -55.81 32.06
CA GLY NA 611 83.38 -55.59 30.89
C GLY NA 611 83.58 -56.80 30.01
N MET NA 612 82.93 -57.92 30.31
CA MET NA 612 83.09 -59.16 29.53
C MET NA 612 82.17 -59.15 28.31
N VAL NA 613 82.67 -59.57 27.14
CA VAL NA 613 81.94 -59.66 25.89
C VAL NA 613 82.11 -61.07 25.33
N TRP NA 614 81.05 -61.61 24.73
CA TRP NA 614 81.08 -62.97 24.23
C TRP NA 614 80.07 -63.11 23.11
N GLN NA 615 80.18 -64.21 22.37
CA GLN NA 615 79.24 -64.58 21.33
C GLN NA 615 78.51 -65.86 21.74
N ASP NA 616 77.24 -65.95 21.37
CA ASP NA 616 76.46 -67.13 21.70
C ASP NA 616 76.80 -68.28 20.75
N ARG NA 617 76.28 -69.46 21.06
CA ARG NA 617 76.51 -70.62 20.23
C ARG NA 617 75.79 -70.46 18.89
N ASP NA 618 76.42 -70.96 17.83
CA ASP NA 618 75.83 -70.88 16.50
C ASP NA 618 74.63 -71.81 16.37
N VAL NA 619 73.73 -71.45 15.47
CA VAL NA 619 72.61 -72.30 15.12
C VAL NA 619 72.92 -72.99 13.80
N TYR NA 620 72.31 -74.16 13.60
CA TYR NA 620 72.60 -75.00 12.45
C TYR NA 620 71.28 -75.39 11.77
N LEU NA 621 71.40 -75.83 10.52
CA LEU NA 621 70.21 -76.25 9.79
C LEU NA 621 69.52 -77.42 10.48
N GLN NA 622 70.31 -78.36 10.98
CA GLN NA 622 69.78 -79.48 11.75
C GLN NA 622 69.57 -79.15 13.22
N GLY NA 623 69.95 -77.96 13.65
CA GLY NA 623 69.90 -77.61 15.06
C GLY NA 623 68.54 -77.10 15.51
N PRO NA 624 68.36 -76.96 16.82
CA PRO NA 624 67.11 -76.42 17.35
C PRO NA 624 66.98 -74.93 17.09
N ILE NA 625 65.74 -74.46 17.08
CA ILE NA 625 65.41 -73.07 16.84
C ILE NA 625 65.26 -72.29 18.13
N TRP NA 626 64.50 -72.82 19.09
CA TRP NA 626 64.17 -72.09 20.30
C TRP NA 626 64.18 -73.03 21.50
N ALA NA 627 63.98 -72.44 22.67
CA ALA NA 627 63.79 -73.18 23.90
C ALA NA 627 63.02 -72.29 24.86
N LYS NA 628 62.33 -72.92 25.81
CA LYS NA 628 61.58 -72.18 26.81
C LYS NA 628 62.49 -71.79 27.97
N ILE NA 629 62.53 -70.50 28.27
CA ILE NA 629 63.29 -70.04 29.43
C ILE NA 629 62.60 -70.53 30.69
N PRO NA 630 63.31 -71.21 31.60
CA PRO NA 630 62.65 -71.72 32.81
C PRO NA 630 62.06 -70.59 33.65
N HIS NA 631 60.91 -70.85 34.25
CA HIS NA 631 60.22 -69.87 35.08
C HIS NA 631 60.93 -69.83 36.43
N THR NA 632 61.92 -68.95 36.53
CA THR NA 632 62.74 -68.82 37.72
C THR NA 632 62.85 -67.36 38.10
N ASP NA 633 63.24 -67.10 39.34
CA ASP NA 633 63.35 -65.71 39.84
C ASP NA 633 64.47 -64.99 39.08
N GLY NA 634 65.57 -65.68 38.84
CA GLY NA 634 66.71 -65.06 38.18
C GLY NA 634 67.29 -65.96 37.11
N HIS NA 635 67.84 -65.30 36.10
CA HIS NA 635 68.59 -65.96 35.03
C HIS NA 635 69.45 -64.93 34.35
N PHE NA 636 70.61 -65.35 33.85
CA PHE NA 636 71.54 -64.46 33.19
C PHE NA 636 71.70 -64.90 31.75
N HIS NA 637 71.46 -63.96 30.82
CA HIS NA 637 71.59 -64.20 29.39
C HIS NA 637 70.87 -65.47 28.98
N PRO NA 638 69.54 -65.47 28.96
CA PRO NA 638 68.76 -66.70 28.72
C PRO NA 638 68.72 -67.14 27.26
N SER NA 639 69.89 -67.17 26.62
CA SER NA 639 70.05 -67.84 25.34
C SER NA 639 70.27 -69.32 25.57
N PRO NA 640 69.54 -70.20 24.89
CA PRO NA 640 69.72 -71.64 25.12
C PRO NA 640 71.16 -72.07 24.82
N LEU NA 641 71.68 -72.96 25.67
CA LEU NA 641 73.06 -73.38 25.51
C LEU NA 641 73.25 -74.27 24.29
N MET NA 642 72.21 -75.00 23.89
CA MET NA 642 72.27 -75.80 22.68
C MET NA 642 72.18 -74.97 21.41
N GLY NA 643 71.87 -73.68 21.53
CA GLY NA 643 71.77 -72.80 20.39
C GLY NA 643 70.33 -72.44 20.07
N GLY NA 644 70.11 -71.17 19.73
CA GLY NA 644 68.79 -70.73 19.36
C GLY NA 644 68.30 -69.50 20.08
N PHE NA 645 66.98 -69.33 20.16
CA PHE NA 645 66.37 -68.15 20.74
C PHE NA 645 65.67 -68.52 22.04
N GLY NA 646 66.02 -67.82 23.12
CA GLY NA 646 65.36 -68.02 24.39
C GLY NA 646 64.03 -67.29 24.46
N LEU NA 647 62.96 -68.02 24.72
CA LEU NA 647 61.61 -67.45 24.70
C LEU NA 647 60.94 -67.70 26.05
N LYS NA 648 60.47 -66.63 26.69
CA LYS NA 648 59.68 -66.79 27.91
C LYS NA 648 58.34 -67.44 27.62
N HIS NA 649 57.76 -67.13 26.46
CA HIS NA 649 56.53 -67.75 25.97
C HIS NA 649 56.82 -68.33 24.59
N PRO NA 650 57.39 -69.52 24.53
CA PRO NA 650 57.73 -70.13 23.25
C PRO NA 650 56.47 -70.60 22.52
N PRO NA 651 56.60 -71.06 21.28
CA PRO NA 651 55.45 -71.66 20.59
C PRO NA 651 54.85 -72.78 21.42
N PRO NA 652 53.54 -72.74 21.64
CA PRO NA 652 52.93 -73.72 22.56
C PRO NA 652 53.00 -75.13 22.03
N GLN NA 653 53.04 -76.08 22.96
CA GLN NA 653 52.98 -77.49 22.59
C GLN NA 653 51.61 -77.81 21.99
N ILE NA 654 51.61 -78.56 20.89
CA ILE NA 654 50.40 -78.96 20.21
C ILE NA 654 50.22 -80.45 20.46
N LEU NA 655 49.20 -80.81 21.24
CA LEU NA 655 48.96 -82.19 21.64
C LEU NA 655 47.83 -82.77 20.82
N ILE NA 656 48.04 -83.99 20.31
CA ILE NA 656 47.07 -84.67 19.46
C ILE NA 656 47.00 -86.12 19.88
N LYS NA 657 45.78 -86.66 19.92
CA LYS NA 657 45.60 -88.08 20.23
C LYS NA 657 44.31 -88.57 19.59
N ASN NA 658 44.23 -89.87 19.38
CA ASN NA 658 43.03 -90.48 18.83
C ASN NA 658 42.03 -90.71 19.95
N THR NA 659 40.78 -90.36 19.70
CA THR NA 659 39.73 -90.60 20.69
C THR NA 659 39.49 -92.10 20.82
N PRO NA 660 39.53 -92.65 22.02
CA PRO NA 660 39.31 -94.09 22.18
C PRO NA 660 37.89 -94.47 21.80
N VAL NA 661 37.76 -95.49 20.96
CA VAL NA 661 36.47 -96.02 20.52
C VAL NA 661 36.30 -97.38 21.18
N PRO NA 662 35.39 -97.52 22.15
CA PRO NA 662 35.22 -98.81 22.82
C PRO NA 662 34.76 -99.89 21.86
N ALA NA 663 35.23 -101.11 22.12
CA ALA NA 663 34.81 -102.28 21.36
C ALA NA 663 33.44 -102.73 21.86
N ASN NA 664 33.02 -103.93 21.48
CA ASN NA 664 31.69 -104.41 21.82
C ASN NA 664 31.53 -104.55 23.33
N PRO NA 665 30.60 -103.84 23.95
CA PRO NA 665 30.41 -103.97 25.40
C PRO NA 665 29.54 -105.17 25.76
N SER NA 666 29.58 -105.51 27.05
CA SER NA 666 28.75 -106.61 27.57
C SER NA 666 27.31 -106.12 27.72
N THR NA 667 26.35 -106.99 27.47
CA THR NA 667 24.94 -106.64 27.63
C THR NA 667 24.55 -106.44 29.08
N THR NA 668 25.38 -106.89 30.02
CA THR NA 668 25.16 -106.67 31.44
C THR NA 668 26.08 -105.54 31.91
N PHE NA 669 25.55 -104.68 32.77
CA PHE NA 669 26.33 -103.54 33.23
C PHE NA 669 27.53 -103.99 34.05
N SER NA 670 28.67 -103.36 33.80
CA SER NA 670 29.90 -103.60 34.56
C SER NA 670 30.50 -102.26 34.92
N ALA NA 671 30.81 -102.07 36.21
CA ALA NA 671 31.40 -100.83 36.68
C ALA NA 671 32.88 -100.72 36.36
N ALA NA 672 33.51 -101.81 35.92
CA ALA NA 672 34.92 -101.76 35.55
C ALA NA 672 35.12 -100.87 34.33
N LYS NA 673 36.19 -100.09 34.35
CA LYS NA 673 36.47 -99.22 33.22
C LYS NA 673 36.79 -100.05 31.98
N PHE NA 674 36.48 -99.45 30.82
CA PHE NA 674 36.66 -100.17 29.54
C PHE NA 674 38.13 -100.48 29.28
N ALA NA 675 38.42 -101.73 28.93
CA ALA NA 675 39.76 -102.15 28.60
C ALA NA 675 39.91 -102.67 27.17
N SER NA 676 38.81 -102.83 26.45
CA SER NA 676 38.82 -103.31 25.08
C SER NA 676 38.39 -102.17 24.16
N PHE NA 677 39.21 -101.89 23.15
CA PHE NA 677 38.96 -100.80 22.22
C PHE NA 677 39.22 -101.28 20.80
N ILE NA 678 38.64 -100.55 19.84
CA ILE NA 678 38.90 -100.81 18.43
C ILE NA 678 40.26 -100.24 18.08
N THR NA 679 41.13 -101.08 17.53
CA THR NA 679 42.46 -100.63 17.14
C THR NA 679 42.36 -99.64 15.99
N GLN NA 680 43.00 -98.49 16.14
CA GLN NA 680 42.91 -97.48 15.10
C GLN NA 680 44.06 -96.50 15.22
N TYR NA 681 44.38 -95.86 14.10
CA TYR NA 681 45.37 -94.81 14.01
C TYR NA 681 44.81 -93.70 13.14
N SER NA 682 45.55 -92.61 13.04
CA SER NA 682 45.14 -91.49 12.21
C SER NA 682 46.30 -91.01 11.35
N THR NA 683 45.96 -90.43 10.20
CA THR NA 683 46.93 -89.84 9.31
C THR NA 683 46.36 -88.52 8.79
N GLY NA 684 47.26 -87.62 8.39
CA GLY NA 684 46.81 -86.33 7.93
C GLY NA 684 47.98 -85.49 7.49
N GLN NA 685 47.71 -84.20 7.28
CA GLN NA 685 48.71 -83.25 6.85
C GLN NA 685 48.85 -82.15 7.90
N VAL NA 686 50.08 -81.67 8.05
CA VAL NA 686 50.41 -80.60 8.99
C VAL NA 686 51.14 -79.50 8.24
N SER NA 687 50.77 -78.26 8.50
CA SER NA 687 51.38 -77.09 7.87
C SER NA 687 51.93 -76.15 8.93
N VAL NA 688 53.17 -75.73 8.75
CA VAL NA 688 53.82 -74.76 9.62
C VAL NA 688 54.36 -73.63 8.75
N GLU NA 689 53.92 -72.40 9.03
CA GLU NA 689 54.39 -71.23 8.30
C GLU NA 689 54.97 -70.24 9.30
N ILE NA 690 56.25 -69.90 9.13
CA ILE NA 690 56.95 -69.00 10.05
C ILE NA 690 57.45 -67.80 9.24
N GLU NA 691 57.19 -66.61 9.75
CA GLU NA 691 57.75 -65.38 9.19
C GLU NA 691 59.01 -65.02 9.97
N TRP NA 692 60.10 -64.80 9.26
CA TRP NA 692 61.38 -64.44 9.86
C TRP NA 692 61.77 -63.03 9.43
N GLU NA 693 62.35 -62.28 10.36
CA GLU NA 693 62.88 -60.96 10.07
C GLU NA 693 64.38 -61.05 9.83
N LEU NA 694 64.85 -60.32 8.81
CA LEU NA 694 66.24 -60.38 8.39
C LEU NA 694 66.95 -59.09 8.76
N GLN NA 695 68.21 -59.21 9.15
CA GLN NA 695 69.10 -58.08 9.40
C GLN NA 695 70.10 -58.04 8.25
N LYS NA 696 69.86 -57.12 7.31
CA LYS NA 696 70.66 -57.09 6.09
C LYS NA 696 72.10 -56.69 6.38
N GLU NA 697 73.02 -57.36 5.70
CA GLU NA 697 74.44 -57.04 5.83
C GLU NA 697 74.74 -55.68 5.22
N ASN NA 698 75.54 -54.88 5.94
CA ASN NA 698 75.90 -53.53 5.54
C ASN NA 698 77.41 -53.34 5.67
N SER NA 699 78.16 -54.32 5.16
CA SER NA 699 79.61 -54.30 5.32
C SER NA 699 80.26 -53.35 4.32
N LYS NA 700 81.46 -52.87 4.65
CA LYS NA 700 82.24 -51.99 3.73
C LYS NA 700 83.62 -52.60 3.48
N ARG NA 701 83.78 -53.91 3.70
CA ARG NA 701 85.05 -54.54 3.39
C ARG NA 701 85.26 -54.59 1.88
N TRP NA 702 86.53 -54.60 1.48
CA TRP NA 702 86.87 -54.51 0.07
C TRP NA 702 86.98 -55.90 -0.58
N ASN NA 703 87.75 -56.78 0.02
CA ASN NA 703 87.97 -58.10 -0.56
C ASN NA 703 86.77 -59.01 -0.32
N PRO NA 704 86.56 -60.05 -1.16
CA PRO NA 704 85.39 -60.91 -1.04
C PRO NA 704 85.31 -61.64 0.32
N GLU NA 705 84.13 -62.14 0.69
CA GLU NA 705 83.91 -62.79 2.01
C GLU NA 705 83.86 -64.30 1.88
N ILE NA 706 83.89 -65.04 3.00
CA ILE NA 706 83.64 -66.50 2.88
C ILE NA 706 82.14 -66.75 2.71
N GLN NA 707 81.76 -67.57 1.73
CA GLN NA 707 80.36 -67.93 1.55
C GLN NA 707 80.23 -69.44 1.52
N TYR NA 708 79.10 -69.95 1.99
CA TYR NA 708 78.82 -71.37 1.84
C TYR NA 708 78.52 -71.67 0.39
N THR NA 709 79.07 -72.78 -0.12
CA THR NA 709 78.92 -73.13 -1.52
C THR NA 709 78.94 -74.64 -1.66
N SER NA 710 78.37 -75.10 -2.77
CA SER NA 710 78.43 -76.54 -3.08
C SER NA 710 79.77 -76.80 -3.75
N ASN NA 711 80.24 -78.04 -3.76
CA ASN NA 711 81.58 -78.27 -4.37
C ASN NA 711 81.35 -78.61 -5.83
N TYR NA 712 82.09 -77.98 -6.74
CA TYR NA 712 81.85 -78.15 -8.20
C TYR NA 712 82.29 -79.54 -8.66
N ASN NA 713 83.30 -80.15 -8.02
CA ASN NA 713 83.79 -81.41 -8.54
C ASN NA 713 82.69 -82.45 -8.61
N LYS NA 714 82.84 -83.36 -9.58
CA LYS NA 714 81.85 -84.43 -9.80
C LYS NA 714 81.79 -85.36 -8.60
N SER NA 715 80.63 -85.96 -8.40
CA SER NA 715 80.45 -86.89 -7.30
C SER NA 715 79.36 -87.88 -7.68
N ILE NA 716 79.35 -89.01 -6.97
CA ILE NA 716 78.33 -90.03 -7.21
C ILE NA 716 76.95 -89.49 -6.85
N ASN NA 717 76.85 -88.78 -5.72
CA ASN NA 717 75.60 -88.22 -5.24
C ASN NA 717 75.72 -86.71 -5.07
N VAL NA 718 74.63 -86.01 -5.33
CA VAL NA 718 74.56 -84.58 -5.07
C VAL NA 718 74.25 -84.36 -3.59
N ASP NA 719 74.85 -83.33 -3.00
CA ASP NA 719 74.62 -83.05 -1.59
C ASP NA 719 73.19 -82.58 -1.36
N PHE NA 720 72.63 -83.00 -0.22
CA PHE NA 720 71.28 -82.60 0.20
C PHE NA 720 70.23 -83.02 -0.83
N THR NA 721 70.40 -84.20 -1.40
CA THR NA 721 69.43 -84.81 -2.29
C THR NA 721 69.17 -86.24 -1.84
N VAL NA 722 68.43 -86.98 -2.65
CA VAL NA 722 68.15 -88.38 -2.38
C VAL NA 722 69.12 -89.24 -3.19
N ASP NA 723 69.38 -90.44 -2.68
CA ASP NA 723 70.26 -91.38 -3.38
C ASP NA 723 69.40 -92.30 -4.26
N THR NA 724 70.01 -93.37 -4.77
CA THR NA 724 69.29 -94.31 -5.65
C THR NA 724 68.20 -95.03 -4.86
N ASN NA 725 68.26 -94.97 -3.53
CA ASN NA 725 67.20 -95.57 -2.67
C ASN NA 725 66.16 -94.50 -2.32
N GLY NA 726 66.35 -93.27 -2.82
CA GLY NA 726 65.42 -92.17 -2.52
C GLY NA 726 65.55 -91.74 -1.07
N VAL NA 727 66.67 -92.06 -0.42
CA VAL NA 727 66.88 -91.71 1.01
C VAL NA 727 67.50 -90.31 1.09
N TYR NA 728 66.82 -89.36 1.73
CA TYR NA 728 67.36 -88.03 1.87
C TYR NA 728 68.40 -87.99 2.98
N SER NA 729 69.51 -87.32 2.72
CA SER NA 729 70.59 -87.21 3.69
C SER NA 729 71.10 -85.77 3.71
N GLU NA 730 71.64 -85.39 4.87
CA GLU NA 730 72.27 -84.09 5.05
C GLU NA 730 73.75 -84.31 5.28
N PRO NA 731 74.60 -84.09 4.27
CA PRO NA 731 76.00 -84.53 4.37
C PRO NA 731 76.79 -83.88 5.49
N ARG NA 732 76.54 -82.61 5.81
CA ARG NA 732 77.34 -81.91 6.81
C ARG NA 732 76.45 -80.90 7.52
N PRO NA 733 76.82 -80.51 8.74
CA PRO NA 733 76.12 -79.40 9.39
C PRO NA 733 76.53 -78.07 8.77
N ILE NA 734 75.55 -77.20 8.56
CA ILE NA 734 75.78 -75.86 8.04
C ILE NA 734 75.41 -74.87 9.13
N GLY NA 735 76.38 -74.04 9.52
CA GLY NA 735 76.13 -72.96 10.46
C GLY NA 735 75.57 -71.75 9.75
N THR NA 736 75.71 -70.60 10.39
CA THR NA 736 75.25 -69.34 9.81
C THR NA 736 76.32 -68.28 9.72
N ARG NA 737 77.53 -68.52 10.26
CA ARG NA 737 78.51 -67.46 10.45
C ARG NA 737 79.53 -67.51 9.32
N TYR NA 738 79.16 -66.87 8.20
CA TYR NA 738 80.03 -66.76 7.03
C TYR NA 738 80.39 -65.34 6.69
N LEU NA 739 79.44 -64.40 6.77
CA LEU NA 739 79.76 -63.00 6.62
C LEU NA 739 80.55 -62.51 7.83
N THR NA 740 81.21 -61.38 7.67
CA THR NA 740 82.05 -60.82 8.72
C THR NA 740 81.60 -59.41 9.08
N ARG NA 741 81.79 -59.08 10.36
CA ARG NA 741 81.51 -57.71 10.86
C ARG NA 741 82.64 -57.35 11.81
N ASN NA 742 83.01 -56.06 11.91
CA ASN NA 742 84.03 -55.61 12.86
C ASN NA 742 83.49 -55.67 14.28
N LEU NA 743 84.41 -55.84 15.23
CA LEU NA 743 84.04 -55.84 16.64
C LEU NA 743 83.54 -54.48 17.09
N ALA OA 218 46.01 -30.11 67.24
CA ALA OA 218 44.87 -30.59 66.43
C ALA OA 218 43.75 -31.05 67.36
N ASP OA 219 44.11 -31.73 68.44
CA ASP OA 219 43.08 -32.33 69.34
C ASP OA 219 43.40 -31.92 70.78
N GLY OA 220 44.32 -30.98 70.95
CA GLY OA 220 44.59 -30.49 72.32
C GLY OA 220 44.64 -31.61 73.34
N VAL OA 221 44.09 -31.39 74.53
CA VAL OA 221 44.19 -32.41 75.61
C VAL OA 221 42.78 -32.94 75.82
N GLY OA 222 42.59 -34.22 75.58
CA GLY OA 222 41.32 -34.89 75.78
C GLY OA 222 40.60 -35.31 74.52
N ASN OA 223 41.13 -34.98 73.35
CA ASN OA 223 40.56 -35.39 72.08
C ASN OA 223 41.51 -36.36 71.40
N SER OA 224 41.01 -37.54 71.05
CA SER OA 224 41.84 -38.55 70.41
C SER OA 224 42.17 -38.13 68.99
N SER OA 225 43.43 -38.35 68.59
CA SER OA 225 43.91 -38.00 67.27
C SER OA 225 43.99 -39.20 66.33
N GLY OA 226 43.45 -40.34 66.72
CA GLY OA 226 43.47 -41.51 65.86
C GLY OA 226 42.69 -42.64 66.48
N ASN OA 227 42.52 -43.69 65.71
CA ASN OA 227 41.79 -44.89 66.11
C ASN OA 227 42.66 -46.13 65.91
N TRP OA 228 42.25 -47.22 66.53
CA TRP OA 228 42.96 -48.48 66.42
C TRP OA 228 42.48 -49.22 65.18
N HIS OA 229 43.37 -49.37 64.20
CA HIS OA 229 43.04 -50.07 62.94
C HIS OA 229 44.02 -51.23 62.78
N CYS OA 230 43.63 -52.43 63.22
CA CYS OA 230 44.48 -53.62 63.04
C CYS OA 230 43.60 -54.67 62.37
N ASP OA 231 43.84 -54.95 61.08
CA ASP OA 231 42.97 -55.90 60.34
C ASP OA 231 43.52 -56.17 58.94
N SER OA 232 42.90 -57.08 58.19
CA SER OA 232 43.32 -57.25 56.81
C SER OA 232 42.10 -57.46 55.93
N THR OA 233 42.16 -56.91 54.72
CA THR OA 233 41.07 -57.01 53.75
C THR OA 233 41.61 -57.66 52.48
N TRP OA 234 40.98 -58.75 52.06
CA TRP OA 234 41.34 -59.44 50.83
C TRP OA 234 40.31 -59.08 49.76
N MET OA 235 40.80 -58.45 48.68
CA MET OA 235 39.90 -58.02 47.59
C MET OA 235 40.52 -58.43 46.25
N GLY OA 236 40.15 -59.59 45.73
CA GLY OA 236 40.66 -60.04 44.45
C GLY OA 236 42.16 -60.29 44.51
N ASP OA 237 42.90 -59.58 43.66
CA ASP OA 237 44.35 -59.70 43.57
C ASP OA 237 45.08 -58.76 44.52
N ARG OA 238 44.43 -58.31 45.59
CA ARG OA 238 45.05 -57.42 46.56
C ARG OA 238 44.72 -57.90 47.97
N VAL OA 239 45.65 -57.68 48.89
CA VAL OA 239 45.41 -57.82 50.32
C VAL OA 239 46.02 -56.62 51.01
N THR OA 240 45.22 -55.92 51.80
CA THR OA 240 45.67 -54.76 52.56
C THR OA 240 45.74 -55.13 54.03
N THR OA 241 46.94 -55.12 54.59
CA THR OA 241 47.15 -55.44 55.99
C THR OA 241 47.42 -54.16 56.76
N THR OA 242 46.70 -53.96 57.86
CA THR OA 242 46.87 -52.81 58.74
C THR OA 242 47.20 -53.29 60.14
N SER OA 243 48.15 -52.62 60.78
CA SER OA 243 48.59 -53.00 62.12
C SER OA 243 48.70 -51.76 62.99
N THR OA 244 48.31 -51.88 64.25
CA THR OA 244 48.48 -50.83 65.23
C THR OA 244 49.18 -51.39 66.46
N ARG OA 245 50.14 -50.64 66.98
CA ARG OA 245 50.90 -51.04 68.16
C ARG OA 245 51.05 -49.85 69.09
N THR OA 246 51.34 -50.14 70.35
CA THR OA 246 51.64 -49.13 71.35
C THR OA 246 53.14 -49.11 71.58
N TRP OA 247 53.76 -47.95 71.42
CA TRP OA 247 55.20 -47.81 71.53
C TRP OA 247 55.57 -46.93 72.71
N ALA OA 248 56.79 -47.14 73.21
CA ALA OA 248 57.37 -46.33 74.26
C ALA OA 248 58.72 -45.83 73.80
N LEU OA 249 58.94 -44.53 73.89
CA LEU OA 249 60.18 -43.90 73.43
C LEU OA 249 60.87 -43.20 74.59
N PRO OA 250 61.99 -43.71 75.07
CA PRO OA 250 62.72 -43.03 76.15
C PRO OA 250 63.59 -41.91 75.60
N THR OA 251 64.35 -41.29 76.49
CA THR OA 251 65.36 -40.32 76.10
C THR OA 251 66.68 -41.06 75.91
N TYR OA 252 67.26 -40.93 74.72
CA TYR OA 252 68.46 -41.67 74.36
C TYR OA 252 69.69 -40.77 74.44
N ASN OA 253 70.75 -41.31 75.05
CA ASN OA 253 72.04 -40.62 75.18
C ASN OA 253 71.96 -39.32 75.96
N ASN OA 254 70.86 -39.12 76.71
CA ASN OA 254 70.62 -37.88 77.43
C ASN OA 254 70.68 -36.68 76.48
N HIS OA 255 69.96 -36.80 75.36
CA HIS OA 255 69.83 -35.76 74.34
C HIS OA 255 71.15 -35.42 73.66
N LEU OA 256 72.09 -36.35 73.59
CA LEU OA 256 73.43 -36.07 73.09
C LEU OA 256 73.77 -36.95 71.90
N TYR OA 257 74.70 -36.48 71.08
CA TYR OA 257 75.27 -37.32 70.01
C TYR OA 257 76.64 -37.73 70.56
N LYS OA 258 76.95 -39.01 70.56
CA LYS OA 258 78.19 -39.56 71.10
C LYS OA 258 78.92 -40.32 70.02
N GLN OA 259 80.19 -40.00 69.82
CA GLN OA 259 81.03 -40.78 68.92
C GLN OA 259 81.30 -42.15 69.52
N ILE OA 260 81.08 -43.19 68.73
CA ILE OA 260 81.28 -44.56 69.17
C ILE OA 260 82.29 -45.24 68.25
N SER OA 261 82.99 -46.22 68.78
CA SER OA 261 83.98 -46.95 68.02
C SER OA 261 84.21 -48.31 68.69
N SER OA 262 84.88 -49.19 67.96
CA SER OA 262 85.20 -50.51 68.50
C SER OA 262 86.15 -50.38 69.68
N GLN OA 263 86.03 -51.35 70.59
CA GLN OA 263 86.87 -51.31 71.81
C GLN OA 263 88.31 -51.57 71.42
N SER OA 264 89.23 -50.97 72.18
CA SER OA 264 90.66 -51.28 71.95
C SER OA 264 90.89 -52.75 72.26
N GLY OA 265 91.74 -53.41 71.49
CA GLY OA 265 92.02 -54.82 71.60
C GLY OA 265 91.16 -55.71 70.76
N ALA OA 266 90.15 -55.16 70.09
CA ALA OA 266 89.31 -55.95 69.20
C ALA OA 266 90.10 -56.38 67.97
N SER OA 267 89.64 -57.46 67.33
CA SER OA 267 90.27 -57.90 66.11
C SER OA 267 90.00 -56.90 64.98
N ASN OA 268 90.81 -57.01 63.92
CA ASN OA 268 90.66 -56.09 62.80
C ASN OA 268 89.31 -56.28 62.12
N ASP OA 269 88.79 -57.49 62.08
CA ASP OA 269 87.49 -57.74 61.46
C ASP OA 269 86.36 -57.07 62.22
N ASN OA 270 86.54 -56.85 63.52
CA ASN OA 270 85.50 -56.29 64.38
C ASN OA 270 85.67 -54.79 64.62
N HIS OA 271 86.65 -54.16 63.98
CA HIS OA 271 86.87 -52.73 64.16
C HIS OA 271 85.78 -51.93 63.45
N TYR OA 272 85.33 -50.85 64.08
CA TYR OA 272 84.32 -50.00 63.48
C TYR OA 272 84.41 -48.61 64.09
N PHE OA 273 83.80 -47.64 63.40
CA PHE OA 273 83.68 -46.27 63.87
C PHE OA 273 82.33 -45.73 63.43
N GLY OA 274 81.68 -44.97 64.29
CA GLY OA 274 80.38 -44.45 63.96
C GLY OA 274 79.91 -43.46 65.00
N TYR OA 275 78.63 -43.13 64.94
CA TYR OA 275 78.03 -42.19 65.86
C TYR OA 275 76.71 -42.72 66.38
N SER OA 276 76.42 -42.43 67.65
CA SER OA 276 75.16 -42.77 68.28
C SER OA 276 74.33 -41.51 68.43
N THR OA 277 73.08 -41.57 67.97
CA THR OA 277 72.21 -40.41 67.99
C THR OA 277 71.17 -40.52 69.09
N PRO OA 278 70.65 -39.39 69.59
CA PRO OA 278 69.57 -39.44 70.58
C PRO OA 278 68.21 -39.78 70.00
N TRP OA 279 68.13 -40.06 68.71
CA TRP OA 279 66.86 -40.35 68.05
C TRP OA 279 66.57 -41.84 68.08
N GLY OA 280 65.28 -42.17 67.94
CA GLY OA 280 64.83 -43.51 67.69
C GLY OA 280 64.25 -43.63 66.30
N TYR OA 281 63.94 -44.85 65.90
CA TYR OA 281 63.37 -45.10 64.59
C TYR OA 281 62.31 -46.19 64.68
N PHE OA 282 61.30 -46.09 63.81
CA PHE OA 282 60.23 -47.06 63.75
C PHE OA 282 60.54 -48.09 62.67
N ASP OA 283 60.63 -49.35 63.07
CA ASP OA 283 60.97 -50.45 62.16
C ASP OA 283 59.78 -51.38 62.04
N PHE OA 284 59.33 -51.62 60.81
CA PHE OA 284 58.32 -52.64 60.52
C PHE OA 284 58.76 -53.50 59.34
N ASN OA 285 60.05 -53.75 59.23
CA ASN OA 285 60.61 -54.53 58.13
C ASN OA 285 60.65 -56.03 58.45
N ARG OA 286 59.52 -56.56 58.90
CA ARG OA 286 59.36 -57.99 59.13
C ARG OA 286 57.92 -58.34 58.80
N PHE OA 287 57.69 -59.51 58.23
CA PHE OA 287 56.32 -59.86 57.75
C PHE OA 287 55.34 -60.03 58.91
N HIS OA 288 55.82 -60.47 60.07
CA HIS OA 288 54.95 -60.71 61.26
C HIS OA 288 54.35 -59.38 61.75
N CYS OA 289 54.92 -58.25 61.36
CA CYS OA 289 54.45 -56.91 61.78
C CYS OA 289 53.16 -56.56 61.04
N HIS OA 290 52.85 -57.26 59.94
CA HIS OA 290 51.67 -56.96 59.15
C HIS OA 290 50.76 -58.15 58.93
N PHE OA 291 51.29 -59.37 58.89
CA PHE OA 291 50.52 -60.57 58.62
C PHE OA 291 50.35 -61.38 59.90
N SER OA 292 49.11 -61.73 60.21
CA SER OA 292 48.86 -62.73 61.23
C SER OA 292 49.21 -64.11 60.68
N PRO OA 293 49.43 -65.10 61.55
CA PRO OA 293 49.70 -66.45 61.04
C PRO OA 293 48.60 -67.00 60.14
N ARG OA 294 47.33 -66.72 60.45
CA ARG OA 294 46.25 -67.10 59.55
C ARG OA 294 46.34 -66.35 58.23
N ASP OA 295 46.71 -65.07 58.28
CA ASP OA 295 46.92 -64.30 57.05
C ASP OA 295 48.06 -64.88 56.23
N TRP OA 296 49.14 -65.27 56.89
CA TRP OA 296 50.26 -65.90 56.19
C TRP OA 296 49.84 -67.21 55.54
N GLN OA 297 49.06 -68.03 56.26
CA GLN OA 297 48.61 -69.30 55.70
C GLN OA 297 47.69 -69.07 54.50
N ARG OA 298 46.81 -68.06 54.60
CA ARG OA 298 45.97 -67.70 53.47
C ARG OA 298 46.78 -67.20 52.28
N LEU OA 299 47.87 -66.49 52.54
CA LEU OA 299 48.71 -65.98 51.46
C LEU OA 299 49.48 -67.09 50.77
N ILE OA 300 50.12 -67.97 51.55
CA ILE OA 300 51.07 -68.91 50.97
C ILE OA 300 50.41 -70.15 50.39
N ASN OA 301 49.18 -70.48 50.81
CA ASN OA 301 48.51 -71.66 50.32
C ASN OA 301 47.71 -71.43 49.05
N ASN OA 302 47.61 -70.18 48.60
CA ASN OA 302 46.72 -69.85 47.49
C ASN OA 302 47.34 -68.98 46.41
N ASN OA 303 48.53 -68.43 46.63
CA ASN OA 303 49.13 -67.48 45.71
C ASN OA 303 50.48 -67.97 45.24
N TRP OA 304 50.77 -67.73 43.96
CA TRP OA 304 52.07 -68.03 43.39
C TRP OA 304 53.07 -66.90 43.55
N GLY OA 305 52.64 -65.75 44.06
CA GLY OA 305 53.55 -64.64 44.27
C GLY OA 305 52.85 -63.47 44.93
N PHE OA 306 53.66 -62.56 45.46
CA PHE OA 306 53.14 -61.34 46.06
C PHE OA 306 54.25 -60.30 46.10
N ARG OA 307 53.85 -59.03 46.21
CA ARG OA 307 54.79 -57.93 46.27
C ARG OA 307 54.08 -56.74 46.90
N PRO OA 308 54.79 -55.88 47.63
CA PRO OA 308 54.17 -54.68 48.19
C PRO OA 308 53.94 -53.62 47.12
N LYS OA 309 52.88 -52.84 47.33
CA LYS OA 309 52.45 -51.81 46.39
C LYS OA 309 52.54 -50.42 46.96
N ARG OA 310 51.96 -50.18 48.14
CA ARG OA 310 52.00 -48.87 48.78
C ARG OA 310 51.79 -49.07 50.28
N LEU OA 311 52.21 -48.07 51.05
CA LEU OA 311 52.03 -48.13 52.50
C LEU OA 311 51.56 -46.77 53.02
N ASN OA 312 50.91 -46.82 54.19
CA ASN OA 312 50.45 -45.59 54.89
C ASN OA 312 50.92 -45.73 56.34
N PHE OA 313 51.45 -44.67 56.94
CA PHE OA 313 52.02 -44.67 58.27
C PHE OA 313 51.37 -43.56 59.08
N LYS OA 314 51.12 -43.88 60.36
CA LYS OA 314 50.51 -42.86 61.24
C LYS OA 314 50.99 -42.95 62.69
N LEU OA 315 51.32 -41.81 63.29
CA LEU OA 315 51.59 -41.70 64.72
C LEU OA 315 50.52 -40.82 65.34
N PHE OA 316 49.95 -41.27 66.45
CA PHE OA 316 48.82 -40.57 67.04
C PHE OA 316 48.73 -40.92 68.52
N ASN OA 317 47.85 -40.20 69.22
CA ASN OA 317 47.62 -40.37 70.65
C ASN OA 317 48.94 -40.27 71.42
N ILE OA 318 49.71 -39.24 71.11
CA ILE OA 318 51.04 -39.07 71.67
C ILE OA 318 50.94 -38.47 73.06
N GLN OA 319 51.53 -39.13 74.05
CA GLN OA 319 51.54 -38.68 75.42
C GLN OA 319 52.99 -38.55 75.87
N VAL OA 320 53.35 -37.39 76.40
CA VAL OA 320 54.67 -37.17 76.97
C VAL OA 320 54.55 -37.22 78.48
N LYS OA 321 55.30 -38.12 79.10
CA LYS OA 321 55.26 -38.33 80.54
C LYS OA 321 56.56 -37.84 81.16
N GLU OA 322 56.43 -37.03 82.20
CA GLU OA 322 57.58 -36.54 82.95
C GLU OA 322 57.82 -37.44 84.16
N VAL OA 323 59.05 -37.91 84.32
CA VAL OA 323 59.44 -38.81 85.40
C VAL OA 323 60.31 -38.05 86.39
N THR OA 324 59.95 -38.12 87.66
CA THR OA 324 60.73 -37.52 88.73
C THR OA 324 61.03 -38.57 89.80
N GLN OA 325 62.13 -38.39 90.51
CA GLN OA 325 62.55 -39.32 91.54
C GLN OA 325 63.01 -38.52 92.75
N ASN OA 326 62.20 -38.53 93.81
CA ASN OA 326 62.48 -37.77 95.02
C ASN OA 326 62.44 -38.72 96.21
N ASP OA 327 63.57 -38.82 96.93
CA ASP OA 327 63.68 -39.66 98.13
C ASP OA 327 63.32 -41.12 97.83
N GLY OA 328 63.76 -41.61 96.67
CA GLY OA 328 63.55 -43.00 96.32
C GLY OA 328 62.18 -43.33 95.76
N THR OA 329 61.36 -42.33 95.46
CA THR OA 329 60.02 -42.53 94.93
C THR OA 329 59.96 -42.10 93.48
N THR OA 330 59.45 -42.98 92.62
CA THR OA 330 59.29 -42.69 91.20
C THR OA 330 57.87 -42.21 90.94
N THR OA 331 57.75 -40.95 90.52
CA THR OA 331 56.45 -40.33 90.25
C THR OA 331 56.38 -39.97 88.78
N ILE OA 332 55.31 -40.37 88.11
CA ILE OA 332 55.11 -40.11 86.69
C ILE OA 332 53.88 -39.24 86.53
N ALA OA 333 54.02 -38.13 85.82
CA ALA OA 333 52.93 -37.20 85.60
C ALA OA 333 52.93 -36.78 84.13
N ASN OA 334 51.77 -36.34 83.66
CA ASN OA 334 51.63 -35.91 82.28
C ASN OA 334 52.37 -34.58 82.05
N ASN OA 335 52.88 -34.43 80.84
CA ASN OA 335 53.47 -33.17 80.37
C ASN OA 335 52.74 -32.80 79.09
N LEU OA 336 51.71 -31.96 79.21
CA LEU OA 336 50.85 -31.66 78.07
C LEU OA 336 51.47 -30.65 77.11
N THR OA 337 52.57 -30.00 77.47
CA THR OA 337 53.19 -28.99 76.62
C THR OA 337 54.45 -29.47 75.94
N SER OA 338 54.95 -30.66 76.27
CA SER OA 338 56.14 -31.18 75.61
C SER OA 338 55.80 -31.75 74.24
N THR OA 339 56.81 -31.80 73.37
CA THR OA 339 56.65 -32.26 72.00
C THR OA 339 57.54 -33.46 71.74
N VAL OA 340 57.26 -34.12 70.61
CA VAL OA 340 58.14 -35.13 70.04
C VAL OA 340 58.39 -34.76 68.58
N GLN OA 341 59.64 -34.87 68.15
CA GLN OA 341 60.04 -34.52 66.81
C GLN OA 341 60.03 -35.77 65.93
N VAL OA 342 59.30 -35.70 64.82
CA VAL OA 342 59.17 -36.82 63.88
C VAL OA 342 59.47 -36.31 62.48
N PHE OA 343 60.32 -37.03 61.76
CA PHE OA 343 60.52 -36.75 60.34
C PHE OA 343 60.89 -38.04 59.63
N THR OA 344 60.57 -38.08 58.34
CA THR OA 344 60.89 -39.22 57.48
C THR OA 344 62.04 -38.82 56.55
N ASP OA 345 63.02 -39.71 56.44
CA ASP OA 345 64.18 -39.47 55.57
C ASP OA 345 63.82 -39.87 54.14
N SER OA 346 62.96 -39.08 53.51
CA SER OA 346 62.43 -39.43 52.16
C SER OA 346 63.46 -39.15 51.07
N GLU OA 347 64.49 -38.36 51.36
CA GLU OA 347 65.54 -38.14 50.39
C GLU OA 347 66.72 -39.08 50.58
N TYR OA 348 66.66 -39.97 51.56
CA TYR OA 348 67.70 -40.97 51.81
C TYR OA 348 69.07 -40.33 51.99
N GLN OA 349 69.11 -39.26 52.78
CA GLN OA 349 70.35 -38.56 53.09
C GLN OA 349 71.04 -39.10 54.34
N LEU OA 350 70.40 -40.00 55.06
CA LEU OA 350 70.97 -40.61 56.26
C LEU OA 350 71.34 -42.06 55.98
N PRO OA 351 72.32 -42.60 56.72
CA PRO OA 351 72.66 -44.02 56.55
C PRO OA 351 71.46 -44.91 56.84
N TYR OA 352 71.15 -45.78 55.89
CA TYR OA 352 69.97 -46.63 55.98
C TYR OA 352 70.31 -47.85 56.82
N VAL OA 353 69.85 -47.86 58.08
CA VAL OA 353 70.12 -48.95 58.99
C VAL OA 353 69.00 -49.99 59.00
N LEU OA 354 67.86 -49.70 58.39
CA LEU OA 354 66.86 -50.72 58.17
C LEU OA 354 67.36 -51.73 57.15
N GLY OA 355 66.87 -52.96 57.24
CA GLY OA 355 67.32 -54.02 56.38
C GLY OA 355 68.56 -54.73 56.83
N SER OA 356 69.02 -54.51 58.05
CA SER OA 356 70.14 -55.24 58.63
C SER OA 356 69.68 -56.28 59.65
N ALA OA 357 68.40 -56.64 59.64
CA ALA OA 357 67.83 -57.66 60.52
C ALA OA 357 68.04 -57.29 62.00
N HIS OA 358 67.68 -56.06 62.34
CA HIS OA 358 67.86 -55.56 63.69
C HIS OA 358 66.59 -55.74 64.51
N GLN OA 359 66.77 -55.92 65.82
CA GLN OA 359 65.65 -56.02 66.75
C GLN OA 359 65.02 -54.65 66.96
N GLY OA 360 63.82 -54.66 67.53
CA GLY OA 360 63.09 -53.43 67.77
C GLY OA 360 61.93 -53.17 66.83
N CYS OA 361 61.50 -54.17 66.07
CA CYS OA 361 60.40 -54.01 65.14
C CYS OA 361 59.07 -53.95 65.89
N LEU OA 362 57.99 -53.80 65.13
CA LEU OA 362 56.65 -53.91 65.69
C LEU OA 362 56.43 -55.37 66.11
N PRO OA 363 55.99 -55.62 67.35
CA PRO OA 363 55.87 -57.00 67.80
C PRO OA 363 54.82 -57.74 66.99
N PRO OA 364 55.02 -59.05 66.76
CA PRO OA 364 54.03 -59.80 65.96
C PRO OA 364 52.65 -59.83 66.58
N PHE OA 365 52.55 -59.86 67.91
CA PHE OA 365 51.25 -59.87 68.57
C PHE OA 365 50.75 -58.44 68.77
N PRO OA 366 49.55 -58.12 68.29
CA PRO OA 366 49.07 -56.73 68.35
C PRO OA 366 48.92 -56.19 69.77
N ALA OA 367 48.85 -57.04 70.78
CA ALA OA 367 48.66 -56.60 72.15
C ALA OA 367 49.96 -56.27 72.87
N ASP OA 368 51.11 -56.50 72.25
CA ASP OA 368 52.40 -56.25 72.88
C ASP OA 368 52.83 -54.80 72.72
N VAL OA 369 53.45 -54.25 73.76
CA VAL OA 369 53.99 -52.90 73.76
C VAL OA 369 55.50 -53.00 73.60
N PHE OA 370 56.06 -52.19 72.70
CA PHE OA 370 57.46 -52.29 72.33
C PHE OA 370 58.17 -50.95 72.52
N MET OA 371 59.46 -51.04 72.81
CA MET OA 371 60.33 -49.87 72.91
C MET OA 371 60.88 -49.51 71.55
N VAL OA 372 60.98 -48.21 71.28
CA VAL OA 372 61.51 -47.71 70.02
C VAL OA 372 63.03 -47.85 70.03
N PRO OA 373 63.62 -48.54 69.06
CA PRO OA 373 65.07 -48.74 69.08
C PRO OA 373 65.83 -47.44 68.81
N GLN OA 374 67.02 -47.35 69.39
CA GLN OA 374 67.87 -46.18 69.21
C GLN OA 374 68.55 -46.20 67.85
N TYR OA 375 68.55 -45.04 67.19
CA TYR OA 375 69.17 -44.94 65.87
C TYR OA 375 70.66 -44.68 65.99
N GLY OA 376 71.43 -45.38 65.17
CA GLY OA 376 72.87 -45.19 65.12
C GLY OA 376 73.39 -45.70 63.81
N TYR OA 377 74.53 -45.14 63.39
CA TYR OA 377 75.10 -45.48 62.10
C TYR OA 377 76.61 -45.61 62.22
N LEU OA 378 77.20 -46.31 61.26
CA LEU OA 378 78.63 -46.47 61.16
C LEU OA 378 79.14 -45.77 59.90
N THR OA 379 80.37 -45.26 59.99
CA THR OA 379 81.01 -44.62 58.85
C THR OA 379 82.38 -45.25 58.63
N LEU OA 380 83.17 -44.67 57.75
CA LEU OA 380 84.50 -45.23 57.42
C LEU OA 380 85.39 -45.24 58.65
N ASN OA 381 86.19 -46.30 58.81
CA ASN OA 381 87.11 -46.39 59.96
C ASN OA 381 88.45 -46.97 59.53
N ASN OA 382 89.55 -46.47 60.06
CA ASN OA 382 90.87 -47.10 59.85
C ASN OA 382 91.20 -47.69 61.21
N GLY OA 383 90.70 -48.90 61.49
CA GLY OA 383 90.85 -49.45 62.86
C GLY OA 383 89.77 -48.87 63.73
N SER OA 384 90.09 -48.49 64.97
CA SER OA 384 89.12 -47.84 65.83
C SER OA 384 89.00 -46.35 65.56
N GLN OA 385 89.87 -45.79 64.73
CA GLN OA 385 89.86 -44.37 64.41
C GLN OA 385 89.04 -44.10 63.15
N ALA OA 386 88.91 -42.82 62.83
CA ALA OA 386 88.19 -42.37 61.65
C ALA OA 386 89.17 -41.85 60.60
N VAL OA 387 88.66 -41.63 59.39
CA VAL OA 387 89.43 -41.05 58.30
C VAL OA 387 88.75 -39.75 57.89
N GLY OA 388 89.41 -39.02 56.99
CA GLY OA 388 88.88 -37.75 56.55
C GLY OA 388 87.59 -37.88 55.76
N ARG OA 389 87.36 -39.04 55.17
CA ARG OA 389 86.14 -39.29 54.39
C ARG OA 389 84.96 -39.69 55.26
N SER OA 390 85.17 -39.93 56.55
CA SER OA 390 84.07 -40.30 57.44
C SER OA 390 83.06 -39.15 57.54
N SER OA 391 81.78 -39.51 57.52
CA SER OA 391 80.70 -38.53 57.52
C SER OA 391 80.00 -38.50 58.86
N PHE OA 392 79.66 -37.29 59.31
CA PHE OA 392 78.89 -37.08 60.51
C PHE OA 392 77.55 -36.46 60.13
N TYR OA 393 76.48 -36.96 60.75
CA TYR OA 393 75.13 -36.51 60.44
C TYR OA 393 74.44 -36.06 61.72
N CYS OA 394 73.95 -34.83 61.71
CA CYS OA 394 73.10 -34.30 62.78
C CYS OA 394 71.66 -34.38 62.31
N LEU OA 395 70.83 -35.14 63.01
CA LEU OA 395 69.44 -35.34 62.63
C LEU OA 395 68.57 -34.13 62.95
N GLU OA 396 69.04 -33.19 63.77
CA GLU OA 396 68.34 -31.94 63.98
C GLU OA 396 68.55 -30.96 62.84
N TYR OA 397 69.40 -31.31 61.86
CA TYR OA 397 69.66 -30.45 60.67
C TYR OA 397 68.63 -30.79 59.59
N PHE OA 398 67.70 -31.67 59.88
CA PHE OA 398 66.58 -32.02 59.03
C PHE OA 398 65.31 -31.32 59.52
N PRO OA 399 64.42 -30.92 58.61
CA PRO OA 399 63.12 -30.40 59.03
C PRO OA 399 62.27 -31.52 59.62
N SER OA 400 61.80 -31.31 60.84
CA SER OA 400 61.00 -32.29 61.56
C SER OA 400 59.71 -31.66 62.04
N GLN OA 401 58.70 -32.49 62.24
CA GLN OA 401 57.39 -32.04 62.70
C GLN OA 401 57.30 -32.25 64.20
N MET OA 402 56.91 -31.19 64.91
CA MET OA 402 56.81 -31.21 66.37
C MET OA 402 55.36 -31.51 66.75
N LEU OA 403 55.18 -32.51 67.62
CA LEU OA 403 53.85 -33.01 67.95
C LEU OA 403 53.64 -32.93 69.46
N ARG OA 404 52.66 -32.16 69.89
CA ARG OA 404 52.21 -32.17 71.27
C ARG OA 404 51.16 -33.26 71.46
N THR OA 405 50.63 -33.36 72.67
CA THR OA 405 49.49 -34.30 72.89
C THR OA 405 48.29 -33.73 72.15
N GLY OA 406 47.76 -34.46 71.19
CA GLY OA 406 46.70 -34.00 70.33
C GLY OA 406 47.10 -33.80 68.89
N ASN OA 407 48.39 -33.83 68.58
CA ASN OA 407 48.87 -33.77 67.21
C ASN OA 407 49.17 -35.18 66.71
N ASN OA 408 49.04 -35.37 65.40
CA ASN OA 408 49.33 -36.65 64.78
C ASN OA 408 50.24 -36.44 63.58
N PHE OA 409 50.93 -37.51 63.20
CA PHE OA 409 51.84 -37.52 62.06
C PHE OA 409 51.38 -38.59 61.08
N THR OA 410 51.53 -38.32 59.79
CA THR OA 410 51.18 -39.29 58.78
C THR OA 410 51.99 -39.05 57.52
N PHE OA 411 52.20 -40.11 56.75
CA PHE OA 411 52.81 -40.00 55.43
C PHE OA 411 52.50 -41.26 54.64
N SER OA 412 52.49 -41.11 53.32
CA SER OA 412 52.20 -42.20 52.40
C SER OA 412 53.40 -42.45 51.50
N TYR OA 413 53.62 -43.72 51.18
CA TYR OA 413 54.74 -44.14 50.36
C TYR OA 413 54.26 -45.14 49.32
N THR OA 414 54.82 -45.06 48.12
CA THR OA 414 54.50 -46.00 47.06
C THR OA 414 55.74 -46.82 46.73
N PHE OA 415 55.61 -48.14 46.79
CA PHE OA 415 56.72 -49.02 46.44
C PHE OA 415 56.99 -48.93 44.93
N GLU OA 416 58.27 -49.03 44.57
CA GLU OA 416 58.63 -49.14 43.18
C GLU OA 416 58.25 -50.52 42.64
N ASP OA 417 58.24 -50.65 41.32
CA ASP OA 417 57.91 -51.93 40.70
C ASP OA 417 59.00 -52.95 41.01
N VAL OA 418 58.60 -54.08 41.60
CA VAL OA 418 59.54 -55.13 41.96
C VAL OA 418 58.96 -56.46 41.51
N PRO OA 419 59.81 -57.46 41.26
CA PRO OA 419 59.28 -58.78 40.88
C PRO OA 419 58.48 -59.41 42.01
N PHE OA 420 57.48 -60.19 41.63
CA PHE OA 420 56.74 -60.98 42.60
C PHE OA 420 57.67 -61.98 43.27
N HIS OA 421 57.54 -62.13 44.58
CA HIS OA 421 58.27 -63.18 45.27
C HIS OA 421 57.79 -64.54 44.80
N SER OA 422 58.76 -65.43 44.55
CA SER OA 422 58.43 -66.80 44.08
C SER OA 422 57.92 -67.65 45.24
N SER OA 423 56.64 -67.49 45.58
CA SER OA 423 56.04 -68.28 46.67
C SER OA 423 55.55 -69.63 46.16
N TYR OA 424 56.46 -70.35 45.51
CA TYR OA 424 56.16 -71.67 44.97
C TYR OA 424 57.45 -72.49 44.94
N ALA OA 425 57.28 -73.80 44.88
CA ALA OA 425 58.38 -74.73 44.68
C ALA OA 425 58.22 -75.40 43.32
N HIS OA 426 59.32 -75.51 42.58
CA HIS OA 426 59.25 -76.14 41.27
C HIS OA 426 58.98 -77.63 41.41
N SER OA 427 58.02 -78.12 40.62
CA SER OA 427 57.70 -79.54 40.57
C SER OA 427 58.54 -80.28 39.55
N GLN OA 428 59.45 -79.60 38.86
CA GLN OA 428 60.39 -80.21 37.96
C GLN OA 428 61.81 -79.82 38.36
N SER OA 429 62.75 -80.70 38.09
CA SER OA 429 64.16 -80.42 38.31
C SER OA 429 64.78 -79.93 37.01
N LEU OA 430 65.82 -79.09 37.13
CA LEU OA 430 66.46 -78.51 35.96
C LEU OA 430 67.14 -79.57 35.10
N ASP OA 431 67.49 -80.72 35.69
CA ASP OA 431 68.20 -81.79 34.94
C ASP OA 431 67.20 -82.86 34.47
N ARG OA 432 65.90 -82.63 34.67
CA ARG OA 432 64.86 -83.59 34.30
C ARG OA 432 63.74 -82.87 33.53
N LEU OA 433 64.12 -82.04 32.57
CA LEU OA 433 63.17 -81.25 31.79
C LEU OA 433 62.84 -81.88 30.43
N MET OA 434 63.32 -83.09 30.18
CA MET OA 434 63.18 -83.71 28.87
C MET OA 434 61.96 -84.63 28.82
N ASN OA 435 61.73 -85.20 27.63
CA ASN OA 435 60.71 -86.21 27.44
C ASN OA 435 61.38 -87.58 27.60
N PRO OA 436 61.04 -88.36 28.64
CA PRO OA 436 61.74 -89.63 28.87
C PRO OA 436 61.43 -90.70 27.83
N LEU OA 437 60.42 -90.49 26.97
CA LEU OA 437 60.02 -91.51 26.01
C LEU OA 437 60.77 -91.41 24.69
N ILE OA 438 61.28 -90.24 24.34
CA ILE OA 438 61.89 -89.99 23.03
C ILE OA 438 63.38 -89.75 23.22
N ASP OA 439 64.18 -90.40 22.39
CA ASP OA 439 65.62 -90.15 22.40
C ASP OA 439 65.94 -88.79 21.77
N GLN OA 440 67.10 -88.26 22.13
CA GLN OA 440 67.60 -87.04 21.50
C GLN OA 440 68.25 -87.37 20.17
N TYR OA 441 68.18 -86.42 19.25
CA TYR OA 441 68.89 -86.56 17.98
C TYR OA 441 70.36 -86.17 18.09
N LEU OA 442 70.75 -85.50 19.17
CA LEU OA 442 72.15 -85.13 19.37
C LEU OA 442 72.94 -86.30 19.94
N TYR OA 443 74.22 -86.33 19.62
CA TYR OA 443 75.12 -87.38 20.08
C TYR OA 443 76.08 -86.83 21.13
N TYR OA 444 76.51 -87.72 22.02
CA TYR OA 444 77.51 -87.40 23.02
C TYR OA 444 78.56 -88.50 23.03
N LEU OA 445 79.78 -88.13 23.40
CA LEU OA 445 80.87 -89.09 23.50
C LEU OA 445 80.58 -90.05 24.65
N SER OA 446 80.25 -91.30 24.32
CA SER OA 446 79.88 -92.29 25.32
C SER OA 446 81.01 -93.24 25.67
N ARG OA 447 81.88 -93.52 24.71
CA ARG OA 447 83.02 -94.41 24.99
C ARG OA 447 84.31 -93.79 24.45
N THR OA 448 85.42 -94.08 25.10
CA THR OA 448 86.72 -93.58 24.68
C THR OA 448 87.69 -94.68 24.29
N ASN OA 449 87.33 -95.95 24.46
CA ASN OA 449 88.19 -97.05 24.04
C ASN OA 449 87.32 -98.27 23.76
N THR OA 450 87.92 -99.25 23.10
CA THR OA 450 87.26 -100.52 22.80
C THR OA 450 88.20 -101.67 23.09
N PRO OA 451 87.68 -102.88 23.43
CA PRO OA 451 88.56 -104.03 23.62
C PRO OA 451 89.34 -104.30 22.34
N SER OA 452 90.67 -104.35 22.41
CA SER OA 452 91.49 -104.69 21.23
C SER OA 452 92.43 -105.84 21.62
N GLY OA 453 92.32 -106.98 20.95
CA GLY OA 453 93.13 -108.14 21.35
C GLY OA 453 92.83 -108.52 22.79
N THR OA 454 93.87 -108.61 23.62
CA THR OA 454 93.68 -108.90 25.07
C THR OA 454 93.97 -107.62 25.86
N THR OA 455 94.24 -106.52 25.16
CA THR OA 455 94.47 -105.21 25.82
C THR OA 455 93.33 -104.26 25.46
N THR OA 456 93.58 -102.96 25.47
CA THR OA 456 92.54 -101.97 25.05
C THR OA 456 93.12 -101.06 23.98
N GLN OA 457 92.27 -100.49 23.14
CA GLN OA 457 92.71 -99.57 22.11
C GLN OA 457 91.83 -98.33 22.12
N SER OA 458 92.44 -97.17 21.94
CA SER OA 458 91.69 -95.91 21.97
C SER OA 458 90.76 -95.83 20.76
N ARG OA 459 89.49 -95.53 21.02
CA ARG OA 459 88.49 -95.44 19.96
C ARG OA 459 87.30 -94.65 20.47
N LEU OA 460 86.98 -93.54 19.80
CA LEU OA 460 85.88 -92.70 20.20
C LEU OA 460 84.57 -93.23 19.64
N GLN OA 461 83.54 -93.29 20.49
CA GLN OA 461 82.20 -93.69 20.08
C GLN OA 461 81.19 -92.71 20.65
N PHE OA 462 80.06 -92.59 19.97
CA PHE OA 462 79.04 -91.62 20.32
C PHE OA 462 77.67 -92.29 20.35
N SER OA 463 76.82 -91.82 21.25
CA SER OA 463 75.49 -92.38 21.43
C SER OA 463 74.48 -91.25 21.54
N GLN OA 464 73.23 -91.58 21.23
CA GLN OA 464 72.11 -90.67 21.45
C GLN OA 464 71.53 -90.93 22.83
N ALA OA 465 71.32 -89.86 23.59
CA ALA OA 465 70.89 -89.99 24.98
C ALA OA 465 69.39 -90.18 25.06
N GLY OA 466 68.98 -91.11 25.93
CA GLY OA 466 67.57 -91.38 26.20
C GLY OA 466 67.33 -91.40 27.70
N ALA OA 467 66.42 -92.29 28.11
CA ALA OA 467 66.07 -92.38 29.52
C ALA OA 467 67.12 -93.16 30.32
N SER OA 468 67.72 -94.19 29.71
CA SER OA 468 68.66 -95.04 30.44
C SER OA 468 69.95 -94.29 30.78
N ASP OA 469 70.38 -93.39 29.91
CA ASP OA 469 71.56 -92.57 30.14
C ASP OA 469 71.15 -91.11 30.23
N ILE OA 470 70.09 -90.86 31.00
CA ILE OA 470 69.47 -89.54 31.10
C ILE OA 470 70.44 -88.47 31.58
N ARG OA 471 71.51 -88.86 32.28
CA ARG OA 471 72.47 -87.88 32.79
C ARG OA 471 73.31 -87.26 31.69
N ASP OA 472 73.39 -87.88 30.52
CA ASP OA 472 74.23 -87.42 29.42
C ASP OA 472 73.47 -86.58 28.40
N GLN OA 473 72.19 -86.29 28.65
CA GLN OA 473 71.40 -85.56 27.68
C GLN OA 473 71.88 -84.12 27.53
N SER OA 474 71.86 -83.64 26.29
CA SER OA 474 72.20 -82.25 26.02
C SER OA 474 71.12 -81.34 26.59
N ARG OA 475 71.55 -80.26 27.25
CA ARG OA 475 70.64 -79.38 27.96
C ARG OA 475 70.94 -77.93 27.59
N ASN OA 476 69.94 -77.08 27.83
CA ASN OA 476 70.03 -75.68 27.45
C ASN OA 476 70.37 -74.75 28.61
N TRP OA 477 70.30 -75.23 29.85
CA TRP OA 477 70.42 -74.38 31.03
C TRP OA 477 71.36 -75.01 32.04
N LEU OA 478 71.77 -74.19 33.00
CA LEU OA 478 72.71 -74.57 34.06
C LEU OA 478 72.17 -74.15 35.41
N PRO OA 479 72.55 -74.86 36.47
CA PRO OA 479 72.15 -74.43 37.82
C PRO OA 479 72.81 -73.13 38.22
N GLY OA 480 72.16 -72.41 39.13
CA GLY OA 480 72.59 -71.10 39.55
C GLY OA 480 73.95 -71.07 40.22
N PRO OA 481 74.42 -69.88 40.54
CA PRO OA 481 75.78 -69.75 41.09
C PRO OA 481 75.88 -70.30 42.51
N CYS OA 482 77.14 -70.58 42.86
CA CYS OA 482 77.42 -71.26 44.14
C CYS OA 482 78.56 -70.59 44.89
N TYR OA 483 78.52 -70.64 46.22
CA TYR OA 483 79.63 -70.18 47.07
C TYR OA 483 79.66 -71.12 48.27
N ARG OA 484 80.50 -72.16 48.18
CA ARG OA 484 80.34 -73.34 49.02
C ARG OA 484 80.41 -73.01 50.51
N GLN OA 485 79.53 -73.65 51.27
CA GLN OA 485 79.46 -73.53 52.72
C GLN OA 485 79.86 -74.85 53.37
N GLN OA 486 80.38 -74.76 54.59
CA GLN OA 486 80.68 -75.96 55.35
C GLN OA 486 79.38 -76.61 55.84
N ARG OA 487 79.38 -77.94 55.88
CA ARG OA 487 78.22 -78.70 56.28
C ARG OA 487 78.30 -79.04 57.76
N VAL OA 488 77.20 -78.70 58.46
CA VAL OA 488 77.08 -79.00 59.91
C VAL OA 488 75.81 -79.85 60.07
N SER OA 489 75.75 -80.69 61.09
CA SER OA 489 74.62 -81.58 61.34
C SER OA 489 73.90 -81.16 62.61
N LYS OA 490 72.57 -81.31 62.58
CA LYS OA 490 71.74 -80.97 63.78
C LYS OA 490 72.02 -82.03 64.87
N THR OA 491 72.41 -83.24 64.48
CA THR OA 491 72.83 -84.27 65.47
C THR OA 491 74.25 -83.89 65.91
N SER OA 492 74.45 -83.53 67.17
CA SER OA 492 75.76 -83.01 67.62
C SER OA 492 76.90 -84.00 67.41
N ALA OA 493 76.71 -85.27 67.76
CA ALA OA 493 77.80 -86.24 67.67
C ALA OA 493 78.38 -86.32 66.26
N ASP OA 494 77.58 -85.99 65.24
CA ASP OA 494 78.01 -86.09 63.86
C ASP OA 494 79.02 -85.02 63.47
N ASN OA 495 79.19 -83.98 64.29
CA ASN OA 495 80.06 -82.87 63.95
C ASN OA 495 81.48 -83.12 64.47
N ASN OA 496 82.44 -82.44 63.85
CA ASN OA 496 83.84 -82.56 64.27
C ASN OA 496 84.02 -81.95 65.66
N ASN OA 497 84.83 -82.61 66.48
CA ASN OA 497 85.09 -82.15 67.84
C ASN OA 497 86.22 -81.11 67.83
N SER OA 498 85.87 -79.93 67.33
CA SER OA 498 86.81 -78.82 67.26
C SER OA 498 86.01 -77.53 67.13
N GLU OA 499 86.74 -76.41 67.29
CA GLU OA 499 86.12 -75.07 67.12
C GLU OA 499 86.38 -74.62 65.70
N TYR OA 500 85.37 -74.72 64.84
CA TYR OA 500 85.50 -74.38 63.42
C TYR OA 500 84.44 -73.39 62.96
N SER OA 501 83.86 -72.61 63.89
CA SER OA 501 82.84 -71.65 63.49
C SER OA 501 83.42 -70.50 62.68
N TRP OA 502 84.73 -70.28 62.73
CA TRP OA 502 85.38 -69.24 61.95
C TRP OA 502 86.45 -69.77 61.01
N THR OA 503 87.24 -70.77 61.44
CA THR OA 503 88.25 -71.33 60.56
C THR OA 503 87.64 -72.00 59.35
N GLY OA 504 86.56 -72.75 59.55
CA GLY OA 504 85.83 -73.38 58.48
C GLY OA 504 84.71 -72.55 57.90
N ALA OA 505 84.58 -71.30 58.32
CA ALA OA 505 83.49 -70.44 57.87
C ALA OA 505 83.74 -69.93 56.46
N THR OA 506 82.66 -69.62 55.76
CA THR OA 506 82.73 -69.02 54.44
C THR OA 506 82.75 -67.50 54.58
N LYS OA 507 83.78 -66.87 54.02
CA LYS OA 507 84.06 -65.46 54.27
C LYS OA 507 84.33 -64.73 52.96
N TYR OA 508 84.12 -63.42 52.99
CA TYR OA 508 84.56 -62.53 51.93
C TYR OA 508 85.52 -61.50 52.52
N HIS OA 509 86.52 -61.13 51.74
CA HIS OA 509 87.59 -60.26 52.17
C HIS OA 509 87.37 -58.87 51.59
N LEU OA 510 87.32 -57.85 52.44
CA LEU OA 510 87.06 -56.48 52.02
C LEU OA 510 87.90 -55.53 52.85
N ASN OA 511 88.83 -54.83 52.19
CA ASN OA 511 89.70 -53.84 52.83
C ASN OA 511 90.48 -54.45 53.99
N GLY OA 512 90.96 -55.68 53.81
CA GLY OA 512 91.75 -56.34 54.82
C GLY OA 512 90.97 -56.95 55.97
N ARG OA 513 89.64 -56.87 55.92
CA ARG OA 513 88.84 -57.50 57.01
C ARG OA 513 87.95 -58.61 56.46
N ASP OA 514 87.90 -59.75 57.15
CA ASP OA 514 87.06 -60.88 56.80
C ASP OA 514 85.68 -60.70 57.43
N SER OA 515 84.65 -60.81 56.61
CA SER OA 515 83.27 -60.78 57.06
C SER OA 515 82.62 -62.12 56.78
N LEU OA 516 81.80 -62.58 57.71
CA LEU OA 516 81.08 -63.84 57.51
C LEU OA 516 80.07 -63.70 56.38
N VAL OA 517 80.03 -64.71 55.51
CA VAL OA 517 79.04 -64.77 54.45
C VAL OA 517 77.81 -65.45 55.04
N ASN OA 518 76.79 -64.64 55.34
CA ASN OA 518 75.61 -65.12 56.06
C ASN OA 518 74.39 -64.31 55.65
N PRO OA 519 73.39 -64.92 55.00
CA PRO OA 519 73.33 -66.31 54.56
C PRO OA 519 73.98 -66.55 53.21
N GLY OA 520 74.37 -65.49 52.50
CA GLY OA 520 75.04 -65.62 51.24
C GLY OA 520 74.10 -65.90 50.08
N PRO OA 521 74.66 -66.33 48.95
CA PRO OA 521 73.83 -66.64 47.78
C PRO OA 521 72.83 -67.75 48.08
N ALA OA 522 71.67 -67.65 47.45
CA ALA OA 522 70.59 -68.61 47.69
C ALA OA 522 70.99 -69.98 47.16
N MET OA 523 71.09 -70.94 48.07
CA MET OA 523 71.47 -72.31 47.73
C MET OA 523 70.65 -73.28 48.56
N ALA OA 524 70.47 -74.49 48.05
CA ALA OA 524 69.72 -75.50 48.77
C ALA OA 524 70.44 -75.90 50.04
N SER OA 525 69.67 -76.06 51.12
CA SER OA 525 70.27 -76.43 52.40
C SER OA 525 70.86 -77.83 52.36
N HIS OA 526 70.19 -78.75 51.68
CA HIS OA 526 70.63 -80.14 51.65
C HIS OA 526 70.01 -80.83 50.45
N LYS OA 527 70.56 -82.00 50.12
CA LYS OA 527 70.04 -82.82 49.03
C LYS OA 527 68.97 -83.77 49.58
N ASP OA 528 68.56 -84.73 48.77
CA ASP OA 528 67.52 -85.67 49.17
C ASP OA 528 67.95 -86.47 50.40
N ASP OA 529 67.02 -86.62 51.34
CA ASP OA 529 67.19 -87.48 52.51
C ASP OA 529 68.40 -87.07 53.35
N GLU OA 530 68.64 -85.77 53.46
CA GLU OA 530 69.71 -85.24 54.29
C GLU OA 530 69.23 -84.02 55.06
N GLU OA 531 68.01 -84.09 55.60
CA GLU OA 531 67.40 -82.95 56.26
C GLU OA 531 68.13 -82.55 57.53
N LYS OA 532 68.96 -83.42 58.10
CA LYS OA 532 69.71 -83.08 59.30
C LYS OA 532 70.89 -82.16 59.01
N PHE OA 533 71.27 -82.00 57.75
CA PHE OA 533 72.43 -81.20 57.37
C PHE OA 533 71.98 -79.81 56.91
N PHE OA 534 72.68 -78.79 57.36
CA PHE OA 534 72.44 -77.42 56.95
C PHE OA 534 73.77 -76.71 56.77
N PRO OA 535 73.84 -75.71 55.90
CA PRO OA 535 75.08 -74.94 55.76
C PRO OA 535 75.41 -74.18 57.03
N GLN OA 536 76.72 -74.01 57.27
CA GLN OA 536 77.17 -73.44 58.53
C GLN OA 536 76.66 -72.01 58.72
N SER OA 537 76.70 -71.20 57.66
CA SER OA 537 76.16 -69.85 57.70
C SER OA 537 75.37 -69.55 56.43
N GLY OA 538 74.65 -70.56 55.93
CA GLY OA 538 73.90 -70.43 54.69
C GLY OA 538 72.40 -70.39 54.83
N VAL OA 539 71.86 -70.39 56.04
CA VAL OA 539 70.42 -70.33 56.26
C VAL OA 539 70.13 -69.32 57.35
N LEU OA 540 68.92 -68.77 57.31
CA LEU OA 540 68.46 -67.91 58.39
C LEU OA 540 68.15 -68.74 59.62
N ILE OA 541 68.56 -68.26 60.78
CA ILE OA 541 68.32 -68.94 62.05
C ILE OA 541 67.56 -67.97 62.94
N PHE OA 542 66.32 -68.34 63.28
CA PHE OA 542 65.47 -67.54 64.14
C PHE OA 542 65.49 -68.10 65.55
N GLY OA 543 65.40 -67.21 66.54
CA GLY OA 543 65.37 -67.61 67.92
C GLY OA 543 63.97 -67.92 68.38
N LYS OA 544 63.84 -68.98 69.19
CA LYS OA 544 62.57 -69.27 69.83
C LYS OA 544 62.28 -68.24 70.91
N GLN OA 545 61.05 -68.24 71.40
CA GLN OA 545 60.67 -67.30 72.45
C GLN OA 545 61.48 -67.52 73.70
N GLY OA 546 62.02 -66.43 74.26
CA GLY OA 546 62.83 -66.50 75.46
C GLY OA 546 64.28 -66.86 75.24
N SER OA 547 64.71 -66.94 73.98
CA SER OA 547 66.11 -67.36 73.68
C SER OA 547 67.08 -66.23 74.02
N GLU OA 548 68.23 -66.58 74.60
CA GLU OA 548 69.23 -65.60 74.99
C GLU OA 548 69.98 -65.10 73.75
N LYS OA 549 71.05 -64.35 73.98
CA LYS OA 549 71.79 -63.73 72.90
C LYS OA 549 73.04 -64.51 72.52
N THR OA 550 73.76 -65.06 73.49
CA THR OA 550 75.07 -65.65 73.25
C THR OA 550 75.06 -67.14 73.54
N ASN OA 551 75.50 -67.92 72.56
CA ASN OA 551 75.79 -69.35 72.72
C ASN OA 551 74.59 -70.13 73.24
N VAL OA 552 73.45 -69.95 72.60
CA VAL OA 552 72.27 -70.75 72.90
C VAL OA 552 72.38 -72.08 72.18
N ASP OA 553 71.73 -73.10 72.73
CA ASP OA 553 71.80 -74.43 72.15
C ASP OA 553 70.97 -74.50 70.87
N ILE OA 554 71.12 -75.62 70.16
CA ILE OA 554 70.41 -75.79 68.90
C ILE OA 554 68.90 -75.93 69.15
N GLU OA 555 68.50 -76.49 70.28
CA GLU OA 555 67.09 -76.62 70.60
C GLU OA 555 66.45 -75.28 70.93
N LYS OA 556 67.24 -74.23 71.14
CA LYS OA 556 66.73 -72.90 71.40
C LYS OA 556 66.50 -72.09 70.14
N VAL OA 557 66.91 -72.59 68.98
CA VAL OA 557 66.79 -71.87 67.72
C VAL OA 557 66.06 -72.72 66.71
N MET OA 558 65.48 -72.06 65.71
CA MET OA 558 64.76 -72.71 64.62
C MET OA 558 65.51 -72.41 63.32
N ILE OA 559 66.05 -73.45 62.71
CA ILE OA 559 66.86 -73.32 61.51
C ILE OA 559 65.98 -73.50 60.30
N THR OA 560 66.03 -72.54 59.37
CA THR OA 560 65.19 -72.59 58.19
C THR OA 560 65.75 -73.58 57.16
N ASP OA 561 64.89 -73.95 56.22
CA ASP OA 561 65.31 -74.91 55.17
C ASP OA 561 64.99 -74.33 53.81
N GLU OA 562 65.94 -74.39 52.90
CA GLU OA 562 65.81 -73.92 51.53
C GLU OA 562 65.87 -75.08 50.55
N GLU OA 563 65.18 -76.17 50.88
CA GLU OA 563 65.20 -77.37 50.04
C GLU OA 563 64.29 -77.25 48.82
N GLU OA 564 63.34 -76.31 48.83
CA GLU OA 564 62.43 -76.17 47.70
C GLU OA 564 63.13 -75.66 46.45
N ILE OA 565 64.33 -75.10 46.58
CA ILE OA 565 65.03 -74.52 45.44
C ILE OA 565 66.15 -75.43 44.95
N ARG OA 566 66.24 -76.66 45.46
CA ARG OA 566 67.26 -77.59 44.98
C ARG OA 566 66.99 -78.08 43.56
N THR OA 567 65.82 -77.77 43.00
CA THR OA 567 65.54 -78.12 41.62
C THR OA 567 66.41 -77.32 40.66
N THR OA 568 66.71 -76.07 40.98
CA THR OA 568 67.52 -75.21 40.11
C THR OA 568 68.79 -74.69 40.77
N ASN OA 569 68.91 -74.75 42.08
CA ASN OA 569 70.06 -74.19 42.77
C ASN OA 569 70.94 -75.29 43.34
N PRO OA 570 72.26 -75.15 43.25
CA PRO OA 570 73.15 -76.17 43.81
C PRO OA 570 73.03 -76.24 45.32
N VAL OA 571 73.30 -77.45 45.85
CA VAL OA 571 73.34 -77.63 47.29
C VAL OA 571 74.48 -76.81 47.88
N ALA OA 572 74.20 -76.14 49.00
CA ALA OA 572 75.15 -75.18 49.57
C ALA OA 572 76.45 -75.84 49.98
N THR OA 573 76.39 -77.05 50.50
CA THR OA 573 77.54 -77.71 51.07
C THR OA 573 78.31 -78.57 50.07
N GLU OA 574 77.89 -78.59 48.81
CA GLU OA 574 78.53 -79.41 47.80
C GLU OA 574 79.08 -78.52 46.69
N GLN OA 575 79.91 -79.13 45.85
CA GLN OA 575 80.51 -78.40 44.74
C GLN OA 575 79.46 -78.13 43.66
N TYR OA 576 79.71 -77.07 42.88
CA TYR OA 576 78.86 -76.79 41.73
C TYR OA 576 78.98 -77.89 40.68
N GLY OA 577 80.19 -78.38 40.45
CA GLY OA 577 80.41 -79.38 39.41
C GLY OA 577 81.88 -79.67 39.25
N SER OA 578 82.25 -80.14 38.06
CA SER OA 578 83.62 -80.47 37.75
C SER OA 578 84.01 -79.88 36.40
N VAL OA 579 85.27 -79.47 36.29
CA VAL OA 579 85.83 -78.95 35.05
C VAL OA 579 87.15 -79.68 34.79
N SER OA 580 87.54 -79.68 33.52
CA SER OA 580 88.83 -80.25 33.14
C SER OA 580 89.97 -79.32 33.55
N THR OA 581 91.09 -79.91 33.91
CA THR OA 581 92.25 -79.15 34.35
C THR OA 581 93.50 -79.39 33.51
N ASN OA 582 93.48 -80.32 32.56
CA ASN OA 582 94.64 -80.61 31.74
C ASN OA 582 94.16 -81.01 30.35
N LEU OA 583 95.09 -81.51 29.54
CA LEU OA 583 94.80 -81.99 28.19
C LEU OA 583 95.23 -83.44 28.09
N GLN OA 584 94.25 -84.34 28.01
CA GLN OA 584 94.54 -85.75 27.86
C GLN OA 584 95.18 -86.02 26.50
N ARG OA 585 96.08 -87.01 26.50
CA ARG OA 585 96.85 -87.33 25.28
C ARG OA 585 97.36 -88.76 25.38
N GLY OA 586 97.36 -89.49 24.28
CA GLY OA 586 97.94 -90.81 24.23
C GLY OA 586 99.41 -90.80 23.87
N ASN OA 587 99.96 -92.01 23.74
CA ASN OA 587 101.43 -92.15 23.48
C ASN OA 587 101.74 -91.82 22.01
N THR OA 594 104.72 -88.70 26.72
CA THR OA 594 104.10 -89.88 27.38
C THR OA 594 102.58 -89.70 27.39
N SER OA 595 101.82 -90.65 27.93
CA SER OA 595 100.39 -90.38 27.96
C SER OA 595 100.00 -89.61 29.21
N ARG OA 596 98.94 -88.81 29.08
CA ARG OA 596 98.39 -88.05 30.21
C ARG OA 596 96.90 -88.33 30.28
N GLN OA 597 96.43 -88.78 31.45
CA GLN OA 597 95.02 -89.07 31.64
C GLN OA 597 94.25 -87.80 32.00
N ALA OA 598 92.99 -87.77 31.59
CA ALA OA 598 92.15 -86.61 31.84
C ALA OA 598 91.94 -86.40 33.33
N ALA OA 599 92.05 -85.15 33.77
CA ALA OA 599 91.93 -84.79 35.18
C ALA OA 599 90.82 -83.76 35.34
N THR OA 600 90.14 -83.82 36.48
CA THR OA 600 89.04 -82.92 36.79
C THR OA 600 89.23 -82.35 38.20
N ALA OA 601 88.62 -81.20 38.44
CA ALA OA 601 88.65 -80.55 39.73
C ALA OA 601 87.26 -80.10 40.12
N ASP OA 602 87.01 -80.09 41.43
CA ASP OA 602 85.73 -79.59 41.93
C ASP OA 602 85.67 -78.07 41.82
N VAL OA 603 84.49 -77.55 41.51
CA VAL OA 603 84.26 -76.11 41.40
C VAL OA 603 83.51 -75.71 42.67
N ASN OA 604 84.27 -75.30 43.69
CA ASN OA 604 83.66 -74.90 44.96
C ASN OA 604 83.06 -73.51 44.91
N THR OA 605 83.46 -72.67 43.95
CA THR OA 605 82.86 -71.36 43.75
C THR OA 605 82.62 -71.16 42.27
N GLN OA 606 81.40 -70.78 41.91
CA GLN OA 606 81.01 -70.61 40.52
C GLN OA 606 80.30 -69.27 40.36
N GLY OA 607 80.84 -68.41 39.50
CA GLY OA 607 80.18 -67.18 39.16
C GLY OA 607 79.06 -67.40 38.17
N VAL OA 608 78.36 -66.32 37.84
CA VAL OA 608 77.23 -66.41 36.94
C VAL OA 608 77.72 -66.65 35.52
N LEU OA 609 77.15 -67.65 34.86
CA LEU OA 609 77.41 -68.02 33.49
C LEU OA 609 76.19 -67.73 32.62
N PRO OA 610 76.37 -67.47 31.33
CA PRO OA 610 75.21 -67.36 30.44
C PRO OA 610 74.42 -68.65 30.41
N GLY OA 611 73.09 -68.52 30.40
CA GLY OA 611 72.21 -69.66 30.47
C GLY OA 611 71.92 -70.17 31.86
N MET OA 612 72.38 -69.48 32.90
CA MET OA 612 72.18 -69.93 34.30
C MET OA 612 70.82 -69.47 34.81
N VAL OA 613 70.09 -70.33 35.51
CA VAL OA 613 68.79 -70.06 36.11
C VAL OA 613 68.85 -70.44 37.59
N TRP OA 614 68.18 -69.66 38.43
CA TRP OA 614 68.23 -69.88 39.86
C TRP OA 614 66.97 -69.29 40.50
N GLN OA 615 66.74 -69.67 41.75
CA GLN OA 615 65.66 -69.14 42.57
C GLN OA 615 66.26 -68.34 43.72
N ASP OA 616 65.59 -67.27 44.11
CA ASP OA 616 66.05 -66.45 45.21
C ASP OA 616 65.72 -67.11 46.55
N ARG OA 617 66.26 -66.54 47.62
CA ARG OA 617 65.99 -67.07 48.95
C ARG OA 617 64.54 -66.82 49.34
N ASP OA 618 63.97 -67.79 50.06
CA ASP OA 618 62.59 -67.68 50.50
C ASP OA 618 62.43 -66.61 51.57
N VAL OA 619 61.23 -66.05 51.66
CA VAL OA 619 60.88 -65.12 52.72
C VAL OA 619 60.06 -65.87 53.76
N TYR OA 620 60.10 -65.39 54.99
CA TYR OA 620 59.47 -66.06 56.12
C TYR OA 620 58.61 -65.06 56.88
N LEU OA 621 57.69 -65.58 57.69
CA LEU OA 621 56.83 -64.73 58.48
C LEU OA 621 57.65 -63.87 59.45
N GLN OA 622 58.67 -64.46 60.06
CA GLN OA 622 59.59 -63.74 60.93
C GLN OA 622 60.71 -63.05 60.17
N GLY OA 623 60.78 -63.23 58.85
CA GLY OA 623 61.88 -62.71 58.08
C GLY OA 623 61.69 -61.27 57.65
N PRO OA 624 62.75 -60.67 57.10
CA PRO OA 624 62.65 -59.30 56.61
C PRO OA 624 61.85 -59.22 55.31
N ILE OA 625 61.31 -58.04 55.06
CA ILE OA 625 60.50 -57.79 53.87
C ILE OA 625 61.33 -57.19 52.73
N TRP OA 626 62.12 -56.17 53.03
CA TRP OA 626 62.84 -55.43 52.00
C TRP OA 626 64.23 -55.07 52.49
N ALA OA 627 65.01 -54.48 51.57
CA ALA OA 627 66.30 -53.90 51.90
C ALA OA 627 66.61 -52.84 50.86
N LYS OA 628 67.46 -51.89 51.23
CA LYS OA 628 67.86 -50.84 50.31
C LYS OA 628 69.01 -51.30 49.44
N ILE OA 629 68.84 -51.22 48.14
CA ILE OA 629 69.94 -51.54 47.22
C ILE OA 629 71.03 -50.48 47.36
N PRO OA 630 72.28 -50.85 47.61
CA PRO OA 630 73.33 -49.84 47.79
C PRO OA 630 73.49 -48.99 46.53
N HIS OA 631 73.77 -47.71 46.74
CA HIS OA 631 73.95 -46.76 45.65
C HIS OA 631 75.34 -46.99 45.07
N THR OA 632 75.42 -47.87 44.08
CA THR OA 632 76.68 -48.24 43.46
C THR OA 632 76.53 -48.18 41.94
N ASP OA 633 77.66 -48.13 41.26
CA ASP OA 633 77.65 -48.04 39.77
C ASP OA 633 77.06 -49.33 39.19
N GLY OA 634 77.43 -50.47 39.77
CA GLY OA 634 76.95 -51.73 39.25
C GLY OA 634 76.50 -52.67 40.35
N HIS OA 635 75.54 -53.51 40.00
CA HIS OA 635 75.05 -54.58 40.86
C HIS OA 635 74.35 -55.59 39.99
N PHE OA 636 74.42 -56.86 40.40
CA PHE OA 636 73.80 -57.94 39.65
C PHE OA 636 72.72 -58.58 40.50
N HIS OA 637 71.49 -58.64 39.97
CA HIS OA 637 70.35 -59.24 40.63
C HIS OA 637 70.22 -58.73 42.05
N PRO OA 638 69.80 -57.48 42.25
CA PRO OA 638 69.79 -56.85 43.58
C PRO OA 638 68.63 -57.32 44.48
N SER OA 639 68.44 -58.63 44.55
CA SER OA 639 67.58 -59.22 45.57
C SER OA 639 68.38 -59.39 46.85
N PRO OA 640 67.87 -58.94 48.00
CA PRO OA 640 68.63 -59.07 49.25
C PRO OA 640 68.95 -60.52 49.54
N LEU OA 641 70.17 -60.77 50.02
CA LEU OA 641 70.61 -62.14 50.28
C LEU OA 641 69.90 -62.73 51.48
N MET OA 642 69.48 -61.89 52.44
CA MET OA 642 68.71 -62.37 53.58
C MET OA 642 67.27 -62.69 53.23
N GLY OA 643 66.83 -62.34 52.03
CA GLY OA 643 65.47 -62.59 51.59
C GLY OA 643 64.63 -61.33 51.55
N GLY OA 644 63.81 -61.22 50.51
CA GLY OA 644 62.93 -60.08 50.40
C GLY OA 644 62.99 -59.35 49.08
N PHE OA 645 62.59 -58.08 49.07
CA PHE OA 645 62.51 -57.27 47.87
C PHE OA 645 63.59 -56.20 47.89
N GLY OA 646 64.39 -56.15 46.83
CA GLY OA 646 65.39 -55.11 46.70
C GLY OA 646 64.79 -53.83 46.17
N LEU OA 647 64.95 -52.73 46.91
CA LEU OA 647 64.33 -51.46 46.58
C LEU OA 647 65.40 -50.39 46.46
N LYS OA 648 65.45 -49.70 45.32
CA LYS OA 648 66.34 -48.57 45.18
C LYS OA 648 65.91 -47.41 46.07
N HIS OA 649 64.60 -47.24 46.23
CA HIS OA 649 64.02 -46.25 47.14
C HIS OA 649 63.09 -47.00 48.09
N PRO OA 650 63.63 -47.58 49.16
CA PRO OA 650 62.80 -48.34 50.09
C PRO OA 650 61.96 -47.41 50.94
N PRO OA 651 61.05 -47.96 51.76
CA PRO OA 651 60.31 -47.11 52.69
C PRO OA 651 61.26 -46.30 53.55
N PRO OA 652 61.05 -44.98 53.63
CA PRO OA 652 62.02 -44.13 54.32
C PRO OA 652 62.07 -44.40 55.82
N GLN OA 653 63.24 -44.16 56.39
CA GLN OA 653 63.38 -44.24 57.84
C GLN OA 653 62.56 -43.16 58.53
N ILE OA 654 61.85 -43.56 59.58
CA ILE OA 654 61.02 -42.64 60.35
C ILE OA 654 61.71 -42.42 61.69
N LEU OA 655 62.22 -41.22 61.90
CA LEU OA 655 63.00 -40.88 63.09
C LEU OA 655 62.12 -40.10 64.06
N ILE OA 656 62.16 -40.51 65.33
CA ILE OA 656 61.36 -39.88 66.39
C ILE OA 656 62.23 -39.70 67.62
N LYS OA 657 62.09 -38.56 68.28
CA LYS OA 657 62.79 -38.33 69.53
C LYS OA 657 62.01 -37.33 70.37
N ASN OA 658 62.26 -37.36 71.67
CA ASN OA 658 61.64 -36.41 72.59
C ASN OA 658 62.40 -35.10 72.58
N THR OA 659 61.68 -34.00 72.50
CA THR OA 659 62.31 -32.70 72.53
C THR OA 659 62.88 -32.45 73.93
N PRO OA 660 64.16 -32.11 74.05
CA PRO OA 660 64.75 -31.88 75.38
C PRO OA 660 64.11 -30.67 76.06
N VAL OA 661 63.68 -30.86 77.30
CA VAL OA 661 63.10 -29.81 78.11
C VAL OA 661 64.11 -29.45 79.19
N PRO OA 662 64.74 -28.27 79.13
CA PRO OA 662 65.74 -27.92 80.15
C PRO OA 662 65.14 -27.83 81.53
N ALA OA 663 65.93 -28.22 82.53
CA ALA OA 663 65.54 -28.10 83.92
C ALA OA 663 65.74 -26.64 84.37
N ASN OA 664 65.68 -26.40 85.67
CA ASN OA 664 65.75 -25.05 86.19
C ASN OA 664 67.10 -24.41 85.86
N PRO OA 665 67.12 -23.30 85.12
CA PRO OA 665 68.39 -22.65 84.80
C PRO OA 665 68.86 -21.74 85.92
N SER OA 666 70.13 -21.36 85.80
CA SER OA 666 70.74 -20.43 86.78
C SER OA 666 70.26 -19.01 86.47
N THR OA 667 70.05 -18.21 87.50
CA THR OA 667 69.65 -16.82 87.32
C THR OA 667 70.74 -15.96 86.71
N THR OA 668 71.98 -16.44 86.72
CA THR OA 668 73.09 -15.76 86.07
C THR OA 668 73.39 -16.43 84.74
N PHE OA 669 73.69 -15.64 83.72
CA PHE OA 669 73.92 -16.19 82.40
C PHE OA 669 75.18 -17.05 82.38
N SER OA 670 75.08 -18.21 81.73
CA SER OA 670 76.21 -19.11 81.53
C SER OA 670 76.24 -19.54 80.07
N ALA OA 671 77.40 -19.39 79.44
CA ALA OA 671 77.56 -19.77 78.04
C ALA OA 671 77.70 -21.27 77.84
N ALA OA 672 77.87 -22.03 78.91
CA ALA OA 672 77.96 -23.48 78.80
C ALA OA 672 76.63 -24.05 78.34
N LYS OA 673 76.68 -25.04 77.46
CA LYS OA 673 75.47 -25.66 76.96
C LYS OA 673 74.75 -26.38 78.10
N PHE OA 674 73.43 -26.47 77.97
CA PHE OA 674 72.60 -27.08 79.04
C PHE OA 674 72.93 -28.56 79.20
N ALA OA 675 73.15 -28.98 80.45
CA ALA OA 675 73.40 -30.37 80.76
C ALA OA 675 72.38 -30.98 81.69
N SER OA 676 71.46 -30.19 82.24
CA SER OA 676 70.41 -30.67 83.13
C SER OA 676 69.06 -30.55 82.41
N PHE OA 677 68.32 -31.65 82.38
CA PHE OA 677 67.04 -31.70 81.69
C PHE OA 677 66.02 -32.42 82.56
N ILE OA 678 64.76 -32.18 82.27
CA ILE OA 678 63.67 -32.89 82.94
C ILE OA 678 63.58 -34.28 82.33
N THR OA 679 63.65 -35.30 83.18
CA THR OA 679 63.55 -36.67 82.71
C THR OA 679 62.15 -36.94 82.17
N GLN OA 680 62.07 -37.47 80.95
CA GLN OA 680 60.76 -37.70 80.36
C GLN OA 680 60.88 -38.74 79.25
N TYR OA 681 59.74 -39.38 78.97
CA TYR OA 681 59.61 -40.32 77.88
C TYR OA 681 58.27 -40.06 77.21
N SER OA 682 58.01 -40.77 76.12
CA SER OA 682 56.76 -40.62 75.39
C SER OA 682 56.19 -41.99 75.07
N THR OA 683 54.86 -42.04 74.94
CA THR OA 683 54.16 -43.24 74.54
C THR OA 683 53.07 -42.84 73.56
N GLY OA 684 52.66 -43.79 72.73
CA GLY OA 684 51.65 -43.50 71.73
C GLY OA 684 51.32 -44.74 70.92
N GLN OA 685 50.60 -44.52 69.83
CA GLN OA 685 50.19 -45.58 68.94
C GLN OA 685 50.77 -45.34 67.55
N VAL OA 686 51.11 -46.43 66.88
CA VAL OA 686 51.67 -46.41 65.54
C VAL OA 686 50.84 -47.32 64.66
N SER OA 687 50.52 -46.86 63.45
CA SER OA 687 49.73 -47.62 62.49
C SER OA 687 50.50 -47.76 61.18
N VAL OA 688 50.57 -48.99 60.67
CA VAL OA 688 51.19 -49.29 59.39
C VAL OA 688 50.19 -50.06 58.55
N GLU OA 689 49.86 -49.52 57.37
CA GLU OA 689 48.96 -50.18 56.44
C GLU OA 689 49.67 -50.37 55.12
N ILE OA 690 49.79 -51.62 54.68
CA ILE OA 690 50.48 -51.96 53.44
C ILE OA 690 49.51 -52.67 52.51
N GLU OA 691 49.44 -52.23 51.27
CA GLU OA 691 48.70 -52.91 50.22
C GLU OA 691 49.64 -53.83 49.45
N TRP OA 692 49.26 -55.10 49.33
CA TRP OA 692 50.05 -56.10 48.63
C TRP OA 692 49.29 -56.58 47.40
N GLU OA 693 50.02 -56.80 46.31
CA GLU OA 693 49.46 -57.36 45.10
C GLU OA 693 49.74 -58.86 45.05
N LEU OA 694 48.73 -59.62 44.65
CA LEU OA 694 48.80 -61.08 44.64
C LEU OA 694 48.88 -61.60 43.21
N GLN OA 695 49.64 -62.66 43.03
CA GLN OA 695 49.74 -63.39 41.76
C GLN OA 695 49.01 -64.70 41.96
N LYS OA 696 47.78 -64.77 41.45
CA LYS OA 696 46.93 -65.93 41.70
C LYS OA 696 47.48 -67.18 41.04
N GLU OA 697 47.39 -68.30 41.76
CA GLU OA 697 47.83 -69.58 41.22
C GLU OA 697 46.91 -70.03 40.10
N ASN OA 698 47.50 -70.53 39.02
CA ASN OA 698 46.78 -70.98 37.84
C ASN OA 698 47.28 -72.35 37.40
N SER OA 699 47.40 -73.25 38.38
CA SER OA 699 47.98 -74.56 38.12
C SER OA 699 46.95 -75.49 37.47
N LYS OA 700 47.45 -76.50 36.75
CA LYS OA 700 46.56 -77.51 36.10
C LYS OA 700 46.97 -78.92 36.57
N ARG OA 701 47.68 -79.02 37.71
CA ARG OA 701 48.01 -80.34 38.22
C ARG OA 701 46.75 -81.04 38.73
N TRP OA 702 46.77 -82.36 38.70
CA TRP OA 702 45.60 -83.17 39.03
C TRP OA 702 45.55 -83.51 40.52
N ASN OA 703 46.63 -84.05 41.05
CA ASN OA 703 46.65 -84.49 42.43
C ASN OA 703 46.81 -83.29 43.38
N PRO OA 704 46.37 -83.41 44.65
CA PRO OA 704 46.44 -82.27 45.58
C PRO OA 704 47.87 -81.76 45.83
N GLU OA 705 48.02 -80.54 46.33
CA GLU OA 705 49.35 -79.91 46.54
C GLU OA 705 49.74 -79.94 48.01
N ILE OA 706 51.00 -79.60 48.32
CA ILE OA 706 51.34 -79.45 49.76
C ILE OA 706 50.83 -78.10 50.26
N GLN OA 707 50.13 -78.09 51.40
CA GLN OA 707 49.68 -76.84 51.98
C GLN OA 707 50.14 -76.76 53.43
N TYR OA 708 50.40 -75.55 53.90
CA TYR OA 708 50.69 -75.37 55.32
C TYR OA 708 49.41 -75.57 56.13
N THR OA 709 49.53 -76.28 57.25
CA THR OA 709 48.37 -76.61 58.06
C THR OA 709 48.77 -76.71 59.51
N SER OA 710 47.78 -76.55 60.38
CA SER OA 710 48.02 -76.75 61.82
C SER OA 710 47.94 -78.24 62.10
N ASN OA 711 48.51 -78.72 63.19
CA ASN OA 711 48.46 -80.18 63.43
C ASN OA 711 47.20 -80.46 64.25
N TYR OA 712 46.41 -81.45 63.85
CA TYR OA 712 45.11 -81.71 64.53
C TYR OA 712 45.32 -82.31 65.92
N ASN OA 713 46.40 -83.06 66.13
CA ASN OA 713 46.53 -83.73 67.42
C ASN OA 713 46.51 -82.73 68.58
N LYS OA 714 46.02 -83.23 69.71
CA LYS OA 714 45.91 -82.38 70.92
C LYS OA 714 47.29 -81.95 71.40
N SER OA 715 47.32 -80.80 72.05
CA SER OA 715 48.57 -80.28 72.60
C SER OA 715 48.25 -79.42 73.80
N ILE OA 716 49.28 -79.19 74.62
CA ILE OA 716 49.11 -78.33 75.79
C ILE OA 716 48.83 -76.90 75.35
N ASN OA 717 49.54 -76.42 74.35
CA ASN OA 717 49.39 -75.07 73.84
C ASN OA 717 49.04 -75.10 72.36
N VAL OA 718 48.24 -74.13 71.93
CA VAL OA 718 47.94 -73.95 70.52
C VAL OA 718 49.07 -73.16 69.88
N ASP OA 719 49.40 -73.50 68.64
CA ASP OA 719 50.49 -72.81 67.95
C ASP OA 719 50.11 -71.38 67.62
N PHE OA 720 51.08 -70.48 67.72
CA PHE OA 720 50.91 -69.06 67.41
C PHE OA 720 49.83 -68.42 68.27
N THR OA 721 49.80 -68.79 69.55
CA THR OA 721 48.92 -68.19 70.54
C THR OA 721 49.75 -67.82 71.76
N VAL OA 722 49.07 -67.42 72.81
CA VAL OA 722 49.72 -67.09 74.08
C VAL OA 722 49.60 -68.30 75.01
N ASP OA 723 50.55 -68.41 75.93
CA ASP OA 723 50.53 -69.48 76.92
C ASP OA 723 49.82 -68.99 78.18
N THR OA 724 49.93 -69.76 79.26
CA THR OA 724 49.26 -69.39 80.53
C THR OA 724 49.89 -68.12 81.09
N ASN OA 725 51.07 -67.73 80.60
CA ASN OA 725 51.71 -66.47 81.03
C ASN OA 725 51.32 -65.34 80.06
N GLY OA 726 50.51 -65.66 79.05
CA GLY OA 726 50.10 -64.66 78.04
C GLY OA 726 51.27 -64.28 77.15
N VAL OA 727 52.30 -65.14 77.08
CA VAL OA 727 53.51 -64.85 76.26
C VAL OA 727 53.28 -65.39 74.85
N TYR OA 728 53.31 -64.50 73.84
CA TYR OA 728 53.12 -64.93 72.47
C TYR OA 728 54.40 -65.55 71.94
N SER OA 729 54.27 -66.67 71.24
CA SER OA 729 55.42 -67.36 70.66
C SER OA 729 55.09 -67.79 69.25
N GLU OA 730 56.13 -67.90 68.43
CA GLU OA 730 56.02 -68.42 67.07
C GLU OA 730 56.76 -69.74 67.01
N PRO OA 731 56.05 -70.88 67.01
CA PRO OA 731 56.71 -72.17 67.20
C PRO OA 731 57.71 -72.54 66.11
N ARG OA 732 57.48 -72.16 64.86
CA ARG OA 732 58.35 -72.56 63.78
C ARG OA 732 58.36 -71.47 62.72
N PRO OA 733 59.41 -71.40 61.90
CA PRO OA 733 59.38 -70.50 60.74
C PRO OA 733 58.49 -71.06 59.65
N ILE OA 734 57.70 -70.19 59.04
CA ILE OA 734 56.84 -70.55 57.92
C ILE OA 734 57.34 -69.82 56.69
N GLY OA 735 57.68 -70.57 55.66
CA GLY OA 735 58.06 -70.01 54.38
C GLY OA 735 56.83 -69.69 53.56
N THR OA 736 57.04 -69.58 52.24
CA THR OA 736 55.94 -69.32 51.32
C THR OA 736 55.81 -70.33 50.21
N ARG OA 737 56.74 -71.28 50.09
CA ARG OA 737 56.84 -72.13 48.90
C ARG OA 737 56.15 -73.47 49.18
N TYR OA 738 54.83 -73.48 49.00
CA TYR OA 738 54.01 -74.67 49.16
C TYR OA 738 53.32 -75.10 47.88
N LEU OA 739 52.78 -74.16 47.12
CA LEU OA 739 52.24 -74.48 45.81
C LEU OA 739 53.38 -74.80 44.85
N THR OA 740 53.04 -75.46 43.74
CA THR OA 740 54.03 -75.88 42.77
C THR OA 740 53.72 -75.32 41.40
N ARG OA 741 54.79 -75.06 40.65
CA ARG OA 741 54.66 -74.60 39.25
C ARG OA 741 55.72 -75.34 38.43
N ASN OA 742 55.47 -75.62 37.15
CA ASN OA 742 56.45 -76.25 36.28
C ASN OA 742 57.57 -75.28 35.95
N LEU OA 743 58.74 -75.83 35.67
CA LEU OA 743 59.88 -75.02 35.26
C LEU OA 743 59.65 -74.37 33.91
N ALA PA 218 56.62 57.99 31.24
CA ALA PA 218 56.48 56.52 31.27
C ALA PA 218 56.62 56.04 32.70
N ASP PA 219 57.56 56.61 33.45
CA ASP PA 219 57.86 56.12 34.82
C ASP PA 219 57.85 57.31 35.78
N GLY PA 220 57.39 58.47 35.30
CA GLY PA 220 57.28 59.62 36.22
C GLY PA 220 58.50 59.76 37.12
N VAL PA 221 58.28 60.11 38.39
CA VAL PA 221 59.43 60.37 39.31
C VAL PA 221 59.40 59.24 40.33
N GLY PA 222 60.44 58.44 40.37
CA GLY PA 222 60.59 57.36 41.32
C GLY PA 222 60.47 55.97 40.75
N ASN PA 223 60.19 55.84 39.45
CA ASN PA 223 60.12 54.54 38.79
C ASN PA 223 61.24 54.46 37.78
N SER PA 224 62.06 53.41 37.88
CA SER PA 224 63.19 53.24 36.99
C SER PA 224 62.69 52.87 35.59
N SER PA 225 63.32 53.45 34.57
CA SER PA 225 62.96 53.22 33.19
C SER PA 225 63.91 52.26 32.48
N GLY PA 226 64.81 51.62 33.21
CA GLY PA 226 65.72 50.67 32.61
C GLY PA 226 66.55 49.98 33.67
N ASN PA 227 67.31 48.99 33.23
CA ASN PA 227 68.18 48.20 34.09
C ASN PA 227 69.59 48.19 33.54
N TRP PA 228 70.53 47.79 34.39
CA TRP PA 228 71.94 47.72 34.00
C TRP PA 228 72.21 46.38 33.33
N HIS PA 229 72.51 46.42 32.04
CA HIS PA 229 72.81 45.19 31.27
C HIS PA 229 74.21 45.33 30.69
N CYS PA 230 75.21 44.80 31.38
CA CYS PA 230 76.61 44.81 30.86
C CYS PA 230 77.10 43.37 30.90
N ASP PA 231 77.23 42.72 29.74
CA ASP PA 231 77.61 41.28 29.72
C ASP PA 231 77.83 40.79 28.29
N SER PA 232 78.28 39.55 28.12
CA SER PA 232 78.37 39.02 26.77
C SER PA 232 77.94 37.56 26.76
N THR PA 233 77.25 37.16 25.70
CA THR PA 233 76.76 35.80 25.54
C THR PA 233 77.34 35.22 24.26
N TRP PA 234 78.02 34.08 24.38
CA TRP PA 234 78.56 33.37 23.24
C TRP PA 234 77.66 32.19 22.92
N MET PA 235 77.09 32.21 21.71
CA MET PA 235 76.17 31.11 21.29
C MET PA 235 76.55 30.67 19.88
N GLY PA 236 77.37 29.62 19.78
CA GLY PA 236 77.76 29.09 18.48
C GLY PA 236 78.57 30.11 17.69
N ASP PA 237 78.07 30.47 16.52
CA ASP PA 237 78.74 31.42 15.62
C ASP PA 237 78.33 32.86 15.89
N ARG PA 238 77.85 33.17 17.09
CA ARG PA 238 77.46 34.52 17.44
C ARG PA 238 77.99 34.87 18.83
N VAL PA 239 78.31 36.14 19.01
CA VAL PA 239 78.60 36.69 20.33
C VAL PA 239 77.87 38.03 20.45
N THR PA 240 77.05 38.18 21.49
CA THR PA 240 76.31 39.40 21.73
C THR PA 240 76.91 40.10 22.93
N THR PA 241 77.47 41.29 22.69
CA THR PA 241 78.09 42.08 23.75
C THR PA 241 77.16 43.25 24.11
N THR PA 242 76.90 43.41 25.39
CA THR PA 242 76.07 44.50 25.90
C THR PA 242 76.86 45.31 26.91
N SER PA 243 76.74 46.63 26.82
CA SER PA 243 77.48 47.53 27.69
C SER PA 243 76.55 48.61 28.21
N THR PA 244 76.73 48.98 29.49
CA THR PA 244 76.00 50.07 30.09
C THR PA 244 77.00 51.03 30.74
N ARG PA 245 76.78 52.33 30.55
CA ARG PA 245 77.64 53.35 31.11
C ARG PA 245 76.78 54.48 31.67
N THR PA 246 77.37 55.26 32.57
CA THR PA 246 76.74 56.44 33.11
C THR PA 246 77.35 57.67 32.43
N TRP PA 247 76.51 58.51 31.84
CA TRP PA 247 76.96 59.67 31.09
C TRP PA 247 76.50 60.96 31.77
N ALA PA 248 77.26 62.03 31.50
CA ALA PA 248 76.93 63.36 31.95
C ALA PA 248 76.92 64.29 30.75
N LEU PA 249 75.84 65.04 30.59
CA LEU PA 249 75.67 65.93 29.45
C LEU PA 249 75.51 67.37 29.93
N PRO PA 250 76.49 68.24 29.73
CA PRO PA 250 76.35 69.64 30.13
C PRO PA 250 75.56 70.42 29.07
N THR PA 251 75.45 71.72 29.30
CA THR PA 251 74.90 72.65 28.32
C THR PA 251 76.05 73.18 27.48
N TYR PA 252 75.96 73.00 26.17
CA TYR PA 252 77.03 73.35 25.25
C TYR PA 252 76.72 74.66 24.54
N ASN PA 253 77.71 75.54 24.47
CA ASN PA 253 77.62 76.82 23.77
C ASN PA 253 76.54 77.74 24.34
N ASN PA 254 76.07 77.45 25.55
CA ASN PA 254 74.97 78.18 26.16
C ASN PA 254 73.75 78.20 25.25
N HIS PA 255 73.38 77.01 24.75
CA HIS PA 255 72.22 76.78 23.91
C HIS PA 255 72.30 77.51 22.57
N LEU PA 256 73.51 77.75 22.05
CA LEU PA 256 73.67 78.55 20.86
C LEU PA 256 74.41 77.78 19.78
N TYR PA 257 74.20 78.20 18.52
CA TYR PA 257 75.01 77.66 17.41
C TYR PA 257 76.00 78.78 17.11
N LYS PA 258 77.28 78.49 17.05
CA LYS PA 258 78.35 79.44 16.84
C LYS PA 258 79.14 79.05 15.60
N GLN PA 259 79.31 80.00 14.68
CA GLN PA 259 80.19 79.78 13.55
C GLN PA 259 81.63 79.75 14.01
N ILE PA 260 82.36 78.72 13.58
CA ILE PA 260 83.75 78.55 13.95
C ILE PA 260 84.59 78.47 12.69
N SER PA 261 85.85 78.87 12.81
CA SER PA 261 86.78 78.86 11.68
C SER PA 261 88.20 78.84 12.23
N SER PA 262 89.14 78.55 11.33
CA SER PA 262 90.54 78.53 11.71
C SER PA 262 91.00 79.93 12.11
N GLN PA 263 91.99 79.95 13.01
CA GLN PA 263 92.48 81.24 13.52
C GLN PA 263 93.21 81.96 12.40
N SER PA 264 93.16 83.29 12.45
CA SER PA 264 93.95 84.06 11.47
C SER PA 264 95.43 83.79 11.72
N GLY PA 265 96.22 83.71 10.66
CA GLY PA 265 97.63 83.39 10.73
C GLY PA 265 97.96 81.92 10.63
N ALA PA 266 96.95 81.06 10.61
CA ALA PA 266 97.20 79.64 10.44
C ALA PA 266 97.67 79.34 9.02
N SER PA 267 98.36 78.21 8.86
CA SER PA 267 98.80 77.80 7.53
C SER PA 267 97.60 77.41 6.68
N ASN PA 268 97.83 77.36 5.37
CA ASN PA 268 96.75 77.00 4.45
C ASN PA 268 96.26 75.57 4.69
N ASP PA 269 97.17 74.67 5.08
CA ASP PA 269 96.78 73.29 5.32
C ASP PA 269 95.87 73.17 6.54
N ASN PA 270 95.96 74.12 7.47
CA ASN PA 270 95.20 74.07 8.71
C ASN PA 270 93.95 74.95 8.67
N HIS PA 271 93.64 75.56 7.53
CA HIS PA 271 92.46 76.41 7.43
C HIS PA 271 91.20 75.56 7.39
N TYR PA 272 90.15 76.04 8.06
CA TYR PA 272 88.88 75.33 8.07
C TYR PA 272 87.76 76.30 8.41
N PHE PA 273 86.53 75.89 8.10
CA PHE PA 273 85.33 76.62 8.42
C PHE PA 273 84.24 75.62 8.78
N GLY PA 274 83.45 75.96 9.78
CA GLY PA 274 82.41 75.05 10.21
C GLY PA 274 81.51 75.70 11.25
N TYR PA 275 80.71 74.87 11.90
CA TYR PA 275 79.77 75.34 12.90
C TYR PA 275 79.83 74.45 14.13
N SER PA 276 79.67 75.07 15.30
CA SER PA 276 79.61 74.38 16.57
C SER PA 276 78.16 74.37 17.05
N THR PA 277 77.66 73.20 17.39
CA THR PA 277 76.26 73.06 17.79
C THR PA 277 76.14 72.87 19.30
N PRO PA 278 75.02 73.24 19.90
CA PRO PA 278 74.81 72.99 21.33
C PRO PA 278 74.48 71.54 21.66
N TRP PA 279 74.48 70.65 20.68
CA TRP PA 279 74.15 69.26 20.91
C TRP PA 279 75.39 68.44 21.23
N GLY PA 280 75.15 67.30 21.89
CA GLY PA 280 76.15 66.28 22.07
C GLY PA 280 75.79 65.04 21.27
N TYR PA 281 76.72 64.09 21.24
CA TYR PA 281 76.50 62.85 20.52
C TYR PA 281 77.09 61.68 21.29
N PHE PA 282 76.46 60.52 21.15
CA PHE PA 282 76.91 59.30 21.81
C PHE PA 282 77.77 58.50 20.84
N ASP PA 283 79.02 58.26 21.24
CA ASP PA 283 79.99 57.55 20.40
C ASP PA 283 80.35 56.23 21.08
N PHE PA 284 80.19 55.13 20.34
CA PHE PA 284 80.67 53.83 20.78
C PHE PA 284 81.41 53.13 19.66
N ASN PA 285 82.13 53.89 18.84
CA ASN PA 285 82.87 53.37 17.70
C ASN PA 285 84.28 52.96 18.07
N ARG PA 286 84.40 52.17 19.13
CA ARG PA 286 85.67 51.59 19.56
C ARG PA 286 85.38 50.22 20.15
N PHE PA 287 86.25 49.24 19.92
CA PHE PA 287 85.95 47.85 20.34
C PHE PA 287 85.92 47.71 21.86
N HIS PA 288 86.71 48.52 22.58
CA HIS PA 288 86.78 48.44 24.06
C HIS PA 288 85.43 48.84 24.69
N CYS PA 289 84.57 49.51 23.93
CA CYS PA 289 83.24 49.96 24.42
C CYS PA 289 82.29 48.76 24.52
N HIS PA 290 82.62 47.64 23.87
CA HIS PA 290 81.75 46.47 23.86
C HIS PA 290 82.44 45.20 24.32
N PHE PA 291 83.75 45.06 24.10
CA PHE PA 291 84.48 43.85 24.43
C PHE PA 291 85.37 44.10 25.64
N SER PA 292 85.26 43.23 26.64
CA SER PA 292 86.24 43.20 27.71
C SER PA 292 87.53 42.57 27.19
N PRO PA 293 88.66 42.80 27.87
CA PRO PA 293 89.91 42.16 27.41
C PRO PA 293 89.82 40.63 27.36
N ARG PA 294 89.12 40.01 28.31
CA ARG PA 294 88.90 38.57 28.24
C ARG PA 294 88.02 38.22 27.03
N ASP PA 295 87.02 39.04 26.75
CA ASP PA 295 86.19 38.84 25.56
C ASP PA 295 87.02 38.96 24.30
N TRP PA 296 87.92 39.95 24.24
CA TRP PA 296 88.79 40.10 23.08
C TRP PA 296 89.72 38.90 22.93
N GLN PA 297 90.27 38.41 24.03
CA GLN PA 297 91.14 37.24 23.94
C GLN PA 297 90.38 36.00 23.48
N ARG PA 298 89.14 35.84 23.97
CA ARG PA 298 88.29 34.74 23.50
C ARG PA 298 87.96 34.88 22.01
N LEU PA 299 87.78 36.11 21.54
CA LEU PA 299 87.45 36.33 20.13
C LEU PA 299 88.65 36.05 19.23
N ILE PA 300 89.82 36.57 19.58
CA ILE PA 300 90.94 36.56 18.66
C ILE PA 300 91.72 35.24 18.68
N ASN PA 301 91.60 34.46 19.74
CA ASN PA 301 92.34 33.20 19.84
C ASN PA 301 91.59 32.02 19.24
N ASN PA 302 90.34 32.20 18.82
CA ASN PA 302 89.52 31.10 18.39
C ASN PA 302 88.78 31.31 17.08
N ASN PA 303 88.78 32.51 16.52
CA ASN PA 303 87.99 32.83 15.35
C ASN PA 303 88.89 33.34 14.23
N TRP PA 304 88.57 32.94 13.00
CA TRP PA 304 89.24 33.43 11.81
C TRP PA 304 88.63 34.72 11.27
N GLY PA 305 87.51 35.17 11.83
CA GLY PA 305 86.90 36.40 11.38
C GLY PA 305 85.68 36.75 12.20
N PHE PA 306 85.26 38.00 12.10
CA PHE PA 306 84.06 38.47 12.77
C PHE PA 306 83.55 39.72 12.07
N ARG PA 307 82.27 40.01 12.27
CA ARG PA 307 81.64 41.19 11.69
C ARG PA 307 80.40 41.51 12.49
N PRO PA 308 80.03 42.78 12.60
CA PRO PA 308 78.79 43.15 13.30
C PRO PA 308 77.56 42.84 12.47
N LYS PA 309 76.48 42.50 13.17
CA LYS PA 309 75.22 42.09 12.56
C LYS PA 309 74.09 43.06 12.84
N ARG PA 310 73.85 43.38 14.11
CA ARG PA 310 72.79 44.32 14.49
C ARG PA 310 73.14 44.91 15.84
N LEU PA 311 72.53 46.05 16.15
CA LEU PA 311 72.77 46.70 17.43
C LEU PA 311 71.44 47.22 18.00
N ASN PA 312 71.43 47.37 19.33
CA ASN PA 312 70.27 47.94 20.05
C ASN PA 312 70.83 49.02 20.98
N PHE PA 313 70.17 50.17 21.07
CA PHE PA 313 70.62 51.32 21.83
C PHE PA 313 69.50 51.77 22.76
N LYS PA 314 69.90 52.16 23.97
CA LYS PA 314 68.89 52.64 24.94
C LYS PA 314 69.41 53.75 25.85
N LEU PA 315 68.60 54.79 26.05
CA LEU PA 315 68.86 55.82 27.05
C LEU PA 315 67.76 55.76 28.09
N PHE PA 316 68.13 55.77 29.37
CA PHE PA 316 67.16 55.58 30.43
C PHE PA 316 67.68 56.19 31.72
N ASN PA 317 66.81 56.23 32.72
CA ASN PA 317 67.11 56.80 34.03
C ASN PA 317 67.68 58.21 33.90
N ILE PA 318 66.99 59.02 33.11
CA ILE PA 318 67.46 60.36 32.79
C ILE PA 318 67.10 61.31 33.93
N GLN PA 319 68.10 62.00 34.45
CA GLN PA 319 67.94 62.97 35.52
C GLN PA 319 68.45 64.32 35.05
N VAL PA 320 67.63 65.35 35.16
CA VAL PA 320 68.04 66.71 34.84
C VAL PA 320 68.30 67.44 36.16
N LYS PA 321 69.51 67.96 36.32
CA LYS PA 321 69.94 68.63 37.53
C LYS PA 321 70.10 70.11 37.26
N GLU PA 322 69.50 70.95 38.09
CA GLU PA 322 69.63 72.39 38.01
C GLU PA 322 70.74 72.86 38.94
N VAL PA 323 71.67 73.64 38.40
CA VAL PA 323 72.82 74.13 39.15
C VAL PA 323 72.64 75.64 39.38
N THR PA 324 72.79 76.05 40.64
CA THR PA 324 72.73 77.46 41.00
C THR PA 324 73.97 77.82 41.79
N GLN PA 325 74.35 79.09 41.73
CA GLN PA 325 75.55 79.58 42.42
C GLN PA 325 75.21 80.91 43.07
N ASN PA 326 75.08 80.90 44.40
CA ASN PA 326 74.71 82.09 45.16
C ASN PA 326 75.76 82.33 46.23
N ASP PA 327 76.40 83.51 46.18
CA ASP PA 327 77.41 83.91 47.17
C ASP PA 327 78.54 82.87 47.26
N GLY PA 328 78.96 82.35 46.12
CA GLY PA 328 80.07 81.42 46.07
C GLY PA 328 79.75 79.99 46.43
N THR PA 329 78.47 79.64 46.56
CA THR PA 329 78.05 78.30 46.93
C THR PA 329 77.38 77.63 45.73
N THR PA 330 77.83 76.43 45.40
CA THR PA 330 77.27 75.65 44.31
C THR PA 330 76.24 74.68 44.87
N THR PA 331 74.98 74.86 44.49
CA THR PA 331 73.87 74.04 44.95
C THR PA 331 73.25 73.33 43.75
N ILE PA 332 73.10 72.02 43.86
CA ILE PA 332 72.54 71.19 42.79
C ILE PA 332 71.24 70.57 43.29
N ALA PA 333 70.17 70.75 42.53
CA ALA PA 333 68.86 70.22 42.88
C ALA PA 333 68.24 69.58 41.65
N ASN PA 334 67.31 68.66 41.90
CA ASN PA 334 66.62 67.98 40.80
C ASN PA 334 65.68 68.93 40.08
N ASN PA 335 65.53 68.70 38.78
CA ASN PA 335 64.54 69.38 37.94
C ASN PA 335 63.70 68.30 37.28
N LEU PA 336 62.57 67.97 37.90
CA LEU PA 336 61.76 66.84 37.42
C LEU PA 336 60.91 67.17 36.20
N THR PA 337 60.82 68.44 35.80
CA THR PA 337 60.00 68.83 34.67
C THR PA 337 60.82 69.17 33.43
N SER PA 338 62.14 69.22 33.52
CA SER PA 338 62.96 69.50 32.36
C SER PA 338 63.11 68.25 31.48
N THR PA 339 63.40 68.48 30.21
CA THR PA 339 63.52 67.42 29.23
C THR PA 339 64.91 67.42 28.60
N VAL PA 340 65.21 66.32 27.90
CA VAL PA 340 66.37 66.22 27.03
C VAL PA 340 65.88 65.75 25.67
N GLN PA 341 66.39 66.37 24.61
CA GLN PA 341 66.00 66.05 23.26
C GLN PA 341 66.97 65.05 22.66
N VAL PA 342 66.44 63.92 22.17
CA VAL PA 342 67.24 62.85 21.59
C VAL PA 342 66.66 62.50 20.22
N PHE PA 343 67.52 62.42 19.22
CA PHE PA 343 67.10 61.90 17.92
C PHE PA 343 68.29 61.24 17.24
N THR PA 344 67.99 60.27 16.38
CA THR PA 344 68.99 59.56 15.60
C THR PA 344 68.93 60.03 14.15
N ASP PA 345 70.09 60.32 13.57
CA ASP PA 345 70.18 60.76 12.18
C ASP PA 345 70.15 59.54 11.26
N SER PA 346 68.98 58.90 11.17
CA SER PA 346 68.87 57.64 10.41
C SER PA 346 68.83 57.89 8.90
N GLU PA 347 68.56 59.12 8.47
CA GLU PA 347 68.61 59.43 7.05
C GLU PA 347 69.95 60.00 6.62
N TYR PA 348 70.90 60.13 7.55
CA TYR PA 348 72.26 60.61 7.24
C TYR PA 348 72.24 61.96 6.55
N GLN PA 349 71.42 62.88 7.07
CA GLN PA 349 71.33 64.22 6.54
C GLN PA 349 72.29 65.19 7.22
N LEU PA 350 72.99 64.76 8.26
CA LEU PA 350 73.96 65.57 8.97
C LEU PA 350 75.37 65.10 8.66
N PRO PA 351 76.36 65.98 8.75
CA PRO PA 351 77.75 65.55 8.55
C PRO PA 351 78.14 64.48 9.56
N TYR PA 352 78.66 63.36 9.04
CA TYR PA 352 78.98 62.20 9.86
C TYR PA 352 80.36 62.41 10.48
N VAL PA 353 80.39 62.78 11.76
CA VAL PA 353 81.65 63.02 12.45
C VAL PA 353 82.16 61.79 13.20
N LEU PA 354 81.35 60.74 13.32
CA LEU PA 354 81.85 59.47 13.81
C LEU PA 354 82.79 58.86 12.78
N GLY PA 355 83.71 58.05 13.26
CA GLY PA 355 84.70 57.45 12.39
C GLY PA 355 85.92 58.30 12.10
N SER PA 356 86.09 59.40 12.83
CA SER PA 356 87.30 60.23 12.73
C SER PA 356 88.24 60.03 13.91
N ALA PA 357 88.05 58.95 14.67
CA ALA PA 357 88.91 58.61 15.81
C ALA PA 357 88.90 59.72 16.86
N HIS PA 358 87.71 60.17 17.23
CA HIS PA 358 87.55 61.25 18.19
C HIS PA 358 87.37 60.71 19.60
N GLN PA 359 87.82 61.50 20.57
CA GLN PA 359 87.64 61.17 21.97
C GLN PA 359 86.18 61.40 22.39
N GLY PA 360 85.82 60.84 23.53
CA GLY PA 360 84.47 60.95 24.04
C GLY PA 360 83.63 59.71 23.92
N CYS PA 361 84.23 58.55 23.64
CA CYS PA 361 83.49 57.32 23.49
C CYS PA 361 83.06 56.79 24.86
N LEU PA 362 82.37 55.65 24.84
CA LEU PA 362 82.06 54.95 26.07
C LEU PA 362 83.34 54.42 26.68
N PRO PA 363 83.62 54.68 27.96
CA PRO PA 363 84.90 54.28 28.52
C PRO PA 363 85.03 52.77 28.53
N PRO PA 364 86.24 52.24 28.35
CA PRO PA 364 86.40 50.78 28.34
C PRO PA 364 86.00 50.11 29.64
N PHE PA 365 86.22 50.75 30.77
CA PHE PA 365 85.83 50.19 32.06
C PHE PA 365 84.38 50.52 32.37
N PRO PA 366 83.54 49.52 32.64
CA PRO PA 366 82.10 49.79 32.83
C PRO PA 366 81.80 50.69 34.02
N ALA PA 367 82.72 50.85 34.97
CA ALA PA 367 82.47 51.65 36.16
C ALA PA 367 82.80 53.12 35.97
N ASP PA 368 83.36 53.52 34.82
CA ASP PA 368 83.75 54.89 34.58
C ASP PA 368 82.56 55.71 34.07
N VAL PA 369 82.49 56.96 34.51
CA VAL PA 369 81.47 57.92 34.07
C VAL PA 369 82.12 58.88 33.09
N PHE PA 370 81.45 59.11 31.96
CA PHE PA 370 82.02 59.89 30.87
C PHE PA 370 81.12 61.06 30.49
N MET PA 371 81.76 62.12 30.00
CA MET PA 371 81.06 63.29 29.49
C MET PA 371 80.70 63.08 28.01
N VAL PA 372 79.53 63.53 27.62
CA VAL PA 372 79.06 63.43 26.24
C VAL PA 372 79.77 64.47 25.40
N PRO PA 373 80.47 64.08 24.33
CA PRO PA 373 81.21 65.06 23.54
C PRO PA 373 80.30 65.99 22.76
N GLN PA 374 80.78 67.21 22.54
CA GLN PA 374 80.01 68.21 21.81
C GLN PA 374 80.06 67.94 20.31
N TYR PA 375 78.91 68.05 19.66
CA TYR PA 375 78.81 67.80 18.23
C TYR PA 375 79.19 69.06 17.46
N GLY PA 376 79.98 68.87 16.40
CA GLY PA 376 80.36 69.97 15.52
C GLY PA 376 80.81 69.40 14.20
N TYR PA 377 80.67 70.22 13.15
CA TYR PA 377 80.97 69.77 11.81
C TYR PA 377 81.70 70.88 11.05
N LEU PA 378 82.39 70.48 10.00
CA LEU PA 378 83.08 71.40 9.11
C LEU PA 378 82.43 71.36 7.73
N THR PA 379 82.46 72.50 7.06
CA THR PA 379 81.93 72.60 5.70
C THR PA 379 83.01 73.21 4.80
N LEU PA 380 82.63 73.53 3.57
CA LEU PA 380 83.60 74.07 2.59
C LEU PA 380 84.18 75.40 3.09
N ASN PA 381 85.46 75.62 2.86
CA ASN PA 381 86.11 76.89 3.27
C ASN PA 381 87.08 77.37 2.21
N ASN PA 382 87.14 78.67 1.97
CA ASN PA 382 88.18 79.25 1.10
C ASN PA 382 89.09 79.99 2.08
N GLY PA 383 90.03 79.29 2.70
CA GLY PA 383 90.82 79.92 3.77
C GLY PA 383 90.02 79.87 5.06
N SER PA 384 90.02 80.94 5.85
CA SER PA 384 89.20 80.99 7.04
C SER PA 384 87.75 81.38 6.75
N GLN PA 385 87.45 81.77 5.52
CA GLN PA 385 86.10 82.17 5.14
C GLN PA 385 85.32 81.00 4.56
N ALA PA 386 84.06 81.25 4.26
CA ALA PA 386 83.17 80.27 3.66
C ALA PA 386 82.91 80.61 2.20
N VAL PA 387 82.31 79.66 1.49
CA VAL PA 387 81.89 79.86 0.11
C VAL PA 387 80.37 79.69 0.04
N GLY PA 388 79.82 79.96 -1.14
CA GLY PA 388 78.38 79.85 -1.31
C GLY PA 388 77.86 78.43 -1.20
N ARG PA 389 78.73 77.45 -1.45
CA ARG PA 389 78.34 76.04 -1.36
C ARG PA 389 78.38 75.51 0.06
N SER PA 390 78.92 76.28 1.01
CA SER PA 390 78.97 75.82 2.40
C SER PA 390 77.56 75.62 2.95
N SER PA 391 77.38 74.55 3.71
CA SER PA 391 76.08 74.16 4.23
C SER PA 391 76.00 74.42 5.72
N PHE PA 392 74.86 74.91 6.16
CA PHE PA 392 74.57 75.11 7.58
C PHE PA 392 73.42 74.20 7.98
N TYR PA 393 73.56 73.55 9.14
CA TYR PA 393 72.58 72.60 9.61
C TYR PA 393 72.12 73.00 11.01
N CYS PA 394 70.81 73.15 11.17
CA CYS PA 394 70.20 73.34 12.48
C CYS PA 394 69.61 72.01 12.93
N LEU PA 395 70.11 71.50 14.04
CA LEU PA 395 69.68 70.19 14.55
C LEU PA 395 68.30 70.24 15.20
N GLU PA 396 67.78 71.41 15.50
CA GLU PA 396 66.41 71.54 15.96
C GLU PA 396 65.40 71.49 14.82
N TYR PA 397 65.88 71.40 13.57
CA TYR PA 397 65.01 71.28 12.37
C TYR PA 397 64.73 69.81 12.11
N PHE PA 398 65.22 68.93 12.97
CA PHE PA 398 64.95 67.50 12.95
C PHE PA 398 63.91 67.14 14.00
N PRO PA 399 63.04 66.17 13.74
CA PRO PA 399 62.14 65.68 14.78
C PRO PA 399 62.92 64.93 15.85
N SER PA 400 62.75 65.37 17.10
CA SER PA 400 63.46 64.77 18.21
C SER PA 400 62.46 64.36 19.30
N GLN PA 401 62.86 63.40 20.11
CA GLN PA 401 62.03 62.89 21.20
C GLN PA 401 62.43 63.57 22.50
N MET PA 402 61.44 64.12 23.20
CA MET PA 402 61.67 64.84 24.44
C MET PA 402 61.44 63.90 25.62
N LEU PA 403 62.42 63.82 26.51
CA LEU PA 403 62.41 62.85 27.60
C LEU PA 403 62.53 63.57 28.93
N ARG PA 404 61.52 63.40 29.78
CA ARG PA 404 61.58 63.85 31.16
C ARG PA 404 62.20 62.74 32.01
N THR PA 405 62.30 62.98 33.32
CA THR PA 405 62.74 61.90 34.23
C THR PA 405 61.62 60.86 34.25
N GLY PA 406 61.92 59.65 33.85
CA GLY PA 406 60.93 58.59 33.72
C GLY PA 406 60.67 58.17 32.29
N ASN PA 407 61.15 58.92 31.31
CA ASN PA 407 61.05 58.53 29.91
C ASN PA 407 62.35 57.88 29.46
N ASN PA 408 62.25 56.97 28.49
CA ASN PA 408 63.41 56.31 27.93
C ASN PA 408 63.38 56.40 26.42
N PHE PA 409 64.54 56.23 25.80
CA PHE PA 409 64.71 56.25 24.37
C PHE PA 409 65.34 54.94 23.92
N THR PA 410 64.93 54.45 22.76
CA THR PA 410 65.51 53.22 22.22
C THR PA 410 65.38 53.23 20.71
N PHE PA 411 66.30 52.51 20.06
CA PHE PA 411 66.20 52.26 18.63
C PHE PA 411 67.09 51.08 18.28
N SER PA 412 66.73 50.40 17.20
CA SER PA 412 67.44 49.23 16.72
C SER PA 412 67.98 49.49 15.32
N TYR PA 413 69.16 48.95 15.04
CA TYR PA 413 69.84 49.13 13.77
C TYR PA 413 70.38 47.80 13.30
N THR PA 414 70.33 47.57 11.99
CA THR PA 414 70.88 46.36 11.39
C THR PA 414 72.04 46.74 10.49
N PHE PA 415 73.19 46.13 10.73
CA PHE PA 415 74.36 46.36 9.89
C PHE PA 415 74.13 45.77 8.50
N GLU PA 416 74.65 46.44 7.49
CA GLU PA 416 74.66 45.88 6.15
C GLU PA 416 75.66 44.74 6.07
N ASP PA 417 75.55 43.95 5.00
CA ASP PA 417 76.47 42.84 4.80
C ASP PA 417 77.87 43.38 4.53
N VAL PA 418 78.84 42.95 5.33
CA VAL PA 418 80.23 43.39 5.19
C VAL PA 418 81.13 42.16 5.28
N PRO PA 419 82.31 42.22 4.69
CA PRO PA 419 83.24 41.09 4.80
C PRO PA 419 83.69 40.88 6.23
N PHE PA 420 83.95 39.61 6.57
CA PHE PA 420 84.54 39.29 7.85
C PHE PA 420 85.92 39.92 7.96
N HIS PA 421 86.23 40.49 9.12
CA HIS PA 421 87.58 40.97 9.36
C HIS PA 421 88.55 39.80 9.38
N SER PA 422 89.68 39.98 8.70
CA SER PA 422 90.72 38.92 8.63
C SER PA 422 91.49 38.85 9.95
N SER PA 423 90.91 38.17 10.94
CA SER PA 423 91.57 38.01 12.24
C SER PA 423 92.52 36.82 12.23
N TYR PA 424 93.42 36.82 11.24
CA TYR PA 424 94.40 35.75 11.10
C TYR PA 424 95.63 36.33 10.42
N ALA PA 425 96.75 35.63 10.59
CA ALA PA 425 97.99 35.94 9.88
C ALA PA 425 98.30 34.79 8.93
N HIS PA 426 98.70 35.13 7.70
CA HIS PA 426 99.01 34.09 6.73
C HIS PA 426 100.28 33.35 7.14
N SER PA 427 100.22 32.02 7.09
CA SER PA 427 101.37 31.18 7.36
C SER PA 427 102.20 30.91 6.11
N GLN PA 428 101.81 31.47 4.97
CA GLN PA 428 102.59 31.39 3.74
C GLN PA 428 102.85 32.80 3.23
N SER PA 429 103.97 32.96 2.55
CA SER PA 429 104.30 34.22 1.90
C SER PA 429 103.88 34.15 0.43
N LEU PA 430 103.54 35.31 -0.13
CA LEU PA 430 103.07 35.37 -1.50
C LEU PA 430 104.14 34.96 -2.50
N ASP PA 431 105.41 35.05 -2.11
CA ASP PA 431 106.54 34.70 -3.02
C ASP PA 431 107.03 33.27 -2.74
N ARG PA 432 106.35 32.54 -1.85
CA ARG PA 432 106.75 31.18 -1.47
C ARG PA 432 105.54 30.26 -1.53
N LEU PA 433 104.77 30.34 -2.60
CA LEU PA 433 103.56 29.55 -2.77
C LEU PA 433 103.76 28.31 -3.63
N MET PA 434 104.99 27.99 -4.00
CA MET PA 434 105.28 26.92 -4.93
C MET PA 434 105.63 25.63 -4.20
N ASN PA 435 105.85 24.57 -4.96
CA ASN PA 435 106.35 23.30 -4.44
C ASN PA 435 107.86 23.31 -4.57
N PRO PA 436 108.62 23.31 -3.46
CA PRO PA 436 110.08 23.41 -3.57
C PRO PA 436 110.75 22.18 -4.13
N LEU PA 437 110.03 21.07 -4.27
CA LEU PA 437 110.62 19.83 -4.73
C LEU PA 437 110.60 19.66 -6.24
N ILE PA 438 109.69 20.34 -6.93
CA ILE PA 438 109.47 20.15 -8.36
C ILE PA 438 109.86 21.43 -9.09
N ASP PA 439 110.62 21.29 -10.17
CA ASP PA 439 110.96 22.43 -11.01
C ASP PA 439 109.74 22.87 -11.82
N GLN PA 440 109.78 24.13 -12.24
CA GLN PA 440 108.76 24.65 -13.16
C GLN PA 440 109.08 24.25 -14.59
N TYR PA 441 108.03 24.08 -15.38
CA TYR PA 441 108.23 23.84 -16.80
C TYR PA 441 108.46 25.11 -17.60
N LEU PA 442 108.19 26.27 -17.00
CA LEU PA 442 108.43 27.54 -17.67
C LEU PA 442 109.89 27.94 -17.55
N TYR PA 443 110.37 28.69 -18.54
CA TYR PA 443 111.73 29.15 -18.59
C TYR PA 443 111.80 30.65 -18.33
N TYR PA 444 112.92 31.09 -17.76
CA TYR PA 444 113.20 32.49 -17.55
C TYR PA 444 114.60 32.80 -18.05
N LEU PA 445 114.80 34.04 -18.48
CA LEU PA 445 116.11 34.48 -18.93
C LEU PA 445 117.06 34.52 -17.74
N SER PA 446 118.01 33.58 -17.71
CA SER PA 446 118.93 33.45 -16.58
C SER PA 446 120.30 34.07 -16.86
N ARG PA 447 120.72 34.04 -18.11
CA ARG PA 447 122.02 34.66 -18.47
C ARG PA 447 121.87 35.55 -19.70
N THR PA 448 122.68 36.59 -19.76
CA THR PA 448 122.66 37.51 -20.90
C THR PA 448 123.96 37.54 -21.67
N ASN PA 449 125.00 36.84 -21.21
CA ASN PA 449 126.25 36.78 -21.94
C ASN PA 449 126.98 35.49 -21.56
N THR PA 450 127.99 35.14 -22.36
CA THR PA 450 128.82 33.98 -22.10
C THR PA 450 130.28 34.35 -22.30
N PRO PA 451 131.23 33.66 -21.62
CA PRO PA 451 132.65 33.93 -21.86
C PRO PA 451 132.98 33.65 -23.33
N SER PA 452 133.55 34.64 -24.01
CA SER PA 452 133.98 34.43 -25.42
C SER PA 452 135.45 34.85 -25.53
N GLY PA 453 136.32 33.93 -25.92
CA GLY PA 453 137.76 34.25 -25.95
C GLY PA 453 138.24 34.68 -24.57
N THR PA 454 138.86 35.85 -24.47
CA THR PA 454 139.30 36.39 -23.16
C THR PA 454 138.39 37.57 -22.81
N THR PA 455 137.38 37.84 -23.63
CA THR PA 455 136.39 38.91 -23.34
C THR PA 455 135.03 38.27 -23.07
N THR PA 456 133.94 39.01 -23.31
CA THR PA 456 132.58 38.43 -23.15
C THR PA 456 131.79 38.65 -24.45
N GLN PA 457 130.80 37.79 -24.69
CA GLN PA 457 129.96 37.92 -25.88
C GLN PA 457 128.50 37.80 -25.48
N SER PA 458 127.66 38.64 -26.07
CA SER PA 458 126.23 38.63 -25.74
C SER PA 458 125.59 37.32 -26.20
N ARG PA 459 124.87 36.67 -25.29
CA ARG PA 459 124.23 35.39 -25.59
C ARG PA 459 123.13 35.16 -24.57
N LEU PA 460 121.89 35.00 -25.03
CA LEU PA 460 120.77 34.78 -24.15
C LEU PA 460 120.64 33.30 -23.81
N GLN PA 461 120.44 33.01 -22.52
CA GLN PA 461 120.21 31.65 -22.05
C GLN PA 461 119.03 31.64 -21.09
N PHE PA 462 118.36 30.50 -21.03
CA PHE PA 462 117.15 30.35 -20.24
C PHE PA 462 117.24 29.11 -19.37
N SER PA 463 116.62 29.18 -18.19
CA SER PA 463 116.65 28.09 -17.23
C SER PA 463 115.25 27.88 -16.67
N GLN PA 464 115.00 26.68 -16.18
CA GLN PA 464 113.79 26.38 -15.44
C GLN PA 464 114.03 26.62 -13.96
N ALA PA 465 113.11 27.33 -13.32
CA ALA PA 465 113.30 27.73 -11.94
C ALA PA 465 112.91 26.61 -10.99
N GLY PA 466 113.72 26.41 -9.96
CA GLY PA 466 113.48 25.44 -8.91
C GLY PA 466 113.66 26.08 -7.54
N ALA PA 467 114.17 25.28 -6.60
CA ALA PA 467 114.38 25.78 -5.25
C ALA PA 467 115.62 26.65 -5.13
N SER PA 468 116.68 26.32 -5.86
CA SER PA 468 117.94 27.06 -5.73
C SER PA 468 117.82 28.47 -6.27
N ASP PA 469 117.02 28.68 -7.32
CA ASP PA 469 116.79 30.00 -7.87
C ASP PA 469 115.31 30.36 -7.69
N ILE PA 470 114.80 30.13 -6.48
CA ILE PA 470 113.39 30.28 -6.18
C ILE PA 470 112.87 31.69 -6.43
N ARG PA 471 113.76 32.69 -6.43
CA ARG PA 471 113.33 34.07 -6.66
C ARG PA 471 112.92 34.32 -8.10
N ASP PA 472 113.31 33.47 -9.04
CA ASP PA 472 113.03 33.66 -10.46
C ASP PA 472 111.80 32.89 -10.93
N GLN PA 473 111.08 32.24 -10.03
CA GLN PA 473 109.94 31.42 -10.43
C GLN PA 473 108.81 32.29 -10.96
N SER PA 474 108.15 31.79 -12.01
CA SER PA 474 106.98 32.46 -12.54
C SER PA 474 105.82 32.38 -11.55
N ARG PA 475 105.14 33.50 -11.36
CA ARG PA 475 104.11 33.60 -10.34
C ARG PA 475 102.85 34.21 -10.94
N ASN PA 476 101.73 33.97 -10.26
CA ASN PA 476 100.42 34.40 -10.74
C ASN PA 476 99.92 35.68 -10.07
N TRP PA 477 100.54 36.12 -8.98
CA TRP PA 477 100.01 37.21 -8.17
C TRP PA 477 101.12 38.19 -7.83
N LEU PA 478 100.71 39.36 -7.35
CA LEU PA 478 101.59 40.46 -7.00
C LEU PA 478 101.24 40.99 -5.61
N PRO PA 479 102.21 41.56 -4.91
CA PRO PA 479 101.89 42.20 -3.61
C PRO PA 479 101.04 43.44 -3.78
N GLY PA 480 100.30 43.76 -2.74
CA GLY PA 480 99.34 44.85 -2.77
C GLY PA 480 99.96 46.21 -3.00
N PRO PA 481 99.12 47.23 -3.13
CA PRO PA 481 99.62 48.57 -3.48
C PRO PA 481 100.40 49.20 -2.32
N CYS PA 482 101.20 50.19 -2.71
CA CYS PA 482 102.15 50.82 -1.78
C CYS PA 482 102.12 52.34 -1.88
N TYR PA 483 102.37 53.03 -0.77
CA TYR PA 483 102.54 54.48 -0.76
C TYR PA 483 103.61 54.78 0.29
N ARG PA 484 104.85 54.91 -0.16
CA ARG PA 484 106.00 54.77 0.72
C ARG PA 484 105.99 55.78 1.86
N GLN PA 485 106.36 55.30 3.05
CA GLN PA 485 106.46 56.11 4.25
C GLN PA 485 107.92 56.21 4.67
N GLN PA 486 108.26 57.30 5.36
CA GLN PA 486 109.59 57.43 5.92
C GLN PA 486 109.76 56.50 7.12
N ARG PA 487 110.97 55.97 7.27
CA ARG PA 487 111.27 55.03 8.35
C ARG PA 487 111.86 55.77 9.54
N VAL PA 488 111.26 55.51 10.70
CA VAL PA 488 111.72 56.09 11.98
C VAL PA 488 112.02 54.92 12.92
N SER PA 489 112.93 55.09 13.86
CA SER PA 489 113.34 54.06 14.79
C SER PA 489 112.90 54.40 16.20
N LYS PA 490 112.52 53.37 16.97
CA LYS PA 490 112.10 53.57 18.37
C LYS PA 490 113.33 53.94 19.19
N THR PA 491 114.53 53.50 18.77
CA THR PA 491 115.79 53.93 19.43
C THR PA 491 116.08 55.35 18.93
N SER PA 492 116.03 56.34 19.82
CA SER PA 492 116.15 57.76 19.40
C SER PA 492 117.46 58.05 18.65
N ALA PA 493 118.60 57.58 19.16
CA ALA PA 493 119.88 57.93 18.55
C ALA PA 493 119.93 57.52 17.08
N ASP PA 494 119.15 56.52 16.69
CA ASP PA 494 119.18 56.02 15.32
C ASP PA 494 118.53 56.98 14.32
N ASN PA 495 117.80 57.98 14.79
CA ASN PA 495 117.07 58.89 13.92
C ASN PA 495 117.93 60.10 13.56
N ASN PA 496 117.59 60.73 12.44
CA ASN PA 496 118.31 61.92 12.00
C ASN PA 496 118.07 63.08 12.96
N ASN PA 497 119.12 63.84 13.22
CA ASN PA 497 119.05 64.98 14.15
C ASN PA 497 118.53 66.22 13.41
N SER PA 498 117.24 66.18 13.08
CA SER PA 498 116.58 67.27 12.38
C SER PA 498 115.09 67.17 12.62
N GLU PA 499 114.39 68.23 12.23
CA GLU PA 499 112.90 68.25 12.33
C GLU PA 499 112.36 67.84 10.97
N TYR PA 500 111.91 66.59 10.86
CA TYR PA 500 111.42 66.04 9.60
C TYR PA 500 110.02 65.44 9.73
N SER PA 501 109.25 65.84 10.75
CA SER PA 501 107.92 65.30 10.92
C SER PA 501 106.96 65.74 9.83
N TRP PA 502 107.29 66.80 9.10
CA TRP PA 502 106.45 67.27 7.99
C TRP PA 502 107.20 67.30 6.67
N THR PA 503 108.47 67.69 6.66
CA THR PA 503 109.23 67.71 5.41
C THR PA 503 109.39 66.31 4.84
N GLY PA 504 109.68 65.34 5.69
CA GLY PA 504 109.79 63.96 5.30
C GLY PA 504 108.50 63.16 5.39
N ALA PA 505 107.40 63.83 5.68
CA ALA PA 505 106.12 63.14 5.85
C ALA PA 505 105.51 62.76 4.52
N THR PA 506 104.69 61.72 4.54
CA THR PA 506 103.94 61.28 3.37
C THR PA 506 102.61 62.01 3.33
N LYS PA 507 102.33 62.70 2.23
CA LYS PA 507 101.21 63.63 2.15
C LYS PA 507 100.43 63.40 0.85
N TYR PA 508 99.17 63.81 0.89
CA TYR PA 508 98.36 63.91 -0.32
C TYR PA 508 97.89 65.35 -0.48
N HIS PA 509 97.81 65.80 -1.73
CA HIS PA 509 97.51 67.18 -2.07
C HIS PA 509 96.07 67.26 -2.54
N LEU PA 510 95.28 68.13 -1.91
CA LEU PA 510 93.86 68.26 -2.24
C LEU PA 510 93.48 69.73 -2.13
N ASN PA 511 93.09 70.33 -3.26
CA ASN PA 511 92.64 71.72 -3.33
C ASN PA 511 93.69 72.68 -2.77
N GLY PA 512 94.96 72.40 -3.08
CA GLY PA 512 96.04 73.26 -2.65
C GLY PA 512 96.48 73.09 -1.21
N ARG PA 513 95.88 72.14 -0.49
CA ARG PA 513 96.32 71.89 0.91
C ARG PA 513 96.90 70.48 1.07
N ASP PA 514 98.02 70.37 1.77
CA ASP PA 514 98.66 69.10 2.07
C ASP PA 514 98.07 68.53 3.35
N SER PA 515 97.63 67.27 3.27
CA SER PA 515 97.14 66.54 4.44
C SER PA 515 98.06 65.36 4.70
N LEU PA 516 98.31 65.09 5.98
CA LEU PA 516 99.14 63.95 6.34
C LEU PA 516 98.44 62.65 5.98
N VAL PA 517 99.17 61.72 5.39
CA VAL PA 517 98.66 60.39 5.10
C VAL PA 517 98.90 59.54 6.35
N ASN PA 518 97.82 59.32 7.11
CA ASN PA 518 97.93 58.66 8.41
C ASN PA 518 96.64 57.89 8.70
N PRO PA 519 96.70 56.56 8.79
CA PRO PA 519 97.86 55.69 8.60
C PRO PA 519 98.09 55.30 7.15
N GLY PA 520 97.18 55.64 6.25
CA GLY PA 520 97.33 55.38 4.85
C GLY PA 520 97.02 53.94 4.46
N PRO PA 521 97.44 53.53 3.27
CA PRO PA 521 97.19 52.16 2.82
C PRO PA 521 97.87 51.15 3.73
N ALA PA 522 97.21 49.99 3.88
CA ALA PA 522 97.69 48.95 4.78
C ALA PA 522 99.01 48.37 4.25
N MET PA 523 100.08 48.55 5.02
CA MET PA 523 101.40 48.08 4.65
C MET PA 523 102.10 47.55 5.90
N ALA PA 524 103.04 46.63 5.68
CA ALA PA 524 103.79 46.06 6.78
C ALA PA 524 104.66 47.13 7.46
N SER PA 525 104.67 47.11 8.79
CA SER PA 525 105.46 48.09 9.53
C SER PA 525 106.95 47.92 9.28
N HIS PA 526 107.42 46.66 9.20
CA HIS PA 526 108.84 46.39 9.05
C HIS PA 526 109.01 45.00 8.48
N LYS PA 527 110.23 44.72 8.01
CA LYS PA 527 110.58 43.41 7.49
C LYS PA 527 111.12 42.55 8.63
N ASP PA 528 111.70 41.39 8.30
CA ASP PA 528 112.21 40.49 9.31
C ASP PA 528 113.31 41.15 10.14
N ASP PA 529 113.25 40.94 11.46
CA ASP PA 529 114.29 41.35 12.39
C ASP PA 529 114.53 42.86 12.34
N GLU PA 530 113.46 43.63 12.18
CA GLU PA 530 113.54 45.08 12.19
C GLU PA 530 112.38 45.66 12.98
N GLU PA 531 112.06 45.06 14.13
CA GLU PA 531 110.91 45.46 14.91
C GLU PA 531 111.05 46.86 15.49
N LYS PA 532 112.26 47.40 15.56
CA LYS PA 532 112.44 48.75 16.07
C LYS PA 532 112.03 49.83 15.07
N PHE PA 533 111.81 49.47 13.81
CA PHE PA 533 111.46 50.43 12.77
C PHE PA 533 109.96 50.42 12.53
N PHE PA 534 109.39 51.61 12.41
CA PHE PA 534 107.98 51.77 12.07
C PHE PA 534 107.83 52.93 11.11
N PRO PA 535 106.80 52.91 10.26
CA PRO PA 535 106.56 54.04 9.37
C PRO PA 535 106.22 55.29 10.14
N GLN PA 536 106.61 56.44 9.58
CA GLN PA 536 106.48 57.71 10.29
C GLN PA 536 105.02 58.03 10.61
N SER PA 537 104.13 57.80 9.65
CA SER PA 537 102.69 58.00 9.86
C SER PA 537 101.91 56.85 9.27
N GLY PA 538 102.45 55.64 9.35
CA GLY PA 538 101.84 54.48 8.76
C GLY PA 538 101.23 53.47 9.72
N VAL PA 539 101.23 53.76 11.02
CA VAL PA 539 100.66 52.86 12.02
C VAL PA 539 99.81 53.68 12.98
N LEU PA 540 98.84 53.01 13.59
CA LEU PA 540 98.06 53.64 14.66
C LEU PA 540 98.91 53.74 15.91
N ILE PA 541 98.83 54.89 16.58
CA ILE PA 541 99.56 55.14 17.81
C ILE PA 541 98.54 55.47 18.89
N PHE PA 542 98.46 54.62 19.90
CA PHE PA 542 97.55 54.81 21.01
C PHE PA 542 98.31 55.38 22.21
N GLY PA 543 97.63 56.22 22.97
CA GLY PA 543 98.23 56.81 24.15
C GLY PA 543 98.04 55.91 25.38
N LYS PA 544 99.08 55.84 26.20
CA LYS PA 544 98.97 55.16 27.47
C LYS PA 544 98.09 55.98 28.42
N GLN PA 545 97.71 55.36 29.53
CA GLN PA 545 96.88 56.04 30.51
C GLN PA 545 97.61 57.24 31.09
N GLY PA 546 96.93 58.39 31.14
CA GLY PA 546 97.52 59.60 31.66
C GLY PA 546 98.37 60.38 30.69
N SER PA 547 98.40 59.96 29.42
CA SER PA 547 99.26 60.63 28.40
C SER PA 547 98.68 61.98 28.04
N GLU PA 548 99.54 63.00 27.87
CA GLU PA 548 99.10 64.34 27.52
C GLU PA 548 98.73 64.41 26.05
N LYS PA 549 98.52 65.62 25.56
CA LYS PA 549 98.06 65.81 24.19
C LYS PA 549 99.18 66.17 23.23
N THR PA 550 100.13 67.01 23.66
CA THR PA 550 101.13 67.59 22.77
C THR PA 550 102.52 67.11 23.15
N ASN PA 551 103.23 66.56 22.17
CA ASN PA 551 104.67 66.27 22.27
C ASN PA 551 105.01 65.37 23.45
N VAL PA 552 104.28 64.26 23.56
CA VAL PA 552 104.59 63.25 24.56
C VAL PA 552 105.72 62.37 24.02
N ASP PA 553 106.49 61.79 24.95
CA ASP PA 553 107.62 60.97 24.55
C ASP PA 553 107.15 59.63 23.99
N ILE PA 554 108.09 58.88 23.42
CA ILE PA 554 107.76 57.59 22.84
C ILE PA 554 107.33 56.60 23.91
N GLU PA 555 107.89 56.69 25.11
CA GLU PA 555 107.50 55.80 26.20
C GLU PA 555 106.09 56.07 26.71
N LYS PA 556 105.50 57.20 26.32
CA LYS PA 556 104.13 57.52 26.71
C LYS PA 556 103.09 56.99 25.73
N VAL PA 557 103.51 56.44 24.60
CA VAL PA 557 102.59 55.96 23.57
C VAL PA 557 102.91 54.51 23.26
N MET PA 558 101.91 53.82 22.72
CA MET PA 558 102.03 52.43 22.29
C MET PA 558 101.84 52.37 20.78
N ILE PA 559 102.89 51.99 20.06
CA ILE PA 559 102.88 51.97 18.60
C ILE PA 559 102.49 50.58 18.14
N THR PA 560 101.48 50.50 17.28
CA THR PA 560 100.99 49.22 16.80
C THR PA 560 101.94 48.65 15.73
N ASP PA 561 101.78 47.35 15.48
CA ASP PA 561 102.64 46.68 14.49
C ASP PA 561 101.74 45.93 13.49
N GLU PA 562 102.02 46.08 12.22
CA GLU PA 562 101.31 45.43 11.13
C GLU PA 562 102.22 44.44 10.41
N GLU PA 563 103.00 43.68 11.17
CA GLU PA 563 103.94 42.73 10.59
C GLU PA 563 103.27 41.45 10.10
N GLU PA 564 102.05 41.16 10.57
CA GLU PA 564 101.39 39.93 10.15
C GLU PA 564 100.96 39.95 8.69
N ILE PA 565 100.95 41.12 8.05
CA ILE PA 565 100.51 41.25 6.68
C ILE PA 565 101.69 41.41 5.71
N ARG PA 566 102.92 41.23 6.19
CA ARG PA 566 104.08 41.33 5.30
C ARG PA 566 104.18 40.14 4.36
N THR PA 567 103.35 39.12 4.53
CA THR PA 567 103.31 38.01 3.59
C THR PA 567 102.77 38.43 2.24
N THR PA 568 101.80 39.35 2.22
CA THR PA 568 101.19 39.81 0.98
C THR PA 568 101.34 41.29 0.72
N ASN PA 569 101.65 42.09 1.74
CA ASN PA 569 101.71 43.53 1.59
C ASN PA 569 103.15 44.02 1.65
N PRO PA 570 103.51 44.99 0.82
CA PRO PA 570 104.88 45.52 0.85
C PRO PA 570 105.16 46.23 2.16
N VAL PA 571 106.44 46.23 2.54
CA VAL PA 571 106.87 46.99 3.72
C VAL PA 571 106.67 48.47 3.46
N ALA PA 572 106.15 49.17 4.47
CA ALA PA 572 105.74 50.56 4.30
C ALA PA 572 106.91 51.45 3.96
N THR PA 573 108.08 51.19 4.53
CA THR PA 573 109.22 52.08 4.40
C THR PA 573 110.12 51.72 3.22
N GLU PA 574 109.77 50.71 2.44
CA GLU PA 574 110.59 50.27 1.32
C GLU PA 574 109.81 50.43 0.01
N GLN PA 575 110.53 50.31 -1.09
CA GLN PA 575 109.92 50.42 -2.40
C GLN PA 575 109.08 49.18 -2.71
N TYR PA 576 108.09 49.37 -3.58
CA TYR PA 576 107.31 48.23 -4.07
C TYR PA 576 108.18 47.28 -4.87
N GLY PA 577 109.04 47.82 -5.72
CA GLY PA 577 109.87 46.99 -6.59
C GLY PA 577 110.67 47.85 -7.54
N SER PA 578 111.03 47.26 -8.67
CA SER PA 578 111.82 47.94 -9.69
C SER PA 578 111.19 47.72 -11.06
N VAL PA 579 111.30 48.74 -11.90
CA VAL PA 579 110.84 48.68 -13.29
C VAL PA 579 111.95 49.17 -14.19
N SER PA 580 111.90 48.75 -15.45
CA SER PA 580 112.85 49.24 -16.44
C SER PA 580 112.52 50.67 -16.85
N THR PA 581 113.56 51.44 -17.14
CA THR PA 581 113.39 52.84 -17.52
C THR PA 581 113.95 53.18 -18.90
N ASN PA 582 114.61 52.24 -19.56
CA ASN PA 582 115.20 52.51 -20.88
C ASN PA 582 115.13 51.23 -21.70
N LEU PA 583 115.80 51.25 -22.85
CA LEU PA 583 115.89 50.08 -23.73
C LEU PA 583 117.36 49.74 -23.92
N GLN PA 584 117.78 48.62 -23.35
CA GLN PA 584 119.15 48.15 -23.51
C GLN PA 584 119.41 47.76 -24.95
N ARG PA 585 120.65 47.99 -25.38
CA ARG PA 585 121.03 47.74 -26.79
C ARG PA 585 122.55 47.58 -26.87
N GLY PA 586 123.02 46.66 -27.70
CA GLY PA 586 124.44 46.51 -27.94
C GLY PA 586 124.93 47.37 -29.09
N ASN PA 587 126.22 47.20 -29.39
CA ASN PA 587 126.86 48.05 -30.43
C ASN PA 587 126.44 47.60 -31.83
N THR PA 594 125.58 53.65 -29.99
CA THR PA 594 126.53 53.08 -28.99
C THR PA 594 125.77 52.06 -28.13
N SER PA 595 126.43 51.42 -27.16
CA SER PA 595 125.63 50.52 -26.34
C SER PA 595 125.00 51.25 -25.18
N ARG PA 596 123.84 50.75 -24.74
CA ARG PA 596 123.13 51.27 -23.58
C ARG PA 596 122.82 50.12 -22.64
N GLN PA 597 123.24 50.26 -21.39
CA GLN PA 597 122.98 49.22 -20.40
C GLN PA 597 121.61 49.39 -19.78
N ALA PA 598 121.01 48.27 -19.39
CA ALA PA 598 119.67 48.28 -18.82
C ALA PA 598 119.66 49.04 -17.50
N ALA PA 599 118.65 49.88 -17.33
CA ALA PA 599 118.51 50.72 -16.14
C ALA PA 599 117.17 50.44 -15.47
N THR PA 600 117.16 50.56 -14.14
CA THR PA 600 115.97 50.31 -13.35
C THR PA 600 115.78 51.45 -12.36
N ALA PA 601 114.53 51.62 -11.92
CA ALA PA 601 114.17 52.64 -10.95
C ALA PA 601 113.29 52.03 -9.87
N ASP PA 602 113.40 52.58 -8.66
CA ASP PA 602 112.54 52.15 -7.57
C ASP PA 602 111.13 52.68 -7.77
N VAL PA 603 110.15 51.87 -7.38
CA VAL PA 603 108.74 52.24 -7.48
C VAL PA 603 108.29 52.56 -6.06
N ASN PA 604 108.39 53.84 -5.69
CA ASN PA 604 108.02 54.27 -4.35
C ASN PA 604 106.50 54.38 -4.17
N THR PA 605 105.74 54.49 -5.26
CA THR PA 605 104.30 54.50 -5.20
C THR PA 605 103.76 53.59 -6.29
N GLN PA 606 102.89 52.66 -5.91
CA GLN PA 606 102.34 51.67 -6.84
C GLN PA 606 100.82 51.64 -6.69
N GLY PA 607 100.11 51.91 -7.78
CA GLY PA 607 98.67 51.75 -7.80
C GLY PA 607 98.28 50.29 -7.94
N VAL PA 608 96.97 50.05 -7.90
CA VAL PA 608 96.45 48.70 -7.98
C VAL PA 608 96.63 48.17 -9.40
N LEU PA 609 97.19 46.97 -9.51
CA LEU PA 609 97.39 46.25 -10.76
C LEU PA 609 96.51 45.01 -10.78
N PRO PA 610 96.13 44.53 -11.96
CA PRO PA 610 95.42 43.25 -12.03
C PRO PA 610 96.28 42.12 -11.49
N GLY PA 611 95.65 41.22 -10.75
CA GLY PA 611 96.35 40.14 -10.08
C GLY PA 611 96.93 40.49 -8.73
N MET PA 612 96.67 41.70 -8.22
CA MET PA 612 97.23 42.14 -6.92
C MET PA 612 96.37 41.63 -5.76
N VAL PA 613 96.99 41.13 -4.70
CA VAL PA 613 96.33 40.64 -3.49
C VAL PA 613 96.95 41.34 -2.29
N TRP PA 614 96.14 41.65 -1.30
CA TRP PA 614 96.60 42.39 -0.13
C TRP PA 614 95.68 42.08 1.06
N GLN PA 615 96.16 42.45 2.25
CA GLN PA 615 95.39 42.34 3.47
C GLN PA 615 95.10 43.74 4.00
N ASP PA 616 93.93 43.91 4.60
CA ASP PA 616 93.56 45.20 5.16
C ASP PA 616 94.26 45.43 6.50
N ARG PA 617 94.14 46.65 7.01
CA ARG PA 617 94.74 46.97 8.30
C ARG PA 617 94.02 46.24 9.42
N ASP PA 618 94.79 45.83 10.43
CA ASP PA 618 94.23 45.11 11.56
C ASP PA 618 93.38 46.05 12.42
N VAL PA 619 92.42 45.46 13.14
CA VAL PA 619 91.63 46.17 14.12
C VAL PA 619 92.17 45.85 15.51
N TYR PA 620 91.96 46.77 16.44
CA TYR PA 620 92.50 46.65 17.78
C TYR PA 620 91.40 46.87 18.79
N LEU PA 621 91.66 46.43 20.02
CA LEU PA 621 90.68 46.61 21.09
C LEU PA 621 90.39 48.09 21.34
N GLN PA 622 91.43 48.92 21.30
CA GLN PA 622 91.27 50.36 21.42
C GLN PA 622 90.95 51.03 20.09
N GLY PA 623 90.93 50.29 18.99
CA GLY PA 623 90.75 50.87 17.69
C GLY PA 623 89.30 51.09 17.31
N PRO PA 624 89.07 51.80 16.21
CA PRO PA 624 87.71 52.01 15.73
C PRO PA 624 87.11 50.76 15.12
N ILE PA 625 85.78 50.72 15.12
CA ILE PA 625 85.04 49.58 14.59
C ILE PA 625 84.63 49.80 13.14
N TRP PA 626 84.06 50.96 12.84
CA TRP PA 626 83.50 51.20 11.51
C TRP PA 626 83.79 52.63 11.08
N ALA PA 627 83.41 52.93 9.83
CA ALA PA 627 83.43 54.28 9.31
C ALA PA 627 82.42 54.36 8.18
N LYS PA 628 81.95 55.58 7.92
CA LYS PA 628 80.99 55.79 6.85
C LYS PA 628 81.72 55.97 5.52
N ILE PA 629 81.35 55.14 4.54
CA ILE PA 629 81.92 55.30 3.20
C ILE PA 629 81.40 56.60 2.60
N PRO PA 630 82.27 57.49 2.12
CA PRO PA 630 81.80 58.76 1.56
C PRO PA 630 80.87 58.53 0.37
N HIS PA 631 79.85 59.39 0.27
CA HIS PA 631 78.88 59.30 -0.82
C HIS PA 631 79.52 59.90 -2.06
N THR PA 632 80.18 59.04 -2.84
CA THR PA 632 80.90 59.45 -4.02
C THR PA 632 80.53 58.52 -5.18
N ASP PA 633 80.81 58.98 -6.40
CA ASP PA 633 80.47 58.19 -7.60
C ASP PA 633 81.31 56.92 -7.63
N GLY PA 634 82.58 57.02 -7.26
CA GLY PA 634 83.46 55.87 -7.30
C GLY PA 634 84.32 55.76 -6.05
N HIS PA 635 84.64 54.53 -5.71
CA HIS PA 635 85.56 54.21 -4.63
C HIS PA 635 86.07 52.79 -4.84
N PHE PA 636 87.30 52.55 -4.44
CA PHE PA 636 87.92 51.23 -4.59
C PHE PA 636 88.22 50.67 -3.22
N HIS PA 637 87.71 49.46 -2.95
CA HIS PA 637 87.93 48.75 -1.70
C HIS PA 637 87.65 49.66 -0.50
N PRO PA 638 86.38 49.98 -0.22
CA PRO PA 638 86.04 50.97 0.81
C PRO PA 638 86.17 50.44 2.24
N SER PA 639 87.29 49.80 2.54
CA SER PA 639 87.67 49.50 3.91
C SER PA 639 88.35 50.72 4.51
N PRO PA 640 87.94 51.17 5.69
CA PRO PA 640 88.57 52.35 6.29
C PRO PA 640 90.06 52.15 6.48
N LEU PA 641 90.83 53.20 6.20
CA LEU PA 641 92.28 53.09 6.29
C LEU PA 641 92.76 52.99 7.72
N MET PA 642 92.01 53.57 8.67
CA MET PA 642 92.33 53.44 10.08
C MET PA 642 92.00 52.07 10.65
N GLY PA 643 91.29 51.25 9.89
CA GLY PA 643 90.93 49.91 10.33
C GLY PA 643 89.46 49.81 10.68
N GLY PA 644 88.85 48.69 10.28
CA GLY PA 644 87.45 48.46 10.59
C GLY PA 644 86.60 48.06 9.40
N PHE PA 645 85.30 48.31 9.51
CA PHE PA 645 84.32 47.91 8.51
C PHE PA 645 83.78 49.15 7.81
N GLY PA 646 83.87 49.17 6.49
CA GLY PA 646 83.29 50.24 5.70
C GLY PA 646 81.80 50.05 5.50
N LEU PA 647 81.00 51.04 5.92
CA LEU PA 647 79.55 50.93 5.87
C LEU PA 647 78.98 52.08 5.07
N LYS PA 648 78.18 51.76 4.05
CA LYS PA 648 77.48 52.80 3.31
C LYS PA 648 76.42 53.46 4.18
N HIS PA 649 75.78 52.68 5.06
CA HIS PA 649 74.81 53.17 6.04
C HIS PA 649 75.29 52.72 7.41
N PRO PA 650 76.21 53.45 8.02
CA PRO PA 650 76.74 53.06 9.33
C PRO PA 650 75.71 53.31 10.41
N PRO PA 651 75.99 52.88 11.65
CA PRO PA 651 75.09 53.21 12.76
C PRO PA 651 74.87 54.70 12.85
N PRO PA 652 73.62 55.15 12.91
CA PRO PA 652 73.34 56.58 12.84
C PRO PA 652 73.86 57.33 14.05
N GLN PA 653 74.19 58.61 13.83
CA GLN PA 653 74.58 59.47 14.93
C GLN PA 653 73.40 59.70 15.86
N ILE PA 654 73.65 59.61 17.17
CA ILE PA 654 72.63 59.82 18.18
C ILE PA 654 72.93 61.15 18.85
N LEU PA 655 72.07 62.13 18.63
CA LEU PA 655 72.27 63.49 19.13
C LEU PA 655 71.39 63.73 20.34
N ILE PA 656 71.99 64.30 21.39
CA ILE PA 656 71.29 64.55 22.65
C ILE PA 656 71.68 65.93 23.15
N LYS PA 657 70.71 66.67 23.66
CA LYS PA 657 70.98 67.97 24.25
C LYS PA 657 69.92 68.28 25.29
N ASN PA 658 70.26 69.18 26.21
CA ASN PA 658 69.32 69.63 27.23
C ASN PA 658 68.44 70.71 26.66
N THR PA 659 67.13 70.61 26.92
CA THR PA 659 66.21 71.63 26.46
C THR PA 659 66.45 72.91 27.25
N PRO PA 660 66.66 74.04 26.58
CA PRO PA 660 66.90 75.29 27.31
C PRO PA 660 65.68 75.71 28.11
N VAL PA 661 65.90 76.01 29.38
CA VAL PA 661 64.85 76.48 30.29
C VAL PA 661 65.10 77.96 30.56
N PRO PA 662 64.27 78.87 30.03
CA PRO PA 662 64.51 80.30 30.25
C PRO PA 662 64.44 80.66 31.73
N ALA PA 663 65.26 81.63 32.12
CA ALA PA 663 65.24 82.17 33.46
C ALA PA 663 64.08 83.15 33.59
N ASN PA 664 64.07 83.95 34.65
CA ASN PA 664 62.95 84.84 34.91
C ASN PA 664 62.84 85.90 33.82
N PRO PA 665 61.72 85.96 33.09
CA PRO PA 665 61.57 86.98 32.05
C PRO PA 665 61.11 88.32 32.60
N SER PA 666 61.25 89.32 31.75
CA SER PA 666 60.81 90.69 32.11
C SER PA 666 59.29 90.76 32.00
N THR PA 667 58.65 91.52 32.89
CA THR PA 667 57.21 91.69 32.84
C THR PA 667 56.75 92.51 31.64
N THR PA 668 57.67 93.20 30.98
CA THR PA 668 57.37 93.93 29.75
C THR PA 668 57.88 93.12 28.56
N PHE PA 669 57.09 93.11 27.49
CA PHE PA 669 57.46 92.31 26.32
C PHE PA 669 58.74 92.85 25.68
N SER PA 670 59.62 91.94 25.30
CA SER PA 670 60.84 92.27 24.59
C SER PA 670 60.99 91.32 23.41
N ALA PA 671 61.21 91.86 22.22
CA ALA PA 671 61.37 91.04 21.03
C ALA PA 671 62.75 90.41 20.93
N ALA PA 672 63.69 90.82 21.77
CA ALA PA 672 65.02 90.21 21.75
C ALA PA 672 64.93 88.76 22.20
N LYS PA 673 65.71 87.90 21.54
CA LYS PA 673 65.72 86.49 21.89
C LYS PA 673 66.29 86.31 23.29
N PHE PA 674 65.82 85.24 23.95
CA PHE PA 674 66.24 84.98 25.35
C PHE PA 674 67.73 84.70 25.44
N ALA PA 675 68.40 85.38 26.36
CA ALA PA 675 69.82 85.16 26.60
C ALA PA 675 70.13 84.67 28.01
N SER PA 676 69.15 84.65 28.90
CA SER PA 676 69.33 84.18 30.27
C SER PA 676 68.58 82.87 30.45
N PHE PA 677 69.27 81.85 30.94
CA PHE PA 677 68.71 80.53 31.12
C PHE PA 677 69.12 79.97 32.47
N ILE PA 678 68.35 79.00 32.95
CA ILE PA 678 68.69 78.29 34.17
C ILE PA 678 69.80 77.30 33.86
N THR PA 679 70.91 77.41 34.61
CA THR PA 679 72.03 76.50 34.41
C THR PA 679 71.62 75.09 34.79
N GLN PA 680 71.86 74.13 33.90
CA GLN PA 680 71.47 72.77 34.18
C GLN PA 680 72.26 71.81 33.31
N TYR PA 681 72.35 70.57 33.79
CA TYR PA 681 72.97 69.47 33.06
C TYR PA 681 72.10 68.25 33.25
N SER PA 682 72.45 67.16 32.58
CA SER PA 682 71.72 65.91 32.69
C SER PA 682 72.68 64.75 32.88
N THR PA 683 72.18 63.71 33.54
CA THR PA 683 72.93 62.48 33.73
C THR PA 683 71.97 61.31 33.52
N GLY PA 684 72.54 60.17 33.16
CA GLY PA 684 71.71 59.01 32.89
C GLY PA 684 72.56 57.81 32.54
N GLN PA 685 71.90 56.78 32.05
CA GLN PA 685 72.55 55.55 31.65
C GLN PA 685 72.33 55.29 30.16
N VAL PA 686 73.33 54.71 29.53
CA VAL PA 686 73.29 54.38 28.11
C VAL PA 686 73.65 52.91 27.94
N SER PA 687 72.89 52.20 27.11
CA SER PA 687 73.11 50.79 26.84
C SER PA 687 73.32 50.57 25.35
N VAL PA 688 74.37 49.82 25.01
CA VAL PA 688 74.67 49.44 23.63
C VAL PA 688 74.83 47.93 23.59
N GLU PA 689 74.02 47.26 22.78
CA GLU PA 689 74.10 45.82 22.59
C GLU PA 689 74.33 45.52 21.12
N ILE PA 690 75.43 44.85 20.82
CA ILE PA 690 75.79 44.52 19.44
C ILE PA 690 75.90 43.00 19.31
N GLU PA 691 75.27 42.46 18.28
CA GLU PA 691 75.41 41.05 17.93
C GLU PA 691 76.48 40.93 16.84
N TRP PA 692 77.46 40.06 17.07
CA TRP PA 692 78.55 39.83 16.15
C TRP PA 692 78.48 38.41 15.62
N GLU PA 693 78.78 38.23 14.33
CA GLU PA 693 78.86 36.92 13.72
C GLU PA 693 80.32 36.48 13.67
N LEU PA 694 80.55 35.20 13.98
CA LEU PA 694 81.89 34.65 14.07
C LEU PA 694 82.14 33.70 12.91
N GLN PA 695 83.38 33.71 12.42
CA GLN PA 695 83.86 32.78 11.41
C GLN PA 695 84.80 31.82 12.11
N LYS PA 696 84.30 30.62 12.39
CA LYS PA 696 85.06 29.67 13.19
C LYS PA 696 86.29 29.17 12.45
N GLU PA 697 87.39 29.05 13.19
CA GLU PA 697 88.63 28.54 12.62
C GLU PA 697 88.50 27.07 12.28
N ASN PA 698 88.98 26.69 11.10
CA ASN PA 698 88.91 25.32 10.59
C ASN PA 698 90.27 24.87 10.09
N SER PA 699 91.31 25.14 10.89
CA SER PA 699 92.67 24.86 10.47
C SER PA 699 93.00 23.37 10.61
N LYS PA 700 93.98 22.90 9.83
CA LYS PA 700 94.45 21.49 9.91
C LYS PA 700 95.96 21.47 10.19
N ARG PA 701 96.52 22.56 10.71
CA ARG PA 701 97.93 22.55 11.07
C ARG PA 701 98.16 21.62 12.27
N TRP PA 702 99.36 21.08 12.35
CA TRP PA 702 99.68 20.08 13.37
C TRP PA 702 100.23 20.72 14.63
N ASN PA 703 101.24 21.57 14.50
CA ASN PA 703 101.88 22.18 15.66
C ASN PA 703 101.01 23.31 16.22
N PRO PA 704 101.16 23.66 17.53
CA PRO PA 704 100.33 24.69 18.14
C PRO PA 704 100.47 26.07 17.49
N GLU PA 705 99.49 26.96 17.69
CA GLU PA 705 99.48 28.29 17.03
C GLU PA 705 99.92 29.38 18.01
N ILE PA 706 100.16 30.61 17.52
CA ILE PA 706 100.39 31.72 18.48
C ILE PA 706 99.05 32.18 19.06
N GLN PA 707 98.96 32.31 20.39
CA GLN PA 707 97.75 32.83 21.00
C GLN PA 707 98.12 33.98 21.91
N TYR PA 708 97.20 34.94 22.03
CA TYR PA 708 97.39 36.01 23.01
C TYR PA 708 97.21 35.45 24.42
N THR PA 709 98.09 35.86 25.33
CA THR PA 709 98.09 35.33 26.68
C THR PA 709 98.58 36.40 27.65
N SER PA 710 98.19 36.22 28.90
CA SER PA 710 98.71 37.12 29.96
C SER PA 710 100.07 36.59 30.37
N ASN PA 711 100.92 37.41 30.99
CA ASN PA 711 102.27 36.89 31.34
C ASN PA 711 102.16 36.33 32.75
N TYR PA 712 102.69 35.13 32.98
CA TYR PA 712 102.53 34.45 34.28
C TYR PA 712 103.40 35.14 35.35
N ASN PA 713 104.54 35.71 34.98
CA ASN PA 713 105.41 36.25 36.01
C ASN PA 713 104.70 37.28 36.88
N LYS PA 714 105.15 37.35 38.13
CA LYS PA 714 104.54 38.29 39.11
C LYS PA 714 104.77 39.73 38.67
N SER PA 715 103.86 40.59 39.07
CA SER PA 715 103.96 42.01 38.75
C SER PA 715 103.26 42.81 39.83
N ILE PA 716 103.60 44.09 39.90
CA ILE PA 716 102.96 44.98 40.86
C ILE PA 716 101.47 45.13 40.55
N ASN PA 717 101.14 45.29 39.27
CA ASN PA 717 99.77 45.45 38.82
C ASN PA 717 99.41 44.36 37.81
N VAL PA 718 98.15 43.95 37.84
CA VAL PA 718 97.63 43.03 36.84
C VAL PA 718 97.24 43.82 35.59
N ASP PA 719 97.48 43.24 34.43
CA ASP PA 719 97.15 43.91 33.18
C ASP PA 719 95.65 44.05 33.01
N PHE PA 720 95.23 45.19 32.43
CA PHE PA 720 93.82 45.48 32.15
C PHE PA 720 92.97 45.44 33.42
N THR PA 721 93.52 45.97 34.50
CA THR PA 721 92.80 46.14 35.76
C THR PA 721 93.00 47.56 36.26
N VAL PA 722 92.54 47.83 37.46
CA VAL PA 722 92.73 49.13 38.09
C VAL PA 722 93.92 49.06 39.02
N ASP PA 723 94.55 50.21 39.25
CA ASP PA 723 95.68 50.30 40.17
C ASP PA 723 95.18 50.68 41.56
N THR PA 724 96.10 51.05 42.44
CA THR PA 724 95.73 51.42 43.82
C THR PA 724 94.91 52.71 43.80
N ASN PA 725 94.93 53.45 42.69
CA ASN PA 725 94.11 54.68 42.56
C ASN PA 725 92.78 54.32 41.88
N GLY PA 726 92.58 53.05 41.56
CA GLY PA 726 91.35 52.62 40.87
C GLY PA 726 91.31 53.12 39.45
N VAL PA 727 92.46 53.47 38.88
CA VAL PA 727 92.53 54.01 37.50
C VAL PA 727 92.69 52.84 36.52
N TYR PA 728 91.73 52.66 35.61
CA TYR PA 728 91.81 51.59 34.63
C TYR PA 728 92.78 51.97 33.52
N SER PA 729 93.62 51.02 33.14
CA SER PA 729 94.59 51.24 32.08
C SER PA 729 94.62 50.05 31.14
N GLU PA 730 94.99 50.30 29.89
CA GLU PA 730 95.17 49.26 28.89
C GLU PA 730 96.65 49.19 28.54
N PRO PA 731 97.40 48.22 29.06
CA PRO PA 731 98.87 48.27 28.95
C PRO PA 731 99.40 48.23 27.52
N ARG PA 732 98.75 47.52 26.61
CA ARG PA 732 99.26 47.39 25.25
C ARG PA 732 98.10 47.26 24.29
N PRO PA 733 98.31 47.60 23.01
CA PRO PA 733 97.28 47.31 22.01
C PRO PA 733 97.26 45.82 21.68
N ILE PA 734 96.05 45.28 21.55
CA ILE PA 734 95.86 43.89 21.17
C ILE PA 734 95.18 43.87 19.81
N GLY PA 735 95.82 43.23 18.84
CA GLY PA 735 95.24 43.04 17.53
C GLY PA 735 94.33 41.82 17.54
N THR PA 736 94.09 41.29 16.34
CA THR PA 736 93.27 40.10 16.19
C THR PA 736 93.95 38.96 15.44
N ARG PA 737 95.14 39.17 14.90
CA ARG PA 737 95.75 38.24 13.97
C ARG PA 737 96.74 37.34 14.71
N TYR PA 738 96.21 36.29 15.31
CA TYR PA 738 97.00 35.29 16.03
C TYR PA 738 96.89 33.90 15.42
N LEU PA 739 95.70 33.48 15.02
CA LEU PA 739 95.56 32.23 14.29
C LEU PA 739 96.14 32.39 12.88
N THR PA 740 96.41 31.26 12.23
CA THR PA 740 97.01 31.26 10.92
C THR PA 740 96.14 30.50 9.92
N ARG PA 741 96.21 30.97 8.68
CA ARG PA 741 95.48 30.29 7.57
C ARG PA 741 96.43 30.30 6.37
N ASN PA 742 96.38 29.28 5.50
CA ASN PA 742 97.18 29.25 4.28
C ASN PA 742 96.68 30.28 3.28
N LEU PA 743 97.58 30.75 2.43
CA LEU PA 743 97.23 31.68 1.37
C LEU PA 743 96.30 31.03 0.34
N ALA QA 218 -25.16 82.22 -12.29
CA ALA QA 218 -23.88 81.53 -12.05
C ALA QA 218 -23.14 82.23 -10.92
N ASP QA 219 -23.17 83.55 -10.90
CA ASP QA 219 -22.38 84.32 -9.91
C ASP QA 219 -23.29 85.34 -9.24
N GLY QA 220 -24.60 85.23 -9.46
CA GLY QA 220 -25.54 86.13 -8.75
C GLY QA 220 -25.04 87.56 -8.73
N VAL QA 221 -25.21 88.27 -7.60
CA VAL QA 221 -24.84 89.69 -7.54
C VAL QA 221 -23.66 89.78 -6.58
N GLY QA 222 -22.52 90.22 -7.08
CA GLY QA 222 -21.33 90.41 -6.29
C GLY QA 222 -20.21 89.43 -6.55
N ASN QA 223 -20.43 88.46 -7.44
CA ASN QA 223 -19.39 87.50 -7.81
C ASN QA 223 -19.05 87.72 -9.29
N SER QA 224 -17.76 87.94 -9.56
CA SER QA 224 -17.33 88.17 -10.93
C SER QA 224 -17.42 86.89 -11.75
N SER QA 225 -17.88 87.03 -12.99
CA SER QA 225 -18.05 85.90 -13.90
C SER QA 225 -16.93 85.80 -14.93
N GLY QA 226 -15.87 86.59 -14.78
CA GLY QA 226 -14.76 86.52 -15.70
C GLY QA 226 -13.63 87.43 -15.25
N ASN QA 227 -12.52 87.32 -15.96
CA ASN QA 227 -11.32 88.09 -15.67
C ASN QA 227 -10.86 88.80 -16.94
N TRP QA 228 -9.99 89.79 -16.76
CA TRP QA 228 -9.44 90.55 -17.86
C TRP QA 228 -8.23 89.81 -18.43
N HIS QA 229 -8.37 89.35 -19.67
CA HIS QA 229 -7.28 88.62 -20.35
C HIS QA 229 -6.95 89.37 -21.65
N CYS QA 230 -5.96 90.26 -21.61
CA CYS QA 230 -5.53 90.98 -22.82
C CYS QA 230 -4.02 90.76 -22.94
N ASP QA 231 -3.58 89.94 -23.89
CA ASP QA 231 -2.13 89.62 -24.00
C ASP QA 231 -1.85 88.78 -25.24
N SER QA 232 -0.57 88.50 -25.53
CA SER QA 232 -0.30 87.59 -26.64
C SER QA 232 0.85 86.67 -26.26
N THR QA 233 0.77 85.42 -26.69
CA THR QA 233 1.78 84.41 -26.42
C THR QA 233 2.32 83.88 -27.74
N TRP QA 234 3.63 83.96 -27.91
CA TRP QA 234 4.29 83.43 -29.10
C TRP QA 234 4.95 82.11 -28.74
N MET QA 235 4.52 81.03 -29.39
CA MET QA 235 5.07 79.68 -29.11
C MET QA 235 5.38 79.00 -30.44
N GLY QA 236 6.63 79.09 -30.89
CA GLY QA 236 7.03 78.44 -32.13
C GLY QA 236 6.30 79.01 -33.32
N ASP QA 237 5.59 78.15 -34.03
CA ASP QA 237 4.83 78.52 -35.21
C ASP QA 237 3.41 78.98 -34.91
N ARG QA 238 3.15 79.43 -33.68
CA ARG QA 238 1.83 79.90 -33.30
C ARG QA 238 1.96 81.19 -32.51
N VAL QA 239 0.97 82.06 -32.65
CA VAL QA 239 0.80 83.22 -31.79
C VAL QA 239 -0.67 83.31 -31.41
N THR QA 240 -0.94 83.36 -30.11
CA THR QA 240 -2.30 83.47 -29.60
C THR QA 240 -2.49 84.85 -29.03
N THR QA 241 -3.40 85.62 -29.64
CA THR QA 241 -3.70 86.98 -29.22
C THR QA 241 -5.05 86.99 -28.50
N THR QA 242 -5.08 87.58 -27.31
CA THR QA 242 -6.29 87.71 -26.52
C THR QA 242 -6.56 89.18 -26.24
N SER QA 243 -7.81 89.59 -26.35
CA SER QA 243 -8.18 90.98 -26.15
C SER QA 243 -9.44 91.05 -25.30
N THR QA 244 -9.48 92.03 -24.39
CA THR QA 244 -10.66 92.30 -23.58
C THR QA 244 -11.02 93.77 -23.71
N ARG QA 245 -12.32 94.05 -23.86
CA ARG QA 245 -12.82 95.41 -23.99
C ARG QA 245 -14.07 95.56 -23.15
N THR QA 246 -14.39 96.81 -22.83
CA THR QA 246 -15.63 97.14 -22.13
C THR QA 246 -16.61 97.72 -23.14
N TRP QA 247 -17.80 97.13 -23.23
CA TRP QA 247 -18.80 97.52 -24.20
C TRP QA 247 -20.03 98.10 -23.51
N ALA QA 248 -20.75 98.94 -24.26
CA ALA QA 248 -22.01 99.50 -23.82
C ALA QA 248 -23.06 99.22 -24.88
N LEU QA 249 -24.18 98.65 -24.47
CA LEU QA 249 -25.26 98.27 -25.39
C LEU QA 249 -26.53 99.03 -25.03
N PRO QA 250 -26.98 99.97 -25.84
CA PRO QA 250 -28.23 100.68 -25.56
C PRO QA 250 -29.42 99.85 -26.04
N THR QA 251 -30.61 100.44 -25.91
CA THR QA 251 -31.82 99.87 -26.49
C THR QA 251 -32.01 100.46 -27.88
N TYR QA 252 -32.10 99.59 -28.87
CA TYR QA 252 -32.16 100.01 -30.26
C TYR QA 252 -33.59 99.92 -30.79
N ASN QA 253 -34.01 100.97 -31.50
CA ASN QA 253 -35.33 101.06 -32.13
C ASN QA 253 -36.47 100.98 -31.13
N ASN QA 254 -36.19 101.17 -29.85
CA ASN QA 254 -37.19 101.02 -28.78
C ASN QA 254 -37.83 99.64 -28.84
N HIS QA 255 -36.98 98.62 -28.91
CA HIS QA 255 -37.37 97.20 -28.93
C HIS QA 255 -38.22 96.82 -30.13
N LEU QA 256 -38.06 97.52 -31.25
CA LEU QA 256 -38.92 97.30 -32.40
C LEU QA 256 -38.12 96.91 -33.64
N TYR QA 257 -38.79 96.25 -34.57
CA TYR QA 257 -38.18 95.99 -35.89
C TYR QA 257 -38.87 97.00 -36.81
N LYS QA 258 -38.11 97.77 -37.56
CA LYS QA 258 -38.61 98.82 -38.43
C LYS QA 258 -38.15 98.55 -39.86
N GLN QA 259 -39.10 98.56 -40.79
CA GLN QA 259 -38.76 98.46 -42.20
C GLN QA 259 -38.07 99.76 -42.65
N ILE QA 260 -36.94 99.61 -43.31
CA ILE QA 260 -36.17 100.75 -43.80
C ILE QA 260 -36.01 100.63 -45.30
N SER QA 261 -35.85 101.78 -45.96
CA SER QA 261 -35.67 101.81 -47.41
C SER QA 261 -35.00 103.13 -47.77
N SER QA 262 -34.53 103.20 -49.01
CA SER QA 262 -33.91 104.41 -49.50
C SER QA 262 -34.92 105.55 -49.56
N GLN QA 263 -34.40 106.75 -49.40
CA GLN QA 263 -35.29 107.93 -49.39
C GLN QA 263 -35.85 108.14 -50.78
N SER QA 264 -37.07 108.69 -50.84
CA SER QA 264 -37.64 109.03 -52.17
C SER QA 264 -36.76 110.12 -52.78
N GLY QA 265 -36.57 110.07 -54.09
CA GLY QA 265 -35.73 111.00 -54.81
C GLY QA 265 -34.28 110.57 -54.95
N ALA QA 266 -33.89 109.48 -54.31
CA ALA QA 266 -32.53 108.96 -54.46
C ALA QA 266 -32.33 108.39 -55.85
N SER QA 267 -31.07 108.34 -56.28
CA SER QA 267 -30.75 107.77 -57.57
C SER QA 267 -31.00 106.26 -57.54
N ASN QA 268 -31.10 105.67 -58.74
CA ASN QA 268 -31.35 104.24 -58.83
C ASN QA 268 -30.20 103.43 -58.24
N ASP QA 269 -28.96 103.93 -58.36
CA ASP QA 269 -27.82 103.20 -57.80
C ASP QA 269 -27.86 103.18 -56.27
N ASN QA 270 -28.53 104.15 -55.66
CA ASN QA 270 -28.57 104.26 -54.20
C ASN QA 270 -29.86 103.70 -53.61
N HIS QA 271 -30.73 103.10 -54.41
CA HIS QA 271 -31.97 102.55 -53.90
C HIS QA 271 -31.70 101.26 -53.13
N TYR QA 272 -32.42 101.08 -52.03
CA TYR QA 272 -32.28 99.87 -51.22
C TYR QA 272 -33.54 99.64 -50.41
N PHE QA 273 -33.69 98.42 -49.92
CA PHE QA 273 -34.77 98.03 -49.03
C PHE QA 273 -34.23 97.04 -48.02
N GLY QA 274 -34.66 97.15 -46.79
CA GLY QA 274 -34.17 96.26 -45.75
C GLY QA 274 -34.94 96.45 -44.46
N TYR QA 275 -34.38 95.89 -43.39
CA TYR QA 275 -35.00 95.97 -42.07
C TYR QA 275 -33.97 96.32 -41.02
N SER QA 276 -34.39 97.12 -40.05
CA SER QA 276 -33.56 97.47 -38.91
C SER QA 276 -34.04 96.70 -37.68
N THR QA 277 -33.12 96.04 -37.01
CA THR QA 277 -33.46 95.20 -35.87
C THR QA 277 -33.08 95.87 -34.56
N PRO QA 278 -33.75 95.53 -33.47
CA PRO QA 278 -33.36 96.08 -32.15
C PRO QA 278 -32.12 95.44 -31.56
N TRP QA 279 -31.48 94.52 -32.28
CA TRP QA 279 -30.31 93.81 -31.78
C TRP QA 279 -29.04 94.56 -32.15
N GLY QA 280 -27.99 94.27 -31.37
CA GLY QA 280 -26.64 94.69 -31.71
C GLY QA 280 -25.79 93.47 -32.03
N TYR QA 281 -24.57 93.73 -32.50
CA TYR QA 281 -23.66 92.65 -32.84
C TYR QA 281 -22.25 93.02 -32.44
N PHE QA 282 -21.46 92.01 -32.09
CA PHE QA 282 -20.06 92.19 -31.71
C PHE QA 282 -19.18 91.95 -32.91
N ASP QA 283 -18.40 92.97 -33.29
CA ASP QA 283 -17.53 92.91 -34.45
C ASP QA 283 -16.08 93.00 -33.99
N PHE QA 284 -15.27 92.02 -34.39
CA PHE QA 284 -13.83 92.07 -34.19
C PHE QA 284 -13.10 91.69 -35.47
N ASN QA 285 -13.66 92.07 -36.61
CA ASN QA 285 -13.09 91.75 -37.92
C ASN QA 285 -12.10 92.82 -38.39
N ARG QA 286 -11.16 93.16 -37.51
CA ARG QA 286 -10.06 94.07 -37.84
C ARG QA 286 -8.85 93.61 -37.06
N PHE QA 287 -7.66 93.72 -37.67
CA PHE QA 287 -6.44 93.16 -37.02
C PHE QA 287 -6.07 93.93 -35.75
N HIS QA 288 -6.37 95.22 -35.69
CA HIS QA 288 -6.02 96.06 -34.52
C HIS QA 288 -6.80 95.61 -33.28
N CYS QA 289 -7.87 94.84 -33.45
CA CYS QA 289 -8.70 94.33 -32.34
C CYS QA 289 -7.97 93.22 -31.60
N HIS QA 290 -6.94 92.63 -32.22
CA HIS QA 290 -6.21 91.51 -31.62
C HIS QA 290 -4.72 91.73 -31.53
N PHE QA 291 -4.13 92.49 -32.44
CA PHE QA 291 -2.69 92.71 -32.47
C PHE QA 291 -2.36 94.13 -32.02
N SER QA 292 -1.44 94.23 -31.06
CA SER QA 292 -0.85 95.52 -30.75
C SER QA 292 0.13 95.91 -31.86
N PRO QA 293 0.47 97.19 -31.98
CA PRO QA 293 1.46 97.58 -32.99
C PRO QA 293 2.79 96.86 -32.85
N ARG QA 294 3.25 96.62 -31.61
CA ARG QA 294 4.45 95.82 -31.42
C ARG QA 294 4.23 94.38 -31.86
N ASP QA 295 3.04 93.83 -31.59
CA ASP QA 295 2.71 92.49 -32.08
C ASP QA 295 2.70 92.44 -33.60
N TRP QA 296 2.14 93.46 -34.24
CA TRP QA 296 2.15 93.52 -35.69
C TRP QA 296 3.57 93.60 -36.25
N GLN QA 297 4.43 94.41 -35.62
CA GLN QA 297 5.80 94.51 -36.08
C GLN QA 297 6.54 93.19 -35.90
N ARG QA 298 6.29 92.50 -34.79
CA ARG QA 298 6.87 91.17 -34.58
C ARG QA 298 6.36 90.17 -35.61
N LEU QA 299 5.09 90.29 -36.01
CA LEU QA 299 4.54 89.36 -36.98
C LEU QA 299 5.10 89.60 -38.38
N ILE QA 300 5.14 90.86 -38.82
CA ILE QA 300 5.44 91.15 -40.22
C ILE QA 300 6.93 91.17 -40.52
N ASN QA 301 7.78 91.36 -39.52
CA ASN QA 301 9.22 91.42 -39.74
C ASN QA 301 9.89 90.06 -39.69
N ASN QA 302 9.17 89.00 -39.34
CA ASN QA 302 9.79 87.71 -39.10
C ASN QA 302 9.08 86.54 -39.77
N ASN QA 303 7.90 86.73 -40.33
CA ASN QA 303 7.10 85.64 -40.88
C ASN QA 303 6.79 85.89 -42.34
N TRP QA 304 6.82 84.80 -43.13
CA TRP QA 304 6.43 84.83 -44.52
C TRP QA 304 4.94 84.63 -44.74
N GLY QA 305 4.19 84.32 -43.68
CA GLY QA 305 2.76 84.14 -43.81
C GLY QA 305 2.12 83.85 -42.47
N PHE QA 306 0.80 84.01 -42.44
CA PHE QA 306 0.03 83.72 -41.24
C PHE QA 306 -1.43 83.48 -41.64
N ARG QA 307 -2.15 82.79 -40.77
CA ARG QA 307 -3.56 82.49 -40.99
C ARG QA 307 -4.20 82.18 -39.65
N PRO QA 308 -5.48 82.50 -39.48
CA PRO QA 308 -6.17 82.14 -38.23
C PRO QA 308 -6.51 80.66 -38.17
N LYS QA 309 -6.50 80.14 -36.95
CA LYS QA 309 -6.73 78.72 -36.69
C LYS QA 309 -8.00 78.46 -35.90
N ARG QA 310 -8.17 79.12 -34.76
CA ARG QA 310 -9.36 78.96 -33.94
C ARG QA 310 -9.52 80.20 -33.08
N LEU QA 311 -10.74 80.40 -32.58
CA LEU QA 311 -11.03 81.55 -31.74
C LEU QA 311 -11.90 81.13 -30.57
N ASN QA 312 -11.82 81.92 -29.49
CA ASN QA 312 -12.67 81.71 -28.28
C ASN QA 312 -13.27 83.07 -27.95
N PHE QA 313 -14.56 83.13 -27.61
CA PHE QA 313 -15.30 84.35 -27.36
C PHE QA 313 -15.98 84.24 -25.99
N LYS QA 314 -15.96 85.37 -25.28
CA LYS QA 314 -16.62 85.37 -23.95
C LYS QA 314 -17.27 86.71 -23.61
N LEU QA 315 -18.49 86.67 -23.08
CA LEU QA 315 -19.16 87.84 -22.51
C LEU QA 315 -19.35 87.59 -21.02
N PHE QA 316 -19.00 88.57 -20.19
CA PHE QA 316 -19.01 88.37 -18.76
C PHE QA 316 -19.15 89.72 -18.07
N ASN QA 317 -19.36 89.67 -16.75
CA ASN QA 317 -19.52 90.85 -15.91
C ASN QA 317 -20.61 91.77 -16.47
N ILE QA 318 -21.74 91.17 -16.80
CA ILE QA 318 -22.84 91.89 -17.45
C ILE QA 318 -23.64 92.65 -16.40
N GLN QA 319 -23.78 93.95 -16.61
CA GLN QA 319 -24.55 94.83 -15.74
C GLN QA 319 -25.64 95.50 -16.55
N VAL QA 320 -26.87 95.40 -16.07
CA VAL QA 320 -28.00 96.08 -16.69
C VAL QA 320 -28.34 97.30 -15.84
N LYS QA 321 -28.30 98.47 -16.44
CA LYS QA 321 -28.54 99.73 -15.76
C LYS QA 321 -29.87 100.31 -16.22
N GLU QA 322 -30.72 100.69 -15.26
CA GLU QA 322 -31.99 101.33 -15.55
C GLU QA 322 -31.82 102.84 -15.46
N VAL QA 323 -32.26 103.54 -16.50
CA VAL QA 323 -32.14 104.99 -16.61
C VAL QA 323 -33.52 105.61 -16.44
N THR QA 324 -33.63 106.59 -15.56
CA THR QA 324 -34.86 107.33 -15.34
C THR QA 324 -34.57 108.82 -15.44
N GLN QA 325 -35.58 109.58 -15.83
CA GLN QA 325 -35.44 111.02 -16.00
C GLN QA 325 -36.67 111.69 -15.40
N ASN QA 326 -36.49 112.34 -14.24
CA ASN QA 326 -37.58 112.99 -13.53
C ASN QA 326 -37.20 114.43 -13.27
N ASP QA 327 -38.03 115.36 -13.78
CA ASP QA 327 -37.83 116.80 -13.60
C ASP QA 327 -36.44 117.24 -14.07
N GLY QA 328 -35.99 116.70 -15.20
CA GLY QA 328 -34.73 117.08 -15.78
C GLY QA 328 -33.50 116.46 -15.17
N THR QA 329 -33.65 115.47 -14.30
CA THR QA 329 -32.54 114.81 -13.64
C THR QA 329 -32.40 113.38 -14.18
N THR QA 330 -31.19 113.03 -14.58
CA THR QA 330 -30.89 111.69 -15.08
C THR QA 330 -30.31 110.86 -13.94
N THR QA 331 -31.04 109.81 -13.55
CA THR QA 331 -30.65 108.92 -12.47
C THR QA 331 -30.46 107.52 -13.03
N ILE QA 332 -29.30 106.92 -12.73
CA ILE QA 332 -28.95 105.59 -13.20
C ILE QA 332 -28.81 104.67 -11.99
N ALA QA 333 -29.52 103.55 -12.02
CA ALA QA 333 -29.49 102.57 -10.94
C ALA QA 333 -29.35 101.18 -11.52
N ASN QA 334 -28.84 100.26 -10.71
CA ASN QA 334 -28.69 98.88 -11.14
C ASN QA 334 -30.04 98.19 -11.28
N ASN QA 335 -30.11 97.26 -12.23
CA ASN QA 335 -31.25 96.38 -12.40
C ASN QA 335 -30.71 94.95 -12.37
N LEU QA 336 -30.75 94.33 -11.19
CA LEU QA 336 -30.13 93.03 -11.01
C LEU QA 336 -30.96 91.88 -11.55
N THR QA 337 -32.21 92.12 -11.94
CA THR QA 337 -33.08 91.06 -12.43
C THR QA 337 -33.28 91.10 -13.94
N SER QA 338 -32.79 92.12 -14.63
CA SER QA 338 -32.93 92.19 -16.07
C SER QA 338 -31.88 91.30 -16.75
N THR QA 339 -32.20 90.90 -17.97
CA THR QA 339 -31.36 90.00 -18.75
C THR QA 339 -30.93 90.65 -20.05
N VAL QA 340 -29.93 90.03 -20.69
CA VAL QA 340 -29.54 90.35 -22.05
C VAL QA 340 -29.54 89.04 -22.84
N GLN QA 341 -30.08 89.08 -24.05
CA GLN QA 341 -30.18 87.91 -24.91
C GLN QA 341 -28.99 87.86 -25.85
N VAL QA 342 -28.27 86.75 -25.84
CA VAL QA 342 -27.09 86.56 -26.68
C VAL QA 342 -27.22 85.23 -27.42
N PHE QA 343 -26.99 85.27 -28.73
CA PHE QA 343 -26.90 84.03 -29.50
C PHE QA 343 -25.96 84.24 -30.67
N THR QA 344 -25.34 83.14 -31.11
CA THR QA 344 -24.44 83.14 -32.26
C THR QA 344 -25.14 82.48 -33.43
N ASP QA 345 -25.05 83.12 -34.61
CA ASP QA 345 -25.65 82.60 -35.83
C ASP QA 345 -24.72 81.57 -36.45
N SER QA 346 -24.60 80.41 -35.81
CA SER QA 346 -23.64 79.38 -36.24
C SER QA 346 -24.13 78.62 -37.47
N GLU QA 347 -25.43 78.71 -37.78
CA GLU QA 347 -25.93 78.08 -38.99
C GLU QA 347 -26.00 79.04 -40.17
N TYR QA 348 -25.59 80.30 -39.97
CA TYR QA 348 -25.55 81.30 -41.03
C TYR QA 348 -26.90 81.46 -41.71
N GLN QA 349 -27.95 81.54 -40.90
CA GLN QA 349 -29.30 81.75 -41.40
C GLN QA 349 -29.69 83.22 -41.49
N LEU QA 350 -28.85 84.11 -41.00
CA LEU QA 350 -29.09 85.55 -41.05
C LEU QA 350 -28.16 86.20 -42.08
N PRO QA 351 -28.56 87.33 -42.65
CA PRO QA 351 -27.67 88.05 -43.56
C PRO QA 351 -26.37 88.44 -42.87
N TYR QA 352 -25.25 88.06 -43.48
CA TYR QA 352 -23.94 88.27 -42.89
C TYR QA 352 -23.48 89.69 -43.20
N VAL QA 353 -23.59 90.58 -42.21
CA VAL QA 353 -23.19 91.97 -42.39
C VAL QA 353 -21.76 92.24 -41.96
N LEU QA 354 -21.11 91.28 -41.30
CA LEU QA 354 -19.68 91.39 -41.07
C LEU QA 354 -18.93 91.25 -42.38
N GLY QA 355 -17.75 91.85 -42.45
CA GLY QA 355 -16.97 91.83 -43.67
C GLY QA 355 -17.32 92.90 -44.67
N SER QA 356 -18.13 93.89 -44.28
CA SER QA 356 -18.42 95.04 -45.14
C SER QA 356 -17.68 96.30 -44.68
N ALA QA 357 -16.64 96.13 -43.87
CA ALA QA 357 -15.81 97.24 -43.39
C ALA QA 357 -16.63 98.29 -42.65
N HIS QA 358 -17.45 97.81 -41.70
CA HIS QA 358 -18.33 98.68 -40.93
C HIS QA 358 -17.66 99.10 -39.62
N GLN QA 359 -18.03 100.29 -39.16
CA GLN QA 359 -17.56 100.80 -37.88
C GLN QA 359 -18.27 100.08 -36.73
N GLY QA 360 -17.70 100.22 -35.54
CA GLY QA 360 -18.25 99.56 -34.36
C GLY QA 360 -17.47 98.38 -33.86
N CYS QA 361 -16.24 98.18 -34.34
CA CYS QA 361 -15.42 97.06 -33.92
C CYS QA 361 -14.89 97.28 -32.51
N LEU QA 362 -14.13 96.30 -32.03
CA LEU QA 362 -13.40 96.47 -30.78
C LEU QA 362 -12.32 97.51 -30.97
N PRO QA 363 -12.24 98.53 -30.11
CA PRO QA 363 -11.27 99.59 -30.34
C PRO QA 363 -9.85 99.06 -30.27
N PRO QA 364 -8.94 99.63 -31.06
CA PRO QA 364 -7.55 99.13 -31.03
C PRO QA 364 -6.88 99.28 -29.68
N PHE QA 365 -7.18 100.33 -28.94
CA PHE QA 365 -6.60 100.53 -27.62
C PHE QA 365 -7.41 99.80 -26.57
N PRO QA 366 -6.79 98.92 -25.78
CA PRO QA 366 -7.55 98.11 -24.82
C PRO QA 366 -8.29 98.91 -23.76
N ALA QA 367 -7.91 100.17 -23.53
CA ALA QA 367 -8.53 100.99 -22.49
C ALA QA 367 -9.77 101.73 -22.97
N ASP QA 368 -10.10 101.66 -24.26
CA ASP QA 368 -11.25 102.37 -24.80
C ASP QA 368 -12.53 101.58 -24.62
N VAL QA 369 -13.62 102.30 -24.33
CA VAL QA 369 -14.95 101.71 -24.20
C VAL QA 369 -15.74 102.03 -25.46
N PHE QA 370 -16.40 101.02 -26.02
CA PHE QA 370 -17.07 101.15 -27.31
C PHE QA 370 -18.54 100.77 -27.21
N MET QA 371 -19.34 101.40 -28.07
CA MET QA 371 -20.76 101.08 -28.19
C MET QA 371 -20.95 99.93 -29.17
N VAL QA 372 -21.90 99.05 -28.85
CA VAL QA 372 -22.21 97.91 -29.71
C VAL QA 372 -23.03 98.39 -30.90
N PRO QA 373 -22.58 98.14 -32.12
CA PRO QA 373 -23.31 98.65 -33.30
C PRO QA 373 -24.64 97.94 -33.48
N GLN QA 374 -25.60 98.67 -34.05
CA GLN QA 374 -26.93 98.12 -34.29
C GLN QA 374 -26.93 97.21 -35.52
N TYR QA 375 -27.58 96.07 -35.40
CA TYR QA 375 -27.64 95.11 -36.50
C TYR QA 375 -28.76 95.47 -37.45
N GLY QA 376 -28.47 95.37 -38.75
CA GLY QA 376 -29.46 95.62 -39.78
C GLY QA 376 -29.00 94.97 -41.07
N TYR QA 377 -29.97 94.64 -41.91
CA TYR QA 377 -29.68 93.93 -43.15
C TYR QA 377 -30.53 94.49 -44.28
N LEU QA 378 -30.08 94.25 -45.50
CA LEU QA 378 -30.79 94.62 -46.71
C LEU QA 378 -31.24 93.39 -47.45
N THR QA 379 -32.39 93.50 -48.11
CA THR QA 379 -32.91 92.41 -48.93
C THR QA 379 -33.20 92.93 -50.33
N LEU QA 380 -33.84 92.12 -51.16
CA LEU QA 380 -34.13 92.50 -52.56
C LEU QA 380 -35.01 93.74 -52.60
N ASN QA 381 -34.76 94.63 -53.55
CA ASN QA 381 -35.58 95.85 -53.69
C ASN QA 381 -35.82 96.17 -55.16
N ASN QA 382 -37.03 96.61 -55.51
CA ASN QA 382 -37.28 97.13 -56.87
C ASN QA 382 -37.44 98.63 -56.65
N GLY QA 383 -36.32 99.36 -56.62
CA GLY QA 383 -36.41 100.79 -56.26
C GLY QA 383 -36.45 100.91 -54.75
N SER QA 384 -37.30 101.79 -54.21
CA SER QA 384 -37.45 101.87 -52.76
C SER QA 384 -38.41 100.83 -52.21
N GLN QA 385 -39.10 100.08 -53.07
CA GLN QA 385 -40.06 99.08 -52.66
C GLN QA 385 -39.39 97.70 -52.58
N ALA QA 386 -40.16 96.73 -52.12
CA ALA QA 386 -39.72 95.35 -52.01
C ALA QA 386 -40.39 94.49 -53.08
N VAL QA 387 -39.88 93.27 -53.23
CA VAL QA 387 -40.46 92.29 -54.12
C VAL QA 387 -40.90 91.07 -53.30
N GLY QA 388 -41.56 90.14 -53.98
CA GLY QA 388 -42.06 88.96 -53.28
C GLY QA 388 -40.95 88.06 -52.76
N ARG QA 389 -39.77 88.14 -53.37
CA ARG QA 389 -38.64 87.33 -52.94
C ARG QA 389 -37.89 87.93 -51.76
N SER QA 390 -38.20 89.16 -51.36
CA SER QA 390 -37.54 89.77 -50.22
C SER QA 390 -37.82 88.98 -48.95
N SER QA 391 -36.79 88.82 -48.13
CA SER QA 391 -36.85 88.01 -46.92
C SER QA 391 -36.86 88.90 -45.69
N PHE QA 392 -37.68 88.52 -44.71
CA PHE QA 392 -37.73 89.17 -43.42
C PHE QA 392 -37.27 88.18 -42.35
N TYR QA 393 -36.44 88.66 -41.43
CA TYR QA 393 -35.88 87.82 -40.38
C TYR QA 393 -36.17 88.42 -39.03
N CYS QA 394 -36.80 87.64 -38.16
CA CYS QA 394 -36.98 87.99 -36.76
C CYS QA 394 -35.93 87.26 -35.94
N LEU QA 395 -35.08 88.04 -35.26
CA LEU QA 395 -33.99 87.46 -34.49
C LEU QA 395 -34.44 86.85 -33.18
N GLU QA 396 -35.67 87.13 -32.73
CA GLU QA 396 -36.24 86.44 -31.58
C GLU QA 396 -36.76 85.06 -31.94
N TYR QA 397 -36.72 84.68 -33.22
CA TYR QA 397 -37.16 83.34 -33.69
C TYR QA 397 -35.98 82.38 -33.61
N PHE QA 398 -34.84 82.83 -33.10
CA PHE QA 398 -33.66 82.04 -32.83
C PHE QA 398 -33.57 81.73 -31.35
N PRO QA 399 -33.06 80.55 -30.99
CA PRO QA 399 -32.79 80.27 -29.57
C PRO QA 399 -31.63 81.12 -29.07
N SER QA 400 -31.86 81.87 -28.00
CA SER QA 400 -30.85 82.76 -27.44
C SER QA 400 -30.70 82.46 -25.95
N GLN QA 401 -29.53 82.80 -25.42
CA GLN QA 401 -29.21 82.59 -24.02
C GLN QA 401 -29.45 83.88 -23.26
N MET QA 402 -30.22 83.79 -22.16
CA MET QA 402 -30.56 84.94 -21.35
C MET QA 402 -29.59 85.03 -20.18
N LEU QA 403 -28.99 86.21 -20.00
CA LEU QA 403 -27.93 86.40 -19.02
C LEU QA 403 -28.31 87.52 -18.07
N ARG QA 404 -28.41 87.19 -16.77
CA ARG QA 404 -28.55 88.19 -15.74
C ARG QA 404 -27.16 88.65 -15.29
N THR QA 405 -27.12 89.54 -14.31
CA THR QA 405 -25.81 89.92 -13.71
C THR QA 405 -25.31 88.70 -12.96
N GLY QA 406 -24.16 88.18 -13.35
CA GLY QA 406 -23.61 86.96 -12.79
C GLY QA 406 -23.57 85.80 -13.76
N ASN QA 407 -24.22 85.91 -14.91
CA ASN QA 407 -24.15 84.91 -15.96
C ASN QA 407 -23.13 85.33 -17.01
N ASN QA 408 -22.52 84.34 -17.66
CA ASN QA 408 -21.57 84.61 -18.72
C ASN QA 408 -21.91 83.77 -19.94
N PHE QA 409 -21.41 84.20 -21.09
CA PHE QA 409 -21.62 83.54 -22.36
C PHE QA 409 -20.26 83.20 -22.96
N THR QA 410 -20.18 82.06 -23.63
CA THR QA 410 -18.93 81.67 -24.28
C THR QA 410 -19.23 80.74 -25.44
N PHE QA 411 -18.34 80.75 -26.43
CA PHE QA 411 -18.41 79.79 -27.52
C PHE QA 411 -17.04 79.74 -28.20
N SER QA 412 -16.76 78.59 -28.82
CA SER QA 412 -15.51 78.36 -29.51
C SER QA 412 -15.77 78.08 -30.98
N TYR QA 413 -14.86 78.56 -31.83
CA TYR QA 413 -14.99 78.42 -33.27
C TYR QA 413 -13.64 77.99 -33.84
N THR QA 414 -13.68 77.13 -34.86
CA THR QA 414 -12.48 76.70 -35.55
C THR QA 414 -12.53 77.20 -36.98
N PHE QA 415 -11.48 77.92 -37.39
CA PHE QA 415 -11.38 78.38 -38.76
C PHE QA 415 -11.17 77.20 -39.71
N GLU QA 416 -11.75 77.31 -40.90
CA GLU QA 416 -11.47 76.33 -41.94
C GLU QA 416 -10.06 76.54 -42.48
N ASP QA 417 -9.57 75.55 -43.21
CA ASP QA 417 -8.24 75.63 -43.81
C ASP QA 417 -8.23 76.71 -44.88
N VAL QA 418 -7.33 77.68 -44.72
CA VAL QA 418 -7.21 78.78 -45.68
C VAL QA 418 -5.74 78.98 -46.01
N PRO QA 419 -5.43 79.53 -47.17
CA PRO QA 419 -4.03 79.79 -47.51
C PRO QA 419 -3.41 80.82 -46.58
N PHE QA 420 -2.11 80.67 -46.34
CA PHE QA 420 -1.38 81.68 -45.60
C PHE QA 420 -1.38 83.00 -46.36
N HIS QA 421 -1.58 84.10 -45.64
CA HIS QA 421 -1.45 85.41 -46.27
C HIS QA 421 -0.01 85.63 -46.70
N SER QA 422 0.14 86.15 -47.92
CA SER QA 422 1.50 86.42 -48.47
C SER QA 422 2.09 87.67 -47.83
N SER QA 423 2.64 87.53 -46.62
CA SER QA 423 3.26 88.66 -45.93
C SER QA 423 4.71 88.85 -46.37
N TYR QA 424 4.90 88.94 -47.68
CA TYR QA 424 6.22 89.12 -48.27
C TYR QA 424 6.06 89.88 -49.59
N ALA QA 425 7.15 90.49 -50.03
CA ALA QA 425 7.24 91.11 -51.34
C ALA QA 425 8.24 90.34 -52.19
N HIS QA 426 7.88 90.09 -53.44
CA HIS QA 426 8.77 89.35 -54.32
C HIS QA 426 10.00 90.18 -54.64
N SER QA 427 11.18 89.56 -54.52
CA SER QA 427 12.44 90.20 -54.89
C SER QA 427 12.79 89.99 -56.35
N GLN QA 428 11.93 89.31 -57.11
CA GLN QA 428 12.09 89.16 -58.54
C GLN QA 428 10.83 89.64 -59.24
N SER QA 429 11.00 90.15 -60.46
CA SER QA 429 9.89 90.55 -61.29
C SER QA 429 9.53 89.40 -62.24
N LEU QA 430 8.26 89.33 -62.60
CA LEU QA 430 7.79 88.24 -63.47
C LEU QA 430 8.40 88.30 -64.85
N ASP QA 431 8.89 89.48 -65.28
CA ASP QA 431 9.48 89.63 -66.64
C ASP QA 431 11.01 89.56 -66.55
N ARG QA 432 11.56 89.26 -65.37
CA ARG QA 432 13.00 89.18 -65.16
C ARG QA 432 13.37 87.90 -64.43
N LEU QA 433 12.81 86.77 -64.88
CA LEU QA 433 13.04 85.48 -64.24
C LEU QA 433 14.09 84.65 -64.94
N MET QA 434 14.79 85.20 -65.92
CA MET QA 434 15.71 84.45 -66.74
C MET QA 434 17.14 84.57 -66.22
N ASN QA 435 18.05 83.86 -66.89
CA ASN QA 435 19.48 83.99 -66.64
C ASN QA 435 20.04 85.02 -67.60
N PRO QA 436 20.53 86.17 -67.13
CA PRO QA 436 20.98 87.22 -68.06
C PRO QA 436 22.26 86.88 -68.79
N LEU QA 437 22.97 85.82 -68.39
CA LEU QA 437 24.25 85.47 -68.99
C LEU QA 437 24.12 84.55 -70.20
N ILE QA 438 23.05 83.78 -70.29
CA ILE QA 438 22.89 82.77 -71.32
C ILE QA 438 21.75 83.17 -72.25
N ASP QA 439 22.00 83.07 -73.55
CA ASP QA 439 20.95 83.31 -74.53
C ASP QA 439 19.94 82.18 -74.54
N GLN QA 440 18.74 82.48 -75.02
CA GLN QA 440 17.72 81.47 -75.23
C GLN QA 440 17.97 80.73 -76.54
N TYR QA 441 17.57 79.47 -76.58
CA TYR QA 441 17.63 78.72 -77.82
C TYR QA 441 16.42 78.97 -78.72
N LEU QA 442 15.38 79.60 -78.20
CA LEU QA 442 14.20 79.91 -78.99
C LEU QA 442 14.42 81.21 -79.76
N TYR QA 443 13.76 81.31 -80.91
CA TYR QA 443 13.87 82.47 -81.78
C TYR QA 443 12.58 83.28 -81.74
N TYR QA 444 12.72 84.58 -81.96
CA TYR QA 444 11.59 85.48 -82.08
C TYR QA 444 11.77 86.35 -83.31
N LEU QA 445 10.65 86.77 -83.90
CA LEU QA 445 10.68 87.65 -85.06
C LEU QA 445 11.22 89.00 -84.64
N SER QA 446 12.45 89.32 -85.06
CA SER QA 446 13.11 90.55 -84.66
C SER QA 446 13.03 91.64 -85.72
N ARG QA 447 13.01 91.24 -86.99
CA ARG QA 447 12.90 92.24 -88.07
C ARG QA 447 11.83 91.82 -89.07
N THR QA 448 11.18 92.80 -89.67
CA THR QA 448 10.15 92.54 -90.67
C THR QA 448 10.50 93.06 -92.06
N ASN QA 449 11.60 93.78 -92.22
CA ASN QA 449 12.04 94.25 -93.53
C ASN QA 449 13.54 94.45 -93.51
N THR QA 450 14.11 94.59 -94.70
CA THR QA 450 15.53 94.85 -94.86
C THR QA 450 15.74 95.95 -95.89
N PRO QA 451 16.85 96.73 -95.82
CA PRO QA 451 17.12 97.73 -96.85
C PRO QA 451 17.25 97.05 -98.21
N SER QA 452 16.45 97.48 -99.19
CA SER QA 452 16.57 96.93 -100.56
C SER QA 452 16.74 98.10 -101.54
N GLY QA 453 17.85 98.14 -102.27
CA GLY QA 453 18.11 99.29 -103.14
C GLY QA 453 18.15 100.57 -102.33
N THR QA 454 17.34 101.57 -102.71
CA THR QA 454 17.25 102.83 -101.94
C THR QA 454 15.88 102.86 -101.24
N THR QA 455 15.11 101.78 -101.36
CA THR QA 455 13.80 101.69 -100.65
C THR QA 455 13.90 100.58 -99.60
N THR QA 456 12.77 99.97 -99.24
CA THR QA 456 12.79 98.83 -98.28
C THR QA 456 12.07 97.63 -98.90
N GLN QA 457 12.42 96.43 -98.46
CA GLN QA 457 11.77 95.22 -98.96
C GLN QA 457 11.38 94.34 -97.77
N SER QA 458 10.19 93.75 -97.86
CA SER QA 458 9.71 92.89 -96.77
C SER QA 458 10.55 91.64 -96.66
N ARG QA 459 11.02 91.35 -95.45
CA ARG QA 459 11.88 90.19 -95.20
C ARG QA 459 11.84 89.87 -93.73
N LEU QA 460 11.42 88.65 -93.39
CA LEU QA 460 11.33 88.24 -92.00
C LEU QA 460 12.69 87.73 -91.51
N GLN QA 461 13.09 88.18 -90.32
CA GLN QA 461 14.31 87.70 -89.68
C GLN QA 461 14.02 87.38 -88.22
N PHE QA 462 14.81 86.46 -87.67
CA PHE QA 462 14.60 85.95 -86.33
C PHE QA 462 15.92 85.98 -85.56
N SER QA 463 15.81 86.22 -84.26
CA SER QA 463 16.97 86.32 -83.38
C SER QA 463 16.71 85.54 -82.11
N GLN QA 464 17.79 85.14 -81.45
CA GLN QA 464 17.71 84.53 -80.14
C GLN QA 464 17.85 85.63 -79.08
N ALA QA 465 16.96 85.62 -78.10
CA ALA QA 465 16.89 86.69 -77.12
C ALA QA 465 17.92 86.46 -76.02
N GLY QA 466 18.60 87.54 -75.63
CA GLY QA 466 19.56 87.55 -74.55
C GLY QA 466 19.28 88.70 -73.60
N ALA QA 467 20.36 89.26 -73.05
CA ALA QA 467 20.23 90.36 -72.11
C ALA QA 467 19.94 91.69 -72.80
N SER QA 468 20.52 91.91 -73.98
CA SER QA 468 20.37 93.19 -74.66
C SER QA 468 18.95 93.40 -75.16
N ASP QA 469 18.27 92.33 -75.57
CA ASP QA 469 16.89 92.39 -76.01
C ASP QA 469 16.03 91.58 -75.06
N ILE QA 470 16.24 91.79 -73.76
CA ILE QA 470 15.61 91.00 -72.71
C ILE QA 470 14.09 91.08 -72.76
N ARG QA 471 13.52 92.13 -73.36
CA ARG QA 471 12.08 92.27 -73.42
C ARG QA 471 11.43 91.27 -74.38
N ASP QA 472 12.20 90.68 -75.29
CA ASP QA 472 11.67 89.78 -76.30
C ASP QA 472 11.81 88.30 -75.92
N GLN QA 473 12.28 88.01 -74.71
CA GLN QA 473 12.51 86.63 -74.31
C GLN QA 473 11.20 85.87 -74.18
N SER QA 474 11.21 84.61 -74.60
CA SER QA 474 10.05 83.75 -74.43
C SER QA 474 9.85 83.44 -72.96
N ARG QA 475 8.61 83.51 -72.51
CA ARG QA 475 8.28 83.37 -71.10
C ARG QA 475 7.14 82.38 -70.92
N ASN QA 476 7.03 81.85 -69.70
CA ASN QA 476 6.06 80.82 -69.39
C ASN QA 476 4.82 81.36 -68.68
N TRP QA 477 4.85 82.59 -68.18
CA TRP QA 477 3.80 83.11 -67.33
C TRP QA 477 3.39 84.51 -67.77
N LEU QA 478 2.25 84.96 -67.25
CA LEU QA 478 1.66 86.25 -67.57
C LEU QA 478 1.28 86.97 -66.29
N PRO QA 479 1.26 88.31 -66.32
CA PRO QA 479 0.79 89.06 -65.15
C PRO QA 479 -0.69 88.86 -64.92
N GLY QA 480 -1.11 89.04 -63.66
CA GLY QA 480 -2.46 88.79 -63.24
C GLY QA 480 -3.50 89.67 -63.91
N PRO QA 481 -4.77 89.41 -63.63
CA PRO QA 481 -5.84 90.14 -64.31
C PRO QA 481 -5.91 91.60 -63.88
N CYS QA 482 -6.57 92.37 -64.75
CA CYS QA 482 -6.60 93.83 -64.59
C CYS QA 482 -8.01 94.38 -64.79
N TYR QA 483 -8.35 95.47 -64.10
CA TYR QA 483 -9.61 96.20 -64.31
C TYR QA 483 -9.27 97.68 -64.10
N ARG QA 484 -8.98 98.38 -65.20
CA ARG QA 484 -8.26 99.64 -65.13
C ARG QA 484 -8.98 100.68 -64.27
N GLN QA 485 -8.21 101.40 -63.48
CA GLN QA 485 -8.69 102.49 -62.63
C GLN QA 485 -8.14 103.82 -63.13
N GLN QA 486 -8.88 104.88 -62.86
CA GLN QA 486 -8.38 106.22 -63.18
C GLN QA 486 -7.27 106.61 -62.22
N ARG QA 487 -6.30 107.35 -62.73
CA ARG QA 487 -5.14 107.78 -61.95
C ARG QA 487 -5.38 109.17 -61.38
N VAL QA 488 -5.18 109.26 -60.07
CA VAL QA 488 -5.31 110.56 -59.34
C VAL QA 488 -3.97 110.80 -58.64
N SER QA 489 -3.62 112.06 -58.41
CA SER QA 489 -2.36 112.43 -57.79
C SER QA 489 -2.61 113.04 -56.42
N LYS QA 490 -1.69 112.76 -55.48
CA LYS QA 490 -1.79 113.32 -54.11
C LYS QA 490 -1.50 114.82 -54.19
N THR QA 491 -0.72 115.26 -55.18
CA THR QA 491 -0.50 116.72 -55.41
C THR QA 491 -1.76 117.23 -56.10
N SER QA 492 -2.53 118.11 -55.44
CA SER QA 492 -3.84 118.55 -55.99
C SER QA 492 -3.72 119.21 -57.37
N ALA QA 493 -2.76 120.11 -57.57
CA ALA QA 493 -2.68 120.84 -58.82
C ALA QA 493 -2.54 119.90 -60.01
N ASP QA 494 -2.00 118.70 -59.79
CA ASP QA 494 -1.78 117.76 -60.88
C ASP QA 494 -3.07 117.14 -61.41
N ASN QA 495 -4.19 117.29 -60.70
CA ASN QA 495 -5.44 116.66 -61.08
C ASN QA 495 -6.25 117.58 -61.98
N ASN QA 496 -7.15 116.97 -62.75
CA ASN QA 496 -8.02 117.73 -63.63
C ASN QA 496 -9.00 118.57 -62.81
N ASN QA 497 -9.25 119.79 -63.28
CA ASN QA 497 -10.14 120.73 -62.58
C ASN QA 497 -11.58 120.45 -63.01
N SER QA 498 -12.11 119.33 -62.53
CA SER QA 498 -13.47 118.93 -62.83
C SER QA 498 -13.92 117.93 -61.77
N GLU QA 499 -15.23 117.65 -61.78
CA GLU QA 499 -15.80 116.64 -60.85
C GLU QA 499 -15.87 115.32 -61.61
N TYR QA 500 -14.94 114.41 -61.33
CA TYR QA 500 -14.85 113.14 -62.02
C TYR QA 500 -14.81 111.95 -61.06
N SER QA 501 -15.31 112.13 -59.83
CA SER QA 501 -15.31 111.04 -58.87
C SER QA 501 -16.27 109.92 -59.26
N TRP QA 502 -17.23 110.19 -60.13
CA TRP QA 502 -18.16 109.18 -60.61
C TRP QA 502 -18.13 108.98 -62.11
N THR QA 503 -17.99 110.07 -62.88
CA THR QA 503 -17.92 109.93 -64.34
C THR QA 503 -16.70 109.15 -64.77
N GLY QA 504 -15.55 109.43 -64.15
CA GLY QA 504 -14.32 108.72 -64.42
C GLY QA 504 -14.09 107.51 -63.52
N ALA QA 505 -15.07 107.14 -62.71
CA ALA QA 505 -14.92 106.04 -61.77
C ALA QA 505 -15.04 104.70 -62.48
N THR QA 506 -14.40 103.68 -61.90
CA THR QA 506 -14.51 102.32 -62.38
C THR QA 506 -15.69 101.63 -61.72
N LYS QA 507 -16.61 101.11 -62.53
CA LYS QA 507 -17.90 100.64 -62.04
C LYS QA 507 -18.22 99.27 -62.62
N TYR QA 508 -19.07 98.54 -61.91
CA TYR QA 508 -19.68 97.33 -62.44
C TYR QA 508 -21.20 97.50 -62.44
N HIS QA 509 -21.85 96.94 -63.44
CA HIS QA 509 -23.27 97.10 -63.67
C HIS QA 509 -23.99 95.83 -63.25
N LEU QA 510 -24.97 95.97 -62.36
CA LEU QA 510 -25.70 94.83 -61.82
C LEU QA 510 -27.17 95.21 -61.66
N ASN QA 511 -28.05 94.56 -62.42
CA ASN QA 511 -29.49 94.77 -62.33
C ASN QA 511 -29.86 96.23 -62.57
N GLY QA 512 -29.17 96.87 -63.52
CA GLY QA 512 -29.45 98.24 -63.86
C GLY QA 512 -28.88 99.29 -62.93
N ARG QA 513 -28.13 98.85 -61.92
CA ARG QA 513 -27.49 99.85 -61.02
C ARG QA 513 -25.96 99.77 -61.07
N ASP QA 514 -25.31 100.92 -61.14
CA ASP QA 514 -23.85 101.02 -61.14
C ASP QA 514 -23.34 101.06 -59.71
N SER QA 515 -22.40 100.19 -59.39
CA SER QA 515 -21.73 100.18 -58.10
C SER QA 515 -20.26 100.49 -58.31
N LEU QA 516 -19.69 101.27 -57.39
CA LEU QA 516 -18.28 101.60 -57.46
C LEU QA 516 -17.44 100.35 -57.23
N VAL QA 517 -16.41 100.18 -58.04
CA VAL QA 517 -15.45 99.09 -57.87
C VAL QA 517 -14.38 99.60 -56.90
N ASN QA 518 -14.46 99.15 -55.66
CA ASN QA 518 -13.61 99.68 -54.60
C ASN QA 518 -13.36 98.60 -53.55
N PRO QA 519 -12.12 98.13 -53.39
CA PRO QA 519 -10.91 98.51 -54.13
C PRO QA 519 -10.72 97.71 -55.41
N GLY QA 520 -11.54 96.69 -55.64
CA GLY QA 520 -11.47 95.91 -56.85
C GLY QA 520 -10.36 94.88 -56.85
N PRO QA 521 -10.03 94.36 -58.03
CA PRO QA 521 -8.96 93.35 -58.13
C PRO QA 521 -7.63 93.92 -57.68
N ALA QA 522 -6.81 93.06 -57.07
CA ALA QA 522 -5.53 93.48 -56.53
C ALA QA 522 -4.59 93.89 -57.65
N MET QA 523 -4.21 95.17 -57.65
CA MET QA 523 -3.32 95.71 -58.67
C MET QA 523 -2.36 96.69 -58.01
N ALA QA 524 -1.20 96.88 -58.63
CA ALA QA 524 -0.20 97.79 -58.11
C ALA QA 524 -0.71 99.23 -58.16
N SER QA 525 -0.46 99.97 -57.08
CA SER QA 525 -0.92 101.36 -57.02
C SER QA 525 -0.22 102.23 -58.06
N HIS QA 526 1.07 101.99 -58.28
CA HIS QA 526 1.84 102.82 -59.19
C HIS QA 526 3.09 102.07 -59.62
N LYS QA 527 3.72 102.56 -60.67
CA LYS QA 527 4.96 101.99 -61.18
C LYS QA 527 6.14 102.65 -60.48
N ASP QA 528 7.36 102.40 -60.98
CA ASP QA 528 8.55 102.97 -60.35
C ASP QA 528 8.52 104.48 -60.37
N ASP QA 529 8.92 105.08 -59.25
CA ASP QA 529 9.10 106.53 -59.13
C ASP QA 529 7.82 107.30 -59.44
N GLU QA 530 6.68 106.75 -59.02
CA GLU QA 530 5.40 107.42 -59.20
C GLU QA 530 4.56 107.26 -57.94
N GLU QA 531 5.18 107.42 -56.77
CA GLU QA 531 4.50 107.18 -55.50
C GLU QA 531 3.38 108.18 -55.25
N LYS QA 532 3.38 109.32 -55.93
CA LYS QA 532 2.32 110.30 -55.75
C LYS QA 532 1.01 109.89 -56.42
N PHE QA 533 1.04 108.89 -57.28
CA PHE QA 533 -0.14 108.46 -58.02
C PHE QA 533 -0.76 107.23 -57.37
N PHE QA 534 -2.09 107.24 -57.25
CA PHE QA 534 -2.83 106.11 -56.73
C PHE QA 534 -4.11 105.95 -57.53
N PRO QA 535 -4.63 104.73 -57.63
CA PRO QA 535 -5.91 104.53 -58.33
C PRO QA 535 -7.04 105.23 -57.61
N GLN QA 536 -8.02 105.68 -58.40
CA GLN QA 536 -9.10 106.50 -57.87
C GLN QA 536 -9.91 105.76 -56.81
N SER QA 537 -10.21 104.49 -57.06
CA SER QA 537 -10.91 103.65 -56.07
C SER QA 537 -10.27 102.28 -56.00
N GLY QA 538 -8.96 102.22 -56.14
CA GLY QA 538 -8.24 100.95 -56.15
C GLY QA 538 -7.40 100.65 -54.93
N VAL QA 539 -7.44 101.48 -53.90
CA VAL QA 539 -6.68 101.25 -52.69
C VAL QA 539 -7.59 101.50 -51.48
N LEU QA 540 -7.26 100.86 -50.37
CA LEU QA 540 -7.93 101.15 -49.12
C LEU QA 540 -7.49 102.51 -48.59
N ILE QA 541 -8.44 103.30 -48.11
CA ILE QA 541 -8.18 104.61 -47.55
C ILE QA 541 -8.69 104.61 -46.12
N PHE QA 542 -7.78 104.75 -45.16
CA PHE QA 542 -8.12 104.80 -43.75
C PHE QA 542 -8.13 106.24 -43.27
N GLY QA 543 -9.04 106.53 -42.33
CA GLY QA 543 -9.13 107.85 -41.76
C GLY QA 543 -8.18 108.02 -40.58
N LYS QA 544 -7.57 109.20 -40.49
CA LYS QA 544 -6.77 109.53 -39.33
C LYS QA 544 -7.70 109.78 -38.14
N GLN QA 545 -7.10 109.86 -36.95
CA GLN QA 545 -7.88 110.07 -35.74
C GLN QA 545 -8.58 111.43 -35.81
N GLY QA 546 -9.86 111.44 -35.48
CA GLY QA 546 -10.65 112.65 -35.50
C GLY QA 546 -11.19 113.05 -36.85
N SER QA 547 -11.02 112.19 -37.87
CA SER QA 547 -11.46 112.54 -39.24
C SER QA 547 -12.98 112.47 -39.34
N GLU QA 548 -13.58 113.42 -40.05
CA GLU QA 548 -15.03 113.47 -40.21
C GLU QA 548 -15.49 112.41 -41.21
N LYS QA 549 -16.76 112.49 -41.60
CA LYS QA 549 -17.34 111.47 -42.47
C LYS QA 549 -17.39 111.91 -43.92
N THR QA 550 -17.71 113.17 -44.19
CA THR QA 550 -17.99 113.64 -45.54
C THR QA 550 -16.95 114.66 -45.98
N ASN QA 551 -16.35 114.41 -47.14
CA ASN QA 551 -15.51 115.37 -47.86
C ASN QA 551 -14.37 115.89 -47.00
N VAL QA 552 -13.62 114.98 -46.40
CA VAL QA 552 -12.41 115.33 -45.68
C VAL QA 552 -11.27 115.49 -46.67
N ASP QA 553 -10.29 116.32 -46.31
CA ASP QA 553 -9.18 116.58 -47.20
C ASP QA 553 -8.24 115.37 -47.26
N ILE QA 554 -7.29 115.43 -48.19
CA ILE QA 554 -6.36 114.32 -48.36
C ILE QA 554 -5.43 114.19 -47.16
N GLU QA 555 -5.11 115.31 -46.50
CA GLU QA 555 -4.26 115.26 -45.32
C GLU QA 555 -4.97 114.65 -44.12
N LYS QA 556 -6.29 114.46 -44.19
CA LYS QA 556 -7.05 113.83 -43.13
C LYS QA 556 -7.14 112.31 -43.28
N VAL QA 557 -6.66 111.76 -44.39
CA VAL QA 557 -6.76 110.33 -44.65
C VAL QA 557 -5.38 109.78 -44.97
N MET QA 558 -5.23 108.47 -44.78
CA MET QA 558 -4.00 107.75 -45.06
C MET QA 558 -4.28 106.75 -46.17
N ILE QA 559 -3.65 106.95 -47.32
CA ILE QA 559 -3.89 106.13 -48.50
C ILE QA 559 -2.86 105.02 -48.53
N THR QA 560 -3.33 103.77 -48.65
CA THR QA 560 -2.44 102.63 -48.65
C THR QA 560 -1.74 102.48 -49.99
N ASP QA 561 -0.67 101.70 -49.99
CA ASP QA 561 0.11 101.48 -51.23
C ASP QA 561 0.27 99.98 -51.46
N GLU QA 562 0.02 99.53 -52.68
CA GLU QA 562 0.16 98.15 -53.09
C GLU QA 562 1.27 97.99 -54.11
N GLU QA 563 2.40 98.66 -53.86
CA GLU QA 563 3.52 98.62 -54.79
C GLU QA 563 4.33 97.34 -54.69
N GLU QA 564 4.21 96.60 -53.58
CA GLU QA 564 5.00 95.38 -53.42
C GLU QA 564 4.55 94.28 -54.38
N ILE QA 565 3.38 94.40 -55.00
CA ILE QA 565 2.87 93.37 -55.89
C ILE QA 565 3.01 93.74 -57.36
N ARG QA 566 3.73 94.84 -57.66
CA ARG QA 566 3.94 95.21 -59.05
C ARG QA 566 4.89 94.27 -59.76
N THR QA 567 5.53 93.35 -59.05
CA THR QA 567 6.37 92.34 -59.69
C THR QA 567 5.55 91.37 -60.53
N THR QA 568 4.33 91.04 -60.08
CA THR QA 568 3.46 90.11 -60.79
C THR QA 568 2.12 90.69 -61.21
N ASN QA 569 1.70 91.80 -60.63
CA ASN QA 569 0.39 92.37 -60.92
C ASN QA 569 0.52 93.63 -61.74
N PRO QA 570 -0.36 93.84 -62.72
CA PRO QA 570 -0.29 95.06 -63.52
C PRO QA 570 -0.62 96.29 -62.69
N VAL QA 571 -0.05 97.43 -63.11
CA VAL QA 571 -0.36 98.69 -62.46
C VAL QA 571 -1.83 99.03 -62.69
N ALA QA 572 -2.48 99.50 -61.64
CA ALA QA 572 -3.93 99.68 -61.67
C ALA QA 572 -4.36 100.71 -62.71
N THR QA 573 -3.57 101.76 -62.88
CA THR QA 573 -3.95 102.88 -63.72
C THR QA 573 -3.47 102.73 -65.17
N GLU QA 574 -2.83 101.63 -65.51
CA GLU QA 574 -2.30 101.42 -66.84
C GLU QA 574 -2.97 100.20 -67.47
N GLN QA 575 -2.76 100.06 -68.78
CA GLN QA 575 -3.34 98.93 -69.51
C GLN QA 575 -2.59 97.64 -69.16
N TYR QA 576 -3.29 96.52 -69.32
CA TYR QA 576 -2.64 95.22 -69.16
C TYR QA 576 -1.59 95.01 -70.24
N GLY QA 577 -1.89 95.39 -71.47
CA GLY QA 577 -0.97 95.15 -72.57
C GLY QA 577 -1.60 95.57 -73.88
N SER QA 578 -1.10 94.95 -74.96
CA SER QA 578 -1.60 95.24 -76.30
C SER QA 578 -1.87 93.94 -77.04
N VAL QA 579 -2.90 93.97 -77.89
CA VAL QA 579 -3.25 92.85 -78.74
C VAL QA 579 -3.43 93.36 -80.16
N SER QA 580 -3.28 92.45 -81.11
CA SER QA 580 -3.52 92.79 -82.51
C SER QA 580 -5.01 92.91 -82.79
N THR QA 581 -5.36 93.81 -83.70
CA THR QA 581 -6.75 94.07 -84.03
C THR QA 581 -7.08 93.85 -85.50
N ASN QA 582 -6.09 93.58 -86.35
CA ASN QA 582 -6.33 93.38 -87.77
C ASN QA 582 -5.34 92.34 -88.29
N LEU QA 583 -5.28 92.20 -89.61
CA LEU QA 583 -4.35 91.30 -90.28
C LEU QA 583 -3.49 92.10 -91.24
N GLN QA 584 -2.22 92.26 -90.91
CA GLN QA 584 -1.29 92.96 -91.78
C GLN QA 584 -1.08 92.19 -93.07
N ARG QA 585 -0.89 92.96 -94.14
CA ARG QA 585 -0.74 92.33 -95.49
C ARG QA 585 -0.03 93.32 -96.40
N GLY QA 586 0.85 92.82 -97.27
CA GLY QA 586 1.50 93.65 -98.26
C GLY QA 586 0.71 93.73 -99.56
N ASN QA 587 1.31 94.42 -100.54
CA ASN QA 587 0.61 94.67 -101.82
C ASN QA 587 0.62 93.40 -102.68
N THR QA 594 -4.88 96.31 -101.25
CA THR QA 594 -3.82 97.30 -100.92
C THR QA 594 -3.05 96.81 -99.70
N SER QA 595 -2.04 97.56 -99.22
CA SER QA 595 -1.39 97.05 -98.02
C SER QA 595 -2.11 97.55 -96.77
N ARG QA 596 -2.03 96.75 -95.71
CA ARG QA 596 -2.59 97.09 -94.41
C ARG QA 596 -1.51 96.92 -93.35
N GLN QA 597 -1.25 97.96 -92.58
CA GLN QA 597 -0.24 97.90 -91.54
C GLN QA 597 -0.82 97.32 -90.26
N ALA QA 598 0.03 96.64 -89.50
CA ALA QA 598 -0.41 96.00 -88.26
C ALA QA 598 -0.87 97.04 -87.25
N ALA QA 599 -2.00 96.75 -86.61
CA ALA QA 599 -2.61 97.64 -85.65
C ALA QA 599 -2.76 96.94 -84.31
N THR QA 600 -2.64 97.72 -83.23
CA THR QA 600 -2.74 97.20 -81.87
C THR QA 600 -3.69 98.08 -81.06
N ALA QA 601 -4.26 97.49 -80.01
CA ALA QA 601 -5.15 98.19 -79.11
C ALA QA 601 -4.76 97.90 -77.67
N ASP QA 602 -5.00 98.87 -76.80
CA ASP QA 602 -4.76 98.68 -75.38
C ASP QA 602 -5.82 97.76 -74.78
N VAL QA 603 -5.40 96.94 -73.83
CA VAL QA 603 -6.30 96.02 -73.13
C VAL QA 603 -6.52 96.62 -71.75
N ASN QA 604 -7.59 97.42 -71.63
CA ASN QA 604 -7.90 98.07 -70.36
C ASN QA 604 -8.55 97.13 -69.36
N THR QA 605 -9.13 96.02 -69.82
CA THR QA 605 -9.68 95.01 -68.95
C THR QA 605 -9.25 93.64 -69.45
N GLN QA 606 -8.69 92.83 -68.55
CA GLN QA 606 -8.18 91.51 -68.91
C GLN QA 606 -8.70 90.50 -67.91
N GLY QA 607 -9.40 89.49 -68.41
CA GLY QA 607 -9.82 88.37 -67.58
C GLY QA 607 -8.69 87.41 -67.34
N VAL QA 608 -8.98 86.39 -66.55
CA VAL QA 608 -7.96 85.40 -66.19
C VAL QA 608 -7.66 84.53 -67.40
N LEU QA 609 -6.37 84.38 -67.70
CA LEU QA 609 -5.87 83.54 -68.76
C LEU QA 609 -5.07 82.37 -68.16
N PRO QA 610 -5.00 81.24 -68.87
CA PRO QA 610 -4.12 80.16 -68.40
C PRO QA 610 -2.67 80.61 -68.34
N GLY QA 611 -1.97 80.19 -67.29
CA GLY QA 611 -0.61 80.62 -67.06
C GLY QA 611 -0.48 81.94 -66.32
N MET QA 612 -1.58 82.53 -65.86
CA MET QA 612 -1.53 83.84 -65.16
C MET QA 612 -1.22 83.64 -63.68
N VAL QA 613 -0.35 84.48 -63.12
CA VAL QA 613 0.06 84.47 -61.72
C VAL QA 613 -0.13 85.87 -61.16
N TRP QA 614 -0.56 85.96 -59.91
CA TRP QA 614 -0.85 87.24 -59.29
C TRP QA 614 -0.72 87.11 -57.78
N GLN QA 615 -0.67 88.27 -57.11
CA GLN QA 615 -0.66 88.35 -55.66
C GLN QA 615 -1.95 89.01 -55.19
N ASP QA 616 -2.45 88.57 -54.05
CA ASP QA 616 -3.67 89.15 -53.50
C ASP QA 616 -3.38 90.48 -52.83
N ARG QA 617 -4.44 91.19 -52.45
CA ARG QA 617 -4.29 92.47 -51.79
C ARG QA 617 -3.70 92.27 -50.39
N ASP QA 618 -2.87 93.21 -49.97
CA ASP QA 618 -2.24 93.14 -48.65
C ASP QA 618 -3.27 93.39 -47.56
N VAL QA 619 -2.99 92.85 -46.37
CA VAL QA 619 -3.78 93.12 -45.18
C VAL QA 619 -3.03 94.14 -44.34
N TYR QA 620 -3.79 94.89 -43.54
CA TYR QA 620 -3.25 95.97 -42.75
C TYR QA 620 -3.70 95.83 -41.30
N LEU QA 621 -2.99 96.52 -40.41
CA LEU QA 621 -3.35 96.47 -39.00
C LEU QA 621 -4.76 97.02 -38.78
N GLN QA 622 -5.12 98.09 -39.47
CA GLN QA 622 -6.46 98.64 -39.42
C GLN QA 622 -7.42 97.95 -40.37
N GLY QA 623 -6.95 97.01 -41.19
CA GLY QA 623 -7.76 96.40 -42.20
C GLY QA 623 -8.59 95.24 -41.70
N PRO QA 624 -9.50 94.76 -42.53
CA PRO QA 624 -10.32 93.60 -42.16
C PRO QA 624 -9.51 92.31 -42.20
N ILE QA 625 -9.99 91.33 -41.44
CA ILE QA 625 -9.34 90.03 -41.34
C ILE QA 625 -9.94 89.03 -42.31
N TRP QA 626 -11.27 88.93 -42.35
CA TRP QA 626 -11.93 87.89 -43.12
C TRP QA 626 -13.18 88.45 -43.77
N ALA QA 627 -13.82 87.62 -44.59
CA ALA QA 627 -15.12 87.90 -45.16
C ALA QA 627 -15.78 86.58 -45.51
N LYS QA 628 -17.12 86.60 -45.57
CA LYS QA 628 -17.87 85.39 -45.91
C LYS QA 628 -17.96 85.25 -47.43
N ILE QA 629 -17.53 84.11 -47.93
CA ILE QA 629 -17.68 83.84 -49.36
C ILE QA 629 -19.17 83.67 -49.68
N PRO QA 630 -19.71 84.40 -50.65
CA PRO QA 630 -21.14 84.27 -50.95
C PRO QA 630 -21.50 82.86 -51.37
N HIS QA 631 -22.68 82.41 -50.95
CA HIS QA 631 -23.17 81.08 -51.27
C HIS QA 631 -23.67 81.09 -52.71
N THR QA 632 -22.77 80.79 -53.64
CA THR QA 632 -23.07 80.82 -55.06
C THR QA 632 -22.57 79.53 -55.70
N ASP QA 633 -23.08 79.25 -56.89
CA ASP QA 633 -22.70 78.00 -57.61
C ASP QA 633 -21.23 78.07 -57.99
N GLY QA 634 -20.75 79.23 -58.43
CA GLY QA 634 -19.38 79.37 -58.86
C GLY QA 634 -18.75 80.64 -58.32
N HIS QA 635 -17.44 80.55 -58.11
CA HIS QA 635 -16.61 81.69 -57.74
C HIS QA 635 -15.17 81.34 -58.07
N PHE QA 636 -14.39 82.36 -58.41
CA PHE QA 636 -12.99 82.17 -58.78
C PHE QA 636 -12.13 82.92 -57.78
N HIS QA 637 -11.19 82.20 -57.16
CA HIS QA 637 -10.25 82.75 -56.19
C HIS QA 637 -10.98 83.59 -55.15
N PRO QA 638 -11.71 82.97 -54.22
CA PRO QA 638 -12.56 83.70 -53.28
C PRO QA 638 -11.79 84.37 -52.13
N SER QA 639 -10.72 85.07 -52.48
CA SER QA 639 -10.08 85.98 -51.55
C SER QA 639 -10.80 87.32 -51.56
N PRO QA 640 -11.17 87.86 -50.41
CA PRO QA 640 -11.90 89.14 -50.38
C PRO QA 640 -11.10 90.24 -51.06
N LEU QA 641 -11.79 91.06 -51.84
CA LEU QA 641 -11.12 92.12 -52.58
C LEU QA 641 -10.60 93.22 -51.67
N MET QA 642 -11.26 93.44 -50.53
CA MET QA 642 -10.78 94.40 -49.55
C MET QA 642 -9.57 93.90 -48.77
N GLY QA 643 -9.21 92.64 -48.91
CA GLY QA 643 -8.08 92.06 -48.22
C GLY QA 643 -8.50 91.14 -47.09
N GLY QA 644 -7.78 90.03 -46.96
CA GLY QA 644 -8.07 89.10 -45.89
C GLY QA 644 -8.25 87.66 -46.33
N PHE QA 645 -8.96 86.88 -45.52
CA PHE QA 645 -9.15 85.45 -45.74
C PHE QA 645 -10.60 85.19 -46.11
N GLY QA 646 -10.81 84.52 -47.25
CA GLY QA 646 -12.13 84.13 -47.64
C GLY QA 646 -12.58 82.86 -46.94
N LEU QA 647 -13.70 82.92 -46.24
CA LEU QA 647 -14.19 81.80 -45.43
C LEU QA 647 -15.59 81.43 -45.87
N LYS QA 648 -15.78 80.15 -46.21
CA LYS QA 648 -17.12 79.66 -46.50
C LYS QA 648 -17.98 79.65 -45.25
N HIS QA 649 -17.38 79.35 -44.10
CA HIS QA 649 -18.03 79.39 -42.80
C HIS QA 649 -17.20 80.32 -41.90
N PRO QA 650 -17.41 81.62 -42.00
CA PRO QA 650 -16.62 82.57 -41.21
C PRO QA 650 -17.05 82.53 -39.75
N PRO QA 651 -16.35 83.24 -38.86
CA PRO QA 651 -16.81 83.34 -37.48
C PRO QA 651 -18.23 83.85 -37.42
N PRO QA 652 -19.11 83.16 -36.69
CA PRO QA 652 -20.53 83.52 -36.72
C PRO QA 652 -20.80 84.88 -36.10
N GLN QA 653 -21.86 85.52 -36.58
CA GLN QA 653 -22.30 86.77 -35.99
C GLN QA 653 -22.82 86.52 -34.57
N ILE QA 654 -22.42 87.39 -33.65
CA ILE QA 654 -22.83 87.30 -32.26
C ILE QA 654 -23.80 88.45 -32.01
N LEU QA 655 -25.06 88.11 -31.79
CA LEU QA 655 -26.12 89.10 -31.63
C LEU QA 655 -26.47 89.24 -30.15
N ILE QA 656 -26.57 90.48 -29.68
CA ILE QA 656 -26.86 90.78 -28.29
C ILE QA 656 -27.88 91.91 -28.24
N LYS QA 657 -28.84 91.79 -27.33
CA LYS QA 657 -29.82 92.85 -27.12
C LYS QA 657 -30.33 92.79 -25.70
N ASN QA 658 -30.85 93.93 -25.22
CA ASN QA 658 -31.44 93.99 -23.90
C ASN QA 658 -32.87 93.49 -23.95
N THR QA 659 -33.24 92.65 -23.00
CA THR QA 659 -34.60 92.15 -22.93
C THR QA 659 -35.53 93.29 -22.54
N PRO QA 660 -36.59 93.54 -23.32
CA PRO QA 660 -37.50 94.64 -22.97
C PRO QA 660 -38.22 94.36 -21.66
N VAL QA 661 -38.19 95.36 -20.77
CA VAL QA 661 -38.87 95.29 -19.48
C VAL QA 661 -40.06 96.24 -19.54
N PRO QA 662 -41.29 95.73 -19.57
CA PRO QA 662 -42.46 96.62 -19.66
C PRO QA 662 -42.57 97.53 -18.45
N ALA QA 663 -43.06 98.74 -18.70
CA ALA QA 663 -43.32 99.70 -17.64
C ALA QA 663 -44.65 99.34 -16.97
N ASN QA 664 -45.18 100.24 -16.16
CA ASN QA 664 -46.39 99.95 -15.39
C ASN QA 664 -47.57 99.70 -16.32
N PRO QA 665 -48.19 98.52 -16.27
CA PRO QA 665 -49.34 98.25 -17.13
C PRO QA 665 -50.64 98.79 -16.54
N SER QA 666 -51.64 98.83 -17.41
CA SER QA 666 -52.99 99.27 -16.99
C SER QA 666 -53.66 98.15 -16.21
N THR QA 667 -54.44 98.50 -15.20
CA THR QA 667 -55.17 97.49 -14.42
C THR QA 667 -56.29 96.85 -15.21
N THR QA 668 -56.68 97.42 -16.34
CA THR QA 668 -57.66 96.84 -17.23
C THR QA 668 -56.94 96.21 -18.42
N PHE QA 669 -57.42 95.04 -18.85
CA PHE QA 669 -56.75 94.33 -19.94
C PHE QA 669 -56.86 95.11 -21.24
N SER QA 670 -55.75 95.17 -21.97
CA SER QA 670 -55.70 95.79 -23.28
C SER QA 670 -54.97 94.85 -24.24
N ALA QA 671 -55.58 94.58 -25.38
CA ALA QA 671 -54.98 93.69 -26.37
C ALA QA 671 -53.89 94.36 -27.19
N ALA QA 672 -53.75 95.68 -27.08
CA ALA QA 672 -52.69 96.39 -27.79
C ALA QA 672 -51.33 95.97 -27.25
N LYS QA 673 -50.37 95.80 -28.15
CA LYS QA 673 -49.03 95.42 -27.73
C LYS QA 673 -48.40 96.53 -26.90
N PHE QA 674 -47.51 96.11 -26.00
CA PHE QA 674 -46.87 97.08 -25.07
C PHE QA 674 -46.02 98.09 -25.83
N ALA QA 675 -46.21 99.38 -25.52
CA ALA QA 675 -45.42 100.44 -26.13
C ALA QA 675 -44.62 101.24 -25.11
N SER QA 676 -44.82 101.02 -23.81
CA SER QA 676 -44.10 101.71 -22.76
C SER QA 676 -43.18 100.73 -22.07
N PHE QA 677 -41.89 101.08 -21.97
CA PHE QA 677 -40.89 100.22 -21.38
C PHE QA 677 -40.00 101.04 -20.45
N ILE QA 678 -39.33 100.34 -19.54
CA ILE QA 678 -38.35 100.97 -18.67
C ILE QA 678 -37.08 101.20 -19.48
N THR QA 679 -36.61 102.44 -19.51
CA THR QA 679 -35.39 102.77 -20.24
C THR QA 679 -34.20 102.11 -19.55
N GLN QA 680 -33.39 101.39 -20.33
CA GLN QA 680 -32.26 100.70 -19.75
C GLN QA 680 -31.23 100.39 -20.83
N TYR QA 681 -29.99 100.21 -20.37
CA TYR QA 681 -28.89 99.80 -21.21
C TYR QA 681 -28.08 98.76 -20.45
N SER QA 682 -27.08 98.20 -21.11
CA SER QA 682 -26.22 97.21 -20.47
C SER QA 682 -24.77 97.53 -20.76
N THR QA 683 -23.90 97.10 -19.84
CA THR QA 683 -22.46 97.23 -20.00
C THR QA 683 -21.81 95.95 -19.53
N GLY QA 684 -20.62 95.68 -20.04
CA GLY QA 684 -19.94 94.46 -19.67
C GLY QA 684 -18.59 94.38 -20.34
N GLN QA 685 -17.99 93.19 -20.26
CA GLN QA 685 -16.68 92.93 -20.84
C GLN QA 685 -16.79 91.85 -21.90
N VAL QA 686 -15.99 91.98 -22.94
CA VAL QA 686 -15.95 91.03 -24.05
C VAL QA 686 -14.51 90.58 -24.25
N SER QA 687 -14.31 89.29 -24.44
CA SER QA 687 -12.98 88.71 -24.65
C SER QA 687 -12.95 87.94 -25.96
N VAL QA 688 -11.92 88.20 -26.77
CA VAL QA 688 -11.70 87.50 -28.02
C VAL QA 688 -10.29 86.96 -28.01
N GLU QA 689 -10.13 85.65 -28.15
CA GLU QA 689 -8.82 85.01 -28.22
C GLU QA 689 -8.72 84.23 -29.52
N ILE QA 690 -7.73 84.58 -30.34
CA ILE QA 690 -7.52 83.94 -31.63
C ILE QA 690 -6.14 83.33 -31.67
N GLU QA 691 -6.06 82.07 -32.09
CA GLU QA 691 -4.80 81.40 -32.33
C GLU QA 691 -4.45 81.52 -33.81
N TRP QA 692 -3.24 81.99 -34.10
CA TRP QA 692 -2.76 82.17 -35.47
C TRP QA 692 -1.60 81.23 -35.72
N GLU QA 693 -1.55 80.67 -36.92
CA GLU QA 693 -0.43 79.84 -37.35
C GLU QA 693 0.53 80.68 -38.19
N LEU QA 694 1.82 80.50 -37.95
CA LEU QA 694 2.86 81.28 -38.59
C LEU QA 694 3.62 80.43 -39.60
N GLN QA 695 4.00 81.05 -40.70
CA GLN QA 695 4.86 80.45 -41.72
C GLN QA 695 6.23 81.12 -41.59
N LYS QA 696 7.17 80.42 -40.97
CA LYS QA 696 8.46 81.02 -40.65
C LYS QA 696 9.26 81.30 -41.92
N GLU QA 697 9.92 82.44 -41.94
CA GLU QA 697 10.77 82.82 -43.07
C GLU QA 697 11.99 81.92 -43.13
N ASN QA 698 12.33 81.46 -44.34
CA ASN QA 698 13.44 80.55 -44.58
C ASN QA 698 14.28 81.08 -45.74
N SER QA 699 14.60 82.37 -45.69
CA SER QA 699 15.31 83.01 -46.79
C SER QA 699 16.80 82.71 -46.73
N LYS QA 700 17.47 82.80 -47.88
CA LYS QA 700 18.95 82.60 -47.95
C LYS QA 700 19.60 83.83 -48.59
N ARG QA 701 18.92 84.97 -48.59
CA ARG QA 701 19.55 86.19 -49.09
C ARG QA 701 20.67 86.63 -48.17
N TRP QA 702 21.66 87.32 -48.75
CA TRP QA 702 22.85 87.71 -48.01
C TRP QA 702 22.70 89.07 -47.35
N ASN QA 703 22.30 90.07 -48.11
CA ASN QA 703 22.20 91.42 -47.59
C ASN QA 703 20.94 91.59 -46.74
N PRO QA 704 20.90 92.56 -45.79
CA PRO QA 704 19.75 92.72 -44.90
C PRO QA 704 18.43 93.03 -45.65
N GLU QA 705 17.29 92.82 -45.01
CA GLU QA 705 15.96 93.00 -45.65
C GLU QA 705 15.31 94.30 -45.22
N ILE QA 706 14.22 94.71 -45.86
CA ILE QA 706 13.47 95.87 -45.31
C ILE QA 706 12.63 95.42 -44.12
N GLN QA 707 12.69 96.14 -43.00
CA GLN QA 707 11.87 95.82 -41.85
C GLN QA 707 11.11 97.07 -41.42
N TYR QA 708 9.91 96.87 -40.89
CA TYR QA 708 9.19 97.99 -40.30
C TYR QA 708 9.87 98.41 -39.00
N THR QA 709 9.98 99.72 -38.80
CA THR QA 709 10.69 100.25 -37.65
C THR QA 709 10.09 101.58 -37.24
N SER QA 710 10.31 101.92 -35.98
CA SER QA 710 9.88 103.25 -35.50
C SER QA 710 10.96 104.25 -35.89
N ASN QA 711 10.65 105.54 -35.96
CA ASN QA 711 11.70 106.49 -36.39
C ASN QA 711 12.41 106.97 -35.14
N TYR QA 712 13.75 106.97 -35.13
CA TYR QA 712 14.51 107.31 -33.91
C TYR QA 712 14.42 108.80 -33.60
N ASN QA 713 14.27 109.66 -34.61
CA ASN QA 713 14.30 111.08 -34.31
C ASN QA 713 13.24 111.48 -33.30
N LYS QA 714 13.56 112.53 -32.54
CA LYS QA 714 12.64 113.02 -31.49
C LYS QA 714 11.36 113.54 -32.10
N SER QA 715 10.29 113.46 -31.33
CA SER QA 715 9.00 113.94 -31.78
C SER QA 715 8.18 114.36 -30.57
N ILE QA 716 7.16 115.19 -30.84
CA ILE QA 716 6.27 115.62 -29.76
C ILE QA 716 5.51 114.44 -29.19
N ASN QA 717 5.02 113.55 -30.05
CA ASN QA 717 4.26 112.38 -29.65
C ASN QA 717 4.93 111.11 -30.16
N VAL QA 718 4.81 110.04 -29.39
CA VAL QA 718 5.28 108.73 -29.82
C VAL QA 718 4.20 108.09 -30.68
N ASP QA 719 4.62 107.37 -31.72
CA ASP QA 719 3.67 106.73 -32.61
C ASP QA 719 2.93 105.61 -31.90
N PHE QA 720 1.64 105.46 -32.23
CA PHE QA 720 0.78 104.40 -31.68
C PHE QA 720 0.70 104.47 -30.16
N THR QA 721 0.62 105.69 -29.63
CA THR QA 721 0.40 105.93 -28.22
C THR QA 721 -0.72 106.95 -28.06
N VAL QA 722 -0.93 107.40 -26.84
CA VAL QA 722 -1.94 108.41 -26.55
C VAL QA 722 -1.25 109.77 -26.47
N ASP QA 723 -2.01 110.82 -26.76
CA ASP QA 723 -1.49 112.18 -26.66
C ASP QA 723 -1.80 112.75 -25.27
N THR QA 724 -1.62 114.05 -25.12
CA THR QA 724 -1.86 114.70 -23.81
C THR QA 724 -3.36 114.64 -23.48
N ASN QA 725 -4.20 114.35 -24.46
CA ASN QA 725 -5.66 114.19 -24.22
C ASN QA 725 -5.97 112.71 -23.98
N GLY QA 726 -4.94 111.85 -24.01
CA GLY QA 726 -5.16 110.40 -23.82
C GLY QA 726 -5.88 109.79 -25.01
N VAL QA 727 -5.83 110.46 -26.16
CA VAL QA 727 -6.53 109.97 -27.38
C VAL QA 727 -5.58 109.05 -28.15
N TYR QA 728 -5.95 107.78 -28.33
CA TYR QA 728 -5.11 106.85 -29.08
C TYR QA 728 -5.26 107.10 -30.57
N SER QA 729 -4.14 107.09 -31.28
CA SER QA 729 -4.15 107.31 -32.72
C SER QA 729 -3.21 106.31 -33.38
N GLU QA 730 -3.52 105.99 -34.64
CA GLU QA 730 -2.67 105.13 -35.46
C GLU QA 730 -2.10 105.99 -36.59
N PRO QA 731 -0.83 106.41 -36.50
CA PRO QA 731 -0.32 107.43 -37.43
C PRO QA 731 -0.33 107.01 -38.89
N ARG QA 732 -0.10 105.74 -39.21
CA ARG QA 732 -0.01 105.30 -40.60
C ARG QA 732 -0.51 103.88 -40.71
N PRO QA 733 -0.94 103.46 -41.89
CA PRO QA 733 -1.26 102.04 -42.10
C PRO QA 733 0.01 101.22 -42.22
N ILE QA 734 0.02 100.06 -41.58
CA ILE QA 734 1.14 99.13 -41.66
C ILE QA 734 0.66 97.88 -42.38
N GLY QA 735 1.33 97.54 -43.48
CA GLY QA 735 1.06 96.32 -44.18
C GLY QA 735 1.80 95.15 -43.55
N THR QA 736 1.98 94.10 -44.34
CA THR QA 736 2.72 92.93 -43.88
C THR QA 736 3.88 92.54 -44.76
N ARG QA 737 4.07 93.19 -45.91
CA ARG QA 737 4.99 92.72 -46.94
C ARG QA 737 6.31 93.47 -46.82
N TYR QA 738 7.16 92.98 -45.92
CA TYR QA 738 8.49 93.54 -45.71
C TYR QA 738 9.61 92.55 -46.01
N LEU QA 739 9.45 91.30 -45.61
CA LEU QA 739 10.41 90.28 -46.01
C LEU QA 739 10.25 89.98 -47.50
N THR QA 740 11.26 89.35 -48.08
CA THR QA 740 11.28 89.05 -49.51
C THR QA 740 11.45 87.56 -49.74
N ARG QA 741 10.84 87.10 -50.84
CA ARG QA 741 10.99 85.69 -51.27
C ARG QA 741 11.14 85.72 -52.79
N ASN QA 742 11.89 84.77 -53.37
CA ASN QA 742 12.02 84.66 -54.82
C ASN QA 742 10.72 84.17 -55.44
N LEU QA 743 10.52 84.55 -56.70
CA LEU QA 743 9.35 84.09 -57.45
C LEU QA 743 9.40 82.59 -57.69
N ALA RA 218 -86.33 9.10 -3.19
CA ALA RA 218 -85.16 9.87 -3.66
C ALA RA 218 -85.31 11.32 -3.22
N ASP RA 219 -86.52 11.85 -3.31
CA ASP RA 219 -86.73 13.30 -3.03
C ASP RA 219 -87.90 13.43 -2.05
N GLY RA 220 -88.34 12.31 -1.48
CA GLY RA 220 -89.40 12.41 -0.45
C GLY RA 220 -90.50 13.38 -0.85
N VAL RA 221 -91.01 14.16 0.10
CA VAL RA 221 -92.15 15.06 -0.18
C VAL RA 221 -91.61 16.47 -0.10
N GLY RA 222 -91.65 17.21 -1.19
CA GLY RA 222 -91.22 18.58 -1.24
C GLY RA 222 -89.94 18.83 -2.01
N ASN RA 223 -89.30 17.79 -2.51
CA ASN RA 223 -88.10 17.93 -3.33
C ASN RA 223 -88.41 17.46 -4.74
N SER RA 224 -88.15 18.31 -5.72
CA SER RA 224 -88.43 17.98 -7.11
C SER RA 224 -87.44 16.92 -7.60
N SER RA 225 -87.96 15.95 -8.36
CA SER RA 225 -87.16 14.87 -8.90
C SER RA 225 -86.82 15.06 -10.37
N GLY RA 226 -87.09 16.24 -10.93
CA GLY RA 226 -86.75 16.50 -12.32
C GLY RA 226 -87.06 17.94 -12.68
N ASN RA 227 -86.65 18.31 -13.88
CA ASN RA 227 -86.83 19.65 -14.40
C ASN RA 227 -87.51 19.58 -15.76
N TRP RA 228 -88.04 20.72 -16.20
CA TRP RA 228 -88.71 20.82 -17.49
C TRP RA 228 -87.67 21.06 -18.58
N HIS RA 229 -87.51 20.09 -19.46
CA HIS RA 229 -86.54 20.20 -20.58
C HIS RA 229 -87.31 20.03 -21.89
N CYS RA 230 -87.72 21.13 -22.50
CA CYS RA 230 -88.42 21.07 -23.81
C CYS RA 230 -87.66 22.01 -24.75
N ASP RA 231 -86.90 21.45 -25.70
CA ASP RA 231 -86.06 22.30 -26.58
C ASP RA 231 -85.41 21.48 -27.68
N SER RA 232 -84.71 22.12 -28.62
CA SER RA 232 -83.97 21.34 -29.60
C SER RA 232 -82.63 22.00 -29.86
N THR RA 233 -81.59 21.17 -30.05
CA THR RA 233 -80.25 21.64 -30.32
C THR RA 233 -79.79 21.08 -31.66
N TRP RA 234 -79.37 21.95 -32.55
CA TRP RA 234 -78.84 21.56 -33.85
C TRP RA 234 -77.32 21.69 -33.81
N MET RA 235 -76.63 20.56 -34.00
CA MET RA 235 -75.14 20.56 -33.95
C MET RA 235 -74.62 19.76 -35.15
N GLY RA 236 -74.31 20.45 -36.25
CA GLY RA 236 -73.77 19.79 -37.42
C GLY RA 236 -74.78 18.84 -38.04
N ASP RA 237 -74.39 17.56 -38.11
CA ASP RA 237 -75.23 16.52 -38.70
C ASP RA 237 -76.14 15.86 -37.67
N ARG RA 238 -76.43 16.53 -36.56
CA ARG RA 238 -77.31 15.99 -35.53
C ARG RA 238 -78.30 17.05 -35.08
N VAL RA 239 -79.51 16.62 -34.71
CA VAL RA 239 -80.47 17.46 -34.03
C VAL RA 239 -81.05 16.65 -32.88
N THR RA 240 -80.98 17.19 -31.68
CA THR RA 240 -81.51 16.54 -30.48
C THR RA 240 -82.76 17.28 -30.05
N THR RA 241 -83.90 16.61 -30.09
CA THR RA 241 -85.18 17.19 -29.69
C THR RA 241 -85.58 16.62 -28.34
N THR RA 242 -85.93 17.50 -27.41
CA THR RA 242 -86.39 17.11 -26.08
C THR RA 242 -87.78 17.69 -25.84
N SER RA 243 -88.66 16.89 -25.25
CA SER RA 243 -90.03 17.31 -25.00
C SER RA 243 -90.43 16.91 -23.59
N THR RA 244 -91.18 17.78 -22.93
CA THR RA 244 -91.74 17.49 -21.62
C THR RA 244 -93.23 17.76 -21.65
N ARG RA 245 -94.02 16.86 -21.05
CA ARG RA 245 -95.46 16.99 -21.00
C ARG RA 245 -95.94 16.62 -19.61
N THR RA 246 -97.14 17.08 -19.28
CA THR RA 246 -97.81 16.71 -18.04
C THR RA 246 -98.88 15.68 -18.35
N TRP RA 247 -98.83 14.54 -17.69
CA TRP RA 247 -99.74 13.43 -17.94
C TRP RA 247 -100.62 13.17 -16.73
N ALA RA 248 -101.78 12.59 -17.00
CA ALA RA 248 -102.71 12.14 -15.98
C ALA RA 248 -103.05 10.68 -16.21
N LEU RA 249 -102.90 9.87 -15.18
CA LEU RA 249 -103.14 8.43 -15.29
C LEU RA 249 -104.25 8.02 -14.33
N PRO RA 250 -105.41 7.64 -14.81
CA PRO RA 250 -106.49 7.18 -13.94
C PRO RA 250 -106.29 5.71 -13.58
N THR RA 251 -107.26 5.17 -12.84
CA THR RA 251 -107.32 3.74 -12.57
C THR RA 251 -108.16 3.08 -13.64
N TYR RA 252 -107.58 2.10 -14.33
CA TYR RA 252 -108.22 1.46 -15.46
C TYR RA 252 -108.79 0.11 -15.07
N ASN RA 253 -110.02 -0.16 -15.49
CA ASN RA 253 -110.72 -1.43 -15.27
C ASN RA 253 -110.92 -1.73 -13.79
N ASN RA 254 -110.77 -0.73 -12.92
CA ASN RA 254 -110.84 -0.92 -11.48
C ASN RA 254 -109.84 -1.99 -11.02
N HIS RA 255 -108.60 -1.84 -11.48
CA HIS RA 255 -107.47 -2.72 -11.13
C HIS RA 255 -107.67 -4.16 -11.59
N LEU RA 256 -108.42 -4.39 -12.66
CA LEU RA 256 -108.77 -5.73 -13.09
C LEU RA 256 -108.31 -5.99 -14.51
N TYR RA 257 -108.13 -7.28 -14.83
CA TYR RA 257 -107.88 -7.67 -16.22
C TYR RA 257 -109.22 -8.25 -16.68
N LYS RA 258 -109.75 -7.81 -17.79
CA LYS RA 258 -111.04 -8.21 -18.32
C LYS RA 258 -110.86 -8.78 -19.72
N GLN RA 259 -111.40 -9.98 -19.94
CA GLN RA 259 -111.42 -10.56 -21.27
C GLN RA 259 -112.40 -9.78 -22.14
N ILE RA 260 -111.94 -9.38 -23.33
CA ILE RA 260 -112.76 -8.62 -24.26
C ILE RA 260 -112.85 -9.39 -25.57
N SER RA 261 -113.93 -9.16 -26.31
CA SER RA 261 -114.15 -9.82 -27.58
C SER RA 261 -115.13 -9.00 -28.38
N SER RA 262 -115.22 -9.32 -29.67
CA SER RA 262 -116.16 -8.64 -30.54
C SER RA 262 -117.59 -8.93 -30.12
N GLN RA 263 -118.46 -7.96 -30.40
CA GLN RA 263 -119.88 -8.12 -29.98
C GLN RA 263 -120.52 -9.20 -30.82
N SER RA 264 -121.49 -9.90 -30.22
CA SER RA 264 -122.25 -10.89 -31.01
C SER RA 264 -123.01 -10.15 -32.11
N GLY RA 265 -123.11 -10.75 -33.28
CA GLY RA 265 -123.75 -10.15 -34.44
C GLY RA 265 -122.81 -9.36 -35.33
N ALA RA 266 -121.56 -9.18 -34.94
CA ALA RA 266 -120.60 -8.51 -35.78
C ALA RA 266 -120.24 -9.36 -36.99
N SER RA 267 -119.78 -8.71 -38.05
CA SER RA 267 -119.35 -9.43 -39.23
C SER RA 267 -118.08 -10.21 -38.94
N ASN RA 268 -117.79 -11.20 -39.80
CA ASN RA 268 -116.60 -12.02 -39.60
C ASN RA 268 -115.33 -11.20 -39.69
N ASP RA 269 -115.32 -10.17 -40.55
CA ASP RA 269 -114.12 -9.33 -40.67
C ASP RA 269 -113.85 -8.54 -39.41
N ASN RA 270 -114.89 -8.26 -38.62
CA ASN RA 270 -114.75 -7.45 -37.41
C ASN RA 270 -114.65 -8.28 -36.14
N HIS RA 271 -114.59 -9.61 -36.25
CA HIS RA 271 -114.47 -10.44 -35.07
C HIS RA 271 -113.07 -10.36 -34.47
N TYR RA 272 -112.99 -10.34 -33.14
CA TYR RA 272 -111.72 -10.29 -32.46
C TYR RA 272 -111.86 -10.85 -31.05
N PHE RA 273 -110.72 -11.19 -30.46
CA PHE RA 273 -110.64 -11.64 -29.08
C PHE RA 273 -109.35 -11.10 -28.47
N GLY RA 274 -109.42 -10.68 -27.23
CA GLY RA 274 -108.25 -10.12 -26.58
C GLY RA 274 -108.50 -9.87 -25.12
N TYR RA 275 -107.59 -9.12 -24.51
CA TYR RA 275 -107.68 -8.81 -23.09
C TYR RA 275 -107.42 -7.34 -22.86
N SER RA 276 -108.13 -6.77 -21.90
CA SER RA 276 -107.95 -5.39 -21.47
C SER RA 276 -107.22 -5.38 -20.13
N THR RA 277 -106.14 -4.62 -20.05
CA THR RA 277 -105.33 -4.59 -18.85
C THR RA 277 -105.56 -3.30 -18.07
N PRO RA 278 -105.34 -3.32 -16.74
CA PRO RA 278 -105.45 -2.09 -15.95
C PRO RA 278 -104.27 -1.13 -16.12
N TRP RA 279 -103.32 -1.44 -16.99
CA TRP RA 279 -102.15 -0.61 -17.19
C TRP RA 279 -102.39 0.42 -18.29
N GLY RA 280 -101.59 1.49 -18.24
CA GLY RA 280 -101.49 2.44 -19.31
C GLY RA 280 -100.12 2.37 -19.95
N TYR RA 281 -99.96 3.09 -21.04
CA TYR RA 281 -98.68 3.12 -21.75
C TYR RA 281 -98.41 4.52 -22.28
N PHE RA 282 -97.12 4.85 -22.33
CA PHE RA 282 -96.68 6.15 -22.83
C PHE RA 282 -96.32 6.04 -24.31
N ASP RA 283 -97.00 6.80 -25.15
CA ASP RA 283 -96.82 6.76 -26.59
C ASP RA 283 -96.25 8.10 -27.05
N PHE RA 284 -95.12 8.06 -27.75
CA PHE RA 284 -94.58 9.24 -28.42
C PHE RA 284 -94.16 8.89 -29.84
N ASN RA 285 -94.92 8.02 -30.49
CA ASN RA 285 -94.63 7.56 -31.86
C ASN RA 285 -95.29 8.46 -32.90
N ARG RA 286 -95.10 9.78 -32.76
CA ARG RA 286 -95.54 10.76 -33.74
C ARG RA 286 -94.53 11.88 -33.77
N PHE RA 287 -94.27 12.44 -34.94
CA PHE RA 287 -93.17 13.45 -35.06
C PHE RA 287 -93.50 14.74 -34.30
N HIS RA 288 -94.79 15.09 -34.20
CA HIS RA 288 -95.21 16.35 -33.53
C HIS RA 288 -94.88 16.28 -32.02
N CYS RA 289 -94.64 15.09 -31.49
CA CYS RA 289 -94.31 14.90 -30.05
C CYS RA 289 -92.89 15.37 -29.77
N HIS RA 290 -92.06 15.52 -30.81
CA HIS RA 290 -90.68 15.92 -30.63
C HIS RA 290 -90.27 17.15 -31.43
N PHE RA 291 -90.88 17.39 -32.59
CA PHE RA 291 -90.53 18.49 -33.46
C PHE RA 291 -91.60 19.57 -33.40
N SER RA 292 -91.19 20.80 -33.16
CA SER RA 292 -92.07 21.93 -33.36
C SER RA 292 -92.23 22.19 -34.86
N PRO RA 293 -93.28 22.90 -35.28
CA PRO RA 293 -93.42 23.22 -36.70
C PRO RA 293 -92.21 23.96 -37.28
N ARG RA 294 -91.61 24.88 -36.52
CA ARG RA 294 -90.39 25.52 -36.98
C ARG RA 294 -89.24 24.52 -37.08
N ASP RA 295 -89.17 23.58 -36.12
CA ASP RA 295 -88.17 22.52 -36.20
C ASP RA 295 -88.38 21.65 -37.43
N TRP RA 296 -89.64 21.32 -37.73
CA TRP RA 296 -89.94 20.54 -38.93
C TRP RA 296 -89.54 21.29 -40.20
N GLN RA 297 -89.84 22.59 -40.25
CA GLN RA 297 -89.47 23.38 -41.42
C GLN RA 297 -87.96 23.46 -41.57
N ARG RA 298 -87.24 23.61 -40.46
CA ARG RA 298 -85.78 23.59 -40.50
C ARG RA 298 -85.24 22.24 -40.96
N LEU RA 299 -85.91 21.15 -40.58
CA LEU RA 299 -85.45 19.82 -40.96
C LEU RA 299 -85.69 19.56 -42.45
N ILE RA 300 -86.89 19.87 -42.94
CA ILE RA 300 -87.28 19.42 -44.27
C ILE RA 300 -86.77 20.35 -45.38
N ASN RA 301 -86.44 21.59 -45.06
CA ASN RA 301 -85.97 22.53 -46.07
C ASN RA 301 -84.47 22.48 -46.30
N ASN RA 302 -83.73 21.72 -45.50
CA ASN RA 302 -82.28 21.76 -45.54
C ASN RA 302 -81.62 20.39 -45.58
N ASN RA 303 -82.34 19.30 -45.37
CA ASN RA 303 -81.76 17.98 -45.26
C ASN RA 303 -82.35 17.04 -46.30
N TRP RA 304 -81.49 16.18 -46.85
CA TRP RA 304 -81.91 15.14 -47.77
C TRP RA 304 -82.34 13.86 -47.07
N GLY RA 305 -82.17 13.78 -45.76
CA GLY RA 305 -82.58 12.59 -45.02
C GLY RA 305 -82.35 12.76 -43.55
N PHE RA 306 -83.00 11.89 -42.77
CA PHE RA 306 -82.83 11.87 -41.33
C PHE RA 306 -83.25 10.51 -40.80
N ARG RA 307 -82.75 10.17 -39.61
CA ARG RA 307 -83.07 8.91 -38.97
C ARG RA 307 -82.80 9.06 -37.47
N PRO RA 308 -83.56 8.37 -36.62
CA PRO RA 308 -83.30 8.41 -35.19
C PRO RA 308 -82.08 7.59 -34.81
N LYS RA 309 -81.39 8.05 -33.76
CA LYS RA 309 -80.15 7.43 -33.30
C LYS RA 309 -80.27 6.85 -31.91
N ARG RA 310 -80.75 7.64 -30.93
CA ARG RA 310 -80.92 7.16 -29.57
C ARG RA 310 -81.96 8.03 -28.89
N LEU RA 311 -82.54 7.51 -27.81
CA LEU RA 311 -83.54 8.26 -27.06
C LEU RA 311 -83.30 8.09 -25.56
N ASN RA 312 -83.80 9.08 -24.81
CA ASN RA 312 -83.74 9.04 -23.32
C ASN RA 312 -85.15 9.36 -22.83
N PHE RA 313 -85.63 8.64 -21.82
CA PHE RA 313 -86.99 8.76 -21.30
C PHE RA 313 -86.93 8.98 -19.80
N LYS RA 314 -87.81 9.85 -19.32
CA LYS RA 314 -87.84 10.11 -17.86
C LYS RA 314 -89.25 10.39 -17.34
N LEU RA 315 -89.60 9.78 -16.20
CA LEU RA 315 -90.82 10.10 -15.46
C LEU RA 315 -90.42 10.68 -14.12
N PHE RA 316 -91.03 11.80 -13.73
CA PHE RA 316 -90.61 12.50 -12.54
C PHE RA 316 -91.76 13.35 -12.02
N ASN RA 317 -91.57 13.90 -10.83
CA ASN RA 317 -92.57 14.75 -10.16
C ASN RA 317 -93.91 14.03 -10.08
N ILE RA 318 -93.87 12.78 -9.64
CA ILE RA 318 -95.05 11.93 -9.61
C ILE RA 318 -95.88 12.25 -8.37
N GLN RA 319 -97.15 12.56 -8.58
CA GLN RA 319 -98.09 12.86 -7.51
C GLN RA 319 -99.26 11.90 -7.60
N VAL RA 320 -99.56 11.23 -6.50
CA VAL RA 320 -100.73 10.35 -6.42
C VAL RA 320 -101.81 11.09 -5.65
N LYS RA 321 -102.97 11.26 -6.27
CA LYS RA 321 -104.09 11.99 -5.69
C LYS RA 321 -105.20 11.02 -5.36
N GLU RA 322 -105.70 11.09 -4.13
CA GLU RA 322 -106.84 10.29 -3.69
C GLU RA 322 -108.13 11.08 -3.86
N VAL RA 323 -109.11 10.47 -4.52
CA VAL RA 323 -110.39 11.11 -4.81
C VAL RA 323 -111.45 10.46 -3.94
N THR RA 324 -112.22 11.28 -3.24
CA THR RA 324 -113.35 10.81 -2.44
C THR RA 324 -114.60 11.58 -2.82
N GLN RA 325 -115.75 10.96 -2.63
CA GLN RA 325 -117.03 11.56 -2.98
C GLN RA 325 -118.02 11.28 -1.84
N ASN RA 326 -118.32 12.32 -1.07
CA ASN RA 326 -119.22 12.20 0.09
C ASN RA 326 -120.34 13.22 -0.06
N ASP RA 327 -121.58 12.72 -0.09
CA ASP RA 327 -122.77 13.56 -0.19
C ASP RA 327 -122.72 14.48 -1.41
N GLY RA 328 -122.24 13.96 -2.53
CA GLY RA 328 -122.21 14.71 -3.76
C GLY RA 328 -121.06 15.67 -3.91
N THR RA 329 -120.07 15.63 -3.02
CA THR RA 329 -118.93 16.52 -3.06
C THR RA 329 -117.68 15.74 -3.45
N THR RA 330 -116.94 16.25 -4.44
CA THR RA 330 -115.70 15.63 -4.89
C THR RA 330 -114.53 16.33 -4.21
N THR RA 331 -113.81 15.59 -3.38
CA THR RA 331 -112.66 16.10 -2.65
C THR RA 331 -111.41 15.36 -3.08
N ILE RA 332 -110.37 16.11 -3.44
CA ILE RA 332 -109.11 15.54 -3.91
C ILE RA 332 -108.02 15.93 -2.92
N ALA RA 333 -107.28 14.94 -2.44
CA ALA RA 333 -106.20 15.16 -1.48
C ALA RA 333 -104.99 14.35 -1.90
N ASN RA 334 -103.82 14.80 -1.45
CA ASN RA 334 -102.59 14.09 -1.77
C ASN RA 334 -102.50 12.76 -1.04
N ASN RA 335 -101.86 11.80 -1.69
CA ASN RA 335 -101.53 10.50 -1.10
C ASN RA 335 -100.03 10.32 -1.24
N LEU RA 336 -99.28 10.70 -0.20
CA LEU RA 336 -97.82 10.71 -0.29
C LEU RA 336 -97.20 9.32 -0.16
N THR RA 337 -97.96 8.31 0.23
CA THR RA 337 -97.43 6.96 0.42
C THR RA 337 -97.80 6.01 -0.70
N SER RA 338 -98.66 6.40 -1.63
CA SER RA 338 -99.02 5.53 -2.74
C SER RA 338 -97.92 5.54 -3.80
N THR RA 339 -97.88 4.47 -4.59
CA THR RA 339 -96.87 4.27 -5.61
C THR RA 339 -97.52 4.13 -6.99
N VAL RA 340 -96.68 4.23 -8.01
CA VAL RA 340 -97.05 3.90 -9.38
C VAL RA 340 -96.00 2.92 -9.91
N GLN RA 341 -96.46 1.88 -10.58
CA GLN RA 341 -95.58 0.85 -11.13
C GLN RA 341 -95.23 1.16 -12.57
N VAL RA 342 -93.94 1.22 -12.87
CA VAL RA 342 -93.46 1.54 -14.21
C VAL RA 342 -92.44 0.48 -14.61
N PHE RA 343 -92.60 -0.06 -15.82
CA PHE RA 343 -91.58 -0.94 -16.38
C PHE RA 343 -91.59 -0.83 -17.90
N THR RA 344 -90.44 -1.08 -18.51
CA THR RA 344 -90.29 -1.06 -19.95
C THR RA 344 -90.16 -2.49 -20.46
N ASP RA 345 -90.90 -2.80 -21.51
CA ASP RA 345 -90.88 -4.14 -22.11
C ASP RA 345 -89.68 -4.23 -23.07
N SER RA 346 -88.48 -4.28 -22.50
CA SER RA 346 -87.24 -4.24 -23.31
C SER RA 346 -86.96 -5.60 -23.97
N GLU RA 347 -87.59 -6.67 -23.48
CA GLU RA 347 -87.42 -7.96 -24.12
C GLU RA 347 -88.53 -8.26 -25.12
N TYR RA 348 -89.48 -7.33 -25.32
CA TYR RA 348 -90.55 -7.48 -26.31
C TYR RA 348 -91.34 -8.77 -26.09
N GLN RA 349 -91.68 -9.05 -24.84
CA GLN RA 349 -92.48 -10.21 -24.49
C GLN RA 349 -93.96 -9.93 -24.48
N LEU RA 350 -94.38 -8.69 -24.64
CA LEU RA 350 -95.77 -8.29 -24.69
C LEU RA 350 -96.18 -7.92 -26.11
N PRO RA 351 -97.45 -8.06 -26.45
CA PRO RA 351 -97.91 -7.63 -27.77
C PRO RA 351 -97.64 -6.14 -27.99
N TYR RA 352 -96.97 -5.82 -29.08
CA TYR RA 352 -96.55 -4.46 -29.38
C TYR RA 352 -97.71 -3.71 -30.02
N VAL RA 353 -98.39 -2.87 -29.24
CA VAL RA 353 -99.53 -2.11 -29.74
C VAL RA 353 -99.13 -0.72 -30.23
N LEU RA 354 -97.90 -0.28 -29.97
CA LEU RA 354 -97.41 0.92 -30.62
C LEU RA 354 -97.20 0.67 -32.11
N GLY RA 355 -97.30 1.73 -32.89
CA GLY RA 355 -97.19 1.61 -34.32
C GLY RA 355 -98.48 1.25 -35.04
N SER RA 356 -99.61 1.28 -34.36
CA SER RA 356 -100.92 1.08 -34.99
C SER RA 356 -101.69 2.39 -35.17
N ALA RA 357 -101.00 3.53 -35.08
CA ALA RA 357 -101.60 4.85 -35.26
C ALA RA 357 -102.74 5.09 -34.28
N HIS RA 358 -102.46 4.84 -33.00
CA HIS RA 358 -103.45 5.00 -31.95
C HIS RA 358 -103.36 6.36 -31.30
N GLN RA 359 -104.50 6.85 -30.83
CA GLN RA 359 -104.55 8.11 -30.10
C GLN RA 359 -103.98 7.94 -28.69
N GLY RA 360 -103.69 9.06 -28.05
CA GLY RA 360 -103.11 9.05 -26.73
C GLY RA 360 -101.64 9.39 -26.65
N CYS RA 361 -101.07 9.94 -27.73
CA CYS RA 361 -99.66 10.30 -27.75
C CYS RA 361 -99.41 11.56 -26.93
N LEU RA 362 -98.15 11.96 -26.87
CA LEU RA 362 -97.81 13.25 -26.29
C LEU RA 362 -98.36 14.36 -27.17
N PRO RA 363 -99.11 15.32 -26.61
CA PRO RA 363 -99.74 16.33 -27.45
C PRO RA 363 -98.69 17.17 -28.15
N PRO RA 364 -98.97 17.63 -29.37
CA PRO RA 364 -97.98 18.44 -30.09
C PRO RA 364 -97.63 19.73 -29.39
N PHE RA 365 -98.58 20.37 -28.71
CA PHE RA 365 -98.30 21.60 -27.99
C PHE RA 365 -97.77 21.29 -26.59
N PRO RA 366 -96.60 21.82 -26.23
CA PRO RA 366 -96.00 21.45 -24.93
C PRO RA 366 -96.84 21.86 -23.72
N ALA RA 367 -97.78 22.77 -23.86
CA ALA RA 367 -98.59 23.24 -22.75
C ALA RA 367 -99.82 22.38 -22.49
N ASP RA 368 -100.11 21.39 -23.34
CA ASP RA 368 -101.30 20.57 -23.20
C ASP RA 368 -101.04 19.41 -22.24
N VAL RA 369 -102.07 19.08 -21.45
CA VAL RA 369 -102.03 17.95 -20.53
C VAL RA 369 -102.84 16.81 -21.13
N PHE RA 370 -102.28 15.61 -21.12
CA PHE RA 370 -102.88 14.47 -21.80
C PHE RA 370 -103.09 13.30 -20.83
N MET RA 371 -104.11 12.51 -21.14
CA MET RA 371 -104.40 11.29 -20.39
C MET RA 371 -103.60 10.13 -20.98
N VAL RA 372 -103.12 9.26 -20.10
CA VAL RA 372 -102.36 8.08 -20.51
C VAL RA 372 -103.31 7.03 -21.06
N PRO RA 373 -103.13 6.57 -22.30
CA PRO RA 373 -104.06 5.61 -22.86
C PRO RA 373 -103.97 4.24 -22.19
N GLN RA 374 -105.09 3.54 -22.18
CA GLN RA 374 -105.17 2.22 -21.57
C GLN RA 374 -104.55 1.17 -22.49
N TYR RA 375 -103.75 0.29 -21.91
CA TYR RA 375 -103.09 -0.75 -22.67
C TYR RA 375 -104.02 -1.95 -22.85
N GLY RA 376 -104.04 -2.49 -24.06
CA GLY RA 376 -104.82 -3.68 -24.37
C GLY RA 376 -104.27 -4.34 -25.61
N TYR RA 377 -104.50 -5.64 -25.71
CA TYR RA 377 -103.94 -6.41 -26.81
C TYR RA 377 -104.97 -7.41 -27.30
N LEU RA 378 -104.79 -7.86 -28.54
CA LEU RA 378 -105.61 -8.89 -29.14
C LEU RA 378 -104.79 -10.14 -29.39
N THR RA 379 -105.46 -11.29 -29.28
CA THR RA 379 -104.82 -12.57 -29.54
C THR RA 379 -105.64 -13.33 -30.57
N LEU RA 380 -105.29 -14.60 -30.80
CA LEU RA 380 -105.99 -15.42 -31.81
C LEU RA 380 -107.46 -15.57 -31.45
N ASN RA 381 -108.33 -15.54 -32.45
CA ASN RA 381 -109.78 -15.71 -32.21
C ASN RA 381 -110.41 -16.57 -33.30
N ASN RA 382 -111.34 -17.44 -32.94
CA ASN RA 382 -112.14 -18.17 -33.95
C ASN RA 382 -113.52 -17.54 -33.82
N GLY RA 383 -113.75 -16.42 -34.49
CA GLY RA 383 -115.01 -15.69 -34.28
C GLY RA 383 -114.88 -14.83 -33.04
N SER RA 384 -115.91 -14.78 -32.20
CA SER RA 384 -115.81 -14.06 -30.94
C SER RA 384 -115.14 -14.87 -29.84
N GLN RA 385 -114.87 -16.16 -30.09
CA GLN RA 385 -114.26 -17.03 -29.10
C GLN RA 385 -112.75 -17.07 -29.29
N ALA RA 386 -112.09 -17.79 -28.38
CA ALA RA 386 -110.65 -17.98 -28.43
C ALA RA 386 -110.31 -19.40 -28.83
N VAL RA 387 -109.04 -19.62 -29.14
CA VAL RA 387 -108.52 -20.95 -29.45
C VAL RA 387 -107.46 -21.31 -28.42
N GLY RA 388 -106.98 -22.55 -28.49
CA GLY RA 388 -105.99 -23.01 -27.54
C GLY RA 388 -104.67 -22.30 -27.66
N ARG RA 389 -104.37 -21.75 -28.84
CA ARG RA 389 -103.12 -21.04 -29.07
C ARG RA 389 -103.18 -19.59 -28.59
N SER RA 390 -104.34 -19.09 -28.19
CA SER RA 390 -104.44 -17.72 -27.71
C SER RA 390 -103.62 -17.54 -26.43
N SER RA 391 -102.94 -16.41 -26.35
CA SER RA 391 -102.02 -16.13 -25.25
C SER RA 391 -102.61 -15.08 -24.32
N PHE RA 392 -102.43 -15.29 -23.02
CA PHE RA 392 -102.81 -14.34 -22.00
C PHE RA 392 -101.56 -13.83 -21.30
N TYR RA 393 -101.51 -12.53 -21.07
CA TYR RA 393 -100.36 -11.88 -20.47
C TYR RA 393 -100.79 -11.09 -19.23
N CYS RA 394 -100.16 -11.38 -18.10
CA CYS RA 394 -100.33 -10.61 -16.88
C CYS RA 394 -99.11 -9.68 -16.75
N LEU RA 395 -99.36 -8.38 -16.76
CA LEU RA 395 -98.29 -7.40 -16.70
C LEU RA 395 -97.69 -7.25 -15.32
N GLU RA 396 -98.34 -7.78 -14.29
CA GLU RA 396 -97.74 -7.84 -12.96
C GLU RA 396 -96.76 -8.99 -12.81
N TYR RA 397 -96.62 -9.82 -13.85
CA TYR RA 397 -95.65 -10.96 -13.85
C TYR RA 397 -94.31 -10.45 -14.38
N PHE RA 398 -94.19 -9.17 -14.67
CA PHE RA 398 -92.97 -8.49 -15.05
C PHE RA 398 -92.39 -7.73 -13.86
N PRO RA 399 -91.07 -7.65 -13.75
CA PRO RA 399 -90.47 -6.79 -12.72
C PRO RA 399 -90.71 -5.32 -13.06
N SER RA 400 -91.29 -4.59 -12.13
CA SER RA 400 -91.61 -3.18 -12.32
C SER RA 400 -91.03 -2.37 -11.17
N GLN RA 401 -90.79 -1.09 -11.43
CA GLN RA 401 -90.23 -0.17 -10.46
C GLN RA 401 -91.37 0.62 -9.82
N MET RA 402 -91.40 0.63 -8.49
CA MET RA 402 -92.44 1.31 -7.73
C MET RA 402 -91.94 2.70 -7.34
N LEU RA 403 -92.74 3.72 -7.64
CA LEU RA 403 -92.34 5.11 -7.47
C LEU RA 403 -93.34 5.82 -6.57
N ARG RA 404 -92.86 6.32 -5.44
CA ARG RA 404 -93.63 7.22 -4.60
C ARG RA 404 -93.43 8.66 -5.08
N THR RA 405 -94.06 9.60 -4.38
CA THR RA 405 -93.79 11.04 -4.68
C THR RA 405 -92.36 11.31 -4.24
N GLY RA 406 -91.51 11.70 -5.17
CA GLY RA 406 -90.10 11.91 -4.93
C GLY RA 406 -89.20 10.92 -5.62
N ASN RA 407 -89.75 9.86 -6.20
CA ASN RA 407 -88.99 8.91 -7.00
C ASN RA 407 -89.16 9.23 -8.48
N ASN RA 408 -88.14 8.92 -9.26
CA ASN RA 408 -88.17 9.12 -10.70
C ASN RA 408 -87.76 7.84 -11.42
N PHE RA 409 -88.17 7.76 -12.68
CA PHE RA 409 -87.85 6.62 -13.54
C PHE RA 409 -87.13 7.14 -14.77
N THR RA 410 -86.17 6.35 -15.27
CA THR RA 410 -85.45 6.73 -16.47
C THR RA 410 -84.92 5.47 -17.16
N PHE RA 411 -84.75 5.59 -18.48
CA PHE RA 411 -84.09 4.53 -19.24
C PHE RA 411 -83.63 5.12 -20.57
N SER RA 412 -82.59 4.50 -21.13
CA SER RA 412 -82.01 4.93 -22.39
C SER RA 412 -82.12 3.81 -23.41
N TYR RA 413 -82.34 4.19 -24.67
CA TYR RA 413 -82.51 3.25 -25.76
C TYR RA 413 -81.70 3.72 -26.95
N THR RA 414 -81.11 2.78 -27.67
CA THR RA 414 -80.36 3.08 -28.88
C THR RA 414 -81.08 2.46 -30.08
N PHE RA 415 -81.39 3.29 -31.07
CA PHE RA 415 -82.01 2.79 -32.29
C PHE RA 415 -81.02 1.93 -33.07
N GLU RA 416 -81.54 0.89 -33.72
CA GLU RA 416 -80.73 0.12 -34.64
C GLU RA 416 -80.46 0.93 -35.91
N ASP RA 417 -79.50 0.46 -36.69
CA ASP RA 417 -79.15 1.13 -37.94
C ASP RA 417 -80.31 1.00 -38.93
N VAL RA 418 -80.82 2.12 -39.41
CA VAL RA 418 -81.93 2.14 -40.35
C VAL RA 418 -81.59 3.11 -41.47
N PRO RA 419 -82.18 2.91 -42.66
CA PRO RA 419 -81.92 3.85 -43.76
C PRO RA 419 -82.46 5.23 -43.44
N PHE RA 420 -81.77 6.23 -43.98
CA PHE RA 420 -82.27 7.60 -43.89
C PHE RA 420 -83.60 7.71 -44.62
N HIS RA 421 -84.54 8.42 -44.03
CA HIS RA 421 -85.79 8.72 -44.73
C HIS RA 421 -85.50 9.61 -45.93
N SER RA 422 -86.12 9.27 -47.06
CA SER RA 422 -85.94 10.04 -48.32
C SER RA 422 -86.72 11.35 -48.24
N SER RA 423 -86.18 12.35 -47.57
CA SER RA 423 -86.84 13.66 -47.46
C SER RA 423 -86.53 14.53 -48.67
N TYR RA 424 -86.77 13.98 -49.85
CA TYR RA 424 -86.52 14.68 -51.10
C TYR RA 424 -87.49 14.16 -52.15
N ALA RA 425 -87.69 14.96 -53.18
CA ALA RA 425 -88.44 14.55 -54.36
C ALA RA 425 -87.50 14.48 -55.56
N HIS RA 426 -87.63 13.42 -56.35
CA HIS RA 426 -86.76 13.28 -57.51
C HIS RA 426 -87.09 14.34 -58.56
N SER RA 427 -86.05 14.99 -59.07
CA SER RA 427 -86.20 15.96 -60.14
C SER RA 427 -86.13 15.32 -61.52
N GLN RA 428 -85.97 14.00 -61.59
CA GLN RA 428 -86.02 13.26 -62.84
C GLN RA 428 -87.06 12.16 -62.73
N SER RA 429 -87.67 11.82 -63.86
CA SER RA 429 -88.60 10.71 -63.94
C SER RA 429 -87.86 9.46 -64.40
N LEU RA 430 -88.36 8.30 -63.96
CA LEU RA 430 -87.71 7.04 -64.29
C LEU RA 430 -87.75 6.74 -65.79
N ASP RA 431 -88.70 7.34 -66.51
CA ASP RA 431 -88.84 7.08 -67.97
C ASP RA 431 -88.17 8.20 -68.78
N ARG RA 432 -87.48 9.13 -68.10
CA ARG RA 432 -86.81 10.26 -68.75
C ARG RA 432 -85.38 10.39 -68.25
N LEU RA 433 -84.66 9.28 -68.18
CA LEU RA 433 -83.30 9.25 -67.67
C LEU RA 433 -82.24 9.28 -68.77
N MET RA 434 -82.65 9.47 -70.02
CA MET RA 434 -81.74 9.37 -71.15
C MET RA 434 -81.21 10.74 -71.56
N ASN RA 435 -80.33 10.74 -72.56
CA ASN RA 435 -79.85 11.96 -73.18
C ASN RA 435 -80.72 12.25 -74.38
N PRO RA 436 -81.50 13.34 -74.38
CA PRO RA 436 -82.43 13.59 -75.49
C PRO RA 436 -81.74 13.97 -76.79
N LEU RA 437 -80.44 14.26 -76.77
CA LEU RA 437 -79.74 14.72 -77.96
C LEU RA 437 -79.16 13.57 -78.79
N ILE RA 438 -78.90 12.43 -78.18
CA ILE RA 438 -78.21 11.32 -78.83
C ILE RA 438 -79.19 10.16 -78.98
N ASP RA 439 -79.21 9.56 -80.17
CA ASP RA 439 -80.01 8.36 -80.39
C ASP RA 439 -79.37 7.16 -79.71
N GLN RA 440 -80.20 6.15 -79.45
CA GLN RA 440 -79.71 4.89 -78.94
C GLN RA 440 -79.18 4.03 -80.08
N TYR RA 441 -78.18 3.20 -79.77
CA TYR RA 441 -77.70 2.23 -80.75
C TYR RA 441 -78.55 0.98 -80.82
N LEU RA 442 -79.44 0.77 -79.85
CA LEU RA 442 -80.32 -0.38 -79.85
C LEU RA 442 -81.53 -0.11 -80.72
N TYR RA 443 -82.08 -1.19 -81.30
CA TYR RA 443 -83.23 -1.12 -82.17
C TYR RA 443 -84.46 -1.68 -81.47
N TYR RA 444 -85.63 -1.16 -81.86
CA TYR RA 444 -86.91 -1.67 -81.38
C TYR RA 444 -87.82 -1.87 -82.57
N LEU RA 445 -88.73 -2.82 -82.45
CA LEU RA 445 -89.73 -3.08 -83.49
C LEU RA 445 -90.67 -1.88 -83.58
N SER RA 446 -90.55 -1.10 -84.66
CA SER RA 446 -91.34 0.09 -84.82
C SER RA 446 -92.54 -0.10 -85.75
N ARG RA 447 -92.40 -0.97 -86.72
CA ARG RA 447 -93.54 -1.24 -87.63
C ARG RA 447 -93.73 -2.74 -87.79
N THR RA 448 -94.98 -3.14 -88.02
CA THR RA 448 -95.31 -4.54 -88.21
C THR RA 448 -95.90 -4.85 -89.59
N ASN RA 449 -96.13 -3.84 -90.42
CA ASN RA 449 -96.62 -4.06 -91.78
C ASN RA 449 -96.21 -2.87 -92.64
N THR RA 450 -96.32 -3.06 -93.95
CA THR RA 450 -96.03 -2.02 -94.93
C THR RA 450 -97.12 -1.99 -95.98
N PRO RA 451 -97.39 -0.82 -96.63
CA PRO RA 451 -98.37 -0.78 -97.71
C PRO RA 451 -97.92 -1.73 -98.83
N SER RA 452 -98.80 -2.66 -99.22
CA SER RA 452 -98.49 -3.57 -100.34
C SER RA 452 -99.64 -3.51 -101.34
N GLY RA 453 -99.37 -3.09 -102.58
CA GLY RA 453 -100.47 -2.90 -103.55
C GLY RA 453 -101.48 -1.90 -103.02
N THR RA 454 -102.75 -2.29 -102.97
CA THR RA 454 -103.80 -1.40 -102.41
C THR RA 454 -104.24 -1.98 -101.06
N THR RA 455 -103.58 -3.05 -100.61
CA THR RA 455 -103.88 -3.65 -99.28
C THR RA 455 -102.66 -3.45 -98.37
N THR RA 456 -102.48 -4.33 -97.38
CA THR RA 456 -101.29 -4.25 -96.50
C THR RA 456 -100.59 -5.61 -96.49
N GLN RA 457 -99.29 -5.61 -96.21
CA GLN RA 457 -98.53 -6.85 -96.13
C GLN RA 457 -97.68 -6.86 -94.87
N SER RA 458 -97.62 -8.00 -94.20
CA SER RA 458 -96.85 -8.10 -92.97
C SER RA 458 -95.36 -7.94 -93.25
N ARG RA 459 -94.71 -7.06 -92.50
CA ARG RA 459 -93.30 -6.79 -92.69
C ARG RA 459 -92.76 -6.13 -91.42
N LEU RA 460 -91.77 -6.75 -90.80
CA LEU RA 460 -91.19 -6.21 -89.57
C LEU RA 460 -90.12 -5.18 -89.90
N GLN RA 461 -90.16 -4.04 -89.21
CA GLN RA 461 -89.16 -3.00 -89.34
C GLN RA 461 -88.72 -2.54 -87.96
N PHE RA 462 -87.49 -2.04 -87.88
CA PHE RA 462 -86.88 -1.66 -86.62
C PHE RA 462 -86.27 -0.27 -86.74
N SER RA 463 -86.31 0.47 -85.64
CA SER RA 463 -85.79 1.83 -85.61
C SER RA 463 -84.96 2.03 -84.34
N GLN RA 464 -84.07 3.01 -84.39
CA GLN RA 464 -83.33 3.43 -83.22
C GLN RA 464 -84.09 4.56 -82.53
N ALA RA 465 -84.26 4.46 -81.22
CA ALA RA 465 -85.09 5.41 -80.49
C ALA RA 465 -84.30 6.67 -80.16
N GLY RA 466 -84.94 7.81 -80.34
CA GLY RA 466 -84.38 9.12 -80.00
C GLY RA 466 -85.38 9.91 -79.17
N ALA RA 467 -85.37 11.23 -79.40
CA ALA RA 467 -86.25 12.11 -78.65
C ALA RA 467 -87.69 12.08 -79.17
N SER RA 468 -87.86 11.93 -80.49
CA SER RA 468 -89.20 11.97 -81.07
C SER RA 468 -90.03 10.76 -80.68
N ASP RA 469 -89.40 9.60 -80.54
CA ASP RA 469 -90.06 8.38 -80.11
C ASP RA 469 -89.50 7.94 -78.77
N ILE RA 470 -89.38 8.91 -77.85
CA ILE RA 470 -88.73 8.70 -76.56
C ILE RA 470 -89.41 7.61 -75.73
N ARG RA 471 -90.68 7.30 -76.00
CA ARG RA 471 -91.38 6.29 -75.23
C ARG RA 471 -90.88 4.88 -75.55
N ASP RA 472 -90.20 4.68 -76.68
CA ASP RA 472 -89.77 3.37 -77.12
C ASP RA 472 -88.32 3.07 -76.75
N GLN RA 473 -87.67 3.96 -76.01
CA GLN RA 473 -86.26 3.77 -75.69
C GLN RA 473 -86.06 2.59 -74.76
N SER RA 474 -84.98 1.83 -75.00
CA SER RA 474 -84.63 0.73 -74.12
C SER RA 474 -84.17 1.28 -72.77
N ARG RA 475 -84.64 0.66 -71.70
CA ARG RA 475 -84.40 1.15 -70.35
C ARG RA 475 -83.92 0.01 -69.46
N ASN RA 476 -83.27 0.39 -68.36
CA ASN RA 476 -82.66 -0.57 -67.45
C ASN RA 476 -83.52 -0.86 -66.21
N TRP RA 477 -84.53 -0.05 -65.94
CA TRP RA 477 -85.27 -0.11 -64.68
C TRP RA 477 -86.76 -0.06 -64.95
N LEU RA 478 -87.53 -0.42 -63.91
CA LEU RA 478 -88.98 -0.48 -63.95
C LEU RA 478 -89.57 0.25 -62.76
N PRO RA 479 -90.79 0.77 -62.89
CA PRO RA 479 -91.45 1.39 -61.74
C PRO RA 479 -91.80 0.37 -60.68
N GLY RA 480 -91.91 0.84 -59.44
CA GLY RA 480 -92.14 -0.02 -58.30
C GLY RA 480 -93.45 -0.77 -58.33
N PRO RA 481 -93.67 -1.64 -57.34
CA PRO RA 481 -94.86 -2.49 -57.36
C PRO RA 481 -96.13 -1.70 -57.10
N CYS RA 482 -97.24 -2.33 -57.50
CA CYS RA 482 -98.55 -1.66 -57.50
C CYS RA 482 -99.63 -2.56 -56.90
N TYR RA 483 -100.62 -1.97 -56.25
CA TYR RA 483 -101.81 -2.69 -55.77
C TYR RA 483 -102.98 -1.72 -55.92
N ARG RA 484 -103.69 -1.83 -57.04
CA ARG RA 484 -104.54 -0.74 -57.51
C ARG RA 484 -105.62 -0.36 -56.50
N GLN RA 485 -105.84 0.94 -56.37
CA GLN RA 485 -106.86 1.51 -55.50
C GLN RA 485 -107.94 2.17 -56.34
N GLN RA 486 -109.14 2.24 -55.80
CA GLN RA 486 -110.22 2.97 -56.46
C GLN RA 486 -109.98 4.47 -56.35
N ARG RA 487 -110.35 5.19 -57.40
CA ARG RA 487 -110.15 6.63 -57.45
C ARG RA 487 -111.42 7.35 -56.99
N VAL RA 488 -111.19 8.27 -56.04
CA VAL RA 488 -112.29 9.11 -55.49
C VAL RA 488 -111.87 10.56 -55.71
N SER RA 489 -112.84 11.48 -55.84
CA SER RA 489 -112.58 12.88 -56.09
C SER RA 489 -112.99 13.72 -54.89
N LYS RA 490 -112.22 14.77 -54.63
CA LYS RA 490 -112.53 15.69 -53.50
C LYS RA 490 -113.80 16.48 -53.87
N THR RA 491 -114.06 16.69 -55.16
CA THR RA 491 -115.33 17.32 -55.60
C THR RA 491 -116.41 16.24 -55.49
N SER RA 492 -117.39 16.41 -54.60
CA SER RA 492 -118.38 15.35 -54.34
C SER RA 492 -119.17 14.94 -55.59
N ALA RA 493 -119.65 15.90 -56.39
CA ALA RA 493 -120.50 15.57 -57.52
C ALA RA 493 -119.80 14.61 -58.49
N ASP RA 494 -118.46 14.62 -58.51
CA ASP RA 494 -117.70 13.78 -59.44
C ASP RA 494 -117.73 12.31 -59.06
N ASN RA 495 -118.18 11.97 -57.87
CA ASN RA 495 -118.16 10.59 -57.40
C ASN RA 495 -119.47 9.88 -57.75
N ASN RA 496 -119.40 8.55 -57.81
CA ASN RA 496 -120.58 7.76 -58.10
C ASN RA 496 -121.58 7.84 -56.96
N ASN RA 497 -122.86 7.92 -57.30
CA ASN RA 497 -123.93 8.04 -56.31
C ASN RA 497 -124.32 6.65 -55.81
N SER RA 498 -123.42 6.08 -55.01
CA SER RA 498 -123.63 4.76 -54.44
C SER RA 498 -122.73 4.60 -53.23
N GLU RA 499 -122.98 3.53 -52.46
CA GLU RA 499 -122.13 3.22 -51.28
C GLU RA 499 -121.10 2.20 -51.74
N TYR RA 500 -119.86 2.66 -51.96
CA TYR RA 500 -118.79 1.81 -52.46
C TYR RA 500 -117.54 1.88 -51.58
N SER RA 501 -117.70 2.27 -50.31
CA SER RA 501 -116.53 2.35 -49.43
C SER RA 501 -115.96 0.98 -49.10
N TRP RA 502 -116.73 -0.08 -49.28
CA TRP RA 502 -116.26 -1.44 -49.05
C TRP RA 502 -116.32 -2.33 -50.27
N THR RA 503 -117.38 -2.21 -51.08
CA THR RA 503 -117.48 -3.02 -52.28
C THR RA 503 -116.36 -2.69 -53.27
N GLY RA 504 -116.07 -1.41 -53.45
CA GLY RA 504 -114.99 -0.97 -54.29
C GLY RA 504 -113.66 -0.81 -53.60
N ALA RA 505 -113.57 -1.22 -52.33
CA ALA RA 505 -112.35 -1.04 -51.57
C ALA RA 505 -111.31 -2.08 -51.94
N THR RA 506 -110.04 -1.72 -51.74
CA THR RA 506 -108.92 -2.63 -51.95
C THR RA 506 -108.65 -3.40 -50.66
N LYS RA 507 -108.68 -4.73 -50.75
CA LYS RA 507 -108.67 -5.58 -49.57
C LYS RA 507 -107.65 -6.70 -49.74
N TYR RA 508 -107.19 -7.23 -48.61
CA TYR RA 508 -106.44 -8.46 -48.57
C TYR RA 508 -107.17 -9.48 -47.72
N HIS RA 509 -107.09 -10.74 -48.12
CA HIS RA 509 -107.84 -11.84 -47.51
C HIS RA 509 -106.89 -12.64 -46.63
N LEU RA 510 -107.24 -12.80 -45.36
CA LEU RA 510 -106.40 -13.51 -44.40
C LEU RA 510 -107.28 -14.31 -43.46
N ASN RA 511 -107.17 -15.64 -43.51
CA ASN RA 511 -107.91 -16.55 -42.64
C ASN RA 511 -109.42 -16.34 -42.76
N GLY RA 512 -109.89 -16.10 -43.98
CA GLY RA 512 -111.31 -15.93 -44.23
C GLY RA 512 -111.86 -14.56 -43.89
N ARG RA 513 -111.01 -13.64 -43.46
CA ARG RA 513 -111.51 -12.27 -43.18
C ARG RA 513 -110.85 -11.23 -44.09
N ASP RA 514 -111.64 -10.32 -44.63
CA ASP RA 514 -111.18 -9.23 -45.47
C ASP RA 514 -110.78 -8.05 -44.60
N SER RA 515 -109.56 -7.55 -44.80
CA SER RA 515 -109.07 -6.36 -44.14
C SER RA 515 -108.82 -5.28 -45.17
N LEU RA 516 -109.15 -4.04 -44.82
CA LEU RA 516 -108.90 -2.93 -45.71
C LEU RA 516 -107.41 -2.71 -45.89
N VAL RA 517 -106.98 -2.49 -47.14
CA VAL RA 517 -105.60 -2.14 -47.44
C VAL RA 517 -105.49 -0.63 -47.30
N ASN RA 518 -104.90 -0.17 -46.21
CA ASN RA 518 -104.86 1.24 -45.87
C ASN RA 518 -103.60 1.55 -45.07
N PRO RA 519 -102.67 2.35 -45.60
CA PRO RA 519 -102.68 2.96 -46.94
C PRO RA 519 -102.09 2.06 -48.02
N GLY RA 520 -101.53 0.92 -47.64
CA GLY RA 520 -101.00 -0.03 -48.60
C GLY RA 520 -99.64 0.35 -49.13
N PRO RA 521 -99.23 -0.29 -50.23
CA PRO RA 521 -97.93 0.02 -50.83
C PRO RA 521 -97.85 1.47 -51.28
N ALA RA 522 -96.65 2.03 -51.18
CA ALA RA 522 -96.43 3.43 -51.51
C ALA RA 522 -96.64 3.67 -53.00
N MET RA 523 -97.64 4.47 -53.34
CA MET RA 523 -97.97 4.77 -54.71
C MET RA 523 -98.36 6.24 -54.83
N ALA RA 524 -98.19 6.80 -56.01
CA ALA RA 524 -98.54 8.20 -56.24
C ALA RA 524 -100.04 8.39 -56.12
N SER RA 525 -100.44 9.48 -55.45
CA SER RA 525 -101.85 9.76 -55.27
C SER RA 525 -102.54 10.04 -56.59
N HIS RA 526 -101.88 10.76 -57.49
CA HIS RA 526 -102.49 11.16 -58.75
C HIS RA 526 -101.38 11.50 -59.75
N LYS RA 527 -101.77 11.59 -61.01
CA LYS RA 527 -100.86 11.96 -62.08
C LYS RA 527 -100.88 13.48 -62.25
N ASP RA 528 -100.27 13.97 -63.33
CA ASP RA 528 -100.20 15.41 -63.56
C ASP RA 528 -101.60 16.02 -63.69
N ASP RA 529 -101.79 17.17 -63.05
CA ASP RA 529 -103.01 17.97 -63.19
C ASP RA 529 -104.25 17.20 -62.79
N GLU RA 530 -104.13 16.37 -61.75
CA GLU RA 530 -105.27 15.63 -61.22
C GLU RA 530 -105.23 15.65 -59.69
N GLU RA 531 -104.93 16.81 -59.12
CA GLU RA 531 -104.77 16.91 -57.67
C GLU RA 531 -106.06 16.67 -56.91
N LYS RA 532 -107.22 16.77 -57.58
CA LYS RA 532 -108.48 16.50 -56.90
C LYS RA 532 -108.73 15.02 -56.67
N PHE RA 533 -107.96 14.14 -57.30
CA PHE RA 533 -108.16 12.70 -57.19
C PHE RA 533 -107.17 12.12 -56.18
N PHE RA 534 -107.68 11.23 -55.33
CA PHE RA 534 -106.85 10.51 -54.38
C PHE RA 534 -107.34 9.07 -54.29
N PRO RA 535 -106.46 8.13 -53.95
CA PRO RA 535 -106.89 6.74 -53.77
C PRO RA 535 -107.85 6.61 -52.60
N GLN RA 536 -108.77 5.65 -52.73
CA GLN RA 536 -109.84 5.51 -51.75
C GLN RA 536 -109.30 5.21 -50.35
N SER RA 537 -108.32 4.32 -50.26
CA SER RA 537 -107.66 4.01 -48.99
C SER RA 537 -106.16 3.94 -49.18
N GLY RA 538 -105.61 4.80 -50.04
CA GLY RA 538 -104.19 4.78 -50.34
C GLY RA 538 -103.38 5.93 -49.79
N VAL RA 539 -103.97 6.82 -49.01
CA VAL RA 539 -103.27 7.95 -48.43
C VAL RA 539 -103.64 8.07 -46.96
N LEU RA 540 -102.74 8.66 -46.18
CA LEU RA 540 -103.05 8.98 -44.80
C LEU RA 540 -104.02 10.16 -44.74
N ILE RA 541 -105.02 10.06 -43.88
CA ILE RA 541 -106.01 11.12 -43.69
C ILE RA 541 -105.96 11.53 -42.23
N PHE RA 542 -105.58 12.77 -41.99
CA PHE RA 542 -105.51 13.34 -40.65
C PHE RA 542 -106.74 14.19 -40.39
N GLY RA 543 -107.19 14.18 -39.13
CA GLY RA 543 -108.34 14.98 -38.74
C GLY RA 543 -107.91 16.38 -38.33
N LYS RA 544 -108.72 17.35 -38.72
CA LYS RA 544 -108.53 18.72 -38.25
C LYS RA 544 -108.89 18.81 -36.78
N GLN RA 545 -108.53 19.93 -36.16
CA GLN RA 545 -108.83 20.14 -34.75
C GLN RA 545 -110.34 20.16 -34.52
N GLY RA 546 -110.78 19.40 -33.53
CA GLY RA 546 -112.20 19.33 -33.21
C GLY RA 546 -113.00 18.35 -34.04
N SER RA 547 -112.32 17.56 -34.87
CA SER RA 547 -113.04 16.63 -35.78
C SER RA 547 -113.59 15.44 -34.99
N GLU RA 548 -114.81 15.01 -35.30
CA GLU RA 548 -115.44 13.89 -34.61
C GLU RA 548 -114.83 12.57 -35.08
N LYS RA 549 -115.46 11.47 -34.67
CA LYS RA 549 -114.92 10.15 -34.95
C LYS RA 549 -115.58 9.48 -36.14
N THR RA 550 -116.90 9.64 -36.30
CA THR RA 550 -117.66 8.88 -37.27
C THR RA 550 -118.26 9.80 -38.32
N ASN RA 551 -117.99 9.50 -39.60
CA ASN RA 551 -118.66 10.10 -40.75
C ASN RA 551 -118.54 11.63 -40.74
N VAL RA 552 -117.31 12.11 -40.59
CA VAL RA 552 -117.05 13.53 -40.73
C VAL RA 552 -116.92 13.88 -42.21
N ASP RA 553 -117.22 15.12 -42.56
CA ASP RA 553 -117.17 15.55 -43.94
C ASP RA 553 -115.73 15.68 -44.42
N ILE RA 554 -115.58 15.87 -45.72
CA ILE RA 554 -114.24 15.99 -46.30
C ILE RA 554 -113.55 17.28 -45.83
N GLU RA 555 -114.33 18.34 -45.59
CA GLU RA 555 -113.75 19.59 -45.10
C GLU RA 555 -113.26 19.48 -43.67
N LYS RA 556 -113.62 18.42 -42.95
CA LYS RA 556 -113.16 18.20 -41.59
C LYS RA 556 -111.85 17.42 -41.53
N VAL RA 557 -111.36 16.91 -42.64
CA VAL RA 557 -110.15 16.10 -42.68
C VAL RA 557 -109.17 16.71 -43.67
N MET RA 558 -107.89 16.38 -43.47
CA MET RA 558 -106.81 16.81 -44.35
C MET RA 558 -106.20 15.57 -45.00
N ILE RA 559 -106.34 15.47 -46.31
CA ILE RA 559 -105.88 14.31 -47.06
C ILE RA 559 -104.47 14.58 -47.57
N THR RA 560 -103.56 13.65 -47.29
CA THR RA 560 -102.17 13.83 -47.70
C THR RA 560 -102.00 13.52 -49.18
N ASP RA 561 -100.87 13.97 -49.71
CA ASP RA 561 -100.58 13.75 -51.15
C ASP RA 561 -99.20 13.13 -51.29
N GLU RA 562 -99.10 12.09 -52.10
CA GLU RA 562 -97.87 11.38 -52.38
C GLU RA 562 -97.47 11.56 -53.84
N GLU RA 563 -97.60 12.78 -54.35
CA GLU RA 563 -97.28 13.05 -55.74
C GLU RA 563 -95.78 13.18 -56.00
N GLU RA 564 -94.97 13.39 -54.97
CA GLU RA 564 -93.53 13.53 -55.17
C GLU RA 564 -92.87 12.24 -55.60
N ILE RA 565 -93.54 11.10 -55.45
CA ILE RA 565 -92.96 9.81 -55.78
C ILE RA 565 -93.50 9.25 -57.09
N ARG RA 566 -94.25 10.05 -57.85
CA ARG RA 566 -94.75 9.60 -59.14
C ARG RA 566 -93.65 9.49 -60.18
N THR RA 567 -92.45 9.97 -59.88
CA THR RA 567 -91.32 9.80 -60.79
C THR RA 567 -90.91 8.34 -60.91
N THR RA 568 -91.01 7.58 -59.82
CA THR RA 568 -90.60 6.17 -59.81
C THR RA 568 -91.73 5.21 -59.44
N ASN RA 569 -92.81 5.68 -58.83
CA ASN RA 569 -93.88 4.81 -58.37
C ASN RA 569 -95.12 4.98 -59.23
N PRO RA 570 -95.81 3.89 -59.54
CA PRO RA 570 -97.03 4.00 -60.34
C PRO RA 570 -98.12 4.74 -59.60
N VAL RA 571 -99.00 5.38 -60.36
CA VAL RA 571 -100.16 6.04 -59.78
C VAL RA 571 -101.07 4.99 -59.15
N ALA RA 572 -101.58 5.30 -57.96
CA ALA RA 572 -102.32 4.32 -57.17
C ALA RA 572 -103.58 3.86 -57.87
N THR RA 573 -104.26 4.77 -58.57
CA THR RA 573 -105.56 4.49 -59.14
C THR RA 573 -105.49 3.97 -60.57
N GLU RA 574 -104.29 3.78 -61.11
CA GLU RA 574 -104.13 3.34 -62.49
C GLU RA 574 -103.39 2.00 -62.51
N GLN RA 575 -103.41 1.37 -63.67
CA GLN RA 575 -102.73 0.09 -63.84
C GLN RA 575 -101.22 0.28 -63.86
N TYR RA 576 -100.50 -0.78 -63.50
CA TYR RA 576 -99.05 -0.75 -63.61
C TYR RA 576 -98.63 -0.67 -65.07
N GLY RA 577 -99.29 -1.42 -65.94
CA GLY RA 577 -98.92 -1.46 -67.34
C GLY RA 577 -99.75 -2.47 -68.09
N SER RA 578 -99.20 -2.97 -69.19
CA SER RA 578 -99.87 -3.95 -70.03
C SER RA 578 -98.93 -5.09 -70.35
N VAL RA 579 -99.50 -6.30 -70.46
CA VAL RA 579 -98.77 -7.49 -70.85
C VAL RA 579 -99.54 -8.19 -71.95
N SER RA 580 -98.82 -9.00 -72.73
CA SER RA 580 -99.45 -9.79 -73.77
C SER RA 580 -100.20 -10.97 -73.15
N THR RA 581 -101.31 -11.35 -73.77
CA THR RA 581 -102.14 -12.44 -73.27
C THR RA 581 -102.31 -13.58 -74.27
N ASN RA 582 -101.83 -13.45 -75.50
CA ASN RA 582 -101.99 -14.49 -76.49
C ASN RA 582 -100.75 -14.49 -77.39
N LEU RA 583 -100.82 -15.24 -78.49
CA LEU RA 583 -99.76 -15.32 -79.48
C LEU RA 583 -100.32 -14.89 -80.83
N GLN RA 584 -99.91 -13.72 -81.30
CA GLN RA 584 -100.34 -13.25 -82.61
C GLN RA 584 -99.78 -14.13 -83.71
N ARG RA 585 -100.57 -14.27 -84.76
CA ARG RA 585 -100.19 -15.17 -85.88
C ARG RA 585 -100.96 -14.75 -87.13
N GLY RA 586 -100.31 -14.81 -88.30
CA GLY RA 586 -100.98 -14.55 -89.55
C GLY RA 586 -101.58 -15.79 -90.17
N ASN RA 587 -102.13 -15.62 -91.36
CA ASN RA 587 -102.85 -16.73 -92.04
C ASN RA 587 -101.85 -17.73 -92.62
N THR RA 594 -106.38 -19.70 -88.58
CA THR RA 594 -106.80 -18.34 -89.01
C THR RA 594 -105.85 -17.31 -88.41
N SER RA 595 -106.06 -16.02 -88.66
CA SER RA 595 -105.15 -15.09 -88.01
C SER RA 595 -105.66 -14.70 -86.63
N ARG RA 596 -104.72 -14.39 -85.73
CA ARG RA 596 -105.02 -13.93 -84.38
C ARG RA 596 -104.26 -12.64 -84.13
N GLN RA 597 -104.99 -11.59 -83.75
CA GLN RA 597 -104.36 -10.31 -83.47
C GLN RA 597 -103.83 -10.26 -82.04
N ALA RA 598 -102.76 -9.51 -81.84
CA ALA RA 598 -102.14 -9.40 -80.53
C ALA RA 598 -103.10 -8.75 -79.54
N ALA RA 599 -103.16 -9.32 -78.34
CA ALA RA 599 -104.04 -8.86 -77.29
C ALA RA 599 -103.23 -8.52 -76.05
N THR RA 600 -103.71 -7.51 -75.31
CA THR RA 600 -103.05 -7.05 -74.10
C THR RA 600 -104.07 -6.93 -72.97
N ALA RA 601 -103.57 -7.00 -71.74
CA ALA RA 601 -104.41 -6.84 -70.56
C ALA RA 601 -103.74 -5.89 -69.58
N ASP RA 602 -104.58 -5.17 -68.82
CA ASP RA 602 -104.07 -4.29 -67.78
C ASP RA 602 -103.54 -5.11 -66.61
N VAL RA 603 -102.47 -4.62 -66.00
CA VAL RA 603 -101.87 -5.26 -64.83
C VAL RA 603 -102.26 -4.41 -63.63
N ASN RA 604 -103.38 -4.78 -63.00
CA ASN RA 604 -103.88 -4.03 -61.84
C ASN RA 604 -103.11 -4.34 -60.57
N THR RA 605 -102.40 -5.47 -60.51
CA THR RA 605 -101.55 -5.81 -59.38
C THR RA 605 -100.23 -6.34 -59.92
N GLN RA 606 -99.13 -5.77 -59.43
CA GLN RA 606 -97.80 -6.14 -59.89
C GLN RA 606 -96.91 -6.40 -58.69
N GLY RA 607 -96.36 -7.60 -58.60
CA GLY RA 607 -95.38 -7.91 -57.59
C GLY RA 607 -94.01 -7.35 -57.95
N VAL RA 608 -93.07 -7.54 -57.04
CA VAL RA 608 -91.72 -7.03 -57.24
C VAL RA 608 -91.01 -7.83 -58.32
N LEU RA 609 -90.43 -7.14 -59.28
CA LEU RA 609 -89.65 -7.70 -60.36
C LEU RA 609 -88.18 -7.29 -60.23
N PRO RA 610 -87.25 -8.09 -60.73
CA PRO RA 610 -85.85 -7.64 -60.75
C PRO RA 610 -85.69 -6.38 -61.58
N GLY RA 611 -84.86 -5.47 -61.08
CA GLY RA 611 -84.69 -4.17 -61.71
C GLY RA 611 -85.69 -3.13 -61.31
N MET RA 612 -86.57 -3.42 -60.36
CA MET RA 612 -87.63 -2.47 -59.94
C MET RA 612 -87.07 -1.49 -58.90
N VAL RA 613 -87.39 -0.20 -59.02
CA VAL RA 613 -86.99 0.86 -58.11
C VAL RA 613 -88.24 1.62 -57.67
N TRP RA 614 -88.27 2.03 -56.41
CA TRP RA 614 -89.44 2.70 -55.86
C TRP RA 614 -89.01 3.58 -54.69
N GLN RA 615 -89.92 4.46 -54.28
CA GLN RA 615 -89.75 5.30 -53.11
C GLN RA 615 -90.77 4.91 -52.06
N ASP RA 616 -90.38 4.99 -50.79
CA ASP RA 616 -91.28 4.66 -49.70
C ASP RA 616 -92.26 5.79 -49.45
N ARG RA 617 -93.24 5.53 -48.59
CA ARG RA 617 -94.22 6.55 -48.26
C ARG RA 617 -93.58 7.66 -47.44
N ASP RA 618 -94.03 8.88 -47.66
CA ASP RA 618 -93.51 10.03 -46.94
C ASP RA 618 -93.95 10.00 -45.48
N VAL RA 619 -93.15 10.63 -44.63
CA VAL RA 619 -93.49 10.83 -43.23
C VAL RA 619 -93.98 12.27 -43.06
N TYR RA 620 -94.82 12.47 -42.04
CA TYR RA 620 -95.46 13.76 -41.81
C TYR RA 620 -95.25 14.17 -40.36
N LEU RA 621 -95.45 15.46 -40.11
CA LEU RA 621 -95.30 15.96 -38.74
C LEU RA 621 -96.31 15.29 -37.81
N GLN RA 622 -97.53 15.09 -38.27
CA GLN RA 622 -98.55 14.38 -37.50
C GLN RA 622 -98.46 12.87 -37.67
N GLY RA 623 -97.57 12.37 -38.53
CA GLY RA 623 -97.51 10.96 -38.82
C GLY RA 623 -96.69 10.17 -37.84
N PRO RA 624 -96.75 8.84 -37.94
CA PRO RA 624 -95.95 7.99 -37.07
C PRO RA 624 -94.48 8.01 -37.44
N ILE RA 625 -93.65 7.68 -36.46
CA ILE RA 625 -92.20 7.67 -36.62
C ILE RA 625 -91.69 6.28 -36.98
N TRP RA 626 -92.12 5.26 -36.24
CA TRP RA 626 -91.58 3.92 -36.40
C TRP RA 626 -92.68 2.89 -36.27
N ALA RA 627 -92.31 1.63 -36.50
CA ALA RA 627 -93.17 0.49 -36.24
C ALA RA 627 -92.29 -0.72 -36.02
N LYS RA 628 -92.84 -1.71 -35.31
CA LYS RA 628 -92.10 -2.93 -35.05
C LYS RA 628 -92.27 -3.90 -36.21
N ILE RA 629 -91.16 -4.36 -36.77
CA ILE RA 629 -91.21 -5.37 -37.83
C ILE RA 629 -91.69 -6.68 -37.22
N PRO RA 630 -92.73 -7.31 -37.77
CA PRO RA 630 -93.22 -8.56 -37.18
C PRO RA 630 -92.14 -9.64 -37.18
N HIS RA 631 -92.13 -10.45 -36.12
CA HIS RA 631 -91.17 -11.53 -35.98
C HIS RA 631 -91.63 -12.68 -36.87
N THR RA 632 -91.16 -12.67 -38.12
CA THR RA 632 -91.54 -13.66 -39.11
C THR RA 632 -90.29 -14.19 -39.79
N ASP RA 633 -90.44 -15.33 -40.45
CA ASP RA 633 -89.28 -15.97 -41.13
C ASP RA 633 -88.83 -15.09 -42.29
N GLY RA 634 -89.79 -14.51 -43.02
CA GLY RA 634 -89.44 -13.71 -44.17
C GLY RA 634 -90.25 -12.43 -44.22
N HIS RA 635 -89.63 -11.40 -44.79
CA HIS RA 635 -90.27 -10.12 -45.06
C HIS RA 635 -89.45 -9.41 -46.12
N PHE RA 636 -90.14 -8.62 -46.95
CA PHE RA 636 -89.49 -7.88 -48.02
C PHE RA 636 -89.65 -6.40 -47.78
N HIS RA 637 -88.53 -5.67 -47.74
CA HIS RA 637 -88.50 -4.23 -47.54
C HIS RA 637 -89.36 -3.84 -46.35
N PRO RA 638 -88.93 -4.11 -45.11
CA PRO RA 638 -89.76 -3.89 -43.93
C PRO RA 638 -89.87 -2.42 -43.49
N SER RA 639 -90.14 -1.56 -44.46
CA SER RA 639 -90.56 -0.20 -44.15
C SER RA 639 -92.05 -0.17 -43.87
N PRO RA 640 -92.49 0.43 -42.76
CA PRO RA 640 -93.93 0.43 -42.45
C PRO RA 640 -94.73 1.09 -43.57
N LEU RA 641 -95.88 0.50 -43.87
CA LEU RA 641 -96.70 1.02 -44.96
C LEU RA 641 -97.34 2.36 -44.61
N MET RA 642 -97.60 2.61 -43.33
CA MET RA 642 -98.12 3.89 -42.91
C MET RA 642 -97.06 4.99 -42.91
N GLY RA 643 -95.80 4.65 -43.11
CA GLY RA 643 -94.72 5.61 -43.14
C GLY RA 643 -93.87 5.55 -41.90
N GLY RA 644 -92.55 5.67 -42.10
CA GLY RA 644 -91.64 5.67 -40.98
C GLY RA 644 -90.48 4.72 -41.10
N PHE RA 645 -89.92 4.33 -39.96
CA PHE RA 645 -88.74 3.47 -39.90
C PHE RA 645 -89.12 2.11 -39.35
N GLY RA 646 -88.80 1.06 -40.09
CA GLY RA 646 -89.02 -0.29 -39.62
C GLY RA 646 -87.92 -0.75 -38.68
N LEU RA 647 -88.29 -1.15 -37.47
CA LEU RA 647 -87.34 -1.50 -36.44
C LEU RA 647 -87.61 -2.92 -35.95
N LYS RA 648 -86.59 -3.78 -36.00
CA LYS RA 648 -86.72 -5.11 -35.42
C LYS RA 648 -86.82 -5.04 -33.91
N HIS RA 649 -86.13 -4.08 -33.30
CA HIS RA 649 -86.20 -3.82 -31.86
C HIS RA 649 -86.56 -2.35 -31.69
N PRO RA 650 -87.84 -2.00 -31.79
CA PRO RA 650 -88.25 -0.61 -31.67
C PRO RA 650 -88.14 -0.13 -30.22
N PRO RA 651 -88.35 1.16 -29.97
CA PRO RA 651 -88.39 1.64 -28.59
C PRO RA 651 -89.39 0.85 -27.77
N PRO RA 652 -88.99 0.34 -26.61
CA PRO RA 652 -89.87 -0.56 -25.86
C PRO RA 652 -91.10 0.16 -25.33
N GLN RA 653 -92.17 -0.60 -25.17
CA GLN RA 653 -93.38 -0.09 -24.55
C GLN RA 653 -93.11 0.23 -23.09
N ILE RA 654 -93.58 1.39 -22.64
CA ILE RA 654 -93.43 1.83 -21.26
C ILE RA 654 -94.79 1.75 -20.61
N LEU RA 655 -94.95 0.81 -19.67
CA LEU RA 655 -96.22 0.54 -19.02
C LEU RA 655 -96.23 1.16 -17.63
N ILE RA 656 -97.32 1.87 -17.31
CA ILE RA 656 -97.46 2.55 -16.04
C ILE RA 656 -98.87 2.32 -15.51
N LYS RA 657 -98.99 2.08 -14.21
CA LYS RA 657 -100.29 1.94 -13.58
C LYS RA 657 -100.19 2.32 -12.12
N ASN RA 658 -101.34 2.68 -11.55
CA ASN RA 658 -101.40 3.02 -10.14
C ASN RA 658 -101.51 1.74 -9.31
N THR RA 659 -100.73 1.66 -8.25
CA THR RA 659 -100.80 0.51 -7.37
C THR RA 659 -102.13 0.52 -6.63
N PRO RA 660 -102.90 -0.57 -6.66
CA PRO RA 660 -104.19 -0.58 -5.97
C PRO RA 660 -103.99 -0.48 -4.46
N VAL RA 661 -104.73 0.44 -3.85
CA VAL RA 661 -104.72 0.64 -2.40
C VAL RA 661 -106.05 0.14 -1.86
N PRO RA 662 -106.07 -0.98 -1.13
CA PRO RA 662 -107.34 -1.50 -0.62
C PRO RA 662 -108.00 -0.54 0.34
N ALA RA 663 -109.33 -0.52 0.31
CA ALA RA 663 -110.12 0.27 1.24
C ALA RA 663 -110.20 -0.46 2.59
N ASN RA 664 -111.09 -0.03 3.46
CA ASN RA 664 -111.17 -0.59 4.80
C ASN RA 664 -111.55 -2.07 4.75
N PRO RA 665 -110.72 -2.97 5.24
CA PRO RA 665 -111.06 -4.40 5.23
C PRO RA 665 -111.95 -4.78 6.40
N SER RA 666 -112.53 -5.98 6.27
CA SER RA 666 -113.39 -6.53 7.34
C SER RA 666 -112.50 -7.06 8.46
N THR RA 667 -112.93 -6.91 9.70
CA THR RA 667 -112.19 -7.41 10.85
C THR RA 667 -112.16 -8.94 10.90
N THR RA 668 -113.03 -9.61 10.15
CA THR RA 668 -113.04 -11.05 10.04
C THR RA 668 -112.39 -11.45 8.72
N PHE RA 669 -111.59 -12.51 8.75
CA PHE RA 669 -110.88 -12.93 7.54
C PHE RA 669 -111.85 -13.40 6.48
N SER RA 670 -111.60 -12.99 5.24
CA SER RA 670 -112.36 -13.41 4.08
C SER RA 670 -111.39 -13.80 2.98
N ALA RA 671 -111.58 -15.00 2.41
CA ALA RA 671 -110.71 -15.48 1.36
C ALA RA 671 -111.03 -14.86 0.00
N ALA RA 672 -112.15 -14.15 -0.11
CA ALA RA 672 -112.49 -13.50 -1.36
C ALA RA 672 -111.50 -12.38 -1.66
N LYS RA 673 -111.12 -12.26 -2.93
CA LYS RA 673 -110.19 -11.22 -3.33
C LYS RA 673 -110.81 -9.85 -3.11
N PHE RA 674 -109.93 -8.87 -2.86
CA PHE RA 674 -110.41 -7.50 -2.55
C PHE RA 674 -111.12 -6.88 -3.75
N ALA RA 675 -112.29 -6.32 -3.50
CA ALA RA 675 -113.05 -5.65 -4.54
C ALA RA 675 -113.30 -4.17 -4.25
N SER RA 676 -112.95 -3.69 -3.06
CA SER RA 676 -113.12 -2.30 -2.68
C SER RA 676 -111.75 -1.66 -2.55
N PHE RA 677 -111.56 -0.53 -3.23
CA PHE RA 677 -110.29 0.17 -3.25
C PHE RA 677 -110.52 1.66 -3.08
N ILE RA 678 -109.48 2.36 -2.65
CA ILE RA 678 -109.52 3.81 -2.57
C ILE RA 678 -109.37 4.39 -3.97
N THR RA 679 -110.32 5.22 -4.38
CA THR RA 679 -110.27 5.83 -5.70
C THR RA 679 -109.09 6.79 -5.77
N GLN RA 680 -108.26 6.64 -6.79
CA GLN RA 680 -107.08 7.49 -6.90
C GLN RA 680 -106.59 7.51 -8.34
N TYR RA 681 -105.87 8.59 -8.66
CA TYR RA 681 -105.21 8.75 -9.95
C TYR RA 681 -103.83 9.33 -9.69
N SER RA 682 -103.04 9.45 -10.74
CA SER RA 682 -101.70 10.01 -10.63
C SER RA 682 -101.48 11.04 -11.73
N THR RA 683 -100.59 12.00 -11.44
CA THR RA 683 -100.19 13.00 -12.40
C THR RA 683 -98.69 13.20 -12.26
N GLY RA 684 -98.07 13.67 -13.33
CA GLY RA 684 -96.63 13.85 -13.31
C GLY RA 684 -96.15 14.43 -14.63
N GLN RA 685 -94.83 14.41 -14.80
CA GLN RA 685 -94.19 14.92 -16.00
C GLN RA 685 -93.43 13.80 -16.69
N VAL RA 686 -93.41 13.87 -18.01
CA VAL RA 686 -92.72 12.89 -18.85
C VAL RA 686 -91.80 13.64 -19.79
N SER RA 687 -90.57 13.14 -19.95
CA SER RA 687 -89.57 13.74 -20.82
C SER RA 687 -89.10 12.71 -21.83
N VAL RA 688 -89.07 13.11 -23.10
CA VAL RA 688 -88.56 12.28 -24.19
C VAL RA 688 -87.51 13.10 -24.95
N GLU RA 689 -86.30 12.58 -25.03
CA GLU RA 689 -85.22 13.23 -25.76
C GLU RA 689 -84.70 12.27 -26.82
N ILE RA 690 -84.76 12.67 -28.09
CA ILE RA 690 -84.33 11.83 -29.20
C ILE RA 690 -83.24 12.57 -29.96
N GLU RA 691 -82.14 11.87 -30.24
CA GLU RA 691 -81.08 12.36 -31.10
C GLU RA 691 -81.31 11.84 -32.51
N TRP RA 692 -81.31 12.74 -33.48
CA TRP RA 692 -81.53 12.41 -34.88
C TRP RA 692 -80.27 12.73 -35.68
N GLU RA 693 -79.95 11.86 -36.63
CA GLU RA 693 -78.84 12.08 -37.54
C GLU RA 693 -79.36 12.66 -38.85
N LEU RA 694 -78.65 13.65 -39.37
CA LEU RA 694 -79.06 14.38 -40.57
C LEU RA 694 -78.17 14.01 -41.75
N GLN RA 695 -78.78 13.94 -42.92
CA GLN RA 695 -78.08 13.74 -44.18
C GLN RA 695 -78.12 15.07 -44.93
N LYS RA 696 -77.01 15.81 -44.89
CA LYS RA 696 -77.01 17.16 -45.43
C LYS RA 696 -77.17 17.15 -46.94
N GLU RA 697 -77.95 18.10 -47.45
CA GLU RA 697 -78.15 18.24 -48.88
C GLU RA 697 -76.86 18.72 -49.55
N ASN RA 698 -76.53 18.10 -50.68
CA ASN RA 698 -75.32 18.40 -51.43
C ASN RA 698 -75.66 18.59 -52.92
N SER RA 699 -76.71 19.37 -53.17
CA SER RA 699 -77.20 19.54 -54.53
C SER RA 699 -76.33 20.53 -55.31
N LYS RA 700 -76.36 20.41 -56.64
CA LYS RA 700 -75.61 21.34 -57.52
C LYS RA 700 -76.57 21.97 -58.53
N ARG RA 701 -77.88 21.96 -58.25
CA ARG RA 701 -78.81 22.64 -59.13
C ARG RA 701 -78.62 24.15 -59.06
N TRP RA 702 -78.96 24.82 -60.16
CA TRP RA 702 -78.72 26.26 -60.27
C TRP RA 702 -79.90 27.08 -59.77
N ASN RA 703 -81.10 26.78 -60.25
CA ASN RA 703 -82.27 27.55 -59.90
C ASN RA 703 -82.77 27.19 -58.50
N PRO RA 704 -83.49 28.09 -57.80
CA PRO RA 704 -83.94 27.81 -56.43
C PRO RA 704 -84.85 26.57 -56.31
N GLU RA 705 -84.99 26.02 -55.11
CA GLU RA 705 -85.78 24.78 -54.90
C GLU RA 705 -87.15 25.09 -54.29
N ILE RA 706 -88.05 24.11 -54.23
CA ILE RA 706 -89.30 24.36 -53.46
C ILE RA 706 -89.01 24.22 -51.96
N GLN RA 707 -89.45 25.19 -51.16
CA GLN RA 707 -89.29 25.09 -49.72
C GLN RA 707 -90.63 25.31 -49.05
N TYR RA 708 -90.83 24.65 -47.91
CA TYR RA 708 -92.03 24.92 -47.12
C TYR RA 708 -91.93 26.30 -46.49
N THR RA 709 -93.03 27.04 -46.51
CA THR RA 709 -93.03 28.41 -46.03
C THR RA 709 -94.41 28.75 -45.48
N SER RA 710 -94.41 29.75 -44.60
CA SER RA 710 -95.71 30.26 -44.09
C SER RA 710 -96.26 31.24 -45.12
N ASN RA 711 -97.56 31.52 -45.11
CA ASN RA 711 -98.08 32.42 -46.15
C ASN RA 711 -98.02 33.83 -45.58
N TYR RA 712 -97.51 34.79 -46.34
CA TYR RA 712 -97.30 36.17 -45.82
C TYR RA 712 -98.64 36.88 -45.65
N ASN RA 713 -99.65 36.58 -46.47
CA ASN RA 713 -100.88 37.35 -46.38
C ASN RA 713 -101.46 37.31 -44.98
N LYS RA 714 -102.16 38.40 -44.64
CA LYS RA 714 -102.79 38.52 -43.30
C LYS RA 714 -103.86 37.47 -43.11
N SER RA 715 -104.08 37.09 -41.87
CA SER RA 715 -105.09 36.11 -41.54
C SER RA 715 -105.59 36.37 -40.13
N ILE RA 716 -106.77 35.83 -39.83
CA ILE RA 716 -107.32 35.96 -38.49
C ILE RA 716 -106.45 35.24 -37.47
N ASN RA 717 -105.99 34.03 -37.82
CA ASN RA 717 -105.15 33.22 -36.95
C ASN RA 717 -103.84 32.90 -37.63
N VAL RA 718 -102.78 32.80 -36.83
CA VAL RA 718 -101.49 32.36 -37.33
C VAL RA 718 -101.47 30.83 -37.36
N ASP RA 719 -100.83 30.27 -38.37
CA ASP RA 719 -100.77 28.81 -38.50
C ASP RA 719 -99.92 28.21 -37.38
N PHE RA 720 -100.35 27.03 -36.91
CA PHE RA 720 -99.63 26.28 -35.88
C PHE RA 720 -99.47 27.10 -34.60
N THR RA 721 -100.51 27.84 -34.24
CA THR RA 721 -100.57 28.56 -32.97
C THR RA 721 -101.90 28.26 -32.30
N VAL RA 722 -102.18 28.96 -31.22
CA VAL RA 722 -103.44 28.83 -30.51
C VAL RA 722 -104.39 29.92 -30.96
N ASP RA 723 -105.69 29.66 -30.85
CA ASP RA 723 -106.70 30.64 -31.21
C ASP RA 723 -107.10 31.43 -29.95
N THR RA 724 -108.19 32.18 -30.04
CA THR RA 724 -108.64 33.00 -28.90
C THR RA 724 -109.11 32.08 -27.77
N ASN RA 725 -109.34 30.80 -28.06
CA ASN RA 725 -109.72 29.83 -27.01
C ASN RA 725 -108.47 29.12 -26.50
N GLY RA 726 -107.30 29.49 -27.03
CA GLY RA 726 -106.03 28.84 -26.62
C GLY RA 726 -105.96 27.41 -27.13
N VAL RA 727 -106.75 27.08 -28.15
CA VAL RA 727 -106.78 25.70 -28.69
C VAL RA 727 -105.71 25.58 -29.79
N TYR RA 728 -104.74 24.68 -29.61
CA TYR RA 728 -103.70 24.49 -30.60
C TYR RA 728 -104.23 23.66 -31.76
N SER RA 729 -103.92 24.06 -32.99
CA SER RA 729 -104.36 23.35 -34.16
C SER RA 729 -103.21 23.25 -35.15
N GLU RA 730 -103.25 22.20 -35.97
CA GLU RA 730 -102.28 22.00 -37.04
C GLU RA 730 -103.03 22.14 -38.38
N PRO RA 731 -102.90 23.28 -39.06
CA PRO RA 731 -103.79 23.54 -40.21
C PRO RA 731 -103.65 22.56 -41.36
N ARG RA 732 -102.47 22.03 -41.63
CA ARG RA 732 -102.28 21.15 -42.77
C ARG RA 732 -101.20 20.14 -42.44
N PRO RA 733 -101.20 18.98 -43.12
CA PRO RA 733 -100.07 18.06 -42.98
C PRO RA 733 -98.85 18.58 -43.73
N ILE RA 734 -97.68 18.44 -43.11
CA ILE RA 734 -96.42 18.83 -43.72
C ILE RA 734 -95.59 17.57 -43.92
N GLY RA 735 -95.22 17.30 -45.16
CA GLY RA 735 -94.34 16.20 -45.47
C GLY RA 735 -92.89 16.60 -45.27
N THR RA 736 -92.00 15.87 -45.93
CA THR RA 736 -90.57 16.17 -45.86
C THR RA 736 -89.92 16.35 -47.22
N ARG RA 737 -90.64 16.12 -48.32
CA ARG RA 737 -90.02 16.03 -49.64
C ARG RA 737 -90.17 17.36 -50.37
N TYR RA 738 -89.25 18.26 -50.07
CA TYR RA 738 -89.19 19.58 -50.72
C TYR RA 738 -87.92 19.80 -51.51
N LEU RA 739 -86.77 19.39 -50.99
CA LEU RA 739 -85.54 19.44 -51.77
C LEU RA 739 -85.60 18.37 -52.86
N THR RA 740 -84.73 18.52 -53.85
CA THR RA 740 -84.70 17.63 -54.99
C THR RA 740 -83.32 17.00 -55.14
N ARG RA 741 -83.32 15.76 -55.65
CA ARG RA 741 -82.06 15.05 -55.95
C ARG RA 741 -82.28 14.32 -57.28
N ASN RA 742 -81.24 14.15 -58.10
CA ASN RA 742 -81.34 13.40 -59.34
C ASN RA 742 -81.51 11.91 -59.07
N LEU RA 743 -82.14 11.22 -60.01
CA LEU RA 743 -82.31 9.77 -59.89
C LEU RA 743 -80.97 9.05 -60.00
N ALA SA 218 -42.34 -60.33 45.96
CA ALA SA 218 -42.66 -59.43 44.84
C ALA SA 218 -43.96 -58.68 45.15
N ASP SA 219 -44.93 -59.39 45.72
CA ASP SA 219 -46.27 -58.79 45.94
C ASP SA 219 -46.68 -59.04 47.39
N GLY SA 220 -45.74 -59.50 48.23
CA GLY SA 220 -46.07 -59.65 49.65
C GLY SA 220 -47.44 -60.27 49.87
N VAL SA 221 -48.18 -59.79 50.86
CA VAL SA 221 -49.49 -60.40 51.21
C VAL SA 221 -50.55 -59.37 50.84
N GLY SA 222 -51.41 -59.70 49.90
CA GLY SA 222 -52.50 -58.85 49.48
C GLY SA 222 -52.36 -58.25 48.10
N ASN SA 223 -51.25 -58.50 47.41
CA ASN SA 223 -51.04 -58.03 46.05
C ASN SA 223 -50.98 -59.23 45.13
N SER SA 224 -51.83 -59.23 44.10
CA SER SA 224 -51.86 -60.34 43.17
C SER SA 224 -50.61 -60.34 42.29
N SER SA 225 -50.07 -61.53 42.05
CA SER SA 225 -48.86 -61.70 41.26
C SER SA 225 -49.16 -62.18 39.84
N GLY SA 226 -50.42 -62.21 39.44
CA GLY SA 226 -50.76 -62.62 38.10
C GLY SA 226 -52.24 -62.44 37.85
N ASN SA 227 -52.62 -62.66 36.59
CA ASN SA 227 -54.01 -62.53 36.15
C ASN SA 227 -54.43 -63.80 35.43
N TRP SA 228 -55.75 -63.95 35.27
CA TRP SA 228 -56.32 -65.11 34.60
C TRP SA 228 -56.33 -64.87 33.10
N HIS SA 229 -55.52 -65.64 32.37
CA HIS SA 229 -55.45 -65.52 30.90
C HIS SA 229 -55.80 -66.87 30.29
N CYS SA 230 -57.08 -67.05 29.92
CA CYS SA 230 -57.52 -68.30 29.26
C CYS SA 230 -58.22 -67.88 27.97
N ASP SA 231 -57.59 -68.09 26.82
CA ASP SA 231 -58.19 -67.62 25.54
C ASP SA 231 -57.37 -68.11 24.34
N SER SA 232 -57.84 -67.85 23.12
CA SER SA 232 -57.00 -68.18 21.97
C SER SA 232 -57.12 -67.09 20.93
N THR SA 233 -56.02 -66.80 20.26
CA THR SA 233 -55.96 -65.77 19.22
C THR SA 233 -55.49 -66.41 17.92
N TRP SA 234 -56.29 -66.24 16.87
CA TRP SA 234 -55.94 -66.74 15.55
C TRP SA 234 -55.46 -65.57 14.70
N MET SA 235 -54.20 -65.65 14.26
CA MET SA 235 -53.63 -64.54 13.44
C MET SA 235 -52.91 -65.16 12.24
N GLY SA 236 -53.60 -65.26 11.10
CA GLY SA 236 -52.98 -65.79 9.90
C GLY SA 236 -52.62 -67.25 10.07
N ASP SA 237 -51.32 -67.55 9.90
CA ASP SA 237 -50.80 -68.90 10.00
C ASP SA 237 -50.38 -69.27 11.43
N ARG SA 238 -50.93 -68.60 12.44
CA ARG SA 238 -50.59 -68.88 13.82
C ARG SA 238 -51.87 -68.91 14.65
N VAL SA 239 -51.88 -69.74 15.68
CA VAL SA 239 -52.90 -69.71 16.71
C VAL SA 239 -52.19 -69.84 18.06
N THR SA 240 -52.45 -68.89 18.95
CA THR SA 240 -51.86 -68.89 20.28
C THR SA 240 -52.94 -69.24 21.29
N THR SA 241 -52.79 -70.37 21.96
CA THR SA 241 -53.74 -70.83 22.96
C THR SA 241 -53.16 -70.61 24.35
N THR SA 242 -53.93 -69.97 25.23
CA THR SA 242 -53.52 -69.73 26.61
C THR SA 242 -54.55 -70.36 27.54
N SER SA 243 -54.07 -71.00 28.60
CA SER SA 243 -54.93 -71.68 29.55
C SER SA 243 -54.48 -71.35 30.97
N THR SA 244 -55.46 -71.17 31.86
CA THR SA 244 -55.18 -70.96 33.27
C THR SA 244 -56.02 -71.95 34.08
N ARG SA 245 -55.40 -72.55 35.09
CA ARG SA 245 -56.07 -73.52 35.95
C ARG SA 245 -55.69 -73.25 37.40
N THR SA 246 -56.51 -73.74 38.32
CA THR SA 246 -56.24 -73.69 39.74
C THR SA 246 -55.77 -75.07 40.19
N TRP SA 247 -54.60 -75.13 40.80
CA TRP SA 247 -53.99 -76.38 41.22
C TRP SA 247 -53.90 -76.46 42.74
N ALA SA 248 -53.86 -77.69 43.23
CA ALA SA 248 -53.65 -77.98 44.65
C ALA SA 248 -52.50 -78.96 44.78
N LEU SA 249 -51.53 -78.62 45.60
CA LEU SA 249 -50.33 -79.44 45.79
C LEU SA 249 -50.23 -79.88 47.24
N PRO SA 250 -50.42 -81.16 47.55
CA PRO SA 250 -50.27 -81.63 48.92
C PRO SA 250 -48.80 -81.90 49.23
N THR SA 251 -48.57 -82.42 50.44
CA THR SA 251 -47.26 -82.90 50.83
C THR SA 251 -47.17 -84.38 50.50
N TYR SA 252 -46.16 -84.75 49.70
CA TYR SA 252 -46.03 -86.10 49.20
C TYR SA 252 -44.96 -86.85 49.97
N ASN SA 253 -45.27 -88.09 50.35
CA ASN SA 253 -44.35 -88.99 51.05
C ASN SA 253 -43.90 -88.44 52.40
N ASN SA 254 -44.60 -87.45 52.93
CA ASN SA 254 -44.21 -86.77 54.17
C ASN SA 254 -42.78 -86.24 54.06
N HIS SA 255 -42.51 -85.54 52.96
CA HIS SA 255 -41.22 -84.90 52.68
C HIS SA 255 -40.07 -85.89 52.55
N LEU SA 256 -40.34 -87.12 52.14
CA LEU SA 256 -39.33 -88.16 52.10
C LEU SA 256 -39.16 -88.73 50.71
N TYR SA 257 -37.98 -89.30 50.46
CA TYR SA 257 -37.76 -90.07 49.22
C TYR SA 257 -37.83 -91.52 49.67
N LYS SA 258 -38.64 -92.33 49.02
CA LYS SA 258 -38.86 -93.73 49.37
C LYS SA 258 -38.51 -94.61 48.18
N GLN SA 259 -37.67 -95.61 48.43
CA GLN SA 259 -37.39 -96.61 47.41
C GLN SA 259 -38.62 -97.48 47.18
N ILE SA 260 -39.00 -97.64 45.92
CA ILE SA 260 -40.17 -98.43 45.56
C ILE SA 260 -39.73 -99.53 44.61
N SER SA 261 -40.48 -100.63 44.61
CA SER SA 261 -40.19 -101.77 43.75
C SER SA 261 -41.46 -102.59 43.59
N SER SA 262 -41.41 -103.50 42.62
CA SER SA 262 -42.55 -104.38 42.38
C SER SA 262 -42.77 -105.30 43.58
N GLN SA 263 -44.02 -105.68 43.76
CA GLN SA 263 -44.38 -106.52 44.92
C GLN SA 263 -43.78 -107.91 44.71
N SER SA 264 -43.43 -108.57 45.81
CA SER SA 264 -42.96 -109.96 45.70
C SER SA 264 -44.11 -110.82 45.17
N GLY SA 265 -43.81 -111.78 44.32
CA GLY SA 265 -44.79 -112.64 43.68
C GLY SA 265 -45.29 -112.14 42.36
N ALA SA 266 -44.90 -110.93 41.95
CA ALA SA 266 -45.28 -110.43 40.64
C ALA SA 266 -44.58 -111.20 39.53
N SER SA 267 -45.17 -111.17 38.34
CA SER SA 267 -44.55 -111.82 37.20
C SER SA 267 -43.29 -111.07 36.80
N ASN SA 268 -42.44 -111.74 36.01
CA ASN SA 268 -41.20 -111.11 35.57
C ASN SA 268 -41.47 -109.91 34.69
N ASP SA 269 -42.53 -109.94 33.89
CA ASP SA 269 -42.85 -108.80 33.03
C ASP SA 269 -43.25 -107.58 33.83
N ASN SA 270 -43.77 -107.77 35.04
CA ASN SA 270 -44.25 -106.67 35.88
C ASN SA 270 -43.24 -106.23 36.93
N HIS SA 271 -42.04 -106.80 36.93
CA HIS SA 271 -41.02 -106.41 37.90
C HIS SA 271 -40.46 -105.03 37.57
N TYR SA 272 -40.22 -104.23 38.61
CA TYR SA 272 -39.65 -102.91 38.42
C TYR SA 272 -38.97 -102.46 39.72
N PHE SA 273 -38.11 -101.46 39.58
CA PHE SA 273 -37.44 -100.83 40.69
C PHE SA 273 -37.31 -99.34 40.40
N GLY SA 274 -37.51 -98.52 41.42
CA GLY SA 274 -37.45 -97.08 41.22
C GLY SA 274 -37.52 -96.35 42.54
N TYR SA 275 -37.75 -95.04 42.45
CA TYR SA 275 -37.82 -94.19 43.62
C TYR SA 275 -39.02 -93.26 43.52
N SER SA 276 -39.64 -93.01 44.67
CA SER SA 276 -40.75 -92.06 44.78
C SER SA 276 -40.25 -90.80 45.46
N THR SA 277 -40.50 -89.66 44.83
CA THR SA 277 -40.00 -88.39 45.35
C THR SA 277 -41.13 -87.60 46.00
N PRO SA 278 -40.80 -86.71 46.95
CA PRO SA 278 -41.83 -85.84 47.54
C PRO SA 278 -42.27 -84.69 46.65
N TRP SA 279 -41.76 -84.62 45.43
CA TRP SA 279 -42.09 -83.54 44.51
C TRP SA 279 -43.30 -83.88 43.66
N GLY SA 280 -43.94 -82.84 43.15
CA GLY SA 280 -44.96 -82.97 42.12
C GLY SA 280 -44.47 -82.36 40.83
N TYR SA 281 -45.26 -82.55 39.77
CA TYR SA 281 -44.90 -82.01 38.46
C TYR SA 281 -46.14 -81.52 37.76
N PHE SA 282 -45.96 -80.49 36.93
CA PHE SA 282 -47.06 -79.91 36.15
C PHE SA 282 -47.05 -80.52 34.76
N ASP SA 283 -48.16 -81.15 34.39
CA ASP SA 283 -48.30 -81.84 33.11
C ASP SA 283 -49.37 -81.13 32.30
N PHE SA 284 -49.00 -80.72 31.08
CA PHE SA 284 -49.97 -80.20 30.12
C PHE SA 284 -49.75 -80.83 28.75
N ASN SA 285 -49.36 -82.11 28.73
CA ASN SA 285 -49.07 -82.84 27.50
C ASN SA 285 -50.32 -83.53 26.94
N ARG SA 286 -51.40 -82.76 26.82
CA ARG SA 286 -52.63 -83.22 26.19
C ARG SA 286 -53.27 -82.04 25.50
N PHE SA 287 -53.87 -82.26 24.33
CA PHE SA 287 -54.37 -81.12 23.52
C PHE SA 287 -55.55 -80.41 24.20
N HIS SA 288 -56.35 -81.13 24.99
CA HIS SA 288 -57.54 -80.55 25.66
C HIS SA 288 -57.09 -79.51 26.71
N CYS SA 289 -55.83 -79.53 27.11
CA CYS SA 289 -55.27 -78.57 28.11
C CYS SA 289 -55.10 -77.20 27.48
N HIS SA 290 -55.10 -77.11 26.15
CA HIS SA 290 -54.89 -75.84 25.46
C HIS SA 290 -55.98 -75.48 24.48
N PHE SA 291 -56.63 -76.47 23.86
CA PHE SA 291 -57.65 -76.23 22.84
C PHE SA 291 -59.02 -76.54 23.40
N SER SA 292 -59.94 -75.59 23.25
CA SER SA 292 -61.34 -75.87 23.48
C SER SA 292 -61.88 -76.71 22.33
N PRO SA 293 -63.01 -77.40 22.53
CA PRO SA 293 -63.60 -78.16 21.40
C PRO SA 293 -63.90 -77.31 20.19
N ARG SA 294 -64.37 -76.07 20.38
CA ARG SA 294 -64.55 -75.17 19.25
C ARG SA 294 -63.21 -74.82 18.61
N ASP SA 295 -62.18 -74.62 19.42
CA ASP SA 295 -60.84 -74.38 18.89
C ASP SA 295 -60.35 -75.57 18.08
N TRP SA 296 -60.58 -76.79 18.59
CA TRP SA 296 -60.20 -77.99 17.86
C TRP SA 296 -60.95 -78.10 16.54
N GLN SA 297 -62.24 -77.80 16.53
CA GLN SA 297 -63.01 -77.86 15.30
C GLN SA 297 -62.53 -76.82 14.29
N ARG SA 298 -62.19 -75.62 14.78
CA ARG SA 298 -61.61 -74.60 13.90
C ARG SA 298 -60.26 -75.02 13.36
N LEU SA 299 -59.47 -75.74 14.15
CA LEU SA 299 -58.16 -76.18 13.70
C LEU SA 299 -58.26 -77.29 12.65
N ILE SA 300 -59.09 -78.30 12.91
CA ILE SA 300 -59.07 -79.49 12.08
C ILE SA 300 -59.90 -79.36 10.81
N ASN SA 301 -60.85 -78.43 10.76
CA ASN SA 301 -61.68 -78.26 9.58
C ASN SA 301 -61.10 -77.32 8.55
N ASN SA 302 -59.98 -76.67 8.85
CA ASN SA 302 -59.45 -75.62 7.97
C ASN SA 302 -57.96 -75.73 7.69
N ASN SA 303 -57.22 -76.59 8.38
CA ASN SA 303 -55.79 -76.66 8.26
C ASN SA 303 -55.35 -78.04 7.83
N TRP SA 304 -54.33 -78.09 6.97
CA TRP SA 304 -53.70 -79.33 6.56
C TRP SA 304 -52.60 -79.79 7.49
N GLY SA 305 -52.22 -78.97 8.47
CA GLY SA 305 -51.18 -79.36 9.41
C GLY SA 305 -51.00 -78.30 10.46
N PHE SA 306 -50.33 -78.70 11.55
CA PHE SA 306 -49.98 -77.78 12.63
C PHE SA 306 -48.83 -78.35 13.43
N ARG SA 307 -48.14 -77.48 14.14
CA ARG SA 307 -47.01 -77.87 14.97
C ARG SA 307 -46.78 -76.80 16.02
N PRO SA 308 -46.31 -77.16 17.20
CA PRO SA 308 -46.00 -76.15 18.22
C PRO SA 308 -44.72 -75.40 17.91
N LYS SA 309 -44.68 -74.13 18.32
CA LYS SA 309 -43.57 -73.23 18.05
C LYS SA 309 -42.86 -72.79 19.31
N ARG SA 310 -43.59 -72.28 20.30
CA ARG SA 310 -42.99 -71.84 21.56
C ARG SA 310 -44.07 -71.86 22.63
N LEU SA 311 -43.64 -71.89 23.88
CA LEU SA 311 -44.57 -71.89 25.00
C LEU SA 311 -44.08 -70.95 26.10
N ASN SA 312 -45.03 -70.49 26.91
CA ASN SA 312 -44.72 -69.63 28.08
C ASN SA 312 -45.47 -70.25 29.26
N PHE SA 313 -44.84 -70.34 30.43
CA PHE SA 313 -45.38 -70.98 31.61
C PHE SA 313 -45.30 -70.01 32.78
N LYS SA 314 -46.35 -70.03 33.60
CA LYS SA 314 -46.35 -69.14 34.79
C LYS SA 314 -47.05 -69.74 35.99
N LEU SA 315 -46.46 -69.62 37.17
CA LEU SA 315 -47.09 -69.96 38.44
C LEU SA 315 -47.23 -68.68 39.26
N PHE SA 316 -48.42 -68.45 39.81
CA PHE SA 316 -48.68 -67.19 40.49
C PHE SA 316 -49.82 -67.39 41.49
N ASN SA 317 -50.03 -66.36 42.31
CA ASN SA 317 -51.06 -66.36 43.34
C ASN SA 317 -50.93 -67.58 44.24
N ILE SA 318 -49.70 -67.82 44.69
CA ILE SA 318 -49.39 -69.01 45.47
C ILE SA 318 -49.79 -68.79 46.92
N GLN SA 319 -50.59 -69.70 47.45
CA GLN SA 319 -51.06 -69.65 48.83
C GLN SA 319 -50.66 -70.95 49.51
N VAL SA 320 -49.98 -70.84 50.65
CA VAL SA 320 -49.63 -72.00 51.46
C VAL SA 320 -50.58 -72.04 52.65
N LYS SA 321 -51.30 -73.15 52.78
CA LYS SA 321 -52.29 -73.34 53.83
C LYS SA 321 -51.78 -74.36 54.82
N GLU SA 322 -51.84 -74.01 56.11
CA GLU SA 322 -51.47 -74.93 57.18
C GLU SA 322 -52.72 -75.62 57.71
N VAL SA 323 -52.67 -76.94 57.79
CA VAL SA 323 -53.79 -77.76 58.23
C VAL SA 323 -53.47 -78.33 59.61
N THR SA 324 -54.39 -78.16 60.55
CA THR SA 324 -54.26 -78.71 61.89
C THR SA 324 -55.52 -79.51 62.22
N GLN SA 325 -55.36 -80.49 63.10
CA GLN SA 325 -56.46 -81.36 63.49
C GLN SA 325 -56.41 -81.55 65.00
N ASN SA 326 -57.34 -80.92 65.71
CA ASN SA 326 -57.38 -80.98 67.16
C ASN SA 326 -58.75 -81.44 67.60
N ASP SA 327 -58.79 -82.57 68.33
CA ASP SA 327 -60.04 -83.13 68.86
C ASP SA 327 -61.06 -83.38 67.75
N GLY SA 328 -60.59 -83.88 66.61
CA GLY SA 328 -61.47 -84.23 65.52
C GLY SA 328 -61.92 -83.08 64.65
N THR SA 329 -61.34 -81.89 64.82
CA THR SA 329 -61.71 -80.72 64.04
C THR SA 329 -60.59 -80.35 63.09
N THR SA 330 -60.93 -80.17 61.81
CA THR SA 330 -59.97 -79.78 60.79
C THR SA 330 -60.03 -78.27 60.61
N THR SA 331 -58.93 -77.59 60.94
CA THR SA 331 -58.82 -76.14 60.84
C THR SA 331 -57.74 -75.79 59.83
N ILE SA 332 -58.07 -74.93 58.87
CA ILE SA 332 -57.15 -74.50 57.83
C ILE SA 332 -56.91 -73.01 57.97
N ALA SA 333 -55.64 -72.62 58.04
CA ALA SA 333 -55.27 -71.22 58.18
C ALA SA 333 -54.13 -70.91 57.21
N ASN SA 334 -54.00 -69.63 56.88
CA ASN SA 334 -52.94 -69.21 55.97
C ASN SA 334 -51.57 -69.30 56.64
N ASN SA 335 -50.56 -69.59 55.83
CA ASN SA 335 -49.16 -69.56 56.24
C ASN SA 335 -48.44 -68.63 55.27
N LEU SA 336 -48.31 -67.36 55.66
CA LEU SA 336 -47.77 -66.35 54.75
C LEU SA 336 -46.25 -66.40 54.63
N THR SA 337 -45.56 -67.16 55.48
CA THR SA 337 -44.11 -67.23 55.45
C THR SA 337 -43.57 -68.51 54.85
N SER SA 338 -44.43 -69.49 54.53
CA SER SA 338 -43.96 -70.72 53.92
C SER SA 338 -43.73 -70.51 52.42
N THR SA 339 -42.87 -71.37 51.87
CA THR SA 339 -42.48 -71.29 50.48
C THR SA 339 -42.84 -72.58 49.74
N VAL SA 340 -42.78 -72.50 48.41
CA VAL SA 340 -42.85 -73.65 47.53
C VAL SA 340 -41.65 -73.59 46.60
N GLN SA 341 -41.00 -74.74 46.41
CA GLN SA 341 -39.81 -74.82 45.56
C GLN SA 341 -40.22 -75.25 44.16
N VAL SA 342 -39.83 -74.45 43.16
CA VAL SA 342 -40.14 -74.72 41.76
C VAL SA 342 -38.86 -74.64 40.95
N PHE SA 343 -38.64 -75.65 40.11
CA PHE SA 343 -37.54 -75.58 39.15
C PHE SA 343 -37.92 -76.39 37.91
N THR SA 344 -37.34 -76.00 36.78
CA THR SA 344 -37.54 -76.68 35.51
C THR SA 344 -36.28 -77.46 35.16
N ASP SA 345 -36.47 -78.72 34.75
CA ASP SA 345 -35.35 -79.58 34.37
C ASP SA 345 -34.96 -79.29 32.92
N SER SA 346 -34.36 -78.12 32.69
CA SER SA 346 -34.05 -77.67 31.32
C SER SA 346 -32.83 -78.39 30.76
N GLU SA 347 -32.02 -79.01 31.61
CA GLU SA 347 -30.89 -79.79 31.11
C GLU SA 347 -31.22 -81.27 30.95
N TYR SA 348 -32.45 -81.67 31.25
CA TYR SA 348 -32.91 -83.05 31.08
C TYR SA 348 -32.02 -84.04 31.82
N GLN SA 349 -31.68 -83.71 33.06
CA GLN SA 349 -30.87 -84.57 33.90
C GLN SA 349 -31.71 -85.53 34.75
N LEU SA 350 -33.02 -85.40 34.73
CA LEU SA 350 -33.93 -86.26 35.46
C LEU SA 350 -34.67 -87.18 34.50
N PRO SA 351 -35.11 -88.36 34.96
CA PRO SA 351 -35.90 -89.24 34.10
C PRO SA 351 -37.18 -88.55 33.64
N TYR SA 352 -37.39 -88.55 32.33
CA TYR SA 352 -38.51 -87.83 31.72
C TYR SA 352 -39.74 -88.73 31.80
N VAL SA 353 -40.63 -88.43 32.75
CA VAL SA 353 -41.86 -89.21 32.92
C VAL SA 353 -43.04 -88.63 32.17
N LEU SA 354 -42.92 -87.42 31.62
CA LEU SA 354 -43.93 -86.91 30.71
C LEU SA 354 -43.87 -87.70 29.41
N GLY SA 355 -45.01 -87.76 28.72
CA GLY SA 355 -45.10 -88.53 27.50
C GLY SA 355 -45.39 -90.00 27.69
N SER SA 356 -45.75 -90.43 28.90
CA SER SA 356 -46.18 -91.80 29.15
C SER SA 356 -47.69 -91.91 29.32
N ALA SA 357 -48.44 -90.90 28.89
CA ALA SA 357 -49.90 -90.89 28.96
C ALA SA 357 -50.40 -91.06 30.39
N HIS SA 358 -49.84 -90.26 31.30
CA HIS SA 358 -50.19 -90.33 32.71
C HIS SA 358 -51.28 -89.33 33.06
N GLN SA 359 -52.09 -89.68 34.06
CA GLN SA 359 -53.12 -88.80 34.57
C GLN SA 359 -52.51 -87.68 35.39
N GLY SA 360 -53.30 -86.65 35.65
CA GLY SA 360 -52.84 -85.50 36.39
C GLY SA 360 -52.57 -84.26 35.58
N CYS SA 361 -53.02 -84.22 34.33
CA CYS SA 361 -52.79 -83.06 33.47
C CYS SA 361 -53.70 -81.91 33.89
N LEU SA 362 -53.57 -80.80 33.17
CA LEU SA 362 -54.50 -79.69 33.34
C LEU SA 362 -55.88 -80.12 32.83
N PRO SA 363 -56.93 -79.95 33.62
CA PRO SA 363 -58.23 -80.45 33.21
C PRO SA 363 -58.72 -79.73 31.97
N PRO SA 364 -59.45 -80.43 31.09
CA PRO SA 364 -59.93 -79.78 29.85
C PRO SA 364 -60.84 -78.60 30.10
N PHE SA 365 -61.65 -78.64 31.14
CA PHE SA 365 -62.55 -77.53 31.46
C PHE SA 365 -61.82 -76.51 32.32
N PRO SA 366 -61.78 -75.24 31.90
CA PRO SA 366 -61.00 -74.24 32.65
C PRO SA 366 -61.47 -74.01 34.08
N ALA SA 367 -62.70 -74.39 34.42
CA ALA SA 367 -63.24 -74.16 35.75
C ALA SA 367 -62.91 -75.26 36.74
N ASP SA 368 -62.27 -76.34 36.30
CA ASP SA 368 -61.95 -77.46 37.17
C ASP SA 368 -60.65 -77.23 37.92
N VAL SA 369 -60.61 -77.68 39.17
CA VAL SA 369 -59.43 -77.60 40.01
C VAL SA 369 -58.81 -79.00 40.08
N PHE SA 370 -57.49 -79.08 39.90
CA PHE SA 370 -56.81 -80.36 39.78
C PHE SA 370 -55.68 -80.46 40.79
N MET SA 371 -55.40 -81.70 41.20
CA MET SA 371 -54.29 -82.01 42.08
C MET SA 371 -53.02 -82.23 41.27
N VAL SA 372 -51.90 -81.75 41.79
CA VAL SA 372 -50.61 -81.91 41.12
C VAL SA 372 -50.12 -83.34 41.32
N PRO SA 373 -49.84 -84.09 40.24
CA PRO SA 373 -49.43 -85.48 40.40
C PRO SA 373 -48.05 -85.60 41.03
N GLN SA 374 -47.85 -86.70 41.74
CA GLN SA 374 -46.58 -86.96 42.41
C GLN SA 374 -45.54 -87.46 41.40
N TYR SA 375 -44.33 -86.92 41.50
CA TYR SA 375 -43.26 -87.31 40.59
C TYR SA 375 -42.57 -88.57 41.09
N GLY SA 376 -42.29 -89.49 40.17
CA GLY SA 376 -41.58 -90.71 40.47
C GLY SA 376 -40.98 -91.27 39.20
N TYR SA 377 -39.90 -92.03 39.37
CA TYR SA 377 -39.18 -92.56 38.23
C TYR SA 377 -38.76 -94.00 38.51
N LEU SA 378 -38.48 -94.73 37.44
CA LEU SA 378 -37.98 -96.09 37.51
C LEU SA 378 -36.57 -96.14 36.96
N THR SA 379 -35.77 -97.05 37.53
CA THR SA 379 -34.40 -97.26 37.07
C THR SA 379 -34.21 -98.73 36.78
N LEU SA 380 -32.97 -99.13 36.50
CA LEU SA 380 -32.67 -100.54 36.15
C LEU SA 380 -33.04 -101.47 37.30
N ASN SA 381 -33.58 -102.64 36.99
CA ASN SA 381 -33.95 -103.62 38.03
C ASN SA 381 -33.60 -105.04 37.58
N ASN SA 382 -33.11 -105.86 38.49
CA ASN SA 382 -32.93 -107.30 38.19
C ASN SA 382 -34.02 -107.97 39.03
N GLY SA 383 -35.25 -108.04 38.50
CA GLY SA 383 -36.36 -108.54 39.33
C GLY SA 383 -36.86 -107.40 40.19
N SER SA 384 -37.17 -107.65 41.46
CA SER SA 384 -37.58 -106.58 42.35
C SER SA 384 -36.39 -105.83 42.94
N GLN SA 385 -35.16 -106.31 42.72
CA GLN SA 385 -33.96 -105.69 43.24
C GLN SA 385 -33.37 -104.71 42.23
N ALA SA 386 -32.32 -104.02 42.65
CA ALA SA 386 -31.59 -103.09 41.81
C ALA SA 386 -30.23 -103.67 41.42
N VAL SA 387 -29.59 -103.00 40.47
CA VAL SA 387 -28.25 -103.35 40.03
C VAL SA 387 -27.33 -102.16 40.31
N GLY SA 388 -26.03 -102.38 40.08
CA GLY SA 388 -25.07 -101.32 40.33
C GLY SA 388 -25.22 -100.14 39.41
N ARG SA 389 -25.80 -100.35 38.23
CA ARG SA 389 -26.01 -99.28 37.27
C ARG SA 389 -27.25 -98.45 37.55
N SER SA 390 -28.09 -98.87 38.49
CA SER SA 390 -29.28 -98.11 38.83
C SER SA 390 -28.90 -96.73 39.37
N SER SA 391 -29.65 -95.72 38.95
CA SER SA 391 -29.37 -94.34 39.29
C SER SA 391 -30.38 -93.81 40.30
N PHE SA 392 -29.90 -93.04 41.27
CA PHE SA 392 -30.74 -92.37 42.24
C PHE SA 392 -30.60 -90.87 42.04
N TYR SA 393 -31.72 -90.16 42.08
CA TYR SA 393 -31.75 -88.72 41.85
C TYR SA 393 -32.41 -88.02 43.03
N CYS SA 394 -31.71 -87.07 43.62
CA CYS SA 394 -32.28 -86.19 44.63
C CYS SA 394 -32.62 -84.87 43.96
N LEU SA 395 -33.90 -84.50 43.98
CA LEU SA 395 -34.36 -83.29 43.32
C LEU SA 395 -34.01 -82.03 44.09
N GLU SA 396 -33.62 -82.15 45.36
CA GLU SA 396 -33.11 -81.01 46.11
C GLU SA 396 -31.66 -80.69 45.76
N TYR SA 397 -31.04 -81.51 44.91
CA TYR SA 397 -29.63 -81.28 44.46
C TYR SA 397 -29.65 -80.39 43.21
N PHE SA 398 -30.82 -79.94 42.80
CA PHE SA 398 -31.02 -78.98 41.73
C PHE SA 398 -31.29 -77.59 42.29
N PRO SA 399 -30.83 -76.55 41.62
CA PRO SA 399 -31.19 -75.19 42.04
C PRO SA 399 -32.67 -74.94 41.75
N SER SA 400 -33.40 -74.54 42.79
CA SER SA 400 -34.83 -74.28 42.68
C SER SA 400 -35.15 -72.89 43.21
N GLN SA 401 -36.25 -72.35 42.73
CA GLN SA 401 -36.71 -71.02 43.13
C GLN SA 401 -37.75 -71.16 44.23
N MET SA 402 -37.55 -70.43 45.33
CA MET SA 402 -38.44 -70.47 46.49
C MET SA 402 -39.44 -69.33 46.39
N LEU SA 403 -40.72 -69.66 46.50
CA LEU SA 403 -41.79 -68.70 46.29
C LEU SA 403 -42.67 -68.62 47.53
N ARG SA 404 -42.74 -67.44 48.12
CA ARG SA 404 -43.72 -67.16 49.17
C ARG SA 404 -45.03 -66.68 48.53
N THR SA 405 -46.00 -66.36 49.37
CA THR SA 405 -47.25 -65.74 48.84
C THR SA 405 -46.86 -64.35 48.36
N GLY SA 406 -47.05 -64.08 47.08
CA GLY SA 406 -46.64 -62.85 46.45
C GLY SA 406 -45.52 -63.00 45.45
N ASN SA 407 -44.87 -64.15 45.41
CA ASN SA 407 -43.85 -64.44 44.40
C ASN SA 407 -44.46 -65.25 43.27
N ASN SA 408 -43.91 -65.08 42.07
CA ASN SA 408 -44.36 -65.81 40.90
C ASN SA 408 -43.17 -66.45 40.20
N PHE SA 409 -43.45 -67.48 39.41
CA PHE SA 409 -42.46 -68.19 38.63
C PHE SA 409 -42.85 -68.14 37.17
N THR SA 410 -41.85 -68.04 36.29
CA THR SA 410 -42.12 -68.03 34.87
C THR SA 410 -40.89 -68.56 34.11
N PHE SA 411 -41.15 -69.11 32.93
CA PHE SA 411 -40.08 -69.50 32.03
C PHE SA 411 -40.66 -69.66 30.63
N SER SA 412 -39.79 -69.47 29.64
CA SER SA 412 -40.17 -69.57 28.24
C SER SA 412 -39.37 -70.68 27.57
N TYR SA 413 -40.02 -71.38 26.64
CA TYR SA 413 -39.40 -72.50 25.94
C TYR SA 413 -39.73 -72.37 24.45
N THR SA 414 -38.77 -72.75 23.61
CA THR SA 414 -38.95 -72.75 22.17
C THR SA 414 -38.88 -74.18 21.66
N PHE SA 415 -39.91 -74.62 20.96
CA PHE SA 415 -39.92 -75.95 20.36
C PHE SA 415 -38.88 -76.02 19.24
N GLU SA 416 -38.26 -77.19 19.10
CA GLU SA 416 -37.40 -77.43 17.96
C GLU SA 416 -38.25 -77.60 16.70
N ASP SA 417 -37.58 -77.53 15.55
CA ASP SA 417 -38.27 -77.70 14.29
C ASP SA 417 -38.76 -79.15 14.16
N VAL SA 418 -40.06 -79.30 13.94
CA VAL SA 418 -40.68 -80.62 13.81
C VAL SA 418 -41.61 -80.60 12.61
N PRO SA 419 -41.85 -81.75 12.00
CA PRO SA 419 -42.79 -81.80 10.87
C PRO SA 419 -44.21 -81.43 11.30
N PHE SA 420 -44.94 -80.82 10.38
CA PHE SA 420 -46.36 -80.57 10.61
C PHE SA 420 -47.09 -81.89 10.76
N HIS SA 421 -48.01 -81.95 11.73
CA HIS SA 421 -48.87 -83.11 11.84
C HIS SA 421 -49.77 -83.20 10.62
N SER SA 422 -49.90 -84.42 10.08
CA SER SA 422 -50.74 -84.65 8.88
C SER SA 422 -52.22 -84.64 9.29
N SER SA 423 -52.81 -83.45 9.43
CA SER SA 423 -54.22 -83.34 9.77
C SER SA 423 -55.10 -83.41 8.52
N TYR SA 424 -54.90 -84.48 7.75
CA TYR SA 424 -55.65 -84.70 6.53
C TYR SA 424 -55.73 -86.19 6.27
N ALA SA 425 -56.70 -86.59 5.47
CA ALA SA 425 -56.83 -87.95 4.97
C ALA SA 425 -56.61 -87.96 3.47
N HIS SA 426 -55.83 -88.92 3.00
CA HIS SA 426 -55.56 -89.00 1.57
C HIS SA 426 -56.82 -89.38 0.80
N SER SA 427 -57.10 -88.64 -0.27
CA SER SA 427 -58.22 -88.94 -1.15
C SER SA 427 -57.85 -89.92 -2.25
N GLN SA 428 -56.60 -90.39 -2.28
CA GLN SA 428 -56.16 -91.43 -3.20
C GLN SA 428 -55.56 -92.58 -2.41
N SER SA 429 -55.68 -93.78 -2.96
CA SER SA 429 -55.05 -94.96 -2.39
C SER SA 429 -53.71 -95.20 -3.07
N LEU SA 430 -52.78 -95.80 -2.32
CA LEU SA 430 -51.43 -96.03 -2.85
C LEU SA 430 -51.43 -97.01 -4.01
N ASP SA 431 -52.48 -97.85 -4.12
CA ASP SA 431 -52.54 -98.87 -5.20
C ASP SA 431 -53.44 -98.36 -6.34
N ARG SA 432 -53.90 -97.11 -6.27
CA ARG SA 432 -54.77 -96.52 -7.29
C ARG SA 432 -54.25 -95.15 -7.70
N LEU SA 433 -52.94 -95.06 -7.97
CA LEU SA 433 -52.31 -93.80 -8.33
C LEU SA 433 -52.10 -93.64 -9.83
N MET SA 434 -52.65 -94.54 -10.63
CA MET SA 434 -52.40 -94.56 -12.07
C MET SA 434 -53.51 -93.83 -12.82
N ASN SA 435 -53.33 -93.75 -14.14
CA ASN SA 435 -54.35 -93.23 -15.04
C ASN SA 435 -55.17 -94.41 -15.55
N PRO SA 436 -56.45 -94.52 -15.20
CA PRO SA 436 -57.23 -95.70 -15.60
C PRO SA 436 -57.54 -95.77 -17.08
N LEU SA 437 -57.29 -94.70 -17.84
CA LEU SA 437 -57.62 -94.66 -19.25
C LEU SA 437 -56.51 -95.18 -20.15
N ILE SA 438 -55.26 -95.13 -19.70
CA ILE SA 438 -54.10 -95.45 -20.51
C ILE SA 438 -53.45 -96.72 -19.97
N ASP SA 439 -53.13 -97.65 -20.87
CA ASP SA 439 -52.40 -98.83 -20.50
C ASP SA 439 -50.93 -98.50 -20.19
N GLN SA 440 -50.31 -99.37 -19.41
CA GLN SA 440 -48.88 -99.27 -19.16
C GLN SA 440 -48.10 -99.86 -20.32
N TYR SA 441 -46.90 -99.32 -20.55
CA TYR SA 441 -46.01 -99.91 -21.54
C TYR SA 441 -45.21 -101.09 -20.98
N LEU SA 442 -45.20 -101.27 -19.67
CA LEU SA 442 -44.50 -102.39 -19.07
C LEU SA 442 -45.37 -103.64 -19.10
N TYR SA 443 -44.71 -104.79 -19.16
CA TYR SA 443 -45.37 -106.08 -19.22
C TYR SA 443 -45.22 -106.81 -17.90
N TYR SA 444 -46.20 -107.65 -17.60
CA TYR SA 444 -46.16 -108.52 -16.43
C TYR SA 444 -46.54 -109.93 -16.86
N LEU SA 445 -46.01 -110.92 -16.15
CA LEU SA 445 -46.34 -112.31 -16.40
C LEU SA 445 -47.80 -112.55 -16.04
N SER SA 446 -48.64 -112.73 -17.06
CA SER SA 446 -50.08 -112.91 -16.86
C SER SA 446 -50.52 -114.36 -16.90
N ARG SA 447 -49.84 -115.16 -17.69
CA ARG SA 447 -50.19 -116.60 -17.77
C ARG SA 447 -48.94 -117.46 -17.65
N THR SA 448 -49.10 -118.65 -17.09
CA THR SA 448 -47.99 -119.58 -16.92
C THR SA 448 -48.18 -120.88 -17.68
N ASN SA 449 -49.32 -121.10 -18.31
CA ASN SA 449 -49.55 -122.29 -19.12
C ASN SA 449 -50.61 -121.99 -20.17
N THR SA 450 -50.71 -122.87 -21.15
CA THR SA 450 -51.71 -122.77 -22.21
C THR SA 450 -52.34 -124.12 -22.45
N PRO SA 451 -53.60 -124.19 -22.94
CA PRO SA 451 -54.21 -125.48 -23.25
C PRO SA 451 -53.37 -126.18 -24.33
N SER SA 452 -52.93 -127.41 -24.06
CA SER SA 452 -52.17 -128.18 -25.08
C SER SA 452 -52.86 -129.54 -25.23
N GLY SA 453 -53.34 -129.86 -26.43
CA GLY SA 453 -54.10 -131.11 -26.62
C GLY SA 453 -55.31 -131.13 -25.71
N THR SA 454 -55.45 -132.18 -24.89
CA THR SA 454 -56.56 -132.26 -23.91
C THR SA 454 -55.97 -132.08 -22.51
N THR SA 455 -54.67 -131.79 -22.42
CA THR SA 455 -54.02 -131.52 -21.12
C THR SA 455 -53.58 -130.06 -21.09
N THR SA 456 -52.54 -129.74 -20.30
CA THR SA 456 -51.99 -128.35 -20.28
C THR SA 456 -50.49 -128.41 -20.54
N GLN SA 457 -49.93 -127.31 -21.06
CA GLN SA 457 -48.50 -127.25 -21.32
C GLN SA 457 -47.96 -125.93 -20.78
N SER SA 458 -46.78 -125.98 -20.16
CA SER SA 458 -46.18 -124.79 -19.58
C SER SA 458 -45.79 -123.81 -20.67
N ARG SA 459 -46.21 -122.56 -20.52
CA ARG SA 459 -45.94 -121.52 -21.51
C ARG SA 459 -46.11 -120.16 -20.84
N LEU SA 460 -45.06 -119.36 -20.85
CA LEU SA 460 -45.11 -118.04 -20.23
C LEU SA 460 -45.68 -117.02 -21.21
N GLN SA 461 -46.61 -116.19 -20.73
CA GLN SA 461 -47.19 -115.10 -21.50
C GLN SA 461 -47.21 -113.84 -20.67
N PHE SA 462 -47.15 -112.70 -21.35
CA PHE SA 462 -47.05 -111.40 -20.71
C PHE SA 462 -48.10 -110.45 -21.29
N SER SA 463 -48.59 -109.57 -20.44
CA SER SA 463 -49.62 -108.61 -20.82
C SER SA 463 -49.26 -107.24 -20.29
N GLN SA 464 -49.81 -106.21 -20.93
CA GLN SA 464 -49.71 -104.84 -20.44
C GLN SA 464 -50.91 -104.55 -19.56
N ALA SA 465 -50.66 -103.99 -18.39
CA ALA SA 465 -51.71 -103.79 -17.39
C ALA SA 465 -52.49 -102.50 -17.69
N GLY SA 466 -53.81 -102.60 -17.57
CA GLY SA 466 -54.70 -101.46 -17.73
C GLY SA 466 -55.67 -101.39 -16.57
N ALA SA 467 -56.91 -100.97 -16.88
CA ALA SA 467 -57.92 -100.84 -15.84
C ALA SA 467 -58.53 -102.17 -15.44
N SER SA 468 -58.70 -103.09 -16.41
CA SER SA 468 -59.35 -104.36 -16.12
C SER SA 468 -58.51 -105.24 -15.22
N ASP SA 469 -57.18 -105.19 -15.36
CA ASP SA 469 -56.27 -105.93 -14.51
C ASP SA 469 -55.43 -104.97 -13.69
N ILE SA 470 -56.10 -103.97 -13.10
CA ILE SA 470 -55.43 -102.88 -12.40
C ILE SA 470 -54.57 -103.35 -11.25
N ARG SA 471 -54.83 -104.55 -10.71
CA ARG SA 471 -54.05 -105.05 -9.59
C ARG SA 471 -52.64 -105.46 -10.00
N ASP SA 472 -52.39 -105.67 -11.30
CA ASP SA 472 -51.10 -106.14 -11.78
C ASP SA 472 -50.21 -105.02 -12.29
N GLN SA 473 -50.63 -103.77 -12.13
CA GLN SA 473 -49.87 -102.65 -12.66
C GLN SA 473 -48.56 -102.49 -11.91
N SER SA 474 -47.50 -102.15 -12.65
CA SER SA 474 -46.21 -101.86 -12.03
C SER SA 474 -46.30 -100.55 -11.25
N ARG SA 475 -45.73 -100.56 -10.05
CA ARG SA 475 -45.85 -99.43 -9.13
C ARG SA 475 -44.49 -99.06 -8.57
N ASN SA 476 -44.39 -97.84 -8.08
CA ASN SA 476 -43.13 -97.29 -7.59
C ASN SA 476 -42.99 -97.34 -6.08
N TRP SA 477 -44.08 -97.59 -5.35
CA TRP SA 477 -44.08 -97.44 -3.91
C TRP SA 477 -44.75 -98.65 -3.27
N LEU SA 478 -44.56 -98.77 -1.96
CA LEU SA 478 -45.06 -99.88 -1.15
C LEU SA 478 -45.75 -99.33 0.10
N PRO SA 479 -46.72 -100.06 0.64
CA PRO SA 479 -47.34 -99.65 1.90
C PRO SA 479 -46.38 -99.75 3.06
N GLY SA 480 -46.63 -98.95 4.09
CA GLY SA 480 -45.75 -98.83 5.24
C GLY SA 480 -45.59 -100.11 6.02
N PRO SA 481 -44.72 -100.08 7.03
CA PRO SA 481 -44.41 -101.30 7.78
C PRO SA 481 -45.58 -101.75 8.65
N CYS SA 482 -45.50 -103.04 9.00
CA CYS SA 482 -46.61 -103.69 9.71
C CYS SA 482 -46.12 -104.52 10.89
N TYR SA 483 -46.93 -104.63 11.94
CA TYR SA 483 -46.66 -105.52 13.06
C TYR SA 483 -48.01 -106.04 13.52
N ARG SA 484 -48.38 -107.23 13.03
CA ARG SA 484 -49.78 -107.66 13.03
C ARG SA 484 -50.37 -107.71 14.43
N GLN SA 485 -51.61 -107.26 14.55
CA GLN SA 485 -52.38 -107.28 15.78
C GLN SA 485 -53.54 -108.25 15.66
N GLN SA 486 -53.98 -108.79 16.79
CA GLN SA 486 -55.16 -109.63 16.79
C GLN SA 486 -56.41 -108.78 16.61
N ARG SA 487 -57.40 -109.32 15.91
CA ARG SA 487 -58.63 -108.61 15.62
C ARG SA 487 -59.69 -108.96 16.65
N VAL SA 488 -60.28 -107.91 17.21
CA VAL SA 488 -61.37 -108.04 18.21
C VAL SA 488 -62.55 -107.26 17.66
N SER SA 489 -63.78 -107.65 18.01
CA SER SA 489 -65.00 -107.02 17.54
C SER SA 489 -65.71 -106.31 18.67
N LYS SA 490 -66.32 -105.16 18.34
CA LYS SA 490 -67.09 -104.40 19.36
C LYS SA 490 -68.35 -105.17 19.71
N THR SA 491 -68.86 -106.00 18.79
CA THR SA 491 -70.00 -106.90 19.09
C THR SA 491 -69.42 -108.06 19.90
N SER SA 492 -69.81 -108.20 21.17
CA SER SA 492 -69.19 -109.22 22.05
C SER SA 492 -69.34 -110.65 21.52
N ALA SA 493 -70.53 -111.04 21.06
CA ALA SA 493 -70.74 -112.42 20.64
C ALA SA 493 -69.77 -112.84 19.55
N ASP SA 494 -69.27 -111.89 18.77
CA ASP SA 494 -68.37 -112.20 17.66
C ASP SA 494 -66.98 -112.63 18.11
N ASN SA 495 -66.64 -112.43 19.38
CA ASN SA 495 -65.31 -112.73 19.87
C ASN SA 495 -65.24 -114.16 20.40
N ASN SA 496 -64.02 -114.69 20.43
CA ASN SA 496 -63.81 -116.04 20.95
C ASN SA 496 -64.08 -116.09 22.44
N ASN SA 497 -64.71 -117.17 22.89
CA ASN SA 497 -65.07 -117.35 24.30
C ASN SA 497 -63.87 -117.92 25.06
N SER SA 498 -62.86 -117.08 25.24
CA SER SA 498 -61.65 -117.46 25.97
C SER SA 498 -60.96 -116.19 26.44
N GLU SA 499 -59.96 -116.39 27.31
CA GLU SA 499 -59.14 -115.26 27.81
C GLU SA 499 -57.90 -115.18 26.94
N TYR SA 500 -57.88 -114.24 26.01
CA TYR SA 500 -56.77 -114.08 25.06
C TYR SA 500 -56.20 -112.67 25.07
N SER SA 501 -56.39 -111.92 26.15
CA SER SA 501 -55.87 -110.55 26.19
C SER SA 501 -54.34 -110.52 26.27
N TRP SA 502 -53.71 -111.62 26.65
CA TRP SA 502 -52.26 -111.71 26.70
C TRP SA 502 -51.69 -112.81 25.82
N THR SA 503 -52.35 -113.96 25.76
CA THR SA 503 -51.86 -115.05 24.90
C THR SA 503 -51.88 -114.65 23.43
N GLY SA 504 -52.97 -114.00 23.00
CA GLY SA 504 -53.10 -113.51 21.65
C GLY SA 504 -52.60 -112.10 21.45
N ALA SA 505 -51.98 -111.50 22.46
CA ALA SA 505 -51.53 -110.12 22.38
C ALA SA 505 -50.24 -110.01 21.56
N THR SA 506 -50.05 -108.84 20.98
CA THR SA 506 -48.83 -108.52 20.25
C THR SA 506 -47.80 -107.93 21.21
N LYS SA 507 -46.63 -108.54 21.27
CA LYS SA 507 -45.65 -108.24 22.31
C LYS SA 507 -44.27 -108.06 21.69
N TYR SA 508 -43.42 -107.32 22.41
CA TYR SA 508 -42.00 -107.27 22.11
C TYR SA 508 -41.22 -107.75 23.33
N HIS SA 509 -40.12 -108.43 23.07
CA HIS SA 509 -39.31 -109.09 24.09
C HIS SA 509 -38.07 -108.25 24.34
N LEU SA 510 -37.84 -107.87 25.60
CA LEU SA 510 -36.71 -107.02 25.96
C LEU SA 510 -36.17 -107.47 27.31
N ASN SA 511 -34.93 -107.97 27.31
CA ASN SA 511 -34.25 -108.39 28.53
C ASN SA 511 -35.04 -109.47 29.28
N GLY SA 512 -35.64 -110.39 28.53
CA GLY SA 512 -36.39 -111.47 29.13
C GLY SA 512 -37.78 -111.12 29.59
N ARG SA 513 -38.22 -109.88 29.38
CA ARG SA 513 -39.61 -109.52 29.76
C ARG SA 513 -40.45 -109.13 28.55
N ASP SA 514 -41.68 -109.61 28.48
CA ASP SA 514 -42.62 -109.29 27.42
C ASP SA 514 -43.39 -108.02 27.79
N SER SA 515 -43.40 -107.05 26.88
CA SER SA 515 -44.17 -105.84 27.04
C SER SA 515 -45.23 -105.78 25.95
N LEU SA 516 -46.42 -105.32 26.31
CA LEU SA 516 -47.49 -105.17 25.34
C LEU SA 516 -47.13 -104.09 24.33
N VAL SA 517 -47.38 -104.39 23.04
CA VAL SA 517 -47.20 -103.41 21.98
C VAL SA 517 -48.51 -102.63 21.88
N ASN SA 518 -48.50 -101.42 22.40
CA ASN SA 518 -49.71 -100.61 22.51
C ASN SA 518 -49.37 -99.14 22.42
N PRO SA 519 -49.82 -98.43 21.38
CA PRO SA 519 -50.60 -98.91 20.24
C PRO SA 519 -49.74 -99.46 19.11
N GLY SA 520 -48.42 -99.32 19.20
CA GLY SA 520 -47.53 -99.86 18.21
C GLY SA 520 -47.43 -99.01 16.96
N PRO SA 521 -46.88 -99.60 15.89
CA PRO SA 521 -46.76 -98.87 14.62
C PRO SA 521 -48.12 -98.46 14.08
N ALA SA 522 -48.14 -97.30 13.42
CA ALA SA 522 -49.38 -96.74 12.90
C ALA SA 522 -49.92 -97.62 11.78
N MET SA 523 -51.10 -98.19 12.00
CA MET SA 523 -51.74 -99.07 11.04
C MET SA 523 -53.24 -98.80 11.05
N ALA SA 524 -53.88 -99.10 9.92
CA ALA SA 524 -55.32 -98.91 9.82
C ALA SA 524 -56.07 -99.84 10.76
N SER SA 525 -57.09 -99.31 11.42
CA SER SA 525 -57.86 -100.12 12.36
C SER SA 525 -58.62 -101.24 11.65
N HIS SA 526 -59.16 -100.95 10.46
CA HIS SA 526 -59.96 -101.92 9.74
C HIS SA 526 -60.02 -101.54 8.28
N LYS SA 527 -60.46 -102.48 7.46
CA LYS SA 527 -60.63 -102.26 6.03
C LYS SA 527 -62.04 -101.73 5.76
N ASP SA 528 -62.44 -101.69 4.49
CA ASP SA 528 -63.75 -101.18 4.14
C ASP SA 528 -64.86 -102.00 4.76
N ASP SA 529 -65.87 -101.31 5.29
CA ASP SA 529 -67.09 -101.93 5.80
C ASP SA 529 -66.81 -102.93 6.91
N GLU SA 530 -65.85 -102.61 7.76
CA GLU SA 530 -65.52 -103.44 8.92
C GLU SA 530 -65.26 -102.57 10.14
N GLU SA 531 -66.10 -101.55 10.33
CA GLU SA 531 -65.89 -100.58 11.40
C GLU SA 531 -66.04 -101.20 12.78
N LYS SA 532 -66.68 -102.37 12.89
CA LYS SA 532 -66.82 -103.01 14.20
C LYS SA 532 -65.54 -103.68 14.66
N PHE SA 533 -64.55 -103.83 13.80
CA PHE SA 533 -63.30 -104.50 14.13
C PHE SA 533 -62.22 -103.49 14.44
N PHE SA 534 -61.47 -103.75 15.50
CA PHE SA 534 -60.33 -102.92 15.87
C PHE SA 534 -59.20 -103.82 16.37
N PRO SA 535 -57.96 -103.39 16.22
CA PRO SA 535 -56.83 -104.18 16.73
C PRO SA 535 -56.88 -104.28 18.25
N GLN SA 536 -56.39 -105.41 18.76
CA GLN SA 536 -56.53 -105.70 20.18
C GLN SA 536 -55.80 -104.66 21.03
N SER SA 537 -54.59 -104.27 20.63
CA SER SA 537 -53.85 -103.21 21.32
C SER SA 537 -53.22 -102.26 20.32
N GLY SA 538 -53.94 -101.99 19.22
CA GLY SA 538 -53.42 -101.14 18.17
C GLY SA 538 -54.05 -99.77 18.04
N VAL SA 539 -54.96 -99.40 18.93
CA VAL SA 539 -55.60 -98.09 18.91
C VAL SA 539 -55.61 -97.50 20.31
N LEU SA 540 -55.66 -96.18 20.37
CA LEU SA 540 -55.84 -95.51 21.65
C LEU SA 540 -57.27 -95.68 22.13
N ILE SA 541 -57.42 -95.97 23.42
CA ILE SA 541 -58.73 -96.15 24.03
C ILE SA 541 -58.84 -95.13 25.17
N PHE SA 542 -59.78 -94.20 25.03
CA PHE SA 542 -60.02 -93.18 26.03
C PHE SA 542 -61.23 -93.56 26.87
N GLY SA 543 -61.18 -93.20 28.15
CA GLY SA 543 -62.28 -93.47 29.05
C GLY SA 543 -63.32 -92.37 29.02
N LYS SA 544 -64.59 -92.76 29.06
CA LYS SA 544 -65.66 -91.79 29.21
C LYS SA 544 -65.64 -91.20 30.61
N GLN SA 545 -66.41 -90.13 30.80
CA GLN SA 545 -66.46 -89.49 32.11
C GLN SA 545 -67.03 -90.44 33.15
N GLY SA 546 -66.36 -90.53 34.30
CA GLY SA 546 -66.78 -91.40 35.37
C GLY SA 546 -66.35 -92.84 35.24
N SER SA 547 -65.52 -93.15 34.25
CA SER SA 547 -65.11 -94.55 34.00
C SER SA 547 -64.11 -95.00 35.08
N GLU SA 548 -64.24 -96.24 35.56
CA GLU SA 548 -63.37 -96.77 36.58
C GLU SA 548 -62.01 -97.13 35.98
N LYS SA 549 -61.18 -97.82 36.77
CA LYS SA 549 -59.83 -98.13 36.35
C LYS SA 549 -59.68 -99.55 35.82
N THR SA 550 -60.36 -100.52 36.44
CA THR SA 550 -60.14 -101.93 36.15
C THR SA 550 -61.39 -102.56 35.55
N ASN SA 551 -61.22 -103.19 34.38
CA ASN SA 551 -62.23 -104.06 33.78
C ASN SA 551 -63.56 -103.35 33.56
N VAL SA 552 -63.50 -102.18 32.95
CA VAL SA 552 -64.70 -101.47 32.55
C VAL SA 552 -65.21 -102.05 31.24
N ASP SA 553 -66.52 -101.94 31.01
CA ASP SA 553 -67.13 -102.50 29.82
C ASP SA 553 -66.76 -101.66 28.59
N ILE SA 554 -67.10 -102.20 27.42
CA ILE SA 554 -66.79 -101.50 26.18
C ILE SA 554 -67.61 -100.22 26.05
N GLU SA 555 -68.83 -100.21 26.59
CA GLU SA 555 -69.65 -99.00 26.54
C GLU SA 555 -69.12 -97.89 27.45
N LYS SA 556 -68.17 -98.20 28.33
CA LYS SA 556 -67.56 -97.21 29.20
C LYS SA 556 -66.34 -96.55 28.57
N VAL SA 557 -65.88 -97.02 27.42
CA VAL SA 557 -64.68 -96.49 26.77
C VAL SA 557 -65.02 -96.09 25.35
N MET SA 558 -64.18 -95.20 24.81
CA MET SA 558 -64.31 -94.72 23.44
C MET SA 558 -63.07 -95.16 22.67
N ILE SA 559 -63.25 -96.02 21.68
CA ILE SA 559 -62.15 -96.60 20.92
C ILE SA 559 -61.92 -95.75 19.67
N THR SA 560 -60.70 -95.31 19.47
CA THR SA 560 -60.38 -94.46 18.33
C THR SA 560 -60.28 -95.29 17.05
N ASP SA 561 -60.34 -94.58 15.93
CA ASP SA 561 -60.28 -95.26 14.61
C ASP SA 561 -59.21 -94.60 13.77
N GLU SA 562 -58.36 -95.41 13.15
CA GLU SA 562 -57.28 -94.97 12.27
C GLU SA 562 -57.54 -95.40 10.84
N GLU SA 563 -58.79 -95.28 10.39
CA GLU SA 563 -59.15 -95.71 9.05
C GLU SA 563 -58.72 -94.72 7.97
N GLU SA 564 -58.42 -93.47 8.33
CA GLU SA 564 -58.04 -92.49 7.33
C GLU SA 564 -56.67 -92.78 6.72
N ILE SA 565 -55.87 -93.66 7.33
CA ILE SA 565 -54.54 -93.96 6.85
C ILE SA 565 -54.47 -95.30 6.14
N ARG SA 566 -55.61 -95.93 5.87
CA ARG SA 566 -55.62 -97.19 5.15
C ARG SA 566 -55.27 -97.02 3.68
N THR SA 567 -55.18 -95.78 3.20
CA THR SA 567 -54.74 -95.55 1.83
C THR SA 567 -53.28 -95.93 1.63
N THR SA 568 -52.44 -95.71 2.64
CA THR SA 568 -51.02 -96.00 2.55
C THR SA 568 -50.52 -97.00 3.58
N ASN SA 569 -51.27 -97.25 4.65
CA ASN SA 569 -50.81 -98.12 5.71
C ASN SA 569 -51.60 -99.43 5.71
N PRO SA 570 -50.93 -100.55 5.96
CA PRO SA 570 -51.64 -101.83 5.99
C PRO SA 570 -52.61 -101.90 7.15
N VAL SA 571 -53.66 -102.69 6.97
CA VAL SA 571 -54.61 -102.93 8.05
C VAL SA 571 -53.90 -103.68 9.18
N ALA SA 572 -54.18 -103.26 10.42
CA ALA SA 572 -53.43 -103.75 11.57
C ALA SA 572 -53.64 -105.26 11.77
N THR SA 573 -54.84 -105.74 11.51
CA THR SA 573 -55.19 -107.13 11.81
C THR SA 573 -54.94 -108.08 10.65
N GLU SA 574 -54.41 -107.60 9.54
CA GLU SA 574 -54.16 -108.42 8.36
C GLU SA 574 -52.68 -108.45 8.05
N GLN SA 575 -52.31 -109.37 7.17
CA GLN SA 575 -50.91 -109.51 6.76
C GLN SA 575 -50.51 -108.34 5.86
N TYR SA 576 -49.20 -108.07 5.85
CA TYR SA 576 -48.68 -107.07 4.92
C TYR SA 576 -48.83 -107.53 3.48
N GLY SA 577 -48.57 -108.82 3.23
CA GLY SA 577 -48.62 -109.34 1.86
C GLY SA 577 -48.16 -110.77 1.83
N SER SA 578 -47.67 -111.19 0.66
CA SER SA 578 -47.20 -112.55 0.46
C SER SA 578 -45.85 -112.52 -0.25
N VAL SA 579 -45.00 -113.48 0.11
CA VAL SA 579 -43.70 -113.67 -0.51
C VAL SA 579 -43.56 -115.13 -0.91
N SER SA 580 -42.68 -115.37 -1.88
CA SER SA 580 -42.38 -116.73 -2.29
C SER SA 580 -41.50 -117.42 -1.25
N THR SA 581 -41.69 -118.72 -1.09
CA THR SA 581 -40.94 -119.50 -0.11
C THR SA 581 -40.15 -120.65 -0.70
N ASN SA 582 -40.29 -120.93 -2.00
CA ASN SA 582 -39.57 -122.02 -2.64
C ASN SA 582 -39.26 -121.62 -4.08
N LEU SA 583 -38.79 -122.60 -4.85
CA LEU SA 583 -38.47 -122.40 -6.26
C LEU SA 583 -39.31 -123.39 -7.08
N GLN SA 584 -40.28 -122.87 -7.81
CA GLN SA 584 -41.11 -123.71 -8.67
C GLN SA 584 -40.27 -124.27 -9.81
N ARG SA 585 -40.64 -125.49 -10.20
CA ARG SA 585 -39.87 -126.21 -11.24
C ARG SA 585 -40.76 -127.28 -11.86
N GLY SA 586 -40.66 -127.48 -13.17
CA GLY SA 586 -41.37 -128.55 -13.84
C GLY SA 586 -40.58 -129.83 -13.89
N ASN SA 587 -41.16 -130.84 -14.56
CA ASN SA 587 -40.54 -132.18 -14.60
C ASN SA 587 -39.34 -132.20 -15.56
N THR SA 594 -38.63 -134.04 -9.49
CA THR SA 594 -40.10 -134.03 -9.71
C THR SA 594 -40.56 -132.58 -9.86
N SER SA 595 -41.86 -132.33 -10.07
CA SER SA 595 -42.24 -130.93 -10.15
C SER SA 595 -42.55 -130.37 -8.77
N ARG SA 596 -42.31 -129.07 -8.61
CA ARG SA 596 -42.61 -128.35 -7.38
C ARG SA 596 -43.45 -127.13 -7.72
N GLN SA 597 -44.61 -127.00 -7.09
CA GLN SA 597 -45.48 -125.86 -7.34
C GLN SA 597 -45.08 -124.68 -6.49
N ALA SA 598 -45.31 -123.48 -7.01
CA ALA SA 598 -44.93 -122.26 -6.30
C ALA SA 598 -45.72 -122.13 -5.01
N ALA SA 599 -45.03 -121.75 -3.94
CA ALA SA 599 -45.61 -121.61 -2.62
C ALA SA 599 -45.40 -120.20 -2.10
N THR SA 600 -46.36 -119.72 -1.32
CA THR SA 600 -46.32 -118.37 -0.75
C THR SA 600 -46.64 -118.44 0.74
N ALA SA 601 -46.17 -117.43 1.46
CA ALA SA 601 -46.43 -117.31 2.88
C ALA SA 601 -46.88 -115.90 3.21
N ASP SA 602 -47.71 -115.78 4.25
CA ASP SA 602 -48.13 -114.47 4.72
C ASP SA 602 -46.99 -113.78 5.46
N VAL SA 603 -46.91 -112.47 5.29
CA VAL SA 603 -45.90 -111.66 5.96
C VAL SA 603 -46.62 -110.92 7.09
N ASN SA 604 -46.61 -111.53 8.27
CA ASN SA 604 -47.28 -110.94 9.42
C ASN SA 604 -46.49 -109.80 10.05
N THR SA 605 -45.18 -109.73 9.80
CA THR SA 605 -44.35 -108.63 10.26
C THR SA 605 -43.45 -108.19 9.13
N GLN SA 606 -43.45 -106.90 8.83
CA GLN SA 606 -42.68 -106.34 7.73
C GLN SA 606 -41.90 -105.14 8.22
N GLY SA 607 -40.57 -105.19 8.10
CA GLY SA 607 -39.74 -104.04 8.38
C GLY SA 607 -39.78 -103.03 7.26
N VAL SA 608 -39.08 -101.93 7.48
CA VAL SA 608 -39.07 -100.85 6.49
C VAL SA 608 -38.24 -101.27 5.28
N LEU SA 609 -38.81 -101.09 4.10
CA LEU SA 609 -38.18 -101.36 2.83
C LEU SA 609 -37.97 -100.06 2.06
N PRO SA 610 -36.97 -100.00 1.18
CA PRO SA 610 -36.81 -98.81 0.33
C PRO SA 610 -38.05 -98.63 -0.55
N GLY SA 611 -38.47 -97.37 -0.70
CA GLY SA 611 -39.67 -97.06 -1.44
C GLY SA 611 -40.95 -97.13 -0.63
N MET SA 612 -40.85 -97.37 0.68
CA MET SA 612 -42.06 -97.49 1.54
C MET SA 612 -42.55 -96.12 1.97
N VAL SA 613 -43.86 -95.88 1.94
CA VAL SA 613 -44.51 -94.64 2.36
C VAL SA 613 -45.61 -94.99 3.35
N TRP SA 614 -45.78 -94.14 4.37
CA TRP SA 614 -46.74 -94.41 5.42
C TRP SA 614 -47.18 -93.09 6.05
N GLN SA 615 -48.26 -93.15 6.82
CA GLN SA 615 -48.75 -92.03 7.60
C GLN SA 615 -48.62 -92.35 9.08
N ASP SA 616 -48.32 -91.33 9.87
CA ASP SA 616 -48.18 -91.51 11.31
C ASP SA 616 -49.56 -91.60 11.97
N ARG SA 617 -49.55 -91.96 13.25
CA ARG SA 617 -50.79 -92.06 14.00
C ARG SA 617 -51.40 -90.68 14.19
N ASP SA 618 -52.73 -90.62 14.16
CA ASP SA 618 -53.44 -89.36 14.34
C ASP SA 618 -53.34 -88.88 15.79
N VAL SA 619 -53.45 -87.58 15.96
CA VAL SA 619 -53.53 -86.97 17.28
C VAL SA 619 -54.98 -86.63 17.56
N TYR SA 620 -55.32 -86.59 18.86
CA TYR SA 620 -56.70 -86.39 19.29
C TYR SA 620 -56.74 -85.27 20.32
N LEU SA 621 -57.94 -84.73 20.52
CA LEU SA 621 -58.11 -83.66 21.50
C LEU SA 621 -57.73 -84.14 22.90
N GLN SA 622 -58.11 -85.37 23.24
CA GLN SA 622 -57.73 -85.97 24.51
C GLN SA 622 -56.36 -86.63 24.47
N GLY SA 623 -55.71 -86.66 23.31
CA GLY SA 623 -54.46 -87.37 23.15
C GLY SA 623 -53.25 -86.56 23.56
N PRO SA 624 -52.10 -87.21 23.63
CA PRO SA 624 -50.86 -86.51 23.97
C PRO SA 624 -50.37 -85.64 22.82
N ILE SA 625 -49.59 -84.64 23.18
CA ILE SA 625 -49.03 -83.69 22.21
C ILE SA 625 -47.64 -84.09 21.77
N TRP SA 626 -46.76 -84.42 22.70
CA TRP SA 626 -45.36 -84.67 22.39
C TRP SA 626 -44.83 -85.82 23.23
N ALA SA 627 -43.59 -86.19 22.94
CA ALA SA 627 -42.85 -87.15 23.74
C ALA SA 627 -41.37 -86.89 23.53
N LYS SA 628 -40.57 -87.30 24.51
CA LYS SA 628 -39.13 -87.14 24.42
C LYS SA 628 -38.52 -88.30 23.65
N ILE SA 629 -37.77 -87.99 22.61
CA ILE SA 629 -37.05 -89.04 21.87
C ILE SA 629 -35.95 -89.58 22.76
N PRO SA 630 -35.87 -90.91 22.96
CA PRO SA 630 -34.83 -91.45 23.84
C PRO SA 630 -33.43 -91.13 23.32
N HIS SA 631 -32.52 -90.87 24.25
CA HIS SA 631 -31.14 -90.54 23.92
C HIS SA 631 -30.43 -91.84 23.56
N THR SA 632 -30.47 -92.19 22.27
CA THR SA 632 -29.89 -93.42 21.78
C THR SA 632 -29.05 -93.13 20.55
N ASP SA 633 -28.18 -94.06 20.21
CA ASP SA 633 -27.27 -93.87 19.04
C ASP SA 633 -28.09 -93.82 17.77
N GLY SA 634 -29.10 -94.68 17.66
CA GLY SA 634 -29.90 -94.74 16.45
C GLY SA 634 -31.38 -94.81 16.77
N HIS SA 635 -32.16 -94.26 15.84
CA HIS SA 635 -33.62 -94.34 15.87
C HIS SA 635 -34.13 -94.04 14.48
N PHE SA 636 -35.24 -94.66 14.11
CA PHE SA 636 -35.84 -94.48 12.81
C PHE SA 636 -37.21 -93.85 12.96
N HIS SA 637 -37.42 -92.72 12.29
CA HIS SA 637 -38.68 -92.00 12.30
C HIS SA 637 -39.18 -91.79 13.72
N PRO SA 638 -38.55 -90.91 14.50
CA PRO SA 638 -38.86 -90.76 15.93
C PRO SA 638 -40.16 -90.00 16.21
N SER SA 639 -41.22 -90.36 15.51
CA SER SA 639 -42.57 -89.93 15.86
C SER SA 639 -43.12 -90.84 16.96
N PRO SA 640 -43.64 -90.29 18.04
CA PRO SA 640 -44.15 -91.16 19.12
C PRO SA 640 -45.25 -92.08 18.61
N LEU SA 641 -45.22 -93.33 19.08
CA LEU SA 641 -46.19 -94.30 18.61
C LEU SA 641 -47.58 -94.03 19.14
N MET SA 642 -47.69 -93.40 20.31
CA MET SA 642 -48.99 -93.00 20.83
C MET SA 642 -49.58 -91.79 20.12
N GLY SA 643 -48.80 -91.13 19.27
CA GLY SA 643 -49.27 -89.97 18.53
C GLY SA 643 -48.67 -88.68 19.06
N GLY SA 644 -48.30 -87.80 18.14
CA GLY SA 644 -47.76 -86.52 18.52
C GLY SA 644 -46.46 -86.15 17.86
N PHE SA 645 -45.68 -85.26 18.50
CA PHE SA 645 -44.45 -84.74 17.95
C PHE SA 645 -43.27 -85.27 18.75
N GLY SA 646 -42.32 -85.89 18.04
CA GLY SA 646 -41.10 -86.35 18.68
C GLY SA 646 -40.10 -85.22 18.87
N LEU SA 647 -39.68 -84.99 20.10
CA LEU SA 647 -38.80 -83.86 20.43
C LEU SA 647 -37.55 -84.39 21.11
N LYS SA 648 -36.38 -84.03 20.56
CA LYS SA 648 -35.13 -84.36 21.24
C LYS SA 648 -34.97 -83.57 22.52
N HIS SA 649 -35.46 -82.33 22.53
CA HIS SA 649 -35.49 -81.47 23.72
C HIS SA 649 -36.93 -81.03 23.92
N PRO SA 650 -37.75 -81.86 24.56
CA PRO SA 650 -39.16 -81.52 24.76
C PRO SA 650 -39.31 -80.44 25.82
N PRO SA 651 -40.51 -79.92 26.03
CA PRO SA 651 -40.73 -78.97 27.14
C PRO SA 651 -40.27 -79.58 28.45
N PRO SA 652 -39.44 -78.85 29.20
CA PRO SA 652 -38.85 -79.44 30.41
C PRO SA 652 -39.88 -79.74 31.48
N GLN SA 653 -39.58 -80.75 32.29
CA GLN SA 653 -40.42 -81.06 33.44
C GLN SA 653 -40.35 -79.92 34.45
N ILE SA 654 -41.50 -79.53 34.98
CA ILE SA 654 -41.61 -78.48 35.97
C ILE SA 654 -41.94 -79.14 37.29
N LEU SA 655 -41.00 -79.12 38.23
CA LEU SA 655 -41.14 -79.79 39.52
C LEU SA 655 -41.47 -78.77 40.59
N ILE SA 656 -42.47 -79.09 41.42
CA ILE SA 656 -42.94 -78.20 42.47
C ILE SA 656 -43.17 -79.03 43.73
N LYS SA 657 -42.78 -78.48 44.88
CA LYS SA 657 -43.05 -79.15 46.15
C LYS SA 657 -43.12 -78.10 47.24
N ASN SA 658 -43.79 -78.46 48.34
CA ASN SA 658 -43.88 -77.58 49.50
C ASN SA 658 -42.62 -77.73 50.34
N THR SA 659 -42.07 -76.61 50.77
CA THR SA 659 -40.90 -76.65 51.64
C THR SA 659 -41.29 -77.20 53.00
N PRO SA 660 -40.62 -78.22 53.51
CA PRO SA 660 -41.00 -78.77 54.82
C PRO SA 660 -40.75 -77.76 55.93
N VAL SA 661 -41.76 -77.57 56.76
CA VAL SA 661 -41.69 -76.67 57.91
C VAL SA 661 -41.66 -77.54 59.17
N PRO SA 662 -40.54 -77.62 59.88
CA PRO SA 662 -40.47 -78.47 61.06
C PRO SA 662 -41.44 -78.01 62.14
N ALA SA 663 -41.97 -78.99 62.88
CA ALA SA 663 -42.84 -78.72 64.01
C ALA SA 663 -41.97 -78.33 65.21
N ASN SA 664 -42.56 -78.31 66.40
CA ASN SA 664 -41.86 -77.85 67.59
C ASN SA 664 -40.67 -78.77 67.90
N PRO SA 665 -39.45 -78.27 67.91
CA PRO SA 665 -38.30 -79.12 68.23
C PRO SA 665 -38.09 -79.27 69.73
N SER SA 666 -37.26 -80.25 70.06
CA SER SA 666 -36.91 -80.50 71.48
C SER SA 666 -35.90 -79.46 71.93
N THR SA 667 -35.99 -79.03 73.18
CA THR SA 667 -35.04 -78.07 73.73
C THR SA 667 -33.65 -78.65 73.89
N THR SA 668 -33.51 -79.97 73.84
CA THR SA 668 -32.22 -80.64 73.88
C THR SA 668 -31.84 -81.07 72.47
N PHE SA 669 -30.56 -80.91 72.14
CA PHE SA 669 -30.11 -81.23 70.80
C PHE SA 669 -30.25 -82.73 70.52
N SER SA 670 -30.73 -83.05 69.33
CA SER SA 670 -30.83 -84.43 68.86
C SER SA 670 -30.30 -84.50 67.45
N ALA SA 671 -29.37 -85.43 67.20
CA ALA SA 671 -28.78 -85.60 65.89
C ALA SA 671 -29.70 -86.33 64.92
N ALA SA 672 -30.80 -86.91 65.40
CA ALA SA 672 -31.74 -87.57 64.51
C ALA SA 672 -32.41 -86.56 63.59
N LYS SA 673 -32.60 -86.94 62.33
CA LYS SA 673 -33.24 -86.05 61.39
C LYS SA 673 -34.69 -85.82 61.78
N PHE SA 674 -35.19 -84.64 61.40
CA PHE SA 674 -36.56 -84.23 61.79
C PHE SA 674 -37.60 -85.16 61.17
N ALA SA 675 -38.52 -85.64 61.99
CA ALA SA 675 -39.61 -86.48 61.52
C ALA SA 675 -40.98 -85.89 61.76
N SER SA 676 -41.08 -84.78 62.49
CA SER SA 676 -42.35 -84.12 62.77
C SER SA 676 -42.38 -82.78 62.03
N PHE SA 677 -43.44 -82.56 61.26
CA PHE SA 677 -43.57 -81.36 60.45
C PHE SA 677 -45.00 -80.82 60.59
N ILE SA 678 -45.15 -79.54 60.27
CA ILE SA 678 -46.46 -78.92 60.24
C ILE SA 678 -47.16 -79.35 58.95
N THR SA 679 -48.35 -79.92 59.09
CA THR SA 679 -49.11 -80.35 57.93
C THR SA 679 -49.54 -79.15 57.11
N GLN SA 680 -49.26 -79.17 55.81
CA GLN SA 680 -49.59 -78.04 54.97
C GLN SA 680 -49.66 -78.46 53.52
N TYR SA 681 -50.41 -77.69 52.74
CA TYR SA 681 -50.52 -77.85 51.30
C TYR SA 681 -50.46 -76.47 50.67
N SER SA 682 -50.44 -76.43 49.35
CA SER SA 682 -50.42 -75.17 48.62
C SER SA 682 -51.44 -75.19 47.50
N THR SA 683 -51.92 -73.99 47.15
CA THR SA 683 -52.83 -73.82 46.04
C THR SA 683 -52.41 -72.58 45.27
N GLY SA 684 -52.77 -72.53 44.00
CA GLY SA 684 -52.38 -71.40 43.17
C GLY SA 684 -52.94 -71.54 41.78
N GLN SA 685 -52.43 -70.70 40.88
CA GLN SA 685 -52.85 -70.69 39.49
C GLN SA 685 -51.66 -70.98 38.60
N VAL SA 686 -51.94 -71.69 37.50
CA VAL SA 686 -50.93 -72.05 36.51
C VAL SA 686 -51.40 -71.60 35.15
N SER SA 687 -50.50 -71.00 34.37
CA SER SA 687 -50.81 -70.52 33.03
C SER SA 687 -49.87 -71.16 32.02
N VAL SA 688 -50.44 -71.68 30.94
CA VAL SA 688 -49.67 -72.25 29.84
C VAL SA 688 -50.14 -71.58 28.55
N GLU SA 689 -49.20 -70.96 27.83
CA GLU SA 689 -49.50 -70.32 26.56
C GLU SA 689 -48.61 -70.92 25.48
N ILE SA 690 -49.21 -71.51 24.45
CA ILE SA 690 -48.47 -72.17 23.38
C ILE SA 690 -48.84 -71.49 22.06
N GLU SA 691 -47.83 -71.14 21.28
CA GLU SA 691 -48.02 -70.65 19.92
C GLU SA 691 -47.88 -71.81 18.95
N TRP SA 692 -48.87 -71.98 18.08
CA TRP SA 692 -48.88 -73.05 17.09
C TRP SA 692 -48.81 -72.45 15.70
N GLU SA 693 -48.07 -73.11 14.81
CA GLU SA 693 -48.00 -72.72 13.41
C GLU SA 693 -48.95 -73.57 12.59
N LEU SA 694 -49.66 -72.94 11.68
CA LEU SA 694 -50.68 -73.60 10.87
C LEU SA 694 -50.20 -73.77 9.44
N GLN SA 695 -50.57 -74.89 8.83
CA GLN SA 695 -50.34 -75.16 7.41
C GLN SA 695 -51.69 -75.06 6.71
N LYS SA 696 -51.91 -73.93 6.05
CA LYS SA 696 -53.23 -73.66 5.47
C LYS SA 696 -53.54 -74.62 4.33
N GLU SA 697 -54.79 -75.07 4.29
CA GLU SA 697 -55.24 -75.95 3.22
C GLU SA 697 -55.29 -75.19 1.89
N ASN SA 698 -54.79 -75.83 0.83
CA ASN SA 698 -54.71 -75.25 -0.50
C ASN SA 698 -55.27 -76.24 -1.53
N SER SA 699 -56.43 -76.81 -1.21
CA SER SA 699 -57.00 -77.85 -2.06
C SER SA 699 -57.70 -77.25 -3.28
N LYS SA 700 -57.82 -78.04 -4.34
CA LYS SA 700 -58.54 -77.60 -5.57
C LYS SA 700 -59.65 -78.60 -5.90
N ARG SA 701 -60.10 -79.39 -4.92
CA ARG SA 701 -61.22 -80.28 -5.16
C ARG SA 701 -62.51 -79.48 -5.35
N TRP SA 702 -63.43 -80.05 -6.11
CA TRP SA 702 -64.65 -79.35 -6.48
C TRP SA 702 -65.78 -79.59 -5.47
N ASN SA 703 -66.06 -80.83 -5.16
CA ASN SA 703 -67.15 -81.16 -4.26
C ASN SA 703 -66.77 -80.90 -2.80
N PRO SA 704 -67.75 -80.67 -1.90
CA PRO SA 704 -67.44 -80.34 -0.51
C PRO SA 704 -66.66 -81.45 0.22
N GLU SA 705 -66.01 -81.12 1.34
CA GLU SA 705 -65.15 -82.09 2.08
C GLU SA 705 -65.86 -82.60 3.33
N ILE SA 706 -65.31 -83.63 3.97
CA ILE SA 706 -65.89 -84.00 5.31
C ILE SA 706 -65.40 -83.02 6.37
N GLN SA 707 -66.31 -82.49 7.19
CA GLN SA 707 -65.92 -81.61 8.28
C GLN SA 707 -66.51 -82.13 9.57
N TYR SA 708 -65.81 -81.91 10.68
CA TYR SA 708 -66.38 -82.22 11.98
C TYR SA 708 -67.48 -81.23 12.30
N THR SA 709 -68.59 -81.73 12.85
CA THR SA 709 -69.74 -80.89 13.11
C THR SA 709 -70.49 -81.44 14.32
N SER SA 710 -71.25 -80.55 14.95
CA SER SA 710 -72.12 -80.99 16.05
C SER SA 710 -73.39 -81.55 15.44
N ASN SA 711 -74.15 -82.36 16.17
CA ASN SA 711 -75.35 -82.95 15.53
C ASN SA 711 -76.51 -82.01 15.84
N TYR SA 712 -77.31 -81.65 14.84
CA TYR SA 712 -78.39 -80.65 15.01
C TYR SA 712 -79.53 -81.22 15.85
N ASN SA 713 -79.78 -82.53 15.80
CA ASN SA 713 -80.95 -83.05 16.49
C ASN SA 713 -80.90 -82.72 17.98
N LYS SA 714 -82.10 -82.58 18.56
CA LYS SA 714 -82.23 -82.24 20.00
C LYS SA 714 -81.66 -83.34 20.85
N SER SA 715 -81.19 -82.97 22.03
CA SER SA 715 -80.64 -83.93 22.97
C SER SA 715 -80.82 -83.39 24.38
N ILE SA 716 -80.74 -84.31 25.35
CA ILE SA 716 -80.85 -83.91 26.75
C ILE SA 716 -79.68 -83.02 27.14
N ASN SA 717 -78.47 -83.37 26.70
CA ASN SA 717 -77.26 -82.62 27.01
C ASN SA 717 -76.57 -82.19 25.73
N VAL SA 718 -75.94 -81.02 25.78
CA VAL SA 718 -75.12 -80.55 24.68
C VAL SA 718 -73.74 -81.19 24.79
N ASP SA 719 -73.14 -81.52 23.65
CA ASP SA 719 -71.83 -82.15 23.65
C ASP SA 719 -70.76 -81.17 24.12
N PHE SA 720 -69.78 -81.69 24.86
CA PHE SA 720 -68.65 -80.92 25.36
C PHE SA 720 -69.10 -79.76 26.24
N THR SA 721 -70.12 -80.00 27.06
CA THR SA 721 -70.58 -79.05 28.05
C THR SA 721 -70.70 -79.76 29.39
N VAL SA 722 -71.27 -79.08 30.37
CA VAL SA 722 -71.52 -79.64 31.68
C VAL SA 722 -72.96 -80.12 31.76
N ASP SA 723 -73.20 -81.11 32.61
CA ASP SA 723 -74.55 -81.63 32.81
C ASP SA 723 -75.19 -80.90 34.00
N THR SA 724 -76.32 -81.42 34.47
CA THR SA 724 -77.04 -80.77 35.59
C THR SA 724 -76.20 -80.87 36.86
N ASN SA 725 -75.18 -81.72 36.87
CA ASN SA 725 -74.27 -81.83 38.04
C ASN SA 725 -73.05 -80.92 37.80
N GLY SA 726 -73.01 -80.22 36.66
CA GLY SA 726 -71.87 -79.35 36.33
C GLY SA 726 -70.64 -80.18 36.01
N VAL SA 727 -70.82 -81.45 35.66
CA VAL SA 727 -69.67 -82.35 35.35
C VAL SA 727 -69.33 -82.22 33.86
N TYR SA 728 -68.11 -81.79 33.54
CA TYR SA 728 -67.71 -81.68 32.15
C TYR SA 728 -67.35 -83.05 31.59
N SER SA 729 -67.81 -83.32 30.38
CA SER SA 729 -67.54 -84.60 29.73
C SER SA 729 -67.16 -84.35 28.27
N GLU SA 730 -66.37 -85.27 27.73
CA GLU SA 730 -66.01 -85.26 26.32
C GLU SA 730 -66.64 -86.46 25.66
N PRO SA 731 -67.74 -86.29 24.91
CA PRO SA 731 -68.52 -87.45 24.46
C PRO SA 731 -67.78 -88.40 23.54
N ARG SA 732 -66.88 -87.91 22.69
CA ARG SA 732 -66.21 -88.78 21.73
C ARG SA 732 -64.81 -88.24 21.48
N PRO SA 733 -63.88 -89.08 21.03
CA PRO SA 733 -62.58 -88.58 20.58
C PRO SA 733 -62.71 -87.90 19.23
N ILE SA 734 -62.03 -86.77 19.08
CA ILE SA 734 -62.00 -86.03 17.82
C ILE SA 734 -60.56 -86.07 17.31
N GLY SA 735 -60.39 -86.61 16.10
CA GLY SA 735 -59.10 -86.59 15.43
C GLY SA 735 -58.87 -85.27 14.74
N THR SA 736 -57.96 -85.29 13.76
CA THR SA 736 -57.67 -84.11 12.98
C THR SA 736 -57.82 -84.30 11.48
N ARG SA 737 -58.08 -85.53 11.01
CA ARG SA 737 -57.97 -85.85 9.60
C ARG SA 737 -59.36 -85.82 8.96
N TYR SA 738 -59.78 -84.60 8.58
CA TYR SA 738 -61.06 -84.38 7.91
C TYR SA 738 -60.90 -83.81 6.52
N LEU SA 739 -59.99 -82.86 6.33
CA LEU SA 739 -59.68 -82.39 4.99
C LEU SA 739 -58.92 -83.46 4.22
N THR SA 740 -58.90 -83.33 2.89
CA THR SA 740 -58.27 -84.31 2.04
C THR SA 740 -57.19 -83.66 1.18
N ARG SA 741 -56.16 -84.46 0.89
CA ARG SA 741 -55.07 -84.02 -0.02
C ARG SA 741 -54.74 -85.21 -0.90
N ASN SA 742 -54.30 -84.99 -2.16
CA ASN SA 742 -53.88 -86.05 -3.04
C ASN SA 742 -52.55 -86.63 -2.58
N LEU SA 743 -52.33 -87.90 -2.92
CA LEU SA 743 -51.07 -88.56 -2.60
C LEU SA 743 -49.91 -87.95 -3.38
N ALA TA 218 -84.48 20.12 -1.97
CA ALA TA 218 -83.28 20.61 -1.26
C ALA TA 218 -83.59 20.70 0.23
N ASP TA 219 -84.78 21.16 0.57
CA ASP TA 219 -85.13 21.40 2.00
C ASP TA 219 -86.47 20.73 2.30
N GLY TA 220 -86.95 19.90 1.37
CA GLY TA 220 -88.19 19.16 1.66
C GLY TA 220 -89.24 20.02 2.34
N VAL TA 221 -89.96 19.46 3.31
CA VAL TA 221 -91.08 20.22 3.94
C VAL TA 221 -90.63 20.51 5.37
N GLY TA 222 -90.50 21.77 5.71
CA GLY TA 222 -90.14 22.20 7.05
C GLY TA 222 -88.75 22.79 7.18
N ASN TA 223 -87.97 22.81 6.11
CA ASN TA 223 -86.65 23.42 6.12
C ASN TA 223 -86.65 24.63 5.20
N SER TA 224 -86.26 25.78 5.74
CA SER TA 224 -86.26 27.01 4.96
C SER TA 224 -85.14 26.96 3.92
N SER TA 225 -85.45 27.43 2.71
CA SER TA 225 -84.50 27.45 1.61
C SER TA 225 -83.89 28.83 1.37
N GLY TA 226 -84.12 29.77 2.27
CA GLY TA 226 -83.54 31.10 2.13
C GLY TA 226 -83.84 31.94 3.33
N ASN TA 227 -83.23 33.12 3.36
CA ASN TA 227 -83.38 34.08 4.44
C ASN TA 227 -83.78 35.44 3.88
N TRP TA 228 -84.26 36.30 4.76
CA TRP TA 228 -84.68 37.64 4.37
C TRP TA 228 -83.48 38.56 4.38
N HIS TA 229 -83.09 39.04 3.21
CA HIS TA 229 -81.95 39.96 3.06
C HIS TA 229 -82.44 41.25 2.41
N CYS TA 230 -82.78 42.25 3.22
CA CYS TA 230 -83.21 43.56 2.67
C CYS TA 230 -82.33 44.61 3.35
N ASP TA 231 -81.38 45.20 2.62
CA ASP TA 231 -80.44 46.16 3.24
C ASP TA 231 -79.54 46.81 2.18
N SER TA 232 -78.71 47.77 2.57
CA SER TA 232 -77.76 48.30 1.61
C SER TA 232 -76.42 48.54 2.31
N THR TA 233 -75.34 48.28 1.58
CA THR TA 233 -73.98 48.46 2.09
C THR TA 233 -73.25 49.44 1.19
N TRP TA 234 -72.71 50.50 1.78
CA TRP TA 234 -71.93 51.49 1.06
C TRP TA 234 -70.45 51.24 1.37
N MET TA 235 -69.68 50.95 0.33
CA MET TA 235 -68.23 50.66 0.50
C MET TA 235 -67.45 51.43 -0.56
N GLY TA 236 -66.97 52.62 -0.22
CA GLY TA 236 -66.18 53.41 -1.15
C GLY TA 236 -67.00 53.83 -2.35
N ASP TA 237 -66.55 53.43 -3.54
CA ASP TA 237 -67.20 53.77 -4.79
C ASP TA 237 -68.25 52.73 -5.20
N ARG TA 238 -68.79 51.98 -4.25
CA ARG TA 238 -69.82 50.99 -4.54
C ARG TA 238 -70.93 51.08 -3.50
N VAL TA 239 -72.15 50.79 -3.93
CA VAL TA 239 -73.28 50.58 -3.03
C VAL TA 239 -74.02 49.35 -3.51
N THR TA 240 -74.21 48.39 -2.61
CA THR TA 240 -74.93 47.16 -2.92
C THR TA 240 -76.28 47.19 -2.22
N THR TA 241 -77.35 47.21 -2.99
CA THR TA 241 -78.70 47.24 -2.46
C THR TA 241 -79.33 45.86 -2.63
N THR TA 242 -79.89 45.33 -1.54
CA THR TA 242 -80.58 44.05 -1.55
C THR TA 242 -82.01 44.24 -1.07
N SER TA 243 -82.94 43.58 -1.75
CA SER TA 243 -84.36 43.70 -1.43
C SER TA 243 -85.01 42.33 -1.41
N THR TA 244 -85.91 42.11 -0.46
CA THR TA 244 -86.70 40.89 -0.39
C THR TA 244 -88.17 41.26 -0.30
N ARG TA 245 -88.99 40.54 -1.06
CA ARG TA 245 -90.44 40.77 -1.08
C ARG TA 245 -91.15 39.43 -1.05
N THR TA 246 -92.42 39.47 -0.66
CA THR TA 246 -93.29 38.31 -0.68
C THR TA 246 -94.23 38.43 -1.87
N TRP TA 247 -94.24 37.43 -2.73
CA TRP TA 247 -95.03 37.46 -3.96
C TRP TA 247 -96.12 36.39 -3.93
N ALA TA 248 -97.17 36.64 -4.69
CA ALA TA 248 -98.25 35.70 -4.89
C ALA TA 248 -98.46 35.50 -6.38
N LEU TA 249 -98.47 34.25 -6.82
CA LEU TA 249 -98.61 33.91 -8.23
C LEU TA 249 -99.85 33.07 -8.45
N PRO TA 250 -100.89 33.60 -9.08
CA PRO TA 250 -102.08 32.80 -9.36
C PRO TA 250 -101.88 31.96 -10.62
N THR TA 251 -102.94 31.26 -10.99
CA THR TA 251 -102.98 30.54 -12.27
C THR TA 251 -103.57 31.47 -13.32
N TYR TA 252 -102.81 31.69 -14.40
CA TYR TA 252 -103.20 32.64 -15.43
C TYR TA 252 -103.75 31.92 -16.65
N ASN TA 253 -104.87 32.44 -17.16
CA ASN TA 253 -105.53 31.92 -18.36
C ASN TA 253 -105.99 30.48 -18.22
N ASN TA 254 -106.07 29.98 -16.99
CA ASN TA 254 -106.40 28.58 -16.72
C ASN TA 254 -105.46 27.64 -17.48
N HIS TA 255 -104.15 27.92 -17.35
CA HIS TA 255 -103.07 27.13 -17.93
C HIS TA 255 -103.10 27.11 -19.46
N LEU TA 256 -103.62 28.15 -20.09
CA LEU TA 256 -103.81 28.17 -21.54
C LEU TA 256 -103.08 29.34 -22.18
N TYR TA 257 -102.77 29.18 -23.46
CA TYR TA 257 -102.24 30.31 -24.25
C TYR TA 257 -103.44 30.77 -25.08
N LYS TA 258 -103.76 32.05 -25.07
CA LYS TA 258 -104.91 32.61 -25.76
C LYS TA 258 -104.44 33.69 -26.71
N GLN TA 259 -104.85 33.59 -27.97
CA GLN TA 259 -104.60 34.65 -28.93
C GLN TA 259 -105.43 35.88 -28.58
N ILE TA 260 -104.78 37.03 -28.52
CA ILE TA 260 -105.44 38.29 -28.19
C ILE TA 260 -105.23 39.28 -29.32
N SER TA 261 -106.17 40.20 -29.47
CA SER TA 261 -106.09 41.21 -30.51
C SER TA 261 -106.96 42.40 -30.09
N SER TA 262 -106.78 43.50 -30.80
CA SER TA 262 -107.57 44.69 -30.54
C SER TA 262 -109.05 44.43 -30.84
N GLN TA 263 -109.89 45.15 -30.10
CA GLN TA 263 -111.35 44.95 -30.28
C GLN TA 263 -111.76 45.47 -31.63
N SER TA 264 -112.79 44.85 -32.21
CA SER TA 264 -113.34 45.39 -33.48
C SER TA 264 -113.91 46.77 -33.21
N GLY TA 265 -113.75 47.69 -34.14
CA GLY TA 265 -114.18 49.06 -34.02
C GLY TA 265 -113.14 50.00 -33.46
N ALA TA 266 -112.00 49.49 -33.02
CA ALA TA 266 -110.92 50.33 -32.53
C ALA TA 266 -110.31 51.13 -33.68
N SER TA 267 -109.68 52.24 -33.34
CA SER TA 267 -108.99 53.03 -34.34
C SER TA 267 -107.76 52.29 -34.85
N ASN TA 268 -107.26 52.73 -36.01
CA ASN TA 268 -106.10 52.08 -36.60
C ASN TA 268 -104.87 52.23 -35.71
N ASP TA 269 -104.74 53.36 -35.00
CA ASP TA 269 -103.60 53.56 -34.12
C ASP TA 269 -103.62 52.59 -32.95
N ASN TA 270 -104.79 52.11 -32.55
CA ASN TA 270 -104.94 51.24 -31.39
C ASN TA 270 -105.03 49.76 -31.77
N HIS TA 271 -104.89 49.42 -33.05
CA HIS TA 271 -104.96 48.02 -33.47
C HIS TA 271 -103.70 47.27 -33.04
N TYR TA 272 -103.89 46.03 -32.60
CA TYR TA 272 -102.76 45.20 -32.20
C TYR TA 272 -103.14 43.74 -32.30
N PHE TA 273 -102.12 42.88 -32.31
CA PHE TA 273 -102.29 41.44 -32.30
C PHE TA 273 -101.16 40.84 -31.46
N GLY TA 274 -101.49 39.82 -30.69
CA GLY TA 274 -100.49 39.22 -29.83
C GLY TA 274 -101.03 37.97 -29.17
N TYR TA 275 -100.30 37.50 -28.17
CA TYR TA 275 -100.67 36.30 -27.44
C TYR TA 275 -100.54 36.53 -25.95
N SER TA 276 -101.45 35.93 -25.18
CA SER TA 276 -101.42 35.95 -23.73
C SER TA 276 -100.97 34.59 -23.23
N THR TA 277 -99.96 34.59 -22.36
CA THR TA 277 -99.40 33.34 -21.86
C THR TA 277 -99.84 33.06 -20.44
N PRO TA 278 -99.87 31.80 -20.01
CA PRO TA 278 -100.20 31.49 -18.61
C PRO TA 278 -99.07 31.76 -17.64
N TRP TA 279 -97.96 32.31 -18.10
CA TRP TA 279 -96.81 32.57 -17.25
C TRP TA 279 -96.88 33.97 -16.64
N GLY TA 280 -96.17 34.14 -15.53
CA GLY TA 280 -95.91 35.44 -14.96
C GLY TA 280 -94.44 35.78 -15.07
N TYR TA 281 -94.11 37.01 -14.71
CA TYR TA 281 -92.73 37.46 -14.76
C TYR TA 281 -92.43 38.36 -13.57
N PHE TA 282 -91.18 38.33 -13.13
CA PHE TA 282 -90.72 39.14 -12.01
C PHE TA 282 -90.08 40.42 -12.55
N ASP TA 283 -90.63 41.56 -12.16
CA ASP TA 283 -90.17 42.86 -12.63
C ASP TA 283 -89.60 43.63 -11.45
N PHE TA 284 -88.35 44.08 -11.58
CA PHE TA 284 -87.74 45.00 -10.61
C PHE TA 284 -87.05 46.15 -11.34
N ASN TA 285 -87.63 46.59 -12.44
CA ASN TA 285 -87.06 47.66 -13.26
C ASN TA 285 -87.56 49.04 -12.81
N ARG TA 286 -87.45 49.30 -11.51
CA ARG TA 286 -87.76 50.61 -10.95
C ARG TA 286 -86.81 50.83 -9.78
N PHE TA 287 -86.36 52.06 -9.58
CA PHE TA 287 -85.32 52.32 -8.55
C PHE TA 287 -85.86 52.10 -7.14
N HIS TA 288 -87.15 52.33 -6.91
CA HIS TA 288 -87.77 52.18 -5.57
C HIS TA 288 -87.73 50.71 -5.13
N CYS TA 289 -87.52 49.78 -6.05
CA CYS TA 289 -87.47 48.33 -5.75
C CYS TA 289 -86.16 47.98 -5.06
N HIS TA 290 -85.15 48.86 -5.14
CA HIS TA 290 -83.85 48.60 -4.56
C HIS TA 290 -83.37 49.68 -3.60
N PHE TA 291 -83.75 50.93 -3.81
CA PHE TA 291 -83.30 52.05 -3.00
C PHE TA 291 -84.42 52.52 -2.09
N SER TA 292 -84.13 52.63 -0.80
CA SER TA 292 -85.01 53.33 0.11
C SER TA 292 -84.89 54.84 -0.14
N PRO TA 293 -85.87 55.63 0.29
CA PRO TA 293 -85.75 57.08 0.13
C PRO TA 293 -84.51 57.67 0.79
N ARG TA 294 -84.11 57.16 1.95
CA ARG TA 294 -82.86 57.59 2.56
C ARG TA 294 -81.66 57.17 1.70
N ASP TA 295 -81.71 55.96 1.13
CA ASP TA 295 -80.67 55.53 0.21
C ASP TA 295 -80.59 56.42 -1.02
N TRP TA 296 -81.75 56.80 -1.56
CA TRP TA 296 -81.78 57.71 -2.70
C TRP TA 296 -81.19 59.06 -2.35
N GLN TA 297 -81.54 59.60 -1.17
CA GLN TA 297 -81.00 60.88 -0.75
C GLN TA 297 -79.48 60.80 -0.56
N ARG TA 298 -79.00 59.69 0.01
CA ARG TA 298 -77.56 59.49 0.14
C ARG TA 298 -76.88 59.38 -1.21
N LEU TA 299 -77.55 58.78 -2.20
CA LEU TA 299 -76.96 58.63 -3.53
C LEU TA 299 -76.90 59.97 -4.26
N ILE TA 300 -78.00 60.73 -4.25
CA ILE TA 300 -78.09 61.89 -5.12
C ILE TA 300 -77.43 63.13 -4.54
N ASN TA 301 -77.23 63.19 -3.22
CA ASN TA 301 -76.63 64.36 -2.61
C ASN TA 301 -75.12 64.31 -2.55
N ASN TA 302 -74.50 63.19 -2.95
CA ASN TA 302 -73.08 63.00 -2.77
C ASN TA 302 -72.34 62.48 -4.00
N ASN TA 303 -73.04 62.05 -5.04
CA ASN TA 303 -72.42 61.42 -6.18
C ASN TA 303 -72.75 62.18 -7.45
N TRP TA 304 -71.76 62.27 -8.35
CA TRP TA 304 -71.94 62.86 -9.66
C TRP TA 304 -72.43 61.86 -10.70
N GLY TA 305 -72.51 60.58 -10.36
CA GLY TA 305 -72.99 59.59 -11.28
C GLY TA 305 -73.06 58.22 -10.65
N PHE TA 306 -73.79 57.32 -11.30
CA PHE TA 306 -73.90 55.95 -10.85
C PHE TA 306 -74.34 55.08 -12.02
N ARG TA 307 -74.06 53.78 -11.91
CA ARG TA 307 -74.44 52.82 -12.93
C ARG TA 307 -74.47 51.44 -12.29
N PRO TA 308 -75.34 50.54 -12.77
CA PRO TA 308 -75.36 49.17 -12.25
C PRO TA 308 -74.19 48.35 -12.77
N LYS TA 309 -73.74 47.42 -11.94
CA LYS TA 309 -72.59 46.58 -12.23
C LYS TA 309 -72.94 45.12 -12.36
N ARG TA 310 -73.63 44.55 -11.38
CA ARG TA 310 -74.03 43.15 -11.41
C ARG TA 310 -75.24 42.98 -10.49
N LEU TA 311 -75.98 41.89 -10.72
CA LEU TA 311 -77.14 41.60 -9.89
C LEU TA 311 -77.18 40.11 -9.55
N ASN TA 312 -77.87 39.81 -8.44
CA ASN TA 312 -78.09 38.41 -8.00
C ASN TA 312 -79.58 38.29 -7.71
N PHE TA 313 -80.21 37.20 -8.12
CA PHE TA 313 -81.65 36.97 -8.00
C PHE TA 313 -81.88 35.64 -7.32
N LYS TA 314 -82.89 35.62 -6.45
CA LYS TA 314 -83.21 34.36 -5.75
C LYS TA 314 -84.71 34.18 -5.48
N LEU TA 315 -85.24 32.99 -5.74
CA LEU TA 315 -86.59 32.61 -5.34
C LEU TA 315 -86.48 31.48 -4.33
N PHE TA 316 -87.21 31.59 -3.23
CA PHE TA 316 -87.06 30.63 -2.14
C PHE TA 316 -88.34 30.62 -1.32
N ASN TA 317 -88.41 29.65 -0.39
CA ASN TA 317 -89.55 29.47 0.50
C ASN TA 317 -90.85 29.38 -0.30
N ILE TA 318 -90.83 28.55 -1.34
CA ILE TA 318 -91.95 28.44 -2.26
C ILE TA 318 -93.01 27.54 -1.67
N GLN TA 319 -94.24 28.03 -1.58
CA GLN TA 319 -95.37 27.29 -1.06
C GLN TA 319 -96.46 27.26 -2.13
N VAL TA 320 -96.94 26.06 -2.46
CA VAL TA 320 -98.05 25.90 -3.38
C VAL TA 320 -99.29 25.60 -2.57
N LYS TA 321 -100.31 26.42 -2.73
CA LYS TA 321 -101.56 26.30 -1.98
C LYS TA 321 -102.67 25.86 -2.93
N GLU TA 322 -103.39 24.82 -2.53
CA GLU TA 322 -104.54 24.34 -3.28
C GLU TA 322 -105.81 24.96 -2.73
N VAL TA 323 -106.63 25.55 -3.61
CA VAL TA 323 -107.86 26.22 -3.24
C VAL TA 323 -109.03 25.39 -3.70
N THR TA 324 -109.97 25.12 -2.80
CA THR TA 324 -111.19 24.40 -3.12
C THR TA 324 -112.39 25.22 -2.64
N GLN TA 325 -113.53 25.03 -3.31
CA GLN TA 325 -114.74 25.76 -2.99
C GLN TA 325 -115.91 24.77 -3.00
N ASN TA 326 -116.41 24.44 -1.82
CA ASN TA 326 -117.50 23.48 -1.67
C ASN TA 326 -118.63 24.12 -0.88
N ASP TA 327 -119.82 24.20 -1.50
CA ASP TA 327 -121.01 24.76 -0.86
C ASP TA 327 -120.77 26.19 -0.36
N GLY TA 328 -120.05 26.98 -1.16
CA GLY TA 328 -119.83 28.37 -0.83
C GLY TA 328 -118.72 28.64 0.17
N THR TA 329 -117.92 27.63 0.51
CA THR TA 329 -116.83 27.77 1.46
C THR TA 329 -115.50 27.67 0.75
N THR TA 330 -114.63 28.64 0.99
CA THR TA 330 -113.29 28.66 0.41
C THR TA 330 -112.30 28.06 1.41
N THR TA 331 -111.71 26.92 1.04
CA THR TA 331 -110.76 26.22 1.89
C THR TA 331 -109.41 26.18 1.19
N ILE TA 332 -108.36 26.58 1.90
CA ILE TA 332 -107.01 26.63 1.37
C ILE TA 332 -106.15 25.65 2.16
N ALA TA 333 -105.46 24.76 1.45
CA ALA TA 333 -104.60 23.77 2.09
C ALA TA 333 -103.29 23.70 1.32
N ASN TA 334 -102.26 23.22 2.00
CA ASN TA 334 -100.95 23.09 1.39
C ASN TA 334 -100.93 21.96 0.36
N ASN TA 335 -100.13 22.15 -0.68
CA ASN TA 335 -99.85 21.12 -1.68
C ASN TA 335 -98.34 20.95 -1.72
N LEU TA 336 -97.82 19.98 -0.97
CA LEU TA 336 -96.38 19.83 -0.82
C LEU TA 336 -95.72 19.15 -2.02
N THR TA 337 -96.50 18.59 -2.94
CA THR TA 337 -95.93 17.88 -4.09
C THR TA 337 -96.03 18.67 -5.39
N SER TA 338 -96.72 19.80 -5.39
CA SER TA 338 -96.82 20.61 -6.60
C SER TA 338 -95.54 21.43 -6.81
N THR TA 339 -95.30 21.80 -8.07
CA THR TA 339 -94.10 22.53 -8.46
C THR TA 339 -94.47 23.86 -9.08
N VAL TA 340 -93.45 24.71 -9.20
CA VAL TA 340 -93.53 25.93 -10.00
C VAL TA 340 -92.35 25.93 -10.97
N GLN TA 341 -92.61 26.30 -12.21
CA GLN TA 341 -91.61 26.32 -13.25
C GLN TA 341 -91.01 27.72 -13.37
N VAL TA 342 -89.68 27.80 -13.26
CA VAL TA 342 -88.96 29.08 -13.33
C VAL TA 342 -87.84 28.94 -14.34
N PHE TA 343 -87.73 29.91 -15.25
CA PHE TA 343 -86.58 29.97 -16.14
C PHE TA 343 -86.31 31.43 -16.49
N THR TA 344 -85.06 31.72 -16.80
CA THR TA 344 -84.62 33.05 -17.22
C THR TA 344 -84.34 33.03 -18.71
N ASP TA 345 -84.84 34.04 -19.42
CA ASP TA 345 -84.64 34.16 -20.86
C ASP TA 345 -83.28 34.81 -21.12
N SER TA 346 -82.21 34.08 -20.84
CA SER TA 346 -80.83 34.65 -20.93
C SER TA 346 -80.37 34.76 -22.38
N GLU TA 347 -81.02 34.06 -23.31
CA GLU TA 347 -80.67 34.21 -24.71
C GLU TA 347 -81.55 35.23 -25.43
N TYR TA 348 -82.48 35.86 -24.73
CA TYR TA 348 -83.34 36.91 -25.28
C TYR TA 348 -84.08 36.43 -26.52
N GLN TA 349 -84.64 35.21 -26.44
CA GLN TA 349 -85.43 34.65 -27.52
C GLN TA 349 -86.91 34.98 -27.41
N LEU TA 350 -87.34 35.60 -26.33
CA LEU TA 350 -88.73 35.99 -26.13
C LEU TA 350 -88.86 37.51 -26.26
N PRO TA 351 -90.05 37.99 -26.64
CA PRO TA 351 -90.26 39.44 -26.69
C PRO TA 351 -90.04 40.08 -25.33
N TYR TA 352 -89.18 41.10 -25.30
CA TYR TA 352 -88.79 41.74 -24.05
C TYR TA 352 -89.84 42.78 -23.68
N VAL TA 353 -90.70 42.43 -22.72
CA VAL TA 353 -91.76 43.33 -22.28
C VAL TA 353 -91.35 44.18 -21.08
N LEU TA 354 -90.23 43.89 -20.45
CA LEU TA 354 -89.67 44.79 -19.46
C LEU TA 354 -89.18 46.06 -20.13
N GLY TA 355 -89.18 47.16 -19.39
CA GLY TA 355 -88.79 48.44 -19.94
C GLY TA 355 -89.89 49.20 -20.64
N SER TA 356 -91.14 48.76 -20.52
CA SER TA 356 -92.29 49.49 -21.05
C SER TA 356 -93.07 50.21 -19.97
N ALA TA 357 -92.48 50.38 -18.78
CA ALA TA 357 -93.09 51.10 -17.67
C ALA TA 357 -94.41 50.43 -17.25
N HIS TA 358 -94.37 49.12 -17.06
CA HIS TA 358 -95.55 48.36 -16.70
C HIS TA 358 -95.65 48.19 -15.19
N GLN TA 359 -96.89 48.09 -14.71
CA GLN TA 359 -97.16 47.83 -13.30
C GLN TA 359 -96.84 46.37 -12.97
N GLY TA 360 -96.74 46.10 -11.67
CA GLY TA 360 -96.42 44.76 -11.21
C GLY TA 360 -95.01 44.57 -10.70
N CYS TA 361 -94.28 45.65 -10.45
CA CYS TA 361 -92.92 45.55 -9.97
C CYS TA 361 -92.90 45.16 -8.49
N LEU TA 362 -91.69 45.04 -7.95
CA LEU TA 362 -91.53 44.85 -6.52
C LEU TA 362 -91.97 46.13 -5.81
N PRO TA 363 -92.85 46.04 -4.81
CA PRO TA 363 -93.36 47.26 -4.19
C PRO TA 363 -92.25 48.01 -3.49
N PRO TA 364 -92.32 49.34 -3.48
CA PRO TA 364 -91.24 50.13 -2.83
C PRO TA 364 -91.10 49.84 -1.35
N PHE TA 365 -92.19 49.55 -0.64
CA PHE TA 365 -92.13 49.25 0.78
C PHE TA 365 -91.86 47.76 0.98
N PRO TA 366 -90.80 47.39 1.72
CA PRO TA 366 -90.45 45.98 1.85
C PRO TA 366 -91.52 45.12 2.51
N ALA TA 367 -92.47 45.71 3.22
CA ALA TA 367 -93.49 44.95 3.92
C ALA TA 367 -94.71 44.63 3.06
N ASP TA 368 -94.77 45.15 1.84
CA ASP TA 368 -95.92 44.94 0.96
C ASP TA 368 -95.80 43.63 0.19
N VAL TA 369 -96.93 42.95 0.02
CA VAL TA 369 -97.02 41.72 -0.75
C VAL TA 369 -97.64 42.05 -2.11
N PHE TA 370 -97.03 41.54 -3.18
CA PHE TA 370 -97.42 41.90 -4.53
C PHE TA 370 -97.76 40.67 -5.35
N MET TA 371 -98.66 40.85 -6.31
CA MET TA 371 -99.02 39.82 -7.27
C MET TA 371 -98.07 39.84 -8.45
N VAL TA 372 -97.72 38.66 -8.95
CA VAL TA 372 -96.82 38.53 -10.09
C VAL TA 372 -97.60 38.86 -11.37
N PRO TA 373 -97.16 39.83 -12.16
CA PRO TA 373 -97.92 40.21 -13.36
C PRO TA 373 -97.89 39.11 -14.42
N GLN TA 374 -98.96 39.05 -15.20
CA GLN TA 374 -99.07 38.07 -16.27
C GLN TA 374 -98.24 38.48 -17.48
N TYR TA 375 -97.52 37.52 -18.04
CA TYR TA 375 -96.66 37.79 -19.20
C TYR TA 375 -97.48 37.71 -20.49
N GLY TA 376 -97.24 38.67 -21.37
CA GLY TA 376 -97.89 38.69 -22.67
C GLY TA 376 -97.08 39.54 -23.61
N TYR TA 377 -97.21 39.25 -24.90
CA TYR TA 377 -96.42 39.94 -25.92
C TYR TA 377 -97.29 40.23 -27.13
N LEU TA 378 -96.85 41.21 -27.92
CA LEU TA 378 -97.49 41.57 -29.16
C LEU TA 378 -96.57 41.24 -30.33
N THR TA 379 -97.18 40.89 -31.46
CA THR TA 379 -96.43 40.61 -32.68
C THR TA 379 -97.01 41.45 -33.81
N LEU TA 380 -96.56 41.19 -35.03
CA LEU TA 380 -97.01 41.98 -36.20
C LEU TA 380 -98.51 41.84 -36.39
N ASN TA 381 -99.18 42.92 -36.77
CA ASN TA 381 -100.64 42.87 -37.02
C ASN TA 381 -101.00 43.71 -38.24
N ASN TA 382 -101.93 43.25 -39.05
CA ASN TA 382 -102.48 44.08 -40.15
C ASN TA 382 -103.89 44.39 -39.67
N GLY TA 383 -104.05 45.43 -38.84
CA GLY TA 383 -105.37 45.67 -38.22
C GLY TA 383 -105.51 44.78 -37.02
N SER TA 384 -106.68 44.18 -36.82
CA SER TA 384 -106.86 43.23 -35.73
C SER TA 384 -106.37 41.83 -36.08
N GLN TA 385 -106.01 41.59 -37.34
CA GLN TA 385 -105.55 40.30 -37.80
C GLN TA 385 -104.02 40.21 -37.73
N ALA TA 386 -103.52 39.03 -38.04
CA ALA TA 386 -102.09 38.76 -38.07
C ALA TA 386 -101.60 38.62 -39.52
N VAL TA 387 -100.28 38.61 -39.68
CA VAL TA 387 -99.65 38.39 -40.97
C VAL TA 387 -98.79 37.14 -40.86
N GLY TA 388 -98.24 36.73 -42.01
CA GLY TA 388 -97.43 35.52 -42.04
C GLY TA 388 -96.14 35.66 -41.26
N ARG TA 389 -95.66 36.89 -41.07
CA ARG TA 389 -94.43 37.13 -40.33
C ARG TA 389 -94.64 37.17 -38.82
N SER TA 390 -95.89 37.14 -38.36
CA SER TA 390 -96.16 37.16 -36.92
C SER TA 390 -95.60 35.90 -36.27
N SER TA 391 -95.00 36.07 -35.09
CA SER TA 391 -94.33 34.99 -34.39
C SER TA 391 -95.15 34.57 -33.17
N PHE TA 392 -95.20 33.25 -32.95
CA PHE TA 392 -95.82 32.67 -31.78
C PHE TA 392 -94.76 31.99 -30.94
N TYR TA 393 -94.82 32.19 -29.62
CA TYR TA 393 -93.84 31.65 -28.70
C TYR TA 393 -94.54 30.83 -27.62
N CYS TA 394 -94.12 29.58 -27.48
CA CYS TA 394 -94.55 28.73 -26.38
C CYS TA 394 -93.44 28.71 -25.34
N LEU TA 395 -93.75 29.18 -24.14
CA LEU TA 395 -92.76 29.28 -23.07
C LEU TA 395 -92.44 27.93 -22.44
N GLU TA 396 -93.26 26.90 -22.69
CA GLU TA 396 -92.92 25.55 -22.26
C GLU TA 396 -91.92 24.89 -23.19
N TYR TA 397 -91.54 25.55 -24.29
CA TYR TA 397 -90.54 25.03 -25.26
C TYR TA 397 -89.14 25.46 -24.79
N PHE TA 398 -89.05 26.12 -23.65
CA PHE TA 398 -87.81 26.50 -23.00
C PHE TA 398 -87.51 25.55 -21.85
N PRO TA 399 -86.24 25.25 -21.59
CA PRO TA 399 -85.89 24.48 -20.39
C PRO TA 399 -86.13 25.31 -19.14
N SER TA 400 -86.92 24.78 -18.22
CA SER TA 400 -87.27 25.47 -16.99
C SER TA 400 -86.97 24.57 -15.80
N GLN TA 401 -86.74 25.20 -14.65
CA GLN TA 401 -86.44 24.50 -13.42
C GLN TA 401 -87.71 24.34 -12.60
N MET TA 402 -87.99 23.11 -12.18
CA MET TA 402 -89.20 22.79 -11.41
C MET TA 402 -88.85 22.81 -9.92
N LEU TA 403 -89.64 23.55 -9.15
CA LEU TA 403 -89.34 23.79 -7.74
C LEU TA 403 -90.52 23.35 -6.89
N ARG TA 404 -90.30 22.37 -6.02
CA ARG TA 404 -91.27 22.02 -4.99
C ARG TA 404 -91.06 22.89 -3.76
N THR TA 405 -91.85 22.66 -2.72
CA THR TA 405 -91.61 23.35 -1.44
C THR TA 405 -90.30 22.81 -0.88
N GLY TA 406 -89.32 23.66 -0.70
CA GLY TA 406 -87.99 23.27 -0.28
C GLY TA 406 -86.92 23.45 -1.33
N ASN TA 407 -87.29 23.72 -2.57
CA ASN TA 407 -86.35 24.04 -3.63
C ASN TA 407 -86.25 25.54 -3.80
N ASN TA 408 -85.08 26.00 -4.25
CA ASN TA 408 -84.86 27.42 -4.50
C ASN TA 408 -84.25 27.60 -5.88
N PHE TA 409 -84.40 28.82 -6.40
CA PHE TA 409 -83.87 29.19 -7.71
C PHE TA 409 -82.94 30.39 -7.53
N THR TA 410 -81.87 30.43 -8.30
CA THR TA 410 -80.96 31.55 -8.25
C THR TA 410 -80.24 31.71 -9.58
N PHE TA 411 -79.83 32.94 -9.88
CA PHE TA 411 -78.98 33.20 -11.03
C PHE TA 411 -78.31 34.55 -10.84
N SER TA 412 -77.15 34.70 -11.48
CA SER TA 412 -76.36 35.92 -11.40
C SER TA 412 -76.21 36.52 -12.79
N TYR TA 413 -76.21 37.85 -12.85
CA TYR TA 413 -76.12 38.58 -14.10
C TYR TA 413 -75.12 39.71 -13.93
N THR TA 414 -74.36 39.99 -14.98
CA THR TA 414 -73.40 41.09 -14.99
C THR TA 414 -73.85 42.11 -16.03
N PHE TA 415 -74.00 43.36 -15.59
CA PHE TA 415 -74.36 44.43 -16.51
C PHE TA 415 -73.19 44.72 -17.45
N GLU TA 416 -73.52 45.07 -18.69
CA GLU TA 416 -72.52 45.54 -19.62
C GLU TA 416 -72.05 46.93 -19.22
N ASP TA 417 -70.93 47.35 -19.80
CA ASP TA 417 -70.40 48.69 -19.52
C ASP TA 417 -71.34 49.74 -20.08
N VAL TA 418 -71.79 50.65 -19.22
CA VAL TA 418 -72.70 51.71 -19.62
C VAL TA 418 -72.20 53.02 -19.02
N PRO TA 419 -72.53 54.15 -19.65
CA PRO TA 419 -72.13 55.44 -19.08
C PRO TA 419 -72.79 55.69 -17.73
N PHE TA 420 -72.06 56.40 -16.87
CA PHE TA 420 -72.65 56.85 -15.61
C PHE TA 420 -73.81 57.78 -15.88
N HIS TA 421 -74.89 57.62 -15.13
CA HIS TA 421 -75.99 58.57 -15.21
C HIS TA 421 -75.53 59.93 -14.71
N SER TA 422 -75.90 60.97 -15.46
CA SER TA 422 -75.52 62.36 -15.09
C SER TA 422 -76.37 62.85 -13.92
N SER TA 423 -76.02 62.45 -12.70
CA SER TA 423 -76.76 62.90 -11.51
C SER TA 423 -76.26 64.25 -11.02
N TYR TA 424 -76.24 65.21 -11.94
CA TYR TA 424 -75.80 66.56 -11.64
C TYR TA 424 -76.53 67.53 -12.57
N ALA TA 425 -76.56 68.79 -12.17
CA ALA TA 425 -77.06 69.88 -12.99
C ALA TA 425 -75.90 70.81 -13.33
N HIS TA 426 -75.82 71.22 -14.59
CA HIS TA 426 -74.74 72.11 -15.00
C HIS TA 426 -74.92 73.49 -14.36
N SER TA 427 -73.84 74.01 -13.79
CA SER TA 427 -73.82 75.35 -13.22
C SER TA 427 -73.45 76.41 -14.25
N GLN TA 428 -73.22 76.02 -15.50
CA GLN TA 428 -72.99 76.94 -16.59
C GLN TA 428 -73.98 76.66 -17.71
N SER TA 429 -74.34 77.69 -18.45
CA SER TA 429 -75.18 77.56 -19.62
C SER TA 429 -74.30 77.46 -20.86
N LEU TA 430 -74.81 76.75 -21.88
CA LEU TA 430 -74.04 76.54 -23.10
C LEU TA 430 -73.78 77.84 -23.85
N ASP TA 431 -74.61 78.87 -23.61
CA ASP TA 431 -74.45 80.17 -24.33
C ASP TA 431 -73.70 81.17 -23.45
N ARG TA 432 -73.20 80.73 -22.29
CA ARG TA 432 -72.49 81.60 -21.35
C ARG TA 432 -71.18 80.93 -20.91
N LEU TA 433 -70.43 80.39 -21.85
CA LEU TA 433 -69.19 79.68 -21.57
C LEU TA 433 -67.95 80.55 -21.77
N MET TA 434 -68.11 81.84 -22.02
CA MET TA 434 -67.01 82.71 -22.38
C MET TA 434 -66.48 83.45 -21.15
N ASN TA 435 -65.42 84.23 -21.36
CA ASN TA 435 -64.89 85.13 -20.35
C ASN TA 435 -65.53 86.49 -20.54
N PRO TA 436 -66.36 86.97 -19.60
CA PRO TA 436 -67.08 88.24 -19.81
C PRO TA 436 -66.17 89.46 -19.79
N LEU TA 437 -64.91 89.33 -19.36
CA LEU TA 437 -64.02 90.47 -19.23
C LEU TA 437 -63.24 90.77 -20.50
N ILE TA 438 -63.04 89.79 -21.37
CA ILE TA 438 -62.18 89.91 -22.54
C ILE TA 438 -63.04 89.83 -23.78
N ASP TA 439 -62.82 90.75 -24.71
CA ASP TA 439 -63.49 90.70 -26.00
C ASP TA 439 -62.94 89.57 -26.86
N GLN TA 440 -63.75 89.13 -27.82
CA GLN TA 440 -63.29 88.16 -28.81
C GLN TA 440 -62.51 88.86 -29.91
N TYR TA 441 -61.56 88.14 -30.48
CA TYR TA 441 -60.84 88.66 -31.64
C TYR TA 441 -61.60 88.43 -32.95
N LEU TA 442 -62.64 87.61 -32.94
CA LEU TA 442 -63.45 87.39 -34.13
C LEU TA 442 -64.49 88.49 -34.29
N TYR TA 443 -64.85 88.76 -35.53
CA TYR TA 443 -65.82 89.79 -35.86
C TYR TA 443 -67.13 89.16 -36.32
N TYR TA 444 -68.22 89.88 -36.08
CA TYR TA 444 -69.54 89.47 -36.55
C TYR TA 444 -70.21 90.67 -37.21
N LEU TA 445 -71.07 90.39 -38.17
CA LEU TA 445 -71.82 91.44 -38.85
C LEU TA 445 -72.80 92.07 -37.86
N SER TA 446 -72.52 93.31 -37.44
CA SER TA 446 -73.33 93.99 -36.44
C SER TA 446 -74.31 94.98 -37.04
N ARG TA 447 -73.94 95.58 -38.17
CA ARG TA 447 -74.87 96.53 -38.83
C ARG TA 447 -74.95 96.22 -40.32
N THR TA 448 -76.10 96.50 -40.90
CA THR TA 448 -76.32 96.28 -42.33
C THR TA 448 -76.61 97.56 -43.10
N ASN TA 449 -76.74 98.70 -42.43
CA ASN TA 449 -76.95 99.97 -43.12
C ASN TA 449 -76.45 101.10 -42.23
N THR TA 450 -76.30 102.27 -42.83
CA THR TA 450 -75.88 103.47 -42.11
C THR TA 450 -76.75 104.64 -42.53
N PRO TA 451 -76.94 105.67 -41.66
CA PRO TA 451 -77.69 106.85 -42.07
C PRO TA 451 -77.01 107.51 -43.26
N SER TA 452 -77.73 107.71 -44.36
CA SER TA 452 -77.16 108.41 -45.54
C SER TA 452 -78.11 109.56 -45.91
N GLY TA 453 -77.64 110.79 -45.87
CA GLY TA 453 -78.53 111.94 -46.12
C GLY TA 453 -79.68 111.94 -45.12
N THR TA 454 -80.92 111.98 -45.61
CA THR TA 454 -82.10 111.91 -44.71
C THR TA 454 -82.76 110.54 -44.89
N THR TA 455 -82.14 109.67 -45.69
CA THR TA 455 -82.65 108.28 -45.87
C THR TA 455 -81.65 107.30 -45.27
N THR TA 456 -81.62 106.06 -45.77
CA THR TA 456 -80.61 105.07 -45.29
C THR TA 456 -79.85 104.50 -46.49
N GLN TA 457 -78.64 104.03 -46.27
CA GLN TA 457 -77.85 103.43 -47.32
C GLN TA 457 -77.26 102.11 -46.84
N SER TA 458 -77.26 101.11 -47.70
CA SER TA 458 -76.74 99.79 -47.33
C SER TA 458 -75.24 99.87 -47.10
N ARG TA 459 -74.79 99.35 -45.96
CA ARG TA 459 -73.38 99.37 -45.60
C ARG TA 459 -73.13 98.33 -44.53
N LEU TA 460 -72.25 97.38 -44.81
CA LEU TA 460 -71.94 96.32 -43.86
C LEU TA 460 -70.88 96.78 -42.87
N GLN TA 461 -71.11 96.53 -41.59
CA GLN TA 461 -70.15 96.82 -40.53
C GLN TA 461 -70.01 95.61 -39.61
N PHE TA 462 -68.85 95.50 -38.99
CA PHE TA 462 -68.52 94.35 -38.17
C PHE TA 462 -67.96 94.82 -36.83
N SER TA 463 -68.25 94.05 -35.78
CA SER TA 463 -67.83 94.37 -34.43
C SER TA 463 -67.27 93.12 -33.77
N GLN TA 464 -66.43 93.35 -32.76
CA GLN TA 464 -65.95 92.27 -31.91
C GLN TA 464 -66.89 92.13 -30.71
N ALA TA 465 -67.29 90.91 -30.42
CA ALA TA 465 -68.29 90.66 -29.39
C ALA TA 465 -67.65 90.63 -28.02
N GLY TA 466 -68.30 91.28 -27.05
CA GLY TA 466 -67.89 91.30 -25.66
C GLY TA 466 -69.07 90.95 -24.76
N ALA TA 467 -69.09 91.59 -23.59
CA ALA TA 467 -70.14 91.33 -22.62
C ALA TA 467 -71.45 92.04 -22.98
N SER TA 468 -71.36 93.25 -23.55
CA SER TA 468 -72.56 94.03 -23.83
C SER TA 468 -73.38 93.40 -24.95
N ASP TA 469 -72.73 92.78 -25.93
CA ASP TA 469 -73.41 92.09 -27.02
C ASP TA 469 -73.09 90.61 -26.95
N ILE TA 470 -73.20 90.05 -25.74
CA ILE TA 470 -72.79 88.67 -25.46
C ILE TA 470 -73.55 87.66 -26.30
N ARG TA 471 -74.73 88.02 -26.82
CA ARG TA 471 -75.51 87.09 -27.63
C ARG TA 471 -74.90 86.84 -29.00
N ASP TA 472 -74.01 87.73 -29.46
CA ASP TA 472 -73.42 87.63 -30.79
C ASP TA 472 -72.06 86.95 -30.79
N GLN TA 473 -71.61 86.44 -29.65
CA GLN TA 473 -70.28 85.85 -29.57
C GLN TA 473 -70.20 84.57 -30.38
N SER TA 474 -69.06 84.37 -31.03
CA SER TA 474 -68.82 83.13 -31.76
C SER TA 474 -68.65 81.98 -30.78
N ARG TA 475 -69.29 80.85 -31.09
CA ARG TA 475 -69.34 79.72 -30.18
C ARG TA 475 -68.97 78.44 -30.92
N ASN TA 476 -68.57 77.43 -30.15
CA ASN TA 476 -68.10 76.17 -30.71
C ASN TA 476 -69.15 75.06 -30.68
N TRP TA 477 -70.25 75.25 -29.94
CA TRP TA 477 -71.21 74.18 -29.69
C TRP TA 477 -72.62 74.68 -29.90
N LEU TA 478 -73.55 73.73 -29.99
CA LEU TA 478 -74.97 73.98 -30.23
C LEU TA 478 -75.81 73.21 -29.23
N PRO TA 479 -77.00 73.70 -28.92
CA PRO TA 479 -77.90 72.94 -28.05
C PRO TA 479 -78.41 71.67 -28.73
N GLY TA 480 -78.77 70.70 -27.91
CA GLY TA 480 -79.17 69.39 -28.38
C GLY TA 480 -80.41 69.39 -29.25
N PRO TA 481 -80.77 68.23 -29.78
CA PRO TA 481 -81.90 68.16 -30.72
C PRO TA 481 -83.23 68.38 -30.03
N CYS TA 482 -84.19 68.74 -30.89
CA CYS TA 482 -85.52 69.15 -30.39
C CYS TA 482 -86.64 68.48 -31.18
N TYR TA 483 -87.78 68.23 -30.53
CA TYR TA 483 -88.99 67.75 -31.19
C TYR TA 483 -90.16 68.40 -30.45
N ARG TA 484 -90.63 69.53 -30.98
CA ARG TA 484 -91.44 70.46 -30.20
C ARG TA 484 -92.70 69.82 -29.65
N GLN TA 485 -93.01 70.15 -28.40
CA GLN TA 485 -94.21 69.70 -27.70
C GLN TA 485 -95.14 70.88 -27.45
N GLN TA 486 -96.43 70.59 -27.36
CA GLN TA 486 -97.39 71.62 -27.00
C GLN TA 486 -97.26 71.97 -25.52
N ARG TA 487 -97.46 73.24 -25.20
CA ARG TA 487 -97.33 73.73 -23.84
C ARG TA 487 -98.69 73.74 -23.15
N VAL TA 488 -98.71 73.12 -21.97
CA VAL TA 488 -99.93 73.06 -21.13
C VAL TA 488 -99.56 73.68 -19.78
N SER TA 489 -100.52 74.25 -19.07
CA SER TA 489 -100.30 74.91 -17.78
C SER TA 489 -100.97 74.12 -16.67
N LYS TA 490 -100.31 74.09 -15.51
CA LYS TA 490 -100.89 73.41 -14.32
C LYS TA 490 -102.10 74.21 -13.83
N THR TA 491 -102.12 75.52 -14.07
CA THR TA 491 -103.32 76.35 -13.75
C THR TA 491 -104.34 76.07 -14.85
N SER TA 492 -105.47 75.45 -14.52
CA SER TA 492 -106.44 75.03 -15.56
C SER TA 492 -106.96 76.19 -16.42
N ALA TA 493 -107.33 77.32 -15.81
CA ALA TA 493 -107.92 78.41 -16.58
C ALA TA 493 -107.00 78.88 -17.69
N ASP TA 494 -105.69 78.69 -17.55
CA ASP TA 494 -104.72 79.15 -18.54
C ASP TA 494 -104.75 78.33 -19.82
N ASN TA 495 -105.40 77.17 -19.82
CA ASN TA 495 -105.39 76.28 -20.98
C ASN TA 495 -106.57 76.60 -21.90
N ASN TA 496 -106.42 76.21 -23.16
CA ASN TA 496 -107.49 76.42 -24.14
C ASN TA 496 -108.69 75.54 -23.80
N ASN TA 497 -109.88 76.10 -23.98
CA ASN TA 497 -111.12 75.39 -23.67
C ASN TA 497 -111.53 74.53 -24.88
N SER TA 498 -110.77 73.46 -25.07
CA SER TA 498 -111.03 72.52 -26.16
C SER TA 498 -110.36 71.20 -25.83
N GLU TA 499 -110.70 70.18 -26.63
CA GLU TA 499 -110.08 68.84 -26.47
C GLU TA 499 -108.92 68.76 -27.45
N TYR TA 500 -107.70 68.91 -26.95
CA TYR TA 500 -106.51 68.93 -27.79
C TYR TA 500 -105.45 67.93 -27.31
N SER TA 501 -105.86 66.90 -26.57
CA SER TA 501 -104.90 65.92 -26.09
C SER TA 501 -104.33 65.06 -27.20
N TRP TA 502 -104.99 65.02 -28.36
CA TRP TA 502 -104.50 64.27 -29.51
C TRP TA 502 -104.29 65.14 -30.74
N THR TA 503 -105.18 66.11 -31.00
CA THR TA 503 -105.00 66.98 -32.15
C THR TA 503 -103.74 67.81 -32.03
N GLY TA 504 -103.48 68.35 -30.84
CA GLY TA 504 -102.28 69.11 -30.57
C GLY TA 504 -101.12 68.29 -30.05
N ALA TA 505 -101.25 66.97 -30.03
CA ALA TA 505 -100.21 66.10 -29.49
C ALA TA 505 -99.06 65.95 -30.47
N THR TA 506 -97.88 65.66 -29.93
CA THR TA 506 -96.70 65.39 -30.73
C THR TA 506 -96.64 63.89 -31.02
N LYS TA 507 -96.58 63.54 -32.31
CA LYS TA 507 -96.74 62.16 -32.75
C LYS TA 507 -95.65 61.79 -33.74
N TYR TA 508 -95.41 60.48 -33.84
CA TYR TA 508 -94.60 59.92 -34.90
C TYR TA 508 -95.43 58.92 -35.69
N HIS TA 509 -95.21 58.87 -37.00
CA HIS TA 509 -96.00 58.07 -37.91
C HIS TA 509 -95.20 56.83 -38.30
N LEU TA 510 -95.78 55.65 -38.09
CA LEU TA 510 -95.11 54.39 -38.37
C LEU TA 510 -96.11 53.40 -38.92
N ASN TA 511 -95.91 52.99 -40.18
CA ASN TA 511 -96.76 52.01 -40.85
C ASN TA 511 -98.22 52.43 -40.86
N GLY TA 512 -98.47 53.73 -41.07
CA GLY TA 512 -99.81 54.24 -41.14
C GLY TA 512 -100.49 54.47 -39.81
N ARG TA 513 -99.79 54.23 -38.71
CA ARG TA 513 -100.41 54.49 -37.38
C ARG TA 513 -99.65 55.57 -36.61
N ASP TA 514 -100.37 56.51 -36.00
CA ASP TA 514 -99.80 57.57 -35.19
C ASP TA 514 -99.63 57.08 -33.75
N SER TA 515 -98.43 57.23 -33.22
CA SER TA 515 -98.14 56.92 -31.83
C SER TA 515 -97.75 58.19 -31.10
N LEU TA 516 -98.21 58.32 -29.86
CA LEU TA 516 -97.85 59.48 -29.06
C LEU TA 516 -96.36 59.47 -28.74
N VAL TA 517 -95.72 60.63 -28.88
CA VAL TA 517 -94.33 60.79 -28.50
C VAL TA 517 -94.32 61.15 -27.02
N ASN TA 518 -93.97 60.18 -26.18
CA ASN TA 518 -94.07 60.32 -24.73
C ASN TA 518 -93.01 59.47 -24.05
N PRO TA 519 -92.04 60.07 -23.36
CA PRO TA 519 -91.82 61.51 -23.20
C PRO TA 519 -91.00 62.13 -24.32
N GLY TA 520 -90.45 61.31 -25.22
CA GLY TA 520 -89.71 61.80 -26.35
C GLY TA 520 -88.29 62.21 -26.01
N PRO TA 521 -87.65 62.96 -26.91
CA PRO TA 521 -86.27 63.40 -26.67
C PRO TA 521 -86.18 64.28 -25.42
N ALA TA 522 -85.05 64.17 -24.73
CA ALA TA 522 -84.86 64.89 -23.48
C ALA TA 522 -84.78 66.39 -23.76
N MET TA 523 -85.74 67.14 -23.21
CA MET TA 523 -85.81 68.58 -23.39
C MET TA 523 -86.25 69.22 -22.09
N ALA TA 524 -85.89 70.48 -21.90
CA ALA TA 524 -86.26 71.20 -20.70
C ALA TA 524 -87.77 71.41 -20.64
N SER TA 525 -88.34 71.21 -19.45
CA SER TA 525 -89.78 71.36 -19.30
C SER TA 525 -90.22 72.80 -19.51
N HIS TA 526 -89.43 73.75 -19.04
CA HIS TA 526 -89.80 75.16 -19.12
C HIS TA 526 -88.55 76.01 -18.98
N LYS TA 527 -88.69 77.29 -19.35
CA LYS TA 527 -87.61 78.25 -19.22
C LYS TA 527 -87.68 78.91 -17.84
N ASP TA 528 -86.91 79.97 -17.64
CA ASP TA 528 -86.86 80.64 -16.35
C ASP TA 528 -88.24 81.20 -15.98
N ASP TA 529 -88.61 81.01 -14.71
CA ASP TA 529 -89.82 81.60 -14.13
C ASP TA 529 -91.08 81.18 -14.88
N GLU TA 530 -91.12 79.92 -15.32
CA GLU TA 530 -92.29 79.37 -15.98
C GLU TA 530 -92.56 77.96 -15.48
N GLU TA 531 -92.42 77.74 -14.17
CA GLU TA 531 -92.54 76.41 -13.60
C GLU TA 531 -93.95 75.84 -13.74
N LYS TA 532 -94.95 76.67 -13.99
CA LYS TA 532 -96.31 76.17 -14.17
C LYS TA 532 -96.52 75.50 -15.52
N PHE TA 533 -95.61 75.68 -16.46
CA PHE TA 533 -95.74 75.14 -17.80
C PHE TA 533 -94.94 73.85 -17.94
N PHE TA 534 -95.55 72.85 -18.57
CA PHE TA 534 -94.89 71.59 -18.85
C PHE TA 534 -95.31 71.12 -20.24
N PRO TA 535 -94.46 70.35 -20.92
CA PRO TA 535 -94.84 69.81 -22.22
C PRO TA 535 -96.00 68.83 -22.10
N GLN TA 536 -96.83 68.78 -23.14
CA GLN TA 536 -98.06 68.01 -23.08
C GLN TA 536 -97.78 66.52 -22.88
N SER TA 537 -96.78 65.98 -23.58
CA SER TA 537 -96.37 64.60 -23.40
C SER TA 537 -94.86 64.49 -23.36
N GLY TA 538 -94.20 65.48 -22.75
CA GLY TA 538 -92.76 65.53 -22.71
C GLY TA 538 -92.12 65.26 -21.36
N VAL TA 539 -92.90 64.93 -20.34
CA VAL TA 539 -92.37 64.63 -19.02
C VAL TA 539 -93.03 63.36 -18.49
N LEU TA 540 -92.33 62.68 -17.59
CA LEU TA 540 -92.91 61.55 -16.89
C LEU TA 540 -93.93 62.04 -15.88
N ILE TA 541 -95.07 61.37 -15.81
CA ILE TA 541 -96.13 61.71 -14.87
C ILE TA 541 -96.39 60.48 -14.01
N PHE TA 542 -96.12 60.59 -12.72
CA PHE TA 542 -96.34 59.52 -11.77
C PHE TA 542 -97.63 59.75 -11.01
N GLY TA 543 -98.32 58.65 -10.68
CA GLY TA 543 -99.55 58.73 -9.93
C GLY TA 543 -99.29 58.74 -8.44
N LYS TA 544 -100.06 59.56 -7.72
CA LYS TA 544 -100.03 59.54 -6.27
C LYS TA 544 -100.68 58.26 -5.76
N GLN TA 545 -100.50 57.99 -4.48
CA GLN TA 545 -101.08 56.79 -3.88
C GLN TA 545 -102.59 56.84 -3.96
N GLY TA 546 -103.19 55.73 -4.41
CA GLY TA 546 -104.63 55.64 -4.53
C GLY TA 546 -105.21 56.23 -5.80
N SER TA 547 -104.35 56.64 -6.73
CA SER TA 547 -104.83 57.29 -7.98
C SER TA 547 -105.45 56.26 -8.90
N GLU TA 548 -106.56 56.61 -9.55
CA GLU TA 548 -107.27 55.71 -10.45
C GLU TA 548 -106.50 55.60 -11.78
N LYS TA 549 -107.14 54.97 -12.76
CA LYS TA 549 -106.48 54.71 -14.03
C LYS TA 549 -106.88 55.72 -15.11
N THR TA 550 -108.14 56.12 -15.16
CA THR TA 550 -108.66 56.92 -16.27
C THR TA 550 -109.10 58.30 -15.79
N ASN TA 551 -108.57 59.33 -16.44
CA ASN TA 551 -109.05 60.70 -16.30
C ASN TA 551 -109.00 61.19 -14.85
N VAL TA 552 -107.86 61.00 -14.21
CA VAL TA 552 -107.65 61.56 -12.88
C VAL TA 552 -107.25 63.02 -13.00
N ASP TA 553 -107.54 63.80 -11.97
CA ASP TA 553 -107.26 65.22 -11.99
C ASP TA 553 -105.76 65.46 -11.85
N ILE TA 554 -105.36 66.72 -12.06
CA ILE TA 554 -103.95 67.07 -11.98
C ILE TA 554 -103.45 66.95 -10.54
N GLU TA 555 -104.29 67.20 -9.55
CA GLU TA 555 -103.89 67.05 -8.17
C GLU TA 555 -103.68 65.60 -7.76
N LYS TA 556 -104.11 64.65 -8.59
CA LYS TA 556 -103.91 63.23 -8.32
C LYS TA 556 -102.61 62.70 -8.89
N VAL TA 557 -101.88 63.50 -9.66
CA VAL TA 557 -100.64 63.07 -10.29
C VAL TA 557 -99.52 64.03 -9.93
N MET TA 558 -98.29 63.53 -10.04
CA MET TA 558 -97.08 64.31 -9.78
C MET TA 558 -96.30 64.41 -11.09
N ILE TA 559 -96.18 65.63 -11.60
CA ILE TA 559 -95.53 65.87 -12.88
C ILE TA 559 -94.07 66.20 -12.64
N THR TA 560 -93.17 65.48 -13.32
CA THR TA 560 -91.75 65.69 -13.13
C THR TA 560 -91.27 66.94 -13.86
N ASP TA 561 -90.08 67.40 -13.48
CA ASP TA 561 -89.52 68.62 -14.09
C ASP TA 561 -88.11 68.32 -14.57
N GLU TA 562 -87.81 68.71 -15.80
CA GLU TA 562 -86.50 68.54 -16.42
C GLU TA 562 -85.84 69.89 -16.66
N GLU TA 563 -85.94 70.78 -15.68
CA GLU TA 563 -85.37 72.12 -15.81
C GLU TA 563 -83.86 72.16 -15.61
N GLU TA 564 -83.28 71.13 -15.01
CA GLU TA 564 -81.84 71.13 -14.77
C GLU TA 564 -81.03 71.00 -16.05
N ILE TA 565 -81.67 70.59 -17.16
CA ILE TA 565 -80.96 70.38 -18.41
C ILE TA 565 -81.22 71.52 -19.40
N ARG TA 566 -81.85 72.61 -18.96
CA ARG TA 566 -82.07 73.74 -19.85
C ARG TA 566 -80.78 74.50 -20.16
N THR TA 567 -79.68 74.17 -19.48
CA THR TA 567 -78.40 74.78 -19.80
C THR TA 567 -77.89 74.34 -21.16
N THR TA 568 -78.16 73.09 -21.56
CA THR TA 568 -77.70 72.57 -22.84
C THR TA 568 -78.82 72.09 -23.75
N ASN TA 569 -80.02 71.86 -23.24
CA ASN TA 569 -81.11 71.32 -24.04
C ASN TA 569 -82.17 72.38 -24.29
N PRO TA 570 -82.73 72.43 -25.49
CA PRO TA 570 -83.78 73.41 -25.77
C PRO TA 570 -85.04 73.13 -24.96
N VAL TA 571 -85.78 74.20 -24.68
CA VAL TA 571 -87.06 74.06 -24.01
C VAL TA 571 -88.02 73.29 -24.91
N ALA TA 572 -88.76 72.36 -24.30
CA ALA TA 572 -89.59 71.42 -25.07
C ALA TA 572 -90.67 72.14 -25.86
N THR TA 573 -91.25 73.19 -25.29
CA THR TA 573 -92.40 73.85 -25.87
C THR TA 573 -92.03 75.00 -26.80
N GLU TA 574 -90.74 75.25 -27.01
CA GLU TA 574 -90.29 76.35 -27.85
C GLU TA 574 -89.49 75.82 -29.03
N GLN TA 575 -89.26 76.70 -29.99
CA GLN TA 575 -88.50 76.32 -31.17
C GLN TA 575 -87.03 76.16 -30.83
N TYR TA 576 -86.34 75.35 -31.64
CA TYR TA 576 -84.90 75.22 -31.50
C TYR TA 576 -84.19 76.55 -31.83
N GLY TA 577 -84.64 77.22 -32.87
CA GLY TA 577 -84.01 78.45 -33.32
C GLY TA 577 -84.63 78.96 -34.59
N SER TA 578 -83.85 79.73 -35.35
CA SER TA 578 -84.30 80.30 -36.60
C SER TA 578 -83.25 80.08 -37.68
N VAL TA 579 -83.73 79.87 -38.91
CA VAL TA 579 -82.87 79.72 -40.07
C VAL TA 579 -83.40 80.64 -41.17
N SER TA 580 -82.50 80.99 -42.08
CA SER TA 580 -82.88 81.79 -43.24
C SER TA 580 -83.66 80.95 -44.24
N THR TA 581 -84.62 81.60 -44.91
CA THR TA 581 -85.46 80.92 -45.88
C THR TA 581 -85.39 81.50 -47.28
N ASN TA 582 -84.68 82.61 -47.49
CA ASN TA 582 -84.59 83.22 -48.80
C ASN TA 582 -83.21 83.85 -48.94
N LEU TA 583 -83.03 84.64 -50.00
CA LEU TA 583 -81.79 85.37 -50.26
C LEU TA 583 -82.11 86.85 -50.35
N GLN TA 584 -81.67 87.60 -49.34
CA GLN TA 584 -81.88 89.04 -49.35
C GLN TA 584 -81.06 89.69 -50.46
N ARG TA 585 -81.64 90.76 -51.01
CA ARG TA 585 -81.00 91.45 -52.16
C ARG TA 585 -81.54 92.87 -52.24
N GLY TA 586 -80.68 93.82 -52.58
CA GLY TA 586 -81.10 95.19 -52.81
C GLY TA 586 -81.51 95.45 -54.24
N ASN TA 587 -81.83 96.72 -54.50
CA ASN TA 587 -82.35 97.11 -55.85
C ASN TA 587 -81.20 97.15 -56.86
N THR TA 594 -86.30 93.49 -57.96
CA THR TA 594 -86.73 94.40 -56.86
C THR TA 594 -85.95 94.02 -55.59
N SER TA 595 -86.17 94.71 -54.48
CA SER TA 595 -85.46 94.26 -53.29
C SER TA 595 -86.24 93.19 -52.56
N ARG TA 596 -85.50 92.31 -51.89
CA ARG TA 596 -86.09 91.25 -51.06
C ARG TA 596 -85.46 91.31 -49.68
N GLN TA 597 -86.30 91.42 -48.65
CA GLN TA 597 -85.80 91.47 -47.28
C GLN TA 597 -85.56 90.06 -46.74
N ALA TA 598 -84.58 89.95 -45.85
CA ALA TA 598 -84.24 88.66 -45.27
C ALA TA 598 -85.39 88.10 -44.45
N ALA TA 599 -85.65 86.81 -44.63
CA ALA TA 599 -86.75 86.13 -43.96
C ALA TA 599 -86.21 84.96 -43.16
N THR TA 600 -86.87 84.67 -42.04
CA THR TA 600 -86.47 83.59 -41.15
C THR TA 600 -87.70 82.75 -40.79
N ALA TA 601 -87.45 81.50 -40.42
CA ALA TA 601 -88.49 80.59 -40.00
C ALA TA 601 -88.08 79.89 -38.72
N ASP TA 602 -89.08 79.55 -37.91
CA ASP TA 602 -88.82 78.78 -36.69
C ASP TA 602 -88.49 77.33 -37.03
N VAL TA 603 -87.58 76.75 -36.27
CA VAL TA 603 -87.18 75.35 -36.45
C VAL TA 603 -87.85 74.58 -35.31
N ASN TA 604 -89.05 74.06 -35.59
CA ASN TA 604 -89.79 73.31 -34.57
C ASN TA 604 -89.26 71.90 -34.38
N THR TA 605 -88.53 71.36 -35.36
CA THR TA 605 -87.89 70.05 -35.23
C THR TA 605 -86.46 70.16 -35.74
N GLN TA 606 -85.51 69.71 -34.94
CA GLN TA 606 -84.10 69.80 -35.29
C GLN TA 606 -83.44 68.45 -35.05
N GLY TA 607 -82.85 67.89 -36.10
CA GLY TA 607 -82.06 66.69 -35.96
C GLY TA 607 -80.69 66.98 -35.40
N VAL TA 608 -79.92 65.91 -35.20
CA VAL TA 608 -78.59 66.05 -34.61
C VAL TA 608 -77.65 66.67 -35.64
N LEU TA 609 -76.94 67.71 -35.22
CA LEU TA 609 -75.93 68.40 -36.00
C LEU TA 609 -74.54 68.17 -35.40
N PRO TA 610 -73.49 68.22 -36.21
CA PRO TA 610 -72.14 68.15 -35.65
C PRO TA 610 -71.89 69.31 -34.69
N GLY TA 611 -71.22 69.01 -33.58
CA GLY TA 611 -70.99 69.98 -32.54
C GLY TA 611 -72.11 70.12 -31.54
N MET TA 612 -73.14 69.28 -31.62
CA MET TA 612 -74.30 69.38 -30.70
C MET TA 612 -74.01 68.64 -29.40
N VAL TA 613 -74.36 69.22 -28.25
CA VAL TA 613 -74.20 68.65 -26.92
C VAL TA 613 -75.55 68.70 -26.21
N TRP TA 614 -75.84 67.67 -25.43
CA TRP TA 614 -77.13 67.56 -24.76
C TRP TA 614 -76.98 66.69 -23.52
N GLN TA 615 -77.99 66.75 -22.66
CA GLN TA 615 -78.10 65.91 -21.48
C GLN TA 615 -79.28 64.96 -21.64
N ASP TA 616 -79.14 63.75 -21.12
CA ASP TA 616 -80.21 62.77 -21.20
C ASP TA 616 -81.28 63.07 -20.15
N ARG TA 617 -82.39 62.35 -20.25
CA ARG TA 617 -83.47 62.52 -19.30
C ARG TA 617 -83.05 62.01 -17.92
N ASP TA 618 -83.52 62.71 -16.89
CA ASP TA 618 -83.21 62.32 -15.52
C ASP TA 618 -83.91 61.03 -15.13
N VAL TA 619 -83.32 60.31 -14.18
CA VAL TA 619 -83.94 59.13 -13.60
C VAL TA 619 -84.53 59.51 -12.25
N TYR TA 620 -85.54 58.78 -11.83
CA TYR TA 620 -86.29 59.09 -10.62
C TYR TA 620 -86.38 57.84 -9.75
N LEU TA 621 -86.70 58.05 -8.48
CA LEU TA 621 -86.84 56.93 -7.56
C LEU TA 621 -87.97 55.99 -8.02
N GLN TA 622 -89.07 56.56 -8.48
CA GLN TA 622 -90.17 55.79 -9.03
C GLN TA 622 -89.98 55.44 -10.49
N GLY TA 623 -88.91 55.91 -11.13
CA GLY TA 623 -88.73 55.73 -12.54
C GLY TA 623 -88.07 54.42 -12.89
N PRO TA 624 -88.04 54.10 -14.19
CA PRO TA 624 -87.38 52.87 -14.63
C PRO TA 624 -85.87 52.98 -14.57
N ILE TA 625 -85.23 51.82 -14.49
CA ILE TA 625 -83.77 51.74 -14.39
C ILE TA 625 -83.12 51.53 -15.75
N TRP TA 626 -83.64 50.58 -16.53
CA TRP TA 626 -83.00 50.19 -17.78
C TRP TA 626 -84.06 49.92 -18.84
N ALA TA 627 -83.58 49.65 -20.05
CA ALA TA 627 -84.42 49.19 -21.15
C ALA TA 627 -83.54 48.44 -22.12
N LYS TA 628 -84.16 47.55 -22.89
CA LYS TA 628 -83.42 46.79 -23.90
C LYS TA 628 -83.31 47.58 -25.19
N ILE TA 629 -82.09 47.77 -25.66
CA ILE TA 629 -81.89 48.44 -26.95
C ILE TA 629 -82.40 47.52 -28.06
N PRO TA 630 -83.29 47.99 -28.94
CA PRO TA 630 -83.82 47.12 -29.99
C PRO TA 630 -82.71 46.60 -30.89
N HIS TA 631 -82.86 45.34 -31.32
CA HIS TA 631 -81.88 44.70 -32.19
C HIS TA 631 -82.10 45.23 -33.60
N THR TA 632 -81.40 46.31 -33.93
CA THR TA 632 -81.54 46.98 -35.21
C THR TA 632 -80.16 47.24 -35.79
N ASP TA 633 -80.12 47.50 -37.09
CA ASP TA 633 -78.82 47.74 -37.78
C ASP TA 633 -78.20 49.03 -37.26
N GLY TA 634 -79.02 50.05 -37.04
CA GLY TA 634 -78.52 51.33 -36.60
C GLY TA 634 -79.36 51.93 -35.50
N HIS TA 635 -78.70 52.69 -34.64
CA HIS TA 635 -79.34 53.46 -33.59
C HIS TA 635 -78.37 54.54 -33.15
N PHE TA 636 -78.93 55.69 -32.74
CA PHE TA 636 -78.12 56.82 -32.32
C PHE TA 636 -78.41 57.10 -30.85
N HIS TA 637 -77.35 57.12 -30.03
CA HIS TA 637 -77.43 57.40 -28.60
C HIS TA 637 -78.53 56.57 -27.96
N PRO TA 638 -78.32 55.26 -27.78
CA PRO TA 638 -79.38 54.36 -27.30
C PRO TA 638 -79.65 54.46 -25.79
N SER TA 639 -79.79 55.68 -25.30
CA SER TA 639 -80.32 55.91 -23.96
C SER TA 639 -81.83 55.90 -24.03
N PRO TA 640 -82.51 55.13 -23.16
CA PRO TA 640 -83.97 55.08 -23.21
C PRO TA 640 -84.58 56.46 -23.03
N LEU TA 641 -85.63 56.74 -23.81
CA LEU TA 641 -86.24 58.07 -23.75
C LEU TA 641 -87.00 58.28 -22.46
N MET TA 642 -87.52 57.21 -21.85
CA MET TA 642 -88.18 57.32 -20.56
C MET TA 642 -87.20 57.51 -19.40
N GLY TA 643 -85.90 57.38 -19.65
CA GLY TA 643 -84.89 57.54 -18.64
C GLY TA 643 -84.29 56.23 -18.21
N GLY TA 644 -82.97 56.24 -18.01
CA GLY TA 644 -82.29 55.05 -17.55
C GLY TA 644 -81.08 54.65 -18.38
N PHE TA 645 -80.71 53.37 -18.32
CA PHE TA 645 -79.53 52.84 -18.98
C PHE TA 645 -79.94 51.95 -20.15
N GLY TA 646 -79.43 52.25 -21.33
CA GLY TA 646 -79.66 51.41 -22.48
C GLY TA 646 -78.75 50.20 -22.50
N LEU TA 647 -79.32 49.00 -22.54
CA LEU TA 647 -78.56 47.76 -22.44
C LEU TA 647 -78.85 46.90 -23.66
N LYS TA 648 -77.79 46.50 -24.37
CA LYS TA 648 -77.96 45.55 -25.46
C LYS TA 648 -78.36 44.18 -24.94
N HIS TA 649 -77.84 43.80 -23.77
CA HIS TA 649 -78.20 42.57 -23.07
C HIS TA 649 -78.66 42.95 -21.68
N PRO TA 650 -79.92 43.35 -21.52
CA PRO TA 650 -80.41 43.76 -20.21
C PRO TA 650 -80.61 42.57 -19.30
N PRO TA 651 -80.94 42.79 -18.02
CA PRO TA 651 -81.26 41.67 -17.15
C PRO TA 651 -82.36 40.81 -17.75
N PRO TA 652 -82.15 39.50 -17.83
CA PRO TA 652 -83.11 38.64 -18.54
C PRO TA 652 -84.46 38.59 -17.83
N GLN TA 653 -85.50 38.37 -18.63
CA GLN TA 653 -86.82 38.15 -18.07
C GLN TA 653 -86.87 36.85 -17.29
N ILE TA 654 -87.47 36.90 -16.10
CA ILE TA 654 -87.61 35.73 -15.24
C ILE TA 654 -89.07 35.31 -15.27
N LEU TA 655 -89.35 34.17 -15.88
CA LEU TA 655 -90.70 33.68 -16.08
C LEU TA 655 -91.01 32.59 -15.06
N ILE TA 656 -92.17 32.70 -14.41
CA ILE TA 656 -92.60 31.76 -13.38
C ILE TA 656 -94.06 31.43 -13.60
N LYS TA 657 -94.42 30.16 -13.43
CA LYS TA 657 -95.81 29.75 -13.52
C LYS TA 657 -96.01 28.50 -12.68
N ASN TA 658 -97.26 28.26 -12.29
CA ASN TA 658 -97.61 27.07 -11.55
C ASN TA 658 -97.81 25.90 -12.50
N THR TA 659 -97.24 24.76 -12.17
CA THR TA 659 -97.42 23.58 -12.99
C THR TA 659 -98.86 23.10 -12.88
N PRO TA 660 -99.55 22.92 -14.01
CA PRO TA 660 -100.95 22.47 -13.95
C PRO TA 660 -101.06 21.07 -13.37
N VAL TA 661 -101.94 20.92 -12.39
CA VAL TA 661 -102.21 19.64 -11.75
C VAL TA 661 -103.60 19.19 -12.20
N PRO TA 662 -103.70 18.15 -13.03
CA PRO TA 662 -105.02 17.71 -13.51
C PRO TA 662 -105.90 17.24 -12.37
N ALA TA 663 -107.20 17.49 -12.51
CA ALA TA 663 -108.19 17.01 -11.56
C ALA TA 663 -108.47 15.54 -11.85
N ASN TA 664 -109.54 15.01 -11.26
CA ASN TA 664 -109.85 13.60 -11.39
C ASN TA 664 -110.14 13.22 -12.83
N PRO TA 665 -109.36 12.32 -13.44
CA PRO TA 665 -109.63 11.93 -14.83
C PRO TA 665 -110.71 10.86 -14.92
N SER TA 666 -111.18 10.69 -16.16
CA SER TA 666 -112.20 9.65 -16.43
C SER TA 666 -111.51 8.29 -16.49
N THR TA 667 -112.19 7.26 -16.01
CA THR TA 667 -111.65 5.91 -16.05
C THR TA 667 -111.56 5.35 -17.46
N THR TA 668 -112.23 5.98 -18.42
CA THR TA 668 -112.13 5.61 -19.82
C THR TA 668 -111.23 6.60 -20.55
N PHE TA 669 -110.40 6.10 -21.44
CA PHE TA 669 -109.44 6.96 -22.13
C PHE TA 669 -110.17 7.96 -23.02
N SER TA 670 -109.70 9.21 -22.98
CA SER TA 670 -110.21 10.27 -23.84
C SER TA 670 -109.03 11.01 -24.44
N ALA TA 671 -109.04 11.17 -25.77
CA ALA TA 671 -107.96 11.87 -26.45
C ALA TA 671 -108.06 13.38 -26.34
N ALA TA 672 -109.17 13.90 -25.83
CA ALA TA 672 -109.30 15.34 -25.62
C ALA TA 672 -108.32 15.81 -24.56
N LYS TA 673 -107.72 16.97 -24.79
CA LYS TA 673 -106.78 17.52 -23.84
C LYS TA 673 -107.50 17.87 -22.54
N PHE TA 674 -106.74 17.81 -21.44
CA PHE TA 674 -107.33 18.05 -20.10
C PHE TA 674 -107.83 19.49 -19.98
N ALA TA 675 -109.07 19.64 -19.50
CA ALA TA 675 -109.65 20.95 -19.27
C ALA TA 675 -110.02 21.20 -17.82
N SER TA 676 -109.94 20.19 -16.95
CA SER TA 676 -110.25 20.32 -15.54
C SER TA 676 -108.95 20.19 -14.73
N PHE TA 677 -108.70 21.15 -13.87
CA PHE TA 677 -107.48 21.19 -13.07
C PHE TA 677 -107.82 21.56 -11.64
N ILE TA 678 -106.92 21.22 -10.73
CA ILE TA 678 -107.06 21.62 -9.34
C ILE TA 678 -106.67 23.08 -9.22
N THR TA 679 -107.56 23.89 -8.67
CA THR TA 679 -107.29 25.30 -8.49
C THR TA 679 -106.18 25.50 -7.47
N GLN TA 680 -105.16 26.27 -7.84
CA GLN TA 680 -104.03 26.46 -6.94
C GLN TA 680 -103.27 27.72 -7.32
N TYR TA 681 -102.56 28.25 -6.32
CA TYR TA 681 -101.68 29.39 -6.50
C TYR TA 681 -100.41 29.11 -5.72
N SER TA 682 -99.43 30.00 -5.84
CA SER TA 682 -98.17 29.86 -5.13
C SER TA 682 -97.80 31.18 -4.47
N THR TA 683 -97.04 31.08 -3.39
CA THR TA 683 -96.50 32.24 -2.69
C THR TA 683 -95.07 31.93 -2.30
N GLY TA 684 -94.28 32.98 -2.11
CA GLY TA 684 -92.88 32.79 -1.78
C GLY TA 684 -92.20 34.12 -1.59
N GLN TA 685 -90.87 34.05 -1.52
CA GLN TA 685 -90.04 35.22 -1.33
C GLN TA 685 -89.10 35.38 -2.52
N VAL TA 686 -88.83 36.63 -2.88
CA VAL TA 686 -87.95 36.98 -3.98
C VAL TA 686 -86.90 37.95 -3.47
N SER TA 687 -85.65 37.73 -3.85
CA SER TA 687 -84.53 38.57 -3.44
C SER TA 687 -83.81 39.11 -4.67
N VAL TA 688 -83.56 40.41 -4.69
CA VAL TA 688 -82.81 41.07 -5.75
C VAL TA 688 -81.69 41.87 -5.10
N GLU TA 689 -80.46 41.57 -5.48
CA GLU TA 689 -79.28 42.30 -4.98
C GLU TA 689 -78.53 42.87 -6.16
N ILE TA 690 -78.37 44.19 -6.18
CA ILE TA 690 -77.69 44.89 -7.27
C ILE TA 690 -76.51 45.65 -6.70
N GLU TA 691 -75.35 45.50 -7.31
CA GLU TA 691 -74.17 46.30 -7.00
C GLU TA 691 -74.09 47.48 -7.96
N TRP TA 692 -73.97 48.68 -7.41
CA TRP TA 692 -73.89 49.91 -8.18
C TRP TA 692 -72.52 50.54 -7.99
N GLU TA 693 -71.98 51.10 -9.07
CA GLU TA 693 -70.73 51.84 -9.02
C GLU TA 693 -71.02 53.33 -8.94
N LEU TA 694 -70.27 54.02 -8.09
CA LEU TA 694 -70.50 55.44 -7.83
C LEU TA 694 -69.38 56.27 -8.43
N GLN TA 695 -69.74 57.44 -8.94
CA GLN TA 695 -68.79 58.44 -9.44
C GLN TA 695 -68.77 59.56 -8.43
N LYS TA 696 -67.73 59.58 -7.59
CA LYS TA 696 -67.69 60.54 -6.48
C LYS TA 696 -67.55 61.96 -6.98
N GLU TA 697 -68.28 62.87 -6.33
CA GLU TA 697 -68.20 64.29 -6.66
C GLU TA 697 -66.84 64.85 -6.28
N ASN TA 698 -66.27 65.65 -7.18
CA ASN TA 698 -64.96 66.26 -7.00
C ASN TA 698 -65.02 67.74 -7.33
N SER TA 699 -66.03 68.41 -6.78
CA SER TA 699 -66.26 69.81 -7.10
C SER TA 699 -65.32 70.72 -6.31
N LYS TA 700 -65.07 71.92 -6.84
CA LYS TA 700 -64.21 72.92 -6.14
C LYS TA 700 -65.01 74.23 -5.96
N ARG TA 701 -66.34 74.17 -6.03
CA ARG TA 701 -67.13 75.38 -5.78
C ARG TA 701 -67.03 75.77 -4.31
N TRP TA 702 -67.19 77.06 -4.05
CA TRP TA 702 -67.01 77.60 -2.72
C TRP TA 702 -68.30 77.59 -1.91
N ASN TA 703 -69.36 78.15 -2.48
CA ASN TA 703 -70.62 78.26 -1.76
C ASN TA 703 -71.36 76.91 -1.73
N PRO TA 704 -72.25 76.68 -0.75
CA PRO TA 704 -72.93 75.39 -0.63
C PRO TA 704 -73.78 75.03 -1.86
N GLU TA 705 -74.13 73.75 -2.03
CA GLU TA 705 -74.88 73.28 -3.22
C GLU TA 705 -76.34 73.03 -2.88
N ILE TA 706 -77.19 72.81 -3.89
CA ILE TA 706 -78.58 72.37 -3.56
C ILE TA 706 -78.58 70.88 -3.19
N GLN TA 707 -79.21 70.53 -2.07
CA GLN TA 707 -79.32 69.13 -1.69
C GLN TA 707 -80.78 68.80 -1.43
N TYR TA 708 -81.16 67.56 -1.72
CA TYR TA 708 -82.49 67.10 -1.36
C TYR TA 708 -82.58 66.95 0.16
N THR TA 709 -83.70 67.39 0.73
CA THR TA 709 -83.87 67.39 2.18
C THR TA 709 -85.33 67.21 2.51
N SER TA 710 -85.56 66.73 3.73
CA SER TA 710 -86.96 66.63 4.22
C SER TA 710 -87.35 68.00 4.76
N ASN TA 711 -88.63 68.29 4.88
CA ASN TA 711 -89.00 69.64 5.36
C ASN TA 711 -89.13 69.57 6.88
N TYR TA 712 -88.52 70.50 7.60
CA TYR TA 712 -88.49 70.43 9.08
C TYR TA 712 -89.88 70.73 9.67
N ASN TA 713 -90.69 71.55 9.01
CA ASN TA 713 -91.95 71.92 9.64
C ASN TA 713 -92.80 70.70 9.97
N LYS TA 714 -93.61 70.87 11.02
CA LYS TA 714 -94.48 69.76 11.48
C LYS TA 714 -95.51 69.42 10.42
N SER TA 715 -95.94 68.17 10.44
CA SER TA 715 -96.95 67.71 9.50
C SER TA 715 -97.71 66.56 10.13
N ILE TA 716 -98.90 66.30 9.57
CA ILE TA 716 -99.71 65.18 10.06
C ILE TA 716 -99.01 63.86 9.78
N ASN TA 717 -98.43 63.72 8.60
CA ASN TA 717 -97.74 62.51 8.19
C ASN TA 717 -96.29 62.82 7.83
N VAL TA 718 -95.41 61.87 8.10
CA VAL TA 718 -94.02 61.98 7.67
C VAL TA 718 -93.92 61.50 6.23
N ASP TA 719 -93.08 62.15 5.44
CA ASP TA 719 -92.92 61.79 4.04
C ASP TA 719 -92.26 60.41 3.90
N PHE TA 720 -92.70 59.66 2.90
CA PHE TA 720 -92.17 58.33 2.59
C PHE TA 720 -92.29 57.38 3.78
N THR TA 721 -93.42 57.45 4.47
CA THR TA 721 -93.76 56.54 5.55
C THR TA 721 -95.18 56.03 5.31
N VAL TA 722 -95.69 55.29 6.29
CA VAL TA 722 -97.06 54.79 6.24
C VAL TA 722 -97.96 55.73 7.03
N ASP TA 723 -99.23 55.76 6.67
CA ASP TA 723 -100.21 56.56 7.38
C ASP TA 723 -100.88 55.72 8.46
N THR TA 724 -101.97 56.24 9.03
CA THR TA 724 -102.68 55.51 10.11
C THR TA 724 -103.31 54.24 9.54
N ASN TA 725 -103.41 54.13 8.21
CA ASN TA 725 -103.93 52.89 7.58
C ASN TA 725 -102.76 51.98 7.21
N GLY TA 726 -101.53 52.40 7.52
CA GLY TA 726 -100.33 51.61 7.18
C GLY TA 726 -100.09 51.59 5.68
N VAL TA 727 -100.66 52.57 4.96
CA VAL TA 727 -100.51 52.63 3.48
C VAL TA 727 -99.25 53.44 3.15
N TYR TA 728 -98.28 52.82 2.46
CA TYR TA 728 -97.06 53.51 2.10
C TYR TA 728 -97.32 54.39 0.88
N SER TA 729 -96.81 55.62 0.93
CA SER TA 729 -96.97 56.56 -0.17
C SER TA 729 -95.64 57.26 -0.44
N GLU TA 730 -95.47 57.68 -1.69
CA GLU TA 730 -94.31 58.46 -2.11
C GLU TA 730 -94.80 59.86 -2.47
N PRO TA 731 -94.60 60.86 -1.60
CA PRO TA 731 -95.26 62.16 -1.80
C PRO TA 731 -94.86 62.89 -3.07
N ARG TA 732 -93.62 62.76 -3.53
CA ARG TA 732 -93.18 63.51 -4.69
C ARG TA 732 -92.13 62.69 -5.43
N PRO TA 733 -91.93 62.95 -6.72
CA PRO TA 733 -90.80 62.34 -7.43
C PRO TA 733 -89.49 63.00 -7.04
N ILE TA 734 -88.47 62.19 -6.83
CA ILE TA 734 -87.13 62.68 -6.52
C ILE TA 734 -86.22 62.32 -7.68
N GLY TA 735 -85.60 63.32 -8.29
CA GLY TA 735 -84.62 63.10 -9.32
C GLY TA 735 -83.26 62.82 -8.72
N THR TA 736 -82.22 63.03 -9.52
CA THR TA 736 -80.85 62.83 -9.06
C THR TA 736 -79.96 64.05 -9.23
N ARG TA 737 -80.44 65.13 -9.87
CA ARG TA 737 -79.58 66.22 -10.31
C ARG TA 737 -79.66 67.36 -9.30
N TYR TA 738 -78.86 67.24 -8.24
CA TYR TA 738 -78.75 68.25 -7.19
C TYR TA 738 -77.36 68.85 -7.09
N LEU TA 739 -76.32 68.04 -7.19
CA LEU TA 739 -74.97 68.58 -7.25
C LEU TA 739 -74.74 69.25 -8.60
N THR TA 740 -73.71 70.08 -8.67
CA THR TA 740 -73.42 70.84 -9.87
C THR TA 740 -72.01 70.56 -10.36
N ARG TA 741 -71.87 70.63 -11.68
CA ARG TA 741 -70.53 70.47 -12.31
C ARG TA 741 -70.45 71.51 -13.44
N ASN TA 742 -69.26 72.04 -13.75
CA ASN TA 742 -69.08 72.97 -14.85
C ASN TA 742 -69.22 72.25 -16.19
N LEU TA 743 -69.63 73.00 -17.20
CA LEU TA 743 -69.74 72.46 -18.55
C LEU TA 743 -68.37 72.10 -19.11
N ALA UA 218 -47.15 -55.53 -47.31
CA ALA UA 218 -47.30 -54.14 -46.85
C ALA UA 218 -48.66 -53.97 -46.20
N ASP UA 219 -49.70 -54.57 -46.79
CA ASP UA 219 -51.08 -54.36 -46.31
C ASP UA 219 -51.74 -55.73 -46.14
N GLY UA 220 -50.96 -56.80 -46.22
CA GLY UA 220 -51.54 -58.13 -45.95
C GLY UA 220 -52.90 -58.31 -46.62
N VAL UA 221 -53.84 -58.96 -45.93
CA VAL UA 221 -55.16 -59.25 -46.55
C VAL UA 221 -56.18 -58.40 -45.80
N GLY UA 222 -56.82 -57.50 -46.50
CA GLY UA 222 -57.86 -56.65 -45.96
C GLY UA 222 -57.49 -55.20 -45.80
N ASN UA 223 -56.25 -54.82 -46.13
CA ASN UA 223 -55.82 -53.43 -46.08
C ASN UA 223 -55.52 -52.97 -47.50
N SER UA 224 -56.15 -51.87 -47.91
CA SER UA 224 -55.96 -51.36 -49.25
C SER UA 224 -54.56 -50.76 -49.39
N SER UA 225 -53.92 -51.01 -50.53
CA SER UA 225 -52.58 -50.52 -50.80
C SER UA 225 -52.57 -49.31 -51.73
N GLY UA 226 -53.73 -48.74 -52.02
CA GLY UA 226 -53.78 -47.57 -52.87
C GLY UA 226 -55.19 -47.03 -52.94
N ASN UA 227 -55.32 -45.88 -53.58
CA ASN UA 227 -56.59 -45.19 -53.75
C ASN UA 227 -56.82 -44.88 -55.22
N TRP UA 228 -58.06 -44.55 -55.55
CA TRP UA 228 -58.43 -44.21 -56.92
C TRP UA 228 -58.16 -42.73 -57.16
N HIS UA 229 -57.20 -42.45 -58.02
CA HIS UA 229 -56.85 -41.04 -58.36
C HIS UA 229 -57.02 -40.86 -59.86
N CYS UA 230 -58.18 -40.37 -60.28
CA CYS UA 230 -58.42 -40.08 -61.73
C CYS UA 230 -58.89 -38.64 -61.80
N ASP UA 231 -58.04 -37.73 -62.30
CA ASP UA 231 -58.40 -36.29 -62.32
C ASP UA 231 -57.34 -35.47 -63.05
N SER UA 232 -57.58 -34.17 -63.24
CA SER UA 232 -56.54 -33.35 -63.82
C SER UA 232 -56.51 -31.99 -63.13
N THR UA 233 -55.30 -31.46 -62.94
CA THR UA 233 -55.11 -30.18 -62.28
C THR UA 233 -54.37 -29.25 -63.24
N TRP UA 234 -54.95 -28.09 -63.51
CA TRP UA 234 -54.33 -27.08 -64.35
C TRP UA 234 -53.77 -25.98 -63.45
N MET UA 235 -52.44 -25.80 -63.52
CA MET UA 235 -51.77 -24.78 -62.68
C MET UA 235 -50.81 -23.98 -63.56
N GLY UA 236 -51.27 -22.84 -64.07
CA GLY UA 236 -50.41 -21.99 -64.89
C GLY UA 236 -50.00 -22.68 -66.17
N ASP UA 237 -48.70 -22.83 -66.36
CA ASP UA 237 -48.13 -23.46 -67.55
C ASP UA 237 -47.97 -24.97 -67.41
N ARG UA 238 -48.72 -25.61 -66.51
CA ARG UA 238 -48.66 -27.04 -66.32
C ARG UA 238 -50.06 -27.62 -66.21
N VAL UA 239 -50.21 -28.84 -66.69
CA VAL UA 239 -51.42 -29.63 -66.45
C VAL UA 239 -50.98 -31.04 -66.07
N THR UA 240 -51.45 -31.52 -64.92
CA THR UA 240 -51.13 -32.85 -64.45
C THR UA 240 -52.37 -33.73 -64.57
N THR UA 241 -52.29 -34.75 -65.43
CA THR UA 241 -53.39 -35.67 -65.65
C THR UA 241 -53.09 -36.99 -64.95
N THR UA 242 -54.04 -37.47 -64.17
CA THR UA 242 -53.93 -38.74 -63.46
C THR UA 242 -55.07 -39.65 -63.88
N SER UA 243 -54.77 -40.93 -64.10
CA SER UA 243 -55.77 -41.88 -64.54
C SER UA 243 -55.62 -43.17 -63.75
N THR UA 244 -56.75 -43.78 -63.39
CA THR UA 244 -56.76 -45.07 -62.73
C THR UA 244 -57.69 -46.01 -63.50
N ARG UA 245 -57.25 -47.25 -63.69
CA ARG UA 245 -58.01 -48.26 -64.40
C ARG UA 245 -57.92 -49.58 -63.66
N THR UA 246 -58.88 -50.46 -63.93
CA THR UA 246 -58.89 -51.81 -63.40
C THR UA 246 -58.44 -52.76 -64.51
N TRP UA 247 -57.41 -53.55 -64.25
CA TRP UA 247 -56.83 -54.44 -65.24
C TRP UA 247 -57.03 -55.89 -64.83
N ALA UA 248 -57.02 -56.77 -65.84
CA ALA UA 248 -57.06 -58.20 -65.64
C ALA UA 248 -55.91 -58.83 -66.40
N LEU UA 249 -55.14 -59.66 -65.71
CA LEU UA 249 -53.96 -60.29 -66.29
C LEU UA 249 -54.11 -61.81 -66.25
N PRO UA 250 -54.30 -62.48 -67.38
CA PRO UA 250 -54.39 -63.94 -67.38
C PRO UA 250 -52.99 -64.55 -67.37
N THR UA 251 -52.96 -65.87 -67.46
CA THR UA 251 -51.72 -66.62 -67.64
C THR UA 251 -51.50 -66.80 -69.14
N TYR UA 252 -50.35 -66.35 -69.62
CA TYR UA 252 -50.04 -66.34 -71.04
C TYR UA 252 -49.10 -67.48 -71.39
N ASN UA 253 -49.42 -68.19 -72.47
CA ASN UA 253 -48.61 -69.28 -73.00
C ASN UA 253 -48.44 -70.43 -72.02
N ASN UA 254 -49.29 -70.49 -70.99
CA ASN UA 254 -49.17 -71.48 -69.93
C ASN UA 254 -47.78 -71.45 -69.30
N HIS UA 255 -47.34 -70.24 -68.95
CA HIS UA 255 -46.06 -69.98 -68.28
C HIS UA 255 -44.85 -70.37 -69.13
N LEU UA 256 -44.97 -70.34 -70.46
CA LEU UA 256 -43.92 -70.82 -71.33
C LEU UA 256 -43.46 -69.73 -72.29
N TYR UA 257 -42.22 -69.89 -72.78
CA TYR UA 257 -41.74 -69.02 -73.86
C TYR UA 257 -41.82 -69.90 -75.10
N LYS UA 258 -42.44 -69.43 -76.17
CA LYS UA 258 -42.65 -70.17 -77.40
C LYS UA 258 -42.03 -69.41 -78.56
N GLN UA 259 -41.21 -70.10 -79.34
CA GLN UA 259 -40.69 -69.52 -80.56
C GLN UA 259 -41.81 -69.40 -81.59
N ILE UA 260 -41.93 -68.22 -82.18
CA ILE UA 260 -42.96 -67.95 -83.17
C ILE UA 260 -42.30 -67.48 -84.45
N SER UA 261 -42.97 -67.73 -85.57
CA SER UA 261 -42.46 -67.34 -86.88
C SER UA 261 -43.63 -67.25 -87.85
N SER UA 262 -43.36 -66.66 -89.00
CA SER UA 262 -44.38 -66.54 -90.03
C SER UA 262 -44.77 -67.92 -90.55
N GLN UA 263 -46.02 -67.99 -90.99
CA GLN UA 263 -46.54 -69.30 -91.47
C GLN UA 263 -45.84 -69.65 -92.77
N SER UA 264 -45.69 -70.95 -93.01
CA SER UA 264 -45.13 -71.38 -94.32
C SER UA 264 -46.11 -70.97 -95.40
N GLY UA 265 -45.60 -70.55 -96.55
CA GLY UA 265 -46.40 -70.08 -97.66
C GLY UA 265 -46.66 -68.60 -97.66
N ALA UA 266 -46.26 -67.88 -96.61
CA ALA UA 266 -46.43 -66.44 -96.58
C ALA UA 266 -45.48 -65.78 -97.57
N SER UA 267 -45.83 -64.56 -97.99
CA SER UA 267 -44.96 -63.81 -98.89
C SER UA 267 -43.69 -63.40 -98.16
N ASN UA 268 -42.68 -63.03 -98.94
CA ASN UA 268 -41.41 -62.62 -98.35
C ASN UA 268 -41.56 -61.35 -97.51
N ASP UA 269 -42.46 -60.45 -97.92
CA ASP UA 269 -42.66 -59.23 -97.16
C ASP UA 269 -43.27 -59.50 -95.79
N ASN UA 270 -43.99 -60.61 -95.65
CA ASN UA 270 -44.69 -60.95 -94.41
C ASN UA 270 -43.92 -61.95 -93.55
N HIS UA 271 -42.71 -62.33 -93.95
CA HIS UA 271 -41.93 -63.28 -93.17
C HIS UA 271 -41.38 -62.61 -91.91
N TYR UA 272 -41.38 -63.36 -90.81
CA TYR UA 272 -40.86 -62.85 -89.56
C TYR UA 272 -40.46 -64.01 -88.66
N PHE UA 273 -39.65 -63.70 -87.65
CA PHE UA 273 -39.23 -64.65 -86.63
C PHE UA 273 -39.14 -63.90 -85.31
N GLY UA 274 -39.56 -64.55 -84.24
CA GLY UA 274 -39.54 -63.91 -82.95
C GLY UA 274 -39.90 -64.89 -81.85
N TYR UA 275 -40.18 -64.34 -80.67
CA TYR UA 275 -40.52 -65.14 -79.51
C TYR UA 275 -41.71 -64.55 -78.80
N SER UA 276 -42.56 -65.42 -78.26
CA SER UA 276 -43.71 -65.05 -77.47
C SER UA 276 -43.41 -65.34 -76.01
N THR UA 277 -43.62 -64.35 -75.15
CA THR UA 277 -43.29 -64.49 -73.74
C THR UA 277 -44.55 -64.66 -72.90
N PRO UA 278 -44.46 -65.30 -71.74
CA PRO UA 278 -45.63 -65.41 -70.85
C PRO UA 278 -45.94 -64.12 -70.09
N TRP UA 279 -45.21 -63.04 -70.34
CA TRP UA 279 -45.42 -61.79 -69.64
C TRP UA 279 -46.42 -60.92 -70.38
N GLY UA 280 -47.01 -59.99 -69.62
CA GLY UA 280 -47.80 -58.91 -70.17
C GLY UA 280 -47.11 -57.59 -69.94
N TYR UA 281 -47.67 -56.54 -70.54
CA TYR UA 281 -47.10 -55.21 -70.40
C TYR UA 281 -48.21 -54.18 -70.30
N PHE UA 282 -47.93 -53.11 -69.56
CA PHE UA 282 -48.88 -52.02 -69.37
C PHE UA 282 -48.57 -50.91 -70.38
N ASP UA 283 -49.56 -50.60 -71.22
CA ASP UA 283 -49.41 -49.60 -72.28
C ASP UA 283 -50.35 -48.43 -71.98
N PHE UA 284 -49.78 -47.23 -71.93
CA PHE UA 284 -50.57 -46.01 -71.86
C PHE UA 284 -50.06 -44.98 -72.85
N ASN UA 285 -49.61 -45.44 -74.02
CA ASN UA 285 -49.06 -44.58 -75.06
C ASN UA 285 -50.13 -44.08 -76.01
N ARG UA 286 -51.21 -43.55 -75.45
CA ARG UA 286 -52.27 -42.91 -76.22
C ARG UA 286 -52.82 -41.76 -75.39
N PHE UA 287 -53.18 -40.65 -76.03
CA PHE UA 287 -53.58 -39.44 -75.27
C PHE UA 287 -54.89 -39.65 -74.51
N HIS UA 288 -55.79 -40.49 -75.04
CA HIS UA 288 -57.11 -40.73 -74.40
C HIS UA 288 -56.93 -41.44 -73.05
N CYS UA 289 -55.77 -42.03 -72.80
CA CYS UA 289 -55.47 -42.74 -71.53
C CYS UA 289 -55.26 -41.73 -70.41
N HIS UA 290 -55.00 -40.47 -70.73
CA HIS UA 290 -54.72 -39.44 -69.73
C HIS UA 290 -55.62 -38.22 -69.83
N PHE UA 291 -56.09 -37.87 -71.02
CA PHE UA 291 -56.91 -36.68 -71.24
C PHE UA 291 -58.35 -37.08 -71.49
N SER UA 292 -59.26 -36.47 -70.75
CA SER UA 292 -60.67 -36.55 -71.10
C SER UA 292 -60.94 -35.66 -72.30
N PRO UA 293 -62.05 -35.89 -73.01
CA PRO UA 293 -62.36 -35.00 -74.15
C PRO UA 293 -62.48 -33.53 -73.76
N ARG UA 294 -63.04 -33.23 -72.59
CA ARG UA 294 -63.04 -31.85 -72.10
C ARG UA 294 -61.62 -31.36 -71.82
N ASP UA 295 -60.78 -32.23 -71.27
CA ASP UA 295 -59.37 -31.87 -71.07
C ASP UA 295 -58.68 -31.59 -72.38
N TRP UA 296 -58.94 -32.42 -73.40
CA TRP UA 296 -58.36 -32.20 -74.72
C TRP UA 296 -58.84 -30.88 -75.32
N GLN UA 297 -60.13 -30.57 -75.17
CA GLN UA 297 -60.64 -29.31 -75.70
C GLN UA 297 -60.02 -28.12 -74.98
N ARG UA 298 -59.85 -28.23 -73.66
CA ARG UA 298 -59.18 -27.18 -72.90
C ARG UA 298 -57.72 -27.03 -73.33
N LEU UA 299 -57.06 -28.13 -73.67
CA LEU UA 299 -55.66 -28.07 -74.08
C LEU UA 299 -55.50 -27.44 -75.46
N ILE UA 300 -56.32 -27.86 -76.43
CA ILE UA 300 -56.08 -27.50 -77.81
C ILE UA 300 -56.66 -26.13 -78.17
N ASN UA 301 -57.62 -25.62 -77.41
CA ASN UA 301 -58.23 -24.34 -77.71
C ASN UA 301 -57.50 -23.16 -77.08
N ASN UA 302 -56.50 -23.42 -76.25
CA ASN UA 302 -55.87 -22.35 -75.48
C ASN UA 302 -54.35 -22.36 -75.50
N ASN UA 303 -53.71 -23.40 -76.02
CA ASN UA 303 -52.27 -23.55 -75.96
C ASN UA 303 -51.69 -23.68 -77.35
N TRP UA 304 -50.52 -23.06 -77.55
CA TRP UA 304 -49.76 -23.18 -78.79
C TRP UA 304 -48.84 -24.37 -78.80
N GLY UA 305 -48.70 -25.08 -77.68
CA GLY UA 305 -47.85 -26.25 -77.64
C GLY UA 305 -47.91 -26.93 -76.29
N PHE UA 306 -47.45 -28.18 -76.26
CA PHE UA 306 -47.38 -28.94 -75.02
C PHE UA 306 -46.35 -30.06 -75.19
N ARG UA 307 -45.86 -30.55 -74.06
CA ARG UA 307 -44.89 -31.64 -74.04
C ARG UA 307 -44.93 -32.30 -72.67
N PRO UA 308 -44.67 -33.60 -72.59
CA PRO UA 308 -44.61 -34.27 -71.29
C PRO UA 308 -43.34 -33.94 -70.54
N LYS UA 309 -43.45 -33.92 -69.22
CA LYS UA 309 -42.35 -33.55 -68.33
C LYS UA 309 -41.91 -34.70 -67.44
N ARG UA 310 -42.84 -35.33 -66.72
CA ARG UA 310 -42.53 -36.45 -65.86
C ARG UA 310 -43.78 -37.28 -65.66
N LEU UA 311 -43.60 -38.54 -65.25
CA LEU UA 311 -44.73 -39.42 -65.01
C LEU UA 311 -44.49 -40.22 -63.72
N ASN UA 312 -45.61 -40.66 -63.13
CA ASN UA 312 -45.58 -41.52 -61.93
C ASN UA 312 -46.51 -42.71 -62.23
N PHE UA 313 -46.11 -43.92 -61.89
CA PHE UA 313 -46.84 -45.14 -62.17
C PHE UA 313 -47.03 -45.93 -60.89
N LYS UA 314 -48.22 -46.52 -60.76
CA LYS UA 314 -48.49 -47.34 -59.55
C LYS UA 314 -49.38 -48.55 -59.83
N LEU UA 315 -49.02 -49.70 -59.27
CA LEU UA 315 -49.87 -50.89 -59.27
C LEU UA 315 -50.23 -51.20 -57.83
N PHE UA 316 -51.51 -51.45 -57.57
CA PHE UA 316 -51.96 -51.63 -56.20
C PHE UA 316 -53.25 -52.44 -56.19
N ASN UA 317 -53.68 -52.82 -54.99
CA ASN UA 317 -54.89 -53.62 -54.79
C ASN UA 317 -54.86 -54.88 -55.64
N ILE UA 318 -53.74 -55.58 -55.60
CA ILE UA 318 -53.52 -56.74 -56.45
C ILE UA 318 -54.20 -57.95 -55.83
N GLN UA 319 -55.04 -58.61 -56.61
CA GLN UA 319 -55.76 -59.81 -56.19
C GLN UA 319 -55.43 -60.94 -57.15
N VAL UA 320 -54.98 -62.06 -56.62
CA VAL UA 320 -54.74 -63.26 -57.43
C VAL UA 320 -55.90 -64.21 -57.21
N LYS UA 321 -56.57 -64.59 -58.29
CA LYS UA 321 -57.73 -65.45 -58.25
C LYS UA 321 -57.38 -66.81 -58.85
N GLU UA 322 -57.69 -67.88 -58.13
CA GLU UA 322 -57.49 -69.24 -58.61
C GLU UA 322 -58.78 -69.75 -59.24
N VAL UA 323 -58.67 -70.26 -60.46
CA VAL UA 323 -59.82 -70.75 -61.22
C VAL UA 323 -59.73 -72.28 -61.29
N THR UA 324 -60.82 -72.94 -60.94
CA THR UA 324 -60.93 -74.39 -61.02
C THR UA 324 -62.18 -74.75 -61.82
N GLN UA 325 -62.15 -75.92 -62.46
CA GLN UA 325 -63.25 -76.39 -63.28
C GLN UA 325 -63.47 -77.86 -62.99
N ASN UA 326 -64.55 -78.17 -62.26
CA ASN UA 326 -64.87 -79.53 -61.86
C ASN UA 326 -66.28 -79.87 -62.33
N ASP UA 327 -66.39 -80.91 -63.16
CA ASP UA 327 -67.69 -81.38 -63.67
C ASP UA 327 -68.46 -80.26 -64.36
N GLY UA 328 -67.76 -79.44 -65.13
CA GLY UA 328 -68.39 -78.39 -65.90
C GLY UA 328 -68.72 -77.13 -65.14
N THR UA 329 -68.25 -76.99 -63.90
CA THR UA 329 -68.53 -75.83 -63.07
C THR UA 329 -67.27 -75.00 -62.90
N THR UA 330 -67.36 -73.71 -63.17
CA THR UA 330 -66.25 -72.78 -63.01
C THR UA 330 -66.35 -72.11 -61.65
N THR UA 331 -65.38 -72.38 -60.79
CA THR UA 331 -65.33 -71.82 -59.43
C THR UA 331 -64.09 -70.95 -59.30
N ILE UA 332 -64.28 -69.72 -58.82
CA ILE UA 332 -63.20 -68.77 -58.65
C ILE UA 332 -63.07 -68.45 -57.16
N ALA UA 333 -61.87 -68.59 -56.63
CA ALA UA 333 -61.58 -68.33 -55.23
C ALA UA 333 -60.31 -67.51 -55.11
N ASN UA 334 -60.18 -66.81 -53.99
CA ASN UA 334 -58.99 -66.00 -53.75
C ASN UA 334 -57.77 -66.88 -53.49
N ASN UA 335 -56.62 -66.38 -53.90
CA ASN UA 335 -55.32 -66.98 -53.59
C ASN UA 335 -54.48 -65.90 -52.92
N LEU UA 336 -54.49 -65.87 -51.59
CA LEU UA 336 -53.83 -64.78 -50.86
C LEU UA 336 -52.32 -64.93 -50.78
N THR UA 337 -51.77 -66.09 -51.16
CA THR UA 337 -50.34 -66.32 -51.07
C THR UA 337 -49.63 -66.26 -52.41
N SER UA 338 -50.35 -66.16 -53.52
CA SER UA 338 -49.73 -66.06 -54.82
C SER UA 338 -49.21 -64.64 -55.07
N THR UA 339 -48.23 -64.54 -55.95
CA THR UA 339 -47.58 -63.28 -56.27
C THR UA 339 -47.72 -62.96 -57.76
N VAL UA 340 -47.42 -61.70 -58.09
CA VAL UA 340 -47.26 -61.25 -59.46
C VAL UA 340 -45.91 -60.56 -59.56
N GLN UA 341 -45.17 -60.86 -60.62
CA GLN UA 341 -43.84 -60.29 -60.84
C GLN UA 341 -43.95 -59.06 -61.72
N VAL UA 342 -43.42 -57.94 -61.24
CA VAL UA 342 -43.45 -56.67 -61.95
C VAL UA 342 -42.03 -56.10 -62.01
N PHE UA 343 -41.61 -55.69 -63.19
CA PHE UA 343 -40.35 -54.95 -63.31
C PHE UA 343 -40.44 -54.00 -64.49
N THR UA 344 -39.68 -52.91 -64.41
CA THR UA 344 -39.59 -51.92 -65.48
C THR UA 344 -38.26 -52.06 -66.19
N ASP UA 345 -38.29 -52.06 -67.52
CA ASP UA 345 -37.09 -52.16 -68.33
C ASP UA 345 -36.44 -50.78 -68.45
N SER UA 346 -35.86 -50.29 -67.36
CA SER UA 346 -35.32 -48.92 -67.32
C SER UA 346 -33.97 -48.83 -68.04
N GLU UA 347 -33.32 -49.96 -68.28
CA GLU UA 347 -32.08 -49.93 -69.04
C GLU UA 347 -32.29 -50.22 -70.52
N TYR UA 348 -33.54 -50.42 -70.95
CA TYR UA 348 -33.88 -50.63 -72.35
C TYR UA 348 -33.10 -51.79 -72.96
N GLN UA 349 -33.02 -52.90 -72.22
CA GLN UA 349 -32.34 -54.09 -72.68
C GLN UA 349 -33.28 -55.05 -73.41
N LEU UA 350 -34.57 -54.78 -73.44
CA LEU UA 350 -35.55 -55.59 -74.13
C LEU UA 350 -36.05 -54.88 -75.38
N PRO UA 351 -36.49 -55.62 -76.39
CA PRO UA 351 -37.06 -54.97 -77.58
C PRO UA 351 -38.26 -54.12 -77.22
N TYR UA 352 -38.22 -52.86 -77.64
CA TYR UA 352 -39.24 -51.88 -77.29
C TYR UA 352 -40.43 -52.03 -78.24
N VAL UA 353 -41.49 -52.67 -77.76
CA VAL UA 353 -42.68 -52.89 -78.58
C VAL UA 353 -43.73 -51.81 -78.40
N LEU UA 354 -43.57 -50.93 -77.42
CA LEU UA 354 -44.41 -49.74 -77.33
C LEU UA 354 -44.07 -48.79 -78.48
N GLY UA 355 -45.04 -48.00 -78.87
CA GLY UA 355 -44.86 -47.09 -79.98
C GLY UA 355 -45.10 -47.69 -81.35
N SER UA 356 -45.67 -48.90 -81.42
CA SER UA 356 -46.07 -49.51 -82.68
C SER UA 356 -47.57 -49.47 -82.90
N ALA UA 357 -48.28 -48.62 -82.15
CA ALA UA 357 -49.72 -48.43 -82.29
C ALA UA 357 -50.48 -49.74 -82.06
N HIS UA 358 -50.15 -50.41 -80.96
CA HIS UA 358 -50.75 -51.69 -80.63
C HIS UA 358 -51.95 -51.51 -79.70
N GLN UA 359 -52.90 -52.42 -79.81
CA GLN UA 359 -54.06 -52.43 -78.94
C GLN UA 359 -53.67 -52.95 -77.56
N GLY UA 360 -54.55 -52.71 -76.59
CA GLY UA 360 -54.31 -53.11 -75.22
C GLY UA 360 -53.95 -51.99 -74.27
N CYS UA 361 -54.16 -50.74 -74.66
CA CYS UA 361 -53.83 -49.60 -73.82
C CYS UA 361 -54.86 -49.45 -72.70
N LEU UA 362 -54.65 -48.45 -71.86
CA LEU UA 362 -55.65 -48.09 -70.87
C LEU UA 362 -56.88 -47.54 -71.58
N PRO UA 363 -58.08 -48.04 -71.29
CA PRO UA 363 -59.25 -47.60 -72.04
C PRO UA 363 -59.52 -46.14 -71.81
N PRO UA 364 -60.03 -45.43 -72.81
CA PRO UA 364 -60.29 -44.00 -72.64
C PRO UA 364 -61.30 -43.69 -71.54
N PHE UA 365 -62.29 -44.54 -71.36
CA PHE UA 365 -63.29 -44.32 -70.30
C PHE UA 365 -62.80 -44.91 -68.99
N PRO UA 366 -62.74 -44.12 -67.93
CA PRO UA 366 -62.17 -44.61 -66.66
C PRO UA 366 -62.93 -45.78 -66.05
N ALA UA 367 -64.17 -46.03 -66.44
CA ALA UA 367 -64.96 -47.09 -65.86
C ALA UA 367 -64.77 -48.44 -66.56
N ASP UA 368 -64.01 -48.49 -67.66
CA ASP UA 368 -63.81 -49.71 -68.41
C ASP UA 368 -62.68 -50.55 -67.81
N VAL UA 369 -62.86 -51.86 -67.82
CA VAL UA 369 -61.85 -52.82 -67.36
C VAL UA 369 -61.20 -53.45 -68.59
N PHE UA 370 -59.87 -53.51 -68.58
CA PHE UA 370 -59.11 -53.94 -69.75
C PHE UA 370 -58.18 -55.10 -69.41
N MET UA 371 -57.94 -55.93 -70.42
CA MET UA 371 -57.00 -57.03 -70.31
C MET UA 371 -55.59 -56.55 -70.63
N VAL UA 372 -54.61 -57.06 -69.90
CA VAL UA 372 -53.21 -56.71 -70.11
C VAL UA 372 -52.69 -57.43 -71.35
N PRO UA 373 -52.17 -56.72 -72.35
CA PRO UA 373 -51.73 -57.40 -73.57
C PRO UA 373 -50.49 -58.24 -73.34
N GLN UA 374 -50.37 -59.31 -74.13
CA GLN UA 374 -49.24 -60.21 -74.03
C GLN UA 374 -48.00 -59.61 -74.70
N TYR UA 375 -46.86 -59.73 -74.04
CA TYR UA 375 -45.62 -59.18 -74.55
C TYR UA 375 -44.97 -60.16 -75.52
N GLY UA 376 -44.48 -59.65 -76.63
CA GLY UA 376 -43.77 -60.46 -77.61
C GLY UA 376 -42.92 -59.56 -78.48
N TYR UA 377 -41.85 -60.13 -79.02
CA TYR UA 377 -40.91 -59.36 -79.80
C TYR UA 377 -40.46 -60.16 -81.02
N LEU UA 378 -39.96 -59.45 -82.02
CA LEU UA 378 -39.41 -60.05 -83.21
C LEU UA 378 -37.91 -59.79 -83.29
N THR UA 379 -37.19 -60.74 -83.87
CA THR UA 379 -35.76 -60.60 -84.06
C THR UA 379 -35.43 -60.84 -85.53
N LEU UA 380 -34.14 -60.93 -85.85
CA LEU UA 380 -33.70 -61.10 -87.26
C LEU UA 380 -34.24 -62.42 -87.82
N ASN UA 381 -34.65 -62.42 -89.07
CA ASN UA 381 -35.15 -63.65 -89.72
C ASN UA 381 -34.66 -63.75 -91.15
N ASN UA 382 -34.31 -64.95 -91.60
CA ASN UA 382 -34.01 -65.17 -93.04
C ASN UA 382 -35.19 -65.98 -93.52
N GLY UA 383 -36.28 -65.32 -93.89
CA GLY UA 383 -37.51 -66.07 -94.22
C GLY UA 383 -38.23 -66.41 -92.93
N SER UA 384 -38.76 -67.62 -92.81
CA SER UA 384 -39.38 -68.04 -91.56
C SER UA 384 -38.37 -68.55 -90.54
N GLN UA 385 -37.11 -68.69 -90.93
CA GLN UA 385 -36.06 -69.17 -90.05
C GLN UA 385 -35.34 -68.01 -89.38
N ALA UA 386 -34.42 -68.35 -88.48
CA ALA UA 386 -33.60 -67.39 -87.78
C ALA UA 386 -32.17 -67.43 -88.30
N VAL UA 387 -31.38 -66.43 -87.89
CA VAL UA 387 -29.97 -66.37 -88.21
C VAL UA 387 -29.18 -66.37 -86.90
N GLY UA 388 -27.86 -66.46 -87.02
CA GLY UA 388 -27.02 -66.50 -85.84
C GLY UA 388 -27.04 -65.23 -85.03
N ARG UA 389 -27.38 -64.11 -85.67
CA ARG UA 389 -27.46 -62.83 -84.98
C ARG UA 389 -28.77 -62.61 -84.25
N SER UA 390 -29.75 -63.50 -84.44
CA SER UA 390 -31.03 -63.36 -83.75
C SER UA 390 -30.83 -63.48 -82.24
N SER UA 391 -31.53 -62.63 -81.50
CA SER UA 391 -31.39 -62.55 -80.05
C SER UA 391 -32.60 -63.14 -79.36
N PHE UA 392 -32.35 -63.88 -78.28
CA PHE UA 392 -33.40 -64.42 -77.43
C PHE UA 392 -33.30 -63.77 -76.05
N TYR UA 393 -34.45 -63.39 -75.50
CA TYR UA 393 -34.51 -62.70 -74.22
C TYR UA 393 -35.43 -63.46 -73.28
N CYS UA 394 -34.90 -63.81 -72.10
CA CYS UA 394 -35.69 -64.37 -71.02
C CYS UA 394 -35.96 -63.26 -70.01
N LEU UA 395 -37.24 -62.95 -69.82
CA LEU UA 395 -37.63 -61.87 -68.92
C LEU UA 395 -37.51 -62.24 -67.45
N GLU UA 396 -37.35 -63.51 -67.12
CA GLU UA 396 -37.05 -63.91 -65.77
C GLU UA 396 -35.59 -63.74 -65.42
N TYR UA 397 -34.76 -63.31 -66.38
CA TYR UA 397 -33.31 -63.05 -66.15
C TYR UA 397 -33.15 -61.60 -65.70
N PHE UA 398 -34.24 -60.88 -65.53
CA PHE UA 398 -34.28 -59.53 -64.99
C PHE UA 398 -34.71 -59.56 -63.53
N PRO UA 399 -34.19 -58.67 -62.70
CA PRO UA 399 -34.70 -58.55 -61.33
C PRO UA 399 -36.11 -57.97 -61.34
N SER UA 400 -37.04 -58.68 -60.72
CA SER UA 400 -38.43 -58.25 -60.68
C SER UA 400 -38.92 -58.24 -59.23
N GLN UA 401 -39.95 -57.44 -58.99
CA GLN UA 401 -40.54 -57.30 -57.67
C GLN UA 401 -41.76 -58.20 -57.56
N MET UA 402 -41.81 -59.02 -56.51
CA MET UA 402 -42.89 -59.96 -56.30
C MET UA 402 -43.92 -59.34 -55.36
N LEU UA 403 -45.18 -59.34 -55.77
CA LEU UA 403 -46.24 -58.64 -55.05
C LEU UA 403 -47.35 -59.62 -54.69
N ARG UA 404 -47.60 -59.79 -53.40
CA ARG UA 404 -48.76 -60.52 -52.92
C ARG UA 404 -49.94 -59.55 -52.81
N THR UA 405 -51.08 -60.07 -52.35
CA THR UA 405 -52.24 -59.17 -52.07
C THR UA 405 -51.83 -58.32 -50.87
N GLY UA 406 -51.79 -57.01 -51.03
CA GLY UA 406 -51.34 -56.10 -50.02
C GLY UA 406 -50.03 -55.40 -50.35
N ASN UA 407 -49.32 -55.84 -51.38
CA ASN UA 407 -48.12 -55.17 -51.85
C ASN UA 407 -48.46 -54.27 -53.03
N ASN UA 408 -47.69 -53.19 -53.19
CA ASN UA 408 -47.88 -52.28 -54.29
C ASN UA 408 -46.54 -52.02 -54.98
N PHE UA 409 -46.62 -51.57 -56.23
CA PHE UA 409 -45.46 -51.26 -57.03
C PHE UA 409 -45.56 -49.80 -57.49
N THR UA 410 -44.42 -49.12 -57.55
CA THR UA 410 -44.41 -47.74 -58.02
C THR UA 410 -43.04 -47.42 -58.61
N PHE UA 411 -43.03 -46.46 -59.54
CA PHE UA 411 -41.80 -45.92 -60.06
C PHE UA 411 -42.08 -44.58 -60.71
N SER UA 412 -41.06 -43.73 -60.75
CA SER UA 412 -41.15 -42.40 -61.32
C SER UA 412 -40.18 -42.27 -62.48
N TYR UA 413 -40.60 -41.52 -63.50
CA TYR UA 413 -39.82 -41.33 -64.71
C TYR UA 413 -39.85 -39.86 -65.09
N THR UA 414 -38.74 -39.36 -65.60
CA THR UA 414 -38.64 -37.98 -66.08
C THR UA 414 -38.39 -38.00 -67.58
N PHE UA 415 -39.25 -37.31 -68.32
CA PHE UA 415 -39.07 -37.19 -69.76
C PHE UA 415 -37.84 -36.34 -70.07
N GLU UA 416 -37.14 -36.69 -71.14
CA GLU UA 416 -36.07 -35.86 -71.63
C GLU UA 416 -36.65 -34.60 -72.28
N ASP UA 417 -35.78 -33.61 -72.49
CA ASP UA 417 -36.20 -32.38 -73.13
C ASP UA 417 -36.59 -32.65 -74.58
N VAL UA 418 -37.81 -32.29 -74.94
CA VAL UA 418 -38.32 -32.50 -76.30
C VAL UA 418 -39.00 -31.21 -76.75
N PRO UA 419 -39.07 -30.98 -78.07
CA PRO UA 419 -39.76 -29.80 -78.56
C PRO UA 419 -41.25 -29.85 -78.23
N PHE UA 420 -41.83 -28.67 -78.03
CA PHE UA 420 -43.27 -28.57 -77.87
C PHE UA 420 -43.96 -29.02 -79.15
N HIS UA 421 -45.04 -29.79 -79.01
CA HIS UA 421 -45.85 -30.12 -80.17
C HIS UA 421 -46.50 -28.87 -80.73
N SER UA 422 -46.44 -28.74 -82.06
CA SER UA 422 -47.04 -27.57 -82.75
C SER UA 422 -48.56 -27.69 -82.79
N SER UA 423 -49.23 -27.34 -81.68
CA SER UA 423 -50.68 -27.39 -81.62
C SER UA 423 -51.30 -26.11 -82.18
N TYR UA 424 -50.89 -25.77 -83.40
CA TYR UA 424 -51.39 -24.58 -84.07
C TYR UA 424 -51.34 -24.82 -85.57
N ALA UA 425 -52.13 -24.03 -86.30
CA ALA UA 425 -52.09 -24.00 -87.75
C ALA UA 425 -51.58 -22.64 -88.21
N HIS UA 426 -50.67 -22.65 -89.18
CA HIS UA 426 -50.13 -21.39 -89.67
C HIS UA 426 -51.21 -20.60 -90.40
N SER UA 427 -51.31 -19.31 -90.08
CA SER UA 427 -52.22 -18.41 -90.76
C SER UA 427 -51.59 -17.75 -91.98
N GLN UA 428 -50.35 -18.09 -92.30
CA GLN UA 428 -49.68 -17.65 -93.51
C GLN UA 428 -49.18 -18.85 -94.28
N SER UA 429 -49.13 -18.71 -95.60
CA SER UA 429 -48.56 -19.73 -96.46
C SER UA 429 -47.11 -19.40 -96.76
N LEU UA 430 -46.30 -20.44 -96.98
CA LEU UA 430 -44.89 -20.25 -97.22
C LEU UA 430 -44.61 -19.49 -98.51
N ASP UA 431 -45.56 -19.50 -99.44
CA ASP UA 431 -45.37 -18.81 -100.75
C ASP UA 431 -46.05 -17.43 -100.73
N ARG UA 432 -46.57 -17.01 -99.58
CA ARG UA 432 -47.28 -15.73 -99.43
C ARG UA 432 -46.75 -14.98 -98.21
N LEU UA 433 -45.43 -14.92 -98.07
CA LEU UA 433 -44.80 -14.28 -96.92
C LEU UA 433 -44.33 -12.86 -97.21
N MET UA 434 -44.66 -12.32 -98.37
CA MET UA 434 -44.14 -11.03 -98.81
C MET UA 434 -45.11 -9.90 -98.48
N ASN UA 435 -44.70 -8.68 -98.79
CA ASN UA 435 -45.56 -7.51 -98.70
C ASN UA 435 -46.20 -7.29 -100.06
N PRO UA 436 -47.53 -7.43 -100.19
CA PRO UA 436 -48.14 -7.33 -101.52
C PRO UA 436 -48.15 -5.92 -102.08
N LEU UA 437 -47.82 -4.90 -101.28
CA LEU UA 437 -47.88 -3.52 -101.72
C LEU UA 437 -46.59 -3.03 -102.36
N ILE UA 438 -45.46 -3.65 -102.05
CA ILE UA 438 -44.15 -3.17 -102.47
C ILE UA 438 -43.55 -4.19 -103.43
N ASP UA 439 -43.01 -3.72 -104.55
CA ASP UA 439 -42.31 -4.59 -105.48
C ASP UA 439 -40.95 -5.00 -104.90
N GLN UA 440 -40.44 -6.11 -105.40
CA GLN UA 440 -39.08 -6.54 -105.07
C GLN UA 440 -38.06 -5.79 -105.91
N TYR UA 441 -36.88 -5.59 -105.34
CA TYR UA 441 -35.79 -5.01 -106.10
C TYR UA 441 -35.05 -6.03 -106.95
N LEU UA 442 -35.28 -7.32 -106.71
CA LEU UA 442 -34.65 -8.37 -107.50
C LEU UA 442 -35.43 -8.59 -108.79
N TYR UA 443 -34.71 -9.03 -109.83
CA TYR UA 443 -35.29 -9.28 -111.13
C TYR UA 443 -35.35 -10.79 -111.40
N TYR UA 444 -36.33 -11.18 -112.20
CA TYR UA 444 -36.46 -12.55 -112.65
C TYR UA 444 -36.68 -12.56 -114.16
N LEU UA 445 -36.24 -13.63 -114.81
CA LEU UA 445 -36.45 -13.79 -116.24
C LEU UA 445 -37.93 -13.96 -116.52
N SER UA 446 -38.55 -12.93 -117.10
CA SER UA 446 -39.99 -12.94 -117.36
C SER UA 446 -40.35 -13.29 -118.79
N ARG UA 447 -39.48 -12.93 -119.73
CA ARG UA 447 -39.74 -13.28 -121.15
C ARG UA 447 -38.49 -13.88 -121.78
N THR UA 448 -38.69 -14.76 -122.73
CA THR UA 448 -37.59 -15.40 -123.45
C THR UA 448 -37.56 -15.09 -124.93
N ASN UA 449 -38.55 -14.38 -125.46
CA ASN UA 449 -38.55 -13.99 -126.86
C ASN UA 449 -39.41 -12.74 -127.01
N THR UA 450 -39.27 -12.09 -128.17
CA THR UA 450 -40.05 -10.91 -128.51
C THR UA 450 -40.56 -11.03 -129.94
N PRO UA 451 -41.70 -10.39 -130.29
CA PRO UA 451 -42.16 -10.42 -131.68
C PRO UA 451 -41.10 -9.77 -132.58
N SER UA 452 -40.66 -10.50 -133.60
CA SER UA 452 -39.68 -9.93 -134.57
C SER UA 452 -40.26 -10.12 -135.98
N GLY UA 453 -40.48 -9.02 -136.70
CA GLY UA 453 -41.13 -9.13 -138.03
C GLY UA 453 -42.48 -9.80 -137.89
N THR UA 454 -42.72 -10.87 -138.65
CA THR UA 454 -44.00 -11.63 -138.54
C THR UA 454 -43.70 -12.96 -137.87
N THR UA 455 -42.45 -13.17 -137.43
CA THR UA 455 -42.07 -14.40 -136.69
C THR UA 455 -41.72 -14.03 -135.25
N THR UA 456 -40.88 -14.83 -134.59
CA THR UA 456 -40.42 -14.49 -133.22
C THR UA 456 -38.88 -14.50 -133.18
N GLN UA 457 -38.30 -13.76 -132.25
CA GLN UA 457 -36.85 -13.72 -132.11
C GLN UA 457 -36.49 -13.89 -130.64
N SER UA 458 -35.46 -14.68 -130.37
CA SER UA 458 -35.04 -14.93 -129.00
C SER UA 458 -34.50 -13.65 -128.36
N ARG UA 459 -35.01 -13.32 -127.18
CA ARG UA 459 -34.60 -12.10 -126.47
C ARG UA 459 -34.97 -12.25 -125.01
N LEU UA 460 -33.97 -12.15 -124.13
CA LEU UA 460 -34.21 -12.29 -122.70
C LEU UA 460 -34.64 -10.95 -122.11
N GLN UA 461 -35.69 -10.98 -121.29
CA GLN UA 461 -36.16 -9.81 -120.56
C GLN UA 461 -36.40 -10.17 -119.10
N PHE UA 462 -36.28 -9.17 -118.24
CA PHE UA 462 -36.37 -9.35 -116.80
C PHE UA 462 -37.33 -8.34 -116.21
N SER UA 463 -38.03 -8.76 -115.15
CA SER UA 463 -39.01 -7.92 -114.49
C SER UA 463 -38.83 -8.03 -112.98
N GLN UA 464 -39.29 -7.01 -112.28
CA GLN UA 464 -39.37 -7.04 -110.83
C GLN UA 464 -40.73 -7.57 -110.41
N ALA UA 465 -40.73 -8.52 -109.48
CA ALA UA 465 -41.96 -9.19 -109.10
C ALA UA 465 -42.73 -8.38 -108.08
N GLY UA 466 -44.05 -8.30 -108.26
CA GLY UA 466 -44.95 -7.63 -107.35
C GLY UA 466 -46.13 -8.53 -107.02
N ALA UA 467 -47.30 -7.91 -106.86
CA ALA UA 467 -48.50 -8.66 -106.52
C ALA UA 467 -49.11 -9.37 -107.73
N SER UA 468 -49.04 -8.74 -108.91
CA SER UA 468 -49.67 -9.31 -110.09
C SER UA 468 -48.97 -10.58 -110.55
N ASP UA 469 -47.65 -10.66 -110.40
CA ASP UA 469 -46.88 -11.83 -110.74
C ASP UA 469 -46.26 -12.42 -109.47
N ILE UA 470 -47.08 -12.53 -108.43
CA ILE UA 470 -46.62 -12.93 -107.10
C ILE UA 470 -45.96 -14.31 -107.09
N ARG UA 471 -46.27 -15.15 -108.08
CA ARG UA 471 -45.69 -16.49 -108.13
C ARG UA 471 -44.20 -16.47 -108.48
N ASP UA 472 -43.70 -15.38 -109.06
CA ASP UA 472 -42.32 -15.29 -109.51
C ASP UA 472 -41.41 -14.60 -108.50
N GLN UA 473 -41.92 -14.27 -107.33
CA GLN UA 473 -41.12 -13.54 -106.35
C GLN UA 473 -39.98 -14.40 -105.81
N SER UA 474 -38.83 -13.77 -105.61
CA SER UA 474 -37.70 -14.46 -105.00
C SER UA 474 -38.00 -14.75 -103.53
N ARG UA 475 -37.68 -15.96 -103.11
CA ARG UA 475 -38.03 -16.43 -101.77
C ARG UA 475 -36.82 -17.05 -101.10
N ASN UA 476 -36.87 -17.12 -99.78
CA ASN UA 476 -35.76 -17.60 -98.97
C ASN UA 476 -35.92 -19.05 -98.53
N TRP UA 477 -37.11 -19.63 -98.65
CA TRP UA 477 -37.40 -20.94 -98.06
C TRP UA 477 -38.11 -21.82 -99.08
N LEU UA 478 -38.17 -23.11 -98.77
CA LEU UA 478 -38.76 -24.13 -99.61
C LEU UA 478 -39.70 -25.00 -98.79
N PRO UA 479 -40.71 -25.58 -99.43
CA PRO UA 479 -41.59 -26.53 -98.71
C PRO UA 479 -40.86 -27.80 -98.33
N GLY UA 480 -41.35 -28.44 -97.28
CA GLY UA 480 -40.71 -29.61 -96.72
C GLY UA 480 -40.63 -30.80 -97.66
N PRO UA 481 -39.97 -31.86 -97.22
CA PRO UA 481 -39.75 -33.02 -98.11
C PRO UA 481 -41.04 -33.77 -98.39
N CYS UA 482 -40.97 -34.54 -99.49
CA CYS UA 482 -42.16 -35.23 -100.01
C CYS UA 482 -41.85 -36.68 -100.37
N TYR UA 483 -42.84 -37.56 -100.23
CA TYR UA 483 -42.75 -38.95 -100.69
C TYR UA 483 -44.14 -39.32 -101.19
N ARG UA 484 -44.34 -39.18 -102.50
CA ARG UA 484 -45.69 -39.10 -103.06
C ARG UA 484 -46.53 -40.33 -102.75
N GLN UA 485 -47.79 -40.09 -102.41
CA GLN UA 485 -48.78 -41.12 -102.13
C GLN UA 485 -49.85 -41.12 -103.22
N GLN UA 486 -50.46 -42.28 -103.43
CA GLN UA 486 -51.59 -42.35 -104.35
C GLN UA 486 -52.82 -41.70 -103.74
N ARG UA 487 -53.61 -41.07 -104.59
CA ARG UA 487 -54.81 -40.36 -104.15
C ARG UA 487 -56.03 -41.26 -104.28
N VAL UA 488 -56.76 -41.35 -103.16
CA VAL UA 488 -58.02 -42.14 -103.10
C VAL UA 488 -59.12 -41.17 -102.67
N SER UA 489 -60.36 -41.44 -103.06
CA SER UA 489 -61.50 -40.59 -102.75
C SER UA 489 -62.45 -41.29 -101.80
N LYS UA 490 -63.05 -40.52 -100.89
CA LYS UA 490 -64.03 -41.07 -99.93
C LYS UA 490 -65.29 -41.46 -100.70
N THR UA 491 -65.58 -40.79 -101.82
CA THR UA 491 -66.71 -41.18 -102.70
C THR UA 491 -66.24 -42.40 -103.49
N SER UA 492 -66.85 -43.56 -103.27
CA SER UA 492 -66.36 -44.82 -103.88
C SER UA 492 -66.32 -44.76 -105.41
N ALA UA 493 -67.39 -44.27 -106.06
CA ALA UA 493 -67.45 -44.30 -107.51
C ALA UA 493 -66.26 -43.58 -108.14
N ASP UA 494 -65.67 -42.62 -107.42
CA ASP UA 494 -64.57 -41.83 -107.97
C ASP UA 494 -63.27 -42.62 -108.08
N ASN UA 495 -63.18 -43.79 -107.46
CA ASN UA 495 -61.95 -44.57 -107.44
C ASN UA 495 -61.91 -45.54 -108.62
N ASN UA 496 -60.69 -45.95 -108.98
CA ASN UA 496 -60.51 -46.89 -110.06
C ASN UA 496 -61.06 -48.27 -109.67
N ASN UA 497 -61.71 -48.93 -110.63
CA ASN UA 497 -62.32 -50.24 -110.39
C ASN UA 497 -61.26 -51.33 -110.58
N SER UA 498 -60.36 -51.40 -109.60
CA SER UA 498 -59.28 -52.38 -109.61
C SER UA 498 -58.77 -52.53 -108.19
N GLU UA 499 -57.95 -53.57 -107.99
CA GLU UA 499 -57.30 -53.80 -106.67
C GLU UA 499 -55.91 -53.17 -106.74
N TYR UA 500 -55.76 -52.00 -106.13
CA TYR UA 500 -54.50 -51.25 -106.16
C TYR UA 500 -54.01 -50.88 -104.76
N SER UA 501 -54.46 -51.61 -103.73
CA SER UA 501 -54.01 -51.29 -102.38
C SER UA 501 -52.54 -51.60 -102.15
N TRP UA 502 -51.94 -52.42 -103.00
CA TRP UA 502 -50.52 -52.73 -102.90
C TRP UA 502 -49.74 -52.37 -104.15
N THR UA 503 -50.31 -52.58 -105.34
CA THR UA 503 -49.61 -52.22 -106.57
C THR UA 503 -49.38 -50.72 -106.66
N GLY UA 504 -50.39 -49.93 -106.30
CA GLY UA 504 -50.28 -48.49 -106.27
C GLY UA 504 -49.82 -47.92 -104.95
N ALA UA 505 -49.45 -48.77 -104.00
CA ALA UA 505 -49.05 -48.31 -102.67
C ALA UA 505 -47.65 -47.73 -102.68
N THR UA 506 -47.41 -46.83 -101.73
CA THR UA 506 -46.09 -46.25 -101.52
C THR UA 506 -45.30 -47.12 -100.56
N LYS UA 507 -44.13 -47.58 -100.98
CA LYS UA 507 -43.38 -48.60 -100.26
C LYS UA 507 -41.92 -48.19 -100.13
N TYR UA 508 -41.27 -48.77 -99.12
CA TYR UA 508 -39.82 -48.69 -99.01
C TYR UA 508 -39.26 -50.12 -99.00
N HIS UA 509 -38.10 -50.28 -99.61
CA HIS UA 509 -37.46 -51.58 -99.81
C HIS UA 509 -36.34 -51.74 -98.80
N LEU UA 510 -36.37 -52.82 -98.03
CA LEU UA 510 -35.38 -53.07 -96.99
C LEU UA 510 -35.08 -54.56 -96.94
N ASN UA 511 -33.85 -54.93 -97.26
CA ASN UA 511 -33.38 -56.32 -97.21
C ASN UA 511 -34.25 -57.23 -98.08
N GLY UA 512 -34.65 -56.73 -99.24
CA GLY UA 512 -35.44 -57.52 -100.17
C GLY UA 512 -36.92 -57.61 -99.85
N ARG UA 513 -37.37 -56.93 -98.79
CA ARG UA 513 -38.81 -56.95 -98.49
C ARG UA 513 -39.43 -55.55 -98.58
N ASP UA 514 -40.59 -55.44 -99.20
CA ASP UA 514 -41.34 -54.20 -99.33
C ASP UA 514 -42.23 -54.01 -98.11
N SER UA 515 -42.11 -52.84 -97.48
CA SER UA 515 -42.97 -52.46 -96.36
C SER UA 515 -43.80 -51.26 -96.77
N LEU UA 516 -45.05 -51.25 -96.34
CA LEU UA 516 -45.93 -50.12 -96.64
C LEU UA 516 -45.44 -48.88 -95.90
N VAL UA 517 -45.42 -47.75 -96.59
CA VAL UA 517 -45.09 -46.47 -95.99
C VAL UA 517 -46.39 -45.90 -95.43
N ASN UA 518 -46.55 -45.99 -94.11
CA ASN UA 518 -47.80 -45.63 -93.46
C ASN UA 518 -47.52 -45.13 -92.04
N PRO UA 519 -47.80 -43.85 -91.75
CA PRO UA 519 -48.33 -42.82 -92.65
C PRO UA 519 -47.24 -42.08 -93.44
N GLY UA 520 -45.97 -42.34 -93.13
CA GLY UA 520 -44.88 -41.74 -93.84
C GLY UA 520 -44.58 -40.31 -93.43
N PRO UA 521 -43.82 -39.60 -94.25
CA PRO UA 521 -43.49 -38.21 -93.94
C PRO UA 521 -44.74 -37.34 -93.87
N ALA UA 522 -44.69 -36.34 -92.99
CA ALA UA 522 -45.84 -35.48 -92.76
C ALA UA 522 -46.11 -34.63 -94.00
N MET UA 523 -47.28 -34.83 -94.60
CA MET UA 523 -47.68 -34.12 -95.80
C MET UA 523 -49.16 -33.80 -95.71
N ALA UA 524 -49.56 -32.74 -96.42
CA ALA UA 524 -50.95 -32.33 -96.43
C ALA UA 524 -51.82 -33.40 -97.10
N SER UA 525 -52.98 -33.67 -96.50
CA SER UA 525 -53.87 -34.68 -97.05
C SER UA 525 -54.42 -34.27 -98.42
N HIS UA 526 -54.74 -32.99 -98.57
CA HIS UA 526 -55.35 -32.50 -99.81
C HIS UA 526 -55.13 -30.99 -99.90
N LYS UA 527 -55.36 -30.47 -101.11
CA LYS UA 527 -55.26 -29.04 -101.35
C LYS UA 527 -56.62 -28.39 -101.10
N ASP UA 528 -56.77 -27.12 -101.50
CA ASP UA 528 -58.02 -26.40 -101.26
C ASP UA 528 -59.18 -27.09 -101.97
N ASP UA 529 -60.31 -27.18 -101.27
CA ASP UA 529 -61.58 -27.65 -101.84
C ASP UA 529 -61.46 -29.07 -102.40
N GLU UA 530 -60.69 -29.91 -101.73
CA GLU UA 530 -60.55 -31.31 -102.11
C GLU UA 530 -60.57 -32.20 -100.88
N GLU UA 531 -61.48 -31.91 -99.95
CA GLU UA 531 -61.53 -32.63 -98.68
C GLU UA 531 -61.92 -34.09 -98.85
N LYS UA 532 -62.51 -34.47 -99.98
CA LYS UA 532 -62.85 -35.87 -100.20
C LYS UA 532 -61.65 -36.74 -100.55
N PHE UA 533 -60.51 -36.14 -100.86
CA PHE UA 533 -59.31 -36.87 -101.25
C PHE UA 533 -58.36 -37.01 -100.07
N PHE UA 534 -57.82 -38.20 -99.90
CA PHE UA 534 -56.82 -38.47 -98.88
C PHE UA 534 -55.76 -39.40 -99.45
N PRO UA 535 -54.53 -39.33 -98.95
CA PRO UA 535 -53.49 -40.25 -99.41
C PRO UA 535 -53.83 -41.68 -99.04
N GLN UA 536 -53.39 -42.61 -99.89
CA GLN UA 536 -53.76 -44.01 -99.73
C GLN UA 536 -53.28 -44.58 -98.41
N SER UA 537 -52.04 -44.28 -98.03
CA SER UA 537 -51.50 -44.69 -96.74
C SER UA 537 -50.74 -43.55 -96.09
N GLY UA 538 -51.24 -42.33 -96.24
CA GLY UA 538 -50.58 -41.16 -95.72
C GLY UA 538 -51.25 -40.49 -94.54
N VAL UA 539 -52.33 -41.05 -94.01
CA VAL UA 539 -53.02 -40.48 -92.85
C VAL UA 539 -53.32 -41.59 -91.86
N LEU UA 540 -53.45 -41.21 -90.60
CA LEU UA 540 -53.90 -42.16 -89.58
C LEU UA 540 -55.39 -42.43 -89.76
N ILE UA 541 -55.77 -43.70 -89.64
CA ILE UA 541 -57.16 -44.12 -89.76
C ILE UA 541 -57.54 -44.81 -88.46
N PHE UA 542 -58.48 -44.23 -87.73
CA PHE UA 542 -58.96 -44.79 -86.49
C PHE UA 542 -60.29 -45.50 -86.72
N GLY UA 543 -60.50 -46.57 -85.97
CA GLY UA 543 -61.74 -47.33 -86.08
C GLY UA 543 -62.81 -46.76 -85.16
N LYS UA 544 -64.05 -46.73 -85.65
CA LYS UA 544 -65.16 -46.38 -84.81
C LYS UA 544 -65.45 -47.49 -83.82
N GLN UA 545 -66.30 -47.19 -82.84
CA GLN UA 545 -66.63 -48.18 -81.82
C GLN UA 545 -67.34 -49.37 -82.46
N GLY UA 546 -66.89 -50.58 -82.11
CA GLY UA 546 -67.47 -51.80 -82.65
C GLY UA 546 -66.95 -52.22 -84.01
N SER UA 547 -65.93 -51.53 -84.51
CA SER UA 547 -65.39 -51.83 -85.87
C SER UA 547 -64.62 -53.13 -85.84
N GLU UA 548 -64.76 -53.96 -86.88
CA GLU UA 548 -64.07 -55.23 -86.96
C GLU UA 548 -62.60 -55.02 -87.34
N LYS UA 549 -61.92 -56.11 -87.65
CA LYS UA 549 -60.49 -56.05 -87.92
C LYS UA 549 -60.17 -56.03 -89.42
N THR UA 550 -60.90 -56.82 -90.21
CA THR UA 550 -60.56 -57.05 -91.61
C THR UA 550 -61.63 -56.49 -92.52
N ASN UA 551 -61.22 -55.63 -93.47
CA ASN UA 551 -62.04 -55.19 -94.59
C ASN UA 551 -63.35 -54.54 -94.14
N VAL UA 552 -63.22 -53.59 -93.22
CA VAL UA 552 -64.37 -52.80 -92.80
C VAL UA 552 -64.58 -51.68 -93.82
N ASP UA 553 -65.83 -51.23 -93.92
CA ASP UA 553 -66.16 -50.19 -94.90
C ASP UA 553 -65.62 -48.84 -94.45
N ILE UA 554 -65.70 -47.86 -95.36
CA ILE UA 554 -65.20 -46.53 -95.04
C ILE UA 554 -66.04 -45.87 -93.97
N GLU UA 555 -67.34 -46.15 -93.92
CA GLU UA 555 -68.20 -45.59 -92.89
C GLU UA 555 -67.91 -46.15 -91.50
N LYS UA 556 -67.13 -47.23 -91.42
CA LYS UA 556 -66.75 -47.81 -90.13
C LYS UA 556 -65.46 -47.23 -89.57
N VAL UA 557 -64.77 -46.38 -90.33
CA VAL UA 557 -63.50 -45.80 -89.90
C VAL UA 557 -63.58 -44.29 -90.00
N MET UA 558 -62.71 -43.63 -89.23
CA MET UA 558 -62.59 -42.18 -89.22
C MET UA 558 -61.20 -41.81 -89.74
N ILE UA 559 -61.15 -41.14 -90.88
CA ILE UA 559 -59.89 -40.80 -91.54
C ILE UA 559 -59.48 -39.40 -91.11
N THR UA 560 -58.26 -39.27 -90.62
CA THR UA 560 -57.77 -37.98 -90.13
C THR UA 560 -57.40 -37.08 -91.30
N ASP UA 561 -57.27 -35.80 -91.00
CA ASP UA 561 -56.93 -34.80 -92.04
C ASP UA 561 -55.74 -33.97 -91.56
N GLU UA 562 -54.76 -33.80 -92.42
CA GLU UA 562 -53.56 -33.02 -92.15
C GLU UA 562 -53.52 -31.78 -93.05
N GLU UA 563 -54.65 -31.12 -93.20
CA GLU UA 563 -54.74 -29.95 -94.06
C GLU UA 563 -54.16 -28.69 -93.43
N GLU UA 564 -54.00 -28.66 -92.10
CA GLU UA 564 -53.48 -27.48 -91.45
C GLU UA 564 -52.00 -27.23 -91.76
N ILE UA 565 -51.30 -28.22 -92.30
CA ILE UA 565 -49.88 -28.09 -92.58
C ILE UA 565 -49.61 -27.87 -94.07
N ARG UA 566 -50.65 -27.65 -94.87
CA ARG UA 566 -50.45 -27.39 -96.30
C ARG UA 566 -49.84 -26.02 -96.55
N THR UA 567 -49.72 -25.19 -95.53
CA THR UA 567 -49.04 -23.90 -95.68
C THR UA 567 -47.54 -24.07 -95.93
N THR UA 568 -46.94 -25.09 -95.32
CA THR UA 568 -45.51 -25.34 -95.46
C THR UA 568 -45.16 -26.70 -96.04
N ASN UA 569 -46.09 -27.65 -96.02
CA ASN UA 569 -45.79 -29.01 -96.46
C ASN UA 569 -46.50 -29.29 -97.77
N PRO UA 570 -45.84 -30.00 -98.69
CA PRO UA 570 -46.47 -30.34 -99.96
C PRO UA 570 -47.64 -31.28 -99.77
N VAL UA 571 -48.59 -31.20 -100.69
CA VAL UA 571 -49.72 -32.12 -100.69
C VAL UA 571 -49.20 -33.54 -100.96
N ALA UA 572 -49.72 -34.51 -100.21
CA ALA UA 572 -49.19 -35.86 -100.25
C ALA UA 572 -49.34 -36.50 -101.62
N THR UA 573 -50.46 -36.22 -102.29
CA THR UA 573 -50.79 -36.89 -103.54
C THR UA 573 -50.27 -36.17 -104.77
N GLU UA 574 -49.55 -35.06 -104.60
CA GLU UA 574 -49.05 -34.28 -105.72
C GLU UA 574 -47.53 -34.24 -105.68
N GLN UA 575 -46.95 -33.79 -106.79
CA GLN UA 575 -45.51 -33.68 -106.89
C GLN UA 575 -44.99 -32.53 -106.03
N TYR UA 576 -43.73 -32.64 -105.62
CA TYR UA 576 -43.08 -31.54 -104.92
C TYR UA 576 -42.94 -30.32 -105.82
N GLY UA 577 -42.57 -30.55 -107.08
CA GLY UA 577 -42.33 -29.44 -108.00
C GLY UA 577 -41.80 -29.95 -109.32
N SER UA 578 -41.08 -29.08 -110.01
CA SER UA 578 -40.51 -29.41 -111.31
C SER UA 578 -39.05 -28.97 -111.35
N VAL UA 579 -38.24 -29.76 -112.06
CA VAL UA 579 -36.83 -29.45 -112.28
C VAL UA 579 -36.54 -29.58 -113.77
N SER UA 580 -35.48 -28.90 -114.20
CA SER UA 580 -35.04 -29.02 -115.59
C SER UA 580 -34.33 -30.35 -115.81
N THR UA 581 -34.49 -30.90 -117.02
CA THR UA 581 -33.90 -32.18 -117.35
C THR UA 581 -32.94 -32.13 -118.54
N ASN UA 582 -32.82 -30.99 -119.21
CA ASN UA 582 -31.95 -30.88 -120.37
C ASN UA 582 -31.38 -29.46 -120.41
N LEU UA 583 -30.72 -29.14 -121.51
CA LEU UA 583 -30.16 -27.81 -121.74
C LEU UA 583 -30.76 -27.23 -123.01
N GLN UA 584 -31.61 -26.22 -122.86
CA GLN UA 584 -32.21 -25.56 -124.01
C GLN UA 584 -31.14 -24.82 -124.80
N ARG UA 585 -31.36 -24.79 -126.12
CA ARG UA 585 -30.37 -24.18 -127.04
C ARG UA 585 -31.07 -23.81 -128.34
N GLY UA 586 -30.71 -22.67 -128.93
CA GLY UA 586 -31.22 -22.28 -130.22
C GLY UA 586 -30.37 -22.80 -131.36
N ASN UA 587 -30.76 -22.40 -132.58
CA ASN UA 587 -30.07 -22.90 -133.79
C ASN UA 587 -28.72 -22.21 -133.97
N THR UA 594 -29.08 -28.57 -133.74
CA THR UA 594 -30.48 -28.12 -133.97
C THR UA 594 -30.98 -27.43 -132.69
N SER UA 595 -32.23 -26.94 -132.67
CA SER UA 595 -32.66 -26.35 -131.41
C SER UA 595 -33.25 -27.41 -130.49
N ARG UA 596 -33.11 -27.17 -129.18
CA ARG UA 596 -33.69 -28.03 -128.16
C ARG UA 596 -34.50 -27.17 -127.20
N GLN UA 597 -35.77 -27.53 -127.02
CA GLN UA 597 -36.63 -26.78 -126.11
C GLN UA 597 -36.46 -27.27 -124.68
N ALA UA 598 -36.66 -26.34 -123.74
CA ALA UA 598 -36.48 -26.66 -122.33
C ALA UA 598 -37.51 -27.70 -121.89
N ALA UA 599 -37.05 -28.67 -121.12
CA ALA UA 599 -37.89 -29.77 -120.65
C ALA UA 599 -37.85 -29.82 -119.12
N THR UA 600 -38.97 -30.24 -118.54
CA THR UA 600 -39.10 -30.33 -117.09
C THR UA 600 -39.70 -31.68 -116.73
N ALA UA 601 -39.44 -32.11 -115.49
CA ALA UA 601 -39.96 -33.36 -114.96
C ALA UA 601 -40.53 -33.12 -113.58
N ASP UA 602 -41.56 -33.91 -113.24
CA ASP UA 602 -42.13 -33.86 -111.90
C ASP UA 602 -41.19 -34.50 -110.90
N VAL UA 603 -41.14 -33.94 -109.70
CA VAL UA 603 -40.32 -34.46 -108.61
C VAL UA 603 -41.28 -35.15 -107.64
N ASN UA 604 -41.47 -36.45 -107.85
CA ASN UA 604 -42.38 -37.22 -107.01
C ASN UA 604 -41.78 -37.56 -105.65
N THR UA 605 -40.46 -37.52 -105.52
CA THR UA 605 -39.79 -37.74 -104.25
C THR UA 605 -38.71 -36.68 -104.09
N GLN UA 606 -38.72 -35.99 -102.95
CA GLN UA 606 -37.78 -34.90 -102.69
C GLN UA 606 -37.18 -35.10 -101.31
N GLY UA 607 -35.85 -35.21 -101.25
CA GLY UA 607 -35.15 -35.24 -99.99
C GLY UA 607 -35.02 -33.86 -99.39
N VAL UA 608 -34.44 -33.81 -98.19
CA VAL UA 608 -34.29 -32.55 -97.48
C VAL UA 608 -33.23 -31.70 -98.17
N LEU UA 609 -33.58 -30.44 -98.44
CA LEU UA 609 -32.69 -29.44 -99.01
C LEU UA 609 -32.41 -28.35 -98.00
N PRO UA 610 -31.26 -27.68 -98.10
CA PRO UA 610 -31.02 -26.52 -97.24
C PRO UA 610 -32.06 -25.43 -97.48
N GLY UA 611 -32.50 -24.81 -96.39
CA GLY UA 611 -33.57 -23.83 -96.45
C GLY UA 611 -34.97 -24.40 -96.41
N MET UA 612 -35.11 -25.70 -96.21
CA MET UA 612 -36.45 -26.35 -96.20
C MET UA 612 -37.09 -26.23 -94.81
N VAL UA 613 -38.37 -25.90 -94.75
CA VAL UA 613 -39.17 -25.78 -93.52
C VAL UA 613 -40.41 -26.64 -93.66
N TRP UA 614 -40.81 -27.28 -92.57
CA TRP UA 614 -41.95 -28.19 -92.59
C TRP UA 614 -42.56 -28.27 -91.19
N GLN UA 615 -43.77 -28.83 -91.14
CA GLN UA 615 -44.46 -29.11 -89.89
C GLN UA 615 -44.59 -30.61 -89.72
N ASP UA 616 -44.50 -31.06 -88.47
CA ASP UA 616 -44.63 -32.48 -88.18
C ASP UA 616 -46.09 -32.91 -88.22
N ARG UA 617 -46.32 -34.22 -88.15
CA ARG UA 617 -47.67 -34.74 -88.15
C ARG UA 617 -48.39 -34.38 -86.86
N ASP UA 618 -49.69 -34.11 -86.96
CA ASP UA 618 -50.47 -33.75 -85.80
C ASP UA 618 -50.67 -34.95 -84.89
N VAL UA 619 -50.89 -34.67 -83.61
CA VAL UA 619 -51.25 -35.68 -82.63
C VAL UA 619 -52.75 -35.60 -82.38
N TYR UA 620 -53.33 -36.73 -81.98
CA TYR UA 620 -54.77 -36.84 -81.80
C TYR UA 620 -55.06 -37.42 -80.44
N LEU UA 621 -56.31 -37.25 -80.00
CA LEU UA 621 -56.72 -37.79 -78.71
C LEU UA 621 -56.60 -39.30 -78.68
N GLN UA 622 -56.97 -39.96 -79.77
CA GLN UA 622 -56.80 -41.40 -79.91
C GLN UA 622 -55.41 -41.80 -80.39
N GLY UA 623 -54.56 -40.84 -80.71
CA GLY UA 623 -53.26 -41.13 -81.28
C GLY UA 623 -52.20 -41.45 -80.26
N PRO UA 624 -51.05 -41.91 -80.73
CA PRO UA 624 -49.93 -42.20 -79.82
C PRO UA 624 -49.28 -40.93 -79.30
N ILE UA 625 -48.63 -41.06 -78.16
CA ILE UA 625 -47.96 -39.95 -77.51
C ILE UA 625 -46.48 -39.88 -77.87
N TRP UA 626 -45.79 -41.01 -77.78
CA TRP UA 626 -44.34 -41.02 -77.96
C TRP UA 626 -43.93 -42.27 -78.73
N ALA UA 627 -42.63 -42.33 -79.04
CA ALA UA 627 -42.01 -43.52 -79.60
C ALA UA 627 -40.53 -43.48 -79.26
N LYS UA 628 -39.91 -44.66 -79.25
CA LYS UA 628 -38.49 -44.75 -78.97
C LYS UA 628 -37.68 -44.51 -80.24
N ILE UA 629 -36.77 -43.56 -80.20
CA ILE UA 629 -35.87 -43.34 -81.33
C ILE UA 629 -34.93 -44.52 -81.45
N PRO UA 630 -34.82 -45.16 -82.62
CA PRO UA 630 -33.94 -46.32 -82.75
C PRO UA 630 -32.49 -45.96 -82.45
N HIS UA 631 -31.79 -46.90 -81.80
CA HIS UA 631 -30.38 -46.70 -81.46
C HIS UA 631 -29.56 -46.91 -82.71
N THR UA 632 -29.33 -45.82 -83.44
CA THR UA 632 -28.61 -45.86 -84.71
C THR UA 632 -27.55 -44.75 -84.70
N ASP UA 633 -26.59 -44.89 -85.61
CA ASP UA 633 -25.49 -43.89 -85.68
C ASP UA 633 -26.05 -42.56 -86.14
N GLY UA 634 -26.98 -42.57 -87.08
CA GLY UA 634 -27.52 -41.33 -87.60
C GLY UA 634 -29.04 -41.40 -87.74
N HIS UA 635 -29.65 -40.24 -87.59
CA HIS UA 635 -31.08 -40.05 -87.82
C HIS UA 635 -31.33 -38.57 -88.03
N PHE UA 636 -32.32 -38.26 -88.85
CA PHE UA 636 -32.66 -36.87 -89.15
C PHE UA 636 -34.07 -36.59 -88.66
N HIS UA 637 -34.20 -35.56 -87.83
CA HIS UA 637 -35.48 -35.12 -87.28
C HIS UA 637 -36.25 -36.30 -86.71
N PRO UA 638 -35.83 -36.84 -85.55
CA PRO UA 638 -36.42 -38.07 -85.01
C PRO UA 638 -37.79 -37.87 -84.34
N SER UA 639 -38.67 -37.17 -85.02
CA SER UA 639 -40.08 -37.13 -84.65
C SER UA 639 -40.78 -38.35 -85.24
N PRO UA 640 -41.53 -39.11 -84.44
CA PRO UA 640 -42.19 -40.30 -84.97
C PRO UA 640 -43.13 -39.96 -86.12
N LEU UA 641 -43.12 -40.80 -87.15
CA LEU UA 641 -43.93 -40.52 -88.33
C LEU UA 641 -45.41 -40.69 -88.06
N MET UA 642 -45.78 -41.56 -87.11
CA MET UA 642 -47.17 -41.71 -86.71
C MET UA 642 -47.67 -40.55 -85.86
N GLY UA 643 -46.78 -39.68 -85.41
CA GLY UA 643 -47.16 -38.54 -84.60
C GLY UA 643 -46.74 -38.70 -83.15
N GLY UA 644 -46.25 -37.62 -82.57
CA GLY UA 644 -45.85 -37.65 -81.17
C GLY UA 644 -44.47 -37.11 -80.89
N PHE UA 645 -43.89 -37.55 -79.77
CA PHE UA 645 -42.59 -37.07 -79.31
C PHE UA 645 -41.57 -38.18 -79.44
N GLY UA 646 -40.46 -37.89 -80.14
CA GLY UA 646 -39.37 -38.82 -80.23
C GLY UA 646 -38.48 -38.79 -79.00
N LEU UA 647 -38.31 -39.94 -78.34
CA LEU UA 647 -37.58 -40.02 -77.09
C LEU UA 647 -36.45 -41.03 -77.23
N LYS UA 648 -35.22 -40.60 -76.94
CA LYS UA 648 -34.11 -41.54 -76.90
C LYS UA 648 -34.24 -42.50 -75.74
N HIS UA 649 -34.78 -42.03 -74.61
CA HIS UA 649 -35.09 -42.84 -73.44
C HIS UA 649 -36.56 -42.66 -73.12
N PRO UA 650 -37.45 -43.38 -73.79
CA PRO UA 650 -38.88 -43.22 -73.57
C PRO UA 650 -39.28 -43.84 -72.24
N PRO UA 651 -40.53 -43.67 -71.81
CA PRO UA 651 -41.00 -44.35 -70.60
C PRO UA 651 -40.77 -45.84 -70.71
N PRO UA 652 -40.15 -46.45 -69.70
CA PRO UA 652 -39.76 -47.85 -69.82
C PRO UA 652 -40.96 -48.78 -69.88
N GLN UA 653 -40.77 -49.92 -70.55
CA GLN UA 653 -41.78 -50.95 -70.56
C GLN UA 653 -41.98 -51.53 -69.17
N ILE UA 654 -43.23 -51.71 -68.77
CA ILE UA 654 -43.57 -52.27 -67.48
C ILE UA 654 -44.13 -53.66 -67.73
N LEU UA 655 -43.38 -54.68 -67.31
CA LEU UA 655 -43.73 -56.07 -67.55
C LEU UA 655 -44.31 -56.69 -66.29
N ILE UA 656 -45.43 -57.39 -66.45
CA ILE UA 656 -46.14 -58.01 -65.34
C ILE UA 656 -46.57 -59.41 -65.75
N LYS UA 657 -46.44 -60.37 -64.84
CA LYS UA 657 -46.90 -61.72 -65.09
C LYS UA 657 -47.24 -62.39 -63.77
N ASN UA 658 -48.08 -63.41 -63.84
CA ASN UA 658 -48.43 -64.20 -62.67
C ASN UA 658 -47.36 -65.24 -62.41
N THR UA 659 -46.95 -65.36 -61.16
CA THR UA 659 -45.98 -66.37 -60.80
C THR UA 659 -46.60 -67.75 -60.93
N PRO UA 660 -45.98 -68.67 -61.67
CA PRO UA 660 -46.56 -70.01 -61.81
C PRO UA 660 -46.59 -70.75 -60.49
N VAL UA 661 -47.76 -71.30 -60.16
CA VAL UA 661 -47.95 -72.09 -58.96
C VAL UA 661 -48.11 -73.55 -59.37
N PRO UA 662 -47.14 -74.41 -59.11
CA PRO UA 662 -47.26 -75.81 -59.53
C PRO UA 662 -48.45 -76.51 -58.87
N ALA UA 663 -49.05 -77.42 -59.62
CA ALA UA 663 -50.13 -78.24 -59.10
C ALA UA 663 -49.53 -79.37 -58.27
N ASN UA 664 -50.34 -80.38 -57.95
CA ASN UA 664 -49.90 -81.45 -57.07
C ASN UA 664 -48.76 -82.23 -57.71
N PRO UA 665 -47.57 -82.28 -57.09
CA PRO UA 665 -46.47 -83.04 -57.67
C PRO UA 665 -46.54 -84.53 -57.32
N SER UA 666 -45.75 -85.29 -58.06
CA SER UA 666 -45.66 -86.75 -57.82
C SER UA 666 -44.80 -86.99 -56.57
N THR UA 667 -45.15 -88.01 -55.79
CA THR UA 667 -44.38 -88.36 -54.61
C THR UA 667 -43.01 -88.94 -54.94
N THR UA 668 -42.81 -89.34 -56.19
CA THR UA 668 -41.51 -89.81 -56.67
C THR UA 668 -40.84 -88.70 -57.47
N PHE UA 669 -39.54 -88.54 -57.28
CA PHE UA 669 -38.82 -87.47 -57.96
C PHE UA 669 -38.82 -87.69 -59.47
N SER UA 670 -39.05 -86.60 -60.20
CA SER UA 670 -39.00 -86.59 -61.65
C SER UA 670 -38.20 -85.39 -62.11
N ALA UA 671 -37.20 -85.62 -62.96
CA ALA UA 671 -36.36 -84.54 -63.46
C ALA UA 671 -37.03 -83.73 -64.55
N ALA UA 672 -38.17 -84.18 -65.07
CA ALA UA 672 -38.89 -83.42 -66.08
C ALA UA 672 -39.42 -82.13 -65.48
N LYS UA 673 -39.35 -81.05 -66.26
CA LYS UA 673 -39.84 -79.76 -65.79
C LYS UA 673 -41.35 -79.83 -65.60
N PHE UA 674 -41.82 -79.01 -64.65
CA PHE UA 674 -43.27 -79.02 -64.31
C PHE UA 674 -44.12 -78.56 -65.49
N ALA UA 675 -45.16 -79.34 -65.80
CA ALA UA 675 -46.09 -79.00 -66.86
C ALA UA 675 -47.52 -78.80 -66.37
N SER UA 676 -47.80 -79.09 -65.11
CA SER UA 676 -49.13 -78.93 -64.53
C SER UA 676 -49.09 -77.81 -63.52
N PHE UA 677 -50.00 -76.84 -63.66
CA PHE UA 677 -50.04 -75.68 -62.79
C PHE UA 677 -51.48 -75.39 -62.40
N ILE UA 678 -51.63 -74.66 -61.30
CA ILE UA 678 -52.95 -74.20 -60.87
C ILE UA 678 -53.36 -73.03 -61.76
N THR UA 679 -54.54 -73.16 -62.39
CA THR UA 679 -55.04 -72.08 -63.24
C THR UA 679 -55.36 -70.86 -62.40
N GLN UA 680 -54.83 -69.71 -62.80
CA GLN UA 680 -55.07 -68.50 -62.03
C GLN UA 680 -54.83 -67.28 -62.90
N TYR UA 681 -55.45 -66.17 -62.49
CA TYR UA 681 -55.27 -64.87 -63.09
C TYR UA 681 -55.17 -63.85 -61.99
N SER UA 682 -54.90 -62.59 -62.35
CA SER UA 682 -54.80 -61.52 -61.39
C SER UA 682 -55.59 -60.31 -61.87
N THR UA 683 -56.05 -59.52 -60.91
CA THR UA 683 -56.74 -58.27 -61.19
C THR UA 683 -56.25 -57.22 -60.20
N GLY UA 684 -56.37 -55.97 -60.60
CA GLY UA 684 -55.88 -54.90 -59.76
C GLY UA 684 -56.15 -53.55 -60.38
N GLN UA 685 -55.54 -52.53 -59.80
CA GLN UA 685 -55.68 -51.15 -60.27
C GLN UA 685 -54.33 -50.61 -60.71
N VAL UA 686 -54.34 -49.78 -61.74
CA VAL UA 686 -53.16 -49.15 -62.27
C VAL UA 686 -53.39 -47.65 -62.33
N SER UA 687 -52.38 -46.88 -61.90
CA SER UA 687 -52.45 -45.42 -61.89
C SER UA 687 -51.30 -44.85 -62.71
N VAL UA 688 -51.63 -43.91 -63.60
CA VAL UA 688 -50.63 -43.20 -64.41
C VAL UA 688 -50.87 -41.70 -64.23
N GLU UA 689 -49.86 -40.99 -63.75
CA GLU UA 689 -49.94 -39.54 -63.59
C GLU UA 689 -48.82 -38.89 -64.39
N ILE UA 690 -49.20 -38.03 -65.33
CA ILE UA 690 -48.24 -37.36 -66.20
C ILE UA 690 -48.38 -35.85 -66.01
N GLU UA 691 -47.25 -35.18 -65.82
CA GLU UA 691 -47.20 -33.72 -65.79
C GLU UA 691 -46.81 -33.22 -67.18
N TRP UA 692 -47.61 -32.30 -67.72
CA TRP UA 692 -47.38 -31.73 -69.03
C TRP UA 692 -47.08 -30.25 -68.90
N GLU UA 693 -46.14 -29.75 -69.71
CA GLU UA 693 -45.83 -28.34 -69.77
C GLU UA 693 -46.56 -27.71 -70.94
N LEU UA 694 -47.11 -26.52 -70.71
CA LEU UA 694 -47.92 -25.82 -71.70
C LEU UA 694 -47.17 -24.61 -72.25
N GLN UA 695 -47.36 -24.35 -73.53
CA GLN UA 695 -46.85 -23.16 -74.20
C GLN UA 695 -48.04 -22.26 -74.47
N LYS UA 696 -48.20 -21.23 -73.65
CA LYS UA 696 -49.39 -20.40 -73.71
C LYS UA 696 -49.43 -19.59 -75.01
N GLU UA 697 -50.61 -19.49 -75.59
CA GLU UA 697 -50.81 -18.72 -76.80
C GLU UA 697 -50.64 -17.22 -76.51
N ASN UA 698 -49.92 -16.54 -77.38
CA ASN UA 698 -49.62 -15.11 -77.25
C ASN UA 698 -49.92 -14.39 -78.55
N SER UA 699 -51.08 -14.68 -79.13
CA SER UA 699 -51.43 -14.14 -80.44
C SER UA 699 -51.91 -12.69 -80.32
N LYS UA 700 -51.79 -11.94 -81.42
CA LYS UA 700 -52.27 -10.53 -81.47
C LYS UA 700 -53.26 -10.37 -82.63
N ARG UA 701 -53.85 -11.47 -83.12
CA ARG UA 701 -54.85 -11.34 -84.16
C ARG UA 701 -56.11 -10.70 -83.60
N TRP UA 702 -56.84 -10.02 -84.48
CA TRP UA 702 -58.01 -9.25 -84.08
C TRP UA 702 -59.29 -10.08 -84.10
N ASN UA 703 -59.56 -10.74 -85.22
CA ASN UA 703 -60.78 -11.51 -85.37
C ASN UA 703 -60.70 -12.83 -84.63
N PRO UA 704 -61.85 -13.43 -84.23
CA PRO UA 704 -61.83 -14.68 -83.46
C PRO UA 704 -61.15 -15.85 -84.19
N GLU UA 705 -60.73 -16.89 -83.47
CA GLU UA 705 -59.98 -18.03 -84.05
C GLU UA 705 -60.90 -19.24 -84.22
N ILE UA 706 -60.43 -20.28 -84.92
CA ILE UA 706 -61.24 -21.54 -84.94
C ILE UA 706 -61.01 -22.30 -83.62
N GLN UA 707 -62.09 -22.73 -82.96
CA GLN UA 707 -61.95 -23.52 -81.75
C GLN UA 707 -62.76 -24.80 -81.91
N TYR UA 708 -62.28 -25.87 -81.27
CA TYR UA 708 -63.08 -27.09 -81.23
C TYR UA 708 -64.27 -26.89 -80.31
N THR UA 709 -65.43 -27.38 -80.74
CA THR UA 709 -66.66 -27.16 -79.99
C THR UA 709 -67.60 -28.35 -80.21
N SER UA 710 -68.51 -28.51 -79.26
CA SER UA 710 -69.55 -29.55 -79.42
C SER UA 710 -70.65 -28.94 -80.29
N ASN UA 711 -71.49 -29.76 -80.92
CA ASN UA 711 -72.53 -29.17 -81.80
C ASN UA 711 -73.77 -28.95 -80.94
N TYR UA 712 -74.38 -27.77 -81.01
CA TYR UA 712 -75.51 -27.43 -80.13
C TYR UA 712 -76.77 -28.21 -80.53
N ASN UA 713 -76.93 -28.54 -81.82
CA ASN UA 713 -78.18 -29.17 -82.21
C ASN UA 713 -78.44 -30.46 -81.43
N LYS UA 714 -79.73 -30.74 -81.26
CA LYS UA 714 -80.15 -31.96 -80.50
C LYS UA 714 -79.70 -33.21 -81.22
N SER UA 715 -79.48 -34.26 -80.45
CA SER UA 715 -79.06 -35.54 -81.00
C SER UA 715 -79.54 -36.64 -80.08
N ILE UA 716 -79.60 -37.86 -80.62
CA ILE UA 716 -79.99 -39.02 -79.83
C ILE UA 716 -78.97 -39.28 -78.73
N ASN UA 717 -77.69 -39.19 -79.07
CA ASN UA 717 -76.60 -39.43 -78.14
C ASN UA 717 -75.70 -38.20 -78.04
N VAL UA 718 -75.15 -37.98 -76.85
CA VAL UA 718 -74.16 -36.93 -76.66
C VAL UA 718 -72.79 -37.47 -77.07
N ASP UA 719 -71.98 -36.62 -77.68
CA ASP UA 719 -70.66 -37.03 -78.12
C ASP UA 719 -69.75 -37.32 -76.94
N PHE UA 720 -68.90 -38.35 -77.10
CA PHE UA 720 -67.93 -38.75 -76.08
C PHE UA 720 -68.60 -39.10 -74.76
N THR UA 721 -69.74 -39.79 -74.85
CA THR UA 721 -70.44 -40.33 -73.70
C THR UA 721 -70.78 -41.79 -73.96
N VAL UA 722 -71.55 -42.37 -73.07
CA VAL UA 722 -72.02 -43.75 -73.23
C VAL UA 722 -73.42 -43.73 -73.82
N ASP UA 723 -73.77 -44.81 -74.51
CA ASP UA 723 -75.10 -44.96 -75.08
C ASP UA 723 -76.00 -45.70 -74.10
N THR UA 724 -77.17 -46.13 -74.57
CA THR UA 724 -78.12 -46.84 -73.70
C THR UA 724 -77.53 -48.19 -73.29
N ASN UA 725 -76.49 -48.66 -73.98
CA ASN UA 725 -75.81 -49.92 -73.61
C ASN UA 725 -74.62 -49.61 -72.70
N GLY UA 726 -74.41 -48.33 -72.39
CA GLY UA 726 -73.26 -47.92 -71.55
C GLY UA 726 -71.95 -48.10 -72.29
N VAL UA 727 -72.00 -48.15 -73.61
CA VAL UA 727 -70.77 -48.35 -74.43
C VAL UA 727 -70.16 -46.98 -74.75
N TYR UA 728 -68.92 -46.74 -74.30
CA TYR UA 728 -68.26 -45.47 -74.58
C TYR UA 728 -67.74 -45.46 -76.01
N SER UA 729 -67.95 -44.35 -76.69
CA SER UA 729 -67.49 -44.20 -78.07
C SER UA 729 -66.85 -42.83 -78.25
N GLU UA 730 -65.92 -42.75 -79.20
CA GLU UA 730 -65.29 -41.50 -79.59
C GLU UA 730 -65.73 -41.16 -81.00
N PRO UA 731 -66.67 -40.23 -81.19
CA PRO UA 731 -67.29 -40.06 -82.51
C PRO UA 731 -66.34 -39.64 -83.62
N ARG UA 732 -65.32 -38.83 -83.32
CA ARG UA 732 -64.43 -38.34 -84.36
C ARG UA 732 -63.05 -38.15 -83.77
N PRO UA 733 -62.01 -38.16 -84.61
CA PRO UA 733 -60.67 -37.79 -84.12
C PRO UA 733 -60.57 -36.29 -83.92
N ILE UA 734 -59.94 -35.90 -82.82
CA ILE UA 734 -59.70 -34.49 -82.52
C ILE UA 734 -58.19 -34.26 -82.56
N GLY UA 735 -57.77 -33.34 -83.41
CA GLY UA 735 -56.38 -32.94 -83.47
C GLY UA 735 -56.10 -31.89 -82.41
N THR UA 736 -55.02 -31.14 -82.64
CA THR UA 736 -54.64 -30.07 -81.73
C THR UA 736 -54.48 -28.70 -82.40
N ARG UA 737 -54.58 -28.63 -83.73
CA ARG UA 737 -54.20 -27.44 -84.47
C ARG UA 737 -55.44 -26.61 -84.78
N TYR UA 738 -55.84 -25.80 -83.81
CA TYR UA 738 -56.98 -24.88 -83.94
C TYR UA 738 -56.58 -23.42 -83.82
N LEU UA 739 -55.71 -23.09 -82.88
CA LEU UA 739 -55.17 -21.73 -82.82
C LEU UA 739 -54.23 -21.50 -83.99
N THR UA 740 -53.96 -20.23 -84.27
CA THR UA 740 -53.12 -19.85 -85.39
C THR UA 740 -51.93 -19.01 -84.93
N ARG UA 741 -50.83 -19.18 -85.67
CA ARG UA 741 -49.61 -18.37 -85.40
C ARG UA 741 -49.04 -17.98 -86.77
N ASN UA 742 -48.41 -16.82 -86.90
CA ASN UA 742 -47.76 -16.41 -88.14
C ASN UA 742 -46.51 -17.25 -88.40
N LEU UA 743 -46.17 -17.38 -89.66
CA LEU UA 743 -44.95 -18.10 -90.06
C LEU UA 743 -43.71 -17.36 -89.59
N ALA VA 218 33.81 -79.98 -2.38
CA ALA VA 218 32.88 -79.19 -3.22
C ALA VA 218 31.63 -80.02 -3.48
N ASP VA 219 31.81 -81.30 -3.75
CA ASP VA 219 30.66 -82.16 -4.15
C ASP VA 219 30.67 -83.42 -3.28
N GLY VA 220 31.49 -83.44 -2.24
CA GLY VA 220 31.47 -84.59 -1.31
C GLY VA 220 31.39 -85.91 -2.05
N VAL VA 221 30.61 -86.87 -1.53
CA VAL VA 221 30.55 -88.22 -2.15
C VAL VA 221 29.15 -88.35 -2.74
N GLY VA 222 29.07 -88.52 -4.04
CA GLY VA 222 27.83 -88.72 -4.75
C GLY VA 222 27.38 -87.57 -5.61
N ASN VA 223 28.12 -86.46 -5.61
CA ASN VA 223 27.81 -85.32 -6.47
C ASN VA 223 28.93 -85.15 -7.49
N SER VA 224 28.57 -85.13 -8.76
CA SER VA 224 29.56 -84.99 -9.82
C SER VA 224 30.14 -83.59 -9.83
N SER VA 225 31.45 -83.50 -10.03
CA SER VA 225 32.15 -82.23 -10.06
C SER VA 225 32.49 -81.76 -11.46
N GLY VA 226 31.93 -82.41 -12.49
CA GLY VA 226 32.18 -81.99 -13.85
C GLY VA 226 31.35 -82.82 -14.81
N ASN VA 227 31.40 -82.41 -16.07
CA ASN VA 227 30.66 -83.06 -17.14
C ASN VA 227 31.62 -83.41 -18.28
N TRP VA 228 31.16 -84.29 -19.17
CA TRP VA 228 31.94 -84.71 -20.31
C TRP VA 228 31.74 -83.72 -21.45
N HIS VA 229 32.81 -83.00 -21.79
CA HIS VA 229 32.76 -82.00 -22.88
C HIS VA 229 33.81 -82.39 -23.93
N CYS VA 230 33.41 -83.13 -24.96
CA CYS VA 230 34.33 -83.49 -26.05
C CYS VA 230 33.66 -83.06 -27.35
N ASP VA 231 34.15 -81.99 -27.99
CA ASP VA 231 33.49 -81.47 -29.21
C ASP VA 231 34.31 -80.34 -29.83
N SER VA 232 33.89 -79.84 -31.00
CA SER VA 232 34.59 -78.68 -31.54
C SER VA 232 33.57 -77.73 -32.15
N THR VA 233 33.82 -76.43 -32.00
CA THR VA 233 32.95 -75.39 -32.52
C THR VA 233 33.76 -74.51 -33.47
N TRP VA 234 33.28 -74.37 -34.70
CA TRP VA 234 33.89 -73.51 -35.69
C TRP VA 234 33.08 -72.23 -35.80
N MET VA 235 33.72 -71.09 -35.48
CA MET VA 235 33.02 -69.79 -35.53
C MET VA 235 33.92 -68.78 -36.25
N GLY VA 236 33.71 -68.61 -37.55
CA GLY VA 236 34.48 -67.65 -38.32
C GLY VA 236 35.95 -68.03 -38.37
N ASP VA 237 36.81 -67.14 -37.88
CA ASP VA 237 38.24 -67.33 -37.86
C ASP VA 237 38.74 -68.03 -36.60
N ARG VA 238 37.87 -68.77 -35.91
CA ARG VA 238 38.25 -69.49 -34.71
C ARG VA 238 37.68 -70.89 -34.75
N VAL VA 239 38.41 -71.83 -34.16
CA VAL VA 239 37.90 -73.17 -33.87
C VAL VA 239 38.31 -73.53 -32.46
N THR VA 240 37.34 -73.90 -31.64
CA THR VA 240 37.57 -74.30 -30.26
C THR VA 240 37.37 -75.80 -30.14
N THR VA 241 38.44 -76.52 -29.82
CA THR VA 241 38.40 -77.96 -29.67
C THR VA 241 38.45 -78.30 -28.18
N THR VA 242 37.52 -79.15 -27.74
CA THR VA 242 37.46 -79.61 -26.36
C THR VA 242 37.54 -81.13 -26.34
N SER VA 243 38.31 -81.66 -25.40
CA SER VA 243 38.51 -83.10 -25.30
C SER VA 243 38.40 -83.52 -23.84
N THR VA 244 37.77 -84.68 -23.61
CA THR VA 244 37.69 -85.28 -22.28
C THR VA 244 38.17 -86.71 -22.36
N ARG VA 245 38.98 -87.12 -21.37
CA ARG VA 245 39.52 -88.47 -21.31
C ARG VA 245 39.43 -88.97 -19.88
N THR VA 246 39.48 -90.29 -19.74
CA THR VA 246 39.53 -90.93 -18.42
C THR VA 246 40.96 -91.39 -18.18
N TRP VA 247 41.54 -90.95 -17.06
CA TRP VA 247 42.92 -91.25 -16.73
C TRP VA 247 43.01 -92.13 -15.49
N ALA VA 248 44.13 -92.86 -15.40
CA ALA VA 248 44.44 -93.67 -14.24
C ALA VA 248 45.84 -93.30 -13.77
N LEU VA 249 45.96 -93.00 -12.48
CA LEU VA 249 47.23 -92.56 -11.90
C LEU VA 249 47.65 -93.54 -10.80
N PRO VA 250 48.69 -94.33 -11.00
CA PRO VA 250 49.16 -95.23 -9.95
C PRO VA 250 50.06 -94.49 -8.97
N THR VA 251 50.60 -95.24 -8.01
CA THR VA 251 51.62 -94.73 -7.11
C THR VA 251 52.99 -95.01 -7.72
N TYR VA 252 53.78 -93.96 -7.90
CA TYR VA 252 55.06 -94.06 -8.59
C TYR VA 252 56.20 -94.04 -7.57
N ASN VA 253 57.16 -94.96 -7.77
CA ASN VA 253 58.36 -95.07 -6.95
C ASN VA 253 58.06 -95.37 -5.49
N ASN VA 254 56.84 -95.81 -5.18
CA ASN VA 254 56.39 -96.03 -3.81
C ASN VA 254 56.57 -94.77 -2.97
N HIS VA 255 56.09 -93.65 -3.51
CA HIS VA 255 56.10 -92.35 -2.87
C HIS VA 255 57.51 -91.81 -2.60
N LEU VA 256 58.49 -92.21 -3.40
CA LEU VA 256 59.88 -91.86 -3.15
C LEU VA 256 60.49 -91.10 -4.32
N TYR VA 257 61.54 -90.34 -4.02
CA TYR VA 257 62.34 -89.71 -5.09
C TYR VA 257 63.59 -90.58 -5.15
N LYS VA 258 63.97 -91.05 -6.32
CA LYS VA 258 65.11 -91.93 -6.53
C LYS VA 258 66.06 -91.29 -7.51
N GLN VA 259 67.34 -91.22 -7.12
CA GLN VA 259 68.37 -90.77 -8.05
C GLN VA 259 68.59 -91.83 -9.13
N ILE VA 260 68.58 -91.39 -10.37
CA ILE VA 260 68.77 -92.28 -11.51
C ILE VA 260 69.96 -91.81 -12.32
N SER VA 261 70.60 -92.74 -13.01
CA SER VA 261 71.77 -92.44 -13.83
C SER VA 261 71.92 -93.54 -14.87
N SER VA 262 72.77 -93.26 -15.86
CA SER VA 262 73.04 -94.24 -16.89
C SER VA 262 73.74 -95.46 -16.30
N GLN VA 263 73.51 -96.59 -16.94
CA GLN VA 263 74.09 -97.85 -16.44
C GLN VA 263 75.60 -97.82 -16.64
N SER VA 264 76.32 -98.49 -15.74
CA SER VA 264 77.79 -98.60 -15.95
C SER VA 264 78.02 -99.40 -17.22
N GLY VA 265 79.04 -99.04 -17.98
CA GLY VA 265 79.37 -99.66 -19.24
C GLY VA 265 78.72 -99.02 -20.45
N ALA VA 266 77.83 -98.06 -20.25
CA ALA VA 266 77.22 -97.35 -21.37
C ALA VA 266 78.25 -96.46 -22.06
N SER VA 267 77.98 -96.15 -23.32
CA SER VA 267 78.86 -95.26 -24.06
C SER VA 267 78.76 -93.84 -23.50
N ASN VA 268 79.76 -93.02 -23.83
CA ASN VA 268 79.77 -91.66 -23.34
C ASN VA 268 78.59 -90.86 -23.88
N ASP VA 269 78.16 -91.14 -25.10
CA ASP VA 269 77.01 -90.42 -25.67
C ASP VA 269 75.72 -90.73 -24.93
N ASN VA 270 75.64 -91.91 -24.29
CA ASN VA 270 74.43 -92.34 -23.61
C ASN VA 270 74.48 -92.11 -22.10
N HIS VA 271 75.52 -91.46 -21.58
CA HIS VA 271 75.62 -91.20 -20.17
C HIS VA 271 74.66 -90.09 -19.75
N TYR VA 272 74.04 -90.26 -18.59
CA TYR VA 272 73.12 -89.26 -18.08
C TYR VA 272 73.01 -89.39 -16.56
N PHE VA 273 72.50 -88.34 -15.94
CA PHE VA 273 72.22 -88.30 -14.51
C PHE VA 273 70.96 -87.48 -14.29
N GLY VA 274 70.12 -87.94 -13.38
CA GLY VA 274 68.87 -87.24 -13.13
C GLY VA 274 68.17 -87.82 -11.92
N TYR VA 275 66.90 -87.44 -11.78
CA TYR VA 275 66.08 -87.89 -10.66
C TYR VA 275 64.72 -88.33 -11.15
N SER VA 276 64.19 -89.37 -10.51
CA SER VA 276 62.84 -89.86 -10.78
C SER VA 276 61.93 -89.45 -9.64
N THR VA 277 60.80 -88.84 -9.97
CA THR VA 277 59.90 -88.33 -8.96
C THR VA 277 58.66 -89.23 -8.84
N PRO VA 278 58.01 -89.23 -7.68
CA PRO VA 278 56.76 -90.00 -7.54
C PRO VA 278 55.55 -89.34 -8.19
N TRP VA 279 55.73 -88.22 -8.87
CA TRP VA 279 54.63 -87.49 -9.49
C TRP VA 279 54.41 -87.96 -10.92
N GLY VA 280 53.20 -87.72 -11.41
CA GLY VA 280 52.88 -87.87 -12.81
C GLY VA 280 52.57 -86.51 -13.41
N TYR VA 281 52.41 -86.49 -14.73
CA TYR VA 281 52.11 -85.26 -15.43
C TYR VA 281 51.12 -85.52 -16.55
N PHE VA 282 50.30 -84.51 -16.83
CA PHE VA 282 49.30 -84.60 -17.90
C PHE VA 282 49.87 -83.97 -19.17
N ASP VA 283 49.94 -84.77 -20.23
CA ASP VA 283 50.51 -84.34 -21.51
C ASP VA 283 49.41 -84.34 -22.55
N PHE VA 284 49.22 -83.20 -23.21
CA PHE VA 284 48.34 -83.10 -24.37
C PHE VA 284 49.03 -82.36 -25.50
N ASN VA 285 50.35 -82.54 -25.63
CA ASN VA 285 51.15 -81.87 -26.65
C ASN VA 285 51.20 -82.66 -27.96
N ARG VA 286 50.03 -83.06 -28.44
CA ARG VA 286 49.89 -83.72 -29.73
C ARG VA 286 48.56 -83.29 -30.32
N PHE VA 287 48.51 -83.10 -31.65
CA PHE VA 287 47.28 -82.55 -32.27
C PHE VA 287 46.10 -83.53 -32.17
N HIS VA 288 46.37 -84.83 -32.18
CA HIS VA 288 45.30 -85.86 -32.13
C HIS VA 288 44.56 -85.80 -30.80
N CYS VA 289 45.14 -85.14 -29.78
CA CYS VA 289 44.52 -85.02 -28.44
C CYS VA 289 43.38 -84.01 -28.48
N HIS VA 290 43.33 -83.17 -29.52
CA HIS VA 290 42.31 -82.13 -29.62
C HIS VA 290 41.52 -82.17 -30.91
N PHE VA 291 42.11 -82.62 -32.01
CA PHE VA 291 41.46 -82.63 -33.32
C PHE VA 291 41.10 -84.06 -33.70
N SER VA 292 39.83 -84.27 -34.07
CA SER VA 292 39.44 -85.50 -34.73
C SER VA 292 39.97 -85.49 -36.16
N PRO VA 293 40.07 -86.66 -36.80
CA PRO VA 293 40.50 -86.68 -38.20
C PRO VA 293 39.62 -85.83 -39.12
N ARG VA 294 38.31 -85.82 -38.91
CA ARG VA 294 37.44 -84.93 -39.66
C ARG VA 294 37.75 -83.46 -39.35
N ASP VA 295 38.02 -83.16 -38.08
CA ASP VA 295 38.43 -81.80 -37.72
C ASP VA 295 39.73 -81.41 -38.40
N TRP VA 296 40.69 -82.33 -38.44
CA TRP VA 296 41.95 -82.06 -39.13
C TRP VA 296 41.74 -81.83 -40.62
N GLN VA 297 40.88 -82.64 -41.25
CA GLN VA 297 40.61 -82.44 -42.67
C GLN VA 297 39.92 -81.11 -42.93
N ARG VA 298 39.00 -80.73 -42.04
CA ARG VA 298 38.36 -79.42 -42.15
C ARG VA 298 39.35 -78.29 -41.96
N LEU VA 299 40.34 -78.48 -41.08
CA LEU VA 299 41.33 -77.44 -40.84
C LEU VA 299 42.29 -77.28 -42.02
N ILE VA 300 42.81 -78.40 -42.54
CA ILE VA 300 43.90 -78.33 -43.50
C ILE VA 300 43.43 -78.09 -44.93
N ASN VA 301 42.17 -78.38 -45.24
CA ASN VA 301 41.66 -78.20 -46.59
C ASN VA 301 41.11 -76.81 -46.85
N ASN VA 302 41.03 -75.95 -45.83
CA ASN VA 302 40.36 -74.68 -45.96
C ASN VA 302 41.13 -73.49 -45.41
N ASN VA 303 42.21 -73.71 -44.68
CA ASN VA 303 42.93 -72.64 -44.00
C ASN VA 303 44.37 -72.59 -44.47
N TRP VA 304 44.89 -71.37 -44.61
CA TRP VA 304 46.29 -71.13 -44.93
C TRP VA 304 47.18 -71.08 -43.69
N GLY VA 305 46.60 -71.12 -42.50
CA GLY VA 305 47.39 -71.10 -41.29
C GLY VA 305 46.52 -71.21 -40.06
N PHE VA 306 47.16 -71.55 -38.94
CA PHE VA 306 46.48 -71.63 -37.66
C PHE VA 306 47.51 -71.50 -36.54
N ARG VA 307 47.02 -71.13 -35.36
CA ARG VA 307 47.86 -70.98 -34.19
C ARG VA 307 46.99 -71.06 -32.95
N PRO VA 308 47.51 -71.57 -31.84
CA PRO VA 308 46.74 -71.60 -30.60
C PRO VA 308 46.66 -70.23 -29.95
N LYS VA 309 45.53 -70.00 -29.28
CA LYS VA 309 45.24 -68.70 -28.64
C LYS VA 309 45.15 -68.80 -27.13
N ARG VA 310 44.34 -69.72 -26.61
CA ARG VA 310 44.20 -69.90 -25.18
C ARG VA 310 43.70 -71.32 -24.91
N LEU VA 311 43.91 -71.79 -23.69
CA LEU VA 311 43.47 -73.12 -23.30
C LEU VA 311 42.84 -73.09 -21.92
N ASN VA 312 41.98 -74.08 -21.67
CA ASN VA 312 41.33 -74.27 -20.35
C ASN VA 312 41.52 -75.73 -19.98
N PHE VA 313 41.87 -76.03 -18.73
CA PHE VA 313 42.17 -77.36 -18.25
C PHE VA 313 41.33 -77.66 -17.02
N LYS VA 314 40.84 -78.90 -16.95
CA LYS VA 314 40.04 -79.29 -15.78
C LYS VA 314 40.23 -80.74 -15.36
N LEU VA 315 40.38 -80.98 -14.06
CA LEU VA 315 40.37 -82.32 -13.48
C LEU VA 315 39.15 -82.45 -12.58
N PHE VA 316 38.40 -83.53 -12.73
CA PHE VA 316 37.14 -83.66 -12.01
C PHE VA 316 36.80 -85.13 -11.88
N ASN VA 317 35.76 -85.41 -11.08
CA ASN VA 317 35.28 -86.76 -10.82
C ASN VA 317 36.41 -87.67 -10.35
N ILE VA 318 37.17 -87.16 -9.39
CA ILE VA 318 38.37 -87.85 -8.91
C ILE VA 318 37.96 -88.93 -7.91
N GLN VA 319 38.40 -90.16 -8.17
CA GLN VA 319 38.13 -91.30 -7.31
C GLN VA 319 39.45 -91.91 -6.89
N VAL VA 320 39.64 -92.08 -5.59
CA VAL VA 320 40.82 -92.75 -5.05
C VAL VA 320 40.41 -94.17 -4.64
N LYS VA 321 41.06 -95.16 -5.22
CA LYS VA 321 40.77 -96.55 -4.98
C LYS VA 321 41.89 -97.19 -4.18
N GLU VA 322 41.53 -97.87 -3.08
CA GLU VA 322 42.49 -98.60 -2.27
C GLU VA 322 42.53 -100.06 -2.71
N VAL VA 323 43.74 -100.56 -2.97
CA VAL VA 323 43.96 -101.92 -3.45
C VAL VA 323 44.58 -102.74 -2.33
N THR VA 324 43.99 -103.89 -2.04
CA THR VA 324 44.52 -104.81 -1.05
C THR VA 324 44.66 -106.20 -1.68
N GLN VA 325 45.59 -106.98 -1.15
CA GLN VA 325 45.86 -108.32 -1.68
C GLN VA 325 46.03 -109.26 -0.49
N ASN VA 326 45.04 -110.12 -0.26
CA ASN VA 326 45.05 -111.04 0.86
C ASN VA 326 44.83 -112.45 0.33
N ASP VA 327 45.80 -113.34 0.60
CA ASP VA 327 45.73 -114.74 0.19
C ASP VA 327 45.51 -114.88 -1.32
N GLY VA 328 46.19 -114.05 -2.10
CA GLY VA 328 46.11 -114.12 -3.54
C GLY VA 328 44.90 -113.49 -4.18
N THR VA 329 44.10 -112.75 -3.43
CA THR VA 329 42.90 -112.12 -3.93
C THR VA 329 43.10 -110.60 -3.98
N THR VA 330 42.81 -110.01 -5.14
CA THR VA 330 42.91 -108.57 -5.32
C THR VA 330 41.54 -107.94 -5.10
N THR VA 331 41.42 -107.11 -4.06
CA THR VA 331 40.18 -106.45 -3.71
C THR VA 331 40.38 -104.94 -3.82
N ILE VA 332 39.47 -104.27 -4.54
CA ILE VA 332 39.54 -102.84 -4.75
C ILE VA 332 38.31 -102.21 -4.12
N ALA VA 333 38.53 -101.21 -3.27
CA ALA VA 333 37.46 -100.51 -2.59
C ALA VA 333 37.71 -99.01 -2.66
N ASN VA 334 36.64 -98.24 -2.52
CA ASN VA 334 36.75 -96.79 -2.54
C ASN VA 334 37.45 -96.27 -1.29
N ASN VA 335 38.18 -95.17 -1.45
CA ASN VA 335 38.77 -94.42 -0.35
C ASN VA 335 38.29 -92.99 -0.49
N LEU VA 336 37.21 -92.66 0.22
CA LEU VA 336 36.58 -91.35 0.06
C LEU VA 336 37.30 -90.23 0.79
N THR VA 337 38.28 -90.55 1.64
CA THR VA 337 39.00 -89.53 2.39
C THR VA 337 40.40 -89.25 1.86
N SER VA 338 40.88 -90.02 0.89
CA SER VA 338 42.20 -89.78 0.34
C SER VA 338 42.15 -88.64 -0.67
N THR VA 339 43.31 -88.01 -0.88
CA THR VA 339 43.44 -86.86 -1.75
C THR VA 339 44.44 -87.14 -2.87
N VAL VA 340 44.41 -86.27 -3.88
CA VAL VA 340 45.43 -86.22 -4.91
C VAL VA 340 45.94 -84.78 -4.98
N GLN VA 341 47.25 -84.62 -5.07
CA GLN VA 341 47.88 -83.32 -5.12
C GLN VA 341 48.10 -82.90 -6.58
N VAL VA 342 47.59 -81.73 -6.94
CA VAL VA 342 47.70 -81.20 -8.30
C VAL VA 342 48.23 -79.77 -8.23
N PHE VA 343 49.25 -79.48 -9.04
CA PHE VA 343 49.70 -78.11 -9.19
C PHE VA 343 50.27 -77.92 -10.58
N THR VA 344 50.20 -76.69 -11.07
CA THR VA 344 50.74 -76.30 -12.36
C THR VA 344 52.01 -75.50 -12.16
N ASP VA 345 53.05 -75.84 -12.92
CA ASP VA 345 54.34 -75.15 -12.84
C ASP VA 345 54.28 -73.89 -13.70
N SER VA 346 53.52 -72.90 -13.25
CA SER VA 346 53.28 -71.68 -14.05
C SER VA 346 54.48 -70.73 -14.01
N GLU VA 347 55.39 -70.92 -13.06
CA GLU VA 347 56.60 -70.11 -13.04
C GLU VA 347 57.77 -70.79 -13.74
N TYR VA 348 57.56 -72.00 -14.28
CA TYR VA 348 58.59 -72.72 -15.03
C TYR VA 348 59.86 -72.90 -14.22
N GLN VA 349 59.69 -73.29 -12.96
CA GLN VA 349 60.82 -73.56 -12.07
C GLN VA 349 61.28 -75.00 -12.11
N LEU VA 350 60.57 -75.87 -12.80
CA LEU VA 350 60.92 -77.28 -12.95
C LEU VA 350 61.42 -77.56 -14.36
N PRO VA 351 62.26 -78.58 -14.53
CA PRO VA 351 62.70 -78.93 -15.88
C PRO VA 351 61.52 -79.30 -16.76
N TYR VA 352 61.44 -78.66 -17.92
CA TYR VA 352 60.31 -78.82 -18.83
C TYR VA 352 60.54 -80.06 -19.68
N VAL VA 353 59.86 -81.16 -19.33
CA VAL VA 353 60.00 -82.41 -20.06
C VAL VA 353 58.96 -82.57 -21.16
N LEU VA 354 57.95 -81.71 -21.20
CA LEU VA 354 57.06 -81.68 -22.35
C LEU VA 354 57.80 -81.15 -23.57
N GLY VA 355 57.35 -81.55 -24.75
CA GLY VA 355 58.02 -81.16 -25.97
C GLY VA 355 59.19 -82.02 -26.37
N SER VA 356 59.39 -83.17 -25.72
CA SER VA 356 60.42 -84.13 -26.11
C SER VA 356 59.83 -85.34 -26.82
N ALA VA 357 58.59 -85.23 -27.31
CA ALA VA 357 57.91 -86.30 -28.05
C ALA VA 357 57.82 -87.59 -27.23
N HIS VA 358 57.35 -87.45 -25.99
CA HIS VA 358 57.23 -88.57 -25.09
C HIS VA 358 55.83 -89.18 -25.14
N GLN VA 359 55.78 -90.48 -24.88
CA GLN VA 359 54.51 -91.20 -24.81
C GLN VA 359 53.78 -90.85 -23.51
N GLY VA 360 52.49 -91.18 -23.48
CA GLY VA 360 51.66 -90.88 -22.33
C GLY VA 360 50.69 -89.74 -22.51
N CYS VA 361 50.47 -89.28 -23.74
CA CYS VA 361 49.55 -88.19 -23.99
C CYS VA 361 48.11 -88.65 -23.86
N LEU VA 362 47.20 -87.71 -24.07
CA LEU VA 362 45.78 -88.05 -24.16
C LEU VA 362 45.55 -88.87 -25.41
N PRO VA 363 44.91 -90.03 -25.31
CA PRO VA 363 44.77 -90.89 -26.49
C PRO VA 363 43.93 -90.21 -27.56
N PRO VA 364 44.24 -90.45 -28.84
CA PRO VA 364 43.47 -89.80 -29.91
C PRO VA 364 41.99 -90.15 -29.90
N PHE VA 365 41.64 -91.38 -29.53
CA PHE VA 365 40.24 -91.79 -29.47
C PHE VA 365 39.64 -91.42 -28.13
N PRO VA 366 38.54 -90.68 -28.10
CA PRO VA 366 37.99 -90.21 -26.82
C PRO VA 366 37.54 -91.31 -25.88
N ALA VA 367 37.32 -92.53 -26.38
CA ALA VA 367 36.85 -93.63 -25.56
C ALA VA 367 37.97 -94.40 -24.87
N ASP VA 368 39.23 -94.09 -25.16
CA ASP VA 368 40.35 -94.81 -24.59
C ASP VA 368 40.73 -94.25 -23.22
N VAL VA 369 41.12 -95.14 -22.31
CA VAL VA 369 41.58 -94.79 -20.98
C VAL VA 369 43.09 -94.92 -20.95
N PHE VA 370 43.77 -93.91 -20.41
CA PHE VA 370 45.22 -93.83 -20.45
C PHE VA 370 45.81 -93.69 -19.06
N MET VA 371 47.03 -94.20 -18.91
CA MET VA 371 47.79 -94.07 -17.68
C MET VA 371 48.58 -92.75 -17.70
N VAL VA 372 48.66 -92.10 -16.55
CA VAL VA 372 49.39 -90.85 -16.42
C VAL VA 372 50.88 -91.15 -16.37
N PRO VA 373 51.69 -90.58 -17.27
CA PRO VA 373 53.12 -90.90 -17.28
C PRO VA 373 53.84 -90.35 -16.06
N GLN VA 374 54.90 -91.05 -15.66
CA GLN VA 374 55.69 -90.65 -14.51
C GLN VA 374 56.63 -89.50 -14.87
N TYR VA 375 56.70 -88.51 -14.00
CA TYR VA 375 57.54 -87.34 -14.23
C TYR VA 375 58.97 -87.62 -13.79
N GLY VA 376 59.92 -87.20 -14.62
CA GLY VA 376 61.33 -87.33 -14.30
C GLY VA 376 62.12 -86.37 -15.13
N TYR VA 377 63.29 -85.98 -14.61
CA TYR VA 377 64.11 -84.98 -15.27
C TYR VA 377 65.58 -85.38 -15.18
N LEU VA 378 66.37 -84.82 -16.08
CA LEU VA 378 67.81 -85.00 -16.10
C LEU VA 378 68.51 -83.69 -15.78
N THR VA 379 69.66 -83.81 -15.12
CA THR VA 379 70.47 -82.64 -14.81
C THR VA 379 71.89 -82.88 -15.32
N LEU VA 380 72.81 -81.99 -14.97
CA LEU VA 380 74.21 -82.08 -15.45
C LEU VA 380 74.84 -83.39 -14.98
N ASN VA 381 75.65 -84.01 -15.84
CA ASN VA 381 76.34 -85.26 -15.46
C ASN VA 381 77.76 -85.27 -16.00
N ASN VA 382 78.72 -85.78 -15.23
CA ASN VA 382 80.08 -86.00 -15.75
C ASN VA 382 80.16 -87.52 -15.85
N GLY VA 383 79.69 -88.10 -16.95
CA GLY VA 383 79.61 -89.56 -17.04
C GLY VA 383 78.34 -90.02 -16.33
N SER VA 384 78.42 -91.10 -15.55
CA SER VA 384 77.26 -91.53 -14.78
C SER VA 384 77.12 -90.77 -13.47
N GLN VA 385 78.10 -89.95 -13.10
CA GLN VA 385 78.08 -89.20 -11.86
C GLN VA 385 77.50 -87.80 -12.09
N ALA VA 386 77.36 -87.06 -11.00
CA ALA VA 386 76.87 -85.70 -11.02
C ALA VA 386 78.01 -84.72 -10.74
N VAL VA 387 77.72 -83.44 -10.98
CA VAL VA 387 78.65 -82.36 -10.68
C VAL VA 387 78.00 -81.43 -9.65
N GLY VA 388 78.78 -80.47 -9.18
CA GLY VA 388 78.28 -79.55 -8.17
C GLY VA 388 77.16 -78.65 -8.68
N ARG VA 389 77.11 -78.43 -9.99
CA ARG VA 389 76.08 -77.60 -10.58
C ARG VA 389 74.78 -78.34 -10.83
N SER VA 390 74.75 -79.66 -10.65
CA SER VA 390 73.52 -80.42 -10.83
C SER VA 390 72.46 -79.98 -9.83
N SER VA 391 71.23 -79.87 -10.31
CA SER VA 391 70.11 -79.36 -9.52
C SER VA 391 69.17 -80.50 -9.14
N PHE VA 392 68.69 -80.46 -7.90
CA PHE VA 392 67.69 -81.38 -7.41
C PHE VA 392 66.41 -80.61 -7.10
N TYR VA 393 65.27 -81.17 -7.49
CA TYR VA 393 63.99 -80.52 -7.31
C TYR VA 393 63.04 -81.44 -6.57
N CYS VA 394 62.50 -80.96 -5.45
CA CYS VA 394 61.44 -81.64 -4.73
C CYS VA 394 60.12 -80.98 -5.09
N LEU VA 395 59.21 -81.77 -5.69
CA LEU VA 395 57.94 -81.24 -6.15
C LEU VA 395 56.95 -81.00 -5.02
N GLU VA 396 57.21 -81.53 -3.82
CA GLU VA 396 56.41 -81.19 -2.65
C GLU VA 396 56.80 -79.85 -2.05
N TYR VA 397 57.83 -79.20 -2.60
CA TYR VA 397 58.27 -77.85 -2.13
C TYR VA 397 57.49 -76.79 -2.90
N PHE VA 398 56.56 -77.20 -3.74
CA PHE VA 398 55.63 -76.34 -4.46
C PHE VA 398 54.28 -76.35 -3.79
N PRO VA 399 53.55 -75.22 -3.80
CA PRO VA 399 52.16 -75.24 -3.32
C PRO VA 399 51.28 -76.02 -4.28
N SER VA 400 50.58 -77.01 -3.75
CA SER VA 400 49.71 -77.85 -4.55
C SER VA 400 48.32 -77.88 -3.94
N GLN VA 401 47.33 -78.18 -4.78
CA GLN VA 401 45.94 -78.25 -4.37
C GLN VA 401 45.57 -79.70 -4.09
N MET VA 402 45.00 -79.95 -2.91
CA MET VA 402 44.62 -81.29 -2.50
C MET VA 402 43.14 -81.51 -2.82
N LEU VA 403 42.85 -82.61 -3.52
CA LEU VA 403 41.51 -82.87 -4.02
C LEU VA 403 41.02 -84.22 -3.51
N ARG VA 404 39.93 -84.20 -2.76
CA ARG VA 404 39.23 -85.42 -2.38
C ARG VA 404 38.22 -85.78 -3.47
N THR VA 405 37.47 -86.85 -3.25
CA THR VA 405 36.36 -87.18 -4.19
C THR VA 405 35.30 -86.10 -4.01
N GLY VA 406 35.01 -85.36 -5.05
CA GLY VA 406 34.10 -84.24 -5.01
C GLY VA 406 34.75 -82.89 -5.22
N ASN VA 407 36.08 -82.83 -5.21
CA ASN VA 407 36.81 -81.61 -5.53
C ASN VA 407 37.28 -81.66 -6.98
N ASN VA 408 37.40 -80.48 -7.59
CA ASN VA 408 37.87 -80.37 -8.96
C ASN VA 408 38.99 -79.33 -9.03
N PHE VA 409 39.79 -79.43 -10.08
CA PHE VA 409 40.90 -78.53 -10.34
C PHE VA 409 40.69 -77.89 -11.71
N THR VA 410 41.08 -76.62 -11.83
CA THR VA 410 40.97 -75.94 -13.11
C THR VA 410 42.00 -74.82 -13.18
N PHE VA 411 42.41 -74.49 -14.40
CA PHE VA 411 43.25 -73.33 -14.63
C PHE VA 411 43.16 -72.94 -16.11
N SER VA 412 43.40 -71.67 -16.38
CA SER VA 412 43.34 -71.13 -17.72
C SER VA 412 44.70 -70.56 -18.11
N TYR VA 413 45.04 -70.72 -19.38
CA TYR VA 413 46.33 -70.27 -19.91
C TYR VA 413 46.10 -69.56 -21.23
N THR VA 414 46.89 -68.50 -21.47
CA THR VA 414 46.83 -67.77 -22.73
C THR VA 414 48.15 -67.93 -23.45
N PHE VA 415 48.07 -68.41 -24.70
CA PHE VA 415 49.27 -68.53 -25.52
C PHE VA 415 49.82 -67.16 -25.87
N GLU VA 416 51.15 -67.07 -25.94
CA GLU VA 416 51.77 -65.86 -26.44
C GLU VA 416 51.56 -65.76 -27.95
N ASP VA 417 51.83 -64.57 -28.48
CA ASP VA 417 51.69 -64.34 -29.92
C ASP VA 417 52.74 -65.14 -30.66
N VAL VA 418 52.30 -65.99 -31.59
CA VAL VA 418 53.21 -66.83 -32.37
C VAL VA 418 52.79 -66.75 -33.83
N PRO VA 419 53.71 -66.98 -34.75
CA PRO VA 419 53.35 -66.97 -36.17
C PRO VA 419 52.38 -68.10 -36.51
N PHE VA 420 51.51 -67.83 -37.48
CA PHE VA 420 50.65 -68.88 -38.01
C PHE VA 420 51.48 -69.98 -38.64
N HIS VA 421 51.10 -71.23 -38.38
CA HIS VA 421 51.75 -72.34 -39.07
C HIS VA 421 51.43 -72.26 -40.56
N SER VA 422 52.48 -72.47 -41.37
CA SER VA 422 52.32 -72.43 -42.85
C SER VA 422 51.65 -73.70 -43.34
N SER VA 423 50.32 -73.77 -43.24
CA SER VA 423 49.57 -74.93 -43.70
C SER VA 423 49.25 -74.83 -45.19
N TYR VA 424 50.30 -74.60 -45.98
CA TYR VA 424 50.19 -74.47 -47.42
C TYR VA 424 51.49 -74.93 -48.06
N ALA VA 425 51.41 -75.27 -49.33
CA ALA VA 425 52.57 -75.57 -50.15
C ALA VA 425 52.71 -74.50 -51.22
N HIS VA 426 53.93 -74.03 -51.43
CA HIS VA 426 54.15 -73.00 -52.44
C HIS VA 426 53.93 -73.56 -53.84
N SER VA 427 53.16 -72.84 -54.65
CA SER VA 427 52.94 -73.21 -56.04
C SER VA 427 54.00 -72.64 -56.97
N GLN VA 428 54.99 -71.92 -56.43
CA GLN VA 428 56.12 -71.43 -57.20
C GLN VA 428 57.41 -71.91 -56.54
N SER VA 429 58.43 -72.10 -57.36
CA SER VA 429 59.75 -72.44 -56.86
C SER VA 429 60.59 -71.18 -56.74
N LEU VA 430 61.52 -71.20 -55.79
CA LEU VA 430 62.35 -70.01 -55.54
C LEU VA 430 63.25 -69.68 -56.72
N ASP VA 431 63.53 -70.66 -57.59
CA ASP VA 431 64.43 -70.42 -58.76
C ASP VA 431 63.59 -70.17 -60.03
N ARG VA 432 62.27 -70.07 -59.89
CA ARG VA 432 61.37 -69.86 -61.02
C ARG VA 432 60.38 -68.73 -60.71
N LEU VA 433 60.90 -67.62 -60.18
CA LEU VA 433 60.08 -66.49 -59.79
C LEU VA 433 60.04 -65.37 -60.84
N MET VA 434 60.61 -65.60 -62.01
CA MET VA 434 60.76 -64.57 -63.01
C MET VA 434 59.64 -64.62 -64.04
N ASN VA 435 59.66 -63.67 -64.97
CA ASN VA 435 58.76 -63.66 -66.10
C ASN VA 435 59.43 -64.36 -67.26
N PRO VA 436 58.95 -65.52 -67.72
CA PRO VA 436 59.66 -66.26 -68.77
C PRO VA 436 59.61 -65.60 -70.13
N LEU VA 437 58.79 -64.57 -70.31
CA LEU VA 437 58.62 -63.93 -71.61
C LEU VA 437 59.60 -62.80 -71.85
N ILE VA 438 60.11 -62.17 -70.80
CA ILE VA 438 60.94 -60.98 -70.91
C ILE VA 438 62.35 -61.32 -70.45
N ASP VA 439 63.34 -60.88 -71.23
CA ASP VA 439 64.73 -61.05 -70.84
C ASP VA 439 65.08 -60.08 -69.72
N GLN VA 440 66.13 -60.43 -68.98
CA GLN VA 440 66.67 -59.53 -67.97
C GLN VA 440 67.59 -58.50 -68.62
N TYR VA 441 67.65 -57.32 -68.01
CA TYR VA 441 68.59 -56.31 -68.47
C TYR VA 441 69.99 -56.52 -67.90
N LEU VA 442 70.14 -57.37 -66.90
CA LEU VA 442 71.45 -57.66 -66.32
C LEU VA 442 72.17 -58.70 -67.16
N TYR VA 443 73.49 -58.64 -67.14
CA TYR VA 443 74.34 -59.54 -67.89
C TYR VA 443 75.05 -60.51 -66.94
N TYR VA 444 75.34 -61.70 -67.46
CA TYR VA 444 76.12 -62.69 -66.74
C TYR VA 444 77.21 -63.22 -67.66
N LEU VA 445 78.32 -63.65 -67.05
CA LEU VA 445 79.42 -64.23 -67.81
C LEU VA 445 78.96 -65.58 -68.39
N SER VA 446 78.77 -65.61 -69.70
CA SER VA 446 78.26 -66.81 -70.36
C SER VA 446 79.35 -67.64 -71.03
N ARG VA 447 80.40 -66.97 -71.50
CA ARG VA 447 81.52 -67.71 -72.13
C ARG VA 447 82.85 -67.21 -71.57
N THR VA 448 83.82 -68.11 -71.52
CA THR VA 448 85.15 -67.77 -71.02
C THR VA 448 86.25 -67.92 -72.08
N ASN VA 449 85.93 -68.43 -73.27
CA ASN VA 449 86.90 -68.54 -74.34
C ASN VA 449 86.17 -68.54 -75.67
N THR VA 450 86.93 -68.33 -76.74
CA THR VA 450 86.40 -68.36 -78.09
C THR VA 450 87.33 -69.17 -78.99
N PRO VA 451 86.83 -69.79 -80.09
CA PRO VA 451 87.71 -70.49 -81.01
C PRO VA 451 88.73 -69.51 -81.59
N SER VA 452 90.02 -69.81 -81.45
CA SER VA 452 91.06 -68.96 -82.06
C SER VA 452 91.98 -69.85 -82.91
N GLY VA 453 92.06 -69.58 -84.22
CA GLY VA 453 92.83 -70.47 -85.10
C GLY VA 453 92.29 -71.88 -85.04
N THR VA 454 93.15 -72.86 -84.75
CA THR VA 454 92.69 -74.26 -84.60
C THR VA 454 92.77 -74.63 -83.11
N THR VA 455 93.11 -73.66 -82.26
CA THR VA 455 93.14 -73.90 -80.79
C THR VA 455 92.03 -73.05 -80.14
N THR VA 456 92.21 -72.69 -78.87
CA THR VA 456 91.22 -71.80 -78.19
C THR VA 456 91.95 -70.60 -77.59
N GLN VA 457 91.24 -69.50 -77.42
CA GLN VA 457 91.83 -68.30 -76.81
C GLN VA 457 90.89 -67.77 -75.74
N SER VA 458 91.47 -67.33 -74.62
CA SER VA 458 90.66 -66.81 -73.52
C SER VA 458 89.98 -65.51 -73.92
N ARG VA 459 88.67 -65.44 -73.70
CA ARG VA 459 87.89 -64.27 -74.07
C ARG VA 459 86.59 -64.29 -73.28
N LEU VA 460 86.34 -63.25 -72.49
CA LEU VA 460 85.14 -63.17 -71.68
C LEU VA 460 83.98 -62.61 -72.51
N GLN VA 461 82.82 -63.25 -72.42
CA GLN VA 461 81.61 -62.78 -73.06
C GLN VA 461 80.46 -62.83 -72.07
N PHE VA 462 79.47 -61.95 -72.30
CA PHE VA 462 78.35 -61.79 -71.39
C PHE VA 462 77.05 -61.83 -72.17
N SER VA 463 76.01 -62.36 -71.53
CA SER VA 463 74.70 -62.50 -72.15
C SER VA 463 73.63 -62.07 -71.17
N GLN VA 464 72.48 -61.68 -71.71
CA GLN VA 464 71.30 -61.40 -70.90
C GLN VA 464 70.48 -62.68 -70.78
N ALA VA 465 70.07 -63.00 -69.56
CA ALA VA 465 69.40 -64.26 -69.30
C ALA VA 465 67.91 -64.17 -69.63
N GLY VA 466 67.39 -65.20 -70.27
CA GLY VA 466 65.99 -65.32 -70.60
C GLY VA 466 65.46 -66.67 -70.18
N ALA VA 467 64.53 -67.20 -70.98
CA ALA VA 467 63.93 -68.49 -70.68
C ALA VA 467 64.84 -69.66 -71.06
N SER VA 468 65.60 -69.53 -72.15
CA SER VA 468 66.42 -70.64 -72.61
C SER VA 468 67.58 -70.92 -71.66
N ASP VA 469 68.13 -69.88 -71.03
CA ASP VA 469 69.20 -70.02 -70.06
C ASP VA 469 68.70 -69.56 -68.70
N ILE VA 470 67.51 -70.02 -68.33
CA ILE VA 470 66.81 -69.58 -67.12
C ILE VA 470 67.61 -69.85 -65.86
N ARG VA 471 68.54 -70.80 -65.89
CA ARG VA 471 69.33 -71.11 -64.70
C ARG VA 471 70.34 -70.02 -64.36
N ASP VA 472 70.66 -69.14 -65.31
CA ASP VA 472 71.68 -68.12 -65.12
C ASP VA 472 71.09 -66.76 -64.73
N GLN VA 473 69.78 -66.69 -64.51
CA GLN VA 473 69.14 -65.42 -64.22
C GLN VA 473 69.57 -64.89 -62.87
N SER VA 474 69.77 -63.57 -62.79
CA SER VA 474 70.08 -62.93 -61.52
C SER VA 474 68.87 -62.98 -60.60
N ARG VA 475 69.11 -63.31 -59.34
CA ARG VA 475 68.03 -63.54 -58.38
C ARG VA 475 68.31 -62.78 -57.10
N ASN VA 476 67.25 -62.54 -56.34
CA ASN VA 476 67.33 -61.75 -55.12
C ASN VA 476 67.40 -62.59 -53.85
N TRP VA 477 67.11 -63.89 -53.92
CA TRP VA 477 66.97 -64.72 -52.74
C TRP VA 477 67.73 -66.02 -52.91
N LEU VA 478 67.91 -66.73 -51.79
CA LEU VA 478 68.64 -67.98 -51.71
C LEU VA 478 67.82 -69.01 -50.96
N PRO VA 479 68.04 -70.30 -51.25
CA PRO VA 479 67.36 -71.35 -50.48
C PRO VA 479 67.87 -71.41 -49.05
N GLY VA 480 67.01 -71.92 -48.16
CA GLY VA 480 67.29 -71.94 -46.75
C GLY VA 480 68.49 -72.78 -46.37
N PRO VA 481 68.84 -72.76 -45.08
CA PRO VA 481 70.06 -73.45 -44.64
C PRO VA 481 69.91 -74.97 -44.71
N CYS VA 482 71.08 -75.61 -44.71
CA CYS VA 482 71.16 -77.06 -44.94
C CYS VA 482 72.09 -77.73 -43.94
N TYR VA 483 71.81 -78.98 -43.57
CA TYR VA 483 72.70 -79.80 -42.76
C TYR VA 483 72.56 -81.22 -43.27
N ARG VA 484 73.45 -81.63 -44.18
CA ARG VA 484 73.20 -82.76 -45.05
C ARG VA 484 72.96 -84.05 -44.27
N GLN VA 485 71.98 -84.83 -44.74
CA GLN VA 485 71.64 -86.13 -44.18
C GLN VA 485 71.97 -87.23 -45.17
N GLN VA 486 72.25 -88.42 -44.65
CA GLN VA 486 72.45 -89.57 -45.53
C GLN VA 486 71.13 -90.02 -46.13
N ARG VA 487 71.19 -90.49 -47.37
CA ARG VA 487 70.00 -90.92 -48.09
C ARG VA 487 69.81 -92.42 -47.94
N VAL VA 488 68.60 -92.79 -47.53
CA VAL VA 488 68.21 -94.21 -47.37
C VAL VA 488 66.99 -94.43 -48.25
N SER VA 489 66.77 -95.65 -48.74
CA SER VA 489 65.67 -95.98 -49.62
C SER VA 489 64.69 -96.90 -48.91
N LYS VA 490 63.40 -96.71 -49.21
CA LYS VA 490 62.34 -97.58 -48.62
C LYS VA 490 62.46 -98.98 -49.24
N THR VA 491 62.98 -99.08 -50.47
CA THR VA 491 63.27 -100.41 -51.08
C THR VA 491 64.55 -100.92 -50.43
N SER VA 492 64.47 -102.01 -49.67
CA SER VA 492 65.65 -102.48 -48.89
C SER VA 492 66.87 -102.80 -49.77
N ALA VA 493 66.68 -103.50 -50.89
CA ALA VA 493 67.82 -103.91 -51.70
C ALA VA 493 68.65 -102.72 -52.16
N ASP VA 494 68.04 -101.54 -52.25
CA ASP VA 494 68.74 -100.36 -52.73
C ASP VA 494 69.75 -99.81 -51.72
N ASN VA 495 69.70 -100.26 -50.47
CA ASN VA 495 70.56 -99.74 -49.43
C ASN VA 495 71.86 -100.53 -49.35
N ASN VA 496 72.89 -99.89 -48.79
CA ASN VA 496 74.18 -100.54 -48.62
C ASN VA 496 74.07 -101.66 -47.59
N ASN VA 497 74.75 -102.77 -47.86
CA ASN VA 497 74.72 -103.95 -46.98
C ASN VA 497 75.76 -103.77 -45.88
N SER VA 498 75.46 -102.87 -44.95
CA SER VA 498 76.33 -102.59 -43.83
C SER VA 498 75.51 -101.92 -42.73
N GLU VA 499 76.13 -101.82 -41.55
CA GLU VA 499 75.48 -101.13 -40.41
C GLU VA 499 75.99 -99.69 -40.40
N TYR VA 500 75.17 -98.76 -40.87
CA TYR VA 500 75.55 -97.36 -40.98
C TYR VA 500 74.55 -96.43 -40.31
N SER VA 501 73.77 -96.94 -39.35
CA SER VA 501 72.79 -96.10 -38.67
C SER VA 501 73.46 -95.06 -37.77
N TRP VA 502 74.72 -95.25 -37.40
CA TRP VA 502 75.45 -94.29 -36.60
C TRP VA 502 76.71 -93.76 -37.28
N THR VA 503 77.44 -94.62 -37.99
CA THR VA 503 78.64 -94.15 -38.68
C THR VA 503 78.30 -93.14 -39.76
N GLY VA 504 77.24 -93.40 -40.53
CA GLY VA 504 76.77 -92.49 -41.54
C GLY VA 504 75.73 -91.49 -41.07
N ALA VA 505 75.47 -91.45 -39.77
CA ALA VA 505 74.44 -90.57 -39.22
C ALA VA 505 74.94 -89.13 -39.14
N THR VA 506 73.99 -88.20 -39.19
CA THR VA 506 74.27 -86.79 -39.02
C THR VA 506 74.20 -86.43 -37.54
N LYS VA 507 75.27 -85.87 -37.01
CA LYS VA 507 75.43 -85.69 -35.57
C LYS VA 507 75.90 -84.28 -35.26
N TYR VA 508 75.63 -83.85 -34.03
CA TYR VA 508 76.21 -82.64 -33.48
C TYR VA 508 76.98 -83.00 -32.22
N HIS VA 509 78.09 -82.32 -32.00
CA HIS VA 509 79.02 -82.62 -30.92
C HIS VA 509 78.84 -81.58 -29.82
N LEU VA 510 78.58 -82.04 -28.60
CA LEU VA 510 78.32 -81.15 -27.46
C LEU VA 510 78.96 -81.75 -26.21
N ASN VA 511 79.96 -81.07 -25.66
CA ASN VA 511 80.62 -81.48 -24.43
C ASN VA 511 81.20 -82.89 -24.55
N GLY VA 512 81.77 -83.20 -25.71
CA GLY VA 512 82.38 -84.49 -25.94
C GLY VA 512 81.43 -85.63 -26.24
N ARG VA 513 80.14 -85.34 -26.32
CA ARG VA 513 79.18 -86.42 -26.68
C ARG VA 513 78.46 -86.13 -28.00
N ASP VA 514 78.34 -87.14 -28.85
CA ASP VA 514 77.65 -87.04 -30.12
C ASP VA 514 76.17 -87.34 -29.92
N SER VA 515 75.31 -86.44 -30.39
CA SER VA 515 73.88 -86.63 -30.37
C SER VA 515 73.36 -86.69 -31.80
N LEU VA 516 72.40 -87.57 -32.03
CA LEU VA 516 71.81 -87.69 -33.36
C LEU VA 516 71.03 -86.42 -33.70
N VAL VA 517 71.19 -85.94 -34.92
CA VAL VA 517 70.43 -84.81 -35.42
C VAL VA 517 69.14 -85.37 -36.00
N ASN VA 518 68.05 -85.23 -35.27
CA ASN VA 518 66.79 -85.86 -35.63
C ASN VA 518 65.62 -85.02 -35.12
N PRO VA 519 64.81 -84.43 -36.02
CA PRO VA 519 64.90 -84.48 -37.48
C PRO VA 519 65.80 -83.39 -38.06
N GLY VA 520 66.27 -82.47 -37.22
CA GLY VA 520 67.17 -81.43 -37.66
C GLY VA 520 66.49 -80.30 -38.39
N PRO VA 521 67.28 -79.48 -39.09
CA PRO VA 521 66.70 -78.35 -39.83
C PRO VA 521 65.73 -78.83 -40.90
N ALA VA 522 64.70 -78.02 -41.14
CA ALA VA 522 63.65 -78.38 -42.08
C ALA VA 522 64.20 -78.40 -43.50
N MET VA 523 64.18 -79.58 -44.11
CA MET VA 523 64.69 -79.76 -45.46
C MET VA 523 63.78 -80.73 -46.20
N ALA VA 524 63.77 -80.61 -47.53
CA ALA VA 524 62.94 -81.49 -48.35
C ALA VA 524 63.43 -82.93 -48.26
N SER VA 525 62.48 -83.86 -48.14
CA SER VA 525 62.83 -85.27 -48.03
C SER VA 525 63.50 -85.78 -49.30
N HIS VA 526 63.02 -85.34 -50.46
CA HIS VA 526 63.52 -85.83 -51.73
C HIS VA 526 63.19 -84.84 -52.83
N LYS VA 527 63.85 -85.00 -53.96
CA LYS VA 527 63.60 -84.18 -55.13
C LYS VA 527 62.49 -84.81 -55.97
N ASP VA 528 62.29 -84.30 -57.20
CA ASP VA 528 61.24 -84.83 -58.06
C ASP VA 528 61.47 -86.30 -58.38
N ASP VA 529 60.39 -87.07 -58.34
CA ASP VA 529 60.38 -88.47 -58.78
C ASP VA 529 61.38 -89.32 -57.98
N GLU VA 530 61.51 -89.03 -56.69
CA GLU VA 530 62.38 -89.81 -55.82
C GLU VA 530 61.70 -90.04 -54.48
N GLU VA 531 60.41 -90.37 -54.52
CA GLU VA 531 59.62 -90.52 -53.29
C GLU VA 531 60.09 -91.69 -52.44
N LYS VA 532 60.82 -92.64 -53.00
CA LYS VA 532 61.32 -93.76 -52.23
C LYS VA 532 62.48 -93.39 -51.32
N PHE VA 533 63.09 -92.22 -51.51
CA PHE VA 533 64.24 -91.80 -50.74
C PHE VA 533 63.83 -90.85 -49.64
N PHE VA 534 64.38 -91.05 -48.45
CA PHE VA 534 64.15 -90.17 -47.31
C PHE VA 534 65.45 -90.00 -46.54
N PRO VA 535 65.63 -88.88 -45.87
CA PRO VA 535 66.84 -88.70 -45.05
C PRO VA 535 66.87 -89.68 -43.90
N GLN VA 536 68.10 -90.06 -43.52
CA GLN VA 536 68.28 -91.12 -42.54
C GLN VA 536 67.66 -90.75 -41.19
N SER VA 537 67.86 -89.51 -40.75
CA SER VA 537 67.25 -89.01 -39.52
C SER VA 537 66.69 -87.62 -39.72
N GLY VA 538 66.16 -87.35 -40.91
CA GLY VA 538 65.64 -86.03 -41.25
C GLY VA 538 64.14 -85.90 -41.34
N VAL VA 539 63.38 -86.94 -41.02
CA VAL VA 539 61.93 -86.89 -41.06
C VAL VA 539 61.38 -87.52 -39.80
N LEU VA 540 60.17 -87.11 -39.42
CA LEU VA 540 59.47 -87.76 -38.32
C LEU VA 540 58.97 -89.13 -38.77
N ILE VA 541 59.13 -90.12 -37.90
CA ILE VA 541 58.70 -91.49 -38.17
C ILE VA 541 57.72 -91.87 -37.07
N PHE VA 542 56.47 -92.10 -37.44
CA PHE VA 542 55.43 -92.50 -36.52
C PHE VA 542 55.20 -94.01 -36.61
N GLY VA 543 54.89 -94.61 -35.46
CA GLY VA 543 54.62 -96.03 -35.42
C GLY VA 543 53.15 -96.33 -35.73
N LYS VA 544 52.94 -97.41 -36.48
CA LYS VA 544 51.59 -97.89 -36.70
C LYS VA 544 51.05 -98.51 -35.42
N GLN VA 545 49.74 -98.78 -35.41
CA GLN VA 545 49.11 -99.36 -34.23
C GLN VA 545 49.69 -100.74 -33.96
N GLY VA 546 50.05 -100.99 -32.71
CA GLY VA 546 50.62 -102.26 -32.31
C GLY VA 546 52.10 -102.42 -32.55
N SER VA 547 52.77 -101.34 -32.97
CA SER VA 547 54.22 -101.42 -33.30
C SER VA 547 55.04 -101.54 -32.03
N GLU VA 548 56.09 -102.38 -32.05
CA GLU VA 548 56.94 -102.58 -30.90
C GLU VA 548 57.88 -101.40 -30.72
N LYS VA 549 58.85 -101.55 -29.82
CA LYS VA 549 59.75 -100.45 -29.49
C LYS VA 549 61.09 -100.55 -30.21
N THR VA 550 61.64 -101.76 -30.35
CA THR VA 550 63.01 -101.95 -30.83
C THR VA 550 63.00 -102.70 -32.15
N ASN VA 551 63.67 -102.11 -33.14
CA ASN VA 551 64.00 -102.78 -34.41
C ASN VA 551 62.77 -103.32 -35.12
N VAL VA 552 61.76 -102.46 -35.27
CA VAL VA 552 60.59 -102.82 -36.06
C VAL VA 552 60.90 -102.60 -37.53
N ASP VA 553 60.21 -103.34 -38.40
CA ASP VA 553 60.46 -103.25 -39.82
C ASP VA 553 59.90 -101.95 -40.39
N ILE VA 554 60.24 -101.67 -41.64
CA ILE VA 554 59.78 -100.44 -42.27
C ILE VA 554 58.27 -100.47 -42.49
N GLU VA 555 57.69 -101.65 -42.72
CA GLU VA 555 56.25 -101.75 -42.89
C GLU VA 555 55.49 -101.52 -41.60
N LYS VA 556 56.17 -101.49 -40.45
CA LYS VA 556 55.55 -101.22 -39.17
C LYS VA 556 55.52 -99.74 -38.82
N VAL VA 557 56.18 -98.89 -39.62
CA VAL VA 557 56.27 -97.47 -39.33
C VAL VA 557 55.77 -96.68 -40.55
N MET VA 558 55.37 -95.45 -40.29
CA MET VA 558 54.91 -94.52 -41.32
C MET VA 558 55.87 -93.34 -41.36
N ILE VA 559 56.58 -93.20 -42.48
CA ILE VA 559 57.60 -92.18 -42.63
C ILE VA 559 56.97 -90.96 -43.28
N THR VA 560 57.14 -89.79 -42.65
CA THR VA 560 56.54 -88.56 -43.17
C THR VA 560 57.35 -88.03 -44.36
N ASP VA 561 56.71 -87.13 -45.10
CA ASP VA 561 57.37 -86.55 -46.29
C ASP VA 561 57.29 -85.03 -46.19
N GLU VA 562 58.40 -84.35 -46.43
CA GLU VA 562 58.50 -82.91 -46.43
C GLU VA 562 58.80 -82.38 -47.82
N GLU VA 563 58.13 -82.93 -48.83
CA GLU VA 563 58.37 -82.54 -50.21
C GLU VA 563 57.70 -81.22 -50.58
N GLU VA 564 56.72 -80.76 -49.80
CA GLU VA 564 56.03 -79.52 -50.13
C GLU VA 564 56.93 -78.30 -49.94
N ILE VA 565 58.06 -78.44 -49.25
CA ILE VA 565 58.94 -77.31 -48.98
C ILE VA 565 60.18 -77.32 -49.86
N ARG VA 566 60.23 -78.21 -50.86
CA ARG VA 566 61.36 -78.24 -51.77
C ARG VA 566 61.39 -77.05 -52.70
N THR VA 567 60.34 -76.23 -52.72
CA THR VA 567 60.35 -75.00 -53.51
C THR VA 567 61.34 -73.99 -52.97
N THR VA 568 61.52 -73.93 -51.64
CA THR VA 568 62.43 -72.98 -51.01
C THR VA 568 63.53 -73.63 -50.18
N ASN VA 569 63.39 -74.89 -49.80
CA ASN VA 569 64.36 -75.54 -48.93
C ASN VA 569 65.17 -76.57 -49.71
N PRO VA 570 66.46 -76.66 -49.44
CA PRO VA 570 67.29 -77.66 -50.14
C PRO VA 570 66.89 -79.07 -49.76
N VAL VA 571 67.12 -80.00 -50.69
CA VAL VA 571 66.89 -81.40 -50.41
C VAL VA 571 67.85 -81.87 -49.33
N ALA VA 572 67.33 -82.65 -48.39
CA ALA VA 572 68.10 -83.01 -47.20
C ALA VA 572 69.33 -83.83 -47.54
N THR VA 573 69.23 -84.70 -48.53
CA THR VA 573 70.29 -85.64 -48.85
C THR VA 573 71.28 -85.11 -49.88
N GLU VA 574 71.10 -83.88 -50.34
CA GLU VA 574 71.97 -83.31 -51.36
C GLU VA 574 72.68 -82.08 -50.80
N GLN VA 575 73.68 -81.63 -51.55
CA GLN VA 575 74.45 -80.45 -51.14
C GLN VA 575 73.61 -79.19 -51.34
N TYR VA 576 73.95 -78.16 -50.56
CA TYR VA 576 73.32 -76.86 -50.75
C TYR VA 576 73.69 -76.27 -52.10
N GLY VA 577 74.95 -76.40 -52.50
CA GLY VA 577 75.41 -75.81 -53.74
C GLY VA 577 76.91 -75.99 -53.89
N SER VA 578 77.51 -75.10 -54.67
CA SER VA 578 78.94 -75.14 -54.93
C SER VA 578 79.54 -73.75 -54.75
N VAL VA 579 80.78 -73.73 -54.26
CA VAL VA 579 81.54 -72.50 -54.09
C VAL VA 579 82.91 -72.70 -54.70
N SER VA 580 83.54 -71.59 -55.06
CA SER VA 580 84.90 -71.64 -55.58
C SER VA 580 85.89 -71.89 -54.45
N THR VA 581 86.97 -72.61 -54.77
CA THR VA 581 87.98 -72.96 -53.78
C THR VA 581 89.37 -72.46 -54.14
N ASN VA 582 89.58 -71.88 -55.31
CA ASN VA 582 90.89 -71.40 -55.71
C ASN VA 582 90.71 -70.15 -56.58
N LEU VA 583 91.80 -69.72 -57.19
CA LEU VA 583 91.80 -68.57 -58.09
C LEU VA 583 92.31 -69.02 -59.46
N GLN VA 584 91.41 -69.07 -60.44
CA GLN VA 584 91.80 -69.44 -61.79
C GLN VA 584 92.71 -68.37 -62.39
N ARG VA 585 93.63 -68.86 -63.22
CA ARG VA 585 94.64 -67.95 -63.82
C ARG VA 585 95.20 -68.59 -65.07
N GLY VA 586 95.45 -67.79 -66.11
CA GLY VA 586 96.09 -68.29 -67.31
C GLY VA 586 97.61 -68.19 -67.25
N ASN VA 587 98.24 -68.55 -68.37
CA ASN VA 587 99.72 -68.59 -68.42
C ASN VA 587 100.29 -67.18 -68.53
N THR VA 594 102.15 -71.03 -63.80
CA THR VA 594 101.48 -71.93 -64.77
C THR VA 594 99.98 -71.62 -64.77
N SER VA 595 99.18 -72.32 -65.58
CA SER VA 595 97.76 -72.01 -65.47
C SER VA 595 97.10 -72.86 -64.40
N ARG VA 596 96.04 -72.32 -63.80
CA ARG VA 596 95.24 -73.01 -62.80
C ARG VA 596 93.78 -72.94 -63.21
N GLN VA 597 93.13 -74.09 -63.31
CA GLN VA 597 91.73 -74.13 -63.68
C GLN VA 597 90.84 -73.93 -62.47
N ALA VA 598 89.67 -73.33 -62.70
CA ALA VA 598 88.74 -73.04 -61.62
C ALA VA 598 88.25 -74.34 -60.98
N ALA VA 599 88.20 -74.35 -59.65
CA ALA VA 599 87.80 -75.51 -58.88
C ALA VA 599 86.62 -75.14 -57.99
N THR VA 600 85.74 -76.13 -57.76
CA THR VA 600 84.55 -75.94 -56.94
C THR VA 600 84.45 -77.09 -55.95
N ALA VA 601 83.74 -76.84 -54.85
CA ALA VA 601 83.50 -77.83 -53.82
C ALA VA 601 82.03 -77.82 -53.43
N ASP VA 602 81.53 -78.99 -53.04
CA ASP VA 602 80.16 -79.09 -52.55
C ASP VA 602 80.05 -78.47 -51.16
N VAL VA 603 78.92 -77.84 -50.90
CA VAL VA 603 78.64 -77.23 -49.62
C VAL VA 603 77.64 -78.14 -48.92
N ASN VA 604 78.16 -79.08 -48.12
CA ASN VA 604 77.32 -80.03 -47.42
C ASN VA 604 76.66 -79.44 -46.19
N THR VA 605 77.18 -78.34 -45.65
CA THR VA 605 76.57 -77.62 -44.55
C THR VA 605 76.61 -76.14 -44.85
N GLN VA 606 75.45 -75.48 -44.74
CA GLN VA 606 75.34 -74.06 -45.05
C GLN VA 606 74.60 -73.36 -43.91
N GLY VA 607 75.26 -72.38 -43.30
CA GLY VA 607 74.60 -71.54 -42.32
C GLY VA 607 73.71 -70.51 -42.97
N VAL VA 608 73.03 -69.74 -42.13
CA VAL VA 608 72.09 -68.74 -42.62
C VAL VA 608 72.86 -67.58 -43.24
N LEU VA 609 72.47 -67.20 -44.45
CA LEU VA 609 73.02 -66.08 -45.19
C LEU VA 609 71.97 -64.99 -45.34
N PRO VA 610 72.38 -63.73 -45.46
CA PRO VA 610 71.40 -62.68 -45.76
C PRO VA 610 70.70 -62.94 -47.08
N GLY VA 611 69.39 -62.68 -47.11
CA GLY VA 611 68.58 -62.96 -48.26
C GLY VA 611 68.05 -64.37 -48.34
N MET VA 612 68.28 -65.19 -47.31
CA MET VA 612 67.83 -66.61 -47.32
C MET VA 612 66.37 -66.71 -46.87
N VAL VA 613 65.57 -67.52 -47.56
CA VAL VA 613 64.17 -67.78 -47.26
C VAL VA 613 63.97 -69.28 -47.15
N TRP VA 614 63.11 -69.70 -46.22
CA TRP VA 614 62.89 -71.12 -45.97
C TRP VA 614 61.51 -71.32 -45.37
N GLN VA 615 61.06 -72.57 -45.36
CA GLN VA 615 59.82 -72.98 -44.73
C GLN VA 615 60.15 -73.89 -43.55
N ASP VA 616 59.35 -73.78 -42.49
CA ASP VA 616 59.56 -74.62 -41.32
C ASP VA 616 59.01 -76.02 -41.57
N ARG VA 617 59.31 -76.92 -40.64
CA ARG VA 617 58.82 -78.30 -40.75
C ARG VA 617 57.31 -78.34 -40.56
N ASP VA 618 56.66 -79.23 -41.30
CA ASP VA 618 55.21 -79.37 -41.21
C ASP VA 618 54.80 -80.00 -39.89
N VAL VA 619 53.58 -79.70 -39.47
CA VAL VA 619 52.98 -80.34 -38.29
C VAL VA 619 52.02 -81.41 -38.78
N TYR VA 620 51.80 -82.41 -37.93
CA TYR VA 620 51.00 -83.56 -38.27
C TYR VA 620 49.96 -83.81 -37.20
N LEU VA 621 48.94 -84.58 -37.55
CA LEU VA 621 47.89 -84.90 -36.58
C LEU VA 621 48.47 -85.65 -35.39
N GLN VA 622 49.38 -86.59 -35.64
CA GLN VA 622 50.07 -87.31 -34.58
C GLN VA 622 51.28 -86.56 -34.04
N GLY VA 623 51.62 -85.40 -34.61
CA GLY VA 623 52.81 -84.69 -34.24
C GLY VA 623 52.64 -83.79 -33.04
N PRO VA 624 53.75 -83.27 -32.52
CA PRO VA 624 53.67 -82.34 -31.39
C PRO VA 624 53.14 -80.97 -31.82
N ILE VA 625 52.59 -80.26 -30.83
CA ILE VA 625 52.01 -78.95 -31.06
C ILE VA 625 53.01 -77.84 -30.77
N TRP VA 626 53.68 -77.90 -29.62
CA TRP VA 626 54.54 -76.82 -29.17
C TRP VA 626 55.79 -77.38 -28.52
N ALA VA 627 56.70 -76.47 -28.16
CA ALA VA 627 57.87 -76.79 -27.38
C ALA VA 627 58.32 -75.52 -26.66
N LYS VA 628 59.02 -75.70 -25.55
CA LYS VA 628 59.54 -74.56 -24.79
C LYS VA 628 60.87 -74.10 -25.37
N ILE VA 629 60.94 -72.83 -25.72
CA ILE VA 629 62.21 -72.27 -26.19
C ILE VA 629 63.19 -72.23 -25.02
N PRO VA 630 64.39 -72.79 -25.16
CA PRO VA 630 65.35 -72.79 -24.05
C PRO VA 630 65.68 -71.38 -23.61
N HIS VA 631 65.85 -71.20 -22.30
CA HIS VA 631 66.20 -69.90 -21.73
C HIS VA 631 67.68 -69.66 -21.96
N THR VA 632 67.99 -69.04 -23.09
CA THR VA 632 69.37 -68.79 -23.50
C THR VA 632 69.50 -67.34 -23.93
N ASP VA 633 70.74 -66.86 -23.98
CA ASP VA 633 71.00 -65.45 -24.35
C ASP VA 633 70.62 -65.24 -25.81
N GLY VA 634 70.91 -66.20 -26.68
CA GLY VA 634 70.62 -66.06 -28.09
C GLY VA 634 70.02 -67.31 -28.67
N HIS VA 635 69.19 -67.10 -29.68
CA HIS VA 635 68.60 -68.18 -30.47
C HIS VA 635 68.13 -67.58 -31.78
N PHE VA 636 68.18 -68.38 -32.84
CA PHE VA 636 67.77 -67.94 -34.17
C PHE VA 636 66.59 -68.77 -34.62
N HIS VA 637 65.50 -68.08 -34.98
CA HIS VA 637 64.27 -68.71 -35.47
C HIS VA 637 63.85 -69.85 -34.55
N PRO VA 638 63.33 -69.55 -33.35
CA PRO VA 638 63.03 -70.59 -32.35
C PRO VA 638 61.75 -71.39 -32.64
N SER VA 639 61.62 -71.84 -33.87
CA SER VA 639 60.62 -72.85 -34.21
C SER VA 639 61.16 -74.23 -33.89
N PRO VA 640 60.42 -75.06 -33.16
CA PRO VA 640 60.93 -76.40 -32.81
C PRO VA 640 61.26 -77.19 -34.06
N LEU VA 641 62.39 -77.92 -34.00
CA LEU VA 641 62.83 -78.68 -35.16
C LEU VA 641 61.94 -79.88 -35.43
N MET VA 642 61.31 -80.43 -34.39
CA MET VA 642 60.36 -81.52 -34.57
C MET VA 642 59.03 -81.05 -35.14
N GLY VA 643 58.80 -79.75 -35.22
CA GLY VA 643 57.57 -79.20 -35.76
C GLY VA 643 56.69 -78.62 -34.68
N GLY VA 644 56.08 -77.48 -34.98
CA GLY VA 644 55.18 -76.85 -34.03
C GLY VA 644 55.45 -75.39 -33.75
N PHE VA 645 55.00 -74.92 -32.60
CA PHE VA 645 55.10 -73.51 -32.22
C PHE VA 645 56.10 -73.37 -31.08
N GLY VA 646 57.09 -72.50 -31.28
CA GLY VA 646 58.03 -72.20 -30.23
C GLY VA 646 57.48 -71.19 -29.24
N LEU VA 647 57.44 -71.55 -27.96
CA LEU VA 647 56.83 -70.72 -26.93
C LEU VA 647 57.85 -70.45 -25.84
N LYS VA 648 58.08 -69.16 -25.55
CA LYS VA 648 58.92 -68.80 -24.42
C LYS VA 648 58.27 -69.18 -23.10
N HIS VA 649 56.94 -69.07 -23.03
CA HIS VA 649 56.14 -69.49 -21.88
C HIS VA 649 55.09 -70.47 -22.39
N PRO VA 650 55.45 -71.74 -22.55
CA PRO VA 650 54.50 -72.72 -23.07
C PRO VA 650 53.46 -73.07 -22.02
N PRO VA 651 52.44 -73.86 -22.38
CA PRO VA 651 51.49 -74.33 -21.37
C PRO VA 651 52.21 -75.02 -20.24
N PRO VA 652 51.93 -74.63 -18.99
CA PRO VA 652 52.70 -75.16 -17.86
C PRO VA 652 52.48 -76.64 -17.65
N GLN VA 653 53.50 -77.30 -17.11
CA GLN VA 653 53.37 -78.69 -16.73
C GLN VA 653 52.38 -78.84 -15.59
N ILE VA 654 51.50 -79.83 -15.70
CA ILE VA 654 50.49 -80.11 -14.69
C ILE VA 654 50.91 -81.40 -13.99
N LEU VA 655 51.30 -81.29 -12.73
CA LEU VA 655 51.82 -82.42 -11.96
C LEU VA 655 50.73 -82.93 -11.02
N ILE VA 656 50.55 -84.25 -10.99
CA ILE VA 656 49.53 -84.88 -10.18
C ILE VA 656 50.14 -86.12 -9.53
N LYS VA 657 49.82 -86.34 -8.25
CA LYS VA 657 50.25 -87.55 -7.56
C LYS VA 657 49.27 -87.87 -6.45
N ASN VA 658 49.27 -89.14 -6.04
CA ASN VA 658 48.43 -89.58 -4.94
C ASN VA 658 49.12 -89.26 -3.62
N THR VA 659 48.37 -88.71 -2.68
CA THR VA 659 48.92 -88.43 -1.36
C THR VA 659 49.19 -89.74 -0.64
N PRO VA 660 50.42 -89.95 -0.14
CA PRO VA 660 50.71 -91.20 0.56
C PRO VA 660 49.90 -91.34 1.84
N VAL VA 661 49.26 -92.48 2.00
CA VAL VA 661 48.47 -92.80 3.19
C VAL VA 661 49.23 -93.86 3.98
N PRO VA 662 49.80 -93.52 5.13
CA PRO VA 662 50.57 -94.51 5.89
C PRO VA 662 49.70 -95.68 6.34
N ALA VA 663 50.32 -96.85 6.38
CA ALA VA 663 49.67 -98.05 6.88
C ALA VA 663 49.69 -98.03 8.40
N ASN VA 664 49.38 -99.15 9.04
CA ASN VA 664 49.27 -99.20 10.49
C ASN VA 664 50.63 -98.91 11.13
N PRO VA 665 50.73 -97.86 11.95
CA PRO VA 665 52.01 -97.56 12.61
C PRO VA 665 52.21 -98.38 13.88
N SER VA 666 53.45 -98.36 14.33
CA SER VA 666 53.82 -99.05 15.59
C SER VA 666 53.33 -98.24 16.77
N THR VA 667 52.89 -98.89 17.83
CA THR VA 667 52.45 -98.20 19.03
C THR VA 667 53.60 -97.54 19.78
N THR VA 668 54.83 -97.90 19.47
CA THR VA 668 56.02 -97.26 20.03
C THR VA 668 56.59 -96.30 19.00
N PHE VA 669 57.04 -95.14 19.48
CA PHE VA 669 57.56 -94.12 18.57
C PHE VA 669 58.83 -94.60 17.89
N SER VA 670 58.93 -94.35 16.59
CA SER VA 670 60.11 -94.65 15.80
C SER VA 670 60.45 -93.43 14.95
N ALA VA 671 61.70 -92.99 15.01
CA ALA VA 671 62.13 -91.84 14.24
C ALA VA 671 62.39 -92.16 12.78
N ALA VA 672 62.40 -93.43 12.41
CA ALA VA 672 62.57 -93.81 11.01
C ALA VA 672 61.38 -93.35 10.18
N LYS VA 673 61.67 -92.87 8.99
CA LYS VA 673 60.60 -92.42 8.11
C LYS VA 673 59.71 -93.59 7.70
N PHE VA 674 58.45 -93.27 7.44
CA PHE VA 674 57.46 -94.33 7.10
C PHE VA 674 57.83 -95.02 5.80
N ALA VA 675 57.82 -96.36 5.81
CA ALA VA 675 58.10 -97.15 4.62
C ALA VA 675 56.94 -98.04 4.22
N SER VA 676 55.89 -98.14 5.03
CA SER VA 676 54.72 -98.95 4.74
C SER VA 676 53.54 -98.04 4.48
N PHE VA 677 52.86 -98.23 3.35
CA PHE VA 677 51.75 -97.40 2.95
C PHE VA 677 50.63 -98.28 2.42
N ILE VA 678 49.42 -97.72 2.43
CA ILE VA 678 48.27 -98.40 1.84
C ILE VA 678 48.36 -98.27 0.33
N THR VA 679 48.32 -99.41 -0.37
CA THR VA 679 48.39 -99.39 -1.82
C THR VA 679 47.13 -98.75 -2.39
N GLN VA 680 47.31 -97.78 -3.28
CA GLN VA 680 46.16 -97.09 -3.82
C GLN VA 680 46.54 -96.41 -5.13
N TYR VA 681 45.51 -96.18 -5.95
CA TYR VA 681 45.64 -95.45 -7.20
C TYR VA 681 44.44 -94.51 -7.31
N SER VA 682 44.44 -93.69 -8.34
CA SER VA 682 43.34 -92.76 -8.58
C SER VA 682 42.91 -92.82 -10.02
N THR VA 683 41.64 -92.49 -10.26
CA THR VA 683 41.08 -92.39 -11.60
C THR VA 683 40.18 -91.17 -11.65
N GLY VA 684 40.00 -90.64 -12.85
CA GLY VA 684 39.19 -89.46 -12.99
C GLY VA 684 39.08 -89.05 -14.45
N GLN VA 685 38.57 -87.84 -14.65
CA GLN VA 685 38.39 -87.29 -15.99
C GLN VA 685 39.21 -86.03 -16.14
N VAL VA 686 39.73 -85.81 -17.33
CA VAL VA 686 40.53 -84.64 -17.66
C VAL VA 686 39.94 -83.98 -18.90
N SER VA 687 39.83 -82.66 -18.87
CA SER VA 687 39.28 -81.88 -19.97
C SER VA 687 40.29 -80.84 -20.43
N VAL VA 688 40.52 -80.77 -21.74
CA VAL VA 688 41.39 -79.78 -22.35
C VAL VA 688 40.60 -79.08 -23.45
N GLU VA 689 40.49 -77.77 -23.35
CA GLU VA 689 39.82 -76.96 -24.36
C GLU VA 689 40.78 -75.90 -24.88
N ILE VA 690 41.04 -75.92 -26.18
CA ILE VA 690 41.97 -74.99 -26.80
C ILE VA 690 41.23 -74.21 -27.88
N GLU VA 691 41.39 -72.89 -27.85
CA GLU VA 691 40.89 -72.02 -28.90
C GLU VA 691 42.01 -71.76 -29.90
N TRP VA 692 41.72 -71.99 -31.19
CA TRP VA 692 42.69 -71.80 -32.26
C TRP VA 692 42.21 -70.68 -33.18
N GLU VA 693 43.14 -69.87 -33.64
CA GLU VA 693 42.85 -68.82 -34.61
C GLU VA 693 43.20 -69.31 -36.01
N LEU VA 694 42.33 -69.02 -36.98
CA LEU VA 694 42.48 -69.50 -38.34
C LEU VA 694 42.86 -68.35 -39.26
N GLN VA 695 43.69 -68.66 -40.24
CA GLN VA 695 44.07 -67.74 -41.30
C GLN VA 695 43.38 -68.23 -42.57
N LYS VA 696 42.29 -67.57 -42.94
CA LYS VA 696 41.46 -68.05 -44.04
C LYS VA 696 42.19 -67.93 -45.37
N GLU VA 697 42.02 -68.95 -46.21
CA GLU VA 697 42.63 -68.95 -47.54
C GLU VA 697 41.96 -67.89 -48.41
N ASN VA 698 42.77 -67.14 -49.15
CA ASN VA 698 42.31 -66.06 -50.02
C ASN VA 698 42.95 -66.21 -51.40
N SER VA 699 42.94 -67.42 -51.93
CA SER VA 699 43.62 -67.70 -53.19
C SER VA 699 42.79 -67.23 -54.38
N LYS VA 700 43.46 -66.97 -55.50
CA LYS VA 700 42.77 -66.56 -56.76
C LYS VA 700 43.15 -67.52 -57.88
N ARG VA 701 43.64 -68.72 -57.56
CA ARG VA 701 43.92 -69.69 -58.61
C ARG VA 701 42.63 -70.18 -59.25
N TRP VA 702 42.73 -70.59 -60.51
CA TRP VA 702 41.57 -70.97 -61.28
C TRP VA 702 41.25 -72.45 -61.16
N ASN VA 703 42.23 -73.30 -61.38
CA ASN VA 703 42.01 -74.74 -61.36
C ASN VA 703 41.92 -75.25 -59.92
N PRO VA 704 41.26 -76.41 -59.67
CA PRO VA 704 41.08 -76.90 -58.31
C PRO VA 704 42.41 -77.22 -57.59
N GLU VA 705 42.40 -77.31 -56.27
CA GLU VA 705 43.64 -77.51 -55.46
C GLU VA 705 43.75 -78.95 -54.99
N ILE VA 706 44.90 -79.35 -54.44
CA ILE VA 706 44.94 -80.69 -53.80
C ILE VA 706 44.28 -80.63 -52.43
N GLN VA 707 43.37 -81.57 -52.13
CA GLN VA 707 42.75 -81.63 -50.82
C GLN VA 707 42.92 -83.03 -50.26
N TYR VA 708 43.03 -83.12 -48.93
CA TYR VA 708 43.03 -84.42 -48.29
C TYR VA 708 41.64 -85.03 -48.37
N THR VA 709 41.57 -86.32 -48.68
CA THR VA 709 40.30 -87.00 -48.87
C THR VA 709 40.42 -88.45 -48.46
N SER VA 710 39.28 -89.03 -48.15
CA SER VA 710 39.25 -90.49 -47.86
C SER VA 710 39.19 -91.22 -49.19
N ASN VA 711 39.57 -92.49 -49.25
CA ASN VA 711 39.54 -93.18 -50.56
C ASN VA 711 38.18 -93.83 -50.70
N TYR VA 712 37.52 -93.65 -51.85
CA TYR VA 712 36.14 -94.15 -52.02
C TYR VA 712 36.11 -95.67 -52.13
N ASN VA 713 37.17 -96.29 -52.66
CA ASN VA 713 37.08 -97.73 -52.87
C ASN VA 713 36.78 -98.47 -51.58
N LYS VA 714 36.11 -99.62 -51.74
CA LYS VA 714 35.73 -100.45 -50.58
C LYS VA 714 36.96 -100.98 -49.87
N SER VA 715 36.81 -101.22 -48.58
CA SER VA 715 37.90 -101.76 -47.79
C SER VA 715 37.32 -102.54 -46.63
N ILE VA 716 38.16 -103.41 -46.05
CA ILE VA 716 37.72 -104.19 -44.89
C ILE VA 716 37.45 -103.26 -43.70
N ASN VA 717 38.32 -102.29 -43.49
CA ASN VA 717 38.19 -101.35 -42.38
C ASN VA 717 38.14 -99.92 -42.91
N VAL VA 718 37.38 -99.08 -42.22
CA VAL VA 718 37.36 -97.65 -42.52
C VAL VA 718 38.55 -96.98 -41.85
N ASP VA 719 39.14 -96.00 -42.52
CA ASP VA 719 40.29 -95.31 -41.97
C ASP VA 719 39.89 -94.48 -40.75
N PHE VA 720 40.79 -94.43 -39.77
CA PHE VA 720 40.61 -93.65 -38.54
C PHE VA 720 39.35 -94.07 -37.79
N THR VA 721 39.10 -95.37 -37.75
CA THR VA 721 38.02 -95.95 -36.97
C THR VA 721 38.57 -97.11 -36.16
N VAL VA 722 37.68 -97.85 -35.51
CA VAL VA 722 38.06 -99.02 -34.74
C VAL VA 722 37.83 -100.26 -35.61
N ASP VA 723 38.59 -101.32 -35.32
CA ASP VA 723 38.44 -102.58 -36.03
C ASP VA 723 37.47 -103.48 -35.25
N THR VA 724 37.43 -104.75 -35.62
CA THR VA 724 36.50 -105.70 -34.96
C THR VA 724 36.94 -105.91 -33.51
N ASN VA 725 38.17 -105.52 -33.17
CA ASN VA 725 38.65 -105.61 -31.76
C ASN VA 725 38.41 -104.28 -31.06
N GLY VA 726 37.81 -103.31 -31.76
CA GLY VA 726 37.57 -101.98 -31.17
C GLY VA 726 38.86 -101.22 -30.96
N VAL VA 727 39.92 -101.61 -31.68
CA VAL VA 727 41.25 -100.95 -31.52
C VAL VA 727 41.32 -99.77 -32.49
N TYR VA 728 41.49 -98.55 -31.97
CA TYR VA 728 41.59 -97.37 -32.83
C TYR VA 728 42.99 -97.30 -33.44
N SER VA 729 43.04 -96.98 -34.73
CA SER VA 729 44.31 -96.87 -35.42
C SER VA 729 44.29 -95.63 -36.31
N GLU VA 730 45.48 -95.09 -36.56
CA GLU VA 730 45.66 -93.97 -37.48
C GLU VA 730 46.45 -94.46 -38.68
N PRO VA 731 45.81 -94.72 -39.82
CA PRO VA 731 46.50 -95.43 -40.91
C PRO VA 731 47.70 -94.70 -41.49
N ARG VA 732 47.69 -93.37 -41.54
CA ARG VA 732 48.79 -92.63 -42.16
C ARG VA 732 48.94 -91.30 -41.46
N PRO VA 733 50.12 -90.68 -41.53
CA PRO VA 733 50.26 -89.31 -41.04
C PRO VA 733 49.63 -88.32 -42.01
N ILE VA 734 48.92 -87.34 -41.46
CA ILE VA 734 48.32 -86.28 -42.25
C ILE VA 734 49.00 -84.98 -41.89
N GLY VA 735 49.58 -84.32 -42.89
CA GLY VA 735 50.15 -83.01 -42.71
C GLY VA 735 49.10 -81.93 -42.80
N THR VA 736 49.55 -80.71 -43.08
CA THR VA 736 48.63 -79.59 -43.24
C THR VA 736 48.77 -78.85 -44.56
N ARG VA 737 49.75 -79.21 -45.39
CA ARG VA 737 50.11 -78.40 -46.55
C ARG VA 737 49.46 -78.98 -47.80
N TYR VA 738 48.20 -78.60 -48.01
CA TYR VA 738 47.43 -79.01 -49.18
C TYR VA 738 47.02 -77.84 -50.06
N LEU VA 739 46.58 -76.73 -49.46
CA LEU VA 739 46.33 -75.53 -50.25
C LEU VA 739 47.64 -74.93 -50.72
N THR VA 740 47.56 -74.06 -51.71
CA THR VA 740 48.74 -73.46 -52.32
C THR VA 740 48.65 -71.94 -52.24
N ARG VA 741 49.84 -71.34 -52.12
CA ARG VA 741 49.95 -69.85 -52.13
C ARG VA 741 51.19 -69.52 -52.96
N ASN VA 742 51.20 -68.38 -53.66
CA ASN VA 742 52.36 -67.93 -54.42
C ASN VA 742 53.48 -67.49 -53.48
N LEU VA 743 54.71 -67.59 -53.96
CA LEU VA 743 55.86 -67.15 -53.19
C LEU VA 743 55.86 -65.63 -53.02
N ALA WA 218 46.52 -19.44 70.74
CA ALA WA 218 46.45 -19.93 69.34
C ALA WA 218 46.33 -21.45 69.35
N ASP WA 219 47.08 -22.10 70.22
CA ASP WA 219 47.13 -23.59 70.22
C ASP WA 219 46.89 -24.09 71.64
N GLY WA 220 46.46 -23.20 72.54
CA GLY WA 220 46.11 -23.66 73.90
C GLY WA 220 47.13 -24.65 74.44
N VAL WA 221 46.66 -25.68 75.14
CA VAL WA 221 47.59 -26.64 75.79
C VAL WA 221 47.44 -27.95 75.05
N GLY WA 222 48.49 -28.43 74.42
CA GLY WA 222 48.51 -29.69 73.72
C GLY WA 222 48.56 -29.58 72.21
N ASN WA 223 48.55 -28.38 71.66
CA ASN WA 223 48.67 -28.18 70.22
C ASN WA 223 49.98 -27.45 69.95
N SER WA 224 50.81 -28.02 69.08
CA SER WA 224 52.09 -27.42 68.76
C SER WA 224 51.89 -26.16 67.92
N SER WA 225 52.68 -25.12 68.24
CA SER WA 225 52.59 -23.85 67.54
C SER WA 225 53.72 -23.66 66.52
N GLY WA 226 54.49 -24.71 66.24
CA GLY WA 226 55.55 -24.60 65.26
C GLY WA 226 56.19 -25.96 65.03
N ASN WA 227 57.08 -26.00 64.05
CA ASN WA 227 57.80 -27.20 63.67
C ASN WA 227 59.29 -26.91 63.64
N TRP WA 228 60.08 -27.98 63.64
CA TRP WA 228 61.54 -27.88 63.60
C TRP WA 228 61.99 -27.74 62.15
N HIS WA 229 62.54 -26.58 61.83
CA HIS WA 229 63.04 -26.30 60.45
C HIS WA 229 64.52 -25.95 60.56
N CYS WA 230 65.39 -26.93 60.39
CA CYS WA 230 66.86 -26.68 60.40
C CYS WA 230 67.41 -27.27 59.10
N ASP WA 231 67.78 -26.42 58.14
CA ASP WA 231 68.24 -26.94 56.82
C ASP WA 231 68.76 -25.80 55.94
N SER WA 232 69.30 -26.12 54.76
CA SER WA 232 69.67 -25.05 53.85
C SER WA 232 69.33 -25.45 52.43
N THR WA 233 68.88 -24.48 51.64
CA THR WA 233 68.49 -24.69 50.25
C THR WA 233 69.35 -23.79 49.37
N TRP WA 234 70.03 -24.37 48.40
CA TRP WA 234 70.83 -23.64 47.43
C TRP WA 234 70.06 -23.57 46.12
N MET WA 235 69.73 -22.35 45.70
CA MET WA 235 68.96 -22.17 44.44
C MET WA 235 69.64 -21.06 43.61
N GLY WA 236 70.52 -21.44 42.69
CA GLY WA 236 71.17 -20.47 41.83
C GLY WA 236 72.07 -19.54 42.63
N ASP WA 237 71.78 -18.24 42.55
CA ASP WA 237 72.55 -17.22 43.24
C ASP WA 237 72.03 -16.93 44.64
N ARG WA 238 71.32 -17.86 45.26
CA ARG WA 238 70.79 -17.69 46.60
C ARG WA 238 71.03 -18.94 47.41
N VAL WA 239 71.24 -18.76 48.72
CA VAL WA 239 71.25 -19.86 49.68
C VAL WA 239 70.44 -19.41 50.88
N THR WA 240 69.44 -20.19 51.25
CA THR WA 240 68.59 -19.89 52.40
C THR WA 240 68.93 -20.88 53.52
N THR WA 241 69.45 -20.37 54.62
CA THR WA 241 69.81 -21.18 55.77
C THR WA 241 68.77 -20.99 56.87
N THR WA 242 68.26 -22.09 57.39
CA THR WA 242 67.29 -22.08 58.49
C THR WA 242 67.85 -22.87 59.66
N SER WA 243 67.66 -22.34 60.87
CA SER WA 243 68.18 -22.99 62.07
C SER WA 243 67.11 -22.97 63.15
N THR WA 244 67.02 -24.06 63.91
CA THR WA 244 66.14 -24.15 65.06
C THR WA 244 66.94 -24.60 66.27
N ARG WA 245 66.69 -23.96 67.41
CA ARG WA 245 67.38 -24.28 68.65
C ARG WA 245 66.37 -24.30 69.78
N THR WA 246 66.73 -24.98 70.86
CA THR WA 246 65.95 -24.99 72.09
C THR WA 246 66.61 -24.07 73.10
N TRP WA 247 65.86 -23.10 73.61
CA TRP WA 247 66.38 -22.10 74.53
C TRP WA 247 65.75 -22.24 75.90
N ALA WA 248 66.47 -21.76 76.91
CA ALA WA 248 65.99 -21.69 78.27
C ALA WA 248 66.17 -20.27 78.78
N LEU WA 249 65.10 -19.69 79.31
CA LEU WA 249 65.12 -18.31 79.79
C LEU WA 249 64.79 -18.26 81.27
N PRO WA 250 65.73 -17.95 82.14
CA PRO WA 250 65.45 -17.84 83.57
C PRO WA 250 64.85 -16.48 83.89
N THR WA 251 64.62 -16.25 85.18
CA THR WA 251 64.22 -14.94 85.68
C THR WA 251 65.48 -14.17 86.05
N TYR WA 252 65.65 -13.00 85.46
CA TYR WA 252 66.86 -12.21 85.63
C TYR WA 252 66.62 -11.07 86.60
N ASN WA 253 67.56 -10.87 87.53
CA ASN WA 253 67.55 -9.79 88.52
C ASN WA 253 66.33 -9.86 89.43
N ASN WA 254 65.64 -10.99 89.48
CA ASN WA 254 64.41 -11.14 90.25
C ASN WA 254 63.39 -10.08 89.84
N HIS WA 255 63.19 -9.96 88.52
CA HIS WA 255 62.22 -9.04 87.91
C HIS WA 255 62.52 -7.58 88.19
N LEU WA 256 63.78 -7.21 88.40
CA LEU WA 256 64.15 -5.86 88.80
C LEU WA 256 65.11 -5.23 87.81
N TYR WA 257 65.12 -3.90 87.80
CA TYR WA 257 66.14 -3.17 87.03
C TYR WA 257 67.12 -2.69 88.10
N LYS WA 258 68.40 -2.94 87.94
CA LYS WA 258 69.44 -2.60 88.91
C LYS WA 258 70.47 -1.71 88.24
N GLN WA 259 70.77 -0.57 88.87
CA GLN WA 259 71.86 0.27 88.41
C GLN WA 259 73.18 -0.42 88.67
N ILE WA 260 74.04 -0.47 87.65
CA ILE WA 260 75.34 -1.10 87.75
C ILE WA 260 76.41 -0.08 87.39
N SER WA 261 77.61 -0.29 87.94
CA SER WA 261 78.71 0.62 87.69
C SER WA 261 80.00 -0.13 87.98
N SER WA 262 81.11 0.46 87.54
CA SER WA 262 82.42 -0.13 87.80
C SER WA 262 82.72 -0.13 89.29
N GLN WA 263 83.51 -1.12 89.69
CA GLN WA 263 83.83 -1.25 91.13
C GLN WA 263 84.73 -0.10 91.55
N SER WA 264 84.60 0.31 92.81
CA SER WA 264 85.52 1.34 93.32
C SER WA 264 86.94 0.77 93.31
N GLY WA 265 87.92 1.60 92.99
CA GLY WA 265 89.30 1.20 92.87
C GLY WA 265 89.72 0.76 91.48
N ALA WA 266 88.78 0.67 90.54
CA ALA WA 266 89.13 0.32 89.18
C ALA WA 266 89.88 1.47 88.51
N SER WA 267 90.65 1.14 87.48
CA SER WA 267 91.35 2.16 86.73
C SER WA 267 90.37 3.01 85.95
N ASN WA 268 90.84 4.19 85.53
CA ASN WA 268 89.97 5.10 84.78
C ASN WA 268 89.53 4.49 83.45
N ASP WA 269 90.40 3.70 82.82
CA ASP WA 269 90.03 3.07 81.55
C ASP WA 269 88.91 2.05 81.72
N ASN WA 270 88.78 1.48 82.91
CA ASN WA 270 87.78 0.44 83.17
C ASN WA 270 86.53 0.97 83.85
N HIS WA 271 86.42 2.28 84.04
CA HIS WA 271 85.24 2.84 84.67
C HIS WA 271 84.04 2.82 83.72
N TYR WA 272 82.86 2.52 84.27
CA TYR WA 272 81.65 2.48 83.47
C TYR WA 272 80.44 2.68 84.36
N PHE WA 273 79.33 3.03 83.73
CA PHE WA 273 78.04 3.17 84.39
C PHE WA 273 76.96 2.68 83.44
N GLY WA 274 75.97 1.99 83.98
CA GLY WA 274 74.91 1.46 83.14
C GLY WA 274 73.81 0.86 83.98
N TYR WA 275 72.94 0.12 83.31
CA TYR WA 275 71.80 -0.51 83.97
C TYR WA 275 71.67 -1.96 83.52
N SER WA 276 71.27 -2.81 84.44
CA SER WA 276 70.99 -4.22 84.18
C SER WA 276 69.49 -4.43 84.16
N THR WA 277 68.98 -5.04 83.10
CA THR WA 277 67.55 -5.23 82.94
C THR WA 277 67.16 -6.68 83.22
N PRO WA 278 65.91 -6.93 83.64
CA PRO WA 278 65.45 -8.31 83.82
C PRO WA 278 65.14 -9.04 82.52
N TRP WA 279 65.38 -8.42 81.37
CA TRP WA 279 65.08 -9.02 80.09
C TRP WA 279 66.28 -9.80 79.56
N GLY WA 280 65.98 -10.74 78.66
CA GLY WA 280 66.98 -11.41 77.87
C GLY WA 280 66.84 -11.01 76.40
N TYR WA 281 67.80 -11.45 75.60
CA TYR WA 281 67.78 -11.15 74.18
C TYR WA 281 68.28 -12.35 73.38
N PHE WA 282 67.75 -12.49 72.18
CA PHE WA 282 68.13 -13.57 71.28
C PHE WA 282 69.20 -13.08 70.31
N ASP WA 283 70.36 -13.73 70.35
CA ASP WA 283 71.50 -13.34 69.53
C ASP WA 283 71.80 -14.46 68.54
N PHE WA 284 71.83 -14.11 67.26
CA PHE WA 284 72.29 -15.03 66.22
C PHE WA 284 73.27 -14.32 65.29
N ASN WA 285 74.09 -13.43 65.84
CA ASN WA 285 75.06 -12.65 65.06
C ASN WA 285 76.41 -13.37 64.95
N ARG WA 286 76.36 -14.64 64.55
CA ARG WA 286 77.55 -15.43 64.27
C ARG WA 286 77.22 -16.38 63.13
N PHE WA 287 78.17 -16.62 62.24
CA PHE WA 287 77.87 -17.43 61.02
C PHE WA 287 77.55 -18.88 61.36
N HIS WA 288 78.15 -19.41 62.43
CA HIS WA 288 77.95 -20.84 62.83
C HIS WA 288 76.48 -21.07 63.25
N CYS WA 289 75.74 -20.00 63.55
CA CYS WA 289 74.32 -20.09 63.98
C CYS WA 289 73.43 -20.43 62.77
N HIS WA 290 73.94 -20.23 61.56
CA HIS WA 290 73.16 -20.48 60.35
C HIS WA 290 73.81 -21.43 59.36
N PHE WA 291 75.13 -21.48 59.30
CA PHE WA 291 75.86 -22.31 58.35
C PHE WA 291 76.48 -23.49 59.06
N SER WA 292 76.23 -24.69 58.54
CA SER WA 292 76.99 -25.85 58.95
C SER WA 292 78.38 -25.79 58.35
N PRO WA 293 79.35 -26.52 58.90
CA PRO WA 293 80.69 -26.53 58.30
C PRO WA 293 80.70 -26.96 56.83
N ARG WA 294 79.86 -27.93 56.46
CA ARG WA 294 79.73 -28.29 55.05
C ARG WA 294 79.13 -27.14 54.25
N ASP WA 295 78.14 -26.44 54.82
CA ASP WA 295 77.58 -25.27 54.17
C ASP WA 295 78.62 -24.18 53.98
N TRP WA 296 79.47 -23.96 54.99
CA TRP WA 296 80.53 -22.98 54.88
C TRP WA 296 81.53 -23.37 53.79
N GLN WA 297 81.89 -24.65 53.73
CA GLN WA 297 82.82 -25.11 52.70
C GLN WA 297 82.22 -24.95 51.31
N ARG WA 298 80.93 -25.25 51.17
CA ARG WA 298 80.24 -25.03 49.90
C ARG WA 298 80.19 -23.56 49.53
N LEU WA 299 80.04 -22.67 50.52
CA LEU WA 299 79.97 -21.24 50.25
C LEU WA 299 81.33 -20.69 49.83
N ILE WA 300 82.39 -21.04 50.57
CA ILE WA 300 83.67 -20.36 50.39
C ILE WA 300 84.50 -20.94 49.24
N ASN WA 301 84.22 -22.17 48.82
CA ASN WA 301 84.98 -22.79 47.75
C ASN WA 301 84.43 -22.50 46.36
N ASN WA 302 83.28 -21.84 46.27
CA ASN WA 302 82.60 -21.67 44.99
C ASN WA 302 82.13 -20.26 44.71
N ASN WA 303 82.17 -19.35 45.66
CA ASN WA 303 81.61 -18.02 45.51
C ASN WA 303 82.67 -16.96 45.75
N TRP WA 304 82.61 -15.89 44.95
CA TRP WA 304 83.47 -14.74 45.12
C TRP WA 304 82.91 -13.72 46.10
N GLY WA 305 81.68 -13.90 46.58
CA GLY WA 305 81.11 -12.98 47.53
C GLY WA 305 79.74 -13.44 47.97
N PHE WA 306 79.28 -12.86 49.08
CA PHE WA 306 77.95 -13.13 49.60
C PHE WA 306 77.53 -11.99 50.51
N ARG WA 307 76.21 -11.87 50.70
CA ARG WA 307 75.65 -10.84 51.56
C ARG WA 307 74.26 -11.28 51.98
N PRO WA 308 73.81 -10.90 53.18
CA PRO WA 308 72.45 -11.23 53.60
C PRO WA 308 71.41 -10.36 52.90
N LYS WA 309 70.23 -10.95 52.69
CA LYS WA 309 69.14 -10.29 51.97
C LYS WA 309 67.93 -10.06 52.85
N ARG WA 310 67.43 -11.10 53.53
CA ARG WA 310 66.28 -10.97 54.41
C ARG WA 310 66.33 -12.10 55.42
N LEU WA 311 65.61 -11.91 56.53
CA LEU WA 311 65.55 -12.93 57.57
C LEU WA 311 64.13 -13.08 58.09
N ASN WA 312 63.85 -14.26 58.65
CA ASN WA 312 62.55 -14.55 59.28
C ASN WA 312 62.86 -15.15 60.65
N PHE WA 313 62.14 -14.75 61.69
CA PHE WA 313 62.37 -15.16 63.07
C PHE WA 313 61.08 -15.70 63.65
N LYS WA 314 61.22 -16.76 64.44
CA LYS WA 314 60.02 -17.34 65.08
C LYS WA 314 60.29 -17.91 66.46
N LEU WA 315 59.41 -17.63 67.43
CA LEU WA 315 59.42 -18.26 68.74
C LEU WA 315 58.14 -19.07 68.88
N PHE WA 316 58.26 -20.32 69.34
CA PHE WA 316 57.11 -21.21 69.37
C PHE WA 316 57.35 -22.30 70.41
N ASN WA 317 56.31 -23.07 70.67
CA ASN WA 317 56.33 -24.15 71.64
C ASN WA 317 56.83 -23.67 72.99
N ILE WA 318 56.27 -22.55 73.44
CA ILE WA 318 56.71 -21.89 74.66
C ILE WA 318 56.10 -22.59 75.86
N GLN WA 319 56.94 -23.01 76.79
CA GLN WA 319 56.52 -23.66 78.02
C GLN WA 319 57.06 -22.86 79.21
N VAL WA 320 56.17 -22.50 80.12
CA VAL WA 320 56.56 -21.83 81.36
C VAL WA 320 56.53 -22.86 82.48
N LYS WA 321 57.66 -23.04 83.14
CA LYS WA 321 57.81 -24.02 84.21
C LYS WA 321 57.94 -23.30 85.54
N GLU WA 322 57.14 -23.71 86.52
CA GLU WA 322 57.22 -23.18 87.87
C GLU WA 322 58.11 -24.08 88.73
N VAL WA 323 59.08 -23.47 89.40
CA VAL WA 323 60.04 -24.19 90.24
C VAL WA 323 59.74 -23.90 91.69
N THR WA 324 59.62 -24.95 92.49
CA THR WA 324 59.42 -24.83 93.93
C THR WA 324 60.47 -25.65 94.66
N GLN WA 325 60.79 -25.23 95.88
CA GLN WA 325 61.80 -25.91 96.69
C GLN WA 325 61.28 -26.03 98.12
N ASN WA 326 60.90 -27.25 98.50
CA ASN WA 326 60.34 -27.51 99.82
C ASN WA 326 61.14 -28.60 100.50
N ASP WA 327 61.72 -28.28 101.66
CA ASP WA 327 62.50 -29.23 102.46
C ASP WA 327 63.64 -29.84 101.64
N GLY WA 328 64.30 -29.01 100.84
CA GLY WA 328 65.45 -29.46 100.07
C GLY WA 328 65.12 -30.20 98.80
N THR WA 329 63.87 -30.23 98.37
CA THR WA 329 63.46 -30.94 97.17
C THR WA 329 63.08 -29.93 96.09
N THR WA 330 63.64 -30.10 94.89
CA THR WA 330 63.33 -29.24 93.75
C THR WA 330 62.26 -29.91 92.90
N THR WA 331 61.09 -29.29 92.83
CA THR WA 331 59.97 -29.79 92.06
C THR WA 331 59.62 -28.82 90.95
N ILE WA 332 59.51 -29.32 89.72
CA ILE WA 332 59.22 -28.51 88.55
C ILE WA 332 57.88 -28.96 87.98
N ALA WA 333 56.97 -28.01 87.79
CA ALA WA 333 55.65 -28.30 87.25
C ALA WA 333 55.31 -27.27 86.20
N ASN WA 334 54.39 -27.64 85.30
CA ASN WA 334 53.97 -26.73 84.25
C ASN WA 334 53.13 -25.59 84.81
N ASN WA 335 53.24 -24.43 84.18
CA ASN WA 335 52.40 -23.27 84.46
C ASN WA 335 51.76 -22.86 83.13
N LEU WA 336 50.55 -23.36 82.88
CA LEU WA 336 49.91 -23.16 81.59
C LEU WA 336 49.30 -21.77 81.42
N THR WA 337 49.21 -20.98 82.48
CA THR WA 337 48.61 -19.65 82.41
C THR WA 337 49.63 -18.53 82.43
N SER WA 338 50.90 -18.81 82.65
CA SER WA 338 51.92 -17.77 82.65
C SER WA 338 52.29 -17.40 81.22
N THR WA 339 52.81 -16.18 81.06
CA THR WA 339 53.16 -15.63 79.77
C THR WA 339 54.65 -15.27 79.73
N VAL WA 340 55.13 -15.03 78.51
CA VAL WA 340 56.44 -14.45 78.27
C VAL WA 340 56.25 -13.25 77.35
N GLN WA 341 56.92 -12.16 77.66
CA GLN WA 341 56.81 -10.92 76.89
C GLN WA 341 57.93 -10.85 75.86
N VAL WA 342 57.56 -10.67 74.60
CA VAL WA 342 58.51 -10.61 73.50
C VAL WA 342 58.22 -9.37 72.67
N PHE WA 343 59.26 -8.59 72.38
CA PHE WA 343 59.13 -7.49 71.44
C PHE WA 343 60.45 -7.27 70.73
N THR WA 344 60.37 -6.73 69.51
CA THR WA 344 61.54 -6.41 68.72
C THR WA 344 61.73 -4.89 68.70
N ASP WA 345 62.97 -4.46 68.92
CA ASP WA 345 63.29 -3.03 68.92
C ASP WA 345 63.51 -2.57 67.48
N SER WA 346 62.42 -2.50 66.71
CA SER WA 346 62.51 -2.18 65.27
C SER WA 346 62.76 -0.69 65.03
N GLU WA 347 62.51 0.15 66.03
CA GLU WA 347 62.82 1.56 65.89
C GLU WA 347 64.18 1.93 66.44
N TYR WA 348 64.93 0.96 66.96
CA TYR WA 348 66.29 1.18 67.46
C TYR WA 348 66.33 2.27 68.53
N GLN WA 349 65.38 2.22 69.45
CA GLN WA 349 65.32 3.16 70.56
C GLN WA 349 66.08 2.69 71.78
N LEU WA 350 66.59 1.47 71.79
CA LEU WA 350 67.37 0.91 72.88
C LEU WA 350 68.84 0.82 72.49
N PRO WA 351 69.74 0.86 73.46
CA PRO WA 351 71.17 0.68 73.14
C PRO WA 351 71.41 -0.68 72.49
N TYR WA 352 72.07 -0.65 71.33
CA TYR WA 352 72.29 -1.85 70.53
C TYR WA 352 73.52 -2.58 71.07
N VAL WA 353 73.29 -3.65 71.82
CA VAL WA 353 74.38 -4.43 72.41
C VAL WA 353 74.79 -5.60 71.53
N LEU WA 354 74.02 -5.92 70.49
CA LEU WA 354 74.50 -6.87 69.50
C LEU WA 354 75.64 -6.27 68.70
N GLY WA 355 76.50 -7.14 68.19
CA GLY WA 355 77.66 -6.69 67.46
C GLY WA 355 78.87 -6.34 68.32
N SER WA 356 78.84 -6.68 69.60
CA SER WA 356 80.00 -6.52 70.48
C SER WA 356 80.70 -7.84 70.76
N ALA WA 357 80.44 -8.87 69.96
CA ALA WA 357 81.07 -10.19 70.09
C ALA WA 357 80.82 -10.79 71.47
N HIS WA 358 79.55 -10.80 71.88
CA HIS WA 358 79.16 -11.31 73.17
C HIS WA 358 78.73 -12.76 73.09
N GLN WA 359 78.95 -13.49 74.18
CA GLN WA 359 78.52 -14.88 74.28
C GLN WA 359 77.00 -14.95 74.47
N GLY WA 360 76.45 -16.14 74.26
CA GLY WA 360 75.03 -16.35 74.37
C GLY WA 360 74.28 -16.50 73.07
N CYS WA 361 75.00 -16.72 71.96
CA CYS WA 361 74.37 -16.87 70.66
C CYS WA 361 73.71 -18.24 70.54
N LEU WA 362 73.09 -18.47 69.39
CA LEU WA 362 72.58 -19.80 69.07
C LEU WA 362 73.77 -20.75 68.90
N PRO WA 363 73.78 -21.90 69.59
CA PRO WA 363 74.94 -22.77 69.52
C PRO WA 363 75.14 -23.29 68.11
N PRO WA 364 76.39 -23.50 67.69
CA PRO WA 364 76.63 -23.99 66.32
C PRO WA 364 76.02 -25.35 66.05
N PHE WA 365 75.98 -26.24 67.04
CA PHE WA 365 75.40 -27.55 66.85
C PHE WA 365 73.90 -27.50 67.10
N PRO WA 366 73.07 -27.94 66.15
CA PRO WA 366 71.61 -27.79 66.32
C PRO WA 366 71.04 -28.55 67.50
N ALA WA 367 71.74 -29.54 68.04
CA ALA WA 367 71.25 -30.34 69.14
C ALA WA 367 71.52 -29.74 70.51
N ASP WA 368 72.26 -28.63 70.59
CA ASP WA 368 72.61 -28.02 71.86
C ASP WA 368 71.51 -27.08 72.34
N VAL WA 369 71.30 -27.07 73.66
CA VAL WA 369 70.33 -26.19 74.30
C VAL WA 369 71.10 -25.06 74.97
N PHE WA 370 70.66 -23.83 74.77
CA PHE WA 370 71.39 -22.65 75.23
C PHE WA 370 70.51 -21.77 76.11
N MET WA 371 71.17 -21.07 77.03
CA MET WA 371 70.52 -20.09 77.89
C MET WA 371 70.47 -18.74 77.20
N VAL WA 372 69.37 -18.03 77.38
CA VAL WA 372 69.18 -16.70 76.79
C VAL WA 372 69.99 -15.69 77.60
N PRO WA 373 70.89 -14.95 76.97
CA PRO WA 373 71.72 -14.01 77.72
C PRO WA 373 70.92 -12.83 78.27
N GLN WA 374 71.37 -12.30 79.40
CA GLN WA 374 70.71 -11.18 80.04
C GLN WA 374 71.05 -9.88 79.32
N TYR WA 375 70.04 -9.05 79.09
CA TYR WA 375 70.24 -7.78 78.41
C TYR WA 375 70.69 -6.71 79.39
N GLY WA 376 71.67 -5.92 78.98
CA GLY WA 376 72.17 -4.81 79.77
C GLY WA 376 72.88 -3.82 78.87
N TYR WA 377 72.90 -2.57 79.32
CA TYR WA 377 73.48 -1.51 78.50
C TYR WA 377 74.28 -0.57 79.39
N LEU WA 378 75.19 0.17 78.76
CA LEU WA 378 75.97 1.19 79.43
C LEU WA 378 75.62 2.56 78.89
N THR WA 379 75.70 3.56 79.76
CA THR WA 379 75.44 4.94 79.37
C THR WA 379 76.63 5.80 79.79
N LEU WA 380 76.49 7.11 79.67
CA LEU WA 380 77.60 8.05 79.99
C LEU WA 380 77.99 7.91 81.45
N ASN WA 381 79.28 7.99 81.73
CA ASN WA 381 79.77 7.91 83.13
C ASN WA 381 80.91 8.90 83.36
N ASN WA 382 80.94 9.54 84.52
CA ASN WA 382 82.10 10.37 84.90
C ASN WA 382 82.76 9.55 86.01
N GLY WA 383 83.60 8.58 85.65
CA GLY WA 383 84.13 7.67 86.67
C GLY WA 383 83.11 6.58 86.93
N SER WA 384 82.91 6.20 88.19
CA SER WA 384 81.87 5.24 88.52
C SER WA 384 80.48 5.87 88.63
N GLN WA 385 80.40 7.19 88.58
CA GLN WA 385 79.13 7.90 88.70
C GLN WA 385 78.55 8.19 87.32
N ALA WA 386 77.34 8.76 87.33
CA ALA WA 386 76.65 9.14 86.12
C ALA WA 386 76.64 10.65 85.96
N VAL WA 387 76.24 11.10 84.77
CA VAL WA 387 76.08 12.52 84.48
C VAL WA 387 74.63 12.78 84.12
N GLY WA 388 74.29 14.06 83.96
CA GLY WA 388 72.93 14.42 83.64
C GLY WA 388 72.47 13.93 82.29
N ARG WA 389 73.41 13.70 81.37
CA ARG WA 389 73.09 13.23 80.03
C ARG WA 389 72.89 11.72 79.97
N SER WA 390 73.19 10.99 81.05
CA SER WA 390 73.00 9.55 81.05
C SER WA 390 71.52 9.20 80.89
N SER WA 391 71.26 8.18 80.09
CA SER WA 391 69.90 7.78 79.74
C SER WA 391 69.54 6.48 80.44
N PHE WA 392 68.30 6.43 80.92
CA PHE WA 392 67.73 5.23 81.51
C PHE WA 392 66.59 4.74 80.65
N TYR WA 393 66.53 3.44 80.42
CA TYR WA 393 65.52 2.83 79.55
C TYR WA 393 64.79 1.74 80.32
N CYS WA 394 63.46 1.84 80.36
CA CYS WA 394 62.61 0.80 80.88
C CYS WA 394 62.01 0.04 79.70
N LEU WA 395 62.31 -1.25 79.62
CA LEU WA 395 61.87 -2.07 78.50
C LEU WA 395 60.39 -2.44 78.59
N GLU WA 396 59.76 -2.25 79.74
CA GLU WA 396 58.32 -2.41 79.85
C GLU WA 396 57.55 -1.19 79.33
N TYR WA 397 58.27 -0.15 78.92
CA TYR WA 397 57.64 1.08 78.34
C TYR WA 397 57.50 0.88 76.83
N PHE WA 398 57.86 -0.27 76.31
CA PHE WA 398 57.67 -0.68 74.94
C PHE WA 398 56.47 -1.60 74.81
N PRO WA 399 55.73 -1.53 73.71
CA PRO WA 399 54.66 -2.52 73.48
C PRO WA 399 55.27 -3.89 73.19
N SER WA 400 54.85 -4.88 73.96
CA SER WA 400 55.35 -6.24 73.83
C SER WA 400 54.19 -7.20 73.67
N GLN WA 401 54.47 -8.35 73.06
CA GLN WA 401 53.47 -9.38 72.83
C GLN WA 401 53.58 -10.44 73.92
N MET WA 402 52.45 -10.76 74.55
CA MET WA 402 52.41 -11.71 75.65
C MET WA 402 52.01 -13.08 75.08
N LEU WA 403 52.80 -14.09 75.41
CA LEU WA 403 52.63 -15.42 74.82
C LEU WA 403 52.45 -16.44 75.94
N ARG WA 404 51.31 -17.12 75.94
CA ARG WA 404 51.08 -18.28 76.79
C ARG WA 404 51.58 -19.53 76.07
N THR WA 405 51.42 -20.69 76.72
CA THR WA 405 51.73 -21.96 76.03
C THR WA 405 50.69 -22.14 74.94
N GLY WA 406 51.12 -22.20 73.70
CA GLY WA 406 50.24 -22.26 72.55
C GLY WA 406 50.26 -21.04 71.68
N ASN WA 407 50.90 -19.95 72.12
CA ASN WA 407 51.08 -18.76 71.32
C ASN WA 407 52.48 -18.76 70.71
N ASN WA 408 52.61 -18.14 69.55
CA ASN WA 408 53.89 -18.03 68.87
C ASN WA 408 54.14 -16.58 68.47
N PHE WA 409 55.41 -16.26 68.27
CA PHE WA 409 55.84 -14.94 67.85
C PHE WA 409 56.61 -15.07 66.55
N THR WA 410 56.46 -14.07 65.68
CA THR WA 410 57.19 -14.07 64.42
C THR WA 410 57.36 -12.64 63.93
N PHE WA 411 58.42 -12.43 63.15
CA PHE WA 411 58.62 -11.15 62.46
C PHE WA 411 59.60 -11.36 61.33
N SER WA 412 59.50 -10.51 60.32
CA SER WA 412 60.35 -10.56 59.14
C SER WA 412 61.14 -9.27 59.01
N TYR WA 413 62.37 -9.38 58.54
CA TYR WA 413 63.27 -8.25 58.40
C TYR WA 413 63.96 -8.33 57.05
N THR WA 414 64.16 -7.19 56.42
CA THR WA 414 64.87 -7.10 55.16
C THR WA 414 66.17 -6.34 55.36
N PHE WA 415 67.29 -6.95 54.99
CA PHE WA 415 68.58 -6.28 55.08
C PHE WA 415 68.65 -5.15 54.06
N GLU WA 416 69.32 -4.07 54.44
CA GLU WA 416 69.61 -3.01 53.50
C GLU WA 416 70.68 -3.47 52.50
N ASP WA 417 70.82 -2.72 51.42
CA ASP WA 417 71.81 -3.04 50.40
C ASP WA 417 73.22 -2.84 50.97
N VAL WA 418 74.02 -3.89 50.94
CA VAL WA 418 75.39 -3.85 51.45
C VAL WA 418 76.31 -4.48 50.43
N PRO WA 419 77.59 -4.10 50.43
CA PRO WA 419 78.54 -4.72 49.50
C PRO WA 419 78.71 -6.20 49.78
N PHE WA 420 78.97 -6.96 48.73
CA PHE WA 420 79.32 -8.37 48.90
C PHE WA 420 80.62 -8.48 49.68
N HIS WA 421 80.67 -9.43 50.61
CA HIS WA 421 81.92 -9.72 51.29
C HIS WA 421 82.93 -10.28 50.29
N SER WA 422 84.16 -9.77 50.38
CA SER WA 422 85.25 -10.22 49.48
C SER WA 422 85.76 -11.60 49.90
N SER WA 423 85.03 -12.65 49.51
CA SER WA 423 85.44 -14.02 49.84
C SER WA 423 86.44 -14.56 48.82
N TYR WA 424 87.50 -13.79 48.61
CA TYR WA 424 88.54 -14.16 47.66
C TYR WA 424 89.85 -13.55 48.13
N ALA WA 425 90.95 -14.11 47.65
CA ALA WA 425 92.28 -13.56 47.85
C ALA WA 425 92.83 -13.10 46.50
N HIS WA 426 93.44 -11.91 46.49
CA HIS WA 426 93.99 -11.40 45.24
C HIS WA 426 95.19 -12.23 44.81
N SER WA 427 95.20 -12.61 43.54
CA SER WA 427 96.33 -13.33 42.96
C SER WA 427 97.40 -12.39 42.41
N GLN WA 428 97.20 -11.08 42.53
CA GLN WA 428 98.20 -10.08 42.17
C GLN WA 428 98.48 -9.19 43.36
N SER WA 429 99.70 -8.69 43.43
CA SER WA 429 100.09 -7.72 44.45
C SER WA 429 99.95 -6.32 43.88
N LEU WA 430 99.67 -5.36 44.76
CA LEU WA 430 99.47 -3.98 44.33
C LEU WA 430 100.73 -3.36 43.75
N ASP WA 431 101.91 -3.91 44.10
CA ASP WA 431 103.20 -3.35 43.61
C ASP WA 431 103.70 -4.16 42.41
N ARG WA 432 102.90 -5.12 41.93
CA ARG WA 432 103.28 -5.98 40.80
C ARG WA 432 102.16 -6.03 39.77
N LEU WA 433 101.61 -4.88 39.42
CA LEU WA 433 100.49 -4.79 38.50
C LEU WA 433 100.92 -4.42 37.08
N MET WA 434 102.22 -4.39 36.81
CA MET WA 434 102.74 -3.92 35.54
C MET WA 434 103.00 -5.08 34.59
N ASN WA 435 103.42 -4.74 33.37
CA ASN WA 435 103.88 -5.71 32.39
C ASN WA 435 105.38 -5.85 32.53
N PRO WA 436 105.91 -7.00 32.96
CA PRO WA 436 107.36 -7.12 33.20
C PRO WA 436 108.19 -7.10 31.92
N LEU WA 437 107.57 -7.22 30.75
CA LEU WA 437 108.30 -7.30 29.50
C LEU WA 437 108.58 -5.93 28.87
N ILE WA 438 107.78 -4.91 29.19
CA ILE WA 438 107.85 -3.62 28.54
C ILE WA 438 108.31 -2.59 29.57
N ASP WA 439 109.27 -1.75 29.18
CA ASP WA 439 109.69 -0.65 30.04
C ASP WA 439 108.63 0.45 30.07
N GLN WA 440 108.68 1.25 31.12
CA GLN WA 440 107.83 2.42 31.21
C GLN WA 440 108.44 3.57 30.43
N TYR WA 441 107.57 4.44 29.90
CA TYR WA 441 108.05 5.65 29.25
C TYR WA 441 108.36 6.77 30.24
N LEU WA 442 107.93 6.64 31.48
CA LEU WA 442 108.23 7.64 32.50
C LEU WA 442 109.61 7.41 33.08
N TYR WA 443 110.23 8.50 33.53
CA TYR WA 443 111.56 8.48 34.11
C TYR WA 443 111.49 8.70 35.61
N TYR WA 444 112.47 8.14 36.32
CA TYR WA 444 112.62 8.35 37.75
C TYR WA 444 114.07 8.69 38.04
N LEU WA 445 114.29 9.47 39.09
CA LEU WA 445 115.64 9.81 39.52
C LEU WA 445 116.34 8.55 40.02
N SER WA 446 117.31 8.06 39.25
CA SER WA 446 118.00 6.83 39.59
C SER WA 446 119.36 7.06 40.24
N ARG WA 447 120.01 8.15 39.87
CA ARG WA 447 121.32 8.47 40.49
C ARG WA 447 121.36 9.92 40.92
N THR WA 448 122.12 10.20 41.97
CA THR WA 448 122.26 11.55 42.49
C THR WA 448 123.69 12.08 42.43
N ASN WA 449 124.66 11.26 42.01
CA ASN WA 449 126.04 11.70 41.86
C ASN WA 449 126.74 10.80 40.85
N THR WA 450 127.89 11.26 40.38
CA THR WA 450 128.72 10.52 39.46
C THR WA 450 130.18 10.57 39.90
N PRO WA 451 131.01 9.57 39.58
CA PRO WA 451 132.44 9.64 39.91
C PRO WA 451 133.05 10.86 39.23
N SER WA 452 133.69 11.73 40.01
CA SER WA 452 134.39 12.91 39.43
C SER WA 452 135.82 12.91 39.95
N GLY WA 453 136.81 12.82 39.05
CA GLY WA 453 138.21 12.70 39.51
C GLY WA 453 138.39 11.49 40.40
N THR WA 454 138.91 11.69 41.61
CA THR WA 454 139.07 10.56 42.57
C THR WA 454 138.05 10.77 43.70
N THR WA 455 137.20 11.79 43.57
CA THR WA 455 136.12 12.03 44.57
C THR WA 455 134.77 11.80 43.90
N THR WA 456 133.71 12.44 44.40
CA THR WA 456 132.38 12.34 43.76
C THR WA 456 131.84 13.73 43.47
N GLN WA 457 130.96 13.84 42.47
CA GLN WA 457 130.36 15.12 42.14
C GLN WA 457 128.85 14.96 41.98
N SER WA 458 128.09 15.91 42.49
CA SER WA 458 126.64 15.84 42.42
C SER WA 458 126.17 15.95 40.98
N ARG WA 459 125.32 15.01 40.57
CA ARG WA 459 124.81 14.98 39.20
C ARG WA 459 123.55 14.13 39.17
N LEU WA 460 122.45 14.72 38.75
CA LEU WA 460 121.18 14.00 38.69
C LEU WA 460 121.07 13.22 37.39
N GLN WA 461 120.64 11.97 37.49
CA GLN WA 461 120.40 11.12 36.33
C GLN WA 461 119.05 10.42 36.49
N PHE WA 462 118.44 10.09 35.35
CA PHE WA 462 117.11 9.51 35.32
C PHE WA 462 117.10 8.28 34.43
N SER WA 463 116.27 7.31 34.80
CA SER WA 463 116.17 6.06 34.07
C SER WA 463 114.69 5.70 33.90
N GLN WA 464 114.43 4.88 32.89
CA GLN WA 464 113.11 4.31 32.69
C GLN WA 464 113.05 2.96 33.41
N ALA WA 465 111.99 2.74 34.18
CA ALA WA 465 111.89 1.56 35.01
C ALA WA 465 111.38 0.37 34.21
N GLY WA 466 112.00 -0.78 34.42
CA GLY WA 466 111.60 -2.04 33.81
C GLY WA 466 111.49 -3.12 34.86
N ALA WA 467 111.86 -4.35 34.46
CA ALA WA 467 111.77 -5.48 35.37
C ALA WA 467 112.92 -5.52 36.37
N SER WA 468 114.12 -5.11 35.94
CA SER WA 468 115.28 -5.19 36.81
C SER WA 468 115.20 -4.22 37.98
N ASP WA 469 114.61 -3.05 37.77
CA ASP WA 469 114.41 -2.05 38.81
C ASP WA 469 112.92 -1.86 39.03
N ILE WA 470 112.20 -2.98 39.14
CA ILE WA 470 110.74 -2.98 39.22
C ILE WA 470 110.22 -2.20 40.42
N ARG WA 471 111.04 -2.01 41.46
CA ARG WA 471 110.59 -1.30 42.64
C ARG WA 471 110.43 0.20 42.38
N ASP WA 472 111.04 0.73 41.32
CA ASP WA 472 111.03 2.16 41.04
C ASP WA 472 109.96 2.56 40.03
N GLN WA 473 109.12 1.62 39.62
CA GLN WA 473 108.13 1.91 38.59
C GLN WA 473 107.07 2.88 39.11
N SER WA 474 106.65 3.80 38.24
CA SER WA 474 105.57 4.71 38.59
C SER WA 474 104.25 3.94 38.69
N ARG WA 475 103.48 4.24 39.72
CA ARG WA 475 102.27 3.49 40.03
C ARG WA 475 101.11 4.46 40.28
N ASN WA 476 99.90 3.93 40.14
CA ASN WA 476 98.69 4.74 40.25
C ASN WA 476 98.01 4.62 41.62
N TRP WA 477 98.38 3.65 42.43
CA TRP WA 477 97.66 3.33 43.66
C TRP WA 477 98.63 3.15 44.81
N LEU WA 478 98.07 3.15 46.02
CA LEU WA 478 98.81 3.04 47.26
C LEU WA 478 98.17 1.99 48.16
N PRO WA 479 98.95 1.36 49.03
CA PRO WA 479 98.37 0.41 49.99
C PRO WA 479 97.50 1.11 51.01
N GLY WA 480 96.55 0.36 51.56
CA GLY WA 480 95.57 0.91 52.47
C GLY WA 480 96.15 1.47 53.76
N PRO WA 481 95.29 2.06 54.59
CA PRO WA 481 95.78 2.73 55.80
C PRO WA 481 96.29 1.74 56.83
N CYS WA 482 97.10 2.29 57.74
CA CYS WA 482 97.83 1.47 58.73
C CYS WA 482 97.73 2.07 60.13
N TYR WA 483 97.73 1.22 61.15
CA TYR WA 483 97.81 1.65 62.55
C TYR WA 483 98.65 0.60 63.27
N ARG WA 484 99.95 0.86 63.39
CA ARG WA 484 100.92 -0.20 63.66
C ARG WA 484 100.63 -0.92 64.97
N GLN WA 485 100.79 -2.25 64.93
CA GLN WA 485 100.62 -3.13 66.07
C GLN WA 485 101.97 -3.72 66.47
N GLN WA 486 102.11 -4.06 67.74
CA GLN WA 486 103.30 -4.77 68.20
C GLN WA 486 103.28 -6.21 67.71
N ARG WA 487 104.46 -6.73 67.39
CA ARG WA 487 104.60 -8.07 66.87
C ARG WA 487 104.92 -9.04 68.01
N VAL WA 488 104.11 -10.11 68.05
CA VAL WA 488 104.29 -11.19 69.05
C VAL WA 488 104.47 -12.48 68.27
N SER WA 489 105.18 -13.47 68.83
CA SER WA 489 105.45 -14.73 68.18
C SER WA 489 104.73 -15.87 68.90
N LYS WA 490 104.26 -16.84 68.12
CA LYS WA 490 103.57 -18.02 68.71
C LYS WA 490 104.62 -18.87 69.45
N THR WA 491 105.89 -18.81 69.03
CA THR WA 491 106.98 -19.49 69.78
C THR WA 491 107.27 -18.61 71.00
N SER WA 492 107.01 -19.11 72.21
CA SER WA 492 107.14 -18.26 73.43
C SER WA 492 108.55 -17.70 73.62
N ALA WA 493 109.59 -18.51 73.45
CA ALA WA 493 110.94 -18.05 73.74
C ALA WA 493 111.30 -16.82 72.90
N ASP WA 494 110.66 -16.65 71.74
CA ASP WA 494 110.98 -15.53 70.85
C ASP WA 494 110.47 -14.20 71.38
N ASN WA 495 109.61 -14.19 72.38
CA ASN WA 495 109.03 -12.96 72.89
C ASN WA 495 109.88 -12.37 74.01
N ASN WA 496 109.72 -11.07 74.22
CA ASN WA 496 110.45 -10.39 75.28
C ASN WA 496 109.96 -10.85 76.65
N ASN WA 497 110.91 -11.03 77.58
CA ASN WA 497 110.59 -11.51 78.92
C ASN WA 497 110.18 -10.33 79.80
N SER WA 498 108.98 -9.84 79.52
CA SER WA 498 108.41 -8.71 80.26
C SER WA 498 106.90 -8.72 80.08
N GLU WA 499 106.23 -7.89 80.89
CA GLU WA 499 104.76 -7.73 80.77
C GLU WA 499 104.50 -6.51 79.89
N TYR WA 500 104.15 -6.74 78.63
CA TYR WA 500 103.94 -5.67 77.66
C TYR WA 500 102.57 -5.77 76.98
N SER WA 501 101.61 -6.45 77.61
CA SER WA 501 100.29 -6.57 76.99
C SER WA 501 99.54 -5.25 76.96
N TRP WA 502 99.94 -4.28 77.77
CA TRP WA 502 99.31 -2.96 77.77
C TRP WA 502 100.29 -1.84 77.47
N THR WA 503 101.52 -1.91 77.98
CA THR WA 503 102.50 -0.87 77.70
C THR WA 503 102.84 -0.82 76.21
N GLY WA 504 103.02 -1.98 75.59
CA GLY WA 504 103.28 -2.08 74.17
C GLY WA 504 102.04 -2.21 73.31
N ALA WA 505 100.85 -2.09 73.91
CA ALA WA 505 99.61 -2.27 73.17
C ALA WA 505 99.29 -1.04 72.34
N THR WA 506 98.53 -1.27 71.26
CA THR WA 506 98.05 -0.20 70.40
C THR WA 506 96.70 0.29 70.94
N LYS WA 507 96.62 1.59 71.22
CA LYS WA 507 95.49 2.15 71.93
C LYS WA 507 94.98 3.41 71.23
N TYR WA 508 93.71 3.72 71.48
CA TYR WA 508 93.15 5.01 71.12
C TYR WA 508 92.64 5.71 72.37
N HIS WA 509 92.78 7.03 72.40
CA HIS WA 509 92.48 7.85 73.56
C HIS WA 509 91.15 8.55 73.33
N LEU WA 510 90.21 8.37 74.26
CA LEU WA 510 88.88 8.95 74.14
C LEU WA 510 88.40 9.40 75.51
N ASN WA 511 88.21 10.72 75.68
CA ASN WA 511 87.71 11.29 76.92
C ASN WA 511 88.58 10.93 78.12
N GLY WA 512 89.90 10.91 77.91
CA GLY WA 512 90.82 10.62 78.97
C GLY WA 512 90.99 9.14 79.30
N ARG WA 513 90.32 8.26 78.56
CA ARG WA 513 90.51 6.81 78.81
C ARG WA 513 91.11 6.10 77.59
N ASP WA 514 92.08 5.23 77.82
CA ASP WA 514 92.71 4.43 76.80
C ASP WA 514 91.93 3.15 76.58
N SER WA 515 91.57 2.88 75.33
CA SER WA 515 90.91 1.64 74.95
C SER WA 515 91.81 0.86 74.02
N LEU WA 516 91.84 -0.45 74.19
CA LEU WA 516 92.63 -1.30 73.32
C LEU WA 516 92.07 -1.28 71.90
N VAL WA 517 92.96 -1.16 70.91
CA VAL WA 517 92.59 -1.24 69.51
C VAL WA 517 92.62 -2.71 69.14
N ASN WA 518 91.45 -3.32 69.03
CA ASN WA 518 91.32 -4.76 68.83
C ASN WA 518 90.05 -5.07 68.06
N PRO WA 519 90.16 -5.60 66.83
CA PRO WA 519 91.39 -5.90 66.09
C PRO WA 519 91.91 -4.70 65.29
N GLY WA 520 91.16 -3.61 65.23
CA GLY WA 520 91.60 -2.42 64.55
C GLY WA 520 91.43 -2.48 63.05
N PRO WA 521 92.09 -1.56 62.34
CA PRO WA 521 92.01 -1.56 60.88
C PRO WA 521 92.54 -2.85 60.28
N ALA WA 522 91.95 -3.25 59.16
CA ALA WA 522 92.30 -4.51 58.51
C ALA WA 522 93.71 -4.42 57.95
N MET WA 523 94.61 -5.26 58.48
CA MET WA 523 95.99 -5.28 58.06
C MET WA 523 96.48 -6.73 58.02
N ALA WA 524 97.48 -6.98 57.20
CA ALA WA 524 98.04 -8.33 57.09
C ALA WA 524 98.70 -8.74 58.39
N SER WA 525 98.46 -9.99 58.80
CA SER WA 525 99.05 -10.49 60.04
C SER WA 525 100.56 -10.56 59.96
N HIS WA 526 101.10 -10.97 58.81
CA HIS WA 526 102.54 -11.15 58.67
C HIS WA 526 102.89 -11.10 57.19
N LYS WA 527 104.18 -10.95 56.92
CA LYS WA 527 104.70 -10.96 55.56
C LYS WA 527 105.05 -12.39 55.16
N ASP WA 528 105.75 -12.55 54.03
CA ASP WA 528 106.10 -13.88 53.55
C ASP WA 528 106.98 -14.62 54.55
N ASP WA 529 106.68 -15.89 54.75
CA ASP WA 529 107.51 -16.80 55.55
C ASP WA 529 107.67 -16.31 56.98
N GLU WA 530 106.61 -15.73 57.54
CA GLU WA 530 106.61 -15.28 58.93
C GLU WA 530 105.29 -15.63 59.60
N GLU WA 531 104.80 -16.85 59.34
CA GLU WA 531 103.49 -17.26 59.84
C GLU WA 531 103.44 -17.35 61.35
N LYS WA 532 104.60 -17.45 62.02
CA LYS WA 532 104.60 -17.51 63.48
C LYS WA 532 104.33 -16.16 64.13
N PHE WA 533 104.38 -15.07 63.38
CA PHE WA 533 104.19 -13.74 63.92
C PHE WA 533 102.76 -13.26 63.67
N PHE WA 534 102.16 -12.66 64.69
CA PHE WA 534 100.84 -12.07 64.58
C PHE WA 534 100.82 -10.77 65.36
N PRO WA 535 99.96 -9.82 64.96
CA PRO WA 535 99.85 -8.57 65.73
C PRO WA 535 99.29 -8.84 67.12
N GLN WA 536 99.73 -8.00 68.07
CA GLN WA 536 99.40 -8.22 69.47
C GLN WA 536 97.89 -8.17 69.71
N SER WA 537 97.21 -7.21 69.11
CA SER WA 537 95.75 -7.11 69.20
C SER WA 537 95.16 -6.80 67.83
N GLY WA 538 95.74 -7.37 66.78
CA GLY WA 538 95.30 -7.10 65.42
C GLY WA 538 94.58 -8.21 64.72
N VAL WA 539 94.33 -9.34 65.39
CA VAL WA 539 93.61 -10.46 64.79
C VAL WA 539 92.55 -10.95 65.76
N LEU WA 540 91.52 -11.57 65.21
CA LEU WA 540 90.53 -12.24 66.05
C LEU WA 540 91.12 -13.51 66.64
N ILE WA 541 90.85 -13.74 67.92
CA ILE WA 541 91.32 -14.93 68.62
C ILE WA 541 90.09 -15.65 69.16
N PHE WA 542 89.87 -16.86 68.66
CA PHE WA 542 88.74 -17.69 69.09
C PHE WA 542 89.24 -18.74 70.08
N GLY WA 543 88.38 -19.06 71.04
CA GLY WA 543 88.70 -20.07 72.03
C GLY WA 543 88.34 -21.47 71.54
N LYS WA 544 89.20 -22.43 71.84
CA LYS WA 544 88.88 -23.81 71.58
C LYS WA 544 87.81 -24.29 72.55
N GLN WA 545 87.25 -25.46 72.27
CA GLN WA 545 86.21 -26.02 73.13
C GLN WA 545 86.76 -26.28 74.52
N GLY WA 546 86.03 -25.84 75.54
CA GLY WA 546 86.43 -26.02 76.92
C GLY WA 546 87.42 -25.00 77.44
N SER WA 547 87.70 -23.96 76.66
CA SER WA 547 88.70 -22.95 77.06
C SER WA 547 88.14 -22.06 78.17
N GLU WA 548 88.96 -21.73 79.17
CA GLU WA 548 88.53 -20.89 80.27
C GLU WA 548 88.45 -19.43 79.83
N LYS WA 549 88.26 -18.54 80.81
CA LYS WA 549 88.07 -17.13 80.51
C LYS WA 549 89.33 -16.30 80.68
N THR WA 550 90.14 -16.59 81.70
CA THR WA 550 91.25 -15.75 82.08
C THR WA 550 92.57 -16.48 81.92
N ASN WA 551 93.48 -15.86 81.16
CA ASN WA 551 94.89 -16.28 81.08
C ASN WA 551 95.03 -17.74 80.63
N VAL WA 552 94.36 -18.07 79.54
CA VAL WA 552 94.53 -19.38 78.93
C VAL WA 552 95.78 -19.37 78.06
N ASP WA 553 96.40 -20.53 77.88
CA ASP WA 553 97.62 -20.62 77.12
C ASP WA 553 97.34 -20.46 75.63
N ILE WA 554 98.41 -20.33 74.85
CA ILE WA 554 98.26 -20.15 73.41
C ILE WA 554 97.69 -21.41 72.75
N GLU WA 555 98.01 -22.58 73.28
CA GLU WA 555 97.46 -23.82 72.74
C GLU WA 555 95.97 -23.97 73.00
N LYS WA 556 95.40 -23.15 73.87
CA LYS WA 556 93.97 -23.18 74.15
C LYS WA 556 93.17 -22.27 73.23
N VAL WA 557 93.82 -21.47 72.40
CA VAL WA 557 93.14 -20.52 71.53
C VAL WA 557 93.59 -20.76 70.10
N MET WA 558 92.75 -20.31 69.16
CA MET WA 558 93.03 -20.39 67.73
C MET WA 558 93.12 -18.97 67.19
N ILE WA 559 94.30 -18.60 66.72
CA ILE WA 559 94.58 -17.25 66.25
C ILE WA 559 94.35 -17.21 64.74
N THR WA 560 93.54 -16.26 64.29
CA THR WA 560 93.23 -16.15 62.87
C THR WA 560 94.38 -15.50 62.11
N ASP WA 561 94.34 -15.67 60.80
CA ASP WA 561 95.40 -15.10 59.93
C ASP WA 561 94.76 -14.28 58.83
N GLU WA 562 95.27 -13.08 58.61
CA GLU WA 562 94.81 -12.18 57.57
C GLU WA 562 95.89 -11.97 56.52
N GLU WA 563 96.55 -13.05 56.12
CA GLU WA 563 97.63 -12.96 55.15
C GLU WA 563 97.13 -12.83 53.71
N GLU WA 564 95.87 -13.16 53.45
CA GLU WA 564 95.35 -13.06 52.08
C GLU WA 564 95.22 -11.63 51.60
N ILE WA 565 95.28 -10.65 52.51
CA ILE WA 565 95.10 -9.25 52.14
C ILE WA 565 96.42 -8.49 52.12
N ARG WA 566 97.55 -9.20 52.25
CA ARG WA 566 98.84 -8.54 52.18
C ARG WA 566 99.19 -8.05 50.79
N THR WA 567 98.40 -8.42 49.79
CA THR WA 567 98.60 -7.91 48.44
C THR WA 567 98.30 -6.42 48.35
N THR WA 568 97.31 -5.94 49.10
CA THR WA 568 96.93 -4.53 49.08
C THR WA 568 97.04 -3.83 50.44
N ASN WA 569 97.11 -4.57 51.54
CA ASN WA 569 97.13 -3.97 52.86
C ASN WA 569 98.50 -4.10 53.49
N PRO WA 570 98.96 -3.07 54.19
CA PRO WA 570 100.27 -3.16 54.84
C PRO WA 570 100.26 -4.19 55.96
N VAL WA 571 101.44 -4.75 56.23
CA VAL WA 571 101.60 -5.67 57.34
C VAL WA 571 101.37 -4.91 58.64
N ALA WA 572 100.63 -5.55 59.56
CA ALA WA 572 100.19 -4.87 60.78
C ALA WA 572 101.36 -4.44 61.65
N THR WA 573 102.40 -5.25 61.71
CA THR WA 573 103.51 -5.03 62.62
C THR WA 573 104.63 -4.19 62.02
N GLU WA 574 104.49 -3.73 60.78
CA GLU WA 574 105.53 -2.98 60.11
C GLU WA 574 105.01 -1.58 59.76
N GLN WA 575 105.93 -0.72 59.39
CA GLN WA 575 105.57 0.65 59.02
C GLN WA 575 104.87 0.67 57.66
N TYR WA 576 104.06 1.70 57.45
CA TYR WA 576 103.45 1.90 56.15
C TYR WA 576 104.51 2.20 55.09
N GLY WA 577 105.48 3.03 55.43
CA GLY WA 577 106.50 3.43 54.48
C GLY WA 577 107.42 4.47 55.08
N SER WA 578 108.03 5.26 54.21
CA SER WA 578 108.95 6.30 54.62
C SER WA 578 108.62 7.61 53.92
N VAL WA 579 108.83 8.72 54.63
CA VAL WA 579 108.65 10.06 54.09
C VAL WA 579 109.88 10.88 54.40
N SER WA 580 110.09 11.93 53.60
CA SER WA 580 111.19 12.84 53.85
C SER WA 580 110.87 13.75 55.04
N THR WA 581 111.90 14.10 55.80
CA THR WA 581 111.74 14.94 56.98
C THR WA 581 112.53 16.23 56.93
N ASN WA 582 113.37 16.45 55.92
CA ASN WA 582 114.17 17.66 55.83
C ASN WA 582 114.33 18.01 54.35
N LEU WA 583 115.21 18.98 54.08
CA LEU WA 583 115.53 19.42 52.73
C LEU WA 583 117.02 19.23 52.49
N GLN WA 584 117.38 18.26 51.66
CA GLN WA 584 118.77 18.04 51.33
C GLN WA 584 119.33 19.21 50.54
N ARG WA 585 120.61 19.47 50.77
CA ARG WA 585 121.26 20.64 50.13
C ARG WA 585 122.78 20.42 50.12
N GLY WA 586 123.45 20.82 49.04
CA GLY WA 586 124.89 20.76 48.98
C GLY WA 586 125.55 22.02 49.49
N ASN WA 587 126.89 22.04 49.38
CA ASN WA 587 127.66 23.18 49.93
C ASN WA 587 127.54 24.41 49.03
N THR WA 594 126.03 24.81 55.21
CA THR WA 594 126.80 23.54 55.08
C THR WA 594 125.94 22.53 54.31
N SER WA 595 126.43 21.31 54.08
CA SER WA 595 125.55 20.39 53.39
C SER WA 595 124.66 19.64 54.38
N ARG WA 596 123.47 19.26 53.91
CA ARG WA 596 122.52 18.47 54.69
C ARG WA 596 122.10 17.27 53.86
N GLN WA 597 122.27 16.08 54.43
CA GLN WA 597 121.89 14.86 53.73
C GLN WA 597 120.41 14.57 53.92
N ALA WA 598 119.80 13.94 52.92
CA ALA WA 598 118.38 13.62 52.96
C ALA WA 598 118.09 12.65 54.10
N ALA WA 599 117.01 12.92 54.83
CA ALA WA 599 116.60 12.13 55.97
C ALA WA 599 115.18 11.62 55.77
N THR WA 600 114.91 10.43 56.29
CA THR WA 600 113.61 9.80 56.18
C THR WA 600 113.16 9.29 57.54
N ALA WA 601 111.85 9.15 57.70
CA ALA WA 601 111.27 8.62 58.93
C ALA WA 601 110.22 7.57 58.58
N ASP WA 602 110.07 6.60 59.49
CA ASP WA 602 109.04 5.59 59.34
C ASP WA 602 107.66 6.18 59.60
N VAL WA 603 106.68 5.71 58.86
CA VAL WA 603 105.29 6.15 59.02
C VAL WA 603 104.57 5.01 59.72
N ASN WA 604 104.53 5.07 61.05
CA ASN WA 604 103.88 4.03 61.84
C ASN WA 604 102.36 4.15 61.83
N THR WA 605 101.82 5.32 61.51
CA THR WA 605 100.38 5.50 61.37
C THR WA 605 100.12 6.32 60.11
N GLN WA 606 99.23 5.80 59.26
CA GLN WA 606 98.93 6.44 57.98
C GLN WA 606 97.42 6.53 57.82
N GLY WA 607 96.91 7.74 57.66
CA GLY WA 607 95.52 7.94 57.35
C GLY WA 607 95.23 7.67 55.88
N VAL WA 608 93.95 7.77 55.54
CA VAL WA 608 93.53 7.50 54.17
C VAL WA 608 94.00 8.60 53.25
N LEU WA 609 94.64 8.23 52.14
CA LEU WA 609 95.10 9.12 51.10
C LEU WA 609 94.32 8.89 49.81
N PRO WA 610 94.19 9.89 48.96
CA PRO WA 610 93.57 9.65 47.65
C PRO WA 610 94.38 8.63 46.84
N GLY WA 611 93.66 7.75 46.15
CA GLY WA 611 94.27 6.67 45.43
C GLY WA 611 94.57 5.43 46.25
N MET WA 612 94.15 5.39 47.50
CA MET WA 612 94.44 4.23 48.39
C MET WA 612 93.39 3.13 48.17
N VAL WA 613 93.82 1.87 48.10
CA VAL WA 613 92.98 0.70 47.94
C VAL WA 613 93.33 -0.30 49.05
N TRP WA 614 92.31 -0.98 49.56
CA TRP WA 614 92.50 -1.91 50.67
C TRP WA 614 91.40 -2.95 50.64
N GLN WA 615 91.61 -4.02 51.41
CA GLN WA 615 90.64 -5.08 51.61
C GLN WA 615 90.18 -5.06 53.07
N ASP WA 616 88.91 -5.37 53.29
CA ASP WA 616 88.37 -5.41 54.64
C ASP WA 616 88.78 -6.71 55.34
N ARG WA 617 88.50 -6.76 56.64
CA ARG WA 617 88.83 -7.94 57.41
C ARG WA 617 87.96 -9.11 56.99
N ASP WA 618 88.53 -10.31 57.00
CA ASP WA 618 87.80 -11.51 56.62
C ASP WA 618 86.76 -11.87 57.68
N VAL WA 619 85.72 -12.56 57.24
CA VAL WA 619 84.71 -13.11 58.13
C VAL WA 619 84.99 -14.60 58.31
N TYR WA 620 84.56 -15.13 59.44
CA TYR WA 620 84.85 -16.52 59.82
C TYR WA 620 83.55 -17.21 60.21
N LEU WA 621 83.60 -18.54 60.22
CA LEU WA 621 82.42 -19.31 60.61
C LEU WA 621 82.02 -19.01 62.04
N GLN WA 622 83.00 -18.87 62.93
CA GLN WA 622 82.74 -18.49 64.32
C GLN WA 622 82.65 -16.98 64.50
N GLY WA 623 82.88 -16.19 63.45
CA GLY WA 623 82.92 -14.75 63.58
C GLY WA 623 81.56 -14.10 63.50
N PRO WA 624 81.51 -12.81 63.81
CA PRO WA 624 80.25 -12.07 63.71
C PRO WA 624 79.85 -11.81 62.26
N ILE WA 625 78.55 -11.61 62.08
CA ILE WA 625 77.97 -11.37 60.76
C ILE WA 625 77.85 -9.88 60.47
N TRP WA 626 77.29 -9.12 61.41
CA TRP WA 626 76.98 -7.71 61.17
C TRP WA 626 77.28 -6.89 62.41
N ALA WA 627 77.12 -5.58 62.26
CA ALA WA 627 77.18 -4.65 63.37
C ALA WA 627 76.40 -3.41 62.99
N LYS WA 628 75.92 -2.68 64.01
CA LYS WA 628 75.18 -1.46 63.77
C LYS WA 628 76.13 -0.29 63.60
N ILE WA 629 76.00 0.42 62.48
CA ILE WA 629 76.80 1.62 62.27
C ILE WA 629 76.34 2.69 63.25
N PRO WA 630 77.24 3.29 64.03
CA PRO WA 630 76.82 4.31 65.01
C PRO WA 630 76.15 5.48 64.32
N HIS WA 631 75.13 6.03 64.98
CA HIS WA 631 74.39 7.17 64.46
C HIS WA 631 75.23 8.42 64.70
N THR WA 632 76.06 8.75 63.72
CA THR WA 632 76.98 9.87 63.81
C THR WA 632 76.88 10.70 62.55
N ASP WA 633 77.37 11.93 62.62
CA ASP WA 633 77.30 12.86 61.46
C ASP WA 633 78.19 12.32 60.35
N GLY WA 634 79.36 11.81 60.70
CA GLY WA 634 80.29 11.33 59.70
C GLY WA 634 80.90 9.99 60.09
N HIS WA 635 81.22 9.22 59.06
CA HIS WA 635 81.94 7.96 59.21
C HIS WA 635 82.54 7.61 57.85
N PHE WA 636 83.69 6.95 57.88
CA PHE WA 636 84.39 6.56 56.67
C PHE WA 636 84.45 5.05 56.59
N HIS WA 637 83.97 4.49 55.48
CA HIS WA 637 83.97 3.06 55.23
C HIS WA 637 83.42 2.30 56.43
N PRO WA 638 82.11 2.34 56.68
CA PRO WA 638 81.53 1.75 57.89
C PRO WA 638 81.41 0.23 57.85
N SER WA 639 82.48 -0.44 57.45
CA SER WA 639 82.60 -1.87 57.65
C SER WA 639 83.10 -2.15 59.06
N PRO WA 640 82.45 -3.04 59.81
CA PRO WA 640 82.88 -3.30 61.19
C PRO WA 640 84.33 -3.80 61.22
N LEU WA 641 85.08 -3.31 62.20
CA LEU WA 641 86.49 -3.68 62.28
C LEU WA 641 86.68 -5.13 62.70
N MET WA 642 85.74 -5.69 63.45
CA MET WA 642 85.80 -7.10 63.81
C MET WA 642 85.43 -8.02 62.66
N GLY WA 643 84.93 -7.48 61.56
CA GLY WA 643 84.56 -8.26 60.40
C GLY WA 643 83.06 -8.36 60.25
N GLY WA 644 82.60 -8.26 59.00
CA GLY WA 644 81.18 -8.39 58.73
C GLY WA 644 80.59 -7.29 57.89
N PHE WA 645 79.27 -7.09 58.01
CA PHE WA 645 78.54 -6.12 57.21
C PHE WA 645 78.06 -4.98 58.10
N GLY WA 646 78.41 -3.76 57.72
CA GLY WA 646 77.93 -2.59 58.43
C GLY WA 646 76.53 -2.21 58.02
N LEU WA 647 75.62 -2.14 58.98
CA LEU WA 647 74.20 -1.91 58.71
C LEU WA 647 73.74 -0.69 59.49
N LYS WA 648 73.17 0.29 58.77
CA LYS WA 648 72.56 1.43 59.46
C LYS WA 648 71.32 1.01 60.22
N HIS WA 649 70.57 0.04 59.69
CA HIS WA 649 69.41 -0.54 60.35
C HIS WA 649 69.63 -2.05 60.41
N PRO WA 650 70.39 -2.53 61.39
CA PRO WA 650 70.67 -3.96 61.49
C PRO WA 650 69.44 -4.73 61.95
N PRO WA 651 69.50 -6.06 61.96
CA PRO WA 651 68.40 -6.84 62.52
C PRO WA 651 68.08 -6.39 63.93
N PRO WA 652 66.82 -6.10 64.23
CA PRO WA 652 66.49 -5.52 65.53
C PRO WA 652 66.73 -6.49 66.67
N GLN WA 653 67.02 -5.93 67.83
CA GLN WA 653 67.15 -6.74 69.05
C GLN WA 653 65.80 -7.33 69.41
N ILE WA 654 65.80 -8.61 69.77
CA ILE WA 654 64.61 -9.32 70.17
C ILE WA 654 64.70 -9.57 71.66
N LEU WA 655 63.85 -8.89 72.44
CA LEU WA 655 63.88 -8.95 73.89
C LEU WA 655 62.78 -9.86 74.40
N ILE WA 656 63.13 -10.75 75.32
CA ILE WA 656 62.19 -11.71 75.87
C ILE WA 656 62.40 -11.78 77.38
N LYS WA 657 61.31 -11.87 78.13
CA LYS WA 657 61.40 -12.03 79.57
C LYS WA 657 60.14 -12.73 80.07
N ASN WA 658 60.26 -13.35 81.24
CA ASN WA 658 59.13 -14.00 81.87
C ASN WA 658 58.30 -12.97 82.62
N THR WA 659 56.99 -13.02 82.46
CA THR WA 659 56.12 -12.12 83.18
C THR WA 659 56.14 -12.48 84.66
N PRO WA 660 56.41 -11.52 85.55
CA PRO WA 660 56.44 -11.83 86.98
C PRO WA 660 55.06 -12.24 87.48
N VAL WA 661 55.02 -13.36 88.20
CA VAL WA 661 53.80 -13.87 88.80
C VAL WA 661 53.92 -13.68 90.31
N PRO WA 662 53.16 -12.77 90.91
CA PRO WA 662 53.27 -12.55 92.35
C PRO WA 662 52.90 -13.78 93.15
N ALA WA 663 53.58 -13.96 94.27
CA ALA WA 663 53.28 -15.04 95.20
C ALA WA 663 52.07 -14.63 96.04
N ASN WA 664 51.81 -15.38 97.12
CA ASN WA 664 50.62 -15.14 97.93
C ASN WA 664 50.65 -13.75 98.56
N PRO WA 665 49.70 -12.88 98.27
CA PRO WA 665 49.70 -11.55 98.88
C PRO WA 665 49.08 -11.56 100.27
N SER WA 666 49.33 -10.45 100.98
CA SER WA 666 48.75 -10.27 102.33
C SER WA 666 47.28 -9.89 102.20
N THR WA 667 46.44 -10.37 103.11
CA THR WA 667 45.03 -10.03 103.11
C THR WA 667 44.77 -8.58 103.45
N THR WA 668 45.76 -7.88 104.00
CA THR WA 668 45.66 -6.45 104.27
C THR WA 668 46.43 -5.69 103.20
N PHE WA 669 45.86 -4.57 102.76
CA PHE WA 669 46.49 -3.80 101.70
C PHE WA 669 47.83 -3.24 102.15
N SER WA 670 48.82 -3.33 101.27
CA SER WA 670 50.14 -2.75 101.48
C SER WA 670 50.56 -2.00 100.23
N ALA WA 671 50.97 -0.75 100.40
CA ALA WA 671 51.40 0.06 99.27
C ALA WA 671 52.80 -0.27 98.80
N ALA WA 672 53.54 -1.08 99.55
CA ALA WA 672 54.87 -1.47 99.12
C ALA WA 672 54.78 -2.35 97.88
N LYS WA 673 55.71 -2.14 96.95
CA LYS WA 673 55.73 -2.93 95.73
C LYS WA 673 56.03 -4.39 96.05
N PHE WA 674 55.50 -5.27 95.20
CA PHE WA 674 55.66 -6.73 95.44
C PHE WA 674 57.12 -7.15 95.36
N ALA WA 675 57.56 -7.90 96.36
CA ALA WA 675 58.92 -8.42 96.39
C ALA WA 675 58.98 -9.94 96.41
N SER WA 676 57.85 -10.63 96.55
CA SER WA 676 57.79 -12.08 96.56
C SER WA 676 57.09 -12.55 95.29
N PHE WA 677 57.73 -13.46 94.56
CA PHE WA 677 57.21 -13.97 93.30
C PHE WA 677 57.37 -15.47 93.25
N ILE WA 678 56.59 -16.11 92.40
CA ILE WA 678 56.72 -17.53 92.14
C ILE WA 678 57.93 -17.75 91.24
N THR WA 679 58.87 -18.59 91.69
CA THR WA 679 60.05 -18.89 90.90
C THR WA 679 59.65 -19.64 89.64
N GLN WA 680 60.11 -19.16 88.49
CA GLN WA 680 59.73 -19.80 87.24
C GLN WA 680 60.73 -19.43 86.15
N TYR WA 681 60.79 -20.30 85.14
CA TYR WA 681 61.59 -20.08 83.95
C TYR WA 681 60.77 -20.52 82.75
N SER WA 682 61.30 -20.30 81.56
CA SER WA 682 60.61 -20.69 80.34
C SER WA 682 61.58 -21.41 79.40
N THR WA 683 61.02 -22.28 78.57
CA THR WA 683 61.79 -22.98 77.55
C THR WA 683 60.95 -23.01 76.28
N GLY WA 684 61.64 -23.14 75.14
CA GLY WA 684 60.93 -23.13 73.88
C GLY WA 684 61.90 -23.33 72.74
N GLN WA 685 61.40 -23.10 71.53
CA GLN WA 685 62.17 -23.24 70.32
C GLN WA 685 62.25 -21.90 69.59
N VAL WA 686 63.39 -21.67 68.95
CA VAL WA 686 63.64 -20.45 68.20
C VAL WA 686 64.09 -20.84 66.80
N SER WA 687 63.55 -20.16 65.79
CA SER WA 687 63.89 -20.42 64.39
C SER WA 687 64.40 -19.13 63.74
N VAL WA 688 65.52 -19.23 63.05
CA VAL WA 688 66.10 -18.12 62.30
C VAL WA 688 66.34 -18.60 60.87
N GLU WA 689 65.74 -17.93 59.91
CA GLU WA 689 65.92 -18.24 58.49
C GLU WA 689 66.45 -17.01 57.78
N ILE WA 690 67.62 -17.12 57.16
CA ILE WA 690 68.26 -16.01 56.47
C ILE WA 690 68.47 -16.40 55.02
N GLU WA 691 68.07 -15.52 54.10
CA GLU WA 691 68.36 -15.67 52.69
C GLU WA 691 69.62 -14.88 52.34
N TRP WA 692 70.57 -15.54 51.71
CA TRP WA 692 71.84 -14.93 51.33
C TRP WA 692 71.94 -14.89 49.80
N GLU WA 693 72.49 -13.80 49.29
CA GLU WA 693 72.76 -13.67 47.86
C GLU WA 693 74.22 -14.00 47.58
N LEU WA 694 74.44 -14.75 46.51
CA LEU WA 694 75.77 -15.23 46.15
C LEU WA 694 76.30 -14.50 44.93
N GLN WA 695 77.60 -14.25 44.92
CA GLN WA 695 78.31 -13.68 43.79
C GLN WA 695 79.15 -14.81 43.19
N LYS WA 696 78.67 -15.38 42.09
CA LYS WA 696 79.30 -16.57 41.53
C LYS WA 696 80.68 -16.24 40.98
N GLU WA 697 81.63 -17.15 41.21
CA GLU WA 697 82.98 -16.99 40.68
C GLU WA 697 82.99 -17.13 39.17
N ASN WA 698 83.71 -16.24 38.50
CA ASN WA 698 83.80 -16.20 37.05
C ASN WA 698 85.27 -16.09 36.62
N SER WA 699 86.10 -16.92 37.23
CA SER WA 699 87.53 -16.85 36.99
C SER WA 699 87.91 -17.52 35.66
N LYS WA 700 89.04 -17.11 35.10
CA LYS WA 700 89.56 -17.72 33.85
C LYS WA 700 90.99 -18.23 34.07
N ARG WA 701 91.39 -18.45 35.32
CA ARG WA 701 92.70 -19.03 35.57
C ARG WA 701 92.74 -20.48 35.11
N TRP WA 702 93.94 -20.93 34.74
CA TRP WA 702 94.11 -22.25 34.16
C TRP WA 702 94.37 -23.32 35.22
N ASN WA 703 95.34 -23.08 36.09
CA ASN WA 703 95.71 -24.06 37.10
C ASN WA 703 94.70 -24.08 38.24
N PRO WA 704 94.58 -25.21 38.99
CA PRO WA 704 93.59 -25.30 40.07
C PRO WA 704 93.77 -24.26 41.18
N GLU WA 705 92.74 -24.01 41.98
CA GLU WA 705 92.78 -22.96 43.03
C GLU WA 705 92.97 -23.58 44.41
N ILE WA 706 93.23 -22.76 45.43
CA ILE WA 706 93.22 -23.34 46.81
C ILE WA 706 91.77 -23.50 47.28
N GLN WA 707 91.42 -24.68 47.81
CA GLN WA 707 90.09 -24.89 48.35
C GLN WA 707 90.21 -25.42 49.77
N TYR WA 708 89.24 -25.06 50.61
CA TYR WA 708 89.19 -25.66 51.94
C TYR WA 708 88.77 -27.12 51.83
N THR WA 709 89.44 -27.98 52.61
CA THR WA 709 89.20 -29.41 52.52
C THR WA 709 89.44 -30.04 53.88
N SER WA 710 88.83 -31.20 54.06
CA SER WA 710 89.10 -31.98 55.30
C SER WA 710 90.39 -32.76 55.08
N ASN WA 711 91.05 -33.20 56.15
CA ASN WA 711 92.33 -33.92 55.91
C ASN WA 711 91.99 -35.40 55.81
N TYR WA 712 92.52 -36.09 54.80
CA TYR WA 712 92.15 -37.51 54.55
C TYR WA 712 92.76 -38.41 55.62
N ASN WA 713 93.92 -38.07 56.19
CA ASN WA 713 94.55 -38.99 57.11
C ASN WA 713 93.63 -39.35 58.27
N LYS WA 714 93.83 -40.57 58.78
CA LYS WA 714 93.00 -41.07 59.91
C LYS WA 714 93.23 -40.23 61.15
N SER WA 715 92.22 -40.17 61.99
CA SER WA 715 92.31 -39.43 63.24
C SER WA 715 91.37 -40.06 64.25
N ILE WA 716 91.63 -39.76 65.52
CA ILE WA 716 90.76 -40.26 66.59
C ILE WA 716 89.36 -39.68 66.46
N ASN WA 717 89.28 -38.38 66.18
CA ASN WA 717 88.01 -37.68 66.04
C ASN WA 717 87.90 -37.04 64.67
N VAL WA 718 86.69 -36.99 64.15
CA VAL WA 718 86.42 -36.27 62.90
C VAL WA 718 86.23 -34.79 63.22
N ASP WA 719 86.71 -33.93 62.33
CA ASP WA 719 86.60 -32.50 62.55
C ASP WA 719 85.14 -32.05 62.46
N PHE WA 720 84.79 -31.07 63.30
CA PHE WA 720 83.45 -30.49 63.33
C PHE WA 720 82.38 -31.54 63.60
N THR WA 721 82.67 -32.47 64.49
CA THR WA 721 81.71 -33.46 64.97
C THR WA 721 81.76 -33.49 66.48
N VAL WA 722 81.06 -34.45 67.06
CA VAL WA 722 81.05 -34.65 68.50
C VAL WA 722 82.05 -35.73 68.87
N ASP WA 723 82.56 -35.67 70.09
CA ASP WA 723 83.49 -36.67 70.58
C ASP WA 723 82.71 -37.76 71.32
N THR WA 724 83.43 -38.61 72.05
CA THR WA 724 82.78 -39.72 72.78
C THR WA 724 81.91 -39.15 73.91
N ASN WA 725 82.11 -37.88 74.26
CA ASN WA 725 81.27 -37.22 75.29
C ASN WA 725 80.11 -36.48 74.60
N GLY WA 726 80.04 -36.57 73.27
CA GLY WA 726 78.99 -35.87 72.51
C GLY WA 726 79.19 -34.36 72.53
N VAL WA 727 80.42 -33.92 72.82
CA VAL WA 727 80.72 -32.47 72.90
C VAL WA 727 81.12 -31.97 71.51
N TYR WA 728 80.36 -31.01 70.96
CA TYR WA 728 80.69 -30.47 69.65
C TYR WA 728 81.83 -29.47 69.77
N SER WA 729 82.78 -29.56 68.83
CA SER WA 729 83.92 -28.67 68.84
C SER WA 729 84.19 -28.19 67.42
N GLU WA 730 84.77 -27.00 67.31
CA GLU WA 730 85.19 -26.44 66.03
C GLU WA 730 86.73 -26.38 66.03
N PRO WA 731 87.40 -27.30 65.35
CA PRO WA 731 88.86 -27.42 65.53
C PRO WA 731 89.66 -26.19 65.10
N ARG WA 732 89.24 -25.47 64.08
CA ARG WA 732 90.01 -24.34 63.59
C ARG WA 732 89.06 -23.29 63.04
N PRO WA 733 89.49 -22.03 62.99
CA PRO WA 733 88.69 -21.01 62.28
C PRO WA 733 88.80 -21.19 60.78
N ILE WA 734 87.67 -21.04 60.09
CA ILE WA 734 87.63 -21.11 58.64
C ILE WA 734 87.23 -19.75 58.11
N GLY WA 735 88.07 -19.16 57.29
CA GLY WA 735 87.76 -17.91 56.63
C GLY WA 735 86.93 -18.15 55.38
N THR WA 736 86.95 -17.18 54.48
CA THR WA 736 86.23 -17.30 53.22
C THR WA 736 87.10 -17.08 52.00
N ARG WA 737 88.37 -16.71 52.16
CA ARG WA 737 89.20 -16.24 51.04
C ARG WA 737 90.07 -17.39 50.54
N TYR WA 738 89.48 -18.20 49.67
CA TYR WA 738 90.18 -19.33 49.04
C TYR WA 738 90.27 -19.20 47.53
N LEU WA 739 89.19 -18.76 46.87
CA LEU WA 739 89.27 -18.46 45.45
C LEU WA 739 90.09 -17.20 45.24
N THR WA 740 90.53 -17.01 44.00
CA THR WA 740 91.38 -15.89 43.65
C THR WA 740 90.75 -15.07 42.54
N ARG WA 741 91.03 -13.76 42.58
CA ARG WA 741 90.57 -12.84 41.52
C ARG WA 741 91.73 -11.87 41.26
N ASN WA 742 91.90 -11.38 40.03
CA ASN WA 742 92.91 -10.39 39.72
C ASN WA 742 92.56 -9.04 40.32
N LEU WA 743 93.59 -8.24 40.59
CA LEU WA 743 93.38 -6.89 41.10
C LEU WA 743 92.72 -6.00 40.06
N ALA XA 218 -26.59 42.42 70.98
CA ALA XA 218 -25.35 41.75 70.55
C ALA XA 218 -24.88 40.79 71.63
N ASP XA 219 -24.98 41.22 72.89
CA ASP XA 219 -24.43 40.42 74.01
C ASP XA 219 -25.51 40.28 75.09
N GLY XA 220 -26.74 40.66 74.76
CA GLY XA 220 -27.83 40.45 75.73
C GLY XA 220 -27.43 40.82 77.15
N VAL XA 221 -27.86 40.04 78.13
CA VAL XA 221 -27.58 40.38 79.56
C VAL XA 221 -26.60 39.32 80.06
N GLY XA 222 -25.42 39.73 80.45
CA GLY XA 222 -24.41 38.87 81.01
C GLY XA 222 -23.22 38.61 80.11
N ASN XA 223 -23.21 39.15 78.90
CA ASN XA 223 -22.07 39.03 78.00
C ASN XA 223 -21.46 40.40 77.78
N SER XA 224 -20.16 40.53 78.04
CA SER XA 224 -19.49 41.80 77.89
C SER XA 224 -19.35 42.16 76.41
N SER XA 225 -19.57 43.43 76.10
CA SER XA 225 -19.51 43.93 74.74
C SER XA 225 -18.21 44.68 74.45
N GLY XA 226 -17.24 44.63 75.36
CA GLY XA 226 -15.97 45.29 75.13
C GLY XA 226 -15.00 44.97 76.25
N ASN XA 227 -13.76 45.41 76.05
CA ASN XA 227 -12.68 45.20 77.00
C ASN XA 227 -12.02 46.53 77.33
N TRP XA 228 -11.25 46.54 78.41
CA TRP XA 228 -10.55 47.73 78.86
C TRP XA 228 -9.22 47.83 78.12
N HIS XA 229 -9.09 48.85 77.27
CA HIS XA 229 -7.85 49.07 76.50
C HIS XA 229 -7.33 50.46 76.83
N CYS XA 230 -6.41 50.54 77.80
CA CYS XA 230 -5.79 51.85 78.15
C CYS XA 230 -4.28 51.64 78.07
N ASP XA 231 -3.62 52.18 77.04
CA ASP XA 231 -2.17 51.94 76.87
C ASP XA 231 -1.61 52.78 75.72
N SER XA 232 -0.29 52.74 75.51
CA SER XA 232 0.24 53.43 74.34
C SER XA 232 1.34 52.59 73.72
N THR XA 233 1.41 52.61 72.39
CA THR XA 233 2.41 51.85 71.64
C THR XA 233 3.21 52.83 70.79
N TRP XA 234 4.53 52.79 70.95
CA TRP XA 234 5.43 53.61 70.15
C TRP XA 234 6.08 52.74 69.09
N MET XA 235 5.83 53.07 67.83
CA MET XA 235 6.39 52.27 66.71
C MET XA 235 6.99 53.22 65.67
N GLY XA 236 8.28 53.49 65.76
CA GLY XA 236 8.96 54.35 64.80
C GLY XA 236 8.44 55.77 64.89
N ASP XA 237 7.90 56.26 63.77
CA ASP XA 237 7.38 57.62 63.67
C ASP XA 237 5.90 57.71 64.04
N ARG XA 238 5.39 56.76 64.83
CA ARG XA 238 4.00 56.77 65.24
C ARG XA 238 3.91 56.44 66.72
N VAL XA 239 2.92 57.02 67.39
CA VAL XA 239 2.54 56.63 68.73
C VAL XA 239 1.01 56.54 68.77
N THR XA 240 0.49 55.39 69.19
CA THR XA 240 -0.93 55.17 69.30
C THR XA 240 -1.31 55.14 70.77
N THR XA 241 -2.12 56.10 71.20
CA THR XA 241 -2.57 56.19 72.58
C THR XA 241 -4.02 55.75 72.66
N THR XA 242 -4.31 54.84 73.59
CA THR XA 242 -5.67 54.35 73.82
C THR XA 242 -6.05 54.62 75.27
N SER XA 243 -7.27 55.06 75.48
CA SER XA 243 -7.76 55.39 76.82
C SER XA 243 -9.15 54.82 77.01
N THR XA 244 -9.42 54.31 78.22
CA THR XA 244 -10.74 53.83 78.58
C THR XA 244 -11.15 54.50 79.89
N ARG XA 245 -12.40 54.93 79.96
CA ARG XA 245 -12.95 55.58 81.14
C ARG XA 245 -14.35 55.06 81.42
N THR XA 246 -14.79 55.21 82.66
CA THR XA 246 -16.14 54.88 83.06
C THR XA 246 -16.94 56.17 83.18
N TRP XA 247 -18.06 56.25 82.46
CA TRP XA 247 -18.88 57.44 82.42
C TRP XA 247 -20.24 57.19 83.05
N ALA XA 248 -20.85 58.28 83.52
CA ALA XA 248 -22.20 58.27 84.05
C ALA XA 248 -23.01 59.34 83.34
N LEU XA 249 -24.15 58.95 82.80
CA LEU XA 249 -25.02 59.87 82.05
C LEU XA 249 -26.37 59.97 82.72
N PRO XA 250 -26.71 61.12 83.32
CA PRO XA 250 -28.02 61.29 83.92
C PRO XA 250 -29.05 61.67 82.86
N THR XA 251 -30.27 61.93 83.33
CA THR XA 251 -31.32 62.48 82.49
C THR XA 251 -31.27 63.99 82.59
N TYR XA 252 -31.13 64.66 81.44
CA TYR XA 252 -30.94 66.10 81.40
C TYR XA 252 -32.24 66.80 81.00
N ASN XA 253 -32.57 67.86 81.73
CA ASN XA 253 -33.74 68.69 81.45
C ASN XA 253 -35.06 67.92 81.56
N ASN XA 254 -35.04 66.75 82.19
CA ASN XA 254 -36.21 65.87 82.26
C ASN XA 254 -36.75 65.57 80.87
N HIS XA 255 -35.84 65.18 79.97
CA HIS XA 255 -36.15 64.79 78.59
C HIS XA 255 -36.74 65.93 77.77
N LEU XA 256 -36.41 67.17 78.08
CA LEU XA 256 -37.02 68.32 77.43
C LEU XA 256 -35.98 69.20 76.77
N TYR XA 257 -36.43 69.97 75.77
CA TYR XA 257 -35.57 71.01 75.19
C TYR XA 257 -36.11 72.31 75.78
N LYS XA 258 -35.26 73.13 76.36
CA LYS XA 258 -35.63 74.38 77.02
C LYS XA 258 -34.90 75.54 76.36
N GLN XA 259 -35.65 76.56 75.99
CA GLN XA 259 -35.05 77.79 75.50
C GLN XA 259 -34.37 78.51 76.64
N ILE XA 260 -33.11 78.90 76.43
CA ILE XA 260 -32.33 79.59 77.45
C ILE XA 260 -31.87 80.93 76.88
N SER XA 261 -31.64 81.89 77.77
CA SER XA 261 -31.21 83.22 77.37
C SER XA 261 -30.55 83.88 78.58
N SER XA 262 -29.85 84.98 78.31
CA SER XA 262 -29.20 85.73 79.36
C SER XA 262 -30.25 86.33 80.30
N GLN XA 263 -29.83 86.49 81.55
CA GLN XA 263 -30.78 87.00 82.57
C GLN XA 263 -31.07 88.46 82.28
N SER XA 264 -32.27 88.89 82.63
CA SER XA 264 -32.59 90.33 82.48
C SER XA 264 -31.68 91.12 83.42
N GLY XA 265 -31.23 92.28 82.99
CA GLY XA 265 -30.31 93.12 83.73
C GLY XA 265 -28.86 92.87 83.45
N ALA XA 266 -28.53 91.85 82.65
CA ALA XA 266 -27.15 91.60 82.27
C ALA XA 266 -26.65 92.69 81.32
N SER XA 267 -25.34 92.86 81.28
CA SER XA 267 -24.75 93.81 80.37
C SER XA 267 -24.92 93.34 78.93
N ASN XA 268 -24.75 94.28 77.99
CA ASN XA 268 -24.90 93.93 76.59
C ASN XA 268 -23.85 92.93 76.14
N ASP XA 269 -22.65 93.00 76.70
CA ASP XA 269 -21.60 92.06 76.32
C ASP XA 269 -21.93 90.64 76.76
N ASN XA 270 -22.74 90.48 77.80
CA ASN XA 270 -23.08 89.18 78.35
C ASN XA 270 -24.42 88.65 77.87
N HIS XA 271 -25.09 89.35 76.96
CA HIS XA 271 -26.37 88.90 76.45
C HIS XA 271 -26.19 87.71 75.51
N TYR XA 272 -27.10 86.74 75.60
CA TYR XA 272 -27.04 85.58 74.73
C TYR XA 272 -28.43 84.95 74.63
N PHE XA 273 -28.60 84.12 73.61
CA PHE XA 273 -29.81 83.35 73.40
C PHE XA 273 -29.42 82.00 72.82
N GLY XA 274 -30.09 80.95 73.28
CA GLY XA 274 -29.76 79.62 72.82
C GLY XA 274 -30.76 78.61 73.31
N TYR XA 275 -30.40 77.33 73.18
CA TYR XA 275 -31.26 76.24 73.59
C TYR XA 275 -30.46 75.21 74.36
N SER XA 276 -31.10 74.63 75.37
CA SER XA 276 -30.53 73.54 76.16
C SER XA 276 -31.20 72.23 75.76
N THR XA 277 -30.38 71.24 75.44
CA THR XA 277 -30.90 69.97 74.96
C THR XA 277 -30.80 68.90 76.05
N PRO XA 278 -31.67 67.87 76.01
CA PRO XA 278 -31.56 66.77 76.97
C PRO XA 278 -30.42 65.80 76.68
N TRP XA 279 -29.61 66.07 75.67
CA TRP XA 279 -28.52 65.19 75.29
C TRP XA 279 -27.24 65.55 76.01
N GLY XA 280 -26.34 64.57 76.10
CA GLY XA 280 -24.97 64.80 76.53
C GLY XA 280 -24.02 64.56 75.38
N TYR XA 281 -22.75 64.88 75.62
CA TYR XA 281 -21.73 64.69 74.59
C TYR XA 281 -20.45 64.22 75.22
N PHE XA 282 -19.69 63.43 74.46
CA PHE XA 282 -18.40 62.90 74.91
C PHE XA 282 -17.29 63.80 74.40
N ASP XA 283 -16.51 64.35 75.33
CA ASP XA 283 -15.43 65.27 75.02
C ASP XA 283 -14.11 64.64 75.40
N PHE XA 284 -13.19 64.55 74.44
CA PHE XA 284 -11.81 64.15 74.72
C PHE XA 284 -10.83 65.09 74.03
N ASN XA 285 -11.18 66.38 73.99
CA ASN XA 285 -10.36 67.40 73.33
C ASN XA 285 -9.35 68.02 74.30
N ARG XA 286 -8.62 67.16 75.01
CA ARG XA 286 -7.52 67.58 75.87
C ARG XA 286 -6.46 66.51 75.83
N PHE XA 287 -5.19 66.91 75.87
CA PHE XA 287 -4.09 65.93 75.68
C PHE XA 287 -4.01 64.94 76.84
N HIS XA 288 -4.38 65.35 78.05
CA HIS XA 288 -4.30 64.48 79.25
C HIS XA 288 -5.28 63.30 79.11
N CYS XA 289 -6.25 63.40 78.22
CA CYS XA 289 -7.26 62.32 77.99
C CYS XA 289 -6.62 61.16 77.25
N HIS XA 290 -5.47 61.37 76.61
CA HIS XA 290 -4.81 60.32 75.83
C HIS XA 290 -3.38 60.06 76.24
N PHE XA 291 -2.66 61.06 76.73
CA PHE XA 291 -1.25 60.94 77.09
C PHE XA 291 -1.09 60.92 78.60
N SER XA 292 -0.39 59.91 79.10
CA SER XA 292 0.07 59.95 80.48
C SER XA 292 1.22 60.94 80.60
N PRO XA 293 1.51 61.41 81.82
CA PRO XA 293 2.66 62.32 81.98
C PRO XA 293 3.97 61.74 81.49
N ARG XA 294 4.20 60.44 81.70
CA ARG XA 294 5.38 59.80 81.14
C ARG XA 294 5.32 59.78 79.62
N ASP XA 295 4.14 59.54 79.05
CA ASP XA 295 3.96 59.60 77.60
C ASP XA 295 4.26 61.00 77.08
N TRP XA 296 3.78 62.03 77.79
CA TRP XA 296 4.06 63.40 77.39
C TRP XA 296 5.55 63.71 77.45
N GLN XA 297 6.23 63.25 78.49
CA GLN XA 297 7.67 63.48 78.60
C GLN XA 297 8.42 62.77 77.49
N ARG XA 298 8.00 61.54 77.16
CA ARG XA 298 8.61 60.82 76.03
C ARG XA 298 8.35 61.53 74.71
N LEU XA 299 7.18 62.16 74.55
CA LEU XA 299 6.87 62.85 73.32
C LEU XA 299 7.68 64.14 73.17
N ILE XA 300 7.73 64.95 74.23
CA ILE XA 300 8.28 66.29 74.10
C ILE XA 300 9.79 66.34 74.20
N ASN XA 301 10.43 65.33 74.79
CA ASN XA 301 11.88 65.32 74.92
C ASN XA 301 12.60 64.72 73.74
N ASN XA 302 11.88 64.16 72.77
CA ASN XA 302 12.50 63.42 71.68
C ASN XA 302 12.00 63.79 70.29
N ASN XA 303 10.93 64.56 70.17
CA ASN XA 303 10.32 64.84 68.89
C ASN XA 303 10.28 66.33 68.63
N TRP XA 304 10.51 66.71 67.37
CA TRP XA 304 10.40 68.08 66.91
C TRP XA 304 8.99 68.46 66.49
N GLY XA 305 8.07 67.50 66.44
CA GLY XA 305 6.70 67.80 66.06
C GLY XA 305 5.83 66.57 66.15
N PHE XA 306 4.53 66.79 66.16
CA PHE XA 306 3.55 65.72 66.16
C PHE XA 306 2.22 66.24 65.66
N ARG XA 307 1.38 65.33 65.19
CA ARG XA 307 0.06 65.67 64.70
C ARG XA 307 -0.82 64.43 64.74
N PRO XA 308 -2.12 64.58 64.96
CA PRO XA 308 -3.01 63.41 64.93
C PRO XA 308 -3.27 62.93 63.52
N LYS XA 309 -3.48 61.62 63.40
CA LYS XA 309 -3.68 60.96 62.11
C LYS XA 309 -5.05 60.34 61.98
N ARG XA 310 -5.48 59.53 62.94
CA ARG XA 310 -6.79 58.90 62.92
C ARG XA 310 -7.19 58.54 64.34
N LEU XA 311 -8.49 58.35 64.55
CA LEU XA 311 -8.98 57.97 65.86
C LEU XA 311 -10.05 56.89 65.74
N ASN XA 312 -10.21 56.13 66.82
CA ASN XA 312 -11.26 55.08 66.90
C ASN XA 312 -11.99 55.32 68.23
N PHE XA 313 -13.31 55.22 68.24
CA PHE XA 313 -14.15 55.51 69.39
C PHE XA 313 -15.07 54.33 69.64
N LYS XA 314 -15.26 54.01 70.93
CA LYS XA 314 -16.16 52.89 71.27
C LYS XA 314 -16.93 53.12 72.56
N LEU XA 315 -18.22 52.81 72.57
CA LEU XA 315 -19.05 52.77 73.77
C LEU XA 315 -19.51 51.33 73.98
N PHE XA 316 -19.37 50.84 75.20
CA PHE XA 316 -19.66 49.43 75.46
C PHE XA 316 -19.98 49.25 76.94
N ASN XA 317 -20.45 48.04 77.27
CA ASN XA 317 -20.83 47.68 78.62
C ASN XA 317 -21.82 48.67 79.20
N ILE XA 318 -22.85 48.97 78.40
CA ILE XA 318 -23.83 49.99 78.76
C ILE XA 318 -24.85 49.40 79.72
N GLN XA 319 -25.03 50.05 80.86
CA GLN XA 319 -25.98 49.63 81.88
C GLN XA 319 -26.94 50.79 82.14
N VAL XA 320 -28.24 50.51 82.05
CA VAL XA 320 -29.25 51.50 82.38
C VAL XA 320 -29.81 51.15 83.75
N LYS XA 321 -29.72 52.10 84.68
CA LYS XA 321 -30.15 51.92 86.06
C LYS XA 321 -31.40 52.74 86.31
N GLU XA 322 -32.43 52.11 86.87
CA GLU XA 322 -33.65 52.81 87.25
C GLU XA 322 -33.59 53.19 88.72
N VAL XA 323 -33.85 54.46 89.01
CA VAL XA 323 -33.79 55.00 90.36
C VAL XA 323 -35.20 55.29 90.83
N THR XA 324 -35.53 54.79 92.03
CA THR XA 324 -36.82 55.04 92.65
C THR XA 324 -36.59 55.57 94.07
N GLN XA 325 -37.55 56.35 94.55
CA GLN XA 325 -37.46 56.96 95.87
C GLN XA 325 -38.81 56.81 96.56
N ASN XA 326 -38.89 55.92 97.54
CA ASN XA 326 -40.12 55.64 98.26
C ASN XA 326 -39.88 55.81 99.75
N ASP XA 327 -40.64 56.73 100.37
CA ASP XA 327 -40.55 56.99 101.81
C ASP XA 327 -39.12 57.35 102.23
N GLY XA 328 -38.44 58.15 101.41
CA GLY XA 328 -37.12 58.61 101.75
C GLY XA 328 -35.99 57.63 101.48
N THR XA 329 -36.27 56.53 100.79
CA THR XA 329 -35.26 55.52 100.50
C THR XA 329 -34.95 55.53 99.01
N THR XA 330 -33.66 55.59 98.67
CA THR XA 330 -33.20 55.57 97.29
C THR XA 330 -32.82 54.14 96.92
N THR XA 331 -33.55 53.56 95.98
CA THR XA 331 -33.33 52.19 95.52
C THR XA 331 -32.95 52.22 94.05
N ILE XA 332 -31.85 51.56 93.70
CA ILE XA 332 -31.36 51.50 92.33
C ILE XA 332 -31.39 50.06 91.86
N ALA XA 333 -32.03 49.84 90.71
CA ALA XA 333 -32.15 48.51 90.14
C ALA XA 333 -31.84 48.57 88.65
N ASN XA 334 -31.45 47.43 88.10
CA ASN XA 334 -31.14 47.36 86.68
C ASN XA 334 -32.40 47.48 85.83
N ASN XA 335 -32.23 48.08 84.65
CA ASN XA 335 -33.28 48.14 83.63
C ASN XA 335 -32.68 47.55 82.36
N LEU XA 336 -32.91 46.26 82.14
CA LEU XA 336 -32.26 45.56 81.03
C LEU XA 336 -32.91 45.83 79.68
N THR XA 337 -34.08 46.46 79.65
CA THR XA 337 -34.78 46.73 78.41
C THR XA 337 -34.70 48.17 77.95
N SER XA 338 -34.13 49.07 78.76
CA SER XA 338 -33.99 50.46 78.35
C SER XA 338 -32.80 50.63 77.42
N THR XA 339 -32.86 51.69 76.62
CA THR XA 339 -31.84 51.98 75.62
C THR XA 339 -31.20 53.33 75.88
N VAL XA 340 -30.08 53.56 75.21
CA VAL XA 340 -29.44 54.87 75.12
C VAL XA 340 -29.22 55.17 73.64
N GLN XA 341 -29.53 56.41 73.25
CA GLN XA 341 -29.39 56.84 71.86
C GLN XA 341 -28.04 57.51 71.66
N VAL XA 342 -27.28 57.02 70.69
CA VAL XA 342 -25.95 57.53 70.38
C VAL XA 342 -25.88 57.82 68.89
N PHE XA 343 -25.40 59.01 68.53
CA PHE XA 343 -25.10 59.31 67.14
C PHE XA 343 -23.96 60.31 67.08
N THR XA 344 -23.22 60.27 65.97
CA THR XA 344 -22.12 61.18 65.71
C THR XA 344 -22.54 62.18 64.65
N ASP XA 345 -22.26 63.46 64.89
CA ASP XA 345 -22.60 64.52 63.96
C ASP XA 345 -21.51 64.61 62.89
N SER XA 346 -21.46 63.62 62.01
CA SER XA 346 -20.37 63.53 61.01
C SER XA 346 -20.58 64.51 59.86
N GLU XA 347 -21.79 65.03 59.70
CA GLU XA 347 -22.03 66.04 58.67
C GLU XA 347 -21.92 67.46 59.21
N TYR XA 348 -21.62 67.62 60.50
CA TYR XA 348 -21.43 68.93 61.13
C TYR XA 348 -22.64 69.83 60.92
N GLN XA 349 -23.83 69.28 61.12
CA GLN XA 349 -25.06 70.03 61.00
C GLN XA 349 -25.50 70.66 62.33
N LEU XA 350 -24.83 70.36 63.42
CA LEU XA 350 -25.12 70.92 64.72
C LEU XA 350 -24.04 71.92 65.13
N PRO XA 351 -24.39 72.90 65.98
CA PRO XA 351 -23.37 73.84 66.46
C PRO XA 351 -22.25 73.11 67.20
N TYR XA 352 -21.02 73.36 66.78
CA TYR XA 352 -19.85 72.67 67.30
C TYR XA 352 -19.43 73.35 68.59
N VAL XA 353 -19.77 72.73 69.73
CA VAL XA 353 -19.42 73.29 71.03
C VAL XA 353 -18.11 72.74 71.57
N LEU XA 354 -17.54 71.71 70.95
CA LEU XA 354 -16.19 71.29 71.29
C LEU XA 354 -15.20 72.35 70.81
N GLY XA 355 -14.06 72.41 71.50
CA GLY XA 355 -13.07 73.42 71.18
C GLY XA 355 -13.28 74.76 71.85
N SER XA 356 -14.19 74.85 72.81
CA SER XA 356 -14.38 76.06 73.60
C SER XA 356 -13.80 75.93 75.00
N ALA XA 357 -12.93 74.94 75.22
CA ALA XA 357 -12.26 74.73 76.51
C ALA XA 357 -13.27 74.52 77.63
N HIS XA 358 -14.22 73.61 77.39
CA HIS XA 358 -15.27 73.32 78.36
C HIS XA 358 -14.90 72.13 79.23
N GLN XA 359 -15.41 72.14 80.46
CA GLN XA 359 -15.22 71.04 81.39
C GLN XA 359 -16.09 69.86 80.99
N GLY XA 360 -15.78 68.70 81.55
CA GLY XA 360 -16.50 67.48 81.25
C GLY XA 360 -15.76 66.50 80.36
N CYS XA 361 -14.46 66.68 80.17
CA CYS XA 361 -13.68 65.79 79.32
C CYS XA 361 -13.44 64.46 80.03
N LEU XA 362 -12.74 63.57 79.35
CA LEU XA 362 -12.28 62.34 79.97
C LEU XA 362 -11.23 62.68 81.02
N PRO XA 363 -11.36 62.20 82.25
CA PRO XA 363 -10.43 62.61 83.29
C PRO XA 363 -9.03 62.13 82.98
N PRO XA 364 -8.00 62.90 83.36
CA PRO XA 364 -6.62 62.49 83.06
C PRO XA 364 -6.24 61.17 83.69
N PHE XA 365 -6.73 60.87 84.88
CA PHE XA 365 -6.41 59.61 85.55
C PHE XA 365 -7.38 58.53 85.09
N PRO XA 366 -6.87 57.40 84.58
CA PRO XA 366 -7.77 56.37 84.03
C PRO XA 366 -8.73 55.76 85.04
N ALA XA 367 -8.47 55.90 86.34
CA ALA XA 367 -9.32 55.30 87.36
C ALA XA 367 -10.48 56.18 87.77
N ASP XA 368 -10.56 57.42 87.27
CA ASP XA 368 -11.61 58.35 87.64
C ASP XA 368 -12.86 58.13 86.82
N VAL XA 369 -14.02 58.28 87.46
CA VAL XA 369 -15.32 58.18 86.80
C VAL XA 369 -15.87 59.59 86.62
N PHE XA 370 -16.37 59.88 85.42
CA PHE XA 370 -16.78 61.24 85.07
C PHE XA 370 -18.21 61.26 84.58
N MET XA 371 -18.87 62.40 84.81
CA MET XA 371 -20.21 62.64 84.32
C MET XA 371 -20.17 63.21 82.91
N VAL XA 372 -21.10 62.78 82.08
CA VAL XA 372 -21.18 63.26 80.69
C VAL XA 372 -21.79 64.65 80.68
N PRO XA 373 -21.10 65.65 80.12
CA PRO XA 373 -21.62 67.02 80.15
C PRO XA 373 -22.86 67.18 79.28
N GLN XA 374 -23.72 68.10 79.68
CA GLN XA 374 -24.95 68.37 78.94
C GLN XA 374 -24.66 69.22 77.71
N TYR XA 375 -25.27 68.84 76.59
CA TYR XA 375 -25.06 69.55 75.33
C TYR XA 375 -26.01 70.76 75.25
N GLY XA 376 -25.47 71.88 74.80
CA GLY XA 376 -26.24 73.08 74.59
C GLY XA 376 -25.52 73.99 73.62
N TYR XA 377 -26.30 74.82 72.94
CA TYR XA 377 -25.74 75.69 71.92
C TYR XA 377 -26.38 77.07 72.01
N LEU XA 378 -25.69 78.06 71.44
CA LEU XA 378 -26.18 79.41 71.35
C LEU XA 378 -26.42 79.78 69.89
N THR XA 379 -27.41 80.63 69.67
CA THR XA 379 -27.71 81.11 68.33
C THR XA 379 -27.76 82.64 68.36
N LEU XA 380 -28.18 83.24 67.25
CA LEU XA 380 -28.21 84.72 67.15
C LEU XA 380 -29.14 85.31 68.21
N ASN XA 381 -28.76 86.44 68.79
CA ASN XA 381 -29.60 87.10 69.80
C ASN XA 381 -29.58 88.62 69.61
N ASN XA 382 -30.71 89.29 69.80
CA ASN XA 382 -30.73 90.76 69.82
C ASN XA 382 -31.00 91.08 71.29
N GLY XA 383 -29.95 91.10 72.12
CA GLY XA 383 -30.18 91.24 73.57
C GLY XA 383 -30.51 89.88 74.15
N SER XA 384 -31.49 89.80 75.04
CA SER XA 384 -31.92 88.52 75.57
C SER XA 384 -32.92 87.82 74.65
N GLN XA 385 -33.39 88.49 73.59
CA GLN XA 385 -34.35 87.93 72.66
C GLN XA 385 -33.64 87.30 71.47
N ALA XA 386 -34.44 86.68 70.61
CA ALA XA 386 -33.95 86.06 69.39
C ALA XA 386 -34.36 86.88 68.17
N VAL XA 387 -33.77 86.54 67.03
CA VAL XA 387 -34.11 87.15 65.75
C VAL XA 387 -34.63 86.06 64.83
N GLY XA 388 -35.11 86.49 63.66
CA GLY XA 388 -35.66 85.54 62.71
C GLY XA 388 -34.64 84.58 62.15
N ARG XA 389 -33.37 84.98 62.16
CA ARG XA 389 -32.29 84.13 61.65
C ARG XA 389 -31.82 83.10 62.67
N SER XA 390 -32.27 83.19 63.91
CA SER XA 390 -31.87 82.22 64.92
C SER XA 390 -32.34 80.82 64.54
N SER XA 391 -31.48 79.83 64.77
CA SER XA 391 -31.73 78.46 64.36
C SER XA 391 -32.02 77.59 65.58
N PHE XA 392 -33.00 76.70 65.44
CA PHE XA 392 -33.32 75.72 66.46
C PHE XA 392 -33.03 74.33 65.91
N TYR XA 393 -32.42 73.49 66.73
CA TYR XA 393 -32.01 72.15 66.33
C TYR XA 393 -32.60 71.13 67.29
N CYS XA 394 -33.33 70.16 66.75
CA CYS XA 394 -33.81 69.01 67.50
C CYS XA 394 -32.89 67.83 67.19
N LEU XA 395 -32.23 67.32 68.21
CA LEU XA 395 -31.27 66.24 68.04
C LEU XA 395 -31.94 64.89 67.81
N GLU XA 396 -33.24 64.77 68.08
CA GLU XA 396 -33.99 63.57 67.73
C GLU XA 396 -34.36 63.53 66.26
N TYR XA 397 -34.04 64.60 65.51
CA TYR XA 397 -34.33 64.66 64.04
C TYR XA 397 -33.13 64.08 63.29
N PHE XA 398 -32.14 63.58 64.01
CA PHE XA 398 -30.99 62.88 63.48
C PHE XA 398 -31.16 61.37 63.65
N PRO XA 399 -30.67 60.57 62.72
CA PRO XA 399 -30.67 59.11 62.92
C PRO XA 399 -29.66 58.74 64.00
N SER XA 400 -30.14 58.03 65.02
CA SER XA 400 -29.31 57.61 66.13
C SER XA 400 -29.42 56.11 66.34
N GLN XA 401 -28.39 55.55 66.95
CA GLN XA 401 -28.34 54.11 67.23
C GLN XA 401 -28.79 53.87 68.66
N MET XA 402 -29.74 52.94 68.83
CA MET XA 402 -30.30 52.61 70.13
C MET XA 402 -29.58 51.40 70.69
N LEU XA 403 -29.08 51.52 71.93
CA LEU XA 403 -28.24 50.50 72.53
C LEU XA 403 -28.86 50.03 73.84
N ARG XA 404 -29.18 48.75 73.91
CA ARG XA 404 -29.57 48.12 75.17
C ARG XA 404 -28.32 47.63 75.89
N THR XA 405 -28.51 47.00 77.05
CA THR XA 405 -27.36 46.36 77.73
C THR XA 405 -26.95 45.17 76.87
N GLY XA 406 -25.72 45.18 76.39
CA GLY XA 406 -25.21 44.17 75.47
C GLY XA 406 -24.94 44.68 74.08
N ASN XA 407 -25.36 45.90 73.76
CA ASN XA 407 -25.04 46.53 72.49
C ASN XA 407 -23.87 47.49 72.67
N ASN XA 408 -23.09 47.67 71.61
CA ASN XA 408 -21.96 48.58 71.62
C ASN XA 408 -22.03 49.50 70.42
N PHE XA 409 -21.34 50.64 70.53
CA PHE XA 409 -21.26 51.64 69.48
C PHE XA 409 -19.80 51.85 69.13
N THR XA 410 -19.52 52.10 67.85
CA THR XA 410 -18.17 52.36 67.42
C THR XA 410 -18.20 53.20 66.15
N PHE XA 411 -17.12 53.97 65.94
CA PHE XA 411 -16.93 54.69 64.69
C PHE XA 411 -15.47 55.08 64.58
N SER XA 412 -15.01 55.24 63.34
CA SER XA 412 -13.63 55.60 63.05
C SER XA 412 -13.60 56.92 62.30
N TYR XA 413 -12.57 57.71 62.58
CA TYR XA 413 -12.42 59.03 61.99
C TYR XA 413 -10.96 59.20 61.56
N THR XA 414 -10.77 59.87 60.43
CA THR XA 414 -9.43 60.18 59.93
C THR XA 414 -9.23 61.68 59.95
N PHE XA 415 -8.16 62.12 60.61
CA PHE XA 415 -7.82 63.54 60.64
C PHE XA 415 -7.38 64.00 59.25
N GLU XA 416 -7.72 65.24 58.91
CA GLU XA 416 -7.20 65.84 57.71
C GLU XA 416 -5.72 66.17 57.89
N ASP XA 417 -5.05 66.46 56.78
CA ASP XA 417 -3.64 66.81 56.83
C ASP XA 417 -3.48 68.17 57.52
N VAL XA 418 -2.68 68.19 58.57
CA VAL XA 418 -2.43 69.42 59.33
C VAL XA 418 -0.94 69.55 59.58
N PRO XA 419 -0.44 70.76 59.76
CA PRO XA 419 0.98 70.94 60.06
C PRO XA 419 1.36 70.30 61.40
N PHE XA 420 2.59 69.82 61.47
CA PHE XA 420 3.12 69.34 62.74
C PHE XA 420 3.18 70.48 63.73
N HIS XA 421 2.80 70.20 64.97
CA HIS XA 421 2.97 71.19 66.03
C HIS XA 421 4.46 71.42 66.26
N SER XA 422 4.83 72.70 66.40
CA SER XA 422 6.24 73.09 66.62
C SER XA 422 6.62 72.79 68.08
N SER XA 423 6.95 71.54 68.38
CA SER XA 423 7.36 71.16 69.73
C SER XA 423 8.86 71.40 69.93
N TYR XA 424 9.29 72.62 69.64
CA TYR XA 424 10.68 73.01 69.78
C TYR XA 424 10.74 74.50 70.05
N ALA XA 425 11.86 74.93 70.62
CA ALA XA 425 12.17 76.34 70.80
C ALA XA 425 13.35 76.71 69.93
N HIS XA 426 13.25 77.86 69.26
CA HIS XA 426 14.33 78.29 68.38
C HIS XA 426 15.56 78.66 69.21
N SER XA 427 16.71 78.15 68.78
CA SER XA 427 17.99 78.49 69.41
C SER XA 427 18.62 79.73 68.80
N GLN XA 428 17.97 80.36 67.83
CA GLN XA 428 18.41 81.61 67.25
C GLN XA 428 17.28 82.63 67.36
N SER XA 429 17.65 83.90 67.48
CA SER XA 429 16.70 84.99 67.46
C SER XA 429 16.59 85.55 66.05
N LEU XA 430 15.41 86.08 65.73
CA LEU XA 430 15.17 86.61 64.38
C LEU XA 430 16.04 87.81 64.07
N ASP XA 431 16.53 88.51 65.10
CA ASP XA 431 17.36 89.72 64.89
C ASP XA 431 18.86 89.37 65.02
N ARG XA 432 19.18 88.08 65.17
CA ARG XA 432 20.57 87.63 65.32
C ARG XA 432 20.85 86.47 64.38
N LEU XA 433 20.44 86.61 63.11
CA LEU XA 433 20.60 85.56 62.12
C LEU XA 433 21.82 85.77 61.21
N MET XA 434 22.66 86.74 61.52
CA MET XA 434 23.77 87.12 60.65
C MET XA 434 25.06 86.44 61.09
N ASN XA 435 26.12 86.67 60.32
CA ASN XA 435 27.46 86.24 60.66
C ASN XA 435 28.15 87.39 61.40
N PRO XA 436 28.46 87.24 62.69
CA PRO XA 436 29.03 88.37 63.44
C PRO XA 436 30.45 88.73 63.03
N LEU XA 437 31.12 87.90 62.23
CA LEU XA 437 32.50 88.13 61.87
C LEU XA 437 32.66 88.98 60.61
N ILE XA 438 31.66 89.00 59.74
CA ILE XA 438 31.75 89.64 58.44
C ILE XA 438 30.81 90.83 58.41
N ASP XA 439 31.29 91.97 57.92
CA ASP XA 439 30.45 93.13 57.73
C ASP XA 439 29.51 92.93 56.54
N GLN XA 440 28.41 93.68 56.56
CA GLN XA 440 27.51 93.71 55.42
C GLN XA 440 28.03 94.65 54.34
N TYR XA 441 27.72 94.33 53.09
CA TYR XA 441 28.06 95.25 52.00
C TYR XA 441 27.03 96.36 51.83
N LEU XA 442 25.87 96.25 52.47
CA LEU XA 442 24.86 97.28 52.39
C LEU XA 442 25.15 98.38 53.40
N TYR XA 443 24.72 99.59 53.07
CA TYR XA 443 24.93 100.77 53.90
C TYR XA 443 23.62 101.20 54.54
N TYR XA 444 23.73 101.82 55.70
CA TYR XA 444 22.60 102.40 56.40
C TYR XA 444 22.97 103.80 56.85
N LEU XA 445 21.97 104.67 56.94
CA LEU XA 445 22.17 106.03 57.42
C LEU XA 445 22.55 105.99 58.89
N SER XA 446 23.81 106.28 59.18
CA SER XA 446 24.32 106.21 60.55
C SER XA 446 24.39 107.57 61.24
N ARG XA 447 24.63 108.61 60.47
CA ARG XA 447 24.68 109.97 61.06
C ARG XA 447 23.84 110.94 60.23
N THR XA 448 23.28 111.94 60.89
CA THR XA 448 22.47 112.94 60.22
C THR XA 448 23.04 114.35 60.32
N ASN XA 449 24.12 114.55 61.07
CA ASN XA 449 24.77 115.85 61.16
C ASN XA 449 26.23 115.65 61.52
N THR XA 450 27.02 116.71 61.35
CA THR XA 450 28.43 116.72 61.70
C THR XA 450 28.77 118.00 62.44
N PRO XA 451 29.80 118.01 63.32
CA PRO XA 451 30.20 119.24 63.98
C PRO XA 451 30.63 120.27 62.92
N SER XA 452 30.01 121.45 62.94
CA SER XA 452 30.41 122.52 61.99
C SER XA 452 30.71 123.78 62.81
N GLY XA 453 31.94 124.29 62.75
CA GLY XA 453 32.30 125.44 63.60
C GLY XA 453 32.11 125.10 65.06
N THR XA 454 31.34 125.92 65.79
CA THR XA 454 31.03 125.63 67.21
C THR XA 454 29.56 125.21 67.31
N THR XA 455 28.89 125.09 66.17
CA THR XA 455 27.48 124.62 66.15
C THR XA 455 27.43 123.26 65.45
N THR XA 456 26.29 122.91 64.85
CA THR XA 456 26.18 121.65 64.08
C THR XA 456 25.65 121.95 62.68
N GLN XA 457 25.97 121.09 61.72
CA GLN XA 457 25.50 121.27 60.35
C GLN XA 457 24.93 119.95 59.84
N SER XA 458 23.82 120.01 59.13
CA SER XA 458 23.18 118.81 58.61
C SER XA 458 24.05 118.16 57.55
N ARG XA 459 24.29 116.86 57.70
CA ARG XA 459 25.14 116.11 56.78
C ARG XA 459 24.84 114.64 56.94
N LEU XA 460 24.43 113.99 55.85
CA LEU XA 460 24.10 112.58 55.88
C LEU XA 460 25.35 111.73 55.69
N GLN XA 461 25.51 110.71 56.53
CA GLN XA 461 26.60 109.75 56.43
C GLN XA 461 26.06 108.34 56.54
N PHE XA 462 26.77 107.40 55.93
CA PHE XA 462 26.34 106.02 55.85
C PHE XA 462 27.48 105.09 56.27
N SER XA 463 27.11 103.98 56.89
CA SER XA 463 28.07 103.01 57.38
C SER XA 463 27.62 101.61 57.01
N GLN XA 464 28.57 100.69 56.95
CA GLN XA 464 28.29 99.28 56.79
C GLN XA 464 28.16 98.64 58.16
N ALA XA 465 27.09 97.87 58.35
CA ALA XA 465 26.79 97.31 59.67
C ALA XA 465 27.60 96.04 59.92
N GLY XA 466 28.14 95.92 61.13
CA GLY XA 466 28.86 94.75 61.57
C GLY XA 466 28.35 94.29 62.93
N ALA XA 467 29.27 93.79 63.74
CA ALA XA 467 28.90 93.29 65.07
C ALA XA 467 28.69 94.42 66.07
N SER XA 468 29.48 95.50 65.98
CA SER XA 468 29.39 96.57 66.96
C SER XA 468 28.08 97.34 66.84
N ASP XA 469 27.55 97.49 65.63
CA ASP XA 469 26.28 98.14 65.40
C ASP XA 469 25.29 97.14 64.84
N ILE XA 470 25.24 95.95 65.46
CA ILE XA 470 24.46 94.83 64.97
C ILE XA 470 22.97 95.14 64.85
N ARG XA 471 22.48 96.14 65.60
CA ARG XA 471 21.07 96.48 65.55
C ARG XA 471 20.67 97.15 64.24
N ASP XA 472 21.64 97.68 63.48
CA ASP XA 472 21.35 98.41 62.26
C ASP XA 472 21.50 97.56 61.00
N GLN XA 473 21.74 96.26 61.16
CA GLN XA 473 21.96 95.40 60.01
C GLN XA 473 20.68 95.25 59.19
N SER XA 474 20.85 95.22 57.86
CA SER XA 474 19.72 94.98 56.98
C SER XA 474 19.26 93.52 57.11
N ARG XA 475 17.95 93.34 57.18
CA ARG XA 475 17.37 92.03 57.46
C ARG XA 475 16.27 91.73 56.46
N ASN XA 476 15.96 90.45 56.32
CA ASN XA 476 14.99 89.98 55.34
C ASN XA 476 13.61 89.70 55.93
N TRP XA 477 13.49 89.63 57.25
CA TRP XA 477 12.27 89.18 57.89
C TRP XA 477 11.88 90.12 59.02
N LEU XA 478 10.65 89.96 59.49
CA LEU XA 478 10.05 90.78 60.54
C LEU XA 478 9.40 89.88 61.58
N PRO XA 479 9.32 90.35 62.83
CA PRO XA 479 8.59 89.58 63.85
C PRO XA 479 7.10 89.55 63.57
N GLY XA 480 6.45 88.50 64.08
CA GLY XA 480 5.05 88.25 63.83
C GLY XA 480 4.12 89.33 64.34
N PRO XA 481 2.83 89.19 64.05
CA PRO XA 481 1.88 90.25 64.40
C PRO XA 481 1.65 90.34 65.90
N CYS XA 482 1.13 91.51 66.28
CA CYS XA 482 0.99 91.84 67.71
C CYS XA 482 -0.38 92.44 68.01
N TYR XA 483 -0.91 92.20 69.21
CA TYR XA 483 -2.12 92.85 69.70
C TYR XA 483 -1.91 93.08 71.19
N ARG XA 484 -1.46 94.28 71.54
CA ARG XA 484 -0.83 94.50 72.84
C ARG XA 484 -1.77 94.17 74.01
N GLN XA 485 -1.18 93.54 75.03
CA GLN XA 485 -1.88 93.18 76.25
C GLN XA 485 -1.32 93.99 77.42
N GLN XA 486 -2.14 94.21 78.43
CA GLN XA 486 -1.67 94.86 79.64
C GLN XA 486 -0.78 93.91 80.44
N ARG XA 487 0.23 94.47 81.09
CA ARG XA 487 1.19 93.69 81.86
C ARG XA 487 0.77 93.65 83.32
N VAL XA 488 0.71 92.43 83.84
CA VAL XA 488 0.38 92.19 85.27
C VAL XA 488 1.54 91.41 85.86
N SER XA 489 1.79 91.54 87.16
CA SER XA 489 2.88 90.88 87.86
C SER XA 489 2.35 89.84 88.82
N LYS XA 490 3.09 88.73 88.95
CA LYS XA 490 2.69 87.65 89.90
C LYS XA 490 2.91 88.17 91.32
N THR XA 491 3.84 89.10 91.52
CA THR XA 491 4.03 89.76 92.85
C THR XA 491 2.90 90.77 92.98
N SER XA 492 1.98 90.58 93.93
CA SER XA 492 0.77 91.44 94.02
C SER XA 492 1.12 92.92 94.23
N ALA XA 493 2.05 93.24 95.13
CA ALA XA 493 2.33 94.64 95.43
C ALA XA 493 2.74 95.42 94.19
N ASP XA 494 3.28 94.74 93.18
CA ASP XA 494 3.76 95.40 91.97
C ASP XA 494 2.64 95.90 91.08
N ASN XA 495 1.39 95.48 91.33
CA ASN XA 495 0.28 95.83 90.48
C ASN XA 495 -0.41 97.10 90.97
N ASN XA 496 -1.10 97.77 90.05
CA ASN XA 496 -1.82 98.98 90.41
C ASN XA 496 -2.98 98.66 91.34
N ASN XA 497 -3.20 99.52 92.33
CA ASN XA 497 -4.26 99.33 93.33
C ASN XA 497 -5.58 99.88 92.78
N SER XA 498 -6.13 99.15 91.81
CA SER XA 498 -7.39 99.51 91.18
C SER XA 498 -7.98 98.28 90.52
N GLU XA 499 -9.24 98.41 90.10
CA GLU XA 499 -9.93 97.31 89.37
C GLU XA 499 -9.78 97.60 87.89
N TYR XA 500 -8.88 96.89 87.22
CA TYR XA 500 -8.58 97.10 85.82
C TYR XA 500 -8.68 95.81 85.01
N SER XA 501 -9.41 94.81 85.50
CA SER XA 501 -9.53 93.56 84.76
C SER XA 501 -10.34 93.71 83.48
N TRP XA 502 -11.12 94.78 83.36
CA TRP XA 502 -11.89 95.04 82.15
C TRP XA 502 -11.56 96.37 81.51
N THR XA 503 -11.34 97.41 82.30
CA THR XA 503 -10.99 98.71 81.73
C THR XA 503 -9.66 98.66 80.99
N GLY XA 504 -8.67 97.99 81.58
CA GLY XA 504 -7.38 97.79 80.96
C GLY XA 504 -7.27 96.54 80.12
N ALA XA 505 -8.36 95.82 79.92
CA ALA XA 505 -8.34 94.56 79.19
C ALA XA 505 -8.25 94.81 77.68
N THR XA 506 -7.69 93.83 76.99
CA THR XA 506 -7.62 93.85 75.53
C THR XA 506 -8.88 93.20 74.96
N LYS XA 507 -9.59 93.93 74.11
CA LYS XA 507 -10.92 93.53 73.68
C LYS XA 507 -11.05 93.68 72.17
N TYR XA 508 -11.99 92.92 71.61
CA TYR XA 508 -12.42 93.12 70.24
C TYR XA 508 -13.92 93.42 70.23
N HIS XA 509 -14.33 94.28 69.31
CA HIS XA 509 -15.69 94.80 69.23
C HIS XA 509 -16.41 94.09 68.09
N LEU XA 510 -17.56 93.48 68.39
CA LEU XA 510 -18.32 92.73 67.39
C LEU XA 510 -19.80 92.93 67.65
N ASN XA 511 -20.48 93.57 66.69
CA ASN XA 511 -21.93 93.80 66.76
C ASN XA 511 -22.32 94.56 68.03
N GLY XA 512 -21.49 95.54 68.41
CA GLY XA 512 -21.78 96.35 69.57
C GLY XA 512 -21.45 95.73 70.90
N ARG XA 513 -20.88 94.52 70.90
CA ARG XA 513 -20.48 93.91 72.19
C ARG XA 513 -18.97 93.68 72.27
N ASP XA 514 -18.37 94.01 73.40
CA ASP XA 514 -16.95 93.81 73.66
C ASP XA 514 -16.72 92.40 74.21
N SER XA 515 -15.81 91.67 73.58
CA SER XA 515 -15.41 90.35 74.05
C SER XA 515 -13.94 90.40 74.44
N LEU XA 516 -13.60 89.72 75.53
CA LEU XA 516 -12.22 89.65 75.97
C LEU XA 516 -11.38 88.89 74.95
N VAL XA 517 -10.20 89.43 74.65
CA VAL XA 517 -9.24 88.75 73.79
C VAL XA 517 -8.40 87.84 74.69
N ASN XA 518 -8.69 86.55 74.65
CA ASN XA 518 -8.09 85.59 75.56
C ASN XA 518 -7.99 84.23 74.89
N PRO XA 519 -6.78 83.72 74.64
CA PRO XA 519 -5.47 84.34 74.91
C PRO XA 519 -5.00 85.24 73.77
N GLY XA 520 -5.71 85.25 72.65
CA GLY XA 520 -5.37 86.12 71.54
C GLY XA 520 -4.23 85.59 70.69
N PRO XA 521 -3.66 86.47 69.86
CA PRO XA 521 -2.53 86.06 69.01
C PRO XA 521 -1.34 85.60 69.84
N ALA XA 522 -0.61 84.63 69.29
CA ALA XA 522 0.52 84.04 70.00
C ALA XA 522 1.64 85.07 70.15
N MET XA 523 1.95 85.42 71.39
CA MET XA 523 2.98 86.40 71.69
C MET XA 523 3.75 85.94 72.93
N ALA XA 524 4.99 86.40 73.03
CA ALA XA 524 5.82 86.04 74.18
C ALA XA 524 5.25 86.64 75.46
N SER XA 525 5.25 85.84 76.52
CA SER XA 525 4.72 86.31 77.80
C SER XA 525 5.56 87.45 78.37
N HIS XA 526 6.89 87.37 78.23
CA HIS XA 526 7.77 88.36 78.81
C HIS XA 526 9.11 88.31 78.10
N LYS XA 527 9.91 89.35 78.31
CA LYS XA 527 11.25 89.43 77.76
C LYS XA 527 12.25 88.79 78.73
N ASP XA 528 13.54 88.98 78.48
CA ASP XA 528 14.56 88.39 79.33
C ASP XA 528 14.46 88.90 80.75
N ASP XA 529 14.59 87.98 81.71
CA ASP XA 529 14.68 88.31 83.13
C ASP XA 529 13.45 89.07 83.62
N GLU XA 530 12.28 88.69 83.11
CA GLU XA 530 11.02 89.28 83.55
C GLU XA 530 9.96 88.20 83.69
N GLU XA 531 10.34 87.06 84.27
CA GLU XA 531 9.45 85.91 84.36
C GLU XA 531 8.25 86.18 85.27
N LYS XA 532 8.32 87.20 86.13
CA LYS XA 532 7.18 87.51 87.00
C LYS XA 532 6.06 88.22 86.26
N PHE XA 533 6.30 88.69 85.04
CA PHE XA 533 5.31 89.43 84.27
C PHE XA 533 4.64 88.52 83.25
N PHE XA 534 3.32 88.64 83.15
CA PHE XA 534 2.55 87.91 82.16
C PHE XA 534 1.46 88.81 81.62
N PRO XA 535 1.02 88.59 80.38
CA PRO XA 535 -0.08 89.39 79.83
C PRO XA 535 -1.37 89.14 80.59
N GLN XA 536 -2.20 90.18 80.66
CA GLN XA 536 -3.40 90.12 81.49
C GLN XA 536 -4.35 89.03 81.02
N SER XA 537 -4.55 88.90 79.71
CA SER XA 537 -5.37 87.82 79.16
C SER XA 537 -4.69 87.21 77.94
N GLY XA 538 -3.36 87.10 77.99
CA GLY XA 538 -2.60 86.58 76.87
C GLY XA 538 -2.00 85.20 77.05
N VAL XA 539 -2.27 84.53 78.16
CA VAL XA 539 -1.75 83.19 78.41
C VAL XA 539 -2.88 82.30 78.92
N LEU XA 540 -2.73 81.00 78.70
CA LEU XA 540 -3.65 80.05 79.29
C LEU XA 540 -3.39 79.92 80.78
N ILE XA 541 -4.45 79.89 81.57
CA ILE XA 541 -4.36 79.75 83.02
C ILE XA 541 -5.15 78.50 83.40
N PHE XA 542 -4.45 77.51 83.94
CA PHE XA 542 -5.06 76.26 84.38
C PHE XA 542 -5.23 76.28 85.89
N GLY XA 543 -6.30 75.66 86.36
CA GLY XA 543 -6.58 75.58 87.77
C GLY XA 543 -5.89 74.38 88.40
N LYS XA 544 -5.35 74.59 89.61
CA LYS XA 544 -4.83 73.48 90.38
C LYS XA 544 -5.96 72.60 90.87
N GLN XA 545 -5.61 71.42 91.38
CA GLN XA 545 -6.62 70.49 91.89
C GLN XA 545 -7.36 71.11 93.07
N GLY XA 546 -8.69 71.03 93.03
CA GLY XA 546 -9.52 71.57 94.08
C GLY XA 546 -9.81 73.05 93.97
N SER XA 547 -9.41 73.68 92.87
CA SER XA 547 -9.59 75.14 92.71
C SER XA 547 -11.06 75.47 92.46
N GLU XA 548 -11.57 76.54 93.07
CA GLU XA 548 -12.94 76.94 92.90
C GLU XA 548 -13.14 77.60 91.54
N LYS XA 549 -14.33 78.19 91.34
CA LYS XA 549 -14.68 78.76 90.06
C LYS XA 549 -14.48 80.28 90.01
N THR XA 550 -14.80 80.99 91.08
CA THR XA 550 -14.85 82.44 91.08
C THR XA 550 -13.80 83.02 92.02
N ASN XA 551 -12.96 83.91 91.48
CA ASN XA 551 -12.06 84.75 92.27
C ASN XA 551 -11.13 83.94 93.15
N VAL XA 552 -10.47 82.95 92.56
CA VAL XA 552 -9.44 82.21 93.25
C VAL XA 552 -8.14 82.99 93.22
N ASP XA 553 -7.29 82.76 94.21
CA ASP XA 553 -6.04 83.49 94.31
C ASP XA 553 -5.05 83.00 93.25
N ILE XA 554 -3.95 83.74 93.13
CA ILE XA 554 -2.94 83.38 92.13
C ILE XA 554 -2.25 82.07 92.49
N GLU XA 555 -2.12 81.77 93.79
CA GLU XA 555 -1.51 80.51 94.20
C GLU XA 555 -2.40 79.31 93.91
N LYS XA 556 -3.67 79.53 93.57
CA LYS XA 556 -4.59 78.46 93.21
C LYS XA 556 -4.57 78.12 91.74
N VAL XA 557 -3.86 78.90 90.91
CA VAL XA 557 -3.83 78.69 89.47
C VAL XA 557 -2.39 78.57 89.02
N MET XA 558 -2.21 77.95 87.85
CA MET XA 558 -0.91 77.77 87.22
C MET XA 558 -0.93 78.53 85.90
N ILE XA 559 -0.10 79.56 85.80
CA ILE XA 559 -0.06 80.43 84.63
C ILE XA 559 1.01 79.92 83.67
N THR XA 560 0.63 79.70 82.42
CA THR XA 560 1.57 79.18 81.44
C THR XA 560 2.52 80.28 80.95
N ASP XA 561 3.61 79.84 80.33
CA ASP XA 561 4.62 80.80 79.83
C ASP XA 561 4.90 80.49 78.37
N GLU XA 562 4.91 81.51 77.54
CA GLU XA 562 5.19 81.43 76.11
C GLU XA 562 6.49 82.14 75.78
N GLU XA 563 7.52 81.95 76.61
CA GLU XA 563 8.79 82.62 76.40
C GLU XA 563 9.63 81.96 75.32
N GLU XA 564 9.34 80.72 74.94
CA GLU XA 564 10.14 80.04 73.93
C GLU XA 564 9.95 80.64 72.54
N ILE XA 565 8.92 81.45 72.34
CA ILE XA 565 8.64 82.03 71.03
C ILE XA 565 9.04 83.50 70.95
N ARG XA 566 9.74 84.01 71.96
CA ARG XA 566 10.20 85.39 71.91
C ARG XA 566 11.31 85.60 70.90
N THR XA 567 11.85 84.52 70.32
CA THR XA 567 12.84 84.66 69.27
C THR XA 567 12.24 85.26 68.00
N THR XA 568 10.99 84.93 67.69
CA THR XA 568 10.32 85.42 66.49
C THR XA 568 9.06 86.22 66.76
N ASN XA 569 8.48 86.13 67.95
CA ASN XA 569 7.23 86.80 68.24
C ASN XA 569 7.44 87.96 69.21
N PRO XA 570 6.75 89.07 69.00
CA PRO XA 570 6.91 90.21 69.91
C PRO XA 570 6.37 89.88 71.29
N VAL XA 571 6.94 90.55 72.29
CA VAL XA 571 6.45 90.41 73.65
C VAL XA 571 5.03 90.98 73.73
N ALA XA 572 4.16 90.26 74.44
CA ALA XA 572 2.74 90.58 74.44
C ALA XA 572 2.47 91.96 75.04
N THR XA 573 3.23 92.33 76.07
CA THR XA 573 2.96 93.56 76.82
C THR XA 573 3.70 94.77 76.28
N GLU XA 574 4.46 94.62 75.21
CA GLU XA 574 5.24 95.70 74.64
C GLU XA 574 4.77 96.00 73.22
N GLN XA 575 5.23 97.13 72.71
CA GLN XA 575 4.87 97.55 71.35
C GLN XA 575 5.60 96.67 70.33
N TYR XA 576 5.00 96.58 69.14
CA TYR XA 576 5.68 95.90 68.04
C TYR XA 576 6.93 96.65 67.62
N GLY XA 577 6.85 97.97 67.56
CA GLY XA 577 7.98 98.77 67.10
C GLY XA 577 7.59 100.23 67.01
N SER XA 578 8.30 100.95 66.14
CA SER XA 578 8.06 102.38 65.94
C SER XA 578 8.01 102.68 64.46
N VAL XA 579 7.16 103.65 64.11
CA VAL XA 579 7.02 104.14 62.74
C VAL XA 579 7.10 105.66 62.76
N SER XA 580 7.48 106.22 61.62
CA SER XA 580 7.50 107.67 61.48
C SER XA 580 6.08 108.21 61.35
N THR XA 581 5.86 109.41 61.88
CA THR XA 581 4.55 110.04 61.86
C THR XA 581 4.52 111.39 61.16
N ASN XA 582 5.67 111.93 60.75
CA ASN XA 582 5.71 113.22 60.08
C ASN XA 582 6.85 113.20 59.06
N LEU XA 583 7.16 114.38 58.53
CA LEU XA 583 8.24 114.55 57.56
C LEU XA 583 9.23 115.57 58.12
N GLN XA 584 10.40 115.10 58.51
CA GLN XA 584 11.44 116.00 59.01
C GLN XA 584 11.93 116.91 57.90
N ARG XA 585 12.29 118.12 58.31
CA ARG XA 585 12.71 119.15 57.33
C ARG XA 585 13.54 120.20 58.05
N GLY XA 586 14.59 120.70 57.40
CA GLY XA 586 15.38 121.80 57.95
C GLY XA 586 14.85 123.15 57.53
N ASN XA 587 15.59 124.19 57.95
CA ASN XA 587 15.14 125.58 57.70
C ASN XA 587 15.37 125.97 56.23
N THR XA 594 9.56 126.49 58.82
CA THR XA 594 10.48 126.33 59.97
C THR XA 594 11.02 124.90 59.98
N SER XA 595 11.88 124.54 60.94
CA SER XA 595 12.31 123.16 60.92
C SER XA 595 11.36 122.27 61.69
N ARG XA 596 11.27 121.01 61.27
CA ARG XA 596 10.45 119.99 61.95
C ARG XA 596 11.32 118.78 62.23
N GLN XA 597 11.37 118.37 63.48
CA GLN XA 597 12.17 117.21 63.87
C GLN XA 597 11.39 115.91 63.64
N ALA XA 598 12.11 114.85 63.33
CA ALA XA 598 11.48 113.56 63.06
C ALA XA 598 10.77 113.05 64.30
N ALA XA 599 9.56 112.53 64.12
CA ALA XA 599 8.73 112.03 65.19
C ALA XA 599 8.37 110.57 64.93
N THR XA 600 8.24 109.81 66.01
CA THR XA 600 7.90 108.39 65.94
C THR XA 600 6.77 108.08 66.91
N ALA XA 601 6.05 107.00 66.61
CA ALA XA 601 4.97 106.54 67.46
C ALA XA 601 5.10 105.04 67.68
N ASP XA 602 4.63 104.58 68.85
CA ASP XA 602 4.61 103.16 69.13
C ASP XA 602 3.50 102.48 68.34
N VAL XA 603 3.77 101.26 67.90
CA VAL XA 603 2.81 100.46 67.15
C VAL XA 603 2.29 99.40 68.12
N ASN XA 604 1.19 99.72 68.80
CA ASN XA 604 0.61 98.81 69.77
C ASN XA 604 -0.18 97.67 69.12
N THR XA 605 -0.60 97.83 67.87
CA THR XA 605 -1.25 96.78 67.12
C THR XA 605 -0.67 96.72 65.73
N GLN XA 606 -0.25 95.54 65.30
CA GLN XA 606 0.39 95.35 64.01
C GLN XA 606 -0.25 94.18 63.30
N GLY XA 607 -0.80 94.44 62.11
CA GLY XA 607 -1.31 93.37 61.27
C GLY XA 607 -0.19 92.65 60.56
N VAL XA 608 -0.58 91.62 59.81
CA VAL XA 608 0.40 90.80 59.11
C VAL XA 608 0.98 91.59 57.94
N LEU XA 609 2.30 91.61 57.84
CA LEU XA 609 3.05 92.23 56.77
C LEU XA 609 3.78 91.17 55.95
N PRO XA 610 4.04 91.44 54.67
CA PRO XA 610 4.86 90.51 53.89
C PRO XA 610 6.25 90.37 54.50
N GLY XA 611 6.75 89.13 54.51
CA GLY XA 611 8.02 88.83 55.14
C GLY XA 611 7.94 88.56 56.62
N MET XA 612 6.74 88.51 57.20
CA MET XA 612 6.59 88.27 58.66
C MET XA 612 6.63 86.78 58.97
N VAL XA 613 7.34 86.38 60.03
CA VAL XA 613 7.46 85.01 60.51
C VAL XA 613 7.10 84.98 61.98
N TRP XA 614 6.43 83.91 62.41
CA TRP XA 614 5.96 83.81 63.78
C TRP XA 614 5.81 82.34 64.14
N GLN XA 615 5.67 82.08 65.44
CA GLN XA 615 5.39 80.76 65.97
C GLN XA 615 4.01 80.75 66.61
N ASP XA 616 3.32 79.63 66.49
CA ASP XA 616 1.99 79.51 67.07
C ASP XA 616 2.08 79.27 68.57
N ARG XA 617 0.93 79.32 69.24
CA ARG XA 617 0.88 79.09 70.67
C ARG XA 617 1.20 77.63 70.98
N ASP XA 618 1.89 77.42 72.09
CA ASP XA 618 2.25 76.06 72.50
C ASP XA 618 1.02 75.29 72.97
N VAL XA 619 1.11 73.97 72.85
CA VAL XA 619 0.09 73.08 73.39
C VAL XA 619 0.60 72.50 74.70
N TYR XA 620 -0.33 72.12 75.57
CA TYR XA 620 0.00 71.66 76.91
C TYR XA 620 -0.72 70.34 77.17
N LEU XA 621 -0.23 69.61 78.18
CA LEU XA 621 -0.85 68.34 78.53
C LEU XA 621 -2.30 68.54 78.96
N GLN XA 622 -2.57 69.60 79.71
CA GLN XA 622 -3.93 69.95 80.10
C GLN XA 622 -4.66 70.78 79.05
N GLY XA 623 -3.98 71.15 77.97
CA GLY XA 623 -4.56 72.03 76.98
C GLY XA 623 -5.40 71.32 75.94
N PRO XA 624 -6.12 72.10 75.13
CA PRO XA 624 -6.92 71.50 74.06
C PRO XA 624 -6.06 70.98 72.92
N ILE XA 625 -6.62 70.03 72.19
CA ILE XA 625 -5.94 69.40 71.06
C ILE XA 625 -6.29 70.07 69.75
N TRP XA 626 -7.58 70.29 69.49
CA TRP XA 626 -8.03 70.78 68.19
C TRP XA 626 -9.17 71.78 68.38
N ALA XA 627 -9.58 72.37 67.27
CA ALA XA 627 -10.76 73.22 67.22
C ALA XA 627 -11.28 73.21 65.78
N LYS XA 628 -12.57 73.49 65.64
CA LYS XA 628 -13.17 73.54 64.32
C LYS XA 628 -12.97 74.92 63.71
N ILE XA 629 -12.40 74.96 62.52
CA ILE XA 629 -12.26 76.22 61.80
C ILE XA 629 -13.64 76.71 61.37
N PRO XA 630 -14.02 77.94 61.70
CA PRO XA 630 -15.36 78.41 61.33
C PRO XA 630 -15.57 78.39 59.82
N HIS XA 631 -16.78 78.05 59.40
CA HIS XA 631 -17.13 78.00 57.99
C HIS XA 631 -17.35 79.43 57.50
N THR XA 632 -16.27 80.04 57.02
CA THR XA 632 -16.29 81.42 56.57
C THR XA 632 -15.61 81.52 55.22
N ASP XA 633 -15.87 82.62 54.52
CA ASP XA 633 -15.30 82.81 53.16
C ASP XA 633 -13.79 82.95 53.27
N GLY XA 634 -13.31 83.66 54.29
CA GLY XA 634 -11.88 83.88 54.44
C GLY XA 634 -11.43 83.68 55.87
N HIS XA 635 -10.18 83.26 55.99
CA HIS XA 635 -9.49 83.14 57.27
C HIS XA 635 -8.01 83.09 57.01
N PHE XA 636 -7.22 83.63 57.94
CA PHE XA 636 -5.78 83.67 57.81
C PHE XA 636 -5.16 82.84 58.92
N HIS XA 637 -4.32 81.87 58.53
CA HIS XA 637 -3.61 81.00 59.46
C HIS XA 637 -4.57 80.42 60.50
N PRO XA 638 -5.43 79.48 60.12
CA PRO XA 638 -6.48 78.98 61.01
C PRO XA 638 -5.99 78.01 62.08
N SER XA 639 -4.91 78.38 62.76
CA SER XA 639 -4.49 77.70 63.98
C SER XA 639 -5.28 78.27 65.16
N PRO XA 640 -5.89 77.42 65.99
CA PRO XA 640 -6.67 77.95 67.11
C PRO XA 640 -5.81 78.81 68.03
N LEU XA 641 -6.40 79.92 68.50
CA LEU XA 641 -5.64 80.84 69.33
C LEU XA 641 -5.38 80.27 70.71
N MET XA 642 -6.24 79.38 71.20
CA MET XA 642 -6.00 78.71 72.47
C MET XA 642 -4.95 77.63 72.37
N GLY XA 643 -4.50 77.28 71.18
CA GLY XA 643 -3.49 76.26 70.98
C GLY XA 643 -4.07 74.98 70.41
N GLY XA 644 -3.34 74.38 69.47
CA GLY XA 644 -3.77 73.13 68.90
C GLY XA 644 -3.79 73.09 67.39
N PHE XA 645 -4.61 72.19 66.83
CA PHE XA 645 -4.67 71.98 65.40
C PHE XA 645 -6.01 72.46 64.87
N GLY XA 646 -5.96 73.34 63.86
CA GLY XA 646 -7.17 73.81 63.21
C GLY XA 646 -7.67 72.81 62.19
N LEU XA 647 -8.91 72.36 62.34
CA LEU XA 647 -9.47 71.32 61.48
C LEU XA 647 -10.75 71.83 60.83
N LYS XA 648 -10.81 71.77 59.50
CA LYS XA 648 -12.05 72.10 58.81
C LYS XA 648 -13.12 71.07 59.08
N HIS XA 649 -12.73 69.81 59.23
CA HIS XA 649 -13.62 68.72 59.61
C HIS XA 649 -13.03 68.04 60.84
N PRO XA 650 -13.28 68.60 62.03
CA PRO XA 650 -12.71 68.04 63.25
C PRO XA 650 -13.41 66.74 63.62
N PRO XA 651 -12.93 66.03 64.64
CA PRO XA 651 -13.65 64.84 65.12
C PRO XA 651 -15.08 65.19 65.47
N PRO XA 652 -16.04 64.43 64.94
CA PRO XA 652 -17.45 64.81 65.11
C PRO XA 652 -17.90 64.72 66.56
N GLN XA 653 -18.88 65.56 66.90
CA GLN XA 653 -19.50 65.49 68.21
C GLN XA 653 -20.26 64.18 68.36
N ILE XA 654 -20.09 63.53 69.51
CA ILE XA 654 -20.75 62.28 69.82
C ILE XA 654 -21.81 62.57 70.87
N LEU XA 655 -23.08 62.47 70.48
CA LEU XA 655 -24.20 62.81 71.35
C LEU XA 655 -24.83 61.54 71.89
N ILE XA 656 -25.08 61.53 73.20
CA ILE XA 656 -25.64 60.38 73.89
C ILE XA 656 -26.72 60.86 74.85
N LYS XA 657 -27.82 60.13 74.92
CA LYS XA 657 -28.87 60.45 75.89
C LYS XA 657 -29.65 59.19 76.21
N ASN XA 658 -30.30 59.21 77.37
CA ASN XA 658 -31.14 58.08 77.78
C ASN XA 658 -32.50 58.21 77.13
N THR XA 659 -33.00 57.11 76.59
CA THR XA 659 -34.33 57.11 76.00
C THR XA 659 -35.38 57.27 77.09
N PRO XA 660 -36.28 58.24 76.97
CA PRO XA 660 -37.29 58.43 78.01
C PRO XA 660 -38.24 57.24 78.08
N VAL XA 661 -38.43 56.73 79.30
CA VAL XA 661 -39.33 55.63 79.56
C VAL XA 661 -40.54 56.18 80.31
N PRO XA 662 -41.72 56.25 79.68
CA PRO XA 662 -42.88 56.81 80.36
C PRO XA 662 -43.27 56.00 81.59
N ALA XA 663 -43.77 56.71 82.60
CA ALA XA 663 -44.28 56.07 83.80
C ALA XA 663 -45.69 55.55 83.52
N ASN XA 664 -46.42 55.19 84.57
CA ASN XA 664 -47.73 54.57 84.41
C ASN XA 664 -48.70 55.55 83.74
N PRO XA 665 -49.25 55.22 82.58
CA PRO XA 665 -50.20 56.12 81.92
C PRO XA 665 -51.61 55.95 82.47
N SER XA 666 -52.43 56.94 82.13
CA SER XA 666 -53.87 56.91 82.53
C SER XA 666 -54.61 55.93 81.64
N THR XA 667 -55.59 55.23 82.20
CA THR XA 667 -56.40 54.31 81.41
C THR XA 667 -57.30 55.01 80.42
N THR XA 668 -57.50 56.32 80.58
CA THR XA 668 -58.26 57.12 79.63
C THR XA 668 -57.29 57.90 78.75
N PHE XA 669 -57.62 58.00 77.47
CA PHE XA 669 -56.73 58.67 76.54
C PHE XA 669 -56.62 60.16 76.86
N SER XA 670 -55.40 60.67 76.80
CA SER XA 670 -55.13 62.09 76.98
C SER XA 670 -54.18 62.54 75.89
N ALA XA 671 -54.55 63.62 75.19
CA ALA XA 671 -53.73 64.15 74.12
C ALA XA 671 -52.54 64.95 74.63
N ALA XA 672 -52.49 65.26 75.92
CA ALA XA 672 -51.35 65.98 76.47
C ALA XA 672 -50.10 65.12 76.40
N LYS XA 673 -48.97 65.75 76.07
CA LYS XA 673 -47.72 65.01 75.99
C LYS XA 673 -47.32 64.50 77.37
N PHE XA 674 -46.59 63.38 77.35
CA PHE XA 674 -46.20 62.73 78.62
C PHE XA 674 -45.27 63.62 79.43
N ALA XA 675 -45.58 63.79 80.71
CA ALA XA 675 -44.76 64.56 81.62
C ALA XA 675 -44.21 63.76 82.78
N SER XA 676 -44.63 62.51 82.95
CA SER XA 676 -44.17 61.64 84.02
C SER XA 676 -43.34 60.51 83.41
N PHE XA 677 -42.13 60.32 83.92
CA PHE XA 677 -41.21 59.33 83.40
C PHE XA 677 -40.56 58.59 84.56
N ILE XA 678 -40.04 57.40 84.26
CA ILE XA 678 -39.27 56.64 85.24
C ILE XA 678 -37.89 57.25 85.34
N THR XA 679 -37.49 57.61 86.55
CA THR XA 679 -36.17 58.19 86.77
C THR XA 679 -35.10 57.15 86.50
N GLN XA 680 -34.12 57.51 85.66
CA GLN XA 680 -33.09 56.55 85.31
C GLN XA 680 -31.86 57.28 84.80
N TYR XA 681 -30.72 56.60 84.91
CA TYR XA 681 -29.46 57.07 84.38
C TYR XA 681 -28.75 55.88 83.73
N SER XA 682 -27.62 56.15 83.11
CA SER XA 682 -26.84 55.09 82.47
C SER XA 682 -25.38 55.22 82.83
N THR XA 683 -24.68 54.09 82.81
CA THR XA 683 -23.25 54.05 83.05
C THR XA 683 -22.64 53.07 82.06
N GLY XA 684 -21.36 53.27 81.78
CA GLY XA 684 -20.69 52.41 80.81
C GLY XA 684 -19.24 52.79 80.68
N GLN XA 685 -18.61 52.24 79.66
CA GLN XA 685 -17.20 52.48 79.37
C GLN XA 685 -17.06 53.12 78.00
N VAL XA 686 -16.07 54.01 77.89
CA VAL XA 686 -15.77 54.72 76.65
C VAL XA 686 -14.30 54.52 76.33
N SER XA 687 -14.00 54.24 75.07
CA SER XA 687 -12.62 54.03 74.61
C SER XA 687 -12.31 55.00 73.48
N VAL XA 688 -11.17 55.67 73.59
CA VAL XA 688 -10.68 56.57 72.55
C VAL XA 688 -9.25 56.14 72.22
N GLU XA 689 -9.01 55.83 70.94
CA GLU XA 689 -7.69 55.46 70.47
C GLU XA 689 -7.29 56.40 69.34
N ILE XA 690 -6.18 57.12 69.51
CA ILE XA 690 -5.70 58.09 68.54
C ILE XA 690 -4.29 57.68 68.10
N GLU XA 691 -4.08 57.65 66.79
CA GLU XA 691 -2.75 57.45 66.22
C GLU XA 691 -2.14 58.82 65.91
N TRP XA 692 -0.93 59.04 66.40
CA TRP XA 692 -0.21 60.29 66.20
C TRP XA 692 1.03 60.03 65.37
N GLU XA 693 1.34 60.96 64.47
CA GLU XA 693 2.56 60.91 63.68
C GLU XA 693 3.62 61.79 64.31
N LEU XA 694 4.84 61.30 64.36
CA LEU XA 694 5.96 61.99 65.01
C LEU XA 694 6.93 62.52 63.98
N GLN XA 695 7.49 63.69 64.27
CA GLN XA 695 8.55 64.30 63.48
C GLN XA 695 9.83 64.18 64.30
N LYS XA 696 10.67 63.21 63.94
CA LYS XA 696 11.85 62.90 64.74
C LYS XA 696 12.85 64.05 64.70
N GLU XA 697 13.45 64.32 65.85
CA GLU XA 697 14.48 65.35 65.95
C GLU XA 697 15.74 64.91 65.21
N ASN XA 698 16.32 65.84 64.44
CA ASN XA 698 17.50 65.58 63.63
C ASN XA 698 18.53 66.69 63.86
N SER XA 699 18.75 67.03 65.13
CA SER XA 699 19.63 68.14 65.47
C SER XA 699 21.10 67.74 65.37
N LYS XA 700 21.97 68.73 65.17
CA LYS XA 700 23.44 68.48 65.12
C LYS XA 700 24.14 69.37 66.15
N ARG XA 701 23.42 69.85 67.17
CA ARG XA 701 24.06 70.62 68.21
C ARG XA 701 24.96 69.72 69.05
N TRP XA 702 26.00 70.33 69.63
CA TRP XA 702 27.01 69.56 70.35
C TRP XA 702 26.67 69.42 71.84
N ASN XA 703 26.37 70.52 72.50
CA ASN XA 703 26.10 70.49 73.92
C ASN XA 703 24.68 69.97 74.20
N PRO XA 704 24.42 69.41 75.41
CA PRO XA 704 23.12 68.82 75.71
C PRO XA 704 21.96 69.83 75.62
N GLU XA 705 20.72 69.36 75.50
CA GLU XA 705 19.54 70.23 75.32
C GLU XA 705 18.74 70.35 76.62
N ILE XA 706 17.78 71.27 76.67
CA ILE XA 706 16.87 71.26 77.87
C ILE XA 706 15.84 70.14 77.71
N GLN XA 707 15.66 69.32 78.75
CA GLN XA 707 14.64 68.29 78.72
C GLN XA 707 13.75 68.42 79.94
N TYR XA 708 12.49 68.05 79.79
CA TYR XA 708 11.61 68.00 80.95
C TYR XA 708 12.00 66.81 81.82
N THR XA 709 12.01 67.03 83.13
CA THR XA 709 12.46 66.01 84.06
C THR XA 709 11.72 66.16 85.38
N SER XA 710 11.68 65.07 86.13
CA SER XA 710 11.10 65.13 87.48
C SER XA 710 12.18 65.64 88.42
N ASN XA 711 11.82 66.17 89.59
CA ASN XA 711 12.88 66.72 90.46
C ASN XA 711 13.32 65.59 91.39
N TYR XA 712 14.62 65.36 91.53
CA TYR XA 712 15.13 64.21 92.32
C TYR XA 712 14.90 64.42 93.81
N ASN XA 713 14.90 65.67 94.30
CA ASN XA 713 14.80 65.86 95.74
C ASN XA 713 13.54 65.22 96.30
N LYS XA 714 13.66 64.80 97.57
CA LYS XA 714 12.53 64.13 98.26
C LYS XA 714 11.36 65.08 98.41
N SER XA 715 10.17 64.51 98.46
CA SER XA 715 8.97 65.31 98.64
C SER XA 715 7.92 64.45 99.32
N ILE XA 716 6.92 65.12 99.90
CA ILE XA 716 5.82 64.42 100.55
C ILE XA 716 5.02 63.62 99.52
N ASN XA 717 4.76 64.21 98.36
CA ASN XA 717 3.99 63.59 97.29
C ASN XA 717 4.81 63.54 96.01
N VAL XA 718 4.61 62.48 95.24
CA VAL XA 718 5.22 62.38 93.92
C VAL XA 718 4.36 63.15 92.92
N ASP XA 719 5.00 63.81 91.96
CA ASP XA 719 4.27 64.60 90.97
C ASP XA 719 3.47 63.69 90.06
N PHE XA 720 2.28 64.15 89.67
CA PHE XA 720 1.40 63.44 88.75
C PHE XA 720 1.01 62.06 89.29
N THR XA 721 0.78 61.98 90.59
CA THR XA 721 0.27 60.77 91.23
C THR XA 721 -0.91 61.15 92.11
N VAL XA 722 -1.38 60.20 92.90
CA VAL XA 722 -2.46 60.42 93.83
C VAL XA 722 -1.88 60.68 95.22
N ASP XA 723 -2.62 61.41 96.04
CA ASP XA 723 -2.20 61.69 97.40
C ASP XA 723 -2.80 60.63 98.34
N THR XA 724 -2.72 60.88 99.64
CA THR XA 724 -3.25 59.91 100.64
C THR XA 724 -4.76 59.83 100.51
N ASN XA 725 -5.39 60.79 99.83
CA ASN XA 725 -6.86 60.75 99.61
C ASN XA 725 -7.13 60.09 98.24
N GLY XA 726 -6.08 59.68 97.54
CA GLY XA 726 -6.24 59.05 96.21
C GLY XA 726 -6.69 60.07 95.18
N VAL XA 727 -6.47 61.37 95.46
CA VAL XA 727 -6.88 62.45 94.54
C VAL XA 727 -5.75 62.71 93.53
N TYR XA 728 -6.02 62.53 92.24
CA TYR XA 728 -5.01 62.79 91.23
C TYR XA 728 -4.89 64.27 90.97
N SER XA 729 -3.65 64.75 90.87
CA SER XA 729 -3.40 66.16 90.63
C SER XA 729 -2.30 66.30 89.57
N GLU XA 730 -2.34 67.42 88.86
CA GLU XA 730 -1.31 67.77 87.89
C GLU XA 730 -0.58 68.99 88.40
N PRO XA 731 0.63 68.85 88.96
CA PRO XA 731 1.25 69.96 89.69
C PRO XA 731 1.54 71.19 88.84
N ARG XA 732 1.89 71.03 87.57
CA ARG XA 732 2.27 72.16 86.74
C ARG XA 732 1.88 71.88 85.30
N PRO XA 733 1.69 72.92 84.49
CA PRO XA 733 1.50 72.70 83.05
C PRO XA 733 2.82 72.34 82.39
N ILE XA 734 2.76 71.37 81.48
CA ILE XA 734 3.92 70.94 80.71
C ILE XA 734 3.65 71.28 79.26
N GLY XA 735 4.53 72.08 78.67
CA GLY XA 735 4.47 72.39 77.25
C GLY XA 735 5.13 71.30 76.44
N THR XA 736 5.52 71.66 75.22
CA THR XA 736 6.21 70.73 74.34
C THR XA 736 7.54 71.24 73.83
N ARG XA 737 7.91 72.49 74.11
CA ARG XA 737 9.03 73.14 73.44
C ARG XA 737 10.27 73.06 74.34
N TYR XA 738 10.96 71.93 74.25
CA TYR XA 738 12.19 71.69 74.98
C TYR XA 738 13.39 71.47 74.09
N LEU XA 739 13.23 70.70 73.00
CA LEU XA 739 14.30 70.60 72.02
C LEU XA 739 14.44 71.91 71.25
N THR XA 740 15.58 72.07 70.59
CA THR XA 740 15.88 73.29 69.88
C THR XA 740 16.17 73.00 68.41
N ARG XA 741 15.81 73.97 67.57
CA ARG XA 741 16.11 73.89 66.12
C ARG XA 741 16.55 75.29 65.69
N ASN XA 742 17.44 75.41 64.70
CA ASN XA 742 17.86 76.70 64.16
C ASN XA 742 16.73 77.32 63.36
N LEU XA 743 16.74 78.66 63.30
CA LEU XA 743 15.76 79.39 62.51
C LEU XA 743 15.94 79.12 61.02
N ALA YA 218 -47.52 21.54 -69.45
CA ALA YA 218 -46.67 20.40 -69.05
C ALA YA 218 -45.68 20.10 -70.18
N ASP YA 219 -46.15 20.16 -71.41
CA ASP YA 219 -45.30 19.76 -72.57
C ASP YA 219 -45.35 20.87 -73.62
N GLY YA 220 -45.90 22.02 -73.25
CA GLY YA 220 -45.88 23.16 -74.20
C GLY YA 220 -46.21 22.73 -75.62
N VAL YA 221 -45.51 23.29 -76.61
CA VAL YA 221 -45.86 22.99 -78.03
C VAL YA 221 -44.68 22.19 -78.58
N GLY YA 222 -44.93 20.97 -78.99
CA GLY YA 222 -43.93 20.11 -79.58
C GLY YA 222 -43.49 18.95 -78.73
N ASN YA 223 -43.98 18.83 -77.51
CA ASN YA 223 -43.68 17.71 -76.63
C ASN YA 223 -44.94 16.90 -76.40
N SER YA 224 -44.88 15.60 -76.69
CA SER YA 224 -46.04 14.75 -76.53
C SER YA 224 -46.34 14.53 -75.05
N SER YA 225 -47.62 14.56 -74.71
CA SER YA 225 -48.08 14.39 -73.34
C SER YA 225 -48.62 12.99 -73.07
N GLY YA 226 -48.44 12.06 -73.99
CA GLY YA 226 -48.90 10.71 -73.78
C GLY YA 226 -48.49 9.82 -74.92
N ASN YA 227 -48.73 8.52 -74.75
CA ASN YA 227 -48.39 7.50 -75.73
C ASN YA 227 -49.61 6.67 -76.05
N TRP YA 228 -49.54 5.92 -77.15
CA TRP YA 228 -50.62 5.06 -77.58
C TRP YA 228 -50.51 3.72 -76.88
N HIS YA 229 -51.47 3.43 -76.01
CA HIS YA 229 -51.50 2.15 -75.26
C HIS YA 229 -52.80 1.43 -75.58
N CYS YA 230 -52.78 0.53 -76.56
CA CYS YA 230 -53.98 -0.26 -76.90
C CYS YA 230 -53.55 -1.73 -76.87
N ASP YA 231 -53.98 -2.48 -75.85
CA ASP YA 231 -53.51 -3.88 -75.71
C ASP YA 231 -54.24 -4.59 -74.56
N SER YA 232 -54.01 -5.89 -74.38
CA SER YA 232 -54.58 -6.54 -73.21
C SER YA 232 -53.57 -7.52 -72.63
N THR YA 233 -53.54 -7.61 -71.31
CA THR YA 233 -52.63 -8.50 -70.60
C THR YA 233 -53.46 -9.45 -69.74
N TRP YA 234 -53.24 -10.75 -69.93
CA TRP YA 234 -53.91 -11.78 -69.15
C TRP YA 234 -52.91 -12.31 -68.11
N MET YA 235 -53.25 -12.14 -66.84
CA MET YA 235 -52.35 -12.60 -65.74
C MET YA 235 -53.18 -13.36 -64.71
N GLY YA 236 -53.25 -14.68 -64.83
CA GLY YA 236 -53.99 -15.49 -63.87
C GLY YA 236 -55.47 -15.18 -63.92
N ASP YA 237 -56.01 -14.75 -62.78
CA ASP YA 237 -57.42 -14.43 -62.64
C ASP YA 237 -57.73 -12.98 -62.97
N ARG YA 238 -56.89 -12.32 -63.75
CA ARG YA 238 -57.12 -10.93 -64.14
C ARG YA 238 -56.84 -10.75 -65.62
N VAL YA 239 -57.57 -9.86 -66.25
CA VAL YA 239 -57.27 -9.38 -67.60
C VAL YA 239 -57.40 -7.87 -67.60
N THR YA 240 -56.35 -7.18 -68.03
CA THR YA 240 -56.35 -5.73 -68.11
C THR YA 240 -56.41 -5.32 -69.57
N THR YA 241 -57.48 -4.66 -69.96
CA THR YA 241 -57.67 -4.20 -71.33
C THR YA 241 -57.45 -2.69 -71.38
N THR YA 242 -56.62 -2.25 -72.32
CA THR YA 242 -56.34 -0.84 -72.53
C THR YA 242 -56.69 -0.47 -73.97
N SER YA 243 -57.31 0.69 -74.14
CA SER YA 243 -57.74 1.14 -75.46
C SER YA 243 -57.39 2.61 -75.63
N THR YA 244 -56.94 2.97 -76.83
CA THR YA 244 -56.68 4.35 -77.18
C THR YA 244 -57.42 4.69 -78.47
N ARG YA 245 -58.04 5.86 -78.49
CA ARG YA 245 -58.79 6.33 -79.66
C ARG YA 245 -58.48 7.79 -79.91
N THR YA 246 -58.74 8.23 -81.13
CA THR YA 246 -58.61 9.64 -81.50
C THR YA 246 -60.00 10.24 -81.58
N TRP YA 247 -60.22 11.31 -80.84
CA TRP YA 247 -61.53 11.95 -80.75
C TRP YA 247 -61.50 13.35 -81.35
N ALA YA 248 -62.67 13.80 -81.78
CA ALA YA 248 -62.87 15.15 -82.28
C ALA YA 248 -64.02 15.77 -81.53
N LEU YA 249 -63.81 16.96 -80.98
CA LEU YA 249 -64.81 17.66 -80.18
C LEU YA 249 -65.14 18.99 -80.82
N PRO YA 250 -66.32 19.17 -81.38
CA PRO YA 250 -66.70 20.46 -81.96
C PRO YA 250 -67.20 21.41 -80.87
N THR YA 251 -67.64 22.58 -81.30
CA THR YA 251 -68.33 23.52 -80.42
C THR YA 251 -69.82 23.26 -80.49
N TYR YA 252 -70.43 22.98 -79.33
CA TYR YA 252 -71.83 22.59 -79.27
C TYR YA 252 -72.69 23.76 -78.81
N ASN YA 253 -73.81 23.95 -79.51
CA ASN YA 253 -74.80 24.99 -79.20
C ASN YA 253 -74.24 26.40 -79.29
N ASN YA 254 -73.09 26.56 -79.94
CA ASN YA 254 -72.39 27.84 -80.01
C ASN YA 254 -72.14 28.41 -78.61
N HIS YA 255 -71.60 27.54 -77.74
CA HIS YA 255 -71.22 27.88 -76.37
C HIS YA 255 -72.41 28.27 -75.50
N LEU YA 256 -73.60 27.78 -75.80
CA LEU YA 256 -74.82 28.20 -75.11
C LEU YA 256 -75.52 27.02 -74.45
N TYR YA 257 -76.32 27.33 -73.44
CA TYR YA 257 -77.21 26.32 -72.84
C TYR YA 257 -78.59 26.68 -73.40
N LYS YA 258 -79.29 25.73 -73.97
CA LYS YA 258 -80.59 25.93 -74.60
C LYS YA 258 -81.62 25.03 -73.95
N GLN YA 259 -82.73 25.61 -73.52
CA GLN YA 259 -83.85 24.82 -73.03
C GLN YA 259 -84.49 24.05 -74.18
N ILE YA 260 -84.68 22.76 -73.99
CA ILE YA 260 -85.28 21.90 -75.00
C ILE YA 260 -86.52 21.24 -74.42
N SER YA 261 -87.46 20.91 -75.30
CA SER YA 261 -88.69 20.26 -74.88
C SER YA 261 -89.28 19.54 -76.09
N SER YA 262 -90.26 18.68 -75.80
CA SER YA 262 -90.94 17.96 -76.86
C SER YA 262 -91.70 18.92 -77.78
N GLN YA 263 -91.83 18.51 -79.03
CA GLN YA 263 -92.51 19.38 -80.01
C GLN YA 263 -93.98 19.45 -79.68
N SER YA 264 -94.59 20.60 -79.99
CA SER YA 264 -96.06 20.69 -79.81
C SER YA 264 -96.72 19.70 -80.76
N GLY YA 265 -97.80 19.08 -80.31
CA GLY YA 265 -98.52 18.06 -81.06
C GLY YA 265 -98.05 16.65 -80.81
N ALA YA 266 -96.97 16.46 -80.05
CA ALA YA 266 -96.51 15.13 -79.70
C ALA YA 266 -97.50 14.46 -78.75
N SER YA 267 -97.46 13.13 -78.73
CA SER YA 267 -98.30 12.38 -77.82
C SER YA 267 -97.82 12.59 -76.38
N ASN YA 268 -98.71 12.27 -75.43
CA ASN YA 268 -98.36 12.45 -74.03
C ASN YA 268 -97.20 11.55 -73.62
N ASP YA 269 -97.11 10.35 -74.20
CA ASP YA 269 -96.01 9.45 -73.87
C ASP YA 269 -94.67 9.99 -74.34
N ASN YA 270 -94.66 10.84 -75.36
CA ASN YA 270 -93.42 11.36 -75.93
C ASN YA 270 -93.09 12.77 -75.42
N HIS YA 271 -93.86 13.30 -74.49
CA HIS YA 271 -93.59 14.63 -73.96
C HIS YA 271 -92.37 14.60 -73.04
N TYR YA 272 -91.54 15.64 -73.14
CA TYR YA 272 -90.37 15.74 -72.29
C TYR YA 272 -89.95 17.20 -72.17
N PHE YA 273 -89.12 17.47 -71.16
CA PHE YA 273 -88.53 18.78 -70.94
C PHE YA 273 -87.12 18.58 -70.40
N GLY YA 274 -86.20 19.41 -70.86
CA GLY YA 274 -84.82 19.26 -70.43
C GLY YA 274 -83.97 20.41 -70.93
N TYR YA 275 -82.67 20.24 -70.83
CA TYR YA 275 -81.72 21.26 -71.24
C TYR YA 275 -80.60 20.63 -72.06
N SER YA 276 -80.13 21.37 -73.06
CA SER YA 276 -79.01 20.99 -73.89
C SER YA 276 -77.80 21.83 -73.49
N THR YA 277 -76.68 21.16 -73.22
CA THR YA 277 -75.49 21.85 -72.76
C THR YA 277 -74.45 21.94 -73.86
N PRO YA 278 -73.56 22.93 -73.82
CA PRO YA 278 -72.47 23.00 -74.81
C PRO YA 278 -71.34 22.02 -74.56
N TRP YA 279 -71.47 21.16 -73.57
CA TRP YA 279 -70.42 20.21 -73.23
C TRP YA 279 -70.62 18.89 -73.98
N GLY YA 280 -69.52 18.15 -74.11
CA GLY YA 280 -69.55 16.78 -74.56
C GLY YA 280 -69.15 15.85 -73.44
N TYR YA 281 -69.28 14.55 -73.70
CA TYR YA 281 -68.93 13.55 -72.70
C TYR YA 281 -68.28 12.36 -73.38
N PHE YA 282 -67.38 11.72 -72.66
CA PHE YA 282 -66.67 10.54 -73.15
C PHE YA 282 -67.38 9.29 -72.64
N ASP YA 283 -67.85 8.46 -73.58
CA ASP YA 283 -68.60 7.24 -73.27
C ASP YA 283 -67.78 6.03 -73.70
N PHE YA 284 -67.54 5.11 -72.77
CA PHE YA 284 -66.94 3.83 -73.08
C PHE YA 284 -67.73 2.71 -72.40
N ASN YA 285 -69.04 2.85 -72.32
CA ASN YA 285 -69.91 1.88 -71.67
C ASN YA 285 -70.40 0.81 -72.65
N ARG YA 286 -69.47 0.22 -73.39
CA ARG YA 286 -69.75 -0.90 -74.28
C ARG YA 286 -68.53 -1.80 -74.28
N PHE YA 287 -68.74 -3.11 -74.34
CA PHE YA 287 -67.60 -4.07 -74.19
C PHE YA 287 -66.64 -3.97 -75.37
N HIS YA 288 -67.13 -3.64 -76.56
CA HIS YA 288 -66.29 -3.56 -77.78
C HIS YA 288 -65.26 -2.43 -77.65
N CYS YA 289 -65.46 -1.50 -76.72
CA CYS YA 289 -64.55 -0.34 -76.50
C CYS YA 289 -63.29 -0.82 -75.79
N HIS YA 290 -63.31 -2.01 -75.19
CA HIS YA 290 -62.17 -2.52 -74.45
C HIS YA 290 -61.70 -3.89 -74.89
N PHE YA 291 -62.61 -4.74 -75.37
CA PHE YA 291 -62.28 -6.11 -75.76
C PHE YA 291 -62.28 -6.22 -77.28
N SER YA 292 -61.20 -6.77 -77.83
CA SER YA 292 -61.20 -7.19 -79.21
C SER YA 292 -62.02 -8.48 -79.34
N PRO YA 293 -62.47 -8.81 -80.55
CA PRO YA 293 -63.20 -10.07 -80.72
C PRO YA 293 -62.41 -11.30 -80.28
N ARG YA 294 -61.10 -11.34 -80.52
CA ARG YA 294 -60.28 -12.42 -80.00
C ARG YA 294 -60.24 -12.38 -78.47
N ASP YA 295 -60.15 -11.19 -77.89
CA ASP YA 295 -60.22 -11.06 -76.43
C ASP YA 295 -61.55 -11.57 -75.89
N TRP YA 296 -62.64 -11.23 -76.56
CA TRP YA 296 -63.95 -11.72 -76.15
C TRP YA 296 -64.03 -13.23 -76.23
N GLN YA 297 -63.51 -13.81 -77.31
CA GLN YA 297 -63.53 -15.27 -77.45
C GLN YA 297 -62.69 -15.94 -76.36
N ARG YA 298 -61.53 -15.34 -76.05
CA ARG YA 298 -60.71 -15.85 -74.95
C ARG YA 298 -61.41 -15.74 -73.61
N LEU YA 299 -62.20 -14.68 -73.41
CA LEU YA 299 -62.91 -14.49 -72.15
C LEU YA 299 -64.05 -15.49 -72.01
N ILE YA 300 -64.87 -15.64 -73.05
CA ILE YA 300 -66.12 -16.38 -72.90
C ILE YA 300 -65.94 -17.88 -73.03
N ASN YA 301 -64.86 -18.35 -73.65
CA ASN YA 301 -64.65 -19.77 -73.83
C ASN YA 301 -63.92 -20.43 -72.67
N ASN YA 302 -63.45 -19.64 -71.69
CA ASN YA 302 -62.60 -20.18 -70.64
C ASN YA 302 -63.00 -19.77 -69.23
N ASN YA 303 -63.93 -18.83 -69.07
CA ASN YA 303 -64.26 -18.29 -67.77
C ASN YA 303 -65.73 -18.48 -67.47
N TRP YA 304 -66.04 -18.78 -66.21
CA TRP YA 304 -67.40 -18.89 -65.73
C TRP YA 304 -67.97 -17.56 -65.26
N GLY YA 305 -67.16 -16.51 -65.21
CA GLY YA 305 -67.64 -15.20 -64.80
C GLY YA 305 -66.55 -14.16 -64.89
N PHE YA 306 -66.97 -12.90 -64.86
CA PHE YA 306 -66.05 -11.78 -64.87
C PHE YA 306 -66.75 -10.55 -64.32
N ARG YA 307 -65.96 -9.59 -63.85
CA ARG YA 307 -66.48 -8.35 -63.31
C ARG YA 307 -65.38 -7.30 -63.37
N PRO YA 308 -65.71 -6.02 -63.55
CA PRO YA 308 -64.70 -4.97 -63.53
C PRO YA 308 -64.23 -4.67 -62.11
N LYS YA 309 -62.96 -4.28 -62.02
CA LYS YA 309 -62.30 -4.01 -60.75
C LYS YA 309 -61.89 -2.57 -60.59
N ARG YA 310 -61.17 -2.01 -61.56
CA ARG YA 310 -60.74 -0.62 -61.51
C ARG YA 310 -60.48 -0.15 -62.93
N LEU YA 311 -60.48 1.17 -63.11
CA LEU YA 311 -60.22 1.75 -64.42
C LEU YA 311 -59.29 2.95 -64.29
N ASN YA 312 -58.59 3.25 -65.39
CA ASN YA 312 -57.71 4.45 -65.47
C ASN YA 312 -58.08 5.16 -66.77
N PHE YA 313 -58.18 6.48 -66.75
CA PHE YA 313 -58.61 7.29 -67.89
C PHE YA 313 -57.58 8.38 -68.13
N LYS YA 314 -57.33 8.63 -69.42
CA LYS YA 314 -56.37 9.69 -69.76
C LYS YA 314 -56.73 10.45 -71.03
N LEU YA 315 -56.62 11.77 -71.01
CA LEU YA 315 -56.73 12.62 -72.19
C LEU YA 315 -55.37 13.29 -72.42
N PHE YA 316 -54.89 13.26 -73.65
CA PHE YA 316 -53.55 13.74 -73.94
C PHE YA 316 -53.46 14.13 -75.40
N ASN YA 317 -52.34 14.77 -75.76
CA ASN YA 317 -52.06 15.23 -77.11
C ASN YA 317 -53.21 16.08 -77.64
N ILE YA 318 -53.63 17.03 -76.82
CA ILE YA 318 -54.79 17.86 -77.12
C ILE YA 318 -54.38 18.99 -78.07
N GLN YA 319 -55.07 19.08 -79.20
CA GLN YA 319 -54.82 20.11 -80.20
C GLN YA 319 -56.11 20.89 -80.41
N VAL YA 320 -56.03 22.21 -80.31
CA VAL YA 320 -57.17 23.08 -80.58
C VAL YA 320 -56.93 23.71 -81.96
N LYS YA 321 -57.88 23.50 -82.86
CA LYS YA 321 -57.79 23.99 -84.23
C LYS YA 321 -58.81 25.10 -84.44
N GLU YA 322 -58.34 26.22 -84.98
CA GLU YA 322 -59.21 27.34 -85.32
C GLU YA 322 -59.62 27.24 -86.78
N VAL YA 323 -60.92 27.33 -87.04
CA VAL YA 323 -61.48 27.22 -88.38
C VAL YA 323 -61.97 28.58 -88.82
N THR YA 324 -61.56 29.01 -90.01
CA THR YA 324 -62.01 30.26 -90.60
C THR YA 324 -62.54 29.98 -92.00
N GLN YA 325 -63.46 30.83 -92.45
CA GLN YA 325 -64.08 30.67 -93.76
C GLN YA 325 -64.15 32.05 -94.42
N ASN YA 326 -63.30 32.27 -95.42
CA ASN YA 326 -63.22 33.55 -96.11
C ASN YA 326 -63.39 33.32 -97.60
N ASP YA 327 -64.43 33.95 -98.19
CA ASP YA 327 -64.71 33.85 -99.62
C ASP YA 327 -64.86 32.39 -100.07
N GLY YA 328 -65.53 31.58 -99.25
CA GLY YA 328 -65.81 30.21 -99.61
C GLY YA 328 -64.67 29.24 -99.39
N THR YA 329 -63.59 29.66 -98.71
CA THR YA 329 -62.44 28.81 -98.46
C THR YA 329 -62.37 28.47 -96.98
N THR YA 330 -62.24 27.17 -96.68
CA THR YA 330 -62.12 26.69 -95.32
C THR YA 330 -60.64 26.52 -94.97
N THR YA 331 -60.15 27.31 -94.02
CA THR YA 331 -58.76 27.27 -93.61
C THR YA 331 -58.70 26.87 -92.15
N ILE YA 332 -57.87 25.88 -91.83
CA ILE YA 332 -57.71 25.35 -90.49
C ILE YA 332 -56.28 25.61 -90.04
N ALA YA 333 -56.12 26.23 -88.89
CA ALA YA 333 -54.81 26.54 -88.34
C ALA YA 333 -54.80 26.20 -86.85
N ASN YA 334 -53.60 25.97 -86.33
CA ASN YA 334 -53.45 25.63 -84.92
C ASN YA 334 -53.73 26.85 -84.04
N ASN YA 335 -54.27 26.58 -82.86
CA ASN YA 335 -54.46 27.58 -81.81
C ASN YA 335 -53.75 27.05 -80.56
N LEU YA 336 -52.51 27.46 -80.36
CA LEU YA 336 -51.69 26.90 -79.29
C LEU YA 336 -52.03 27.48 -77.92
N THR YA 337 -52.83 28.54 -77.85
CA THR YA 337 -53.16 29.17 -76.57
C THR YA 337 -54.56 28.86 -76.09
N SER YA 338 -55.38 28.20 -76.90
CA SER YA 338 -56.73 27.84 -76.47
C SER YA 338 -56.71 26.62 -75.56
N THR YA 339 -57.74 26.50 -74.73
CA THR YA 339 -57.85 25.43 -73.76
C THR YA 339 -59.11 24.60 -74.01
N VAL YA 340 -59.14 23.44 -73.36
CA VAL YA 340 -60.34 22.62 -73.25
C VAL YA 340 -60.59 22.33 -71.78
N GLN YA 341 -61.83 22.44 -71.35
CA GLN YA 341 -62.21 22.22 -69.97
C GLN YA 341 -62.67 20.78 -69.78
N VAL YA 342 -62.05 20.08 -68.83
CA VAL YA 342 -62.36 18.69 -68.55
C VAL YA 342 -62.61 18.54 -67.05
N PHE YA 343 -63.70 17.88 -66.68
CA PHE YA 343 -63.92 17.52 -65.29
C PHE YA 343 -64.74 16.24 -65.23
N THR YA 344 -64.56 15.50 -64.15
CA THR YA 344 -65.30 14.26 -63.90
C THR YA 344 -66.33 14.52 -62.80
N ASP YA 345 -67.55 14.06 -63.03
CA ASP YA 345 -68.64 14.21 -62.07
C ASP YA 345 -68.54 13.10 -61.02
N SER YA 346 -67.53 13.17 -60.17
CA SER YA 346 -67.25 12.09 -59.19
C SER YA 346 -68.23 12.14 -58.01
N GLU YA 347 -68.92 13.25 -57.81
CA GLU YA 347 -69.92 13.32 -56.77
C GLU YA 347 -71.32 13.02 -57.28
N TYR YA 348 -71.47 12.72 -58.57
CA TYR YA 348 -72.75 12.35 -59.17
C TYR YA 348 -73.82 13.41 -58.91
N GLN YA 349 -73.45 14.68 -59.10
CA GLN YA 349 -74.37 15.78 -58.94
C GLN YA 349 -75.09 16.15 -60.24
N LEU YA 350 -74.72 15.54 -61.35
CA LEU YA 350 -75.35 15.79 -62.64
C LEU YA 350 -76.19 14.58 -63.05
N PRO YA 351 -77.23 14.80 -63.87
CA PRO YA 351 -78.02 13.66 -64.36
C PRO YA 351 -77.15 12.68 -65.13
N TYR YA 352 -77.21 11.41 -64.73
CA TYR YA 352 -76.37 10.38 -65.30
C TYR YA 352 -77.01 9.88 -66.59
N VAL YA 353 -76.48 10.33 -67.73
CA VAL YA 353 -77.01 9.93 -69.03
C VAL YA 353 -76.28 8.72 -69.61
N LEU YA 354 -75.17 8.31 -69.03
CA LEU YA 354 -74.57 7.04 -69.40
C LEU YA 354 -75.45 5.89 -68.94
N GLY YA 355 -75.37 4.77 -69.64
CA GLY YA 355 -76.21 3.63 -69.33
C GLY YA 355 -77.58 3.66 -69.96
N SER YA 356 -77.83 4.56 -70.90
CA SER YA 356 -79.07 4.59 -71.66
C SER YA 356 -78.90 4.06 -73.08
N ALA YA 357 -77.80 3.35 -73.35
CA ALA YA 357 -77.52 2.76 -74.64
C ALA YA 357 -77.48 3.81 -75.74
N HIS YA 358 -76.72 4.87 -75.51
CA HIS YA 358 -76.61 5.97 -76.44
C HIS YA 358 -75.40 5.79 -77.35
N GLN YA 359 -75.52 6.32 -78.57
CA GLN YA 359 -74.42 6.32 -79.53
C GLN YA 359 -73.36 7.35 -79.12
N GLY YA 360 -72.19 7.21 -79.73
CA GLY YA 360 -71.09 8.10 -79.42
C GLY YA 360 -69.99 7.50 -78.58
N CYS YA 361 -69.96 6.18 -78.41
CA CYS YA 361 -68.95 5.53 -77.61
C CYS YA 361 -67.62 5.49 -78.35
N LEU YA 362 -66.62 4.92 -77.70
CA LEU YA 362 -65.34 4.65 -78.36
C LEU YA 362 -65.56 3.58 -79.42
N PRO YA 363 -65.13 3.82 -80.67
CA PRO YA 363 -65.42 2.85 -81.72
C PRO YA 363 -64.74 1.53 -81.44
N PRO YA 364 -65.36 0.42 -81.84
CA PRO YA 364 -64.74 -0.90 -81.58
C PRO YA 364 -63.40 -1.08 -82.24
N PHE YA 365 -63.20 -0.51 -83.43
CA PHE YA 365 -61.93 -0.62 -84.13
C PHE YA 365 -60.98 0.47 -83.67
N PRO YA 366 -59.78 0.13 -83.19
CA PRO YA 366 -58.88 1.15 -82.65
C PRO YA 366 -58.45 2.21 -83.65
N ALA YA 367 -58.57 1.96 -84.94
CA ALA YA 367 -58.14 2.91 -85.96
C ALA YA 367 -59.19 3.94 -86.33
N ASP YA 368 -60.40 3.82 -85.79
CA ASP YA 368 -61.49 4.74 -86.13
C ASP YA 368 -61.44 5.99 -85.27
N VAL YA 369 -61.77 7.13 -85.88
CA VAL YA 369 -61.84 8.41 -85.19
C VAL YA 369 -63.31 8.75 -84.97
N PHE YA 370 -63.65 9.17 -83.76
CA PHE YA 370 -65.03 9.36 -83.36
C PHE YA 370 -65.26 10.78 -82.85
N MET YA 371 -66.48 11.26 -83.04
CA MET YA 371 -66.92 12.55 -82.51
C MET YA 371 -67.43 12.39 -81.09
N VAL YA 372 -67.13 13.36 -80.24
CA VAL YA 372 -67.57 13.35 -78.85
C VAL YA 372 -69.05 13.73 -78.80
N PRO YA 373 -69.91 12.90 -78.23
CA PRO YA 373 -71.34 13.21 -78.22
C PRO YA 373 -71.66 14.39 -77.31
N GLN YA 374 -72.71 15.12 -77.68
CA GLN YA 374 -73.14 16.28 -76.90
C GLN YA 374 -73.90 15.84 -75.66
N TYR YA 375 -73.59 16.48 -74.53
CA TYR YA 375 -74.24 16.14 -73.27
C TYR YA 375 -75.56 16.90 -73.14
N GLY YA 376 -76.58 16.19 -72.67
CA GLY YA 376 -77.88 16.78 -72.43
C GLY YA 376 -78.65 15.91 -71.47
N TYR YA 377 -79.57 16.54 -70.74
CA TYR YA 377 -80.33 15.84 -69.71
C TYR YA 377 -81.78 16.28 -69.76
N LEU YA 378 -82.65 15.44 -69.20
CA LEU YA 378 -84.06 15.73 -69.06
C LEU YA 378 -84.42 15.87 -67.59
N THR YA 379 -85.40 16.73 -67.32
CA THR YA 379 -85.89 16.93 -65.97
C THR YA 379 -87.41 16.75 -65.96
N LEU YA 380 -88.04 17.06 -64.85
CA LEU YA 380 -89.51 16.88 -64.71
C LEU YA 380 -90.24 17.73 -65.73
N ASN YA 381 -91.32 17.20 -66.29
CA ASN YA 381 -92.13 17.96 -67.27
C ASN YA 381 -93.62 17.70 -67.05
N ASN YA 382 -94.45 18.72 -67.20
CA ASN YA 382 -95.91 18.53 -67.19
C ASN YA 382 -96.30 18.78 -68.64
N GLY YA 383 -96.19 17.76 -69.50
CA GLY YA 383 -96.40 18.00 -70.94
C GLY YA 383 -95.12 18.53 -71.53
N SER YA 384 -95.20 19.54 -72.41
CA SER YA 384 -94.01 20.17 -72.95
C SER YA 384 -93.43 21.22 -72.02
N GLN YA 385 -94.15 21.58 -70.95
CA GLN YA 385 -93.71 22.59 -70.01
C GLN YA 385 -92.95 21.95 -68.84
N ALA YA 386 -92.44 22.81 -67.98
CA ALA YA 386 -91.72 22.40 -66.78
C ALA YA 386 -92.56 22.66 -65.53
N VAL YA 387 -92.11 22.10 -64.41
CA VAL YA 387 -92.73 22.32 -63.12
C VAL YA 387 -91.71 22.98 -62.20
N GLY YA 388 -92.17 23.36 -61.01
CA GLY YA 388 -91.30 24.04 -60.07
C GLY YA 388 -90.19 23.15 -59.55
N ARG YA 389 -90.39 21.84 -59.59
CA ARG YA 389 -89.39 20.88 -59.12
C ARG YA 389 -88.33 20.58 -60.17
N SER YA 390 -88.50 21.05 -61.41
CA SER YA 390 -87.51 20.81 -62.45
C SER YA 390 -86.19 21.47 -62.08
N SER YA 391 -85.09 20.77 -62.34
CA SER YA 391 -83.76 21.21 -61.97
C SER YA 391 -82.98 21.64 -63.20
N PHE YA 392 -82.23 22.74 -63.05
CA PHE YA 392 -81.33 23.23 -64.07
C PHE YA 392 -79.91 23.13 -63.56
N TYR YA 393 -79.00 22.66 -64.42
CA TYR YA 393 -77.61 22.46 -64.06
C TYR YA 393 -76.71 23.21 -65.02
N CYS YA 394 -75.85 24.06 -64.48
CA CYS YA 394 -74.79 24.72 -65.24
C CYS YA 394 -73.49 23.97 -64.98
N LEU YA 395 -72.90 23.41 -66.03
CA LEU YA 395 -71.69 22.62 -65.90
C LEU YA 395 -70.45 23.48 -65.68
N GLU YA 396 -70.53 24.79 -65.93
CA GLU YA 396 -69.44 25.69 -65.58
C GLU YA 396 -69.42 26.04 -64.10
N TYR YA 397 -70.41 25.56 -63.33
CA TYR YA 397 -70.49 25.79 -61.86
C TYR YA 397 -69.71 24.68 -61.16
N PHE YA 398 -69.09 23.78 -61.91
CA PHE YA 398 -68.21 22.74 -61.41
C PHE YA 398 -66.76 23.13 -61.62
N PRO YA 399 -65.87 22.75 -60.71
CA PRO YA 399 -64.43 22.96 -60.94
C PRO YA 399 -63.94 22.05 -62.06
N SER YA 400 -63.33 22.64 -63.07
CA SER YA 400 -62.84 21.90 -64.23
C SER YA 400 -61.38 22.24 -64.46
N GLN YA 401 -60.67 21.32 -65.11
CA GLN YA 401 -59.26 21.48 -65.41
C GLN YA 401 -59.11 21.99 -66.84
N MET YA 402 -58.34 23.07 -66.99
CA MET YA 402 -58.13 23.70 -68.30
C MET YA 402 -56.83 23.17 -68.90
N LEU YA 403 -56.91 22.69 -70.14
CA LEU YA 403 -55.79 22.01 -70.78
C LEU YA 403 -55.45 22.72 -72.09
N ARG YA 404 -54.23 23.24 -72.18
CA ARG YA 404 -53.70 23.73 -73.44
C ARG YA 404 -53.05 22.59 -74.20
N THR YA 405 -52.47 22.90 -75.36
CA THR YA 405 -51.69 21.87 -76.09
C THR YA 405 -50.43 21.60 -75.26
N GLY YA 406 -50.25 20.38 -74.81
CA GLY YA 406 -49.17 20.02 -73.93
C GLY YA 406 -49.60 19.64 -72.53
N ASN YA 407 -50.85 19.87 -72.17
CA ASN YA 407 -51.40 19.43 -70.90
C ASN YA 407 -52.18 18.14 -71.09
N ASN YA 408 -52.23 17.33 -70.04
CA ASN YA 408 -52.96 16.07 -70.07
C ASN YA 408 -53.85 15.99 -68.84
N PHE YA 409 -54.87 15.15 -68.95
CA PHE YA 409 -55.83 14.89 -67.88
C PHE YA 409 -55.82 13.41 -67.55
N THR YA 410 -55.98 13.07 -66.28
CA THR YA 410 -56.05 11.68 -65.88
C THR YA 410 -56.84 11.56 -64.58
N PHE YA 411 -57.45 10.39 -64.39
CA PHE YA 411 -58.09 10.06 -63.13
C PHE YA 411 -58.27 8.55 -63.05
N SER YA 412 -58.33 8.06 -61.82
CA SER YA 412 -58.47 6.63 -61.55
C SER YA 412 -59.76 6.39 -60.77
N TYR YA 413 -60.40 5.27 -61.07
CA TYR YA 413 -61.67 4.90 -60.45
C TYR YA 413 -61.62 3.44 -60.05
N THR YA 414 -62.23 3.12 -58.91
CA THR YA 414 -62.31 1.74 -58.44
C THR YA 414 -63.78 1.32 -58.44
N PHE YA 415 -64.07 0.21 -59.12
CA PHE YA 415 -65.43 -0.32 -59.12
C PHE YA 415 -65.78 -0.86 -57.74
N GLU YA 416 -67.04 -0.71 -57.36
CA GLU YA 416 -67.54 -1.34 -56.16
C GLU YA 416 -67.66 -2.84 -56.37
N ASP YA 417 -67.81 -3.57 -55.26
CA ASP YA 417 -67.96 -5.01 -55.34
C ASP YA 417 -69.29 -5.36 -56.00
N VAL YA 418 -69.23 -6.13 -57.08
CA VAL YA 418 -70.42 -6.54 -57.82
C VAL YA 418 -70.33 -8.04 -58.09
N PRO YA 419 -71.47 -8.70 -58.27
CA PRO YA 419 -71.44 -10.13 -58.60
C PRO YA 419 -70.79 -10.38 -59.95
N PHE YA 420 -70.13 -11.52 -60.06
CA PHE YA 420 -69.61 -11.95 -61.36
C PHE YA 420 -70.75 -12.16 -62.33
N HIS YA 421 -70.57 -11.71 -63.57
CA HIS YA 421 -71.54 -12.01 -64.61
C HIS YA 421 -71.56 -13.51 -64.88
N SER YA 422 -72.78 -14.05 -64.99
CA SER YA 422 -72.96 -15.51 -65.24
C SER YA 422 -72.64 -15.82 -66.71
N SER YA 423 -71.36 -15.95 -67.04
CA SER YA 423 -70.96 -16.27 -68.41
C SER YA 423 -70.98 -17.78 -68.64
N TYR YA 424 -72.12 -18.39 -68.33
CA TYR YA 424 -72.30 -19.83 -68.49
C TYR YA 424 -73.78 -20.09 -68.75
N ALA YA 425 -74.05 -21.26 -69.32
CA ALA YA 425 -75.41 -21.76 -69.50
C ALA YA 425 -75.58 -23.00 -68.63
N HIS YA 426 -76.71 -23.09 -67.94
CA HIS YA 426 -76.96 -24.24 -67.08
C HIS YA 426 -77.17 -25.49 -67.92
N SER YA 427 -76.49 -26.57 -67.54
CA SER YA 427 -76.66 -27.86 -68.19
C SER YA 427 -77.77 -28.68 -67.57
N GLN YA 428 -78.46 -28.15 -66.57
CA GLN YA 428 -79.63 -28.77 -65.98
C GLN YA 428 -80.80 -27.81 -66.04
N SER YA 429 -82.00 -28.36 -66.14
CA SER YA 429 -83.22 -27.57 -66.08
C SER YA 429 -83.76 -27.58 -64.65
N LEU YA 430 -84.45 -26.49 -64.29
CA LEU YA 430 -84.96 -26.36 -62.93
C LEU YA 430 -86.02 -27.41 -62.61
N ASP YA 431 -86.67 -27.98 -63.64
CA ASP YA 431 -87.74 -28.98 -63.42
C ASP YA 431 -87.19 -30.40 -63.59
N ARG YA 432 -85.87 -30.53 -63.78
CA ARG YA 432 -85.22 -31.82 -63.98
C ARG YA 432 -84.01 -31.96 -63.06
N LEU YA 433 -84.17 -31.61 -61.78
CA LEU YA 433 -83.09 -31.63 -60.82
C LEU YA 433 -83.09 -32.88 -59.94
N MET YA 434 -83.94 -33.85 -60.24
CA MET YA 434 -84.13 -35.01 -59.40
C MET YA 434 -83.28 -36.19 -59.89
N ASN YA 435 -83.34 -37.29 -59.13
CA ASN YA 435 -82.72 -38.54 -59.52
C ASN YA 435 -83.78 -39.37 -60.24
N PRO YA 436 -83.62 -39.64 -61.55
CA PRO YA 436 -84.68 -40.35 -62.29
C PRO YA 436 -84.81 -41.81 -61.91
N LEU YA 437 -83.87 -42.37 -61.14
CA LEU YA 437 -83.90 -43.79 -60.80
C LEU YA 437 -84.68 -44.09 -59.53
N ILE YA 438 -84.82 -43.12 -58.64
CA ILE YA 438 -85.42 -43.34 -57.32
C ILE YA 438 -86.72 -42.57 -57.25
N ASP YA 439 -87.76 -43.22 -56.75
CA ASP YA 439 -89.04 -42.57 -56.52
C ASP YA 439 -88.95 -41.64 -55.31
N GLN YA 440 -89.85 -40.66 -55.28
CA GLN YA 440 -89.98 -39.79 -54.12
C GLN YA 440 -90.81 -40.48 -53.05
N TYR YA 441 -90.51 -40.14 -51.79
CA TYR YA 441 -91.34 -40.63 -50.69
C TYR YA 441 -92.58 -39.78 -50.47
N LEU YA 442 -92.65 -38.60 -51.08
CA LEU YA 442 -93.83 -37.75 -50.97
C LEU YA 442 -94.91 -38.19 -51.95
N TYR YA 443 -96.15 -37.95 -51.58
CA TYR YA 443 -97.30 -38.31 -52.40
C TYR YA 443 -97.94 -37.06 -52.99
N TYR YA 444 -98.56 -37.24 -54.16
CA TYR YA 444 -99.32 -36.19 -54.80
C TYR YA 444 -100.66 -36.75 -55.24
N LEU YA 445 -101.66 -35.88 -55.29
CA LEU YA 445 -103.00 -36.27 -55.73
C LEU YA 445 -102.93 -36.61 -57.22
N SER YA 446 -103.05 -37.90 -57.55
CA SER YA 446 -102.93 -38.37 -58.92
C SER YA 446 -104.28 -38.62 -59.58
N ARG YA 447 -105.26 -39.03 -58.79
CA ARG YA 447 -106.61 -39.26 -59.36
C ARG YA 447 -107.66 -38.59 -58.49
N THR YA 448 -108.75 -38.16 -59.11
CA THR YA 448 -109.85 -37.53 -58.40
C THR YA 448 -111.16 -38.30 -58.49
N ASN YA 449 -111.21 -39.38 -59.26
CA ASN YA 449 -112.41 -40.21 -59.33
C ASN YA 449 -112.02 -41.62 -59.74
N THR YA 450 -112.95 -42.55 -59.56
CA THR YA 450 -112.75 -43.94 -59.95
C THR YA 450 -113.99 -44.45 -60.67
N PRO YA 451 -113.86 -45.46 -61.58
CA PRO YA 451 -115.04 -46.03 -62.21
C PRO YA 451 -115.97 -46.61 -61.14
N SER YA 452 -117.23 -46.18 -61.12
CA SER YA 452 -118.21 -46.76 -60.17
C SER YA 452 -119.44 -47.21 -60.97
N GLY YA 453 -119.76 -48.50 -60.93
CA GLY YA 453 -120.86 -49.01 -61.76
C GLY YA 453 -120.58 -48.75 -63.23
N THR YA 454 -121.53 -48.09 -63.92
CA THR YA 454 -121.31 -47.72 -65.34
C THR YA 454 -121.11 -46.20 -65.41
N THR YA 455 -121.07 -45.54 -64.26
CA THR YA 455 -120.81 -44.08 -64.21
C THR YA 455 -119.46 -43.83 -63.54
N THR YA 456 -119.27 -42.67 -62.92
CA THR YA 456 -118.02 -42.39 -62.18
C THR YA 456 -118.36 -41.95 -60.75
N GLN YA 457 -117.44 -42.15 -59.82
CA GLN YA 457 -117.65 -41.73 -58.44
C GLN YA 457 -116.41 -40.99 -57.95
N SER YA 458 -116.63 -39.91 -57.19
CA SER YA 458 -115.52 -39.12 -56.69
C SER YA 458 -114.72 -39.92 -55.67
N ARG YA 459 -113.40 -39.96 -55.86
CA ARG YA 459 -112.51 -40.71 -54.97
C ARG YA 459 -111.10 -40.19 -55.15
N LEU YA 460 -110.50 -39.70 -54.07
CA LEU YA 460 -109.15 -39.18 -54.12
C LEU YA 460 -108.13 -40.29 -53.98
N GLN YA 461 -107.11 -40.28 -54.84
CA GLN YA 461 -106.01 -41.23 -54.78
C GLN YA 461 -104.69 -40.48 -54.91
N PHE YA 462 -103.65 -41.06 -54.33
CA PHE YA 462 -102.34 -40.43 -54.27
C PHE YA 462 -101.27 -41.41 -54.73
N SER YA 463 -100.23 -40.88 -55.37
CA SER YA 463 -99.14 -41.68 -55.91
C SER YA 463 -97.82 -41.03 -55.55
N GLN YA 464 -96.77 -41.83 -55.54
CA GLN YA 464 -95.41 -41.34 -55.40
C GLN YA 464 -94.83 -41.10 -56.79
N ALA YA 465 -94.22 -39.93 -56.96
CA ALA YA 465 -93.74 -39.52 -58.28
C ALA YA 465 -92.39 -40.13 -58.57
N GLY YA 466 -92.21 -40.62 -59.80
CA GLY YA 466 -90.96 -41.16 -60.29
C GLY YA 466 -90.62 -40.55 -61.63
N ALA YA 467 -90.00 -41.38 -62.49
CA ALA YA 467 -89.59 -40.91 -63.80
C ALA YA 467 -90.76 -40.85 -64.78
N SER YA 468 -91.72 -41.79 -64.68
CA SER YA 468 -92.82 -41.84 -65.64
C SER YA 468 -93.76 -40.66 -65.48
N ASP YA 469 -93.95 -40.18 -64.26
CA ASP YA 469 -94.78 -39.02 -63.98
C ASP YA 469 -93.92 -37.90 -63.41
N ILE YA 470 -92.77 -37.67 -64.05
CA ILE YA 470 -91.75 -36.74 -63.57
C ILE YA 470 -92.28 -35.33 -63.42
N ARG YA 471 -93.36 -34.97 -64.13
CA ARG YA 471 -93.90 -33.62 -64.03
C ARG YA 471 -94.59 -33.35 -62.71
N ASP YA 472 -94.96 -34.39 -61.96
CA ASP YA 472 -95.70 -34.25 -60.71
C ASP YA 472 -94.80 -34.29 -59.48
N GLN YA 473 -93.48 -34.34 -59.68
CA GLN YA 473 -92.57 -34.46 -58.54
C GLN YA 473 -92.58 -33.19 -57.69
N SER YA 474 -92.51 -33.38 -56.38
CA SER YA 474 -92.41 -32.25 -55.47
C SER YA 474 -91.05 -31.57 -55.62
N ARG YA 475 -91.05 -30.25 -55.66
CA ARG YA 475 -89.85 -29.49 -55.95
C ARG YA 475 -89.69 -28.36 -54.92
N ASN YA 476 -88.46 -27.88 -54.82
CA ASN YA 476 -88.12 -26.87 -53.82
C ASN YA 476 -88.05 -25.45 -54.38
N TRP YA 477 -88.04 -25.29 -55.70
CA TRP YA 477 -87.78 -24.00 -56.33
C TRP YA 477 -88.79 -23.74 -57.43
N LEU YA 478 -88.83 -22.48 -57.86
CA LEU YA 478 -89.75 -21.99 -58.89
C LEU YA 478 -88.99 -21.20 -59.93
N PRO YA 479 -89.49 -21.15 -61.16
CA PRO YA 479 -88.86 -20.31 -62.18
C PRO YA 479 -89.04 -18.83 -61.87
N GLY YA 480 -88.12 -18.03 -62.39
CA GLY YA 480 -88.07 -16.61 -62.11
C GLY YA 480 -89.29 -15.84 -62.57
N PRO YA 481 -89.32 -14.55 -62.25
CA PRO YA 481 -90.52 -13.75 -62.56
C PRO YA 481 -90.67 -13.50 -64.05
N CYS YA 482 -91.91 -13.17 -64.40
CA CYS YA 482 -92.30 -13.04 -65.81
C CYS YA 482 -93.09 -11.76 -66.07
N TYR YA 483 -92.97 -11.19 -67.27
CA TYR YA 483 -93.79 -10.07 -67.71
C TYR YA 483 -94.02 -10.27 -69.20
N ARG YA 484 -95.15 -10.89 -69.54
CA ARG YA 484 -95.31 -11.52 -70.84
C ARG YA 484 -95.15 -10.53 -71.99
N GLN YA 485 -94.47 -10.99 -73.04
CA GLN YA 485 -94.24 -10.23 -74.26
C GLN YA 485 -94.99 -10.88 -75.41
N GLN YA 486 -95.35 -10.07 -76.40
CA GLN YA 486 -95.95 -10.60 -77.61
C GLN YA 486 -94.90 -11.33 -78.45
N ARG YA 487 -95.32 -12.40 -79.11
CA ARG YA 487 -94.43 -13.21 -79.91
C ARG YA 487 -94.50 -12.77 -81.37
N VAL YA 488 -93.30 -12.52 -81.92
CA VAL YA 488 -93.16 -12.13 -83.34
C VAL YA 488 -92.22 -13.15 -83.99
N SER YA 489 -92.35 -13.38 -85.28
CA SER YA 489 -91.55 -14.35 -86.01
C SER YA 489 -90.62 -13.66 -87.00
N LYS YA 490 -89.42 -14.22 -87.15
CA LYS YA 490 -88.44 -13.65 -88.11
C LYS YA 490 -88.95 -13.92 -89.54
N THR YA 491 -89.74 -14.97 -89.73
CA THR YA 491 -90.39 -15.22 -91.06
C THR YA 491 -91.57 -14.25 -91.14
N SER YA 492 -91.52 -13.29 -92.06
CA SER YA 492 -92.56 -12.23 -92.11
C SER YA 492 -93.98 -12.78 -92.30
N ALA YA 493 -94.18 -13.72 -93.22
CA ALA YA 493 -95.53 -14.21 -93.50
C ALA YA 493 -96.21 -14.76 -92.25
N ASP YA 494 -95.44 -15.21 -91.27
CA ASP YA 494 -95.99 -15.81 -90.06
C ASP YA 494 -96.63 -14.78 -89.13
N ASN YA 495 -96.39 -13.49 -89.35
CA ASN YA 495 -96.88 -12.45 -88.46
C ASN YA 495 -98.25 -11.96 -88.92
N ASN YA 496 -98.99 -11.38 -87.98
CA ASN YA 496 -100.32 -10.84 -88.29
C ASN YA 496 -100.18 -9.62 -89.20
N ASN YA 497 -101.09 -9.52 -90.17
CA ASN YA 497 -101.07 -8.42 -91.14
C ASN YA 497 -101.80 -7.21 -90.55
N SER YA 498 -101.13 -6.58 -89.58
CA SER YA 498 -101.67 -5.40 -88.92
C SER YA 498 -100.51 -4.65 -88.26
N GLU YA 499 -100.83 -3.42 -87.82
CA GLU YA 499 -99.82 -2.60 -87.10
C GLU YA 499 -100.04 -2.82 -85.60
N TYR YA 500 -99.19 -3.62 -84.98
CA TYR YA 500 -99.33 -3.97 -83.57
C TYR YA 500 -98.04 -3.71 -82.79
N SER YA 501 -97.18 -2.82 -83.29
CA SER YA 501 -95.94 -2.54 -82.58
C SER YA 501 -96.17 -1.79 -81.27
N TRP YA 502 -97.34 -1.17 -81.11
CA TRP YA 502 -97.68 -0.47 -79.88
C TRP YA 502 -98.94 -1.00 -79.21
N THR YA 503 -99.96 -1.37 -79.99
CA THR YA 503 -101.18 -1.91 -79.40
C THR YA 503 -100.91 -3.23 -78.69
N GLY YA 504 -100.12 -4.10 -79.32
CA GLY YA 504 -99.72 -5.36 -78.73
C GLY YA 504 -98.45 -5.31 -77.92
N ALA YA 505 -97.89 -4.12 -77.71
CA ALA YA 505 -96.62 -3.98 -77.00
C ALA YA 505 -96.81 -4.13 -75.50
N THR YA 506 -95.75 -4.56 -74.83
CA THR YA 506 -95.73 -4.66 -73.38
C THR YA 506 -95.25 -3.34 -72.80
N LYS YA 507 -96.07 -2.75 -71.92
CA LYS YA 507 -95.85 -1.38 -71.46
C LYS YA 507 -95.98 -1.31 -69.94
N TYR YA 508 -95.36 -0.28 -69.37
CA TYR YA 508 -95.58 0.09 -67.99
C TYR YA 508 -96.10 1.52 -67.94
N HIS YA 509 -97.00 1.79 -67.00
CA HIS YA 509 -97.68 3.06 -66.88
C HIS YA 509 -97.08 3.84 -65.74
N LEU YA 510 -96.63 5.07 -66.01
CA LEU YA 510 -95.98 5.92 -65.02
C LEU YA 510 -96.40 7.36 -65.23
N ASN YA 511 -97.11 7.92 -64.25
CA ASN YA 511 -97.55 9.31 -64.28
C ASN YA 511 -98.39 9.61 -65.52
N GLY YA 512 -99.25 8.67 -65.90
CA GLY YA 512 -100.13 8.85 -67.03
C GLY YA 512 -99.49 8.65 -68.39
N ARG YA 513 -98.22 8.26 -68.42
CA ARG YA 513 -97.58 7.99 -69.74
C ARG YA 513 -97.14 6.53 -69.86
N ASP YA 514 -97.40 5.90 -71.00
CA ASP YA 514 -97.00 4.54 -71.30
C ASP YA 514 -95.59 4.53 -71.87
N SER YA 515 -94.72 3.73 -71.29
CA SER YA 515 -93.37 3.52 -71.79
C SER YA 515 -93.22 2.08 -72.22
N LEU YA 516 -92.51 1.87 -73.32
CA LEU YA 516 -92.25 0.51 -73.80
C LEU YA 516 -91.35 -0.23 -72.82
N VAL YA 517 -91.71 -1.47 -72.53
CA VAL YA 517 -90.88 -2.34 -71.71
C VAL YA 517 -89.88 -3.02 -72.65
N ASN YA 518 -88.64 -2.55 -72.62
CA ASN YA 518 -87.63 -2.98 -73.57
C ASN YA 518 -86.25 -2.90 -72.94
N PRO YA 519 -85.56 -4.03 -72.73
CA PRO YA 519 -85.99 -5.40 -73.00
C PRO YA 519 -86.78 -6.02 -71.87
N GLY YA 520 -86.87 -5.35 -70.72
CA GLY YA 520 -87.65 -5.83 -69.61
C GLY YA 520 -86.95 -6.91 -68.80
N PRO YA 521 -87.71 -7.62 -67.96
CA PRO YA 521 -87.12 -8.68 -67.15
C PRO YA 521 -86.51 -9.77 -68.01
N ALA YA 522 -85.43 -10.37 -67.51
CA ALA YA 522 -84.71 -11.38 -68.26
C ALA YA 522 -85.56 -12.64 -68.41
N MET YA 523 -85.90 -12.97 -69.65
CA MET YA 523 -86.72 -14.13 -69.96
C MET YA 523 -86.19 -14.80 -71.21
N ALA YA 524 -86.46 -16.09 -71.35
CA ALA YA 524 -86.01 -16.83 -72.51
C ALA YA 524 -86.72 -16.33 -73.76
N SER YA 525 -85.95 -16.20 -74.85
CA SER YA 525 -86.53 -15.72 -76.10
C SER YA 525 -87.54 -16.70 -76.67
N HIS YA 526 -87.26 -17.99 -76.56
CA HIS YA 526 -88.12 -19.01 -77.14
C HIS YA 526 -87.86 -20.34 -76.46
N LYS YA 527 -88.79 -21.28 -76.67
CA LYS YA 527 -88.65 -22.63 -76.14
C LYS YA 527 -87.90 -23.50 -77.16
N ASP YA 528 -87.89 -24.80 -76.93
CA ASP YA 528 -87.17 -25.72 -77.82
C ASP YA 528 -87.74 -25.66 -79.23
N ASP YA 529 -86.84 -25.65 -80.21
CA ASP YA 529 -87.17 -25.74 -81.63
C ASP YA 529 -88.11 -24.63 -82.07
N GLU YA 530 -87.90 -23.43 -81.54
CA GLU YA 530 -88.68 -22.26 -81.94
C GLU YA 530 -87.77 -21.05 -82.08
N GLU YA 531 -86.60 -21.25 -82.69
CA GLU YA 531 -85.60 -20.19 -82.78
C GLU YA 531 -86.06 -19.02 -83.65
N LYS YA 532 -87.07 -19.22 -84.49
CA LYS YA 532 -87.57 -18.13 -85.32
C LYS YA 532 -88.41 -17.14 -84.54
N PHE YA 533 -88.82 -17.47 -83.33
CA PHE YA 533 -89.69 -16.62 -82.52
C PHE YA 533 -88.86 -15.84 -81.50
N PHE YA 534 -89.15 -14.56 -81.36
CA PHE YA 534 -88.52 -13.71 -80.38
C PHE YA 534 -89.56 -12.78 -79.79
N PRO YA 535 -89.38 -12.33 -78.54
CA PRO YA 535 -90.31 -11.38 -77.95
C PRO YA 535 -90.27 -10.04 -78.69
N GLN YA 536 -91.43 -9.37 -78.71
CA GLN YA 536 -91.57 -8.17 -79.51
C GLN YA 536 -90.61 -7.07 -79.05
N SER YA 537 -90.48 -6.89 -77.74
CA SER YA 537 -89.53 -5.93 -77.19
C SER YA 537 -88.79 -6.53 -76.00
N GLY YA 538 -88.48 -7.83 -76.09
CA GLY YA 538 -87.84 -8.53 -75.00
C GLY YA 538 -86.39 -8.93 -75.22
N VAL YA 539 -85.78 -8.54 -76.34
CA VAL YA 539 -84.40 -8.85 -76.62
C VAL YA 539 -83.70 -7.59 -77.13
N LEU YA 540 -82.39 -7.55 -76.93
CA LEU YA 540 -81.58 -6.48 -77.52
C LEU YA 540 -81.46 -6.69 -79.02
N ILE YA 541 -81.60 -5.61 -79.78
CA ILE YA 541 -81.49 -5.66 -81.23
C ILE YA 541 -80.38 -4.70 -81.62
N PHE YA 542 -79.30 -5.23 -82.20
CA PHE YA 542 -78.17 -4.44 -82.65
C PHE YA 542 -78.25 -4.24 -84.15
N GLY YA 543 -77.81 -3.07 -84.60
CA GLY YA 543 -77.79 -2.76 -86.02
C GLY YA 543 -76.53 -3.26 -86.69
N LYS YA 544 -76.67 -3.79 -87.90
CA LYS YA 544 -75.52 -4.13 -88.71
C LYS YA 544 -74.83 -2.87 -89.20
N GLN YA 545 -73.63 -3.04 -89.73
CA GLN YA 545 -72.88 -1.90 -90.24
C GLN YA 545 -73.61 -1.22 -91.38
N GLY YA 546 -73.72 0.10 -91.32
CA GLY YA 546 -74.41 0.86 -92.34
C GLY YA 546 -75.92 0.93 -92.19
N SER YA 547 -76.45 0.42 -91.09
CA SER YA 547 -77.92 0.38 -90.90
C SER YA 547 -78.45 1.78 -90.60
N GLU YA 548 -79.60 2.14 -91.17
CA GLU YA 548 -80.20 3.45 -90.97
C GLU YA 548 -80.84 3.52 -89.58
N LYS YA 549 -81.60 4.59 -89.35
CA LYS YA 549 -82.18 4.83 -88.04
C LYS YA 549 -83.65 4.41 -87.98
N THR YA 550 -84.42 4.65 -89.03
CA THR YA 550 -85.87 4.47 -88.98
C THR YA 550 -86.31 3.37 -89.94
N ASN YA 551 -87.06 2.41 -89.40
CA ASN YA 551 -87.78 1.41 -90.19
C ASN YA 551 -86.85 0.62 -91.11
N VAL YA 552 -85.77 0.10 -90.56
CA VAL YA 552 -84.90 -0.79 -91.29
C VAL YA 552 -85.48 -2.19 -91.27
N ASP YA 553 -85.16 -2.98 -92.29
CA ASP YA 553 -85.70 -4.33 -92.41
C ASP YA 553 -85.05 -5.25 -91.38
N ILE YA 554 -85.61 -6.45 -91.26
CA ILE YA 554 -85.09 -7.42 -90.30
C ILE YA 554 -83.69 -7.89 -90.71
N GLU YA 555 -83.41 -7.96 -92.00
CA GLU YA 555 -82.08 -8.37 -92.45
C GLU YA 555 -81.02 -7.31 -92.17
N LYS YA 556 -81.42 -6.10 -91.80
CA LYS YA 556 -80.48 -5.04 -91.45
C LYS YA 556 -80.11 -5.04 -89.97
N VAL YA 557 -80.76 -5.87 -89.16
CA VAL YA 557 -80.52 -5.90 -87.72
C VAL YA 557 -80.18 -7.32 -87.29
N MET YA 558 -79.50 -7.43 -86.15
CA MET YA 558 -79.13 -8.69 -85.55
C MET YA 558 -79.84 -8.82 -84.21
N ILE YA 559 -80.74 -9.79 -84.12
CA ILE YA 559 -81.56 -9.98 -82.93
C ILE YA 559 -80.89 -10.99 -82.02
N THR YA 560 -80.69 -10.61 -80.76
CA THR YA 560 -80.02 -11.48 -79.81
C THR YA 560 -80.95 -12.59 -79.32
N ASP YA 561 -80.34 -13.61 -78.74
CA ASP YA 561 -81.13 -14.77 -78.24
C ASP YA 561 -80.76 -15.03 -76.79
N GLU YA 562 -81.75 -15.20 -75.94
CA GLU YA 562 -81.59 -15.50 -74.52
C GLU YA 562 -82.10 -16.89 -74.20
N GLU YA 563 -81.78 -17.86 -75.06
CA GLU YA 563 -82.24 -19.23 -74.88
C GLU YA 563 -81.45 -19.99 -73.83
N GLU YA 564 -80.25 -19.52 -73.47
CA GLU YA 564 -79.44 -20.23 -72.49
C GLU YA 564 -80.03 -20.17 -71.08
N ILE YA 565 -80.98 -19.26 -70.84
CA ILE YA 565 -81.55 -19.09 -69.51
C ILE YA 565 -82.94 -19.71 -69.42
N ARG YA 566 -83.37 -20.46 -70.43
CA ARG YA 566 -84.68 -21.11 -70.36
C ARG YA 566 -84.70 -22.27 -69.37
N THR YA 567 -83.54 -22.66 -68.83
CA THR YA 567 -83.50 -23.68 -67.79
C THR YA 567 -84.14 -23.20 -66.51
N THR YA 568 -84.00 -21.92 -66.18
CA THR YA 568 -84.56 -21.36 -64.95
C THR YA 568 -85.54 -20.22 -65.17
N ASN YA 569 -85.56 -19.61 -66.35
CA ASN YA 569 -86.41 -18.45 -66.60
C ASN YA 569 -87.54 -18.82 -67.54
N PRO YA 570 -88.74 -18.30 -67.29
CA PRO YA 570 -89.87 -18.61 -68.18
C PRO YA 570 -89.66 -18.00 -69.56
N VAL YA 571 -90.26 -18.64 -70.56
CA VAL YA 571 -90.23 -18.11 -71.91
C VAL YA 571 -91.00 -16.79 -71.95
N ALA YA 572 -90.43 -15.81 -72.65
CA ALA YA 572 -90.96 -14.45 -72.61
C ALA YA 572 -92.37 -14.38 -73.18
N THR YA 573 -92.66 -15.15 -74.21
CA THR YA 573 -93.92 -15.06 -74.93
C THR YA 573 -94.99 -15.97 -74.38
N GLU YA 574 -94.71 -16.73 -73.32
CA GLU YA 574 -95.66 -17.66 -72.76
C GLU YA 574 -95.99 -17.28 -71.32
N GLN YA 575 -97.04 -17.91 -70.80
CA GLN YA 575 -97.45 -17.64 -69.43
C GLN YA 575 -96.47 -18.25 -68.45
N TYR YA 576 -96.43 -17.67 -67.24
CA TYR YA 576 -95.64 -18.25 -66.17
C TYR YA 576 -96.18 -19.61 -65.76
N GLY YA 577 -97.50 -19.74 -65.67
CA GLY YA 577 -98.12 -20.97 -65.22
C GLY YA 577 -99.61 -20.81 -65.09
N SER YA 578 -100.21 -21.63 -64.23
CA SER YA 578 -101.64 -21.62 -64.00
C SER YA 578 -101.92 -21.63 -62.50
N VAL YA 579 -102.99 -20.94 -62.11
CA VAL YA 579 -103.45 -20.91 -60.73
C VAL YA 579 -104.95 -21.20 -60.73
N SER YA 580 -105.43 -21.69 -59.58
CA SER YA 580 -106.86 -21.92 -59.42
C SER YA 580 -107.60 -20.60 -59.24
N THR YA 581 -108.83 -20.55 -59.75
CA THR YA 581 -109.63 -19.35 -59.68
C THR YA 581 -110.96 -19.53 -58.95
N ASN YA 582 -111.31 -20.75 -58.55
CA ASN YA 582 -112.57 -21.00 -57.87
C ASN YA 582 -112.36 -22.14 -56.87
N LEU YA 583 -113.47 -22.63 -56.31
CA LEU YA 583 -113.45 -23.74 -55.38
C LEU YA 583 -114.34 -24.85 -55.94
N GLN YA 584 -113.71 -25.95 -56.37
CA GLN YA 584 -114.45 -27.09 -56.88
C GLN YA 584 -115.25 -27.74 -55.75
N ARG YA 585 -116.42 -28.26 -56.14
CA ARG YA 585 -117.35 -28.85 -55.15
C ARG YA 585 -118.28 -29.81 -55.87
N GLY YA 586 -118.61 -30.93 -55.24
CA GLY YA 586 -119.59 -31.86 -55.77
C GLY YA 586 -121.00 -31.54 -55.33
N ASN YA 587 -121.92 -32.42 -55.74
CA ASN YA 587 -123.37 -32.19 -55.45
C ASN YA 587 -123.67 -32.50 -53.98
N THR YA 594 -125.09 -26.77 -56.41
CA THR YA 594 -124.84 -27.63 -57.60
C THR YA 594 -123.34 -27.97 -57.64
N SER YA 595 -122.88 -28.74 -58.63
CA SER YA 595 -121.45 -28.97 -58.65
C SER YA 595 -120.73 -27.87 -59.42
N ARG YA 596 -119.48 -27.60 -59.03
CA ARG YA 596 -118.62 -26.64 -59.70
C ARG YA 596 -117.31 -27.31 -60.02
N GLN YA 597 -116.91 -27.29 -61.30
CA GLN YA 597 -115.66 -27.89 -61.72
C GLN YA 597 -114.49 -26.93 -61.50
N ALA YA 598 -113.32 -27.50 -61.23
CA ALA YA 598 -112.14 -26.69 -60.98
C ALA YA 598 -111.75 -25.89 -62.21
N ALA YA 599 -111.42 -24.62 -61.99
CA ALA YA 599 -111.07 -23.70 -63.07
C ALA YA 599 -109.68 -23.14 -62.83
N THR YA 600 -108.97 -22.87 -63.92
CA THR YA 600 -107.62 -22.34 -63.86
C THR YA 600 -107.49 -21.15 -64.81
N ALA YA 601 -106.52 -20.28 -64.53
CA ALA YA 601 -106.24 -19.14 -65.36
C ALA YA 601 -104.75 -19.03 -65.61
N ASP YA 602 -104.40 -18.48 -66.77
CA ASP YA 602 -102.99 -18.24 -67.09
C ASP YA 602 -102.46 -17.07 -66.28
N VAL YA 603 -101.20 -17.17 -65.87
CA VAL YA 603 -100.53 -16.11 -65.12
C VAL YA 603 -99.59 -15.42 -66.11
N ASN YA 604 -100.09 -14.37 -66.74
CA ASN YA 604 -99.29 -13.64 -67.72
C ASN YA 604 -98.27 -12.72 -67.08
N THR YA 605 -98.46 -12.35 -65.81
CA THR YA 605 -97.49 -11.55 -65.07
C THR YA 605 -97.32 -12.15 -63.69
N GLN YA 606 -96.08 -12.41 -63.30
CA GLN YA 606 -95.77 -13.04 -62.03
C GLN YA 606 -94.69 -12.24 -61.32
N GLY YA 607 -94.99 -11.76 -60.12
CA GLY YA 607 -93.99 -11.13 -59.29
C GLY YA 607 -93.09 -12.14 -58.62
N VAL YA 608 -92.12 -11.62 -57.89
CA VAL YA 608 -91.14 -12.49 -57.22
C VAL YA 608 -91.81 -13.19 -56.05
N LEU YA 609 -91.64 -14.51 -55.99
CA LEU YA 609 -92.12 -15.36 -54.93
C LEU YA 609 -90.95 -15.93 -54.14
N PRO YA 610 -91.14 -16.27 -52.86
CA PRO YA 610 -90.09 -16.96 -52.12
C PRO YA 610 -89.76 -18.30 -52.77
N GLY YA 611 -88.47 -18.62 -52.81
CA GLY YA 611 -88.00 -19.81 -53.48
C GLY YA 611 -87.77 -19.66 -54.97
N MET YA 612 -87.90 -18.46 -55.51
CA MET YA 612 -87.74 -18.24 -56.97
C MET YA 612 -86.26 -18.06 -57.32
N VAL YA 613 -85.79 -18.68 -58.40
CA VAL YA 613 -84.43 -18.59 -58.91
C VAL YA 613 -84.49 -18.19 -60.38
N TRP YA 614 -83.54 -17.37 -60.80
CA TRP YA 614 -83.53 -16.85 -62.17
C TRP YA 614 -82.11 -16.48 -62.55
N GLN YA 615 -81.91 -16.29 -63.85
CA GLN YA 615 -80.65 -15.81 -64.42
C GLN YA 615 -80.86 -14.42 -65.01
N ASP YA 616 -79.85 -13.57 -64.90
CA ASP YA 616 -79.93 -12.23 -65.45
C ASP YA 616 -79.73 -12.26 -66.96
N ARG YA 617 -79.96 -11.11 -67.58
CA ARG YA 617 -79.77 -11.01 -69.03
C ARG YA 617 -78.29 -11.10 -69.37
N ASP YA 618 -78.01 -11.73 -70.51
CA ASP YA 618 -76.63 -11.88 -70.96
C ASP YA 618 -76.05 -10.55 -71.41
N VAL YA 619 -74.73 -10.43 -71.33
CA VAL YA 619 -74.01 -9.28 -71.86
C VAL YA 619 -73.39 -9.68 -73.19
N TYR YA 620 -73.17 -8.69 -74.04
CA TYR YA 620 -72.70 -8.91 -75.40
C TYR YA 620 -71.50 -8.01 -75.67
N LEU YA 621 -70.74 -8.36 -76.71
CA LEU YA 621 -69.59 -7.56 -77.07
C LEU YA 621 -70.01 -6.14 -77.45
N GLN YA 622 -71.11 -6.01 -78.18
CA GLN YA 622 -71.66 -4.71 -78.53
C GLN YA 622 -72.55 -4.14 -77.44
N GLY YA 623 -72.80 -4.88 -76.37
CA GLY YA 623 -73.74 -4.46 -75.36
C GLY YA 623 -73.13 -3.54 -74.31
N PRO YA 624 -73.98 -2.97 -73.47
CA PRO YA 624 -73.48 -2.11 -72.39
C PRO YA 624 -72.82 -2.91 -71.29
N ILE YA 625 -71.95 -2.22 -70.55
CA ILE YA 625 -71.20 -2.83 -69.46
C ILE YA 625 -71.88 -2.61 -68.11
N TRP YA 626 -72.28 -1.38 -67.83
CA TRP YA 626 -72.80 -1.02 -66.51
C TRP YA 626 -73.96 -0.05 -66.66
N ALA YA 627 -74.58 0.26 -65.52
CA ALA YA 627 -75.58 1.30 -65.42
C ALA YA 627 -75.62 1.79 -63.99
N LYS YA 628 -76.08 3.02 -63.80
CA LYS YA 628 -76.19 3.58 -62.46
C LYS YA 628 -77.51 3.17 -61.82
N ILE YA 629 -77.42 2.57 -60.65
CA ILE YA 629 -78.64 2.22 -59.91
C ILE YA 629 -79.31 3.51 -59.44
N PRO YA 630 -80.60 3.73 -59.73
CA PRO YA 630 -81.25 4.98 -59.32
C PRO YA 630 -81.23 5.14 -57.81
N HIS YA 631 -81.06 6.39 -57.37
CA HIS YA 631 -81.02 6.71 -55.95
C HIS YA 631 -82.45 6.70 -55.42
N THR YA 632 -82.89 5.54 -54.96
CA THR YA 632 -84.25 5.34 -54.49
C THR YA 632 -84.22 4.63 -53.14
N ASP YA 633 -85.33 4.72 -52.42
CA ASP YA 633 -85.40 4.09 -51.08
C ASP YA 633 -85.31 2.57 -51.21
N GLY YA 634 -85.97 2.02 -52.22
CA GLY YA 634 -85.98 0.58 -52.40
C GLY YA 634 -85.76 0.18 -53.84
N HIS YA 635 -85.15 -0.98 -54.01
CA HIS YA 635 -84.97 -1.60 -55.31
C HIS YA 635 -84.70 -3.08 -55.08
N PHE YA 636 -85.14 -3.91 -56.03
CA PHE YA 636 -84.97 -5.35 -55.92
C PHE YA 636 -84.09 -5.82 -57.06
N HIS YA 637 -82.99 -6.51 -56.72
CA HIS YA 637 -82.05 -7.07 -57.68
C HIS YA 637 -81.65 -6.02 -58.70
N PRO YA 638 -80.82 -5.04 -58.32
CA PRO YA 638 -80.51 -3.90 -59.20
C PRO YA 638 -79.49 -4.23 -60.31
N SER YA 639 -79.73 -5.34 -61.00
CA SER YA 639 -79.02 -5.62 -62.25
C SER YA 639 -79.73 -4.90 -63.38
N PRO YA 640 -79.00 -4.16 -64.23
CA PRO YA 640 -79.66 -3.44 -65.32
C PRO YA 640 -80.41 -4.39 -66.24
N LEU YA 641 -81.60 -3.97 -66.67
CA LEU YA 641 -82.42 -4.83 -67.50
C LEU YA 641 -81.85 -5.00 -68.90
N MET YA 642 -81.11 -3.99 -69.39
CA MET YA 642 -80.45 -4.09 -70.67
C MET YA 642 -79.21 -4.99 -70.63
N GLY YA 643 -78.78 -5.41 -69.45
CA GLY YA 643 -77.62 -6.26 -69.29
C GLY YA 643 -76.43 -5.51 -68.74
N GLY YA 644 -75.70 -6.16 -67.84
CA GLY YA 644 -74.51 -5.56 -67.28
C GLY YA 644 -74.45 -5.57 -65.77
N PHE YA 645 -73.66 -4.66 -65.20
CA PHE YA 645 -73.42 -4.57 -63.77
C PHE YA 645 -74.10 -3.34 -63.20
N GLY YA 646 -74.93 -3.53 -62.18
CA GLY YA 646 -75.54 -2.42 -61.49
C GLY YA 646 -74.61 -1.80 -60.48
N LEU YA 647 -74.35 -0.50 -60.60
CA LEU YA 647 -73.38 0.19 -59.76
C LEU YA 647 -74.06 1.36 -59.07
N LYS YA 648 -73.97 1.40 -57.74
CA LYS YA 648 -74.46 2.55 -57.01
C LYS YA 648 -73.61 3.78 -57.29
N HIS YA 649 -72.30 3.58 -57.46
CA HIS YA 649 -71.36 4.63 -57.85
C HIS YA 649 -70.65 4.17 -59.10
N PRO YA 650 -71.26 4.36 -60.27
CA PRO YA 650 -70.64 3.91 -61.51
C PRO YA 650 -69.48 4.80 -61.90
N PRO YA 651 -68.73 4.44 -62.95
CA PRO YA 651 -67.68 5.34 -63.44
C PRO YA 651 -68.23 6.72 -63.74
N PRO YA 652 -67.62 7.77 -63.20
CA PRO YA 652 -68.20 9.11 -63.33
C PRO YA 652 -68.21 9.60 -64.77
N GLN YA 653 -69.19 10.44 -65.06
CA GLN YA 653 -69.23 11.10 -66.36
C GLN YA 653 -68.05 12.04 -66.53
N ILE YA 654 -67.42 11.99 -67.69
CA ILE YA 654 -66.28 12.83 -68.02
C ILE YA 654 -66.75 13.86 -69.03
N LEU YA 655 -66.83 15.12 -68.61
CA LEU YA 655 -67.35 16.20 -69.45
C LEU YA 655 -66.20 17.02 -70.00
N ILE YA 656 -66.25 17.30 -71.30
CA ILE YA 656 -65.22 18.04 -72.00
C ILE YA 656 -65.87 19.04 -72.93
N LYS YA 657 -65.32 20.25 -72.99
CA LYS YA 657 -65.81 21.26 -73.92
C LYS YA 657 -64.68 22.21 -74.26
N ASN YA 658 -64.82 22.88 -75.39
CA ASN YA 658 -63.85 23.89 -75.81
C ASN YA 658 -64.15 25.21 -75.12
N THR YA 659 -63.12 25.85 -74.60
CA THR YA 659 -63.30 27.14 -73.97
C THR YA 659 -63.64 28.18 -75.03
N PRO YA 660 -64.73 28.92 -74.87
CA PRO YA 660 -65.09 29.93 -75.88
C PRO YA 660 -64.05 31.03 -75.96
N VAL YA 661 -63.60 31.32 -77.18
CA VAL YA 661 -62.64 32.38 -77.45
C VAL YA 661 -63.39 33.51 -78.15
N PRO YA 662 -63.61 34.65 -77.49
CA PRO YA 662 -64.36 35.74 -78.13
C PRO YA 662 -63.65 36.27 -79.36
N ALA YA 663 -64.44 36.67 -80.35
CA ALA YA 663 -63.92 37.30 -81.55
C ALA YA 663 -63.60 38.77 -81.25
N ASN YA 664 -63.36 39.56 -82.29
CA ASN YA 664 -62.96 40.94 -82.11
C ASN YA 664 -64.04 41.74 -81.40
N PRO YA 665 -63.76 42.31 -80.23
CA PRO YA 665 -64.78 43.11 -79.53
C PRO YA 665 -64.84 44.54 -80.05
N SER YA 666 -65.93 45.20 -79.67
CA SER YA 666 -66.11 46.63 -80.04
C SER YA 666 -65.24 47.49 -79.14
N THR YA 667 -64.70 48.56 -79.69
CA THR YA 667 -63.88 49.49 -78.92
C THR YA 667 -64.69 50.27 -77.89
N THR YA 668 -66.01 50.27 -78.02
CA THR YA 668 -66.89 50.89 -77.03
C THR YA 668 -67.51 49.81 -76.16
N PHE YA 669 -67.61 50.08 -74.87
CA PHE YA 669 -68.12 49.08 -73.94
C PHE YA 669 -69.58 48.77 -74.23
N SER YA 670 -69.91 47.48 -74.20
CA SER YA 670 -71.29 47.00 -74.36
C SER YA 670 -71.57 45.99 -73.27
N ALA YA 671 -72.68 46.18 -72.55
CA ALA YA 671 -73.06 45.26 -71.49
C ALA YA 671 -73.69 43.98 -72.01
N ALA YA 672 -74.02 43.91 -73.29
CA ALA YA 672 -74.57 42.69 -73.86
C ALA YA 672 -73.53 41.58 -73.83
N LYS YA 673 -73.98 40.37 -73.51
CA LYS YA 673 -73.07 39.23 -73.47
C LYS YA 673 -72.54 38.95 -74.87
N PHE YA 674 -71.33 38.38 -74.90
CA PHE YA 674 -70.65 38.12 -76.20
C PHE YA 674 -71.43 37.08 -77.01
N ALA YA 675 -71.66 37.40 -78.28
CA ALA YA 675 -72.32 36.48 -79.19
C ALA YA 675 -71.47 36.08 -80.39
N SER YA 676 -70.31 36.70 -80.57
CA SER YA 676 -69.40 36.38 -81.66
C SER YA 676 -68.15 35.72 -81.09
N PHE YA 677 -67.81 34.55 -81.64
CA PHE YA 677 -66.67 33.78 -81.15
C PHE YA 677 -65.88 33.26 -82.34
N ILE YA 678 -64.63 32.92 -82.08
CA ILE YA 678 -63.78 32.30 -83.09
C ILE YA 678 -64.18 30.84 -83.22
N THR YA 679 -64.51 30.41 -84.43
CA THR YA 679 -64.90 29.04 -84.67
C THR YA 679 -63.71 28.12 -84.44
N GLN YA 680 -63.90 27.08 -83.62
CA GLN YA 680 -62.79 26.19 -83.32
C GLN YA 680 -63.33 24.86 -82.82
N TYR YA 681 -62.48 23.83 -82.97
CA TYR YA 681 -62.75 22.51 -82.46
C TYR YA 681 -61.46 21.98 -81.86
N SER YA 682 -61.54 20.80 -81.25
CA SER YA 682 -60.37 20.17 -80.65
C SER YA 682 -60.29 18.71 -81.06
N THR YA 683 -59.07 18.19 -81.07
CA THR YA 683 -58.83 16.78 -81.35
C THR YA 683 -57.75 16.30 -80.39
N GLY YA 684 -57.74 15.00 -80.14
CA GLY YA 684 -56.78 14.45 -79.20
C GLY YA 684 -56.94 12.96 -79.10
N GLN YA 685 -56.27 12.39 -78.09
CA GLN YA 685 -56.30 10.96 -77.85
C GLN YA 685 -56.89 10.69 -76.46
N VAL YA 686 -57.61 9.58 -76.36
CA VAL YA 686 -58.24 9.16 -75.12
C VAL YA 686 -57.83 7.72 -74.84
N SER YA 687 -57.48 7.43 -73.59
CA SER YA 687 -57.05 6.11 -73.16
C SER YA 687 -57.94 5.62 -72.02
N VAL YA 688 -58.44 4.40 -72.14
CA VAL YA 688 -59.23 3.75 -71.10
C VAL YA 688 -58.60 2.40 -70.80
N GLU YA 689 -58.22 2.19 -69.55
CA GLU YA 689 -57.65 0.92 -69.10
C GLU YA 689 -58.50 0.37 -67.98
N ILE YA 690 -59.04 -0.83 -68.16
CA ILE YA 690 -59.91 -1.46 -67.18
C ILE YA 690 -59.29 -2.80 -66.78
N GLU YA 691 -59.20 -3.04 -65.48
CA GLU YA 691 -58.80 -4.33 -64.94
C GLU YA 691 -60.05 -5.15 -64.62
N TRP YA 692 -60.11 -6.36 -65.13
CA TRP YA 692 -61.23 -7.26 -64.92
C TRP YA 692 -60.77 -8.47 -64.13
N GLU YA 693 -61.63 -8.93 -63.22
CA GLU YA 693 -61.38 -10.15 -62.46
C GLU YA 693 -62.12 -11.31 -63.09
N LEU YA 694 -61.44 -12.46 -63.18
CA LEU YA 694 -61.98 -13.63 -63.85
C LEU YA 694 -62.34 -14.70 -62.83
N GLN YA 695 -63.42 -15.41 -63.11
CA GLN YA 695 -63.85 -16.58 -62.32
C GLN YA 695 -63.57 -17.80 -63.18
N LYS YA 696 -62.47 -18.49 -62.86
CA LYS YA 696 -62.02 -19.59 -63.70
C LYS YA 696 -62.99 -20.76 -63.65
N GLU YA 697 -63.22 -21.37 -64.81
CA GLU YA 697 -64.09 -22.54 -64.91
C GLU YA 697 -63.45 -23.73 -64.21
N ASN YA 698 -64.26 -24.45 -63.44
CA ASN YA 698 -63.83 -25.61 -62.67
C ASN YA 698 -64.78 -26.78 -62.90
N SER YA 699 -65.10 -27.03 -64.17
CA SER YA 699 -66.08 -28.04 -64.50
C SER YA 699 -65.47 -29.45 -64.45
N LYS YA 700 -66.32 -30.46 -64.25
CA LYS YA 700 -65.86 -31.87 -64.23
C LYS YA 700 -66.66 -32.67 -65.27
N ARG YA 701 -67.27 -32.00 -66.26
CA ARG YA 701 -67.96 -32.74 -67.30
C ARG YA 701 -66.95 -33.48 -68.18
N TRP YA 702 -67.41 -34.58 -68.77
CA TRP YA 702 -66.54 -35.45 -69.54
C TRP YA 702 -66.47 -35.06 -71.01
N ASN YA 703 -67.62 -34.92 -71.64
CA ASN YA 703 -67.67 -34.62 -73.06
C ASN YA 703 -67.36 -33.14 -73.32
N PRO YA 704 -66.87 -32.78 -74.52
CA PRO YA 704 -66.50 -31.39 -74.80
C PRO YA 704 -67.66 -30.39 -74.67
N GLU YA 705 -67.37 -29.10 -74.52
CA GLU YA 705 -68.40 -28.06 -74.30
C GLU YA 705 -68.66 -27.27 -75.58
N ILE YA 706 -69.71 -26.44 -75.59
CA ILE YA 706 -69.87 -25.53 -76.76
C ILE YA 706 -68.90 -24.34 -76.61
N GLN YA 707 -68.15 -24.02 -77.66
CA GLN YA 707 -67.28 -22.87 -77.62
C GLN YA 707 -67.56 -21.99 -78.83
N TYR YA 708 -67.38 -20.68 -78.65
CA TYR YA 708 -67.48 -19.77 -79.78
C TYR YA 708 -66.27 -19.97 -80.69
N THR YA 709 -66.51 -19.99 -82.00
CA THR YA 709 -65.46 -20.26 -82.97
C THR YA 709 -65.76 -19.53 -84.26
N SER YA 710 -64.69 -19.31 -85.03
CA SER YA 710 -64.88 -18.72 -86.37
C SER YA 710 -65.25 -19.84 -87.32
N ASN YA 711 -65.85 -19.54 -88.46
CA ASN YA 711 -66.25 -20.65 -89.36
C ASN YA 711 -65.09 -20.90 -90.32
N TYR YA 712 -64.69 -22.15 -90.49
CA TYR YA 712 -63.49 -22.47 -91.31
C TYR YA 712 -63.77 -22.23 -92.80
N ASN YA 713 -65.01 -22.41 -93.25
CA ASN YA 713 -65.24 -22.32 -94.69
C ASN YA 713 -64.81 -20.96 -95.24
N LYS YA 714 -64.42 -21.00 -96.51
CA LYS YA 714 -63.93 -19.77 -97.19
C LYS YA 714 -65.05 -18.75 -97.29
N SER YA 715 -64.66 -17.49 -97.33
CA SER YA 715 -65.63 -16.40 -97.46
C SER YA 715 -64.95 -15.23 -98.14
N ILE YA 716 -65.78 -14.33 -98.67
CA ILE YA 716 -65.25 -13.12 -99.31
C ILE YA 716 -64.55 -12.24 -98.29
N ASN YA 717 -65.16 -12.09 -97.11
CA ASN YA 717 -64.62 -11.27 -96.05
C ASN YA 717 -64.42 -12.10 -94.78
N VAL YA 718 -63.39 -11.75 -94.02
CA VAL YA 718 -63.17 -12.37 -92.71
C VAL YA 718 -64.03 -11.65 -91.68
N ASP YA 719 -64.57 -12.40 -90.73
CA ASP YA 719 -65.42 -11.81 -89.71
C ASP YA 719 -64.62 -10.90 -88.78
N PHE YA 720 -65.25 -9.81 -88.36
CA PHE YA 720 -64.65 -8.84 -87.44
C PHE YA 720 -63.36 -8.26 -87.99
N THR YA 721 -63.35 -7.98 -89.29
CA THR YA 721 -62.24 -7.30 -89.95
C THR YA 721 -62.81 -6.16 -90.79
N VAL YA 722 -61.94 -5.55 -91.58
CA VAL YA 722 -62.35 -4.49 -92.49
C VAL YA 722 -62.55 -5.08 -93.88
N ASP YA 723 -63.40 -4.43 -94.67
CA ASP YA 723 -63.64 -4.85 -96.03
C ASP YA 723 -62.72 -4.09 -96.97
N THR YA 724 -62.98 -4.18 -98.28
CA THR YA 724 -62.12 -3.50 -99.27
C THR YA 724 -62.26 -1.99 -99.12
N ASN YA 725 -63.29 -1.52 -98.40
CA ASN YA 725 -63.45 -0.06 -98.13
C ASN YA 725 -62.80 0.27 -96.79
N GLY YA 726 -62.22 -0.73 -96.12
CA GLY YA 726 -61.60 -0.49 -94.79
C GLY YA 726 -62.66 -0.23 -93.74
N VAL YA 727 -63.91 -0.64 -94.00
CA VAL YA 727 -65.02 -0.39 -93.04
C VAL YA 727 -65.09 -1.57 -92.07
N TYR YA 728 -64.92 -1.31 -90.77
CA TYR YA 728 -64.99 -2.37 -89.77
C TYR YA 728 -66.45 -2.71 -89.49
N SER YA 729 -66.74 -4.01 -89.42
CA SER YA 729 -68.08 -4.47 -89.14
C SER YA 729 -68.04 -5.60 -88.12
N GLU YA 730 -69.13 -5.73 -87.36
CA GLU YA 730 -69.30 -6.83 -86.42
C GLU YA 730 -70.43 -7.72 -86.92
N PRO YA 731 -70.12 -8.88 -87.52
CA PRO YA 731 -71.15 -9.64 -88.24
C PRO YA 731 -72.30 -10.13 -87.37
N ARG YA 732 -72.06 -10.48 -86.12
CA ARG YA 732 -73.10 -11.03 -85.27
C ARG YA 732 -72.85 -10.63 -83.83
N PRO YA 733 -73.89 -10.62 -82.99
CA PRO YA 733 -73.66 -10.42 -81.55
C PRO YA 733 -73.09 -11.69 -80.93
N ILE YA 734 -72.11 -11.50 -80.04
CA ILE YA 734 -71.51 -12.61 -79.31
C ILE YA 734 -71.85 -12.42 -77.84
N GLY YA 735 -72.50 -13.42 -77.25
CA GLY YA 735 -72.78 -13.43 -75.84
C GLY YA 735 -71.59 -13.96 -75.07
N THR YA 736 -71.86 -14.41 -73.84
CA THR YA 736 -70.81 -14.97 -73.00
C THR YA 736 -71.11 -16.38 -72.50
N ARG YA 737 -72.31 -16.91 -72.77
CA ARG YA 737 -72.76 -18.14 -72.12
C ARG YA 737 -72.53 -19.33 -73.05
N TYR YA 738 -71.30 -19.85 -73.00
CA TYR YA 738 -70.90 -21.02 -73.77
C TYR YA 738 -70.49 -22.20 -72.90
N LEU YA 739 -69.74 -21.94 -71.84
CA LEU YA 739 -69.45 -23.01 -70.88
C LEU YA 739 -70.70 -23.35 -70.09
N THR YA 740 -70.68 -24.52 -69.45
CA THR YA 740 -71.83 -25.00 -68.72
C THR YA 740 -71.47 -25.28 -67.27
N ARG YA 741 -72.47 -25.08 -66.40
CA ARG YA 741 -72.30 -25.39 -64.97
C ARG YA 741 -73.61 -26.05 -64.50
N ASN YA 742 -73.57 -26.96 -63.53
CA ASN YA 742 -74.77 -27.57 -62.98
C ASN YA 742 -75.54 -26.56 -62.14
N LEU YA 743 -76.85 -26.78 -62.05
CA LEU YA 743 -77.71 -25.93 -61.22
C LEU YA 743 -77.38 -26.10 -59.74
N ALA ZA 218 -32.17 80.56 4.39
CA ALA ZA 218 -32.51 79.32 3.66
C ALA ZA 218 -32.68 79.64 2.19
N ASP ZA 219 -33.32 80.76 1.88
CA ASP ZA 219 -33.65 81.10 0.47
C ASP ZA 219 -33.17 82.52 0.18
N GLY ZA 220 -32.41 83.11 1.11
CA GLY ZA 220 -31.85 84.45 0.83
C GLY ZA 220 -32.88 85.38 0.21
N VAL ZA 221 -32.47 86.20 -0.77
CA VAL ZA 221 -33.39 87.20 -1.36
C VAL ZA 221 -33.64 86.75 -2.79
N GLY ZA 222 -34.87 86.44 -3.11
CA GLY ZA 222 -35.28 86.05 -4.44
C GLY ZA 222 -35.67 84.59 -4.60
N ASN ZA 223 -35.54 83.79 -3.55
CA ASN ZA 223 -35.96 82.39 -3.58
C ASN ZA 223 -37.13 82.21 -2.63
N SER ZA 224 -38.23 81.66 -3.15
CA SER ZA 224 -39.42 81.46 -2.35
C SER ZA 224 -39.19 80.34 -1.33
N SER ZA 225 -39.68 80.55 -0.11
CA SER ZA 225 -39.52 79.59 0.97
C SER ZA 225 -40.79 78.77 1.22
N GLY ZA 226 -41.78 78.88 0.35
CA GLY ZA 226 -43.00 78.11 0.51
C GLY ZA 226 -43.91 78.30 -0.68
N ASN ZA 227 -44.99 77.53 -0.69
CA ASN ZA 227 -45.99 77.56 -1.75
C ASN ZA 227 -47.36 77.76 -1.15
N TRP ZA 228 -48.32 78.12 -2.00
CA TRP ZA 228 -49.70 78.33 -1.58
C TRP ZA 228 -50.44 77.00 -1.60
N HIS ZA 229 -50.82 76.53 -0.42
CA HIS ZA 229 -51.56 75.25 -0.30
C HIS ZA 229 -52.88 75.55 0.40
N CYS ZA 230 -53.94 75.75 -0.38
CA CYS ZA 230 -55.29 75.98 0.21
C CYS ZA 230 -56.22 74.97 -0.47
N ASP ZA 231 -56.64 73.92 0.25
CA ASP ZA 231 -57.47 72.86 -0.37
C ASP ZA 231 -57.95 71.85 0.68
N SER ZA 232 -58.79 70.90 0.28
CA SER ZA 232 -59.16 69.86 1.23
C SER ZA 232 -59.22 68.53 0.52
N THR ZA 233 -58.79 67.47 1.21
CA THR ZA 233 -58.78 66.12 0.67
C THR ZA 233 -59.62 65.22 1.57
N TRP ZA 234 -60.61 64.56 0.98
CA TRP ZA 234 -61.45 63.62 1.71
C TRP ZA 234 -61.00 62.20 1.36
N MET ZA 235 -60.56 61.46 2.38
CA MET ZA 235 -60.08 60.07 2.16
C MET ZA 235 -60.70 59.17 3.22
N GLY ZA 236 -61.82 58.53 2.89
CA GLY ZA 236 -62.45 57.60 3.83
C GLY ZA 236 -62.97 58.33 5.05
N ASP ZA 237 -62.47 57.91 6.22
CA ASP ZA 237 -62.87 58.49 7.49
C ASP ZA 237 -62.00 59.68 7.90
N ARG ZA 238 -61.35 60.34 6.96
CA ARG ZA 238 -60.52 61.49 7.25
C ARG ZA 238 -60.79 62.60 6.24
N VAL ZA 239 -60.67 63.84 6.70
CA VAL ZA 239 -60.66 65.00 5.82
C VAL ZA 239 -59.53 65.91 6.28
N THR ZA 240 -58.62 66.26 5.37
CA THR ZA 240 -57.51 67.14 5.67
C THR ZA 240 -57.75 68.48 4.99
N THR ZA 241 -57.92 69.52 5.80
CA THR ZA 241 -58.15 70.88 5.30
C THR ZA 241 -56.88 71.69 5.45
N THR ZA 242 -56.47 72.35 4.38
CA THR ZA 242 -55.30 73.21 4.37
C THR ZA 242 -55.70 74.61 3.93
N SER ZA 243 -55.17 75.62 4.62
CA SER ZA 243 -55.51 77.01 4.33
C SER ZA 243 -54.24 77.84 4.31
N THR ZA 244 -54.19 78.79 3.37
CA THR ZA 244 -53.09 79.75 3.30
C THR ZA 244 -53.67 81.15 3.25
N ARG ZA 245 -53.06 82.07 4.01
CA ARG ZA 245 -53.50 83.45 4.07
C ARG ZA 245 -52.28 84.36 4.04
N THR ZA 246 -52.51 85.61 3.66
CA THR ZA 246 -51.49 86.65 3.68
C THR ZA 246 -51.73 87.53 4.91
N TRP ZA 247 -50.71 87.67 5.75
CA TRP ZA 247 -50.83 88.42 6.99
C TRP ZA 247 -49.93 89.65 6.96
N ALA ZA 248 -50.32 90.64 7.76
CA ALA ZA 248 -49.53 91.84 7.96
C ALA ZA 248 -49.33 92.05 9.46
N LEU ZA 249 -48.09 92.23 9.86
CA LEU ZA 249 -47.74 92.38 11.27
C LEU ZA 249 -47.08 93.74 11.50
N PRO ZA 250 -47.74 94.68 12.17
CA PRO ZA 250 -47.12 95.97 12.46
C PRO ZA 250 -46.22 95.86 13.69
N THR ZA 251 -45.68 97.01 14.09
CA THR ZA 251 -44.94 97.13 15.34
C THR ZA 251 -45.93 97.55 16.43
N TYR ZA 252 -46.01 96.75 17.49
CA TYR ZA 252 -46.98 96.96 18.55
C TYR ZA 252 -46.32 97.60 19.76
N ASN ZA 253 -46.98 98.61 20.32
CA ASN ZA 253 -46.55 99.31 21.52
C ASN ZA 253 -45.19 99.98 21.36
N ASN ZA 254 -44.73 100.16 20.12
CA ASN ZA 254 -43.40 100.70 19.84
C ASN ZA 254 -42.32 99.88 20.55
N HIS ZA 255 -42.40 98.56 20.40
CA HIS ZA 255 -41.45 97.60 20.94
C HIS ZA 255 -41.40 97.60 22.46
N LEU ZA 256 -42.50 97.94 23.12
CA LEU ZA 256 -42.50 98.10 24.57
C LEU ZA 256 -43.54 97.19 25.22
N TYR ZA 257 -43.30 96.88 26.50
CA TYR ZA 257 -44.33 96.18 27.30
C TYR ZA 257 -44.93 97.28 28.17
N LYS ZA 258 -46.24 97.42 28.19
CA LYS ZA 258 -46.96 98.46 28.91
C LYS ZA 258 -47.94 97.80 29.88
N GLN ZA 259 -47.87 98.21 31.15
CA GLN ZA 259 -48.85 97.78 32.11
C GLN ZA 259 -50.20 98.43 31.81
N ILE ZA 260 -51.24 97.62 31.77
CA ILE ZA 260 -52.59 98.10 31.47
C ILE ZA 260 -53.50 97.72 32.62
N SER ZA 261 -54.55 98.50 32.80
CA SER ZA 261 -55.53 98.27 33.86
C SER ZA 261 -56.83 98.96 33.49
N SER ZA 262 -57.88 98.61 34.23
CA SER ZA 262 -59.18 99.22 34.00
C SER ZA 262 -59.13 100.71 34.34
N GLN ZA 263 -59.98 101.46 33.64
CA GLN ZA 263 -59.99 102.92 33.83
C GLN ZA 263 -60.53 103.22 35.22
N SER ZA 264 -60.06 104.32 35.79
CA SER ZA 264 -60.63 104.76 37.10
C SER ZA 264 -62.10 105.12 36.86
N GLY ZA 265 -62.96 104.81 37.82
CA GLY ZA 265 -64.38 105.05 37.73
C GLY ZA 265 -65.17 103.89 37.15
N ALA ZA 266 -64.50 102.84 36.69
CA ALA ZA 266 -65.21 101.67 36.19
C ALA ZA 266 -65.86 100.91 37.34
N SER ZA 267 -66.89 100.13 37.01
CA SER ZA 267 -67.55 99.32 38.01
C SER ZA 267 -66.62 98.21 38.48
N ASN ZA 268 -66.95 97.63 39.63
CA ASN ZA 268 -66.12 96.55 40.18
C ASN ZA 268 -66.11 95.34 39.26
N ASP ZA 269 -67.22 95.07 38.57
CA ASP ZA 269 -67.28 93.92 37.68
C ASP ZA 269 -66.36 94.10 36.48
N ASN ZA 270 -66.06 95.35 36.11
CA ASN ZA 270 -65.25 95.64 34.93
C ASN ZA 270 -63.79 95.95 35.28
N HIS ZA 271 -63.40 95.81 36.54
CA HIS ZA 271 -62.02 96.08 36.92
C HIS ZA 271 -61.10 94.96 36.46
N TYR ZA 272 -59.91 95.34 36.01
CA TYR ZA 272 -58.94 94.35 35.56
C TYR ZA 272 -57.54 94.94 35.63
N PHE ZA 273 -56.55 94.06 35.60
CA PHE ZA 273 -55.15 94.43 35.57
C PHE ZA 273 -54.41 93.42 34.69
N GLY ZA 274 -53.47 93.91 33.90
CA GLY ZA 274 -52.75 93.04 33.01
C GLY ZA 274 -51.61 93.77 32.33
N TYR ZA 275 -51.06 93.13 31.30
CA TYR ZA 275 -49.94 93.69 30.56
C TYR ZA 275 -50.19 93.55 29.08
N SER ZA 276 -49.74 94.55 28.32
CA SER ZA 276 -49.80 94.56 26.87
C SER ZA 276 -48.39 94.31 26.33
N THR ZA 277 -48.26 93.35 25.44
CA THR ZA 277 -46.97 92.97 24.90
C THR ZA 277 -46.79 93.49 23.48
N PRO ZA 278 -45.56 93.71 23.04
CA PRO ZA 278 -45.33 94.11 21.64
C PRO ZA 278 -45.45 92.97 20.64
N TRP ZA 279 -45.82 91.77 21.09
CA TRP ZA 279 -45.93 90.62 20.22
C TRP ZA 279 -47.34 90.51 19.64
N GLY ZA 280 -47.43 89.79 18.52
CA GLY ZA 280 -48.69 89.37 17.96
C GLY ZA 280 -48.81 87.86 18.04
N TYR ZA 281 -50.00 87.36 17.70
CA TYR ZA 281 -50.24 85.93 17.74
C TYR ZA 281 -51.12 85.52 16.56
N PHE ZA 282 -50.90 84.30 16.08
CA PHE ZA 282 -51.67 83.75 14.97
C PHE ZA 282 -52.82 82.91 15.52
N ASP ZA 283 -54.04 83.30 15.17
CA ASP ZA 283 -55.25 82.64 15.65
C ASP ZA 283 -55.95 81.98 14.47
N PHE ZA 284 -56.22 80.69 14.58
CA PHE ZA 284 -57.06 79.97 13.62
C PHE ZA 284 -58.08 79.11 14.35
N ASN ZA 285 -58.58 79.59 15.48
CA ASN ZA 285 -59.54 78.85 16.30
C ASN ZA 285 -60.97 79.15 15.90
N ARG ZA 286 -61.25 79.04 14.61
CA ARG ZA 286 -62.60 79.16 14.07
C ARG ZA 286 -62.71 78.22 12.88
N PHE ZA 287 -63.87 77.59 12.70
CA PHE ZA 287 -64.00 76.54 11.65
C PHE ZA 287 -63.89 77.14 10.24
N HIS ZA 288 -64.31 78.39 10.06
CA HIS ZA 288 -64.28 79.04 8.72
C HIS ZA 288 -62.83 79.23 8.25
N CYS ZA 289 -61.87 79.15 9.16
CA CYS ZA 289 -60.43 79.32 8.82
C CYS ZA 289 -59.92 78.08 8.09
N HIS ZA 290 -60.63 76.96 8.17
CA HIS ZA 290 -60.19 75.72 7.56
C HIS ZA 290 -61.21 75.10 6.62
N PHE ZA 291 -62.51 75.30 6.86
CA PHE ZA 291 -63.56 74.70 6.05
C PHE ZA 291 -64.22 75.76 5.18
N SER ZA 292 -64.32 75.47 3.88
CA SER ZA 292 -65.16 76.27 3.01
C SER ZA 292 -66.62 75.92 3.28
N PRO ZA 293 -67.56 76.79 2.89
CA PRO ZA 293 -68.98 76.45 3.08
C PRO ZA 293 -69.39 75.14 2.41
N ARG ZA 294 -68.87 74.85 1.22
CA ARG ZA 294 -69.11 73.56 0.60
C ARG ZA 294 -68.50 72.43 1.42
N ASP ZA 295 -67.31 72.65 1.97
CA ASP ZA 295 -66.70 71.65 2.85
C ASP ZA 295 -67.54 71.43 4.09
N TRP ZA 296 -68.08 72.51 4.68
CA TRP ZA 296 -68.95 72.37 5.84
C TRP ZA 296 -70.22 71.61 5.49
N GLN ZA 297 -70.81 71.89 4.33
CA GLN ZA 297 -72.01 71.17 3.93
C GLN ZA 297 -71.73 69.69 3.70
N ARG ZA 298 -70.57 69.39 3.09
CA ARG ZA 298 -70.17 68.00 2.92
C ARG ZA 298 -69.92 67.32 4.26
N LEU ZA 299 -69.41 68.04 5.25
CA LEU ZA 299 -69.14 67.46 6.56
C LEU ZA 299 -70.43 67.18 7.32
N ILE ZA 300 -71.34 68.16 7.36
CA ILE ZA 300 -72.48 68.07 8.25
C ILE ZA 300 -73.64 67.25 7.68
N ASN ZA 301 -73.69 67.06 6.37
CA ASN ZA 301 -74.78 66.31 5.75
C ASN ZA 301 -74.50 64.82 5.66
N ASN ZA 302 -73.30 64.38 6.02
CA ASN ZA 302 -72.91 62.99 5.80
C ASN ZA 302 -72.26 62.32 7.00
N ASN ZA 303 -71.92 63.05 8.05
CA ASN ZA 303 -71.17 62.50 9.17
C ASN ZA 303 -71.94 62.69 10.46
N TRP ZA 304 -71.87 61.69 11.34
CA TRP ZA 304 -72.44 61.74 12.67
C TRP ZA 304 -71.51 62.35 13.69
N GLY ZA 305 -70.25 62.63 13.32
CA GLY ZA 305 -69.32 63.24 14.25
C GLY ZA 305 -67.99 63.51 13.57
N PHE ZA 306 -67.20 64.36 14.23
CA PHE ZA 306 -65.86 64.67 13.75
C PHE ZA 306 -65.04 65.21 14.92
N ARG ZA 307 -63.72 65.13 14.77
CA ARG ZA 307 -62.79 65.62 15.78
C ARG ZA 307 -61.45 65.87 15.12
N PRO ZA 308 -60.68 66.84 15.60
CA PRO ZA 308 -59.34 67.07 15.05
C PRO ZA 308 -58.35 66.03 15.52
N LYS ZA 309 -57.38 65.74 14.66
CA LYS ZA 309 -56.38 64.71 14.91
C LYS ZA 309 -54.97 65.27 15.02
N ARG ZA 310 -54.54 66.07 14.04
CA ARG ZA 310 -53.22 66.67 14.05
C ARG ZA 310 -53.24 67.89 13.16
N LEU ZA 311 -52.27 68.79 13.38
CA LEU ZA 311 -52.17 69.99 12.58
C LEU ZA 311 -50.71 70.26 12.21
N ASN ZA 312 -50.54 71.01 11.11
CA ASN ZA 312 -49.20 71.43 10.65
C ASN ZA 312 -49.30 72.94 10.39
N PHE ZA 313 -48.30 73.72 10.79
CA PHE ZA 313 -48.29 75.16 10.71
C PHE ZA 313 -47.02 75.62 10.00
N LYS ZA 314 -47.17 76.63 9.14
CA LYS ZA 314 -45.99 77.15 8.43
C LYS ZA 314 -46.04 78.66 8.20
N LEU ZA 315 -44.93 79.35 8.44
CA LEU ZA 315 -44.76 80.75 8.07
C LEU ZA 315 -43.66 80.83 7.03
N PHE ZA 316 -43.90 81.56 5.95
CA PHE ZA 316 -42.95 81.59 4.85
C PHE ZA 316 -43.14 82.86 4.04
N ASN ZA 317 -42.22 83.09 3.11
CA ASN ZA 317 -42.22 84.26 2.25
C ASN ZA 317 -42.31 85.54 3.07
N ILE ZA 318 -41.47 85.62 4.09
CA ILE ZA 318 -41.50 86.73 5.04
C ILE ZA 318 -40.76 87.92 4.45
N GLN ZA 319 -41.45 89.06 4.40
CA GLN ZA 319 -40.89 90.31 3.90
C GLN ZA 319 -40.98 91.36 4.99
N VAL ZA 320 -39.86 92.01 5.30
CA VAL ZA 320 -39.84 93.11 6.26
C VAL ZA 320 -39.75 94.40 5.46
N LYS ZA 321 -40.71 95.29 5.66
CA LYS ZA 321 -40.80 96.56 4.95
C LYS ZA 321 -40.49 97.69 5.90
N GLU ZA 322 -39.59 98.58 5.50
CA GLU ZA 322 -39.26 99.77 6.26
C GLU ZA 322 -40.07 100.95 5.75
N VAL ZA 323 -40.74 101.63 6.67
CA VAL ZA 323 -41.60 102.76 6.35
C VAL ZA 323 -40.93 104.05 6.82
N THR ZA 324 -40.84 105.03 5.93
CA THR ZA 324 -40.30 106.33 6.26
C THR ZA 324 -41.29 107.40 5.84
N GLN ZA 325 -41.24 108.55 6.52
CA GLN ZA 325 -42.16 109.65 6.24
C GLN ZA 325 -41.36 110.95 6.27
N ASN ZA 326 -41.13 111.52 5.09
CA ASN ZA 326 -40.34 112.73 4.94
C ASN ZA 326 -41.16 113.77 4.19
N ASP ZA 327 -41.39 114.92 4.85
CA ASP ZA 327 -42.13 116.04 4.25
C ASP ZA 327 -43.52 115.61 3.78
N GLY ZA 328 -44.18 114.76 4.57
CA GLY ZA 328 -45.53 114.34 4.27
C GLY ZA 328 -45.65 113.23 3.26
N THR ZA 329 -44.55 112.59 2.87
CA THR ZA 329 -44.55 111.52 1.89
C THR ZA 329 -44.24 110.19 2.57
N THR ZA 330 -45.08 109.19 2.33
CA THR ZA 330 -44.89 107.86 2.88
C THR ZA 330 -44.18 106.99 1.85
N THR ZA 331 -42.97 106.57 2.17
CA THR ZA 331 -42.15 105.74 1.28
C THR ZA 331 -41.89 104.40 1.95
N ILE ZA 332 -42.16 103.32 1.23
CA ILE ZA 332 -41.99 101.96 1.73
C ILE ZA 332 -40.92 101.27 0.89
N ALA ZA 333 -39.92 100.71 1.56
CA ALA ZA 333 -38.83 100.01 0.90
C ALA ZA 333 -38.54 98.71 1.63
N ASN ZA 334 -37.94 97.77 0.90
CA ASN ZA 334 -37.60 96.48 1.49
C ASN ZA 334 -36.47 96.62 2.50
N ASN ZA 335 -36.51 95.77 3.51
CA ASN ZA 335 -35.43 95.62 4.49
C ASN ZA 335 -35.04 94.15 4.50
N LEU ZA 336 -34.02 93.80 3.71
CA LEU ZA 336 -33.66 92.39 3.53
C LEU ZA 336 -32.86 91.82 4.68
N THR ZA 337 -32.40 92.66 5.62
CA THR ZA 337 -31.59 92.18 6.74
C THR ZA 337 -32.35 92.14 8.05
N SER ZA 338 -33.58 92.65 8.11
CA SER ZA 338 -34.36 92.60 9.33
C SER ZA 338 -34.98 91.21 9.52
N THR ZA 339 -35.28 90.89 10.77
CA THR ZA 339 -35.81 89.60 11.15
C THR ZA 339 -37.18 89.75 11.82
N VAL ZA 340 -37.87 88.62 11.94
CA VAL ZA 340 -39.07 88.49 12.75
C VAL ZA 340 -38.87 87.32 13.69
N GLN ZA 341 -39.24 87.50 14.95
CA GLN ZA 341 -39.09 86.46 15.97
C GLN ZA 341 -40.38 85.67 16.10
N VAL ZA 342 -40.28 84.35 15.96
CA VAL ZA 342 -41.42 83.45 16.04
C VAL ZA 342 -41.10 82.34 17.02
N PHE ZA 343 -42.02 82.08 17.94
CA PHE ZA 343 -41.90 80.91 18.80
C PHE ZA 343 -43.29 80.43 19.19
N THR ZA 344 -43.39 79.13 19.47
CA THR ZA 344 -44.63 78.50 19.91
C THR ZA 344 -44.54 78.19 21.39
N ASP ZA 345 -45.59 78.53 22.13
CA ASP ZA 345 -45.65 78.27 23.57
C ASP ZA 345 -46.09 76.82 23.80
N SER ZA 346 -45.20 75.88 23.49
CA SER ZA 346 -45.56 74.45 23.56
C SER ZA 346 -45.57 73.93 25.00
N GLU ZA 347 -44.96 74.66 25.93
CA GLU ZA 347 -45.03 74.26 27.33
C GLU ZA 347 -46.14 74.97 28.09
N TYR ZA 348 -46.92 75.81 27.41
CA TYR ZA 348 -48.06 76.50 28.01
C TYR ZA 348 -47.67 77.28 29.26
N GLN ZA 349 -46.56 78.01 29.16
CA GLN ZA 349 -46.08 78.85 30.25
C GLN ZA 349 -46.62 80.27 30.19
N LEU ZA 350 -47.33 80.63 29.13
CA LEU ZA 350 -47.93 81.94 28.97
C LEU ZA 350 -49.44 81.86 29.13
N PRO ZA 351 -50.08 82.94 29.55
CA PRO ZA 351 -51.55 82.94 29.63
C PRO ZA 351 -52.18 82.66 28.28
N TYR ZA 352 -53.07 81.67 28.25
CA TYR ZA 352 -53.68 81.20 27.01
C TYR ZA 352 -54.86 82.10 26.69
N VAL ZA 353 -54.67 83.01 25.74
CA VAL ZA 353 -55.72 83.95 25.34
C VAL ZA 353 -56.53 83.45 24.15
N LEU ZA 354 -56.09 82.38 23.49
CA LEU ZA 354 -56.93 81.73 22.51
C LEU ZA 354 -58.10 81.04 23.20
N GLY ZA 355 -59.20 80.89 22.47
CA GLY ZA 355 -60.39 80.31 23.03
C GLY ZA 355 -61.29 81.27 23.79
N SER ZA 356 -61.04 82.58 23.68
CA SER ZA 356 -61.91 83.59 24.26
C SER ZA 356 -62.77 84.29 23.20
N ALA ZA 357 -62.88 83.69 22.01
CA ALA ZA 357 -63.70 84.22 20.92
C ALA ZA 357 -63.26 85.63 20.52
N HIS ZA 358 -61.96 85.79 20.31
CA HIS ZA 358 -61.38 87.08 19.95
C HIS ZA 358 -61.26 87.24 18.45
N GLN ZA 359 -61.35 88.48 17.99
CA GLN ZA 359 -61.18 88.81 16.59
C GLN ZA 359 -59.70 88.73 16.21
N GLY ZA 360 -59.44 88.69 14.92
CA GLY ZA 360 -58.09 88.58 14.41
C GLY ZA 360 -57.70 87.23 13.87
N CYS ZA 361 -58.66 86.34 13.62
CA CYS ZA 361 -58.38 85.02 13.11
C CYS ZA 361 -58.02 85.09 11.63
N LEU ZA 362 -57.74 83.93 11.06
CA LEU ZA 362 -57.57 83.82 9.62
C LEU ZA 362 -58.91 84.08 8.94
N PRO ZA 363 -58.98 84.98 7.96
CA PRO ZA 363 -60.27 85.33 7.38
C PRO ZA 363 -60.87 84.13 6.67
N PRO ZA 364 -62.19 84.00 6.69
CA PRO ZA 364 -62.82 82.85 6.02
C PRO ZA 364 -62.55 82.78 4.53
N PHE ZA 365 -62.45 83.91 3.86
CA PHE ZA 365 -62.17 83.92 2.43
C PHE ZA 365 -60.67 83.87 2.19
N PRO ZA 366 -60.17 82.91 1.41
CA PRO ZA 366 -58.71 82.77 1.25
C PRO ZA 366 -58.04 83.95 0.61
N ALA ZA 367 -58.78 84.83 -0.08
CA ALA ZA 367 -58.19 85.97 -0.77
C ALA ZA 367 -58.04 87.19 0.11
N ASP ZA 368 -58.53 87.16 1.34
CA ASP ZA 368 -58.47 88.30 2.25
C ASP ZA 368 -57.14 88.36 2.98
N VAL ZA 369 -56.63 89.58 3.17
CA VAL ZA 369 -55.41 89.82 3.92
C VAL ZA 369 -55.79 90.37 5.29
N PHE ZA 370 -55.17 89.81 6.34
CA PHE ZA 370 -55.55 90.12 7.71
C PHE ZA 370 -54.36 90.62 8.51
N MET ZA 371 -54.66 91.46 9.50
CA MET ZA 371 -53.67 91.96 10.44
C MET ZA 371 -53.52 90.98 11.60
N VAL ZA 372 -52.29 90.79 12.06
CA VAL ZA 372 -52.00 89.91 13.19
C VAL ZA 372 -52.41 90.60 14.48
N PRO ZA 373 -53.29 90.00 15.29
CA PRO ZA 373 -53.73 90.68 16.51
C PRO ZA 373 -52.63 90.78 17.55
N GLN ZA 374 -52.71 91.84 18.36
CA GLN ZA 374 -51.73 92.08 19.40
C GLN ZA 374 -51.98 91.16 20.60
N TYR ZA 375 -50.92 90.59 21.13
CA TYR ZA 375 -51.02 89.69 22.27
C TYR ZA 375 -51.05 90.47 23.57
N GLY ZA 376 -51.93 90.07 24.47
CA GLY ZA 376 -52.01 90.68 25.78
C GLY ZA 376 -52.73 89.74 26.73
N TYR ZA 377 -52.42 89.89 28.02
CA TYR ZA 377 -52.96 88.98 29.01
C TYR ZA 377 -53.35 89.77 30.26
N LEU ZA 378 -54.23 89.17 31.06
CA LEU ZA 378 -54.65 89.73 32.32
C LEU ZA 378 -54.17 88.85 33.47
N THR ZA 379 -53.88 89.48 34.59
CA THR ZA 379 -53.46 88.76 35.79
C THR ZA 379 -54.35 89.18 36.96
N LEU ZA 380 -54.00 88.74 38.16
CA LEU ZA 380 -54.83 89.04 39.36
C LEU ZA 380 -54.90 90.55 39.59
N ASN ZA 381 -56.05 91.04 40.00
CA ASN ZA 381 -56.22 92.49 40.28
C ASN ZA 381 -57.07 92.70 41.53
N ASN ZA 382 -56.73 93.68 42.35
CA ASN ZA 382 -57.61 94.08 43.47
C ASN ZA 382 -58.13 95.44 43.03
N GLY ZA 383 -59.19 95.45 42.23
CA GLY ZA 383 -59.65 96.73 41.66
C GLY ZA 383 -58.81 97.03 40.43
N SER ZA 384 -58.39 98.28 40.24
CA SER ZA 384 -57.50 98.62 39.15
C SER ZA 384 -56.04 98.34 39.46
N GLN ZA 385 -55.72 97.99 40.70
CA GLN ZA 385 -54.36 97.70 41.11
C GLN ZA 385 -54.05 96.22 41.01
N ALA ZA 386 -52.80 95.88 41.29
CA ALA ZA 386 -52.33 94.51 41.28
C ALA ZA 386 -52.09 94.02 42.71
N VAL ZA 387 -51.89 92.71 42.84
CA VAL ZA 387 -51.54 92.09 44.10
C VAL ZA 387 -50.18 91.43 43.96
N GLY ZA 388 -49.67 90.92 45.08
CA GLY ZA 388 -48.35 90.29 45.07
C GLY ZA 388 -48.32 89.01 44.26
N ARG ZA 389 -49.47 88.37 44.09
CA ARG ZA 389 -49.55 87.13 43.32
C ARG ZA 389 -49.64 87.36 41.82
N SER ZA 390 -49.82 88.61 41.38
CA SER ZA 390 -49.91 88.90 39.96
C SER ZA 390 -48.60 88.55 39.27
N SER ZA 391 -48.71 87.95 38.08
CA SER ZA 391 -47.56 87.46 37.34
C SER ZA 391 -47.28 88.35 36.14
N PHE ZA 392 -46.00 88.61 35.89
CA PHE ZA 392 -45.55 89.33 34.71
C PHE ZA 392 -44.73 88.40 33.83
N TYR ZA 393 -44.98 88.45 32.53
CA TYR ZA 393 -44.31 87.58 31.58
C TYR ZA 393 -43.64 88.41 30.50
N CYS ZA 394 -42.34 88.19 30.32
CA CYS ZA 394 -41.59 88.76 29.21
C CYS ZA 394 -41.43 87.69 28.14
N LEU ZA 395 -41.97 87.95 26.95
CA LEU ZA 395 -41.95 86.98 25.87
C LEU ZA 395 -40.58 86.88 25.20
N GLU ZA 396 -39.68 87.82 25.45
CA GLU ZA 396 -38.30 87.70 24.99
C GLU ZA 396 -37.47 86.79 25.89
N TYR ZA 397 -38.06 86.29 26.99
CA TYR ZA 397 -37.37 85.35 27.91
C TYR ZA 397 -37.60 83.93 27.42
N PHE ZA 398 -38.27 83.76 26.30
CA PHE ZA 398 -38.48 82.49 25.62
C PHE ZA 398 -37.52 82.36 24.44
N PRO ZA 399 -37.05 81.15 24.15
CA PRO ZA 399 -36.26 80.95 22.93
C PRO ZA 399 -37.16 81.09 21.70
N SER ZA 400 -36.76 81.97 20.79
CA SER ZA 400 -37.52 82.23 19.59
C SER ZA 400 -36.62 82.08 18.36
N GLN ZA 401 -37.24 81.80 17.23
CA GLN ZA 401 -36.52 81.62 15.97
C GLN ZA 401 -36.58 82.93 15.18
N MET ZA 402 -35.41 83.39 14.73
CA MET ZA 402 -35.29 84.64 14.00
C MET ZA 402 -35.29 84.34 12.50
N LEU ZA 403 -36.16 85.01 11.76
CA LEU ZA 403 -36.38 84.72 10.35
C LEU ZA 403 -36.14 85.98 9.52
N ARG ZA 404 -35.17 85.91 8.62
CA ARG ZA 404 -34.97 86.94 7.62
C ARG ZA 404 -35.84 86.62 6.40
N THR ZA 405 -35.75 87.47 5.37
CA THR ZA 405 -36.44 87.15 4.10
C THR ZA 405 -35.72 85.94 3.50
N GLY ZA 406 -36.42 84.85 3.31
CA GLY ZA 406 -35.84 83.61 2.85
C GLY ZA 406 -35.85 82.51 3.88
N ASN ZA 407 -36.14 82.81 5.14
CA ASN ZA 407 -36.29 81.81 6.18
C ASN ZA 407 -37.76 81.49 6.38
N ASN ZA 408 -38.04 80.26 6.80
CA ASN ZA 408 -39.39 79.82 7.07
C ASN ZA 408 -39.46 79.16 8.45
N PHE ZA 409 -40.66 79.12 9.01
CA PHE ZA 409 -40.93 78.52 10.29
C PHE ZA 409 -41.99 77.43 10.12
N THR ZA 410 -41.85 76.35 10.88
CA THR ZA 410 -42.83 75.27 10.82
C THR ZA 410 -42.84 74.52 12.15
N PHE ZA 411 -43.99 73.92 12.45
CA PHE ZA 411 -44.10 73.02 13.59
C PHE ZA 411 -45.34 72.17 13.41
N SER ZA 412 -45.31 70.99 14.02
CA SER ZA 412 -46.39 70.03 13.95
C SER ZA 412 -46.94 69.76 15.35
N TYR ZA 413 -48.25 69.56 15.43
CA TYR ZA 413 -48.93 69.34 16.69
C TYR ZA 413 -49.91 68.19 16.53
N THR ZA 414 -50.05 67.37 17.56
CA THR ZA 414 -51.01 66.27 17.58
C THR ZA 414 -52.05 66.54 18.64
N PHE ZA 415 -53.31 66.52 18.24
CA PHE ZA 415 -54.41 66.69 19.18
C PHE ZA 415 -54.50 65.48 20.11
N GLU ZA 416 -54.86 65.73 21.36
CA GLU ZA 416 -55.16 64.64 22.27
C GLU ZA 416 -56.48 63.99 21.89
N ASP ZA 417 -56.72 62.81 22.45
CA ASP ZA 417 -57.96 62.09 22.19
C ASP ZA 417 -59.13 62.85 22.79
N VAL ZA 418 -60.11 63.19 21.96
CA VAL ZA 418 -61.29 63.93 22.41
C VAL ZA 418 -62.53 63.25 21.82
N PRO ZA 419 -63.67 63.41 22.47
CA PRO ZA 419 -64.90 62.83 21.93
C PRO ZA 419 -65.28 63.47 20.60
N PHE ZA 420 -65.90 62.67 19.73
CA PHE ZA 420 -66.46 63.20 18.50
C PHE ZA 420 -67.55 64.21 18.82
N HIS ZA 421 -67.56 65.32 18.09
CA HIS ZA 421 -68.66 66.27 18.21
C HIS ZA 421 -69.95 65.62 17.73
N SER ZA 422 -71.02 65.81 18.51
CA SER ZA 422 -72.34 65.25 18.16
C SER ZA 422 -72.98 66.05 17.03
N SER ZA 423 -72.56 65.78 15.79
CA SER ZA 423 -73.13 66.47 14.63
C SER ZA 423 -74.42 65.79 14.16
N TYR ZA 424 -75.35 65.61 15.10
CA TYR ZA 424 -76.63 64.98 14.81
C TYR ZA 424 -77.66 65.53 15.77
N ALA ZA 425 -78.92 65.40 15.39
CA ALA ZA 425 -80.05 65.71 16.26
C ALA ZA 425 -80.80 64.42 16.58
N HIS ZA 426 -81.16 64.25 17.85
CA HIS ZA 426 -81.87 63.05 18.25
C HIS ZA 426 -83.27 63.03 17.64
N SER ZA 427 -83.65 61.90 17.06
CA SER ZA 427 -84.98 61.71 16.52
C SER ZA 427 -85.95 61.17 17.57
N GLN ZA 428 -85.50 60.96 18.80
CA GLN ZA 428 -86.36 60.58 19.91
C GLN ZA 428 -86.19 61.58 21.04
N SER ZA 429 -87.26 61.76 21.80
CA SER ZA 429 -87.22 62.58 23.00
C SER ZA 429 -86.96 61.71 24.22
N LEU ZA 430 -86.31 62.30 25.22
CA LEU ZA 430 -85.97 61.55 26.42
C LEU ZA 430 -87.19 61.08 27.20
N ASP ZA 431 -88.33 61.75 27.00
CA ASP ZA 431 -89.58 61.39 27.73
C ASP ZA 431 -90.48 60.51 26.86
N ARG ZA 432 -90.00 60.11 25.67
CA ARG ZA 432 -90.78 59.31 24.74
C ARG ZA 432 -89.94 58.12 24.25
N LEU ZA 433 -89.28 57.43 25.17
CA LEU ZA 433 -88.41 56.32 24.85
C LEU ZA 433 -89.07 54.96 25.04
N MET ZA 434 -90.36 54.93 25.32
CA MET ZA 434 -91.05 53.70 25.66
C MET ZA 434 -91.73 53.09 24.43
N ASN ZA 435 -92.35 51.93 24.64
CA ASN ZA 435 -93.19 51.29 23.63
C ASN ZA 435 -94.62 51.73 23.87
N PRO ZA 436 -95.24 52.49 22.95
CA PRO ZA 436 -96.59 53.00 23.22
C PRO ZA 436 -97.67 51.93 23.19
N LEU ZA 437 -97.37 50.72 22.73
CA LEU ZA 437 -98.36 49.67 22.60
C LEU ZA 437 -98.51 48.83 23.86
N ILE ZA 438 -97.50 48.76 24.70
CA ILE ZA 438 -97.47 47.86 25.85
C ILE ZA 438 -97.49 48.70 27.11
N ASP ZA 439 -98.33 48.32 28.07
CA ASP ZA 439 -98.36 48.98 29.37
C ASP ZA 439 -97.14 48.57 30.19
N GLN ZA 440 -96.79 49.42 31.16
CA GLN ZA 440 -95.75 49.09 32.11
C GLN ZA 440 -96.30 48.19 33.22
N TYR ZA 441 -95.43 47.35 33.75
CA TYR ZA 441 -95.81 46.54 34.90
C TYR ZA 441 -95.68 47.29 36.22
N LEU ZA 442 -95.01 48.44 36.21
CA LEU ZA 442 -94.88 49.25 37.42
C LEU ZA 442 -96.12 50.11 37.62
N TYR ZA 443 -96.41 50.41 38.88
CA TYR ZA 443 -97.55 51.21 39.26
C TYR ZA 443 -97.11 52.59 39.73
N TYR ZA 444 -97.98 53.57 39.53
CA TYR ZA 444 -97.78 54.92 40.02
C TYR ZA 444 -99.04 55.38 40.73
N LEU ZA 445 -98.86 56.27 41.71
CA LEU ZA 445 -100.00 56.85 42.42
C LEU ZA 445 -100.79 57.73 41.47
N SER ZA 446 -101.98 57.28 41.07
CA SER ZA 446 -102.79 58.00 40.10
C SER ZA 446 -103.91 58.82 40.74
N ARG ZA 447 -104.42 58.35 41.87
CA ARG ZA 447 -105.47 59.11 42.57
C ARG ZA 447 -105.15 59.21 44.07
N THR ZA 448 -105.58 60.30 44.68
CA THR ZA 448 -105.37 60.51 46.10
C THR ZA 448 -106.65 60.60 46.91
N ASN ZA 449 -107.81 60.57 46.26
CA ASN ZA 449 -109.08 60.58 46.98
C ASN ZA 449 -110.14 59.93 46.10
N THR ZA 450 -111.27 59.60 46.72
CA THR ZA 450 -112.41 59.02 46.02
C THR ZA 450 -113.69 59.71 46.48
N PRO ZA 451 -114.75 59.76 45.65
CA PRO ZA 451 -116.02 60.33 46.10
C PRO ZA 451 -116.55 59.52 47.29
N SER ZA 452 -116.81 60.19 48.40
CA SER ZA 452 -117.40 59.50 49.58
C SER ZA 452 -118.66 60.27 49.99
N GLY ZA 453 -119.82 59.61 49.97
CA GLY ZA 453 -121.08 60.33 50.27
C GLY ZA 453 -121.27 61.47 49.30
N THR ZA 454 -121.47 62.69 49.81
CA THR ZA 454 -121.60 63.89 48.95
C THR ZA 454 -120.34 64.73 49.11
N THR ZA 455 -119.37 64.23 49.88
CA THR ZA 455 -118.07 64.94 50.04
C THR ZA 455 -116.96 64.10 49.39
N THR ZA 456 -115.72 64.24 49.87
CA THR ZA 456 -114.61 63.41 49.34
C THR ZA 456 -113.90 62.72 50.52
N GLN ZA 457 -113.27 61.59 50.25
CA GLN ZA 457 -112.53 60.86 51.29
C GLN ZA 457 -111.16 60.49 50.75
N SER ZA 458 -110.14 60.63 51.59
CA SER ZA 458 -108.78 60.31 51.18
C SER ZA 458 -108.63 58.81 50.92
N ARG ZA 459 -108.08 58.47 49.76
CA ARG ZA 459 -107.91 57.08 49.37
C ARG ZA 459 -106.87 57.01 48.27
N LEU ZA 460 -105.79 56.26 48.51
CA LEU ZA 460 -104.72 56.14 47.53
C LEU ZA 460 -105.06 55.04 46.52
N GLN ZA 461 -104.85 55.34 45.24
CA GLN ZA 461 -105.03 54.36 44.17
C GLN ZA 461 -103.84 54.43 43.22
N PHE ZA 462 -103.57 53.30 42.58
CA PHE ZA 462 -102.41 53.16 41.72
C PHE ZA 462 -102.83 52.57 40.38
N SER ZA 463 -102.12 52.99 39.32
CA SER ZA 463 -102.42 52.55 37.97
C SER ZA 463 -101.12 52.20 37.26
N GLN ZA 464 -101.24 51.35 36.25
CA GLN ZA 464 -100.13 51.06 35.36
C GLN ZA 464 -100.16 52.03 34.19
N ALA ZA 465 -99.00 52.62 33.88
CA ALA ZA 465 -98.94 53.66 32.87
C ALA ZA 465 -98.85 53.06 31.47
N GLY ZA 466 -99.60 53.63 30.54
CA GLY ZA 466 -99.59 53.25 29.14
C GLY ZA 466 -99.45 54.47 28.26
N ALA ZA 467 -100.11 54.43 27.10
CA ALA ZA 467 -100.03 55.54 26.16
C ALA ZA 467 -100.92 56.71 26.56
N SER ZA 468 -102.08 56.43 27.14
CA SER ZA 468 -103.01 57.50 27.48
C SER ZA 468 -102.50 58.38 28.61
N ASP ZA 469 -101.76 57.81 29.55
CA ASP ZA 469 -101.16 58.55 30.65
C ASP ZA 469 -99.64 58.46 30.53
N ILE ZA 470 -99.13 58.67 29.32
CA ILE ZA 470 -97.73 58.48 29.01
C ILE ZA 470 -96.81 59.36 29.85
N ARG ZA 471 -97.33 60.47 30.39
CA ARG ZA 471 -96.50 61.36 31.20
C ARG ZA 471 -96.14 60.76 32.55
N ASP ZA 472 -96.86 59.74 33.01
CA ASP ZA 472 -96.65 59.15 34.32
C ASP ZA 472 -95.78 57.89 34.28
N GLN ZA 473 -95.24 57.55 33.12
CA GLN ZA 473 -94.46 56.33 32.99
C GLN ZA 473 -93.16 56.42 33.77
N SER ZA 474 -92.78 55.31 34.40
CA SER ZA 474 -91.51 55.23 35.09
C SER ZA 474 -90.36 55.26 34.08
N ARG ZA 475 -89.34 56.05 34.39
CA ARG ZA 475 -88.24 56.28 33.45
C ARG ZA 475 -86.92 56.10 34.16
N ASN ZA 476 -85.88 55.86 33.37
CA ASN ZA 476 -84.55 55.57 33.88
C ASN ZA 476 -83.61 56.77 33.86
N TRP ZA 477 -83.96 57.84 33.15
CA TRP ZA 477 -83.04 58.95 32.90
C TRP ZA 477 -83.75 60.27 33.15
N LEU ZA 478 -82.94 61.33 33.24
CA LEU ZA 478 -83.40 62.68 33.52
C LEU ZA 478 -82.77 63.65 32.53
N PRO ZA 479 -83.44 64.77 32.26
CA PRO ZA 479 -82.84 65.79 31.39
C PRO ZA 479 -81.65 66.46 32.05
N GLY ZA 480 -80.76 66.98 31.21
CA GLY ZA 480 -79.50 67.55 31.68
C GLY ZA 480 -79.68 68.76 32.57
N PRO ZA 481 -78.56 69.27 33.09
CA PRO ZA 481 -78.63 70.38 34.06
C PRO ZA 481 -79.07 71.68 33.41
N CYS ZA 482 -79.54 72.57 34.29
CA CYS ZA 482 -80.15 73.83 33.84
C CYS ZA 482 -79.64 75.02 34.64
N TYR ZA 483 -79.57 76.19 34.00
CA TYR ZA 483 -79.26 77.45 34.68
C TYR ZA 483 -80.09 78.53 33.99
N ARG ZA 484 -81.25 78.83 34.55
CA ARG ZA 484 -82.31 79.49 33.80
C ARG ZA 484 -81.88 80.85 33.27
N GLN ZA 485 -82.28 81.13 32.04
CA GLN ZA 485 -82.03 82.39 31.36
C GLN ZA 485 -83.34 83.15 31.16
N GLN ZA 486 -83.24 84.47 31.09
CA GLN ZA 486 -84.42 85.27 30.77
C GLN ZA 486 -84.77 85.13 29.30
N ARG ZA 487 -86.07 85.15 29.02
CA ARG ZA 487 -86.57 84.98 27.65
C ARG ZA 487 -86.79 86.33 27.01
N VAL ZA 488 -86.21 86.47 25.81
CA VAL ZA 488 -86.35 87.70 24.99
C VAL ZA 488 -86.93 87.28 23.65
N SER ZA 489 -87.66 88.15 22.98
CA SER ZA 489 -88.30 87.86 21.70
C SER ZA 489 -87.66 88.66 20.59
N LYS ZA 490 -87.55 88.05 19.41
CA LYS ZA 490 -86.99 88.74 18.22
C LYS ZA 490 -87.97 89.83 17.78
N THR ZA 491 -89.27 89.65 18.04
CA THR ZA 491 -90.26 90.72 17.77
C THR ZA 491 -90.12 91.75 18.89
N SER ZA 492 -89.68 92.96 18.58
CA SER ZA 492 -89.38 93.97 19.62
C SER ZA 492 -90.58 94.29 20.52
N ALA ZA 493 -91.77 94.50 19.95
CA ALA ZA 493 -92.91 94.91 20.75
C ALA ZA 493 -93.22 93.90 21.86
N ASP ZA 494 -92.83 92.64 21.67
CA ASP ZA 494 -93.13 91.60 22.65
C ASP ZA 494 -92.29 91.71 23.92
N ASN ZA 495 -91.24 92.53 23.91
CA ASN ZA 495 -90.34 92.63 25.05
C ASN ZA 495 -90.79 93.73 26.00
N ASN ZA 496 -90.36 93.62 27.25
CA ASN ZA 496 -90.69 94.62 28.26
C ASN ZA 496 -90.01 95.94 27.94
N ASN ZA 497 -90.73 97.03 28.15
CA ASN ZA 497 -90.22 98.38 27.86
C ASN ZA 497 -89.40 98.88 29.06
N SER ZA 498 -88.22 98.29 29.21
CA SER ZA 498 -87.31 98.65 30.28
C SER ZA 498 -85.92 98.19 29.91
N GLU ZA 499 -84.94 98.66 30.69
CA GLU ZA 499 -83.52 98.24 30.48
C GLU ZA 499 -83.26 97.09 31.45
N TYR ZA 500 -83.24 95.87 30.92
CA TYR ZA 500 -83.06 94.66 31.73
C TYR ZA 500 -81.92 93.78 31.21
N SER ZA 501 -80.99 94.36 30.45
CA SER ZA 501 -79.88 93.55 29.92
C SER ZA 501 -78.93 93.09 31.02
N TRP ZA 502 -78.96 93.73 32.18
CA TRP ZA 502 -78.12 93.32 33.30
C TRP ZA 502 -78.91 92.97 34.55
N THR ZA 503 -79.99 93.70 34.85
CA THR ZA 503 -80.80 93.37 36.01
C THR ZA 503 -81.46 92.01 35.88
N GLY ZA 504 -81.97 91.70 34.69
CA GLY ZA 504 -82.55 90.41 34.40
C GLY ZA 504 -81.58 89.39 33.84
N ALA ZA 505 -80.30 89.72 33.80
CA ALA ZA 505 -79.31 88.82 33.23
C ALA ZA 505 -78.96 87.69 34.17
N THR ZA 506 -78.52 86.58 33.59
CA THR ZA 506 -78.05 85.43 34.36
C THR ZA 506 -76.57 85.58 34.62
N LYS ZA 507 -76.18 85.55 35.89
CA LYS ZA 507 -74.83 85.91 36.31
C LYS ZA 507 -74.27 84.86 37.27
N TYR ZA 508 -72.94 84.81 37.33
CA TYR ZA 508 -72.25 84.06 38.37
C TYR ZA 508 -71.36 85.02 39.15
N HIS ZA 509 -71.24 84.78 40.45
CA HIS ZA 509 -70.54 85.66 41.37
C HIS ZA 509 -69.19 85.04 41.71
N LEU ZA 510 -68.12 85.80 41.50
CA LEU ZA 510 -66.76 85.31 41.73
C LEU ZA 510 -65.92 86.43 42.29
N ASN ZA 511 -65.46 86.27 43.53
CA ASN ZA 511 -64.59 87.24 44.21
C ASN ZA 511 -65.23 88.63 44.26
N GLY ZA 512 -66.54 88.67 44.50
CA GLY ZA 512 -67.24 89.93 44.62
C GLY ZA 512 -67.60 90.59 43.30
N ARG ZA 513 -67.28 89.96 42.17
CA ARG ZA 513 -67.66 90.55 40.87
C ARG ZA 513 -68.64 89.65 40.11
N ASP ZA 514 -69.68 90.25 39.54
CA ASP ZA 514 -70.67 89.55 38.73
C ASP ZA 514 -70.20 89.49 37.28
N SER ZA 515 -70.18 88.28 36.72
CA SER ZA 515 -69.85 88.07 35.32
C SER ZA 515 -71.08 87.51 34.62
N LEU ZA 516 -71.30 87.97 33.39
CA LEU ZA 516 -72.43 87.47 32.60
C LEU ZA 516 -72.20 86.00 32.25
N VAL ZA 517 -73.25 85.20 32.39
CA VAL ZA 517 -73.22 83.80 31.98
C VAL ZA 517 -73.61 83.77 30.50
N ASN ZA 518 -72.61 83.59 29.64
CA ASN ZA 518 -72.81 83.70 28.20
C ASN ZA 518 -71.82 82.79 27.47
N PRO ZA 519 -72.29 81.75 26.78
CA PRO ZA 519 -73.69 81.32 26.63
C PRO ZA 519 -74.15 80.39 27.75
N GLY ZA 520 -73.25 79.97 28.62
CA GLY ZA 520 -73.60 79.13 29.74
C GLY ZA 520 -73.79 77.67 29.38
N PRO ZA 521 -74.42 76.91 30.27
CA PRO ZA 521 -74.67 75.49 30.01
C PRO ZA 521 -75.55 75.30 28.79
N ALA ZA 522 -75.29 74.21 28.06
CA ALA ZA 522 -76.01 73.93 26.83
C ALA ZA 522 -77.48 73.63 27.12
N MET ZA 523 -78.37 74.48 26.62
CA MET ZA 523 -79.80 74.35 26.83
C MET ZA 523 -80.52 74.72 25.55
N ALA ZA 524 -81.73 74.17 25.38
CA ALA ZA 524 -82.52 74.45 24.21
C ALA ZA 524 -82.94 75.93 24.19
N SER ZA 525 -82.86 76.54 23.01
CA SER ZA 525 -83.22 77.95 22.89
C SER ZA 525 -84.70 78.17 23.14
N HIS ZA 526 -85.55 77.26 22.67
CA HIS ZA 526 -86.99 77.42 22.79
C HIS ZA 526 -87.65 76.05 22.65
N LYS ZA 527 -88.92 76.00 23.04
CA LYS ZA 527 -89.73 74.79 22.91
C LYS ZA 527 -90.41 74.79 21.54
N ASP ZA 528 -91.37 73.87 21.35
CA ASP ZA 528 -92.05 73.76 20.07
C ASP ZA 528 -92.80 75.05 19.74
N ASP ZA 529 -92.71 75.47 18.48
CA ASP ZA 529 -93.48 76.59 17.94
C ASP ZA 529 -93.23 77.88 18.71
N GLU ZA 530 -91.98 78.09 19.12
CA GLU ZA 530 -91.59 79.33 19.80
C GLU ZA 530 -90.24 79.80 19.28
N GLU ZA 531 -90.05 79.73 17.96
CA GLU ZA 531 -88.76 80.06 17.37
C GLU ZA 531 -88.39 81.52 17.53
N LYS ZA 532 -89.35 82.39 17.82
CA LYS ZA 532 -89.05 83.81 18.02
C LYS ZA 532 -88.40 84.09 19.36
N PHE ZA 533 -88.41 83.13 20.29
CA PHE ZA 533 -87.86 83.32 21.63
C PHE ZA 533 -86.47 82.72 21.71
N PHE ZA 534 -85.56 83.46 22.33
CA PHE ZA 534 -84.21 82.97 22.58
C PHE ZA 534 -83.77 83.43 23.96
N PRO ZA 535 -82.88 82.69 24.61
CA PRO ZA 535 -82.36 83.12 25.91
C PRO ZA 535 -81.57 84.42 25.79
N GLN ZA 536 -81.62 85.21 26.85
CA GLN ZA 536 -81.02 86.55 26.81
C GLN ZA 536 -79.52 86.49 26.56
N SER ZA 537 -78.83 85.58 27.23
CA SER ZA 537 -77.40 85.37 27.01
C SER ZA 537 -77.08 83.89 26.93
N GLY ZA 538 -77.97 83.11 26.33
CA GLY ZA 538 -77.80 81.67 26.25
C GLY ZA 538 -77.49 81.11 24.89
N VAL ZA 539 -77.29 81.95 23.88
CA VAL ZA 539 -76.95 81.50 22.53
C VAL ZA 539 -75.81 82.34 22.00
N LEU ZA 540 -75.06 81.77 21.07
CA LEU ZA 540 -74.03 82.54 20.36
C LEU ZA 540 -74.70 83.48 19.37
N ILE ZA 541 -74.20 84.72 19.32
CA ILE ZA 541 -74.71 85.73 18.41
C ILE ZA 541 -73.55 86.19 17.54
N PHE ZA 542 -73.66 85.93 16.24
CA PHE ZA 542 -72.65 86.32 15.28
C PHE ZA 542 -73.08 87.59 14.55
N GLY ZA 543 -72.11 88.43 14.23
CA GLY ZA 543 -72.38 89.65 13.50
C GLY ZA 543 -72.39 89.43 12.00
N LYS ZA 544 -73.33 90.09 11.32
CA LYS ZA 544 -73.33 90.08 9.88
C LYS ZA 544 -72.18 90.93 9.35
N GLN ZA 545 -71.92 90.82 8.05
CA GLN ZA 545 -70.83 91.56 7.45
C GLN ZA 545 -71.09 93.06 7.56
N GLY ZA 546 -70.08 93.80 8.00
CA GLY ZA 546 -70.20 95.24 8.16
C GLY ZA 546 -70.83 95.70 9.45
N SER ZA 547 -71.09 94.76 10.38
CA SER ZA 547 -71.78 95.11 11.65
C SER ZA 547 -70.82 95.87 12.56
N GLU ZA 548 -71.32 96.91 13.25
CA GLU ZA 548 -70.51 97.70 14.15
C GLU ZA 548 -70.27 96.95 15.46
N LYS ZA 549 -69.70 97.64 16.43
CA LYS ZA 549 -69.32 97.02 17.68
C LYS ZA 549 -70.35 97.23 18.79
N THR ZA 550 -70.93 98.43 18.88
CA THR ZA 550 -71.77 98.81 20.02
C THR ZA 550 -73.20 99.04 19.57
N ASN ZA 551 -74.13 98.35 20.24
CA ASN ZA 551 -75.57 98.62 20.14
C ASN ZA 551 -76.08 98.54 18.70
N VAL ZA 552 -75.75 97.45 18.03
CA VAL ZA 552 -76.28 97.19 16.70
C VAL ZA 552 -77.67 96.58 16.85
N ASP ZA 553 -78.51 96.78 15.83
CA ASP ZA 553 -79.88 96.28 15.88
C ASP ZA 553 -79.90 94.77 15.71
N ILE ZA 554 -81.09 94.19 15.94
CA ILE ZA 554 -81.23 92.74 15.82
C ILE ZA 554 -81.06 92.29 14.37
N GLU ZA 555 -81.46 93.11 13.41
CA GLU ZA 555 -81.28 92.76 12.01
C GLU ZA 555 -79.83 92.77 11.57
N LYS ZA 556 -78.94 93.33 12.39
CA LYS ZA 556 -77.51 93.33 12.08
C LYS ZA 556 -76.78 92.11 12.61
N VAL ZA 557 -77.45 91.26 13.38
CA VAL ZA 557 -76.83 90.08 13.98
C VAL ZA 557 -77.62 88.84 13.61
N MET ZA 558 -76.94 87.70 13.68
CA MET ZA 558 -77.54 86.40 13.41
C MET ZA 558 -77.50 85.59 14.70
N ILE ZA 559 -78.67 85.27 15.24
CA ILE ZA 559 -78.79 84.56 16.51
C ILE ZA 559 -78.91 83.08 16.22
N THR ZA 560 -78.05 82.29 16.87
CA THR ZA 560 -78.04 80.85 16.65
C THR ZA 560 -79.20 80.19 17.40
N ASP ZA 561 -79.49 78.96 16.99
CA ASP ZA 561 -80.60 78.21 17.63
C ASP ZA 561 -80.09 76.84 18.07
N GLU ZA 562 -80.40 76.45 19.29
CA GLU ZA 562 -80.02 75.18 19.88
C GLU ZA 562 -81.27 74.32 20.13
N GLU ZA 563 -82.18 74.30 19.17
CA GLU ZA 563 -83.42 73.55 19.32
C GLU ZA 563 -83.24 72.05 19.09
N GLU ZA 564 -82.14 71.64 18.44
CA GLU ZA 564 -81.94 70.22 18.17
C GLU ZA 564 -81.66 69.41 19.44
N ILE ZA 565 -81.33 70.07 20.54
CA ILE ZA 565 -80.99 69.39 21.78
C ILE ZA 565 -82.13 69.45 22.80
N ARG ZA 566 -83.31 69.92 22.40
CA ARG ZA 566 -84.44 69.96 23.32
C ARG ZA 566 -84.99 68.57 23.60
N THR ZA 567 -84.52 67.55 22.89
CA THR ZA 567 -84.93 66.18 23.19
C THR ZA 567 -84.39 65.72 24.54
N THR ZA 568 -83.19 66.16 24.91
CA THR ZA 568 -82.56 65.76 26.17
C THR ZA 568 -82.25 66.90 27.10
N ASN ZA 569 -82.20 68.14 26.60
CA ASN ZA 569 -81.80 69.28 27.43
C ASN ZA 569 -83.00 70.17 27.71
N PRO ZA 570 -83.10 70.69 28.93
CA PRO ZA 570 -84.22 71.58 29.26
C PRO ZA 570 -84.15 72.88 28.47
N VAL ZA 571 -85.32 73.46 28.24
CA VAL ZA 571 -85.39 74.77 27.59
C VAL ZA 571 -84.74 75.81 28.50
N ALA ZA 572 -83.94 76.69 27.90
CA ALA ZA 572 -83.12 77.61 28.66
C ALA ZA 572 -83.96 78.58 29.49
N THR ZA 573 -85.10 79.00 28.95
CA THR ZA 573 -85.91 80.04 29.58
C THR ZA 573 -86.97 79.48 30.52
N GLU ZA 574 -87.03 78.17 30.71
CA GLU ZA 574 -88.04 77.54 31.55
C GLU ZA 574 -87.36 76.81 32.71
N GLN ZA 575 -88.17 76.43 33.68
CA GLN ZA 575 -87.67 75.71 34.84
C GLN ZA 575 -87.30 74.28 34.46
N TYR ZA 576 -86.38 73.70 35.23
CA TYR ZA 576 -86.05 72.29 35.06
C TYR ZA 576 -87.24 71.40 35.39
N GLY ZA 577 -87.95 71.74 36.46
CA GLY ZA 577 -89.06 70.91 36.91
C GLY ZA 577 -89.63 71.43 38.21
N SER ZA 578 -90.25 70.53 38.96
CA SER ZA 578 -90.85 70.87 40.24
C SER ZA 578 -90.45 69.84 41.29
N VAL ZA 579 -90.29 70.32 42.52
CA VAL ZA 579 -89.99 69.47 43.67
C VAL ZA 579 -90.96 69.82 44.79
N SER ZA 580 -91.15 68.86 45.69
CA SER ZA 580 -91.97 69.10 46.87
C SER ZA 580 -91.23 69.98 47.87
N THR ZA 581 -91.98 70.81 48.58
CA THR ZA 581 -91.41 71.72 49.56
C THR ZA 581 -91.94 71.54 50.97
N ASN ZA 582 -92.93 70.68 51.17
CA ASN ZA 582 -93.50 70.47 52.50
C ASN ZA 582 -93.92 69.00 52.62
N LEU ZA 583 -94.64 68.70 53.69
CA LEU ZA 583 -95.17 67.36 53.93
C LEU ZA 583 -96.68 67.45 54.06
N GLN ZA 584 -97.39 66.93 53.06
CA GLN ZA 584 -98.85 66.92 53.10
C GLN ZA 584 -99.34 66.00 54.21
N ARG ZA 585 -100.47 66.40 54.80
CA ARG ZA 585 -101.02 65.65 55.95
C ARG ZA 585 -102.51 65.96 56.07
N GLY ZA 586 -103.33 64.97 56.41
CA GLY ZA 586 -104.73 65.19 56.66
C GLY ZA 586 -105.01 65.52 58.11
N ASN ZA 587 -106.31 65.65 58.42
CA ASN ZA 587 -106.73 66.07 59.78
C ASN ZA 587 -106.59 64.91 60.76
N THR ZA 594 -103.68 70.47 61.91
CA THR ZA 594 -104.67 70.77 60.84
C THR ZA 594 -104.21 70.10 59.55
N SER ZA 595 -104.96 70.24 58.45
CA SER ZA 595 -104.43 69.62 57.24
C SER ZA 595 -103.50 70.56 56.49
N ARG ZA 596 -102.53 69.98 55.79
CA ARG ZA 596 -101.60 70.73 54.96
C ARG ZA 596 -101.60 70.13 53.56
N GLN ZA 597 -101.85 70.96 52.56
CA GLN ZA 597 -101.86 70.49 51.18
C GLN ZA 597 -100.46 70.47 50.60
N ALA ZA 598 -100.22 69.54 49.69
CA ALA ZA 598 -98.91 69.39 49.08
C ALA ZA 598 -98.55 70.63 48.28
N ALA ZA 599 -97.31 71.08 48.43
CA ALA ZA 599 -96.80 72.27 47.78
C ALA ZA 599 -95.58 71.93 46.93
N THR ZA 600 -95.43 72.65 45.82
CA THR ZA 600 -94.31 72.44 44.90
C THR ZA 600 -93.68 73.78 44.57
N ALA ZA 601 -92.41 73.72 44.16
CA ALA ZA 601 -91.67 74.90 43.75
C ALA ZA 601 -90.95 74.61 42.44
N ASP ZA 602 -90.77 75.67 41.64
CA ASP ZA 602 -90.01 75.56 40.41
C ASP ZA 602 -88.53 75.44 40.72
N VAL ZA 603 -87.83 74.64 39.92
CA VAL ZA 603 -86.39 74.45 40.05
C VAL ZA 603 -85.74 75.24 38.92
N ASN ZA 604 -85.40 76.49 39.21
CA ASN ZA 604 -84.78 77.36 38.21
C ASN ZA 604 -83.31 77.04 37.97
N THR ZA 605 -82.66 76.38 38.91
CA THR ZA 605 -81.28 75.94 38.74
C THR ZA 605 -81.16 74.51 39.24
N GLN ZA 606 -80.60 73.64 38.39
CA GLN ZA 606 -80.48 72.22 38.70
C GLN ZA 606 -79.05 71.78 38.42
N GLY ZA 607 -78.38 71.26 39.45
CA GLY ZA 607 -77.08 70.66 39.27
C GLY ZA 607 -77.18 69.27 38.68
N VAL ZA 608 -76.02 68.67 38.43
CA VAL ZA 608 -75.97 67.34 37.83
C VAL ZA 608 -76.43 66.31 38.84
N LEU ZA 609 -77.35 65.45 38.42
CA LEU ZA 609 -77.87 64.34 39.20
C LEU ZA 609 -77.46 63.02 38.56
N PRO ZA 610 -77.34 61.95 39.34
CA PRO ZA 610 -77.09 60.63 38.75
C PRO ZA 610 -78.22 60.23 37.81
N GLY ZA 611 -77.85 59.64 36.68
CA GLY ZA 611 -78.81 59.29 35.65
C GLY ZA 611 -79.13 60.41 34.68
N MET ZA 612 -78.45 61.54 34.77
CA MET ZA 612 -78.74 62.70 33.88
C MET ZA 612 -77.98 62.54 32.55
N VAL ZA 613 -78.65 62.83 31.44
CA VAL ZA 613 -78.08 62.78 30.09
C VAL ZA 613 -78.35 64.13 29.41
N TRP ZA 614 -77.39 64.58 28.61
CA TRP ZA 614 -77.49 65.88 27.97
C TRP ZA 614 -76.63 65.89 26.71
N GLN ZA 615 -76.86 66.90 25.87
CA GLN ZA 615 -76.07 67.15 24.68
C GLN ZA 615 -75.31 68.45 24.85
N ASP ZA 616 -74.10 68.49 24.31
CA ASP ZA 616 -73.29 69.70 24.38
C ASP ZA 616 -73.76 70.73 23.37
N ARG ZA 617 -73.21 71.94 23.48
CA ARG ZA 617 -73.57 73.01 22.56
C ARG ZA 617 -73.03 72.69 21.16
N ASP ZA 618 -73.81 73.08 20.15
CA ASP ZA 618 -73.41 72.84 18.77
C ASP ZA 618 -72.24 73.74 18.38
N VAL ZA 619 -71.47 73.28 17.41
CA VAL ZA 619 -70.41 74.07 16.81
C VAL ZA 619 -70.91 74.63 15.47
N TYR ZA 620 -70.34 75.75 15.07
CA TYR ZA 620 -70.78 76.46 13.88
C TYR ZA 620 -69.58 76.77 12.99
N LEU ZA 621 -69.87 77.06 11.73
CA LEU ZA 621 -68.79 77.40 10.80
C LEU ZA 621 -68.03 78.63 11.25
N GLN ZA 622 -68.75 79.64 11.76
CA GLN ZA 622 -68.12 80.83 12.32
C GLN ZA 622 -67.71 80.65 13.77
N GLY ZA 623 -68.02 79.52 14.39
CA GLY ZA 623 -67.77 79.33 15.80
C GLY ZA 623 -66.37 78.86 16.11
N PRO ZA 624 -66.02 78.86 17.39
CA PRO ZA 624 -64.70 78.37 17.80
C PRO ZA 624 -64.59 76.86 17.69
N ILE ZA 625 -63.35 76.40 17.57
CA ILE ZA 625 -63.05 74.98 17.44
C ILE ZA 625 -62.72 74.35 18.78
N TRP ZA 626 -61.84 74.98 19.55
CA TRP ZA 626 -61.34 74.38 20.77
C TRP ZA 626 -61.20 75.44 21.85
N ALA ZA 627 -60.84 74.98 23.06
CA ALA ZA 627 -60.47 75.86 24.16
C ALA ZA 627 -59.58 75.07 25.10
N LYS ZA 628 -58.77 75.80 25.86
CA LYS ZA 628 -57.89 75.16 26.83
C LYS ZA 628 -58.63 74.92 28.13
N ILE ZA 629 -58.63 73.67 28.59
CA ILE ZA 629 -59.22 73.34 29.88
C ILE ZA 629 -58.36 73.97 30.98
N PRO ZA 630 -58.94 74.75 31.89
CA PRO ZA 630 -58.13 75.38 32.94
C PRO ZA 630 -57.42 74.34 33.80
N HIS ZA 631 -56.19 74.67 34.20
CA HIS ZA 631 -55.40 73.77 35.05
C HIS ZA 631 -55.92 73.89 36.47
N THR ZA 632 -56.88 73.03 36.80
CA THR ZA 632 -57.53 73.04 38.10
C THR ZA 632 -57.57 71.63 38.65
N ASP ZA 633 -57.79 71.52 39.96
CA ASP ZA 633 -57.82 70.19 40.61
C ASP ZA 633 -59.02 69.40 40.11
N GLY ZA 634 -60.16 70.07 39.94
CA GLY ZA 634 -61.36 69.38 39.50
C GLY ZA 634 -62.10 70.16 38.43
N HIS ZA 635 -62.77 69.41 37.58
CA HIS ZA 635 -63.66 69.95 36.56
C HIS ZA 635 -64.61 68.85 36.13
N PHE ZA 636 -65.82 69.23 35.75
CA PHE ZA 636 -66.83 68.27 35.32
C PHE ZA 636 -67.19 68.55 33.88
N HIS ZA 637 -67.07 67.52 33.03
CA HIS ZA 637 -67.40 67.59 31.62
C HIS ZA 637 -66.75 68.81 30.97
N PRO ZA 638 -65.42 68.80 30.76
CA PRO ZA 638 -64.70 69.99 30.30
C PRO ZA 638 -64.88 70.27 28.80
N SER ZA 639 -66.11 70.24 28.33
CA SER ZA 639 -66.45 70.75 27.02
C SER ZA 639 -66.65 72.26 27.12
N PRO ZA 640 -66.02 73.05 26.25
CA PRO ZA 640 -66.18 74.51 26.33
C PRO ZA 640 -67.64 74.91 26.19
N LEU ZA 641 -68.05 75.89 27.00
CA LEU ZA 641 -69.45 76.30 26.99
C LEU ZA 641 -69.81 77.06 25.72
N MET ZA 642 -68.84 77.73 25.10
CA MET ZA 642 -69.07 78.39 23.82
C MET ZA 642 -69.15 77.43 22.66
N GLY ZA 643 -68.81 76.16 22.87
CA GLY ZA 643 -68.86 75.15 21.83
C GLY ZA 643 -67.48 74.75 21.36
N GLY ZA 644 -67.30 73.45 21.13
CA GLY ZA 644 -66.03 72.96 20.64
C GLY ZA 644 -65.45 71.80 21.42
N PHE ZA 645 -64.13 71.64 21.33
CA PHE ZA 645 -63.43 70.53 21.95
C PHE ZA 645 -62.56 71.04 23.10
N GLY ZA 646 -62.76 70.47 24.28
CA GLY ZA 646 -61.94 70.79 25.42
C GLY ZA 646 -60.61 70.06 25.39
N LEU ZA 647 -59.50 70.81 25.42
CA LEU ZA 647 -58.17 70.24 25.28
C LEU ZA 647 -57.33 70.63 26.49
N LYS ZA 648 -56.76 69.63 27.17
CA LYS ZA 648 -55.83 69.92 28.25
C LYS ZA 648 -54.54 70.51 27.70
N HIS ZA 649 -54.12 70.08 26.51
CA HIS ZA 649 -52.97 70.63 25.80
C HIS ZA 649 -53.45 71.06 24.43
N PRO ZA 650 -54.03 72.25 24.30
CA PRO ZA 650 -54.55 72.71 23.01
C PRO ZA 650 -53.41 73.09 22.09
N PRO ZA 651 -53.71 73.41 20.83
CA PRO ZA 651 -52.66 73.91 19.93
C PRO ZA 651 -51.96 75.11 20.53
N PRO ZA 652 -50.64 75.10 20.59
CA PRO ZA 652 -49.91 76.15 21.30
C PRO ZA 652 -50.07 77.51 20.62
N GLN ZA 653 -49.99 78.56 21.44
CA GLN ZA 653 -49.98 79.91 20.91
C GLN ZA 653 -48.72 80.16 20.10
N ILE ZA 654 -48.87 80.78 18.94
CA ILE ZA 654 -47.77 81.10 18.06
C ILE ZA 654 -47.57 82.60 18.11
N LEU ZA 655 -46.46 83.03 18.71
CA LEU ZA 655 -46.17 84.44 18.91
C LEU ZA 655 -45.16 84.93 17.88
N ILE ZA 656 -45.45 86.08 17.27
CA ILE ZA 656 -44.61 86.65 16.24
C ILE ZA 656 -44.50 88.15 16.48
N LYS ZA 657 -43.30 88.68 16.29
CA LYS ZA 657 -43.08 90.12 16.41
C LYS ZA 657 -41.90 90.53 15.55
N ASN ZA 658 -41.86 91.80 15.18
CA ASN ZA 658 -40.74 92.34 14.42
C ASN ZA 658 -39.60 92.68 15.36
N THR ZA 659 -38.39 92.29 14.98
CA THR ZA 659 -37.23 92.63 15.78
C THR ZA 659 -36.98 94.13 15.71
N PRO ZA 660 -36.87 94.82 16.84
CA PRO ZA 660 -36.63 96.26 16.81
C PRO ZA 660 -35.28 96.59 16.20
N VAL ZA 661 -35.28 97.50 15.24
CA VAL ZA 661 -34.07 97.97 14.57
C VAL ZA 661 -33.80 99.40 15.05
N PRO ZA 662 -32.78 99.63 15.87
CA PRO ZA 662 -32.52 100.99 16.37
C PRO ZA 662 -32.22 101.96 15.23
N ALA ZA 663 -32.65 103.20 15.42
CA ALA ZA 663 -32.35 104.27 14.48
C ALA ZA 663 -30.92 104.77 14.74
N ASN ZA 664 -30.57 105.91 14.18
CA ASN ZA 664 -29.21 106.41 14.27
C ASN ZA 664 -28.85 106.73 15.72
N PRO ZA 665 -27.83 106.08 16.29
CA PRO ZA 665 -27.45 106.38 17.68
C PRO ZA 665 -26.54 107.60 17.78
N SER ZA 666 -26.42 108.07 19.01
CA SER ZA 666 -25.53 109.22 19.30
C SER ZA 666 -24.08 108.74 19.30
N THR ZA 667 -23.17 109.57 18.83
CA THR ZA 667 -21.76 109.23 18.82
C THR ZA 667 -21.16 109.19 20.22
N THR ZA 668 -21.86 109.74 21.21
CA THR ZA 668 -21.45 109.68 22.61
C THR ZA 668 -22.28 108.61 23.32
N PHE ZA 669 -21.64 107.85 24.19
CA PHE ZA 669 -22.34 106.77 24.87
C PHE ZA 669 -23.41 107.33 25.80
N SER ZA 670 -24.58 106.68 25.78
CA SER ZA 670 -25.68 107.00 26.66
C SER ZA 670 -26.22 105.72 27.26
N ALA ZA 671 -26.36 105.68 28.57
CA ALA ZA 671 -26.86 104.49 29.25
C ALA ZA 671 -28.38 104.37 29.16
N ALA ZA 672 -29.07 105.40 28.69
CA ALA ZA 672 -30.51 105.33 28.53
C ALA ZA 672 -30.87 104.31 27.45
N LYS ZA 673 -31.93 103.54 27.70
CA LYS ZA 673 -32.36 102.55 26.72
C LYS ZA 673 -32.83 103.24 25.45
N PHE ZA 674 -32.69 102.52 24.34
CA PHE ZA 674 -33.04 103.10 23.02
C PHE ZA 674 -34.54 103.39 22.93
N ALA ZA 675 -34.88 104.60 22.49
CA ALA ZA 675 -36.27 104.99 22.30
C ALA ZA 675 -36.60 105.34 20.86
N SER ZA 676 -35.61 105.42 19.98
CA SER ZA 676 -35.82 105.74 18.57
C SER ZA 676 -35.51 104.51 17.74
N PHE ZA 677 -36.45 104.12 16.88
CA PHE ZA 677 -36.33 102.94 16.06
C PHE ZA 677 -36.79 103.24 14.64
N ILE ZA 678 -36.33 102.42 13.71
CA ILE ZA 678 -36.78 102.52 12.32
C ILE ZA 678 -38.18 101.92 12.23
N THR ZA 679 -39.13 102.71 11.71
CA THR ZA 679 -40.49 102.23 11.56
C THR ZA 679 -40.53 101.12 10.52
N GLN ZA 680 -41.14 99.99 10.88
CA GLN ZA 680 -41.18 98.88 9.96
C GLN ZA 680 -42.31 97.93 10.34
N TYR ZA 681 -42.77 97.17 9.34
CA TYR ZA 681 -43.75 96.12 9.52
C TYR ZA 681 -43.31 94.92 8.71
N SER ZA 682 -44.05 93.83 8.82
CA SER ZA 682 -43.74 92.62 8.07
C SER ZA 682 -45.01 92.06 7.44
N THR ZA 683 -44.82 91.35 6.33
CA THR ZA 683 -45.91 90.67 5.66
C THR ZA 683 -45.40 89.31 5.21
N GLY ZA 684 -46.33 88.38 5.03
CA GLY ZA 684 -45.95 87.03 4.66
C GLY ZA 684 -47.16 86.15 4.49
N GLN ZA 685 -46.91 84.85 4.38
CA GLN ZA 685 -47.95 83.87 4.21
C GLN ZA 685 -47.94 82.89 5.36
N VAL ZA 686 -49.13 82.43 5.74
CA VAL ZA 686 -49.32 81.49 6.83
C VAL ZA 686 -50.14 80.32 6.31
N SER ZA 687 -49.72 79.10 6.66
CA SER ZA 687 -50.40 77.88 6.25
C SER ZA 687 -50.80 77.07 7.47
N VAL ZA 688 -52.06 76.63 7.51
CA VAL ZA 688 -52.57 75.77 8.57
C VAL ZA 688 -53.21 74.55 7.91
N GLU ZA 689 -52.73 73.37 8.25
CA GLU ZA 689 -53.29 72.12 7.74
C GLU ZA 689 -53.72 71.26 8.91
N ILE ZA 690 -55.01 70.91 8.95
CA ILE ZA 690 -55.56 70.12 10.04
C ILE ZA 690 -56.17 68.84 9.45
N GLU ZA 691 -55.83 67.71 10.05
CA GLU ZA 691 -56.44 66.44 9.71
C GLU ZA 691 -57.58 66.16 10.69
N TRP ZA 692 -58.77 65.87 10.17
CA TRP ZA 692 -59.95 65.60 10.97
C TRP ZA 692 -60.38 64.16 10.76
N GLU ZA 693 -60.83 63.52 11.84
CA GLU ZA 693 -61.38 62.17 11.76
C GLU ZA 693 -62.90 62.25 11.72
N LEU ZA 694 -63.50 61.42 10.87
CA LEU ZA 694 -64.93 61.44 10.64
C LEU ZA 694 -65.58 60.20 11.24
N GLN ZA 695 -66.77 60.38 11.77
CA GLN ZA 695 -67.61 59.29 12.27
C GLN ZA 695 -68.75 59.12 11.28
N LYS ZA 696 -68.65 58.11 10.43
CA LYS ZA 696 -69.60 57.95 9.34
C LYS ZA 696 -70.98 57.60 9.86
N GLU ZA 697 -72.00 58.20 9.25
CA GLU ZA 697 -73.38 57.91 9.61
C GLU ZA 697 -73.75 56.48 9.21
N ASN ZA 698 -74.43 55.78 10.10
CA ASN ZA 698 -74.84 54.39 9.91
C ASN ZA 698 -76.32 54.23 10.25
N SER ZA 699 -77.14 55.15 9.76
CA SER ZA 699 -78.55 55.16 10.11
C SER ZA 699 -79.33 54.11 9.31
N LYS ZA 700 -80.47 53.68 9.86
CA LYS ZA 700 -81.36 52.70 9.17
C LYS ZA 700 -82.76 53.30 9.04
N ARG ZA 701 -82.90 54.63 9.14
CA ARG ZA 701 -84.20 55.24 8.93
C ARG ZA 701 -84.62 55.11 7.46
N TRP ZA 702 -85.92 55.08 7.24
CA TRP ZA 702 -86.46 54.85 5.90
C TRP ZA 702 -86.67 56.14 5.14
N ASN ZA 703 -87.36 57.11 5.73
CA ASN ZA 703 -87.66 58.35 5.05
C ASN ZA 703 -86.45 59.27 5.02
N PRO ZA 704 -86.37 60.22 4.04
CA PRO ZA 704 -85.19 61.08 3.92
C PRO ZA 704 -84.94 61.95 5.15
N GLU ZA 705 -83.72 62.47 5.31
CA GLU ZA 705 -83.33 63.26 6.51
C GLU ZA 705 -83.31 64.75 6.20
N ILE ZA 706 -83.18 65.60 7.22
CA ILE ZA 706 -82.97 67.05 6.90
C ILE ZA 706 -81.50 67.27 6.51
N GLN ZA 707 -81.27 67.97 5.40
CA GLN ZA 707 -79.91 68.29 5.00
C GLN ZA 707 -79.80 69.80 4.77
N TYR ZA 708 -78.62 70.34 5.03
CA TYR ZA 708 -78.38 71.73 4.69
C TYR ZA 708 -78.28 71.87 3.18
N THR ZA 709 -78.89 72.93 2.64
CA THR ZA 709 -78.95 73.12 1.21
C THR ZA 709 -78.99 74.61 0.90
N SER ZA 710 -78.58 74.93 -0.32
CA SER ZA 710 -78.69 76.33 -0.78
C SER ZA 710 -80.11 76.52 -1.29
N ASN ZA 711 -80.60 77.76 -1.37
CA ASN ZA 711 -82.00 77.93 -1.81
C ASN ZA 711 -81.98 78.10 -3.33
N TYR ZA 712 -82.83 77.38 -4.04
CA TYR ZA 712 -82.80 77.39 -5.52
C TYR ZA 712 -83.30 78.73 -6.07
N ASN ZA 713 -84.23 79.40 -5.38
CA ASN ZA 713 -84.79 80.60 -5.96
C ASN ZA 713 -83.72 81.63 -6.30
N LYS ZA 714 -84.01 82.43 -7.33
CA LYS ZA 714 -83.06 83.46 -7.80
C LYS ZA 714 -82.84 84.51 -6.72
N SER ZA 715 -81.67 85.12 -6.76
CA SER ZA 715 -81.35 86.16 -5.79
C SER ZA 715 -80.34 87.10 -6.43
N ILE ZA 716 -80.24 88.30 -5.85
CA ILE ZA 716 -79.27 89.28 -6.34
C ILE ZA 716 -77.85 88.77 -6.12
N ASN ZA 717 -77.59 88.19 -4.94
CA ASN ZA 717 -76.28 87.68 -4.59
C ASN ZA 717 -76.37 86.19 -4.24
N VAL ZA 718 -75.31 85.46 -4.56
CA VAL ZA 718 -75.20 84.07 -4.15
C VAL ZA 718 -74.68 84.01 -2.72
N ASP ZA 719 -75.19 83.06 -1.95
CA ASP ZA 719 -74.77 82.93 -0.56
C ASP ZA 719 -73.32 82.48 -0.47
N PHE ZA 720 -72.61 83.01 0.54
CA PHE ZA 720 -71.21 82.66 0.80
C PHE ZA 720 -70.31 82.95 -0.40
N THR ZA 721 -70.57 84.07 -1.07
CA THR ZA 721 -69.73 84.57 -2.15
C THR ZA 721 -69.43 86.03 -1.90
N VAL ZA 722 -68.80 86.68 -2.88
CA VAL ZA 722 -68.51 88.09 -2.80
C VAL ZA 722 -69.59 88.86 -3.55
N ASP ZA 723 -69.79 90.12 -3.16
CA ASP ZA 723 -70.75 90.98 -3.83
C ASP ZA 723 -70.04 91.79 -4.92
N THR ZA 724 -70.72 92.80 -5.45
CA THR ZA 724 -70.14 93.63 -6.52
C THR ZA 724 -68.95 94.42 -5.97
N ASN ZA 725 -68.82 94.52 -4.64
CA ASN ZA 725 -67.66 95.20 -4.01
C ASN ZA 725 -66.57 94.17 -3.69
N GLY ZA 726 -66.83 92.90 -4.03
CA GLY ZA 726 -65.86 91.82 -3.72
C GLY ZA 726 -65.78 91.56 -2.24
N VAL ZA 727 -66.80 91.96 -1.49
CA VAL ZA 727 -66.81 91.77 -0.01
C VAL ZA 727 -67.42 90.40 0.31
N TYR ZA 728 -66.64 89.52 0.95
CA TYR ZA 728 -67.15 88.21 1.32
C TYR ZA 728 -68.03 88.31 2.55
N SER ZA 729 -69.16 87.62 2.51
CA SER ZA 729 -70.09 87.62 3.63
C SER ZA 729 -70.58 86.20 3.90
N GLU ZA 730 -70.95 85.94 5.15
CA GLU ZA 730 -71.54 84.68 5.55
C GLU ZA 730 -72.98 84.93 5.95
N PRO ZA 731 -73.96 84.61 5.10
CA PRO ZA 731 -75.34 85.08 5.35
C PRO ZA 731 -75.97 84.55 6.62
N ARG ZA 732 -75.66 83.33 7.04
CA ARG ZA 732 -76.30 82.75 8.21
C ARG ZA 732 -75.33 81.82 8.90
N PRO ZA 733 -75.52 81.57 10.20
CA PRO ZA 733 -74.72 80.52 10.86
C PRO ZA 733 -75.21 79.14 10.46
N ILE ZA 734 -74.25 78.25 10.22
CA ILE ZA 734 -74.56 76.86 9.88
C ILE ZA 734 -74.03 75.99 11.02
N GLY ZA 735 -74.92 75.22 11.62
CA GLY ZA 735 -74.54 74.25 12.63
C GLY ZA 735 -74.08 72.97 11.98
N THR ZA 736 -74.12 71.89 12.77
CA THR ZA 736 -73.74 70.58 12.27
C THR ZA 736 -74.81 69.52 12.45
N ARG ZA 737 -75.91 69.81 13.12
CA ARG ZA 737 -76.87 68.80 13.55
C ARG ZA 737 -78.02 68.72 12.57
N TYR ZA 738 -77.81 67.98 11.49
CA TYR ZA 738 -78.83 67.74 10.47
C TYR ZA 738 -79.22 66.28 10.34
N LEU ZA 739 -78.26 65.36 10.40
CA LEU ZA 739 -78.59 63.94 10.45
C LEU ZA 739 -79.20 63.61 11.80
N THR ZA 740 -79.87 62.46 11.87
CA THR ZA 740 -80.55 62.03 13.07
C THR ZA 740 -80.05 60.67 13.52
N ARG ZA 741 -80.07 60.49 14.84
CA ARG ZA 741 -79.70 59.18 15.44
C ARG ZA 741 -80.69 58.93 16.58
N ASN ZA 742 -81.04 57.67 16.86
CA ASN ZA 742 -81.90 57.33 17.98
C ASN ZA 742 -81.18 57.55 19.31
N LEU ZA 743 -81.96 57.82 20.35
CA LEU ZA 743 -81.41 57.98 21.69
C LEU ZA 743 -80.83 56.66 22.21
N ALA AB 218 49.16 53.79 47.27
CA ALA AB 218 47.75 53.74 46.84
C ALA AB 218 47.37 55.09 46.23
N ASP AB 219 47.83 56.17 46.83
CA ASP AB 219 47.41 57.53 46.39
C ASP AB 219 48.65 58.39 46.20
N GLY AB 220 49.84 57.78 46.23
CA GLY AB 220 51.06 58.54 45.96
C GLY AB 220 51.05 59.89 46.65
N VAL AB 221 51.55 60.94 45.98
CA VAL AB 221 51.66 62.27 46.62
C VAL AB 221 50.65 63.17 45.92
N GLY AB 222 49.67 63.67 46.65
CA GLY AB 222 48.68 64.57 46.14
C GLY AB 222 47.29 64.00 46.01
N ASN AB 223 47.10 62.72 46.31
CA ASN AB 223 45.80 62.09 46.29
C ASN AB 223 45.41 61.69 47.71
N SER AB 224 44.25 62.15 48.16
CA SER AB 224 43.80 61.84 49.51
C SER AB 224 43.41 60.37 49.62
N SER AB 225 43.78 59.76 50.74
CA SER AB 225 43.50 58.35 50.99
C SER AB 225 42.33 58.14 51.94
N GLY AB 226 41.59 59.21 52.27
CA GLY AB 226 40.45 59.07 53.14
C GLY AB 226 39.72 60.39 53.26
N ASN AB 227 38.57 60.33 53.93
CA ASN AB 227 37.71 61.48 54.14
C ASN AB 227 37.40 61.63 55.63
N TRP AB 228 36.91 62.80 56.00
CA TRP AB 228 36.55 63.09 57.37
C TRP AB 228 35.13 62.61 57.63
N HIS AB 229 35.01 61.60 58.48
CA HIS AB 229 33.68 61.03 58.83
C HIS AB 229 33.51 61.14 60.35
N CYS AB 230 32.87 62.21 60.82
CA CYS AB 230 32.59 62.38 62.26
C CYS AB 230 31.09 62.63 62.38
N ASP AB 231 30.32 61.64 62.87
CA ASP AB 231 28.85 61.79 62.93
C ASP AB 231 28.21 60.61 63.66
N SER AB 232 26.89 60.66 63.88
CA SER AB 232 26.25 59.48 64.46
C SER AB 232 24.90 59.27 63.79
N THR AB 233 24.54 58.01 63.58
CA THR AB 233 23.28 57.64 62.95
C THR AB 233 22.50 56.76 63.90
N TRP AB 234 21.27 57.16 64.20
CA TRP AB 234 20.38 56.38 65.06
C TRP AB 234 19.36 55.68 64.17
N MET AB 235 19.37 54.34 64.21
CA MET AB 235 18.44 53.55 63.36
C MET AB 235 17.81 52.46 64.24
N GLY AB 236 16.63 52.72 64.79
CA GLY AB 236 15.94 51.74 65.60
C GLY AB 236 16.71 51.41 66.86
N ASP AB 237 17.06 50.14 67.02
CA ASP AB 237 17.79 49.65 68.18
C ASP AB 237 19.30 49.71 68.00
N ARG AB 238 19.79 50.57 67.11
CA ARG AB 238 21.22 50.71 66.89
C ARG AB 238 21.58 52.19 66.81
N VAL AB 239 22.78 52.52 67.26
CA VAL AB 239 23.39 53.82 67.03
C VAL AB 239 24.83 53.60 66.62
N THR AB 240 25.21 54.17 65.48
CA THR AB 240 26.56 54.06 64.96
C THR AB 240 27.24 55.41 65.10
N THR AB 241 28.29 55.46 65.92
CA THR AB 241 29.05 56.67 66.16
C THR AB 241 30.38 56.59 65.42
N THR AB 242 30.70 57.62 64.65
CA THR AB 242 31.95 57.70 63.92
C THR AB 242 32.69 58.96 64.34
N SER AB 243 34.00 58.84 64.52
CA SER AB 243 34.83 59.96 64.97
C SER AB 243 36.09 60.01 64.15
N THR AB 244 36.52 61.23 63.80
CA THR AB 244 37.79 61.46 63.12
C THR AB 244 38.59 62.49 63.89
N ARG AB 245 39.89 62.23 64.05
CA ARG AB 245 40.79 63.12 64.76
C ARG AB 245 42.09 63.24 63.99
N THR AB 246 42.82 64.32 64.27
CA THR AB 246 44.15 64.52 63.70
C THR AB 246 45.18 64.21 64.78
N TRP AB 247 46.11 63.29 64.48
CA TRP AB 247 47.10 62.84 65.44
C TRP AB 247 48.50 63.25 65.00
N ALA AB 248 49.38 63.35 66.00
CA ALA AB 248 50.80 63.62 65.77
C ALA AB 248 51.61 62.55 66.48
N LEU AB 249 52.52 61.92 65.76
CA LEU AB 249 53.33 60.83 66.31
C LEU AB 249 54.81 61.20 66.24
N PRO AB 250 55.46 61.46 67.36
CA PRO AB 250 56.89 61.77 67.33
C PRO AB 250 57.71 60.48 67.27
N THR AB 251 59.03 60.65 67.33
CA THR AB 251 59.94 59.52 67.47
C THR AB 251 60.20 59.29 68.96
N TYR AB 252 59.92 58.08 69.42
CA TYR AB 252 60.00 57.75 70.83
C TYR AB 252 61.27 56.97 71.14
N ASN AB 253 61.95 57.37 72.22
CA ASN AB 253 63.17 56.72 72.71
C ASN AB 253 64.30 56.75 71.69
N ASN AB 254 64.21 57.61 70.68
CA ASN AB 254 65.19 57.67 69.59
C ASN AB 254 65.34 56.29 68.93
N HIS AB 255 64.20 55.69 68.60
CA HIS AB 255 64.12 54.40 67.91
C HIS AB 255 64.70 53.25 68.72
N LEU AB 256 64.68 53.34 70.05
CA LEU AB 256 65.33 52.34 70.90
C LEU AB 256 64.34 51.71 71.86
N TYR AB 257 64.69 50.50 72.30
CA TYR AB 257 63.92 49.86 73.40
C TYR AB 257 64.82 50.05 74.62
N LYS AB 258 64.29 50.58 75.71
CA LYS AB 258 65.01 50.87 76.94
C LYS AB 258 64.39 50.12 78.09
N GLN AB 259 65.21 49.39 78.84
CA GLN AB 259 64.74 48.76 80.06
C GLN AB 259 64.47 49.84 81.12
N ILE AB 260 63.30 49.77 81.73
CA ILE AB 260 62.90 50.73 82.75
C ILE AB 260 62.58 49.98 84.03
N SER AB 261 62.74 50.66 85.16
CA SER AB 261 62.48 50.07 86.46
C SER AB 261 62.23 51.20 87.46
N SER AB 262 61.71 50.82 88.62
CA SER AB 262 61.47 51.79 89.67
C SER AB 262 62.79 52.37 90.17
N GLN AB 263 62.70 53.61 90.64
CA GLN AB 263 63.91 54.30 91.11
C GLN AB 263 64.41 53.63 92.39
N SER AB 264 65.71 53.66 92.60
CA SER AB 264 66.25 53.14 93.88
C SER AB 264 65.73 54.04 95.00
N GLY AB 265 65.42 53.45 96.14
CA GLY AB 265 64.87 54.14 97.28
C GLY AB 265 63.35 54.19 97.32
N ALA AB 266 62.69 53.71 96.27
CA ALA AB 266 61.22 53.65 96.27
C ALA AB 266 60.74 52.61 97.26
N SER AB 267 59.49 52.76 97.71
CA SER AB 267 58.90 51.79 98.60
C SER AB 267 58.65 50.48 97.84
N ASN AB 268 58.46 49.40 98.62
CA ASN AB 268 58.23 48.10 98.00
C ASN AB 268 56.93 48.09 97.20
N ASP AB 269 55.92 48.83 97.64
CA ASP AB 269 54.66 48.87 96.91
C ASP AB 269 54.82 49.55 95.55
N ASN AB 270 55.80 50.43 95.41
CA ASN AB 270 56.00 51.18 94.17
C ASN AB 270 57.08 50.59 93.28
N HIS AB 271 57.65 49.43 93.64
CA HIS AB 271 58.68 48.82 92.82
C HIS AB 271 58.07 48.20 91.57
N TYR AB 272 58.79 48.34 90.45
CA TYR AB 272 58.33 47.77 89.19
C TYR AB 272 59.52 47.56 88.26
N PHE AB 273 59.30 46.74 87.25
CA PHE AB 273 60.27 46.48 86.20
C PHE AB 273 59.52 46.31 84.89
N GLY AB 274 60.07 46.85 83.82
CA GLY AB 274 59.41 46.76 82.52
C GLY AB 274 60.29 47.28 81.43
N TYR AB 275 59.68 47.50 80.27
CA TYR AB 275 60.40 47.98 79.09
C TYR AB 275 59.62 49.09 78.43
N SER AB 276 60.36 50.07 77.90
CA SER AB 276 59.80 51.17 77.13
C SER AB 276 60.09 50.95 75.65
N THR AB 277 59.06 51.02 74.82
CA THR AB 277 59.22 50.74 73.41
C THR AB 277 59.18 52.04 72.60
N PRO AB 278 59.80 52.06 71.42
CA PRO AB 278 59.71 53.24 70.56
C PRO AB 278 58.38 53.39 69.83
N TRP AB 279 57.42 52.51 70.09
CA TRP AB 279 56.14 52.53 69.42
C TRP AB 279 55.14 53.39 70.19
N GLY AB 280 54.12 53.85 69.47
CA GLY AB 280 52.96 54.47 70.07
C GLY AB 280 51.74 53.59 69.84
N TYR AB 281 50.63 53.98 70.48
CA TYR AB 281 49.40 53.22 70.35
C TYR AB 281 48.22 54.17 70.30
N PHE AB 282 47.18 53.75 69.57
CA PHE AB 282 45.96 54.53 69.44
C PHE AB 282 44.93 54.05 70.46
N ASP AB 283 44.50 54.97 71.33
CA ASP AB 283 43.56 54.66 72.40
C ASP AB 283 42.27 55.41 72.15
N PHE AB 284 41.16 54.67 72.11
CA PHE AB 284 39.83 55.27 72.08
C PHE AB 284 38.92 54.60 73.09
N ASN AB 285 39.47 54.20 74.23
CA ASN AB 285 38.72 53.50 75.27
C ASN AB 285 38.09 54.48 76.27
N ARG AB 286 37.38 55.48 75.73
CA ARG AB 286 36.62 56.42 76.54
C ARG AB 286 35.39 56.80 75.75
N PHE AB 287 34.25 56.98 76.43
CA PHE AB 287 32.98 57.22 75.69
C PHE AB 287 32.98 58.57 74.96
N HIS AB 288 33.68 59.56 75.49
CA HIS AB 288 33.72 60.93 74.89
C HIS AB 288 34.41 60.88 73.52
N CYS AB 289 35.16 59.81 73.23
CA CYS AB 289 35.87 59.65 71.94
C CYS AB 289 34.88 59.32 70.82
N HIS AB 290 33.67 58.87 71.18
CA HIS AB 290 32.68 58.47 70.19
C HIS AB 290 31.35 59.18 70.33
N PHE AB 291 30.96 59.56 71.54
CA PHE AB 291 29.67 60.19 71.80
C PHE AB 291 29.86 61.67 72.08
N SER AB 292 29.10 62.51 71.37
CA SER AB 292 28.99 63.90 71.75
C SER AB 292 28.10 64.01 72.99
N PRO AB 293 28.17 65.12 73.72
CA PRO AB 293 27.28 65.28 74.88
C PRO AB 293 25.80 65.19 74.52
N ARG AB 294 25.39 65.72 73.36
CA ARG AB 294 24.02 65.54 72.91
C ARG AB 294 23.73 64.07 72.61
N ASP AB 295 24.69 63.36 72.02
CA ASP AB 295 24.54 61.93 71.79
C ASP AB 295 24.41 61.17 73.09
N TRP AB 296 25.21 61.53 74.10
CA TRP AB 296 25.10 60.90 75.40
C TRP AB 296 23.74 61.17 76.05
N GLN AB 297 23.24 62.40 75.94
CA GLN AB 297 21.94 62.71 76.51
C GLN AB 297 20.83 61.94 75.79
N ARG AB 298 20.94 61.81 74.47
CA ARG AB 298 19.98 61.00 73.71
C ARG AB 298 20.05 59.54 74.11
N LEU AB 299 21.25 59.04 74.41
CA LEU AB 299 21.40 57.64 74.78
C LEU AB 299 20.83 57.36 76.17
N ILE AB 300 21.16 58.21 77.15
CA ILE AB 300 20.86 57.89 78.54
C ILE AB 300 19.44 58.25 78.94
N ASN AB 301 18.78 59.15 78.22
CA ASN AB 301 17.42 59.55 78.56
C ASN AB 301 16.35 58.67 77.94
N ASN AB 302 16.72 57.74 77.08
CA ASN AB 302 15.75 56.98 76.32
C ASN AB 302 15.98 55.47 76.29
N ASN AB 303 17.11 54.99 76.78
CA ASN AB 303 17.47 53.58 76.68
C ASN AB 303 17.71 53.00 78.06
N TRP AB 304 17.28 51.75 78.24
CA TRP AB 304 17.53 50.99 79.45
C TRP AB 304 18.86 50.24 79.42
N GLY AB 305 19.55 50.25 78.29
CA GLY AB 305 20.83 49.57 78.20
C GLY AB 305 21.46 49.77 76.84
N PHE AB 306 22.75 49.48 76.77
CA PHE AB 306 23.49 49.55 75.51
C PHE AB 306 24.75 48.70 75.63
N ARG AB 307 25.28 48.31 74.48
CA ARG AB 307 26.49 47.51 74.42
C ARG AB 307 27.11 47.67 73.04
N PRO AB 308 28.44 47.60 72.93
CA PRO AB 308 29.08 47.67 71.61
C PRO AB 308 28.92 46.38 70.84
N LYS AB 309 28.85 46.52 69.52
CA LYS AB 309 28.63 45.40 68.61
C LYS AB 309 29.81 45.15 67.69
N ARG AB 310 30.27 46.18 66.98
CA ARG AB 310 31.41 46.04 66.09
C ARG AB 310 32.04 47.41 65.90
N LEU AB 311 33.29 47.42 65.46
CA LEU AB 311 34.01 48.67 65.22
C LEU AB 311 34.79 48.59 63.93
N ASN AB 312 35.06 49.77 63.35
CA ASN AB 312 35.89 49.89 62.13
C ASN AB 312 36.92 50.98 62.42
N PHE AB 313 38.18 50.77 62.04
CA PHE AB 313 39.29 51.66 62.33
C PHE AB 313 40.01 51.99 61.03
N LYS AB 314 40.42 53.25 60.92
CA LYS AB 314 41.15 53.66 59.71
C LYS AB 314 42.22 54.72 59.97
N LEU AB 315 43.41 54.54 59.39
CA LEU AB 315 44.46 55.55 59.38
C LEU AB 315 44.68 55.99 57.94
N PHE AB 316 44.74 57.30 57.71
CA PHE AB 316 44.81 57.80 56.35
C PHE AB 316 45.43 59.20 56.36
N ASN AB 317 45.72 59.69 55.16
CA ASN AB 317 46.32 61.01 54.97
C ASN AB 317 47.59 61.16 55.80
N ILE AB 318 48.44 60.14 55.71
CA ILE AB 318 49.65 60.07 56.53
C ILE AB 318 50.74 60.93 55.90
N GLN AB 319 51.28 61.86 56.69
CA GLN AB 319 52.35 62.75 56.26
C GLN AB 319 53.53 62.57 57.20
N VAL AB 320 54.70 62.31 56.63
CA VAL AB 320 55.93 62.23 57.40
C VAL AB 320 56.71 63.52 57.19
N LYS AB 321 57.00 64.20 58.28
CA LYS AB 321 57.70 65.49 58.25
C LYS AB 321 59.10 65.32 58.81
N GLU AB 322 60.10 65.80 58.07
CA GLU AB 322 61.48 65.79 58.52
C GLU AB 322 61.81 67.13 59.17
N VAL AB 323 62.37 67.07 60.38
CA VAL AB 323 62.71 68.26 61.16
C VAL AB 323 64.22 68.40 61.19
N THR AB 324 64.71 69.59 60.85
CA THR AB 324 66.13 69.90 60.92
C THR AB 324 66.33 71.17 61.73
N GLN AB 325 67.50 71.30 62.34
CA GLN AB 325 67.82 72.44 63.18
C GLN AB 325 69.24 72.88 62.86
N ASN AB 326 69.37 74.01 62.16
CA ASN AB 326 70.67 74.53 61.75
C ASN AB 326 70.80 75.96 62.24
N ASP AB 327 71.83 76.22 63.05
CA ASP AB 327 72.12 77.55 63.58
C ASP AB 327 70.92 78.14 64.31
N GLY AB 328 70.23 77.31 65.08
CA GLY AB 328 69.11 77.76 65.88
C GLY AB 328 67.80 77.93 65.16
N THR AB 329 67.70 77.47 63.91
CA THR AB 329 66.49 77.59 63.12
C THR AB 329 65.85 76.22 62.93
N THR AB 330 64.56 76.12 63.23
CA THR AB 330 63.81 74.89 63.06
C THR AB 330 63.09 74.92 61.71
N THR AB 331 63.49 74.00 60.82
CA THR AB 331 62.91 73.91 59.48
C THR AB 331 62.23 72.56 59.34
N ILE AB 332 60.97 72.57 58.89
CA ILE AB 332 60.18 71.37 58.70
C ILE AB 332 59.85 71.23 57.23
N ALA AB 333 60.15 70.06 56.66
CA ALA AB 333 59.90 69.79 55.27
C ALA AB 333 59.28 68.40 55.13
N ASN AB 334 58.57 68.19 54.03
CA ASN AB 334 57.94 66.90 53.78
C ASN AB 334 58.98 65.84 53.46
N ASN AB 335 58.67 64.60 53.85
CA ASN AB 335 59.45 63.43 53.50
C ASN AB 335 58.49 62.44 52.85
N LEU AB 336 58.42 62.48 51.52
CA LEU AB 336 57.42 61.68 50.80
C LEU AB 336 57.80 60.22 50.67
N THR AB 337 59.03 59.84 51.01
CA THR AB 337 59.46 58.45 50.88
C THR AB 337 59.54 57.71 52.21
N SER AB 338 59.34 58.39 53.33
CA SER AB 338 59.38 57.73 54.62
C SER AB 338 58.05 57.01 54.89
N THR AB 339 58.12 56.00 55.75
CA THR AB 339 56.97 55.17 56.08
C THR AB 339 56.67 55.24 57.57
N VAL AB 340 55.48 54.75 57.91
CA VAL AB 340 55.10 54.49 59.30
C VAL AB 340 54.61 53.05 59.38
N GLN AB 341 55.04 52.34 60.42
CA GLN AB 341 54.68 50.95 60.62
C GLN AB 341 53.46 50.85 61.53
N VAL AB 342 52.42 50.16 61.06
CA VAL AB 342 51.18 49.99 61.80
C VAL AB 342 50.82 48.52 61.82
N PHE AB 343 50.50 48.00 63.00
CA PHE AB 343 49.96 46.66 63.11
C PHE AB 343 49.04 46.58 64.31
N THR AB 344 48.07 45.67 64.24
CA THR AB 344 47.13 45.42 65.31
C THR AB 344 47.48 44.10 65.99
N ASP AB 345 47.50 44.11 67.33
CA ASP AB 345 47.80 42.91 68.10
C ASP AB 345 46.54 42.07 68.25
N SER AB 346 46.11 41.46 67.14
CA SER AB 346 44.83 40.72 67.13
C SER AB 346 44.95 39.36 67.81
N GLU AB 347 46.17 38.87 68.01
CA GLU AB 347 46.35 37.62 68.74
C GLU AB 347 46.62 37.84 70.23
N TYR AB 348 46.66 39.10 70.67
CA TYR AB 348 46.85 39.44 72.08
C TYR AB 348 48.12 38.82 72.64
N GLN AB 349 49.21 38.92 71.88
CA GLN AB 349 50.51 38.42 72.30
C GLN AB 349 51.33 39.47 73.04
N LEU AB 350 50.88 40.70 73.10
CA LEU AB 350 51.56 41.78 73.80
C LEU AB 350 50.81 42.14 75.09
N PRO AB 351 51.50 42.67 76.08
CA PRO AB 351 50.81 43.12 77.30
C PRO AB 351 49.77 44.18 76.98
N TYR AB 352 48.55 43.95 77.42
CA TYR AB 352 47.42 44.82 77.12
C TYR AB 352 47.42 45.99 78.09
N VAL AB 353 47.89 47.15 77.63
CA VAL AB 353 47.95 48.34 78.47
C VAL AB 353 46.72 49.22 78.34
N LEU AB 354 45.85 48.96 77.37
CA LEU AB 354 44.56 49.61 77.33
C LEU AB 354 43.70 49.12 78.48
N GLY AB 355 42.77 49.96 78.92
CA GLY AB 355 41.93 49.62 80.05
C GLY AB 355 42.52 49.93 81.40
N SER AB 356 43.63 50.66 81.46
CA SER AB 356 44.21 51.11 82.72
C SER AB 356 43.95 52.59 82.97
N ALA AB 357 42.99 53.17 82.27
CA ALA AB 357 42.60 54.58 82.43
C ALA AB 357 43.77 55.52 82.20
N HIS AB 358 44.47 55.31 81.08
CA HIS AB 358 45.64 56.11 80.73
C HIS AB 358 45.26 57.28 79.83
N GLN AB 359 46.02 58.35 79.96
CA GLN AB 359 45.85 59.52 79.11
C GLN AB 359 46.38 59.25 77.71
N GLY AB 360 45.99 60.10 76.76
CA GLY AB 360 46.39 59.94 75.38
C GLY AB 360 45.31 59.45 74.45
N CYS AB 361 44.06 59.45 74.88
CA CYS AB 361 42.96 58.99 74.04
C CYS AB 361 42.64 60.01 72.96
N LEU AB 362 41.65 59.67 72.14
CA LEU AB 362 41.12 60.63 71.18
C LEU AB 362 40.42 61.74 71.93
N PRO AB 363 40.74 63.01 71.66
CA PRO AB 363 40.15 64.09 72.43
C PRO AB 363 38.65 64.14 72.24
N PRO AB 364 37.90 64.53 73.28
CA PRO AB 364 36.44 64.59 73.13
C PRO AB 364 35.96 65.55 72.07
N PHE AB 365 36.65 66.67 71.89
CA PHE AB 365 36.27 67.64 70.87
C PHE AB 365 36.88 67.27 69.53
N PRO AB 366 36.09 67.12 68.48
CA PRO AB 366 36.63 66.66 67.19
C PRO AB 366 37.66 67.58 66.57
N ALA AB 367 37.73 68.84 66.99
CA ALA AB 367 38.66 69.80 66.41
C ALA AB 367 40.03 69.78 67.08
N ASP AB 368 40.22 69.02 68.15
CA ASP AB 368 41.48 68.99 68.86
C ASP AB 368 42.46 68.00 68.23
N VAL AB 369 43.73 68.37 68.22
CA VAL AB 369 44.81 67.53 67.72
C VAL AB 369 45.55 66.94 68.91
N PHE AB 370 45.81 65.64 68.88
CA PHE AB 370 46.37 64.92 70.01
C PHE AB 370 47.65 64.19 69.63
N MET AB 371 48.53 64.04 70.61
CA MET AB 371 49.76 63.27 70.45
C MET AB 371 49.49 61.80 70.76
N VAL AB 372 50.13 60.93 70.00
CA VAL AB 372 49.98 59.49 70.18
C VAL AB 372 50.81 59.05 71.39
N PRO AB 373 50.20 58.43 72.39
CA PRO AB 373 50.96 58.05 73.60
C PRO AB 373 51.98 56.96 73.31
N GLN AB 374 53.07 56.98 74.08
CA GLN AB 374 54.12 55.99 73.93
C GLN AB 374 53.73 54.67 74.58
N TYR AB 375 53.99 53.58 73.88
CA TYR AB 375 53.64 52.25 74.39
C TYR AB 375 54.74 51.74 75.31
N GLY AB 376 54.32 51.15 76.43
CA GLY AB 376 55.25 50.55 77.37
C GLY AB 376 54.50 49.56 78.24
N TYR AB 377 55.24 48.58 78.74
CA TYR AB 377 54.64 47.51 79.52
C TYR AB 377 55.53 47.16 80.71
N LEU AB 378 54.92 46.54 81.71
CA LEU AB 378 55.61 46.05 82.88
C LEU AB 378 55.58 44.54 82.92
N THR AB 379 56.65 43.95 83.46
CA THR AB 379 56.72 42.50 83.62
C THR AB 379 57.04 42.19 85.08
N LEU AB 380 57.31 40.92 85.37
CA LEU AB 380 57.59 40.48 86.76
C LEU AB 380 58.82 41.21 87.30
N ASN AB 381 58.79 41.58 88.58
CA ASN AB 381 59.95 42.25 89.20
C ASN AB 381 60.16 41.74 90.62
N ASN AB 382 61.41 41.56 91.04
CA ASN AB 382 61.70 41.26 92.46
C ASN AB 382 62.35 42.55 92.95
N GLY AB 383 61.54 43.53 93.36
CA GLY AB 383 62.11 44.84 93.70
C GLY AB 383 62.31 45.63 92.43
N SER AB 384 63.44 46.34 92.30
CA SER AB 384 63.73 47.03 91.06
C SER AB 384 64.34 46.13 90.00
N GLN AB 385 64.68 44.89 90.35
CA GLN AB 385 65.29 43.95 89.44
C GLN AB 385 64.23 43.07 88.78
N ALA AB 386 64.68 42.23 87.85
CA ALA AB 386 63.83 41.30 87.15
C ALA AB 386 64.10 39.87 87.63
N VAL AB 387 63.22 38.96 87.23
CA VAL AB 387 63.37 37.54 87.51
C VAL AB 387 63.46 36.79 86.18
N GLY AB 388 63.73 35.49 86.28
CA GLY AB 388 63.88 34.69 85.08
C GLY AB 388 62.59 34.55 84.29
N ARG AB 389 61.45 34.71 84.96
CA ARG AB 389 60.15 34.60 84.31
C ARG AB 389 59.74 35.89 83.60
N SER AB 390 60.46 36.99 83.80
CA SER AB 390 60.13 38.25 83.14
C SER AB 390 60.24 38.10 81.63
N SER AB 391 59.28 38.68 80.92
CA SER AB 391 59.18 38.56 79.47
C SER AB 391 59.58 39.87 78.80
N PHE AB 392 60.31 39.75 77.70
CA PHE AB 392 60.67 40.87 76.86
C PHE AB 392 60.02 40.71 75.51
N TYR AB 393 59.46 41.80 74.98
CA TYR AB 393 58.75 41.78 73.71
C TYR AB 393 59.33 42.82 72.78
N CYS AB 394 59.74 42.38 71.59
CA CYS AB 394 60.14 43.27 70.51
C CYS AB 394 58.99 43.39 69.54
N LEU AB 395 58.49 44.62 69.37
CA LEU AB 395 57.33 44.86 68.52
C LEU AB 395 57.68 44.82 67.04
N GLU AB 396 58.96 44.86 66.68
CA GLU AB 396 59.37 44.65 65.29
C GLU AB 396 59.39 43.19 64.92
N TYR AB 397 59.12 42.29 65.87
CA TYR AB 397 59.07 40.82 65.62
C TYR AB 397 57.65 40.45 65.19
N PHE AB 398 56.77 41.42 65.06
CA PHE AB 398 55.42 41.29 64.55
C PHE AB 398 55.35 41.75 63.10
N PRO AB 399 54.53 41.12 62.28
CA PRO AB 399 54.30 41.64 60.92
C PRO AB 399 53.52 42.94 60.98
N SER AB 400 54.07 43.99 60.37
CA SER AB 400 53.45 45.30 60.37
C SER AB 400 53.33 45.80 58.94
N GLN AB 401 52.38 46.71 58.73
CA GLN AB 401 52.13 47.30 57.43
C GLN AB 401 52.84 48.64 57.34
N MET AB 402 53.62 48.83 56.27
CA MET AB 402 54.38 50.05 56.06
C MET AB 402 53.59 50.98 55.15
N LEU AB 403 53.42 52.23 55.61
CA LEU AB 403 52.56 53.19 54.92
C LEU AB 403 53.35 54.43 54.57
N ARG AB 404 53.46 54.73 53.28
CA ARG AB 404 53.99 56.00 52.82
C ARG AB 404 52.87 57.03 52.75
N THR AB 405 53.19 58.24 52.31
CA THR AB 405 52.13 59.25 52.07
C THR AB 405 51.33 58.76 50.88
N GLY AB 406 50.05 58.52 51.07
CA GLY AB 406 49.18 57.95 50.06
C GLY AB 406 48.69 56.56 50.37
N ASN AB 407 49.24 55.91 51.38
CA ASN AB 407 48.77 54.61 51.83
C ASN AB 407 47.86 54.79 53.05
N ASN AB 408 46.91 53.87 53.20
CA ASN AB 408 46.00 53.90 54.33
C ASN AB 408 45.96 52.52 54.99
N PHE AB 409 45.54 52.50 56.25
CA PHE AB 409 45.41 51.29 57.03
C PHE AB 409 43.97 51.17 57.52
N THR AB 410 43.47 49.95 57.58
CA THR AB 410 42.12 49.72 58.07
C THR AB 410 42.00 48.31 58.63
N PHE AB 411 41.09 48.15 59.57
CA PHE AB 411 40.75 46.82 60.08
C PHE AB 411 39.39 46.90 60.77
N SER AB 412 38.70 45.76 60.80
CA SER AB 412 37.39 45.65 61.40
C SER AB 412 37.42 44.65 62.54
N TYR AB 413 36.65 44.93 63.59
CA TYR AB 413 36.61 44.10 64.78
C TYR AB 413 35.15 43.91 65.19
N THR AB 414 34.83 42.71 65.68
CA THR AB 414 33.50 42.42 66.18
C THR AB 414 33.59 42.15 67.67
N PHE AB 415 32.79 42.89 68.46
CA PHE AB 415 32.74 42.65 69.89
C PHE AB 415 32.08 41.31 70.18
N GLU AB 416 32.57 40.65 71.23
CA GLU AB 416 31.90 39.45 71.71
C GLU AB 416 30.59 39.83 72.40
N ASP AB 417 29.75 38.82 72.62
CA ASP AB 417 28.48 39.04 73.30
C ASP AB 417 28.72 39.43 74.74
N VAL AB 418 28.20 40.58 75.14
CA VAL AB 418 28.37 41.09 76.51
C VAL AB 418 27.01 41.57 77.01
N PRO AB 419 26.80 41.58 78.31
CA PRO AB 419 25.53 42.08 78.85
C PRO AB 419 25.35 43.57 78.57
N PHE AB 420 24.10 43.97 78.39
CA PHE AB 420 23.79 45.38 78.28
C PHE AB 420 24.16 46.11 79.56
N HIS AB 421 24.76 47.28 79.43
CA HIS AB 421 25.01 48.11 80.61
C HIS AB 421 23.69 48.56 81.20
N SER AB 422 23.61 48.46 82.53
CA SER AB 422 22.37 48.86 83.26
C SER AB 422 22.27 50.38 83.33
N SER AB 423 21.80 51.01 82.25
CA SER AB 423 21.64 52.46 82.22
C SER AB 423 20.29 52.88 82.82
N TYR AB 424 20.04 52.40 84.03
CA TYR AB 424 18.81 52.70 84.75
C TYR AB 424 19.09 52.66 86.24
N ALA AB 425 18.22 53.30 87.01
CA ALA AB 425 18.23 53.23 88.45
C ALA AB 425 16.97 52.51 88.93
N HIS AB 426 17.12 51.60 89.87
CA HIS AB 426 15.97 50.87 90.38
C HIS AB 426 15.05 51.80 91.16
N SER AB 427 13.75 51.72 90.85
CA SER AB 427 12.74 52.48 91.58
C SER AB 427 12.22 51.74 92.80
N GLN AB 428 12.74 50.55 93.08
CA GLN AB 428 12.42 49.80 94.28
C GLN AB 428 13.71 49.47 95.02
N SER AB 429 13.62 49.37 96.34
CA SER AB 429 14.73 48.95 97.16
C SER AB 429 14.61 47.44 97.43
N LEU AB 430 15.77 46.80 97.62
CA LEU AB 430 15.78 45.35 97.82
C LEU AB 430 15.11 44.95 99.12
N ASP AB 431 15.00 45.87 100.08
CA ASP AB 431 14.37 45.55 101.40
C ASP AB 431 12.92 46.02 101.42
N ARG AB 432 12.40 46.51 100.29
CA ARG AB 432 11.03 47.01 100.19
C ARG AB 432 10.33 46.42 98.97
N LEU AB 433 10.46 45.10 98.79
CA LEU AB 433 9.89 44.41 97.65
C LEU AB 433 8.56 43.73 97.95
N MET AB 434 8.00 43.95 99.13
CA MET AB 434 6.82 43.25 99.58
C MET AB 434 5.55 44.04 99.31
N ASN AB 435 4.41 43.45 99.63
CA ASN AB 435 3.13 44.13 99.59
C ASN AB 435 2.85 44.70 100.96
N PRO AB 436 2.80 46.03 101.12
CA PRO AB 436 2.63 46.60 102.47
C PRO AB 436 1.25 46.39 103.06
N LEU AB 437 0.28 45.94 102.27
CA LEU AB 437 -1.09 45.78 102.74
C LEU AB 437 -1.36 44.42 103.36
N ILE AB 438 -0.60 43.39 103.00
CA ILE AB 438 -0.87 42.03 103.41
C ILE AB 438 0.26 41.56 104.33
N ASP AB 439 -0.12 40.94 105.44
CA ASP AB 439 0.87 40.35 106.33
C ASP AB 439 1.46 39.08 105.72
N GLN AB 440 2.65 38.72 106.19
CA GLN AB 440 3.26 37.46 105.81
C GLN AB 440 2.69 36.32 106.64
N TYR AB 441 2.66 35.13 106.05
CA TYR AB 441 2.25 33.95 106.80
C TYR AB 441 3.40 33.35 107.60
N LEU AB 442 4.63 33.78 107.35
CA LEU AB 442 5.77 33.29 108.10
C LEU AB 442 5.92 34.07 109.41
N TYR AB 443 6.48 33.40 110.41
CA TYR AB 443 6.68 33.98 111.73
C TYR AB 443 8.16 34.25 111.96
N TYR AB 444 8.42 35.26 112.78
CA TYR AB 444 9.77 35.59 113.21
C TYR AB 444 9.78 35.77 114.72
N LEU AB 445 10.92 35.48 115.34
CA LEU AB 445 11.08 35.67 116.77
C LEU AB 445 11.04 37.16 117.08
N SER AB 446 9.95 37.63 117.70
CA SER AB 446 9.76 39.03 117.98
C SER AB 446 10.09 39.41 119.42
N ARG AB 447 9.88 38.48 120.34
CA ARG AB 447 10.22 38.77 121.76
C ARG AB 447 11.00 37.60 122.35
N THR AB 448 11.88 37.91 123.29
CA THR AB 448 12.68 36.90 123.96
C THR AB 448 12.42 36.79 125.46
N ASN AB 449 11.59 37.66 126.02
CA ASN AB 449 11.22 37.57 127.43
C ASN AB 449 9.87 38.23 127.63
N THR AB 450 9.28 37.98 128.79
CA THR AB 450 8.01 38.57 129.17
C THR AB 450 8.08 39.06 130.61
N PRO AB 451 7.29 40.09 131.01
CA PRO AB 451 7.28 40.52 132.40
C PRO AB 451 6.82 39.35 133.29
N SER AB 452 7.63 39.00 134.28
CA SER AB 452 7.23 37.94 135.24
C SER AB 452 7.37 38.49 136.66
N GLY AB 453 6.27 38.55 137.42
CA GLY AB 453 6.32 39.18 138.75
C GLY AB 453 6.77 40.63 138.64
N THR AB 454 7.82 41.00 139.37
CA THR AB 454 8.38 42.37 139.28
C THR AB 454 9.73 42.28 138.56
N THR AB 455 10.10 41.09 138.10
CA THR AB 455 11.36 40.92 137.33
C THR AB 455 11.00 40.54 135.89
N THR AB 456 11.90 39.83 135.19
CA THR AB 456 11.60 39.35 133.82
C THR AB 456 11.83 37.85 133.74
N GLN AB 457 11.16 37.18 132.82
CA GLN AB 457 11.34 35.74 132.64
C GLN AB 457 11.52 35.45 131.15
N SER AB 458 12.45 34.54 130.85
CA SER AB 458 12.71 34.19 129.46
C SER AB 458 11.52 33.48 128.83
N ARG AB 459 11.09 33.96 127.67
CA ARG AB 459 9.93 33.40 126.99
C ARG AB 459 9.98 33.81 125.54
N LEU AB 460 10.01 32.84 124.63
CA LEU AB 460 10.08 33.12 123.20
C LEU AB 460 8.68 33.36 122.65
N GLN AB 461 8.55 34.42 121.85
CA GLN AB 461 7.29 34.72 121.16
C GLN AB 461 7.58 35.04 119.71
N PHE AB 462 6.58 34.80 118.86
CA PHE AB 462 6.73 34.94 117.42
C PHE AB 462 5.57 35.75 116.86
N SER AB 463 5.85 36.53 115.82
CA SER AB 463 4.86 37.40 115.20
C SER AB 463 4.96 37.26 113.69
N GLN AB 464 3.86 37.59 113.01
CA GLN AB 464 3.85 37.69 111.57
C GLN AB 464 4.17 39.12 111.16
N ALA AB 465 5.08 39.29 110.22
CA ALA AB 465 5.57 40.60 109.85
C ALA AB 465 4.62 41.28 108.87
N GLY AB 466 4.36 42.56 109.09
CA GLY AB 466 3.55 43.38 108.21
C GLY AB 466 4.25 44.68 107.90
N ALA AB 467 3.46 45.75 107.77
CA ALA AB 467 4.02 47.05 107.44
C ALA AB 467 4.66 47.73 108.65
N SER AB 468 4.08 47.54 109.85
CA SER AB 468 4.58 48.23 111.02
C SER AB 468 5.95 47.71 111.45
N ASP AB 469 6.21 46.42 111.25
CA ASP AB 469 7.50 45.82 111.55
C ASP AB 469 8.13 45.32 110.27
N ILE AB 470 8.10 46.16 109.24
CA ILE AB 470 8.53 45.80 107.89
C ILE AB 470 9.99 45.36 107.85
N ARG AB 471 10.81 45.76 108.82
CA ARG AB 471 12.21 45.38 108.82
C ARG AB 471 12.42 43.90 109.14
N ASP AB 472 11.43 43.24 109.73
CA ASP AB 472 11.56 41.85 110.15
C ASP AB 472 10.98 40.86 109.14
N GLN AB 473 10.55 41.34 107.97
CA GLN AB 473 9.91 40.47 107.00
C GLN AB 473 10.92 39.49 106.42
N SER AB 474 10.47 38.25 106.20
CA SER AB 474 11.30 37.24 105.55
C SER AB 474 11.51 37.61 104.09
N ARG AB 475 12.74 37.48 103.63
CA ARG AB 475 13.12 37.93 102.29
C ARG AB 475 13.89 36.83 101.58
N ASN AB 476 13.92 36.93 100.25
CA ASN AB 476 14.54 35.91 99.41
C ASN AB 476 15.94 36.29 98.94
N TRP AB 477 16.35 37.55 99.08
CA TRP AB 477 17.58 38.04 98.48
C TRP AB 477 18.38 38.85 99.49
N LEU AB 478 19.64 39.10 99.16
CA LEU AB 478 20.58 39.82 99.99
C LEU AB 478 21.28 40.89 99.17
N PRO AB 479 21.73 41.98 99.82
CA PRO AB 479 22.51 42.99 99.10
C PRO AB 479 23.87 42.46 98.68
N GLY AB 480 24.42 43.06 97.63
CA GLY AB 480 25.65 42.61 97.03
C GLY AB 480 26.85 42.70 97.95
N PRO AB 481 27.99 42.21 97.48
CA PRO AB 481 29.18 42.14 98.33
C PRO AB 481 29.75 43.52 98.63
N CYS AB 482 30.55 43.53 99.70
CA CYS AB 482 31.07 44.80 100.24
C CYS AB 482 32.55 44.71 100.56
N TYR AB 483 33.28 45.82 100.43
CA TYR AB 483 34.68 45.91 100.86
C TYR AB 483 34.86 47.33 101.39
N ARG AB 484 34.72 47.49 102.71
CA ARG AB 484 34.45 48.79 103.30
C ARG AB 484 35.54 49.81 102.97
N GLN AB 485 35.10 51.03 102.68
CA GLN AB 485 35.97 52.17 102.40
C GLN AB 485 35.85 53.20 103.51
N GLN AB 486 36.91 53.97 103.71
CA GLN AB 486 36.84 55.08 104.66
C GLN AB 486 36.00 56.21 104.09
N ARG AB 487 35.28 56.89 104.96
CA ARG AB 487 34.39 57.98 104.58
C ARG AB 487 35.11 59.31 104.71
N VAL AB 488 35.06 60.07 103.62
CA VAL AB 488 35.66 61.43 103.57
C VAL AB 488 34.54 62.39 103.18
N SER AB 489 34.62 63.65 103.60
CA SER AB 489 33.61 64.65 103.33
C SER AB 489 34.15 65.71 102.38
N LYS AB 490 33.27 66.22 101.51
CA LYS AB 490 33.66 67.28 100.56
C LYS AB 490 33.87 68.58 101.36
N THR AB 491 33.19 68.73 102.49
CA THR AB 491 33.44 69.90 103.39
C THR AB 491 34.73 69.60 104.14
N SER AB 492 35.78 70.37 103.91
CA SER AB 492 37.11 70.05 104.49
C SER AB 492 37.10 69.99 106.02
N ALA AB 493 36.47 70.95 106.70
CA ALA AB 493 36.53 70.99 108.15
C ALA AB 493 36.00 69.69 108.77
N ASP AB 494 35.12 68.98 108.06
CA ASP AB 494 34.52 67.77 108.59
C ASP AB 494 35.49 66.60 108.66
N ASN AB 495 36.65 66.69 108.01
CA ASN AB 495 37.59 65.60 107.95
C ASN AB 495 38.59 65.67 109.11
N ASN AB 496 39.18 64.52 109.43
CA ASN AB 496 40.17 64.45 110.48
C ASN AB 496 41.43 65.22 110.08
N ASN AB 497 42.02 65.92 111.04
CA ASN AB 497 43.22 66.73 110.79
C ASN AB 497 44.46 65.84 110.93
N SER AB 498 44.63 64.97 109.92
CA SER AB 498 45.76 64.06 109.89
C SER AB 498 45.95 63.59 108.45
N GLU AB 499 47.09 62.93 108.22
CA GLU AB 499 47.38 62.36 106.88
C GLU AB 499 46.96 60.89 106.93
N TYR AB 500 45.81 60.58 106.33
CA TYR AB 500 45.26 59.23 106.35
C TYR AB 500 44.94 58.72 104.94
N SER AB 501 45.56 59.28 103.91
CA SER AB 501 45.28 58.83 102.55
C SER AB 501 45.80 57.43 102.29
N TRP AB 502 46.72 56.93 103.11
CA TRP AB 502 47.23 55.57 102.97
C TRP AB 502 47.01 54.72 104.21
N THR AB 503 47.17 55.29 105.41
CA THR AB 503 46.94 54.52 106.63
C THR AB 503 45.50 54.07 106.74
N GLY AB 504 44.56 54.96 106.43
CA GLY AB 504 43.15 54.64 106.43
C GLY AB 504 42.61 54.15 105.10
N ALA AB 505 43.49 53.91 104.12
CA ALA AB 505 43.07 53.48 102.80
C ALA AB 505 42.69 52.01 102.78
N THR AB 506 41.81 51.66 101.85
CA THR AB 506 41.43 50.27 101.62
C THR AB 506 42.38 49.64 100.62
N LYS AB 507 43.02 48.54 101.01
CA LYS AB 507 44.12 47.96 100.25
C LYS AB 507 43.93 46.46 100.10
N TYR AB 508 44.56 45.92 99.06
CA TYR AB 508 44.70 44.48 98.90
C TYR AB 508 46.19 44.13 98.86
N HIS AB 509 46.54 42.99 99.43
CA HIS AB 509 47.92 42.56 99.59
C HIS AB 509 48.22 41.48 98.56
N LEU AB 510 49.26 41.69 97.77
CA LEU AB 510 49.63 40.77 96.69
C LEU AB 510 51.15 40.69 96.61
N ASN AB 511 51.71 39.51 96.89
CA ASN AB 511 53.14 39.26 96.80
C ASN AB 511 53.94 40.24 97.67
N GLY AB 512 53.42 40.54 98.86
CA GLY AB 512 54.10 41.42 99.78
C GLY AB 512 53.96 42.90 99.49
N ARG AB 513 53.21 43.27 98.47
CA ARG AB 513 53.00 44.71 98.18
C ARG AB 513 51.53 45.11 98.33
N ASP AB 514 51.27 46.23 98.98
CA ASP AB 514 49.93 46.78 99.15
C ASP AB 514 49.58 47.65 97.95
N SER AB 515 48.44 47.38 97.34
CA SER AB 515 47.91 48.19 96.26
C SER AB 515 46.60 48.83 96.71
N LEU AB 516 46.40 50.08 96.31
CA LEU AB 516 45.16 50.78 96.65
C LEU AB 516 43.99 50.13 95.93
N VAL AB 517 42.89 49.93 96.64
CA VAL AB 517 41.66 49.43 96.06
C VAL AB 517 40.89 50.64 95.54
N ASN AB 518 40.93 50.84 94.23
CA ASN AB 518 40.38 52.04 93.61
C ASN AB 518 39.89 51.72 92.21
N PRO AB 519 38.58 51.81 91.95
CA PRO AB 519 37.49 52.17 92.88
C PRO AB 519 36.95 50.97 93.64
N GLY AB 520 37.38 49.76 93.30
CA GLY AB 520 36.96 48.57 94.01
C GLY AB 520 35.58 48.09 93.61
N PRO AB 521 35.01 47.20 94.44
CA PRO AB 521 33.67 46.67 94.14
C PRO AB 521 32.63 47.78 94.12
N ALA AB 522 31.64 47.62 93.25
CA ALA AB 522 30.61 48.63 93.08
C ALA AB 522 29.75 48.75 94.33
N MET AB 523 29.80 49.92 94.97
CA MET AB 523 29.06 50.18 96.19
C MET AB 523 28.53 51.60 96.15
N ALA AB 524 27.44 51.84 96.88
CA ALA AB 524 26.84 53.16 96.92
C ALA AB 524 27.77 54.15 97.60
N SER AB 525 27.86 55.35 97.02
CA SER AB 525 28.75 56.37 97.58
C SER AB 525 28.28 56.82 98.96
N HIS AB 526 26.97 56.94 99.14
CA HIS AB 526 26.44 57.44 100.40
C HIS AB 526 24.98 57.02 100.53
N LYS AB 527 24.46 57.13 101.74
CA LYS AB 527 23.07 56.83 102.02
C LYS AB 527 22.22 58.08 101.81
N ASP AB 528 20.96 58.03 102.24
CA ASP AB 528 20.06 59.17 102.05
C ASP AB 528 20.58 60.40 102.78
N ASP AB 529 20.48 61.55 102.10
CA ASP AB 529 20.79 62.86 102.69
C ASP AB 529 22.21 62.93 103.21
N GLU AB 530 23.15 62.31 102.50
CA GLU AB 530 24.56 62.37 102.86
C GLU AB 530 25.41 62.55 101.61
N GLU AB 531 24.96 63.43 100.71
CA GLU AB 531 25.63 63.61 99.42
C GLU AB 531 27.03 64.19 99.57
N LYS AB 532 27.35 64.81 100.71
CA LYS AB 532 28.68 65.36 100.91
C LYS AB 532 29.72 64.29 101.21
N PHE AB 533 29.30 63.06 101.51
CA PHE AB 533 30.22 61.99 101.85
C PHE AB 533 30.46 61.09 100.65
N PHE AB 534 31.73 60.72 100.44
CA PHE AB 534 32.10 59.79 99.39
C PHE AB 534 33.19 58.88 99.92
N PRO AB 535 33.28 57.66 99.39
CA PRO AB 535 34.37 56.76 99.81
C PRO AB 535 35.73 57.30 99.42
N GLN AB 536 36.73 56.99 100.24
CA GLN AB 536 38.05 57.57 100.05
C GLN AB 536 38.66 57.20 98.72
N SER AB 537 38.52 55.93 98.31
CA SER AB 537 38.99 55.49 97.00
C SER AB 537 37.95 54.59 96.34
N GLY AB 538 36.68 54.90 96.55
CA GLY AB 538 35.59 54.08 96.02
C GLY AB 538 34.81 54.67 94.88
N VAL AB 539 35.19 55.83 94.36
CA VAL AB 539 34.51 56.46 93.24
C VAL AB 539 35.54 56.93 92.22
N LEU AB 540 35.12 57.04 90.97
CA LEU AB 540 35.95 57.64 89.95
C LEU AB 540 36.01 59.15 90.16
N ILE AB 541 37.21 59.72 90.03
CA ILE AB 541 37.43 61.15 90.18
C ILE AB 541 38.03 61.65 88.87
N PHE AB 542 37.29 62.51 88.18
CA PHE AB 542 37.74 63.10 86.93
C PHE AB 542 38.26 64.51 87.18
N GLY AB 543 39.28 64.89 86.41
CA GLY AB 543 39.85 66.23 86.53
C GLY AB 543 39.10 67.22 85.64
N LYS AB 544 38.91 68.42 86.17
CA LYS AB 544 38.37 69.50 85.37
C LYS AB 544 39.41 69.96 84.36
N GLN AB 545 38.97 70.78 83.41
CA GLN AB 545 39.88 71.28 82.38
C GLN AB 545 40.96 72.13 83.01
N GLY AB 546 42.21 71.88 82.62
CA GLY AB 546 43.34 72.61 83.14
C GLY AB 546 43.87 72.13 84.47
N SER AB 547 43.35 71.01 84.98
CA SER AB 547 43.75 70.51 86.31
C SER AB 547 45.16 69.92 86.24
N GLU AB 548 45.99 70.17 87.27
CA GLU AB 548 47.34 69.67 87.30
C GLU AB 548 47.36 68.19 87.66
N LYS AB 549 48.54 67.66 87.92
CA LYS AB 549 48.69 66.23 88.17
C LYS AB 549 48.76 65.89 89.65
N THR AB 550 49.45 66.70 90.45
CA THR AB 550 49.76 66.36 91.83
C THR AB 550 49.07 67.33 92.79
N ASN AB 551 48.32 66.77 93.73
CA ASN AB 551 47.78 67.50 94.89
C ASN AB 551 46.93 68.70 94.48
N VAL AB 552 45.99 68.47 93.57
CA VAL AB 552 45.02 69.49 93.20
C VAL AB 552 43.92 69.52 94.24
N ASP AB 553 43.29 70.68 94.40
CA ASP AB 553 42.25 70.84 95.39
C ASP AB 553 40.97 70.12 94.96
N ILE AB 554 40.02 70.04 95.89
CA ILE AB 554 38.77 69.34 95.59
C ILE AB 554 37.95 70.09 94.55
N GLU AB 555 38.06 71.43 94.52
CA GLU AB 555 37.34 72.21 93.53
C GLU AB 555 37.91 72.04 92.13
N LYS AB 556 39.09 71.43 91.99
CA LYS AB 556 39.69 71.16 90.70
C LYS AB 556 39.27 69.82 90.12
N VAL AB 557 38.56 69.00 90.87
CA VAL AB 557 38.17 67.67 90.43
C VAL AB 557 36.66 67.51 90.56
N MET AB 558 36.12 66.57 89.79
CA MET AB 558 34.70 66.24 89.81
C MET AB 558 34.55 64.80 90.28
N ILE AB 559 33.93 64.64 91.45
CA ILE AB 559 33.79 63.33 92.08
C ILE AB 559 32.46 62.73 91.67
N THR AB 560 32.49 61.51 91.15
CA THR AB 560 31.28 60.85 90.69
C THR AB 560 30.46 60.32 91.87
N ASP AB 561 29.21 60.02 91.58
CA ASP AB 561 28.30 59.51 92.63
C ASP AB 561 27.65 58.22 92.15
N GLU AB 562 27.64 57.20 92.98
CA GLU AB 562 27.03 55.91 92.71
C GLU AB 562 25.84 55.67 93.62
N GLU AB 563 25.01 56.70 93.82
CA GLU AB 563 23.87 56.59 94.71
C GLU AB 563 22.70 55.84 94.08
N GLU AB 564 22.67 55.71 92.75
CA GLU AB 564 21.55 55.03 92.11
C GLU AB 564 21.53 53.54 92.39
N ILE AB 565 22.62 52.97 92.90
CA ILE AB 565 22.71 51.54 93.15
C ILE AB 565 22.56 51.21 94.64
N ARG AB 566 22.21 52.20 95.47
CA ARG AB 566 22.01 51.93 96.88
C ARG AB 566 20.76 51.12 97.15
N THR AB 567 19.92 50.90 96.14
CA THR AB 567 18.75 50.04 96.31
C THR AB 567 19.15 48.58 96.52
N THR AB 568 20.23 48.13 95.87
CA THR AB 568 20.69 46.75 95.98
C THR AB 568 22.10 46.61 96.51
N ASN AB 569 22.90 47.65 96.49
CA ASN AB 569 24.30 47.56 96.91
C ASN AB 569 24.52 48.26 98.23
N PRO AB 570 25.33 47.69 99.11
CA PRO AB 570 25.60 48.34 100.40
C PRO AB 570 26.36 49.64 100.22
N VAL AB 571 26.17 50.56 101.17
CA VAL AB 571 26.91 51.80 101.16
C VAL AB 571 28.39 51.50 101.40
N ALA AB 572 29.25 52.17 100.63
CA ALA AB 572 30.67 51.85 100.64
C ALA AB 572 31.31 52.07 102.00
N THR AB 573 30.89 53.10 102.70
CA THR AB 573 31.54 53.51 103.94
C THR AB 573 30.93 52.86 105.18
N GLU AB 574 29.93 52.00 105.01
CA GLU AB 574 29.26 51.37 106.13
C GLU AB 574 29.44 49.85 106.06
N GLN AB 575 29.11 49.19 107.16
CA GLN AB 575 29.22 47.74 107.23
C GLN AB 575 28.13 47.08 106.38
N TYR AB 576 28.41 45.86 105.94
CA TYR AB 576 27.40 45.07 105.24
C TYR AB 576 26.24 44.73 106.17
N GLY AB 577 26.55 44.37 107.41
CA GLY AB 577 25.51 43.96 108.34
C GLY AB 577 26.13 43.48 109.64
N SER AB 578 25.39 42.63 110.35
CA SER AB 578 25.83 42.08 111.61
C SER AB 578 25.60 40.57 111.63
N VAL AB 579 26.51 39.87 112.31
CA VAL AB 579 26.41 38.44 112.50
C VAL AB 579 26.63 38.13 113.97
N SER AB 580 26.12 36.98 114.40
CA SER AB 580 26.33 36.53 115.77
C SER AB 580 27.76 36.02 115.95
N THR AB 581 28.31 36.24 117.14
CA THR AB 581 29.67 35.84 117.44
C THR AB 581 29.79 34.86 118.60
N ASN AB 582 28.70 34.56 119.30
CA ASN AB 582 28.74 33.65 120.43
C ASN AB 582 27.43 32.87 120.49
N LEU AB 583 27.22 32.15 121.59
CA LEU AB 583 26.00 31.40 121.83
C LEU AB 583 25.37 31.89 123.13
N GLN AB 584 24.24 32.59 123.01
CA GLN AB 584 23.53 33.05 124.18
C GLN AB 584 22.97 31.87 124.98
N ARG AB 585 22.95 32.06 126.29
CA ARG AB 585 22.50 30.98 127.20
C ARG AB 585 22.07 31.58 128.52
N GLY AB 586 21.01 31.04 129.13
CA GLY AB 586 20.59 31.47 130.44
C GLY AB 586 21.25 30.68 131.55
N ASN AB 587 20.82 30.98 132.78
CA ASN AB 587 21.45 30.35 133.97
C ASN AB 587 20.96 28.91 134.14
N THR AB 594 27.20 30.20 133.78
CA THR AB 594 26.55 31.52 134.05
C THR AB 594 25.77 31.93 132.80
N SER AB 595 25.10 33.10 132.82
CA SER AB 595 24.43 33.45 131.58
C SER AB 595 25.36 34.21 130.65
N ARG AB 596 25.11 34.08 129.35
CA ARG AB 596 25.86 34.79 128.32
C ARG AB 596 24.87 35.49 127.40
N GLN AB 597 25.03 36.80 127.24
CA GLN AB 597 24.14 37.56 126.37
C GLN AB 597 24.61 37.50 124.93
N ALA AB 598 23.65 37.56 124.01
CA ALA AB 598 23.96 37.48 122.59
C ALA AB 598 24.82 38.65 122.15
N ALA AB 599 25.85 38.35 121.35
CA ALA AB 599 26.78 39.35 120.88
C ALA AB 599 26.80 39.35 119.35
N THR AB 600 27.04 40.53 118.78
CA THR AB 600 27.08 40.71 117.34
C THR AB 600 28.32 41.51 116.96
N ALA AB 601 28.75 41.33 115.71
CA ALA AB 601 29.89 42.05 115.17
C ALA AB 601 29.55 42.61 113.80
N ASP AB 602 30.17 43.74 113.48
CA ASP AB 602 30.00 44.32 112.15
C ASP AB 602 30.75 43.51 111.11
N VAL AB 603 30.17 43.41 109.92
CA VAL AB 603 30.78 42.70 108.80
C VAL AB 603 31.29 43.77 107.85
N ASN AB 604 32.57 44.13 108.03
CA ASN AB 604 33.18 45.16 107.20
C ASN AB 604 33.57 44.65 105.82
N THR AB 605 33.72 43.34 105.66
CA THR AB 605 33.99 42.73 104.37
C THR AB 605 33.10 41.52 104.20
N GLN AB 606 32.39 41.45 103.09
CA GLN AB 606 31.45 40.37 102.82
C GLN AB 606 31.70 39.83 101.43
N GLY AB 607 32.00 38.53 101.33
CA GLY AB 607 32.10 37.87 100.05
C GLY AB 607 30.74 37.55 99.48
N VAL AB 608 30.75 36.99 98.28
CA VAL AB 608 29.50 36.68 97.59
C VAL AB 608 28.83 35.49 98.26
N LEU AB 609 27.55 35.64 98.56
CA LEU AB 609 26.71 34.61 99.14
C LEU AB 609 25.64 34.19 98.15
N PRO AB 610 25.15 32.95 98.23
CA PRO AB 610 24.01 32.57 97.38
C PRO AB 610 22.79 33.43 97.67
N GLY AB 611 22.09 33.80 96.61
CA GLY AB 611 20.96 34.70 96.71
C GLY AB 611 21.32 36.17 96.69
N MET AB 612 22.59 36.52 96.47
CA MET AB 612 23.03 37.94 96.48
C MET AB 612 22.78 38.57 95.11
N VAL AB 613 22.27 39.80 95.08
CA VAL AB 613 22.00 40.59 93.88
C VAL AB 613 22.68 41.94 94.03
N TRP AB 614 23.22 42.46 92.93
CA TRP AB 614 23.96 43.71 92.96
C TRP AB 614 23.92 44.36 91.59
N GLN AB 615 24.29 45.63 91.55
CA GLN AB 615 24.44 46.38 90.32
C GLN AB 615 25.91 46.74 90.10
N ASP AB 616 26.33 46.74 88.85
CA ASP AB 616 27.71 47.08 88.54
C ASP AB 616 27.92 48.59 88.60
N ARG AB 617 29.18 49.01 88.50
CA ARG AB 617 29.50 50.42 88.53
C ARG AB 617 29.00 51.10 87.25
N ASP AB 618 28.55 52.34 87.40
CA ASP AB 618 28.05 53.10 86.26
C ASP AB 618 29.18 53.49 85.33
N VAL AB 619 28.84 53.69 84.07
CA VAL AB 619 29.78 54.22 83.07
C VAL AB 619 29.47 55.69 82.86
N TYR AB 620 30.49 56.44 82.45
CA TYR AB 620 30.39 57.88 82.31
C TYR AB 620 30.89 58.29 80.93
N LEU AB 621 30.52 59.51 80.54
CA LEU AB 621 30.96 60.01 79.24
C LEU AB 621 32.48 60.11 79.19
N GLN AB 622 33.11 60.55 80.27
CA GLN AB 622 34.56 60.60 80.37
C GLN AB 622 35.17 59.28 80.81
N GLY AB 623 34.35 58.27 81.12
CA GLY AB 623 34.84 57.03 81.66
C GLY AB 623 35.28 56.05 80.61
N PRO AB 624 35.93 54.96 81.04
CA PRO AB 624 36.35 53.93 80.10
C PRO AB 624 35.17 53.10 79.59
N ILE AB 625 35.37 52.50 78.43
CA ILE AB 625 34.35 51.69 77.78
C ILE AB 625 34.51 50.21 78.12
N TRP AB 626 35.73 49.69 77.99
CA TRP AB 626 35.96 48.26 78.13
C TRP AB 626 37.27 48.02 78.87
N ALA AB 627 37.53 46.74 79.14
CA ALA AB 627 38.80 46.29 79.67
C ALA AB 627 38.97 44.82 79.30
N LYS AB 628 40.23 44.38 79.25
CA LYS AB 628 40.52 43.00 78.93
C LYS AB 628 40.44 42.14 80.19
N ILE AB 629 39.62 41.10 80.13
CA ILE AB 629 39.56 40.15 81.25
C ILE AB 629 40.88 39.38 81.33
N PRO AB 630 41.55 39.36 82.48
CA PRO AB 630 42.83 38.66 82.57
C PRO AB 630 42.68 37.18 82.23
N HIS AB 631 43.68 36.63 81.56
CA HIS AB 631 43.69 35.22 81.18
C HIS AB 631 44.05 34.40 82.41
N THR AB 632 43.02 34.00 83.16
CA THR AB 632 43.20 33.27 84.40
C THR AB 632 42.26 32.06 84.40
N ASP AB 633 42.55 31.11 85.27
CA ASP AB 633 41.73 29.87 85.35
C ASP AB 633 40.33 30.22 85.84
N GLY AB 634 40.23 31.13 86.81
CA GLY AB 634 38.95 31.48 87.36
C GLY AB 634 38.80 32.98 87.54
N HIS AB 635 37.55 33.43 87.42
CA HIS AB 635 37.16 34.80 87.70
C HIS AB 635 35.67 34.82 87.94
N PHE AB 636 35.23 35.75 88.79
CA PHE AB 636 33.82 35.88 89.13
C PHE AB 636 33.33 37.23 88.68
N HIS AB 637 32.27 37.23 87.87
CA HIS AB 637 31.63 38.45 87.36
C HIS AB 637 32.68 39.39 86.77
N PRO AB 638 33.25 39.07 85.61
CA PRO AB 638 34.36 39.85 85.05
C PRO AB 638 33.94 41.18 84.42
N SER AB 639 33.13 41.94 85.14
CA SER AB 639 32.89 43.34 84.80
C SER AB 639 34.01 44.20 85.38
N PRO AB 640 34.63 45.06 84.59
CA PRO AB 640 35.73 45.89 85.11
C PRO AB 640 35.26 46.74 86.28
N LEU AB 641 36.13 46.83 87.30
CA LEU AB 641 35.77 47.57 88.50
C LEU AB 641 35.71 49.06 88.26
N MET AB 642 36.49 49.57 87.30
CA MET AB 642 36.44 50.97 86.93
C MET AB 642 35.20 51.32 86.12
N GLY AB 643 34.44 50.33 85.67
CA GLY AB 643 33.24 50.54 84.89
C GLY AB 643 33.44 50.18 83.43
N GLY AB 644 32.41 49.56 82.86
CA GLY AB 644 32.47 49.19 81.46
C GLY AB 644 32.15 47.75 81.15
N PHE AB 645 32.63 47.26 80.01
CA PHE AB 645 32.33 45.92 79.52
C PHE AB 645 33.58 45.06 79.61
N GLY AB 646 33.47 43.92 80.28
CA GLY AB 646 34.56 42.98 80.33
C GLY AB 646 34.64 42.12 79.08
N LEU AB 647 35.78 42.14 78.40
CA LEU AB 647 35.93 41.44 77.12
C LEU AB 647 37.10 40.48 77.22
N LYS AB 648 36.84 39.20 76.90
CA LYS AB 648 37.93 38.24 76.82
C LYS AB 648 38.84 38.54 75.64
N HIS AB 649 38.26 39.02 74.54
CA HIS AB 649 39.00 39.46 73.36
C HIS AB 649 38.59 40.90 73.08
N PRO AB 650 39.20 41.87 73.76
CA PRO AB 650 38.82 43.27 73.57
C PRO AB 650 39.34 43.79 72.23
N PRO AB 651 38.98 45.01 71.84
CA PRO AB 651 39.56 45.59 70.63
C PRO AB 651 41.07 45.58 70.71
N PRO AB 652 41.74 45.07 69.66
CA PRO AB 652 43.19 44.90 69.74
C PRO AB 652 43.93 46.22 69.82
N GLN AB 653 45.10 46.18 70.45
CA GLN AB 653 45.97 47.34 70.48
C GLN AB 653 46.49 47.64 69.07
N ILE AB 654 46.47 48.91 68.70
CA ILE AB 654 46.94 49.37 67.40
C ILE AB 654 48.25 50.11 67.64
N LEU AB 655 49.35 49.53 67.18
CA LEU AB 655 50.68 50.07 67.42
C LEU AB 655 51.18 50.77 66.16
N ILE AB 656 51.71 51.98 66.32
CA ILE AB 656 52.19 52.78 65.21
C ILE AB 656 53.52 53.41 65.61
N LYS AB 657 54.47 53.43 64.68
CA LYS AB 657 55.75 54.10 64.91
C LYS AB 657 56.32 54.55 63.59
N ASN AB 658 57.22 55.53 63.66
CA ASN AB 658 57.91 56.02 62.47
C ASN AB 658 59.09 55.11 62.16
N THR AB 659 59.24 54.75 60.90
CA THR AB 659 60.38 53.93 60.49
C THR AB 659 61.66 54.76 60.61
N PRO AB 660 62.67 54.26 61.32
CA PRO AB 660 63.92 55.03 61.46
C PRO AB 660 64.61 55.20 60.12
N VAL AB 661 64.98 56.43 59.81
CA VAL AB 661 65.70 56.76 58.59
C VAL AB 661 67.12 57.13 58.98
N PRO AB 662 68.12 56.31 58.67
CA PRO AB 662 69.50 56.62 59.07
C PRO AB 662 69.99 57.90 58.42
N ALA AB 663 70.82 58.62 59.16
CA ALA AB 663 71.47 59.82 58.66
C ALA AB 663 72.66 59.42 57.79
N ASN AB 664 73.52 60.37 57.46
CA ASN AB 664 74.63 60.10 56.55
C ASN AB 664 75.58 59.08 57.15
N PRO AB 665 75.79 57.93 56.51
CA PRO AB 665 76.72 56.93 57.04
C PRO AB 665 78.17 57.24 56.66
N SER AB 666 79.06 56.54 57.36
CA SER AB 666 80.51 56.67 57.09
C SER AB 666 80.84 55.89 55.82
N THR AB 667 81.77 56.40 55.03
CA THR AB 667 82.20 55.71 53.82
C THR AB 667 82.98 54.44 54.12
N THR AB 668 83.45 54.26 55.35
CA THR AB 668 84.11 53.04 55.78
C THR AB 668 83.12 52.20 56.59
N PHE AB 669 83.16 50.89 56.38
CA PHE AB 669 82.22 50.01 57.06
C PHE AB 669 82.46 50.01 58.56
N SER AB 670 81.38 50.07 59.32
CA SER AB 670 81.42 49.98 60.77
C SER AB 670 80.35 48.99 61.23
N ALA AB 671 80.75 48.04 62.06
CA ALA AB 671 79.82 47.04 62.56
C ALA AB 671 78.94 47.56 63.68
N ALA AB 672 79.23 48.74 64.22
CA ALA AB 672 78.40 49.33 65.26
C ALA AB 672 77.03 49.67 64.70
N LYS AB 673 76.00 49.42 65.50
CA LYS AB 673 74.64 49.74 65.06
C LYS AB 673 74.47 51.25 64.90
N PHE AB 674 73.57 51.61 63.99
CA PHE AB 674 73.36 53.05 63.68
C PHE AB 674 72.82 53.79 64.89
N ALA AB 675 73.43 54.93 65.21
CA ALA AB 675 72.99 55.78 66.30
C ALA AB 675 72.58 57.17 65.85
N SER AB 676 72.80 57.53 64.58
CA SER AB 676 72.43 58.82 64.05
C SER AB 676 71.30 58.64 63.05
N PHE AB 677 70.22 59.39 63.24
CA PHE AB 677 69.03 59.28 62.40
C PHE AB 677 68.53 60.68 62.04
N ILE AB 678 67.75 60.74 60.97
CA ILE AB 678 67.11 61.99 60.58
C ILE AB 678 65.91 62.21 61.50
N THR AB 679 65.87 63.37 62.15
CA THR AB 679 64.76 63.68 63.04
C THR AB 679 63.48 63.84 62.23
N GLN AB 680 62.43 63.15 62.65
CA GLN AB 680 61.19 63.21 61.90
C GLN AB 680 60.03 62.78 62.79
N TYR AB 681 58.83 63.25 62.41
CA TYR AB 681 57.59 62.87 63.04
C TYR AB 681 56.56 62.63 61.95
N SER AB 682 55.38 62.18 62.35
CA SER AB 682 54.31 61.95 61.40
C SER AB 682 53.01 62.55 61.92
N THR AB 683 52.13 62.90 60.99
CA THR AB 683 50.81 63.39 61.32
C THR AB 683 49.82 62.77 60.34
N GLY AB 684 48.56 62.70 60.76
CA GLY AB 684 47.56 62.08 59.93
C GLY AB 684 46.20 62.14 60.58
N GLN AB 685 45.26 61.39 60.01
CA GLN AB 685 43.90 61.32 60.51
C GLN AB 685 43.57 59.90 60.93
N VAL AB 686 42.77 59.77 61.97
CA VAL AB 686 42.33 58.49 62.50
C VAL AB 686 40.81 58.49 62.59
N SER AB 687 40.19 57.40 62.16
CA SER AB 687 38.74 57.25 62.18
C SER AB 687 38.35 56.02 62.98
N VAL AB 688 37.41 56.18 63.90
CA VAL AB 688 36.86 55.09 64.69
C VAL AB 688 35.36 55.11 64.54
N GLU AB 689 34.78 54.01 64.07
CA GLU AB 689 33.34 53.87 63.94
C GLU AB 689 32.87 52.66 64.72
N ILE AB 690 31.98 52.87 65.69
CA ILE AB 690 31.49 51.82 66.55
C ILE AB 690 29.97 51.74 66.40
N GLU AB 691 29.46 50.53 66.19
CA GLU AB 691 28.03 50.27 66.19
C GLU AB 691 27.62 49.78 67.58
N TRP AB 692 26.60 50.42 68.15
CA TRP AB 692 26.11 50.09 69.48
C TRP AB 692 24.68 49.57 69.36
N GLU AB 693 24.35 48.57 70.16
CA GLU AB 693 23.00 48.04 70.24
C GLU AB 693 22.29 48.65 71.45
N LEU AB 694 21.03 49.03 71.26
CA LEU AB 694 20.25 49.70 72.27
C LEU AB 694 19.17 48.77 72.83
N GLN AB 695 18.92 48.91 74.12
CA GLN AB 695 17.84 48.20 74.80
C GLN AB 695 16.78 49.25 75.12
N LYS AB 696 15.72 49.26 74.32
CA LYS AB 696 14.71 50.32 74.43
C LYS AB 696 13.95 50.21 75.74
N GLU AB 697 13.70 51.37 76.35
CA GLU AB 697 12.92 51.42 77.59
C GLU AB 697 11.47 51.04 77.32
N ASN AB 698 10.91 50.20 78.20
CA ASN AB 698 9.55 49.70 78.08
C ASN AB 698 8.82 49.87 79.41
N SER AB 699 8.94 51.05 80.00
CA SER AB 699 8.39 51.29 81.33
C SER AB 699 6.89 51.55 81.26
N LYS AB 700 6.19 51.30 82.36
CA LYS AB 700 4.73 51.57 82.46
C LYS AB 700 4.46 52.50 83.64
N ARG AB 701 5.46 53.23 84.13
CA ARG AB 701 5.22 54.18 85.20
C ARG AB 701 4.38 55.34 84.68
N TRP AB 702 3.62 55.95 85.59
CA TRP AB 702 2.69 57.00 85.22
C TRP AB 702 3.31 58.39 85.27
N ASN AB 703 3.95 58.72 86.37
CA ASN AB 703 4.53 60.05 86.54
C ASN AB 703 5.85 60.18 85.77
N PRO AB 704 6.27 61.41 85.39
CA PRO AB 704 7.48 61.59 84.58
C PRO AB 704 8.76 61.07 85.28
N GLU AB 705 9.82 60.82 84.52
CA GLU AB 705 11.08 60.24 85.07
C GLU AB 705 12.15 61.31 85.23
N ILE AB 706 13.25 60.99 85.91
CA ILE AB 706 14.38 61.97 85.90
C ILE AB 706 15.13 61.89 84.57
N GLN AB 707 15.39 63.02 83.93
CA GLN AB 707 16.16 63.03 82.70
C GLN AB 707 17.31 64.02 82.85
N TYR AB 708 18.43 63.72 82.18
CA TYR AB 708 19.52 64.68 82.13
C TYR AB 708 19.13 65.86 81.25
N THR AB 709 19.44 67.06 81.69
CA THR AB 709 19.04 68.27 80.98
C THR AB 709 20.07 69.36 81.19
N SER AB 710 20.08 70.30 80.27
CA SER AB 710 20.95 71.49 80.43
C SER AB 710 20.22 72.47 81.34
N ASN AB 711 20.92 73.40 81.98
CA ASN AB 711 20.20 74.32 82.89
C ASN AB 711 19.79 75.53 82.07
N TYR AB 712 18.53 75.96 82.18
CA TYR AB 712 18.02 77.05 81.32
C TYR AB 712 18.62 78.40 81.74
N ASN AB 713 18.95 78.58 83.02
CA ASN AB 713 19.39 79.91 83.43
C ASN AB 713 20.61 80.37 82.63
N LYS AB 714 20.70 81.69 82.48
CA LYS AB 714 21.81 82.29 81.72
C LYS AB 714 23.15 82.01 82.39
N SER AB 715 24.19 81.97 81.59
CA SER AB 715 25.53 81.74 82.10
C SER AB 715 26.53 82.39 81.18
N ILE AB 716 27.74 82.61 81.70
CA ILE AB 716 28.81 83.19 80.89
C ILE AB 716 29.20 82.24 79.76
N ASN AB 717 29.30 80.95 80.07
CA ASN AB 717 29.67 79.93 79.10
C ASN AB 717 28.59 78.86 79.02
N VAL AB 718 28.42 78.31 77.83
CA VAL AB 718 27.52 77.18 77.63
C VAL AB 718 28.27 75.90 78.00
N ASP AB 719 27.56 74.95 78.60
CA ASP AB 719 28.17 73.70 79.01
C ASP AB 719 28.57 72.87 77.79
N PHE AB 720 29.70 72.18 77.91
CA PHE AB 720 30.22 71.29 76.86
C PHE AB 720 30.45 72.04 75.55
N THR AB 721 30.96 73.26 75.66
CA THR AB 721 31.36 74.06 74.50
C THR AB 721 32.75 74.60 74.75
N VAL AB 722 33.20 75.48 73.86
CA VAL AB 722 34.50 76.12 74.00
C VAL AB 722 34.29 77.50 74.63
N ASP AB 723 35.32 77.99 75.31
CA ASP AB 723 35.28 79.32 75.91
C ASP AB 723 35.87 80.34 74.93
N THR AB 724 36.14 81.53 75.42
CA THR AB 724 36.68 82.61 74.55
C THR AB 724 38.09 82.23 74.10
N ASN AB 725 38.71 81.26 74.77
CA ASN AB 725 40.06 80.77 74.35
C ASN AB 725 39.90 79.57 73.43
N GLY AB 726 38.65 79.18 73.13
CA GLY AB 726 38.40 78.01 72.27
C GLY AB 726 38.79 76.72 72.97
N VAL AB 727 38.86 76.74 74.30
CA VAL AB 727 39.26 75.54 75.08
C VAL AB 727 38.01 74.73 75.41
N TYR AB 728 37.94 73.48 74.94
CA TYR AB 728 36.78 72.64 75.23
C TYR AB 728 36.88 72.09 76.65
N SER AB 729 35.77 72.11 77.37
CA SER AB 729 35.72 71.61 78.73
C SER AB 729 34.46 70.78 78.92
N GLU AB 730 34.54 69.83 79.85
CA GLU AB 730 33.40 69.01 80.25
C GLU AB 730 33.04 69.38 81.69
N PRO AB 731 31.99 70.16 81.91
CA PRO AB 731 31.77 70.73 83.25
C PRO AB 731 31.51 69.70 84.33
N ARG AB 732 30.86 68.58 84.04
CA ARG AB 732 30.52 67.60 85.07
C ARG AB 732 30.52 66.22 84.45
N PRO AB 733 30.70 65.17 85.26
CA PRO AB 733 30.52 63.82 84.75
C PRO AB 733 29.05 63.49 84.58
N ILE AB 734 28.73 62.84 83.47
CA ILE AB 734 27.36 62.40 83.20
C ILE AB 734 27.35 60.88 83.20
N GLY AB 735 26.53 60.30 84.07
CA GLY AB 735 26.32 58.87 84.09
C GLY AB 735 25.31 58.45 83.05
N THR AB 736 24.73 57.27 83.27
CA THR AB 736 23.70 56.76 82.38
C THR AB 736 22.40 56.40 83.07
N ARG AB 737 22.34 56.46 84.39
CA ARG AB 737 21.23 55.88 85.15
C ARG AB 737 20.24 56.98 85.51
N TYR AB 738 19.36 57.28 84.56
CA TYR AB 738 18.30 58.27 84.75
C TYR AB 738 16.90 57.67 84.64
N LEU AB 739 16.67 56.77 83.69
CA LEU AB 739 15.42 56.05 83.65
C LEU AB 739 15.34 55.05 84.80
N THR AB 740 14.14 54.59 85.09
CA THR AB 740 13.91 53.69 86.21
C THR AB 740 13.25 52.41 85.73
N ARG AB 741 13.59 51.32 86.43
CA ARG AB 741 12.96 50.00 86.17
C ARG AB 741 12.69 49.36 87.53
N ASN AB 742 11.64 48.55 87.66
CA ASN AB 742 11.35 47.82 88.89
C ASN AB 742 12.38 46.71 89.10
N LEU AB 743 12.59 46.37 90.37
CA LEU AB 743 13.48 45.26 90.71
C LEU AB 743 12.92 43.92 90.24
N ALA BB 218 84.09 -21.78 -0.07
CA ALA BB 218 83.20 -20.98 0.80
C ALA BB 218 83.84 -19.63 1.08
N ASP BB 219 85.14 -19.63 1.32
CA ASP BB 219 85.83 -18.38 1.73
C ASP BB 219 87.06 -18.18 0.83
N GLY BB 220 87.17 -18.98 -0.24
CA GLY BB 220 88.28 -18.75 -1.18
C GLY BB 220 89.60 -18.50 -0.46
N VAL BB 221 90.41 -17.57 -0.99
CA VAL BB 221 91.76 -17.34 -0.39
C VAL BB 221 91.70 -15.96 0.23
N GLY BB 222 91.89 -15.87 1.53
CA GLY BB 222 91.92 -14.63 2.26
C GLY BB 222 90.73 -14.38 3.15
N ASN BB 223 89.75 -15.27 3.16
CA ASN BB 223 88.60 -15.14 4.05
C ASN BB 223 88.62 -16.29 5.04
N SER BB 224 88.57 -15.97 6.33
CA SER BB 224 88.61 -16.98 7.36
C SER BB 224 87.30 -17.77 7.39
N SER BB 225 87.41 -19.09 7.56
CA SER BB 225 86.26 -19.97 7.59
C SER BB 225 85.87 -20.39 9.01
N GLY BB 226 86.46 -19.77 10.02
CA GLY BB 226 86.11 -20.10 11.39
C GLY BB 226 86.84 -19.18 12.36
N ASN BB 227 86.47 -19.31 13.62
CA ASN BB 227 87.04 -18.51 14.70
C ASN BB 227 87.54 -19.43 15.80
N TRP BB 228 88.36 -18.87 16.68
CA TRP BB 228 88.92 -19.60 17.81
C TRP BB 228 87.94 -19.58 18.96
N HIS BB 229 87.39 -20.74 19.30
CA HIS BB 229 86.42 -20.87 20.41
C HIS BB 229 86.99 -21.86 21.42
N CYS BB 230 87.68 -21.38 22.43
CA CYS BB 230 88.21 -22.26 23.50
C CYS BB 230 87.71 -21.68 24.83
N ASP BB 231 86.74 -22.35 25.47
CA ASP BB 231 86.15 -21.79 26.72
C ASP BB 231 85.18 -22.78 27.35
N SER BB 232 84.65 -22.46 28.54
CA SER BB 232 83.62 -23.32 29.09
C SER BB 232 82.54 -22.47 29.74
N THR BB 233 81.30 -22.91 29.61
CA THR BB 233 80.15 -22.22 30.17
C THR BB 233 79.42 -23.16 31.12
N TRP BB 234 79.23 -22.73 32.35
CA TRP BB 234 78.49 -23.49 33.36
C TRP BB 234 77.11 -22.87 33.50
N MET BB 235 76.08 -23.67 33.20
CA MET BB 235 74.69 -23.16 33.28
C MET BB 235 73.84 -24.22 34.01
N GLY BB 236 73.67 -24.06 35.32
CA GLY BB 236 72.85 -24.98 36.09
C GLY BB 236 73.44 -26.38 36.10
N ASP BB 237 72.67 -27.34 35.60
CA ASP BB 237 73.08 -28.74 35.55
C ASP BB 237 73.80 -29.09 34.27
N ARG BB 238 74.40 -28.12 33.58
CA ARG BB 238 75.13 -28.36 32.35
C ARG BB 238 76.44 -27.59 32.37
N VAL BB 239 77.47 -28.17 31.74
CA VAL BB 239 78.70 -27.47 31.46
C VAL BB 239 79.09 -27.78 30.02
N THR BB 240 79.30 -26.75 29.21
CA THR BB 240 79.68 -26.89 27.82
C THR BB 240 81.14 -26.48 27.68
N THR BB 241 82.00 -27.42 27.32
CA THR BB 241 83.41 -27.17 27.13
C THR BB 241 83.73 -27.14 25.64
N THR BB 242 84.41 -26.09 25.20
CA THR BB 242 84.83 -25.93 23.82
C THR BB 242 86.35 -25.79 23.76
N SER BB 243 86.97 -26.46 22.79
CA SER BB 243 88.42 -26.43 22.66
C SER BB 243 88.79 -26.23 21.20
N THR BB 244 89.83 -25.44 20.96
CA THR BB 244 90.37 -25.25 19.62
C THR BB 244 91.86 -25.52 19.65
N ARG BB 245 92.36 -26.24 18.64
CA ARG BB 245 93.76 -26.57 18.54
C ARG BB 245 94.21 -26.38 17.10
N THR BB 246 95.52 -26.23 16.93
CA THR BB 246 96.14 -26.16 15.60
C THR BB 246 96.80 -27.50 15.31
N TRP BB 247 96.43 -28.11 14.20
CA TRP BB 247 96.91 -29.43 13.82
C TRP BB 247 97.77 -29.37 12.57
N ALA BB 248 98.65 -30.35 12.43
CA ALA BB 248 99.47 -30.53 11.25
C ALA BB 248 99.29 -31.95 10.74
N LEU BB 249 98.98 -32.09 9.47
CA LEU BB 249 98.73 -33.40 8.86
C LEU BB 249 99.72 -33.64 7.74
N PRO BB 250 100.66 -34.56 7.89
CA PRO BB 250 101.60 -34.88 6.82
C PRO BB 250 100.97 -35.85 5.83
N THR BB 251 101.77 -36.26 4.85
CA THR BB 251 101.39 -37.33 3.93
C THR BB 251 101.88 -38.65 4.50
N TYR BB 252 100.96 -39.58 4.69
CA TYR BB 252 101.27 -40.85 5.34
C TYR BB 252 101.40 -41.96 4.30
N ASN BB 253 102.44 -42.78 4.45
CA ASN BB 253 102.71 -43.94 3.60
C ASN BB 253 102.92 -43.56 2.15
N ASN BB 254 103.18 -42.28 1.86
CA ASN BB 254 103.30 -41.79 0.50
C ASN BB 254 102.06 -42.13 -0.32
N HIS BB 255 100.89 -41.83 0.26
CA HIS BB 255 99.58 -42.02 -0.37
C HIS BB 255 99.26 -43.48 -0.66
N LEU BB 256 99.81 -44.42 0.11
CA LEU BB 256 99.67 -45.83 -0.17
C LEU BB 256 99.03 -46.57 1.00
N TYR BB 257 98.43 -47.71 0.69
CA TYR BB 257 97.94 -48.61 1.75
C TYR BB 257 98.98 -49.73 1.77
N LYS BB 258 99.54 -50.07 2.93
CA LYS BB 258 100.58 -51.06 3.08
C LYS BB 258 100.12 -52.13 4.06
N GLN BB 259 100.21 -53.39 3.65
CA GLN BB 259 99.94 -54.49 4.55
C GLN BB 259 101.05 -54.57 5.60
N ILE BB 260 100.64 -54.66 6.87
CA ILE BB 260 101.58 -54.73 7.97
C ILE BB 260 101.31 -56.01 8.76
N SER BB 261 102.35 -56.51 9.41
CA SER BB 261 102.22 -57.71 10.21
C SER BB 261 103.36 -57.73 11.22
N SER BB 262 103.24 -58.64 12.20
CA SER BB 262 104.27 -58.78 13.20
C SER BB 262 105.57 -59.29 12.58
N GLN BB 263 106.66 -58.90 13.20
CA GLN BB 263 107.98 -59.28 12.65
C GLN BB 263 108.17 -60.78 12.82
N SER BB 264 108.91 -61.38 11.89
CA SER BB 264 109.25 -62.81 12.06
C SER BB 264 110.11 -62.96 13.31
N GLY BB 265 109.91 -64.04 14.05
CA GLY BB 265 110.61 -64.29 15.29
C GLY BB 265 109.91 -63.76 16.53
N ALA BB 266 108.82 -63.03 16.37
CA ALA BB 266 108.06 -62.56 17.51
C ALA BB 266 107.35 -63.71 18.20
N SER BB 267 107.04 -63.52 19.47
CA SER BB 267 106.30 -64.53 20.21
C SER BB 267 104.88 -64.63 19.68
N ASN BB 268 104.22 -65.75 20.01
CA ASN BB 268 102.84 -65.95 19.55
C ASN BB 268 101.90 -64.91 20.12
N ASP BB 269 102.15 -64.46 21.35
CA ASP BB 269 101.28 -63.45 21.96
C ASP BB 269 101.38 -62.11 21.24
N ASN BB 270 102.51 -61.85 20.59
CA ASN BB 270 102.75 -60.57 19.91
C ASN BB 270 102.49 -60.63 18.42
N HIS BB 271 102.00 -61.75 17.90
CA HIS BB 271 101.72 -61.84 16.48
C HIS BB 271 100.47 -61.05 16.11
N TYR BB 272 100.52 -60.38 14.95
CA TYR BB 272 99.38 -59.61 14.48
C TYR BB 272 99.46 -59.46 12.97
N PHE BB 273 98.32 -59.09 12.39
CA PHE BB 273 98.21 -58.79 10.97
C PHE BB 273 97.23 -57.65 10.80
N GLY BB 274 97.52 -56.74 9.89
CA GLY BB 274 96.66 -55.60 9.69
C GLY BB 274 97.09 -54.79 8.49
N TYR BB 275 96.52 -53.60 8.38
CA TYR BB 275 96.82 -52.71 7.28
C TYR BB 275 97.07 -51.30 7.79
N SER BB 276 98.00 -50.61 7.15
CA SER BB 276 98.32 -49.22 7.43
C SER BB 276 97.74 -48.35 6.32
N THR BB 277 96.97 -47.33 6.69
CA THR BB 277 96.32 -46.49 5.72
C THR BB 277 97.02 -45.13 5.60
N PRO BB 278 96.91 -44.45 4.46
CA PRO BB 278 97.47 -43.11 4.33
C PRO BB 278 96.67 -42.02 5.03
N TRP BB 279 95.59 -42.38 5.72
CA TRP BB 279 94.74 -41.41 6.38
C TRP BB 279 95.20 -41.16 7.81
N GLY BB 280 94.80 -40.00 8.33
CA GLY BB 280 94.92 -39.69 9.73
C GLY BB 280 93.55 -39.60 10.38
N TYR BB 281 93.54 -39.47 11.69
CA TYR BB 281 92.29 -39.36 12.43
C TYR BB 281 92.43 -38.37 13.57
N PHE BB 282 91.33 -37.71 13.89
CA PHE BB 282 91.28 -36.74 14.97
C PHE BB 282 90.78 -37.41 16.25
N ASP BB 283 91.61 -37.39 17.28
CA ASP BB 283 91.30 -38.04 18.55
C ASP BB 283 91.16 -36.97 19.62
N PHE BB 284 90.02 -36.97 20.31
CA PHE BB 284 89.83 -36.14 21.50
C PHE BB 284 89.21 -36.96 22.62
N ASN BB 285 89.59 -38.22 22.73
CA ASN BB 285 89.06 -39.14 23.74
C ASN BB 285 89.89 -39.11 25.02
N ARG BB 286 90.13 -37.90 25.53
CA ARG BB 286 90.79 -37.70 26.81
C ARG BB 286 90.19 -36.45 27.45
N PHE BB 287 90.02 -36.46 28.76
CA PHE BB 287 89.31 -35.33 29.43
C PHE BB 287 90.10 -34.02 29.34
N HIS BB 288 91.43 -34.10 29.31
CA HIS BB 288 92.30 -32.89 29.28
C HIS BB 288 92.09 -32.13 27.95
N CYS BB 289 91.52 -32.79 26.94
CA CYS BB 289 91.26 -32.16 25.61
C CYS BB 289 90.10 -31.18 25.70
N HIS BB 290 89.28 -31.28 26.76
CA HIS BB 290 88.12 -30.43 26.90
C HIS BB 290 88.06 -29.66 28.22
N PHE BB 291 88.62 -30.20 29.29
CA PHE BB 291 88.57 -29.59 30.61
C PHE BB 291 89.93 -29.02 30.97
N SER BB 292 89.96 -27.76 31.37
CA SER BB 292 91.14 -27.20 32.01
C SER BB 292 91.25 -27.75 33.43
N PRO BB 293 92.43 -27.69 34.04
CA PRO BB 293 92.55 -28.15 35.44
C PRO BB 293 91.61 -27.42 36.40
N ARG BB 294 91.39 -26.12 36.20
CA ARG BB 294 90.41 -25.41 37.01
C ARG BB 294 89.00 -25.91 36.72
N ASP BB 295 88.71 -26.21 35.45
CA ASP BB 295 87.41 -26.80 35.10
C ASP BB 295 87.23 -28.16 35.75
N TRP BB 296 88.29 -28.98 35.76
CA TRP BB 296 88.22 -30.27 36.42
C TRP BB 296 87.98 -30.13 37.92
N GLN BB 297 88.67 -29.18 38.56
CA GLN BB 297 88.49 -28.96 39.99
C GLN BB 297 87.07 -28.48 40.28
N ARG BB 298 86.53 -27.60 39.44
CA ARG BB 298 85.15 -27.16 39.59
C ARG BB 298 84.17 -28.31 39.40
N LEU BB 299 84.47 -29.25 38.49
CA LEU BB 299 83.59 -30.38 38.24
C LEU BB 299 83.61 -31.36 39.42
N ILE BB 300 84.80 -31.73 39.89
CA ILE BB 300 84.91 -32.84 40.82
C ILE BB 300 84.64 -32.44 42.27
N ASN BB 301 84.75 -31.16 42.60
CA ASN BB 301 84.53 -30.71 43.97
C ASN BB 301 83.08 -30.37 44.27
N ASN BB 302 82.20 -30.39 43.27
CA ASN BB 302 80.84 -29.91 43.44
C ASN BB 302 79.77 -30.84 42.89
N ASN BB 303 80.12 -31.87 42.14
CA ASN BB 303 79.16 -32.72 41.47
C ASN BB 303 79.33 -34.17 41.90
N TRP BB 304 78.19 -34.86 42.05
CA TRP BB 304 78.18 -36.28 42.34
C TRP BB 304 78.23 -37.14 41.09
N GLY BB 305 78.15 -36.54 39.90
CA GLY BB 305 78.22 -37.30 38.67
C GLY BB 305 78.18 -36.40 37.47
N PHE BB 306 78.57 -36.96 36.33
CA PHE BB 306 78.52 -36.25 35.06
C PHE BB 306 78.53 -37.26 33.93
N ARG BB 307 78.05 -36.81 32.76
CA ARG BB 307 78.00 -37.65 31.57
C ARG BB 307 77.92 -36.74 30.36
N PRO BB 308 78.48 -37.16 29.22
CA PRO BB 308 78.37 -36.36 28.00
C PRO BB 308 76.98 -36.47 27.38
N LYS BB 309 76.57 -35.38 26.74
CA LYS BB 309 75.23 -35.27 26.14
C LYS BB 309 75.28 -35.13 24.63
N ARG BB 310 76.07 -34.18 24.11
CA ARG BB 310 76.18 -33.99 22.67
C ARG BB 310 77.51 -33.29 22.40
N LEU BB 311 77.97 -33.40 21.16
CA LEU BB 311 79.21 -32.76 20.76
C LEU BB 311 79.06 -32.11 19.39
N ASN BB 312 79.91 -31.11 19.14
CA ASN BB 312 79.97 -30.43 17.82
C ASN BB 312 81.44 -30.38 17.42
N PHE BB 313 81.75 -30.66 16.16
CA PHE BB 313 83.11 -30.75 15.64
C PHE BB 313 83.24 -29.85 14.44
N LYS BB 314 84.39 -29.19 14.35
CA LYS BB 314 84.64 -28.31 13.19
C LYS BB 314 86.10 -28.28 12.74
N LEU BB 315 86.32 -28.36 11.42
CA LEU BB 315 87.64 -28.15 10.82
C LEU BB 315 87.56 -26.91 9.95
N PHE BB 316 88.53 -26.01 10.09
CA PHE BB 316 88.45 -24.74 9.39
C PHE BB 316 89.86 -24.16 9.25
N ASN BB 317 89.95 -23.09 8.47
CA ASN BB 317 91.21 -22.40 8.19
C ASN BB 317 92.26 -23.39 7.67
N ILE BB 318 91.86 -24.20 6.70
CA ILE BB 318 92.70 -25.26 6.18
C ILE BB 318 93.68 -24.68 5.18
N GLN BB 319 94.97 -24.93 5.40
CA GLN BB 319 96.04 -24.49 4.52
C GLN BB 319 96.83 -25.70 4.05
N VAL BB 320 96.99 -25.83 2.74
CA VAL BB 320 97.81 -26.89 2.17
C VAL BB 320 99.14 -26.27 1.74
N LYS BB 321 100.23 -26.79 2.29
CA LYS BB 321 101.57 -26.28 2.02
C LYS BB 321 102.33 -27.28 1.18
N GLU BB 322 102.93 -26.81 0.09
CA GLU BB 322 103.77 -27.62 -0.77
C GLU BB 322 105.23 -27.47 -0.35
N VAL BB 323 105.91 -28.59 -0.14
CA VAL BB 323 107.30 -28.62 0.31
C VAL BB 323 108.17 -29.09 -0.85
N THR BB 324 109.22 -28.33 -1.14
CA THR BB 324 110.19 -28.70 -2.16
C THR BB 324 111.58 -28.65 -1.57
N GLN BB 325 112.49 -29.44 -2.13
CA GLN BB 325 113.86 -29.53 -1.64
C GLN BB 325 114.80 -29.54 -2.85
N ASN BB 326 115.48 -28.42 -3.07
CA ASN BB 326 116.38 -28.26 -4.21
C ASN BB 326 117.76 -27.86 -3.71
N ASP BB 327 118.76 -28.68 -4.01
CA ASP BB 327 120.15 -28.42 -3.63
C ASP BB 327 120.30 -28.21 -2.12
N GLY BB 328 119.58 -29.02 -1.34
CA GLY BB 328 119.69 -28.97 0.10
C GLY BB 328 118.91 -27.87 0.77
N THR BB 329 118.03 -27.18 0.05
CA THR BB 329 117.24 -26.09 0.60
C THR BB 329 115.77 -26.51 0.68
N THR BB 330 115.17 -26.33 1.85
CA THR BB 330 113.76 -26.65 2.06
C THR BB 330 112.93 -25.38 1.89
N THR BB 331 112.08 -25.36 0.87
CA THR BB 331 111.23 -24.23 0.55
C THR BB 331 109.77 -24.64 0.70
N ILE BB 332 109.00 -23.86 1.45
CA ILE BB 332 107.59 -24.14 1.70
C ILE BB 332 106.78 -23.00 1.10
N ALA BB 333 105.79 -23.36 0.27
CA ALA BB 333 104.93 -22.38 -0.37
C ALA BB 333 103.49 -22.85 -0.28
N ASN BB 334 102.57 -21.90 -0.39
CA ASN BB 334 101.15 -22.23 -0.33
C ASN BB 334 100.70 -22.96 -1.58
N ASN BB 335 99.73 -23.84 -1.41
CA ASN BB 335 99.06 -24.53 -2.51
C ASN BB 335 97.57 -24.26 -2.34
N LEU BB 336 97.07 -23.22 -3.02
CA LEU BB 336 95.69 -22.79 -2.81
C LEU BB 336 94.67 -23.66 -3.53
N THR BB 337 95.09 -24.56 -4.41
CA THR BB 337 94.17 -25.41 -5.16
C THR BB 337 94.12 -26.84 -4.66
N SER BB 338 94.98 -27.23 -3.72
CA SER BB 338 94.95 -28.58 -3.19
C SER BB 338 93.83 -28.72 -2.16
N THR BB 339 93.38 -29.96 -1.97
CA THR BB 339 92.28 -30.27 -1.07
C THR BB 339 92.74 -31.24 0.01
N VAL BB 340 91.90 -31.37 1.04
CA VAL BB 340 92.02 -32.40 2.05
C VAL BB 340 90.67 -33.11 2.14
N GLN BB 341 90.71 -34.44 2.21
CA GLN BB 341 89.50 -35.25 2.27
C GLN BB 341 89.16 -35.57 3.72
N VAL BB 342 87.94 -35.24 4.12
CA VAL BB 342 87.47 -35.45 5.49
C VAL BB 342 86.14 -36.18 5.43
N PHE BB 343 86.01 -37.25 6.22
CA PHE BB 343 84.72 -37.91 6.39
C PHE BB 343 84.65 -38.53 7.78
N THR BB 344 83.43 -38.65 8.29
CA THR BB 344 83.17 -39.26 9.58
C THR BB 344 82.55 -40.64 9.36
N ASP BB 345 83.07 -41.63 10.09
CA ASP BB 345 82.56 -43.00 9.99
C ASP BB 345 81.33 -43.14 10.88
N SER BB 346 80.22 -42.52 10.47
CA SER BB 346 79.00 -42.48 11.30
C SER BB 346 78.24 -43.81 11.26
N GLU BB 347 78.53 -44.66 10.28
CA GLU BB 347 77.92 -45.98 10.25
C GLU BB 347 78.77 -47.05 10.90
N TYR BB 348 79.95 -46.68 11.43
CA TYR BB 348 80.83 -47.61 12.14
C TYR BB 348 81.18 -48.82 11.29
N GLN BB 349 81.51 -48.57 10.02
CA GLN BB 349 81.92 -49.62 9.10
C GLN BB 349 83.42 -49.87 9.11
N LEU BB 350 84.19 -49.05 9.79
CA LEU BB 350 85.63 -49.20 9.91
C LEU BB 350 86.02 -49.68 11.29
N PRO BB 351 87.14 -50.37 11.42
CA PRO BB 351 87.60 -50.78 12.76
C PRO BB 351 87.82 -49.57 13.65
N TYR BB 352 87.19 -49.61 14.83
CA TYR BB 352 87.21 -48.49 15.76
C TYR BB 352 88.49 -48.55 16.58
N VAL BB 353 89.46 -47.71 16.23
CA VAL BB 353 90.74 -47.69 16.93
C VAL BB 353 90.77 -46.65 18.05
N LEU BB 354 89.79 -45.77 18.14
CA LEU BB 354 89.64 -44.93 19.31
C LEU BB 354 89.25 -45.76 20.51
N GLY BB 355 89.62 -45.29 21.69
CA GLY BB 355 89.36 -46.02 22.90
C GLY BB 355 90.39 -47.07 23.26
N SER BB 356 91.53 -47.09 22.58
CA SER BB 356 92.65 -47.97 22.93
C SER BB 356 93.77 -47.22 23.64
N ALA BB 357 93.50 -46.02 24.15
CA ALA BB 357 94.48 -45.21 24.88
C ALA BB 357 95.71 -44.92 24.04
N HIS BB 358 95.47 -44.44 22.82
CA HIS BB 358 96.54 -44.14 21.89
C HIS BB 358 96.95 -42.68 21.97
N GLN BB 359 98.22 -42.42 21.68
CA GLN BB 359 98.74 -41.06 21.63
C GLN BB 359 98.26 -40.36 20.35
N GLY BB 360 98.40 -39.04 20.34
CA GLY BB 360 97.96 -38.24 19.22
C GLY BB 360 96.69 -37.46 19.44
N CYS BB 361 96.24 -37.32 20.69
CA CYS BB 361 95.02 -36.59 20.99
C CYS BB 361 95.26 -35.08 20.88
N LEU BB 362 94.20 -34.32 21.12
CA LEU BB 362 94.34 -32.88 21.24
C LEU BB 362 95.15 -32.56 22.49
N PRO BB 363 96.21 -31.74 22.39
CA PRO BB 363 97.06 -31.51 23.54
C PRO BB 363 96.29 -30.81 24.65
N PRO BB 364 96.60 -31.09 25.91
CA PRO BB 364 95.87 -30.45 27.01
C PRO BB 364 96.00 -28.94 27.02
N PHE BB 365 97.16 -28.40 26.64
CA PHE BB 365 97.35 -26.97 26.61
C PHE BB 365 96.87 -26.39 25.28
N PRO BB 366 95.97 -25.41 25.31
CA PRO BB 366 95.39 -24.91 24.04
C PRO BB 366 96.41 -24.28 23.10
N ALA BB 367 97.59 -23.90 23.58
CA ALA BB 367 98.59 -23.26 22.74
C ALA BB 367 99.50 -24.24 22.02
N ASP BB 368 99.37 -25.54 22.27
CA ASP BB 368 100.24 -26.53 21.66
C ASP BB 368 99.71 -26.95 20.30
N VAL BB 369 100.64 -27.19 19.37
CA VAL BB 369 100.31 -27.67 18.03
C VAL BB 369 100.66 -29.15 17.96
N PHE BB 370 99.75 -29.95 17.43
CA PHE BB 370 99.89 -31.40 17.44
C PHE BB 370 99.80 -31.98 16.03
N MET BB 371 100.48 -33.10 15.84
CA MET BB 371 100.42 -33.85 14.59
C MET BB 371 99.25 -34.82 14.63
N VAL BB 372 98.59 -34.98 13.49
CA VAL BB 372 97.45 -35.87 13.36
C VAL BB 372 97.97 -37.31 13.27
N PRO BB 373 97.54 -38.21 14.16
CA PRO BB 373 98.06 -39.57 14.13
C PRO BB 373 97.60 -40.35 12.90
N GLN BB 374 98.43 -41.28 12.47
CA GLN BB 374 98.13 -42.11 11.31
C GLN BB 374 97.14 -43.20 11.68
N TYR BB 375 96.15 -43.40 10.82
CA TYR BB 375 95.12 -44.40 11.06
C TYR BB 375 95.60 -45.77 10.58
N GLY BB 376 95.35 -46.79 11.39
CA GLY BB 376 95.67 -48.16 11.04
C GLY BB 376 94.84 -49.11 11.87
N TYR BB 377 94.63 -50.30 11.33
CA TYR BB 377 93.77 -51.27 11.99
C TYR BB 377 94.37 -52.66 11.86
N LEU BB 378 93.95 -53.55 12.75
CA LEU BB 378 94.35 -54.94 12.73
C LEU BB 378 93.15 -55.82 12.42
N THR BB 379 93.42 -56.93 11.74
CA THR BB 379 92.38 -57.90 11.42
C THR BB 379 92.83 -59.28 11.90
N LEU BB 380 92.08 -60.31 11.53
CA LEU BB 380 92.38 -61.68 12.00
C LEU BB 380 93.75 -62.12 11.47
N ASN BB 381 94.50 -62.84 12.29
CA ASN BB 381 95.83 -63.33 11.88
C ASN BB 381 96.07 -64.75 12.39
N ASN BB 382 96.69 -65.60 11.58
CA ASN BB 382 97.12 -66.93 12.07
C ASN BB 382 98.64 -66.79 12.14
N GLY BB 383 99.17 -66.26 13.23
CA GLY BB 383 100.61 -65.97 13.28
C GLY BB 383 100.86 -64.64 12.60
N SER BB 384 101.91 -64.53 11.80
CA SER BB 384 102.15 -63.31 11.04
C SER BB 384 101.35 -63.25 9.75
N GLN BB 385 100.68 -64.34 9.38
CA GLN BB 385 99.89 -64.40 8.16
C GLN BB 385 98.44 -64.04 8.44
N ALA BB 386 97.65 -63.99 7.36
CA ALA BB 386 96.24 -63.70 7.42
C ALA BB 386 95.43 -64.95 7.14
N VAL BB 387 94.13 -64.87 7.41
CA VAL BB 387 93.19 -65.94 7.10
C VAL BB 387 92.16 -65.41 6.12
N GLY BB 388 91.30 -66.31 5.64
CA GLY BB 388 90.30 -65.93 4.66
C GLY BB 388 89.26 -64.97 5.22
N ARG BB 389 89.07 -64.98 6.54
CA ARG BB 389 88.11 -64.10 7.17
C ARG BB 389 88.65 -62.70 7.43
N SER BB 390 89.95 -62.48 7.22
CA SER BB 390 90.53 -61.16 7.42
C SER BB 390 89.92 -60.15 6.46
N SER BB 391 89.64 -58.95 6.97
CA SER BB 391 88.95 -57.91 6.21
C SER BB 391 89.92 -56.81 5.84
N PHE BB 392 89.79 -56.31 4.61
CA PHE BB 392 90.55 -55.18 4.11
C PHE BB 392 89.59 -54.03 3.85
N TYR BB 393 89.98 -52.83 4.27
CA TYR BB 393 89.15 -51.64 4.12
C TYR BB 393 89.91 -50.56 3.38
N CYS BB 394 89.32 -50.06 2.30
CA CYS BB 394 89.83 -48.91 1.58
C CYS BB 394 88.99 -47.69 2.00
N LEU BB 395 89.64 -46.71 2.59
CA LEU BB 395 88.95 -45.53 3.09
C LEU BB 395 88.54 -44.57 1.99
N GLU BB 396 89.07 -44.73 0.78
CA GLU BB 396 88.60 -43.96 -0.36
C GLU BB 396 87.31 -44.52 -0.95
N TYR BB 397 86.83 -45.65 -0.41
CA TYR BB 397 85.55 -46.27 -0.86
C TYR BB 397 84.40 -45.67 -0.05
N PHE BB 398 84.69 -44.71 0.80
CA PHE BB 398 83.72 -43.94 1.56
C PHE BB 398 83.52 -42.58 0.93
N PRO BB 399 82.30 -42.03 0.98
CA PRO BB 399 82.10 -40.64 0.52
C PRO BB 399 82.77 -39.67 1.49
N SER BB 400 83.63 -38.82 0.96
CA SER BB 400 84.36 -37.85 1.76
C SER BB 400 84.17 -36.46 1.18
N GLN BB 401 84.34 -35.46 2.05
CA GLN BB 401 84.20 -34.07 1.66
C GLN BB 401 85.57 -33.48 1.37
N MET BB 402 85.71 -32.86 0.20
CA MET BB 402 86.97 -32.28 -0.24
C MET BB 402 86.98 -30.79 0.11
N LEU BB 403 88.04 -30.35 0.79
CA LEU BB 403 88.12 -29.00 1.33
C LEU BB 403 89.37 -28.31 0.79
N ARG BB 404 89.17 -27.21 0.07
CA ARG BB 404 90.26 -26.33 -0.31
C ARG BB 404 90.49 -25.31 0.80
N THR BB 405 91.45 -24.40 0.58
CA THR BB 405 91.63 -23.28 1.53
C THR BB 405 90.40 -22.39 1.40
N GLY BB 406 89.65 -22.22 2.46
CA GLY BB 406 88.41 -21.49 2.46
C GLY BB 406 87.18 -22.34 2.69
N ASN BB 407 87.32 -23.66 2.65
CA ASN BB 407 86.23 -24.57 2.98
C ASN BB 407 86.37 -25.06 4.41
N ASN BB 408 85.24 -25.36 5.04
CA ASN BB 408 85.22 -25.87 6.40
C ASN BB 408 84.36 -27.13 6.46
N PHE BB 409 84.61 -27.92 7.49
CA PHE BB 409 83.88 -29.16 7.75
C PHE BB 409 83.26 -29.07 9.13
N THR BB 410 82.06 -29.65 9.28
CA THR BB 410 81.41 -29.66 10.57
C THR BB 410 80.44 -30.85 10.63
N PHE BB 411 80.21 -31.32 11.86
CA PHE BB 411 79.19 -32.33 12.09
C PHE BB 411 78.83 -32.33 13.58
N SER BB 412 77.61 -32.76 13.86
CA SER BB 412 77.10 -32.81 15.22
C SER BB 412 76.75 -34.25 15.59
N TYR BB 413 76.98 -34.59 16.84
CA TYR BB 413 76.74 -35.94 17.35
C TYR BB 413 76.03 -35.85 18.69
N THR BB 414 75.11 -36.77 18.93
CA THR BB 414 74.40 -36.85 20.20
C THR BB 414 74.78 -38.15 20.90
N PHE BB 415 75.25 -38.04 22.14
CA PHE BB 415 75.58 -39.22 22.92
C PHE BB 415 74.32 -39.97 23.29
N GLU BB 416 74.42 -41.30 23.33
CA GLU BB 416 73.32 -42.10 23.84
C GLU BB 416 73.22 -41.94 25.36
N ASP BB 417 72.10 -42.39 25.91
CA ASP BB 417 71.89 -42.32 27.36
C ASP BB 417 72.86 -43.25 28.05
N VAL BB 418 73.66 -42.72 28.97
CA VAL BB 418 74.63 -43.50 29.72
C VAL BB 418 74.52 -43.12 31.18
N PRO BB 419 74.92 -44.03 32.08
CA PRO BB 419 74.89 -43.69 33.51
C PRO BB 419 75.87 -42.58 33.84
N PHE BB 420 75.49 -41.79 34.84
CA PHE BB 420 76.41 -40.78 35.36
C PHE BB 420 77.64 -41.46 35.95
N HIS BB 421 78.81 -40.90 35.68
CA HIS BB 421 80.02 -41.38 36.33
C HIS BB 421 79.94 -41.12 37.82
N SER BB 422 80.32 -42.13 38.61
CA SER BB 422 80.29 -42.02 40.09
C SER BB 422 81.47 -41.17 40.58
N SER BB 423 81.33 -39.85 40.50
CA SER BB 423 82.38 -38.94 40.96
C SER BB 423 82.26 -38.68 42.45
N TYR BB 424 82.21 -39.77 43.22
CA TYR BB 424 82.11 -39.70 44.67
C TYR BB 424 82.76 -40.93 45.26
N ALA BB 425 83.12 -40.83 46.53
CA ALA BB 425 83.61 -41.95 47.31
C ALA BB 425 82.60 -42.27 48.41
N HIS BB 426 82.31 -43.55 48.60
CA HIS BB 426 81.35 -43.94 49.62
C HIS BB 426 81.91 -43.66 51.02
N SER BB 427 81.10 -43.03 51.85
CA SER BB 427 81.47 -42.78 53.24
C SER BB 427 81.08 -43.94 54.16
N GLN BB 428 80.50 -45.00 53.62
CA GLN BB 428 80.20 -46.21 54.36
C GLN BB 428 80.85 -47.40 53.67
N SER BB 429 81.21 -48.40 54.45
CA SER BB 429 81.73 -49.66 53.92
C SER BB 429 80.59 -50.66 53.80
N LEU BB 430 80.72 -51.57 52.84
CA LEU BB 430 79.67 -52.55 52.59
C LEU BB 430 79.49 -53.52 53.76
N ASP BB 431 80.52 -53.66 54.60
CA ASP BB 431 80.45 -54.61 55.75
C ASP BB 431 80.11 -53.85 57.04
N ARG BB 432 79.82 -52.55 56.94
CA ARG BB 432 79.50 -51.71 58.09
C ARG BB 432 78.23 -50.90 57.83
N LEU BB 433 77.20 -51.55 57.31
CA LEU BB 433 75.95 -50.90 56.97
C LEU BB 433 74.88 -51.05 58.03
N MET BB 434 75.21 -51.61 59.18
CA MET BB 434 74.23 -51.93 60.21
C MET BB 434 74.14 -50.82 61.25
N ASN BB 435 73.22 -51.01 62.20
CA ASN BB 435 73.11 -50.14 63.36
C ASN BB 435 73.93 -50.74 64.48
N PRO BB 436 75.01 -50.10 64.93
CA PRO BB 436 75.88 -50.71 65.95
C PRO BB 436 75.24 -50.79 67.33
N LEU BB 437 74.12 -50.12 67.55
CA LEU BB 437 73.50 -50.08 68.87
C LEU BB 437 72.51 -51.22 69.10
N ILE BB 438 71.96 -51.80 68.06
CA ILE BB 438 70.90 -52.79 68.17
C ILE BB 438 71.43 -54.13 67.67
N ASP BB 439 71.16 -55.19 68.44
CA ASP BB 439 71.51 -56.54 68.01
C ASP BB 439 70.58 -57.00 66.89
N GLN BB 440 71.05 -57.97 66.12
CA GLN BB 440 70.23 -58.62 65.13
C GLN BB 440 69.36 -59.69 65.77
N TYR BB 441 68.18 -59.90 65.18
CA TYR BB 441 67.33 -61.00 65.64
C TYR BB 441 67.73 -62.34 65.04
N LEU BB 442 68.56 -62.34 64.01
CA LEU BB 442 69.03 -63.58 63.40
C LEU BB 442 70.20 -64.16 64.20
N TYR BB 443 70.32 -65.48 64.15
CA TYR BB 443 71.35 -66.21 64.86
C TYR BB 443 72.39 -66.73 63.88
N TYR BB 444 73.62 -66.87 64.37
CA TYR BB 444 74.71 -67.47 63.60
C TYR BB 444 75.41 -68.49 64.48
N LEU BB 445 75.97 -69.50 63.85
CA LEU BB 445 76.74 -70.53 64.56
C LEU BB 445 78.00 -69.89 65.13
N SER BB 446 78.05 -69.71 66.45
CA SER BB 446 79.17 -69.06 67.09
C SER BB 446 80.17 -70.03 67.71
N ARG BB 447 79.67 -71.16 68.17
CA ARG BB 447 80.58 -72.18 68.75
C ARG BB 447 80.27 -73.55 68.17
N THR BB 448 81.29 -74.39 68.08
CA THR BB 448 81.15 -75.74 67.57
C THR BB 448 81.48 -76.83 68.58
N ASN BB 449 81.96 -76.46 69.77
CA ASN BB 449 82.24 -77.43 70.82
C ASN BB 449 82.17 -76.73 72.18
N THR BB 450 82.10 -77.53 73.23
CA THR BB 450 82.08 -77.04 74.59
C THR BB 450 83.03 -77.86 75.45
N PRO BB 451 83.60 -77.29 76.54
CA PRO BB 451 84.45 -78.08 77.44
C PRO BB 451 83.63 -79.24 78.01
N SER BB 452 84.13 -80.47 77.84
CA SER BB 452 83.45 -81.64 78.43
C SER BB 452 84.48 -82.43 79.25
N GLY BB 453 84.25 -82.58 80.55
CA GLY BB 453 85.27 -83.23 81.40
C GLY BB 453 86.59 -82.49 81.32
N THR BB 454 87.67 -83.19 80.98
CA THR BB 454 89.00 -82.54 80.83
C THR BB 454 89.33 -82.52 79.33
N THR BB 455 88.40 -82.98 78.49
CA THR BB 455 88.59 -82.95 77.01
C THR BB 455 87.59 -81.97 76.41
N THR BB 456 87.22 -82.17 75.14
CA THR BB 456 86.19 -81.31 74.50
C THR BB 456 85.10 -82.20 73.91
N GLN BB 457 83.89 -81.65 73.77
CA GLN BB 457 82.78 -82.39 73.18
C GLN BB 457 82.09 -81.53 72.15
N SER BB 458 81.72 -82.14 71.02
CA SER BB 458 81.06 -81.39 69.95
C SER BB 458 79.68 -80.91 70.40
N ARG BB 459 79.42 -79.62 70.20
CA ARG BB 459 78.15 -79.04 70.62
C ARG BB 459 77.96 -77.73 69.86
N LEU BB 460 76.88 -77.62 69.10
CA LEU BB 460 76.61 -76.42 68.32
C LEU BB 460 75.90 -75.38 69.18
N GLN BB 461 76.36 -74.13 69.11
CA GLN BB 461 75.74 -73.01 69.79
C GLN BB 461 75.59 -71.85 68.83
N PHE BB 462 74.60 -71.01 69.09
CA PHE BB 462 74.25 -69.90 68.22
C PHE BB 462 74.11 -68.62 69.02
N SER BB 463 74.48 -67.51 68.40
CA SER BB 463 74.43 -66.21 69.05
C SER BB 463 73.83 -65.19 68.10
N GLN BB 464 73.29 -64.12 68.67
CA GLN BB 464 72.82 -62.98 67.91
C GLN BB 464 73.97 -61.98 67.78
N ALA BB 465 74.20 -61.50 66.57
CA ALA BB 465 75.34 -60.64 66.28
C ALA BB 465 75.03 -59.20 66.65
N GLY BB 466 75.99 -58.54 67.29
CA GLY BB 466 75.91 -57.14 67.65
C GLY BB 466 77.17 -56.42 67.21
N ALA BB 467 77.58 -55.43 68.02
CA ALA BB 467 78.76 -54.65 67.72
C ALA BB 467 80.05 -55.38 68.04
N SER BB 468 80.06 -56.17 69.12
CA SER BB 468 81.28 -56.84 69.54
C SER BB 468 81.71 -57.92 68.56
N ASP BB 469 80.75 -58.60 67.95
CA ASP BB 469 81.02 -59.62 66.93
C ASP BB 469 80.46 -59.17 65.59
N ILE BB 470 80.74 -57.91 65.25
CA ILE BB 470 80.16 -57.27 64.07
C ILE BB 470 80.52 -57.99 62.77
N ARG BB 471 81.60 -58.78 62.76
CA ARG BB 471 81.99 -59.48 61.55
C ARG BB 471 81.05 -60.63 61.22
N ASP BB 472 80.25 -61.10 62.17
CA ASP BB 472 79.38 -62.25 61.98
C ASP BB 472 77.94 -61.86 61.64
N GLN BB 473 77.68 -60.57 61.45
CA GLN BB 473 76.32 -60.12 61.20
C GLN BB 473 75.82 -60.59 59.84
N SER BB 474 74.54 -60.98 59.79
CA SER BB 474 73.93 -61.35 58.53
C SER BB 474 73.78 -60.13 57.64
N ARG BB 475 74.12 -60.29 56.36
CA ARG BB 475 74.16 -59.17 55.43
C ARG BB 475 73.41 -59.54 54.15
N ASN BB 476 73.02 -58.51 53.42
CA ASN BB 476 72.21 -58.67 52.21
C ASN BB 476 73.02 -58.60 50.92
N TRP BB 477 74.26 -58.13 50.98
CA TRP BB 477 75.04 -57.84 49.78
C TRP BB 477 76.44 -58.40 49.91
N LEU BB 478 77.14 -58.45 48.77
CA LEU BB 478 78.48 -58.99 48.66
C LEU BB 478 79.37 -58.02 47.90
N PRO BB 479 80.68 -58.05 48.16
CA PRO BB 479 81.60 -57.20 47.39
C PRO BB 479 81.69 -57.66 45.94
N GLY BB 480 82.05 -56.73 45.07
CA GLY BB 480 82.08 -56.97 43.63
C GLY BB 480 83.07 -58.03 43.21
N PRO BB 481 83.09 -58.35 41.92
CA PRO BB 481 83.94 -59.45 41.43
C PRO BB 481 85.42 -59.08 41.48
N CYS BB 482 86.21 -60.14 41.44
CA CYS BB 482 87.67 -60.01 41.64
C CYS BB 482 88.45 -60.82 40.60
N TYR BB 483 89.63 -60.35 40.21
CA TYR BB 483 90.55 -61.10 39.36
C TYR BB 483 91.95 -60.75 39.86
N ARG BB 484 92.50 -61.59 40.73
CA ARG BB 484 93.61 -61.19 41.59
C ARG BB 484 94.84 -60.75 40.78
N GLN BB 485 95.47 -59.69 41.26
CA GLN BB 485 96.69 -59.14 40.68
C GLN BB 485 97.85 -59.34 41.64
N GLN BB 486 99.05 -59.41 41.10
CA GLN BB 486 100.25 -59.47 41.93
C GLN BB 486 100.52 -58.11 42.56
N ARG BB 487 101.02 -58.12 43.79
CA ARG BB 487 101.29 -56.91 44.53
C ARG BB 487 102.74 -56.50 44.35
N VAL BB 488 102.91 -55.22 43.96
CA VAL BB 488 104.25 -54.63 43.78
C VAL BB 488 104.31 -53.41 44.69
N SER BB 489 105.51 -53.02 45.15
CA SER BB 489 105.69 -51.90 46.05
C SER BB 489 106.45 -50.78 45.36
N LYS BB 490 106.08 -49.54 45.69
CA LYS BB 490 106.77 -48.36 45.10
C LYS BB 490 108.19 -48.29 45.69
N THR BB 491 108.39 -48.81 46.90
CA THR BB 491 109.76 -48.90 47.48
C THR BB 491 110.43 -50.09 46.79
N SER BB 492 111.49 -49.84 46.00
CA SER BB 492 112.11 -50.92 45.20
C SER BB 492 112.61 -52.09 46.04
N ALA BB 493 113.32 -51.83 47.14
CA ALA BB 493 113.91 -52.91 47.92
C ALA BB 493 112.86 -53.92 48.38
N ASP BB 494 111.60 -53.49 48.51
CA ASP BB 494 110.54 -54.38 49.00
C ASP BB 494 110.13 -55.42 47.98
N ASN BB 495 110.54 -55.29 46.73
CA ASN BB 495 110.11 -56.20 45.67
C ASN BB 495 111.09 -57.36 45.54
N ASN BB 496 110.59 -58.46 44.97
CA ASN BB 496 111.42 -59.63 44.76
C ASN BB 496 112.49 -59.35 43.71
N ASN BB 497 113.70 -59.86 43.95
CA ASN BB 497 114.83 -59.63 43.04
C ASN BB 497 114.79 -60.67 41.92
N SER BB 498 113.83 -60.48 41.02
CA SER BB 498 113.64 -61.37 39.88
C SER BB 498 112.84 -60.64 38.82
N GLU BB 499 112.81 -61.24 37.62
CA GLU BB 499 112.00 -60.67 36.51
C GLU BB 499 110.65 -61.39 36.52
N TYR BB 500 109.62 -60.72 37.03
CA TYR BB 500 108.29 -61.31 37.16
C TYR BB 500 107.21 -60.44 36.52
N SER BB 501 107.58 -59.57 35.58
CA SER BB 501 106.58 -58.71 34.94
C SER BB 501 105.63 -59.50 34.05
N TRP BB 502 106.00 -60.71 33.65
CA TRP BB 502 105.13 -61.56 32.84
C TRP BB 502 104.81 -62.89 33.50
N THR BB 503 105.79 -63.51 34.18
CA THR BB 503 105.52 -64.78 34.85
C THR BB 503 104.49 -64.61 35.96
N GLY BB 504 104.61 -63.55 36.75
CA GLY BB 504 103.66 -63.23 37.79
C GLY BB 504 102.52 -62.35 37.36
N ALA BB 505 102.40 -62.06 36.06
CA ALA BB 505 101.38 -61.16 35.56
C ALA BB 505 100.02 -61.86 35.50
N THR BB 506 98.96 -61.06 35.59
CA THR BB 506 97.60 -61.55 35.45
C THR BB 506 97.21 -61.49 33.98
N LYS BB 507 96.79 -62.63 33.43
CA LYS BB 507 96.60 -62.77 32.00
C LYS BB 507 95.26 -63.45 31.70
N TYR BB 508 94.77 -63.21 30.49
CA TYR BB 508 93.66 -63.96 29.95
C TYR BB 508 94.09 -64.64 28.66
N HIS BB 509 93.58 -65.84 28.43
CA HIS BB 509 93.98 -66.69 27.32
C HIS BB 509 92.90 -66.64 26.25
N LEU BB 510 93.29 -66.28 25.02
CA LEU BB 510 92.35 -66.15 23.91
C LEU BB 510 93.01 -66.65 22.64
N ASN BB 511 92.46 -67.72 22.07
CA ASN BB 511 92.94 -68.30 20.82
C ASN BB 511 94.42 -68.68 20.90
N GLY BB 512 94.84 -69.21 22.04
CA GLY BB 512 96.21 -69.63 22.23
C GLY BB 512 97.20 -68.53 22.52
N ARG BB 513 96.73 -67.30 22.64
CA ARG BB 513 97.66 -66.20 23.00
C ARG BB 513 97.30 -65.56 24.35
N ASP BB 514 98.30 -65.31 25.18
CA ASP BB 514 98.14 -64.66 26.47
C ASP BB 514 98.21 -63.15 26.29
N SER BB 515 97.20 -62.45 26.80
CA SER BB 515 97.18 -61.00 26.81
C SER BB 515 97.21 -60.51 28.25
N LEU BB 516 97.94 -59.44 28.50
CA LEU BB 516 98.01 -58.86 29.83
C LEU BB 516 96.64 -58.28 30.20
N VAL BB 517 96.21 -58.55 31.44
CA VAL BB 517 94.99 -57.96 31.98
C VAL BB 517 95.39 -56.61 32.58
N ASN BB 518 95.07 -55.54 31.88
CA ASN BB 518 95.51 -54.21 32.25
C ASN BB 518 94.49 -53.17 31.79
N PRO BB 519 93.83 -52.47 32.71
CA PRO BB 519 93.92 -52.59 34.18
C PRO BB 519 92.99 -53.65 34.75
N GLY BB 520 92.12 -54.23 33.93
CA GLY BB 520 91.24 -55.28 34.37
C GLY BB 520 90.03 -54.78 35.13
N PRO BB 521 89.35 -55.69 35.83
CA PRO BB 521 88.18 -55.31 36.61
C PRO BB 521 88.53 -54.30 37.69
N ALA BB 522 87.58 -53.41 37.97
CA ALA BB 522 87.80 -52.33 38.93
C ALA BB 522 87.95 -52.91 40.34
N MET BB 523 89.13 -52.72 40.93
CA MET BB 523 89.41 -53.23 42.26
C MET BB 523 90.26 -52.20 43.00
N ALA BB 524 90.17 -52.24 44.32
CA ALA BB 524 90.93 -51.31 45.15
C ALA BB 524 92.42 -51.58 45.01
N SER BB 525 93.20 -50.49 44.90
CA SER BB 525 94.65 -50.64 44.76
C SER BB 525 95.27 -51.25 46.00
N HIS BB 526 94.80 -50.86 47.18
CA HIS BB 526 95.40 -51.32 48.43
C HIS BB 526 94.38 -51.15 49.55
N LYS BB 527 94.67 -51.80 50.67
CA LYS BB 527 93.85 -51.70 51.87
C LYS BB 527 94.34 -50.54 52.72
N ASP BB 528 93.83 -50.44 53.95
CA ASP BB 528 94.21 -49.34 54.83
C ASP BB 528 95.72 -49.35 55.12
N ASP BB 529 96.32 -48.16 55.08
CA ASP BB 529 97.72 -47.97 55.48
C ASP BB 529 98.67 -48.81 54.66
N GLU BB 530 98.38 -48.96 53.36
CA GLU BB 530 99.26 -49.69 52.46
C GLU BB 530 99.36 -48.95 51.13
N GLU BB 531 99.49 -47.63 51.19
CA GLU BB 531 99.50 -46.81 49.98
C GLU BB 531 100.70 -47.07 49.10
N LYS BB 532 101.76 -47.68 49.63
CA LYS BB 532 102.93 -47.99 48.81
C LYS BB 532 102.71 -49.18 47.88
N PHE BB 533 101.64 -49.94 48.09
CA PHE BB 533 101.37 -51.14 47.30
C PHE BB 533 100.34 -50.84 46.23
N PHE BB 534 100.60 -51.33 45.02
CA PHE BB 534 99.67 -51.21 43.91
C PHE BB 534 99.68 -52.51 43.12
N PRO BB 535 98.57 -52.83 42.45
CA PRO BB 535 98.55 -54.04 41.61
C PRO BB 535 99.51 -53.90 40.44
N GLN BB 536 100.05 -55.05 40.03
CA GLN BB 536 101.10 -55.05 39.01
C GLN BB 536 100.61 -54.47 37.69
N SER BB 537 99.40 -54.84 37.27
CA SER BB 537 98.79 -54.29 36.06
C SER BB 537 97.33 -53.95 36.32
N GLY BB 538 97.02 -53.47 37.52
CA GLY BB 538 95.65 -53.18 37.89
C GLY BB 538 95.30 -51.71 38.02
N VAL BB 539 96.22 -50.80 37.70
CA VAL BB 539 95.96 -49.37 37.78
C VAL BB 539 96.47 -48.70 36.51
N LEU BB 540 95.87 -47.57 36.18
CA LEU BB 540 96.39 -46.75 35.09
C LEU BB 540 97.69 -46.07 35.51
N ILE BB 541 98.66 -46.07 34.62
CA ILE BB 541 99.96 -45.43 34.87
C ILE BB 541 100.16 -44.39 33.78
N PHE BB 542 100.22 -43.13 34.19
CA PHE BB 542 100.45 -42.01 33.27
C PHE BB 542 101.90 -41.59 33.34
N GLY BB 543 102.43 -41.16 32.20
CA GLY BB 543 103.80 -40.68 32.13
C GLY BB 543 103.89 -39.20 32.46
N LYS BB 544 104.94 -38.84 33.20
CA LYS BB 544 105.22 -37.43 33.44
C LYS BB 544 105.72 -36.78 32.16
N GLN BB 545 105.79 -35.46 32.17
CA GLN BB 545 106.26 -34.72 31.00
C GLN BB 545 107.70 -35.09 30.68
N GLY BB 546 107.98 -35.39 29.42
CA GLY BB 546 109.30 -35.75 28.98
C GLY BB 546 109.67 -37.20 29.19
N SER BB 547 108.71 -38.03 29.61
CA SER BB 547 109.01 -39.45 29.91
C SER BB 547 109.22 -40.23 28.61
N GLU BB 548 110.20 -41.13 28.59
CA GLU BB 548 110.49 -41.92 27.41
C GLU BB 548 109.46 -43.03 27.24
N LYS BB 549 109.73 -43.95 26.32
CA LYS BB 549 108.77 -44.99 25.99
C LYS BB 549 109.08 -46.31 26.67
N THR BB 550 110.37 -46.68 26.77
CA THR BB 550 110.75 -48.00 27.21
C THR BB 550 111.54 -47.93 28.52
N ASN BB 551 111.07 -48.70 29.52
CA ASN BB 551 111.81 -48.95 30.76
C ASN BB 551 112.18 -47.66 31.48
N VAL BB 552 111.20 -46.80 31.68
CA VAL BB 552 111.39 -45.61 32.48
C VAL BB 552 111.25 -45.97 33.95
N ASP BB 553 111.91 -45.21 34.82
CA ASP BB 553 111.89 -45.49 36.24
C ASP BB 553 110.53 -45.14 36.84
N ILE BB 554 110.34 -45.54 38.09
CA ILE BB 554 109.07 -45.28 38.77
C ILE BB 554 108.88 -43.78 39.01
N GLU BB 555 109.97 -43.05 39.24
CA GLU BB 555 109.87 -41.61 39.44
C GLU BB 555 109.49 -40.87 38.17
N LYS BB 556 109.54 -41.52 37.01
CA LYS BB 556 109.15 -40.92 35.75
C LYS BB 556 107.67 -41.11 35.43
N VAL BB 557 106.95 -41.89 36.22
CA VAL BB 557 105.54 -42.18 35.97
C VAL BB 557 104.73 -41.83 37.21
N MET BB 558 103.44 -41.60 36.99
CA MET BB 558 102.49 -41.31 38.05
C MET BB 558 101.46 -42.44 38.09
N ILE BB 559 101.45 -43.18 39.19
CA ILE BB 559 100.58 -44.34 39.34
C ILE BB 559 99.30 -43.91 40.03
N THR BB 560 98.16 -44.24 39.43
CA THR BB 560 96.88 -43.84 39.98
C THR BB 560 96.49 -44.74 41.16
N ASP BB 561 95.53 -44.25 41.93
CA ASP BB 561 95.06 -45.01 43.12
C ASP BB 561 93.55 -45.15 43.06
N GLU BB 562 93.06 -46.35 43.29
CA GLU BB 562 91.64 -46.66 43.30
C GLU BB 562 91.20 -47.07 44.71
N GLU BB 563 91.67 -46.35 45.72
CA GLU BB 563 91.34 -46.68 47.10
C GLU BB 563 89.96 -46.21 47.51
N GLU BB 564 89.34 -45.29 46.76
CA GLU BB 564 88.01 -44.81 47.13
C GLU BB 564 86.93 -45.86 46.95
N ILE BB 565 87.22 -46.94 46.23
CA ILE BB 565 86.23 -47.97 45.96
C ILE BB 565 86.45 -49.22 46.81
N ARG BB 566 87.35 -49.16 47.79
CA ARG BB 566 87.57 -50.29 48.67
C ARG BB 566 86.41 -50.52 49.63
N THR BB 567 85.46 -49.59 49.69
CA THR BB 567 84.27 -49.80 50.50
C THR BB 567 83.39 -50.92 49.96
N THR BB 568 83.33 -51.07 48.63
CA THR BB 568 82.50 -52.09 48.00
C THR BB 568 83.29 -53.08 47.13
N ASN BB 569 84.51 -52.75 46.73
CA ASN BB 569 85.27 -53.59 45.83
C ASN BB 569 86.42 -54.26 46.56
N PRO BB 570 86.70 -55.52 46.26
CA PRO BB 570 87.82 -56.20 46.92
C PRO BB 570 89.15 -55.59 46.52
N VAL BB 571 90.12 -55.71 47.42
CA VAL BB 571 91.47 -55.26 47.12
C VAL BB 571 92.04 -56.12 46.00
N ALA BB 572 92.73 -55.48 45.05
CA ALA BB 572 93.17 -56.15 43.84
C ALA BB 572 94.16 -57.26 44.14
N THR BB 573 95.03 -57.06 45.11
CA THR BB 573 96.12 -57.97 45.39
C THR BB 573 95.77 -59.05 46.40
N GLU BB 574 94.54 -59.08 46.89
CA GLU BB 574 94.12 -60.03 47.91
C GLU BB 574 93.00 -60.91 47.37
N GLN BB 575 92.71 -61.97 48.09
CA GLN BB 575 91.65 -62.89 47.69
C GLN BB 575 90.28 -62.26 47.93
N TYR BB 576 89.30 -62.73 47.17
CA TYR BB 576 87.93 -62.29 47.40
C TYR BB 576 87.43 -62.77 48.75
N GLY BB 577 87.75 -64.01 49.12
CA GLY BB 577 87.27 -64.58 50.36
C GLY BB 577 87.66 -66.03 50.48
N SER BB 578 86.89 -66.78 51.25
CA SER BB 578 87.14 -68.19 51.48
C SER BB 578 85.86 -68.99 51.30
N VAL BB 579 86.00 -70.21 50.79
CA VAL BB 579 84.90 -71.14 50.63
C VAL BB 579 85.31 -72.48 51.20
N SER BB 580 84.30 -73.28 51.58
CA SER BB 580 84.56 -74.62 52.05
C SER BB 580 84.93 -75.54 50.90
N THR BB 581 85.81 -76.50 51.18
CA THR BB 581 86.28 -77.43 50.16
C THR BB 581 86.00 -78.89 50.49
N ASN BB 582 85.48 -79.21 51.67
CA ASN BB 582 85.21 -80.58 52.05
C ASN BB 582 83.98 -80.60 52.94
N LEU BB 583 83.71 -81.75 53.55
CA LEU BB 583 82.60 -81.94 54.47
C LEU BB 583 83.15 -82.41 55.81
N GLN BB 584 83.10 -81.53 56.81
CA GLN BB 584 83.55 -81.89 58.14
C GLN BB 584 82.64 -82.95 58.74
N ARG BB 585 83.27 -83.82 59.54
CA ARG BB 585 82.52 -84.96 60.13
C ARG BB 585 83.28 -85.45 61.37
N GLY BB 586 82.56 -85.83 62.42
CA GLY BB 586 83.16 -86.42 63.59
C GLY BB 586 83.28 -87.92 63.50
N ASN BB 587 83.76 -88.52 64.59
CA ASN BB 587 84.02 -89.98 64.60
C ASN BB 587 82.70 -90.76 64.72
N THR BB 594 86.67 -91.94 59.87
CA THR BB 594 87.48 -91.16 60.85
C THR BB 594 86.96 -89.72 60.88
N SER BB 595 87.55 -88.84 61.69
CA SER BB 595 87.05 -87.48 61.64
C SER BB 595 87.77 -86.68 60.56
N ARG BB 596 87.06 -85.70 60.00
CA ARG BB 596 87.60 -84.79 59.00
C ARG BB 596 87.32 -83.36 59.45
N GLN BB 597 88.38 -82.56 59.54
CA GLN BB 597 88.22 -81.17 59.95
C GLN BB 597 87.85 -80.29 58.75
N ALA BB 598 87.10 -79.24 59.02
CA ALA BB 598 86.65 -78.33 57.97
C ALA BB 598 87.85 -77.64 57.32
N ALA BB 599 87.82 -77.57 55.99
CA ALA BB 599 88.89 -76.98 55.21
C ALA BB 599 88.35 -75.85 54.35
N THR BB 600 89.18 -74.83 54.13
CA THR BB 600 88.80 -73.67 53.34
C THR BB 600 89.90 -73.38 52.32
N ALA BB 601 89.51 -72.70 51.25
CA ALA BB 601 90.45 -72.28 50.21
C ALA BB 601 90.20 -70.83 49.86
N ASP BB 602 91.29 -70.15 49.45
CA ASP BB 602 91.18 -68.78 48.99
C ASP BB 602 90.51 -68.72 47.62
N VAL BB 603 89.71 -67.69 47.40
CA VAL BB 603 89.03 -67.48 46.12
C VAL BB 603 89.78 -66.35 45.44
N ASN BB 604 90.77 -66.71 44.61
CA ASN BB 604 91.57 -65.71 43.90
C ASN BB 604 90.85 -65.12 42.70
N THR BB 605 89.83 -65.80 42.19
CA THR BB 605 89.01 -65.28 41.11
C THR BB 605 87.55 -65.54 41.43
N GLN BB 606 86.74 -64.49 41.36
CA GLN BB 606 85.32 -64.58 41.71
C GLN BB 606 84.50 -63.94 40.61
N GLY BB 607 83.60 -64.71 40.01
CA GLY BB 607 82.66 -64.17 39.05
C GLY BB 607 81.52 -63.45 39.75
N VAL BB 608 80.64 -62.87 38.93
CA VAL BB 608 79.52 -62.11 39.46
C VAL BB 608 78.51 -63.05 40.09
N LEU BB 609 78.10 -62.74 41.31
CA LEU BB 609 77.09 -63.46 42.06
C LEU BB 609 75.85 -62.59 42.26
N PRO BB 610 74.68 -63.19 42.40
CA PRO BB 610 73.50 -62.37 42.75
C PRO BB 610 73.68 -61.67 44.08
N GLY BB 611 73.23 -60.42 44.14
CA GLY BB 611 73.43 -59.60 45.31
C GLY BB 611 74.75 -58.87 45.37
N MET BB 612 75.56 -58.95 44.32
CA MET BB 612 76.91 -58.31 44.31
C MET BB 612 76.78 -56.84 43.90
N VAL BB 613 77.49 -55.93 44.58
CA VAL BB 613 77.53 -54.51 44.31
C VAL BB 613 78.98 -54.08 44.18
N TRP BB 614 79.25 -53.16 43.26
CA TRP BB 614 80.61 -52.72 42.99
C TRP BB 614 80.59 -51.32 42.41
N GLN BB 615 81.76 -50.70 42.39
CA GLN BB 615 81.98 -49.40 41.77
C GLN BB 615 82.89 -49.55 40.58
N ASP BB 616 82.65 -48.77 39.54
CA ASP BB 616 83.48 -48.82 38.34
C ASP BB 616 84.80 -48.08 38.57
N ARG BB 617 85.71 -48.22 37.62
CA ARG BB 617 86.99 -47.54 37.71
C ARG BB 617 86.82 -46.03 37.56
N ASP BB 618 87.61 -45.27 38.30
CA ASP BB 618 87.54 -43.82 38.25
C ASP BB 618 88.07 -43.30 36.92
N VAL BB 619 87.59 -42.13 36.53
CA VAL BB 619 88.09 -41.42 35.37
C VAL BB 619 89.03 -40.32 35.84
N TYR BB 620 89.97 -39.94 34.98
CA TYR BB 620 91.01 -38.98 35.33
C TYR BB 620 91.06 -37.90 34.26
N LEU BB 621 91.69 -36.78 34.63
CA LEU BB 621 91.82 -35.68 33.67
C LEU BB 621 92.63 -36.12 32.45
N GLN BB 622 93.69 -36.89 32.66
CA GLN BB 622 94.48 -37.44 31.57
C GLN BB 622 93.90 -38.74 31.02
N GLY BB 623 92.83 -39.26 31.60
CA GLY BB 623 92.29 -40.54 31.22
C GLY BB 623 91.34 -40.47 30.05
N PRO BB 624 90.97 -41.63 29.51
CA PRO BB 624 90.01 -41.67 28.40
C PRO BB 624 88.60 -41.35 28.87
N ILE BB 625 87.79 -40.89 27.92
CA ILE BB 625 86.40 -40.51 28.18
C ILE BB 625 85.45 -41.66 27.88
N TRP BB 626 85.59 -42.29 26.72
CA TRP BB 626 84.63 -43.29 26.27
C TRP BB 626 85.35 -44.43 25.59
N ALA BB 627 84.57 -45.45 25.23
CA ALA BB 627 85.04 -46.55 24.40
C ALA BB 627 83.84 -47.16 23.71
N LYS BB 628 84.10 -47.82 22.57
CA LYS BB 628 83.03 -48.46 21.83
C LYS BB 628 82.79 -49.86 22.39
N ILE BB 629 81.54 -50.14 22.76
CA ILE BB 629 81.18 -51.49 23.21
C ILE BB 629 81.25 -52.43 22.02
N PRO BB 630 81.99 -53.54 22.11
CA PRO BB 630 82.10 -54.45 20.98
C PRO BB 630 80.74 -54.99 20.56
N HIS BB 631 80.56 -55.16 19.25
CA HIS BB 631 79.31 -55.68 18.70
C HIS BB 631 79.30 -57.18 18.91
N THR BB 632 78.75 -57.61 20.04
CA THR BB 632 78.72 -59.01 20.43
C THR BB 632 77.31 -59.36 20.88
N ASP BB 633 77.03 -60.66 20.91
CA ASP BB 633 75.67 -61.13 21.31
C ASP BB 633 75.45 -60.81 22.78
N GLY BB 634 76.47 -60.98 23.61
CA GLY BB 634 76.31 -60.74 25.03
C GLY BB 634 77.48 -59.98 25.60
N HIS BB 635 77.18 -59.20 26.63
CA HIS BB 635 78.17 -58.48 27.42
C HIS BB 635 77.54 -58.13 28.75
N PHE BB 636 78.36 -58.09 29.80
CA PHE BB 636 77.90 -57.78 31.14
C PHE BB 636 78.55 -56.49 31.60
N HIS BB 637 77.73 -55.52 32.01
CA HIS BB 637 78.19 -54.23 32.51
C HIS BB 637 79.22 -53.63 31.57
N PRO BB 638 78.82 -53.13 30.40
CA PRO BB 638 79.78 -52.66 29.39
C PRO BB 638 80.40 -51.29 29.68
N SER BB 639 80.85 -51.12 30.92
CA SER BB 639 81.70 -49.98 31.25
C SER BB 639 83.15 -50.31 30.89
N PRO BB 640 83.85 -49.44 30.16
CA PRO BB 640 85.22 -49.75 29.77
C PRO BB 640 86.10 -49.99 31.00
N LEU BB 641 86.98 -50.99 30.89
CA LEU BB 641 87.82 -51.33 32.03
C LEU BB 641 88.89 -50.28 32.29
N MET BB 642 89.32 -49.56 31.26
CA MET BB 642 90.26 -48.47 31.44
C MET BB 642 89.62 -47.23 32.05
N GLY BB 643 88.30 -47.19 32.17
CA GLY BB 643 87.58 -46.07 32.74
C GLY BB 643 86.86 -45.26 31.69
N GLY BB 644 85.64 -44.83 32.03
CA GLY BB 644 84.88 -44.01 31.12
C GLY BB 644 83.47 -44.49 30.87
N PHE BB 645 82.90 -44.08 29.73
CA PHE BB 645 81.52 -44.39 29.38
C PHE BB 645 81.48 -45.37 28.22
N GLY BB 646 80.78 -46.48 28.41
CA GLY BB 646 80.60 -47.44 27.35
C GLY BB 646 79.49 -47.02 26.40
N LEU BB 647 79.82 -46.91 25.11
CA LEU BB 647 78.88 -46.40 24.12
C LEU BB 647 78.73 -47.43 23.00
N LYS BB 648 77.48 -47.83 22.73
CA LYS BB 648 77.23 -48.70 21.58
C LYS BB 648 77.48 -47.97 20.29
N HIS BB 649 77.17 -46.67 20.25
CA HIS BB 649 77.44 -45.80 19.10
C HIS BB 649 78.27 -44.62 19.61
N PRO BB 650 79.58 -44.80 19.75
CA PRO BB 650 80.43 -43.73 20.26
C PRO BB 650 80.60 -42.62 19.23
N PRO BB 651 81.24 -41.51 19.59
CA PRO BB 651 81.54 -40.48 18.61
C PRO BB 651 82.30 -41.06 17.43
N PRO BB 652 81.85 -40.82 16.21
CA PRO BB 652 82.45 -41.49 15.05
C PRO BB 652 83.88 -41.04 14.82
N GLN BB 653 84.66 -41.94 14.23
CA GLN BB 653 86.02 -41.61 13.83
C GLN BB 653 85.99 -40.58 12.72
N ILE BB 654 86.85 -39.56 12.82
CA ILE BB 654 86.96 -38.51 11.83
C ILE BB 654 88.27 -38.71 11.10
N LEU BB 655 88.19 -39.09 9.82
CA LEU BB 655 89.36 -39.42 9.02
C LEU BB 655 89.69 -38.26 8.09
N ILE BB 656 90.96 -37.88 8.05
CA ILE BB 656 91.42 -36.76 7.24
C ILE BB 656 92.72 -37.16 6.55
N LYS BB 657 92.86 -36.79 5.28
CA LYS BB 657 94.10 -37.03 4.56
C LYS BB 657 94.25 -36.00 3.46
N ASN BB 658 95.49 -35.80 3.03
CA ASN BB 658 95.78 -34.88 1.94
C ASN BB 658 95.54 -35.58 0.61
N THR BB 659 94.86 -34.90 -0.30
CA THR BB 659 94.63 -35.45 -1.62
C THR BB 659 95.95 -35.52 -2.37
N PRO BB 660 96.33 -36.68 -2.91
CA PRO BB 660 97.59 -36.79 -3.63
C PRO BB 660 97.57 -35.93 -4.90
N VAL BB 661 98.61 -35.13 -5.08
CA VAL BB 661 98.78 -34.28 -6.25
C VAL BB 661 99.92 -34.87 -7.07
N PRO BB 662 99.64 -35.45 -8.24
CA PRO BB 662 100.71 -36.05 -9.04
C PRO BB 662 101.73 -35.02 -9.48
N ALA BB 663 102.98 -35.45 -9.56
CA ALA BB 663 104.06 -34.62 -10.07
C ALA BB 663 104.00 -34.61 -11.60
N ASN BB 664 105.06 -34.13 -12.24
CA ASN BB 664 105.06 -33.99 -13.70
C ASN BB 664 104.95 -35.35 -14.37
N PRO BB 665 103.91 -35.60 -15.16
CA PRO BB 665 103.78 -36.88 -15.85
C PRO BB 665 104.59 -36.94 -17.13
N SER BB 666 104.74 -38.17 -17.62
CA SER BB 666 105.46 -38.40 -18.89
C SER BB 666 104.54 -38.02 -20.05
N THR BB 667 105.10 -37.46 -21.11
CA THR BB 667 104.33 -37.09 -22.29
C THR BB 667 103.83 -38.32 -23.05
N THR BB 668 104.37 -39.50 -22.77
CA THR BB 668 103.90 -40.75 -23.36
C THR BB 668 103.05 -41.48 -22.33
N PHE BB 669 101.95 -42.08 -22.79
CA PHE BB 669 101.05 -42.76 -21.87
C PHE BB 669 101.73 -43.96 -21.23
N SER BB 670 101.52 -44.12 -19.92
CA SER BB 670 102.00 -45.26 -19.17
C SER BB 670 100.87 -45.79 -18.30
N ALA BB 671 100.62 -47.09 -18.38
CA ALA BB 671 99.56 -47.70 -17.60
C ALA BB 671 99.95 -47.94 -16.15
N ALA BB 672 101.22 -47.77 -15.81
CA ALA BB 672 101.65 -47.92 -14.43
C ALA BB 672 101.04 -46.83 -13.56
N LYS BB 673 100.63 -47.20 -12.36
CA LYS BB 673 100.05 -46.23 -11.44
C LYS BB 673 101.09 -45.20 -11.04
N PHE BB 674 100.60 -44.00 -10.74
CA PHE BB 674 101.52 -42.87 -10.40
C PHE BB 674 102.29 -43.16 -9.12
N ALA BB 675 103.60 -42.96 -9.16
CA ALA BB 675 104.44 -43.13 -8.00
C ALA BB 675 105.17 -41.86 -7.59
N SER BB 676 105.10 -40.80 -8.38
CA SER BB 676 105.74 -39.53 -8.08
C SER BB 676 104.66 -38.50 -7.77
N PHE BB 677 104.79 -37.83 -6.64
CA PHE BB 677 103.81 -36.85 -6.18
C PHE BB 677 104.53 -35.63 -5.66
N ILE BB 678 103.81 -34.51 -5.62
CA ILE BB 678 104.32 -33.29 -5.01
C ILE BB 678 104.24 -33.43 -3.50
N THR BB 679 105.38 -33.24 -2.83
CA THR BB 679 105.41 -33.34 -1.38
C THR BB 679 104.60 -32.20 -0.77
N GLN BB 680 103.69 -32.54 0.13
CA GLN BB 680 102.85 -31.51 0.73
C GLN BB 680 102.27 -32.01 2.04
N TYR BB 681 101.91 -31.04 2.89
CA TYR BB 681 101.23 -31.30 4.15
C TYR BB 681 100.14 -30.26 4.30
N SER BB 682 99.35 -30.40 5.36
CA SER BB 682 98.27 -29.45 5.63
C SER BB 682 98.30 -29.05 7.10
N THR BB 683 97.79 -27.84 7.36
CA THR BB 683 97.66 -27.34 8.71
C THR BB 683 96.32 -26.63 8.81
N GLY BB 684 95.80 -26.54 10.02
CA GLY BB 684 94.51 -25.92 10.21
C GLY BB 684 94.12 -25.91 11.68
N GLN BB 685 92.86 -25.58 11.93
CA GLN BB 685 92.32 -25.52 13.27
C GLN BB 685 91.18 -26.52 13.42
N VAL BB 686 91.08 -27.08 14.62
CA VAL BB 686 90.05 -28.05 14.95
C VAL BB 686 89.34 -27.58 16.21
N SER BB 687 88.01 -27.67 16.21
CA SER BB 687 87.18 -27.26 17.34
C SER BB 687 86.32 -28.43 17.79
N VAL BB 688 86.32 -28.69 19.11
CA VAL BB 688 85.48 -29.72 19.71
C VAL BB 688 84.70 -29.06 20.85
N GLU BB 689 83.38 -29.14 20.77
CA GLU BB 689 82.50 -28.60 21.81
C GLU BB 689 81.62 -29.72 22.34
N ILE BB 690 81.70 -30.00 23.63
CA ILE BB 690 80.93 -31.08 24.25
C ILE BB 690 80.08 -30.48 25.35
N GLU BB 691 78.79 -30.83 25.36
CA GLU BB 691 77.88 -30.48 26.44
C GLU BB 691 77.81 -31.64 27.42
N TRP BB 692 78.04 -31.36 28.70
CA TRP BB 692 78.01 -32.36 29.75
C TRP BB 692 76.86 -32.07 30.70
N GLU BB 693 76.19 -33.13 31.16
CA GLU BB 693 75.15 -33.01 32.16
C GLU BB 693 75.72 -33.32 33.54
N LEU BB 694 75.32 -32.52 34.52
CA LEU BB 694 75.84 -32.61 35.88
C LEU BB 694 74.79 -33.18 36.82
N GLN BB 695 75.24 -33.99 37.77
CA GLN BB 695 74.41 -34.51 38.84
C GLN BB 695 74.82 -33.78 40.12
N LYS BB 696 74.02 -32.81 40.52
CA LYS BB 696 74.40 -31.94 41.63
C LYS BB 696 74.42 -32.71 42.94
N GLU BB 697 75.43 -32.42 43.76
CA GLU BB 697 75.53 -33.04 45.08
C GLU BB 697 74.43 -32.55 46.00
N ASN BB 698 73.82 -33.48 46.73
CA ASN BB 698 72.71 -33.20 47.63
C ASN BB 698 72.97 -33.85 48.99
N SER BB 699 74.19 -33.65 49.50
CA SER BB 699 74.59 -34.31 50.73
C SER BB 699 74.03 -33.59 51.95
N LYS BB 700 73.89 -34.31 53.06
CA LYS BB 700 73.43 -33.71 54.34
C LYS BB 700 74.45 -33.98 55.44
N ARG BB 701 75.70 -34.28 55.08
CA ARG BB 701 76.73 -34.44 56.10
C ARG BB 701 77.04 -33.10 56.75
N TRP BB 702 77.49 -33.17 58.00
CA TRP BB 702 77.71 -31.97 58.81
C TRP BB 702 79.13 -31.43 58.65
N ASN BB 703 80.13 -32.30 58.83
CA ASN BB 703 81.51 -31.87 58.79
C ASN BB 703 81.97 -31.67 57.35
N PRO BB 704 83.01 -30.84 57.09
CA PRO BB 704 83.45 -30.56 55.72
C PRO BB 704 83.93 -31.82 54.96
N GLU BB 705 83.98 -31.76 53.64
CA GLU BB 705 84.34 -32.93 52.80
C GLU BB 705 85.78 -32.83 52.30
N ILE BB 706 86.32 -33.90 51.71
CA ILE BB 706 87.65 -33.74 51.05
C ILE BB 706 87.45 -33.06 49.69
N GLN BB 707 88.24 -32.02 49.40
CA GLN BB 707 88.18 -31.38 48.10
C GLN BB 707 89.57 -31.32 47.50
N TYR BB 708 89.64 -31.39 46.18
CA TYR BB 708 90.93 -31.18 45.50
C TYR BB 708 91.33 -29.72 45.61
N THR BB 709 92.60 -29.47 45.89
CA THR BB 709 93.08 -28.12 46.10
C THR BB 709 94.53 -28.03 45.66
N SER BB 710 94.93 -26.79 45.36
CA SER BB 710 96.36 -26.55 45.05
C SER BB 710 97.11 -26.41 46.36
N ASN BB 711 98.43 -26.59 46.37
CA ASN BB 711 99.12 -26.50 47.67
C ASN BB 711 99.57 -25.05 47.84
N TYR BB 712 99.33 -24.46 49.00
CA TYR BB 712 99.62 -23.01 49.20
C TYR BB 712 101.13 -22.78 49.28
N ASN BB 713 101.92 -23.73 49.77
CA ASN BB 713 103.32 -23.45 49.95
C ASN BB 713 103.99 -23.01 48.65
N LYS BB 714 105.02 -22.19 48.81
CA LYS BB 714 105.76 -21.66 47.64
C LYS BB 714 106.45 -22.79 46.89
N SER BB 715 106.64 -22.58 45.60
CA SER BB 715 107.31 -23.56 44.77
C SER BB 715 107.97 -22.85 43.61
N ILE BB 716 108.94 -23.53 42.99
CA ILE BB 716 109.62 -22.98 41.83
C ILE BB 716 108.64 -22.81 40.67
N ASN BB 717 107.79 -23.82 40.45
CA ASN BB 717 106.81 -23.81 39.37
C ASN BB 717 105.41 -23.96 39.92
N VAL BB 718 104.45 -23.33 39.27
CA VAL BB 718 103.05 -23.52 39.61
C VAL BB 718 102.54 -24.78 38.91
N ASP BB 719 101.67 -25.51 39.60
CA ASP BB 719 101.14 -26.75 39.03
C ASP BB 719 100.23 -26.45 37.84
N PHE BB 720 100.30 -27.34 36.84
CA PHE BB 720 99.47 -27.24 35.64
C PHE BB 720 99.68 -25.91 34.90
N THR BB 721 100.92 -25.47 34.85
CA THR BB 721 101.32 -24.30 34.07
C THR BB 721 102.54 -24.67 33.23
N VAL BB 722 103.11 -23.67 32.58
CA VAL BB 722 104.32 -23.85 31.79
C VAL BB 722 105.53 -23.47 32.62
N ASP BB 723 106.68 -24.05 32.30
CA ASP BB 723 107.92 -23.73 32.98
C ASP BB 723 108.65 -22.63 32.21
N THR BB 724 109.91 -22.40 32.56
CA THR BB 724 110.70 -21.34 31.90
C THR BB 724 110.94 -21.71 30.44
N ASN BB 725 110.72 -22.98 30.07
CA ASN BB 725 110.86 -23.41 28.65
C ASN BB 725 109.48 -23.35 27.98
N GLY BB 726 108.45 -22.92 28.72
CA GLY BB 726 107.09 -22.85 28.17
C GLY BB 726 106.52 -24.24 27.94
N VAL BB 727 107.07 -25.25 28.62
CA VAL BB 727 106.61 -26.65 28.45
C VAL BB 727 105.47 -26.92 29.45
N TYR BB 728 104.28 -27.26 28.94
CA TYR BB 728 103.16 -27.55 29.82
C TYR BB 728 103.30 -28.95 30.40
N SER BB 729 103.03 -29.09 31.70
CA SER BB 729 103.12 -30.36 32.36
C SER BB 729 101.92 -30.54 33.27
N GLU BB 730 101.55 -31.80 33.50
CA GLU BB 730 100.50 -32.16 34.44
C GLU BB 730 101.13 -32.91 35.61
N PRO BB 731 101.31 -32.25 36.75
CA PRO BB 731 102.14 -32.86 37.82
C PRO BB 731 101.60 -34.17 38.38
N ARG BB 732 100.29 -34.35 38.47
CA ARG BB 732 99.74 -35.55 39.07
C ARG BB 732 98.42 -35.87 38.39
N PRO BB 733 97.99 -37.14 38.45
CA PRO BB 733 96.64 -37.47 37.99
C PRO BB 733 95.60 -37.00 38.99
N ILE BB 734 94.50 -36.45 38.48
CA ILE BB 734 93.39 -36.01 39.31
C ILE BB 734 92.19 -36.87 38.96
N GLY BB 735 91.64 -37.56 39.95
CA GLY BB 735 90.43 -38.33 39.78
C GLY BB 735 89.22 -37.44 39.92
N THR BB 736 88.08 -38.06 40.22
CA THR BB 736 86.84 -37.32 40.42
C THR BB 736 86.17 -37.60 41.75
N ARG BB 737 86.68 -38.54 42.55
CA ARG BB 737 85.96 -39.04 43.73
C ARG BB 737 86.47 -38.33 44.98
N TYR BB 738 85.91 -37.15 45.23
CA TYR BB 738 86.23 -36.35 46.41
C TYR BB 738 85.04 -36.13 47.32
N LEU BB 739 83.86 -35.85 46.76
CA LEU BB 739 82.66 -35.78 47.57
C LEU BB 739 82.27 -37.19 48.02
N THR BB 740 81.42 -37.25 49.04
CA THR BB 740 81.01 -38.52 49.62
C THR BB 740 79.50 -38.65 49.57
N ARG BB 741 79.06 -39.92 49.44
CA ARG BB 741 77.62 -40.24 49.48
C ARG BB 741 77.49 -41.53 50.29
N ASN BB 742 76.38 -41.72 51.01
CA ASN BB 742 76.13 -42.95 51.74
C ASN BB 742 75.83 -44.10 50.79
N LEU BB 743 76.13 -45.32 51.24
CA LEU BB 743 75.83 -46.51 50.45
C LEU BB 743 74.32 -46.72 50.31
N ALA CB 218 24.33 -41.71 -72.20
CA ALA CB 218 24.84 -41.59 -70.82
C ALA CB 218 26.33 -41.25 -70.85
N ASP CB 219 27.06 -41.88 -71.77
CA ASP CB 219 28.54 -41.72 -71.78
C ASP CB 219 28.96 -41.37 -73.21
N GLY CB 220 28.00 -41.06 -74.09
CA GLY CB 220 28.37 -40.62 -75.44
C GLY CB 220 29.49 -41.47 -76.03
N VAL CB 221 30.43 -40.85 -76.74
CA VAL CB 221 31.49 -41.61 -77.44
C VAL CB 221 32.79 -41.27 -76.72
N GLY CB 222 33.42 -42.26 -76.12
CA GLY CB 222 34.68 -42.11 -75.45
C GLY CB 222 34.63 -42.22 -73.94
N ASN CB 223 33.44 -42.39 -73.36
CA ASN CB 223 33.29 -42.57 -71.92
C ASN CB 223 32.77 -43.97 -71.66
N SER CB 224 33.48 -44.73 -70.83
CA SER CB 224 33.08 -46.09 -70.54
C SER CB 224 31.83 -46.10 -69.66
N SER CB 225 30.91 -47.01 -69.97
CA SER CB 225 29.66 -47.13 -69.25
C SER CB 225 29.66 -48.29 -68.25
N GLY CB 226 30.81 -48.91 -68.01
CA GLY CB 226 30.89 -49.99 -67.05
C GLY CB 226 32.32 -50.44 -66.87
N ASN CB 227 32.51 -51.33 -65.90
CA ASN CB 227 33.82 -51.87 -65.57
C ASN CB 227 33.75 -53.39 -65.57
N TRP CB 228 34.93 -54.01 -65.60
CA TRP CB 228 35.04 -55.46 -65.61
C TRP CB 228 35.00 -55.97 -64.17
N HIS CB 229 33.94 -56.69 -63.83
CA HIS CB 229 33.78 -57.25 -62.47
C HIS CB 229 33.64 -58.76 -62.60
N CYS CB 230 34.75 -59.50 -62.46
CA CYS CB 230 34.71 -60.98 -62.51
C CYS CB 230 35.40 -61.46 -61.23
N ASP CB 231 34.64 -61.97 -60.26
CA ASP CB 231 35.25 -62.38 -58.97
C ASP CB 231 34.22 -63.08 -58.08
N SER CB 232 34.65 -63.59 -56.92
CA SER CB 232 33.66 -64.13 -56.00
C SER CB 232 34.04 -63.76 -54.58
N THR CB 233 33.03 -63.48 -53.76
CA THR CB 233 33.22 -63.09 -52.36
C THR CB 233 32.47 -64.09 -51.49
N TRP CB 234 33.18 -64.70 -50.54
CA TRP CB 234 32.59 -65.61 -49.58
C TRP CB 234 32.44 -64.89 -48.25
N MET CB 235 31.20 -64.76 -47.79
CA MET CB 235 30.94 -64.05 -46.51
C MET CB 235 29.96 -64.89 -45.68
N GLY CB 236 30.49 -65.72 -44.78
CA GLY CB 236 29.64 -66.53 -43.92
C GLY CB 236 28.83 -67.53 -44.72
N ASP CB 237 27.51 -67.44 -44.61
CA ASP CB 237 26.59 -68.34 -45.29
C ASP CB 237 26.19 -67.84 -46.68
N ARG CB 238 27.00 -66.98 -47.30
CA ARG CB 238 26.71 -66.47 -48.62
C ARG CB 238 27.98 -66.49 -49.47
N VAL CB 239 27.80 -66.71 -50.77
CA VAL CB 239 28.85 -66.53 -51.75
C VAL CB 239 28.26 -65.78 -52.93
N THR CB 240 28.88 -64.66 -53.30
CA THR CB 240 28.44 -63.85 -54.41
C THR CB 240 29.44 -64.01 -55.56
N THR CB 241 28.98 -64.58 -56.67
CA THR CB 241 29.81 -64.79 -57.84
C THR CB 241 29.44 -63.77 -58.90
N THR CB 242 30.45 -63.09 -59.45
CA THR CB 242 30.26 -62.11 -60.51
C THR CB 242 31.10 -62.52 -61.72
N SER CB 243 30.53 -62.40 -62.90
CA SER CB 243 31.20 -62.79 -64.13
C SER CB 243 31.00 -61.71 -65.19
N THR CB 244 32.06 -61.45 -65.96
CA THR CB 244 31.98 -60.53 -67.09
C THR CB 244 32.52 -61.24 -68.33
N ARG CB 245 31.83 -61.06 -69.45
CA ARG CB 245 32.22 -61.66 -70.72
C ARG CB 245 32.06 -60.65 -71.84
N THR CB 246 32.76 -60.89 -72.93
CA THR CB 246 32.63 -60.08 -74.14
C THR CB 246 31.79 -60.86 -75.14
N TRP CB 247 30.71 -60.24 -75.61
CA TRP CB 247 29.77 -60.88 -76.52
C TRP CB 247 29.78 -60.21 -77.89
N ALA CB 248 29.39 -60.98 -78.90
CA ALA CB 248 29.22 -60.48 -80.25
C ALA CB 248 27.83 -60.86 -80.73
N LEU CB 249 27.09 -59.88 -81.22
CA LEU CB 249 25.71 -60.08 -81.67
C LEU CB 249 25.59 -59.73 -83.14
N PRO CB 250 25.39 -60.70 -84.03
CA PRO CB 250 25.21 -60.40 -85.45
C PRO CB 250 23.77 -60.00 -85.73
N THR CB 251 23.48 -59.79 -87.01
CA THR CB 251 22.12 -59.57 -87.47
C THR CB 251 21.53 -60.92 -87.86
N TYR CB 252 20.40 -61.28 -87.25
CA TYR CB 252 19.79 -62.58 -87.43
C TYR CB 252 18.60 -62.49 -88.37
N ASN CB 253 18.54 -63.43 -89.32
CA ASN CB 253 17.44 -63.55 -90.28
C ASN CB 253 17.29 -62.32 -91.17
N ASN CB 254 18.32 -61.48 -91.23
CA ASN CB 254 18.27 -60.21 -91.97
C ASN CB 254 17.09 -59.37 -91.51
N HIS CB 255 16.96 -59.22 -90.19
CA HIS CB 255 15.93 -58.41 -89.53
C HIS CB 255 14.52 -58.91 -89.79
N LEU CB 256 14.34 -60.21 -90.02
CA LEU CB 256 13.05 -60.75 -90.40
C LEU CB 256 12.59 -61.82 -89.43
N TYR CB 257 11.27 -62.03 -89.38
CA TYR CB 257 10.72 -63.17 -88.63
C TYR CB 257 10.36 -64.18 -89.71
N LYS CB 258 10.80 -65.41 -89.59
CA LYS CB 258 10.59 -66.48 -90.57
C LYS CB 258 9.87 -67.64 -89.91
N GLN CB 259 8.79 -68.08 -90.52
CA GLN CB 259 8.12 -69.29 -90.07
C GLN CB 259 8.98 -70.50 -90.38
N ILE CB 260 9.18 -71.35 -89.38
CA ILE CB 260 10.00 -72.55 -89.53
C ILE CB 260 9.16 -73.76 -89.17
N SER CB 261 9.51 -74.90 -89.75
CA SER CB 261 8.80 -76.14 -89.50
C SER CB 261 9.72 -77.30 -89.85
N SER CB 262 9.31 -78.50 -89.42
CA SER CB 262 10.07 -79.70 -89.72
C SER CB 262 10.08 -79.96 -91.22
N GLN CB 263 11.16 -80.58 -91.66
CA GLN CB 263 11.31 -80.86 -93.11
C GLN CB 263 10.29 -81.90 -93.52
N SER CB 264 9.83 -81.81 -94.77
CA SER CB 264 8.93 -82.86 -95.28
C SER CB 264 9.71 -84.18 -95.31
N GLY CB 265 9.04 -85.28 -95.00
CA GLY CB 265 9.64 -86.60 -94.93
C GLY CB 265 10.16 -86.97 -93.56
N ALA CB 266 10.14 -86.05 -92.60
CA ALA CB 266 10.56 -86.36 -91.25
C ALA CB 266 9.55 -87.29 -90.58
N SER CB 267 10.03 -88.02 -89.57
CA SER CB 267 9.14 -88.89 -88.82
C SER CB 267 8.16 -88.05 -88.00
N ASN CB 268 7.07 -88.70 -87.56
CA ASN CB 268 6.07 -87.99 -86.77
C ASN CB 268 6.63 -87.50 -85.45
N ASP CB 269 7.56 -88.24 -84.86
CA ASP CB 269 8.16 -87.81 -83.60
C ASP CB 269 9.00 -86.56 -83.75
N ASN CB 270 9.52 -86.31 -84.95
CA ASN CB 270 10.40 -85.18 -85.21
C ASN CB 270 9.67 -83.99 -85.84
N HIS CB 271 8.36 -84.08 -86.01
CA HIS CB 271 7.61 -82.97 -86.60
C HIS CB 271 7.49 -81.81 -85.62
N TYR CB 272 7.60 -80.59 -86.14
CA TYR CB 272 7.48 -79.41 -85.31
C TYR CB 272 7.09 -78.22 -86.18
N PHE CB 273 6.59 -77.18 -85.51
CA PHE CB 273 6.25 -75.92 -86.14
C PHE CB 273 6.59 -74.79 -85.17
N GLY CB 274 7.12 -73.70 -85.71
CA GLY CB 274 7.51 -72.60 -84.86
C GLY CB 274 7.92 -71.40 -85.67
N TYR CB 275 8.55 -70.44 -85.00
CA TYR CB 275 8.99 -69.21 -85.64
C TYR CB 275 10.41 -68.88 -85.21
N SER CB 276 11.17 -68.33 -86.15
CA SER CB 276 12.53 -67.86 -85.90
C SER CB 276 12.52 -66.34 -85.86
N THR CB 277 13.08 -65.78 -84.80
CA THR CB 277 13.06 -64.33 -84.62
C THR CB 277 14.43 -63.74 -84.91
N PRO CB 278 14.48 -62.45 -85.31
CA PRO CB 278 15.78 -61.79 -85.51
C PRO CB 278 16.49 -61.41 -84.22
N TRP CB 279 15.93 -61.75 -83.07
CA TRP CB 279 16.52 -61.40 -81.78
C TRP CB 279 17.47 -62.47 -81.30
N GLY CB 280 18.37 -62.06 -80.41
CA GLY CB 280 19.21 -62.98 -79.66
C GLY CB 280 18.83 -62.92 -78.19
N TYR CB 281 19.43 -63.83 -77.42
CA TYR CB 281 19.15 -63.88 -75.98
C TYR CB 281 20.43 -64.21 -75.23
N PHE CB 282 20.52 -63.69 -74.01
CA PHE CB 282 21.67 -63.93 -73.14
C PHE CB 282 21.36 -65.08 -72.21
N ASP CB 283 22.17 -66.13 -72.26
CA ASP CB 283 21.97 -67.34 -71.47
C ASP CB 283 23.14 -67.49 -70.52
N PHE CB 284 22.83 -67.60 -69.22
CA PHE CB 284 23.83 -67.94 -68.21
C PHE CB 284 23.30 -69.03 -67.29
N ASN CB 285 22.53 -69.96 -67.84
CA ASN CB 285 21.93 -71.05 -67.07
C ASN CB 285 22.83 -72.27 -67.02
N ARG CB 286 24.09 -72.05 -66.64
CA ARG CB 286 25.05 -73.12 -66.39
C ARG CB 286 25.96 -72.68 -65.27
N PHE CB 287 26.37 -73.60 -64.41
CA PHE CB 287 27.15 -73.21 -63.20
C PHE CB 287 28.53 -72.68 -63.57
N HIS CB 288 29.12 -73.16 -64.65
CA HIS CB 288 30.49 -72.75 -65.09
C HIS CB 288 30.49 -71.25 -65.48
N CYS CB 289 29.32 -70.68 -65.74
CA CYS CB 289 29.19 -69.25 -66.12
C CYS CB 289 29.42 -68.35 -64.91
N HIS CB 290 29.33 -68.90 -63.70
CA HIS CB 290 29.49 -68.12 -62.48
C HIS CB 290 30.55 -68.63 -61.54
N PHE CB 291 30.80 -69.94 -61.51
CA PHE CB 291 31.74 -70.55 -60.59
C PHE CB 291 32.99 -70.99 -61.34
N SER CB 292 34.15 -70.57 -60.84
CA SER CB 292 35.40 -71.14 -61.29
C SER CB 292 35.55 -72.54 -60.71
N PRO CB 293 36.41 -73.38 -61.31
CA PRO CB 293 36.63 -74.72 -60.73
C PRO CB 293 37.08 -74.69 -59.27
N ARG CB 294 37.93 -73.73 -58.90
CA ARG CB 294 38.31 -73.58 -57.50
C ARG CB 294 37.10 -73.17 -56.66
N ASP CB 295 36.26 -72.28 -57.20
CA ASP CB 295 35.02 -71.91 -56.51
C ASP CB 295 34.11 -73.11 -56.32
N TRP CB 296 33.98 -73.95 -57.35
CA TRP CB 296 33.18 -75.15 -57.24
C TRP CB 296 33.74 -76.10 -56.19
N GLN CB 297 35.05 -76.28 -56.16
CA GLN CB 297 35.66 -77.15 -55.16
C GLN CB 297 35.44 -76.61 -53.75
N ARG CB 298 35.56 -75.29 -53.59
CA ARG CB 298 35.28 -74.67 -52.30
C ARG CB 298 33.82 -74.84 -51.90
N LEU CB 299 32.90 -74.81 -52.87
CA LEU CB 299 31.49 -74.96 -52.56
C LEU CB 299 31.15 -76.40 -52.16
N ILE CB 300 31.62 -77.37 -52.94
CA ILE CB 300 31.15 -78.73 -52.77
C ILE CB 300 31.87 -79.49 -51.66
N ASN CB 301 33.06 -79.05 -51.26
CA ASN CB 301 33.80 -79.73 -50.21
C ASN CB 301 33.47 -79.26 -48.81
N ASN CB 302 32.65 -78.22 -48.68
CA ASN CB 302 32.41 -77.60 -47.38
C ASN CB 302 30.95 -77.34 -47.05
N ASN CB 303 30.04 -77.49 -48.00
CA ASN CB 303 28.65 -77.14 -47.80
C ASN CB 303 27.75 -78.33 -48.04
N TRP CB 304 26.71 -78.45 -47.23
CA TRP CB 304 25.68 -79.47 -47.39
C TRP CB 304 24.57 -79.05 -48.33
N GLY CB 305 24.56 -77.80 -48.79
CA GLY CB 305 23.54 -77.34 -49.71
C GLY CB 305 23.79 -75.92 -50.12
N PHE CB 306 23.12 -75.52 -51.20
CA PHE CB 306 23.18 -74.15 -51.69
C PHE CB 306 21.97 -73.87 -52.57
N ARG CB 307 21.65 -72.60 -52.73
CA ARG CB 307 20.54 -72.17 -53.55
C ARG CB 307 20.75 -70.72 -53.96
N PRO CB 308 20.29 -70.31 -55.13
CA PRO CB 308 20.40 -68.90 -55.52
C PRO CB 308 19.41 -68.02 -54.79
N LYS CB 309 19.82 -66.77 -54.56
CA LYS CB 309 19.04 -65.80 -53.80
C LYS CB 309 18.61 -64.62 -54.65
N ARG CB 310 19.54 -63.97 -55.33
CA ARG CB 310 19.23 -62.83 -56.18
C ARG CB 310 20.32 -62.69 -57.23
N LEU CB 311 20.01 -61.99 -58.31
CA LEU CB 311 20.98 -61.76 -59.37
C LEU CB 311 20.91 -60.31 -59.85
N ASN CB 312 22.03 -59.86 -60.43
CA ASN CB 312 22.11 -58.50 -61.04
C ASN CB 312 22.72 -58.70 -62.42
N PHE CB 313 22.19 -58.03 -63.43
CA PHE CB 313 22.59 -58.17 -64.82
C PHE CB 313 22.92 -56.80 -65.39
N LYS CB 314 23.98 -56.77 -66.20
CA LYS CB 314 24.37 -55.49 -66.83
C LYS CB 314 24.93 -55.64 -68.24
N LEU CB 315 24.51 -54.79 -69.16
CA LEU CB 315 25.10 -54.68 -70.49
C LEU CB 315 25.71 -53.29 -70.62
N PHE CB 316 26.95 -53.23 -71.10
CA PHE CB 316 27.66 -51.95 -71.13
C PHE CB 316 28.74 -52.02 -72.19
N ASN CB 317 29.35 -50.85 -72.45
CA ASN CB 317 30.41 -50.70 -73.44
C ASN CB 317 29.96 -51.24 -74.79
N ILE CB 318 28.76 -50.84 -75.20
CA ILE CB 318 28.15 -51.35 -76.42
C ILE CB 318 28.71 -50.62 -77.62
N GLN CB 319 29.23 -51.37 -78.59
CA GLN CB 319 29.80 -50.83 -79.81
C GLN CB 319 29.06 -51.46 -80.99
N VAL CB 320 28.55 -50.61 -81.88
CA VAL CB 320 27.92 -51.08 -83.11
C VAL CB 320 28.89 -50.86 -84.25
N LYS CB 321 29.23 -51.94 -84.95
CA LYS CB 321 30.19 -51.93 -86.04
C LYS CB 321 29.46 -52.13 -87.35
N GLU CB 322 29.73 -51.26 -88.32
CA GLU CB 322 29.18 -51.39 -89.67
C GLU CB 322 30.18 -52.12 -90.56
N VAL CB 323 29.72 -53.16 -91.25
CA VAL CB 323 30.55 -53.98 -92.11
C VAL CB 323 30.17 -53.70 -93.56
N THR CB 324 31.18 -53.41 -94.38
CA THR CB 324 30.99 -53.20 -95.81
C THR CB 324 31.94 -54.11 -96.58
N GLN CB 325 31.55 -54.46 -97.80
CA GLN CB 325 32.34 -55.34 -98.64
C GLN CB 325 32.35 -54.77 -100.06
N ASN CB 326 33.49 -54.22 -100.46
CA ASN CB 326 33.63 -53.59 -101.77
C ASN CB 326 34.81 -54.21 -102.49
N ASP CB 327 34.55 -54.81 -103.66
CA ASP CB 327 35.59 -55.43 -104.49
C ASP CB 327 36.38 -56.48 -103.72
N GLY CB 328 35.68 -57.27 -102.91
CA GLY CB 328 36.31 -58.36 -102.19
C GLY CB 328 37.03 -57.96 -100.92
N THR CB 329 36.87 -56.72 -100.45
CA THR CB 329 37.55 -56.24 -99.26
C THR CB 329 36.52 -56.02 -98.15
N THR CB 330 36.80 -56.58 -96.98
CA THR CB 330 35.93 -56.43 -95.81
C THR CB 330 36.46 -55.29 -94.95
N THR CB 331 35.67 -54.23 -94.83
CA THR CB 331 36.03 -53.04 -94.06
C THR CB 331 35.04 -52.88 -92.92
N ILE CB 332 35.55 -52.73 -91.70
CA ILE CB 332 34.73 -52.56 -90.51
C ILE CB 332 35.00 -51.20 -89.91
N ALA CB 333 33.93 -50.44 -89.68
CA ALA CB 333 34.03 -49.10 -89.12
C ALA CB 333 32.99 -48.94 -88.03
N ASN CB 334 33.24 -48.00 -87.13
CA ASN CB 334 32.31 -47.73 -86.05
C ASN CB 334 31.04 -47.05 -86.56
N ASN CB 335 29.93 -47.35 -85.90
CA ASN CB 335 28.65 -46.68 -86.13
C ASN CB 335 28.19 -46.14 -84.79
N LEU CB 336 28.50 -44.87 -84.52
CA LEU CB 336 28.24 -44.29 -83.21
C LEU CB 336 26.79 -43.90 -83.00
N THR CB 337 25.96 -43.90 -84.04
CA THR CB 337 24.57 -43.51 -83.93
C THR CB 337 23.60 -44.67 -83.95
N SER CB 338 24.07 -45.89 -84.21
CA SER CB 338 23.18 -47.05 -84.20
C SER CB 338 22.90 -47.50 -82.77
N THR CB 339 21.77 -48.19 -82.62
CA THR CB 339 21.32 -48.65 -81.32
C THR CB 339 21.18 -50.17 -81.30
N VAL CB 340 21.04 -50.71 -80.10
CA VAL CB 340 20.66 -52.10 -79.87
C VAL CB 340 19.47 -52.10 -78.92
N GLN CB 341 18.47 -52.92 -79.23
CA GLN CB 341 17.26 -53.01 -78.43
C GLN CB 341 17.38 -54.15 -77.43
N VAL CB 342 17.19 -53.83 -76.15
CA VAL CB 342 17.29 -54.81 -75.07
C VAL CB 342 16.03 -54.71 -74.21
N PHE CB 343 15.43 -55.86 -73.93
CA PHE CB 343 14.34 -55.91 -72.96
C PHE CB 343 14.33 -57.28 -72.28
N THR CB 344 13.82 -57.29 -71.06
CA THR CB 344 13.68 -58.52 -70.27
C THR CB 344 12.22 -58.92 -70.23
N ASP CB 345 11.96 -60.20 -70.48
CA ASP CB 345 10.60 -60.73 -70.45
C ASP CB 345 10.20 -61.05 -69.01
N SER CB 346 9.99 -60.00 -68.21
CA SER CB 346 9.73 -60.17 -66.77
C SER CB 346 8.30 -60.63 -66.51
N GLU CB 347 7.40 -60.48 -67.48
CA GLU CB 347 6.04 -61.00 -67.32
C GLU CB 347 5.87 -62.39 -67.90
N TYR CB 348 6.93 -62.98 -68.45
CA TYR CB 348 6.91 -64.35 -68.98
C TYR CB 348 5.81 -64.52 -70.02
N GLN CB 349 5.69 -63.56 -70.93
CA GLN CB 349 4.73 -63.61 -72.01
C GLN CB 349 5.28 -64.28 -73.27
N LEU CB 350 6.56 -64.60 -73.31
CA LEU CB 350 7.19 -65.26 -74.43
C LEU CB 350 7.52 -66.71 -74.07
N PRO CB 351 7.59 -67.60 -75.06
CA PRO CB 351 7.98 -68.98 -74.79
C PRO CB 351 9.37 -69.04 -74.17
N TYR CB 352 9.46 -69.72 -73.03
CA TYR CB 352 10.70 -69.78 -72.25
C TYR CB 352 11.59 -70.88 -72.83
N VAL CB 353 12.59 -70.47 -73.61
CA VAL CB 353 13.52 -71.42 -74.23
C VAL CB 353 14.75 -71.68 -73.39
N LEU CB 354 14.98 -70.90 -72.34
CA LEU CB 354 16.02 -71.24 -71.38
C LEU CB 354 15.61 -72.48 -70.59
N GLY CB 355 16.60 -73.21 -70.12
CA GLY CB 355 16.34 -74.45 -69.41
C GLY CB 355 16.16 -75.67 -70.29
N SER CB 356 16.46 -75.57 -71.58
CA SER CB 356 16.45 -76.72 -72.48
C SER CB 356 17.85 -77.21 -72.81
N ALA CB 357 18.84 -76.82 -72.02
CA ALA CB 357 20.23 -77.25 -72.20
C ALA CB 357 20.76 -76.88 -73.58
N HIS CB 358 20.57 -75.62 -73.96
CA HIS CB 358 21.00 -75.13 -75.26
C HIS CB 358 22.38 -74.49 -75.19
N GLN CB 359 23.10 -74.57 -76.30
CA GLN CB 359 24.40 -73.94 -76.42
C GLN CB 359 24.25 -72.43 -76.57
N GLY CB 360 25.35 -71.72 -76.37
CA GLY CB 360 25.36 -70.28 -76.45
C GLY CB 360 25.43 -69.55 -75.13
N CYS CB 361 25.77 -70.25 -74.05
CA CYS CB 361 25.85 -69.63 -72.74
C CYS CB 361 27.12 -68.78 -72.63
N LEU CB 362 27.29 -68.16 -71.48
CA LEU CB 362 28.53 -67.46 -71.18
C LEU CB 362 29.65 -68.50 -71.05
N PRO CB 363 30.77 -68.33 -71.76
CA PRO CB 363 31.80 -69.35 -71.73
C PRO CB 363 32.39 -69.50 -70.34
N PRO CB 364 32.78 -70.73 -69.96
CA PRO CB 364 33.33 -70.92 -68.61
C PRO CB 364 34.60 -70.12 -68.35
N PHE CB 365 35.44 -69.93 -69.34
CA PHE CB 365 36.67 -69.16 -69.18
C PHE CB 365 36.38 -67.68 -69.40
N PRO CB 366 36.72 -66.82 -68.43
CA PRO CB 366 36.36 -65.39 -68.56
C PRO CB 366 37.00 -64.69 -69.74
N ALA CB 367 38.06 -65.24 -70.32
CA ALA CB 367 38.76 -64.59 -71.43
C ALA CB 367 38.17 -64.93 -72.79
N ASP CB 368 37.19 -65.82 -72.86
CA ASP CB 368 36.61 -66.23 -74.12
C ASP CB 368 35.51 -65.28 -74.56
N VAL CB 369 35.43 -65.04 -75.87
CA VAL CB 369 34.40 -64.20 -76.48
C VAL CB 369 33.38 -65.12 -77.14
N PHE CB 370 32.10 -64.85 -76.91
CA PHE CB 370 31.03 -65.74 -77.35
C PHE CB 370 30.01 -64.99 -78.19
N MET CB 371 29.40 -65.72 -79.12
CA MET CB 371 28.31 -65.20 -79.94
C MET CB 371 26.98 -65.36 -79.23
N VAL CB 372 26.12 -64.37 -79.36
CA VAL CB 372 24.79 -64.40 -78.74
C VAL CB 372 23.89 -65.32 -79.55
N PRO CB 373 23.30 -66.35 -78.93
CA PRO CB 373 22.47 -67.28 -79.69
C PRO CB 373 21.18 -66.65 -80.18
N GLN CB 374 20.70 -67.15 -81.32
CA GLN CB 374 19.47 -66.65 -81.91
C GLN CB 374 18.25 -67.19 -81.17
N TYR CB 375 17.29 -66.32 -80.91
CA TYR CB 375 16.08 -66.72 -80.19
C TYR CB 375 15.07 -67.30 -81.17
N GLY CB 376 14.43 -68.40 -80.77
CA GLY CB 376 13.39 -69.03 -81.55
C GLY CB 376 12.55 -69.90 -80.64
N TYR CB 377 11.29 -70.09 -81.06
CA TYR CB 377 10.35 -70.84 -80.24
C TYR CB 377 9.51 -71.75 -81.13
N LEU CB 378 8.93 -72.77 -80.51
CA LEU CB 378 8.03 -73.69 -81.17
C LEU CB 378 6.63 -73.54 -80.59
N THR CB 379 5.63 -73.75 -81.45
CA THR CB 379 4.24 -73.70 -81.03
C THR CB 379 3.55 -74.99 -81.45
N LEU CB 380 2.23 -75.05 -81.29
CA LEU CB 380 1.47 -76.28 -81.62
C LEU CB 380 1.62 -76.63 -83.10
N ASN CB 381 1.72 -77.91 -83.41
CA ASN CB 381 1.84 -78.34 -84.82
C ASN CB 381 1.03 -79.61 -85.06
N ASN CB 382 0.37 -79.70 -86.21
CA ASN CB 382 -0.29 -80.97 -86.60
C ASN CB 382 0.59 -81.47 -87.74
N GLY CB 383 1.68 -82.18 -87.42
CA GLY CB 383 2.64 -82.56 -88.47
C GLY CB 383 3.56 -81.38 -88.73
N SER CB 384 3.87 -81.09 -89.99
CA SER CB 384 4.67 -79.92 -90.31
C SER CB 384 3.83 -78.64 -90.38
N GLN CB 385 2.52 -78.75 -90.30
CA GLN CB 385 1.62 -77.61 -90.37
C GLN CB 385 1.29 -77.09 -88.98
N ALA CB 386 0.56 -75.98 -88.95
CA ALA CB 386 0.10 -75.37 -87.70
C ALA CB 386 -1.40 -75.60 -87.52
N VAL CB 387 -1.87 -75.29 -86.32
CA VAL CB 387 -3.29 -75.34 -85.99
C VAL CB 387 -3.74 -73.95 -85.60
N GLY CB 388 -5.06 -73.81 -85.39
CA GLY CB 388 -5.61 -72.52 -85.04
C GLY CB 388 -5.16 -72.02 -83.68
N ARG CB 389 -4.77 -72.94 -82.79
CA ARG CB 389 -4.32 -72.58 -81.46
C ARG CB 389 -2.85 -72.16 -81.42
N SER CB 390 -2.12 -72.33 -82.52
CA SER CB 390 -0.72 -71.93 -82.56
C SER CB 390 -0.59 -70.42 -82.37
N SER CB 391 0.41 -70.03 -81.58
CA SER CB 391 0.61 -68.64 -81.20
C SER CB 391 1.82 -68.06 -81.92
N PHE CB 392 1.69 -66.82 -82.38
CA PHE CB 392 2.78 -66.07 -82.98
C PHE CB 392 3.11 -64.89 -82.10
N TYR CB 393 4.41 -64.65 -81.89
CA TYR CB 393 4.87 -63.59 -81.01
C TYR CB 393 5.82 -62.68 -81.78
N CYS CB 394 5.52 -61.38 -81.79
CA CYS CB 394 6.42 -60.37 -82.32
C CYS CB 394 7.11 -59.71 -81.14
N LEU CB 395 8.43 -59.81 -81.09
CA LEU CB 395 9.20 -59.27 -79.98
C LEU CB 395 9.35 -57.76 -80.04
N GLU CB 396 9.05 -57.14 -81.17
CA GLU CB 396 8.99 -55.68 -81.26
C GLU CB 396 7.70 -55.12 -80.69
N TYR CB 397 6.77 -55.99 -80.26
CA TYR CB 397 5.48 -55.56 -79.65
C TYR CB 397 5.68 -55.42 -78.14
N PHE CB 398 6.90 -55.62 -77.66
CA PHE CB 398 7.31 -55.40 -76.29
C PHE CB 398 8.05 -54.07 -76.15
N PRO CB 399 7.90 -53.38 -75.03
CA PRO CB 399 8.72 -52.18 -74.79
C PRO CB 399 10.17 -52.59 -74.55
N SER CB 400 11.07 -52.01 -75.33
CA SER CB 400 12.49 -52.31 -75.23
C SER CB 400 13.28 -51.02 -75.07
N GLN CB 401 14.47 -51.15 -74.50
CA GLN CB 401 15.35 -50.02 -74.26
C GLN CB 401 16.38 -49.95 -75.38
N MET CB 402 16.51 -48.77 -75.98
CA MET CB 402 17.43 -48.55 -77.09
C MET CB 402 18.74 -47.98 -76.55
N LEU CB 403 19.86 -48.61 -76.91
CA LEU CB 403 21.15 -48.26 -76.37
C LEU CB 403 22.11 -47.91 -77.48
N ARG CB 404 22.61 -46.68 -77.47
CA ARG CB 404 23.70 -46.27 -78.34
C ARG CB 404 25.04 -46.60 -77.66
N THR CB 405 26.13 -46.25 -78.33
CA THR CB 405 27.46 -46.39 -77.68
C THR CB 405 27.51 -45.34 -76.57
N GLY CB 406 27.67 -45.78 -75.33
CA GLY CB 406 27.62 -44.93 -74.16
C GLY CB 406 26.44 -45.16 -73.27
N ASN CB 407 25.45 -45.92 -73.71
CA ASN CB 407 24.31 -46.30 -72.88
C ASN CB 407 24.53 -47.70 -72.31
N ASN CB 408 23.97 -47.95 -71.13
CA ASN CB 408 24.06 -49.24 -70.48
C ASN CB 408 22.67 -49.71 -70.07
N PHE CB 409 22.55 -51.02 -69.88
CA PHE CB 409 21.31 -51.65 -69.45
C PHE CB 409 21.58 -52.42 -68.17
N THR CB 410 20.59 -52.43 -67.27
CA THR CB 410 20.73 -53.17 -66.03
C THR CB 410 19.35 -53.56 -65.52
N PHE CB 411 19.31 -54.65 -64.76
CA PHE CB 411 18.10 -55.06 -64.06
C PHE CB 411 18.48 -56.03 -62.95
N SER CB 412 17.64 -56.06 -61.92
CA SER CB 412 17.85 -56.92 -60.77
C SER CB 412 16.68 -57.89 -60.63
N TYR CB 413 16.99 -59.11 -60.19
CA TYR CB 413 15.99 -60.16 -60.05
C TYR CB 413 16.22 -60.86 -58.71
N THR CB 414 15.12 -61.25 -58.06
CA THR CB 414 15.18 -61.99 -56.82
C THR CB 414 14.61 -63.38 -57.04
N PHE CB 415 15.38 -64.40 -56.70
CA PHE CB 415 14.91 -65.77 -56.81
C PHE CB 415 13.82 -66.03 -55.77
N GLU CB 416 12.84 -66.85 -56.14
CA GLU CB 416 11.86 -67.31 -55.19
C GLU CB 416 12.50 -68.31 -54.22
N ASP CB 417 11.79 -68.59 -53.13
CA ASP CB 417 12.29 -69.54 -52.15
C ASP CB 417 12.28 -70.94 -52.76
N VAL CB 418 13.44 -71.59 -52.75
CA VAL CB 418 13.58 -72.94 -53.30
C VAL CB 418 14.36 -73.78 -52.31
N PRO CB 419 14.17 -75.10 -52.33
CA PRO CB 419 14.95 -75.96 -51.45
C PRO CB 419 16.44 -75.91 -51.77
N PHE CB 420 17.25 -76.08 -50.73
CA PHE CB 420 18.69 -76.22 -50.93
C PHE CB 420 18.97 -77.48 -51.75
N HIS CB 421 19.89 -77.36 -52.69
CA HIS CB 421 20.35 -78.55 -53.41
C HIS CB 421 21.07 -79.48 -52.45
N SER CB 422 20.75 -80.78 -52.56
CA SER CB 422 21.37 -81.80 -51.69
C SER CB 422 22.80 -82.08 -52.16
N SER CB 423 23.74 -81.23 -51.77
CA SER CB 423 25.15 -81.42 -52.14
C SER CB 423 25.85 -82.35 -51.15
N TYR CB 424 25.25 -83.52 -50.95
CA TYR CB 424 25.79 -84.52 -50.04
C TYR CB 424 25.36 -85.89 -50.52
N ALA CB 425 26.10 -86.91 -50.08
CA ALA CB 425 25.73 -88.30 -50.30
C ALA CB 425 25.40 -88.94 -48.96
N HIS CB 426 24.31 -89.71 -48.94
CA HIS CB 426 23.91 -90.36 -47.69
C HIS CB 426 24.91 -91.43 -47.30
N SER CB 427 25.33 -91.42 -46.03
CA SER CB 427 26.21 -92.44 -45.49
C SER CB 427 25.46 -93.64 -44.95
N GLN CB 428 24.13 -93.64 -45.05
CA GLN CB 428 23.30 -94.78 -44.69
C GLN CB 428 22.43 -95.16 -45.87
N SER CB 429 22.11 -96.45 -45.96
CA SER CB 429 21.19 -96.95 -46.97
C SER CB 429 19.79 -97.03 -46.37
N LEU CB 430 18.78 -96.87 -47.23
CA LEU CB 430 17.40 -96.89 -46.76
C LEU CB 430 16.98 -98.23 -46.20
N ASP CB 431 17.69 -99.31 -46.58
CA ASP CB 431 17.33 -100.67 -46.11
C ASP CB 431 18.25 -101.08 -44.95
N ARG CB 432 19.09 -100.16 -44.46
CA ARG CB 432 20.01 -100.44 -43.36
C ARG CB 432 19.93 -99.34 -42.31
N LEU CB 433 18.71 -98.97 -41.93
CA LEU CB 433 18.48 -97.90 -40.97
C LEU CB 433 18.22 -98.40 -39.56
N MET CB 434 18.38 -99.70 -39.32
CA MET CB 434 18.01 -100.30 -38.04
C MET CB 434 19.23 -100.42 -37.12
N ASN CB 435 18.98 -100.91 -35.91
CA ASN CB 435 20.04 -101.23 -34.96
C ASN CB 435 20.39 -102.71 -35.14
N PRO CB 436 21.59 -103.04 -35.60
CA PRO CB 436 21.92 -104.45 -35.88
C PRO CB 436 22.06 -105.30 -34.62
N LEU CB 437 22.10 -104.69 -33.44
CA LEU CB 437 22.31 -105.43 -32.21
C LEU CB 437 21.02 -105.92 -31.57
N ILE CB 438 19.90 -105.27 -31.84
CA ILE CB 438 18.63 -105.54 -31.16
C ILE CB 438 17.67 -106.13 -32.18
N ASP CB 439 16.98 -107.20 -31.81
CA ASP CB 439 15.94 -107.77 -32.63
C ASP CB 439 14.70 -106.89 -32.62
N GLN CB 440 13.89 -107.03 -33.67
CA GLN CB 440 12.60 -106.37 -33.72
C GLN CB 440 11.57 -107.15 -32.91
N TYR CB 441 10.60 -106.43 -32.36
CA TYR CB 441 9.48 -107.10 -31.69
C TYR CB 441 8.41 -107.54 -32.66
N LEU CB 442 8.44 -107.07 -33.91
CA LEU CB 442 7.47 -107.48 -34.90
C LEU CB 442 7.88 -108.81 -35.53
N TYR CB 443 6.89 -109.57 -35.96
CA TYR CB 443 7.09 -110.87 -36.57
C TYR CB 443 6.82 -110.81 -38.07
N TYR CB 444 7.50 -111.67 -38.80
CA TYR CB 444 7.28 -111.83 -40.23
C TYR CB 444 7.15 -113.31 -40.55
N LEU CB 445 6.39 -113.62 -41.59
CA LEU CB 445 6.24 -114.99 -42.05
C LEU CB 445 7.56 -115.49 -42.60
N SER CB 446 8.21 -116.38 -41.86
CA SER CB 446 9.53 -116.90 -42.24
C SER CB 446 9.48 -118.25 -42.92
N ARG CB 447 8.51 -119.07 -42.54
CA ARG CB 447 8.38 -120.40 -43.18
C ARG CB 447 6.92 -120.65 -43.59
N THR CB 448 6.74 -121.41 -44.65
CA THR CB 448 5.41 -121.74 -45.14
C THR CB 448 5.10 -123.23 -45.09
N ASN CB 449 6.06 -124.08 -44.74
CA ASN CB 449 5.82 -125.50 -44.60
C ASN CB 449 6.84 -126.08 -43.63
N THR CB 450 6.56 -127.31 -43.18
CA THR CB 450 7.45 -128.04 -42.29
C THR CB 450 7.59 -129.47 -42.77
N PRO CB 451 8.72 -130.17 -42.47
CA PRO CB 451 8.85 -131.57 -42.85
C PRO CB 451 7.75 -132.38 -42.16
N SER CB 452 6.96 -133.12 -42.94
CA SER CB 452 5.91 -133.99 -42.34
C SER CB 452 6.11 -135.40 -42.90
N GLY CB 453 6.37 -136.38 -42.03
CA GLY CB 453 6.66 -137.74 -42.52
C GLY CB 453 7.87 -137.72 -43.43
N THR CB 454 7.73 -138.25 -44.65
CA THR CB 454 8.83 -138.21 -45.64
C THR CB 454 8.46 -137.21 -46.74
N THR CB 455 7.33 -136.52 -46.57
CA THR CB 455 6.91 -135.48 -47.54
C THR CB 455 6.96 -134.12 -46.84
N THR CB 456 6.16 -133.15 -47.30
CA THR CB 456 6.08 -131.83 -46.63
C THR CB 456 4.62 -131.51 -46.30
N GLN CB 457 4.41 -130.67 -45.28
CA GLN CB 457 3.06 -130.28 -44.90
C GLN CB 457 3.02 -128.77 -44.72
N SER CB 458 1.94 -128.15 -45.19
CA SER CB 458 1.81 -126.70 -45.09
C SER CB 458 1.66 -126.27 -43.64
N ARG CB 459 2.47 -125.31 -43.22
CA ARG CB 459 2.47 -124.83 -41.84
C ARG CB 459 3.13 -123.46 -41.81
N LEU CB 460 2.39 -122.46 -41.34
CA LEU CB 460 2.92 -121.10 -41.26
C LEU CB 460 3.70 -120.90 -39.98
N GLN CB 461 4.89 -120.30 -40.10
CA GLN CB 461 5.71 -119.95 -38.95
C GLN CB 461 6.21 -118.53 -39.08
N PHE CB 462 6.46 -117.89 -37.94
CA PHE CB 462 6.84 -116.49 -37.89
C PHE CB 462 8.08 -116.32 -37.03
N SER CB 463 8.91 -115.35 -37.40
CA SER CB 463 10.15 -115.07 -36.70
C SER CB 463 10.30 -113.58 -36.50
N GLN CB 464 11.09 -113.21 -35.50
CA GLN CB 464 11.48 -111.82 -35.28
C GLN CB 464 12.78 -111.56 -36.02
N ALA CB 465 12.82 -110.46 -36.76
CA ALA CB 465 13.96 -110.17 -37.63
C ALA CB 465 15.08 -109.51 -36.83
N GLY CB 466 16.31 -109.95 -37.09
CA GLY CB 466 17.49 -109.38 -36.49
C GLY CB 466 18.53 -109.09 -37.56
N ALA CB 467 19.81 -109.28 -37.19
CA ALA CB 467 20.89 -109.01 -38.13
C ALA CB 467 21.07 -110.12 -39.15
N SER CB 468 20.85 -111.38 -38.75
CA SER CB 468 21.09 -112.50 -39.65
C SER CB 468 20.09 -112.53 -40.79
N ASP CB 469 18.84 -112.13 -40.53
CA ASP CB 469 17.81 -112.05 -41.55
C ASP CB 469 17.39 -110.61 -41.74
N ILE CB 470 18.39 -109.72 -41.85
CA ILE CB 470 18.18 -108.28 -41.89
C ILE CB 470 17.30 -107.85 -43.06
N ARG CB 471 17.21 -108.67 -44.12
CA ARG CB 471 16.40 -108.31 -45.28
C ARG CB 471 14.90 -108.38 -44.99
N ASP CB 472 14.50 -109.09 -43.93
CA ASP CB 472 13.09 -109.28 -43.62
C ASP CB 472 12.57 -108.31 -42.58
N GLN CB 473 13.38 -107.34 -42.16
CA GLN CB 473 12.98 -106.42 -41.11
C GLN CB 473 11.85 -105.51 -41.59
N SER CB 474 10.90 -105.24 -40.69
CA SER CB 474 9.83 -104.31 -40.98
C SER CB 474 10.40 -102.89 -41.07
N ARG CB 475 9.97 -102.15 -42.09
CA ARG CB 475 10.51 -100.83 -42.37
C ARG CB 475 9.39 -99.83 -42.57
N ASN CB 476 9.74 -98.56 -42.42
CA ASN CB 476 8.76 -97.47 -42.49
C ASN CB 476 8.74 -96.76 -43.83
N TRP CB 477 9.75 -96.97 -44.68
CA TRP CB 477 9.92 -96.18 -45.88
C TRP CB 477 10.22 -97.09 -47.08
N LEU CB 478 10.10 -96.51 -48.26
CA LEU CB 478 10.29 -97.20 -49.53
C LEU CB 478 11.21 -96.39 -50.43
N PRO CB 479 11.94 -97.05 -51.33
CA PRO CB 479 12.76 -96.32 -52.29
C PRO CB 479 11.92 -95.55 -53.29
N GLY CB 480 12.50 -94.49 -53.83
CA GLY CB 480 11.80 -93.57 -54.71
C GLY CB 480 11.30 -94.20 -55.99
N PRO CB 481 10.58 -93.43 -56.79
CA PRO CB 481 9.95 -93.98 -57.99
C PRO CB 481 10.98 -94.32 -59.07
N CYS CB 482 10.53 -95.19 -59.97
CA CYS CB 482 11.42 -95.75 -61.00
C CYS CB 482 10.79 -95.72 -62.38
N TYR CB 483 11.60 -95.58 -63.43
CA TYR CB 483 11.15 -95.70 -64.81
C TYR CB 483 12.30 -96.35 -65.57
N ARG CB 484 12.23 -97.68 -65.72
CA ARG CB 484 13.41 -98.47 -66.04
C ARG CB 484 14.06 -98.05 -67.35
N GLN CB 485 15.39 -98.03 -67.34
CA GLN CB 485 16.21 -97.71 -68.50
C GLN CB 485 16.99 -98.94 -68.93
N GLN CB 486 17.31 -99.00 -70.22
CA GLN CB 486 18.16 -100.07 -70.71
C GLN CB 486 19.60 -99.85 -70.26
N ARG CB 487 20.29 -100.95 -69.98
CA ARG CB 487 21.66 -100.90 -69.49
C ARG CB 487 22.63 -101.04 -70.65
N VAL CB 488 23.57 -100.09 -70.70
CA VAL CB 488 24.64 -100.09 -71.73
C VAL CB 488 25.97 -100.09 -70.99
N SER CB 489 27.02 -100.64 -71.57
CA SER CB 489 28.34 -100.73 -70.96
C SER CB 489 29.33 -99.84 -71.68
N LYS CB 490 30.25 -99.25 -70.91
CA LYS CB 490 31.31 -98.39 -71.50
C LYS CB 490 32.28 -99.27 -72.28
N THR CB 491 32.41 -100.55 -71.91
CA THR CB 491 33.23 -101.52 -72.69
C THR CB 491 32.38 -101.90 -73.90
N SER CB 492 32.80 -101.55 -75.11
CA SER CB 492 31.95 -101.77 -76.31
C SER CB 492 31.59 -103.25 -76.53
N ALA CB 493 32.56 -104.16 -76.40
CA ALA CB 493 32.28 -105.57 -76.70
C ALA CB 493 31.14 -106.12 -75.85
N ASP CB 494 30.90 -105.53 -74.68
CA ASP CB 494 29.87 -106.02 -73.78
C ASP CB 494 28.46 -105.72 -74.25
N ASN CB 495 28.30 -104.85 -75.26
CA ASN CB 495 27.00 -104.44 -75.72
C ASN CB 495 26.51 -105.34 -76.85
N ASN CB 496 25.19 -105.37 -77.02
CA ASN CB 496 24.60 -106.17 -78.09
C ASN CB 496 24.97 -105.59 -79.45
N ASN CB 497 25.25 -106.48 -80.40
CA ASN CB 497 25.65 -106.08 -81.75
C ASN CB 497 24.39 -105.81 -82.59
N SER CB 498 23.74 -104.71 -82.28
CA SER CB 498 22.52 -104.29 -82.98
C SER CB 498 22.32 -102.80 -82.76
N GLU CB 499 21.38 -102.24 -83.53
CA GLU CB 499 21.01 -100.81 -83.37
C GLU CB 499 19.79 -100.76 -82.47
N TYR CB 500 20.00 -100.40 -81.20
CA TYR CB 500 18.93 -100.37 -80.21
C TYR CB 500 18.85 -99.02 -79.50
N SER CB 501 19.36 -97.96 -80.12
CA SER CB 501 19.30 -96.65 -79.47
C SER CB 501 17.89 -96.09 -79.40
N TRP CB 502 16.97 -96.61 -80.20
CA TRP CB 502 15.57 -96.20 -80.16
C TRP CB 502 14.61 -97.33 -79.86
N THR CB 503 14.85 -98.52 -80.40
CA THR CB 503 13.98 -99.65 -80.12
C THR CB 503 14.00 -100.03 -78.64
N GLY CB 504 15.20 -100.05 -78.04
CA GLY CB 504 15.37 -100.31 -76.64
C GLY CB 504 15.33 -99.09 -75.76
N ALA CB 505 15.02 -97.93 -76.31
CA ALA CB 505 15.03 -96.68 -75.56
C ALA CB 505 13.79 -96.56 -74.68
N THR CB 506 13.94 -95.80 -73.60
CA THR CB 506 12.84 -95.49 -72.71
C THR CB 506 12.13 -94.23 -73.20
N LYS CB 507 10.83 -94.32 -73.44
CA LYS CB 507 10.09 -93.27 -74.13
C LYS CB 507 8.80 -92.97 -73.39
N TYR CB 508 8.29 -91.76 -73.61
CA TYR CB 508 6.95 -91.40 -73.20
C TYR CB 508 6.16 -90.97 -74.43
N HIS CB 509 4.87 -91.30 -74.43
CA HIS CB 509 3.98 -91.10 -75.57
C HIS CB 509 3.10 -89.90 -75.29
N LEU CB 510 3.11 -88.92 -76.20
CA LEU CB 510 2.35 -87.69 -76.03
C LEU CB 510 1.81 -87.26 -77.38
N ASN CB 511 0.48 -87.26 -77.51
CA ASN CB 511 -0.20 -86.82 -78.73
C ASN CB 511 0.26 -87.61 -79.96
N GLY CB 512 0.48 -88.91 -79.78
CA GLY CB 512 0.88 -89.75 -80.88
C GLY CB 512 2.35 -89.70 -81.24
N ARG CB 513 3.14 -88.92 -80.50
CA ARG CB 513 4.60 -88.89 -80.78
C ARG CB 513 5.41 -89.40 -79.60
N ASP CB 514 6.42 -90.24 -79.87
CA ASP CB 514 7.32 -90.77 -78.86
C ASP CB 514 8.49 -89.80 -78.66
N SER CB 515 8.73 -89.43 -77.41
CA SER CB 515 9.86 -88.61 -77.05
C SER CB 515 10.79 -89.41 -76.15
N LEU CB 516 12.09 -89.24 -76.35
CA LEU CB 516 13.07 -89.92 -75.51
C LEU CB 516 12.99 -89.40 -74.08
N VAL CB 517 13.03 -90.32 -73.12
CA VAL CB 517 13.08 -89.96 -71.70
C VAL CB 517 14.56 -89.79 -71.36
N ASN CB 518 14.98 -88.54 -71.24
CA ASN CB 518 16.39 -88.22 -71.07
C ASN CB 518 16.54 -86.93 -70.28
N PRO CB 519 17.10 -86.98 -69.06
CA PRO CB 519 17.59 -88.16 -68.35
C PRO CB 519 16.51 -88.87 -67.54
N GLY CB 520 15.32 -88.29 -67.45
CA GLY CB 520 14.23 -88.91 -66.75
C GLY CB 520 14.30 -88.77 -65.24
N PRO CB 521 13.50 -89.57 -64.54
CA PRO CB 521 13.52 -89.52 -63.07
C PRO CB 521 14.89 -89.88 -62.51
N ALA CB 522 15.22 -89.24 -61.39
CA ALA CB 522 16.53 -89.42 -60.77
C ALA CB 522 16.67 -90.85 -60.24
N MET CB 523 17.61 -91.59 -60.81
CA MET CB 523 17.85 -92.97 -60.42
C MET CB 523 19.35 -93.23 -60.43
N ALA CB 524 19.77 -94.21 -59.63
CA ALA CB 524 21.18 -94.56 -59.57
C ALA CB 524 21.66 -95.13 -60.89
N SER CB 525 22.86 -94.71 -61.31
CA SER CB 525 23.40 -95.18 -62.58
C SER CB 525 23.69 -96.68 -62.54
N HIS CB 526 24.20 -97.18 -61.41
CA HIS CB 526 24.59 -98.57 -61.31
C HIS CB 526 24.64 -98.96 -59.83
N LYS CB 527 24.68 -100.27 -59.59
CA LYS CB 527 24.80 -100.81 -58.25
C LYS CB 527 26.28 -100.95 -57.88
N ASP CB 528 26.56 -101.64 -56.78
CA ASP CB 528 27.93 -101.80 -56.33
C ASP CB 528 28.76 -102.54 -57.36
N ASP CB 529 29.98 -102.05 -57.59
CA ASP CB 529 30.98 -102.72 -58.43
C ASP CB 529 30.48 -102.93 -59.85
N GLU CB 530 29.75 -101.96 -60.37
CA GLU CB 530 29.27 -102.00 -61.75
C GLU CB 530 29.41 -100.62 -62.39
N GLU CB 531 30.54 -99.96 -62.15
CA GLU CB 531 30.74 -98.60 -62.62
C GLU CB 531 30.80 -98.51 -64.14
N LYS CB 532 31.04 -99.62 -64.84
CA LYS CB 532 31.07 -99.59 -66.30
C LYS CB 532 29.69 -99.51 -66.92
N PHE CB 533 28.63 -99.72 -66.14
CA PHE CB 533 27.27 -99.71 -66.65
C PHE CB 533 26.60 -98.38 -66.35
N PHE CB 534 25.89 -97.86 -67.35
CA PHE CB 534 25.11 -96.64 -67.19
C PHE CB 534 23.81 -96.79 -67.95
N PRO CB 535 22.76 -96.10 -67.52
CA PRO CB 535 21.49 -96.15 -68.25
C PRO CB 535 21.63 -95.53 -69.63
N GLN CB 536 20.84 -96.06 -70.57
CA GLN CB 536 20.99 -95.68 -71.97
C GLN CB 536 20.71 -94.19 -72.18
N SER CB 537 19.67 -93.67 -71.53
CA SER CB 537 19.37 -92.24 -71.58
C SER CB 537 19.00 -91.72 -70.21
N GLY CB 538 19.66 -92.25 -69.17
CA GLY CB 538 19.36 -91.87 -67.80
C GLY CB 538 20.39 -91.01 -67.10
N VAL CB 539 21.44 -90.58 -67.80
CA VAL CB 539 22.46 -89.73 -67.20
C VAL CB 539 22.77 -88.58 -68.16
N LEU CB 540 23.26 -87.48 -67.60
CA LEU CB 540 23.74 -86.39 -68.42
C LEU CB 540 25.08 -86.77 -69.05
N ILE CB 541 25.23 -86.45 -70.33
CA ILE CB 541 26.46 -86.73 -71.06
C ILE CB 541 26.99 -85.40 -71.59
N PHE CB 542 28.16 -84.99 -71.11
CA PHE CB 542 28.80 -83.76 -71.53
C PHE CB 542 29.89 -84.07 -72.55
N GLY CB 543 30.06 -83.16 -73.50
CA GLY CB 543 31.08 -83.31 -74.51
C GLY CB 543 32.42 -82.76 -74.05
N LYS CB 544 33.49 -83.47 -74.38
CA LYS CB 544 34.83 -82.95 -74.15
C LYS CB 544 35.11 -81.80 -75.10
N GLN CB 545 36.20 -81.07 -74.83
CA GLN CB 545 36.57 -79.95 -75.68
C GLN CB 545 36.88 -80.43 -77.09
N GLY CB 546 36.31 -79.74 -78.08
CA GLY CB 546 36.52 -80.09 -79.47
C GLY CB 546 35.64 -81.20 -80.00
N SER CB 547 34.68 -81.65 -79.20
CA SER CB 547 33.81 -82.79 -79.60
C SER CB 547 32.82 -82.34 -80.68
N GLU CB 548 32.58 -83.17 -81.70
CA GLU CB 548 31.67 -82.85 -82.77
C GLU CB 548 30.23 -82.99 -82.30
N LYS CB 549 29.29 -82.92 -83.25
CA LYS CB 549 27.88 -82.93 -82.91
C LYS CB 549 27.24 -84.30 -83.10
N THR CB 550 27.61 -85.03 -84.15
CA THR CB 550 26.93 -86.25 -84.54
C THR CB 550 27.86 -87.46 -84.41
N ASN CB 551 27.40 -88.47 -83.67
CA ASN CB 551 28.03 -89.79 -83.63
C ASN CB 551 29.49 -89.74 -83.21
N VAL CB 552 29.76 -89.04 -82.12
CA VAL CB 552 31.09 -89.04 -81.54
C VAL CB 552 31.28 -90.29 -80.70
N ASP CB 553 32.52 -90.73 -80.56
CA ASP CB 553 32.82 -91.94 -79.82
C ASP CB 553 32.64 -91.71 -78.32
N ILE CB 554 32.69 -92.81 -77.57
CA ILE CB 554 32.52 -92.71 -76.13
C ILE CB 554 33.69 -91.99 -75.47
N GLU CB 555 34.90 -92.12 -76.05
CA GLU CB 555 36.05 -91.41 -75.51
C GLU CB 555 35.98 -89.90 -75.74
N LYS CB 556 35.06 -89.44 -76.58
CA LYS CB 556 34.88 -88.02 -76.83
C LYS CB 556 33.89 -87.38 -75.87
N VAL CB 557 33.20 -88.16 -75.04
CA VAL CB 557 32.19 -87.64 -74.13
C VAL CB 557 32.52 -88.08 -72.71
N MET CB 558 31.98 -87.33 -71.75
CA MET CB 558 32.13 -87.62 -70.33
C MET CB 558 30.76 -87.94 -69.76
N ILE CB 559 30.57 -89.18 -69.31
CA ILE CB 559 29.28 -89.65 -68.82
C ILE CB 559 29.24 -89.47 -67.30
N THR CB 560 28.21 -88.81 -66.82
CA THR CB 560 28.09 -88.54 -65.39
C THR CB 560 27.62 -89.79 -64.65
N ASP CB 561 27.81 -89.76 -63.33
CA ASP CB 561 27.43 -90.91 -62.49
C ASP CB 561 26.56 -90.41 -61.35
N GLU CB 562 25.45 -91.10 -61.11
CA GLU CB 562 24.50 -90.81 -60.04
C GLU CB 562 24.49 -91.92 -59.01
N GLU CB 563 25.67 -92.43 -58.66
CA GLU CB 563 25.76 -93.52 -57.71
C GLU CB 563 25.58 -93.08 -56.26
N GLU CB 564 25.73 -91.79 -55.97
CA GLU CB 564 25.60 -91.32 -54.59
C GLU CB 564 24.17 -91.41 -54.08
N ILE CB 565 23.19 -91.58 -54.97
CA ILE CB 565 21.79 -91.63 -54.57
C ILE CB 565 21.24 -93.05 -54.57
N ARG CB 566 22.09 -94.06 -54.73
CA ARG CB 566 21.63 -95.44 -54.69
C ARG CB 566 21.23 -95.87 -53.29
N THR CB 567 21.51 -95.05 -52.27
CA THR CB 567 21.06 -95.36 -50.92
C THR CB 567 19.54 -95.29 -50.80
N THR CB 568 18.90 -94.37 -51.52
CA THR CB 568 17.46 -94.19 -51.46
C THR CB 568 16.75 -94.37 -52.79
N ASN CB 569 17.47 -94.32 -53.91
CA ASN CB 569 16.85 -94.39 -55.22
C ASN CB 569 17.16 -95.72 -55.90
N PRO CB 570 16.19 -96.32 -56.58
CA PRO CB 570 16.45 -97.58 -57.27
C PRO CB 570 17.44 -97.40 -58.40
N VAL CB 571 18.16 -98.47 -58.70
CA VAL CB 571 19.07 -98.47 -59.84
C VAL CB 571 18.27 -98.33 -61.13
N ALA CB 572 18.76 -97.49 -62.04
CA ALA CB 572 17.99 -97.12 -63.22
C ALA CB 572 17.71 -98.33 -64.11
N THR CB 573 18.67 -99.24 -64.22
CA THR CB 573 18.58 -100.35 -65.16
C THR CB 573 17.94 -101.59 -64.57
N GLU CB 574 17.50 -101.55 -63.32
CA GLU CB 574 16.91 -102.70 -62.65
C GLU CB 574 15.47 -102.40 -62.26
N GLN CB 575 14.75 -103.44 -61.89
CA GLN CB 575 13.36 -103.30 -61.49
C GLN CB 575 13.28 -102.63 -60.11
N TYR CB 576 12.13 -101.99 -59.87
CA TYR CB 576 11.88 -101.44 -58.54
C TYR CB 576 11.76 -102.55 -57.50
N GLY CB 577 11.08 -103.63 -57.86
CA GLY CB 577 10.85 -104.72 -56.91
C GLY CB 577 9.95 -105.76 -57.52
N SER CB 578 9.26 -106.49 -56.64
CA SER CB 578 8.36 -107.56 -57.06
C SER CB 578 7.04 -107.43 -56.31
N VAL CB 579 5.96 -107.79 -57.01
CA VAL CB 579 4.63 -107.81 -56.44
C VAL CB 579 3.98 -109.16 -56.77
N SER CB 580 3.00 -109.53 -55.95
CA SER CB 580 2.25 -110.74 -56.21
C SER CB 580 1.28 -110.53 -57.37
N THR CB 581 1.05 -111.60 -58.14
CA THR CB 581 0.18 -111.53 -59.30
C THR CB 581 -1.00 -112.50 -59.24
N ASN CB 582 -1.05 -113.39 -58.25
CA ASN CB 582 -2.14 -114.35 -58.15
C ASN CB 582 -2.42 -114.60 -56.67
N LEU CB 583 -3.24 -115.61 -56.40
CA LEU CB 583 -3.60 -116.01 -55.05
C LEU CB 583 -3.19 -117.47 -54.86
N GLN CB 584 -2.17 -117.70 -54.05
CA GLN CB 584 -1.73 -119.06 -53.76
C GLN CB 584 -2.79 -119.79 -52.95
N ARG CB 585 -2.87 -121.10 -53.21
CA ARG CB 585 -3.91 -121.93 -52.57
C ARG CB 585 -3.47 -123.39 -52.60
N GLY CB 586 -3.74 -124.13 -51.53
CA GLY CB 586 -3.46 -125.56 -51.50
C GLY CB 586 -4.63 -126.37 -52.01
N ASN CB 587 -4.46 -127.70 -51.92
CA ASN CB 587 -5.48 -128.63 -52.47
C ASN CB 587 -6.69 -128.71 -51.53
N THR CB 594 -7.46 -127.15 -57.68
CA THR CB 594 -6.08 -127.72 -57.59
C THR CB 594 -5.19 -126.74 -56.82
N SER CB 595 -3.91 -127.05 -56.63
CA SER CB 595 -3.11 -126.06 -55.94
C SER CB 595 -2.53 -125.05 -56.91
N ARG CB 596 -2.32 -123.83 -56.43
CA ARG CB 596 -1.69 -122.76 -57.20
C ARG CB 596 -0.54 -122.19 -56.39
N GLN CB 597 0.64 -122.16 -56.98
CA GLN CB 597 1.81 -121.62 -56.30
C GLN CB 597 1.88 -120.11 -56.46
N ALA CB 598 2.44 -119.44 -55.46
CA ALA CB 598 2.54 -117.99 -55.48
C ALA CB 598 3.44 -117.53 -56.63
N ALA CB 599 2.99 -116.49 -57.33
CA ALA CB 599 3.69 -115.95 -58.47
C ALA CB 599 3.99 -114.47 -58.24
N THR CB 600 5.12 -114.02 -58.78
CA THR CB 600 5.56 -112.64 -58.65
C THR CB 600 5.96 -112.09 -60.02
N ALA CB 601 5.90 -110.77 -60.14
CA ALA CB 601 6.30 -110.09 -61.36
C ALA CB 601 7.21 -108.92 -61.02
N ASP CB 602 8.12 -108.60 -61.95
CA ASP CB 602 8.97 -107.45 -61.78
C ASP CB 602 8.18 -106.17 -62.02
N VAL CB 603 8.52 -105.14 -61.25
CA VAL CB 603 7.87 -103.83 -61.37
C VAL CB 603 8.88 -102.92 -62.08
N ASN CB 604 8.78 -102.87 -63.41
CA ASN CB 604 9.70 -102.06 -64.20
C ASN CB 604 9.37 -100.57 -64.15
N THR CB 605 8.14 -100.22 -63.79
CA THR CB 605 7.75 -98.83 -63.62
C THR CB 605 6.94 -98.70 -62.33
N GLN CB 606 7.33 -97.78 -61.47
CA GLN CB 606 6.69 -97.59 -60.18
C GLN CB 606 6.39 -96.12 -59.98
N GLY CB 607 5.11 -95.80 -59.78
CA GLY CB 607 4.72 -94.45 -59.43
C GLY CB 607 4.99 -94.16 -57.96
N VAL CB 608 4.70 -92.92 -57.58
CA VAL CB 608 4.95 -92.49 -56.21
C VAL CB 608 3.94 -93.14 -55.28
N LEU CB 609 4.43 -93.73 -54.20
CA LEU CB 609 3.64 -94.34 -53.15
C LEU CB 609 3.80 -93.56 -51.85
N PRO CB 610 2.80 -93.60 -50.97
CA PRO CB 610 2.97 -92.98 -49.65
C PRO CB 610 4.12 -93.64 -48.89
N GLY CB 611 4.91 -92.81 -48.20
CA GLY CB 611 6.08 -93.28 -47.51
C GLY CB 611 7.33 -93.38 -48.36
N MET CB 612 7.28 -92.93 -49.61
CA MET CB 612 8.45 -93.02 -50.53
C MET CB 612 9.39 -91.84 -50.31
N VAL CB 613 10.70 -92.08 -50.27
CA VAL CB 613 11.74 -91.08 -50.11
C VAL CB 613 12.75 -91.25 -51.25
N TRP CB 614 13.27 -90.13 -51.75
CA TRP CB 614 14.18 -90.16 -52.88
C TRP CB 614 15.06 -88.92 -52.85
N GLN CB 615 16.13 -88.96 -53.65
CA GLN CB 615 17.02 -87.83 -53.85
C GLN CB 615 16.91 -87.36 -55.29
N ASP CB 616 17.02 -86.05 -55.48
CA ASP CB 616 16.95 -85.48 -56.82
C ASP CB 616 18.27 -85.69 -57.56
N ARG CB 617 18.26 -85.38 -58.86
CA ARG CB 617 19.46 -85.51 -59.67
C ARG CB 617 20.49 -84.48 -59.24
N ASP CB 618 21.75 -84.88 -59.29
CA ASP CB 618 22.85 -83.98 -58.92
C ASP CB 618 23.04 -82.88 -59.95
N VAL CB 619 23.57 -81.76 -59.50
CA VAL CB 619 23.95 -80.67 -60.39
C VAL CB 619 25.45 -80.72 -60.61
N TYR CB 620 25.89 -80.19 -61.74
CA TYR CB 620 27.29 -80.27 -62.14
C TYR CB 620 27.78 -78.88 -62.53
N LEU CB 621 29.10 -78.72 -62.56
CA LEU CB 621 29.68 -77.44 -62.93
C LEU CB 621 29.29 -77.06 -64.36
N GLN CB 622 29.28 -78.03 -65.26
CA GLN CB 622 28.83 -77.81 -66.63
C GLN CB 622 27.32 -77.93 -66.79
N GLY CB 623 26.61 -78.29 -65.73
CA GLY CB 623 25.18 -78.55 -65.82
C GLY CB 623 24.33 -77.30 -65.70
N PRO CB 624 23.04 -77.43 -65.98
CA PRO CB 624 22.13 -76.30 -65.84
C PRO CB 624 21.86 -75.96 -64.38
N ILE CB 625 21.47 -74.72 -64.16
CA ILE CB 625 21.17 -74.21 -62.81
C ILE CB 625 19.70 -74.31 -62.49
N TRP CB 626 18.83 -73.85 -63.40
CA TRP CB 626 17.40 -73.75 -63.13
C TRP CB 626 16.60 -74.14 -64.36
N ALA CB 627 15.29 -74.17 -64.18
CA ALA CB 627 14.35 -74.36 -65.27
C ALA CB 627 13.02 -73.76 -64.84
N LYS CB 628 12.21 -73.38 -65.84
CA LYS CB 628 10.90 -72.83 -65.55
C LYS CB 628 9.89 -73.95 -65.38
N ILE CB 629 9.20 -73.94 -64.25
CA ILE CB 629 8.12 -74.92 -64.03
C ILE CB 629 6.98 -74.60 -64.98
N PRO CB 630 6.50 -75.57 -65.77
CA PRO CB 630 5.42 -75.27 -66.71
C PRO CB 630 4.16 -74.79 -65.99
N HIS CB 631 3.46 -73.85 -66.61
CA HIS CB 631 2.23 -73.30 -66.04
C HIS CB 631 1.11 -74.30 -66.28
N THR CB 632 0.93 -75.20 -65.32
CA THR CB 632 -0.05 -76.26 -65.41
C THR CB 632 -0.85 -76.33 -64.13
N ASP CB 633 -2.01 -76.97 -64.20
CA ASP CB 633 -2.90 -77.07 -63.01
C ASP CB 633 -2.21 -77.90 -61.93
N GLY CB 634 -1.54 -78.97 -62.32
CA GLY CB 634 -0.90 -79.85 -61.35
C GLY CB 634 0.49 -80.24 -61.78
N HIS CB 635 1.33 -80.46 -60.77
CA HIS CB 635 2.68 -80.99 -60.96
C HIS CB 635 3.14 -81.56 -59.64
N PHE CB 636 3.97 -82.60 -59.70
CA PHE CB 636 4.48 -83.25 -58.51
C PHE CB 636 5.99 -83.10 -58.47
N HIS CB 637 6.49 -82.56 -57.36
CA HIS CB 637 7.92 -82.36 -57.13
C HIS CB 637 8.57 -81.69 -58.33
N PRO CB 638 8.32 -80.39 -58.55
CA PRO CB 638 8.79 -79.70 -59.76
C PRO CB 638 10.28 -79.36 -59.77
N SER CB 639 11.10 -80.33 -59.41
CA SER CB 639 12.54 -80.24 -59.62
C SER CB 639 12.86 -80.65 -61.06
N PRO CB 640 13.61 -79.86 -61.80
CA PRO CB 640 13.91 -80.24 -63.19
C PRO CB 640 14.61 -81.59 -63.27
N LEU CB 641 14.21 -82.38 -64.27
CA LEU CB 641 14.78 -83.72 -64.39
C LEU CB 641 16.23 -83.69 -64.84
N MET CB 642 16.63 -82.66 -65.58
CA MET CB 642 18.02 -82.50 -65.97
C MET CB 642 18.91 -82.03 -64.82
N GLY CB 643 18.32 -81.64 -63.70
CA GLY CB 643 19.07 -81.18 -62.55
C GLY CB 643 18.96 -79.68 -62.35
N GLY CB 644 18.82 -79.26 -61.11
CA GLY CB 644 18.76 -77.85 -60.80
C GLY CB 644 17.59 -77.44 -59.93
N PHE CB 645 17.20 -76.17 -60.01
CA PHE CB 645 16.16 -75.60 -59.18
C PHE CB 645 14.94 -75.28 -60.03
N GLY CB 646 13.79 -75.81 -59.63
CA GLY CB 646 12.54 -75.50 -60.30
C GLY CB 646 11.98 -74.17 -59.86
N LEU CB 647 11.76 -73.26 -60.79
CA LEU CB 647 11.32 -71.90 -60.48
C LEU CB 647 10.02 -71.61 -61.23
N LYS CB 648 8.99 -71.20 -60.48
CA LYS CB 648 7.76 -70.75 -61.13
C LYS CB 648 7.97 -69.44 -61.87
N HIS CB 649 8.83 -68.58 -61.34
CA HIS CB 649 9.23 -67.32 -61.98
C HIS CB 649 10.75 -67.33 -62.07
N PRO CB 650 11.31 -67.98 -63.09
CA PRO CB 650 12.76 -68.06 -63.22
C PRO CB 650 13.34 -66.72 -63.66
N PRO CB 651 14.66 -66.58 -63.70
CA PRO CB 651 15.26 -65.35 -64.25
C PRO CB 651 14.74 -65.09 -65.65
N PRO CB 652 14.27 -63.87 -65.91
CA PRO CB 652 13.61 -63.60 -67.19
C PRO CB 652 14.58 -63.67 -68.35
N GLN CB 653 14.03 -64.03 -69.52
CA GLN CB 653 14.82 -64.01 -70.75
C GLN CB 653 15.20 -62.58 -71.10
N ILE CB 654 16.46 -62.39 -71.47
CA ILE CB 654 16.98 -61.09 -71.86
C ILE CB 654 17.20 -61.12 -73.36
N LEU CB 655 16.39 -60.36 -74.09
CA LEU CB 655 16.42 -60.35 -75.55
C LEU CB 655 17.14 -59.12 -76.05
N ILE CB 656 18.05 -59.31 -77.01
CA ILE CB 656 18.86 -58.24 -77.56
C ILE CB 656 18.93 -58.41 -79.07
N LYS CB 657 18.82 -57.29 -79.79
CA LYS CB 657 18.97 -57.33 -81.24
C LYS CB 657 19.46 -55.97 -81.73
N ASN CB 658 20.06 -55.98 -82.91
CA ASN CB 658 20.53 -54.74 -83.52
C ASN CB 658 19.37 -54.07 -84.23
N THR CB 659 19.24 -52.76 -84.04
CA THR CB 659 18.19 -52.01 -84.73
C THR CB 659 18.51 -51.95 -86.22
N PRO CB 660 17.58 -52.34 -87.08
CA PRO CB 660 17.87 -52.30 -88.52
C PRO CB 660 18.06 -50.87 -89.00
N VAL CB 661 19.14 -50.64 -89.73
CA VAL CB 661 19.45 -49.34 -90.32
C VAL CB 661 19.25 -49.46 -91.83
N PRO CB 662 18.22 -48.83 -92.39
CA PRO CB 662 17.98 -48.95 -93.83
C PRO CB 662 19.14 -48.38 -94.64
N ALA CB 663 19.38 -49.01 -95.79
CA ALA CB 663 20.38 -48.54 -96.73
C ALA CB 663 19.79 -47.38 -97.54
N ASN CB 664 20.45 -47.00 -98.62
CA ASN CB 664 20.03 -45.83 -99.39
C ASN CB 664 18.65 -46.06 -100.00
N PRO CB 665 17.65 -45.25 -99.67
CA PRO CB 665 16.32 -45.43 -100.25
C PRO CB 665 16.20 -44.78 -101.63
N SER CB 666 15.13 -45.17 -102.32
CA SER CB 666 14.84 -44.60 -103.65
C SER CB 666 14.25 -43.20 -103.47
N THR CB 667 14.58 -42.29 -104.38
CA THR CB 667 14.04 -40.94 -104.33
C THR CB 667 12.56 -40.89 -104.63
N THR CB 668 11.99 -41.96 -105.20
CA THR CB 668 10.57 -42.07 -105.44
C THR CB 668 9.95 -42.96 -104.37
N PHE CB 669 8.77 -42.58 -103.90
CA PHE CB 669 8.13 -43.33 -102.83
C PHE CB 669 7.75 -44.74 -103.30
N SER CB 670 8.00 -45.71 -102.44
CA SER CB 670 7.63 -47.10 -102.68
C SER CB 670 6.98 -47.65 -101.43
N ALA CB 671 5.79 -48.24 -101.58
CA ALA CB 671 5.07 -48.80 -100.45
C ALA CB 671 5.62 -50.15 -100.01
N ALA CB 672 6.51 -50.75 -100.80
CA ALA CB 672 7.12 -52.02 -100.41
C ALA CB 672 7.99 -51.83 -99.18
N LYS CB 673 7.94 -52.80 -98.27
CA LYS CB 673 8.76 -52.72 -97.07
C LYS CB 673 10.23 -52.80 -97.43
N PHE CB 674 11.05 -52.17 -96.58
CA PHE CB 674 12.51 -52.09 -96.86
C PHE CB 674 13.13 -53.48 -96.82
N ALA CB 675 13.92 -53.79 -97.85
CA ALA CB 675 14.64 -55.05 -97.92
C ALA CB 675 16.14 -54.90 -97.97
N SER CB 676 16.65 -53.68 -98.09
CA SER CB 676 18.08 -53.41 -98.13
C SER CB 676 18.48 -52.66 -96.86
N PHE CB 677 19.49 -53.18 -96.17
CA PHE CB 677 19.93 -52.62 -94.90
C PHE CB 677 21.45 -52.56 -94.89
N ILE CB 678 21.99 -51.71 -94.02
CA ILE CB 678 23.43 -51.64 -93.81
C ILE CB 678 23.84 -52.81 -92.94
N THR CB 679 24.79 -53.60 -93.42
CA THR CB 679 25.27 -54.75 -92.67
C THR CB 679 25.99 -54.28 -91.41
N GLN CB 680 25.61 -54.82 -90.27
CA GLN CB 680 26.22 -54.39 -89.02
C GLN CB 680 26.03 -55.44 -87.95
N TYR CB 681 26.92 -55.41 -86.96
CA TYR CB 681 26.86 -56.25 -85.78
C TYR CB 681 27.19 -55.39 -84.58
N SER CB 682 27.08 -55.98 -83.40
CA SER CB 682 27.40 -55.27 -82.16
C SER CB 682 28.26 -56.13 -81.27
N THR CB 683 29.07 -55.48 -80.44
CA THR CB 683 29.90 -56.15 -79.46
C THR CB 683 29.84 -55.35 -78.16
N GLY CB 684 30.10 -56.03 -77.05
CA GLY CB 684 30.01 -55.36 -75.77
C GLY CB 684 30.38 -56.30 -74.66
N GLN CB 685 30.10 -55.87 -73.43
CA GLN CB 685 30.39 -56.64 -72.24
C GLN CB 685 29.09 -56.92 -71.49
N VAL CB 686 29.04 -58.11 -70.88
CA VAL CB 686 27.89 -58.54 -70.10
C VAL CB 686 28.37 -58.96 -68.72
N SER CB 687 27.64 -58.55 -67.69
CA SER CB 687 27.98 -58.88 -66.30
C SER CB 687 26.80 -59.57 -65.64
N VAL CB 688 27.08 -60.69 -64.98
CA VAL CB 688 26.09 -61.44 -64.21
C VAL CB 688 26.64 -61.63 -62.81
N GLU CB 689 25.89 -61.16 -61.81
CA GLU CB 689 26.27 -61.33 -60.41
C GLU CB 689 25.14 -62.04 -59.67
N ILE CB 690 25.44 -63.20 -59.09
CA ILE CB 690 24.45 -64.00 -58.40
C ILE CB 690 24.91 -64.18 -56.96
N GLU CB 691 23.99 -63.94 -56.02
CA GLU CB 691 24.22 -64.23 -54.60
C GLU CB 691 23.63 -65.60 -54.29
N TRP CB 692 24.44 -66.46 -53.68
CA TRP CB 692 24.03 -67.80 -53.31
C TRP CB 692 24.04 -67.94 -51.80
N GLU CB 693 23.05 -68.66 -51.27
CA GLU CB 693 23.00 -68.97 -49.85
C GLU CB 693 23.55 -70.37 -49.61
N LEU CB 694 24.35 -70.51 -48.55
CA LEU CB 694 25.03 -71.76 -48.25
C LEU CB 694 24.41 -72.41 -47.03
N GLN CB 695 24.34 -73.74 -47.04
CA GLN CB 695 23.92 -74.55 -45.91
C GLN CB 695 25.17 -75.23 -45.36
N LYS CB 696 25.69 -74.69 -44.27
CA LYS CB 696 26.97 -75.15 -43.74
C LYS CB 696 26.86 -76.58 -43.21
N GLU CB 697 27.89 -77.37 -43.49
CA GLU CB 697 27.95 -78.74 -43.00
C GLU CB 697 28.12 -78.76 -41.48
N ASN CB 698 27.36 -79.62 -40.81
CA ASN CB 698 27.36 -79.74 -39.36
C ASN CB 698 27.49 -81.22 -38.96
N SER CB 699 28.42 -81.91 -39.61
CA SER CB 699 28.56 -83.35 -39.40
C SER CB 699 29.31 -83.65 -38.11
N LYS CB 700 29.08 -84.84 -37.55
CA LYS CB 700 29.80 -85.28 -36.31
C LYS CB 700 30.50 -86.62 -36.58
N ARG CB 701 30.75 -86.95 -37.86
CA ARG CB 701 31.50 -88.16 -38.15
C ARG CB 701 32.95 -88.00 -37.72
N TRP CB 702 33.58 -89.13 -37.39
CA TRP CB 702 34.93 -89.11 -36.84
C TRP CB 702 36.00 -89.20 -37.93
N ASN CB 703 35.89 -90.17 -38.81
CA ASN CB 703 36.89 -90.37 -39.85
C ASN CB 703 36.73 -89.35 -40.98
N PRO CB 704 37.80 -89.05 -41.74
CA PRO CB 704 37.73 -88.02 -42.78
C PRO CB 704 36.70 -88.35 -43.88
N GLU CB 705 36.28 -87.34 -44.66
CA GLU CB 705 35.23 -87.52 -45.69
C GLU CB 705 35.83 -87.58 -47.09
N ILE CB 706 35.04 -87.94 -48.10
CA ILE CB 706 35.57 -87.82 -49.49
C ILE CB 706 35.51 -86.35 -49.92
N GLN CB 707 36.61 -85.82 -50.47
CA GLN CB 707 36.61 -84.46 -50.99
C GLN CB 707 37.11 -84.47 -52.42
N TYR CB 708 36.61 -83.55 -53.22
CA TYR CB 708 37.16 -83.38 -54.56
C TYR CB 708 38.54 -82.76 -54.47
N THR CB 709 39.47 -83.28 -55.28
CA THR CB 709 40.85 -82.83 -55.22
C THR CB 709 41.48 -82.96 -56.60
N SER CB 710 42.54 -82.18 -56.79
CA SER CB 710 43.31 -82.30 -58.04
C SER CB 710 44.28 -83.46 -57.87
N ASN CB 711 44.79 -84.03 -58.96
CA ASN CB 711 45.69 -85.20 -58.77
C ASN CB 711 47.11 -84.66 -58.69
N TYR CB 712 47.89 -85.09 -57.71
CA TYR CB 712 49.24 -84.53 -57.49
C TYR CB 712 50.21 -84.97 -58.59
N ASN CB 713 50.02 -86.16 -59.17
CA ASN CB 713 51.01 -86.62 -60.12
C ASN CB 713 51.19 -85.64 -61.28
N LYS CB 714 52.41 -85.65 -61.82
CA LYS CB 714 52.76 -84.73 -62.94
C LYS CB 714 51.94 -85.06 -64.16
N SER CB 715 51.72 -84.04 -64.98
CA SER CB 715 50.97 -84.22 -66.21
C SER CB 715 51.43 -83.18 -67.21
N ILE CB 716 51.13 -83.44 -68.49
CA ILE CB 716 51.48 -82.50 -69.54
C ILE CB 716 50.70 -81.20 -69.37
N ASN CB 717 49.41 -81.31 -69.05
CA ASN CB 717 48.53 -80.16 -68.87
C ASN CB 717 47.92 -80.18 -67.48
N VAL CB 718 47.71 -79.00 -66.93
CA VAL CB 718 46.99 -78.86 -65.67
C VAL CB 718 45.49 -78.89 -65.95
N ASP CB 719 44.73 -79.51 -65.06
CA ASP CB 719 43.29 -79.61 -65.24
C ASP CB 719 42.63 -78.24 -65.11
N PHE CB 720 41.60 -78.00 -65.93
CA PHE CB 720 40.82 -76.77 -65.91
C PHE CB 720 41.70 -75.54 -66.18
N THR CB 721 42.65 -75.69 -67.09
CA THR CB 721 43.47 -74.59 -67.56
C THR CB 721 43.47 -74.59 -69.08
N VAL CB 722 44.31 -73.75 -69.67
CA VAL CB 722 44.46 -73.67 -71.11
C VAL CB 722 45.67 -74.50 -71.52
N ASP CB 723 45.66 -74.99 -72.75
CA ASP CB 723 46.78 -75.75 -73.28
C ASP CB 723 47.72 -74.81 -74.04
N THR CB 724 48.65 -75.37 -74.79
CA THR CB 724 49.64 -74.55 -75.54
C THR CB 724 48.92 -73.76 -76.62
N ASN CB 725 47.68 -74.13 -76.95
CA ASN CB 725 46.88 -73.38 -77.95
C ASN CB 725 46.00 -72.35 -77.21
N GLY CB 726 46.10 -72.30 -75.88
CA GLY CB 726 45.28 -71.37 -75.09
C GLY CB 726 43.82 -71.79 -75.09
N VAL CB 727 43.55 -73.07 -75.40
CA VAL CB 727 42.16 -73.59 -75.45
C VAL CB 727 41.75 -74.07 -74.06
N TYR CB 728 40.71 -73.48 -73.46
CA TYR CB 728 40.26 -73.91 -72.16
C TYR CB 728 39.43 -75.18 -72.28
N SER CB 729 39.67 -76.12 -71.38
CA SER CB 729 38.96 -77.39 -71.39
C SER CB 729 38.57 -77.75 -69.96
N GLU CB 730 37.47 -78.51 -69.85
CA GLU CB 730 37.02 -79.04 -68.57
C GLU CB 730 37.17 -80.54 -68.60
N PRO CB 731 38.20 -81.10 -67.95
CA PRO CB 731 38.53 -82.52 -68.16
C PRO CB 731 37.44 -83.49 -67.75
N ARG CB 732 36.69 -83.20 -66.70
CA ARG CB 732 35.69 -84.15 -66.20
C ARG CB 732 34.53 -83.37 -65.61
N PRO CB 733 33.34 -83.98 -65.53
CA PRO CB 733 32.24 -83.36 -64.80
C PRO CB 733 32.47 -83.48 -63.30
N ILE CB 734 32.18 -82.39 -62.58
CA ILE CB 734 32.28 -82.37 -61.12
C ILE CB 734 30.88 -82.18 -60.57
N GLY CB 735 30.44 -83.13 -59.75
CA GLY CB 735 29.18 -83.01 -59.06
C GLY CB 735 29.33 -82.18 -57.80
N THR CB 736 28.38 -82.36 -56.88
CA THR CB 736 28.42 -81.66 -55.61
C THR CB 736 28.37 -82.57 -54.39
N ARG CB 737 28.19 -83.88 -54.58
CA ARG CB 737 27.86 -84.78 -53.48
C ARG CB 737 29.13 -85.50 -53.01
N TYR CB 738 29.89 -84.81 -52.15
CA TYR CB 738 31.11 -85.35 -51.56
C TYR CB 738 31.03 -85.49 -50.05
N LEU CB 739 30.46 -84.50 -49.36
CA LEU CB 739 30.21 -84.64 -47.94
C LEU CB 739 29.08 -85.64 -47.70
N THR CB 740 29.00 -86.14 -46.48
CA THR CB 740 28.02 -87.15 -46.13
C THR CB 740 27.13 -86.67 -44.98
N ARG CB 741 25.89 -87.13 -45.01
CA ARG CB 741 24.92 -86.84 -43.92
C ARG CB 741 24.15 -88.13 -43.68
N ASN CB 742 23.71 -88.40 -42.44
CA ASN CB 742 22.89 -89.55 -42.11
C ASN CB 742 21.49 -89.39 -42.68
N LEU CB 743 20.85 -90.52 -42.96
CA LEU CB 743 19.47 -90.51 -43.45
C LEU CB 743 18.51 -90.00 -42.38
N ALA DB 218 85.99 -11.54 4.18
CA ALA DB 218 85.08 -10.42 3.88
C ALA DB 218 85.52 -9.74 2.58
N ASP DB 219 86.83 -9.59 2.40
CA ASP DB 219 87.34 -8.84 1.23
C ASP DB 219 88.42 -9.68 0.54
N GLY DB 220 88.53 -10.95 0.93
CA GLY DB 220 89.48 -11.82 0.22
C GLY DB 220 90.81 -11.14 -0.05
N VAL DB 221 91.39 -11.37 -1.23
CA VAL DB 221 92.74 -10.81 -1.52
C VAL DB 221 92.53 -9.76 -2.61
N GLY DB 222 92.84 -8.52 -2.31
CA GLY DB 222 92.75 -7.42 -3.25
C GLY DB 222 91.64 -6.43 -2.97
N ASN DB 223 90.82 -6.66 -1.96
CA ASN DB 223 89.77 -5.74 -1.57
C ASN DB 223 90.09 -5.17 -0.20
N SER DB 224 90.13 -3.84 -0.09
CA SER DB 224 90.46 -3.20 1.17
C SER DB 224 89.31 -3.36 2.15
N SER DB 225 89.65 -3.63 3.41
CA SER DB 225 88.67 -3.84 4.47
C SER DB 225 88.52 -2.62 5.37
N GLY DB 226 89.11 -1.50 5.00
CA GLY DB 226 88.98 -0.28 5.80
C GLY DB 226 89.63 0.88 5.11
N ASN DB 227 89.43 2.05 5.69
CA ASN DB 227 89.97 3.30 5.18
C ASN DB 227 90.75 4.02 6.28
N TRP DB 228 91.55 4.99 5.86
CA TRP DB 228 92.35 5.78 6.79
C TRP DB 228 91.51 6.93 7.32
N HIS DB 229 91.21 6.89 8.61
CA HIS DB 229 90.40 7.96 9.26
C HIS DB 229 91.22 8.55 10.40
N CYS DB 230 91.94 9.64 10.13
CA CYS DB 230 92.71 10.32 11.18
C CYS DB 230 92.28 11.79 11.15
N ASP DB 231 91.52 12.23 12.15
CA ASP DB 231 90.99 13.62 12.13
C ASP DB 231 90.26 13.95 13.44
N SER DB 232 89.82 15.20 13.62
CA SER DB 232 89.01 15.49 14.79
C SER DB 232 87.89 16.43 14.40
N THR DB 233 86.73 16.23 15.01
CA THR DB 233 85.54 17.05 14.75
C THR DB 233 85.09 17.67 16.07
N TRP DB 234 84.97 19.00 16.09
CA TRP DB 234 84.49 19.73 17.25
C TRP DB 234 83.04 20.14 16.99
N MET DB 235 82.14 19.66 17.83
CA MET DB 235 80.70 19.97 17.66
C MET DB 235 80.11 20.36 19.02
N GLY DB 236 80.07 21.65 19.32
CA GLY DB 236 79.51 22.12 20.57
C GLY DB 236 80.32 21.64 21.76
N ASP DB 237 79.66 20.90 22.65
CA ASP DB 237 80.29 20.37 23.85
C ASP DB 237 80.91 19.00 23.64
N ARG DB 238 81.25 18.65 22.41
CA ARG DB 238 81.88 17.36 22.12
C ARG DB 238 83.04 17.57 21.16
N VAL DB 239 84.06 16.74 21.30
CA VAL DB 239 85.14 16.63 20.32
C VAL DB 239 85.40 15.15 20.09
N THR DB 240 85.35 14.72 18.84
CA THR DB 240 85.60 13.33 18.47
C THR DB 240 86.94 13.26 17.76
N THR DB 241 87.90 12.57 18.36
CA THR DB 241 89.23 12.40 17.80
C THR DB 241 89.36 10.99 17.25
N THR DB 242 89.81 10.89 16.00
CA THR DB 242 90.05 9.60 15.34
C THR DB 242 91.50 9.52 14.90
N SER DB 243 92.11 8.36 15.10
CA SER DB 243 93.51 8.15 14.76
C SER DB 243 93.67 6.83 14.05
N THR DB 244 94.54 6.80 13.03
CA THR DB 244 94.90 5.58 12.34
C THR DB 244 96.41 5.44 12.31
N ARG DB 245 96.89 4.23 12.57
CA ARG DB 245 98.33 3.95 12.58
C ARG DB 245 98.58 2.63 11.87
N THR DB 246 99.81 2.44 11.43
CA THR DB 246 100.26 1.19 10.84
C THR DB 246 101.09 0.45 11.87
N TRP DB 247 100.70 -0.79 12.15
CA TRP DB 247 101.36 -1.60 13.18
C TRP DB 247 102.04 -2.81 12.56
N ALA DB 248 103.05 -3.31 13.27
CA ALA DB 248 103.75 -4.52 12.91
C ALA DB 248 103.76 -5.45 14.11
N LEU DB 249 103.33 -6.69 13.91
CA LEU DB 249 103.23 -7.68 14.98
C LEU DB 249 104.12 -8.86 14.68
N PRO DB 250 105.21 -9.06 15.39
CA PRO DB 250 106.07 -10.23 15.17
C PRO DB 250 105.50 -11.45 15.89
N THR DB 251 106.25 -12.55 15.81
CA THR DB 251 105.95 -13.74 16.59
C THR DB 251 106.71 -13.66 17.90
N TYR DB 252 105.98 -13.74 19.02
CA TYR DB 252 106.56 -13.57 20.33
C TYR DB 252 106.75 -14.91 21.03
N ASN DB 253 107.93 -15.08 21.62
CA ASN DB 253 108.29 -16.28 22.39
C ASN DB 253 108.27 -17.55 21.55
N ASN DB 254 108.28 -17.41 20.22
CA ASN DB 254 108.17 -18.54 19.30
C ASN DB 254 106.92 -19.37 19.61
N HIS DB 255 105.79 -18.66 19.73
CA HIS DB 255 104.46 -19.24 19.96
C HIS DB 255 104.36 -19.97 21.30
N LEU DB 256 105.13 -19.58 22.30
CA LEU DB 256 105.20 -20.31 23.56
C LEU DB 256 104.83 -19.41 24.73
N TYR DB 257 104.39 -20.04 25.81
CA TYR DB 257 104.18 -19.30 27.08
C TYR DB 257 105.39 -19.71 27.93
N LYS DB 258 106.11 -18.76 28.49
CA LYS DB 258 107.31 -18.98 29.27
C LYS DB 258 107.14 -18.39 30.65
N GLN DB 259 107.39 -19.20 31.67
CA GLN DB 259 107.42 -18.69 33.04
C GLN DB 259 108.62 -17.78 33.23
N ILE DB 260 108.38 -16.60 33.78
CA ILE DB 260 109.43 -15.62 34.02
C ILE DB 260 109.46 -15.28 35.49
N SER DB 261 110.63 -14.88 35.97
CA SER DB 261 110.80 -14.52 37.37
C SER DB 261 112.04 -13.62 37.49
N SER DB 262 112.16 -12.99 38.65
CA SER DB 262 113.31 -12.14 38.91
C SER DB 262 114.60 -12.97 38.93
N GLN DB 263 115.69 -12.31 38.55
CA GLN DB 263 116.98 -13.03 38.49
C GLN DB 263 117.42 -13.36 39.89
N SER DB 264 118.15 -14.47 40.02
CA SER DB 264 118.73 -14.80 41.35
C SER DB 264 119.74 -13.71 41.71
N GLY DB 265 119.81 -13.36 42.97
CA GLY DB 265 120.66 -12.31 43.47
C GLY DB 265 120.04 -10.94 43.50
N ALA DB 266 118.83 -10.78 42.97
CA ALA DB 266 118.13 -9.50 43.03
C ALA DB 266 117.70 -9.20 44.46
N SER DB 267 117.50 -7.92 44.74
CA SER DB 267 117.03 -7.52 46.04
C SER DB 267 115.58 -7.97 46.25
N ASN DB 268 115.16 -8.00 47.52
CA ASN DB 268 113.80 -8.43 47.82
C ASN DB 268 112.77 -7.50 47.21
N ASP DB 269 113.07 -6.20 47.13
CA ASP DB 269 112.12 -5.25 46.55
C ASP DB 269 111.92 -5.50 45.05
N ASN DB 270 112.91 -6.09 44.39
CA ASN DB 270 112.86 -6.31 42.95
C ASN DB 270 112.45 -7.74 42.58
N HIS DB 271 112.10 -8.56 43.55
CA HIS DB 271 111.68 -9.93 43.26
C HIS DB 271 110.29 -9.95 42.64
N TYR DB 272 110.10 -10.82 41.65
CA TYR DB 272 108.80 -10.95 41.01
C TYR DB 272 108.68 -12.33 40.38
N PHE DB 273 107.44 -12.71 40.07
CA PHE DB 273 107.14 -13.95 39.37
C PHE DB 273 105.96 -13.68 38.45
N GLY DB 274 106.00 -14.26 37.26
CA GLY DB 274 104.93 -14.04 36.30
C GLY DB 274 105.10 -14.93 35.09
N TYR DB 275 104.34 -14.61 34.05
CA TYR DB 275 104.36 -15.38 32.82
C TYR DB 275 104.43 -14.44 31.63
N SER DB 276 105.16 -14.87 30.60
CA SER DB 276 105.26 -14.17 29.34
C SER DB 276 104.44 -14.90 28.29
N THR DB 277 103.57 -14.18 27.61
CA THR DB 277 102.67 -14.78 26.64
C THR DB 277 103.12 -14.49 25.21
N PRO DB 278 102.77 -15.34 24.25
CA PRO DB 278 103.10 -15.05 22.84
C PRO DB 278 102.20 -14.00 22.21
N TRP DB 279 101.30 -13.41 22.96
CA TRP DB 279 100.36 -12.43 22.43
C TRP DB 279 100.93 -11.02 22.55
N GLY DB 280 100.40 -10.12 21.71
CA GLY DB 280 100.63 -8.71 21.83
C GLY DB 280 99.35 -8.00 22.21
N TYR DB 281 99.46 -6.71 22.50
CA TYR DB 281 98.30 -5.92 22.88
C TYR DB 281 98.40 -4.53 22.27
N PHE DB 282 97.24 -3.94 21.97
CA PHE DB 282 97.17 -2.60 21.41
C PHE DB 282 96.92 -1.60 22.53
N ASP DB 283 97.85 -0.66 22.68
CA ASP DB 283 97.79 0.34 23.74
C ASP DB 283 97.60 1.71 23.11
N PHE DB 284 96.55 2.43 23.54
CA PHE DB 284 96.36 3.82 23.17
C PHE DB 284 96.01 4.66 24.40
N ASN DB 285 96.61 4.31 25.53
CA ASN DB 285 96.35 5.00 26.80
C ASN DB 285 97.30 6.18 27.01
N ARG DB 286 97.39 7.04 26.00
CA ARG DB 286 98.15 8.28 26.09
C ARG DB 286 97.43 9.31 25.24
N PHE DB 287 97.41 10.56 25.69
CA PHE DB 287 96.60 11.60 24.99
C PHE DB 287 97.15 11.90 23.60
N HIS DB 288 98.46 11.78 23.40
CA HIS DB 288 99.11 12.10 22.10
C HIS DB 288 98.63 11.10 21.02
N CYS DB 289 98.06 9.97 21.41
CA CYS DB 289 97.57 8.93 20.47
C CYS DB 289 96.28 9.39 19.82
N HIS DB 290 95.61 10.40 20.37
CA HIS DB 290 94.35 10.88 19.85
C HIS DB 290 94.32 12.37 19.56
N PHE DB 291 95.07 13.18 20.30
CA PHE DB 291 95.06 14.62 20.15
C PHE DB 291 96.35 15.08 19.48
N SER DB 292 96.21 15.87 18.42
CA SER DB 292 97.35 16.59 17.87
C SER DB 292 97.70 17.75 18.81
N PRO DB 293 98.91 18.28 18.72
CA PRO DB 293 99.25 19.44 19.55
C PRO DB 293 98.32 20.63 19.35
N ARG DB 294 97.88 20.89 18.12
CA ARG DB 294 96.89 21.93 17.89
C ARG DB 294 95.56 21.57 18.55
N ASP DB 295 95.18 20.29 18.48
CA ASP DB 295 93.96 19.83 19.17
C ASP DB 295 94.08 20.02 20.68
N TRP DB 296 95.25 19.71 21.23
CA TRP DB 296 95.47 19.91 22.66
C TRP DB 296 95.38 21.38 23.03
N GLN DB 297 95.97 22.26 22.22
CA GLN DB 297 95.92 23.68 22.50
C GLN DB 297 94.48 24.20 22.42
N ARG DB 298 93.72 23.71 21.43
CA ARG DB 298 92.31 24.07 21.35
C ARG DB 298 91.51 23.56 22.54
N LEU DB 299 91.86 22.39 23.07
CA LEU DB 299 91.16 21.84 24.22
C LEU DB 299 91.47 22.61 25.49
N ILE DB 300 92.75 22.88 25.75
CA ILE DB 300 93.14 23.40 27.05
C ILE DB 300 92.97 24.91 27.18
N ASN DB 301 92.90 25.63 26.06
CA ASN DB 301 92.76 27.08 26.12
C ASN DB 301 91.32 27.55 26.18
N ASN DB 302 90.36 26.64 26.05
CA ASN DB 302 88.96 27.03 25.92
C ASN DB 302 88.00 26.26 26.82
N ASN DB 303 88.44 25.20 27.48
CA ASN DB 303 87.56 24.34 28.24
C ASN DB 303 88.01 24.27 29.69
N TRP DB 304 87.03 24.24 30.59
CA TRP DB 304 87.28 24.05 32.02
C TRP DB 304 87.34 22.58 32.42
N GLY DB 305 87.02 21.67 31.51
CA GLY DB 305 87.08 20.26 31.82
C GLY DB 305 86.76 19.41 30.61
N PHE DB 306 87.11 18.13 30.70
CA PHE DB 306 86.79 17.18 29.66
C PHE DB 306 86.84 15.77 30.24
N ARG DB 307 86.17 14.84 29.55
CA ARG DB 307 86.13 13.45 29.97
C ARG DB 307 85.77 12.60 28.76
N PRO DB 308 86.26 11.37 28.69
CA PRO DB 308 85.88 10.49 27.59
C PRO DB 308 84.47 9.94 27.76
N LYS DB 309 83.82 9.70 26.63
CA LYS DB 309 82.44 9.25 26.59
C LYS DB 309 82.28 7.87 25.98
N ARG DB 310 82.84 7.63 24.80
CA ARG DB 310 82.76 6.34 24.13
C ARG DB 310 83.92 6.24 23.15
N LEU DB 311 84.25 5.00 22.78
CA LEU DB 311 85.33 4.78 21.82
C LEU DB 311 84.92 3.70 20.82
N ASN DB 312 85.56 3.76 19.65
CA ASN DB 312 85.35 2.73 18.58
C ASN DB 312 86.74 2.30 18.14
N PHE DB 313 86.96 1.00 17.95
CA PHE DB 313 88.24 0.41 17.61
C PHE DB 313 88.09 -0.45 16.37
N LYS DB 314 89.11 -0.38 15.51
CA LYS DB 314 89.07 -1.19 14.28
C LYS DB 314 90.43 -1.69 13.84
N LEU DB 315 90.53 -2.96 13.46
CA LEU DB 315 91.71 -3.53 12.83
C LEU DB 315 91.34 -3.94 11.41
N PHE DB 316 92.15 -3.58 10.43
CA PHE DB 316 91.80 -3.81 9.04
C PHE DB 316 93.07 -3.84 8.20
N ASN DB 317 92.90 -4.22 6.93
CA ASN DB 317 93.99 -4.32 5.97
C ASN DB 317 95.12 -5.19 6.52
N ILE DB 318 94.75 -6.35 7.05
CA ILE DB 318 95.69 -7.23 7.72
C ILE DB 318 96.45 -8.04 6.69
N GLN DB 319 97.78 -7.99 6.74
CA GLN DB 319 98.65 -8.72 5.84
C GLN DB 319 99.57 -9.60 6.67
N VAL DB 320 99.62 -10.89 6.36
CA VAL DB 320 100.53 -11.81 7.01
C VAL DB 320 101.68 -12.08 6.04
N LYS DB 321 102.89 -11.80 6.49
CA LYS DB 321 104.09 -11.95 5.67
C LYS DB 321 104.92 -13.12 6.20
N GLU DB 322 105.30 -14.02 5.31
CA GLU DB 322 106.16 -15.14 5.65
C GLU DB 322 107.61 -14.77 5.35
N VAL DB 323 108.49 -14.97 6.33
CA VAL DB 323 109.91 -14.63 6.22
C VAL DB 323 110.71 -15.92 6.14
N THR DB 324 111.58 -16.01 5.14
CA THR DB 324 112.48 -17.14 4.98
C THR DB 324 113.91 -16.63 4.85
N GLN DB 325 114.86 -17.47 5.25
CA GLN DB 325 116.27 -17.11 5.21
C GLN DB 325 117.05 -18.30 4.67
N ASN DB 326 117.52 -18.18 3.43
CA ASN DB 326 118.24 -19.25 2.76
C ASN DB 326 119.58 -18.72 2.27
N ASP DB 327 120.67 -19.33 2.75
CA ASP DB 327 122.03 -18.95 2.35
C ASP DB 327 122.31 -17.46 2.61
N GLY DB 328 121.82 -16.96 3.74
CA GLY DB 328 122.08 -15.58 4.12
C GLY DB 328 121.20 -14.54 3.45
N THR DB 329 120.16 -14.95 2.75
CA THR DB 329 119.26 -14.04 2.07
C THR DB 329 117.90 -14.03 2.76
N THR DB 330 117.41 -12.84 3.08
CA THR DB 330 116.11 -12.66 3.70
C THR DB 330 115.07 -12.37 2.63
N THR DB 331 114.12 -13.29 2.47
CA THR DB 331 113.06 -13.16 1.47
C THR DB 331 111.72 -13.09 2.18
N ILE DB 332 110.91 -12.09 1.83
CA ILE DB 332 109.61 -11.87 2.43
C ILE DB 332 108.55 -12.02 1.35
N ALA DB 333 107.56 -12.86 1.60
CA ALA DB 333 106.48 -13.11 0.65
C ALA DB 333 105.16 -13.10 1.41
N ASN DB 334 104.09 -12.85 0.66
CA ASN DB 334 102.76 -12.82 1.25
C ASN DB 334 102.30 -14.23 1.63
N ASN DB 335 101.51 -14.30 2.69
CA ASN DB 335 100.84 -15.53 3.12
C ASN DB 335 99.35 -15.19 3.20
N LEU DB 336 98.62 -15.48 2.13
CA LEU DB 336 97.22 -15.07 2.05
C LEU DB 336 96.28 -15.98 2.83
N THR DB 337 96.76 -17.12 3.32
CA THR DB 337 95.90 -18.06 4.05
C THR DB 337 96.14 -18.05 5.55
N SER DB 338 97.16 -17.34 6.03
CA SER DB 338 97.40 -17.27 7.46
C SER DB 338 96.44 -16.29 8.13
N THR DB 339 96.23 -16.49 9.43
CA THR DB 339 95.31 -15.69 10.21
C THR DB 339 96.04 -15.01 11.36
N VAL DB 340 95.34 -14.04 11.95
CA VAL DB 340 95.73 -13.42 13.21
C VAL DB 340 94.54 -13.51 14.16
N GLN DB 341 94.80 -13.87 15.41
CA GLN DB 341 93.77 -14.02 16.42
C GLN DB 341 93.65 -12.73 17.22
N VAL DB 342 92.44 -12.19 17.28
CA VAL DB 342 92.16 -10.94 17.99
C VAL DB 342 90.98 -11.17 18.92
N PHE DB 343 91.11 -10.76 20.17
CA PHE DB 343 89.97 -10.75 21.08
C PHE DB 343 90.16 -9.63 22.10
N THR DB 344 89.04 -9.13 22.61
CA THR DB 344 89.03 -8.10 23.63
C THR DB 344 88.63 -8.72 24.97
N ASP DB 345 89.37 -8.38 26.02
CA ASP DB 345 89.09 -8.90 27.36
C ASP DB 345 88.00 -8.03 28.00
N SER DB 346 86.78 -8.17 27.51
CA SER DB 346 85.66 -7.31 27.96
C SER DB 346 85.13 -7.74 29.33
N GLU DB 347 85.45 -8.96 29.77
CA GLU DB 347 85.05 -9.39 31.09
C GLU DB 347 86.14 -9.17 32.13
N TYR DB 348 87.29 -8.62 31.73
CA TYR DB 348 88.39 -8.29 32.64
C TYR DB 348 88.83 -9.51 33.44
N GLN DB 349 88.98 -10.63 32.76
CA GLN DB 349 89.45 -11.87 33.37
C GLN DB 349 90.96 -12.03 33.32
N LEU DB 350 91.65 -11.14 32.62
CA LEU DB 350 93.11 -11.17 32.51
C LEU DB 350 93.71 -10.03 33.32
N PRO DB 351 94.95 -10.19 33.79
CA PRO DB 351 95.62 -9.09 34.50
C PRO DB 351 95.73 -7.85 33.62
N TYR DB 352 95.24 -6.73 34.14
CA TYR DB 352 95.19 -5.49 33.38
C TYR DB 352 96.54 -4.80 33.45
N VAL DB 353 97.32 -4.90 32.37
CA VAL DB 353 98.64 -4.31 32.32
C VAL DB 353 98.63 -2.92 31.69
N LEU DB 354 97.53 -2.50 31.10
CA LEU DB 354 97.38 -1.11 30.69
C LEU DB 354 97.27 -0.22 31.92
N GLY DB 355 97.68 1.03 31.78
CA GLY DB 355 97.68 1.95 32.90
C GLY DB 355 98.90 1.89 33.78
N SER DB 356 99.95 1.18 33.37
CA SER DB 356 101.22 1.16 34.08
C SER DB 356 102.29 2.01 33.40
N ALA DB 357 101.88 2.90 32.49
CA ALA DB 357 102.78 3.82 31.79
C ALA DB 357 103.85 3.05 31.01
N HIS DB 358 103.41 2.07 30.22
CA HIS DB 358 104.30 1.23 29.45
C HIS DB 358 104.47 1.76 28.04
N GLN DB 359 105.64 1.51 27.46
CA GLN DB 359 105.93 1.88 26.08
C GLN DB 359 105.19 0.93 25.13
N GLY DB 360 105.11 1.34 23.87
CA GLY DB 360 104.42 0.56 22.87
C GLY DB 360 103.07 1.10 22.44
N CYS DB 361 102.75 2.34 22.79
CA CYS DB 361 101.47 2.92 22.44
C CYS DB 361 101.45 3.30 20.96
N LEU DB 362 100.32 3.84 20.52
CA LEU DB 362 100.22 4.41 19.18
C LEU DB 362 101.10 5.65 19.12
N PRO DB 363 101.99 5.76 18.13
CA PRO DB 363 102.92 6.89 18.11
C PRO DB 363 102.16 8.20 17.95
N PRO DB 364 102.66 9.28 18.55
CA PRO DB 364 101.96 10.57 18.43
C PRO DB 364 101.85 11.07 17.01
N PHE DB 365 102.85 10.82 16.17
CA PHE DB 365 102.80 11.25 14.78
C PHE DB 365 102.08 10.21 13.93
N PRO DB 366 101.04 10.59 13.19
CA PRO DB 366 100.26 9.60 12.44
C PRO DB 366 101.05 8.86 11.37
N ALA DB 367 102.19 9.38 10.94
CA ALA DB 367 102.97 8.74 9.89
C ALA DB 367 103.94 7.70 10.40
N ASP DB 368 104.07 7.53 11.71
CA ASP DB 368 105.01 6.57 12.28
C ASP DB 368 104.41 5.17 12.36
N VAL DB 369 105.25 4.18 12.10
CA VAL DB 369 104.86 2.77 12.20
C VAL DB 369 105.45 2.21 13.49
N PHE DB 370 104.63 1.49 14.24
CA PHE DB 370 105.00 1.02 15.57
C PHE DB 370 104.85 -0.49 15.68
N MET DB 371 105.68 -1.08 16.54
CA MET DB 371 105.61 -2.49 16.87
C MET DB 371 104.62 -2.71 18.00
N VAL DB 372 103.87 -3.82 17.91
CA VAL DB 372 102.89 -4.17 18.93
C VAL DB 372 103.62 -4.74 20.14
N PRO DB 373 103.45 -4.18 21.33
CA PRO DB 373 104.18 -4.67 22.50
C PRO DB 373 103.72 -6.06 22.92
N GLN DB 374 104.64 -6.82 23.49
CA GLN DB 374 104.34 -8.17 23.96
C GLN DB 374 103.59 -8.13 25.28
N TYR DB 375 102.56 -8.95 25.39
CA TYR DB 375 101.75 -9.00 26.61
C TYR DB 375 102.38 -9.93 27.63
N GLY DB 376 102.39 -9.48 28.88
CA GLY DB 376 102.90 -10.28 29.98
C GLY DB 376 102.34 -9.76 31.27
N TYR DB 377 102.26 -10.65 32.26
CA TYR DB 377 101.65 -10.30 33.54
C TYR DB 377 102.46 -10.91 34.67
N LEU DB 378 102.30 -10.33 35.86
CA LEU DB 378 102.91 -10.83 37.07
C LEU DB 378 101.85 -11.34 38.02
N THR DB 379 102.21 -12.36 38.80
CA THR DB 379 101.32 -12.92 39.80
C THR DB 379 102.03 -12.95 41.14
N LEU DB 380 101.43 -13.58 42.13
CA LEU DB 380 102.01 -13.62 43.50
C LEU DB 380 103.36 -14.31 43.47
N ASN DB 381 104.31 -13.82 44.26
CA ASN DB 381 105.65 -14.45 44.33
C ASN DB 381 106.16 -14.43 45.77
N ASN DB 382 106.83 -15.51 46.19
CA ASN DB 382 107.52 -15.51 47.50
C ASN DB 382 109.00 -15.48 47.11
N GLY DB 383 109.54 -14.29 46.85
CA GLY DB 383 110.92 -14.23 46.31
C GLY DB 383 110.87 -14.44 44.82
N SER DB 384 111.79 -15.22 44.26
CA SER DB 384 111.75 -15.55 42.85
C SER DB 384 110.81 -16.71 42.54
N GLN DB 385 110.29 -17.37 43.57
CA GLN DB 385 109.39 -18.51 43.40
C GLN DB 385 107.93 -18.06 43.42
N ALA DB 386 107.05 -19.02 43.19
CA ALA DB 386 105.61 -18.79 43.21
C ALA DB 386 104.98 -19.43 44.45
N VAL DB 387 103.73 -19.08 44.70
CA VAL DB 387 102.95 -19.66 45.78
C VAL DB 387 101.75 -20.37 45.17
N GLY DB 388 101.00 -21.07 46.03
CA GLY DB 388 99.85 -21.82 45.57
C GLY DB 388 98.74 -20.92 45.05
N ARG DB 389 98.70 -19.67 45.50
CA ARG DB 389 97.68 -18.73 45.06
C ARG DB 389 98.01 -18.06 43.74
N SER DB 390 99.22 -18.26 43.22
CA SER DB 390 99.60 -17.66 41.93
C SER DB 390 98.72 -18.22 40.82
N SER DB 391 98.31 -17.32 39.92
CA SER DB 391 97.39 -17.66 38.84
C SER DB 391 98.12 -17.71 37.51
N PHE DB 392 97.76 -18.70 36.69
CA PHE DB 392 98.27 -18.83 35.34
C PHE DB 392 97.11 -18.66 34.37
N TYR DB 393 97.34 -17.89 33.30
CA TYR DB 393 96.32 -17.60 32.32
C TYR DB 393 96.80 -17.99 30.93
N CYS DB 394 96.02 -18.81 30.25
CA CYS DB 394 96.24 -19.14 28.84
C CYS DB 394 95.28 -18.31 28.02
N LEU DB 395 95.82 -17.46 27.15
CA LEU DB 395 95.00 -16.56 26.34
C LEU DB 395 94.32 -17.27 25.18
N GLU DB 396 94.74 -18.50 24.85
CA GLU DB 396 94.02 -19.30 23.87
C GLU DB 396 92.79 -19.96 24.46
N TYR DB 397 92.55 -19.80 25.77
CA TYR DB 397 91.36 -20.37 26.45
C TYR DB 397 90.22 -19.35 26.36
N PHE DB 398 90.44 -18.24 25.68
CA PHE DB 398 89.45 -17.22 25.39
C PHE DB 398 88.96 -17.36 23.96
N PRO DB 399 87.68 -17.08 23.69
CA PRO DB 399 87.21 -17.04 22.30
C PRO DB 399 87.80 -15.85 21.57
N SER DB 400 88.45 -16.11 20.45
CA SER DB 400 89.10 -15.08 19.66
C SER DB 400 88.63 -15.16 18.22
N GLN DB 401 88.72 -14.03 17.52
CA GLN DB 401 88.30 -13.94 16.13
C GLN DB 401 89.52 -14.09 15.23
N MET DB 402 89.42 -14.98 14.26
CA MET DB 402 90.52 -15.29 13.34
C MET DB 402 90.32 -14.46 12.07
N LEU DB 403 91.37 -13.74 11.67
CA LEU DB 403 91.28 -12.79 10.57
C LEU DB 403 92.33 -13.13 9.52
N ARG DB 404 91.87 -13.46 8.31
CA ARG DB 404 92.76 -13.58 7.16
C ARG DB 404 92.94 -12.22 6.51
N THR DB 405 93.70 -12.18 5.42
CA THR DB 405 93.80 -10.91 4.64
C THR DB 405 92.44 -10.69 4.00
N GLY DB 406 91.80 -9.59 4.32
CA GLY DB 406 90.45 -9.29 3.87
C GLY DB 406 89.41 -9.28 4.97
N ASN DB 407 89.75 -9.76 6.16
CA ASN DB 407 88.88 -9.70 7.32
C ASN DB 407 89.25 -8.50 8.19
N ASN DB 408 88.27 -7.96 8.89
CA ASN DB 408 88.49 -6.84 9.79
C ASN DB 408 87.86 -7.15 11.14
N PHE DB 409 88.35 -6.44 12.16
CA PHE DB 409 87.86 -6.57 13.52
C PHE DB 409 87.39 -5.20 14.00
N THR DB 410 86.33 -5.19 14.80
CA THR DB 410 85.83 -3.94 15.35
C THR DB 410 85.09 -4.21 16.65
N PHE DB 411 85.07 -3.21 17.52
CA PHE DB 411 84.26 -3.26 18.73
C PHE DB 411 84.08 -1.84 19.25
N SER DB 412 82.98 -1.65 19.98
CA SER DB 412 82.64 -0.35 20.55
C SER DB 412 82.57 -0.46 22.07
N TYR DB 413 83.00 0.61 22.74
CA TYR DB 413 83.04 0.65 24.19
C TYR DB 413 82.48 1.98 24.65
N THR DB 414 81.76 1.96 25.77
CA THR DB 414 81.21 3.17 26.37
C THR DB 414 81.87 3.39 27.72
N PHE DB 415 82.46 4.56 27.91
CA PHE DB 415 83.06 4.90 29.19
C PHE DB 415 81.98 5.07 30.25
N GLU DB 416 82.30 4.67 31.48
CA GLU DB 416 81.42 4.94 32.60
C GLU DB 416 81.47 6.44 32.95
N ASP DB 417 80.49 6.87 33.74
CA ASP DB 417 80.45 8.27 34.16
C ASP DB 417 81.63 8.57 35.08
N VAL DB 418 82.42 9.57 34.70
CA VAL DB 418 83.59 9.96 35.48
C VAL DB 418 83.59 11.48 35.62
N PRO DB 419 84.21 12.01 36.66
CA PRO DB 419 84.28 13.47 36.80
C PRO DB 419 85.10 14.10 35.68
N PHE DB 420 84.73 15.32 35.32
CA PHE DB 420 85.52 16.09 34.37
C PHE DB 420 86.89 16.35 34.95
N HIS DB 421 87.92 16.23 34.12
CA HIS DB 421 89.26 16.62 34.55
C HIS DB 421 89.30 18.12 34.78
N SER DB 422 89.93 18.51 35.90
CA SER DB 422 90.04 19.95 36.26
C SER DB 422 91.11 20.62 35.38
N SER DB 423 90.74 20.98 34.16
CA SER DB 423 91.68 21.66 33.26
C SER DB 423 91.69 23.17 33.50
N TYR DB 424 91.90 23.54 34.77
CA TYR DB 424 91.95 24.93 35.17
C TYR DB 424 92.86 25.05 36.38
N ALA DB 425 93.33 26.27 36.61
CA ALA DB 425 94.08 26.62 37.81
C ALA DB 425 93.26 27.60 38.63
N HIS DB 426 93.21 27.37 39.94
CA HIS DB 426 92.45 28.26 40.81
C HIS DB 426 93.11 29.63 40.88
N SER DB 427 92.31 30.68 40.71
CA SER DB 427 92.77 32.05 40.84
C SER DB 427 92.68 32.56 42.27
N GLN DB 428 92.23 31.73 43.20
CA GLN DB 428 92.22 32.05 44.61
C GLN DB 428 92.97 30.97 45.39
N SER DB 429 93.57 31.37 46.49
CA SER DB 429 94.23 30.44 47.39
C SER DB 429 93.27 30.05 48.51
N LEU DB 430 93.44 28.83 49.03
CA LEU DB 430 92.55 28.33 50.07
C LEU DB 430 92.66 29.14 51.36
N ASP DB 431 93.79 29.82 51.57
CA ASP DB 431 93.99 30.61 52.82
C ASP DB 431 93.68 32.09 52.58
N ARG DB 432 93.17 32.43 51.39
CA ARG DB 432 92.86 33.81 51.03
C ARG DB 432 91.45 33.89 50.44
N LEU DB 433 90.48 33.24 51.09
CA LEU DB 433 89.11 33.20 50.60
C LEU DB 433 88.20 34.21 51.29
N MET DB 434 88.75 35.10 52.10
CA MET DB 434 87.96 36.01 52.91
C MET DB 434 87.80 37.37 52.22
N ASN DB 435 87.04 38.25 52.86
CA ASN DB 435 86.90 39.63 52.43
C ASN DB 435 87.93 40.45 53.19
N PRO DB 436 88.95 41.02 52.52
CA PRO DB 436 90.01 41.74 53.24
C PRO DB 436 89.56 43.05 53.86
N LEU DB 437 88.36 43.54 53.52
CA LEU DB 437 87.89 44.82 54.02
C LEU DB 437 87.15 44.73 55.35
N ILE DB 438 86.57 43.58 55.66
CA ILE DB 438 85.71 43.41 56.82
C ILE DB 438 86.39 42.48 57.81
N ASP DB 439 86.40 42.88 59.08
CA ASP DB 439 86.91 42.01 60.13
C ASP DB 439 85.95 40.86 60.40
N GLN DB 440 86.50 39.79 60.97
CA GLN DB 440 85.67 38.67 61.43
C GLN DB 440 85.07 38.98 62.79
N TYR DB 441 83.89 38.43 63.03
CA TYR DB 441 83.28 38.54 64.35
C TYR DB 441 83.83 37.51 65.34
N LEU DB 442 84.54 36.49 64.85
CA LEU DB 442 85.13 35.49 65.73
C LEU DB 442 86.45 35.99 66.30
N TYR DB 443 86.78 35.51 67.49
CA TYR DB 443 88.00 35.90 68.18
C TYR DB 443 88.99 34.74 68.18
N TYR DB 444 90.27 35.09 68.22
CA TYR DB 444 91.34 34.12 68.34
C TYR DB 444 92.31 34.58 69.42
N LEU DB 445 92.95 33.62 70.06
CA LEU DB 445 93.94 33.92 71.09
C LEU DB 445 95.15 34.59 70.43
N SER DB 446 95.31 35.89 70.67
CA SER DB 446 96.38 36.66 70.04
C SER DB 446 97.57 36.88 70.95
N ARG DB 447 97.33 36.96 72.25
CA ARG DB 447 98.46 37.14 73.20
C ARG DB 447 98.31 36.15 74.36
N THR DB 448 99.44 35.74 74.91
CA THR DB 448 99.45 34.83 76.05
C THR DB 448 100.07 35.42 77.30
N ASN DB 449 100.62 36.63 77.23
CA ASN DB 449 101.17 37.29 78.42
C ASN DB 449 101.12 38.80 78.20
N THR DB 450 101.32 39.53 79.29
CA THR DB 450 101.37 40.99 79.26
C THR DB 450 102.53 41.47 80.11
N PRO DB 451 103.12 42.66 79.80
CA PRO DB 451 104.17 43.20 80.66
C PRO DB 451 103.63 43.40 82.07
N SER DB 452 104.30 42.82 83.07
CA SER DB 452 103.89 43.03 84.48
C SER DB 452 105.12 43.49 85.27
N GLY DB 453 105.07 44.68 85.85
CA GLY DB 453 106.26 45.22 86.53
C GLY DB 453 107.43 45.32 85.56
N THR DB 454 108.56 44.72 85.90
CA THR DB 454 109.73 44.71 84.99
C THR DB 454 109.90 43.29 84.45
N THR DB 455 108.97 42.39 84.79
CA THR DB 455 108.99 41.00 84.26
C THR DB 455 107.78 40.80 83.35
N THR DB 456 107.31 39.56 83.22
CA THR DB 456 106.09 39.29 82.42
C THR DB 456 105.09 38.50 83.26
N GLN DB 457 103.81 38.61 82.95
CA GLN DB 457 102.78 37.87 83.67
C GLN DB 457 101.84 37.22 82.67
N SER DB 458 101.45 35.98 82.96
CA SER DB 458 100.57 35.23 82.06
C SER DB 458 99.19 35.88 82.01
N ARG DB 459 98.70 36.14 80.80
CA ARG DB 459 97.40 36.78 80.61
C ARG DB 459 96.92 36.51 79.20
N LEU DB 460 95.75 35.88 79.07
CA LEU DB 460 95.21 35.55 77.77
C LEU DB 460 94.44 36.74 77.21
N GLN DB 461 94.68 37.05 75.94
CA GLN DB 461 93.96 38.09 75.23
C GLN DB 461 93.51 37.58 73.87
N PHE DB 462 92.43 38.15 73.36
CA PHE DB 462 91.82 37.70 72.12
C PHE DB 462 91.55 38.89 71.21
N SER DB 463 91.66 38.65 69.91
CA SER DB 463 91.48 39.68 68.91
C SER DB 463 90.61 39.15 67.78
N GLN DB 464 89.98 40.07 67.07
CA GLN DB 464 89.25 39.74 65.85
C GLN DB 464 90.19 39.89 64.66
N ALA DB 465 90.19 38.89 63.80
CA ALA DB 465 91.15 38.85 62.69
C ALA DB 465 90.64 39.68 61.53
N GLY DB 466 91.55 40.44 60.93
CA GLY DB 466 91.28 41.25 59.74
C GLY DB 466 92.35 41.01 58.70
N ALA DB 467 92.67 42.08 57.96
CA ALA DB 467 93.66 41.98 56.90
C ALA DB 467 95.09 41.97 57.44
N SER DB 468 95.35 42.73 58.52
CA SER DB 468 96.70 42.85 59.03
C SER DB 468 97.19 41.55 59.65
N ASP DB 469 96.30 40.79 60.28
CA ASP DB 469 96.63 39.49 60.86
C ASP DB 469 95.85 38.40 60.13
N ILE DB 470 95.88 38.48 58.80
CA ILE DB 470 95.08 37.61 57.93
C ILE DB 470 95.39 36.14 58.14
N ARG DB 471 96.58 35.81 58.66
CA ARG DB 471 96.95 34.42 58.87
C ARG DB 471 96.18 33.77 60.01
N ASP DB 472 95.59 34.56 60.91
CA ASP DB 472 94.89 34.05 62.08
C ASP DB 472 93.39 33.93 61.88
N GLN DB 473 92.90 34.19 60.67
CA GLN DB 473 91.46 34.17 60.44
C GLN DB 473 90.90 32.76 60.55
N SER DB 474 89.71 32.65 61.13
CA SER DB 474 89.02 31.37 61.21
C SER DB 474 88.57 30.94 59.82
N ARG DB 475 88.79 29.66 59.51
CA ARG DB 475 88.55 29.14 58.17
C ARG DB 475 87.73 27.85 58.26
N ASN DB 476 87.09 27.52 57.14
CA ASN DB 476 86.20 26.37 57.08
C ASN DB 476 86.84 25.14 56.45
N TRP DB 477 87.99 25.28 55.79
CA TRP DB 477 88.57 24.21 54.99
C TRP DB 477 90.05 24.07 55.30
N LEU DB 478 90.60 22.94 54.85
CA LEU DB 478 92.01 22.59 55.06
C LEU DB 478 92.63 22.14 53.75
N PRO DB 479 93.94 22.32 53.61
CA PRO DB 479 94.62 21.80 52.41
C PRO DB 479 94.64 20.29 52.37
N GLY DB 480 94.73 19.75 51.16
CA GLY DB 480 94.65 18.32 50.94
C GLY DB 480 95.75 17.52 51.60
N PRO DB 481 95.66 16.20 51.49
CA PRO DB 481 96.63 15.34 52.19
C PRO DB 481 98.02 15.41 51.58
N CYS DB 482 98.97 15.00 52.42
CA CYS DB 482 100.39 15.14 52.08
C CYS DB 482 101.18 13.87 52.35
N TYR DB 483 102.21 13.60 51.57
CA TYR DB 483 103.15 12.50 51.82
C TYR DB 483 104.52 13.01 51.38
N ARG DB 484 105.29 13.53 52.34
CA ARG DB 484 106.41 14.41 52.02
C ARG DB 484 107.44 13.73 51.13
N GLN DB 485 107.95 14.49 50.16
CA GLN DB 485 108.99 14.06 49.24
C GLN DB 485 110.26 14.85 49.50
N GLN DB 486 111.40 14.24 49.18
CA GLN DB 486 112.67 14.95 49.26
C GLN DB 486 112.77 15.97 48.13
N ARG DB 487 113.40 17.10 48.43
CA ARG DB 487 113.55 18.18 47.48
C ARG DB 487 114.89 18.07 46.76
N VAL DB 488 114.80 18.11 45.43
CA VAL DB 488 116.01 18.07 44.56
C VAL DB 488 115.97 19.32 43.69
N SER DB 489 117.12 19.82 43.26
CA SER DB 489 117.23 21.03 42.46
C SER DB 489 117.71 20.69 41.05
N LYS DB 490 117.17 21.43 40.07
CA LYS DB 490 117.59 21.23 38.66
C LYS DB 490 119.03 21.73 38.50
N THR DB 491 119.45 22.69 39.32
CA THR DB 491 120.87 23.14 39.33
C THR DB 491 121.65 22.07 40.09
N SER DB 492 122.56 21.36 39.42
CA SER DB 492 123.25 20.20 40.05
C SER DB 492 124.03 20.59 41.31
N ALA DB 493 124.80 21.68 41.27
CA ALA DB 493 125.64 22.03 42.41
C ALA DB 493 124.83 22.19 43.69
N ASP DB 494 123.55 22.52 43.58
CA ASP DB 494 122.70 22.75 44.74
C ASP DB 494 122.36 21.47 45.49
N ASN DB 495 122.59 20.30 44.89
CA ASN DB 495 122.21 19.04 45.49
C ASN DB 495 123.34 18.48 46.35
N ASN DB 496 122.97 17.61 47.29
CA ASN DB 496 123.97 16.98 48.16
C ASN DB 496 124.85 16.03 47.35
N ASN DB 497 126.14 16.03 47.67
CA ASN DB 497 127.10 15.19 46.96
C ASN DB 497 127.12 13.79 47.59
N SER DB 498 126.04 13.05 47.32
CA SER DB 498 125.89 11.69 47.82
C SER DB 498 124.86 10.98 46.96
N GLU DB 499 124.79 9.65 47.16
CA GLU DB 499 123.78 8.83 46.44
C GLU DB 499 122.58 8.67 47.37
N TYR DB 500 121.52 9.43 47.10
CA TYR DB 500 120.32 9.43 47.94
C TYR DB 500 119.06 9.17 47.14
N SER DB 501 119.17 8.54 45.96
CA SER DB 501 117.98 8.27 45.16
C SER DB 501 117.08 7.22 45.79
N TRP DB 502 117.60 6.43 46.74
CA TRP DB 502 116.80 5.44 47.44
C TRP DB 502 116.78 5.64 48.94
N THR DB 503 117.90 6.03 49.55
CA THR DB 503 117.92 6.26 50.99
C THR DB 503 117.01 7.41 51.38
N GLY DB 504 117.04 8.50 50.60
CA GLY DB 504 116.17 9.63 50.82
C GLY DB 504 114.86 9.57 50.08
N ALA DB 505 114.56 8.46 49.43
CA ALA DB 505 113.35 8.33 48.63
C ALA DB 505 112.13 8.11 49.52
N THR DB 506 110.97 8.51 49.01
CA THR DB 506 109.70 8.29 49.68
C THR DB 506 109.13 6.94 49.24
N LYS DB 507 108.86 6.07 50.21
CA LYS DB 507 108.54 4.69 49.94
C LYS DB 507 107.31 4.25 50.72
N TYR DB 508 106.65 3.22 50.23
CA TYR DB 508 105.61 2.51 50.96
C TYR DB 508 106.01 1.05 51.11
N HIS DB 509 105.68 0.47 52.26
CA HIS DB 509 106.09 -0.87 52.62
C HIS DB 509 104.91 -1.81 52.45
N LEU DB 510 105.09 -2.88 51.66
CA LEU DB 510 104.03 -3.82 51.37
C LEU DB 510 104.61 -5.23 51.31
N ASN DB 511 104.19 -6.08 52.24
CA ASN DB 511 104.61 -7.48 52.30
C ASN DB 511 106.13 -7.60 52.39
N GLY DB 512 106.76 -6.72 53.16
CA GLY DB 512 108.19 -6.76 53.35
C GLY DB 512 109.02 -6.17 52.23
N ARG DB 513 108.37 -5.62 51.21
CA ARG DB 513 109.15 -4.98 50.11
C ARG DB 513 108.84 -3.49 50.01
N ASP DB 514 109.87 -2.67 49.85
CA ASP DB 514 109.74 -1.23 49.67
C ASP DB 514 109.55 -0.91 48.20
N SER DB 515 108.51 -0.14 47.90
CA SER DB 515 108.24 0.34 46.56
C SER DB 515 108.35 1.86 46.55
N LEU DB 516 108.92 2.40 45.48
CA LEU DB 516 109.03 3.85 45.34
C LEU DB 516 107.64 4.47 45.18
N VAL DB 517 107.40 5.56 45.90
CA VAL DB 517 106.17 6.32 45.76
C VAL DB 517 106.41 7.31 44.62
N ASN DB 518 105.83 7.01 43.46
CA ASN DB 518 106.09 7.78 42.25
C ASN DB 518 104.87 7.74 41.33
N PRO DB 519 104.20 8.87 41.09
CA PRO DB 519 104.47 10.21 41.64
C PRO DB 519 103.81 10.44 42.98
N GLY DB 520 102.95 9.53 43.44
CA GLY DB 520 102.32 9.65 44.73
C GLY DB 520 101.14 10.59 44.73
N PRO DB 521 100.70 10.99 45.93
CA PRO DB 521 99.56 11.92 46.04
C PRO DB 521 99.87 13.25 45.36
N ALA DB 522 98.83 13.84 44.79
CA ALA DB 522 98.97 15.10 44.05
C ALA DB 522 99.36 16.22 45.00
N MET DB 523 100.54 16.78 44.79
CA MET DB 523 101.06 17.86 45.62
C MET DB 523 101.80 18.85 44.74
N ALA DB 524 101.87 20.10 45.19
CA ALA DB 524 102.55 21.13 44.44
C ALA DB 524 104.04 20.85 44.36
N SER DB 525 104.62 21.05 43.18
CA SER DB 525 106.04 20.79 42.99
C SER DB 525 106.90 21.73 43.82
N HIS DB 526 106.50 22.99 43.91
CA HIS DB 526 107.29 23.99 44.62
C HIS DB 526 106.40 25.16 45.00
N LYS DB 527 106.92 25.99 45.91
CA LYS DB 527 106.22 27.20 46.34
C LYS DB 527 106.61 28.36 45.42
N ASP DB 528 106.24 29.58 45.81
CA ASP DB 528 106.52 30.75 44.99
C ASP DB 528 108.02 30.94 44.81
N ASP DB 529 108.42 31.25 43.59
CA ASP DB 529 109.80 31.63 43.25
C ASP DB 529 110.79 30.53 43.61
N GLU DB 530 110.38 29.27 43.40
CA GLU DB 530 111.26 28.12 43.62
C GLU DB 530 111.10 27.11 42.50
N GLU DB 531 111.01 27.59 41.26
CA GLU DB 531 110.74 26.73 40.13
C GLU DB 531 111.87 25.74 39.86
N LYS DB 532 113.06 25.98 40.39
CA LYS DB 532 114.17 25.05 40.19
C LYS DB 532 114.05 23.80 41.05
N PHE DB 533 113.16 23.80 42.04
CA PHE DB 533 113.00 22.68 42.96
C PHE DB 533 111.82 21.81 42.54
N PHE DB 534 112.02 20.50 42.57
CA PHE DB 534 110.97 19.54 42.29
C PHE DB 534 111.10 18.37 43.25
N PRO DB 535 110.00 17.70 43.56
CA PRO DB 535 110.08 16.51 44.42
C PRO DB 535 110.86 15.40 43.76
N GLN DB 536 111.55 14.61 44.59
CA GLN DB 536 112.46 13.59 44.07
C GLN DB 536 111.74 12.56 43.21
N SER DB 537 110.56 12.11 43.66
CA SER DB 537 109.75 11.18 42.88
C SER DB 537 108.28 11.61 42.93
N GLY DB 538 108.03 12.91 42.91
CA GLY DB 538 106.68 13.44 43.02
C GLY DB 538 106.12 14.05 41.76
N VAL DB 539 106.83 14.00 40.64
CA VAL DB 539 106.34 14.55 39.38
C VAL DB 539 106.60 13.54 38.27
N LEU DB 540 105.79 13.63 37.22
CA LEU DB 540 106.04 12.84 36.02
C LEU DB 540 107.24 13.39 35.27
N ILE DB 541 108.10 12.50 34.80
CA ILE DB 541 109.29 12.88 34.05
C ILE DB 541 109.21 12.19 32.70
N PHE DB 542 109.10 12.97 31.64
CA PHE DB 542 109.04 12.46 30.28
C PHE DB 542 110.40 12.59 29.61
N GLY DB 543 110.72 11.63 28.76
CA GLY DB 543 111.97 11.65 28.03
C GLY DB 543 111.85 12.44 26.74
N LYS DB 544 112.91 13.20 26.44
CA LYS DB 544 112.98 13.87 25.15
C LYS DB 544 113.23 12.85 24.05
N GLN DB 545 113.07 13.29 22.81
CA GLN DB 545 113.29 12.40 21.67
C GLN DB 545 114.72 11.91 21.64
N GLY DB 546 114.90 10.60 21.46
CA GLY DB 546 116.21 10.00 21.41
C GLY DB 546 116.84 9.70 22.76
N SER DB 547 116.09 9.88 23.84
CA SER DB 547 116.64 9.68 25.20
C SER DB 547 116.83 8.20 25.48
N GLU DB 548 117.94 7.82 26.13
CA GLU DB 548 118.23 6.44 26.44
C GLU DB 548 117.37 5.98 27.61
N LYS DB 549 117.68 4.79 28.13
CA LYS DB 549 116.88 4.19 29.18
C LYS DB 549 117.49 4.38 30.57
N THR DB 550 118.80 4.29 30.69
CA THR DB 550 119.46 4.26 32.00
C THR DB 550 120.35 5.47 32.19
N ASN DB 551 120.13 6.19 33.29
CA ASN DB 551 121.03 7.24 33.77
C ASN DB 551 121.27 8.33 32.73
N VAL DB 552 120.18 8.84 32.17
CA VAL DB 552 120.27 9.98 31.28
C VAL DB 552 120.36 11.25 32.10
N ASP DB 553 120.97 12.29 31.53
CA ASP DB 553 121.15 13.54 32.24
C ASP DB 553 119.83 14.29 32.36
N ILE DB 554 119.85 15.36 33.17
CA ILE DB 554 118.63 16.13 33.38
C ILE DB 554 118.24 16.87 32.10
N GLU DB 555 119.20 17.27 31.27
CA GLU DB 555 118.88 17.93 30.02
C GLU DB 555 118.25 16.99 29.00
N LYS DB 556 118.29 15.68 29.24
CA LYS DB 556 117.66 14.70 28.36
C LYS DB 556 116.22 14.43 28.72
N VAL DB 557 115.72 14.95 29.83
CA VAL DB 557 114.36 14.70 30.29
C VAL DB 557 113.64 16.01 30.51
N MET DB 558 112.32 15.95 30.48
CA MET DB 558 111.45 17.10 30.72
C MET DB 558 110.63 16.83 31.98
N ILE DB 559 110.87 17.62 33.01
CA ILE DB 559 110.23 17.43 34.30
C ILE DB 559 108.98 18.29 34.36
N THR DB 560 107.85 17.67 34.69
CA THR DB 560 106.58 18.39 34.75
C THR DB 560 106.48 19.22 36.02
N ASP DB 561 105.54 20.16 35.99
CA ASP DB 561 105.34 21.06 37.15
C ASP DB 561 103.88 21.04 37.55
N GLU DB 562 103.62 20.89 38.84
CA GLU DB 562 102.28 20.87 39.42
C GLU DB 562 102.07 22.09 40.31
N GLU DB 563 102.52 23.25 39.85
CA GLU DB 563 102.42 24.47 40.65
C GLU DB 563 101.02 25.08 40.62
N GLU DB 564 100.19 24.71 39.65
CA GLU DB 564 98.85 25.28 39.56
C GLU DB 564 97.95 24.82 40.70
N ILE DB 565 98.32 23.77 41.43
CA ILE DB 565 97.48 23.23 42.49
C ILE DB 565 98.00 23.62 43.86
N ARG DB 566 98.99 24.52 43.94
CA ARG DB 566 99.49 24.97 45.24
C ARG DB 566 98.49 25.86 45.97
N THR DB 567 97.40 26.26 45.31
CA THR DB 567 96.36 27.03 45.98
C THR DB 567 95.63 26.19 47.02
N THR DB 568 95.45 24.89 46.76
CA THR DB 568 94.74 24.01 47.68
C THR DB 568 95.57 22.82 48.16
N ASN DB 569 96.67 22.49 47.51
CA ASN DB 569 97.45 21.32 47.86
C ASN DB 569 98.78 21.74 48.48
N PRO DB 570 99.23 21.03 49.52
CA PRO DB 570 100.50 21.37 50.14
C PRO DB 570 101.66 21.13 49.20
N VAL DB 571 102.73 21.89 49.40
CA VAL DB 571 103.95 21.67 48.63
C VAL DB 571 104.54 20.31 48.98
N ALA DB 572 104.99 19.59 47.95
CA ALA DB 572 105.40 18.20 48.12
C ALA DB 572 106.59 18.07 49.06
N THR DB 573 107.52 19.01 49.00
CA THR DB 573 108.76 18.92 49.73
C THR DB 573 108.71 19.54 51.12
N GLU DB 574 107.55 20.06 51.52
CA GLU DB 574 107.42 20.73 52.81
C GLU DB 574 106.40 19.99 53.66
N GLN DB 575 106.38 20.33 54.95
CA GLN DB 575 105.45 19.71 55.87
C GLN DB 575 104.03 20.22 55.62
N TYR DB 576 103.05 19.39 56.00
CA TYR DB 576 101.66 19.83 55.94
C TYR DB 576 101.40 20.98 56.91
N GLY DB 577 101.97 20.90 58.11
CA GLY DB 577 101.71 21.91 59.12
C GLY DB 577 102.36 21.53 60.43
N SER DB 578 101.81 22.06 61.52
CA SER DB 578 102.31 21.79 62.85
C SER DB 578 101.17 21.44 63.79
N VAL DB 579 101.45 20.54 64.73
CA VAL DB 579 100.49 20.15 65.76
C VAL DB 579 101.19 20.23 67.12
N SER DB 580 100.38 20.37 68.16
CA SER DB 580 100.91 20.37 69.51
C SER DB 580 101.29 18.96 69.93
N THR DB 581 102.34 18.87 70.75
CA THR DB 581 102.84 17.58 71.21
C THR DB 581 102.84 17.42 72.72
N ASN DB 582 102.51 18.47 73.48
CA ASN DB 582 102.51 18.39 74.93
C ASN DB 582 101.40 19.29 75.46
N LEU DB 583 101.40 19.49 76.78
CA LEU DB 583 100.45 20.37 77.45
C LEU DB 583 101.22 21.45 78.20
N GLN DB 584 101.13 22.68 77.70
CA GLN DB 584 101.79 23.79 78.36
C GLN DB 584 101.13 24.07 79.72
N ARG DB 585 101.97 24.50 80.66
CA ARG DB 585 101.50 24.73 82.04
C ARG DB 585 102.46 25.70 82.73
N GLY DB 586 101.93 26.59 83.55
CA GLY DB 586 102.74 27.48 84.35
C GLY DB 586 103.10 26.89 85.70
N ASN DB 587 103.79 27.71 86.50
CA ASN DB 587 104.29 27.23 87.82
C ASN DB 587 103.13 27.16 88.83
N THR DB 594 106.68 21.99 87.66
CA THR DB 594 107.46 23.12 87.09
C THR DB 594 106.71 23.65 85.86
N SER DB 595 107.24 24.67 85.18
CA SER DB 595 106.52 25.09 83.98
C SER DB 595 106.97 24.29 82.77
N ARG DB 596 106.05 24.12 81.82
CA ARG DB 596 106.33 23.45 80.56
C ARG DB 596 105.87 24.35 79.43
N GLN DB 597 106.78 24.65 78.50
CA GLN DB 597 106.44 25.49 77.36
C GLN DB 597 105.81 24.67 76.24
N ALA DB 598 104.92 25.31 75.49
CA ALA DB 598 104.23 24.63 74.41
C ALA DB 598 105.20 24.19 73.33
N ALA DB 599 105.02 22.95 72.86
CA ALA DB 599 105.89 22.36 71.85
C ALA DB 599 105.07 21.94 70.65
N THR DB 600 105.69 22.02 69.47
CA THR DB 600 105.05 21.67 68.22
C THR DB 600 105.96 20.75 67.41
N ALA DB 601 105.35 19.98 66.51
CA ALA DB 601 106.08 19.09 65.63
C ALA DB 601 105.58 19.24 64.21
N ASP DB 602 106.47 19.03 63.26
CA ASP DB 602 106.09 19.05 61.85
C ASP DB 602 105.28 17.80 61.50
N VAL DB 603 104.29 17.97 60.63
CA VAL DB 603 103.45 16.87 60.16
C VAL DB 603 103.93 16.55 58.74
N ASN DB 604 104.87 15.61 58.65
CA ASN DB 604 105.41 15.23 57.34
C ASN DB 604 104.47 14.33 56.56
N THR DB 605 103.53 13.66 57.22
CA THR DB 605 102.51 12.85 56.55
C THR DB 605 101.17 13.16 57.17
N GLN DB 606 100.18 13.48 56.33
CA GLN DB 606 98.85 13.84 56.80
C GLN DB 606 97.82 13.05 56.01
N GLY DB 607 96.99 12.28 56.72
CA GLY DB 607 95.88 11.61 56.10
C GLY DB 607 94.73 12.56 55.86
N VAL DB 608 93.68 12.02 55.24
CA VAL DB 608 92.52 12.84 54.90
C VAL DB 608 91.74 13.17 56.17
N LEU DB 609 91.43 14.45 56.35
CA LEU DB 609 90.64 14.98 57.44
C LEU DB 609 89.31 15.51 56.92
N PRO DB 610 88.26 15.52 57.75
CA PRO DB 610 87.02 16.16 57.33
C PRO DB 610 87.23 17.64 57.05
N GLY DB 611 86.59 18.13 55.99
CA GLY DB 611 86.78 19.49 55.55
C GLY DB 611 87.96 19.71 54.64
N MET DB 612 88.66 18.66 54.23
CA MET DB 612 89.86 18.79 53.37
C MET DB 612 89.45 18.89 51.90
N VAL DB 613 90.07 19.79 51.14
CA VAL DB 613 89.84 20.00 49.72
C VAL DB 613 91.19 19.93 49.00
N TRP DB 614 91.20 19.36 47.81
CA TRP DB 614 92.44 19.18 47.06
C TRP DB 614 92.12 19.09 45.58
N GLN DB 615 93.16 19.21 44.77
CA GLN DB 615 93.09 19.04 43.32
C GLN DB 615 93.88 17.81 42.92
N ASP DB 616 93.40 17.09 41.91
CA ASP DB 616 94.09 15.91 41.43
C ASP DB 616 95.28 16.30 40.57
N ARG DB 617 96.09 15.30 40.22
CA ARG DB 617 97.25 15.55 39.37
C ARG DB 617 96.80 15.92 37.96
N ASP DB 618 97.56 16.81 37.34
CA ASP DB 618 97.25 17.24 35.98
C ASP DB 618 97.52 16.13 34.97
N VAL DB 619 96.82 16.17 33.85
CA VAL DB 619 97.07 15.27 32.74
C VAL DB 619 97.86 16.04 31.68
N TYR DB 620 98.61 15.30 30.88
CA TYR DB 620 99.52 15.89 29.90
C TYR DB 620 99.28 15.23 28.54
N LEU DB 621 99.74 15.90 27.49
CA LEU DB 621 99.60 15.36 26.15
C LEU DB 621 100.32 14.02 26.02
N GLN DB 622 101.50 13.91 26.61
CA GLN DB 622 102.25 12.66 26.63
C GLN DB 622 101.84 11.75 27.77
N GLY DB 623 100.93 12.19 28.64
CA GLY DB 623 100.58 11.44 29.82
C GLY DB 623 99.50 10.40 29.57
N PRO DB 624 99.27 9.54 30.56
CA PRO DB 624 98.22 8.53 30.43
C PRO DB 624 96.83 9.14 30.55
N ILE DB 625 95.86 8.43 29.98
CA ILE DB 625 94.47 8.88 29.98
C ILE DB 625 93.68 8.27 31.13
N TRP DB 626 93.79 6.97 31.33
CA TRP DB 626 92.96 6.26 32.30
C TRP DB 626 93.79 5.20 33.01
N ALA DB 627 93.15 4.57 34.00
CA ALA DB 627 93.70 3.41 34.67
C ALA DB 627 92.55 2.61 35.25
N LYS DB 628 92.78 1.32 35.46
CA LYS DB 628 91.76 0.46 36.05
C LYS DB 628 91.80 0.55 37.57
N ILE DB 629 90.67 0.88 38.17
CA ILE DB 629 90.59 0.88 39.63
C ILE DB 629 90.69 -0.56 40.14
N PRO DB 630 91.60 -0.87 41.06
CA PRO DB 630 91.74 -2.24 41.53
C PRO DB 630 90.45 -2.74 42.16
N HIS DB 631 90.15 -4.03 41.94
CA HIS DB 631 88.95 -4.65 42.49
C HIS DB 631 89.21 -4.94 43.96
N THR DB 632 88.87 -3.98 44.81
CA THR DB 632 89.11 -4.08 46.24
C THR DB 632 87.84 -3.69 46.99
N ASP DB 633 87.78 -4.08 48.26
CA ASP DB 633 86.58 -3.78 49.08
C ASP DB 633 86.45 -2.27 49.28
N GLY DB 634 87.58 -1.60 49.51
CA GLY DB 634 87.54 -0.18 49.75
C GLY DB 634 88.62 0.56 48.99
N HIS DB 635 88.31 1.80 48.65
CA HIS DB 635 89.26 2.73 48.04
C HIS DB 635 88.73 4.13 48.24
N PHE DB 636 89.65 5.08 48.37
CA PHE DB 636 89.29 6.47 48.59
C PHE DB 636 89.78 7.31 47.42
N HIS DB 637 88.85 8.04 46.78
CA HIS DB 637 89.13 8.91 45.66
C HIS DB 637 89.95 8.18 44.61
N PRO DB 638 89.36 7.25 43.86
CA PRO DB 638 90.10 6.40 42.93
C PRO DB 638 90.51 7.10 41.62
N SER DB 639 91.07 8.28 41.75
CA SER DB 639 91.76 8.93 40.64
C SER DB 639 93.18 8.41 40.56
N PRO DB 640 93.64 7.97 39.39
CA PRO DB 640 95.00 7.43 39.29
C PRO DB 640 96.03 8.45 39.72
N LEU DB 641 97.05 7.99 40.45
CA LEU DB 641 98.06 8.91 40.98
C LEU DB 641 98.95 9.44 39.88
N MET DB 642 99.14 8.68 38.79
CA MET DB 642 99.90 9.16 37.65
C MET DB 642 99.14 10.17 36.81
N GLY DB 643 97.86 10.36 37.08
CA GLY DB 643 97.04 11.30 36.34
C GLY DB 643 96.07 10.62 35.40
N GLY DB 644 94.86 11.14 35.33
CA GLY DB 644 93.87 10.59 34.43
C GLY DB 644 92.54 10.28 35.08
N PHE DB 645 91.78 9.36 34.46
CA PHE DB 645 90.44 9.00 34.89
C PHE DB 645 90.45 7.58 35.46
N GLY DB 646 89.95 7.44 36.68
CA GLY DB 646 89.82 6.14 37.28
C GLY DB 646 88.57 5.43 36.80
N LEU DB 647 88.71 4.24 36.23
CA LEU DB 647 87.61 3.52 35.63
C LEU DB 647 87.50 2.13 36.27
N LYS DB 648 86.32 1.81 36.80
CA LYS DB 648 86.08 0.46 37.30
C LYS DB 648 86.06 -0.55 36.16
N HIS DB 649 85.54 -0.14 35.00
CA HIS DB 649 85.55 -0.95 33.78
C HIS DB 649 86.22 -0.13 32.69
N PRO DB 650 87.55 -0.12 32.63
CA PRO DB 650 88.25 0.67 31.64
C PRO DB 650 88.13 0.05 30.26
N PRO DB 651 88.61 0.72 29.21
CA PRO DB 651 88.63 0.11 27.89
C PRO DB 651 89.35 -1.23 27.92
N PRO DB 652 88.72 -2.28 27.40
CA PRO DB 652 89.29 -3.62 27.54
C PRO DB 652 90.60 -3.77 26.78
N GLN DB 653 91.45 -4.66 27.30
CA GLN DB 653 92.67 -5.00 26.60
C GLN DB 653 92.36 -5.73 25.29
N ILE DB 654 93.04 -5.32 24.22
CA ILE DB 654 92.87 -5.93 22.91
C ILE DB 654 94.11 -6.75 22.62
N LEU DB 655 93.95 -8.07 22.60
CA LEU DB 655 95.06 -9.00 22.42
C LEU DB 655 95.08 -9.51 20.99
N ILE DB 656 96.27 -9.49 20.38
CA ILE DB 656 96.46 -9.92 19.00
C ILE DB 656 97.71 -10.77 18.92
N LYS DB 657 97.65 -11.85 18.14
CA LYS DB 657 98.82 -12.68 17.91
C LYS DB 657 98.67 -13.38 16.57
N ASN DB 658 99.81 -13.79 16.02
CA ASN DB 658 99.82 -14.54 14.77
C ASN DB 658 99.55 -16.01 15.05
N THR DB 659 98.68 -16.61 14.26
CA THR DB 659 98.39 -18.02 14.41
C THR DB 659 99.61 -18.83 13.99
N PRO DB 660 100.11 -19.73 14.83
CA PRO DB 660 101.29 -20.51 14.46
C PRO DB 660 101.00 -21.43 13.27
N VAL DB 661 101.86 -21.38 12.27
CA VAL DB 661 101.76 -22.22 11.08
C VAL DB 661 102.88 -23.25 11.15
N PRO DB 662 102.57 -24.53 11.39
CA PRO DB 662 103.64 -25.54 11.50
C PRO DB 662 104.41 -25.68 10.20
N ALA DB 663 105.70 -25.95 10.33
CA ALA DB 663 106.56 -26.22 9.20
C ALA DB 663 106.34 -27.66 8.73
N ASN DB 664 107.22 -28.16 7.88
CA ASN DB 664 107.03 -29.48 7.30
C ASN DB 664 107.08 -30.56 8.38
N PRO DB 665 106.01 -31.34 8.55
CA PRO DB 665 106.02 -32.40 9.57
C PRO DB 665 106.68 -33.66 9.06
N SER DB 666 106.97 -34.54 10.02
CA SER DB 666 107.57 -35.85 9.70
C SER DB 666 106.49 -36.77 9.16
N THR DB 667 106.83 -37.62 8.20
CA THR DB 667 105.88 -38.57 7.65
C THR DB 667 105.50 -39.66 8.64
N THR DB 668 106.26 -39.81 9.72
CA THR DB 668 105.93 -40.74 10.79
C THR DB 668 105.34 -39.97 11.97
N PHE DB 669 104.32 -40.54 12.59
CA PHE DB 669 103.64 -39.84 13.68
C PHE DB 669 104.57 -39.67 14.87
N SER DB 670 104.54 -38.48 15.45
CA SER DB 670 105.29 -38.17 16.67
C SER DB 670 104.36 -37.46 17.64
N ALA DB 671 104.31 -37.96 18.88
CA ALA DB 671 103.46 -37.36 19.90
C ALA DB 671 104.05 -36.08 20.49
N ALA DB 672 105.30 -35.78 20.19
CA ALA DB 672 105.91 -34.55 20.68
C ALA DB 672 105.23 -33.34 20.05
N LYS DB 673 105.02 -32.29 20.85
CA LYS DB 673 104.39 -31.09 20.35
C LYS DB 673 105.29 -30.44 19.31
N PHE DB 674 104.64 -29.73 18.38
CA PHE DB 674 105.39 -29.09 17.26
C PHE DB 674 106.33 -28.01 17.79
N ALA DB 675 107.58 -28.06 17.34
CA ALA DB 675 108.57 -27.06 17.69
C ALA DB 675 109.12 -26.30 16.50
N SER DB 676 108.79 -26.70 15.28
CA SER DB 676 109.24 -26.03 14.07
C SER DB 676 108.04 -25.34 13.41
N PHE DB 677 108.19 -24.06 13.12
CA PHE DB 677 107.12 -23.27 12.54
C PHE DB 677 107.68 -22.40 11.42
N ILE DB 678 106.79 -21.96 10.54
CA ILE DB 678 107.16 -21.02 9.49
C ILE DB 678 107.27 -19.64 10.11
N THR DB 679 108.43 -19.00 9.92
CA THR DB 679 108.64 -17.66 10.46
C THR DB 679 107.73 -16.68 9.74
N GLN DB 680 106.99 -15.88 10.51
CA GLN DB 680 106.06 -14.94 9.90
C GLN DB 680 105.72 -13.84 10.89
N TYR DB 681 105.30 -12.71 10.32
CA TYR DB 681 104.82 -11.57 11.08
C TYR DB 681 103.60 -11.03 10.37
N SER DB 682 102.96 -10.03 10.98
CA SER DB 682 101.78 -9.41 10.39
C SER DB 682 101.90 -7.90 10.46
N THR DB 683 101.24 -7.23 9.52
CA THR DB 683 101.17 -5.78 9.50
C THR DB 683 99.75 -5.39 9.12
N GLY DB 684 99.36 -4.18 9.52
CA GLY DB 684 98.01 -3.73 9.25
C GLY DB 684 97.80 -2.33 9.76
N GLN DB 685 96.54 -1.92 9.78
CA GLN DB 685 96.15 -0.61 10.23
C GLN DB 685 95.21 -0.73 11.43
N VAL DB 686 95.34 0.22 12.35
CA VAL DB 686 94.52 0.27 13.56
C VAL DB 686 93.89 1.65 13.65
N SER DB 687 92.60 1.69 13.99
CA SER DB 687 91.85 2.94 14.11
C SER DB 687 91.24 3.03 15.51
N VAL DB 688 91.43 4.17 16.16
CA VAL DB 688 90.84 4.46 17.46
C VAL DB 688 90.10 5.78 17.36
N GLU DB 689 88.80 5.76 17.65
CA GLU DB 689 87.98 6.96 17.65
C GLU DB 689 87.35 7.13 19.02
N ILE DB 690 87.62 8.26 19.67
CA ILE DB 690 87.12 8.53 21.01
C ILE DB 690 86.29 9.81 20.96
N GLU DB 691 85.10 9.77 21.53
CA GLU DB 691 84.27 10.96 21.73
C GLU DB 691 84.50 11.50 23.13
N TRP DB 692 84.81 12.79 23.21
CA TRP DB 692 85.07 13.46 24.48
C TRP DB 692 84.00 14.51 24.72
N GLU DB 693 83.57 14.64 25.97
CA GLU DB 693 82.64 15.67 26.38
C GLU DB 693 83.40 16.84 26.98
N LEU DB 694 83.00 18.05 26.63
CA LEU DB 694 83.68 19.27 27.04
C LEU DB 694 82.84 20.03 28.05
N GLN DB 695 83.51 20.64 29.01
CA GLN DB 695 82.90 21.52 30.01
C GLN DB 695 83.33 22.94 29.64
N LYS DB 696 82.43 23.69 29.00
CA LYS DB 696 82.78 25.00 28.48
C LYS DB 696 83.08 25.99 29.60
N GLU DB 697 84.10 26.80 29.39
CA GLU DB 697 84.46 27.83 30.35
C GLU DB 697 83.39 28.91 30.39
N ASN DB 698 83.03 29.34 31.60
CA ASN DB 698 82.00 30.34 31.84
C ASN DB 698 82.50 31.39 32.81
N SER DB 699 83.72 31.87 32.56
CA SER DB 699 84.37 32.80 33.48
C SER DB 699 83.83 34.22 33.29
N LYS DB 700 83.95 35.04 34.34
CA LYS DB 700 83.52 36.46 34.27
C LYS DB 700 84.70 37.37 34.66
N ARG DB 701 85.93 36.85 34.59
CA ARG DB 701 87.08 37.71 34.87
C ARG DB 701 87.24 38.75 33.76
N TRP DB 702 87.82 39.89 34.13
CA TRP DB 702 87.94 41.02 33.22
C TRP DB 702 89.22 40.97 32.40
N ASN DB 703 90.36 40.82 33.07
CA ASN DB 703 91.64 40.84 32.39
C ASN DB 703 91.90 39.52 31.67
N PRO DB 704 92.75 39.50 30.62
CA PRO DB 704 92.99 38.27 29.86
C PRO DB 704 93.57 37.12 30.70
N GLU DB 705 93.47 35.88 30.23
CA GLU DB 705 93.93 34.69 30.98
C GLU DB 705 95.26 34.18 30.45
N ILE DB 706 95.90 33.25 31.16
CA ILE DB 706 97.10 32.60 30.55
C ILE DB 706 96.65 31.56 29.53
N GLN DB 707 97.23 31.58 28.33
CA GLN DB 707 96.91 30.57 27.33
C GLN DB 707 98.21 29.95 26.83
N TYR DB 708 98.13 28.67 26.46
CA TYR DB 708 99.28 28.04 25.82
C TYR DB 708 99.44 28.60 24.41
N THR DB 709 100.68 28.87 24.02
CA THR DB 709 100.96 29.49 22.74
C THR DB 709 102.31 29.03 22.24
N SER DB 710 102.48 29.13 20.92
CA SER DB 710 103.79 28.83 20.33
C SER DB 710 104.65 30.08 20.46
N ASN DB 711 105.97 29.97 20.39
CA ASN DB 711 106.80 31.19 20.57
C ASN DB 711 107.01 31.80 19.19
N TYR DB 712 106.80 33.10 19.04
CA TYR DB 712 106.88 33.75 17.71
C TYR DB 712 108.32 33.82 17.22
N ASN DB 713 109.30 33.92 18.11
CA ASN DB 713 110.66 34.12 17.63
C ASN DB 713 111.10 33.00 16.70
N LYS DB 714 112.00 33.36 15.79
CA LYS DB 714 112.50 32.39 14.79
C LYS DB 714 113.28 31.28 15.47
N SER DB 715 113.28 30.12 14.84
CA SER DB 715 114.01 28.98 15.37
C SER DB 715 114.41 28.08 14.21
N ILE DB 716 115.41 27.23 14.48
CA ILE DB 716 115.85 26.27 13.46
C ILE DB 716 114.74 25.28 13.13
N ASN DB 717 114.04 24.80 14.16
CA ASN DB 717 112.98 23.83 14.00
C ASN DB 717 111.68 24.38 14.60
N VAL DB 718 110.56 24.02 13.99
CA VAL DB 718 109.25 24.34 14.53
C VAL DB 718 108.89 23.31 15.59
N ASP DB 719 108.23 23.75 16.65
CA ASP DB 719 107.85 22.85 17.73
C ASP DB 719 106.78 21.87 17.26
N PHE DB 720 106.87 20.63 17.74
CA PHE DB 720 105.91 19.57 17.44
C PHE DB 720 105.82 19.30 15.94
N THR DB 721 106.97 19.32 15.27
CA THR DB 721 107.08 18.96 13.87
C THR DB 721 108.24 17.97 13.72
N VAL DB 722 108.57 17.67 12.47
CA VAL DB 722 109.69 16.79 12.17
C VAL DB 722 110.91 17.64 11.83
N ASP DB 723 112.09 17.08 12.06
CA ASP DB 723 113.33 17.77 11.73
C ASP DB 723 113.78 17.36 10.33
N THR DB 724 115.02 17.71 9.98
CA THR DB 724 115.54 17.38 8.64
C THR DB 724 115.68 15.87 8.49
N ASN DB 725 115.63 15.12 9.60
CA ASN DB 725 115.67 13.64 9.53
C ASN DB 725 114.24 13.09 9.52
N GLY DB 726 113.24 13.98 9.55
CA GLY DB 726 111.83 13.56 9.58
C GLY DB 726 111.48 12.92 10.91
N VAL DB 727 112.26 13.20 11.95
CA VAL DB 727 112.02 12.61 13.30
C VAL DB 727 111.06 13.52 14.07
N TYR DB 728 109.90 13.00 14.46
CA TYR DB 728 108.94 13.79 15.21
C TYR DB 728 109.36 13.86 16.67
N SER DB 729 109.28 15.06 17.25
CA SER DB 729 109.64 15.27 18.63
C SER DB 729 108.59 16.14 19.31
N GLU DB 730 108.46 15.96 20.63
CA GLU DB 730 107.59 16.78 21.46
C GLU DB 730 108.46 17.60 22.39
N PRO DB 731 108.67 18.89 22.11
CA PRO DB 731 109.70 19.66 22.83
C PRO DB 731 109.45 19.79 24.33
N ARG DB 732 108.21 19.88 24.78
CA ARG DB 732 107.93 20.09 26.19
C ARG DB 732 106.61 19.41 26.54
N PRO DB 733 106.40 19.07 27.82
CA PRO DB 733 105.08 18.60 28.24
C PRO DB 733 104.10 19.75 28.32
N ILE DB 734 102.88 19.51 27.84
CA ILE DB 734 101.81 20.49 27.91
C ILE DB 734 100.73 19.94 28.83
N GLY DB 735 100.42 20.68 29.89
CA GLY DB 735 99.34 20.33 30.78
C GLY DB 735 98.02 20.82 30.23
N THR DB 736 97.04 20.95 31.12
CA THR DB 736 95.72 21.45 30.74
C THR DB 736 95.26 22.66 31.54
N ARG DB 737 96.01 23.08 32.56
CA ARG DB 737 95.51 24.05 33.52
C ARG DB 737 96.04 25.45 33.16
N TYR DB 738 95.32 26.09 32.24
CA TYR DB 738 95.63 27.45 31.80
C TYR DB 738 94.53 28.44 32.11
N LEU DB 739 93.28 28.07 31.90
CA LEU DB 739 92.17 28.91 32.32
C LEU DB 739 92.06 28.90 33.84
N THR DB 740 91.35 29.89 34.38
CA THR DB 740 91.23 30.04 35.82
C THR DB 740 89.76 30.04 36.23
N ARG DB 741 89.53 29.52 37.45
CA ARG DB 741 88.18 29.52 38.03
C ARG DB 741 88.34 29.87 39.51
N ASN DB 742 87.37 30.56 40.13
CA ASN DB 742 87.40 30.86 41.55
C ASN DB 742 87.19 29.59 42.38
N LEU DB 743 87.73 29.60 43.59
CA LEU DB 743 87.54 28.49 44.51
C LEU DB 743 86.10 28.37 44.95
N ALA EB 218 22.70 -83.03 11.68
CA ALA EB 218 23.33 -81.71 11.91
C ALA EB 218 24.72 -81.71 11.31
N ASP EB 219 25.46 -82.81 11.47
CA ASP EB 219 26.87 -82.86 11.03
C ASP EB 219 27.07 -84.11 10.17
N GLY EB 220 25.98 -84.78 9.81
CA GLY EB 220 26.12 -85.94 8.89
C GLY EB 220 27.29 -86.84 9.29
N VAL EB 221 28.03 -87.35 8.30
CA VAL EB 221 29.12 -88.30 8.60
C VAL EB 221 30.42 -87.58 8.26
N GLY EB 222 31.26 -87.38 9.24
CA GLY EB 222 32.55 -86.76 9.07
C GLY EB 222 32.69 -85.37 9.66
N ASN EB 223 31.62 -84.81 10.21
CA ASN EB 223 31.66 -83.51 10.87
C ASN EB 223 31.40 -83.70 12.35
N SER EB 224 32.32 -83.19 13.18
CA SER EB 224 32.19 -83.33 14.62
C SER EB 224 31.05 -82.46 15.13
N SER EB 225 30.27 -82.99 16.07
CA SER EB 225 29.15 -82.28 16.65
C SER EB 225 29.45 -81.72 18.03
N GLY EB 226 30.70 -81.76 18.46
CA GLY EB 226 31.06 -81.21 19.75
C GLY EB 226 32.56 -81.26 19.95
N ASN EB 227 33.00 -80.65 21.04
CA ASN EB 227 34.40 -80.58 21.41
C ASN EB 227 34.59 -81.08 22.83
N TRP EB 228 35.84 -81.37 23.17
CA TRP EB 228 36.18 -81.84 24.50
C TRP EB 228 36.39 -80.65 25.43
N HIS EB 229 35.50 -80.51 26.40
CA HIS EB 229 35.60 -79.40 27.39
C HIS EB 229 35.69 -80.02 28.78
N CYS EB 230 36.91 -80.18 29.28
CA CYS EB 230 37.10 -80.70 30.67
C CYS EB 230 38.01 -79.70 31.37
N ASP EB 231 37.46 -78.91 32.31
CA ASP EB 231 38.26 -77.85 32.97
C ASP EB 231 37.46 -77.18 34.09
N SER EB 232 38.09 -76.28 34.84
CA SER EB 232 37.32 -75.54 35.82
C SER EB 232 37.79 -74.09 35.85
N THR EB 233 36.84 -73.17 36.03
CA THR EB 233 37.12 -71.74 36.08
C THR EB 233 36.64 -71.20 37.41
N TRP EB 234 37.55 -70.55 38.14
CA TRP EB 234 37.22 -69.91 39.41
C TRP EB 234 37.11 -68.41 39.18
N MET EB 235 35.91 -67.87 39.43
CA MET EB 235 35.68 -66.41 39.23
C MET EB 235 34.96 -65.86 40.46
N GLY EB 236 35.71 -65.31 41.41
CA GLY EB 236 35.11 -64.71 42.59
C GLY EB 236 34.40 -65.76 43.43
N ASP EB 237 33.10 -65.55 43.63
CA ASP EB 237 32.27 -66.45 44.42
C ASP EB 237 31.64 -67.57 43.60
N ARG EB 238 32.22 -67.91 42.46
CA ARG EB 238 31.71 -68.98 41.62
C ARG EB 238 32.86 -69.86 41.15
N VAL EB 239 32.57 -71.13 40.98
CA VAL EB 239 33.47 -72.06 40.30
C VAL EB 239 32.64 -72.90 39.34
N THR EB 240 33.02 -72.91 38.07
CA THR EB 240 32.33 -73.69 37.05
C THR EB 240 33.21 -74.86 36.65
N THR EB 241 32.73 -76.07 36.93
CA THR EB 241 33.46 -77.29 36.60
C THR EB 241 32.81 -77.95 35.39
N THR EB 242 33.62 -78.29 34.40
CA THR EB 242 33.16 -78.97 33.19
C THR EB 242 33.92 -80.27 33.03
N SER EB 243 33.20 -81.33 32.66
CA SER EB 243 33.79 -82.64 32.51
C SER EB 243 33.30 -83.28 31.22
N THR EB 244 34.20 -83.98 30.54
CA THR EB 244 33.85 -84.74 29.35
C THR EB 244 34.36 -86.17 29.51
N ARG EB 245 33.53 -87.14 29.13
CA ARG EB 245 33.87 -88.55 29.22
C ARG EB 245 33.42 -89.26 27.96
N THR EB 246 34.03 -90.41 27.70
CA THR EB 246 33.64 -91.28 26.61
C THR EB 246 32.82 -92.44 27.17
N TRP EB 247 31.61 -92.63 26.66
CA TRP EB 247 30.70 -93.65 27.16
C TRP EB 247 30.45 -94.71 26.10
N ALA EB 248 30.08 -95.90 26.58
CA ALA EB 248 29.69 -97.01 25.73
C ALA EB 248 28.32 -97.50 26.19
N LEU EB 249 27.38 -97.61 25.27
CA LEU EB 249 26.02 -98.03 25.58
C LEU EB 249 25.68 -99.30 24.82
N PRO EB 250 25.55 -100.44 25.48
CA PRO EB 250 25.17 -101.68 24.80
C PRO EB 250 23.65 -101.73 24.61
N THR EB 251 23.19 -102.85 24.07
CA THR EB 251 21.76 -103.15 23.98
C THR EB 251 21.37 -103.93 25.24
N TYR EB 252 20.40 -103.41 25.97
CA TYR EB 252 19.99 -103.97 27.25
C TYR EB 252 18.71 -104.77 27.09
N ASN EB 253 18.69 -105.96 27.69
CA ASN EB 253 17.53 -106.85 27.71
C ASN EB 253 17.09 -107.28 26.32
N ASN EB 254 17.95 -107.12 25.32
CA ASN EB 254 17.61 -107.40 23.93
C ASN EB 254 16.36 -106.63 23.51
N HIS EB 255 16.35 -105.33 23.79
CA HIS EB 255 15.29 -104.40 23.44
C HIS EB 255 13.96 -104.73 24.10
N LEU EB 256 13.98 -105.36 25.27
CA LEU EB 256 12.75 -105.83 25.91
C LEU EB 256 12.59 -105.23 27.29
N TYR EB 257 11.33 -105.19 27.75
CA TYR EB 257 11.06 -104.83 29.16
C TYR EB 257 10.75 -106.16 29.83
N LYS EB 258 11.40 -106.47 30.93
CA LYS EB 258 11.27 -107.72 31.65
C LYS EB 258 10.83 -107.45 33.08
N GLN EB 259 9.76 -108.11 33.51
CA GLN EB 259 9.36 -108.04 34.90
C GLN EB 259 10.37 -108.78 35.77
N ILE EB 260 10.81 -108.13 36.83
CA ILE EB 260 11.79 -108.70 37.74
C ILE EB 260 11.21 -108.71 39.14
N SER EB 261 11.68 -109.65 39.95
CA SER EB 261 11.21 -109.78 41.33
C SER EB 261 12.26 -110.54 42.13
N SER EB 262 12.10 -110.51 43.44
CA SER EB 262 13.02 -111.22 44.32
C SER EB 262 12.90 -112.71 44.10
N GLN EB 263 14.02 -113.39 44.34
CA GLN EB 263 14.05 -114.85 44.11
C GLN EB 263 13.17 -115.53 45.15
N SER EB 264 12.57 -116.66 44.76
CA SER EB 264 11.81 -117.45 45.76
C SER EB 264 12.78 -117.94 46.83
N GLY EB 265 12.34 -117.97 48.07
CA GLY EB 265 13.15 -118.35 49.21
C GLY EB 265 13.88 -117.22 49.88
N ALA EB 266 13.81 -116.01 49.33
CA ALA EB 266 14.43 -114.86 49.96
C ALA EB 266 13.67 -114.48 51.22
N SER EB 267 14.36 -113.79 52.13
CA SER EB 267 13.71 -113.31 53.34
C SER EB 267 12.70 -112.22 53.00
N ASN EB 268 11.80 -111.96 53.95
CA ASN EB 268 10.78 -110.94 53.72
C ASN EB 268 11.40 -109.55 53.56
N ASP EB 269 12.51 -109.29 54.27
CA ASP EB 269 13.15 -107.98 54.16
C ASP EB 269 13.75 -107.77 52.78
N ASN EB 270 14.09 -108.84 52.07
CA ASN EB 270 14.74 -108.77 50.77
C ASN EB 270 13.77 -108.94 49.61
N HIS EB 271 12.47 -109.05 49.88
CA HIS EB 271 11.49 -109.21 48.81
C HIS EB 271 11.29 -107.91 48.06
N TYR EB 272 11.14 -108.00 46.74
CA TYR EB 272 10.92 -106.83 45.92
C TYR EB 272 10.24 -107.23 44.62
N PHE EB 273 9.66 -106.24 43.95
CA PHE EB 273 9.05 -106.41 42.65
C PHE EB 273 9.31 -105.15 41.83
N GLY EB 274 9.59 -105.32 40.56
CA GLY EB 274 9.88 -104.18 39.72
C GLY EB 274 10.00 -104.58 38.27
N TYR EB 275 10.53 -103.66 37.47
CA TYR EB 275 10.69 -103.89 36.04
C TYR EB 275 12.07 -103.45 35.60
N SER EB 276 12.63 -104.20 34.64
CA SER EB 276 13.90 -103.89 34.02
C SER EB 276 13.65 -103.35 32.62
N THR EB 277 14.23 -102.20 32.32
CA THR EB 277 13.99 -101.54 31.04
C THR EB 277 15.20 -101.70 30.12
N PRO EB 278 15.00 -101.65 28.81
CA PRO EB 278 16.14 -101.70 27.88
C PRO EB 278 16.91 -100.38 27.79
N TRP EB 279 16.55 -99.38 28.57
CA TRP EB 279 17.21 -98.08 28.53
C TRP EB 279 18.38 -98.03 29.49
N GLY EB 280 19.29 -97.11 29.22
CA GLY EB 280 20.34 -96.73 30.14
C GLY EB 280 20.13 -95.31 30.62
N TYR EB 281 20.94 -94.91 31.60
CA TYR EB 281 20.85 -93.57 32.14
C TYR EB 281 22.23 -93.03 32.45
N PHE EB 282 22.38 -91.71 32.31
CA PHE EB 282 23.64 -91.03 32.59
C PHE EB 282 23.62 -90.49 34.02
N ASP EB 283 24.58 -90.95 34.82
CA ASP EB 283 24.68 -90.58 36.23
C ASP EB 283 25.96 -89.78 36.44
N PHE EB 284 25.82 -88.58 37.01
CA PHE EB 284 26.96 -87.80 37.45
C PHE EB 284 26.73 -87.26 38.85
N ASN EB 285 26.06 -88.04 39.69
CA ASN EB 285 25.73 -87.64 41.06
C ASN EB 285 26.82 -88.02 42.04
N ARG EB 286 28.06 -87.66 41.71
CA ARG EB 286 29.20 -87.84 42.59
C ARG EB 286 30.15 -86.68 42.36
N PHE EB 287 30.80 -86.19 43.41
CA PHE EB 287 31.63 -84.95 43.27
C PHE EB 287 32.86 -85.20 42.40
N HIS EB 288 33.40 -86.42 42.40
CA HIS EB 288 34.61 -86.75 41.62
C HIS EB 288 34.33 -86.64 40.11
N CYS EB 289 33.06 -86.64 39.71
CA CYS EB 289 32.66 -86.54 38.29
C CYS EB 289 32.87 -85.10 37.79
N HIS EB 290 33.01 -84.13 38.69
CA HIS EB 290 33.16 -82.73 38.31
C HIS EB 290 34.39 -82.06 38.89
N PHE EB 291 34.85 -82.49 40.07
CA PHE EB 291 35.98 -81.87 40.74
C PHE EB 291 37.19 -82.78 40.67
N SER EB 292 38.32 -82.23 40.22
CA SER EB 292 39.59 -82.91 40.37
C SER EB 292 40.03 -82.83 41.83
N PRO EB 293 40.95 -83.71 42.26
CA PRO EB 293 41.43 -83.61 43.65
C PRO EB 293 42.05 -82.25 43.98
N ARG EB 294 42.77 -81.64 43.05
CA ARG EB 294 43.26 -80.28 43.27
C ARG EB 294 42.10 -79.28 43.37
N ASP EB 295 41.07 -79.47 42.55
CA ASP EB 295 39.88 -78.62 42.65
C ASP EB 295 39.20 -78.79 44.00
N TRP EB 296 39.10 -80.04 44.48
CA TRP EB 296 38.51 -80.28 45.80
C TRP EB 296 39.34 -79.63 46.90
N GLN EB 297 40.66 -79.73 46.81
CA GLN EB 297 41.51 -79.10 47.82
C GLN EB 297 41.37 -77.58 47.80
N ARG EB 298 41.29 -77.00 46.60
CA ARG EB 298 41.05 -75.56 46.48
C ARG EB 298 39.69 -75.17 47.04
N LEU EB 299 38.68 -76.02 46.89
CA LEU EB 299 37.35 -75.72 47.39
C LEU EB 299 37.29 -75.80 48.91
N ILE EB 300 37.84 -76.86 49.50
CA ILE EB 300 37.62 -77.13 50.90
C ILE EB 300 38.57 -76.36 51.82
N ASN EB 301 39.70 -75.89 51.30
CA ASN EB 301 40.67 -75.18 52.12
C ASN EB 301 40.41 -73.68 52.18
N ASN EB 302 39.46 -73.17 51.41
CA ASN EB 302 39.27 -71.74 51.29
C ASN EB 302 37.83 -71.27 51.42
N ASN EB 303 36.85 -72.16 51.45
CA ASN EB 303 35.45 -71.79 51.44
C ASN EB 303 34.74 -72.36 52.66
N TRP EB 304 33.82 -71.57 53.22
CA TRP EB 304 32.97 -72.00 54.31
C TRP EB 304 31.71 -72.69 53.84
N GLY EB 305 31.44 -72.71 52.53
CA GLY EB 305 30.27 -73.38 52.02
C GLY EB 305 30.22 -73.32 50.50
N PHE EB 306 29.39 -74.18 49.93
CA PHE EB 306 29.18 -74.21 48.50
C PHE EB 306 27.84 -74.88 48.20
N ARG EB 307 27.31 -74.60 47.02
CA ARG EB 307 26.04 -75.17 46.57
C ARG EB 307 25.98 -75.08 45.06
N PRO EB 308 25.33 -76.04 44.40
CA PRO EB 308 25.16 -75.96 42.95
C PRO EB 308 24.12 -74.93 42.54
N LYS EB 309 24.35 -74.32 41.38
CA LYS EB 309 23.51 -73.25 40.86
C LYS EB 309 22.80 -73.64 39.58
N ARG EB 310 23.53 -74.12 38.58
CA ARG EB 310 22.94 -74.53 37.31
C ARG EB 310 23.88 -75.52 36.65
N LEU EB 311 23.33 -76.31 35.71
CA LEU EB 311 24.14 -77.28 35.00
C LEU EB 311 23.76 -77.26 33.51
N ASN EB 312 24.73 -77.72 32.69
CA ASN EB 312 24.52 -77.85 31.24
C ASN EB 312 24.99 -79.26 30.86
N PHE EB 313 24.26 -79.97 30.02
CA PHE EB 313 24.52 -81.35 29.65
C PHE EB 313 24.55 -81.46 28.13
N LYS EB 314 25.49 -82.26 27.64
CA LYS EB 314 25.59 -82.46 26.17
C LYS EB 314 26.02 -83.86 25.78
N LEU EB 315 25.35 -84.43 24.78
CA LEU EB 315 25.77 -85.69 24.15
C LEU EB 315 26.13 -85.39 22.71
N PHE EB 316 27.28 -85.88 22.25
CA PHE EB 316 27.76 -85.53 20.93
C PHE EB 316 28.71 -86.61 20.44
N ASN EB 317 29.09 -86.50 19.17
CA ASN EB 317 29.99 -87.44 18.51
C ASN EB 317 29.50 -88.87 18.68
N ILE EB 318 28.21 -89.07 18.41
CA ILE EB 318 27.56 -90.35 18.62
C ILE EB 318 27.86 -91.28 17.45
N GLN EB 319 28.39 -92.45 17.76
CA GLN EB 319 28.71 -93.47 16.77
C GLN EB 319 27.96 -94.75 17.12
N VAL EB 320 27.22 -95.28 16.16
CA VAL EB 320 26.53 -96.57 16.33
C VAL EB 320 27.34 -97.62 15.59
N LYS EB 321 27.76 -98.65 16.31
CA LYS EB 321 28.59 -99.72 15.78
C LYS EB 321 27.77 -101.00 15.69
N GLU EB 322 27.78 -101.65 14.54
CA GLU EB 322 27.11 -102.92 14.34
C GLU EB 322 28.11 -104.05 14.54
N VAL EB 323 27.74 -105.01 15.38
CA VAL EB 323 28.60 -106.14 15.73
C VAL EB 323 28.03 -107.39 15.08
N THR EB 324 28.88 -108.14 14.37
CA THR EB 324 28.50 -109.40 13.76
C THR EB 324 29.49 -110.47 14.18
N GLN EB 325 29.03 -111.72 14.20
CA GLN EB 325 29.86 -112.85 14.61
C GLN EB 325 29.62 -113.99 13.65
N ASN EB 326 30.60 -114.25 12.78
CA ASN EB 326 30.49 -115.29 11.76
C ASN EB 326 31.67 -116.24 11.89
N ASP EB 327 31.38 -117.52 12.13
CA ASP EB 327 32.41 -118.56 12.25
C ASP EB 327 33.44 -118.22 13.33
N GLY EB 328 32.97 -117.68 14.44
CA GLY EB 328 33.84 -117.37 15.56
C GLY EB 328 34.63 -116.09 15.45
N THR EB 329 34.33 -115.24 14.47
CA THR EB 329 35.04 -113.99 14.26
C THR EB 329 34.13 -112.82 14.60
N THR EB 330 34.61 -111.91 15.43
CA THR EB 330 33.87 -110.72 15.82
C THR EB 330 34.29 -109.56 14.93
N THR EB 331 33.36 -109.06 14.13
CA THR EB 331 33.61 -107.96 13.20
C THR EB 331 32.73 -106.78 13.59
N ILE EB 332 33.34 -105.61 13.73
CA ILE EB 332 32.65 -104.39 14.12
C ILE EB 332 32.75 -103.39 12.96
N ALA EB 333 31.61 -102.87 12.54
CA ALA EB 333 31.55 -101.91 11.45
C ALA EB 333 30.61 -100.77 11.83
N ASN EB 334 30.81 -99.63 11.19
CA ASN EB 334 29.97 -98.47 11.46
C ASN EB 334 28.56 -98.68 10.91
N ASN EB 335 27.60 -98.09 11.60
CA ASN EB 335 26.21 -98.02 11.16
C ASN EB 335 25.81 -96.54 11.15
N LEU EB 336 25.95 -95.90 9.99
CA LEU EB 336 25.74 -94.45 9.92
C LEU EB 336 24.27 -94.05 9.89
N THR EB 337 23.35 -95.00 9.74
CA THR EB 337 21.93 -94.69 9.66
C THR EB 337 21.17 -95.04 10.93
N SER EB 338 21.79 -95.71 11.89
CA SER EB 338 21.12 -96.04 13.14
C SER EB 338 21.07 -94.82 14.07
N THR EB 339 20.11 -94.83 14.97
CA THR EB 339 19.88 -93.73 15.89
C THR EB 339 19.99 -94.22 17.34
N VAL EB 340 20.08 -93.24 18.24
CA VAL EB 340 19.96 -93.46 19.67
C VAL EB 340 18.90 -92.51 20.20
N GLN EB 341 18.02 -93.01 21.05
CA GLN EB 341 16.93 -92.22 21.62
C GLN EB 341 17.35 -91.66 22.97
N VAL EB 342 17.25 -90.34 23.11
CA VAL EB 342 17.63 -89.64 24.33
C VAL EB 342 16.48 -88.74 24.76
N PHE EB 343 16.11 -88.81 26.03
CA PHE EB 343 15.15 -87.86 26.58
C PHE EB 343 15.44 -87.66 28.06
N THR EB 344 15.08 -86.49 28.57
CA THR EB 344 15.23 -86.14 29.97
C THR EB 344 13.87 -86.16 30.64
N ASP EB 345 13.79 -86.79 31.81
CA ASP EB 345 12.55 -86.87 32.58
C ASP EB 345 12.38 -85.58 33.39
N SER EB 346 12.09 -84.48 32.69
CA SER EB 346 12.02 -83.16 33.36
C SER EB 346 10.71 -82.99 34.14
N GLU EB 347 9.71 -83.82 33.88
CA GLU EB 347 8.49 -83.76 34.66
C GLU EB 347 8.48 -84.76 35.82
N TYR EB 348 9.56 -85.52 35.98
CA TYR EB 348 9.69 -86.46 37.10
C TYR EB 348 8.53 -87.45 37.15
N GLN EB 349 8.16 -87.98 35.99
CA GLN EB 349 7.10 -88.97 35.89
C GLN EB 349 7.61 -90.40 36.01
N LEU EB 350 8.91 -90.61 36.05
CA LEU EB 350 9.52 -91.92 36.20
C LEU EB 350 10.12 -92.08 37.59
N PRO EB 351 10.22 -93.30 38.10
CA PRO EB 351 10.86 -93.51 39.39
C PRO EB 351 12.30 -93.03 39.38
N TYR EB 352 12.63 -92.17 40.35
CA TYR EB 352 13.94 -91.53 40.41
C TYR EB 352 14.93 -92.48 41.08
N VAL EB 353 15.76 -93.12 40.27
CA VAL EB 353 16.75 -94.07 40.79
C VAL EB 353 18.10 -93.43 41.05
N LEU EB 354 18.32 -92.20 40.61
CA LEU EB 354 19.49 -91.45 41.03
C LEU EB 354 19.38 -91.10 42.50
N GLY EB 355 20.53 -90.94 43.14
CA GLY EB 355 20.56 -90.66 44.56
C GLY EB 355 20.47 -91.88 45.46
N SER EB 356 20.62 -93.08 44.91
CA SER EB 356 20.69 -94.30 45.70
C SER EB 356 22.11 -94.86 45.79
N ALA EB 357 23.10 -94.03 45.47
CA ALA EB 357 24.52 -94.41 45.56
C ALA EB 357 24.83 -95.62 44.68
N HIS EB 358 24.39 -95.55 43.43
CA HIS EB 358 24.58 -96.64 42.48
C HIS EB 358 25.84 -96.44 41.65
N GLN EB 359 26.44 -97.55 41.25
CA GLN EB 359 27.60 -97.53 40.38
C GLN EB 359 27.19 -97.18 38.95
N GLY EB 360 28.17 -96.81 38.14
CA GLY EB 360 27.92 -96.42 36.77
C GLY EB 360 28.02 -94.93 36.49
N CYS EB 361 28.59 -94.16 37.40
CA CYS EB 361 28.72 -92.72 37.22
C CYS EB 361 29.83 -92.41 36.22
N LEU EB 362 30.02 -91.12 35.97
CA LEU EB 362 31.16 -90.68 35.19
C LEU EB 362 32.44 -90.96 35.97
N PRO EB 363 33.43 -91.62 35.38
CA PRO EB 363 34.61 -91.99 36.15
C PRO EB 363 35.37 -90.76 36.60
N PRO EB 364 35.99 -90.82 37.78
CA PRO EB 364 36.72 -89.64 38.27
C PRO EB 364 37.85 -89.20 37.37
N PHE EB 365 38.53 -90.12 36.73
CA PHE EB 365 39.63 -89.77 35.82
C PHE EB 365 39.08 -89.48 34.43
N PRO EB 366 39.38 -88.31 33.86
CA PRO EB 366 38.78 -87.94 32.57
C PRO EB 366 39.17 -88.86 31.43
N ALA EB 367 40.24 -89.64 31.55
CA ALA EB 367 40.68 -90.51 30.48
C ALA EB 367 40.01 -91.88 30.48
N ASP EB 368 39.19 -92.19 31.47
CA ASP EB 368 38.54 -93.49 31.58
C ASP EB 368 37.25 -93.53 30.76
N VAL EB 369 37.00 -94.68 30.14
CA VAL EB 369 35.78 -94.92 29.37
C VAL EB 369 34.86 -95.80 30.21
N PHE EB 370 33.59 -95.42 30.28
CA PHE EB 370 32.64 -96.08 31.17
C PHE EB 370 31.42 -96.58 30.40
N MET EB 371 30.84 -97.65 30.92
CA MET EB 371 29.60 -98.21 30.39
C MET EB 371 28.40 -97.51 31.02
N VAL EB 372 27.38 -97.27 30.22
CA VAL EB 372 26.15 -96.63 30.68
C VAL EB 372 25.33 -97.64 31.47
N PRO EB 373 24.99 -97.36 32.73
CA PRO EB 373 24.25 -98.34 33.52
C PRO EB 373 22.82 -98.53 33.03
N GLN EB 374 22.31 -99.74 33.23
CA GLN EB 374 20.95 -100.07 32.81
C GLN EB 374 19.93 -99.49 33.79
N TYR EB 375 18.87 -98.92 33.24
CA TYR EB 375 17.83 -98.30 34.06
C TYR EB 375 16.83 -99.36 34.50
N GLY EB 376 16.43 -99.30 35.76
CA GLY EB 376 15.42 -100.19 36.29
C GLY EB 376 14.84 -99.59 37.55
N TYR EB 377 13.60 -99.97 37.85
CA TYR EB 377 12.89 -99.40 38.97
C TYR EB 377 12.12 -100.49 39.71
N LEU EB 378 11.78 -100.20 40.96
CA LEU EB 378 10.97 -101.08 41.78
C LEU EB 378 9.64 -100.42 42.08
N THR EB 379 8.61 -101.24 42.21
CA THR EB 379 7.28 -100.75 42.56
C THR EB 379 6.77 -101.54 43.77
N LEU EB 380 5.50 -101.34 44.12
CA LEU EB 380 4.92 -102.01 45.31
C LEU EB 380 4.96 -103.53 45.14
N ASN EB 381 5.24 -104.25 46.21
CA ASN EB 381 5.27 -105.72 46.16
C ASN EB 381 4.65 -106.32 47.42
N ASN EB 382 3.90 -107.41 47.28
CA ASN EB 382 3.42 -108.16 48.47
C ASN EB 382 4.24 -109.43 48.41
N GLY EB 383 5.45 -109.42 48.95
CA GLY EB 383 6.34 -110.58 48.79
C GLY EB 383 7.02 -110.49 47.44
N SER EB 384 7.14 -111.60 46.72
CA SER EB 384 7.69 -111.56 45.38
C SER EB 384 6.66 -111.18 44.33
N GLN EB 385 5.39 -111.07 44.70
CA GLN EB 385 4.32 -110.71 43.78
C GLN EB 385 4.07 -109.21 43.80
N ALA EB 386 3.17 -108.78 42.93
CA ALA EB 386 2.76 -107.39 42.83
C ALA EB 386 1.35 -107.21 43.38
N VAL EB 387 0.97 -105.94 43.56
CA VAL EB 387 -0.38 -105.58 43.99
C VAL EB 387 -1.01 -104.72 42.90
N GLY EB 388 -2.29 -104.43 43.08
CA GLY EB 388 -3.01 -103.64 42.09
C GLY EB 388 -2.51 -102.22 41.97
N ARG EB 389 -1.88 -101.71 43.03
CA ARG EB 389 -1.34 -100.35 43.02
C ARG EB 389 0.04 -100.25 42.37
N SER EB 390 0.66 -101.39 42.03
CA SER EB 390 1.96 -101.36 41.39
C SER EB 390 1.86 -100.69 40.03
N SER EB 391 2.86 -99.87 39.71
CA SER EB 391 2.87 -99.08 38.49
C SER EB 391 3.88 -99.63 37.50
N PHE EB 392 3.50 -99.65 36.23
CA PHE EB 392 4.38 -100.03 35.14
C PHE EB 392 4.61 -98.82 34.24
N TYR EB 393 5.86 -98.62 33.84
CA TYR EB 393 6.24 -97.47 33.03
C TYR EB 393 6.95 -97.95 31.77
N CYS EB 394 6.43 -97.52 30.62
CA CYS EB 394 7.09 -97.73 29.34
C CYS EB 394 7.78 -96.43 28.95
N LEU EB 395 9.10 -96.49 28.80
CA LEU EB 395 9.90 -95.31 28.50
C LEU EB 395 9.78 -94.87 27.05
N GLU EB 396 9.26 -95.73 26.18
CA GLU EB 396 8.96 -95.32 24.81
C GLU EB 396 7.65 -94.54 24.71
N TYR EB 397 6.93 -94.38 25.83
CA TYR EB 397 5.67 -93.59 25.87
C TYR EB 397 6.02 -92.14 26.16
N PHE EB 398 7.29 -91.81 26.26
CA PHE EB 398 7.82 -90.46 26.41
C PHE EB 398 8.34 -89.94 25.08
N PRO EB 399 8.19 -88.65 24.81
CA PRO EB 399 8.83 -88.08 23.62
C PRO EB 399 10.35 -88.06 23.79
N SER EB 400 11.04 -88.65 22.84
CA SER EB 400 12.49 -88.73 22.88
C SER EB 400 13.08 -88.20 21.58
N GLN EB 401 14.33 -87.76 21.65
CA GLN EB 401 15.04 -87.21 20.50
C GLN EB 401 15.91 -88.30 19.89
N MET EB 402 15.78 -88.49 18.58
CA MET EB 402 16.52 -89.52 17.86
C MET EB 402 17.76 -88.89 17.24
N LEU EB 403 18.92 -89.49 17.50
CA LEU EB 403 20.21 -88.93 17.10
C LEU EB 403 20.96 -89.92 16.24
N ARG EB 404 21.25 -89.52 15.00
CA ARG EB 404 22.15 -90.28 14.14
C ARG EB 404 23.58 -89.81 14.40
N THR EB 405 24.53 -90.39 13.66
CA THR EB 405 25.93 -89.89 13.74
C THR EB 405 25.92 -88.49 13.12
N GLY EB 406 26.29 -87.48 13.88
CA GLY EB 406 26.24 -86.11 13.45
C GLY EB 406 25.21 -85.26 14.18
N ASN EB 407 24.31 -85.89 14.93
CA ASN EB 407 23.36 -85.17 15.76
C ASN EB 407 23.87 -85.09 17.19
N ASN EB 408 23.48 -84.03 17.90
CA ASN EB 408 23.86 -83.86 19.28
C ASN EB 408 22.62 -83.54 20.12
N PHE EB 409 22.73 -83.78 21.42
CA PHE EB 409 21.68 -83.52 22.37
C PHE EB 409 22.20 -82.57 23.45
N THR EB 410 21.34 -81.67 23.92
CA THR EB 410 21.74 -80.75 24.97
C THR EB 410 20.50 -80.33 25.76
N PHE EB 411 20.72 -79.97 27.02
CA PHE EB 411 19.69 -79.37 27.84
C PHE EB 411 20.34 -78.67 29.02
N SER EB 412 19.64 -77.66 29.54
CA SER EB 412 20.12 -76.86 30.65
C SER EB 412 19.14 -76.99 31.82
N TYR EB 413 19.69 -76.99 33.03
CA TYR EB 413 18.91 -77.14 34.24
C TYR EB 413 19.39 -76.13 35.27
N THR EB 414 18.45 -75.58 36.04
CA THR EB 414 18.77 -74.65 37.12
C THR EB 414 18.40 -75.28 38.45
N PHE EB 415 19.37 -75.34 39.35
CA PHE EB 415 19.12 -75.86 40.69
C PHE EB 415 18.21 -74.91 41.46
N GLU EB 416 17.35 -75.48 42.29
CA GLU EB 416 16.57 -74.66 43.21
C GLU EB 416 17.46 -74.12 44.32
N ASP EB 417 16.94 -73.14 45.04
CA ASP EB 417 17.68 -72.56 46.14
C ASP EB 417 17.84 -73.58 47.26
N VAL EB 418 19.08 -73.85 47.65
CA VAL EB 418 19.38 -74.83 48.70
C VAL EB 418 20.40 -74.20 49.65
N PRO EB 419 20.43 -74.64 50.90
CA PRO EB 419 21.43 -74.13 51.83
C PRO EB 419 22.84 -74.50 51.40
N PHE EB 420 23.78 -73.61 51.72
CA PHE EB 420 25.19 -73.92 51.52
C PHE EB 420 25.59 -75.11 52.38
N HIS EB 421 26.37 -76.03 51.80
CA HIS EB 421 26.93 -77.10 52.59
C HIS EB 421 27.89 -76.54 53.62
N SER EB 422 27.78 -77.05 54.86
CA SER EB 422 28.66 -76.60 55.96
C SER EB 422 30.05 -77.21 55.81
N SER EB 423 30.88 -76.61 54.95
CA SER EB 423 32.25 -77.09 54.75
C SER EB 423 33.19 -76.50 55.79
N TYR EB 424 32.82 -76.66 57.06
CA TYR EB 424 33.62 -76.16 58.17
C TYR EB 424 33.37 -77.04 59.37
N ALA EB 425 34.30 -76.99 60.32
CA ALA EB 425 34.15 -77.63 61.62
C ALA EB 425 34.07 -76.56 62.69
N HIS EB 426 33.14 -76.73 63.63
CA HIS EB 426 32.99 -75.75 64.69
C HIS EB 426 34.20 -75.79 65.62
N SER EB 427 34.74 -74.61 65.92
CA SER EB 427 35.83 -74.48 66.87
C SER EB 427 35.34 -74.31 68.31
N GLN EB 428 34.04 -74.34 68.53
CA GLN EB 428 33.45 -74.33 69.86
C GLN EB 428 32.53 -75.52 70.01
N SER EB 429 32.42 -76.01 71.24
CA SER EB 429 31.48 -77.07 71.57
C SER EB 429 30.19 -76.47 72.11
N LEU EB 430 29.08 -77.16 71.87
CA LEU EB 430 27.78 -76.67 72.30
C LEU EB 430 27.66 -76.55 73.81
N ASP EB 431 28.48 -77.30 74.55
CA ASP EB 431 28.42 -77.29 76.04
C ASP EB 431 29.50 -76.36 76.61
N ARG EB 432 30.23 -75.65 75.74
CA ARG EB 432 31.31 -74.75 76.16
C ARG EB 432 31.16 -73.40 75.49
N LEU EB 433 29.95 -72.85 75.49
CA LEU EB 433 29.65 -71.58 74.84
C LEU EB 433 29.64 -70.40 75.80
N MET EB 434 30.03 -70.61 77.05
CA MET EB 434 29.91 -69.58 78.08
C MET EB 434 31.23 -68.82 78.23
N ASN EB 435 31.20 -67.83 79.12
CA ASN EB 435 32.39 -67.09 79.52
C ASN EB 435 32.96 -67.75 80.76
N PRO EB 436 34.15 -68.37 80.70
CA PRO EB 436 34.65 -69.10 81.87
C PRO EB 436 35.07 -68.20 83.03
N LEU EB 437 35.16 -66.89 82.82
CA LEU EB 437 35.62 -65.98 83.85
C LEU EB 437 34.50 -65.46 84.75
N ILE EB 438 33.26 -65.45 84.28
CA ILE EB 438 32.15 -64.84 84.98
C ILE EB 438 31.18 -65.93 85.39
N ASP EB 439 30.73 -65.89 86.64
CA ASP EB 439 29.71 -66.82 87.11
C ASP EB 439 28.34 -66.45 86.53
N GLN EB 440 27.46 -67.44 86.49
CA GLN EB 440 26.08 -67.20 86.10
C GLN EB 440 25.28 -66.65 87.28
N TYR EB 441 24.28 -65.84 86.97
CA TYR EB 441 23.37 -65.37 88.00
C TYR EB 441 22.28 -66.37 88.33
N LEU EB 442 22.10 -67.39 87.49
CA LEU EB 442 21.10 -68.42 87.76
C LEU EB 442 21.66 -69.46 88.72
N TYR EB 443 20.76 -70.07 89.48
CA TYR EB 443 21.10 -71.08 90.46
C TYR EB 443 20.66 -72.46 89.99
N TYR EB 444 21.39 -73.47 90.43
CA TYR EB 444 21.04 -74.86 90.18
C TYR EB 444 21.11 -75.64 91.48
N LEU EB 445 20.31 -76.68 91.58
CA LEU EB 445 20.33 -77.55 92.75
C LEU EB 445 21.65 -78.30 92.80
N SER EB 446 22.52 -77.93 93.74
CA SER EB 446 23.85 -78.52 93.84
C SER EB 446 23.96 -79.59 94.91
N ARG EB 447 23.18 -79.46 95.97
CA ARG EB 447 23.19 -80.49 97.03
C ARG EB 447 21.76 -80.88 97.41
N THR EB 448 21.60 -82.12 97.82
CA THR EB 448 20.29 -82.62 98.24
C THR EB 448 20.24 -83.05 99.69
N ASN EB 449 21.36 -83.03 100.40
CA ASN EB 449 21.38 -83.37 101.82
C ASN EB 449 22.57 -82.69 102.48
N THR EB 450 22.56 -82.65 103.81
CA THR EB 450 23.64 -82.09 104.59
C THR EB 450 23.96 -83.02 105.75
N PRO EB 451 25.21 -83.03 106.27
CA PRO EB 451 25.53 -83.85 107.44
C PRO EB 451 24.66 -83.40 108.62
N SER EB 452 23.92 -84.34 109.22
CA SER EB 452 23.11 -84.01 110.41
C SER EB 452 23.47 -85.01 111.52
N GLY EB 453 23.97 -84.52 112.65
CA GLY EB 453 24.44 -85.44 113.71
C GLY EB 453 25.51 -86.36 113.17
N THR EB 454 25.33 -87.67 113.31
CA THR EB 454 26.30 -88.65 112.75
C THR EB 454 25.64 -89.34 111.56
N THR EB 455 24.44 -88.90 111.18
CA THR EB 455 23.75 -89.45 109.98
C THR EB 455 23.65 -88.35 108.92
N THR EB 456 22.66 -88.43 108.04
CA THR EB 456 22.44 -87.36 107.03
C THR EB 456 21.00 -86.86 107.11
N GLN EB 457 20.76 -85.62 106.70
CA GLN EB 457 19.41 -85.06 106.70
C GLN EB 457 19.15 -84.40 105.36
N SER EB 458 17.94 -84.59 104.84
CA SER EB 458 17.58 -84.01 103.55
C SER EB 458 17.53 -82.49 103.64
N ARG EB 459 18.22 -81.83 102.71
CA ARG EB 459 18.29 -80.37 102.70
C ARG EB 459 18.70 -79.92 101.31
N LEU EB 460 17.87 -79.11 100.66
CA LEU EB 460 18.17 -78.63 99.32
C LEU EB 460 19.06 -77.39 99.39
N GLN EB 461 20.10 -77.36 98.56
CA GLN EB 461 20.98 -76.21 98.44
C GLN EB 461 21.21 -75.90 96.98
N PHE EB 462 21.49 -74.63 96.69
CA PHE EB 462 21.64 -74.14 95.33
C PHE EB 462 22.92 -73.34 95.20
N SER EB 463 23.53 -73.42 94.02
CA SER EB 463 24.78 -72.73 93.75
C SER EB 463 24.70 -72.05 92.39
N GLN EB 464 25.52 -71.03 92.21
CA GLN EB 464 25.70 -70.40 90.91
C GLN EB 464 26.85 -71.08 90.19
N ALA EB 465 26.62 -71.42 88.92
CA ALA EB 465 27.60 -72.20 88.17
C ALA EB 465 28.67 -71.30 87.59
N GLY EB 466 29.92 -71.74 87.68
CA GLY EB 466 31.07 -71.05 87.12
C GLY EB 466 31.92 -72.02 86.31
N ALA EB 467 33.24 -71.81 86.36
CA ALA EB 467 34.15 -72.65 85.61
C ALA EB 467 34.40 -74.00 86.30
N SER EB 468 34.44 -74.01 87.63
CA SER EB 468 34.76 -75.24 88.35
C SER EB 468 33.64 -76.27 88.22
N ASP EB 469 32.39 -75.83 88.15
CA ASP EB 469 31.25 -76.72 87.97
C ASP EB 469 30.59 -76.41 86.63
N ILE EB 470 31.41 -76.27 85.59
CA ILE EB 470 30.96 -75.83 84.28
C ILE EB 470 29.89 -76.75 83.68
N ARG EB 471 29.83 -78.01 84.13
CA ARG EB 471 28.84 -78.94 83.59
C ARG EB 471 27.43 -78.62 84.03
N ASP EB 472 27.25 -77.83 85.09
CA ASP EB 472 25.94 -77.52 85.64
C ASP EB 472 25.39 -76.19 85.16
N GLN EB 473 26.07 -75.53 84.24
CA GLN EB 473 25.64 -74.21 83.78
C GLN EB 473 24.33 -74.30 83.00
N SER EB 474 23.46 -73.32 83.22
CA SER EB 474 22.23 -73.24 82.45
C SER EB 474 22.53 -72.89 81.00
N ARG EB 475 21.88 -73.58 80.08
CA ARG EB 475 22.17 -73.45 78.66
C ARG EB 475 20.88 -73.26 77.88
N ASN EB 476 21.02 -72.71 76.68
CA ASN EB 476 19.88 -72.37 75.84
C ASN EB 476 19.60 -73.40 74.75
N TRP EB 477 20.53 -74.33 74.49
CA TRP EB 477 20.43 -75.22 73.34
C TRP EB 477 20.74 -76.65 73.77
N LEU EB 478 20.40 -77.58 72.87
CA LEU EB 478 20.56 -79.01 73.09
C LEU EB 478 21.24 -79.65 71.88
N PRO EB 479 21.95 -80.75 72.08
CA PRO EB 479 22.53 -81.46 70.94
C PRO EB 479 21.47 -82.10 70.07
N GLY EB 480 21.81 -82.30 68.80
CA GLY EB 480 20.87 -82.79 67.81
C GLY EB 480 20.35 -84.18 68.09
N PRO EB 481 19.41 -84.64 67.26
CA PRO EB 481 18.76 -85.93 67.51
C PRO EB 481 19.71 -87.10 67.31
N CYS EB 482 19.31 -88.23 67.92
CA CYS EB 482 20.16 -89.42 67.95
C CYS EB 482 19.38 -90.69 67.62
N TYR EB 483 20.04 -91.66 67.00
CA TYR EB 483 19.47 -92.99 66.77
C TYR EB 483 20.62 -93.97 66.92
N ARG EB 484 20.75 -94.54 68.11
CA ARG EB 484 22.00 -95.17 68.53
C ARG EB 484 22.42 -96.30 67.61
N GLN EB 485 23.72 -96.35 67.33
CA GLN EB 485 24.34 -97.39 66.52
C GLN EB 485 25.25 -98.24 67.38
N GLN EB 486 25.44 -99.49 66.97
CA GLN EB 486 26.40 -100.35 67.65
C GLN EB 486 27.83 -99.92 67.32
N ARG EB 487 28.71 -100.05 68.30
CA ARG EB 487 30.11 -99.65 68.14
C ARG EB 487 30.95 -100.85 67.73
N VAL EB 488 31.71 -100.63 66.65
CA VAL EB 488 32.64 -101.65 66.12
C VAL EB 488 34.03 -101.01 66.10
N SER EB 489 35.08 -101.82 66.22
CA SER EB 489 36.46 -101.33 66.25
C SER EB 489 37.21 -101.77 65.01
N LYS EB 490 38.10 -100.90 64.52
CA LYS EB 490 38.92 -101.23 63.33
C LYS EB 490 39.92 -102.31 63.73
N THR EB 491 40.32 -102.37 65.01
CA THR EB 491 41.18 -103.47 65.50
C THR EB 491 40.28 -104.69 65.66
N SER EB 492 40.50 -105.74 64.87
CA SER EB 492 39.58 -106.91 64.86
C SER EB 492 39.44 -107.56 66.24
N ALA EB 493 40.55 -107.81 66.95
CA ALA EB 493 40.48 -108.53 68.21
C ALA EB 493 39.54 -107.85 69.20
N ASP EB 494 39.35 -106.54 69.07
CA ASP EB 494 38.52 -105.79 70.01
C ASP EB 494 37.03 -106.08 69.85
N ASN EB 495 36.63 -106.72 68.76
CA ASN EB 495 35.22 -106.95 68.48
C ASN EB 495 34.76 -108.29 69.06
N ASN EB 496 33.46 -108.40 69.28
CA ASN EB 496 32.89 -109.63 69.81
C ASN EB 496 33.01 -110.75 68.78
N ASN EB 497 33.33 -111.95 69.26
CA ASN EB 497 33.50 -113.12 68.38
C ASN EB 497 32.13 -113.76 68.12
N SER EB 498 31.34 -113.07 67.30
CA SER EB 498 30.01 -113.54 66.93
C SER EB 498 29.59 -112.83 65.66
N GLU EB 499 28.50 -113.33 65.08
CA GLU EB 499 27.92 -112.69 63.86
C GLU EB 499 26.81 -111.76 64.33
N TYR EB 500 27.09 -110.46 64.35
CA TYR EB 500 26.15 -109.45 64.83
C TYR EB 500 25.93 -108.34 63.82
N SER EB 501 26.19 -108.60 62.53
CA SER EB 501 25.99 -107.56 61.52
C SER EB 501 24.52 -107.23 61.31
N TRP EB 502 23.62 -108.11 61.72
CA TRP EB 502 22.18 -107.86 61.60
C TRP EB 502 21.46 -107.90 62.94
N THR EB 503 21.83 -108.81 63.84
CA THR EB 503 21.18 -108.87 65.15
C THR EB 503 21.44 -107.60 65.95
N GLY EB 504 22.67 -107.11 65.92
CA GLY EB 504 23.04 -105.88 66.57
C GLY EB 504 22.91 -104.64 65.71
N ALA EB 505 22.35 -104.78 64.52
CA ALA EB 505 22.24 -103.65 63.60
C ALA EB 505 21.11 -102.72 63.98
N THR EB 506 21.25 -101.46 63.59
CA THR EB 506 20.20 -100.46 63.80
C THR EB 506 19.26 -100.47 62.61
N LYS EB 507 17.97 -100.68 62.86
CA LYS EB 507 17.00 -100.93 61.81
C LYS EB 507 15.76 -100.07 62.01
N TYR EB 508 15.04 -99.85 60.91
CA TYR EB 508 13.71 -99.28 60.96
C TYR EB 508 12.72 -100.26 60.33
N HIS EB 509 11.52 -100.30 60.88
CA HIS EB 509 10.49 -101.26 60.50
C HIS EB 509 9.46 -100.57 59.64
N LEU EB 510 9.21 -101.11 58.45
CA LEU EB 510 8.28 -100.50 57.50
C LEU EB 510 7.53 -101.61 56.78
N ASN EB 511 6.21 -101.67 56.99
CA ASN EB 511 5.33 -102.63 56.34
C ASN EB 511 5.79 -104.07 56.60
N GLY EB 512 6.23 -104.34 57.82
CA GLY EB 512 6.64 -105.67 58.20
C GLY EB 512 8.03 -106.07 57.76
N ARG EB 513 8.76 -105.17 57.11
CA ARG EB 513 10.15 -105.50 56.70
C ARG EB 513 11.17 -104.59 57.40
N ASP EB 514 12.25 -105.17 57.90
CA ASP EB 514 13.34 -104.44 58.53
C ASP EB 514 14.35 -104.00 57.47
N SER EB 515 14.66 -102.71 57.47
CA SER EB 515 15.68 -102.15 56.60
C SER EB 515 16.82 -101.62 57.46
N LEU EB 516 18.05 -101.82 56.98
CA LEU EB 516 19.20 -101.30 57.69
C LEU EB 516 19.21 -99.78 57.67
N VAL EB 517 19.49 -99.17 58.81
CA VAL EB 517 19.65 -97.72 58.91
C VAL EB 517 21.11 -97.41 58.58
N ASN EB 518 21.33 -96.92 57.36
CA ASN EB 518 22.68 -96.72 56.85
C ASN EB 518 22.70 -95.55 55.87
N PRO EB 519 23.39 -94.46 56.19
CA PRO EB 519 24.16 -94.20 57.41
C PRO EB 519 23.30 -93.61 58.53
N GLY EB 520 22.04 -93.27 58.25
CA GLY EB 520 21.15 -92.76 59.26
C GLY EB 520 21.36 -91.30 59.58
N PRO EB 521 20.80 -90.85 60.70
CA PRO EB 521 20.96 -89.45 61.11
C PRO EB 521 22.43 -89.11 61.35
N ALA EB 522 22.78 -87.86 61.04
CA ALA EB 522 24.15 -87.41 61.16
C ALA EB 522 24.59 -87.38 62.62
N MET EB 523 25.57 -88.20 62.96
CA MET EB 523 26.08 -88.31 64.32
C MET EB 523 27.58 -88.48 64.27
N ALA EB 524 28.25 -88.07 65.35
CA ALA EB 524 29.69 -88.18 65.44
C ALA EB 524 30.11 -89.66 65.46
N SER EB 525 31.16 -89.97 64.71
CA SER EB 525 31.63 -91.35 64.64
C SER EB 525 32.17 -91.82 65.99
N HIS EB 526 32.87 -90.95 66.70
CA HIS EB 526 33.50 -91.32 67.97
C HIS EB 526 33.77 -90.06 68.77
N LYS EB 527 34.06 -90.26 70.06
CA LYS EB 527 34.40 -89.17 70.96
C LYS EB 527 35.92 -88.96 70.92
N ASP EB 528 36.44 -88.15 71.85
CA ASP EB 528 37.86 -87.85 71.88
C ASP EB 528 38.68 -89.12 72.09
N ASP EB 529 39.77 -89.23 71.34
CA ASP EB 529 40.76 -90.29 71.50
C ASP EB 529 40.15 -91.68 71.35
N GLU EB 530 39.21 -91.81 70.42
CA GLU EB 530 38.59 -93.10 70.12
C GLU EB 530 38.44 -93.26 68.62
N GLU EB 531 39.46 -92.88 67.86
CA GLU EB 531 39.39 -92.89 66.40
C GLU EB 531 39.26 -94.29 65.84
N LYS EB 532 39.61 -95.33 66.61
CA LYS EB 532 39.46 -96.69 66.11
C LYS EB 532 38.02 -97.18 66.11
N PHE EB 533 37.11 -96.47 66.76
CA PHE EB 533 35.71 -96.87 66.86
C PHE EB 533 34.87 -96.13 65.84
N PHE EB 534 33.99 -96.85 65.17
CA PHE EB 534 33.04 -96.27 64.23
C PHE EB 534 31.70 -96.96 64.39
N PRO EB 535 30.61 -96.27 64.08
CA PRO EB 535 29.29 -96.91 64.13
C PRO EB 535 29.17 -98.02 63.11
N GLN EB 536 28.39 -99.04 63.46
CA GLN EB 536 28.32 -100.24 62.64
C GLN EB 536 27.78 -99.94 61.24
N SER EB 537 26.74 -99.11 61.16
CA SER EB 537 26.19 -98.68 59.87
C SER EB 537 25.90 -97.19 59.90
N GLY EB 538 26.75 -96.42 60.56
CA GLY EB 538 26.56 -94.99 60.70
C GLY EB 538 27.50 -94.10 59.93
N VAL EB 539 28.38 -94.66 59.11
CA VAL EB 539 29.31 -93.88 58.30
C VAL EB 539 29.31 -94.43 56.88
N LEU EB 540 29.67 -93.56 55.94
CA LEU EB 540 29.88 -94.01 54.56
C LEU EB 540 31.18 -94.79 54.47
N ILE EB 541 31.14 -95.91 53.74
CA ILE EB 541 32.30 -96.75 53.54
C ILE EB 541 32.54 -96.84 52.04
N PHE EB 542 33.68 -96.32 51.59
CA PHE EB 542 34.06 -96.35 50.20
C PHE EB 542 35.07 -97.47 49.95
N GLY EB 543 34.98 -98.07 48.78
CA GLY EB 543 35.90 -99.14 48.40
C GLY EB 543 37.17 -98.58 47.77
N LYS EB 544 38.30 -99.19 48.12
CA LYS EB 544 39.54 -98.87 47.47
C LYS EB 544 39.52 -99.41 46.04
N GLN EB 545 40.50 -98.98 45.24
CA GLN EB 545 40.59 -99.42 43.86
C GLN EB 545 40.82 -100.93 43.81
N GLY EB 546 40.04 -101.61 42.97
CA GLY EB 546 40.14 -103.05 42.83
C GLY EB 546 39.41 -103.87 43.86
N SER EB 547 38.62 -103.20 44.72
CA SER EB 547 37.91 -103.92 45.82
C SER EB 547 36.76 -104.73 45.25
N GLU EB 548 36.55 -105.94 45.76
CA GLU EB 548 35.48 -106.81 45.29
C GLU EB 548 34.13 -106.34 45.85
N LYS EB 549 33.11 -107.16 45.66
CA LYS EB 549 31.76 -106.78 46.05
C LYS EB 549 31.35 -107.36 47.39
N THR EB 550 31.71 -108.62 47.67
CA THR EB 550 31.20 -109.35 48.82
C THR EB 550 32.32 -109.66 49.80
N ASN EB 551 32.11 -109.27 51.06
CA ASN EB 551 32.95 -109.70 52.19
C ASN EB 551 34.42 -109.37 51.99
N VAL EB 552 34.69 -108.11 51.63
CA VAL EB 552 36.06 -107.64 51.54
C VAL EB 552 36.54 -107.27 52.95
N ASP EB 553 37.85 -107.34 53.15
CA ASP EB 553 38.42 -107.06 54.46
C ASP EB 553 38.38 -105.56 54.75
N ILE EB 554 38.69 -105.20 55.99
CA ILE EB 554 38.67 -103.80 56.38
C ILE EB 554 39.77 -103.02 55.68
N GLU EB 555 40.91 -103.65 55.40
CA GLU EB 555 41.98 -102.98 54.68
C GLU EB 555 41.64 -102.70 53.22
N LYS EB 556 40.57 -103.30 52.71
CA LYS EB 556 40.13 -103.05 51.34
C LYS EB 556 39.15 -101.89 51.22
N VAL EB 557 38.71 -101.33 52.35
CA VAL EB 557 37.73 -100.24 52.35
C VAL EB 557 38.28 -99.07 53.13
N MET EB 558 37.74 -97.89 52.84
CA MET EB 558 38.09 -96.65 53.52
C MET EB 558 36.86 -96.14 54.26
N ILE EB 559 36.93 -96.12 55.59
CA ILE EB 559 35.80 -95.74 56.43
C ILE EB 559 35.91 -94.25 56.73
N THR EB 560 34.83 -93.52 56.47
CA THR EB 560 34.82 -92.08 56.69
C THR EB 560 34.66 -91.76 58.17
N ASP EB 561 34.99 -90.51 58.51
CA ASP EB 561 34.89 -90.08 59.92
C ASP EB 561 34.07 -88.79 59.99
N GLU EB 562 33.13 -88.74 60.91
CA GLU EB 562 32.27 -87.59 61.14
C GLU EB 562 32.56 -86.98 62.51
N GLU EB 563 33.84 -86.86 62.86
CA GLU EB 563 34.22 -86.33 64.16
C GLU EB 563 34.13 -84.82 64.24
N GLU EB 564 34.09 -84.12 63.09
CA GLU EB 564 34.04 -82.67 63.11
C GLU EB 564 32.70 -82.14 63.63
N ILE EB 565 31.68 -82.98 63.71
CA ILE EB 565 30.36 -82.55 64.13
C ILE EB 565 30.05 -82.98 65.57
N ARG EB 566 31.03 -83.51 66.29
CA ARG EB 566 30.81 -83.90 67.68
C ARG EB 566 30.66 -82.69 68.59
N THR EB 567 30.90 -81.49 68.09
CA THR EB 567 30.66 -80.29 68.88
C THR EB 567 29.17 -80.06 69.14
N THR EB 568 28.32 -80.42 68.18
CA THR EB 568 26.88 -80.23 68.31
C THR EB 568 26.07 -81.50 68.21
N ASN EB 569 26.64 -82.58 67.67
CA ASN EB 569 25.89 -83.81 67.45
C ASN EB 569 26.35 -84.88 68.41
N PRO EB 570 25.42 -85.68 68.94
CA PRO EB 570 25.80 -86.76 69.85
C PRO EB 570 26.62 -87.82 69.14
N VAL EB 571 27.47 -88.50 69.91
CA VAL EB 571 28.23 -89.61 69.38
C VAL EB 571 27.27 -90.74 69.01
N ALA EB 572 27.51 -91.35 67.85
CA ALA EB 572 26.57 -92.31 67.29
C ALA EB 572 26.41 -93.53 68.18
N THR EB 573 27.49 -93.98 68.81
CA THR EB 573 27.48 -95.22 69.57
C THR EB 573 27.12 -95.04 71.03
N GLU EB 574 26.81 -93.81 71.46
CA GLU EB 574 26.50 -93.53 72.85
C GLU EB 574 25.08 -92.99 72.96
N GLN EB 575 24.59 -92.95 74.19
CA GLN EB 575 23.25 -92.45 74.45
C GLN EB 575 23.21 -90.93 74.29
N TYR EB 576 22.01 -90.43 73.97
CA TYR EB 576 21.81 -88.98 73.93
C TYR EB 576 22.00 -88.36 75.30
N GLY EB 577 21.47 -89.01 76.33
CA GLY EB 577 21.53 -88.46 77.68
C GLY EB 577 20.75 -89.32 78.65
N SER EB 578 20.30 -88.70 79.73
CA SER EB 578 19.54 -89.39 80.76
C SER EB 578 18.30 -88.59 81.12
N VAL EB 579 17.23 -89.31 81.44
CA VAL EB 579 15.98 -88.70 81.90
C VAL EB 579 15.54 -89.41 83.17
N SER EB 580 14.73 -88.72 83.96
CA SER EB 580 14.15 -89.32 85.16
C SER EB 580 13.04 -90.30 84.78
N THR EB 581 12.92 -91.36 85.57
CA THR EB 581 11.92 -92.38 85.32
C THR EB 581 10.94 -92.59 86.47
N ASN EB 582 11.13 -91.93 87.60
CA ASN EB 582 10.25 -92.10 88.75
C ASN EB 582 10.16 -90.77 89.49
N LEU EB 583 9.56 -90.81 90.67
CA LEU EB 583 9.43 -89.64 91.54
C LEU EB 583 10.08 -89.96 92.88
N GLN EB 584 11.22 -89.33 93.14
CA GLN EB 584 11.90 -89.51 94.42
C GLN EB 584 11.07 -88.94 95.55
N ARG EB 585 11.18 -89.60 96.71
CA ARG EB 585 10.36 -89.21 97.88
C ARG EB 585 11.03 -89.74 99.14
N GLY EB 586 11.01 -88.96 100.22
CA GLY EB 586 11.51 -89.41 101.50
C GLY EB 586 10.45 -90.10 102.32
N ASN EB 587 10.85 -90.46 103.56
CA ASN EB 587 9.94 -91.22 104.45
C ASN EB 587 8.87 -90.31 105.04
N THR EB 594 7.18 -95.55 101.82
CA THR EB 594 8.63 -95.73 102.12
C THR EB 594 9.42 -94.73 101.28
N SER EB 595 10.76 -94.72 101.39
CA SER EB 595 11.46 -93.78 100.52
C SER EB 595 11.76 -94.40 99.16
N ARG EB 596 11.81 -93.55 98.14
CA ARG EB 596 12.17 -93.97 96.78
C ARG EB 596 13.29 -93.08 96.28
N GLN EB 597 14.38 -93.69 95.85
CA GLN EB 597 15.51 -92.93 95.33
C GLN EB 597 15.31 -92.60 93.86
N ALA EB 598 15.86 -91.46 93.44
CA ALA EB 598 15.72 -91.01 92.07
C ALA EB 598 16.39 -91.98 91.11
N ALA EB 599 15.71 -92.28 90.02
CA ALA EB 599 16.19 -93.23 89.02
C ALA EB 599 16.26 -92.54 87.66
N THR EB 600 17.23 -92.97 86.85
CA THR EB 600 17.44 -92.41 85.52
C THR EB 600 17.60 -93.55 84.52
N ALA EB 601 17.32 -93.24 83.26
CA ALA EB 601 17.46 -94.18 82.17
C ALA EB 601 18.19 -93.52 81.01
N ASP EB 602 18.93 -94.34 80.26
CA ASP EB 602 19.59 -93.86 79.06
C ASP EB 602 18.58 -93.61 77.95
N VAL EB 603 18.82 -92.57 77.16
CA VAL EB 603 17.97 -92.23 76.04
C VAL EB 603 18.73 -92.64 74.78
N ASN EB 604 18.47 -93.88 74.34
CA ASN EB 604 19.16 -94.41 73.16
C ASN EB 604 18.59 -93.86 71.85
N THR EB 605 17.36 -93.34 71.87
CA THR EB 605 16.77 -92.71 70.70
C THR EB 605 16.10 -91.42 71.15
N GLN EB 606 16.44 -90.32 70.47
CA GLN EB 606 15.92 -89.00 70.83
C GLN EB 606 15.40 -88.32 69.57
N GLY EB 607 14.11 -87.96 69.58
CA GLY EB 607 13.55 -87.17 68.51
C GLY EB 607 13.93 -85.70 68.64
N VAL EB 608 13.49 -84.92 67.67
CA VAL EB 608 13.81 -83.50 67.64
C VAL EB 608 13.03 -82.78 68.73
N LEU EB 609 13.73 -81.98 69.52
CA LEU EB 609 13.18 -81.15 70.58
C LEU EB 609 13.34 -79.68 70.22
N PRO EB 610 12.47 -78.81 70.72
CA PRO EB 610 12.68 -77.37 70.52
C PRO EB 610 13.99 -76.92 71.15
N GLY EB 611 14.71 -76.04 70.46
CA GLY EB 611 16.02 -75.61 70.88
C GLY EB 611 17.16 -76.50 70.46
N MET EB 612 16.90 -77.54 69.67
CA MET EB 612 17.96 -78.49 69.24
C MET EB 612 18.71 -77.95 68.03
N VAL EB 613 20.03 -78.06 68.02
CA VAL EB 613 20.91 -77.64 66.92
C VAL EB 613 21.80 -78.81 66.54
N TRP EB 614 22.07 -78.96 65.25
CA TRP EB 614 22.84 -80.09 64.75
C TRP EB 614 23.51 -79.69 63.43
N GLN EB 615 24.47 -80.52 63.02
CA GLN EB 615 25.14 -80.39 61.74
C GLN EB 615 24.79 -81.58 60.87
N ASP EB 616 24.66 -81.34 59.57
CA ASP EB 616 24.36 -82.41 58.64
C ASP EB 616 25.59 -83.25 58.35
N ARG EB 617 25.39 -84.37 57.66
CA ARG EB 617 26.50 -85.24 57.30
C ARG EB 617 27.39 -84.55 56.27
N ASP EB 618 28.70 -84.80 56.38
CA ASP EB 618 29.66 -84.21 55.47
C ASP EB 618 29.54 -84.84 54.08
N VAL EB 619 29.93 -84.07 53.07
CA VAL EB 619 30.03 -84.57 51.71
C VAL EB 619 31.49 -84.87 51.40
N TYR EB 620 31.71 -85.79 50.47
CA TYR EB 620 33.04 -86.27 50.15
C TYR EB 620 33.25 -86.20 48.65
N LEU EB 621 34.52 -86.25 48.24
CA LEU EB 621 34.84 -86.22 46.82
C LEU EB 621 34.24 -87.42 46.09
N GLN EB 622 34.28 -88.59 46.72
CA GLN EB 622 33.65 -89.78 46.17
C GLN EB 622 32.17 -89.89 46.53
N GLY EB 623 31.65 -88.98 47.33
CA GLY EB 623 30.29 -89.07 47.80
C GLY EB 623 29.27 -88.50 46.84
N PRO EB 624 27.99 -88.74 47.13
CA PRO EB 624 26.92 -88.19 46.29
C PRO EB 624 26.76 -86.69 46.48
N ILE EB 625 26.20 -86.06 45.47
CA ILE EB 625 25.98 -84.62 45.47
C ILE EB 625 24.58 -84.26 45.94
N TRP EB 626 23.56 -84.93 45.40
CA TRP EB 626 22.18 -84.55 45.66
C TRP EB 626 21.33 -85.81 45.79
N ALA EB 627 20.05 -85.58 46.14
CA ALA EB 627 19.05 -86.63 46.14
C ALA EB 627 17.69 -85.95 45.98
N LYS EB 628 16.73 -86.72 45.47
CA LYS EB 628 15.38 -86.21 45.29
C LYS EB 628 14.59 -86.35 46.59
N ILE EB 629 14.04 -85.26 47.07
CA ILE EB 629 13.17 -85.31 48.25
C ILE EB 629 11.89 -86.04 47.88
N PRO EB 630 11.49 -87.08 48.62
CA PRO EB 630 10.28 -87.81 48.26
C PRO EB 630 9.05 -86.91 48.28
N HIS EB 631 8.14 -87.15 47.33
CA HIS EB 631 6.90 -86.38 47.24
C HIS EB 631 5.95 -86.87 48.31
N THR EB 632 6.02 -86.24 49.48
CA THR EB 632 5.23 -86.63 50.64
C THR EB 632 4.59 -85.38 51.24
N ASP EB 633 3.56 -85.61 52.05
CA ASP EB 633 2.84 -84.47 52.67
C ASP EB 633 3.76 -83.76 53.65
N GLY EB 634 4.55 -84.52 54.40
CA GLY EB 634 5.43 -83.92 55.39
C GLY EB 634 6.82 -84.52 55.36
N HIS EB 635 7.78 -83.70 55.72
CA HIS EB 635 9.17 -84.11 55.89
C HIS EB 635 9.87 -83.07 56.75
N PHE EB 636 10.83 -83.52 57.53
CA PHE EB 636 11.58 -82.63 58.42
C PHE EB 636 13.03 -82.62 58.01
N HIS EB 637 13.57 -81.42 57.74
CA HIS EB 637 14.96 -81.22 57.36
C HIS EB 637 15.35 -82.17 56.23
N PRO EB 638 14.87 -81.93 55.00
CA PRO EB 638 15.08 -82.88 53.90
C PRO EB 638 16.49 -82.84 53.30
N SER EB 639 17.49 -82.86 54.16
CA SER EB 639 18.86 -83.12 53.73
C SER EB 639 19.07 -84.62 53.61
N PRO EB 640 19.61 -85.11 52.50
CA PRO EB 640 19.81 -86.55 52.35
C PRO EB 640 20.71 -87.10 53.45
N LEU EB 641 20.34 -88.29 53.95
CA LEU EB 641 21.09 -88.87 55.06
C LEU EB 641 22.46 -89.36 54.62
N MET EB 642 22.61 -89.74 53.34
CA MET EB 642 23.91 -90.13 52.81
C MET EB 642 24.82 -88.94 52.56
N GLY EB 643 24.31 -87.73 52.65
CA GLY EB 643 25.09 -86.52 52.44
C GLY EB 643 24.76 -85.85 51.13
N GLY EB 644 24.69 -84.52 51.16
CA GLY EB 644 24.43 -83.77 49.95
C GLY EB 644 23.32 -82.75 50.07
N PHE EB 645 22.72 -82.40 48.93
CA PHE EB 645 21.70 -81.37 48.86
C PHE EB 645 20.36 -82.01 48.53
N GLY EB 646 19.36 -81.75 49.36
CA GLY EB 646 18.01 -82.21 49.11
C GLY EB 646 17.29 -81.32 48.11
N LEU EB 647 16.81 -81.91 47.01
CA LEU EB 647 16.20 -81.14 45.93
C LEU EB 647 14.80 -81.68 45.67
N LYS EB 648 13.80 -80.79 45.72
CA LYS EB 648 12.45 -81.19 45.34
C LYS EB 648 12.37 -81.47 43.86
N HIS EB 649 13.12 -80.74 43.04
CA HIS EB 649 13.24 -80.96 41.61
C HIS EB 649 14.71 -81.12 41.29
N PRO EB 650 15.26 -82.33 41.47
CA PRO EB 650 16.69 -82.54 41.22
C PRO EB 650 16.98 -82.56 39.74
N PRO EB 651 18.25 -82.63 39.34
CA PRO EB 651 18.57 -82.77 37.91
C PRO EB 651 17.86 -83.97 37.32
N PRO EB 652 17.16 -83.80 36.21
CA PRO EB 652 16.34 -84.88 35.68
C PRO EB 652 17.17 -86.06 35.20
N GLN EB 653 16.56 -87.24 35.27
CA GLN EB 653 17.20 -88.43 34.73
C GLN EB 653 17.30 -88.32 33.21
N ILE EB 654 18.46 -88.68 32.67
CA ILE EB 654 18.71 -88.64 31.24
C ILE EB 654 18.76 -90.09 30.76
N LEU EB 655 17.76 -90.49 29.98
CA LEU EB 655 17.63 -91.86 29.51
C LEU EB 655 18.08 -91.97 28.07
N ILE EB 656 18.90 -92.97 27.78
CA ILE EB 656 19.45 -93.19 26.45
C ILE EB 656 19.39 -94.67 26.13
N LYS EB 657 19.02 -94.99 24.89
CA LYS EB 657 19.01 -96.37 24.44
C LYS EB 657 19.22 -96.41 22.94
N ASN EB 658 19.68 -97.56 22.45
CA ASN EB 658 19.85 -97.77 21.02
C ASN EB 658 18.53 -98.16 20.39
N THR EB 659 18.21 -97.54 19.27
CA THR EB 659 16.99 -97.89 18.56
C THR EB 659 17.12 -99.29 17.97
N PRO EB 660 16.19 -100.19 18.24
CA PRO EB 660 16.29 -101.54 17.70
C PRO EB 660 16.19 -101.55 16.19
N VAL EB 661 17.14 -102.22 15.54
CA VAL EB 661 17.17 -102.36 14.09
C VAL EB 661 16.82 -103.81 13.77
N PRO EB 662 15.64 -104.09 13.21
CA PRO EB 662 15.27 -105.48 12.91
C PRO EB 662 16.22 -106.12 11.91
N ALA EB 663 16.44 -107.42 12.09
CA ALA EB 663 17.23 -108.20 11.16
C ALA EB 663 16.38 -108.54 9.95
N ASN EB 664 16.83 -109.48 9.12
CA ASN EB 664 16.15 -109.81 7.89
C ASN EB 664 14.77 -110.38 8.18
N PRO EB 665 13.69 -109.76 7.71
CA PRO EB 665 12.35 -110.29 7.95
C PRO EB 665 11.97 -111.38 6.94
N SER EB 666 10.92 -112.09 7.30
CA SER EB 666 10.38 -113.15 6.41
C SER EB 666 9.60 -112.49 5.27
N THR EB 667 9.67 -113.08 4.08
CA THR EB 667 8.93 -112.56 2.94
C THR EB 667 7.42 -112.76 3.08
N THR EB 668 7.00 -113.60 4.01
CA THR EB 668 5.58 -113.80 4.31
C THR EB 668 5.24 -113.04 5.59
N PHE EB 669 4.08 -112.41 5.61
CA PHE EB 669 3.69 -111.61 6.76
C PHE EB 669 3.50 -112.50 7.99
N SER EB 670 4.01 -112.03 9.12
CA SER EB 670 3.83 -112.68 10.41
C SER EB 670 3.42 -111.65 11.43
N ALA EB 671 2.35 -111.92 12.17
CA ALA EB 671 1.86 -110.99 13.18
C ALA EB 671 2.66 -111.06 14.46
N ALA EB 672 3.55 -112.04 14.61
CA ALA EB 672 4.39 -112.11 15.80
C ALA EB 672 5.36 -110.94 15.83
N LYS EB 673 5.57 -110.39 17.03
CA LYS EB 673 6.49 -109.28 17.18
C LYS EB 673 7.91 -109.72 16.84
N PHE EB 674 8.69 -108.76 16.37
CA PHE EB 674 10.09 -109.07 15.95
C PHE EB 674 10.93 -109.52 17.13
N ALA EB 675 11.64 -110.64 16.94
CA ALA EB 675 12.54 -111.15 17.96
C ALA EB 675 13.99 -111.22 17.51
N SER EB 676 14.26 -110.96 16.23
CA SER EB 676 15.62 -110.99 15.70
C SER EB 676 16.03 -109.56 15.33
N PHE EB 677 17.17 -109.13 15.83
CA PHE EB 677 17.67 -107.79 15.61
C PHE EB 677 19.15 -107.83 15.29
N ILE EB 678 19.62 -106.76 14.65
CA ILE EB 678 21.05 -106.61 14.38
C ILE EB 678 21.74 -106.19 15.67
N THR EB 679 22.75 -106.97 16.07
CA THR EB 679 23.50 -106.65 17.28
C THR EB 679 24.26 -105.35 17.08
N GLN EB 680 24.10 -104.42 18.02
CA GLN EB 680 24.77 -103.14 17.89
C GLN EB 680 24.87 -102.46 19.25
N TYR EB 681 25.86 -101.56 19.35
CA TYR EB 681 26.05 -100.72 20.51
C TYR EB 681 26.38 -99.32 20.03
N SER EB 682 26.50 -98.38 20.96
CA SER EB 682 26.83 -97.01 20.62
C SER EB 682 27.92 -96.50 21.55
N THR EB 683 28.69 -95.54 21.03
CA THR EB 683 29.72 -94.87 21.81
C THR EB 683 29.67 -93.39 21.47
N GLY EB 684 30.16 -92.58 22.40
CA GLY EB 684 30.11 -91.15 22.21
C GLY EB 684 30.75 -90.41 23.36
N GLN EB 685 30.55 -89.11 23.38
CA GLN EB 685 31.08 -88.24 24.43
C GLN EB 685 29.95 -87.57 25.17
N VAL EB 686 30.15 -87.37 26.46
CA VAL EB 686 29.18 -86.72 27.34
C VAL EB 686 29.88 -85.58 28.06
N SER EB 687 29.21 -84.43 28.14
CA SER EB 687 29.74 -83.25 28.81
C SER EB 687 28.78 -82.79 29.89
N VAL EB 688 29.31 -82.54 31.08
CA VAL EB 688 28.54 -82.01 32.21
C VAL EB 688 29.26 -80.78 32.73
N GLU EB 689 28.58 -79.64 32.73
CA GLU EB 689 29.12 -78.40 33.26
C GLU EB 689 28.22 -77.88 34.36
N ILE EB 690 28.77 -77.73 35.56
CA ILE EB 690 28.01 -77.28 36.72
C ILE EB 690 28.64 -76.00 37.25
N GLU EB 691 27.81 -74.99 37.49
CA GLU EB 691 28.24 -73.76 38.15
C GLU EB 691 27.92 -73.87 39.63
N TRP EB 692 28.92 -73.63 40.48
CA TRP EB 692 28.78 -73.70 41.92
C TRP EB 692 28.98 -72.32 42.52
N GLU EB 693 28.19 -71.99 43.55
CA GLU EB 693 28.34 -70.76 44.28
C GLU EB 693 29.14 -71.02 45.56
N LEU EB 694 30.06 -70.11 45.86
CA LEU EB 694 30.96 -70.26 46.99
C LEU EB 694 30.60 -69.29 48.10
N GLN EB 695 30.76 -69.73 49.33
CA GLN EB 695 30.60 -68.90 50.52
C GLN EB 695 32.00 -68.68 51.09
N LYS EB 696 32.55 -67.49 50.83
CA LYS EB 696 33.93 -67.21 51.19
C LYS EB 696 34.12 -67.17 52.70
N GLU EB 697 35.22 -67.74 53.15
CA GLU EB 697 35.55 -67.74 54.57
C GLU EB 697 35.90 -66.31 55.03
N ASN EB 698 35.36 -65.93 56.17
CA ASN EB 698 35.56 -64.60 56.75
C ASN EB 698 35.97 -64.71 58.21
N SER EB 699 36.92 -65.59 58.49
CA SER EB 699 37.31 -65.88 59.86
C SER EB 699 38.24 -64.79 60.40
N LYS EB 700 38.28 -64.64 61.73
CA LYS EB 700 39.18 -63.66 62.39
C LYS EB 700 40.06 -64.40 63.41
N ARG EB 701 40.23 -65.72 63.27
CA ARG EB 701 41.13 -66.42 64.17
C ARG EB 701 42.57 -66.04 63.87
N TRP EB 702 43.41 -66.12 64.90
CA TRP EB 702 44.79 -65.67 64.80
C TRP EB 702 45.72 -66.79 64.34
N ASN EB 703 45.68 -67.94 64.99
CA ASN EB 703 46.58 -69.03 64.66
C ASN EB 703 46.13 -69.75 63.40
N PRO EB 704 47.05 -70.42 62.66
CA PRO EB 704 46.69 -71.08 61.41
C PRO EB 704 45.62 -72.17 61.56
N GLU EB 705 44.95 -72.55 60.47
CA GLU EB 705 43.83 -73.52 60.50
C GLU EB 705 44.29 -74.89 60.01
N ILE EB 706 43.45 -75.93 60.18
CA ILE EB 706 43.80 -77.23 59.53
C ILE EB 706 43.46 -77.16 58.04
N GLN EB 707 44.38 -77.55 57.17
CA GLN EB 707 44.10 -77.59 55.74
C GLN EB 707 44.45 -78.98 55.22
N TYR EB 708 43.70 -79.41 54.20
CA TYR EB 708 44.07 -80.65 53.52
C TYR EB 708 45.33 -80.43 52.71
N THR EB 709 46.24 -81.41 52.75
CA THR EB 709 47.53 -81.28 52.10
C THR EB 709 48.02 -82.66 51.67
N SER EB 710 48.90 -82.65 50.68
CA SER EB 710 49.53 -83.91 50.25
C SER EB 710 50.70 -84.17 51.20
N ASN EB 711 51.16 -85.41 51.31
CA ASN EB 711 52.26 -85.66 52.27
C ASN EB 711 53.57 -85.48 51.51
N TYR EB 712 54.52 -84.74 52.08
CA TYR EB 712 55.78 -84.41 51.37
C TYR EB 712 56.68 -85.64 51.26
N ASN EB 713 56.62 -86.57 52.22
CA ASN EB 713 57.56 -87.68 52.17
C ASN EB 713 57.46 -88.45 50.85
N LYS EB 714 58.60 -89.03 50.46
CA LYS EB 714 58.66 -89.80 49.20
C LYS EB 714 57.77 -91.03 49.27
N SER EB 715 57.30 -91.45 48.11
CA SER EB 715 56.45 -92.63 48.04
C SER EB 715 56.62 -93.27 46.67
N ILE EB 716 56.24 -94.54 46.58
CA ILE EB 716 56.30 -95.25 45.30
C ILE EB 716 55.34 -94.62 44.30
N ASN EB 717 54.13 -94.29 44.74
CA ASN EB 717 53.11 -93.70 43.89
C ASN EB 717 52.66 -92.36 44.47
N VAL EB 718 52.32 -91.44 43.57
CA VAL EB 718 51.73 -90.17 43.97
C VAL EB 718 50.24 -90.36 44.20
N ASP EB 719 49.70 -89.69 45.20
CA ASP EB 719 48.27 -89.81 45.51
C ASP EB 719 47.43 -89.21 44.40
N PHE EB 720 46.28 -89.86 44.13
CA PHE EB 720 45.32 -89.39 43.13
C PHE EB 720 45.95 -89.28 41.74
N THR EB 721 46.80 -90.25 41.40
CA THR EB 721 47.38 -90.38 40.07
C THR EB 721 47.20 -91.81 39.61
N VAL EB 722 47.82 -92.12 38.48
CA VAL EB 722 47.80 -93.48 37.94
C VAL EB 722 49.08 -94.19 38.35
N ASP EB 723 49.01 -95.52 38.42
CA ASP EB 723 50.17 -96.33 38.75
C ASP EB 723 50.86 -96.77 37.46
N THR EB 724 51.78 -97.72 37.58
CA THR EB 724 52.53 -98.21 36.40
C THR EB 724 51.57 -98.94 35.45
N ASN EB 725 50.38 -99.31 35.93
CA ASN EB 725 49.36 -99.96 35.07
C ASN EB 725 48.41 -98.89 34.51
N GLY EB 726 48.66 -97.62 34.86
CA GLY EB 726 47.78 -96.52 34.40
C GLY EB 726 46.43 -96.59 35.07
N VAL EB 727 46.34 -97.28 36.21
CA VAL EB 727 45.05 -97.43 36.94
C VAL EB 727 44.89 -96.25 37.92
N TYR EB 728 43.83 -95.45 37.74
CA TYR EB 728 43.60 -94.33 38.63
C TYR EB 728 42.99 -94.81 39.93
N SER EB 729 43.48 -94.29 41.04
CA SER EB 729 42.99 -94.66 42.36
C SER EB 729 42.81 -93.42 43.22
N GLU EB 730 41.88 -93.50 44.17
CA GLU EB 730 41.66 -92.44 45.15
C GLU EB 730 42.06 -92.97 46.51
N PRO EB 731 43.23 -92.60 47.03
CA PRO EB 731 43.76 -93.28 48.22
C PRO EB 731 42.91 -93.14 49.47
N ARG EB 732 42.24 -92.01 49.67
CA ARG EB 732 41.47 -91.80 50.89
C ARG EB 732 40.27 -90.93 50.58
N PRO EB 733 39.22 -91.00 51.40
CA PRO EB 733 38.12 -90.03 51.25
C PRO EB 733 38.52 -88.67 51.79
N ILE EB 734 38.14 -87.63 51.05
CA ILE EB 734 38.39 -86.26 51.47
C ILE EB 734 37.04 -85.60 51.74
N GLY EB 735 36.87 -85.11 52.95
CA GLY EB 735 35.68 -84.35 53.30
C GLY EB 735 35.84 -82.90 52.89
N THR EB 736 35.05 -82.05 53.53
CA THR EB 736 35.11 -80.62 53.27
C THR EB 736 35.34 -79.76 54.51
N ARG EB 737 35.35 -80.35 55.70
CA ARG EB 737 35.31 -79.60 56.94
C ARG EB 737 36.72 -79.46 57.50
N TYR EB 738 37.44 -78.47 56.99
CA TYR EB 738 38.80 -78.14 57.45
C TYR EB 738 38.91 -76.76 58.05
N LEU EB 739 38.26 -75.76 57.47
CA LEU EB 739 38.20 -74.44 58.09
C LEU EB 739 37.29 -74.50 59.31
N THR EB 740 37.42 -73.50 60.17
CA THR EB 740 36.65 -73.44 61.40
C THR EB 740 35.85 -72.16 61.49
N ARG EB 741 34.69 -72.28 62.15
CA ARG EB 741 33.83 -71.10 62.39
C ARG EB 741 33.30 -71.24 63.83
N ASN EB 742 33.06 -70.13 64.54
CA ASN EB 742 32.48 -70.18 65.87
C ASN EB 742 31.02 -70.58 65.81
N LEU EB 743 30.54 -71.17 66.89
CA LEU EB 743 29.13 -71.56 67.00
C LEU EB 743 28.23 -70.33 67.04
N ALA FB 218 -57.81 -56.04 -32.60
CA ALA FB 218 -56.75 -56.08 -31.57
C ALA FB 218 -55.86 -57.30 -31.83
N ASP FB 219 -56.46 -58.42 -32.19
CA ASP FB 219 -55.69 -59.68 -32.33
C ASP FB 219 -56.03 -60.31 -33.68
N GLY FB 220 -56.72 -59.57 -34.55
CA GLY FB 220 -56.99 -60.08 -35.90
C GLY FB 220 -57.41 -61.54 -35.87
N VAL FB 221 -56.93 -62.35 -36.84
CA VAL FB 221 -57.36 -63.75 -36.93
C VAL FB 221 -56.14 -64.60 -36.59
N GLY FB 222 -56.23 -65.37 -35.53
CA GLY FB 222 -55.18 -66.26 -35.11
C GLY FB 222 -54.46 -65.86 -33.85
N ASN FB 223 -54.80 -64.72 -33.26
CA ASN FB 223 -54.21 -64.28 -32.01
C ASN FB 223 -55.30 -64.26 -30.93
N SER FB 224 -55.05 -64.96 -29.83
CA SER FB 224 -56.03 -65.02 -28.76
C SER FB 224 -56.12 -63.68 -28.04
N SER FB 225 -57.36 -63.29 -27.71
CA SER FB 225 -57.62 -62.02 -27.04
C SER FB 225 -57.88 -62.19 -25.55
N GLY FB 226 -57.67 -63.38 -25.01
CA GLY FB 226 -57.87 -63.60 -23.59
C GLY FB 226 -57.44 -65.00 -23.20
N ASN FB 227 -57.45 -65.24 -21.90
CA ASN FB 227 -57.05 -66.51 -21.32
C ASN FB 227 -58.16 -67.02 -20.40
N TRP FB 228 -58.08 -68.31 -20.07
CA TRP FB 228 -59.05 -68.94 -19.19
C TRP FB 228 -58.64 -68.72 -17.75
N HIS FB 229 -59.44 -67.95 -17.03
CA HIS FB 229 -59.17 -67.65 -15.60
C HIS FB 229 -60.37 -68.12 -14.78
N CYS FB 230 -60.31 -69.35 -14.25
CA CYS FB 230 -61.39 -69.86 -13.38
C CYS FB 230 -60.73 -70.33 -12.09
N ASP FB 231 -60.90 -69.59 -10.99
CA ASP FB 231 -60.20 -69.94 -9.74
C ASP FB 231 -60.67 -69.04 -8.59
N SER FB 232 -60.21 -69.32 -7.36
CA SER FB 232 -60.54 -68.39 -6.28
C SER FB 232 -59.33 -68.22 -5.38
N THR FB 233 -59.14 -67.00 -4.89
CA THR FB 233 -58.02 -66.67 -4.01
C THR FB 233 -58.57 -66.13 -2.70
N TRP FB 234 -58.17 -66.75 -1.60
CA TRP FB 234 -58.57 -66.31 -0.26
C TRP FB 234 -57.40 -65.56 0.36
N MET FB 235 -57.61 -64.28 0.67
CA MET FB 235 -56.53 -63.44 1.26
C MET FB 235 -57.12 -62.67 2.45
N GLY FB 236 -56.97 -63.21 3.66
CA GLY FB 236 -57.46 -62.53 4.84
C GLY FB 236 -58.97 -62.39 4.83
N ASP FB 237 -59.43 -61.15 4.89
CA ASP FB 237 -60.85 -60.84 4.90
C ASP FB 237 -61.44 -60.66 3.51
N ARG FB 238 -60.81 -61.23 2.48
CA ARG FB 238 -61.30 -61.13 1.12
C ARG FB 238 -61.21 -62.49 0.45
N VAL FB 239 -62.16 -62.75 -0.45
CA VAL FB 239 -62.09 -63.88 -1.37
C VAL FB 239 -62.47 -63.39 -2.75
N THR FB 240 -61.60 -63.62 -3.73
CA THR FB 240 -61.84 -63.23 -5.11
C THR FB 240 -62.12 -64.47 -5.93
N THR FB 241 -63.34 -64.56 -6.46
CA THR FB 241 -63.76 -65.69 -7.28
C THR FB 241 -63.78 -65.26 -8.74
N THR FB 242 -63.15 -66.05 -9.60
CA THR FB 242 -63.12 -65.80 -11.03
C THR FB 242 -63.68 -67.01 -11.76
N SER FB 243 -64.50 -66.77 -12.77
CA SER FB 243 -65.15 -67.84 -13.52
C SER FB 243 -65.05 -67.54 -15.01
N THR FB 244 -64.81 -68.58 -15.80
CA THR FB 244 -64.82 -68.48 -17.26
C THR FB 244 -65.74 -69.54 -17.82
N ARG FB 245 -66.55 -69.16 -18.81
CA ARG FB 245 -67.49 -70.06 -19.46
C ARG FB 245 -67.45 -69.83 -20.96
N THR FB 246 -67.91 -70.84 -21.70
CA THR FB 246 -68.05 -70.73 -23.15
C THR FB 246 -69.53 -70.54 -23.46
N TRP FB 247 -69.85 -69.46 -24.20
CA TRP FB 247 -71.22 -69.11 -24.51
C TRP FB 247 -71.48 -69.22 -26.00
N ALA FB 248 -72.76 -69.43 -26.33
CA ALA FB 248 -73.23 -69.44 -27.71
C ALA FB 248 -74.38 -68.47 -27.84
N LEU FB 249 -74.29 -67.58 -28.81
CA LEU FB 249 -75.31 -66.54 -29.02
C LEU FB 249 -75.93 -66.69 -30.40
N PRO FB 250 -77.18 -67.10 -30.51
CA PRO FB 250 -77.82 -67.20 -31.82
C PRO FB 250 -78.34 -65.84 -32.27
N THR FB 251 -79.02 -65.83 -33.40
CA THR FB 251 -79.75 -64.66 -33.87
C THR FB 251 -81.18 -64.74 -33.36
N TYR FB 252 -81.60 -63.71 -32.64
CA TYR FB 252 -82.89 -63.70 -31.99
C TYR FB 252 -83.89 -62.84 -32.77
N ASN FB 253 -85.10 -63.38 -32.94
CA ASN FB 253 -86.20 -62.70 -33.62
C ASN FB 253 -85.89 -62.36 -35.07
N ASN FB 254 -84.86 -62.97 -35.65
CA ASN FB 254 -84.39 -62.65 -37.00
C ASN FB 254 -84.08 -61.16 -37.14
N HIS FB 255 -83.31 -60.66 -36.17
CA HIS FB 255 -82.86 -59.27 -36.12
C HIS FB 255 -83.99 -58.26 -35.99
N LEU FB 256 -85.11 -58.65 -35.39
CA LEU FB 256 -86.28 -57.79 -35.34
C LEU FB 256 -86.71 -57.52 -33.90
N TYR FB 257 -87.43 -56.41 -33.73
CA TYR FB 257 -88.07 -56.14 -32.42
C TYR FB 257 -89.54 -56.48 -32.67
N LYS FB 258 -90.15 -57.30 -31.83
CA LYS FB 258 -91.52 -57.76 -31.96
C LYS FB 258 -92.30 -57.38 -30.72
N GLN FB 259 -93.45 -56.73 -30.92
CA GLN FB 259 -94.35 -56.46 -29.82
C GLN FB 259 -94.98 -57.77 -29.34
N ILE FB 260 -94.94 -57.99 -28.04
CA ILE FB 260 -95.50 -59.20 -27.44
C ILE FB 260 -96.54 -58.80 -26.41
N SER FB 261 -97.50 -59.69 -26.19
CA SER FB 261 -98.56 -59.45 -25.23
C SER FB 261 -99.15 -60.79 -24.82
N SER FB 262 -99.94 -60.76 -23.75
CA SER FB 262 -100.60 -61.96 -23.27
C SER FB 262 -101.61 -62.46 -24.30
N GLN FB 263 -101.80 -63.77 -24.29
CA GLN FB 263 -102.71 -64.38 -25.28
C GLN FB 263 -104.14 -63.96 -24.96
N SER FB 264 -104.96 -63.86 -26.01
CA SER FB 264 -106.40 -63.58 -25.76
C SER FB 264 -106.99 -64.76 -24.99
N GLY FB 265 -107.90 -64.49 -24.07
CA GLY FB 265 -108.51 -65.48 -23.23
C GLY FB 265 -107.79 -65.73 -21.92
N ALA FB 266 -106.62 -65.13 -21.72
CA ALA FB 266 -105.91 -65.27 -20.45
C ALA FB 266 -106.66 -64.53 -19.34
N SER FB 267 -106.41 -64.96 -18.10
CA SER FB 267 -107.02 -64.28 -16.96
C SER FB 267 -106.41 -62.89 -16.81
N ASN FB 268 -107.13 -62.05 -16.04
CA ASN FB 268 -106.66 -60.69 -15.84
C ASN FB 268 -105.33 -60.66 -15.09
N ASP FB 269 -105.11 -61.61 -14.18
CA ASP FB 269 -103.85 -61.65 -13.45
C ASP FB 269 -102.67 -61.97 -14.35
N ASN FB 270 -102.92 -62.67 -15.46
CA ASN FB 270 -101.86 -63.10 -16.36
C ASN FB 270 -101.70 -62.18 -17.58
N HIS FB 271 -102.44 -61.07 -17.64
CA HIS FB 271 -102.33 -60.16 -18.77
C HIS FB 271 -101.03 -59.37 -18.68
N TYR FB 272 -100.41 -59.16 -19.85
CA TYR FB 272 -99.17 -58.39 -19.89
C TYR FB 272 -98.99 -57.82 -21.30
N PHE FB 273 -98.11 -56.83 -21.39
CA PHE FB 273 -97.72 -56.22 -22.65
C PHE FB 273 -96.25 -55.85 -22.57
N GLY FB 274 -95.53 -56.06 -23.65
CA GLY FB 274 -94.10 -55.78 -23.66
C GLY FB 274 -93.53 -55.91 -25.04
N TYR FB 275 -92.20 -55.95 -25.09
CA TYR FB 275 -91.48 -56.05 -26.36
C TYR FB 275 -90.38 -57.08 -26.24
N SER FB 276 -90.16 -57.81 -27.34
CA SER FB 276 -89.07 -58.77 -27.45
C SER FB 276 -87.98 -58.19 -28.33
N THR FB 277 -86.75 -58.21 -27.85
CA THR FB 277 -85.64 -57.60 -28.56
C THR FB 277 -84.76 -58.69 -29.19
N PRO FB 278 -84.04 -58.36 -30.28
CA PRO FB 278 -83.10 -59.33 -30.86
C PRO FB 278 -81.81 -59.47 -30.08
N TRP FB 279 -81.68 -58.81 -28.94
CA TRP FB 279 -80.47 -58.85 -28.15
C TRP FB 279 -80.52 -59.99 -27.13
N GLY FB 280 -79.34 -60.40 -26.68
CA GLY FB 280 -79.19 -61.29 -25.55
C GLY FB 280 -78.52 -60.55 -24.41
N TYR FB 281 -78.47 -61.21 -23.25
CA TYR FB 281 -77.85 -60.61 -22.08
C TYR FB 281 -77.09 -61.67 -21.30
N PHE FB 282 -76.02 -61.24 -20.65
CA PHE FB 282 -75.19 -62.13 -19.83
C PHE FB 282 -75.63 -62.03 -18.38
N ASP FB 283 -76.04 -63.16 -17.81
CA ASP FB 283 -76.55 -63.23 -16.44
C ASP FB 283 -75.60 -64.07 -15.61
N PHE FB 284 -75.10 -63.50 -14.51
CA PHE FB 284 -74.34 -64.24 -13.52
C PHE FB 284 -74.85 -63.94 -12.12
N ASN FB 285 -76.16 -63.73 -11.98
CA ASN FB 285 -76.78 -63.39 -10.70
C ASN FB 285 -77.19 -64.64 -9.93
N ARG FB 286 -76.25 -65.58 -9.78
CA ARG FB 286 -76.45 -66.76 -8.96
C ARG FB 286 -75.11 -67.12 -8.36
N PHE FB 287 -75.11 -67.60 -7.11
CA PHE FB 287 -73.81 -67.83 -6.40
C PHE FB 287 -73.01 -68.97 -7.04
N HIS FB 288 -73.68 -69.96 -7.62
CA HIS FB 288 -73.00 -71.13 -8.23
C HIS FB 288 -72.17 -70.69 -9.45
N CYS FB 289 -72.42 -69.49 -9.98
CA CYS FB 289 -71.69 -68.96 -11.16
C CYS FB 289 -70.29 -68.51 -10.74
N HIS FB 290 -70.06 -68.33 -9.44
CA HIS FB 290 -68.77 -67.84 -8.96
C HIS FB 290 -68.15 -68.74 -7.90
N PHE FB 291 -68.94 -69.43 -7.09
CA PHE FB 291 -68.44 -70.26 -6.01
C PHE FB 291 -68.59 -71.74 -6.37
N SER FB 292 -67.49 -72.49 -6.24
CA SER FB 292 -67.57 -73.93 -6.27
C SER FB 292 -68.18 -74.43 -4.96
N PRO FB 293 -68.71 -75.65 -4.94
CA PRO FB 293 -69.24 -76.19 -3.68
C PRO FB 293 -68.22 -76.21 -2.55
N ARG FB 294 -66.95 -76.52 -2.85
CA ARG FB 294 -65.91 -76.42 -1.83
C ARG FB 294 -65.70 -74.97 -1.39
N ASP FB 295 -65.76 -74.04 -2.34
CA ASP FB 295 -65.67 -72.62 -2.00
C ASP FB 295 -66.83 -72.19 -1.11
N TRP FB 296 -68.04 -72.67 -1.41
CA TRP FB 296 -69.20 -72.36 -0.59
C TRP FB 296 -69.04 -72.94 0.81
N GLN FB 297 -68.55 -74.17 0.93
CA GLN FB 297 -68.35 -74.77 2.24
C GLN FB 297 -67.29 -74.02 3.03
N ARG FB 298 -66.22 -73.58 2.36
CA ARG FB 298 -65.21 -72.76 3.02
C ARG FB 298 -65.77 -71.42 3.46
N LEU FB 299 -66.69 -70.85 2.68
CA LEU FB 299 -67.27 -69.56 3.04
C LEU FB 299 -68.22 -69.68 4.23
N ILE FB 300 -69.11 -70.68 4.21
CA ILE FB 300 -70.20 -70.71 5.18
C ILE FB 300 -69.80 -71.33 6.50
N ASN FB 301 -68.73 -72.13 6.53
CA ASN FB 301 -68.30 -72.77 7.77
C ASN FB 301 -67.35 -71.93 8.60
N ASN FB 302 -66.92 -70.78 8.10
CA ASN FB 302 -65.88 -70.01 8.76
C ASN FB 302 -66.18 -68.52 8.88
N ASN FB 303 -67.22 -68.01 8.24
CA ASN FB 303 -67.49 -66.58 8.20
C ASN FB 303 -68.88 -66.29 8.75
N TRP FB 304 -68.99 -65.19 9.49
CA TRP FB 304 -70.25 -64.69 9.99
C TRP FB 304 -70.98 -63.79 9.01
N GLY FB 305 -70.35 -63.44 7.89
CA GLY FB 305 -70.99 -62.61 6.90
C GLY FB 305 -70.10 -62.40 5.70
N PHE FB 306 -70.72 -61.95 4.61
CA PHE FB 306 -69.99 -61.64 3.39
C PHE FB 306 -70.83 -60.68 2.55
N ARG FB 307 -70.16 -59.97 1.65
CA ARG FB 307 -70.80 -59.03 0.76
C ARG FB 307 -69.90 -58.79 -0.44
N PRO FB 308 -70.47 -58.53 -1.62
CA PRO FB 308 -69.64 -58.21 -2.79
C PRO FB 308 -69.07 -56.81 -2.72
N LYS FB 309 -67.88 -56.67 -3.29
CA LYS FB 309 -67.14 -55.40 -3.27
C LYS FB 309 -66.96 -54.80 -4.65
N ARG FB 310 -66.45 -55.57 -5.61
CA ARG FB 310 -66.26 -55.10 -6.97
C ARG FB 310 -66.22 -56.30 -7.90
N LEU FB 311 -66.47 -56.04 -9.18
CA LEU FB 311 -66.45 -57.10 -10.18
C LEU FB 311 -65.73 -56.63 -11.43
N ASN FB 312 -65.21 -57.60 -12.19
CA ASN FB 312 -64.55 -57.34 -13.50
C ASN FB 312 -65.17 -58.32 -14.49
N PHE FB 313 -65.50 -57.87 -15.70
CA PHE FB 313 -66.18 -58.64 -16.72
C PHE FB 313 -65.37 -58.57 -18.01
N LYS FB 314 -65.31 -59.72 -18.70
CA LYS FB 314 -64.57 -59.75 -19.97
C LYS FB 314 -65.19 -60.68 -21.01
N LEU FB 315 -65.29 -60.23 -22.25
CA LEU FB 315 -65.67 -61.06 -23.39
C LEU FB 315 -64.49 -61.13 -24.34
N PHE FB 316 -64.14 -62.34 -24.79
CA PHE FB 316 -62.95 -62.51 -25.59
C PHE FB 316 -63.07 -63.77 -26.42
N ASN FB 317 -62.12 -63.96 -27.33
CA ASN FB 317 -62.07 -65.11 -28.23
C ASN FB 317 -63.40 -65.27 -28.98
N ILE FB 318 -63.87 -64.15 -29.52
CA ILE FB 318 -65.18 -64.11 -30.17
C ILE FB 318 -65.06 -64.66 -31.59
N GLN FB 319 -65.89 -65.66 -31.90
CA GLN FB 319 -65.93 -66.28 -33.21
C GLN FB 319 -67.34 -66.16 -33.77
N VAL FB 320 -67.47 -65.63 -34.97
CA VAL FB 320 -68.75 -65.55 -35.65
C VAL FB 320 -68.79 -66.65 -36.71
N LYS FB 321 -69.77 -67.52 -36.62
CA LYS FB 321 -69.92 -68.66 -37.51
C LYS FB 321 -71.12 -68.44 -38.42
N GLU FB 322 -70.91 -68.60 -39.72
CA GLU FB 322 -71.98 -68.52 -40.71
C GLU FB 322 -72.52 -69.91 -40.99
N VAL FB 323 -73.84 -70.06 -40.90
CA VAL FB 323 -74.53 -71.33 -41.10
C VAL FB 323 -75.28 -71.28 -42.42
N THR FB 324 -75.09 -72.28 -43.26
CA THR FB 324 -75.79 -72.41 -44.52
C THR FB 324 -76.42 -73.79 -44.61
N GLN FB 325 -77.51 -73.89 -45.36
CA GLN FB 325 -78.24 -75.15 -45.50
C GLN FB 325 -78.60 -75.31 -46.97
N ASN FB 326 -77.92 -76.23 -47.66
CA ASN FB 326 -78.14 -76.47 -49.08
C ASN FB 326 -78.43 -77.94 -49.29
N ASP FB 327 -79.60 -78.24 -49.86
CA ASP FB 327 -80.02 -79.61 -50.17
C ASP FB 327 -79.99 -80.50 -48.92
N GLY FB 328 -80.42 -79.96 -47.79
CA GLY FB 328 -80.50 -80.72 -46.56
C GLY FB 328 -79.20 -80.89 -45.80
N THR FB 329 -78.14 -80.17 -46.19
CA THR FB 329 -76.85 -80.29 -45.54
C THR FB 329 -76.55 -79.00 -44.77
N THR FB 330 -76.19 -79.14 -43.51
CA THR FB 330 -75.83 -78.01 -42.66
C THR FB 330 -74.32 -77.84 -42.67
N THR FB 331 -73.86 -76.70 -43.21
CA THR FB 331 -72.44 -76.39 -43.31
C THR FB 331 -72.16 -75.14 -42.49
N ILE FB 332 -71.15 -75.22 -41.62
CA ILE FB 332 -70.76 -74.12 -40.75
C ILE FB 332 -69.34 -73.70 -41.12
N ALA FB 333 -69.16 -72.41 -41.37
CA ALA FB 333 -67.87 -71.86 -41.74
C ALA FB 333 -67.63 -70.57 -40.95
N ASN FB 334 -66.36 -70.22 -40.80
CA ASN FB 334 -66.01 -69.00 -40.09
C ASN FB 334 -66.39 -67.76 -40.89
N ASN FB 335 -66.74 -66.70 -40.17
CA ASN FB 335 -66.97 -65.37 -40.74
C ASN FB 335 -66.06 -64.42 -39.99
N LEU FB 336 -64.88 -64.16 -40.55
CA LEU FB 336 -63.88 -63.36 -39.85
C LEU FB 336 -64.14 -61.87 -39.90
N THR FB 337 -65.10 -61.42 -40.71
CA THR FB 337 -65.38 -59.99 -40.84
C THR FB 337 -66.66 -59.56 -40.13
N SER FB 338 -67.45 -60.49 -39.60
CA SER FB 338 -68.65 -60.14 -38.89
C SER FB 338 -68.32 -59.68 -37.47
N THR FB 339 -69.23 -58.89 -36.91
CA THR FB 339 -69.05 -58.31 -35.58
C THR FB 339 -70.18 -58.75 -34.65
N VAL FB 340 -69.95 -58.51 -33.36
CA VAL FB 340 -70.99 -58.62 -32.34
C VAL FB 340 -71.01 -57.31 -31.56
N GLN FB 341 -72.20 -56.80 -31.29
CA GLN FB 341 -72.38 -55.54 -30.58
C GLN FB 341 -72.58 -55.81 -29.09
N VAL FB 342 -71.75 -55.19 -28.27
CA VAL FB 342 -71.80 -55.35 -26.82
C VAL FB 342 -71.83 -53.97 -26.17
N PHE FB 343 -72.76 -53.79 -25.24
CA PHE FB 343 -72.76 -52.58 -24.42
C PHE FB 343 -73.35 -52.90 -23.06
N THR FB 344 -72.93 -52.13 -22.06
CA THR FB 344 -73.42 -52.25 -20.70
C THR FB 344 -74.35 -51.09 -20.40
N ASP FB 345 -75.51 -51.39 -19.80
CA ASP FB 345 -76.48 -50.37 -19.44
C ASP FB 345 -76.10 -49.76 -18.09
N SER FB 346 -75.02 -48.97 -18.10
CA SER FB 346 -74.47 -48.42 -16.84
C SER FB 346 -75.29 -47.24 -16.32
N GLU FB 347 -76.14 -46.65 -17.17
CA GLU FB 347 -77.02 -45.59 -16.71
C GLU FB 347 -78.40 -46.10 -16.31
N TYR FB 348 -78.63 -47.41 -16.42
CA TYR FB 348 -79.90 -48.03 -16.02
C TYR FB 348 -81.09 -47.39 -16.72
N GLN FB 349 -80.95 -47.17 -18.02
CA GLN FB 349 -82.02 -46.61 -18.83
C GLN FB 349 -82.93 -47.67 -19.44
N LEU FB 350 -82.59 -48.94 -19.29
CA LEU FB 350 -83.39 -50.05 -19.80
C LEU FB 350 -84.07 -50.79 -18.64
N PRO FB 351 -85.20 -51.43 -18.91
CA PRO FB 351 -85.84 -52.22 -17.85
C PRO FB 351 -84.92 -53.32 -17.34
N TYR FB 352 -84.73 -53.35 -16.03
CA TYR FB 352 -83.80 -54.28 -15.40
C TYR FB 352 -84.48 -55.62 -15.21
N VAL FB 353 -84.16 -56.58 -16.09
CA VAL FB 353 -84.76 -57.91 -16.02
C VAL FB 353 -83.92 -58.89 -15.22
N LEU FB 354 -82.69 -58.53 -14.86
CA LEU FB 354 -81.94 -59.32 -13.91
C LEU FB 354 -82.57 -59.21 -12.53
N GLY FB 355 -82.38 -60.25 -11.72
CA GLY FB 355 -82.98 -60.28 -10.40
C GLY FB 355 -84.39 -60.80 -10.36
N SER FB 356 -84.89 -61.38 -11.45
CA SER FB 356 -86.20 -62.02 -11.47
C SER FB 356 -86.10 -63.54 -11.47
N ALA FB 357 -84.93 -64.08 -11.10
CA ALA FB 357 -84.70 -65.52 -10.99
C ALA FB 357 -84.96 -66.23 -12.32
N HIS FB 358 -84.37 -65.68 -13.38
CA HIS FB 358 -84.54 -66.22 -14.73
C HIS FB 358 -83.42 -67.19 -15.07
N GLN FB 359 -83.77 -68.16 -15.92
CA GLN FB 359 -82.80 -69.13 -16.42
C GLN FB 359 -81.89 -68.47 -17.45
N GLY FB 360 -80.78 -69.14 -17.75
CA GLY FB 360 -79.81 -68.62 -18.69
C GLY FB 360 -78.54 -68.08 -18.08
N CYS FB 361 -78.29 -68.35 -16.80
CA CYS FB 361 -77.09 -67.86 -16.14
C CYS FB 361 -75.86 -68.64 -16.59
N LEU FB 362 -74.72 -68.26 -16.04
CA LEU FB 362 -73.50 -69.04 -16.24
C LEU FB 362 -73.65 -70.38 -15.54
N PRO FB 363 -73.41 -71.49 -16.22
CA PRO FB 363 -73.65 -72.80 -15.60
C PRO FB 363 -72.73 -73.00 -14.41
N PRO FB 364 -73.21 -73.71 -13.37
CA PRO FB 364 -72.35 -73.92 -12.20
C PRO FB 364 -71.08 -74.68 -12.49
N PHE FB 365 -71.11 -75.63 -13.42
CA PHE FB 365 -69.92 -76.38 -13.78
C PHE FB 365 -69.12 -75.65 -14.83
N PRO FB 366 -67.84 -75.38 -14.60
CA PRO FB 366 -67.06 -74.57 -15.55
C PRO FB 366 -66.92 -75.18 -16.93
N ALA FB 367 -67.15 -76.49 -17.08
CA ALA FB 367 -66.98 -77.16 -18.36
C ALA FB 367 -68.23 -77.11 -19.23
N ASP FB 368 -69.34 -76.59 -18.73
CA ASP FB 368 -70.59 -76.55 -19.48
C ASP FB 368 -70.66 -75.33 -20.39
N VAL FB 369 -71.23 -75.51 -21.57
CA VAL FB 369 -71.44 -74.45 -22.54
C VAL FB 369 -72.91 -74.05 -22.50
N PHE FB 370 -73.18 -72.75 -22.45
CA PHE FB 370 -74.52 -72.24 -22.25
C PHE FB 370 -74.92 -71.28 -23.36
N MET FB 371 -76.22 -71.24 -23.64
CA MET FB 371 -76.79 -70.30 -24.59
C MET FB 371 -77.12 -68.98 -23.89
N VAL FB 372 -76.89 -67.88 -24.59
CA VAL FB 372 -77.17 -66.55 -24.06
C VAL FB 372 -78.67 -66.29 -24.12
N PRO FB 373 -79.31 -65.99 -23.00
CA PRO FB 373 -80.77 -65.80 -23.02
C PRO FB 373 -81.17 -64.54 -23.77
N GLN FB 374 -82.37 -64.59 -24.37
CA GLN FB 374 -82.89 -63.47 -25.12
C GLN FB 374 -83.43 -62.39 -24.19
N TYR FB 375 -83.10 -61.14 -24.48
CA TYR FB 375 -83.55 -60.02 -23.66
C TYR FB 375 -84.95 -59.58 -24.07
N GLY FB 376 -85.77 -59.32 -23.06
CA GLY FB 376 -87.12 -58.82 -23.29
C GLY FB 376 -87.63 -58.17 -22.04
N TYR FB 377 -88.56 -57.23 -22.22
CA TYR FB 377 -89.07 -56.45 -21.10
C TYR FB 377 -90.57 -56.27 -21.24
N LEU FB 378 -91.21 -55.96 -20.12
CA LEU FB 378 -92.63 -55.67 -20.07
C LEU FB 378 -92.85 -54.22 -19.68
N THR FB 379 -93.92 -53.64 -20.22
CA THR FB 379 -94.28 -52.27 -19.89
C THR FB 379 -95.73 -52.24 -19.43
N LEU FB 380 -96.29 -51.05 -19.24
CA LEU FB 380 -97.67 -50.90 -18.75
C LEU FB 380 -98.65 -51.56 -19.72
N ASN FB 381 -99.69 -52.20 -19.19
CA ASN FB 381 -100.71 -52.84 -20.05
C ASN FB 381 -102.10 -52.64 -19.46
N ASN FB 382 -103.10 -52.40 -20.30
CA ASN FB 382 -104.50 -52.38 -19.84
C ASN FB 382 -105.08 -53.65 -20.46
N GLY FB 383 -104.90 -54.80 -19.79
CA GLY FB 383 -105.30 -56.06 -20.42
C GLY FB 383 -104.20 -56.52 -21.35
N SER FB 384 -104.55 -57.02 -22.54
CA SER FB 384 -103.54 -57.38 -23.52
C SER FB 384 -103.05 -56.19 -24.32
N GLN FB 385 -103.68 -55.02 -24.18
CA GLN FB 385 -103.32 -53.83 -24.92
C GLN FB 385 -102.34 -52.97 -24.11
N ALA FB 386 -101.88 -51.90 -24.73
CA ALA FB 386 -100.98 -50.95 -24.12
C ALA FB 386 -101.71 -49.64 -23.81
N VAL FB 387 -101.05 -48.80 -23.03
CA VAL FB 387 -101.56 -47.47 -22.72
C VAL FB 387 -100.56 -46.43 -23.24
N GLY FB 388 -100.95 -45.17 -23.13
CA GLY FB 388 -100.09 -44.10 -23.63
C GLY FB 388 -98.80 -43.96 -22.85
N ARG FB 389 -98.79 -44.41 -21.60
CA ARG FB 389 -97.60 -44.33 -20.77
C ARG FB 389 -96.62 -45.48 -21.01
N SER FB 390 -97.01 -46.49 -21.79
CA SER FB 390 -96.11 -47.60 -22.09
C SER FB 390 -94.88 -47.10 -22.85
N SER FB 391 -93.73 -47.63 -22.48
CA SER FB 391 -92.44 -47.20 -23.03
C SER FB 391 -91.89 -48.27 -23.97
N PHE FB 392 -91.32 -47.81 -25.08
CA PHE FB 392 -90.63 -48.66 -26.03
C PHE FB 392 -89.16 -48.29 -26.05
N TYR FB 393 -88.29 -49.30 -26.06
CA TYR FB 393 -86.86 -49.09 -26.02
C TYR FB 393 -86.20 -49.80 -27.18
N CYS FB 394 -85.44 -49.06 -27.98
CA CYS FB 394 -84.60 -49.63 -29.02
C CYS FB 394 -83.17 -49.68 -28.50
N LEU FB 395 -82.62 -50.89 -28.42
CA LEU FB 395 -81.29 -51.08 -27.88
C LEU FB 395 -80.19 -50.67 -28.84
N GLU FB 396 -80.50 -50.46 -30.12
CA GLU FB 396 -79.55 -49.90 -31.06
C GLU FB 396 -79.43 -48.39 -30.93
N TYR FB 397 -80.23 -47.77 -30.05
CA TYR FB 397 -80.18 -46.31 -29.80
C TYR FB 397 -79.16 -46.04 -28.69
N PHE FB 398 -78.48 -47.07 -28.21
CA PHE FB 398 -77.40 -47.00 -27.26
C PHE FB 398 -76.06 -47.13 -27.96
N PRO FB 399 -75.03 -46.44 -27.49
CA PRO FB 399 -73.68 -46.67 -28.04
C PRO FB 399 -73.17 -48.05 -27.63
N SER FB 400 -72.79 -48.85 -28.61
CA SER FB 400 -72.30 -50.19 -28.37
C SER FB 400 -70.95 -50.38 -29.04
N GLN FB 401 -70.18 -51.33 -28.53
CA GLN FB 401 -68.86 -51.64 -29.04
C GLN FB 401 -68.96 -52.83 -29.99
N MET FB 402 -68.40 -52.67 -31.19
CA MET FB 402 -68.44 -53.70 -32.22
C MET FB 402 -67.15 -54.50 -32.17
N LEU FB 403 -67.28 -55.83 -32.08
CA LEU FB 403 -66.14 -56.72 -31.87
C LEU FB 403 -66.06 -57.74 -33.00
N ARG FB 404 -64.96 -57.72 -33.75
CA ARG FB 404 -64.67 -58.77 -34.71
C ARG FB 404 -63.92 -59.90 -33.99
N THR FB 405 -63.54 -60.93 -34.75
CA THR FB 405 -62.68 -61.99 -34.17
C THR FB 405 -61.32 -61.36 -33.91
N GLY FB 406 -60.89 -61.33 -32.67
CA GLY FB 406 -59.67 -60.68 -32.26
C GLY FB 406 -59.87 -59.47 -31.39
N ASN FB 407 -61.10 -58.99 -31.26
CA ASN FB 407 -61.43 -57.90 -30.34
C ASN FB 407 -62.01 -58.46 -29.05
N ASN FB 408 -61.79 -57.74 -27.95
CA ASN FB 408 -62.32 -58.13 -26.66
C ASN FB 408 -63.04 -56.96 -26.02
N PHE FB 409 -63.91 -57.28 -25.07
CA PHE FB 409 -64.68 -56.30 -24.34
C PHE FB 409 -64.41 -56.48 -22.84
N THR FB 410 -64.37 -55.37 -22.11
CA THR FB 410 -64.15 -55.44 -20.67
C THR FB 410 -64.77 -54.23 -20.01
N PHE FB 411 -65.15 -54.39 -18.74
CA PHE FB 411 -65.59 -53.28 -17.92
C PHE FB 411 -65.50 -53.68 -16.46
N SER FB 412 -65.34 -52.68 -15.60
CA SER FB 412 -65.23 -52.88 -14.17
C SER FB 412 -66.36 -52.17 -13.45
N TYR FB 413 -66.84 -52.78 -12.37
CA TYR FB 413 -67.95 -52.25 -11.60
C TYR FB 413 -67.61 -52.35 -10.12
N THR FB 414 -68.03 -51.34 -9.35
CA THR FB 414 -67.84 -51.35 -7.91
C THR FB 414 -69.20 -51.40 -7.24
N PHE FB 415 -69.39 -52.40 -6.36
CA PHE FB 415 -70.62 -52.50 -5.61
C PHE FB 415 -70.73 -51.35 -4.60
N GLU FB 416 -71.96 -50.89 -4.39
CA GLU FB 416 -72.20 -49.93 -3.33
C GLU FB 416 -72.10 -50.62 -1.97
N ASP FB 417 -72.01 -49.80 -0.93
CA ASP FB 417 -71.93 -50.33 0.43
C ASP FB 417 -73.25 -51.00 0.79
N VAL FB 418 -73.17 -52.27 1.17
CA VAL FB 418 -74.36 -53.04 1.55
C VAL FB 418 -74.06 -53.80 2.83
N PRO FB 419 -75.08 -54.12 3.61
CA PRO FB 419 -74.86 -54.90 4.83
C PRO FB 419 -74.33 -56.29 4.52
N PHE FB 420 -73.50 -56.81 5.43
CA PHE FB 420 -73.07 -58.19 5.33
C PHE FB 420 -74.26 -59.12 5.44
N HIS FB 421 -74.29 -60.15 4.60
CA HIS FB 421 -75.31 -61.18 4.74
C HIS FB 421 -75.11 -61.92 6.05
N SER FB 422 -76.23 -62.13 6.75
CA SER FB 422 -76.19 -62.84 8.06
C SER FB 422 -76.00 -64.34 7.84
N SER FB 423 -74.76 -64.77 7.60
CA SER FB 423 -74.47 -66.19 7.41
C SER FB 423 -74.26 -66.90 8.74
N TYR FB 424 -75.24 -66.75 9.63
CA TYR FB 424 -75.21 -67.35 10.94
C TYR FB 424 -76.64 -67.62 11.40
N ALA FB 425 -76.78 -68.52 12.36
CA ALA FB 425 -78.04 -68.77 13.03
C ALA FB 425 -77.92 -68.35 14.49
N HIS FB 426 -78.93 -67.66 14.99
CA HIS FB 426 -78.89 -67.22 16.38
C HIS FB 426 -78.99 -68.41 17.33
N SER FB 427 -78.10 -68.45 18.32
CA SER FB 427 -78.11 -69.47 19.34
C SER FB 427 -79.01 -69.09 20.52
N GLN FB 428 -79.66 -67.94 20.47
CA GLN FB 428 -80.64 -67.53 21.46
C GLN FB 428 -81.95 -67.20 20.76
N SER FB 429 -83.05 -67.41 21.48
CA SER FB 429 -84.36 -67.03 21.00
C SER FB 429 -84.74 -65.66 21.55
N LEU FB 430 -85.55 -64.94 20.79
CA LEU FB 430 -85.93 -63.58 21.19
C LEU FB 430 -86.76 -63.57 22.46
N ASP FB 431 -87.41 -64.69 22.79
CA ASP FB 431 -88.28 -64.76 24.00
C ASP FB 431 -87.52 -65.41 25.16
N ARG FB 432 -86.22 -65.70 24.98
CA ARG FB 432 -85.40 -66.34 26.00
C ARG FB 432 -84.09 -65.59 26.17
N LEU FB 433 -84.17 -64.26 26.27
CA LEU FB 433 -82.99 -63.41 26.39
C LEU FB 433 -82.69 -62.99 27.83
N MET FB 434 -83.41 -63.54 28.79
CA MET FB 434 -83.29 -63.12 30.18
C MET FB 434 -82.33 -64.00 30.96
N ASN FB 435 -82.12 -63.64 32.23
CA ASN FB 435 -81.36 -64.46 33.15
C ASN FB 435 -82.33 -65.36 33.90
N PRO FB 436 -82.28 -66.68 33.72
CA PRO FB 436 -83.27 -67.56 34.36
C PRO FB 436 -83.13 -67.67 35.85
N LEU FB 437 -82.03 -67.17 36.43
CA LEU FB 437 -81.78 -67.31 37.86
C LEU FB 437 -82.36 -66.17 38.68
N ILE FB 438 -82.56 -65.00 38.10
CA ILE FB 438 -82.96 -63.81 38.82
C ILE FB 438 -84.36 -63.42 38.38
N ASP FB 439 -85.22 -63.11 39.35
CA ASP FB 439 -86.55 -62.61 39.04
C ASP FB 439 -86.48 -61.18 38.54
N GLN FB 440 -87.52 -60.78 37.81
CA GLN FB 440 -87.66 -59.40 37.39
C GLN FB 440 -88.24 -58.56 38.52
N TYR FB 441 -87.87 -57.28 38.54
CA TYR FB 441 -88.48 -56.36 39.49
C TYR FB 441 -89.81 -55.81 39.01
N LEU FB 442 -90.14 -56.00 37.74
CA LEU FB 442 -91.42 -55.54 37.21
C LEU FB 442 -92.51 -56.56 37.52
N TYR FB 443 -93.73 -56.07 37.64
CA TYR FB 443 -94.89 -56.89 37.95
C TYR FB 443 -95.79 -57.03 36.72
N TYR FB 444 -96.49 -58.15 36.64
CA TYR FB 444 -97.48 -58.38 35.61
C TYR FB 444 -98.76 -58.90 36.25
N LEU FB 445 -99.89 -58.61 35.62
CA LEU FB 445 -101.18 -59.09 36.10
C LEU FB 445 -101.23 -60.60 35.94
N SER FB 446 -101.16 -61.32 37.05
CA SER FB 446 -101.13 -62.77 37.04
C SER FB 446 -102.48 -63.42 37.33
N ARG FB 447 -103.28 -62.75 38.13
CA ARG FB 447 -104.63 -63.29 38.44
C ARG FB 447 -105.68 -62.20 38.29
N THR FB 448 -106.88 -62.60 37.90
CA THR FB 448 -107.99 -61.66 37.74
C THR FB 448 -109.16 -61.93 38.68
N ASN FB 449 -109.12 -63.00 39.46
CA ASN FB 449 -110.16 -63.28 40.44
C ASN FB 449 -109.58 -64.14 41.55
N THR FB 450 -110.32 -64.23 42.65
CA THR FB 450 -109.94 -65.06 43.78
C THR FB 450 -111.15 -65.84 44.27
N PRO FB 451 -110.97 -67.03 44.90
CA PRO FB 451 -112.10 -67.76 45.46
C PRO FB 451 -112.79 -66.89 46.52
N SER FB 452 -114.10 -66.66 46.36
CA SER FB 452 -114.86 -65.91 47.38
C SER FB 452 -116.08 -66.75 47.79
N GLY FB 453 -116.18 -67.11 49.07
CA GLY FB 453 -117.27 -68.01 49.49
C GLY FB 453 -117.20 -69.32 48.74
N THR FB 454 -118.30 -69.71 48.08
CA THR FB 454 -118.32 -70.94 47.26
C THR FB 454 -118.38 -70.52 45.78
N THR FB 455 -118.32 -69.21 45.52
CA THR FB 455 -118.30 -68.71 44.12
C THR FB 455 -116.94 -68.06 43.85
N THR FB 456 -116.87 -67.11 42.92
CA THR FB 456 -115.61 -66.38 42.65
C THR FB 456 -115.85 -64.88 42.75
N GLN FB 457 -114.81 -64.12 43.06
CA GLN FB 457 -114.94 -62.66 43.14
C GLN FB 457 -113.79 -62.03 42.37
N SER FB 458 -114.10 -60.95 41.63
CA SER FB 458 -113.08 -60.27 40.84
C SER FB 458 -112.06 -59.60 41.74
N ARG FB 459 -110.78 -59.86 41.47
CA ARG FB 459 -109.69 -59.32 42.28
C ARG FB 459 -108.42 -59.39 41.48
N LEU FB 460 -107.78 -58.24 41.25
CA LEU FB 460 -106.55 -58.19 40.48
C LEU FB 460 -105.35 -58.48 41.37
N GLN FB 461 -104.45 -59.35 40.89
CA GLN FB 461 -103.21 -59.65 41.58
C GLN FB 461 -102.06 -59.60 40.59
N PHE FB 462 -100.87 -59.29 41.12
CA PHE FB 462 -99.69 -59.10 40.30
C PHE FB 462 -98.52 -59.91 40.86
N SER FB 463 -97.67 -60.39 39.96
CA SER FB 463 -96.53 -61.21 40.34
C SER FB 463 -95.30 -60.74 39.59
N GLN FB 464 -94.13 -61.05 40.15
CA GLN FB 464 -92.87 -60.82 39.47
C GLN FB 464 -92.49 -62.07 38.70
N ALA FB 465 -92.11 -61.90 37.44
CA ALA FB 465 -91.86 -63.03 36.56
C ALA FB 465 -90.45 -63.58 36.77
N GLY FB 466 -90.35 -64.90 36.81
CA GLY FB 466 -89.08 -65.60 36.92
C GLY FB 466 -88.99 -66.69 35.88
N ALA FB 467 -88.35 -67.81 36.27
CA ALA FB 467 -88.17 -68.92 35.34
C ALA FB 467 -89.44 -69.76 35.20
N SER FB 468 -90.20 -69.92 36.28
CA SER FB 468 -91.38 -70.79 36.24
C SER FB 468 -92.48 -70.20 35.37
N ASP FB 469 -92.61 -68.87 35.35
CA ASP FB 469 -93.59 -68.19 34.51
C ASP FB 469 -92.86 -67.33 33.49
N ILE FB 470 -91.85 -67.92 32.85
CA ILE FB 470 -90.95 -67.22 31.95
C ILE FB 470 -91.69 -66.59 30.77
N ARG FB 471 -92.88 -67.09 30.43
CA ARG FB 471 -93.62 -66.53 29.31
C ARG FB 471 -94.19 -65.15 29.60
N ASP FB 472 -94.30 -64.77 30.87
CA ASP FB 472 -94.91 -63.51 31.27
C ASP FB 472 -93.88 -62.40 31.52
N GLN FB 473 -92.60 -62.66 31.25
CA GLN FB 473 -91.57 -61.69 31.54
C GLN FB 473 -91.69 -60.48 30.63
N SER FB 474 -91.45 -59.29 31.19
CA SER FB 474 -91.43 -58.07 30.41
C SER FB 474 -90.23 -58.07 29.47
N ARG FB 475 -90.45 -57.68 28.22
CA ARG FB 475 -89.44 -57.76 27.19
C ARG FB 475 -89.35 -56.44 26.44
N ASN FB 476 -88.21 -56.23 25.78
CA ASN FB 476 -87.92 -54.98 25.10
C ASN FB 476 -88.16 -55.06 23.59
N TRP FB 477 -88.31 -56.25 23.03
CA TRP FB 477 -88.34 -56.43 21.58
C TRP FB 477 -89.50 -57.33 21.18
N LEU FB 478 -89.80 -57.34 19.89
CA LEU FB 478 -90.89 -58.09 19.30
C LEU FB 478 -90.39 -58.85 18.08
N PRO FB 479 -91.02 -59.98 17.75
CA PRO FB 479 -90.66 -60.70 16.52
C PRO FB 479 -91.03 -59.91 15.28
N GLY FB 480 -90.32 -60.19 14.19
CA GLY FB 480 -90.47 -59.46 12.96
C GLY FB 480 -91.85 -59.58 12.33
N PRO FB 481 -92.06 -58.85 11.24
CA PRO FB 481 -93.40 -58.82 10.62
C PRO FB 481 -93.75 -60.15 9.96
N CYS FB 482 -95.06 -60.30 9.76
CA CYS FB 482 -95.62 -61.58 9.29
C CYS FB 482 -96.64 -61.36 8.17
N TYR FB 483 -96.74 -62.31 7.24
CA TYR FB 483 -97.79 -62.31 6.21
C TYR FB 483 -98.14 -63.77 5.99
N ARG FB 484 -99.19 -64.24 6.67
CA ARG FB 484 -99.39 -65.67 6.88
C ARG FB 484 -99.51 -66.44 5.57
N GLN FB 485 -98.88 -67.61 5.54
CA GLN FB 485 -98.93 -68.53 4.41
C GLN FB 485 -99.68 -69.78 4.80
N GLN FB 486 -100.28 -70.44 3.80
CA GLN FB 486 -100.91 -71.73 4.05
C GLN FB 486 -99.86 -72.81 4.26
N ARG FB 487 -100.16 -73.75 5.13
CA ARG FB 487 -99.25 -74.83 5.47
C ARG FB 487 -99.54 -76.05 4.61
N VAL FB 488 -98.48 -76.55 3.98
CA VAL FB 488 -98.55 -77.78 3.14
C VAL FB 488 -97.54 -78.77 3.72
N SER FB 489 -97.78 -80.06 3.56
CA SER FB 489 -96.91 -81.11 4.08
C SER FB 489 -96.23 -81.85 2.94
N LYS FB 490 -94.97 -82.24 3.19
CA LYS FB 490 -94.21 -83.02 2.17
C LYS FB 490 -94.82 -84.43 2.08
N THR FB 491 -95.45 -84.91 3.14
CA THR FB 491 -96.19 -86.20 3.08
C THR FB 491 -97.51 -85.91 2.38
N SER FB 492 -97.73 -86.47 1.20
CA SER FB 492 -98.93 -86.12 0.39
C SER FB 492 -100.25 -86.40 1.12
N ALA FB 493 -100.39 -87.56 1.75
CA ALA FB 493 -101.66 -87.91 2.37
C ALA FB 493 -102.10 -86.87 3.39
N ASP FB 494 -101.15 -86.15 3.98
CA ASP FB 494 -101.48 -85.17 5.02
C ASP FB 494 -102.17 -83.92 4.47
N ASN FB 495 -102.17 -83.72 3.16
CA ASN FB 495 -102.73 -82.52 2.55
C ASN FB 495 -104.20 -82.73 2.22
N ASN FB 496 -104.92 -81.61 2.12
CA ASN FB 496 -106.32 -81.65 1.77
C ASN FB 496 -106.49 -82.12 0.33
N ASN FB 497 -107.52 -82.95 0.10
CA ASN FB 497 -107.79 -83.51 -1.22
C ASN FB 497 -108.63 -82.52 -2.02
N SER FB 498 -107.98 -81.43 -2.44
CA SER FB 498 -108.62 -80.40 -3.23
C SER FB 498 -107.54 -79.60 -3.94
N GLU FB 499 -107.99 -78.76 -4.89
CA GLU FB 499 -107.07 -77.86 -5.62
C GLU FB 499 -107.09 -76.52 -4.91
N TYR FB 500 -106.05 -76.23 -4.13
CA TYR FB 500 -105.97 -75.01 -3.34
C TYR FB 500 -104.66 -74.24 -3.59
N SER FB 501 -104.01 -74.48 -4.73
CA SER FB 501 -102.77 -73.77 -5.01
C SER FB 501 -102.99 -72.29 -5.27
N TRP FB 502 -104.21 -71.87 -5.57
CA TRP FB 502 -104.52 -70.46 -5.77
C TRP FB 502 -105.59 -69.94 -4.82
N THR FB 503 -106.62 -70.74 -4.54
CA THR FB 503 -107.66 -70.30 -3.61
C THR FB 503 -107.10 -70.08 -2.22
N GLY FB 504 -106.25 -70.99 -1.75
CA GLY FB 504 -105.59 -70.87 -0.47
C GLY FB 504 -104.27 -70.16 -0.51
N ALA FB 505 -103.88 -69.60 -1.65
CA ALA FB 505 -102.59 -68.95 -1.81
C ALA FB 505 -102.59 -67.57 -1.16
N THR FB 506 -101.40 -67.14 -0.75
CA THR FB 506 -101.19 -65.80 -0.22
C THR FB 506 -100.89 -64.84 -1.36
N LYS FB 507 -101.68 -63.78 -1.47
CA LYS FB 507 -101.65 -62.91 -2.64
C LYS FB 507 -101.62 -61.46 -2.22
N TYR FB 508 -101.11 -60.61 -3.11
CA TYR FB 508 -101.24 -59.17 -2.99
C TYR FB 508 -101.98 -58.63 -4.21
N HIS FB 509 -102.79 -57.61 -3.99
CA HIS FB 509 -103.66 -57.05 -5.01
C HIS FB 509 -103.07 -55.74 -5.50
N LEU FB 510 -102.88 -55.62 -6.81
CA LEU FB 510 -102.25 -54.45 -7.41
C LEU FB 510 -102.94 -54.15 -8.74
N ASN FB 511 -103.62 -53.00 -8.82
CA ASN FB 511 -104.28 -52.55 -10.04
C ASN FB 511 -105.28 -53.59 -10.55
N GLY FB 512 -106.02 -54.21 -9.62
CA GLY FB 512 -107.02 -55.17 -9.98
C GLY FB 512 -106.52 -56.56 -10.32
N ARG FB 513 -105.21 -56.77 -10.22
CA ARG FB 513 -104.68 -58.14 -10.50
C ARG FB 513 -104.02 -58.75 -9.26
N ASP FB 514 -104.31 -60.01 -8.99
CA ASP FB 514 -103.73 -60.76 -7.88
C ASP FB 514 -102.41 -61.38 -8.32
N SER FB 515 -101.35 -61.13 -7.56
CA SER FB 515 -100.05 -61.74 -7.79
C SER FB 515 -99.71 -62.63 -6.60
N LEU FB 516 -99.11 -63.78 -6.89
CA LEU FB 516 -98.69 -64.69 -5.82
C LEU FB 516 -97.58 -64.05 -5.00
N VAL FB 517 -97.68 -64.17 -3.68
CA VAL FB 517 -96.64 -63.72 -2.78
C VAL FB 517 -95.65 -64.87 -2.63
N ASN FB 518 -94.51 -64.77 -3.30
CA ASN FB 518 -93.56 -65.86 -3.39
C ASN FB 518 -92.15 -65.30 -3.53
N PRO FB 519 -91.27 -65.50 -2.55
CA PRO FB 519 -91.49 -66.20 -1.27
C PRO FB 519 -92.03 -65.28 -0.18
N GLY FB 520 -92.11 -63.98 -0.44
CA GLY FB 520 -92.67 -63.04 0.51
C GLY FB 520 -91.71 -62.67 1.62
N PRO FB 521 -92.26 -62.08 2.69
CA PRO FB 521 -91.41 -61.68 3.82
C PRO FB 521 -90.73 -62.88 4.46
N ALA FB 522 -89.51 -62.66 4.96
CA ALA FB 522 -88.73 -63.73 5.54
C ALA FB 522 -89.37 -64.24 6.81
N MET FB 523 -89.78 -65.51 6.80
CA MET FB 523 -90.43 -66.13 7.95
C MET FB 523 -89.95 -67.56 8.07
N ALA FB 524 -90.01 -68.09 9.29
CA ALA FB 524 -89.58 -69.46 9.53
C ALA FB 524 -90.50 -70.45 8.82
N SER FB 525 -89.88 -71.46 8.20
CA SER FB 525 -90.66 -72.46 7.47
C SER FB 525 -91.56 -73.25 8.40
N HIS FB 526 -91.06 -73.59 9.59
CA HIS FB 526 -91.81 -74.43 10.51
C HIS FB 526 -91.26 -74.24 11.92
N LYS FB 527 -92.03 -74.69 12.90
CA LYS FB 527 -91.62 -74.64 14.29
C LYS FB 527 -90.85 -75.91 14.64
N ASP FB 528 -90.60 -76.13 15.94
CA ASP FB 528 -89.85 -77.31 16.36
C ASP FB 528 -90.56 -78.59 15.98
N ASP FB 529 -89.78 -79.56 15.49
CA ASP FB 529 -90.27 -80.92 15.21
C ASP FB 529 -91.42 -80.92 14.21
N GLU FB 530 -91.35 -80.04 13.21
CA GLU FB 530 -92.35 -79.98 12.15
C GLU FB 530 -91.66 -79.77 10.81
N GLU FB 531 -90.56 -80.47 10.58
CA GLU FB 531 -89.76 -80.27 9.37
C GLU FB 531 -90.50 -80.69 8.11
N LYS FB 532 -91.55 -81.49 8.22
CA LYS FB 532 -92.31 -81.89 7.05
C LYS FB 532 -93.22 -80.79 6.53
N PHE FB 533 -93.43 -79.73 7.29
CA PHE FB 533 -94.32 -78.65 6.91
C PHE FB 533 -93.53 -77.48 6.35
N PHE FB 534 -94.02 -76.91 5.25
CA PHE FB 534 -93.43 -75.73 4.65
C PHE FB 534 -94.54 -74.81 4.16
N PRO FB 535 -94.29 -73.51 4.11
CA PRO FB 535 -95.30 -72.59 3.57
C PRO FB 535 -95.56 -72.85 2.10
N GLN FB 536 -96.80 -72.59 1.70
CA GLN FB 536 -97.22 -72.94 0.34
C GLN FB 536 -96.42 -72.21 -0.72
N SER FB 537 -96.17 -70.92 -0.50
CA SER FB 537 -95.33 -70.13 -1.41
C SER FB 537 -94.37 -69.25 -0.62
N GLY FB 538 -93.88 -69.76 0.51
CA GLY FB 538 -93.00 -69.00 1.38
C GLY FB 538 -91.56 -69.42 1.39
N VAL FB 539 -91.14 -70.37 0.57
CA VAL FB 539 -89.76 -70.82 0.51
C VAL FB 539 -89.33 -70.91 -0.95
N LEU FB 540 -88.03 -70.79 -1.19
CA LEU FB 540 -87.49 -71.04 -2.51
C LEU FB 540 -87.50 -72.53 -2.80
N ILE FB 541 -87.90 -72.88 -4.02
CA ILE FB 541 -87.95 -74.28 -4.46
C ILE FB 541 -87.06 -74.39 -5.69
N PHE FB 542 -85.98 -75.16 -5.57
CA PHE FB 542 -85.05 -75.39 -6.66
C PHE FB 542 -85.33 -76.74 -7.30
N GLY FB 543 -85.13 -76.81 -8.62
CA GLY FB 543 -85.33 -78.04 -9.35
C GLY FB 543 -84.08 -78.90 -9.34
N LYS FB 544 -84.28 -80.21 -9.20
CA LYS FB 544 -83.18 -81.15 -9.34
C LYS FB 544 -82.76 -81.23 -10.80
N GLN FB 545 -81.62 -81.86 -11.05
CA GLN FB 545 -81.12 -81.99 -12.41
C GLN FB 545 -82.09 -82.82 -13.25
N GLY FB 546 -82.40 -82.32 -14.43
CA GLY FB 546 -83.31 -83.00 -15.33
C GLY FB 546 -84.78 -82.76 -15.07
N SER FB 547 -85.10 -81.86 -14.14
CA SER FB 547 -86.51 -81.61 -13.76
C SER FB 547 -87.23 -80.85 -14.88
N GLU FB 548 -88.48 -81.22 -15.17
CA GLU FB 548 -89.25 -80.56 -16.21
C GLU FB 548 -89.75 -79.20 -15.72
N LYS FB 549 -90.64 -78.60 -16.50
CA LYS FB 549 -91.11 -77.25 -16.20
C LYS FB 549 -92.46 -77.24 -15.51
N THR FB 550 -93.38 -78.12 -15.91
CA THR FB 550 -94.76 -78.06 -15.47
C THR FB 550 -95.12 -79.30 -14.65
N ASN FB 551 -95.64 -79.06 -13.45
CA ASN FB 551 -96.27 -80.10 -12.62
C ASN FB 551 -95.33 -81.27 -12.35
N VAL FB 552 -94.12 -80.97 -11.90
CA VAL FB 552 -93.20 -82.00 -11.47
C VAL FB 552 -93.54 -82.41 -10.04
N ASP FB 553 -93.22 -83.65 -9.69
CA ASP FB 553 -93.54 -84.16 -8.38
C ASP FB 553 -92.63 -83.54 -7.31
N ILE FB 554 -92.96 -83.79 -6.05
CA ILE FB 554 -92.19 -83.22 -4.95
C ILE FB 554 -90.79 -83.82 -4.90
N GLU FB 555 -90.64 -85.10 -5.30
CA GLU FB 555 -89.33 -85.72 -5.32
C GLU FB 555 -88.43 -85.17 -6.41
N LYS FB 556 -88.97 -84.40 -7.35
CA LYS FB 556 -88.19 -83.77 -8.40
C LYS FB 556 -87.66 -82.39 -8.01
N VAL FB 557 -88.07 -81.86 -6.86
CA VAL FB 557 -87.68 -80.53 -6.44
C VAL FB 557 -87.06 -80.61 -5.05
N MET FB 558 -86.26 -79.60 -4.72
CA MET FB 558 -85.61 -79.47 -3.42
C MET FB 558 -86.14 -78.21 -2.76
N ILE FB 559 -86.86 -78.39 -1.65
CA ILE FB 559 -87.50 -77.29 -0.95
C ILE FB 559 -86.57 -76.80 0.15
N THR FB 560 -86.30 -75.48 0.15
CA THR FB 560 -85.40 -74.91 1.13
C THR FB 560 -86.08 -74.77 2.49
N ASP FB 561 -85.25 -74.58 3.50
CA ASP FB 561 -85.77 -74.45 4.88
C ASP FB 561 -85.20 -73.18 5.51
N GLU FB 562 -86.05 -72.38 6.13
CA GLU FB 562 -85.68 -71.16 6.81
C GLU FB 562 -85.92 -71.28 8.31
N GLU FB 563 -85.54 -72.43 8.88
CA GLU FB 563 -85.76 -72.67 10.30
C GLU FB 563 -84.74 -71.96 11.18
N GLU FB 564 -83.60 -71.54 10.63
CA GLU FB 564 -82.58 -70.90 11.45
C GLU FB 564 -83.01 -69.52 11.93
N ILE FB 565 -84.06 -68.94 11.35
CA ILE FB 565 -84.51 -67.61 11.71
C ILE FB 565 -85.76 -67.63 12.59
N ARG FB 566 -86.17 -68.81 13.05
CA ARG FB 566 -87.33 -68.89 13.93
C ARG FB 566 -87.05 -68.35 15.31
N THR FB 567 -85.79 -68.02 15.63
CA THR FB 567 -85.47 -67.38 16.90
C THR FB 567 -86.04 -65.97 16.98
N THR FB 568 -86.07 -65.24 15.85
CA THR FB 568 -86.58 -63.88 15.82
C THR FB 568 -87.75 -63.67 14.88
N ASN FB 569 -87.99 -64.57 13.94
CA ASN FB 569 -89.05 -64.38 12.95
C ASN FB 569 -90.20 -65.33 13.22
N PRO FB 570 -91.44 -64.87 13.05
CA PRO FB 570 -92.59 -65.75 13.27
C PRO FB 570 -92.64 -66.86 12.23
N VAL FB 571 -93.24 -67.99 12.63
CA VAL FB 571 -93.44 -69.09 11.71
C VAL FB 571 -94.41 -68.66 10.62
N ALA FB 572 -94.09 -69.02 9.38
CA ALA FB 572 -94.83 -68.51 8.23
C ALA FB 572 -96.29 -68.95 8.25
N THR FB 573 -96.55 -70.17 8.71
CA THR FB 573 -97.89 -70.75 8.63
C THR FB 573 -98.73 -70.48 9.87
N GLU FB 574 -98.21 -69.74 10.84
CA GLU FB 574 -98.93 -69.47 12.08
C GLU FB 574 -99.15 -67.97 12.22
N GLN FB 575 -100.02 -67.62 13.17
CA GLN FB 575 -100.33 -66.22 13.42
C GLN FB 575 -99.14 -65.54 14.12
N TYR FB 576 -99.07 -64.22 13.94
CA TYR FB 576 -98.07 -63.44 14.67
C TYR FB 576 -98.35 -63.47 16.17
N GLY FB 577 -99.61 -63.36 16.56
CA GLY FB 577 -99.95 -63.30 17.96
C GLY FB 577 -101.44 -63.04 18.14
N SER FB 578 -101.78 -62.49 19.29
CA SER FB 578 -103.17 -62.18 19.61
C SER FB 578 -103.27 -60.76 20.16
N VAL FB 579 -104.40 -60.11 19.84
CA VAL FB 579 -104.71 -58.78 20.33
C VAL FB 579 -106.12 -58.78 20.89
N SER FB 580 -106.38 -57.84 21.78
CA SER FB 580 -107.72 -57.68 22.33
C SER FB 580 -108.65 -57.04 21.29
N THR FB 581 -109.92 -57.44 21.33
CA THR FB 581 -110.90 -56.94 20.38
C THR FB 581 -112.08 -56.24 21.03
N ASN FB 582 -112.19 -56.25 22.36
CA ASN FB 582 -113.30 -55.62 23.04
C ASN FB 582 -112.80 -55.06 24.37
N LEU FB 583 -113.74 -54.64 25.21
CA LEU FB 583 -113.45 -54.12 26.54
C LEU FB 583 -114.19 -54.97 27.57
N GLN FB 584 -113.45 -55.75 28.33
CA GLN FB 584 -114.04 -56.57 29.38
C GLN FB 584 -114.60 -55.68 30.49
N ARG FB 585 -115.69 -56.17 31.07
CA ARG FB 585 -116.39 -55.37 32.11
C ARG FB 585 -117.24 -56.31 32.95
N GLY FB 586 -117.31 -56.06 34.26
CA GLY FB 586 -118.16 -56.83 35.14
C GLY FB 586 -119.56 -56.23 35.25
N ASN FB 587 -120.37 -56.85 36.12
CA ASN FB 587 -121.78 -56.43 36.26
C ASN FB 587 -121.87 -55.13 37.08
N THR FB 594 -124.48 -55.48 31.26
CA THR FB 594 -124.21 -56.90 31.65
C THR FB 594 -122.70 -57.12 31.66
N SER FB 595 -122.23 -58.34 31.98
CA SER FB 595 -120.79 -58.49 31.91
C SER FB 595 -120.35 -58.90 30.51
N ARG FB 596 -119.13 -58.51 30.16
CA ARG FB 596 -118.51 -58.87 28.88
C ARG FB 596 -117.14 -59.47 29.16
N GLN FB 597 -116.91 -60.67 28.65
CA GLN FB 597 -115.63 -61.34 28.85
C GLN FB 597 -114.62 -60.89 27.80
N ALA FB 598 -113.36 -60.88 28.19
CA ALA FB 598 -112.29 -60.43 27.29
C ALA FB 598 -112.19 -61.36 26.08
N ALA FB 599 -112.04 -60.76 24.91
CA ALA FB 599 -111.97 -61.48 23.65
C ALA FB 599 -110.67 -61.14 22.94
N THR FB 600 -110.14 -62.13 22.21
CA THR FB 600 -108.90 -61.97 21.47
C THR FB 600 -109.07 -62.48 20.06
N ALA FB 601 -108.24 -61.99 19.15
CA ALA FB 601 -108.24 -62.41 17.76
C ALA FB 601 -106.82 -62.69 17.30
N ASP FB 602 -106.69 -63.62 16.37
CA ASP FB 602 -105.39 -63.92 15.78
C ASP FB 602 -104.98 -62.80 14.83
N VAL FB 603 -103.68 -62.52 14.81
CA VAL FB 603 -103.11 -61.50 13.93
C VAL FB 603 -102.41 -62.25 12.81
N ASN FB 604 -103.14 -62.48 11.72
CA ASN FB 604 -102.59 -63.20 10.58
C ASN FB 604 -101.67 -62.35 9.72
N THR FB 605 -101.78 -61.02 9.82
CA THR FB 605 -100.88 -60.11 9.13
C THR FB 605 -100.46 -59.02 10.08
N GLN FB 606 -99.16 -58.80 10.20
CA GLN FB 606 -98.61 -57.82 11.13
C GLN FB 606 -97.59 -56.95 10.40
N GLY FB 607 -97.85 -55.64 10.38
CA GLY FB 607 -96.88 -54.70 9.86
C GLY FB 607 -95.76 -54.45 10.84
N VAL FB 608 -94.80 -53.64 10.40
CA VAL FB 608 -93.63 -53.34 11.23
C VAL FB 608 -94.04 -52.44 12.38
N LEU FB 609 -93.65 -52.82 13.58
CA LEU FB 609 -93.87 -52.06 14.80
C LEU FB 609 -92.53 -51.57 15.37
N PRO FB 610 -92.53 -50.46 16.10
CA PRO FB 610 -91.29 -50.05 16.78
C PRO FB 610 -90.82 -51.11 17.76
N GLY FB 611 -89.52 -51.32 17.79
CA GLY FB 611 -88.93 -52.36 18.61
C GLY FB 611 -88.90 -53.73 17.96
N MET FB 612 -89.29 -53.85 16.70
CA MET FB 612 -89.32 -55.17 16.01
C MET FB 612 -87.94 -55.51 15.44
N VAL FB 613 -87.50 -56.75 15.59
CA VAL FB 613 -86.24 -57.28 15.10
C VAL FB 613 -86.52 -58.53 14.29
N TRP FB 614 -85.77 -58.72 13.20
CA TRP FB 614 -86.00 -59.84 12.30
C TRP FB 614 -84.71 -60.16 11.56
N GLN FB 615 -84.69 -61.33 10.93
CA GLN FB 615 -83.60 -61.76 10.07
C GLN FB 615 -84.10 -61.86 8.63
N ASP FB 616 -83.23 -61.53 7.70
CA ASP FB 616 -83.60 -61.60 6.29
C ASP FB 616 -83.55 -63.05 5.80
N ARG FB 617 -84.04 -63.26 4.58
CA ARG FB 617 -84.04 -64.60 4.00
C ARG FB 617 -82.60 -65.03 3.69
N ASP FB 618 -82.34 -66.32 3.87
CA ASP FB 618 -81.01 -66.86 3.61
C ASP FB 618 -80.72 -66.89 2.12
N VAL FB 619 -79.44 -66.84 1.78
CA VAL FB 619 -78.98 -67.00 0.41
C VAL FB 619 -78.46 -68.42 0.24
N TYR FB 620 -78.50 -68.92 -0.99
CA TYR FB 620 -78.15 -70.29 -1.29
C TYR FB 620 -77.15 -70.31 -2.44
N LEU FB 621 -76.47 -71.45 -2.58
CA LEU FB 621 -75.50 -71.59 -3.67
C LEU FB 621 -76.19 -71.46 -5.02
N GLN FB 622 -77.38 -72.06 -5.16
CA GLN FB 622 -78.17 -71.93 -6.37
C GLN FB 622 -79.02 -70.67 -6.40
N GLY FB 623 -79.02 -69.88 -5.33
CA GLY FB 623 -79.89 -68.74 -5.22
C GLY FB 623 -79.33 -67.49 -5.86
N PRO FB 624 -80.16 -66.46 -5.98
CA PRO FB 624 -79.70 -65.19 -6.54
C PRO FB 624 -78.79 -64.44 -5.58
N ILE FB 625 -77.97 -63.57 -6.15
CA ILE FB 625 -77.02 -62.78 -5.39
C ILE FB 625 -77.58 -61.41 -5.05
N TRP FB 626 -78.14 -60.71 -6.03
CA TRP FB 626 -78.56 -59.33 -5.84
C TRP FB 626 -79.87 -59.08 -6.57
N ALA FB 627 -80.40 -57.87 -6.39
CA ALA FB 627 -81.54 -57.39 -7.14
C ALA FB 627 -81.51 -55.87 -7.13
N LYS FB 628 -82.14 -55.27 -8.14
CA LYS FB 628 -82.19 -53.82 -8.22
C LYS FB 628 -83.35 -53.28 -7.38
N ILE FB 629 -83.03 -52.38 -6.47
CA ILE FB 629 -84.09 -51.72 -5.70
C ILE FB 629 -84.91 -50.83 -6.63
N PRO FB 630 -86.23 -50.97 -6.67
CA PRO FB 630 -87.03 -50.13 -7.57
C PRO FB 630 -86.86 -48.66 -7.26
N HIS FB 631 -86.85 -47.85 -8.31
CA HIS FB 631 -86.72 -46.40 -8.17
C HIS FB 631 -88.06 -45.83 -7.74
N THR FB 632 -88.25 -45.75 -6.43
CA THR FB 632 -89.50 -45.30 -5.84
C THR FB 632 -89.20 -44.26 -4.77
N ASP FB 633 -90.21 -43.50 -4.40
CA ASP FB 633 -90.04 -42.43 -3.39
C ASP FB 633 -89.73 -43.06 -2.04
N GLY FB 634 -90.38 -44.16 -1.70
CA GLY FB 634 -90.18 -44.80 -0.43
C GLY FB 634 -90.06 -46.29 -0.55
N HIS FB 635 -89.29 -46.86 0.37
CA HIS FB 635 -89.16 -48.31 0.52
C HIS FB 635 -88.63 -48.58 1.91
N PHE FB 636 -89.02 -49.73 2.47
CA PHE FB 636 -88.60 -50.11 3.81
C PHE FB 636 -87.79 -51.39 3.72
N HIS FB 637 -86.57 -51.34 4.27
CA HIS FB 637 -85.66 -52.49 4.30
C HIS FB 637 -85.55 -53.13 2.92
N PRO FB 638 -84.87 -52.49 1.97
CA PRO FB 638 -84.83 -52.97 0.58
C PRO FB 638 -83.91 -54.17 0.36
N SER FB 639 -84.03 -55.17 1.21
CA SER FB 639 -83.44 -56.47 0.95
C SER FB 639 -84.37 -57.28 0.07
N PRO FB 640 -83.88 -57.86 -1.03
CA PRO FB 640 -84.76 -58.63 -1.92
C PRO FB 640 -85.43 -59.76 -1.16
N LEU FB 641 -86.72 -59.97 -1.46
CA LEU FB 641 -87.48 -61.00 -0.77
C LEU FB 641 -87.04 -62.40 -1.16
N MET FB 642 -86.54 -62.57 -2.39
CA MET FB 642 -86.00 -63.86 -2.82
C MET FB 642 -84.65 -64.17 -2.21
N GLY FB 643 -84.03 -63.21 -1.54
CA GLY FB 643 -82.74 -63.40 -0.92
C GLY FB 643 -81.62 -62.70 -1.67
N GLY FB 644 -80.71 -62.11 -0.92
CA GLY FB 644 -79.58 -61.44 -1.53
C GLY FB 644 -79.34 -60.01 -1.07
N PHE FB 645 -78.67 -59.23 -1.90
CA PHE FB 645 -78.28 -57.86 -1.56
C PHE FB 645 -79.08 -56.89 -2.41
N GLY FB 646 -79.75 -55.94 -1.75
CA GLY FB 646 -80.46 -54.90 -2.45
C GLY FB 646 -79.54 -53.79 -2.90
N LEU FB 647 -79.50 -53.50 -4.19
CA LEU FB 647 -78.58 -52.53 -4.76
C LEU FB 647 -79.36 -51.46 -5.51
N LYS FB 648 -79.14 -50.19 -5.14
CA LYS FB 648 -79.73 -49.10 -5.90
C LYS FB 648 -79.12 -49.00 -7.29
N HIS FB 649 -77.83 -49.31 -7.41
CA HIS FB 649 -77.12 -49.37 -8.69
C HIS FB 649 -76.48 -50.75 -8.78
N PRO FB 650 -77.24 -51.76 -9.21
CA PRO FB 650 -76.71 -53.12 -9.29
C PRO FB 650 -75.75 -53.25 -10.46
N PRO FB 651 -75.07 -54.39 -10.60
CA PRO FB 651 -74.24 -54.61 -11.79
C PRO FB 651 -75.04 -54.41 -13.06
N PRO FB 652 -74.55 -53.60 -13.99
CA PRO FB 652 -75.35 -53.25 -15.16
C PRO FB 652 -75.61 -54.45 -16.06
N GLN FB 653 -76.74 -54.41 -16.76
CA GLN FB 653 -77.04 -55.42 -17.76
C GLN FB 653 -76.05 -55.32 -18.92
N ILE FB 654 -75.55 -56.47 -19.35
CA ILE FB 654 -74.61 -56.55 -20.46
C ILE FB 654 -75.36 -57.16 -21.64
N LEU FB 655 -75.59 -56.35 -22.67
CA LEU FB 655 -76.37 -56.75 -23.82
C LEU FB 655 -75.44 -57.08 -24.99
N ILE FB 656 -75.68 -58.21 -25.64
CA ILE FB 656 -74.87 -58.67 -26.75
C ILE FB 656 -75.78 -59.19 -27.84
N LYS FB 657 -75.44 -58.88 -29.09
CA LYS FB 657 -76.19 -59.41 -30.23
C LYS FB 657 -75.27 -59.47 -31.44
N ASN FB 658 -75.65 -60.32 -32.40
CA ASN FB 658 -74.90 -60.44 -33.64
C ASN FB 658 -75.34 -59.34 -34.59
N THR FB 659 -74.38 -58.68 -35.23
CA THR FB 659 -74.69 -57.66 -36.20
C THR FB 659 -75.32 -58.31 -37.43
N PRO FB 660 -76.50 -57.85 -37.87
CA PRO FB 660 -77.12 -58.47 -39.04
C PRO FB 660 -76.29 -58.24 -40.30
N VAL FB 661 -76.04 -59.31 -41.03
CA VAL FB 661 -75.30 -59.26 -42.29
C VAL FB 661 -76.30 -59.52 -43.42
N PRO FB 662 -76.63 -58.52 -44.23
CA PRO FB 662 -77.61 -58.73 -45.30
C PRO FB 662 -77.13 -59.76 -46.31
N ALA FB 663 -78.08 -60.51 -46.85
CA ALA FB 663 -77.81 -61.47 -47.90
C ALA FB 663 -77.71 -60.73 -49.23
N ASN FB 664 -77.72 -61.46 -50.34
CA ASN FB 664 -77.52 -60.85 -51.65
C ASN FB 664 -78.64 -59.87 -51.96
N PRO FB 665 -78.34 -58.59 -52.18
CA PRO FB 665 -79.39 -57.63 -52.52
C PRO FB 665 -79.74 -57.65 -54.00
N SER FB 666 -80.87 -57.02 -54.29
CA SER FB 666 -81.33 -56.88 -55.69
C SER FB 666 -80.51 -55.81 -56.39
N THR FB 667 -80.22 -55.99 -57.66
CA THR FB 667 -79.48 -55.00 -58.43
C THR FB 667 -80.29 -53.74 -58.68
N THR FB 668 -81.60 -53.78 -58.47
CA THR FB 668 -82.46 -52.62 -58.58
C THR FB 668 -82.78 -52.11 -57.17
N PHE FB 669 -82.79 -50.79 -57.01
CA PHE FB 669 -83.03 -50.22 -55.69
C PHE FB 669 -84.44 -50.52 -55.21
N SER FB 670 -84.55 -50.89 -53.94
CA SER FB 670 -85.83 -51.13 -53.29
C SER FB 670 -85.83 -50.42 -51.94
N ALA FB 671 -86.86 -49.62 -51.69
CA ALA FB 671 -86.96 -48.90 -50.43
C ALA FB 671 -87.43 -49.76 -49.28
N ALA FB 672 -87.88 -50.99 -49.55
CA ALA FB 672 -88.28 -51.89 -48.48
C ALA FB 672 -87.08 -52.29 -47.64
N LYS FB 673 -87.29 -52.36 -46.33
CA LYS FB 673 -86.21 -52.75 -45.44
C LYS FB 673 -85.79 -54.19 -45.70
N PHE FB 674 -84.52 -54.45 -45.42
CA PHE FB 674 -83.95 -55.80 -45.71
C PHE FB 674 -84.63 -56.86 -44.85
N ALA FB 675 -85.05 -57.95 -45.49
CA ALA FB 675 -85.66 -59.07 -44.80
C ALA FB 675 -84.89 -60.37 -44.96
N SER FB 676 -83.86 -60.41 -45.81
CA SER FB 676 -83.04 -61.59 -46.02
C SER FB 676 -81.66 -61.33 -45.47
N PHE FB 677 -81.18 -62.24 -44.62
CA PHE FB 677 -79.90 -62.10 -43.97
C PHE FB 677 -79.16 -63.44 -44.02
N ILE FB 678 -77.84 -63.37 -43.85
CA ILE FB 678 -77.02 -64.56 -43.75
C ILE FB 678 -77.20 -65.14 -42.35
N THR FB 679 -77.58 -66.41 -42.28
CA THR FB 679 -77.76 -67.06 -40.99
C THR FB 679 -76.41 -67.20 -40.30
N GLN FB 680 -76.34 -66.77 -39.04
CA GLN FB 680 -75.08 -66.82 -38.33
C GLN FB 680 -75.33 -66.76 -36.83
N TYR FB 681 -74.35 -67.28 -36.08
CA TYR FB 681 -74.34 -67.22 -34.64
C TYR FB 681 -72.92 -66.89 -34.20
N SER FB 682 -72.74 -66.70 -32.90
CA SER FB 682 -71.42 -66.40 -32.36
C SER FB 682 -71.15 -67.26 -31.14
N THR FB 683 -69.87 -67.51 -30.89
CA THR FB 683 -69.43 -68.24 -29.71
C THR FB 683 -68.19 -67.55 -29.17
N GLY FB 684 -67.94 -67.73 -27.88
CA GLY FB 684 -66.81 -67.09 -27.26
C GLY FB 684 -66.70 -67.47 -25.81
N GLN FB 685 -65.84 -66.73 -25.10
CA GLN FB 685 -65.61 -66.96 -23.68
C GLN FB 685 -65.99 -65.73 -22.89
N VAL FB 686 -66.51 -65.94 -21.69
CA VAL FB 686 -66.92 -64.88 -20.78
C VAL FB 686 -66.24 -65.10 -19.44
N SER FB 687 -65.71 -64.04 -18.86
CA SER FB 687 -65.04 -64.09 -17.56
C SER FB 687 -65.69 -63.12 -16.60
N VAL FB 688 -66.00 -63.61 -15.39
CA VAL FB 688 -66.55 -62.79 -14.31
C VAL FB 688 -65.68 -62.99 -13.09
N GLU FB 689 -65.13 -61.90 -12.57
CA GLU FB 689 -64.32 -61.93 -11.35
C GLU FB 689 -64.93 -60.99 -10.33
N ILE FB 690 -65.29 -61.53 -9.16
CA ILE FB 690 -65.92 -60.76 -8.10
C ILE FB 690 -65.06 -60.86 -6.86
N GLU FB 691 -64.79 -59.71 -6.25
CA GLU FB 691 -64.12 -59.65 -4.95
C GLU FB 691 -65.18 -59.54 -3.86
N TRP FB 692 -65.08 -60.42 -2.86
CA TRP FB 692 -66.03 -60.46 -1.75
C TRP FB 692 -65.28 -60.13 -0.47
N GLU FB 693 -65.94 -59.37 0.41
CA GLU FB 693 -65.42 -59.06 1.73
C GLU FB 693 -66.02 -60.01 2.76
N LEU FB 694 -65.19 -60.50 3.66
CA LEU FB 694 -65.59 -61.48 4.65
C LEU FB 694 -65.66 -60.85 6.04
N GLN FB 695 -66.63 -61.29 6.82
CA GLN FB 695 -66.77 -60.91 8.22
C GLN FB 695 -66.38 -62.14 9.05
N LYS FB 696 -65.17 -62.11 9.59
CA LYS FB 696 -64.63 -63.29 10.26
C LYS FB 696 -65.39 -63.58 11.55
N GLU FB 697 -65.65 -64.87 11.79
CA GLU FB 697 -66.31 -65.29 13.02
C GLU FB 697 -65.42 -65.05 14.22
N ASN FB 698 -66.01 -64.52 15.29
CA ASN FB 698 -65.29 -64.19 16.53
C ASN FB 698 -66.07 -64.75 17.72
N SER FB 699 -66.48 -66.00 17.62
CA SER FB 699 -67.31 -66.60 18.65
C SER FB 699 -66.48 -67.04 19.85
N LYS FB 700 -67.12 -67.14 21.02
CA LYS FB 700 -66.44 -67.61 22.26
C LYS FB 700 -67.21 -68.80 22.83
N ARG FB 701 -68.02 -69.48 22.02
CA ARG FB 701 -68.69 -70.68 22.51
C ARG FB 701 -67.69 -71.79 22.73
N TRP FB 702 -68.02 -72.69 23.67
CA TRP FB 702 -67.10 -73.74 24.07
C TRP FB 702 -67.27 -75.01 23.24
N ASN FB 703 -68.49 -75.49 23.12
CA ASN FB 703 -68.74 -76.74 22.41
C ASN FB 703 -68.70 -76.52 20.89
N PRO FB 704 -68.43 -77.56 20.08
CA PRO FB 704 -68.31 -77.39 18.63
C PRO FB 704 -69.61 -76.88 17.97
N GLU FB 705 -69.51 -76.34 16.76
CA GLU FB 705 -70.68 -75.73 16.06
C GLU FB 705 -71.21 -76.66 14.97
N ILE FB 706 -72.37 -76.36 14.40
CA ILE FB 706 -72.79 -77.15 13.21
C ILE FB 706 -72.03 -76.67 11.98
N GLN FB 707 -71.46 -77.59 11.20
CA GLN FB 707 -70.78 -77.23 9.97
C GLN FB 707 -71.35 -78.06 8.83
N TYR FB 708 -71.37 -77.48 7.63
CA TYR FB 708 -71.73 -78.25 6.46
C TYR FB 708 -70.61 -79.23 6.13
N THR FB 709 -71.00 -80.46 5.79
CA THR FB 709 -70.03 -81.52 5.54
C THR FB 709 -70.58 -82.49 4.51
N SER FB 710 -69.67 -83.19 3.86
CA SER FB 710 -70.08 -84.25 2.93
C SER FB 710 -70.37 -85.50 3.75
N ASN FB 711 -71.14 -86.45 3.23
CA ASN FB 711 -71.45 -87.64 4.06
C ASN FB 711 -70.38 -88.68 3.77
N TYR FB 712 -69.80 -89.28 4.81
CA TYR FB 712 -68.67 -90.22 4.62
C TYR FB 712 -69.15 -91.53 3.99
N ASN FB 713 -70.39 -91.95 4.25
CA ASN FB 713 -70.78 -93.26 3.76
C ASN FB 713 -70.63 -93.36 2.25
N LYS FB 714 -70.38 -94.60 1.80
CA LYS FB 714 -70.19 -94.86 0.36
C LYS FB 714 -71.46 -94.57 -0.41
N SER FB 715 -71.29 -94.21 -1.68
CA SER FB 715 -72.43 -93.93 -2.53
C SER FB 715 -72.04 -94.21 -3.97
N ILE FB 716 -73.06 -94.39 -4.82
CA ILE FB 716 -72.81 -94.62 -6.24
C ILE FB 716 -72.15 -93.39 -6.87
N ASN FB 717 -72.64 -92.21 -6.53
CA ASN FB 717 -72.13 -90.96 -7.07
C ASN FB 717 -71.66 -90.05 -5.94
N VAL FB 718 -70.63 -89.28 -6.22
CA VAL FB 718 -70.16 -88.26 -5.28
C VAL FB 718 -71.01 -87.00 -5.47
N ASP FB 719 -71.30 -86.32 -4.36
CA ASP FB 719 -72.13 -85.12 -4.43
C ASP FB 719 -71.39 -84.00 -5.14
N PHE FB 720 -72.14 -83.21 -5.91
CA PHE FB 720 -71.61 -82.05 -6.64
C PHE FB 720 -70.50 -82.45 -7.60
N THR FB 721 -70.67 -83.59 -8.27
CA THR FB 721 -69.78 -84.04 -9.32
C THR FB 721 -70.60 -84.44 -10.53
N VAL FB 722 -69.95 -85.03 -11.51
CA VAL FB 722 -70.62 -85.51 -12.71
C VAL FB 722 -70.88 -87.01 -12.55
N ASP FB 723 -71.91 -87.50 -13.24
CA ASP FB 723 -72.23 -88.92 -13.22
C ASP FB 723 -71.54 -89.61 -14.41
N THR FB 724 -71.94 -90.84 -14.68
CA THR FB 724 -71.31 -91.61 -15.78
C THR FB 724 -71.68 -90.96 -17.12
N ASN FB 725 -72.68 -90.09 -17.13
CA ASN FB 725 -73.05 -89.35 -18.37
C ASN FB 725 -72.34 -88.00 -18.39
N GLY FB 726 -71.52 -87.72 -17.36
CA GLY FB 726 -70.81 -86.43 -17.28
C GLY FB 726 -71.77 -85.28 -17.00
N VAL FB 727 -72.95 -85.60 -16.46
CA VAL FB 727 -73.98 -84.56 -16.18
C VAL FB 727 -73.75 -84.02 -14.77
N TYR FB 728 -73.48 -82.72 -14.64
CA TYR FB 728 -73.27 -82.12 -13.33
C TYR FB 728 -74.60 -81.89 -12.64
N SER FB 729 -74.67 -82.22 -11.36
CA SER FB 729 -75.88 -82.05 -10.59
C SER FB 729 -75.54 -81.46 -9.23
N GLU FB 730 -76.50 -80.74 -8.66
CA GLU FB 730 -76.39 -80.19 -7.31
C GLU FB 730 -77.40 -80.91 -6.42
N PRO FB 731 -76.97 -81.86 -5.59
CA PRO FB 731 -77.94 -82.73 -4.91
C PRO FB 731 -78.88 -82.01 -3.96
N ARG FB 732 -78.45 -80.95 -3.29
CA ARG FB 732 -79.30 -80.28 -2.31
C ARG FB 732 -78.95 -78.80 -2.28
N PRO FB 733 -79.87 -77.95 -1.83
CA PRO FB 733 -79.52 -76.55 -1.61
C PRO FB 733 -78.69 -76.39 -0.35
N ILE FB 734 -77.66 -75.55 -0.43
CA ILE FB 734 -76.82 -75.25 0.71
C ILE FB 734 -77.02 -73.78 1.06
N GLY FB 735 -77.42 -73.53 2.29
CA GLY FB 735 -77.54 -72.18 2.81
C GLY FB 735 -76.19 -71.68 3.30
N THR FB 736 -76.25 -70.66 4.15
CA THR FB 736 -75.05 -70.10 4.74
C THR FB 736 -75.05 -70.07 6.26
N ARG FB 737 -76.15 -70.44 6.91
CA ARG FB 737 -76.33 -70.20 8.34
C ARG FB 737 -76.01 -71.47 9.11
N TYR FB 738 -74.72 -71.66 9.37
CA TYR FB 738 -74.22 -72.80 10.14
C TYR FB 738 -73.52 -72.38 11.43
N LEU FB 739 -72.71 -71.33 11.39
CA LEU FB 739 -72.14 -70.80 12.61
C LEU FB 739 -73.23 -70.10 13.42
N THR FB 740 -72.96 -69.88 14.70
CA THR FB 740 -73.92 -69.28 15.61
C THR FB 740 -73.35 -68.03 16.25
N ARG FB 741 -74.26 -67.09 16.52
CA ARG FB 741 -73.89 -65.84 17.24
C ARG FB 741 -75.02 -65.55 18.23
N ASN FB 742 -74.72 -64.95 19.38
CA ASN FB 742 -75.74 -64.56 20.35
C ASN FB 742 -76.57 -63.39 19.82
N LEU FB 743 -77.80 -63.31 20.29
CA LEU FB 743 -78.69 -62.21 19.93
C LEU FB 743 -78.18 -60.88 20.49
N ALA GB 218 -44.28 32.12 -67.47
CA ALA GB 218 -44.49 31.04 -66.48
C ALA GB 218 -44.87 29.76 -67.21
N ASP GB 219 -45.71 29.87 -68.23
CA ASP GB 219 -46.24 28.67 -68.91
C ASP GB 219 -46.05 28.84 -70.42
N GLY GB 220 -45.29 29.86 -70.82
CA GLY GB 220 -44.99 30.00 -72.27
C GLY GB 220 -46.23 29.77 -73.13
N VAL GB 221 -46.06 29.10 -74.27
CA VAL GB 221 -47.19 28.91 -75.21
C VAL GB 221 -47.53 27.44 -75.18
N GLY GB 222 -48.73 27.09 -74.76
CA GLY GB 222 -49.20 25.73 -74.74
C GLY GB 222 -49.35 25.13 -73.36
N ASN GB 223 -48.99 25.86 -72.31
CA ASN GB 223 -49.17 25.39 -70.94
C ASN GB 223 -50.19 26.28 -70.24
N SER GB 224 -51.22 25.67 -69.68
CA SER GB 224 -52.26 26.43 -69.02
C SER GB 224 -51.75 27.00 -67.71
N SER GB 225 -52.12 28.26 -67.43
CA SER GB 225 -51.69 28.95 -66.23
C SER GB 225 -52.78 28.99 -65.15
N GLY GB 226 -53.87 28.24 -65.33
CA GLY GB 226 -54.91 28.21 -64.33
C GLY GB 226 -55.98 27.20 -64.72
N ASN GB 227 -56.90 27.00 -63.79
CA ASN GB 227 -58.00 26.05 -63.96
C ASN GB 227 -59.32 26.76 -63.68
N TRP GB 228 -60.41 26.13 -64.11
CA TRP GB 228 -61.75 26.66 -63.91
C TRP GB 228 -62.25 26.25 -62.54
N HIS GB 229 -62.43 27.23 -61.66
CA HIS GB 229 -62.92 26.97 -60.29
C HIS GB 229 -64.20 27.79 -60.09
N CYS GB 230 -65.35 27.18 -60.32
CA CYS GB 230 -66.65 27.86 -60.09
C CYS GB 230 -67.47 26.95 -59.18
N ASP GB 231 -67.63 27.32 -57.91
CA ASP GB 231 -68.33 26.42 -56.95
C ASP GB 231 -68.53 27.10 -55.60
N SER GB 232 -69.24 26.47 -54.67
CA SER GB 232 -69.32 27.04 -53.34
C SER GB 232 -69.24 25.93 -52.31
N THR GB 233 -68.56 26.22 -51.19
CA THR GB 233 -68.40 25.27 -50.11
C THR GB 233 -68.98 25.87 -48.83
N TRP GB 234 -69.89 25.16 -48.20
CA TRP GB 234 -70.49 25.57 -46.94
C TRP GB 234 -69.85 24.76 -45.82
N MET GB 235 -69.19 25.46 -44.90
CA MET GB 235 -68.50 24.78 -43.77
C MET GB 235 -68.85 25.51 -42.47
N GLY GB 236 -69.88 25.05 -41.76
CA GLY GB 236 -70.25 25.66 -40.50
C GLY GB 236 -70.74 27.08 -40.69
N ASP GB 237 -70.05 28.02 -40.04
CA ASP GB 237 -70.40 29.44 -40.10
C ASP GB 237 -69.69 30.16 -41.24
N ARG GB 238 -69.26 29.45 -42.27
CA ARG GB 238 -68.61 30.06 -43.42
C ARG GB 238 -69.17 29.48 -44.70
N VAL GB 239 -69.21 30.31 -45.75
CA VAL GB 239 -69.48 29.86 -47.10
C VAL GB 239 -68.48 30.54 -48.02
N THR GB 240 -67.75 29.75 -48.80
CA THR GB 240 -66.76 30.26 -49.74
C THR GB 240 -67.31 30.08 -51.15
N THR GB 241 -67.54 31.18 -51.84
CA THR GB 241 -68.04 31.17 -53.21
C THR GB 241 -66.91 31.51 -54.16
N THR GB 242 -66.74 30.68 -55.19
CA THR GB 242 -65.73 30.90 -56.22
C THR GB 242 -66.41 30.97 -57.58
N SER GB 243 -65.98 31.91 -58.41
CA SER GB 243 -66.57 32.11 -59.72
C SER GB 243 -65.47 32.29 -60.76
N THR GB 244 -65.67 31.72 -61.94
CA THR GB 244 -64.77 31.90 -63.06
C THR GB 244 -65.57 32.35 -64.27
N ARG GB 245 -65.04 33.34 -65.00
CA ARG GB 245 -65.68 33.87 -66.18
C ARG GB 245 -64.64 34.06 -67.28
N THR GB 246 -65.12 34.13 -68.51
CA THR GB 246 -64.28 34.44 -69.67
C THR GB 246 -64.53 35.89 -70.06
N TRP GB 247 -63.47 36.68 -70.12
CA TRP GB 247 -63.56 38.10 -70.41
C TRP GB 247 -62.89 38.43 -71.74
N ALA GB 248 -63.34 39.52 -72.34
CA ALA GB 248 -62.75 40.07 -73.55
C ALA GB 248 -62.42 41.53 -73.31
N LEU GB 249 -61.19 41.91 -73.60
CA LEU GB 249 -60.71 43.28 -73.37
C LEU GB 249 -60.27 43.91 -74.68
N PRO GB 250 -60.98 44.87 -75.21
CA PRO GB 250 -60.57 45.54 -76.44
C PRO GB 250 -59.53 46.62 -76.14
N THR GB 251 -59.14 47.34 -77.19
CA THR GB 251 -58.30 48.52 -77.04
C THR GB 251 -59.20 49.74 -76.91
N TYR GB 252 -59.04 50.48 -75.82
CA TYR GB 252 -59.92 51.60 -75.51
C TYR GB 252 -59.24 52.92 -75.84
N ASN GB 253 -59.99 53.81 -76.49
CA ASN GB 253 -59.54 55.16 -76.85
C ASN GB 253 -58.34 55.15 -77.78
N ASN GB 254 -58.05 54.01 -78.42
CA ASN GB 254 -56.88 53.85 -79.26
C ASN GB 254 -55.60 54.20 -78.50
N HIS GB 255 -55.49 53.62 -77.30
CA HIS GB 255 -54.33 53.78 -76.41
C HIS GB 255 -54.12 55.21 -75.94
N LEU GB 256 -55.17 56.02 -75.85
CA LEU GB 256 -55.05 57.43 -75.54
C LEU GB 256 -55.83 57.79 -74.29
N TYR GB 257 -55.42 58.89 -73.66
CA TYR GB 257 -56.21 59.46 -72.55
C TYR GB 257 -56.89 60.67 -73.19
N LYS GB 258 -58.19 60.81 -73.06
CA LYS GB 258 -58.98 61.87 -73.67
C LYS GB 258 -59.73 62.62 -72.57
N GLN GB 259 -59.59 63.94 -72.57
CA GLN GB 259 -60.38 64.77 -71.68
C GLN GB 259 -61.83 64.76 -72.13
N ILE GB 260 -62.73 64.51 -71.19
CA ILE GB 260 -64.16 64.45 -71.46
C ILE GB 260 -64.87 65.47 -70.58
N SER GB 261 -66.02 65.95 -71.06
CA SER GB 261 -66.80 66.93 -70.32
C SER GB 261 -68.23 66.87 -70.82
N SER GB 262 -69.12 67.50 -70.07
CA SER GB 262 -70.52 67.55 -70.46
C SER GB 262 -70.68 68.35 -71.75
N GLN GB 263 -71.71 67.98 -72.50
CA GLN GB 263 -71.94 68.65 -73.80
C GLN GB 263 -72.38 70.08 -73.55
N SER GB 264 -72.02 70.96 -74.48
CA SER GB 264 -72.52 72.35 -74.37
C SER GB 264 -74.04 72.33 -74.51
N GLY GB 265 -74.73 73.18 -73.75
CA GLY GB 265 -76.17 73.24 -73.73
C GLY GB 265 -76.82 72.36 -72.68
N ALA GB 266 -76.04 71.54 -71.97
CA ALA GB 266 -76.59 70.74 -70.91
C ALA GB 266 -76.98 71.60 -69.72
N SER GB 267 -77.90 71.09 -68.91
CA SER GB 267 -78.30 71.81 -67.71
C SER GB 267 -77.16 71.83 -66.71
N ASN GB 268 -77.26 72.75 -65.74
CA ASN GB 268 -76.21 72.87 -64.74
C ASN GB 268 -76.10 71.61 -63.88
N ASP GB 269 -77.23 70.94 -63.63
CA ASP GB 269 -77.19 69.71 -62.83
C ASP GB 269 -76.45 68.59 -63.55
N ASN GB 270 -76.41 68.63 -64.88
CA ASN GB 270 -75.78 67.58 -65.68
C ASN GB 270 -74.37 67.93 -66.13
N HIS GB 271 -73.83 69.07 -65.69
CA HIS GB 271 -72.48 69.44 -66.08
C HIS GB 271 -71.44 68.59 -65.36
N TYR GB 272 -70.38 68.22 -66.08
CA TYR GB 272 -69.32 67.42 -65.49
C TYR GB 272 -68.04 67.62 -66.29
N PHE GB 273 -66.92 67.25 -65.66
CA PHE GB 273 -65.62 67.26 -66.28
C PHE GB 273 -64.82 66.07 -65.76
N GLY GB 274 -64.07 65.43 -66.65
CA GLY GB 274 -63.32 64.26 -66.24
C GLY GB 274 -62.40 63.81 -67.35
N TYR GB 275 -61.87 62.60 -67.18
CA TYR GB 275 -60.95 62.03 -68.15
C TYR GB 275 -61.33 60.59 -68.44
N SER GB 276 -61.14 60.19 -69.69
CA SER GB 276 -61.36 58.82 -70.13
C SER GB 276 -60.01 58.15 -70.34
N THR GB 277 -59.81 56.99 -69.74
CA THR GB 277 -58.54 56.30 -69.81
C THR GB 277 -58.61 55.12 -70.77
N PRO GB 278 -57.48 54.70 -71.35
CA PRO GB 278 -57.47 53.50 -72.20
C PRO GB 278 -57.53 52.19 -71.42
N TRP GB 279 -57.65 52.24 -70.10
CA TRP GB 279 -57.67 51.05 -69.28
C TRP GB 279 -59.09 50.54 -69.08
N GLY GB 280 -59.19 49.25 -68.75
CA GLY GB 280 -60.41 48.66 -68.29
C GLY GB 280 -60.28 48.25 -66.83
N TYR GB 281 -61.38 47.82 -66.25
CA TYR GB 281 -61.39 47.40 -64.85
C TYR GB 281 -62.31 46.20 -64.68
N PHE GB 282 -61.95 45.35 -63.73
CA PHE GB 282 -62.73 44.16 -63.41
C PHE GB 282 -63.66 44.46 -62.25
N ASP GB 283 -64.97 44.31 -62.48
CA ASP GB 283 -65.99 44.61 -61.49
C ASP GB 283 -66.70 43.32 -61.12
N PHE GB 284 -66.73 43.02 -59.82
CA PHE GB 284 -67.55 41.93 -59.30
C PHE GB 284 -68.32 42.39 -58.07
N ASN GB 285 -68.76 43.64 -58.07
CA ASN GB 285 -69.49 44.23 -56.94
C ASN GB 285 -70.99 44.02 -57.08
N ARG GB 286 -71.40 42.77 -57.32
CA ARG GB 286 -72.80 42.37 -57.34
C ARG GB 286 -72.88 40.95 -56.82
N PHE GB 287 -73.94 40.64 -56.06
CA PHE GB 287 -74.01 39.31 -55.39
C PHE GB 287 -74.15 38.17 -56.40
N HIS GB 288 -74.79 38.43 -57.55
CA HIS GB 288 -75.02 37.37 -58.58
C HIS GB 288 -73.68 36.91 -59.18
N CYS GB 289 -72.62 37.70 -59.00
CA CYS GB 289 -71.27 37.36 -59.53
C CYS GB 289 -70.64 36.24 -58.71
N HIS GB 290 -71.16 35.99 -57.50
CA HIS GB 290 -70.60 34.98 -56.62
C HIS GB 290 -71.60 33.93 -56.15
N PHE GB 291 -72.87 34.29 -56.01
CA PHE GB 291 -73.90 33.40 -55.50
C PHE GB 291 -74.81 32.96 -56.63
N SER GB 292 -75.00 31.64 -56.76
CA SER GB 292 -76.06 31.12 -57.60
C SER GB 292 -77.40 31.34 -56.92
N PRO GB 293 -78.51 31.31 -57.67
CA PRO GB 293 -79.82 31.45 -57.03
C PRO GB 293 -80.08 30.42 -55.93
N ARG GB 294 -79.65 29.17 -56.14
CA ARG GB 294 -79.75 28.17 -55.08
C ARG GB 294 -78.88 28.55 -53.88
N ASP GB 295 -77.68 29.08 -54.15
CA ASP GB 295 -76.82 29.55 -53.07
C ASP GB 295 -77.47 30.69 -52.31
N TRP GB 296 -78.11 31.62 -53.03
CA TRP GB 296 -78.81 32.72 -52.38
C TRP GB 296 -79.97 32.21 -51.52
N GLN GB 297 -80.73 31.24 -52.03
CA GLN GB 297 -81.84 30.68 -51.26
C GLN GB 297 -81.33 29.97 -50.02
N ARG GB 298 -80.22 29.24 -50.14
CA ARG GB 298 -79.61 28.60 -48.98
C ARG GB 298 -79.12 29.63 -47.97
N LEU GB 299 -78.62 30.77 -48.44
CA LEU GB 299 -78.11 31.80 -47.54
C LEU GB 299 -79.25 32.50 -46.80
N ILE GB 300 -80.30 32.89 -47.52
CA ILE GB 300 -81.30 33.78 -46.94
C ILE GB 300 -82.37 33.03 -46.13
N ASN GB 301 -82.53 31.73 -46.36
CA ASN GB 301 -83.54 30.96 -45.64
C ASN GB 301 -83.04 30.38 -44.34
N ASN GB 302 -81.75 30.50 -44.04
CA ASN GB 302 -81.16 29.82 -42.89
C ASN GB 302 -80.29 30.70 -42.02
N ASN GB 303 -79.95 31.91 -42.44
CA ASN GB 303 -79.01 32.76 -41.72
C ASN GB 303 -79.65 34.08 -41.35
N TRP GB 304 -79.31 34.56 -40.15
CA TRP GB 304 -79.74 35.87 -39.69
C TRP GB 304 -78.80 36.99 -40.11
N GLY GB 305 -77.67 36.66 -40.72
CA GLY GB 305 -76.74 37.69 -41.18
C GLY GB 305 -75.57 37.08 -41.89
N PHE GB 306 -74.87 37.93 -42.64
CA PHE GB 306 -73.65 37.51 -43.33
C PHE GB 306 -72.81 38.74 -43.63
N ARG GB 307 -71.51 38.51 -43.85
CA ARG GB 307 -70.57 39.58 -44.17
C ARG GB 307 -69.37 38.97 -44.87
N PRO GB 308 -68.73 39.69 -45.77
CA PRO GB 308 -67.52 39.18 -46.41
C PRO GB 308 -66.31 39.25 -45.48
N LYS GB 309 -65.41 38.28 -45.66
CA LYS GB 309 -64.23 38.13 -44.81
C LYS GB 309 -62.94 38.34 -45.58
N ARG GB 310 -62.75 37.64 -46.71
CA ARG GB 310 -61.54 37.79 -47.51
C ARG GB 310 -61.87 37.36 -48.94
N LEU GB 311 -61.04 37.80 -49.88
CA LEU GB 311 -61.23 37.43 -51.27
C LEU GB 311 -59.89 37.09 -51.91
N ASN GB 312 -59.97 36.29 -52.98
CA ASN GB 312 -58.77 35.93 -53.78
C ASN GB 312 -59.15 36.17 -55.24
N PHE GB 313 -58.25 36.76 -56.03
CA PHE GB 313 -58.49 37.15 -57.41
C PHE GB 313 -57.40 36.57 -58.28
N LYS GB 314 -57.81 36.10 -59.46
CA LYS GB 314 -56.81 35.54 -60.40
C LYS GB 314 -57.14 35.81 -61.87
N LEU GB 315 -56.13 36.21 -62.65
CA LEU GB 315 -56.23 36.31 -64.10
C LEU GB 315 -55.28 35.30 -64.71
N PHE GB 316 -55.75 34.52 -65.68
CA PHE GB 316 -54.95 33.44 -66.22
C PHE GB 316 -55.45 33.11 -67.63
N ASN GB 317 -54.69 32.25 -68.30
CA ASN GB 317 -54.98 31.83 -69.67
C ASN GB 317 -55.18 33.02 -70.59
N ILE GB 318 -54.25 33.97 -70.50
CA ILE GB 318 -54.36 35.22 -71.23
C ILE GB 318 -53.91 35.02 -72.67
N GLN GB 319 -54.77 35.38 -73.61
CA GLN GB 319 -54.48 35.29 -75.03
C GLN GB 319 -54.62 36.67 -75.66
N VAL GB 320 -53.59 37.11 -76.37
CA VAL GB 320 -53.65 38.37 -77.11
C VAL GB 320 -53.85 38.04 -78.58
N LYS GB 321 -54.92 38.56 -79.15
CA LYS GB 321 -55.29 38.30 -80.54
C LYS GB 321 -55.07 39.56 -81.36
N GLU GB 322 -54.37 39.42 -82.48
CA GLU GB 322 -54.17 40.52 -83.42
C GLU GB 322 -55.22 40.46 -84.51
N VAL GB 323 -55.88 41.59 -84.74
CA VAL GB 323 -56.95 41.70 -85.73
C VAL GB 323 -56.45 42.53 -86.90
N THR GB 324 -56.61 42.00 -88.11
CA THR GB 324 -56.27 42.72 -89.33
C THR GB 324 -57.46 42.72 -90.27
N GLN GB 325 -57.52 43.73 -91.13
CA GLN GB 325 -58.63 43.88 -92.07
C GLN GB 325 -58.05 44.28 -93.42
N ASN GB 326 -58.06 43.34 -94.37
CA ASN GB 326 -57.50 43.57 -95.69
C ASN GB 326 -58.56 43.24 -96.74
N ASP GB 327 -58.90 44.24 -97.56
CA ASP GB 327 -59.88 44.08 -98.64
C ASP GB 327 -61.22 43.56 -98.11
N GLY GB 328 -61.64 44.08 -96.96
CA GLY GB 328 -62.93 43.72 -96.40
C GLY GB 328 -62.98 42.41 -95.66
N THR GB 329 -61.83 41.78 -95.40
CA THR GB 329 -61.77 40.50 -94.71
C THR GB 329 -61.18 40.70 -93.32
N THR GB 330 -61.86 40.18 -92.30
CA THR GB 330 -61.39 40.26 -90.92
C THR GB 330 -60.66 38.96 -90.57
N THR GB 331 -59.37 39.06 -90.31
CA THR GB 331 -58.53 37.93 -89.98
C THR GB 331 -57.98 38.10 -88.57
N ILE GB 332 -58.15 37.07 -87.73
CA ILE GB 332 -57.70 37.10 -86.35
C ILE GB 332 -56.63 36.03 -86.17
N ALA GB 333 -55.49 36.43 -85.63
CA ALA GB 333 -54.37 35.52 -85.41
C ALA GB 333 -53.81 35.76 -84.02
N ASN GB 334 -53.14 34.74 -83.49
CA ASN GB 334 -52.54 34.86 -82.16
C ASN GB 334 -51.33 35.79 -82.19
N ASN GB 335 -51.11 36.48 -81.08
CA ASN GB 335 -49.93 37.30 -80.85
C ASN GB 335 -49.30 36.80 -79.55
N LEU GB 336 -48.34 35.90 -79.66
CA LEU GB 336 -47.78 35.24 -78.48
C LEU GB 336 -46.77 36.11 -77.73
N THR GB 337 -46.35 37.23 -78.31
CA THR GB 337 -45.36 38.09 -77.67
C THR GB 337 -45.95 39.37 -77.08
N SER GB 338 -47.23 39.64 -77.30
CA SER GB 338 -47.85 40.82 -76.72
C SER GB 338 -48.20 40.57 -75.26
N THR GB 339 -48.31 41.67 -74.51
CA THR GB 339 -48.58 41.63 -73.08
C THR GB 339 -49.87 42.38 -72.76
N VAL GB 340 -50.34 42.16 -71.53
CA VAL GB 340 -51.41 42.95 -70.94
C VAL GB 340 -50.92 43.44 -69.58
N GLN GB 341 -51.18 44.71 -69.29
CA GLN GB 341 -50.75 45.33 -68.04
C GLN GB 341 -51.86 45.26 -67.01
N VAL GB 342 -51.55 44.70 -65.85
CA VAL GB 342 -52.53 44.54 -64.78
C VAL GB 342 -51.92 45.08 -63.49
N PHE GB 343 -52.68 45.92 -62.78
CA PHE GB 343 -52.27 46.34 -61.45
C PHE GB 343 -53.51 46.62 -60.61
N THR GB 344 -53.36 46.46 -59.30
CA THR GB 344 -54.43 46.73 -58.35
C THR GB 344 -54.12 48.02 -57.60
N ASP GB 345 -55.12 48.89 -57.49
CA ASP GB 345 -54.97 50.17 -56.80
C ASP GB 345 -55.15 49.94 -55.30
N SER GB 346 -54.17 49.29 -54.68
CA SER GB 346 -54.27 48.91 -53.25
C SER GB 346 -54.04 50.10 -52.32
N GLU GB 347 -53.45 51.17 -52.83
CA GLU GB 347 -53.29 52.37 -52.01
C GLU GB 347 -54.42 53.38 -52.22
N TYR GB 348 -55.40 53.06 -53.07
CA TYR GB 348 -56.57 53.91 -53.30
C TYR GB 348 -56.17 55.32 -53.72
N GLN GB 349 -55.21 55.41 -54.64
CA GLN GB 349 -54.77 56.68 -55.17
C GLN GB 349 -55.53 57.12 -56.40
N LEU GB 350 -56.40 56.27 -56.94
CA LEU GB 350 -57.22 56.58 -58.10
C LEU GB 350 -58.67 56.79 -57.68
N PRO GB 351 -59.44 57.57 -58.43
CA PRO GB 351 -60.86 57.73 -58.13
C PRO GB 351 -61.58 56.39 -58.17
N TYR GB 352 -62.29 56.08 -57.09
CA TYR GB 352 -62.95 54.79 -56.92
C TYR GB 352 -64.30 54.83 -57.63
N VAL GB 353 -64.36 54.23 -58.82
CA VAL GB 353 -65.59 54.22 -59.60
C VAL GB 353 -66.43 52.97 -59.35
N LEU GB 354 -65.90 51.98 -58.65
CA LEU GB 354 -66.73 50.88 -58.18
C LEU GB 354 -67.68 51.37 -57.10
N GLY GB 355 -68.82 50.69 -56.99
CA GLY GB 355 -69.83 51.10 -56.04
C GLY GB 355 -70.78 52.17 -56.53
N SER GB 356 -70.76 52.48 -57.82
CA SER GB 356 -71.73 53.41 -58.42
C SER GB 356 -72.79 52.67 -59.24
N ALA GB 357 -72.94 51.37 -59.03
CA ALA GB 357 -73.95 50.55 -59.71
C ALA GB 357 -73.79 50.62 -61.23
N HIS GB 358 -72.56 50.39 -61.69
CA HIS GB 358 -72.25 50.45 -63.11
C HIS GB 358 -72.32 49.08 -63.75
N GLN GB 359 -72.67 49.06 -65.03
CA GLN GB 359 -72.70 47.83 -65.80
C GLN GB 359 -71.28 47.37 -66.13
N GLY GB 360 -71.16 46.12 -66.55
CA GLY GB 360 -69.88 45.54 -66.86
C GLY GB 360 -69.33 44.57 -65.85
N CYS GB 361 -70.17 44.10 -64.92
CA CYS GB 361 -69.73 43.16 -63.90
C CYS GB 361 -69.56 41.76 -64.49
N LEU GB 362 -69.14 40.83 -63.64
CA LEU GB 362 -69.13 39.43 -64.03
C LEU GB 362 -70.56 38.95 -64.22
N PRO GB 363 -70.88 38.32 -65.36
CA PRO GB 363 -72.26 37.95 -65.62
C PRO GB 363 -72.74 36.93 -64.60
N PRO GB 364 -74.02 36.96 -64.22
CA PRO GB 364 -74.51 36.00 -63.24
C PRO GB 364 -74.40 34.55 -63.68
N PHE GB 365 -74.57 34.27 -64.97
CA PHE GB 365 -74.45 32.92 -65.47
C PHE GB 365 -72.99 32.60 -65.80
N PRO GB 366 -72.43 31.53 -65.24
CA PRO GB 366 -71.00 31.25 -65.43
C PRO GB 366 -70.61 31.00 -66.87
N ALA GB 367 -71.55 30.66 -67.75
CA ALA GB 367 -71.24 30.36 -69.14
C ALA GB 367 -71.20 31.59 -70.04
N ASP GB 368 -71.53 32.77 -69.52
CA ASP GB 368 -71.57 33.98 -70.33
C ASP GB 368 -70.18 34.63 -70.40
N VAL GB 369 -69.87 35.18 -71.57
CA VAL GB 369 -68.62 35.90 -71.80
C VAL GB 369 -68.93 37.39 -71.80
N PHE GB 370 -68.13 38.17 -71.08
CA PHE GB 370 -68.40 39.59 -70.87
C PHE GB 370 -67.22 40.44 -71.31
N MET GB 371 -67.54 41.66 -71.73
CA MET GB 371 -66.53 42.66 -72.09
C MET GB 371 -66.11 43.43 -70.85
N VAL GB 372 -64.82 43.75 -70.77
CA VAL GB 372 -64.28 44.50 -69.65
C VAL GB 372 -64.64 45.97 -69.81
N PRO GB 373 -65.32 46.58 -68.84
CA PRO GB 373 -65.73 47.98 -69.00
C PRO GB 373 -64.54 48.94 -68.98
N GLN GB 374 -64.71 50.05 -69.69
CA GLN GB 374 -63.67 51.06 -69.78
C GLN GB 374 -63.64 51.90 -68.51
N TYR GB 375 -62.44 52.16 -68.01
CA TYR GB 375 -62.27 52.94 -66.80
C TYR GB 375 -62.27 54.43 -67.12
N GLY GB 376 -62.98 55.20 -66.31
CA GLY GB 376 -63.01 56.65 -66.44
C GLY GB 376 -63.45 57.26 -65.13
N TYR GB 377 -63.03 58.51 -64.93
CA TYR GB 377 -63.30 59.19 -63.67
C TYR GB 377 -63.68 60.63 -63.94
N LEU GB 378 -64.35 61.24 -62.98
CA LEU GB 378 -64.71 62.64 -63.01
C LEU GB 378 -63.98 63.40 -61.93
N THR GB 379 -63.67 64.66 -62.22
CA THR GB 379 -63.00 65.53 -61.26
C THR GB 379 -63.82 66.81 -61.11
N LEU GB 380 -63.27 67.79 -60.41
CA LEU GB 380 -63.99 69.07 -60.16
C LEU GB 380 -64.29 69.77 -61.47
N ASN GB 381 -65.45 70.38 -61.58
CA ASN GB 381 -65.82 71.13 -62.80
C ASN GB 381 -66.56 72.42 -62.45
N ASN GB 382 -66.29 73.50 -63.17
CA ASN GB 382 -67.09 74.73 -63.02
C ASN GB 382 -67.88 74.79 -64.32
N GLY GB 383 -69.01 74.09 -64.39
CA GLY GB 383 -69.72 73.99 -65.67
C GLY GB 383 -69.09 72.89 -66.50
N SER GB 384 -68.91 73.11 -67.80
CA SER GB 384 -68.22 72.13 -68.63
C SER GB 384 -66.70 72.26 -68.54
N GLN GB 385 -66.19 73.30 -67.89
CA GLN GB 385 -64.76 73.53 -67.76
C GLN GB 385 -64.24 72.93 -66.46
N ALA GB 386 -62.92 73.02 -66.30
CA ALA GB 386 -62.24 72.54 -65.11
C ALA GB 386 -61.76 73.70 -64.26
N VAL GB 387 -61.34 73.40 -63.04
CA VAL GB 387 -60.75 74.37 -62.14
C VAL GB 387 -59.33 73.94 -61.82
N GLY GB 388 -58.61 74.82 -61.10
CA GLY GB 388 -57.23 74.52 -60.78
C GLY GB 388 -57.07 73.34 -59.84
N ARG GB 389 -58.11 73.03 -59.06
CA ARG GB 389 -58.06 71.91 -58.15
C ARG GB 389 -58.37 70.57 -58.81
N SER GB 390 -58.80 70.57 -60.07
CA SER GB 390 -59.09 69.33 -60.77
C SER GB 390 -57.81 68.49 -60.91
N SER GB 391 -57.97 67.18 -60.71
CA SER GB 391 -56.84 66.26 -60.70
C SER GB 391 -56.85 65.40 -61.95
N PHE GB 392 -55.66 65.19 -62.51
CA PHE GB 392 -55.46 64.29 -63.64
C PHE GB 392 -54.61 63.12 -63.19
N TYR GB 393 -55.00 61.92 -63.61
CA TYR GB 393 -54.32 60.69 -63.23
C TYR GB 393 -53.91 59.91 -64.47
N CYS GB 394 -52.62 59.60 -64.56
CA CYS GB 394 -52.10 58.71 -65.59
C CYS GB 394 -51.89 57.34 -64.94
N LEU GB 395 -52.59 56.33 -65.46
CA LEU GB 395 -52.53 54.99 -64.90
C LEU GB 395 -51.25 54.26 -65.26
N GLU GB 396 -50.50 54.75 -66.24
CA GLU GB 396 -49.18 54.20 -66.53
C GLU GB 396 -48.11 54.71 -65.57
N TYR GB 397 -48.49 55.61 -64.66
CA TYR GB 397 -47.54 56.14 -63.62
C TYR GB 397 -47.60 55.23 -62.40
N PHE GB 398 -48.35 54.16 -62.47
CA PHE GB 398 -48.42 53.11 -61.45
C PHE GB 398 -47.59 51.91 -61.87
N PRO GB 399 -46.97 51.21 -60.93
CA PRO GB 399 -46.29 49.95 -61.28
C PRO GB 399 -47.33 48.89 -61.62
N SER GB 400 -47.18 48.30 -62.81
CA SER GB 400 -48.11 47.27 -63.28
C SER GB 400 -47.33 46.04 -63.69
N GLN GB 401 -48.01 44.89 -63.67
CA GLN GB 401 -47.43 43.62 -64.02
C GLN GB 401 -47.79 43.30 -65.47
N MET GB 402 -46.77 42.98 -66.27
CA MET GB 402 -46.94 42.68 -67.69
C MET GB 402 -47.05 41.16 -67.87
N LEU GB 403 -48.10 40.73 -68.56
CA LEU GB 403 -48.43 39.31 -68.69
C LEU GB 403 -48.48 38.94 -70.16
N ARG GB 404 -47.62 38.01 -70.57
CA ARG GB 404 -47.71 37.39 -71.87
C ARG GB 404 -48.65 36.18 -71.79
N THR GB 405 -48.81 35.48 -72.92
CA THR GB 405 -49.57 34.22 -72.89
C THR GB 405 -48.73 33.21 -72.09
N GLY GB 406 -49.26 32.72 -70.99
CA GLY GB 406 -48.55 31.85 -70.09
C GLY GB 406 -48.25 32.45 -68.74
N ASN GB 407 -48.45 33.76 -68.58
CA ASN GB 407 -48.32 34.42 -67.29
C ASN GB 407 -49.69 34.59 -66.64
N ASN GB 408 -49.71 34.60 -65.32
CA ASN GB 408 -50.94 34.78 -64.56
C ASN GB 408 -50.73 35.86 -63.51
N PHE GB 409 -51.85 36.44 -63.08
CA PHE GB 409 -51.87 37.47 -62.06
C PHE GB 409 -52.74 37.00 -60.90
N THR GB 410 -52.35 37.37 -59.68
CA THR GB 410 -53.14 37.02 -58.52
C THR GB 410 -52.88 38.01 -57.40
N PHE GB 411 -53.88 38.17 -56.53
CA PHE GB 411 -53.71 38.95 -55.32
C PHE GB 411 -54.81 38.57 -54.34
N SER GB 412 -54.51 38.76 -53.05
CA SER GB 412 -55.43 38.44 -51.98
C SER GB 412 -55.77 39.70 -51.19
N TYR GB 413 -57.00 39.78 -50.73
CA TYR GB 413 -57.50 40.93 -49.99
C TYR GB 413 -58.29 40.46 -48.79
N THR GB 414 -58.17 41.17 -47.68
CA THR GB 414 -58.92 40.88 -46.47
C THR GB 414 -59.88 42.02 -46.18
N PHE GB 415 -61.16 41.70 -46.05
CA PHE GB 415 -62.15 42.71 -45.71
C PHE GB 415 -61.93 43.18 -44.28
N GLU GB 416 -62.20 44.47 -44.05
CA GLU GB 416 -62.21 44.99 -42.70
C GLU GB 416 -63.45 44.48 -41.95
N ASP GB 417 -63.42 44.64 -40.63
CA ASP GB 417 -64.54 44.22 -39.81
C ASP GB 417 -65.75 45.11 -40.11
N VAL GB 418 -66.86 44.48 -40.50
CA VAL GB 418 -68.09 45.20 -40.82
C VAL GB 418 -69.25 44.50 -40.13
N PRO GB 419 -70.34 45.22 -39.86
CA PRO GB 419 -71.51 44.58 -39.25
C PRO GB 419 -72.12 43.55 -40.19
N PHE GB 420 -72.70 42.51 -39.59
CA PHE GB 420 -73.46 41.55 -40.37
C PHE GB 420 -74.66 42.24 -41.00
N HIS GB 421 -74.94 41.91 -42.25
CA HIS GB 421 -76.16 42.39 -42.89
C HIS GB 421 -77.37 41.79 -42.20
N SER GB 422 -78.36 42.65 -41.92
CA SER GB 422 -79.61 42.20 -41.25
C SER GB 422 -80.48 41.42 -42.23
N SER GB 423 -80.18 40.15 -42.44
CA SER GB 423 -80.98 39.30 -43.34
C SER GB 423 -82.17 38.71 -42.61
N TYR GB 424 -82.95 39.58 -41.97
CA TYR GB 424 -84.13 39.17 -41.23
C TYR GB 424 -85.13 40.31 -41.25
N ALA GB 425 -86.38 39.98 -41.00
CA ALA GB 425 -87.44 40.95 -40.80
C ALA GB 425 -87.93 40.88 -39.36
N HIS GB 426 -88.12 42.04 -38.74
CA HIS GB 426 -88.58 42.06 -37.36
C HIS GB 426 -90.02 41.56 -37.26
N SER GB 427 -90.26 40.65 -36.33
CA SER GB 427 -91.60 40.15 -36.06
C SER GB 427 -92.35 41.01 -35.05
N GLN GB 428 -91.73 42.08 -34.55
CA GLN GB 428 -92.39 43.06 -33.69
C GLN GB 428 -92.26 44.44 -34.29
N SER GB 429 -93.25 45.27 -34.02
CA SER GB 429 -93.22 46.67 -34.43
C SER GB 429 -92.68 47.52 -33.29
N LEU GB 430 -92.04 48.64 -33.64
CA LEU GB 430 -91.43 49.50 -32.63
C LEU GB 430 -92.48 50.14 -31.72
N ASP GB 431 -93.73 50.23 -32.19
CA ASP GB 431 -94.81 50.87 -31.39
C ASP GB 431 -95.65 49.81 -30.68
N ARG GB 432 -95.24 48.54 -30.76
CA ARG GB 432 -95.97 47.43 -30.14
C ARG GB 432 -95.01 46.54 -29.36
N LEU GB 433 -94.14 47.15 -28.56
CA LEU GB 433 -93.15 46.44 -27.79
C LEU GB 433 -93.54 46.20 -26.34
N MET GB 434 -94.78 46.52 -25.98
CA MET GB 434 -95.22 46.48 -24.59
C MET GB 434 -95.93 45.16 -24.28
N ASN GB 435 -96.32 45.01 -23.02
CA ASN GB 435 -97.14 43.90 -22.58
C ASN GB 435 -98.59 44.33 -22.63
N PRO GB 436 -99.42 43.75 -23.51
CA PRO GB 436 -100.81 44.23 -23.65
C PRO GB 436 -101.69 43.91 -22.45
N LEU GB 437 -101.24 43.07 -21.53
CA LEU GB 437 -102.06 42.66 -20.40
C LEU GB 437 -101.93 43.58 -19.19
N ILE GB 438 -100.83 44.30 -19.06
CA ILE GB 438 -100.53 45.10 -17.88
C ILE GB 438 -100.55 46.56 -18.27
N ASP GB 439 -101.21 47.38 -17.45
CA ASP GB 439 -101.19 48.82 -17.65
C ASP GB 439 -99.83 49.40 -17.25
N GLN GB 440 -99.54 50.57 -17.80
CA GLN GB 440 -98.36 51.31 -17.40
C GLN GB 440 -98.62 52.08 -16.11
N TYR GB 441 -97.57 52.27 -15.32
CA TYR GB 441 -97.68 53.11 -14.14
C TYR GB 441 -97.54 54.59 -14.46
N LEU GB 442 -97.08 54.94 -15.65
CA LEU GB 442 -96.94 56.32 -16.05
C LEU GB 442 -98.27 56.86 -16.56
N TYR GB 443 -98.47 58.17 -16.39
CA TYR GB 443 -99.69 58.84 -16.79
C TYR GB 443 -99.42 59.71 -18.02
N TYR GB 444 -100.46 59.89 -18.82
CA TYR GB 444 -100.42 60.79 -19.97
C TYR GB 444 -101.66 61.67 -19.95
N LEU GB 445 -101.52 62.87 -20.49
CA LEU GB 445 -102.65 63.79 -20.59
C LEU GB 445 -103.68 63.22 -21.57
N SER GB 446 -104.81 62.76 -21.04
CA SER GB 446 -105.83 62.13 -21.86
C SER GB 446 -106.99 63.06 -22.21
N ARG GB 447 -107.29 63.99 -21.32
CA ARG GB 447 -108.37 64.96 -21.60
C ARG GB 447 -107.90 66.37 -21.30
N THR GB 448 -108.44 67.34 -22.03
CA THR GB 448 -108.10 68.74 -21.84
C THR GB 448 -109.28 69.60 -21.42
N ASN GB 449 -110.48 69.05 -21.37
CA ASN GB 449 -111.66 69.79 -20.91
C ASN GB 449 -112.69 68.80 -20.38
N THR GB 450 -113.67 69.33 -19.66
CA THR GB 450 -114.77 68.55 -19.13
C THR GB 450 -116.09 69.27 -19.37
N PRO GB 451 -117.23 68.56 -19.49
CA PRO GB 451 -118.51 69.23 -19.64
C PRO GB 451 -118.76 70.11 -18.41
N SER GB 452 -119.02 71.40 -18.63
CA SER GB 452 -119.35 72.32 -17.51
C SER GB 452 -120.66 73.03 -17.85
N GLY GB 453 -121.69 72.85 -17.02
CA GLY GB 453 -123.01 73.42 -17.36
C GLY GB 453 -123.50 72.90 -18.70
N THR GB 454 -123.83 73.79 -19.63
CA THR GB 454 -124.25 73.37 -20.99
C THR GB 454 -123.14 73.74 -21.96
N THR GB 455 -122.02 74.25 -21.45
CA THR GB 455 -120.84 74.57 -22.30
C THR GB 455 -119.70 73.63 -21.93
N THR GB 456 -118.45 74.05 -22.15
CA THR GB 456 -117.28 73.24 -21.75
C THR GB 456 -116.35 74.07 -20.89
N GLN GB 457 -115.57 73.41 -20.03
CA GLN GB 457 -114.61 74.12 -19.19
C GLN GB 457 -113.27 73.43 -19.26
N SER GB 458 -112.19 74.21 -19.31
CA SER GB 458 -110.85 73.65 -19.42
C SER GB 458 -110.49 72.91 -18.14
N ARG GB 459 -110.02 71.67 -18.28
CA ARG GB 459 -109.68 70.84 -17.13
C ARG GB 459 -108.76 69.72 -17.61
N LEU GB 460 -107.56 69.65 -17.05
CA LEU GB 460 -106.60 68.63 -17.44
C LEU GB 460 -106.85 67.34 -16.67
N GLN GB 461 -106.85 66.22 -17.38
CA GLN GB 461 -106.98 64.90 -16.78
C GLN GB 461 -105.93 63.97 -17.36
N PHE GB 462 -105.55 62.96 -16.57
CA PHE GB 462 -104.48 62.05 -16.92
C PHE GB 462 -104.94 60.61 -16.72
N SER GB 463 -104.44 59.72 -17.57
CA SER GB 463 -104.81 58.32 -17.51
C SER GB 463 -103.55 57.46 -17.65
N GLN GB 464 -103.64 56.23 -17.17
CA GLN GB 464 -102.61 55.25 -17.38
C GLN GB 464 -102.92 54.45 -18.65
N ALA GB 465 -101.92 54.30 -19.51
CA ALA GB 465 -102.14 53.68 -20.81
C ALA GB 465 -102.11 52.16 -20.70
N GLY GB 466 -103.04 51.51 -21.38
CA GLY GB 466 -103.13 50.06 -21.46
C GLY GB 466 -103.29 49.63 -22.90
N ALA GB 467 -104.05 48.55 -23.10
CA ALA GB 467 -104.25 48.02 -24.43
C ALA GB 467 -105.28 48.82 -25.23
N SER GB 468 -106.31 49.35 -24.57
CA SER GB 468 -107.37 50.06 -25.28
C SER GB 468 -106.88 51.38 -25.85
N ASP GB 469 -105.96 52.06 -25.16
CA ASP GB 469 -105.37 53.30 -25.63
C ASP GB 469 -103.88 53.08 -25.86
N ILE GB 470 -103.55 51.99 -26.54
CA ILE GB 470 -102.17 51.55 -26.73
C ILE GB 470 -101.33 52.59 -27.46
N ARG GB 471 -101.95 53.49 -28.22
CA ARG GB 471 -101.20 54.49 -28.96
C ARG GB 471 -100.60 55.55 -28.04
N ASP GB 472 -101.09 55.69 -26.81
CA ASP GB 472 -100.64 56.72 -25.90
C ASP GB 472 -99.58 56.23 -24.92
N GLN GB 473 -99.13 54.99 -25.06
CA GLN GB 473 -98.18 54.44 -24.11
C GLN GB 473 -96.83 55.14 -24.19
N SER GB 474 -96.21 55.35 -23.03
CA SER GB 474 -94.87 55.91 -23.00
C SER GB 474 -93.87 54.91 -23.56
N ARG GB 475 -92.96 55.39 -24.40
CA ARG GB 475 -92.03 54.53 -25.11
C ARG GB 475 -90.61 55.07 -24.97
N ASN GB 476 -89.65 54.18 -25.20
CA ASN GB 476 -88.24 54.51 -25.02
C ASN GB 476 -87.52 54.83 -26.33
N TRP GB 477 -88.12 54.53 -27.47
CA TRP GB 477 -87.43 54.61 -28.75
C TRP GB 477 -88.31 55.32 -29.78
N LEU GB 478 -87.68 55.71 -30.89
CA LEU GB 478 -88.32 56.43 -31.97
C LEU GB 478 -87.98 55.78 -33.30
N PRO GB 479 -88.85 55.92 -34.30
CA PRO GB 479 -88.53 55.40 -35.63
C PRO GB 479 -87.38 56.18 -36.28
N GLY GB 480 -86.69 55.52 -37.19
CA GLY GB 480 -85.51 56.08 -37.83
C GLY GB 480 -85.77 57.33 -38.63
N PRO GB 481 -84.71 57.93 -39.17
CA PRO GB 481 -84.85 59.21 -39.88
C PRO GB 481 -85.56 59.04 -41.21
N CYS GB 482 -86.07 60.18 -41.68
CA CYS GB 482 -86.94 60.20 -42.87
C CYS GB 482 -86.54 61.32 -43.83
N TYR GB 483 -86.73 61.10 -45.13
CA TYR GB 483 -86.55 62.14 -46.14
C TYR GB 483 -87.62 61.87 -47.20
N ARG GB 484 -88.75 62.57 -47.08
CA ARG GB 484 -89.99 62.13 -47.74
C ARG GB 484 -89.84 62.06 -49.25
N GLN GB 485 -90.42 61.00 -49.82
CA GLN GB 485 -90.45 60.76 -51.25
C GLN GB 485 -91.88 60.89 -51.77
N GLN GB 486 -92.02 61.25 -53.04
CA GLN GB 486 -93.33 61.26 -53.67
C GLN GB 486 -93.82 59.84 -53.92
N ARG GB 487 -95.13 59.65 -53.78
CA ARG GB 487 -95.73 58.34 -53.94
C ARG GB 487 -96.25 58.18 -55.37
N VAL GB 488 -95.83 57.06 -55.97
CA VAL GB 488 -96.26 56.70 -57.35
C VAL GB 488 -96.91 55.33 -57.26
N SER GB 489 -97.85 55.01 -58.15
CA SER GB 489 -98.56 53.76 -58.15
C SER GB 489 -98.19 52.92 -59.37
N LYS GB 490 -98.13 51.61 -59.18
CA LYS GB 490 -97.81 50.69 -60.30
C LYS GB 490 -99.00 50.68 -61.27
N THR GB 491 -100.22 50.94 -60.77
CA THR GB 491 -101.40 51.08 -61.66
C THR GB 491 -101.29 52.46 -62.30
N SER GB 492 -101.11 52.54 -63.62
CA SER GB 492 -100.86 53.85 -64.27
C SER GB 492 -101.99 54.85 -64.06
N ALA GB 493 -103.25 54.45 -64.22
CA ALA GB 493 -104.35 55.40 -64.13
C ALA GB 493 -104.36 56.13 -62.79
N ASP GB 494 -103.80 55.52 -61.75
CA ASP GB 494 -103.81 56.12 -60.42
C ASP GB 494 -102.87 57.31 -60.29
N ASN GB 495 -101.98 57.51 -61.25
CA ASN GB 495 -100.98 58.57 -61.16
C ASN GB 495 -101.50 59.85 -61.80
N ASN GB 496 -100.91 60.97 -61.39
CA ASN GB 496 -101.29 62.26 -61.94
C ASN GB 496 -100.88 62.37 -63.41
N ASN GB 497 -101.74 62.96 -64.22
CA ASN GB 497 -101.50 63.10 -65.66
C ASN GB 497 -100.65 64.34 -65.91
N SER GB 498 -99.38 64.24 -65.53
CA SER GB 498 -98.42 65.32 -65.71
C SER GB 498 -97.02 64.75 -65.67
N GLU GB 499 -96.05 65.59 -66.05
CA GLU GB 499 -94.62 65.18 -65.99
C GLU GB 499 -94.06 65.70 -64.67
N TYR GB 500 -93.90 64.80 -63.70
CA TYR GB 500 -93.44 65.16 -62.36
C TYR GB 500 -92.24 64.33 -61.92
N SER GB 501 -91.50 63.75 -62.87
CA SER GB 501 -90.34 62.93 -62.49
C SER GB 501 -89.21 63.77 -61.91
N TRP GB 502 -89.21 65.07 -62.14
CA TRP GB 502 -88.21 65.97 -61.58
C TRP GB 502 -88.79 67.06 -60.70
N THR GB 503 -89.93 67.63 -61.08
CA THR GB 503 -90.54 68.67 -60.27
C THR GB 503 -90.97 68.12 -58.90
N GLY GB 504 -91.56 66.94 -58.89
CA GLY GB 504 -91.95 66.27 -57.67
C GLY GB 504 -90.90 65.37 -57.07
N ALA GB 505 -89.69 65.36 -57.64
CA ALA GB 505 -88.63 64.47 -57.19
C ALA GB 505 -88.00 64.98 -55.89
N THR GB 506 -87.46 64.05 -55.12
CA THR GB 506 -86.73 64.37 -53.90
C THR GB 506 -85.25 64.60 -54.25
N LYS GB 507 -84.73 65.77 -53.89
CA LYS GB 507 -83.43 66.20 -54.36
C LYS GB 507 -82.61 66.74 -53.19
N TYR GB 508 -81.28 66.71 -53.38
CA TYR GB 508 -80.37 67.41 -52.50
C TYR GB 508 -79.56 68.41 -53.31
N HIS GB 509 -79.27 69.56 -52.70
CA HIS GB 509 -78.63 70.68 -53.37
C HIS GB 509 -77.17 70.72 -52.95
N LEU GB 510 -76.25 70.71 -53.92
CA LEU GB 510 -74.82 70.70 -53.65
C LEU GB 510 -74.11 71.55 -54.69
N ASN GB 511 -73.50 72.66 -54.24
CA ASN GB 511 -72.74 73.55 -55.10
C ASN GB 511 -73.58 74.09 -56.25
N GLY GB 512 -74.84 74.40 -55.97
CA GLY GB 512 -75.73 74.96 -56.97
C GLY GB 512 -76.33 73.95 -57.93
N ARG GB 513 -76.04 72.67 -57.75
CA ARG GB 513 -76.66 71.66 -58.63
C ARG GB 513 -77.55 70.69 -57.85
N ASP GB 514 -78.74 70.40 -58.39
CA ASP GB 514 -79.68 69.46 -57.79
C ASP GB 514 -79.37 68.05 -58.27
N SER GB 515 -79.21 67.13 -57.33
CA SER GB 515 -79.02 65.72 -57.63
C SER GB 515 -80.20 64.93 -57.10
N LEU GB 516 -80.64 63.94 -57.86
CA LEU GB 516 -81.73 63.09 -57.43
C LEU GB 516 -81.31 62.26 -56.22
N VAL GB 517 -82.19 62.19 -55.22
CA VAL GB 517 -81.98 61.34 -54.05
C VAL GB 517 -82.52 59.97 -54.41
N ASN GB 518 -81.62 59.03 -54.70
CA ASN GB 518 -81.98 57.72 -55.21
C ASN GB 518 -80.94 56.69 -54.78
N PRO GB 519 -81.31 55.73 -53.94
CA PRO GB 519 -82.63 55.52 -53.32
C PRO GB 519 -82.81 56.29 -52.02
N GLY GB 520 -81.75 56.92 -51.52
CA GLY GB 520 -81.84 57.73 -50.33
C GLY GB 520 -81.83 56.92 -49.05
N PRO GB 521 -82.21 57.56 -47.94
CA PRO GB 521 -82.26 56.85 -46.66
C PRO GB 521 -83.22 55.68 -46.69
N ALA GB 522 -82.88 54.63 -45.95
CA ALA GB 522 -83.68 53.40 -45.94
C ALA GB 522 -85.03 53.67 -45.29
N MET GB 523 -86.10 53.51 -46.07
CA MET GB 523 -87.44 53.74 -45.60
C MET GB 523 -88.37 52.69 -46.21
N ALA GB 524 -89.46 52.42 -45.52
CA ALA GB 524 -90.43 51.44 -46.00
C ALA GB 524 -91.08 51.93 -47.29
N SER GB 525 -91.23 51.01 -48.25
CA SER GB 525 -91.82 51.38 -49.53
C SER GB 525 -93.29 51.76 -49.36
N HIS GB 526 -94.02 51.06 -48.51
CA HIS GB 526 -95.45 51.30 -48.34
C HIS GB 526 -95.89 50.76 -46.99
N LYS GB 527 -97.09 51.18 -46.57
CA LYS GB 527 -97.69 50.70 -45.34
C LYS GB 527 -98.52 49.45 -45.63
N ASP GB 528 -99.31 49.01 -44.66
CA ASP GB 528 -100.11 47.80 -44.82
C ASP GB 528 -101.10 47.95 -45.98
N ASP GB 529 -101.21 46.90 -46.78
CA ASP GB 529 -102.22 46.80 -47.84
C ASP GB 529 -102.09 47.92 -48.85
N GLU GB 530 -100.86 48.32 -49.16
CA GLU GB 530 -100.60 49.34 -50.17
C GLU GB 530 -99.42 48.94 -51.03
N GLU GB 531 -99.36 47.66 -51.41
CA GLU GB 531 -98.22 47.15 -52.15
C GLU GB 531 -98.08 47.75 -53.54
N LYS GB 532 -99.14 48.36 -54.08
CA LYS GB 532 -99.05 48.99 -55.38
C LYS GB 532 -98.31 50.32 -55.35
N PHE GB 533 -98.06 50.88 -54.17
CA PHE GB 533 -97.41 52.17 -54.03
C PHE GB 533 -95.93 51.98 -53.71
N PHE GB 534 -95.09 52.76 -54.38
CA PHE GB 534 -93.66 52.77 -54.11
C PHE GB 534 -93.15 54.20 -54.19
N PRO GB 535 -92.08 54.52 -53.47
CA PRO GB 535 -91.50 55.87 -53.57
C PRO GB 535 -90.95 56.13 -54.96
N GLN GB 536 -91.01 57.41 -55.36
CA GLN GB 536 -90.66 57.77 -56.73
C GLN GB 536 -89.20 57.43 -57.04
N SER GB 537 -88.30 57.73 -56.11
CA SER GB 537 -86.88 57.38 -56.27
C SER GB 537 -86.34 56.81 -54.97
N GLY GB 538 -87.16 56.03 -54.26
CA GLY GB 538 -86.76 55.49 -52.98
C GLY GB 538 -86.50 54.00 -52.95
N VAL GB 539 -86.57 53.31 -54.08
CA VAL GB 539 -86.31 51.87 -54.14
C VAL GB 539 -85.38 51.58 -55.31
N LEU GB 540 -84.65 50.48 -55.21
CA LEU GB 540 -83.86 50.01 -56.33
C LEU GB 540 -84.78 49.43 -57.41
N ILE GB 541 -84.49 49.75 -58.66
CA ILE GB 541 -85.27 49.25 -59.79
C ILE GB 541 -84.30 48.51 -60.71
N PHE GB 542 -84.51 47.22 -60.85
CA PHE GB 542 -83.68 46.38 -61.71
C PHE GB 542 -84.40 46.13 -63.03
N GLY GB 543 -83.63 46.04 -64.11
CA GLY GB 543 -84.18 45.78 -65.42
C GLY GB 543 -84.31 44.28 -65.67
N LYS GB 544 -85.41 43.91 -66.32
CA LYS GB 544 -85.58 42.55 -66.77
C LYS GB 544 -84.64 42.26 -67.93
N GLN GB 545 -84.51 40.99 -68.28
CA GLN GB 545 -83.63 40.60 -69.38
C GLN GB 545 -84.12 41.21 -70.69
N GLY GB 546 -83.20 41.82 -71.43
CA GLY GB 546 -83.54 42.44 -72.70
C GLY GB 546 -84.09 43.85 -72.60
N SER GB 547 -84.09 44.43 -71.39
CA SER GB 547 -84.68 45.77 -71.20
C SER GB 547 -83.77 46.84 -71.80
N GLU GB 548 -84.35 47.84 -72.45
CA GLU GB 548 -83.58 48.91 -73.07
C GLU GB 548 -83.07 49.88 -72.01
N LYS GB 549 -82.53 51.01 -72.45
CA LYS GB 549 -81.92 51.97 -71.55
C LYS GB 549 -82.83 53.13 -71.21
N THR GB 550 -83.60 53.64 -72.19
CA THR GB 550 -84.35 54.87 -72.02
C THR GB 550 -85.84 54.61 -72.11
N ASN GB 551 -86.58 55.06 -71.08
CA ASN GB 551 -88.04 55.13 -71.09
C ASN GB 551 -88.67 53.76 -71.37
N VAL GB 552 -88.24 52.76 -70.62
CA VAL GB 552 -88.87 51.46 -70.68
C VAL GB 552 -90.12 51.46 -69.81
N ASP GB 553 -91.09 50.62 -70.16
CA ASP GB 553 -92.34 50.58 -69.41
C ASP GB 553 -92.14 49.92 -68.05
N ILE GB 554 -93.18 50.00 -67.22
CA ILE GB 554 -93.09 49.43 -65.88
C ILE GB 554 -93.01 47.91 -65.93
N GLU GB 555 -93.65 47.29 -66.93
CA GLU GB 555 -93.58 45.85 -67.07
C GLU GB 555 -92.20 45.36 -67.50
N LYS GB 556 -91.32 46.26 -67.93
CA LYS GB 556 -89.96 45.90 -68.31
C LYS GB 556 -88.98 45.97 -67.14
N VAL GB 557 -89.41 46.45 -65.98
CA VAL GB 557 -88.54 46.60 -64.82
C VAL GB 557 -89.16 45.88 -63.63
N MET GB 558 -88.30 45.54 -62.68
CA MET GB 558 -88.70 44.89 -61.43
C MET GB 558 -88.38 45.83 -60.28
N ILE GB 559 -89.42 46.31 -59.60
CA ILE GB 559 -89.28 47.28 -58.52
C ILE GB 559 -89.18 46.53 -57.20
N THR GB 560 -88.14 46.84 -56.42
CA THR GB 560 -87.93 46.17 -55.16
C THR GB 560 -88.87 46.72 -54.09
N ASP GB 561 -89.00 45.95 -53.01
CA ASP GB 561 -89.88 46.35 -51.90
C ASP GB 561 -89.11 46.30 -50.59
N GLU GB 562 -89.22 47.35 -49.79
CA GLU GB 562 -88.58 47.46 -48.50
C GLU GB 562 -89.62 47.48 -47.39
N GLU GB 563 -90.63 46.62 -47.49
CA GLU GB 563 -91.70 46.58 -46.50
C GLU GB 563 -91.31 45.86 -45.22
N GLU GB 564 -90.24 45.06 -45.24
CA GLU GB 564 -89.83 44.33 -44.04
C GLU GB 564 -89.29 45.25 -42.96
N ILE GB 565 -88.95 46.49 -43.29
CA ILE GB 565 -88.36 47.42 -42.33
C ILE GB 565 -89.37 48.46 -41.86
N ARG GB 566 -90.65 48.30 -42.19
CA ARG GB 566 -91.67 49.23 -41.72
C ARG GB 566 -91.95 49.08 -40.24
N THR GB 567 -91.40 48.06 -39.59
CA THR GB 567 -91.55 47.91 -38.15
C THR GB 567 -90.79 49.00 -37.40
N THR GB 568 -89.64 49.43 -37.92
CA THR GB 568 -88.82 50.45 -37.27
C THR GB 568 -88.59 51.70 -38.13
N ASN GB 569 -88.80 51.63 -39.43
CA ASN GB 569 -88.52 52.75 -40.31
C ASN GB 569 -89.80 53.38 -40.82
N PRO GB 570 -89.85 54.70 -40.92
CA PRO GB 570 -91.06 55.36 -41.42
C PRO GB 570 -91.29 55.03 -42.89
N VAL GB 571 -92.56 55.08 -43.28
CA VAL GB 571 -92.91 54.89 -44.68
C VAL GB 571 -92.35 56.04 -45.49
N ALA GB 572 -91.78 55.72 -46.66
CA ALA GB 572 -91.05 56.71 -47.45
C ALA GB 572 -91.93 57.84 -47.91
N THR GB 573 -93.18 57.54 -48.26
CA THR GB 573 -94.07 58.52 -48.87
C THR GB 573 -94.92 59.28 -47.86
N GLU GB 574 -94.73 59.03 -46.57
CA GLU GB 574 -95.52 59.66 -45.53
C GLU GB 574 -94.62 60.48 -44.62
N GLN GB 575 -95.24 61.33 -43.80
CA GLN GB 575 -94.49 62.15 -42.87
C GLN GB 575 -93.94 61.31 -41.73
N TYR GB 576 -92.86 61.80 -41.13
CA TYR GB 576 -92.33 61.15 -39.93
C TYR GB 576 -93.31 61.25 -38.78
N GLY GB 577 -93.94 62.40 -38.61
CA GLY GB 577 -94.85 62.61 -37.50
C GLY GB 577 -95.34 64.04 -37.46
N SER GB 578 -95.72 64.48 -36.27
CA SER GB 578 -96.22 65.83 -36.07
C SER GB 578 -95.55 66.47 -34.87
N VAL GB 579 -95.33 67.78 -34.95
CA VAL GB 579 -94.78 68.57 -33.87
C VAL GB 579 -95.65 69.79 -33.66
N SER GB 580 -95.58 70.34 -32.44
CA SER GB 580 -96.29 71.57 -32.15
C SER GB 580 -95.60 72.76 -32.79
N THR GB 581 -96.40 73.75 -33.21
CA THR GB 581 -95.88 74.93 -33.87
C THR GB 581 -96.22 76.23 -33.15
N ASN GB 582 -97.02 76.21 -32.09
CA ASN GB 582 -97.39 77.42 -31.38
C ASN GB 582 -97.56 77.07 -29.90
N LEU GB 583 -98.10 78.01 -29.14
CA LEU GB 583 -98.36 77.84 -27.72
C LEU GB 583 -99.85 78.07 -27.48
N GLN GB 584 -100.57 76.99 -27.17
CA GLN GB 584 -101.99 77.10 -26.86
C GLN GB 584 -102.20 77.87 -25.57
N ARG GB 585 -103.30 78.61 -25.54
CA ARG GB 585 -103.60 79.48 -24.38
C ARG GB 585 -105.10 79.78 -24.35
N GLY GB 586 -105.69 79.82 -23.16
CA GLY GB 586 -107.08 80.20 -23.02
C GLY GB 586 -107.25 81.70 -22.83
N ASN GB 587 -108.50 82.09 -22.60
CA ASN GB 587 -108.84 83.53 -22.49
C ASN GB 587 -108.40 84.08 -21.13
N THR GB 594 -106.34 86.83 -26.51
CA THR GB 594 -107.48 85.96 -26.93
C THR GB 594 -107.05 84.50 -26.79
N SER GB 595 -107.93 83.55 -27.12
CA SER GB 595 -107.45 82.18 -27.02
C SER GB 595 -106.77 81.74 -28.31
N ARG GB 596 -105.81 80.83 -28.17
CA ARG GB 596 -105.10 80.24 -29.31
C ARG GB 596 -105.16 78.73 -29.19
N GLN GB 597 -105.66 78.07 -30.22
CA GLN GB 597 -105.74 76.61 -30.22
C GLN GB 597 -104.43 75.99 -30.64
N ALA GB 598 -104.14 74.81 -30.10
CA ALA GB 598 -102.90 74.11 -30.40
C ALA GB 598 -102.84 73.75 -31.88
N ALA GB 599 -101.68 73.97 -32.49
CA ALA GB 599 -101.46 73.71 -33.89
C ALA GB 599 -100.30 72.75 -34.07
N THR GB 600 -100.38 71.92 -35.12
CA THR GB 600 -99.36 70.93 -35.42
C THR GB 600 -98.99 71.01 -36.89
N ALA GB 601 -97.79 70.54 -37.21
CA ALA GB 601 -97.31 70.50 -38.58
C ALA GB 601 -96.69 69.14 -38.86
N ASP GB 602 -96.78 68.73 -40.12
CA ASP GB 602 -96.15 67.48 -40.55
C ASP GB 602 -94.63 67.65 -40.62
N VAL GB 603 -93.92 66.60 -40.26
CA VAL GB 603 -92.46 66.59 -40.31
C VAL GB 603 -92.08 65.75 -41.53
N ASN GB 604 -91.91 66.42 -42.67
CA ASN GB 604 -91.57 65.71 -43.90
C ASN GB 604 -90.10 65.31 -43.97
N THR GB 605 -89.24 65.95 -43.18
CA THR GB 605 -87.84 65.58 -43.10
C THR GB 605 -87.43 65.57 -41.63
N GLN GB 606 -86.84 64.46 -41.19
CA GLN GB 606 -86.44 64.30 -39.79
C GLN GB 606 -85.01 63.81 -39.73
N GLY GB 607 -84.15 64.56 -39.07
CA GLY GB 607 -82.80 64.13 -38.81
C GLY GB 607 -82.74 63.13 -37.68
N VAL GB 608 -81.53 62.64 -37.43
CA VAL GB 608 -81.33 61.64 -36.39
C VAL GB 608 -81.50 62.27 -35.02
N LEU GB 609 -82.31 61.65 -34.17
CA LEU GB 609 -82.55 62.04 -32.80
C LEU GB 609 -81.99 61.00 -31.85
N PRO GB 610 -81.61 61.38 -30.63
CA PRO GB 610 -81.22 60.37 -29.64
C PRO GB 610 -82.36 59.41 -29.35
N GLY GB 611 -82.03 58.13 -29.21
CA GLY GB 611 -83.03 57.10 -29.03
C GLY GB 611 -83.63 56.56 -30.30
N MET GB 612 -83.15 56.98 -31.46
CA MET GB 612 -83.71 56.54 -32.76
C MET GB 612 -83.10 55.19 -33.17
N VAL GB 613 -83.92 54.26 -33.67
CA VAL GB 613 -83.52 52.95 -34.15
C VAL GB 613 -84.07 52.76 -35.55
N TRP GB 614 -83.29 52.11 -36.41
CA TRP GB 614 -83.67 51.93 -37.81
C TRP GB 614 -82.97 50.70 -38.36
N GLN GB 615 -83.45 50.26 -39.52
CA GLN GB 615 -82.85 49.17 -40.28
C GLN GB 615 -82.30 49.72 -41.58
N ASP GB 616 -81.18 49.15 -42.03
CA ASP GB 616 -80.58 49.58 -43.28
C ASP GB 616 -81.32 48.99 -44.47
N ARG GB 617 -80.97 49.45 -45.66
CA ARG GB 617 -81.59 48.95 -46.87
C ARG GB 617 -81.18 47.51 -47.12
N ASP GB 618 -82.10 46.71 -47.64
CA ASP GB 618 -81.84 45.31 -47.93
C ASP GB 618 -80.89 45.17 -49.11
N VAL GB 619 -80.16 44.06 -49.14
CA VAL GB 619 -79.31 43.70 -50.26
C VAL GB 619 -80.04 42.66 -51.10
N TYR GB 620 -79.71 42.61 -52.38
CA TYR GB 620 -80.39 41.75 -53.33
C TYR GB 620 -79.36 40.94 -54.11
N LEU GB 621 -79.84 39.86 -54.73
CA LEU GB 621 -78.94 39.03 -55.53
C LEU GB 621 -78.34 39.83 -56.69
N GLN GB 622 -79.15 40.67 -57.33
CA GLN GB 622 -78.67 41.55 -58.39
C GLN GB 622 -78.08 42.85 -57.85
N GLY GB 623 -78.13 43.08 -56.54
CA GLY GB 623 -77.70 44.33 -55.97
C GLY GB 623 -76.22 44.40 -55.71
N PRO GB 624 -75.73 45.59 -55.38
CA PRO GB 624 -74.31 45.75 -55.05
C PRO GB 624 -73.97 45.15 -53.69
N ILE GB 625 -72.69 44.81 -53.54
CA ILE GB 625 -72.18 44.21 -52.31
C ILE GB 625 -71.60 45.25 -51.37
N TRP GB 626 -70.76 46.14 -51.88
CA TRP GB 626 -70.03 47.08 -51.04
C TRP GB 626 -69.95 48.44 -51.72
N ALA GB 627 -69.39 49.40 -51.00
CA ALA GB 627 -69.06 50.70 -51.53
C ALA GB 627 -67.95 51.29 -50.68
N LYS GB 628 -67.18 52.21 -51.27
CA LYS GB 628 -66.11 52.86 -50.55
C LYS GB 628 -66.65 54.06 -49.77
N ILE GB 629 -66.39 54.07 -48.47
CA ILE GB 629 -66.78 55.22 -47.65
C ILE GB 629 -65.91 56.42 -48.05
N PRO GB 630 -66.51 57.56 -48.39
CA PRO GB 630 -65.70 58.72 -48.80
C PRO GB 630 -64.74 59.15 -47.70
N HIS GB 631 -63.55 59.58 -48.11
CA HIS GB 631 -62.53 60.04 -47.18
C HIS GB 631 -62.90 61.44 -46.73
N THR GB 632 -63.66 61.53 -45.65
CA THR GB 632 -64.15 62.79 -45.14
C THR GB 632 -63.90 62.85 -43.63
N ASP GB 633 -63.96 64.05 -43.08
CA ASP GB 633 -63.69 64.25 -41.63
C ASP GB 633 -64.80 63.57 -40.83
N GLY GB 634 -66.05 63.69 -41.29
CA GLY GB 634 -67.15 63.13 -40.55
C GLY GB 634 -68.12 62.41 -41.47
N HIS GB 635 -68.76 61.39 -40.91
CA HIS GB 635 -69.83 60.66 -41.56
C HIS GB 635 -70.62 59.92 -40.49
N PHE GB 636 -71.92 59.76 -40.73
CA PHE GB 636 -72.81 59.10 -39.78
C PHE GB 636 -73.36 57.84 -40.42
N HIS GB 637 -73.17 56.71 -39.75
CA HIS GB 637 -73.66 55.41 -40.19
C HIS GB 637 -73.28 55.17 -41.65
N PRO GB 638 -72.01 54.90 -41.96
CA PRO GB 638 -71.55 54.80 -43.34
C PRO GB 638 -71.93 53.49 -44.05
N SER GB 639 -73.20 53.10 -43.92
CA SER GB 639 -73.75 52.05 -44.75
C SER GB 639 -74.19 52.64 -46.07
N PRO GB 640 -73.80 52.05 -47.21
CA PRO GB 640 -74.18 52.62 -48.50
C PRO GB 640 -75.70 52.69 -48.64
N LEU GB 641 -76.17 53.79 -49.22
CA LEU GB 641 -77.61 53.99 -49.35
C LEU GB 641 -78.22 53.06 -50.37
N MET GB 642 -77.46 52.64 -51.38
CA MET GB 642 -77.93 51.67 -52.35
C MET GB 642 -77.97 50.25 -51.79
N GLY GB 643 -77.42 50.02 -50.62
CA GLY GB 643 -77.42 48.71 -49.99
C GLY GB 643 -76.05 48.07 -50.03
N GLY GB 644 -75.69 47.42 -48.93
CA GLY GB 644 -74.42 46.73 -48.87
C GLY GB 644 -73.57 47.06 -47.66
N PHE GB 645 -72.26 46.86 -47.79
CA PHE GB 645 -71.31 47.04 -46.70
C PHE GB 645 -70.44 48.25 -46.98
N GLY GB 646 -70.39 49.18 -46.04
CA GLY GB 646 -69.51 50.32 -46.15
C GLY GB 646 -68.10 49.98 -45.73
N LEU GB 647 -67.13 50.20 -46.63
CA LEU GB 647 -65.75 49.81 -46.39
C LEU GB 647 -64.85 51.03 -46.54
N LYS GB 648 -64.06 51.32 -45.50
CA LYS GB 648 -63.06 52.38 -45.62
C LYS GB 648 -61.96 51.99 -46.60
N HIS GB 649 -61.62 50.71 -46.64
CA HIS GB 649 -60.65 50.17 -47.59
C HIS GB 649 -61.35 49.02 -48.33
N PRO GB 650 -62.13 49.33 -49.36
CA PRO GB 650 -62.85 48.29 -50.09
C PRO GB 650 -61.90 47.48 -50.95
N PRO GB 651 -62.38 46.41 -51.59
CA PRO GB 651 -61.54 45.67 -52.53
C PRO GB 651 -60.98 46.60 -53.59
N PRO GB 652 -59.68 46.58 -53.82
CA PRO GB 652 -59.07 47.56 -54.72
C PRO GB 652 -59.52 47.37 -56.16
N GLN GB 653 -59.51 48.47 -56.90
CA GLN GB 653 -59.80 48.42 -58.33
C GLN GB 653 -58.68 47.67 -59.05
N ILE GB 654 -59.07 46.78 -59.95
CA ILE GB 654 -58.13 46.00 -60.74
C ILE GB 654 -58.18 46.53 -62.16
N LEU GB 655 -57.09 47.17 -62.59
CA LEU GB 655 -57.02 47.82 -63.89
C LEU GB 655 -56.23 46.95 -64.86
N ILE GB 656 -56.77 46.76 -66.06
CA ILE GB 656 -56.16 45.93 -67.08
C ILE GB 656 -56.25 46.65 -68.42
N LYS GB 657 -55.19 46.58 -69.20
CA LYS GB 657 -55.20 47.15 -70.54
C LYS GB 657 -54.20 46.41 -71.41
N ASN GB 658 -54.41 46.48 -72.72
CA ASN GB 658 -53.50 45.87 -73.68
C ASN GB 658 -52.33 46.80 -73.92
N THR GB 659 -51.13 46.26 -73.91
CA THR GB 659 -49.95 47.06 -74.19
C THR GB 659 -49.96 47.47 -75.67
N PRO GB 660 -49.83 48.77 -75.97
CA PRO GB 660 -49.85 49.19 -77.38
C PRO GB 660 -48.64 48.65 -78.12
N VAL GB 661 -48.90 48.05 -79.28
CA VAL GB 661 -47.86 47.51 -80.15
C VAL GB 661 -47.79 48.41 -81.38
N PRO GB 662 -46.73 49.20 -81.54
CA PRO GB 662 -46.65 50.10 -82.69
C PRO GB 662 -46.63 49.33 -84.00
N ALA GB 663 -47.24 49.93 -85.02
CA ALA GB 663 -47.22 49.39 -86.37
C ALA GB 663 -45.87 49.73 -87.02
N ASN GB 664 -45.78 49.53 -88.33
CA ASN GB 664 -44.52 49.73 -89.03
C ASN GB 664 -44.06 51.18 -88.94
N PRO GB 665 -42.90 51.45 -88.36
CA PRO GB 665 -42.42 52.83 -88.27
C PRO GB 665 -41.72 53.28 -89.54
N SER GB 666 -41.53 54.59 -89.63
CA SER GB 666 -40.82 55.19 -90.78
C SER GB 666 -39.32 54.97 -90.60
N THR GB 667 -38.61 54.74 -91.70
CA THR GB 667 -37.17 54.56 -91.66
C THR GB 667 -36.43 55.83 -91.30
N THR GB 668 -37.09 56.98 -91.37
CA THR GB 668 -36.52 58.25 -90.96
C THR GB 668 -37.09 58.62 -89.59
N PHE GB 669 -36.23 59.16 -88.72
CA PHE GB 669 -36.67 59.49 -87.37
C PHE GB 669 -37.71 60.60 -87.40
N SER GB 670 -38.75 60.43 -86.58
CA SER GB 670 -39.78 61.43 -86.40
C SER GB 670 -40.04 61.59 -84.91
N ALA GB 671 -40.02 62.84 -84.44
CA ALA GB 671 -40.25 63.11 -83.03
C ALA GB 671 -41.72 63.07 -82.65
N ALA GB 672 -42.62 62.99 -83.62
CA ALA GB 672 -44.04 62.90 -83.33
C ALA GB 672 -44.34 61.57 -82.65
N LYS GB 673 -45.22 61.60 -81.66
CA LYS GB 673 -45.60 60.38 -80.95
C LYS GB 673 -46.32 59.43 -81.90
N PHE GB 674 -46.18 58.14 -81.60
CA PHE GB 674 -46.77 57.10 -82.49
C PHE GB 674 -48.29 57.19 -82.50
N ALA GB 675 -48.87 57.18 -83.69
CA ALA GB 675 -50.31 57.20 -83.85
C ALA GB 675 -50.86 55.98 -84.57
N SER GB 676 -50.00 55.12 -85.11
CA SER GB 676 -50.41 53.91 -85.80
C SER GB 676 -50.00 52.70 -84.96
N PHE GB 677 -50.96 51.82 -84.70
CA PHE GB 677 -50.74 50.64 -83.87
C PHE GB 677 -51.38 49.44 -84.52
N ILE GB 678 -50.91 48.26 -84.13
CA ILE GB 678 -51.52 47.01 -84.56
C ILE GB 678 -52.81 46.79 -83.77
N THR GB 679 -53.92 46.62 -84.48
CA THR GB 679 -55.19 46.39 -83.83
C THR GB 679 -55.17 45.05 -83.10
N GLN GB 680 -55.54 45.05 -81.83
CA GLN GB 680 -55.50 43.82 -81.06
C GLN GB 680 -56.41 43.93 -79.85
N TYR GB 681 -56.83 42.76 -79.36
CA TYR GB 681 -57.61 42.63 -78.15
C TYR GB 681 -57.07 41.45 -77.38
N SER GB 682 -57.61 41.24 -76.18
CA SER GB 682 -57.18 40.13 -75.34
C SER GB 682 -58.41 39.41 -74.78
N THR GB 683 -58.23 38.12 -74.49
CA THR GB 683 -59.26 37.32 -73.87
C THR GB 683 -58.59 36.43 -72.83
N GLY GB 684 -59.36 36.01 -71.84
CA GLY GB 684 -58.80 35.20 -70.78
C GLY GB 684 -59.87 34.81 -69.79
N GLN GB 685 -59.42 34.27 -68.67
CA GLN GB 685 -60.31 33.84 -67.59
C GLN GB 685 -60.00 34.62 -66.32
N VAL GB 686 -61.06 34.88 -65.56
CA VAL GB 686 -60.96 35.61 -64.30
C VAL GB 686 -61.63 34.79 -63.22
N SER GB 687 -60.99 34.69 -62.06
CA SER GB 687 -61.50 33.93 -60.92
C SER GB 687 -61.62 34.85 -59.71
N VAL GB 688 -62.77 34.81 -59.05
CA VAL GB 688 -63.02 35.55 -57.82
C VAL GB 688 -63.52 34.56 -56.77
N GLU GB 689 -62.82 34.48 -55.65
CA GLU GB 689 -63.21 33.61 -54.54
C GLU GB 689 -63.38 34.46 -53.29
N ILE GB 690 -64.57 34.46 -52.70
CA ILE GB 690 -64.86 35.25 -51.52
C ILE GB 690 -65.31 34.31 -50.41
N GLU GB 691 -64.73 34.48 -49.23
CA GLU GB 691 -65.16 33.79 -48.03
C GLU GB 691 -66.12 34.68 -47.25
N TRP GB 692 -67.29 34.15 -46.92
CA TRP GB 692 -68.32 34.88 -46.20
C TRP GB 692 -68.53 34.23 -44.83
N GLU GB 693 -68.73 35.06 -43.82
CA GLU GB 693 -69.06 34.59 -42.48
C GLU GB 693 -70.57 34.66 -42.27
N LEU GB 694 -71.12 33.61 -41.66
CA LEU GB 694 -72.55 33.48 -41.46
C LEU GB 694 -72.92 33.67 -40.00
N GLN GB 695 -74.06 34.29 -39.77
CA GLN GB 695 -74.64 34.45 -38.45
C GLN GB 695 -75.85 33.52 -38.38
N LYS GB 696 -75.67 32.37 -37.72
CA LYS GB 696 -76.69 31.34 -37.73
C LYS GB 696 -77.94 31.80 -36.98
N GLU GB 697 -79.10 31.46 -37.53
CA GLU GB 697 -80.37 31.78 -36.88
C GLU GB 697 -80.55 30.95 -35.61
N ASN GB 698 -81.00 31.61 -34.55
CA ASN GB 698 -81.19 30.99 -33.25
C ASN GB 698 -82.57 31.35 -32.71
N SER GB 699 -83.58 31.22 -33.56
CA SER GB 699 -84.93 31.63 -33.19
C SER GB 699 -85.60 30.58 -32.31
N LYS GB 700 -86.60 31.01 -31.53
CA LYS GB 700 -87.38 30.09 -30.66
C LYS GB 700 -88.87 30.24 -30.98
N ARG GB 701 -89.21 30.77 -32.16
CA ARG GB 701 -90.62 30.83 -32.54
C ARG GB 701 -91.16 29.43 -32.80
N TRP GB 702 -92.46 29.28 -32.60
CA TRP GB 702 -93.10 27.98 -32.69
C TRP GB 702 -93.60 27.67 -34.10
N ASN GB 703 -94.36 28.60 -34.68
CA ASN GB 703 -94.95 28.38 -35.99
C ASN GB 703 -93.92 28.57 -37.09
N PRO GB 704 -94.09 27.96 -38.28
CA PRO GB 704 -93.10 28.07 -39.35
C PRO GB 704 -92.85 29.51 -39.83
N GLU GB 705 -91.72 29.75 -40.50
CA GLU GB 705 -91.34 31.12 -40.93
C GLU GB 705 -91.60 31.32 -42.43
N ILE GB 706 -91.50 32.55 -42.91
CA ILE GB 706 -91.57 32.72 -44.40
C ILE GB 706 -90.21 32.34 -45.01
N GLN GB 707 -90.22 31.51 -46.05
CA GLN GB 707 -88.99 31.17 -46.74
C GLN GB 707 -89.15 31.43 -48.23
N TYR GB 708 -88.05 31.80 -48.88
CA TYR GB 708 -88.08 31.92 -50.33
C TYR GB 708 -88.18 30.54 -50.96
N THR GB 709 -89.01 30.40 -51.98
CA THR GB 709 -89.25 29.12 -52.59
C THR GB 709 -89.58 29.31 -54.07
N SER GB 710 -89.36 28.24 -54.83
CA SER GB 710 -89.76 28.27 -56.25
C SER GB 710 -91.24 27.93 -56.32
N ASN GB 711 -91.92 28.29 -57.41
CA ASN GB 711 -93.37 28.00 -57.43
C ASN GB 711 -93.54 26.62 -58.07
N TYR GB 712 -94.35 25.76 -57.46
CA TYR GB 712 -94.47 24.35 -57.93
C TYR GB 712 -95.25 24.30 -59.25
N ASN GB 713 -96.19 25.22 -59.49
CA ASN GB 713 -97.01 25.10 -60.68
C ASN GB 713 -96.15 25.05 -61.94
N LYS GB 714 -96.69 24.36 -62.95
CA LYS GB 714 -95.98 24.21 -64.24
C LYS GB 714 -95.82 25.55 -64.93
N SER GB 715 -94.78 25.66 -65.72
CA SER GB 715 -94.52 26.89 -66.46
C SER GB 715 -93.76 26.54 -67.73
N ILE GB 716 -93.80 27.47 -68.68
CA ILE GB 716 -93.05 27.28 -69.93
C ILE GB 716 -91.56 27.25 -69.66
N ASN GB 717 -91.08 28.16 -68.80
CA ASN GB 717 -89.67 28.26 -68.46
C ASN GB 717 -89.47 28.11 -66.96
N VAL GB 718 -88.36 27.52 -66.58
CA VAL GB 718 -87.98 27.43 -65.18
C VAL GB 718 -87.30 28.74 -64.78
N ASP GB 719 -87.54 29.19 -63.55
CA ASP GB 719 -86.96 30.43 -63.08
C ASP GB 719 -85.45 30.29 -62.91
N PHE GB 720 -84.74 31.38 -63.23
CA PHE GB 720 -83.29 31.44 -63.09
C PHE GB 720 -82.58 30.36 -63.90
N THR GB 721 -83.09 30.10 -65.10
CA THR GB 721 -82.47 29.20 -66.06
C THR GB 721 -82.39 29.90 -67.41
N VAL GB 722 -81.99 29.16 -68.42
CA VAL GB 722 -81.92 29.67 -69.79
C VAL GB 722 -83.19 29.27 -70.53
N ASP GB 723 -83.55 30.06 -71.53
CA ASP GB 723 -84.71 29.76 -72.36
C ASP GB 723 -84.26 28.97 -73.58
N THR GB 724 -85.16 28.84 -74.56
CA THR GB 724 -84.84 28.06 -75.78
C THR GB 724 -83.74 28.78 -76.57
N ASN GB 725 -83.49 30.05 -76.28
CA ASN GB 725 -82.40 30.81 -76.94
C ASN GB 725 -81.13 30.72 -76.08
N GLY GB 726 -81.20 30.00 -74.96
CA GLY GB 726 -80.04 29.88 -74.05
C GLY GB 726 -79.75 31.20 -73.36
N VAL GB 727 -80.75 32.09 -73.29
CA VAL GB 727 -80.55 33.42 -72.66
C VAL GB 727 -80.89 33.31 -71.16
N TYR GB 728 -79.91 33.59 -70.30
CA TYR GB 728 -80.15 33.53 -68.87
C TYR GB 728 -80.89 34.78 -68.40
N SER GB 729 -81.90 34.58 -67.55
CA SER GB 729 -82.68 35.67 -67.04
C SER GB 729 -82.90 35.48 -65.54
N GLU GB 730 -83.08 36.60 -64.84
CA GLU GB 730 -83.41 36.60 -63.42
C GLU GB 730 -84.83 37.14 -63.26
N PRO GB 731 -85.82 36.28 -63.04
CA PRO GB 731 -87.22 36.74 -63.13
C PRO GB 731 -87.61 37.80 -62.12
N ARG GB 732 -87.06 37.78 -60.91
CA ARG GB 732 -87.47 38.73 -59.89
C ARG GB 732 -86.28 39.04 -58.99
N PRO GB 733 -86.28 40.18 -58.32
CA PRO GB 733 -85.26 40.43 -57.29
C PRO GB 733 -85.55 39.61 -56.04
N ILE GB 734 -84.50 39.05 -55.46
CA ILE GB 734 -84.60 38.30 -54.22
C ILE GB 734 -83.81 39.05 -53.16
N GLY GB 735 -84.50 39.42 -52.08
CA GLY GB 735 -83.86 40.04 -50.94
C GLY GB 735 -83.26 38.99 -50.03
N THR GB 736 -83.04 39.37 -48.78
CA THR GB 736 -82.50 38.45 -47.78
C THR GB 736 -83.35 38.33 -46.53
N ARG GB 737 -84.42 39.12 -46.40
CA ARG GB 737 -85.14 39.25 -45.13
C ARG GB 737 -86.37 38.35 -45.15
N TYR GB 738 -86.15 37.09 -44.82
CA TYR GB 738 -87.22 36.09 -44.73
C TYR GB 738 -87.39 35.52 -43.34
N LEU GB 739 -86.28 35.22 -42.65
CA LEU GB 739 -86.37 34.83 -41.25
C LEU GB 739 -86.76 36.03 -40.40
N THR GB 740 -87.23 35.74 -39.18
CA THR GB 740 -87.70 36.78 -38.28
C THR GB 740 -86.93 36.72 -36.97
N ARG GB 741 -86.76 37.92 -36.38
CA ARG GB 741 -86.12 38.04 -35.05
C ARG GB 741 -86.92 39.08 -34.27
N ASN GB 742 -87.03 38.95 -32.94
CA ASN GB 742 -87.70 39.95 -32.11
C ASN GB 742 -86.88 41.23 -32.05
N LEU GB 743 -87.57 42.34 -31.82
CA LEU GB 743 -86.90 43.63 -31.66
C LEU GB 743 -86.07 43.67 -30.38
N ALA HB 218 44.59 59.62 -44.74
CA ALA HB 218 43.17 59.27 -44.57
C ALA HB 218 42.50 59.14 -45.94
N ASP HB 219 42.85 60.05 -46.85
CA ASP HB 219 42.17 60.09 -48.17
C ASP HB 219 43.22 60.13 -49.26
N GLY HB 220 44.49 59.90 -48.90
CA GLY HB 220 45.52 59.83 -49.94
C GLY HB 220 45.37 60.93 -50.99
N VAL HB 221 45.61 60.61 -52.27
CA VAL HB 221 45.58 61.64 -53.32
C VAL HB 221 44.36 61.32 -54.18
N GLY HB 222 43.41 62.22 -54.23
CA GLY HB 222 42.23 62.10 -55.04
C GLY HB 222 40.94 61.85 -54.28
N ASN HB 223 41.00 61.74 -52.96
CA ASN HB 223 39.82 61.57 -52.12
C ASN HB 223 39.67 62.79 -51.24
N SER HB 224 38.50 63.44 -51.30
CA SER HB 224 38.27 64.63 -50.52
C SER HB 224 38.13 64.28 -49.04
N SER HB 225 38.73 65.11 -48.19
CA SER HB 225 38.71 64.90 -46.76
C SER HB 225 37.70 65.80 -46.04
N GLY HB 226 36.84 66.49 -46.78
CA GLY HB 226 35.84 67.34 -46.16
C GLY HB 226 34.92 67.91 -47.22
N ASN HB 227 33.88 68.58 -46.73
CA ASN HB 227 32.87 69.20 -47.58
C ASN HB 227 32.71 70.67 -47.19
N TRP HB 228 32.07 71.43 -48.08
CA TRP HB 228 31.83 72.84 -47.85
C TRP HB 228 30.55 73.00 -47.05
N HIS HB 229 30.68 73.48 -45.82
CA HIS HB 229 29.51 73.70 -44.93
C HIS HB 229 29.50 75.17 -44.52
N CYS HB 230 28.74 75.99 -45.25
CA CYS HB 230 28.60 77.43 -44.91
C CYS HB 230 27.10 77.70 -44.81
N ASP HB 231 26.57 77.88 -43.60
CA ASP HB 231 25.10 78.06 -43.44
C ASP HB 231 24.76 78.40 -41.99
N SER HB 232 23.48 78.69 -41.71
CA SER HB 232 23.10 78.88 -40.31
C SER HB 232 21.75 78.25 -40.07
N THR HB 233 21.58 77.67 -38.89
CA THR HB 233 20.33 77.01 -38.50
C THR HB 233 19.82 77.67 -37.23
N TRP HB 234 18.57 78.15 -37.28
CA TRP HB 234 17.92 78.74 -36.12
C TRP HB 234 16.94 77.73 -35.54
N MET HB 235 17.18 77.33 -34.29
CA MET HB 235 16.30 76.32 -33.64
C MET HB 235 15.96 76.82 -32.23
N GLY HB 236 14.82 77.50 -32.08
CA GLY HB 236 14.39 77.97 -30.78
C GLY HB 236 15.34 79.01 -30.23
N ASP HB 237 15.92 78.72 -29.06
CA ASP HB 237 16.84 79.63 -28.38
C ASP HB 237 18.29 79.40 -28.78
N ARG HB 238 18.53 78.82 -29.96
CA ARG HB 238 19.89 78.58 -30.44
C ARG HB 238 19.99 78.97 -31.90
N VAL HB 239 21.16 79.44 -32.30
CA VAL HB 239 21.50 79.62 -33.70
C VAL HB 239 22.92 79.08 -33.89
N THR HB 240 23.07 78.16 -34.85
CA THR HB 240 24.35 77.57 -35.16
C THR HB 240 24.83 78.11 -36.51
N THR HB 241 25.93 78.85 -36.50
CA THR HB 241 26.50 79.42 -37.70
C THR HB 241 27.73 78.63 -38.10
N THR HB 242 27.79 78.23 -39.37
CA THR HB 242 28.93 77.50 -39.91
C THR HB 242 29.50 78.27 -41.10
N SER HB 243 30.81 78.34 -41.18
CA SER HB 243 31.49 79.08 -42.24
C SER HB 243 32.64 78.25 -42.79
N THR HB 244 32.82 78.31 -44.11
CA THR HB 244 33.94 77.66 -44.76
C THR HB 244 34.65 78.70 -45.64
N ARG HB 245 35.98 78.68 -45.60
CA ARG HB 245 36.80 79.60 -46.38
C ARG HB 245 37.97 78.84 -46.99
N THR HB 246 38.55 79.42 -48.04
CA THR HB 246 39.74 78.89 -48.66
C THR HB 246 40.92 79.75 -48.22
N TRP HB 247 41.94 79.12 -47.65
CA TRP HB 247 43.10 79.82 -47.12
C TRP HB 247 44.36 79.47 -47.90
N ALA HB 248 45.32 80.39 -47.86
CA ALA HB 248 46.63 80.19 -48.44
C ALA HB 248 47.68 80.48 -47.38
N LEU HB 249 48.59 79.55 -47.19
CA LEU HB 249 49.64 79.67 -46.17
C LEU HB 249 51.00 79.63 -46.82
N PRO HB 250 51.74 80.74 -46.83
CA PRO HB 250 53.09 80.75 -47.40
C PRO HB 250 54.10 80.23 -46.38
N THR HB 251 55.36 80.27 -46.76
CA THR HB 251 56.46 79.99 -45.85
C THR HB 251 56.91 81.30 -45.22
N TYR HB 252 56.89 81.36 -43.89
CA TYR HB 252 57.18 82.58 -43.16
C TYR HB 252 58.58 82.55 -42.59
N ASN HB 253 59.31 83.66 -42.76
CA ASN HB 253 60.66 83.84 -42.23
C ASN HB 253 61.66 82.83 -42.79
N ASN HB 254 61.31 82.17 -43.89
CA ASN HB 254 62.14 81.11 -44.47
C ASN HB 254 62.44 80.03 -43.42
N HIS HB 255 61.39 79.58 -42.74
CA HIS HB 255 61.44 78.52 -41.74
C HIS HB 255 62.29 78.87 -40.53
N LEU HB 256 62.41 80.15 -40.20
CA LEU HB 256 63.29 80.60 -39.13
C LEU HB 256 62.55 81.35 -38.06
N TYR HB 257 63.13 81.36 -36.86
CA TYR HB 257 62.61 82.23 -35.78
C TYR HB 257 63.58 83.40 -35.74
N LYS HB 258 63.10 84.62 -35.79
CA LYS HB 258 63.90 85.83 -35.82
C LYS HB 258 63.53 86.72 -34.64
N GLN HB 259 64.54 87.14 -33.89
CA GLN HB 259 64.32 88.11 -32.84
C GLN HB 259 64.00 89.47 -33.45
N ILE HB 260 62.93 90.09 -32.98
CA ILE HB 260 62.49 91.39 -33.48
C ILE HB 260 62.45 92.37 -32.32
N SER HB 261 62.62 93.65 -32.64
CA SER HB 261 62.60 94.69 -31.62
C SER HB 261 62.29 96.02 -32.32
N SER HB 262 61.97 97.01 -31.50
CA SER HB 262 61.68 98.34 -32.03
C SER HB 262 62.94 98.93 -32.66
N GLN HB 263 62.70 99.78 -33.65
CA GLN HB 263 63.83 100.38 -34.39
C GLN HB 263 64.56 101.35 -33.47
N SER HB 264 65.87 101.48 -33.67
CA SER HB 264 66.62 102.49 -32.90
C SER HB 264 66.09 103.88 -33.28
N GLY HB 265 66.00 104.78 -32.32
CA GLY HB 265 65.47 106.11 -32.50
C GLY HB 265 63.99 106.23 -32.25
N ALA HB 266 63.29 105.13 -32.00
CA ALA HB 266 61.88 105.19 -31.67
C ALA HB 266 61.68 105.80 -30.28
N SER HB 267 60.48 106.34 -30.06
CA SER HB 267 60.16 106.89 -28.76
C SER HB 267 60.05 105.78 -27.73
N ASN HB 268 60.12 106.16 -26.45
CA ASN HB 268 60.03 105.17 -25.39
C ASN HB 268 58.69 104.47 -25.37
N ASP HB 269 57.62 105.18 -25.73
CA ASP HB 269 56.29 104.56 -25.76
C ASP HB 269 56.18 103.50 -26.83
N ASN HB 270 56.99 103.60 -27.89
CA ASN HB 270 56.93 102.67 -29.02
C ASN HB 270 57.98 101.58 -28.95
N HIS HB 271 58.77 101.52 -27.87
CA HIS HB 271 59.79 100.49 -27.75
C HIS HB 271 59.16 99.13 -27.46
N TYR HB 272 59.71 98.08 -28.07
CA TYR HB 272 59.21 96.74 -27.84
C TYR HB 272 60.31 95.74 -28.17
N PHE HB 273 60.11 94.51 -27.67
CA PHE HB 273 60.99 93.39 -27.95
C PHE HB 273 60.14 92.13 -28.04
N GLY HB 274 60.48 91.27 -29.00
CA GLY HB 274 59.70 90.06 -29.18
C GLY HB 274 60.36 89.14 -30.17
N TYR HB 275 59.60 88.15 -30.63
CA TYR HB 275 60.09 87.16 -31.57
C TYR HB 275 59.07 86.93 -32.67
N SER HB 276 59.58 86.72 -33.88
CA SER HB 276 58.75 86.39 -35.04
C SER HB 276 58.92 84.90 -35.35
N THR HB 277 57.81 84.20 -35.47
CA THR HB 277 57.85 82.76 -35.69
C THR HB 277 57.51 82.43 -37.14
N PRO HB 278 57.99 81.28 -37.65
CA PRO HB 278 57.61 80.86 -39.00
C PRO HB 278 56.20 80.30 -39.11
N TRP HB 279 55.44 80.30 -38.03
CA TRP HB 279 54.09 79.75 -38.02
C TRP HB 279 53.06 80.80 -38.38
N GLY HB 280 51.91 80.32 -38.84
CA GLY HB 280 50.74 81.15 -39.00
C GLY HB 280 49.66 80.72 -38.02
N TYR HB 281 48.58 81.50 -37.97
CA TYR HB 281 47.47 81.20 -37.07
C TYR HB 281 46.16 81.52 -37.75
N PHE HB 282 45.13 80.76 -37.38
CA PHE HB 282 43.79 80.94 -37.92
C PHE HB 282 42.98 81.80 -36.96
N ASP HB 283 42.50 82.94 -37.45
CA ASP HB 283 41.75 83.90 -36.65
C ASP HB 283 40.33 83.98 -37.19
N PHE HB 284 39.36 83.76 -36.31
CA PHE HB 284 37.95 84.00 -36.62
C PHE HB 284 37.27 84.77 -35.50
N ASN HB 285 38.01 85.70 -34.88
CA ASN HB 285 37.51 86.49 -33.76
C ASN HB 285 36.85 87.78 -34.24
N ARG HB 286 35.93 87.64 -35.20
CA ARG HB 286 35.11 88.75 -35.67
C ARG HB 286 33.76 88.19 -36.05
N PHE HB 287 32.69 88.94 -35.79
CA PHE HB 287 31.32 88.40 -35.99
C PHE HB 287 31.02 88.15 -37.47
N HIS HB 288 31.60 88.94 -38.37
CA HIS HB 288 31.35 88.82 -39.83
C HIS HB 288 31.88 87.46 -40.35
N CYS HB 289 32.76 86.81 -39.59
CA CYS HB 289 33.35 85.50 -39.98
C CYS HB 289 32.30 84.39 -39.82
N HIS HB 290 31.23 84.64 -39.07
CA HIS HB 290 30.21 83.63 -38.81
C HIS HB 290 28.81 84.07 -39.18
N PHE HB 291 28.49 85.36 -39.08
CA PHE HB 291 27.15 85.87 -39.34
C PHE HB 291 27.12 86.61 -40.66
N SER HB 292 26.18 86.24 -41.52
CA SER HB 292 25.87 87.07 -42.67
C SER HB 292 25.12 88.31 -42.22
N PRO HB 293 25.10 89.36 -43.05
CA PRO HB 293 24.31 90.56 -42.67
C PRO HB 293 22.85 90.26 -42.40
N ARG HB 294 22.23 89.37 -43.18
CA ARG HB 294 20.87 88.96 -42.88
C ARG HB 294 20.79 88.21 -41.56
N ASP HB 295 21.79 87.37 -41.28
CA ASP HB 295 21.84 86.69 -39.99
C ASP HB 295 21.98 87.69 -38.84
N TRP HB 296 22.82 88.71 -39.02
CA TRP HB 296 22.96 89.74 -38.01
C TRP HB 296 21.66 90.50 -37.79
N GLN HB 297 20.95 90.83 -38.87
CA GLN HB 297 19.69 91.53 -38.74
C GLN HB 297 18.65 90.67 -38.03
N ARG HB 298 18.63 89.37 -38.35
CA ARG HB 298 17.74 88.45 -37.66
C ARG HB 298 18.09 88.33 -36.18
N LEU HB 299 19.38 88.39 -35.84
CA LEU HB 299 19.80 88.29 -34.45
C LEU HB 299 19.44 89.54 -33.65
N ILE HB 300 19.73 90.72 -34.20
CA ILE HB 300 19.64 91.93 -33.41
C ILE HB 300 18.24 92.51 -33.35
N ASN HB 301 17.36 92.15 -34.29
CA ASN HB 301 16.00 92.68 -34.29
C ASN HB 301 15.03 91.86 -33.47
N ASN HB 302 15.45 90.72 -32.94
CA ASN HB 302 14.53 89.80 -32.28
C ASN HB 302 15.01 89.28 -30.93
N ASN HB 303 16.26 89.52 -30.54
CA ASN HB 303 16.82 88.95 -29.34
C ASN HB 303 17.31 90.04 -28.41
N TRP HB 304 17.11 89.84 -27.11
CA TRP HB 304 17.62 90.73 -26.08
C TRP HB 304 19.03 90.38 -25.65
N GLY HB 305 19.60 89.27 -26.13
CA GLY HB 305 20.95 88.90 -25.77
C GLY HB 305 21.38 87.65 -26.49
N PHE HB 306 22.68 87.42 -26.50
CA PHE HB 306 23.26 86.22 -27.09
C PHE HB 306 24.65 86.00 -26.51
N ARG HB 307 25.10 84.74 -26.60
CA ARG HB 307 26.42 84.37 -26.12
C ARG HB 307 26.85 83.09 -26.81
N PRO HB 308 28.14 82.90 -27.04
CA PRO HB 308 28.61 81.64 -27.63
C PRO HB 308 28.58 80.49 -26.64
N LYS HB 309 28.34 79.29 -27.16
CA LYS HB 309 28.21 78.08 -26.36
C LYS HB 309 29.30 77.07 -26.65
N ARG HB 310 29.52 76.72 -27.91
CA ARG HB 310 30.55 75.76 -28.29
C ARG HB 310 30.93 76.01 -29.74
N LEU HB 311 32.11 75.53 -30.12
CA LEU HB 311 32.57 75.68 -31.49
C LEU HB 311 33.21 74.39 -31.98
N ASN HB 312 33.21 74.22 -33.30
CA ASN HB 312 33.87 73.05 -33.96
C ASN HB 312 34.74 73.64 -35.07
N PHE HB 313 35.96 73.14 -35.23
CA PHE HB 313 36.94 73.64 -36.18
C PHE HB 313 37.45 72.49 -37.03
N LYS HB 314 37.62 72.78 -38.32
CA LYS HB 314 38.15 71.73 -39.23
C LYS HB 314 39.05 72.27 -40.32
N LEU HB 315 40.17 71.60 -40.57
CA LEU HB 315 41.04 71.87 -41.72
C LEU HB 315 41.03 70.63 -42.61
N PHE HB 316 40.84 70.84 -43.91
CA PHE HB 316 40.68 69.71 -44.82
C PHE HB 316 41.05 70.16 -46.23
N ASN HB 317 41.13 69.17 -47.12
CA ASN HB 317 41.48 69.38 -48.52
C ASN HB 317 42.79 70.14 -48.64
N ILE HB 318 43.79 69.69 -47.89
CA ILE HB 318 45.07 70.38 -47.81
C ILE HB 318 45.92 70.01 -49.01
N GLN HB 319 46.39 71.02 -49.73
CA GLN HB 319 47.24 70.85 -50.90
C GLN HB 319 48.54 71.62 -50.66
N VAL HB 320 49.67 70.94 -50.82
CA VAL HB 320 50.97 71.58 -50.74
C VAL HB 320 51.50 71.75 -52.15
N LYS HB 321 51.79 73.00 -52.51
CA LYS HB 321 52.26 73.35 -53.84
C LYS HB 321 53.72 73.76 -53.78
N GLU HB 322 54.53 73.16 -54.65
CA GLU HB 322 55.94 73.51 -54.76
C GLU HB 322 56.12 74.54 -55.87
N VAL HB 323 56.81 75.64 -55.55
CA VAL HB 323 57.03 76.74 -56.48
C VAL HB 323 58.50 76.74 -56.88
N THR HB 324 58.75 76.78 -58.19
CA THR HB 324 60.10 76.87 -58.73
C THR HB 324 60.17 78.04 -59.71
N GLN HB 325 61.36 78.60 -59.85
CA GLN HB 325 61.58 79.75 -60.72
C GLN HB 325 62.87 79.52 -61.51
N ASN HB 326 62.73 79.22 -62.79
CA ASN HB 326 63.87 78.93 -63.65
C ASN HB 326 63.82 79.84 -64.86
N ASP HB 327 64.88 80.65 -65.04
CA ASP HB 327 65.00 81.56 -66.17
C ASP HB 327 63.81 82.52 -66.26
N GLY HB 328 63.35 83.01 -65.11
CA GLY HB 328 62.28 83.97 -65.08
C GLY HB 328 60.88 83.40 -65.21
N THR HB 329 60.73 82.09 -65.15
CA THR HB 329 59.43 81.44 -65.28
C THR HB 329 59.01 80.85 -63.94
N THR HB 330 57.79 81.17 -63.51
CA THR HB 330 57.24 80.64 -62.26
C THR HB 330 56.38 79.42 -62.58
N THR HB 331 56.81 78.26 -62.08
CA THR HB 331 56.12 76.99 -62.29
C THR HB 331 55.65 76.45 -60.96
N ILE HB 332 54.38 76.09 -60.87
CA ILE HB 332 53.78 75.57 -59.66
C ILE HB 332 53.32 74.14 -59.92
N ALA HB 333 53.74 73.22 -59.07
CA ALA HB 333 53.38 71.82 -59.20
C ALA HB 333 52.99 71.27 -57.83
N ASN HB 334 52.20 70.20 -57.85
CA ASN HB 334 51.77 69.58 -56.61
C ASN HB 334 52.93 68.87 -55.91
N ASN HB 335 52.87 68.87 -54.58
CA ASN HB 335 53.79 68.10 -53.74
C ASN HB 335 52.93 67.21 -52.84
N LEU HB 336 52.71 65.97 -53.28
CA LEU HB 336 51.78 65.09 -52.58
C LEU HB 336 52.37 64.47 -51.32
N THR HB 337 53.68 64.60 -51.09
CA THR HB 337 54.32 64.01 -49.93
C THR HB 337 54.67 65.01 -48.84
N SER HB 338 54.50 66.31 -49.09
CA SER HB 338 54.78 67.31 -48.07
C SER HB 338 53.63 67.39 -47.08
N THR HB 339 53.96 67.87 -45.87
CA THR HB 339 53.00 67.97 -44.78
C THR HB 339 52.86 69.41 -44.32
N VAL HB 340 51.82 69.64 -43.53
CA VAL HB 340 51.63 70.88 -42.78
C VAL HB 340 51.40 70.51 -41.32
N GLN HB 341 52.05 71.25 -40.43
CA GLN HB 341 51.95 70.99 -38.99
C GLN HB 341 50.88 71.88 -38.39
N VAL HB 342 49.91 71.27 -37.70
CA VAL HB 342 48.81 71.98 -37.07
C VAL HB 342 48.70 71.53 -35.62
N PHE HB 343 48.60 72.50 -34.71
CA PHE HB 343 48.30 72.19 -33.32
C PHE HB 343 47.55 73.36 -32.70
N THR HB 344 46.74 73.04 -31.69
CA THR HB 344 45.98 74.02 -30.95
C THR HB 344 46.61 74.20 -29.58
N ASP HB 345 46.78 75.47 -29.18
CA ASP HB 345 47.35 75.79 -27.87
C ASP HB 345 46.27 75.72 -26.80
N SER HB 346 45.82 74.50 -26.49
CA SER HB 346 44.69 74.32 -25.56
C SER HB 346 45.11 74.51 -24.11
N GLU HB 347 46.41 74.48 -23.82
CA GLU HB 347 46.87 74.75 -22.46
C GLU HB 347 47.27 76.20 -22.27
N TYR HB 348 47.15 77.04 -23.31
CA TYR HB 348 47.44 78.47 -23.22
C TYR HB 348 48.85 78.73 -22.71
N GLN HB 349 49.81 77.98 -23.25
CA GLN HB 349 51.21 78.16 -22.90
C GLN HB 349 51.93 79.14 -23.81
N LEU HB 350 51.29 79.63 -24.85
CA LEU HB 350 51.86 80.60 -25.76
C LEU HB 350 51.20 81.97 -25.55
N PRO HB 351 51.90 83.05 -25.87
CA PRO HB 351 51.29 84.38 -25.77
C PRO HB 351 50.06 84.49 -26.67
N TYR HB 352 48.95 84.90 -26.08
CA TYR HB 352 47.66 84.95 -26.77
C TYR HB 352 47.59 86.25 -27.55
N VAL HB 353 47.80 86.16 -28.87
CA VAL HB 353 47.76 87.34 -29.73
C VAL HB 353 46.39 87.57 -30.35
N LEU HB 354 45.48 86.61 -30.24
CA LEU HB 354 44.09 86.86 -30.62
C LEU HB 354 43.46 87.82 -29.63
N GLY HB 355 42.46 88.56 -30.10
CA GLY HB 355 41.82 89.56 -29.27
C GLY HB 355 42.51 90.91 -29.25
N SER HB 356 43.48 91.14 -30.12
CA SER HB 356 44.11 92.45 -30.27
C SER HB 356 43.64 93.19 -31.51
N ALA HB 357 42.52 92.76 -32.09
CA ALA HB 357 41.93 93.40 -33.27
C ALA HB 357 42.91 93.43 -34.45
N HIS HB 358 43.49 92.27 -34.74
CA HIS HB 358 44.46 92.14 -35.81
C HIS HB 358 43.81 91.69 -37.11
N GLN HB 359 44.39 92.12 -38.22
CA GLN HB 359 43.94 91.70 -39.54
C GLN HB 359 44.34 90.26 -39.81
N GLY HB 360 43.72 89.67 -40.83
CA GLY HB 360 43.98 88.30 -41.19
C GLY HB 360 42.90 87.31 -40.80
N CYS HB 361 41.72 87.78 -40.45
CA CYS HB 361 40.63 86.90 -40.06
C CYS HB 361 40.03 86.22 -41.29
N LEU HB 362 39.03 85.39 -41.04
CA LEU HB 362 38.25 84.83 -42.13
C LEU HB 362 37.45 85.94 -42.80
N PRO HB 363 37.53 86.07 -44.13
CA PRO HB 363 36.86 87.20 -44.77
C PRO HB 363 35.36 87.10 -44.60
N PRO HB 364 34.67 88.25 -44.49
CA PRO HB 364 33.21 88.21 -44.31
C PRO HB 364 32.47 87.55 -45.45
N PHE HB 365 32.95 87.70 -46.68
CA PHE HB 365 32.30 87.08 -47.83
C PHE HB 365 32.82 85.66 -48.01
N PRO HB 366 31.93 84.66 -48.05
CA PRO HB 366 32.41 83.26 -48.13
C PRO HB 366 33.20 82.93 -49.37
N ALA HB 367 33.11 83.73 -50.43
CA ALA HB 367 33.80 83.45 -51.68
C ALA HB 367 35.21 84.00 -51.72
N ASP HB 368 35.64 84.75 -50.71
CA ASP HB 368 36.97 85.35 -50.69
C ASP HB 368 38.01 84.38 -50.17
N VAL HB 369 39.20 84.43 -50.75
CA VAL HB 369 40.34 83.62 -50.34
C VAL HB 369 41.30 84.52 -49.55
N PHE HB 370 41.76 84.05 -48.40
CA PHE HB 370 42.56 84.86 -47.50
C PHE HB 370 43.88 84.19 -47.17
N MET HB 371 44.88 85.02 -46.91
CA MET HB 371 46.19 84.56 -46.47
C MET HB 371 46.21 84.38 -44.96
N VAL HB 372 46.89 83.35 -44.50
CA VAL HB 372 47.00 83.05 -43.07
C VAL HB 372 48.02 84.00 -42.45
N PRO HB 373 47.64 84.78 -41.43
CA PRO HB 373 48.58 85.76 -40.86
C PRO HB 373 49.72 85.07 -40.12
N GLN HB 374 50.87 85.75 -40.12
CA GLN HB 374 52.05 85.23 -39.44
C GLN HB 374 51.95 85.44 -37.94
N TYR HB 375 52.31 84.41 -37.18
CA TYR HB 375 52.25 84.47 -35.73
C TYR HB 375 53.50 85.12 -35.17
N GLY HB 376 53.32 86.00 -34.20
CA GLY HB 376 54.42 86.65 -33.52
C GLY HB 376 53.96 87.17 -32.18
N TYR HB 377 54.90 87.29 -31.25
CA TYR HB 377 54.57 87.70 -29.90
C TYR HB 377 55.62 88.68 -29.39
N LEU HB 378 55.25 89.44 -28.37
CA LEU HB 378 56.14 90.36 -27.69
C LEU HB 378 56.35 89.90 -26.26
N THR HB 379 57.55 90.18 -25.75
CA THR HB 379 57.88 89.85 -24.37
C THR HB 379 58.41 91.11 -23.68
N LEU HB 380 58.92 90.94 -22.46
CA LEU HB 380 59.41 92.10 -21.68
C LEU HB 380 60.57 92.79 -22.41
N ASN HB 381 60.62 94.11 -22.36
CA ASN HB 381 61.71 94.86 -23.00
C ASN HB 381 62.16 96.03 -22.13
N ASN HB 382 63.45 96.30 -22.07
CA ASN HB 382 63.95 97.51 -21.41
C ASN HB 382 64.43 98.38 -22.57
N GLY HB 383 63.52 99.12 -23.20
CA GLY HB 383 63.90 99.85 -24.42
C GLY HB 383 63.83 98.89 -25.60
N SER HB 384 64.80 98.93 -26.51
CA SER HB 384 64.83 97.98 -27.61
C SER HB 384 65.47 96.65 -27.21
N GLN HB 385 66.04 96.56 -26.01
CA GLN HB 385 66.69 95.36 -25.53
C GLN HB 385 65.72 94.50 -24.72
N ALA HB 386 66.20 93.33 -24.32
CA ALA HB 386 65.44 92.41 -23.50
C ALA HB 386 65.99 92.38 -22.07
N VAL HB 387 65.23 91.75 -21.18
CA VAL HB 387 65.64 91.55 -19.80
C VAL HB 387 65.71 90.05 -19.54
N GLY HB 388 66.20 89.70 -18.35
CA GLY HB 388 66.34 88.30 -18.00
C GLY HB 388 65.01 87.58 -17.87
N ARG HB 389 63.94 88.31 -17.60
CA ARG HB 389 62.62 87.73 -17.46
C ARG HB 389 61.93 87.51 -18.79
N SER HB 390 62.48 88.02 -19.89
CA SER HB 390 61.87 87.82 -21.20
C SER HB 390 61.84 86.34 -21.56
N SER HB 391 60.72 85.91 -22.14
CA SER HB 391 60.48 84.52 -22.45
C SER HB 391 60.58 84.29 -23.95
N PHE HB 392 61.21 83.17 -24.33
CA PHE HB 392 61.28 82.73 -25.71
C PHE HB 392 60.51 81.43 -25.86
N TYR HB 393 59.73 81.31 -26.92
CA TYR HB 393 58.89 80.16 -27.17
C TYR HB 393 59.19 79.57 -28.54
N CYS HB 394 59.53 78.30 -28.57
CA CYS HB 394 59.67 77.54 -29.81
C CYS HB 394 58.40 76.73 -30.01
N LEU HB 395 57.69 76.99 -31.10
CA LEU HB 395 56.43 76.33 -31.38
C LEU HB 395 56.61 74.89 -31.87
N GLU HB 396 57.82 74.51 -32.26
CA GLU HB 396 58.11 73.12 -32.58
C GLU HB 396 58.32 72.28 -31.34
N TYR HB 397 58.32 72.90 -30.15
CA TYR HB 397 58.47 72.18 -28.85
C TYR HB 397 57.09 71.73 -28.37
N PHE HB 398 56.06 71.98 -29.15
CA PHE HB 398 54.70 71.52 -28.92
C PHE HB 398 54.39 70.30 -29.79
N PRO HB 399 53.59 69.36 -29.30
CA PRO HB 399 53.14 68.26 -30.16
C PRO HB 399 52.16 68.78 -31.21
N SER HB 400 52.47 68.52 -32.47
CA SER HB 400 51.64 68.98 -33.58
C SER HB 400 51.28 67.80 -34.48
N GLN HB 401 50.19 67.95 -35.20
CA GLN HB 401 49.69 66.92 -36.11
C GLN HB 401 50.16 67.24 -37.52
N MET HB 402 50.77 66.25 -38.18
CA MET HB 402 51.30 66.41 -39.52
C MET HB 402 50.28 65.91 -40.52
N LEU HB 403 49.94 66.75 -41.51
CA LEU HB 403 48.88 66.46 -42.46
C LEU HB 403 49.42 66.49 -43.88
N ARG HB 404 49.32 65.37 -44.56
CA ARG HB 404 49.58 65.31 -46.00
C ARG HB 404 48.30 65.65 -46.76
N THR HB 405 48.38 65.61 -48.09
CA THR HB 405 47.15 65.78 -48.91
C THR HB 405 46.30 64.53 -48.66
N GLY HB 406 45.10 64.70 -48.13
CA GLY HB 406 44.23 63.61 -47.75
C GLY HB 406 44.02 63.47 -46.27
N ASN HB 407 44.79 64.17 -45.45
CA ASN HB 407 44.58 64.22 -44.01
C ASN HB 407 43.80 65.46 -43.62
N ASN HB 408 43.03 65.36 -42.55
CA ASN HB 408 42.26 66.48 -42.03
C ASN HB 408 42.53 66.65 -40.55
N PHE HB 409 42.25 67.85 -40.06
CA PHE HB 409 42.41 68.21 -38.66
C PHE HB 409 41.07 68.70 -38.13
N THR HB 410 40.78 68.38 -36.86
CA THR HB 410 39.56 68.84 -36.25
C THR HB 410 39.74 68.92 -34.74
N PHE HB 411 38.96 69.81 -34.11
CA PHE HB 411 38.91 69.87 -32.66
C PHE HB 411 37.65 70.61 -32.26
N SER HB 412 37.16 70.31 -31.06
CA SER HB 412 35.95 70.91 -30.52
C SER HB 412 36.28 71.65 -29.24
N TYR HB 413 35.59 72.77 -29.03
CA TYR HB 413 35.82 73.63 -27.87
C TYR HB 413 34.47 74.04 -27.29
N THR HB 414 34.41 74.12 -25.97
CA THR HB 414 33.21 74.56 -25.28
C THR HB 414 33.50 75.88 -24.57
N PHE HB 415 32.69 76.89 -24.86
CA PHE HB 415 32.83 78.18 -24.19
C PHE HB 415 32.45 78.05 -22.73
N GLU HB 416 33.14 78.80 -21.87
CA GLU HB 416 32.74 78.90 -20.49
C GLU HB 416 31.47 79.75 -20.37
N ASP HB 417 30.83 79.66 -19.20
CA ASP HB 417 29.62 80.43 -18.96
C ASP HB 417 29.97 81.92 -18.92
N VAL HB 418 29.30 82.70 -19.77
CA VAL HB 418 29.53 84.14 -19.84
C VAL HB 418 28.18 84.84 -19.87
N PRO HB 419 28.12 86.09 -19.43
CA PRO HB 419 26.86 86.83 -19.50
C PRO HB 419 26.41 87.05 -20.93
N PHE HB 420 25.09 87.09 -21.12
CA PHE HB 420 24.54 87.45 -22.42
C PHE HB 420 24.94 88.88 -22.75
N HIS HB 421 25.31 89.11 -24.01
CA HIS HB 421 25.55 90.47 -24.46
C HIS HB 421 24.25 91.25 -24.43
N SER HB 422 24.32 92.49 -23.92
CA SER HB 422 23.13 93.37 -23.83
C SER HB 422 22.80 93.93 -25.21
N SER HB 423 22.11 93.14 -26.03
CA SER HB 423 21.71 93.59 -27.36
C SER HB 423 20.39 94.37 -27.31
N TYR HB 424 20.35 95.38 -26.43
CA TYR HB 424 19.18 96.21 -26.26
C TYR HB 424 19.62 97.58 -25.80
N ALA HB 425 18.75 98.56 -26.00
CA ALA HB 425 18.93 99.91 -25.48
C ALA HB 425 17.86 100.18 -24.44
N HIS HB 426 18.27 100.78 -23.32
CA HIS HB 426 17.32 101.07 -22.26
C HIS HB 426 16.34 102.15 -22.70
N SER HB 427 15.05 101.92 -22.48
CA SER HB 427 14.02 102.89 -22.77
C SER HB 427 13.76 103.83 -21.60
N GLN HB 428 14.50 103.68 -20.50
CA GLN HB 428 14.45 104.59 -19.37
C GLN HB 428 15.85 105.11 -19.08
N SER HB 429 15.91 106.33 -18.56
CA SER HB 429 17.17 106.91 -18.11
C SER HB 429 17.33 106.68 -16.61
N LEU HB 430 18.59 106.58 -16.18
CA LEU HB 430 18.87 106.31 -14.77
C LEU HB 430 18.42 107.43 -13.86
N ASP HB 431 18.25 108.65 -14.40
CA ASP HB 431 17.85 109.82 -13.57
C ASP HB 431 16.34 110.07 -13.73
N ARG HB 432 15.62 109.18 -14.44
CA ARG HB 432 14.19 109.33 -14.67
C ARG HB 432 13.47 108.02 -14.36
N LEU HB 433 13.79 107.41 -13.21
CA LEU HB 433 13.22 106.13 -12.82
C LEU HB 433 12.07 106.27 -11.84
N MET HB 434 11.61 107.49 -11.57
CA MET HB 434 10.62 107.74 -10.54
C MET HB 434 9.22 107.81 -11.14
N ASN HB 435 8.23 107.98 -10.26
CA ASN HB 435 6.86 108.22 -10.66
C ASN HB 435 6.63 109.73 -10.71
N PRO HB 436 6.40 110.32 -11.89
CA PRO HB 436 6.28 111.78 -11.97
C PRO HB 436 5.03 112.34 -11.33
N LEU HB 437 4.06 111.50 -10.96
CA LEU HB 437 2.81 111.96 -10.41
C LEU HB 437 2.83 112.12 -8.90
N ILE HB 438 3.70 111.40 -8.20
CA ILE HB 438 3.71 111.35 -6.74
C ILE HB 438 4.99 112.01 -6.24
N ASP HB 439 4.86 112.88 -5.24
CA ASP HB 439 6.01 113.48 -4.61
C ASP HB 439 6.73 112.45 -3.73
N GLN HB 440 8.00 112.72 -3.48
CA GLN HB 440 8.78 111.92 -2.54
C GLN HB 440 8.49 112.37 -1.11
N TYR HB 441 8.58 111.41 -0.18
CA TYR HB 441 8.47 111.76 1.23
C TYR HB 441 9.79 112.27 1.82
N LEU HB 442 10.89 112.10 1.11
CA LEU HB 442 12.18 112.59 1.58
C LEU HB 442 12.33 114.06 1.23
N TYR HB 443 13.10 114.76 2.06
CA TYR HB 443 13.35 116.18 1.90
C TYR HB 443 14.78 116.42 1.43
N TYR HB 444 14.97 117.51 0.70
CA TYR HB 444 16.28 117.95 0.26
C TYR HB 444 16.42 119.43 0.56
N LEU HB 445 17.65 119.86 0.80
CA LEU HB 445 17.94 121.27 1.03
C LEU HB 445 17.69 122.05 -0.24
N SER HB 446 16.62 122.85 -0.26
CA SER HB 446 16.23 123.59 -1.46
C SER HB 446 16.66 125.04 -1.42
N ARG HB 447 16.70 125.62 -0.23
CA ARG HB 447 17.14 127.03 -0.12
C ARG HB 447 18.17 127.17 1.00
N THR HB 448 19.08 128.12 0.84
CA THR HB 448 20.11 128.37 1.83
C THR HB 448 20.03 129.76 2.46
N ASN HB 449 19.14 130.62 1.98
CA ASN HB 449 18.95 131.94 2.56
C ASN HB 449 17.54 132.42 2.27
N THR HB 450 17.13 133.46 2.99
CA THR HB 450 15.82 134.09 2.79
C THR HB 450 15.98 135.60 2.78
N PRO HB 451 15.08 136.35 2.09
CA PRO HB 451 15.15 137.80 2.12
C PRO HB 451 15.00 138.29 3.57
N SER HB 452 15.96 139.07 4.06
CA SER HB 452 15.85 139.64 5.43
C SER HB 452 16.04 141.15 5.32
N GLY HB 453 15.05 141.94 5.72
CA GLY HB 453 15.13 143.40 5.54
C GLY HB 453 15.33 143.75 4.07
N THR HB 454 16.38 144.51 3.76
CA THR HB 454 16.69 144.84 2.34
C THR HB 454 17.95 144.07 1.94
N THR HB 455 18.45 143.22 2.83
CA THR HB 455 19.63 142.37 2.51
C THR HB 455 19.18 140.91 2.48
N THR HB 456 20.10 139.98 2.75
CA THR HB 456 19.73 138.53 2.83
C THR HB 456 20.21 137.96 4.16
N GLN HB 457 19.55 136.90 4.63
CA GLN HB 457 19.94 136.26 5.87
C GLN HB 457 20.01 134.75 5.65
N SER HB 458 21.02 134.11 6.22
CA SER HB 458 21.20 132.68 6.06
C SER HB 458 20.08 131.92 6.76
N ARG HB 459 19.45 131.00 6.04
CA ARG HB 459 18.32 130.24 6.57
C ARG HB 459 18.15 128.99 5.71
N LEU HB 460 18.24 127.82 6.34
CA LEU HB 460 18.10 126.56 5.61
C LEU HB 460 16.63 126.18 5.49
N GLN HB 461 16.22 125.78 4.28
CA GLN HB 461 14.88 125.31 4.02
C GLN HB 461 14.94 124.02 3.21
N PHE HB 462 13.91 123.19 3.37
CA PHE HB 462 13.87 121.87 2.76
C PHE HB 462 12.54 121.67 2.05
N SER HB 463 12.58 120.93 0.95
CA SER HB 463 11.40 120.68 0.14
C SER HB 463 11.35 119.20 -0.23
N GLN HB 464 10.14 118.73 -0.53
CA GLN HB 464 9.95 117.39 -1.07
C GLN HB 464 9.98 117.47 -2.59
N ALA HB 465 10.75 116.59 -3.22
CA ALA HB 465 10.96 116.64 -4.65
C ALA HB 465 9.81 115.98 -5.40
N GLY HB 466 9.37 116.62 -6.47
CA GLY HB 466 8.34 116.09 -7.35
C GLY HB 466 8.79 116.19 -8.80
N ALA HB 467 7.83 116.46 -9.68
CA ALA HB 467 8.12 116.55 -11.10
C ALA HB 467 8.77 117.88 -11.48
N SER HB 468 8.37 118.97 -10.82
CA SER HB 468 8.88 120.29 -11.19
C SER HB 468 10.35 120.44 -10.84
N ASP HB 469 10.79 119.83 -9.74
CA ASP HB 469 12.18 119.85 -9.34
C ASP HB 469 12.75 118.44 -9.40
N ILE HB 470 12.47 117.74 -10.50
CA ILE HB 470 12.81 116.34 -10.66
C ILE HB 470 14.29 116.06 -10.54
N ARG HB 471 15.14 117.07 -10.77
CA ARG HB 471 16.58 116.88 -10.68
C ARG HB 471 17.06 116.69 -9.25
N ASP HB 472 16.26 117.08 -8.26
CA ASP HB 472 16.66 117.01 -6.86
C ASP HB 472 16.15 115.77 -6.15
N GLN HB 473 15.51 114.85 -6.87
CA GLN HB 473 14.93 113.67 -6.24
C GLN HB 473 16.01 112.76 -5.70
N SER HB 474 15.75 112.17 -4.53
CA SER HB 474 16.65 111.19 -3.96
C SER HB 474 16.63 109.91 -4.80
N ARG HB 475 17.82 109.37 -5.06
CA ARG HB 475 17.97 108.23 -5.96
C ARG HB 475 18.83 107.17 -5.31
N ASN HB 476 18.69 105.94 -5.82
CA ASN HB 476 19.38 104.79 -5.25
C ASN HB 476 20.64 104.39 -6.01
N TRP HB 477 20.84 104.92 -7.22
CA TRP HB 477 21.90 104.45 -8.10
C TRP HB 477 22.65 105.63 -8.70
N LEU HB 478 23.81 105.32 -9.27
CA LEU HB 478 24.72 106.30 -9.86
C LEU HB 478 25.14 105.84 -11.25
N PRO HB 479 25.47 106.78 -12.14
CA PRO HB 479 25.99 106.39 -13.45
C PRO HB 479 27.36 105.75 -13.35
N GLY HB 480 27.68 104.93 -14.34
CA GLY HB 480 28.90 104.15 -14.35
C GLY HB 480 30.17 104.98 -14.37
N PRO HB 481 31.31 104.31 -14.28
CA PRO HB 481 32.58 105.03 -14.18
C PRO HB 481 32.95 105.74 -15.48
N CYS HB 482 33.84 106.72 -15.31
CA CYS HB 482 34.21 107.61 -16.42
C CYS HB 482 35.71 107.81 -16.52
N TYR HB 483 36.23 108.01 -17.73
CA TYR HB 483 37.62 108.37 -17.95
C TYR HB 483 37.63 109.33 -19.14
N ARG HB 484 37.62 110.63 -18.85
CA ARG HB 484 37.20 111.62 -19.83
C ARG HB 484 38.07 111.59 -21.09
N GLN HB 485 37.41 111.74 -22.24
CA GLN HB 485 38.04 111.80 -23.54
C GLN HB 485 37.87 113.19 -24.13
N GLN HB 486 38.81 113.58 -24.99
CA GLN HB 486 38.67 114.84 -25.71
C GLN HB 486 37.60 114.71 -26.79
N ARG HB 487 36.87 115.80 -27.01
CA ARG HB 487 35.78 115.83 -27.98
C ARG HB 487 36.28 116.35 -29.31
N VAL HB 488 35.99 115.57 -30.35
CA VAL HB 488 36.35 115.94 -31.75
C VAL HB 488 35.05 115.95 -32.55
N SER HB 489 34.96 116.74 -33.60
CA SER HB 489 33.78 116.88 -34.43
C SER HB 489 34.03 116.30 -35.81
N LYS HB 490 32.98 115.68 -36.38
CA LYS HB 490 33.09 115.12 -37.75
C LYS HB 490 33.16 116.28 -38.75
N THR HB 491 32.60 117.44 -38.41
CA THR HB 491 32.75 118.66 -39.25
C THR HB 491 34.16 119.20 -38.99
N SER HB 492 35.03 119.18 -39.99
CA SER HB 492 36.46 119.55 -39.76
C SER HB 492 36.62 120.97 -39.22
N ALA HB 493 35.92 121.96 -39.79
CA ALA HB 493 36.13 123.34 -39.37
C ALA HB 493 35.89 123.53 -37.88
N ASP HB 494 35.08 122.67 -37.27
CA ASP HB 494 34.75 122.81 -35.86
C ASP HB 494 35.90 122.44 -34.94
N ASN HB 495 36.95 121.80 -35.45
CA ASN HB 495 38.04 121.34 -34.63
C ASN HB 495 39.13 122.39 -34.53
N ASN HB 496 39.93 122.29 -33.46
CA ASN HB 496 41.03 123.22 -33.27
C ASN HB 496 42.10 123.03 -34.33
N ASN HB 497 42.66 124.13 -34.82
CA ASN HB 497 43.68 124.10 -35.87
C ASN HB 497 45.06 123.87 -35.24
N SER HB 498 45.26 122.64 -34.78
CA SER HB 498 46.52 122.23 -34.16
C SER HB 498 46.62 120.72 -34.20
N GLU HB 499 47.82 120.22 -33.87
CA GLU HB 499 48.05 118.76 -33.81
C GLU HB 499 47.88 118.34 -32.36
N TYR HB 500 46.75 117.75 -32.03
CA TYR HB 500 46.42 117.35 -30.67
C TYR HB 500 46.03 115.88 -30.57
N SER HB 501 46.44 115.05 -31.53
CA SER HB 501 46.09 113.64 -31.48
C SER HB 501 46.80 112.90 -30.35
N TRP HB 502 47.87 113.47 -29.81
CA TRP HB 502 48.58 112.87 -28.69
C TRP HB 502 48.64 113.77 -27.47
N THR HB 503 48.84 115.08 -27.66
CA THR HB 503 48.88 115.99 -26.52
C THR HB 503 47.54 116.02 -25.78
N GLY HB 504 46.44 116.06 -26.53
CA GLY HB 504 45.11 116.03 -25.97
C GLY HB 504 44.53 114.64 -25.81
N ALA HB 505 45.31 113.61 -26.06
CA ALA HB 505 44.82 112.24 -26.01
C ALA HB 505 44.70 111.76 -24.56
N THR HB 506 43.80 110.81 -24.36
CA THR HB 506 43.62 110.16 -23.07
C THR HB 506 44.55 108.96 -22.97
N LYS HB 507 45.39 108.94 -21.94
CA LYS HB 507 46.48 107.97 -21.86
C LYS HB 507 46.52 107.35 -20.47
N TYR HB 508 47.12 106.16 -20.41
CA TYR HB 508 47.48 105.54 -19.15
C TYR HB 508 48.98 105.30 -19.13
N HIS HB 509 49.57 105.45 -17.95
CA HIS HB 509 51.02 105.39 -17.75
C HIS HB 509 51.37 104.05 -17.14
N LEU HB 510 52.28 103.31 -17.78
CA LEU HB 510 52.67 101.98 -17.32
C LEU HB 510 54.16 101.80 -17.58
N ASN HB 511 54.93 101.66 -16.49
CA ASN HB 511 56.37 101.41 -16.56
C ASN HB 511 57.09 102.51 -17.35
N GLY HB 512 56.66 103.75 -17.16
CA GLY HB 512 57.29 104.87 -17.82
C GLY HB 512 56.88 105.09 -19.26
N ARG HB 513 55.96 104.29 -19.77
CA ARG HB 513 55.49 104.51 -21.16
C ARG HB 513 54.01 104.85 -21.21
N ASP HB 514 53.63 105.84 -22.01
CA ASP HB 514 52.25 106.25 -22.22
C ASP HB 514 51.63 105.42 -23.33
N SER HB 515 50.48 104.82 -23.05
CA SER HB 515 49.72 104.09 -24.04
C SER HB 515 48.38 104.78 -24.25
N LEU HB 516 47.93 104.84 -25.50
CA LEU HB 516 46.64 105.44 -25.80
C LEU HB 516 45.52 104.60 -25.20
N VAL HB 517 44.55 105.28 -24.58
CA VAL HB 517 43.36 104.63 -24.06
C VAL HB 517 42.36 104.58 -25.21
N ASN HB 518 42.21 103.40 -25.80
CA ASN HB 518 41.41 103.24 -27.00
C ASN HB 518 40.83 101.83 -27.05
N PRO HB 519 39.49 101.69 -26.96
CA PRO HB 519 38.48 102.73 -26.80
C PRO HB 519 38.23 103.09 -25.33
N GLY HB 520 38.81 102.35 -24.40
CA GLY HB 520 38.68 102.65 -23.00
C GLY HB 520 37.36 102.19 -22.40
N PRO HB 521 37.04 102.71 -21.22
CA PRO HB 521 35.78 102.33 -20.56
C PRO HB 521 34.58 102.73 -21.41
N ALA HB 522 33.53 101.91 -21.32
CA ALA HB 522 32.33 102.12 -22.13
C ALA HB 522 31.62 103.40 -21.69
N MET HB 523 31.54 104.36 -22.59
CA MET HB 523 30.91 105.64 -22.31
C MET HB 523 30.14 106.09 -23.55
N ALA HB 524 29.12 106.92 -23.32
CA ALA HB 524 28.32 107.43 -24.42
C ALA HB 524 29.15 108.34 -25.32
N SER HB 525 28.98 108.18 -26.62
CA SER HB 525 29.74 109.00 -27.57
C SER HB 525 29.36 110.47 -27.48
N HIS HB 526 28.07 110.76 -27.28
CA HIS HB 526 27.61 112.14 -27.26
C HIS HB 526 26.27 112.19 -26.54
N LYS HB 527 25.87 113.40 -26.17
CA LYS HB 527 24.58 113.64 -25.54
C LYS HB 527 23.52 113.88 -26.61
N ASP HB 528 22.34 114.34 -26.19
CA ASP HB 528 21.26 114.59 -27.13
C ASP HB 528 21.63 115.64 -28.15
N ASP HB 529 21.29 115.38 -29.41
CA ASP HB 529 21.43 116.34 -30.50
C ASP HB 529 22.88 116.81 -30.68
N GLU HB 530 23.81 115.87 -30.51
CA GLU HB 530 25.23 116.16 -30.72
C GLU HB 530 25.89 114.99 -31.44
N GLU HB 531 25.21 114.45 -32.45
CA GLU HB 531 25.70 113.26 -33.14
C GLU HB 531 26.99 113.53 -33.91
N LYS HB 532 27.33 114.79 -34.20
CA LYS HB 532 28.57 115.08 -34.90
C LYS HB 532 29.79 114.96 -34.00
N PHE HB 533 29.62 114.86 -32.70
CA PHE HB 533 30.73 114.79 -31.76
C PHE HB 533 30.98 113.35 -31.34
N PHE HB 534 32.25 112.97 -31.31
CA PHE HB 534 32.66 111.65 -30.84
C PHE HB 534 33.95 111.79 -30.03
N PRO HB 535 34.18 110.89 -29.08
CA PRO HB 535 35.43 110.93 -28.32
C PRO HB 535 36.63 110.67 -29.21
N GLN HB 536 37.75 111.29 -28.85
CA GLN HB 536 38.93 111.25 -29.70
C GLN HB 536 39.44 109.82 -29.89
N SER HB 537 39.47 109.04 -28.81
CA SER HB 537 39.85 107.63 -28.89
C SER HB 537 38.92 106.78 -28.06
N GLY HB 538 37.63 107.13 -28.04
CA GLY HB 538 36.66 106.43 -27.24
C GLY HB 538 35.66 105.57 -27.99
N VAL HB 539 35.79 105.45 -29.31
CA VAL HB 539 34.89 104.63 -30.11
C VAL HB 539 35.71 103.78 -31.07
N LEU HB 540 35.14 102.65 -31.48
CA LEU HB 540 35.75 101.85 -32.51
C LEU HB 540 35.59 102.53 -33.86
N ILE HB 541 36.64 102.53 -34.66
CA ILE HB 541 36.63 103.12 -35.99
C ILE HB 541 37.01 102.02 -36.98
N PHE HB 542 36.06 101.68 -37.86
CA PHE HB 542 36.27 100.67 -38.87
C PHE HB 542 36.57 101.34 -40.21
N GLY HB 543 37.42 100.70 -41.00
CA GLY HB 543 37.77 101.20 -42.31
C GLY HB 543 36.79 100.74 -43.37
N LYS HB 544 36.45 101.64 -44.29
CA LYS HB 544 35.66 101.26 -45.44
C LYS HB 544 36.49 100.40 -46.39
N GLN HB 545 35.82 99.79 -47.36
CA GLN HB 545 36.51 98.94 -48.32
C GLN HB 545 37.51 99.76 -49.13
N GLY HB 546 38.73 99.25 -49.25
CA GLY HB 546 39.78 99.92 -49.98
C GLY HB 546 40.52 100.99 -49.22
N SER HB 547 40.25 101.12 -47.92
CA SER HB 547 40.87 102.20 -47.11
C SER HB 547 42.35 101.87 -46.85
N GLU HB 548 43.23 102.87 -46.93
CA GLU HB 548 44.64 102.68 -46.71
C GLU HB 548 44.93 102.52 -45.22
N LYS HB 549 46.22 102.54 -44.87
CA LYS HB 549 46.62 102.29 -43.49
C LYS HB 549 46.92 103.58 -42.72
N THR HB 550 47.54 104.56 -43.37
CA THR HB 550 48.05 105.74 -42.69
C THR HB 550 47.32 107.00 -43.16
N ASN HB 551 46.78 107.74 -42.19
CA ASN HB 551 46.27 109.11 -42.42
C ASN HB 551 45.20 109.14 -43.50
N VAL HB 552 44.21 108.26 -43.38
CA VAL HB 552 43.06 108.30 -44.26
C VAL HB 552 42.08 109.35 -43.76
N ASP HB 553 41.28 109.91 -44.67
CA ASP HB 553 40.35 110.95 -44.31
C ASP HB 553 39.17 110.38 -43.52
N ILE HB 554 38.36 111.28 -42.98
CA ILE HB 554 37.21 110.83 -42.18
C ILE HB 554 36.17 110.14 -43.06
N GLU HB 555 36.05 110.55 -44.33
CA GLU HB 555 35.11 109.90 -45.23
C GLU HB 555 35.54 108.49 -45.61
N LYS HB 556 36.78 108.11 -45.31
CA LYS HB 556 37.27 106.76 -45.58
C LYS HB 556 37.02 105.80 -44.44
N VAL HB 557 36.54 106.28 -43.29
CA VAL HB 557 36.32 105.44 -42.12
C VAL HB 557 34.88 105.60 -41.65
N MET HB 558 34.42 104.60 -40.91
CA MET HB 558 33.09 104.58 -40.33
C MET HB 558 33.23 104.57 -38.81
N ILE HB 559 32.78 105.64 -38.18
CA ILE HB 559 32.93 105.82 -36.73
C ILE HB 559 31.67 105.30 -36.04
N THR HB 560 31.85 104.41 -35.08
CA THR HB 560 30.72 103.82 -34.38
C THR HB 560 30.14 104.80 -33.35
N ASP HB 561 28.92 104.50 -32.93
CA ASP HB 561 28.23 105.38 -31.96
C ASP HB 561 27.75 104.53 -30.79
N GLU HB 562 28.00 104.98 -29.58
CA GLU HB 562 27.59 104.34 -28.34
C GLU HB 562 26.56 105.18 -27.61
N GLU HB 563 25.60 105.75 -28.34
CA GLU HB 563 24.60 106.61 -27.74
C GLU HB 563 23.50 105.84 -27.03
N GLU HB 564 23.35 104.54 -27.30
CA GLU HB 564 22.30 103.76 -26.66
C GLU HB 564 22.55 103.55 -25.18
N ILE HB 565 23.77 103.79 -24.70
CA ILE HB 565 24.11 103.56 -23.31
C ILE HB 565 24.20 104.86 -22.52
N ARG HB 566 23.78 105.98 -23.09
CA ARG HB 566 23.79 107.24 -22.37
C ARG HB 566 22.72 107.29 -21.29
N THR HB 567 21.83 106.32 -21.24
CA THR HB 567 20.84 106.25 -20.17
C THR HB 567 21.50 105.95 -18.82
N THR HB 568 22.55 105.14 -18.81
CA THR HB 568 23.24 104.76 -17.58
C THR HB 568 24.71 105.14 -17.55
N ASN HB 569 25.32 105.43 -18.69
CA ASN HB 569 26.75 105.72 -18.74
C ASN HB 569 26.99 107.20 -19.03
N PRO HB 570 27.98 107.80 -18.37
CA PRO HB 570 28.28 109.20 -18.63
C PRO HB 570 28.79 109.41 -20.04
N VAL HB 571 28.55 110.61 -20.56
CA VAL HB 571 29.09 110.99 -21.85
C VAL HB 571 30.61 111.03 -21.78
N ALA HB 572 31.26 110.49 -22.82
CA ALA HB 572 32.70 110.30 -22.78
C ALA HB 572 33.45 111.63 -22.69
N THR HB 573 32.94 112.65 -23.36
CA THR HB 573 33.65 113.93 -23.46
C THR HB 573 33.29 114.91 -22.36
N GLU HB 574 32.44 114.53 -21.42
CA GLU HB 574 32.01 115.41 -20.35
C GLU HB 574 32.43 114.84 -19.01
N GLN HB 575 32.32 115.68 -17.98
CA GLN HB 575 32.68 115.26 -16.63
C GLN HB 575 31.62 114.30 -16.07
N TYR HB 576 32.06 113.48 -15.12
CA TYR HB 576 31.12 112.61 -14.42
C TYR HB 576 30.14 113.43 -13.59
N GLY HB 577 30.64 114.47 -12.93
CA GLY HB 577 29.79 115.28 -12.05
C GLY HB 577 30.62 116.31 -11.32
N SER HB 578 30.11 116.73 -10.17
CA SER HB 578 30.77 117.73 -9.34
C SER HB 578 30.80 117.27 -7.90
N VAL HB 579 31.88 117.62 -7.20
CA VAL HB 579 32.06 117.34 -5.79
C VAL HB 579 32.47 118.63 -5.09
N SER HB 580 32.21 118.68 -3.78
CA SER HB 580 32.64 119.81 -2.98
C SER HB 580 34.14 119.74 -2.73
N THR HB 581 34.78 120.91 -2.65
CA THR HB 581 36.22 120.99 -2.45
C THR HB 581 36.62 121.76 -1.20
N ASN HB 582 35.68 122.38 -0.49
CA ASN HB 582 35.99 123.15 0.70
C ASN HB 582 34.83 123.02 1.68
N LEU HB 583 34.88 123.84 2.74
CA LEU HB 583 33.83 123.88 3.75
C LEU HB 583 33.27 125.29 3.82
N GLN HB 584 32.05 125.47 3.35
CA GLN HB 584 31.40 126.77 3.42
C GLN HB 584 31.14 127.16 4.87
N ARG HB 585 31.22 128.46 5.11
CA ARG HB 585 31.07 128.98 6.48
C ARG HB 585 30.69 130.46 6.41
N GLY HB 586 29.81 130.90 7.30
CA GLY HB 586 29.46 132.31 7.40
C GLY HB 586 30.36 133.07 8.35
N ASN HB 587 30.03 134.35 8.54
CA ASN HB 587 30.88 135.23 9.37
C ASN HB 587 30.67 134.94 10.86
N THR HB 594 36.53 134.71 8.35
CA THR HB 594 35.71 135.41 7.34
C THR HB 594 34.73 134.42 6.71
N SER HB 595 33.89 134.85 5.76
CA SER HB 595 33.03 133.84 5.17
C SER HB 595 33.71 133.16 3.99
N ARG HB 596 33.36 131.90 3.77
CA ARG HB 596 33.85 131.12 2.64
C ARG HB 596 32.67 130.53 1.89
N GLN HB 597 32.59 130.80 0.59
CA GLN HB 597 31.50 130.28 -0.22
C GLN HB 597 31.80 128.87 -0.69
N ALA HB 598 30.75 128.07 -0.86
CA ALA HB 598 30.91 126.68 -1.28
C ALA HB 598 31.52 126.61 -2.68
N ALA HB 599 32.48 125.71 -2.85
CA ALA HB 599 33.19 125.53 -4.10
C ALA HB 599 33.04 124.10 -4.58
N THR HB 600 33.01 123.93 -5.90
CA THR HB 600 32.86 122.62 -6.53
C THR HB 600 33.91 122.46 -7.62
N ALA HB 601 34.22 121.20 -7.94
CA ALA HB 601 35.16 120.87 -8.99
C ALA HB 601 34.57 119.78 -9.87
N ASP HB 602 34.96 119.80 -11.14
CA ASP HB 602 34.55 118.76 -12.06
C ASP HB 602 35.31 117.47 -11.78
N VAL HB 603 34.62 116.35 -11.94
CA VAL HB 603 35.22 115.03 -11.74
C VAL HB 603 35.45 114.44 -13.13
N ASN HB 604 36.64 114.67 -13.67
CA ASN HB 604 36.98 114.19 -15.00
C ASN HB 604 37.30 112.70 -15.02
N THR HB 605 37.64 112.11 -13.88
CA THR HB 605 37.87 110.68 -13.78
C THR HB 605 37.18 110.18 -12.52
N GLN HB 606 36.36 109.13 -12.67
CA GLN HB 606 35.59 108.58 -11.57
C GLN HB 606 35.77 107.07 -11.54
N GLY HB 607 36.27 106.55 -10.42
CA GLY HB 607 36.34 105.12 -10.23
C GLY HB 607 34.98 104.55 -9.85
N VAL HB 608 34.96 103.22 -9.70
CA VAL HB 608 33.71 102.54 -9.39
C VAL HB 608 33.32 102.82 -7.94
N LEU HB 609 32.08 103.22 -7.74
CA LEU HB 609 31.48 103.47 -6.45
C LEU HB 609 30.39 102.45 -6.16
N PRO HB 610 30.12 102.16 -4.89
CA PRO HB 610 28.98 101.28 -4.57
C PRO HB 610 27.67 101.90 -5.06
N GLY HB 611 26.81 101.05 -5.60
CA GLY HB 611 25.57 101.52 -6.19
C GLY HB 611 25.66 101.96 -7.64
N MET HB 612 26.84 101.79 -8.26
CA MET HB 612 27.03 102.25 -9.67
C MET HB 612 26.53 101.17 -10.64
N VAL HB 613 25.83 101.58 -11.70
CA VAL HB 613 25.31 100.70 -12.75
C VAL HB 613 25.76 101.25 -14.09
N TRP HB 614 26.09 100.35 -15.02
CA TRP HB 614 26.61 100.76 -16.31
C TRP HB 614 26.31 99.67 -17.34
N GLN HB 615 26.46 100.03 -18.61
CA GLN HB 615 26.35 99.10 -19.72
C GLN HB 615 27.70 98.95 -20.40
N ASP HB 616 27.98 97.74 -20.87
CA ASP HB 616 29.24 97.48 -21.55
C ASP HB 616 29.21 98.03 -22.98
N ARG HB 617 30.36 98.01 -23.63
CA ARG HB 617 30.45 98.48 -25.01
C ARG HB 617 29.71 97.53 -25.94
N ASP HB 618 29.07 98.09 -26.96
CA ASP HB 618 28.34 97.29 -27.92
C ASP HB 618 29.28 96.47 -28.80
N VAL HB 619 28.77 95.36 -29.31
CA VAL HB 619 29.49 94.55 -30.28
C VAL HB 619 28.93 94.85 -31.67
N TYR HB 620 29.76 94.65 -32.69
CA TYR HB 620 29.41 95.00 -34.06
C TYR HB 620 29.68 93.80 -34.96
N LEU HB 621 29.07 93.84 -36.14
CA LEU HB 621 29.28 92.76 -37.10
C LEU HB 621 30.75 92.66 -37.50
N GLN HB 622 31.40 93.80 -37.69
CA GLN HB 622 32.83 93.83 -37.98
C GLN HB 622 33.69 93.78 -36.73
N GLY HB 623 33.09 93.80 -35.55
CA GLY HB 623 33.83 93.88 -34.31
C GLY HB 623 34.31 92.54 -33.80
N PRO HB 624 35.18 92.56 -32.79
CA PRO HB 624 35.65 91.31 -32.20
C PRO HB 624 34.57 90.63 -31.37
N ILE HB 625 34.74 89.32 -31.21
CA ILE HB 625 33.80 88.50 -30.45
C ILE HB 625 34.25 88.32 -29.01
N TRP HB 626 35.50 87.97 -28.79
CA TRP HB 626 35.98 87.62 -27.46
C TRP HB 626 37.39 88.17 -27.25
N ALA HB 627 37.88 87.99 -26.03
CA ALA HB 627 39.26 88.29 -25.69
C ALA HB 627 39.63 87.44 -24.47
N LYS HB 628 40.92 87.19 -24.32
CA LYS HB 628 41.41 86.41 -23.18
C LYS HB 628 41.60 87.33 -21.98
N ILE HB 629 40.97 86.99 -20.87
CA ILE HB 629 41.19 87.73 -19.63
C ILE HB 629 42.62 87.49 -19.15
N PRO HB 630 43.40 88.53 -18.89
CA PRO HB 630 44.78 88.31 -18.46
C PRO HB 630 44.84 87.53 -17.15
N HIS HB 631 45.85 86.66 -17.05
CA HIS HB 631 46.04 85.84 -15.86
C HIS HB 631 46.66 86.72 -14.77
N THR HB 632 45.80 87.35 -13.97
CA THR HB 632 46.23 88.26 -12.94
C THR HB 632 45.51 87.93 -11.65
N ASP HB 633 46.05 88.42 -10.54
CA ASP HB 633 45.46 88.13 -9.21
C ASP HB 633 44.09 88.79 -9.11
N GLY HB 634 43.95 89.99 -9.63
CA GLY HB 634 42.68 90.71 -9.54
C GLY HB 634 42.31 91.36 -10.85
N HIS HB 635 41.01 91.47 -11.06
CA HIS HB 635 40.43 92.19 -12.19
C HIS HB 635 38.99 92.51 -11.85
N PHE HB 636 38.50 93.63 -12.35
CA PHE HB 636 37.14 94.07 -12.10
C PHE HB 636 36.38 94.11 -13.41
N HIS HB 637 35.25 93.40 -13.46
CA HIS HB 637 34.38 93.35 -14.63
C HIS HB 637 35.18 93.05 -15.89
N PRO HB 638 35.65 91.82 -16.07
CA PRO HB 638 36.56 91.49 -17.17
C PRO HB 638 35.87 91.35 -18.54
N SER HB 639 35.03 92.32 -18.86
CA SER HB 639 34.52 92.47 -20.22
C SER HB 639 35.54 93.24 -21.05
N PRO HB 640 35.91 92.73 -22.23
CA PRO HB 640 36.91 93.44 -23.03
C PRO HB 640 36.46 94.86 -23.37
N LEU HB 641 37.40 95.80 -23.31
CA LEU HB 641 37.05 97.19 -23.55
C LEU HB 641 36.73 97.45 -25.01
N MET HB 642 37.30 96.68 -25.93
CA MET HB 642 36.97 96.79 -27.34
C MET HB 642 35.61 96.20 -27.68
N GLY HB 643 34.99 95.49 -26.75
CA GLY HB 643 33.69 94.89 -26.96
C GLY HB 643 33.77 93.38 -27.12
N GLY HB 644 32.83 92.68 -26.52
CA GLY HB 644 32.78 91.25 -26.64
C GLY HB 644 32.66 90.50 -25.33
N PHE HB 645 33.09 89.25 -25.31
CA PHE HB 645 32.96 88.37 -24.16
C PHE HB 645 34.34 88.09 -23.58
N GLY HB 646 34.49 88.36 -22.28
CA GLY HB 646 35.73 88.04 -21.59
C GLY HB 646 35.80 86.58 -21.20
N LEU HB 647 36.83 85.88 -21.64
CA LEU HB 647 36.96 84.44 -21.43
C LEU HB 647 38.27 84.15 -20.72
N LYS HB 648 38.20 83.46 -19.58
CA LYS HB 648 39.42 83.01 -18.92
C LYS HB 648 40.12 81.94 -19.73
N HIS HB 649 39.36 81.10 -20.43
CA HIS HB 649 39.88 80.09 -21.34
C HIS HB 649 39.20 80.31 -22.69
N PRO HB 650 39.72 81.24 -23.50
CA PRO HB 650 39.11 81.53 -24.78
C PRO HB 650 39.37 80.41 -25.78
N PRO HB 651 38.79 80.47 -26.97
CA PRO HB 651 39.12 79.48 -28.01
C PRO HB 651 40.61 79.47 -28.27
N PRO HB 652 41.23 78.30 -28.24
CA PRO HB 652 42.69 78.23 -28.33
C PRO HB 652 43.20 78.69 -29.68
N GLN HB 653 44.43 79.22 -29.67
CA GLN HB 653 45.09 79.58 -30.91
C GLN HB 653 45.40 78.33 -31.72
N ILE HB 654 45.13 78.39 -33.02
CA ILE HB 654 45.37 77.29 -33.93
C ILE HB 654 46.55 77.68 -34.80
N LEU HB 655 47.69 77.01 -34.61
CA LEU HB 655 48.92 77.33 -35.31
C LEU HB 655 49.15 76.35 -36.44
N ILE HB 656 49.51 76.87 -37.61
CA ILE HB 656 49.72 76.06 -38.80
C ILE HB 656 50.97 76.57 -39.51
N LYS HB 657 51.78 75.65 -40.00
CA LYS HB 657 52.95 76.02 -40.79
C LYS HB 657 53.31 74.88 -41.74
N ASN HB 658 54.02 75.23 -42.80
CA ASN HB 658 54.49 74.23 -43.76
C ASN HB 658 55.76 73.59 -43.23
N THR HB 659 55.83 72.27 -43.32
CA THR HB 659 57.03 71.56 -42.91
C THR HB 659 58.16 71.87 -43.88
N PRO HB 660 59.32 72.33 -43.39
CA PRO HB 660 60.42 72.64 -44.31
C PRO HB 660 60.93 71.39 -45.00
N VAL HB 661 61.05 71.48 -46.33
CA VAL HB 661 61.57 70.41 -47.15
C VAL HB 661 62.95 70.82 -47.65
N PRO HB 662 64.03 70.21 -47.17
CA PRO HB 662 65.37 70.61 -47.59
C PRO HB 662 65.57 70.40 -49.08
N ALA HB 663 66.36 71.29 -49.68
CA ALA HB 663 66.73 71.18 -51.08
C ALA HB 663 67.87 70.16 -51.20
N ASN HB 664 68.53 70.12 -52.35
CA ASN HB 664 69.55 69.11 -52.60
C ASN HB 664 70.73 69.29 -51.64
N PRO HB 665 71.04 68.30 -50.82
CA PRO HB 665 72.18 68.42 -49.90
C PRO HB 665 73.50 68.09 -50.57
N SER HB 666 74.57 68.49 -49.88
CA SER HB 666 75.94 68.18 -50.36
C SER HB 666 76.25 66.72 -50.10
N THR HB 667 76.99 66.10 -51.00
CA THR HB 667 77.40 64.70 -50.81
C THR HB 667 78.40 64.53 -49.68
N THR HB 668 79.02 65.61 -49.22
CA THR HB 668 79.91 65.59 -48.08
C THR HB 668 79.18 66.12 -46.86
N PHE HB 669 79.41 65.50 -45.71
CA PHE HB 669 78.70 65.90 -44.50
C PHE HB 669 79.11 67.31 -44.08
N SER HB 670 78.12 68.09 -43.69
CA SER HB 670 78.34 69.44 -43.16
C SER HB 670 77.50 69.60 -41.91
N ALA HB 671 78.14 70.06 -40.82
CA ALA HB 671 77.45 70.24 -39.56
C ALA HB 671 76.62 71.52 -39.53
N ALA HB 672 76.78 72.40 -40.52
CA ALA HB 672 75.98 73.61 -40.58
C ALA HB 672 74.51 73.27 -40.81
N LYS HB 673 73.63 73.99 -40.13
CA LYS HB 673 72.21 73.75 -40.30
C LYS HB 673 71.78 74.11 -41.72
N PHE HB 674 70.73 73.42 -42.17
CA PHE HB 674 70.26 73.60 -43.57
C PHE HB 674 69.73 75.01 -43.78
N ALA HB 675 70.19 75.65 -44.86
CA ALA HB 675 69.73 76.99 -45.22
C ALA HB 675 69.05 77.04 -46.58
N SER HB 676 69.07 75.95 -47.34
CA SER HB 676 68.43 75.89 -48.65
C SER HB 676 67.24 74.94 -48.58
N PHE HB 677 66.08 75.41 -49.01
CA PHE HB 677 64.85 74.65 -48.94
C PHE HB 677 64.09 74.79 -50.25
N ILE HB 678 63.20 73.84 -50.51
CA ILE HB 678 62.31 73.92 -51.66
C ILE HB 678 61.21 74.91 -51.35
N THR HB 679 61.05 75.91 -52.22
CA THR HB 679 60.01 76.91 -52.03
C THR HB 679 58.64 76.27 -52.19
N GLN HB 680 57.77 76.49 -51.21
CA GLN HB 680 56.45 75.87 -51.25
C GLN HB 680 55.49 76.63 -50.36
N TYR HB 681 54.20 76.49 -50.68
CA TYR HB 681 53.12 77.02 -49.89
C TYR HB 681 52.02 75.97 -49.82
N SER HB 682 50.99 76.26 -49.05
CA SER HB 682 49.86 75.35 -48.92
C SER HB 682 48.55 76.10 -49.06
N THR HB 683 47.53 75.38 -49.52
CA THR HB 683 46.19 75.92 -49.63
C THR HB 683 45.21 74.85 -49.16
N GLY HB 684 44.04 75.29 -48.72
CA GLY HB 684 43.06 74.34 -48.21
C GLY HB 684 41.80 75.06 -47.80
N GLN HB 685 40.94 74.33 -47.10
CA GLN HB 685 39.67 74.85 -46.63
C GLN HB 685 39.63 74.78 -45.11
N VAL HB 686 38.97 75.78 -44.51
CA VAL HB 686 38.81 75.88 -43.07
C VAL HB 686 37.34 76.04 -42.76
N SER HB 687 36.86 75.31 -41.76
CA SER HB 687 35.46 75.36 -41.33
C SER HB 687 35.38 75.73 -39.86
N VAL HB 688 34.52 76.70 -39.55
CA VAL HB 688 34.26 77.12 -38.17
C VAL HB 688 32.75 77.07 -37.96
N GLU HB 689 32.32 76.29 -36.96
CA GLU HB 689 30.92 76.18 -36.61
C GLU HB 689 30.75 76.56 -35.14
N ILE HB 690 29.95 77.60 -34.88
CA ILE HB 690 29.73 78.08 -33.52
C ILE HB 690 28.24 77.99 -33.22
N GLU HB 691 27.91 77.43 -32.06
CA GLU HB 691 26.55 77.42 -31.54
C GLU HB 691 26.39 78.60 -30.58
N TRP HB 692 25.36 79.40 -30.80
CA TRP HB 692 25.06 80.56 -29.98
C TRP HB 692 23.74 80.36 -29.27
N GLU HB 693 23.67 80.80 -28.01
CA GLU HB 693 22.44 80.78 -27.24
C GLU HB 693 21.78 82.15 -27.29
N LEU HB 694 20.47 82.16 -27.47
CA LEU HB 694 19.70 83.38 -27.62
C LEU HB 694 18.86 83.66 -26.39
N GLN HB 695 18.74 84.93 -26.05
CA GLN HB 695 17.86 85.41 -24.98
C GLN HB 695 16.68 86.10 -25.65
N LYS HB 696 15.56 85.41 -25.72
CA LYS HB 696 14.41 85.91 -26.47
C LYS HB 696 13.82 87.15 -25.82
N GLU HB 697 13.45 88.11 -26.65
CA GLU HB 697 12.82 89.34 -26.17
C GLU HB 697 11.42 89.03 -25.62
N ASN HB 698 11.11 89.62 -24.46
CA ASN HB 698 9.85 89.41 -23.78
C ASN HB 698 9.25 90.76 -23.37
N SER HB 699 9.26 91.71 -24.31
CA SER HB 699 8.81 93.06 -24.01
C SER HB 699 7.29 93.16 -24.00
N LYS HB 700 6.77 94.15 -23.28
CA LYS HB 700 5.30 94.41 -23.23
C LYS HB 700 5.01 95.84 -23.66
N ARG HB 701 5.93 96.48 -24.39
CA ARG HB 701 5.66 97.81 -24.90
C ARG HB 701 4.59 97.76 -25.98
N TRP HB 702 3.85 98.86 -26.12
CA TRP HB 702 2.72 98.89 -27.03
C TRP HB 702 3.12 99.36 -28.43
N ASN HB 703 3.80 100.48 -28.52
CA ASN HB 703 4.17 101.04 -29.81
C ASN HB 703 5.36 100.28 -30.42
N PRO HB 704 5.52 100.31 -31.76
CA PRO HB 704 6.59 99.54 -32.41
C PRO HB 704 8.00 99.96 -31.96
N GLU HB 705 9.01 99.12 -32.17
CA GLU HB 705 10.39 99.37 -31.71
C GLU HB 705 11.28 99.82 -32.86
N ILE HB 706 12.50 100.30 -32.56
CA ILE HB 706 13.45 100.55 -33.68
C ILE HB 706 14.04 99.23 -34.15
N GLN HB 707 14.04 98.98 -35.47
CA GLN HB 707 14.66 97.79 -36.01
C GLN HB 707 15.64 98.18 -37.09
N TYR HB 708 16.71 97.41 -37.24
CA TYR HB 708 17.61 97.62 -38.36
C TYR HB 708 16.93 97.18 -39.65
N THR HB 709 17.10 97.98 -40.71
CA THR HB 709 16.43 97.72 -41.97
C THR HB 709 17.28 98.23 -43.11
N SER HB 710 17.03 97.66 -44.28
CA SER HB 710 17.71 98.16 -45.49
C SER HB 710 16.94 99.36 -46.00
N ASN HB 711 17.54 100.23 -46.80
CA ASN HB 711 16.79 101.43 -47.22
C ASN HB 711 16.09 101.08 -48.54
N TYR HB 712 14.80 101.38 -48.66
CA TYR HB 712 14.01 100.96 -49.84
C TYR HB 712 14.43 101.76 -51.08
N ASN HB 713 14.87 103.02 -50.92
CA ASN HB 713 15.14 103.82 -52.10
C ASN HB 713 16.17 103.15 -53.01
N LYS HB 714 16.03 103.43 -54.30
CA LYS HB 714 16.94 102.84 -55.32
C LYS HB 714 18.35 103.32 -55.11
N SER HB 715 19.30 102.50 -55.52
CA SER HB 715 20.70 102.85 -55.40
C SER HB 715 21.48 102.12 -56.49
N ILE HB 716 22.68 102.63 -56.76
CA ILE HB 716 23.54 102.00 -57.75
C ILE HB 716 23.95 100.60 -57.29
N ASN HB 717 24.30 100.47 -56.01
CA ASN HB 717 24.73 99.20 -55.43
C ASN HB 717 23.84 98.83 -54.26
N VAL HB 718 23.62 97.53 -54.09
CA VAL HB 718 22.91 97.02 -52.93
C VAL HB 718 23.89 96.92 -51.76
N ASP HB 719 23.41 97.22 -50.55
CA ASP HB 719 24.27 97.16 -49.38
C ASP HB 719 24.66 95.72 -49.06
N PHE HB 720 25.90 95.54 -48.61
CA PHE HB 720 26.43 94.24 -48.20
C PHE HB 720 26.39 93.24 -49.35
N THR HB 721 26.69 93.70 -50.55
CA THR HB 721 26.83 92.86 -51.72
C THR HB 721 28.14 93.19 -52.42
N VAL HB 722 28.34 92.62 -53.60
CA VAL HB 722 29.51 92.90 -54.41
C VAL HB 722 29.16 93.95 -55.45
N ASP HB 723 30.17 94.69 -55.89
CA ASP HB 723 29.97 95.70 -56.93
C ASP HB 723 30.28 95.07 -58.30
N THR HB 724 30.39 95.91 -59.32
CA THR HB 724 30.65 95.41 -60.69
C THR HB 724 32.05 94.80 -60.75
N ASN HB 725 32.89 95.07 -59.75
CA ASN HB 725 34.25 94.46 -59.69
C ASN HB 725 34.18 93.19 -58.83
N GLY HB 726 32.99 92.86 -58.31
CA GLY HB 726 32.84 91.67 -57.45
C GLY HB 726 33.50 91.90 -56.10
N VAL HB 727 33.72 93.16 -55.73
CA VAL HB 727 34.40 93.48 -54.44
C VAL HB 727 33.33 93.59 -53.34
N TYR HB 728 33.42 92.75 -52.31
CA TYR HB 728 32.46 92.81 -51.22
C TYR HB 728 32.81 93.95 -50.28
N SER HB 729 31.79 94.69 -49.87
CA SER HB 729 31.98 95.82 -48.97
C SER HB 729 30.91 95.80 -47.90
N GLU HB 730 31.24 96.36 -46.74
CA GLU HB 730 30.30 96.53 -45.64
C GLU HB 730 30.05 98.02 -45.45
N PRO HB 731 28.91 98.54 -45.92
CA PRO HB 731 28.74 100.00 -45.98
C PRO HB 731 28.79 100.70 -44.64
N ARG HB 732 28.30 100.10 -43.56
CA ARG HB 732 28.24 100.76 -42.27
C ARG HB 732 28.40 99.73 -41.17
N PRO HB 733 28.85 100.14 -39.98
CA PRO HB 733 28.84 99.23 -38.84
C PRO HB 733 27.42 99.04 -38.32
N ILE HB 734 27.09 97.79 -37.98
CA ILE HB 734 25.79 97.46 -37.41
C ILE HB 734 26.04 96.97 -35.99
N GLY HB 735 25.42 97.64 -35.02
CA GLY HB 735 25.46 97.21 -33.65
C GLY HB 735 24.41 96.14 -33.38
N THR HB 736 24.06 95.99 -32.10
CA THR HB 736 23.04 95.03 -31.72
C THR HB 736 21.90 95.64 -30.91
N ARG HB 737 21.98 96.92 -30.54
CA ARG HB 737 21.07 97.50 -29.56
C ARG HB 737 19.96 98.26 -30.28
N TYR HB 738 18.93 97.50 -30.68
CA TYR HB 738 17.75 98.05 -31.34
C TYR HB 738 16.48 97.83 -30.55
N LEU HB 739 16.29 96.64 -29.97
CA LEU HB 739 15.18 96.44 -29.07
C LEU HB 739 15.40 97.21 -27.77
N THR HB 740 14.32 97.40 -27.02
CA THR HB 740 14.38 98.16 -25.78
C THR HB 740 13.88 97.33 -24.61
N ARG HB 741 14.47 97.62 -23.45
CA ARG HB 741 14.04 96.97 -22.19
C ARG HB 741 14.04 98.06 -21.12
N ASN HB 742 13.15 97.98 -20.12
CA ASN HB 742 13.13 98.92 -19.00
C ASN HB 742 14.33 98.70 -18.09
N LEU HB 743 14.74 99.77 -17.42
CA LEU HB 743 15.83 99.68 -16.46
C LEU HB 743 15.45 98.82 -15.26
#